data_7LHD
#
_entry.id   7LHD
#
_cell.length_a   1.00
_cell.length_b   1.00
_cell.length_c   1.00
_cell.angle_alpha   90.00
_cell.angle_beta   90.00
_cell.angle_gamma   90.00
#
_symmetry.space_group_name_H-M   'P 1'
#
loop_
_entity.id
_entity.type
_entity.pdbx_description
1 polymer 'Genomic RNA'
2 polymer 'Maturation protein A2'
3 polymer 'Capsid protein'
#
loop_
_entity_poly.entity_id
_entity_poly.type
_entity_poly.pdbx_seq_one_letter_code
_entity_poly.pdbx_strand_id
1 'polyribonucleotide'
;GGGGACCCCCUUUAGGGGGUCACCUCACACAGCAGUACUUCACUGAGUAUAAGAGGACAUAUGCCUAAAUUACCGCGUGG
UCUGCGUUUCGGAGCCGAUAAUGAAAUUCUUAAUGAUUUUCAGGAGCUCUGGUUUCCAGACCUCUUUAUCGAAUCUUCCG
ACACGCAUCCGUGGUACACACUGAAGGGUCGUGUGUUGAACGCCCACCUUGAUGAUCGUCUACCUAAUGUAGGCGGUCGC
CAGGUAAGGCGCACUCCACAUCGCGUCACCGUUCCGAUUGCCUCUUCAGGCCUUCGUCCGGUAACAACCGUUCAGUAUGA
UCCCGCAGCACUAUCGUUCUUAUUGAACGCUCGUGUUGACUGGGAUUUCGGUAAUGGCGAUAGUGCGAACCUUGUCAUUA
AUGACUUUCUGUUUCGCACCUUUGCACCUAAGGAGUUUGAUUUUUCGAACUCCUUAGUUCCUCGUUAUACUCAGGCCUUC
UCCGCGUUUAAUGCCAAGUAUGGCACUAUGAUCGGCGAAGGGCUCGAGACUAUAAAAUAUCUCGGGCUUUUACUGCGCAG
ACUGCGUGAGGGUUACCGCGCUGUUAAGCGUGGCGAUUUACGUGCUCUUCGUAGGGUUAUCCAGUCCUACCAUAAUGGUA
AGUGGAAACCGGCUACUGCUGGUAAUCUCUGGCUUGAAUUUCGUUAUGGCCUUAUGCCUCUCUUUUAUGACAUCAGAGAU
GUCAUGUUAGACUGGCAGAACCGUCAUGAUAAGAUUCAACGCCUCCUUCGGUUUUCUGUUGGUCACGGCGAGGAUUACGU
UGUCGAAUUCGACAAUCUGUACCCUGCCGUUGCUUACUUUAAACUGAAAGGGGAGAUUACACUCGAACGCCGUCAUCGUC
AUGGCAUAUCUUACGCUAACCGCGAAGGAUAUGCUGUUUUCGACAACGGUUCCCUUCGGCCUGUGUCCGAUUGGAAGGAG
CUUGCCACUGCAUUCAUCAAUCCGCAUGAAGUUGCUUGGGAGUUAACUCCCUACAGCUUCGUUGUUGAUUGGUUCUUGAA
UGUUGGUGACAUACUUGCUCAACAAGGUCAGCUAUAUCAUAAUAUCGAUAUUGUAGACGGCUUUGACAGACGUGACAUCC
GGCUCAAAUCUUUCACCAUAAAAGGUGAACGAAAUGGGCGGCCUGUUAACGUUUCUGCUAGCCUGUCUGCUGUCGAUUUA
UUUUACAGCCGACUCCAUACGAGCAAUCUUCCGUUCGCUACACUAGAUCUUGAUACCACCUUUAGUUCGUUUAAACACGU
UCUUGAUAGUAUCUUUUUAUUAACCCAACGCGUAAAGCGUUGAAACUUUGGGUCAAUUUGAUCAUGGCAAAAUUAGAGAC
UGUUACUUUAGGUAACAUCGGGAAAGAUGGAAAACAAACUCUGGUCCUCAAUCCGCGUGGGGUAAAUCCCACUAACGGCG
UUGCCUCGCUUUCACAAGCGGGUGCAGUUCCUGCGCUGGAGAAGCGUGUUACCGUUUCGGUAUCUCAGCCUUCUCGCAAU
CGUAAGAACUACAAGGUCCAGGUUAAGAUCCAGAACCCGACCGCUUGCACUGCAAACGGUUCUUGUGACCCAUCCGUUAC
UCGCCAGGCAUAUGCUGACGUGACCUUUUCGUUCACGCAGUAUAGUACCGAUGAGGAACGAGCUUUUGUUCGUACAGAGC
UUGCUGCUCUGCUCGCUAGUCCUCUGCUGAUCGAUGCUAUUGAUCAGCUGAACCCAGCGUAUUGAACACUGCUCAUUGCC
GGUGGUGGCUCAGGGUCAAAACCCGAUCCGGUUAUUCCGGAUCCACCGAUUGAUCCGCCGCCAGGGACAGGUAAGUAUAC
CUGUCCCUUCGCAAUUUGGUCCCUAGAGGAGGUUUACGAGCCUCCUACUAAGAACCGACCGUGGCCUAUCUAUAAUGCUG
UUGAACUCCAGCCUCGCGAAUUUGAUGUUGCCCUCAAAGAUCUUUUGGGCAAUACAAAGUGGCGUGAUUGGGAUUCUCGG
CUUAGUUAUACCACGUUCCGCGGUUGCCGUGGCAAUGGUUAUAUUGACCUUGAUGCGACUUAUCUUGCUACUGAUCAGGC
UAUGCGUGAUCAGAAGUAUGAUAUUCGCGAGGGCAAGAAACCUGGUGCUUUCGGUAACAUUGAGCGAUUCAUUUAUCUUA
AGUCGAUAAAUGCUUAUUGCUCUCUUAGCGAUAUUGCGGCCUAUCACGCCGAUGGCGUGAUAGUUGGCUUUUGGCGCGAU
CCAUCCAGCGGUGGUGCCAUACCGUUUGACUUCACUAAGUUUGAUAAGACUAAAUGUCCUAUUCAAGCCGUGAUAGUCGU
UCCUCGUGCUUAGUAACUAAGGAUGAAAUGCAUGUCUAAGACAGCAUCUUCGCGUAACUCUCUCAGCGCACAAUUGCGCC
GAGCCGCGAACACAAGAAUUGAGGUUGAAGGUAACCUCGCACUUUCCAUUGCCAACGAUUUACUGUUGGCCUAUGGUCAG
UCGCCAUUUAACUCUGAGGCUGAGUGUAUUUCAUUCAGCCCGAGAUUCGACGGGACCCCGGAUGACUUUAGGAUAAAUUA
UCUUAAAGCCGAGAUCAUGUCGAAGUAUGACGACUUCAGCCUAGGUAUUGAUACCGAAGCUGUUGCCUGGGAGAAGUUCC
UGGCAGCAGAGGCUGAAUGUGCUUUAACGAACGCUCGUCUCUAUAGGCCUGACUACAGUGAGGAUUUCAAUUUCUCACUG
GGCGAGUCAUGUAUACACAUGGCUCGUAGAAAAAUAGCCAAGCUAAUAGGAGAUGUUCCGUCCGUUGAGGGUAUGUUGCG
UCACUGCCGAUUUUCUGGCGGUGCUACAACAACGAAUAACCGUUCGUACGGUCAUCCGUCCUUCAAGUUUGCGCUUCCGC
AAGCGUGUACGCCUCGGGCUUUGAAGUAUGUUUUAGCUCUCAGAGCUUCUACACAUUUCGAUAUCAGAAUUUCUGAUAUU
AGCCCUUUUAAUAAAGCAGUUACUGUACCUAAGAACAGUAAGACAGAUCGUUGUAUUGCUAUCGAACCUGGUUGGAAUAU
GUUUUUCCAACUGGGUAUCGGUGGCAUUCUACGCGAUCGGUUGCGUUGCUGGGGUAUCGAUCUGAAUGAUCAGACGAUAA
AUCAGCGCCGCGCUCACGAAGGCUCCGUUACUAAUAACUUAGCAACGGUUGAUCUCUCAGCGGCAAGCGAUUCUAUAUCU
CUUGCCCUCUGUGAGCUCUUAUUGCCCCCAGGCUGGUUUGAGGUUCUUAUGGACCUCAGAUCACCUAAGGGGCGAUUGCC
UGACGGUAGUGUUGUUACCUACGAGAAGAUUUCUUCUAUGGGUAACGGUUACACAUUCGAGCUCGAGUCGCUUAUUUUUG
CUUCUCUCGCUCGUUCCGUUUGUGAGAUACUGGACUUAGACUCGUCUGAGGUCACUGUUUACGGAGACGAUAUUAUUUUA
CCGUCCUGUGCAGUCCCUGCCCUCCGGGAAGUUUUUAAGUAUGUUGGUUUUACGACCAAUACUAAAAAGACUUUUUCCGA
GGGGCCGUUCAGAGAGUCGUGCGGCAAGCACUACUAUUCUGGCGUAGAUGUUACUCCCUUUUACAUACGUCACCGUAUAG
UGAGUCCUGCCGAUUUAAUACUGGUUUUGAAUAACCUAUAUCGGUGGGCCACAAUUGACGGCGUAUGGGAUCCUAGGGCC
CAUUCUGUGUACCUCAAGUAUCGUAAGUUGCUGCCUAAACAGCUGCAACGUAAUACUAUACCUGAUGGUUACGGUGAUGG
UGCCCUCGUCGGAUCGGUCCUAAUCAAUCCUUUCGCGAAAAACCGCGGGUGGAUCCGGUACGUACCGGUGAUUACGGACC
AUACAAGGGACCGAGAGCGCGCUGAGUUGGGGUCGUAUCUCUACGACCUCUUCUCGCGUUGUCUCUCGGAAAGUAACGAU
GGGUUGCCUCUUAGGGGUCCAUCGGGUUGCGAUUCUGCGGAUCUAUUUGCCAUCGAUCAGCUUAUCUGUAGGAGUAAUCC
UACGAAGAUAAGCAGGUCUACCGGCAAAUUCGAUAUACAGUAUAUCGCGUGCAGUAGCCGUGUUCUGGCACCCUACGGGG
UCUUCCAGGGCACGAAGGUUGCGUCUCUACACGAGGCGUAACCUGGGAGGGCGCCAAUAUGGCGCCUAAUUGUGAAUAAA
UUAUCACAAUUACUCUUACGAGUGAGAGGGGGAUCUGCUUUGCCCUCUCUCCUCCCA
;
A
2 'polypeptide(L)'
;MPKLPRGLRFGADNEILNDFQELWFPDLFIESSDTHPWYTLKGRVLNAHLDDRLPNVGGRQVRRTPHRVTVPIASSGLRP
VTTVQYDPAALSFLLNARVDWDFGNGDSANLVINDFLFRTFAPKEFDFSNSLVPRYTQAFSAFNAKYGTMIGEGLETIKY
LGLLLRRLREGYRAVKRGDLRALRRVIQSYHNGKWKPATAGNLWLEFRYGLMPLFYDIRDVMLDWQNRHDKIQRLLRFSV
GHGEDYVVEFDNLYPAVAYFKLKGEITLERRHRHGISYANREGYAVFDNGSLRPVSDWKELATAFINPHEVAWELTPYSF
VVDWFLNVGDILAQQGQLYHNIDIVDGFDRRDIRLKSFTIKGERNGRPVNVSASLSAVDLFYSRLHTSNLPFATLDLDTT
FSSFKHVLDSIFLLTQRVKR
;
M
3 'polypeptide(L)'
;MAKLETVTLGNIGKDGKQTLVLNPRGVNPTNGVASLSQAGAVPALEKRVTVSVSQPSRNRKNYKVQVKIQNPTACTANGS
CDPSVTRQAYADVTFSFTQYSTDEERAFVRTELAALLASPLLIDAIDQLNPAY
;
B,D,BA,BB,BC,BD,BE,BF,BG,BH,BI,BJ,BK,BL,BM,BN,CA,CB,CC,CD,CE,CF,CG,CH,CI,CJ,CK,CL,CM,CN,DA,DB,DC,DD,DE,DF,DG,DH,DI,DJ,DK,DL,DM,DN,EA,EB,EC,ED,EE,EF,EG,EH,EI,EJ,EK,EL,EM,EN,FA,FB,FC,FD,FE,FF,FG,FH,FI,FJ,FK,FL,FM,FN,GA,GB,GC,GD,GE,GF,GG,GH,GI,GJ,GK,GL,GM,GN,HA,HB,HC,HD,HE,HF,HG,HH,HI,HJ,HK,HL,HM,HN,IA,IB,IC,ID,IE,IF,IG,IH,II,IJ,IK,IL,IM,IN,JA,JB,JC,JD,JE,JF,JG,JH,JI,JJ,JK,JL,JM,JN,KA,KB,KC,KD,KE,KF,KG,KH,KI,KJ,KK,KL,KM,KN,LA,LB,LC,LD,LE,LF,LG,LH,LI,LJ,LK,LL,LM,LN,MA,MB,MC,MD,ME,MF,MG,MH,MI,MJ,MK,ML,MM,MN,NA,NB,NC,ND,NE,NF,NG,NH,NI,NJ
#
loop_
_chem_comp.id
_chem_comp.type
_chem_comp.name
_chem_comp.formula
A RNA linking ADENOSINE-5'-MONOPHOSPHATE 'C10 H14 N5 O7 P'
C RNA linking CYTIDINE-5'-MONOPHOSPHATE 'C9 H14 N3 O8 P'
G RNA linking GUANOSINE-5'-MONOPHOSPHATE 'C10 H14 N5 O8 P'
U RNA linking URIDINE-5'-MONOPHOSPHATE 'C9 H13 N2 O9 P'
#
# COMPACT_ATOMS: atom_id res chain seq x y z
N PRO B 2 98.29 -54.04 69.50
CA PRO B 2 97.62 -54.91 70.48
C PRO B 2 96.15 -54.58 70.61
N LYS B 3 95.88 -53.28 70.67
CA LYS B 3 94.50 -52.82 70.73
C LYS B 3 93.75 -53.24 69.47
N LEU B 4 94.23 -52.77 68.32
CA LEU B 4 93.68 -53.15 67.04
C LEU B 4 94.03 -54.61 66.75
N PRO B 5 93.29 -55.25 65.86
CA PRO B 5 93.66 -56.61 65.46
C PRO B 5 95.02 -56.63 64.79
N ARG B 6 95.47 -57.83 64.41
CA ARG B 6 96.85 -58.00 63.95
C ARG B 6 97.17 -57.08 62.79
N GLY B 7 96.33 -57.09 61.76
CA GLY B 7 96.66 -56.39 60.53
C GLY B 7 96.23 -54.93 60.49
N LEU B 8 96.20 -54.27 61.64
CA LEU B 8 95.81 -52.88 61.71
C LEU B 8 96.81 -52.10 62.53
N ARG B 9 96.79 -50.78 62.34
CA ARG B 9 97.65 -49.90 63.11
C ARG B 9 97.03 -48.52 63.13
N PHE B 10 97.51 -47.70 64.06
CA PHE B 10 97.02 -46.35 64.25
C PHE B 10 97.82 -45.38 63.39
N GLY B 11 97.23 -44.21 63.14
CA GLY B 11 97.85 -43.17 62.36
C GLY B 11 98.33 -42.02 63.22
N ALA B 12 98.39 -40.83 62.61
CA ALA B 12 98.86 -39.66 63.33
C ALA B 12 97.80 -39.16 64.31
N ASP B 13 96.58 -38.92 63.82
CA ASP B 13 95.50 -38.39 64.64
C ASP B 13 94.65 -39.49 65.25
N ASN B 14 95.23 -40.67 65.50
CA ASN B 14 94.47 -41.79 66.03
C ASN B 14 93.32 -42.12 65.10
N GLU B 15 93.64 -42.63 63.92
CA GLU B 15 92.65 -43.04 62.94
C GLU B 15 92.96 -44.46 62.49
N ILE B 16 91.91 -45.21 62.19
CA ILE B 16 92.08 -46.61 61.83
C ILE B 16 92.80 -46.68 60.50
N LEU B 17 93.86 -47.48 60.43
CA LEU B 17 94.64 -47.62 59.21
C LEU B 17 95.11 -49.06 59.09
N ASN B 18 95.48 -49.44 57.87
CA ASN B 18 95.88 -50.79 57.56
C ASN B 18 97.40 -50.91 57.68
N ASP B 19 97.86 -51.94 58.39
CA ASP B 19 99.26 -52.09 58.70
C ASP B 19 99.92 -52.84 57.55
N PHE B 20 100.54 -52.09 56.64
CA PHE B 20 101.13 -52.69 55.46
C PHE B 20 102.24 -53.67 55.81
N GLN B 21 103.08 -53.32 56.79
CA GLN B 21 104.20 -54.22 57.11
C GLN B 21 103.69 -55.60 57.48
N GLU B 22 102.52 -55.69 58.10
CA GLU B 22 101.95 -56.98 58.45
C GLU B 22 101.08 -57.55 57.34
N LEU B 23 100.48 -56.70 56.52
CA LEU B 23 99.65 -57.15 55.41
C LEU B 23 100.47 -57.81 54.33
N TRP B 24 101.54 -57.15 53.92
CA TRP B 24 102.36 -57.60 52.82
C TRP B 24 103.53 -58.46 53.27
N PHE B 25 104.00 -58.31 54.50
CA PHE B 25 105.15 -59.08 55.01
C PHE B 25 104.75 -59.69 56.35
N PRO B 26 103.81 -60.60 56.36
CA PRO B 26 103.37 -61.19 57.63
C PRO B 26 104.39 -62.15 58.21
N ASP B 27 104.14 -62.63 59.42
CA ASP B 27 104.98 -63.62 60.10
C ASP B 27 104.42 -65.02 59.84
N LEU B 28 105.04 -65.75 58.93
CA LEU B 28 104.62 -67.14 58.75
C LEU B 28 104.89 -67.94 60.03
N PHE B 29 104.15 -69.04 60.16
CA PHE B 29 104.33 -69.95 61.27
C PHE B 29 104.01 -71.35 60.80
N ILE B 30 104.61 -72.32 61.47
CA ILE B 30 104.46 -73.72 61.14
C ILE B 30 103.37 -74.31 62.02
N GLU B 31 102.58 -75.21 61.44
CA GLU B 31 101.49 -75.87 62.16
C GLU B 31 101.40 -77.32 61.74
N SER B 32 101.06 -78.17 62.71
CA SER B 32 100.92 -79.61 62.50
C SER B 32 99.66 -80.11 63.19
N SER B 33 98.55 -79.39 62.98
CA SER B 33 97.28 -79.72 63.62
C SER B 33 96.61 -80.86 62.85
N ASP B 34 96.53 -82.03 63.50
CA ASP B 34 95.89 -83.18 62.88
C ASP B 34 94.39 -82.94 62.76
N THR B 35 93.84 -83.27 61.59
CA THR B 35 92.42 -83.13 61.32
C THR B 35 91.68 -84.45 61.45
N HIS B 36 92.17 -85.50 60.81
CA HIS B 36 91.55 -86.83 60.84
C HIS B 36 92.64 -87.87 61.02
N PRO B 37 93.28 -87.90 62.19
CA PRO B 37 94.31 -88.91 62.45
C PRO B 37 93.75 -90.26 62.89
N TRP B 38 92.71 -90.75 62.21
CA TRP B 38 92.09 -92.02 62.53
C TRP B 38 91.27 -92.49 61.35
N TYR B 39 91.26 -93.80 61.13
CA TYR B 39 90.47 -94.43 60.09
C TYR B 39 89.71 -95.60 60.68
N THR B 40 88.56 -95.89 60.08
CA THR B 40 87.68 -96.96 60.53
C THR B 40 87.36 -97.86 59.35
N LEU B 41 87.56 -99.16 59.53
CA LEU B 41 87.18 -100.17 58.56
C LEU B 41 86.02 -100.97 59.14
N LYS B 42 84.96 -101.15 58.34
CA LYS B 42 83.81 -101.93 58.80
C LYS B 42 83.39 -102.90 57.71
N GLY B 43 83.32 -104.17 58.05
CA GLY B 43 82.93 -105.22 57.13
C GLY B 43 83.55 -106.54 57.54
N ARG B 44 83.83 -107.38 56.54
CA ARG B 44 84.43 -108.68 56.75
C ARG B 44 85.45 -108.94 55.65
N VAL B 45 86.61 -109.44 56.04
CA VAL B 45 87.69 -109.73 55.09
C VAL B 45 88.24 -111.12 55.41
N LEU B 46 88.22 -112.00 54.41
CA LEU B 46 88.73 -113.36 54.56
C LEU B 46 88.09 -114.04 55.76
N ASN B 47 86.77 -113.84 55.91
CA ASN B 47 86.00 -114.41 57.01
C ASN B 47 86.51 -113.92 58.35
N ALA B 48 86.69 -112.60 58.46
CA ALA B 48 87.16 -111.99 59.70
C ALA B 48 86.58 -110.59 59.78
N HIS B 49 85.65 -110.38 60.70
CA HIS B 49 85.02 -109.07 60.86
C HIS B 49 85.95 -108.15 61.63
N LEU B 50 86.42 -107.11 60.97
CA LEU B 50 87.34 -106.14 61.58
C LEU B 50 86.64 -104.79 61.69
N ASP B 51 86.59 -104.25 62.91
CA ASP B 51 86.04 -102.92 63.16
C ASP B 51 86.91 -102.15 64.15
N ASP B 52 88.22 -102.15 63.92
CA ASP B 52 89.13 -101.37 64.74
C ASP B 52 89.07 -99.90 64.34
N ARG B 53 89.84 -99.08 65.06
CA ARG B 53 89.96 -97.65 64.76
C ARG B 53 91.39 -97.25 65.09
N LEU B 54 92.26 -97.33 64.10
CA LEU B 54 93.67 -96.99 64.28
C LEU B 54 93.97 -95.64 63.65
N PRO B 55 95.09 -95.02 64.01
CA PRO B 55 95.44 -93.74 63.42
C PRO B 55 96.07 -93.90 62.05
N ASN B 56 96.05 -92.82 61.29
CA ASN B 56 96.61 -92.81 59.94
C ASN B 56 97.64 -91.70 59.79
N VAL B 57 97.40 -90.57 60.45
CA VAL B 57 98.30 -89.42 60.35
C VAL B 57 99.54 -89.69 61.19
N GLY B 58 100.71 -89.51 60.58
CA GLY B 58 101.94 -89.66 61.31
C GLY B 58 102.56 -88.33 61.71
N GLY B 59 102.66 -87.42 60.75
CA GLY B 59 103.32 -86.16 61.00
C GLY B 59 102.93 -85.09 60.00
N ARG B 60 102.57 -83.92 60.52
CA ARG B 60 102.11 -82.83 59.69
C ARG B 60 103.04 -81.64 59.82
N GLN B 61 103.14 -80.87 58.74
CA GLN B 61 103.90 -79.62 58.74
C GLN B 61 103.47 -78.72 57.60
N VAL B 62 102.84 -77.59 57.90
CA VAL B 62 102.47 -76.60 56.90
C VAL B 62 102.81 -75.23 57.42
N ARG B 63 103.39 -74.40 56.56
CA ARG B 63 103.61 -72.98 56.87
C ARG B 63 102.40 -72.19 56.41
N ARG B 64 101.97 -71.24 57.23
CA ARG B 64 100.89 -70.35 56.84
C ARG B 64 100.96 -69.06 57.66
N THR B 65 100.12 -68.11 57.28
CA THR B 65 100.06 -66.79 57.87
C THR B 65 98.90 -66.70 58.86
N PRO B 66 98.98 -65.78 59.81
CA PRO B 66 97.88 -65.63 60.78
C PRO B 66 96.67 -64.92 60.20
N HIS B 67 95.68 -64.62 61.04
CA HIS B 67 94.46 -63.96 60.60
C HIS B 67 94.64 -62.45 60.67
N ARG B 68 94.19 -61.75 59.63
CA ARG B 68 94.37 -60.32 59.48
C ARG B 68 93.04 -59.65 59.14
N VAL B 69 93.05 -58.32 59.20
CA VAL B 69 91.88 -57.51 58.89
C VAL B 69 92.33 -56.30 58.08
N THR B 70 91.50 -55.88 57.12
CA THR B 70 91.76 -54.71 56.30
C THR B 70 90.66 -53.69 56.50
N VAL B 71 90.83 -52.53 55.87
CA VAL B 71 89.79 -51.52 55.83
C VAL B 71 89.93 -50.79 54.49
N PRO B 72 88.82 -50.45 53.82
CA PRO B 72 88.95 -49.82 52.50
C PRO B 72 89.78 -48.55 52.57
N ILE B 73 90.56 -48.33 51.53
CA ILE B 73 91.50 -47.23 51.48
C ILE B 73 91.08 -46.29 50.37
N ALA B 74 89.78 -46.24 50.09
CA ALA B 74 89.27 -45.40 49.02
C ALA B 74 87.78 -45.19 49.22
N SER B 75 87.27 -44.15 48.57
CA SER B 75 85.84 -43.85 48.64
C SER B 75 85.01 -44.98 48.07
N SER B 76 85.44 -45.58 46.96
CA SER B 76 84.66 -46.63 46.32
C SER B 76 84.55 -47.88 47.19
N GLY B 77 85.38 -47.99 48.22
CA GLY B 77 85.36 -49.14 49.08
C GLY B 77 86.28 -50.27 48.68
N LEU B 78 87.30 -50.01 47.88
CA LEU B 78 88.25 -51.03 47.50
C LEU B 78 89.11 -51.42 48.69
N ARG B 79 89.23 -52.74 48.94
CA ARG B 79 90.08 -53.20 50.03
C ARG B 79 91.43 -53.66 49.52
N PRO B 80 92.46 -53.54 50.34
CA PRO B 80 93.78 -54.04 49.96
C PRO B 80 93.85 -55.56 50.02
N VAL B 81 94.79 -56.10 49.26
CA VAL B 81 94.94 -57.55 49.16
C VAL B 81 95.74 -58.07 50.33
N THR B 82 95.54 -59.34 50.66
CA THR B 82 96.12 -59.96 51.84
C THR B 82 97.09 -61.06 51.44
N THR B 83 98.31 -60.99 51.96
CA THR B 83 99.30 -62.04 51.71
C THR B 83 98.95 -63.26 52.53
N VAL B 84 98.80 -64.41 51.86
CA VAL B 84 98.41 -65.64 52.51
C VAL B 84 99.26 -66.79 51.99
N GLN B 85 99.52 -67.75 52.86
CA GLN B 85 100.34 -68.89 52.50
C GLN B 85 99.74 -70.16 53.09
N TYR B 86 99.72 -71.22 52.28
CA TYR B 86 99.43 -72.55 52.79
C TYR B 86 100.10 -73.53 51.82
N ASP B 87 101.28 -74.00 52.21
CA ASP B 87 102.15 -74.79 51.36
C ASP B 87 102.47 -76.08 52.08
N PRO B 88 101.49 -76.98 52.20
CA PRO B 88 101.72 -78.23 52.92
C PRO B 88 102.87 -79.03 52.32
N ALA B 89 103.67 -79.65 53.18
CA ALA B 89 104.75 -80.48 52.69
C ALA B 89 104.24 -81.63 51.85
N ALA B 90 103.02 -82.09 52.11
CA ALA B 90 102.44 -83.20 51.37
C ALA B 90 100.92 -83.03 51.35
N LEU B 91 100.33 -83.38 50.22
CA LEU B 91 98.90 -83.19 50.01
C LEU B 91 98.12 -84.15 50.91
N SER B 92 96.80 -84.09 50.81
CA SER B 92 95.93 -84.89 51.67
C SER B 92 94.59 -85.07 50.98
N PHE B 93 94.12 -86.31 50.90
CA PHE B 93 92.84 -86.60 50.24
C PHE B 93 92.22 -87.80 50.92
N LEU B 94 91.04 -87.60 51.50
CA LEU B 94 90.29 -88.68 52.11
C LEU B 94 89.75 -89.62 51.04
N LEU B 95 89.63 -90.90 51.40
CA LEU B 95 89.04 -91.89 50.49
C LEU B 95 88.04 -92.74 51.28
N ASN B 96 86.76 -92.54 51.00
CA ASN B 96 85.69 -93.34 51.60
C ASN B 96 85.24 -94.41 50.61
N ALA B 97 86.16 -95.33 50.34
CA ALA B 97 85.96 -96.40 49.37
C ALA B 97 85.36 -97.63 50.04
N ARG B 98 84.83 -98.53 49.22
CA ARG B 98 84.29 -99.81 49.68
C ARG B 98 85.00 -100.93 48.94
N VAL B 99 86.17 -101.30 49.45
CA VAL B 99 86.95 -102.38 48.85
C VAL B 99 86.18 -103.68 48.98
N ASP B 100 86.21 -104.49 47.91
CA ASP B 100 85.59 -105.80 47.97
C ASP B 100 85.95 -106.58 46.70
N TRP B 101 86.06 -107.89 46.86
CA TRP B 101 86.51 -108.76 45.79
C TRP B 101 86.26 -110.20 46.22
N ASP B 102 85.63 -110.97 45.36
CA ASP B 102 85.34 -112.38 45.61
C ASP B 102 86.30 -113.21 44.78
N PHE B 103 87.27 -113.81 45.45
CA PHE B 103 88.24 -114.67 44.80
C PHE B 103 87.85 -116.12 45.06
N GLY B 104 88.43 -117.02 44.28
CA GLY B 104 88.11 -118.43 44.40
C GLY B 104 88.69 -119.07 45.65
N ASN B 105 88.69 -120.40 45.69
CA ASN B 105 89.26 -121.18 46.80
C ASN B 105 88.95 -120.55 48.15
N GLY B 106 87.72 -120.07 48.32
CA GLY B 106 87.31 -119.47 49.58
C GLY B 106 88.10 -118.23 49.95
N ASP B 107 87.94 -117.15 49.18
CA ASP B 107 88.61 -115.89 49.45
C ASP B 107 87.67 -114.76 49.03
N SER B 108 86.94 -114.22 50.01
CA SER B 108 86.02 -113.11 49.76
C SER B 108 86.35 -111.97 50.72
N ALA B 109 86.07 -110.75 50.28
CA ALA B 109 86.31 -109.57 51.10
C ALA B 109 85.27 -108.52 50.74
N ASN B 110 84.76 -107.82 51.76
CA ASN B 110 83.82 -106.74 51.56
C ASN B 110 83.74 -105.85 52.80
N LEU B 111 84.14 -104.60 52.66
CA LEU B 111 84.13 -103.67 53.78
C LEU B 111 84.18 -102.24 53.25
N VAL B 112 84.02 -101.30 54.17
CA VAL B 112 83.98 -99.87 53.86
C VAL B 112 85.00 -99.16 54.73
N ILE B 113 85.77 -98.26 54.10
CA ILE B 113 86.81 -97.48 54.75
C ILE B 113 86.28 -96.08 55.01
N ASN B 114 86.70 -95.49 56.12
CA ASN B 114 86.29 -94.13 56.43
C ASN B 114 87.44 -93.43 57.14
N ASP B 115 87.63 -92.15 56.83
CA ASP B 115 88.67 -91.33 57.44
C ASP B 115 90.05 -91.94 57.19
N PHE B 116 90.33 -92.25 55.92
CA PHE B 116 91.62 -92.79 55.51
C PHE B 116 92.22 -91.86 54.46
N LEU B 117 93.36 -91.26 54.78
CA LEU B 117 94.01 -90.25 53.96
C LEU B 117 95.41 -90.70 53.62
N PHE B 118 96.00 -90.01 52.64
CA PHE B 118 97.32 -90.35 52.14
C PHE B 118 98.06 -89.09 51.74
N ARG B 119 99.36 -89.08 52.01
CA ARG B 119 100.21 -87.93 51.67
C ARG B 119 100.94 -88.20 50.35
N THR B 120 101.02 -87.17 49.51
CA THR B 120 101.70 -87.27 48.24
C THR B 120 102.39 -85.96 47.92
N PHE B 121 103.30 -86.00 46.96
CA PHE B 121 104.10 -84.84 46.63
C PHE B 121 103.23 -83.69 46.11
N ALA B 122 103.63 -82.47 46.43
CA ALA B 122 102.94 -81.27 45.96
C ALA B 122 103.86 -80.49 45.02
N PRO B 123 103.53 -80.36 43.72
CA PRO B 123 104.41 -79.62 42.82
C PRO B 123 104.32 -78.12 43.02
N LYS B 124 105.11 -77.60 43.97
CA LYS B 124 105.16 -76.17 44.23
C LYS B 124 105.97 -75.39 43.21
N GLU B 125 107.01 -75.97 42.63
CA GLU B 125 107.92 -75.24 41.76
C GLU B 125 107.27 -75.10 40.40
N PHE B 126 106.74 -73.91 40.12
CA PHE B 126 106.17 -73.60 38.82
C PHE B 126 105.90 -72.11 38.75
N ASP B 127 105.95 -71.58 37.52
CA ASP B 127 105.78 -70.14 37.29
C ASP B 127 105.24 -69.92 35.89
N PHE B 128 104.11 -69.24 35.79
CA PHE B 128 103.50 -68.90 34.51
C PHE B 128 103.59 -67.41 34.21
N SER B 129 104.63 -66.75 34.73
CA SER B 129 104.77 -65.32 34.47
C SER B 129 104.92 -65.03 32.99
N ASN B 130 105.73 -65.83 32.29
CA ASN B 130 105.89 -65.66 30.86
C ASN B 130 104.56 -65.73 30.13
N SER B 131 103.61 -66.50 30.66
CA SER B 131 102.31 -66.64 30.01
C SER B 131 101.30 -65.62 30.48
N LEU B 132 101.52 -65.01 31.65
CA LEU B 132 100.54 -64.06 32.17
C LEU B 132 100.90 -62.62 31.83
N VAL B 133 102.18 -62.26 31.86
CA VAL B 133 102.62 -60.90 31.58
C VAL B 133 102.17 -60.44 30.20
N PRO B 134 102.22 -61.28 29.16
CA PRO B 134 101.79 -60.76 27.85
C PRO B 134 100.36 -60.33 27.85
N ARG B 135 99.54 -60.93 28.70
CA ARG B 135 98.10 -60.70 28.67
C ARG B 135 97.73 -59.49 29.53
N TYR B 136 98.49 -58.41 29.33
CA TYR B 136 98.17 -57.12 29.93
C TYR B 136 98.30 -56.01 28.90
N THR B 137 99.31 -56.11 28.05
CA THR B 137 99.60 -55.04 27.11
C THR B 137 98.43 -54.84 26.16
N GLN B 138 98.00 -55.91 25.52
CA GLN B 138 96.89 -55.84 24.58
C GLN B 138 95.61 -55.39 25.27
N ALA B 139 95.37 -55.89 26.48
CA ALA B 139 94.18 -55.48 27.22
C ALA B 139 94.20 -53.98 27.45
N PHE B 140 95.34 -53.45 27.87
CA PHE B 140 95.45 -52.00 28.06
C PHE B 140 95.23 -51.26 26.76
N SER B 141 95.83 -51.74 25.68
CA SER B 141 95.71 -51.03 24.41
C SER B 141 94.26 -50.95 23.96
N ALA B 142 93.53 -52.06 24.10
CA ALA B 142 92.11 -52.04 23.71
C ALA B 142 91.24 -51.38 24.75
N PHE B 143 91.75 -51.17 25.97
CA PHE B 143 90.97 -50.53 27.04
C PHE B 143 90.34 -49.22 26.56
N ASN B 144 91.18 -48.26 26.17
CA ASN B 144 90.64 -46.98 25.73
C ASN B 144 89.72 -47.17 24.53
N ALA B 145 90.06 -48.09 23.63
CA ALA B 145 89.18 -48.41 22.52
C ALA B 145 87.96 -49.20 22.97
N LYS B 146 87.97 -49.76 24.18
CA LYS B 146 86.85 -50.52 24.70
C LYS B 146 85.98 -49.73 25.67
N TYR B 147 86.50 -48.65 26.27
CA TYR B 147 85.72 -47.86 27.20
C TYR B 147 85.94 -46.36 27.04
N GLY B 148 86.70 -45.94 26.05
CA GLY B 148 86.80 -44.51 25.78
C GLY B 148 85.43 -43.88 25.60
N THR B 149 84.51 -44.62 24.99
CA THR B 149 83.15 -44.11 24.80
C THR B 149 82.53 -43.72 26.13
N MET B 150 82.54 -44.66 27.09
CA MET B 150 81.92 -44.40 28.38
C MET B 150 82.68 -43.34 29.15
N ILE B 151 84.01 -43.34 29.05
CA ILE B 151 84.78 -42.32 29.75
C ILE B 151 84.44 -40.94 29.22
N GLY B 152 84.32 -40.81 27.89
CA GLY B 152 83.99 -39.52 27.31
C GLY B 152 82.61 -39.05 27.69
N GLU B 153 81.62 -39.96 27.64
CA GLU B 153 80.28 -39.54 28.06
C GLU B 153 80.26 -39.17 29.53
N GLY B 154 81.07 -39.84 30.37
CA GLY B 154 81.17 -39.42 31.75
C GLY B 154 81.78 -38.04 31.90
N LEU B 155 82.84 -37.78 31.14
CA LEU B 155 83.48 -36.47 31.19
C LEU B 155 82.51 -35.38 30.78
N GLU B 156 81.66 -35.65 29.80
CA GLU B 156 80.70 -34.64 29.39
C GLU B 156 79.56 -34.53 30.38
N THR B 157 79.15 -35.64 30.97
CA THR B 157 78.09 -35.60 31.97
C THR B 157 78.52 -34.76 33.16
N ILE B 158 79.76 -34.94 33.63
CA ILE B 158 80.18 -34.21 34.81
C ILE B 158 80.27 -32.73 34.51
N LYS B 159 80.76 -32.36 33.32
CA LYS B 159 80.77 -30.96 32.94
C LYS B 159 79.34 -30.42 32.85
N TYR B 160 78.41 -31.26 32.40
CA TYR B 160 77.02 -30.80 32.31
C TYR B 160 76.45 -30.58 33.71
N LEU B 161 76.81 -31.46 34.66
CA LEU B 161 76.44 -31.23 36.05
C LEU B 161 77.00 -29.92 36.55
N GLY B 162 78.27 -29.65 36.26
CA GLY B 162 78.85 -28.38 36.68
C GLY B 162 78.11 -27.19 36.10
N LEU B 163 77.73 -27.29 34.83
CA LEU B 163 76.97 -26.22 34.20
C LEU B 163 75.63 -26.02 34.89
N LEU B 164 74.94 -27.12 35.17
CA LEU B 164 73.67 -27.02 35.88
C LEU B 164 73.84 -26.33 37.23
N LEU B 165 74.87 -26.74 37.98
CA LEU B 165 75.08 -26.14 39.29
C LEU B 165 75.41 -24.67 39.16
N ARG B 166 76.16 -24.29 38.13
CA ARG B 166 76.44 -22.88 37.92
C ARG B 166 75.17 -22.09 37.67
N ARG B 167 74.26 -22.62 36.84
CA ARG B 167 73.01 -21.90 36.59
C ARG B 167 72.19 -21.81 37.87
N LEU B 168 72.16 -22.88 38.66
CA LEU B 168 71.48 -22.83 39.94
C LEU B 168 72.09 -21.78 40.85
N ARG B 169 73.42 -21.70 40.87
CA ARG B 169 74.09 -20.70 41.69
C ARG B 169 73.73 -19.30 41.25
N GLU B 170 73.63 -19.08 39.95
CA GLU B 170 73.18 -17.78 39.45
C GLU B 170 71.79 -17.44 39.98
N GLY B 171 70.87 -18.41 39.89
CA GLY B 171 69.54 -18.17 40.42
C GLY B 171 69.55 -17.86 41.90
N TYR B 172 70.34 -18.61 42.66
CA TYR B 172 70.38 -18.36 44.11
C TYR B 172 70.98 -17.00 44.41
N ARG B 173 72.03 -16.60 43.69
CA ARG B 173 72.60 -15.29 43.93
C ARG B 173 71.61 -14.19 43.60
N ALA B 174 70.83 -14.39 42.53
CA ALA B 174 69.75 -13.46 42.26
C ALA B 174 68.79 -13.39 43.43
N VAL B 175 68.42 -14.55 43.98
CA VAL B 175 67.55 -14.59 45.16
C VAL B 175 68.14 -13.77 46.29
N LYS B 176 69.42 -14.02 46.60
CA LYS B 176 70.06 -13.39 47.74
C LYS B 176 70.11 -11.87 47.57
N ARG B 177 70.52 -11.42 46.38
CA ARG B 177 70.56 -9.98 46.14
C ARG B 177 69.16 -9.38 46.21
N GLY B 178 68.16 -10.11 45.74
CA GLY B 178 66.78 -9.68 45.87
C GLY B 178 66.27 -9.00 44.62
N ASP B 179 65.49 -9.74 43.84
CA ASP B 179 64.83 -9.18 42.66
C ASP B 179 63.86 -10.21 42.11
N LEU B 180 62.69 -9.74 41.68
CA LEU B 180 61.63 -10.60 41.15
C LEU B 180 61.72 -10.76 39.65
N ARG B 181 62.05 -9.70 38.93
CA ARG B 181 62.07 -9.76 37.47
C ARG B 181 63.41 -10.28 36.96
N ALA B 182 64.51 -9.76 37.49
CA ALA B 182 65.82 -10.25 37.10
C ALA B 182 66.02 -11.70 37.53
N LEU B 183 65.25 -12.18 38.50
CA LEU B 183 65.38 -13.57 38.93
C LEU B 183 64.98 -14.55 37.84
N ARG B 184 64.29 -14.09 36.80
CA ARG B 184 63.76 -14.96 35.75
C ARG B 184 64.79 -15.22 34.64
N ARG B 185 66.05 -14.80 34.87
CA ARG B 185 67.10 -15.10 33.91
C ARG B 185 67.13 -16.58 33.57
N VAL B 186 67.07 -17.44 34.57
CA VAL B 186 67.03 -18.87 34.32
C VAL B 186 65.64 -19.35 33.91
N ILE B 187 64.58 -18.73 34.42
CA ILE B 187 63.23 -19.15 34.07
C ILE B 187 63.08 -19.14 32.55
N GLN B 188 63.66 -18.14 31.90
CA GLN B 188 63.60 -18.09 30.44
C GLN B 188 64.48 -19.13 29.76
N SER B 189 65.27 -19.90 30.51
CA SER B 189 66.19 -20.87 29.92
C SER B 189 65.58 -22.27 29.83
N TYR B 190 64.29 -22.41 30.18
CA TYR B 190 63.68 -23.74 30.16
C TYR B 190 62.33 -23.74 29.43
N HIS B 191 61.52 -22.70 29.62
CA HIS B 191 60.19 -22.71 29.02
C HIS B 191 60.24 -22.79 27.50
N ASN B 192 61.33 -22.34 26.90
CA ASN B 192 61.42 -22.27 25.45
C ASN B 192 60.37 -21.35 24.89
N GLY B 193 59.99 -20.33 25.65
CA GLY B 193 58.91 -19.45 25.24
C GLY B 193 58.88 -18.14 25.99
N LYS B 194 58.28 -17.12 25.37
CA LYS B 194 58.16 -15.81 25.99
C LYS B 194 57.07 -15.82 27.07
N TRP B 195 57.40 -16.33 28.26
CA TRP B 195 56.44 -16.33 29.35
C TRP B 195 56.21 -14.91 29.85
N LYS B 196 54.94 -14.54 29.97
CA LYS B 196 54.56 -13.25 30.51
C LYS B 196 54.07 -13.37 31.93
N PRO B 197 54.17 -12.32 32.72
CA PRO B 197 53.69 -12.36 34.11
C PRO B 197 52.18 -12.23 34.16
N ALA B 198 51.66 -12.48 35.35
CA ALA B 198 50.23 -12.37 35.63
C ALA B 198 49.93 -11.46 36.81
N THR B 199 50.81 -11.42 37.80
CA THR B 199 50.61 -10.59 38.97
C THR B 199 51.97 -10.39 39.64
N ALA B 200 51.96 -9.93 40.88
CA ALA B 200 53.20 -9.71 41.64
C ALA B 200 53.56 -10.99 42.37
N GLY B 201 54.68 -11.59 41.98
CA GLY B 201 55.17 -12.81 42.59
C GLY B 201 56.05 -12.52 43.79
N ASN B 202 56.84 -13.53 44.17
CA ASN B 202 57.73 -13.43 45.32
C ASN B 202 59.02 -14.17 45.03
N LEU B 203 60.07 -13.77 45.75
CA LEU B 203 61.39 -14.36 45.52
C LEU B 203 61.34 -15.87 45.71
N TRP B 204 61.11 -16.32 46.95
CA TRP B 204 61.15 -17.75 47.22
C TRP B 204 60.09 -18.50 46.43
N LEU B 205 58.95 -17.86 46.17
CA LEU B 205 57.93 -18.53 45.36
C LEU B 205 58.43 -18.79 43.95
N GLU B 206 59.12 -17.84 43.34
CA GLU B 206 59.63 -18.02 41.98
C GLU B 206 60.96 -18.75 41.96
N PHE B 207 61.32 -19.45 43.03
CA PHE B 207 62.55 -20.22 43.04
C PHE B 207 62.36 -21.60 43.65
N ARG B 208 61.34 -21.77 44.49
CA ARG B 208 61.16 -23.05 45.17
C ARG B 208 60.83 -24.17 44.19
N TYR B 209 59.91 -23.91 43.26
CA TYR B 209 59.61 -24.86 42.19
C TYR B 209 59.50 -24.22 40.81
N GLY B 210 59.65 -22.90 40.70
CA GLY B 210 59.70 -22.30 39.38
C GLY B 210 60.78 -22.89 38.48
N LEU B 211 61.68 -23.70 39.03
CA LEU B 211 62.78 -24.29 38.30
C LEU B 211 62.64 -25.81 38.26
N MET B 212 61.41 -26.30 38.09
CA MET B 212 61.20 -27.74 38.02
C MET B 212 61.99 -28.40 36.91
N PRO B 213 62.05 -27.86 35.69
CA PRO B 213 62.88 -28.50 34.65
C PRO B 213 64.33 -28.59 35.06
N LEU B 214 64.86 -27.54 35.70
CA LEU B 214 66.23 -27.59 36.20
C LEU B 214 66.40 -28.69 37.22
N PHE B 215 65.46 -28.81 38.16
CA PHE B 215 65.58 -29.84 39.19
C PHE B 215 65.55 -31.22 38.58
N TYR B 216 64.64 -31.45 37.64
CA TYR B 216 64.54 -32.75 36.99
C TYR B 216 65.83 -33.06 36.24
N ASP B 217 66.36 -32.08 35.52
CA ASP B 217 67.61 -32.30 34.80
C ASP B 217 68.74 -32.64 35.76
N ILE B 218 68.82 -31.91 36.87
CA ILE B 218 69.88 -32.14 37.84
C ILE B 218 69.78 -33.55 38.37
N ARG B 219 68.61 -33.93 38.84
CA ARG B 219 68.43 -35.28 39.37
C ARG B 219 68.85 -36.31 38.34
N ASP B 220 68.32 -36.17 37.12
CA ASP B 220 68.54 -37.22 36.14
C ASP B 220 70.02 -37.37 35.83
N VAL B 221 70.72 -36.26 35.61
CA VAL B 221 72.07 -36.41 35.09
C VAL B 221 73.04 -36.70 36.24
N MET B 222 72.67 -36.38 37.48
CA MET B 222 73.53 -36.79 38.58
C MET B 222 73.35 -38.27 38.89
N LEU B 223 72.13 -38.79 38.75
CA LEU B 223 71.96 -40.25 38.79
C LEU B 223 72.74 -40.90 37.65
N ASP B 224 72.68 -40.28 36.47
CA ASP B 224 73.49 -40.72 35.34
C ASP B 224 74.96 -40.81 35.72
N TRP B 225 75.49 -39.75 36.33
CA TRP B 225 76.90 -39.73 36.68
C TRP B 225 77.22 -40.76 37.74
N GLN B 226 76.33 -40.96 38.71
CA GLN B 226 76.60 -41.99 39.71
C GLN B 226 76.67 -43.36 39.06
N ASN B 227 75.75 -43.63 38.14
CA ASN B 227 75.75 -44.93 37.47
C ASN B 227 77.03 -45.14 36.69
N ARG B 228 77.43 -44.15 35.88
CA ARG B 228 78.68 -44.28 35.14
C ARG B 228 79.89 -44.37 36.06
N HIS B 229 79.90 -43.54 37.10
CA HIS B 229 80.93 -43.59 38.12
C HIS B 229 81.12 -45.00 38.64
N ASP B 230 80.02 -45.66 39.01
CA ASP B 230 80.10 -47.01 39.52
C ASP B 230 80.95 -47.88 38.60
N LYS B 231 80.53 -47.94 37.33
CA LYS B 231 81.23 -48.77 36.36
C LYS B 231 82.67 -48.33 36.22
N ILE B 232 82.90 -47.03 36.20
CA ILE B 232 84.24 -46.52 35.93
C ILE B 232 85.20 -46.98 37.00
N GLN B 233 84.81 -46.90 38.27
CA GLN B 233 85.71 -47.38 39.31
C GLN B 233 85.80 -48.89 39.29
N ARG B 234 84.72 -49.57 38.91
CA ARG B 234 84.86 -51.00 38.65
C ARG B 234 85.88 -51.26 37.56
N LEU B 235 86.13 -50.28 36.70
CA LEU B 235 87.04 -50.44 35.58
C LEU B 235 88.50 -50.23 35.97
N LEU B 236 88.81 -49.98 37.25
CA LEU B 236 90.18 -49.72 37.68
C LEU B 236 90.87 -50.97 38.21
N ARG B 237 90.55 -52.14 37.65
CA ARG B 237 91.11 -53.39 38.16
C ARG B 237 91.21 -54.36 37.00
N PHE B 238 92.32 -55.11 36.95
CA PHE B 238 92.62 -55.99 35.83
C PHE B 238 93.19 -57.29 36.39
N SER B 239 92.36 -58.33 36.45
CA SER B 239 92.77 -59.63 36.96
C SER B 239 92.68 -60.64 35.84
N VAL B 240 93.75 -61.42 35.68
CA VAL B 240 93.83 -62.41 34.62
C VAL B 240 94.62 -63.61 35.13
N GLY B 241 94.19 -64.81 34.75
CA GLY B 241 94.84 -66.02 35.18
C GLY B 241 94.76 -67.09 34.11
N HIS B 242 95.69 -68.02 34.18
CA HIS B 242 95.77 -69.11 33.21
C HIS B 242 95.94 -70.42 33.96
N GLY B 243 95.19 -71.43 33.55
CA GLY B 243 95.16 -72.71 34.24
C GLY B 243 95.60 -73.86 33.36
N GLU B 244 96.26 -74.83 33.97
CA GLU B 244 96.76 -76.01 33.27
C GLU B 244 96.55 -77.24 34.15
N ASP B 245 96.58 -78.41 33.53
CA ASP B 245 96.37 -79.67 34.22
C ASP B 245 97.71 -80.33 34.50
N TYR B 246 97.76 -81.07 35.60
CA TYR B 246 98.98 -81.79 35.97
C TYR B 246 98.58 -83.03 36.76
N VAL B 247 98.71 -84.19 36.13
CA VAL B 247 98.36 -85.46 36.74
C VAL B 247 99.49 -85.93 37.64
N VAL B 248 99.15 -86.57 38.76
CA VAL B 248 100.15 -87.02 39.73
C VAL B 248 99.85 -88.43 40.18
N GLU B 249 100.88 -89.09 40.72
CA GLU B 249 100.82 -90.46 41.20
C GLU B 249 101.02 -90.47 42.71
N PHE B 250 100.27 -91.31 43.39
CA PHE B 250 100.42 -91.48 44.83
C PHE B 250 101.14 -92.78 45.13
N ASP B 251 102.03 -92.75 46.12
CA ASP B 251 102.75 -93.94 46.49
C ASP B 251 101.78 -95.04 46.93
N ASN B 252 102.29 -96.26 47.02
CA ASN B 252 101.47 -97.36 47.47
C ASN B 252 101.11 -97.20 48.94
N LEU B 253 99.97 -97.77 49.32
CA LEU B 253 99.46 -97.70 50.68
C LEU B 253 98.64 -98.96 50.96
N TYR B 254 98.52 -99.29 52.24
CA TYR B 254 97.92 -100.54 52.70
C TYR B 254 96.94 -100.24 53.83
N PRO B 255 95.68 -99.93 53.51
CA PRO B 255 94.73 -99.65 54.59
C PRO B 255 94.64 -100.80 55.57
N ALA B 256 94.73 -102.03 55.10
CA ALA B 256 94.72 -103.19 55.96
C ALA B 256 96.15 -103.56 56.33
N VAL B 257 96.33 -104.74 56.92
CA VAL B 257 97.66 -105.24 57.24
C VAL B 257 98.19 -106.01 56.04
N ALA B 258 98.70 -105.30 55.05
CA ALA B 258 99.28 -105.91 53.85
C ALA B 258 98.35 -106.95 53.25
N TYR B 259 97.07 -106.58 53.12
CA TYR B 259 96.08 -107.47 52.53
C TYR B 259 95.73 -107.11 51.08
N PHE B 260 96.00 -105.89 50.65
CA PHE B 260 95.69 -105.50 49.29
C PHE B 260 96.32 -104.15 49.00
N LYS B 261 96.74 -103.96 47.75
CA LYS B 261 97.45 -102.77 47.31
C LYS B 261 96.50 -101.82 46.61
N LEU B 262 96.77 -100.53 46.75
CA LEU B 262 95.93 -99.51 46.15
C LEU B 262 96.80 -98.55 45.34
N LYS B 263 96.48 -98.40 44.05
CA LYS B 263 97.23 -97.55 43.14
C LYS B 263 96.25 -96.82 42.23
N GLY B 264 96.78 -95.93 41.41
CA GLY B 264 95.96 -95.16 40.51
C GLY B 264 96.61 -93.81 40.23
N GLU B 265 95.77 -92.80 40.04
CA GLU B 265 96.20 -91.51 39.54
C GLU B 265 95.29 -90.43 40.10
N ILE B 266 95.80 -89.20 40.17
CA ILE B 266 95.05 -88.07 40.69
C ILE B 266 95.19 -86.90 39.73
N THR B 267 94.06 -86.36 39.28
CA THR B 267 94.03 -85.26 38.33
C THR B 267 93.81 -83.95 39.08
N LEU B 268 94.74 -83.02 38.94
CA LEU B 268 94.62 -81.69 39.51
C LEU B 268 94.93 -80.67 38.41
N GLU B 269 94.57 -79.43 38.67
CA GLU B 269 94.98 -78.31 37.82
C GLU B 269 95.57 -77.22 38.69
N ARG B 270 96.62 -76.61 38.20
CA ARG B 270 97.25 -75.46 38.84
C ARG B 270 96.99 -74.24 37.96
N ARG B 271 96.54 -73.15 38.58
CA ARG B 271 96.29 -71.94 37.83
C ARG B 271 97.09 -70.80 38.44
N HIS B 272 97.79 -70.05 37.61
CA HIS B 272 98.51 -68.88 38.07
C HIS B 272 97.69 -67.64 37.69
N ARG B 273 97.41 -66.81 38.68
CA ARG B 273 96.59 -65.63 38.49
C ARG B 273 97.34 -64.40 38.97
N HIS B 274 97.02 -63.26 38.37
CA HIS B 274 97.61 -61.99 38.76
C HIS B 274 96.57 -60.91 38.60
N GLY B 275 96.50 -60.02 39.60
CA GLY B 275 95.57 -58.92 39.54
C GLY B 275 96.21 -57.59 39.87
N ILE B 276 96.09 -56.63 38.95
CA ILE B 276 96.61 -55.30 39.13
C ILE B 276 95.46 -54.37 39.47
N SER B 277 95.72 -53.42 40.37
CA SER B 277 94.72 -52.44 40.78
C SER B 277 95.28 -51.03 40.59
N TYR B 278 94.41 -50.05 40.78
CA TYR B 278 94.79 -48.65 40.62
C TYR B 278 93.95 -47.80 41.55
N ALA B 279 94.58 -46.81 42.15
CA ALA B 279 93.90 -45.82 42.99
C ALA B 279 94.87 -44.67 43.25
N ASN B 280 94.51 -43.79 44.16
CA ASN B 280 95.35 -42.65 44.48
C ASN B 280 96.73 -43.11 44.92
N ARG B 281 97.73 -42.26 44.68
CA ARG B 281 99.10 -42.54 45.05
C ARG B 281 99.58 -41.62 46.17
N GLU B 282 98.66 -40.93 46.83
CA GLU B 282 99.02 -40.07 47.95
C GLU B 282 98.33 -40.51 49.23
N GLY B 283 97.00 -40.57 49.21
CA GLY B 283 96.23 -40.83 50.40
C GLY B 283 95.88 -42.29 50.57
N TYR B 284 96.42 -43.14 49.70
CA TYR B 284 96.09 -44.56 49.80
C TYR B 284 96.58 -45.13 51.11
N ALA B 285 97.78 -44.72 51.56
CA ALA B 285 98.32 -45.21 52.81
C ALA B 285 97.55 -44.67 54.01
N VAL B 286 97.08 -43.44 53.94
CA VAL B 286 96.35 -42.84 55.05
C VAL B 286 95.03 -42.30 54.54
N PHE B 287 94.01 -43.15 54.52
CA PHE B 287 92.68 -42.78 54.04
C PHE B 287 91.74 -42.71 55.24
N ASP B 288 91.23 -41.52 55.51
CA ASP B 288 90.31 -41.32 56.62
C ASP B 288 89.02 -42.09 56.38
N ASN B 289 88.86 -43.20 57.06
CA ASN B 289 87.62 -43.97 57.01
C ASN B 289 86.61 -43.52 58.04
N GLY B 290 86.99 -42.66 58.97
CA GLY B 290 86.09 -42.22 60.01
C GLY B 290 85.25 -41.02 59.69
N SER B 291 85.59 -40.28 58.64
CA SER B 291 84.86 -39.07 58.26
C SER B 291 84.64 -39.09 56.75
N LEU B 292 83.49 -39.60 56.34
CA LEU B 292 83.10 -39.58 54.93
C LEU B 292 81.60 -39.56 54.87
N ARG B 293 81.07 -39.05 53.78
CA ARG B 293 79.62 -39.04 53.64
C ARG B 293 79.15 -40.32 53.00
N PRO B 294 77.87 -40.66 53.14
CA PRO B 294 77.37 -41.89 52.52
C PRO B 294 77.18 -41.72 51.03
N VAL B 295 76.61 -42.73 50.38
CA VAL B 295 76.27 -42.63 48.97
C VAL B 295 74.79 -42.30 48.77
N SER B 296 73.95 -42.54 49.77
CA SER B 296 72.52 -42.26 49.64
C SER B 296 72.23 -40.77 49.59
N ASP B 297 72.98 -39.96 50.33
CA ASP B 297 72.70 -38.53 50.30
C ASP B 297 72.87 -37.99 48.89
N TRP B 298 73.63 -38.70 48.05
CA TRP B 298 73.76 -38.35 46.65
C TRP B 298 72.40 -38.31 45.98
N LYS B 299 71.56 -39.31 46.24
CA LYS B 299 70.17 -39.27 45.76
C LYS B 299 69.32 -38.31 46.59
N GLU B 300 69.62 -38.21 47.88
CA GLU B 300 68.82 -37.35 48.76
C GLU B 300 68.79 -35.92 48.26
N LEU B 301 69.98 -35.35 48.03
CA LEU B 301 70.05 -33.97 47.58
C LEU B 301 69.33 -33.79 46.25
N ALA B 302 69.49 -34.75 45.34
CA ALA B 302 68.86 -34.62 44.03
C ALA B 302 67.35 -34.59 44.17
N THR B 303 66.80 -35.43 45.04
CA THR B 303 65.35 -35.48 45.18
C THR B 303 64.81 -34.40 46.11
N ALA B 304 65.67 -33.73 46.88
CA ALA B 304 65.17 -32.79 47.87
C ALA B 304 64.33 -31.70 47.22
N PHE B 305 64.85 -31.05 46.18
CA PHE B 305 64.14 -29.94 45.57
C PHE B 305 62.83 -30.40 44.92
N ILE B 306 62.78 -31.65 44.46
CA ILE B 306 61.54 -32.17 43.88
C ILE B 306 60.59 -32.71 44.95
N ASN B 307 61.09 -32.95 46.16
CA ASN B 307 60.20 -33.39 47.23
C ASN B 307 59.13 -32.34 47.46
N PRO B 308 57.86 -32.68 47.36
CA PRO B 308 56.82 -31.72 47.67
C PRO B 308 56.48 -31.70 49.16
N HIS B 309 57.39 -32.23 49.99
CA HIS B 309 57.29 -32.17 51.45
C HIS B 309 58.56 -31.55 52.01
N GLU B 310 58.50 -30.26 52.34
CA GLU B 310 59.69 -29.59 52.82
C GLU B 310 59.27 -28.33 53.56
N VAL B 311 59.41 -28.34 54.88
CA VAL B 311 58.97 -27.21 55.68
C VAL B 311 60.03 -26.13 55.80
N ALA B 312 61.29 -26.44 55.49
CA ALA B 312 62.33 -25.45 55.70
C ALA B 312 62.20 -24.30 54.71
N TRP B 313 61.47 -24.49 53.61
CA TRP B 313 61.20 -23.39 52.69
C TRP B 313 60.40 -22.26 53.33
N GLU B 314 59.73 -22.52 54.45
CA GLU B 314 58.94 -21.51 55.16
C GLU B 314 59.57 -21.10 56.49
N LEU B 315 60.75 -21.63 56.80
CA LEU B 315 61.46 -21.23 58.01
C LEU B 315 62.81 -20.62 57.68
N THR B 316 63.63 -21.35 56.93
CA THR B 316 64.98 -20.92 56.58
C THR B 316 65.35 -21.48 55.22
N PRO B 317 64.76 -20.95 54.15
CA PRO B 317 65.23 -21.35 52.81
C PRO B 317 66.73 -21.23 52.66
N TYR B 318 67.29 -20.12 53.12
CA TYR B 318 68.71 -19.85 52.91
C TYR B 318 69.57 -20.97 53.47
N SER B 319 69.33 -21.35 54.72
CA SER B 319 70.15 -22.38 55.35
C SER B 319 70.06 -23.69 54.59
N PHE B 320 68.84 -24.10 54.22
CA PHE B 320 68.68 -25.40 53.57
C PHE B 320 69.36 -25.40 52.21
N VAL B 321 69.21 -24.32 51.44
CA VAL B 321 69.80 -24.30 50.11
C VAL B 321 71.32 -24.24 50.20
N VAL B 322 71.87 -23.47 51.14
CA VAL B 322 73.33 -23.41 51.27
C VAL B 322 73.87 -24.76 51.73
N ASP B 323 73.14 -25.44 52.61
CA ASP B 323 73.57 -26.77 53.02
C ASP B 323 73.52 -27.74 51.85
N TRP B 324 72.51 -27.61 50.99
CA TRP B 324 72.47 -28.41 49.78
C TRP B 324 73.76 -28.22 48.98
N PHE B 325 74.08 -26.96 48.71
CA PHE B 325 75.34 -26.65 48.02
C PHE B 325 76.53 -27.29 48.70
N LEU B 326 76.64 -27.09 50.00
CA LEU B 326 77.85 -27.50 50.71
C LEU B 326 78.00 -29.01 50.70
N ASN B 327 76.91 -29.73 50.90
CA ASN B 327 77.01 -31.19 50.89
C ASN B 327 77.31 -31.70 49.49
N VAL B 328 76.75 -31.06 48.46
CA VAL B 328 77.10 -31.47 47.10
C VAL B 328 78.59 -31.30 46.88
N GLY B 329 79.13 -30.15 47.29
CA GLY B 329 80.55 -29.94 47.16
C GLY B 329 81.37 -30.95 47.94
N ASP B 330 80.89 -31.31 49.13
CA ASP B 330 81.58 -32.30 49.95
C ASP B 330 81.66 -33.63 49.24
N ILE B 331 80.52 -34.13 48.75
CA ILE B 331 80.53 -35.41 48.04
C ILE B 331 81.44 -35.32 46.82
N LEU B 332 81.39 -34.19 46.13
CA LEU B 332 82.22 -34.01 44.94
C LEU B 332 83.70 -34.11 45.29
N ALA B 333 84.13 -33.39 46.33
CA ALA B 333 85.52 -33.45 46.73
C ALA B 333 85.89 -34.87 47.16
N GLN B 334 84.99 -35.53 47.88
CA GLN B 334 85.27 -36.88 48.32
C GLN B 334 85.55 -37.78 47.12
N GLN B 335 84.68 -37.74 46.12
CA GLN B 335 84.90 -38.59 44.95
C GLN B 335 86.09 -38.10 44.13
N GLY B 336 86.51 -36.85 44.33
CA GLY B 336 87.66 -36.36 43.60
C GLY B 336 88.90 -37.19 43.82
N GLN B 337 89.13 -37.65 45.06
CA GLN B 337 90.35 -38.38 45.35
C GLN B 337 90.45 -39.67 44.55
N LEU B 338 89.35 -40.11 43.93
CA LEU B 338 89.33 -41.31 43.13
C LEU B 338 90.14 -41.15 41.85
N TYR B 339 90.50 -39.92 41.50
CA TYR B 339 91.15 -39.65 40.22
C TYR B 339 92.41 -38.79 40.36
N HIS B 340 93.03 -38.75 41.53
CA HIS B 340 94.25 -37.99 41.74
C HIS B 340 95.42 -38.96 41.79
N ASN B 341 96.37 -38.79 40.88
CA ASN B 341 97.60 -39.59 40.85
C ASN B 341 97.27 -41.08 40.93
N ILE B 342 96.67 -41.55 39.85
CA ILE B 342 96.25 -42.94 39.76
C ILE B 342 97.38 -43.74 39.12
N ASP B 343 97.90 -44.72 39.85
CA ASP B 343 99.04 -45.51 39.42
C ASP B 343 98.95 -46.88 40.10
N ILE B 344 99.96 -47.72 39.88
CA ILE B 344 100.04 -49.00 40.57
C ILE B 344 100.16 -48.75 42.07
N VAL B 345 99.22 -49.32 42.83
CA VAL B 345 99.22 -49.13 44.27
C VAL B 345 99.24 -50.49 44.95
N ASP B 346 98.69 -51.49 44.28
CA ASP B 346 98.62 -52.84 44.83
C ASP B 346 98.82 -53.85 43.72
N GLY B 347 99.33 -55.02 44.09
CA GLY B 347 99.56 -56.09 43.15
C GLY B 347 99.81 -57.40 43.87
N PHE B 348 99.08 -58.44 43.47
CA PHE B 348 99.18 -59.74 44.11
C PHE B 348 99.38 -60.78 43.03
N ASP B 349 100.09 -61.85 43.38
CA ASP B 349 100.28 -62.98 42.49
C ASP B 349 99.90 -64.24 43.25
N ARG B 350 99.04 -65.05 42.64
CA ARG B 350 98.46 -66.19 43.33
C ARG B 350 98.68 -67.48 42.54
N ARG B 351 99.00 -68.54 43.29
CA ARG B 351 99.23 -69.87 42.73
C ARG B 351 98.42 -70.85 43.56
N ASP B 352 97.54 -71.59 42.91
CA ASP B 352 96.59 -72.45 43.59
C ASP B 352 96.42 -73.75 42.82
N ILE B 353 96.26 -74.84 43.58
CA ILE B 353 96.03 -76.17 43.02
C ILE B 353 94.65 -76.66 43.43
N ARG B 354 93.92 -77.24 42.49
CA ARG B 354 92.58 -77.76 42.74
C ARG B 354 92.41 -79.10 42.02
N LEU B 355 91.86 -80.09 42.71
CA LEU B 355 91.58 -81.38 42.10
C LEU B 355 90.44 -81.24 41.08
N LYS B 356 90.44 -82.14 40.09
CA LYS B 356 89.28 -82.28 39.21
C LYS B 356 88.76 -83.71 39.19
N SER B 357 89.65 -84.67 38.96
CA SER B 357 89.25 -86.06 38.84
C SER B 357 90.33 -86.95 39.42
N PHE B 358 90.23 -88.26 39.21
CA PHE B 358 91.17 -89.20 39.79
C PHE B 358 90.92 -90.57 39.18
N THR B 359 91.71 -91.55 39.61
CA THR B 359 91.52 -92.93 39.21
C THR B 359 92.12 -93.83 40.28
N ILE B 360 91.54 -95.01 40.46
CA ILE B 360 91.98 -95.96 41.46
C ILE B 360 92.12 -97.33 40.79
N LYS B 361 93.15 -98.07 41.18
CA LYS B 361 93.40 -99.39 40.61
C LYS B 361 94.03 -100.28 41.67
N GLY B 362 93.34 -101.35 42.03
CA GLY B 362 93.84 -102.30 43.02
C GLY B 362 94.46 -103.51 42.34
N GLU B 363 95.62 -103.93 42.87
CA GLU B 363 96.43 -104.97 42.24
C GLU B 363 97.19 -105.72 43.31
N ARG B 364 96.78 -106.97 43.57
CA ARG B 364 97.48 -107.80 44.54
C ARG B 364 97.75 -109.20 43.99
N ASN B 365 96.77 -109.77 43.29
CA ASN B 365 96.93 -111.08 42.67
C ASN B 365 95.91 -111.16 41.52
N GLY B 366 96.40 -110.94 40.30
CA GLY B 366 95.56 -111.03 39.13
C GLY B 366 94.53 -109.93 39.02
N ARG B 367 94.79 -108.77 39.60
CA ARG B 367 93.83 -107.67 39.55
C ARG B 367 92.52 -108.19 40.10
N PRO B 368 92.46 -108.51 41.40
CA PRO B 368 91.22 -109.00 41.99
C PRO B 368 90.34 -107.92 42.61
N VAL B 369 90.88 -106.73 42.87
CA VAL B 369 90.16 -105.69 43.58
C VAL B 369 89.22 -104.96 42.63
N ASN B 370 88.07 -104.51 43.15
CA ASN B 370 87.14 -103.65 42.42
C ASN B 370 86.86 -102.43 43.29
N VAL B 371 87.11 -101.25 42.74
CA VAL B 371 86.99 -100.00 43.49
C VAL B 371 85.96 -99.11 42.82
N SER B 372 85.11 -98.49 43.65
CA SER B 372 84.04 -97.62 43.17
C SER B 372 83.88 -96.38 44.06
N ALA B 373 84.97 -95.72 44.41
CA ALA B 373 84.99 -94.73 45.47
C ALA B 373 84.82 -93.31 44.93
N SER B 374 84.84 -92.34 45.84
CA SER B 374 84.79 -90.91 45.53
C SER B 374 85.88 -90.18 46.29
N LEU B 375 86.61 -89.32 45.60
CA LEU B 375 87.77 -88.67 46.15
C LEU B 375 87.44 -87.28 46.64
N SER B 376 88.14 -86.86 47.70
CA SER B 376 88.00 -85.51 48.24
C SER B 376 89.30 -85.08 48.87
N ALA B 377 89.69 -83.84 48.63
CA ALA B 377 90.94 -83.34 49.16
C ALA B 377 90.73 -82.71 50.53
N VAL B 378 91.84 -82.56 51.25
CA VAL B 378 91.85 -81.99 52.59
C VAL B 378 92.73 -80.75 52.56
N ASP B 379 93.91 -80.90 51.97
CA ASP B 379 94.92 -79.85 51.91
C ASP B 379 95.22 -79.53 50.45
N LEU B 380 95.15 -78.26 50.10
CA LEU B 380 95.48 -77.79 48.75
C LEU B 380 96.49 -76.66 48.83
N PHE B 381 97.47 -76.69 47.92
CA PHE B 381 98.48 -75.64 47.88
C PHE B 381 97.86 -74.32 47.44
N TYR B 382 98.06 -73.29 48.26
CA TYR B 382 97.55 -71.96 47.95
C TYR B 382 98.53 -70.91 48.47
N SER B 383 99.17 -70.20 47.54
CA SER B 383 100.18 -69.21 47.88
C SER B 383 99.86 -67.91 47.16
N ARG B 384 99.53 -66.87 47.92
CA ARG B 384 99.20 -65.57 47.36
C ARG B 384 100.12 -64.54 48.00
N LEU B 385 100.96 -63.90 47.19
CA LEU B 385 101.99 -63.01 47.68
C LEU B 385 101.84 -61.63 47.04
N HIS B 386 102.04 -60.59 47.84
CA HIS B 386 102.01 -59.23 47.30
C HIS B 386 103.35 -58.89 46.69
N THR B 387 103.30 -58.24 45.53
CA THR B 387 104.49 -57.82 44.80
C THR B 387 104.33 -56.38 44.34
N SER B 388 105.44 -55.65 44.35
CA SER B 388 105.47 -54.27 43.87
C SER B 388 106.24 -54.10 42.58
N ASN B 389 107.14 -55.02 42.25
CA ASN B 389 107.92 -54.95 41.02
C ASN B 389 107.08 -55.47 39.86
N LEU B 390 106.75 -54.58 38.92
CA LEU B 390 105.92 -54.91 37.77
C LEU B 390 106.79 -54.85 36.52
N PRO B 391 107.41 -55.95 36.11
CA PRO B 391 108.39 -55.89 35.03
C PRO B 391 107.76 -55.76 33.66
N PHE B 392 107.00 -54.69 33.43
CA PHE B 392 106.38 -54.50 32.13
C PHE B 392 105.71 -53.14 32.10
N ALA B 393 105.46 -52.67 30.89
CA ALA B 393 104.82 -51.37 30.72
C ALA B 393 103.42 -51.41 31.32
N THR B 394 103.17 -50.48 32.23
CA THR B 394 101.88 -50.36 32.91
C THR B 394 100.99 -49.41 32.13
N LEU B 395 99.73 -49.33 32.53
CA LEU B 395 98.79 -48.34 31.98
C LEU B 395 98.58 -47.28 33.05
N ASP B 396 99.43 -46.25 33.03
CA ASP B 396 99.29 -45.12 33.95
C ASP B 396 98.09 -44.29 33.54
N LEU B 397 97.02 -44.38 34.35
CA LEU B 397 95.75 -43.74 34.02
C LEU B 397 95.58 -42.40 34.71
N ASP B 398 96.67 -41.69 34.98
CA ASP B 398 96.57 -40.39 35.63
C ASP B 398 96.29 -39.28 34.62
N THR B 399 96.95 -39.33 33.46
CA THR B 399 96.75 -38.29 32.47
C THR B 399 95.33 -38.30 31.93
N THR B 400 94.72 -39.47 31.79
CA THR B 400 93.37 -39.57 31.26
C THR B 400 92.31 -39.25 32.29
N PHE B 401 92.67 -39.09 33.57
CA PHE B 401 91.74 -38.72 34.62
C PHE B 401 91.97 -37.33 35.17
N SER B 402 93.12 -36.71 34.88
CA SER B 402 93.37 -35.37 35.37
C SER B 402 92.26 -34.42 34.99
N SER B 403 91.64 -34.64 33.84
CA SER B 403 90.53 -33.78 33.43
C SER B 403 89.38 -33.88 34.41
N PHE B 404 89.01 -35.10 34.79
CA PHE B 404 87.94 -35.29 35.75
C PHE B 404 88.28 -34.64 37.08
N LYS B 405 89.53 -34.80 37.53
CA LYS B 405 89.95 -34.17 38.77
C LYS B 405 89.82 -32.65 38.67
N HIS B 406 90.28 -32.09 37.56
CA HIS B 406 90.16 -30.66 37.33
C HIS B 406 88.70 -30.23 37.40
N VAL B 407 87.82 -30.98 36.76
CA VAL B 407 86.41 -30.62 36.71
C VAL B 407 85.83 -30.61 38.12
N LEU B 408 86.09 -31.68 38.88
CA LEU B 408 85.52 -31.77 40.21
C LEU B 408 86.05 -30.66 41.11
N ASP B 409 87.35 -30.35 41.00
CA ASP B 409 87.90 -29.27 41.81
C ASP B 409 87.25 -27.95 41.45
N SER B 410 87.07 -27.68 40.16
CA SER B 410 86.41 -26.45 39.75
C SER B 410 85.01 -26.38 40.30
N ILE B 411 84.26 -27.48 40.22
CA ILE B 411 82.88 -27.47 40.67
C ILE B 411 82.82 -27.29 42.18
N PHE B 412 83.74 -27.92 42.91
CA PHE B 412 83.79 -27.72 44.35
C PHE B 412 84.08 -26.27 44.69
N LEU B 413 85.03 -25.65 43.99
CA LEU B 413 85.30 -24.24 44.21
C LEU B 413 84.05 -23.42 43.96
N LEU B 414 83.34 -23.74 42.88
CA LEU B 414 82.13 -22.99 42.53
C LEU B 414 81.10 -23.10 43.64
N THR B 415 80.90 -24.31 44.17
CA THR B 415 79.83 -24.49 45.15
C THR B 415 80.22 -23.95 46.52
N GLN B 416 81.48 -24.12 46.92
CA GLN B 416 81.93 -23.52 48.18
C GLN B 416 81.94 -22.01 48.10
N ARG B 417 82.07 -21.44 46.91
CA ARG B 417 81.97 -19.99 46.78
C ARG B 417 80.59 -19.48 47.17
N VAL B 418 79.58 -20.35 47.23
CA VAL B 418 78.24 -19.89 47.59
C VAL B 418 78.21 -19.61 49.09
N LYS B 419 77.81 -18.40 49.45
CA LYS B 419 77.70 -17.98 50.83
C LYS B 419 76.24 -17.74 51.18
N ARG B 420 75.97 -17.64 52.47
CA ARG B 420 74.62 -17.40 52.96
C ARG B 420 74.12 -16.05 52.46
N ALA C 2 46.55 -20.12 47.88
CA ALA C 2 47.49 -20.69 48.88
C ALA C 2 46.70 -21.30 50.05
N LYS C 3 46.82 -22.61 50.22
CA LYS C 3 46.07 -23.34 51.24
C LYS C 3 46.98 -23.60 52.44
N LEU C 4 46.61 -23.02 53.58
CA LEU C 4 47.37 -23.17 54.82
C LEU C 4 46.43 -23.47 55.98
N GLU C 5 45.56 -24.47 55.79
CA GLU C 5 44.53 -24.81 56.75
C GLU C 5 44.73 -26.25 57.23
N THR C 6 44.51 -26.47 58.52
CA THR C 6 44.59 -27.80 59.10
C THR C 6 43.22 -28.46 59.02
N VAL C 7 43.18 -29.68 58.50
CA VAL C 7 41.95 -30.42 58.31
C VAL C 7 41.92 -31.56 59.32
N THR C 8 40.92 -31.57 60.19
CA THR C 8 40.75 -32.61 61.19
C THR C 8 39.66 -33.56 60.69
N LEU C 9 40.10 -34.60 59.99
CA LEU C 9 39.24 -35.60 59.37
C LEU C 9 38.66 -36.53 60.44
N GLY C 10 37.61 -37.27 60.07
CA GLY C 10 37.02 -38.24 60.97
C GLY C 10 36.24 -39.30 60.22
N ASN C 11 35.91 -40.36 60.96
CA ASN C 11 35.16 -41.50 60.41
C ASN C 11 35.97 -42.21 59.33
N ILE C 12 37.22 -42.54 59.69
CA ILE C 12 38.14 -43.24 58.80
C ILE C 12 37.95 -44.73 58.97
N GLY C 13 38.06 -45.47 57.88
CA GLY C 13 37.97 -46.91 57.92
C GLY C 13 36.54 -47.40 58.00
N LYS C 14 36.39 -48.72 57.91
CA LYS C 14 35.06 -49.33 57.95
C LYS C 14 34.41 -49.11 59.31
N ASP C 15 35.17 -49.26 60.39
CA ASP C 15 34.62 -49.05 61.73
C ASP C 15 34.19 -47.61 61.93
N GLY C 16 34.82 -46.67 61.24
CA GLY C 16 34.50 -45.27 61.39
C GLY C 16 35.02 -44.65 62.65
N LYS C 17 35.86 -45.35 63.41
CA LYS C 17 36.37 -44.86 64.68
C LYS C 17 37.77 -44.27 64.56
N GLN C 18 38.41 -44.40 63.40
CA GLN C 18 39.70 -43.78 63.18
C GLN C 18 39.54 -42.32 62.76
N THR C 19 40.45 -41.48 63.23
CA THR C 19 40.49 -40.07 62.88
C THR C 19 41.88 -39.72 62.40
N LEU C 20 41.98 -38.63 61.63
CA LEU C 20 43.24 -38.21 61.07
C LEU C 20 43.29 -36.69 61.07
N VAL C 21 44.50 -36.14 61.03
CA VAL C 21 44.70 -34.70 60.97
C VAL C 21 45.75 -34.41 59.90
N LEU C 22 45.48 -33.40 59.07
CA LEU C 22 46.36 -33.01 57.98
C LEU C 22 46.74 -31.56 58.17
N ASN C 23 47.97 -31.32 58.31
CA ASN C 23 48.61 -30.03 58.49
C ASN C 23 49.31 -29.62 57.21
N PRO C 24 49.18 -28.36 56.79
CA PRO C 24 49.86 -27.94 55.55
C PRO C 24 51.37 -28.04 55.67
N ARG C 25 51.99 -28.27 54.52
CA ARG C 25 53.43 -28.42 54.42
C ARG C 25 54.05 -27.47 53.41
N GLY C 26 53.24 -26.77 52.62
CA GLY C 26 53.75 -25.83 51.64
C GLY C 26 52.88 -25.72 50.41
N VAL C 27 53.31 -24.88 49.47
CA VAL C 27 52.63 -24.66 48.22
C VAL C 27 53.66 -24.70 47.09
N ASN C 28 53.23 -25.19 45.94
CA ASN C 28 54.12 -25.43 44.81
C ASN C 28 53.88 -24.36 43.75
N PRO C 29 54.59 -23.22 43.81
CA PRO C 29 54.20 -22.07 42.97
C PRO C 29 54.47 -22.28 41.48
N THR C 30 53.99 -23.39 40.92
CA THR C 30 54.12 -23.62 39.49
C THR C 30 52.80 -24.01 38.86
N ASN C 31 52.04 -24.88 39.53
CA ASN C 31 50.81 -25.43 38.99
C ASN C 31 49.64 -25.23 39.94
N GLY C 32 49.78 -24.32 40.89
CA GLY C 32 48.71 -24.08 41.84
C GLY C 32 48.39 -25.33 42.62
N VAL C 33 49.37 -25.84 43.35
CA VAL C 33 49.23 -27.06 44.12
C VAL C 33 49.55 -26.74 45.58
N ALA C 34 48.80 -27.34 46.49
CA ALA C 34 49.08 -27.23 47.91
C ALA C 34 49.69 -28.55 48.40
N SER C 35 49.96 -28.65 49.70
CA SER C 35 50.41 -29.92 50.26
C SER C 35 49.99 -30.07 51.72
N LEU C 36 49.48 -31.24 52.11
CA LEU C 36 49.11 -31.48 53.50
C LEU C 36 49.52 -32.88 53.92
N SER C 37 49.92 -33.01 55.19
CA SER C 37 50.44 -34.27 55.73
C SER C 37 49.95 -34.53 57.14
N GLN C 38 50.08 -35.78 57.56
CA GLN C 38 49.85 -36.14 58.95
C GLN C 38 51.01 -35.67 59.83
N ALA C 39 50.71 -35.50 61.12
CA ALA C 39 51.76 -35.23 62.10
C ALA C 39 52.64 -36.46 62.27
N GLY C 40 53.94 -36.28 62.11
CA GLY C 40 54.89 -37.39 62.22
C GLY C 40 56.22 -36.98 61.60
N ALA C 41 57.08 -37.98 61.42
CA ALA C 41 58.36 -37.75 60.74
C ALA C 41 58.74 -38.94 59.86
N VAL C 42 57.75 -39.64 59.32
CA VAL C 42 58.02 -40.85 58.53
C VAL C 42 57.14 -40.83 57.28
N PRO C 43 57.70 -41.17 56.10
CA PRO C 43 56.87 -41.16 54.88
C PRO C 43 55.70 -42.11 54.96
N ALA C 44 55.91 -43.33 55.45
CA ALA C 44 54.85 -44.32 55.48
C ALA C 44 53.78 -43.95 56.50
N LEU C 45 54.20 -43.43 57.66
CA LEU C 45 53.23 -43.04 58.68
C LEU C 45 52.51 -41.75 58.34
N GLU C 46 53.05 -40.93 57.44
CA GLU C 46 52.44 -39.67 57.07
C GLU C 46 51.68 -39.81 55.77
N LYS C 47 50.38 -39.51 55.82
CA LYS C 47 49.52 -39.60 54.64
C LYS C 47 49.58 -38.28 53.87
N ARG C 48 49.65 -38.38 52.55
CA ARG C 48 49.80 -37.24 51.66
C ARG C 48 48.45 -36.81 51.11
N VAL C 49 48.22 -35.50 51.05
CA VAL C 49 47.07 -34.93 50.33
C VAL C 49 47.55 -33.71 49.55
N THR C 50 47.52 -33.81 48.21
CA THR C 50 47.90 -32.74 47.32
C THR C 50 46.67 -32.33 46.51
N VAL C 51 46.18 -31.12 46.76
CA VAL C 51 45.14 -30.55 45.92
C VAL C 51 45.80 -29.60 44.93
N SER C 52 45.15 -29.45 43.78
CA SER C 52 45.68 -28.60 42.72
C SER C 52 44.52 -28.00 41.96
N VAL C 53 44.62 -26.72 41.65
CA VAL C 53 43.61 -26.01 40.88
C VAL C 53 44.30 -25.28 39.74
N SER C 54 43.76 -25.43 38.54
CA SER C 54 44.32 -24.81 37.34
C SER C 54 43.37 -23.75 36.81
N GLN C 55 43.86 -22.95 35.87
CA GLN C 55 43.08 -21.97 35.15
C GLN C 55 43.40 -22.10 33.68
N PRO C 56 42.50 -21.67 32.80
CA PRO C 56 42.77 -21.77 31.36
C PRO C 56 43.93 -20.86 30.95
N SER C 57 44.88 -21.42 30.21
CA SER C 57 45.86 -20.55 29.57
C SER C 57 45.87 -20.66 28.05
N ARG C 58 46.33 -21.79 27.50
CA ARG C 58 46.26 -21.99 26.05
C ARG C 58 45.93 -23.41 25.64
N ASN C 59 46.40 -24.38 26.41
CA ASN C 59 46.29 -25.78 26.00
C ASN C 59 44.89 -26.33 26.20
N ARG C 60 44.10 -25.71 27.07
CA ARG C 60 42.78 -26.22 27.41
C ARG C 60 41.88 -25.03 27.70
N LYS C 61 40.58 -25.28 27.68
CA LYS C 61 39.59 -24.23 27.86
C LYS C 61 38.67 -24.54 29.04
N ASN C 62 39.07 -25.48 29.89
CA ASN C 62 38.29 -25.87 31.04
C ASN C 62 39.18 -25.96 32.26
N TYR C 63 38.60 -25.74 33.43
CA TYR C 63 39.33 -25.82 34.68
C TYR C 63 39.79 -27.25 34.94
N LYS C 64 40.64 -27.40 35.94
CA LYS C 64 41.06 -28.72 36.39
C LYS C 64 41.31 -28.65 37.89
N VAL C 65 40.56 -29.47 38.65
CA VAL C 65 40.74 -29.65 40.08
C VAL C 65 41.27 -31.06 40.27
N GLN C 66 42.54 -31.18 40.60
CA GLN C 66 43.19 -32.46 40.85
C GLN C 66 43.36 -32.67 42.34
N VAL C 67 43.33 -33.93 42.74
CA VAL C 67 43.48 -34.30 44.15
C VAL C 67 44.15 -35.66 44.20
N LYS C 68 45.34 -35.72 44.78
CA LYS C 68 46.11 -36.94 44.90
C LYS C 68 46.35 -37.22 46.38
N ILE C 69 45.88 -38.38 46.85
CA ILE C 69 46.04 -38.79 48.24
C ILE C 69 46.83 -40.08 48.28
N GLN C 70 47.85 -40.10 49.15
CA GLN C 70 48.68 -41.28 49.37
C GLN C 70 48.42 -41.76 50.80
N ASN C 71 48.08 -43.04 50.93
CA ASN C 71 47.88 -43.65 52.25
C ASN C 71 48.79 -44.87 52.38
N PRO C 72 50.11 -44.65 52.47
CA PRO C 72 51.04 -45.78 52.52
C PRO C 72 50.79 -46.65 53.73
N THR C 73 50.98 -47.97 53.54
CA THR C 73 50.88 -48.91 54.64
C THR C 73 52.20 -48.93 55.41
N ALA C 74 52.17 -48.46 56.65
CA ALA C 74 53.37 -48.36 57.48
C ALA C 74 53.50 -49.63 58.32
N CYS C 75 54.54 -50.41 58.06
CA CYS C 75 54.81 -51.63 58.80
C CYS C 75 55.72 -51.34 59.99
N THR C 76 55.41 -51.96 61.13
CA THR C 76 56.20 -51.73 62.34
C THR C 76 57.47 -52.57 62.34
N ALA C 77 57.33 -53.89 62.33
CA ALA C 77 58.47 -54.79 62.38
C ALA C 77 59.11 -54.88 61.00
N ASN C 78 60.30 -54.30 60.84
CA ASN C 78 61.01 -54.34 59.57
C ASN C 78 62.50 -54.53 59.77
N GLY C 79 62.89 -55.23 60.84
CA GLY C 79 64.29 -55.48 61.14
C GLY C 79 64.96 -54.42 61.99
N SER C 80 64.30 -53.29 62.21
CA SER C 80 64.84 -52.20 63.02
C SER C 80 63.69 -51.22 63.27
N CYS C 81 64.00 -50.11 63.95
CA CYS C 81 63.01 -49.07 64.20
C CYS C 81 63.00 -48.06 63.04
N ASP C 82 62.72 -48.59 61.85
CA ASP C 82 62.60 -47.79 60.64
C ASP C 82 61.36 -48.24 59.88
N PRO C 83 60.17 -47.83 60.33
CA PRO C 83 58.95 -48.24 59.62
C PRO C 83 58.96 -47.84 58.16
N SER C 84 58.99 -48.83 57.27
CA SER C 84 59.04 -48.61 55.84
C SER C 84 57.64 -48.76 55.24
N VAL C 85 57.56 -48.74 53.91
CA VAL C 85 56.30 -48.86 53.18
C VAL C 85 56.31 -50.17 52.40
N THR C 86 55.14 -50.81 52.31
CA THR C 86 55.01 -52.06 51.57
C THR C 86 53.90 -51.97 50.54
N ARG C 87 52.83 -51.24 50.85
CA ARG C 87 51.69 -51.07 49.94
C ARG C 87 51.38 -49.59 49.85
N GLN C 88 51.61 -49.02 48.67
CA GLN C 88 51.35 -47.61 48.43
C GLN C 88 49.91 -47.46 47.96
N ALA C 89 49.14 -46.63 48.68
CA ALA C 89 47.72 -46.45 48.41
C ALA C 89 47.55 -45.16 47.61
N TYR C 90 47.36 -45.32 46.30
CA TYR C 90 47.11 -44.22 45.39
C TYR C 90 45.62 -43.89 45.35
N ALA C 91 45.29 -42.60 45.40
CA ALA C 91 43.91 -42.15 45.21
C ALA C 91 43.95 -40.88 44.38
N ASP C 92 43.61 -40.99 43.10
CA ASP C 92 43.72 -39.88 42.16
C ASP C 92 42.32 -39.46 41.71
N VAL C 93 42.01 -38.17 41.88
CA VAL C 93 40.73 -37.60 41.50
C VAL C 93 41.00 -36.42 40.58
N THR C 94 40.25 -36.34 39.48
CA THR C 94 40.45 -35.29 38.49
C THR C 94 39.11 -34.75 38.04
N PHE C 95 38.99 -33.42 37.98
CA PHE C 95 37.78 -32.75 37.55
C PHE C 95 38.05 -31.85 36.36
N SER C 96 36.97 -31.49 35.65
CA SER C 96 37.07 -30.64 34.47
C SER C 96 35.77 -29.87 34.33
N PHE C 97 35.82 -28.57 34.56
CA PHE C 97 34.63 -27.73 34.54
C PHE C 97 34.73 -26.68 33.43
N THR C 98 33.63 -26.51 32.72
CA THR C 98 33.58 -25.50 31.68
C THR C 98 33.60 -24.12 32.30
N GLN C 99 34.21 -23.17 31.59
CA GLN C 99 34.38 -21.82 32.16
C GLN C 99 33.04 -21.12 32.36
N TYR C 100 31.98 -21.62 31.74
CA TYR C 100 30.63 -21.10 31.94
C TYR C 100 29.80 -21.95 32.89
N SER C 101 30.43 -22.83 33.66
CA SER C 101 29.71 -23.56 34.69
C SER C 101 29.41 -22.64 35.87
N THR C 102 28.92 -23.23 36.96
CA THR C 102 28.41 -22.47 38.10
C THR C 102 28.93 -23.08 39.39
N ASP C 103 29.01 -22.26 40.44
CA ASP C 103 29.28 -22.79 41.76
C ASP C 103 28.20 -23.78 42.17
N GLU C 104 26.96 -23.53 41.75
CA GLU C 104 25.88 -24.48 41.98
C GLU C 104 26.19 -25.83 41.34
N GLU C 105 26.59 -25.83 40.07
CA GLU C 105 26.90 -27.09 39.40
C GLU C 105 28.10 -27.78 40.03
N ARG C 106 29.13 -27.02 40.39
CA ARG C 106 30.29 -27.62 41.04
C ARG C 106 29.92 -28.23 42.38
N ALA C 107 29.13 -27.52 43.19
CA ALA C 107 28.66 -28.08 44.44
C ALA C 107 27.79 -29.31 44.20
N PHE C 108 27.02 -29.32 43.12
CA PHE C 108 26.18 -30.47 42.80
C PHE C 108 27.04 -31.71 42.59
N VAL C 109 28.05 -31.61 41.72
CA VAL C 109 28.93 -32.76 41.50
C VAL C 109 29.67 -33.10 42.78
N ARG C 110 30.06 -32.09 43.54
CA ARG C 110 30.81 -32.30 44.79
C ARG C 110 29.99 -33.14 45.77
N THR C 111 28.75 -32.73 46.03
CA THR C 111 27.93 -33.46 46.96
C THR C 111 27.54 -34.82 46.42
N GLU C 112 27.30 -34.94 45.11
CA GLU C 112 26.97 -36.26 44.56
C GLU C 112 28.13 -37.23 44.75
N LEU C 113 29.36 -36.75 44.50
CA LEU C 113 30.54 -37.57 44.75
C LEU C 113 30.61 -37.99 46.22
N ALA C 114 30.43 -37.03 47.13
CA ALA C 114 30.53 -37.34 48.55
C ALA C 114 29.49 -38.38 48.96
N ALA C 115 28.26 -38.21 48.49
CA ALA C 115 27.19 -39.13 48.86
C ALA C 115 27.42 -40.52 48.29
N LEU C 116 27.87 -40.61 47.04
CA LEU C 116 28.16 -41.93 46.48
C LEU C 116 29.29 -42.60 47.24
N LEU C 117 30.32 -41.84 47.62
CA LEU C 117 31.41 -42.41 48.41
C LEU C 117 30.91 -42.89 49.76
N ALA C 118 30.00 -42.15 50.39
CA ALA C 118 29.51 -42.52 51.70
C ALA C 118 28.52 -43.69 51.65
N SER C 119 27.80 -43.84 50.53
CA SER C 119 26.80 -44.88 50.40
C SER C 119 27.47 -46.25 50.27
N PRO C 120 26.72 -47.34 50.48
CA PRO C 120 27.27 -48.68 50.25
C PRO C 120 27.42 -49.07 48.79
N LEU C 121 27.27 -48.12 47.85
CA LEU C 121 27.48 -48.42 46.44
C LEU C 121 28.96 -48.60 46.12
N LEU C 122 29.76 -47.54 46.33
CA LEU C 122 31.16 -47.58 45.96
C LEU C 122 32.01 -48.37 46.95
N ILE C 123 31.51 -48.60 48.16
CA ILE C 123 32.30 -49.35 49.15
C ILE C 123 32.56 -50.76 48.67
N ASP C 124 31.54 -51.40 48.06
CA ASP C 124 31.69 -52.78 47.61
C ASP C 124 32.68 -52.90 46.45
N ALA C 125 32.73 -51.89 45.58
CA ALA C 125 33.64 -51.93 44.43
C ALA C 125 35.05 -51.47 44.79
N ILE C 126 35.22 -50.65 45.81
CA ILE C 126 36.55 -50.18 46.18
C ILE C 126 37.22 -51.11 47.19
N ASP C 127 36.46 -51.69 48.10
CA ASP C 127 37.04 -52.54 49.14
C ASP C 127 36.99 -54.01 48.75
N GLN C 128 35.78 -54.53 48.53
CA GLN C 128 35.62 -55.94 48.21
C GLN C 128 35.93 -56.25 46.74
N LEU C 129 36.02 -55.24 45.89
CA LEU C 129 36.37 -55.46 44.49
C LEU C 129 35.38 -56.40 43.81
N ASN C 130 34.16 -55.95 43.58
CA ASN C 130 33.17 -56.76 42.88
C ASN C 130 32.60 -56.00 41.70
N PRO C 131 32.24 -56.69 40.62
CA PRO C 131 31.62 -56.04 39.46
C PRO C 131 30.12 -55.84 39.68
N ALA C 132 29.51 -55.10 38.75
CA ALA C 132 28.10 -54.75 38.81
C ALA C 132 27.29 -55.93 38.28
N TYR C 133 26.74 -56.72 39.21
CA TYR C 133 26.01 -57.94 38.85
C TYR C 133 24.70 -57.63 38.14
N ALA D 2 29.46 -52.57 41.57
CA ALA D 2 29.11 -53.13 42.91
C ALA D 2 27.88 -54.03 42.83
N LYS D 3 26.73 -53.40 42.55
CA LYS D 3 25.48 -54.13 42.36
C LYS D 3 24.42 -53.13 41.91
N LEU D 4 23.53 -53.61 41.05
CA LEU D 4 22.43 -52.78 40.53
C LEU D 4 21.38 -52.65 41.61
N GLU D 5 21.15 -51.43 42.08
CA GLU D 5 20.18 -51.19 43.14
C GLU D 5 19.92 -49.69 43.22
N THR D 6 18.76 -49.34 43.76
CA THR D 6 18.41 -47.94 43.99
C THR D 6 19.22 -47.44 45.19
N VAL D 7 20.09 -46.48 44.95
CA VAL D 7 20.98 -45.95 45.97
C VAL D 7 20.42 -44.60 46.41
N THR D 8 19.94 -44.53 47.65
CA THR D 8 19.32 -43.32 48.18
C THR D 8 20.41 -42.44 48.76
N LEU D 9 20.83 -41.42 48.00
CA LEU D 9 21.85 -40.50 48.46
C LEU D 9 21.22 -39.46 49.38
N GLY D 10 22.09 -38.63 49.97
CA GLY D 10 21.65 -37.56 50.84
C GLY D 10 22.59 -36.38 50.77
N ASN D 11 22.05 -35.20 51.05
CA ASN D 11 22.84 -33.97 51.05
C ASN D 11 23.49 -33.71 49.70
N ILE D 12 22.68 -33.44 48.67
CA ILE D 12 23.19 -33.09 47.34
C ILE D 12 23.02 -31.59 47.13
N GLY D 13 23.84 -31.04 46.24
CA GLY D 13 23.80 -29.63 45.96
C GLY D 13 24.63 -28.84 46.95
N LYS D 14 23.98 -28.11 47.86
CA LYS D 14 24.73 -27.45 48.93
C LYS D 14 23.99 -27.39 50.26
N ASP D 15 23.00 -28.25 50.52
CA ASP D 15 22.26 -28.20 51.77
C ASP D 15 21.99 -29.62 52.25
N GLY D 16 21.88 -29.78 53.58
CA GLY D 16 21.65 -31.07 54.19
C GLY D 16 20.26 -31.61 54.03
N LYS D 17 19.36 -30.87 53.39
CA LYS D 17 17.99 -31.31 53.18
C LYS D 17 17.77 -31.98 51.83
N GLN D 18 18.52 -31.58 50.80
CA GLN D 18 18.37 -32.17 49.49
C GLN D 18 18.81 -33.64 49.51
N THR D 19 18.19 -34.44 48.64
CA THR D 19 18.53 -35.84 48.47
C THR D 19 18.47 -36.18 46.99
N LEU D 20 18.66 -37.46 46.67
CA LEU D 20 18.62 -37.89 45.29
C LEU D 20 18.57 -39.41 45.25
N VAL D 21 17.80 -39.95 44.31
CA VAL D 21 17.64 -41.39 44.14
C VAL D 21 18.30 -41.78 42.82
N LEU D 22 19.01 -42.90 42.83
CA LEU D 22 19.74 -43.37 41.66
C LEU D 22 19.39 -44.84 41.42
N ASN D 23 18.56 -45.10 40.35
CA ASN D 23 18.25 -46.46 39.93
C ASN D 23 19.19 -46.92 38.82
N PRO D 24 19.42 -48.22 38.70
CA PRO D 24 20.34 -48.73 37.68
C PRO D 24 19.70 -48.71 36.30
N ARG D 25 20.57 -48.71 35.28
CA ARG D 25 20.14 -48.70 33.88
C ARG D 25 20.62 -49.95 33.14
N GLY D 26 21.14 -50.94 33.85
CA GLY D 26 21.69 -52.13 33.21
C GLY D 26 23.17 -51.99 32.92
N VAL D 27 23.85 -53.13 32.89
CA VAL D 27 25.27 -53.20 32.61
C VAL D 27 25.46 -53.56 31.15
N ASN D 28 26.60 -53.14 30.58
CA ASN D 28 26.91 -53.43 29.20
C ASN D 28 27.93 -54.55 29.14
N PRO D 29 27.57 -55.76 28.73
CA PRO D 29 28.58 -56.82 28.62
C PRO D 29 29.66 -56.51 27.60
N THR D 30 29.40 -55.58 26.68
CA THR D 30 30.41 -55.23 25.68
C THR D 30 31.66 -54.63 26.29
N ASN D 31 31.53 -53.92 27.41
CA ASN D 31 32.69 -53.34 28.08
C ASN D 31 32.73 -53.73 29.55
N GLY D 32 31.57 -53.76 30.20
CA GLY D 32 31.49 -54.02 31.62
C GLY D 32 31.62 -52.76 32.47
N VAL D 33 30.73 -51.80 32.24
CA VAL D 33 30.70 -50.55 33.00
C VAL D 33 29.28 -50.29 33.46
N ALA D 34 29.08 -50.07 34.75
CA ALA D 34 27.75 -49.88 35.29
C ALA D 34 27.21 -48.50 34.88
N SER D 35 25.94 -48.27 35.22
CA SER D 35 25.33 -46.96 34.99
C SER D 35 24.12 -46.82 35.91
N LEU D 36 24.11 -45.74 36.69
CA LEU D 36 22.98 -45.40 37.55
C LEU D 36 22.59 -43.96 37.27
N SER D 37 21.29 -43.68 37.41
CA SER D 37 20.80 -42.33 37.20
C SER D 37 19.39 -42.21 37.74
N GLN D 38 18.86 -40.99 37.68
CA GLN D 38 17.57 -40.66 38.26
C GLN D 38 16.48 -40.85 37.20
N ALA D 39 15.23 -40.93 37.63
CA ALA D 39 14.11 -41.08 36.71
C ALA D 39 14.14 -40.01 35.62
N GLY D 40 13.95 -40.44 34.38
CA GLY D 40 13.95 -39.54 33.24
C GLY D 40 13.93 -40.28 31.92
N ALA D 41 14.30 -39.61 30.84
CA ALA D 41 14.36 -40.24 29.51
C ALA D 41 15.64 -39.91 28.76
N VAL D 42 16.16 -38.71 28.93
CA VAL D 42 17.32 -38.23 28.18
C VAL D 42 18.50 -38.12 29.13
N PRO D 43 19.67 -38.67 28.79
CA PRO D 43 20.81 -38.55 29.71
C PRO D 43 21.20 -37.11 30.00
N ALA D 44 21.08 -36.22 29.02
CA ALA D 44 21.39 -34.82 29.27
C ALA D 44 20.53 -34.27 30.40
N LEU D 45 19.23 -34.56 30.35
CA LEU D 45 18.32 -34.16 31.43
C LEU D 45 18.59 -34.93 32.72
N GLU D 46 19.03 -36.17 32.61
CA GLU D 46 19.29 -37.02 33.76
C GLU D 46 20.72 -36.84 34.24
N LYS D 47 21.01 -37.46 35.38
CA LYS D 47 22.33 -37.41 35.99
C LYS D 47 22.90 -38.82 35.99
N ARG D 48 24.11 -38.98 35.46
CA ARG D 48 24.70 -40.30 35.31
C ARG D 48 25.90 -40.51 36.23
N VAL D 49 26.01 -41.74 36.74
CA VAL D 49 27.20 -42.21 37.43
C VAL D 49 27.56 -43.60 36.90
N THR D 50 28.81 -43.77 36.46
CA THR D 50 29.37 -45.06 36.07
C THR D 50 30.44 -45.50 37.05
N VAL D 51 30.55 -46.83 37.20
CA VAL D 51 31.63 -47.45 37.93
C VAL D 51 32.17 -48.62 37.12
N SER D 52 33.43 -48.94 37.37
CA SER D 52 34.12 -50.01 36.65
C SER D 52 35.18 -50.60 37.56
N VAL D 53 35.36 -51.91 37.49
CA VAL D 53 36.31 -52.63 38.30
C VAL D 53 37.09 -53.60 37.41
N SER D 54 38.41 -53.64 37.60
CA SER D 54 39.28 -54.54 36.84
C SER D 54 40.19 -55.28 37.79
N GLN D 55 40.63 -56.45 37.38
CA GLN D 55 41.45 -57.34 38.19
C GLN D 55 42.75 -57.66 37.48
N PRO D 56 43.76 -58.13 38.20
CA PRO D 56 45.08 -58.36 37.59
C PRO D 56 44.99 -59.28 36.37
N SER D 57 45.68 -58.87 35.31
CA SER D 57 45.68 -59.59 34.05
C SER D 57 46.90 -59.12 33.27
N ARG D 58 46.93 -59.41 31.97
CA ARG D 58 48.09 -59.02 31.18
C ARG D 58 48.19 -57.50 31.01
N ASN D 59 47.10 -56.77 31.23
CA ASN D 59 47.14 -55.33 31.07
C ASN D 59 47.87 -54.69 32.23
N ARG D 60 47.40 -54.89 33.45
CA ARG D 60 47.96 -54.29 34.64
C ARG D 60 48.14 -55.35 35.73
N LYS D 61 48.68 -54.91 36.87
CA LYS D 61 48.91 -55.78 38.00
C LYS D 61 48.28 -55.19 39.27
N ASN D 62 47.28 -54.33 39.11
CA ASN D 62 46.63 -53.66 40.24
C ASN D 62 45.12 -53.82 40.12
N TYR D 63 44.44 -53.49 41.21
CA TYR D 63 42.99 -53.56 41.27
C TYR D 63 42.45 -52.18 40.97
N LYS D 64 42.15 -51.92 39.70
CA LYS D 64 41.72 -50.60 39.28
C LYS D 64 40.21 -50.44 39.46
N VAL D 65 39.83 -49.41 40.20
CA VAL D 65 38.43 -49.05 40.40
C VAL D 65 38.25 -47.66 39.80
N GLN D 66 37.57 -47.58 38.67
CA GLN D 66 37.28 -46.33 38.01
C GLN D 66 35.86 -45.89 38.35
N VAL D 67 35.70 -44.59 38.60
CA VAL D 67 34.39 -44.02 38.86
C VAL D 67 34.28 -42.74 38.05
N LYS D 68 33.14 -42.56 37.38
CA LYS D 68 32.87 -41.34 36.64
C LYS D 68 31.46 -40.87 36.97
N ILE D 69 31.25 -39.57 37.00
CA ILE D 69 29.94 -39.00 37.27
C ILE D 69 29.78 -37.83 36.32
N GLN D 70 28.88 -37.98 35.35
CA GLN D 70 28.65 -36.95 34.35
C GLN D 70 27.25 -36.39 34.54
N ASN D 71 27.19 -35.07 34.72
CA ASN D 71 25.95 -34.34 34.95
C ASN D 71 25.94 -33.19 33.96
N PRO D 72 25.89 -33.50 32.67
CA PRO D 72 25.90 -32.43 31.66
C PRO D 72 24.68 -31.53 31.76
N THR D 73 24.88 -30.27 31.42
CA THR D 73 23.83 -29.27 31.50
C THR D 73 22.98 -29.35 30.23
N ALA D 74 21.69 -29.65 30.41
CA ALA D 74 20.77 -29.78 29.29
C ALA D 74 20.11 -28.43 29.04
N CYS D 75 20.27 -27.92 27.82
CA CYS D 75 19.60 -26.69 27.40
C CYS D 75 18.47 -27.08 26.45
N THR D 76 17.27 -26.57 26.73
CA THR D 76 16.06 -26.87 25.97
C THR D 76 15.31 -25.60 25.60
N ALA D 77 16.03 -24.56 25.18
CA ALA D 77 15.44 -23.30 24.76
C ALA D 77 16.54 -22.37 24.27
N ASN D 78 16.14 -21.29 23.59
CA ASN D 78 17.07 -20.29 23.07
C ASN D 78 18.10 -20.89 22.13
N GLY D 79 17.65 -21.36 20.97
CA GLY D 79 18.54 -22.06 20.07
C GLY D 79 18.27 -23.55 20.07
N SER D 80 19.05 -24.31 20.84
CA SER D 80 18.90 -25.76 20.89
C SER D 80 17.54 -26.10 21.49
N CYS D 81 16.60 -26.51 20.64
CA CYS D 81 15.26 -26.86 21.13
C CYS D 81 15.28 -28.17 21.90
N ASP D 82 15.92 -29.20 21.33
CA ASP D 82 16.06 -30.46 22.02
C ASP D 82 17.13 -30.37 23.11
N PRO D 83 17.04 -31.19 24.16
CA PRO D 83 18.07 -31.14 25.21
C PRO D 83 19.47 -31.33 24.66
N SER D 84 20.26 -30.27 24.73
CA SER D 84 21.63 -30.27 24.24
C SER D 84 22.59 -30.09 25.41
N VAL D 85 23.71 -30.80 25.37
CA VAL D 85 24.71 -30.68 26.42
C VAL D 85 25.51 -29.40 26.16
N THR D 86 25.43 -28.46 27.10
CA THR D 86 26.14 -27.19 27.00
C THR D 86 27.41 -27.18 27.83
N ARG D 87 27.29 -27.42 29.14
CA ARG D 87 28.42 -27.52 30.07
C ARG D 87 28.59 -28.96 30.50
N GLN D 88 29.79 -29.50 30.33
CA GLN D 88 30.13 -30.85 30.76
C GLN D 88 31.11 -30.81 31.92
N ALA D 89 30.88 -31.65 32.92
CA ALA D 89 31.71 -31.74 34.12
C ALA D 89 32.18 -33.17 34.32
N TYR D 90 33.49 -33.33 34.51
CA TYR D 90 34.11 -34.63 34.71
C TYR D 90 34.16 -34.97 36.21
N ALA D 91 34.18 -36.28 36.51
CA ALA D 91 34.40 -36.73 37.88
C ALA D 91 35.27 -37.98 37.94
N ASP D 92 36.35 -38.02 37.16
CA ASP D 92 37.18 -39.21 37.09
C ASP D 92 37.89 -39.45 38.43
N VAL D 93 37.51 -40.52 39.12
CA VAL D 93 38.16 -40.93 40.36
C VAL D 93 38.72 -42.33 40.15
N THR D 94 40.03 -42.46 40.32
CA THR D 94 40.75 -43.70 40.05
C THR D 94 41.33 -44.22 41.37
N PHE D 95 41.03 -45.48 41.69
CA PHE D 95 41.62 -46.14 42.83
C PHE D 95 42.51 -47.27 42.34
N SER D 96 43.77 -47.26 42.78
CA SER D 96 44.74 -48.28 42.44
C SER D 96 45.38 -48.81 43.72
N PHE D 97 45.60 -50.12 43.77
CA PHE D 97 46.18 -50.75 44.96
C PHE D 97 47.04 -51.93 44.54
N THR D 98 47.92 -52.32 45.45
CA THR D 98 48.88 -53.39 45.19
C THR D 98 48.22 -54.75 45.40
N GLN D 99 48.82 -55.76 44.78
CA GLN D 99 48.26 -57.11 44.82
C GLN D 99 48.09 -57.58 46.26
N TYR D 100 48.98 -57.15 47.16
CA TYR D 100 49.01 -57.62 48.53
C TYR D 100 48.41 -56.61 49.51
N SER D 101 47.40 -55.86 49.06
CA SER D 101 46.70 -54.89 49.88
C SER D 101 45.51 -55.53 50.58
N THR D 102 45.03 -54.87 51.63
CA THR D 102 43.91 -55.37 52.40
C THR D 102 42.74 -54.39 52.37
N ASP D 103 41.61 -54.89 52.84
CA ASP D 103 40.36 -54.14 52.74
C ASP D 103 40.45 -52.81 53.47
N GLU D 104 41.16 -52.76 54.58
CA GLU D 104 41.23 -51.51 55.33
C GLU D 104 42.11 -50.50 54.61
N GLU D 105 43.21 -50.96 54.01
CA GLU D 105 43.96 -50.09 53.11
C GLU D 105 43.04 -49.52 52.04
N ARG D 106 42.14 -50.34 51.51
CA ARG D 106 41.24 -49.88 50.46
C ARG D 106 40.25 -48.84 50.97
N ALA D 107 39.67 -49.07 52.15
CA ALA D 107 38.66 -48.14 52.66
C ALA D 107 39.26 -46.88 53.24
N PHE D 108 40.55 -46.88 53.58
CA PHE D 108 41.18 -45.69 54.14
C PHE D 108 41.07 -44.52 53.17
N VAL D 109 41.47 -44.75 51.91
CA VAL D 109 41.41 -43.69 50.90
C VAL D 109 39.97 -43.25 50.65
N ARG D 110 39.03 -44.21 50.66
CA ARG D 110 37.63 -43.89 50.43
C ARG D 110 37.10 -42.92 51.48
N THR D 111 37.32 -43.24 52.76
CA THR D 111 36.91 -42.32 53.82
C THR D 111 37.66 -41.00 53.70
N GLU D 112 38.95 -41.05 53.36
CA GLU D 112 39.73 -39.83 53.18
C GLU D 112 39.03 -38.89 52.21
N LEU D 113 38.66 -39.42 51.05
CA LEU D 113 38.09 -38.58 50.00
C LEU D 113 36.67 -38.15 50.33
N ALA D 114 35.86 -39.06 50.89
CA ALA D 114 34.48 -38.72 51.20
C ALA D 114 34.41 -37.59 52.21
N ALA D 115 35.25 -37.63 53.24
CA ALA D 115 35.19 -36.57 54.23
C ALA D 115 36.00 -35.34 53.81
N LEU D 116 36.97 -35.48 52.92
CA LEU D 116 37.63 -34.31 52.38
C LEU D 116 36.67 -33.50 51.50
N LEU D 117 35.83 -34.18 50.73
CA LEU D 117 34.89 -33.46 49.89
C LEU D 117 33.92 -32.63 50.72
N ALA D 118 33.70 -33.01 51.97
CA ALA D 118 32.89 -32.20 52.88
C ALA D 118 33.74 -31.20 53.65
N SER D 119 35.04 -31.47 53.82
CA SER D 119 35.92 -30.53 54.49
C SER D 119 35.90 -29.18 53.77
N PRO D 120 36.37 -28.12 54.43
CA PRO D 120 36.31 -26.78 53.82
C PRO D 120 37.33 -26.57 52.71
N LEU D 121 38.43 -27.32 52.72
CA LEU D 121 39.45 -27.16 51.69
C LEU D 121 38.88 -27.46 50.31
N LEU D 122 38.37 -28.67 50.12
CA LEU D 122 37.86 -29.04 48.79
C LEU D 122 36.66 -28.19 48.40
N ILE D 123 35.86 -27.78 49.39
CA ILE D 123 34.64 -27.02 49.09
C ILE D 123 34.98 -25.70 48.40
N ASP D 124 35.93 -24.95 48.97
CA ASP D 124 36.30 -23.68 48.35
C ASP D 124 37.34 -23.86 47.25
N ALA D 125 37.97 -25.04 47.17
CA ALA D 125 38.84 -25.33 46.04
C ALA D 125 38.04 -25.65 44.78
N ILE D 126 36.84 -26.20 44.94
CA ILE D 126 36.00 -26.59 43.82
C ILE D 126 34.99 -25.49 43.53
N ASP D 127 34.11 -25.25 44.49
CA ASP D 127 33.01 -24.30 44.32
C ASP D 127 33.58 -22.92 44.06
N GLN D 128 34.29 -22.35 45.04
CA GLN D 128 34.84 -21.01 44.88
C GLN D 128 36.13 -20.99 44.06
N LEU D 129 36.77 -22.15 43.86
CA LEU D 129 38.01 -22.23 43.09
C LEU D 129 39.10 -21.37 43.75
N ASN D 130 39.33 -21.60 45.03
CA ASN D 130 40.37 -20.84 45.70
C ASN D 130 41.71 -21.22 45.08
N PRO D 131 42.47 -20.26 44.55
CA PRO D 131 43.75 -20.60 43.92
C PRO D 131 44.71 -21.24 44.92
N ALA D 132 45.54 -22.15 44.43
CA ALA D 132 46.54 -22.86 45.22
C ALA D 132 47.96 -22.55 44.75
N TYR D 133 48.15 -21.36 44.19
CA TYR D 133 49.47 -20.90 43.78
C TYR D 133 50.30 -20.60 45.01
N ALA E 2 -105.73 -45.12 64.02
CA ALA E 2 -105.15 -43.80 64.40
C ALA E 2 -105.90 -42.65 63.70
N LYS E 3 -107.21 -42.60 63.89
CA LYS E 3 -108.01 -41.53 63.31
C LYS E 3 -107.70 -40.19 63.95
N LEU E 4 -107.79 -39.14 63.15
CA LEU E 4 -107.48 -37.79 63.60
C LEU E 4 -108.76 -37.05 63.97
N GLU E 5 -108.79 -36.47 65.16
CA GLU E 5 -109.95 -35.74 65.63
C GLU E 5 -109.49 -34.79 66.73
N THR E 6 -110.45 -34.21 67.45
CA THR E 6 -110.14 -33.28 68.52
C THR E 6 -109.84 -34.05 69.81
N VAL E 7 -108.73 -33.70 70.45
CA VAL E 7 -108.29 -34.33 71.69
C VAL E 7 -108.49 -33.33 72.82
N THR E 8 -109.09 -33.80 73.90
CA THR E 8 -109.35 -33.00 75.10
C THR E 8 -108.37 -33.45 76.17
N LEU E 9 -107.25 -32.75 76.23
CA LEU E 9 -106.16 -33.05 77.15
C LEU E 9 -106.47 -32.41 78.49
N GLY E 10 -107.00 -33.18 79.43
CA GLY E 10 -107.40 -32.61 80.72
C GLY E 10 -106.45 -32.89 81.86
N ASN E 11 -106.60 -32.15 82.95
CA ASN E 11 -105.76 -32.37 84.13
C ASN E 11 -104.29 -32.12 83.82
N ILE E 12 -104.00 -30.87 83.48
CA ILE E 12 -102.68 -30.45 82.99
C ILE E 12 -102.11 -29.42 83.96
N GLY E 13 -100.79 -29.34 83.99
CA GLY E 13 -100.10 -28.33 84.77
C GLY E 13 -99.61 -28.86 86.10
N LYS E 14 -99.12 -27.93 86.93
CA LYS E 14 -98.60 -28.32 88.22
C LYS E 14 -99.73 -28.88 89.06
N ASP E 15 -100.80 -28.10 89.15
CA ASP E 15 -102.04 -28.45 89.85
C ASP E 15 -102.89 -29.43 89.07
N GLY E 16 -102.60 -29.64 87.79
CA GLY E 16 -103.41 -30.53 86.99
C GLY E 16 -104.83 -30.05 86.89
N LYS E 17 -105.00 -28.76 86.65
CA LYS E 17 -106.31 -28.13 86.60
C LYS E 17 -106.70 -27.58 85.23
N GLN E 18 -105.75 -27.36 84.33
CA GLN E 18 -106.09 -26.78 83.05
C GLN E 18 -106.36 -27.88 82.02
N THR E 19 -106.73 -27.46 80.83
CA THR E 19 -107.07 -28.40 79.77
C THR E 19 -106.76 -27.76 78.42
N LEU E 20 -106.31 -28.60 77.50
CA LEU E 20 -105.88 -28.18 76.17
C LEU E 20 -106.72 -28.92 75.14
N VAL E 21 -107.32 -28.18 74.23
CA VAL E 21 -108.15 -28.74 73.18
C VAL E 21 -107.39 -28.64 71.88
N LEU E 22 -107.04 -29.78 71.31
CA LEU E 22 -106.27 -29.81 70.07
C LEU E 22 -107.13 -30.35 68.94
N ASN E 23 -107.31 -29.53 67.91
CA ASN E 23 -107.99 -30.03 66.73
C ASN E 23 -106.98 -30.44 65.67
N PRO E 24 -107.36 -31.35 64.79
CA PRO E 24 -106.42 -31.89 63.81
C PRO E 24 -106.11 -30.89 62.70
N ARG E 25 -105.12 -31.28 61.89
CA ARG E 25 -104.69 -30.49 60.75
C ARG E 25 -104.44 -31.41 59.58
N GLY E 26 -103.68 -30.96 58.60
CA GLY E 26 -103.29 -31.78 57.46
C GLY E 26 -102.02 -32.56 57.74
N VAL E 27 -101.98 -33.81 57.30
CA VAL E 27 -100.79 -34.63 57.44
C VAL E 27 -99.82 -34.24 56.34
N ASN E 28 -98.59 -33.96 56.72
CA ASN E 28 -97.60 -33.51 55.75
C ASN E 28 -97.29 -34.59 54.72
N PRO E 29 -97.73 -34.41 53.48
CA PRO E 29 -97.48 -35.44 52.48
C PRO E 29 -96.01 -35.72 52.26
N THR E 30 -95.16 -34.70 52.34
CA THR E 30 -93.76 -34.92 52.01
C THR E 30 -93.11 -35.93 52.93
N ASN E 31 -93.63 -36.09 54.13
CA ASN E 31 -93.03 -37.02 55.08
C ASN E 31 -94.04 -37.79 55.92
N GLY E 32 -95.35 -37.62 55.69
CA GLY E 32 -96.34 -38.37 56.42
C GLY E 32 -96.31 -38.09 57.91
N VAL E 33 -96.69 -36.89 58.31
CA VAL E 33 -96.73 -36.50 59.71
C VAL E 33 -98.08 -35.85 59.99
N ALA E 34 -98.83 -36.42 60.92
CA ALA E 34 -100.08 -35.80 61.34
C ALA E 34 -99.80 -34.73 62.38
N SER E 35 -100.66 -33.72 62.42
CA SER E 35 -100.43 -32.58 63.29
C SER E 35 -101.72 -32.12 63.96
N LEU E 36 -101.58 -31.71 65.20
CA LEU E 36 -102.66 -31.21 66.03
C LEU E 36 -102.26 -29.83 66.52
N SER E 37 -103.24 -28.95 66.66
CA SER E 37 -102.96 -27.59 67.10
C SER E 37 -104.04 -27.11 68.05
N GLN E 38 -103.67 -26.14 68.88
CA GLN E 38 -104.59 -25.61 69.88
C GLN E 38 -105.90 -25.22 69.20
N ALA E 39 -106.97 -25.12 69.99
CA ALA E 39 -108.28 -24.83 69.42
C ALA E 39 -108.25 -23.57 68.57
N GLY E 40 -107.37 -22.63 68.89
CA GLY E 40 -107.17 -21.45 68.08
C GLY E 40 -107.55 -20.18 68.83
N ALA E 41 -107.61 -19.08 68.09
CA ALA E 41 -107.35 -19.05 66.64
C ALA E 41 -105.86 -19.01 66.33
N VAL E 42 -105.20 -17.90 66.68
CA VAL E 42 -103.76 -17.80 66.45
C VAL E 42 -103.03 -18.94 67.14
N PRO E 43 -103.38 -19.35 68.36
CA PRO E 43 -102.73 -20.51 68.97
C PRO E 43 -102.67 -21.71 68.05
N ALA E 44 -103.61 -21.84 67.11
CA ALA E 44 -103.55 -22.92 66.13
C ALA E 44 -102.26 -22.88 65.34
N LEU E 45 -101.66 -21.70 65.20
CA LEU E 45 -100.31 -21.59 64.69
C LEU E 45 -99.33 -21.07 65.72
N GLU E 46 -99.50 -21.47 66.98
CA GLU E 46 -98.43 -21.40 67.97
C GLU E 46 -98.14 -22.78 68.57
N LYS E 47 -99.14 -23.44 69.13
CA LYS E 47 -98.92 -24.74 69.75
C LYS E 47 -99.04 -25.84 68.72
N ARG E 48 -98.15 -26.83 68.79
CA ARG E 48 -98.12 -27.89 67.79
C ARG E 48 -97.84 -29.23 68.44
N VAL E 49 -98.46 -30.27 67.87
CA VAL E 49 -98.29 -31.65 68.31
C VAL E 49 -98.23 -32.54 67.08
N THR E 50 -97.05 -33.00 66.72
CA THR E 50 -96.85 -33.79 65.52
C THR E 50 -96.58 -35.25 65.88
N VAL E 51 -97.15 -36.15 65.08
CA VAL E 51 -97.00 -37.59 65.27
C VAL E 51 -96.69 -38.23 63.93
N SER E 52 -95.90 -39.29 63.96
CA SER E 52 -95.46 -39.95 62.74
C SER E 52 -95.08 -41.38 63.08
N VAL E 53 -95.30 -42.29 62.15
CA VAL E 53 -94.82 -43.65 62.36
C VAL E 53 -94.12 -44.14 61.11
N SER E 54 -92.82 -43.94 61.05
CA SER E 54 -92.04 -44.44 59.93
C SER E 54 -92.01 -45.96 59.99
N GLN E 55 -92.53 -46.57 58.94
CA GLN E 55 -92.49 -48.01 58.79
C GLN E 55 -91.07 -48.45 58.41
N PRO E 56 -90.79 -49.74 58.51
CA PRO E 56 -89.42 -50.21 58.31
C PRO E 56 -88.94 -49.92 56.90
N SER E 57 -87.62 -49.90 56.70
CA SER E 57 -87.07 -49.55 55.40
C SER E 57 -85.61 -49.97 55.29
N ARG E 58 -84.91 -49.49 54.26
CA ARG E 58 -83.47 -49.66 54.21
C ARG E 58 -82.81 -49.13 55.48
N ASN E 59 -83.14 -47.90 55.85
CA ASN E 59 -82.52 -47.28 57.01
C ASN E 59 -83.20 -47.73 58.30
N ARG E 60 -84.53 -47.70 58.33
CA ARG E 60 -85.28 -48.17 59.49
C ARG E 60 -85.27 -49.69 59.53
N LYS E 61 -85.57 -50.30 60.68
CA LYS E 61 -85.44 -51.75 60.75
C LYS E 61 -86.66 -52.55 61.21
N ASN E 62 -87.18 -52.41 62.45
CA ASN E 62 -87.18 -51.30 63.42
C ASN E 62 -88.07 -50.10 63.02
N TYR E 63 -89.38 -50.34 63.07
CA TYR E 63 -90.37 -49.27 63.04
C TYR E 63 -89.97 -48.15 63.98
N LYS E 64 -90.33 -46.91 63.64
CA LYS E 64 -90.00 -45.75 64.46
C LYS E 64 -91.26 -44.90 64.64
N VAL E 65 -91.67 -44.71 65.89
CA VAL E 65 -92.82 -43.88 66.23
C VAL E 65 -92.31 -42.60 66.85
N GLN E 66 -92.64 -41.48 66.22
CA GLN E 66 -92.09 -40.17 66.50
C GLN E 66 -93.21 -39.26 66.98
N VAL E 67 -93.02 -38.62 68.13
CA VAL E 67 -94.04 -37.72 68.68
C VAL E 67 -93.34 -36.48 69.20
N LYS E 68 -93.48 -35.36 68.50
CA LYS E 68 -92.94 -34.10 68.94
C LYS E 68 -94.07 -33.20 69.42
N ILE E 69 -93.79 -32.44 70.46
CA ILE E 69 -94.64 -31.32 70.84
C ILE E 69 -93.79 -30.06 70.93
N GLN E 70 -94.40 -28.95 70.57
CA GLN E 70 -93.75 -27.65 70.59
C GLN E 70 -94.71 -26.62 71.14
N ASN E 71 -94.32 -25.95 72.22
CA ASN E 71 -95.09 -24.86 72.82
C ASN E 71 -94.27 -23.58 72.79
N PRO E 72 -94.60 -22.62 71.94
CA PRO E 72 -93.94 -21.32 72.01
C PRO E 72 -94.63 -20.36 72.95
N THR E 73 -93.93 -19.92 73.98
CA THR E 73 -94.41 -18.83 74.81
C THR E 73 -94.04 -17.49 74.20
N ALA E 74 -95.04 -16.62 74.07
CA ALA E 74 -94.88 -15.33 73.45
C ALA E 74 -95.38 -14.26 74.40
N CYS E 75 -95.11 -13.02 74.01
CA CYS E 75 -95.58 -11.88 74.80
C CYS E 75 -95.70 -10.67 73.89
N THR E 76 -96.42 -9.66 74.39
CA THR E 76 -96.68 -8.42 73.68
C THR E 76 -95.86 -7.32 74.33
N ALA E 77 -94.86 -6.82 73.60
CA ALA E 77 -94.08 -5.70 74.11
C ALA E 77 -95.01 -4.53 74.37
N ASN E 78 -94.66 -3.74 75.39
CA ASN E 78 -95.53 -2.63 75.75
C ASN E 78 -95.51 -1.59 74.63
N GLY E 79 -96.50 -1.67 73.75
CA GLY E 79 -96.64 -0.69 72.69
C GLY E 79 -97.00 -1.28 71.34
N SER E 80 -96.49 -2.47 71.02
CA SER E 80 -96.92 -3.13 69.78
C SER E 80 -98.23 -3.83 70.06
N CYS E 81 -98.71 -4.65 69.12
CA CYS E 81 -99.83 -5.54 69.47
C CYS E 81 -99.64 -6.98 69.04
N ASP E 82 -99.02 -7.21 67.90
CA ASP E 82 -98.74 -8.57 67.51
C ASP E 82 -97.81 -9.19 68.55
N PRO E 83 -98.22 -10.23 69.26
CA PRO E 83 -97.31 -10.87 70.21
C PRO E 83 -96.19 -11.58 69.47
N SER E 84 -94.98 -11.42 69.99
CA SER E 84 -93.80 -12.05 69.45
C SER E 84 -93.39 -13.20 70.36
N VAL E 85 -92.97 -14.31 69.76
CA VAL E 85 -92.57 -15.47 70.53
C VAL E 85 -91.22 -15.20 71.17
N THR E 86 -91.17 -15.29 72.49
CA THR E 86 -89.94 -15.01 73.20
C THR E 86 -89.22 -16.27 73.64
N ARG E 87 -89.93 -17.40 73.67
CA ARG E 87 -89.41 -18.61 74.27
C ARG E 87 -90.11 -19.79 73.61
N GLN E 88 -89.42 -20.92 73.51
CA GLN E 88 -90.03 -22.09 72.89
C GLN E 88 -89.55 -23.33 73.61
N ALA E 89 -90.47 -24.02 74.25
CA ALA E 89 -90.16 -25.32 74.81
C ALA E 89 -90.62 -26.38 73.83
N TYR E 90 -89.94 -27.52 73.83
CA TYR E 90 -90.41 -28.59 72.98
C TYR E 90 -89.75 -29.90 73.40
N ALA E 91 -90.45 -30.98 73.12
CA ALA E 91 -90.04 -32.31 73.51
C ALA E 91 -90.32 -33.27 72.38
N ASP E 92 -89.61 -34.38 72.37
CA ASP E 92 -89.76 -35.38 71.31
C ASP E 92 -89.53 -36.77 71.88
N VAL E 93 -90.47 -37.66 71.64
CA VAL E 93 -90.38 -39.05 72.05
C VAL E 93 -90.24 -39.90 70.80
N THR E 94 -89.34 -40.89 70.86
CA THR E 94 -89.12 -41.76 69.72
C THR E 94 -89.06 -43.20 70.22
N PHE E 95 -90.11 -43.97 69.90
CA PHE E 95 -90.14 -45.39 70.16
C PHE E 95 -89.57 -46.13 68.96
N SER E 96 -88.67 -47.06 69.22
CA SER E 96 -88.13 -47.91 68.17
C SER E 96 -88.57 -49.33 68.47
N PHE E 97 -89.40 -49.88 67.60
CA PHE E 97 -89.97 -51.20 67.81
C PHE E 97 -89.49 -52.16 66.73
N THR E 98 -89.22 -53.39 67.14
CA THR E 98 -88.73 -54.41 66.22
C THR E 98 -89.88 -55.06 65.48
N GLN E 99 -89.57 -55.55 64.28
CA GLN E 99 -90.59 -56.10 63.40
C GLN E 99 -91.45 -57.11 64.14
N TYR E 100 -90.82 -57.96 64.95
CA TYR E 100 -91.53 -58.96 65.71
C TYR E 100 -92.15 -58.41 66.98
N SER E 101 -92.16 -57.09 67.17
CA SER E 101 -92.73 -56.53 68.37
C SER E 101 -94.17 -57.02 68.55
N THR E 102 -94.66 -56.92 69.79
CA THR E 102 -96.03 -57.31 70.13
C THR E 102 -96.83 -56.09 70.58
N ASP E 103 -98.09 -56.05 70.17
CA ASP E 103 -99.06 -55.21 70.87
C ASP E 103 -98.78 -55.13 72.35
N GLU E 104 -98.59 -56.29 72.98
CA GLU E 104 -98.48 -56.33 74.42
C GLU E 104 -97.36 -55.41 74.88
N GLU E 105 -96.15 -55.72 74.47
CA GLU E 105 -94.97 -55.02 74.95
C GLU E 105 -94.99 -53.55 74.50
N ARG E 106 -95.51 -53.27 73.31
CA ARG E 106 -95.62 -51.88 72.91
C ARG E 106 -96.46 -51.10 73.91
N ALA E 107 -97.67 -51.60 74.20
CA ALA E 107 -98.51 -50.90 75.16
C ALA E 107 -97.81 -50.80 76.50
N PHE E 108 -97.11 -51.86 76.89
CA PHE E 108 -96.39 -51.84 78.14
C PHE E 108 -95.44 -50.66 78.20
N VAL E 109 -94.64 -50.48 77.16
CA VAL E 109 -93.65 -49.41 77.20
C VAL E 109 -94.36 -48.06 77.19
N ARG E 110 -95.46 -47.95 76.46
CA ARG E 110 -96.16 -46.67 76.45
C ARG E 110 -96.60 -46.30 77.84
N THR E 111 -97.29 -47.22 78.51
CA THR E 111 -97.78 -46.91 79.84
C THR E 111 -96.66 -46.73 80.85
N GLU E 112 -95.53 -47.41 80.67
CA GLU E 112 -94.46 -47.20 81.65
C GLU E 112 -93.87 -45.83 81.47
N LEU E 113 -93.75 -45.37 80.23
CA LEU E 113 -93.32 -44.00 80.02
C LEU E 113 -94.28 -43.03 80.68
N ALA E 114 -95.58 -43.26 80.51
CA ALA E 114 -96.55 -42.37 81.12
C ALA E 114 -96.40 -42.36 82.64
N ALA E 115 -96.26 -43.54 83.23
CA ALA E 115 -96.14 -43.62 84.69
C ALA E 115 -94.85 -42.97 85.18
N LEU E 116 -93.74 -43.13 84.47
CA LEU E 116 -92.53 -42.42 84.85
C LEU E 116 -92.75 -40.93 84.79
N LEU E 117 -93.31 -40.44 83.69
CA LEU E 117 -93.60 -39.01 83.62
C LEU E 117 -94.41 -38.56 84.81
N ALA E 118 -95.37 -39.36 85.24
CA ALA E 118 -96.15 -39.02 86.40
C ALA E 118 -95.39 -39.20 87.70
N SER E 119 -94.27 -39.90 87.68
CA SER E 119 -93.56 -40.22 88.91
C SER E 119 -92.88 -38.98 89.50
N PRO E 120 -92.73 -38.92 90.81
CA PRO E 120 -92.06 -37.77 91.40
C PRO E 120 -90.67 -37.55 90.85
N LEU E 121 -89.99 -38.61 90.44
CA LEU E 121 -88.61 -38.46 90.00
C LEU E 121 -88.52 -37.55 88.79
N LEU E 122 -89.30 -37.84 87.76
CA LEU E 122 -89.13 -37.07 86.54
C LEU E 122 -89.78 -35.70 86.65
N ILE E 123 -90.86 -35.58 87.41
CA ILE E 123 -91.39 -34.24 87.64
C ILE E 123 -90.38 -33.39 88.37
N ASP E 124 -89.65 -33.99 89.32
CA ASP E 124 -88.61 -33.25 89.99
C ASP E 124 -87.49 -32.88 89.02
N ALA E 125 -87.10 -33.82 88.17
CA ALA E 125 -85.98 -33.56 87.28
C ALA E 125 -86.35 -32.68 86.10
N ILE E 126 -87.65 -32.43 85.88
CA ILE E 126 -88.09 -31.65 84.73
C ILE E 126 -88.61 -30.31 85.23
N ASP E 127 -89.67 -30.35 86.02
CA ASP E 127 -90.15 -29.16 86.71
C ASP E 127 -89.01 -28.28 87.18
N GLN E 128 -88.12 -28.85 87.97
CA GLN E 128 -87.07 -28.07 88.60
C GLN E 128 -85.69 -28.35 88.04
N LEU E 129 -85.60 -29.16 86.99
CA LEU E 129 -84.32 -29.48 86.38
C LEU E 129 -83.37 -30.03 87.41
N ASN E 130 -83.90 -30.84 88.33
CA ASN E 130 -83.09 -31.31 89.43
C ASN E 130 -82.50 -32.65 89.07
N PRO E 131 -81.18 -32.76 88.89
CA PRO E 131 -80.59 -34.08 88.68
C PRO E 131 -80.88 -34.96 89.87
N ALA E 132 -81.01 -36.25 89.60
CA ALA E 132 -81.42 -37.18 90.63
C ALA E 132 -80.19 -37.60 91.42
N TYR E 133 -79.83 -36.82 92.44
CA TYR E 133 -78.69 -37.13 93.30
C TYR E 133 -79.10 -36.90 94.74
N ALA F 2 -113.93 -45.21 46.79
CA ALA F 2 -113.17 -46.43 47.19
C ALA F 2 -112.79 -46.36 48.66
N LYS F 3 -113.74 -45.93 49.49
CA LYS F 3 -113.46 -45.75 50.91
C LYS F 3 -112.92 -47.01 51.53
N LEU F 4 -111.87 -46.85 52.34
CA LEU F 4 -111.33 -47.98 53.08
C LEU F 4 -112.39 -48.57 53.99
N GLU F 5 -112.30 -49.88 54.19
CA GLU F 5 -113.18 -50.57 55.11
C GLU F 5 -112.77 -52.04 55.16
N THR F 6 -113.31 -52.75 56.13
CA THR F 6 -112.95 -54.15 56.32
C THR F 6 -113.32 -55.00 55.11
N VAL F 7 -112.32 -55.48 54.40
CA VAL F 7 -112.54 -56.33 53.24
C VAL F 7 -112.80 -57.74 53.73
N THR F 8 -113.92 -58.30 53.32
CA THR F 8 -114.34 -59.63 53.74
C THR F 8 -114.17 -60.54 52.54
N LEU F 9 -113.02 -61.21 52.49
CA LEU F 9 -112.62 -61.99 51.33
C LEU F 9 -113.21 -63.39 51.46
N GLY F 10 -114.08 -63.75 50.52
CA GLY F 10 -114.89 -64.94 50.65
C GLY F 10 -114.12 -66.23 50.48
N ASN F 11 -114.78 -67.27 49.96
CA ASN F 11 -114.18 -68.59 49.95
C ASN F 11 -112.86 -68.55 49.20
N ILE F 12 -111.86 -69.26 49.73
CA ILE F 12 -110.46 -69.03 49.39
C ILE F 12 -109.71 -70.33 49.52
N GLY F 13 -108.74 -70.54 48.63
CA GLY F 13 -107.80 -71.65 48.73
C GLY F 13 -108.13 -72.76 47.75
N LYS F 14 -107.50 -73.91 47.98
CA LYS F 14 -107.76 -75.08 47.14
C LYS F 14 -109.23 -75.44 47.12
N ASP F 15 -109.75 -75.84 48.28
CA ASP F 15 -111.11 -76.32 48.37
C ASP F 15 -112.14 -75.20 48.36
N GLY F 16 -111.70 -73.96 48.47
CA GLY F 16 -112.63 -72.84 48.51
C GLY F 16 -113.49 -72.84 49.75
N LYS F 17 -112.88 -73.01 50.93
CA LYS F 17 -113.63 -72.97 52.18
C LYS F 17 -113.16 -71.94 53.20
N GLN F 18 -111.99 -71.34 53.06
CA GLN F 18 -111.54 -70.42 54.08
C GLN F 18 -111.96 -68.99 53.73
N THR F 19 -111.76 -68.08 54.66
CA THR F 19 -112.13 -66.69 54.49
C THR F 19 -111.05 -65.81 55.09
N LEU F 20 -110.95 -64.58 54.60
CA LEU F 20 -110.00 -63.63 55.14
C LEU F 20 -110.71 -62.33 55.51
N VAL F 21 -110.21 -61.66 56.53
CA VAL F 21 -110.79 -60.41 57.01
C VAL F 21 -109.66 -59.41 57.11
N LEU F 22 -109.61 -58.49 56.16
CA LEU F 22 -108.55 -57.49 56.11
C LEU F 22 -109.11 -56.19 56.67
N ASN F 23 -108.63 -55.78 57.83
CA ASN F 23 -109.13 -54.54 58.38
C ASN F 23 -108.38 -53.36 57.76
N PRO F 24 -109.02 -52.19 57.73
CA PRO F 24 -108.38 -51.01 57.11
C PRO F 24 -107.26 -50.46 57.97
N ARG F 25 -106.07 -50.42 57.41
CA ARG F 25 -104.88 -49.95 58.10
C ARG F 25 -104.80 -48.43 58.05
N GLY F 26 -104.63 -47.88 56.86
CA GLY F 26 -104.37 -46.48 56.70
C GLY F 26 -103.88 -46.21 55.30
N VAL F 27 -103.29 -45.03 55.11
CA VAL F 27 -102.81 -44.64 53.79
C VAL F 27 -101.51 -43.88 53.96
N ASN F 28 -100.43 -44.46 53.49
CA ASN F 28 -99.17 -43.74 53.48
C ASN F 28 -99.20 -42.74 52.34
N PRO F 29 -99.07 -41.46 52.62
CA PRO F 29 -99.21 -40.46 51.56
C PRO F 29 -97.93 -40.24 50.78
N THR F 30 -96.79 -40.60 51.36
CA THR F 30 -95.54 -40.40 50.66
C THR F 30 -95.59 -41.02 49.27
N ASN F 31 -96.41 -42.04 49.10
CA ASN F 31 -96.54 -42.73 47.82
C ASN F 31 -98.01 -42.99 47.48
N GLY F 32 -98.95 -42.40 48.20
CA GLY F 32 -100.35 -42.61 47.95
C GLY F 32 -100.70 -44.08 47.92
N VAL F 33 -100.45 -44.77 49.03
CA VAL F 33 -100.60 -46.21 49.11
C VAL F 33 -101.54 -46.55 50.25
N ALA F 34 -102.69 -47.11 49.93
CA ALA F 34 -103.60 -47.58 50.95
C ALA F 34 -103.26 -49.01 51.32
N SER F 35 -103.28 -49.29 52.62
CA SER F 35 -102.83 -50.56 53.16
C SER F 35 -103.95 -51.27 53.89
N LEU F 36 -103.95 -52.59 53.79
CA LEU F 36 -104.88 -53.42 54.55
C LEU F 36 -104.10 -54.59 55.13
N SER F 37 -104.48 -54.98 56.34
CA SER F 37 -103.76 -56.03 57.05
C SER F 37 -104.76 -56.95 57.73
N GLN F 38 -104.37 -58.22 57.85
CA GLN F 38 -105.15 -59.16 58.61
C GLN F 38 -105.08 -58.80 60.10
N ALA F 39 -106.15 -59.10 60.82
CA ALA F 39 -106.19 -58.74 62.22
C ALA F 39 -105.25 -59.65 63.00
N GLY F 40 -104.27 -59.05 63.66
CA GLY F 40 -103.35 -59.80 64.49
C GLY F 40 -102.62 -58.91 65.47
N ALA F 41 -101.44 -59.34 65.91
CA ALA F 41 -100.66 -58.56 66.86
C ALA F 41 -99.27 -58.27 66.35
N VAL F 42 -98.60 -59.26 65.77
CA VAL F 42 -97.21 -59.11 65.37
C VAL F 42 -97.17 -58.74 63.90
N PRO F 43 -96.70 -57.54 63.54
CA PRO F 43 -96.76 -57.16 62.12
C PRO F 43 -96.05 -58.13 61.23
N ALA F 44 -95.02 -58.80 61.75
CA ALA F 44 -94.23 -59.70 60.93
C ALA F 44 -95.00 -60.93 60.49
N LEU F 45 -96.18 -61.17 61.04
CA LEU F 45 -96.96 -62.37 60.75
C LEU F 45 -98.39 -62.01 60.39
N GLU F 46 -98.56 -61.08 59.46
CA GLU F 46 -99.88 -60.64 59.03
C GLU F 46 -100.00 -60.66 57.52
N LYS F 47 -101.16 -61.09 57.05
CA LYS F 47 -101.47 -61.04 55.62
C LYS F 47 -101.58 -59.56 55.28
N ARG F 48 -100.91 -59.09 54.23
CA ARG F 48 -100.99 -57.68 53.93
C ARG F 48 -101.28 -57.43 52.45
N VAL F 49 -101.93 -56.30 52.19
CA VAL F 49 -102.33 -55.91 50.84
C VAL F 49 -102.11 -54.41 50.69
N THR F 50 -101.69 -54.00 49.50
CA THR F 50 -101.47 -52.59 49.20
C THR F 50 -102.10 -52.24 47.87
N VAL F 51 -102.74 -51.08 47.83
CA VAL F 51 -103.43 -50.59 46.65
C VAL F 51 -102.98 -49.16 46.39
N SER F 52 -102.65 -48.86 45.14
CA SER F 52 -102.24 -47.52 44.80
C SER F 52 -102.61 -47.21 43.37
N VAL F 53 -102.92 -45.94 43.11
CA VAL F 53 -103.29 -45.46 41.79
C VAL F 53 -102.45 -44.24 41.50
N SER F 54 -101.49 -44.39 40.59
CA SER F 54 -100.61 -43.29 40.20
C SER F 54 -101.21 -42.59 38.99
N GLN F 55 -101.50 -41.31 39.16
CA GLN F 55 -102.05 -40.46 38.13
C GLN F 55 -100.96 -40.05 37.13
N PRO F 56 -101.34 -39.52 35.99
CA PRO F 56 -100.41 -39.44 34.86
C PRO F 56 -99.51 -38.25 35.00
N SER F 57 -98.24 -38.50 35.29
CA SER F 57 -97.29 -37.41 35.45
C SER F 57 -96.94 -36.83 34.09
N ARG F 58 -96.13 -35.78 34.10
CA ARG F 58 -95.58 -35.22 32.87
C ARG F 58 -94.65 -36.20 32.17
N ASN F 59 -94.18 -37.23 32.88
CA ASN F 59 -93.29 -38.23 32.31
C ASN F 59 -93.95 -39.59 32.20
N ARG F 60 -95.24 -39.69 32.49
CA ARG F 60 -95.93 -40.98 32.47
C ARG F 60 -96.99 -41.01 31.39
N LYS F 61 -97.92 -40.07 31.43
CA LYS F 61 -99.02 -40.05 30.49
C LYS F 61 -99.75 -41.38 30.49
N ASN F 62 -99.86 -41.99 31.66
CA ASN F 62 -100.56 -43.26 31.77
C ASN F 62 -100.99 -43.49 33.20
N TYR F 63 -102.26 -43.83 33.39
CA TYR F 63 -102.74 -44.21 34.70
C TYR F 63 -102.18 -45.56 35.06
N LYS F 64 -101.65 -45.69 36.28
CA LYS F 64 -101.15 -46.96 36.77
C LYS F 64 -101.91 -47.35 38.02
N VAL F 65 -102.16 -48.65 38.18
CA VAL F 65 -102.78 -49.15 39.39
C VAL F 65 -102.01 -50.37 39.86
N GLN F 66 -101.42 -50.27 41.04
CA GLN F 66 -100.67 -51.34 41.67
C GLN F 66 -101.50 -51.98 42.77
N VAL F 67 -101.62 -53.29 42.71
CA VAL F 67 -102.27 -54.06 43.77
C VAL F 67 -101.34 -55.19 44.11
N LYS F 68 -100.86 -55.22 45.35
CA LYS F 68 -99.72 -56.05 45.66
C LYS F 68 -99.89 -56.66 47.05
N ILE F 69 -99.71 -57.98 47.08
CA ILE F 69 -100.20 -58.85 48.14
C ILE F 69 -99.03 -59.59 48.74
N GLN F 70 -99.04 -59.75 50.06
CA GLN F 70 -97.98 -60.47 50.75
C GLN F 70 -98.54 -61.42 51.78
N ASN F 71 -97.90 -62.58 51.85
CA ASN F 71 -98.34 -63.73 52.61
C ASN F 71 -97.15 -64.31 53.35
N PRO F 72 -96.97 -64.04 54.64
CA PRO F 72 -95.89 -64.68 55.38
C PRO F 72 -96.38 -65.95 56.07
N THR F 73 -95.45 -66.86 56.30
CA THR F 73 -95.79 -68.06 57.05
C THR F 73 -95.21 -67.98 58.45
N ALA F 74 -95.95 -68.52 59.41
CA ALA F 74 -95.43 -68.57 60.78
C ALA F 74 -94.41 -69.68 60.92
N CYS F 75 -94.82 -70.89 60.60
CA CYS F 75 -94.16 -72.11 61.05
C CYS F 75 -93.51 -71.85 62.40
N THR F 76 -94.39 -71.84 63.40
CA THR F 76 -94.00 -71.64 64.78
C THR F 76 -93.13 -72.79 65.29
N ALA F 77 -92.14 -72.45 66.10
CA ALA F 77 -91.28 -73.42 66.75
C ALA F 77 -91.82 -73.78 68.12
N ASN F 78 -91.61 -75.04 68.51
CA ASN F 78 -92.12 -75.53 69.79
C ASN F 78 -91.30 -74.92 70.91
N GLY F 79 -91.58 -73.64 71.16
CA GLY F 79 -91.03 -72.91 72.28
C GLY F 79 -90.03 -71.86 71.81
N SER F 80 -89.23 -71.38 72.74
CA SER F 80 -88.05 -70.58 72.50
C SER F 80 -88.35 -69.17 72.04
N CYS F 81 -89.50 -68.94 71.42
CA CYS F 81 -90.33 -67.75 71.58
C CYS F 81 -91.25 -67.66 70.36
N ASP F 82 -91.93 -66.53 70.21
CA ASP F 82 -92.89 -66.36 69.13
C ASP F 82 -92.32 -66.82 67.80
N PRO F 83 -93.18 -67.10 66.83
CA PRO F 83 -92.70 -67.68 65.56
C PRO F 83 -91.82 -66.72 64.81
N SER F 84 -91.18 -67.23 63.76
CA SER F 84 -90.32 -66.44 62.90
C SER F 84 -90.70 -66.68 61.44
N VAL F 85 -90.44 -65.67 60.62
CA VAL F 85 -90.78 -65.76 59.20
C VAL F 85 -89.67 -66.49 58.47
N THR F 86 -90.06 -67.48 57.68
CA THR F 86 -89.16 -68.15 56.76
C THR F 86 -89.67 -68.17 55.33
N ARG F 87 -90.91 -67.74 55.14
CA ARG F 87 -91.71 -68.03 53.96
C ARG F 87 -92.44 -66.77 53.58
N GLN F 88 -92.31 -66.33 52.34
CA GLN F 88 -93.09 -65.18 51.92
C GLN F 88 -93.54 -65.34 50.47
N ALA F 89 -94.85 -65.41 50.27
CA ALA F 89 -95.43 -65.36 48.95
C ALA F 89 -95.85 -63.94 48.62
N TYR F 90 -95.59 -63.52 47.38
CA TYR F 90 -96.04 -62.23 46.90
C TYR F 90 -96.81 -62.37 45.62
N ALA F 91 -97.73 -61.43 45.44
CA ALA F 91 -98.41 -61.25 44.18
C ALA F 91 -98.40 -59.77 43.89
N ASP F 92 -98.45 -59.41 42.62
CA ASP F 92 -98.31 -58.01 42.23
C ASP F 92 -98.95 -57.80 40.86
N VAL F 93 -99.99 -57.00 40.85
CA VAL F 93 -100.78 -56.72 39.67
C VAL F 93 -100.57 -55.27 39.30
N THR F 94 -100.37 -55.02 38.01
CA THR F 94 -100.08 -53.68 37.50
C THR F 94 -101.00 -53.42 36.32
N PHE F 95 -102.12 -52.77 36.59
CA PHE F 95 -103.00 -52.32 35.52
C PHE F 95 -102.47 -51.01 34.95
N SER F 96 -102.51 -50.89 33.63
CA SER F 96 -102.06 -49.70 32.95
C SER F 96 -103.14 -49.25 31.97
N PHE F 97 -103.49 -47.97 32.00
CA PHE F 97 -104.49 -47.44 31.08
C PHE F 97 -104.04 -46.10 30.57
N THR F 98 -104.59 -45.70 29.43
CA THR F 98 -104.25 -44.41 28.86
C THR F 98 -105.24 -43.34 29.31
N GLN F 99 -104.86 -42.09 29.10
CA GLN F 99 -105.65 -40.98 29.60
C GLN F 99 -107.07 -41.05 29.10
N TYR F 100 -107.26 -41.49 27.85
CA TYR F 100 -108.59 -41.58 27.29
C TYR F 100 -109.20 -42.94 27.49
N SER F 101 -108.67 -43.73 28.43
CA SER F 101 -109.16 -45.05 28.71
C SER F 101 -110.67 -45.01 29.00
N THR F 102 -111.29 -46.18 28.95
CA THR F 102 -112.72 -46.33 29.17
C THR F 102 -112.98 -47.23 30.36
N ASP F 103 -113.94 -46.81 31.17
CA ASP F 103 -114.44 -47.66 32.24
C ASP F 103 -114.82 -49.03 31.68
N GLU F 104 -115.41 -49.05 30.48
CA GLU F 104 -115.62 -50.30 29.75
C GLU F 104 -114.39 -51.17 29.76
N GLU F 105 -113.34 -50.71 29.08
CA GLU F 105 -112.13 -51.52 28.94
C GLU F 105 -111.61 -51.95 30.29
N ARG F 106 -111.56 -51.01 31.23
CA ARG F 106 -110.92 -51.32 32.49
C ARG F 106 -111.65 -52.45 33.19
N ALA F 107 -112.97 -52.35 33.28
CA ALA F 107 -113.73 -53.44 33.88
C ALA F 107 -113.53 -54.73 33.10
N PHE F 108 -113.42 -54.61 31.79
CA PHE F 108 -113.26 -55.79 30.96
C PHE F 108 -112.01 -56.54 31.34
N VAL F 109 -110.88 -55.85 31.39
CA VAL F 109 -109.61 -56.51 31.68
C VAL F 109 -109.58 -56.97 33.12
N ARG F 110 -110.12 -56.15 34.02
CA ARG F 110 -110.35 -56.57 35.39
C ARG F 110 -110.99 -57.95 35.47
N THR F 111 -112.21 -58.09 34.97
CA THR F 111 -112.88 -59.37 35.09
C THR F 111 -112.17 -60.46 34.30
N GLU F 112 -111.48 -60.11 33.21
CA GLU F 112 -110.75 -61.12 32.46
C GLU F 112 -109.64 -61.70 33.30
N LEU F 113 -108.88 -60.83 33.95
CA LEU F 113 -107.84 -61.31 34.84
C LEU F 113 -108.46 -62.20 35.90
N ALA F 114 -109.61 -61.80 36.43
CA ALA F 114 -110.23 -62.61 37.48
C ALA F 114 -110.52 -64.03 36.99
N ALA F 115 -111.22 -64.15 35.88
CA ALA F 115 -111.63 -65.47 35.45
C ALA F 115 -110.44 -66.27 34.93
N LEU F 116 -109.40 -65.61 34.43
CA LEU F 116 -108.18 -66.34 34.11
C LEU F 116 -107.56 -66.92 35.36
N LEU F 117 -107.53 -66.13 36.43
CA LEU F 117 -107.05 -66.64 37.71
C LEU F 117 -107.90 -67.79 38.20
N ALA F 118 -109.13 -67.90 37.75
CA ALA F 118 -109.96 -69.06 38.07
C ALA F 118 -109.79 -70.23 37.10
N SER F 119 -109.30 -69.97 35.88
CA SER F 119 -109.34 -70.98 34.83
C SER F 119 -108.40 -72.14 35.14
N PRO F 120 -108.64 -73.30 34.53
CA PRO F 120 -107.77 -74.45 34.81
C PRO F 120 -106.32 -74.15 34.52
N LEU F 121 -106.04 -73.41 33.45
CA LEU F 121 -104.66 -73.20 33.05
C LEU F 121 -103.83 -72.65 34.19
N LEU F 122 -104.11 -71.41 34.59
CA LEU F 122 -103.28 -70.77 35.59
C LEU F 122 -103.29 -71.56 36.88
N ILE F 123 -104.35 -72.33 37.13
CA ILE F 123 -104.42 -73.14 38.34
C ILE F 123 -103.25 -74.11 38.36
N ASP F 124 -103.06 -74.87 37.30
CA ASP F 124 -101.89 -75.74 37.27
C ASP F 124 -100.62 -74.91 37.15
N ALA F 125 -100.70 -73.77 36.47
CA ALA F 125 -99.50 -73.01 36.22
C ALA F 125 -98.86 -72.54 37.52
N ILE F 126 -99.65 -72.23 38.53
CA ILE F 126 -99.08 -71.72 39.77
C ILE F 126 -99.12 -72.81 40.83
N ASP F 127 -100.26 -73.43 41.03
CA ASP F 127 -100.41 -74.34 42.16
C ASP F 127 -99.40 -75.47 42.08
N GLN F 128 -99.35 -76.15 40.93
CA GLN F 128 -98.33 -77.16 40.73
C GLN F 128 -97.12 -76.62 40.00
N LEU F 129 -97.14 -75.35 39.61
CA LEU F 129 -95.98 -74.72 38.96
C LEU F 129 -95.59 -75.46 37.70
N ASN F 130 -96.57 -76.00 36.99
CA ASN F 130 -96.32 -76.65 35.72
C ASN F 130 -96.20 -75.60 34.63
N PRO F 131 -95.08 -75.51 33.93
CA PRO F 131 -94.99 -74.54 32.83
C PRO F 131 -96.10 -74.78 31.82
N ALA F 132 -96.69 -73.68 31.37
CA ALA F 132 -97.80 -73.77 30.43
C ALA F 132 -97.37 -74.57 29.22
N TYR F 133 -97.94 -75.76 29.06
CA TYR F 133 -97.54 -76.64 27.98
C TYR F 133 -98.36 -77.93 28.02
N ALA G 2 -108.40 -31.27 57.06
CA ALA G 2 -109.57 -31.55 56.17
C ALA G 2 -109.39 -32.90 55.54
N LYS G 3 -110.08 -33.89 56.06
CA LYS G 3 -109.93 -35.24 55.54
C LYS G 3 -110.76 -35.40 54.29
N LEU G 4 -110.12 -35.82 53.22
CA LEU G 4 -110.77 -35.81 51.92
C LEU G 4 -111.91 -36.81 51.90
N GLU G 5 -113.02 -36.44 51.28
CA GLU G 5 -114.21 -37.27 51.23
C GLU G 5 -114.99 -36.94 49.98
N THR G 6 -115.92 -37.82 49.65
CA THR G 6 -116.84 -37.57 48.55
C THR G 6 -117.54 -36.25 48.77
N VAL G 7 -117.33 -35.29 47.88
CA VAL G 7 -117.92 -33.97 48.03
C VAL G 7 -119.10 -33.87 47.08
N THR G 8 -120.24 -33.46 47.61
CA THR G 8 -121.48 -33.36 46.83
C THR G 8 -121.89 -31.90 46.78
N LEU G 9 -121.83 -31.32 45.60
CA LEU G 9 -122.16 -29.92 45.41
C LEU G 9 -123.52 -29.84 44.72
N GLY G 10 -124.50 -29.24 45.40
CA GLY G 10 -125.83 -29.12 44.88
C GLY G 10 -126.18 -27.68 44.52
N ASN G 11 -127.31 -27.55 43.81
CA ASN G 11 -127.81 -26.24 43.41
C ASN G 11 -126.76 -25.48 42.60
N ILE G 12 -126.44 -26.06 41.45
CA ILE G 12 -125.36 -25.60 40.59
C ILE G 12 -125.94 -25.27 39.22
N GLY G 13 -125.28 -24.33 38.53
CA GLY G 13 -125.65 -23.97 37.17
C GLY G 13 -126.51 -22.72 37.14
N LYS G 14 -126.99 -22.40 35.93
CA LYS G 14 -127.84 -21.23 35.75
C LYS G 14 -129.03 -21.26 36.68
N ASP G 15 -129.86 -22.27 36.56
CA ASP G 15 -131.04 -22.38 37.39
C ASP G 15 -130.75 -23.06 38.70
N GLY G 16 -129.51 -23.49 38.93
CA GLY G 16 -129.15 -24.10 40.19
C GLY G 16 -129.87 -25.40 40.44
N LYS G 17 -129.88 -26.29 39.45
CA LYS G 17 -130.46 -27.62 39.62
C LYS G 17 -129.53 -28.78 39.34
N GLN G 18 -128.37 -28.57 38.74
CA GLN G 18 -127.47 -29.68 38.52
C GLN G 18 -126.75 -30.04 39.82
N THR G 19 -126.01 -31.15 39.81
CA THR G 19 -125.24 -31.55 40.98
C THR G 19 -123.93 -32.18 40.54
N LEU G 20 -122.92 -32.07 41.40
CA LEU G 20 -121.59 -32.58 41.14
C LEU G 20 -121.19 -33.52 42.27
N VAL G 21 -120.60 -34.65 41.92
CA VAL G 21 -120.06 -35.58 42.91
C VAL G 21 -118.58 -35.73 42.62
N LEU G 22 -117.76 -35.12 43.46
CA LEU G 22 -116.30 -35.17 43.32
C LEU G 22 -115.76 -36.26 44.22
N ASN G 23 -115.02 -37.12 43.66
CA ASN G 23 -114.42 -38.20 44.40
C ASN G 23 -112.95 -37.90 44.66
N PRO G 24 -112.41 -38.38 45.77
CA PRO G 24 -111.02 -38.06 46.10
C PRO G 24 -110.07 -38.68 45.10
N ARG G 25 -109.01 -37.93 44.79
CA ARG G 25 -107.95 -38.43 43.93
C ARG G 25 -106.60 -38.46 44.64
N GLY G 26 -106.59 -38.40 45.96
CA GLY G 26 -105.36 -38.44 46.70
C GLY G 26 -104.62 -37.12 46.72
N VAL G 27 -103.34 -37.21 47.07
CA VAL G 27 -102.49 -36.05 47.21
C VAL G 27 -101.19 -36.31 46.47
N ASN G 28 -100.73 -35.33 45.74
CA ASN G 28 -99.42 -35.42 45.11
C ASN G 28 -98.35 -35.51 46.18
N PRO G 29 -97.49 -36.52 46.15
CA PRO G 29 -96.40 -36.57 47.14
C PRO G 29 -95.39 -35.46 46.98
N THR G 30 -95.27 -34.89 45.78
CA THR G 30 -94.26 -33.86 45.53
C THR G 30 -94.81 -32.47 45.83
N ASN G 31 -95.82 -32.06 45.07
CA ASN G 31 -96.38 -30.74 45.27
C ASN G 31 -97.27 -30.70 46.52
N GLY G 32 -97.64 -31.85 47.05
CA GLY G 32 -98.45 -31.88 48.25
C GLY G 32 -99.79 -31.20 48.06
N VAL G 33 -100.53 -31.60 47.04
CA VAL G 33 -101.80 -31.00 46.69
C VAL G 33 -102.83 -32.11 46.53
N ALA G 34 -104.01 -31.93 47.09
CA ALA G 34 -105.07 -32.91 46.92
C ALA G 34 -105.88 -32.58 45.68
N SER G 35 -106.50 -33.60 45.10
CA SER G 35 -107.29 -33.44 43.90
C SER G 35 -108.52 -34.32 43.97
N LEU G 36 -109.59 -33.85 43.35
CA LEU G 36 -110.85 -34.57 43.28
C LEU G 36 -111.34 -34.55 41.84
N SER G 37 -112.13 -35.57 41.49
CA SER G 37 -112.54 -35.75 40.10
C SER G 37 -113.98 -36.25 40.06
N GLN G 38 -114.72 -35.75 39.07
CA GLN G 38 -116.06 -36.24 38.82
C GLN G 38 -116.00 -37.68 38.31
N ALA G 39 -116.90 -38.51 38.82
CA ALA G 39 -117.00 -39.87 38.33
C ALA G 39 -117.44 -39.86 36.87
N GLY G 40 -116.71 -40.58 36.03
CA GLY G 40 -117.03 -40.62 34.62
C GLY G 40 -116.38 -41.83 33.98
N ALA G 41 -116.64 -41.99 32.69
CA ALA G 41 -116.11 -43.13 31.96
C ALA G 41 -114.75 -42.81 31.33
N VAL G 42 -114.62 -41.61 30.76
CA VAL G 42 -113.37 -41.19 30.14
C VAL G 42 -112.65 -40.29 31.13
N PRO G 43 -111.51 -40.72 31.67
CA PRO G 43 -110.82 -39.89 32.67
C PRO G 43 -110.40 -38.54 32.17
N ALA G 44 -110.08 -38.38 30.89
CA ALA G 44 -109.69 -37.08 30.40
C ALA G 44 -110.88 -36.13 30.31
N LEU G 45 -112.10 -36.65 30.44
CA LEU G 45 -113.31 -35.84 30.37
C LEU G 45 -113.95 -35.64 31.74
N GLU G 46 -113.13 -35.60 32.78
CA GLU G 46 -113.61 -35.48 34.14
C GLU G 46 -113.39 -34.07 34.64
N LYS G 47 -114.38 -33.52 35.31
CA LYS G 47 -114.20 -32.24 35.97
C LYS G 47 -113.35 -32.45 37.21
N ARG G 48 -112.20 -31.79 37.28
CA ARG G 48 -111.30 -31.94 38.42
C ARG G 48 -111.23 -30.66 39.22
N VAL G 49 -110.83 -30.82 40.48
CA VAL G 49 -110.67 -29.69 41.38
C VAL G 49 -109.49 -29.98 42.31
N THR G 50 -108.55 -29.05 42.38
CA THR G 50 -107.36 -29.22 43.18
C THR G 50 -107.37 -28.24 44.34
N VAL G 51 -106.80 -28.68 45.47
CA VAL G 51 -106.70 -27.84 46.66
C VAL G 51 -105.32 -28.05 47.26
N SER G 52 -104.70 -26.96 47.69
CA SER G 52 -103.42 -27.04 48.36
C SER G 52 -103.32 -25.91 49.37
N VAL G 53 -102.60 -26.17 50.45
CA VAL G 53 -102.26 -25.12 51.40
C VAL G 53 -100.80 -25.28 51.77
N SER G 54 -99.95 -24.48 51.17
CA SER G 54 -98.54 -24.54 51.49
C SER G 54 -98.31 -24.02 52.91
N GLN G 55 -97.28 -24.52 53.52
CA GLN G 55 -96.90 -24.17 54.87
C GLN G 55 -96.06 -22.91 54.87
N PRO G 56 -95.77 -22.34 56.04
CA PRO G 56 -95.03 -21.07 56.06
C PRO G 56 -93.68 -21.18 55.38
N SER G 57 -93.37 -20.18 54.56
CA SER G 57 -92.03 -20.08 53.98
C SER G 57 -91.13 -19.32 54.96
N ARG G 58 -89.92 -18.99 54.53
CA ARG G 58 -88.97 -18.36 55.42
C ARG G 58 -89.13 -16.84 55.41
N ASN G 59 -89.11 -16.25 56.61
CA ASN G 59 -89.03 -14.82 56.83
C ASN G 59 -90.32 -14.06 56.49
N ARG G 60 -91.25 -14.70 55.80
CA ARG G 60 -92.54 -14.08 55.49
C ARG G 60 -93.69 -14.94 55.97
N LYS G 61 -93.53 -16.26 55.84
CA LYS G 61 -94.44 -17.28 56.33
C LYS G 61 -95.75 -17.34 55.57
N ASN G 62 -96.23 -16.22 55.01
CA ASN G 62 -97.16 -16.23 53.90
C ASN G 62 -98.07 -17.47 53.79
N TYR G 63 -98.94 -17.73 54.75
CA TYR G 63 -99.84 -18.87 54.63
C TYR G 63 -100.59 -18.78 53.31
N LYS G 64 -100.40 -19.77 52.45
CA LYS G 64 -100.86 -19.74 51.08
C LYS G 64 -101.83 -20.89 50.83
N VAL G 65 -102.92 -20.62 50.12
CA VAL G 65 -103.86 -21.65 49.71
C VAL G 65 -104.23 -21.45 48.26
N GLN G 66 -104.30 -22.55 47.51
CA GLN G 66 -104.65 -22.53 46.10
C GLN G 66 -105.75 -23.54 45.83
N VAL G 67 -106.65 -23.18 44.92
CA VAL G 67 -107.74 -24.05 44.53
C VAL G 67 -107.90 -23.94 43.02
N LYS G 68 -107.68 -25.03 42.31
CA LYS G 68 -107.74 -25.05 40.85
C LYS G 68 -108.90 -25.94 40.41
N ILE G 69 -109.91 -25.32 39.79
CA ILE G 69 -111.01 -26.02 39.17
C ILE G 69 -110.73 -26.11 37.68
N GLN G 70 -110.77 -27.32 37.14
CA GLN G 70 -110.62 -27.55 35.72
C GLN G 70 -111.89 -28.18 35.19
N ASN G 71 -112.43 -27.62 34.11
CA ASN G 71 -113.63 -28.15 33.47
C ASN G 71 -113.34 -28.42 32.00
N PRO G 72 -113.21 -29.68 31.59
CA PRO G 72 -112.97 -29.96 30.17
C PRO G 72 -114.26 -30.20 29.41
N THR G 73 -114.14 -30.17 28.09
CA THR G 73 -115.27 -30.40 27.19
C THR G 73 -114.73 -30.83 25.85
N ALA G 74 -115.10 -32.04 25.42
CA ALA G 74 -114.59 -32.62 24.18
C ALA G 74 -115.69 -32.64 23.12
N CYS G 75 -115.30 -32.98 21.90
CA CYS G 75 -116.25 -32.96 20.79
C CYS G 75 -115.82 -34.02 19.79
N THR G 76 -116.53 -35.14 19.79
CA THR G 76 -116.17 -36.28 18.95
C THR G 76 -116.27 -35.92 17.48
N ALA G 77 -115.11 -35.76 16.84
CA ALA G 77 -115.08 -35.42 15.43
C ALA G 77 -115.50 -36.62 14.58
N ASN G 78 -116.05 -36.32 13.42
CA ASN G 78 -116.43 -37.38 12.49
C ASN G 78 -115.21 -38.20 12.10
N GLY G 79 -115.30 -39.51 12.28
CA GLY G 79 -114.23 -40.41 11.93
C GLY G 79 -113.22 -40.66 13.03
N SER G 80 -113.26 -39.89 14.12
CA SER G 80 -112.35 -40.07 15.25
C SER G 80 -113.05 -40.87 16.33
N CYS G 81 -112.45 -41.99 16.72
CA CYS G 81 -112.96 -42.82 17.81
C CYS G 81 -112.48 -42.34 19.18
N ASP G 82 -112.17 -41.05 19.30
CA ASP G 82 -111.64 -40.44 20.51
C ASP G 82 -112.30 -39.10 20.79
N PRO G 83 -113.06 -38.98 21.87
CA PRO G 83 -113.59 -37.65 22.21
C PRO G 83 -112.50 -36.76 22.76
N SER G 84 -111.66 -36.23 21.87
CA SER G 84 -110.56 -35.37 22.29
C SER G 84 -111.09 -34.07 22.87
N VAL G 85 -110.53 -33.66 24.00
CA VAL G 85 -110.94 -32.42 24.63
C VAL G 85 -110.58 -31.27 23.71
N THR G 86 -111.57 -30.44 23.38
CA THR G 86 -111.34 -29.27 22.56
C THR G 86 -111.60 -27.96 23.28
N ARG G 87 -112.08 -28.01 24.52
CA ARG G 87 -112.27 -26.80 25.30
C ARG G 87 -111.96 -27.09 26.76
N GLN G 88 -111.40 -26.10 27.44
CA GLN G 88 -111.08 -26.23 28.86
C GLN G 88 -111.35 -24.89 29.54
N ALA G 89 -111.99 -24.94 30.70
CA ALA G 89 -112.20 -23.76 31.53
C ALA G 89 -111.39 -23.91 32.81
N TYR G 90 -110.64 -22.87 33.13
CA TYR G 90 -109.76 -22.87 34.29
C TYR G 90 -110.26 -21.85 35.29
N ALA G 91 -110.13 -22.19 36.58
CA ALA G 91 -110.45 -21.25 37.65
C ALA G 91 -109.48 -21.50 38.79
N ASP G 92 -108.55 -20.56 39.02
CA ASP G 92 -107.65 -20.66 40.15
C ASP G 92 -107.98 -19.56 41.15
N VAL G 93 -108.24 -19.96 42.36
CA VAL G 93 -108.40 -19.04 43.47
C VAL G 93 -107.18 -19.19 44.35
N THR G 94 -106.69 -18.09 44.89
CA THR G 94 -105.53 -18.15 45.76
C THR G 94 -105.72 -17.19 46.93
N PHE G 95 -105.71 -17.74 48.13
CA PHE G 95 -105.81 -16.97 49.36
C PHE G 95 -104.44 -16.83 49.98
N SER G 96 -104.15 -15.65 50.51
CA SER G 96 -102.90 -15.39 51.20
C SER G 96 -103.21 -14.78 52.56
N PHE G 97 -102.64 -15.36 53.61
CA PHE G 97 -102.86 -14.96 54.99
C PHE G 97 -101.53 -14.69 55.66
N THR G 98 -101.56 -13.78 56.62
CA THR G 98 -100.39 -13.49 57.43
C THR G 98 -100.15 -14.60 58.42
N GLN G 99 -98.93 -14.62 58.95
CA GLN G 99 -98.62 -15.57 60.00
C GLN G 99 -99.46 -15.32 61.25
N TYR G 100 -100.09 -14.17 61.37
CA TYR G 100 -100.92 -13.88 62.51
C TYR G 100 -102.38 -13.69 62.15
N SER G 101 -102.77 -14.07 60.94
CA SER G 101 -104.19 -14.08 60.61
C SER G 101 -104.97 -14.87 61.66
N THR G 102 -106.27 -14.68 61.66
CA THR G 102 -107.15 -15.41 62.55
C THR G 102 -108.26 -16.08 61.75
N ASP G 103 -108.73 -17.20 62.28
CA ASP G 103 -109.84 -17.90 61.66
C ASP G 103 -111.00 -16.96 61.36
N GLU G 104 -111.30 -16.06 62.29
CA GLU G 104 -112.38 -15.10 62.06
C GLU G 104 -112.24 -14.46 60.68
N GLU G 105 -111.11 -13.78 60.46
CA GLU G 105 -110.87 -13.13 59.19
C GLU G 105 -110.87 -14.12 58.05
N ARG G 106 -110.28 -15.28 58.27
CA ARG G 106 -110.15 -16.24 57.18
C ARG G 106 -111.51 -16.61 56.62
N ALA G 107 -112.43 -17.04 57.48
CA ALA G 107 -113.74 -17.42 56.95
C ALA G 107 -114.53 -16.19 56.55
N PHE G 108 -114.23 -15.03 57.13
CA PHE G 108 -114.82 -13.82 56.60
C PHE G 108 -114.50 -13.69 55.12
N VAL G 109 -113.22 -13.82 54.79
CA VAL G 109 -112.78 -13.78 53.40
C VAL G 109 -113.50 -14.85 52.59
N ARG G 110 -113.54 -16.07 53.12
CA ARG G 110 -114.13 -17.17 52.38
C ARG G 110 -115.57 -16.85 52.02
N THR G 111 -116.39 -16.61 53.03
CA THR G 111 -117.81 -16.43 52.79
C THR G 111 -118.07 -15.19 51.94
N GLU G 112 -117.25 -14.15 52.05
CA GLU G 112 -117.52 -12.99 51.23
C GLU G 112 -117.16 -13.28 49.79
N LEU G 113 -116.12 -14.07 49.55
CA LEU G 113 -115.84 -14.49 48.19
C LEU G 113 -117.01 -15.27 47.62
N ALA G 114 -117.57 -16.16 48.43
CA ALA G 114 -118.72 -16.93 47.95
C ALA G 114 -119.89 -16.01 47.62
N ALA G 115 -120.21 -15.10 48.52
CA ALA G 115 -121.37 -14.26 48.30
C ALA G 115 -121.15 -13.31 47.14
N LEU G 116 -119.91 -12.90 46.90
CA LEU G 116 -119.62 -12.16 45.68
C LEU G 116 -119.88 -13.02 44.47
N LEU G 117 -119.42 -14.27 44.49
CA LEU G 117 -119.71 -15.16 43.38
C LEU G 117 -121.19 -15.29 43.14
N ALA G 118 -122.00 -15.15 44.18
CA ALA G 118 -123.45 -15.23 44.06
C ALA G 118 -124.11 -13.93 43.64
N SER G 119 -123.49 -12.79 43.91
CA SER G 119 -124.13 -11.51 43.65
C SER G 119 -124.32 -11.28 42.16
N PRO G 120 -125.29 -10.43 41.78
CA PRO G 120 -125.47 -10.12 40.37
C PRO G 120 -124.23 -9.58 39.71
N LEU G 121 -123.40 -8.83 40.45
CA LEU G 121 -122.22 -8.23 39.85
C LEU G 121 -121.38 -9.28 39.14
N LEU G 122 -120.79 -10.20 39.90
CA LEU G 122 -119.90 -11.16 39.27
C LEU G 122 -120.67 -12.08 38.34
N ILE G 123 -121.97 -12.28 38.58
CA ILE G 123 -122.77 -13.07 37.66
C ILE G 123 -122.72 -12.44 36.27
N ASP G 124 -123.00 -11.15 36.20
CA ASP G 124 -122.93 -10.51 34.90
C ASP G 124 -121.50 -10.40 34.41
N ALA G 125 -120.53 -10.32 35.32
CA ALA G 125 -119.14 -10.22 34.89
C ALA G 125 -118.65 -11.50 34.25
N ILE G 126 -119.15 -12.65 34.70
CA ILE G 126 -118.65 -13.96 34.31
C ILE G 126 -119.58 -14.61 33.30
N ASP G 127 -120.82 -14.89 33.70
CA ASP G 127 -121.80 -15.47 32.80
C ASP G 127 -121.70 -14.90 31.41
N GLN G 128 -121.92 -13.60 31.28
CA GLN G 128 -121.97 -12.96 29.99
C GLN G 128 -120.71 -12.14 29.71
N LEU G 129 -119.65 -12.32 30.50
CA LEU G 129 -118.35 -11.69 30.24
C LEU G 129 -118.52 -10.20 30.00
N ASN G 130 -118.92 -9.49 31.03
CA ASN G 130 -119.30 -8.10 30.88
C ASN G 130 -118.41 -7.24 31.76
N PRO G 131 -117.54 -6.40 31.20
CA PRO G 131 -116.74 -5.53 32.05
C PRO G 131 -117.62 -4.72 32.98
N ALA G 132 -117.23 -4.66 34.23
CA ALA G 132 -118.00 -3.93 35.22
C ALA G 132 -117.81 -2.44 35.01
N TYR G 133 -118.91 -1.72 34.93
CA TYR G 133 -118.92 -0.27 34.92
C TYR G 133 -120.32 0.27 35.11
N ALA H 2 49.85 79.74 -93.13
CA ALA H 2 49.21 78.40 -93.24
C ALA H 2 47.76 78.53 -93.75
N LYS H 3 47.58 79.38 -94.77
CA LYS H 3 46.25 79.60 -95.31
C LYS H 3 45.74 78.38 -96.05
N LEU H 4 44.42 78.18 -96.00
CA LEU H 4 43.76 77.08 -96.67
C LEU H 4 43.28 77.55 -98.03
N GLU H 5 43.71 76.84 -99.09
CA GLU H 5 43.33 77.18 -100.45
C GLU H 5 43.32 75.90 -101.26
N THR H 6 42.76 75.96 -102.46
CA THR H 6 42.80 74.81 -103.33
C THR H 6 44.24 74.50 -103.70
N VAL H 7 44.60 73.23 -103.62
CA VAL H 7 45.96 72.79 -103.88
C VAL H 7 45.95 71.90 -105.11
N THR H 8 46.82 72.22 -106.06
CA THR H 8 46.87 71.58 -107.36
C THR H 8 48.12 70.71 -107.40
N LEU H 9 47.94 69.42 -107.19
CA LEU H 9 49.06 68.50 -107.06
C LEU H 9 49.24 67.79 -108.40
N GLY H 10 50.27 68.19 -109.14
CA GLY H 10 50.48 67.65 -110.48
C GLY H 10 51.63 66.67 -110.56
N ASN H 11 51.67 65.89 -111.63
CA ASN H 11 52.77 64.96 -111.87
C ASN H 11 52.83 63.89 -110.78
N ILE H 12 51.80 63.05 -110.78
CA ILE H 12 51.49 62.11 -109.72
C ILE H 12 51.40 60.72 -110.34
N GLY H 13 51.65 59.68 -109.54
CA GLY H 13 51.42 58.30 -109.95
C GLY H 13 52.67 57.61 -110.46
N LYS H 14 52.48 56.43 -111.07
CA LYS H 14 53.61 55.73 -111.71
C LYS H 14 54.47 56.68 -112.53
N ASP H 15 53.90 57.22 -113.58
CA ASP H 15 54.67 58.04 -114.51
C ASP H 15 54.62 59.51 -114.14
N GLY H 16 53.99 59.85 -113.02
CA GLY H 16 53.86 61.23 -112.66
C GLY H 16 53.10 61.97 -113.73
N LYS H 17 51.89 61.50 -114.04
CA LYS H 17 51.08 62.12 -115.07
C LYS H 17 49.73 62.63 -114.59
N GLN H 18 49.13 62.04 -113.57
CA GLN H 18 47.81 62.49 -113.17
C GLN H 18 47.92 63.75 -112.32
N THR H 19 46.77 64.28 -111.91
CA THR H 19 46.73 65.47 -111.08
C THR H 19 45.56 65.37 -110.11
N LEU H 20 45.76 65.91 -108.92
CA LEU H 20 44.76 65.87 -107.85
C LEU H 20 44.50 67.29 -107.37
N VAL H 21 43.25 67.69 -107.37
CA VAL H 21 42.85 69.02 -106.94
C VAL H 21 42.15 68.87 -105.60
N LEU H 22 42.74 69.44 -104.57
CA LEU H 22 42.24 69.31 -103.20
C LEU H 22 41.67 70.64 -102.75
N ASN H 23 40.42 70.69 -102.55
CA ASN H 23 39.82 71.90 -102.00
C ASN H 23 39.72 71.78 -100.50
N PRO H 24 39.62 72.91 -99.81
CA PRO H 24 39.62 72.90 -98.36
C PRO H 24 38.24 72.58 -97.79
N ARG H 25 38.26 72.29 -96.49
CA ARG H 25 37.07 71.95 -95.74
C ARG H 25 37.13 72.72 -94.43
N GLY H 26 36.34 72.33 -93.45
CA GLY H 26 36.34 72.98 -92.15
C GLY H 26 37.42 72.39 -91.26
N VAL H 27 38.01 73.23 -90.42
CA VAL H 27 38.97 72.75 -89.44
C VAL H 27 38.22 72.28 -88.21
N ASN H 28 38.42 71.02 -87.85
CA ASN H 28 37.79 70.47 -86.67
C ASN H 28 38.11 71.28 -85.42
N PRO H 29 37.13 72.01 -84.89
CA PRO H 29 37.39 72.76 -83.66
C PRO H 29 37.74 71.86 -82.49
N THR H 30 37.27 70.63 -82.45
CA THR H 30 37.51 69.78 -81.30
C THR H 30 38.99 69.45 -81.14
N ASN H 31 39.76 69.46 -82.22
CA ASN H 31 41.20 69.25 -82.10
C ASN H 31 42.02 70.15 -83.00
N GLY H 32 41.42 71.08 -83.72
CA GLY H 32 42.19 71.97 -84.57
C GLY H 32 42.96 71.24 -85.63
N VAL H 33 42.24 70.68 -86.61
CA VAL H 33 42.86 69.94 -87.70
C VAL H 33 42.24 70.43 -89.00
N ALA H 34 43.07 70.96 -89.89
CA ALA H 34 42.59 71.38 -91.19
C ALA H 34 42.50 70.18 -92.13
N SER H 35 41.60 70.28 -93.10
CA SER H 35 41.27 69.14 -93.94
C SER H 35 41.05 69.57 -95.37
N LEU H 36 41.46 68.72 -96.30
CA LEU H 36 41.32 68.95 -97.72
C LEU H 36 40.80 67.67 -98.36
N SER H 37 40.09 67.82 -99.47
CA SER H 37 39.50 66.65 -100.11
C SER H 37 39.36 66.91 -101.60
N GLN H 38 39.16 65.82 -102.34
CA GLN H 38 39.11 65.87 -103.80
C GLN H 38 38.19 66.97 -104.28
N ALA H 39 38.37 67.40 -105.52
CA ALA H 39 37.53 68.45 -106.09
C ALA H 39 36.05 68.14 -105.91
N GLY H 40 35.69 66.88 -105.72
CA GLY H 40 34.31 66.47 -105.59
C GLY H 40 33.82 65.76 -106.84
N ALA H 41 32.53 65.42 -106.83
CA ALA H 41 31.64 65.68 -105.70
C ALA H 41 31.77 64.60 -104.63
N VAL H 42 31.34 63.39 -104.95
CA VAL H 42 31.42 62.29 -103.99
C VAL H 42 32.85 62.06 -103.57
N PRO H 43 33.86 62.13 -104.45
CA PRO H 43 35.24 61.97 -103.98
C PRO H 43 35.61 62.92 -102.87
N ALA H 44 34.91 64.05 -102.73
CA ALA H 44 35.15 64.94 -101.60
C ALA H 44 34.87 64.23 -100.28
N LEU H 45 33.93 63.29 -100.27
CA LEU H 45 33.65 62.48 -99.11
C LEU H 45 34.30 61.10 -99.21
N GLU H 46 35.37 60.97 -99.99
CA GLU H 46 36.20 59.76 -99.97
C GLU H 46 37.67 60.08 -99.76
N LYS H 47 38.27 60.95 -100.56
CA LYS H 47 39.69 61.26 -100.45
C LYS H 47 39.91 62.33 -99.38
N ARG H 48 40.94 62.14 -98.56
CA ARG H 48 41.16 63.06 -97.44
C ARG H 48 42.65 63.34 -97.26
N VAL H 49 42.95 64.59 -96.91
CA VAL H 49 44.31 65.00 -96.57
C VAL H 49 44.21 66.01 -95.45
N THR H 50 44.68 65.64 -94.28
CA THR H 50 44.50 66.44 -93.08
C THR H 50 45.84 66.83 -92.48
N VAL H 51 45.86 67.99 -91.84
CA VAL H 51 47.07 68.56 -91.27
C VAL H 51 46.75 69.13 -89.90
N SER H 52 47.69 69.00 -88.97
CA SER H 52 47.50 69.48 -87.61
C SER H 52 48.84 69.96 -87.06
N VAL H 53 48.77 70.98 -86.22
CA VAL H 53 49.95 71.61 -85.63
C VAL H 53 49.76 71.66 -84.13
N SER H 54 50.13 70.59 -83.44
CA SER H 54 49.98 70.54 -81.99
C SER H 54 51.09 71.33 -81.32
N GLN H 55 50.70 72.34 -80.57
CA GLN H 55 51.63 73.25 -79.91
C GLN H 55 52.20 72.59 -78.66
N PRO H 56 53.27 73.14 -78.11
CA PRO H 56 53.84 72.58 -76.89
C PRO H 56 52.81 72.59 -75.77
N SER H 57 52.99 71.69 -74.81
CA SER H 57 52.11 71.62 -73.67
C SER H 57 52.78 70.79 -72.58
N ARG H 58 52.00 70.40 -71.58
CA ARG H 58 52.53 69.53 -70.53
C ARG H 58 52.91 68.18 -71.10
N ASN H 59 52.16 67.72 -72.11
CA ASN H 59 52.49 66.48 -72.78
C ASN H 59 53.35 66.72 -74.03
N ARG H 60 53.12 67.85 -74.71
CA ARG H 60 53.88 68.24 -75.91
C ARG H 60 55.04 69.16 -75.57
N LYS H 61 56.19 68.98 -76.21
CA LYS H 61 57.39 69.64 -75.71
C LYS H 61 58.14 70.62 -76.64
N ASN H 62 58.64 70.25 -77.83
CA ASN H 62 58.22 69.25 -78.83
C ASN H 62 56.89 69.58 -79.51
N TYR H 63 56.92 70.64 -80.32
CA TYR H 63 55.91 70.87 -81.34
C TYR H 63 55.73 69.60 -82.17
N LYS H 64 54.48 69.28 -82.49
CA LYS H 64 54.16 68.08 -83.25
C LYS H 64 53.32 68.47 -84.47
N VAL H 65 53.86 68.29 -85.67
CA VAL H 65 53.12 68.57 -86.88
C VAL H 65 52.78 67.26 -87.56
N GLN H 66 51.50 66.99 -87.70
CA GLN H 66 50.99 65.71 -88.18
C GLN H 66 50.27 65.93 -89.51
N VAL H 67 50.56 65.06 -90.47
CA VAL H 67 49.93 65.10 -91.79
C VAL H 67 49.45 63.71 -92.11
N LYS H 68 48.14 63.56 -92.30
CA LYS H 68 47.54 62.28 -92.62
C LYS H 68 46.95 62.33 -94.01
N ILE H 69 47.15 61.26 -94.77
CA ILE H 69 46.60 61.10 -96.10
C ILE H 69 45.77 59.82 -96.14
N GLN H 70 44.61 59.89 -96.81
CA GLN H 70 43.75 58.72 -96.96
C GLN H 70 43.13 58.71 -98.34
N ASN H 71 43.34 57.60 -99.06
CA ASN H 71 42.69 57.35 -100.35
C ASN H 71 41.95 56.03 -100.25
N PRO H 72 40.64 56.02 -100.21
CA PRO H 72 39.92 54.77 -100.29
C PRO H 72 39.55 54.43 -101.72
N THR H 73 39.94 53.25 -102.19
CA THR H 73 39.46 52.76 -103.46
C THR H 73 38.18 51.97 -103.28
N ALA H 74 37.19 52.29 -104.10
CA ALA H 74 35.88 51.67 -104.04
C ALA H 74 35.52 51.18 -105.43
N CYS H 75 34.38 50.50 -105.52
CA CYS H 75 33.81 50.20 -106.82
C CYS H 75 32.37 49.77 -106.65
N THR H 76 31.74 49.48 -107.79
CA THR H 76 30.32 49.15 -107.85
C THR H 76 30.16 47.71 -108.27
N ALA H 77 29.51 46.91 -107.43
CA ALA H 77 29.11 45.58 -107.85
C ALA H 77 28.24 45.70 -109.10
N ASN H 78 28.46 44.80 -110.05
CA ASN H 78 27.78 44.90 -111.33
C ASN H 78 26.32 44.54 -111.13
N GLY H 79 25.51 45.53 -110.78
CA GLY H 79 24.12 45.32 -110.42
C GLY H 79 23.70 46.26 -109.30
N SER H 80 24.66 46.65 -108.47
CA SER H 80 24.44 47.65 -107.45
C SER H 80 24.49 49.03 -108.09
N CYS H 81 24.28 50.09 -107.31
CA CYS H 81 24.47 51.43 -107.84
C CYS H 81 25.53 52.20 -107.06
N ASP H 82 25.35 52.29 -105.76
CA ASP H 82 26.25 53.10 -104.95
C ASP H 82 27.55 52.36 -104.74
N PRO H 83 28.68 52.90 -105.18
CA PRO H 83 29.95 52.19 -104.96
C PRO H 83 30.28 52.08 -103.48
N SER H 84 30.86 50.95 -103.12
CA SER H 84 31.33 50.71 -101.77
C SER H 84 32.85 50.58 -101.79
N VAL H 85 33.47 51.00 -100.69
CA VAL H 85 34.93 51.01 -100.62
C VAL H 85 35.40 49.59 -100.34
N THR H 86 36.33 49.11 -101.15
CA THR H 86 36.89 47.79 -100.96
C THR H 86 38.30 47.82 -100.41
N ARG H 87 39.02 48.90 -100.65
CA ARG H 87 40.39 49.01 -100.18
C ARG H 87 40.60 50.42 -99.67
N GLN H 88 41.57 50.59 -98.78
CA GLN H 88 41.82 51.89 -98.19
C GLN H 88 43.31 52.02 -97.92
N ALA H 89 43.98 52.86 -98.69
CA ALA H 89 45.38 53.18 -98.42
C ALA H 89 45.43 54.47 -97.61
N TYR H 90 46.40 54.56 -96.73
CA TYR H 90 46.59 55.80 -96.01
C TYR H 90 47.96 55.81 -95.36
N ALA H 91 48.43 57.02 -95.08
CA ALA H 91 49.79 57.21 -94.57
C ALA H 91 49.81 58.38 -93.61
N ASP H 92 50.79 58.37 -92.72
CA ASP H 92 50.88 59.35 -91.65
C ASP H 92 52.33 59.81 -91.52
N VAL H 93 52.53 61.12 -91.53
CA VAL H 93 53.82 61.73 -91.25
C VAL H 93 53.69 62.58 -90.00
N THR H 94 54.70 62.52 -89.12
CA THR H 94 54.66 63.31 -87.90
C THR H 94 56.05 63.87 -87.64
N PHE H 95 56.19 65.18 -87.79
CA PHE H 95 57.40 65.89 -87.43
C PHE H 95 57.33 66.25 -85.95
N SER H 96 58.39 65.94 -85.22
CA SER H 96 58.52 66.35 -83.83
C SER H 96 59.73 67.27 -83.75
N PHE H 97 59.48 68.55 -83.51
CA PHE H 97 60.56 69.52 -83.44
C PHE H 97 60.62 70.14 -82.05
N THR H 98 61.81 70.55 -81.66
CA THR H 98 62.00 71.13 -80.34
C THR H 98 61.68 72.62 -80.36
N GLN H 99 61.31 73.11 -79.18
CA GLN H 99 60.80 74.47 -79.07
C GLN H 99 61.84 75.48 -79.53
N TYR H 100 63.11 75.13 -79.43
CA TYR H 100 64.20 75.92 -79.97
C TYR H 100 64.44 75.61 -81.44
N SER H 101 63.44 75.02 -82.11
CA SER H 101 63.54 74.68 -83.52
C SER H 101 63.97 75.88 -84.33
N THR H 102 64.39 75.60 -85.56
CA THR H 102 64.77 76.66 -86.48
C THR H 102 64.18 76.34 -87.84
N ASP H 103 63.72 77.39 -88.52
CA ASP H 103 63.07 77.20 -89.80
C ASP H 103 64.00 76.51 -90.79
N GLU H 104 65.29 76.84 -90.78
CA GLU H 104 66.18 76.21 -91.73
C GLU H 104 66.22 74.71 -91.49
N GLU H 105 66.31 74.31 -90.23
CA GLU H 105 66.24 72.89 -89.91
C GLU H 105 64.96 72.27 -90.40
N ARG H 106 63.84 72.89 -90.07
CA ARG H 106 62.56 72.26 -90.38
C ARG H 106 62.40 72.11 -91.87
N ALA H 107 62.73 73.14 -92.63
CA ALA H 107 62.63 73.06 -94.08
C ALA H 107 63.59 72.01 -94.61
N PHE H 108 64.77 71.92 -94.01
CA PHE H 108 65.73 70.91 -94.41
C PHE H 108 65.17 69.52 -94.26
N VAL H 109 64.54 69.25 -93.11
CA VAL H 109 63.91 67.96 -92.90
C VAL H 109 62.79 67.75 -93.91
N ARG H 110 61.99 68.79 -94.13
CA ARG H 110 60.89 68.66 -95.06
C ARG H 110 61.39 68.23 -96.42
N THR H 111 62.33 68.99 -96.95
CA THR H 111 62.81 68.74 -98.29
C THR H 111 63.55 67.41 -98.38
N GLU H 112 64.31 67.03 -97.36
CA GLU H 112 65.00 65.76 -97.43
C GLU H 112 64.02 64.60 -97.40
N LEU H 113 62.96 64.70 -96.59
CA LEU H 113 61.92 63.69 -96.65
C LEU H 113 61.32 63.64 -98.04
N ALA H 114 61.10 64.81 -98.63
CA ALA H 114 60.51 64.84 -99.96
C ALA H 114 61.38 64.10 -100.96
N ALA H 115 62.66 64.42 -101.00
CA ALA H 115 63.49 63.84 -102.04
C ALA H 115 63.85 62.39 -101.72
N LEU H 116 63.79 61.98 -100.46
CA LEU H 116 63.83 60.56 -100.18
C LEU H 116 62.60 59.87 -100.76
N LEU H 117 61.42 60.46 -100.55
CA LEU H 117 60.23 59.93 -101.21
C LEU H 117 60.45 59.80 -102.70
N ALA H 118 61.09 60.78 -103.30
CA ALA H 118 61.36 60.72 -104.73
C ALA H 118 62.51 59.79 -105.07
N SER H 119 63.23 59.28 -104.08
CA SER H 119 64.43 58.53 -104.34
C SER H 119 64.14 57.07 -104.70
N PRO H 120 65.01 56.45 -105.49
CA PRO H 120 64.76 55.07 -105.93
C PRO H 120 64.49 54.09 -104.81
N LEU H 121 65.12 54.25 -103.66
CA LEU H 121 64.98 53.24 -102.62
C LEU H 121 63.56 53.21 -102.07
N LEU H 122 62.99 54.37 -101.80
CA LEU H 122 61.64 54.36 -101.28
C LEU H 122 60.65 54.06 -102.38
N ILE H 123 60.88 54.62 -103.57
CA ILE H 123 60.02 54.26 -104.68
C ILE H 123 59.89 52.75 -104.71
N ASP H 124 60.98 52.05 -104.51
CA ASP H 124 60.94 50.61 -104.72
C ASP H 124 60.39 49.88 -103.50
N ALA H 125 60.85 50.24 -102.30
CA ALA H 125 60.38 49.58 -101.09
C ALA H 125 58.89 49.75 -100.84
N ILE H 126 58.22 50.70 -101.49
CA ILE H 126 56.78 50.85 -101.25
C ILE H 126 55.98 50.51 -102.52
N ASP H 127 56.48 50.86 -103.70
CA ASP H 127 55.90 50.33 -104.93
C ASP H 127 55.69 48.85 -104.82
N GLN H 128 56.77 48.12 -104.66
CA GLN H 128 56.71 46.69 -104.69
C GLN H 128 56.89 46.12 -103.31
N LEU H 129 56.97 46.98 -102.29
CA LEU H 129 57.00 46.50 -100.93
C LEU H 129 58.29 45.73 -100.71
N ASN H 130 59.29 46.03 -101.53
CA ASN H 130 60.53 45.28 -101.48
C ASN H 130 61.41 45.84 -100.38
N PRO H 131 61.73 45.08 -99.34
CA PRO H 131 62.59 45.63 -98.30
C PRO H 131 63.98 45.87 -98.86
N ALA H 132 64.69 46.79 -98.23
CA ALA H 132 65.95 47.26 -98.77
C ALA H 132 67.02 46.21 -98.50
N TYR H 133 67.34 45.40 -99.50
CA TYR H 133 68.36 44.37 -99.31
C TYR H 133 68.98 44.06 -100.65
N ALA I 2 37.29 92.27 -86.48
CA ALA I 2 38.58 92.11 -85.76
C ALA I 2 39.57 91.29 -86.57
N LYS I 3 39.53 91.47 -87.89
CA LYS I 3 40.46 90.80 -88.78
C LYS I 3 41.86 90.78 -88.19
N LEU I 4 42.45 89.59 -88.12
CA LEU I 4 43.87 89.51 -87.82
C LEU I 4 44.66 90.21 -88.92
N GLU I 5 45.64 91.01 -88.50
CA GLU I 5 46.48 91.77 -89.42
C GLU I 5 47.78 92.11 -88.73
N THR I 6 48.80 92.43 -89.53
CA THR I 6 50.08 92.79 -88.97
C THR I 6 49.91 94.05 -88.13
N VAL I 7 50.15 93.94 -86.85
CA VAL I 7 49.91 95.08 -85.96
C VAL I 7 51.23 95.78 -85.72
N THR I 8 51.20 97.11 -85.83
CA THR I 8 52.39 97.95 -85.75
C THR I 8 52.29 98.82 -84.50
N LEU I 9 52.94 98.35 -83.43
CA LEU I 9 52.96 99.08 -82.18
C LEU I 9 54.05 100.13 -82.26
N GLY I 10 53.67 101.40 -82.25
CA GLY I 10 54.64 102.46 -82.42
C GLY I 10 55.45 102.72 -81.17
N ASN I 11 55.67 103.99 -80.86
CA ASN I 11 56.44 104.40 -79.69
C ASN I 11 56.25 103.46 -78.50
N ILE I 12 57.36 103.04 -77.91
CA ILE I 12 57.35 101.91 -76.97
C ILE I 12 58.62 101.98 -76.14
N GLY I 13 58.51 101.63 -74.86
CA GLY I 13 59.65 101.53 -73.97
C GLY I 13 59.78 102.75 -73.07
N LYS I 14 60.88 102.79 -72.33
CA LYS I 14 61.10 103.91 -71.42
C LYS I 14 61.08 105.23 -72.18
N ASP I 15 62.05 105.41 -73.07
CA ASP I 15 62.13 106.62 -73.88
C ASP I 15 61.02 106.71 -74.90
N GLY I 16 60.28 105.61 -75.11
CA GLY I 16 59.27 105.59 -76.14
C GLY I 16 59.89 105.80 -77.51
N LYS I 17 60.74 104.88 -77.92
CA LYS I 17 61.43 105.02 -79.20
C LYS I 17 61.42 103.77 -80.07
N GLN I 18 61.26 102.58 -79.51
CA GLN I 18 61.27 101.38 -80.33
C GLN I 18 59.91 101.15 -80.94
N THR I 19 59.81 100.08 -81.74
CA THR I 19 58.56 99.72 -82.41
C THR I 19 58.49 98.22 -82.52
N LEU I 20 57.27 97.68 -82.53
CA LEU I 20 57.07 96.25 -82.65
C LEU I 20 56.10 95.95 -83.78
N VAL I 21 56.38 94.88 -84.51
CA VAL I 21 55.52 94.44 -85.60
C VAL I 21 55.15 93.01 -85.30
N LEU I 22 53.87 92.76 -85.04
CA LEU I 22 53.36 91.43 -84.75
C LEU I 22 52.69 90.89 -86.00
N ASN I 23 53.22 89.80 -86.54
CA ASN I 23 52.61 89.17 -87.69
C ASN I 23 51.43 88.32 -87.26
N PRO I 24 50.43 88.17 -88.12
CA PRO I 24 49.28 87.32 -87.78
C PRO I 24 49.66 85.86 -87.94
N ARG I 25 49.67 85.12 -86.84
CA ARG I 25 49.99 83.69 -86.92
C ARG I 25 48.76 82.87 -87.28
N GLY I 26 47.73 82.94 -86.45
CA GLY I 26 46.53 82.17 -86.70
C GLY I 26 45.61 82.23 -85.52
N VAL I 27 44.71 81.25 -85.44
CA VAL I 27 43.75 81.19 -84.34
C VAL I 27 43.53 79.73 -83.97
N ASN I 28 43.99 79.34 -82.81
CA ASN I 28 43.74 78.00 -82.34
C ASN I 28 42.28 77.85 -81.95
N PRO I 29 41.56 76.90 -82.52
CA PRO I 29 40.13 76.80 -82.27
C PRO I 29 39.79 76.05 -81.00
N THR I 30 40.66 75.13 -80.58
CA THR I 30 40.40 74.39 -79.35
C THR I 30 40.10 75.34 -78.19
N ASN I 31 40.51 76.59 -78.33
CA ASN I 31 40.32 77.60 -77.30
C ASN I 31 39.70 78.87 -77.86
N GLY I 32 39.59 79.01 -79.17
CA GLY I 32 39.17 80.27 -79.75
C GLY I 32 40.13 81.38 -79.40
N VAL I 33 41.43 81.16 -79.60
CA VAL I 33 42.45 82.14 -79.24
C VAL I 33 43.24 82.53 -80.49
N ALA I 34 43.20 83.80 -80.84
CA ALA I 34 44.02 84.31 -81.92
C ALA I 34 45.40 84.67 -81.41
N SER I 35 46.42 84.34 -82.19
CA SER I 35 47.81 84.45 -81.79
C SER I 35 48.57 85.38 -82.72
N LEU I 36 49.39 86.22 -82.12
CA LEU I 36 50.26 87.14 -82.83
C LEU I 36 51.69 86.94 -82.34
N SER I 37 52.64 87.06 -83.25
CA SER I 37 54.03 86.84 -82.92
C SER I 37 54.90 87.82 -83.66
N GLN I 38 56.03 88.18 -83.04
CA GLN I 38 56.99 89.03 -83.73
C GLN I 38 57.71 88.21 -84.79
N ALA I 39 58.10 88.87 -85.86
CA ALA I 39 58.73 88.17 -86.96
C ALA I 39 60.09 87.63 -86.53
N GLY I 40 60.30 86.33 -86.72
CA GLY I 40 61.57 85.73 -86.38
C GLY I 40 61.70 84.32 -86.92
N ALA I 41 62.50 83.49 -86.28
CA ALA I 41 62.62 82.10 -86.69
C ALA I 41 62.41 81.13 -85.53
N VAL I 42 62.99 81.43 -84.38
CA VAL I 42 63.02 80.49 -83.28
C VAL I 42 61.81 80.74 -82.40
N PRO I 43 60.85 79.82 -82.32
CA PRO I 43 59.64 80.11 -81.53
C PRO I 43 59.95 80.47 -80.10
N ALA I 44 60.95 79.86 -79.50
CA ALA I 44 61.29 80.12 -78.11
C ALA I 44 61.82 81.53 -77.90
N LEU I 45 62.07 82.28 -78.96
CA LEU I 45 62.63 83.62 -78.88
C LEU I 45 61.74 84.61 -79.60
N GLU I 46 60.44 84.57 -79.28
CA GLU I 46 59.47 85.35 -80.01
C GLU I 46 58.56 86.09 -79.04
N LYS I 47 58.33 87.37 -79.30
CA LYS I 47 57.37 88.14 -78.53
C LYS I 47 55.98 87.73 -78.97
N ARG I 48 55.13 87.29 -78.04
CA ARG I 48 53.86 86.69 -78.40
C ARG I 48 52.70 87.40 -77.73
N VAL I 49 51.57 87.40 -78.43
CA VAL I 49 50.33 88.03 -77.97
C VAL I 49 49.18 87.06 -78.23
N THR I 50 48.27 86.96 -77.28
CA THR I 50 47.13 86.06 -77.38
C THR I 50 45.87 86.84 -77.04
N VAL I 51 44.84 86.67 -77.87
CA VAL I 51 43.57 87.36 -77.69
C VAL I 51 42.45 86.32 -77.74
N SER I 52 41.57 86.36 -76.75
CA SER I 52 40.45 85.43 -76.69
C SER I 52 39.21 86.16 -76.24
N VAL I 53 38.07 85.80 -76.85
CA VAL I 53 36.77 86.40 -76.60
C VAL I 53 35.84 85.27 -76.20
N SER I 54 35.62 85.10 -74.90
CA SER I 54 34.80 84.01 -74.39
C SER I 54 33.38 84.52 -74.16
N GLN I 55 32.43 83.94 -74.86
CA GLN I 55 31.03 84.31 -74.74
C GLN I 55 30.44 83.75 -73.45
N PRO I 56 29.27 84.22 -73.04
CA PRO I 56 28.71 83.76 -71.77
C PRO I 56 28.08 82.39 -71.93
N SER I 57 28.62 81.41 -71.21
CA SER I 57 28.08 80.06 -71.20
C SER I 57 27.00 79.92 -70.15
N ARG I 58 26.40 78.74 -70.11
CA ARG I 58 25.41 78.42 -69.10
C ARG I 58 26.00 78.37 -67.70
N ASN I 59 27.33 78.40 -67.58
CA ASN I 59 28.03 78.24 -66.31
C ASN I 59 28.69 79.53 -65.85
N ARG I 60 28.74 80.56 -66.69
CA ARG I 60 29.36 81.82 -66.33
C ARG I 60 28.41 83.00 -66.48
N LYS I 61 27.71 83.08 -67.61
CA LYS I 61 26.82 84.21 -67.89
C LYS I 61 27.59 85.53 -67.80
N ASN I 62 28.75 85.55 -68.46
CA ASN I 62 29.60 86.73 -68.43
C ASN I 62 30.52 86.77 -69.63
N TYR I 63 30.51 87.88 -70.37
CA TYR I 63 31.49 88.05 -71.43
C TYR I 63 32.88 88.21 -70.83
N LYS I 64 33.83 87.46 -71.36
CA LYS I 64 35.22 87.57 -70.94
C LYS I 64 36.09 87.92 -72.14
N VAL I 65 37.09 88.77 -71.92
CA VAL I 65 38.06 89.10 -72.96
C VAL I 65 39.44 89.07 -72.36
N GLN I 66 40.25 88.11 -72.79
CA GLN I 66 41.55 87.86 -72.20
C GLN I 66 42.63 88.20 -73.20
N VAL I 67 43.62 88.98 -72.75
CA VAL I 67 44.75 89.39 -73.58
C VAL I 67 46.01 89.05 -72.81
N LYS I 68 46.84 88.20 -73.39
CA LYS I 68 48.02 87.70 -72.71
C LYS I 68 49.25 88.05 -73.54
N ILE I 69 50.28 88.56 -72.88
CA ILE I 69 51.50 89.03 -73.54
C ILE I 69 52.69 88.32 -72.93
N GLN I 70 53.56 87.82 -73.78
CA GLN I 70 54.73 87.05 -73.36
C GLN I 70 55.96 87.63 -74.03
N ASN I 71 56.96 87.97 -73.22
CA ASN I 71 58.23 88.50 -73.70
C ASN I 71 59.37 87.62 -73.24
N PRO I 72 59.99 86.85 -74.13
CA PRO I 72 61.21 86.12 -73.77
C PRO I 72 62.43 87.00 -74.00
N THR I 73 63.48 86.72 -73.23
CA THR I 73 64.75 87.38 -73.44
C THR I 73 65.79 86.40 -73.94
N ALA I 74 66.75 86.90 -74.70
CA ALA I 74 67.67 86.04 -75.44
C ALA I 74 68.76 85.49 -74.53
N CYS I 75 69.49 86.36 -73.85
CA CYS I 75 70.70 85.97 -73.11
C CYS I 75 71.59 85.12 -74.01
N THR I 76 71.91 85.66 -75.17
CA THR I 76 72.77 84.95 -76.11
C THR I 76 74.15 84.71 -75.50
N ALA I 77 74.64 83.47 -75.64
CA ALA I 77 75.92 83.06 -75.09
C ALA I 77 77.01 83.21 -76.14
N ASN I 78 78.25 83.38 -75.67
CA ASN I 78 79.39 83.59 -76.54
C ASN I 78 79.75 82.28 -77.25
N GLY I 79 78.82 81.83 -78.10
CA GLY I 79 79.01 80.66 -78.93
C GLY I 79 78.18 79.48 -78.43
N SER I 80 78.58 78.28 -78.85
CA SER I 80 78.18 77.00 -78.29
C SER I 80 76.74 76.61 -78.58
N CYS I 81 75.89 77.56 -78.94
CA CYS I 81 74.64 77.33 -79.69
C CYS I 81 73.90 78.66 -79.79
N ASP I 82 72.72 78.62 -80.41
CA ASP I 82 71.83 79.77 -80.40
C ASP I 82 71.49 80.16 -78.95
N PRO I 83 70.83 81.29 -78.76
CA PRO I 83 70.48 81.70 -77.40
C PRO I 83 69.45 80.76 -76.78
N SER I 84 69.27 80.91 -75.48
CA SER I 84 68.28 80.14 -74.74
C SER I 84 67.49 81.07 -73.84
N VAL I 85 66.26 80.67 -73.55
CA VAL I 85 65.38 81.54 -72.78
C VAL I 85 65.79 81.52 -71.32
N THR I 86 66.07 82.68 -70.79
CA THR I 86 66.38 82.85 -69.38
C THR I 86 65.30 83.59 -68.64
N ARG I 87 64.41 84.28 -69.34
CA ARG I 87 63.64 85.35 -68.76
C ARG I 87 62.34 85.49 -69.52
N GLN I 88 61.23 85.44 -68.81
CA GLN I 88 59.92 85.54 -69.44
C GLN I 88 59.08 86.55 -68.68
N ALA I 89 58.82 87.69 -69.30
CA ALA I 89 57.90 88.67 -68.74
C ALA I 89 56.50 88.37 -69.21
N TYR I 90 55.56 88.23 -68.26
CA TYR I 90 54.19 87.89 -68.55
C TYR I 90 53.27 89.04 -68.18
N ALA I 91 52.26 89.26 -69.02
CA ALA I 91 51.22 90.24 -68.74
C ALA I 91 49.88 89.63 -69.11
N ASP I 92 48.85 89.96 -68.33
CA ASP I 92 47.55 89.31 -68.47
C ASP I 92 46.45 90.29 -68.12
N VAL I 93 45.63 90.64 -69.10
CA VAL I 93 44.47 91.50 -68.92
C VAL I 93 43.21 90.68 -69.11
N THR I 94 42.22 90.93 -68.27
CA THR I 94 40.97 90.16 -68.30
C THR I 94 39.81 91.13 -68.12
N PHE I 95 39.22 91.54 -69.23
CA PHE I 95 37.95 92.25 -69.19
C PHE I 95 36.82 91.31 -68.87
N SER I 96 35.89 91.77 -68.03
CA SER I 96 34.66 91.05 -67.75
C SER I 96 33.49 92.00 -67.95
N PHE I 97 32.46 91.55 -68.63
CA PHE I 97 31.27 92.35 -68.87
C PHE I 97 30.03 91.51 -68.70
N THR I 98 28.92 92.18 -68.46
CA THR I 98 27.64 91.52 -68.32
C THR I 98 26.89 91.49 -69.64
N GLN I 99 25.83 90.68 -69.65
CA GLN I 99 25.11 90.40 -70.88
C GLN I 99 24.54 91.68 -71.49
N TYR I 100 24.03 92.58 -70.65
CA TYR I 100 23.49 93.83 -71.14
C TYR I 100 24.47 94.99 -70.95
N SER I 101 25.76 94.69 -70.87
CA SER I 101 26.77 95.72 -70.90
C SER I 101 26.62 96.54 -72.18
N THR I 102 27.31 97.66 -72.25
CA THR I 102 27.29 98.49 -73.44
C THR I 102 28.70 98.82 -73.88
N ASP I 103 28.89 98.76 -75.20
CA ASP I 103 30.15 99.21 -75.76
C ASP I 103 30.59 100.51 -75.13
N GLU I 104 29.62 101.31 -74.68
CA GLU I 104 29.96 102.57 -74.04
C GLU I 104 30.93 102.36 -72.89
N GLU I 105 30.46 101.69 -71.84
CA GLU I 105 31.34 101.45 -70.70
C GLU I 105 32.52 100.60 -71.08
N ARG I 106 32.34 99.71 -72.06
CA ARG I 106 33.47 98.87 -72.44
C ARG I 106 34.64 99.72 -72.91
N ALA I 107 34.41 100.62 -73.86
CA ALA I 107 35.51 101.48 -74.31
C ALA I 107 35.98 102.37 -73.18
N PHE I 108 35.05 102.82 -72.32
CA PHE I 108 35.45 103.66 -71.22
C PHE I 108 36.49 102.98 -70.36
N VAL I 109 36.22 101.74 -69.97
CA VAL I 109 37.15 101.02 -69.12
C VAL I 109 38.43 100.74 -69.89
N ARG I 110 38.29 100.48 -71.19
CA ARG I 110 39.47 100.25 -72.00
C ARG I 110 40.43 101.43 -71.88
N THR I 111 39.96 102.59 -72.28
CA THR I 111 40.84 103.75 -72.33
C THR I 111 41.32 104.14 -70.94
N GLU I 112 40.47 103.95 -69.93
CA GLU I 112 40.93 104.23 -68.58
C GLU I 112 42.10 103.33 -68.22
N LEU I 113 42.01 102.04 -68.55
CA LEU I 113 43.15 101.18 -68.30
C LEU I 113 44.36 101.68 -69.05
N ALA I 114 44.17 102.10 -70.29
CA ALA I 114 45.30 102.56 -71.08
C ALA I 114 46.03 103.70 -70.39
N ALA I 115 45.29 104.74 -70.01
CA ALA I 115 45.99 105.88 -69.49
C ALA I 115 46.42 105.69 -68.04
N LEU I 116 45.83 104.76 -67.30
CA LEU I 116 46.48 104.35 -66.05
C LEU I 116 47.81 103.70 -66.33
N LEU I 117 47.85 102.84 -67.33
CA LEU I 117 49.10 102.22 -67.70
C LEU I 117 50.13 103.24 -68.15
N ALA I 118 49.70 104.42 -68.57
CA ALA I 118 50.64 105.48 -68.91
C ALA I 118 50.92 106.47 -67.78
N SER I 119 50.06 106.56 -66.76
CA SER I 119 50.19 107.59 -65.75
C SER I 119 51.36 107.33 -64.80
N PRO I 120 51.81 108.36 -64.09
CA PRO I 120 53.00 108.19 -63.26
C PRO I 120 52.87 107.09 -62.23
N LEU I 121 51.68 106.87 -61.68
CA LEU I 121 51.53 105.89 -60.61
C LEU I 121 52.05 104.52 -61.05
N LEU I 122 51.41 103.93 -62.05
CA LEU I 122 51.85 102.62 -62.48
C LEU I 122 53.24 102.66 -63.09
N ILE I 123 53.63 103.80 -63.66
CA ILE I 123 55.02 103.94 -64.09
C ILE I 123 55.95 103.43 -63.00
N ASP I 124 55.93 104.07 -61.84
CA ASP I 124 56.79 103.65 -60.75
C ASP I 124 56.41 102.29 -60.22
N ALA I 125 55.11 101.97 -60.20
CA ALA I 125 54.69 100.72 -59.62
C ALA I 125 55.27 99.53 -60.37
N ILE I 126 55.46 99.66 -61.68
CA ILE I 126 55.88 98.54 -62.50
C ILE I 126 57.36 98.65 -62.81
N ASP I 127 57.80 99.76 -63.38
CA ASP I 127 59.20 99.86 -63.78
C ASP I 127 60.10 99.73 -62.57
N GLN I 128 59.85 100.56 -61.57
CA GLN I 128 60.66 100.56 -60.37
C GLN I 128 60.23 99.48 -59.38
N LEU I 129 59.10 98.84 -59.60
CA LEU I 129 58.54 97.91 -58.64
C LEU I 129 58.33 98.57 -57.30
N ASN I 130 57.98 99.85 -57.30
CA ASN I 130 57.73 100.56 -56.05
C ASN I 130 56.31 100.28 -55.60
N PRO I 131 56.09 99.69 -54.43
CA PRO I 131 54.72 99.55 -53.95
C PRO I 131 54.04 100.90 -53.88
N ALA I 132 52.78 100.91 -54.31
CA ALA I 132 52.05 102.17 -54.35
C ALA I 132 52.02 102.77 -52.96
N TYR I 133 52.73 103.86 -52.78
CA TYR I 133 52.84 104.47 -51.47
C TYR I 133 53.67 105.74 -51.49
N ALA J 2 34.95 76.86 -95.18
CA ALA J 2 34.02 78.00 -94.95
C ALA J 2 34.62 79.00 -94.00
N LYS J 3 35.62 79.75 -94.48
CA LYS J 3 36.25 80.75 -93.64
C LYS J 3 35.24 81.78 -93.18
N LEU J 4 35.23 82.05 -91.88
CA LEU J 4 34.32 83.04 -91.34
C LEU J 4 34.80 84.44 -91.67
N GLU J 5 33.85 85.31 -91.97
CA GLU J 5 34.15 86.70 -92.28
C GLU J 5 32.88 87.50 -92.20
N THR J 6 33.04 88.81 -92.32
CA THR J 6 31.92 89.73 -92.18
C THR J 6 30.85 89.44 -93.20
N VAL J 7 29.71 88.93 -92.75
CA VAL J 7 28.61 88.61 -93.65
C VAL J 7 27.81 89.89 -93.88
N THR J 8 27.76 90.32 -95.14
CA THR J 8 27.07 91.54 -95.50
C THR J 8 25.88 91.15 -96.35
N LEU J 9 24.70 91.52 -95.89
CA LEU J 9 23.50 91.04 -96.52
C LEU J 9 22.55 92.20 -96.76
N GLY J 10 22.17 92.40 -98.02
CA GLY J 10 21.24 93.43 -98.39
C GLY J 10 19.93 92.89 -98.93
N ASN J 11 19.03 93.81 -99.25
CA ASN J 11 17.73 93.47 -99.82
C ASN J 11 16.93 92.62 -98.84
N ILE J 12 16.60 93.23 -97.71
CA ILE J 12 15.98 92.54 -96.58
C ILE J 12 14.75 93.34 -96.16
N GLY J 13 13.81 92.66 -95.50
CA GLY J 13 12.59 93.30 -94.99
C GLY J 13 11.45 93.17 -95.97
N LYS J 14 10.27 93.72 -95.61
CA LYS J 14 9.18 93.70 -96.60
C LYS J 14 9.65 94.29 -97.90
N ASP J 15 10.20 95.48 -97.84
CA ASP J 15 10.58 96.22 -99.03
C ASP J 15 11.94 95.79 -99.56
N GLY J 16 12.64 94.93 -98.85
CA GLY J 16 13.94 94.52 -99.30
C GLY J 16 14.88 95.69 -99.38
N LYS J 17 15.01 96.44 -98.29
CA LYS J 17 15.83 97.64 -98.32
C LYS J 17 16.76 97.80 -97.14
N GLN J 18 16.59 97.05 -96.06
CA GLN J 18 17.56 97.13 -94.98
C GLN J 18 18.78 96.27 -95.31
N THR J 19 19.79 96.35 -94.45
CA THR J 19 20.99 95.54 -94.60
C THR J 19 21.46 95.10 -93.23
N LEU J 20 22.12 93.94 -93.19
CA LEU J 20 22.58 93.36 -91.95
C LEU J 20 24.05 92.99 -92.11
N VAL J 21 24.86 93.42 -91.17
CA VAL J 21 26.28 93.13 -91.14
C VAL J 21 26.50 92.25 -89.92
N LEU J 22 26.86 91.01 -90.16
CA LEU J 22 27.08 90.03 -89.11
C LEU J 22 28.57 89.79 -88.96
N ASN J 23 29.06 89.96 -87.81
CA ASN J 23 30.48 89.70 -87.61
C ASN J 23 30.67 88.33 -87.00
N PRO J 24 31.81 87.69 -87.27
CA PRO J 24 32.05 86.37 -86.71
C PRO J 24 32.19 86.42 -85.20
N ARG J 25 31.78 85.34 -84.55
CA ARG J 25 31.96 85.16 -83.11
C ARG J 25 32.80 83.93 -82.79
N GLY J 26 33.54 83.42 -83.76
CA GLY J 26 34.34 82.24 -83.53
C GLY J 26 33.52 80.97 -83.54
N VAL J 27 34.09 79.94 -82.93
CA VAL J 27 33.50 78.60 -82.91
C VAL J 27 33.47 78.09 -81.48
N ASN J 28 32.36 77.52 -81.09
CA ASN J 28 32.30 76.83 -79.82
C ASN J 28 33.22 75.62 -79.87
N PRO J 29 34.17 75.49 -78.94
CA PRO J 29 35.03 74.30 -78.95
C PRO J 29 34.28 73.03 -78.60
N THR J 30 33.12 73.14 -77.95
CA THR J 30 32.39 71.96 -77.51
C THR J 30 31.44 71.48 -78.60
N ASN J 31 30.44 72.28 -78.92
CA ASN J 31 29.46 71.89 -79.92
C ASN J 31 30.03 72.04 -81.32
N GLY J 32 31.12 72.78 -81.48
CA GLY J 32 31.70 72.95 -82.80
C GLY J 32 30.76 73.66 -83.74
N VAL J 33 30.18 74.77 -83.32
CA VAL J 33 29.26 75.55 -84.14
C VAL J 33 29.77 76.98 -84.21
N ALA J 34 29.81 77.53 -85.43
CA ALA J 34 30.25 78.90 -85.59
C ALA J 34 29.09 79.84 -85.33
N SER J 35 29.41 81.08 -84.95
CA SER J 35 28.42 82.07 -84.57
C SER J 35 28.72 83.41 -85.21
N LEU J 36 27.67 84.10 -85.62
CA LEU J 36 27.76 85.44 -86.19
C LEU J 36 26.82 86.35 -85.42
N SER J 37 27.21 87.62 -85.31
CA SER J 37 26.42 88.59 -84.56
C SER J 37 26.39 89.91 -85.29
N GLN J 38 25.31 90.64 -85.08
CA GLN J 38 25.19 91.99 -85.59
C GLN J 38 25.94 92.96 -84.70
N ALA J 39 26.57 93.96 -85.32
CA ALA J 39 27.25 94.98 -84.56
C ALA J 39 26.22 95.85 -83.85
N GLY J 40 26.37 96.00 -82.54
CA GLY J 40 25.42 96.76 -81.79
C GLY J 40 26.03 97.23 -80.48
N ALA J 41 25.23 98.01 -79.75
CA ALA J 41 25.68 98.56 -78.48
C ALA J 41 25.47 97.56 -77.34
N VAL J 42 24.32 96.89 -77.35
CA VAL J 42 23.95 95.94 -76.30
C VAL J 42 24.13 94.54 -76.88
N PRO J 43 25.09 93.75 -76.39
CA PRO J 43 25.22 92.39 -76.93
C PRO J 43 23.96 91.60 -76.77
N ALA J 44 23.18 91.88 -75.73
CA ALA J 44 21.97 91.12 -75.52
C ALA J 44 20.95 91.36 -76.62
N LEU J 45 21.06 92.46 -77.35
CA LEU J 45 20.07 92.82 -78.34
C LEU J 45 20.66 92.79 -79.74
N GLU J 46 21.64 91.92 -79.95
CA GLU J 46 22.28 91.79 -81.25
C GLU J 46 21.78 90.54 -81.94
N LYS J 47 21.48 90.67 -83.23
CA LYS J 47 20.93 89.57 -83.99
C LYS J 47 22.01 88.52 -84.17
N ARG J 48 21.70 87.27 -83.84
CA ARG J 48 22.66 86.19 -83.92
C ARG J 48 22.27 85.21 -85.02
N VAL J 49 23.28 84.49 -85.49
CA VAL J 49 23.08 83.44 -86.49
C VAL J 49 24.11 82.35 -86.27
N THR J 50 23.65 81.14 -86.05
CA THR J 50 24.53 80.00 -85.81
C THR J 50 24.64 79.15 -87.07
N VAL J 51 25.76 78.46 -87.20
CA VAL J 51 25.98 77.56 -88.32
C VAL J 51 26.71 76.33 -87.81
N SER J 52 26.13 75.15 -88.02
CA SER J 52 26.68 73.91 -87.53
C SER J 52 26.81 72.92 -88.68
N VAL J 53 27.96 72.26 -88.76
CA VAL J 53 28.19 71.25 -89.78
C VAL J 53 28.68 69.98 -89.10
N SER J 54 27.76 69.14 -88.67
CA SER J 54 28.17 67.95 -87.95
C SER J 54 28.66 66.89 -88.91
N GLN J 55 29.48 66.00 -88.40
CA GLN J 55 30.09 64.97 -89.21
C GLN J 55 29.31 63.67 -89.10
N PRO J 56 29.57 62.72 -89.99
CA PRO J 56 28.80 61.47 -89.97
C PRO J 56 28.93 60.74 -88.65
N SER J 57 27.82 60.14 -88.21
CA SER J 57 27.76 59.32 -87.02
C SER J 57 28.09 57.87 -87.41
N ARG J 58 27.81 56.91 -86.53
CA ARG J 58 28.19 55.53 -86.79
C ARG J 58 27.04 54.75 -87.43
N ASN J 59 27.36 53.97 -88.45
CA ASN J 59 26.45 52.98 -89.02
C ASN J 59 25.30 53.61 -89.80
N ARG J 60 25.22 54.94 -89.76
CA ARG J 60 24.23 55.68 -90.53
C ARG J 60 24.85 56.80 -91.35
N LYS J 61 25.80 57.52 -90.75
CA LYS J 61 26.64 58.54 -91.35
C LYS J 61 25.94 59.86 -91.68
N ASN J 62 24.64 59.84 -91.98
CA ASN J 62 23.77 61.00 -91.73
C ASN J 62 24.42 62.39 -91.69
N TYR J 63 25.04 62.92 -92.75
CA TYR J 63 25.46 64.32 -92.68
C TYR J 63 24.28 65.21 -92.32
N LYS J 64 24.48 66.07 -91.33
CA LYS J 64 23.48 67.01 -90.89
C LYS J 64 24.12 68.38 -90.71
N VAL J 65 23.39 69.40 -91.12
CA VAL J 65 23.84 70.78 -91.05
C VAL J 65 22.69 71.61 -90.50
N GLN J 66 23.02 72.53 -89.59
CA GLN J 66 22.01 73.27 -88.85
C GLN J 66 22.32 74.76 -88.90
N VAL J 67 21.26 75.56 -88.93
CA VAL J 67 21.36 77.00 -89.04
C VAL J 67 20.31 77.59 -88.12
N LYS J 68 20.74 78.24 -87.05
CA LYS J 68 19.85 78.83 -86.07
C LYS J 68 20.00 80.34 -86.14
N ILE J 69 18.90 81.02 -86.47
CA ILE J 69 18.87 82.46 -86.58
C ILE J 69 17.98 82.99 -85.48
N GLN J 70 18.49 83.94 -84.71
CA GLN J 70 17.80 84.45 -83.53
C GLN J 70 17.70 85.97 -83.63
N ASN J 71 16.48 86.47 -83.50
CA ASN J 71 16.21 87.90 -83.55
C ASN J 71 15.60 88.37 -82.24
N PRO J 72 16.30 89.14 -81.44
CA PRO J 72 15.73 89.65 -80.20
C PRO J 72 15.10 91.02 -80.40
N THR J 73 14.29 91.41 -79.42
CA THR J 73 13.70 92.74 -79.40
C THR J 73 13.19 93.04 -78.00
N ALA J 74 13.58 94.19 -77.46
CA ALA J 74 13.27 94.54 -76.08
C ALA J 74 12.32 95.74 -76.03
N CYS J 75 11.99 96.14 -74.81
CA CYS J 75 11.33 97.42 -74.56
C CYS J 75 11.79 97.88 -73.17
N THR J 76 12.58 98.93 -73.12
CA THR J 76 12.95 99.51 -71.85
C THR J 76 11.71 99.93 -71.08
N ALA J 77 11.42 99.23 -69.99
CA ALA J 77 10.29 99.57 -69.14
C ALA J 77 10.53 100.92 -68.46
N ASN J 78 9.44 101.61 -68.14
CA ASN J 78 9.56 102.84 -67.37
C ASN J 78 10.11 102.55 -65.99
N GLY J 79 11.15 103.26 -65.60
CA GLY J 79 11.82 103.03 -64.35
C GLY J 79 12.94 102.01 -64.42
N SER J 80 13.06 101.27 -65.52
CA SER J 80 14.11 100.28 -65.68
C SER J 80 15.19 100.81 -66.60
N CYS J 81 16.43 100.73 -66.14
CA CYS J 81 17.59 101.23 -66.88
C CYS J 81 18.24 100.13 -67.71
N ASP J 82 17.47 99.14 -68.13
CA ASP J 82 18.06 98.00 -68.83
C ASP J 82 17.09 97.47 -69.87
N PRO J 83 17.34 97.70 -71.14
CA PRO J 83 16.37 97.25 -72.15
C PRO J 83 16.29 95.73 -72.20
N SER J 84 15.58 95.17 -71.23
CA SER J 84 15.41 93.73 -71.16
C SER J 84 14.70 93.20 -72.40
N VAL J 85 15.22 92.11 -72.96
CA VAL J 85 14.60 91.49 -74.12
C VAL J 85 13.25 90.93 -73.72
N THR J 86 12.20 91.35 -74.41
CA THR J 86 10.87 90.83 -74.17
C THR J 86 10.30 90.08 -75.36
N ARG J 87 11.10 89.83 -76.39
CA ARG J 87 10.55 89.41 -77.66
C ARG J 87 11.64 88.65 -78.42
N GLN J 88 11.31 87.44 -78.88
CA GLN J 88 12.29 86.58 -79.52
C GLN J 88 11.70 85.96 -80.78
N ALA J 89 12.51 85.88 -81.82
CA ALA J 89 12.16 85.19 -83.05
C ALA J 89 13.22 84.14 -83.35
N TYR J 90 12.78 82.90 -83.52
CA TYR J 90 13.65 81.77 -83.79
C TYR J 90 13.42 81.24 -85.20
N ALA J 91 14.50 80.85 -85.86
CA ALA J 91 14.42 80.19 -87.16
C ALA J 91 15.49 79.12 -87.21
N ASP J 92 15.09 77.85 -87.17
CA ASP J 92 16.03 76.74 -87.26
C ASP J 92 15.82 76.01 -88.58
N VAL J 93 16.87 75.91 -89.36
CA VAL J 93 16.89 75.10 -90.56
C VAL J 93 17.85 73.97 -90.34
N THR J 94 17.50 72.78 -90.80
CA THR J 94 18.42 71.66 -90.74
C THR J 94 18.30 70.87 -92.03
N PHE J 95 19.42 70.69 -92.70
CA PHE J 95 19.50 69.81 -93.85
C PHE J 95 20.12 68.50 -93.42
N SER J 96 19.65 67.42 -94.01
CA SER J 96 20.21 66.10 -93.78
C SER J 96 20.47 65.45 -95.13
N PHE J 97 21.68 64.94 -95.30
CA PHE J 97 22.08 64.25 -96.51
C PHE J 97 22.69 62.91 -96.17
N THR J 98 22.67 62.02 -97.16
CA THR J 98 23.31 60.73 -97.04
C THR J 98 24.81 60.88 -97.28
N GLN J 99 25.55 59.89 -96.80
CA GLN J 99 26.99 59.89 -97.00
C GLN J 99 27.36 59.89 -98.46
N TYR J 100 26.44 59.53 -99.34
CA TYR J 100 26.70 59.50 -100.77
C TYR J 100 26.12 60.70 -101.48
N SER J 101 25.62 61.68 -100.74
CA SER J 101 25.06 62.86 -101.38
C SER J 101 26.06 63.47 -102.36
N THR J 102 25.56 64.32 -103.23
CA THR J 102 26.37 65.03 -104.20
C THR J 102 26.10 66.52 -104.13
N ASP J 103 27.15 67.30 -104.41
CA ASP J 103 27.03 68.74 -104.38
C ASP J 103 25.88 69.22 -105.24
N GLU J 104 25.67 68.56 -106.39
CA GLU J 104 24.56 68.95 -107.25
C GLU J 104 23.26 69.02 -106.45
N GLU J 105 22.85 67.91 -105.85
CA GLU J 105 21.60 67.90 -105.11
C GLU J 105 21.67 68.79 -103.88
N ARG J 106 22.83 68.86 -103.24
CA ARG J 106 22.90 69.74 -102.08
C ARG J 106 22.56 71.17 -102.47
N ALA J 107 23.24 71.69 -103.48
CA ALA J 107 22.95 73.04 -103.95
C ALA J 107 21.53 73.15 -104.47
N PHE J 108 21.04 72.09 -105.11
CA PHE J 108 19.66 72.07 -105.54
C PHE J 108 18.73 72.36 -104.37
N VAL J 109 18.92 71.62 -103.29
CA VAL J 109 18.10 71.81 -102.09
C VAL J 109 18.27 73.23 -101.59
N ARG J 110 19.51 73.72 -101.55
CA ARG J 110 19.76 75.03 -101.00
C ARG J 110 18.95 76.08 -101.75
N THR J 111 19.22 76.22 -103.04
CA THR J 111 18.54 77.24 -103.80
C THR J 111 17.04 77.00 -103.79
N GLU J 112 16.62 75.75 -103.66
CA GLU J 112 15.19 75.45 -103.65
C GLU J 112 14.55 76.07 -102.43
N LEU J 113 15.14 75.84 -101.27
CA LEU J 113 14.61 76.44 -100.06
C LEU J 113 14.62 77.96 -100.19
N ALA J 114 15.69 78.50 -100.79
CA ALA J 114 15.74 79.94 -100.97
C ALA J 114 14.57 80.43 -101.78
N ALA J 115 14.31 79.78 -102.91
CA ALA J 115 13.25 80.24 -103.79
C ALA J 115 11.89 80.07 -103.16
N LEU J 116 11.63 78.97 -102.48
CA LEU J 116 10.36 78.87 -101.79
C LEU J 116 10.23 80.01 -100.79
N LEU J 117 11.30 80.26 -100.03
CA LEU J 117 11.25 81.23 -98.97
C LEU J 117 11.09 82.64 -99.54
N ALA J 118 11.35 82.82 -100.83
CA ALA J 118 11.00 84.05 -101.52
C ALA J 118 9.63 84.01 -102.21
N SER J 119 9.07 82.83 -102.40
CA SER J 119 7.85 82.70 -103.19
C SER J 119 6.64 83.27 -102.46
N PRO J 120 5.56 83.54 -103.21
CA PRO J 120 4.35 84.05 -102.55
C PRO J 120 3.84 83.15 -101.46
N LEU J 121 4.02 81.83 -101.57
CA LEU J 121 3.45 80.93 -100.58
C LEU J 121 4.02 81.21 -99.20
N LEU J 122 5.30 80.91 -98.99
CA LEU J 122 5.84 81.11 -97.66
C LEU J 122 5.72 82.56 -97.24
N ILE J 123 5.70 83.48 -98.21
CA ILE J 123 5.43 84.88 -97.89
C ILE J 123 4.17 84.99 -97.05
N ASP J 124 3.03 84.68 -97.66
CA ASP J 124 1.79 84.83 -96.92
C ASP J 124 1.74 83.89 -95.72
N ALA J 125 2.45 82.78 -95.80
CA ALA J 125 2.40 81.80 -94.73
C ALA J 125 3.09 82.29 -93.48
N ILE J 126 4.14 83.09 -93.62
CA ILE J 126 4.98 83.49 -92.50
C ILE J 126 4.71 84.94 -92.11
N ASP J 127 4.71 85.85 -93.08
CA ASP J 127 4.52 87.26 -92.75
C ASP J 127 3.19 87.48 -92.06
N GLN J 128 2.11 86.92 -92.59
CA GLN J 128 0.82 87.04 -91.95
C GLN J 128 0.37 85.78 -91.23
N LEU J 129 1.27 84.83 -91.03
CA LEU J 129 0.93 83.58 -90.34
C LEU J 129 -0.35 83.00 -90.90
N ASN J 130 -0.32 82.67 -92.17
CA ASN J 130 -1.54 82.34 -92.86
C ASN J 130 -1.51 80.89 -93.33
N PRO J 131 -2.28 79.99 -92.73
CA PRO J 131 -2.20 78.59 -93.11
C PRO J 131 -2.42 78.42 -94.60
N ALA J 132 -1.60 77.59 -95.22
CA ALA J 132 -1.71 77.35 -96.64
C ALA J 132 -2.93 76.48 -96.92
N TYR J 133 -3.76 76.94 -97.84
CA TYR J 133 -4.93 76.18 -98.23
C TYR J 133 -5.39 76.48 -99.64
N ALA K 2 -53.28 93.78 -77.51
CA ALA K 2 -53.99 93.66 -76.20
C ALA K 2 -53.42 94.63 -75.17
N LYS K 3 -53.57 95.92 -75.43
CA LYS K 3 -53.18 96.92 -74.44
C LYS K 3 -54.07 96.84 -73.22
N LEU K 4 -53.48 97.07 -72.04
CA LEU K 4 -54.18 96.96 -70.78
C LEU K 4 -54.52 98.34 -70.27
N GLU K 5 -55.79 98.54 -69.89
CA GLU K 5 -56.25 99.86 -69.47
C GLU K 5 -57.57 99.69 -68.72
N THR K 6 -58.24 100.81 -68.48
CA THR K 6 -59.54 100.79 -67.85
C THR K 6 -60.55 100.14 -68.77
N VAL K 7 -61.37 99.25 -68.23
CA VAL K 7 -62.44 98.65 -68.99
C VAL K 7 -63.75 98.88 -68.25
N THR K 8 -64.75 99.37 -68.96
CA THR K 8 -66.03 99.74 -68.38
C THR K 8 -67.08 98.75 -68.87
N LEU K 9 -67.43 97.81 -68.01
CA LEU K 9 -68.34 96.75 -68.38
C LEU K 9 -69.74 97.21 -68.01
N GLY K 10 -70.54 97.57 -69.01
CA GLY K 10 -71.86 98.13 -68.76
C GLY K 10 -72.98 97.14 -69.00
N ASN K 11 -74.17 97.43 -68.47
CA ASN K 11 -75.33 96.57 -68.67
C ASN K 11 -75.08 95.16 -68.11
N ILE K 12 -74.95 95.11 -66.80
CA ILE K 12 -74.50 93.92 -66.08
C ILE K 12 -75.51 93.60 -65.00
N GLY K 13 -75.63 92.30 -64.70
CA GLY K 13 -76.53 91.78 -63.69
C GLY K 13 -77.76 91.14 -64.32
N LYS K 14 -78.66 90.63 -63.48
CA LYS K 14 -79.91 90.09 -64.01
C LYS K 14 -80.63 91.15 -64.83
N ASP K 15 -80.84 92.31 -64.24
CA ASP K 15 -81.47 93.42 -64.93
C ASP K 15 -80.58 94.05 -65.99
N GLY K 16 -79.27 93.85 -65.90
CA GLY K 16 -78.36 94.52 -66.79
C GLY K 16 -78.36 96.02 -66.61
N LYS K 17 -78.28 96.47 -65.36
CA LYS K 17 -78.17 97.90 -65.08
C LYS K 17 -76.88 98.28 -64.38
N GLN K 18 -76.23 97.36 -63.67
CA GLN K 18 -74.99 97.70 -62.99
C GLN K 18 -73.89 97.99 -64.00
N THR K 19 -72.74 98.41 -63.47
CA THR K 19 -71.58 98.67 -64.30
C THR K 19 -70.33 98.46 -63.45
N LEU K 20 -69.32 97.83 -64.05
CA LEU K 20 -68.09 97.51 -63.33
C LEU K 20 -66.92 98.13 -64.06
N VAL K 21 -66.15 98.94 -63.36
CA VAL K 21 -64.99 99.62 -63.90
C VAL K 21 -63.77 98.87 -63.39
N LEU K 22 -62.96 98.35 -64.31
CA LEU K 22 -61.83 97.52 -63.98
C LEU K 22 -60.55 98.21 -64.41
N ASN K 23 -59.73 98.57 -63.44
CA ASN K 23 -58.40 99.09 -63.69
C ASN K 23 -57.41 97.94 -63.81
N PRO K 24 -56.38 98.11 -64.60
CA PRO K 24 -55.38 97.06 -64.73
C PRO K 24 -54.38 97.08 -63.58
N ARG K 25 -53.54 96.07 -63.57
CA ARG K 25 -52.49 95.92 -62.58
C ARG K 25 -51.25 95.49 -63.32
N GLY K 26 -50.28 94.94 -62.62
CA GLY K 26 -49.06 94.43 -63.23
C GLY K 26 -49.24 92.99 -63.67
N VAL K 27 -48.55 92.62 -64.74
CA VAL K 27 -48.67 91.29 -65.30
C VAL K 27 -47.68 90.37 -64.61
N ASN K 28 -48.18 89.28 -64.05
CA ASN K 28 -47.36 88.37 -63.27
C ASN K 28 -46.15 87.90 -64.07
N PRO K 29 -44.95 88.33 -63.71
CA PRO K 29 -43.77 87.83 -64.43
C PRO K 29 -43.57 86.34 -64.30
N THR K 30 -43.93 85.74 -63.18
CA THR K 30 -43.67 84.32 -63.00
C THR K 30 -44.22 83.49 -64.13
N ASN K 31 -45.41 83.80 -64.63
CA ASN K 31 -45.94 83.05 -65.75
C ASN K 31 -46.72 83.92 -66.72
N GLY K 32 -46.57 85.24 -66.68
CA GLY K 32 -47.17 86.09 -67.69
C GLY K 32 -48.68 86.06 -67.67
N VAL K 33 -49.29 86.63 -66.63
CA VAL K 33 -50.73 86.81 -66.58
C VAL K 33 -51.01 88.28 -66.25
N ALA K 34 -51.81 88.93 -67.08
CA ALA K 34 -52.25 90.28 -66.78
C ALA K 34 -53.54 90.21 -65.96
N SER K 35 -53.79 91.27 -65.19
CA SER K 35 -54.90 91.26 -64.26
C SER K 35 -55.63 92.58 -64.26
N LEU K 36 -56.94 92.50 -64.03
CA LEU K 36 -57.82 93.64 -63.87
C LEU K 36 -58.54 93.52 -62.54
N SER K 37 -58.84 94.65 -61.91
CA SER K 37 -59.48 94.63 -60.62
C SER K 37 -60.36 95.85 -60.47
N GLN K 38 -61.31 95.77 -59.55
CA GLN K 38 -62.30 96.81 -59.37
C GLN K 38 -61.65 98.17 -59.24
N ALA K 39 -62.41 99.23 -59.51
CA ALA K 39 -61.87 100.58 -59.41
C ALA K 39 -61.22 100.84 -58.06
N GLY K 40 -61.54 100.04 -57.05
CA GLY K 40 -60.99 100.22 -55.73
C GLY K 40 -62.03 100.75 -54.76
N ALA K 41 -61.57 101.08 -53.55
CA ALA K 41 -60.18 100.88 -53.17
C ALA K 41 -59.92 99.45 -52.76
N VAL K 42 -60.49 99.02 -51.63
CA VAL K 42 -60.28 97.65 -51.17
C VAL K 42 -60.77 96.65 -52.19
N PRO K 43 -61.90 96.86 -52.87
CA PRO K 43 -62.35 95.88 -53.85
C PRO K 43 -61.34 95.61 -54.95
N ALA K 44 -60.42 96.53 -55.21
CA ALA K 44 -59.34 96.24 -56.15
C ALA K 44 -58.52 95.05 -55.67
N LEU K 45 -58.49 94.81 -54.35
CA LEU K 45 -57.94 93.59 -53.82
C LEU K 45 -59.01 92.65 -53.29
N GLU K 46 -60.19 92.63 -53.92
CA GLU K 46 -61.13 91.52 -53.78
C GLU K 46 -61.54 90.95 -55.14
N LYS K 47 -62.03 91.80 -56.05
CA LYS K 47 -62.41 91.36 -57.38
C LYS K 47 -61.19 91.18 -58.26
N ARG K 48 -61.19 90.15 -59.10
CA ARG K 48 -60.04 89.91 -59.96
C ARG K 48 -60.49 89.33 -61.29
N VAL K 49 -59.77 89.70 -62.35
CA VAL K 49 -60.02 89.17 -63.69
C VAL K 49 -58.68 89.00 -64.38
N THR K 50 -58.25 87.76 -64.52
CA THR K 50 -56.92 87.46 -65.04
C THR K 50 -57.01 86.96 -66.47
N VAL K 51 -56.00 87.26 -67.27
CA VAL K 51 -55.92 86.81 -68.64
C VAL K 51 -54.49 86.42 -68.97
N SER K 52 -54.34 85.32 -69.70
CA SER K 52 -53.03 84.87 -70.14
C SER K 52 -53.13 84.22 -71.51
N VAL K 53 -52.04 84.29 -72.26
CA VAL K 53 -51.98 83.73 -73.60
C VAL K 53 -50.77 82.84 -73.75
N SER K 54 -50.92 81.56 -73.43
CA SER K 54 -49.80 80.62 -73.56
C SER K 54 -49.59 80.30 -75.03
N GLN K 55 -48.41 80.61 -75.53
CA GLN K 55 -48.06 80.29 -76.90
C GLN K 55 -47.66 78.82 -76.99
N PRO K 56 -47.56 78.29 -78.20
CA PRO K 56 -47.21 76.87 -78.36
C PRO K 56 -45.86 76.56 -77.76
N SER K 57 -45.69 75.32 -77.31
CA SER K 57 -44.43 74.83 -76.78
C SER K 57 -44.51 73.30 -76.79
N ARG K 58 -43.59 72.66 -76.08
CA ARG K 58 -43.61 71.20 -76.02
C ARG K 58 -44.92 70.69 -75.45
N ASN K 59 -45.49 71.41 -74.48
CA ASN K 59 -46.72 71.00 -73.85
C ASN K 59 -47.95 71.55 -74.58
N ARG K 60 -47.90 72.80 -75.03
CA ARG K 60 -49.00 73.43 -75.76
C ARG K 60 -48.72 73.45 -77.26
N LYS K 61 -49.76 73.30 -78.10
CA LYS K 61 -49.49 73.01 -79.51
C LYS K 61 -49.97 73.99 -80.58
N ASN K 62 -51.24 74.42 -80.69
CA ASN K 62 -52.29 74.70 -79.69
C ASN K 62 -52.02 75.82 -78.70
N TYR K 63 -52.05 77.05 -79.22
CA TYR K 63 -52.19 78.24 -78.39
C TYR K 63 -53.30 78.04 -77.38
N LYS K 64 -53.14 78.63 -76.21
CA LYS K 64 -54.06 78.41 -75.10
C LYS K 64 -54.36 79.75 -74.42
N VAL K 65 -55.59 80.22 -74.56
CA VAL K 65 -56.00 81.51 -74.02
C VAL K 65 -56.85 81.28 -72.79
N GLN K 66 -56.35 81.73 -71.64
CA GLN K 66 -57.03 81.57 -70.36
C GLN K 66 -57.60 82.89 -69.90
N VAL K 67 -58.84 82.86 -69.43
CA VAL K 67 -59.51 84.03 -68.87
C VAL K 67 -60.22 83.57 -67.60
N LYS K 68 -59.70 83.98 -66.45
CA LYS K 68 -60.27 83.63 -65.16
C LYS K 68 -60.91 84.87 -64.54
N ILE K 69 -62.02 84.68 -63.85
CA ILE K 69 -62.75 85.74 -63.21
C ILE K 69 -63.09 85.28 -61.81
N GLN K 70 -62.91 86.16 -60.83
CA GLN K 70 -63.02 85.80 -59.43
C GLN K 70 -63.73 86.94 -58.72
N ASN K 71 -64.88 86.64 -58.14
CA ASN K 71 -65.68 87.62 -57.40
C ASN K 71 -65.93 87.08 -56.00
N PRO K 72 -65.21 87.54 -54.99
CA PRO K 72 -65.53 87.11 -53.63
C PRO K 72 -66.50 88.04 -52.93
N THR K 73 -67.59 87.49 -52.39
CA THR K 73 -68.52 88.28 -51.61
C THR K 73 -68.22 88.13 -50.13
N ALA K 74 -68.22 89.25 -49.43
CA ALA K 74 -67.84 89.32 -48.03
C ALA K 74 -68.93 90.03 -47.25
N CYS K 75 -68.76 90.06 -45.95
CA CYS K 75 -69.72 90.71 -45.07
C CYS K 75 -69.00 91.18 -43.82
N THR K 76 -69.66 92.07 -43.10
CA THR K 76 -69.18 92.57 -41.83
C THR K 76 -70.08 92.04 -40.72
N ALA K 77 -69.53 91.17 -39.89
CA ALA K 77 -70.31 90.66 -38.78
C ALA K 77 -70.76 91.81 -37.88
N ASN K 78 -71.84 91.57 -37.14
CA ASN K 78 -72.38 92.60 -36.27
C ASN K 78 -71.49 92.78 -35.04
N GLY K 79 -70.51 93.67 -35.18
CA GLY K 79 -69.61 93.97 -34.08
C GLY K 79 -68.19 94.16 -34.54
N SER K 80 -67.80 93.48 -35.63
CA SER K 80 -66.44 93.57 -36.13
C SER K 80 -66.33 94.77 -37.05
N CYS K 81 -65.15 94.99 -37.63
CA CYS K 81 -64.99 96.16 -38.49
C CYS K 81 -64.62 95.75 -39.91
N ASP K 82 -63.54 94.99 -40.06
CA ASP K 82 -63.09 94.63 -41.40
C ASP K 82 -64.01 93.57 -41.97
N PRO K 83 -64.42 93.67 -43.23
CA PRO K 83 -65.28 92.63 -43.80
C PRO K 83 -64.49 91.37 -44.11
N SER K 84 -65.09 90.23 -43.83
CA SER K 84 -64.50 88.94 -44.10
C SER K 84 -65.24 88.27 -45.26
N VAL K 85 -64.48 87.55 -46.09
CA VAL K 85 -65.03 86.94 -47.29
C VAL K 85 -65.82 85.70 -46.91
N THR K 86 -67.12 85.74 -47.13
CA THR K 86 -67.97 84.62 -46.75
C THR K 86 -68.18 83.64 -47.88
N ARG K 87 -68.10 84.10 -49.13
CA ARG K 87 -68.37 83.28 -50.29
C ARG K 87 -67.49 83.79 -51.42
N GLN K 88 -67.27 82.97 -52.43
CA GLN K 88 -66.51 83.45 -53.58
C GLN K 88 -66.90 82.64 -54.80
N ALA K 89 -67.45 83.33 -55.79
CA ALA K 89 -67.75 82.72 -57.07
C ALA K 89 -66.61 82.99 -58.03
N TYR K 90 -66.55 82.20 -59.09
CA TYR K 90 -65.48 82.38 -60.05
C TYR K 90 -65.75 81.51 -61.25
N ALA K 91 -65.20 81.93 -62.38
CA ALA K 91 -65.34 81.22 -63.64
C ALA K 91 -64.00 81.24 -64.36
N ASP K 92 -63.83 80.29 -65.27
CA ASP K 92 -62.61 80.20 -66.06
C ASP K 92 -62.95 79.69 -67.45
N VAL K 93 -62.53 80.45 -68.46
CA VAL K 93 -62.71 80.08 -69.85
C VAL K 93 -61.33 79.80 -70.43
N THR K 94 -61.26 78.78 -71.27
CA THR K 94 -59.99 78.37 -71.85
C THR K 94 -60.23 78.02 -73.31
N PHE K 95 -59.64 78.79 -74.21
CA PHE K 95 -59.70 78.52 -75.64
C PHE K 95 -58.43 77.82 -76.09
N SER K 96 -58.60 76.70 -76.78
CA SER K 96 -57.50 75.95 -77.36
C SER K 96 -57.60 76.13 -78.86
N PHE K 97 -56.67 76.89 -79.44
CA PHE K 97 -56.66 77.12 -80.87
C PHE K 97 -55.39 76.55 -81.48
N THR K 98 -55.54 76.04 -82.69
CA THR K 98 -54.42 75.36 -83.32
C THR K 98 -53.51 76.35 -84.03
N GLN K 99 -52.29 75.88 -84.25
CA GLN K 99 -51.22 76.75 -84.72
C GLN K 99 -51.57 77.33 -86.09
N TYR K 100 -52.43 76.66 -86.84
CA TYR K 100 -52.93 77.15 -88.11
C TYR K 100 -54.31 77.80 -88.00
N SER K 101 -54.79 78.07 -86.80
CA SER K 101 -56.12 78.66 -86.66
C SER K 101 -56.18 80.00 -87.37
N THR K 102 -57.40 80.47 -87.60
CA THR K 102 -57.62 81.71 -88.34
C THR K 102 -58.35 82.72 -87.47
N ASP K 103 -57.99 83.99 -87.67
CA ASP K 103 -58.64 85.06 -86.92
C ASP K 103 -60.14 84.96 -87.09
N GLU K 104 -60.59 84.62 -88.31
CA GLU K 104 -61.99 84.25 -88.51
C GLU K 104 -62.50 83.35 -87.40
N GLU K 105 -61.95 82.14 -87.31
CA GLU K 105 -62.51 81.15 -86.39
C GLU K 105 -62.40 81.64 -84.96
N ARG K 106 -61.28 82.27 -84.62
CA ARG K 106 -61.12 82.82 -83.28
C ARG K 106 -62.29 83.71 -82.91
N ALA K 107 -62.52 84.77 -83.70
CA ALA K 107 -63.59 85.70 -83.38
C ALA K 107 -64.94 85.00 -83.40
N PHE K 108 -65.10 84.05 -84.32
CA PHE K 108 -66.36 83.33 -84.42
C PHE K 108 -66.69 82.64 -83.11
N VAL K 109 -65.75 81.85 -82.60
CA VAL K 109 -66.00 81.12 -81.37
C VAL K 109 -66.16 82.08 -80.22
N ARG K 110 -65.34 83.14 -80.19
CA ARG K 110 -65.52 84.13 -79.15
C ARG K 110 -66.97 84.60 -79.11
N THR K 111 -67.45 85.12 -80.23
CA THR K 111 -68.77 85.71 -80.25
C THR K 111 -69.84 84.68 -79.97
N GLU K 112 -69.64 83.43 -80.42
CA GLU K 112 -70.69 82.46 -80.22
C GLU K 112 -70.77 82.09 -78.75
N LEU K 113 -69.62 81.97 -78.08
CA LEU K 113 -69.66 81.82 -76.64
C LEU K 113 -70.39 82.98 -76.01
N ALA K 114 -70.10 84.19 -76.48
CA ALA K 114 -70.73 85.36 -75.88
C ALA K 114 -72.24 85.29 -75.99
N ALA K 115 -72.73 85.03 -77.19
CA ALA K 115 -74.17 85.07 -77.35
C ALA K 115 -74.84 83.84 -76.76
N LEU K 116 -74.13 82.73 -76.61
CA LEU K 116 -74.68 81.62 -75.83
C LEU K 116 -74.83 82.04 -74.38
N LEU K 117 -73.80 82.68 -73.82
CA LEU K 117 -73.95 83.23 -72.49
C LEU K 117 -75.15 84.13 -72.42
N ALA K 118 -75.41 84.86 -73.49
CA ALA K 118 -76.59 85.71 -73.55
C ALA K 118 -77.88 84.93 -73.78
N SER K 119 -77.79 83.66 -74.19
CA SER K 119 -78.96 82.90 -74.61
C SER K 119 -79.78 82.40 -73.43
N PRO K 120 -81.08 82.21 -73.62
CA PRO K 120 -81.92 81.75 -72.51
C PRO K 120 -81.44 80.45 -71.88
N LEU K 121 -80.96 79.51 -72.67
CA LEU K 121 -80.58 78.23 -72.10
C LEU K 121 -79.56 78.45 -70.98
N LEU K 122 -78.49 79.19 -71.29
CA LEU K 122 -77.45 79.38 -70.30
C LEU K 122 -77.91 80.29 -69.18
N ILE K 123 -78.77 81.27 -69.45
CA ILE K 123 -79.18 82.14 -68.36
C ILE K 123 -79.86 81.29 -67.31
N ASP K 124 -80.69 80.35 -67.75
CA ASP K 124 -81.42 79.56 -66.78
C ASP K 124 -80.52 78.51 -66.15
N ALA K 125 -79.57 77.99 -66.92
CA ALA K 125 -78.67 76.97 -66.39
C ALA K 125 -77.67 77.53 -65.40
N ILE K 126 -77.38 78.82 -65.46
CA ILE K 126 -76.43 79.44 -64.55
C ILE K 126 -77.17 80.13 -63.40
N ASP K 127 -78.07 81.04 -63.74
CA ASP K 127 -78.72 81.86 -62.74
C ASP K 127 -79.49 81.00 -61.76
N GLN K 128 -80.21 80.01 -62.27
CA GLN K 128 -81.00 79.12 -61.45
C GLN K 128 -80.37 77.75 -61.26
N LEU K 129 -79.21 77.51 -61.86
CA LEU K 129 -78.57 76.21 -61.78
C LEU K 129 -79.54 75.11 -62.21
N ASN K 130 -80.24 75.34 -63.31
CA ASN K 130 -81.25 74.42 -63.77
C ASN K 130 -80.72 73.66 -64.97
N PRO K 131 -80.47 72.36 -64.87
CA PRO K 131 -80.03 71.63 -66.06
C PRO K 131 -81.05 71.75 -67.16
N ALA K 132 -80.63 71.39 -68.36
CA ALA K 132 -81.49 71.52 -69.51
C ALA K 132 -82.31 70.26 -69.66
N TYR K 133 -83.59 70.35 -69.35
CA TYR K 133 -84.52 69.23 -69.51
C TYR K 133 -85.92 69.76 -69.65
N ALA L 2 -36.01 101.96 -76.23
CA ALA L 2 -36.21 100.92 -77.28
C ALA L 2 -37.68 100.51 -77.34
N LYS L 3 -38.58 101.47 -77.16
CA LYS L 3 -40.00 101.16 -77.18
C LYS L 3 -40.39 100.45 -78.47
N LEU L 4 -41.25 99.45 -78.33
CA LEU L 4 -41.70 98.69 -79.48
C LEU L 4 -42.44 99.60 -80.44
N GLU L 5 -42.35 99.29 -81.73
CA GLU L 5 -43.03 100.07 -82.73
C GLU L 5 -42.97 99.33 -84.06
N THR L 6 -43.86 99.71 -84.97
CA THR L 6 -43.88 99.12 -86.30
C THR L 6 -42.57 99.38 -87.03
N VAL L 7 -41.82 98.32 -87.30
CA VAL L 7 -40.52 98.46 -87.93
C VAL L 7 -40.70 98.24 -89.43
N THR L 8 -40.15 99.15 -90.22
CA THR L 8 -40.29 99.17 -91.66
C THR L 8 -38.91 98.89 -92.27
N LEU L 9 -38.68 97.64 -92.62
CA LEU L 9 -37.43 97.22 -93.24
C LEU L 9 -37.54 97.52 -94.73
N GLY L 10 -36.62 98.32 -95.25
CA GLY L 10 -36.72 98.77 -96.63
C GLY L 10 -36.24 97.75 -97.65
N ASN L 11 -35.38 98.20 -98.56
CA ASN L 11 -34.82 97.33 -99.59
C ASN L 11 -34.37 96.00 -99.00
N ILE L 12 -34.67 94.91 -99.72
CA ILE L 12 -34.54 93.57 -99.18
C ILE L 12 -34.60 92.59 -100.35
N GLY L 13 -33.78 91.53 -100.30
CA GLY L 13 -33.73 90.50 -101.34
C GLY L 13 -32.42 90.59 -102.11
N LYS L 14 -32.26 89.74 -103.16
CA LYS L 14 -31.08 90.01 -103.98
C LYS L 14 -31.16 91.43 -104.47
N ASP L 15 -32.19 91.72 -105.23
CA ASP L 15 -32.38 92.99 -105.87
C ASP L 15 -32.51 94.13 -104.89
N GLY L 16 -32.81 93.83 -103.63
CA GLY L 16 -33.08 94.90 -102.70
C GLY L 16 -34.27 95.71 -103.16
N LYS L 17 -35.42 95.06 -103.30
CA LYS L 17 -36.63 95.74 -103.75
C LYS L 17 -37.84 95.53 -102.87
N GLN L 18 -37.92 94.44 -102.11
CA GLN L 18 -39.10 94.23 -101.30
C GLN L 18 -38.97 95.00 -100.00
N THR L 19 -40.04 94.98 -99.21
CA THR L 19 -40.09 95.69 -97.95
C THR L 19 -40.89 94.89 -96.95
N LEU L 20 -40.46 94.94 -95.69
CA LEU L 20 -41.10 94.22 -94.62
C LEU L 20 -41.67 95.19 -93.61
N VAL L 21 -42.84 94.87 -93.07
CA VAL L 21 -43.46 95.68 -92.03
C VAL L 21 -43.77 94.73 -90.88
N LEU L 22 -43.08 94.89 -89.77
CA LEU L 22 -43.30 94.08 -88.58
C LEU L 22 -44.05 94.91 -87.55
N ASN L 23 -45.19 94.41 -87.13
CA ASN L 23 -46.01 95.10 -86.14
C ASN L 23 -45.56 94.74 -84.73
N PRO L 24 -45.93 95.58 -83.75
CA PRO L 24 -45.49 95.34 -82.36
C PRO L 24 -46.35 94.26 -81.73
N ARG L 25 -45.72 93.14 -81.41
CA ARG L 25 -46.47 91.93 -81.09
C ARG L 25 -46.82 92.01 -79.60
N GLY L 26 -45.77 92.00 -78.77
CA GLY L 26 -45.91 91.98 -77.33
C GLY L 26 -44.55 91.73 -76.71
N VAL L 27 -44.54 91.42 -75.41
CA VAL L 27 -43.30 91.11 -74.71
C VAL L 27 -43.57 90.01 -73.71
N ASN L 28 -43.11 88.80 -74.02
CA ASN L 28 -43.22 87.71 -73.08
C ASN L 28 -42.31 87.97 -71.88
N PRO L 29 -42.83 88.06 -70.68
CA PRO L 29 -41.98 88.40 -69.53
C PRO L 29 -41.27 87.19 -68.95
N THR L 30 -41.80 86.01 -69.19
CA THR L 30 -41.15 84.82 -68.66
C THR L 30 -39.73 84.72 -69.13
N ASN L 31 -39.43 85.34 -70.26
CA ASN L 31 -38.10 85.32 -70.85
C ASN L 31 -37.56 86.73 -71.05
N GLY L 32 -38.36 87.76 -70.80
CA GLY L 32 -37.94 89.11 -71.10
C GLY L 32 -37.65 89.25 -72.58
N VAL L 33 -38.59 88.84 -73.42
CA VAL L 33 -38.34 88.80 -74.86
C VAL L 33 -39.46 89.55 -75.57
N ALA L 34 -39.12 90.59 -76.30
CA ALA L 34 -40.09 91.30 -77.09
C ALA L 34 -40.19 90.66 -78.47
N SER L 35 -41.40 90.66 -79.03
CA SER L 35 -41.69 89.95 -80.26
C SER L 35 -42.27 90.90 -81.30
N LEU L 36 -41.96 90.61 -82.56
CA LEU L 36 -42.47 91.35 -83.70
C LEU L 36 -42.88 90.35 -84.76
N SER L 37 -43.88 90.70 -85.54
CA SER L 37 -44.40 89.79 -86.55
C SER L 37 -44.99 90.57 -87.71
N GLN L 38 -44.92 89.96 -88.89
CA GLN L 38 -45.58 90.56 -90.05
C GLN L 38 -47.09 90.55 -89.86
N ALA L 39 -47.75 91.51 -90.49
CA ALA L 39 -49.20 91.55 -90.43
C ALA L 39 -49.78 90.38 -91.20
N GLY L 40 -50.72 89.67 -90.59
CA GLY L 40 -51.37 88.54 -91.22
C GLY L 40 -52.50 88.02 -90.35
N ALA L 41 -52.91 86.78 -90.57
CA ALA L 41 -53.94 86.18 -89.73
C ALA L 41 -53.47 84.84 -89.20
N VAL L 42 -52.78 84.07 -90.03
CA VAL L 42 -52.38 82.72 -89.67
C VAL L 42 -51.04 82.78 -88.94
N PRO L 43 -51.01 82.56 -87.63
CA PRO L 43 -49.73 82.67 -86.92
C PRO L 43 -48.67 81.78 -87.52
N ALA L 44 -49.08 80.66 -88.09
CA ALA L 44 -48.16 79.73 -88.70
C ALA L 44 -47.49 80.28 -89.94
N LEU L 45 -48.00 81.35 -90.52
CA LEU L 45 -47.55 81.81 -91.82
C LEU L 45 -47.14 83.28 -91.74
N GLU L 46 -46.33 83.60 -90.74
CA GLU L 46 -45.96 84.97 -90.50
C GLU L 46 -44.49 85.03 -90.12
N LYS L 47 -43.80 86.00 -90.67
CA LYS L 47 -42.39 86.18 -90.38
C LYS L 47 -42.26 86.81 -89.01
N ARG L 48 -41.49 86.17 -88.13
CA ARG L 48 -41.40 86.56 -86.74
C ARG L 48 -39.97 86.95 -86.38
N VAL L 49 -39.85 87.83 -85.41
CA VAL L 49 -38.57 88.30 -84.92
C VAL L 49 -38.67 88.49 -83.42
N THR L 50 -37.59 88.19 -82.71
CA THR L 50 -37.58 88.26 -81.25
C THR L 50 -36.29 88.92 -80.79
N VAL L 51 -36.43 89.81 -79.81
CA VAL L 51 -35.30 90.53 -79.25
C VAL L 51 -35.28 90.29 -77.75
N SER L 52 -34.10 89.98 -77.22
CA SER L 52 -33.94 89.74 -75.79
C SER L 52 -32.62 90.34 -75.34
N VAL L 53 -32.60 90.88 -74.13
CA VAL L 53 -31.38 91.40 -73.53
C VAL L 53 -31.30 90.85 -72.11
N SER L 54 -30.37 89.93 -71.90
CA SER L 54 -30.17 89.32 -70.59
C SER L 54 -29.14 90.11 -69.81
N GLN L 55 -29.53 90.55 -68.64
CA GLN L 55 -28.67 91.23 -67.69
C GLN L 55 -27.72 90.23 -67.03
N PRO L 56 -26.69 90.72 -66.35
CA PRO L 56 -25.61 89.82 -65.92
C PRO L 56 -26.07 89.09 -64.67
N SER L 57 -25.98 87.77 -64.70
CA SER L 57 -26.46 86.95 -63.60
C SER L 57 -25.32 86.71 -62.61
N ARG L 58 -25.68 86.17 -61.45
CA ARG L 58 -24.68 85.74 -60.49
C ARG L 58 -23.85 84.57 -60.99
N ASN L 59 -24.25 83.95 -62.10
CA ASN L 59 -23.54 82.80 -62.64
C ASN L 59 -23.09 83.00 -64.08
N ARG L 60 -23.32 84.19 -64.66
CA ARG L 60 -22.77 84.48 -65.97
C ARG L 60 -21.92 85.74 -65.95
N LYS L 61 -22.47 86.81 -65.39
CA LYS L 61 -21.73 88.06 -65.28
C LYS L 61 -21.34 88.57 -66.65
N ASN L 62 -22.33 88.69 -67.52
CA ASN L 62 -22.06 89.17 -68.87
C ASN L 62 -23.37 89.56 -69.54
N TYR L 63 -23.37 90.72 -70.18
CA TYR L 63 -24.56 91.20 -70.85
C TYR L 63 -24.73 90.43 -72.16
N LYS L 64 -25.93 89.94 -72.41
CA LYS L 64 -26.21 89.16 -73.62
C LYS L 64 -27.35 89.82 -74.39
N VAL L 65 -27.27 89.77 -75.71
CA VAL L 65 -28.29 90.34 -76.58
C VAL L 65 -28.58 89.35 -77.69
N GLN L 66 -29.80 88.83 -77.70
CA GLN L 66 -30.19 87.77 -78.61
C GLN L 66 -31.22 88.31 -79.59
N VAL L 67 -31.00 88.07 -80.88
CA VAL L 67 -31.95 88.44 -81.92
C VAL L 67 -32.21 87.21 -82.77
N LYS L 68 -33.45 86.76 -82.81
CA LYS L 68 -33.83 85.60 -83.59
C LYS L 68 -34.83 86.03 -84.67
N ILE L 69 -34.66 85.49 -85.86
CA ILE L 69 -35.58 85.72 -86.97
C ILE L 69 -36.00 84.39 -87.51
N GLN L 70 -37.31 84.20 -87.71
CA GLN L 70 -37.80 83.00 -88.35
C GLN L 70 -38.71 83.40 -89.50
N ASN L 71 -38.53 82.73 -90.62
CA ASN L 71 -39.33 82.97 -91.81
C ASN L 71 -39.80 81.63 -92.37
N PRO L 72 -41.05 81.26 -92.21
CA PRO L 72 -41.56 80.04 -92.83
C PRO L 72 -42.14 80.32 -94.21
N THR L 73 -42.28 79.25 -94.99
CA THR L 73 -42.72 79.33 -96.37
C THR L 73 -44.16 78.87 -96.49
N ALA L 74 -44.89 79.53 -97.39
CA ALA L 74 -46.31 79.22 -97.57
C ALA L 74 -46.51 77.80 -98.08
N CYS L 75 -45.96 77.49 -99.26
CA CYS L 75 -46.06 76.17 -99.86
C CYS L 75 -47.55 75.80 -100.02
N THR L 76 -48.29 76.74 -100.62
CA THR L 76 -49.74 76.66 -100.70
C THR L 76 -50.18 75.57 -101.66
N ALA L 77 -51.18 74.79 -101.24
CA ALA L 77 -51.70 73.71 -102.05
C ALA L 77 -52.84 74.19 -102.95
N ASN L 78 -53.03 73.50 -104.07
CA ASN L 78 -54.06 73.84 -105.06
C ASN L 78 -55.44 73.48 -104.47
N GLY L 79 -55.88 74.32 -103.54
CA GLY L 79 -57.11 74.09 -102.81
C GLY L 79 -56.84 73.23 -101.59
N SER L 80 -57.90 72.56 -101.14
CA SER L 80 -57.70 71.40 -100.28
C SER L 80 -57.16 71.77 -98.91
N CYS L 81 -56.77 73.03 -98.69
CA CYS L 81 -57.02 73.81 -97.47
C CYS L 81 -56.04 74.98 -97.47
N ASP L 82 -56.12 75.83 -96.46
CA ASP L 82 -55.08 76.84 -96.28
C ASP L 82 -53.71 76.19 -96.37
N PRO L 83 -52.68 76.98 -96.65
CA PRO L 83 -51.33 76.42 -96.78
C PRO L 83 -50.84 75.84 -95.47
N SER L 84 -49.71 75.16 -95.55
CA SER L 84 -49.04 74.57 -94.40
C SER L 84 -47.55 74.82 -94.49
N VAL L 85 -46.92 74.94 -93.33
CA VAL L 85 -45.48 75.20 -93.27
C VAL L 85 -44.73 73.97 -93.70
N THR L 86 -43.73 74.14 -94.54
CA THR L 86 -42.91 73.04 -95.00
C THR L 86 -41.43 73.33 -94.98
N ARG L 87 -41.04 74.59 -95.00
CA ARG L 87 -39.66 74.99 -94.84
C ARG L 87 -39.62 76.31 -94.09
N GLN L 88 -38.56 76.53 -93.34
CA GLN L 88 -38.53 77.64 -92.40
C GLN L 88 -37.09 78.03 -92.11
N ALA L 89 -36.71 79.22 -92.56
CA ALA L 89 -35.37 79.74 -92.36
C ALA L 89 -35.24 80.36 -90.99
N TYR L 90 -34.04 80.22 -90.42
CA TYR L 90 -33.75 80.67 -89.07
C TYR L 90 -32.46 81.47 -89.05
N ALA L 91 -32.47 82.55 -88.28
CA ALA L 91 -31.30 83.37 -88.07
C ALA L 91 -31.19 83.68 -86.59
N ASP L 92 -29.97 83.57 -86.05
CA ASP L 92 -29.74 83.64 -84.61
C ASP L 92 -28.47 84.44 -84.36
N VAL L 93 -28.61 85.62 -83.78
CA VAL L 93 -27.48 86.48 -83.45
C VAL L 93 -27.39 86.59 -81.95
N THR L 94 -26.16 86.53 -81.43
CA THR L 94 -25.90 86.61 -80.00
C THR L 94 -24.69 87.52 -79.78
N PHE L 95 -24.96 88.76 -79.44
CA PHE L 95 -23.90 89.65 -78.99
C PHE L 95 -23.65 89.44 -77.51
N SER L 96 -22.38 89.46 -77.12
CA SER L 96 -22.01 89.34 -75.72
C SER L 96 -21.05 90.45 -75.36
N PHE L 97 -21.24 91.04 -74.17
CA PHE L 97 -20.42 92.15 -73.72
C PHE L 97 -20.15 91.99 -72.24
N THR L 98 -19.08 92.63 -71.80
CA THR L 98 -18.75 92.65 -70.38
C THR L 98 -19.39 93.86 -69.71
N GLN L 99 -19.42 93.83 -68.38
CA GLN L 99 -20.03 94.91 -67.65
C GLN L 99 -19.37 96.23 -67.97
N TYR L 100 -18.08 96.21 -68.27
CA TYR L 100 -17.33 97.43 -68.54
C TYR L 100 -17.30 97.79 -70.00
N SER L 101 -18.05 97.07 -70.84
CA SER L 101 -18.10 97.36 -72.25
C SER L 101 -18.48 98.82 -72.48
N THR L 102 -18.30 99.28 -73.71
CA THR L 102 -18.58 100.67 -74.06
C THR L 102 -19.44 100.73 -75.31
N ASP L 103 -20.46 101.57 -75.22
CA ASP L 103 -21.33 101.84 -76.36
C ASP L 103 -20.53 102.02 -77.64
N GLU L 104 -19.39 102.70 -77.58
CA GLU L 104 -18.52 102.78 -78.75
C GLU L 104 -18.35 101.42 -79.39
N GLU L 105 -17.75 100.49 -78.67
CA GLU L 105 -17.34 99.25 -79.28
C GLU L 105 -18.54 98.34 -79.55
N ARG L 106 -19.61 98.52 -78.80
CA ARG L 106 -20.83 97.78 -79.10
C ARG L 106 -21.41 98.22 -80.44
N ALA L 107 -21.57 99.53 -80.63
CA ALA L 107 -21.99 100.02 -81.94
C ALA L 107 -21.02 99.57 -83.01
N PHE L 108 -19.74 99.55 -82.67
CA PHE L 108 -18.72 99.13 -83.62
C PHE L 108 -18.98 97.71 -84.11
N VAL L 109 -19.18 96.78 -83.19
CA VAL L 109 -19.42 95.41 -83.60
C VAL L 109 -20.73 95.32 -84.36
N ARG L 110 -21.74 96.08 -83.94
CA ARG L 110 -23.00 96.02 -84.66
C ARG L 110 -22.81 96.35 -86.12
N THR L 111 -22.23 97.52 -86.37
CA THR L 111 -22.09 97.95 -87.75
C THR L 111 -21.13 97.03 -88.50
N GLU L 112 -20.16 96.46 -87.80
CA GLU L 112 -19.26 95.52 -88.44
C GLU L 112 -20.02 94.33 -88.96
N LEU L 113 -20.86 93.74 -88.12
CA LEU L 113 -21.62 92.59 -88.54
C LEU L 113 -22.56 92.97 -89.68
N ALA L 114 -23.15 94.17 -89.60
CA ALA L 114 -24.04 94.60 -90.68
C ALA L 114 -23.31 94.63 -92.01
N ALA L 115 -22.17 95.31 -92.04
CA ALA L 115 -21.52 95.45 -93.33
C ALA L 115 -20.89 94.14 -93.78
N LEU L 116 -20.54 93.24 -92.85
CA LEU L 116 -20.16 91.91 -93.29
C LEU L 116 -21.32 91.22 -93.96
N LEU L 117 -22.50 91.28 -93.37
CA LEU L 117 -23.64 90.69 -94.01
C LEU L 117 -23.90 91.30 -95.36
N ALA L 118 -23.41 92.52 -95.59
CA ALA L 118 -23.48 93.12 -96.90
C ALA L 118 -22.34 92.70 -97.82
N SER L 119 -21.20 92.29 -97.27
CA SER L 119 -20.03 92.06 -98.09
C SER L 119 -20.23 90.87 -99.03
N PRO L 120 -19.50 90.85 -100.15
CA PRO L 120 -19.66 89.72 -101.07
C PRO L 120 -19.37 88.39 -100.42
N LEU L 121 -18.46 88.33 -99.46
CA LEU L 121 -18.10 87.05 -98.88
C LEU L 121 -19.34 86.35 -98.34
N LEU L 122 -19.96 86.93 -97.31
CA LEU L 122 -21.14 86.29 -96.77
C LEU L 122 -22.21 86.15 -97.84
N ILE L 123 -22.21 87.01 -98.85
CA ILE L 123 -23.21 86.87 -99.91
C ILE L 123 -23.14 85.49 -100.51
N ASP L 124 -21.95 85.08 -100.93
CA ASP L 124 -21.81 83.77 -101.55
C ASP L 124 -21.88 82.66 -100.52
N ALA L 125 -21.42 82.94 -99.30
CA ALA L 125 -21.44 81.92 -98.27
C ALA L 125 -22.86 81.57 -97.84
N ILE L 126 -23.79 82.50 -98.01
CA ILE L 126 -25.16 82.36 -97.54
C ILE L 126 -26.05 81.98 -98.71
N ASP L 127 -26.17 82.90 -99.66
CA ASP L 127 -27.09 82.72 -100.77
C ASP L 127 -26.71 81.48 -101.57
N GLN L 128 -25.44 81.37 -101.93
CA GLN L 128 -24.99 80.23 -102.69
C GLN L 128 -24.55 79.08 -101.81
N LEU L 129 -24.50 79.27 -100.50
CA LEU L 129 -24.00 78.24 -99.60
C LEU L 129 -22.62 77.77 -100.04
N ASN L 130 -21.84 78.67 -100.62
CA ASN L 130 -20.50 78.33 -101.08
C ASN L 130 -19.56 78.34 -99.89
N PRO L 131 -18.87 77.23 -99.60
CA PRO L 131 -17.88 77.28 -98.53
C PRO L 131 -16.87 78.38 -98.77
N ALA L 132 -16.62 79.17 -97.75
CA ALA L 132 -15.62 80.23 -97.87
C ALA L 132 -14.29 79.62 -98.27
N TYR L 133 -13.81 79.98 -99.44
CA TYR L 133 -12.61 79.39 -100.00
C TYR L 133 -12.30 79.97 -101.37
N ALA M 2 -48.48 99.19 -63.53
CA ALA M 2 -47.46 100.23 -63.82
C ALA M 2 -46.63 99.87 -65.04
N LYS M 3 -47.00 100.40 -66.21
CA LYS M 3 -46.24 100.12 -67.42
C LYS M 3 -44.93 100.89 -67.42
N LEU M 4 -43.84 100.15 -67.57
CA LEU M 4 -42.53 100.78 -67.54
C LEU M 4 -42.39 101.73 -68.71
N GLU M 5 -41.80 102.88 -68.47
CA GLU M 5 -41.49 103.79 -69.54
C GLU M 5 -40.33 104.67 -69.11
N THR M 6 -39.67 105.25 -70.09
CA THR M 6 -38.61 106.21 -69.81
C THR M 6 -39.09 107.21 -68.78
N VAL M 7 -38.46 107.21 -67.63
CA VAL M 7 -38.88 108.08 -66.54
C VAL M 7 -37.87 109.20 -66.44
N THR M 8 -38.35 110.44 -66.51
CA THR M 8 -37.49 111.62 -66.49
C THR M 8 -37.82 112.40 -65.23
N LEU M 9 -36.85 112.48 -64.33
CA LEU M 9 -37.04 113.23 -63.09
C LEU M 9 -36.17 114.46 -63.12
N GLY M 10 -36.80 115.63 -62.99
CA GLY M 10 -36.12 116.89 -62.93
C GLY M 10 -36.14 117.46 -61.52
N ASN M 11 -35.55 118.64 -61.38
CA ASN M 11 -35.49 119.31 -60.09
C ASN M 11 -34.77 118.42 -59.09
N ILE M 12 -33.55 118.07 -59.43
CA ILE M 12 -32.75 117.09 -58.73
C ILE M 12 -31.48 117.78 -58.26
N GLY M 13 -30.91 117.31 -57.16
CA GLY M 13 -29.67 117.84 -56.63
C GLY M 13 -29.90 118.88 -55.55
N LYS M 14 -28.79 119.43 -55.05
CA LYS M 14 -28.87 120.39 -53.97
C LYS M 14 -29.56 121.64 -54.45
N ASP M 15 -29.11 122.17 -55.57
CA ASP M 15 -29.74 123.30 -56.21
C ASP M 15 -30.97 122.89 -57.01
N GLY M 16 -31.24 121.59 -57.13
CA GLY M 16 -32.43 121.15 -57.83
C GLY M 16 -32.47 121.60 -59.27
N LYS M 17 -31.40 121.29 -60.01
CA LYS M 17 -31.30 121.75 -61.39
C LYS M 17 -30.90 120.68 -62.39
N GLN M 18 -30.45 119.51 -61.96
CA GLN M 18 -30.06 118.50 -62.92
C GLN M 18 -31.26 117.65 -63.30
N THR M 19 -31.03 116.60 -64.06
CA THR M 19 -32.13 115.74 -64.49
C THR M 19 -31.63 114.31 -64.67
N LEU M 20 -32.56 113.37 -64.52
CA LEU M 20 -32.30 111.94 -64.65
C LEU M 20 -33.23 111.36 -65.69
N VAL M 21 -32.66 110.60 -66.63
CA VAL M 21 -33.43 109.89 -67.63
C VAL M 21 -33.15 108.41 -67.43
N LEU M 22 -34.11 107.70 -66.86
CA LEU M 22 -33.98 106.27 -66.59
C LEU M 22 -34.76 105.52 -67.65
N ASN M 23 -34.15 104.55 -68.22
CA ASN M 23 -34.85 103.81 -69.26
C ASN M 23 -35.11 102.38 -68.78
N PRO M 24 -36.30 101.83 -69.07
CA PRO M 24 -36.64 100.50 -68.53
C PRO M 24 -35.67 99.41 -68.93
N ARG M 25 -35.44 98.50 -67.99
CA ARG M 25 -34.55 97.36 -68.19
C ARG M 25 -35.30 96.04 -68.15
N GLY M 26 -36.60 96.05 -68.34
CA GLY M 26 -37.36 94.83 -68.25
C GLY M 26 -37.58 94.40 -66.81
N VAL M 27 -37.97 93.14 -66.66
CA VAL M 27 -38.35 92.58 -65.36
C VAL M 27 -37.68 91.23 -65.22
N ASN M 28 -37.08 90.99 -64.06
CA ASN M 28 -36.46 89.70 -63.83
C ASN M 28 -37.53 88.62 -63.72
N PRO M 29 -37.37 87.49 -64.41
CA PRO M 29 -38.41 86.45 -64.35
C PRO M 29 -38.42 85.70 -63.05
N THR M 30 -37.31 85.71 -62.31
CA THR M 30 -37.21 84.95 -61.07
C THR M 30 -37.75 85.75 -59.89
N ASN M 31 -37.11 86.88 -59.59
CA ASN M 31 -37.55 87.68 -58.47
C ASN M 31 -38.69 88.61 -58.84
N GLY M 32 -39.02 88.70 -60.12
CA GLY M 32 -40.18 89.48 -60.51
C GLY M 32 -40.05 90.92 -60.10
N VAL M 33 -38.90 91.53 -60.39
CA VAL M 33 -38.61 92.89 -60.01
C VAL M 33 -38.21 93.67 -61.26
N ALA M 34 -38.84 94.83 -61.45
CA ALA M 34 -38.53 95.64 -62.62
C ALA M 34 -37.35 96.55 -62.32
N SER M 35 -36.64 96.94 -63.38
CA SER M 35 -35.41 97.70 -63.23
C SER M 35 -35.35 98.83 -64.25
N LEU M 36 -34.66 99.89 -63.86
CA LEU M 36 -34.51 101.10 -64.65
C LEU M 36 -33.04 101.50 -64.61
N SER M 37 -32.56 102.05 -65.73
CA SER M 37 -31.17 102.46 -65.79
C SER M 37 -31.07 103.78 -66.52
N GLN M 38 -30.11 104.60 -66.10
CA GLN M 38 -29.81 105.81 -66.83
C GLN M 38 -28.94 105.47 -68.03
N ALA M 39 -29.14 106.19 -69.13
CA ALA M 39 -28.37 105.93 -70.33
C ALA M 39 -26.94 106.41 -70.11
N GLY M 40 -25.97 105.60 -70.54
CA GLY M 40 -24.59 105.98 -70.43
C GLY M 40 -23.74 105.07 -71.29
N ALA M 41 -22.43 105.29 -71.23
CA ALA M 41 -21.50 104.52 -72.04
C ALA M 41 -21.15 103.18 -71.39
N VAL M 42 -20.79 103.22 -70.11
CA VAL M 42 -20.34 102.03 -69.40
C VAL M 42 -21.52 101.54 -68.56
N PRO M 43 -22.06 100.35 -68.82
CA PRO M 43 -23.17 99.86 -68.00
C PRO M 43 -22.84 99.85 -66.53
N ALA M 44 -21.60 99.54 -66.18
CA ALA M 44 -21.25 99.46 -64.77
C ALA M 44 -21.38 100.79 -64.06
N LEU M 45 -21.39 101.90 -64.81
CA LEU M 45 -21.46 103.22 -64.23
C LEU M 45 -22.80 103.89 -64.49
N GLU M 46 -23.83 103.09 -64.76
CA GLU M 46 -25.17 103.61 -64.98
C GLU M 46 -25.92 103.61 -63.67
N LYS M 47 -26.60 104.71 -63.39
CA LYS M 47 -27.40 104.79 -62.18
C LYS M 47 -28.65 103.93 -62.34
N ARG M 48 -28.87 103.03 -61.40
CA ARG M 48 -29.90 102.01 -61.51
C ARG M 48 -30.96 102.21 -60.44
N VAL M 49 -32.15 101.69 -60.73
CA VAL M 49 -33.26 101.80 -59.80
C VAL M 49 -34.16 100.59 -59.94
N THR M 50 -34.49 99.95 -58.83
CA THR M 50 -35.30 98.74 -58.87
C THR M 50 -36.64 98.99 -58.19
N VAL M 51 -37.66 98.27 -58.65
CA VAL M 51 -38.97 98.31 -58.02
C VAL M 51 -39.53 96.90 -57.99
N SER M 52 -40.01 96.48 -56.83
CA SER M 52 -40.59 95.16 -56.64
C SER M 52 -41.91 95.29 -55.90
N VAL M 53 -42.89 94.50 -56.32
CA VAL M 53 -44.24 94.53 -55.75
C VAL M 53 -44.63 93.09 -55.45
N SER M 54 -44.37 92.65 -54.23
CA SER M 54 -44.69 91.29 -53.84
C SER M 54 -46.20 91.08 -53.81
N GLN M 55 -46.61 89.86 -54.05
CA GLN M 55 -47.99 89.45 -53.89
C GLN M 55 -48.19 88.78 -52.54
N PRO M 56 -49.45 88.59 -52.13
CA PRO M 56 -49.72 88.09 -50.78
C PRO M 56 -49.16 86.70 -50.60
N SER M 57 -48.59 86.44 -49.43
CA SER M 57 -48.20 85.09 -49.09
C SER M 57 -49.32 84.42 -48.30
N ARG M 58 -49.05 83.25 -47.73
CA ARG M 58 -50.04 82.47 -47.00
C ARG M 58 -50.11 82.91 -45.55
N ASN M 59 -51.33 82.94 -45.02
CA ASN M 59 -51.59 83.15 -43.60
C ASN M 59 -51.30 84.58 -43.11
N ARG M 60 -50.66 85.39 -43.95
CA ARG M 60 -50.29 86.75 -43.50
C ARG M 60 -50.74 87.80 -44.50
N LYS M 61 -50.53 87.54 -45.78
CA LYS M 61 -50.90 88.35 -46.93
C LYS M 61 -50.13 89.66 -47.09
N ASN M 62 -49.79 90.36 -45.99
CA ASN M 62 -48.66 91.28 -45.90
C ASN M 62 -48.14 91.93 -47.19
N TYR M 63 -48.92 92.77 -47.87
CA TYR M 63 -48.48 93.29 -49.16
C TYR M 63 -47.15 94.00 -48.96
N LYS M 64 -46.17 93.73 -49.82
CA LYS M 64 -44.85 94.32 -49.66
C LYS M 64 -44.35 94.92 -50.97
N VAL M 65 -43.68 96.07 -50.88
CA VAL M 65 -43.10 96.74 -52.03
C VAL M 65 -41.71 97.22 -51.68
N GLN M 66 -40.78 97.05 -52.62
CA GLN M 66 -39.39 97.45 -52.42
C GLN M 66 -38.96 98.36 -53.56
N VAL M 67 -38.15 99.36 -53.23
CA VAL M 67 -37.56 100.23 -54.24
C VAL M 67 -36.10 100.45 -53.87
N LYS M 68 -35.19 100.02 -54.73
CA LYS M 68 -33.76 100.08 -54.47
C LYS M 68 -33.14 101.01 -55.50
N ILE M 69 -32.55 102.11 -55.03
CA ILE M 69 -31.83 103.04 -55.86
C ILE M 69 -30.35 102.77 -55.67
N GLN M 70 -29.64 102.56 -56.78
CA GLN M 70 -28.20 102.32 -56.76
C GLN M 70 -27.52 103.37 -57.62
N ASN M 71 -26.54 104.05 -57.05
CA ASN M 71 -25.75 105.05 -57.79
C ASN M 71 -24.27 104.75 -57.63
N PRO M 72 -23.57 104.37 -58.68
CA PRO M 72 -22.13 104.13 -58.57
C PRO M 72 -21.32 105.36 -58.91
N THR M 73 -20.02 105.25 -58.66
CA THR M 73 -19.09 106.31 -59.06
C THR M 73 -17.68 105.75 -59.04
N ALA M 74 -17.00 105.81 -60.18
CA ALA M 74 -15.67 105.25 -60.33
C ALA M 74 -14.64 106.36 -60.41
N CYS M 75 -13.37 105.95 -60.52
CA CYS M 75 -12.28 106.90 -60.69
C CYS M 75 -11.12 106.14 -61.33
N THR M 76 -10.93 106.35 -62.62
CA THR M 76 -9.85 105.69 -63.33
C THR M 76 -8.52 105.93 -62.65
N ALA M 77 -7.92 104.87 -62.12
CA ALA M 77 -6.60 104.98 -61.52
C ALA M 77 -5.55 105.06 -62.61
N ASN M 78 -4.38 105.58 -62.25
CA ASN M 78 -3.31 105.74 -63.21
C ASN M 78 -2.88 104.37 -63.75
N GLY M 79 -2.83 104.27 -65.07
CA GLY M 79 -2.40 103.05 -65.73
C GLY M 79 -3.49 102.02 -65.93
N SER M 80 -4.67 102.22 -65.38
CA SER M 80 -5.78 101.31 -65.56
C SER M 80 -6.69 101.83 -66.66
N CYS M 81 -7.02 100.96 -67.60
CA CYS M 81 -7.86 101.32 -68.74
C CYS M 81 -9.34 101.03 -68.49
N ASP M 82 -9.76 101.00 -67.24
CA ASP M 82 -11.13 100.65 -66.93
C ASP M 82 -11.63 101.39 -65.69
N PRO M 83 -12.57 102.30 -65.82
CA PRO M 83 -13.00 103.06 -64.64
C PRO M 83 -13.76 102.20 -63.66
N SER M 84 -13.04 101.39 -62.89
CA SER M 84 -13.68 100.50 -61.94
C SER M 84 -14.42 101.28 -60.87
N VAL M 85 -15.54 100.73 -60.42
CA VAL M 85 -16.37 101.39 -59.41
C VAL M 85 -15.60 101.50 -58.12
N THR M 86 -15.51 102.73 -57.60
CA THR M 86 -14.82 103.01 -56.35
C THR M 86 -15.77 103.35 -55.21
N ARG M 87 -17.00 103.75 -55.53
CA ARG M 87 -17.95 104.22 -54.53
C ARG M 87 -19.33 103.82 -54.99
N GLN M 88 -20.19 103.49 -54.03
CA GLN M 88 -21.52 103.01 -54.37
C GLN M 88 -22.49 103.50 -53.32
N ALA M 89 -23.59 104.11 -53.75
CA ALA M 89 -24.61 104.62 -52.85
C ALA M 89 -25.89 103.82 -53.03
N TYR M 90 -26.45 103.36 -51.91
CA TYR M 90 -27.66 102.54 -51.93
C TYR M 90 -28.76 103.20 -51.12
N ALA M 91 -29.97 103.16 -51.65
CA ALA M 91 -31.14 103.66 -50.94
C ALA M 91 -32.24 102.62 -51.07
N ASP M 92 -32.65 102.04 -49.94
CA ASP M 92 -33.68 101.01 -49.91
C ASP M 92 -34.92 101.59 -49.25
N VAL M 93 -36.04 101.58 -49.97
CA VAL M 93 -37.34 101.93 -49.41
C VAL M 93 -38.20 100.68 -49.42
N THR M 94 -38.91 100.45 -48.33
CA THR M 94 -39.68 99.23 -48.14
C THR M 94 -41.04 99.60 -47.56
N PHE M 95 -42.08 99.46 -48.37
CA PHE M 95 -43.45 99.66 -47.92
C PHE M 95 -44.07 98.33 -47.57
N SER M 96 -44.82 98.31 -46.48
CA SER M 96 -45.59 97.12 -46.09
C SER M 96 -46.99 97.56 -45.73
N PHE M 97 -47.97 97.01 -46.43
CA PHE M 97 -49.37 97.31 -46.21
C PHE M 97 -50.14 96.05 -45.84
N THR M 98 -51.31 96.28 -45.28
CA THR M 98 -52.21 95.22 -44.88
C THR M 98 -53.06 94.78 -46.06
N GLN M 99 -53.53 93.55 -45.97
CA GLN M 99 -54.51 93.03 -46.91
C GLN M 99 -55.75 93.90 -46.99
N TYR M 100 -55.99 94.78 -46.03
CA TYR M 100 -57.17 95.62 -46.03
C TYR M 100 -56.83 97.09 -46.19
N SER M 101 -55.57 97.42 -46.43
CA SER M 101 -55.19 98.81 -46.64
C SER M 101 -56.04 99.41 -47.76
N THR M 102 -56.06 100.73 -47.81
CA THR M 102 -56.80 101.45 -48.84
C THR M 102 -55.88 102.38 -49.60
N ASP M 103 -56.23 102.59 -50.86
CA ASP M 103 -55.45 103.47 -51.72
C ASP M 103 -55.20 104.81 -51.06
N GLU M 104 -56.20 105.37 -50.40
CA GLU M 104 -56.03 106.68 -49.80
C GLU M 104 -54.88 106.65 -48.80
N GLU M 105 -54.89 105.66 -47.92
CA GLU M 105 -53.85 105.59 -46.91
C GLU M 105 -52.51 105.34 -47.55
N ARG M 106 -52.47 104.49 -48.58
CA ARG M 106 -51.21 104.22 -49.25
C ARG M 106 -50.62 105.50 -49.84
N ALA M 107 -51.45 106.26 -50.55
CA ALA M 107 -50.98 107.50 -51.13
C ALA M 107 -50.54 108.47 -50.05
N PHE M 108 -51.28 108.50 -48.94
CA PHE M 108 -50.86 109.30 -47.80
C PHE M 108 -49.46 108.92 -47.40
N VAL M 109 -49.18 107.63 -47.30
CA VAL M 109 -47.86 107.17 -46.91
C VAL M 109 -46.82 107.70 -47.90
N ARG M 110 -47.07 107.52 -49.18
CA ARG M 110 -46.04 107.84 -50.15
C ARG M 110 -45.74 109.34 -50.10
N THR M 111 -46.79 110.15 -50.11
CA THR M 111 -46.58 111.59 -50.10
C THR M 111 -45.91 112.03 -48.81
N GLU M 112 -46.25 111.37 -47.70
CA GLU M 112 -45.58 111.65 -46.45
C GLU M 112 -44.09 111.45 -46.60
N LEU M 113 -43.71 110.32 -47.16
CA LEU M 113 -42.30 110.03 -47.29
C LEU M 113 -41.62 111.05 -48.18
N ALA M 114 -42.27 111.41 -49.28
CA ALA M 114 -41.64 112.36 -50.19
C ALA M 114 -41.45 113.71 -49.52
N ALA M 115 -42.48 114.20 -48.86
CA ALA M 115 -42.36 115.51 -48.25
C ALA M 115 -41.36 115.49 -47.10
N LEU M 116 -41.21 114.35 -46.42
CA LEU M 116 -40.14 114.27 -45.44
C LEU M 116 -38.79 114.35 -46.11
N LEU M 117 -38.62 113.65 -47.23
CA LEU M 117 -37.36 113.74 -47.95
C LEU M 117 -37.09 115.15 -48.44
N ALA M 118 -38.14 115.97 -48.55
CA ALA M 118 -37.98 117.38 -48.88
C ALA M 118 -37.75 118.28 -47.67
N SER M 119 -38.24 117.89 -46.50
CA SER M 119 -38.19 118.76 -45.34
C SER M 119 -36.77 118.90 -44.81
N PRO M 120 -36.47 120.01 -44.15
CA PRO M 120 -35.09 120.23 -43.70
C PRO M 120 -34.55 119.13 -42.82
N LEU M 121 -35.40 118.44 -42.05
CA LEU M 121 -34.85 117.43 -41.16
C LEU M 121 -34.04 116.41 -41.93
N LEU M 122 -34.69 115.64 -42.79
CA LEU M 122 -33.95 114.63 -43.53
C LEU M 122 -32.81 115.28 -44.30
N ILE M 123 -33.04 116.51 -44.81
CA ILE M 123 -32.00 117.23 -45.53
C ILE M 123 -30.73 117.28 -44.69
N ASP M 124 -30.78 117.98 -43.57
CA ASP M 124 -29.62 118.04 -42.71
C ASP M 124 -29.20 116.64 -42.27
N ALA M 125 -30.16 115.72 -42.21
CA ALA M 125 -29.93 114.41 -41.62
C ALA M 125 -28.94 113.59 -42.42
N ILE M 126 -29.05 113.57 -43.75
CA ILE M 126 -28.18 112.72 -44.56
C ILE M 126 -27.43 113.50 -45.65
N ASP M 127 -27.69 114.80 -45.78
CA ASP M 127 -26.75 115.62 -46.56
C ASP M 127 -25.49 115.82 -45.77
N GLN M 128 -25.64 116.38 -44.58
CA GLN M 128 -24.56 116.55 -43.65
C GLN M 128 -24.37 115.35 -42.75
N LEU M 129 -25.22 114.34 -42.87
CA LEU M 129 -25.07 113.13 -42.08
C LEU M 129 -25.09 113.46 -40.59
N ASN M 130 -26.12 114.19 -40.19
CA ASN M 130 -26.15 114.67 -38.81
C ASN M 130 -27.29 113.99 -38.05
N PRO M 131 -26.99 113.23 -37.00
CA PRO M 131 -28.06 112.67 -36.18
C PRO M 131 -29.00 113.76 -35.70
N ALA M 132 -30.28 113.49 -35.83
CA ALA M 132 -31.29 114.44 -35.40
C ALA M 132 -31.34 114.46 -33.88
N TYR M 133 -31.34 115.65 -33.31
CA TYR M 133 -31.53 115.79 -31.88
C TYR M 133 -31.84 117.24 -31.52
N ALA N 2 16.03 130.75 -7.73
CA ALA N 2 17.25 130.08 -7.22
C ALA N 2 18.26 129.85 -8.33
N LYS N 3 18.74 130.93 -8.93
CA LYS N 3 19.71 130.82 -9.99
C LYS N 3 21.00 130.25 -9.45
N LEU N 4 21.69 129.48 -10.29
CA LEU N 4 22.85 128.72 -9.89
C LEU N 4 24.11 129.36 -10.45
N GLU N 5 25.04 129.74 -9.57
CA GLU N 5 26.27 130.37 -10.02
C GLU N 5 27.30 130.29 -8.89
N THR N 6 28.40 131.01 -9.06
CA THR N 6 29.50 130.97 -8.11
C THR N 6 29.08 131.58 -6.79
N VAL N 7 29.42 130.92 -5.69
CA VAL N 7 29.09 131.36 -4.36
C VAL N 7 30.39 131.67 -3.63
N THR N 8 30.49 132.88 -3.09
CA THR N 8 31.70 133.40 -2.46
C THR N 8 31.45 133.42 -0.96
N LEU N 9 31.93 132.40 -0.28
CA LEU N 9 31.58 132.16 1.11
C LEU N 9 32.74 132.67 1.95
N GLY N 10 32.60 133.87 2.52
CA GLY N 10 33.71 134.49 3.22
C GLY N 10 33.59 134.50 4.73
N ASN N 11 34.68 134.83 5.42
CA ASN N 11 34.68 134.90 6.88
C ASN N 11 34.35 133.53 7.49
N ILE N 12 35.28 132.61 7.32
CA ILE N 12 35.07 131.21 7.63
C ILE N 12 36.17 130.72 8.59
N GLY N 13 35.84 129.70 9.38
CA GLY N 13 36.82 129.06 10.28
C GLY N 13 36.65 129.50 11.73
N LYS N 14 37.60 129.09 12.59
CA LYS N 14 37.66 129.74 13.90
C LYS N 14 37.58 131.22 13.75
N ASP N 15 38.59 131.80 13.12
CA ASP N 15 38.81 133.22 13.08
C ASP N 15 37.96 133.91 12.05
N GLY N 16 37.24 133.15 11.22
CA GLY N 16 36.47 133.75 10.17
C GLY N 16 37.38 134.46 9.19
N LYS N 17 38.43 133.79 8.75
CA LYS N 17 39.37 134.38 7.82
C LYS N 17 39.47 133.68 6.48
N GLN N 18 39.34 132.36 6.42
CA GLN N 18 39.46 131.70 5.13
C GLN N 18 38.24 131.99 4.28
N THR N 19 38.30 131.53 3.03
CA THR N 19 37.25 131.79 2.07
C THR N 19 37.06 130.57 1.20
N LEU N 20 35.82 130.31 0.81
CA LEU N 20 35.50 129.16 -0.02
C LEU N 20 34.68 129.63 -1.20
N VAL N 21 35.14 129.33 -2.40
CA VAL N 21 34.41 129.68 -3.62
C VAL N 21 33.88 128.39 -4.21
N LEU N 22 32.56 128.31 -4.31
CA LEU N 22 31.88 127.13 -4.82
C LEU N 22 31.32 127.44 -6.20
N ASN N 23 31.74 126.77 -7.12
CA ASN N 23 31.17 126.91 -8.43
C ASN N 23 30.15 125.81 -8.68
N PRO N 24 29.25 126.03 -9.61
CA PRO N 24 28.06 125.18 -9.72
C PRO N 24 28.31 123.88 -10.47
N ARG N 25 27.30 123.03 -10.43
CA ARG N 25 27.36 121.66 -10.90
C ARG N 25 26.13 121.43 -11.75
N GLY N 26 25.84 120.17 -12.07
CA GLY N 26 24.63 119.81 -12.80
C GLY N 26 23.50 119.42 -11.85
N VAL N 27 22.28 119.66 -12.29
CA VAL N 27 21.10 119.34 -11.49
C VAL N 27 20.78 117.87 -11.64
N ASN N 28 20.91 117.12 -10.56
CA ASN N 28 20.61 115.69 -10.59
C ASN N 28 19.20 115.47 -11.12
N PRO N 29 19.02 115.03 -12.36
CA PRO N 29 17.66 114.89 -12.87
C PRO N 29 16.91 113.71 -12.27
N THR N 30 17.63 112.71 -11.75
CA THR N 30 16.97 111.58 -11.13
C THR N 30 16.16 111.98 -9.92
N ASN N 31 16.57 113.05 -9.24
CA ASN N 31 15.86 113.48 -8.04
C ASN N 31 15.78 115.00 -7.91
N GLY N 32 16.33 115.76 -8.85
CA GLY N 32 16.24 117.20 -8.79
C GLY N 32 17.00 117.79 -7.62
N VAL N 33 18.33 117.69 -7.64
CA VAL N 33 19.16 118.30 -6.62
C VAL N 33 20.28 119.05 -7.31
N ALA N 34 20.45 120.32 -6.98
CA ALA N 34 21.56 121.08 -7.49
C ALA N 34 22.79 120.87 -6.61
N SER N 35 23.96 121.04 -7.20
CA SER N 35 25.20 120.80 -6.47
C SER N 35 26.20 121.92 -6.70
N LEU N 36 26.97 122.19 -5.64
CA LEU N 36 28.07 123.15 -5.64
C LEU N 36 29.33 122.43 -5.21
N SER N 37 30.46 122.80 -5.80
CA SER N 37 31.70 122.16 -5.44
C SER N 37 32.80 123.20 -5.38
N GLN N 38 33.84 122.88 -4.62
CA GLN N 38 34.95 123.80 -4.45
C GLN N 38 35.48 124.24 -5.82
N ALA N 39 36.17 125.38 -5.86
CA ALA N 39 36.59 125.91 -7.14
C ALA N 39 37.38 124.90 -7.95
N GLY N 40 38.05 123.97 -7.29
CA GLY N 40 38.75 122.90 -7.95
C GLY N 40 40.25 123.00 -7.74
N ALA N 41 40.98 122.14 -8.44
CA ALA N 41 40.43 121.20 -9.42
C ALA N 41 39.84 119.93 -8.79
N VAL N 42 40.71 119.10 -8.22
CA VAL N 42 40.25 117.88 -7.58
C VAL N 42 39.26 118.22 -6.46
N PRO N 43 39.49 119.23 -5.64
CA PRO N 43 38.48 119.59 -4.63
C PRO N 43 37.08 119.72 -5.18
N ALA N 44 36.93 119.92 -6.49
CA ALA N 44 35.61 119.88 -7.10
C ALA N 44 34.96 118.52 -6.92
N LEU N 45 35.76 117.45 -6.84
CA LEU N 45 35.27 116.11 -6.59
C LEU N 45 35.52 115.68 -5.14
N GLU N 46 35.91 116.62 -4.27
CA GLU N 46 35.96 116.38 -2.83
C GLU N 46 34.84 117.10 -2.08
N LYS N 47 34.81 118.42 -2.14
CA LYS N 47 33.86 119.21 -1.37
C LYS N 47 32.52 119.27 -2.08
N ARG N 48 31.43 119.14 -1.33
CA ARG N 48 30.12 119.07 -1.96
C ARG N 48 29.10 119.85 -1.14
N VAL N 49 28.18 120.50 -1.85
CA VAL N 49 27.07 121.22 -1.22
C VAL N 49 25.85 120.98 -2.09
N THR N 50 24.92 120.18 -1.60
CA THR N 50 23.74 119.81 -2.36
C THR N 50 22.51 120.52 -1.82
N VAL N 51 21.61 120.90 -2.72
CA VAL N 51 20.39 121.62 -2.35
C VAL N 51 19.23 121.04 -3.13
N SER N 52 18.09 120.86 -2.43
CA SER N 52 16.90 120.28 -3.03
C SER N 52 15.66 120.93 -2.46
N VAL N 53 14.61 120.99 -3.28
CA VAL N 53 13.29 121.45 -2.84
C VAL N 53 12.28 120.44 -3.35
N SER N 54 11.79 119.60 -2.46
CA SER N 54 10.71 118.68 -2.80
C SER N 54 9.37 119.38 -2.55
N GLN N 55 8.58 119.48 -3.61
CA GLN N 55 7.29 120.13 -3.56
C GLN N 55 6.24 119.14 -3.04
N PRO N 56 5.05 119.63 -2.69
CA PRO N 56 4.05 118.74 -2.08
C PRO N 56 3.62 117.63 -3.03
N SER N 57 3.27 116.49 -2.45
CA SER N 57 2.79 115.33 -3.19
C SER N 57 2.10 114.40 -2.20
N ARG N 58 1.70 113.24 -2.71
CA ARG N 58 1.00 112.29 -1.85
C ARG N 58 1.87 111.83 -0.69
N ASN N 59 3.19 111.85 -0.87
CA ASN N 59 4.11 111.52 0.20
C ASN N 59 4.59 112.75 0.95
N ARG N 60 4.19 113.94 0.52
CA ARG N 60 4.63 115.19 1.10
C ARG N 60 3.40 116.01 1.48
N LYS N 61 3.56 117.20 2.05
CA LYS N 61 2.34 117.98 2.26
C LYS N 61 2.36 119.51 2.09
N ASN N 62 3.21 120.31 2.77
CA ASN N 62 4.52 120.08 3.42
C ASN N 62 5.72 119.96 2.47
N TYR N 63 6.05 121.13 1.89
CA TYR N 63 7.33 121.36 1.21
C TYR N 63 8.50 120.98 2.10
N LYS N 64 9.52 120.37 1.49
CA LYS N 64 10.75 120.02 2.19
C LYS N 64 11.94 120.58 1.45
N VAL N 65 12.74 121.41 2.11
CA VAL N 65 13.97 121.93 1.53
C VAL N 65 15.13 121.28 2.26
N GLN N 66 15.97 120.58 1.51
CA GLN N 66 17.13 119.89 2.05
C GLN N 66 18.40 120.57 1.58
N VAL N 67 19.37 120.67 2.48
CA VAL N 67 20.68 121.21 2.15
C VAL N 67 21.72 120.35 2.85
N LYS N 68 22.50 119.61 2.08
CA LYS N 68 23.53 118.73 2.61
C LYS N 68 24.90 119.31 2.31
N ILE N 69 25.81 119.12 3.25
CA ILE N 69 27.16 119.67 3.19
C ILE N 69 28.14 118.53 3.48
N GLN N 70 29.10 118.34 2.58
CA GLN N 70 30.08 117.25 2.67
C GLN N 70 31.47 117.83 2.55
N ASN N 71 32.30 117.62 3.57
CA ASN N 71 33.72 117.97 3.51
C ASN N 71 34.55 116.74 3.81
N PRO N 72 35.16 116.12 2.83
CA PRO N 72 36.08 115.03 3.13
C PRO N 72 37.50 115.49 3.35
N THR N 73 38.06 115.16 4.50
CA THR N 73 39.47 115.42 4.77
C THR N 73 40.30 114.25 4.28
N ALA N 74 41.30 114.56 3.47
CA ALA N 74 42.18 113.55 2.91
C ALA N 74 43.62 113.90 3.25
N CYS N 75 44.50 112.92 3.05
CA CYS N 75 45.92 113.15 3.16
C CYS N 75 46.64 112.15 2.27
N THR N 76 47.93 112.36 2.10
CA THR N 76 48.74 111.49 1.26
C THR N 76 49.83 110.86 2.12
N ALA N 77 49.83 109.53 2.15
CA ALA N 77 50.82 108.82 2.94
C ALA N 77 52.22 109.15 2.44
N ASN N 78 53.19 109.03 3.34
CA ASN N 78 54.56 109.35 2.99
C ASN N 78 55.12 108.24 2.12
N GLY N 79 54.94 108.38 0.82
CA GLY N 79 55.37 107.38 -0.13
C GLY N 79 54.41 107.24 -1.29
N SER N 80 53.13 107.53 -1.05
CA SER N 80 52.14 107.48 -2.13
C SER N 80 52.07 108.85 -2.79
N CYS N 81 51.24 109.00 -3.82
CA CYS N 81 51.11 110.29 -4.47
C CYS N 81 49.68 110.80 -4.48
N ASP N 82 48.74 109.99 -4.92
CA ASP N 82 47.37 110.45 -4.99
C ASP N 82 46.72 110.41 -3.61
N PRO N 83 46.22 111.52 -3.09
CA PRO N 83 45.70 111.54 -1.72
C PRO N 83 44.47 110.66 -1.56
N SER N 84 44.32 110.10 -0.37
CA SER N 84 43.11 109.35 -0.04
C SER N 84 42.40 110.01 1.14
N VAL N 85 41.08 109.88 1.14
CA VAL N 85 40.23 110.49 2.16
C VAL N 85 40.31 109.65 3.43
N THR N 86 40.79 110.26 4.51
CA THR N 86 40.87 109.55 5.77
C THR N 86 39.78 109.97 6.74
N ARG N 87 39.04 111.03 6.42
CA ARG N 87 38.00 111.52 7.29
C ARG N 87 36.92 112.16 6.46
N GLN N 88 35.74 112.29 7.05
CA GLN N 88 34.57 112.79 6.32
C GLN N 88 33.63 113.47 7.28
N ALA N 89 33.54 114.79 7.22
CA ALA N 89 32.54 115.51 7.97
C ALA N 89 31.38 115.85 7.06
N TYR N 90 30.18 115.88 7.61
CA TYR N 90 29.06 116.36 6.82
C TYR N 90 27.85 116.58 7.70
N ALA N 91 26.97 117.45 7.23
CA ALA N 91 25.76 117.80 7.95
C ALA N 91 24.65 118.00 6.95
N ASP N 92 23.42 118.04 7.45
CA ASP N 92 22.27 118.31 6.59
C ASP N 92 21.21 119.06 7.36
N VAL N 93 20.62 120.02 6.70
CA VAL N 93 19.51 120.76 7.24
C VAL N 93 18.27 120.45 6.41
N THR N 94 17.14 120.28 7.09
CA THR N 94 15.87 119.99 6.44
C THR N 94 14.82 120.93 7.02
N PHE N 95 14.37 121.86 6.20
CA PHE N 95 13.27 122.73 6.57
C PHE N 95 11.98 122.14 6.03
N SER N 96 10.98 122.02 6.90
CA SER N 96 9.66 121.55 6.50
C SER N 96 8.70 122.71 6.66
N PHE N 97 8.16 123.18 5.55
CA PHE N 97 7.18 124.25 5.57
C PHE N 97 5.85 123.75 5.04
N THR N 98 4.79 124.34 5.54
CA THR N 98 3.48 123.89 5.16
C THR N 98 2.93 124.72 4.01
N GLN N 99 1.89 124.15 3.41
CA GLN N 99 1.45 124.59 2.10
C GLN N 99 0.93 126.02 2.17
N TYR N 100 0.51 126.46 3.34
CA TYR N 100 0.06 127.83 3.57
C TYR N 100 1.14 128.71 4.17
N SER N 101 2.40 128.33 4.04
CA SER N 101 3.45 129.03 4.75
C SER N 101 3.68 130.41 4.15
N THR N 102 4.30 131.28 4.93
CA THR N 102 4.60 132.63 4.50
C THR N 102 6.10 132.78 4.33
N ASP N 103 6.50 133.38 3.22
CA ASP N 103 7.92 133.62 3.03
C ASP N 103 8.49 134.44 4.17
N GLU N 104 7.68 135.30 4.79
CA GLU N 104 8.15 136.03 5.96
C GLU N 104 8.60 135.06 7.04
N GLU N 105 7.72 134.13 7.40
CA GLU N 105 8.05 133.19 8.45
C GLU N 105 9.22 132.32 8.03
N ARG N 106 9.28 131.93 6.77
CA ARG N 106 10.38 131.09 6.33
C ARG N 106 11.70 131.84 6.48
N ALA N 107 11.74 133.10 6.07
CA ALA N 107 12.96 133.87 6.21
C ALA N 107 13.33 134.03 7.68
N PHE N 108 12.33 134.25 8.53
CA PHE N 108 12.60 134.30 9.95
C PHE N 108 13.27 133.02 10.42
N VAL N 109 12.73 131.88 10.03
CA VAL N 109 13.26 130.60 10.49
C VAL N 109 14.69 130.45 10.02
N ARG N 110 14.92 130.79 8.77
CA ARG N 110 16.26 130.70 8.21
C ARG N 110 17.24 131.52 9.01
N THR N 111 17.01 132.82 9.07
CA THR N 111 17.97 133.66 9.74
C THR N 111 18.08 133.30 11.22
N GLU N 112 17.03 132.71 11.79
CA GLU N 112 17.10 132.22 13.14
C GLU N 112 18.14 131.11 13.25
N LEU N 113 18.05 130.14 12.35
CA LEU N 113 19.08 129.11 12.30
C LEU N 113 20.47 129.71 12.14
N ALA N 114 20.59 130.69 11.25
CA ALA N 114 21.92 131.23 10.98
C ALA N 114 22.51 131.86 12.23
N ALA N 115 21.77 132.78 12.83
CA ALA N 115 22.32 133.47 13.97
C ALA N 115 22.48 132.52 15.15
N LEU N 116 21.66 131.47 15.22
CA LEU N 116 21.88 130.47 16.26
C LEU N 116 23.20 129.76 16.05
N LEU N 117 23.50 129.41 14.80
CA LEU N 117 24.81 128.85 14.52
C LEU N 117 25.91 129.81 14.92
N ALA N 118 25.65 131.10 14.76
CA ALA N 118 26.63 132.10 15.17
C ALA N 118 26.73 132.26 16.67
N SER N 119 25.72 131.82 17.43
CA SER N 119 25.68 132.06 18.86
C SER N 119 26.72 131.24 19.60
N PRO N 120 27.12 131.68 20.79
CA PRO N 120 28.09 130.90 21.56
C PRO N 120 27.65 129.48 21.79
N LEU N 121 26.35 129.25 21.99
CA LEU N 121 25.90 127.92 22.35
C LEU N 121 26.29 126.91 21.30
N LEU N 122 25.92 127.16 20.04
CA LEU N 122 26.18 126.16 19.02
C LEU N 122 27.66 126.04 18.72
N ILE N 123 28.39 127.16 18.69
CA ILE N 123 29.81 127.06 18.41
C ILE N 123 30.47 126.23 19.50
N ASP N 124 30.02 126.39 20.74
CA ASP N 124 30.52 125.56 21.83
C ASP N 124 30.17 124.10 21.61
N ALA N 125 28.93 123.83 21.22
CA ALA N 125 28.45 122.47 21.11
C ALA N 125 28.95 121.76 19.88
N ILE N 126 29.52 122.49 18.91
CA ILE N 126 30.03 121.89 17.70
C ILE N 126 31.54 121.84 17.76
N ASP N 127 32.15 123.02 17.87
CA ASP N 127 33.59 123.12 17.85
C ASP N 127 34.20 122.14 18.84
N GLN N 128 33.70 122.15 20.06
CA GLN N 128 34.21 121.35 21.14
C GLN N 128 33.31 120.18 21.49
N LEU N 129 32.18 120.03 20.82
CA LEU N 129 31.24 118.96 21.13
C LEU N 129 30.82 119.01 22.60
N ASN N 130 30.46 120.21 23.06
CA ASN N 130 30.10 120.41 24.45
C ASN N 130 28.59 120.37 24.60
N PRO N 131 28.01 119.38 25.27
CA PRO N 131 26.60 119.48 25.63
C PRO N 131 26.39 120.67 26.53
N ALA N 132 25.20 121.25 26.45
CA ALA N 132 24.95 122.54 27.06
C ALA N 132 24.63 122.36 28.53
N TYR N 133 25.68 122.30 29.37
CA TYR N 133 25.56 121.97 30.79
C TYR N 133 26.52 122.82 31.60
N ALA O 2 12.47 128.99 -26.25
CA ALA O 2 11.37 128.80 -25.27
C ALA O 2 11.81 129.26 -23.89
N LYS O 3 12.68 130.26 -23.86
CA LYS O 3 13.25 130.73 -22.61
C LYS O 3 12.17 131.12 -21.63
N LEU O 4 12.29 130.63 -20.40
CA LEU O 4 11.38 131.03 -19.35
C LEU O 4 11.48 132.53 -19.15
N GLU O 5 10.36 133.16 -18.86
CA GLU O 5 10.36 134.62 -18.74
C GLU O 5 9.03 135.06 -18.17
N THR O 6 9.04 136.25 -17.57
CA THR O 6 7.84 136.87 -17.04
C THR O 6 6.80 137.00 -18.13
N VAL O 7 5.75 136.20 -18.05
CA VAL O 7 4.76 136.20 -19.11
C VAL O 7 3.57 137.02 -18.65
N THR O 8 3.22 138.03 -19.46
CA THR O 8 2.17 138.97 -19.11
C THR O 8 1.03 138.79 -20.09
N LEU O 9 -0.11 138.37 -19.57
CA LEU O 9 -1.25 138.12 -20.44
C LEU O 9 -2.24 139.24 -20.22
N GLY O 10 -2.63 139.91 -21.30
CA GLY O 10 -3.37 141.14 -21.23
C GLY O 10 -4.85 140.90 -20.99
N ASN O 11 -5.68 141.63 -21.71
CA ASN O 11 -7.13 141.54 -21.57
C ASN O 11 -7.56 140.11 -21.29
N ILE O 12 -8.40 139.94 -20.27
CA ILE O 12 -8.63 138.64 -19.68
C ILE O 12 -9.91 138.70 -18.87
N GLY O 13 -10.71 137.63 -18.92
CA GLY O 13 -11.90 137.52 -18.11
C GLY O 13 -13.15 137.83 -18.89
N LYS O 14 -14.27 138.00 -18.17
CA LYS O 14 -15.54 138.27 -18.83
C LYS O 14 -15.44 139.50 -19.72
N ASP O 15 -15.22 140.65 -19.11
CA ASP O 15 -15.25 141.91 -19.84
C ASP O 15 -13.91 142.20 -20.50
N GLY O 16 -12.91 141.34 -20.31
CA GLY O 16 -11.62 141.52 -20.93
C GLY O 16 -10.89 142.77 -20.46
N LYS O 17 -10.78 142.94 -19.14
CA LYS O 17 -10.02 144.04 -18.58
C LYS O 17 -8.95 143.66 -17.58
N GLN O 18 -8.90 142.42 -17.11
CA GLN O 18 -7.89 142.04 -16.12
C GLN O 18 -6.61 141.65 -16.83
N THR O 19 -5.54 141.50 -16.05
CA THR O 19 -4.23 141.19 -16.58
C THR O 19 -3.52 140.29 -15.60
N LEU O 20 -2.67 139.40 -16.11
CA LEU O 20 -1.95 138.47 -15.27
C LEU O 20 -0.48 138.51 -15.59
N VAL O 21 0.35 138.35 -14.57
CA VAL O 21 1.80 138.43 -14.73
C VAL O 21 2.40 137.23 -14.00
N LEU O 22 2.71 136.17 -14.74
CA LEU O 22 3.28 134.98 -14.16
C LEU O 22 4.79 135.08 -14.22
N ASN O 23 5.42 135.01 -13.07
CA ASN O 23 6.86 135.04 -13.02
C ASN O 23 7.44 133.65 -13.27
N PRO O 24 8.69 133.57 -13.72
CA PRO O 24 9.29 132.28 -14.04
C PRO O 24 9.71 131.56 -12.77
N ARG O 25 9.11 130.41 -12.53
CA ARG O 25 9.37 129.62 -11.33
C ARG O 25 10.67 128.84 -11.50
N GLY O 26 10.67 127.91 -12.43
CA GLY O 26 11.78 127.00 -12.55
C GLY O 26 11.37 125.82 -13.38
N VAL O 27 12.13 124.75 -13.30
CA VAL O 27 11.90 123.59 -14.15
C VAL O 27 12.11 122.32 -13.34
N ASN O 28 11.03 121.67 -12.96
CA ASN O 28 11.14 120.39 -12.32
C ASN O 28 11.78 119.40 -13.30
N PRO O 29 12.93 118.85 -12.99
CA PRO O 29 13.56 117.91 -13.92
C PRO O 29 12.94 116.53 -13.85
N THR O 30 12.56 116.08 -12.67
CA THR O 30 12.07 114.70 -12.53
C THR O 30 11.00 114.39 -13.57
N ASN O 31 10.34 115.41 -14.10
CA ASN O 31 9.33 115.21 -15.12
C ASN O 31 9.53 116.17 -16.28
N GLY O 32 10.60 116.94 -16.30
CA GLY O 32 10.79 117.90 -17.35
C GLY O 32 9.56 118.77 -17.50
N VAL O 33 9.31 119.61 -16.51
CA VAL O 33 8.11 120.46 -16.51
C VAL O 33 8.49 121.83 -16.00
N ALA O 34 8.38 122.84 -16.86
CA ALA O 34 8.63 124.20 -16.42
C ALA O 34 7.36 124.77 -15.83
N SER O 35 7.51 125.58 -14.80
CA SER O 35 6.35 126.12 -14.09
C SER O 35 6.42 127.62 -14.00
N LEU O 36 5.26 128.25 -13.93
CA LEU O 36 5.13 129.68 -13.71
C LEU O 36 4.10 129.90 -12.61
N SER O 37 4.29 131.00 -11.88
CA SER O 37 3.42 131.35 -10.78
C SER O 37 3.23 132.85 -10.75
N GLN O 38 1.99 133.27 -10.52
CA GLN O 38 1.75 134.69 -10.31
C GLN O 38 2.47 135.16 -9.05
N ALA O 39 2.83 136.43 -9.03
CA ALA O 39 3.60 136.97 -7.91
C ALA O 39 2.76 136.94 -6.64
N GLY O 40 3.30 136.34 -5.59
CA GLY O 40 2.61 136.25 -4.33
C GLY O 40 3.53 135.81 -3.22
N ALA O 41 2.96 135.35 -2.10
CA ALA O 41 3.78 134.87 -1.00
C ALA O 41 3.37 133.47 -0.60
N VAL O 42 2.07 133.24 -0.53
CA VAL O 42 1.57 131.97 -0.01
C VAL O 42 1.44 131.01 -1.18
N PRO O 43 2.19 129.91 -1.21
CA PRO O 43 2.08 129.02 -2.37
C PRO O 43 0.66 128.59 -2.62
N ALA O 44 -0.11 128.44 -1.56
CA ALA O 44 -1.47 127.95 -1.64
C ALA O 44 -2.41 128.90 -2.34
N LEU O 45 -2.04 130.17 -2.46
CA LEU O 45 -2.96 131.20 -2.88
C LEU O 45 -2.46 131.84 -4.17
N GLU O 46 -2.05 130.99 -5.10
CA GLU O 46 -1.26 131.43 -6.23
C GLU O 46 -1.73 130.78 -7.51
N LYS O 47 -1.84 131.57 -8.58
CA LYS O 47 -2.21 131.06 -9.89
C LYS O 47 -0.99 130.41 -10.53
N ARG O 48 -1.08 129.11 -10.80
CA ARG O 48 0.05 128.32 -11.28
C ARG O 48 -0.22 127.80 -12.69
N VAL O 49 0.84 127.67 -13.46
CA VAL O 49 0.74 127.07 -14.79
C VAL O 49 1.97 126.21 -15.02
N THR O 50 1.79 125.10 -15.74
CA THR O 50 2.88 124.18 -15.99
C THR O 50 2.88 123.81 -17.46
N VAL O 51 4.07 123.79 -18.06
CA VAL O 51 4.27 123.43 -19.45
C VAL O 51 5.26 122.28 -19.50
N SER O 52 4.94 121.27 -20.30
CA SER O 52 5.81 120.13 -20.44
C SER O 52 5.75 119.63 -21.86
N VAL O 53 6.88 119.14 -22.37
CA VAL O 53 6.96 118.56 -23.69
C VAL O 53 7.59 117.20 -23.55
N SER O 54 6.82 116.16 -23.84
CA SER O 54 7.30 114.78 -23.75
C SER O 54 7.68 114.31 -25.14
N GLN O 55 8.94 113.97 -25.30
CA GLN O 55 9.49 113.42 -26.52
C GLN O 55 9.04 111.98 -26.69
N PRO O 56 9.14 111.44 -27.90
CA PRO O 56 8.61 110.10 -28.15
C PRO O 56 9.54 109.08 -27.53
N SER O 57 8.98 108.19 -26.74
CA SER O 57 9.75 107.09 -26.19
C SER O 57 9.54 105.87 -27.07
N ARG O 58 10.27 104.81 -26.77
CA ARG O 58 10.09 103.55 -27.46
C ARG O 58 8.72 102.95 -27.20
N ASN O 59 8.00 103.45 -26.21
CA ASN O 59 6.69 102.94 -25.86
C ASN O 59 5.57 103.88 -26.31
N ARG O 60 5.91 105.08 -26.78
CA ARG O 60 4.89 106.07 -27.12
C ARG O 60 4.99 106.44 -28.59
N LYS O 61 6.18 106.81 -29.05
CA LYS O 61 6.38 107.21 -30.44
C LYS O 61 5.38 108.29 -30.83
N ASN O 62 5.33 109.36 -30.04
CA ASN O 62 4.48 110.49 -30.35
C ASN O 62 4.85 111.65 -29.45
N TYR O 63 5.02 112.84 -30.01
CA TYR O 63 5.35 113.98 -29.18
C TYR O 63 4.10 114.47 -28.47
N LYS O 64 4.27 114.93 -27.23
CA LYS O 64 3.16 115.41 -26.43
C LYS O 64 3.51 116.77 -25.84
N VAL O 65 2.50 117.62 -25.74
CA VAL O 65 2.65 118.93 -25.11
C VAL O 65 1.53 119.08 -24.10
N GLN O 66 1.87 119.15 -22.82
CA GLN O 66 0.91 119.31 -21.75
C GLN O 66 0.98 120.72 -21.21
N VAL O 67 -0.18 121.33 -21.00
CA VAL O 67 -0.27 122.65 -20.40
C VAL O 67 -1.37 122.58 -19.33
N LYS O 68 -0.98 122.71 -18.08
CA LYS O 68 -1.92 122.66 -16.97
C LYS O 68 -1.99 124.02 -16.30
N ILE O 69 -3.19 124.37 -15.85
CA ILE O 69 -3.46 125.65 -15.22
C ILE O 69 -4.24 125.39 -13.95
N GLN O 70 -3.78 125.97 -12.84
CA GLN O 70 -4.43 125.85 -11.56
C GLN O 70 -4.71 127.23 -11.03
N ASN O 71 -5.96 127.49 -10.66
CA ASN O 71 -6.34 128.76 -10.07
C ASN O 71 -7.17 128.53 -8.82
N PRO O 72 -6.62 128.75 -7.64
CA PRO O 72 -7.41 128.59 -6.42
C PRO O 72 -8.02 129.91 -5.98
N THR O 73 -9.02 129.79 -5.12
CA THR O 73 -9.78 130.93 -4.66
C THR O 73 -9.43 131.27 -3.23
N ALA O 74 -9.46 132.57 -2.93
CA ALA O 74 -8.99 133.06 -1.63
C ALA O 74 -9.89 132.57 -0.50
N CYS O 75 -11.16 132.96 -0.53
CA CYS O 75 -12.10 132.70 0.57
C CYS O 75 -11.53 133.20 1.90
N THR O 76 -11.07 134.46 1.88
CA THR O 76 -10.52 135.07 3.08
C THR O 76 -11.60 135.24 4.14
N ALA O 77 -11.28 134.79 5.35
CA ALA O 77 -12.19 134.86 6.49
C ALA O 77 -11.94 136.13 7.30
N ASN O 78 -13.00 136.62 7.95
CA ASN O 78 -12.91 137.84 8.75
C ASN O 78 -12.14 137.54 10.04
N GLY O 79 -10.83 137.34 9.86
CA GLY O 79 -9.90 137.23 10.96
C GLY O 79 -9.38 135.81 11.11
N SER O 80 -8.70 135.58 12.24
CA SER O 80 -8.35 134.27 12.77
C SER O 80 -7.25 133.53 12.02
N CYS O 81 -6.98 133.89 10.77
CA CYS O 81 -5.71 133.56 10.12
C CYS O 81 -5.77 134.03 8.66
N ASP O 82 -4.71 133.77 7.92
CA ASP O 82 -4.71 133.98 6.48
C ASP O 82 -5.87 133.23 5.83
N PRO O 83 -6.18 133.54 4.57
CA PRO O 83 -7.23 132.80 3.87
C PRO O 83 -6.86 131.35 3.69
N SER O 84 -7.88 130.56 3.35
CA SER O 84 -7.73 129.14 3.10
C SER O 84 -8.28 128.81 1.73
N VAL O 85 -7.71 127.78 1.10
CA VAL O 85 -8.14 127.39 -0.23
C VAL O 85 -9.47 126.67 -0.15
N THR O 86 -10.46 127.17 -0.88
CA THR O 86 -11.79 126.62 -0.89
C THR O 86 -12.21 126.04 -2.22
N ARG O 87 -11.80 126.66 -3.32
CA ARG O 87 -12.23 126.29 -4.64
C ARG O 87 -11.00 126.29 -5.54
N GLN O 88 -10.92 125.33 -6.46
CA GLN O 88 -9.71 125.19 -7.26
C GLN O 88 -10.09 124.82 -8.68
N ALA O 89 -9.93 125.77 -9.60
CA ALA O 89 -10.26 125.55 -11.00
C ALA O 89 -9.05 124.96 -11.73
N TYR O 90 -9.28 123.82 -12.38
CA TYR O 90 -8.25 123.10 -13.11
C TYR O 90 -8.48 123.22 -14.61
N ALA O 91 -7.39 123.30 -15.36
CA ALA O 91 -7.46 123.27 -16.81
C ALA O 91 -6.28 122.47 -17.34
N ASP O 92 -6.51 121.67 -18.36
CA ASP O 92 -5.47 120.78 -18.88
C ASP O 92 -5.66 120.62 -20.38
N VAL O 93 -4.66 121.06 -21.13
CA VAL O 93 -4.60 120.86 -22.56
C VAL O 93 -3.47 119.90 -22.87
N THR O 94 -3.67 119.04 -23.87
CA THR O 94 -2.71 118.01 -24.22
C THR O 94 -2.70 117.87 -25.73
N PHE O 95 -1.73 118.50 -26.37
CA PHE O 95 -1.52 118.31 -27.80
C PHE O 95 -0.70 117.05 -28.03
N SER O 96 -1.05 116.30 -29.06
CA SER O 96 -0.31 115.13 -29.46
C SER O 96 -0.03 115.20 -30.95
N PHE O 97 1.22 114.93 -31.31
CA PHE O 97 1.70 115.05 -32.68
C PHE O 97 2.54 113.82 -33.01
N THR O 98 2.60 113.48 -34.28
CA THR O 98 3.43 112.36 -34.70
C THR O 98 4.79 112.87 -35.14
N GLN O 99 5.77 111.96 -35.13
CA GLN O 99 7.13 112.38 -35.42
C GLN O 99 7.24 113.04 -36.78
N TYR O 100 6.35 112.70 -37.70
CA TYR O 100 6.34 113.31 -39.02
C TYR O 100 5.41 114.50 -39.09
N SER O 101 4.93 114.97 -37.95
CA SER O 101 4.09 116.15 -37.92
C SER O 101 4.85 117.33 -38.54
N THR O 102 4.13 118.42 -38.75
CA THR O 102 4.70 119.62 -39.35
C THR O 102 4.31 120.84 -38.54
N ASP O 103 5.26 121.77 -38.43
CA ASP O 103 5.02 122.99 -37.68
C ASP O 103 3.76 123.70 -38.17
N GLU O 104 3.50 123.65 -39.47
CA GLU O 104 2.30 124.32 -39.97
C GLU O 104 1.06 123.76 -39.30
N GLU O 105 0.91 122.44 -39.34
CA GLU O 105 -0.28 121.83 -38.78
C GLU O 105 -0.33 122.04 -37.28
N ARG O 106 0.82 122.00 -36.62
CA ARG O 106 0.85 122.23 -35.19
C ARG O 106 0.32 123.62 -34.86
N ALA O 107 0.84 124.64 -35.54
CA ALA O 107 0.36 125.99 -35.32
C ALA O 107 -1.11 126.12 -35.68
N PHE O 108 -1.52 125.43 -36.75
CA PHE O 108 -2.92 125.39 -37.12
C PHE O 108 -3.78 124.93 -35.96
N VAL O 109 -3.42 123.79 -35.40
CA VAL O 109 -4.17 123.27 -34.25
C VAL O 109 -4.18 124.29 -33.14
N ARG O 110 -3.03 124.90 -32.87
CA ARG O 110 -2.95 125.84 -31.77
C ARG O 110 -3.97 126.95 -31.96
N THR O 111 -3.84 127.68 -33.05
CA THR O 111 -4.70 128.83 -33.24
C THR O 111 -6.16 128.41 -33.31
N GLU O 112 -6.42 127.19 -33.77
CA GLU O 112 -7.81 126.79 -33.90
C GLU O 112 -8.39 126.56 -32.51
N LEU O 113 -7.59 125.97 -31.64
CA LEU O 113 -7.98 125.85 -30.25
C LEU O 113 -8.26 127.23 -29.67
N ALA O 114 -7.38 128.19 -29.95
CA ALA O 114 -7.56 129.51 -29.35
C ALA O 114 -8.84 130.17 -29.83
N ALA O 115 -9.07 130.15 -31.14
CA ALA O 115 -10.28 130.73 -31.66
C ALA O 115 -11.51 130.01 -31.13
N LEU O 116 -11.40 128.71 -30.86
CA LEU O 116 -12.53 128.02 -30.24
C LEU O 116 -12.79 128.55 -28.84
N LEU O 117 -11.75 128.63 -28.01
CA LEU O 117 -11.99 129.19 -26.69
C LEU O 117 -12.52 130.60 -26.74
N ALA O 118 -12.30 131.31 -27.83
CA ALA O 118 -12.92 132.62 -27.99
C ALA O 118 -14.32 132.56 -28.55
N SER O 119 -14.69 131.47 -29.22
CA SER O 119 -15.93 131.43 -29.97
C SER O 119 -17.14 131.47 -29.04
N PRO O 120 -18.29 131.91 -29.54
CA PRO O 120 -19.48 131.96 -28.68
C PRO O 120 -19.84 130.62 -28.11
N LEU O 121 -19.65 129.56 -28.89
CA LEU O 121 -20.08 128.24 -28.45
C LEU O 121 -19.45 127.88 -27.11
N LEU O 122 -18.13 127.74 -27.08
CA LEU O 122 -17.49 127.37 -25.83
C LEU O 122 -17.69 128.43 -24.76
N ILE O 123 -17.92 129.68 -25.17
CA ILE O 123 -18.11 130.72 -24.17
C ILE O 123 -19.25 130.34 -23.24
N ASP O 124 -20.41 130.01 -23.80
CA ASP O 124 -21.52 129.61 -22.96
C ASP O 124 -21.36 128.17 -22.48
N ALA O 125 -20.63 127.35 -23.22
CA ALA O 125 -20.42 125.98 -22.77
C ALA O 125 -19.66 125.93 -21.45
N ILE O 126 -18.73 126.85 -21.25
CA ILE O 126 -17.92 126.88 -20.03
C ILE O 126 -18.56 127.86 -19.05
N ASP O 127 -18.60 129.13 -19.43
CA ASP O 127 -19.01 130.18 -18.51
C ASP O 127 -20.35 129.85 -17.89
N GLN O 128 -21.33 129.56 -18.72
CA GLN O 128 -22.63 129.18 -18.22
C GLN O 128 -22.76 127.68 -17.99
N LEU O 129 -21.76 126.90 -18.37
CA LEU O 129 -21.85 125.45 -18.25
C LEU O 129 -23.10 124.91 -18.92
N ASN O 130 -23.52 125.55 -20.01
CA ASN O 130 -24.68 125.07 -20.75
C ASN O 130 -24.25 123.93 -21.65
N PRO O 131 -24.83 122.75 -21.54
CA PRO O 131 -24.50 121.68 -22.49
C PRO O 131 -24.72 122.15 -23.92
N ALA O 132 -23.76 121.87 -24.77
CA ALA O 132 -23.84 122.33 -26.14
C ALA O 132 -25.11 121.79 -26.78
N TYR O 133 -26.04 122.68 -27.08
CA TYR O 133 -27.27 122.30 -27.76
C TYR O 133 -28.08 123.53 -28.09
N ALA P 2 26.40 123.07 -16.26
CA ALA P 2 26.13 123.49 -17.65
C ALA P 2 24.66 123.71 -17.85
N LYS P 3 24.25 124.97 -17.92
CA LYS P 3 22.86 125.25 -18.22
C LYS P 3 22.61 125.24 -19.72
N LEU P 4 21.61 124.46 -20.14
CA LEU P 4 21.29 124.39 -21.55
C LEU P 4 20.87 125.75 -22.05
N GLU P 5 21.38 126.13 -23.21
CA GLU P 5 20.96 127.34 -23.88
C GLU P 5 21.05 127.09 -25.38
N THR P 6 20.34 127.91 -26.14
CA THR P 6 20.42 127.83 -27.58
C THR P 6 21.87 127.93 -28.00
N VAL P 7 22.41 126.86 -28.56
CA VAL P 7 23.83 126.81 -28.89
C VAL P 7 23.96 127.08 -30.37
N THR P 8 24.79 128.04 -30.72
CA THR P 8 24.95 128.50 -32.09
C THR P 8 26.36 128.14 -32.53
N LEU P 9 26.47 127.27 -33.52
CA LEU P 9 27.74 126.73 -33.94
C LEU P 9 28.01 127.27 -35.34
N GLY P 10 29.04 128.10 -35.47
CA GLY P 10 29.37 128.74 -36.72
C GLY P 10 30.62 128.16 -37.34
N ASN P 11 30.87 128.55 -38.58
CA ASN P 11 32.05 128.11 -39.31
C ASN P 11 32.07 126.60 -39.42
N ILE P 12 31.08 126.08 -40.14
CA ILE P 12 30.77 124.66 -40.16
C ILE P 12 30.78 124.19 -41.62
N GLY P 13 31.08 122.90 -41.80
CA GLY P 13 30.97 122.27 -43.11
C GLY P 13 32.29 122.22 -43.86
N LYS P 14 32.18 121.85 -45.14
CA LYS P 14 33.36 121.80 -46.00
C LYS P 14 34.13 123.12 -45.96
N ASP P 15 33.48 124.19 -46.34
CA ASP P 15 34.10 125.50 -46.44
C ASP P 15 34.04 126.28 -45.14
N GLY P 16 33.42 125.73 -44.12
CA GLY P 16 33.29 126.44 -42.87
C GLY P 16 32.48 127.70 -43.03
N LYS P 17 31.25 127.57 -43.54
CA LYS P 17 30.40 128.74 -43.74
C LYS P 17 28.98 128.59 -43.24
N GLN P 18 28.48 127.38 -43.05
CA GLN P 18 27.10 127.28 -42.58
C GLN P 18 27.06 127.54 -41.09
N THR P 19 25.86 127.43 -40.51
CA THR P 19 25.69 127.58 -39.08
C THR P 19 24.61 126.62 -38.62
N LEU P 20 24.69 126.21 -37.36
CA LEU P 20 23.68 125.35 -36.75
C LEU P 20 23.19 125.99 -35.47
N VAL P 21 21.87 126.09 -35.35
CA VAL P 21 21.25 126.61 -34.14
C VAL P 21 20.55 125.43 -33.48
N LEU P 22 21.02 125.05 -32.30
CA LEU P 22 20.46 123.91 -31.59
C LEU P 22 19.69 124.42 -30.38
N ASN P 23 18.44 124.06 -30.30
CA ASN P 23 17.62 124.44 -29.17
C ASN P 23 17.61 123.34 -28.12
N PRO P 24 17.50 123.69 -26.86
CA PRO P 24 17.46 122.67 -25.81
C PRO P 24 16.22 121.80 -25.94
N ARG P 25 16.38 120.52 -25.61
CA ARG P 25 15.28 119.57 -25.59
C ARG P 25 15.07 118.96 -24.21
N GLY P 26 15.53 119.62 -23.16
CA GLY P 26 15.36 119.10 -21.82
C GLY P 26 16.31 117.96 -21.50
N VAL P 27 15.94 117.21 -20.47
CA VAL P 27 16.78 116.16 -19.94
C VAL P 27 15.94 114.91 -19.72
N ASN P 28 16.50 113.76 -20.05
CA ASN P 28 15.81 112.49 -19.83
C ASN P 28 15.61 112.25 -18.34
N PRO P 29 14.40 111.94 -17.90
CA PRO P 29 14.20 111.64 -16.48
C PRO P 29 14.97 110.44 -16.02
N THR P 30 15.08 109.40 -16.85
CA THR P 30 15.66 108.14 -16.41
C THR P 30 17.15 108.06 -16.76
N ASN P 31 17.48 108.23 -18.03
CA ASN P 31 18.88 108.20 -18.44
C ASN P 31 19.60 109.48 -18.08
N GLY P 32 18.88 110.54 -17.77
CA GLY P 32 19.53 111.75 -17.31
C GLY P 32 20.49 112.28 -18.34
N VAL P 33 19.98 112.46 -19.56
CA VAL P 33 20.79 112.87 -20.70
C VAL P 33 20.14 114.09 -21.31
N ALA P 34 20.92 115.14 -21.52
CA ALA P 34 20.40 116.35 -22.14
C ALA P 34 20.43 116.20 -23.65
N SER P 35 19.50 116.87 -24.31
CA SER P 35 19.43 116.84 -25.77
C SER P 35 19.10 118.21 -26.32
N LEU P 36 19.58 118.48 -27.52
CA LEU P 36 19.20 119.66 -28.27
C LEU P 36 18.90 119.26 -29.70
N SER P 37 18.10 120.08 -30.38
CA SER P 37 17.67 119.78 -31.73
C SER P 37 17.73 121.04 -32.57
N GLN P 38 18.01 120.84 -33.85
CA GLN P 38 17.97 121.94 -34.81
C GLN P 38 16.54 122.34 -35.08
N ALA P 39 16.28 123.64 -35.04
CA ALA P 39 14.94 124.11 -35.36
C ALA P 39 14.57 123.67 -36.76
N GLY P 40 13.42 123.01 -36.88
CA GLY P 40 13.03 122.47 -38.17
C GLY P 40 11.53 122.32 -38.26
N ALA P 41 11.08 121.98 -39.46
CA ALA P 41 9.67 121.82 -39.74
C ALA P 41 9.14 120.49 -39.25
N VAL P 42 9.80 119.41 -39.62
CA VAL P 42 9.40 118.06 -39.20
C VAL P 42 10.41 117.57 -38.18
N PRO P 43 10.00 117.23 -36.97
CA PRO P 43 10.98 116.80 -35.96
C PRO P 43 11.81 115.64 -36.43
N ALA P 44 11.28 114.80 -37.31
CA ALA P 44 12.05 113.64 -37.75
C ALA P 44 13.28 114.05 -38.53
N LEU P 45 13.30 115.25 -39.11
CA LEU P 45 14.39 115.69 -39.96
C LEU P 45 15.24 116.75 -39.29
N GLU P 46 15.34 116.70 -37.97
CA GLU P 46 16.09 117.69 -37.22
C GLU P 46 17.38 117.06 -36.71
N LYS P 47 18.48 117.79 -36.86
CA LYS P 47 19.76 117.30 -36.38
C LYS P 47 19.76 117.36 -34.86
N ARG P 48 19.95 116.22 -34.21
CA ARG P 48 19.93 116.16 -32.76
C ARG P 48 21.33 116.06 -32.22
N VAL P 49 21.48 116.41 -30.94
CA VAL P 49 22.74 116.24 -30.23
C VAL P 49 22.47 115.92 -28.77
N THR P 50 23.06 114.85 -28.27
CA THR P 50 22.86 114.42 -26.89
C THR P 50 24.15 114.55 -26.10
N VAL P 51 24.00 114.72 -24.79
CA VAL P 51 25.14 114.85 -23.88
C VAL P 51 24.78 114.24 -22.55
N SER P 52 25.64 113.38 -22.04
CA SER P 52 25.43 112.72 -20.76
C SER P 52 26.67 112.88 -19.90
N VAL P 53 26.43 113.08 -18.60
CA VAL P 53 27.50 113.23 -17.61
C VAL P 53 27.20 112.22 -16.50
N SER P 54 27.71 111.01 -16.65
CA SER P 54 27.41 109.98 -15.67
C SER P 54 28.16 110.25 -14.38
N GLN P 55 27.55 109.85 -13.29
CA GLN P 55 28.20 109.92 -11.98
C GLN P 55 29.08 108.69 -11.76
N PRO P 56 30.05 108.78 -10.87
CA PRO P 56 30.95 107.65 -10.67
C PRO P 56 30.22 106.41 -10.18
N SER P 57 30.66 105.25 -10.68
CA SER P 57 30.09 103.95 -10.31
C SER P 57 30.64 103.49 -8.98
N ARG P 58 30.48 102.21 -8.65
CA ARG P 58 30.97 101.72 -7.37
C ARG P 58 32.37 101.13 -7.51
N ASN P 59 33.28 101.58 -6.64
CA ASN P 59 34.56 100.91 -6.38
C ASN P 59 35.56 101.03 -7.52
N ARG P 60 35.12 101.52 -8.67
CA ARG P 60 36.06 101.94 -9.71
C ARG P 60 35.79 103.39 -10.07
N LYS P 61 34.53 103.78 -10.06
CA LYS P 61 34.04 105.14 -10.04
C LYS P 61 34.21 105.90 -11.37
N ASN P 62 35.23 105.60 -12.17
CA ASN P 62 35.19 105.84 -13.62
C ASN P 62 34.32 106.99 -14.14
N TYR P 63 34.60 108.27 -13.87
CA TYR P 63 33.78 109.32 -14.51
C TYR P 63 33.69 109.09 -16.01
N LYS P 64 32.47 109.20 -16.53
CA LYS P 64 32.21 108.96 -17.95
C LYS P 64 31.28 110.02 -18.51
N VAL P 65 31.58 110.46 -19.73
CA VAL P 65 30.77 111.45 -20.43
C VAL P 65 30.55 110.97 -21.86
N GLN P 66 29.32 111.16 -22.35
CA GLN P 66 28.96 110.73 -23.69
C GLN P 66 28.41 111.92 -24.46
N VAL P 67 28.64 111.92 -25.77
CA VAL P 67 28.07 112.92 -26.66
C VAL P 67 27.71 112.24 -27.97
N LYS P 68 26.42 112.20 -28.28
CA LYS P 68 25.93 111.55 -29.49
C LYS P 68 25.36 112.61 -30.42
N ILE P 69 25.93 112.71 -31.61
CA ILE P 69 25.43 113.57 -32.67
C ILE P 69 24.77 112.68 -33.70
N GLN P 70 23.51 112.94 -33.99
CA GLN P 70 22.77 112.25 -35.04
C GLN P 70 22.33 113.28 -36.06
N ASN P 71 22.66 113.03 -37.32
CA ASN P 71 22.19 113.88 -38.41
C ASN P 71 21.35 113.07 -39.37
N PRO P 72 20.08 113.40 -39.56
CA PRO P 72 19.26 112.67 -40.50
C PRO P 72 19.24 113.32 -41.88
N THR P 73 18.71 112.57 -42.84
CA THR P 73 18.45 113.13 -44.16
C THR P 73 17.53 112.19 -44.93
N ALA P 74 16.46 112.73 -45.49
CA ALA P 74 15.39 111.92 -46.05
C ALA P 74 15.36 112.04 -47.57
N CYS P 75 14.50 111.22 -48.18
CA CYS P 75 14.22 111.32 -49.61
C CYS P 75 12.70 111.22 -49.75
N THR P 76 12.07 112.30 -50.16
CA THR P 76 10.65 112.23 -50.51
C THR P 76 10.48 111.38 -51.77
N ALA P 77 9.97 110.16 -51.60
CA ALA P 77 9.74 109.29 -52.74
C ALA P 77 8.45 109.68 -53.46
N ASN P 78 8.40 109.41 -54.77
CA ASN P 78 7.24 109.81 -55.54
C ASN P 78 6.01 109.03 -55.06
N GLY P 79 4.89 109.74 -54.93
CA GLY P 79 3.70 109.14 -54.41
C GLY P 79 3.67 109.06 -52.89
N SER P 80 4.75 109.41 -52.23
CA SER P 80 4.83 109.41 -50.77
C SER P 80 4.72 110.85 -50.27
N CYS P 81 3.75 111.10 -49.39
CA CYS P 81 3.55 112.42 -48.82
C CYS P 81 4.31 112.60 -47.51
N ASP P 82 5.43 111.92 -47.37
CA ASP P 82 6.16 111.90 -46.10
C ASP P 82 7.66 111.80 -46.38
N PRO P 83 8.45 112.79 -46.02
CA PRO P 83 9.90 112.66 -46.24
C PRO P 83 10.52 111.60 -45.33
N SER P 84 10.40 110.35 -45.75
CA SER P 84 10.95 109.23 -45.00
C SER P 84 12.46 109.41 -44.81
N VAL P 85 12.92 109.27 -43.57
CA VAL P 85 14.35 109.35 -43.29
C VAL P 85 15.07 108.23 -44.00
N THR P 86 15.99 108.58 -44.88
CA THR P 86 16.67 107.62 -45.74
C THR P 86 18.13 107.40 -45.35
N ARG P 87 18.71 108.29 -44.57
CA ARG P 87 20.13 108.26 -44.27
C ARG P 87 20.35 108.83 -42.89
N GLN P 88 21.25 108.20 -42.14
CA GLN P 88 21.50 108.57 -40.76
C GLN P 88 23.00 108.62 -40.55
N ALA P 89 23.49 109.71 -39.97
CA ALA P 89 24.89 109.85 -39.63
C ALA P 89 25.01 109.87 -38.10
N TYR P 90 25.87 109.00 -37.57
CA TYR P 90 26.09 108.88 -36.14
C TYR P 90 27.52 109.26 -35.78
N ALA P 91 27.68 109.96 -34.67
CA ALA P 91 28.99 110.30 -34.15
C ALA P 91 28.92 110.28 -32.63
N ASP P 92 29.57 109.31 -32.00
CA ASP P 92 29.54 109.20 -30.54
C ASP P 92 30.94 109.43 -29.98
N VAL P 93 31.03 110.37 -29.06
CA VAL P 93 32.26 110.67 -28.34
C VAL P 93 32.09 110.17 -26.92
N THR P 94 33.13 109.54 -26.40
CA THR P 94 33.09 108.99 -25.05
C THR P 94 34.38 109.37 -24.33
N PHE P 95 34.25 110.16 -23.28
CA PHE P 95 35.37 110.51 -22.44
C PHE P 95 35.31 109.72 -21.14
N SER P 96 36.46 109.20 -20.73
CA SER P 96 36.58 108.43 -19.49
C SER P 96 37.72 109.00 -18.67
N PHE P 97 37.41 109.43 -17.45
CA PHE P 97 38.39 110.02 -16.57
C PHE P 97 38.34 109.32 -15.22
N THR P 98 39.46 109.39 -14.52
CA THR P 98 39.55 108.83 -13.18
C THR P 98 39.01 109.83 -12.16
N GLN P 99 38.64 109.30 -10.98
CA GLN P 99 38.21 110.13 -9.87
C GLN P 99 39.19 111.20 -9.47
N TYR P 100 40.45 111.03 -9.84
CA TYR P 100 41.49 111.96 -9.48
C TYR P 100 41.98 112.71 -10.70
N SER P 101 41.22 112.67 -11.78
CA SER P 101 41.42 113.56 -12.91
C SER P 101 41.39 115.02 -12.45
N THR P 102 41.88 115.90 -13.32
CA THR P 102 41.88 117.33 -13.04
C THR P 102 41.42 118.11 -14.26
N ASP P 103 40.99 119.35 -13.98
CA ASP P 103 40.57 120.25 -15.04
C ASP P 103 41.65 120.32 -16.11
N GLU P 104 42.91 120.39 -15.69
CA GLU P 104 44.01 120.44 -16.64
C GLU P 104 43.88 119.35 -17.67
N GLU P 105 43.94 118.10 -17.24
CA GLU P 105 43.96 117.01 -18.19
C GLU P 105 42.68 116.99 -18.98
N ARG P 106 41.54 117.20 -18.33
CA ARG P 106 40.28 117.08 -19.05
C ARG P 106 40.22 118.10 -20.19
N ALA P 107 40.53 119.35 -19.90
CA ALA P 107 40.54 120.36 -20.96
C ALA P 107 41.57 120.02 -22.02
N PHE P 108 42.73 119.51 -21.61
CA PHE P 108 43.76 119.15 -22.56
C PHE P 108 43.24 118.10 -23.54
N VAL P 109 42.66 117.04 -23.01
CA VAL P 109 42.13 115.97 -23.86
C VAL P 109 41.08 116.52 -24.79
N ARG P 110 40.21 117.36 -24.26
CA ARG P 110 39.14 117.91 -25.08
C ARG P 110 39.69 118.70 -26.25
N THR P 111 40.48 119.73 -25.97
CA THR P 111 41.00 120.53 -27.07
C THR P 111 41.91 119.70 -27.96
N GLU P 112 42.51 118.64 -27.42
CA GLU P 112 43.24 117.70 -28.26
C GLU P 112 42.33 117.10 -29.30
N LEU P 113 41.19 116.58 -28.87
CA LEU P 113 40.24 116.02 -29.82
C LEU P 113 39.84 117.07 -30.84
N ALA P 114 39.62 118.30 -30.39
CA ALA P 114 39.19 119.34 -31.32
C ALA P 114 40.24 119.58 -32.38
N ALA P 115 41.50 119.71 -31.98
CA ALA P 115 42.57 119.92 -32.94
C ALA P 115 42.74 118.73 -33.85
N LEU P 116 42.58 117.51 -33.33
CA LEU P 116 42.54 116.34 -34.21
C LEU P 116 41.46 116.50 -35.27
N LEU P 117 40.24 116.81 -34.85
CA LEU P 117 39.14 116.94 -35.78
C LEU P 117 39.42 118.02 -36.82
N ALA P 118 40.26 118.99 -36.47
CA ALA P 118 40.65 120.05 -37.39
C ALA P 118 41.83 119.70 -38.28
N SER P 119 42.68 118.76 -37.85
CA SER P 119 43.91 118.50 -38.58
C SER P 119 43.63 117.82 -39.91
N PRO P 120 44.58 117.88 -40.84
CA PRO P 120 44.39 117.20 -42.11
C PRO P 120 44.17 115.71 -41.96
N LEU P 121 44.72 115.10 -40.90
CA LEU P 121 44.64 113.66 -40.78
C LEU P 121 43.19 113.22 -40.75
N LEU P 122 42.46 113.58 -39.69
CA LEU P 122 41.08 113.14 -39.63
C LEU P 122 40.27 113.74 -40.76
N ILE P 123 40.62 114.95 -41.21
CA ILE P 123 39.99 115.51 -42.39
C ILE P 123 39.96 114.46 -43.49
N ASP P 124 41.12 113.93 -43.82
CA ASP P 124 41.22 112.97 -44.90
C ASP P 124 40.61 111.62 -44.53
N ALA P 125 40.64 111.24 -43.26
CA ALA P 125 40.17 109.91 -42.88
C ALA P 125 38.66 109.87 -42.74
N ILE P 126 38.03 111.01 -42.53
CA ILE P 126 36.59 111.11 -42.37
C ILE P 126 35.95 111.60 -43.65
N ASP P 127 36.28 112.82 -44.07
CA ASP P 127 35.60 113.43 -45.20
C ASP P 127 35.66 112.53 -46.41
N GLN P 128 36.84 112.00 -46.71
CA GLN P 128 37.02 111.14 -47.86
C GLN P 128 37.13 109.66 -47.50
N LEU P 129 37.04 109.32 -46.22
CA LEU P 129 37.07 107.91 -45.81
C LEU P 129 38.34 107.23 -46.31
N ASN P 130 39.46 107.70 -45.82
CA ASN P 130 40.73 107.18 -46.29
C ASN P 130 41.51 106.60 -45.13
N PRO P 131 41.63 105.28 -45.03
CA PRO P 131 42.46 104.72 -43.97
C PRO P 131 43.84 105.34 -43.98
N ALA P 132 44.30 105.73 -42.80
CA ALA P 132 45.57 106.41 -42.68
C ALA P 132 46.70 105.40 -42.81
N TYR P 133 47.69 105.74 -43.62
CA TYR P 133 48.89 104.91 -43.74
C TYR P 133 49.99 105.69 -44.42
N ALA Q 2 13.07 125.77 37.45
CA ALA Q 2 12.93 124.64 38.41
C ALA Q 2 14.29 124.24 38.94
N LYS Q 3 15.06 125.22 39.41
CA LYS Q 3 16.37 124.92 39.97
C LYS Q 3 16.23 124.11 41.24
N LEU Q 4 17.16 123.17 41.41
CA LEU Q 4 17.19 122.30 42.58
C LEU Q 4 18.12 122.90 43.62
N GLU Q 5 17.62 123.05 44.83
CA GLU Q 5 18.43 123.56 45.92
C GLU Q 5 17.76 123.18 47.23
N THR Q 6 18.23 123.77 48.32
CA THR Q 6 17.70 123.47 49.62
C THR Q 6 16.37 124.18 49.83
N VAL Q 7 15.36 123.45 50.28
CA VAL Q 7 14.05 124.02 50.55
C VAL Q 7 13.75 123.89 52.03
N THR Q 8 13.29 125.00 52.62
CA THR Q 8 13.01 125.14 54.05
C THR Q 8 11.49 125.15 54.23
N LEU Q 9 10.94 124.01 54.62
CA LEU Q 9 9.51 123.87 54.83
C LEU Q 9 9.22 124.16 56.29
N GLY Q 10 8.72 125.35 56.59
CA GLY Q 10 8.43 125.71 57.96
C GLY Q 10 6.95 125.61 58.28
N ASN Q 11 6.60 125.73 59.56
CA ASN Q 11 5.20 125.74 59.97
C ASN Q 11 4.51 124.44 59.55
N ILE Q 12 4.98 123.35 60.13
CA ILE Q 12 4.60 122.02 59.67
C ILE Q 12 4.09 121.20 60.85
N GLY Q 13 3.17 120.29 60.56
CA GLY Q 13 2.69 119.33 61.53
C GLY Q 13 1.34 119.71 62.11
N LYS Q 14 0.98 119.00 63.18
CA LYS Q 14 -0.28 119.27 63.86
C LYS Q 14 -0.42 120.76 64.16
N ASP Q 15 0.50 121.30 64.93
CA ASP Q 15 0.44 122.70 65.33
C ASP Q 15 1.23 123.61 64.41
N GLY Q 16 1.83 123.09 63.35
CA GLY Q 16 2.57 123.93 62.44
C GLY Q 16 3.77 124.59 63.10
N LYS Q 17 4.58 123.79 63.79
CA LYS Q 17 5.76 124.29 64.47
C LYS Q 17 7.06 123.67 63.98
N GLN Q 18 7.05 122.44 63.48
CA GLN Q 18 8.26 121.78 63.05
C GLN Q 18 8.78 122.41 61.77
N THR Q 19 9.95 121.94 61.34
CA THR Q 19 10.55 122.40 60.10
C THR Q 19 11.30 121.26 59.44
N LEU Q 20 11.27 121.26 58.12
CA LEU Q 20 11.91 120.23 57.33
C LEU Q 20 12.81 120.89 56.29
N VAL Q 21 14.09 120.59 56.33
CA VAL Q 21 15.03 121.12 55.36
C VAL Q 21 15.37 119.98 54.41
N LEU Q 22 15.06 120.16 53.13
CA LEU Q 22 15.29 119.14 52.12
C LEU Q 22 16.36 119.61 51.16
N ASN Q 23 17.45 118.81 51.07
CA ASN Q 23 18.57 118.91 50.15
C ASN Q 23 18.26 118.15 48.87
N PRO Q 24 18.60 118.71 47.71
CA PRO Q 24 18.37 118.00 46.46
C PRO Q 24 19.33 116.84 46.30
N ARG Q 25 19.05 116.04 45.26
CA ARG Q 25 19.80 114.83 44.96
C ARG Q 25 20.00 114.82 43.47
N GLY Q 26 20.32 113.65 42.91
CA GLY Q 26 20.53 113.51 41.48
C GLY Q 26 19.22 113.27 40.76
N VAL Q 27 19.13 113.76 39.53
CA VAL Q 27 17.94 113.54 38.71
C VAL Q 27 18.04 112.16 38.10
N ASN Q 28 17.03 111.34 38.32
CA ASN Q 28 17.05 109.99 37.77
C ASN Q 28 17.06 110.02 36.25
N PRO Q 29 18.19 109.71 35.61
CA PRO Q 29 18.23 109.81 34.14
C PRO Q 29 17.27 108.88 33.46
N THR Q 30 16.93 107.76 34.08
CA THR Q 30 16.05 106.80 33.43
C THR Q 30 14.69 107.38 33.10
N ASN Q 31 14.20 108.29 33.93
CA ASN Q 31 12.85 108.82 33.71
C ASN Q 31 12.77 110.32 33.96
N GLY Q 32 13.87 110.99 34.23
CA GLY Q 32 13.81 112.42 34.44
C GLY Q 32 12.98 112.77 35.66
N VAL Q 33 13.49 112.46 36.84
CA VAL Q 33 12.80 112.77 38.09
C VAL Q 33 13.82 113.36 39.04
N ALA Q 34 13.54 114.56 39.53
CA ALA Q 34 14.37 115.15 40.57
C ALA Q 34 13.91 114.64 41.92
N SER Q 35 14.82 114.62 42.89
CA SER Q 35 14.50 114.13 44.21
C SER Q 35 15.13 114.99 45.29
N LEU Q 36 14.44 115.08 46.41
CA LEU Q 36 14.82 115.86 47.57
C LEU Q 36 14.77 114.94 48.77
N SER Q 37 15.64 115.18 49.74
CA SER Q 37 15.66 114.34 50.93
C SER Q 37 16.05 115.16 52.15
N GLN Q 38 15.71 114.63 53.32
CA GLN Q 38 15.99 115.31 54.58
C GLN Q 38 17.43 115.72 54.64
N ALA Q 39 17.75 116.71 55.49
CA ALA Q 39 19.10 117.21 55.61
C ALA Q 39 20.12 116.09 55.86
N GLY Q 40 19.66 114.94 56.35
CA GLY Q 40 20.54 113.83 56.67
C GLY Q 40 20.69 113.66 58.16
N ALA Q 41 21.55 112.71 58.54
CA ALA Q 41 22.34 111.94 57.60
C ALA Q 41 21.56 110.78 57.00
N VAL Q 42 21.23 109.78 57.81
CA VAL Q 42 20.50 108.61 57.29
C VAL Q 42 19.09 109.00 56.89
N PRO Q 43 18.45 110.01 57.48
CA PRO Q 43 17.13 110.41 56.97
C PRO Q 43 17.14 110.83 55.52
N ALA Q 44 18.28 111.28 54.99
CA ALA Q 44 18.34 111.64 53.58
C ALA Q 44 18.08 110.44 52.67
N LEU Q 45 18.33 109.23 53.18
CA LEU Q 45 17.96 108.00 52.48
C LEU Q 45 16.67 107.39 53.01
N GLU Q 46 15.89 108.14 53.79
CA GLU Q 46 14.59 107.69 54.26
C GLU Q 46 13.45 108.59 53.79
N LYS Q 47 13.51 109.87 54.13
CA LYS Q 47 12.50 110.82 53.63
C LYS Q 47 12.79 111.14 52.18
N ARG Q 48 11.73 111.26 51.37
CA ARG Q 48 11.92 111.46 49.94
C ARG Q 48 10.81 112.34 49.38
N VAL Q 49 11.18 113.17 48.41
CA VAL Q 49 10.25 114.04 47.71
C VAL Q 49 10.66 114.08 46.26
N THR Q 50 9.87 113.47 45.39
CA THR Q 50 10.21 113.33 43.98
C THR Q 50 9.31 114.22 43.14
N VAL Q 51 9.89 114.80 42.09
CA VAL Q 51 9.19 115.70 41.19
C VAL Q 51 9.52 115.32 39.75
N SER Q 52 8.51 115.29 38.90
CA SER Q 52 8.69 114.92 37.51
C SER Q 52 7.74 115.72 36.64
N VAL Q 53 8.20 116.04 35.44
CA VAL Q 53 7.44 116.87 34.50
C VAL Q 53 7.48 116.15 33.15
N SER Q 54 6.49 115.31 32.90
CA SER Q 54 6.42 114.60 31.63
C SER Q 54 5.77 115.49 30.59
N GLN Q 55 6.53 115.77 29.54
CA GLN Q 55 6.10 116.69 28.49
C GLN Q 55 5.16 115.99 27.54
N PRO Q 56 4.44 116.76 26.71
CA PRO Q 56 3.42 116.16 25.86
C PRO Q 56 3.98 115.05 25.01
N SER Q 57 3.08 114.21 24.53
CA SER Q 57 3.40 113.06 23.69
C SER Q 57 2.09 112.56 23.11
N ARG Q 58 2.13 111.39 22.46
CA ARG Q 58 0.88 110.76 22.07
C ARG Q 58 0.31 109.95 23.24
N ASN Q 59 1.16 109.17 23.91
CA ASN Q 59 0.74 108.52 25.13
C ASN Q 59 0.32 109.54 26.18
N ARG Q 60 1.17 110.53 26.46
CA ARG Q 60 0.76 111.69 27.23
C ARG Q 60 0.05 112.62 26.25
N LYS Q 61 -0.58 113.71 26.71
CA LYS Q 61 -1.11 114.63 25.70
C LYS Q 61 -0.82 116.13 25.79
N ASN Q 62 -1.23 116.91 26.80
CA ASN Q 62 -1.46 116.65 28.24
C ASN Q 62 -0.19 116.44 29.06
N TYR Q 63 0.56 117.54 29.21
CA TYR Q 63 1.61 117.61 30.23
C TYR Q 63 1.14 116.98 31.51
N LYS Q 64 2.00 116.19 32.14
CA LYS Q 64 1.70 115.58 33.43
C LYS Q 64 2.81 115.92 34.41
N VAL Q 65 2.46 116.59 35.50
CA VAL Q 65 3.41 116.93 36.55
C VAL Q 65 3.09 116.07 37.74
N GLN Q 66 4.06 115.26 38.15
CA GLN Q 66 3.89 114.30 39.23
C GLN Q 66 4.78 114.68 40.41
N VAL Q 67 4.19 114.62 41.61
CA VAL Q 67 4.83 115.05 42.85
C VAL Q 67 4.57 113.95 43.86
N LYS Q 68 5.58 113.15 44.16
CA LYS Q 68 5.45 112.09 45.14
C LYS Q 68 6.17 112.48 46.42
N ILE Q 69 5.55 112.16 47.55
CA ILE Q 69 6.10 112.41 48.86
C ILE Q 69 6.08 111.11 49.63
N GLN Q 70 7.18 110.79 50.30
CA GLN Q 70 7.34 109.51 50.97
C GLN Q 70 8.00 109.74 52.32
N ASN Q 71 7.34 109.35 53.39
CA ASN Q 71 7.90 109.42 54.74
C ASN Q 71 7.83 108.03 55.37
N PRO Q 72 8.93 107.34 55.53
CA PRO Q 72 8.90 106.08 56.26
C PRO Q 72 9.19 106.26 57.74
N THR Q 73 8.28 105.81 58.59
CA THR Q 73 8.51 105.84 60.02
C THR Q 73 9.16 104.53 60.47
N ALA Q 74 10.25 104.66 61.21
CA ALA Q 74 11.04 103.52 61.64
C ALA Q 74 11.24 103.59 63.15
N CYS Q 75 11.72 102.49 63.70
CA CYS Q 75 12.04 102.43 65.11
C CYS Q 75 13.09 101.35 65.31
N THR Q 76 13.68 101.35 66.51
CA THR Q 76 14.73 100.40 66.86
C THR Q 76 14.20 99.46 67.93
N ALA Q 77 14.20 98.17 67.63
CA ALA Q 77 13.82 97.19 68.63
C ALA Q 77 14.74 97.33 69.84
N ASN Q 78 14.16 97.13 71.02
CA ASN Q 78 14.91 97.36 72.24
C ASN Q 78 15.91 96.22 72.41
N GLY Q 79 17.10 96.42 71.85
CA GLY Q 79 18.13 95.40 71.81
C GLY Q 79 18.91 95.43 70.51
N SER Q 80 18.29 95.93 69.44
CA SER Q 80 18.97 96.03 68.15
C SER Q 80 19.65 97.39 68.01
N CYS Q 81 20.26 97.65 66.86
CA CYS Q 81 20.94 98.91 66.60
C CYS Q 81 20.31 99.66 65.45
N ASP Q 82 20.33 99.03 64.30
CA ASP Q 82 19.86 99.63 63.08
C ASP Q 82 18.37 99.91 63.19
N PRO Q 83 17.91 101.14 63.00
CA PRO Q 83 16.47 101.37 62.96
C PRO Q 83 15.85 100.74 61.71
N SER Q 84 14.74 100.06 61.91
CA SER Q 84 14.02 99.39 60.84
C SER Q 84 12.69 100.09 60.60
N VAL Q 85 12.29 100.14 59.33
CA VAL Q 85 11.06 100.83 58.94
C VAL Q 85 9.86 99.97 59.31
N THR Q 86 8.97 100.53 60.12
CA THR Q 86 7.78 99.80 60.51
C THR Q 86 6.52 100.33 59.84
N ARG Q 87 6.54 101.58 59.38
CA ARG Q 87 5.41 102.13 58.65
C ARG Q 87 5.95 102.96 57.50
N GLN Q 88 5.09 103.22 56.52
CA GLN Q 88 5.55 103.88 55.31
C GLN Q 88 4.38 104.67 54.74
N ALA Q 89 4.30 105.96 55.08
CA ALA Q 89 3.22 106.79 54.59
C ALA Q 89 3.69 107.55 53.36
N TYR Q 90 2.77 107.84 52.47
CA TYR Q 90 3.17 108.47 51.22
C TYR Q 90 1.96 108.87 50.39
N ALA Q 91 2.17 109.91 49.58
CA ALA Q 91 1.11 110.49 48.78
C ALA Q 91 1.69 110.92 47.45
N ASP Q 92 0.81 111.14 46.47
CA ASP Q 92 1.23 111.56 45.15
C ASP Q 92 0.19 112.49 44.57
N VAL Q 93 0.65 113.56 43.96
CA VAL Q 93 -0.19 114.53 43.30
C VAL Q 93 0.17 114.56 41.83
N THR Q 94 -0.82 114.69 40.96
CA THR Q 94 -0.56 114.70 39.53
C THR Q 94 -1.45 115.75 38.89
N PHE Q 95 -0.82 116.82 38.40
CA PHE Q 95 -1.51 117.83 37.62
C PHE Q 95 -1.44 117.46 36.15
N SER Q 96 -2.60 117.45 35.48
CA SER Q 96 -2.67 117.15 34.06
C SER Q 96 -3.15 118.39 33.33
N PHE Q 97 -2.24 119.02 32.60
CA PHE Q 97 -2.51 120.26 31.89
C PHE Q 97 -2.47 120.05 30.38
N THR Q 98 -3.32 120.76 29.67
CA THR Q 98 -3.37 120.65 28.22
C THR Q 98 -2.35 121.58 27.58
N GLN Q 99 -1.98 121.25 26.35
CA GLN Q 99 -0.97 122.06 25.66
C GLN Q 99 -1.36 123.52 25.62
N TYR Q 100 -2.66 123.80 25.46
CA TYR Q 100 -3.16 125.17 25.50
C TYR Q 100 -3.27 125.70 26.91
N SER Q 101 -2.81 124.95 27.89
CA SER Q 101 -2.86 125.41 29.26
C SER Q 101 -2.22 126.79 29.37
N THR Q 102 -2.52 127.50 30.46
CA THR Q 102 -1.98 128.81 30.69
C THR Q 102 -1.47 128.93 32.11
N ASP Q 103 -0.37 129.66 32.26
CA ASP Q 103 0.21 129.90 33.57
C ASP Q 103 -0.82 130.36 34.58
N GLU Q 104 -1.72 131.24 34.16
CA GLU Q 104 -2.80 131.68 35.04
C GLU Q 104 -3.42 130.48 35.72
N GLU Q 105 -4.03 129.62 34.91
CA GLU Q 105 -4.80 128.52 35.45
C GLU Q 105 -3.89 127.57 36.22
N ARG Q 106 -2.69 127.36 35.72
CA ARG Q 106 -1.78 126.48 36.43
C ARG Q 106 -1.59 126.95 37.86
N ALA Q 107 -1.22 128.22 38.03
CA ALA Q 107 -1.03 128.75 39.38
C ALA Q 107 -2.32 128.70 40.17
N PHE Q 108 -3.44 128.98 39.50
CA PHE Q 108 -4.71 128.98 40.19
C PHE Q 108 -5.00 127.62 40.80
N VAL Q 109 -4.91 126.57 40.00
CA VAL Q 109 -5.18 125.24 40.53
C VAL Q 109 -4.17 124.88 41.59
N ARG Q 110 -2.92 125.32 41.41
CA ARG Q 110 -1.91 125.03 42.41
C ARG Q 110 -2.32 125.57 43.77
N THR Q 111 -2.44 126.88 43.88
CA THR Q 111 -2.83 127.45 45.16
C THR Q 111 -4.19 126.93 45.60
N GLU Q 112 -5.01 126.46 44.66
CA GLU Q 112 -6.31 125.94 45.05
C GLU Q 112 -6.14 124.67 45.84
N LEU Q 113 -5.36 123.74 45.31
CA LEU Q 113 -5.00 122.57 46.09
C LEU Q 113 -4.41 122.97 47.41
N ALA Q 114 -3.58 124.01 47.40
CA ALA Q 114 -2.90 124.41 48.63
C ALA Q 114 -3.91 124.82 49.70
N ALA Q 115 -4.78 125.75 49.37
CA ALA Q 115 -5.72 126.24 50.36
C ALA Q 115 -6.74 125.16 50.70
N LEU Q 116 -7.02 124.24 49.77
CA LEU Q 116 -7.92 123.15 50.11
C LEU Q 116 -7.29 122.26 51.17
N LEU Q 117 -6.04 121.86 50.94
CA LEU Q 117 -5.34 121.08 51.94
C LEU Q 117 -5.26 121.83 53.26
N ALA Q 118 -5.20 123.15 53.20
CA ALA Q 118 -5.20 123.96 54.41
C ALA Q 118 -6.58 124.11 55.02
N SER Q 119 -7.61 123.74 54.30
CA SER Q 119 -8.96 123.96 54.80
C SER Q 119 -9.36 122.88 55.80
N PRO Q 120 -10.20 123.23 56.77
CA PRO Q 120 -10.57 122.24 57.78
C PRO Q 120 -11.14 120.98 57.19
N LEU Q 121 -11.81 121.07 56.04
CA LEU Q 121 -12.42 119.88 55.46
C LEU Q 121 -11.39 118.78 55.28
N LEU Q 122 -10.43 119.00 54.38
CA LEU Q 122 -9.47 117.94 54.12
C LEU Q 122 -8.61 117.70 55.35
N ILE Q 123 -8.43 118.75 56.16
CA ILE Q 123 -7.64 118.60 57.38
C ILE Q 123 -8.24 117.50 58.23
N ASP Q 124 -9.54 117.56 58.47
CA ASP Q 124 -10.21 116.52 59.23
C ASP Q 124 -10.26 115.24 58.43
N ALA Q 125 -10.41 115.35 57.12
CA ALA Q 125 -10.49 114.20 56.26
C ALA Q 125 -9.25 113.32 56.35
N ILE Q 126 -8.12 113.90 56.71
CA ILE Q 126 -6.89 113.12 56.66
C ILE Q 126 -6.30 112.96 58.05
N ASP Q 127 -6.32 114.01 58.88
CA ASP Q 127 -6.09 113.84 60.31
C ASP Q 127 -6.78 112.61 60.83
N GLN Q 128 -8.10 112.66 60.85
CA GLN Q 128 -8.92 111.65 61.47
C GLN Q 128 -9.39 110.62 60.47
N LEU Q 129 -9.06 110.78 59.20
CA LEU Q 129 -9.55 109.87 58.18
C LEU Q 129 -11.07 109.87 58.19
N ASN Q 130 -11.67 111.01 58.50
CA ASN Q 130 -13.10 111.05 58.65
C ASN Q 130 -13.72 111.52 57.35
N PRO Q 131 -14.56 110.74 56.70
CA PRO Q 131 -15.18 111.21 55.47
C PRO Q 131 -16.12 112.36 55.78
N ALA Q 132 -16.49 113.07 54.73
CA ALA Q 132 -17.30 114.27 54.90
C ALA Q 132 -18.76 113.85 54.99
N TYR Q 133 -19.29 113.83 56.20
CA TYR Q 133 -20.71 113.53 56.41
C TYR Q 133 -21.21 114.27 57.62
N ALA R 2 29.31 125.06 27.53
CA ALA R 2 28.08 125.43 26.76
C ALA R 2 26.91 125.64 27.70
N LYS R 3 27.18 126.26 28.84
CA LYS R 3 26.15 126.47 29.85
C LYS R 3 24.94 127.17 29.25
N LEU R 4 23.76 126.68 29.61
CA LEU R 4 22.53 127.31 29.17
C LEU R 4 22.49 128.75 29.64
N GLU R 5 21.94 129.62 28.82
CA GLU R 5 21.73 131.01 29.22
C GLU R 5 20.83 131.66 28.20
N THR R 6 20.27 132.80 28.57
CA THR R 6 19.33 133.48 27.69
C THR R 6 20.03 133.90 26.40
N VAL R 7 19.63 133.32 25.30
CA VAL R 7 20.24 133.61 24.02
C VAL R 7 19.47 134.75 23.36
N THR R 8 20.16 135.82 23.04
CA THR R 8 19.56 136.99 22.42
C THR R 8 20.00 136.98 20.97
N LEU R 9 19.11 136.55 20.10
CA LEU R 9 19.45 136.37 18.71
C LEU R 9 19.18 137.70 18.00
N GLY R 10 20.22 138.27 17.41
CA GLY R 10 20.14 139.62 16.89
C GLY R 10 19.33 139.71 15.61
N ASN R 11 19.72 140.63 14.73
CA ASN R 11 18.94 140.90 13.52
C ASN R 11 18.48 139.61 12.87
N ILE R 12 17.24 139.62 12.40
CA ILE R 12 16.52 138.40 12.03
C ILE R 12 15.35 138.79 11.13
N GLY R 13 15.07 137.93 10.16
CA GLY R 13 13.94 138.11 9.27
C GLY R 13 14.37 138.56 7.89
N LYS R 14 13.37 138.89 7.07
CA LYS R 14 13.66 139.39 5.74
C LYS R 14 14.50 140.65 5.81
N ASP R 15 13.96 141.69 6.42
CA ASP R 15 14.67 142.94 6.58
C ASP R 15 15.85 142.84 7.52
N GLY R 16 15.89 141.80 8.34
CA GLY R 16 16.87 141.74 9.40
C GLY R 16 16.63 142.87 10.39
N LYS R 17 15.46 142.85 11.04
CA LYS R 17 15.15 143.90 12.00
C LYS R 17 14.59 143.40 13.33
N GLN R 18 13.93 142.25 13.39
CA GLN R 18 13.41 141.81 14.67
C GLN R 18 14.55 141.22 15.49
N THR R 19 14.20 140.74 16.69
CA THR R 19 15.14 140.05 17.54
C THR R 19 14.42 138.92 18.25
N LEU R 20 15.18 137.92 18.70
CA LEU R 20 14.62 136.81 19.44
C LEU R 20 15.27 136.74 20.82
N VAL R 21 14.49 136.34 21.81
CA VAL R 21 14.99 136.19 23.17
C VAL R 21 14.54 134.81 23.65
N LEU R 22 15.49 133.88 23.75
CA LEU R 22 15.19 132.51 24.14
C LEU R 22 15.69 132.28 25.55
N ASN R 23 14.77 131.99 26.44
CA ASN R 23 15.16 131.69 27.81
C ASN R 23 15.53 130.23 27.94
N PRO R 24 16.42 129.89 28.86
CA PRO R 24 16.81 128.49 29.06
C PRO R 24 15.77 127.78 29.93
N ARG R 25 15.14 126.77 29.36
CA ARG R 25 14.12 126.02 30.11
C ARG R 25 14.79 124.93 30.95
N GLY R 26 15.54 124.05 30.32
CA GLY R 26 16.24 123.01 31.07
C GLY R 26 16.89 122.03 30.14
N VAL R 27 17.10 120.82 30.63
CA VAL R 27 17.61 119.73 29.79
C VAL R 27 16.89 118.44 30.16
N ASN R 28 16.24 117.85 29.18
CA ASN R 28 15.73 116.49 29.31
C ASN R 28 16.90 115.54 29.54
N PRO R 29 16.87 114.73 30.60
CA PRO R 29 17.93 113.74 30.81
C PRO R 29 17.74 112.52 29.95
N THR R 30 16.48 112.15 29.75
CA THR R 30 16.19 110.91 29.05
C THR R 30 16.88 110.87 27.71
N ASN R 31 17.14 112.02 27.10
CA ASN R 31 17.79 112.09 25.82
C ASN R 31 19.01 112.99 25.85
N GLY R 32 19.33 113.59 26.98
CA GLY R 32 20.41 114.55 27.04
C GLY R 32 20.20 115.67 26.04
N VAL R 33 19.10 116.38 26.18
CA VAL R 33 18.71 117.41 25.21
C VAL R 33 18.40 118.70 25.93
N ALA R 34 19.16 119.75 25.61
CA ALA R 34 18.91 121.06 26.19
C ALA R 34 17.83 121.78 25.39
N SER R 35 17.02 122.55 26.09
CA SER R 35 15.86 123.20 25.49
C SER R 35 15.89 124.70 25.77
N LEU R 36 15.41 125.47 24.81
CA LEU R 36 15.25 126.90 24.93
C LEU R 36 13.88 127.26 24.38
N SER R 37 13.26 128.26 24.99
CA SER R 37 11.93 128.69 24.57
C SER R 37 11.84 130.20 24.63
N GLN R 38 11.02 130.76 23.76
CA GLN R 38 10.81 132.19 23.78
C GLN R 38 9.93 132.53 24.98
N ALA R 39 10.05 133.76 25.47
CA ALA R 39 9.32 134.15 26.67
C ALA R 39 7.83 134.13 26.39
N GLY R 40 7.09 133.38 27.18
CA GLY R 40 5.65 133.30 27.02
C GLY R 40 5.00 132.56 28.15
N ALA R 41 3.74 132.17 27.95
CA ALA R 41 3.02 131.37 28.92
C ALA R 41 2.36 130.17 28.26
N VAL R 42 1.81 130.36 27.07
CA VAL R 42 1.12 129.29 26.37
C VAL R 42 2.18 128.40 25.73
N PRO R 43 2.41 127.20 26.23
CA PRO R 43 3.49 126.38 25.65
C PRO R 43 3.31 126.17 24.16
N ALA R 44 2.08 126.02 23.70
CA ALA R 44 1.85 125.66 22.31
C ALA R 44 2.04 126.82 21.35
N LEU R 45 2.33 128.03 21.84
CA LEU R 45 2.50 129.18 20.96
C LEU R 45 3.84 129.85 21.25
N GLU R 46 4.90 129.06 21.36
CA GLU R 46 6.17 129.62 21.75
C GLU R 46 7.26 129.06 20.86
N LYS R 47 8.18 129.93 20.45
CA LYS R 47 9.25 129.54 19.55
C LYS R 47 10.26 128.70 20.33
N ARG R 48 10.49 127.48 19.87
CA ARG R 48 11.26 126.51 20.64
C ARG R 48 12.53 126.13 19.90
N VAL R 49 13.55 125.81 20.69
CA VAL R 49 14.87 125.46 20.20
C VAL R 49 15.39 124.30 21.03
N THR R 50 16.07 123.36 20.39
CA THR R 50 16.53 122.17 21.09
C THR R 50 17.88 121.76 20.54
N VAL R 51 18.83 121.52 21.44
CA VAL R 51 20.17 121.11 21.07
C VAL R 51 20.48 119.78 21.73
N SER R 52 21.28 118.96 21.05
CA SER R 52 21.66 117.67 21.61
C SER R 52 22.99 117.24 21.03
N VAL R 53 23.77 116.54 21.85
CA VAL R 53 25.10 116.08 21.49
C VAL R 53 25.18 114.60 21.82
N SER R 54 25.16 113.76 20.79
CA SER R 54 25.24 112.32 20.96
C SER R 54 26.69 111.89 20.83
N GLN R 55 27.20 111.25 21.87
CA GLN R 55 28.54 110.71 21.86
C GLN R 55 28.59 109.46 20.99
N PRO R 56 29.77 109.02 20.59
CA PRO R 56 29.88 107.84 19.72
C PRO R 56 29.63 106.54 20.45
N SER R 57 28.50 105.90 20.14
CA SER R 57 28.20 104.58 20.66
C SER R 57 29.03 103.53 19.93
N ARG R 58 29.19 102.38 20.59
CA ARG R 58 29.79 101.24 19.91
C ARG R 58 28.95 100.79 18.72
N ASN R 59 27.67 101.17 18.68
CA ASN R 59 26.82 100.90 17.53
C ASN R 59 26.91 102.00 16.47
N ARG R 60 27.49 103.15 16.81
CA ARG R 60 27.53 104.29 15.89
C ARG R 60 28.95 104.76 15.61
N LYS R 61 29.78 104.86 16.64
CA LYS R 61 31.17 105.30 16.50
C LYS R 61 31.25 106.59 15.68
N ASN R 62 30.46 107.58 16.09
CA ASN R 62 30.46 108.85 15.39
C ASN R 62 29.78 109.90 16.25
N TYR R 63 30.47 111.00 16.50
CA TYR R 63 29.85 112.08 17.26
C TYR R 63 28.76 112.73 16.41
N LYS R 64 27.65 113.07 17.05
CA LYS R 64 26.54 113.74 16.38
C LYS R 64 26.13 114.97 17.17
N VAL R 65 25.75 116.03 16.45
CA VAL R 65 25.18 117.20 17.08
C VAL R 65 23.94 117.59 16.30
N GLN R 66 22.81 117.57 16.97
CA GLN R 66 21.53 117.85 16.36
C GLN R 66 20.95 119.13 16.96
N VAL R 67 20.23 119.88 16.12
CA VAL R 67 19.59 121.11 16.55
C VAL R 67 18.26 121.22 15.82
N LYS R 68 17.17 121.32 16.58
CA LYS R 68 15.83 121.44 16.02
C LYS R 68 15.22 122.77 16.43
N ILE R 69 14.57 123.42 15.48
CA ILE R 69 13.91 124.69 15.69
C ILE R 69 12.45 124.52 15.32
N GLN R 70 11.56 124.91 16.21
CA GLN R 70 10.13 124.84 16.00
C GLN R 70 9.56 126.23 16.12
N ASN R 71 8.80 126.64 15.10
CA ASN R 71 8.19 127.97 15.07
C ASN R 71 6.72 127.82 14.73
N PRO R 72 5.82 127.91 15.70
CA PRO R 72 4.40 127.83 15.39
C PRO R 72 3.81 129.20 15.11
N THR R 73 2.62 129.18 14.52
CA THR R 73 1.93 130.39 14.12
C THR R 73 0.68 130.59 14.97
N ALA R 74 0.39 131.84 15.29
CA ALA R 74 -0.69 132.15 16.21
C ALA R 74 -2.06 131.93 15.57
N CYS R 75 -2.36 132.67 14.51
CA CYS R 75 -3.68 132.65 13.89
C CYS R 75 -4.77 132.94 14.92
N THR R 76 -4.63 134.09 15.59
CA THR R 76 -5.56 134.46 16.65
C THR R 76 -6.94 134.74 16.07
N ALA R 77 -7.96 134.05 16.59
CA ALA R 77 -9.34 134.24 16.17
C ALA R 77 -9.97 135.38 16.97
N ASN R 78 -10.89 136.10 16.32
CA ASN R 78 -11.56 137.23 16.97
C ASN R 78 -12.56 136.70 17.99
N GLY R 79 -12.01 136.13 19.06
CA GLY R 79 -12.77 135.73 20.21
C GLY R 79 -12.72 134.22 20.44
N SER R 80 -13.62 133.75 21.29
CA SER R 80 -13.96 132.37 21.57
C SER R 80 -12.87 131.62 22.33
N CYS R 81 -11.62 132.05 22.22
CA CYS R 81 -10.63 132.00 23.30
C CYS R 81 -9.26 132.26 22.67
N ASP R 82 -8.21 132.07 23.46
CA ASP R 82 -6.87 132.31 23.01
C ASP R 82 -6.63 131.67 21.63
N PRO R 83 -5.62 132.14 20.91
CA PRO R 83 -5.36 131.63 19.56
C PRO R 83 -5.13 130.13 19.55
N SER R 84 -5.06 129.59 18.33
CA SER R 84 -4.89 128.17 18.11
C SER R 84 -3.73 127.93 17.15
N VAL R 85 -2.94 126.91 17.44
CA VAL R 85 -1.83 126.56 16.56
C VAL R 85 -2.37 126.07 15.23
N THR R 86 -1.82 126.61 14.14
CA THR R 86 -2.33 126.29 12.81
C THR R 86 -1.21 125.90 11.87
N ARG R 87 -0.05 126.50 12.07
CA ARG R 87 1.05 126.40 11.14
C ARG R 87 2.35 126.20 11.88
N GLN R 88 3.28 125.47 11.27
CA GLN R 88 4.37 124.86 12.02
C GLN R 88 5.58 124.84 11.12
N ALA R 89 6.59 125.66 11.42
CA ALA R 89 7.85 125.61 10.69
C ALA R 89 8.86 124.80 11.49
N TYR R 90 9.34 123.73 10.90
CA TYR R 90 10.39 122.91 11.49
C TYR R 90 11.69 123.13 10.76
N ALA R 91 12.79 123.14 11.52
CA ALA R 91 14.12 123.12 10.96
C ALA R 91 14.96 122.13 11.75
N ASP R 92 15.81 121.38 11.05
CA ASP R 92 16.55 120.29 11.66
C ASP R 92 17.95 120.23 11.06
N VAL R 93 18.95 120.57 11.87
CA VAL R 93 20.33 120.47 11.45
C VAL R 93 20.97 119.32 12.20
N THR R 94 21.89 118.63 11.54
CA THR R 94 22.50 117.42 12.09
C THR R 94 23.93 117.35 11.58
N PHE R 95 24.88 117.81 12.40
CA PHE R 95 26.28 117.66 12.08
C PHE R 95 26.76 116.30 12.56
N SER R 96 27.59 115.66 11.74
CA SER R 96 28.15 114.36 12.07
C SER R 96 29.66 114.41 11.89
N PHE R 97 30.40 113.95 12.90
CA PHE R 97 31.84 114.01 12.89
C PHE R 97 32.40 112.68 13.35
N THR R 98 33.64 112.42 12.97
CA THR R 98 34.29 111.19 13.38
C THR R 98 35.19 111.43 14.59
N GLN R 99 35.47 110.35 15.30
CA GLN R 99 36.13 110.47 16.59
C GLN R 99 37.43 111.23 16.49
N TYR R 100 38.11 111.16 15.36
CA TYR R 100 39.36 111.86 15.16
C TYR R 100 39.14 113.22 14.52
N SER R 101 37.97 113.80 14.72
CA SER R 101 37.65 115.06 14.10
C SER R 101 38.48 116.17 14.69
N THR R 102 38.59 117.27 13.95
CA THR R 102 39.29 118.45 14.40
C THR R 102 38.28 119.56 14.63
N ASP R 103 38.35 120.14 15.82
CA ASP R 103 37.67 121.41 16.04
C ASP R 103 37.83 122.33 14.84
N GLU R 104 39.00 122.29 14.19
CA GLU R 104 39.18 123.03 12.95
C GLU R 104 38.06 122.74 11.96
N GLU R 105 37.96 121.49 11.52
CA GLU R 105 37.00 121.18 10.49
C GLU R 105 35.59 121.43 10.99
N ARG R 106 35.34 121.19 12.27
CA ARG R 106 34.00 121.39 12.77
C ARG R 106 33.59 122.85 12.65
N ALA R 107 34.45 123.76 13.11
CA ALA R 107 34.14 125.18 12.98
C ALA R 107 34.01 125.56 11.52
N PHE R 108 34.88 125.03 10.68
CA PHE R 108 34.81 125.30 9.25
C PHE R 108 33.43 124.94 8.73
N VAL R 109 32.98 123.74 9.07
CA VAL R 109 31.67 123.26 8.64
C VAL R 109 30.59 124.20 9.12
N ARG R 110 30.66 124.58 10.39
CA ARG R 110 29.58 125.38 10.95
C ARG R 110 29.48 126.72 10.24
N THR R 111 30.60 127.44 10.16
CA THR R 111 30.57 128.72 9.47
C THR R 111 30.14 128.54 8.04
N GLU R 112 30.51 127.42 7.43
CA GLU R 112 30.15 127.17 6.05
C GLU R 112 28.64 127.10 5.93
N LEU R 113 28.02 126.35 6.81
CA LEU R 113 26.57 126.27 6.79
C LEU R 113 25.94 127.63 7.02
N ALA R 114 26.48 128.39 7.99
CA ALA R 114 25.87 129.68 8.30
C ALA R 114 25.91 130.60 7.09
N ALA R 115 27.09 130.77 6.51
CA ALA R 115 27.18 131.71 5.41
C ALA R 115 26.45 131.17 4.19
N LEU R 116 26.28 129.86 4.09
CA LEU R 116 25.46 129.33 3.01
C LEU R 116 23.99 129.67 3.23
N LEU R 117 23.55 129.63 4.48
CA LEU R 117 22.19 130.06 4.79
C LEU R 117 22.01 131.55 4.53
N ALA R 118 23.09 132.32 4.52
CA ALA R 118 22.99 133.73 4.18
C ALA R 118 23.12 134.02 2.69
N SER R 119 23.78 133.16 1.93
CA SER R 119 24.10 133.45 0.54
C SER R 119 22.84 133.47 -0.33
N PRO R 120 22.93 134.11 -1.51
CA PRO R 120 21.71 134.30 -2.32
C PRO R 120 21.00 133.03 -2.69
N LEU R 121 21.74 131.95 -2.92
CA LEU R 121 21.13 130.71 -3.37
C LEU R 121 20.04 130.27 -2.40
N LEU R 122 20.41 129.98 -1.16
CA LEU R 122 19.42 129.51 -0.21
C LEU R 122 18.36 130.55 0.05
N ILE R 123 18.73 131.84 0.06
CA ILE R 123 17.70 132.88 0.07
C ILE R 123 16.57 132.46 -0.85
N ASP R 124 16.91 132.33 -2.12
CA ASP R 124 15.93 131.99 -3.13
C ASP R 124 15.23 130.69 -2.82
N ALA R 125 15.99 129.65 -2.45
CA ALA R 125 15.42 128.32 -2.42
C ALA R 125 14.49 128.13 -1.24
N ILE R 126 14.70 128.90 -0.17
CA ILE R 126 13.96 128.66 1.06
C ILE R 126 12.84 129.69 1.14
N ASP R 127 13.19 130.96 0.97
CA ASP R 127 12.19 132.01 1.09
C ASP R 127 11.11 131.83 0.05
N GLN R 128 11.52 131.73 -1.21
CA GLN R 128 10.56 131.66 -2.30
C GLN R 128 10.24 130.23 -2.70
N LEU R 129 10.79 129.24 -2.00
CA LEU R 129 10.62 127.85 -2.39
C LEU R 129 11.12 127.62 -3.81
N ASN R 130 12.18 128.33 -4.16
CA ASN R 130 12.74 128.27 -5.51
C ASN R 130 13.48 126.96 -5.68
N PRO R 131 13.16 126.13 -6.66
CA PRO R 131 14.01 124.97 -6.93
C PRO R 131 15.32 125.43 -7.52
N ALA R 132 16.41 124.94 -6.95
CA ALA R 132 17.72 125.41 -7.39
C ALA R 132 17.82 125.21 -8.89
N TYR R 133 17.77 126.31 -9.63
CA TYR R 133 18.06 126.29 -11.05
C TYR R 133 18.19 127.71 -11.58
N ALA S 2 24.52 116.58 42.65
CA ALA S 2 25.76 117.17 42.09
C ALA S 2 25.50 117.66 40.67
N LYS S 3 25.19 118.94 40.54
CA LYS S 3 25.05 119.51 39.21
C LYS S 3 26.37 119.43 38.46
N LEU S 4 26.29 119.03 37.19
CA LEU S 4 27.47 118.97 36.35
C LEU S 4 27.95 120.38 36.07
N GLU S 5 29.26 120.57 36.08
CA GLU S 5 29.81 121.90 35.89
C GLU S 5 31.25 121.77 35.44
N THR S 6 31.81 122.88 34.98
CA THR S 6 33.20 122.88 34.54
C THR S 6 34.15 122.66 35.72
N VAL S 7 34.74 121.48 35.82
CA VAL S 7 35.60 121.16 36.96
C VAL S 7 37.00 121.63 36.64
N THR S 8 37.57 122.42 37.53
CA THR S 8 38.91 122.97 37.39
C THR S 8 39.78 122.35 38.47
N LEU S 9 40.75 121.54 38.07
CA LEU S 9 41.57 120.79 39.00
C LEU S 9 42.99 121.32 38.89
N GLY S 10 43.51 121.86 39.99
CA GLY S 10 44.80 122.49 40.01
C GLY S 10 45.79 121.71 40.86
N ASN S 11 47.06 122.09 40.73
CA ASN S 11 48.13 121.48 41.49
C ASN S 11 48.24 119.99 41.17
N ILE S 12 48.57 119.72 39.91
CA ILE S 12 48.53 118.39 39.33
C ILE S 12 49.94 118.04 38.84
N GLY S 13 50.22 116.73 38.77
CA GLY S 13 51.49 116.22 38.24
C GLY S 13 52.51 115.97 39.32
N LYS S 14 53.75 115.61 38.91
CA LYS S 14 54.83 115.57 39.88
C LYS S 14 54.92 116.88 40.63
N ASP S 15 55.21 117.95 39.91
CA ASP S 15 55.42 119.25 40.51
C ASP S 15 54.16 119.78 41.18
N GLY S 16 53.00 119.26 40.81
CA GLY S 16 51.76 119.87 41.25
C GLY S 16 51.63 121.28 40.71
N LYS S 17 51.78 121.44 39.39
CA LYS S 17 51.65 122.78 38.82
C LYS S 17 50.81 122.84 37.55
N GLN S 18 50.43 121.73 36.94
CA GLN S 18 49.57 121.85 35.78
C GLN S 18 48.11 121.91 36.25
N THR S 19 47.21 122.13 35.30
CA THR S 19 45.81 122.26 35.62
C THR S 19 44.99 121.57 34.55
N LEU S 20 43.80 121.12 34.92
CA LEU S 20 42.87 120.50 33.99
C LEU S 20 41.51 121.14 34.11
N VAL S 21 40.90 121.41 32.97
CA VAL S 21 39.53 121.90 32.91
C VAL S 21 38.72 120.82 32.21
N LEU S 22 37.82 120.17 32.95
CA LEU S 22 36.94 119.16 32.40
C LEU S 22 35.56 119.75 32.20
N ASN S 23 35.05 119.63 31.03
CA ASN S 23 33.72 120.09 30.69
C ASN S 23 32.70 118.98 30.90
N PRO S 24 31.46 119.32 31.22
CA PRO S 24 30.42 118.29 31.26
C PRO S 24 30.11 117.76 29.88
N ARG S 25 29.86 116.44 29.81
CA ARG S 25 29.44 115.80 28.57
C ARG S 25 28.09 115.11 28.74
N GLY S 26 27.33 115.50 29.74
CA GLY S 26 26.02 114.94 29.93
C GLY S 26 26.04 113.59 30.62
N VAL S 27 24.89 112.94 30.57
CA VAL S 27 24.67 111.69 31.29
C VAL S 27 24.13 110.65 30.31
N ASN S 28 24.68 109.46 30.37
CA ASN S 28 24.17 108.38 29.55
C ASN S 28 22.72 108.07 29.92
N PRO S 29 21.81 108.04 28.96
CA PRO S 29 20.42 107.73 29.30
C PRO S 29 20.21 106.32 29.82
N THR S 30 21.01 105.36 29.37
CA THR S 30 20.84 103.98 29.82
C THR S 30 21.72 103.69 31.01
N ASN S 31 23.02 103.92 30.87
CA ASN S 31 23.97 103.67 31.94
C ASN S 31 23.71 104.55 33.15
N GLY S 32 23.10 105.71 32.97
CA GLY S 32 22.90 106.62 34.06
C GLY S 32 24.22 107.05 34.66
N VAL S 33 25.17 107.42 33.80
CA VAL S 33 26.51 107.79 34.22
C VAL S 33 26.87 109.12 33.56
N ALA S 34 27.34 110.07 34.35
CA ALA S 34 27.76 111.34 33.79
C ALA S 34 29.22 111.26 33.38
N SER S 35 29.59 112.11 32.42
CA SER S 35 30.94 112.10 31.87
C SER S 35 31.43 113.52 31.68
N LEU S 36 32.72 113.69 31.92
CA LEU S 36 33.39 114.97 31.80
C LEU S 36 34.60 114.77 30.90
N SER S 37 35.02 115.82 30.22
CA SER S 37 36.12 115.66 29.27
C SER S 37 36.96 116.92 29.23
N GLN S 38 38.26 116.72 29.03
CA GLN S 38 39.18 117.81 28.77
C GLN S 38 38.86 118.46 27.44
N ALA S 39 38.95 119.78 27.40
CA ALA S 39 38.71 120.48 26.15
C ALA S 39 39.95 120.42 25.28
N GLY S 40 39.79 119.90 24.06
CA GLY S 40 40.91 119.83 23.15
C GLY S 40 40.42 119.87 21.73
N ALA S 41 41.32 119.57 20.80
CA ALA S 41 41.00 119.68 19.39
C ALA S 41 40.47 118.36 18.83
N VAL S 42 41.11 117.25 19.17
CA VAL S 42 40.71 115.94 18.67
C VAL S 42 40.01 115.22 19.81
N PRO S 43 38.71 114.94 19.68
CA PRO S 43 38.01 114.31 20.81
C PRO S 43 38.63 113.01 21.25
N ALA S 44 39.25 112.27 20.33
CA ALA S 44 39.88 111.01 20.73
C ALA S 44 41.02 111.22 21.70
N LEU S 45 41.59 112.41 21.76
CA LEU S 45 42.76 112.68 22.56
C LEU S 45 42.42 113.44 23.83
N GLU S 46 41.17 113.36 24.27
CA GLU S 46 40.71 114.13 25.42
C GLU S 46 40.64 113.23 26.65
N LYS S 47 41.24 113.68 27.74
CA LYS S 47 41.14 112.93 28.98
C LYS S 47 39.70 112.95 29.45
N ARG S 48 39.16 111.78 29.72
CA ARG S 48 37.76 111.65 30.09
C ARG S 48 37.63 111.14 31.52
N VAL S 49 36.53 111.51 32.15
CA VAL S 49 36.28 111.14 33.54
C VAL S 49 34.81 110.81 33.70
N THR S 50 34.50 109.60 34.14
CA THR S 50 33.13 109.18 34.33
C THR S 50 32.79 109.12 35.81
N VAL S 51 31.53 109.36 36.12
CA VAL S 51 31.03 109.24 37.47
C VAL S 51 29.67 108.57 37.42
N SER S 52 29.46 107.59 38.27
CA SER S 52 28.22 106.84 38.31
C SER S 52 27.86 106.55 39.75
N VAL S 53 26.57 106.69 40.07
CA VAL S 53 26.05 106.32 41.39
C VAL S 53 24.82 105.44 41.17
N SER S 54 25.01 104.14 41.21
CA SER S 54 23.88 103.26 41.08
C SER S 54 22.97 103.39 42.29
N GLN S 55 21.73 103.13 42.07
CA GLN S 55 20.70 103.18 43.09
C GLN S 55 20.64 101.86 43.86
N PRO S 56 19.89 101.83 44.95
CA PRO S 56 19.84 100.64 45.80
C PRO S 56 19.36 99.44 45.01
N SER S 57 20.05 98.31 45.16
CA SER S 57 19.64 97.11 44.45
C SER S 57 18.54 96.36 45.21
N ARG S 58 18.29 95.11 44.81
CA ARG S 58 17.26 94.29 45.43
C ARG S 58 17.81 93.47 46.58
N ASN S 59 17.13 93.57 47.74
CA ASN S 59 17.34 92.66 48.87
C ASN S 59 18.68 92.88 49.57
N ARG S 60 19.56 93.67 48.96
CA ARG S 60 20.85 94.00 49.56
C ARG S 60 21.07 95.50 49.60
N LYS S 61 20.64 96.17 48.54
CA LYS S 61 20.63 97.62 48.38
C LYS S 61 22.02 98.23 48.22
N ASN S 62 23.05 97.64 48.81
CA ASN S 62 24.43 97.77 48.35
C ASN S 62 24.77 99.09 47.64
N TYR S 63 24.65 100.25 48.28
CA TYR S 63 24.84 101.51 47.55
C TYR S 63 26.22 101.51 46.91
N LYS S 64 26.30 101.91 45.66
CA LYS S 64 27.54 101.81 44.91
C LYS S 64 27.79 103.06 44.08
N VAL S 65 29.05 103.46 44.00
CA VAL S 65 29.47 104.61 43.20
C VAL S 65 30.78 104.26 42.50
N GLN S 66 30.92 104.68 41.24
CA GLN S 66 32.12 104.39 40.46
C GLN S 66 32.62 105.64 39.79
N VAL S 67 33.95 105.73 39.71
CA VAL S 67 34.62 106.84 39.04
C VAL S 67 35.65 106.25 38.10
N LYS S 68 35.55 106.58 36.82
CA LYS S 68 36.46 106.08 35.80
C LYS S 68 37.21 107.25 35.21
N ILE S 69 38.51 107.32 35.46
CA ILE S 69 39.40 108.25 34.79
C ILE S 69 40.10 107.49 33.69
N GLN S 70 39.99 107.99 32.46
CA GLN S 70 40.74 107.42 31.35
C GLN S 70 41.59 108.53 30.74
N ASN S 71 42.86 108.23 30.55
CA ASN S 71 43.81 109.23 30.05
C ASN S 71 44.53 108.68 28.83
N PRO S 72 44.26 109.18 27.64
CA PRO S 72 44.91 108.64 26.45
C PRO S 72 46.17 109.40 26.09
N THR S 73 46.93 108.80 25.16
CA THR S 73 48.15 109.41 24.67
C THR S 73 48.49 108.78 23.32
N ALA S 74 48.57 109.58 22.28
CA ALA S 74 48.80 109.10 20.93
C ALA S 74 50.21 109.44 20.48
N CYS S 75 50.56 108.97 19.29
CA CYS S 75 51.84 109.32 18.69
C CYS S 75 51.71 109.19 17.17
N THR S 76 51.66 110.34 16.49
CA THR S 76 51.53 110.35 15.04
C THR S 76 52.69 109.61 14.40
N ALA S 77 52.39 108.47 13.79
CA ALA S 77 53.39 107.71 13.06
C ALA S 77 53.72 108.40 11.74
N ASN S 78 54.90 108.10 11.22
CA ASN S 78 55.30 108.68 9.94
C ASN S 78 54.40 108.16 8.83
N GLY S 79 53.89 109.09 8.01
CA GLY S 79 53.00 108.77 6.93
C GLY S 79 51.53 108.72 7.31
N SER S 80 51.21 108.79 8.59
CA SER S 80 49.83 108.73 9.07
C SER S 80 49.39 110.12 9.49
N CYS S 81 48.29 110.59 8.91
CA CYS S 81 47.78 111.92 9.18
C CYS S 81 46.72 111.93 10.28
N ASP S 82 46.79 111.00 11.21
CA ASP S 82 45.86 110.99 12.32
C ASP S 82 46.55 110.47 13.57
N PRO S 83 46.60 111.24 14.65
CA PRO S 83 47.33 110.78 15.83
C PRO S 83 46.61 109.66 16.53
N SER S 84 46.78 108.45 16.03
CA SER S 84 46.13 107.29 16.64
C SER S 84 46.60 107.12 18.08
N VAL S 85 45.65 106.89 18.98
CA VAL S 85 45.99 106.68 20.38
C VAL S 85 46.73 105.36 20.52
N THR S 86 47.95 105.42 21.04
CA THR S 86 48.75 104.23 21.23
C THR S 86 48.97 103.88 22.69
N ARG S 87 48.43 104.67 23.61
CA ARG S 87 48.63 104.40 25.02
C ARG S 87 47.44 104.96 25.79
N GLN S 88 47.12 104.31 26.90
CA GLN S 88 45.98 104.72 27.69
C GLN S 88 46.17 104.25 29.13
N ALA S 89 45.78 105.09 30.08
CA ALA S 89 45.82 104.74 31.48
C ALA S 89 44.40 104.72 32.03
N TYR S 90 44.07 103.65 32.74
CA TYR S 90 42.78 103.49 33.39
C TYR S 90 42.95 103.72 34.88
N ALA S 91 41.95 104.35 35.49
CA ALA S 91 41.90 104.49 36.93
C ALA S 91 40.44 104.34 37.35
N ASP S 92 40.11 103.25 38.00
CA ASP S 92 38.73 102.97 38.37
C ASP S 92 38.62 102.90 39.89
N VAL S 93 37.76 103.72 40.43
CA VAL S 93 37.47 103.75 41.85
C VAL S 93 36.03 103.29 42.04
N THR S 94 35.79 102.46 43.05
CA THR S 94 34.42 102.05 43.35
C THR S 94 34.21 102.08 44.86
N PHE S 95 33.31 102.93 45.30
CA PHE S 95 32.90 103.02 46.69
C PHE S 95 31.64 102.20 46.88
N SER S 96 31.58 101.46 47.98
CA SER S 96 30.40 100.69 48.33
C SER S 96 30.02 100.97 49.77
N PHE S 97 28.77 101.35 49.99
CA PHE S 97 28.24 101.67 51.29
C PHE S 97 26.99 100.83 51.56
N THR S 98 26.63 100.79 52.83
CA THR S 98 25.42 100.11 53.25
C THR S 98 24.22 101.05 53.21
N GLN S 99 23.05 100.43 53.24
CA GLN S 99 21.79 101.16 53.28
C GLN S 99 21.72 102.16 54.41
N TYR S 100 22.42 101.90 55.52
CA TYR S 100 22.39 102.75 56.69
C TYR S 100 23.69 103.52 56.88
N SER S 101 24.56 103.50 55.88
CA SER S 101 25.78 104.29 55.96
C SER S 101 25.44 105.73 56.29
N THR S 102 26.44 106.45 56.77
CA THR S 102 26.26 107.82 57.21
C THR S 102 27.25 108.74 56.52
N ASP S 103 26.79 109.96 56.26
CA ASP S 103 27.57 110.91 55.50
C ASP S 103 28.96 111.10 56.07
N GLU S 104 29.08 111.15 57.40
CA GLU S 104 30.40 111.38 57.97
C GLU S 104 31.31 110.21 57.64
N GLU S 105 30.80 108.99 57.72
CA GLU S 105 31.58 107.82 57.35
C GLU S 105 31.98 107.91 55.89
N ARG S 106 31.05 108.31 55.04
CA ARG S 106 31.34 108.41 53.62
C ARG S 106 32.48 109.38 53.38
N ALA S 107 32.35 110.59 53.91
CA ALA S 107 33.39 111.60 53.72
C ALA S 107 34.70 111.13 54.32
N PHE S 108 34.66 110.46 55.47
CA PHE S 108 35.89 109.96 56.06
C PHE S 108 36.59 109.03 55.09
N VAL S 109 35.87 108.05 54.56
CA VAL S 109 36.48 107.13 53.60
C VAL S 109 37.03 107.89 52.41
N ARG S 110 36.27 108.85 51.93
CA ARG S 110 36.67 109.58 50.74
C ARG S 110 37.99 110.30 50.97
N THR S 111 38.00 111.21 51.93
CA THR S 111 39.23 111.94 52.19
C THR S 111 40.35 110.99 52.58
N GLU S 112 40.01 109.82 53.13
CA GLU S 112 41.03 108.84 53.44
C GLU S 112 41.74 108.41 52.18
N LEU S 113 40.96 108.01 51.18
CA LEU S 113 41.59 107.62 49.94
C LEU S 113 42.36 108.78 49.35
N ALA S 114 41.82 109.99 49.48
CA ALA S 114 42.52 111.15 48.94
C ALA S 114 43.90 111.29 49.57
N ALA S 115 43.95 111.27 50.89
CA ALA S 115 45.22 111.50 51.56
C ALA S 115 46.17 110.32 51.37
N LEU S 116 45.65 109.10 51.26
CA LEU S 116 46.54 108.00 50.90
C LEU S 116 47.14 108.23 49.53
N LEU S 117 46.30 108.63 48.58
CA LEU S 117 46.79 108.92 47.26
C LEU S 117 47.82 110.03 47.26
N ALA S 118 47.79 110.91 48.25
CA ALA S 118 48.83 111.91 48.40
C ALA S 118 50.04 111.43 49.19
N SER S 119 49.89 110.40 50.01
CA SER S 119 50.95 109.98 50.91
C SER S 119 52.10 109.32 50.15
N PRO S 120 53.31 109.38 50.70
CA PRO S 120 54.45 108.74 50.04
C PRO S 120 54.22 107.27 49.72
N LEU S 121 53.37 106.57 50.46
CA LEU S 121 53.09 105.19 50.13
C LEU S 121 52.69 105.07 48.68
N LEU S 122 51.53 105.61 48.34
CA LEU S 122 51.07 105.46 46.97
C LEU S 122 51.95 106.23 46.01
N ILE S 123 52.61 107.28 46.47
CA ILE S 123 53.59 107.94 45.62
C ILE S 123 54.46 106.88 44.97
N ASP S 124 55.20 106.14 45.79
CA ASP S 124 56.14 105.19 45.25
C ASP S 124 55.44 103.98 44.66
N ALA S 125 54.25 103.64 45.17
CA ALA S 125 53.56 102.47 44.65
C ALA S 125 53.11 102.67 43.22
N ILE S 126 52.68 103.88 42.87
CA ILE S 126 52.14 104.20 41.57
C ILE S 126 53.20 104.80 40.66
N ASP S 127 53.73 105.97 41.04
CA ASP S 127 54.63 106.68 40.15
C ASP S 127 55.79 105.81 39.73
N GLN S 128 56.36 105.07 40.68
CA GLN S 128 57.44 104.16 40.39
C GLN S 128 56.98 102.74 40.13
N LEU S 129 55.68 102.47 40.26
CA LEU S 129 55.19 101.09 40.24
C LEU S 129 56.02 100.24 41.17
N ASN S 130 55.98 100.58 42.45
CA ASN S 130 56.84 99.93 43.41
C ASN S 130 56.06 99.06 44.39
N PRO S 131 56.22 97.74 44.35
CA PRO S 131 55.52 96.90 45.34
C PRO S 131 55.87 97.32 46.75
N ALA S 132 54.84 97.64 47.51
CA ALA S 132 55.04 98.06 48.89
C ALA S 132 55.56 96.88 49.69
N TYR S 133 56.60 97.13 50.48
CA TYR S 133 57.12 96.12 51.38
C TYR S 133 58.14 96.71 52.33
N ALA T 2 104.18 73.13 31.88
CA ALA T 2 104.22 71.96 30.94
C ALA T 2 104.15 72.43 29.51
N LYS T 3 105.02 73.38 29.15
CA LYS T 3 105.03 73.86 27.78
C LYS T 3 105.53 72.76 26.86
N LEU T 4 105.00 72.76 25.65
CA LEU T 4 105.43 71.84 24.61
C LEU T 4 106.53 72.47 23.79
N GLU T 5 107.59 71.71 23.55
CA GLU T 5 108.67 72.13 22.66
C GLU T 5 109.57 70.93 22.42
N THR T 6 110.56 71.11 21.55
CA THR T 6 111.49 70.06 21.20
C THR T 6 112.16 69.52 22.45
N VAL T 7 112.22 68.20 22.55
CA VAL T 7 112.79 67.50 23.68
C VAL T 7 113.98 66.70 23.17
N THR T 8 115.10 66.81 23.87
CA THR T 8 116.37 66.27 23.43
C THR T 8 116.76 65.12 24.35
N LEU T 9 116.38 63.91 23.98
CA LEU T 9 116.65 62.69 24.74
C LEU T 9 118.07 62.25 24.45
N GLY T 10 119.00 62.52 25.35
CA GLY T 10 120.39 62.14 25.15
C GLY T 10 120.77 60.90 25.94
N ASN T 11 121.84 60.22 25.52
CA ASN T 11 122.32 59.03 26.23
C ASN T 11 121.26 57.95 26.27
N ILE T 12 120.98 57.39 25.10
CA ILE T 12 119.93 56.41 24.88
C ILE T 12 120.54 55.14 24.28
N GLY T 13 119.91 53.99 24.53
CA GLY T 13 120.34 52.69 24.00
C GLY T 13 121.04 51.85 25.04
N LYS T 14 121.55 50.67 24.63
CA LYS T 14 122.43 49.98 25.57
C LYS T 14 123.52 50.93 26.01
N ASP T 15 124.28 51.44 25.06
CA ASP T 15 125.44 52.25 25.29
C ASP T 15 125.11 53.62 25.84
N GLY T 16 123.86 54.05 25.74
CA GLY T 16 123.54 55.40 26.10
C GLY T 16 124.31 56.36 25.22
N LYS T 17 124.27 56.16 23.90
CA LYS T 17 124.99 57.02 22.98
C LYS T 17 124.12 57.68 21.92
N GLN T 18 122.97 57.12 21.57
CA GLN T 18 122.16 57.74 20.53
C GLN T 18 121.38 58.92 21.12
N THR T 19 120.69 59.63 20.24
CA THR T 19 119.92 60.80 20.61
C THR T 19 118.58 60.76 19.90
N LEU T 20 117.53 61.17 20.62
CA LEU T 20 116.18 61.22 20.07
C LEU T 20 115.63 62.62 20.25
N VAL T 21 115.23 63.24 19.16
CA VAL T 21 114.74 64.60 19.17
C VAL T 21 113.26 64.54 18.87
N LEU T 22 112.45 64.99 19.82
CA LEU T 22 111.00 64.85 19.75
C LEU T 22 110.37 66.24 19.70
N ASN T 23 109.77 66.53 18.64
CA ASN T 23 109.13 67.81 18.42
C ASN T 23 107.63 67.69 18.68
N PRO T 24 106.99 68.79 19.05
CA PRO T 24 105.60 68.72 19.51
C PRO T 24 104.61 68.64 18.37
N ARG T 25 103.36 68.35 18.73
CA ARG T 25 102.27 68.25 17.78
C ARG T 25 101.06 68.97 18.36
N GLY T 26 99.87 68.68 17.82
CA GLY T 26 98.63 69.23 18.34
C GLY T 26 98.13 68.42 19.51
N VAL T 27 97.46 69.09 20.45
CA VAL T 27 96.94 68.43 21.62
C VAL T 27 95.56 67.87 21.30
N ASN T 28 95.34 66.59 21.60
CA ASN T 28 94.07 65.95 21.29
C ASN T 28 92.90 66.70 21.93
N PRO T 29 92.08 67.37 21.13
CA PRO T 29 90.90 68.03 21.71
C PRO T 29 89.93 67.07 22.34
N THR T 30 89.79 65.86 21.77
CA THR T 30 88.78 64.92 22.24
C THR T 30 89.00 64.50 23.67
N ASN T 31 90.26 64.43 24.11
CA ASN T 31 90.53 63.97 25.47
C ASN T 31 91.66 64.73 26.15
N GLY T 32 92.23 65.74 25.51
CA GLY T 32 93.33 66.47 26.10
C GLY T 32 94.57 65.64 26.28
N VAL T 33 95.22 65.25 25.19
CA VAL T 33 96.51 64.58 25.24
C VAL T 33 97.47 65.36 24.36
N ALA T 34 98.62 65.72 24.92
CA ALA T 34 99.68 66.28 24.10
C ALA T 34 100.47 65.15 23.48
N SER T 35 101.05 65.44 22.30
CA SER T 35 101.76 64.43 21.54
C SER T 35 103.09 64.98 21.03
N LEU T 36 104.09 64.12 21.02
CA LEU T 36 105.43 64.45 20.63
C LEU T 36 105.89 63.37 19.66
N SER T 37 106.65 63.76 18.65
CA SER T 37 107.00 62.81 17.60
C SER T 37 108.43 63.03 17.15
N GLN T 38 109.01 61.99 16.57
CA GLN T 38 110.37 62.05 16.05
C GLN T 38 110.51 63.28 15.17
N ALA T 39 111.71 63.83 15.03
CA ALA T 39 111.85 65.11 14.33
C ALA T 39 111.33 65.04 12.90
N GLY T 40 111.22 63.86 12.35
CA GLY T 40 110.75 63.66 11.00
C GLY T 40 111.75 62.90 10.15
N ALA T 41 111.40 62.71 8.88
CA ALA T 41 110.14 63.17 8.32
C ALA T 41 109.01 62.19 8.57
N VAL T 42 109.09 61.02 7.93
CA VAL T 42 108.06 60.00 8.12
C VAL T 42 108.02 59.54 9.57
N PRO T 43 109.14 59.34 10.25
CA PRO T 43 109.06 58.82 11.63
C PRO T 43 108.25 59.72 12.56
N ALA T 44 107.86 60.92 12.13
CA ALA T 44 106.92 61.72 12.91
C ALA T 44 105.56 61.05 13.01
N LEU T 45 105.18 60.28 11.99
CA LEU T 45 103.99 59.43 12.05
C LEU T 45 104.33 57.98 12.38
N GLU T 46 105.49 57.73 12.98
CA GLU T 46 105.84 56.40 13.47
C GLU T 46 106.12 56.39 14.98
N LYS T 47 107.11 57.16 15.42
CA LYS T 47 107.41 57.25 16.83
C LYS T 47 106.47 58.24 17.49
N ARG T 48 105.91 57.87 18.64
CA ARG T 48 104.97 58.77 19.31
C ARG T 48 105.17 58.75 20.82
N VAL T 49 104.86 59.88 21.43
CA VAL T 49 105.06 60.11 22.84
C VAL T 49 103.90 60.96 23.33
N THR T 50 102.96 60.35 24.04
CA THR T 50 101.73 61.02 24.43
C THR T 50 101.73 61.24 25.94
N VAL T 51 101.17 62.37 26.35
CA VAL T 51 101.09 62.72 27.76
C VAL T 51 99.71 63.29 28.06
N SER T 52 99.19 62.96 29.23
CA SER T 52 97.87 63.41 29.64
C SER T 52 97.83 63.52 31.16
N VAL T 53 97.03 64.46 31.65
CA VAL T 53 96.80 64.61 33.09
C VAL T 53 95.30 64.82 33.27
N SER T 54 94.62 63.77 33.70
CA SER T 54 93.21 63.85 34.03
C SER T 54 93.08 64.36 35.46
N GLN T 55 92.41 65.49 35.61
CA GLN T 55 92.14 66.07 36.92
C GLN T 55 90.87 65.45 37.51
N PRO T 56 90.66 65.58 38.82
CA PRO T 56 89.54 64.92 39.48
C PRO T 56 88.23 65.07 38.73
N SER T 57 87.31 64.20 39.07
CA SER T 57 85.97 64.19 38.48
C SER T 57 85.13 63.25 39.33
N ARG T 58 83.87 63.06 38.93
CA ARG T 58 83.02 62.12 39.62
C ARG T 58 83.61 60.71 39.55
N ASN T 59 84.28 60.40 38.46
CA ASN T 59 84.89 59.08 38.30
C ASN T 59 86.36 59.08 38.74
N ARG T 60 87.07 60.20 38.54
CA ARG T 60 88.43 60.35 39.02
C ARG T 60 88.42 60.65 40.50
N LYS T 61 89.57 60.66 41.16
CA LYS T 61 89.51 61.12 42.54
C LYS T 61 90.49 62.19 43.02
N ASN T 62 91.82 61.98 43.09
CA ASN T 62 92.76 61.12 42.32
C ASN T 62 93.07 61.56 40.89
N TYR T 63 93.83 62.65 40.79
CA TYR T 63 94.61 62.97 39.60
C TYR T 63 95.25 61.72 39.03
N LYS T 64 95.23 61.60 37.70
CA LYS T 64 95.97 60.55 37.01
C LYS T 64 96.80 61.17 35.91
N VAL T 65 98.09 60.87 35.90
CA VAL T 65 98.99 61.32 34.85
C VAL T 65 99.46 60.12 34.08
N GLN T 66 99.14 60.11 32.79
CA GLN T 66 99.45 59.01 31.89
C GLN T 66 100.49 59.46 30.89
N VAL T 67 101.48 58.59 30.66
CA VAL T 67 102.52 58.83 29.67
C VAL T 67 102.64 57.57 28.84
N LYS T 68 102.27 57.65 27.56
CA LYS T 68 102.43 56.56 26.62
C LYS T 68 103.64 56.81 25.74
N ILE T 69 104.39 55.75 25.47
CA ILE T 69 105.47 55.79 24.50
C ILE T 69 105.25 54.65 23.53
N GLN T 70 105.43 54.93 22.24
CA GLN T 70 105.21 53.92 21.21
C GLN T 70 106.29 54.04 20.16
N ASN T 71 106.97 52.94 19.89
CA ASN T 71 108.01 52.86 18.86
C ASN T 71 107.69 51.71 17.91
N PRO T 72 107.26 51.98 16.69
CA PRO T 72 107.07 50.90 15.72
C PRO T 72 108.31 50.64 14.88
N THR T 73 108.86 49.44 14.99
CA THR T 73 109.94 49.02 14.11
C THR T 73 109.37 48.57 12.77
N ALA T 74 109.93 49.10 11.69
CA ALA T 74 109.46 48.79 10.36
C ALA T 74 110.64 48.42 9.49
N CYS T 75 110.34 47.86 8.32
CA CYS T 75 111.37 47.47 7.37
C CYS T 75 110.78 47.48 5.98
N THR T 76 111.67 47.52 4.98
CA THR T 76 111.27 47.57 3.58
C THR T 76 111.61 46.25 2.94
N ALA T 77 110.60 45.58 2.40
CA ALA T 77 110.83 44.32 1.71
C ALA T 77 111.76 44.54 0.54
N ASN T 78 112.58 43.53 0.26
CA ASN T 78 113.54 43.65 -0.81
C ASN T 78 112.81 43.61 -2.14
N GLY T 79 112.35 44.77 -2.60
CA GLY T 79 111.58 44.87 -3.82
C GLY T 79 110.45 45.87 -3.72
N SER T 80 109.95 46.09 -2.50
CA SER T 80 108.90 47.08 -2.29
C SER T 80 109.51 48.47 -2.17
N CYS T 81 108.69 49.47 -1.85
CA CYS T 81 109.18 50.84 -1.77
C CYS T 81 109.02 51.43 -0.38
N ASP T 82 107.79 51.47 0.12
CA ASP T 82 107.57 52.03 1.45
C ASP T 82 107.85 51.00 2.52
N PRO T 83 108.34 51.41 3.69
CA PRO T 83 108.53 50.45 4.77
C PRO T 83 107.21 50.10 5.47
N SER T 84 107.04 48.81 5.70
CA SER T 84 105.90 48.27 6.43
C SER T 84 106.30 48.02 7.87
N VAL T 85 105.37 48.30 8.78
CA VAL T 85 105.61 48.14 10.21
C VAL T 85 105.63 46.65 10.53
N THR T 86 106.78 46.15 10.98
CA THR T 86 106.89 44.74 11.31
C THR T 86 106.63 44.45 12.78
N ARG T 87 106.98 45.37 13.67
CA ARG T 87 106.85 45.14 15.10
C ARG T 87 106.56 46.47 15.79
N GLN T 88 106.02 46.39 17.00
CA GLN T 88 105.60 47.61 17.70
C GLN T 88 105.86 47.41 19.18
N ALA T 89 106.80 48.16 19.73
CA ALA T 89 107.00 48.17 21.16
C ALA T 89 106.33 49.41 21.74
N TYR T 90 105.85 49.29 22.98
CA TYR T 90 105.23 50.44 23.61
C TYR T 90 105.08 50.20 25.09
N ALA T 91 105.03 51.30 25.83
CA ALA T 91 104.95 51.27 27.28
C ALA T 91 104.04 52.40 27.74
N ASP T 92 103.54 52.25 28.97
CA ASP T 92 102.63 53.22 29.54
C ASP T 92 102.88 53.34 31.04
N VAL T 93 103.08 54.57 31.49
CA VAL T 93 103.21 54.89 32.90
C VAL T 93 101.95 55.59 33.34
N THR T 94 101.43 55.23 34.51
CA THR T 94 100.22 55.85 35.02
C THR T 94 100.43 56.18 36.50
N PHE T 95 100.67 57.45 36.77
CA PHE T 95 100.82 57.95 38.12
C PHE T 95 99.45 58.30 38.68
N SER T 96 99.14 57.81 39.87
CA SER T 96 97.89 58.11 40.55
C SER T 96 98.23 58.94 41.78
N PHE T 97 97.88 60.22 41.75
CA PHE T 97 98.05 61.10 42.89
C PHE T 97 96.70 61.48 43.45
N THR T 98 96.65 61.76 44.74
CA THR T 98 95.39 62.14 45.35
C THR T 98 95.36 63.64 45.62
N GLN T 99 94.15 64.10 45.95
CA GLN T 99 93.86 65.52 45.97
C GLN T 99 94.83 66.26 46.89
N TYR T 100 95.30 65.58 47.93
CA TYR T 100 96.15 66.19 48.95
C TYR T 100 97.63 65.97 48.68
N SER T 101 98.00 65.54 47.48
CA SER T 101 99.39 65.23 47.20
C SER T 101 100.24 66.47 47.30
N THR T 102 101.55 66.26 47.39
CA THR T 102 102.48 67.36 47.41
C THR T 102 103.53 67.13 46.34
N ASP T 103 103.94 68.23 45.71
CA ASP T 103 105.04 68.18 44.78
C ASP T 103 106.22 67.41 45.36
N GLU T 104 106.41 67.50 46.68
CA GLU T 104 107.37 66.64 47.35
C GLU T 104 107.29 65.20 46.89
N GLU T 105 106.18 64.54 47.21
CA GLU T 105 106.11 63.11 46.95
C GLU T 105 106.01 62.84 45.47
N ARG T 106 105.36 63.75 44.74
CA ARG T 106 105.27 63.54 43.31
C ARG T 106 106.66 63.45 42.71
N ALA T 107 107.50 64.45 42.98
CA ALA T 107 108.86 64.43 42.45
C ALA T 107 109.61 63.21 42.97
N PHE T 108 109.41 62.87 44.23
CA PHE T 108 110.08 61.70 44.77
C PHE T 108 109.76 60.46 43.98
N VAL T 109 108.47 60.20 43.78
CA VAL T 109 108.06 59.03 43.02
C VAL T 109 108.63 59.10 41.61
N ARG T 110 108.60 60.28 41.02
CA ARG T 110 109.09 60.42 39.66
C ARG T 110 110.53 59.96 39.57
N THR T 111 111.42 60.61 40.30
CA THR T 111 112.82 60.23 40.19
C THR T 111 113.05 58.82 40.69
N GLU T 112 112.19 58.32 41.58
CA GLU T 112 112.37 56.96 42.04
C GLU T 112 112.16 55.98 40.91
N LEU T 113 111.08 56.19 40.16
CA LEU T 113 110.88 55.38 38.97
C LEU T 113 112.05 55.56 38.01
N ALA T 114 112.55 56.78 37.88
CA ALA T 114 113.65 57.01 36.96
C ALA T 114 114.86 56.17 37.32
N ALA T 115 115.35 56.32 38.54
CA ALA T 115 116.56 55.62 38.91
C ALA T 115 116.30 54.13 39.04
N LEU T 116 115.05 53.72 39.23
CA LEU T 116 114.78 52.28 39.27
C LEU T 116 114.87 51.70 37.87
N LEU T 117 114.36 52.42 36.88
CA LEU T 117 114.63 52.05 35.49
C LEU T 117 116.11 51.99 35.22
N ALA T 118 116.87 52.94 35.75
CA ALA T 118 118.31 52.92 35.54
C ALA T 118 119.02 51.81 36.28
N SER T 119 118.40 51.26 37.31
CA SER T 119 119.06 50.27 38.14
C SER T 119 119.13 48.92 37.45
N PRO T 120 120.20 48.16 37.67
CA PRO T 120 120.38 46.91 36.92
C PRO T 120 119.18 46.01 36.97
N LEU T 121 118.41 46.07 38.05
CA LEU T 121 117.28 45.17 38.19
C LEU T 121 116.41 45.20 36.96
N LEU T 122 115.77 46.33 36.68
CA LEU T 122 114.92 46.38 35.49
C LEU T 122 115.75 46.29 34.23
N ILE T 123 116.99 46.77 34.25
CA ILE T 123 117.83 46.66 33.07
C ILE T 123 117.74 45.24 32.54
N ASP T 124 118.09 44.29 33.38
CA ASP T 124 117.96 42.88 33.03
C ASP T 124 116.51 42.50 32.84
N ALA T 125 115.63 43.01 33.69
CA ALA T 125 114.24 42.57 33.69
C ALA T 125 113.52 42.89 32.39
N ILE T 126 114.07 43.78 31.56
CA ILE T 126 113.40 44.11 30.32
C ILE T 126 114.29 43.86 29.12
N ASP T 127 115.51 44.39 29.09
CA ASP T 127 116.31 44.17 27.89
C ASP T 127 116.53 42.68 27.67
N GLN T 128 116.94 41.97 28.70
CA GLN T 128 116.99 40.52 28.63
C GLN T 128 115.68 39.89 29.04
N LEU T 129 114.81 40.66 29.69
CA LEU T 129 113.49 40.20 30.10
C LEU T 129 113.56 38.88 30.87
N ASN T 130 114.46 38.84 31.84
CA ASN T 130 114.56 37.68 32.72
C ASN T 130 113.99 38.06 34.07
N PRO T 131 112.97 37.37 34.57
CA PRO T 131 112.45 37.69 35.90
C PRO T 131 113.57 37.66 36.92
N ALA T 132 113.32 38.27 38.06
CA ALA T 132 114.36 38.50 39.04
C ALA T 132 114.34 37.39 40.08
N TYR T 133 114.87 36.23 39.74
CA TYR T 133 114.90 35.12 40.68
C TYR T 133 116.32 34.63 40.78
N ALA U 2 93.86 87.70 24.73
CA ALA U 2 93.54 87.29 26.12
C ALA U 2 94.55 86.26 26.62
N LYS U 3 95.78 86.37 26.12
CA LYS U 3 96.83 85.43 26.49
C LYS U 3 96.91 85.28 28.00
N LEU U 4 97.25 84.07 28.44
CA LEU U 4 97.38 83.81 29.86
C LEU U 4 98.64 84.44 30.40
N GLU U 5 98.60 84.85 31.67
CA GLU U 5 99.81 85.27 32.36
C GLU U 5 99.50 85.43 33.83
N THR U 6 100.55 85.73 34.60
CA THR U 6 100.42 85.98 36.02
C THR U 6 99.46 87.14 36.27
N VAL U 7 98.32 86.86 36.88
CA VAL U 7 97.35 87.91 37.14
C VAL U 7 97.53 88.36 38.57
N THR U 8 97.63 89.66 38.77
CA THR U 8 97.99 90.26 40.04
C THR U 8 96.83 91.11 40.54
N LEU U 9 96.02 90.53 41.43
CA LEU U 9 94.87 91.21 41.98
C LEU U 9 95.35 92.07 43.14
N GLY U 10 95.14 93.38 43.05
CA GLY U 10 95.64 94.28 44.06
C GLY U 10 94.79 94.33 45.31
N ASN U 11 94.57 95.53 45.84
CA ASN U 11 93.83 95.73 47.07
C ASN U 11 92.62 94.79 47.12
N ILE U 12 92.52 94.03 48.20
CA ILE U 12 91.57 92.92 48.28
C ILE U 12 91.20 92.72 49.75
N GLY U 13 89.92 92.51 50.01
CA GLY U 13 89.44 92.13 51.33
C GLY U 13 88.55 93.18 51.92
N LYS U 14 88.17 92.96 53.19
CA LYS U 14 87.28 93.90 53.84
C LYS U 14 87.92 95.28 53.91
N ASP U 15 89.16 95.33 54.40
CA ASP U 15 89.90 96.58 54.48
C ASP U 15 90.63 96.92 53.19
N GLY U 16 90.69 95.98 52.25
CA GLY U 16 91.38 96.21 51.00
C GLY U 16 92.87 96.40 51.18
N LYS U 17 93.56 95.37 51.65
CA LYS U 17 95.00 95.44 51.78
C LYS U 17 95.75 94.21 51.29
N GLN U 18 95.12 93.05 51.17
CA GLN U 18 95.86 91.89 50.71
C GLN U 18 95.98 91.92 49.19
N THR U 19 96.77 90.99 48.65
CA THR U 19 96.95 90.85 47.22
C THR U 19 96.93 89.37 46.87
N LEU U 20 96.54 89.09 45.64
CA LEU U 20 96.53 87.72 45.15
C LEU U 20 97.34 87.62 43.86
N VAL U 21 98.10 86.54 43.74
CA VAL U 21 98.91 86.30 42.55
C VAL U 21 98.50 84.94 42.01
N LEU U 22 97.83 84.93 40.86
CA LEU U 22 97.42 83.69 40.22
C LEU U 22 98.30 83.45 39.01
N ASN U 23 99.11 82.42 39.07
CA ASN U 23 99.94 82.06 37.93
C ASN U 23 99.13 81.24 36.95
N PRO U 24 99.53 81.21 35.68
CA PRO U 24 98.76 80.49 34.67
C PRO U 24 99.08 79.00 34.70
N ARG U 25 98.05 78.18 34.87
CA ARG U 25 98.22 76.72 34.82
C ARG U 25 98.18 76.23 33.39
N GLY U 26 97.06 76.42 32.72
CA GLY U 26 96.91 75.91 31.37
C GLY U 26 95.49 76.11 30.90
N VAL U 27 95.10 75.32 29.89
CA VAL U 27 93.72 75.36 29.41
C VAL U 27 93.29 73.94 29.12
N ASN U 28 92.29 73.45 29.84
CA ASN U 28 91.71 72.17 29.52
C ASN U 28 90.98 72.25 28.19
N PRO U 29 91.30 71.36 27.23
CA PRO U 29 90.64 71.41 25.92
C PRO U 29 89.24 70.83 25.91
N THR U 30 89.00 69.78 26.70
CA THR U 30 87.72 69.09 26.63
C THR U 30 86.56 70.05 26.68
N ASN U 31 86.75 71.22 27.27
CA ASN U 31 85.71 72.24 27.32
C ASN U 31 86.27 73.63 27.10
N GLY U 32 87.52 73.75 26.70
CA GLY U 32 88.11 75.05 26.47
C GLY U 32 87.96 75.94 27.68
N VAL U 33 88.62 75.57 28.77
CA VAL U 33 88.55 76.33 30.02
C VAL U 33 89.97 76.63 30.48
N ALA U 34 90.31 77.91 30.56
CA ALA U 34 91.60 78.30 31.07
C ALA U 34 91.55 78.32 32.58
N SER U 35 92.63 77.84 33.20
CA SER U 35 92.72 77.66 34.64
C SER U 35 93.85 78.50 35.21
N LEU U 36 93.57 79.19 36.31
CA LEU U 36 94.57 79.92 37.07
C LEU U 36 94.51 79.44 38.51
N SER U 37 95.66 79.42 39.16
CA SER U 37 95.74 78.99 40.54
C SER U 37 96.71 79.83 41.32
N GLN U 38 96.43 79.97 42.61
CA GLN U 38 97.39 80.57 43.52
C GLN U 38 98.64 79.70 43.59
N ALA U 39 99.79 80.35 43.68
CA ALA U 39 101.04 79.61 43.76
C ALA U 39 101.10 78.86 45.08
N GLY U 40 101.08 77.53 45.00
CA GLY U 40 101.12 76.70 46.18
C GLY U 40 101.75 75.37 45.86
N ALA U 41 101.43 74.34 46.65
CA ALA U 41 101.94 73.02 46.35
C ALA U 41 100.82 71.98 46.31
N VAL U 42 99.92 72.03 47.28
CA VAL U 42 98.94 70.95 47.43
C VAL U 42 97.67 71.37 46.73
N PRO U 43 97.26 70.70 45.65
CA PRO U 43 96.16 71.22 44.82
C PRO U 43 94.92 71.54 45.62
N ALA U 44 94.67 70.82 46.69
CA ALA U 44 93.45 71.00 47.47
C ALA U 44 93.38 72.33 48.17
N LEU U 45 94.47 73.08 48.24
CA LEU U 45 94.53 74.22 49.14
C LEU U 45 95.09 75.44 48.43
N GLU U 46 94.58 75.73 47.23
CA GLU U 46 94.93 76.95 46.52
C GLU U 46 93.68 77.56 45.93
N LYS U 47 93.70 78.88 45.78
CA LYS U 47 92.57 79.60 45.21
C LYS U 47 92.58 79.39 43.70
N ARG U 48 91.46 78.91 43.15
CA ARG U 48 91.41 78.55 41.75
C ARG U 48 90.41 79.44 41.01
N VAL U 49 90.74 79.73 39.77
CA VAL U 49 89.92 80.58 38.90
C VAL U 49 89.82 79.90 37.55
N THR U 50 88.63 79.91 36.97
CA THR U 50 88.42 79.29 35.69
C THR U 50 87.66 80.25 34.79
N VAL U 51 88.13 80.39 33.56
CA VAL U 51 87.50 81.25 32.57
C VAL U 51 87.18 80.42 31.35
N SER U 52 85.96 80.53 30.86
CA SER U 52 85.56 79.82 29.66
C SER U 52 84.68 80.72 28.82
N VAL U 53 84.81 80.59 27.51
CA VAL U 53 84.02 81.35 26.56
C VAL U 53 83.50 80.38 25.52
N SER U 54 82.19 80.15 25.53
CA SER U 54 81.57 79.23 24.58
C SER U 54 80.89 80.04 23.48
N GLN U 55 81.23 79.73 22.24
CA GLN U 55 80.73 80.44 21.09
C GLN U 55 79.31 79.97 20.77
N PRO U 56 78.58 80.74 19.96
CA PRO U 56 77.18 80.36 19.66
C PRO U 56 77.12 79.05 18.89
N SER U 57 76.40 78.09 19.46
CA SER U 57 76.27 76.78 18.86
C SER U 57 75.12 76.77 17.87
N ARG U 58 74.89 75.61 17.26
CA ARG U 58 73.75 75.40 16.38
C ARG U 58 72.46 75.14 17.14
N ASN U 59 72.42 75.45 18.43
CA ASN U 59 71.25 75.18 19.25
C ASN U 59 70.86 76.33 20.16
N ARG U 60 71.73 77.32 20.37
CA ARG U 60 71.41 78.46 21.23
C ARG U 60 71.68 79.77 20.50
N LYS U 61 72.75 79.82 19.71
CA LYS U 61 73.12 81.03 19.01
C LYS U 61 73.30 82.18 19.99
N ASN U 62 74.18 81.97 20.96
CA ASN U 62 74.44 82.98 21.98
C ASN U 62 75.81 82.74 22.57
N TYR U 63 76.60 83.81 22.67
CA TYR U 63 77.91 83.68 23.29
C TYR U 63 77.73 83.66 24.80
N LYS U 64 78.48 82.77 25.45
CA LYS U 64 78.47 82.67 26.91
C LYS U 64 79.89 82.83 27.42
N VAL U 65 80.01 83.46 28.59
CA VAL U 65 81.29 83.55 29.27
C VAL U 65 81.08 83.18 30.73
N GLN U 66 81.71 82.10 31.15
CA GLN U 66 81.61 81.59 32.51
C GLN U 66 82.91 81.89 33.25
N VAL U 67 82.77 82.33 34.49
CA VAL U 67 83.91 82.59 35.36
C VAL U 67 83.61 81.94 36.70
N LYS U 68 84.40 80.93 37.07
CA LYS U 68 84.31 80.25 38.35
C LYS U 68 85.45 80.69 39.25
N ILE U 69 85.11 80.96 40.50
CA ILE U 69 86.12 81.18 41.53
C ILE U 69 85.88 80.16 42.62
N GLN U 70 86.94 79.50 43.05
CA GLN U 70 86.88 78.56 44.16
C GLN U 70 87.93 78.94 45.18
N ASN U 71 87.53 79.02 46.44
CA ASN U 71 88.42 79.38 47.53
C ASN U 71 88.28 78.36 48.65
N PRO U 72 89.25 77.47 48.86
CA PRO U 72 89.18 76.56 49.99
C PRO U 72 89.90 77.13 51.21
N THR U 73 89.51 76.63 52.37
CA THR U 73 90.18 77.06 53.60
C THR U 73 91.02 75.93 54.19
N ALA U 74 92.13 76.32 54.80
CA ALA U 74 93.10 75.35 55.28
C ALA U 74 92.55 74.50 56.41
N CYS U 75 92.07 75.13 57.48
CA CYS U 75 91.68 74.42 58.71
C CYS U 75 92.81 73.51 59.18
N THR U 76 94.01 74.08 59.28
CA THR U 76 95.17 73.27 59.62
C THR U 76 95.11 72.81 61.07
N ALA U 77 95.26 71.51 61.27
CA ALA U 77 95.23 70.91 62.59
C ALA U 77 96.56 71.11 63.30
N ASN U 78 96.52 71.03 64.62
CA ASN U 78 97.74 71.15 65.43
C ASN U 78 98.48 69.81 65.37
N GLY U 79 99.03 69.54 64.18
CA GLY U 79 99.89 68.40 63.95
C GLY U 79 99.17 67.32 63.16
N SER U 80 99.75 66.13 63.17
CA SER U 80 99.18 64.88 62.69
C SER U 80 99.09 64.76 61.18
N CYS U 81 99.06 65.87 60.44
CA CYS U 81 99.61 65.94 59.10
C CYS U 81 99.09 67.22 58.42
N ASP U 82 99.47 67.40 57.17
CA ASP U 82 99.10 68.57 56.39
C ASP U 82 97.60 68.84 56.54
N PRO U 83 97.16 70.06 56.28
CA PRO U 83 95.79 70.43 56.60
C PRO U 83 94.78 69.84 55.62
N SER U 84 93.50 70.05 55.93
CA SER U 84 92.43 69.41 55.20
C SER U 84 91.34 70.42 54.86
N VAL U 85 90.62 70.13 53.77
CA VAL U 85 89.59 71.02 53.28
C VAL U 85 88.33 70.84 54.11
N THR U 86 87.87 71.90 54.73
CA THR U 86 86.59 71.96 55.40
C THR U 86 85.63 72.88 54.69
N ARG U 87 86.15 73.69 53.79
CA ARG U 87 85.53 74.91 53.36
C ARG U 87 85.86 75.27 51.93
N GLN U 88 84.80 75.62 51.20
CA GLN U 88 84.92 75.93 49.78
C GLN U 88 83.91 77.02 49.47
N ALA U 89 84.40 78.23 49.22
CA ALA U 89 83.55 79.33 48.76
C ALA U 89 83.56 79.33 47.24
N TYR U 90 82.38 79.37 46.65
CA TYR U 90 82.21 79.31 45.20
C TYR U 90 81.59 80.60 44.68
N ALA U 91 82.06 81.02 43.51
CA ALA U 91 81.48 82.13 42.80
C ALA U 91 81.30 81.75 41.34
N ASP U 92 80.14 82.14 40.79
CA ASP U 92 79.72 81.79 39.43
C ASP U 92 79.25 83.03 38.71
N VAL U 93 80.04 83.51 37.78
CA VAL U 93 79.64 84.61 36.92
C VAL U 93 79.32 84.04 35.56
N THR U 94 78.20 84.48 34.98
CA THR U 94 77.71 83.91 33.72
C THR U 94 77.19 85.04 32.85
N PHE U 95 78.06 85.52 31.96
CA PHE U 95 77.66 86.56 31.03
C PHE U 95 77.08 85.90 29.79
N SER U 96 76.02 86.49 29.26
CA SER U 96 75.42 85.99 28.03
C SER U 96 75.17 87.16 27.09
N PHE U 97 75.53 86.97 25.82
CA PHE U 97 75.32 88.01 24.83
C PHE U 97 74.80 87.40 23.53
N THR U 98 74.13 88.23 22.76
CA THR U 98 73.57 87.82 21.49
C THR U 98 74.59 88.00 20.38
N GLN U 99 74.27 87.42 19.24
CA GLN U 99 75.23 87.32 18.16
C GLN U 99 75.50 88.69 17.54
N TYR U 100 74.57 89.62 17.69
CA TYR U 100 74.76 91.00 17.30
C TYR U 100 75.17 91.89 18.46
N SER U 101 75.70 91.30 19.52
CA SER U 101 76.18 92.04 20.66
C SER U 101 77.23 93.07 20.22
N THR U 102 77.43 94.07 21.07
CA THR U 102 78.49 95.05 20.89
C THR U 102 79.41 95.03 22.09
N ASP U 103 80.71 95.06 21.80
CA ASP U 103 81.67 95.45 22.80
C ASP U 103 81.11 96.57 23.67
N GLU U 104 80.40 97.49 23.04
CA GLU U 104 79.77 98.57 23.78
C GLU U 104 79.07 98.03 25.02
N GLU U 105 78.02 97.24 24.80
CA GLU U 105 77.19 96.80 25.90
C GLU U 105 77.92 95.80 26.78
N ARG U 106 78.81 95.01 26.21
CA ARG U 106 79.53 94.05 27.04
C ARG U 106 80.38 94.77 28.08
N ALA U 107 81.14 95.76 27.64
CA ALA U 107 81.88 96.57 28.60
C ALA U 107 80.94 97.22 29.58
N PHE U 108 79.81 97.72 29.08
CA PHE U 108 78.83 98.34 29.97
C PHE U 108 78.46 97.41 31.11
N VAL U 109 78.05 96.19 30.78
CA VAL U 109 77.56 95.28 31.80
C VAL U 109 78.69 94.84 32.71
N ARG U 110 79.88 94.63 32.15
CA ARG U 110 81.00 94.24 32.97
C ARG U 110 81.25 95.28 34.04
N THR U 111 81.41 96.54 33.62
CA THR U 111 81.65 97.58 34.60
C THR U 111 80.48 97.68 35.57
N GLU U 112 79.26 97.50 35.08
CA GLU U 112 78.11 97.64 35.95
C GLU U 112 78.18 96.63 37.07
N LEU U 113 78.45 95.38 36.71
CA LEU U 113 78.51 94.35 37.73
C LEU U 113 79.68 94.60 38.67
N ALA U 114 80.79 95.10 38.14
CA ALA U 114 81.94 95.38 39.01
C ALA U 114 81.60 96.43 40.05
N ALA U 115 81.10 97.58 39.60
CA ALA U 115 80.80 98.63 40.56
C ALA U 115 79.65 98.22 41.47
N LEU U 116 78.78 97.31 41.00
CA LEU U 116 77.76 96.79 41.90
C LEU U 116 78.40 95.96 43.00
N LEU U 117 79.36 95.10 42.65
CA LEU U 117 80.10 94.36 43.66
C LEU U 117 80.77 95.29 44.66
N ALA U 118 81.11 96.50 44.25
CA ALA U 118 81.67 97.47 45.18
C ALA U 118 80.63 98.26 45.97
N SER U 119 79.41 98.38 45.45
CA SER U 119 78.42 99.27 46.05
C SER U 119 77.99 98.80 47.43
N PRO U 120 77.46 99.69 48.26
CA PRO U 120 77.09 99.30 49.62
C PRO U 120 76.14 98.13 49.67
N LEU U 121 75.21 98.06 48.72
CA LEU U 121 74.16 97.07 48.81
C LEU U 121 74.75 95.68 48.83
N LEU U 122 75.47 95.32 47.77
CA LEU U 122 76.07 93.98 47.76
C LEU U 122 77.01 93.79 48.93
N ILE U 123 77.61 94.87 49.44
CA ILE U 123 78.53 94.72 50.55
C ILE U 123 77.87 93.96 51.69
N ASP U 124 76.83 94.55 52.26
CA ASP U 124 76.14 93.90 53.36
C ASP U 124 75.28 92.75 52.88
N ALA U 125 75.00 92.69 51.58
CA ALA U 125 74.32 91.52 51.04
C ALA U 125 75.17 90.28 51.20
N ILE U 126 76.46 90.38 50.95
CA ILE U 126 77.35 89.23 50.95
C ILE U 126 78.02 89.09 52.30
N ASP U 127 78.80 90.09 52.68
CA ASP U 127 79.53 90.02 53.94
C ASP U 127 78.61 89.61 55.08
N GLN U 128 77.63 90.43 55.38
CA GLN U 128 76.73 90.14 56.49
C GLN U 128 75.65 89.14 56.12
N LEU U 129 75.51 88.80 54.85
CA LEU U 129 74.42 87.96 54.39
C LEU U 129 73.07 88.55 54.77
N ASN U 130 72.97 89.87 54.75
CA ASN U 130 71.70 90.53 55.03
C ASN U 130 70.83 90.48 53.79
N PRO U 131 69.61 89.96 53.87
CA PRO U 131 68.71 90.06 52.71
C PRO U 131 68.42 91.51 52.37
N ALA U 132 68.49 91.80 51.08
CA ALA U 132 68.26 93.17 50.61
C ALA U 132 66.92 93.65 51.11
N TYR U 133 66.93 94.67 51.95
CA TYR U 133 65.73 95.16 52.59
C TYR U 133 66.03 96.34 53.50
N ALA V 2 101.06 73.18 16.84
CA ALA V 2 100.74 74.54 16.37
C ALA V 2 100.02 75.32 17.44
N LYS V 3 100.79 76.12 18.18
CA LYS V 3 100.22 76.89 19.29
C LYS V 3 99.46 78.10 18.75
N LEU V 4 98.22 78.24 19.18
CA LEU V 4 97.37 79.33 18.71
C LEU V 4 97.84 80.65 19.28
N GLU V 5 97.93 81.66 18.42
CA GLU V 5 98.38 82.97 18.84
C GLU V 5 97.84 83.99 17.86
N THR V 6 97.83 85.25 18.30
CA THR V 6 97.40 86.32 17.42
C THR V 6 98.20 86.29 16.14
N VAL V 7 97.52 86.07 15.03
CA VAL V 7 98.16 85.97 13.72
C VAL V 7 98.01 87.30 13.01
N THR V 8 99.11 87.83 12.53
CA THR V 8 99.16 89.16 11.94
C THR V 8 99.48 88.98 10.46
N LEU V 9 98.52 89.37 9.62
CA LEU V 9 98.58 89.13 8.19
C LEU V 9 98.76 90.47 7.50
N GLY V 10 99.94 90.69 6.92
CA GLY V 10 100.28 91.96 6.31
C GLY V 10 100.38 91.85 4.79
N ASN V 11 100.40 93.01 4.14
CA ASN V 11 100.45 93.09 2.69
C ASN V 11 99.23 92.41 2.07
N ILE V 12 98.07 93.02 2.33
CA ILE V 12 96.79 92.39 2.09
C ILE V 12 95.96 93.31 1.20
N GLY V 13 95.36 92.73 0.16
CA GLY V 13 94.37 93.41 -0.66
C GLY V 13 94.80 93.51 -2.11
N LYS V 14 94.04 94.26 -2.90
CA LYS V 14 94.52 94.57 -4.24
C LYS V 14 95.88 95.23 -4.17
N ASP V 15 95.99 96.30 -3.40
CA ASP V 15 97.21 97.07 -3.31
C ASP V 15 98.21 96.44 -2.35
N GLY V 16 97.81 95.40 -1.64
CA GLY V 16 98.70 94.76 -0.69
C GLY V 16 99.11 95.71 0.41
N LYS V 17 98.13 96.42 0.96
CA LYS V 17 98.38 97.42 1.99
C LYS V 17 97.59 97.20 3.26
N GLN V 18 96.48 96.46 3.23
CA GLN V 18 95.69 96.27 4.43
C GLN V 18 96.36 95.28 5.36
N THR V 19 95.90 95.25 6.61
CA THR V 19 96.45 94.38 7.63
C THR V 19 95.31 93.70 8.37
N LEU V 20 95.57 92.48 8.83
CA LEU V 20 94.55 91.67 9.50
C LEU V 20 95.11 91.14 10.80
N VAL V 21 94.37 91.35 11.88
CA VAL V 21 94.81 90.94 13.21
C VAL V 21 93.82 89.89 13.69
N LEU V 22 94.25 88.64 13.70
CA LEU V 22 93.38 87.50 13.90
C LEU V 22 93.61 86.90 15.28
N ASN V 23 92.56 86.87 16.12
CA ASN V 23 92.77 86.35 17.46
C ASN V 23 92.19 84.94 17.59
N PRO V 24 92.78 84.13 18.46
CA PRO V 24 92.28 82.76 18.63
C PRO V 24 90.91 82.72 19.26
N ARG V 25 90.12 81.73 18.86
CA ARG V 25 88.81 81.45 19.44
C ARG V 25 88.78 80.11 20.15
N GLY V 26 89.93 79.53 20.45
CA GLY V 26 89.96 78.22 21.05
C GLY V 26 89.69 77.13 20.03
N VAL V 27 89.35 75.96 20.56
CA VAL V 27 89.11 74.77 19.74
C VAL V 27 87.78 74.15 20.14
N ASN V 28 87.02 73.73 19.15
CA ASN V 28 85.78 73.03 19.47
C ASN V 28 86.11 71.66 20.04
N PRO V 29 85.56 71.30 21.20
CA PRO V 29 85.85 69.98 21.77
C PRO V 29 85.24 68.84 20.97
N THR V 30 84.26 69.10 20.12
CA THR V 30 83.62 68.04 19.36
C THR V 30 84.28 67.86 17.99
N ASN V 31 84.23 68.91 17.17
CA ASN V 31 84.82 68.82 15.84
C ASN V 31 86.35 68.86 15.89
N GLY V 32 86.92 69.32 17.00
CA GLY V 32 88.36 69.38 17.10
C GLY V 32 88.94 70.29 16.04
N VAL V 33 88.39 71.49 15.94
CA VAL V 33 88.81 72.44 14.93
C VAL V 33 89.08 73.77 15.63
N ALA V 34 90.24 74.34 15.40
CA ALA V 34 90.55 75.63 15.99
C ALA V 34 89.98 76.73 15.12
N SER V 35 89.70 77.88 15.73
CA SER V 35 89.08 78.98 15.03
C SER V 35 89.67 80.29 15.53
N LEU V 36 89.70 81.27 14.64
CA LEU V 36 90.23 82.58 14.99
C LEU V 36 89.31 83.63 14.39
N SER V 37 89.31 84.82 14.99
CA SER V 37 88.41 85.87 14.54
C SER V 37 89.10 87.21 14.55
N GLN V 38 88.64 88.09 13.68
CA GLN V 38 89.15 89.45 13.64
C GLN V 38 88.54 90.27 14.75
N ALA V 39 89.35 91.11 15.38
CA ALA V 39 88.86 91.95 16.45
C ALA V 39 87.87 92.97 15.90
N GLY V 40 86.67 93.00 16.47
CA GLY V 40 85.66 93.94 16.02
C GLY V 40 84.64 94.16 17.12
N ALA V 41 83.74 95.09 16.86
CA ALA V 41 82.72 95.44 17.84
C ALA V 41 81.57 94.44 17.80
N VAL V 42 81.11 94.11 16.61
CA VAL V 42 80.00 93.18 16.41
C VAL V 42 80.59 91.82 16.07
N PRO V 43 80.39 90.79 16.87
CA PRO V 43 80.90 89.48 16.49
C PRO V 43 80.14 88.84 15.34
N ALA V 44 79.18 89.53 14.74
CA ALA V 44 78.56 89.07 13.53
C ALA V 44 79.33 89.53 12.31
N LEU V 45 80.00 90.68 12.41
CA LEU V 45 80.76 91.27 11.32
C LEU V 45 82.23 90.97 11.49
N GLU V 46 82.54 89.77 11.93
CA GLU V 46 83.88 89.37 12.32
C GLU V 46 84.41 88.39 11.29
N LYS V 47 85.55 88.72 10.70
CA LYS V 47 86.17 87.81 9.74
C LYS V 47 86.73 86.63 10.50
N ARG V 48 86.22 85.44 10.21
CA ARG V 48 86.60 84.24 10.92
C ARG V 48 87.43 83.33 10.01
N VAL V 49 88.25 82.50 10.64
CA VAL V 49 88.96 81.47 9.90
C VAL V 49 89.08 80.23 10.76
N THR V 50 88.82 79.08 10.15
CA THR V 50 88.87 77.78 10.82
C THR V 50 90.03 76.96 10.29
N VAL V 51 90.56 76.09 11.15
CA VAL V 51 91.64 75.21 10.76
C VAL V 51 91.47 73.90 11.52
N SER V 52 91.54 72.78 10.81
CA SER V 52 91.46 71.47 11.42
C SER V 52 92.36 70.48 10.70
N VAL V 53 92.87 69.51 11.44
CA VAL V 53 93.63 68.42 10.85
C VAL V 53 93.15 67.10 11.43
N SER V 54 92.36 66.38 10.65
CA SER V 54 91.87 65.10 11.10
C SER V 54 93.02 64.14 11.36
N GLN V 55 92.84 63.28 12.32
CA GLN V 55 93.68 62.12 12.53
C GLN V 55 93.39 61.09 11.45
N PRO V 56 94.32 60.21 11.14
CA PRO V 56 94.06 59.21 10.10
C PRO V 56 92.89 58.31 10.45
N SER V 57 92.10 58.00 9.42
CA SER V 57 90.94 57.15 9.57
C SER V 57 91.34 55.68 9.52
N ARG V 58 90.37 54.79 9.35
CA ARG V 58 90.62 53.36 9.41
C ARG V 58 90.99 52.81 8.03
N ASN V 59 92.10 52.08 7.97
CA ASN V 59 92.49 51.23 6.82
C ASN V 59 92.74 52.02 5.54
N ARG V 60 92.56 53.34 5.59
CA ARG V 60 92.98 54.22 4.52
C ARG V 60 93.87 55.32 5.06
N LYS V 61 93.53 55.83 6.25
CA LYS V 61 94.31 56.71 7.10
C LYS V 61 94.47 58.12 6.55
N ASN V 62 94.50 58.28 5.23
CA ASN V 62 94.15 59.53 4.55
C ASN V 62 94.33 60.84 5.34
N TYR V 63 95.53 61.22 5.79
CA TYR V 63 95.63 62.42 6.62
C TYR V 63 95.01 63.60 5.90
N LYS V 64 94.30 64.46 6.65
CA LYS V 64 93.58 65.57 6.04
C LYS V 64 93.64 66.82 6.91
N VAL V 65 93.64 67.98 6.25
CA VAL V 65 93.64 69.28 6.89
C VAL V 65 92.64 70.17 6.19
N GLN V 66 91.93 70.99 6.96
CA GLN V 66 90.93 71.89 6.42
C GLN V 66 91.17 73.31 6.92
N VAL V 67 90.84 74.27 6.07
CA VAL V 67 90.99 75.69 6.37
C VAL V 67 89.78 76.40 5.79
N LYS V 68 88.94 76.95 6.66
CA LYS V 68 87.71 77.63 6.26
C LYS V 68 87.86 79.10 6.61
N ILE V 69 88.02 79.95 5.60
CA ILE V 69 88.03 81.39 5.79
C ILE V 69 86.66 81.91 5.41
N GLN V 70 86.03 82.64 6.33
CA GLN V 70 84.71 83.17 6.13
C GLN V 70 84.75 84.67 6.39
N ASN V 71 84.29 85.44 5.42
CA ASN V 71 84.28 86.90 5.53
C ASN V 71 82.89 87.45 5.32
N PRO V 72 82.22 87.95 6.34
CA PRO V 72 80.90 88.54 6.14
C PRO V 72 80.99 90.02 5.82
N THR V 73 79.83 90.58 5.49
CA THR V 73 79.73 92.00 5.17
C THR V 73 78.26 92.39 5.24
N ALA V 74 77.93 93.36 6.08
CA ALA V 74 76.56 93.76 6.33
C ALA V 74 76.27 95.14 5.74
N CYS V 75 75.02 95.58 5.90
CA CYS V 75 74.65 96.94 5.52
C CYS V 75 73.40 97.30 6.31
N THR V 76 73.52 98.28 7.19
CA THR V 76 72.40 98.71 7.99
C THR V 76 71.30 99.26 7.09
N ALA V 77 70.19 98.54 7.01
CA ALA V 77 69.05 99.02 6.23
C ALA V 77 68.35 100.14 6.97
N ASN V 78 67.57 100.90 6.22
CA ASN V 78 66.82 102.00 6.81
C ASN V 78 65.84 101.45 7.84
N GLY V 79 65.91 101.97 9.05
CA GLY V 79 64.94 101.67 10.09
C GLY V 79 65.32 100.54 11.02
N SER V 80 66.35 99.76 10.71
CA SER V 80 66.76 98.68 11.59
C SER V 80 68.01 99.10 12.35
N CYS V 81 68.02 98.81 13.65
CA CYS V 81 69.19 99.06 14.50
C CYS V 81 70.16 97.90 14.48
N ASP V 82 70.23 97.18 13.36
CA ASP V 82 70.83 95.86 13.36
C ASP V 82 71.62 95.73 12.06
N PRO V 83 72.96 95.81 12.07
CA PRO V 83 73.70 95.65 10.81
C PRO V 83 73.67 94.23 10.32
N SER V 84 72.52 93.81 9.81
CA SER V 84 72.34 92.43 9.38
C SER V 84 73.31 92.08 8.27
N VAL V 85 73.98 90.94 8.41
CA VAL V 85 74.92 90.49 7.39
C VAL V 85 74.13 90.21 6.12
N THR V 86 74.58 90.80 5.02
CA THR V 86 73.92 90.65 3.74
C THR V 86 74.76 89.91 2.71
N ARG V 87 76.05 89.76 2.95
CA ARG V 87 76.91 89.05 2.01
C ARG V 87 77.95 88.28 2.79
N GLN V 88 78.38 87.16 2.22
CA GLN V 88 79.35 86.29 2.90
C GLN V 88 80.24 85.65 1.86
N ALA V 89 81.55 85.72 2.08
CA ALA V 89 82.53 85.10 1.21
C ALA V 89 83.11 83.89 1.90
N TYR V 90 83.24 82.80 1.16
CA TYR V 90 83.66 81.52 1.70
C TYR V 90 84.83 80.98 0.91
N ALA V 91 85.87 80.54 1.62
CA ALA V 91 87.05 79.96 1.02
C ALA V 91 87.44 78.74 1.83
N ASP V 92 87.34 77.56 1.23
CA ASP V 92 87.65 76.32 1.91
C ASP V 92 88.79 75.64 1.18
N VAL V 93 89.91 75.47 1.86
CA VAL V 93 91.02 74.70 1.35
C VAL V 93 91.09 73.41 2.14
N THR V 94 91.42 72.31 1.45
CA THR V 94 91.55 71.03 2.13
C THR V 94 92.73 70.29 1.52
N PHE V 95 93.74 70.06 2.34
CA PHE V 95 94.90 69.26 1.95
C PHE V 95 94.68 67.83 2.35
N SER V 96 95.12 66.91 1.51
CA SER V 96 95.06 65.49 1.80
C SER V 96 96.40 64.86 1.49
N PHE V 97 96.90 64.07 2.43
CA PHE V 97 98.20 63.45 2.32
C PHE V 97 98.07 61.96 2.63
N THR V 98 98.95 61.20 2.00
CA THR V 98 99.11 59.81 2.38
C THR V 98 99.77 59.73 3.73
N GLN V 99 99.40 58.70 4.49
CA GLN V 99 100.01 58.45 5.78
C GLN V 99 101.46 58.01 5.67
N TYR V 100 102.03 58.09 4.48
CA TYR V 100 103.44 57.90 4.24
C TYR V 100 104.07 59.15 3.65
N SER V 101 103.30 60.23 3.54
CA SER V 101 103.79 61.47 2.97
C SER V 101 104.97 62.01 3.76
N THR V 102 105.62 63.01 3.18
CA THR V 102 106.82 63.60 3.75
C THR V 102 106.67 65.11 3.84
N ASP V 103 107.17 65.66 4.95
CA ASP V 103 107.13 67.10 5.15
C ASP V 103 107.67 67.85 3.94
N GLU V 104 108.68 67.29 3.27
CA GLU V 104 109.14 67.87 2.02
C GLU V 104 107.97 68.16 1.10
N GLU V 105 107.24 67.11 0.70
CA GLU V 105 106.11 67.30 -0.21
C GLU V 105 105.08 68.22 0.39
N ARG V 106 104.85 68.10 1.69
CA ARG V 106 103.79 68.89 2.28
C ARG V 106 104.08 70.37 2.09
N ALA V 107 105.28 70.81 2.48
CA ALA V 107 105.64 72.20 2.26
C ALA V 107 105.67 72.54 0.78
N PHE V 108 106.12 71.60 -0.05
CA PHE V 108 106.11 71.82 -1.48
C PHE V 108 104.72 72.23 -1.94
N VAL V 109 103.73 71.43 -1.58
CA VAL V 109 102.36 71.69 -1.99
C VAL V 109 101.86 72.99 -1.40
N ARG V 110 102.17 73.23 -0.13
CA ARG V 110 101.68 74.42 0.53
C ARG V 110 102.16 75.67 -0.18
N THR V 111 103.48 75.78 -0.35
CA THR V 111 104.01 76.97 -0.99
C THR V 111 103.59 77.03 -2.45
N GLU V 112 103.35 75.87 -3.08
CA GLU V 112 102.85 75.89 -4.45
C GLU V 112 101.49 76.55 -4.50
N LEU V 113 100.61 76.18 -3.59
CA LEU V 113 99.30 76.79 -3.56
C LEU V 113 99.43 78.29 -3.30
N ALA V 114 100.33 78.66 -2.40
CA ALA V 114 100.54 80.07 -2.14
C ALA V 114 100.96 80.81 -3.40
N ALA V 115 101.93 80.25 -4.12
CA ALA V 115 102.42 80.92 -5.31
C ALA V 115 101.36 80.97 -6.41
N LEU V 116 100.53 79.93 -6.52
CA LEU V 116 99.39 80.02 -7.41
C LEU V 116 98.51 81.20 -7.03
N LEU V 117 98.13 81.27 -5.76
CA LEU V 117 97.26 82.35 -5.33
C LEU V 117 97.87 83.72 -5.59
N ALA V 118 99.19 83.80 -5.71
CA ALA V 118 99.84 85.06 -6.05
C ALA V 118 100.01 85.27 -7.55
N SER V 119 99.97 84.21 -8.35
CA SER V 119 100.28 84.34 -9.77
C SER V 119 99.18 85.10 -10.50
N PRO V 120 99.48 85.60 -11.71
CA PRO V 120 98.44 86.26 -12.50
C PRO V 120 97.25 85.38 -12.77
N LEU V 121 97.47 84.08 -12.88
CA LEU V 121 96.39 83.18 -13.24
C LEU V 121 95.24 83.29 -12.27
N LEU V 122 95.44 82.87 -11.02
CA LEU V 122 94.34 82.92 -10.07
C LEU V 122 93.92 84.35 -9.80
N ILE V 123 94.84 85.30 -9.90
CA ILE V 123 94.48 86.71 -9.74
C ILE V 123 93.26 87.02 -10.59
N ASP V 124 93.39 86.86 -11.90
CA ASP V 124 92.29 87.20 -12.78
C ASP V 124 91.21 86.13 -12.77
N ALA V 125 91.53 84.92 -12.31
CA ALA V 125 90.51 83.89 -12.20
C ALA V 125 89.55 84.20 -11.07
N ILE V 126 89.99 84.94 -10.08
CA ILE V 126 89.23 85.18 -8.87
C ILE V 126 88.75 86.62 -8.80
N ASP V 127 89.69 87.55 -8.70
CA ASP V 127 89.32 88.93 -8.48
C ASP V 127 88.39 89.45 -9.57
N GLN V 128 88.50 88.91 -10.77
CA GLN V 128 87.62 89.29 -11.85
C GLN V 128 86.70 88.18 -12.31
N LEU V 129 86.78 86.99 -11.71
CA LEU V 129 85.92 85.87 -12.05
C LEU V 129 85.96 85.59 -13.55
N ASN V 130 87.18 85.45 -14.07
CA ASN V 130 87.38 85.20 -15.50
C ASN V 130 87.76 83.75 -15.69
N PRO V 131 86.95 82.95 -16.38
CA PRO V 131 87.38 81.57 -16.67
C PRO V 131 88.72 81.54 -17.37
N ALA V 132 89.56 80.62 -16.91
CA ALA V 132 90.88 80.47 -17.49
C ALA V 132 90.77 79.77 -18.83
N TYR V 133 91.41 80.34 -19.84
CA TYR V 133 91.42 79.76 -21.18
C TYR V 133 92.13 80.69 -22.13
N ALA W 2 56.49 105.26 -56.12
CA ALA W 2 55.04 105.09 -56.41
C ALA W 2 54.20 105.96 -55.48
N LYS W 3 54.45 107.26 -55.49
CA LYS W 3 53.72 108.15 -54.62
C LYS W 3 52.25 108.16 -54.99
N LEU W 4 51.40 108.33 -53.98
CA LEU W 4 49.96 108.33 -54.16
C LEU W 4 49.47 109.76 -54.23
N GLU W 5 48.69 110.07 -55.25
CA GLU W 5 48.12 111.41 -55.38
C GLU W 5 47.02 111.38 -56.42
N THR W 6 46.60 112.57 -56.84
CA THR W 6 45.49 112.71 -57.78
C THR W 6 45.96 112.37 -59.20
N VAL W 7 45.20 111.52 -59.87
CA VAL W 7 45.49 111.15 -61.24
C VAL W 7 44.43 111.77 -62.14
N THR W 8 44.86 112.52 -63.13
CA THR W 8 43.98 113.28 -63.99
C THR W 8 44.05 112.65 -65.38
N LEU W 9 43.21 111.66 -65.60
CA LEU W 9 43.34 110.85 -66.79
C LEU W 9 42.41 111.43 -67.84
N GLY W 10 42.99 111.89 -68.95
CA GLY W 10 42.23 112.56 -69.99
C GLY W 10 42.06 111.75 -71.26
N ASN W 11 41.18 112.22 -72.13
CA ASN W 11 40.94 111.61 -73.42
C ASN W 11 40.50 110.16 -73.27
N ILE W 12 39.35 110.03 -72.63
CA ILE W 12 38.68 108.77 -72.39
C ILE W 12 37.39 108.73 -73.19
N GLY W 13 36.93 107.52 -73.46
CA GLY W 13 35.74 107.30 -74.25
C GLY W 13 36.07 106.66 -75.58
N LYS W 14 35.07 106.67 -76.45
CA LYS W 14 35.23 106.13 -77.79
C LYS W 14 35.76 107.22 -78.70
N ASP W 15 35.21 108.42 -78.53
CA ASP W 15 35.77 109.61 -79.12
C ASP W 15 36.85 110.25 -78.24
N GLY W 16 37.13 109.68 -77.08
CA GLY W 16 38.24 110.15 -76.27
C GLY W 16 38.12 111.60 -75.86
N LYS W 17 37.05 111.93 -75.15
CA LYS W 17 36.81 113.30 -74.72
C LYS W 17 36.57 113.42 -73.22
N GLN W 18 36.05 112.40 -72.56
CA GLN W 18 35.83 112.49 -71.13
C GLN W 18 37.15 112.49 -70.37
N THR W 19 37.05 112.73 -69.07
CA THR W 19 38.19 112.78 -68.19
C THR W 19 37.78 112.25 -66.82
N LEU W 20 38.71 111.58 -66.17
CA LEU W 20 38.44 110.91 -64.91
C LEU W 20 39.49 111.34 -63.90
N VAL W 21 39.04 111.84 -62.77
CA VAL W 21 39.94 112.32 -61.72
C VAL W 21 39.87 111.33 -60.58
N LEU W 22 41.00 110.69 -60.30
CA LEU W 22 41.12 109.71 -59.23
C LEU W 22 41.82 110.33 -58.04
N ASN W 23 41.16 110.36 -56.95
CA ASN W 23 41.75 110.70 -55.67
C ASN W 23 42.24 109.45 -54.98
N PRO W 24 43.35 109.54 -54.25
CA PRO W 24 43.86 108.37 -53.54
C PRO W 24 43.03 108.08 -52.29
N ARG W 25 43.30 106.91 -51.73
CA ARG W 25 42.60 106.45 -50.55
C ARG W 25 43.62 105.80 -49.63
N GLY W 26 43.17 105.02 -48.66
CA GLY W 26 44.06 104.32 -47.73
C GLY W 26 44.52 102.99 -48.31
N VAL W 27 45.77 102.65 -48.04
CA VAL W 27 46.36 101.42 -48.55
C VAL W 27 45.94 100.27 -47.63
N ASN W 28 45.28 99.28 -48.20
CA ASN W 28 44.79 98.17 -47.40
C ASN W 28 45.92 97.51 -46.61
N PRO W 29 45.97 97.69 -45.31
CA PRO W 29 47.05 97.06 -44.54
C PRO W 29 47.04 95.55 -44.61
N THR W 30 45.88 94.92 -44.66
CA THR W 30 45.85 93.46 -44.57
C THR W 30 46.53 92.78 -45.73
N ASN W 31 46.63 93.45 -46.88
CA ASN W 31 47.36 92.85 -47.99
C ASN W 31 48.17 93.86 -48.80
N GLY W 32 48.32 95.09 -48.34
CA GLY W 32 49.16 96.05 -49.04
C GLY W 32 48.66 96.38 -50.42
N VAL W 33 47.53 97.08 -50.49
CA VAL W 33 46.92 97.47 -51.75
C VAL W 33 46.52 98.93 -51.68
N ALA W 34 47.04 99.73 -52.60
CA ALA W 34 46.61 101.11 -52.70
C ALA W 34 45.34 101.19 -53.54
N SER W 35 44.57 102.23 -53.30
CA SER W 35 43.28 102.39 -53.96
C SER W 35 43.06 103.84 -54.37
N LEU W 36 42.39 103.99 -55.50
CA LEU W 36 42.02 105.27 -56.06
C LEU W 36 40.54 105.24 -56.36
N SER W 37 39.90 106.39 -56.29
CA SER W 37 38.46 106.43 -56.56
C SER W 37 38.09 107.76 -57.17
N GLN W 38 36.91 107.80 -57.77
CA GLN W 38 36.43 108.98 -58.46
C GLN W 38 36.56 110.21 -57.59
N ALA W 39 36.54 111.40 -58.21
CA ALA W 39 36.62 112.64 -57.45
C ALA W 39 35.63 112.68 -56.31
N GLY W 40 34.51 112.00 -56.45
CA GLY W 40 33.47 112.00 -55.44
C GLY W 40 32.23 112.74 -55.93
N ALA W 41 31.24 112.83 -55.04
CA ALA W 41 31.32 112.29 -53.69
C ALA W 41 30.99 110.80 -53.64
N VAL W 42 29.73 110.46 -53.89
CA VAL W 42 29.34 109.04 -53.84
C VAL W 42 30.13 108.21 -54.82
N PRO W 43 30.41 108.68 -56.04
CA PRO W 43 31.26 107.89 -56.93
C PRO W 43 32.61 107.53 -56.32
N ALA W 44 33.04 108.27 -55.29
CA ALA W 44 34.22 107.87 -54.54
C ALA W 44 34.04 106.49 -53.92
N LEU W 45 32.80 106.16 -53.55
CA LEU W 45 32.45 104.83 -53.07
C LEU W 45 31.77 103.97 -54.13
N GLU W 46 31.99 104.27 -55.42
CA GLU W 46 31.54 103.40 -56.50
C GLU W 46 32.68 103.01 -57.45
N LYS W 47 33.36 103.98 -58.05
CA LYS W 47 34.45 103.66 -58.96
C LYS W 47 35.74 103.42 -58.19
N ARG W 48 36.46 102.34 -58.54
CA ARG W 48 37.63 101.95 -57.77
C ARG W 48 38.76 101.51 -58.70
N VAL W 49 39.99 101.74 -58.25
CA VAL W 49 41.18 101.31 -58.97
C VAL W 49 42.22 100.90 -57.95
N THR W 50 42.53 99.61 -57.88
CA THR W 50 43.44 99.08 -56.89
C THR W 50 44.77 98.69 -57.52
N VAL W 51 45.85 98.90 -56.77
CA VAL W 51 47.20 98.62 -57.23
C VAL W 51 47.95 97.89 -56.13
N SER W 52 48.69 96.86 -56.50
CA SER W 52 49.52 96.13 -55.55
C SER W 52 50.73 95.57 -56.25
N VAL W 53 51.80 95.37 -55.47
CA VAL W 53 53.02 94.75 -55.98
C VAL W 53 53.48 93.76 -54.90
N SER W 54 53.17 92.49 -55.10
CA SER W 54 53.60 91.45 -54.19
C SER W 54 55.03 91.05 -54.49
N GLN W 55 55.82 90.94 -53.42
CA GLN W 55 57.25 90.69 -53.47
C GLN W 55 57.53 89.19 -53.61
N PRO W 56 58.75 88.83 -54.02
CA PRO W 56 59.12 87.41 -54.09
C PRO W 56 59.04 86.72 -52.73
N SER W 57 58.67 85.45 -52.77
CA SER W 57 58.72 84.54 -51.62
C SER W 57 58.49 83.12 -52.11
N ARG W 58 58.18 82.20 -51.19
CA ARG W 58 57.85 80.84 -51.62
C ARG W 58 56.75 80.85 -52.67
N ASN W 59 55.63 81.53 -52.39
CA ASN W 59 54.55 81.60 -53.37
C ASN W 59 54.99 82.39 -54.60
N ARG W 60 55.58 83.57 -54.37
CA ARG W 60 55.85 84.55 -55.41
C ARG W 60 57.34 84.58 -55.75
N LYS W 61 57.71 84.64 -57.03
CA LYS W 61 59.09 84.33 -57.37
C LYS W 61 60.00 85.44 -57.91
N ASN W 62 59.75 86.10 -59.06
CA ASN W 62 58.51 86.43 -59.76
C ASN W 62 57.63 87.40 -58.99
N TYR W 63 58.13 88.63 -58.86
CA TYR W 63 57.31 89.76 -58.47
C TYR W 63 56.00 89.74 -59.23
N LYS W 64 54.92 90.13 -58.57
CA LYS W 64 53.60 90.17 -59.20
C LYS W 64 52.99 91.54 -58.99
N VAL W 65 52.73 92.26 -60.08
CA VAL W 65 52.11 93.58 -60.01
C VAL W 65 50.69 93.45 -60.53
N GLN W 66 49.73 93.79 -59.67
CA GLN W 66 48.32 93.61 -59.95
C GLN W 66 47.63 94.97 -59.97
N VAL W 67 46.85 95.20 -61.03
CA VAL W 67 46.07 96.42 -61.18
C VAL W 67 44.64 96.00 -61.48
N LYS W 68 43.72 96.29 -60.56
CA LYS W 68 42.32 96.01 -60.77
C LYS W 68 41.56 97.31 -60.97
N ILE W 69 40.58 97.29 -61.86
CA ILE W 69 39.76 98.44 -62.17
C ILE W 69 38.31 98.00 -62.11
N GLN W 70 37.48 98.79 -61.43
CA GLN W 70 36.08 98.40 -61.22
C GLN W 70 35.19 99.62 -61.37
N ASN W 71 34.23 99.54 -62.29
CA ASN W 71 33.28 100.61 -62.56
C ASN W 71 31.87 100.06 -62.50
N PRO W 72 31.09 100.40 -61.50
CA PRO W 72 29.70 99.95 -61.48
C PRO W 72 28.80 100.97 -62.13
N THR W 73 27.95 100.53 -63.05
CA THR W 73 26.89 101.40 -63.55
C THR W 73 25.65 101.19 -62.70
N ALA W 74 25.10 102.29 -62.20
CA ALA W 74 23.90 102.26 -61.39
C ALA W 74 22.86 103.14 -62.02
N CYS W 75 21.66 103.06 -61.47
CA CYS W 75 20.55 103.89 -61.94
C CYS W 75 19.56 104.03 -60.79
N THR W 76 18.69 105.01 -60.91
CA THR W 76 17.66 105.26 -59.91
C THR W 76 16.30 104.94 -60.51
N ALA W 77 15.59 104.00 -59.90
CA ALA W 77 14.24 103.70 -60.32
C ALA W 77 13.38 104.95 -60.25
N ASN W 78 12.45 105.07 -61.18
CA ASN W 78 11.65 106.27 -61.24
C ASN W 78 10.70 106.30 -60.06
N GLY W 79 11.23 106.72 -58.91
CA GLY W 79 10.44 106.79 -57.70
C GLY W 79 11.24 106.51 -56.44
N SER W 80 12.39 105.86 -56.55
CA SER W 80 13.30 105.78 -55.42
C SER W 80 14.16 107.05 -55.40
N CYS W 81 15.12 107.12 -54.48
CA CYS W 81 16.10 108.20 -54.52
C CYS W 81 17.49 107.60 -54.60
N ASP W 82 17.75 106.67 -53.71
CA ASP W 82 19.05 106.02 -53.64
C ASP W 82 19.32 105.25 -54.94
N PRO W 83 20.37 105.60 -55.69
CA PRO W 83 20.66 104.82 -56.90
C PRO W 83 21.26 103.46 -56.57
N SER W 84 20.83 102.45 -57.32
CA SER W 84 21.29 101.08 -57.12
C SER W 84 22.12 100.64 -58.31
N VAL W 85 23.14 99.82 -58.04
CA VAL W 85 24.03 99.35 -59.09
C VAL W 85 23.35 98.23 -59.85
N THR W 86 23.20 98.42 -61.16
CA THR W 86 22.60 97.40 -62.01
C THR W 86 23.62 96.67 -62.87
N ARG W 87 24.84 97.21 -62.98
CA ARG W 87 25.90 96.61 -63.76
C ARG W 87 27.21 96.84 -63.04
N GLN W 88 28.18 95.98 -63.29
CA GLN W 88 29.51 96.27 -62.79
C GLN W 88 30.54 95.66 -63.73
N ALA W 89 31.26 96.54 -64.43
CA ALA W 89 32.34 96.13 -65.32
C ALA W 89 33.64 96.22 -64.56
N TYR W 90 34.58 95.35 -64.89
CA TYR W 90 35.85 95.44 -64.22
C TYR W 90 36.87 94.60 -64.94
N ALA W 91 38.13 95.03 -64.86
CA ALA W 91 39.22 94.37 -65.52
C ALA W 91 40.39 94.23 -64.56
N ASP W 92 41.25 93.28 -64.83
CA ASP W 92 42.39 93.02 -63.97
C ASP W 92 43.62 92.77 -64.84
N VAL W 93 44.71 93.39 -64.47
CA VAL W 93 45.97 93.27 -65.19
C VAL W 93 46.98 92.69 -64.23
N THR W 94 47.74 91.69 -64.68
CA THR W 94 48.66 90.95 -63.84
C THR W 94 50.00 90.82 -64.55
N PHE W 95 50.98 91.60 -64.11
CA PHE W 95 52.34 91.49 -64.61
C PHE W 95 53.13 90.56 -63.70
N SER W 96 53.81 89.59 -64.30
CA SER W 96 54.63 88.65 -63.56
C SER W 96 56.06 88.82 -64.05
N PHE W 97 56.93 89.38 -63.20
CA PHE W 97 58.29 89.70 -63.59
C PHE W 97 59.27 88.89 -62.76
N THR W 98 60.30 88.38 -63.43
CA THR W 98 61.26 87.56 -62.73
C THR W 98 62.22 88.42 -61.92
N GLN W 99 62.96 87.74 -61.04
CA GLN W 99 63.80 88.44 -60.08
C GLN W 99 64.87 89.27 -60.79
N TYR W 100 65.50 88.70 -61.80
CA TYR W 100 66.54 89.41 -62.54
C TYR W 100 65.97 90.33 -63.59
N SER W 101 64.67 90.58 -63.56
CA SER W 101 64.05 91.42 -64.57
C SER W 101 64.77 92.76 -64.65
N THR W 102 64.58 93.46 -65.76
CA THR W 102 65.17 94.77 -65.96
C THR W 102 64.09 95.80 -66.16
N ASP W 103 64.32 96.98 -65.58
CA ASP W 103 63.40 98.09 -65.81
C ASP W 103 63.15 98.32 -67.29
N GLU W 104 64.18 98.16 -68.12
CA GLU W 104 63.99 98.28 -69.56
C GLU W 104 62.86 97.39 -70.03
N GLU W 105 62.98 96.08 -69.80
CA GLU W 105 61.97 95.16 -70.27
C GLU W 105 60.63 95.47 -69.63
N ARG W 106 60.65 95.89 -68.37
CA ARG W 106 59.38 96.17 -67.71
C ARG W 106 58.63 97.28 -68.43
N ALA W 107 59.28 98.41 -68.64
CA ALA W 107 58.63 99.50 -69.36
C ALA W 107 58.27 99.06 -70.77
N PHE W 108 59.09 98.18 -71.34
CA PHE W 108 58.81 97.66 -72.66
C PHE W 108 57.46 96.97 -72.69
N VAL W 109 57.26 95.99 -71.82
CA VAL W 109 56.00 95.25 -71.81
C VAL W 109 54.87 96.19 -71.42
N ARG W 110 55.15 97.12 -70.54
CA ARG W 110 54.15 98.09 -70.12
C ARG W 110 53.57 98.81 -71.32
N THR W 111 54.42 99.59 -71.99
CA THR W 111 53.92 100.34 -73.13
C THR W 111 53.43 99.41 -74.22
N GLU W 112 53.91 98.18 -74.26
CA GLU W 112 53.42 97.25 -75.26
C GLU W 112 51.96 96.95 -75.01
N LEU W 113 51.63 96.64 -73.77
CA LEU W 113 50.23 96.43 -73.41
C LEU W 113 49.43 97.69 -73.68
N ALA W 114 50.01 98.85 -73.38
CA ALA W 114 49.31 100.10 -73.62
C ALA W 114 48.93 100.22 -75.08
N ALA W 115 49.90 100.06 -75.96
CA ALA W 115 49.66 100.36 -77.36
C ALA W 115 48.83 99.28 -78.02
N LEU W 116 48.98 98.01 -77.61
CA LEU W 116 48.04 97.01 -78.08
C LEU W 116 46.63 97.40 -77.65
N LEU W 117 46.50 97.85 -76.41
CA LEU W 117 45.19 98.20 -75.89
C LEU W 117 44.60 99.35 -76.69
N ALA W 118 45.45 100.23 -77.21
CA ALA W 118 44.97 101.31 -78.06
C ALA W 118 44.87 100.92 -79.53
N SER W 119 45.28 99.72 -79.89
CA SER W 119 45.26 99.32 -81.29
C SER W 119 43.88 98.84 -81.73
N PRO W 120 43.57 98.95 -83.02
CA PRO W 120 42.23 98.55 -83.49
C PRO W 120 41.82 97.16 -83.08
N LEU W 121 42.76 96.22 -83.02
CA LEU W 121 42.38 94.86 -82.66
C LEU W 121 41.62 94.84 -81.36
N LEU W 122 42.19 95.41 -80.32
CA LEU W 122 41.52 95.38 -79.03
C LEU W 122 40.36 96.35 -79.00
N ILE W 123 40.46 97.46 -79.74
CA ILE W 123 39.27 98.27 -80.00
C ILE W 123 38.08 97.38 -80.23
N ASP W 124 38.13 96.58 -81.29
CA ASP W 124 36.93 95.83 -81.66
C ASP W 124 36.71 94.70 -80.68
N ALA W 125 37.78 94.02 -80.28
CA ALA W 125 37.65 92.86 -79.43
C ALA W 125 37.01 93.19 -78.10
N ILE W 126 37.07 94.45 -77.69
CA ILE W 126 36.56 94.84 -76.39
C ILE W 126 35.23 95.55 -76.63
N ASP W 127 35.28 96.64 -77.37
CA ASP W 127 34.12 97.51 -77.47
C ASP W 127 32.97 96.81 -78.16
N GLN W 128 33.29 95.96 -79.13
CA GLN W 128 32.27 95.18 -79.82
C GLN W 128 32.27 93.71 -79.42
N LEU W 129 33.26 93.27 -78.66
CA LEU W 129 33.38 91.87 -78.31
C LEU W 129 33.41 90.99 -79.54
N ASN W 130 34.16 91.40 -80.55
CA ASN W 130 34.30 90.56 -81.73
C ASN W 130 35.61 89.80 -81.59
N PRO W 131 35.62 88.48 -81.66
CA PRO W 131 36.90 87.79 -81.69
C PRO W 131 37.61 88.03 -83.00
N ALA W 132 38.90 87.80 -82.99
CA ALA W 132 39.73 88.10 -84.15
C ALA W 132 39.46 87.05 -85.22
N TYR W 133 38.66 87.41 -86.21
CA TYR W 133 38.45 86.54 -87.36
C TYR W 133 38.08 87.37 -88.57
N ALA X 2 61.17 109.80 -38.26
CA ALA X 2 62.06 108.92 -39.08
C ALA X 2 61.64 108.96 -40.54
N LYS X 3 61.39 110.17 -41.01
CA LYS X 3 60.93 110.37 -42.38
C LYS X 3 61.80 109.58 -43.33
N LEU X 4 61.18 108.85 -44.25
CA LEU X 4 61.95 108.17 -45.27
C LEU X 4 62.67 109.19 -46.13
N GLU X 5 63.90 108.86 -46.53
CA GLU X 5 64.73 109.80 -47.24
C GLU X 5 66.02 109.10 -47.67
N THR X 6 66.61 109.59 -48.74
CA THR X 6 67.84 109.00 -49.28
C THR X 6 68.96 109.02 -48.27
N VAL X 7 69.48 107.84 -47.93
CA VAL X 7 70.56 107.72 -46.97
C VAL X 7 71.88 107.79 -47.71
N THR X 8 72.77 108.66 -47.24
CA THR X 8 74.10 108.81 -47.80
C THR X 8 75.09 108.36 -46.73
N LEU X 9 75.50 107.11 -46.83
CA LEU X 9 76.45 106.54 -45.88
C LEU X 9 77.85 106.92 -46.30
N GLY X 10 78.62 107.49 -45.39
CA GLY X 10 79.88 108.11 -45.73
C GLY X 10 81.01 107.13 -45.92
N ASN X 11 82.17 107.42 -45.36
CA ASN X 11 83.34 106.57 -45.55
C ASN X 11 83.03 105.16 -45.07
N ILE X 12 83.36 104.18 -45.91
CA ILE X 12 82.78 102.85 -45.81
C ILE X 12 83.78 101.85 -46.39
N GLY X 13 84.16 100.86 -45.59
CA GLY X 13 84.95 99.73 -46.05
C GLY X 13 86.16 99.51 -45.15
N LYS X 14 87.05 98.63 -45.60
CA LYS X 14 88.30 98.45 -44.88
C LYS X 14 89.03 99.77 -44.77
N ASP X 15 89.46 100.29 -45.91
CA ASP X 15 90.14 101.56 -45.99
C ASP X 15 89.24 102.74 -45.73
N GLY X 16 87.92 102.54 -45.64
CA GLY X 16 87.02 103.62 -45.37
C GLY X 16 87.11 104.71 -46.41
N LYS X 17 86.78 104.36 -47.65
CA LYS X 17 86.82 105.33 -48.74
C LYS X 17 85.59 105.30 -49.62
N GLN X 18 84.81 104.23 -49.63
CA GLN X 18 83.65 104.19 -50.49
C GLN X 18 82.47 104.87 -49.81
N THR X 19 81.38 105.02 -50.55
CA THR X 19 80.17 105.63 -50.01
C THR X 19 78.96 104.97 -50.62
N LEU X 20 77.85 105.03 -49.91
CA LEU X 20 76.64 104.32 -50.32
C LEU X 20 75.47 105.29 -50.37
N VAL X 21 74.59 105.07 -51.34
CA VAL X 21 73.42 105.92 -51.54
C VAL X 21 72.22 105.01 -51.64
N LEU X 22 71.42 104.97 -50.58
CA LEU X 22 70.24 104.12 -50.51
C LEU X 22 69.01 104.97 -50.69
N ASN X 23 68.24 104.70 -51.73
CA ASN X 23 67.08 105.52 -52.01
C ASN X 23 65.84 104.96 -51.31
N PRO X 24 64.92 105.84 -50.92
CA PRO X 24 63.72 105.40 -50.18
C PRO X 24 62.75 104.69 -51.10
N ARG X 25 62.59 103.39 -50.89
CA ARG X 25 61.70 102.61 -51.75
C ARG X 25 60.26 102.73 -51.29
N GLY X 26 59.96 102.24 -50.09
CA GLY X 26 58.60 102.25 -49.61
C GLY X 26 58.51 101.60 -48.26
N VAL X 27 57.28 101.26 -47.87
CA VAL X 27 57.04 100.65 -46.57
C VAL X 27 55.96 99.60 -46.73
N ASN X 28 56.32 98.35 -46.58
CA ASN X 28 55.34 97.29 -46.66
C ASN X 28 54.51 97.30 -45.39
N PRO X 29 53.20 97.50 -45.48
CA PRO X 29 52.38 97.52 -44.26
C PRO X 29 52.21 96.14 -43.65
N THR X 30 52.11 95.12 -44.50
CA THR X 30 51.82 93.78 -43.99
C THR X 30 52.60 93.49 -42.73
N ASN X 31 53.80 94.03 -42.63
CA ASN X 31 54.62 93.88 -41.45
C ASN X 31 55.16 95.21 -40.95
N GLY X 32 54.70 96.33 -41.51
CA GLY X 32 55.18 97.62 -41.12
C GLY X 32 56.69 97.70 -41.18
N VAL X 33 57.26 97.53 -42.38
CA VAL X 33 58.69 97.48 -42.56
C VAL X 33 59.07 98.43 -43.68
N ALA X 34 59.93 99.39 -43.38
CA ALA X 34 60.38 100.34 -44.39
C ALA X 34 61.65 99.81 -45.03
N SER X 35 61.74 99.98 -46.35
CA SER X 35 62.82 99.41 -47.14
C SER X 35 63.61 100.50 -47.84
N LEU X 36 64.92 100.32 -47.87
CA LEU X 36 65.84 101.17 -48.60
C LEU X 36 66.63 100.30 -49.55
N SER X 37 67.03 100.88 -50.68
CA SER X 37 67.78 100.13 -51.66
C SER X 37 68.67 101.07 -52.47
N GLN X 38 69.83 100.53 -52.83
CA GLN X 38 70.79 101.26 -53.65
C GLN X 38 70.26 101.48 -55.05
N ALA X 39 70.67 102.58 -55.66
CA ALA X 39 70.25 102.90 -57.02
C ALA X 39 70.72 101.82 -57.98
N GLY X 40 69.79 101.19 -58.66
CA GLY X 40 70.12 100.17 -59.63
C GLY X 40 68.93 99.89 -60.51
N ALA X 41 69.00 98.78 -61.24
CA ALA X 41 67.90 98.40 -62.12
C ALA X 41 67.42 96.98 -61.82
N VAL X 42 68.37 96.08 -61.60
CA VAL X 42 68.05 94.68 -61.38
C VAL X 42 67.71 94.50 -59.91
N PRO X 43 66.49 94.09 -59.56
CA PRO X 43 66.17 93.92 -58.14
C PRO X 43 67.12 93.00 -57.42
N ALA X 44 67.58 91.94 -58.07
CA ALA X 44 68.45 90.97 -57.42
C ALA X 44 69.91 91.37 -57.44
N LEU X 45 70.21 92.62 -57.79
CA LEU X 45 71.58 93.12 -57.82
C LEU X 45 71.66 94.38 -56.99
N GLU X 46 71.09 94.31 -55.80
CA GLU X 46 70.74 95.47 -55.00
C GLU X 46 71.23 95.33 -53.57
N LYS X 47 71.93 96.36 -53.09
CA LYS X 47 72.16 96.49 -51.67
C LYS X 47 70.89 96.99 -51.01
N ARG X 48 70.39 96.26 -50.03
CA ARG X 48 69.08 96.54 -49.46
C ARG X 48 69.14 96.63 -47.94
N VAL X 49 68.21 97.41 -47.39
CA VAL X 49 68.14 97.69 -45.96
C VAL X 49 66.68 97.70 -45.55
N THR X 50 66.40 97.18 -44.35
CA THR X 50 65.03 97.07 -43.87
C THR X 50 64.99 97.45 -42.41
N VAL X 51 64.00 98.26 -42.04
CA VAL X 51 63.82 98.70 -40.66
C VAL X 51 62.40 98.43 -40.24
N SER X 52 62.23 97.85 -39.06
CA SER X 52 60.93 97.50 -38.54
C SER X 52 60.85 97.81 -37.06
N VAL X 53 59.71 98.33 -36.64
CA VAL X 53 59.50 98.85 -35.30
C VAL X 53 58.27 98.16 -34.75
N SER X 54 58.45 97.08 -34.03
CA SER X 54 57.34 96.30 -33.50
C SER X 54 56.97 96.81 -32.12
N GLN X 55 55.74 97.27 -31.99
CA GLN X 55 55.18 97.80 -30.78
C GLN X 55 54.89 96.69 -29.77
N PRO X 56 54.70 97.03 -28.51
CA PRO X 56 54.66 96.01 -27.46
C PRO X 56 53.33 95.28 -27.48
N SER X 57 53.21 94.26 -28.32
CA SER X 57 51.93 93.59 -28.45
C SER X 57 51.43 93.10 -27.11
N ARG X 58 50.16 92.69 -27.09
CA ARG X 58 49.63 92.00 -25.94
C ARG X 58 50.40 90.73 -25.63
N ASN X 59 51.11 90.20 -26.61
CA ASN X 59 51.94 89.01 -26.43
C ASN X 59 53.40 89.32 -26.18
N ARG X 60 53.82 90.56 -26.46
CA ARG X 60 55.23 90.91 -26.40
C ARG X 60 55.58 91.72 -25.16
N LYS X 61 54.88 92.84 -24.96
CA LYS X 61 55.15 93.70 -23.81
C LYS X 61 56.57 94.23 -23.89
N ASN X 62 57.10 94.35 -25.10
CA ASN X 62 58.48 94.79 -25.27
C ASN X 62 58.66 95.39 -26.65
N TYR X 63 59.17 96.62 -26.68
CA TYR X 63 59.50 97.25 -27.94
C TYR X 63 60.59 96.46 -28.63
N LYS X 64 60.42 96.20 -29.91
CA LYS X 64 61.45 95.53 -30.70
C LYS X 64 61.76 96.38 -31.92
N VAL X 65 63.01 96.35 -32.34
CA VAL X 65 63.42 97.06 -33.54
C VAL X 65 64.36 96.16 -34.31
N GLN X 66 63.92 95.73 -35.48
CA GLN X 66 64.68 94.85 -36.35
C GLN X 66 65.26 95.66 -37.49
N VAL X 67 66.53 95.42 -37.79
CA VAL X 67 67.17 96.05 -38.94
C VAL X 67 67.95 95.00 -39.68
N LYS X 68 67.57 94.76 -40.93
CA LYS X 68 68.23 93.76 -41.77
C LYS X 68 68.98 94.47 -42.88
N ILE X 69 70.21 94.04 -43.11
CA ILE X 69 71.05 94.55 -44.19
C ILE X 69 71.41 93.37 -45.07
N GLN X 70 71.24 93.54 -46.38
CA GLN X 70 71.59 92.50 -47.33
C GLN X 70 72.46 93.10 -48.43
N ASN X 71 73.56 92.44 -48.74
CA ASN X 71 74.40 92.86 -49.85
C ASN X 71 74.70 91.65 -50.73
N PRO X 72 74.20 91.62 -51.96
CA PRO X 72 74.54 90.54 -52.87
C PRO X 72 75.74 90.87 -53.73
N THR X 73 76.31 89.83 -54.33
CA THR X 73 77.51 89.96 -55.15
C THR X 73 77.13 89.75 -56.61
N ALA X 74 77.69 90.60 -57.49
CA ALA X 74 77.35 90.54 -58.90
C ALA X 74 77.80 89.24 -59.53
N CYS X 75 79.10 88.94 -59.45
CA CYS X 75 79.63 87.69 -60.00
C CYS X 75 79.32 87.63 -61.50
N THR X 76 79.65 88.73 -62.19
CA THR X 76 79.25 88.92 -63.58
C THR X 76 80.04 88.01 -64.51
N ALA X 77 79.33 87.27 -65.35
CA ALA X 77 79.94 86.40 -66.35
C ALA X 77 80.31 87.21 -67.59
N ASN X 78 81.33 86.75 -68.31
CA ASN X 78 81.79 87.43 -69.51
C ASN X 78 80.92 87.00 -70.70
N GLY X 79 79.74 87.61 -70.75
CA GLY X 79 78.77 87.36 -71.80
C GLY X 79 77.57 86.60 -71.26
N SER X 80 76.72 86.15 -72.18
CA SER X 80 75.73 85.09 -71.99
C SER X 80 74.53 85.45 -71.13
N CYS X 81 74.62 86.51 -70.32
CA CYS X 81 73.45 87.24 -69.82
C CYS X 81 73.94 88.27 -68.81
N ASP X 82 72.99 88.98 -68.19
CA ASP X 82 73.32 89.82 -67.06
C ASP X 82 73.86 88.98 -65.92
N PRO X 83 74.58 89.60 -64.99
CA PRO X 83 75.17 88.83 -63.89
C PRO X 83 74.11 88.05 -63.11
N SER X 84 74.60 87.13 -62.29
CA SER X 84 73.74 86.34 -61.42
C SER X 84 74.32 86.33 -60.01
N VAL X 85 73.43 86.22 -59.03
CA VAL X 85 73.84 86.24 -57.64
C VAL X 85 74.59 84.96 -57.31
N THR X 86 75.66 85.08 -56.54
CA THR X 86 76.38 83.89 -56.06
C THR X 86 76.58 83.95 -54.56
N ARG X 87 76.74 85.15 -54.02
CA ARG X 87 77.02 85.33 -52.61
C ARG X 87 76.17 86.48 -52.08
N GLN X 88 75.78 86.36 -50.82
CA GLN X 88 74.88 87.34 -50.23
C GLN X 88 75.19 87.47 -48.75
N ALA X 89 75.77 88.59 -48.36
CA ALA X 89 76.05 88.85 -46.96
C ALA X 89 74.78 89.34 -46.30
N TYR X 90 74.40 88.67 -45.20
CA TYR X 90 73.28 89.09 -44.37
C TYR X 90 73.77 89.66 -43.06
N ALA X 91 73.03 90.64 -42.55
CA ALA X 91 73.24 91.17 -41.23
C ALA X 91 71.88 91.47 -40.63
N ASP X 92 71.72 91.16 -39.34
CA ASP X 92 70.43 91.38 -38.67
C ASP X 92 70.69 91.87 -37.26
N VAL X 93 70.19 93.05 -36.95
CA VAL X 93 70.30 93.63 -35.62
C VAL X 93 68.92 93.66 -34.99
N THR X 94 68.86 93.36 -33.70
CA THR X 94 67.61 93.16 -33.00
C THR X 94 67.68 93.89 -31.65
N PHE X 95 67.21 95.13 -31.64
CA PHE X 95 67.11 95.88 -30.41
C PHE X 95 65.84 95.50 -29.65
N SER X 96 65.97 95.34 -28.34
CA SER X 96 64.82 95.06 -27.49
C SER X 96 64.83 96.03 -26.33
N PHE X 97 63.66 96.58 -26.01
CA PHE X 97 63.53 97.52 -24.92
C PHE X 97 62.24 97.29 -24.16
N THR X 98 62.24 97.75 -22.92
CA THR X 98 61.09 97.62 -22.04
C THR X 98 60.13 98.78 -22.25
N GLN X 99 58.88 98.53 -21.90
CA GLN X 99 57.87 99.57 -21.98
C GLN X 99 58.30 100.79 -21.18
N TYR X 100 59.09 100.57 -20.13
CA TYR X 100 59.58 101.63 -19.28
C TYR X 100 61.01 102.04 -19.62
N SER X 101 61.48 101.70 -20.81
CA SER X 101 62.83 102.07 -21.20
C SER X 101 62.98 103.59 -21.21
N THR X 102 64.21 104.06 -21.42
CA THR X 102 64.50 105.48 -21.51
C THR X 102 65.22 105.82 -22.81
N ASP X 103 64.92 107.01 -23.31
CA ASP X 103 65.62 107.51 -24.49
C ASP X 103 67.12 107.43 -24.30
N GLU X 104 67.62 107.86 -23.14
CA GLU X 104 69.05 107.89 -22.95
C GLU X 104 69.64 106.50 -23.05
N GLU X 105 69.07 105.53 -22.34
CA GLU X 105 69.69 104.21 -22.34
C GLU X 105 69.62 103.61 -23.73
N ARG X 106 68.54 103.88 -24.46
CA ARG X 106 68.44 103.34 -25.81
C ARG X 106 69.54 103.90 -26.71
N ALA X 107 69.70 105.23 -26.68
CA ALA X 107 70.80 105.82 -27.43
C ALA X 107 72.12 105.23 -26.99
N PHE X 108 72.27 104.98 -25.68
CA PHE X 108 73.51 104.45 -25.15
C PHE X 108 73.80 103.08 -25.73
N VAL X 109 72.80 102.21 -25.73
CA VAL X 109 72.98 100.89 -26.31
C VAL X 109 73.38 101.01 -27.76
N ARG X 110 72.70 101.88 -28.49
CA ARG X 110 73.00 101.98 -29.92
C ARG X 110 74.43 102.41 -30.14
N THR X 111 74.83 103.51 -29.52
CA THR X 111 76.18 104.00 -29.76
C THR X 111 77.20 102.99 -29.24
N GLU X 112 76.85 102.23 -28.23
CA GLU X 112 77.73 101.15 -27.80
C GLU X 112 77.92 100.17 -28.93
N LEU X 113 76.82 99.80 -29.58
CA LEU X 113 76.91 98.88 -30.70
C LEU X 113 77.82 99.44 -31.79
N ALA X 114 77.65 100.72 -32.11
CA ALA X 114 78.45 101.30 -33.18
C ALA X 114 79.93 101.30 -32.83
N ALA X 115 80.24 101.77 -31.62
CA ALA X 115 81.63 101.82 -31.22
C ALA X 115 82.23 100.43 -31.14
N LEU X 116 81.46 99.44 -30.67
CA LEU X 116 81.96 98.08 -30.66
C LEU X 116 82.22 97.59 -32.08
N LEU X 117 81.31 97.89 -33.00
CA LEU X 117 81.47 97.47 -34.38
C LEU X 117 82.63 98.17 -35.06
N ALA X 118 83.14 99.25 -34.47
CA ALA X 118 84.38 99.86 -34.94
C ALA X 118 85.63 99.41 -34.19
N SER X 119 85.49 98.92 -32.96
CA SER X 119 86.64 98.57 -32.17
C SER X 119 87.38 97.38 -32.77
N PRO X 120 88.70 97.27 -32.51
CA PRO X 120 89.50 96.27 -33.22
C PRO X 120 89.02 94.85 -33.02
N LEU X 121 88.38 94.54 -31.89
CA LEU X 121 87.96 93.17 -31.66
C LEU X 121 87.07 92.71 -32.79
N LEU X 122 85.91 93.34 -32.95
CA LEU X 122 85.06 92.93 -34.04
C LEU X 122 85.77 93.07 -35.38
N ILE X 123 86.83 93.88 -35.46
CA ILE X 123 87.49 94.06 -36.75
C ILE X 123 87.92 92.72 -37.31
N ASP X 124 88.85 92.06 -36.64
CA ASP X 124 89.26 90.78 -37.15
C ASP X 124 88.23 89.71 -36.82
N ALA X 125 87.29 90.03 -35.94
CA ALA X 125 86.17 89.12 -35.76
C ALA X 125 85.43 88.90 -37.07
N ILE X 126 85.13 89.97 -37.81
CA ILE X 126 84.25 89.81 -38.95
C ILE X 126 85.19 89.51 -40.11
N ASP X 127 86.16 90.41 -40.34
CA ASP X 127 86.88 90.41 -41.60
C ASP X 127 87.73 89.17 -41.71
N GLN X 128 88.50 88.90 -40.67
CA GLN X 128 89.36 87.74 -40.65
C GLN X 128 88.67 86.51 -40.08
N LEU X 129 87.43 86.63 -39.61
CA LEU X 129 86.72 85.50 -39.05
C LEU X 129 87.51 84.84 -37.95
N ASN X 130 88.28 85.61 -37.20
CA ASN X 130 89.11 85.05 -36.16
C ASN X 130 88.27 84.90 -34.90
N PRO X 131 88.10 83.70 -34.37
CA PRO X 131 87.31 83.55 -33.16
C PRO X 131 87.89 84.42 -32.05
N ALA X 132 87.01 85.05 -31.29
CA ALA X 132 87.44 85.91 -30.20
C ALA X 132 88.33 85.12 -29.26
N TYR X 133 89.60 85.47 -29.22
CA TYR X 133 90.54 84.76 -28.37
C TYR X 133 91.91 85.42 -28.44
N ALA Y 2 45.02 109.06 -46.60
CA ALA Y 2 45.54 109.80 -45.41
C ALA Y 2 46.97 109.36 -45.08
N LYS Y 3 47.92 109.94 -45.77
CA LYS Y 3 49.33 109.70 -45.49
C LYS Y 3 49.68 110.13 -44.08
N LEU Y 4 50.37 109.26 -43.35
CA LEU Y 4 50.78 109.57 -41.99
C LEU Y 4 51.88 110.62 -42.02
N GLU Y 5 51.70 111.69 -41.25
CA GLU Y 5 52.70 112.73 -41.15
C GLU Y 5 52.73 113.28 -39.73
N THR Y 6 53.85 113.86 -39.37
CA THR Y 6 53.99 114.46 -38.06
C THR Y 6 52.91 115.51 -37.87
N VAL Y 7 52.01 115.27 -36.93
CA VAL Y 7 50.86 116.15 -36.73
C VAL Y 7 51.16 117.05 -35.54
N THR Y 8 51.08 118.36 -35.76
CA THR Y 8 51.40 119.35 -34.75
C THR Y 8 50.14 120.17 -34.48
N LEU Y 9 49.67 120.11 -33.25
CA LEU Y 9 48.39 120.67 -32.87
C LEU Y 9 48.63 121.79 -31.88
N GLY Y 10 48.16 122.99 -32.23
CA GLY Y 10 48.37 124.17 -31.42
C GLY Y 10 47.06 124.69 -30.84
N ASN Y 11 47.21 125.66 -29.95
CA ASN Y 11 46.08 126.24 -29.22
C ASN Y 11 45.33 125.14 -28.47
N ILE Y 12 46.02 124.57 -27.48
CA ILE Y 12 45.54 123.48 -26.66
C ILE Y 12 45.62 123.90 -25.20
N GLY Y 13 44.74 123.33 -24.37
CA GLY Y 13 44.71 123.63 -22.94
C GLY Y 13 43.59 124.58 -22.56
N LYS Y 14 43.52 124.91 -21.26
CA LYS Y 14 42.57 125.96 -20.87
C LYS Y 14 42.69 127.13 -21.80
N ASP Y 15 43.87 127.74 -21.79
CA ASP Y 15 44.18 128.97 -22.46
C ASP Y 15 44.52 128.77 -23.91
N GLY Y 16 44.59 127.53 -24.37
CA GLY Y 16 44.93 127.29 -25.75
C GLY Y 16 46.29 127.86 -26.06
N LYS Y 17 47.32 127.40 -25.35
CA LYS Y 17 48.66 127.93 -25.54
C LYS Y 17 49.76 126.91 -25.74
N GLN Y 18 49.66 125.69 -25.21
CA GLN Y 18 50.74 124.75 -25.46
C GLN Y 18 50.47 124.02 -26.77
N THR Y 19 51.30 123.01 -27.05
CA THR Y 19 51.29 122.36 -28.36
C THR Y 19 51.57 120.89 -28.18
N LEU Y 20 51.13 120.11 -29.18
CA LEU Y 20 51.26 118.66 -29.18
C LEU Y 20 51.90 118.22 -30.49
N VAL Y 21 52.93 117.42 -30.40
CA VAL Y 21 53.63 116.91 -31.57
C VAL Y 21 53.48 115.39 -31.56
N LEU Y 22 52.65 114.85 -32.44
CA LEU Y 22 52.47 113.41 -32.54
C LEU Y 22 53.14 112.90 -33.79
N ASN Y 23 53.90 111.96 -33.65
CA ASN Y 23 54.60 111.37 -34.77
C ASN Y 23 54.03 109.99 -35.06
N PRO Y 24 54.12 109.56 -36.31
CA PRO Y 24 53.46 108.30 -36.68
C PRO Y 24 54.04 107.10 -35.97
N ARG Y 25 53.19 106.12 -35.70
CA ARG Y 25 53.56 104.88 -35.03
C ARG Y 25 53.41 103.69 -35.95
N GLY Y 26 53.11 103.92 -37.23
CA GLY Y 26 52.78 102.84 -38.13
C GLY Y 26 51.32 102.46 -38.06
N VAL Y 27 51.03 101.27 -38.58
CA VAL Y 27 49.66 100.76 -38.64
C VAL Y 27 49.65 99.30 -38.25
N ASN Y 28 48.61 98.89 -37.54
CA ASN Y 28 48.47 97.48 -37.21
C ASN Y 28 48.19 96.67 -38.47
N PRO Y 29 48.95 95.61 -38.72
CA PRO Y 29 48.64 94.78 -39.89
C PRO Y 29 47.28 94.12 -39.82
N THR Y 30 46.77 93.80 -38.63
CA THR Y 30 45.50 93.12 -38.54
C THR Y 30 44.35 94.10 -38.32
N ASN Y 31 44.36 94.80 -37.19
CA ASN Y 31 43.31 95.78 -36.95
C ASN Y 31 43.32 96.88 -38.00
N GLY Y 32 44.46 97.10 -38.64
CA GLY Y 32 44.53 98.10 -39.67
C GLY Y 32 44.19 99.48 -39.13
N VAL Y 33 44.78 99.82 -38.00
CA VAL Y 33 44.55 101.09 -37.35
C VAL Y 33 45.88 101.83 -37.23
N ALA Y 34 45.90 103.07 -37.67
CA ALA Y 34 47.09 103.89 -37.54
C ALA Y 34 47.15 104.49 -36.15
N SER Y 35 48.36 104.74 -35.68
CA SER Y 35 48.57 105.30 -34.36
C SER Y 35 49.72 106.29 -34.40
N LEU Y 36 49.69 107.24 -33.48
CA LEU Y 36 50.73 108.23 -33.34
C LEU Y 36 50.95 108.48 -31.84
N SER Y 37 52.14 108.98 -31.52
CA SER Y 37 52.48 109.20 -30.13
C SER Y 37 53.31 110.47 -30.00
N GLN Y 38 53.17 111.13 -28.87
CA GLN Y 38 54.05 112.25 -28.55
C GLN Y 38 55.46 111.75 -28.37
N ALA Y 39 56.43 112.57 -28.75
CA ALA Y 39 57.82 112.21 -28.54
C ALA Y 39 58.17 112.45 -27.08
N GLY Y 40 58.81 111.45 -26.47
CA GLY Y 40 59.15 111.57 -25.06
C GLY Y 40 60.24 110.60 -24.70
N ALA Y 41 60.58 110.61 -23.42
CA ALA Y 41 61.65 109.77 -22.88
C ALA Y 41 61.18 108.34 -22.63
N VAL Y 42 60.08 108.19 -21.90
CA VAL Y 42 59.58 106.87 -21.51
C VAL Y 42 58.37 106.56 -22.38
N PRO Y 43 58.47 105.62 -23.32
CA PRO Y 43 57.32 105.33 -24.19
C PRO Y 43 56.04 105.09 -23.43
N ALA Y 44 56.11 104.70 -22.16
CA ALA Y 44 54.91 104.47 -21.40
C ALA Y 44 54.14 105.75 -21.13
N LEU Y 45 54.82 106.89 -21.16
CA LEU Y 45 54.22 108.14 -20.72
C LEU Y 45 54.02 109.13 -21.86
N GLU Y 46 53.76 108.64 -23.07
CA GLU Y 46 53.49 109.53 -24.20
C GLU Y 46 52.04 109.44 -24.62
N LYS Y 47 51.47 110.59 -24.92
CA LYS Y 47 50.09 110.68 -25.35
C LYS Y 47 49.95 109.95 -26.67
N ARG Y 48 49.04 108.99 -26.73
CA ARG Y 48 48.83 108.19 -27.93
C ARG Y 48 47.49 108.55 -28.57
N VAL Y 49 47.46 108.44 -29.88
CA VAL Y 49 46.26 108.75 -30.66
C VAL Y 49 46.07 107.67 -31.71
N THR Y 50 44.87 107.11 -31.78
CA THR Y 50 44.57 106.05 -32.72
C THR Y 50 43.53 106.52 -33.72
N VAL Y 51 43.65 106.02 -34.95
CA VAL Y 51 42.71 106.31 -36.03
C VAL Y 51 42.42 105.01 -36.77
N SER Y 52 41.15 104.67 -36.90
CA SER Y 52 40.73 103.46 -37.59
C SER Y 52 39.68 103.80 -38.63
N VAL Y 53 39.84 103.26 -39.83
CA VAL Y 53 38.90 103.48 -40.91
C VAL Y 53 38.42 102.14 -41.43
N SER Y 54 37.40 101.59 -40.81
CA SER Y 54 37.01 100.23 -41.16
C SER Y 54 36.19 100.21 -42.43
N GLN Y 55 36.55 99.32 -43.34
CA GLN Y 55 35.89 99.17 -44.61
C GLN Y 55 34.53 98.50 -44.36
N PRO Y 56 33.64 98.45 -45.34
CA PRO Y 56 32.24 98.16 -45.03
C PRO Y 56 32.06 96.75 -44.50
N SER Y 57 30.92 96.54 -43.85
CA SER Y 57 30.58 95.22 -43.34
C SER Y 57 29.77 94.48 -44.41
N ARG Y 58 29.27 93.31 -44.04
CA ARG Y 58 28.48 92.50 -44.96
C ARG Y 58 27.01 92.88 -44.88
N ASN Y 59 26.39 93.08 -46.04
CA ASN Y 59 24.94 93.19 -46.15
C ASN Y 59 24.38 94.48 -45.58
N ARG Y 60 25.21 95.28 -44.91
CA ARG Y 60 24.79 96.59 -44.42
C ARG Y 60 25.78 97.69 -44.82
N LYS Y 61 27.06 97.36 -44.85
CA LYS Y 61 28.19 98.16 -45.32
C LYS Y 61 28.60 99.33 -44.43
N ASN Y 62 27.66 99.95 -43.71
CA ASN Y 62 27.95 100.64 -42.47
C ASN Y 62 29.36 101.21 -42.29
N TYR Y 63 29.85 102.13 -43.12
CA TYR Y 63 31.22 102.61 -42.94
C TYR Y 63 31.46 103.11 -41.51
N LYS Y 64 32.58 102.67 -40.93
CA LYS Y 64 32.92 102.92 -39.53
C LYS Y 64 34.26 103.64 -39.46
N VAL Y 65 34.34 104.67 -38.60
CA VAL Y 65 35.62 105.31 -38.29
C VAL Y 65 35.75 105.44 -36.79
N GLN Y 66 36.92 105.09 -36.25
CA GLN Y 66 37.20 105.16 -34.83
C GLN Y 66 38.40 106.07 -34.60
N VAL Y 67 38.37 106.81 -33.49
CA VAL Y 67 39.50 107.60 -33.07
C VAL Y 67 39.61 107.45 -31.56
N LYS Y 68 40.74 106.92 -31.10
CA LYS Y 68 40.96 106.61 -29.70
C LYS Y 68 42.13 107.48 -29.23
N ILE Y 69 41.86 108.41 -28.31
CA ILE Y 69 42.89 109.30 -27.79
C ILE Y 69 43.15 108.90 -26.36
N GLN Y 70 44.41 108.65 -26.03
CA GLN Y 70 44.81 108.23 -24.70
C GLN Y 70 45.84 109.19 -24.13
N ASN Y 71 45.66 109.57 -22.87
CA ASN Y 71 46.57 110.46 -22.19
C ASN Y 71 46.94 109.88 -20.84
N PRO Y 72 48.16 109.37 -20.66
CA PRO Y 72 48.55 108.85 -19.37
C PRO Y 72 49.18 109.93 -18.51
N THR Y 73 49.39 109.60 -17.25
CA THR Y 73 50.10 110.48 -16.34
C THR Y 73 50.53 109.67 -15.13
N ALA Y 74 51.83 109.68 -14.88
CA ALA Y 74 52.42 108.85 -13.84
C ALA Y 74 52.77 109.70 -12.62
N CYS Y 75 53.27 109.03 -11.60
CA CYS Y 75 53.67 109.70 -10.37
C CYS Y 75 54.69 108.79 -9.68
N THR Y 76 55.94 109.21 -9.67
CA THR Y 76 56.99 108.38 -9.09
C THR Y 76 56.84 108.32 -7.58
N ALA Y 77 56.51 107.14 -7.08
CA ALA Y 77 56.42 106.94 -5.64
C ALA Y 77 57.80 106.99 -5.00
N ASN Y 78 57.81 107.21 -3.70
CA ASN Y 78 59.07 107.23 -2.97
C ASN Y 78 59.67 105.84 -2.92
N GLY Y 79 60.95 105.74 -3.25
CA GLY Y 79 61.61 104.45 -3.39
C GLY Y 79 61.34 103.78 -4.71
N SER Y 80 60.47 104.35 -5.53
CA SER Y 80 60.12 103.80 -6.83
C SER Y 80 61.06 104.35 -7.88
N CYS Y 81 61.65 103.43 -8.64
CA CYS Y 81 62.67 103.72 -9.63
C CYS Y 81 62.10 103.80 -11.02
N ASP Y 82 60.79 103.94 -11.11
CA ASP Y 82 60.05 103.77 -12.35
C ASP Y 82 58.75 104.55 -12.33
N PRO Y 83 58.59 105.55 -13.17
CA PRO Y 83 57.37 106.36 -13.11
C PRO Y 83 56.15 105.59 -13.60
N SER Y 84 55.59 104.77 -12.72
CA SER Y 84 54.45 103.94 -13.10
C SER Y 84 53.24 104.79 -13.44
N VAL Y 85 52.52 104.40 -14.48
CA VAL Y 85 51.31 105.10 -14.89
C VAL Y 85 50.25 104.93 -13.81
N THR Y 86 49.74 106.05 -13.31
CA THR Y 86 48.76 106.04 -12.24
C THR Y 86 47.43 106.62 -12.65
N ARG Y 87 47.39 107.41 -13.71
CA ARG Y 87 46.16 108.08 -14.14
C ARG Y 87 46.13 108.06 -15.65
N GLN Y 88 44.93 108.00 -16.20
CA GLN Y 88 44.77 107.72 -17.62
C GLN Y 88 43.44 108.26 -18.10
N ALA Y 89 43.46 108.98 -19.20
CA ALA Y 89 42.29 109.60 -19.77
C ALA Y 89 42.03 109.05 -21.17
N TYR Y 90 40.77 108.81 -21.47
CA TYR Y 90 40.36 108.20 -22.72
C TYR Y 90 39.33 109.07 -23.42
N ALA Y 91 39.45 109.16 -24.73
CA ALA Y 91 38.46 109.87 -25.55
C ALA Y 91 38.27 109.06 -26.81
N ASP Y 92 37.12 108.40 -26.92
CA ASP Y 92 36.84 107.53 -28.05
C ASP Y 92 35.68 108.12 -28.85
N VAL Y 93 35.99 108.53 -30.06
CA VAL Y 93 34.98 108.99 -31.01
C VAL Y 93 34.76 107.89 -32.03
N THR Y 94 33.51 107.72 -32.45
CA THR Y 94 33.20 106.77 -33.51
C THR Y 94 32.16 107.40 -34.43
N PHE Y 95 32.52 107.53 -35.70
CA PHE Y 95 31.62 108.02 -36.73
C PHE Y 95 31.08 106.84 -37.52
N SER Y 96 29.77 106.88 -37.78
CA SER Y 96 29.09 105.83 -38.53
C SER Y 96 28.39 106.46 -39.71
N PHE Y 97 28.65 105.94 -40.90
CA PHE Y 97 28.13 106.51 -42.13
C PHE Y 97 27.48 105.41 -42.97
N THR Y 98 26.51 105.79 -43.76
CA THR Y 98 25.89 104.83 -44.66
C THR Y 98 26.67 104.73 -45.95
N GLN Y 99 26.41 103.65 -46.67
CA GLN Y 99 27.18 103.35 -47.86
C GLN Y 99 26.94 104.38 -48.95
N TYR Y 100 25.88 105.17 -48.86
CA TYR Y 100 25.65 106.27 -49.78
C TYR Y 100 25.98 107.61 -49.19
N SER Y 101 26.58 107.66 -48.01
CA SER Y 101 26.92 108.92 -47.39
C SER Y 101 27.65 109.80 -48.39
N THR Y 102 27.71 111.09 -48.10
CA THR Y 102 28.32 112.05 -49.01
C THR Y 102 29.33 112.93 -48.27
N ASP Y 103 30.35 113.32 -49.01
CA ASP Y 103 31.45 114.07 -48.44
C ASP Y 103 30.99 115.28 -47.63
N GLU Y 104 30.07 116.07 -48.19
CA GLU Y 104 29.65 117.26 -47.50
C GLU Y 104 29.02 116.90 -46.17
N GLU Y 105 28.18 115.87 -46.16
CA GLU Y 105 27.53 115.45 -44.92
C GLU Y 105 28.56 115.02 -43.90
N ARG Y 106 29.56 114.26 -44.35
CA ARG Y 106 30.57 113.77 -43.42
C ARG Y 106 31.35 114.92 -42.82
N ALA Y 107 31.81 115.84 -43.66
CA ALA Y 107 32.54 117.00 -43.14
C ALA Y 107 31.64 117.85 -42.25
N PHE Y 108 30.36 117.93 -42.60
CA PHE Y 108 29.40 118.65 -41.78
C PHE Y 108 29.38 118.09 -40.38
N VAL Y 109 29.24 116.78 -40.28
CA VAL Y 109 29.29 116.14 -38.96
C VAL Y 109 30.61 116.45 -38.29
N ARG Y 110 31.70 116.41 -39.05
CA ARG Y 110 33.01 116.61 -38.47
C ARG Y 110 33.10 117.96 -37.79
N THR Y 111 32.80 119.02 -38.53
CA THR Y 111 32.94 120.35 -37.96
C THR Y 111 31.87 120.60 -36.92
N GLU Y 112 30.71 119.95 -37.02
CA GLU Y 112 29.74 120.00 -35.94
C GLU Y 112 30.36 119.54 -34.65
N LEU Y 113 30.98 118.36 -34.68
CA LEU Y 113 31.59 117.82 -33.48
C LEU Y 113 32.67 118.76 -32.96
N ALA Y 114 33.51 119.25 -33.85
CA ALA Y 114 34.60 120.11 -33.39
C ALA Y 114 34.06 121.36 -32.71
N ALA Y 115 33.12 122.03 -33.36
CA ALA Y 115 32.62 123.27 -32.80
C ALA Y 115 31.84 123.02 -31.52
N LEU Y 116 31.18 121.88 -31.39
CA LEU Y 116 30.56 121.58 -30.10
C LEU Y 116 31.63 121.37 -29.05
N LEU Y 117 32.71 120.66 -29.37
CA LEU Y 117 33.79 120.50 -28.42
C LEU Y 117 34.39 121.83 -28.03
N ALA Y 118 34.22 122.86 -28.85
CA ALA Y 118 34.66 124.20 -28.47
C ALA Y 118 33.58 125.01 -27.74
N SER Y 119 32.31 124.70 -27.95
CA SER Y 119 31.24 125.55 -27.44
C SER Y 119 31.12 125.45 -25.93
N PRO Y 120 30.52 126.46 -25.30
CA PRO Y 120 30.45 126.47 -23.82
C PRO Y 120 29.79 125.24 -23.25
N LEU Y 121 28.90 124.59 -23.98
CA LEU Y 121 28.17 123.49 -23.38
C LEU Y 121 29.14 122.41 -22.94
N LEU Y 122 29.85 121.79 -23.89
CA LEU Y 122 30.77 120.74 -23.47
C LEU Y 122 31.93 121.30 -22.67
N ILE Y 123 32.20 122.60 -22.76
CA ILE Y 123 33.17 123.19 -21.84
C ILE Y 123 32.87 122.76 -20.43
N ASP Y 124 31.68 123.12 -19.94
CA ASP Y 124 31.31 122.75 -18.59
C ASP Y 124 30.97 121.29 -18.47
N ALA Y 125 30.55 120.65 -19.55
CA ALA Y 125 30.22 119.24 -19.45
C ALA Y 125 31.46 118.40 -19.15
N ILE Y 126 32.61 118.78 -19.69
CA ILE Y 126 33.83 118.00 -19.59
C ILE Y 126 34.76 118.58 -18.56
N ASP Y 127 35.21 119.82 -18.76
CA ASP Y 127 36.21 120.37 -17.87
C ASP Y 127 35.77 120.23 -16.42
N GLN Y 128 34.58 120.70 -16.09
CA GLN Y 128 34.10 120.64 -14.73
C GLN Y 128 33.22 119.43 -14.45
N LEU Y 129 33.10 118.50 -15.39
CA LEU Y 129 32.26 117.32 -15.20
C LEU Y 129 30.87 117.75 -14.74
N ASN Y 130 30.32 118.74 -15.42
CA ASN Y 130 29.06 119.33 -15.00
C ASN Y 130 27.91 118.88 -15.89
N PRO Y 131 26.99 118.05 -15.40
CA PRO Y 131 25.87 117.62 -16.24
C PRO Y 131 25.08 118.81 -16.75
N ALA Y 132 24.62 118.70 -17.99
CA ALA Y 132 23.85 119.78 -18.59
C ALA Y 132 22.40 119.67 -18.15
N TYR Y 133 21.84 120.81 -17.74
CA TYR Y 133 20.41 120.90 -17.48
C TYR Y 133 19.99 122.36 -17.45
N ALA Z 2 -54.76 120.44 9.31
CA ALA Z 2 -54.98 119.58 8.11
C ALA Z 2 -56.29 118.81 8.25
N LYS Z 3 -57.35 119.51 8.64
CA LYS Z 3 -58.63 118.86 8.84
C LYS Z 3 -59.17 118.36 7.51
N LEU Z 4 -59.86 117.23 7.54
CA LEU Z 4 -60.38 116.58 6.35
C LEU Z 4 -61.86 116.88 6.21
N GLU Z 5 -62.26 117.28 5.00
CA GLU Z 5 -63.64 117.66 4.75
C GLU Z 5 -63.87 117.61 3.26
N THR Z 6 -65.03 118.08 2.83
CA THR Z 6 -65.37 118.10 1.42
C THR Z 6 -64.57 119.18 0.72
N VAL Z 7 -63.93 118.81 -0.39
CA VAL Z 7 -63.18 119.77 -1.20
C VAL Z 7 -63.82 119.87 -2.56
N THR Z 8 -63.95 121.10 -3.05
CA THR Z 8 -64.63 121.39 -4.30
C THR Z 8 -63.59 121.92 -5.29
N LEU Z 9 -63.03 121.02 -6.08
CA LEU Z 9 -62.00 121.39 -7.03
C LEU Z 9 -62.69 121.84 -8.32
N GLY Z 10 -62.67 123.14 -8.58
CA GLY Z 10 -63.33 123.68 -9.75
C GLY Z 10 -62.35 124.14 -10.81
N ASN Z 11 -62.85 124.57 -11.96
CA ASN Z 11 -61.99 125.05 -13.03
C ASN Z 11 -61.03 123.95 -13.46
N ILE Z 12 -61.61 122.89 -14.00
CA ILE Z 12 -60.95 121.61 -14.12
C ILE Z 12 -61.15 121.08 -15.53
N GLY Z 13 -60.07 120.65 -16.15
CA GLY Z 13 -60.10 119.99 -17.44
C GLY Z 13 -59.29 120.79 -18.44
N LYS Z 14 -59.32 120.33 -19.70
CA LYS Z 14 -58.73 121.17 -20.73
C LYS Z 14 -59.38 122.54 -20.72
N ASP Z 15 -60.70 122.58 -20.80
CA ASP Z 15 -61.41 123.85 -20.82
C ASP Z 15 -61.49 124.47 -19.44
N GLY Z 16 -61.20 123.71 -18.39
CA GLY Z 16 -61.31 124.22 -17.04
C GLY Z 16 -62.74 124.59 -16.67
N LYS Z 17 -63.68 123.70 -16.96
CA LYS Z 17 -65.10 123.98 -16.72
C LYS Z 17 -65.80 123.04 -15.76
N GLN Z 18 -65.50 121.75 -15.73
CA GLN Z 18 -66.26 120.94 -14.80
C GLN Z 18 -65.64 121.04 -13.40
N THR Z 19 -66.14 120.22 -12.49
CA THR Z 19 -65.80 120.32 -11.08
C THR Z 19 -65.88 118.94 -10.45
N LEU Z 20 -64.99 118.66 -9.52
CA LEU Z 20 -65.06 117.43 -8.76
C LEU Z 20 -65.17 117.73 -7.27
N VAL Z 21 -66.07 117.01 -6.62
CA VAL Z 21 -66.29 117.12 -5.18
C VAL Z 21 -65.70 115.87 -4.56
N LEU Z 22 -64.70 116.06 -3.71
CA LEU Z 22 -64.01 114.97 -3.05
C LEU Z 22 -64.39 114.99 -1.57
N ASN Z 23 -65.06 113.95 -1.14
CA ASN Z 23 -65.44 113.83 0.26
C ASN Z 23 -64.47 112.89 0.97
N PRO Z 24 -64.38 113.04 2.29
CA PRO Z 24 -63.32 112.40 3.04
C PRO Z 24 -63.63 110.94 3.30
N ARG Z 25 -62.59 110.21 3.67
CA ARG Z 25 -62.70 108.81 4.02
C ARG Z 25 -61.94 108.59 5.32
N GLY Z 26 -61.71 107.34 5.68
CA GLY Z 26 -61.03 106.99 6.91
C GLY Z 26 -59.53 106.91 6.67
N VAL Z 27 -58.75 107.33 7.67
CA VAL Z 27 -57.31 107.35 7.51
C VAL Z 27 -56.77 105.95 7.81
N ASN Z 28 -55.99 105.42 6.88
CA ASN Z 28 -55.40 104.10 7.06
C ASN Z 28 -54.52 104.06 8.30
N PRO Z 29 -54.90 103.31 9.34
CA PRO Z 29 -54.04 103.24 10.51
C PRO Z 29 -52.73 102.54 10.23
N THR Z 30 -52.70 101.60 9.30
CA THR Z 30 -51.47 100.87 9.04
C THR Z 30 -50.34 101.79 8.65
N ASN Z 31 -50.64 102.90 7.99
CA ASN Z 31 -49.58 103.79 7.54
C ASN Z 31 -49.93 105.26 7.72
N GLY Z 32 -51.07 105.60 8.29
CA GLY Z 32 -51.41 106.98 8.48
C GLY Z 32 -51.56 107.73 7.17
N VAL Z 33 -52.59 107.38 6.41
CA VAL Z 33 -52.84 108.01 5.12
C VAL Z 33 -54.31 108.38 5.05
N ALA Z 34 -54.59 109.67 4.87
CA ALA Z 34 -55.97 110.09 4.69
C ALA Z 34 -56.35 109.98 3.23
N SER Z 35 -57.65 109.85 2.97
CA SER Z 35 -58.13 109.57 1.63
C SER Z 35 -59.36 110.40 1.30
N LEU Z 36 -59.45 110.81 0.04
CA LEU Z 36 -60.59 111.51 -0.51
C LEU Z 36 -61.11 110.73 -1.70
N SER Z 37 -62.42 110.81 -1.94
CA SER Z 37 -62.98 110.13 -3.10
C SER Z 37 -64.14 110.94 -3.63
N GLN Z 38 -64.48 110.68 -4.90
CA GLN Z 38 -65.53 111.43 -5.57
C GLN Z 38 -66.80 111.43 -4.73
N ALA Z 39 -67.70 112.37 -5.00
CA ALA Z 39 -68.91 112.50 -4.20
C ALA Z 39 -69.70 111.20 -4.12
N GLY Z 40 -69.60 110.36 -5.13
CA GLY Z 40 -70.27 109.08 -5.14
C GLY Z 40 -71.24 108.97 -6.30
N ALA Z 41 -71.98 107.87 -6.31
CA ALA Z 41 -71.90 106.85 -5.28
C ALA Z 41 -70.74 105.88 -5.52
N VAL Z 42 -70.86 105.09 -6.58
CA VAL Z 42 -69.83 104.09 -6.86
C VAL Z 42 -68.51 104.79 -7.17
N PRO Z 43 -68.46 105.89 -7.91
CA PRO Z 43 -67.18 106.57 -8.10
C PRO Z 43 -66.43 106.83 -6.80
N ALA Z 44 -67.12 106.77 -5.66
CA ALA Z 44 -66.43 106.81 -4.38
C ALA Z 44 -65.47 105.65 -4.22
N LEU Z 45 -65.79 104.51 -4.85
CA LEU Z 45 -64.88 103.38 -4.94
C LEU Z 45 -64.20 103.27 -6.30
N GLU Z 46 -64.05 104.38 -7.02
CA GLU Z 46 -63.21 104.45 -8.21
C GLU Z 46 -62.17 105.57 -8.15
N LYS Z 47 -62.59 106.81 -7.95
CA LYS Z 47 -61.66 107.93 -7.86
C LYS Z 47 -61.04 107.98 -6.48
N ARG Z 48 -59.73 108.25 -6.41
CA ARG Z 48 -59.05 108.25 -5.13
C ARG Z 48 -57.97 109.32 -5.08
N VAL Z 49 -57.80 109.90 -3.88
CA VAL Z 49 -56.79 110.91 -3.65
C VAL Z 49 -56.27 110.73 -2.24
N THR Z 50 -55.04 110.25 -2.10
CA THR Z 50 -54.47 109.92 -0.80
C THR Z 50 -53.39 110.93 -0.43
N VAL Z 51 -53.32 111.23 0.87
CA VAL Z 51 -52.38 112.20 1.42
C VAL Z 51 -51.72 111.58 2.63
N SER Z 52 -50.42 111.80 2.76
CA SER Z 52 -49.68 111.28 3.91
C SER Z 52 -48.54 112.23 4.26
N VAL Z 53 -48.16 112.22 5.53
CA VAL Z 53 -47.12 113.10 6.06
C VAL Z 53 -46.23 112.26 6.97
N SER Z 54 -45.16 111.71 6.42
CA SER Z 54 -44.25 110.91 7.22
C SER Z 54 -43.25 111.81 7.92
N GLN Z 55 -43.20 111.72 9.24
CA GLN Z 55 -42.34 112.56 10.06
C GLN Z 55 -40.94 111.95 10.16
N PRO Z 56 -40.00 112.67 10.75
CA PRO Z 56 -38.64 112.14 10.90
C PRO Z 56 -38.63 110.82 11.63
N SER Z 57 -37.65 109.99 11.28
CA SER Z 57 -37.47 108.67 11.89
C SER Z 57 -36.02 108.25 11.68
N ARG Z 58 -35.65 107.13 12.29
CA ARG Z 58 -34.34 106.57 11.99
C ARG Z 58 -34.25 106.18 10.52
N ASN Z 59 -35.39 105.93 9.88
CA ASN Z 59 -35.45 105.59 8.47
C ASN Z 59 -35.78 106.79 7.58
N ARG Z 60 -35.81 108.00 8.14
CA ARG Z 60 -36.08 109.22 7.39
C ARG Z 60 -35.24 110.33 8.00
N LYS Z 61 -35.28 111.56 7.46
CA LYS Z 61 -34.64 112.65 8.19
C LYS Z 61 -35.41 113.93 8.55
N ASN Z 62 -35.79 114.84 7.63
CA ASN Z 62 -36.33 114.73 6.27
C ASN Z 62 -37.77 114.23 6.21
N TYR Z 63 -38.66 115.11 6.67
CA TYR Z 63 -40.10 114.97 6.46
C TYR Z 63 -40.39 114.65 5.01
N LYS Z 64 -41.40 113.82 4.76
CA LYS Z 64 -41.82 113.54 3.39
C LYS Z 64 -43.34 113.59 3.30
N VAL Z 65 -43.84 114.38 2.36
CA VAL Z 65 -45.27 114.52 2.11
C VAL Z 65 -45.60 113.81 0.81
N GLN Z 66 -46.48 112.82 0.90
CA GLN Z 66 -46.98 112.06 -0.24
C GLN Z 66 -48.36 112.56 -0.62
N VAL Z 67 -48.57 112.76 -1.91
CA VAL Z 67 -49.91 113.00 -2.45
C VAL Z 67 -50.05 112.11 -3.68
N LYS Z 68 -50.86 111.07 -3.58
CA LYS Z 68 -51.18 110.21 -4.71
C LYS Z 68 -52.57 110.54 -5.20
N ILE Z 69 -52.75 110.51 -6.52
CA ILE Z 69 -54.03 110.73 -7.14
C ILE Z 69 -54.22 109.64 -8.18
N GLN Z 70 -55.40 109.04 -8.24
CA GLN Z 70 -55.66 108.02 -9.25
C GLN Z 70 -57.11 108.07 -9.70
N ASN Z 71 -57.27 108.10 -11.03
CA ASN Z 71 -58.56 108.09 -11.71
C ASN Z 71 -58.65 106.84 -12.57
N PRO Z 72 -59.56 105.93 -12.29
CA PRO Z 72 -59.78 104.82 -13.21
C PRO Z 72 -60.84 105.18 -14.22
N THR Z 73 -60.55 104.98 -15.50
CA THR Z 73 -61.58 105.08 -16.51
C THR Z 73 -62.15 103.70 -16.80
N ALA Z 74 -63.46 103.59 -16.72
CA ALA Z 74 -64.16 102.34 -16.93
C ALA Z 74 -65.25 102.58 -17.96
N CYS Z 75 -65.91 101.49 -18.36
CA CYS Z 75 -67.11 101.62 -19.16
C CYS Z 75 -67.85 100.29 -19.13
N THR Z 76 -69.00 100.27 -19.81
CA THR Z 76 -69.88 99.12 -19.81
C THR Z 76 -69.87 98.48 -21.19
N ALA Z 77 -69.52 97.20 -21.24
CA ALA Z 77 -69.56 96.47 -22.50
C ALA Z 77 -71.01 96.36 -22.97
N ASN Z 78 -71.17 96.22 -24.28
CA ASN Z 78 -72.51 96.15 -24.84
C ASN Z 78 -73.15 94.82 -24.48
N GLY Z 79 -73.94 94.82 -23.40
CA GLY Z 79 -74.62 93.63 -22.97
C GLY Z 79 -74.52 93.41 -21.47
N SER Z 80 -73.40 93.81 -20.87
CA SER Z 80 -73.22 93.66 -19.43
C SER Z 80 -73.90 94.80 -18.69
N CYS Z 81 -73.78 94.81 -17.37
CA CYS Z 81 -74.34 95.91 -16.56
C CYS Z 81 -73.26 96.60 -15.75
N ASP Z 82 -72.50 95.84 -14.99
CA ASP Z 82 -71.47 96.43 -14.17
C ASP Z 82 -70.39 97.04 -15.05
N PRO Z 83 -69.88 98.22 -14.73
CA PRO Z 83 -68.79 98.79 -15.52
C PRO Z 83 -67.44 98.21 -15.13
N SER Z 84 -66.65 97.90 -16.14
CA SER Z 84 -65.31 97.38 -15.97
C SER Z 84 -64.30 98.48 -16.23
N VAL Z 85 -63.26 98.53 -15.39
CA VAL Z 85 -62.21 99.53 -15.51
C VAL Z 85 -61.24 99.08 -16.59
N THR Z 86 -61.05 99.92 -17.61
CA THR Z 86 -60.16 99.58 -18.69
C THR Z 86 -58.90 100.44 -18.74
N ARG Z 87 -58.90 101.58 -18.05
CA ARG Z 87 -57.74 102.43 -17.97
C ARG Z 87 -57.55 102.84 -16.51
N GLN Z 88 -56.31 103.14 -16.14
CA GLN Z 88 -56.05 103.58 -14.78
C GLN Z 88 -54.94 104.62 -14.81
N ALA Z 89 -55.30 105.89 -14.73
CA ALA Z 89 -54.31 106.95 -14.69
C ALA Z 89 -54.01 107.30 -13.25
N TYR Z 90 -52.75 107.63 -12.97
CA TYR Z 90 -52.45 108.07 -11.63
C TYR Z 90 -51.11 108.79 -11.59
N ALA Z 91 -50.99 109.66 -10.59
CA ALA Z 91 -49.81 110.49 -10.40
C ALA Z 91 -49.45 110.54 -8.93
N ASP Z 92 -48.19 110.85 -8.67
CA ASP Z 92 -47.68 110.94 -7.31
C ASP Z 92 -46.79 112.17 -7.19
N VAL Z 93 -47.05 112.98 -6.19
CA VAL Z 93 -46.20 114.08 -5.80
C VAL Z 93 -45.54 113.71 -4.48
N THR Z 94 -44.25 114.01 -4.37
CA THR Z 94 -43.48 113.63 -3.18
C THR Z 94 -42.58 114.80 -2.83
N PHE Z 95 -42.91 115.48 -1.73
CA PHE Z 95 -42.08 116.56 -1.22
C PHE Z 95 -41.17 116.05 -0.12
N SER Z 96 -39.89 116.36 -0.21
CA SER Z 96 -38.92 116.03 0.83
C SER Z 96 -38.41 117.34 1.43
N PHE Z 97 -38.75 117.59 2.69
CA PHE Z 97 -38.30 118.77 3.39
C PHE Z 97 -37.40 118.38 4.54
N THR Z 98 -36.49 119.27 4.88
CA THR Z 98 -35.54 119.00 5.94
C THR Z 98 -36.05 119.52 7.28
N GLN Z 99 -35.48 118.95 8.33
CA GLN Z 99 -35.91 119.23 9.68
C GLN Z 99 -35.83 120.73 9.97
N TYR Z 100 -34.90 121.42 9.30
CA TYR Z 100 -34.77 122.87 9.41
C TYR Z 100 -35.60 123.61 8.40
N SER Z 101 -36.45 122.91 7.67
CA SER Z 101 -37.30 123.53 6.67
C SER Z 101 -38.07 124.69 7.29
N THR Z 102 -38.56 125.59 6.45
CA THR Z 102 -39.44 126.66 6.90
C THR Z 102 -40.70 126.68 6.06
N ASP Z 103 -41.80 127.03 6.72
CA ASP Z 103 -43.08 127.12 6.01
C ASP Z 103 -42.97 128.04 4.81
N GLU Z 104 -42.21 129.13 4.94
CA GLU Z 104 -42.02 130.03 3.82
C GLU Z 104 -41.62 129.26 2.56
N GLU Z 105 -40.49 128.57 2.61
CA GLU Z 105 -40.02 127.86 1.43
C GLU Z 105 -40.96 126.72 1.07
N ARG Z 106 -41.57 126.08 2.06
CA ARG Z 106 -42.50 125.01 1.74
C ARG Z 106 -43.64 125.54 0.87
N ALA Z 107 -44.26 126.63 1.29
CA ALA Z 107 -45.31 127.23 0.49
C ALA Z 107 -44.79 127.66 -0.86
N PHE Z 108 -43.58 128.21 -0.87
CA PHE Z 108 -43.00 128.66 -2.12
C PHE Z 108 -42.88 127.50 -3.11
N VAL Z 109 -42.33 126.37 -2.64
CA VAL Z 109 -42.17 125.20 -3.51
C VAL Z 109 -43.52 124.69 -3.96
N ARG Z 110 -44.48 124.66 -3.03
CA ARG Z 110 -45.82 124.21 -3.37
C ARG Z 110 -46.36 125.02 -4.54
N THR Z 111 -46.48 126.32 -4.34
CA THR Z 111 -47.03 127.17 -5.38
C THR Z 111 -46.18 127.12 -6.62
N GLU Z 112 -44.89 126.85 -6.47
CA GLU Z 112 -44.02 126.74 -7.64
C GLU Z 112 -44.48 125.60 -8.51
N LEU Z 113 -44.62 124.43 -7.91
CA LEU Z 113 -45.13 123.29 -8.64
C LEU Z 113 -46.48 123.59 -9.25
N ALA Z 114 -47.33 124.29 -8.49
CA ALA Z 114 -48.67 124.59 -8.99
C ALA Z 114 -48.60 125.42 -10.27
N ALA Z 115 -47.86 126.52 -10.23
CA ALA Z 115 -47.86 127.40 -11.38
C ALA Z 115 -47.11 126.77 -12.54
N LEU Z 116 -46.14 125.89 -12.27
CA LEU Z 116 -45.57 125.13 -13.38
C LEU Z 116 -46.63 124.26 -14.03
N LEU Z 117 -47.40 123.52 -13.24
CA LEU Z 117 -48.46 122.71 -13.83
C LEU Z 117 -49.40 123.57 -14.65
N ALA Z 118 -49.60 124.82 -14.24
CA ALA Z 118 -50.44 125.71 -15.02
C ALA Z 118 -49.70 126.29 -16.22
N SER Z 119 -48.39 126.18 -16.27
CA SER Z 119 -47.64 126.81 -17.34
C SER Z 119 -47.75 126.03 -18.65
N PRO Z 120 -47.58 126.69 -19.79
CA PRO Z 120 -47.73 126.00 -21.07
C PRO Z 120 -46.82 124.81 -21.21
N LEU Z 121 -45.60 124.90 -20.70
CA LEU Z 121 -44.64 123.82 -20.86
C LEU Z 121 -45.26 122.49 -20.41
N LEU Z 122 -45.62 122.40 -19.14
CA LEU Z 122 -46.07 121.11 -18.64
C LEU Z 122 -47.39 120.68 -19.26
N ILE Z 123 -48.29 121.62 -19.55
CA ILE Z 123 -49.53 121.19 -20.19
C ILE Z 123 -49.22 120.55 -21.52
N ASP Z 124 -48.28 121.11 -22.27
CA ASP Z 124 -47.90 120.46 -23.51
C ASP Z 124 -47.28 119.11 -23.23
N ALA Z 125 -46.43 119.04 -22.22
CA ALA Z 125 -45.71 117.82 -21.90
C ALA Z 125 -46.63 116.71 -21.44
N ILE Z 126 -47.79 117.05 -20.90
CA ILE Z 126 -48.66 116.07 -20.29
C ILE Z 126 -49.82 115.79 -21.22
N ASP Z 127 -50.64 116.81 -21.45
CA ASP Z 127 -51.82 116.64 -22.27
C ASP Z 127 -51.45 116.02 -23.61
N GLN Z 128 -50.29 116.41 -24.15
CA GLN Z 128 -49.88 115.93 -25.45
C GLN Z 128 -48.74 114.93 -25.39
N LEU Z 129 -48.11 114.76 -24.22
CA LEU Z 129 -46.99 113.84 -24.09
C LEU Z 129 -45.85 114.25 -25.00
N ASN Z 130 -45.61 115.55 -25.10
CA ASN Z 130 -44.59 116.02 -26.03
C ASN Z 130 -43.38 116.48 -25.26
N PRO Z 131 -42.22 115.83 -25.40
CA PRO Z 131 -41.03 116.30 -24.69
C PRO Z 131 -40.74 117.73 -25.08
N ALA Z 132 -39.84 118.35 -24.34
CA ALA Z 132 -39.50 119.74 -24.58
C ALA Z 132 -38.46 119.82 -25.69
N TYR Z 133 -38.92 120.15 -26.89
CA TYR Z 133 -38.02 120.44 -28.01
C TYR Z 133 -38.72 121.32 -29.04
N ALA AA 2 -61.53 113.98 25.65
CA ALA AA 2 -60.07 114.30 25.64
C ALA AA 2 -59.72 115.09 24.37
N LYS AA 3 -60.75 115.77 23.85
CA LYS AA 3 -60.62 116.63 22.67
C LYS AA 3 -59.32 117.42 22.68
N LEU AA 4 -58.60 117.37 21.57
CA LEU AA 4 -57.42 118.21 21.42
C LEU AA 4 -57.84 119.66 21.24
N GLU AA 5 -56.97 120.57 21.69
CA GLU AA 5 -57.17 121.98 21.44
C GLU AA 5 -55.95 122.73 21.95
N THR AA 6 -56.00 124.05 21.82
CA THR AA 6 -54.88 124.90 22.19
C THR AA 6 -54.71 124.96 23.71
N VAL AA 7 -53.65 124.36 24.22
CA VAL AA 7 -53.47 124.25 25.66
C VAL AA 7 -52.59 125.42 26.11
N THR AA 8 -53.04 126.10 27.16
CA THR AA 8 -52.44 127.32 27.66
C THR AA 8 -51.83 127.01 29.01
N LEU AA 9 -50.52 126.84 29.04
CA LEU AA 9 -49.82 126.54 30.27
C LEU AA 9 -49.41 127.86 30.92
N GLY AA 10 -49.86 128.07 32.15
CA GLY AA 10 -49.72 129.35 32.79
C GLY AA 10 -48.33 129.58 33.37
N ASN AA 11 -48.27 130.15 34.56
CA ASN AA 11 -46.98 130.51 35.14
C ASN AA 11 -46.04 129.33 35.09
N ILE AA 12 -44.79 129.61 34.75
CA ILE AA 12 -43.86 128.59 34.29
C ILE AA 12 -42.44 129.12 34.49
N GLY AA 13 -41.52 128.23 34.88
CA GLY AA 13 -40.12 128.58 35.04
C GLY AA 13 -39.77 128.80 36.49
N LYS AA 14 -38.56 129.31 36.73
CA LYS AA 14 -38.17 129.62 38.11
C LYS AA 14 -39.16 130.58 38.73
N ASP AA 15 -39.20 131.80 38.22
CA ASP AA 15 -40.10 132.81 38.77
C ASP AA 15 -41.56 132.44 38.59
N GLY AA 16 -41.87 131.54 37.67
CA GLY AA 16 -43.24 131.28 37.33
C GLY AA 16 -43.90 132.50 36.74
N LYS AA 17 -43.36 132.97 35.61
CA LYS AA 17 -43.89 134.17 34.96
C LYS AA 17 -44.15 134.01 33.48
N GLN AA 18 -43.50 133.08 32.79
CA GLN AA 18 -43.74 132.90 31.37
C GLN AA 18 -44.99 132.07 31.16
N THR AA 19 -45.43 132.01 29.91
CA THR AA 19 -46.59 131.23 29.54
C THR AA 19 -46.27 130.46 28.26
N LEU AA 20 -46.94 129.33 28.08
CA LEU AA 20 -46.75 128.51 26.91
C LEU AA 20 -48.09 128.28 26.23
N VAL AA 21 -48.07 128.30 24.90
CA VAL AA 21 -49.27 128.12 24.10
C VAL AA 21 -48.98 127.00 23.12
N LEU AA 22 -49.51 125.82 23.38
CA LEU AA 22 -49.28 124.65 22.55
C LEU AA 22 -50.50 124.43 21.67
N ASN AA 23 -50.31 124.52 20.36
CA ASN AA 23 -51.39 124.29 19.43
C ASN AA 23 -51.55 122.80 19.18
N PRO AA 24 -52.75 122.36 18.81
CA PRO AA 24 -52.96 120.94 18.50
C PRO AA 24 -52.58 120.65 17.07
N ARG AA 25 -51.60 119.77 16.90
CA ARG AA 25 -51.18 119.37 15.56
C ARG AA 25 -52.08 118.26 15.01
N GLY AA 26 -52.07 117.11 15.66
CA GLY AA 26 -52.86 116.01 15.17
C GLY AA 26 -52.59 114.78 16.00
N VAL AA 27 -52.86 113.61 15.41
CA VAL AA 27 -52.56 112.35 16.09
C VAL AA 27 -52.11 111.32 15.06
N ASN AA 28 -50.88 110.87 15.20
CA ASN AA 28 -50.41 109.80 14.35
C ASN AA 28 -51.10 108.50 14.75
N PRO AA 29 -51.71 107.80 13.81
CA PRO AA 29 -52.43 106.58 14.16
C PRO AA 29 -51.50 105.40 14.39
N THR AA 30 -50.47 105.27 13.56
CA THR AA 30 -49.63 104.07 13.64
C THR AA 30 -49.19 103.83 15.07
N ASN AA 31 -49.19 104.87 15.88
CA ASN AA 31 -48.85 104.79 17.28
C ASN AA 31 -50.00 105.16 18.18
N GLY AA 32 -51.04 105.78 17.65
CA GLY AA 32 -52.09 106.33 18.48
C GLY AA 32 -51.53 107.37 19.42
N VAL AA 33 -50.81 108.35 18.89
CA VAL AA 33 -50.17 109.36 19.72
C VAL AA 33 -50.58 110.74 19.23
N ALA AA 34 -51.16 111.54 20.11
CA ALA AA 34 -51.50 112.91 19.77
C ALA AA 34 -50.33 113.83 20.08
N SER AA 35 -50.17 114.84 19.24
CA SER AA 35 -49.03 115.75 19.32
C SER AA 35 -49.50 117.19 19.46
N LEU AA 36 -48.76 117.96 20.23
CA LEU AA 36 -48.97 119.39 20.41
C LEU AA 36 -47.65 120.10 20.23
N SER AA 37 -47.70 121.26 19.58
CA SER AA 37 -46.49 122.00 19.28
C SER AA 37 -46.66 123.46 19.66
N GLN AA 38 -45.56 124.07 20.07
CA GLN AA 38 -45.54 125.52 20.17
C GLN AA 38 -45.66 126.15 18.80
N ALA AA 39 -46.41 127.24 18.73
CA ALA AA 39 -46.57 127.94 17.47
C ALA AA 39 -45.23 128.47 17.00
N GLY AA 40 -44.89 128.14 15.76
CA GLY AA 40 -43.65 128.60 15.17
C GLY AA 40 -43.65 128.33 13.69
N ALA AA 41 -42.47 128.18 13.10
CA ALA AA 41 -42.40 127.83 11.69
C ALA AA 41 -41.48 126.64 11.47
N VAL AA 42 -40.37 126.61 12.20
CA VAL AA 42 -39.35 125.61 11.94
C VAL AA 42 -39.58 124.46 12.91
N PRO AA 43 -39.93 123.26 12.44
CA PRO AA 43 -40.19 122.17 13.39
C PRO AA 43 -39.02 121.91 14.31
N ALA AA 44 -37.81 122.17 13.83
CA ALA AA 44 -36.61 121.91 14.60
C ALA AA 44 -36.53 122.72 15.87
N LEU AA 45 -37.28 123.81 15.98
CA LEU AA 45 -37.15 124.74 17.10
C LEU AA 45 -38.50 124.98 17.73
N GLU AA 46 -39.24 123.91 18.01
CA GLU AA 46 -40.54 124.01 18.63
C GLU AA 46 -40.59 123.11 19.85
N LYS AA 47 -41.20 123.60 20.92
CA LYS AA 47 -41.47 122.77 22.08
C LYS AA 47 -42.57 121.80 21.72
N ARG AA 48 -42.31 120.51 21.87
CA ARG AA 48 -43.26 119.49 21.46
C ARG AA 48 -43.73 118.70 22.66
N VAL AA 49 -44.94 118.18 22.54
CA VAL AA 49 -45.57 117.37 23.58
C VAL AA 49 -46.33 116.25 22.89
N THR AA 50 -46.31 115.06 23.48
CA THR AA 50 -47.05 113.94 22.93
C THR AA 50 -47.74 113.18 24.04
N VAL AA 51 -48.96 112.74 23.76
CA VAL AA 51 -49.78 111.99 24.71
C VAL AA 51 -50.22 110.70 24.05
N SER AA 52 -50.08 109.60 24.77
CA SER AA 52 -50.44 108.29 24.24
C SER AA 52 -51.12 107.46 25.31
N VAL AA 53 -52.14 106.71 24.88
CA VAL AA 53 -52.99 105.92 25.75
C VAL AA 53 -53.02 104.52 25.19
N SER AA 54 -52.17 103.65 25.68
CA SER AA 54 -52.10 102.28 25.18
C SER AA 54 -52.99 101.38 26.02
N GLN AA 55 -53.88 100.67 25.36
CA GLN AA 55 -54.90 99.89 26.02
C GLN AA 55 -54.41 98.47 26.28
N PRO AA 56 -54.99 97.81 27.26
CA PRO AA 56 -54.49 96.48 27.61
C PRO AA 56 -54.63 95.49 26.48
N SER AA 57 -53.51 95.06 25.94
CA SER AA 57 -53.49 94.12 24.83
C SER AA 57 -53.31 92.70 25.34
N ARG AA 58 -53.20 91.75 24.40
CA ARG AA 58 -52.97 90.36 24.76
C ARG AA 58 -51.70 90.19 25.56
N ASN AA 59 -50.68 90.99 25.28
CA ASN AA 59 -49.39 90.84 25.92
C ASN AA 59 -49.12 91.95 26.95
N ARG AA 60 -50.14 92.70 27.33
CA ARG AA 60 -49.90 93.76 28.31
C ARG AA 60 -50.75 93.60 29.58
N LYS AA 61 -52.06 93.50 29.42
CA LYS AA 61 -52.94 93.42 30.58
C LYS AA 61 -52.71 94.58 31.54
N ASN AA 62 -52.42 95.76 31.00
CA ASN AA 62 -52.26 96.95 31.82
C ASN AA 62 -52.41 98.19 30.96
N TYR AA 63 -53.19 99.15 31.44
CA TYR AA 63 -53.33 100.41 30.73
C TYR AA 63 -52.07 101.24 30.90
N LYS AA 64 -51.60 101.83 29.79
CA LYS AA 64 -50.40 102.65 29.78
C LYS AA 64 -50.75 104.06 29.34
N VAL AA 65 -50.14 105.05 29.98
CA VAL AA 65 -50.31 106.44 29.63
C VAL AA 65 -48.93 107.08 29.57
N GLN AA 66 -48.47 107.40 28.37
CA GLN AA 66 -47.17 108.02 28.17
C GLN AA 66 -47.35 109.49 27.85
N VAL AA 67 -46.56 110.34 28.50
CA VAL AA 67 -46.52 111.77 28.23
C VAL AA 67 -45.08 112.14 27.98
N LYS AA 68 -44.80 112.67 26.80
CA LYS AA 68 -43.46 112.98 26.36
C LYS AA 68 -43.36 114.47 26.10
N ILE AA 69 -42.29 115.10 26.57
CA ILE AA 69 -42.06 116.53 26.40
C ILE AA 69 -40.65 116.73 25.90
N GLN AA 70 -40.53 117.54 24.84
CA GLN AA 70 -39.24 117.82 24.22
C GLN AA 70 -39.11 119.33 24.09
N ASN AA 71 -37.98 119.85 24.55
CA ASN AA 71 -37.72 121.30 24.50
C ASN AA 71 -36.38 121.54 23.83
N PRO AA 72 -36.35 122.10 22.63
CA PRO AA 72 -35.08 122.37 21.96
C PRO AA 72 -34.52 123.72 22.33
N THR AA 73 -33.23 123.87 22.11
CA THR AA 73 -32.54 125.12 22.36
C THR AA 73 -32.17 125.81 21.06
N ALA AA 74 -32.31 127.13 21.05
CA ALA AA 74 -32.10 127.90 19.83
C ALA AA 74 -30.63 127.92 19.44
N CYS AA 75 -29.79 128.54 20.27
CA CYS AA 75 -28.38 128.76 19.91
C CYS AA 75 -28.26 129.49 18.58
N THR AA 76 -29.07 130.54 18.42
CA THR AA 76 -29.04 131.31 17.18
C THR AA 76 -27.68 131.98 17.01
N ALA AA 77 -27.07 131.78 15.84
CA ALA AA 77 -25.77 132.33 15.54
C ALA AA 77 -25.91 133.73 14.94
N ASN AA 78 -24.84 134.53 15.09
CA ASN AA 78 -24.84 135.93 14.68
C ASN AA 78 -24.73 136.01 13.16
N GLY AA 79 -25.86 135.77 12.50
CA GLY AA 79 -25.94 135.70 11.06
C GLY AA 79 -25.78 134.27 10.59
N SER AA 80 -25.42 134.12 9.33
CA SER AA 80 -24.75 132.90 8.89
C SER AA 80 -25.63 131.67 8.98
N CYS AA 81 -26.82 131.75 9.57
CA CYS AA 81 -28.04 131.12 9.05
C CYS AA 81 -29.05 131.05 10.18
N ASP AA 82 -30.24 130.53 9.89
CA ASP AA 82 -31.20 130.26 10.93
C ASP AA 82 -30.56 129.45 12.05
N PRO AA 83 -31.13 129.48 13.25
CA PRO AA 83 -30.50 128.80 14.38
C PRO AA 83 -30.40 127.30 14.15
N SER AA 84 -29.63 126.66 15.03
CA SER AA 84 -29.41 125.21 14.98
C SER AA 84 -29.64 124.63 16.36
N VAL AA 85 -30.10 123.38 16.38
CA VAL AA 85 -30.37 122.71 17.66
C VAL AA 85 -29.06 122.29 18.31
N THR AA 86 -28.86 122.72 19.54
CA THR AA 86 -27.67 122.37 20.31
C THR AA 86 -27.98 121.56 21.56
N ARG AA 87 -29.04 121.89 22.28
CA ARG AA 87 -29.43 121.17 23.48
C ARG AA 87 -30.89 120.77 23.33
N GLN AA 88 -31.25 119.66 23.97
CA GLN AA 88 -32.58 119.11 23.82
C GLN AA 88 -33.00 118.51 25.14
N ALA AA 89 -33.89 119.18 25.86
CA ALA AA 89 -34.36 118.72 27.15
C ALA AA 89 -35.50 117.72 26.96
N TYR AA 90 -35.37 116.57 27.60
CA TYR AA 90 -36.37 115.50 27.53
C TYR AA 90 -37.04 115.31 28.87
N ALA AA 91 -38.36 115.08 28.82
CA ALA AA 91 -39.11 114.60 29.96
C ALA AA 91 -40.06 113.53 29.47
N ASP AA 92 -40.17 112.44 30.22
CA ASP AA 92 -41.05 111.35 29.85
C ASP AA 92 -41.68 110.76 31.10
N VAL AA 93 -42.99 110.84 31.19
CA VAL AA 93 -43.74 110.27 32.29
C VAL AA 93 -44.51 109.08 31.77
N THR AA 94 -44.69 108.07 32.61
CA THR AA 94 -45.24 106.80 32.19
C THR AA 94 -46.09 106.25 33.33
N PHE AA 95 -47.40 106.42 33.22
CA PHE AA 95 -48.33 105.85 34.20
C PHE AA 95 -48.79 104.48 33.76
N SER AA 96 -48.77 103.53 34.70
CA SER AA 96 -49.16 102.15 34.43
C SER AA 96 -50.24 101.76 35.41
N PHE AA 97 -51.33 101.20 34.90
CA PHE AA 97 -52.58 101.14 35.64
C PHE AA 97 -53.21 99.77 35.42
N THR AA 98 -53.86 99.24 36.44
CA THR AA 98 -54.43 97.91 36.31
C THR AA 98 -55.84 97.99 35.73
N GLN AA 99 -56.27 96.86 35.16
CA GLN AA 99 -57.60 96.81 34.56
C GLN AA 99 -58.68 97.24 35.52
N TYR AA 100 -58.54 96.87 36.79
CA TYR AA 100 -59.54 97.20 37.79
C TYR AA 100 -59.21 98.49 38.50
N SER AA 101 -58.27 99.27 37.97
CA SER AA 101 -57.96 100.56 38.53
C SER AA 101 -59.25 101.37 38.70
N THR AA 102 -59.19 102.40 39.53
CA THR AA 102 -60.32 103.30 39.69
C THR AA 102 -59.87 104.75 39.52
N ASP AA 103 -60.74 105.51 38.87
CA ASP AA 103 -60.55 106.95 38.70
C ASP AA 103 -59.96 107.58 39.93
N GLU AA 104 -60.44 107.18 41.11
CA GLU AA 104 -59.99 107.81 42.33
C GLU AA 104 -58.49 107.80 42.42
N GLU AA 105 -57.92 106.60 42.54
CA GLU AA 105 -56.47 106.51 42.72
C GLU AA 105 -55.75 106.97 41.46
N ARG AA 106 -56.39 106.86 40.30
CA ARG AA 106 -55.72 107.40 39.12
C ARG AA 106 -55.42 108.87 39.34
N ALA AA 107 -56.44 109.63 39.71
CA ALA AA 107 -56.29 111.05 39.93
C ALA AA 107 -55.37 111.31 41.12
N PHE AA 108 -55.48 110.50 42.15
CA PHE AA 108 -54.63 110.66 43.33
C PHE AA 108 -53.16 110.60 42.92
N VAL AA 109 -52.80 109.58 42.14
CA VAL AA 109 -51.44 109.46 41.67
C VAL AA 109 -51.08 110.67 40.82
N ARG AA 110 -52.00 111.09 39.96
CA ARG AA 110 -51.72 112.23 39.09
C ARG AA 110 -51.31 113.44 39.92
N THR AA 111 -52.22 113.88 40.78
CA THR AA 111 -51.95 115.10 41.54
C THR AA 111 -50.77 114.91 42.46
N GLU AA 112 -50.51 113.68 42.89
CA GLU AA 112 -49.37 113.46 43.77
C GLU AA 112 -48.08 113.68 43.01
N LEU AA 113 -48.03 113.22 41.77
CA LEU AA 113 -46.89 113.52 40.93
C LEU AA 113 -46.75 115.02 40.75
N ALA AA 114 -47.87 115.71 40.53
CA ALA AA 114 -47.79 117.16 40.36
C ALA AA 114 -47.20 117.83 41.59
N ALA AA 115 -47.68 117.43 42.76
CA ALA AA 115 -47.20 118.04 43.99
C ALA AA 115 -45.74 117.72 44.23
N LEU AA 116 -45.30 116.50 43.92
CA LEU AA 116 -43.88 116.22 44.01
C LEU AA 116 -43.10 117.14 43.10
N LEU AA 117 -43.58 117.34 41.87
CA LEU AA 117 -42.90 118.21 40.94
C LEU AA 117 -42.81 119.64 41.43
N ALA AA 118 -43.74 120.08 42.27
CA ALA AA 118 -43.65 121.41 42.85
C ALA AA 118 -42.94 121.47 44.20
N SER AA 119 -42.71 120.33 44.86
CA SER AA 119 -42.14 120.33 46.19
C SER AA 119 -40.65 120.66 46.19
N PRO AA 120 -40.12 121.10 47.31
CA PRO AA 120 -38.71 121.54 47.33
C PRO AA 120 -37.76 120.48 46.87
N LEU AA 121 -38.05 119.23 47.24
CA LEU AA 121 -37.13 118.13 46.96
C LEU AA 121 -36.76 118.09 45.48
N LEU AA 122 -37.74 117.79 44.63
CA LEU AA 122 -37.43 117.69 43.22
C LEU AA 122 -36.95 119.00 42.64
N ILE AA 123 -37.33 120.13 43.25
CA ILE AA 123 -36.86 121.40 42.72
C ILE AA 123 -35.34 121.43 42.71
N ASP AA 124 -34.73 121.11 43.84
CA ASP AA 124 -33.28 121.15 43.88
C ASP AA 124 -32.67 119.89 43.27
N ALA AA 125 -33.43 118.80 43.19
CA ALA AA 125 -32.90 117.61 42.53
C ALA AA 125 -32.84 117.80 41.02
N ILE AA 126 -33.71 118.63 40.46
CA ILE AA 126 -33.78 118.85 39.03
C ILE AA 126 -33.00 120.09 38.68
N ASP AA 127 -33.48 121.22 39.17
CA ASP AA 127 -32.88 122.50 38.78
C ASP AA 127 -31.40 122.50 39.09
N GLN AA 128 -31.05 122.19 40.32
CA GLN AA 128 -29.66 122.18 40.75
C GLN AA 128 -28.97 120.88 40.44
N LEU AA 129 -29.71 119.85 40.01
CA LEU AA 129 -29.15 118.51 39.83
C LEU AA 129 -28.50 118.01 41.10
N ASN AA 130 -29.07 118.35 42.25
CA ASN AA 130 -28.51 117.91 43.51
C ASN AA 130 -28.99 116.49 43.80
N PRO AA 131 -28.09 115.53 43.98
CA PRO AA 131 -28.55 114.21 44.42
C PRO AA 131 -29.31 114.31 45.73
N ALA AA 132 -30.44 113.62 45.79
CA ALA AA 132 -31.27 113.67 46.99
C ALA AA 132 -30.43 113.27 48.18
N TYR AA 133 -30.11 114.23 49.04
CA TYR AA 133 -29.40 113.98 50.27
C TYR AA 133 -29.42 115.25 51.09
N ALA BA 2 -65.05 109.22 8.83
CA ALA BA 2 -65.73 109.06 10.15
C ALA BA 2 -64.84 109.55 11.29
N LYS BA 3 -64.97 110.84 11.59
CA LYS BA 3 -64.29 111.45 12.72
C LYS BA 3 -64.81 110.88 14.03
N LEU BA 4 -63.93 110.29 14.83
CA LEU BA 4 -64.35 109.83 16.14
C LEU BA 4 -64.74 111.03 16.98
N GLU BA 5 -65.90 110.94 17.62
CA GLU BA 5 -66.37 112.00 18.47
C GLU BA 5 -67.20 111.40 19.59
N THR BA 6 -67.39 112.17 20.64
CA THR BA 6 -68.22 111.77 21.76
C THR BA 6 -69.60 111.34 21.24
N VAL BA 7 -69.94 110.07 21.41
CA VAL BA 7 -71.22 109.56 20.95
C VAL BA 7 -72.23 109.70 22.07
N THR BA 8 -73.32 110.38 21.78
CA THR BA 8 -74.38 110.61 22.76
C THR BA 8 -75.64 109.93 22.27
N LEU BA 9 -76.06 108.91 22.99
CA LEU BA 9 -77.02 107.97 22.47
C LEU BA 9 -78.18 107.87 23.46
N GLY BA 10 -79.30 108.49 23.10
CA GLY BA 10 -80.44 108.60 23.98
C GLY BA 10 -81.57 107.67 23.58
N ASN BA 11 -82.63 107.71 24.36
CA ASN BA 11 -83.80 106.89 24.09
C ASN BA 11 -83.43 105.42 24.04
N ILE BA 12 -82.93 104.92 25.16
CA ILE BA 12 -82.35 103.60 25.25
C ILE BA 12 -82.99 102.85 26.40
N GLY BA 13 -83.01 101.53 26.28
CA GLY BA 13 -83.52 100.67 27.33
C GLY BA 13 -84.96 100.24 27.09
N LYS BA 14 -85.48 99.48 28.04
CA LYS BA 14 -86.83 98.94 27.91
C LYS BA 14 -87.82 100.05 27.63
N ASP BA 15 -87.81 101.09 28.45
CA ASP BA 15 -88.73 102.20 28.29
C ASP BA 15 -88.15 103.32 27.43
N GLY BA 16 -86.92 103.18 26.96
CA GLY BA 16 -86.35 104.22 26.15
C GLY BA 16 -86.20 105.52 26.92
N LYS BA 17 -85.52 105.47 28.05
CA LYS BA 17 -85.29 106.66 28.85
C LYS BA 17 -83.84 106.87 29.23
N GLN BA 18 -83.01 105.85 29.25
CA GLN BA 18 -81.63 106.03 29.65
C GLN BA 18 -80.82 106.64 28.51
N THR BA 19 -79.56 106.93 28.80
CA THR BA 19 -78.66 107.54 27.83
C THR BA 19 -77.25 106.99 28.02
N LEU BA 20 -76.50 106.95 26.93
CA LEU BA 20 -75.15 106.44 26.92
C LEU BA 20 -74.23 107.48 26.32
N VAL BA 21 -73.09 107.69 26.95
CA VAL BA 21 -72.09 108.61 26.43
C VAL BA 21 -70.82 107.80 26.23
N LEU BA 22 -70.41 107.67 24.99
CA LEU BA 22 -69.29 106.83 24.60
C LEU BA 22 -68.14 107.72 24.14
N ASN BA 23 -67.03 107.60 24.77
CA ASN BA 23 -65.92 108.42 24.32
C ASN BA 23 -64.96 107.57 23.50
N PRO BA 24 -64.22 108.19 22.58
CA PRO BA 24 -63.30 107.41 21.74
C PRO BA 24 -62.11 106.88 22.52
N ARG BA 25 -61.70 105.67 22.18
CA ARG BA 25 -60.45 105.08 22.64
C ARG BA 25 -59.45 104.92 21.52
N GLY BA 26 -59.66 105.62 20.42
CA GLY BA 26 -58.73 105.55 19.32
C GLY BA 26 -58.86 104.29 18.49
N VAL BA 27 -57.76 103.94 17.85
CA VAL BA 27 -57.75 102.88 16.85
C VAL BA 27 -56.55 102.00 17.08
N ASN BA 28 -56.77 100.70 17.07
CA ASN BA 28 -55.65 99.78 17.13
C ASN BA 28 -54.79 99.93 15.87
N PRO BA 29 -53.48 100.03 16.00
CA PRO BA 29 -52.64 100.17 14.81
C PRO BA 29 -52.48 98.88 14.03
N THR BA 30 -52.72 97.73 14.66
CA THR BA 30 -52.57 96.45 13.98
C THR BA 30 -53.86 96.03 13.28
N ASN BA 31 -54.94 95.90 14.05
CA ASN BA 31 -56.20 95.48 13.47
C ASN BA 31 -56.98 96.63 12.88
N GLY BA 32 -56.56 97.87 13.13
CA GLY BA 32 -57.19 99.00 12.50
C GLY BA 32 -58.66 99.10 12.84
N VAL BA 33 -58.97 98.97 14.13
CA VAL BA 33 -60.34 98.98 14.60
C VAL BA 33 -60.48 100.07 15.66
N ALA BA 34 -61.46 100.96 15.48
CA ALA BA 34 -61.69 102.00 16.46
C ALA BA 34 -62.57 101.50 17.57
N SER BA 35 -62.44 102.12 18.74
CA SER BA 35 -63.17 101.69 19.92
C SER BA 35 -63.64 102.89 20.70
N LEU BA 36 -64.83 102.76 21.27
CA LEU BA 36 -65.40 103.75 22.18
C LEU BA 36 -65.81 103.04 23.44
N SER BA 37 -65.93 103.77 24.54
CA SER BA 37 -66.54 103.16 25.71
C SER BA 37 -67.14 104.24 26.60
N GLN BA 38 -68.02 103.79 27.48
CA GLN BA 38 -68.62 104.66 28.47
C GLN BA 38 -67.58 105.13 29.48
N ALA BA 39 -67.73 106.37 29.92
CA ALA BA 39 -66.88 106.84 31.00
C ALA BA 39 -67.37 106.23 32.30
N GLY BA 40 -66.43 105.74 33.11
CA GLY BA 40 -66.77 105.25 34.42
C GLY BA 40 -65.53 105.11 35.26
N ALA BA 41 -65.73 104.63 36.49
CA ALA BA 41 -64.65 104.52 37.45
C ALA BA 41 -63.72 103.36 37.13
N VAL BA 42 -64.28 102.22 36.76
CA VAL BA 42 -63.51 100.99 36.58
C VAL BA 42 -63.46 100.69 35.08
N PRO BA 43 -62.28 100.69 34.45
CA PRO BA 43 -62.21 100.36 33.02
C PRO BA 43 -62.81 99.01 32.72
N ALA BA 44 -62.70 98.07 33.64
CA ALA BA 44 -63.25 96.74 33.42
C ALA BA 44 -64.77 96.77 33.26
N LEU BA 45 -65.44 97.76 33.85
CA LEU BA 45 -66.88 97.79 33.89
C LEU BA 45 -67.48 98.82 32.93
N GLU BA 46 -66.67 99.30 32.00
CA GLU BA 46 -67.15 100.26 31.01
C GLU BA 46 -67.67 99.54 29.79
N LYS BA 47 -68.86 99.91 29.35
CA LYS BA 47 -69.43 99.34 28.16
C LYS BA 47 -68.65 99.80 26.94
N ARG BA 48 -68.24 98.85 26.11
CA ARG BA 48 -67.37 99.11 24.98
C ARG BA 48 -68.10 98.90 23.66
N VAL BA 49 -67.61 99.56 22.62
CA VAL BA 49 -68.23 99.54 21.30
C VAL BA 49 -67.13 99.60 20.25
N THR BA 50 -67.06 98.61 19.39
CA THR BA 50 -66.00 98.51 18.39
C THR BA 50 -66.54 98.71 16.98
N VAL BA 51 -65.75 99.39 16.16
CA VAL BA 51 -66.12 99.67 14.77
C VAL BA 51 -64.89 99.41 13.90
N SER BA 52 -65.06 98.62 12.85
CA SER BA 52 -63.98 98.38 11.90
C SER BA 52 -64.55 98.28 10.50
N VAL BA 53 -63.77 98.72 9.52
CA VAL BA 53 -64.13 98.61 8.12
C VAL BA 53 -62.91 98.08 7.38
N SER BA 54 -62.97 96.83 6.94
CA SER BA 54 -61.92 96.25 6.14
C SER BA 54 -61.94 96.82 4.73
N GLN BA 55 -60.76 97.08 4.22
CA GLN BA 55 -60.63 97.42 2.82
C GLN BA 55 -60.75 96.17 1.97
N PRO BA 56 -60.95 96.33 0.67
CA PRO BA 56 -61.17 95.17 -0.19
C PRO BA 56 -59.99 94.21 -0.17
N SER BA 57 -60.30 92.92 -0.21
CA SER BA 57 -59.29 91.88 -0.24
C SER BA 57 -58.93 91.61 -1.69
N ARG BA 58 -58.25 90.50 -1.97
CA ARG BA 58 -57.76 90.21 -3.30
C ARG BA 58 -58.76 89.35 -4.06
N ASN BA 59 -59.04 89.75 -5.31
CA ASN BA 59 -59.76 88.93 -6.29
C ASN BA 59 -61.24 88.70 -5.93
N ARG BA 60 -61.66 89.14 -4.75
CA ARG BA 60 -63.06 89.06 -4.36
C ARG BA 60 -63.55 90.42 -3.86
N LYS BA 61 -62.69 91.16 -3.19
CA LYS BA 61 -62.81 92.58 -2.93
C LYS BA 61 -63.85 92.92 -1.87
N ASN BA 62 -64.88 92.09 -1.67
CA ASN BA 62 -65.52 91.88 -0.36
C ASN BA 62 -65.48 93.02 0.66
N TYR BA 63 -66.04 94.20 0.41
CA TYR BA 63 -66.02 95.22 1.47
C TYR BA 63 -66.76 94.70 2.70
N LYS BA 64 -66.16 94.89 3.88
CA LYS BA 64 -66.75 94.42 5.13
C LYS BA 64 -66.59 95.42 6.26
N VAL BA 65 -67.63 95.52 7.08
CA VAL BA 65 -67.66 96.39 8.25
C VAL BA 65 -68.15 95.56 9.43
N GLN BA 66 -67.58 95.83 10.60
CA GLN BA 66 -67.86 95.03 11.78
C GLN BA 66 -68.15 95.97 12.95
N VAL BA 67 -69.11 95.59 13.78
CA VAL BA 67 -69.56 96.41 14.90
C VAL BA 67 -69.73 95.50 16.11
N LYS BA 68 -68.86 95.63 17.10
CA LYS BA 68 -68.90 94.78 18.29
C LYS BA 68 -69.27 95.62 19.49
N ILE BA 69 -70.42 95.30 20.09
CA ILE BA 69 -70.88 95.89 21.34
C ILE BA 69 -70.58 94.89 22.45
N GLN BA 70 -69.85 95.35 23.48
CA GLN BA 70 -69.64 94.56 24.67
C GLN BA 70 -70.24 95.31 25.85
N ASN BA 71 -70.99 94.59 26.68
CA ASN BA 71 -71.65 95.18 27.85
C ASN BA 71 -71.35 94.35 29.08
N PRO BA 72 -70.54 94.84 30.00
CA PRO BA 72 -70.18 94.02 31.16
C PRO BA 72 -71.14 94.23 32.33
N THR BA 73 -71.00 93.35 33.32
CA THR BA 73 -71.74 93.48 34.56
C THR BA 73 -71.06 92.61 35.61
N ALA BA 74 -70.70 93.22 36.73
CA ALA BA 74 -70.00 92.55 37.81
C ALA BA 74 -70.90 92.42 39.03
N CYS BA 75 -70.41 91.70 40.04
CA CYS BA 75 -71.14 91.51 41.29
C CYS BA 75 -70.10 91.30 42.38
N THR BA 76 -69.79 92.35 43.13
CA THR BA 76 -68.76 92.24 44.14
C THR BA 76 -69.11 91.18 45.16
N ALA BA 77 -68.30 90.14 45.24
CA ALA BA 77 -68.51 89.07 46.20
C ALA BA 77 -68.15 89.54 47.59
N ASN BA 78 -68.72 88.89 48.58
CA ASN BA 78 -68.36 89.18 49.96
C ASN BA 78 -66.91 88.80 50.20
N GLY BA 79 -66.17 89.71 50.83
CA GLY BA 79 -64.76 89.50 51.10
C GLY BA 79 -63.83 89.93 49.99
N SER BA 80 -64.34 90.16 48.78
CA SER BA 80 -63.53 90.59 47.66
C SER BA 80 -63.77 92.08 47.41
N CYS BA 81 -62.69 92.86 47.42
CA CYS BA 81 -62.80 94.29 47.17
C CYS BA 81 -62.54 94.65 45.72
N ASP BA 82 -62.95 93.81 44.79
CA ASP BA 82 -62.80 94.11 43.38
C ASP BA 82 -64.03 93.59 42.63
N PRO BA 83 -64.80 94.47 42.02
CA PRO BA 83 -66.01 94.00 41.32
C PRO BA 83 -65.68 93.23 40.06
N SER BA 84 -65.31 91.97 40.22
CA SER BA 84 -65.02 91.12 39.07
C SER BA 84 -66.25 90.97 38.20
N VAL BA 85 -66.07 91.07 36.89
CA VAL BA 85 -67.18 90.92 35.97
C VAL BA 85 -67.60 89.46 35.93
N THR BA 86 -68.84 89.18 36.28
CA THR BA 86 -69.38 87.83 36.20
C THR BA 86 -70.39 87.66 35.08
N ARG BA 87 -70.62 88.70 34.29
CA ARG BA 87 -71.65 88.67 33.26
C ARG BA 87 -71.24 89.61 32.13
N GLN BA 88 -71.51 89.21 30.90
CA GLN BA 88 -71.12 90.03 29.77
C GLN BA 88 -71.99 89.70 28.58
N ALA BA 89 -72.42 90.75 27.87
CA ALA BA 89 -73.28 90.62 26.71
C ALA BA 89 -72.50 91.01 25.47
N TYR BA 90 -72.56 90.16 24.45
CA TYR BA 90 -71.89 90.38 23.18
C TYR BA 90 -72.94 90.69 22.12
N ALA BA 91 -72.61 91.58 21.20
CA ALA BA 91 -73.45 91.81 20.04
C ALA BA 91 -72.55 92.18 18.88
N ASP BA 92 -72.42 91.28 17.90
CA ASP BA 92 -71.58 91.55 16.74
C ASP BA 92 -72.47 91.67 15.51
N VAL BA 93 -72.31 92.77 14.80
CA VAL BA 93 -73.02 93.04 13.56
C VAL BA 93 -72.00 93.09 12.44
N THR BA 94 -72.30 92.41 11.33
CA THR BA 94 -71.37 92.31 10.22
C THR BA 94 -72.10 92.70 8.95
N PHE BA 95 -71.60 93.75 8.29
CA PHE BA 95 -72.09 94.15 6.97
C PHE BA 95 -71.08 93.77 5.92
N SER BA 96 -71.55 93.21 4.81
CA SER BA 96 -70.70 92.87 3.69
C SER BA 96 -71.34 93.38 2.41
N PHE BA 97 -70.55 94.09 1.61
CA PHE BA 97 -70.99 94.66 0.35
C PHE BA 97 -70.02 94.33 -0.76
N THR BA 98 -70.51 94.53 -1.98
CA THR BA 98 -69.74 94.29 -3.17
C THR BA 98 -68.88 95.51 -3.51
N GLN BA 99 -67.79 95.24 -4.22
CA GLN BA 99 -67.01 96.30 -4.82
C GLN BA 99 -67.89 97.30 -5.56
N TYR BA 100 -69.05 96.89 -6.04
CA TYR BA 100 -69.95 97.77 -6.75
C TYR BA 100 -71.19 98.14 -5.96
N SER BA 101 -71.21 97.81 -4.67
CA SER BA 101 -72.29 98.29 -3.83
C SER BA 101 -72.45 99.80 -3.94
N THR BA 102 -73.61 100.31 -3.55
CA THR BA 102 -73.88 101.74 -3.62
C THR BA 102 -74.45 102.24 -2.30
N ASP BA 103 -74.19 103.51 -2.03
CA ASP BA 103 -74.68 104.12 -0.81
C ASP BA 103 -76.17 103.88 -0.64
N GLU BA 104 -76.93 103.96 -1.74
CA GLU BA 104 -78.37 103.72 -1.66
C GLU BA 104 -78.67 102.43 -0.92
N GLU BA 105 -78.30 101.30 -1.50
CA GLU BA 105 -78.70 100.03 -0.91
C GLU BA 105 -78.02 99.83 0.42
N ARG BA 106 -76.88 100.46 0.60
CA ARG BA 106 -76.11 100.29 1.82
C ARG BA 106 -76.81 100.96 2.99
N ALA BA 107 -77.26 102.20 2.80
CA ALA BA 107 -78.13 102.85 3.77
C ALA BA 107 -79.44 102.11 3.91
N PHE BA 108 -79.91 101.51 2.81
CA PHE BA 108 -81.13 100.76 2.87
C PHE BA 108 -80.97 99.62 3.87
N VAL BA 109 -79.85 98.93 3.78
CA VAL BA 109 -79.56 97.83 4.69
C VAL BA 109 -79.49 98.31 6.12
N ARG BA 110 -78.71 99.37 6.35
CA ARG BA 110 -78.52 99.81 7.73
C ARG BA 110 -79.87 100.12 8.37
N THR BA 111 -80.70 100.87 7.66
CA THR BA 111 -81.94 101.33 8.26
C THR BA 111 -82.93 100.19 8.39
N GLU BA 112 -82.88 99.22 7.49
CA GLU BA 112 -83.68 98.02 7.68
C GLU BA 112 -83.28 97.34 8.98
N LEU BA 113 -81.98 97.21 9.21
CA LEU BA 113 -81.54 96.59 10.45
C LEU BA 113 -82.04 97.38 11.65
N ALA BA 114 -81.91 98.70 11.60
CA ALA BA 114 -82.34 99.51 12.73
C ALA BA 114 -83.82 99.30 13.00
N ALA BA 115 -84.64 99.36 11.98
CA ALA BA 115 -86.06 99.33 12.21
C ALA BA 115 -86.56 97.93 12.54
N LEU BA 116 -85.90 96.87 12.07
CA LEU BA 116 -86.18 95.56 12.65
C LEU BA 116 -85.80 95.54 14.13
N LEU BA 117 -84.65 96.08 14.48
CA LEU BA 117 -84.29 96.12 15.89
C LEU BA 117 -85.33 96.87 16.71
N ALA BA 118 -86.07 97.76 16.07
CA ALA BA 118 -87.21 98.44 16.71
C ALA BA 118 -88.49 97.63 16.68
N SER BA 119 -88.68 96.79 15.67
CA SER BA 119 -89.95 96.14 15.44
C SER BA 119 -90.26 95.13 16.54
N PRO BA 120 -91.54 94.84 16.77
CA PRO BA 120 -91.88 93.88 17.81
C PRO BA 120 -91.22 92.54 17.62
N LEU BA 121 -90.94 92.17 16.37
CA LEU BA 121 -90.38 90.85 16.09
C LEU BA 121 -89.10 90.69 16.89
N LEU BA 122 -88.10 91.51 16.59
CA LEU BA 122 -86.86 91.39 17.33
C LEU BA 122 -87.05 91.70 18.80
N ILE BA 123 -87.99 92.59 19.12
CA ILE BA 123 -88.29 92.87 20.53
C ILE BA 123 -88.44 91.57 21.29
N ASP BA 124 -89.45 90.79 20.95
CA ASP BA 124 -89.70 89.58 21.71
C ASP BA 124 -88.74 88.46 21.34
N ALA BA 125 -88.02 88.59 20.23
CA ALA BA 125 -86.98 87.63 19.91
C ALA BA 125 -85.80 87.73 20.85
N ILE BA 126 -85.42 88.95 21.22
CA ILE BA 126 -84.25 89.20 22.05
C ILE BA 126 -84.64 89.41 23.49
N ASP BA 127 -85.46 90.43 23.76
CA ASP BA 127 -85.81 90.81 25.12
C ASP BA 127 -86.26 89.59 25.91
N GLN BA 128 -87.19 88.85 25.34
CA GLN BA 128 -87.75 87.67 26.00
C GLN BA 128 -87.14 86.38 25.49
N LEU BA 129 -86.16 86.46 24.59
CA LEU BA 129 -85.47 85.28 24.07
C LEU BA 129 -86.49 84.30 23.52
N ASN BA 130 -87.38 84.80 22.69
CA ASN BA 130 -88.49 84.00 22.23
C ASN BA 130 -88.29 83.64 20.76
N PRO BA 131 -87.96 82.40 20.43
CA PRO BA 131 -87.89 82.02 19.01
C PRO BA 131 -89.21 82.29 18.29
N ALA BA 132 -89.08 82.76 17.06
CA ALA BA 132 -90.23 83.28 16.35
C ALA BA 132 -90.91 82.16 15.58
N TYR BA 133 -92.23 82.10 15.68
CA TYR BA 133 -93.04 81.18 14.88
C TYR BA 133 -94.46 81.67 14.77
N ALA CA 2 -113.73 44.19 50.33
CA ALA CA 2 -113.25 42.92 50.93
C ALA CA 2 -112.49 43.17 52.23
N LYS CA 3 -113.16 43.75 53.21
CA LYS CA 3 -112.52 44.00 54.49
C LYS CA 3 -112.21 42.69 55.20
N LEU CA 4 -111.06 42.64 55.86
CA LEU CA 4 -110.65 41.46 56.61
C LEU CA 4 -110.94 41.68 58.08
N GLU CA 5 -111.52 40.67 58.72
CA GLU CA 5 -111.90 40.76 60.12
C GLU CA 5 -112.02 39.35 60.68
N THR CA 6 -112.64 39.23 61.84
CA THR CA 6 -112.94 37.94 62.42
C THR CA 6 -114.13 37.33 61.71
N VAL CA 7 -114.00 36.08 61.28
CA VAL CA 7 -115.05 35.36 60.59
C VAL CA 7 -115.49 34.20 61.46
N THR CA 8 -116.79 34.04 61.62
CA THR CA 8 -117.38 33.05 62.51
C THR CA 8 -118.16 32.05 61.67
N LEU CA 9 -117.51 30.95 61.33
CA LEU CA 9 -118.15 29.89 60.55
C LEU CA 9 -118.89 28.98 61.52
N GLY CA 10 -120.22 29.04 61.48
CA GLY CA 10 -121.02 28.19 62.36
C GLY CA 10 -121.61 27.01 61.64
N ASN CA 11 -122.07 26.01 62.38
CA ASN CA 11 -122.77 24.86 61.79
C ASN CA 11 -121.84 24.12 60.83
N ILE CA 12 -120.80 23.54 61.41
CA ILE CA 12 -119.67 23.01 60.67
C ILE CA 12 -119.51 21.53 61.02
N GLY CA 13 -118.98 20.76 60.08
CA GLY CA 13 -118.64 19.37 60.35
C GLY CA 13 -119.72 18.40 59.91
N LYS CA 14 -119.53 17.14 60.30
CA LYS CA 14 -120.47 16.10 59.89
C LYS CA 14 -121.87 16.41 60.37
N ASP CA 15 -122.03 16.70 61.65
CA ASP CA 15 -123.33 17.03 62.22
C ASP CA 15 -123.67 18.50 62.06
N GLY CA 16 -122.72 19.30 61.61
CA GLY CA 16 -122.94 20.73 61.51
C GLY CA 16 -123.16 21.41 62.85
N LYS CA 17 -122.29 21.11 63.83
CA LYS CA 17 -122.43 21.74 65.14
C LYS CA 17 -121.19 22.47 65.61
N GLN CA 18 -120.00 22.16 65.10
CA GLN CA 18 -118.83 22.90 65.55
C GLN CA 18 -118.84 24.32 64.99
N THR CA 19 -117.89 25.13 65.45
CA THR CA 19 -117.73 26.50 64.96
C THR CA 19 -116.26 26.80 64.83
N LEU CA 20 -115.94 27.65 63.86
CA LEU CA 20 -114.57 28.01 63.54
C LEU CA 20 -114.45 29.52 63.58
N VAL CA 21 -113.52 30.03 64.38
CA VAL CA 21 -113.30 31.45 64.53
C VAL CA 21 -111.97 31.77 63.88
N LEU CA 22 -112.00 32.53 62.79
CA LEU CA 22 -110.81 32.82 62.02
C LEU CA 22 -110.50 34.31 62.12
N ASN CA 23 -109.40 34.62 62.71
CA ASN CA 23 -108.92 35.99 62.82
C ASN CA 23 -108.01 36.33 61.64
N PRO CA 24 -108.03 37.59 61.23
CA PRO CA 24 -107.29 37.98 60.03
C PRO CA 24 -105.79 38.03 60.27
N ARG CA 25 -105.08 38.28 59.18
CA ARG CA 25 -103.63 38.15 59.15
C ARG CA 25 -103.09 39.33 58.38
N GLY CA 26 -101.84 39.25 57.95
CA GLY CA 26 -101.24 40.26 57.07
C GLY CA 26 -101.31 39.83 55.62
N VAL CA 27 -101.46 40.81 54.73
CA VAL CA 27 -101.55 40.52 53.31
C VAL CA 27 -100.15 40.37 52.74
N ASN CA 28 -99.85 39.20 52.20
CA ASN CA 28 -98.53 38.93 51.66
C ASN CA 28 -98.21 39.91 50.53
N PRO CA 29 -97.35 40.89 50.77
CA PRO CA 29 -97.05 41.85 49.71
C PRO CA 29 -96.46 41.19 48.49
N THR CA 30 -95.71 40.11 48.67
CA THR CA 30 -95.06 39.46 47.55
C THR CA 30 -96.04 39.10 46.46
N ASN CA 31 -97.27 38.73 46.82
CA ASN CA 31 -98.23 38.29 45.83
C ASN CA 31 -99.64 38.80 46.09
N GLY CA 32 -99.85 39.63 47.10
CA GLY CA 32 -101.18 40.13 47.39
C GLY CA 32 -102.14 39.01 47.74
N VAL CA 33 -101.91 38.35 48.87
CA VAL CA 33 -102.80 37.31 49.36
C VAL CA 33 -103.06 37.58 50.84
N ALA CA 34 -104.33 37.77 51.19
CA ALA CA 34 -104.67 37.91 52.59
C ALA CA 34 -104.91 36.54 53.19
N SER CA 35 -104.78 36.45 54.51
CA SER CA 35 -104.93 35.15 55.15
C SER CA 35 -105.69 35.30 56.47
N LEU CA 36 -106.30 34.21 56.87
CA LEU CA 36 -107.02 34.09 58.12
C LEU CA 36 -106.58 32.81 58.78
N SER CA 37 -106.65 32.78 60.11
CA SER CA 37 -106.22 31.59 60.83
C SER CA 37 -107.03 31.44 62.09
N GLN CA 38 -106.97 30.24 62.65
CA GLN CA 38 -107.77 29.90 63.81
C GLN CA 38 -107.60 30.96 64.88
N ALA CA 39 -108.56 31.05 65.79
CA ALA CA 39 -108.46 32.00 66.89
C ALA CA 39 -107.10 31.91 67.59
N GLY CA 40 -106.42 30.78 67.48
CA GLY CA 40 -105.15 30.58 68.14
C GLY CA 40 -105.30 29.68 69.35
N ALA CA 41 -104.22 29.58 70.12
CA ALA CA 41 -103.01 30.35 69.87
C ALA CA 41 -102.13 29.71 68.81
N VAL CA 42 -101.51 28.57 69.14
CA VAL CA 42 -100.67 27.88 68.18
C VAL CA 42 -101.49 27.49 66.96
N PRO CA 43 -102.74 27.06 67.10
CA PRO CA 43 -103.56 26.81 65.90
C PRO CA 43 -103.54 27.97 64.90
N ALA CA 44 -103.19 29.18 65.35
CA ALA CA 44 -103.01 30.29 64.43
C ALA CA 44 -101.91 29.99 63.42
N LEU CA 45 -100.88 29.28 63.85
CA LEU CA 45 -99.83 28.80 62.98
C LEU CA 45 -100.04 27.35 62.54
N GLU CA 46 -101.27 26.84 62.57
CA GLU CA 46 -101.59 25.57 61.96
C GLU CA 46 -102.71 25.66 60.93
N LYS CA 47 -103.88 26.16 61.30
CA LYS CA 47 -105.00 26.24 60.38
C LYS CA 47 -104.93 27.53 59.58
N ARG CA 48 -105.14 27.43 58.26
CA ARG CA 48 -104.91 28.58 57.39
C ARG CA 48 -106.01 28.65 56.34
N VAL CA 49 -106.35 29.88 55.97
CA VAL CA 49 -107.31 30.14 54.91
C VAL CA 49 -106.85 31.38 54.17
N THR CA 50 -106.38 31.22 52.95
CA THR CA 50 -105.82 32.31 52.19
C THR CA 50 -106.74 32.68 51.04
N VAL CA 51 -106.78 33.96 50.72
CA VAL CA 51 -107.65 34.50 49.68
C VAL CA 51 -106.85 35.46 48.82
N SER CA 52 -107.08 35.41 47.51
CA SER CA 52 -106.35 36.24 46.57
C SER CA 52 -107.23 36.51 45.36
N VAL CA 53 -107.00 37.66 44.73
CA VAL CA 53 -107.71 38.01 43.50
C VAL CA 53 -106.70 38.68 42.57
N SER CA 54 -106.28 37.95 41.55
CA SER CA 54 -105.41 38.47 40.52
C SER CA 54 -106.27 39.18 39.48
N GLN CA 55 -105.96 40.45 39.25
CA GLN CA 55 -106.64 41.25 38.25
C GLN CA 55 -106.06 40.96 36.87
N PRO CA 56 -106.73 41.41 35.81
CA PRO CA 56 -106.22 41.15 34.46
C PRO CA 56 -104.83 41.72 34.27
N SER CA 57 -104.14 41.19 33.25
CA SER CA 57 -102.80 41.64 32.89
C SER CA 57 -102.36 40.91 31.64
N ARG CA 58 -101.11 41.15 31.23
CA ARG CA 58 -100.57 40.53 30.04
C ARG CA 58 -100.66 39.01 30.11
N ASN CA 59 -100.37 38.45 31.29
CA ASN CA 59 -100.46 37.00 31.48
C ASN CA 59 -101.82 36.58 32.02
N ARG CA 60 -102.77 37.52 32.16
CA ARG CA 60 -104.11 37.17 32.61
C ARG CA 60 -105.07 37.47 31.46
N LYS CA 61 -106.37 37.22 31.61
CA LYS CA 61 -107.29 37.93 30.73
C LYS CA 61 -108.52 38.64 31.34
N ASN CA 62 -109.53 37.99 31.96
CA ASN CA 62 -109.58 36.81 32.87
C ASN CA 62 -109.12 37.02 34.31
N TYR CA 63 -109.93 37.79 35.06
CA TYR CA 63 -109.81 37.87 36.50
C TYR CA 63 -109.78 36.47 37.11
N LYS CA 64 -109.00 36.32 38.17
CA LYS CA 64 -108.73 35.01 38.76
C LYS CA 64 -108.82 35.14 40.27
N VAL CA 65 -109.78 34.46 40.89
CA VAL CA 65 -109.97 34.54 42.33
C VAL CA 65 -109.67 33.16 42.93
N GLN CA 66 -108.68 33.11 43.83
CA GLN CA 66 -108.24 31.88 44.44
C GLN CA 66 -108.58 31.89 45.92
N VAL CA 67 -109.06 30.76 46.41
CA VAL CA 67 -109.32 30.56 47.83
C VAL CA 67 -108.69 29.22 48.20
N LYS CA 68 -107.64 29.26 49.02
CA LYS CA 68 -106.99 28.06 49.49
C LYS CA 68 -107.29 27.86 50.96
N ILE CA 69 -107.56 26.63 51.35
CA ILE CA 69 -107.81 26.28 52.74
C ILE CA 69 -106.92 25.12 53.11
N GLN CA 70 -106.32 25.17 54.29
CA GLN CA 70 -105.40 24.13 54.72
C GLN CA 70 -105.58 23.88 56.21
N ASN CA 71 -105.92 22.64 56.56
CA ASN CA 71 -106.04 22.21 57.95
C ASN CA 71 -105.05 21.10 58.22
N PRO CA 72 -104.04 21.35 59.03
CA PRO CA 72 -103.12 20.28 59.41
C PRO CA 72 -103.60 19.54 60.64
N THR CA 73 -103.76 18.23 60.56
CA THR CA 73 -104.05 17.44 61.74
C THR CA 73 -102.74 16.94 62.32
N ALA CA 74 -102.60 17.08 63.64
CA ALA CA 74 -101.37 16.76 64.33
C ALA CA 74 -101.71 16.01 65.60
N CYS CA 75 -100.67 15.52 66.26
CA CYS CA 75 -100.89 15.03 67.62
C CYS CA 75 -99.55 14.92 68.33
N THR CA 76 -99.62 14.44 69.56
CA THR CA 76 -98.46 14.31 70.42
C THR CA 76 -98.21 12.84 70.66
N ALA CA 77 -96.99 12.39 70.36
CA ALA CA 77 -96.62 11.03 70.69
C ALA CA 77 -96.62 10.85 72.20
N ASN CA 78 -96.88 9.63 72.65
CA ASN CA 78 -96.96 9.37 74.07
C ASN CA 78 -95.58 9.50 74.68
N GLY CA 79 -95.21 10.72 75.06
CA GLY CA 79 -93.92 10.95 75.68
C GLY CA 79 -93.31 12.27 75.23
N SER CA 80 -93.67 12.73 74.04
CA SER CA 80 -93.19 14.02 73.57
C SER CA 80 -94.07 15.12 74.18
N CYS CA 81 -93.78 16.38 73.86
CA CYS CA 81 -94.64 17.50 74.26
C CYS CA 81 -95.09 18.27 73.02
N ASP CA 82 -94.10 18.57 72.19
CA ASP CA 82 -94.32 19.27 70.94
C ASP CA 82 -95.28 18.49 70.06
N PRO CA 83 -96.42 19.06 69.66
CA PRO CA 83 -97.30 18.33 68.73
C PRO CA 83 -96.77 18.38 67.32
N SER CA 84 -96.70 17.22 66.69
CA SER CA 84 -96.17 17.10 65.35
C SER CA 84 -97.31 16.85 64.36
N VAL CA 85 -97.13 17.37 63.15
CA VAL CA 85 -98.14 17.33 62.11
C VAL CA 85 -98.12 15.96 61.45
N THR CA 86 -99.24 15.25 61.53
CA THR CA 86 -99.33 13.90 61.01
C THR CA 86 -100.06 13.84 59.67
N ARG CA 87 -101.01 14.73 59.45
CA ARG CA 87 -101.82 14.72 58.24
C ARG CA 87 -102.04 16.14 57.76
N GLN CA 88 -102.32 16.28 56.48
CA GLN CA 88 -102.56 17.60 55.90
C GLN CA 88 -103.78 17.51 54.99
N ALA CA 89 -104.85 18.20 55.34
CA ALA CA 89 -105.95 18.39 54.42
C ALA CA 89 -105.85 19.77 53.81
N TYR CA 90 -106.20 19.88 52.53
CA TYR CA 90 -106.32 21.20 51.96
C TYR CA 90 -107.07 21.16 50.65
N ALA CA 91 -107.72 22.27 50.34
CA ALA CA 91 -108.58 22.40 49.19
C ALA CA 91 -108.31 23.75 48.54
N ASP CA 92 -108.62 23.85 47.26
CA ASP CA 92 -108.30 25.04 46.48
C ASP CA 92 -109.43 25.30 45.49
N VAL CA 93 -110.05 26.46 45.60
CA VAL CA 93 -111.08 26.89 44.66
C VAL CA 93 -110.53 28.03 43.83
N THR CA 94 -110.86 28.02 42.54
CA THR CA 94 -110.34 29.03 41.63
C THR CA 94 -111.45 29.42 40.66
N PHE CA 95 -112.00 30.61 40.85
CA PHE CA 95 -113.00 31.15 39.93
C PHE CA 95 -112.29 31.96 38.86
N SER CA 96 -112.67 31.74 37.61
CA SER CA 96 -112.13 32.48 36.48
C SER CA 96 -113.27 33.26 35.85
N PHE CA 97 -113.17 34.58 35.88
CA PHE CA 97 -114.20 35.44 35.29
C PHE CA 97 -113.60 36.29 34.19
N THR CA 98 -114.43 36.67 33.24
CA THR CA 98 -113.98 37.54 32.16
C THR CA 98 -114.27 38.99 32.49
N GLN CA 99 -113.53 39.88 31.84
CA GLN CA 99 -113.64 41.30 32.13
C GLN CA 99 -115.07 41.78 32.03
N TYR CA 100 -115.85 41.25 31.09
CA TYR CA 100 -117.24 41.60 30.95
C TYR CA 100 -118.15 40.81 31.87
N SER CA 101 -117.58 39.99 32.74
CA SER CA 101 -118.42 39.28 33.70
C SER CA 101 -119.30 40.27 34.45
N THR CA 102 -120.33 39.75 35.10
CA THR CA 102 -121.23 40.57 35.89
C THR CA 102 -121.38 40.01 37.30
N ASP CA 103 -121.62 40.92 38.25
CA ASP CA 103 -121.89 40.50 39.61
C ASP CA 103 -122.99 39.45 39.67
N GLU CA 104 -124.04 39.64 38.87
CA GLU CA 104 -125.07 38.61 38.76
C GLU CA 104 -124.44 37.25 38.63
N GLU CA 105 -123.67 37.05 37.56
CA GLU CA 105 -123.16 35.74 37.24
C GLU CA 105 -122.21 35.26 38.32
N ARG CA 106 -121.34 36.15 38.79
CA ARG CA 106 -120.35 35.72 39.77
C ARG CA 106 -121.03 35.23 41.03
N ALA CA 107 -122.01 35.99 41.53
CA ALA CA 107 -122.74 35.56 42.71
C ALA CA 107 -123.48 34.26 42.44
N PHE CA 108 -124.07 34.14 41.26
CA PHE CA 108 -124.74 32.89 40.90
C PHE CA 108 -123.78 31.72 41.01
N VAL CA 109 -122.60 31.88 40.44
CA VAL CA 109 -121.59 30.83 40.53
C VAL CA 109 -121.32 30.51 41.99
N ARG CA 110 -121.17 31.54 42.81
CA ARG CA 110 -120.79 31.29 44.19
C ARG CA 110 -121.83 30.44 44.87
N THR CA 111 -123.08 30.89 44.82
CA THR CA 111 -124.12 30.16 45.52
C THR CA 111 -124.29 28.77 44.91
N GLU CA 112 -124.01 28.62 43.63
CA GLU CA 112 -124.15 27.29 43.03
C GLU CA 112 -123.10 26.35 43.56
N LEU CA 113 -121.87 26.83 43.67
CA LEU CA 113 -120.83 26.03 44.27
C LEU CA 113 -121.19 25.66 45.70
N ALA CA 114 -121.70 26.63 46.47
CA ALA CA 114 -122.08 26.34 47.84
C ALA CA 114 -123.16 25.28 47.88
N ALA CA 115 -124.19 25.43 47.05
CA ALA CA 115 -125.28 24.48 47.05
C ALA CA 115 -124.81 23.09 46.66
N LEU CA 116 -123.93 22.99 45.67
CA LEU CA 116 -123.36 21.69 45.35
C LEU CA 116 -122.64 21.11 46.55
N LEU CA 117 -121.80 21.91 47.20
CA LEU CA 117 -121.09 21.38 48.35
C LEU CA 117 -122.06 20.90 49.41
N ALA CA 118 -123.20 21.57 49.53
CA ALA CA 118 -124.20 21.14 50.50
C ALA CA 118 -125.06 20.00 50.01
N SER CA 119 -125.02 19.67 48.74
CA SER CA 119 -125.88 18.62 48.20
C SER CA 119 -125.34 17.25 48.56
N PRO CA 120 -126.21 16.25 48.66
CA PRO CA 120 -125.73 14.92 49.06
C PRO CA 120 -124.66 14.39 48.15
N LEU CA 121 -124.72 14.71 46.86
CA LEU CA 121 -123.79 14.12 45.90
C LEU CA 121 -122.36 14.37 46.33
N LEU CA 122 -121.95 15.62 46.39
CA LEU CA 122 -120.57 15.90 46.77
C LEU CA 122 -120.30 15.51 48.20
N ILE CA 123 -121.32 15.57 49.06
CA ILE CA 123 -121.11 15.17 50.45
C ILE CA 123 -120.61 13.75 50.52
N ASP CA 124 -121.24 12.85 49.79
CA ASP CA 124 -120.77 11.48 49.77
C ASP CA 124 -119.51 11.33 48.93
N ALA CA 125 -119.35 12.19 47.92
CA ALA CA 125 -118.17 12.11 47.08
C ALA CA 125 -116.90 12.49 47.80
N ILE CA 126 -117.02 13.29 48.85
CA ILE CA 126 -115.86 13.77 49.58
C ILE CA 126 -115.74 13.03 50.90
N ASP CA 127 -116.82 13.03 51.68
CA ASP CA 127 -116.76 12.48 53.02
C ASP CA 127 -116.39 11.00 53.00
N GLN CA 128 -116.98 10.25 52.08
CA GLN CA 128 -116.64 8.85 51.91
C GLN CA 128 -115.77 8.60 50.70
N LEU CA 129 -115.46 9.63 49.93
CA LEU CA 129 -114.69 9.47 48.71
C LEU CA 129 -115.38 8.49 47.76
N ASN CA 130 -116.69 8.63 47.65
CA ASN CA 130 -117.48 7.71 46.83
C ASN CA 130 -117.66 8.32 45.46
N PRO CA 131 -117.04 7.78 44.42
CA PRO CA 131 -117.33 8.27 43.07
C PRO CA 131 -118.81 8.07 42.75
N ALA CA 132 -119.34 8.94 41.92
CA ALA CA 132 -120.79 9.02 41.75
C ALA CA 132 -121.23 7.97 40.76
N TYR CA 133 -121.58 6.78 41.27
CA TYR CA 133 -121.72 5.58 40.45
C TYR CA 133 -122.87 4.73 40.95
N ALA DA 2 -104.17 59.84 54.52
CA ALA DA 2 -104.59 59.64 53.11
C ALA DA 2 -105.60 58.50 53.04
N LYS DA 3 -106.44 58.42 54.07
CA LYS DA 3 -107.40 57.33 54.18
C LYS DA 3 -108.26 57.24 52.92
N LEU DA 4 -108.40 56.03 52.41
CA LEU DA 4 -109.25 55.83 51.26
C LEU DA 4 -110.69 56.17 51.65
N GLU DA 5 -111.47 56.61 50.68
CA GLU DA 5 -112.83 57.00 50.97
C GLU DA 5 -113.56 57.31 49.67
N THR DA 6 -114.87 57.49 49.79
CA THR DA 6 -115.71 57.82 48.64
C THR DA 6 -115.44 59.23 48.13
N VAL DA 7 -114.73 59.35 47.03
CA VAL DA 7 -114.43 60.66 46.47
C VAL DA 7 -115.60 61.14 45.65
N THR DA 8 -116.03 62.37 45.90
CA THR DA 8 -117.19 62.97 45.26
C THR DA 8 -116.70 64.17 44.46
N LEU DA 9 -116.55 63.97 43.16
CA LEU DA 9 -116.02 65.00 42.28
C LEU DA 9 -117.20 65.80 41.76
N GLY DA 10 -117.15 67.13 41.92
CA GLY DA 10 -118.30 67.95 41.61
C GLY DA 10 -118.43 68.32 40.16
N ASN DA 11 -118.66 69.61 39.89
CA ASN DA 11 -118.82 70.10 38.54
C ASN DA 11 -117.75 69.54 37.62
N ILE DA 12 -118.16 69.11 36.43
CA ILE DA 12 -117.30 68.30 35.58
C ILE DA 12 -117.91 68.30 34.18
N GLY DA 13 -117.07 68.54 33.16
CA GLY DA 13 -117.49 68.58 31.75
C GLY DA 13 -117.16 69.93 31.13
N LYS DA 14 -117.82 70.24 30.01
CA LYS DA 14 -117.69 71.62 29.53
C LYS DA 14 -118.45 72.54 30.46
N ASP DA 15 -119.75 72.31 30.53
CA ASP DA 15 -120.64 73.09 31.38
C ASP DA 15 -120.32 72.92 32.85
N GLY DA 16 -119.53 71.91 33.22
CA GLY DA 16 -119.28 71.67 34.61
C GLY DA 16 -120.58 71.40 35.33
N LYS DA 17 -121.27 70.32 34.96
CA LYS DA 17 -122.53 70.00 35.64
C LYS DA 17 -122.68 68.54 36.01
N GLN DA 18 -121.87 67.64 35.49
CA GLN DA 18 -121.93 66.27 35.95
C GLN DA 18 -121.15 66.13 37.26
N THR DA 19 -121.26 64.95 37.87
CA THR DA 19 -120.50 64.65 39.08
C THR DA 19 -120.13 63.17 39.07
N LEU DA 20 -118.99 62.87 39.67
CA LEU DA 20 -118.47 61.52 39.70
C LEU DA 20 -118.39 61.03 41.13
N VAL DA 21 -118.62 59.74 41.32
CA VAL DA 21 -118.56 59.11 42.63
C VAL DA 21 -117.64 57.92 42.52
N LEU DA 22 -116.46 58.01 43.13
CA LEU DA 22 -115.53 56.90 43.17
C LEU DA 22 -115.55 56.25 44.54
N ASN DA 23 -115.89 54.97 44.59
CA ASN DA 23 -115.91 54.26 45.84
C ASN DA 23 -114.55 53.61 46.12
N PRO DA 24 -114.21 53.42 47.39
CA PRO DA 24 -112.87 52.95 47.75
C PRO DA 24 -112.69 51.49 47.35
N ARG DA 25 -111.79 51.26 46.40
CA ARG DA 25 -111.71 49.97 45.72
C ARG DA 25 -110.86 49.01 46.56
N GLY DA 26 -109.59 49.34 46.71
CA GLY DA 26 -108.66 48.47 47.37
C GLY DA 26 -107.26 49.02 47.20
N VAL DA 27 -106.26 48.24 47.62
CA VAL DA 27 -104.89 48.68 47.54
C VAL DA 27 -104.01 47.52 47.12
N ASN DA 28 -103.64 47.48 45.86
CA ASN DA 28 -102.73 46.42 45.41
C ASN DA 28 -101.39 46.58 46.10
N PRO DA 29 -100.95 45.63 46.88
CA PRO DA 29 -99.61 45.72 47.47
C PRO DA 29 -98.50 45.49 46.47
N THR DA 30 -98.74 44.61 45.50
CA THR DA 30 -97.68 44.25 44.56
C THR DA 30 -96.90 45.46 44.10
N ASN DA 31 -97.57 46.60 43.97
CA ASN DA 31 -96.90 47.83 43.60
C ASN DA 31 -97.36 48.99 44.46
N GLY DA 32 -98.00 48.74 45.60
CA GLY DA 32 -98.45 49.79 46.46
C GLY DA 32 -99.23 50.83 45.69
N VAL DA 33 -100.39 50.43 45.18
CA VAL DA 33 -101.22 51.32 44.38
C VAL DA 33 -102.65 51.22 44.88
N ALA DA 34 -103.20 52.34 45.33
CA ALA DA 34 -104.59 52.37 45.75
C ALA DA 34 -105.48 52.64 44.55
N SER DA 35 -106.65 52.02 44.54
CA SER DA 35 -107.54 52.04 43.39
C SER DA 35 -108.91 52.56 43.76
N LEU DA 36 -109.54 53.20 42.80
CA LEU DA 36 -110.86 53.77 42.92
C LEU DA 36 -111.65 53.42 41.67
N SER DA 37 -112.94 53.15 41.82
CA SER DA 37 -113.76 52.84 40.68
C SER DA 37 -115.13 53.47 40.86
N GLN DA 38 -115.72 53.92 39.75
CA GLN DA 38 -117.11 54.33 39.82
C GLN DA 38 -117.98 53.12 40.11
N ALA DA 39 -119.11 53.36 40.77
CA ALA DA 39 -120.02 52.28 41.11
C ALA DA 39 -120.60 51.68 39.84
N GLY DA 40 -120.48 50.37 39.71
CA GLY DA 40 -121.11 49.66 38.61
C GLY DA 40 -121.10 48.17 38.83
N ALA DA 41 -121.19 47.39 37.77
CA ALA DA 41 -121.16 45.93 37.90
C ALA DA 41 -120.07 45.30 37.04
N VAL DA 42 -119.95 45.76 35.80
CA VAL DA 42 -118.98 45.14 34.89
C VAL DA 42 -117.68 45.92 35.00
N PRO DA 43 -116.59 45.29 35.44
CA PRO DA 43 -115.34 46.05 35.60
C PRO DA 43 -114.90 46.76 34.34
N ALA DA 44 -115.06 46.14 33.18
CA ALA DA 44 -114.57 46.74 31.96
C ALA DA 44 -115.36 47.97 31.54
N LEU DA 45 -116.39 48.36 32.29
CA LEU DA 45 -117.16 49.55 31.99
C LEU DA 45 -117.25 50.44 33.20
N GLU DA 46 -116.12 50.65 33.87
CA GLU DA 46 -116.07 51.50 35.05
C GLU DA 46 -114.96 52.53 34.90
N LYS DA 47 -115.26 53.77 35.26
CA LYS DA 47 -114.25 54.81 35.31
C LYS DA 47 -113.32 54.51 36.47
N ARG DA 48 -112.02 54.38 36.18
CA ARG DA 48 -111.06 53.88 37.14
C ARG DA 48 -109.99 54.92 37.42
N VAL DA 49 -109.50 54.91 38.66
CA VAL DA 49 -108.48 55.83 39.13
C VAL DA 49 -107.47 55.05 39.96
N THR DA 50 -106.19 55.39 39.81
CA THR DA 50 -105.16 54.74 40.60
C THR DA 50 -104.18 55.80 41.09
N VAL DA 51 -103.80 55.69 42.36
CA VAL DA 51 -102.83 56.58 42.99
C VAL DA 51 -101.72 55.73 43.57
N SER DA 52 -100.48 56.08 43.27
CA SER DA 52 -99.32 55.38 43.78
C SER DA 52 -98.27 56.40 44.16
N VAL DA 53 -97.50 56.09 45.19
CA VAL DA 53 -96.42 56.97 45.61
C VAL DA 53 -95.23 56.12 45.99
N SER DA 54 -94.19 56.20 45.18
CA SER DA 54 -93.01 55.37 45.33
C SER DA 54 -91.94 56.16 46.08
N GLN DA 55 -91.36 55.52 47.10
CA GLN DA 55 -90.30 56.08 47.90
C GLN DA 55 -88.98 55.99 47.15
N PRO DA 56 -88.03 56.85 47.51
CA PRO DA 56 -86.73 56.83 46.83
C PRO DA 56 -86.00 55.55 47.18
N SER DA 57 -85.57 54.82 46.16
CA SER DA 57 -84.81 53.59 46.34
C SER DA 57 -83.33 53.89 46.17
N ARG DA 58 -82.52 52.84 46.33
CA ARG DA 58 -81.10 52.97 46.05
C ARG DA 58 -80.82 53.23 44.58
N ASN DA 59 -81.81 53.05 43.71
CA ASN DA 59 -81.61 53.17 42.26
C ASN DA 59 -82.19 54.44 41.69
N ARG DA 60 -83.01 55.16 42.43
CA ARG DA 60 -83.60 56.39 41.91
C ARG DA 60 -83.34 57.61 42.79
N LYS DA 61 -83.56 57.49 44.09
CA LYS DA 61 -83.36 58.62 45.00
C LYS DA 61 -84.25 59.79 44.62
N ASN DA 62 -85.55 59.54 44.59
CA ASN DA 62 -86.52 60.59 44.30
C ASN DA 62 -87.90 60.08 44.60
N TYR DA 63 -88.74 60.91 45.20
CA TYR DA 63 -90.09 60.48 45.47
C TYR DA 63 -90.92 60.65 44.20
N LYS DA 64 -91.69 59.63 43.85
CA LYS DA 64 -92.56 59.68 42.68
C LYS DA 64 -94.01 59.57 43.10
N VAL DA 65 -94.89 60.29 42.41
CA VAL DA 65 -96.32 60.21 42.66
C VAL DA 65 -97.02 60.08 41.33
N GLN DA 66 -97.62 58.92 41.09
CA GLN DA 66 -98.31 58.62 39.84
C GLN DA 66 -99.80 58.55 40.06
N VAL DA 67 -100.55 59.18 39.17
CA VAL DA 67 -102.00 59.16 39.17
C VAL DA 67 -102.45 58.78 37.78
N LYS DA 68 -103.12 57.65 37.66
CA LYS DA 68 -103.64 57.18 36.38
C LYS DA 68 -105.16 57.26 36.42
N ILE DA 69 -105.74 57.64 35.28
CA ILE DA 69 -107.18 57.72 35.13
C ILE DA 69 -107.56 57.07 33.82
N GLN DA 70 -108.57 56.19 33.86
CA GLN DA 70 -109.05 55.50 32.68
C GLN DA 70 -110.55 55.69 32.57
N ASN DA 71 -110.99 56.19 31.42
CA ASN DA 71 -112.40 56.36 31.10
C ASN DA 71 -112.73 55.51 29.88
N PRO DA 72 -113.33 54.35 30.05
CA PRO DA 72 -113.80 53.58 28.89
C PRO DA 72 -115.20 53.98 28.49
N THR DA 73 -115.50 53.78 27.22
CA THR DA 73 -116.80 54.12 26.68
C THR DA 73 -117.65 52.86 26.52
N ALA DA 74 -118.96 53.04 26.59
CA ALA DA 74 -119.87 51.90 26.58
C ALA DA 74 -120.05 51.35 25.17
N CYS DA 75 -120.51 52.19 24.23
CA CYS DA 75 -120.89 51.74 22.90
C CYS DA 75 -121.87 50.56 23.00
N THR DA 76 -122.94 50.76 23.76
CA THR DA 76 -123.94 49.72 23.93
C THR DA 76 -124.69 49.47 22.64
N ALA DA 77 -124.70 48.21 22.21
CA ALA DA 77 -125.32 47.83 20.95
C ALA DA 77 -126.82 47.70 21.13
N ASN DA 78 -127.56 47.83 20.02
CA ASN DA 78 -129.01 47.67 20.05
C ASN DA 78 -129.33 46.20 20.26
N GLY DA 79 -128.98 45.73 21.45
CA GLY DA 79 -129.34 44.41 21.91
C GLY DA 79 -128.17 43.44 21.75
N SER DA 80 -128.54 42.17 21.66
CA SER DA 80 -127.68 41.06 21.29
C SER DA 80 -126.68 40.70 22.38
N CYS DA 81 -126.33 41.62 23.28
CA CYS DA 81 -125.53 41.24 24.43
C CYS DA 81 -125.20 42.54 25.18
N ASP DA 82 -124.44 42.44 26.28
CA ASP DA 82 -124.06 43.62 27.03
C ASP DA 82 -123.10 44.51 26.22
N PRO DA 83 -122.97 45.78 26.59
CA PRO DA 83 -122.09 46.68 25.82
C PRO DA 83 -120.66 46.16 25.77
N SER DA 84 -119.86 46.81 24.93
CA SER DA 84 -118.47 46.42 24.73
C SER DA 84 -117.59 47.66 24.67
N VAL DA 85 -116.37 47.52 25.18
CA VAL DA 85 -115.47 48.66 25.24
C VAL DA 85 -114.98 48.99 23.84
N THR DA 86 -115.12 50.25 23.46
CA THR DA 86 -114.72 50.72 22.15
C THR DA 86 -113.66 51.80 22.18
N ARG DA 87 -113.70 52.70 23.14
CA ARG DA 87 -112.71 53.74 23.28
C ARG DA 87 -112.30 53.83 24.74
N GLN DA 88 -111.05 54.21 24.98
CA GLN DA 88 -110.55 54.35 26.34
C GLN DA 88 -109.65 55.57 26.39
N ALA DA 89 -110.11 56.61 27.09
CA ALA DA 89 -109.29 57.77 27.34
C ALA DA 89 -108.40 57.50 28.55
N TYR DA 90 -107.10 57.72 28.39
CA TYR DA 90 -106.14 57.54 29.47
C TYR DA 90 -105.52 58.87 29.83
N ALA DA 91 -105.26 59.05 31.13
CA ALA DA 91 -104.59 60.23 31.63
C ALA DA 91 -103.59 59.79 32.69
N ASP DA 92 -102.36 60.29 32.58
CA ASP DA 92 -101.27 59.79 33.43
C ASP DA 92 -100.46 60.99 33.90
N VAL DA 93 -100.49 61.22 35.20
CA VAL DA 93 -99.74 62.31 35.82
C VAL DA 93 -98.65 61.70 36.68
N THR DA 94 -97.46 62.30 36.64
CA THR DA 94 -96.34 61.80 37.45
C THR DA 94 -95.58 63.00 38.00
N PHE DA 95 -95.76 63.25 39.29
CA PHE DA 95 -94.97 64.24 40.00
C PHE DA 95 -93.68 63.61 40.49
N SER DA 96 -92.61 64.38 40.45
CA SER DA 96 -91.31 63.97 40.93
C SER DA 96 -90.82 65.01 41.92
N PHE DA 97 -90.33 64.55 43.07
CA PHE DA 97 -89.80 65.47 44.06
C PHE DA 97 -88.47 64.93 44.59
N THR DA 98 -87.62 65.85 45.00
CA THR DA 98 -86.34 65.48 45.58
C THR DA 98 -86.49 65.18 47.06
N GLN DA 99 -85.51 64.45 47.58
CA GLN DA 99 -85.58 63.96 48.94
C GLN DA 99 -85.62 65.12 49.92
N TYR DA 100 -85.13 66.30 49.50
CA TYR DA 100 -85.14 67.51 50.31
C TYR DA 100 -86.29 68.44 49.95
N SER DA 101 -87.23 67.95 49.15
CA SER DA 101 -88.30 68.78 48.66
C SER DA 101 -89.04 69.43 49.83
N THR DA 102 -89.94 70.35 49.50
CA THR DA 102 -90.74 71.04 50.50
C THR DA 102 -92.22 70.90 50.19
N ASP DA 103 -93.01 70.64 51.23
CA ASP DA 103 -94.45 70.57 51.05
C ASP DA 103 -94.98 71.81 50.35
N GLU DA 104 -94.46 72.98 50.70
CA GLU DA 104 -94.94 74.19 50.06
C GLU DA 104 -94.75 74.12 48.55
N GLU DA 105 -93.54 73.78 48.11
CA GLU DA 105 -93.29 73.69 46.68
C GLU DA 105 -94.17 72.65 46.04
N ARG DA 106 -94.34 71.52 46.71
CA ARG DA 106 -95.15 70.47 46.11
C ARG DA 106 -96.58 70.95 45.92
N ALA DA 107 -97.15 71.61 46.93
CA ALA DA 107 -98.49 72.16 46.80
C ALA DA 107 -98.53 73.18 45.69
N PHE DA 108 -97.49 74.00 45.60
CA PHE DA 108 -97.39 74.99 44.54
C PHE DA 108 -97.49 74.31 43.18
N VAL DA 109 -96.74 73.24 42.99
CA VAL DA 109 -96.78 72.51 41.73
C VAL DA 109 -98.16 71.95 41.48
N ARG DA 110 -98.75 71.35 42.50
CA ARG DA 110 -100.05 70.75 42.30
C ARG DA 110 -101.06 71.78 41.84
N THR DA 111 -101.20 72.85 42.60
CA THR DA 111 -102.18 73.86 42.25
C THR DA 111 -101.84 74.49 40.91
N GLU DA 112 -100.55 74.54 40.58
CA GLU DA 112 -100.16 75.03 39.27
C GLU DA 112 -100.75 74.16 38.18
N LEU DA 113 -100.60 72.85 38.32
CA LEU DA 113 -101.09 71.97 37.27
C LEU DA 113 -102.59 72.05 37.20
N ALA DA 114 -103.24 72.21 38.35
CA ALA DA 114 -104.70 72.35 38.37
C ALA DA 114 -105.14 73.59 37.62
N ALA DA 115 -104.58 74.73 37.97
CA ALA DA 115 -105.00 75.96 37.31
C ALA DA 115 -104.71 75.91 35.83
N LEU DA 116 -103.55 75.39 35.43
CA LEU DA 116 -103.27 75.27 34.02
C LEU DA 116 -104.30 74.37 33.36
N LEU DA 117 -104.62 73.25 33.99
CA LEU DA 117 -105.58 72.33 33.43
C LEU DA 117 -106.94 72.97 33.29
N ALA DA 118 -107.19 74.05 34.02
CA ALA DA 118 -108.41 74.83 33.84
C ALA DA 118 -108.27 76.00 32.88
N SER DA 119 -107.04 76.44 32.62
CA SER DA 119 -106.83 77.64 31.82
C SER DA 119 -107.20 77.40 30.36
N PRO DA 120 -107.64 78.45 29.66
CA PRO DA 120 -108.12 78.24 28.29
C PRO DA 120 -107.10 77.57 27.40
N LEU DA 121 -105.81 77.83 27.60
CA LEU DA 121 -104.81 77.17 26.77
C LEU DA 121 -105.06 75.68 26.72
N LEU DA 122 -104.91 75.01 27.85
CA LEU DA 122 -105.06 73.57 27.83
C LEU DA 122 -106.46 73.17 27.40
N ILE DA 123 -107.44 74.04 27.62
CA ILE DA 123 -108.80 73.72 27.19
C ILE DA 123 -108.81 73.45 25.70
N ASP DA 124 -108.23 74.35 24.92
CA ASP DA 124 -108.21 74.14 23.49
C ASP DA 124 -107.22 73.05 23.11
N ALA DA 125 -106.14 72.91 23.88
CA ALA DA 125 -105.15 71.88 23.57
C ALA DA 125 -105.73 70.49 23.68
N ILE DA 126 -106.59 70.25 24.65
CA ILE DA 126 -107.08 68.90 24.93
C ILE DA 126 -108.46 68.72 24.31
N ASP DA 127 -109.36 69.67 24.57
CA ASP DA 127 -110.70 69.61 24.00
C ASP DA 127 -110.65 69.50 22.49
N GLN DA 128 -110.17 70.55 21.84
CA GLN DA 128 -110.21 70.57 20.39
C GLN DA 128 -108.95 70.00 19.77
N LEU DA 129 -108.02 69.49 20.56
CA LEU DA 129 -106.81 68.89 20.03
C LEU DA 129 -106.00 69.89 19.22
N ASN DA 130 -106.19 71.18 19.48
CA ASN DA 130 -105.53 72.22 18.71
C ASN DA 130 -104.08 72.34 19.18
N PRO DA 131 -103.09 72.17 18.30
CA PRO DA 131 -101.71 72.36 18.73
C PRO DA 131 -101.51 73.75 19.29
N ALA DA 132 -100.75 73.82 20.38
CA ALA DA 132 -100.45 75.10 21.00
C ALA DA 132 -99.87 76.01 19.94
N TYR DA 133 -100.62 77.03 19.55
CA TYR DA 133 -100.21 77.88 18.45
C TYR DA 133 -101.15 79.06 18.25
N ALA EA 2 -102.79 43.38 60.91
CA ALA EA 2 -102.37 44.74 61.35
C ALA EA 2 -102.55 45.74 60.23
N LYS EA 3 -103.76 46.29 60.10
CA LYS EA 3 -103.97 47.35 59.13
C LYS EA 3 -103.27 48.62 59.58
N LEU EA 4 -102.37 49.11 58.74
CA LEU EA 4 -101.60 50.28 59.11
C LEU EA 4 -102.50 51.50 59.08
N GLU EA 5 -102.32 52.38 60.05
CA GLU EA 5 -103.18 53.54 60.21
C GLU EA 5 -102.38 54.61 60.94
N THR EA 6 -102.89 55.83 60.87
CA THR EA 6 -102.34 56.91 61.67
C THR EA 6 -102.15 56.45 63.10
N VAL EA 7 -100.90 56.40 63.54
CA VAL EA 7 -100.58 55.97 64.89
C VAL EA 7 -100.27 57.21 65.72
N THR EA 8 -100.99 57.38 66.83
CA THR EA 8 -100.80 58.51 67.72
C THR EA 8 -100.12 58.01 68.98
N LEU EA 9 -98.89 58.44 69.19
CA LEU EA 9 -98.12 58.03 70.35
C LEU EA 9 -98.00 59.23 71.27
N GLY EA 10 -98.58 59.11 72.47
CA GLY EA 10 -98.59 60.18 73.43
C GLY EA 10 -97.73 59.85 74.64
N ASN EA 11 -97.53 60.85 75.48
CA ASN EA 11 -96.74 60.70 76.68
C ASN EA 11 -95.33 60.22 76.30
N ILE EA 12 -94.66 61.08 75.54
CA ILE EA 12 -93.38 60.80 74.93
C ILE EA 12 -92.36 61.78 75.48
N GLY EA 13 -91.10 61.38 75.46
CA GLY EA 13 -90.00 62.29 75.78
C GLY EA 13 -89.57 62.21 77.22
N LYS EA 14 -88.61 63.07 77.57
CA LYS EA 14 -88.06 63.08 78.91
C LYS EA 14 -89.16 63.35 79.94
N ASP EA 15 -90.01 64.31 79.62
CA ASP EA 15 -91.06 64.75 80.51
C ASP EA 15 -92.35 63.97 80.31
N GLY EA 16 -92.47 63.24 79.22
CA GLY EA 16 -93.69 62.55 78.88
C GLY EA 16 -94.85 63.46 78.57
N LYS EA 17 -94.63 64.51 77.79
CA LYS EA 17 -95.73 65.34 77.30
C LYS EA 17 -95.79 65.58 75.80
N GLN EA 18 -94.80 65.18 75.01
CA GLN EA 18 -94.95 65.40 73.58
C GLN EA 18 -95.81 64.30 72.96
N THR EA 19 -96.17 64.50 71.69
CA THR EA 19 -97.01 63.55 70.98
C THR EA 19 -96.50 63.43 69.54
N LEU EA 20 -96.77 62.28 68.94
CA LEU EA 20 -96.21 61.96 67.64
C LEU EA 20 -97.23 61.25 66.78
N VAL EA 21 -97.49 61.82 65.61
CA VAL EA 21 -98.47 61.29 64.66
C VAL EA 21 -97.68 60.66 63.52
N LEU EA 22 -97.75 59.34 63.43
CA LEU EA 22 -97.08 58.59 62.37
C LEU EA 22 -98.09 58.25 61.29
N ASN EA 23 -97.80 58.64 60.07
CA ASN EA 23 -98.67 58.30 58.97
C ASN EA 23 -98.14 57.09 58.23
N PRO EA 24 -99.03 56.28 57.67
CA PRO EA 24 -98.59 55.08 56.95
C PRO EA 24 -97.75 55.43 55.75
N ARG EA 25 -96.74 54.59 55.47
CA ARG EA 25 -95.84 54.81 54.34
C ARG EA 25 -96.08 53.78 53.24
N GLY EA 26 -97.10 52.95 53.38
CA GLY EA 26 -97.22 51.80 52.51
C GLY EA 26 -96.29 50.67 52.95
N VAL EA 27 -96.06 49.75 52.02
CA VAL EA 27 -95.27 48.56 52.29
C VAL EA 27 -94.34 48.30 51.12
N ASN EA 28 -93.11 47.96 51.43
CA ASN EA 28 -92.18 47.60 50.38
C ASN EA 28 -92.64 46.32 49.70
N PRO EA 29 -92.86 46.33 48.39
CA PRO EA 29 -93.23 45.08 47.72
C PRO EA 29 -92.11 44.06 47.70
N THR EA 30 -90.87 44.48 47.89
CA THR EA 30 -89.73 43.57 47.82
C THR EA 30 -89.39 43.00 49.18
N ASN EA 31 -89.01 43.86 50.11
CA ASN EA 31 -88.64 43.40 51.45
C ASN EA 31 -89.87 43.10 52.28
N GLY EA 32 -91.06 43.49 51.82
CA GLY EA 32 -92.27 43.20 52.53
C GLY EA 32 -92.26 43.80 53.91
N VAL EA 33 -91.91 45.09 53.99
CA VAL EA 33 -91.75 45.79 55.25
C VAL EA 33 -92.63 47.03 55.23
N ALA EA 34 -93.45 47.20 56.25
CA ALA EA 34 -94.30 48.37 56.33
C ALA EA 34 -93.54 49.50 57.01
N SER EA 35 -93.93 50.73 56.69
CA SER EA 35 -93.23 51.90 57.19
C SER EA 35 -94.21 53.00 57.59
N LEU EA 36 -93.80 53.81 58.56
CA LEU EA 36 -94.58 54.90 59.10
C LEU EA 36 -93.69 56.12 59.17
N SER EA 37 -94.28 57.29 58.97
CA SER EA 37 -93.49 58.51 59.04
C SER EA 37 -94.29 59.61 59.73
N GLN EA 38 -93.55 60.54 60.32
CA GLN EA 38 -94.17 61.71 60.91
C GLN EA 38 -94.43 62.76 59.85
N ALA EA 39 -95.60 63.38 59.92
CA ALA EA 39 -95.90 64.46 59.01
C ALA EA 39 -94.88 65.59 59.19
N GLY EA 40 -94.35 66.08 58.08
CA GLY EA 40 -93.40 67.17 58.15
C GLY EA 40 -93.36 67.86 56.81
N ALA EA 41 -92.67 69.00 56.78
CA ALA EA 41 -92.51 69.75 55.54
C ALA EA 41 -91.43 69.12 54.66
N VAL EA 42 -90.31 68.73 55.25
CA VAL EA 42 -89.19 68.15 54.54
C VAL EA 42 -89.21 66.65 54.80
N PRO EA 43 -89.37 65.80 53.79
CA PRO EA 43 -89.38 64.37 54.05
C PRO EA 43 -88.05 63.80 54.48
N ALA EA 44 -86.95 64.51 54.33
CA ALA EA 44 -85.68 64.02 54.82
C ALA EA 44 -85.62 64.09 56.34
N LEU EA 45 -86.37 65.00 56.93
CA LEU EA 45 -86.32 65.26 58.36
C LEU EA 45 -87.55 64.72 59.07
N GLU EA 46 -88.08 63.62 58.56
CA GLU EA 46 -89.30 63.03 59.09
C GLU EA 46 -88.97 61.76 59.84
N LYS EA 47 -89.50 61.65 61.05
CA LYS EA 47 -89.26 60.47 61.89
C LYS EA 47 -89.84 59.24 61.21
N ARG EA 48 -89.03 58.20 61.08
CA ARG EA 48 -89.43 56.98 60.40
C ARG EA 48 -89.51 55.83 61.39
N VAL EA 49 -90.42 54.90 61.10
CA VAL EA 49 -90.62 53.72 61.91
C VAL EA 49 -90.96 52.55 61.02
N THR EA 50 -90.12 51.53 60.98
CA THR EA 50 -90.35 50.39 60.12
C THR EA 50 -90.78 49.19 60.95
N VAL EA 51 -91.59 48.33 60.33
CA VAL EA 51 -92.02 47.08 60.95
C VAL EA 51 -91.99 46.00 59.89
N SER EA 52 -91.39 44.86 60.21
CA SER EA 52 -91.36 43.72 59.32
C SER EA 52 -91.80 42.48 60.08
N VAL EA 53 -92.53 41.61 59.39
CA VAL EA 53 -93.07 40.39 59.97
C VAL EA 53 -92.66 39.25 59.05
N SER EA 54 -91.49 38.69 59.31
CA SER EA 54 -90.94 37.68 58.41
C SER EA 54 -91.59 36.33 58.66
N GLN EA 55 -91.83 35.60 57.58
CA GLN EA 55 -92.51 34.33 57.65
C GLN EA 55 -91.50 33.20 57.80
N PRO EA 56 -91.96 32.00 58.15
CA PRO EA 56 -91.02 30.93 58.49
C PRO EA 56 -90.14 30.54 57.31
N SER EA 57 -88.83 30.52 57.55
CA SER EA 57 -87.88 30.19 56.50
C SER EA 57 -87.87 28.67 56.31
N ARG EA 58 -86.87 28.17 55.60
CA ARG EA 58 -86.80 26.74 55.28
C ARG EA 58 -86.01 25.97 56.33
N ASN EA 59 -86.59 24.87 56.79
CA ASN EA 59 -85.90 23.88 57.59
C ASN EA 59 -85.66 24.31 59.04
N ARG EA 60 -85.89 25.58 59.35
CA ARG EA 60 -85.79 26.04 60.74
C ARG EA 60 -87.00 26.86 61.14
N LYS EA 61 -87.52 27.65 60.20
CA LYS EA 61 -88.82 28.32 60.27
C LYS EA 61 -88.87 29.48 61.26
N ASN EA 62 -88.06 29.49 62.31
CA ASN EA 62 -87.58 30.73 62.92
C ASN EA 62 -88.46 31.97 62.76
N TYR EA 63 -89.70 32.02 63.26
CA TYR EA 63 -90.52 33.22 63.06
C TYR EA 63 -89.72 34.46 63.52
N LYS EA 64 -89.65 35.49 62.67
CA LYS EA 64 -88.89 36.70 62.98
C LYS EA 64 -89.72 37.95 62.73
N VAL EA 65 -89.53 38.96 63.58
CA VAL EA 65 -90.15 40.27 63.42
C VAL EA 65 -89.13 41.32 63.80
N GLN EA 66 -89.15 42.44 63.09
CA GLN EA 66 -88.16 43.47 63.34
C GLN EA 66 -88.81 44.84 63.23
N VAL EA 67 -88.23 45.80 63.94
CA VAL EA 67 -88.75 47.16 64.03
C VAL EA 67 -87.58 48.13 64.03
N LYS EA 68 -87.56 49.03 63.04
CA LYS EA 68 -86.53 50.05 62.91
C LYS EA 68 -87.16 51.39 63.21
N ILE EA 69 -86.69 52.05 64.27
CA ILE EA 69 -87.04 53.44 64.54
C ILE EA 69 -85.88 54.32 64.12
N GLN EA 70 -86.16 55.29 63.27
CA GLN EA 70 -85.16 56.21 62.78
C GLN EA 70 -85.57 57.63 63.13
N ASN EA 71 -84.64 58.38 63.72
CA ASN EA 71 -84.86 59.78 64.07
C ASN EA 71 -83.72 60.65 63.57
N PRO EA 72 -83.90 61.40 62.49
CA PRO EA 72 -82.87 62.33 62.05
C PRO EA 72 -83.04 63.72 62.64
N THR EA 73 -82.01 64.54 62.45
CA THR EA 73 -82.01 65.92 62.90
C THR EA 73 -80.97 66.68 62.10
N ALA EA 74 -81.36 67.80 61.51
CA ALA EA 74 -80.45 68.59 60.71
C ALA EA 74 -80.10 69.89 61.44
N CYS EA 75 -79.13 70.61 60.88
CA CYS EA 75 -78.80 71.95 61.38
C CYS EA 75 -78.30 72.75 60.18
N THR EA 76 -79.20 73.55 59.61
CA THR EA 76 -78.88 74.31 58.41
C THR EA 76 -77.62 75.15 58.66
N ALA EA 77 -76.56 74.83 57.93
CA ALA EA 77 -75.34 75.60 58.02
C ALA EA 77 -75.49 76.95 57.34
N ASN EA 78 -74.65 77.89 57.74
CA ASN EA 78 -74.75 79.24 57.23
C ASN EA 78 -74.23 79.31 55.80
N GLY EA 79 -75.06 79.84 54.91
CA GLY EA 79 -74.78 79.83 53.49
C GLY EA 79 -75.38 78.67 52.74
N SER EA 80 -75.89 77.67 53.45
CA SER EA 80 -76.53 76.52 52.82
C SER EA 80 -78.04 76.66 52.97
N CYS EA 81 -78.75 76.58 51.85
CA CYS EA 81 -80.21 76.73 51.81
C CYS EA 81 -80.91 75.40 51.89
N ASP EA 82 -80.33 74.44 52.59
CA ASP EA 82 -80.90 73.12 52.70
C ASP EA 82 -80.53 72.48 54.04
N PRO EA 83 -81.50 72.17 54.89
CA PRO EA 83 -81.16 71.60 56.21
C PRO EA 83 -80.60 70.19 56.14
N SER EA 84 -79.30 70.10 55.89
CA SER EA 84 -78.61 68.81 55.77
C SER EA 84 -78.78 67.98 57.04
N VAL EA 85 -79.17 66.72 56.87
CA VAL EA 85 -79.25 65.80 58.00
C VAL EA 85 -77.86 65.60 58.58
N THR EA 86 -77.64 66.11 59.77
CA THR EA 86 -76.36 66.00 60.43
C THR EA 86 -76.35 65.05 61.61
N ARG EA 87 -77.51 64.49 61.95
CA ARG EA 87 -77.67 63.71 63.16
C ARG EA 87 -78.67 62.61 62.87
N GLN EA 88 -78.46 61.43 63.43
CA GLN EA 88 -79.42 60.36 63.20
C GLN EA 88 -79.29 59.34 64.32
N ALA EA 89 -80.41 58.99 64.94
CA ALA EA 89 -80.47 57.99 65.98
C ALA EA 89 -81.28 56.81 65.49
N TYR EA 90 -80.80 55.61 65.78
CA TYR EA 90 -81.40 54.39 65.29
C TYR EA 90 -81.69 53.44 66.44
N ALA EA 91 -82.83 52.77 66.34
CA ALA EA 91 -83.21 51.77 67.33
C ALA EA 91 -83.79 50.58 66.58
N ASP EA 92 -83.12 49.43 66.66
CA ASP EA 92 -83.58 48.24 65.99
C ASP EA 92 -83.93 47.18 67.03
N VAL EA 93 -85.18 46.75 67.02
CA VAL EA 93 -85.67 45.68 67.86
C VAL EA 93 -85.94 44.47 66.98
N THR EA 94 -85.60 43.28 67.48
CA THR EA 94 -85.88 42.06 66.74
C THR EA 94 -86.41 41.02 67.70
N PHE EA 95 -87.64 40.59 67.46
CA PHE EA 95 -88.26 39.46 68.14
C PHE EA 95 -88.07 38.20 67.31
N SER EA 96 -87.73 37.11 67.98
CA SER EA 96 -87.61 35.81 67.33
C SER EA 96 -88.36 34.79 68.16
N PHE EA 97 -89.25 34.06 67.51
CA PHE EA 97 -90.01 33.00 68.13
C PHE EA 97 -89.85 31.75 67.30
N THR EA 98 -90.12 30.59 67.91
CA THR EA 98 -90.10 29.38 67.13
C THR EA 98 -91.52 28.90 66.84
N GLN EA 99 -91.61 27.80 66.09
CA GLN EA 99 -92.81 27.49 65.35
C GLN EA 99 -94.01 27.23 66.23
N TYR EA 100 -93.80 26.90 67.50
CA TYR EA 100 -94.91 26.66 68.40
C TYR EA 100 -94.98 27.69 69.51
N SER EA 101 -94.50 28.89 69.28
CA SER EA 101 -94.72 29.95 70.24
C SER EA 101 -96.22 30.16 70.41
N THR EA 102 -96.58 30.76 71.53
CA THR EA 102 -97.96 31.08 71.80
C THR EA 102 -98.09 32.57 72.07
N ASP EA 103 -99.22 33.14 71.67
CA ASP EA 103 -99.43 34.56 71.88
C ASP EA 103 -99.27 34.92 73.35
N GLU EA 104 -99.56 33.98 74.25
CA GLU EA 104 -99.21 34.17 75.65
C GLU EA 104 -97.80 34.70 75.80
N GLU EA 105 -96.83 33.86 75.48
CA GLU EA 105 -95.44 34.22 75.73
C GLU EA 105 -95.02 35.38 74.84
N ARG EA 106 -95.62 35.49 73.65
CA ARG EA 106 -95.28 36.63 72.81
C ARG EA 106 -95.66 37.93 73.50
N ALA EA 107 -96.90 38.03 73.95
CA ALA EA 107 -97.31 39.22 74.67
C ALA EA 107 -96.46 39.42 75.91
N PHE EA 108 -96.11 38.31 76.56
CA PHE EA 108 -95.27 38.41 77.75
C PHE EA 108 -93.98 39.13 77.42
N VAL EA 109 -93.27 38.67 76.40
CA VAL EA 109 -92.00 39.30 76.05
C VAL EA 109 -92.23 40.73 75.60
N ARG EA 110 -93.32 40.98 74.87
CA ARG EA 110 -93.56 42.32 74.36
C ARG EA 110 -93.70 43.31 75.50
N THR EA 111 -94.62 43.03 76.41
CA THR EA 111 -94.81 43.95 77.52
C THR EA 111 -93.58 43.99 78.41
N GLU EA 112 -92.81 42.90 78.46
CA GLU EA 112 -91.60 42.92 79.27
C GLU EA 112 -90.62 43.93 78.70
N LEU EA 113 -90.42 43.89 77.39
CA LEU EA 113 -89.56 44.89 76.77
C LEU EA 113 -90.08 46.29 77.05
N ALA EA 114 -91.38 46.49 76.91
CA ALA EA 114 -91.93 47.82 77.15
C ALA EA 114 -91.60 48.28 78.56
N ALA EA 115 -91.81 47.40 79.52
CA ALA EA 115 -91.69 47.80 80.90
C ALA EA 115 -90.23 47.99 81.30
N LEU EA 116 -89.31 47.21 80.74
CA LEU EA 116 -87.91 47.53 80.94
C LEU EA 116 -87.59 48.90 80.36
N LEU EA 117 -88.09 49.20 79.16
CA LEU EA 117 -87.81 50.49 78.57
C LEU EA 117 -88.39 51.63 79.39
N ALA EA 118 -89.37 51.36 80.24
CA ALA EA 118 -89.82 52.35 81.19
C ALA EA 118 -89.09 52.31 82.53
N SER EA 119 -88.42 51.21 82.84
CA SER EA 119 -87.86 51.00 84.16
C SER EA 119 -86.64 51.89 84.40
N PRO EA 120 -86.27 52.08 85.67
CA PRO EA 120 -85.12 52.95 85.96
C PRO EA 120 -83.86 52.54 85.27
N LEU EA 121 -83.62 51.24 85.14
CA LEU EA 121 -82.34 50.76 84.64
C LEU EA 121 -82.08 51.29 83.24
N LEU EA 122 -82.90 50.88 82.28
CA LEU EA 122 -82.64 51.31 80.91
C LEU EA 122 -82.71 52.82 80.79
N ILE EA 123 -83.46 53.48 81.68
CA ILE EA 123 -83.50 54.93 81.64
C ILE EA 123 -82.10 55.49 81.78
N ASP EA 124 -81.37 55.04 82.80
CA ASP EA 124 -80.02 55.55 82.97
C ASP EA 124 -79.04 54.95 81.97
N ALA EA 125 -79.34 53.77 81.44
CA ALA EA 125 -78.44 53.18 80.46
C ALA EA 125 -78.57 53.83 79.10
N ILE EA 126 -79.71 54.47 78.84
CA ILE EA 126 -80.01 55.06 77.55
C ILE EA 126 -79.92 56.58 77.61
N ASP EA 127 -80.74 57.21 78.44
CA ASP EA 127 -80.81 58.65 78.46
C ASP EA 127 -79.45 59.25 78.78
N GLN EA 128 -78.76 58.67 79.76
CA GLN EA 128 -77.46 59.18 80.18
C GLN EA 128 -76.30 58.25 79.81
N LEU EA 129 -76.56 57.17 79.09
CA LEU EA 129 -75.50 56.31 78.60
C LEU EA 129 -74.57 55.91 79.74
N ASN EA 130 -75.19 55.33 80.76
CA ASN EA 130 -74.45 54.85 81.92
C ASN EA 130 -74.38 53.34 81.86
N PRO EA 131 -73.22 52.75 81.67
CA PRO EA 131 -73.13 51.30 81.74
C PRO EA 131 -73.70 50.80 83.05
N ALA EA 132 -74.51 49.75 82.97
CA ALA EA 132 -75.12 49.20 84.15
C ALA EA 132 -74.05 48.54 85.00
N TYR EA 133 -74.03 48.86 86.27
CA TYR EA 133 -73.11 48.25 87.21
C TYR EA 133 -73.55 48.45 88.65
N ALA FA 2 -28.78 77.94 101.88
CA ALA FA 2 -27.44 78.11 101.22
C ALA FA 2 -27.49 79.22 100.18
N LYS FA 3 -27.89 80.41 100.62
CA LYS FA 3 -28.01 81.53 99.69
C LYS FA 3 -26.64 82.07 99.31
N LEU FA 4 -26.52 82.48 98.06
CA LEU FA 4 -25.25 82.91 97.48
C LEU FA 4 -25.12 84.42 97.60
N GLU FA 5 -24.00 84.87 98.16
CA GLU FA 5 -23.75 86.28 98.38
C GLU FA 5 -22.25 86.51 98.29
N THR FA 6 -21.83 87.73 98.61
CA THR FA 6 -20.42 88.01 98.73
C THR FA 6 -19.93 87.54 100.08
N VAL FA 7 -18.83 86.79 100.08
CA VAL FA 7 -18.25 86.22 101.29
C VAL FA 7 -16.87 86.84 101.47
N THR FA 8 -16.63 87.40 102.64
CA THR FA 8 -15.36 88.06 102.94
C THR FA 8 -14.62 87.18 103.93
N LEU FA 9 -13.54 86.60 103.46
CA LEU FA 9 -12.77 85.63 104.22
C LEU FA 9 -11.56 86.35 104.79
N GLY FA 10 -11.55 86.55 106.11
CA GLY FA 10 -10.52 87.35 106.75
C GLY FA 10 -9.51 86.52 107.53
N ASN FA 11 -8.37 87.13 107.86
CA ASN FA 11 -7.31 86.46 108.59
C ASN FA 11 -6.87 85.20 107.86
N ILE FA 12 -6.32 85.41 106.68
CA ILE FA 12 -5.98 84.35 105.73
C ILE FA 12 -4.50 84.45 105.43
N GLY FA 13 -3.90 83.29 105.23
CA GLY FA 13 -2.49 83.20 104.90
C GLY FA 13 -1.66 82.78 106.09
N LYS FA 14 -0.43 83.28 106.08
CA LYS FA 14 0.60 82.75 106.95
C LYS FA 14 0.45 83.36 108.31
N ASP FA 15 0.61 84.67 108.37
CA ASP FA 15 0.29 85.47 109.53
C ASP FA 15 -1.20 85.64 109.73
N GLY FA 16 -2.02 85.21 108.78
CA GLY FA 16 -3.44 85.42 108.87
C GLY FA 16 -3.81 86.89 108.84
N LYS FA 17 -3.33 87.59 107.83
CA LYS FA 17 -3.62 89.01 107.68
C LYS FA 17 -4.27 89.40 106.37
N GLN FA 18 -4.15 88.59 105.33
CA GLN FA 18 -4.79 88.95 104.08
C GLN FA 18 -6.29 88.68 104.15
N THR FA 19 -7.00 89.11 103.12
CA THR FA 19 -8.45 88.93 103.05
C THR FA 19 -8.89 88.76 101.61
N LEU FA 20 -9.84 87.86 101.41
CA LEU FA 20 -10.39 87.58 100.07
C LEU FA 20 -11.88 87.84 100.03
N VAL FA 21 -12.31 88.62 99.06
CA VAL FA 21 -13.71 88.92 98.83
C VAL FA 21 -14.15 88.09 97.63
N LEU FA 22 -15.10 87.20 97.84
CA LEU FA 22 -15.60 86.31 96.81
C LEU FA 22 -17.03 86.68 96.47
N ASN FA 23 -17.24 87.13 95.26
CA ASN FA 23 -18.58 87.40 94.77
C ASN FA 23 -19.17 86.15 94.13
N PRO FA 24 -20.48 86.03 94.16
CA PRO FA 24 -21.13 84.86 93.58
C PRO FA 24 -21.17 84.94 92.06
N ARG FA 25 -21.60 83.85 91.47
CA ARG FA 25 -21.68 83.70 90.02
C ARG FA 25 -22.99 83.00 89.70
N GLY FA 26 -23.10 82.44 88.50
CA GLY FA 26 -24.27 81.68 88.10
C GLY FA 26 -24.11 80.22 88.53
N VAL FA 27 -25.24 79.56 88.74
CA VAL FA 27 -25.23 78.18 89.20
C VAL FA 27 -25.23 77.25 87.98
N ASN FA 28 -24.20 76.43 87.87
CA ASN FA 28 -24.09 75.55 86.72
C ASN FA 28 -25.33 74.66 86.60
N PRO FA 29 -26.20 74.91 85.63
CA PRO FA 29 -27.37 74.04 85.49
C PRO FA 29 -27.00 72.64 85.02
N THR FA 30 -25.89 72.50 84.30
CA THR FA 30 -25.49 71.18 83.86
C THR FA 30 -25.37 70.20 84.99
N ASN FA 31 -24.86 70.63 86.13
CA ASN FA 31 -24.67 69.73 87.26
C ASN FA 31 -25.04 70.38 88.59
N GLY FA 32 -25.67 71.54 88.58
CA GLY FA 32 -26.07 72.17 89.82
C GLY FA 32 -24.88 72.44 90.71
N VAL FA 33 -24.04 73.39 90.31
CA VAL FA 33 -22.90 73.79 91.13
C VAL FA 33 -22.83 75.30 91.13
N ALA FA 34 -22.86 75.90 92.32
CA ALA FA 34 -22.71 77.33 92.45
C ALA FA 34 -21.23 77.68 92.51
N SER FA 35 -20.92 78.92 92.13
CA SER FA 35 -19.54 79.33 91.97
C SER FA 35 -19.32 80.70 92.60
N LEU FA 36 -18.16 80.87 93.21
CA LEU FA 36 -17.73 82.14 93.76
C LEU FA 36 -16.34 82.44 93.23
N SER FA 37 -16.04 83.72 93.08
CA SER FA 37 -14.77 84.11 92.50
C SER FA 37 -14.35 85.46 93.02
N GLN FA 38 -13.07 85.76 92.83
CA GLN FA 38 -12.47 86.96 93.39
C GLN FA 38 -13.28 88.19 93.04
N ALA FA 39 -13.09 89.27 93.81
CA ALA FA 39 -13.84 90.48 93.57
C ALA FA 39 -13.67 90.95 92.14
N GLY FA 40 -12.54 90.66 91.53
CA GLY FA 40 -12.31 91.00 90.15
C GLY FA 40 -11.21 92.04 90.01
N ALA FA 41 -11.05 92.54 88.78
CA ALA FA 41 -11.88 92.15 87.63
C ALA FA 41 -11.42 90.82 87.02
N VAL FA 42 -10.22 90.81 86.44
CA VAL FA 42 -9.68 89.57 85.90
C VAL FA 42 -9.61 88.51 86.98
N PRO FA 43 -9.19 88.82 88.20
CA PRO FA 43 -9.21 87.80 89.26
C PRO FA 43 -10.49 86.98 89.30
N ALA FA 44 -11.61 87.57 88.90
CA ALA FA 44 -12.87 86.82 88.85
C ALA FA 44 -12.79 85.67 87.85
N LEU FA 45 -12.06 85.87 86.75
CA LEU FA 45 -11.81 84.79 85.81
C LEU FA 45 -10.51 84.04 86.11
N GLU FA 46 -10.01 84.11 87.35
CA GLU FA 46 -8.86 83.31 87.75
C GLU FA 46 -9.13 82.48 89.00
N LYS FA 47 -9.56 83.11 90.09
CA LYS FA 47 -9.76 82.38 91.33
C LYS FA 47 -11.16 81.78 91.37
N ARG FA 48 -11.26 80.52 91.80
CA ARG FA 48 -12.52 79.78 91.70
C ARG FA 48 -12.81 79.02 92.98
N VAL FA 49 -14.08 79.01 93.37
CA VAL FA 49 -14.57 78.26 94.53
C VAL FA 49 -15.94 77.73 94.18
N THR FA 50 -16.05 76.43 93.93
CA THR FA 50 -17.30 75.83 93.53
C THR FA 50 -17.88 74.98 94.65
N VAL FA 51 -19.20 74.95 94.73
CA VAL FA 51 -19.89 74.21 95.78
C VAL FA 51 -21.07 73.49 95.15
N SER FA 52 -21.24 72.22 95.52
CA SER FA 52 -22.38 71.44 95.04
C SER FA 52 -22.86 70.50 96.14
N VAL FA 53 -24.13 70.13 96.05
CA VAL FA 53 -24.77 69.27 97.02
C VAL FA 53 -25.60 68.26 96.23
N SER FA 54 -25.05 67.08 96.02
CA SER FA 54 -25.75 66.02 95.31
C SER FA 54 -26.61 65.21 96.28
N GLN FA 55 -27.90 65.16 96.01
CA GLN FA 55 -28.85 64.40 96.81
C GLN FA 55 -28.80 62.93 96.42
N PRO FA 56 -29.40 62.05 97.22
CA PRO FA 56 -29.38 60.62 96.89
C PRO FA 56 -29.89 60.36 95.48
N SER FA 57 -29.46 59.23 94.94
CA SER FA 57 -29.92 58.71 93.66
C SER FA 57 -29.50 57.25 93.60
N ARG FA 58 -29.60 56.66 92.41
CA ARG FA 58 -29.19 55.28 92.26
C ARG FA 58 -27.70 55.10 92.56
N ASN FA 59 -26.88 56.05 92.13
CA ASN FA 59 -25.45 55.98 92.41
C ASN FA 59 -25.13 56.54 93.80
N ARG FA 60 -25.95 57.46 94.29
CA ARG FA 60 -25.67 58.21 95.51
C ARG FA 60 -26.80 58.11 96.53
N LYS FA 61 -26.45 57.99 97.82
CA LYS FA 61 -27.36 57.34 98.75
C LYS FA 61 -27.84 58.09 100.01
N ASN FA 62 -26.99 58.59 100.93
CA ASN FA 62 -25.61 59.11 100.83
C ASN FA 62 -25.43 60.42 100.06
N TYR FA 63 -26.00 61.48 100.64
CA TYR FA 63 -25.70 62.84 100.22
C TYR FA 63 -24.21 63.08 100.05
N LYS FA 64 -23.86 63.87 99.04
CA LYS FA 64 -22.47 64.27 98.81
C LYS FA 64 -22.40 65.78 98.78
N VAL FA 65 -21.59 66.36 99.64
CA VAL FA 65 -21.32 67.80 99.62
C VAL FA 65 -19.91 67.99 99.12
N GLN FA 66 -19.78 68.68 97.99
CA GLN FA 66 -18.51 68.82 97.29
C GLN FA 66 -18.09 70.27 97.29
N VAL FA 67 -16.83 70.52 97.64
CA VAL FA 67 -16.28 71.86 97.76
C VAL FA 67 -14.95 71.88 97.04
N LYS FA 68 -14.89 72.57 95.91
CA LYS FA 68 -13.68 72.69 95.12
C LYS FA 68 -13.12 74.09 95.28
N ILE FA 69 -11.81 74.20 95.42
CA ILE FA 69 -11.13 75.48 95.52
C ILE FA 69 -9.93 75.48 94.59
N GLN FA 70 -9.74 76.58 93.85
CA GLN FA 70 -8.77 76.64 92.77
C GLN FA 70 -8.15 78.03 92.73
N ASN FA 71 -6.84 78.09 92.93
CA ASN FA 71 -6.07 79.34 92.89
C ASN FA 71 -5.02 79.24 91.80
N PRO FA 72 -5.19 79.90 90.67
CA PRO FA 72 -4.12 79.93 89.68
C PRO FA 72 -3.16 81.08 89.88
N THR FA 73 -1.89 80.79 90.11
CA THR FA 73 -0.90 81.84 90.18
C THR FA 73 -0.35 82.10 88.79
N ALA FA 74 -0.33 83.37 88.39
CA ALA FA 74 0.12 83.76 87.08
C ALA FA 74 1.16 84.87 87.22
N CYS FA 75 1.75 85.23 86.10
CA CYS FA 75 2.66 86.36 86.07
C CYS FA 75 2.82 86.82 84.63
N THR FA 76 3.49 87.96 84.46
CA THR FA 76 3.70 88.56 83.15
C THR FA 76 5.18 88.48 82.81
N ALA FA 77 5.49 87.81 81.71
CA ALA FA 77 6.86 87.77 81.23
C ALA FA 77 7.37 89.19 81.04
N ASN FA 78 8.67 89.37 81.21
CA ASN FA 78 9.22 90.71 81.09
C ASN FA 78 9.20 91.12 79.62
N GLY FA 79 8.11 91.76 79.20
CA GLY FA 79 8.00 92.25 77.85
C GLY FA 79 6.62 92.08 77.24
N SER FA 80 5.90 91.04 77.64
CA SER FA 80 4.54 90.83 77.17
C SER FA 80 3.59 91.68 78.01
N CYS FA 81 2.28 91.50 77.82
CA CYS FA 81 1.31 92.27 78.59
C CYS FA 81 0.40 91.36 79.40
N ASP FA 82 -0.24 90.43 78.73
CA ASP FA 82 -1.16 89.51 79.38
C ASP FA 82 -0.43 88.63 80.39
N PRO FA 83 -0.91 88.52 81.61
CA PRO FA 83 -0.33 87.53 82.53
C PRO FA 83 -0.79 86.12 82.16
N SER FA 84 0.18 85.21 82.16
CA SER FA 84 -0.07 83.80 81.89
C SER FA 84 0.03 83.01 83.19
N VAL FA 85 -0.80 81.99 83.32
CA VAL FA 85 -0.81 81.16 84.51
C VAL FA 85 0.41 80.26 84.51
N THR FA 86 1.26 80.41 85.51
CA THR FA 86 2.44 79.56 85.64
C THR FA 86 2.24 78.43 86.63
N ARG FA 87 1.34 78.61 87.59
CA ARG FA 87 1.12 77.60 88.62
C ARG FA 87 -0.37 77.55 88.90
N GLN FA 88 -0.82 76.45 89.48
CA GLN FA 88 -2.22 76.33 89.81
C GLN FA 88 -2.38 75.36 90.97
N ALA FA 89 -2.80 75.88 92.10
CA ALA FA 89 -3.10 75.06 93.27
C ALA FA 89 -4.59 74.84 93.34
N TYR FA 90 -4.99 73.75 93.97
CA TYR FA 90 -6.40 73.53 94.17
C TYR FA 90 -6.60 72.35 95.09
N ALA FA 91 -7.72 72.36 95.79
CA ALA FA 91 -8.05 71.32 96.75
C ALA FA 91 -9.52 71.01 96.66
N ASP FA 92 -9.88 69.85 97.18
CA ASP FA 92 -11.24 69.32 97.06
C ASP FA 92 -11.63 68.68 98.38
N VAL FA 93 -12.76 69.11 98.92
CA VAL FA 93 -13.34 68.50 100.10
C VAL FA 93 -14.61 67.79 99.70
N THR FA 94 -14.81 66.58 100.23
CA THR FA 94 -15.97 65.77 99.88
C THR FA 94 -16.54 65.17 101.16
N PHE FA 95 -17.69 65.67 101.58
CA PHE FA 95 -18.41 65.10 102.72
C PHE FA 95 -19.45 64.12 102.22
N SER FA 96 -19.44 62.91 102.76
CA SER FA 96 -20.45 61.91 102.45
C SER FA 96 -21.29 61.70 103.70
N PHE FA 97 -22.57 62.05 103.61
CA PHE FA 97 -23.49 61.92 104.73
C PHE FA 97 -24.58 60.90 104.42
N THR FA 98 -24.93 60.13 105.44
CA THR FA 98 -25.94 59.10 105.29
C THR FA 98 -27.33 59.71 105.36
N GLN FA 99 -28.28 58.95 104.85
CA GLN FA 99 -29.62 59.45 104.64
C GLN FA 99 -30.30 59.75 105.97
N TYR FA 100 -29.96 59.00 107.02
CA TYR FA 100 -30.37 59.30 108.39
C TYR FA 100 -29.40 60.22 109.10
N SER FA 101 -28.49 60.86 108.38
CA SER FA 101 -27.57 61.77 109.03
C SER FA 101 -28.33 62.79 109.87
N THR FA 102 -27.62 63.43 110.80
CA THR FA 102 -28.19 64.48 111.63
C THR FA 102 -27.36 65.74 111.52
N ASP FA 103 -28.05 66.88 111.53
CA ASP FA 103 -27.38 68.17 111.45
C ASP FA 103 -26.30 68.31 112.49
N GLU FA 104 -26.52 67.76 113.69
CA GLU FA 104 -25.52 67.89 114.73
C GLU FA 104 -24.22 67.22 114.33
N GLU FA 105 -24.31 65.95 113.90
CA GLU FA 105 -23.11 65.28 113.44
C GLU FA 105 -22.48 66.02 112.28
N ARG FA 106 -23.30 66.54 111.37
CA ARG FA 106 -22.77 67.22 110.21
C ARG FA 106 -21.93 68.43 110.62
N ALA FA 107 -22.52 69.31 111.44
CA ALA FA 107 -21.77 70.46 111.90
C ALA FA 107 -20.55 70.03 112.68
N PHE FA 108 -20.67 68.93 113.42
CA PHE FA 108 -19.54 68.42 114.16
C PHE FA 108 -18.39 68.10 113.24
N VAL FA 109 -18.66 67.37 112.15
CA VAL FA 109 -17.59 66.99 111.26
C VAL FA 109 -17.01 68.23 110.58
N ARG FA 110 -17.87 69.17 110.22
CA ARG FA 110 -17.38 70.40 109.61
C ARG FA 110 -16.39 71.08 110.52
N THR FA 111 -16.84 71.47 111.71
CA THR FA 111 -15.96 72.12 112.66
C THR FA 111 -14.73 71.29 112.93
N GLU FA 112 -14.85 69.96 112.89
CA GLU FA 112 -13.70 69.12 113.17
C GLU FA 112 -12.65 69.29 112.11
N LEU FA 113 -13.05 69.24 110.86
CA LEU FA 113 -12.11 69.42 109.78
C LEU FA 113 -11.49 70.81 109.86
N ALA FA 114 -12.30 71.81 110.21
CA ALA FA 114 -11.76 73.16 110.34
C ALA FA 114 -10.70 73.22 111.42
N ALA FA 115 -10.99 72.60 112.56
CA ALA FA 115 -10.03 72.62 113.65
C ALA FA 115 -8.76 71.88 113.28
N LEU FA 116 -8.87 70.74 112.60
CA LEU FA 116 -7.66 70.05 112.16
C LEU FA 116 -6.85 70.97 111.26
N LEU FA 117 -7.52 71.64 110.33
CA LEU FA 117 -6.83 72.60 109.49
C LEU FA 117 -6.11 73.63 110.31
N ALA FA 118 -6.75 74.16 111.34
CA ALA FA 118 -6.10 75.13 112.20
C ALA FA 118 -5.01 74.53 113.06
N SER FA 119 -4.94 73.22 113.12
CA SER FA 119 -4.04 72.57 114.03
C SER FA 119 -2.61 72.54 113.51
N PRO FA 120 -1.63 72.50 114.41
CA PRO FA 120 -0.23 72.46 113.96
C PRO FA 120 0.05 71.31 113.01
N LEU FA 121 -0.61 70.18 113.24
CA LEU FA 121 -0.35 68.98 112.45
C LEU FA 121 -0.47 69.29 110.97
N LEU FA 122 -1.66 69.68 110.53
CA LEU FA 122 -1.84 69.94 109.12
C LEU FA 122 -1.04 71.17 108.67
N ILE FA 123 -0.88 72.19 109.51
CA ILE FA 123 -0.14 73.35 109.02
C ILE FA 123 1.25 72.93 108.61
N ASP FA 124 1.91 72.09 109.39
CA ASP FA 124 3.18 71.53 108.93
C ASP FA 124 2.97 70.65 107.70
N ALA FA 125 1.92 69.84 107.70
CA ALA FA 125 1.70 68.90 106.61
C ALA FA 125 1.50 69.57 105.27
N ILE FA 126 1.04 70.82 105.28
CA ILE FA 126 0.64 71.52 104.08
C ILE FA 126 1.70 72.57 103.74
N ASP FA 127 1.87 73.53 104.64
CA ASP FA 127 2.73 74.66 104.35
C ASP FA 127 4.13 74.18 104.00
N GLN FA 128 4.55 73.09 104.58
CA GLN FA 128 5.90 72.60 104.36
C GLN FA 128 5.93 71.19 103.78
N LEU FA 129 4.77 70.58 103.55
CA LEU FA 129 4.70 69.21 103.04
C LEU FA 129 5.59 68.28 103.84
N ASN FA 130 5.56 68.42 105.15
CA ASN FA 130 6.30 67.49 105.99
C ASN FA 130 5.37 66.37 106.40
N PRO FA 131 5.62 65.13 106.00
CA PRO FA 131 4.82 64.04 106.51
C PRO FA 131 4.92 64.01 108.02
N ALA FA 132 3.83 63.63 108.66
CA ALA FA 132 3.78 63.66 110.11
C ALA FA 132 4.53 62.45 110.64
N TYR FA 133 5.81 62.64 110.94
CA TYR FA 133 6.68 61.53 111.34
C TYR FA 133 7.61 62.02 112.44
N ALA GA 2 -43.96 83.44 91.68
CA ALA GA 2 -43.91 82.11 92.33
C ALA GA 2 -42.73 82.02 93.28
N LYS GA 3 -42.41 83.13 93.94
CA LYS GA 3 -41.29 83.18 94.87
C LYS GA 3 -41.40 82.06 95.90
N LEU GA 4 -40.31 81.34 96.10
CA LEU GA 4 -40.28 80.42 97.22
C LEU GA 4 -40.54 81.18 98.50
N GLU GA 5 -41.18 80.50 99.45
CA GLU GA 5 -41.39 81.06 100.77
C GLU GA 5 -42.05 80.00 101.63
N THR GA 6 -41.93 80.15 102.94
CA THR GA 6 -42.53 79.20 103.86
C THR GA 6 -44.03 79.10 103.65
N VAL GA 7 -44.50 77.94 103.22
CA VAL GA 7 -45.92 77.74 102.99
C VAL GA 7 -46.56 77.24 104.28
N THR GA 8 -47.67 77.85 104.64
CA THR GA 8 -48.37 77.61 105.89
C THR GA 8 -49.73 77.01 105.57
N LEU GA 9 -49.82 75.68 105.58
CA LEU GA 9 -51.08 75.04 105.27
C LEU GA 9 -51.84 74.79 106.57
N GLY GA 10 -53.08 75.25 106.61
CA GLY GA 10 -53.85 75.20 107.84
C GLY GA 10 -54.53 73.86 108.07
N ASN GA 11 -55.85 73.91 108.22
CA ASN GA 11 -56.62 72.72 108.54
C ASN GA 11 -56.20 71.53 107.69
N ILE GA 12 -55.94 70.41 108.34
CA ILE GA 12 -55.36 69.25 107.70
C ILE GA 12 -55.73 68.02 108.52
N GLY GA 13 -55.93 66.89 107.85
CA GLY GA 13 -56.27 65.62 108.50
C GLY GA 13 -57.76 65.34 108.39
N LYS GA 14 -58.20 64.22 108.97
CA LYS GA 14 -59.63 63.94 108.92
C LYS GA 14 -60.39 64.99 109.70
N ASP GA 15 -59.97 65.24 110.94
CA ASP GA 15 -60.63 66.24 111.75
C ASP GA 15 -60.33 67.65 111.28
N GLY GA 16 -59.32 67.84 110.45
CA GLY GA 16 -58.96 69.16 109.99
C GLY GA 16 -58.55 70.07 111.12
N LYS GA 17 -57.47 69.71 111.83
CA LYS GA 17 -57.01 70.53 112.93
C LYS GA 17 -55.50 70.71 112.99
N GLN GA 18 -54.71 69.93 112.28
CA GLN GA 18 -53.27 70.13 112.30
C GLN GA 18 -52.88 71.18 111.27
N THR GA 19 -51.60 71.55 111.32
CA THR GA 19 -51.06 72.56 110.42
C THR GA 19 -49.67 72.13 109.97
N LEU GA 20 -49.27 72.60 108.79
CA LEU GA 20 -47.98 72.27 108.22
C LEU GA 20 -47.23 73.52 107.84
N VAL GA 21 -45.94 73.52 108.15
CA VAL GA 21 -45.06 74.65 107.89
C VAL GA 21 -43.93 74.11 107.02
N LEU GA 22 -43.95 74.46 105.74
CA LEU GA 22 -42.97 73.97 104.79
C LEU GA 22 -41.98 75.08 104.48
N ASN GA 23 -40.73 74.88 104.88
CA ASN GA 23 -39.71 75.86 104.60
C ASN GA 23 -39.25 75.77 103.15
N PRO GA 24 -38.72 76.87 102.60
CA PRO GA 24 -38.16 76.82 101.25
C PRO GA 24 -36.74 76.30 101.28
N ARG GA 25 -36.51 75.14 100.68
CA ARG GA 25 -35.17 74.58 100.63
C ARG GA 25 -34.37 75.17 99.47
N GLY GA 26 -34.80 74.93 98.25
CA GLY GA 26 -34.06 75.41 97.10
C GLY GA 26 -34.70 74.96 95.81
N VAL GA 27 -33.88 74.94 94.75
CA VAL GA 27 -34.36 74.58 93.42
C VAL GA 27 -33.30 73.75 92.70
N ASN GA 28 -33.53 72.46 92.59
CA ASN GA 28 -32.73 71.59 91.74
C ASN GA 28 -32.69 72.17 90.33
N PRO GA 29 -31.54 72.61 89.85
CA PRO GA 29 -31.47 73.14 88.49
C PRO GA 29 -31.47 72.06 87.42
N THR GA 30 -30.78 70.95 87.70
CA THR GA 30 -30.62 69.89 86.71
C THR GA 30 -31.95 69.50 86.09
N ASN GA 31 -33.05 69.77 86.77
CA ASN GA 31 -34.36 69.44 86.25
C ASN GA 31 -35.39 70.52 86.56
N GLY GA 32 -34.95 71.69 87.04
CA GLY GA 32 -35.85 72.78 87.31
C GLY GA 32 -36.98 72.38 88.23
N VAL GA 33 -36.64 72.05 89.48
CA VAL GA 33 -37.60 71.52 90.43
C VAL GA 33 -37.39 72.22 91.77
N ALA GA 34 -38.40 72.97 92.21
CA ALA GA 34 -38.32 73.63 93.50
C ALA GA 34 -38.79 72.70 94.61
N SER GA 35 -38.11 72.76 95.74
CA SER GA 35 -38.31 71.81 96.83
C SER GA 35 -38.68 72.52 98.12
N LEU GA 36 -39.60 71.93 98.86
CA LEU GA 36 -39.96 72.37 100.20
C LEU GA 36 -39.95 71.18 101.14
N SER GA 37 -39.63 71.45 102.40
CA SER GA 37 -39.55 70.40 103.40
C SER GA 37 -40.02 70.93 104.74
N GLN GA 38 -40.68 70.06 105.50
CA GLN GA 38 -41.06 70.44 106.84
C GLN GA 38 -39.82 70.58 107.70
N ALA GA 39 -39.90 71.44 108.71
CA ALA GA 39 -38.75 71.73 109.55
C ALA GA 39 -38.35 70.50 110.35
N GLY GA 40 -37.10 70.09 110.20
CA GLY GA 40 -36.57 68.97 110.95
C GLY GA 40 -35.06 68.99 110.91
N ALA GA 41 -34.44 67.84 111.15
CA ALA GA 41 -33.00 67.74 111.01
C ALA GA 41 -32.61 66.55 110.14
N VAL GA 42 -33.32 65.44 110.28
CA VAL GA 42 -32.90 64.22 109.62
C VAL GA 42 -33.61 64.10 108.28
N PRO GA 43 -32.90 64.27 107.16
CA PRO GA 43 -33.58 64.30 105.86
C PRO GA 43 -34.53 63.16 105.65
N ALA GA 44 -34.30 62.04 106.31
CA ALA GA 44 -35.13 60.86 106.15
C ALA GA 44 -36.49 61.00 106.81
N LEU GA 45 -36.70 62.01 107.65
CA LEU GA 45 -37.90 62.09 108.47
C LEU GA 45 -38.59 63.43 108.28
N GLU GA 46 -38.67 63.91 107.05
CA GLU GA 46 -39.37 65.16 106.81
C GLU GA 46 -40.35 64.99 105.68
N LYS GA 47 -41.46 65.70 105.78
CA LYS GA 47 -42.45 65.72 104.72
C LYS GA 47 -41.96 66.66 103.63
N ARG GA 48 -41.86 66.13 102.41
CA ARG GA 48 -41.24 66.84 101.31
C ARG GA 48 -42.25 67.10 100.22
N VAL GA 49 -42.05 68.19 99.49
CA VAL GA 49 -42.88 68.55 98.35
C VAL GA 49 -41.99 69.10 97.25
N THR GA 50 -42.34 68.79 96.01
CA THR GA 50 -41.57 69.27 94.87
C THR GA 50 -42.53 69.77 93.81
N VAL GA 51 -42.19 70.91 93.21
CA VAL GA 51 -43.01 71.57 92.21
C VAL GA 51 -42.14 71.81 90.98
N SER GA 52 -42.70 71.51 89.81
CA SER GA 52 -41.93 71.53 88.57
C SER GA 52 -42.80 72.06 87.44
N VAL GA 53 -42.20 72.88 86.58
CA VAL GA 53 -42.92 73.53 85.49
C VAL GA 53 -42.12 73.29 84.23
N SER GA 54 -42.50 72.27 83.46
CA SER GA 54 -41.77 71.91 82.26
C SER GA 54 -42.44 72.53 81.04
N GLN GA 55 -41.63 73.21 80.24
CA GLN GA 55 -42.06 73.98 79.09
C GLN GA 55 -42.04 73.14 77.82
N PRO GA 56 -42.63 73.66 76.74
CA PRO GA 56 -42.97 72.79 75.60
C PRO GA 56 -41.72 72.53 74.78
N SER GA 57 -41.35 71.26 74.69
CA SER GA 57 -40.15 70.87 73.98
C SER GA 57 -40.44 70.76 72.48
N ARG GA 58 -39.39 70.55 71.70
CA ARG GA 58 -39.56 70.20 70.30
C ARG GA 58 -40.13 68.79 70.14
N ASN GA 59 -40.21 68.03 71.22
CA ASN GA 59 -40.79 66.69 71.15
C ASN GA 59 -41.95 66.51 72.14
N ARG GA 60 -42.36 67.55 72.85
CA ARG GA 60 -43.52 67.43 73.73
C ARG GA 60 -44.61 68.43 73.36
N LYS GA 61 -44.26 69.71 73.19
CA LYS GA 61 -45.20 70.74 72.75
C LYS GA 61 -46.43 70.81 73.66
N ASN GA 62 -46.18 70.91 74.96
CA ASN GA 62 -47.28 71.01 75.91
C ASN GA 62 -46.72 71.29 77.29
N TYR GA 63 -47.29 72.27 77.99
CA TYR GA 63 -46.78 72.61 79.30
C TYR GA 63 -47.26 71.55 80.28
N LYS GA 64 -46.40 71.14 81.20
CA LYS GA 64 -46.89 70.37 82.34
C LYS GA 64 -46.37 70.90 83.66
N VAL GA 65 -47.21 70.74 84.67
CA VAL GA 65 -46.90 71.09 86.06
C VAL GA 65 -46.93 69.80 86.85
N GLN GA 66 -45.81 69.45 87.44
CA GLN GA 66 -45.68 68.25 88.27
C GLN GA 66 -45.58 68.65 89.73
N VAL GA 67 -46.40 68.01 90.57
CA VAL GA 67 -46.40 68.24 92.00
C VAL GA 67 -46.25 66.89 92.67
N LYS GA 68 -45.16 66.68 93.38
CA LYS GA 68 -44.92 65.46 94.12
C LYS GA 68 -44.91 65.73 95.61
N ILE GA 69 -45.49 64.81 96.38
CA ILE GA 69 -45.61 64.91 97.82
C ILE GA 69 -45.14 63.59 98.43
N GLN GA 70 -44.25 63.68 99.41
CA GLN GA 70 -43.75 62.49 100.08
C GLN GA 70 -43.87 62.67 101.58
N ASN GA 71 -44.48 61.70 102.25
CA ASN GA 71 -44.63 61.70 103.71
C ASN GA 71 -44.07 60.41 104.29
N PRO GA 72 -42.96 60.46 105.02
CA PRO GA 72 -42.47 59.26 105.69
C PRO GA 72 -43.08 59.09 107.08
N THR GA 73 -43.05 57.86 107.54
CA THR GA 73 -43.49 57.54 108.89
C THR GA 73 -42.29 57.30 109.80
N ALA GA 74 -42.42 57.77 111.04
CA ALA GA 74 -41.31 57.69 111.98
C ALA GA 74 -41.01 56.25 112.38
N CYS GA 75 -41.98 55.59 113.00
CA CYS GA 75 -41.79 54.25 113.55
C CYS GA 75 -40.59 54.22 114.48
N THR GA 76 -40.49 55.25 115.31
CA THR GA 76 -39.40 55.32 116.28
C THR GA 76 -39.42 54.09 117.18
N ALA GA 77 -38.28 53.43 117.28
CA ALA GA 77 -38.16 52.24 118.11
C ALA GA 77 -37.84 52.61 119.55
N ASN GA 78 -38.13 51.69 120.46
CA ASN GA 78 -37.92 51.92 121.89
C ASN GA 78 -36.43 51.84 122.20
N GLY GA 79 -35.70 52.83 121.66
CA GLY GA 79 -34.31 53.02 121.94
C GLY GA 79 -33.44 52.63 120.75
N SER GA 80 -32.18 52.34 121.04
CA SER GA 80 -31.22 51.71 120.16
C SER GA 80 -30.75 52.61 119.03
N CYS GA 81 -31.56 53.57 118.58
CA CYS GA 81 -31.11 54.82 117.98
C CYS GA 81 -32.31 55.49 117.30
N ASP GA 82 -32.03 56.58 116.57
CA ASP GA 82 -33.06 57.41 115.96
C ASP GA 82 -34.04 56.57 115.13
N PRO GA 83 -35.17 57.16 114.76
CA PRO GA 83 -36.20 56.39 114.06
C PRO GA 83 -35.73 55.96 112.68
N SER GA 84 -36.49 55.05 112.09
CA SER GA 84 -36.20 54.56 110.76
C SER GA 84 -37.46 54.64 109.91
N VAL GA 85 -37.28 54.92 108.63
CA VAL GA 85 -38.42 55.08 107.74
C VAL GA 85 -39.02 53.72 107.44
N THR GA 86 -40.33 53.60 107.61
CA THR GA 86 -41.03 52.35 107.36
C THR GA 86 -42.14 52.47 106.34
N ARG GA 87 -42.92 53.54 106.39
CA ARG GA 87 -44.01 53.76 105.45
C ARG GA 87 -43.77 55.08 104.75
N GLN GA 88 -44.25 55.17 103.50
CA GLN GA 88 -43.92 56.29 102.64
C GLN GA 88 -45.14 56.58 101.79
N ALA GA 89 -45.87 57.64 102.12
CA ALA GA 89 -47.03 58.05 101.34
C ALA GA 89 -46.59 58.95 100.20
N TYR GA 90 -46.90 58.54 98.97
CA TYR GA 90 -46.61 59.32 97.78
C TYR GA 90 -47.89 59.89 97.19
N ALA GA 91 -47.80 61.12 96.70
CA ALA GA 91 -48.87 61.70 95.91
C ALA GA 91 -48.26 62.42 94.73
N ASP GA 92 -48.87 62.27 93.56
CA ASP GA 92 -48.32 62.80 92.32
C ASP GA 92 -49.44 63.38 91.48
N VAL GA 93 -49.39 64.69 91.27
CA VAL GA 93 -50.32 65.37 90.38
C VAL GA 93 -49.55 65.92 89.20
N THR GA 94 -50.16 65.85 88.03
CA THR GA 94 -49.51 66.32 86.80
C THR GA 94 -50.57 66.99 85.94
N PHE GA 95 -50.57 68.31 85.94
CA PHE GA 95 -51.41 69.07 85.02
C PHE GA 95 -50.72 69.18 83.66
N SER GA 96 -51.51 69.01 82.61
CA SER GA 96 -51.03 69.19 81.24
C SER GA 96 -51.90 70.23 80.57
N PHE GA 97 -51.26 71.20 79.91
CA PHE GA 97 -51.96 72.24 79.20
C PHE GA 97 -51.34 72.42 77.83
N THR GA 98 -52.14 72.89 76.90
CA THR GA 98 -51.64 73.14 75.56
C THR GA 98 -51.07 74.54 75.47
N GLN GA 99 -50.18 74.72 74.50
CA GLN GA 99 -49.55 76.01 74.32
C GLN GA 99 -50.58 77.12 74.32
N TYR GA 100 -51.75 76.84 73.79
CA TYR GA 100 -52.72 77.89 73.63
C TYR GA 100 -53.66 77.95 74.80
N SER GA 101 -53.30 77.26 75.89
CA SER GA 101 -54.14 77.17 77.07
C SER GA 101 -54.45 78.57 77.61
N THR GA 102 -55.45 78.65 78.48
CA THR GA 102 -55.81 79.91 79.14
C THR GA 102 -55.82 79.73 80.64
N ASP GA 103 -55.35 80.77 81.34
CA ASP GA 103 -55.48 80.77 82.78
C ASP GA 103 -56.89 80.40 83.19
N GLU GA 104 -57.87 80.78 82.40
CA GLU GA 104 -59.25 80.39 82.68
C GLU GA 104 -59.34 78.92 82.96
N GLU GA 105 -59.09 78.10 81.94
CA GLU GA 105 -59.28 76.67 82.13
C GLU GA 105 -58.31 76.16 83.17
N ARG GA 106 -57.13 76.76 83.24
CA ARG GA 106 -56.14 76.24 84.18
C ARG GA 106 -56.62 76.37 85.62
N ALA GA 107 -57.05 77.57 86.01
CA ALA GA 107 -57.61 77.75 87.34
C ALA GA 107 -58.84 76.89 87.53
N PHE GA 108 -59.65 76.78 86.47
CA PHE GA 108 -60.87 76.01 86.58
C PHE GA 108 -60.56 74.58 86.98
N VAL GA 109 -59.66 73.94 86.24
CA VAL GA 109 -59.31 72.56 86.53
C VAL GA 109 -58.61 72.48 87.87
N ARG GA 110 -57.82 73.50 88.21
CA ARG GA 110 -57.17 73.55 89.50
C ARG GA 110 -58.18 73.38 90.62
N THR GA 111 -59.06 74.37 90.76
CA THR GA 111 -60.01 74.31 91.87
C THR GA 111 -60.96 73.14 91.71
N GLU GA 112 -61.14 72.65 90.48
CA GLU GA 112 -61.96 71.47 90.30
C GLU GA 112 -61.32 70.28 90.99
N LEU GA 113 -60.03 70.08 90.77
CA LEU GA 113 -59.31 69.03 91.47
C LEU GA 113 -59.37 69.27 92.97
N ALA GA 114 -59.23 70.52 93.40
CA ALA GA 114 -59.27 70.79 94.83
C ALA GA 114 -60.58 70.33 95.45
N ALA GA 115 -61.68 70.76 94.88
CA ALA GA 115 -62.96 70.46 95.47
C ALA GA 115 -63.30 68.98 95.31
N LEU GA 116 -62.78 68.32 94.28
CA LEU GA 116 -62.91 66.87 94.26
C LEU GA 116 -62.15 66.23 95.41
N LEU GA 117 -60.93 66.69 95.68
CA LEU GA 117 -60.20 66.16 96.82
C LEU GA 117 -60.97 66.37 98.11
N ALA GA 118 -61.82 67.38 98.16
CA ALA GA 118 -62.66 67.59 99.33
C ALA GA 118 -63.97 66.80 99.31
N SER GA 119 -64.46 66.42 98.13
CA SER GA 119 -65.79 65.85 98.02
C SER GA 119 -65.86 64.48 98.67
N PRO GA 120 -67.06 64.06 99.06
CA PRO GA 120 -67.18 62.78 99.79
C PRO GA 120 -66.63 61.60 99.03
N LEU GA 121 -66.72 61.62 97.70
CA LEU GA 121 -66.25 60.48 96.92
C LEU GA 121 -64.81 60.17 97.23
N LEU GA 122 -63.91 61.08 96.87
CA LEU GA 122 -62.51 60.79 97.08
C LEU GA 122 -62.22 60.57 98.55
N ILE GA 123 -63.02 61.15 99.44
CA ILE GA 123 -62.82 60.90 100.86
C ILE GA 123 -62.82 59.40 101.11
N ASP GA 124 -63.91 58.73 100.79
CA ASP GA 124 -63.96 57.30 101.05
C ASP GA 124 -62.99 56.56 100.14
N ALA GA 125 -62.80 57.05 98.92
CA ALA GA 125 -61.97 56.32 97.97
C ALA GA 125 -60.51 56.30 98.40
N ILE GA 126 -60.08 57.30 99.15
CA ILE GA 126 -58.70 57.41 99.56
C ILE GA 126 -58.60 56.93 101.00
N ASP GA 127 -59.24 57.66 101.90
CA ASP GA 127 -59.12 57.36 103.32
C ASP GA 127 -59.45 55.91 103.59
N GLN GA 128 -60.59 55.46 103.09
CA GLN GA 128 -61.01 54.10 103.34
C GLN GA 128 -60.63 53.14 102.23
N LEU GA 129 -60.05 53.63 101.13
CA LEU GA 129 -59.64 52.78 100.03
C LEU GA 129 -60.79 51.95 99.50
N ASN GA 130 -62.01 52.48 99.54
CA ASN GA 130 -63.15 51.80 98.95
C ASN GA 130 -63.19 52.09 97.46
N PRO GA 131 -63.22 51.07 96.60
CA PRO GA 131 -63.41 51.34 95.17
C PRO GA 131 -64.70 52.12 94.95
N ALA GA 132 -64.61 53.12 94.08
CA ALA GA 132 -65.75 53.96 93.78
C ALA GA 132 -66.89 53.07 93.31
N TYR GA 133 -67.91 52.93 94.14
CA TYR GA 133 -69.10 52.18 93.77
C TYR GA 133 -70.20 52.47 94.77
N ALA HA 2 -26.33 85.87 88.87
CA ALA HA 2 -27.58 86.61 88.55
C ALA HA 2 -28.82 85.80 88.92
N LYS HA 3 -29.29 85.98 90.14
CA LYS HA 3 -30.56 85.38 90.55
C LYS HA 3 -31.67 85.84 89.62
N LEU HA 4 -32.50 84.91 89.17
CA LEU HA 4 -33.67 85.30 88.40
C LEU HA 4 -34.69 85.92 89.33
N GLU HA 5 -35.26 87.05 88.92
CA GLU HA 5 -36.23 87.73 89.75
C GLU HA 5 -37.18 88.51 88.87
N THR HA 6 -38.30 88.91 89.46
CA THR HA 6 -39.30 89.70 88.75
C THR HA 6 -38.63 90.93 88.14
N VAL HA 7 -38.62 91.00 86.82
CA VAL HA 7 -37.94 92.09 86.13
C VAL HA 7 -39.00 93.09 85.69
N THR HA 8 -38.85 94.34 86.11
CA THR HA 8 -39.83 95.38 85.83
C THR HA 8 -39.15 96.49 85.04
N LEU HA 9 -39.54 96.64 83.79
CA LEU HA 9 -38.96 97.64 82.91
C LEU HA 9 -40.02 98.69 82.61
N GLY HA 10 -39.69 99.95 82.92
CA GLY HA 10 -40.57 101.06 82.67
C GLY HA 10 -39.95 102.04 81.69
N ASN HA 11 -40.77 103.01 81.28
CA ASN HA 11 -40.34 104.05 80.35
C ASN HA 11 -40.01 103.44 78.99
N ILE HA 12 -41.04 102.84 78.40
CA ILE HA 12 -40.92 101.94 77.26
C ILE HA 12 -41.95 102.36 76.22
N GLY HA 13 -41.57 102.24 74.94
CA GLY HA 13 -42.44 102.62 73.81
C GLY HA 13 -41.94 103.87 73.11
N LYS HA 14 -42.71 104.38 72.13
CA LYS HA 14 -42.33 105.68 71.57
C LYS HA 14 -42.23 106.72 72.66
N ASP HA 15 -43.28 106.82 73.46
CA ASP HA 15 -43.38 107.86 74.45
C ASP HA 15 -42.71 107.50 75.75
N GLY HA 16 -42.32 106.24 75.91
CA GLY HA 16 -41.71 105.82 77.14
C GLY HA 16 -42.64 105.94 78.32
N LYS HA 17 -43.82 105.33 78.26
CA LYS HA 17 -44.64 105.19 79.45
C LYS HA 17 -45.24 103.81 79.68
N GLN HA 18 -45.14 102.87 78.76
CA GLN HA 18 -45.64 101.54 79.05
C GLN HA 18 -44.75 100.86 80.08
N THR HA 19 -45.14 99.65 80.48
CA THR HA 19 -44.38 98.89 81.47
C THR HA 19 -44.45 97.41 81.13
N LEU HA 20 -43.39 96.69 81.47
CA LEU HA 20 -43.34 95.25 81.31
C LEU HA 20 -42.88 94.58 82.59
N VAL HA 21 -43.58 93.51 82.96
CA VAL HA 21 -43.24 92.71 84.12
C VAL HA 21 -42.95 91.31 83.61
N LEU HA 22 -41.67 90.93 83.61
CA LEU HA 22 -41.24 89.62 83.19
C LEU HA 22 -41.01 88.76 84.41
N ASN HA 23 -41.60 87.66 84.42
CA ASN HA 23 -41.53 86.64 85.45
C ASN HA 23 -40.63 85.52 84.99
N PRO HA 24 -39.62 85.11 85.76
CA PRO HA 24 -38.71 84.08 85.25
C PRO HA 24 -39.39 82.75 85.04
N ARG HA 25 -38.85 81.97 84.10
CA ARG HA 25 -39.36 80.66 83.73
C ARG HA 25 -38.32 79.56 83.96
N GLY HA 26 -37.39 79.77 84.88
CA GLY HA 26 -36.38 78.76 85.13
C GLY HA 26 -35.28 78.76 84.09
N VAL HA 27 -34.58 77.63 84.03
CA VAL HA 27 -33.41 77.48 83.17
C VAL HA 27 -33.46 76.13 82.47
N ASN HA 28 -33.16 76.11 81.20
CA ASN HA 28 -33.09 74.87 80.47
C ASN HA 28 -31.92 74.03 80.99
N PRO HA 29 -32.15 72.79 81.38
CA PRO HA 29 -31.02 71.95 81.81
C PRO HA 29 -30.04 71.66 80.71
N THR HA 30 -30.47 71.71 79.45
CA THR HA 30 -29.61 71.34 78.33
C THR HA 30 -28.80 72.53 77.85
N ASN HA 31 -29.48 73.57 77.37
CA ASN HA 31 -28.79 74.75 76.86
C ASN HA 31 -28.21 75.60 77.97
N GLY HA 32 -28.68 75.45 79.20
CA GLY HA 32 -28.21 76.31 80.27
C GLY HA 32 -28.57 77.75 80.02
N VAL HA 33 -29.83 77.99 79.66
CA VAL HA 33 -30.33 79.31 79.33
C VAL HA 33 -31.52 79.63 80.21
N ALA HA 34 -31.49 80.82 80.82
CA ALA HA 34 -32.62 81.27 81.60
C ALA HA 34 -33.60 82.03 80.70
N SER HA 35 -34.87 82.00 81.09
CA SER HA 35 -35.91 82.61 80.30
C SER HA 35 -36.91 83.30 81.22
N LEU HA 36 -37.41 84.45 80.77
CA LEU HA 36 -38.39 85.24 81.49
C LEU HA 36 -39.54 85.54 80.56
N SER HA 37 -40.73 85.72 81.13
CA SER HA 37 -41.88 85.96 80.28
C SER HA 37 -42.84 86.91 80.97
N GLN HA 38 -43.59 87.63 80.14
CA GLN HA 38 -44.65 88.49 80.65
C GLN HA 38 -45.82 87.65 81.10
N ALA HA 39 -46.45 88.07 82.19
CA ALA HA 39 -47.59 87.33 82.71
C ALA HA 39 -48.81 87.63 81.84
N GLY HA 40 -49.43 86.58 81.34
CA GLY HA 40 -50.57 86.76 80.46
C GLY HA 40 -51.52 85.60 80.59
N ALA HA 41 -52.58 85.64 79.79
CA ALA HA 41 -53.59 84.61 79.81
C ALA HA 41 -53.23 83.46 78.89
N VAL HA 42 -52.78 83.75 77.68
CA VAL HA 42 -52.52 82.73 76.67
C VAL HA 42 -51.02 82.60 76.52
N PRO HA 43 -50.40 81.50 76.95
CA PRO HA 43 -48.94 81.43 76.96
C PRO HA 43 -48.30 81.67 75.62
N ALA HA 44 -49.01 81.38 74.53
CA ALA HA 44 -48.42 81.60 73.22
C ALA HA 44 -48.28 83.07 72.89
N LEU HA 45 -48.85 83.94 73.71
CA LEU HA 45 -48.88 85.37 73.42
C LEU HA 45 -48.12 86.18 74.46
N GLU HA 46 -47.16 85.58 75.12
CA GLU HA 46 -46.38 86.26 76.14
C GLU HA 46 -45.05 86.71 75.55
N LYS HA 47 -44.69 87.95 75.83
CA LYS HA 47 -43.38 88.45 75.45
C LYS HA 47 -42.32 87.71 76.25
N ARG HA 48 -41.36 87.12 75.56
CA ARG HA 48 -40.35 86.29 76.18
C ARG HA 48 -38.98 86.94 76.03
N VAL HA 49 -38.13 86.67 77.00
CA VAL HA 49 -36.77 87.19 77.04
C VAL HA 49 -35.84 86.07 77.43
N THR HA 50 -34.77 85.89 76.67
CA THR HA 50 -33.85 84.79 76.86
C THR HA 50 -32.47 85.32 77.21
N VAL HA 51 -31.76 84.59 78.07
CA VAL HA 51 -30.44 85.01 78.53
C VAL HA 51 -29.59 83.78 78.76
N SER HA 52 -28.45 83.72 78.10
CA SER HA 52 -27.46 82.66 78.33
C SER HA 52 -26.07 83.27 78.36
N VAL HA 53 -25.20 82.66 79.13
CA VAL HA 53 -23.79 83.03 79.17
C VAL HA 53 -23.01 81.72 79.22
N SER HA 54 -22.49 81.30 78.08
CA SER HA 54 -21.75 80.06 78.05
C SER HA 54 -20.37 80.25 78.67
N GLN HA 55 -19.83 79.16 79.13
CA GLN HA 55 -18.50 79.14 79.71
C GLN HA 55 -17.45 79.01 78.61
N PRO HA 56 -16.19 79.25 78.92
CA PRO HA 56 -15.16 79.27 77.88
C PRO HA 56 -15.07 77.93 77.16
N SER HA 57 -14.81 77.98 75.86
CA SER HA 57 -14.57 76.77 75.08
C SER HA 57 -13.12 76.34 75.21
N ARG HA 58 -12.68 75.44 74.35
CA ARG HA 58 -11.33 74.92 74.45
C ARG HA 58 -10.38 75.70 73.54
N ASN HA 59 -9.23 76.09 74.09
CA ASN HA 59 -8.09 76.62 73.34
C ASN HA 59 -8.29 78.04 72.82
N ARG HA 60 -9.52 78.54 72.89
CA ARG HA 60 -9.82 79.91 72.50
C ARG HA 60 -10.59 80.64 73.59
N LYS HA 61 -11.46 79.93 74.27
CA LYS HA 61 -12.20 80.29 75.46
C LYS HA 61 -13.32 81.32 75.24
N ASN HA 62 -13.18 82.23 74.30
CA ASN HA 62 -14.33 82.96 73.77
C ASN HA 62 -15.53 83.14 74.72
N TYR HA 63 -15.44 83.83 75.87
CA TYR HA 63 -16.68 84.03 76.63
C TYR HA 63 -17.75 84.61 75.73
N LYS HA 64 -18.94 84.03 75.80
CA LYS HA 64 -20.05 84.45 74.96
C LYS HA 64 -21.31 84.57 75.79
N VAL HA 65 -22.06 85.64 75.53
CA VAL HA 65 -23.33 85.90 76.21
C VAL HA 65 -24.37 86.21 75.16
N GLN HA 66 -25.58 85.70 75.37
CA GLN HA 66 -26.61 85.76 74.36
C GLN HA 66 -27.88 86.30 74.99
N VAL HA 67 -28.66 87.04 74.21
CA VAL HA 67 -29.94 87.56 74.68
C VAL HA 67 -30.89 87.53 73.51
N LYS HA 68 -31.87 86.63 73.55
CA LYS HA 68 -32.93 86.57 72.55
C LYS HA 68 -34.19 87.10 73.21
N ILE HA 69 -34.78 88.13 72.64
CA ILE HA 69 -36.06 88.63 73.08
C ILE HA 69 -37.05 88.48 71.94
N GLN HA 70 -38.20 87.87 72.26
CA GLN HA 70 -39.21 87.51 71.29
C GLN HA 70 -40.51 88.17 71.67
N ASN HA 71 -41.14 88.82 70.71
CA ASN HA 71 -42.41 89.50 70.93
C ASN HA 71 -43.43 89.05 69.90
N PRO HA 72 -44.44 88.27 70.28
CA PRO HA 72 -45.43 87.83 69.31
C PRO HA 72 -46.65 88.74 69.30
N THR HA 73 -47.49 88.52 68.30
CA THR HA 73 -48.74 89.27 68.16
C THR HA 73 -49.66 88.48 67.26
N ALA HA 74 -50.86 88.18 67.75
CA ALA HA 74 -51.84 87.39 67.03
C ALA HA 74 -52.98 88.29 66.56
N CYS HA 75 -53.92 87.68 65.84
CA CYS HA 75 -55.14 88.40 65.44
C CYS HA 75 -56.22 87.35 65.20
N THR HA 76 -57.23 87.36 66.08
CA THR HA 76 -58.36 86.45 65.96
C THR HA 76 -58.96 86.51 64.57
N ALA HA 77 -58.83 85.42 63.82
CA ALA HA 77 -59.53 85.31 62.55
C ALA HA 77 -61.01 85.05 62.80
N ASN HA 78 -61.84 85.43 61.84
CA ASN HA 78 -63.26 85.15 61.94
C ASN HA 78 -63.50 83.65 61.85
N GLY HA 79 -64.22 83.11 62.83
CA GLY HA 79 -64.54 81.69 62.88
C GLY HA 79 -63.53 80.83 63.60
N SER HA 80 -62.39 81.39 64.00
CA SER HA 80 -61.39 80.64 64.75
C SER HA 80 -61.45 81.06 66.20
N CYS HA 81 -61.54 80.08 67.09
CA CYS HA 81 -61.53 80.31 68.53
C CYS HA 81 -60.12 80.29 69.11
N ASP HA 82 -59.13 80.66 68.31
CA ASP HA 82 -57.73 80.71 68.70
C ASP HA 82 -57.04 81.90 68.05
N PRO HA 83 -56.77 82.97 68.80
CA PRO HA 83 -55.87 84.00 68.24
C PRO HA 83 -54.47 83.48 68.04
N SER HA 84 -54.30 82.78 66.93
CA SER HA 84 -52.98 82.31 66.51
C SER HA 84 -52.05 83.48 66.25
N VAL HA 85 -50.78 83.32 66.65
CA VAL HA 85 -49.78 84.33 66.39
C VAL HA 85 -49.57 84.48 64.90
N THR HA 86 -49.83 85.67 64.38
CA THR HA 86 -49.58 85.99 62.98
C THR HA 86 -48.30 86.77 62.77
N ARG HA 87 -47.66 87.22 63.84
CA ARG HA 87 -46.58 88.17 63.70
C ARG HA 87 -45.58 87.96 64.83
N GLN HA 88 -44.31 87.99 64.49
CA GLN HA 88 -43.27 87.83 65.49
C GLN HA 88 -42.21 88.88 65.26
N ALA HA 89 -41.68 89.44 66.33
CA ALA HA 89 -40.50 90.28 66.26
C ALA HA 89 -39.41 89.65 67.12
N TYR HA 90 -38.23 89.50 66.54
CA TYR HA 90 -37.11 88.94 67.26
C TYR HA 90 -36.01 89.98 67.38
N ALA HA 91 -35.32 89.96 68.52
CA ALA HA 91 -34.15 90.80 68.71
C ALA HA 91 -33.12 89.93 69.40
N ASP HA 92 -32.00 89.68 68.73
CA ASP HA 92 -31.00 88.77 69.25
C ASP HA 92 -29.69 89.53 69.36
N VAL HA 93 -29.13 89.57 70.55
CA VAL HA 93 -27.92 90.30 70.85
C VAL HA 93 -26.91 89.34 71.42
N THR HA 94 -25.67 89.40 70.94
CA THR HA 94 -24.65 88.48 71.42
C THR HA 94 -23.35 89.23 71.63
N PHE HA 95 -22.74 89.02 72.79
CA PHE HA 95 -21.51 89.66 73.19
C PHE HA 95 -20.43 88.59 73.29
N SER HA 96 -19.24 88.91 72.78
CA SER HA 96 -18.11 88.00 72.88
C SER HA 96 -16.95 88.73 73.51
N PHE HA 97 -16.41 88.16 74.57
CA PHE HA 97 -15.29 88.73 75.30
C PHE HA 97 -14.16 87.71 75.34
N THR HA 98 -12.96 88.22 75.50
CA THR HA 98 -11.82 87.36 75.64
C THR HA 98 -11.72 86.84 77.08
N GLN HA 99 -10.88 85.83 77.24
CA GLN HA 99 -10.65 85.23 78.54
C GLN HA 99 -10.16 86.24 79.55
N TYR HA 100 -9.58 87.34 79.10
CA TYR HA 100 -8.95 88.30 80.00
C TYR HA 100 -9.65 89.64 79.97
N SER HA 101 -10.86 89.69 79.43
CA SER HA 101 -11.63 90.91 79.49
C SER HA 101 -11.74 91.37 80.93
N THR HA 102 -12.18 92.60 81.11
CA THR HA 102 -12.41 93.15 82.44
C THR HA 102 -13.79 93.78 82.51
N ASP HA 103 -14.31 93.81 83.73
CA ASP HA 103 -15.58 94.48 83.96
C ASP HA 103 -15.60 95.85 83.31
N GLU HA 104 -14.49 96.59 83.39
CA GLU HA 104 -14.45 97.90 82.76
C GLU HA 104 -15.01 97.84 81.35
N GLU HA 105 -14.32 97.14 80.47
CA GLU HA 105 -14.74 97.16 79.08
C GLU HA 105 -16.09 96.50 78.93
N ARG HA 106 -16.38 95.50 79.76
CA ARG HA 106 -17.67 94.84 79.64
C ARG HA 106 -18.81 95.82 79.86
N ALA HA 107 -18.88 96.39 81.06
CA ALA HA 107 -19.91 97.38 81.34
C ALA HA 107 -19.85 98.51 80.32
N PHE HA 108 -18.65 98.86 79.88
CA PHE HA 108 -18.51 99.89 78.85
C PHE HA 108 -19.33 99.52 77.63
N VAL HA 109 -19.12 98.31 77.13
CA VAL HA 109 -19.85 97.82 75.97
C VAL HA 109 -21.33 97.87 76.23
N ARG HA 110 -21.75 97.38 77.39
CA ARG HA 110 -23.18 97.33 77.68
C ARG HA 110 -23.79 98.71 77.63
N THR HA 111 -23.22 99.63 78.38
CA THR HA 111 -23.79 100.95 78.45
C THR HA 111 -23.82 101.60 77.09
N GLU HA 112 -22.79 101.40 76.28
CA GLU HA 112 -22.75 102.17 75.04
C GLU HA 112 -23.70 101.55 74.02
N LEU HA 113 -23.92 100.24 74.09
CA LEU HA 113 -25.00 99.66 73.32
C LEU HA 113 -26.34 100.25 73.75
N ALA HA 114 -26.56 100.38 75.06
CA ALA HA 114 -27.84 100.90 75.52
C ALA HA 114 -28.04 102.33 75.04
N ALA HA 115 -27.03 103.17 75.22
CA ALA HA 115 -27.15 104.53 74.77
C ALA HA 115 -27.32 104.60 73.27
N LEU HA 116 -26.68 103.70 72.53
CA LEU HA 116 -26.86 103.67 71.09
C LEU HA 116 -28.30 103.37 70.74
N LEU HA 117 -28.89 102.39 71.42
CA LEU HA 117 -30.30 102.09 71.24
C LEU HA 117 -31.18 103.27 71.63
N ALA HA 118 -30.66 104.18 72.44
CA ALA HA 118 -31.38 105.39 72.78
C ALA HA 118 -31.17 106.53 71.79
N SER HA 119 -30.04 106.56 71.11
CA SER HA 119 -29.66 107.72 70.32
C SER HA 119 -30.51 107.80 69.05
N PRO HA 120 -30.62 108.98 68.46
CA PRO HA 120 -31.54 109.14 67.31
C PRO HA 120 -31.20 108.24 66.15
N LEU HA 121 -29.93 107.84 65.99
CA LEU HA 121 -29.55 107.06 64.81
C LEU HA 121 -30.31 105.75 64.80
N LEU HA 122 -30.06 104.90 65.80
CA LEU HA 122 -30.77 103.64 65.86
C LEU HA 122 -32.27 103.86 65.89
N ILE HA 123 -32.70 104.96 66.52
CA ILE HA 123 -34.12 105.27 66.55
C ILE HA 123 -34.70 105.22 65.15
N ASP HA 124 -34.27 106.12 64.29
CA ASP HA 124 -34.81 106.09 62.93
C ASP HA 124 -34.40 104.83 62.19
N ALA HA 125 -33.30 104.21 62.56
CA ALA HA 125 -32.82 103.05 61.84
C ALA HA 125 -33.80 101.90 61.96
N ILE HA 126 -34.36 101.69 63.15
CA ILE HA 126 -35.27 100.60 63.41
C ILE HA 126 -36.72 101.08 63.39
N ASP HA 127 -37.05 102.06 64.22
CA ASP HA 127 -38.44 102.45 64.38
C ASP HA 127 -39.06 102.79 63.03
N GLN HA 128 -38.27 103.33 62.13
CA GLN HA 128 -38.74 103.67 60.80
C GLN HA 128 -38.09 102.85 59.72
N LEU HA 129 -37.17 101.96 60.07
CA LEU HA 129 -36.50 101.12 59.09
C LEU HA 129 -35.81 101.99 58.04
N ASN HA 130 -34.99 102.91 58.51
CA ASN HA 130 -34.29 103.82 57.62
C ASN HA 130 -32.81 103.47 57.58
N PRO HA 131 -32.28 103.02 56.45
CA PRO HA 131 -30.84 102.82 56.37
C PRO HA 131 -30.11 104.10 56.74
N ALA HA 132 -29.06 103.93 57.55
CA ALA HA 132 -28.26 105.06 57.96
C ALA HA 132 -27.38 105.49 56.78
N TYR HA 133 -27.43 106.77 56.45
CA TYR HA 133 -26.58 107.32 55.41
C TYR HA 133 -26.53 108.83 55.49
N ALA IA 2 2.70 51.48 120.50
CA ALA IA 2 3.55 50.29 120.30
C ALA IA 2 4.96 50.72 119.96
N LYS IA 3 5.59 51.45 120.88
CA LYS IA 3 6.92 51.98 120.62
C LYS IA 3 7.94 50.84 120.55
N LEU IA 4 8.90 50.99 119.64
CA LEU IA 4 9.96 50.02 119.47
C LEU IA 4 11.16 50.46 120.28
N GLU IA 5 11.73 49.54 121.04
CA GLU IA 5 12.94 49.84 121.80
C GLU IA 5 13.52 48.52 122.28
N THR IA 6 14.51 48.60 123.15
CA THR IA 6 15.18 47.40 123.64
C THR IA 6 14.31 46.67 124.63
N VAL IA 7 14.05 45.39 124.35
CA VAL IA 7 13.23 44.55 125.22
C VAL IA 7 14.15 43.59 125.94
N THR IA 8 14.02 43.50 127.25
CA THR IA 8 14.87 42.64 128.07
C THR IA 8 13.98 41.54 128.65
N LEU IA 9 14.03 40.37 128.03
CA LEU IA 9 13.22 39.25 128.49
C LEU IA 9 14.07 38.43 129.46
N GLY IA 10 13.67 38.41 130.72
CA GLY IA 10 14.40 37.69 131.74
C GLY IA 10 13.69 36.43 132.20
N ASN IA 11 14.38 35.59 132.97
CA ASN IA 11 13.81 34.36 133.48
C ASN IA 11 13.35 33.47 132.32
N ILE IA 12 14.32 33.02 131.53
CA ILE IA 12 14.05 32.34 130.29
C ILE IA 12 14.86 31.05 130.25
N GLY IA 13 14.27 30.01 129.66
CA GLY IA 13 14.94 28.74 129.48
C GLY IA 13 14.36 27.66 130.37
N LYS IA 14 15.08 26.54 130.43
CA LYS IA 14 14.64 25.42 131.25
C LYS IA 14 14.48 25.82 132.71
N ASP IA 15 15.52 26.39 133.30
CA ASP IA 15 15.45 26.82 134.68
C ASP IA 15 14.96 28.24 134.82
N GLY IA 16 14.73 28.94 133.73
CA GLY IA 16 14.35 30.33 133.81
C GLY IA 16 15.44 31.20 134.43
N LYS IA 17 16.67 31.09 133.94
CA LYS IA 17 17.74 31.99 134.37
C LYS IA 17 18.34 32.82 133.26
N GLN IA 18 18.21 32.42 132.01
CA GLN IA 18 18.81 33.18 130.93
C GLN IA 18 18.04 34.49 130.72
N THR IA 19 18.66 35.38 129.96
CA THR IA 19 18.09 36.68 129.67
C THR IA 19 18.47 37.09 128.26
N LEU IA 20 17.49 37.64 127.54
CA LEU IA 20 17.67 37.99 126.14
C LEU IA 20 17.37 39.46 125.93
N VAL IA 21 18.33 40.16 125.32
CA VAL IA 21 18.22 41.58 125.04
C VAL IA 21 17.96 41.71 123.55
N LEU IA 22 16.81 42.28 123.20
CA LEU IA 22 16.36 42.38 121.82
C LEU IA 22 16.27 43.86 121.45
N ASN IA 23 17.12 44.27 120.60
CA ASN IA 23 17.15 45.64 120.15
C ASN IA 23 16.29 45.80 118.91
N PRO IA 24 15.71 46.98 118.71
CA PRO IA 24 14.79 47.20 117.60
C PRO IA 24 15.50 47.29 116.26
N ARG IA 25 14.68 47.19 115.22
CA ARG IA 25 15.14 47.13 113.84
C ARG IA 25 14.32 48.16 113.07
N GLY IA 26 14.39 48.13 111.74
CA GLY IA 26 13.59 49.00 110.88
C GLY IA 26 12.37 48.25 110.37
N VAL IA 27 11.23 48.94 110.33
CA VAL IA 27 9.97 48.30 110.00
C VAL IA 27 9.92 48.08 108.50
N ASN IA 28 9.82 46.82 108.09
CA ASN IA 28 9.64 46.51 106.68
C ASN IA 28 8.49 47.34 106.13
N PRO IA 29 8.76 48.31 105.26
CA PRO IA 29 7.65 49.09 104.73
C PRO IA 29 6.84 48.34 103.69
N THR IA 30 7.44 47.32 103.07
CA THR IA 30 6.71 46.57 102.05
C THR IA 30 5.48 45.89 102.61
N ASN IA 31 5.49 45.59 103.91
CA ASN IA 31 4.36 44.87 104.51
C ASN IA 31 4.04 45.38 105.90
N GLY IA 32 4.70 46.42 106.40
CA GLY IA 32 4.40 46.93 107.72
C GLY IA 32 4.68 45.92 108.80
N VAL IA 33 5.95 45.63 109.06
CA VAL IA 33 6.31 44.66 110.08
C VAL IA 33 7.57 45.13 110.78
N ALA IA 34 7.49 45.26 112.10
CA ALA IA 34 8.66 45.64 112.88
C ALA IA 34 9.42 44.39 113.27
N SER IA 35 10.70 44.56 113.62
CA SER IA 35 11.50 43.41 114.01
C SER IA 35 12.47 43.78 115.11
N LEU IA 36 12.83 42.76 115.88
CA LEU IA 36 13.74 42.85 117.01
C LEU IA 36 14.79 41.76 116.86
N SER IA 37 15.99 42.04 117.33
CA SER IA 37 17.10 41.13 117.09
C SER IA 37 18.02 41.13 118.29
N GLN IA 38 18.77 40.03 118.44
CA GLN IA 38 19.66 39.87 119.59
C GLN IA 38 20.57 41.08 119.75
N ALA IA 39 21.10 41.27 120.96
CA ALA IA 39 21.98 42.40 121.22
C ALA IA 39 23.06 42.54 120.16
N GLY IA 40 23.42 41.46 119.49
CA GLY IA 40 24.49 41.45 118.53
C GLY IA 40 25.73 40.78 119.08
N ALA IA 41 26.81 40.83 118.30
CA ALA IA 41 26.84 41.52 117.02
C ALA IA 41 26.22 40.68 115.91
N VAL IA 42 26.87 39.57 115.56
CA VAL IA 42 26.35 38.71 114.51
C VAL IA 42 24.99 38.16 114.88
N PRO IA 43 24.78 37.59 116.07
CA PRO IA 43 23.43 37.11 116.43
C PRO IA 43 22.32 38.12 116.14
N ALA IA 44 22.67 39.40 115.92
CA ALA IA 44 21.70 40.34 115.38
C ALA IA 44 21.20 39.88 114.03
N LEU IA 45 22.06 39.24 113.23
CA LEU IA 45 21.68 38.73 111.93
C LEU IA 45 21.33 37.24 112.00
N GLU IA 46 21.02 36.72 113.18
CA GLU IA 46 20.57 35.33 113.32
C GLU IA 46 19.26 35.23 114.10
N LYS IA 47 19.20 35.80 115.29
CA LYS IA 47 17.97 35.75 116.09
C LYS IA 47 17.01 36.82 115.63
N ARG IA 48 15.74 36.44 115.44
CA ARG IA 48 14.76 37.38 114.92
C ARG IA 48 13.43 37.24 115.64
N VAL IA 49 12.74 38.37 115.79
CA VAL IA 49 11.37 38.39 116.29
C VAL IA 49 10.62 39.50 115.57
N THR IA 50 9.66 39.14 114.75
CA THR IA 50 8.91 40.10 113.96
C THR IA 50 7.49 40.24 114.47
N VAL IA 51 6.93 41.44 114.32
CA VAL IA 51 5.61 41.75 114.82
C VAL IA 51 4.86 42.54 113.75
N SER IA 52 3.60 42.19 113.53
CA SER IA 52 2.80 42.74 112.45
C SER IA 52 1.38 42.96 112.94
N VAL IA 53 0.78 44.07 112.52
CA VAL IA 53 -0.57 44.40 112.95
C VAL IA 53 -1.42 44.72 111.74
N SER IA 54 -2.04 43.71 111.15
CA SER IA 54 -2.84 43.93 109.95
C SER IA 54 -4.23 44.41 110.35
N GLN IA 55 -4.55 45.63 109.96
CA GLN IA 55 -5.84 46.25 110.24
C GLN IA 55 -6.90 45.71 109.29
N PRO IA 56 -8.18 45.92 109.59
CA PRO IA 56 -9.24 45.39 108.73
C PRO IA 56 -9.03 45.68 107.26
N SER IA 57 -9.71 44.92 106.41
CA SER IA 57 -9.65 45.13 104.98
C SER IA 57 -10.70 44.24 104.31
N ARG IA 58 -10.78 44.28 102.98
CA ARG IA 58 -11.64 43.33 102.28
C ARG IA 58 -11.11 41.92 102.48
N ASN IA 59 -9.79 41.76 102.42
CA ASN IA 59 -9.17 40.46 102.69
C ASN IA 59 -9.31 40.08 104.16
N ARG IA 60 -9.11 41.03 105.05
CA ARG IA 60 -9.21 40.78 106.48
C ARG IA 60 -10.62 41.15 106.93
N LYS IA 61 -10.93 41.08 108.22
CA LYS IA 61 -12.20 41.67 108.64
C LYS IA 61 -12.23 42.57 109.89
N ASN IA 62 -11.99 42.09 111.13
CA ASN IA 62 -11.14 40.98 111.62
C ASN IA 62 -9.63 41.29 111.59
N TYR IA 63 -9.25 42.21 112.48
CA TYR IA 63 -7.85 42.53 112.74
C TYR IA 63 -7.04 41.26 112.96
N LYS IA 64 -5.79 41.26 112.53
CA LYS IA 64 -4.92 40.09 112.64
C LYS IA 64 -3.54 40.53 113.13
N VAL IA 65 -3.16 40.09 114.31
CA VAL IA 65 -1.87 40.43 114.90
C VAL IA 65 -0.98 39.20 114.80
N GLN IA 66 0.12 39.34 114.08
CA GLN IA 66 1.06 38.25 113.88
C GLN IA 66 2.33 38.51 114.67
N VAL IA 67 2.83 37.48 115.32
CA VAL IA 67 4.06 37.55 116.11
C VAL IA 67 4.88 36.33 115.78
N LYS IA 68 6.01 36.53 115.12
CA LYS IA 68 6.84 35.43 114.64
C LYS IA 68 8.18 35.47 115.34
N ILE IA 69 8.69 34.29 115.71
CA ILE IA 69 9.94 34.16 116.43
C ILE IA 69 10.80 33.13 115.71
N GLN IA 70 12.08 33.43 115.54
CA GLN IA 70 13.00 32.52 114.87
C GLN IA 70 14.33 32.52 115.60
N ASN IA 71 14.76 31.33 116.02
CA ASN IA 71 16.09 31.13 116.60
C ASN IA 71 16.84 30.11 115.77
N PRO IA 72 17.85 30.51 115.05
CA PRO IA 72 18.72 29.52 114.40
C PRO IA 72 19.88 29.17 115.30
N THR IA 73 20.11 27.88 115.53
CA THR IA 73 21.34 27.48 116.20
C THR IA 73 22.36 27.04 115.16
N ALA IA 74 23.57 27.55 115.31
CA ALA IA 74 24.66 27.33 114.38
C ALA IA 74 25.82 26.74 115.13
N CYS IA 75 26.80 26.27 114.36
CA CYS IA 75 28.03 25.76 114.94
C CYS IA 75 29.15 25.95 113.94
N THR IA 76 30.37 25.78 114.42
CA THR IA 76 31.57 25.95 113.63
C THR IA 76 32.28 24.62 113.52
N ALA IA 77 32.39 24.10 112.30
CA ALA IA 77 33.11 22.86 112.11
C ALA IA 77 34.55 23.03 112.57
N ASN IA 78 35.11 21.95 113.12
CA ASN IA 78 36.42 22.06 113.74
C ASN IA 78 37.46 22.26 112.65
N GLY IA 79 37.65 23.51 112.25
CA GLY IA 79 38.60 23.86 111.21
C GLY IA 79 38.14 25.02 110.36
N SER IA 80 36.85 25.33 110.40
CA SER IA 80 36.34 26.52 109.71
C SER IA 80 36.45 27.74 110.61
N CYS IA 81 35.99 28.89 110.12
CA CYS IA 81 35.84 30.10 110.92
C CYS IA 81 34.38 30.47 111.03
N ASP IA 82 33.76 30.65 109.89
CA ASP IA 82 32.39 31.10 109.83
C ASP IA 82 31.46 30.10 110.50
N PRO IA 83 30.62 30.51 111.45
CA PRO IA 83 29.59 29.59 111.95
C PRO IA 83 28.49 29.41 110.92
N SER IA 84 28.10 28.15 110.72
CA SER IA 84 27.03 27.80 109.80
C SER IA 84 25.81 27.33 110.59
N VAL IA 85 24.63 27.71 110.14
CA VAL IA 85 23.39 27.42 110.85
C VAL IA 85 23.01 25.96 110.61
N THR IA 86 22.96 25.18 111.69
CA THR IA 86 22.66 23.77 111.56
C THR IA 86 21.22 23.42 111.86
N ARG IA 87 20.56 24.17 112.75
CA ARG IA 87 19.15 23.95 113.05
C ARG IA 87 18.46 25.30 113.10
N GLN IA 88 17.15 25.29 112.87
CA GLN IA 88 16.40 26.54 112.89
C GLN IA 88 15.03 26.26 113.45
N ALA IA 89 14.78 26.70 114.68
CA ALA IA 89 13.47 26.60 115.27
C ALA IA 89 12.73 27.91 115.08
N TYR IA 90 11.43 27.82 114.87
CA TYR IA 90 10.66 29.06 114.83
C TYR IA 90 9.20 28.77 115.10
N ALA IA 91 8.51 29.80 115.59
CA ALA IA 91 7.12 29.69 116.02
C ALA IA 91 6.37 30.94 115.60
N ASP IA 92 5.05 30.82 115.52
CA ASP IA 92 4.21 31.87 114.97
C ASP IA 92 2.90 31.91 115.73
N VAL IA 93 2.56 33.08 116.24
CA VAL IA 93 1.28 33.30 116.89
C VAL IA 93 0.46 34.26 116.05
N THR IA 94 -0.80 33.93 115.84
CA THR IA 94 -1.70 34.77 115.04
C THR IA 94 -2.97 34.98 115.85
N PHE IA 95 -3.15 36.19 116.35
CA PHE IA 95 -4.37 36.58 117.03
C PHE IA 95 -5.31 37.22 116.02
N SER IA 96 -6.56 36.77 116.00
CA SER IA 96 -7.54 37.36 115.09
C SER IA 96 -8.72 37.83 115.91
N PHE IA 97 -8.95 39.13 115.92
CA PHE IA 97 -10.04 39.71 116.70
C PHE IA 97 -10.99 40.46 115.79
N THR IA 98 -12.23 40.56 116.24
CA THR IA 98 -13.27 41.18 115.44
C THR IA 98 -13.23 42.68 115.55
N GLN IA 99 -13.88 43.32 114.58
CA GLN IA 99 -13.92 44.77 114.50
C GLN IA 99 -14.48 45.35 115.79
N TYR IA 100 -15.51 44.72 116.34
CA TYR IA 100 -16.06 45.15 117.62
C TYR IA 100 -15.36 44.52 118.80
N SER IA 101 -14.19 43.95 118.60
CA SER IA 101 -13.45 43.41 119.71
C SER IA 101 -13.24 44.50 120.75
N THR IA 102 -12.88 44.08 121.96
CA THR IA 102 -12.60 45.04 123.02
C THR IA 102 -11.27 44.71 123.68
N ASP IA 103 -10.55 45.76 124.07
CA ASP IA 103 -9.25 45.59 124.68
C ASP IA 103 -9.33 44.64 125.86
N GLU IA 104 -10.45 44.67 126.59
CA GLU IA 104 -10.61 43.76 127.70
C GLU IA 104 -10.31 42.33 127.28
N GLU IA 105 -11.14 41.81 126.38
CA GLU IA 105 -10.98 40.43 125.98
C GLU IA 105 -9.66 40.23 125.26
N ARG IA 106 -9.17 41.25 124.58
CA ARG IA 106 -7.90 41.10 123.90
C ARG IA 106 -6.80 40.77 124.89
N ALA IA 107 -6.65 41.61 125.92
CA ALA IA 107 -5.64 41.34 126.93
C ALA IA 107 -5.93 40.04 127.66
N PHE IA 108 -7.22 39.72 127.80
CA PHE IA 108 -7.58 38.46 128.44
C PHE IA 108 -7.01 37.28 127.69
N VAL IA 109 -7.26 37.21 126.39
CA VAL IA 109 -6.76 36.09 125.60
C VAL IA 109 -5.24 36.13 125.56
N ARG IA 110 -4.67 37.32 125.56
CA ARG IA 110 -3.22 37.45 125.59
C ARG IA 110 -2.65 36.74 126.81
N THR IA 111 -2.98 37.22 128.00
CA THR IA 111 -2.48 36.59 129.21
C THR IA 111 -2.93 35.13 129.31
N GLU IA 112 -4.04 34.79 128.67
CA GLU IA 112 -4.46 33.39 128.61
C GLU IA 112 -3.39 32.56 127.94
N LEU IA 113 -3.08 32.88 126.69
CA LEU IA 113 -1.99 32.20 126.01
C LEU IA 113 -0.73 32.23 126.84
N ALA IA 114 -0.47 33.36 127.51
CA ALA IA 114 0.72 33.47 128.35
C ALA IA 114 0.79 32.31 129.32
N ALA IA 115 -0.19 32.22 130.21
CA ALA IA 115 -0.02 31.29 131.30
C ALA IA 115 -0.35 29.87 130.87
N LEU IA 116 -1.01 29.68 129.73
CA LEU IA 116 -1.03 28.34 129.14
C LEU IA 116 0.37 27.93 128.72
N LEU IA 117 1.09 28.82 128.05
CA LEU IA 117 2.50 28.54 127.77
C LEU IA 117 3.26 28.28 129.06
N ALA IA 118 2.82 28.91 130.14
CA ALA IA 118 3.45 28.71 131.44
C ALA IA 118 2.99 27.43 132.13
N SER IA 119 1.94 26.80 131.65
CA SER IA 119 1.34 25.69 132.38
C SER IA 119 2.10 24.38 132.16
N PRO IA 120 2.01 23.45 133.11
CA PRO IA 120 2.69 22.16 132.93
C PRO IA 120 2.36 21.50 131.62
N LEU IA 121 1.10 21.58 131.19
CA LEU IA 121 0.71 20.88 129.98
C LEU IA 121 1.53 21.33 128.80
N LEU IA 122 1.57 22.64 128.56
CA LEU IA 122 2.28 23.13 127.39
C LEU IA 122 3.76 22.85 127.50
N ILE IA 123 4.34 23.03 128.68
CA ILE IA 123 5.77 22.80 128.81
C ILE IA 123 6.11 21.34 128.56
N ASP IA 124 5.23 20.44 128.98
CA ASP IA 124 5.48 19.04 128.66
C ASP IA 124 5.35 18.78 127.16
N ALA IA 125 4.33 19.36 126.55
CA ALA IA 125 4.07 19.10 125.13
C ALA IA 125 5.05 19.82 124.22
N ILE IA 126 5.84 20.74 124.76
CA ILE IA 126 6.80 21.49 123.97
C ILE IA 126 8.21 21.06 124.31
N ASP IA 127 8.55 21.11 125.59
CA ASP IA 127 9.86 20.68 126.03
C ASP IA 127 10.15 19.28 125.50
N GLN IA 128 9.26 18.34 125.76
CA GLN IA 128 9.45 16.95 125.39
C GLN IA 128 8.60 16.52 124.21
N LEU IA 129 7.87 17.44 123.60
CA LEU IA 129 6.88 17.13 122.57
C LEU IA 129 6.13 15.85 122.92
N ASN IA 130 5.60 15.81 124.14
CA ASN IA 130 4.76 14.73 124.59
C ASN IA 130 3.30 15.09 124.30
N PRO IA 131 2.61 14.40 123.40
CA PRO IA 131 1.20 14.67 123.20
C PRO IA 131 0.44 14.39 124.49
N ALA IA 132 -0.67 15.08 124.66
CA ALA IA 132 -1.44 14.97 125.88
C ALA IA 132 -2.21 13.66 125.85
N TYR IA 133 -1.77 12.69 126.66
CA TYR IA 133 -2.46 11.43 126.80
C TYR IA 133 -2.20 10.85 128.17
N ALA JA 2 6.46 67.70 111.78
CA ALA JA 2 5.04 67.29 111.93
C ALA JA 2 4.91 66.08 112.85
N LYS JA 3 5.68 66.09 113.92
CA LYS JA 3 5.66 64.99 114.87
C LYS JA 3 4.22 64.67 115.25
N LEU JA 4 3.87 63.40 115.27
CA LEU JA 4 2.57 63.05 115.82
C LEU JA 4 2.52 63.38 117.30
N GLU JA 5 1.31 63.61 117.78
CA GLU JA 5 1.06 63.96 119.17
C GLU JA 5 -0.45 64.09 119.35
N THR JA 6 -0.89 64.03 120.59
CA THR JA 6 -2.31 64.20 120.89
C THR JA 6 -2.84 65.52 120.37
N VAL JA 7 -3.71 65.46 119.37
CA VAL JA 7 -4.35 66.66 118.84
C VAL JA 7 -5.54 67.01 119.73
N THR JA 8 -5.55 68.23 120.23
CA THR JA 8 -6.60 68.70 121.13
C THR JA 8 -7.33 69.82 120.39
N LEU JA 9 -8.54 69.53 119.94
CA LEU JA 9 -9.30 70.51 119.19
C LEU JA 9 -10.45 70.99 120.07
N GLY JA 10 -10.48 72.30 120.30
CA GLY JA 10 -11.40 72.88 121.25
C GLY JA 10 -12.80 73.04 120.71
N ASN JA 11 -13.33 74.26 120.80
CA ASN JA 11 -14.69 74.54 120.38
C ASN JA 11 -15.01 73.81 119.10
N ILE JA 12 -16.07 72.98 119.14
CA ILE JA 12 -16.38 72.08 118.05
C ILE JA 12 -17.89 71.82 118.07
N GLY JA 13 -18.51 71.94 116.91
CA GLY JA 13 -19.89 71.56 116.74
C GLY JA 13 -20.78 72.76 116.49
N LYS JA 14 -22.09 72.53 116.64
CA LYS JA 14 -23.06 73.57 116.29
C LYS JA 14 -22.85 74.81 117.15
N ASP JA 15 -23.09 74.69 118.44
CA ASP JA 15 -22.85 75.83 119.31
C ASP JA 15 -21.38 76.02 119.63
N GLY JA 16 -20.50 75.22 119.06
CA GLY JA 16 -19.08 75.39 119.28
C GLY JA 16 -18.72 75.26 120.75
N LYS JA 17 -19.00 74.10 121.33
CA LYS JA 17 -18.74 73.90 122.74
C LYS JA 17 -18.04 72.59 123.06
N GLN JA 18 -18.07 71.61 122.19
CA GLN JA 18 -17.46 70.32 122.51
C GLN JA 18 -15.96 70.37 122.24
N THR JA 19 -15.28 69.29 122.61
CA THR JA 19 -13.84 69.18 122.45
C THR JA 19 -13.48 67.76 122.03
N LEU JA 20 -12.38 67.62 121.31
CA LEU JA 20 -11.91 66.32 120.89
C LEU JA 20 -10.44 66.14 121.20
N VAL JA 21 -10.11 64.93 121.65
CA VAL JA 21 -8.75 64.55 121.98
C VAL JA 21 -8.44 63.34 121.11
N LEU JA 22 -7.64 63.55 120.08
CA LEU JA 22 -7.28 62.50 119.14
C LEU JA 22 -5.86 62.05 119.44
N ASN JA 23 -5.73 60.84 119.94
CA ASN JA 23 -4.41 60.39 120.35
C ASN JA 23 -3.66 59.79 119.16
N PRO JA 24 -2.33 59.85 119.20
CA PRO JA 24 -1.54 59.39 118.05
C PRO JA 24 -1.43 57.88 118.05
N ARG JA 25 -1.96 57.25 117.01
CA ARG JA 25 -1.86 55.80 116.89
C ARG JA 25 -0.50 55.41 116.31
N GLY JA 26 -0.23 55.82 115.09
CA GLY JA 26 1.00 55.44 114.42
C GLY JA 26 0.95 55.88 112.99
N VAL JA 27 1.68 55.19 112.12
CA VAL JA 27 1.64 55.50 110.70
C VAL JA 27 1.85 54.22 109.90
N ASN JA 28 0.86 53.89 109.10
CA ASN JA 28 1.00 52.79 108.18
C ASN JA 28 2.07 53.13 107.16
N PRO JA 29 3.09 52.32 107.02
CA PRO JA 29 4.14 52.63 106.05
C PRO JA 29 3.75 52.22 104.64
N THR JA 30 2.89 51.22 104.52
CA THR JA 30 2.56 50.72 103.20
C THR JA 30 2.07 51.81 102.28
N ASN JA 31 1.45 52.86 102.83
CA ASN JA 31 1.04 54.02 102.06
C ASN JA 31 1.53 55.31 102.68
N GLY JA 32 2.38 55.23 103.71
CA GLY JA 32 2.86 56.43 104.37
C GLY JA 32 1.73 57.31 104.84
N VAL JA 33 0.90 56.80 105.75
CA VAL JA 33 -0.27 57.53 106.21
C VAL JA 33 -0.30 57.50 107.73
N ALA JA 34 -0.22 58.67 108.34
CA ALA JA 34 -0.28 58.78 109.80
C ALA JA 34 -1.72 58.85 110.25
N SER JA 35 -2.01 58.17 111.35
CA SER JA 35 -3.38 58.01 111.83
C SER JA 35 -3.53 58.48 113.26
N LEU JA 36 -4.70 59.05 113.54
CA LEU JA 36 -5.08 59.52 114.87
C LEU JA 36 -6.44 58.96 115.20
N SER JA 37 -6.64 58.62 116.47
CA SER JA 37 -7.93 58.08 116.88
C SER JA 37 -8.32 58.67 118.22
N GLN JA 38 -9.63 58.80 118.41
CA GLN JA 38 -10.16 59.22 119.70
C GLN JA 38 -9.88 58.15 120.75
N ALA JA 39 -9.77 58.59 122.00
CA ALA JA 39 -9.49 57.67 123.09
C ALA JA 39 -10.70 56.79 123.36
N GLY JA 40 -10.51 55.49 123.25
CA GLY JA 40 -11.55 54.54 123.60
C GLY JA 40 -11.00 53.14 123.64
N ALA JA 41 -11.88 52.17 123.43
CA ALA JA 41 -11.47 50.76 123.44
C ALA JA 41 -11.97 50.04 122.21
N VAL JA 42 -13.16 50.38 121.75
CA VAL JA 42 -13.79 49.72 120.62
C VAL JA 42 -13.34 50.41 119.34
N PRO JA 43 -12.40 49.85 118.58
CA PRO JA 43 -11.96 50.55 117.37
C PRO JA 43 -13.13 50.90 116.47
N ALA JA 44 -14.19 50.11 116.52
CA ALA JA 44 -15.34 50.32 115.68
C ALA JA 44 -16.09 51.60 115.98
N LEU JA 45 -15.91 52.18 117.16
CA LEU JA 45 -16.67 53.35 117.58
C LEU JA 45 -15.72 54.47 117.94
N GLU JA 46 -14.74 54.72 117.08
CA GLU JA 46 -13.74 55.73 117.36
C GLU JA 46 -13.74 56.74 116.23
N LYS JA 47 -13.50 58.00 116.58
CA LYS JA 47 -13.35 59.03 115.57
C LYS JA 47 -11.93 58.98 115.05
N ARG JA 48 -11.76 58.80 113.75
CA ARG JA 48 -10.45 58.57 113.16
C ARG JA 48 -10.10 59.67 112.18
N VAL JA 49 -8.80 59.98 112.13
CA VAL JA 49 -8.27 61.01 111.25
C VAL JA 49 -6.99 60.50 110.63
N THR JA 50 -6.78 60.84 109.36
CA THR JA 50 -5.64 60.32 108.62
C THR JA 50 -5.04 61.42 107.77
N VAL JA 51 -3.71 61.51 107.78
CA VAL JA 51 -2.98 62.48 106.96
C VAL JA 51 -1.93 61.73 106.17
N SER JA 52 -1.86 62.03 104.88
CA SER JA 52 -0.90 61.43 103.98
C SER JA 52 -0.31 62.51 103.10
N VAL JA 53 0.95 62.36 102.75
CA VAL JA 53 1.64 63.30 101.88
C VAL JA 53 2.36 62.47 100.83
N SER JA 54 1.86 62.51 99.61
CA SER JA 54 2.44 61.79 98.49
C SER JA 54 3.39 62.71 97.73
N GLN JA 55 4.65 62.30 97.65
CA GLN JA 55 5.65 62.97 96.86
C GLN JA 55 5.43 62.68 95.38
N PRO JA 56 6.06 63.46 94.51
CA PRO JA 56 5.79 63.35 93.07
C PRO JA 56 6.50 62.13 92.52
N SER JA 57 5.74 61.22 91.94
CA SER JA 57 6.28 60.02 91.34
C SER JA 57 6.60 60.30 89.88
N ARG JA 58 7.11 59.28 89.21
CA ARG JA 58 7.38 59.38 87.79
C ARG JA 58 6.12 59.55 86.96
N ASN JA 59 4.95 59.26 87.51
CA ASN JA 59 3.72 59.30 86.74
C ASN JA 59 2.78 60.41 87.19
N ARG JA 60 3.16 61.20 88.19
CA ARG JA 60 2.27 62.23 88.71
C ARG JA 60 2.89 63.62 88.65
N LYS JA 61 4.11 63.75 89.18
CA LYS JA 61 4.80 65.03 89.21
C LYS JA 61 3.96 66.09 89.92
N ASN JA 62 3.36 65.68 91.05
CA ASN JA 62 2.57 66.62 91.83
C ASN JA 62 2.54 66.19 93.30
N TYR JA 63 2.82 67.14 94.17
CA TYR JA 63 2.61 66.94 95.60
C TYR JA 63 1.14 66.79 95.91
N LYS JA 64 0.79 65.73 96.65
CA LYS JA 64 -0.58 65.50 97.09
C LYS JA 64 -0.62 65.40 98.61
N VAL JA 65 -1.66 65.97 99.21
CA VAL JA 65 -1.84 65.86 100.65
C VAL JA 65 -3.29 65.49 100.91
N GLN JA 66 -3.50 64.36 101.55
CA GLN JA 66 -4.82 63.78 101.73
C GLN JA 66 -5.12 63.76 103.21
N VAL JA 67 -6.24 64.37 103.60
CA VAL JA 67 -6.70 64.36 104.98
C VAL JA 67 -8.10 63.77 104.99
N LYS JA 68 -8.26 62.67 105.72
CA LYS JA 68 -9.46 61.87 105.64
C LYS JA 68 -9.95 61.56 107.05
N ILE JA 69 -11.17 62.03 107.34
CA ILE JA 69 -11.79 61.92 108.65
C ILE JA 69 -12.99 60.99 108.55
N GLN JA 70 -13.11 60.09 109.53
CA GLN JA 70 -14.24 59.20 109.65
C GLN JA 70 -14.82 59.34 111.05
N ASN JA 71 -16.14 59.44 111.13
CA ASN JA 71 -16.83 59.51 112.42
C ASN JA 71 -18.01 58.54 112.39
N PRO JA 72 -17.95 57.44 113.12
CA PRO JA 72 -19.10 56.55 113.19
C PRO JA 72 -20.01 56.94 114.35
N THR JA 73 -21.23 56.45 114.30
CA THR JA 73 -22.18 56.73 115.36
C THR JA 73 -22.47 55.47 116.17
N ALA JA 74 -22.82 55.69 117.43
CA ALA JA 74 -22.96 54.59 118.39
C ALA JA 74 -24.20 53.74 118.09
N CYS JA 75 -25.38 54.34 118.18
CA CYS JA 75 -26.64 53.60 118.05
C CYS JA 75 -26.68 52.45 119.05
N THR JA 76 -26.37 52.76 120.30
CA THR JA 76 -26.35 51.75 121.35
C THR JA 76 -27.75 51.19 121.58
N ALA JA 77 -27.84 49.87 121.61
CA ALA JA 77 -29.10 49.18 121.83
C ALA JA 77 -29.35 49.01 123.33
N ASN JA 78 -30.62 48.88 123.68
CA ASN JA 78 -31.04 48.76 125.08
C ASN JA 78 -30.69 47.36 125.57
N GLY JA 79 -29.38 47.10 125.64
CA GLY JA 79 -28.85 45.88 126.20
C GLY JA 79 -28.37 44.93 125.10
N SER JA 80 -28.23 43.67 125.49
CA SER JA 80 -28.01 42.53 124.62
C SER JA 80 -26.62 42.46 124.01
N CYS JA 81 -25.94 43.60 123.86
CA CYS JA 81 -24.48 43.72 123.87
C CYS JA 81 -24.12 45.12 123.38
N ASP JA 82 -22.82 45.44 123.38
CA ASP JA 82 -22.39 46.81 123.14
C ASP JA 82 -22.84 47.30 121.77
N PRO JA 83 -22.75 48.61 121.53
CA PRO JA 83 -23.40 49.19 120.36
C PRO JA 83 -22.88 48.63 119.05
N SER JA 84 -23.54 49.03 117.97
CA SER JA 84 -23.15 48.64 116.63
C SER JA 84 -23.16 49.88 115.74
N VAL JA 85 -22.23 49.91 114.80
CA VAL JA 85 -22.12 51.07 113.92
C VAL JA 85 -23.32 51.08 112.98
N THR JA 86 -23.94 52.24 112.83
CA THR JA 86 -25.07 52.38 111.93
C THR JA 86 -24.93 53.54 110.96
N ARG JA 87 -24.20 54.58 111.31
CA ARG JA 87 -23.96 55.71 110.44
C ARG JA 87 -22.49 56.07 110.47
N GLN JA 88 -21.99 56.57 109.34
CA GLN JA 88 -20.59 56.97 109.24
C GLN JA 88 -20.50 58.25 108.43
N ALA JA 89 -20.03 59.31 109.06
CA ALA JA 89 -19.76 60.57 108.36
C ALA JA 89 -18.33 60.54 107.83
N TYR JA 90 -18.19 60.87 106.54
CA TYR JA 90 -16.92 60.85 105.83
C TYR JA 90 -16.51 62.25 105.40
N ALA JA 91 -15.22 62.53 105.52
CA ALA JA 91 -14.67 63.77 105.01
C ALA JA 91 -13.32 63.49 104.37
N ASP JA 92 -13.13 63.99 103.16
CA ASP JA 92 -11.89 63.76 102.41
C ASP JA 92 -11.45 65.06 101.76
N VAL JA 93 -10.28 65.53 102.13
CA VAL JA 93 -9.68 66.72 101.54
C VAL JA 93 -8.40 66.30 100.83
N THR JA 94 -8.18 66.87 99.64
CA THR JA 94 -7.03 66.53 98.81
C THR JA 94 -6.45 67.82 98.26
N PHE JA 95 -5.39 68.30 98.89
CA PHE JA 95 -4.65 69.44 98.37
C PHE JA 95 -3.64 68.97 97.34
N SER JA 96 -3.59 69.66 96.21
CA SER JA 96 -2.65 69.36 95.15
C SER JA 96 -1.80 70.58 94.91
N PHE JA 97 -0.49 70.39 94.80
CA PHE JA 97 0.41 71.47 94.46
C PHE JA 97 1.43 70.93 93.49
N THR JA 98 1.98 71.81 92.67
CA THR JA 98 2.98 71.34 91.73
C THR JA 98 4.37 71.68 92.25
N GLN JA 99 5.35 71.12 91.57
CA GLN JA 99 6.62 70.87 92.20
C GLN JA 99 7.26 72.18 92.67
N TYR JA 100 6.94 73.27 91.98
CA TYR JA 100 7.53 74.57 92.24
C TYR JA 100 6.65 75.43 93.15
N SER JA 101 5.83 74.82 93.99
CA SER JA 101 4.88 75.55 94.80
C SER JA 101 5.58 76.35 95.88
N THR JA 102 4.81 77.24 96.49
CA THR JA 102 5.27 78.06 97.59
C THR JA 102 4.50 77.71 98.84
N ASP JA 103 5.22 77.53 99.93
CA ASP JA 103 4.58 77.56 101.23
C ASP JA 103 3.59 78.70 101.28
N GLU JA 104 3.91 79.79 100.60
CA GLU JA 104 3.06 80.97 100.61
C GLU JA 104 1.66 80.61 100.13
N GLU JA 105 1.56 80.18 98.88
CA GLU JA 105 0.27 79.84 98.30
C GLU JA 105 -0.39 78.71 99.08
N ARG JA 106 0.39 77.74 99.54
CA ARG JA 106 -0.21 76.62 100.25
C ARG JA 106 -0.87 77.07 101.54
N ALA JA 107 -0.19 77.92 102.30
CA ALA JA 107 -0.80 78.52 103.47
C ALA JA 107 -2.07 79.24 103.09
N PHE JA 108 -2.01 80.02 102.02
CA PHE JA 108 -3.18 80.76 101.60
C PHE JA 108 -4.35 79.81 101.32
N VAL JA 109 -4.07 78.76 100.55
CA VAL JA 109 -5.12 77.84 100.15
C VAL JA 109 -5.78 77.26 101.39
N ARG JA 110 -4.97 76.81 102.32
CA ARG JA 110 -5.54 76.18 103.49
C ARG JA 110 -6.36 77.15 104.32
N THR JA 111 -5.81 78.32 104.59
CA THR JA 111 -6.55 79.22 105.44
C THR JA 111 -7.86 79.64 104.79
N GLU JA 112 -7.86 79.87 103.49
CA GLU JA 112 -9.12 80.19 102.82
C GLU JA 112 -10.07 79.00 102.92
N LEU JA 113 -9.56 77.79 102.78
CA LEU JA 113 -10.42 76.63 102.95
C LEU JA 113 -11.05 76.63 104.33
N ALA JA 114 -10.26 76.87 105.35
CA ALA JA 114 -10.79 76.85 106.71
C ALA JA 114 -11.84 77.93 106.89
N ALA JA 115 -11.54 79.13 106.45
CA ALA JA 115 -12.49 80.20 106.64
C ALA JA 115 -13.76 79.94 105.85
N LEU JA 116 -13.65 79.26 104.71
CA LEU JA 116 -14.84 78.97 103.93
C LEU JA 116 -15.66 77.90 104.65
N LEU JA 117 -14.96 76.94 105.26
CA LEU JA 117 -15.63 75.98 106.14
C LEU JA 117 -16.39 76.67 107.24
N ALA JA 118 -15.93 77.84 107.67
CA ALA JA 118 -16.64 78.61 108.68
C ALA JA 118 -17.71 79.53 108.12
N SER JA 119 -17.62 79.89 106.85
CA SER JA 119 -18.51 80.88 106.28
C SER JA 119 -19.95 80.40 106.31
N PRO JA 120 -20.91 81.32 106.28
CA PRO JA 120 -22.32 80.90 106.33
C PRO JA 120 -22.68 79.99 105.19
N LEU JA 121 -22.05 80.15 104.03
CA LEU JA 121 -22.46 79.36 102.86
C LEU JA 121 -22.40 77.87 103.17
N LEU JA 122 -21.19 77.36 103.43
CA LEU JA 122 -21.11 75.92 103.69
C LEU JA 122 -21.92 75.55 104.92
N ILE JA 123 -22.11 76.46 105.87
CA ILE JA 123 -22.92 76.12 107.02
C ILE JA 123 -24.23 75.51 106.56
N ASP JA 124 -25.00 76.27 105.79
CA ASP JA 124 -26.24 75.74 105.26
C ASP JA 124 -26.00 74.63 104.27
N ALA JA 125 -24.88 74.69 103.54
CA ALA JA 125 -24.64 73.71 102.49
C ALA JA 125 -24.48 72.31 103.05
N ILE JA 126 -23.89 72.19 104.23
CA ILE JA 126 -23.51 70.90 104.77
C ILE JA 126 -24.49 70.53 105.87
N ASP JA 127 -24.68 71.41 106.84
CA ASP JA 127 -25.48 71.05 107.99
C ASP JA 127 -26.96 70.97 107.62
N GLN JA 128 -27.45 71.95 106.88
CA GLN JA 128 -28.82 71.90 106.39
C GLN JA 128 -28.96 71.12 105.10
N LEU JA 129 -27.85 70.76 104.45
CA LEU JA 129 -27.91 70.12 103.14
C LEU JA 129 -28.68 70.97 102.14
N ASN JA 130 -28.62 72.28 102.29
CA ASN JA 130 -29.32 73.17 101.38
C ASN JA 130 -28.49 73.36 100.13
N PRO JA 131 -28.97 73.01 98.94
CA PRO JA 131 -28.18 73.25 97.74
C PRO JA 131 -27.81 74.71 97.63
N ALA JA 132 -26.56 74.96 97.25
CA ALA JA 132 -26.10 76.34 97.17
C ALA JA 132 -26.98 77.10 96.19
N TYR JA 133 -27.83 77.97 96.72
CA TYR JA 133 -28.74 78.75 95.90
C TYR JA 133 -29.52 79.76 96.73
N ALA KA 2 16.08 52.63 113.09
CA ALA KA 2 16.44 54.03 112.78
C ALA KA 2 15.19 54.86 112.65
N LYS KA 3 14.56 55.16 113.77
CA LYS KA 3 13.41 56.05 113.76
C LYS KA 3 13.81 57.41 113.21
N LEU KA 4 13.00 57.95 112.30
CA LEU KA 4 13.31 59.23 111.69
C LEU KA 4 12.88 60.38 112.57
N GLU KA 5 13.79 61.33 112.74
CA GLU KA 5 13.49 62.59 113.40
C GLU KA 5 14.24 63.69 112.66
N THR KA 6 13.90 64.92 112.97
CA THR KA 6 14.58 66.04 112.33
C THR KA 6 16.07 65.96 112.65
N VAL KA 7 16.86 65.86 111.59
CA VAL KA 7 18.31 65.77 111.72
C VAL KA 7 18.88 67.17 111.74
N THR KA 8 19.63 67.48 112.78
CA THR KA 8 20.21 68.79 112.96
C THR KA 8 21.70 68.65 112.70
N LEU KA 9 22.16 69.27 111.62
CA LEU KA 9 23.47 69.04 111.08
C LEU KA 9 24.30 70.28 111.38
N GLY KA 10 25.29 70.15 112.27
CA GLY KA 10 26.04 71.29 112.75
C GLY KA 10 27.49 71.31 112.26
N ASN KA 11 28.04 72.51 112.23
CA ASN KA 11 29.44 72.72 111.86
C ASN KA 11 29.69 72.25 110.43
N ILE KA 12 29.07 72.97 109.50
CA ILE KA 12 28.95 72.57 108.11
C ILE KA 12 29.60 73.68 107.28
N GLY KA 13 30.18 73.31 106.14
CA GLY KA 13 30.64 74.28 105.16
C GLY KA 13 32.15 74.46 105.20
N LYS KA 14 32.62 75.41 104.39
CA LYS KA 14 34.07 75.63 104.31
C LYS KA 14 34.61 76.03 105.66
N ASP KA 15 33.92 76.94 106.34
CA ASP KA 15 34.31 77.42 107.66
C ASP KA 15 33.74 76.57 108.78
N GLY KA 16 32.85 75.62 108.46
CA GLY KA 16 32.20 74.84 109.49
C GLY KA 16 31.33 75.69 110.40
N LYS KA 17 30.46 76.51 109.81
CA LYS KA 17 29.63 77.39 110.62
C LYS KA 17 28.15 77.37 110.27
N GLN KA 18 27.76 76.91 109.10
CA GLN KA 18 26.35 76.82 108.80
C GLN KA 18 25.73 75.63 109.54
N THR KA 19 24.42 75.46 109.38
CA THR KA 19 23.74 74.28 109.90
C THR KA 19 22.58 73.94 108.99
N LEU KA 20 22.15 72.69 109.04
CA LEU KA 20 21.10 72.19 108.17
C LEU KA 20 20.06 71.46 108.99
N VAL KA 21 18.79 71.75 108.73
CA VAL KA 21 17.68 71.14 109.46
C VAL KA 21 16.92 70.28 108.46
N LEU KA 22 17.08 68.96 108.57
CA LEU KA 22 16.45 68.02 107.65
C LEU KA 22 15.24 67.39 108.30
N ASN KA 23 14.10 67.55 107.70
CA ASN KA 23 12.90 67.00 108.28
C ASN KA 23 12.52 65.68 107.62
N PRO KA 24 11.78 64.84 108.34
CA PRO KA 24 11.39 63.53 107.78
C PRO KA 24 10.57 63.70 106.53
N ARG KA 25 10.79 62.82 105.56
CA ARG KA 25 9.99 62.77 104.35
C ARG KA 25 9.26 61.44 104.21
N GLY KA 26 9.36 60.57 105.20
CA GLY KA 26 8.73 59.26 105.11
C GLY KA 26 9.60 58.26 104.38
N VAL KA 27 8.95 57.15 103.98
CA VAL KA 27 9.64 56.05 103.33
C VAL KA 27 8.87 55.66 102.08
N ASN KA 28 9.61 55.42 101.01
CA ASN KA 28 8.99 54.96 99.79
C ASN KA 28 8.39 53.58 99.99
N PRO KA 29 7.10 53.39 99.73
CA PRO KA 29 6.53 52.04 99.88
C PRO KA 29 7.13 51.04 98.91
N THR KA 30 7.60 51.48 97.75
CA THR KA 30 8.09 50.57 96.73
C THR KA 30 9.55 50.22 96.95
N ASN KA 31 10.43 51.22 96.88
CA ASN KA 31 11.85 50.98 97.05
C ASN KA 31 12.22 50.73 98.50
N GLY KA 32 11.37 51.12 99.43
CA GLY KA 32 11.69 50.96 100.84
C GLY KA 32 12.89 51.80 101.25
N VAL KA 33 12.85 53.09 100.93
CA VAL KA 33 13.95 54.00 101.22
C VAL KA 33 13.38 55.25 101.87
N ALA KA 34 14.01 55.69 102.96
CA ALA KA 34 13.54 56.88 103.65
C ALA KA 34 14.20 58.12 103.07
N SER KA 35 13.55 59.26 103.27
CA SER KA 35 14.00 60.50 102.69
C SER KA 35 13.89 61.63 103.69
N LEU KA 36 14.74 62.63 103.54
CA LEU KA 36 14.75 63.81 104.40
C LEU KA 36 14.95 65.04 103.55
N SER KA 37 14.40 66.17 104.00
CA SER KA 37 14.48 67.41 103.25
C SER KA 37 14.69 68.58 104.18
N GLN KA 38 15.41 69.58 103.69
CA GLN KA 38 15.53 70.84 104.40
C GLN KA 38 14.26 71.64 104.28
N ALA KA 39 13.88 72.30 105.37
CA ALA KA 39 12.71 73.16 105.33
C ALA KA 39 12.97 74.31 104.38
N GLY KA 40 11.99 74.59 103.52
CA GLY KA 40 12.11 75.68 102.58
C GLY KA 40 10.75 76.04 102.04
N ALA KA 41 10.74 77.11 101.26
CA ALA KA 41 9.50 77.60 100.68
C ALA KA 41 9.21 76.90 99.36
N VAL KA 42 10.20 76.83 98.49
CA VAL KA 42 10.07 76.22 97.18
C VAL KA 42 10.55 74.78 97.29
N PRO KA 43 9.69 73.78 97.19
CA PRO KA 43 10.16 72.39 97.34
C PRO KA 43 11.16 71.97 96.28
N ALA KA 44 11.16 72.62 95.11
CA ALA KA 44 12.21 72.35 94.13
C ALA KA 44 13.60 72.62 94.67
N LEU KA 45 13.74 73.60 95.55
CA LEU KA 45 15.04 74.10 95.97
C LEU KA 45 15.41 73.64 97.37
N GLU KA 46 14.99 72.45 97.75
CA GLU KA 46 15.22 71.95 99.10
C GLU KA 46 16.23 70.83 99.07
N LYS KA 47 17.18 70.87 100.00
CA LYS KA 47 18.23 69.87 100.06
C LYS KA 47 17.62 68.55 100.50
N ARG KA 48 17.80 67.52 99.69
CA ARG KA 48 17.30 66.18 99.98
C ARG KA 48 18.43 65.25 100.36
N VAL KA 49 18.10 64.27 101.18
CA VAL KA 49 19.03 63.20 101.49
C VAL KA 49 18.25 61.92 101.67
N THR KA 50 18.64 60.88 100.95
CA THR KA 50 17.94 59.61 100.99
C THR KA 50 18.82 58.56 101.67
N VAL KA 51 18.17 57.65 102.38
CA VAL KA 51 18.86 56.57 103.07
C VAL KA 51 18.08 55.29 102.83
N SER KA 52 18.78 54.23 102.42
CA SER KA 52 18.14 52.96 102.13
C SER KA 52 18.90 51.84 102.80
N VAL KA 53 18.16 50.84 103.28
CA VAL KA 53 18.74 49.68 103.92
C VAL KA 53 18.17 48.42 103.30
N SER KA 54 18.79 47.94 102.23
CA SER KA 54 18.25 46.77 101.54
C SER KA 54 18.49 45.52 102.38
N GLN KA 55 17.78 44.46 102.05
CA GLN KA 55 17.81 43.22 102.79
C GLN KA 55 18.50 42.12 101.97
N PRO KA 56 18.76 40.95 102.55
CA PRO KA 56 19.55 39.93 101.85
C PRO KA 56 18.93 39.46 100.54
N SER KA 57 19.78 38.86 99.71
CA SER KA 57 19.41 38.11 98.50
C SER KA 57 20.01 36.71 98.54
N ARG KA 58 19.99 35.97 97.43
CA ARG KA 58 20.34 34.55 97.44
C ARG KA 58 21.84 34.29 97.54
N ASN KA 59 22.22 33.44 98.50
CA ASN KA 59 23.53 32.78 98.57
C ASN KA 59 24.69 33.75 98.81
N ARG KA 60 24.38 35.04 98.71
CA ARG KA 60 25.39 36.08 98.79
C ARG KA 60 25.05 37.06 99.89
N LYS KA 61 23.87 37.63 99.78
CA LYS KA 61 23.07 38.28 100.81
C LYS KA 61 23.56 39.67 101.24
N ASN KA 62 24.88 39.97 101.23
CA ASN KA 62 25.40 41.34 101.25
C ASN KA 62 24.46 42.47 101.68
N TYR KA 63 24.17 42.62 102.97
CA TYR KA 63 23.55 43.84 103.47
C TYR KA 63 24.12 45.05 102.75
N LYS KA 64 23.24 45.85 102.16
CA LYS KA 64 23.63 46.98 101.32
C LYS KA 64 22.92 48.23 101.81
N VAL KA 65 23.67 49.31 101.98
CA VAL KA 65 23.13 50.58 102.45
C VAL KA 65 23.49 51.68 101.47
N GLN KA 66 22.50 52.50 101.12
CA GLN KA 66 22.66 53.59 100.16
C GLN KA 66 22.34 54.91 100.83
N VAL KA 67 23.15 55.93 100.52
CA VAL KA 67 22.95 57.27 101.05
C VAL KA 67 23.13 58.25 99.89
N LYS KA 68 22.04 58.87 99.46
CA LYS KA 68 22.06 59.78 98.33
C LYS KA 68 21.74 61.19 98.81
N ILE KA 69 22.72 62.08 98.70
CA ILE KA 69 22.56 63.48 99.08
C ILE KA 69 22.40 64.30 97.81
N GLN KA 70 21.37 65.15 97.81
CA GLN KA 70 21.02 66.03 96.70
C GLN KA 70 21.10 67.47 97.16
N ASN KA 71 21.82 68.30 96.41
CA ASN KA 71 21.83 69.73 96.68
C ASN KA 71 21.55 70.50 95.40
N PRO KA 72 20.38 71.08 95.22
CA PRO KA 72 20.13 71.88 94.02
C PRO KA 72 20.42 73.35 94.26
N THR KA 73 20.44 74.10 93.16
CA THR KA 73 20.60 75.55 93.22
C THR KA 73 20.10 76.15 91.92
N ALA KA 74 19.29 77.20 92.02
CA ALA KA 74 18.60 77.76 90.88
C ALA KA 74 19.07 79.18 90.58
N CYS KA 75 18.59 79.69 89.44
CA CYS KA 75 18.88 81.06 89.00
C CYS KA 75 17.57 81.61 88.45
N THR KA 76 16.91 82.46 89.21
CA THR KA 76 15.76 83.17 88.65
C THR KA 76 16.21 84.07 87.50
N ALA KA 77 16.01 83.59 86.27
CA ALA KA 77 16.41 84.35 85.09
C ALA KA 77 15.44 85.49 84.84
N ASN KA 78 15.92 86.49 84.11
CA ASN KA 78 15.10 87.66 83.84
C ASN KA 78 13.85 87.25 83.07
N GLY KA 79 12.69 87.69 83.55
CA GLY KA 79 11.44 87.38 82.93
C GLY KA 79 10.82 86.06 83.35
N SER KA 80 11.58 85.21 84.01
CA SER KA 80 11.07 83.93 84.50
C SER KA 80 10.54 84.13 85.91
N CYS KA 81 9.27 83.79 86.11
CA CYS KA 81 8.63 83.87 87.42
C CYS KA 81 8.82 82.59 88.21
N ASP KA 82 9.81 81.81 87.87
CA ASP KA 82 10.02 80.50 88.46
C ASP KA 82 11.51 80.25 88.66
N PRO KA 83 11.97 80.07 89.89
CA PRO KA 83 13.39 79.77 90.08
C PRO KA 83 13.75 78.35 89.67
N SER KA 84 13.80 78.11 88.37
CA SER KA 84 14.14 76.78 87.87
C SER KA 84 15.55 76.40 88.30
N VAL KA 85 15.70 75.14 88.71
CA VAL KA 85 17.01 74.66 89.15
C VAL KA 85 17.89 74.44 87.92
N THR KA 86 19.02 75.13 87.89
CA THR KA 86 20.01 74.89 86.85
C THR KA 86 21.30 74.28 87.38
N ARG KA 87 21.34 73.92 88.66
CA ARG KA 87 22.55 73.41 89.28
C ARG KA 87 22.19 72.29 90.23
N GLN KA 88 22.96 71.21 90.17
CA GLN KA 88 22.64 70.02 90.94
C GLN KA 88 23.92 69.36 91.41
N ALA KA 89 23.97 68.99 92.68
CA ALA KA 89 25.08 68.26 93.26
C ALA KA 89 24.58 66.93 93.79
N TYR KA 90 25.26 65.87 93.39
CA TYR KA 90 24.93 64.50 93.74
C TYR KA 90 26.04 63.92 94.60
N ALA KA 91 25.66 63.16 95.62
CA ALA KA 91 26.64 62.44 96.42
C ALA KA 91 26.03 61.11 96.84
N ASP KA 92 26.53 60.01 96.29
CA ASP KA 92 25.99 58.69 96.62
C ASP KA 92 27.07 57.87 97.31
N VAL KA 93 26.74 57.40 98.50
CA VAL KA 93 27.59 56.53 99.29
C VAL KA 93 26.93 55.16 99.33
N THR KA 94 27.74 54.12 99.20
CA THR KA 94 27.22 52.76 99.21
C THR KA 94 28.10 51.91 100.10
N PHE KA 95 27.53 51.44 101.20
CA PHE KA 95 28.15 50.47 102.09
C PHE KA 95 27.67 49.08 101.73
N SER KA 96 28.58 48.11 101.69
CA SER KA 96 28.20 46.74 101.43
C SER KA 96 28.91 45.85 102.44
N PHE KA 97 28.14 45.12 103.24
CA PHE KA 97 28.64 44.30 104.33
C PHE KA 97 28.18 42.87 104.12
N THR KA 98 29.07 41.94 104.48
CA THR KA 98 28.72 40.54 104.37
C THR KA 98 27.72 40.17 105.46
N GLN KA 99 27.06 39.04 105.27
CA GLN KA 99 26.06 38.62 106.23
C GLN KA 99 26.65 38.32 107.58
N TYR KA 100 27.95 38.10 107.66
CA TYR KA 100 28.58 37.75 108.91
C TYR KA 100 29.46 38.87 109.38
N SER KA 101 29.37 40.02 108.72
CA SER KA 101 29.98 41.24 109.20
C SER KA 101 29.49 41.54 110.61
N THR KA 102 30.21 42.41 111.29
CA THR KA 102 29.94 42.71 112.68
C THR KA 102 29.96 44.23 112.91
N ASP KA 103 29.10 44.67 113.82
CA ASP KA 103 28.99 46.09 114.10
C ASP KA 103 30.34 46.73 114.26
N GLU KA 104 31.30 46.00 114.84
CA GLU KA 104 32.63 46.55 115.05
C GLU KA 104 33.19 47.10 113.75
N GLU KA 105 33.43 46.22 112.79
CA GLU KA 105 34.00 46.65 111.52
C GLU KA 105 33.05 47.57 110.78
N ARG KA 106 31.75 47.42 110.96
CA ARG KA 106 30.83 48.31 110.28
C ARG KA 106 31.06 49.77 110.67
N ALA KA 107 30.84 50.10 111.93
CA ALA KA 107 31.07 51.49 112.33
C ALA KA 107 32.53 51.86 112.18
N PHE KA 108 33.44 50.89 112.24
CA PHE KA 108 34.82 51.20 111.93
C PHE KA 108 34.94 51.82 110.55
N VAL KA 109 34.34 51.16 109.55
CA VAL KA 109 34.29 51.73 108.21
C VAL KA 109 33.59 53.07 108.23
N ARG KA 110 32.54 53.18 109.03
CA ARG KA 110 31.80 54.42 109.09
C ARG KA 110 32.71 55.58 109.47
N THR KA 111 33.38 55.43 110.61
CA THR KA 111 34.25 56.49 111.08
C THR KA 111 35.45 56.67 110.17
N GLU KA 112 35.88 55.61 109.48
CA GLU KA 112 36.96 55.79 108.51
C GLU KA 112 36.50 56.73 107.41
N LEU KA 113 35.30 56.50 106.89
CA LEU KA 113 34.80 57.36 105.84
C LEU KA 113 34.67 58.79 106.32
N ALA KA 114 34.15 58.97 107.54
CA ALA KA 114 34.01 60.32 108.08
C ALA KA 114 35.37 61.01 108.19
N ALA KA 115 36.35 60.31 108.76
CA ALA KA 115 37.66 60.92 108.96
C ALA KA 115 38.34 61.20 107.64
N LEU KA 116 38.23 60.32 106.65
CA LEU KA 116 38.72 60.63 105.32
C LEU KA 116 38.06 61.88 104.79
N LEU KA 117 36.74 61.97 104.97
CA LEU KA 117 35.99 63.08 104.43
C LEU KA 117 36.38 64.38 105.10
N ALA KA 118 36.99 64.30 106.29
CA ALA KA 118 37.47 65.49 106.99
C ALA KA 118 38.94 65.80 106.75
N SER KA 119 39.76 64.80 106.43
CA SER KA 119 41.20 65.04 106.30
C SER KA 119 41.51 65.89 105.07
N PRO KA 120 42.67 66.55 105.06
CA PRO KA 120 42.99 67.42 103.92
C PRO KA 120 43.02 66.70 102.59
N LEU KA 121 43.21 65.39 102.58
CA LEU KA 121 43.25 64.65 101.33
C LEU KA 121 41.96 64.89 100.55
N LEU KA 122 40.86 64.36 101.07
CA LEU KA 122 39.58 64.58 100.39
C LEU KA 122 39.28 66.05 100.28
N ILE KA 123 39.80 66.87 101.20
CA ILE KA 123 39.62 68.31 101.10
C ILE KA 123 40.08 68.80 99.75
N ASP KA 124 41.36 68.63 99.46
CA ASP KA 124 41.86 69.00 98.13
C ASP KA 124 41.13 68.26 97.02
N ALA KA 125 40.77 67.00 97.24
CA ALA KA 125 40.20 66.21 96.17
C ALA KA 125 38.84 66.75 95.73
N ILE KA 126 38.04 67.21 96.68
CA ILE KA 126 36.68 67.64 96.43
C ILE KA 126 36.60 69.14 96.28
N ASP KA 127 37.04 69.87 97.30
CA ASP KA 127 36.81 71.30 97.36
C ASP KA 127 37.25 72.00 96.09
N GLN KA 128 38.49 71.78 95.67
CA GLN KA 128 38.98 72.32 94.41
C GLN KA 128 39.23 71.26 93.35
N LEU KA 129 38.70 70.05 93.53
CA LEU KA 129 38.72 69.05 92.46
C LEU KA 129 40.14 68.74 92.05
N ASN KA 130 40.89 68.18 92.95
CA ASN KA 130 42.32 68.09 92.73
C ASN KA 130 42.76 66.64 92.72
N PRO KA 131 42.99 66.03 91.56
CA PRO KA 131 43.38 64.62 91.57
C PRO KA 131 44.65 64.43 92.37
N ALA KA 132 44.60 63.52 93.31
CA ALA KA 132 45.70 63.37 94.24
C ALA KA 132 46.82 62.58 93.60
N TYR KA 133 48.05 63.03 93.82
CA TYR KA 133 49.24 62.27 93.44
C TYR KA 133 50.46 62.82 94.15
N ALA LA 2 71.57 95.74 54.59
CA ALA LA 2 71.14 95.57 53.17
C ALA LA 2 70.00 96.50 52.83
N LYS LA 3 70.09 97.73 53.34
CA LYS LA 3 69.06 98.72 53.04
C LYS LA 3 69.09 99.05 51.56
N LEU LA 4 67.91 99.22 50.97
CA LEU LA 4 67.79 99.48 49.55
C LEU LA 4 67.57 100.96 49.35
N GLU LA 5 68.30 101.55 48.41
CA GLU LA 5 68.26 102.98 48.21
C GLU LA 5 68.79 103.27 46.81
N THR LA 6 68.90 104.55 46.48
CA THR LA 6 69.46 104.94 45.21
C THR LA 6 70.94 104.58 45.16
N VAL LA 7 71.35 103.93 44.08
CA VAL LA 7 72.70 103.43 43.93
C VAL LA 7 73.32 104.11 42.72
N THR LA 8 74.47 104.72 42.90
CA THR LA 8 75.11 105.54 41.88
C THR LA 8 76.40 104.84 41.46
N LEU LA 9 76.36 104.24 40.27
CA LEU LA 9 77.45 103.44 39.78
C LEU LA 9 78.26 104.31 38.84
N GLY LA 10 79.42 104.80 39.29
CA GLY LA 10 80.22 105.71 38.49
C GLY LA 10 81.37 105.03 37.81
N ASN LA 11 82.03 105.72 36.88
CA ASN LA 11 83.18 105.17 36.18
C ASN LA 11 82.79 103.84 35.53
N ILE LA 12 81.89 103.93 34.57
CA ILE LA 12 81.26 102.77 33.95
C ILE LA 12 81.56 102.83 32.46
N GLY LA 13 81.68 101.65 31.85
CA GLY LA 13 81.85 101.57 30.41
C GLY LA 13 83.28 101.33 30.00
N LYS LA 14 83.58 101.76 28.77
CA LYS LA 14 84.86 101.42 28.15
C LYS LA 14 85.93 102.35 28.67
N ASP LA 15 85.74 103.63 28.41
CA ASP LA 15 86.55 104.67 29.01
C ASP LA 15 86.23 104.87 30.49
N GLY LA 16 85.19 104.23 31.00
CA GLY LA 16 84.81 104.42 32.38
C GLY LA 16 84.37 105.85 32.63
N LYS LA 17 83.46 106.34 31.79
CA LYS LA 17 83.01 107.72 31.87
C LYS LA 17 81.54 107.87 32.20
N GLN LA 18 80.69 106.93 31.82
CA GLN LA 18 79.26 107.05 32.07
C GLN LA 18 78.95 106.81 33.54
N THR LA 19 77.67 106.91 33.87
CA THR LA 19 77.20 106.72 35.23
C THR LA 19 75.78 106.18 35.20
N LEU LA 20 75.46 105.31 36.15
CA LEU LA 20 74.16 104.66 36.22
C LEU LA 20 73.53 104.93 37.57
N VAL LA 21 72.33 105.49 37.54
CA VAL LA 21 71.55 105.76 38.75
C VAL LA 21 70.45 104.74 38.83
N LEU LA 22 70.46 103.93 39.87
CA LEU LA 22 69.51 102.84 40.03
C LEU LA 22 68.70 103.08 41.28
N ASN LA 23 67.46 103.36 41.09
CA ASN LA 23 66.55 103.54 42.22
C ASN LA 23 65.92 102.22 42.59
N PRO LA 24 65.54 102.07 43.85
CA PRO LA 24 65.06 100.78 44.34
C PRO LA 24 63.66 100.46 43.85
N ARG LA 25 63.26 99.23 44.14
CA ARG LA 25 62.02 98.65 43.66
C ARG LA 25 61.28 98.09 44.87
N GLY LA 26 60.24 97.31 44.61
CA GLY LA 26 59.58 96.51 45.64
C GLY LA 26 60.14 95.10 45.58
N VAL LA 27 60.40 94.53 46.74
CA VAL LA 27 61.05 93.23 46.78
C VAL LA 27 59.99 92.15 46.61
N ASN LA 28 60.21 91.26 45.66
CA ASN LA 28 59.24 90.23 45.31
C ASN LA 28 58.91 89.34 46.50
N PRO LA 29 57.64 89.25 46.90
CA PRO LA 29 57.33 88.40 48.05
C PRO LA 29 57.37 86.93 47.72
N THR LA 30 57.09 86.56 46.47
CA THR LA 30 57.08 85.15 46.12
C THR LA 30 58.41 84.49 46.40
N ASN LA 31 59.50 85.24 46.32
CA ASN LA 31 60.81 84.63 46.45
C ASN LA 31 61.80 85.50 47.22
N GLY LA 32 61.39 86.63 47.78
CA GLY LA 32 62.31 87.47 48.49
C GLY LA 32 63.43 87.96 47.59
N VAL LA 33 63.12 88.83 46.64
CA VAL LA 33 64.10 89.34 45.70
C VAL LA 33 63.95 90.85 45.60
N ALA LA 34 64.99 91.58 45.97
CA ALA LA 34 65.01 93.02 45.81
C ALA LA 34 65.40 93.35 44.39
N SER LA 35 65.00 94.53 43.94
CA SER LA 35 65.27 94.95 42.57
C SER LA 35 65.58 96.43 42.52
N LEU LA 36 66.38 96.81 41.54
CA LEU LA 36 66.73 98.20 41.28
C LEU LA 36 66.62 98.42 39.78
N SER LA 37 66.29 99.65 39.40
CA SER LA 37 66.12 99.94 37.98
C SER LA 37 66.56 101.36 37.70
N GLN LA 38 66.83 101.62 36.43
CA GLN LA 38 67.34 102.91 36.01
C GLN LA 38 66.43 104.01 36.56
N ALA LA 39 66.98 105.21 36.74
CA ALA LA 39 66.20 106.30 37.32
C ALA LA 39 64.82 106.42 36.68
N GLY LA 40 64.68 105.98 35.45
CA GLY LA 40 63.44 106.12 34.71
C GLY LA 40 63.57 107.13 33.59
N ALA LA 41 62.44 107.44 32.97
CA ALA LA 41 61.15 106.88 33.35
C ALA LA 41 60.98 105.46 32.82
N VAL LA 42 60.88 105.33 31.50
CA VAL LA 42 60.70 104.00 30.90
C VAL LA 42 61.88 103.11 31.22
N PRO LA 43 63.13 103.55 31.14
CA PRO LA 43 64.25 102.65 31.43
C PRO LA 43 64.15 101.95 32.79
N ALA LA 44 63.29 102.44 33.70
CA ALA LA 44 63.05 101.73 34.94
C ALA LA 44 62.41 100.36 34.70
N LEU LA 45 61.63 100.23 33.63
CA LEU LA 45 61.03 98.95 33.25
C LEU LA 45 61.81 98.26 32.13
N GLU LA 46 63.05 98.68 31.88
CA GLU LA 46 63.93 98.00 30.94
C GLU LA 46 65.22 97.53 31.61
N LYS LA 47 66.00 98.44 32.20
CA LYS LA 47 67.18 98.06 32.95
C LYS LA 47 66.76 97.47 34.28
N ARG LA 48 67.41 96.36 34.68
CA ARG LA 48 67.02 95.71 35.93
C ARG LA 48 68.22 95.11 36.63
N VAL LA 49 68.16 95.11 37.96
CA VAL LA 49 69.22 94.60 38.82
C VAL LA 49 68.56 93.94 40.02
N THR LA 50 68.59 92.61 40.05
CA THR LA 50 67.90 91.87 41.09
C THR LA 50 68.91 91.20 42.02
N VAL LA 51 68.56 91.13 43.31
CA VAL LA 51 69.43 90.57 44.33
C VAL LA 51 68.60 89.71 45.27
N SER LA 52 69.17 88.59 45.70
CA SER LA 52 68.52 87.71 46.65
C SER LA 52 69.56 86.99 47.48
N VAL LA 53 69.20 86.65 48.72
CA VAL LA 53 70.04 85.82 49.57
C VAL LA 53 69.14 84.73 50.15
N SER LA 54 69.23 83.54 49.57
CA SER LA 54 68.51 82.40 50.11
C SER LA 54 69.27 81.81 51.29
N GLN LA 55 68.57 81.68 52.40
CA GLN LA 55 69.12 81.13 53.63
C GLN LA 55 69.25 79.62 53.50
N PRO LA 56 69.97 78.97 54.44
CA PRO LA 56 70.05 77.51 54.41
C PRO LA 56 68.68 76.87 54.50
N SER LA 57 68.60 75.60 54.14
CA SER LA 57 67.37 74.84 54.24
C SER LA 57 67.75 73.37 54.09
N ARG LA 58 66.73 72.52 53.98
CA ARG LA 58 66.98 71.10 53.80
C ARG LA 58 67.79 70.88 52.52
N ASN LA 59 67.36 71.50 51.42
CA ASN LA 59 68.06 71.31 50.16
C ASN LA 59 69.15 72.37 49.92
N ARG LA 60 69.14 73.47 50.67
CA ARG LA 60 70.27 74.41 50.60
C ARG LA 60 71.02 74.46 51.92
N LYS LA 61 72.34 74.58 51.87
CA LYS LA 61 73.12 74.19 53.04
C LYS LA 61 73.92 75.24 53.82
N ASN LA 62 74.90 75.99 53.27
CA ASN LA 62 75.05 76.60 51.94
C ASN LA 62 74.02 77.70 51.65
N TYR LA 63 74.17 78.81 52.39
CA TYR LA 63 73.62 80.10 51.99
C TYR LA 63 73.97 80.39 50.54
N LYS LA 64 73.04 81.01 49.80
CA LYS LA 64 73.25 81.28 48.38
C LYS LA 64 72.81 82.70 48.04
N VAL LA 65 73.75 83.53 47.63
CA VAL LA 65 73.44 84.91 47.26
C VAL LA 65 73.48 85.00 45.74
N GLN LA 66 72.35 85.36 45.15
CA GLN LA 66 72.18 85.47 43.72
C GLN LA 66 72.05 86.93 43.33
N VAL LA 67 72.65 87.30 42.20
CA VAL LA 67 72.68 88.67 41.74
C VAL LA 67 72.57 88.65 40.22
N LYS LA 68 71.45 89.14 39.69
CA LYS LA 68 71.22 89.16 38.25
C LYS LA 68 71.18 90.58 37.73
N ILE LA 69 71.81 90.79 36.58
CA ILE LA 69 71.81 92.05 35.86
C ILE LA 69 71.16 91.82 34.51
N GLN LA 70 70.32 92.76 34.08
CA GLN LA 70 69.71 92.66 32.76
C GLN LA 70 69.65 94.04 32.11
N ASN LA 71 70.26 94.14 30.93
CA ASN LA 71 70.24 95.35 30.11
C ASN LA 71 69.59 95.02 28.79
N PRO LA 72 68.35 95.43 28.55
CA PRO LA 72 67.77 95.26 27.22
C PRO LA 72 68.05 96.45 26.31
N THR LA 73 68.76 96.20 25.21
CA THR LA 73 68.94 97.20 24.18
C THR LA 73 67.73 97.21 23.25
N ALA LA 74 67.19 98.40 23.04
CA ALA LA 74 66.02 98.60 22.21
C ALA LA 74 66.30 99.71 21.21
N CYS LA 75 65.44 99.79 20.21
CA CYS LA 75 65.57 100.81 19.18
C CYS LA 75 64.20 101.11 18.61
N THR LA 76 64.10 102.24 17.91
CA THR LA 76 62.86 102.72 17.35
C THR LA 76 62.91 102.58 15.84
N ALA LA 77 62.04 101.75 15.28
CA ALA LA 77 61.92 101.67 13.84
C ALA LA 77 61.58 103.05 13.29
N ASN LA 78 62.22 103.38 12.17
CA ASN LA 78 62.01 104.70 11.60
C ASN LA 78 60.62 104.77 10.98
N GLY LA 79 59.65 105.25 11.75
CA GLY LA 79 58.27 105.31 11.34
C GLY LA 79 57.33 104.94 12.48
N SER LA 80 57.79 104.11 13.40
CA SER LA 80 57.03 103.76 14.58
C SER LA 80 57.22 104.82 15.65
N CYS LA 81 56.70 104.57 16.84
CA CYS LA 81 56.88 105.50 17.94
C CYS LA 81 57.57 104.86 19.13
N ASP LA 82 57.00 103.78 19.63
CA ASP LA 82 57.48 103.22 20.88
C ASP LA 82 58.62 102.25 20.60
N PRO LA 83 59.78 102.43 21.20
CA PRO LA 83 60.90 101.54 20.89
C PRO LA 83 60.60 100.11 21.26
N SER LA 84 61.08 99.21 20.43
CA SER LA 84 60.97 97.78 20.69
C SER LA 84 62.36 97.24 21.04
N VAL LA 85 62.38 96.28 21.96
CA VAL LA 85 63.62 95.72 22.47
C VAL LA 85 64.18 94.77 21.43
N THR LA 86 65.28 95.15 20.81
CA THR LA 86 65.84 94.32 19.75
C THR LA 86 66.81 93.29 20.29
N ARG LA 87 67.14 93.38 21.57
CA ARG LA 87 68.39 92.83 22.04
C ARG LA 87 68.42 92.89 23.55
N GLN LA 88 69.05 91.91 24.18
CA GLN LA 88 69.08 91.90 25.64
C GLN LA 88 70.27 91.10 26.11
N ALA LA 89 71.12 91.75 26.90
CA ALA LA 89 72.23 91.06 27.55
C ALA LA 89 71.94 90.97 29.04
N TYR LA 90 72.54 89.98 29.68
CA TYR LA 90 72.28 89.80 31.09
C TYR LA 90 73.25 88.78 31.67
N ALA LA 91 73.43 88.88 32.99
CA ALA LA 91 74.45 88.13 33.68
C ALA LA 91 73.93 87.75 35.06
N ASP LA 92 74.56 86.73 35.64
CA ASP LA 92 74.18 86.24 36.95
C ASP LA 92 75.43 85.86 37.72
N VAL LA 93 75.48 86.26 38.98
CA VAL LA 93 76.52 85.86 39.92
C VAL LA 93 75.86 85.11 41.05
N THR LA 94 76.49 84.01 41.49
CA THR LA 94 75.94 83.20 42.58
C THR LA 94 77.07 82.86 43.54
N PHE LA 95 77.04 83.47 44.71
CA PHE LA 95 77.97 83.16 45.79
C PHE LA 95 77.35 82.04 46.64
N SER LA 96 78.03 80.90 46.70
CA SER LA 96 77.59 79.78 47.53
C SER LA 96 78.51 79.71 48.73
N PHE LA 97 78.00 80.11 49.89
CA PHE LA 97 78.78 80.16 51.11
C PHE LA 97 78.23 79.14 52.09
N THR LA 98 79.12 78.54 52.86
CA THR LA 98 78.69 77.48 53.75
C THR LA 98 78.49 78.01 55.16
N GLN LA 99 77.98 77.13 56.01
CA GLN LA 99 77.21 77.56 57.16
C GLN LA 99 78.10 78.22 58.21
N TYR LA 100 79.37 77.81 58.29
CA TYR LA 100 80.26 78.43 59.25
C TYR LA 100 81.12 79.50 58.56
N SER LA 101 80.68 80.01 57.39
CA SER LA 101 81.47 80.96 56.61
C SER LA 101 81.90 82.12 57.48
N THR LA 102 82.89 82.87 56.98
CA THR LA 102 83.41 84.02 57.68
C THR LA 102 83.22 85.26 56.81
N ASP LA 103 82.75 86.34 57.43
CA ASP LA 103 82.64 87.60 56.70
C ASP LA 103 83.95 87.95 56.02
N GLU LA 104 85.07 87.62 56.65
CA GLU LA 104 86.36 87.87 56.04
C GLU LA 104 86.45 87.18 54.68
N GLU LA 105 86.19 85.86 54.65
CA GLU LA 105 86.27 85.13 53.40
C GLU LA 105 85.26 85.67 52.39
N ARG LA 106 84.07 86.01 52.85
CA ARG LA 106 83.06 86.51 51.93
C ARG LA 106 83.55 87.78 51.25
N ALA LA 107 84.04 88.72 52.05
CA ALA LA 107 84.56 89.95 51.49
C ALA LA 107 85.73 89.67 50.56
N PHE LA 108 86.58 88.73 50.95
CA PHE LA 108 87.69 88.36 50.09
C PHE LA 108 87.22 87.90 48.73
N VAL LA 109 86.30 86.94 48.72
CA VAL LA 109 85.80 86.43 47.46
C VAL LA 109 85.19 87.54 46.64
N ARG LA 110 84.40 88.38 47.29
CA ARG LA 110 83.75 89.47 46.59
C ARG LA 110 84.76 90.35 45.89
N THR LA 111 85.65 90.97 46.66
CA THR LA 111 86.61 91.87 46.06
C THR LA 111 87.47 91.15 45.05
N GLU LA 112 87.68 89.85 45.22
CA GLU LA 112 88.51 89.13 44.27
C GLU LA 112 87.81 89.07 42.93
N LEU LA 113 86.54 88.68 42.95
CA LEU LA 113 85.77 88.72 41.72
C LEU LA 113 85.79 90.11 41.12
N ALA LA 114 85.72 91.13 41.96
CA ALA LA 114 85.68 92.50 41.46
C ALA LA 114 86.95 92.82 40.69
N ALA LA 115 88.09 92.65 41.32
CA ALA LA 115 89.32 93.01 40.64
C ALA LA 115 89.60 92.06 39.48
N LEU LA 116 89.04 90.85 39.52
CA LEU LA 116 89.16 89.97 38.38
C LEU LA 116 88.42 90.54 37.20
N LEU LA 117 87.18 90.97 37.41
CA LEU LA 117 86.47 91.61 36.33
C LEU LA 117 87.19 92.86 35.86
N ALA LA 118 87.90 93.53 36.77
CA ALA LA 118 88.67 94.70 36.39
C ALA LA 118 89.96 94.37 35.67
N SER LA 119 90.42 93.13 35.72
CA SER LA 119 91.71 92.74 35.19
C SER LA 119 91.71 92.68 33.67
N PRO LA 120 92.90 92.78 33.05
CA PRO LA 120 92.97 92.65 31.59
C PRO LA 120 92.36 91.37 31.07
N LEU LA 121 92.53 90.27 31.80
CA LEU LA 121 92.07 88.99 31.28
C LEU LA 121 90.59 89.02 30.99
N LEU LA 122 89.78 89.44 31.97
CA LEU LA 122 88.35 89.32 31.81
C LEU LA 122 87.79 90.43 30.93
N ILE LA 123 88.33 91.64 31.04
CA ILE LA 123 88.00 92.68 30.07
C ILE LA 123 88.14 92.13 28.66
N ASP LA 124 89.25 91.47 28.38
CA ASP LA 124 89.50 91.03 27.02
C ASP LA 124 88.63 89.84 26.68
N ALA LA 125 88.39 88.96 27.63
CA ALA LA 125 87.55 87.80 27.38
C ALA LA 125 86.09 88.19 27.20
N ILE LA 126 85.70 89.36 27.65
CA ILE LA 126 84.28 89.71 27.63
C ILE LA 126 84.01 90.69 26.52
N ASP LA 127 84.63 91.87 26.57
CA ASP LA 127 84.29 92.89 25.58
C ASP LA 127 84.52 92.39 24.18
N GLN LA 128 85.61 91.68 23.96
CA GLN LA 128 85.90 91.13 22.65
C GLN LA 128 85.60 89.64 22.54
N LEU LA 129 85.11 89.01 23.61
CA LEU LA 129 84.81 87.59 23.58
C LEU LA 129 86.04 86.79 23.20
N ASN LA 130 87.17 87.14 23.79
CA ASN LA 130 88.44 86.55 23.38
C ASN LA 130 88.83 85.45 24.34
N PRO LA 131 88.81 84.18 23.94
CA PRO LA 131 89.22 83.11 24.85
C PRO LA 131 90.68 83.29 25.22
N ALA LA 132 91.04 82.73 26.37
CA ALA LA 132 92.36 82.94 26.94
C ALA LA 132 93.34 82.01 26.25
N TYR LA 133 94.10 82.53 25.30
CA TYR LA 133 95.09 81.72 24.59
C TYR LA 133 96.20 82.57 24.00
N ALA MA 2 56.04 98.35 65.55
CA ALA MA 2 57.15 97.51 66.08
C ALA MA 2 58.32 97.47 65.10
N LYS MA 3 58.72 98.65 64.63
CA LYS MA 3 59.81 98.73 63.67
C LYS MA 3 61.08 98.13 64.25
N LEU MA 4 61.82 97.43 63.41
CA LEU MA 4 63.01 96.72 63.84
C LEU MA 4 64.00 97.69 64.46
N GLU MA 5 64.68 97.24 65.52
CA GLU MA 5 65.73 98.04 66.12
C GLU MA 5 66.59 97.11 66.98
N THR MA 6 67.80 97.57 67.27
CA THR MA 6 68.71 96.81 68.10
C THR MA 6 68.10 96.61 69.48
N VAL MA 7 67.83 95.36 69.83
CA VAL MA 7 67.21 95.05 71.11
C VAL MA 7 68.30 94.80 72.14
N THR MA 8 68.18 95.45 73.29
CA THR MA 8 69.17 95.39 74.35
C THR MA 8 68.54 94.67 75.54
N LEU MA 9 68.76 93.37 75.61
CA LEU MA 9 68.19 92.55 76.67
C LEU MA 9 69.07 92.69 77.90
N GLY MA 10 68.47 93.12 79.01
CA GLY MA 10 69.22 93.49 80.20
C GLY MA 10 69.71 92.29 81.00
N ASN MA 11 69.51 92.33 82.32
CA ASN MA 11 70.01 91.25 83.16
C ASN MA 11 69.49 89.91 82.66
N ILE MA 12 70.35 88.89 82.75
CA ILE MA 12 70.08 87.64 82.06
C ILE MA 12 70.95 86.56 82.67
N GLY MA 13 70.35 85.39 82.93
CA GLY MA 13 71.05 84.24 83.52
C GLY MA 13 70.54 83.96 84.92
N LYS MA 14 71.19 83.03 85.61
CA LYS MA 14 70.86 82.82 87.01
C LYS MA 14 71.14 84.07 87.82
N ASP MA 15 72.40 84.47 87.89
CA ASP MA 15 72.69 85.67 88.63
C ASP MA 15 72.04 86.89 88.00
N GLY MA 16 71.57 86.79 86.76
CA GLY MA 16 71.02 87.93 86.09
C GLY MA 16 72.03 89.05 86.01
N LYS MA 17 73.13 88.80 85.32
CA LYS MA 17 74.19 89.80 85.19
C LYS MA 17 74.67 89.99 83.78
N GLN MA 18 74.37 89.09 82.85
CA GLN MA 18 74.83 89.24 81.49
C GLN MA 18 73.82 90.08 80.70
N THR MA 19 74.19 90.42 79.47
CA THR MA 19 73.34 91.23 78.62
C THR MA 19 73.46 90.75 77.19
N LEU MA 20 72.39 90.94 76.41
CA LEU MA 20 72.35 90.51 75.03
C LEU MA 20 72.05 91.70 74.12
N VAL MA 21 72.69 91.72 72.97
CA VAL MA 21 72.55 92.80 72.01
C VAL MA 21 72.18 92.16 70.69
N LEU MA 22 70.92 92.25 70.31
CA LEU MA 22 70.43 91.64 69.08
C LEU MA 22 70.25 92.73 68.03
N ASN MA 23 71.07 92.69 67.00
CA ASN MA 23 70.94 93.66 65.92
C ASN MA 23 69.85 93.21 64.96
N PRO MA 24 69.20 94.15 64.28
CA PRO MA 24 68.14 93.79 63.32
C PRO MA 24 68.74 93.31 62.01
N ARG MA 25 68.45 92.06 61.65
CA ARG MA 25 68.95 91.51 60.39
C ARG MA 25 68.04 91.89 59.22
N GLY MA 26 66.81 91.42 59.24
CA GLY MA 26 65.92 91.71 58.14
C GLY MA 26 64.56 91.11 58.37
N VAL MA 27 63.80 91.00 57.28
CA VAL MA 27 62.46 90.41 57.32
C VAL MA 27 62.31 89.51 56.11
N ASN MA 28 62.34 88.20 56.32
CA ASN MA 28 62.05 87.29 55.25
C ASN MA 28 60.60 87.46 54.81
N PRO MA 29 60.32 87.78 53.55
CA PRO MA 29 58.94 87.96 53.12
C PRO MA 29 58.21 86.65 52.90
N THR MA 30 58.90 85.64 52.38
CA THR MA 30 58.21 84.40 52.03
C THR MA 30 57.33 83.92 53.17
N ASN MA 31 57.68 84.27 54.39
CA ASN MA 31 56.90 83.90 55.55
C ASN MA 31 56.55 85.09 56.42
N GLY MA 32 56.95 86.30 56.03
CA GLY MA 32 56.69 87.47 56.85
C GLY MA 32 57.24 87.29 58.25
N VAL MA 33 58.57 87.19 58.36
CA VAL MA 33 59.21 86.89 59.63
C VAL MA 33 60.39 87.84 59.82
N ALA MA 34 60.36 88.59 60.91
CA ALA MA 34 61.46 89.47 61.25
C ALA MA 34 62.52 88.70 62.02
N SER MA 35 63.79 88.99 61.73
CA SER MA 35 64.93 88.26 62.23
C SER MA 35 65.85 89.16 63.04
N LEU MA 36 66.26 88.66 64.20
CA LEU MA 36 67.25 89.30 65.05
C LEU MA 36 68.41 88.32 65.25
N SER MA 37 69.62 88.85 65.31
CA SER MA 37 70.78 88.00 65.50
C SER MA 37 71.82 88.72 66.33
N GLN MA 38 72.56 87.93 67.09
CA GLN MA 38 73.68 88.47 67.84
C GLN MA 38 74.74 88.96 66.88
N ALA MA 39 75.30 90.13 67.19
CA ALA MA 39 76.39 90.66 66.38
C ALA MA 39 77.57 89.69 66.44
N GLY MA 40 78.01 89.25 65.26
CA GLY MA 40 79.13 88.35 65.16
C GLY MA 40 79.57 88.24 63.72
N ALA MA 41 80.22 87.13 63.35
CA ALA MA 41 80.62 86.95 61.97
C ALA MA 41 80.14 85.60 61.43
N VAL MA 42 80.29 84.54 62.21
CA VAL MA 42 79.92 83.22 61.74
C VAL MA 42 78.43 83.04 61.96
N PRO MA 43 77.63 82.91 60.91
CA PRO MA 43 76.19 82.75 61.14
C PRO MA 43 75.89 81.57 62.03
N ALA MA 44 76.74 80.55 61.99
CA ALA MA 44 76.52 79.31 62.71
C ALA MA 44 76.64 79.45 64.21
N LEU MA 45 77.24 80.52 64.71
CA LEU MA 45 77.52 80.67 66.12
C LEU MA 45 77.01 82.00 66.63
N GLU MA 46 75.78 82.33 66.27
CA GLU MA 46 75.13 83.52 66.79
C GLU MA 46 73.75 83.14 67.29
N LYS MA 47 73.32 83.84 68.34
CA LYS MA 47 72.01 83.61 68.92
C LYS MA 47 70.97 84.32 68.07
N ARG MA 48 69.97 83.58 67.62
CA ARG MA 48 69.01 84.07 66.66
C ARG MA 48 67.63 84.11 67.28
N VAL MA 49 66.81 85.03 66.80
CA VAL MA 49 65.43 85.14 67.23
C VAL MA 49 64.58 85.54 66.04
N THR MA 50 63.35 85.04 66.00
CA THR MA 50 62.45 85.30 64.90
C THR MA 50 61.07 85.60 65.45
N VAL MA 51 60.44 86.62 64.89
CA VAL MA 51 59.08 87.00 65.27
C VAL MA 51 58.24 87.07 64.02
N SER MA 52 57.08 86.42 64.04
CA SER MA 52 56.17 86.43 62.92
C SER MA 52 54.75 86.59 63.44
N VAL MA 53 53.92 87.26 62.66
CA VAL MA 53 52.53 87.48 63.00
C VAL MA 53 51.69 87.07 61.80
N SER MA 54 51.05 85.92 61.90
CA SER MA 54 50.20 85.42 60.82
C SER MA 54 48.78 85.92 61.04
N GLN MA 55 48.27 86.65 60.07
CA GLN MA 55 46.94 87.22 60.14
C GLN MA 55 45.89 86.12 60.00
N PRO MA 56 44.65 86.38 60.37
CA PRO MA 56 43.61 85.35 60.26
C PRO MA 56 43.35 84.93 58.83
N SER MA 57 43.71 83.69 58.53
CA SER MA 57 43.58 83.14 57.20
C SER MA 57 42.16 82.70 56.93
N ARG MA 58 41.87 82.48 55.64
CA ARG MA 58 40.65 81.82 55.22
C ARG MA 58 40.48 80.44 55.83
N ASN MA 59 41.57 79.79 56.20
CA ASN MA 59 41.54 78.43 56.72
C ASN MA 59 41.84 78.36 58.21
N ARG MA 60 42.21 79.47 58.85
CA ARG MA 60 42.51 79.47 60.28
C ARG MA 60 41.55 80.36 61.05
N LYS MA 61 41.33 81.58 60.58
CA LYS MA 61 40.49 82.52 61.29
C LYS MA 61 40.98 82.68 62.73
N ASN MA 62 42.27 82.93 62.86
CA ASN MA 62 42.85 83.15 64.18
C ASN MA 62 44.20 83.83 64.01
N TYR MA 63 44.38 84.95 64.68
CA TYR MA 63 45.67 85.60 64.65
C TYR MA 63 46.67 84.73 65.38
N LYS MA 64 47.82 84.49 64.76
CA LYS MA 64 48.92 83.76 65.39
C LYS MA 64 50.12 84.66 65.53
N VAL MA 65 50.86 84.50 66.62
CA VAL MA 65 52.14 85.18 66.77
C VAL MA 65 53.16 84.15 67.22
N GLN MA 66 54.16 83.92 66.39
CA GLN MA 66 55.21 82.96 66.64
C GLN MA 66 56.47 83.70 67.04
N VAL MA 67 57.14 83.20 68.06
CA VAL MA 67 58.40 83.75 68.54
C VAL MA 67 59.34 82.59 68.79
N LYS MA 68 60.39 82.50 67.98
CA LYS MA 68 61.36 81.42 68.10
C LYS MA 68 62.72 81.97 68.50
N ILE MA 69 63.42 81.22 69.33
CA ILE MA 69 64.73 81.60 69.84
C ILE MA 69 65.65 80.40 69.73
N GLN MA 70 66.82 80.61 69.14
CA GLN MA 70 67.78 79.54 68.90
C GLN MA 70 69.14 79.96 69.42
N ASN MA 71 69.70 79.15 70.32
CA ASN MA 71 70.99 79.45 70.93
C ASN MA 71 71.94 78.29 70.69
N PRO MA 72 72.91 78.43 69.81
CA PRO MA 72 73.89 77.36 69.62
C PRO MA 72 75.10 77.55 70.52
N THR MA 73 75.82 76.44 70.70
CA THR MA 73 77.00 76.42 71.54
C THR MA 73 78.26 76.37 70.69
N ALA MA 74 79.30 77.04 71.17
CA ALA MA 74 80.55 77.13 70.42
C ALA MA 74 81.27 75.79 70.38
N CYS MA 75 81.61 75.25 71.56
CA CYS MA 75 82.45 74.06 71.66
C CYS MA 75 83.72 74.23 70.82
N THR MA 76 84.41 75.34 71.06
CA THR MA 76 85.62 75.65 70.32
C THR MA 76 86.73 74.68 70.70
N ALA MA 77 87.34 74.07 69.68
CA ALA MA 77 88.38 73.07 69.88
C ALA MA 77 89.74 73.73 69.98
N ASN MA 78 90.69 73.00 70.58
CA ASN MA 78 92.04 73.52 70.80
C ASN MA 78 92.76 73.59 69.45
N GLY MA 79 92.24 74.48 68.60
CA GLY MA 79 92.86 74.82 67.35
C GLY MA 79 92.20 74.11 66.17
N SER MA 80 92.97 73.97 65.11
CA SER MA 80 92.67 73.14 63.95
C SER MA 80 91.57 73.72 63.06
N CYS MA 81 90.69 74.56 63.60
CA CYS MA 81 90.00 75.64 62.89
C CYS MA 81 88.86 76.15 63.77
N ASP MA 82 88.09 77.10 63.24
CA ASP MA 82 87.01 77.73 63.96
C ASP MA 82 86.11 76.72 64.67
N PRO MA 83 85.35 77.18 65.67
CA PRO MA 83 84.50 76.27 66.44
C PRO MA 83 83.43 75.64 65.57
N SER MA 84 82.77 74.63 66.14
CA SER MA 84 81.71 73.90 65.46
C SER MA 84 80.52 73.76 66.39
N VAL MA 85 79.32 73.78 65.81
CA VAL MA 85 78.10 73.71 66.61
C VAL MA 85 77.91 72.31 67.13
N THR MA 86 77.60 72.18 68.41
CA THR MA 86 77.42 70.89 69.04
C THR MA 86 76.12 70.76 69.80
N ARG MA 87 75.64 71.83 70.40
CA ARG MA 87 74.36 71.83 71.09
C ARG MA 87 73.57 73.05 70.67
N GLN MA 88 72.25 72.90 70.63
CA GLN MA 88 71.37 73.95 70.15
C GLN MA 88 70.12 73.96 71.02
N ALA MA 89 69.93 75.03 71.79
CA ALA MA 89 68.73 75.19 72.57
C ALA MA 89 67.67 75.90 71.73
N TYR MA 90 66.49 75.30 71.66
CA TYR MA 90 65.37 75.85 70.91
C TYR MA 90 64.25 76.23 71.87
N ALA MA 91 63.64 77.39 71.63
CA ALA MA 91 62.48 77.83 72.39
C ALA MA 91 61.48 78.42 71.41
N ASP MA 92 60.21 78.06 71.56
CA ASP MA 92 59.20 78.62 70.66
C ASP MA 92 57.92 78.90 71.44
N VAL MA 93 57.46 80.13 71.32
CA VAL MA 93 56.23 80.60 71.92
C VAL MA 93 55.23 80.88 70.81
N THR MA 94 53.97 80.55 71.05
CA THR MA 94 52.93 80.66 70.03
C THR MA 94 51.68 81.22 70.69
N PHE MA 95 51.46 82.53 70.53
CA PHE MA 95 50.20 83.11 70.97
C PHE MA 95 49.13 82.91 69.90
N SER MA 96 47.93 82.56 70.34
CA SER MA 96 46.80 82.36 69.44
C SER MA 96 45.60 83.15 69.96
N PHE MA 97 44.99 83.94 69.08
CA PHE MA 97 44.00 84.94 69.44
C PHE MA 97 42.92 84.91 68.37
N THR MA 98 41.72 85.33 68.73
CA THR MA 98 40.72 85.46 67.69
C THR MA 98 40.27 86.91 67.50
N GLN MA 99 39.44 87.12 66.47
CA GLN MA 99 39.37 88.41 65.79
C GLN MA 99 38.90 89.53 66.71
N TYR MA 100 37.81 89.31 67.42
CA TYR MA 100 37.28 90.20 68.45
C TYR MA 100 38.11 90.23 69.73
N SER MA 101 39.39 89.87 69.65
CA SER MA 101 40.25 89.86 70.84
C SER MA 101 40.52 91.27 71.32
N THR MA 102 41.08 91.36 72.53
CA THR MA 102 41.42 92.64 73.13
C THR MA 102 42.90 92.73 73.40
N ASP MA 103 43.47 93.87 73.02
CA ASP MA 103 44.71 94.31 73.64
C ASP MA 103 44.71 93.98 75.12
N GLU MA 104 43.58 94.14 75.78
CA GLU MA 104 43.51 93.89 77.22
C GLU MA 104 43.95 92.49 77.61
N GLU MA 105 43.16 91.48 77.26
CA GLU MA 105 43.48 90.13 77.65
C GLU MA 105 44.81 89.72 77.06
N ARG MA 106 45.23 90.39 76.01
CA ARG MA 106 46.41 89.96 75.29
C ARG MA 106 47.69 90.43 75.99
N ALA MA 107 47.70 91.69 76.44
CA ALA MA 107 48.73 92.15 77.36
C ALA MA 107 48.72 91.29 78.62
N PHE MA 108 47.52 91.02 79.13
CA PHE MA 108 47.40 90.19 80.31
C PHE MA 108 48.12 88.86 80.09
N VAL MA 109 47.89 88.25 78.93
CA VAL MA 109 48.47 86.96 78.64
C VAL MA 109 49.98 87.04 78.62
N ARG MA 110 50.52 88.01 77.89
CA ARG MA 110 51.97 88.02 77.74
C ARG MA 110 52.63 88.21 79.09
N THR MA 111 52.11 89.16 79.87
CA THR MA 111 52.74 89.42 81.15
C THR MA 111 52.58 88.24 82.07
N GLU MA 112 51.47 87.53 81.93
CA GLU MA 112 51.27 86.31 82.68
C GLU MA 112 52.37 85.32 82.35
N LEU MA 113 52.61 85.13 81.06
CA LEU MA 113 53.65 84.20 80.64
C LEU MA 113 54.99 84.64 81.18
N ALA MA 114 55.29 85.94 81.10
CA ALA MA 114 56.61 86.41 81.51
C ALA MA 114 56.83 86.14 82.99
N ALA MA 115 55.86 86.49 83.82
CA ALA MA 115 56.06 86.28 85.23
C ALA MA 115 56.03 84.81 85.58
N LEU MA 116 55.40 83.98 84.76
CA LEU MA 116 55.58 82.54 84.92
C LEU MA 116 57.00 82.14 84.61
N LEU MA 117 57.59 82.71 83.56
CA LEU MA 117 58.97 82.41 83.24
C LEU MA 117 59.91 82.87 84.34
N ALA MA 118 59.48 83.81 85.17
CA ALA MA 118 60.26 84.23 86.32
C ALA MA 118 59.91 83.48 87.60
N SER MA 119 58.76 82.82 87.65
CA SER MA 119 58.27 82.24 88.89
C SER MA 119 59.11 81.04 89.31
N PRO MA 120 59.12 80.72 90.62
CA PRO MA 120 59.96 79.62 91.09
C PRO MA 120 59.71 78.32 90.37
N LEU MA 121 58.44 78.01 90.09
CA LEU MA 121 58.12 76.72 89.50
C LEU MA 121 58.91 76.49 88.23
N LEU MA 122 58.66 77.31 87.22
CA LEU MA 122 59.32 77.08 85.94
C LEU MA 122 60.83 77.19 86.07
N ILE MA 123 61.33 77.96 87.02
CA ILE MA 123 62.78 78.07 87.16
C ILE MA 123 63.40 76.70 87.30
N ASP MA 124 62.96 75.91 88.26
CA ASP MA 124 63.59 74.61 88.40
C ASP MA 124 62.99 73.61 87.41
N ALA MA 125 61.82 73.91 86.87
CA ALA MA 125 61.28 73.03 85.85
C ALA MA 125 62.14 73.05 84.60
N ILE MA 126 62.81 74.16 84.35
CA ILE MA 126 63.53 74.34 83.11
C ILE MA 126 65.02 74.20 83.35
N ASP MA 127 65.52 74.81 84.42
CA ASP MA 127 66.95 74.77 84.72
C ASP MA 127 67.32 73.41 85.30
N GLN MA 128 66.69 73.03 86.40
CA GLN MA 128 66.91 71.73 86.99
C GLN MA 128 66.16 70.64 86.26
N LEU MA 129 65.12 70.98 85.53
CA LEU MA 129 64.36 70.03 84.72
C LEU MA 129 63.61 69.05 85.60
N ASN MA 130 63.27 69.49 86.79
CA ASN MA 130 62.52 68.66 87.71
C ASN MA 130 61.09 68.59 87.23
N PRO MA 131 60.53 67.41 87.02
CA PRO MA 131 59.10 67.34 86.70
C PRO MA 131 58.29 68.06 87.75
N ALA MA 132 57.31 68.83 87.30
CA ALA MA 132 56.46 69.56 88.21
C ALA MA 132 55.83 68.57 89.18
N TYR MA 133 56.20 68.67 90.45
CA TYR MA 133 55.82 67.70 91.45
C TYR MA 133 56.34 68.10 92.81
N ALA NA 2 58.86 100.98 47.83
CA ALA NA 2 57.99 101.64 48.84
C ALA NA 2 58.04 100.90 50.17
N LYS NA 3 58.96 101.32 51.03
CA LYS NA 3 59.03 100.74 52.36
C LYS NA 3 57.73 101.00 53.11
N LEU NA 4 57.23 99.97 53.77
CA LEU NA 4 56.06 100.15 54.62
C LEU NA 4 56.48 100.85 55.90
N GLU NA 5 55.68 101.80 56.34
CA GLU NA 5 55.87 102.41 57.64
C GLU NA 5 54.56 103.03 58.08
N THR NA 6 54.45 103.27 59.38
CA THR NA 6 53.24 103.87 59.91
C THR NA 6 52.89 105.14 59.15
N VAL NA 7 51.75 105.08 58.46
CA VAL NA 7 51.32 106.17 57.60
C VAL NA 7 50.42 107.08 58.42
N THR NA 8 50.68 108.37 58.34
CA THR NA 8 49.98 109.37 59.15
C THR NA 8 49.17 110.25 58.22
N LEU NA 9 47.85 110.12 58.29
CA LEU NA 9 46.95 110.80 57.37
C LEU NA 9 46.28 111.90 58.16
N GLY NA 10 46.51 113.15 57.75
CA GLY NA 10 45.94 114.30 58.41
C GLY NA 10 44.97 115.05 57.52
N ASN NA 11 44.24 115.97 58.15
CA ASN NA 11 43.28 116.81 57.43
C ASN NA 11 42.22 115.94 56.76
N ILE NA 12 41.48 115.22 57.60
CA ILE NA 12 40.62 114.14 57.15
C ILE NA 12 39.24 114.33 57.76
N GLY NA 13 38.22 113.89 57.03
CA GLY NA 13 36.85 113.91 57.51
C GLY NA 13 36.04 115.04 56.91
N LYS NA 14 34.81 115.17 57.42
CA LYS NA 14 33.91 116.20 56.92
C LYS NA 14 34.58 117.56 56.98
N ASP NA 15 35.04 117.96 58.15
CA ASP NA 15 35.68 119.25 58.34
C ASP NA 15 37.19 119.14 58.21
N GLY NA 16 37.71 117.97 57.88
CA GLY NA 16 39.15 117.82 57.73
C GLY NA 16 39.89 118.05 59.01
N LYS NA 17 39.40 117.48 60.11
CA LYS NA 17 40.02 117.65 61.41
C LYS NA 17 40.52 116.37 62.04
N GLN NA 18 40.08 115.20 61.58
CA GLN NA 18 40.52 113.96 62.19
C GLN NA 18 41.92 113.60 61.72
N THR NA 19 42.45 112.51 62.26
CA THR NA 19 43.72 111.97 61.84
C THR NA 19 43.66 110.45 61.91
N LEU NA 20 44.47 109.80 61.10
CA LEU NA 20 44.49 108.35 61.03
C LEU NA 20 45.92 107.85 61.03
N VAL NA 21 46.20 106.89 61.88
CA VAL NA 21 47.55 106.34 62.03
C VAL NA 21 47.47 104.88 61.64
N LEU NA 22 47.98 104.53 60.47
CA LEU NA 22 47.85 103.18 59.93
C LEU NA 22 49.19 102.46 60.05
N ASN NA 23 49.20 101.38 60.75
CA ASN NA 23 50.44 100.66 60.92
C ASN NA 23 50.55 99.53 59.90
N PRO NA 24 51.77 99.11 59.59
CA PRO NA 24 51.94 98.05 58.58
C PRO NA 24 51.56 96.69 59.12
N ARG NA 25 50.97 95.88 58.24
CA ARG NA 25 50.62 94.50 58.54
C ARG NA 25 51.45 93.52 57.72
N GLY NA 26 52.54 93.97 57.14
CA GLY NA 26 53.33 93.10 56.30
C GLY NA 26 52.68 92.88 54.94
N VAL NA 27 53.08 91.77 54.30
CA VAL NA 27 52.61 91.44 52.97
C VAL NA 27 52.20 89.98 52.93
N ASN NA 28 51.15 89.70 52.19
CA ASN NA 28 50.76 88.32 51.98
C ASN NA 28 51.81 87.63 51.12
N PRO NA 29 52.35 86.50 51.57
CA PRO NA 29 53.30 85.77 50.70
C PRO NA 29 52.66 85.24 49.44
N THR NA 30 51.35 85.03 49.44
CA THR NA 30 50.68 84.41 48.30
C THR NA 30 50.16 85.47 47.32
N ASN NA 31 49.27 86.34 47.80
CA ASN NA 31 48.74 87.39 46.94
C ASN NA 31 49.75 88.49 46.69
N GLY NA 32 50.81 88.57 47.48
CA GLY NA 32 51.78 89.62 47.29
C GLY NA 32 51.17 90.98 47.46
N VAL NA 33 50.48 91.19 48.59
CA VAL NA 33 49.75 92.42 48.85
C VAL NA 33 50.12 92.90 50.24
N ALA NA 34 50.47 94.18 50.35
CA ALA NA 34 50.77 94.76 51.65
C ALA NA 34 49.50 95.31 52.27
N SER NA 35 49.47 95.30 53.60
CA SER NA 35 48.29 95.75 54.34
C SER NA 35 48.73 96.62 55.49
N LEU NA 36 47.90 97.62 55.81
CA LEU NA 36 48.12 98.45 56.98
C LEU NA 36 46.81 98.58 57.73
N SER NA 37 46.93 98.84 59.03
CA SER NA 37 45.76 98.95 59.89
C SER NA 37 45.94 100.09 60.86
N GLN NA 38 44.83 100.67 61.29
CA GLN NA 38 44.85 101.65 62.36
C GLN NA 38 45.16 100.94 63.69
N ALA NA 39 45.61 101.69 64.68
CA ALA NA 39 45.88 101.09 65.97
C ALA NA 39 44.58 100.99 66.77
N GLY NA 40 44.25 99.78 67.21
CA GLY NA 40 43.00 99.60 67.91
C GLY NA 40 43.11 98.47 68.92
N ALA NA 41 42.04 98.34 69.72
CA ALA NA 41 41.96 97.30 70.74
C ALA NA 41 41.35 96.02 70.21
N VAL NA 42 40.31 96.13 69.38
CA VAL NA 42 39.68 94.97 68.76
C VAL NA 42 40.17 94.89 67.32
N PRO NA 43 40.93 93.86 66.93
CA PRO NA 43 41.35 93.76 65.53
C PRO NA 43 40.19 93.77 64.56
N ALA NA 44 39.06 93.17 64.92
CA ALA NA 44 37.95 93.11 63.99
C ALA NA 44 37.36 94.49 63.69
N LEU NA 45 37.51 95.44 64.61
CA LEU NA 45 36.93 96.77 64.42
C LEU NA 45 37.97 97.72 63.87
N GLU NA 46 38.80 97.25 62.96
CA GLU NA 46 40.00 97.94 62.56
C GLU NA 46 39.93 98.47 61.15
N LYS NA 47 40.19 99.76 60.98
CA LYS NA 47 40.26 100.35 59.65
C LYS NA 47 41.52 99.88 58.96
N ARG NA 48 41.34 99.26 57.80
CA ARG NA 48 42.38 98.55 57.09
C ARG NA 48 42.53 99.11 55.69
N VAL NA 49 43.75 99.03 55.16
CA VAL NA 49 44.02 99.49 53.80
C VAL NA 49 44.98 98.52 53.14
N THR NA 50 44.65 98.09 51.93
CA THR NA 50 45.47 97.15 51.20
C THR NA 50 46.06 97.80 49.96
N VAL NA 51 47.25 97.34 49.57
CA VAL NA 51 47.94 97.86 48.41
C VAL NA 51 48.63 96.70 47.70
N SER NA 52 48.40 96.57 46.41
CA SER NA 52 49.07 95.57 45.61
C SER NA 52 49.46 96.16 44.26
N VAL NA 53 50.64 95.80 43.77
CA VAL NA 53 51.10 96.20 42.45
C VAL NA 53 51.59 94.92 41.77
N SER NA 54 50.77 94.35 40.90
CA SER NA 54 51.13 93.12 40.23
C SER NA 54 52.18 93.37 39.16
N GLN NA 55 52.94 92.33 38.87
CA GLN NA 55 53.92 92.28 37.79
C GLN NA 55 53.24 92.12 36.44
N PRO NA 56 53.93 92.43 35.36
CA PRO NA 56 53.27 92.39 34.05
C PRO NA 56 52.90 90.97 33.68
N SER NA 57 51.75 90.83 33.03
CA SER NA 57 51.21 89.52 32.67
C SER NA 57 51.87 88.99 31.41
N ARG NA 58 51.28 87.98 30.80
CA ARG NA 58 51.83 87.39 29.59
C ARG NA 58 51.24 88.04 28.34
N ASN NA 59 52.13 88.46 27.42
CA ASN NA 59 51.76 88.86 26.06
C ASN NA 59 51.02 90.20 26.01
N ARG NA 60 50.63 90.73 27.16
CA ARG NA 60 50.00 92.04 27.22
C ARG NA 60 50.67 92.92 28.26
N LYS NA 61 51.07 92.31 29.37
CA LYS NA 61 51.88 92.89 30.42
C LYS NA 61 51.15 93.92 31.27
N ASN NA 62 50.16 94.62 30.71
CA ASN NA 62 49.08 95.25 31.47
C ASN NA 62 49.39 95.61 32.93
N TYR NA 63 50.38 96.48 33.22
CA TYR NA 63 50.76 96.75 34.60
C TYR NA 63 49.54 97.18 35.42
N LYS NA 64 49.39 96.61 36.61
CA LYS NA 64 48.19 96.79 37.42
C LYS NA 64 48.52 97.08 38.88
N VAL NA 65 47.71 97.94 39.50
CA VAL NA 65 47.85 98.28 40.90
C VAL NA 65 46.48 98.35 41.54
N GLN NA 66 46.36 97.79 42.74
CA GLN NA 66 45.10 97.76 43.48
C GLN NA 66 45.28 98.39 44.83
N VAL NA 67 44.24 99.06 45.31
CA VAL NA 67 44.24 99.61 46.67
C VAL NA 67 42.83 99.45 47.23
N LYS NA 68 42.72 98.77 48.37
CA LYS NA 68 41.44 98.48 48.99
C LYS NA 68 41.42 99.05 50.40
N ILE NA 69 40.58 100.05 50.62
CA ILE NA 69 40.33 100.62 51.93
C ILE NA 69 39.10 99.94 52.49
N GLN NA 70 39.19 99.43 53.71
CA GLN NA 70 38.06 98.84 54.39
C GLN NA 70 37.85 99.57 55.72
N ASN NA 71 36.61 99.93 56.00
CA ASN NA 71 36.27 100.60 57.25
C ASN NA 71 35.08 99.92 57.90
N PRO NA 72 35.25 99.25 59.03
CA PRO NA 72 34.10 98.66 59.71
C PRO NA 72 33.53 99.58 60.78
N THR NA 73 32.33 99.22 61.23
CA THR NA 73 31.69 99.91 62.34
C THR NA 73 30.68 98.95 62.95
N ALA NA 74 30.85 98.63 64.21
CA ALA NA 74 29.99 97.69 64.91
C ALA NA 74 29.04 98.44 65.82
N CYS NA 75 28.26 97.68 66.58
CA CYS NA 75 27.41 98.25 67.61
C CYS NA 75 27.05 97.12 68.57
N THR NA 76 27.54 97.22 69.80
CA THR NA 76 27.24 96.20 70.79
C THR NA 76 25.74 96.13 71.01
N ALA NA 77 25.13 95.01 70.64
CA ALA NA 77 23.72 94.79 70.91
C ALA NA 77 23.51 94.44 72.38
N ASN NA 78 22.31 94.70 72.87
CA ASN NA 78 21.99 94.39 74.26
C ASN NA 78 22.18 92.90 74.52
N GLY NA 79 22.94 92.59 75.58
CA GLY NA 79 23.21 91.22 75.95
C GLY NA 79 24.39 90.61 75.24
N SER NA 80 24.97 91.30 74.26
CA SER NA 80 26.12 90.80 73.53
C SER NA 80 27.38 91.45 74.08
N CYS NA 81 28.34 90.63 74.50
CA CYS NA 81 29.63 91.11 74.99
C CYS NA 81 30.65 91.21 73.88
N ASP NA 82 30.20 91.38 72.65
CA ASP NA 82 31.06 91.34 71.47
C ASP NA 82 30.60 92.37 70.45
N PRO NA 83 31.34 93.45 70.23
CA PRO NA 83 30.88 94.43 69.25
C PRO NA 83 30.97 93.89 67.84
N SER NA 84 29.98 93.08 67.46
CA SER NA 84 29.96 92.49 66.13
C SER NA 84 29.80 93.57 65.08
N VAL NA 85 30.59 93.47 64.00
CA VAL NA 85 30.58 94.49 62.97
C VAL NA 85 29.24 94.46 62.26
N THR NA 86 28.57 95.60 62.23
CA THR NA 86 27.27 95.72 61.59
C THR NA 86 27.28 96.55 60.32
N ARG NA 87 28.41 97.18 59.99
CA ARG NA 87 28.45 98.00 58.79
C ARG NA 87 29.88 98.03 58.27
N GLN NA 88 30.00 98.06 56.94
CA GLN NA 88 31.30 97.94 56.29
C GLN NA 88 31.32 98.89 55.10
N ALA NA 89 32.39 99.66 54.96
CA ALA NA 89 32.58 100.49 53.79
C ALA NA 89 33.82 100.02 53.05
N TYR NA 90 33.68 99.79 51.75
CA TYR NA 90 34.79 99.37 50.91
C TYR NA 90 35.08 100.45 49.89
N ALA NA 91 36.36 100.65 49.59
CA ALA NA 91 36.78 101.54 48.51
C ALA NA 91 37.89 100.82 47.76
N ASP NA 92 37.66 100.48 46.50
CA ASP NA 92 38.62 99.75 45.70
C ASP NA 92 39.05 100.62 44.53
N VAL NA 93 40.34 100.85 44.44
CA VAL NA 93 40.94 101.63 43.37
C VAL NA 93 41.79 100.71 42.53
N THR NA 94 41.70 100.85 41.22
CA THR NA 94 42.43 100.00 40.29
C THR NA 94 43.08 100.88 39.23
N PHE NA 95 44.40 100.97 39.27
CA PHE NA 95 45.15 101.65 38.24
C PHE NA 95 45.69 100.63 37.25
N SER NA 96 45.59 100.94 35.97
CA SER NA 96 46.13 100.09 34.92
C SER NA 96 46.94 100.95 33.97
N PHE NA 97 48.20 100.56 33.76
CA PHE NA 97 49.11 101.25 32.88
C PHE NA 97 49.73 100.28 31.89
N THR NA 98 50.31 100.86 30.85
CA THR NA 98 51.03 100.13 29.83
C THR NA 98 52.46 99.88 30.29
N GLN NA 99 53.06 98.82 29.74
CA GLN NA 99 54.47 98.61 30.02
C GLN NA 99 55.32 99.72 29.45
N TYR NA 100 54.75 100.59 28.62
CA TYR NA 100 55.45 101.71 28.04
C TYR NA 100 54.99 103.02 28.65
N SER NA 101 54.09 102.96 29.63
CA SER NA 101 53.66 104.14 30.33
C SER NA 101 54.85 104.78 31.03
N THR NA 102 54.67 106.00 31.51
CA THR NA 102 55.75 106.74 32.11
C THR NA 102 55.33 107.40 33.40
N ASP NA 103 56.32 107.59 34.27
CA ASP NA 103 56.09 108.17 35.58
C ASP NA 103 55.29 109.45 35.51
N GLU NA 104 55.60 110.33 34.55
CA GLU NA 104 54.90 111.61 34.52
C GLU NA 104 53.40 111.37 34.35
N GLU NA 105 53.04 110.50 33.41
CA GLU NA 105 51.62 110.23 33.19
C GLU NA 105 51.00 109.54 34.40
N ARG NA 106 51.72 108.61 34.99
CA ARG NA 106 51.18 107.90 36.15
C ARG NA 106 50.87 108.89 37.26
N ALA NA 107 51.83 109.73 37.61
CA ALA NA 107 51.60 110.72 38.66
C ALA NA 107 50.50 111.68 38.25
N PHE NA 108 50.44 112.01 36.97
CA PHE NA 108 49.36 112.86 36.48
C PHE NA 108 48.01 112.26 36.82
N VAL NA 109 47.83 110.99 36.49
CA VAL NA 109 46.56 110.34 36.75
C VAL NA 109 46.29 110.28 38.24
N ARG NA 110 47.32 109.96 39.01
CA ARG NA 110 47.14 109.88 40.44
C ARG NA 110 46.60 111.18 40.99
N THR NA 111 47.29 112.28 40.70
CA THR NA 111 46.87 113.55 41.24
C THR NA 111 45.54 113.99 40.65
N GLU NA 112 45.25 113.55 39.42
CA GLU NA 112 43.91 113.73 38.87
C GLU NA 112 42.88 113.16 39.80
N LEU NA 113 43.05 111.90 40.18
CA LEU NA 113 42.10 111.29 41.08
C LEU NA 113 42.05 112.05 42.39
N ALA NA 114 43.20 112.47 42.91
CA ALA NA 114 43.21 113.22 44.15
C ALA NA 114 42.32 114.44 44.05
N ALA NA 115 42.54 115.25 43.02
CA ALA NA 115 41.79 116.49 42.88
C ALA NA 115 40.31 116.22 42.66
N LEU NA 116 39.97 115.17 41.91
CA LEU NA 116 38.56 114.84 41.80
C LEU NA 116 37.99 114.54 43.17
N LEU NA 117 38.68 113.72 43.94
CA LEU NA 117 38.20 113.37 45.26
C LEU NA 117 38.05 114.59 46.15
N ALA NA 118 38.81 115.65 45.89
CA ALA NA 118 38.66 116.87 46.66
C ALA NA 118 37.63 117.83 46.11
N SER NA 119 37.30 117.72 44.83
CA SER NA 119 36.48 118.72 44.17
C SER NA 119 35.01 118.57 44.53
N PRO NA 120 34.21 119.62 44.33
CA PRO NA 120 32.80 119.56 44.73
C PRO NA 120 32.06 118.42 44.09
N LEU NA 121 32.43 118.04 42.87
CA LEU NA 121 31.70 117.01 42.16
C LEU NA 121 31.65 115.75 43.01
N LEU NA 122 32.82 115.14 43.25
CA LEU NA 122 32.84 113.91 44.01
C LEU NA 122 32.30 114.11 45.42
N ILE NA 123 32.47 115.29 46.00
CA ILE NA 123 31.90 115.56 47.31
C ILE NA 123 30.43 115.21 47.31
N ASP NA 124 29.66 115.94 46.52
CA ASP NA 124 28.22 115.74 46.51
C ASP NA 124 27.86 114.37 45.94
N ALA NA 125 28.73 113.82 45.10
CA ALA NA 125 28.46 112.51 44.54
C ALA NA 125 28.50 111.41 45.59
N ILE NA 126 29.45 111.48 46.52
CA ILE NA 126 29.72 110.41 47.46
C ILE NA 126 29.07 110.67 48.79
N ASP NA 127 29.41 111.78 49.43
CA ASP NA 127 28.96 112.00 50.80
C ASP NA 127 27.45 112.08 50.86
N GLN NA 128 26.82 112.63 49.83
CA GLN NA 128 25.36 112.67 49.79
C GLN NA 128 24.77 111.68 48.81
N LEU NA 129 25.58 110.81 48.22
CA LEU NA 129 25.11 109.86 47.22
C LEU NA 129 24.19 110.56 46.22
N ASN NA 130 24.70 111.62 45.63
CA ASN NA 130 23.88 112.44 44.75
C ASN NA 130 24.30 112.21 43.31
N PRO NA 131 23.48 111.55 42.49
CA PRO NA 131 23.87 111.31 41.10
C PRO NA 131 24.22 112.60 40.37
N ALA NA 132 25.34 112.55 39.66
CA ALA NA 132 25.83 113.70 38.94
C ALA NA 132 24.90 114.00 37.78
N TYR NA 133 24.50 115.25 37.65
CA TYR NA 133 23.64 115.66 36.55
C TYR NA 133 23.52 117.17 36.46
N ALA OA 2 -30.39 119.15 47.74
CA ALA OA 2 -31.55 118.22 47.73
C ALA OA 2 -31.72 117.52 49.08
N LYS OA 3 -31.88 118.32 50.13
CA LYS OA 3 -32.06 117.77 51.46
C LYS OA 3 -33.35 116.98 51.55
N LEU OA 4 -33.31 115.87 52.27
CA LEU OA 4 -34.46 114.99 52.41
C LEU OA 4 -35.10 115.24 53.76
N GLU OA 5 -36.41 115.47 53.76
CA GLU OA 5 -37.15 115.73 54.98
C GLU OA 5 -38.62 115.43 54.72
N THR OA 6 -39.48 115.84 55.64
CA THR OA 6 -40.90 115.56 55.54
C THR OA 6 -41.52 116.44 54.46
N VAL OA 7 -42.26 115.82 53.54
CA VAL OA 7 -42.95 116.53 52.49
C VAL OA 7 -44.45 116.37 52.71
N THR OA 8 -45.16 117.47 52.76
CA THR OA 8 -46.60 117.47 52.95
C THR OA 8 -47.23 117.95 51.64
N LEU OA 9 -47.70 116.99 50.86
CA LEU OA 9 -48.29 117.27 49.56
C LEU OA 9 -49.77 117.50 49.78
N GLY OA 10 -50.22 118.74 49.61
CA GLY OA 10 -51.60 119.09 49.89
C GLY OA 10 -52.44 119.25 48.64
N ASN OA 11 -53.76 119.30 48.81
CA ASN OA 11 -54.67 119.49 47.68
C ASN OA 11 -54.44 118.41 46.62
N ILE OA 12 -54.73 117.18 47.03
CA ILE OA 12 -54.47 115.98 46.26
C ILE OA 12 -55.79 115.28 45.96
N GLY OA 13 -55.80 114.53 44.87
CA GLY OA 13 -56.94 113.68 44.53
C GLY OA 13 -57.87 114.33 43.54
N LYS OA 14 -58.96 113.62 43.26
CA LYS OA 14 -59.94 114.12 42.30
C LYS OA 14 -60.43 115.49 42.71
N ASP OA 15 -60.76 115.65 43.99
CA ASP OA 15 -61.31 116.90 44.49
C ASP OA 15 -60.25 117.85 44.97
N GLY OA 16 -59.00 117.40 45.08
CA GLY OA 16 -57.95 118.24 45.63
C GLY OA 16 -58.17 118.58 47.09
N LYS OA 17 -58.53 117.57 47.89
CA LYS OA 17 -58.79 117.77 49.30
C LYS OA 17 -57.93 116.93 50.23
N GLN OA 18 -57.45 115.77 49.79
CA GLN OA 18 -56.66 114.95 50.68
C GLN OA 18 -55.25 115.53 50.84
N THR OA 19 -54.47 114.92 51.71
CA THR OA 19 -53.09 115.32 51.94
C THR OA 19 -52.24 114.08 52.16
N LEU OA 20 -50.98 114.16 51.76
CA LEU OA 20 -50.05 113.05 51.97
C LEU OA 20 -48.80 113.57 52.65
N VAL OA 21 -48.43 112.93 53.75
CA VAL OA 21 -47.23 113.24 54.49
C VAL OA 21 -46.23 112.13 54.22
N LEU OA 22 -45.08 112.50 53.67
CA LEU OA 22 -44.06 111.53 53.29
C LEU OA 22 -42.81 111.84 54.11
N ASN OA 23 -42.42 110.90 54.92
CA ASN OA 23 -41.19 111.07 55.67
C ASN OA 23 -40.05 110.32 54.99
N PRO OA 24 -38.83 110.72 55.26
CA PRO OA 24 -37.68 110.18 54.54
C PRO OA 24 -37.30 108.80 55.04
N ARG OA 25 -36.44 108.15 54.27
CA ARG OA 25 -35.86 106.87 54.64
C ARG OA 25 -34.38 106.91 54.27
N GLY OA 26 -33.75 105.75 54.15
CA GLY OA 26 -32.34 105.66 53.78
C GLY OA 26 -32.15 105.67 52.28
N VAL OA 27 -31.00 106.19 51.84
CA VAL OA 27 -30.68 106.27 50.43
C VAL OA 27 -30.01 104.97 50.00
N ASN OA 28 -30.58 104.31 49.01
CA ASN OA 28 -30.01 103.05 48.54
C ASN OA 28 -28.56 103.22 48.14
N PRO OA 29 -27.62 102.72 48.93
CA PRO OA 29 -26.22 102.80 48.53
C PRO OA 29 -25.94 102.06 47.24
N THR OA 30 -26.67 100.98 46.97
CA THR OA 30 -26.38 100.16 45.80
C THR OA 30 -26.53 100.95 44.51
N ASN OA 31 -27.43 101.91 44.47
CA ASN OA 31 -27.61 102.71 43.25
C ASN OA 31 -27.81 104.18 43.57
N GLY OA 32 -27.70 104.60 44.82
CA GLY OA 32 -27.90 105.99 45.16
C GLY OA 32 -29.30 106.45 44.83
N VAL OA 33 -30.28 105.96 45.58
CA VAL OA 33 -31.67 106.36 45.40
C VAL OA 33 -32.25 106.73 46.75
N ALA OA 34 -32.74 107.95 46.88
CA ALA OA 34 -33.43 108.37 48.08
C ALA OA 34 -34.88 107.93 48.02
N SER OA 35 -35.48 107.76 49.19
CA SER OA 35 -36.83 107.23 49.27
C SER OA 35 -37.65 107.95 50.33
N LEU OA 36 -38.91 108.18 49.99
CA LEU OA 36 -39.91 108.75 50.86
C LEU OA 36 -41.04 107.76 51.00
N SER OA 37 -41.69 107.77 52.17
CA SER OA 37 -42.79 106.84 52.40
C SER OA 37 -43.85 107.49 53.27
N GLN OA 38 -45.05 106.93 53.21
CA GLN OA 38 -46.19 107.46 53.93
C GLN OA 38 -45.83 107.65 55.40
N ALA OA 39 -46.55 108.51 56.09
CA ALA OA 39 -46.24 108.81 57.50
C ALA OA 39 -46.16 107.55 58.34
N GLY OA 40 -46.69 106.44 57.86
CA GLY OA 40 -46.71 105.20 58.59
C GLY OA 40 -48.09 104.92 59.16
N ALA OA 41 -48.17 103.82 59.91
CA ALA OA 41 -47.03 102.94 60.16
C ALA OA 41 -46.82 101.95 59.04
N VAL OA 42 -47.79 101.06 58.86
CA VAL OA 42 -47.68 100.06 57.80
C VAL OA 42 -47.59 100.71 56.44
N PRO OA 43 -48.38 101.74 56.11
CA PRO OA 43 -48.29 102.32 54.76
C PRO OA 43 -46.92 102.89 54.43
N ALA OA 44 -46.07 103.14 55.44
CA ALA OA 44 -44.69 103.50 55.14
C ALA OA 44 -43.97 102.34 54.45
N LEU OA 45 -44.38 101.12 54.74
CA LEU OA 45 -43.96 99.96 53.97
C LEU OA 45 -44.98 99.57 52.91
N GLU OA 46 -45.78 100.51 52.42
CA GLU OA 46 -46.58 100.29 51.21
C GLU OA 46 -46.39 101.37 50.15
N LYS OA 47 -46.60 102.64 50.49
CA LYS OA 47 -46.48 103.73 49.54
C LYS OA 47 -45.03 104.20 49.44
N ARG OA 48 -44.59 104.53 48.23
CA ARG OA 48 -43.17 104.79 48.00
C ARG OA 48 -42.98 105.91 46.98
N VAL OA 49 -41.92 106.70 47.20
CA VAL OA 49 -41.50 107.77 46.31
C VAL OA 49 -39.99 107.74 46.24
N THR OA 50 -39.44 107.27 45.13
CA THR OA 50 -38.00 107.14 44.98
C THR OA 50 -37.48 108.21 44.02
N VAL OA 51 -36.28 108.71 44.32
CA VAL OA 51 -35.66 109.76 43.52
C VAL OA 51 -34.18 109.42 43.35
N SER OA 52 -33.66 109.65 42.14
CA SER OA 52 -32.25 109.43 41.87
C SER OA 52 -31.79 110.41 40.80
N VAL OA 53 -30.49 110.69 40.80
CA VAL OA 53 -29.89 111.58 39.80
C VAL OA 53 -28.57 110.95 39.37
N SER OA 54 -28.59 110.29 38.22
CA SER OA 54 -27.38 109.74 37.64
C SER OA 54 -26.63 110.85 36.95
N GLN OA 55 -25.39 111.05 37.37
CA GLN OA 55 -24.51 112.05 36.78
C GLN OA 55 -23.90 111.48 35.51
N PRO OA 56 -23.30 112.34 34.69
CA PRO OA 56 -22.70 111.87 33.44
C PRO OA 56 -21.69 110.76 33.68
N SER OA 57 -21.57 109.88 32.70
CA SER OA 57 -20.72 108.70 32.76
C SER OA 57 -20.64 108.13 31.35
N ARG OA 58 -19.99 106.97 31.23
CA ARG OA 58 -19.89 106.35 29.92
C ARG OA 58 -21.27 105.95 29.42
N ASN OA 59 -22.09 105.39 30.30
CA ASN OA 59 -23.46 105.04 30.01
C ASN OA 59 -24.42 106.22 30.14
N ARG OA 60 -23.96 107.37 30.64
CA ARG OA 60 -24.75 108.59 30.68
C ARG OA 60 -24.13 109.59 29.72
N LYS OA 61 -24.81 110.70 29.42
CA LYS OA 61 -24.11 111.81 28.76
C LYS OA 61 -24.18 113.22 29.36
N ASN OA 62 -25.31 113.93 29.48
CA ASN OA 62 -26.72 113.56 29.67
C ASN OA 62 -27.05 113.05 31.07
N TYR OA 63 -26.99 113.97 32.03
CA TYR OA 63 -27.59 113.80 33.34
C TYR OA 63 -28.99 113.22 33.22
N LYS OA 64 -29.35 112.33 34.14
CA LYS OA 64 -30.69 111.74 34.14
C LYS OA 64 -31.24 111.75 35.56
N VAL OA 65 -32.40 112.36 35.73
CA VAL OA 65 -33.07 112.39 37.03
C VAL OA 65 -34.34 111.57 36.92
N GLN OA 66 -34.44 110.56 37.76
CA GLN OA 66 -35.55 109.62 37.77
C GLN OA 66 -36.36 109.82 39.04
N VAL OA 67 -37.68 109.81 38.90
CA VAL OA 67 -38.60 109.96 40.02
C VAL OA 67 -39.69 108.93 39.84
N LYS OA 68 -39.72 107.92 40.71
CA LYS OA 68 -40.70 106.86 40.63
C LYS OA 68 -41.70 106.98 41.77
N ILE OA 69 -42.97 106.86 41.41
CA ILE OA 69 -44.09 106.85 42.34
C ILE OA 69 -44.70 105.47 42.35
N GLN OA 70 -44.96 104.93 43.54
CA GLN OA 70 -45.57 103.61 43.66
C GLN OA 70 -46.62 103.66 44.76
N ASN OA 71 -47.86 103.36 44.41
CA ASN OA 71 -48.97 103.32 45.36
C ASN OA 71 -49.65 101.97 45.26
N PRO OA 72 -49.51 101.11 46.26
CA PRO OA 72 -50.26 99.85 46.24
C PRO OA 72 -51.56 99.96 47.00
N THR OA 73 -52.65 99.56 46.36
CA THR OA 73 -53.93 99.47 47.04
C THR OA 73 -54.16 98.03 47.52
N ALA OA 74 -54.54 97.92 48.79
CA ALA OA 74 -54.73 96.63 49.44
C ALA OA 74 -56.10 96.56 50.07
N CYS OA 75 -56.45 95.36 50.53
CA CYS OA 75 -57.70 95.14 51.23
C CYS OA 75 -57.52 93.95 52.16
N THR OA 76 -58.44 93.83 53.11
CA THR OA 76 -58.46 92.72 54.06
C THR OA 76 -59.62 91.82 53.72
N ALA OA 77 -59.30 90.58 53.37
CA ALA OA 77 -60.36 89.61 53.08
C ALA OA 77 -61.27 89.48 54.28
N ASN OA 78 -62.56 89.28 54.01
CA ASN OA 78 -63.52 89.16 55.09
C ASN OA 78 -63.31 87.84 55.82
N GLY OA 79 -62.56 87.90 56.91
CA GLY OA 79 -62.22 86.73 57.68
C GLY OA 79 -60.76 86.75 58.09
N SER OA 80 -59.91 87.32 57.24
CA SER OA 80 -58.49 87.37 57.55
C SER OA 80 -58.18 88.59 58.40
N CYS OA 81 -56.89 88.82 58.67
CA CYS OA 81 -56.48 89.99 59.43
C CYS OA 81 -55.52 90.84 58.61
N ASP OA 82 -54.46 90.23 58.13
CA ASP OA 82 -53.40 90.97 57.50
C ASP OA 82 -53.81 91.44 56.12
N PRO OA 83 -53.85 92.74 55.87
CA PRO OA 83 -54.23 93.22 54.53
C PRO OA 83 -53.26 92.78 53.45
N SER OA 84 -53.82 92.42 52.30
CA SER OA 84 -53.05 91.99 51.14
C SER OA 84 -53.26 92.97 50.01
N VAL OA 85 -52.20 93.22 49.25
CA VAL OA 85 -52.25 94.18 48.15
C VAL OA 85 -52.92 93.53 46.95
N THR OA 86 -53.98 94.16 46.46
CA THR OA 86 -54.67 93.65 45.29
C THR OA 86 -54.33 94.41 44.03
N ARG OA 87 -53.89 95.66 44.16
CA ARG OA 87 -53.64 96.50 43.01
C ARG OA 87 -52.39 97.30 43.28
N GLN OA 88 -51.73 97.73 42.20
CA GLN OA 88 -50.50 98.50 42.36
C GLN OA 88 -50.40 99.49 41.22
N ALA OA 89 -50.72 100.74 41.49
CA ALA OA 89 -50.50 101.79 40.51
C ALA OA 89 -49.11 102.35 40.71
N TYR OA 90 -48.51 102.83 39.63
CA TYR OA 90 -47.20 103.44 39.75
C TYR OA 90 -46.83 104.12 38.46
N ALA OA 91 -45.91 105.08 38.56
CA ALA OA 91 -45.51 105.87 37.43
C ALA OA 91 -44.05 106.26 37.57
N ASP OA 92 -43.46 106.64 36.45
CA ASP OA 92 -42.05 106.99 36.39
C ASP OA 92 -41.88 108.25 35.58
N VAL OA 93 -41.10 109.19 36.09
CA VAL OA 93 -40.70 110.38 35.37
C VAL OA 93 -39.20 110.33 35.16
N THR OA 94 -38.76 110.68 33.97
CA THR OA 94 -37.35 110.61 33.62
C THR OA 94 -36.99 111.89 32.87
N PHE OA 95 -36.27 112.78 33.53
CA PHE OA 95 -35.74 113.97 32.88
C PHE OA 95 -34.32 113.72 32.42
N SER OA 96 -34.05 114.02 31.16
CA SER OA 96 -32.71 113.88 30.61
C SER OA 96 -32.22 115.26 30.22
N PHE OA 97 -31.13 115.69 30.84
CA PHE OA 97 -30.54 116.99 30.56
C PHE OA 97 -29.11 116.82 30.06
N THR OA 98 -28.68 117.72 29.19
CA THR OA 98 -27.31 117.69 28.71
C THR OA 98 -26.40 118.46 29.65
N GLN OA 99 -25.13 118.09 29.64
CA GLN OA 99 -24.17 118.71 30.54
C GLN OA 99 -24.15 120.21 30.38
N TYR OA 100 -24.44 120.69 29.17
CA TYR OA 100 -24.57 122.11 28.90
C TYR OA 100 -25.96 122.63 29.23
N SER OA 101 -26.82 121.78 29.78
CA SER OA 101 -28.14 122.24 30.18
C SER OA 101 -28.02 123.40 31.15
N THR OA 102 -29.12 124.11 31.36
CA THR OA 102 -29.14 125.26 32.22
C THR OA 102 -30.31 125.16 33.19
N ASP OA 103 -30.09 125.68 34.40
CA ASP OA 103 -31.10 125.59 35.45
C ASP OA 103 -32.41 126.23 35.03
N GLU OA 104 -32.37 127.36 34.34
CA GLU OA 104 -33.62 127.97 33.90
C GLU OA 104 -34.38 127.03 32.98
N GLU OA 105 -33.69 126.40 32.05
CA GLU OA 105 -34.38 125.48 31.16
C GLU OA 105 -34.93 124.31 31.94
N ARG OA 106 -34.17 123.79 32.90
CA ARG OA 106 -34.64 122.65 33.66
C ARG OA 106 -35.89 123.01 34.43
N ALA OA 107 -35.89 124.15 35.11
CA ALA OA 107 -37.07 124.58 35.84
C ALA OA 107 -38.23 124.79 34.89
N PHE OA 108 -37.94 125.32 33.71
CA PHE OA 108 -38.96 125.50 32.69
C PHE OA 108 -39.64 124.19 32.38
N VAL OA 109 -38.84 123.15 32.12
CA VAL OA 109 -39.39 121.84 31.84
C VAL OA 109 -40.21 121.35 33.01
N ARG OA 110 -39.68 121.52 34.23
CA ARG OA 110 -40.38 120.99 35.40
C ARG OA 110 -41.75 121.60 35.52
N THR OA 111 -41.83 122.93 35.54
CA THR OA 111 -43.13 123.56 35.66
C THR OA 111 -44.01 123.20 34.48
N GLU OA 112 -43.40 122.97 33.32
CA GLU OA 112 -44.21 122.64 32.16
C GLU OA 112 -44.91 121.31 32.36
N LEU OA 113 -44.17 120.31 32.81
CA LEU OA 113 -44.78 119.03 33.12
C LEU OA 113 -45.85 119.20 34.18
N ALA OA 114 -45.57 120.02 35.20
CA ALA OA 114 -46.53 120.20 36.27
C ALA OA 114 -47.85 120.72 35.72
N ALA OA 115 -47.79 121.81 34.97
CA ALA OA 115 -49.03 122.41 34.51
C ALA OA 115 -49.71 121.54 33.45
N LEU OA 116 -48.94 120.74 32.71
CA LEU OA 116 -49.61 119.77 31.84
C LEU OA 116 -50.42 118.78 32.65
N LEU OA 117 -49.81 118.22 33.70
CA LEU OA 117 -50.57 117.30 34.53
C LEU OA 117 -51.75 117.99 35.17
N ALA OA 118 -51.65 119.30 35.38
CA ALA OA 118 -52.79 120.04 35.91
C ALA OA 118 -53.80 120.40 34.83
N SER OA 119 -53.47 120.22 33.57
CA SER OA 119 -54.34 120.70 32.51
C SER OA 119 -55.45 119.70 32.21
N PRO OA 120 -56.57 120.17 31.65
CA PRO OA 120 -57.70 119.27 31.40
C PRO OA 120 -57.32 118.04 30.60
N LEU OA 121 -56.46 118.20 29.60
CA LEU OA 121 -56.23 117.10 28.68
C LEU OA 121 -55.61 115.92 29.41
N LEU OA 122 -54.54 116.17 30.17
CA LEU OA 122 -53.87 115.08 30.85
C LEU OA 122 -54.75 114.45 31.90
N ILE OA 123 -55.50 115.27 32.65
CA ILE OA 123 -56.36 114.70 33.68
C ILE OA 123 -57.41 113.82 33.05
N ASP OA 124 -57.96 114.23 31.91
CA ASP OA 124 -58.95 113.39 31.25
C ASP OA 124 -58.29 112.11 30.73
N ALA OA 125 -57.07 112.22 30.22
CA ALA OA 125 -56.38 111.08 29.68
C ALA OA 125 -55.91 110.11 30.75
N ILE OA 126 -55.80 110.55 31.99
CA ILE OA 126 -55.32 109.70 33.07
C ILE OA 126 -56.51 109.18 33.86
N ASP OA 127 -57.26 110.12 34.44
CA ASP OA 127 -58.41 109.79 35.26
C ASP OA 127 -59.35 108.83 34.57
N GLN OA 128 -59.62 109.05 33.29
CA GLN OA 128 -60.55 108.21 32.55
C GLN OA 128 -59.86 107.36 31.49
N LEU OA 129 -58.54 107.48 31.35
CA LEU OA 129 -57.83 106.73 30.33
C LEU OA 129 -58.44 106.96 28.97
N ASN OA 130 -58.85 108.20 28.71
CA ASN OA 130 -59.54 108.51 27.49
C ASN OA 130 -58.57 109.17 26.52
N PRO OA 131 -58.17 108.50 25.45
CA PRO OA 131 -57.20 109.08 24.53
C PRO OA 131 -57.74 110.38 23.95
N ALA OA 132 -56.82 111.22 23.51
CA ALA OA 132 -57.18 112.57 23.08
C ALA OA 132 -57.66 112.50 21.65
N TYR OA 133 -58.98 112.45 21.46
CA TYR OA 133 -59.64 112.52 20.15
C TYR OA 133 -60.94 113.30 20.24
N ALA PA 2 -16.29 116.11 59.76
CA ALA PA 2 -15.99 116.58 58.39
C ALA PA 2 -17.27 117.01 57.67
N LYS PA 3 -18.17 117.63 58.42
CA LYS PA 3 -19.41 118.12 57.85
C LYS PA 3 -19.17 118.88 56.56
N LEU PA 4 -19.94 118.54 55.53
CA LEU PA 4 -19.91 119.34 54.32
C LEU PA 4 -20.33 120.76 54.63
N GLU PA 5 -19.71 121.72 53.98
CA GLU PA 5 -20.04 123.11 54.23
C GLU PA 5 -19.43 123.95 53.12
N THR PA 6 -19.97 125.16 52.97
CA THR PA 6 -19.45 126.11 51.99
C THR PA 6 -18.02 126.45 52.32
N VAL PA 7 -17.09 126.01 51.50
CA VAL PA 7 -15.68 126.23 51.77
C VAL PA 7 -15.22 127.51 51.09
N THR PA 8 -14.52 128.34 51.84
CA THR PA 8 -14.10 129.66 51.40
C THR PA 8 -12.59 129.63 51.24
N LEU PA 9 -12.13 129.48 50.01
CA LEU PA 9 -10.71 129.41 49.72
C LEU PA 9 -10.23 130.83 49.46
N GLY PA 10 -9.23 131.27 50.22
CA GLY PA 10 -8.81 132.65 50.21
C GLY PA 10 -7.87 133.00 49.08
N ASN PA 11 -6.76 133.65 49.42
CA ASN PA 11 -5.84 134.13 48.40
C ASN PA 11 -5.42 132.99 47.49
N ILE PA 12 -5.39 133.28 46.18
CA ILE PA 12 -5.33 132.25 45.16
C ILE PA 12 -4.85 132.93 43.88
N GLY PA 13 -4.02 132.22 43.10
CA GLY PA 13 -3.45 132.76 41.88
C GLY PA 13 -1.96 132.98 42.04
N LYS PA 14 -1.34 133.62 41.04
CA LYS PA 14 0.08 133.93 41.22
C LYS PA 14 0.21 134.99 42.29
N ASP PA 15 -0.38 136.15 42.00
CA ASP PA 15 -0.42 137.27 42.90
C ASP PA 15 -1.21 136.99 44.17
N GLY PA 16 -2.01 135.93 44.18
CA GLY PA 16 -2.77 135.59 45.37
C GLY PA 16 -3.73 136.70 45.74
N LYS PA 17 -4.75 136.91 44.91
CA LYS PA 17 -5.76 137.92 45.21
C LYS PA 17 -7.18 137.47 44.97
N GLN PA 18 -7.43 136.38 44.27
CA GLN PA 18 -8.79 135.93 44.05
C GLN PA 18 -9.20 134.98 45.17
N THR PA 19 -10.48 134.64 45.19
CA THR PA 19 -11.02 133.71 46.17
C THR PA 19 -12.04 132.83 45.50
N LEU PA 20 -12.29 131.68 46.09
CA LEU PA 20 -13.30 130.77 45.59
C LEU PA 20 -14.25 130.40 46.71
N VAL PA 21 -15.52 130.21 46.36
CA VAL PA 21 -16.53 129.76 47.31
C VAL PA 21 -17.14 128.50 46.73
N LEU PA 22 -16.80 127.37 47.32
CA LEU PA 22 -17.29 126.07 46.88
C LEU PA 22 -18.49 125.67 47.72
N ASN PA 23 -19.63 125.53 47.08
CA ASN PA 23 -20.84 125.17 47.77
C ASN PA 23 -20.88 123.67 48.01
N PRO PA 24 -21.60 123.23 49.04
CA PRO PA 24 -21.72 121.79 49.30
C PRO PA 24 -22.81 121.19 48.43
N ARG PA 25 -22.41 120.34 47.49
CA ARG PA 25 -23.41 119.71 46.62
C ARG PA 25 -24.00 118.48 47.28
N GLY PA 26 -23.19 117.47 47.54
CA GLY PA 26 -23.72 116.25 48.10
C GLY PA 26 -22.67 115.18 48.24
N VAL PA 27 -23.13 113.94 48.33
CA VAL PA 27 -22.25 112.80 48.53
C VAL PA 27 -22.81 111.60 47.77
N ASN PA 28 -22.14 111.21 46.70
CA ASN PA 28 -22.55 110.01 45.99
C ASN PA 28 -22.12 108.79 46.80
N PRO PA 29 -23.04 107.92 47.19
CA PRO PA 29 -22.67 106.76 48.01
C PRO PA 29 -22.07 105.65 47.20
N THR PA 30 -22.44 105.55 45.93
CA THR PA 30 -21.94 104.46 45.11
C THR PA 30 -20.46 104.25 45.29
N ASN PA 31 -19.72 105.32 45.57
CA ASN PA 31 -18.29 105.21 45.86
C ASN PA 31 -17.93 106.02 47.09
N GLY PA 32 -18.92 106.56 47.81
CA GLY PA 32 -18.66 107.34 49.00
C GLY PA 32 -17.78 108.54 48.72
N VAL PA 33 -18.26 109.46 47.90
CA VAL PA 33 -17.47 110.62 47.49
C VAL PA 33 -18.29 111.86 47.72
N ALA PA 34 -17.74 112.78 48.51
CA ALA PA 34 -18.38 114.08 48.70
C ALA PA 34 -17.89 115.05 47.64
N SER PA 35 -18.80 115.87 47.13
CA SER PA 35 -18.54 116.75 46.01
C SER PA 35 -18.88 118.19 46.38
N LEU PA 36 -18.05 119.12 45.93
CA LEU PA 36 -18.33 120.54 46.03
C LEU PA 36 -18.16 121.18 44.66
N SER PA 37 -18.94 122.21 44.41
CA SER PA 37 -18.95 122.88 43.12
C SER PA 37 -19.01 124.38 43.34
N GLN PA 38 -18.41 125.11 42.40
CA GLN PA 38 -18.53 126.56 42.43
C GLN PA 38 -19.97 126.96 42.19
N ALA PA 39 -20.34 128.13 42.72
CA ALA PA 39 -21.67 128.66 42.49
C ALA PA 39 -21.84 129.01 41.03
N GLY PA 40 -22.85 128.41 40.39
CA GLY PA 40 -23.09 128.67 38.98
C GLY PA 40 -24.40 128.07 38.50
N ALA PA 41 -24.54 127.93 37.19
CA ALA PA 41 -25.73 127.32 36.62
C ALA PA 41 -25.39 126.14 35.72
N VAL PA 42 -24.43 126.32 34.84
CA VAL PA 42 -24.15 125.30 33.83
C VAL PA 42 -23.18 124.31 34.42
N PRO PA 43 -23.57 123.05 34.60
CA PRO PA 43 -22.67 122.11 35.27
C PRO PA 43 -21.32 122.01 34.61
N ALA PA 44 -21.29 122.07 33.28
CA ALA PA 44 -20.04 121.88 32.56
C ALA PA 44 -19.07 123.04 32.75
N LEU PA 45 -19.48 124.13 33.37
CA LEU PA 45 -18.65 125.31 33.50
C LEU PA 45 -18.44 125.66 34.97
N GLU PA 46 -18.18 124.64 35.78
CA GLU PA 46 -18.12 124.84 37.22
C GLU PA 46 -16.87 124.19 37.79
N LYS PA 47 -16.24 124.89 38.72
CA LYS PA 47 -15.06 124.39 39.41
C LYS PA 47 -15.50 123.27 40.34
N ARG PA 48 -14.97 122.06 40.14
CA ARG PA 48 -15.45 120.90 40.86
C ARG PA 48 -14.35 120.34 41.75
N VAL PA 49 -14.76 119.84 42.91
CA VAL PA 49 -13.85 119.27 43.91
C VAL PA 49 -14.46 118.02 44.49
N THR PA 50 -13.66 116.97 44.62
CA THR PA 50 -14.15 115.68 45.09
C THR PA 50 -13.23 115.15 46.16
N VAL PA 51 -13.80 114.61 47.23
CA VAL PA 51 -13.05 114.04 48.33
C VAL PA 51 -13.64 112.69 48.69
N SER PA 52 -12.79 111.68 48.85
CA SER PA 52 -13.24 110.38 49.30
C SER PA 52 -12.19 109.75 50.21
N VAL PA 53 -12.64 108.92 51.13
CA VAL PA 53 -11.76 108.17 52.01
C VAL PA 53 -12.18 106.72 51.93
N SER PA 54 -11.32 105.88 51.39
CA SER PA 54 -11.58 104.46 51.31
C SER PA 54 -10.94 103.79 52.52
N GLN PA 55 -11.75 103.10 53.30
CA GLN PA 55 -11.29 102.34 54.43
C GLN PA 55 -10.55 101.10 53.97
N PRO PA 56 -9.72 100.53 54.82
CA PRO PA 56 -8.99 99.32 54.43
C PRO PA 56 -9.88 98.10 54.34
N SER PA 57 -10.18 97.66 53.12
CA SER PA 57 -10.96 96.45 52.92
C SER PA 57 -10.19 95.24 53.44
N ARG PA 58 -10.82 94.07 53.35
CA ARG PA 58 -10.14 92.85 53.73
C ARG PA 58 -8.93 92.59 52.85
N ASN PA 59 -8.86 93.24 51.69
CA ASN PA 59 -7.75 93.10 50.77
C ASN PA 59 -6.88 94.34 50.70
N ARG PA 60 -7.49 95.52 50.69
CA ARG PA 60 -6.75 96.78 50.64
C ARG PA 60 -5.76 96.88 51.79
N LYS PA 61 -6.26 96.72 53.01
CA LYS PA 61 -5.47 96.87 54.24
C LYS PA 61 -4.66 98.17 54.23
N ASN PA 62 -5.30 99.25 53.82
CA ASN PA 62 -4.64 100.56 53.87
C ASN PA 62 -5.66 101.66 53.65
N TYR PA 63 -5.64 102.66 54.52
CA TYR PA 63 -6.53 103.79 54.34
C TYR PA 63 -6.07 104.62 53.15
N LYS PA 64 -7.01 104.99 52.30
CA LYS PA 64 -6.74 105.84 51.15
C LYS PA 64 -7.57 107.10 51.23
N VAL PA 65 -7.01 108.22 50.81
CA VAL PA 65 -7.75 109.47 50.75
C VAL PA 65 -7.48 110.11 49.40
N GLN PA 66 -8.52 110.24 48.59
CA GLN PA 66 -8.42 110.76 47.24
C GLN PA 66 -9.07 112.14 47.18
N VAL PA 67 -8.40 113.07 46.52
CA VAL PA 67 -8.90 114.42 46.33
C VAL PA 67 -8.67 114.80 44.88
N LYS PA 68 -9.76 115.02 44.14
CA LYS PA 68 -9.69 115.43 42.75
C LYS PA 68 -10.18 116.87 42.60
N ILE PA 69 -9.53 117.61 41.73
CA ILE PA 69 -9.89 118.98 41.43
C ILE PA 69 -10.00 119.12 39.92
N GLN PA 70 -11.14 119.62 39.46
CA GLN PA 70 -11.36 119.84 38.05
C GLN PA 70 -11.65 121.32 37.84
N ASN PA 71 -10.98 121.92 36.88
CA ASN PA 71 -11.16 123.33 36.58
C ASN PA 71 -11.37 123.50 35.07
N PRO PA 72 -12.57 123.80 34.62
CA PRO PA 72 -12.81 123.95 33.19
C PRO PA 72 -12.68 125.39 32.76
N THR PA 73 -12.39 125.57 31.48
CA THR PA 73 -12.22 126.89 30.91
C THR PA 73 -13.43 127.26 30.06
N ALA PA 74 -13.74 128.56 30.05
CA ALA PA 74 -14.95 129.03 29.40
C ALA PA 74 -14.85 128.92 27.87
N CYS PA 75 -13.88 129.62 27.28
CA CYS PA 75 -13.92 129.88 25.84
C CYS PA 75 -15.28 130.37 25.40
N THR PA 76 -15.74 131.46 26.00
CA THR PA 76 -16.96 132.10 25.54
C THR PA 76 -16.78 132.61 24.11
N ALA PA 77 -17.68 132.21 23.23
CA ALA PA 77 -17.67 132.65 21.85
C ALA PA 77 -18.48 133.93 21.71
N ASN PA 78 -18.14 134.70 20.68
CA ASN PA 78 -18.83 135.97 20.43
C ASN PA 78 -20.22 135.68 19.85
N GLY PA 79 -21.04 135.06 20.70
CA GLY PA 79 -22.46 134.90 20.43
C GLY PA 79 -22.82 133.44 20.21
N SER PA 80 -24.01 133.25 19.64
CA SER PA 80 -24.50 132.02 19.05
C SER PA 80 -24.90 130.95 20.05
N CYS PA 81 -24.30 130.91 21.24
CA CYS PA 81 -24.89 130.30 22.44
C CYS PA 81 -23.82 130.26 23.53
N ASP PA 82 -24.18 129.66 24.66
CA ASP PA 82 -23.30 129.59 25.81
C ASP PA 82 -21.89 129.21 25.41
N PRO PA 83 -20.90 129.56 26.22
CA PRO PA 83 -19.55 129.06 26.00
C PRO PA 83 -19.52 127.54 26.01
N SER PA 84 -18.35 127.00 25.68
CA SER PA 84 -18.15 125.57 25.67
C SER PA 84 -16.79 125.20 26.25
N VAL PA 85 -16.73 124.00 26.81
CA VAL PA 85 -15.51 123.51 27.42
C VAL PA 85 -14.50 123.18 26.35
N THR PA 86 -13.29 123.70 26.50
CA THR PA 86 -12.19 123.36 25.60
C THR PA 86 -10.91 123.02 26.35
N ARG PA 87 -10.80 123.43 27.60
CA ARG PA 87 -9.62 123.19 28.42
C ARG PA 87 -10.08 122.77 29.80
N GLN PA 88 -9.41 121.77 30.36
CA GLN PA 88 -9.77 121.26 31.68
C GLN PA 88 -8.51 120.89 32.43
N ALA PA 89 -8.21 121.63 33.49
CA ALA PA 89 -7.08 121.33 34.35
C ALA PA 89 -7.51 120.34 35.42
N TYR PA 90 -6.76 119.26 35.55
CA TYR PA 90 -7.05 118.23 36.53
C TYR PA 90 -5.91 118.16 37.53
N ALA PA 91 -6.27 118.04 38.79
CA ALA PA 91 -5.32 117.79 39.85
C ALA PA 91 -5.87 116.65 40.69
N ASP PA 92 -4.98 115.82 41.21
CA ASP PA 92 -5.42 114.62 41.91
C ASP PA 92 -4.35 114.18 42.91
N VAL PA 93 -4.76 114.13 44.16
CA VAL PA 93 -3.91 113.74 45.27
C VAL PA 93 -4.45 112.46 45.87
N THR PA 94 -3.56 111.59 46.31
CA THR PA 94 -3.93 110.30 46.86
C THR PA 94 -3.01 110.00 48.03
N PHE PA 95 -3.51 110.21 49.24
CA PHE PA 95 -2.77 109.88 50.45
C PHE PA 95 -2.99 108.42 50.81
N SER PA 96 -1.92 107.79 51.27
CA SER PA 96 -1.92 106.39 51.66
C SER PA 96 -1.40 106.26 53.08
N PHE PA 97 -2.13 105.56 53.95
CA PHE PA 97 -1.70 105.35 55.31
C PHE PA 97 -2.00 103.92 55.74
N THR PA 98 -1.23 103.44 56.69
CA THR PA 98 -1.45 102.10 57.22
C THR PA 98 -2.40 102.14 58.42
N GLN PA 99 -2.92 100.96 58.75
CA GLN PA 99 -3.89 100.88 59.84
C GLN PA 99 -3.31 101.41 61.14
N TYR PA 100 -2.02 101.24 61.35
CA TYR PA 100 -1.35 101.76 62.52
C TYR PA 100 -0.74 103.12 62.31
N SER PA 101 -1.11 103.81 61.23
CA SER PA 101 -0.72 105.19 61.05
C SER PA 101 -1.14 106.01 62.27
N THR PA 102 -0.63 107.22 62.37
CA THR PA 102 -1.12 108.13 63.41
C THR PA 102 -1.42 109.51 62.83
N ASP PA 103 -2.36 110.16 63.50
CA ASP PA 103 -2.79 111.49 63.11
C ASP PA 103 -1.60 112.43 62.99
N GLU PA 104 -0.60 112.26 63.84
CA GLU PA 104 0.55 113.15 63.77
C GLU PA 104 1.24 113.04 62.42
N GLU PA 105 1.60 111.82 62.00
CA GLU PA 105 2.27 111.68 60.72
C GLU PA 105 1.36 112.12 59.59
N ARG PA 106 0.07 111.87 59.71
CA ARG PA 106 -0.82 112.29 58.64
C ARG PA 106 -0.78 113.81 58.49
N ALA PA 107 -0.85 114.52 59.62
CA ALA PA 107 -0.78 115.97 59.56
C ALA PA 107 0.56 116.41 59.01
N PHE PA 108 1.63 115.77 59.47
CA PHE PA 108 2.96 116.02 58.94
C PHE PA 108 2.95 115.94 57.43
N VAL PA 109 2.38 114.86 56.90
CA VAL PA 109 2.36 114.65 55.48
C VAL PA 109 1.66 115.80 54.77
N ARG PA 110 0.47 116.14 55.23
CA ARG PA 110 -0.28 117.14 54.47
C ARG PA 110 0.44 118.47 54.52
N THR PA 111 0.94 118.84 55.69
CA THR PA 111 1.55 120.16 55.80
C THR PA 111 2.79 120.22 54.94
N GLU PA 112 3.52 119.12 54.87
CA GLU PA 112 4.68 119.07 54.01
C GLU PA 112 4.25 119.24 52.55
N LEU PA 113 3.18 118.56 52.15
CA LEU PA 113 2.72 118.71 50.78
C LEU PA 113 2.32 120.15 50.49
N ALA PA 114 1.60 120.79 51.41
CA ALA PA 114 1.15 122.15 51.18
C ALA PA 114 2.33 123.10 51.08
N ALA PA 115 3.30 122.94 51.97
CA ALA PA 115 4.51 123.75 51.88
C ALA PA 115 5.24 123.50 50.58
N LEU PA 116 5.28 122.25 50.12
CA LEU PA 116 5.85 121.98 48.81
C LEU PA 116 5.10 122.74 47.73
N LEU PA 117 3.76 122.70 47.78
CA LEU PA 117 2.96 123.43 46.81
C LEU PA 117 3.27 124.91 46.82
N ALA PA 118 3.70 125.44 47.96
CA ALA PA 118 4.09 126.84 48.06
C ALA PA 118 5.53 127.11 47.70
N SER PA 119 6.41 126.12 47.77
CA SER PA 119 7.82 126.37 47.57
C SER PA 119 8.11 126.81 46.14
N PRO PA 120 9.16 127.60 45.93
CA PRO PA 120 9.49 128.01 44.56
C PRO PA 120 9.72 126.84 43.63
N LEU PA 121 10.29 125.74 44.13
CA LEU PA 121 10.56 124.60 43.28
C LEU PA 121 9.32 124.20 42.49
N LEU PA 122 8.29 123.73 43.19
CA LEU PA 122 7.10 123.30 42.50
C LEU PA 122 6.42 124.46 41.79
N ILE PA 123 6.61 125.68 42.28
CA ILE PA 123 6.00 126.82 41.60
C ILE PA 123 6.48 126.87 40.16
N ASP PA 124 7.79 126.82 39.96
CA ASP PA 124 8.31 126.83 38.62
C ASP PA 124 7.98 125.52 37.91
N ALA PA 125 7.94 124.42 38.65
CA ALA PA 125 7.65 123.13 38.04
C ALA PA 125 6.26 123.08 37.43
N ILE PA 126 5.33 123.84 37.99
CA ILE PA 126 3.95 123.80 37.55
C ILE PA 126 3.68 124.99 36.63
N ASP PA 127 3.75 126.18 37.21
CA ASP PA 127 3.52 127.39 36.44
C ASP PA 127 4.23 127.33 35.10
N GLN PA 128 5.55 127.25 35.12
CA GLN PA 128 6.32 127.27 33.89
C GLN PA 128 6.45 125.89 33.27
N LEU PA 129 6.00 124.83 33.93
CA LEU PA 129 6.23 123.48 33.46
C LEU PA 129 7.72 123.26 33.19
N ASN PA 130 8.54 123.94 33.97
CA ASN PA 130 9.98 123.78 33.85
C ASN PA 130 10.38 122.50 34.55
N PRO PA 131 10.92 121.50 33.86
CA PRO PA 131 11.29 120.27 34.55
C PRO PA 131 12.34 120.54 35.60
N ALA PA 132 12.23 119.83 36.71
CA ALA PA 132 13.12 120.02 37.84
C ALA PA 132 14.56 119.83 37.39
N TYR PA 133 15.32 120.92 37.41
CA TYR PA 133 16.72 120.84 37.02
C TYR PA 133 17.41 122.16 37.32
N ALA QA 2 -32.22 108.02 58.08
CA ALA QA 2 -31.27 108.34 59.19
C ALA QA 2 -29.99 108.92 58.64
N LYS QA 3 -29.83 110.23 58.72
CA LYS QA 3 -28.60 110.86 58.27
C LYS QA 3 -27.51 110.70 59.32
N LEU QA 4 -26.34 110.24 58.86
CA LEU QA 4 -25.22 110.05 59.76
C LEU QA 4 -24.77 111.39 60.30
N GLU QA 5 -24.35 111.40 61.55
CA GLU QA 5 -23.85 112.60 62.19
C GLU QA 5 -23.03 112.19 63.39
N THR QA 6 -22.30 113.15 63.95
CA THR QA 6 -21.48 112.88 65.11
C THR QA 6 -22.36 112.45 66.27
N VAL QA 7 -22.28 111.17 66.62
CA VAL QA 7 -23.17 110.62 67.63
C VAL QA 7 -22.52 110.78 68.99
N THR QA 8 -23.27 111.36 69.93
CA THR QA 8 -22.75 111.77 71.23
C THR QA 8 -23.44 110.95 72.30
N LEU QA 9 -22.70 110.07 72.98
CA LEU QA 9 -23.30 109.18 73.95
C LEU QA 9 -22.67 109.42 75.30
N GLY QA 10 -23.47 109.85 76.27
CA GLY QA 10 -23.00 110.17 77.60
C GLY QA 10 -23.60 109.23 78.65
N ASN QA 11 -23.06 109.34 79.86
CA ASN QA 11 -23.51 108.55 80.99
C ASN QA 11 -23.20 107.07 80.75
N ILE QA 12 -21.91 106.77 80.66
CA ILE QA 12 -21.40 105.50 80.19
C ILE QA 12 -20.40 104.95 81.21
N GLY QA 13 -20.24 103.63 81.21
CA GLY QA 13 -19.39 102.93 82.18
C GLY QA 13 -20.22 102.41 83.34
N LYS QA 14 -19.58 101.76 84.33
CA LYS QA 14 -20.38 101.46 85.52
C LYS QA 14 -20.90 102.74 86.13
N ASP QA 15 -20.03 103.71 86.35
CA ASP QA 15 -20.43 104.95 86.99
C ASP QA 15 -21.34 105.77 86.11
N GLY QA 16 -21.44 105.45 84.83
CA GLY QA 16 -22.22 106.25 83.93
C GLY QA 16 -21.67 107.66 83.86
N LYS QA 17 -20.37 107.80 83.60
CA LYS QA 17 -19.78 109.13 83.56
C LYS QA 17 -18.93 109.40 82.33
N GLN QA 18 -18.37 108.41 81.66
CA GLN QA 18 -17.57 108.71 80.49
C GLN QA 18 -18.49 109.08 79.33
N THR QA 19 -17.87 109.52 78.23
CA THR QA 19 -18.62 109.95 77.05
C THR QA 19 -17.89 109.49 75.80
N LEU QA 20 -18.68 109.17 74.77
CA LEU QA 20 -18.15 108.64 73.52
C LEU QA 20 -18.69 109.47 72.38
N VAL QA 21 -17.80 109.94 71.53
CA VAL QA 21 -18.17 110.74 70.37
C VAL QA 21 -17.76 109.94 69.15
N LEU QA 22 -18.75 109.46 68.41
CA LEU QA 22 -18.52 108.61 67.25
C LEU QA 22 -18.66 109.44 65.99
N ASN QA 23 -17.67 109.44 65.18
CA ASN QA 23 -17.77 110.15 63.94
C ASN QA 23 -18.14 109.19 62.80
N PRO QA 24 -18.92 109.66 61.83
CA PRO QA 24 -19.32 108.77 60.74
C PRO QA 24 -18.14 108.39 59.87
N ARG QA 25 -18.19 107.17 59.33
CA ARG QA 25 -17.18 106.67 58.42
C ARG QA 25 -17.75 106.36 57.05
N GLY QA 26 -18.92 106.92 56.72
CA GLY QA 26 -19.52 106.65 55.44
C GLY QA 26 -20.28 105.34 55.42
N VAL QA 27 -20.58 104.91 54.20
CA VAL QA 27 -21.39 103.71 53.97
C VAL QA 27 -20.71 102.85 52.93
N ASN QA 28 -20.57 101.57 53.23
CA ASN QA 28 -19.98 100.67 52.25
C ASN QA 28 -20.90 100.56 51.05
N PRO QA 29 -20.41 100.77 49.83
CA PRO QA 29 -21.31 100.70 48.68
C PRO QA 29 -21.86 99.32 48.43
N THR QA 30 -21.18 98.26 48.85
CA THR QA 30 -21.65 96.90 48.54
C THR QA 30 -22.60 96.42 49.63
N ASN QA 31 -22.08 96.24 50.85
CA ASN QA 31 -22.92 95.74 51.93
C ASN QA 31 -23.95 96.77 52.33
N GLY QA 32 -23.73 98.03 51.96
CA GLY QA 32 -24.66 99.10 52.29
C GLY QA 32 -24.82 99.24 53.78
N VAL QA 33 -23.71 99.26 54.50
CA VAL QA 33 -23.73 99.28 55.96
C VAL QA 33 -22.97 100.53 56.41
N ALA QA 34 -23.62 101.34 57.22
CA ALA QA 34 -22.97 102.54 57.74
C ALA QA 34 -22.06 102.17 58.89
N SER QA 35 -21.02 102.97 59.08
CA SER QA 35 -20.09 102.74 60.17
C SER QA 35 -19.67 104.06 60.80
N LEU QA 36 -19.37 104.00 62.09
CA LEU QA 36 -19.02 105.15 62.90
C LEU QA 36 -17.81 104.81 63.73
N SER QA 37 -17.01 105.82 64.07
CA SER QA 37 -15.78 105.55 64.79
C SER QA 37 -15.50 106.66 65.79
N GLN QA 38 -14.81 106.29 66.86
CA GLN QA 38 -14.34 107.26 67.82
C GLN QA 38 -13.10 107.95 67.28
N ALA QA 39 -13.04 109.26 67.47
CA ALA QA 39 -11.88 110.01 67.03
C ALA QA 39 -10.67 109.63 67.87
N GLY QA 40 -9.56 109.34 67.20
CA GLY QA 40 -8.32 109.17 67.93
C GLY QA 40 -7.13 109.20 67.00
N ALA QA 41 -5.96 108.89 67.58
CA ALA QA 41 -4.71 108.97 66.85
C ALA QA 41 -4.48 107.75 65.98
N VAL QA 42 -4.71 106.56 66.51
CA VAL QA 42 -4.37 105.31 65.83
C VAL QA 42 -5.67 104.67 65.35
N PRO QA 43 -5.92 104.58 64.05
CA PRO QA 43 -7.20 104.02 63.59
C PRO QA 43 -7.45 102.63 64.09
N ALA QA 44 -6.41 101.82 64.22
CA ALA QA 44 -6.62 100.44 64.62
C ALA QA 44 -7.17 100.35 66.03
N LEU QA 45 -7.04 101.40 66.82
CA LEU QA 45 -7.45 101.35 68.21
C LEU QA 45 -8.63 102.28 68.48
N GLU QA 46 -9.51 102.44 67.50
CA GLU QA 46 -10.68 103.28 67.69
C GLU QA 46 -11.92 102.42 67.80
N LYS QA 47 -12.84 102.87 68.64
CA LYS QA 47 -14.09 102.16 68.84
C LYS QA 47 -14.99 102.36 67.64
N ARG QA 48 -15.36 101.27 66.98
CA ARG QA 48 -16.21 101.33 65.80
C ARG QA 48 -17.59 100.78 66.12
N VAL QA 49 -18.58 101.28 65.40
CA VAL QA 49 -19.93 100.77 65.53
C VAL QA 49 -20.58 100.72 64.15
N THR QA 50 -21.20 99.60 63.82
CA THR QA 50 -21.78 99.40 62.49
C THR QA 50 -23.28 99.32 62.58
N VAL QA 51 -23.96 99.79 61.54
CA VAL QA 51 -25.41 99.76 61.45
C VAL QA 51 -25.80 99.37 60.04
N SER QA 52 -26.61 98.33 59.90
CA SER QA 52 -27.09 97.88 58.61
C SER QA 52 -28.58 97.61 58.69
N VAL QA 53 -29.30 97.90 57.62
CA VAL QA 53 -30.72 97.55 57.50
C VAL QA 53 -30.92 96.92 56.12
N SER QA 54 -30.94 95.61 56.09
CA SER QA 54 -31.24 94.91 54.85
C SER QA 54 -32.65 95.24 54.39
N GLN QA 55 -32.84 95.18 53.09
CA GLN QA 55 -34.15 95.33 52.51
C GLN QA 55 -34.81 93.96 52.41
N PRO QA 56 -36.13 93.91 52.27
CA PRO QA 56 -36.80 92.61 52.32
C PRO QA 56 -36.31 91.67 51.23
N SER QA 57 -36.19 90.40 51.59
CA SER QA 57 -35.78 89.38 50.64
C SER QA 57 -36.97 88.91 49.83
N ARG QA 58 -36.81 87.80 49.12
CA ARG QA 58 -37.86 87.28 48.26
C ARG QA 58 -38.73 86.27 49.00
N ASN QA 59 -40.05 86.43 48.88
CA ASN QA 59 -41.04 85.43 49.30
C ASN QA 59 -41.18 85.31 50.81
N ARG QA 60 -40.28 85.94 51.55
CA ARG QA 60 -40.34 85.96 53.00
C ARG QA 60 -40.28 87.38 53.53
N LYS QA 61 -39.46 88.20 52.89
CA LYS QA 61 -39.37 89.65 53.06
C LYS QA 61 -38.72 90.04 54.39
N ASN QA 62 -38.87 89.24 55.43
CA ASN QA 62 -37.92 89.16 56.55
C ASN QA 62 -37.10 90.43 56.82
N TYR QA 63 -37.72 91.58 57.14
CA TYR QA 63 -36.96 92.80 57.41
C TYR QA 63 -35.90 92.55 58.48
N LYS QA 64 -34.68 93.00 58.22
CA LYS QA 64 -33.56 92.71 59.11
C LYS QA 64 -32.74 93.97 59.36
N VAL QA 65 -32.23 94.08 60.58
CA VAL QA 65 -31.34 95.17 60.96
C VAL QA 65 -30.24 94.61 61.86
N GLN QA 66 -29.04 95.14 61.71
CA GLN QA 66 -27.87 94.64 62.39
C GLN QA 66 -27.03 95.77 62.95
N VAL QA 67 -26.39 95.51 64.09
CA VAL QA 67 -25.58 96.50 64.77
C VAL QA 67 -24.34 95.81 65.32
N LYS QA 68 -23.17 96.12 64.75
CA LYS QA 68 -21.88 95.61 65.22
C LYS QA 68 -21.20 96.70 66.03
N ILE QA 69 -20.87 96.36 67.27
CA ILE QA 69 -20.06 97.19 68.13
C ILE QA 69 -18.70 96.53 68.26
N GLN QA 70 -17.64 97.29 68.04
CA GLN QA 70 -16.28 96.78 68.09
C GLN QA 70 -15.48 97.63 69.07
N ASN QA 71 -14.98 97.02 70.12
CA ASN QA 71 -14.17 97.73 71.10
C ASN QA 71 -12.81 97.07 71.25
N PRO QA 72 -11.75 97.63 70.70
CA PRO QA 72 -10.43 97.02 70.85
C PRO QA 72 -9.65 97.60 72.01
N THR QA 73 -8.56 96.94 72.34
CA THR QA 73 -7.63 97.41 73.36
C THR QA 73 -6.30 96.74 73.12
N ALA QA 74 -5.24 97.54 73.01
CA ALA QA 74 -3.91 97.06 72.73
C ALA QA 74 -3.04 97.23 73.96
N CYS QA 75 -1.79 96.80 73.85
CA CYS QA 75 -0.83 96.93 74.95
C CYS QA 75 0.56 96.87 74.33
N THR QA 76 1.17 98.04 74.16
CA THR QA 76 2.45 98.11 73.46
C THR QA 76 3.49 97.24 74.18
N ALA QA 77 3.98 96.23 73.47
CA ALA QA 77 4.96 95.31 74.04
C ALA QA 77 6.33 95.97 74.10
N ASN QA 78 7.15 95.47 75.03
CA ASN QA 78 8.50 95.99 75.21
C ASN QA 78 9.33 95.73 73.96
N GLY QA 79 9.90 96.80 73.39
CA GLY QA 79 10.66 96.69 72.16
C GLY QA 79 9.84 96.81 70.91
N SER QA 80 8.52 96.85 71.02
CA SER QA 80 7.63 97.00 69.88
C SER QA 80 7.11 98.43 69.83
N CYS QA 81 7.33 99.10 68.69
CA CYS QA 81 6.90 100.48 68.51
C CYS QA 81 5.52 100.58 67.89
N ASP QA 82 4.66 99.61 68.12
CA ASP QA 82 3.34 99.58 67.52
C ASP QA 82 2.32 99.06 68.53
N PRO QA 83 1.33 99.86 68.92
CA PRO QA 83 0.34 99.35 69.87
C PRO QA 83 -0.53 98.28 69.24
N SER QA 84 0.02 97.09 69.09
CA SER QA 84 -0.71 96.00 68.45
C SER QA 84 -1.91 95.60 69.29
N VAL QA 85 -3.07 95.47 68.64
CA VAL QA 85 -4.30 95.14 69.35
C VAL QA 85 -4.20 93.73 69.89
N THR QA 86 -4.39 93.59 71.19
CA THR QA 86 -4.35 92.29 71.84
C THR QA 86 -5.68 91.87 72.43
N ARG QA 87 -6.74 92.65 72.23
CA ARG QA 87 -7.95 92.42 73.01
C ARG QA 87 -9.11 93.03 72.24
N GLN QA 88 -10.17 92.25 72.03
CA GLN QA 88 -11.28 92.71 71.21
C GLN QA 88 -12.60 92.30 71.84
N ALA QA 89 -13.55 93.22 71.88
CA ALA QA 89 -14.90 92.96 72.35
C ALA QA 89 -15.88 93.19 71.22
N TYR QA 90 -16.75 92.21 70.98
CA TYR QA 90 -17.78 92.29 69.95
C TYR QA 90 -19.14 92.44 70.62
N ALA QA 91 -20.03 93.17 69.96
CA ALA QA 91 -21.42 93.20 70.36
C ALA QA 91 -22.29 93.19 69.10
N ASP QA 92 -23.00 92.10 68.89
CA ASP QA 92 -23.84 91.90 67.70
C ASP QA 92 -25.31 91.97 68.11
N VAL QA 93 -26.02 92.93 67.56
CA VAL QA 93 -27.45 93.10 67.78
C VAL QA 93 -28.18 92.85 66.48
N THR QA 94 -29.18 91.97 66.51
CA THR QA 94 -29.86 91.54 65.29
C THR QA 94 -31.35 91.60 65.53
N PHE QA 95 -32.03 92.44 64.78
CA PHE QA 95 -33.46 92.64 64.89
C PHE QA 95 -34.14 92.20 63.62
N SER QA 96 -35.23 91.45 63.77
CA SER QA 96 -35.96 90.90 62.63
C SER QA 96 -37.43 91.21 62.79
N PHE QA 97 -38.03 91.68 61.70
CA PHE QA 97 -39.40 92.15 61.68
C PHE QA 97 -40.09 91.52 60.49
N THR QA 98 -41.40 91.32 60.61
CA THR QA 98 -42.16 90.91 59.46
C THR QA 98 -42.41 92.11 58.57
N GLN QA 99 -42.80 91.83 57.32
CA GLN QA 99 -43.01 92.93 56.40
C GLN QA 99 -44.22 93.76 56.79
N TYR QA 100 -45.05 93.28 57.70
CA TYR QA 100 -46.21 94.04 58.15
C TYR QA 100 -46.04 94.54 59.58
N SER QA 101 -44.82 94.52 60.10
CA SER QA 101 -44.59 95.03 61.44
C SER QA 101 -44.96 96.50 61.50
N THR QA 102 -45.05 97.03 62.71
CA THR QA 102 -45.43 98.41 62.90
C THR QA 102 -44.41 99.12 63.77
N ASP QA 103 -44.18 100.38 63.41
CA ASP QA 103 -43.36 101.25 64.23
C ASP QA 103 -43.64 101.05 65.71
N GLU QA 104 -44.90 100.81 66.08
CA GLU QA 104 -45.22 100.61 67.49
C GLU QA 104 -44.42 99.47 68.09
N GLU QA 105 -44.66 98.26 67.61
CA GLU QA 105 -43.94 97.11 68.15
C GLU QA 105 -42.44 97.30 68.01
N ARG QA 106 -42.01 97.86 66.89
CA ARG QA 106 -40.58 97.99 66.65
C ARG QA 106 -39.94 98.82 67.76
N ALA QA 107 -40.52 99.99 68.04
CA ALA QA 107 -40.03 100.81 69.13
C ALA QA 107 -40.17 100.09 70.46
N PHE QA 108 -41.24 99.32 70.62
CA PHE QA 108 -41.39 98.57 71.86
C PHE QA 108 -40.18 97.68 72.07
N VAL QA 109 -39.81 96.94 71.03
CA VAL QA 109 -38.68 96.02 71.10
C VAL QA 109 -37.42 96.79 71.40
N ARG QA 110 -37.22 97.90 70.71
CA ARG QA 110 -36.04 98.70 70.95
C ARG QA 110 -35.92 99.07 72.41
N THR QA 111 -36.89 99.83 72.91
CA THR QA 111 -36.78 100.32 74.26
C THR QA 111 -36.73 99.17 75.26
N GLU QA 112 -37.32 98.02 74.91
CA GLU QA 112 -37.34 96.92 75.85
C GLU QA 112 -35.96 96.31 75.98
N LEU QA 113 -35.29 96.12 74.85
CA LEU QA 113 -33.89 95.73 74.90
C LEU QA 113 -33.10 96.74 75.71
N ALA QA 114 -33.39 98.03 75.51
CA ALA QA 114 -32.65 99.07 76.24
C ALA QA 114 -32.82 98.90 77.74
N ALA QA 115 -34.05 98.77 78.18
CA ALA QA 115 -34.32 98.65 79.59
C ALA QA 115 -33.70 97.39 80.16
N LEU QA 116 -33.74 96.28 79.43
CA LEU QA 116 -33.11 95.08 79.96
C LEU QA 116 -31.61 95.29 80.09
N LEU QA 117 -31.01 95.95 79.11
CA LEU QA 117 -29.59 96.24 79.19
C LEU QA 117 -29.27 97.17 80.35
N ALA QA 118 -30.27 97.91 80.83
CA ALA QA 118 -30.11 98.70 82.04
C ALA QA 118 -30.41 97.94 83.32
N SER QA 119 -31.22 96.88 83.24
CA SER QA 119 -31.73 96.22 84.43
C SER QA 119 -30.64 95.43 85.13
N PRO QA 120 -30.83 95.14 86.40
CA PRO QA 120 -29.80 94.40 87.14
C PRO QA 120 -29.46 93.09 86.49
N LEU QA 121 -30.46 92.41 85.91
CA LEU QA 121 -30.26 91.07 85.40
C LEU QA 121 -29.12 91.05 84.40
N LEU QA 122 -29.27 91.75 83.29
CA LEU QA 122 -28.20 91.72 82.30
C LEU QA 122 -26.92 92.33 82.87
N ILE QA 123 -27.04 93.29 83.79
CA ILE QA 123 -25.84 93.87 84.38
C ILE QA 123 -24.98 92.78 85.00
N ASP QA 124 -25.60 91.92 85.81
CA ASP QA 124 -24.83 90.86 86.43
C ASP QA 124 -24.50 89.76 85.45
N ALA QA 125 -25.33 89.57 84.43
CA ALA QA 125 -25.04 88.58 83.41
C ALA QA 125 -23.80 88.94 82.63
N ILE QA 126 -23.56 90.23 82.48
CA ILE QA 126 -22.55 90.76 81.57
C ILE QA 126 -21.29 91.18 82.31
N ASP QA 127 -21.39 92.17 83.19
CA ASP QA 127 -20.19 92.73 83.77
C ASP QA 127 -19.43 91.67 84.52
N GLN QA 128 -20.14 90.82 85.27
CA GLN QA 128 -19.51 89.78 86.05
C GLN QA 128 -19.64 88.39 85.42
N LEU QA 129 -20.25 88.29 84.24
CA LEU QA 129 -20.38 87.02 83.55
C LEU QA 129 -21.00 85.96 84.46
N ASN QA 130 -22.18 86.27 84.97
CA ASN QA 130 -22.86 85.37 85.87
C ASN QA 130 -24.03 84.71 85.14
N PRO QA 131 -23.98 83.42 84.85
CA PRO QA 131 -25.17 82.75 84.32
C PRO QA 131 -26.38 83.00 85.18
N ALA QA 132 -27.47 83.35 84.52
CA ALA QA 132 -28.69 83.69 85.22
C ALA QA 132 -29.35 82.41 85.72
N TYR QA 133 -29.72 82.41 87.00
CA TYR QA 133 -30.52 81.34 87.59
C TYR QA 133 -30.97 81.74 88.98
N ALA RA 2 -59.76 12.94 116.02
CA ALA RA 2 -60.66 12.96 114.82
C ALA RA 2 -61.27 11.57 114.60
N LYS RA 3 -61.95 11.07 115.62
CA LYS RA 3 -62.49 9.72 115.56
C LYS RA 3 -63.59 9.62 114.52
N LEU RA 4 -63.66 8.48 113.85
CA LEU RA 4 -64.65 8.22 112.82
C LEU RA 4 -65.82 7.45 113.40
N GLU RA 5 -67.02 7.97 113.21
CA GLU RA 5 -68.23 7.31 113.68
C GLU RA 5 -69.41 7.88 112.92
N THR RA 6 -70.61 7.54 113.37
CA THR RA 6 -71.84 7.98 112.70
C THR RA 6 -72.10 9.45 113.00
N VAL RA 7 -72.38 10.21 111.94
CA VAL RA 7 -72.63 11.63 112.04
C VAL RA 7 -74.10 11.87 111.74
N THR RA 8 -74.77 12.59 112.63
CA THR RA 8 -76.19 12.88 112.49
C THR RA 8 -76.37 14.38 112.24
N LEU RA 9 -76.46 14.74 110.97
CA LEU RA 9 -76.61 16.14 110.59
C LEU RA 9 -78.11 16.45 110.57
N GLY RA 10 -78.58 17.20 111.57
CA GLY RA 10 -79.98 17.53 111.67
C GLY RA 10 -80.30 18.95 111.23
N ASN RA 11 -81.57 19.24 110.98
CA ASN RA 11 -81.98 20.59 110.59
C ASN RA 11 -81.27 21.03 109.32
N ILE RA 12 -81.60 20.34 108.23
CA ILE RA 12 -80.86 20.46 106.99
C ILE RA 12 -81.86 20.71 105.87
N GLY RA 13 -81.47 21.56 104.93
CA GLY RA 13 -82.26 21.84 103.75
C GLY RA 13 -82.78 23.27 103.74
N LYS RA 14 -83.57 23.57 102.70
CA LYS RA 14 -84.18 24.89 102.60
C LYS RA 14 -84.88 25.27 103.88
N ASP RA 15 -85.74 24.38 104.35
CA ASP RA 15 -86.57 24.69 105.48
C ASP RA 15 -86.04 24.06 106.76
N GLY RA 16 -84.90 23.36 106.68
CA GLY RA 16 -84.23 22.86 107.85
C GLY RA 16 -85.02 21.82 108.63
N LYS RA 17 -85.57 20.83 107.94
CA LYS RA 17 -86.16 19.66 108.58
C LYS RA 17 -85.60 18.31 108.16
N GLN RA 18 -84.86 18.23 107.07
CA GLN RA 18 -84.28 16.95 106.72
C GLN RA 18 -83.17 16.57 107.70
N THR RA 19 -82.72 15.32 107.59
CA THR RA 19 -81.64 14.81 108.41
C THR RA 19 -80.79 13.84 107.58
N LEU RA 20 -79.48 13.87 107.83
CA LEU RA 20 -78.53 13.06 107.08
C LEU RA 20 -77.71 12.23 108.05
N VAL RA 21 -77.72 10.92 107.86
CA VAL RA 21 -76.97 10.01 108.69
C VAL RA 21 -75.80 9.52 107.86
N LEU RA 22 -74.60 9.85 108.28
CA LEU RA 22 -73.38 9.52 107.53
C LEU RA 22 -72.55 8.54 108.34
N ASN RA 23 -72.36 7.44 107.82
CA ASN RA 23 -71.64 6.38 108.48
C ASN RA 23 -70.22 6.28 107.94
N PRO RA 24 -69.30 5.79 108.75
CA PRO RA 24 -67.88 5.83 108.41
C PRO RA 24 -67.51 4.83 107.33
N ARG RA 25 -66.36 5.09 106.72
CA ARG RA 25 -65.82 4.26 105.66
C ARG RA 25 -64.38 3.89 105.99
N GLY RA 26 -63.65 3.38 105.00
CA GLY RA 26 -62.24 3.10 105.15
C GLY RA 26 -61.41 4.31 104.71
N VAL RA 27 -60.47 4.69 105.57
CA VAL RA 27 -59.65 5.86 105.32
C VAL RA 27 -58.62 5.52 104.26
N ASN RA 28 -58.70 6.18 103.11
CA ASN RA 28 -57.85 5.94 101.95
C ASN RA 28 -56.37 5.81 102.27
N PRO RA 29 -55.79 4.61 102.23
CA PRO RA 29 -54.35 4.52 102.41
C PRO RA 29 -53.57 5.36 101.43
N THR RA 30 -53.95 5.36 100.16
CA THR RA 30 -53.11 5.97 99.15
C THR RA 30 -52.98 7.47 99.35
N ASN RA 31 -53.90 8.08 100.09
CA ASN RA 31 -53.80 9.52 100.31
C ASN RA 31 -54.19 9.93 101.72
N GLY RA 32 -54.48 8.99 102.62
CA GLY RA 32 -54.84 9.35 103.97
C GLY RA 32 -56.01 10.29 104.01
N VAL RA 33 -57.17 9.83 103.57
CA VAL RA 33 -58.39 10.63 103.58
C VAL RA 33 -59.50 9.75 104.12
N ALA RA 34 -60.17 10.22 105.16
CA ALA RA 34 -61.33 9.53 105.69
C ALA RA 34 -62.56 9.89 104.87
N SER RA 35 -63.57 9.02 104.91
CA SER RA 35 -64.77 9.28 104.16
C SER RA 35 -66.01 8.79 104.91
N LEU RA 36 -67.10 9.49 104.66
CA LEU RA 36 -68.40 9.25 105.26
C LEU RA 36 -69.42 9.13 104.14
N SER RA 37 -70.38 8.21 104.31
CA SER RA 37 -71.35 7.98 103.25
C SER RA 37 -72.72 7.82 103.86
N GLN RA 38 -73.75 8.07 103.04
CA GLN RA 38 -75.12 8.01 103.54
C GLN RA 38 -75.40 6.67 104.20
N ALA RA 39 -76.47 6.61 104.99
CA ALA RA 39 -76.77 5.39 105.73
C ALA RA 39 -76.80 4.18 104.81
N GLY RA 40 -77.21 4.37 103.58
CA GLY RA 40 -77.27 3.31 102.60
C GLY RA 40 -78.70 2.99 102.21
N ALA RA 41 -78.86 1.91 101.46
CA ALA RA 41 -77.77 1.02 101.07
C ALA RA 41 -77.02 1.59 99.88
N VAL RA 42 -77.70 1.66 98.74
CA VAL RA 42 -77.07 2.20 97.53
C VAL RA 42 -76.58 3.61 97.77
N PRO RA 43 -77.37 4.53 98.32
CA PRO RA 43 -76.88 5.89 98.54
C PRO RA 43 -75.52 5.93 99.23
N ALA RA 44 -75.14 4.82 99.89
CA ALA RA 44 -73.79 4.70 100.41
C ALA RA 44 -72.77 4.72 99.27
N LEU RA 45 -73.19 4.37 98.06
CA LEU RA 45 -72.34 4.50 96.89
C LEU RA 45 -72.68 5.73 96.06
N GLU RA 46 -73.44 6.67 96.63
CA GLU RA 46 -73.77 7.90 95.93
C GLU RA 46 -73.35 9.16 96.71
N LYS RA 47 -73.82 9.35 97.93
CA LYS RA 47 -73.44 10.52 98.70
C LYS RA 47 -72.11 10.30 99.39
N ARG RA 48 -71.32 11.36 99.52
CA ARG RA 48 -70.01 11.18 100.12
C ARG RA 48 -69.51 12.47 100.74
N VAL RA 49 -68.67 12.32 101.76
CA VAL RA 49 -68.01 13.44 102.41
C VAL RA 49 -66.62 12.97 102.79
N THR RA 50 -65.60 13.50 102.14
CA THR RA 50 -64.22 13.14 102.37
C THR RA 50 -63.51 14.23 103.16
N VAL RA 51 -62.66 13.81 104.09
CA VAL RA 51 -61.91 14.73 104.93
C VAL RA 51 -60.45 14.30 104.93
N SER RA 52 -59.55 15.26 104.73
CA SER RA 52 -58.12 15.00 104.66
C SER RA 52 -57.37 16.05 105.46
N VAL RA 53 -56.25 15.62 106.04
CA VAL RA 53 -55.44 16.44 106.93
C VAL RA 53 -53.99 16.32 106.49
N SER RA 54 -53.48 17.38 105.88
CA SER RA 54 -52.15 17.40 105.28
C SER RA 54 -51.16 18.09 106.22
N GLN RA 55 -50.08 17.38 106.55
CA GLN RA 55 -49.06 17.84 107.49
C GLN RA 55 -48.00 18.66 106.76
N PRO RA 56 -47.05 19.24 107.48
CA PRO RA 56 -46.03 20.06 106.82
C PRO RA 56 -45.12 19.21 105.95
N SER RA 57 -44.51 19.85 104.97
CA SER RA 57 -43.46 19.24 104.18
C SER RA 57 -42.75 20.35 103.40
N ARG RA 58 -41.89 19.94 102.47
CA ARG RA 58 -41.27 20.93 101.61
C ARG RA 58 -42.33 21.61 100.75
N ASN RA 59 -43.28 20.84 100.25
CA ASN RA 59 -44.38 21.41 99.48
C ASN RA 59 -45.32 22.19 100.39
N ARG RA 60 -45.55 21.68 101.60
CA ARG RA 60 -46.58 22.15 102.52
C ARG RA 60 -45.96 22.82 103.76
N LYS RA 61 -46.59 23.84 104.33
CA LYS RA 61 -45.84 24.61 105.32
C LYS RA 61 -46.39 24.73 106.75
N ASN RA 62 -47.56 25.33 107.01
CA ASN RA 62 -48.82 25.41 106.26
C ASN RA 62 -49.50 24.06 106.15
N TYR RA 63 -49.96 23.60 107.31
CA TYR RA 63 -50.96 22.55 107.39
C TYR RA 63 -52.13 22.86 106.48
N LYS RA 64 -52.72 21.82 105.92
CA LYS RA 64 -53.92 21.97 105.10
C LYS RA 64 -54.98 21.01 105.58
N VAL RA 65 -56.24 21.41 105.49
CA VAL RA 65 -57.37 20.55 105.82
C VAL RA 65 -58.39 20.68 104.70
N GLN RA 66 -58.71 19.55 104.07
CA GLN RA 66 -59.60 19.51 102.91
C GLN RA 66 -60.87 18.75 103.26
N VAL RA 67 -62.00 19.25 102.79
CA VAL RA 67 -63.29 18.63 102.99
C VAL RA 67 -64.04 18.71 101.67
N LYS RA 68 -64.33 17.57 101.08
CA LYS RA 68 -65.04 17.49 99.81
C LYS RA 68 -66.39 16.85 100.07
N ILE RA 69 -67.45 17.54 99.70
CA ILE RA 69 -68.81 17.05 99.87
C ILE RA 69 -69.39 16.83 98.50
N GLN RA 70 -69.95 15.63 98.27
CA GLN RA 70 -70.50 15.24 96.98
C GLN RA 70 -71.90 14.69 97.17
N ASN RA 71 -72.87 15.24 96.45
CA ASN RA 71 -74.24 14.74 96.43
C ASN RA 71 -74.67 14.58 94.97
N PRO RA 72 -74.72 13.37 94.47
CA PRO RA 72 -75.20 13.18 93.11
C PRO RA 72 -76.69 12.91 93.05
N THR RA 73 -77.41 13.65 92.23
CA THR RA 73 -78.83 13.40 92.05
C THR RA 73 -79.03 12.45 90.87
N ALA RA 74 -79.80 11.41 91.08
CA ALA RA 74 -80.04 10.38 90.10
C ALA RA 74 -81.54 10.14 89.96
N CYS RA 75 -81.89 9.38 88.93
CA CYS RA 75 -83.27 8.92 88.80
C CYS RA 75 -83.31 7.73 87.86
N THR RA 76 -84.50 7.16 87.73
CA THR RA 76 -84.71 5.95 86.93
C THR RA 76 -85.62 6.27 85.76
N ALA RA 77 -85.15 5.90 84.56
CA ALA RA 77 -85.96 6.07 83.37
C ALA RA 77 -87.25 5.28 83.50
N ASN RA 78 -88.32 5.83 82.94
CA ASN RA 78 -89.61 5.18 83.06
C ASN RA 78 -89.60 3.91 82.21
N GLY RA 79 -89.04 2.85 82.79
CA GLY RA 79 -88.90 1.60 82.08
C GLY RA 79 -87.58 0.93 82.44
N SER RA 80 -86.62 1.73 82.89
CA SER RA 80 -85.37 1.19 83.42
C SER RA 80 -85.64 0.60 84.80
N CYS RA 81 -84.61 0.02 85.42
CA CYS RA 81 -84.70 -0.35 86.82
C CYS RA 81 -83.63 0.37 87.61
N ASP RA 82 -82.39 0.24 87.17
CA ASP RA 82 -81.30 0.88 87.86
C ASP RA 82 -81.34 2.38 87.67
N PRO RA 83 -81.32 3.17 88.74
CA PRO RA 83 -81.20 4.62 88.56
C PRO RA 83 -79.79 5.03 88.17
N SER RA 84 -79.72 6.04 87.31
CA SER RA 84 -78.46 6.63 86.90
C SER RA 84 -78.40 8.08 87.35
N VAL RA 85 -77.19 8.57 87.59
CA VAL RA 85 -77.01 9.94 88.05
C VAL RA 85 -77.23 10.91 86.89
N THR RA 86 -78.21 11.79 87.06
CA THR RA 86 -78.48 12.81 86.05
C THR RA 86 -77.79 14.12 86.35
N ARG RA 87 -77.39 14.36 87.59
CA ARG RA 87 -76.78 15.63 87.96
C ARG RA 87 -75.91 15.41 89.19
N GLN RA 88 -75.13 16.42 89.52
CA GLN RA 88 -74.34 16.38 90.74
C GLN RA 88 -74.23 17.77 91.33
N ALA RA 89 -73.94 17.81 92.63
CA ALA RA 89 -73.49 19.01 93.29
C ALA RA 89 -72.35 18.63 94.21
N TYR RA 90 -71.44 19.58 94.44
CA TYR RA 90 -70.40 19.31 95.41
C TYR RA 90 -69.67 20.59 95.75
N ALA RA 91 -69.06 20.58 96.92
CA ALA RA 91 -68.34 21.72 97.43
C ALA RA 91 -67.03 21.27 98.03
N ASP RA 92 -66.06 22.18 98.04
CA ASP RA 92 -64.69 21.88 98.42
C ASP RA 92 -64.21 22.95 99.36
N VAL RA 93 -64.00 22.59 100.62
CA VAL RA 93 -63.53 23.51 101.64
C VAL RA 93 -62.08 23.19 101.95
N THR RA 94 -61.23 24.22 101.94
CA THR RA 94 -59.80 24.03 102.16
C THR RA 94 -59.30 25.09 103.12
N PHE RA 95 -59.01 24.68 104.35
CA PHE RA 95 -58.35 25.55 105.31
C PHE RA 95 -56.84 25.39 105.21
N SER RA 96 -56.13 26.50 105.31
CA SER RA 96 -54.67 26.48 105.34
C SER RA 96 -54.23 27.26 106.56
N PHE RA 97 -53.40 26.65 107.40
CA PHE RA 97 -52.92 27.30 108.61
C PHE RA 97 -51.42 27.12 108.74
N THR RA 98 -50.76 28.13 109.29
CA THR RA 98 -49.32 28.06 109.47
C THR RA 98 -48.99 27.26 110.72
N GLN RA 99 -47.78 26.70 110.75
CA GLN RA 99 -47.39 25.83 111.85
C GLN RA 99 -47.56 26.53 113.18
N TYR RA 100 -47.34 27.84 113.24
CA TYR RA 100 -47.51 28.61 114.45
C TYR RA 100 -48.96 28.94 114.71
N SER RA 101 -49.86 28.49 113.85
CA SER RA 101 -51.27 28.75 114.07
C SER RA 101 -51.68 28.29 115.46
N THR RA 102 -52.83 28.76 115.91
CA THR RA 102 -53.37 28.34 117.20
C THR RA 102 -54.77 27.79 117.05
N ASP RA 103 -55.09 26.89 117.97
CA ASP RA 103 -56.42 26.35 118.08
C ASP RA 103 -57.47 27.45 118.11
N GLU RA 104 -57.20 28.51 118.86
CA GLU RA 104 -58.15 29.60 118.96
C GLU RA 104 -58.53 30.11 117.58
N GLU RA 105 -57.55 30.53 116.81
CA GLU RA 105 -57.85 31.11 115.51
C GLU RA 105 -58.48 30.07 114.60
N ARG RA 106 -58.02 28.83 114.65
CA ARG RA 106 -58.61 27.83 113.77
C ARG RA 106 -60.10 27.67 114.06
N ALA RA 107 -60.45 27.54 115.34
CA ALA RA 107 -61.87 27.45 115.68
C ALA RA 107 -62.61 28.70 115.26
N PHE RA 108 -61.98 29.85 115.44
CA PHE RA 108 -62.62 31.10 115.07
C PHE RA 108 -62.97 31.10 113.59
N VAL RA 109 -62.02 30.69 112.74
CA VAL RA 109 -62.30 30.70 111.31
C VAL RA 109 -63.35 29.65 110.99
N ARG RA 110 -63.28 28.51 111.66
CA ARG RA 110 -64.29 27.47 111.43
C ARG RA 110 -65.68 28.05 111.62
N THR RA 111 -65.97 28.47 112.83
CA THR RA 111 -67.29 29.04 113.09
C THR RA 111 -67.55 30.28 112.26
N GLU RA 112 -66.51 30.97 111.82
CA GLU RA 112 -66.70 32.11 110.93
C GLU RA 112 -67.35 31.66 109.63
N LEU RA 113 -66.76 30.66 108.99
CA LEU RA 113 -67.34 30.12 107.78
C LEU RA 113 -68.73 29.60 108.09
N ALA RA 114 -68.91 29.02 109.27
CA ALA RA 114 -70.23 28.51 109.64
C ALA RA 114 -71.26 29.61 109.57
N ALA RA 115 -71.01 30.71 110.26
CA ALA RA 115 -71.98 31.78 110.34
C ALA RA 115 -72.19 32.41 108.99
N LEU RA 116 -71.14 32.59 108.21
CA LEU RA 116 -71.33 33.15 106.88
C LEU RA 116 -72.23 32.25 106.06
N LEU RA 117 -71.98 30.94 106.10
CA LEU RA 117 -72.78 30.03 105.31
C LEU RA 117 -74.23 30.06 105.78
N ALA RA 118 -74.45 30.28 107.07
CA ALA RA 118 -75.79 30.37 107.61
C ALA RA 118 -76.41 31.75 107.41
N SER RA 119 -75.65 32.70 106.96
CA SER RA 119 -76.12 34.08 106.94
C SER RA 119 -76.76 34.41 105.59
N PRO RA 120 -77.59 35.45 105.54
CA PRO RA 120 -78.39 35.69 104.32
C PRO RA 120 -77.55 35.77 103.07
N LEU RA 121 -76.37 36.39 103.17
CA LEU RA 121 -75.55 36.62 101.99
C LEU RA 121 -75.28 35.33 101.25
N LEU RA 122 -74.61 34.40 101.92
CA LEU RA 122 -74.28 33.14 101.28
C LEU RA 122 -75.53 32.38 100.90
N ILE RA 123 -76.57 32.51 101.72
CA ILE RA 123 -77.81 31.81 101.47
C ILE RA 123 -78.35 32.17 100.10
N ASP RA 124 -78.44 33.47 99.84
CA ASP RA 124 -78.90 33.95 98.55
C ASP RA 124 -77.92 33.58 97.46
N ALA RA 125 -76.65 33.82 97.71
CA ALA RA 125 -75.66 33.64 96.67
C ALA RA 125 -75.51 32.20 96.26
N ILE RA 126 -76.01 31.27 97.07
CA ILE RA 126 -75.82 29.85 96.80
C ILE RA 126 -77.14 29.28 96.31
N ASP RA 127 -78.21 29.49 97.07
CA ASP RA 127 -79.46 28.82 96.76
C ASP RA 127 -80.09 29.39 95.51
N GLN RA 128 -80.04 30.72 95.35
CA GLN RA 128 -80.52 31.38 94.15
C GLN RA 128 -79.40 31.82 93.22
N LEU RA 129 -78.15 31.53 93.58
CA LEU RA 129 -77.00 31.87 92.74
C LEU RA 129 -77.06 33.34 92.35
N ASN RA 130 -77.37 34.19 93.31
CA ASN RA 130 -77.48 35.62 93.02
C ASN RA 130 -76.22 36.31 93.50
N PRO RA 131 -75.37 36.82 92.60
CA PRO RA 131 -74.24 37.62 93.07
C PRO RA 131 -74.74 38.81 93.87
N ALA RA 132 -73.89 39.30 94.75
CA ALA RA 132 -74.31 40.31 95.71
C ALA RA 132 -74.30 41.68 95.06
N TYR RA 133 -75.48 42.24 94.83
CA TYR RA 133 -75.60 43.58 94.29
C TYR RA 133 -76.94 44.21 94.65
N ALA SA 2 -50.56 -3.02 120.56
CA ALA SA 2 -49.85 -1.73 120.61
C ALA SA 2 -50.82 -0.57 120.45
N LYS SA 3 -52.04 -0.77 120.93
CA LYS SA 3 -53.08 0.24 120.76
C LYS SA 3 -52.64 1.58 121.31
N LEU SA 4 -52.93 2.65 120.57
CA LEU SA 4 -52.58 3.99 121.00
C LEU SA 4 -53.31 4.35 122.28
N GLU SA 5 -52.73 5.28 123.02
CA GLU SA 5 -53.35 5.84 124.22
C GLU SA 5 -52.38 6.85 124.79
N THR SA 6 -52.86 7.61 125.78
CA THR SA 6 -52.03 8.64 126.37
C THR SA 6 -50.94 7.99 127.21
N VAL SA 7 -49.69 8.30 126.93
CA VAL SA 7 -48.58 7.67 127.63
C VAL SA 7 -47.97 8.70 128.55
N THR SA 8 -47.77 8.32 129.80
CA THR SA 8 -47.24 9.22 130.83
C THR SA 8 -45.87 8.69 131.24
N LEU SA 9 -44.85 9.43 130.86
CA LEU SA 9 -43.48 9.01 131.10
C LEU SA 9 -43.03 9.68 132.38
N GLY SA 10 -42.50 8.92 133.31
CA GLY SA 10 -42.28 9.43 134.66
C GLY SA 10 -41.02 10.25 134.82
N ASN SA 11 -40.25 9.96 135.85
CA ASN SA 11 -39.04 10.73 136.14
C ASN SA 11 -38.20 10.92 134.89
N ILE SA 12 -37.67 12.13 134.72
CA ILE SA 12 -37.10 12.56 133.46
C ILE SA 12 -36.24 13.79 133.73
N GLY SA 13 -35.10 13.89 133.03
CA GLY SA 13 -34.14 14.97 133.25
C GLY SA 13 -32.87 14.42 133.89
N LYS SA 14 -31.96 15.33 134.29
CA LYS SA 14 -30.76 14.81 134.96
C LYS SA 14 -31.21 14.23 136.27
N ASP SA 15 -31.82 15.09 137.07
CA ASP SA 15 -32.39 14.82 138.36
C ASP SA 15 -33.45 13.73 138.32
N GLY SA 16 -34.10 13.53 137.17
CA GLY SA 16 -35.19 12.60 137.11
C GLY SA 16 -36.35 13.00 138.00
N LYS SA 17 -36.91 14.19 137.76
CA LYS SA 17 -38.10 14.59 138.50
C LYS SA 17 -39.25 15.03 137.63
N GLN SA 18 -39.04 15.33 136.35
CA GLN SA 18 -40.13 15.86 135.55
C GLN SA 18 -40.88 14.71 134.88
N THR SA 19 -42.09 15.00 134.40
CA THR SA 19 -42.96 13.99 133.81
C THR SA 19 -43.56 14.51 132.51
N LEU SA 20 -43.83 13.59 131.59
CA LEU SA 20 -44.31 13.92 130.25
C LEU SA 20 -45.62 13.19 129.99
N VAL SA 21 -46.52 13.87 129.29
CA VAL SA 21 -47.85 13.34 129.00
C VAL SA 21 -48.10 13.50 127.51
N LEU SA 22 -47.99 12.40 126.76
CA LEU SA 22 -48.12 12.43 125.32
C LEU SA 22 -49.47 11.83 124.94
N ASN SA 23 -50.31 12.65 124.31
CA ASN SA 23 -51.62 12.19 123.90
C ASN SA 23 -51.56 11.49 122.55
N PRO SA 24 -52.49 10.55 122.31
CA PRO SA 24 -52.53 9.87 121.01
C PRO SA 24 -53.12 10.78 119.95
N ARG SA 25 -52.31 11.14 118.96
CA ARG SA 25 -52.81 11.98 117.88
C ARG SA 25 -53.49 11.13 116.81
N GLY SA 26 -52.73 10.25 116.17
CA GLY SA 26 -53.30 9.43 115.12
C GLY SA 26 -52.25 8.57 114.47
N VAL SA 27 -52.54 8.13 113.26
CA VAL SA 27 -51.61 7.31 112.50
C VAL SA 27 -51.66 7.72 111.04
N ASN SA 28 -50.61 8.39 110.57
CA ASN SA 28 -50.46 8.67 109.16
C ASN SA 28 -50.39 7.36 108.39
N PRO SA 29 -51.33 7.08 107.50
CA PRO SA 29 -51.30 5.82 106.77
C PRO SA 29 -50.30 5.82 105.63
N THR SA 30 -50.16 6.96 104.96
CA THR SA 30 -49.28 7.03 103.80
C THR SA 30 -47.94 6.38 104.08
N ASN SA 31 -47.55 6.33 105.34
CA ASN SA 31 -46.30 5.71 105.75
C ASN SA 31 -46.51 4.68 106.84
N GLY SA 32 -47.72 4.59 107.40
CA GLY SA 32 -47.94 3.72 108.52
C GLY SA 32 -47.10 4.14 109.72
N VAL SA 33 -47.31 5.36 110.20
CA VAL SA 33 -46.62 5.85 111.37
C VAL SA 33 -47.64 6.40 112.35
N ALA SA 34 -47.68 5.83 113.54
CA ALA SA 34 -48.49 6.41 114.59
C ALA SA 34 -47.68 7.48 115.28
N SER SA 35 -48.36 8.53 115.73
CA SER SA 35 -47.67 9.66 116.32
C SER SA 35 -48.38 10.14 117.57
N LEU SA 36 -47.59 10.63 118.52
CA LEU SA 36 -48.08 11.23 119.74
C LEU SA 36 -47.44 12.59 119.92
N SER SA 37 -48.13 13.45 120.65
CA SER SA 37 -47.63 14.80 120.88
C SER SA 37 -48.00 15.23 122.29
N GLN SA 38 -47.19 16.11 122.85
CA GLN SA 38 -47.50 16.68 124.15
C GLN SA 38 -48.73 17.57 124.04
N ALA SA 39 -49.52 17.57 125.11
CA ALA SA 39 -50.68 18.43 125.15
C ALA SA 39 -50.27 19.88 124.96
N GLY SA 40 -50.96 20.57 124.06
CA GLY SA 40 -50.66 21.96 123.79
C GLY SA 40 -51.66 22.52 122.79
N ALA SA 41 -51.32 23.64 122.14
CA ALA SA 41 -52.16 24.18 121.09
C ALA SA 41 -51.37 24.47 119.83
N VAL SA 42 -50.17 25.01 119.99
CA VAL SA 42 -49.40 25.45 118.84
C VAL SA 42 -48.57 24.26 118.36
N PRO SA 43 -48.85 23.69 117.20
CA PRO SA 43 -48.14 22.49 116.79
C PRO SA 43 -46.64 22.67 116.78
N ALA SA 44 -46.16 23.85 116.44
CA ALA SA 44 -44.73 24.06 116.35
C ALA SA 44 -44.04 24.02 117.69
N LEU SA 45 -44.80 23.97 118.80
CA LEU SA 45 -44.24 24.04 120.14
C LEU SA 45 -44.65 22.84 120.95
N GLU SA 46 -44.54 21.66 120.38
CA GLU SA 46 -44.92 20.44 121.08
C GLU SA 46 -43.87 19.37 120.88
N LYS SA 47 -43.62 18.61 121.93
CA LYS SA 47 -42.74 17.45 121.83
C LYS SA 47 -43.50 16.35 121.11
N ARG SA 48 -42.91 15.81 120.06
CA ARG SA 48 -43.59 14.84 119.21
C ARG SA 48 -42.81 13.54 119.18
N VAL SA 49 -43.55 12.46 118.99
CA VAL SA 49 -43.01 11.11 118.98
C VAL SA 49 -43.65 10.35 117.84
N THR SA 50 -42.84 9.57 117.12
CA THR SA 50 -43.31 8.83 115.96
C THR SA 50 -42.84 7.38 116.08
N VAL SA 51 -43.74 6.45 115.84
CA VAL SA 51 -43.44 5.03 115.89
C VAL SA 51 -43.94 4.39 114.60
N SER SA 52 -43.07 3.65 113.93
CA SER SA 52 -43.44 2.93 112.72
C SER SA 52 -42.80 1.56 112.73
N VAL SA 53 -43.41 0.62 112.02
CA VAL SA 53 -42.88 -0.72 111.89
C VAL SA 53 -43.11 -1.15 110.45
N SER SA 54 -42.02 -1.28 109.70
CA SER SA 54 -42.07 -1.68 108.30
C SER SA 54 -41.85 -3.18 108.20
N GLN SA 55 -42.76 -3.84 107.49
CA GLN SA 55 -42.69 -5.26 107.25
C GLN SA 55 -41.59 -5.57 106.24
N PRO SA 56 -41.08 -6.80 106.22
CA PRO SA 56 -40.11 -7.18 105.18
C PRO SA 56 -40.74 -7.07 103.81
N SER SA 57 -40.12 -6.28 102.95
CA SER SA 57 -40.58 -6.13 101.58
C SER SA 57 -39.80 -7.08 100.67
N ARG SA 58 -40.21 -7.13 99.41
CA ARG SA 58 -39.50 -7.91 98.41
C ARG SA 58 -38.14 -7.32 98.08
N ASN SA 59 -37.84 -6.11 98.54
CA ASN SA 59 -36.57 -5.47 98.30
C ASN SA 59 -35.75 -5.26 99.56
N ARG SA 60 -36.30 -5.59 100.73
CA ARG SA 60 -35.56 -5.45 101.98
C ARG SA 60 -35.46 -6.78 102.72
N LYS SA 61 -36.61 -7.44 102.91
CA LYS SA 61 -36.65 -8.72 103.61
C LYS SA 61 -36.13 -8.58 105.04
N ASN SA 62 -36.69 -7.58 105.74
CA ASN SA 62 -36.22 -7.28 107.08
C ASN SA 62 -37.25 -6.44 107.80
N TYR SA 63 -37.58 -6.83 109.03
CA TYR SA 63 -38.46 -6.02 109.85
C TYR SA 63 -37.70 -4.84 110.41
N LYS SA 64 -38.30 -3.66 110.29
CA LYS SA 64 -37.70 -2.42 110.80
C LYS SA 64 -38.66 -1.75 111.76
N VAL SA 65 -38.15 -1.22 112.85
CA VAL SA 65 -38.96 -0.48 113.80
C VAL SA 65 -38.29 0.85 114.05
N GLN SA 66 -38.97 1.92 113.70
CA GLN SA 66 -38.41 3.26 113.72
C GLN SA 66 -39.12 4.09 114.78
N VAL SA 67 -38.34 4.74 115.64
CA VAL SA 67 -38.87 5.59 116.69
C VAL SA 67 -38.16 6.94 116.60
N LYS SA 68 -38.89 7.99 116.26
CA LYS SA 68 -38.36 9.34 116.20
C LYS SA 68 -38.90 10.17 117.35
N ILE SA 69 -38.04 11.05 117.87
CA ILE SA 69 -38.41 11.97 118.93
C ILE SA 69 -37.93 13.37 118.53
N GLN SA 70 -38.84 14.34 118.65
CA GLN SA 70 -38.56 15.72 118.31
C GLN SA 70 -38.94 16.59 119.48
N ASN SA 71 -37.99 17.38 119.98
CA ASN SA 71 -38.25 18.29 121.09
C ASN SA 71 -37.90 19.71 120.65
N PRO SA 72 -38.90 20.54 120.38
CA PRO SA 72 -38.64 21.95 120.07
C PRO SA 72 -38.48 22.76 121.35
N THR SA 73 -37.81 23.90 121.22
CA THR SA 73 -37.73 24.81 122.35
C THR SA 73 -38.53 26.08 122.10
N ALA SA 74 -38.94 26.71 123.20
CA ALA SA 74 -39.77 27.91 123.14
C ALA SA 74 -38.97 29.14 122.73
N CYS SA 75 -38.01 29.55 123.55
CA CYS SA 75 -37.38 30.86 123.44
C CYS SA 75 -38.44 31.94 123.24
N THR SA 76 -39.35 32.04 124.21
CA THR SA 76 -40.39 33.05 124.16
C THR SA 76 -39.81 34.45 124.25
N ALA SA 77 -40.25 35.32 123.35
CA ALA SA 77 -39.78 36.69 123.29
C ALA SA 77 -40.56 37.56 124.26
N ASN SA 78 -39.96 38.70 124.61
CA ASN SA 78 -40.57 39.66 125.53
C ASN SA 78 -41.67 40.43 124.80
N GLY SA 79 -42.71 39.68 124.42
CA GLY SA 79 -43.88 40.23 123.77
C GLY SA 79 -43.88 39.93 122.28
N SER SA 80 -44.71 40.67 121.56
CA SER SA 80 -44.61 40.82 120.11
C SER SA 80 -45.05 39.58 119.33
N CYS SA 81 -45.14 38.42 119.98
CA CYS SA 81 -46.00 37.29 119.62
C CYS SA 81 -45.63 36.06 120.43
N ASP SA 82 -46.38 34.99 120.21
CA ASP SA 82 -46.05 33.70 120.79
C ASP SA 82 -44.61 33.34 120.45
N PRO SA 83 -44.04 32.38 121.17
CA PRO SA 83 -42.63 32.04 120.95
C PRO SA 83 -42.37 31.56 119.54
N SER SA 84 -41.09 31.51 119.20
CA SER SA 84 -40.62 31.01 117.92
C SER SA 84 -39.65 29.88 118.16
N VAL SA 85 -39.72 28.84 117.34
CA VAL SA 85 -38.83 27.72 117.52
C VAL SA 85 -37.43 28.13 117.10
N THR SA 86 -36.49 28.03 118.03
CA THR SA 86 -35.09 28.30 117.78
C THR SA 86 -34.26 27.02 117.78
N ARG SA 87 -34.81 25.97 118.34
CA ARG SA 87 -34.06 24.81 118.81
C ARG SA 87 -34.86 23.58 118.54
N GLN SA 88 -34.21 22.56 117.99
CA GLN SA 88 -34.96 21.35 117.67
C GLN SA 88 -34.04 20.16 117.91
N ALA SA 89 -34.24 19.48 119.03
CA ALA SA 89 -33.46 18.29 119.36
C ALA SA 89 -34.12 17.07 118.74
N TYR SA 90 -33.35 16.32 117.96
CA TYR SA 90 -33.84 15.15 117.27
C TYR SA 90 -33.21 13.89 117.85
N ALA SA 91 -33.99 12.83 117.89
CA ALA SA 91 -33.48 11.50 118.23
C ALA SA 91 -34.13 10.49 117.30
N ASP SA 92 -33.34 9.51 116.86
CA ASP SA 92 -33.82 8.49 115.94
C ASP SA 92 -33.28 7.14 116.36
N VAL SA 93 -34.18 6.21 116.62
CA VAL SA 93 -33.83 4.83 116.92
C VAL SA 93 -34.38 3.94 115.83
N THR SA 94 -33.60 2.95 115.40
CA THR SA 94 -34.02 2.06 114.33
C THR SA 94 -33.57 0.65 114.68
N PHE SA 95 -34.50 -0.17 115.14
CA PHE SA 95 -34.21 -1.57 115.37
C PHE SA 95 -34.45 -2.37 114.10
N SER SA 96 -33.55 -3.31 113.83
CA SER SA 96 -33.66 -4.14 112.64
C SER SA 96 -33.59 -5.59 113.05
N PHE SA 97 -34.52 -6.38 112.53
CA PHE SA 97 -34.51 -7.82 112.74
C PHE SA 97 -34.83 -8.48 111.41
N THR SA 98 -34.57 -9.77 111.31
CA THR SA 98 -35.07 -10.45 110.14
C THR SA 98 -36.08 -11.53 110.54
N GLN SA 99 -36.59 -12.22 109.53
CA GLN SA 99 -37.91 -12.82 109.66
C GLN SA 99 -37.95 -13.88 110.74
N TYR SA 100 -36.93 -14.74 110.82
CA TYR SA 100 -36.82 -15.75 111.84
C TYR SA 100 -36.26 -15.22 113.15
N SER SA 101 -36.39 -13.92 113.41
CA SER SA 101 -35.98 -13.37 114.69
C SER SA 101 -36.79 -13.99 115.83
N THR SA 102 -36.38 -13.66 117.05
CA THR SA 102 -37.08 -14.12 118.24
C THR SA 102 -37.41 -12.95 119.14
N ASP SA 103 -38.61 -12.97 119.72
CA ASP SA 103 -38.95 -11.97 120.71
C ASP SA 103 -37.93 -11.96 121.83
N GLU SA 104 -37.37 -13.12 122.15
CA GLU SA 104 -36.23 -13.19 123.05
C GLU SA 104 -35.21 -12.12 122.70
N GLU SA 105 -34.61 -12.23 121.53
CA GLU SA 105 -33.54 -11.34 121.16
C GLU SA 105 -34.03 -9.91 121.07
N ARG SA 106 -35.26 -9.71 120.60
CA ARG SA 106 -35.77 -8.36 120.47
C ARG SA 106 -35.85 -7.66 121.83
N ALA SA 107 -36.46 -8.32 122.80
CA ALA SA 107 -36.55 -7.74 124.14
C ALA SA 107 -35.17 -7.56 124.74
N PHE SA 108 -34.31 -8.57 124.58
CA PHE SA 108 -32.92 -8.43 124.98
C PHE SA 108 -32.36 -7.10 124.49
N VAL SA 109 -32.36 -6.91 123.18
CA VAL SA 109 -31.77 -5.72 122.57
C VAL SA 109 -32.40 -4.46 123.13
N ARG SA 110 -33.73 -4.45 123.22
CA ARG SA 110 -34.39 -3.24 123.68
C ARG SA 110 -33.91 -2.89 125.08
N THR SA 111 -33.86 -3.88 125.95
CA THR SA 111 -33.45 -3.60 127.32
C THR SA 111 -32.01 -3.14 127.38
N GLU SA 112 -31.12 -3.72 126.57
CA GLU SA 112 -29.74 -3.25 126.64
C GLU SA 112 -29.64 -1.83 126.13
N LEU SA 113 -30.40 -1.48 125.11
CA LEU SA 113 -30.45 -0.07 124.72
C LEU SA 113 -30.88 0.79 125.90
N ALA SA 114 -31.94 0.39 126.59
CA ALA SA 114 -32.43 1.22 127.68
C ALA SA 114 -31.36 1.40 128.74
N ALA SA 115 -30.71 0.31 129.13
CA ALA SA 115 -29.77 0.40 130.21
C ALA SA 115 -28.49 1.13 129.78
N LEU SA 116 -28.11 1.04 128.51
CA LEU SA 116 -27.00 1.88 128.05
C LEU SA 116 -27.38 3.35 128.11
N LEU SA 117 -28.61 3.67 127.69
CA LEU SA 117 -29.09 5.03 127.84
C LEU SA 117 -29.04 5.48 129.29
N ALA SA 118 -29.13 4.56 130.22
CA ALA SA 118 -29.01 4.90 131.64
C ALA SA 118 -27.57 4.94 132.15
N SER SA 119 -26.65 4.21 131.52
CA SER SA 119 -25.32 4.03 132.10
C SER SA 119 -24.50 5.32 132.00
N PRO SA 120 -23.48 5.45 132.86
CA PRO SA 120 -22.69 6.70 132.84
C PRO SA 120 -22.04 7.00 131.51
N LEU SA 121 -21.68 6.00 130.71
CA LEU SA 121 -21.00 6.28 129.45
C LEU SA 121 -21.83 7.21 128.59
N LEU SA 122 -23.00 6.74 128.14
CA LEU SA 122 -23.84 7.59 127.33
C LEU SA 122 -24.24 8.85 128.08
N ILE SA 123 -24.34 8.76 129.41
CA ILE SA 123 -24.70 9.93 130.19
C ILE SA 123 -23.80 11.10 129.81
N ASP SA 124 -22.50 10.92 129.95
CA ASP SA 124 -21.59 12.03 129.65
C ASP SA 124 -21.40 12.22 128.16
N ALA SA 125 -21.46 11.14 127.38
CA ALA SA 125 -21.28 11.30 125.95
C ALA SA 125 -22.42 12.11 125.34
N ILE SA 126 -23.57 12.13 126.00
CA ILE SA 126 -24.73 12.86 125.50
C ILE SA 126 -24.81 14.21 126.19
N ASP SA 127 -25.03 14.20 127.50
CA ASP SA 127 -25.17 15.43 128.24
C ASP SA 127 -23.98 16.34 128.03
N GLN SA 128 -22.81 15.87 128.42
CA GLN SA 128 -21.61 16.68 128.30
C GLN SA 128 -21.01 16.63 126.91
N LEU SA 129 -21.55 15.81 126.02
CA LEU SA 129 -21.08 15.78 124.64
C LEU SA 129 -19.60 15.40 124.58
N ASN SA 130 -19.14 14.61 125.54
CA ASN SA 130 -17.73 14.27 125.65
C ASN SA 130 -17.43 13.04 124.83
N PRO SA 131 -16.47 13.08 123.91
CA PRO SA 131 -16.15 11.88 123.13
C PRO SA 131 -15.75 10.74 124.05
N ALA SA 132 -16.20 9.54 123.70
CA ALA SA 132 -15.85 8.36 124.47
C ALA SA 132 -14.35 8.25 124.52
N TYR SA 133 -13.79 8.51 125.70
CA TYR SA 133 -12.35 8.59 125.89
C TYR SA 133 -11.98 8.75 127.36
N ALA TA 2 -63.71 0.24 108.38
CA ALA TA 2 -63.48 -0.87 109.33
C ALA TA 2 -62.20 -0.62 110.13
N LYS TA 3 -62.35 -0.11 111.34
CA LYS TA 3 -61.18 0.12 112.18
C LYS TA 3 -60.56 -1.21 112.61
N LEU TA 4 -59.23 -1.28 112.59
CA LEU TA 4 -58.54 -2.51 112.93
C LEU TA 4 -58.36 -2.61 114.43
N GLU TA 5 -58.66 -3.78 114.98
CA GLU TA 5 -58.39 -4.07 116.38
C GLU TA 5 -58.07 -5.54 116.53
N THR TA 6 -57.72 -5.92 117.74
CA THR TA 6 -57.40 -7.32 118.01
C THR TA 6 -58.59 -8.20 117.67
N VAL TA 7 -58.34 -9.24 116.90
CA VAL TA 7 -59.38 -10.13 116.44
C VAL TA 7 -59.33 -11.39 117.28
N THR TA 8 -60.39 -11.61 118.05
CA THR TA 8 -60.53 -12.79 118.90
C THR TA 8 -61.49 -13.72 118.21
N LEU TA 9 -60.99 -14.84 117.71
CA LEU TA 9 -61.85 -15.77 117.00
C LEU TA 9 -61.77 -17.12 117.71
N GLY TA 10 -62.91 -17.56 118.23
CA GLY TA 10 -62.99 -18.78 119.01
C GLY TA 10 -63.85 -19.82 118.32
N ASN TA 11 -63.98 -20.96 119.00
CA ASN TA 11 -64.74 -22.09 118.47
C ASN TA 11 -64.14 -22.52 117.14
N ILE TA 12 -62.89 -22.95 117.21
CA ILE TA 12 -62.08 -23.14 116.03
C ILE TA 12 -61.48 -24.54 116.04
N GLY TA 13 -61.16 -25.04 114.86
CA GLY TA 13 -60.53 -26.34 114.73
C GLY TA 13 -61.55 -27.45 114.49
N LYS TA 14 -61.03 -28.68 114.46
CA LYS TA 14 -61.88 -29.82 114.16
C LYS TA 14 -62.98 -29.96 115.20
N ASP TA 15 -62.63 -29.84 116.48
CA ASP TA 15 -63.63 -29.90 117.53
C ASP TA 15 -64.14 -28.52 117.92
N GLY TA 16 -63.64 -27.47 117.30
CA GLY TA 16 -64.12 -26.14 117.60
C GLY TA 16 -63.83 -25.68 119.01
N LYS TA 17 -62.60 -25.87 119.49
CA LYS TA 17 -62.24 -25.51 120.85
C LYS TA 17 -61.07 -24.55 120.98
N GLN TA 18 -60.27 -24.33 119.94
CA GLN TA 18 -59.14 -23.43 120.08
C GLN TA 18 -59.55 -21.99 119.75
N THR TA 19 -58.63 -21.05 119.98
CA THR TA 19 -58.91 -19.65 119.74
C THR TA 19 -57.66 -18.98 119.18
N LEU TA 20 -57.88 -17.93 118.39
CA LEU TA 20 -56.80 -17.20 117.76
C LEU TA 20 -56.96 -15.72 118.07
N VAL TA 21 -55.85 -15.08 118.35
CA VAL TA 21 -55.79 -13.65 118.65
C VAL TA 21 -54.91 -13.02 117.59
N LEU TA 22 -55.53 -12.39 116.61
CA LEU TA 22 -54.82 -11.80 115.48
C LEU TA 22 -54.63 -10.32 115.77
N ASN TA 23 -53.39 -9.85 115.66
CA ASN TA 23 -53.17 -8.44 115.96
C ASN TA 23 -53.08 -7.60 114.69
N PRO TA 24 -53.46 -6.34 114.77
CA PRO TA 24 -53.32 -5.46 113.61
C PRO TA 24 -51.87 -5.31 113.18
N ARG TA 25 -51.66 -5.32 111.87
CA ARG TA 25 -50.34 -5.16 111.29
C ARG TA 25 -50.26 -3.97 110.35
N GLY TA 26 -51.17 -3.02 110.50
CA GLY TA 26 -51.16 -1.87 109.64
C GLY TA 26 -51.72 -2.16 108.26
N VAL TA 27 -51.42 -1.26 107.34
CA VAL TA 27 -51.91 -1.32 105.98
C VAL TA 27 -50.79 -0.96 105.04
N ASN TA 28 -50.63 -1.70 103.96
CA ASN TA 28 -49.62 -1.35 102.98
C ASN TA 28 -49.98 -0.02 102.35
N PRO TA 29 -49.11 0.98 102.40
CA PRO TA 29 -49.42 2.23 101.69
C PRO TA 29 -49.51 2.07 100.20
N THR TA 30 -48.94 1.01 99.63
CA THR TA 30 -48.95 0.83 98.19
C THR TA 30 -50.12 -0.03 97.74
N ASN TA 31 -50.21 -1.26 98.27
CA ASN TA 31 -51.30 -2.16 97.91
C ASN TA 31 -52.62 -1.75 98.55
N GLY TA 32 -52.58 -0.89 99.56
CA GLY TA 32 -53.80 -0.49 100.23
C GLY TA 32 -54.48 -1.68 100.86
N VAL TA 33 -53.71 -2.50 101.57
CA VAL TA 33 -54.19 -3.75 102.12
C VAL TA 33 -53.83 -3.83 103.60
N ALA TA 34 -54.82 -4.12 104.44
CA ALA TA 34 -54.56 -4.30 105.85
C ALA TA 34 -54.22 -5.76 106.13
N SER TA 35 -53.51 -5.99 107.22
CA SER TA 35 -53.07 -7.33 107.56
C SER TA 35 -53.03 -7.51 109.06
N LEU TA 36 -53.26 -8.74 109.51
CA LEU TA 36 -53.19 -9.11 110.91
C LEU TA 36 -52.42 -10.41 111.06
N SER TA 37 -51.91 -10.62 112.26
CA SER TA 37 -51.08 -11.78 112.50
C SER TA 37 -51.28 -12.25 113.93
N GLN TA 38 -51.04 -13.54 114.14
CA GLN TA 38 -51.12 -14.12 115.47
C GLN TA 38 -49.83 -13.84 116.23
N ALA TA 39 -49.96 -13.47 117.50
CA ALA TA 39 -48.80 -13.16 118.30
C ALA TA 39 -47.96 -14.39 118.53
N GLY TA 40 -46.68 -14.32 118.23
CA GLY TA 40 -45.80 -15.45 118.40
C GLY TA 40 -44.39 -14.98 118.64
N ALA TA 41 -43.49 -15.95 118.74
CA ALA TA 41 -42.09 -15.64 118.97
C ALA TA 41 -41.37 -15.29 117.67
N VAL TA 42 -41.50 -16.14 116.67
CA VAL TA 42 -40.86 -15.92 115.38
C VAL TA 42 -41.93 -15.45 114.40
N PRO TA 43 -41.88 -14.22 113.90
CA PRO TA 43 -42.90 -13.78 112.95
C PRO TA 43 -43.00 -14.66 111.73
N ALA TA 44 -41.95 -15.41 111.41
CA ALA TA 44 -42.02 -16.32 110.28
C ALA TA 44 -43.06 -17.40 110.48
N LEU TA 45 -43.36 -17.72 111.73
CA LEU TA 45 -44.24 -18.83 112.07
C LEU TA 45 -45.59 -18.35 112.57
N GLU TA 46 -45.98 -17.13 112.25
CA GLU TA 46 -47.20 -16.53 112.77
C GLU TA 46 -48.28 -16.54 111.70
N LYS TA 47 -49.47 -16.97 112.09
CA LYS TA 47 -50.59 -17.08 111.17
C LYS TA 47 -51.00 -15.68 110.71
N ARG TA 48 -51.11 -15.49 109.41
CA ARG TA 48 -51.37 -14.19 108.82
C ARG TA 48 -52.73 -14.19 108.13
N VAL TA 49 -53.34 -13.00 108.10
CA VAL TA 49 -54.64 -12.79 107.49
C VAL TA 49 -54.66 -11.43 106.84
N THR TA 50 -54.95 -11.37 105.53
CA THR TA 50 -54.95 -10.12 104.80
C THR TA 50 -56.37 -9.75 104.38
N VAL TA 51 -56.64 -8.44 104.37
CA VAL TA 51 -57.94 -7.89 104.04
C VAL TA 51 -57.73 -6.72 103.10
N SER TA 52 -58.36 -6.76 101.93
CA SER TA 52 -58.25 -5.68 100.95
C SER TA 52 -59.63 -5.35 100.43
N VAL TA 53 -59.92 -4.04 100.39
CA VAL TA 53 -61.14 -3.56 99.77
C VAL TA 53 -60.76 -2.70 98.58
N SER TA 54 -60.58 -3.33 97.42
CA SER TA 54 -60.13 -2.60 96.24
C SER TA 54 -61.22 -1.67 95.77
N GLN TA 55 -60.86 -0.41 95.57
CA GLN TA 55 -61.79 0.56 95.09
C GLN TA 55 -62.11 0.29 93.62
N PRO TA 56 -63.20 0.87 93.13
CA PRO TA 56 -63.71 0.48 91.82
C PRO TA 56 -62.80 0.91 90.69
N SER TA 57 -62.85 0.19 89.58
CA SER TA 57 -62.01 0.46 88.42
C SER TA 57 -62.76 1.39 87.46
N ARG TA 58 -62.26 1.50 86.23
CA ARG TA 58 -62.84 2.39 85.23
C ARG TA 58 -63.78 1.64 84.29
N ASN TA 59 -64.98 2.19 84.11
CA ASN TA 59 -65.93 1.80 83.07
C ASN TA 59 -66.58 0.43 83.28
N ARG TA 60 -66.03 -0.36 84.21
CA ARG TA 60 -66.69 -1.59 84.63
C ARG TA 60 -66.86 -1.63 86.14
N LYS TA 61 -65.85 -1.13 86.84
CA LYS TA 61 -65.92 -0.63 88.21
C LYS TA 61 -66.06 -1.70 89.29
N ASN TA 62 -66.56 -2.90 88.97
CA ASN TA 62 -66.18 -4.12 89.69
C ASN TA 62 -65.81 -3.99 91.18
N TYR TA 63 -66.72 -3.60 92.07
CA TYR TA 63 -66.33 -3.52 93.48
C TYR TA 63 -65.73 -4.84 93.89
N LYS TA 64 -64.52 -4.84 94.45
CA LYS TA 64 -63.80 -6.08 94.71
C LYS TA 64 -63.18 -6.07 96.09
N VAL TA 65 -63.21 -7.24 96.74
CA VAL TA 65 -62.64 -7.41 98.07
C VAL TA 65 -61.92 -8.74 98.13
N GLN TA 66 -60.75 -8.76 98.74
CA GLN TA 66 -59.99 -10.00 98.91
C GLN TA 66 -59.74 -10.25 100.38
N VAL TA 67 -59.61 -11.52 100.73
CA VAL TA 67 -59.21 -11.94 102.07
C VAL TA 67 -58.29 -13.13 101.93
N LYS TA 68 -57.03 -12.94 102.28
CA LYS TA 68 -56.00 -13.96 102.09
C LYS TA 68 -55.52 -14.40 103.47
N ILE TA 69 -55.74 -15.66 103.80
CA ILE TA 69 -55.29 -16.22 105.06
C ILE TA 69 -54.18 -17.22 104.79
N GLN TA 70 -53.04 -17.00 105.44
CA GLN TA 70 -51.89 -17.89 105.32
C GLN TA 70 -51.59 -18.45 106.70
N ASN TA 71 -51.32 -19.75 106.74
CA ASN TA 71 -50.98 -20.43 107.99
C ASN TA 71 -49.71 -21.23 107.79
N PRO TA 72 -48.63 -20.91 108.50
CA PRO TA 72 -47.36 -21.60 108.31
C PRO TA 72 -47.19 -22.76 109.28
N THR TA 73 -46.19 -23.58 108.99
CA THR TA 73 -45.78 -24.63 109.93
C THR TA 73 -44.38 -25.09 109.56
N ALA TA 74 -43.46 -24.97 110.50
CA ALA TA 74 -42.06 -25.34 110.30
C ALA TA 74 -41.78 -26.65 111.02
N CYS TA 75 -40.56 -27.14 110.84
CA CYS TA 75 -40.14 -28.38 111.50
C CYS TA 75 -38.62 -28.32 111.62
N THR TA 76 -38.15 -27.98 112.82
CA THR TA 76 -36.72 -27.79 113.04
C THR TA 76 -35.94 -29.03 112.59
N ALA TA 77 -35.06 -28.85 111.63
CA ALA TA 77 -34.22 -29.94 111.16
C ALA TA 77 -33.11 -30.23 112.17
N ASN TA 78 -32.67 -31.49 112.17
CA ASN TA 78 -31.58 -31.90 113.05
C ASN TA 78 -30.30 -31.18 112.66
N GLY TA 79 -29.73 -30.45 113.61
CA GLY TA 79 -28.56 -29.63 113.35
C GLY TA 79 -28.87 -28.25 112.83
N SER TA 80 -30.15 -27.95 112.59
CA SER TA 80 -30.58 -26.64 112.13
C SER TA 80 -31.08 -25.82 113.30
N CYS TA 81 -30.49 -24.64 113.48
CA CYS TA 81 -30.83 -23.77 114.59
C CYS TA 81 -31.92 -22.76 114.22
N ASP TA 82 -32.76 -23.09 113.24
CA ASP TA 82 -33.80 -22.19 112.80
C ASP TA 82 -35.00 -22.95 112.24
N PRO TA 83 -36.19 -22.77 112.83
CA PRO TA 83 -37.35 -23.55 112.36
C PRO TA 83 -37.84 -23.09 111.01
N SER TA 84 -37.18 -23.56 109.96
CA SER TA 84 -37.56 -23.20 108.60
C SER TA 84 -38.99 -23.66 108.31
N VAL TA 85 -39.77 -22.77 107.70
CA VAL TA 85 -41.16 -23.08 107.39
C VAL TA 85 -41.20 -24.09 106.25
N THR TA 86 -41.70 -25.28 106.54
CA THR TA 86 -41.75 -26.36 105.56
C THR TA 86 -43.16 -26.65 105.06
N ARG TA 87 -44.17 -25.96 105.58
CA ARG TA 87 -45.55 -26.23 105.23
C ARG TA 87 -46.31 -24.92 105.25
N GLN TA 88 -47.17 -24.72 104.27
CA GLN TA 88 -47.95 -23.49 104.20
C GLN TA 88 -49.34 -23.82 103.71
N ALA TA 89 -50.35 -23.25 104.35
CA ALA TA 89 -51.73 -23.35 103.91
C ALA TA 89 -52.22 -21.97 103.51
N TYR TA 90 -52.78 -21.87 102.31
CA TYR TA 90 -53.31 -20.61 101.80
C TYR TA 90 -54.79 -20.75 101.52
N ALA TA 91 -55.56 -19.73 101.87
CA ALA TA 91 -56.96 -19.67 101.46
C ALA TA 91 -57.26 -18.25 101.01
N ASP TA 92 -57.73 -18.13 99.78
CA ASP TA 92 -58.06 -16.86 99.17
C ASP TA 92 -59.56 -16.78 98.97
N VAL TA 93 -60.18 -15.75 99.52
CA VAL TA 93 -61.57 -15.44 99.31
C VAL TA 93 -61.65 -14.15 98.51
N THR TA 94 -62.54 -14.11 97.53
CA THR TA 94 -62.66 -12.93 96.68
C THR TA 94 -64.13 -12.66 96.42
N PHE TA 95 -64.58 -11.50 96.88
CA PHE TA 95 -65.91 -11.00 96.68
C PHE TA 95 -65.92 -9.96 95.57
N SER TA 96 -66.91 -10.06 94.68
CA SER TA 96 -67.11 -9.06 93.64
C SER TA 96 -68.57 -8.64 93.66
N PHE TA 97 -68.80 -7.35 93.88
CA PHE TA 97 -70.11 -6.74 93.76
C PHE TA 97 -70.11 -5.74 92.61
N THR TA 98 -71.31 -5.32 92.24
CA THR TA 98 -71.49 -4.32 91.20
C THR TA 98 -71.65 -2.93 91.81
N GLN TA 99 -71.54 -1.93 90.93
CA GLN TA 99 -71.86 -0.56 91.26
C GLN TA 99 -73.02 -0.45 92.20
N TYR TA 100 -74.11 -1.15 91.91
CA TYR TA 100 -75.38 -0.93 92.56
C TYR TA 100 -75.72 -2.02 93.55
N SER TA 101 -74.75 -2.80 93.96
CA SER TA 101 -75.01 -3.80 94.98
C SER TA 101 -75.58 -3.14 96.22
N THR TA 102 -76.14 -3.95 97.11
CA THR TA 102 -76.73 -3.45 98.33
C THR TA 102 -76.29 -4.27 99.53
N ASP TA 103 -76.16 -3.59 100.67
CA ASP TA 103 -75.88 -4.26 101.94
C ASP TA 103 -76.63 -5.57 102.09
N GLU TA 104 -77.93 -5.57 101.71
CA GLU TA 104 -78.70 -6.80 101.79
C GLU TA 104 -77.94 -7.96 101.20
N GLU TA 105 -77.68 -7.88 99.90
CA GLU TA 105 -77.20 -9.03 99.18
C GLU TA 105 -75.74 -9.28 99.49
N ARG TA 106 -75.01 -8.21 99.83
CA ARG TA 106 -73.64 -8.39 100.24
C ARG TA 106 -73.56 -9.26 101.49
N ALA TA 107 -74.32 -8.90 102.53
CA ALA TA 107 -74.33 -9.71 103.74
C ALA TA 107 -74.93 -11.08 103.48
N PHE TA 108 -75.92 -11.15 102.59
CA PHE TA 108 -76.44 -12.46 102.21
C PHE TA 108 -75.31 -13.35 101.72
N VAL TA 109 -74.50 -12.81 100.82
CA VAL TA 109 -73.35 -13.54 100.31
C VAL TA 109 -72.43 -13.93 101.45
N ARG TA 110 -72.12 -12.97 102.31
CA ARG TA 110 -71.19 -13.25 103.39
C ARG TA 110 -71.66 -14.45 104.20
N THR TA 111 -72.90 -14.39 104.66
CA THR TA 111 -73.35 -15.41 105.58
C THR TA 111 -73.58 -16.73 104.87
N GLU TA 112 -73.94 -16.72 103.58
CA GLU TA 112 -74.10 -18.01 102.91
C GLU TA 112 -72.75 -18.67 102.75
N LEU TA 113 -71.72 -17.87 102.46
CA LEU TA 113 -70.37 -18.43 102.41
C LEU TA 113 -69.99 -19.03 103.76
N ALA TA 114 -70.27 -18.29 104.83
CA ALA TA 114 -69.94 -18.80 106.16
C ALA TA 114 -70.66 -20.12 106.43
N ALA TA 115 -71.95 -20.18 106.10
CA ALA TA 115 -72.73 -21.34 106.48
C ALA TA 115 -72.39 -22.53 105.61
N LEU TA 116 -72.06 -22.34 104.34
CA LEU TA 116 -71.53 -23.45 103.57
C LEU TA 116 -70.21 -23.92 104.15
N LEU TA 117 -69.35 -22.97 104.55
CA LEU TA 117 -68.08 -23.34 105.13
C LEU TA 117 -68.26 -24.10 106.43
N ALA TA 118 -69.43 -23.99 107.05
CA ALA TA 118 -69.76 -24.81 108.21
C ALA TA 118 -70.51 -26.08 107.88
N SER TA 119 -71.19 -26.14 106.74
CA SER TA 119 -72.02 -27.29 106.41
C SER TA 119 -71.17 -28.53 106.18
N PRO TA 120 -71.76 -29.72 106.30
CA PRO TA 120 -71.00 -30.95 106.08
C PRO TA 120 -70.34 -31.02 104.72
N LEU TA 121 -70.91 -30.38 103.71
CA LEU TA 121 -70.38 -30.52 102.36
C LEU TA 121 -68.95 -30.04 102.28
N LEU TA 122 -68.74 -28.74 102.51
CA LEU TA 122 -67.38 -28.24 102.42
C LEU TA 122 -66.49 -28.88 103.48
N ILE TA 123 -67.05 -29.29 104.61
CA ILE TA 123 -66.25 -30.00 105.59
C ILE TA 123 -65.64 -31.24 104.96
N ASP TA 124 -66.49 -32.05 104.34
CA ASP TA 124 -66.03 -33.26 103.68
C ASP TA 124 -65.09 -32.95 102.52
N ALA TA 125 -65.31 -31.82 101.86
CA ALA TA 125 -64.51 -31.46 100.70
C ALA TA 125 -63.13 -30.94 101.11
N ILE TA 126 -63.02 -30.39 102.31
CA ILE TA 126 -61.81 -29.73 102.76
C ILE TA 126 -61.01 -30.62 103.70
N ASP TA 127 -61.58 -30.98 104.84
CA ASP TA 127 -60.86 -31.78 105.81
C ASP TA 127 -60.31 -33.04 105.17
N GLN TA 128 -61.17 -33.81 104.50
CA GLN TA 128 -60.75 -35.07 103.91
C GLN TA 128 -60.39 -34.95 102.44
N LEU TA 129 -60.43 -33.74 101.87
CA LEU TA 129 -60.15 -33.55 100.45
C LEU TA 129 -60.99 -34.52 99.64
N ASN TA 130 -62.29 -34.45 99.83
CA ASN TA 130 -63.22 -35.39 99.23
C ASN TA 130 -63.97 -34.72 98.11
N PRO TA 131 -63.64 -34.96 96.84
CA PRO TA 131 -64.42 -34.37 95.76
C PRO TA 131 -65.89 -34.74 95.91
N ALA TA 132 -66.76 -33.76 95.70
CA ALA TA 132 -68.18 -33.96 95.92
C ALA TA 132 -68.81 -34.58 94.69
N TYR TA 133 -69.52 -35.68 94.90
CA TYR TA 133 -70.28 -36.32 93.83
C TYR TA 133 -71.50 -36.99 94.43
N ALA UA 2 -48.87 -86.92 85.14
CA ALA UA 2 -47.80 -87.12 84.13
C ALA UA 2 -46.40 -86.99 84.75
N LYS UA 3 -46.24 -87.58 85.93
CA LYS UA 3 -44.95 -87.54 86.62
C LYS UA 3 -43.90 -88.31 85.83
N LEU UA 4 -42.69 -87.76 85.79
CA LEU UA 4 -41.55 -88.37 85.11
C LEU UA 4 -40.79 -89.24 86.10
N GLU UA 5 -40.31 -90.38 85.64
CA GLU UA 5 -39.75 -91.39 86.51
C GLU UA 5 -39.28 -92.55 85.65
N THR UA 6 -38.67 -93.54 86.27
CA THR UA 6 -38.11 -94.65 85.52
C THR UA 6 -39.24 -95.51 84.96
N VAL UA 7 -39.14 -95.81 83.67
CA VAL UA 7 -40.17 -96.58 82.98
C VAL UA 7 -39.52 -97.83 82.43
N THR UA 8 -40.15 -98.98 82.67
CA THR UA 8 -39.58 -100.29 82.37
C THR UA 8 -40.44 -100.92 81.28
N LEU UA 9 -39.88 -100.98 80.08
CA LEU UA 9 -40.62 -101.35 78.89
C LEU UA 9 -40.23 -102.80 78.57
N GLY UA 10 -41.11 -103.75 78.88
CA GLY UA 10 -40.78 -105.14 78.72
C GLY UA 10 -41.36 -105.76 77.48
N ASN UA 11 -40.87 -106.95 77.11
CA ASN UA 11 -41.41 -107.71 76.00
C ASN UA 11 -41.37 -106.90 74.70
N ILE UA 12 -40.15 -106.68 74.22
CA ILE UA 12 -39.89 -105.93 73.01
C ILE UA 12 -38.91 -106.72 72.14
N GLY UA 13 -38.91 -106.40 70.84
CA GLY UA 13 -38.13 -107.13 69.84
C GLY UA 13 -39.02 -108.01 68.98
N LYS UA 14 -38.40 -108.75 68.04
CA LYS UA 14 -39.17 -109.73 67.29
C LYS UA 14 -39.99 -110.55 68.25
N ASP UA 15 -39.28 -111.15 69.20
CA ASP UA 15 -39.76 -112.14 70.12
C ASP UA 15 -40.44 -111.54 71.32
N GLY UA 16 -40.26 -110.25 71.57
CA GLY UA 16 -40.78 -109.67 72.78
C GLY UA 16 -40.12 -110.24 74.02
N LYS UA 17 -38.79 -110.29 74.04
CA LYS UA 17 -38.06 -110.74 75.22
C LYS UA 17 -37.11 -109.71 75.80
N GLN UA 18 -36.71 -108.69 75.07
CA GLN UA 18 -35.81 -107.70 75.61
C GLN UA 18 -36.58 -106.70 76.47
N THR UA 19 -35.83 -105.88 77.20
CA THR UA 19 -36.41 -104.86 78.06
C THR UA 19 -35.59 -103.58 77.96
N LEU UA 20 -36.29 -102.45 78.07
CA LEU UA 20 -35.69 -101.13 78.00
C LEU UA 20 -36.02 -100.36 79.26
N VAL UA 21 -35.00 -99.84 79.92
CA VAL UA 21 -35.19 -99.07 81.14
C VAL UA 21 -34.87 -97.63 80.82
N LEU UA 22 -35.84 -96.76 81.00
CA LEU UA 22 -35.72 -95.35 80.66
C LEU UA 22 -35.78 -94.52 81.93
N ASN UA 23 -34.72 -93.89 82.24
CA ASN UA 23 -34.69 -92.90 83.31
C ASN UA 23 -35.09 -91.53 82.79
N PRO UA 24 -35.66 -90.69 83.64
CA PRO UA 24 -36.10 -89.38 83.20
C PRO UA 24 -34.94 -88.41 83.11
N ARG UA 25 -35.23 -87.25 82.53
CA ARG UA 25 -34.24 -86.21 82.29
C ARG UA 25 -34.89 -84.87 82.62
N GLY UA 26 -34.33 -83.78 82.13
CA GLY UA 26 -34.85 -82.44 82.38
C GLY UA 26 -35.87 -82.04 81.32
N VAL UA 27 -36.84 -81.24 81.73
CA VAL UA 27 -37.86 -80.75 80.82
C VAL UA 27 -37.32 -79.56 80.07
N ASN UA 28 -37.27 -79.66 78.75
CA ASN UA 28 -36.76 -78.57 77.93
C ASN UA 28 -37.60 -77.33 78.14
N PRO UA 29 -37.13 -76.34 78.90
CA PRO UA 29 -37.98 -75.18 79.18
C PRO UA 29 -38.27 -74.35 77.95
N THR UA 30 -37.34 -74.32 77.00
CA THR UA 30 -37.55 -73.51 75.81
C THR UA 30 -38.76 -73.95 75.02
N ASN UA 31 -39.21 -75.19 75.17
CA ASN UA 31 -40.43 -75.62 74.52
C ASN UA 31 -41.28 -76.53 75.38
N GLY UA 32 -40.89 -76.79 76.62
CA GLY UA 32 -41.65 -77.69 77.46
C GLY UA 32 -41.76 -79.07 76.85
N VAL UA 33 -40.63 -79.79 76.80
CA VAL UA 33 -40.62 -81.18 76.33
C VAL UA 33 -39.88 -82.01 77.36
N ALA UA 34 -40.55 -83.03 77.89
CA ALA UA 34 -39.90 -83.96 78.80
C ALA UA 34 -39.17 -85.03 77.99
N SER UA 35 -38.13 -85.57 78.61
CA SER UA 35 -37.22 -86.47 77.92
C SER UA 35 -36.85 -87.64 78.82
N LEU UA 36 -36.75 -88.82 78.22
CA LEU UA 36 -36.38 -90.03 78.91
C LEU UA 36 -35.30 -90.73 78.08
N SER UA 37 -34.43 -91.49 78.74
CA SER UA 37 -33.30 -92.08 78.04
C SER UA 37 -32.91 -93.39 78.69
N GLN UA 38 -32.20 -94.20 77.91
CA GLN UA 38 -31.69 -95.48 78.39
C GLN UA 38 -31.05 -95.28 79.77
N ALA UA 39 -31.01 -96.33 80.58
CA ALA UA 39 -30.51 -96.19 81.95
C ALA UA 39 -29.08 -95.67 81.98
N GLY UA 40 -28.32 -95.88 80.92
CA GLY UA 40 -26.93 -95.47 80.84
C GLY UA 40 -26.03 -96.64 80.50
N ALA UA 41 -24.73 -96.36 80.44
CA ALA UA 41 -24.18 -95.04 80.72
C ALA UA 41 -24.27 -94.14 79.50
N VAL UA 42 -23.52 -94.48 78.46
CA VAL UA 42 -23.55 -93.69 77.23
C VAL UA 42 -24.87 -93.85 76.49
N PRO UA 43 -25.52 -95.02 76.48
CA PRO UA 43 -26.81 -95.10 75.79
C PRO UA 43 -27.86 -94.16 76.36
N ALA UA 44 -27.74 -93.75 77.62
CA ALA UA 44 -28.62 -92.70 78.12
C ALA UA 44 -28.46 -91.42 77.33
N LEU UA 45 -27.28 -91.21 76.75
CA LEU UA 45 -27.06 -90.16 75.78
C LEU UA 45 -27.03 -90.69 74.35
N GLU UA 46 -27.72 -91.81 74.09
CA GLU UA 46 -27.94 -92.30 72.74
C GLU UA 46 -29.43 -92.48 72.43
N LYS UA 47 -30.11 -93.32 73.20
CA LYS UA 47 -31.54 -93.55 73.02
C LYS UA 47 -32.33 -92.46 73.70
N ARG UA 48 -33.43 -92.04 73.06
CA ARG UA 48 -34.22 -90.96 73.63
C ARG UA 48 -35.69 -91.16 73.36
N VAL UA 49 -36.49 -90.60 74.26
CA VAL UA 49 -37.95 -90.70 74.23
C VAL UA 49 -38.47 -89.36 74.72
N THR UA 50 -38.98 -88.54 73.80
CA THR UA 50 -39.43 -87.20 74.14
C THR UA 50 -40.95 -87.12 74.07
N VAL UA 51 -41.51 -86.33 74.98
CA VAL UA 51 -42.96 -86.18 75.10
C VAL UA 51 -43.29 -84.72 75.38
N SER UA 52 -44.32 -84.21 74.73
CA SER UA 52 -44.82 -82.88 75.10
C SER UA 52 -46.29 -82.76 74.79
N VAL UA 53 -46.92 -81.79 75.47
CA VAL UA 53 -48.36 -81.55 75.38
C VAL UA 53 -48.59 -80.08 75.08
N SER UA 54 -48.66 -79.74 73.80
CA SER UA 54 -48.93 -78.37 73.39
C SER UA 54 -50.39 -78.04 73.66
N GLN UA 55 -50.61 -77.04 74.52
CA GLN UA 55 -51.95 -76.60 74.89
C GLN UA 55 -52.51 -75.65 73.84
N PRO UA 56 -53.82 -75.37 73.90
CA PRO UA 56 -54.42 -74.43 72.95
C PRO UA 56 -53.66 -73.12 72.86
N SER UA 57 -53.83 -72.43 71.74
CA SER UA 57 -53.20 -71.14 71.52
C SER UA 57 -53.87 -70.52 70.30
N ARG UA 58 -53.29 -69.43 69.81
CA ARG UA 58 -53.79 -68.83 68.59
C ARG UA 58 -53.58 -69.74 67.38
N ASN UA 59 -52.46 -70.45 67.36
CA ASN UA 59 -52.24 -71.44 66.31
C ASN UA 59 -52.73 -72.83 66.70
N ARG UA 60 -52.59 -73.19 67.99
CA ARG UA 60 -53.16 -74.45 68.49
C ARG UA 60 -54.64 -74.20 68.78
N LYS UA 61 -55.45 -75.25 68.95
CA LYS UA 61 -56.83 -74.98 69.36
C LYS UA 61 -57.55 -75.91 70.35
N ASN UA 62 -57.60 -77.24 70.20
CA ASN UA 62 -56.72 -78.17 69.48
C ASN UA 62 -55.36 -78.33 70.13
N TYR UA 63 -55.40 -79.01 71.27
CA TYR UA 63 -54.19 -79.54 71.87
C TYR UA 63 -53.52 -80.49 70.90
N LYS UA 64 -52.18 -80.51 70.91
CA LYS UA 64 -51.44 -81.55 70.23
C LYS UA 64 -50.46 -82.18 71.20
N VAL UA 65 -50.52 -83.50 71.34
CA VAL UA 65 -49.54 -84.21 72.15
C VAL UA 65 -48.62 -84.97 71.21
N GLN UA 66 -47.33 -84.70 71.32
CA GLN UA 66 -46.35 -85.31 70.45
C GLN UA 66 -45.44 -86.20 71.28
N VAL UA 67 -45.05 -87.33 70.70
CA VAL UA 67 -44.11 -88.24 71.34
C VAL UA 67 -43.16 -88.75 70.28
N LYS UA 68 -41.87 -88.46 70.46
CA LYS UA 68 -40.83 -88.91 69.55
C LYS UA 68 -40.01 -89.99 70.23
N ILE UA 69 -39.57 -90.97 69.45
CA ILE UA 69 -38.64 -91.98 69.91
C ILE UA 69 -37.47 -91.98 68.94
N GLN UA 70 -36.25 -92.04 69.48
CA GLN UA 70 -35.04 -91.98 68.69
C GLN UA 70 -34.08 -93.05 69.17
N ASN UA 71 -33.71 -93.96 68.29
CA ASN UA 71 -32.74 -95.00 68.60
C ASN UA 71 -31.59 -94.93 67.60
N PRO UA 72 -30.41 -94.47 68.00
CA PRO UA 72 -29.28 -94.49 67.09
C PRO UA 72 -28.46 -95.76 67.22
N THR UA 73 -28.18 -96.42 66.10
CA THR UA 73 -27.33 -97.59 66.11
C THR UA 73 -25.91 -97.16 65.75
N ALA UA 74 -24.97 -97.54 66.61
CA ALA UA 74 -23.58 -97.16 66.48
C ALA UA 74 -22.72 -98.41 66.40
N CYS UA 75 -21.47 -98.20 65.98
CA CYS UA 75 -20.53 -99.30 65.84
C CYS UA 75 -19.13 -98.78 66.08
N THR UA 76 -18.23 -99.69 66.45
CA THR UA 76 -16.83 -99.38 66.68
C THR UA 76 -16.03 -99.95 65.51
N ALA UA 77 -15.44 -99.07 64.71
CA ALA UA 77 -14.64 -99.53 63.59
C ALA UA 77 -13.45 -100.32 64.09
N ASN UA 78 -12.97 -101.25 63.25
CA ASN UA 78 -11.87 -102.11 63.67
C ASN UA 78 -10.60 -101.28 63.76
N GLY UA 79 -10.36 -100.73 64.95
CA GLY UA 79 -9.18 -99.92 65.18
C GLY UA 79 -9.50 -98.71 66.02
N SER UA 80 -10.72 -98.20 65.90
CA SER UA 80 -11.13 -97.00 66.63
C SER UA 80 -11.48 -97.35 68.07
N CYS UA 81 -11.85 -96.34 68.85
CA CYS UA 81 -12.29 -96.56 70.23
C CYS UA 81 -13.72 -96.10 70.46
N ASP UA 82 -13.99 -94.84 70.16
CA ASP UA 82 -15.29 -94.27 70.46
C ASP UA 82 -16.30 -94.71 69.42
N PRO UA 83 -17.44 -95.26 69.82
CA PRO UA 83 -18.40 -95.74 68.82
C PRO UA 83 -19.01 -94.60 68.01
N SER UA 84 -19.15 -94.84 66.72
CA SER UA 84 -19.70 -93.87 65.78
C SER UA 84 -21.12 -94.26 65.39
N VAL UA 85 -21.99 -93.27 65.31
CA VAL UA 85 -23.41 -93.48 65.03
C VAL UA 85 -23.57 -93.75 63.54
N THR UA 86 -23.68 -95.02 63.16
CA THR UA 86 -23.78 -95.36 61.75
C THR UA 86 -25.20 -95.28 61.24
N ARG UA 87 -26.17 -95.20 62.15
CA ARG UA 87 -27.58 -95.30 61.83
C ARG UA 87 -28.40 -94.56 62.86
N GLN UA 88 -29.61 -94.17 62.47
CA GLN UA 88 -30.51 -93.50 63.41
C GLN UA 88 -31.94 -93.74 62.96
N ALA UA 89 -32.65 -94.62 63.68
CA ALA UA 89 -34.06 -94.79 63.44
C ALA UA 89 -34.83 -93.88 64.39
N TYR UA 90 -35.97 -93.39 63.93
CA TYR UA 90 -36.79 -92.64 64.86
C TYR UA 90 -38.21 -92.56 64.33
N ALA UA 91 -39.12 -92.37 65.27
CA ALA UA 91 -40.55 -92.31 64.99
C ALA UA 91 -41.13 -91.14 65.77
N ASP UA 92 -42.24 -90.63 65.27
CA ASP UA 92 -42.92 -89.52 65.93
C ASP UA 92 -44.42 -89.71 65.78
N VAL UA 93 -45.10 -89.58 66.91
CA VAL UA 93 -46.53 -89.79 67.00
C VAL UA 93 -47.15 -88.46 67.43
N THR UA 94 -48.27 -88.10 66.82
CA THR UA 94 -48.89 -86.80 67.07
C THR UA 94 -50.39 -86.99 67.21
N PHE UA 95 -50.89 -86.64 68.39
CA PHE UA 95 -52.32 -86.68 68.69
C PHE UA 95 -52.91 -85.28 68.60
N SER UA 96 -53.92 -85.13 67.75
CA SER UA 96 -54.65 -83.87 67.59
C SER UA 96 -55.97 -84.00 68.31
N PHE UA 97 -56.08 -83.32 69.45
CA PHE UA 97 -57.21 -83.41 70.36
C PHE UA 97 -57.97 -82.11 70.38
N THR UA 98 -59.27 -82.19 70.24
CA THR UA 98 -60.08 -80.99 70.22
C THR UA 98 -60.47 -80.58 71.63
N GLN UA 99 -60.92 -79.34 71.72
CA GLN UA 99 -61.05 -78.68 73.02
C GLN UA 99 -62.20 -79.30 73.81
N TYR UA 100 -63.20 -79.85 73.13
CA TYR UA 100 -64.27 -80.59 73.76
C TYR UA 100 -64.03 -82.09 73.79
N SER UA 101 -62.80 -82.53 73.57
CA SER UA 101 -62.51 -83.96 73.60
C SER UA 101 -62.78 -84.53 74.99
N THR UA 102 -62.93 -85.84 75.08
CA THR UA 102 -63.11 -86.52 76.36
C THR UA 102 -62.10 -87.64 76.50
N ASP UA 103 -61.69 -87.87 77.75
CA ASP UA 103 -60.76 -88.95 78.04
C ASP UA 103 -61.23 -90.25 77.42
N GLU UA 104 -62.54 -90.46 77.41
CA GLU UA 104 -63.10 -91.62 76.73
C GLU UA 104 -62.45 -91.80 75.38
N GLU UA 105 -62.68 -90.86 74.46
CA GLU UA 105 -62.13 -90.99 73.12
C GLU UA 105 -60.63 -91.00 73.16
N ARG UA 106 -60.05 -90.23 74.07
CA ARG UA 106 -58.60 -90.08 74.05
C ARG UA 106 -57.94 -91.44 74.26
N ALA UA 107 -58.29 -92.11 75.34
CA ALA UA 107 -57.74 -93.43 75.58
C ALA UA 107 -58.19 -94.39 74.50
N PHE UA 108 -59.41 -94.22 74.00
CA PHE UA 108 -59.86 -95.05 72.90
C PHE UA 108 -58.86 -95.00 71.76
N VAL UA 109 -58.49 -93.79 71.36
CA VAL UA 109 -57.52 -93.60 70.28
C VAL UA 109 -56.19 -94.23 70.65
N ARG UA 110 -55.73 -93.99 71.86
CA ARG UA 110 -54.42 -94.46 72.24
C ARG UA 110 -54.35 -95.98 72.17
N THR UA 111 -55.27 -96.65 72.84
CA THR UA 111 -55.27 -98.10 72.82
C THR UA 111 -55.51 -98.61 71.41
N GLU UA 112 -56.23 -97.86 70.59
CA GLU UA 112 -56.44 -98.30 69.22
C GLU UA 112 -55.13 -98.30 68.47
N LEU UA 113 -54.34 -97.24 68.65
CA LEU UA 113 -53.02 -97.20 68.06
C LEU UA 113 -52.17 -98.34 68.59
N ALA UA 114 -52.25 -98.59 69.89
CA ALA UA 114 -51.44 -99.65 70.48
C ALA UA 114 -51.73 -100.98 69.81
N ALA UA 115 -53.01 -101.33 69.70
CA ALA UA 115 -53.33 -102.65 69.19
C ALA UA 115 -53.17 -102.72 67.67
N LEU UA 116 -53.27 -101.59 66.97
CA LEU UA 116 -52.84 -101.59 65.58
C LEU UA 116 -51.36 -101.95 65.49
N LEU UA 117 -50.54 -101.28 66.29
CA LEU UA 117 -49.14 -101.64 66.36
C LEU UA 117 -48.99 -103.11 66.65
N ALA UA 118 -49.85 -103.64 67.51
CA ALA UA 118 -49.87 -105.06 67.84
C ALA UA 118 -50.25 -105.93 66.66
N SER UA 119 -51.02 -105.41 65.73
CA SER UA 119 -51.64 -106.22 64.70
C SER UA 119 -50.63 -106.70 63.67
N PRO UA 120 -50.88 -107.86 63.05
CA PRO UA 120 -49.96 -108.32 62.01
C PRO UA 120 -49.82 -107.31 60.91
N LEU UA 121 -50.85 -106.49 60.70
CA LEU UA 121 -50.79 -105.49 59.63
C LEU UA 121 -49.56 -104.61 59.77
N LEU UA 122 -49.50 -103.82 60.82
CA LEU UA 122 -48.38 -102.89 60.96
C LEU UA 122 -47.08 -103.64 61.24
N ILE UA 123 -47.15 -104.78 61.93
CA ILE UA 123 -45.95 -105.56 62.15
C ILE UA 123 -45.30 -105.88 60.82
N ASP UA 124 -46.08 -106.37 59.88
CA ASP UA 124 -45.53 -106.78 58.60
C ASP UA 124 -45.18 -105.57 57.75
N ALA UA 125 -45.91 -104.47 57.93
CA ALA UA 125 -45.63 -103.25 57.19
C ALA UA 125 -44.38 -102.54 57.68
N ILE UA 126 -43.94 -102.82 58.90
CA ILE UA 126 -42.79 -102.14 59.50
C ILE UA 126 -41.58 -103.05 59.48
N ASP UA 127 -41.71 -104.19 60.14
CA ASP UA 127 -40.63 -105.15 60.19
C ASP UA 127 -40.05 -105.38 58.80
N GLN UA 128 -40.93 -105.63 57.83
CA GLN UA 128 -40.54 -106.03 56.51
C GLN UA 128 -40.76 -104.95 55.47
N LEU UA 129 -41.30 -103.80 55.87
CA LEU UA 129 -41.56 -102.71 54.95
C LEU UA 129 -42.46 -103.16 53.82
N ASN UA 130 -43.47 -103.95 54.14
CA ASN UA 130 -44.33 -104.48 53.11
C ASN UA 130 -45.58 -103.64 53.00
N PRO UA 131 -45.79 -102.90 51.92
CA PRO UA 131 -47.08 -102.24 51.73
C PRO UA 131 -48.19 -103.28 51.69
N ALA UA 132 -49.36 -102.86 52.13
CA ALA UA 132 -50.48 -103.77 52.29
C ALA UA 132 -51.05 -104.09 50.91
N TYR UA 133 -50.78 -105.29 50.43
CA TYR UA 133 -51.36 -105.74 49.18
C TYR UA 133 -51.55 -107.24 49.21
N ALA VA 2 -44.04 -73.95 98.22
CA ALA VA 2 -45.18 -73.66 97.30
C ALA VA 2 -45.57 -74.91 96.53
N LYS VA 3 -45.29 -76.07 97.13
CA LYS VA 3 -45.53 -77.34 96.45
C LYS VA 3 -46.95 -77.39 95.92
N LEU VA 4 -47.09 -77.76 94.66
CA LEU VA 4 -48.43 -77.94 94.12
C LEU VA 4 -49.11 -79.10 94.84
N GLU VA 5 -50.42 -78.97 95.03
CA GLU VA 5 -51.18 -79.97 95.78
C GLU VA 5 -52.65 -79.71 95.54
N THR VA 6 -53.48 -80.71 95.84
CA THR VA 6 -54.91 -80.57 95.68
C THR VA 6 -55.45 -79.52 96.64
N VAL VA 7 -55.86 -78.39 96.11
CA VAL VA 7 -56.30 -77.28 96.95
C VAL VA 7 -57.79 -77.46 97.22
N THR VA 8 -58.16 -77.27 98.48
CA THR VA 8 -59.49 -77.58 98.98
C THR VA 8 -60.12 -76.28 99.45
N LEU VA 9 -60.81 -75.60 98.54
CA LEU VA 9 -61.39 -74.30 98.84
C LEU VA 9 -62.71 -74.55 99.54
N GLY VA 10 -62.85 -74.04 100.75
CA GLY VA 10 -64.05 -74.29 101.53
C GLY VA 10 -65.22 -73.42 101.15
N ASN VA 11 -65.90 -72.87 102.15
CA ASN VA 11 -67.03 -71.98 101.96
C ASN VA 11 -66.88 -71.11 100.71
N ILE VA 12 -67.91 -71.10 99.86
CA ILE VA 12 -67.84 -70.45 98.56
C ILE VA 12 -69.26 -70.20 98.05
N GLY VA 13 -69.49 -69.00 97.52
CA GLY VA 13 -70.74 -68.68 96.82
C GLY VA 13 -71.53 -67.62 97.56
N LYS VA 14 -72.80 -67.46 97.15
CA LYS VA 14 -73.67 -66.50 97.82
C LYS VA 14 -73.84 -66.84 99.28
N ASP VA 15 -74.53 -67.93 99.56
CA ASP VA 15 -74.80 -68.33 100.94
C ASP VA 15 -73.58 -68.91 101.61
N GLY VA 16 -72.52 -69.13 100.85
CA GLY VA 16 -71.33 -69.72 101.41
C GLY VA 16 -71.56 -71.14 101.84
N LYS VA 17 -71.81 -72.00 100.87
CA LYS VA 17 -72.09 -73.41 101.15
C LYS VA 17 -71.39 -74.39 100.23
N GLN VA 18 -70.87 -73.95 99.08
CA GLN VA 18 -70.26 -74.86 98.13
C GLN VA 18 -68.79 -75.06 98.46
N THR VA 19 -68.15 -75.96 97.71
CA THR VA 19 -66.74 -76.26 97.92
C THR VA 19 -66.09 -76.56 96.59
N LEU VA 20 -64.79 -76.26 96.50
CA LEU VA 20 -64.03 -76.48 95.29
C LEU VA 20 -62.83 -77.35 95.59
N VAL VA 21 -62.50 -78.24 94.68
CA VAL VA 21 -61.36 -79.12 94.82
C VAL VA 21 -60.57 -79.00 93.52
N LEU VA 22 -59.45 -78.31 93.57
CA LEU VA 22 -58.61 -78.09 92.40
C LEU VA 22 -57.45 -79.07 92.48
N ASN VA 23 -57.35 -79.96 91.51
CA ASN VA 23 -56.25 -80.89 91.54
C ASN VA 23 -55.03 -80.29 90.84
N PRO VA 24 -53.82 -80.67 91.27
CA PRO VA 24 -52.61 -80.06 90.70
C PRO VA 24 -52.33 -80.64 89.33
N ARG VA 25 -52.38 -79.78 88.32
CA ARG VA 25 -52.16 -80.23 86.95
C ARG VA 25 -50.67 -80.30 86.61
N GLY VA 26 -50.00 -79.17 86.65
CA GLY VA 26 -48.60 -79.13 86.27
C GLY VA 26 -48.09 -77.71 86.27
N VAL VA 27 -46.97 -77.49 85.59
CA VAL VA 27 -46.39 -76.16 85.51
C VAL VA 27 -45.80 -75.97 84.12
N ASN VA 28 -46.44 -75.14 83.32
CA ASN VA 28 -45.89 -74.82 82.02
C ASN VA 28 -44.56 -74.11 82.23
N PRO VA 29 -43.47 -74.60 81.63
CA PRO VA 29 -42.17 -73.95 81.80
C PRO VA 29 -41.96 -72.74 80.90
N THR VA 30 -42.47 -72.79 79.66
CA THR VA 30 -42.23 -71.70 78.72
C THR VA 30 -42.53 -70.35 79.34
N ASN VA 31 -43.37 -70.34 80.36
CA ASN VA 31 -43.75 -69.13 81.07
C ASN VA 31 -43.62 -69.27 82.57
N GLY VA 32 -43.29 -70.46 83.07
CA GLY VA 32 -43.31 -70.70 84.49
C GLY VA 32 -44.63 -70.33 85.11
N VAL VA 33 -45.69 -71.03 84.76
CA VAL VA 33 -46.99 -70.86 85.41
C VAL VA 33 -47.51 -72.23 85.84
N ALA VA 34 -47.86 -72.34 87.11
CA ALA VA 34 -48.45 -73.56 87.63
C ALA VA 34 -49.96 -73.50 87.47
N SER VA 35 -50.53 -74.63 87.05
CA SER VA 35 -51.95 -74.72 86.70
C SER VA 35 -52.65 -75.69 87.65
N LEU VA 36 -53.86 -75.34 88.02
CA LEU VA 36 -54.73 -76.22 88.77
C LEU VA 36 -56.07 -76.29 88.07
N SER VA 37 -56.66 -77.48 88.10
CA SER VA 37 -57.92 -77.72 87.43
C SER VA 37 -58.85 -78.44 88.38
N GLN VA 38 -60.15 -78.14 88.26
CA GLN VA 38 -61.12 -78.95 88.96
C GLN VA 38 -61.19 -80.32 88.29
N ALA VA 39 -61.55 -81.33 89.08
CA ALA VA 39 -61.64 -82.68 88.56
C ALA VA 39 -62.73 -82.75 87.49
N GLY VA 40 -62.37 -83.28 86.32
CA GLY VA 40 -63.31 -83.39 85.22
C GLY VA 40 -62.79 -84.27 84.10
N ALA VA 41 -63.44 -84.21 82.95
CA ALA VA 41 -62.99 -84.96 81.79
C ALA VA 41 -62.89 -84.07 80.57
N VAL VA 42 -63.82 -83.14 80.44
CA VAL VA 42 -63.82 -82.21 79.32
C VAL VA 42 -63.03 -81.00 79.76
N PRO VA 43 -61.81 -80.78 79.27
CA PRO VA 43 -61.07 -79.59 79.71
C PRO VA 43 -61.83 -78.32 79.42
N ALA VA 44 -62.75 -78.35 78.47
CA ALA VA 44 -63.46 -77.16 78.05
C ALA VA 44 -64.42 -76.63 79.09
N LEU VA 45 -64.87 -77.46 80.01
CA LEU VA 45 -65.90 -77.03 80.95
C LEU VA 45 -65.43 -77.28 82.37
N GLU VA 46 -64.21 -76.87 82.69
CA GLU VA 46 -63.66 -77.28 83.96
C GLU VA 46 -62.96 -76.06 84.54
N LYS VA 47 -63.18 -75.78 85.81
CA LYS VA 47 -62.67 -74.53 86.39
C LYS VA 47 -61.15 -74.58 86.48
N ARG VA 48 -60.49 -73.51 86.05
CA ARG VA 48 -59.04 -73.50 85.97
C ARG VA 48 -58.48 -72.32 86.76
N VAL VA 49 -57.27 -72.53 87.28
CA VAL VA 49 -56.54 -71.51 88.02
C VAL VA 49 -55.09 -71.54 87.60
N THR VA 50 -54.48 -70.36 87.48
CA THR VA 50 -53.08 -70.26 87.09
C THR VA 50 -52.38 -69.30 88.02
N VAL VA 51 -51.18 -69.68 88.45
CA VAL VA 51 -50.37 -68.86 89.34
C VAL VA 51 -48.96 -68.77 88.78
N SER VA 52 -48.42 -67.57 88.73
CA SER VA 52 -47.09 -67.34 88.21
C SER VA 52 -46.39 -66.29 89.05
N VAL VA 53 -45.08 -66.45 89.20
CA VAL VA 53 -44.26 -65.52 89.96
C VAL VA 53 -43.11 -65.10 89.06
N SER VA 54 -43.16 -63.89 88.54
CA SER VA 54 -42.13 -63.38 87.66
C SER VA 54 -41.05 -62.70 88.48
N GLN VA 55 -39.85 -63.25 88.41
CA GLN VA 55 -38.61 -62.71 88.94
C GLN VA 55 -38.26 -61.41 88.22
N PRO VA 56 -37.57 -60.48 88.88
CA PRO VA 56 -37.33 -59.18 88.27
C PRO VA 56 -36.18 -59.25 87.29
N SER VA 57 -36.43 -58.79 86.07
CA SER VA 57 -35.50 -58.93 84.97
C SER VA 57 -34.74 -57.64 84.71
N ARG VA 58 -33.91 -57.68 83.65
CA ARG VA 58 -33.11 -56.53 83.25
C ARG VA 58 -33.94 -55.39 82.70
N ASN VA 59 -35.22 -55.61 82.45
CA ASN VA 59 -36.06 -54.60 81.82
C ASN VA 59 -37.23 -54.21 82.69
N ARG VA 60 -37.40 -54.84 83.85
CA ARG VA 60 -38.49 -54.51 84.75
C ARG VA 60 -38.03 -54.16 86.15
N LYS VA 61 -37.19 -55.00 86.74
CA LYS VA 61 -36.70 -54.79 88.10
C LYS VA 61 -37.86 -54.67 89.10
N ASN VA 62 -38.69 -55.71 89.13
CA ASN VA 62 -39.78 -55.76 90.10
C ASN VA 62 -40.41 -57.13 90.11
N TYR VA 63 -40.70 -57.64 91.30
CA TYR VA 63 -41.41 -58.90 91.43
C TYR VA 63 -42.85 -58.75 90.99
N LYS VA 64 -43.33 -59.67 90.15
CA LYS VA 64 -44.76 -59.75 89.89
C LYS VA 64 -45.27 -61.10 90.31
N VAL VA 65 -46.55 -61.15 90.66
CA VAL VA 65 -47.24 -62.42 90.84
C VAL VA 65 -48.61 -62.28 90.23
N GLN VA 66 -48.90 -63.10 89.23
CA GLN VA 66 -50.19 -63.12 88.56
C GLN VA 66 -50.97 -64.33 89.03
N VAL VA 67 -52.26 -64.12 89.27
CA VAL VA 67 -53.19 -65.21 89.58
C VAL VA 67 -54.40 -65.01 88.69
N LYS VA 68 -54.63 -65.96 87.78
CA LYS VA 68 -55.75 -65.89 86.87
C LYS VA 68 -56.72 -67.03 87.17
N ILE VA 69 -58.01 -66.73 87.06
CA ILE VA 69 -59.08 -67.63 87.41
C ILE VA 69 -60.05 -67.65 86.25
N GLN VA 70 -60.35 -68.85 85.75
CA GLN VA 70 -61.29 -69.03 84.66
C GLN VA 70 -62.36 -70.00 85.08
N ASN VA 71 -63.61 -69.62 84.87
CA ASN VA 71 -64.74 -70.48 85.23
C ASN VA 71 -65.75 -70.50 84.09
N PRO VA 72 -65.80 -71.56 83.30
CA PRO VA 72 -66.78 -71.64 82.23
C PRO VA 72 -68.13 -72.11 82.75
N THR VA 73 -69.14 -71.95 81.92
CA THR VA 73 -70.48 -72.41 82.24
C THR VA 73 -70.92 -73.49 81.28
N ALA VA 74 -71.79 -74.38 81.77
CA ALA VA 74 -72.14 -75.58 81.03
C ALA VA 74 -73.03 -75.28 79.84
N CYS VA 75 -74.21 -74.68 80.08
CA CYS VA 75 -75.28 -74.61 79.07
C CYS VA 75 -75.50 -75.97 78.40
N THR VA 76 -75.71 -76.98 79.23
CA THR VA 76 -76.02 -78.30 78.72
C THR VA 76 -77.32 -78.28 77.93
N ALA VA 77 -77.24 -78.68 76.66
CA ALA VA 77 -78.41 -78.75 75.79
C ALA VA 77 -79.06 -80.11 75.91
N ASN VA 78 -80.39 -80.12 75.79
CA ASN VA 78 -81.17 -81.35 76.00
C ASN VA 78 -80.98 -82.26 74.79
N GLY VA 79 -79.80 -82.87 74.75
CA GLY VA 79 -79.47 -83.88 73.78
C GLY VA 79 -78.48 -83.36 72.75
N SER VA 80 -78.33 -84.13 71.69
CA SER VA 80 -77.66 -83.75 70.45
C SER VA 80 -76.16 -83.61 70.57
N CYS VA 81 -75.62 -83.35 71.76
CA CYS VA 81 -74.33 -83.88 72.23
C CYS VA 81 -73.91 -83.08 73.46
N ASP VA 82 -72.75 -83.43 74.01
CA ASP VA 82 -72.30 -82.90 75.29
C ASP VA 82 -72.35 -81.37 75.29
N PRO VA 83 -72.34 -80.76 76.47
CA PRO VA 83 -72.53 -79.30 76.55
C PRO VA 83 -71.44 -78.56 75.80
N SER VA 84 -71.66 -77.27 75.66
CA SER VA 84 -70.71 -76.40 75.00
C SER VA 84 -70.56 -75.14 75.84
N VAL VA 85 -69.40 -74.50 75.70
CA VAL VA 85 -69.11 -73.34 76.56
C VAL VA 85 -69.85 -72.14 76.01
N THR VA 86 -70.71 -71.56 76.84
CA THR VA 86 -71.41 -70.34 76.49
C THR VA 86 -70.87 -69.13 77.21
N ARG VA 87 -70.07 -69.33 78.25
CA ARG VA 87 -69.82 -68.29 79.22
C ARG VA 87 -68.51 -68.57 79.93
N GLN VA 88 -67.73 -67.52 80.17
CA GLN VA 88 -66.52 -67.65 80.98
C GLN VA 88 -66.45 -66.46 81.92
N ALA VA 89 -66.40 -66.73 83.21
CA ALA VA 89 -66.03 -65.72 84.18
C ALA VA 89 -64.51 -65.68 84.32
N TYR VA 90 -63.96 -64.48 84.22
CA TYR VA 90 -62.53 -64.25 84.33
C TYR VA 90 -62.24 -63.41 85.56
N ALA VA 91 -61.18 -63.76 86.27
CA ALA VA 91 -60.65 -62.92 87.35
C ALA VA 91 -59.13 -62.93 87.26
N ASP VA 92 -58.53 -61.77 87.48
CA ASP VA 92 -57.09 -61.61 87.25
C ASP VA 92 -56.51 -60.67 88.30
N VAL VA 93 -55.64 -61.19 89.15
CA VAL VA 93 -54.96 -60.40 90.16
C VAL VA 93 -53.48 -60.33 89.82
N THR VA 94 -52.86 -59.18 90.09
CA THR VA 94 -51.46 -58.93 89.77
C THR VA 94 -50.82 -58.16 90.92
N PHE VA 95 -50.13 -58.88 91.80
CA PHE VA 95 -49.33 -58.21 92.82
C PHE VA 95 -48.01 -57.76 92.22
N SER VA 96 -47.58 -56.56 92.60
CA SER VA 96 -46.27 -56.03 92.23
C SER VA 96 -45.54 -55.62 93.50
N PHE VA 97 -44.28 -56.02 93.61
CA PHE VA 97 -43.47 -55.65 94.77
C PHE VA 97 -42.07 -55.27 94.30
N THR VA 98 -41.40 -54.48 95.13
CA THR VA 98 -40.06 -54.02 94.83
C THR VA 98 -39.02 -55.00 95.36
N GLN VA 99 -37.82 -54.89 94.80
CA GLN VA 99 -36.76 -55.84 95.14
C GLN VA 99 -36.40 -55.73 96.61
N TYR VA 100 -36.72 -54.61 97.24
CA TYR VA 100 -36.51 -54.41 98.66
C TYR VA 100 -37.79 -54.57 99.46
N SER VA 101 -38.85 -55.09 98.83
CA SER VA 101 -40.09 -55.29 99.55
C SER VA 101 -39.87 -56.22 100.73
N THR VA 102 -40.89 -56.33 101.57
CA THR VA 102 -40.82 -57.19 102.74
C THR VA 102 -42.05 -58.08 102.83
N ASP VA 103 -41.79 -59.35 103.18
CA ASP VA 103 -42.85 -60.28 103.46
C ASP VA 103 -43.94 -59.65 104.29
N GLU VA 104 -43.56 -58.79 105.24
CA GLU VA 104 -44.53 -58.09 106.06
C GLU VA 104 -45.60 -57.42 105.22
N GLU VA 105 -45.20 -56.44 104.41
CA GLU VA 105 -46.20 -55.70 103.66
C GLU VA 105 -46.85 -56.57 102.60
N ARG VA 106 -46.13 -57.55 102.08
CA ARG VA 106 -46.76 -58.43 101.10
C ARG VA 106 -47.95 -59.16 101.73
N ALA VA 107 -47.73 -59.74 102.92
CA ALA VA 107 -48.82 -60.37 103.65
C ALA VA 107 -49.93 -59.37 103.92
N PHE VA 108 -49.55 -58.17 104.35
CA PHE VA 108 -50.53 -57.13 104.61
C PHE VA 108 -51.42 -56.91 103.40
N VAL VA 109 -50.81 -56.74 102.23
CA VAL VA 109 -51.61 -56.39 101.06
C VAL VA 109 -52.51 -57.54 100.66
N ARG VA 110 -52.02 -58.77 100.72
CA ARG VA 110 -52.91 -59.85 100.31
C ARG VA 110 -54.08 -59.95 101.26
N THR VA 111 -53.82 -59.85 102.55
CA THR VA 111 -54.90 -60.02 103.50
C THR VA 111 -55.92 -58.91 103.34
N GLU VA 112 -55.48 -57.69 103.11
CA GLU VA 112 -56.45 -56.63 102.93
C GLU VA 112 -57.22 -56.84 101.64
N LEU VA 113 -56.57 -57.37 100.61
CA LEU VA 113 -57.30 -57.61 99.36
C LEU VA 113 -58.39 -58.64 99.58
N ALA VA 114 -58.08 -59.70 100.33
CA ALA VA 114 -59.11 -60.69 100.63
C ALA VA 114 -60.24 -60.07 101.44
N ALA VA 115 -59.87 -59.23 102.40
CA ALA VA 115 -60.89 -58.61 103.22
C ALA VA 115 -61.77 -57.66 102.41
N LEU VA 116 -61.20 -56.90 101.48
CA LEU VA 116 -62.04 -56.12 100.57
C LEU VA 116 -62.93 -57.03 99.76
N LEU VA 117 -62.38 -58.15 99.28
CA LEU VA 117 -63.20 -59.11 98.57
C LEU VA 117 -64.41 -59.53 99.39
N ALA VA 118 -64.25 -59.63 100.71
CA ALA VA 118 -65.38 -59.98 101.57
C ALA VA 118 -66.23 -58.79 101.97
N SER VA 119 -65.72 -57.57 101.87
CA SER VA 119 -66.41 -56.42 102.39
C SER VA 119 -67.70 -56.15 101.61
N PRO VA 120 -68.65 -55.44 102.22
CA PRO VA 120 -69.91 -55.18 101.53
C PRO VA 120 -69.74 -54.42 100.23
N LEU VA 121 -68.79 -53.49 100.18
CA LEU VA 121 -68.63 -52.67 98.99
C LEU VA 121 -68.39 -53.51 97.75
N LEU VA 122 -67.26 -54.21 97.72
CA LEU VA 122 -66.97 -55.05 96.56
C LEU VA 122 -68.08 -56.06 96.34
N ILE VA 123 -68.74 -56.50 97.41
CA ILE VA 123 -69.81 -57.46 97.27
C ILE VA 123 -70.87 -56.93 96.32
N ASP VA 124 -71.33 -55.70 96.57
CA ASP VA 124 -72.37 -55.15 95.72
C ASP VA 124 -71.82 -54.75 94.36
N ALA VA 125 -70.60 -54.22 94.32
CA ALA VA 125 -70.04 -53.79 93.04
C ALA VA 125 -69.79 -54.96 92.11
N ILE VA 126 -69.62 -56.16 92.66
CA ILE VA 126 -69.33 -57.34 91.87
C ILE VA 126 -70.62 -58.11 91.64
N ASP VA 127 -71.17 -58.62 92.73
CA ASP VA 127 -72.44 -59.31 92.68
C ASP VA 127 -73.46 -58.52 91.89
N GLN VA 128 -73.78 -57.33 92.36
CA GLN VA 128 -74.83 -56.53 91.76
C GLN VA 128 -74.36 -55.77 90.54
N LEU VA 129 -73.06 -55.74 90.27
CA LEU VA 129 -72.51 -54.88 89.23
C LEU VA 129 -72.83 -53.41 89.52
N ASN VA 130 -73.08 -53.07 90.78
CA ASN VA 130 -73.48 -51.72 91.12
C ASN VA 130 -72.27 -50.80 91.07
N PRO VA 131 -72.28 -49.74 90.27
CA PRO VA 131 -71.17 -48.79 90.29
C PRO VA 131 -70.96 -48.25 91.69
N ALA VA 132 -69.68 -48.17 92.09
CA ALA VA 132 -69.36 -47.68 93.41
C ALA VA 132 -69.99 -46.31 93.58
N TYR VA 133 -70.99 -46.22 94.45
CA TYR VA 133 -71.70 -44.98 94.69
C TYR VA 133 -72.72 -45.09 95.81
N ALA WA 2 -33.81 -83.94 87.36
CA ALA WA 2 -33.58 -83.27 88.65
C ALA WA 2 -34.76 -82.38 88.98
N LYS WA 3 -35.84 -82.98 89.45
CA LYS WA 3 -36.99 -82.16 89.82
C LYS WA 3 -36.63 -81.26 90.99
N LEU WA 4 -36.98 -79.99 90.87
CA LEU WA 4 -36.67 -79.03 91.91
C LEU WA 4 -37.53 -79.25 93.12
N GLU WA 5 -36.91 -79.20 94.28
CA GLU WA 5 -37.62 -79.30 95.55
C GLU WA 5 -36.81 -78.57 96.59
N THR WA 6 -37.42 -78.40 97.76
CA THR WA 6 -36.75 -77.67 98.82
C THR WA 6 -35.46 -78.36 99.19
N VAL WA 7 -34.36 -77.63 99.13
CA VAL WA 7 -33.03 -78.17 99.37
C VAL WA 7 -32.63 -77.84 100.79
N THR WA 8 -32.32 -78.87 101.58
CA THR WA 8 -31.87 -78.71 102.94
C THR WA 8 -30.42 -79.16 103.01
N LEU WA 9 -29.52 -78.24 103.26
CA LEU WA 9 -28.12 -78.59 103.43
C LEU WA 9 -27.70 -78.20 104.84
N GLY WA 10 -27.21 -79.18 105.59
CA GLY WA 10 -26.78 -78.99 106.95
C GLY WA 10 -25.29 -79.24 107.10
N ASN WA 11 -24.83 -79.12 108.34
CA ASN WA 11 -23.42 -79.22 108.67
C ASN WA 11 -22.62 -78.26 107.79
N ILE WA 12 -22.88 -76.98 108.00
CA ILE WA 12 -22.43 -75.93 107.11
C ILE WA 12 -21.64 -74.93 107.94
N GLY WA 13 -20.75 -74.20 107.27
CA GLY WA 13 -20.03 -73.12 107.92
C GLY WA 13 -18.67 -73.55 108.45
N LYS WA 14 -18.02 -72.63 109.16
CA LYS WA 14 -16.70 -72.92 109.67
C LYS WA 14 -16.71 -74.15 110.56
N ASP WA 15 -17.57 -74.15 111.57
CA ASP WA 15 -17.64 -75.29 112.48
C ASP WA 15 -18.66 -76.33 112.03
N GLY WA 16 -19.24 -76.15 110.85
CA GLY WA 16 -20.15 -77.15 110.32
C GLY WA 16 -21.37 -77.37 111.19
N LYS WA 17 -22.09 -76.28 111.50
CA LYS WA 17 -23.23 -76.39 112.39
C LYS WA 17 -24.48 -75.68 111.93
N GLN WA 18 -24.42 -74.87 110.88
CA GLN WA 18 -25.63 -74.18 110.47
C GLN WA 18 -26.32 -74.94 109.35
N THR WA 19 -27.49 -74.45 108.96
CA THR WA 19 -28.33 -75.11 107.97
C THR WA 19 -28.85 -74.07 106.99
N LEU WA 20 -29.10 -74.51 105.77
CA LEU WA 20 -29.59 -73.61 104.73
C LEU WA 20 -30.71 -74.31 103.98
N VAL WA 21 -31.81 -73.61 103.79
CA VAL WA 21 -33.02 -74.16 103.20
C VAL WA 21 -33.34 -73.31 101.98
N LEU WA 22 -33.22 -73.90 100.79
CA LEU WA 22 -33.42 -73.20 99.53
C LEU WA 22 -34.75 -73.63 98.93
N ASN WA 23 -35.54 -72.68 98.58
CA ASN WA 23 -36.79 -73.02 97.90
C ASN WA 23 -36.64 -72.81 96.40
N PRO WA 24 -37.42 -73.56 95.61
CA PRO WA 24 -37.35 -73.39 94.16
C PRO WA 24 -37.82 -72.02 93.75
N ARG WA 25 -37.20 -71.48 92.69
CA ARG WA 25 -37.64 -70.25 92.07
C ARG WA 25 -37.98 -70.43 90.60
N GLY WA 26 -38.12 -71.67 90.16
CA GLY WA 26 -38.48 -71.93 88.79
C GLY WA 26 -37.27 -71.96 87.87
N VAL WA 27 -37.56 -71.78 86.58
CA VAL WA 27 -36.55 -71.87 85.54
C VAL WA 27 -36.74 -70.70 84.58
N ASN WA 28 -35.64 -70.09 84.18
CA ASN WA 28 -35.71 -69.01 83.21
C ASN WA 28 -36.21 -69.57 81.89
N PRO WA 29 -37.27 -69.00 81.31
CA PRO WA 29 -37.69 -69.45 79.98
C PRO WA 29 -36.63 -69.23 78.92
N THR WA 30 -35.84 -68.17 79.05
CA THR WA 30 -34.88 -67.80 78.02
C THR WA 30 -33.57 -68.55 78.18
N ASN WA 31 -32.90 -68.33 79.32
CA ASN WA 31 -31.61 -68.96 79.56
C ASN WA 31 -31.75 -70.43 79.93
N GLY WA 32 -32.95 -70.86 80.30
CA GLY WA 32 -33.14 -72.25 80.67
C GLY WA 32 -32.28 -72.60 81.87
N VAL WA 33 -32.33 -71.76 82.89
CA VAL WA 33 -31.56 -71.94 84.11
C VAL WA 33 -32.51 -71.97 85.29
N ALA WA 34 -32.37 -72.99 86.14
CA ALA WA 34 -33.20 -73.06 87.33
C ALA WA 34 -32.53 -72.33 88.47
N SER WA 35 -33.34 -71.79 89.36
CA SER WA 35 -32.83 -71.02 90.48
C SER WA 35 -33.55 -71.40 91.76
N LEU WA 36 -32.83 -71.30 92.87
CA LEU WA 36 -33.38 -71.52 94.20
C LEU WA 36 -32.95 -70.38 95.10
N SER WA 37 -33.77 -70.11 96.11
CA SER WA 37 -33.51 -69.00 97.00
C SER WA 37 -33.79 -69.41 98.43
N GLN WA 38 -33.01 -68.84 99.35
CA GLN WA 38 -33.25 -69.06 100.76
C GLN WA 38 -34.48 -68.30 101.21
N ALA WA 39 -35.21 -68.89 102.14
CA ALA WA 39 -36.41 -68.24 102.65
C ALA WA 39 -36.04 -67.05 103.51
N GLY WA 40 -36.49 -65.86 103.10
CA GLY WA 40 -36.14 -64.66 103.83
C GLY WA 40 -37.26 -63.65 103.77
N ALA WA 41 -37.03 -62.53 104.43
CA ALA WA 41 -38.02 -61.46 104.49
C ALA WA 41 -37.84 -60.46 103.35
N VAL WA 42 -36.62 -59.99 103.14
CA VAL WA 42 -36.33 -59.01 102.11
C VAL WA 42 -35.71 -59.74 100.92
N PRO WA 43 -36.43 -59.91 99.82
CA PRO WA 43 -35.91 -60.72 98.70
C PRO WA 43 -34.51 -60.33 98.29
N ALA WA 44 -34.12 -59.08 98.53
CA ALA WA 44 -32.78 -58.65 98.16
C ALA WA 44 -31.70 -59.37 98.94
N LEU WA 45 -32.02 -59.92 100.10
CA LEU WA 45 -31.03 -60.45 101.02
C LEU WA 45 -31.09 -61.96 101.16
N GLU WA 46 -31.53 -62.66 100.12
CA GLU WA 46 -31.66 -64.11 100.19
C GLU WA 46 -30.49 -64.76 99.45
N LYS WA 47 -29.93 -65.80 100.05
CA LYS WA 47 -28.92 -66.58 99.37
C LYS WA 47 -29.52 -67.22 98.13
N ARG WA 48 -28.91 -66.98 96.98
CA ARG WA 48 -29.39 -67.52 95.72
C ARG WA 48 -28.47 -68.62 95.23
N VAL WA 49 -29.05 -69.54 94.46
CA VAL WA 49 -28.31 -70.66 93.91
C VAL WA 49 -28.82 -70.97 92.52
N THR WA 50 -27.92 -70.99 91.55
CA THR WA 50 -28.26 -71.13 90.15
C THR WA 50 -27.72 -72.45 89.61
N VAL WA 51 -28.48 -73.07 88.72
CA VAL WA 51 -28.07 -74.36 88.14
C VAL WA 51 -28.53 -74.39 86.70
N SER WA 52 -27.61 -74.68 85.79
CA SER WA 52 -27.93 -74.81 84.37
C SER WA 52 -27.18 -75.99 83.78
N VAL WA 53 -27.83 -76.66 82.83
CA VAL WA 53 -27.13 -77.64 82.02
C VAL WA 53 -27.47 -77.37 80.55
N SER WA 54 -26.65 -76.56 79.90
CA SER WA 54 -26.86 -76.27 78.49
C SER WA 54 -26.62 -77.52 77.67
N GLN WA 55 -27.39 -77.66 76.60
CA GLN WA 55 -27.25 -78.79 75.70
C GLN WA 55 -26.02 -78.62 74.82
N PRO WA 56 -25.56 -79.70 74.19
CA PRO WA 56 -24.34 -79.61 73.38
C PRO WA 56 -24.50 -78.68 72.20
N SER WA 57 -23.39 -78.04 71.83
CA SER WA 57 -23.35 -77.13 70.70
C SER WA 57 -23.23 -77.90 69.39
N ARG WA 58 -22.85 -77.23 68.32
CA ARG WA 58 -22.68 -77.85 67.01
C ARG WA 58 -21.20 -78.18 66.77
N ASN WA 59 -20.95 -79.41 66.31
CA ASN WA 59 -19.66 -79.83 65.78
C ASN WA 59 -18.57 -79.98 66.85
N ARG WA 60 -18.85 -79.54 68.07
CA ARG WA 60 -17.93 -79.76 69.18
C ARG WA 60 -18.66 -80.39 70.37
N LYS WA 61 -19.87 -79.92 70.63
CA LYS WA 61 -20.87 -80.48 71.53
C LYS WA 61 -20.62 -80.27 73.02
N ASN WA 62 -19.38 -80.14 73.47
CA ASN WA 62 -19.08 -79.48 74.75
C ASN WA 62 -20.15 -79.52 75.85
N TYR WA 63 -20.63 -80.68 76.31
CA TYR WA 63 -21.65 -80.65 77.38
C TYR WA 63 -21.19 -79.71 78.48
N LYS WA 64 -22.05 -78.78 78.86
CA LYS WA 64 -21.71 -77.74 79.81
C LYS WA 64 -22.70 -77.74 80.96
N VAL WA 65 -22.20 -77.55 82.17
CA VAL WA 65 -23.03 -77.37 83.36
C VAL WA 65 -22.47 -76.25 84.19
N GLN WA 66 -23.37 -75.40 84.70
CA GLN WA 66 -23.01 -74.19 85.42
C GLN WA 66 -23.75 -74.15 86.74
N VAL WA 67 -23.06 -73.66 87.77
CA VAL WA 67 -23.66 -73.46 89.09
C VAL WA 67 -23.14 -72.15 89.66
N LYS WA 68 -24.04 -71.18 89.84
CA LYS WA 68 -23.69 -69.89 90.45
C LYS WA 68 -24.31 -69.83 91.84
N ILE WA 69 -23.47 -69.67 92.86
CA ILE WA 69 -23.91 -69.46 94.23
C ILE WA 69 -23.64 -68.01 94.59
N GLN WA 70 -24.70 -67.28 94.95
CA GLN WA 70 -24.61 -65.89 95.30
C GLN WA 70 -25.05 -65.70 96.74
N ASN WA 71 -24.19 -65.11 97.56
CA ASN WA 71 -24.50 -64.87 98.97
C ASN WA 71 -24.43 -63.38 99.24
N PRO WA 72 -25.53 -62.74 99.60
CA PRO WA 72 -25.52 -61.30 99.85
C PRO WA 72 -25.27 -60.97 101.30
N THR WA 73 -24.97 -59.70 101.54
CA THR WA 73 -24.91 -59.17 102.90
C THR WA 73 -25.02 -57.65 102.85
N ALA WA 74 -26.05 -57.13 103.49
CA ALA WA 74 -26.32 -55.71 103.54
C ALA WA 74 -25.90 -55.15 104.90
N CYS WA 75 -26.00 -53.83 105.02
CA CYS WA 75 -25.72 -53.17 106.29
C CYS WA 75 -26.46 -51.84 106.27
N THR WA 76 -27.57 -51.77 107.00
CA THR WA 76 -28.38 -50.57 107.02
C THR WA 76 -27.62 -49.41 107.67
N ALA WA 77 -27.29 -48.41 106.86
CA ALA WA 77 -26.67 -47.20 107.38
C ALA WA 77 -27.70 -46.35 108.12
N ASN WA 78 -27.21 -45.48 109.00
CA ASN WA 78 -28.13 -44.68 109.79
C ASN WA 78 -28.85 -43.71 108.87
N GLY WA 79 -30.11 -43.45 109.16
CA GLY WA 79 -30.92 -42.62 108.32
C GLY WA 79 -31.46 -43.32 107.09
N SER WA 80 -31.01 -44.54 106.83
CA SER WA 80 -31.50 -45.34 105.72
C SER WA 80 -32.45 -46.38 106.27
N CYS WA 81 -33.71 -46.30 105.86
CA CYS WA 81 -34.67 -47.36 106.08
C CYS WA 81 -34.60 -48.40 104.97
N ASP WA 82 -33.40 -48.65 104.48
CA ASP WA 82 -33.13 -49.41 103.27
C ASP WA 82 -31.92 -50.30 103.52
N PRO WA 83 -32.10 -51.54 103.96
CA PRO WA 83 -30.93 -52.41 104.11
C PRO WA 83 -30.27 -52.80 102.79
N SER WA 84 -29.51 -51.88 102.21
CA SER WA 84 -28.91 -52.12 100.91
C SER WA 84 -27.76 -53.10 101.02
N VAL WA 85 -27.65 -54.00 100.04
CA VAL WA 85 -26.56 -54.97 100.05
C VAL WA 85 -25.24 -54.24 99.80
N THR WA 86 -24.31 -54.42 100.72
CA THR WA 86 -23.00 -53.81 100.63
C THR WA 86 -21.91 -54.80 100.26
N ARG WA 87 -22.22 -56.09 100.28
CA ARG WA 87 -21.21 -57.12 100.05
C ARG WA 87 -21.86 -58.29 99.35
N GLN WA 88 -21.14 -58.87 98.38
CA GLN WA 88 -21.65 -60.01 97.64
C GLN WA 88 -20.55 -61.04 97.47
N ALA WA 89 -20.89 -62.31 97.68
CA ALA WA 89 -19.97 -63.41 97.47
C ALA WA 89 -20.45 -64.25 96.31
N TYR WA 90 -19.54 -64.54 95.39
CA TYR WA 90 -19.86 -65.29 94.17
C TYR WA 90 -19.08 -66.60 94.16
N ALA WA 91 -19.73 -67.65 93.67
CA ALA WA 91 -19.05 -68.92 93.47
C ALA WA 91 -19.54 -69.53 92.16
N ASP WA 92 -18.68 -69.58 91.16
CA ASP WA 92 -19.00 -70.09 89.84
C ASP WA 92 -18.33 -71.45 89.68
N VAL WA 93 -19.14 -72.47 89.48
CA VAL WA 93 -18.64 -73.80 89.17
C VAL WA 93 -19.06 -74.14 87.76
N THR WA 94 -18.15 -74.74 87.01
CA THR WA 94 -18.36 -74.99 85.58
C THR WA 94 -17.77 -76.34 85.23
N PHE WA 95 -18.64 -77.29 84.90
CA PHE WA 95 -18.21 -78.62 84.50
C PHE WA 95 -18.41 -78.79 83.00
N SER WA 96 -17.42 -79.39 82.35
CA SER WA 96 -17.46 -79.61 80.91
C SER WA 96 -17.14 -81.07 80.63
N PHE WA 97 -17.96 -81.70 79.81
CA PHE WA 97 -17.72 -83.08 79.41
C PHE WA 97 -17.96 -83.21 77.91
N THR WA 98 -17.60 -84.37 77.37
CA THR WA 98 -17.76 -84.63 75.95
C THR WA 98 -19.00 -85.47 75.68
N GLN WA 99 -19.42 -85.49 74.41
CA GLN WA 99 -20.59 -86.27 74.02
C GLN WA 99 -20.46 -87.71 74.46
N TYR WA 100 -19.25 -88.24 74.50
CA TYR WA 100 -19.02 -89.63 74.83
C TYR WA 100 -18.83 -89.84 76.34
N SER WA 101 -18.83 -88.77 77.13
CA SER WA 101 -18.51 -88.89 78.55
C SER WA 101 -19.43 -89.90 79.21
N THR WA 102 -19.10 -90.24 80.45
CA THR WA 102 -19.86 -91.25 81.16
C THR WA 102 -20.11 -90.87 82.61
N ASP WA 103 -21.21 -91.41 83.13
CA ASP WA 103 -21.59 -91.17 84.50
C ASP WA 103 -20.46 -91.49 85.45
N GLU WA 104 -19.72 -92.57 85.18
CA GLU WA 104 -18.61 -92.99 86.02
C GLU WA 104 -17.68 -91.82 86.31
N GLU WA 105 -17.01 -91.35 85.27
CA GLU WA 105 -16.02 -90.31 85.42
C GLU WA 105 -16.68 -89.02 85.88
N ARG WA 106 -17.97 -88.87 85.58
CA ARG WA 106 -18.58 -87.57 85.79
C ARG WA 106 -18.98 -87.40 87.25
N ALA WA 107 -19.61 -88.43 87.84
CA ALA WA 107 -19.77 -88.47 89.29
C ALA WA 107 -18.42 -88.47 89.99
N PHE WA 108 -17.45 -89.17 89.42
CA PHE WA 108 -16.11 -89.15 89.98
C PHE WA 108 -15.64 -87.70 90.15
N VAL WA 109 -15.72 -86.92 89.07
CA VAL WA 109 -15.30 -85.53 89.13
C VAL WA 109 -16.07 -84.77 90.18
N ARG WA 110 -17.39 -84.97 90.23
CA ARG WA 110 -18.15 -84.23 91.23
C ARG WA 110 -17.61 -84.49 92.62
N THR WA 111 -17.39 -85.76 92.95
CA THR WA 111 -17.00 -86.05 94.31
C THR WA 111 -15.54 -85.66 94.57
N GLU WA 112 -14.68 -85.64 93.56
CA GLU WA 112 -13.35 -85.07 93.80
C GLU WA 112 -13.45 -83.59 94.09
N LEU WA 113 -14.34 -82.89 93.40
CA LEU WA 113 -14.56 -81.49 93.71
C LEU WA 113 -15.01 -81.32 95.15
N ALA WA 114 -15.99 -82.11 95.58
CA ALA WA 114 -16.47 -82.01 96.95
C ALA WA 114 -15.34 -82.30 97.93
N ALA WA 115 -14.55 -83.31 97.64
CA ALA WA 115 -13.48 -83.70 98.55
C ALA WA 115 -12.41 -82.63 98.65
N LEU WA 116 -11.95 -82.09 97.52
CA LEU WA 116 -11.02 -80.98 97.58
C LEU WA 116 -11.62 -79.84 98.37
N LEU WA 117 -12.91 -79.58 98.16
CA LEU WA 117 -13.56 -78.47 98.81
C LEU WA 117 -13.62 -78.64 100.31
N ALA WA 118 -13.61 -79.88 100.78
CA ALA WA 118 -13.50 -80.14 102.21
C ALA WA 118 -12.07 -80.28 102.69
N SER WA 119 -11.11 -80.44 101.79
CA SER WA 119 -9.73 -80.68 102.18
C SER WA 119 -9.14 -79.45 102.87
N PRO WA 120 -8.17 -79.66 103.77
CA PRO WA 120 -7.49 -78.51 104.36
C PRO WA 120 -6.87 -77.60 103.32
N LEU WA 121 -6.48 -78.13 102.16
CA LEU WA 121 -5.76 -77.32 101.21
C LEU WA 121 -6.66 -76.17 100.75
N LEU WA 122 -7.78 -76.49 100.12
CA LEU WA 122 -8.70 -75.42 99.74
C LEU WA 122 -9.23 -74.68 100.96
N ILE WA 123 -9.24 -75.33 102.13
CA ILE WA 123 -9.70 -74.65 103.34
C ILE WA 123 -8.90 -73.36 103.54
N ASP WA 124 -7.58 -73.49 103.64
CA ASP WA 124 -6.76 -72.30 103.81
C ASP WA 124 -6.64 -71.50 102.53
N ALA WA 125 -6.91 -72.11 101.37
CA ALA WA 125 -6.84 -71.36 100.13
C ALA WA 125 -7.97 -70.36 99.99
N ILE WA 126 -9.15 -70.71 100.50
CA ILE WA 126 -10.33 -69.86 100.41
C ILE WA 126 -10.57 -69.13 101.72
N ASP WA 127 -10.81 -69.87 102.80
CA ASP WA 127 -11.24 -69.25 104.03
C ASP WA 127 -10.23 -68.22 104.51
N GLN WA 128 -8.95 -68.54 104.44
CA GLN WA 128 -7.90 -67.63 104.86
C GLN WA 128 -7.25 -66.90 103.70
N LEU WA 129 -7.65 -67.18 102.48
CA LEU WA 129 -7.08 -66.52 101.30
C LEU WA 129 -5.56 -66.68 101.28
N ASN WA 130 -5.10 -67.90 101.51
CA ASN WA 130 -3.68 -68.18 101.54
C ASN WA 130 -3.27 -68.86 100.24
N PRO WA 131 -2.55 -68.18 99.35
CA PRO WA 131 -2.06 -68.86 98.16
C PRO WA 131 -1.24 -70.09 98.52
N ALA WA 132 -1.42 -71.15 97.76
CA ALA WA 132 -0.79 -72.43 98.07
C ALA WA 132 0.62 -72.49 97.49
N TYR WA 133 1.58 -72.84 98.34
CA TYR WA 133 2.97 -73.04 97.91
C TYR WA 133 3.67 -73.97 98.90
N ALA XA 2 33.95 -33.76 121.08
CA ALA XA 2 34.36 -32.38 120.68
C ALA XA 2 33.36 -31.34 121.16
N LYS XA 3 33.21 -31.22 122.48
CA LYS XA 3 32.23 -30.32 123.07
C LYS XA 3 32.67 -28.87 122.94
N LEU XA 4 31.68 -27.99 122.70
CA LEU XA 4 31.92 -26.57 122.48
C LEU XA 4 31.65 -25.79 123.75
N GLU XA 5 32.61 -24.95 124.15
CA GLU XA 5 32.53 -24.24 125.40
C GLU XA 5 33.72 -23.29 125.49
N THR XA 6 33.82 -22.55 126.60
CA THR XA 6 34.77 -21.45 126.71
C THR XA 6 36.20 -21.97 126.78
N VAL XA 7 37.08 -21.39 125.97
CA VAL XA 7 38.49 -21.79 125.95
C VAL XA 7 39.34 -20.59 126.30
N THR XA 8 40.23 -20.78 127.27
CA THR XA 8 41.09 -19.73 127.81
C THR XA 8 42.50 -20.00 127.30
N LEU XA 9 42.92 -19.21 126.33
CA LEU XA 9 44.14 -19.48 125.60
C LEU XA 9 45.21 -18.55 126.17
N GLY XA 10 46.11 -19.09 126.99
CA GLY XA 10 47.03 -18.24 127.74
C GLY XA 10 48.45 -18.22 127.22
N ASN XA 11 49.20 -17.19 127.61
CA ASN XA 11 50.60 -17.06 127.22
C ASN XA 11 50.73 -16.98 125.70
N ILE XA 12 50.21 -15.89 125.16
CA ILE XA 12 50.02 -15.69 123.73
C ILE XA 12 50.95 -14.56 123.30
N GLY XA 13 51.31 -14.56 122.02
CA GLY XA 13 51.98 -13.42 121.41
C GLY XA 13 53.49 -13.49 121.53
N LYS XA 14 54.12 -12.35 121.22
CA LYS XA 14 55.59 -12.28 121.19
C LYS XA 14 56.18 -12.70 122.53
N ASP XA 15 55.73 -12.07 123.61
CA ASP XA 15 56.23 -12.34 124.94
C ASP XA 15 55.53 -13.51 125.59
N GLY XA 16 54.43 -13.98 125.02
CA GLY XA 16 53.63 -14.99 125.66
C GLY XA 16 53.03 -14.49 126.96
N LYS XA 17 52.40 -13.32 126.92
CA LYS XA 17 51.83 -12.74 128.13
C LYS XA 17 50.33 -12.49 128.06
N GLN XA 18 49.74 -12.27 126.90
CA GLN XA 18 48.32 -11.97 126.88
C GLN XA 18 47.50 -13.26 126.92
N THR XA 19 46.18 -13.11 126.96
CA THR XA 19 45.26 -14.23 126.99
C THR XA 19 44.08 -13.94 126.09
N LEU XA 20 43.50 -15.00 125.53
CA LEU XA 20 42.36 -14.90 124.64
C LEU XA 20 41.25 -15.81 125.14
N VAL XA 21 40.08 -15.25 125.37
CA VAL XA 21 38.93 -16.01 125.83
C VAL XA 21 38.00 -16.17 124.66
N LEU XA 22 37.82 -17.40 124.19
CA LEU XA 22 37.00 -17.70 123.04
C LEU XA 22 35.74 -18.39 123.51
N ASN XA 23 34.63 -17.78 123.26
CA ASN XA 23 33.34 -18.34 123.61
C ASN XA 23 32.64 -18.89 122.36
N PRO XA 24 31.76 -19.85 122.56
CA PRO XA 24 31.27 -20.65 121.44
C PRO XA 24 30.21 -19.91 120.64
N ARG XA 25 29.91 -20.49 119.49
CA ARG XA 25 28.98 -19.91 118.52
C ARG XA 25 28.02 -21.00 118.10
N GLY XA 26 27.29 -20.79 117.01
CA GLY XA 26 26.45 -21.81 116.42
C GLY XA 26 27.20 -22.57 115.33
N VAL XA 27 26.93 -23.85 115.22
CA VAL XA 27 27.60 -24.68 114.23
C VAL XA 27 26.85 -24.54 112.92
N ASN XA 28 27.51 -24.06 111.89
CA ASN XA 28 26.87 -23.83 110.61
C ASN XA 28 26.32 -25.13 110.03
N PRO XA 29 25.00 -25.31 110.04
CA PRO XA 29 24.46 -26.57 109.52
C PRO XA 29 24.64 -26.73 108.03
N THR XA 30 24.73 -25.64 107.27
CA THR XA 30 24.97 -25.78 105.84
C THR XA 30 26.25 -26.55 105.57
N ASN XA 31 27.18 -26.52 106.50
CA ASN XA 31 28.47 -27.18 106.31
C ASN XA 31 28.98 -27.89 107.55
N GLY XA 32 28.25 -27.85 108.66
CA GLY XA 32 28.75 -28.46 109.88
C GLY XA 32 30.10 -27.92 110.28
N VAL XA 33 30.16 -26.66 110.68
CA VAL XA 33 31.39 -26.06 111.20
C VAL XA 33 31.06 -25.36 112.51
N ALA XA 34 31.79 -25.71 113.57
CA ALA XA 34 31.68 -25.01 114.83
C ALA XA 34 32.53 -23.74 114.79
N SER XA 35 32.17 -22.77 115.63
CA SER XA 35 32.89 -21.50 115.64
C SER XA 35 33.07 -20.99 117.06
N LEU XA 36 34.16 -20.27 117.26
CA LEU XA 36 34.53 -19.60 118.49
C LEU XA 36 34.89 -18.16 118.19
N SER XA 37 34.60 -17.28 119.14
CA SER XA 37 34.82 -15.85 118.94
C SER XA 37 35.32 -15.22 120.23
N GLN XA 38 35.99 -14.09 120.07
CA GLN XA 38 36.47 -13.34 121.23
C GLN XA 38 35.33 -13.21 122.23
N ALA XA 39 35.66 -12.96 123.50
CA ALA XA 39 34.62 -12.90 124.52
C ALA XA 39 33.60 -11.81 124.21
N GLY XA 40 33.95 -10.83 123.39
CA GLY XA 40 33.06 -9.75 123.02
C GLY XA 40 33.64 -8.41 123.42
N ALA XA 41 32.85 -7.36 123.20
CA ALA XA 41 31.51 -7.47 122.61
C ALA XA 41 31.56 -7.54 121.10
N VAL XA 42 31.96 -6.44 120.46
CA VAL XA 42 32.04 -6.42 119.01
C VAL XA 42 33.12 -7.39 118.52
N PRO XA 43 34.30 -7.47 119.12
CA PRO XA 43 35.29 -8.44 118.63
C PRO XA 43 34.73 -9.84 118.43
N ALA XA 44 33.56 -10.14 119.03
CA ALA XA 44 32.87 -11.37 118.71
C ALA XA 44 32.50 -11.42 117.24
N LEU XA 45 32.26 -10.26 116.63
CA LEU XA 45 32.08 -10.15 115.20
C LEU XA 45 33.36 -9.74 114.49
N GLU XA 46 34.52 -9.93 115.14
CA GLU XA 46 35.80 -9.67 114.51
C GLU XA 46 36.73 -10.89 114.50
N LYS XA 47 37.10 -11.40 115.67
CA LYS XA 47 37.96 -12.58 115.76
C LYS XA 47 37.15 -13.86 115.64
N ARG XA 48 37.69 -14.85 114.97
CA ARG XA 48 36.95 -16.10 114.76
C ARG XA 48 37.90 -17.28 114.69
N VAL XA 49 37.39 -18.43 115.13
CA VAL XA 49 38.12 -19.67 115.20
C VAL XA 49 37.13 -20.76 114.80
N THR XA 50 37.25 -21.29 113.58
CA THR XA 50 36.29 -22.24 113.08
C THR XA 50 36.88 -23.64 112.99
N VAL XA 51 36.04 -24.65 113.24
CA VAL XA 51 36.43 -26.04 113.45
C VAL XA 51 35.52 -26.94 112.62
N SER XA 52 36.11 -27.84 111.83
CA SER XA 52 35.33 -28.73 110.98
C SER XA 52 35.96 -30.12 110.95
N VAL XA 53 35.09 -31.13 110.86
CA VAL XA 53 35.49 -32.53 110.80
C VAL XA 53 34.74 -33.17 109.64
N SER XA 54 35.33 -33.14 108.44
CA SER XA 54 34.70 -33.70 107.26
C SER XA 54 34.94 -35.21 107.21
N GLN XA 55 33.83 -35.96 107.18
CA GLN XA 55 33.84 -37.40 107.29
C GLN XA 55 34.09 -38.04 105.93
N PRO XA 56 34.37 -39.33 105.89
CA PRO XA 56 34.57 -40.02 104.61
C PRO XA 56 33.40 -39.83 103.66
N SER XA 57 33.67 -40.03 102.36
CA SER XA 57 32.67 -39.78 101.32
C SER XA 57 33.12 -40.54 100.07
N ARG XA 58 32.56 -40.18 98.91
CA ARG XA 58 33.12 -40.67 97.66
C ARG XA 58 34.36 -39.89 97.27
N ASN XA 59 34.45 -38.64 97.72
CA ASN XA 59 35.68 -37.86 97.58
C ASN XA 59 36.57 -37.99 98.81
N ARG XA 60 36.00 -37.87 100.01
CA ARG XA 60 36.73 -38.08 101.25
C ARG XA 60 36.78 -39.56 101.59
N LYS XA 61 37.84 -40.02 102.26
CA LYS XA 61 37.92 -41.45 102.53
C LYS XA 61 38.36 -41.92 103.93
N ASN XA 62 39.45 -41.44 104.55
CA ASN XA 62 40.21 -40.19 104.42
C ASN XA 62 39.41 -38.98 104.92
N TYR XA 63 39.28 -38.95 106.25
CA TYR XA 63 38.81 -37.78 107.01
C TYR XA 63 39.66 -36.55 106.74
N LYS XA 64 39.02 -35.38 106.84
CA LYS XA 64 39.73 -34.10 106.76
C LYS XA 64 39.29 -33.24 107.94
N VAL XA 65 40.23 -32.81 108.77
CA VAL XA 65 39.91 -31.94 109.90
C VAL XA 65 40.51 -30.56 109.64
N GLN XA 66 39.65 -29.55 109.64
CA GLN XA 66 40.00 -28.19 109.29
C GLN XA 66 39.87 -27.30 110.52
N VAL XA 67 40.85 -26.41 110.69
CA VAL XA 67 40.82 -25.43 111.77
C VAL XA 67 41.30 -24.11 111.20
N LYS XA 68 40.40 -23.14 111.09
CA LYS XA 68 40.68 -21.85 110.48
C LYS XA 68 40.67 -20.79 111.56
N ILE XA 69 41.60 -19.85 111.46
CA ILE XA 69 41.74 -18.78 112.43
C ILE XA 69 41.75 -17.45 111.68
N GLN XA 70 40.91 -16.52 112.11
CA GLN XA 70 40.78 -15.24 111.45
C GLN XA 70 40.84 -14.15 112.51
N ASN XA 71 41.74 -13.19 112.33
CA ASN XA 71 41.86 -12.07 113.25
C ASN XA 71 41.99 -10.78 112.45
N PRO XA 72 40.97 -9.95 112.42
CA PRO XA 72 41.07 -8.68 111.69
C PRO XA 72 41.53 -7.55 112.59
N THR XA 73 42.57 -6.83 112.19
CA THR XA 73 42.95 -5.62 112.90
C THR XA 73 42.27 -4.42 112.27
N ALA XA 74 41.62 -3.64 113.11
CA ALA XA 74 40.88 -2.46 112.68
C ALA XA 74 41.43 -1.25 113.40
N CYS XA 75 41.00 -0.09 112.93
CA CYS XA 75 41.36 1.16 113.58
C CYS XA 75 40.24 2.15 113.36
N THR XA 76 40.28 3.23 114.12
CA THR XA 76 39.29 4.29 114.05
C THR XA 76 39.96 5.55 113.51
N ALA XA 77 39.56 5.98 112.32
CA ALA XA 77 40.08 7.21 111.79
C ALA XA 77 39.78 8.34 112.76
N ASN XA 78 40.75 9.25 112.91
CA ASN XA 78 40.60 10.29 113.92
C ASN XA 78 39.52 11.27 113.49
N GLY XA 79 38.29 10.95 113.86
CA GLY XA 79 37.13 11.74 113.47
C GLY XA 79 35.93 10.87 113.16
N SER XA 80 36.20 9.61 112.82
CA SER XA 80 35.16 8.62 112.66
C SER XA 80 34.73 8.11 114.03
N CYS XA 81 33.76 7.20 114.06
CA CYS XA 81 33.40 6.53 115.31
C CYS XA 81 33.64 5.04 115.23
N ASP XA 82 33.02 4.42 114.25
CA ASP XA 82 33.03 2.98 114.17
C ASP XA 82 34.33 2.50 113.55
N PRO XA 83 35.08 1.62 114.21
CA PRO XA 83 36.35 1.17 113.64
C PRO XA 83 36.12 0.36 112.38
N SER XA 84 37.00 0.56 111.41
CA SER XA 84 36.99 -0.22 110.19
C SER XA 84 38.21 -1.12 110.17
N VAL XA 85 38.05 -2.30 109.57
CA VAL XA 85 39.12 -3.27 109.51
C VAL XA 85 40.10 -2.85 108.43
N THR XA 86 41.33 -2.52 108.84
CA THR XA 86 42.34 -2.14 107.87
C THR XA 86 43.25 -3.29 107.53
N ARG XA 87 43.09 -4.41 108.22
CA ARG XA 87 44.06 -5.50 108.17
C ARG XA 87 43.36 -6.78 108.56
N GLN XA 88 43.85 -7.89 108.03
CA GLN XA 88 43.24 -9.19 108.32
C GLN XA 88 44.32 -10.26 108.25
N ALA XA 89 44.65 -10.86 109.39
CA ALA XA 89 45.48 -12.04 109.41
C ALA XA 89 44.59 -13.28 109.47
N TYR XA 90 45.04 -14.37 108.87
CA TYR XA 90 44.31 -15.61 109.04
C TYR XA 90 45.19 -16.77 108.61
N ALA XA 91 44.87 -17.93 109.16
CA ALA XA 91 45.62 -19.16 108.91
C ALA XA 91 44.64 -20.32 108.88
N ASP XA 92 45.07 -21.42 108.28
CA ASP XA 92 44.22 -22.61 108.26
C ASP XA 92 45.09 -23.86 108.34
N VAL XA 93 44.66 -24.78 109.19
CA VAL XA 93 45.32 -26.06 109.38
C VAL XA 93 44.39 -27.15 108.84
N THR XA 94 44.97 -28.10 108.11
CA THR XA 94 44.18 -29.14 107.45
C THR XA 94 44.89 -30.47 107.66
N PHE XA 95 44.34 -31.30 108.54
CA PHE XA 95 44.80 -32.67 108.74
C PHE XA 95 44.04 -33.59 107.80
N SER XA 96 44.78 -34.39 107.04
CA SER XA 96 44.17 -35.41 106.19
C SER XA 96 44.52 -36.76 106.81
N PHE XA 97 43.55 -37.39 107.44
CA PHE XA 97 43.75 -38.67 108.13
C PHE XA 97 43.07 -39.79 107.38
N THR XA 98 43.70 -40.95 107.37
CA THR XA 98 43.17 -42.10 106.67
C THR XA 98 42.18 -42.84 107.57
N GLN XA 99 41.34 -43.65 106.91
CA GLN XA 99 40.28 -44.33 107.65
C GLN XA 99 40.86 -45.19 108.77
N TYR XA 100 41.86 -46.02 108.45
CA TYR XA 100 42.45 -46.85 109.48
C TYR XA 100 43.48 -46.09 110.29
N SER XA 101 43.48 -44.78 110.19
CA SER XA 101 44.31 -43.96 111.05
C SER XA 101 44.09 -44.36 112.50
N THR XA 102 45.04 -43.99 113.35
CA THR XA 102 44.98 -44.31 114.76
C THR XA 102 45.17 -43.04 115.59
N ASP XA 103 44.43 -42.94 116.69
CA ASP XA 103 44.50 -41.76 117.54
C ASP XA 103 45.92 -41.51 118.02
N GLU XA 104 46.68 -42.57 118.27
CA GLU XA 104 48.09 -42.38 118.63
C GLU XA 104 48.79 -41.53 117.59
N GLU XA 105 48.69 -41.93 116.32
CA GLU XA 105 49.37 -41.22 115.26
C GLU XA 105 48.82 -39.81 115.10
N ARG XA 106 47.50 -39.66 115.22
CA ARG XA 106 46.90 -38.33 115.05
C ARG XA 106 47.36 -37.38 116.14
N ALA XA 107 47.39 -37.85 117.39
CA ALA XA 107 47.90 -37.03 118.47
C ALA XA 107 49.36 -36.69 118.25
N PHE XA 108 50.13 -37.68 117.80
CA PHE XA 108 51.55 -37.44 117.58
C PHE XA 108 51.77 -36.35 116.54
N VAL XA 109 51.01 -36.40 115.45
CA VAL XA 109 51.10 -35.36 114.45
C VAL XA 109 50.64 -34.02 115.03
N ARG XA 110 49.61 -34.06 115.85
CA ARG XA 110 49.12 -32.84 116.50
C ARG XA 110 50.23 -32.15 117.29
N THR XA 111 50.84 -32.90 118.18
CA THR XA 111 51.89 -32.33 119.03
C THR XA 111 53.13 -31.99 118.21
N GLU XA 112 53.42 -32.75 117.16
CA GLU XA 112 54.49 -32.37 116.24
C GLU XA 112 54.26 -30.97 115.68
N LEU XA 113 53.07 -30.75 115.12
CA LEU XA 113 52.75 -29.43 114.61
C LEU XA 113 52.89 -28.38 115.70
N ALA XA 114 52.35 -28.66 116.87
CA ALA XA 114 52.40 -27.69 117.95
C ALA XA 114 53.83 -27.27 118.23
N ALA XA 115 54.68 -28.24 118.47
CA ALA XA 115 55.99 -27.88 118.96
C ALA XA 115 56.87 -27.34 117.84
N LEU XA 116 56.65 -27.76 116.60
CA LEU XA 116 57.35 -27.11 115.50
C LEU XA 116 56.94 -25.65 115.42
N LEU XA 117 55.65 -25.38 115.62
CA LEU XA 117 55.19 -24.01 115.68
C LEU XA 117 55.87 -23.27 116.82
N ALA XA 118 56.15 -23.99 117.91
CA ALA XA 118 56.86 -23.43 119.05
C ALA XA 118 58.37 -23.29 118.82
N SER XA 119 58.91 -23.90 117.76
CA SER XA 119 60.34 -23.97 117.54
C SER XA 119 60.92 -22.68 116.95
N PRO XA 120 62.21 -22.43 117.15
CA PRO XA 120 62.84 -21.25 116.56
C PRO XA 120 62.59 -21.12 115.08
N LEU XA 121 62.63 -22.24 114.37
CA LEU XA 121 62.52 -22.21 112.93
C LEU XA 121 61.23 -21.54 112.52
N LEU XA 122 60.11 -22.02 113.03
CA LEU XA 122 58.83 -21.46 112.64
C LEU XA 122 58.65 -20.06 113.21
N ILE XA 123 59.16 -19.79 114.41
CA ILE XA 123 58.93 -18.48 115.00
C ILE XA 123 59.53 -17.41 114.11
N ASP XA 124 60.73 -17.65 113.57
CA ASP XA 124 61.35 -16.59 112.78
C ASP XA 124 60.92 -16.70 111.32
N ALA XA 125 60.46 -17.88 110.90
CA ALA XA 125 59.88 -18.01 109.58
C ALA XA 125 58.52 -17.33 109.49
N ILE XA 126 57.86 -17.10 110.62
CA ILE XA 126 56.54 -16.51 110.65
C ILE XA 126 56.63 -15.07 111.09
N ASP XA 127 57.10 -14.87 112.32
CA ASP XA 127 57.15 -13.53 112.89
C ASP XA 127 57.93 -12.59 111.99
N GLN XA 128 59.14 -12.98 111.64
CA GLN XA 128 60.01 -12.17 110.82
C GLN XA 128 59.92 -12.54 109.35
N LEU XA 129 59.13 -13.54 109.00
CA LEU XA 129 59.00 -13.98 107.62
C LEU XA 129 60.36 -14.27 107.03
N ASN XA 130 61.21 -14.94 107.79
CA ASN XA 130 62.56 -15.25 107.36
C ASN XA 130 62.55 -16.58 106.64
N PRO XA 131 62.79 -16.64 105.33
CA PRO XA 131 62.95 -17.95 104.70
C PRO XA 131 64.14 -18.67 105.33
N ALA XA 132 64.08 -19.98 105.32
CA ALA XA 132 65.10 -20.80 105.97
C ALA XA 132 66.32 -20.85 105.06
N TYR XA 133 67.34 -20.08 105.41
CA TYR XA 133 68.57 -20.04 104.64
C TYR XA 133 69.74 -19.92 105.61
N ALA YA 2 15.63 -37.09 123.85
CA ALA YA 2 16.42 -37.98 122.95
C ALA YA 2 17.92 -37.72 123.13
N LYS YA 3 18.27 -37.16 124.28
CA LYS YA 3 19.66 -36.81 124.56
C LYS YA 3 20.62 -37.95 124.25
N LEU YA 4 21.69 -37.63 123.55
CA LEU YA 4 22.75 -38.60 123.32
C LEU YA 4 23.39 -38.99 124.64
N GLU YA 5 23.87 -40.22 124.71
CA GLU YA 5 24.63 -40.70 125.85
C GLU YA 5 25.12 -42.10 125.54
N THR YA 6 25.85 -42.67 126.49
CA THR YA 6 26.41 -44.01 126.33
C THR YA 6 25.32 -45.08 126.47
N VAL YA 7 25.10 -45.86 125.42
CA VAL YA 7 24.06 -46.87 125.40
C VAL YA 7 24.69 -48.21 125.73
N THR YA 8 24.08 -48.93 126.68
CA THR YA 8 24.54 -50.22 127.17
C THR YA 8 23.58 -51.31 126.69
N LEU YA 9 23.88 -51.84 125.51
CA LEU YA 9 23.11 -52.92 124.91
C LEU YA 9 23.46 -54.23 125.61
N GLY YA 10 22.46 -54.90 126.17
CA GLY YA 10 22.67 -56.06 127.03
C GLY YA 10 22.98 -57.36 126.32
N ASN YA 11 22.31 -58.44 126.72
CA ASN YA 11 22.55 -59.74 126.10
C ASN YA 11 22.24 -59.70 124.61
N ILE YA 12 23.20 -60.14 123.80
CA ILE YA 12 23.13 -60.00 122.34
C ILE YA 12 23.98 -61.10 121.72
N GLY YA 13 23.59 -61.52 120.51
CA GLY YA 13 24.24 -62.59 119.79
C GLY YA 13 23.38 -63.83 119.76
N LYS YA 14 24.02 -64.96 119.42
CA LYS YA 14 23.30 -66.23 119.36
C LYS YA 14 22.87 -66.69 120.74
N ASP YA 15 23.83 -66.96 121.62
CA ASP YA 15 23.50 -67.40 122.97
C ASP YA 15 22.99 -66.26 123.83
N GLY YA 16 23.05 -65.03 123.34
CA GLY YA 16 22.61 -63.89 124.12
C GLY YA 16 23.44 -63.69 125.36
N LYS YA 17 24.77 -63.65 125.20
CA LYS YA 17 25.69 -63.41 126.31
C LYS YA 17 26.60 -62.20 126.12
N GLN YA 18 26.65 -61.60 124.94
CA GLN YA 18 27.58 -60.51 124.72
C GLN YA 18 26.89 -59.20 125.08
N THR YA 19 27.68 -58.16 125.32
CA THR YA 19 27.15 -56.84 125.60
C THR YA 19 27.95 -55.79 124.84
N LEU YA 20 27.27 -54.74 124.40
CA LEU YA 20 27.88 -53.65 123.65
C LEU YA 20 27.66 -52.34 124.37
N VAL YA 21 28.58 -51.41 124.21
CA VAL YA 21 28.42 -50.06 124.74
C VAL YA 21 28.85 -49.09 123.65
N LEU YA 22 27.87 -48.32 123.15
CA LEU YA 22 28.10 -47.32 122.12
C LEU YA 22 28.14 -45.95 122.77
N ASN YA 23 29.26 -45.27 122.67
CA ASN YA 23 29.35 -43.97 123.29
C ASN YA 23 28.85 -42.87 122.38
N PRO YA 24 28.58 -41.69 122.93
CA PRO YA 24 28.09 -40.55 122.14
C PRO YA 24 29.21 -39.87 121.37
N ARG YA 25 29.13 -39.94 120.03
CA ARG YA 25 30.09 -39.24 119.20
C ARG YA 25 29.65 -37.82 118.89
N GLY YA 26 28.50 -37.66 118.23
CA GLY YA 26 28.08 -36.34 117.83
C GLY YA 26 26.82 -36.38 116.99
N VAL YA 27 26.60 -35.29 116.25
CA VAL YA 27 25.41 -35.15 115.43
C VAL YA 27 25.77 -34.35 114.19
N ASN YA 28 25.80 -35.01 113.05
CA ASN YA 28 26.07 -34.30 111.81
C ASN YA 28 24.85 -33.46 111.44
N PRO YA 29 24.95 -32.15 111.40
CA PRO YA 29 23.81 -31.34 110.98
C PRO YA 29 23.55 -31.44 109.50
N THR YA 30 24.62 -31.72 108.75
CA THR YA 30 24.51 -31.85 107.29
C THR YA 30 23.24 -32.58 106.90
N ASN YA 31 22.86 -33.57 107.69
CA ASN YA 31 21.62 -34.29 107.49
C ASN YA 31 20.90 -34.54 108.80
N GLY YA 32 21.29 -33.88 109.88
CA GLY YA 32 20.64 -34.09 111.16
C GLY YA 32 20.62 -35.56 111.52
N VAL YA 33 21.79 -36.13 111.78
CA VAL YA 33 21.89 -37.53 112.17
C VAL YA 33 22.80 -37.65 113.38
N ALA YA 34 22.29 -38.24 114.46
CA ALA YA 34 23.10 -38.49 115.63
C ALA YA 34 23.81 -39.83 115.51
N SER YA 35 25.04 -39.89 116.00
CA SER YA 35 25.95 -40.99 115.76
C SER YA 35 26.50 -41.57 117.05
N LEU YA 36 26.59 -42.89 117.12
CA LEU YA 36 27.25 -43.60 118.20
C LEU YA 36 28.23 -44.61 117.61
N SER YA 37 29.29 -44.88 118.35
CA SER YA 37 30.34 -45.78 117.91
C SER YA 37 30.85 -46.59 119.09
N GLN YA 38 31.31 -47.80 118.81
CA GLN YA 38 31.95 -48.59 119.85
C GLN YA 38 33.22 -47.91 120.32
N ALA YA 39 33.55 -48.14 121.58
CA ALA YA 39 34.80 -47.63 122.13
C ALA YA 39 35.99 -48.28 121.42
N GLY YA 40 36.81 -47.47 120.77
CA GLY YA 40 37.92 -47.98 119.99
C GLY YA 40 38.84 -46.85 119.60
N ALA YA 41 39.69 -47.10 118.60
CA ALA YA 41 40.63 -46.09 118.15
C ALA YA 41 40.58 -45.92 116.64
N VAL YA 42 40.49 -47.03 115.92
CA VAL YA 42 40.51 -46.96 114.46
C VAL YA 42 39.06 -46.91 113.98
N PRO YA 43 38.60 -45.77 113.47
CA PRO YA 43 37.18 -45.72 113.05
C PRO YA 43 36.85 -46.81 112.06
N ALA YA 44 37.85 -47.29 111.33
CA ALA YA 44 37.65 -48.39 110.40
C ALA YA 44 37.23 -49.68 111.10
N LEU YA 45 37.43 -49.78 112.41
CA LEU YA 45 37.18 -51.01 113.16
C LEU YA 45 36.25 -50.75 114.33
N GLU YA 46 35.16 -50.05 114.08
CA GLU YA 46 34.19 -49.77 115.13
C GLU YA 46 32.81 -50.17 114.64
N LYS YA 47 31.95 -50.63 115.55
CA LYS YA 47 30.55 -50.83 115.20
C LYS YA 47 29.85 -49.49 115.37
N ARG YA 48 29.10 -49.09 114.35
CA ARG YA 48 28.57 -47.75 114.22
C ARG YA 48 27.05 -47.79 114.21
N VAL YA 49 26.43 -46.72 114.71
CA VAL YA 49 24.98 -46.59 114.75
C VAL YA 49 24.61 -45.15 114.41
N THR YA 50 23.61 -45.00 113.54
CA THR YA 50 23.13 -43.69 113.14
C THR YA 50 21.63 -43.65 113.36
N VAL YA 51 21.15 -42.60 114.03
CA VAL YA 51 19.74 -42.37 114.26
C VAL YA 51 19.39 -40.99 113.73
N SER YA 52 18.35 -40.91 112.91
CA SER YA 52 17.93 -39.63 112.36
C SER YA 52 16.41 -39.56 112.33
N VAL YA 53 15.91 -38.33 112.38
CA VAL YA 53 14.49 -38.05 112.52
C VAL YA 53 14.15 -36.93 111.54
N SER YA 54 13.57 -37.27 110.40
CA SER YA 54 13.30 -36.30 109.35
C SER YA 54 11.85 -35.86 109.44
N GLN YA 55 11.64 -34.55 109.37
CA GLN YA 55 10.33 -33.95 109.50
C GLN YA 55 9.64 -33.88 108.14
N PRO YA 56 8.32 -33.77 108.13
CA PRO YA 56 7.61 -33.63 106.86
C PRO YA 56 8.04 -32.36 106.12
N SER YA 57 8.18 -32.49 104.80
CA SER YA 57 8.59 -31.39 103.94
C SER YA 57 7.51 -31.10 102.90
N ARG YA 58 7.76 -30.05 102.11
CA ARG YA 58 6.90 -29.72 100.98
C ARG YA 58 6.83 -30.83 99.95
N ASN YA 59 7.83 -31.69 99.87
CA ASN YA 59 7.85 -32.78 98.91
C ASN YA 59 7.40 -34.11 99.50
N ARG YA 60 7.43 -34.25 100.82
CA ARG YA 60 7.11 -35.52 101.44
C ARG YA 60 5.88 -35.44 102.32
N LYS YA 61 5.92 -34.55 103.31
CA LYS YA 61 4.81 -34.33 104.23
C LYS YA 61 4.51 -35.59 105.04
N ASN YA 62 5.57 -36.21 105.56
CA ASN YA 62 5.41 -37.39 106.41
C ASN YA 62 6.67 -37.56 107.24
N TYR YA 63 6.52 -38.00 108.49
CA TYR YA 63 7.67 -38.15 109.38
C TYR YA 63 8.42 -39.44 109.07
N LYS YA 64 9.74 -39.37 109.16
CA LYS YA 64 10.61 -40.51 108.91
C LYS YA 64 11.59 -40.66 110.07
N VAL YA 65 11.95 -41.90 110.37
CA VAL YA 65 12.96 -42.18 111.37
C VAL YA 65 13.85 -43.29 110.83
N GLN YA 66 15.12 -42.96 110.60
CA GLN YA 66 16.11 -43.87 110.06
C GLN YA 66 16.99 -44.37 111.19
N VAL YA 67 17.25 -45.68 111.20
CA VAL YA 67 18.22 -46.29 112.10
C VAL YA 67 19.12 -47.19 111.26
N LYS YA 68 20.35 -46.76 111.07
CA LYS YA 68 21.34 -47.53 110.32
C LYS YA 68 22.36 -48.08 111.31
N ILE YA 69 22.81 -49.30 111.08
CA ILE YA 69 23.79 -49.96 111.94
C ILE YA 69 24.83 -50.63 111.06
N GLN YA 70 26.10 -50.42 111.41
CA GLN YA 70 27.23 -50.94 110.66
C GLN YA 70 28.09 -51.75 111.61
N ASN YA 71 28.46 -52.95 111.20
CA ASN YA 71 29.36 -53.78 112.02
C ASN YA 71 30.47 -54.33 111.14
N PRO YA 72 31.71 -53.90 111.34
CA PRO YA 72 32.81 -54.37 110.51
C PRO YA 72 33.49 -55.57 111.13
N THR YA 73 34.22 -56.29 110.30
CA THR YA 73 35.03 -57.40 110.78
C THR YA 73 36.51 -57.05 110.72
N ALA YA 74 37.23 -57.54 111.72
CA ALA YA 74 38.66 -57.27 111.81
C ALA YA 74 39.43 -58.03 110.75
N CYS YA 75 39.30 -59.36 110.75
CA CYS YA 75 40.17 -60.23 109.95
C CYS YA 75 41.63 -59.79 110.06
N THR YA 76 42.10 -59.71 111.30
CA THR YA 76 43.47 -59.29 111.55
C THR YA 76 44.46 -60.34 111.03
N ALA YA 77 45.52 -59.87 110.38
CA ALA YA 77 46.52 -60.74 109.78
C ALA YA 77 47.69 -60.96 110.75
N ASN YA 78 48.40 -62.06 110.55
CA ASN YA 78 49.56 -62.39 111.38
C ASN YA 78 50.71 -61.45 111.01
N GLY YA 79 50.57 -60.20 111.44
CA GLY YA 79 51.63 -59.23 111.37
C GLY YA 79 51.42 -58.24 110.24
N SER YA 80 52.49 -57.53 109.90
CA SER YA 80 52.62 -56.70 108.70
C SER YA 80 51.83 -55.40 108.73
N CYS YA 81 50.79 -55.30 109.55
CA CYS YA 81 50.06 -54.05 109.74
C CYS YA 81 48.86 -54.33 110.63
N ASP YA 82 48.12 -53.26 110.96
CA ASP YA 82 46.90 -53.39 111.74
C ASP YA 82 45.79 -54.05 110.91
N PRO YA 83 44.67 -54.39 111.54
CA PRO YA 83 43.60 -55.10 110.82
C PRO YA 83 43.01 -54.26 109.69
N SER YA 84 42.51 -54.98 108.68
CA SER YA 84 41.82 -54.41 107.54
C SER YA 84 40.43 -55.00 107.47
N VAL YA 85 39.45 -54.20 107.08
CA VAL YA 85 38.07 -54.68 107.07
C VAL YA 85 37.78 -55.36 105.74
N THR YA 86 37.20 -56.55 105.82
CA THR YA 86 36.78 -57.31 104.65
C THR YA 86 35.27 -57.57 104.65
N ARG YA 87 34.63 -57.50 105.81
CA ARG YA 87 33.21 -57.80 105.97
C ARG YA 87 32.55 -56.63 106.65
N GLN YA 88 31.37 -56.25 106.18
CA GLN YA 88 30.59 -55.20 106.83
C GLN YA 88 29.12 -55.58 106.83
N ALA YA 89 28.57 -55.84 108.01
CA ALA YA 89 27.16 -56.10 108.18
C ALA YA 89 26.40 -54.79 108.24
N TYR YA 90 25.39 -54.67 107.38
CA TYR YA 90 24.55 -53.48 107.29
C TYR YA 90 23.15 -53.83 107.80
N ALA YA 91 22.56 -52.92 108.56
CA ALA YA 91 21.17 -53.05 108.99
C ALA YA 91 20.49 -51.70 108.91
N ASP YA 92 19.32 -51.64 108.26
CA ASP YA 92 18.65 -50.37 108.00
C ASP YA 92 17.18 -50.49 108.34
N VAL YA 93 16.74 -49.75 109.35
CA VAL YA 93 15.34 -49.68 109.76
C VAL YA 93 14.78 -48.33 109.39
N THR YA 94 13.57 -48.32 108.83
CA THR YA 94 12.97 -47.10 108.30
C THR YA 94 11.52 -47.04 108.78
N PHE YA 95 11.28 -46.34 109.88
CA PHE YA 95 9.93 -46.06 110.32
C PHE YA 95 9.39 -44.85 109.56
N SER YA 96 8.13 -44.93 109.13
CA SER YA 96 7.48 -43.78 108.50
C SER YA 96 6.10 -43.63 109.11
N PHE YA 97 5.69 -42.37 109.31
CA PHE YA 97 4.45 -42.08 110.01
C PHE YA 97 3.80 -40.84 109.44
N THR YA 98 2.50 -40.77 109.65
CA THR YA 98 1.68 -39.66 109.22
C THR YA 98 1.78 -38.51 110.21
N GLN YA 99 1.45 -37.32 109.72
CA GLN YA 99 1.46 -36.15 110.58
C GLN YA 99 0.41 -36.25 111.67
N TYR YA 100 -0.73 -36.89 111.39
CA TYR YA 100 -1.67 -37.25 112.45
C TYR YA 100 -1.36 -38.59 113.08
N SER YA 101 -0.17 -39.13 112.86
CA SER YA 101 0.18 -40.38 113.48
C SER YA 101 -0.02 -40.29 114.99
N THR YA 102 -0.02 -41.44 115.64
CA THR YA 102 -0.29 -41.54 117.06
C THR YA 102 0.83 -42.32 117.74
N ASP YA 103 1.34 -41.74 118.82
CA ASP YA 103 2.38 -42.42 119.59
C ASP YA 103 1.97 -43.82 119.96
N GLU YA 104 0.67 -44.05 120.18
CA GLU YA 104 0.20 -45.39 120.50
C GLU YA 104 0.55 -46.37 119.41
N GLU YA 105 -0.04 -46.19 118.24
CA GLU YA 105 0.19 -47.09 117.13
C GLU YA 105 1.66 -47.20 116.82
N ARG YA 106 2.41 -46.15 117.15
CA ARG YA 106 3.74 -46.03 116.63
C ARG YA 106 4.76 -46.69 117.57
N ALA YA 107 4.50 -46.61 118.88
CA ALA YA 107 5.14 -47.52 119.83
C ALA YA 107 4.76 -48.96 119.52
N PHE YA 108 3.52 -49.18 119.12
CA PHE YA 108 3.10 -50.52 118.75
C PHE YA 108 3.97 -51.04 117.61
N VAL YA 109 4.22 -50.18 116.62
CA VAL YA 109 5.07 -50.56 115.51
C VAL YA 109 6.47 -50.90 116.01
N ARG YA 110 7.03 -50.07 116.87
CA ARG YA 110 8.36 -50.35 117.40
C ARG YA 110 8.40 -51.72 118.08
N THR YA 111 7.47 -51.92 119.00
CA THR YA 111 7.45 -53.12 119.81
C THR YA 111 7.25 -54.37 118.97
N GLU YA 112 6.35 -54.31 117.99
CA GLU YA 112 6.20 -55.46 117.10
C GLU YA 112 7.49 -55.70 116.31
N LEU YA 113 8.17 -54.63 115.91
CA LEU YA 113 9.46 -54.84 115.25
C LEU YA 113 10.39 -55.62 116.14
N ALA YA 114 10.46 -55.26 117.41
CA ALA YA 114 11.34 -55.95 118.34
C ALA YA 114 10.94 -57.42 118.49
N ALA YA 115 9.66 -57.67 118.74
CA ALA YA 115 9.22 -59.03 118.96
C ALA YA 115 9.43 -59.89 117.72
N LEU YA 116 9.19 -59.34 116.54
CA LEU YA 116 9.45 -60.10 115.32
C LEU YA 116 10.93 -60.41 115.20
N LEU YA 117 11.80 -59.43 115.49
CA LEU YA 117 13.22 -59.69 115.46
C LEU YA 117 13.61 -60.76 116.47
N ALA YA 118 12.78 -60.98 117.49
CA ALA YA 118 12.98 -62.07 118.44
C ALA YA 118 12.40 -63.40 118.00
N SER YA 119 11.35 -63.40 117.17
CA SER YA 119 10.61 -64.62 116.90
C SER YA 119 11.46 -65.64 116.17
N PRO YA 120 11.09 -66.92 116.25
CA PRO YA 120 11.85 -67.95 115.55
C PRO YA 120 11.94 -67.71 114.06
N LEU YA 121 10.90 -67.16 113.44
CA LEU YA 121 10.93 -66.95 112.00
C LEU YA 121 12.15 -66.16 111.59
N LEU YA 122 12.23 -64.90 112.00
CA LEU YA 122 13.32 -64.08 111.55
C LEU YA 122 14.64 -64.64 112.02
N ILE YA 123 14.62 -65.42 113.10
CA ILE YA 123 15.82 -66.12 113.54
C ILE YA 123 16.33 -67.01 112.42
N ASP YA 124 15.46 -67.85 111.85
CA ASP YA 124 15.88 -68.67 110.72
C ASP YA 124 16.25 -67.83 109.51
N ALA YA 125 15.40 -66.88 109.13
CA ALA YA 125 15.60 -66.17 107.88
C ALA YA 125 16.83 -65.27 107.93
N ILE YA 126 17.30 -64.94 109.14
CA ILE YA 126 18.48 -64.10 109.32
C ILE YA 126 19.66 -65.00 109.63
N ASP YA 127 19.59 -65.61 110.81
CA ASP YA 127 20.65 -66.47 111.31
C ASP YA 127 21.05 -67.50 110.27
N GLN YA 128 20.06 -68.15 109.69
CA GLN YA 128 20.32 -69.25 108.80
C GLN YA 128 20.19 -68.85 107.33
N LEU YA 129 19.88 -67.59 107.06
CA LEU YA 129 19.58 -67.14 105.70
C LEU YA 129 18.52 -68.03 105.05
N ASN YA 130 17.51 -68.41 105.82
CA ASN YA 130 16.51 -69.35 105.35
C ASN YA 130 15.37 -68.61 104.68
N PRO YA 131 15.14 -68.78 103.38
CA PRO YA 131 13.90 -68.25 102.81
C PRO YA 131 12.72 -68.73 103.63
N ALA YA 132 11.92 -67.79 104.11
CA ALA YA 132 10.71 -68.13 104.84
C ALA YA 132 9.88 -69.05 103.97
N TYR YA 133 9.67 -70.28 104.42
CA TYR YA 133 9.08 -71.28 103.56
C TYR YA 133 8.76 -72.53 104.35
N ALA ZA 2 24.37 -21.69 121.23
CA ALA ZA 2 23.02 -21.99 121.79
C ALA ZA 2 22.70 -23.47 121.58
N LYS ZA 3 23.31 -24.32 122.40
CA LYS ZA 3 23.02 -25.74 122.30
C LYS ZA 3 21.54 -25.99 122.51
N LEU ZA 4 20.95 -26.77 121.61
CA LEU ZA 4 19.54 -27.11 121.73
C LEU ZA 4 19.34 -28.03 122.92
N GLU ZA 5 18.35 -27.71 123.74
CA GLU ZA 5 18.14 -28.42 124.99
C GLU ZA 5 16.66 -28.38 125.31
N THR ZA 6 16.23 -29.30 126.16
CA THR ZA 6 14.83 -29.26 126.59
C THR ZA 6 14.56 -27.94 127.29
N VAL ZA 7 13.65 -27.16 126.73
CA VAL ZA 7 13.31 -25.86 127.30
C VAL ZA 7 12.09 -26.03 128.18
N THR ZA 8 12.24 -25.64 129.44
CA THR ZA 8 11.18 -25.72 130.44
C THR ZA 8 10.70 -24.30 130.68
N LEU ZA 9 9.41 -24.08 130.47
CA LEU ZA 9 8.85 -22.75 130.37
C LEU ZA 9 7.73 -22.64 131.39
N GLY ZA 10 7.98 -21.89 132.47
CA GLY ZA 10 7.11 -21.90 133.62
C GLY ZA 10 6.37 -20.58 133.81
N ASN ZA 11 5.30 -20.66 134.60
CA ASN ZA 11 4.48 -19.50 134.94
C ASN ZA 11 3.90 -18.88 133.67
N ILE ZA 12 3.06 -19.67 133.02
CA ILE ZA 12 2.58 -19.38 131.67
C ILE ZA 12 1.07 -19.18 131.74
N GLY ZA 13 0.55 -18.44 130.76
CA GLY ZA 13 -0.89 -18.30 130.59
C GLY ZA 13 -1.44 -17.08 131.30
N LYS ZA 14 -2.77 -17.02 131.34
CA LYS ZA 14 -3.42 -15.86 131.94
C LYS ZA 14 -3.05 -15.71 133.40
N ASP ZA 15 -3.15 -16.79 134.17
CA ASP ZA 15 -2.82 -16.76 135.58
C ASP ZA 15 -1.36 -17.10 135.83
N GLY ZA 16 -0.60 -17.43 134.79
CA GLY ZA 16 0.79 -17.78 134.96
C GLY ZA 16 0.97 -19.05 135.77
N LYS ZA 17 0.20 -20.09 135.44
CA LYS ZA 17 0.24 -21.34 136.19
C LYS ZA 17 0.60 -22.57 135.37
N GLN ZA 18 0.41 -22.59 134.06
CA GLN ZA 18 0.76 -23.80 133.34
C GLN ZA 18 2.26 -23.83 133.05
N THR ZA 19 2.69 -24.88 132.35
CA THR ZA 19 4.10 -25.06 132.04
C THR ZA 19 4.21 -25.77 130.70
N LEU ZA 20 5.31 -25.52 130.00
CA LEU ZA 20 5.52 -26.08 128.67
C LEU ZA 20 6.92 -26.65 128.59
N VAL ZA 21 7.02 -27.86 128.07
CA VAL ZA 21 8.31 -28.51 127.88
C VAL ZA 21 8.48 -28.71 126.38
N LEU ZA 22 9.41 -27.98 125.80
CA LEU ZA 22 9.67 -28.04 124.38
C LEU ZA 22 10.95 -28.84 124.17
N ASN ZA 23 10.88 -29.81 123.39
CA ASN ZA 23 12.08 -30.59 123.16
C ASN ZA 23 12.65 -30.31 121.77
N PRO ZA 24 13.95 -30.45 121.63
CA PRO ZA 24 14.59 -30.07 120.36
C PRO ZA 24 14.12 -30.93 119.21
N ARG ZA 25 13.97 -30.30 118.05
CA ARG ZA 25 13.68 -30.98 116.80
C ARG ZA 25 14.80 -30.81 115.78
N GLY ZA 26 16.00 -30.47 116.24
CA GLY ZA 26 17.13 -30.33 115.34
C GLY ZA 26 17.09 -29.01 114.59
N VAL ZA 27 17.74 -29.01 113.43
CA VAL ZA 27 17.80 -27.85 112.56
C VAL ZA 27 17.70 -28.31 111.12
N ASN ZA 28 16.95 -27.59 110.33
CA ASN ZA 28 16.91 -27.93 108.92
C ASN ZA 28 18.26 -27.63 108.28
N PRO ZA 29 18.86 -28.58 107.57
CA PRO ZA 29 20.14 -28.29 106.91
C PRO ZA 29 20.03 -27.27 105.80
N THR ZA 30 18.83 -26.98 105.31
CA THR ZA 30 18.66 -26.03 104.23
C THR ZA 30 18.46 -24.61 104.77
N ASN ZA 31 17.37 -24.39 105.50
CA ASN ZA 31 17.11 -23.06 106.03
C ASN ZA 31 18.00 -22.73 107.20
N GLY ZA 32 18.69 -23.71 107.77
CA GLY ZA 32 19.56 -23.45 108.89
C GLY ZA 32 18.78 -22.86 110.06
N VAL ZA 33 17.66 -23.49 110.40
CA VAL ZA 33 16.77 -23.00 111.43
C VAL ZA 33 16.51 -24.13 112.42
N ALA ZA 34 16.65 -23.84 113.71
CA ALA ZA 34 16.35 -24.82 114.74
C ALA ZA 34 14.89 -24.77 115.11
N SER ZA 35 14.37 -25.90 115.57
CA SER ZA 35 12.97 -25.98 115.98
C SER ZA 35 12.83 -26.85 117.20
N LEU ZA 36 11.89 -26.48 118.06
CA LEU ZA 36 11.51 -27.26 119.22
C LEU ZA 36 10.02 -27.52 119.15
N SER ZA 37 9.59 -28.60 119.80
CA SER ZA 37 8.18 -28.93 119.85
C SER ZA 37 7.82 -29.45 121.23
N GLN ZA 38 6.58 -29.20 121.63
CA GLN ZA 38 6.07 -29.78 122.86
C GLN ZA 38 5.80 -31.27 122.66
N ALA ZA 39 6.04 -32.05 123.70
CA ALA ZA 39 5.76 -33.48 123.62
C ALA ZA 39 4.26 -33.72 123.64
N GLY ZA 40 3.78 -34.52 122.70
CA GLY ZA 40 2.35 -34.78 122.62
C GLY ZA 40 2.11 -36.09 121.89
N ALA ZA 41 0.83 -36.44 121.80
CA ALA ZA 41 0.44 -37.70 121.17
C ALA ZA 41 0.43 -37.60 119.65
N VAL ZA 42 -0.14 -36.52 119.13
CA VAL ZA 42 -0.37 -36.37 117.70
C VAL ZA 42 0.53 -35.24 117.20
N PRO ZA 43 1.69 -35.55 116.62
CA PRO ZA 43 2.62 -34.47 116.22
C PRO ZA 43 1.96 -33.32 115.50
N ALA ZA 44 0.81 -33.53 114.87
CA ALA ZA 44 0.13 -32.41 114.23
C ALA ZA 44 -0.40 -31.40 115.22
N LEU ZA 45 -0.52 -31.76 116.49
CA LEU ZA 45 -1.21 -30.93 117.48
C LEU ZA 45 -0.30 -30.47 118.61
N GLU ZA 46 1.00 -30.38 118.36
CA GLU ZA 46 1.96 -29.93 119.37
C GLU ZA 46 2.47 -28.55 119.04
N LYS ZA 47 2.61 -27.74 120.07
CA LYS ZA 47 3.16 -26.39 119.93
C LYS ZA 47 4.57 -26.46 119.36
N ARG ZA 48 4.83 -25.66 118.33
CA ARG ZA 48 6.13 -25.56 117.72
C ARG ZA 48 6.76 -24.21 118.04
N VAL ZA 49 8.08 -24.17 118.03
CA VAL ZA 49 8.82 -22.94 118.24
C VAL ZA 49 10.06 -22.92 117.35
N THR ZA 50 10.20 -21.86 116.57
CA THR ZA 50 11.26 -21.74 115.58
C THR ZA 50 12.30 -20.74 116.06
N VAL ZA 51 13.57 -21.00 115.72
CA VAL ZA 51 14.68 -20.13 116.06
C VAL ZA 51 15.63 -20.08 114.88
N SER ZA 52 15.87 -18.89 114.36
CA SER ZA 52 16.81 -18.74 113.26
C SER ZA 52 17.69 -17.52 113.52
N VAL ZA 53 18.98 -17.67 113.24
CA VAL ZA 53 19.95 -16.60 113.40
C VAL ZA 53 20.70 -16.51 112.07
N SER ZA 54 20.18 -15.71 111.15
CA SER ZA 54 20.79 -15.63 109.84
C SER ZA 54 22.12 -14.91 109.92
N GLN ZA 55 23.02 -15.30 109.06
CA GLN ZA 55 24.33 -14.68 109.06
C GLN ZA 55 24.34 -13.48 108.14
N PRO ZA 56 25.37 -12.64 108.24
CA PRO ZA 56 25.34 -11.35 107.55
C PRO ZA 56 25.42 -11.46 106.05
N SER ZA 57 24.80 -10.50 105.36
CA SER ZA 57 24.71 -10.46 103.92
C SER ZA 57 25.89 -9.68 103.34
N ARG ZA 58 25.80 -9.31 102.07
CA ARG ZA 58 26.88 -8.65 101.34
C ARG ZA 58 26.67 -7.14 101.31
N ASN ZA 59 27.69 -6.39 101.72
CA ASN ZA 59 27.74 -4.93 101.59
C ASN ZA 59 26.76 -4.20 102.51
N ARG ZA 60 25.84 -4.92 103.15
CA ARG ZA 60 24.97 -4.32 104.16
C ARG ZA 60 25.00 -5.13 105.45
N LYS ZA 61 25.04 -6.45 105.33
CA LYS ZA 61 25.53 -7.37 106.35
C LYS ZA 61 24.53 -7.55 107.51
N ASN ZA 62 23.65 -6.59 107.76
CA ASN ZA 62 22.29 -6.82 108.27
C ASN ZA 62 22.04 -8.01 109.21
N TYR ZA 63 22.65 -8.08 110.40
CA TYR ZA 63 22.48 -9.25 111.25
C TYR ZA 63 21.01 -9.45 111.56
N LYS ZA 64 20.51 -10.69 111.39
CA LYS ZA 64 19.08 -10.93 111.45
C LYS ZA 64 18.77 -12.19 112.26
N VAL ZA 65 17.67 -12.13 113.02
CA VAL ZA 65 17.23 -13.23 113.86
C VAL ZA 65 15.71 -13.32 113.84
N GLN ZA 66 15.20 -14.54 113.78
CA GLN ZA 66 13.76 -14.79 113.73
C GLN ZA 66 13.38 -15.78 114.80
N VAL ZA 67 12.17 -15.63 115.34
CA VAL ZA 67 11.60 -16.57 116.29
C VAL ZA 67 10.13 -16.74 115.95
N LYS ZA 68 9.72 -17.94 115.56
CA LYS ZA 68 8.34 -18.20 115.17
C LYS ZA 68 7.77 -19.22 116.15
N ILE ZA 69 6.65 -18.85 116.78
CA ILE ZA 69 5.90 -19.75 117.64
C ILE ZA 69 4.54 -20.01 117.01
N GLN ZA 70 4.23 -21.29 116.82
CA GLN ZA 70 2.95 -21.73 116.31
C GLN ZA 70 2.24 -22.50 117.41
N ASN ZA 71 0.98 -22.17 117.64
CA ASN ZA 71 0.14 -22.92 118.58
C ASN ZA 71 -1.11 -23.40 117.85
N PRO ZA 72 -1.27 -24.68 117.58
CA PRO ZA 72 -2.47 -25.16 116.92
C PRO ZA 72 -3.54 -25.51 117.94
N THR ZA 73 -4.74 -25.76 117.42
CA THR ZA 73 -5.87 -26.20 118.24
C THR ZA 73 -6.88 -26.86 117.32
N ALA ZA 74 -7.16 -28.13 117.57
CA ALA ZA 74 -8.07 -28.91 116.74
C ALA ZA 74 -9.39 -29.11 117.46
N CYS ZA 75 -10.36 -29.71 116.76
CA CYS ZA 75 -11.64 -30.06 117.36
C CYS ZA 75 -12.24 -31.18 116.53
N THR ZA 76 -12.14 -32.41 117.03
CA THR ZA 76 -12.64 -33.56 116.30
C THR ZA 76 -14.13 -33.38 116.02
N ALA ZA 77 -14.50 -33.37 114.74
CA ALA ZA 77 -15.89 -33.33 114.36
C ALA ZA 77 -16.53 -34.70 114.50
N ASN ZA 78 -17.84 -34.72 114.63
CA ASN ZA 78 -18.56 -35.98 114.76
C ASN ZA 78 -18.40 -36.82 113.50
N GLY ZA 79 -18.02 -38.08 113.66
CA GLY ZA 79 -17.86 -39.00 112.55
C GLY ZA 79 -16.47 -39.03 111.95
N SER ZA 80 -15.61 -38.09 112.29
CA SER ZA 80 -14.24 -38.06 111.81
C SER ZA 80 -13.31 -38.50 112.93
N CYS ZA 81 -12.48 -39.49 112.65
CA CYS ZA 81 -11.58 -40.04 113.67
C CYS ZA 81 -10.19 -39.44 113.59
N ASP ZA 82 -10.11 -38.15 113.31
CA ASP ZA 82 -8.83 -37.46 113.33
C ASP ZA 82 -9.08 -36.01 113.75
N PRO ZA 83 -8.51 -35.56 114.87
CA PRO ZA 83 -8.72 -34.16 115.26
C PRO ZA 83 -8.03 -33.18 114.33
N SER ZA 84 -8.66 -32.94 113.20
CA SER ZA 84 -8.16 -31.97 112.22
C SER ZA 84 -7.94 -30.62 112.87
N VAL ZA 85 -6.80 -30.00 112.59
CA VAL ZA 85 -6.49 -28.72 113.20
C VAL ZA 85 -7.40 -27.65 112.60
N THR ZA 86 -8.20 -27.03 113.46
CA THR ZA 86 -9.17 -26.05 113.02
C THR ZA 86 -8.82 -24.63 113.42
N ARG ZA 87 -7.72 -24.42 114.13
CA ARG ZA 87 -7.40 -23.13 114.69
C ARG ZA 87 -5.90 -23.06 114.89
N GLN ZA 88 -5.31 -21.89 114.65
CA GLN ZA 88 -3.87 -21.77 114.83
C GLN ZA 88 -3.52 -20.33 115.14
N ALA ZA 89 -2.64 -20.15 116.12
CA ALA ZA 89 -2.14 -18.85 116.50
C ALA ZA 89 -0.68 -18.74 116.13
N TYR ZA 90 -0.30 -17.60 115.56
CA TYR ZA 90 1.05 -17.35 115.10
C TYR ZA 90 1.66 -16.20 115.89
N ALA ZA 91 2.95 -16.33 116.18
CA ALA ZA 91 3.70 -15.26 116.85
C ALA ZA 91 5.09 -15.22 116.22
N ASP ZA 92 5.36 -14.18 115.45
CA ASP ZA 92 6.61 -14.08 114.70
C ASP ZA 92 7.35 -12.83 115.16
N VAL ZA 93 8.54 -13.03 115.72
CA VAL ZA 93 9.37 -11.94 116.19
C VAL ZA 93 10.65 -11.90 115.37
N THR ZA 94 11.14 -10.70 115.11
CA THR ZA 94 12.30 -10.52 114.25
C THR ZA 94 13.18 -9.43 114.83
N PHE ZA 95 14.44 -9.78 115.10
CA PHE ZA 95 15.44 -8.82 115.54
C PHE ZA 95 16.42 -8.54 114.42
N SER ZA 96 16.74 -7.25 114.26
CA SER ZA 96 17.69 -6.82 113.25
C SER ZA 96 18.74 -5.96 113.93
N PHE ZA 97 19.99 -6.39 113.86
CA PHE ZA 97 21.10 -5.67 114.45
C PHE ZA 97 22.13 -5.32 113.38
N THR ZA 98 22.99 -4.38 113.76
CA THR ZA 98 24.03 -3.85 112.90
C THR ZA 98 25.29 -4.68 112.99
N GLN ZA 99 26.12 -4.55 111.95
CA GLN ZA 99 27.43 -5.19 111.96
C GLN ZA 99 28.18 -4.93 113.25
N TYR ZA 100 28.10 -3.71 113.76
CA TYR ZA 100 28.85 -3.31 114.94
C TYR ZA 100 27.96 -3.20 116.15
N SER ZA 101 26.74 -3.70 116.06
CA SER ZA 101 25.89 -3.81 117.23
C SER ZA 101 26.62 -4.59 118.32
N THR ZA 102 26.12 -4.46 119.55
CA THR ZA 102 26.80 -4.96 120.73
C THR ZA 102 25.85 -5.72 121.65
N ASP ZA 103 26.42 -6.70 122.37
CA ASP ZA 103 25.63 -7.45 123.35
C ASP ZA 103 24.88 -6.50 124.25
N GLU ZA 104 25.49 -5.38 124.57
CA GLU ZA 104 24.83 -4.35 125.36
C GLU ZA 104 23.40 -4.16 124.89
N GLU ZA 105 23.25 -3.64 123.69
CA GLU ZA 105 21.94 -3.22 123.24
C GLU ZA 105 21.13 -4.41 122.78
N ARG ZA 106 21.78 -5.48 122.36
CA ARG ZA 106 21.01 -6.68 122.04
C ARG ZA 106 20.23 -7.15 123.25
N ALA ZA 107 20.91 -7.34 124.38
CA ALA ZA 107 20.22 -7.76 125.58
C ALA ZA 107 19.23 -6.70 126.04
N PHE ZA 108 19.60 -5.43 125.90
CA PHE ZA 108 18.68 -4.37 126.28
C PHE ZA 108 17.37 -4.51 125.52
N VAL ZA 109 17.46 -4.69 124.20
CA VAL ZA 109 16.27 -4.84 123.38
C VAL ZA 109 15.49 -6.07 123.80
N ARG ZA 110 16.20 -7.16 124.06
CA ARG ZA 110 15.51 -8.39 124.42
C ARG ZA 110 14.68 -8.18 125.67
N THR ZA 111 15.30 -7.68 126.72
CA THR ZA 111 14.57 -7.46 127.96
C THR ZA 111 13.46 -6.46 127.76
N GLU ZA 112 13.71 -5.43 126.97
CA GLU ZA 112 12.69 -4.42 126.72
C GLU ZA 112 11.46 -5.06 126.09
N LEU ZA 113 11.65 -5.86 125.05
CA LEU ZA 113 10.52 -6.55 124.44
C LEU ZA 113 9.82 -7.46 125.44
N ALA ZA 114 10.60 -8.24 126.20
CA ALA ZA 114 9.98 -9.18 127.12
C ALA ZA 114 9.11 -8.44 128.12
N ALA ZA 115 9.61 -7.35 128.67
CA ALA ZA 115 8.88 -6.72 129.75
C ALA ZA 115 7.75 -5.85 129.20
N LEU ZA 116 7.85 -5.36 127.96
CA LEU ZA 116 6.66 -4.80 127.33
C LEU ZA 116 5.60 -5.87 127.14
N LEU ZA 117 6.01 -7.04 126.68
CA LEU ZA 117 5.12 -8.19 126.57
C LEU ZA 117 4.48 -8.53 127.90
N ALA ZA 118 5.14 -8.21 129.00
CA ALA ZA 118 4.59 -8.41 130.34
C ALA ZA 118 3.77 -7.24 130.86
N SER ZA 119 3.93 -6.05 130.31
CA SER ZA 119 3.34 -4.86 130.90
C SER ZA 119 1.90 -4.64 130.41
N PRO ZA 120 1.09 -3.91 131.17
CA PRO ZA 120 -0.36 -3.87 130.91
C PRO ZA 120 -0.71 -3.48 129.49
N LEU ZA 121 0.11 -2.65 128.84
CA LEU ZA 121 -0.19 -2.23 127.48
C LEU ZA 121 -0.45 -3.46 126.61
N LEU ZA 122 0.58 -4.29 126.43
CA LEU ZA 122 0.42 -5.37 125.47
C LEU ZA 122 -0.57 -6.42 125.94
N ILE ZA 123 -0.77 -6.58 127.25
CA ILE ZA 123 -1.85 -7.48 127.70
C ILE ZA 123 -3.17 -7.04 127.11
N ASP ZA 124 -3.57 -5.79 127.36
CA ASP ZA 124 -4.81 -5.34 126.77
C ASP ZA 124 -4.76 -5.38 125.25
N ALA ZA 125 -3.58 -5.20 124.67
CA ALA ZA 125 -3.44 -5.20 123.22
C ALA ZA 125 -3.66 -6.57 122.62
N ILE ZA 126 -3.25 -7.61 123.32
CA ILE ZA 126 -3.21 -8.96 122.79
C ILE ZA 126 -4.34 -9.79 123.38
N ASP ZA 127 -4.32 -10.01 124.68
CA ASP ZA 127 -5.35 -10.81 125.33
C ASP ZA 127 -6.74 -10.31 124.95
N GLN ZA 128 -6.97 -9.01 125.10
CA GLN ZA 128 -8.27 -8.45 124.81
C GLN ZA 128 -8.39 -7.86 123.42
N LEU ZA 129 -7.32 -7.88 122.63
CA LEU ZA 129 -7.42 -7.45 121.25
C LEU ZA 129 -7.97 -6.03 121.20
N ASN ZA 130 -7.42 -5.19 122.07
CA ASN ZA 130 -7.92 -3.84 122.29
C ASN ZA 130 -6.97 -2.83 121.67
N PRO ZA 131 -7.30 -2.20 120.55
CA PRO ZA 131 -6.38 -1.24 119.95
C PRO ZA 131 -5.97 -0.18 120.95
N ALA ZA 132 -4.70 0.17 120.94
CA ALA ZA 132 -4.15 1.07 121.94
C ALA ZA 132 -4.45 2.51 121.57
N TYR ZA 133 -4.98 3.26 122.53
CA TYR ZA 133 -5.17 4.68 122.36
C TYR ZA 133 -5.55 5.33 123.67
N ALA AB 2 75.11 -32.45 101.59
CA ALA AB 2 75.61 -32.19 100.21
C ALA AB 2 76.15 -30.77 100.10
N LYS AB 3 76.94 -30.37 101.09
CA LYS AB 3 77.44 -29.00 101.14
C LYS AB 3 78.38 -28.73 99.97
N LEU AB 4 78.38 -27.48 99.51
CA LEU AB 4 79.20 -27.05 98.40
C LEU AB 4 80.47 -26.39 98.93
N GLU AB 5 81.60 -26.80 98.39
CA GLU AB 5 82.88 -26.24 98.80
C GLU AB 5 83.90 -26.57 97.72
N THR AB 6 85.18 -26.32 98.02
CA THR AB 6 86.23 -26.65 97.08
C THR AB 6 86.57 -28.12 97.16
N VAL AB 7 86.71 -28.74 96.00
CA VAL AB 7 87.08 -30.15 95.90
C VAL AB 7 88.39 -30.24 95.13
N THR AB 8 89.39 -30.86 95.74
CA THR AB 8 90.70 -31.06 95.12
C THR AB 8 90.84 -32.55 94.86
N LEU AB 9 90.64 -32.94 93.61
CA LEU AB 9 90.76 -34.33 93.20
C LEU AB 9 92.19 -34.54 92.71
N GLY AB 10 92.91 -35.44 93.39
CA GLY AB 10 94.28 -35.75 93.04
C GLY AB 10 94.39 -37.11 92.37
N ASN AB 11 95.59 -37.45 91.90
CA ASN AB 11 95.81 -38.69 91.14
C ASN AB 11 94.84 -38.78 89.97
N ILE AB 12 95.00 -37.83 89.04
CA ILE AB 12 94.15 -37.67 87.87
C ILE AB 12 94.98 -37.95 86.62
N GLY AB 13 94.31 -38.46 85.60
CA GLY AB 13 94.89 -38.56 84.27
C GLY AB 13 95.36 -39.96 83.93
N LYS AB 14 96.15 -40.05 82.86
CA LYS AB 14 96.61 -41.35 82.38
C LYS AB 14 97.54 -42.01 83.41
N ASP AB 15 98.47 -41.26 83.97
CA ASP AB 15 99.37 -41.81 84.97
C ASP AB 15 98.97 -41.41 86.39
N GLY AB 16 97.88 -40.66 86.55
CA GLY AB 16 97.37 -40.32 87.85
C GLY AB 16 98.29 -39.44 88.68
N LYS AB 17 98.80 -38.36 88.10
CA LYS AB 17 99.67 -37.42 88.80
C LYS AB 17 99.14 -35.99 88.88
N GLN AB 18 98.30 -35.54 87.97
CA GLN AB 18 97.86 -34.15 88.05
C GLN AB 18 96.81 -34.01 89.16
N THR AB 19 96.28 -32.80 89.30
CA THR AB 19 95.26 -32.51 90.30
C THR AB 19 94.35 -31.40 89.79
N LEU AB 20 93.07 -31.47 90.17
CA LEU AB 20 92.08 -30.48 89.77
C LEU AB 20 91.38 -29.96 91.02
N VAL AB 21 91.33 -28.64 91.17
CA VAL AB 21 90.62 -28.00 92.26
C VAL AB 21 89.43 -27.26 91.67
N LEU AB 22 88.24 -27.71 92.02
CA LEU AB 22 87.00 -27.11 91.56
C LEU AB 22 86.34 -26.42 92.75
N ASN AB 23 86.20 -25.19 92.66
CA ASN AB 23 85.56 -24.36 93.64
C ASN AB 23 84.08 -24.22 93.33
N PRO AB 24 83.27 -23.89 94.34
CA PRO AB 24 81.82 -23.87 94.17
C PRO AB 24 81.34 -22.68 93.35
N ARG AB 25 80.08 -22.76 92.95
CA ARG AB 25 79.42 -21.73 92.16
C ARG AB 25 78.04 -21.51 92.75
N GLY AB 26 77.15 -20.88 91.99
CA GLY AB 26 75.80 -20.65 92.47
C GLY AB 26 74.82 -21.73 92.05
N VAL AB 27 74.10 -22.29 93.02
CA VAL AB 27 73.15 -23.35 92.78
C VAL AB 27 72.01 -22.86 91.91
N ASN AB 28 71.93 -23.35 90.68
CA ASN AB 28 70.98 -22.90 89.68
C ASN AB 28 69.54 -22.92 90.18
N PRO AB 29 68.93 -21.76 90.45
CA PRO AB 29 67.48 -21.75 90.73
C PRO AB 29 66.67 -22.33 89.60
N THR AB 30 67.07 -22.14 88.34
CA THR AB 30 66.20 -22.50 87.24
C THR AB 30 65.86 -23.99 87.26
N ASN AB 31 66.80 -24.81 87.74
CA ASN AB 31 66.54 -26.24 87.83
C ASN AB 31 67.10 -26.86 89.09
N GLY AB 32 67.60 -26.09 90.05
CA GLY AB 32 68.15 -26.69 91.24
C GLY AB 32 69.29 -27.62 90.93
N VAL AB 33 70.43 -27.07 90.51
CA VAL AB 33 71.60 -27.87 90.14
C VAL AB 33 72.84 -27.10 90.57
N ALA AB 34 73.66 -27.71 91.41
CA ALA AB 34 74.87 -27.07 91.91
C ALA AB 34 76.01 -27.23 90.91
N SER AB 35 76.99 -26.32 90.99
CA SER AB 35 78.05 -26.24 90.00
C SER AB 35 79.39 -26.03 90.66
N LEU AB 36 80.42 -26.65 90.08
CA LEU AB 36 81.80 -26.53 90.52
C LEU AB 36 82.67 -26.27 89.30
N SER AB 37 83.75 -25.52 89.48
CA SER AB 37 84.55 -25.10 88.35
C SER AB 37 86.01 -24.94 88.73
N GLN AB 38 86.89 -25.04 87.74
CA GLN AB 38 88.33 -24.92 87.95
C GLN AB 38 88.65 -23.74 88.83
N ALA AB 39 89.78 -23.80 89.53
CA ALA AB 39 90.14 -22.73 90.46
C ALA AB 39 90.18 -21.37 89.77
N GLY AB 40 90.41 -21.36 88.45
CA GLY AB 40 90.32 -20.14 87.69
C GLY AB 40 91.68 -19.71 87.17
N ALA AB 41 91.71 -18.51 86.60
CA ALA AB 41 90.54 -17.61 86.48
C ALA AB 41 89.65 -17.94 85.30
N VAL AB 42 90.21 -17.81 84.09
CA VAL AB 42 89.45 -18.12 82.88
C VAL AB 42 88.95 -19.55 82.92
N PRO AB 43 89.74 -20.53 83.33
CA PRO AB 43 89.23 -21.91 83.40
C PRO AB 43 87.98 -22.06 84.24
N ALA AB 44 87.69 -21.08 85.11
CA ALA AB 44 86.46 -21.14 85.90
C ALA AB 44 85.23 -21.17 85.01
N LEU AB 45 85.26 -20.44 83.91
CA LEU AB 45 84.19 -20.47 82.92
C LEU AB 45 84.47 -21.46 81.81
N GLU AB 46 85.53 -22.25 81.90
CA GLU AB 46 85.82 -23.28 80.92
C GLU AB 46 85.38 -24.65 81.43
N LYS AB 47 85.97 -25.08 82.55
CA LYS AB 47 85.71 -26.41 83.09
C LYS AB 47 84.49 -26.37 83.99
N ARG AB 48 83.66 -27.43 83.93
CA ARG AB 48 82.41 -27.43 84.68
C ARG AB 48 82.14 -28.82 85.23
N VAL AB 49 81.55 -28.86 86.42
CA VAL AB 49 81.06 -30.09 87.05
C VAL AB 49 79.73 -29.77 87.71
N THR AB 50 78.64 -30.25 87.13
CA THR AB 50 77.29 -29.99 87.62
C THR AB 50 76.74 -31.21 88.32
N VAL AB 51 76.07 -31.00 89.45
CA VAL AB 51 75.49 -32.05 90.25
C VAL AB 51 74.04 -31.68 90.59
N SER AB 52 73.12 -32.63 90.38
CA SER AB 52 71.70 -32.39 90.66
C SER AB 52 71.06 -33.65 91.21
N VAL AB 53 70.01 -33.45 92.01
CA VAL AB 53 69.23 -34.57 92.56
C VAL AB 53 67.75 -34.29 92.47
N SER AB 54 67.10 -34.73 91.40
CA SER AB 54 65.66 -34.54 91.25
C SER AB 54 64.91 -35.53 92.12
N GLN AB 55 63.97 -35.00 92.91
CA GLN AB 55 63.20 -35.77 93.88
C GLN AB 55 62.07 -36.51 93.17
N PRO AB 56 61.34 -37.36 93.90
CA PRO AB 56 60.25 -38.10 93.26
C PRO AB 56 59.16 -37.15 92.80
N SER AB 57 58.57 -37.46 91.65
CA SER AB 57 57.59 -36.57 91.02
C SER AB 57 56.64 -37.42 90.17
N ARG AB 58 55.97 -36.77 89.23
CA ARG AB 58 55.11 -37.48 88.29
C ARG AB 58 55.94 -38.14 87.20
N ASN AB 59 56.90 -37.40 86.64
CA ASN AB 59 57.86 -37.99 85.72
C ASN AB 59 58.90 -38.81 86.48
N ARG AB 60 59.28 -38.37 87.69
CA ARG AB 60 60.33 -39.00 88.48
C ARG AB 60 59.72 -39.77 89.64
N LYS AB 61 60.24 -40.97 89.95
CA LYS AB 61 59.43 -41.83 90.80
C LYS AB 61 60.04 -42.33 92.11
N ASN AB 62 61.23 -42.97 92.19
CA ASN AB 62 62.45 -42.93 91.34
C ASN AB 62 63.12 -41.56 91.36
N TYR AB 63 63.76 -41.28 92.50
CA TYR AB 63 64.79 -40.24 92.57
C TYR AB 63 65.75 -40.37 91.40
N LYS AB 64 66.30 -39.24 90.95
CA LYS AB 64 67.24 -39.24 89.84
C LYS AB 64 68.42 -38.33 90.17
N VAL AB 65 69.62 -38.89 90.27
CA VAL AB 65 70.83 -38.13 90.54
C VAL AB 65 71.62 -37.99 89.25
N GLN AB 66 72.10 -36.78 88.98
CA GLN AB 66 72.78 -36.44 87.73
C GLN AB 66 74.11 -35.78 88.04
N VAL AB 67 75.14 -36.15 87.28
CA VAL AB 67 76.45 -35.52 87.37
C VAL AB 67 76.99 -35.35 85.96
N LYS AB 68 77.17 -34.11 85.53
CA LYS AB 68 77.67 -33.82 84.19
C LYS AB 68 79.01 -33.10 84.29
N ILE AB 69 80.06 -33.71 83.73
CA ILE AB 69 81.41 -33.14 83.75
C ILE AB 69 81.76 -32.70 82.34
N GLN AB 70 82.33 -31.50 82.21
CA GLN AB 70 82.67 -30.95 80.92
C GLN AB 70 84.03 -30.28 80.98
N ASN AB 71 84.86 -30.58 79.98
CA ASN AB 71 86.22 -30.04 79.87
C ASN AB 71 86.43 -29.52 78.46
N PRO AB 72 86.46 -28.20 78.24
CA PRO AB 72 86.68 -27.68 76.89
C PRO AB 72 88.14 -27.47 76.56
N THR AB 73 88.65 -28.16 75.55
CA THR AB 73 90.01 -27.94 75.10
C THR AB 73 90.05 -26.76 74.13
N ALA AB 74 90.89 -25.78 74.44
CA ALA AB 74 91.00 -24.57 73.64
C ALA AB 74 92.46 -24.34 73.26
N CYS AB 75 92.65 -23.50 72.25
CA CYS AB 75 93.96 -23.22 71.69
C CYS AB 75 94.03 -21.76 71.26
N THR AB 76 95.25 -21.28 71.09
CA THR AB 76 95.51 -19.92 70.60
C THR AB 76 96.27 -20.01 69.30
N ALA AB 77 95.66 -19.49 68.22
CA ALA AB 77 96.34 -19.48 66.93
C ALA AB 77 97.56 -18.57 66.98
N ASN AB 78 98.53 -18.86 66.13
CA ASN AB 78 99.79 -18.13 66.15
C ASN AB 78 99.59 -16.72 65.63
N GLY AB 79 99.15 -15.82 66.50
CA GLY AB 79 98.83 -14.46 66.11
C GLY AB 79 97.60 -13.94 66.83
N SER AB 80 96.71 -14.85 67.25
CA SER AB 80 95.54 -14.50 68.03
C SER AB 80 95.91 -14.19 69.46
N CYS AB 81 94.95 -13.78 70.28
CA CYS AB 81 95.19 -13.61 71.71
C CYS AB 81 94.27 -14.47 72.57
N ASP AB 82 92.97 -14.31 72.38
CA ASP AB 82 92.03 -15.04 73.21
C ASP AB 82 92.03 -16.51 72.81
N PRO AB 83 91.99 -17.44 73.76
CA PRO AB 83 91.91 -18.86 73.40
C PRO AB 83 90.51 -19.25 72.96
N SER AB 84 90.43 -19.91 71.81
CA SER AB 84 89.17 -20.39 71.27
C SER AB 84 89.08 -21.91 71.46
N VAL AB 85 87.90 -22.38 71.83
CA VAL AB 85 87.73 -23.80 72.11
C VAL AB 85 87.75 -24.59 70.81
N THR AB 86 88.73 -25.47 70.68
CA THR AB 86 88.83 -26.35 69.53
C THR AB 86 88.08 -27.67 69.73
N ARG AB 87 87.95 -28.14 70.97
CA ARG AB 87 87.34 -29.43 71.28
C ARG AB 87 86.57 -29.31 72.58
N GLN AB 88 85.64 -30.24 72.81
CA GLN AB 88 84.86 -30.25 74.04
C GLN AB 88 84.63 -31.68 74.50
N ALA AB 89 85.20 -32.02 75.66
CA ALA AB 89 85.00 -33.26 76.38
C ALA AB 89 83.78 -33.16 77.26
N TYR AB 90 83.05 -34.27 77.41
CA TYR AB 90 82.05 -34.30 78.46
C TYR AB 90 81.53 -35.72 78.69
N ALA AB 91 81.17 -35.97 79.95
CA ALA AB 91 80.60 -37.24 80.38
C ALA AB 91 79.43 -36.97 81.29
N ASP AB 92 78.51 -37.94 81.39
CA ASP AB 92 77.26 -37.76 82.11
C ASP AB 92 76.93 -39.05 82.86
N VAL AB 93 76.95 -39.00 84.19
CA VAL AB 93 76.61 -40.13 85.04
C VAL AB 93 75.23 -39.90 85.64
N THR AB 94 74.48 -40.98 85.79
CA THR AB 94 73.12 -40.92 86.30
C THR AB 94 72.87 -42.11 87.22
N PHE AB 95 72.11 -41.89 88.29
CA PHE AB 95 71.64 -42.95 89.16
C PHE AB 95 70.17 -42.75 89.46
N SER AB 96 69.35 -43.71 89.05
CA SER AB 96 67.91 -43.65 89.22
C SER AB 96 67.55 -44.68 90.28
N PHE AB 97 66.97 -44.20 91.39
CA PHE AB 97 66.80 -45.04 92.57
C PHE AB 97 65.37 -44.95 93.07
N THR AB 98 64.80 -46.10 93.40
CA THR AB 98 63.40 -46.17 93.79
C THR AB 98 63.18 -45.55 95.16
N GLN AB 99 61.91 -45.26 95.46
CA GLN AB 99 61.58 -44.59 96.71
C GLN AB 99 61.96 -45.43 97.92
N TYR AB 100 61.89 -46.75 97.78
CA TYR AB 100 62.28 -47.65 98.86
C TYR AB 100 63.73 -48.06 98.79
N SER AB 101 64.49 -47.50 97.87
CA SER AB 101 65.91 -47.80 97.83
C SER AB 101 66.51 -47.61 99.23
N THR AB 102 67.65 -48.24 99.47
CA THR AB 102 68.35 -48.08 100.73
C THR AB 102 69.75 -47.54 100.49
N ASP AB 103 70.23 -46.78 101.45
CA ASP AB 103 71.43 -46.01 101.25
C ASP AB 103 72.65 -46.92 101.09
N GLU AB 104 72.65 -48.05 101.78
CA GLU AB 104 73.72 -49.02 101.62
C GLU AB 104 73.87 -49.40 100.16
N GLU AB 105 72.76 -49.73 99.50
CA GLU AB 105 72.85 -50.18 98.13
C GLU AB 105 73.16 -49.02 97.20
N ARG AB 106 72.71 -47.82 97.55
CA ARG AB 106 73.09 -46.66 96.76
C ARG AB 106 74.61 -46.49 96.75
N ALA AB 107 75.24 -46.60 97.94
CA ALA AB 107 76.68 -46.48 98.02
C ALA AB 107 77.37 -47.65 97.33
N PHE AB 108 76.77 -48.84 97.42
CA PHE AB 108 77.31 -49.98 96.67
C PHE AB 108 77.38 -49.63 95.19
N VAL AB 109 76.29 -49.08 94.65
CA VAL AB 109 76.26 -48.71 93.25
C VAL AB 109 77.35 -47.70 92.96
N ARG AB 110 77.47 -46.69 93.83
CA ARG AB 110 78.51 -45.69 93.68
C ARG AB 110 79.88 -46.34 93.57
N THR AB 111 80.21 -47.17 94.54
CA THR AB 111 81.55 -47.74 94.61
C THR AB 111 81.78 -48.71 93.47
N GLU AB 112 80.73 -49.41 93.05
CA GLU AB 112 80.86 -50.30 91.92
C GLU AB 112 81.20 -49.52 90.66
N LEU AB 113 80.50 -48.42 90.42
CA LEU AB 113 80.80 -47.61 89.24
C LEU AB 113 82.23 -47.09 89.31
N ALA AB 114 82.66 -46.68 90.52
CA ALA AB 114 84.04 -46.21 90.68
C ALA AB 114 85.06 -47.30 90.34
N ALA AB 115 84.87 -48.48 90.92
CA ALA AB 115 85.84 -49.55 90.73
C ALA AB 115 85.88 -50.00 89.28
N LEU AB 116 84.74 -49.96 88.59
CA LEU AB 116 84.74 -50.26 87.15
C LEU AB 116 85.50 -49.20 86.37
N LEU AB 117 85.26 -47.92 86.66
CA LEU AB 117 86.00 -46.87 85.96
C LEU AB 117 87.49 -47.01 86.19
N ALA AB 118 87.89 -47.55 87.34
CA ALA AB 118 89.28 -47.88 87.61
C ALA AB 118 89.72 -49.18 86.95
N SER AB 119 88.77 -50.06 86.57
CA SER AB 119 89.13 -51.34 85.99
C SER AB 119 89.80 -51.15 84.64
N PRO AB 120 90.77 -51.99 84.31
CA PRO AB 120 91.45 -51.84 83.02
C PRO AB 120 90.50 -51.88 81.85
N LEU AB 121 89.37 -52.58 81.98
CA LEU AB 121 88.48 -52.74 80.84
C LEU AB 121 87.98 -51.38 80.35
N LEU AB 122 87.45 -50.58 81.26
CA LEU AB 122 86.89 -49.31 80.84
C LEU AB 122 87.99 -48.31 80.48
N ILE AB 123 89.15 -48.37 81.11
CA ILE AB 123 90.20 -47.46 80.69
C ILE AB 123 90.64 -47.81 79.27
N ASP AB 124 90.65 -49.10 78.94
CA ASP AB 124 90.98 -49.51 77.58
C ASP AB 124 89.92 -49.04 76.60
N ALA AB 125 88.65 -49.29 76.91
CA ALA AB 125 87.60 -48.94 75.98
C ALA AB 125 87.38 -47.44 75.89
N ILE AB 126 87.87 -46.68 76.87
CA ILE AB 126 87.62 -45.25 76.92
C ILE AB 126 88.86 -44.53 76.42
N ASP AB 127 89.94 -44.63 77.18
CA ASP AB 127 91.16 -43.93 76.85
C ASP AB 127 91.65 -44.29 75.46
N GLN AB 128 91.44 -45.54 75.04
CA GLN AB 128 91.88 -45.99 73.73
C GLN AB 128 90.75 -46.19 72.74
N LEU AB 129 89.50 -46.19 73.18
CA LEU AB 129 88.35 -46.08 72.29
C LEU AB 129 88.17 -47.41 71.54
N ASN AB 130 88.39 -48.50 72.25
CA ASN AB 130 88.46 -49.84 71.66
C ASN AB 130 87.31 -50.72 72.13
N PRO AB 131 86.41 -51.14 71.24
CA PRO AB 131 85.39 -52.12 71.64
C PRO AB 131 86.00 -53.36 72.29
N ALA AB 132 85.35 -53.82 73.35
CA ALA AB 132 85.83 -55.00 74.07
C ALA AB 132 85.69 -56.22 73.18
N TYR AB 133 86.81 -56.67 72.62
CA TYR AB 133 86.84 -57.81 71.70
C TYR AB 133 88.24 -58.42 71.64
N ALA BB 2 66.59 -17.74 110.11
CA ALA BB 2 65.89 -19.05 109.91
C ALA BB 2 66.87 -20.10 109.41
N LYS BB 3 68.12 -19.98 109.84
CA LYS BB 3 69.15 -20.93 109.42
C LYS BB 3 68.68 -22.35 109.71
N LEU BB 4 68.82 -23.23 108.73
CA LEU BB 4 68.44 -24.61 108.94
C LEU BB 4 69.35 -25.22 109.99
N GLU BB 5 68.78 -26.13 110.77
CA GLU BB 5 69.54 -26.76 111.84
C GLU BB 5 68.76 -27.98 112.31
N THR BB 6 69.40 -28.75 113.20
CA THR BB 6 68.80 -29.96 113.75
C THR BB 6 67.67 -29.61 114.70
N VAL BB 7 66.42 -29.81 114.28
CA VAL BB 7 65.28 -29.48 115.12
C VAL BB 7 65.06 -30.61 116.10
N THR BB 8 65.04 -30.26 117.38
CA THR BB 8 64.92 -31.20 118.48
C THR BB 8 63.58 -30.94 119.17
N LEU BB 9 62.57 -31.67 118.75
CA LEU BB 9 61.21 -31.41 119.19
C LEU BB 9 60.95 -32.27 120.42
N GLY BB 10 60.56 -31.65 121.52
CA GLY BB 10 60.55 -32.34 122.80
C GLY BB 10 59.39 -33.29 122.97
N ASN BB 11 58.76 -33.27 124.13
CA ASN BB 11 57.67 -34.21 124.41
C ASN BB 11 56.52 -34.01 123.45
N ILE BB 12 56.09 -35.08 122.80
CA ILE BB 12 54.92 -35.03 121.94
C ILE BB 12 54.25 -36.39 121.96
N GLY BB 13 53.04 -36.45 121.44
CA GLY BB 13 52.22 -37.65 121.43
C GLY BB 13 51.07 -37.51 122.39
N LYS BB 14 50.33 -38.61 122.55
CA LYS BB 14 49.14 -38.59 123.40
C LYS BB 14 49.51 -38.27 124.84
N ASP BB 15 50.44 -39.01 125.41
CA ASP BB 15 50.87 -38.73 126.78
C ASP BB 15 52.01 -37.72 126.82
N GLY BB 16 52.59 -37.39 125.67
CA GLY BB 16 53.66 -36.41 125.62
C GLY BB 16 54.96 -36.90 126.24
N LYS BB 17 55.51 -37.99 125.69
CA LYS BB 17 56.80 -38.55 126.09
C LYS BB 17 57.77 -38.78 124.95
N GLN BB 18 57.35 -38.65 123.70
CA GLN BB 18 58.26 -38.93 122.60
C GLN BB 18 58.97 -37.65 122.18
N THR BB 19 60.12 -37.82 121.53
CA THR BB 19 60.93 -36.71 121.08
C THR BB 19 61.40 -37.00 119.65
N LEU BB 20 61.47 -35.95 118.84
CA LEU BB 20 61.76 -36.12 117.43
C LEU BB 20 62.95 -35.27 117.03
N VAL BB 21 63.72 -35.75 116.07
CA VAL BB 21 64.95 -35.09 115.67
C VAL BB 21 64.91 -35.01 114.15
N LEU BB 22 64.61 -33.83 113.63
CA LEU BB 22 64.62 -33.59 112.20
C LEU BB 22 65.94 -32.96 111.82
N ASN BB 23 66.73 -33.69 111.06
CA ASN BB 23 67.96 -33.11 110.59
C ASN BB 23 67.70 -32.34 109.31
N PRO BB 24 68.42 -31.24 109.09
CA PRO BB 24 68.15 -30.40 107.92
C PRO BB 24 68.62 -31.06 106.64
N ARG BB 25 67.71 -31.24 105.70
CA ARG BB 25 68.08 -31.82 104.41
C ARG BB 25 68.59 -30.77 103.44
N GLY BB 26 67.76 -29.80 103.08
CA GLY BB 26 68.16 -28.81 102.11
C GLY BB 26 67.03 -27.87 101.81
N VAL BB 27 67.14 -27.20 100.66
CA VAL BB 27 66.19 -26.17 100.27
C VAL BB 27 65.99 -26.25 98.76
N ASN BB 28 64.88 -26.85 98.35
CA ASN BB 28 64.58 -26.92 96.93
C ASN BB 28 64.37 -25.52 96.40
N PRO BB 29 65.13 -25.08 95.42
CA PRO BB 29 65.05 -23.70 94.98
C PRO BB 29 63.92 -23.51 93.97
N THR BB 30 63.51 -24.59 93.34
CA THR BB 30 62.46 -24.50 92.34
C THR BB 30 61.24 -23.78 92.91
N ASN BB 31 60.94 -24.01 94.19
CA ASN BB 31 59.87 -23.29 94.85
C ASN BB 31 60.32 -22.74 96.19
N GLY BB 32 61.63 -22.66 96.45
CA GLY BB 32 62.10 -22.07 97.68
C GLY BB 32 61.48 -22.71 98.90
N VAL BB 33 61.72 -24.00 99.07
CA VAL BB 33 61.12 -24.75 100.17
C VAL BB 33 62.22 -25.49 100.92
N ALA BB 34 62.38 -25.18 102.19
CA ALA BB 34 63.34 -25.90 103.02
C ALA BB 34 62.68 -27.15 103.56
N SER BB 35 63.45 -28.23 103.63
CA SER BB 35 62.94 -29.53 104.06
C SER BB 35 63.78 -30.11 105.18
N LEU BB 36 63.09 -30.69 106.15
CA LEU BB 36 63.71 -31.45 107.22
C LEU BB 36 63.16 -32.86 107.18
N SER BB 37 64.00 -33.82 107.51
CA SER BB 37 63.58 -35.22 107.57
C SER BB 37 64.15 -35.86 108.83
N GLN BB 38 63.40 -36.80 109.38
CA GLN BB 38 63.90 -37.57 110.51
C GLN BB 38 64.99 -38.54 110.05
N ALA BB 39 65.98 -38.74 110.91
CA ALA BB 39 67.14 -39.54 110.54
C ALA BB 39 66.71 -40.96 110.22
N GLY BB 40 67.11 -41.44 109.04
CA GLY BB 40 66.76 -42.79 108.61
C GLY BB 40 67.60 -43.24 107.44
N ALA BB 41 67.12 -44.22 106.68
CA ALA BB 41 67.80 -44.65 105.47
C ALA BB 41 66.87 -44.70 104.28
N VAL BB 42 65.64 -45.17 104.49
CA VAL BB 42 64.72 -45.47 103.39
C VAL BB 42 63.83 -44.27 103.16
N PRO BB 43 64.14 -43.40 102.20
CA PRO BB 43 63.39 -42.15 102.07
C PRO BB 43 61.89 -42.36 102.14
N ALA BB 44 61.41 -43.52 101.72
CA ALA BB 44 59.98 -43.78 101.76
C ALA BB 44 59.44 -43.92 103.17
N LEU BB 45 60.29 -43.97 104.18
CA LEU BB 45 59.86 -44.27 105.55
C LEU BB 45 60.45 -43.28 106.53
N GLU BB 46 60.28 -41.98 106.26
CA GLU BB 46 60.75 -40.97 107.20
C GLU BB 46 59.70 -39.89 107.36
N LYS BB 47 59.63 -39.35 108.56
CA LYS BB 47 58.74 -38.24 108.88
C LYS BB 47 59.41 -36.94 108.46
N ARG BB 48 58.75 -36.17 107.61
CA ARG BB 48 59.40 -34.97 107.12
C ARG BB 48 58.49 -33.76 107.15
N VAL BB 49 59.13 -32.61 107.11
CA VAL BB 49 58.46 -31.31 107.21
C VAL BB 49 59.07 -30.40 106.17
N THR BB 50 58.28 -29.44 105.70
CA THR BB 50 58.73 -28.49 104.70
C THR BB 50 58.18 -27.12 105.05
N VAL BB 51 59.01 -26.10 104.88
CA VAL BB 51 58.63 -24.74 105.20
C VAL BB 51 58.90 -23.89 103.97
N SER BB 52 57.94 -23.05 103.61
CA SER BB 52 58.09 -22.12 102.49
C SER BB 52 57.59 -20.76 102.90
N VAL BB 53 58.27 -19.73 102.43
CA VAL BB 53 57.94 -18.34 102.74
C VAL BB 53 57.83 -17.62 101.41
N SER BB 54 56.61 -17.45 100.92
CA SER BB 54 56.36 -16.88 99.61
C SER BB 54 56.12 -15.39 99.75
N GLN BB 55 56.92 -14.60 99.04
CA GLN BB 55 56.85 -13.17 99.12
C GLN BB 55 55.65 -12.65 98.35
N PRO BB 56 55.26 -11.41 98.59
CA PRO BB 56 54.08 -10.86 97.90
C PRO BB 56 54.31 -10.68 96.42
N SER BB 57 53.67 -11.50 95.61
CA SER BB 57 53.79 -11.37 94.18
C SER BB 57 52.98 -10.19 93.68
N ARG BB 58 53.31 -9.74 92.47
CA ARG BB 58 52.51 -8.74 91.80
C ARG BB 58 51.08 -9.23 91.59
N ASN BB 59 50.89 -10.55 91.63
CA ASN BB 59 49.59 -11.16 91.39
C ASN BB 59 48.82 -11.44 92.68
N ARG BB 60 49.49 -11.48 93.82
CA ARG BB 60 48.79 -11.71 95.08
C ARG BB 60 49.04 -10.57 96.06
N LYS BB 61 50.30 -10.17 96.20
CA LYS BB 61 50.66 -9.08 97.10
C LYS BB 61 50.21 -9.39 98.53
N ASN BB 62 50.65 -10.55 99.02
CA ASN BB 62 50.37 -10.94 100.40
C ASN BB 62 51.35 -12.04 100.80
N TYR BB 63 52.00 -11.86 101.94
CA TYR BB 63 53.01 -12.82 102.35
C TYR BB 63 52.36 -14.12 102.79
N LYS BB 64 52.96 -15.22 102.38
CA LYS BB 64 52.43 -16.56 102.65
C LYS BB 64 53.49 -17.40 103.33
N VAL BB 65 53.09 -18.22 104.29
CA VAL BB 65 53.99 -19.13 104.98
C VAL BB 65 53.33 -20.48 105.06
N GLN BB 66 53.88 -21.45 104.33
CA GLN BB 66 53.34 -22.80 104.31
C GLN BB 66 54.22 -23.70 105.14
N VAL BB 67 53.59 -24.55 105.95
CA VAL BB 67 54.26 -25.55 106.75
C VAL BB 67 53.56 -26.88 106.51
N LYS BB 68 54.21 -27.78 105.78
CA LYS BB 68 53.65 -29.08 105.48
C LYS BB 68 54.39 -30.14 106.29
N ILE BB 69 53.64 -31.14 106.76
CA ILE BB 69 54.15 -32.21 107.61
C ILE BB 69 53.57 -33.52 107.13
N GLN BB 70 54.42 -34.51 106.87
CA GLN BB 70 53.92 -35.84 106.57
C GLN BB 70 54.60 -36.88 107.45
N ASN BB 71 53.79 -37.80 107.94
CA ASN BB 71 54.24 -38.90 108.79
C ASN BB 71 53.84 -40.23 108.15
N PRO BB 72 54.80 -41.07 107.76
CA PRO BB 72 54.45 -42.36 107.19
C PRO BB 72 54.33 -43.43 108.27
N THR BB 73 53.59 -44.48 107.94
CA THR BB 73 53.53 -45.68 108.78
C THR BB 73 54.26 -46.83 108.10
N ALA BB 74 55.12 -47.50 108.85
CA ALA BB 74 55.96 -48.55 108.27
C ALA BB 74 55.13 -49.78 107.91
N CYS BB 75 54.35 -50.29 108.88
CA CYS BB 75 53.68 -51.58 108.76
C CYS BB 75 54.62 -52.62 108.15
N THR BB 76 55.72 -52.89 108.85
CA THR BB 76 56.67 -53.87 108.38
C THR BB 76 56.04 -55.26 108.36
N ALA BB 77 56.32 -56.00 107.28
CA ALA BB 77 55.84 -57.37 107.13
C ALA BB 77 56.87 -58.35 107.67
N ASN BB 78 56.38 -59.51 108.11
CA ASN BB 78 57.23 -60.54 108.71
C ASN BB 78 58.05 -61.21 107.61
N GLY BB 79 59.00 -60.43 107.07
CA GLY BB 79 59.99 -60.94 106.15
C GLY BB 79 59.76 -60.42 104.73
N SER BB 80 60.45 -61.06 103.78
CA SER BB 80 60.16 -61.01 102.36
C SER BB 80 60.54 -59.71 101.67
N CYS BB 81 60.73 -58.63 102.43
CA CYS BB 81 61.24 -57.37 101.91
C CYS BB 81 61.21 -56.37 103.08
N ASP BB 82 61.74 -55.17 102.84
CA ASP BB 82 61.64 -54.12 103.84
C ASP BB 82 60.22 -53.57 103.88
N PRO BB 83 59.87 -52.82 104.93
CA PRO BB 83 58.48 -52.38 105.10
C PRO BB 83 57.98 -51.57 103.92
N SER BB 84 56.65 -51.41 103.87
CA SER BB 84 55.97 -50.72 102.79
C SER BB 84 55.11 -49.60 103.36
N VAL BB 85 55.09 -48.48 102.66
CA VAL BB 85 54.30 -47.35 103.12
C VAL BB 85 52.83 -47.72 103.08
N THR BB 86 52.18 -47.60 104.22
CA THR BB 86 50.80 -48.02 104.40
C THR BB 86 49.86 -46.88 104.70
N ARG BB 87 50.17 -46.08 105.70
CA ARG BB 87 49.37 -44.92 106.08
C ARG BB 87 50.23 -43.68 105.99
N GLN BB 88 49.58 -42.55 105.73
CA GLN BB 88 50.28 -41.32 105.41
C GLN BB 88 49.50 -40.15 106.01
N ALA BB 89 49.98 -39.67 107.16
CA ALA BB 89 49.32 -38.57 107.85
C ALA BB 89 49.82 -37.24 107.31
N TYR BB 90 48.88 -36.45 106.78
CA TYR BB 90 49.12 -35.15 106.22
C TYR BB 90 48.73 -34.07 107.22
N ALA BB 91 49.53 -33.01 107.28
CA ALA BB 91 49.14 -31.80 107.99
C ALA BB 91 49.74 -30.62 107.23
N ASP BB 92 48.97 -29.54 107.10
CA ASP BB 92 49.48 -28.40 106.35
C ASP BB 92 48.86 -27.13 106.92
N VAL BB 93 49.72 -26.21 107.32
CA VAL BB 93 49.32 -24.93 107.88
C VAL BB 93 49.73 -23.84 106.92
N THR BB 94 48.92 -22.78 106.86
CA THR BB 94 49.06 -21.77 105.82
C THR BB 94 48.78 -20.40 106.44
N PHE BB 95 49.83 -19.74 106.89
CA PHE BB 95 49.69 -18.40 107.43
C PHE BB 95 49.72 -17.37 106.30
N SER BB 96 48.82 -16.39 106.39
CA SER BB 96 48.73 -15.34 105.39
C SER BB 96 48.72 -14.00 106.08
N PHE BB 97 49.49 -13.05 105.56
CA PHE BB 97 49.47 -11.70 106.10
C PHE BB 97 49.66 -10.72 104.96
N THR BB 98 49.37 -9.46 105.23
CA THR BB 98 49.52 -8.45 104.19
C THR BB 98 50.77 -7.60 104.43
N GLN BB 99 51.12 -6.83 103.41
CA GLN BB 99 52.42 -6.20 103.37
C GLN BB 99 52.65 -5.28 104.55
N TYR BB 100 51.63 -4.56 104.99
CA TYR BB 100 51.74 -3.75 106.21
C TYR BB 100 51.41 -4.54 107.46
N SER BB 101 51.46 -5.87 107.41
CA SER BB 101 51.29 -6.67 108.61
C SER BB 101 52.35 -6.33 109.63
N THR BB 102 52.21 -6.89 110.83
CA THR BB 102 53.11 -6.58 111.92
C THR BB 102 53.61 -7.85 112.60
N ASP BB 103 54.84 -7.79 113.10
CA ASP BB 103 55.43 -8.92 113.80
C ASP BB 103 54.59 -9.34 114.98
N GLU BB 104 54.10 -8.38 115.77
CA GLU BB 104 53.31 -8.75 116.95
C GLU BB 104 52.06 -9.49 116.52
N GLU BB 105 51.39 -9.00 115.48
CA GLU BB 105 50.21 -9.70 114.98
C GLU BB 105 50.56 -11.13 114.59
N ARG BB 106 51.64 -11.30 113.83
CA ARG BB 106 51.93 -12.62 113.30
C ARG BB 106 52.29 -13.58 114.43
N ALA BB 107 53.09 -13.11 115.39
CA ALA BB 107 53.41 -13.95 116.54
C ALA BB 107 52.16 -14.26 117.35
N PHE BB 108 51.24 -13.30 117.42
CA PHE BB 108 49.98 -13.53 118.08
C PHE BB 108 49.24 -14.68 117.44
N VAL BB 109 49.13 -14.65 116.11
CA VAL BB 109 48.45 -15.73 115.40
C VAL BB 109 49.17 -17.04 115.64
N ARG BB 110 50.50 -16.99 115.57
CA ARG BB 110 51.32 -18.17 115.85
C ARG BB 110 50.92 -18.81 117.16
N THR BB 111 51.11 -18.10 118.26
CA THR BB 111 50.86 -18.69 119.57
C THR BB 111 49.38 -19.03 119.71
N GLU BB 112 48.52 -18.33 118.99
CA GLU BB 112 47.10 -18.66 119.05
C GLU BB 112 46.85 -20.04 118.49
N LEU BB 113 47.37 -20.31 117.29
CA LEU BB 113 47.22 -21.64 116.73
C LEU BB 113 47.88 -22.67 117.63
N ALA BB 114 49.04 -22.33 118.20
CA ALA BB 114 49.71 -23.27 119.08
C ALA BB 114 48.81 -23.71 120.22
N ALA BB 115 48.25 -22.73 120.92
CA ALA BB 115 47.51 -23.09 122.11
C ALA BB 115 46.16 -23.69 121.75
N LEU BB 116 45.56 -23.32 120.62
CA LEU BB 116 44.36 -24.04 120.20
C LEU BB 116 44.69 -25.49 119.88
N LEU BB 117 45.81 -25.74 119.21
CA LEU BB 117 46.26 -27.11 119.00
C LEU BB 117 46.36 -27.85 120.33
N ALA BB 118 46.80 -27.16 121.37
CA ALA BB 118 46.85 -27.75 122.70
C ALA BB 118 45.49 -27.90 123.38
N SER BB 119 44.52 -27.06 123.03
CA SER BB 119 43.29 -26.96 123.79
C SER BB 119 42.44 -28.23 123.67
N PRO BB 120 41.58 -28.48 124.66
CA PRO BB 120 40.80 -29.73 124.63
C PRO BB 120 39.95 -29.87 123.38
N LEU BB 121 39.48 -28.76 122.83
CA LEU BB 121 38.62 -28.84 121.66
C LEU BB 121 39.30 -29.61 120.54
N LEU BB 122 40.37 -29.04 119.99
CA LEU BB 122 41.03 -29.69 118.86
C LEU BB 122 41.58 -31.04 119.29
N ILE BB 123 41.91 -31.20 120.56
CA ILE BB 123 42.29 -32.51 121.07
C ILE BB 123 41.28 -33.55 120.60
N ASP BB 124 40.03 -33.37 121.00
CA ASP BB 124 39.04 -34.37 120.66
C ASP BB 124 38.64 -34.29 119.20
N ALA BB 125 38.84 -33.14 118.56
CA ALA BB 125 38.46 -33.00 117.16
C ALA BB 125 39.42 -33.74 116.25
N ILE BB 126 40.67 -33.90 116.66
CA ILE BB 126 41.68 -34.58 115.85
C ILE BB 126 41.83 -36.00 116.38
N ASP BB 127 42.21 -36.09 117.66
CA ASP BB 127 42.49 -37.37 118.28
C ASP BB 127 41.32 -38.32 118.13
N GLN BB 128 40.13 -37.85 118.47
CA GLN BB 128 38.92 -38.66 118.46
C GLN BB 128 38.15 -38.57 117.16
N LEU BB 129 38.55 -37.71 116.23
CA LEU BB 129 37.75 -37.40 115.05
C LEU BB 129 36.33 -36.99 115.46
N ASN BB 130 36.18 -36.40 116.64
CA ASN BB 130 34.86 -36.00 117.12
C ASN BB 130 34.42 -34.73 116.42
N PRO BB 131 33.20 -34.67 115.87
CA PRO BB 131 32.74 -33.43 115.26
C PRO BB 131 32.53 -32.36 116.32
N ALA BB 132 33.05 -31.16 116.05
CA ALA BB 132 32.89 -30.06 117.00
C ALA BB 132 31.41 -29.89 117.32
N TYR BB 133 31.03 -30.16 118.56
CA TYR BB 133 29.62 -30.35 118.89
C TYR BB 133 29.43 -30.59 120.37
N ALA CB 2 77.93 -18.20 95.99
CA ALA CB 2 77.88 -17.42 97.26
C ALA CB 2 76.66 -17.83 98.07
N LYS CB 3 76.89 -18.58 99.15
CA LYS CB 3 75.79 -18.97 100.01
C LYS CB 3 75.22 -17.75 100.72
N LEU CB 4 73.89 -17.63 100.71
CA LEU CB 4 73.27 -16.53 101.44
C LEU CB 4 73.38 -16.76 102.93
N GLU CB 5 73.64 -15.66 103.64
CA GLU CB 5 73.79 -15.68 105.09
C GLU CB 5 73.50 -14.29 105.62
N THR CB 6 73.24 -14.20 106.92
CA THR CB 6 73.03 -12.90 107.55
C THR CB 6 74.20 -11.99 107.23
N VAL CB 7 73.93 -10.92 106.50
CA VAL CB 7 74.96 -10.02 106.06
C VAL CB 7 74.96 -8.79 106.97
N THR CB 8 76.07 -8.54 107.65
CA THR CB 8 76.17 -7.49 108.65
C THR CB 8 77.18 -6.47 108.17
N LEU CB 9 76.71 -5.28 107.84
CA LEU CB 9 77.62 -4.23 107.40
C LEU CB 9 77.59 -3.10 108.42
N GLY CB 10 78.77 -2.73 108.90
CA GLY CB 10 78.91 -1.68 109.89
C GLY CB 10 79.68 -0.49 109.33
N ASN CB 11 79.69 0.57 110.13
CA ASN CB 11 80.41 1.78 109.78
C ASN CB 11 79.81 2.39 108.50
N ILE CB 12 78.55 2.76 108.60
CA ILE CB 12 77.83 3.39 107.50
C ILE CB 12 77.20 4.68 108.01
N GLY CB 13 76.65 5.46 107.07
CA GLY CB 13 76.12 6.79 107.37
C GLY CB 13 77.16 7.86 107.18
N LYS CB 14 76.75 9.13 107.38
CA LYS CB 14 77.77 10.17 107.44
C LYS CB 14 78.88 9.80 108.38
N ASP CB 15 78.53 9.59 109.63
CA ASP CB 15 79.49 9.38 110.68
C ASP CB 15 80.12 8.00 110.63
N GLY CB 16 79.53 7.08 109.88
CA GLY CB 16 80.02 5.72 109.84
C GLY CB 16 79.87 5.03 111.18
N LYS CB 17 78.69 5.16 111.80
CA LYS CB 17 78.40 4.48 113.06
C LYS CB 17 77.16 3.61 113.04
N GLN CB 18 76.37 3.61 111.98
CA GLN CB 18 75.22 2.74 111.92
C GLN CB 18 75.63 1.36 111.44
N THR CB 19 74.70 0.40 111.59
CA THR CB 19 74.93 -0.97 111.16
C THR CB 19 73.64 -1.56 110.63
N LEU CB 20 73.75 -2.38 109.59
CA LEU CB 20 72.60 -3.03 108.97
C LEU CB 20 72.81 -4.53 109.01
N VAL CB 21 71.77 -5.24 109.41
CA VAL CB 21 71.75 -6.69 109.43
C VAL CB 21 70.68 -7.12 108.45
N LEU CB 22 71.09 -7.73 107.35
CA LEU CB 22 70.19 -8.17 106.31
C LEU CB 22 70.07 -9.67 106.36
N ASN CB 23 68.84 -10.16 106.52
CA ASN CB 23 68.68 -11.60 106.49
C ASN CB 23 68.33 -12.07 105.09
N PRO CB 24 68.63 -13.34 104.80
CA PRO CB 24 68.34 -13.89 103.47
C PRO CB 24 66.86 -14.01 103.22
N ARG CB 25 66.43 -13.54 102.06
CA ARG CB 25 65.04 -13.68 101.63
C ARG CB 25 64.88 -14.77 100.58
N GLY CB 26 65.95 -15.50 100.30
CA GLY CB 26 65.90 -16.56 99.33
C GLY CB 26 66.04 -16.06 97.90
N VAL CB 27 65.61 -16.92 96.97
CA VAL CB 27 65.81 -16.70 95.55
C VAL CB 27 64.49 -16.90 94.82
N ASN CB 28 64.18 -15.98 93.93
CA ASN CB 28 63.07 -16.19 93.02
C ASN CB 28 63.37 -17.36 92.10
N PRO CB 29 62.52 -18.38 92.03
CA PRO CB 29 62.71 -19.41 91.00
C PRO CB 29 62.49 -18.88 89.60
N THR CB 30 61.84 -17.73 89.46
CA THR CB 30 61.58 -17.18 88.14
C THR CB 30 62.75 -16.35 87.63
N ASN CB 31 63.05 -15.24 88.32
CA ASN CB 31 64.13 -14.38 87.89
C ASN CB 31 65.48 -14.91 88.31
N GLY CB 32 65.51 -15.88 89.20
CA GLY CB 32 66.77 -16.43 89.67
C GLY CB 32 67.58 -15.38 90.39
N VAL CB 33 66.93 -14.63 91.27
CA VAL CB 33 67.53 -13.49 91.92
C VAL CB 33 67.44 -13.68 93.42
N ALA CB 34 68.55 -13.50 94.12
CA ALA CB 34 68.52 -13.62 95.56
C ALA CB 34 68.20 -12.28 96.20
N SER CB 35 67.62 -12.34 97.39
CA SER CB 35 67.06 -11.17 98.04
C SER CB 35 67.39 -11.20 99.52
N LEU CB 36 67.69 -10.04 100.08
CA LEU CB 36 68.05 -9.90 101.49
C LEU CB 36 67.25 -8.74 102.06
N SER CB 37 66.90 -8.84 103.33
CA SER CB 37 66.08 -7.80 103.95
C SER CB 37 66.55 -7.48 105.34
N GLN CB 38 66.31 -6.23 105.73
CA GLN CB 38 66.52 -5.78 107.09
C GLN CB 38 65.42 -6.30 108.00
N ALA CB 39 65.80 -6.81 109.15
CA ALA CB 39 64.83 -7.34 110.10
C ALA CB 39 64.06 -6.20 110.74
N GLY CB 40 62.73 -6.29 110.72
CA GLY CB 40 61.92 -5.24 111.28
C GLY CB 40 60.51 -5.73 111.57
N ALA CB 41 59.67 -4.79 111.98
CA ALA CB 41 58.29 -5.10 112.32
C ALA CB 41 57.40 -5.17 111.08
N VAL CB 42 57.46 -4.16 110.22
CA VAL CB 42 56.59 -4.07 109.05
C VAL CB 42 57.41 -4.43 107.82
N PRO CB 43 57.14 -5.55 107.16
CA PRO CB 43 57.91 -5.89 105.96
C PRO CB 43 57.86 -4.81 104.90
N ALA CB 44 56.81 -4.00 104.87
CA ALA CB 44 56.79 -2.89 103.93
C ALA CB 44 57.83 -1.83 104.27
N LEU CB 45 58.37 -1.85 105.50
CA LEU CB 45 59.32 -0.85 105.96
C LEU CB 45 60.70 -1.44 106.16
N GLU CB 46 61.06 -2.45 105.40
CA GLU CB 46 62.32 -3.15 105.56
C GLU CB 46 63.27 -2.76 104.43
N LYS CB 47 64.51 -2.43 104.79
CA LYS CB 47 65.51 -2.12 103.78
C LYS CB 47 65.85 -3.38 103.01
N ARG CB 48 65.64 -3.37 101.70
CA ARG CB 48 65.81 -4.56 100.89
C ARG CB 48 66.97 -4.39 99.93
N VAL CB 49 67.62 -5.52 99.63
CA VAL CB 49 68.75 -5.51 98.71
C VAL CB 49 68.68 -6.76 97.85
N THR CB 50 68.94 -6.59 96.56
CA THR CB 50 68.78 -7.66 95.59
C THR CB 50 70.11 -7.94 94.90
N VAL CB 51 70.33 -9.21 94.58
CA VAL CB 51 71.55 -9.65 93.90
C VAL CB 51 71.15 -10.59 92.77
N SER CB 52 71.56 -10.24 91.56
CA SER CB 52 71.28 -11.05 90.38
C SER CB 52 72.57 -11.22 89.58
N VAL CB 53 72.77 -12.41 89.03
CA VAL CB 53 73.94 -12.69 88.20
C VAL CB 53 73.46 -13.63 87.09
N SER CB 54 73.22 -13.06 85.92
CA SER CB 54 72.67 -13.85 84.83
C SER CB 54 73.73 -14.68 84.16
N GLN CB 55 73.29 -15.64 83.43
CA GLN CB 55 74.14 -16.61 82.76
C GLN CB 55 74.49 -16.13 81.36
N PRO CB 56 75.43 -16.80 80.72
CA PRO CB 56 75.82 -16.40 79.36
C PRO CB 56 74.63 -16.44 78.40
N SER CB 57 74.53 -15.40 77.56
CA SER CB 57 73.49 -15.37 76.54
C SER CB 57 74.00 -16.09 75.29
N ARG CB 58 73.31 -15.90 74.16
CA ARG CB 58 73.70 -16.56 72.92
C ARG CB 58 74.50 -15.61 72.01
N ASN CB 59 75.66 -16.08 71.55
CA ASN CB 59 76.42 -15.46 70.46
C ASN CB 59 77.07 -14.13 70.83
N ARG CB 60 76.74 -13.59 72.00
CA ARG CB 60 77.49 -12.47 72.57
C ARG CB 60 77.94 -12.80 73.98
N LYS CB 61 77.06 -13.47 74.72
CA LYS CB 61 77.31 -14.24 75.92
C LYS CB 61 77.56 -13.37 77.16
N ASN CB 62 78.01 -12.13 76.99
CA ASN CB 62 77.64 -11.01 77.86
C ASN CB 62 77.34 -11.31 79.33
N TYR CB 63 78.29 -11.79 80.14
CA TYR CB 63 77.98 -12.02 81.55
C TYR CB 63 77.56 -10.72 82.22
N LYS CB 64 76.48 -10.78 83.01
CA LYS CB 64 75.95 -9.59 83.67
C LYS CB 64 75.58 -9.89 85.11
N VAL CB 65 75.71 -8.86 85.95
CA VAL CB 65 75.38 -8.94 87.36
C VAL CB 65 74.63 -7.68 87.74
N GLN CB 66 73.59 -7.83 88.55
CA GLN CB 66 72.77 -6.70 88.98
C GLN CB 66 72.63 -6.74 90.49
N VAL CB 67 72.68 -5.56 91.10
CA VAL CB 67 72.38 -5.42 92.53
C VAL CB 67 71.43 -4.25 92.68
N LYS CB 68 70.30 -4.48 93.32
CA LYS CB 68 69.27 -3.47 93.52
C LYS CB 68 69.15 -3.22 95.01
N ILE CB 69 69.31 -1.98 95.42
CA ILE CB 69 69.17 -1.60 96.82
C ILE CB 69 67.94 -0.72 96.94
N GLN CB 70 67.00 -1.16 97.77
CA GLN CB 70 65.79 -0.43 98.08
C GLN CB 70 65.77 -0.06 99.55
N ASN CB 71 65.60 1.21 99.85
CA ASN CB 71 65.38 1.64 101.23
C ASN CB 71 64.12 2.49 101.33
N PRO CB 72 63.08 2.03 101.99
CA PRO CB 72 61.85 2.81 102.11
C PRO CB 72 61.85 3.65 103.38
N THR CB 73 60.89 4.57 103.43
CA THR CB 73 60.62 5.31 104.65
C THR CB 73 59.22 5.88 104.57
N ALA CB 74 58.40 5.52 105.56
CA ALA CB 74 57.01 5.93 105.62
C ALA CB 74 56.86 7.10 106.56
N CYS CB 75 55.61 7.58 106.67
CA CYS CB 75 55.31 8.71 107.53
C CYS CB 75 53.84 8.60 107.92
N THR CB 76 53.59 8.09 109.13
CA THR CB 76 52.23 7.88 109.59
C THR CB 76 51.46 9.18 109.60
N ALA CB 77 50.48 9.30 108.71
CA ALA CB 77 49.66 10.50 108.66
C ALA CB 77 48.69 10.54 109.82
N ASN CB 78 48.16 11.73 110.07
CA ASN CB 78 47.16 11.90 111.12
C ASN CB 78 45.88 11.18 110.76
N GLY CB 79 45.38 10.34 111.67
CA GLY CB 79 44.19 9.57 111.44
C GLY CB 79 44.43 8.29 110.67
N SER CB 80 45.64 8.06 110.18
CA SER CB 80 45.97 6.87 109.41
C SER CB 80 46.67 5.88 110.32
N CYS CB 81 46.14 4.67 110.41
CA CYS CB 81 46.71 3.62 111.25
C CYS CB 81 47.69 2.74 110.50
N ASP CB 82 48.35 3.30 109.50
CA ASP CB 82 49.14 2.51 108.57
C ASP CB 82 50.34 3.31 108.10
N PRO CB 83 51.56 2.95 108.49
CA PRO CB 83 52.72 3.77 108.11
C PRO CB 83 52.98 3.70 106.61
N SER CB 84 52.16 4.43 105.86
CA SER CB 84 52.23 4.42 104.41
C SER CB 84 53.61 4.84 103.93
N VAL CB 85 54.15 4.10 102.95
CA VAL CB 85 55.49 4.39 102.46
C VAL CB 85 55.42 5.64 101.58
N THR CB 86 56.06 6.72 102.03
CA THR CB 86 56.04 7.98 101.33
C THR CB 86 57.36 8.31 100.66
N ARG CB 87 58.40 7.52 100.92
CA ARG CB 87 59.74 7.79 100.44
C ARG CB 87 60.38 6.48 100.05
N GLN CB 88 61.12 6.48 98.94
CA GLN CB 88 61.85 5.28 98.57
C GLN CB 88 63.14 5.68 97.87
N ALA CB 89 64.26 5.16 98.38
CA ALA CB 89 65.57 5.37 97.80
C ALA CB 89 65.96 4.12 97.04
N TYR CB 90 66.50 4.30 95.85
CA TYR CB 90 66.86 3.19 95.00
C TYR CB 90 68.25 3.37 94.45
N ALA CB 91 69.01 2.28 94.42
CA ALA CB 91 70.35 2.28 93.86
C ALA CB 91 70.50 1.01 93.04
N ASP CB 92 70.74 1.16 91.74
CA ASP CB 92 70.92 0.02 90.85
C ASP CB 92 72.37 0.00 90.37
N VAL CB 93 73.03 -1.11 90.63
CA VAL CB 93 74.39 -1.36 90.17
C VAL CB 93 74.33 -2.47 89.15
N THR CB 94 75.07 -2.30 88.05
CA THR CB 94 75.08 -3.31 87.00
C THR CB 94 76.50 -3.47 86.47
N PHE CB 95 77.01 -4.68 86.57
CA PHE CB 95 78.32 -5.06 86.06
C PHE CB 95 78.15 -5.86 84.78
N SER CB 96 78.96 -5.55 83.78
CA SER CB 96 78.95 -6.29 82.53
C SER CB 96 80.36 -6.77 82.27
N PHE CB 97 80.51 -8.07 82.10
CA PHE CB 97 81.78 -8.71 81.83
C PHE CB 97 81.66 -9.49 80.54
N THR CB 98 82.78 -9.66 79.86
CA THR CB 98 82.77 -10.57 78.72
C THR CB 98 83.29 -11.93 79.17
N GLN CB 99 82.84 -12.95 78.46
CA GLN CB 99 83.14 -14.31 78.87
C GLN CB 99 84.63 -14.62 78.89
N TYR CB 100 85.46 -13.68 78.44
CA TYR CB 100 86.90 -13.79 78.60
C TYR CB 100 87.39 -13.14 79.88
N SER CB 101 86.49 -12.63 80.71
CA SER CB 101 86.90 -11.84 81.86
C SER CB 101 87.69 -12.70 82.83
N THR CB 102 88.42 -12.05 83.72
CA THR CB 102 89.16 -12.76 84.74
C THR CB 102 88.89 -12.12 86.10
N ASP CB 103 88.94 -12.96 87.13
CA ASP CB 103 88.64 -12.46 88.47
C ASP CB 103 89.54 -11.30 88.84
N GLU CB 104 90.77 -11.27 88.32
CA GLU CB 104 91.65 -10.13 88.57
C GLU CB 104 90.94 -8.83 88.21
N GLU CB 105 90.63 -8.67 86.92
CA GLU CB 105 89.97 -7.44 86.48
C GLU CB 105 88.63 -7.26 87.19
N ARG CB 106 87.93 -8.35 87.49
CA ARG CB 106 86.62 -8.21 88.09
C ARG CB 106 86.72 -7.59 89.48
N ALA CB 107 87.57 -8.15 90.33
CA ALA CB 107 87.80 -7.57 91.63
C ALA CB 107 88.38 -6.17 91.49
N PHE CB 108 89.19 -5.93 90.48
CA PHE CB 108 89.66 -4.58 90.25
C PHE CB 108 88.48 -3.64 90.05
N VAL CB 109 87.48 -4.08 89.28
CA VAL CB 109 86.29 -3.29 89.06
C VAL CB 109 85.60 -3.01 90.39
N ARG CB 110 85.36 -4.05 91.18
CA ARG CB 110 84.65 -3.82 92.43
C ARG CB 110 85.39 -2.83 93.29
N THR CB 111 86.69 -3.02 93.45
CA THR CB 111 87.42 -2.19 94.39
C THR CB 111 87.43 -0.76 93.90
N GLU CB 112 87.56 -0.58 92.59
CA GLU CB 112 87.51 0.76 92.03
C GLU CB 112 86.17 1.40 92.35
N LEU CB 113 85.08 0.65 92.16
CA LEU CB 113 83.76 1.18 92.46
C LEU CB 113 83.64 1.53 93.94
N ALA CB 114 84.11 0.65 94.81
CA ALA CB 114 83.99 0.89 96.25
C ALA CB 114 84.76 2.13 96.66
N ALA CB 115 86.02 2.21 96.23
CA ALA CB 115 86.81 3.38 96.60
C ALA CB 115 86.23 4.63 95.98
N LEU CB 116 85.62 4.53 94.81
CA LEU CB 116 85.05 5.71 94.19
C LEU CB 116 83.84 6.15 94.98
N LEU CB 117 83.06 5.21 95.47
CA LEU CB 117 81.92 5.50 96.31
C LEU CB 117 82.33 6.05 97.66
N ALA CB 118 83.56 5.80 98.09
CA ALA CB 118 84.08 6.38 99.31
C ALA CB 118 84.80 7.71 99.10
N SER CB 119 85.24 8.00 97.89
CA SER CB 119 86.01 9.21 97.62
C SER CB 119 85.16 10.46 97.80
N PRO CB 120 85.80 11.59 98.09
CA PRO CB 120 85.04 12.85 98.13
C PRO CB 120 84.25 13.11 96.87
N LEU CB 121 84.57 12.44 95.76
CA LEU CB 121 83.89 12.72 94.51
C LEU CB 121 82.40 12.45 94.60
N LEU CB 122 82.00 11.18 94.70
CA LEU CB 122 80.58 10.95 94.84
C LEU CB 122 80.07 11.49 96.16
N ILE CB 123 80.96 11.67 97.15
CA ILE CB 123 80.53 12.25 98.41
C ILE CB 123 79.71 13.49 98.13
N ASP CB 124 80.34 14.49 97.54
CA ASP CB 124 79.64 15.71 97.22
C ASP CB 124 78.67 15.51 96.07
N ALA CB 125 78.92 14.52 95.20
CA ALA CB 125 78.05 14.36 94.04
C ALA CB 125 76.63 14.00 94.43
N ILE CB 126 76.43 13.13 95.41
CA ILE CB 126 75.10 12.63 95.74
C ILE CB 126 74.70 12.96 97.17
N ASP CB 127 75.64 12.92 98.11
CA ASP CB 127 75.28 13.34 99.46
C ASP CB 127 74.59 14.69 99.44
N GLN CB 128 75.06 15.58 98.56
CA GLN CB 128 74.46 16.91 98.43
C GLN CB 128 73.92 17.20 97.04
N LEU CB 129 73.86 16.22 96.15
CA LEU CB 129 73.47 16.45 94.76
C LEU CB 129 74.25 17.60 94.14
N ASN CB 130 75.56 17.44 94.11
CA ASN CB 130 76.38 18.46 93.49
C ASN CB 130 76.91 17.92 92.18
N PRO CB 131 76.38 18.32 91.03
CA PRO CB 131 76.98 17.89 89.77
C PRO CB 131 78.46 18.25 89.76
N ALA CB 132 79.27 17.31 89.29
CA ALA CB 132 80.71 17.46 89.39
C ALA CB 132 81.22 18.37 88.29
N TYR CB 133 82.02 19.36 88.67
CA TYR CB 133 82.74 20.20 87.71
C TYR CB 133 83.81 20.98 88.43
N ALA DB 2 60.86 71.32 91.58
CA ALA DB 2 59.60 71.74 90.91
C ALA DB 2 58.38 71.50 91.81
N LYS DB 3 58.50 71.88 93.08
CA LYS DB 3 57.37 71.77 93.98
C LYS DB 3 56.20 72.60 93.46
N LEU DB 4 55.01 72.05 93.59
CA LEU DB 4 53.80 72.75 93.17
C LEU DB 4 53.17 73.42 94.38
N GLU DB 5 52.86 74.70 94.26
CA GLU DB 5 52.21 75.44 95.32
C GLU DB 5 51.61 76.71 94.73
N THR DB 6 51.08 77.56 95.59
CA THR DB 6 50.44 78.78 95.14
C THR DB 6 51.49 79.73 94.59
N VAL DB 7 51.22 80.30 93.42
CA VAL DB 7 52.14 81.23 92.77
C VAL DB 7 51.41 82.55 92.60
N THR DB 8 52.04 83.62 93.02
CA THR DB 8 51.42 84.94 93.02
C THR DB 8 52.11 85.79 91.96
N LEU DB 9 51.43 85.98 90.85
CA LEU DB 9 52.00 86.66 89.70
C LEU DB 9 51.61 88.12 89.81
N GLY DB 10 52.56 88.98 90.13
CA GLY DB 10 52.27 90.39 90.32
C GLY DB 10 52.65 91.25 89.13
N ASN DB 11 52.11 92.45 89.05
CA ASN DB 11 52.50 93.41 88.03
C ASN DB 11 52.20 92.87 86.64
N ILE DB 12 50.91 92.79 86.35
CA ILE DB 12 50.35 92.07 85.22
C ILE DB 12 49.43 93.03 84.46
N GLY DB 13 49.37 92.89 83.13
CA GLY DB 13 48.53 93.73 82.27
C GLY DB 13 49.33 94.78 81.54
N LYS DB 14 48.65 95.71 80.85
CA LYS DB 14 49.41 96.81 80.27
C LYS DB 14 50.17 97.53 81.36
N ASP DB 15 49.45 98.11 82.29
CA ASP DB 15 50.09 98.92 83.31
C ASP DB 15 50.83 98.09 84.35
N GLY DB 16 50.65 96.78 84.34
CA GLY DB 16 51.26 95.96 85.36
C GLY DB 16 50.74 96.29 86.74
N LYS DB 17 49.42 96.28 86.90
CA LYS DB 17 48.81 96.54 88.19
C LYS DB 17 48.02 95.38 88.76
N GLN DB 18 47.42 94.52 87.94
CA GLN DB 18 46.63 93.44 88.49
C GLN DB 18 47.54 92.34 89.06
N THR DB 19 46.93 91.31 89.61
CA THR DB 19 47.67 90.19 90.18
C THR DB 19 46.89 88.91 89.95
N LEU DB 20 47.62 87.81 89.86
CA LEU DB 20 47.03 86.50 89.55
C LEU DB 20 47.52 85.48 90.56
N VAL DB 21 46.59 84.94 91.34
CA VAL DB 21 46.90 83.92 92.34
C VAL DB 21 46.56 82.58 91.71
N LEU DB 22 47.58 81.76 91.50
CA LEU DB 22 47.43 80.47 90.84
C LEU DB 22 47.63 79.38 91.87
N ASN DB 23 46.62 78.70 92.17
CA ASN DB 23 46.70 77.61 93.12
C ASN DB 23 46.86 76.29 92.39
N PRO DB 24 47.46 75.31 93.06
CA PRO DB 24 47.88 74.08 92.38
C PRO DB 24 46.70 73.18 92.07
N ARG DB 25 47.00 72.19 91.24
CA ARG DB 25 46.03 71.21 90.80
C ARG DB 25 46.63 69.84 90.99
N GLY DB 26 46.04 68.81 90.40
CA GLY DB 26 46.62 67.47 90.38
C GLY DB 26 47.28 67.22 89.05
N VAL DB 27 48.37 66.47 89.07
CA VAL DB 27 49.17 66.29 87.87
C VAL DB 27 48.58 65.15 87.06
N ASN DB 28 48.35 65.39 85.78
CA ASN DB 28 47.75 64.40 84.90
C ASN DB 28 48.56 63.12 84.88
N PRO DB 29 48.07 62.03 85.50
CA PRO DB 29 48.79 60.76 85.40
C PRO DB 29 48.93 60.27 83.97
N THR DB 30 47.94 60.54 83.12
CA THR DB 30 47.97 59.99 81.77
C THR DB 30 49.18 60.46 81.00
N ASN DB 31 49.67 61.67 81.28
CA ASN DB 31 50.82 62.17 80.53
C ASN DB 31 51.79 62.93 81.42
N GLY DB 32 51.61 62.93 82.73
CA GLY DB 32 52.52 63.66 83.59
C GLY DB 32 52.51 65.14 83.30
N VAL DB 33 51.40 65.80 83.63
CA VAL DB 33 51.24 67.23 83.41
C VAL DB 33 50.69 67.86 84.67
N ALA DB 34 51.41 68.83 85.23
CA ALA DB 34 50.92 69.57 86.37
C ALA DB 34 50.12 70.78 85.92
N SER DB 35 49.19 71.20 86.76
CA SER DB 35 48.26 72.26 86.40
C SER DB 35 48.11 73.26 87.53
N LEU DB 36 47.96 74.52 87.16
CA LEU DB 36 47.68 75.61 88.06
C LEU DB 36 46.44 76.31 87.56
N SER DB 37 45.64 76.82 88.48
CA SER DB 37 44.40 77.48 88.09
C SER DB 37 44.11 78.63 89.02
N GLN DB 38 43.28 79.56 88.55
CA GLN DB 38 42.99 80.76 89.32
C GLN DB 38 42.55 80.41 90.73
N ALA DB 39 42.64 81.37 91.64
CA ALA DB 39 42.32 81.10 93.03
C ALA DB 39 40.94 80.48 93.15
N GLY DB 40 40.02 80.85 92.29
CA GLY DB 40 38.69 80.29 92.29
C GLY DB 40 37.64 81.35 92.57
N ALA DB 41 36.40 80.87 92.76
CA ALA DB 41 36.09 79.44 92.72
C ALA DB 41 35.91 78.94 91.30
N VAL DB 42 34.87 79.40 90.61
CA VAL DB 42 34.62 78.96 89.24
C VAL DB 42 35.80 79.31 88.36
N PRO DB 43 36.45 80.48 88.50
CA PRO DB 43 37.65 80.74 87.69
C PRO DB 43 38.67 79.61 87.75
N ALA DB 44 38.67 78.82 88.84
CA ALA DB 44 39.59 77.70 88.94
C ALA DB 44 39.35 76.69 87.84
N LEU DB 45 38.10 76.57 87.38
CA LEU DB 45 37.77 75.74 86.23
C LEU DB 45 37.70 76.56 84.94
N GLU DB 46 38.34 77.72 84.90
CA GLU DB 46 38.44 78.50 83.68
C GLU DB 46 39.88 78.82 83.29
N LYS DB 47 40.65 79.46 84.17
CA LYS DB 47 42.03 79.78 83.86
C LYS DB 47 42.91 78.57 84.11
N ARG DB 48 43.78 78.26 83.15
CA ARG DB 48 44.59 77.04 83.24
C ARG DB 48 46.03 77.30 82.85
N VAL DB 49 46.93 76.62 83.55
CA VAL DB 49 48.37 76.76 83.37
C VAL DB 49 48.96 75.37 83.50
N THR DB 50 49.31 74.75 82.37
CA THR DB 50 49.83 73.39 82.38
C THR DB 50 51.33 73.40 82.14
N VAL DB 51 52.02 72.49 82.83
CA VAL DB 51 53.47 72.37 82.77
C VAL DB 51 53.82 70.90 82.67
N SER DB 52 54.72 70.56 81.76
CA SER DB 52 55.20 69.19 81.62
C SER DB 52 56.66 69.21 81.19
N VAL DB 53 57.37 68.14 81.52
CA VAL DB 53 58.77 67.99 81.12
C VAL DB 53 58.99 66.52 80.77
N SER DB 54 59.07 66.22 79.49
CA SER DB 54 59.37 64.86 79.07
C SER DB 54 60.86 64.68 78.96
N GLN DB 55 61.34 63.59 79.56
CA GLN DB 55 62.74 63.21 79.61
C GLN DB 55 63.18 62.65 78.27
N PRO DB 56 64.46 62.35 78.09
CA PRO DB 56 64.91 61.82 76.81
C PRO DB 56 64.44 60.39 76.64
N SER DB 57 64.70 59.86 75.47
CA SER DB 57 64.26 58.52 75.12
C SER DB 57 64.82 58.20 73.75
N ARG DB 58 64.47 57.05 73.18
CA ARG DB 58 64.77 56.86 71.78
C ARG DB 58 63.99 57.88 70.98
N ASN DB 59 62.79 58.17 71.45
CA ASN DB 59 61.91 59.10 70.76
C ASN DB 59 62.26 60.54 71.11
N ARG DB 60 62.49 60.81 72.40
CA ARG DB 60 62.89 62.12 72.90
C ARG DB 60 64.37 62.11 73.27
N LYS DB 61 65.13 63.16 72.93
CA LYS DB 61 66.59 62.99 72.88
C LYS DB 61 67.45 63.73 73.90
N ASN DB 62 67.47 65.08 74.01
CA ASN DB 62 66.46 66.12 73.74
C ASN DB 62 65.23 66.12 74.68
N TYR DB 63 65.51 66.51 75.93
CA TYR DB 63 64.51 67.00 76.87
C TYR DB 63 63.55 67.99 76.21
N LYS DB 64 62.27 67.88 76.57
CA LYS DB 64 61.29 68.85 76.10
C LYS DB 64 60.42 69.35 77.25
N VAL DB 65 60.43 70.66 77.47
CA VAL DB 65 59.65 71.29 78.52
C VAL DB 65 58.56 72.13 77.86
N GLN DB 66 57.33 71.87 78.27
CA GLN DB 66 56.14 72.42 77.68
C GLN DB 66 55.34 73.21 78.71
N VAL DB 67 54.89 74.40 78.30
CA VAL DB 67 54.12 75.29 79.17
C VAL DB 67 52.95 75.83 78.36
N LYS DB 68 51.73 75.49 78.76
CA LYS DB 68 50.54 75.98 78.12
C LYS DB 68 49.82 76.95 79.04
N ILE DB 69 49.38 78.06 78.48
CA ILE DB 69 48.54 79.04 79.16
C ILE DB 69 47.23 79.14 78.43
N GLN DB 70 46.13 79.17 79.20
CA GLN DB 70 44.80 79.33 78.63
C GLN DB 70 43.97 80.23 79.53
N ASN DB 71 43.42 81.28 78.95
CA ASN DB 71 42.38 82.06 79.61
C ASN DB 71 41.15 82.09 78.72
N PRO DB 72 40.06 81.48 79.13
CA PRO DB 72 38.79 81.69 78.45
C PRO DB 72 38.04 82.88 79.05
N THR DB 73 37.76 83.87 78.23
CA THR DB 73 36.92 84.99 78.64
C THR DB 73 35.46 84.64 78.38
N ALA DB 74 34.63 84.92 79.36
CA ALA DB 74 33.22 84.63 79.27
C ALA DB 74 32.42 85.90 79.53
N CYS DB 75 31.12 85.78 79.31
CA CYS DB 75 30.19 86.83 79.68
C CYS DB 75 28.83 86.20 79.90
N THR DB 76 27.94 86.97 80.50
CA THR DB 76 26.59 86.50 80.80
C THR DB 76 25.60 87.34 80.00
N ALA DB 77 24.86 86.67 79.12
CA ALA DB 77 23.86 87.36 78.33
C ALA DB 77 22.86 88.03 79.25
N ASN DB 78 22.23 89.09 78.73
CA ASN DB 78 21.25 89.82 79.53
C ASN DB 78 20.00 88.97 79.66
N GLY DB 79 19.94 88.15 80.70
CA GLY DB 79 18.81 87.28 80.93
C GLY DB 79 19.18 85.93 81.52
N SER DB 80 20.38 85.44 81.21
CA SER DB 80 20.83 84.18 81.78
C SER DB 80 21.52 84.42 83.12
N CYS DB 81 21.98 83.35 83.77
CA CYS DB 81 22.86 83.53 84.92
C CYS DB 81 24.21 82.92 84.61
N ASP DB 82 24.19 81.67 84.19
CA ASP DB 82 25.41 80.93 84.02
C ASP DB 82 26.26 81.62 82.95
N PRO DB 83 27.46 82.08 83.26
CA PRO DB 83 28.27 82.76 82.25
C PRO DB 83 28.85 81.77 81.25
N SER DB 84 28.80 82.15 79.97
CA SER DB 84 29.28 81.32 78.89
C SER DB 84 30.54 81.92 78.29
N VAL DB 85 31.46 81.04 77.89
CA VAL DB 85 32.74 81.49 77.35
C VAL DB 85 32.54 81.93 75.93
N THR DB 86 32.85 83.19 75.65
CA THR DB 86 32.78 83.71 74.29
C THR DB 86 34.14 83.78 73.63
N ARG DB 87 35.20 83.70 74.42
CA ARG DB 87 36.54 83.82 73.89
C ARG DB 87 37.52 82.92 74.63
N GLN DB 88 38.59 82.57 73.91
CA GLN DB 88 39.50 81.53 74.34
C GLN DB 88 40.89 81.91 73.87
N ALA DB 89 41.64 82.62 74.70
CA ALA DB 89 43.02 82.97 74.37
C ALA DB 89 43.95 81.94 75.00
N TYR DB 90 45.04 81.63 74.30
CA TYR DB 90 46.00 80.68 74.86
C TYR DB 90 47.28 80.68 74.06
N ALA DB 91 48.34 80.22 74.72
CA ALA DB 91 49.67 80.21 74.12
C ALA DB 91 50.45 79.01 74.64
N ASP DB 92 51.49 78.64 73.89
CA ASP DB 92 52.29 77.47 74.20
C ASP DB 92 53.76 77.81 74.04
N VAL DB 93 54.54 77.44 75.03
CA VAL DB 93 55.98 77.62 75.03
C VAL DB 93 56.61 76.25 75.08
N THR DB 94 57.60 76.03 74.22
CA THR DB 94 58.22 74.72 74.08
C THR DB 94 59.74 74.89 74.02
N PHE DB 95 60.39 74.52 75.12
CA PHE DB 95 61.85 74.52 75.20
C PHE DB 95 62.36 73.12 74.92
N SER DB 96 63.29 73.00 73.98
CA SER DB 96 63.91 71.73 73.65
C SER DB 96 65.38 71.83 73.98
N PHE DB 97 65.82 71.10 75.01
CA PHE DB 97 67.21 71.10 75.40
C PHE DB 97 67.85 69.76 75.05
N THR DB 98 69.13 69.81 74.75
CA THR DB 98 69.85 68.60 74.41
C THR DB 98 70.31 67.88 75.66
N GLN DB 99 70.59 66.61 75.48
CA GLN DB 99 70.95 65.73 76.58
C GLN DB 99 72.16 66.28 77.33
N TYR DB 100 73.09 66.90 76.60
CA TYR DB 100 74.28 67.51 77.20
C TYR DB 100 74.11 68.99 77.48
N SER DB 101 72.89 69.48 77.53
CA SER DB 101 72.68 70.89 77.82
C SER DB 101 73.14 71.21 79.24
N THR DB 102 73.33 72.49 79.51
CA THR DB 102 73.73 72.97 80.82
C THR DB 102 72.65 73.84 81.42
N ASP DB 103 72.46 73.71 82.73
CA ASP DB 103 71.57 74.64 83.41
C ASP DB 103 71.94 76.06 83.07
N GLU DB 104 73.24 76.32 82.96
CA GLU DB 104 73.72 77.61 82.47
C GLU DB 104 72.90 78.06 81.27
N GLU DB 105 72.99 77.29 80.19
CA GLU DB 105 72.31 77.65 78.95
C GLU DB 105 70.81 77.72 79.16
N ARG DB 106 70.27 76.79 79.92
CA ARG DB 106 68.82 76.70 80.00
C ARG DB 106 68.23 77.95 80.63
N ALA DB 107 68.77 78.36 81.78
CA ALA DB 107 68.23 79.56 82.40
C ALA DB 107 68.58 80.79 81.58
N PHE DB 108 69.73 80.76 80.89
CA PHE DB 108 70.00 81.81 79.92
C PHE DB 108 68.84 81.97 78.95
N VAL DB 109 68.38 80.86 78.36
CA VAL DB 109 67.30 80.92 77.38
C VAL DB 109 66.03 81.41 78.05
N ARG DB 110 65.73 80.88 79.22
CA ARG DB 110 64.54 81.33 79.93
C ARG DB 110 64.54 82.84 80.10
N THR DB 111 65.56 83.36 80.76
CA THR DB 111 65.58 84.79 81.02
C THR DB 111 65.58 85.59 79.71
N GLU DB 112 66.16 85.05 78.65
CA GLU DB 112 66.19 85.80 77.40
C GLU DB 112 64.80 85.88 76.82
N LEU DB 113 64.08 84.77 76.84
CA LEU DB 113 62.69 84.82 76.43
C LEU DB 113 61.94 85.81 77.29
N ALA DB 114 62.20 85.81 78.59
CA ALA DB 114 61.47 86.71 79.48
C ALA DB 114 61.68 88.16 79.08
N ALA DB 115 62.93 88.56 78.98
CA ALA DB 115 63.21 89.95 78.66
C ALA DB 115 62.76 90.28 77.24
N LEU DB 116 62.70 89.28 76.38
CA LEU DB 116 62.16 89.51 75.04
C LEU DB 116 60.67 89.83 75.13
N LEU DB 117 59.92 89.03 75.88
CA LEU DB 117 58.53 89.37 76.13
C LEU DB 117 58.41 90.76 76.71
N ALA DB 118 59.35 91.15 77.55
CA ALA DB 118 59.29 92.47 78.17
C ALA DB 118 59.73 93.58 77.22
N SER DB 119 60.38 93.25 76.12
CA SER DB 119 60.86 94.25 75.20
C SER DB 119 59.72 94.88 74.41
N PRO DB 120 59.87 96.12 73.97
CA PRO DB 120 58.80 96.74 73.17
C PRO DB 120 58.47 95.91 71.96
N LEU DB 121 59.47 95.26 71.38
CA LEU DB 121 59.26 94.54 70.14
C LEU DB 121 58.03 93.65 70.26
N LEU DB 122 58.09 92.68 71.16
CA LEU DB 122 56.93 91.80 71.30
C LEU DB 122 55.74 92.55 71.86
N ILE DB 123 55.96 93.54 72.72
CA ILE DB 123 54.80 94.15 73.36
C ILE DB 123 53.86 94.67 72.30
N ASP DB 124 54.42 95.36 71.30
CA ASP DB 124 53.59 95.85 70.22
C ASP DB 124 53.25 94.74 69.24
N ALA DB 125 54.16 93.78 69.08
CA ALA DB 125 53.91 92.70 68.15
C ALA DB 125 52.69 91.89 68.52
N ILE DB 126 52.29 91.91 69.78
CA ILE DB 126 51.22 91.03 70.20
C ILE DB 126 50.04 91.82 70.78
N ASP DB 127 50.30 92.92 71.50
CA ASP DB 127 49.18 93.76 71.93
C ASP DB 127 48.46 94.34 70.74
N GLN DB 128 49.19 94.97 69.85
CA GLN DB 128 48.61 95.55 68.66
C GLN DB 128 48.66 94.60 67.48
N LEU DB 129 49.27 93.44 67.64
CA LEU DB 129 49.41 92.49 66.55
C LEU DB 129 50.04 93.15 65.34
N ASN DB 130 51.04 93.98 65.59
CA ASN DB 130 51.75 94.64 64.50
C ASN DB 130 52.95 93.81 64.12
N PRO DB 131 53.06 93.32 62.89
CA PRO DB 131 54.33 92.76 62.45
C PRO DB 131 55.41 93.81 62.61
N ALA DB 132 56.65 93.36 62.56
CA ALA DB 132 57.76 94.26 62.85
C ALA DB 132 58.22 94.92 61.56
N TYR DB 133 57.60 96.04 61.21
CA TYR DB 133 58.00 96.86 60.05
C TYR DB 133 58.18 98.32 60.42
N ALA EB 2 57.87 55.97 102.52
CA ALA EB 2 59.18 56.09 101.82
C ALA EB 2 59.31 57.47 101.17
N LYS EB 3 59.12 58.52 101.97
CA LYS EB 3 59.23 59.87 101.45
C LYS EB 3 60.54 60.02 100.70
N LEU EB 4 60.49 60.69 99.55
CA LEU EB 4 61.73 61.04 98.88
C LEU EB 4 62.55 61.95 99.78
N GLU EB 5 63.87 61.85 99.66
CA GLU EB 5 64.77 62.65 100.46
C GLU EB 5 66.18 62.43 99.94
N THR EB 6 67.05 63.40 100.24
CA THR EB 6 68.43 63.29 99.84
C THR EB 6 69.10 62.10 100.53
N VAL EB 7 69.43 61.07 99.75
CA VAL EB 7 70.02 59.88 100.31
C VAL EB 7 71.52 60.06 100.37
N THR EB 8 72.09 59.78 101.53
CA THR EB 8 73.53 59.89 101.77
C THR EB 8 74.08 58.48 101.91
N LEU EB 9 74.81 58.06 100.90
CA LEU EB 9 75.26 56.69 100.81
C LEU EB 9 76.71 56.65 101.28
N GLY EB 10 77.00 55.81 102.26
CA GLY EB 10 78.27 55.87 102.96
C GLY EB 10 79.43 55.22 102.24
N ASN EB 11 80.24 54.47 102.98
CA ASN EB 11 81.45 53.88 102.41
C ASN EB 11 81.12 53.12 101.14
N ILE EB 12 81.88 53.40 100.09
CA ILE EB 12 81.52 53.03 98.73
C ILE EB 12 82.79 52.73 97.95
N GLY EB 13 82.75 51.72 97.11
CA GLY EB 13 83.82 51.42 96.19
C GLY EB 13 84.73 50.33 96.71
N LYS EB 14 85.87 50.17 96.02
CA LYS EB 14 86.84 49.15 96.42
C LYS EB 14 87.25 49.34 97.87
N ASP EB 15 87.93 50.44 98.16
CA ASP EB 15 88.41 50.72 99.49
C ASP EB 15 87.30 51.07 100.46
N GLY EB 16 86.10 51.35 99.96
CA GLY EB 16 85.05 51.84 100.82
C GLY EB 16 85.45 53.13 101.51
N LYS EB 17 85.69 54.18 100.72
CA LYS EB 17 86.04 55.48 101.26
C LYS EB 17 85.24 56.64 100.69
N GLN EB 18 84.50 56.46 99.61
CA GLN EB 18 83.78 57.56 99.02
C GLN EB 18 82.32 57.52 99.46
N THR EB 19 81.59 58.57 99.09
CA THR EB 19 80.19 58.69 99.48
C THR EB 19 79.40 59.28 98.33
N LEU EB 20 78.10 59.03 98.34
CA LEU EB 20 77.20 59.52 97.30
C LEU EB 20 76.09 60.34 97.94
N VAL EB 21 75.69 61.42 97.28
CA VAL EB 21 74.59 62.26 97.74
C VAL EB 21 73.58 62.34 96.61
N LEU EB 22 72.55 61.51 96.68
CA LEU EB 22 71.50 61.47 95.67
C LEU EB 22 70.39 62.42 96.07
N ASN EB 23 70.20 63.47 95.28
CA ASN EB 23 69.13 64.40 95.55
C ASN EB 23 67.82 63.87 95.01
N PRO EB 24 66.70 64.26 95.63
CA PRO EB 24 65.39 63.81 95.12
C PRO EB 24 64.93 64.71 94.00
N ARG EB 25 64.72 64.12 92.83
CA ARG EB 25 64.25 64.89 91.67
C ARG EB 25 62.73 64.92 91.61
N GLY EB 26 62.12 63.74 91.48
CA GLY EB 26 60.68 63.69 91.36
C GLY EB 26 60.19 62.27 91.19
N VAL EB 27 58.98 62.15 90.66
CA VAL EB 27 58.37 60.85 90.42
C VAL EB 27 57.56 60.89 89.14
N ASN EB 28 58.01 60.18 88.13
CA ASN EB 28 57.25 60.06 86.91
C ASN EB 28 56.00 59.25 87.20
N PRO EB 29 54.81 59.81 87.07
CA PRO EB 29 53.60 59.01 87.30
C PRO EB 29 53.24 58.13 86.13
N THR EB 30 53.65 58.52 84.91
CA THR EB 30 53.35 57.72 83.74
C THR EB 30 53.59 56.24 83.98
N ASN EB 31 54.50 55.93 84.88
CA ASN EB 31 54.80 54.57 85.27
C ASN EB 31 55.10 54.43 86.75
N GLY EB 32 54.83 55.46 87.55
CA GLY EB 32 55.01 55.38 88.98
C GLY EB 32 56.42 55.05 89.39
N VAL EB 33 57.35 55.96 89.12
CA VAL EB 33 58.76 55.68 89.31
C VAL EB 33 59.42 56.92 89.90
N ALA EB 34 59.95 56.79 91.12
CA ALA EB 34 60.64 57.90 91.75
C ALA EB 34 62.11 57.87 91.36
N SER EB 35 62.67 59.04 91.12
CA SER EB 35 64.03 59.18 90.64
C SER EB 35 64.85 60.04 91.59
N LEU EB 36 66.11 59.66 91.74
CA LEU EB 36 67.09 60.47 92.45
C LEU EB 36 68.32 60.60 91.57
N SER EB 37 69.01 61.72 91.70
CA SER EB 37 70.17 61.99 90.85
C SER EB 37 71.28 62.61 91.68
N GLN EB 38 72.50 62.37 91.25
CA GLN EB 38 73.65 63.03 91.84
C GLN EB 38 73.62 64.51 91.52
N ALA EB 39 74.02 65.32 92.50
CA ALA EB 39 74.04 66.77 92.30
C ALA EB 39 74.94 67.11 91.13
N GLY EB 40 74.41 67.85 90.19
CA GLY EB 40 75.16 68.26 89.02
C GLY EB 40 74.42 69.29 88.22
N ALA EB 41 74.85 69.48 86.98
CA ALA EB 41 74.17 70.39 86.06
C ALA EB 41 73.87 69.70 84.75
N VAL EB 42 74.81 68.90 84.26
CA VAL EB 42 74.66 68.31 82.94
C VAL EB 42 74.02 66.94 83.11
N PRO EB 43 72.77 66.75 82.69
CA PRO EB 43 72.09 65.50 83.00
C PRO EB 43 72.84 64.28 82.49
N ALA EB 44 73.56 64.43 81.39
CA ALA EB 44 74.26 63.33 80.79
C ALA EB 44 75.36 62.77 81.68
N LEU EB 45 75.76 63.49 82.72
CA LEU EB 45 76.89 63.11 83.55
C LEU EB 45 76.48 63.08 85.00
N GLU EB 46 75.39 62.37 85.28
CA GLU EB 46 74.88 62.27 86.64
C GLU EB 46 74.54 60.82 86.94
N LYS EB 47 74.89 60.38 88.14
CA LYS EB 47 74.56 59.03 88.58
C LYS EB 47 73.11 59.00 89.04
N ARG EB 48 72.34 58.06 88.49
CA ARG EB 48 70.89 58.09 88.58
C ARG EB 48 70.37 56.83 89.26
N VAL EB 49 69.27 56.99 89.99
CA VAL EB 49 68.60 55.90 90.68
C VAL EB 49 67.11 56.00 90.43
N THR EB 50 66.48 54.87 90.16
CA THR EB 50 65.03 54.85 89.99
C THR EB 50 64.45 53.71 90.79
N VAL EB 51 63.36 53.99 91.52
CA VAL EB 51 62.66 53.01 92.32
C VAL EB 51 61.20 52.99 91.89
N SER EB 52 60.66 51.78 91.73
CA SER EB 52 59.31 51.61 91.24
C SER EB 52 58.67 50.44 91.95
N VAL EB 53 57.41 50.60 92.34
CA VAL EB 53 56.68 49.62 93.11
C VAL EB 53 55.37 49.40 92.38
N SER EB 54 55.29 48.33 91.60
CA SER EB 54 54.08 48.08 90.83
C SER EB 54 53.26 47.00 91.53
N GLN EB 55 52.00 47.34 91.78
CA GLN EB 55 51.04 46.52 92.49
C GLN EB 55 50.45 45.46 91.57
N PRO EB 56 49.81 44.44 92.11
CA PRO EB 56 49.34 43.34 91.28
C PRO EB 56 48.24 43.77 90.35
N SER EB 57 47.99 42.93 89.35
CA SER EB 57 46.85 43.06 88.47
C SER EB 57 46.15 41.72 88.40
N ARG EB 58 44.87 41.76 88.08
CA ARG EB 58 44.17 40.51 87.82
C ARG EB 58 44.90 39.71 86.74
N ASN EB 59 45.59 40.39 85.83
CA ASN EB 59 46.41 39.71 84.84
C ASN EB 59 47.81 39.40 85.33
N ARG EB 60 48.24 40.02 86.43
CA ARG EB 60 49.59 39.81 86.97
C ARG EB 60 49.55 39.06 88.30
N LYS EB 61 48.85 39.60 89.29
CA LYS EB 61 48.73 38.97 90.60
C LYS EB 61 50.12 38.74 91.19
N ASN EB 62 50.87 39.83 91.33
CA ASN EB 62 52.21 39.73 91.88
C ASN EB 62 52.75 41.12 92.19
N TYR EB 63 53.18 41.36 93.43
CA TYR EB 63 53.80 42.64 93.73
C TYR EB 63 55.24 42.62 93.26
N LYS EB 64 55.69 43.68 92.60
CA LYS EB 64 57.07 43.72 92.15
C LYS EB 64 57.65 45.10 92.42
N VAL EB 65 58.98 45.13 92.61
CA VAL EB 65 59.69 46.36 92.90
C VAL EB 65 60.98 46.36 92.09
N GLN EB 66 61.11 47.32 91.20
CA GLN EB 66 62.32 47.51 90.41
C GLN EB 66 63.16 48.61 91.02
N VAL EB 67 64.47 48.42 91.01
CA VAL EB 67 65.41 49.49 91.30
C VAL EB 67 66.48 49.46 90.22
N LYS EB 68 66.60 50.57 89.49
CA LYS EB 68 67.58 50.70 88.43
C LYS EB 68 68.64 51.70 88.87
N ILE EB 69 69.89 51.42 88.49
CA ILE EB 69 71.02 52.24 88.85
C ILE EB 69 71.81 52.52 87.59
N GLN EB 70 72.07 53.81 87.33
CA GLN EB 70 72.74 54.28 86.13
C GLN EB 70 74.00 55.03 86.54
N ASN EB 71 75.13 54.65 85.96
CA ASN EB 71 76.41 55.31 86.25
C ASN EB 71 77.11 55.63 84.94
N PRO EB 72 77.08 56.87 84.48
CA PRO EB 72 77.80 57.23 83.27
C PRO EB 72 79.20 57.75 83.56
N THR EB 73 80.08 57.55 82.58
CA THR EB 73 81.48 57.93 82.72
C THR EB 73 81.75 59.25 82.00
N ALA EB 74 82.53 60.10 82.65
CA ALA EB 74 82.85 61.41 82.09
C ALA EB 74 83.65 61.28 80.81
N CYS EB 75 84.83 60.68 80.89
CA CYS EB 75 85.66 60.46 79.71
C CYS EB 75 85.98 61.81 79.06
N THR EB 76 86.41 62.75 79.91
CA THR EB 76 86.53 64.15 79.53
C THR EB 76 87.72 64.41 78.63
N ALA EB 77 87.52 65.26 77.62
CA ALA EB 77 88.53 65.62 76.64
C ALA EB 77 89.33 66.81 77.11
N ASN EB 78 90.59 66.86 76.67
CA ASN EB 78 91.47 67.99 76.98
C ASN EB 78 91.04 69.19 76.14
N GLY EB 79 89.84 69.68 76.45
CA GLY EB 79 89.33 70.92 75.89
C GLY EB 79 88.21 70.66 74.89
N SER EB 80 87.93 71.68 74.10
CA SER EB 80 87.09 71.64 72.92
C SER EB 80 85.61 71.54 73.22
N CYS EB 81 85.24 70.97 74.36
CA CYS EB 81 83.98 71.27 75.05
C CYS EB 81 83.82 70.24 76.17
N ASP EB 82 82.76 70.37 76.95
CA ASP EB 82 82.59 69.53 78.13
C ASP EB 82 82.59 68.05 77.76
N PRO EB 83 82.72 67.17 78.76
CA PRO EB 83 82.89 65.75 78.48
C PRO EB 83 81.70 65.16 77.74
N SER EB 84 81.85 63.90 77.37
CA SER EB 84 80.79 63.18 76.69
C SER EB 84 80.70 61.76 77.24
N VAL EB 85 79.52 61.17 77.11
CA VAL EB 85 79.25 59.86 77.68
C VAL EB 85 79.95 58.81 76.86
N THR EB 86 80.77 58.00 77.51
CA THR EB 86 81.50 56.91 76.86
C THR EB 86 81.13 55.54 77.38
N ARG EB 87 80.91 55.40 78.67
CA ARG EB 87 80.63 54.13 79.30
C ARG EB 87 79.46 54.31 80.25
N GLN EB 88 78.66 53.27 80.40
CA GLN EB 88 77.43 53.35 81.17
C GLN EB 88 77.24 52.05 81.92
N ALA EB 89 77.35 52.10 83.24
CA ALA EB 89 77.13 50.93 84.07
C ALA EB 89 75.68 50.89 84.52
N TYR EB 90 75.00 49.81 84.17
CA TYR EB 90 73.60 49.61 84.51
C TYR EB 90 73.48 48.47 85.51
N ALA EB 91 72.65 48.69 86.53
CA ALA EB 91 72.33 47.62 87.47
C ALA EB 91 70.82 47.63 87.68
N ASP EB 92 70.21 46.46 87.77
CA ASP EB 92 68.77 46.38 87.91
C ASP EB 92 68.39 45.25 88.84
N VAL EB 93 67.66 45.59 89.88
CA VAL EB 93 67.14 44.65 90.86
C VAL EB 93 65.64 44.54 90.67
N THR EB 94 65.12 43.32 90.73
CA THR EB 94 63.69 43.07 90.54
C THR EB 94 63.21 42.14 91.65
N PHE EB 95 62.55 42.70 92.65
CA PHE EB 95 61.92 41.91 93.69
C PHE EB 95 60.51 41.52 93.29
N SER EB 96 60.13 40.29 93.59
CA SER EB 96 58.78 39.81 93.30
C SER EB 96 58.25 39.01 94.48
N PHE EB 97 57.05 39.37 94.93
CA PHE EB 97 56.39 38.71 96.06
C PHE EB 97 54.93 38.44 95.72
N THR EB 98 54.36 37.48 96.41
CA THR EB 98 52.94 37.20 96.30
C THR EB 98 52.16 38.07 97.27
N GLN EB 99 50.83 38.12 97.05
CA GLN EB 99 50.01 38.99 97.88
C GLN EB 99 49.93 38.48 99.30
N TYR EB 100 50.27 37.22 99.53
CA TYR EB 100 50.31 36.66 100.87
C TYR EB 100 51.72 36.61 101.45
N SER EB 101 52.67 37.23 100.76
CA SER EB 101 54.00 37.33 101.31
C SER EB 101 53.93 38.11 102.63
N THR EB 102 55.04 38.16 103.33
CA THR EB 102 55.09 38.85 104.61
C THR EB 102 56.31 39.75 104.71
N ASP EB 103 56.17 40.78 105.54
CA ASP EB 103 57.25 41.73 105.74
C ASP EB 103 58.55 41.04 106.09
N GLU EB 104 58.51 40.06 107.00
CA GLU EB 104 59.75 39.44 107.42
C GLU EB 104 60.37 38.69 106.25
N GLU EB 105 59.56 37.99 105.48
CA GLU EB 105 60.05 37.37 104.26
C GLU EB 105 60.78 38.38 103.41
N ARG EB 106 60.14 39.53 103.18
CA ARG EB 106 60.71 40.52 102.29
C ARG EB 106 62.03 41.05 102.82
N ALA EB 107 62.05 41.39 104.11
CA ALA EB 107 63.27 41.94 104.70
C ALA EB 107 64.38 40.92 104.66
N PHE EB 108 64.05 39.65 104.90
CA PHE EB 108 65.02 38.58 104.78
C PHE EB 108 65.61 38.58 103.38
N VAL EB 109 64.76 38.67 102.37
CA VAL EB 109 65.25 38.70 101.00
C VAL EB 109 66.20 39.85 100.80
N ARG EB 110 65.79 41.03 101.24
CA ARG EB 110 66.61 42.22 101.05
C ARG EB 110 67.98 42.05 101.68
N THR EB 111 68.01 41.69 102.96
CA THR EB 111 69.30 41.58 103.61
C THR EB 111 70.14 40.48 103.00
N GLU EB 112 69.50 39.42 102.51
CA GLU EB 112 70.26 38.34 101.90
C GLU EB 112 70.96 38.84 100.65
N LEU EB 113 70.23 39.57 99.81
CA LEU EB 113 70.87 40.16 98.65
C LEU EB 113 72.02 41.07 99.08
N ALA EB 114 71.81 41.87 100.11
CA ALA EB 114 72.85 42.81 100.53
C ALA EB 114 74.11 42.08 100.94
N ALA EB 115 73.97 41.08 101.80
CA ALA EB 115 75.14 40.35 102.26
C ALA EB 115 75.81 39.60 101.11
N LEU EB 116 75.03 39.15 100.13
CA LEU EB 116 75.65 38.59 98.93
C LEU EB 116 76.49 39.63 98.21
N LEU EB 117 75.94 40.83 98.02
CA LEU EB 117 76.72 41.88 97.40
C LEU EB 117 77.98 42.19 98.20
N ALA EB 118 78.00 41.84 99.48
CA ALA EB 118 79.19 42.01 100.30
C ALA EB 118 80.14 40.82 100.30
N SER EB 119 79.66 39.61 100.05
CA SER EB 119 80.45 38.41 100.24
C SER EB 119 81.57 38.31 99.21
N PRO EB 120 82.63 37.56 99.53
CA PRO EB 120 83.74 37.44 98.58
C PRO EB 120 83.33 36.92 97.23
N LEU EB 121 82.39 35.99 97.19
CA LEU EB 121 81.98 35.39 95.92
C LEU EB 121 81.62 36.48 94.91
N LEU EB 122 80.58 37.25 95.24
CA LEU EB 122 80.16 38.32 94.34
C LEU EB 122 81.30 39.28 94.05
N ILE EB 123 82.18 39.49 95.03
CA ILE EB 123 83.24 40.49 94.90
C ILE EB 123 84.04 40.24 93.64
N ASP EB 124 84.70 39.10 93.54
CA ASP EB 124 85.43 38.84 92.32
C ASP EB 124 84.51 38.40 91.19
N ALA EB 125 83.25 38.08 91.52
CA ALA EB 125 82.31 37.68 90.48
C ALA EB 125 82.08 38.80 89.48
N ILE EB 126 81.95 40.04 89.95
CA ILE EB 126 81.83 41.13 88.96
C ILE EB 126 83.03 42.05 88.99
N ASP EB 127 83.59 42.34 90.15
CA ASP EB 127 84.75 43.22 90.18
C ASP EB 127 85.80 42.73 89.19
N GLN EB 128 86.20 41.47 89.34
CA GLN EB 128 87.12 40.87 88.41
C GLN EB 128 86.42 40.13 87.29
N LEU EB 129 85.09 40.12 87.29
CA LEU EB 129 84.33 39.38 86.29
C LEU EB 129 84.87 37.96 86.13
N ASN EB 130 85.24 37.37 87.25
CA ASN EB 130 85.60 35.96 87.29
C ASN EB 130 84.32 35.15 87.30
N PRO EB 131 84.12 34.22 86.39
CA PRO EB 131 82.91 33.40 86.46
C PRO EB 131 82.98 32.51 87.70
N ALA EB 132 81.84 32.32 88.34
CA ALA EB 132 81.81 31.57 89.59
C ALA EB 132 82.38 30.18 89.35
N TYR EB 133 83.57 29.94 89.87
CA TYR EB 133 84.32 28.73 89.59
C TYR EB 133 85.59 28.64 90.42
N ALA FB 2 46.52 67.95 95.44
CA ALA FB 2 46.32 66.94 96.51
C ALA FB 2 47.53 66.02 96.58
N LYS FB 3 48.64 66.53 97.07
CA LYS FB 3 49.82 65.69 97.21
C LYS FB 3 49.53 64.53 98.14
N LEU FB 4 50.05 63.35 97.81
CA LEU FB 4 49.85 62.19 98.66
C LEU FB 4 50.81 62.23 99.84
N GLU FB 5 50.29 62.00 101.03
CA GLU FB 5 51.11 61.84 102.22
C GLU FB 5 50.46 60.82 103.14
N THR FB 6 51.23 60.39 104.13
CA THR FB 6 50.72 59.49 105.14
C THR FB 6 49.53 60.12 105.83
N VAL FB 7 48.35 59.56 105.62
CA VAL FB 7 47.14 60.13 106.22
C VAL FB 7 46.90 59.44 107.55
N THR FB 8 46.75 60.25 108.59
CA THR FB 8 46.57 59.75 109.95
C THR FB 8 45.18 60.15 110.40
N LEU FB 9 44.33 59.16 110.62
CA LEU FB 9 42.95 59.41 111.00
C LEU FB 9 42.74 58.90 112.40
N GLY FB 10 42.37 59.79 113.31
CA GLY FB 10 42.09 59.45 114.68
C GLY FB 10 40.60 59.55 114.95
N ASN FB 11 40.23 59.17 116.16
CA ASN FB 11 38.83 59.20 116.60
C ASN FB 11 37.99 58.26 115.74
N ILE FB 12 38.40 56.99 115.72
CA ILE FB 12 37.82 55.99 114.83
C ILE FB 12 37.13 54.93 115.68
N GLY FB 13 36.03 54.39 115.15
CA GLY FB 13 35.34 53.25 115.73
C GLY FB 13 34.21 53.66 116.66
N LYS FB 14 33.58 52.65 117.27
CA LYS FB 14 32.46 52.93 118.17
C LYS FB 14 32.87 53.83 119.30
N ASP FB 15 33.91 53.45 120.01
CA ASP FB 15 34.48 54.29 121.05
C ASP FB 15 35.14 55.53 120.50
N GLY FB 16 35.48 55.53 119.21
CA GLY FB 16 36.24 56.62 118.65
C GLY FB 16 37.60 56.75 119.30
N LYS FB 17 38.34 55.64 119.38
CA LYS FB 17 39.65 55.68 120.04
C LYS FB 17 40.78 55.07 119.24
N GLN FB 18 40.52 54.31 118.19
CA GLN FB 18 41.63 53.72 117.45
C GLN FB 18 42.15 54.72 116.42
N THR FB 19 43.20 54.33 115.69
CA THR FB 19 43.82 55.22 114.74
C THR FB 19 44.25 54.45 113.51
N LEU FB 20 44.22 55.12 112.36
CA LEU FB 20 44.58 54.52 111.09
C LEU FB 20 45.67 55.33 110.42
N VAL FB 21 46.73 54.65 110.01
CA VAL FB 21 47.87 55.26 109.34
C VAL FB 21 47.92 54.69 107.94
N LEU FB 22 47.53 55.49 106.95
CA LEU FB 22 47.44 55.04 105.58
C LEU FB 22 48.62 55.60 104.81
N ASN FB 23 49.38 54.72 104.17
CA ASN FB 23 50.51 55.14 103.37
C ASN FB 23 50.12 55.21 101.90
N PRO FB 24 50.61 56.20 101.16
CA PRO FB 24 50.26 56.30 99.74
C PRO FB 24 50.85 55.13 98.98
N ARG FB 25 50.11 54.69 97.96
CA ARG FB 25 50.57 53.62 97.08
C ARG FB 25 50.78 54.09 95.65
N GLY FB 26 50.98 55.38 95.46
CA GLY FB 26 51.14 55.91 94.13
C GLY FB 26 49.81 56.01 93.42
N VAL FB 27 49.90 56.14 92.10
CA VAL FB 27 48.74 56.29 91.25
C VAL FB 27 48.91 55.44 90.01
N ASN FB 28 47.83 54.82 89.57
CA ASN FB 28 47.93 54.09 88.32
C ASN FB 28 47.93 55.07 87.14
N PRO FB 29 48.72 54.79 86.10
CA PRO FB 29 48.70 55.69 84.94
C PRO FB 29 47.44 55.54 84.11
N THR FB 30 46.86 54.34 84.07
CA THR FB 30 45.70 54.11 83.22
C THR FB 30 44.45 54.70 83.85
N ASN FB 31 44.06 54.16 85.01
CA ASN FB 31 42.87 54.67 85.67
C ASN FB 31 43.10 56.05 86.24
N GLY FB 32 44.36 56.38 86.55
CA GLY FB 32 44.66 57.67 87.14
C GLY FB 32 44.02 57.83 88.50
N VAL FB 33 44.18 56.84 89.36
CA VAL FB 33 43.53 56.80 90.66
C VAL FB 33 44.58 56.62 91.73
N ALA FB 34 44.52 57.46 92.77
CA ALA FB 34 45.45 57.35 93.87
C ALA FB 34 44.96 56.32 94.87
N SER FB 35 45.92 55.65 95.52
CA SER FB 35 45.60 54.57 96.43
C SER FB 35 46.43 54.70 97.71
N LEU FB 36 45.79 54.42 98.84
CA LEU FB 36 46.44 54.42 100.13
C LEU FB 36 46.16 53.08 100.81
N SER FB 37 47.12 52.64 101.63
CA SER FB 37 46.94 51.37 102.31
C SER FB 37 47.49 51.47 103.71
N GLN FB 38 46.93 50.66 104.60
CA GLN FB 38 47.40 50.60 105.97
C GLN FB 38 48.64 49.73 106.07
N ALA FB 39 49.60 50.17 106.87
CA ALA FB 39 50.85 49.44 107.00
C ALA FB 39 50.62 48.14 107.76
N GLY FB 40 50.95 47.03 107.13
CA GLY FB 40 50.79 45.74 107.77
C GLY FB 40 51.84 44.77 107.28
N ALA FB 41 51.84 43.59 107.87
CA ALA FB 41 52.79 42.57 107.48
C ALA FB 41 52.33 41.84 106.23
N VAL FB 42 51.03 41.58 106.14
CA VAL FB 42 50.46 40.84 105.02
C VAL FB 42 49.80 41.84 104.08
N PRO FB 43 50.25 41.98 102.84
CA PRO FB 43 49.58 42.89 101.92
C PRO FB 43 48.13 42.55 101.72
N ALA FB 44 47.77 41.27 101.78
CA ALA FB 44 46.40 40.89 101.53
C ALA FB 44 45.45 41.48 102.56
N LEU FB 45 45.92 41.69 103.78
CA LEU FB 45 45.05 42.12 104.88
C LEU FB 45 45.28 43.57 105.23
N GLU FB 46 45.55 44.40 104.23
CA GLU FB 46 45.78 45.82 104.44
C GLU FB 46 44.51 46.58 104.10
N LYS FB 47 44.09 47.45 104.99
CA LYS FB 47 42.89 48.24 104.76
C LYS FB 47 43.23 49.33 103.75
N ARG FB 48 42.53 49.36 102.64
CA ARG FB 48 42.89 50.20 101.51
C ARG FB 48 41.83 51.26 101.27
N VAL FB 49 42.24 52.34 100.62
CA VAL FB 49 41.33 53.42 100.25
C VAL FB 49 41.74 53.99 98.91
N THR FB 50 40.78 54.13 98.01
CA THR FB 50 40.99 54.64 96.67
C THR FB 50 40.40 56.03 96.55
N VAL FB 51 40.99 56.84 95.67
CA VAL FB 51 40.49 58.19 95.41
C VAL FB 51 40.75 58.51 93.95
N SER FB 52 39.73 59.01 93.28
CA SER FB 52 39.82 59.38 91.88
C SER FB 52 38.92 60.57 91.59
N VAL FB 53 39.41 61.48 90.76
CA VAL FB 53 38.62 62.60 90.29
C VAL FB 53 38.80 62.66 88.77
N SER FB 54 37.79 62.22 88.04
CA SER FB 54 37.83 62.27 86.59
C SER FB 54 37.74 63.71 86.11
N GLN FB 55 38.24 63.93 84.93
CA GLN FB 55 38.14 65.21 84.23
C GLN FB 55 36.84 65.25 83.43
N PRO FB 56 36.44 66.43 82.95
CA PRO FB 56 35.14 66.54 82.29
C PRO FB 56 35.06 65.64 81.07
N SER FB 57 33.88 65.06 80.85
CA SER FB 57 33.62 64.34 79.62
C SER FB 57 33.19 65.34 78.55
N ARG FB 58 32.66 64.85 77.44
CA ARG FB 58 32.26 65.70 76.32
C ARG FB 58 30.79 66.08 76.42
N ASN FB 59 30.51 67.37 76.21
CA ASN FB 59 29.16 67.90 76.02
C ASN FB 59 28.32 67.91 77.29
N ARG FB 60 28.78 67.23 78.32
CA ARG FB 60 28.10 67.21 79.61
C ARG FB 60 29.06 67.56 80.74
N LYS FB 61 30.28 67.05 80.64
CA LYS FB 61 31.44 67.45 81.43
C LYS FB 61 31.38 67.05 82.90
N ASN FB 62 30.19 66.90 83.48
CA ASN FB 62 29.97 66.01 84.62
C ASN FB 62 31.16 65.73 85.55
N TYR FB 63 31.77 66.72 86.20
CA TYR FB 63 32.83 66.44 87.17
C TYR FB 63 32.46 65.27 88.06
N LYS FB 64 33.36 64.30 88.17
CA LYS FB 64 33.12 63.11 88.97
C LYS FB 64 34.29 62.90 89.93
N VAL FB 65 33.97 62.40 91.13
CA VAL FB 65 34.96 62.01 92.11
C VAL FB 65 34.51 60.71 92.75
N GLN FB 66 35.44 59.79 92.96
CA GLN FB 66 35.12 58.50 93.54
C GLN FB 66 36.08 58.18 94.68
N VAL FB 67 35.54 57.62 95.76
CA VAL FB 67 36.35 57.13 96.88
C VAL FB 67 35.87 55.73 97.21
N LYS FB 68 36.77 54.77 97.15
CA LYS FB 68 36.47 53.38 97.43
C LYS FB 68 37.30 52.98 98.64
N ILE FB 69 36.63 52.59 99.72
CA ILE FB 69 37.29 52.09 100.92
C ILE FB 69 37.03 50.60 101.02
N GLN FB 70 38.10 49.83 101.17
CA GLN FB 70 38.00 48.38 101.31
C GLN FB 70 38.66 47.95 102.61
N ASN FB 71 37.94 47.17 103.39
CA ASN FB 71 38.43 46.66 104.67
C ASN FB 71 38.35 45.14 104.68
N PRO FB 72 39.47 44.44 104.69
CA PRO FB 72 39.43 42.98 104.70
C PRO FB 72 39.43 42.40 106.10
N THR FB 73 39.13 41.10 106.15
CA THR FB 73 39.12 40.36 107.41
C THR FB 73 39.26 38.88 107.09
N ALA FB 74 40.25 38.23 107.68
CA ALA FB 74 40.56 36.84 107.39
C ALA FB 74 40.45 36.00 108.66
N CYS FB 75 40.38 34.68 108.47
CA CYS FB 75 40.54 33.72 109.56
C CYS FB 75 41.45 32.61 109.05
N THR FB 76 42.65 32.52 109.60
CA THR FB 76 43.48 31.37 109.28
C THR FB 76 42.80 30.10 109.77
N ALA FB 77 42.39 29.25 108.83
CA ALA FB 77 41.77 27.98 109.17
C ALA FB 77 42.81 26.96 109.60
N ASN FB 78 42.36 25.93 110.31
CA ASN FB 78 43.29 24.91 110.76
C ASN FB 78 43.93 24.22 109.56
N GLY FB 79 45.24 24.00 109.64
CA GLY FB 79 45.95 23.34 108.57
C GLY FB 79 46.35 24.23 107.42
N SER FB 80 45.87 25.46 107.38
CA SER FB 80 46.24 26.41 106.35
C SER FB 80 47.25 27.39 106.90
N CYS FB 81 48.40 27.50 106.25
CA CYS FB 81 49.44 28.44 106.63
C CYS FB 81 49.32 29.77 105.91
N ASP FB 82 48.10 30.12 105.47
CA ASP FB 82 47.84 31.35 104.73
C ASP FB 82 46.54 31.98 105.22
N PRO FB 83 46.59 33.14 105.88
CA PRO FB 83 45.34 33.73 106.36
C PRO FB 83 44.49 34.25 105.21
N SER FB 84 43.75 33.34 104.59
CA SER FB 84 42.90 33.72 103.48
C SER FB 84 41.83 34.70 103.93
N VAL FB 85 41.66 35.78 103.17
CA VAL FB 85 40.61 36.74 103.48
C VAL FB 85 39.26 36.07 103.25
N THR FB 86 38.46 36.01 104.31
CA THR FB 86 37.14 35.41 104.22
C THR FB 86 36.02 36.43 104.35
N ARG FB 87 36.33 37.71 104.43
CA ARG FB 87 35.29 38.72 104.52
C ARG FB 87 35.85 40.06 104.08
N GLN FB 88 34.99 40.84 103.43
CA GLN FB 88 35.39 42.12 102.87
C GLN FB 88 34.27 43.13 103.07
N ALA FB 89 34.63 44.34 103.43
CA ALA FB 89 33.68 45.44 103.59
C ALA FB 89 34.02 46.55 102.62
N TYR FB 90 33.01 47.06 101.92
CA TYR FB 90 33.21 48.08 100.89
C TYR FB 90 32.39 49.31 101.19
N ALA FB 91 33.00 50.47 100.96
CA ALA FB 91 32.32 51.76 101.05
C ALA FB 91 32.62 52.53 99.77
N ASP FB 92 31.59 52.82 99.01
CA ASP FB 92 31.72 53.43 97.70
C ASP FB 92 31.03 54.78 97.74
N VAL FB 93 31.81 55.86 97.69
CA VAL FB 93 31.27 57.21 97.67
C VAL FB 93 31.57 57.81 96.31
N THR FB 94 30.58 58.46 95.72
CA THR FB 94 30.79 59.10 94.42
C THR FB 94 30.07 60.43 94.40
N PHE FB 95 30.83 61.48 94.15
CA PHE FB 95 30.33 62.84 94.02
C PHE FB 95 30.28 63.23 92.56
N SER FB 96 29.19 63.88 92.17
CA SER FB 96 29.03 64.42 90.83
C SER FB 96 28.69 65.88 90.94
N PHE FB 97 29.42 66.72 90.22
CA PHE FB 97 29.16 68.15 90.19
C PHE FB 97 29.17 68.65 88.76
N THR FB 98 28.56 69.81 88.59
CA THR FB 98 28.52 70.46 87.30
C THR FB 98 29.80 71.22 87.06
N GLN FB 99 30.15 71.36 85.79
CA GLN FB 99 31.31 72.16 85.40
C GLN FB 99 31.23 73.59 85.91
N TYR FB 100 30.09 73.99 86.45
CA TYR FB 100 29.86 75.35 86.88
C TYR FB 100 29.76 75.45 88.39
N SER FB 101 29.92 74.32 89.09
CA SER FB 101 29.81 74.32 90.54
C SER FB 101 30.90 75.19 91.14
N THR FB 102 30.83 75.38 92.44
CA THR FB 102 31.83 76.17 93.15
C THR FB 102 32.24 75.45 94.43
N ASP FB 103 33.43 75.81 94.90
CA ASP FB 103 33.95 75.21 96.12
C ASP FB 103 32.98 75.41 97.27
N GLU FB 104 32.22 76.51 97.24
CA GLU FB 104 31.18 76.71 98.23
C GLU FB 104 30.34 75.45 98.39
N GLU FB 105 29.56 75.10 97.36
CA GLU FB 105 28.68 73.96 97.48
C GLU FB 105 29.45 72.67 97.59
N ARG FB 106 30.61 72.59 96.98
CA ARG FB 106 31.34 71.34 97.07
C ARG FB 106 31.70 71.04 98.51
N ALA FB 107 32.32 72.00 99.20
CA ALA FB 107 32.61 71.84 100.61
C ALA FB 107 31.34 71.64 101.40
N PHE FB 108 30.26 72.31 100.98
CA PHE FB 108 28.99 72.17 101.67
C PHE FB 108 28.54 70.72 101.68
N VAL FB 109 28.48 70.11 100.50
CA VAL FB 109 28.08 68.71 100.40
C VAL FB 109 29.06 67.83 101.15
N ARG FB 110 30.35 68.11 101.02
CA ARG FB 110 31.35 67.32 101.71
C ARG FB 110 31.02 67.22 103.19
N THR FB 111 30.96 68.37 103.84
CA THR FB 111 30.65 68.40 105.26
C THR FB 111 29.28 67.82 105.56
N GLU FB 112 28.31 67.98 104.64
CA GLU FB 112 27.01 67.36 104.87
C GLU FB 112 27.17 65.87 105.03
N LEU FB 113 27.84 65.23 104.08
CA LEU FB 113 28.01 63.79 104.16
C LEU FB 113 28.76 63.43 105.42
N ALA FB 114 29.76 64.23 105.77
CA ALA FB 114 30.53 63.94 106.97
C ALA FB 114 29.63 63.86 108.19
N ALA FB 115 28.89 64.93 108.44
CA ALA FB 115 28.18 64.95 109.70
C ALA FB 115 26.92 64.10 109.63
N LEU FB 116 26.46 63.73 108.43
CA LEU FB 116 25.46 62.68 108.34
C LEU FB 116 26.03 61.34 108.78
N LEU FB 117 27.24 61.01 108.32
CA LEU FB 117 27.86 59.80 108.83
C LEU FB 117 28.06 59.88 110.33
N ALA FB 118 28.12 61.09 110.88
CA ALA FB 118 28.23 61.25 112.33
C ALA FB 118 26.91 61.17 113.08
N SER FB 119 25.81 61.60 112.47
CA SER FB 119 24.55 61.71 113.19
C SER FB 119 23.99 60.34 113.55
N PRO FB 120 23.10 60.28 114.55
CA PRO FB 120 22.55 58.98 114.93
C PRO FB 120 21.88 58.24 113.79
N LEU FB 121 21.33 58.96 112.82
CA LEU FB 121 20.54 58.32 111.78
C LEU FB 121 21.37 57.27 111.07
N LEU FB 122 22.40 57.70 110.36
CA LEU FB 122 23.22 56.70 109.69
C LEU FB 122 23.88 55.79 110.69
N ILE FB 123 24.11 56.27 111.91
CA ILE FB 123 24.65 55.39 112.95
C ILE FB 123 23.77 54.16 113.07
N ASP FB 124 22.48 54.36 113.34
CA ASP FB 124 21.59 53.22 113.48
C ASP FB 124 21.36 52.53 112.15
N ALA FB 125 21.55 53.24 111.03
CA ALA FB 125 21.28 52.67 109.72
C ALA FB 125 22.37 51.70 109.29
N ILE FB 126 23.60 51.99 109.64
CA ILE FB 126 24.75 51.25 109.18
C ILE FB 126 25.28 50.35 110.26
N ASP FB 127 25.49 50.90 111.44
CA ASP FB 127 26.13 50.15 112.51
C ASP FB 127 25.27 48.95 112.89
N GLN FB 128 23.98 49.19 113.11
CA GLN FB 128 23.02 48.14 113.41
C GLN FB 128 22.22 47.71 112.21
N LEU FB 129 22.46 48.30 111.05
CA LEU FB 129 21.80 47.89 109.82
C LEU FB 129 20.30 48.00 109.97
N ASN FB 130 19.87 49.13 110.47
CA ASN FB 130 18.48 49.29 110.81
C ASN FB 130 17.78 50.21 109.83
N PRO FB 131 16.88 49.70 109.00
CA PRO FB 131 16.24 50.55 108.01
C PRO FB 131 15.58 51.74 108.67
N ALA FB 132 15.72 52.90 108.04
CA ALA FB 132 15.18 54.14 108.55
C ALA FB 132 13.68 54.19 108.28
N TYR FB 133 12.93 54.52 109.31
CA TYR FB 133 11.51 54.78 109.16
C TYR FB 133 10.94 55.35 110.46
N ALA GB 2 -16.43 11.16 129.50
CA ALA GB 2 -16.91 9.95 128.77
C ALA GB 2 -15.92 8.80 128.92
N LYS GB 3 -15.54 8.48 130.16
CA LYS GB 3 -14.49 7.51 130.38
C LYS GB 3 -14.93 6.11 130.02
N LEU GB 4 -14.02 5.35 129.43
CA LEU GB 4 -14.28 3.98 129.01
C LEU GB 4 -13.87 3.02 130.12
N GLU GB 5 -14.80 2.16 130.52
CA GLU GB 5 -14.53 1.11 131.50
C GLU GB 5 -15.53 0.00 131.28
N THR GB 6 -15.57 -0.96 132.20
CA THR GB 6 -16.52 -2.06 132.08
C THR GB 6 -17.86 -1.66 132.66
N VAL GB 7 -18.92 -1.99 131.92
CA VAL GB 7 -20.26 -1.53 132.23
C VAL GB 7 -21.11 -2.77 132.48
N THR GB 8 -21.88 -2.73 133.57
CA THR GB 8 -22.67 -3.87 134.04
C THR GB 8 -24.15 -3.54 133.83
N LEU GB 9 -24.71 -4.09 132.77
CA LEU GB 9 -26.07 -3.75 132.37
C LEU GB 9 -26.98 -4.81 132.96
N GLY GB 10 -27.75 -4.44 133.98
CA GLY GB 10 -28.60 -5.41 134.66
C GLY GB 10 -30.06 -5.29 134.30
N ASN GB 11 -30.89 -6.25 134.74
CA ASN GB 11 -32.32 -6.19 134.49
C ASN GB 11 -32.62 -6.21 132.99
N ILE GB 12 -32.27 -7.34 132.37
CA ILE GB 12 -32.27 -7.45 130.92
C ILE GB 12 -33.09 -8.68 130.51
N GLY GB 13 -33.76 -8.57 129.36
CA GLY GB 13 -34.66 -9.61 128.87
C GLY GB 13 -36.11 -9.20 129.04
N LYS GB 14 -37.03 -10.10 128.66
CA LYS GB 14 -38.44 -9.78 128.96
C LYS GB 14 -38.62 -9.55 130.44
N ASP GB 15 -38.19 -10.51 131.24
CA ASP GB 15 -38.41 -10.43 132.67
C ASP GB 15 -37.34 -9.61 133.36
N GLY GB 16 -36.37 -9.08 132.60
CA GLY GB 16 -35.35 -8.26 133.20
C GLY GB 16 -34.59 -8.99 134.29
N LYS GB 17 -33.94 -10.09 133.93
CA LYS GB 17 -33.16 -10.87 134.89
C LYS GB 17 -31.75 -11.19 134.43
N GLN GB 18 -31.45 -11.07 133.15
CA GLN GB 18 -30.08 -11.32 132.70
C GLN GB 18 -29.22 -10.07 132.92
N THR GB 19 -27.92 -10.27 132.78
CA THR GB 19 -26.93 -9.21 132.98
C THR GB 19 -25.89 -9.31 131.87
N LEU GB 20 -25.43 -8.14 131.41
CA LEU GB 20 -24.45 -8.06 130.33
C LEU GB 20 -23.27 -7.24 130.80
N VAL GB 21 -22.08 -7.81 130.73
CA VAL GB 21 -20.86 -7.13 131.14
C VAL GB 21 -20.10 -6.76 129.88
N LEU GB 22 -19.99 -5.46 129.62
CA LEU GB 22 -19.33 -4.94 128.44
C LEU GB 22 -18.00 -4.33 128.87
N ASN GB 23 -16.96 -4.89 128.43
CA ASN GB 23 -15.67 -4.31 128.76
C ASN GB 23 -15.19 -3.52 127.55
N PRO GB 24 -14.43 -2.44 127.69
CA PRO GB 24 -14.18 -1.59 126.53
C PRO GB 24 -13.01 -2.08 125.69
N ARG GB 25 -12.88 -1.44 124.53
CA ARG GB 25 -11.99 -1.87 123.46
C ARG GB 25 -11.13 -0.69 123.05
N GLY GB 26 -10.45 -0.81 121.91
CA GLY GB 26 -9.67 0.30 121.34
C GLY GB 26 -10.56 1.25 120.56
N VAL GB 27 -10.32 2.54 120.73
CA VAL GB 27 -11.14 3.56 120.10
C VAL GB 27 -10.58 3.80 118.71
N ASN GB 28 -11.30 3.38 117.68
CA ASN GB 28 -10.84 3.42 116.30
C ASN GB 28 -10.38 4.81 115.86
N PRO GB 29 -9.07 5.02 115.66
CA PRO GB 29 -8.63 6.32 115.16
C PRO GB 29 -9.35 6.76 113.91
N THR GB 30 -9.56 5.86 112.95
CA THR GB 30 -9.98 6.27 111.62
C THR GB 30 -11.31 6.97 111.62
N ASN GB 31 -12.10 6.80 112.66
CA ASN GB 31 -13.41 7.45 112.72
C ASN GB 31 -13.74 7.98 114.10
N GLY GB 32 -12.85 7.88 115.07
CA GLY GB 32 -13.14 8.37 116.40
C GLY GB 32 -14.38 7.71 116.96
N VAL GB 33 -14.30 6.42 117.27
CA VAL GB 33 -15.44 5.66 117.75
C VAL GB 33 -14.97 4.70 118.82
N ALA GB 34 -15.59 4.76 120.00
CA ALA GB 34 -15.24 3.84 121.07
C ALA GB 34 -16.12 2.60 120.98
N SER GB 35 -15.61 1.50 121.56
CA SER GB 35 -16.26 0.21 121.40
C SER GB 35 -16.30 -0.55 122.72
N LEU GB 36 -17.38 -1.28 122.91
CA LEU GB 36 -17.61 -2.13 124.08
C LEU GB 36 -18.03 -3.51 123.62
N SER GB 37 -17.51 -4.54 124.28
CA SER GB 37 -17.82 -5.90 123.86
C SER GB 37 -18.01 -6.77 125.09
N GLN GB 38 -18.78 -7.85 124.91
CA GLN GB 38 -19.20 -8.66 126.05
C GLN GB 38 -17.99 -9.22 126.76
N ALA GB 39 -18.19 -9.71 127.99
CA ALA GB 39 -17.07 -10.15 128.82
C ALA GB 39 -16.11 -11.04 128.05
N GLY GB 40 -16.60 -11.78 127.07
CA GLY GB 40 -15.76 -12.62 126.25
C GLY GB 40 -15.99 -14.09 126.58
N ALA GB 41 -15.08 -14.93 126.09
CA ALA GB 41 -13.92 -14.50 125.28
C ALA GB 41 -14.31 -14.29 123.83
N VAL GB 42 -14.68 -15.37 123.13
CA VAL GB 42 -15.14 -15.24 121.76
C VAL GB 42 -16.31 -14.28 121.67
N PRO GB 43 -17.27 -14.28 122.61
CA PRO GB 43 -18.29 -13.23 122.60
C PRO GB 43 -17.72 -11.84 122.44
N ALA GB 44 -16.47 -11.62 122.87
CA ALA GB 44 -15.86 -10.30 122.71
C ALA GB 44 -15.77 -9.91 121.24
N LEU GB 45 -15.58 -10.90 120.38
CA LEU GB 45 -15.67 -10.70 118.95
C LEU GB 45 -17.01 -11.17 118.38
N GLU GB 46 -18.05 -11.16 119.21
CA GLU GB 46 -19.42 -11.33 118.73
C GLU GB 46 -20.31 -10.15 119.06
N LYS GB 47 -20.51 -9.86 120.35
CA LYS GB 47 -21.43 -8.80 120.75
C LYS GB 47 -20.70 -7.47 120.75
N ARG GB 48 -21.36 -6.42 120.28
CA ARG GB 48 -20.68 -5.14 120.12
C ARG GB 48 -21.60 -3.97 120.39
N VAL GB 49 -21.02 -2.89 120.91
CA VAL GB 49 -21.74 -1.65 121.16
C VAL GB 49 -20.78 -0.49 120.95
N THR GB 50 -21.02 0.32 119.95
CA THR GB 50 -20.12 1.41 119.59
C THR GB 50 -20.76 2.75 119.89
N VAL GB 51 -19.92 3.71 120.27
CA VAL GB 51 -20.34 5.05 120.65
C VAL GB 51 -19.48 6.06 119.92
N SER GB 52 -20.11 7.13 119.43
CA SER GB 52 -19.40 8.15 118.67
C SER GB 52 -20.01 9.51 118.94
N VAL GB 53 -19.16 10.53 118.94
CA VAL GB 53 -19.58 11.90 119.23
C VAL GB 53 -18.91 12.79 118.19
N SER GB 54 -19.60 13.03 117.09
CA SER GB 54 -19.06 13.87 116.03
C SER GB 54 -19.39 15.32 116.31
N GLN GB 55 -18.35 16.16 116.30
CA GLN GB 55 -18.44 17.57 116.60
C GLN GB 55 -18.87 18.34 115.36
N PRO GB 56 -19.17 19.63 115.50
CA PRO GB 56 -19.56 20.42 114.31
C PRO GB 56 -18.45 20.47 113.28
N SER GB 57 -18.85 20.63 112.04
CA SER GB 57 -17.92 20.82 110.93
C SER GB 57 -18.71 21.33 109.74
N ARG GB 58 -18.11 21.26 108.56
CA ARG GB 58 -18.78 21.71 107.33
C ARG GB 58 -20.06 20.92 107.09
N ASN GB 59 -19.98 19.60 107.20
CA ASN GB 59 -21.16 18.77 106.98
C ASN GB 59 -22.09 18.78 108.19
N ARG GB 60 -21.52 18.67 109.39
CA ARG GB 60 -22.31 18.69 110.62
C ARG GB 60 -22.61 20.13 111.06
N LYS GB 61 -23.53 20.32 112.00
CA LYS GB 61 -23.77 21.67 112.49
C LYS GB 61 -23.78 21.92 114.00
N ASN GB 62 -24.68 21.37 114.82
CA ASN GB 62 -25.38 20.06 114.83
C ASN GB 62 -24.46 18.88 115.14
N TYR GB 63 -24.01 18.86 116.40
CA TYR GB 63 -23.38 17.68 117.00
C TYR GB 63 -24.20 16.45 116.68
N LYS GB 64 -23.51 15.33 116.45
CA LYS GB 64 -24.18 14.06 116.22
C LYS GB 64 -23.65 13.04 117.22
N VAL GB 65 -24.55 12.41 117.96
CA VAL GB 65 -24.21 11.36 118.91
C VAL GB 65 -24.76 10.06 118.39
N GLN GB 66 -23.88 9.11 118.10
CA GLN GB 66 -24.24 7.82 117.53
C GLN GB 66 -24.02 6.73 118.56
N VAL GB 67 -24.98 5.82 118.66
CA VAL GB 67 -24.89 4.68 119.55
C VAL GB 67 -25.42 3.47 118.79
N LYS GB 68 -24.53 2.56 118.41
CA LYS GB 68 -24.90 1.36 117.69
C LYS GB 68 -24.78 0.14 118.59
N ILE GB 69 -25.72 -0.79 118.45
CA ILE GB 69 -25.70 -2.06 119.17
C ILE GB 69 -25.82 -3.19 118.16
N GLN GB 70 -25.03 -4.24 118.36
CA GLN GB 70 -25.01 -5.39 117.47
C GLN GB 70 -24.99 -6.67 118.29
N ASN GB 71 -26.02 -7.50 118.11
CA ASN GB 71 -26.13 -8.81 118.73
C ASN GB 71 -26.09 -9.90 117.65
N PRO GB 72 -25.04 -10.70 117.59
CA PRO GB 72 -25.04 -11.83 116.68
C PRO GB 72 -25.53 -13.07 117.40
N THR GB 73 -26.51 -13.78 116.86
CA THR GB 73 -26.83 -15.08 117.42
C THR GB 73 -26.30 -16.17 116.49
N ALA GB 74 -25.53 -17.08 117.06
CA ALA GB 74 -24.88 -18.13 116.30
C ALA GB 74 -25.30 -19.46 116.86
N CYS GB 75 -24.98 -20.52 116.12
CA CYS GB 75 -25.27 -21.87 116.55
C CYS GB 75 -24.23 -22.81 115.95
N THR GB 76 -24.18 -24.02 116.50
CA THR GB 76 -23.26 -25.06 116.08
C THR GB 76 -24.03 -26.16 115.39
N ALA GB 77 -23.70 -26.41 114.13
CA ALA GB 77 -24.26 -27.57 113.45
C ALA GB 77 -23.87 -28.84 114.19
N ASN GB 78 -24.80 -29.79 114.24
CA ASN GB 78 -24.54 -31.02 114.99
C ASN GB 78 -23.52 -31.85 114.24
N GLY GB 79 -22.25 -31.58 114.53
CA GLY GB 79 -21.15 -32.18 113.82
C GLY GB 79 -20.04 -31.17 113.62
N SER GB 80 -20.42 -29.88 113.56
CA SER GB 80 -19.48 -28.78 113.46
C SER GB 80 -18.84 -28.51 114.82
N CYS GB 81 -17.84 -27.65 114.87
CA CYS GB 81 -17.29 -27.22 116.16
C CYS GB 81 -17.39 -25.71 116.33
N ASP GB 82 -16.87 -24.96 115.38
CA ASP GB 82 -16.95 -23.51 115.47
C ASP GB 82 -18.37 -23.05 115.17
N PRO GB 83 -19.02 -22.30 116.07
CA PRO GB 83 -20.38 -21.85 115.80
C PRO GB 83 -20.41 -20.74 114.76
N SER GB 84 -21.39 -20.81 113.87
CA SER GB 84 -21.56 -19.85 112.79
C SER GB 84 -22.73 -18.94 113.12
N VAL GB 85 -22.63 -17.69 112.70
CA VAL GB 85 -23.66 -16.71 113.00
C VAL GB 85 -24.85 -16.98 112.10
N THR GB 86 -25.96 -17.40 112.70
CA THR GB 86 -27.20 -17.55 111.96
C THR GB 86 -27.97 -16.26 111.86
N ARG GB 87 -27.67 -15.31 112.76
CA ARG GB 87 -28.56 -14.20 113.05
C ARG GB 87 -27.79 -12.95 113.39
N GLN GB 88 -28.35 -11.83 112.98
CA GLN GB 88 -27.88 -10.50 113.36
C GLN GB 88 -29.05 -9.62 113.70
N ALA GB 89 -29.12 -9.17 114.94
CA ALA GB 89 -29.94 -8.03 115.29
C ALA GB 89 -29.03 -6.84 115.57
N TYR GB 90 -29.54 -5.65 115.30
CA TYR GB 90 -28.78 -4.47 115.64
C TYR GB 90 -29.69 -3.26 115.64
N ALA GB 91 -29.28 -2.26 116.41
CA ALA GB 91 -30.06 -1.04 116.57
C ALA GB 91 -29.14 0.17 116.53
N ASP GB 92 -29.71 1.28 116.07
CA ASP GB 92 -28.96 2.51 115.85
C ASP GB 92 -29.71 3.67 116.48
N VAL GB 93 -29.03 4.44 117.32
CA VAL GB 93 -29.58 5.64 117.91
C VAL GB 93 -28.73 6.82 117.50
N THR GB 94 -29.38 7.92 117.14
CA THR GB 94 -28.72 9.09 116.59
C THR GB 94 -29.36 10.32 117.21
N PHE GB 95 -28.63 11.01 118.07
CA PHE GB 95 -29.07 12.29 118.61
C PHE GB 95 -28.44 13.42 117.82
N SER GB 96 -29.26 14.36 117.37
CA SER GB 96 -28.80 15.50 116.60
C SER GB 96 -29.06 16.74 117.45
N PHE GB 97 -28.00 17.33 117.99
CA PHE GB 97 -28.12 18.50 118.86
C PHE GB 97 -27.50 19.73 118.22
N THR GB 98 -28.11 20.88 118.46
CA THR GB 98 -27.56 22.12 117.94
C THR GB 98 -26.45 22.64 118.84
N GLN GB 99 -25.55 23.43 118.25
CA GLN GB 99 -24.43 23.95 119.00
C GLN GB 99 -24.89 24.76 120.19
N TYR GB 100 -26.06 25.37 120.09
CA TYR GB 100 -26.64 26.10 121.20
C TYR GB 100 -27.22 25.16 122.22
N SER GB 101 -27.13 23.85 121.98
CA SER GB 101 -27.80 22.86 122.81
C SER GB 101 -27.48 23.07 124.27
N THR GB 102 -28.26 22.44 125.12
CA THR GB 102 -28.12 22.61 126.55
C THR GB 102 -28.17 21.25 127.22
N ASP GB 103 -27.37 21.10 128.27
CA ASP GB 103 -27.32 19.84 128.97
C ASP GB 103 -28.70 19.41 129.43
N GLU GB 104 -29.53 20.35 129.87
CA GLU GB 104 -30.86 19.98 130.34
C GLU GB 104 -31.66 19.34 129.22
N GLU GB 105 -31.64 19.97 128.05
CA GLU GB 105 -32.38 19.39 126.95
C GLU GB 105 -31.83 18.02 126.60
N ARG GB 106 -30.51 17.91 126.54
CA ARG GB 106 -29.91 16.66 126.10
C ARG GB 106 -30.29 15.53 127.05
N ALA GB 107 -30.09 15.75 128.35
CA ALA GB 107 -30.47 14.73 129.32
C ALA GB 107 -31.96 14.45 129.26
N PHE GB 108 -32.76 15.48 129.01
CA PHE GB 108 -34.20 15.31 128.99
C PHE GB 108 -34.62 14.38 127.88
N VAL GB 109 -34.19 14.67 126.66
CA VAL GB 109 -34.53 13.79 125.55
C VAL GB 109 -33.94 12.40 125.79
N ARG GB 110 -32.76 12.35 126.41
CA ARG GB 110 -32.17 11.06 126.74
C ARG GB 110 -33.12 10.22 127.57
N THR GB 111 -33.45 10.70 128.76
CA THR GB 111 -34.34 9.95 129.62
C THR GB 111 -35.66 9.69 128.93
N GLU GB 112 -36.11 10.60 128.07
CA GLU GB 112 -37.42 10.40 127.47
C GLU GB 112 -37.37 9.21 126.53
N LEU GB 113 -36.33 9.13 125.72
CA LEU GB 113 -36.17 7.98 124.86
C LEU GB 113 -36.07 6.72 125.69
N ALA GB 114 -35.35 6.78 126.80
CA ALA GB 114 -35.21 5.60 127.65
C ALA GB 114 -36.57 5.13 128.15
N ALA GB 115 -37.36 6.06 128.66
CA ALA GB 115 -38.62 5.66 129.27
C ALA GB 115 -39.64 5.30 128.22
N LEU GB 116 -39.53 5.83 126.99
CA LEU GB 116 -40.33 5.28 125.91
C LEU GB 116 -39.95 3.84 125.62
N LEU GB 117 -38.64 3.55 125.56
CA LEU GB 117 -38.24 2.16 125.44
C LEU GB 117 -38.85 1.33 126.54
N ALA GB 118 -38.99 1.91 127.73
CA ALA GB 118 -39.54 1.19 128.87
C ALA GB 118 -41.06 1.12 128.84
N SER GB 119 -41.73 1.92 128.03
CA SER GB 119 -43.18 1.99 128.09
C SER GB 119 -43.84 0.87 127.30
N PRO GB 120 -45.08 0.53 127.61
CA PRO GB 120 -45.73 -0.60 126.93
C PRO GB 120 -45.72 -0.47 125.42
N LEU GB 121 -45.87 0.75 124.91
CA LEU GB 121 -46.02 0.93 123.47
C LEU GB 121 -44.82 0.36 122.74
N LEU GB 122 -43.64 0.79 123.12
CA LEU GB 122 -42.47 0.36 122.37
C LEU GB 122 -42.18 -1.11 122.59
N ILE GB 123 -42.42 -1.63 123.79
CA ILE GB 123 -42.17 -3.05 124.00
C ILE GB 123 -43.07 -3.86 123.10
N ASP GB 124 -44.32 -3.43 122.96
CA ASP GB 124 -45.24 -4.10 122.06
C ASP GB 124 -44.79 -3.97 120.61
N ALA GB 125 -44.36 -2.77 120.23
CA ALA GB 125 -43.97 -2.51 118.86
C ALA GB 125 -42.67 -3.20 118.49
N ILE GB 126 -41.88 -3.62 119.48
CA ILE GB 126 -40.59 -4.22 119.21
C ILE GB 126 -40.67 -5.72 119.41
N ASP GB 127 -40.85 -6.14 120.65
CA ASP GB 127 -40.75 -7.55 120.97
C ASP GB 127 -41.69 -8.36 120.09
N GLN GB 128 -42.83 -7.77 119.76
CA GLN GB 128 -43.85 -8.42 118.96
C GLN GB 128 -43.96 -7.83 117.57
N LEU GB 129 -43.26 -6.72 117.32
CA LEU GB 129 -43.37 -6.03 116.04
C LEU GB 129 -44.82 -5.71 115.74
N ASN GB 130 -45.56 -5.29 116.76
CA ASN GB 130 -46.97 -5.02 116.61
C ASN GB 130 -47.14 -3.53 116.33
N PRO GB 131 -47.54 -3.13 115.14
CA PRO GB 131 -47.79 -1.71 114.91
C PRO GB 131 -48.85 -1.23 115.88
N ALA GB 132 -48.93 0.09 116.02
CA ALA GB 132 -49.81 0.68 117.03
C ALA GB 132 -51.15 1.02 116.40
N TYR GB 133 -52.12 0.12 116.53
CA TYR GB 133 -53.55 0.41 116.34
C TYR GB 133 -54.36 -0.14 117.49
N ALA HB 2 2.28 14.32 129.81
CA ALA HB 2 1.37 15.36 129.27
C ALA HB 2 -0.09 15.02 129.57
N LYS HB 3 -0.30 14.27 130.64
CA LYS HB 3 -1.64 13.81 131.00
C LYS HB 3 -2.62 14.98 130.94
N LEU HB 4 -3.84 14.70 130.51
CA LEU HB 4 -4.88 15.72 130.62
C LEU HB 4 -5.30 15.88 132.07
N GLU HB 5 -5.45 17.12 132.49
CA GLU HB 5 -5.90 17.41 133.84
C GLU HB 5 -6.47 18.82 133.84
N THR HB 6 -7.26 19.12 134.87
CA THR HB 6 -7.89 20.43 134.95
C THR HB 6 -6.84 21.51 135.09
N VAL HB 7 -6.73 22.38 134.11
CA VAL HB 7 -5.75 23.45 134.13
C VAL HB 7 -6.36 24.64 134.84
N THR HB 8 -5.63 25.18 135.79
CA THR HB 8 -6.06 26.31 136.60
C THR HB 8 -5.18 27.50 136.23
N LEU HB 9 -5.68 28.31 135.31
CA LEU HB 9 -4.98 29.47 134.81
C LEU HB 9 -5.15 30.60 135.81
N GLY HB 10 -4.05 31.07 136.37
CA GLY HB 10 -4.13 32.03 137.46
C GLY HB 10 -4.40 33.45 137.02
N ASN HB 11 -3.64 34.40 137.56
CA ASN HB 11 -3.82 35.80 137.22
C ASN HB 11 -3.87 35.97 135.71
N ILE HB 12 -4.87 36.70 135.24
CA ILE HB 12 -5.17 36.77 133.82
C ILE HB 12 -5.96 38.06 133.59
N GLY HB 13 -5.77 38.67 132.42
CA GLY HB 13 -6.51 39.87 132.06
C GLY HB 13 -5.67 41.12 132.24
N LYS HB 14 -6.35 42.28 132.14
CA LYS HB 14 -5.62 43.55 132.16
C LYS HB 14 -5.01 43.76 133.54
N ASP HB 15 -5.87 43.86 134.55
CA ASP HB 15 -5.43 43.97 135.93
C ASP HB 15 -4.76 42.69 136.42
N GLY HB 16 -4.94 41.59 135.71
CA GLY HB 16 -4.41 40.33 136.15
C GLY HB 16 -5.02 39.89 137.46
N LYS HB 17 -6.34 39.86 137.54
CA LYS HB 17 -7.02 39.35 138.72
C LYS HB 17 -8.02 38.23 138.43
N GLN HB 18 -8.33 37.94 137.18
CA GLN HB 18 -9.26 36.87 136.90
C GLN HB 18 -8.51 35.53 136.90
N THR HB 19 -9.27 34.44 136.90
CA THR HB 19 -8.70 33.12 136.74
C THR HB 19 -9.63 32.27 135.88
N LEU HB 20 -9.04 31.27 135.22
CA LEU HB 20 -9.79 30.37 134.36
C LEU HB 20 -9.57 28.94 134.80
N VAL HB 21 -10.59 28.11 134.60
CA VAL HB 21 -10.55 26.71 134.97
C VAL HB 21 -10.99 25.92 133.74
N LEU HB 22 -10.05 25.26 133.08
CA LEU HB 22 -10.37 24.43 131.93
C LEU HB 22 -10.35 22.97 132.34
N ASN HB 23 -11.48 22.31 132.18
CA ASN HB 23 -11.55 20.88 132.51
C ASN HB 23 -11.21 20.05 131.29
N PRO HB 24 -10.71 18.83 131.51
CA PRO HB 24 -10.27 17.98 130.40
C PRO HB 24 -11.45 17.34 129.69
N ARG HB 25 -11.64 17.71 128.42
CA ARG HB 25 -12.76 17.15 127.67
C ARG HB 25 -12.38 15.80 127.08
N GLY HB 26 -11.42 15.79 126.18
CA GLY HB 26 -11.08 14.55 125.50
C GLY HB 26 -9.98 14.75 124.49
N VAL HB 27 -9.88 13.81 123.56
CA VAL HB 27 -8.82 13.81 122.57
C VAL HB 27 -9.39 13.27 121.26
N ASN HB 28 -9.61 14.16 120.30
CA ASN HB 28 -10.02 13.72 118.99
C ASN HB 28 -8.89 12.92 118.35
N PRO HB 29 -9.09 11.66 118.02
CA PRO HB 29 -8.02 10.88 117.41
C PRO HB 29 -7.89 11.13 115.93
N THR HB 30 -8.99 11.50 115.29
CA THR HB 30 -8.94 11.78 113.85
C THR HB 30 -7.78 12.70 113.52
N ASN HB 31 -7.41 13.55 114.47
CA ASN HB 31 -6.33 14.51 114.28
C ASN HB 31 -5.32 14.48 115.41
N GLY HB 32 -5.54 13.66 116.44
CA GLY HB 32 -4.65 13.66 117.58
C GLY HB 32 -4.61 15.02 118.23
N VAL HB 33 -5.77 15.47 118.70
CA VAL HB 33 -5.90 16.81 119.27
C VAL HB 33 -6.59 16.72 120.61
N ALA HB 34 -5.91 17.10 121.68
CA ALA HB 34 -6.51 17.12 123.00
C ALA HB 34 -7.20 18.45 123.24
N SER HB 35 -8.35 18.39 123.90
CA SER HB 35 -9.26 19.53 124.02
C SER HB 35 -9.53 19.86 125.47
N LEU HB 36 -9.56 21.15 125.76
CA LEU HB 36 -9.97 21.68 127.04
C LEU HB 36 -11.10 22.68 126.81
N SER HB 37 -12.02 22.74 127.75
CA SER HB 37 -13.09 23.74 127.70
C SER HB 37 -13.39 24.22 129.10
N GLN HB 38 -13.81 25.48 129.18
CA GLN HB 38 -14.24 26.01 130.46
C GLN HB 38 -15.51 25.30 130.90
N ALA HB 39 -15.68 25.19 132.21
CA ALA HB 39 -16.90 24.59 132.73
C ALA HB 39 -18.10 25.40 132.29
N GLY HB 40 -19.12 24.72 131.78
CA GLY HB 40 -20.34 25.38 131.35
C GLY HB 40 -21.39 24.39 130.92
N ALA HB 41 -22.37 24.85 130.15
CA ALA HB 41 -23.39 23.96 129.62
C ALA HB 41 -23.54 24.12 128.11
N VAL HB 42 -23.54 25.36 127.64
CA VAL HB 42 -23.78 25.62 126.22
C VAL HB 42 -22.42 25.59 125.55
N PRO HB 43 -22.12 24.59 124.73
CA PRO HB 43 -20.78 24.55 124.14
C PRO HB 43 -20.47 25.77 123.31
N ALA HB 44 -21.49 26.40 122.73
CA ALA HB 44 -21.30 27.60 121.93
C ALA HB 44 -20.87 28.80 122.76
N LEU HB 45 -20.85 28.68 124.08
CA LEU HB 45 -20.55 29.77 124.99
C LEU HB 45 -19.50 29.34 126.00
N GLU HB 46 -18.45 28.69 125.52
CA GLU HB 46 -17.39 28.25 126.41
C GLU HB 46 -16.04 28.53 125.78
N LYS HB 47 -15.07 28.89 126.61
CA LYS HB 47 -13.72 29.12 126.15
C LYS HB 47 -13.04 27.77 125.93
N ARG HB 48 -12.54 27.56 124.73
CA ARG HB 48 -11.96 26.28 124.34
C ARG HB 48 -10.47 26.45 124.06
N VAL HB 49 -9.75 25.35 124.19
CA VAL HB 49 -8.33 25.31 123.88
C VAL HB 49 -8.01 23.94 123.33
N THR HB 50 -7.10 23.88 122.37
CA THR HB 50 -6.74 22.59 121.81
C THR HB 50 -5.24 22.53 121.59
N VAL HB 51 -4.68 21.35 121.89
CA VAL HB 51 -3.24 21.09 121.85
C VAL HB 51 -3.01 19.91 120.94
N SER HB 52 -2.05 20.04 120.02
CA SER HB 52 -1.79 19.01 119.05
C SER HB 52 -0.29 18.87 118.84
N VAL HB 53 0.15 17.63 118.62
CA VAL HB 53 1.56 17.29 118.49
C VAL HB 53 1.68 16.39 117.26
N SER HB 54 2.01 16.98 116.11
CA SER HB 54 2.15 16.23 114.89
C SER HB 54 3.59 15.75 114.73
N GLN HB 55 3.74 14.46 114.52
CA GLN HB 55 5.03 13.79 114.44
C GLN HB 55 5.56 13.86 113.01
N PRO HB 56 6.85 13.61 112.83
CA PRO HB 56 7.47 13.79 111.51
C PRO HB 56 7.07 12.65 110.61
N SER HB 57 6.28 12.94 109.60
CA SER HB 57 5.83 11.93 108.67
C SER HB 57 6.93 11.64 107.66
N ARG HB 58 6.68 10.72 106.73
CA ARG HB 58 7.56 10.56 105.58
C ARG HB 58 7.54 11.76 104.67
N ASN HB 59 6.71 12.77 104.97
CA ASN HB 59 6.52 13.94 104.14
C ASN HB 59 6.82 15.24 104.88
N ARG HB 60 7.10 15.17 106.18
CA ARG HB 60 7.19 16.35 107.03
C ARG HB 60 8.55 16.49 107.71
N LYS HB 61 9.05 15.42 108.33
CA LYS HB 61 10.36 15.43 108.98
C LYS HB 61 10.56 16.70 109.80
N ASN HB 62 9.51 17.12 110.50
CA ASN HB 62 9.57 18.34 111.29
C ASN HB 62 8.48 18.29 112.33
N TYR HB 63 8.88 18.26 113.60
CA TYR HB 63 7.91 18.11 114.67
C TYR HB 63 7.09 19.40 114.71
N LYS HB 64 5.78 19.28 114.83
CA LYS HB 64 4.92 20.45 114.90
C LYS HB 64 4.07 20.37 116.15
N VAL HB 65 3.90 21.51 116.82
CA VAL HB 65 3.00 21.58 117.96
C VAL HB 65 2.10 22.79 117.79
N GLN HB 66 0.81 22.54 117.74
CA GLN HB 66 -0.17 23.58 117.48
C GLN HB 66 -1.02 23.75 118.72
N VAL HB 67 -1.22 25.00 119.13
CA VAL HB 67 -2.03 25.35 120.28
C VAL HB 67 -2.96 26.46 119.87
N LYS HB 68 -4.26 26.18 119.87
CA LYS HB 68 -5.22 27.21 119.51
C LYS HB 68 -6.19 27.46 120.65
N ILE HB 69 -6.64 28.70 120.75
CA ILE HB 69 -7.55 29.14 121.80
C ILE HB 69 -8.75 29.83 121.17
N GLN HB 70 -9.93 29.49 121.67
CA GLN HB 70 -11.22 29.99 121.25
C GLN HB 70 -11.89 30.70 122.41
N ASN HB 71 -12.22 31.97 122.23
CA ASN HB 71 -12.94 32.73 123.25
C ASN HB 71 -14.20 33.32 122.64
N PRO HB 72 -15.38 32.77 122.91
CA PRO HB 72 -16.60 33.34 122.37
C PRO HB 72 -17.18 34.40 123.30
N THR HB 73 -18.04 35.23 122.74
CA THR HB 73 -18.66 36.31 123.47
C THR HB 73 -20.13 36.02 123.75
N ALA HB 74 -20.57 36.42 124.94
CA ALA HB 74 -21.93 36.13 125.39
C ALA HB 74 -22.97 36.92 124.59
N CYS HB 75 -22.94 38.24 124.71
CA CYS HB 75 -23.95 39.11 124.10
C CYS HB 75 -25.36 38.64 124.46
N THR HB 76 -25.55 38.37 125.75
CA THR HB 76 -26.84 37.92 126.23
C THR HB 76 -27.90 39.00 126.05
N ALA HB 77 -29.02 38.62 125.43
CA ALA HB 77 -30.11 39.53 125.11
C ALA HB 77 -31.08 39.63 126.28
N ASN HB 78 -31.83 40.72 126.32
CA ASN HB 78 -32.80 40.97 127.37
C ASN HB 78 -34.03 40.08 127.16
N GLY HB 79 -33.80 38.78 127.32
CA GLY HB 79 -34.84 37.78 127.28
C GLY HB 79 -34.84 37.00 125.97
N SER HB 80 -35.97 36.35 125.69
CA SER HB 80 -36.35 35.88 124.37
C SER HB 80 -35.57 34.68 123.87
N CYS HB 81 -34.45 34.36 124.50
CA CYS HB 81 -33.76 33.07 124.31
C CYS HB 81 -32.46 33.15 125.11
N ASP HB 82 -31.72 32.04 125.14
CA ASP HB 82 -30.42 32.07 125.76
C ASP HB 82 -29.43 32.81 124.85
N PRO HB 83 -28.30 33.23 125.41
CA PRO HB 83 -27.41 34.13 124.67
C PRO HB 83 -26.92 33.51 123.37
N SER HB 84 -26.31 34.37 122.54
CA SER HB 84 -25.86 34.00 121.21
C SER HB 84 -24.47 34.55 120.95
N VAL HB 85 -23.71 33.82 120.15
CA VAL HB 85 -22.33 34.20 119.88
C VAL HB 85 -22.32 35.36 118.90
N THR HB 86 -21.62 36.42 119.26
CA THR HB 86 -21.48 37.60 118.41
C THR HB 86 -20.04 37.90 118.03
N ARG HB 87 -19.09 37.68 118.93
CA ARG HB 87 -17.69 37.93 118.68
C ARG HB 87 -16.90 36.72 119.13
N GLN HB 88 -15.78 36.47 118.48
CA GLN HB 88 -15.01 35.26 118.76
C GLN HB 88 -13.53 35.55 118.57
N ALA HB 89 -12.78 35.49 119.66
CA ALA HB 89 -11.35 35.73 119.65
C ALA HB 89 -10.62 34.41 119.39
N TYR HB 90 -9.69 34.44 118.44
CA TYR HB 90 -8.93 33.26 118.06
C TYR HB 90 -7.46 33.52 118.31
N ALA HB 91 -6.78 32.51 118.84
CA ALA HB 91 -5.33 32.55 118.95
C ALA HB 91 -4.79 31.23 118.42
N ASP HB 92 -3.64 31.29 117.75
CA ASP HB 92 -3.06 30.09 117.16
C ASP HB 92 -1.54 30.20 117.21
N VAL HB 93 -0.92 29.38 118.03
CA VAL HB 93 0.53 29.28 118.13
C VAL HB 93 0.96 27.98 117.49
N THR HB 94 2.12 27.99 116.85
CA THR HB 94 2.59 26.79 116.15
C THR HB 94 4.11 26.73 116.28
N PHE HB 95 4.58 25.86 117.15
CA PHE HB 95 6.00 25.60 117.28
C PHE HB 95 6.44 24.59 116.24
N SER HB 96 7.58 24.86 115.63
CA SER HB 96 8.16 24.02 114.60
C SER HB 96 9.57 23.68 115.01
N PHE HB 97 9.91 22.39 115.02
CA PHE HB 97 11.21 21.94 115.47
C PHE HB 97 11.76 20.91 114.51
N THR HB 98 13.06 20.86 114.40
CA THR HB 98 13.67 19.84 113.58
C THR HB 98 13.78 18.55 114.36
N GLN HB 99 13.96 17.48 113.63
CA GLN HB 99 13.97 16.17 114.26
C GLN HB 99 15.14 16.08 115.24
N TYR HB 100 16.20 16.82 114.96
CA TYR HB 100 17.40 16.81 115.78
C TYR HB 100 17.39 17.94 116.79
N SER HB 101 16.23 18.56 116.98
CA SER HB 101 16.08 19.68 117.89
C SER HB 101 16.50 19.26 119.29
N THR HB 102 16.59 20.24 120.19
CA THR HB 102 16.94 19.98 121.57
C THR HB 102 15.89 20.58 122.50
N ASP HB 103 15.56 19.81 123.54
CA ASP HB 103 14.59 20.26 124.52
C ASP HB 103 14.96 21.61 125.10
N GLU HB 104 16.26 21.86 125.29
CA GLU HB 104 16.64 23.16 125.83
C GLU HB 104 16.23 24.28 124.89
N GLU HB 105 16.57 24.13 123.60
CA GLU HB 105 16.10 25.11 122.63
C GLU HB 105 14.59 25.27 122.69
N ARG HB 106 13.87 24.16 122.79
CA ARG HB 106 12.43 24.26 122.73
C ARG HB 106 11.90 25.04 123.92
N ALA HB 107 12.40 24.75 125.11
CA ALA HB 107 12.02 25.50 126.29
C ALA HB 107 12.40 26.96 126.14
N PHE HB 108 13.57 27.22 125.55
CA PHE HB 108 14.00 28.57 125.34
C PHE HB 108 12.99 29.32 124.50
N VAL HB 109 12.57 28.71 123.40
CA VAL HB 109 11.58 29.34 122.52
C VAL HB 109 10.29 29.59 123.27
N ARG HB 110 9.82 28.59 124.00
CA ARG HB 110 8.55 28.74 124.69
C ARG HB 110 8.61 29.90 125.67
N THR HB 111 9.61 29.91 126.53
CA THR HB 111 9.71 30.94 127.54
C THR HB 111 9.91 32.31 126.90
N GLU HB 112 10.66 32.37 125.81
CA GLU HB 112 10.84 33.64 125.12
C GLU HB 112 9.51 34.16 124.59
N LEU HB 113 8.71 33.28 124.00
CA LEU HB 113 7.40 33.70 123.52
C LEU HB 113 6.54 34.19 124.67
N ALA HB 114 6.58 33.48 125.79
CA ALA HB 114 5.80 33.90 126.94
C ALA HB 114 6.21 35.29 127.38
N ALA HB 115 7.51 35.51 127.50
CA ALA HB 115 7.99 36.78 128.00
C ALA HB 115 7.69 37.91 127.03
N LEU HB 116 7.80 37.65 125.74
CA LEU HB 116 7.51 38.72 124.79
C LEU HB 116 6.00 38.98 124.72
N LEU HB 117 5.20 37.96 124.99
CA LEU HB 117 3.79 38.15 125.18
C LEU HB 117 3.48 39.01 126.40
N ALA HB 118 4.34 38.95 127.42
CA ALA HB 118 4.21 39.83 128.58
C ALA HB 118 4.82 41.20 128.38
N SER HB 119 5.71 41.36 127.43
CA SER HB 119 6.48 42.57 127.30
C SER HB 119 5.62 43.74 126.83
N PRO HB 120 6.07 44.97 127.07
CA PRO HB 120 5.26 46.13 126.69
C PRO HB 120 4.93 46.15 125.21
N LEU HB 121 5.85 45.71 124.36
CA LEU HB 121 5.61 45.83 122.93
C LEU HB 121 4.28 45.20 122.57
N LEU HB 122 4.15 43.90 122.83
CA LEU HB 122 2.91 43.25 122.50
C LEU HB 122 1.75 43.78 123.30
N ILE HB 123 2.01 44.34 124.49
CA ILE HB 123 0.91 44.99 125.21
C ILE HB 123 0.16 45.91 124.29
N ASP HB 124 0.86 46.91 123.77
CA ASP HB 124 0.23 47.86 122.89
C ASP HB 124 -0.18 47.22 121.58
N ALA HB 125 0.63 46.30 121.05
CA ALA HB 125 0.34 45.71 119.76
C ALA HB 125 -0.99 44.96 119.78
N ILE HB 126 -1.34 44.36 120.91
CA ILE HB 126 -2.50 43.49 121.02
C ILE HB 126 -3.65 44.29 121.59
N ASP HB 127 -3.49 44.73 122.84
CA ASP HB 127 -4.59 45.38 123.54
C ASP HB 127 -5.08 46.57 122.76
N GLN HB 128 -4.16 47.44 122.34
CA GLN HB 128 -4.56 48.67 121.69
C GLN HB 128 -4.46 48.60 120.19
N LEU HB 129 -3.97 47.50 119.63
CA LEU HB 129 -3.95 47.29 118.18
C LEU HB 129 -3.08 48.32 117.48
N ASN HB 130 -2.10 48.88 118.18
CA ASN HB 130 -1.28 49.92 117.58
C ASN HB 130 -0.14 49.29 116.80
N PRO HB 131 0.05 49.63 115.53
CA PRO HB 131 1.13 49.02 114.76
C PRO HB 131 2.46 49.25 115.44
N ALA HB 132 3.31 48.23 115.37
CA ALA HB 132 4.64 48.36 115.95
C ALA HB 132 5.31 49.59 115.37
N TYR HB 133 5.45 50.63 116.17
CA TYR HB 133 6.09 51.85 115.70
C TYR HB 133 6.42 52.80 116.84
N ALA IB 2 -6.86 -0.53 125.29
CA ALA IB 2 -5.66 -0.17 126.09
C ALA IB 2 -5.42 1.33 126.01
N LYS IB 3 -5.79 2.04 127.07
CA LYS IB 3 -5.51 3.47 127.12
C LYS IB 3 -4.01 3.69 127.26
N LEU IB 4 -3.48 4.58 126.43
CA LEU IB 4 -2.06 4.86 126.43
C LEU IB 4 -1.69 5.53 127.75
N GLU IB 5 -0.64 5.04 128.40
CA GLU IB 5 -0.16 5.68 129.61
C GLU IB 5 1.33 5.40 129.72
N THR IB 6 2.01 6.24 130.49
CA THR IB 6 3.44 6.06 130.69
C THR IB 6 3.75 4.65 131.15
N VAL IB 7 4.45 3.90 130.31
CA VAL IB 7 4.84 2.54 130.64
C VAL IB 7 6.18 2.60 131.38
N THR IB 8 6.23 1.98 132.54
CA THR IB 8 7.40 1.97 133.41
C THR IB 8 7.97 0.56 133.33
N LEU IB 9 9.18 0.43 132.81
CA LEU IB 9 9.70 -0.86 132.43
C LEU IB 9 10.95 -1.11 133.25
N GLY IB 10 10.88 -2.04 134.19
CA GLY IB 10 11.95 -2.26 135.14
C GLY IB 10 12.66 -3.59 134.95
N ASN IB 11 13.85 -3.66 135.54
CA ASN IB 11 14.65 -4.87 135.53
C ASN IB 11 14.94 -5.34 134.11
N ILE IB 12 15.69 -4.50 133.41
CA ILE IB 12 16.05 -4.75 132.02
C ILE IB 12 17.56 -4.64 131.89
N GLY IB 13 18.09 -5.23 130.83
CA GLY IB 13 19.51 -5.25 130.57
C GLY IB 13 20.12 -6.62 130.83
N LYS IB 14 21.45 -6.64 130.88
CA LYS IB 14 22.16 -7.91 131.02
C LYS IB 14 21.86 -8.50 132.37
N ASP IB 15 22.12 -7.69 133.39
CA ASP IB 15 21.88 -8.02 134.78
C ASP IB 15 20.53 -7.53 135.25
N GLY IB 16 19.70 -7.00 134.35
CA GLY IB 16 18.37 -6.59 134.72
C GLY IB 16 18.36 -5.55 135.81
N LYS IB 17 18.90 -4.37 135.51
CA LYS IB 17 18.96 -3.29 136.48
C LYS IB 17 18.53 -1.95 135.92
N GLN IB 18 18.44 -1.78 134.61
CA GLN IB 18 18.07 -0.50 134.06
C GLN IB 18 16.55 -0.35 134.05
N THR IB 19 16.11 0.87 133.72
CA THR IB 19 14.70 1.20 133.69
C THR IB 19 14.40 2.11 132.51
N LEU IB 20 13.24 1.89 131.90
CA LEU IB 20 12.81 2.67 130.74
C LEU IB 20 11.43 3.25 131.00
N VAL IB 21 11.29 4.54 130.78
CA VAL IB 21 10.01 5.21 130.94
C VAL IB 21 9.56 5.65 129.55
N LEU IB 22 8.50 5.03 129.06
CA LEU IB 22 7.97 5.30 127.73
C LEU IB 22 6.74 6.17 127.86
N ASN IB 23 6.76 7.31 127.22
CA ASN IB 23 5.58 8.17 127.31
C ASN IB 23 4.77 8.12 126.02
N PRO IB 24 3.48 8.39 126.12
CA PRO IB 24 2.61 8.28 124.95
C PRO IB 24 2.97 9.31 123.89
N ARG IB 25 2.81 8.92 122.63
CA ARG IB 25 2.99 9.82 121.50
C ARG IB 25 1.78 9.83 120.58
N GLY IB 26 0.61 9.44 121.08
CA GLY IB 26 -0.60 9.48 120.28
C GLY IB 26 -0.75 8.27 119.38
N VAL IB 27 -1.61 8.43 118.39
CA VAL IB 27 -1.88 7.40 117.40
C VAL IB 27 -1.97 8.03 116.04
N ASN IB 28 -1.38 7.39 115.05
CA ASN IB 28 -1.49 7.86 113.68
C ASN IB 28 -2.93 7.77 113.22
N PRO IB 29 -3.55 8.87 112.79
CA PRO IB 29 -4.90 8.77 112.23
C PRO IB 29 -4.97 7.93 110.96
N THR IB 30 -3.88 7.74 110.24
CA THR IB 30 -3.92 6.99 109.00
C THR IB 30 -3.68 5.50 109.25
N ASN IB 31 -2.51 5.18 109.78
CA ASN IB 31 -2.15 3.79 110.03
C ASN IB 31 -2.86 3.23 111.25
N GLY IB 32 -3.42 4.09 112.09
CA GLY IB 32 -4.08 3.63 113.29
C GLY IB 32 -3.14 2.85 114.18
N VAL IB 33 -1.99 3.42 114.49
CA VAL IB 33 -0.96 2.76 115.26
C VAL IB 33 -0.50 3.68 116.38
N ALA IB 34 -0.47 3.18 117.61
CA ALA IB 34 -0.01 3.96 118.73
C ALA IB 34 1.49 3.83 118.90
N SER IB 35 2.09 4.86 119.47
CA SER IB 35 3.54 4.91 119.64
C SER IB 35 3.88 5.52 120.98
N LEU IB 36 4.95 5.01 121.58
CA LEU IB 36 5.49 5.53 122.82
C LEU IB 36 6.98 5.80 122.66
N SER IB 37 7.47 6.74 123.46
CA SER IB 37 8.83 7.23 123.32
C SER IB 37 9.43 7.45 124.69
N GLN IB 38 10.71 7.14 124.80
CA GLN IB 38 11.45 7.44 126.02
C GLN IB 38 11.67 8.93 126.13
N ALA IB 39 11.65 9.44 127.35
CA ALA IB 39 11.90 10.84 127.58
C ALA IB 39 13.38 11.14 127.40
N GLY IB 40 13.68 12.21 126.65
CA GLY IB 40 15.06 12.59 126.42
C GLY IB 40 15.16 13.98 125.84
N ALA IB 41 16.40 14.37 125.54
CA ALA IB 41 16.69 15.68 125.01
C ALA IB 41 16.49 15.74 123.50
N VAL IB 42 17.07 14.77 122.79
CA VAL IB 42 17.09 14.78 121.33
C VAL IB 42 16.04 13.78 120.85
N PRO IB 43 14.97 14.21 120.20
CA PRO IB 43 13.97 13.25 119.75
C PRO IB 43 14.53 12.17 118.86
N ALA IB 44 15.56 12.49 118.08
CA ALA IB 44 16.15 11.48 117.21
C ALA IB 44 16.80 10.36 117.98
N LEU IB 45 17.18 10.60 119.23
CA LEU IB 45 17.91 9.62 120.01
C LEU IB 45 17.06 9.02 121.12
N GLU IB 46 15.75 8.96 120.93
CA GLU IB 46 14.89 8.43 121.97
C GLU IB 46 14.31 7.09 121.55
N LYS IB 47 14.15 6.20 122.52
CA LYS IB 47 13.72 4.84 122.24
C LYS IB 47 12.25 4.83 121.92
N ARG IB 48 11.89 4.27 120.77
CA ARG IB 48 10.51 4.26 120.32
C ARG IB 48 9.94 2.84 120.40
N VAL IB 49 8.62 2.78 120.58
CA VAL IB 49 7.91 1.52 120.68
C VAL IB 49 6.55 1.65 120.02
N THR IB 50 6.28 0.83 119.03
CA THR IB 50 5.03 0.91 118.28
C THR IB 50 4.11 -0.23 118.66
N VAL IB 51 2.81 0.03 118.53
CA VAL IB 51 1.77 -0.96 118.83
C VAL IB 51 0.60 -0.72 117.89
N SER IB 52 0.21 -1.75 117.14
CA SER IB 52 -0.91 -1.66 116.24
C SER IB 52 -1.79 -2.87 116.41
N VAL IB 53 -3.10 -2.67 116.29
CA VAL IB 53 -4.08 -3.74 116.40
C VAL IB 53 -4.98 -3.72 115.18
N SER IB 54 -4.59 -4.43 114.13
CA SER IB 54 -5.36 -4.43 112.91
C SER IB 54 -6.70 -5.10 113.13
N GLN IB 55 -7.75 -4.51 112.58
CA GLN IB 55 -9.07 -5.10 112.64
C GLN IB 55 -9.22 -6.14 111.54
N PRO IB 56 -10.23 -7.01 111.66
CA PRO IB 56 -10.31 -8.17 110.77
C PRO IB 56 -10.39 -7.76 109.31
N SER IB 57 -9.62 -8.44 108.46
CA SER IB 57 -9.75 -8.28 107.02
C SER IB 57 -11.00 -9.04 106.60
N ARG IB 58 -11.27 -9.15 105.31
CA ARG IB 58 -12.48 -9.80 104.85
C ARG IB 58 -12.21 -11.24 104.43
N ASN IB 59 -13.17 -12.12 104.73
CA ASN IB 59 -13.22 -13.50 104.22
C ASN IB 59 -12.15 -14.41 104.82
N ARG IB 60 -11.18 -13.85 105.54
CA ARG IB 60 -10.27 -14.63 106.35
C ARG IB 60 -10.24 -14.10 107.78
N LYS IB 61 -10.39 -12.78 107.92
CA LYS IB 61 -10.65 -12.06 109.15
C LYS IB 61 -9.44 -11.98 110.07
N ASN IB 62 -8.53 -12.94 110.02
CA ASN IB 62 -7.12 -12.73 110.34
C ASN IB 62 -6.78 -11.65 111.37
N TYR IB 63 -7.23 -11.72 112.62
CA TYR IB 63 -6.82 -10.72 113.61
C TYR IB 63 -5.30 -10.61 113.63
N LYS IB 64 -4.79 -9.40 113.60
CA LYS IB 64 -3.35 -9.17 113.53
C LYS IB 64 -2.95 -8.06 114.49
N VAL IB 65 -1.83 -8.26 115.17
CA VAL IB 65 -1.28 -7.24 116.08
C VAL IB 65 0.22 -7.16 115.87
N GLN IB 66 0.74 -5.93 115.85
CA GLN IB 66 2.15 -5.70 115.59
C GLN IB 66 2.73 -4.86 116.71
N VAL IB 67 4.01 -5.08 117.00
CA VAL IB 67 4.73 -4.28 117.98
C VAL IB 67 6.15 -4.08 117.47
N LYS IB 68 6.54 -2.83 117.28
CA LYS IB 68 7.84 -2.49 116.71
C LYS IB 68 8.61 -1.72 117.77
N ILE IB 69 9.76 -2.26 118.18
CA ILE IB 69 10.67 -1.56 119.08
C ILE IB 69 11.86 -1.07 118.27
N GLN IB 70 12.15 0.22 118.40
CA GLN IB 70 13.25 0.87 117.71
C GLN IB 70 14.20 1.45 118.74
N ASN IB 71 15.48 1.13 118.61
CA ASN IB 71 16.49 1.56 119.57
C ASN IB 71 17.65 2.20 118.83
N PRO IB 72 17.74 3.53 118.76
CA PRO IB 72 18.85 4.15 118.05
C PRO IB 72 20.02 4.45 118.96
N THR IB 73 21.16 4.73 118.33
CA THR IB 73 22.37 5.12 119.05
C THR IB 73 23.27 5.90 118.10
N ALA IB 74 23.73 7.06 118.53
CA ALA IB 74 24.50 7.95 117.70
C ALA IB 74 25.93 8.06 118.20
N CYS IB 75 26.73 8.87 117.51
CA CYS IB 75 28.12 9.09 117.89
C CYS IB 75 28.54 10.44 117.32
N THR IB 76 28.77 11.40 118.20
CA THR IB 76 29.17 12.73 117.77
C THR IB 76 30.53 12.68 117.09
N ALA IB 77 30.55 12.91 115.78
CA ALA IB 77 31.81 12.96 115.05
C ALA IB 77 32.54 14.27 115.36
N ASN IB 78 33.87 14.24 115.17
CA ASN IB 78 34.65 15.45 115.42
C ASN IB 78 34.22 16.55 114.45
N GLY IB 79 34.01 17.75 114.99
CA GLY IB 79 33.57 18.86 114.19
C GLY IB 79 32.10 18.82 113.82
N SER IB 80 31.42 17.72 114.09
CA SER IB 80 29.99 17.60 113.89
C SER IB 80 29.30 18.02 115.17
N CYS IB 81 28.49 19.08 115.08
CA CYS IB 81 27.75 19.59 116.22
C CYS IB 81 26.40 18.87 116.37
N ASP IB 82 26.31 17.65 115.89
CA ASP IB 82 25.01 17.00 115.78
C ASP IB 82 25.15 15.49 115.97
N PRO IB 83 24.58 14.92 117.02
CA PRO IB 83 24.73 13.47 117.23
C PRO IB 83 23.91 12.64 116.26
N SER IB 84 24.42 12.48 115.03
CA SER IB 84 23.70 11.73 114.02
C SER IB 84 23.61 10.26 114.41
N VAL IB 85 22.43 9.67 114.19
CA VAL IB 85 22.24 8.26 114.48
C VAL IB 85 23.13 7.44 113.58
N THR IB 86 23.96 6.59 114.19
CA THR IB 86 24.88 5.74 113.45
C THR IB 86 24.59 4.26 113.62
N ARG IB 87 23.65 3.90 114.49
CA ARG IB 87 23.31 2.51 114.70
C ARG IB 87 21.85 2.44 115.14
N GLN IB 88 21.17 1.37 114.74
CA GLN IB 88 19.81 1.15 115.24
C GLN IB 88 19.56 -0.34 115.39
N ALA IB 89 18.73 -0.69 116.36
CA ALA IB 89 18.25 -2.04 116.53
C ALA IB 89 16.73 -2.05 116.42
N TYR IB 90 16.20 -2.99 115.65
CA TYR IB 90 14.76 -3.11 115.45
C TYR IB 90 14.29 -4.49 115.88
N ALA IB 91 13.14 -4.52 116.53
CA ALA IB 91 12.48 -5.78 116.90
C ALA IB 91 11.03 -5.68 116.48
N ASP IB 92 10.61 -6.53 115.55
CA ASP IB 92 9.22 -6.56 115.07
C ASP IB 92 8.56 -7.84 115.55
N VAL IB 93 7.47 -7.68 116.29
CA VAL IB 93 6.67 -8.78 116.78
C VAL IB 93 5.33 -8.73 116.06
N THR IB 94 4.83 -9.90 115.64
CA THR IB 94 3.60 -9.98 114.88
C THR IB 94 2.78 -11.16 115.38
N PHE IB 95 1.67 -10.86 116.04
CA PHE IB 95 0.68 -11.84 116.42
C PHE IB 95 -0.36 -11.98 115.32
N SER IB 96 -0.76 -13.23 115.03
CA SER IB 96 -1.86 -13.50 114.13
C SER IB 96 -2.78 -14.52 114.78
N PHE IB 97 -4.04 -14.12 114.98
CA PHE IB 97 -5.08 -14.93 115.60
C PHE IB 97 -6.23 -15.10 114.61
N THR IB 98 -6.98 -16.18 114.79
CA THR IB 98 -8.17 -16.37 113.98
C THR IB 98 -9.33 -15.62 114.61
N GLN IB 99 -10.37 -15.41 113.80
CA GLN IB 99 -11.53 -14.66 114.25
C GLN IB 99 -12.26 -15.35 115.39
N TYR IB 100 -12.02 -16.63 115.61
CA TYR IB 100 -12.64 -17.36 116.70
C TYR IB 100 -11.65 -17.71 117.80
N SER IB 101 -10.45 -17.17 117.73
CA SER IB 101 -9.49 -17.36 118.80
C SER IB 101 -10.09 -16.90 120.11
N THR IB 102 -9.41 -17.23 121.21
CA THR IB 102 -9.89 -16.88 122.53
C THR IB 102 -8.80 -16.25 123.37
N ASP IB 103 -9.23 -15.39 124.30
CA ASP IB 103 -8.29 -14.72 125.18
C ASP IB 103 -7.34 -15.70 125.85
N GLU IB 104 -7.84 -16.87 126.25
CA GLU IB 104 -6.97 -17.80 126.92
C GLU IB 104 -5.76 -18.12 126.06
N GLU IB 105 -6.01 -18.55 124.82
CA GLU IB 105 -4.90 -18.90 123.95
C GLU IB 105 -4.08 -17.68 123.59
N ARG IB 106 -4.73 -16.52 123.46
CA ARG IB 106 -3.99 -15.30 123.18
C ARG IB 106 -2.95 -15.04 124.26
N ALA IB 107 -3.41 -14.88 125.49
CA ALA IB 107 -2.51 -14.62 126.62
C ALA IB 107 -1.51 -15.75 126.80
N PHE IB 108 -1.93 -16.97 126.49
CA PHE IB 108 -1.04 -18.11 126.58
C PHE IB 108 0.15 -17.90 125.66
N VAL IB 109 -0.12 -17.66 124.38
CA VAL IB 109 0.94 -17.42 123.40
C VAL IB 109 1.82 -16.27 123.83
N ARG IB 110 1.18 -15.19 124.28
CA ARG IB 110 1.93 -14.07 124.81
C ARG IB 110 2.94 -14.51 125.86
N THR IB 111 2.48 -15.30 126.83
CA THR IB 111 3.38 -15.69 127.90
C THR IB 111 4.50 -16.62 127.42
N GLU IB 112 4.22 -17.50 126.45
CA GLU IB 112 5.34 -18.30 125.95
C GLU IB 112 6.37 -17.41 125.29
N LEU IB 113 5.92 -16.43 124.51
CA LEU IB 113 6.86 -15.50 123.92
C LEU IB 113 7.67 -14.83 125.02
N ALA IB 114 7.00 -14.41 126.09
CA ALA IB 114 7.69 -13.81 127.22
C ALA IB 114 8.83 -14.68 127.70
N ALA IB 115 8.50 -15.88 128.15
CA ALA IB 115 9.50 -16.59 128.91
C ALA IB 115 10.46 -17.32 127.98
N LEU IB 116 10.14 -17.42 126.70
CA LEU IB 116 11.16 -17.84 125.74
C LEU IB 116 12.17 -16.71 125.53
N LEU IB 117 11.70 -15.47 125.48
CA LEU IB 117 12.64 -14.35 125.53
C LEU IB 117 13.50 -14.41 126.77
N ALA IB 118 12.96 -14.87 127.89
CA ALA IB 118 13.72 -14.97 129.13
C ALA IB 118 14.64 -16.18 129.20
N SER IB 119 14.34 -17.27 128.50
CA SER IB 119 15.08 -18.51 128.68
C SER IB 119 16.48 -18.44 128.07
N PRO IB 120 17.38 -19.31 128.52
CA PRO IB 120 18.75 -19.29 127.97
C PRO IB 120 18.81 -19.47 126.47
N LEU IB 121 17.83 -20.13 125.86
CA LEU IB 121 17.86 -20.32 124.42
C LEU IB 121 17.99 -19.01 123.68
N LEU IB 122 16.96 -18.17 123.76
CA LEU IB 122 17.02 -16.90 123.05
C LEU IB 122 18.10 -16.02 123.62
N ILE IB 123 18.50 -16.26 124.87
CA ILE IB 123 19.60 -15.50 125.45
C ILE IB 123 20.83 -15.58 124.55
N ASP IB 124 21.35 -16.79 124.35
CA ASP IB 124 22.53 -16.92 123.51
C ASP IB 124 22.23 -16.75 122.03
N ALA IB 125 21.00 -17.02 121.61
CA ALA IB 125 20.68 -16.81 120.19
C ALA IB 125 20.67 -15.33 119.83
N ILE IB 126 20.40 -14.46 120.80
CA ILE IB 126 20.25 -13.03 120.57
C ILE IB 126 21.46 -12.28 121.06
N ASP IB 127 21.70 -12.29 122.37
CA ASP IB 127 22.77 -11.50 122.94
C ASP IB 127 24.10 -11.87 122.34
N GLN IB 128 24.33 -13.16 122.11
CA GLN IB 128 25.57 -13.63 121.55
C GLN IB 128 25.45 -14.04 120.08
N LEU IB 129 24.26 -14.01 119.52
CA LEU IB 129 24.06 -14.34 118.12
C LEU IB 129 24.60 -15.74 117.83
N ASN IB 130 24.16 -16.70 118.65
CA ASN IB 130 24.48 -18.11 118.50
C ASN IB 130 23.43 -18.78 117.63
N PRO IB 131 23.73 -19.20 116.41
CA PRO IB 131 22.82 -20.10 115.73
C PRO IB 131 22.60 -21.34 116.58
N ALA IB 132 21.35 -21.57 116.97
CA ALA IB 132 21.05 -22.68 117.86
C ALA IB 132 21.22 -24.00 117.12
N TYR IB 133 21.86 -24.96 117.78
CA TYR IB 133 22.01 -26.31 117.25
C TYR IB 133 22.49 -27.22 118.37
N ALA JB 2 41.10 -93.99 80.28
CA ALA JB 2 39.71 -94.02 79.76
C ALA JB 2 39.65 -94.91 78.52
N LYS JB 3 39.98 -96.18 78.71
CA LYS JB 3 39.96 -97.15 77.63
C LYS JB 3 38.54 -97.57 77.28
N LEU JB 4 38.26 -97.63 75.98
CA LEU JB 4 36.97 -98.09 75.46
C LEU JB 4 36.88 -99.60 75.57
N GLU JB 5 35.76 -100.08 76.10
CA GLU JB 5 35.49 -101.51 76.21
C GLU JB 5 33.98 -101.70 76.24
N THR JB 6 33.55 -102.95 76.36
CA THR JB 6 32.15 -103.20 76.65
C THR JB 6 31.92 -103.04 78.15
N VAL JB 7 30.86 -102.35 78.49
CA VAL JB 7 30.48 -102.12 79.89
C VAL JB 7 29.20 -102.89 80.16
N THR JB 8 29.18 -103.58 81.29
CA THR JB 8 28.05 -104.39 81.72
C THR JB 8 27.37 -103.66 82.87
N LEU JB 9 26.34 -102.91 82.55
CA LEU JB 9 25.62 -102.12 83.54
C LEU JB 9 24.54 -103.00 84.15
N GLY JB 10 24.74 -103.43 85.39
CA GLY JB 10 23.81 -104.33 86.04
C GLY JB 10 22.94 -103.67 87.10
N ASN JB 11 21.85 -104.33 87.48
CA ASN JB 11 20.90 -103.81 88.47
C ASN JB 11 20.35 -102.45 88.05
N ILE JB 12 19.61 -102.45 86.95
CA ILE JB 12 19.07 -101.23 86.37
C ILE JB 12 17.56 -101.38 86.21
N GLY JB 13 16.89 -100.24 86.07
CA GLY JB 13 15.44 -100.20 85.96
C GLY JB 13 14.78 -99.79 87.26
N LYS JB 14 13.46 -99.89 87.27
CA LYS JB 14 12.69 -99.48 88.46
C LYS JB 14 13.01 -100.39 89.65
N ASP JB 15 13.06 -101.69 89.43
CA ASP JB 15 13.41 -102.61 90.50
C ASP JB 15 14.84 -103.10 90.41
N GLY JB 16 15.64 -102.56 89.49
CA GLY JB 16 17.05 -102.89 89.41
C GLY JB 16 17.30 -104.35 89.10
N LYS JB 17 16.76 -104.84 87.99
CA LYS JB 17 16.95 -106.23 87.61
C LYS JB 17 17.47 -106.42 86.19
N GLN JB 18 17.28 -105.47 85.29
CA GLN JB 18 17.79 -105.65 83.95
C GLN JB 18 19.28 -105.33 83.91
N THR JB 19 19.86 -105.49 82.72
CA THR JB 19 21.26 -105.20 82.48
C THR JB 19 21.41 -104.71 81.06
N LEU JB 20 22.36 -103.80 80.86
CA LEU JB 20 22.63 -103.25 79.54
C LEU JB 20 24.12 -103.43 79.24
N VAL JB 21 24.42 -104.05 78.12
CA VAL JB 21 25.79 -104.25 77.68
C VAL JB 21 26.06 -103.29 76.55
N LEU JB 22 26.98 -102.36 76.79
CA LEU JB 22 27.27 -101.27 75.88
C LEU JB 22 28.66 -101.48 75.32
N ASN JB 23 28.74 -101.65 74.12
CA ASN JB 23 30.04 -101.85 73.53
C ASN JB 23 30.44 -100.63 72.72
N PRO JB 24 31.73 -100.37 72.59
CA PRO JB 24 32.17 -99.07 72.09
C PRO JB 24 32.02 -98.94 70.58
N ARG JB 25 32.37 -97.74 70.12
CA ARG JB 25 32.09 -97.29 68.76
C ARG JB 25 33.35 -96.61 68.25
N GLY JB 26 33.22 -95.78 67.23
CA GLY JB 26 34.30 -94.91 66.77
C GLY JB 26 34.23 -93.54 67.42
N VAL JB 27 35.37 -93.08 67.94
CA VAL JB 27 35.43 -91.80 68.66
C VAL JB 27 35.40 -90.67 67.65
N ASN JB 28 34.42 -89.79 67.79
CA ASN JB 28 34.21 -88.71 66.84
C ASN JB 28 35.48 -87.90 66.65
N PRO JB 29 36.19 -88.05 65.53
CA PRO JB 29 37.39 -87.23 65.33
C PRO JB 29 37.07 -85.76 65.13
N THR JB 30 35.91 -85.42 64.56
CA THR JB 30 35.60 -84.02 64.33
C THR JB 30 35.47 -83.24 65.64
N ASN JB 31 35.17 -83.91 66.75
CA ASN JB 31 35.22 -83.24 68.04
C ASN JB 31 35.73 -84.12 69.17
N GLY JB 32 36.26 -85.30 68.90
CA GLY JB 32 36.77 -86.13 69.96
C GLY JB 32 35.73 -86.52 70.99
N VAL JB 33 34.79 -87.38 70.59
CA VAL JB 33 33.81 -87.95 71.51
C VAL JB 33 33.74 -89.45 71.25
N ALA JB 34 33.88 -90.25 72.31
CA ALA JB 34 33.74 -91.69 72.21
C ALA JB 34 32.32 -92.10 72.56
N SER JB 35 31.88 -93.24 72.02
CA SER JB 35 30.50 -93.67 72.21
C SER JB 35 30.44 -95.17 72.49
N LEU JB 36 29.38 -95.56 73.21
CA LEU JB 36 28.99 -96.94 73.37
C LEU JB 36 27.52 -97.09 72.97
N SER JB 37 27.19 -98.28 72.47
CA SER JB 37 25.83 -98.58 72.05
C SER JB 37 25.48 -99.99 72.50
N GLN JB 38 24.18 -100.27 72.59
CA GLN JB 38 23.73 -101.58 73.04
C GLN JB 38 24.37 -102.68 72.21
N ALA JB 39 24.33 -103.91 72.71
CA ALA JB 39 25.03 -105.01 72.07
C ALA JB 39 24.65 -105.15 70.61
N GLY JB 40 23.43 -104.78 70.26
CA GLY JB 40 22.97 -104.82 68.88
C GLY JB 40 21.79 -105.78 68.71
N ALA JB 41 21.46 -106.03 67.44
CA ALA JB 41 22.11 -105.40 66.30
C ALA JB 41 21.52 -104.02 66.07
N VAL JB 42 20.23 -103.97 65.70
CA VAL JB 42 19.58 -102.67 65.47
C VAL JB 42 19.69 -101.80 66.70
N PRO JB 43 19.51 -102.30 67.92
CA PRO JB 43 19.70 -101.43 69.09
C PRO JB 43 21.01 -100.68 69.10
N ALA JB 44 22.08 -101.28 68.56
CA ALA JB 44 23.34 -100.54 68.48
C ALA JB 44 23.17 -99.25 67.70
N LEU JB 45 22.18 -99.22 66.81
CA LEU JB 45 21.82 -98.01 66.09
C LEU JB 45 20.74 -97.22 66.82
N GLU JB 46 20.23 -97.72 67.95
CA GLU JB 46 19.19 -97.04 68.72
C GLU JB 46 19.75 -96.36 69.96
N LYS JB 47 20.27 -97.14 70.91
CA LYS JB 47 20.73 -96.61 72.18
C LYS JB 47 22.12 -96.00 72.03
N ARG JB 48 22.34 -94.87 72.73
CA ARG JB 48 23.64 -94.21 72.65
C ARG JB 48 24.09 -93.74 74.02
N VAL JB 49 25.40 -93.80 74.26
CA VAL JB 49 26.03 -93.20 75.43
C VAL JB 49 27.36 -92.61 75.00
N THR JB 50 27.43 -91.28 74.93
CA THR JB 50 28.62 -90.60 74.43
C THR JB 50 29.35 -89.91 75.59
N VAL JB 51 30.68 -89.91 75.51
CA VAL JB 51 31.52 -89.31 76.54
C VAL JB 51 32.62 -88.53 75.87
N SER JB 52 32.94 -87.36 76.42
CA SER JB 52 34.13 -86.64 75.99
C SER JB 52 34.58 -85.70 77.11
N VAL JB 53 35.82 -85.22 77.00
CA VAL JB 53 36.34 -84.28 77.99
C VAL JB 53 37.15 -83.19 77.29
N SER JB 54 36.53 -82.02 77.16
CA SER JB 54 37.21 -80.85 76.60
C SER JB 54 38.21 -80.30 77.61
N GLN JB 55 39.45 -80.16 77.16
CA GLN JB 55 40.50 -79.55 77.95
C GLN JB 55 40.34 -78.04 77.93
N PRO JB 56 41.03 -77.33 78.83
CA PRO JB 56 40.99 -75.87 78.81
C PRO JB 56 41.24 -75.26 77.44
N SER JB 57 40.84 -74.01 77.30
CA SER JB 57 40.95 -73.25 76.07
C SER JB 57 40.62 -71.79 76.39
N ARG JB 58 40.48 -70.98 75.35
CA ARG JB 58 40.01 -69.62 75.56
C ARG JB 58 38.60 -69.62 76.12
N ASN JB 59 37.75 -70.52 75.66
CA ASN JB 59 36.40 -70.59 76.20
C ASN JB 59 36.34 -71.45 77.46
N ARG JB 60 36.99 -72.62 77.47
CA ARG JB 60 36.92 -73.56 78.60
C ARG JB 60 38.21 -73.51 79.40
N LYS JB 61 38.13 -73.60 80.73
CA LYS JB 61 39.23 -73.02 81.50
C LYS JB 61 40.10 -73.94 82.38
N ASN JB 62 39.62 -74.70 83.38
CA ASN JB 62 38.28 -75.25 83.68
C ASN JB 62 37.74 -76.30 82.69
N TYR JB 63 38.38 -77.46 82.79
CA TYR JB 63 38.02 -78.68 82.07
C TYR JB 63 36.52 -78.96 82.08
N LYS JB 64 36.05 -79.66 81.04
CA LYS JB 64 34.64 -79.88 80.78
C LYS JB 64 34.42 -81.35 80.45
N VAL JB 65 33.81 -82.11 81.35
CA VAL JB 65 33.57 -83.54 81.14
C VAL JB 65 32.08 -83.72 80.84
N GLN JB 66 31.78 -84.26 79.65
CA GLN JB 66 30.43 -84.39 79.15
C GLN JB 66 30.05 -85.86 79.01
N VAL JB 67 28.84 -86.19 79.46
CA VAL JB 67 28.31 -87.55 79.45
C VAL JB 67 26.85 -87.50 78.98
N LYS JB 68 26.57 -88.00 77.79
CA LYS JB 68 25.23 -87.99 77.23
C LYS JB 68 24.68 -89.40 77.14
N ILE JB 69 23.39 -89.55 77.49
CA ILE JB 69 22.65 -90.80 77.41
C ILE JB 69 21.43 -90.56 76.55
N GLN JB 70 21.16 -91.45 75.59
CA GLN JB 70 20.00 -91.31 74.72
C GLN JB 70 19.35 -92.67 74.56
N ASN JB 71 18.05 -92.72 74.89
CA ASN JB 71 17.24 -93.94 74.93
C ASN JB 71 16.06 -93.78 73.99
N PRO JB 72 16.12 -94.25 72.76
CA PRO JB 72 14.97 -94.13 71.87
C PRO JB 72 14.04 -95.34 71.99
N THR JB 73 12.80 -95.13 72.42
CA THR JB 73 11.83 -96.22 72.45
C THR JB 73 10.97 -96.18 71.21
N ALA JB 74 10.79 -97.34 70.58
CA ALA JB 74 10.17 -97.46 69.28
C ALA JB 74 9.12 -98.56 69.31
N CYS JB 75 8.32 -98.61 68.24
CA CYS JB 75 7.33 -99.65 68.09
C CYS JB 75 7.09 -99.88 66.60
N THR JB 76 6.46 -101.01 66.30
CA THR JB 76 6.11 -101.40 64.94
C THR JB 76 4.60 -101.37 64.79
N ALA JB 77 4.11 -100.56 63.87
CA ALA JB 77 2.67 -100.44 63.66
C ALA JB 77 2.10 -101.78 63.22
N ASN JB 78 0.82 -101.99 63.53
CA ASN JB 78 0.19 -103.27 63.21
C ASN JB 78 -0.03 -103.36 61.71
N GLY JB 79 0.99 -103.81 61.00
CA GLY JB 79 0.94 -103.93 59.56
C GLY JB 79 2.26 -103.56 58.90
N SER JB 80 3.03 -102.68 59.53
CA SER JB 80 4.35 -102.33 59.01
C SER JB 80 5.37 -103.39 59.42
N CYS JB 81 6.63 -103.17 59.08
CA CYS JB 81 7.68 -104.10 59.50
C CYS JB 81 8.74 -103.39 60.34
N ASP JB 82 9.33 -102.35 59.79
CA ASP JB 82 10.47 -101.72 60.45
C ASP JB 82 10.00 -100.88 61.62
N PRO JB 83 10.74 -100.85 62.73
CA PRO JB 83 10.27 -100.11 63.91
C PRO JB 83 10.54 -98.63 63.81
N SER JB 84 9.49 -97.84 64.04
CA SER JB 84 9.60 -96.40 64.09
C SER JB 84 9.69 -95.97 65.54
N VAL JB 85 10.59 -95.03 65.84
CA VAL JB 85 10.83 -94.67 67.23
C VAL JB 85 9.81 -93.61 67.63
N THR JB 86 9.03 -93.91 68.66
CA THR JB 86 7.92 -93.08 69.11
C THR JB 86 8.31 -92.08 70.17
N ARG JB 87 9.22 -92.45 71.05
CA ARG JB 87 9.68 -91.55 72.12
C ARG JB 87 11.18 -91.58 72.16
N GLN JB 88 11.76 -90.51 72.72
CA GLN JB 88 13.21 -90.41 72.79
C GLN JB 88 13.53 -89.77 74.14
N ALA JB 89 13.98 -90.55 75.11
CA ALA JB 89 14.45 -89.99 76.36
C ALA JB 89 15.93 -89.67 76.24
N TYR JB 90 16.39 -88.72 77.04
CA TYR JB 90 17.82 -88.43 77.04
C TYR JB 90 18.18 -87.65 78.28
N ALA JB 91 19.43 -87.82 78.71
CA ALA JB 91 19.99 -87.12 79.86
C ALA JB 91 21.42 -86.71 79.55
N ASP JB 92 21.88 -85.66 80.23
CA ASP JB 92 23.25 -85.17 80.05
C ASP JB 92 23.80 -84.72 81.39
N VAL JB 93 24.98 -85.22 81.70
CA VAL JB 93 25.75 -84.77 82.85
C VAL JB 93 26.96 -83.99 82.37
N THR JB 94 27.30 -82.95 83.11
CA THR JB 94 28.28 -81.95 82.68
C THR JB 94 29.09 -81.52 83.90
N PHE JB 95 30.30 -82.04 84.01
CA PHE JB 95 31.20 -81.71 85.11
C PHE JB 95 32.18 -80.63 84.67
N SER JB 96 32.13 -79.48 85.30
CA SER JB 96 33.01 -78.36 85.00
C SER JB 96 33.99 -78.25 86.16
N PHE JB 97 35.26 -78.50 85.88
CA PHE JB 97 36.24 -78.65 86.95
C PHE JB 97 37.48 -77.81 86.69
N THR JB 98 38.00 -77.24 87.76
CA THR JB 98 39.08 -76.27 87.65
C THR JB 98 40.33 -76.94 87.11
N GLN JB 99 41.13 -76.14 86.41
CA GLN JB 99 42.43 -76.58 85.98
C GLN JB 99 43.31 -76.88 87.19
N TYR JB 100 42.89 -76.38 88.35
CA TYR JB 100 43.56 -76.55 89.62
C TYR JB 100 42.93 -77.60 90.54
N SER JB 101 41.81 -78.19 90.15
CA SER JB 101 41.16 -79.15 91.04
C SER JB 101 42.04 -80.40 91.19
N THR JB 102 41.59 -81.32 92.04
CA THR JB 102 42.29 -82.58 92.23
C THR JB 102 41.32 -83.75 92.05
N ASP JB 103 41.88 -84.89 91.64
CA ASP JB 103 41.04 -86.00 91.24
C ASP JB 103 40.25 -86.55 92.41
N GLU JB 104 40.68 -86.29 93.66
CA GLU JB 104 39.91 -86.83 94.77
C GLU JB 104 38.64 -86.02 94.97
N GLU JB 105 38.71 -84.71 94.75
CA GLU JB 105 37.47 -83.94 94.67
C GLU JB 105 36.65 -84.36 93.46
N ARG JB 106 37.31 -84.60 92.33
CA ARG JB 106 36.55 -85.03 91.15
C ARG JB 106 35.76 -86.30 91.46
N ALA JB 107 36.41 -87.30 92.02
CA ALA JB 107 35.74 -88.54 92.36
C ALA JB 107 34.71 -88.34 93.46
N PHE JB 108 34.98 -87.41 94.38
CA PHE JB 108 33.99 -87.14 95.41
C PHE JB 108 32.71 -86.60 94.81
N VAL JB 109 32.82 -85.66 93.88
CA VAL JB 109 31.63 -85.13 93.22
C VAL JB 109 30.96 -86.22 92.39
N ARG JB 110 31.76 -87.07 91.77
CA ARG JB 110 31.22 -88.16 90.96
C ARG JB 110 30.35 -89.07 91.81
N THR JB 111 30.89 -89.54 92.93
CA THR JB 111 30.12 -90.43 93.81
C THR JB 111 29.01 -89.67 94.53
N GLU JB 112 29.18 -88.36 94.73
CA GLU JB 112 28.08 -87.53 95.21
C GLU JB 112 26.91 -87.59 94.26
N LEU JB 113 27.14 -87.33 92.98
CA LEU JB 113 26.04 -87.31 92.02
C LEU JB 113 25.40 -88.69 91.92
N ALA JB 114 26.22 -89.75 91.96
CA ALA JB 114 25.65 -91.10 91.93
C ALA JB 114 24.76 -91.34 93.14
N ALA JB 115 25.27 -91.06 94.34
CA ALA JB 115 24.50 -91.34 95.54
C ALA JB 115 23.24 -90.50 95.58
N LEU JB 116 23.27 -89.31 95.00
CA LEU JB 116 22.07 -88.51 94.90
C LEU JB 116 21.08 -89.13 93.92
N LEU JB 117 21.54 -89.56 92.75
CA LEU JB 117 20.68 -90.28 91.83
C LEU JB 117 20.05 -91.47 92.52
N ALA JB 118 20.80 -92.13 93.40
CA ALA JB 118 20.33 -93.29 94.14
C ALA JB 118 19.43 -92.91 95.31
N SER JB 119 19.50 -91.70 95.77
CA SER JB 119 18.74 -91.31 96.93
C SER JB 119 17.25 -91.23 96.61
N PRO JB 120 16.39 -91.36 97.62
CA PRO JB 120 14.94 -91.35 97.35
C PRO JB 120 14.45 -90.11 96.60
N LEU JB 121 15.04 -88.95 96.89
CA LEU JB 121 14.49 -87.70 96.36
C LEU JB 121 14.56 -87.66 94.84
N LEU JB 122 15.72 -88.02 94.27
CA LEU JB 122 15.86 -87.88 92.83
C LEU JB 122 15.09 -88.97 92.08
N ILE JB 123 15.05 -90.20 92.61
CA ILE JB 123 14.17 -91.19 92.02
C ILE JB 123 12.74 -90.66 92.04
N ASP JB 124 12.36 -90.00 93.14
CA ASP JB 124 11.03 -89.43 93.26
C ASP JB 124 10.79 -88.42 92.13
N ALA JB 125 11.72 -87.49 91.97
CA ALA JB 125 11.57 -86.40 91.03
C ALA JB 125 11.77 -86.84 89.60
N ILE JB 126 12.31 -88.03 89.38
CA ILE JB 126 12.59 -88.52 88.04
C ILE JB 126 11.46 -89.44 87.59
N ASP JB 127 11.31 -90.58 88.26
CA ASP JB 127 10.41 -91.61 87.77
C ASP JB 127 8.97 -91.13 87.75
N GLN JB 128 8.54 -90.42 88.79
CA GLN JB 128 7.19 -89.87 88.82
C GLN JB 128 7.14 -88.36 88.69
N LEU JB 129 8.25 -87.72 88.37
CA LEU JB 129 8.24 -86.31 88.02
C LEU JB 129 7.61 -85.48 89.14
N ASN JB 130 7.89 -85.86 90.38
CA ASN JB 130 7.35 -85.16 91.53
C ASN JB 130 8.30 -84.06 91.98
N PRO JB 131 7.91 -82.79 91.92
CA PRO JB 131 8.72 -81.75 92.54
C PRO JB 131 8.81 -82.03 94.03
N ALA JB 132 9.86 -81.51 94.64
CA ALA JB 132 10.07 -81.73 96.06
C ALA JB 132 9.24 -80.72 96.83
N TYR JB 133 8.20 -81.19 97.49
CA TYR JB 133 7.42 -80.32 98.36
C TYR JB 133 6.84 -81.14 99.49
N ALA KB 2 54.85 -97.01 66.89
CA ALA KB 2 55.00 -95.91 67.87
C ALA KB 2 53.89 -95.94 68.91
N LYS KB 3 53.44 -97.15 69.24
CA LYS KB 3 52.37 -97.30 70.21
C LYS KB 3 52.68 -96.51 71.46
N LEU KB 4 51.64 -95.92 72.04
CA LEU KB 4 51.80 -95.20 73.30
C LEU KB 4 51.95 -96.18 74.45
N GLU KB 5 52.78 -95.80 75.42
CA GLU KB 5 52.97 -96.59 76.63
C GLU KB 5 53.98 -95.87 77.52
N THR KB 6 54.16 -96.40 78.73
CA THR KB 6 54.93 -95.75 79.78
C THR KB 6 56.33 -95.34 79.30
N VAL KB 7 56.61 -94.04 79.23
CA VAL KB 7 57.92 -93.57 78.80
C VAL KB 7 58.74 -93.22 80.03
N THR KB 8 59.86 -93.91 80.20
CA THR KB 8 60.76 -93.68 81.34
C THR KB 8 62.10 -93.20 80.78
N LEU KB 9 62.30 -91.88 80.84
CA LEU KB 9 63.55 -91.28 80.41
C LEU KB 9 64.54 -91.34 81.55
N GLY KB 10 65.73 -91.85 81.24
CA GLY KB 10 66.73 -92.08 82.26
C GLY KB 10 67.38 -90.79 82.69
N ASN KB 11 68.67 -90.85 83.00
CA ASN KB 11 69.33 -89.74 83.66
C ASN KB 11 69.12 -88.44 82.88
N ILE KB 12 68.78 -87.38 83.60
CA ILE KB 12 68.40 -86.10 83.02
C ILE KB 12 68.62 -85.01 84.07
N GLY KB 13 68.83 -83.79 83.60
CA GLY KB 13 69.14 -82.65 84.44
C GLY KB 13 70.60 -82.27 84.31
N LYS KB 14 71.05 -81.45 85.26
CA LYS KB 14 72.43 -80.98 85.26
C LYS KB 14 73.40 -82.12 85.54
N ASP KB 15 73.30 -82.71 86.73
CA ASP KB 15 74.19 -83.78 87.15
C ASP KB 15 73.89 -85.11 86.49
N GLY KB 16 72.77 -85.23 85.79
CA GLY KB 16 72.37 -86.51 85.24
C GLY KB 16 72.09 -87.55 86.31
N LYS KB 17 71.16 -87.24 87.21
CA LYS KB 17 70.76 -88.16 88.28
C LYS KB 17 69.28 -88.48 88.30
N GLN KB 18 68.42 -87.61 87.80
CA GLN KB 18 66.99 -87.81 87.95
C GLN KB 18 66.43 -88.60 86.77
N THR KB 19 65.31 -89.28 87.01
CA THR KB 19 64.60 -90.04 85.99
C THR KB 19 63.17 -89.53 85.92
N LEU KB 20 62.57 -89.64 84.75
CA LEU KB 20 61.21 -89.16 84.53
C LEU KB 20 60.34 -90.30 84.02
N VAL KB 21 59.11 -90.36 84.55
CA VAL KB 21 58.15 -91.41 84.18
C VAL KB 21 56.87 -90.71 83.75
N LEU KB 22 56.67 -90.57 82.44
CA LEU KB 22 55.44 -90.01 81.90
C LEU KB 22 54.53 -91.17 81.50
N ASN KB 23 53.36 -91.22 82.11
CA ASN KB 23 52.38 -92.23 81.81
C ASN KB 23 51.65 -91.87 80.51
N PRO KB 24 51.11 -92.88 79.81
CA PRO KB 24 50.40 -92.63 78.55
C PRO KB 24 48.96 -92.24 78.82
N ARG KB 25 48.56 -91.06 78.35
CA ARG KB 25 47.19 -90.59 78.61
C ARG KB 25 46.26 -90.95 77.45
N GLY KB 26 46.53 -90.43 76.27
CA GLY KB 26 45.63 -90.63 75.16
C GLY KB 26 46.08 -89.86 73.94
N VAL KB 27 45.14 -89.59 73.04
CA VAL KB 27 45.41 -88.86 71.80
C VAL KB 27 44.22 -87.96 71.50
N ASN KB 28 44.44 -86.67 71.52
CA ASN KB 28 43.49 -85.74 70.97
C ASN KB 28 43.28 -86.04 69.49
N PRO KB 29 42.06 -86.31 69.05
CA PRO KB 29 41.84 -86.62 67.65
C PRO KB 29 41.70 -85.37 66.78
N THR KB 30 41.24 -84.28 67.41
CA THR KB 30 40.95 -83.07 66.66
C THR KB 30 42.17 -82.55 65.93
N ASN KB 31 43.36 -82.93 66.38
CA ASN KB 31 44.60 -82.56 65.73
C ASN KB 31 45.57 -83.72 65.59
N GLY KB 32 45.17 -84.93 65.98
CA GLY KB 32 46.06 -86.08 65.93
C GLY KB 32 47.28 -85.88 66.81
N VAL KB 33 47.08 -85.75 68.11
CA VAL KB 33 48.15 -85.40 69.05
C VAL KB 33 48.15 -86.41 70.19
N ALA KB 34 49.20 -87.23 70.27
CA ALA KB 34 49.36 -88.15 71.38
C ALA KB 34 50.02 -87.45 72.56
N SER KB 35 49.51 -87.72 73.75
CA SER KB 35 49.84 -86.97 74.95
C SER KB 35 50.47 -87.86 76.01
N LEU KB 36 51.52 -87.34 76.64
CA LEU KB 36 52.31 -88.04 77.64
C LEU KB 36 52.38 -87.17 78.89
N SER KB 37 52.15 -87.78 80.05
CA SER KB 37 51.86 -87.02 81.27
C SER KB 37 52.66 -87.52 82.46
N GLN KB 38 53.11 -86.58 83.28
CA GLN KB 38 53.77 -86.91 84.54
C GLN KB 38 52.77 -87.49 85.53
N ALA KB 39 53.19 -88.53 86.24
CA ALA KB 39 52.33 -89.18 87.21
C ALA KB 39 52.02 -88.22 88.35
N GLY KB 40 50.74 -87.88 88.51
CA GLY KB 40 50.33 -86.93 89.53
C GLY KB 40 48.83 -86.83 89.71
N ALA KB 41 48.37 -85.74 90.34
CA ALA KB 41 46.96 -85.54 90.61
C ALA KB 41 46.43 -84.21 90.08
N VAL KB 42 47.17 -83.14 90.31
CA VAL KB 42 46.68 -81.81 89.97
C VAL KB 42 47.12 -81.51 88.55
N PRO KB 43 46.20 -81.46 87.58
CA PRO KB 43 46.62 -81.35 86.18
C PRO KB 43 47.57 -80.18 85.92
N ALA KB 44 47.59 -79.18 86.81
CA ALA KB 44 48.45 -78.02 86.69
C ALA KB 44 49.86 -78.26 87.20
N LEU KB 45 50.14 -79.44 87.73
CA LEU KB 45 51.37 -79.72 88.47
C LEU KB 45 52.16 -80.85 87.83
N GLU KB 46 52.03 -81.02 86.51
CA GLU KB 46 52.54 -82.22 85.86
C GLU KB 46 53.32 -81.84 84.62
N LYS KB 47 54.44 -82.52 84.40
CA LYS KB 47 55.26 -82.29 83.22
C LYS KB 47 54.63 -83.00 82.04
N ARG KB 48 54.45 -82.28 80.94
CA ARG KB 48 53.64 -82.77 79.82
C ARG KB 48 54.45 -82.79 78.54
N VAL KB 49 54.11 -83.73 77.66
CA VAL KB 49 54.73 -83.85 76.36
C VAL KB 49 53.66 -84.19 75.33
N THR KB 50 53.78 -83.61 74.13
CA THR KB 50 52.84 -83.79 73.04
C THR KB 50 53.60 -84.20 71.78
N VAL KB 51 53.17 -85.28 71.16
CA VAL KB 51 53.79 -85.82 69.94
C VAL KB 51 52.75 -85.79 68.84
N SER KB 52 53.07 -85.13 67.73
CA SER KB 52 52.15 -85.03 66.61
C SER KB 52 52.87 -85.36 65.32
N VAL KB 53 52.22 -86.18 64.50
CA VAL KB 53 52.81 -86.66 63.26
C VAL KB 53 51.99 -86.15 62.08
N SER KB 54 52.29 -84.94 61.62
CA SER KB 54 51.46 -84.24 60.65
C SER KB 54 51.84 -84.68 59.24
N GLN KB 55 50.94 -85.41 58.61
CA GLN KB 55 51.20 -85.92 57.28
C GLN KB 55 50.98 -84.81 56.26
N PRO KB 56 51.49 -84.98 55.05
CA PRO KB 56 51.40 -83.90 54.07
C PRO KB 56 50.01 -83.78 53.46
N SER KB 57 49.69 -82.56 53.04
CA SER KB 57 48.44 -82.23 52.38
C SER KB 57 48.75 -81.46 51.10
N ARG KB 58 47.71 -80.98 50.43
CA ARG KB 58 47.89 -80.22 49.19
C ARG KB 58 48.22 -78.75 49.45
N ASN KB 59 48.21 -78.30 50.71
CA ASN KB 59 48.60 -76.95 51.06
C ASN KB 59 50.05 -76.84 51.49
N ARG KB 60 50.70 -77.96 51.84
CA ARG KB 60 52.07 -77.88 52.32
C ARG KB 60 53.00 -78.88 51.60
N LYS KB 61 52.48 -80.06 51.26
CA LYS KB 61 53.29 -81.14 50.70
C LYS KB 61 54.62 -81.27 51.46
N ASN KB 62 54.48 -81.56 52.75
CA ASN KB 62 55.63 -81.74 53.62
C ASN KB 62 55.24 -82.51 54.87
N TYR KB 63 56.00 -83.55 55.20
CA TYR KB 63 55.77 -84.25 56.45
C TYR KB 63 56.33 -83.43 57.61
N LYS KB 64 55.71 -83.58 58.78
CA LYS KB 64 56.12 -82.85 59.96
C LYS KB 64 56.01 -83.72 61.20
N VAL KB 65 56.93 -83.52 62.16
CA VAL KB 65 56.78 -84.03 63.52
C VAL KB 65 56.91 -82.85 64.47
N GLN KB 66 55.91 -82.63 65.30
CA GLN KB 66 56.02 -81.69 66.41
C GLN KB 66 56.15 -82.47 67.71
N VAL KB 67 57.13 -82.09 68.52
CA VAL KB 67 57.27 -82.63 69.87
C VAL KB 67 57.39 -81.45 70.81
N LYS KB 68 56.40 -81.26 71.68
CA LYS KB 68 56.36 -80.14 72.60
C LYS KB 68 56.43 -80.65 74.02
N ILE KB 69 57.18 -79.95 74.87
CA ILE KB 69 57.37 -80.36 76.26
C ILE KB 69 57.21 -79.13 77.15
N GLN KB 70 56.39 -79.26 78.19
CA GLN KB 70 56.26 -78.21 79.19
C GLN KB 70 56.55 -78.76 80.57
N ASN KB 71 57.25 -77.98 81.36
CA ASN KB 71 57.45 -78.25 82.79
C ASN KB 71 56.92 -77.07 83.60
N PRO KB 72 55.94 -77.28 84.47
CA PRO KB 72 55.50 -76.21 85.37
C PRO KB 72 56.24 -76.28 86.70
N THR KB 73 56.37 -75.11 87.30
CA THR KB 73 56.97 -75.00 88.62
C THR KB 73 55.90 -75.10 89.70
N ALA KB 74 56.23 -75.83 90.76
CA ALA KB 74 55.30 -75.95 91.87
C ALA KB 74 55.19 -74.63 92.62
N CYS KB 75 56.31 -74.08 93.05
CA CYS KB 75 56.34 -72.94 93.96
C CYS KB 75 55.33 -73.14 95.09
N THR KB 76 55.55 -74.19 95.86
CA THR KB 76 54.69 -74.48 97.00
C THR KB 76 54.65 -73.29 97.94
N ALA KB 77 53.44 -72.88 98.30
CA ALA KB 77 53.24 -71.80 99.25
C ALA KB 77 53.18 -72.36 100.66
N ASN KB 78 53.60 -71.55 101.63
CA ASN KB 78 53.64 -71.97 103.02
C ASN KB 78 52.22 -72.07 103.55
N GLY KB 79 51.46 -73.00 102.98
CA GLY KB 79 50.12 -73.31 103.42
C GLY KB 79 49.06 -72.58 102.61
N SER KB 80 47.90 -72.42 103.21
CA SER KB 80 46.78 -71.61 102.73
C SER KB 80 46.10 -72.22 101.51
N CYS KB 81 46.82 -73.06 100.76
CA CYS KB 81 46.30 -74.21 100.02
C CYS KB 81 47.42 -74.63 99.06
N ASP KB 82 47.15 -75.59 98.18
CA ASP KB 82 48.23 -76.19 97.44
C ASP KB 82 48.86 -75.20 96.44
N PRO KB 83 50.02 -75.54 95.90
CA PRO KB 83 50.84 -74.56 95.17
C PRO KB 83 50.16 -74.05 93.91
N SER KB 84 50.68 -72.93 93.41
CA SER KB 84 50.17 -72.28 92.22
C SER KB 84 51.23 -72.29 91.14
N VAL KB 85 50.78 -72.32 89.90
CA VAL KB 85 51.71 -72.32 88.77
C VAL KB 85 52.37 -70.95 88.68
N THR KB 86 53.70 -70.94 88.79
CA THR KB 86 54.51 -69.73 88.81
C THR KB 86 55.39 -69.58 87.59
N ARG KB 87 56.06 -70.64 87.16
CA ARG KB 87 56.93 -70.60 86.00
C ARG KB 87 56.62 -71.83 85.14
N GLN KB 88 56.93 -71.73 83.86
CA GLN KB 88 56.57 -72.79 82.91
C GLN KB 88 57.56 -72.81 81.77
N ALA KB 89 58.40 -73.84 81.72
CA ALA KB 89 59.39 -73.98 80.67
C ALA KB 89 58.77 -74.73 79.50
N TYR KB 90 58.87 -74.15 78.30
CA TYR KB 90 58.38 -74.76 77.08
C TYR KB 90 59.55 -75.10 76.16
N ALA KB 91 59.42 -76.21 75.43
CA ALA KB 91 60.32 -76.59 74.37
C ALA KB 91 59.49 -77.11 73.21
N ASP KB 92 59.89 -76.79 71.97
CA ASP KB 92 59.11 -77.15 70.78
C ASP KB 92 60.06 -77.56 69.66
N VAL KB 93 60.08 -78.86 69.34
CA VAL KB 93 60.87 -79.41 68.24
C VAL KB 93 59.95 -79.62 67.05
N THR KB 94 60.41 -79.20 65.85
CA THR KB 94 59.59 -79.23 64.64
C THR KB 94 60.42 -79.81 63.48
N PHE KB 95 60.41 -81.15 63.36
CA PHE KB 95 61.03 -81.79 62.22
C PHE KB 95 60.18 -81.54 60.98
N SER KB 96 60.82 -81.09 59.90
CA SER KB 96 60.14 -80.77 58.64
C SER KB 96 60.80 -81.58 57.52
N PHE KB 97 60.15 -82.68 57.14
CA PHE KB 97 60.67 -83.66 56.20
C PHE KB 97 60.01 -83.45 54.84
N THR KB 98 60.78 -83.66 53.77
CA THR KB 98 60.16 -83.80 52.46
C THR KB 98 59.62 -85.21 52.31
N GLN KB 99 58.48 -85.33 51.61
CA GLN KB 99 57.86 -86.64 51.47
C GLN KB 99 58.83 -87.68 50.93
N TYR KB 100 59.72 -87.26 50.02
CA TYR KB 100 60.71 -88.19 49.45
C TYR KB 100 61.78 -88.57 50.46
N SER KB 101 61.77 -87.98 51.65
CA SER KB 101 62.77 -88.25 52.67
C SER KB 101 62.98 -89.75 52.85
N THR KB 102 64.16 -90.09 53.34
CA THR KB 102 64.54 -91.46 53.61
C THR KB 102 64.70 -91.65 55.12
N ASP KB 103 64.29 -92.83 55.60
CA ASP KB 103 64.51 -93.15 57.02
C ASP KB 103 65.93 -92.81 57.43
N GLU KB 104 66.88 -93.02 56.52
CA GLU KB 104 68.29 -92.76 56.83
C GLU KB 104 68.51 -91.28 57.16
N GLU KB 105 68.10 -90.39 56.25
CA GLU KB 105 68.26 -88.96 56.52
C GLU KB 105 67.51 -88.55 57.77
N ARG KB 106 66.34 -89.16 57.99
CA ARG KB 106 65.50 -88.77 59.11
C ARG KB 106 66.19 -89.10 60.42
N ALA KB 107 66.77 -90.30 60.51
CA ALA KB 107 67.54 -90.69 61.69
C ALA KB 107 68.79 -89.82 61.83
N PHE KB 108 69.39 -89.42 60.71
CA PHE KB 108 70.53 -88.51 60.78
C PHE KB 108 70.14 -87.20 61.46
N VAL KB 109 69.03 -86.61 61.02
CA VAL KB 109 68.52 -85.38 61.65
C VAL KB 109 68.28 -85.62 63.14
N ARG KB 110 67.68 -86.77 63.46
CA ARG KB 110 67.38 -87.14 64.85
C ARG KB 110 68.64 -87.11 65.72
N THR KB 111 69.57 -88.01 65.44
CA THR KB 111 70.77 -88.09 66.26
C THR KB 111 71.59 -86.81 66.19
N GLU KB 112 71.51 -86.08 65.07
CA GLU KB 112 72.20 -84.80 64.95
C GLU KB 112 71.71 -83.80 65.98
N LEU KB 113 70.40 -83.61 66.05
CA LEU KB 113 69.84 -82.70 67.04
C LEU KB 113 70.12 -83.19 68.46
N ALA KB 114 70.04 -84.51 68.68
CA ALA KB 114 70.29 -85.03 70.03
C ALA KB 114 71.73 -84.77 70.47
N ALA KB 115 72.69 -85.01 69.58
CA ALA KB 115 74.08 -84.72 69.90
C ALA KB 115 74.31 -83.23 70.10
N LEU KB 116 73.68 -82.37 69.28
CA LEU KB 116 73.83 -80.94 69.48
C LEU KB 116 73.30 -80.51 70.83
N LEU KB 117 72.18 -81.09 71.26
CA LEU KB 117 71.65 -80.75 72.58
C LEU KB 117 72.46 -81.38 73.72
N ALA KB 118 73.30 -82.38 73.43
CA ALA KB 118 74.23 -82.89 74.43
C ALA KB 118 75.58 -82.18 74.46
N SER KB 119 75.98 -81.52 73.37
CA SER KB 119 77.31 -80.93 73.28
C SER KB 119 77.44 -79.70 74.19
N PRO KB 120 78.67 -79.32 74.55
CA PRO KB 120 78.83 -78.15 75.42
C PRO KB 120 78.28 -76.86 74.86
N LEU KB 121 78.25 -76.69 73.54
CA LEU KB 121 77.81 -75.41 72.97
C LEU KB 121 76.40 -75.06 73.45
N LEU KB 122 75.42 -75.90 73.10
CA LEU KB 122 74.07 -75.63 73.55
C LEU KB 122 73.94 -75.77 75.06
N ILE KB 123 74.84 -76.53 75.70
CA ILE KB 123 74.78 -76.63 77.16
C ILE KB 123 74.84 -75.24 77.79
N ASP KB 124 75.82 -74.44 77.40
CA ASP KB 124 75.93 -73.09 77.94
C ASP KB 124 74.92 -72.15 77.29
N ALA KB 125 74.60 -72.36 76.01
CA ALA KB 125 73.68 -71.46 75.32
C ALA KB 125 72.28 -71.50 75.93
N ILE KB 126 71.90 -72.60 76.58
CA ILE KB 126 70.59 -72.68 77.21
C ILE KB 126 70.72 -72.67 78.74
N ASP KB 127 71.50 -73.59 79.32
CA ASP KB 127 71.63 -73.61 80.78
C ASP KB 127 72.05 -72.24 81.31
N GLN KB 128 73.11 -71.67 80.75
CA GLN KB 128 73.55 -70.37 81.21
C GLN KB 128 73.08 -69.23 80.32
N LEU KB 129 72.26 -69.51 79.31
CA LEU KB 129 71.74 -68.49 78.39
C LEU KB 129 72.85 -67.62 77.83
N ASN KB 130 74.00 -68.23 77.56
CA ASN KB 130 75.13 -67.50 77.03
C ASN KB 130 74.98 -67.40 75.51
N PRO KB 131 74.84 -66.20 74.94
CA PRO KB 131 74.70 -66.11 73.48
C PRO KB 131 75.90 -66.76 72.79
N ALA KB 132 75.62 -67.42 71.66
CA ALA KB 132 76.66 -68.15 70.94
C ALA KB 132 77.71 -67.19 70.42
N TYR KB 133 78.84 -67.11 71.12
CA TYR KB 133 79.88 -66.14 70.80
C TYR KB 133 81.20 -66.50 71.46
N ALA LB 2 36.54 -99.20 66.57
CA ALA LB 2 37.63 -100.07 66.05
C ALA LB 2 38.99 -99.41 66.29
N LYS LB 3 39.75 -99.95 67.23
CA LYS LB 3 41.03 -99.35 67.59
C LYS LB 3 42.07 -99.60 66.51
N LEU LB 4 42.75 -98.54 66.09
CA LEU LB 4 43.76 -98.62 65.05
C LEU LB 4 45.04 -99.21 65.62
N GLU LB 5 45.59 -100.23 64.95
CA GLU LB 5 46.87 -100.80 65.35
C GLU LB 5 47.53 -101.43 64.13
N THR LB 6 48.69 -102.05 64.36
CA THR LB 6 49.48 -102.62 63.27
C THR LB 6 48.83 -103.85 62.66
N VAL LB 7 48.46 -103.77 61.39
CA VAL LB 7 47.75 -104.84 60.69
C VAL LB 7 48.78 -105.70 59.97
N THR LB 8 48.67 -107.01 60.16
CA THR LB 8 49.56 -108.01 59.55
C THR LB 8 48.72 -108.88 58.61
N LEU LB 9 48.80 -108.62 57.31
CA LEU LB 9 48.08 -109.39 56.30
C LEU LB 9 48.98 -110.51 55.78
N GLY LB 10 48.53 -111.76 55.92
CA GLY LB 10 49.29 -112.91 55.51
C GLY LB 10 48.66 -113.64 54.34
N ASN LB 11 49.46 -114.54 53.77
CA ASN LB 11 49.06 -115.33 52.60
C ASN LB 11 48.44 -114.42 51.52
N ILE LB 12 49.32 -113.61 50.94
CA ILE LB 12 48.95 -112.63 49.93
C ILE LB 12 49.92 -112.71 48.77
N GLY LB 13 49.38 -112.54 47.58
CA GLY LB 13 50.12 -112.60 46.34
C GLY LB 13 49.48 -113.64 45.43
N LYS LB 14 50.00 -113.74 44.20
CA LYS LB 14 49.49 -114.78 43.31
C LYS LB 14 49.76 -116.16 43.90
N ASP LB 15 50.88 -116.30 44.61
CA ASP LB 15 51.28 -117.52 45.28
C ASP LB 15 50.77 -117.60 46.72
N GLY LB 16 50.23 -116.51 47.26
CA GLY LB 16 49.73 -116.51 48.62
C GLY LB 16 50.83 -116.77 49.63
N LYS LB 17 51.95 -116.08 49.48
CA LYS LB 17 53.10 -116.27 50.36
C LYS LB 17 53.69 -114.97 50.89
N GLN LB 18 53.31 -113.82 50.36
CA GLN LB 18 53.84 -112.55 50.82
C GLN LB 18 53.07 -112.10 52.07
N THR LB 19 53.56 -111.02 52.68
CA THR LB 19 52.94 -110.49 53.89
C THR LB 19 53.12 -108.98 53.92
N LEU LB 20 52.12 -108.29 54.46
CA LEU LB 20 52.09 -106.84 54.51
C LEU LB 20 51.92 -106.39 55.95
N VAL LB 21 52.77 -105.45 56.39
CA VAL LB 21 52.73 -104.90 57.74
C VAL LB 21 52.39 -103.42 57.61
N LEU LB 22 51.13 -103.07 57.83
CA LEU LB 22 50.66 -101.69 57.70
C LEU LB 22 50.49 -101.11 59.09
N ASN LB 23 51.11 -99.98 59.35
CA ASN LB 23 50.87 -99.34 60.64
C ASN LB 23 50.00 -98.10 60.49
N PRO LB 24 49.21 -97.77 61.53
CA PRO LB 24 48.28 -96.64 61.42
C PRO LB 24 48.98 -95.30 61.26
N ARG LB 25 48.34 -94.43 60.46
CA ARG LB 25 48.82 -93.08 60.18
C ARG LB 25 47.86 -92.04 60.73
N GLY LB 26 47.17 -92.38 61.82
CA GLY LB 26 46.25 -91.45 62.45
C GLY LB 26 44.86 -91.48 61.81
N VAL LB 27 44.08 -90.47 62.18
CA VAL LB 27 42.75 -90.27 61.62
C VAL LB 27 42.59 -88.81 61.25
N ASN LB 28 42.15 -88.56 60.03
CA ASN LB 28 41.91 -87.20 59.61
C ASN LB 28 40.71 -86.67 60.36
N PRO LB 29 40.82 -85.60 61.13
CA PRO LB 29 39.65 -85.07 61.82
C PRO LB 29 38.68 -84.36 60.90
N THR LB 30 39.07 -84.08 59.65
CA THR LB 30 38.19 -83.39 58.69
C THR LB 30 37.37 -84.42 57.90
N ASN LB 31 38.06 -85.24 57.10
CA ASN LB 31 37.39 -86.29 56.35
C ASN LB 31 36.90 -87.41 57.26
N GLY LB 32 37.43 -87.48 58.48
CA GLY LB 32 37.05 -88.50 59.43
C GLY LB 32 37.38 -89.90 58.95
N VAL LB 33 38.62 -90.11 58.53
CA VAL LB 33 39.03 -91.39 57.94
C VAL LB 33 40.36 -91.80 58.55
N ALA LB 34 40.48 -93.10 58.83
CA ALA LB 34 41.74 -93.66 59.32
C ALA LB 34 42.60 -94.12 58.15
N SER LB 35 43.92 -94.12 58.36
CA SER LB 35 44.87 -94.49 57.32
C SER LB 35 45.93 -95.41 57.91
N LEU LB 36 46.37 -96.38 57.09
CA LEU LB 36 47.50 -97.24 57.43
C LEU LB 36 48.47 -97.30 56.26
N SER LB 37 49.72 -97.62 56.56
CA SER LB 37 50.76 -97.64 55.56
C SER LB 37 51.80 -98.70 55.95
N GLN LB 38 52.48 -99.26 54.95
CA GLN LB 38 53.51 -100.24 55.24
C GLN LB 38 54.85 -99.56 55.45
N ALA LB 39 55.64 -100.12 56.38
CA ALA LB 39 56.90 -99.52 56.75
C ALA LB 39 57.85 -99.49 55.55
N GLY LB 40 58.51 -98.36 55.35
CA GLY LB 40 59.49 -98.23 54.30
C GLY LB 40 60.44 -97.10 54.65
N ALA LB 41 61.48 -96.96 53.82
CA ALA LB 41 62.44 -95.88 54.01
C ALA LB 41 61.97 -94.59 53.33
N VAL LB 42 61.45 -94.69 52.12
CA VAL LB 42 60.90 -93.56 51.39
C VAL LB 42 59.38 -93.62 51.54
N PRO LB 43 58.75 -92.70 52.27
CA PRO LB 43 57.29 -92.73 52.40
C PRO LB 43 56.55 -92.61 51.08
N ALA LB 44 57.17 -92.06 50.04
CA ALA LB 44 56.50 -91.98 48.75
C ALA LB 44 56.24 -93.37 48.17
N LEU LB 45 57.10 -94.34 48.45
CA LEU LB 45 57.01 -95.70 47.91
C LEU LB 45 56.30 -96.65 48.88
N GLU LB 46 55.37 -96.16 49.68
CA GLU LB 46 54.73 -96.96 50.72
C GLU LB 46 53.30 -97.31 50.34
N LYS LB 47 52.95 -98.57 50.55
CA LYS LB 47 51.62 -99.09 50.24
C LYS LB 47 50.66 -98.66 51.34
N ARG LB 48 49.60 -97.95 50.97
CA ARG LB 48 48.73 -97.35 51.95
C ARG LB 48 47.29 -97.83 51.74
N VAL LB 49 46.52 -97.85 52.83
CA VAL LB 49 45.14 -98.31 52.83
C VAL LB 49 44.28 -97.36 53.67
N THR LB 50 43.17 -96.92 53.12
CA THR LB 50 42.24 -96.03 53.78
C THR LB 50 41.09 -96.81 54.40
N VAL LB 51 40.44 -96.21 55.41
CA VAL LB 51 39.23 -96.77 56.00
C VAL LB 51 38.34 -95.61 56.48
N SER LB 52 37.13 -95.53 55.94
CA SER LB 52 36.18 -94.50 56.33
C SER LB 52 34.89 -95.15 56.81
N VAL LB 53 34.34 -94.60 57.90
CA VAL LB 53 33.04 -95.02 58.39
C VAL LB 53 32.18 -93.78 58.56
N SER LB 54 31.50 -93.37 57.50
CA SER LB 54 30.73 -92.15 57.57
C SER LB 54 29.38 -92.43 58.24
N GLN LB 55 28.83 -91.40 58.84
CA GLN LB 55 27.61 -91.56 59.60
C GLN LB 55 26.43 -91.09 58.76
N PRO LB 56 25.20 -91.34 59.21
CA PRO LB 56 24.05 -91.06 58.36
C PRO LB 56 23.97 -89.59 57.95
N SER LB 57 23.74 -89.38 56.66
CA SER LB 57 23.57 -88.05 56.12
C SER LB 57 22.17 -87.55 56.46
N ARG LB 58 21.75 -86.46 55.81
CA ARG LB 58 20.49 -85.83 56.16
C ARG LB 58 19.32 -86.50 55.43
N ASN LB 59 18.41 -87.12 56.26
CA ASN LB 59 17.10 -87.62 55.85
C ASN LB 59 17.16 -88.89 55.02
N ARG LB 60 18.34 -89.24 54.50
CA ARG LB 60 18.49 -90.45 53.69
C ARG LB 60 19.35 -91.48 54.39
N LYS LB 61 20.35 -91.01 55.14
CA LYS LB 61 21.09 -91.73 56.17
C LYS LB 61 22.08 -92.76 55.67
N ASN LB 62 21.88 -93.38 54.51
CA ASN LB 62 22.98 -93.96 53.75
C ASN LB 62 24.22 -94.41 54.54
N TYR LB 63 24.13 -95.33 55.52
CA TYR LB 63 25.38 -95.72 56.18
C TYR LB 63 26.39 -96.14 55.13
N LYS LB 64 27.52 -95.45 55.09
CA LYS LB 64 28.53 -95.70 54.09
C LYS LB 64 29.88 -95.91 54.75
N VAL LB 65 30.63 -96.86 54.21
CA VAL LB 65 31.98 -97.18 54.65
C VAL LB 65 32.85 -97.24 53.40
N GLN LB 66 34.07 -96.73 53.50
CA GLN LB 66 35.01 -96.76 52.39
C GLN LB 66 36.35 -97.34 52.83
N VAL LB 67 37.02 -97.98 51.88
CA VAL LB 67 38.36 -98.51 52.09
C VAL LB 67 39.10 -98.37 50.76
N LYS LB 68 40.18 -97.58 50.76
CA LYS LB 68 40.94 -97.28 49.56
C LYS LB 68 42.35 -97.84 49.72
N ILE LB 69 42.71 -98.80 48.88
CA ILE LB 69 44.03 -99.40 48.85
C ILE LB 69 44.80 -98.79 47.68
N GLN LB 70 45.99 -98.26 47.96
CA GLN LB 70 46.85 -97.66 46.95
C GLN LB 70 48.20 -98.36 46.97
N ASN LB 71 48.64 -98.79 45.79
CA ASN LB 71 49.90 -99.50 45.60
C ASN LB 71 50.75 -98.70 44.63
N PRO LB 72 51.75 -97.96 45.09
CA PRO LB 72 52.64 -97.27 44.16
C PRO LB 72 53.87 -98.11 43.84
N THR LB 73 54.60 -97.68 42.81
CA THR LB 73 55.88 -98.29 42.48
C THR LB 73 56.62 -97.38 41.53
N ALA LB 74 57.95 -97.35 41.67
CA ALA LB 74 58.78 -96.47 40.86
C ALA LB 74 59.82 -97.25 40.07
N VAL LB 85 57.99 -92.65 41.48
CA VAL LB 85 56.66 -93.26 41.39
C VAL LB 85 56.12 -93.10 39.96
N THR LB 86 56.24 -94.16 39.16
CA THR LB 86 55.76 -94.15 37.79
C THR LB 86 54.60 -95.10 37.53
N ARG LB 87 54.26 -95.97 38.49
CA ARG LB 87 53.16 -96.91 38.33
C ARG LB 87 52.31 -96.87 39.59
N GLN LB 88 51.00 -97.02 39.41
CA GLN LB 88 50.05 -96.73 40.46
C GLN LB 88 48.83 -97.63 40.30
N ALA LB 89 48.44 -98.29 41.39
CA ALA LB 89 47.28 -99.17 41.41
C ALA LB 89 46.34 -98.76 42.53
N TYR LB 90 45.04 -98.79 42.26
CA TYR LB 90 44.04 -98.35 43.22
C TYR LB 90 42.92 -99.36 43.32
N ALA LB 91 42.35 -99.50 44.51
CA ALA LB 91 41.19 -100.35 44.76
C ALA LB 91 40.29 -99.66 45.78
N ASP LB 92 39.07 -99.31 45.36
CA ASP LB 92 38.15 -98.53 46.18
C ASP LB 92 36.92 -99.39 46.48
N VAL LB 93 36.80 -99.86 47.73
CA VAL LB 93 35.63 -100.60 48.17
C VAL LB 93 34.72 -99.67 48.95
N THR LB 94 33.43 -99.69 48.62
CA THR LB 94 32.44 -98.85 49.29
C THR LB 94 31.22 -99.68 49.64
N PHE LB 95 30.88 -99.70 50.92
CA PHE LB 95 29.71 -100.38 51.45
C PHE LB 95 28.63 -99.36 51.77
N SER LB 96 27.39 -99.67 51.43
CA SER LB 96 26.27 -98.82 51.78
C SER LB 96 25.16 -99.68 52.36
N PHE LB 97 24.86 -99.46 53.65
CA PHE LB 97 23.80 -100.17 54.34
C PHE LB 97 22.73 -99.18 54.79
N THR LB 98 21.61 -99.76 55.18
CA THR LB 98 20.46 -99.02 55.67
C THR LB 98 20.63 -98.66 57.13
N GLN LB 99 19.92 -97.62 57.56
CA GLN LB 99 19.90 -97.30 58.97
C GLN LB 99 19.24 -98.40 59.78
N TYR LB 100 18.45 -99.25 59.12
CA TYR LB 100 17.89 -100.44 59.75
C TYR LB 100 18.67 -101.69 59.42
N SER LB 101 19.78 -101.56 58.69
CA SER LB 101 20.64 -102.69 58.42
C SER LB 101 21.06 -103.35 59.74
N THR LB 102 21.54 -104.58 59.65
CA THR LB 102 21.86 -105.36 60.82
C THR LB 102 23.20 -106.05 60.64
N ASP LB 103 23.85 -106.34 61.77
CA ASP LB 103 25.17 -106.95 61.77
C ASP LB 103 25.21 -108.25 60.98
N GLU LB 104 24.17 -109.07 61.09
CA GLU LB 104 24.17 -110.34 60.36
C GLU LB 104 24.38 -110.10 58.87
N GLU LB 105 23.55 -109.24 58.30
CA GLU LB 105 23.64 -109.00 56.86
C GLU LB 105 24.93 -108.27 56.51
N ARG LB 106 25.40 -107.37 57.39
CA ARG LB 106 26.66 -106.69 57.13
C ARG LB 106 27.79 -107.70 57.02
N ALA LB 107 27.87 -108.63 57.97
CA ALA LB 107 28.90 -109.66 57.94
C ALA LB 107 28.75 -110.57 56.73
N PHE LB 108 27.52 -110.90 56.35
CA PHE LB 108 27.33 -111.71 55.16
C PHE LB 108 27.87 -110.97 53.94
N VAL LB 109 27.60 -109.66 53.83
CA VAL LB 109 28.11 -108.91 52.68
C VAL LB 109 29.63 -108.89 52.68
N ARG LB 110 30.21 -108.69 53.86
CA ARG LB 110 31.67 -108.70 53.99
C ARG LB 110 32.26 -110.03 53.52
N THR LB 111 31.74 -111.13 54.07
CA THR LB 111 32.25 -112.44 53.71
C THR LB 111 31.97 -112.78 52.25
N GLU LB 112 30.86 -112.27 51.70
CA GLU LB 112 30.59 -112.47 50.28
C GLU LB 112 31.65 -111.82 49.43
N LEU LB 113 32.00 -110.56 49.72
CA LEU LB 113 33.07 -109.94 48.96
C LEU LB 113 34.39 -110.69 49.17
N ALA LB 114 34.61 -111.21 50.37
CA ALA LB 114 35.83 -111.98 50.63
C ALA LB 114 35.92 -113.21 49.73
N ALA LB 115 34.88 -114.03 49.74
CA ALA LB 115 34.91 -115.24 48.94
C ALA LB 115 34.85 -114.93 47.45
N LEU LB 116 34.20 -113.83 47.04
CA LEU LB 116 34.20 -113.43 45.64
C LEU LB 116 35.59 -113.05 45.17
N LEU LB 117 36.31 -112.26 45.97
CA LEU LB 117 37.67 -111.93 45.62
C LEU LB 117 38.61 -113.14 45.71
N ALA LB 118 38.18 -114.21 46.39
CA ALA LB 118 38.93 -115.47 46.40
C ALA LB 118 38.62 -116.38 45.23
N SER LB 119 37.40 -116.35 44.69
CA SER LB 119 36.96 -117.33 43.71
C SER LB 119 37.67 -117.15 42.37
N PRO LB 120 37.63 -118.16 41.51
CA PRO LB 120 38.29 -118.03 40.19
C PRO LB 120 37.68 -116.98 39.27
N LEU LB 121 36.43 -116.54 39.51
CA LEU LB 121 35.82 -115.52 38.66
C LEU LB 121 36.62 -114.22 38.68
N LEU LB 122 36.63 -113.58 39.84
CA LEU LB 122 37.33 -112.29 39.96
C LEU LB 122 38.84 -112.46 39.81
N ILE LB 123 39.38 -113.63 40.17
CA ILE LB 123 40.81 -113.88 39.95
C ILE LB 123 41.13 -113.74 38.47
N ASP LB 124 40.37 -114.43 37.62
CA ASP LB 124 40.49 -114.28 36.19
C ASP LB 124 40.18 -112.86 35.73
N ALA LB 125 39.25 -112.17 36.41
CA ALA LB 125 38.79 -110.86 35.96
C ALA LB 125 39.82 -109.77 36.19
N ILE LB 126 40.55 -109.84 37.30
CA ILE LB 126 41.50 -108.81 37.70
C ILE LB 126 42.93 -109.22 37.39
N ASP LB 127 43.36 -110.39 37.88
CA ASP LB 127 44.74 -110.82 37.66
C ASP LB 127 45.05 -110.89 36.18
N GLN LB 128 44.12 -111.41 35.38
CA GLN LB 128 44.29 -111.58 33.95
C GLN LB 128 43.62 -110.49 33.12
N LEU LB 129 42.70 -109.72 33.71
CA LEU LB 129 41.97 -108.69 32.99
C LEU LB 129 41.17 -109.31 31.84
N ASN LB 130 40.32 -110.27 32.18
CA ASN LB 130 39.51 -110.97 31.18
C ASN LB 130 38.04 -110.63 31.39
N PRO LB 131 37.40 -109.92 30.45
CA PRO LB 131 35.96 -109.66 30.61
C PRO LB 131 35.18 -110.94 30.86
N ALA LB 132 34.28 -110.87 31.85
CA ALA LB 132 33.52 -112.03 32.27
C ALA LB 132 32.42 -112.30 31.25
N TYR LB 133 32.45 -113.49 30.67
CA TYR LB 133 31.33 -113.95 29.87
C TYR LB 133 31.59 -115.40 29.56
N ALA MB 2 51.99 -117.72 -21.67
CA ALA MB 2 52.12 -116.66 -22.70
C ALA MB 2 53.50 -116.01 -22.62
N LYS MB 3 54.51 -116.88 -22.66
CA LYS MB 3 55.90 -116.45 -22.68
C LYS MB 3 56.18 -115.54 -23.86
N LEU MB 4 56.93 -114.47 -23.63
CA LEU MB 4 57.34 -113.57 -24.69
C LEU MB 4 58.77 -113.91 -25.11
N GLU MB 5 58.97 -114.04 -26.41
CA GLU MB 5 60.28 -114.31 -26.97
C GLU MB 5 60.29 -113.84 -28.42
N THR MB 6 61.32 -114.23 -29.15
CA THR MB 6 61.39 -113.90 -30.57
C THR MB 6 60.59 -114.91 -31.37
N VAL MB 7 59.75 -114.41 -32.27
CA VAL MB 7 58.91 -115.24 -33.12
C VAL MB 7 59.44 -115.15 -34.54
N THR MB 8 59.55 -116.30 -35.19
CA THR MB 8 60.06 -116.45 -36.55
C THR MB 8 58.87 -116.74 -37.45
N LEU MB 9 58.32 -115.69 -38.04
CA LEU MB 9 57.10 -115.78 -38.80
C LEU MB 9 57.47 -116.05 -40.25
N GLY MB 10 57.29 -117.28 -40.72
CA GLY MB 10 57.79 -117.65 -42.04
C GLY MB 10 56.73 -117.84 -43.11
N ASN MB 11 57.15 -117.84 -44.38
CA ASN MB 11 56.25 -118.06 -45.51
C ASN MB 11 55.15 -116.99 -45.53
N ILE MB 12 55.58 -115.77 -45.78
CA ILE MB 12 54.76 -114.58 -45.62
C ILE MB 12 54.59 -113.90 -46.97
N GLY MB 13 53.51 -113.15 -47.10
CA GLY MB 13 53.32 -112.27 -48.24
C GLY MB 13 52.59 -112.93 -49.39
N LYS MB 14 52.67 -112.28 -50.55
CA LYS MB 14 51.96 -112.74 -51.73
C LYS MB 14 52.35 -114.17 -52.08
N ASP MB 15 53.64 -114.41 -52.24
CA ASP MB 15 54.14 -115.74 -52.58
C ASP MB 15 54.48 -116.57 -51.36
N GLY MB 16 54.36 -116.00 -50.16
CA GLY MB 16 54.67 -116.74 -48.96
C GLY MB 16 56.13 -117.16 -48.89
N LYS MB 17 57.04 -116.21 -49.10
CA LYS MB 17 58.46 -116.51 -49.13
C LYS MB 17 59.31 -115.71 -48.18
N GLN MB 18 58.89 -114.52 -47.76
CA GLN MB 18 59.71 -113.74 -46.84
C GLN MB 18 59.46 -114.19 -45.41
N THR MB 19 60.19 -113.59 -44.47
CA THR MB 19 60.12 -113.98 -43.07
C THR MB 19 60.31 -112.76 -42.19
N LEU MB 20 59.57 -112.74 -41.08
CA LEU MB 20 59.59 -111.61 -40.16
C LEU MB 20 60.00 -112.13 -38.80
N VAL MB 21 61.03 -111.53 -38.22
CA VAL MB 21 61.50 -111.91 -36.90
C VAL MB 21 61.09 -110.80 -35.94
N LEU MB 22 60.18 -111.14 -35.03
CA LEU MB 22 59.63 -110.20 -34.07
C LEU MB 22 60.25 -110.47 -32.71
N ASN MB 23 60.98 -109.52 -32.21
CA ASN MB 23 61.62 -109.60 -30.91
C ASN MB 23 60.78 -108.89 -29.86
N PRO MB 24 60.90 -109.32 -28.62
CA PRO MB 24 60.03 -108.83 -27.56
C PRO MB 24 60.41 -107.43 -27.10
N ARG MB 25 59.48 -106.81 -26.39
CA ARG MB 25 59.72 -105.51 -25.77
C ARG MB 25 59.08 -105.53 -24.39
N GLY MB 26 58.87 -104.37 -23.79
CA GLY MB 26 58.38 -104.27 -22.42
C GLY MB 26 56.86 -104.19 -22.37
N VAL MB 27 56.28 -104.88 -21.40
CA VAL MB 27 54.83 -104.90 -21.29
C VAL MB 27 54.37 -103.60 -20.67
N ASN MB 28 53.52 -102.88 -21.39
CA ASN MB 28 53.05 -101.57 -20.99
C ASN MB 28 52.30 -101.66 -19.68
N PRO MB 29 52.92 -101.25 -18.57
CA PRO MB 29 52.27 -101.42 -17.26
C PRO MB 29 50.95 -100.68 -17.16
N THR MB 30 50.80 -99.57 -17.86
CA THR MB 30 49.57 -98.80 -17.78
C THR MB 30 48.37 -99.64 -18.17
N ASN MB 31 48.58 -100.66 -19.00
CA ASN MB 31 47.46 -101.44 -19.51
C ASN MB 31 47.77 -102.93 -19.62
N GLY MB 32 48.96 -103.37 -19.22
CA GLY MB 32 49.32 -104.77 -19.39
C GLY MB 32 49.18 -105.20 -20.83
N VAL MB 33 50.03 -104.67 -21.70
CA VAL MB 33 50.00 -104.98 -23.12
C VAL MB 33 51.39 -105.41 -23.54
N ALA MB 34 51.53 -106.64 -24.01
CA ALA MB 34 52.83 -107.12 -24.46
C ALA MB 34 53.07 -106.70 -25.90
N SER MB 35 54.35 -106.52 -26.23
CA SER MB 35 54.72 -105.91 -27.50
C SER MB 35 55.84 -106.68 -28.19
N LEU MB 36 55.69 -106.82 -29.51
CA LEU MB 36 56.69 -107.40 -30.39
C LEU MB 36 57.02 -106.40 -31.48
N SER MB 37 58.28 -106.40 -31.92
CA SER MB 37 58.71 -105.46 -32.94
C SER MB 37 59.71 -106.15 -33.86
N GLN MB 38 59.79 -105.65 -35.09
CA GLN MB 38 60.67 -106.26 -36.09
C GLN MB 38 62.10 -106.38 -35.57
N ALA MB 39 62.92 -107.18 -36.25
CA ALA MB 39 64.27 -107.44 -35.76
C ALA MB 39 65.03 -106.14 -35.48
N GLY MB 40 64.78 -105.10 -36.26
CA GLY MB 40 65.42 -103.82 -36.07
C GLY MB 40 66.31 -103.47 -37.24
N ALA MB 41 67.06 -102.37 -37.08
CA ALA MB 41 67.07 -101.56 -35.86
C ALA MB 41 65.92 -100.56 -35.83
N VAL MB 42 65.94 -99.62 -36.78
CA VAL MB 42 64.87 -98.63 -36.84
C VAL MB 42 63.52 -99.29 -37.01
N PRO MB 43 63.36 -100.33 -37.81
CA PRO MB 43 62.03 -100.95 -37.95
C PRO MB 43 61.45 -101.46 -36.64
N ALA MB 44 62.26 -101.60 -35.59
CA ALA MB 44 61.72 -102.04 -34.29
C ALA MB 44 60.82 -100.97 -33.69
N LEU MB 45 61.02 -99.71 -34.06
CA LEU MB 45 60.13 -98.62 -33.72
C LEU MB 45 59.10 -98.34 -34.80
N GLU MB 46 59.11 -99.10 -35.89
CA GLU MB 46 58.15 -98.95 -36.97
C GLU MB 46 57.08 -100.04 -36.94
N LYS MB 47 57.48 -101.30 -37.07
CA LYS MB 47 56.54 -102.42 -37.01
C LYS MB 47 56.19 -102.72 -35.56
N ARG MB 48 54.91 -102.99 -35.31
CA ARG MB 48 54.47 -103.29 -33.96
C ARG MB 48 53.44 -104.41 -34.00
N VAL MB 49 53.46 -105.23 -32.95
CA VAL MB 49 52.49 -106.31 -32.79
C VAL MB 49 52.17 -106.40 -31.31
N THR MB 50 50.99 -105.92 -30.93
CA THR MB 50 50.60 -105.84 -29.53
C THR MB 50 49.59 -106.92 -29.19
N VAL MB 51 49.69 -107.46 -27.99
CA VAL MB 51 48.85 -108.55 -27.52
C VAL MB 51 48.35 -108.23 -26.12
N SER MB 52 47.08 -108.54 -25.86
CA SER MB 52 46.50 -108.29 -24.55
C SER MB 52 45.41 -109.32 -24.28
N VAL MB 53 45.22 -109.62 -23.00
CA VAL MB 53 44.16 -110.52 -22.56
C VAL MB 53 43.51 -109.89 -21.33
N SER MB 54 42.29 -109.40 -21.50
CA SER MB 54 41.56 -108.71 -20.45
C SER MB 54 40.65 -109.70 -19.73
N GLN MB 55 40.76 -109.72 -18.41
CA GLN MB 55 40.00 -110.58 -17.53
C GLN MB 55 38.57 -110.04 -17.39
N PRO MB 56 37.68 -110.76 -16.71
CA PRO MB 56 36.33 -110.25 -16.53
C PRO MB 56 36.38 -109.03 -15.62
N SER MB 57 35.43 -108.12 -15.81
CA SER MB 57 35.35 -106.93 -14.98
C SER MB 57 33.95 -106.34 -15.13
N ARG MB 58 33.75 -105.13 -14.63
CA ARG MB 58 32.46 -104.49 -14.81
C ARG MB 58 32.24 -104.02 -16.22
N ASN MB 59 33.27 -104.02 -17.07
CA ASN MB 59 33.10 -103.63 -18.46
C ASN MB 59 33.14 -104.84 -19.40
N ARG MB 60 33.74 -105.95 -18.97
CA ARG MB 60 33.76 -107.18 -19.76
C ARG MB 60 32.92 -108.23 -19.06
N LYS MB 61 32.80 -109.43 -19.62
CA LYS MB 61 32.03 -110.47 -18.94
C LYS MB 61 32.67 -111.85 -18.76
N ASN MB 62 33.07 -112.60 -19.80
CA ASN MB 62 33.59 -112.27 -21.15
C ASN MB 62 35.01 -111.69 -21.16
N TYR MB 63 35.94 -112.57 -20.84
CA TYR MB 63 37.33 -112.43 -21.24
C TYR MB 63 37.41 -111.93 -22.68
N LYS MB 64 38.40 -111.09 -22.96
CA LYS MB 64 38.64 -110.65 -24.33
C LYS MB 64 40.14 -110.66 -24.63
N VAL MB 65 40.52 -111.32 -25.72
CA VAL MB 65 41.91 -111.31 -26.17
C VAL MB 65 42.00 -110.47 -27.44
N GLN MB 66 42.86 -109.47 -27.42
CA GLN MB 66 43.01 -108.53 -28.53
C GLN MB 66 44.45 -108.51 -29.04
N VAL MB 67 44.58 -108.52 -30.35
CA VAL MB 67 45.86 -108.58 -31.05
C VAL MB 67 45.85 -107.52 -32.13
N LYS MB 68 46.71 -106.52 -32.01
CA LYS MB 68 46.80 -105.47 -33.01
C LYS MB 68 48.12 -105.60 -33.75
N ILE MB 69 48.09 -105.34 -35.06
CA ILE MB 69 49.26 -105.45 -35.92
C ILE MB 69 49.37 -104.16 -36.72
N GLN MB 70 50.59 -103.60 -36.76
CA GLN MB 70 50.83 -102.29 -37.33
C GLN MB 70 52.08 -102.34 -38.19
N ASN MB 71 51.91 -102.07 -39.48
CA ASN MB 71 53.03 -101.90 -40.41
C ASN MB 71 52.99 -100.51 -41.01
N PRO MB 72 53.88 -99.61 -40.62
CA PRO MB 72 53.99 -98.34 -41.31
C PRO MB 72 54.95 -98.44 -42.49
N THR MB 73 54.45 -98.19 -43.70
CA THR MB 73 55.32 -98.09 -44.86
C THR MB 73 55.85 -96.66 -44.96
N ALA MB 74 57.17 -96.54 -45.14
CA ALA MB 74 57.83 -95.26 -45.22
C ALA MB 74 58.72 -95.25 -46.45
N CYS MB 75 59.19 -94.06 -46.80
CA CYS MB 75 60.09 -93.89 -47.92
C CYS MB 75 60.92 -92.64 -47.68
N THR MB 76 62.02 -92.53 -48.41
CA THR MB 76 62.94 -91.41 -48.26
C THR MB 76 62.89 -90.56 -49.51
N ALA MB 77 62.53 -89.29 -49.36
CA ALA MB 77 62.50 -88.39 -50.48
C ALA MB 77 63.91 -88.25 -51.06
N ASN MB 78 63.97 -87.97 -52.35
CA ASN MB 78 65.25 -87.91 -53.05
C ASN MB 78 66.00 -86.65 -52.64
N GLY MB 79 66.73 -86.73 -51.53
CA GLY MB 79 67.44 -85.59 -51.00
C GLY MB 79 67.41 -85.53 -49.48
N SER MB 80 66.40 -86.15 -48.89
CA SER MB 80 66.30 -86.22 -47.44
C SER MB 80 67.20 -87.32 -46.91
N CYS MB 81 67.22 -87.53 -45.60
CA CYS MB 81 67.93 -88.66 -45.02
C CYS MB 81 66.98 -89.57 -44.24
N ASP MB 82 66.28 -89.00 -43.26
CA ASP MB 82 65.34 -89.78 -42.48
C ASP MB 82 64.18 -90.22 -43.36
N PRO MB 83 63.90 -91.51 -43.48
CA PRO MB 83 62.68 -91.91 -44.19
C PRO MB 83 61.44 -91.50 -43.40
N SER MB 84 60.48 -90.95 -44.14
CA SER MB 84 59.21 -90.49 -43.58
C SER MB 84 58.13 -91.53 -43.88
N VAL MB 85 57.24 -91.74 -42.93
CA VAL MB 85 56.20 -92.74 -43.08
C VAL MB 85 55.12 -92.17 -43.99
N THR MB 86 54.87 -92.84 -45.11
CA THR MB 86 53.87 -92.39 -46.08
C THR MB 86 52.56 -93.13 -45.95
N ARG MB 87 52.55 -94.36 -45.43
CA ARG MB 87 51.33 -95.13 -45.26
C ARG MB 87 51.41 -95.90 -43.97
N GLN MB 88 50.26 -96.33 -43.47
CA GLN MB 88 50.21 -97.11 -42.23
C GLN MB 88 49.08 -98.13 -42.35
N ALA MB 89 49.43 -99.37 -42.62
CA ALA MB 89 48.45 -100.44 -42.59
C ALA MB 89 48.38 -100.97 -41.17
N TYR MB 90 47.18 -101.37 -40.74
CA TYR MB 90 47.10 -102.07 -39.47
C TYR MB 90 45.76 -102.79 -39.36
N ALA MB 91 45.76 -103.79 -38.49
CA ALA MB 91 44.62 -104.68 -38.31
C ALA MB 91 44.47 -105.00 -36.84
N ASP MB 92 43.27 -105.44 -36.47
CA ASP MB 92 42.95 -105.65 -35.07
C ASP MB 92 42.00 -106.84 -34.95
N VAL MB 93 42.48 -107.91 -34.32
CA VAL MB 93 41.69 -109.10 -34.04
C VAL MB 93 41.25 -109.04 -32.59
N THR MB 94 40.02 -109.46 -32.32
CA THR MB 94 39.44 -109.31 -31.00
C THR MB 94 38.52 -110.50 -30.72
N PHE MB 95 39.05 -111.49 -30.02
CA PHE MB 95 38.27 -112.64 -29.61
C PHE MB 95 37.60 -112.33 -28.27
N SER MB 96 36.35 -112.74 -28.13
CA SER MB 96 35.62 -112.54 -26.88
C SER MB 96 34.99 -113.87 -26.47
N PHE MB 97 35.40 -114.39 -25.32
CA PHE MB 97 34.84 -115.62 -24.79
C PHE MB 97 34.35 -115.36 -23.38
N THR MB 98 33.28 -116.04 -22.98
CA THR MB 98 32.84 -115.83 -21.62
C THR MB 98 33.33 -116.95 -20.70
N GLN MB 99 33.03 -116.77 -19.41
CA GLN MB 99 33.86 -117.37 -18.38
C GLN MB 99 33.83 -118.89 -18.45
N TYR MB 100 32.67 -119.46 -18.73
CA TYR MB 100 32.59 -120.91 -18.88
C TYR MB 100 33.14 -121.39 -20.21
N SER MB 101 33.86 -120.52 -20.93
CA SER MB 101 34.45 -120.92 -22.19
C SER MB 101 35.36 -122.13 -21.97
N THR MB 102 35.70 -122.78 -23.07
CA THR MB 102 36.55 -123.96 -23.06
C THR MB 102 37.73 -123.76 -23.97
N ASP MB 103 38.90 -124.22 -23.53
CA ASP MB 103 40.05 -124.26 -24.42
C ASP MB 103 39.67 -124.95 -25.71
N GLU MB 104 38.83 -125.97 -25.60
CA GLU MB 104 38.29 -126.67 -26.74
C GLU MB 104 37.88 -125.68 -27.83
N GLU MB 105 36.83 -124.92 -27.54
CA GLU MB 105 36.23 -124.03 -28.52
C GLU MB 105 37.15 -122.87 -28.84
N ARG MB 106 37.95 -122.43 -27.87
CA ARG MB 106 38.78 -121.27 -28.10
C ARG MB 106 39.80 -121.57 -29.20
N ALA MB 107 40.53 -122.68 -29.03
CA ALA MB 107 41.50 -123.07 -30.05
C ALA MB 107 40.79 -123.38 -31.36
N PHE MB 108 39.64 -124.04 -31.29
CA PHE MB 108 38.83 -124.19 -32.49
C PHE MB 108 38.70 -122.85 -33.21
N VAL MB 109 38.17 -121.85 -32.51
CA VAL MB 109 37.87 -120.56 -33.10
C VAL MB 109 39.11 -119.96 -33.74
N ARG MB 110 40.22 -119.97 -33.01
CA ARG MB 110 41.46 -119.45 -33.57
C ARG MB 110 41.74 -120.12 -34.89
N THR MB 111 41.64 -121.45 -34.91
CA THR MB 111 41.98 -122.16 -36.12
C THR MB 111 41.06 -121.79 -37.28
N GLU MB 112 39.76 -121.61 -37.02
CA GLU MB 112 38.92 -121.21 -38.16
C GLU MB 112 39.31 -119.83 -38.64
N LEU MB 113 39.64 -118.93 -37.72
CA LEU MB 113 40.14 -117.64 -38.16
C LEU MB 113 41.32 -117.82 -39.09
N ALA MB 114 42.29 -118.64 -38.69
CA ALA MB 114 43.48 -118.81 -39.51
C ALA MB 114 43.13 -119.38 -40.86
N ALA MB 115 42.29 -120.41 -40.87
CA ALA MB 115 41.97 -121.06 -42.13
C ALA MB 115 41.21 -120.13 -43.05
N LEU MB 116 40.27 -119.35 -42.52
CA LEU MB 116 39.56 -118.41 -43.36
C LEU MB 116 40.52 -117.37 -43.93
N LEU MB 117 41.41 -116.86 -43.08
CA LEU MB 117 42.39 -115.90 -43.59
C LEU MB 117 43.20 -116.51 -44.72
N ALA MB 118 43.55 -117.79 -44.60
CA ALA MB 118 44.27 -118.48 -45.65
C ALA MB 118 43.38 -118.85 -46.83
N SER MB 119 42.09 -118.71 -46.69
CA SER MB 119 41.16 -119.21 -47.69
C SER MB 119 40.98 -118.22 -48.84
N PRO MB 120 40.60 -118.70 -50.02
CA PRO MB 120 40.53 -117.81 -51.19
C PRO MB 120 39.64 -116.58 -51.01
N LEU MB 121 38.51 -116.73 -50.33
CA LEU MB 121 37.58 -115.61 -50.26
C LEU MB 121 38.21 -114.42 -49.57
N LEU MB 122 38.83 -114.65 -48.41
CA LEU MB 122 39.41 -113.52 -47.70
C LEU MB 122 40.67 -113.01 -48.38
N ILE MB 123 41.44 -113.88 -49.04
CA ILE MB 123 42.61 -113.36 -49.74
C ILE MB 123 42.15 -112.39 -50.82
N ASP MB 124 41.08 -112.74 -51.52
CA ASP MB 124 40.66 -111.89 -52.63
C ASP MB 124 39.90 -110.67 -52.14
N ALA MB 125 39.29 -110.78 -50.96
CA ALA MB 125 38.63 -109.63 -50.39
C ALA MB 125 39.60 -108.68 -49.69
N ILE MB 126 40.82 -109.15 -49.41
CA ILE MB 126 41.79 -108.33 -48.69
C ILE MB 126 42.82 -107.79 -49.67
N ASP MB 127 43.51 -108.69 -50.37
CA ASP MB 127 44.58 -108.28 -51.25
C ASP MB 127 44.06 -107.38 -52.35
N GLN MB 128 42.89 -107.72 -52.88
CA GLN MB 128 42.32 -106.98 -53.97
C GLN MB 128 41.13 -106.14 -53.55
N LEU MB 129 40.77 -106.18 -52.26
CA LEU MB 129 39.68 -105.36 -51.76
C LEU MB 129 38.40 -105.66 -52.51
N ASN MB 130 38.16 -106.94 -52.78
CA ASN MB 130 37.05 -107.33 -53.62
C ASN MB 130 35.91 -107.84 -52.76
N PRO MB 131 34.82 -107.09 -52.62
CA PRO MB 131 33.67 -107.63 -51.91
C PRO MB 131 33.16 -108.88 -52.60
N ALA MB 132 32.63 -109.79 -51.80
CA ALA MB 132 32.23 -111.09 -52.33
C ALA MB 132 30.92 -110.95 -53.08
N TYR MB 133 30.99 -111.03 -54.40
CA TYR MB 133 29.80 -110.89 -55.21
C TYR MB 133 30.01 -111.58 -56.54
N ALA NB 2 61.31 -114.54 -5.38
CA ALA NB 2 59.87 -114.91 -5.30
C ALA NB 2 59.32 -115.34 -6.67
N LYS NB 3 60.22 -115.74 -7.56
CA LYS NB 3 59.83 -116.01 -8.93
C LYS NB 3 58.87 -117.20 -9.01
N LEU NB 4 57.92 -117.11 -9.93
CA LEU NB 4 56.83 -118.08 -10.03
C LEU NB 4 57.32 -119.46 -10.45
N GLU NB 5 56.59 -120.48 -10.01
CA GLU NB 5 56.91 -121.88 -10.28
C GLU NB 5 55.67 -122.70 -9.96
N THR NB 6 55.72 -123.99 -10.33
CA THR NB 6 54.65 -124.92 -10.04
C THR NB 6 54.52 -125.17 -8.55
N VAL NB 7 53.43 -124.72 -7.93
CA VAL NB 7 53.23 -124.92 -6.49
C VAL NB 7 52.50 -126.23 -6.30
N THR NB 8 53.15 -127.17 -5.63
CA THR NB 8 52.56 -128.48 -5.33
C THR NB 8 52.31 -128.52 -3.83
N LEU NB 9 51.09 -128.20 -3.46
CA LEU NB 9 50.76 -128.01 -2.06
C LEU NB 9 50.25 -129.34 -1.53
N GLY NB 10 50.87 -129.85 -0.48
CA GLY NB 10 50.73 -131.26 -0.18
C GLY NB 10 49.43 -131.66 0.49
N ASN NB 11 49.55 -132.50 1.51
CA ASN NB 11 48.36 -133.03 2.17
C ASN NB 11 47.51 -131.89 2.71
N ILE NB 12 46.20 -132.02 2.50
CA ILE NB 12 45.30 -130.89 2.58
C ILE NB 12 43.88 -131.41 2.79
N GLY NB 13 43.09 -130.68 3.58
CA GLY NB 13 41.71 -131.04 3.84
C GLY NB 13 41.50 -131.44 5.28
N LYS NB 14 40.31 -132.00 5.53
CA LYS NB 14 40.01 -132.47 6.88
C LYS NB 14 40.89 -133.65 7.25
N ASP NB 15 40.81 -134.74 6.48
CA ASP NB 15 41.67 -135.87 6.72
C ASP NB 15 43.13 -135.59 6.35
N GLY NB 16 43.37 -134.54 5.57
CA GLY NB 16 44.73 -134.22 5.16
C GLY NB 16 45.31 -135.31 4.28
N LYS NB 17 44.66 -135.57 3.15
CA LYS NB 17 45.14 -136.57 2.21
C LYS NB 17 45.22 -136.08 0.78
N GLN NB 18 44.69 -134.92 0.46
CA GLN NB 18 44.65 -134.46 -0.91
C GLN NB 18 45.82 -133.52 -1.21
N THR NB 19 46.06 -133.33 -2.49
CA THR NB 19 47.17 -132.52 -2.97
C THR NB 19 46.67 -131.57 -4.05
N LEU NB 20 47.26 -130.38 -4.11
CA LEU NB 20 46.87 -129.34 -5.04
C LEU NB 20 48.05 -128.95 -5.90
N VAL NB 21 47.79 -128.66 -7.18
CA VAL NB 21 48.84 -128.34 -8.14
C VAL NB 21 48.45 -127.03 -8.82
N LEU NB 22 49.03 -125.92 -8.38
CA LEU NB 22 48.80 -124.62 -8.99
C LEU NB 22 49.91 -124.34 -9.99
N ASN NB 23 49.53 -124.12 -11.24
CA ASN NB 23 50.48 -123.87 -12.30
C ASN NB 23 50.66 -122.38 -12.57
N PRO NB 24 51.70 -122.01 -13.33
CA PRO NB 24 52.09 -120.60 -13.46
C PRO NB 24 51.30 -119.90 -14.55
N ARG NB 25 50.44 -118.96 -14.16
CA ARG NB 25 49.77 -118.15 -15.17
C ARG NB 25 50.61 -116.94 -15.56
N GLY NB 26 50.84 -116.03 -14.61
CA GLY NB 26 51.57 -114.82 -14.92
C GLY NB 26 51.46 -113.82 -13.80
N VAL NB 27 51.68 -112.56 -14.15
CA VAL NB 27 51.58 -111.48 -13.16
C VAL NB 27 50.94 -110.27 -13.84
N ASN NB 28 49.77 -109.88 -13.37
CA ASN NB 28 49.14 -108.66 -13.83
C ASN NB 28 49.97 -107.45 -13.41
N PRO NB 29 50.55 -106.70 -14.34
CA PRO NB 29 51.35 -105.55 -13.95
C PRO NB 29 50.52 -104.38 -13.44
N THR NB 30 49.38 -104.09 -14.07
CA THR NB 30 48.61 -102.91 -13.70
C THR NB 30 48.29 -102.90 -12.22
N ASN NB 31 48.46 -104.03 -11.53
CA ASN NB 31 48.34 -104.08 -10.08
C ASN NB 31 49.51 -104.82 -9.44
N GLY NB 32 50.47 -105.31 -10.22
CA GLY NB 32 51.55 -106.09 -9.68
C GLY NB 32 51.01 -107.23 -8.84
N VAL NB 33 50.31 -108.16 -9.47
CA VAL NB 33 49.66 -109.26 -8.77
C VAL NB 33 49.99 -110.55 -9.51
N ALA NB 34 50.74 -111.44 -8.86
CA ALA NB 34 51.10 -112.72 -9.46
C ALA NB 34 49.99 -113.74 -9.19
N SER NB 35 49.59 -114.46 -10.23
CA SER NB 35 48.41 -115.31 -10.18
C SER NB 35 48.76 -116.75 -10.53
N LEU NB 36 48.15 -117.69 -9.80
CA LEU NB 36 48.30 -119.11 -10.04
C LEU NB 36 46.93 -119.77 -10.05
N SER NB 37 46.80 -120.84 -10.83
CA SER NB 37 45.52 -121.48 -11.04
C SER NB 37 45.70 -122.99 -11.12
N GLN NB 38 44.69 -123.70 -10.62
CA GLN NB 38 44.67 -125.15 -10.76
C GLN NB 38 44.66 -125.52 -12.25
N ALA NB 39 45.42 -126.55 -12.59
CA ALA NB 39 45.41 -127.01 -13.96
C ALA NB 39 44.00 -127.39 -14.36
N GLY NB 40 43.54 -126.88 -15.49
CA GLY NB 40 42.18 -127.11 -15.92
C GLY NB 40 41.95 -126.60 -17.32
N ALA NB 41 40.69 -126.38 -17.69
CA ALA NB 41 40.36 -125.77 -18.98
C ALA NB 41 39.38 -124.64 -18.81
N VAL NB 42 38.41 -124.83 -17.91
CA VAL NB 42 37.33 -123.87 -17.74
C VAL NB 42 37.72 -122.86 -16.68
N PRO NB 43 38.02 -121.62 -17.04
CA PRO NB 43 38.51 -120.66 -16.04
C PRO NB 43 37.54 -120.49 -14.88
N ALA NB 44 36.26 -120.64 -15.14
CA ALA NB 44 35.25 -120.50 -14.10
C ALA NB 44 35.28 -121.64 -13.11
N LEU NB 45 36.05 -122.70 -13.36
CA LEU NB 45 36.01 -123.91 -12.55
C LEU NB 45 37.42 -124.34 -12.17
N GLU NB 46 38.22 -123.38 -11.71
CA GLU NB 46 39.57 -123.67 -11.25
C GLU NB 46 39.79 -122.96 -9.93
N LYS NB 47 40.66 -123.49 -9.10
CA LYS NB 47 41.00 -122.83 -7.85
C LYS NB 47 42.11 -121.83 -8.11
N ARG NB 48 41.94 -120.60 -7.62
CA ARG NB 48 42.83 -119.50 -7.94
C ARG NB 48 43.53 -119.00 -6.69
N VAL NB 49 44.76 -118.53 -6.89
CA VAL NB 49 45.58 -117.97 -5.84
C VAL NB 49 46.26 -116.71 -6.38
N THR NB 50 46.25 -115.65 -5.58
CA THR NB 50 46.85 -114.39 -5.99
C THR NB 50 47.76 -113.90 -4.88
N VAL NB 51 48.97 -113.50 -5.25
CA VAL NB 51 49.99 -113.01 -4.33
C VAL NB 51 50.43 -111.63 -4.79
N SER NB 52 50.42 -110.65 -3.89
CA SER NB 52 50.73 -109.29 -4.30
C SER NB 52 51.33 -108.49 -3.15
N VAL NB 53 52.28 -107.62 -3.51
CA VAL NB 53 53.15 -106.93 -2.56
C VAL NB 53 53.24 -105.47 -2.98
N SER NB 54 52.63 -104.58 -2.22
CA SER NB 54 52.62 -103.16 -2.53
C SER NB 54 53.54 -102.41 -1.58
N GLN NB 55 54.42 -101.60 -2.16
CA GLN NB 55 55.41 -100.85 -1.41
C GLN NB 55 54.78 -99.65 -0.71
N PRO NB 56 55.44 -99.12 0.31
CA PRO NB 56 54.93 -97.92 0.99
C PRO NB 56 54.87 -96.73 0.04
N SER NB 57 53.68 -96.17 -0.11
CA SER NB 57 53.46 -95.03 -0.97
C SER NB 57 53.59 -93.74 -0.15
N ARG NB 58 53.54 -92.62 -0.86
CA ARG NB 58 53.48 -91.31 -0.23
C ARG NB 58 52.16 -91.10 0.50
N ASN NB 59 51.19 -92.01 0.33
CA ASN NB 59 49.87 -91.89 0.93
C ASN NB 59 49.62 -92.94 1.99
N ARG NB 60 50.46 -93.98 2.05
CA ARG NB 60 50.27 -95.08 3.00
C ARG NB 60 51.50 -95.24 3.88
N LYS NB 61 52.69 -95.25 3.26
CA LYS NB 61 53.94 -95.44 3.96
C LYS NB 61 53.91 -96.73 4.80
N ASN NB 62 53.51 -97.81 4.13
CA ASN NB 62 53.46 -99.12 4.78
C ASN NB 62 53.61 -100.20 3.74
N TYR NB 63 54.45 -101.20 4.03
CA TYR NB 63 54.51 -102.39 3.21
C TYR NB 63 53.26 -103.24 3.40
N LYS NB 64 52.64 -103.62 2.29
CA LYS NB 64 51.45 -104.46 2.30
C LYS NB 64 51.73 -105.71 1.48
N VAL NB 65 51.27 -106.85 1.97
CA VAL NB 65 51.42 -108.13 1.26
C VAL NB 65 50.10 -108.87 1.42
N GLN NB 66 49.29 -108.89 0.37
CA GLN NB 66 48.01 -109.58 0.43
C GLN NB 66 47.95 -110.74 -0.55
N VAL NB 67 47.39 -111.85 -0.05
CA VAL NB 67 47.27 -113.11 -0.76
C VAL NB 67 45.81 -113.54 -0.68
N LYS NB 68 45.17 -113.67 -1.84
CA LYS NB 68 43.77 -114.08 -1.96
C LYS NB 68 43.71 -115.51 -2.47
N ILE NB 69 42.75 -116.27 -1.96
CA ILE NB 69 42.51 -117.62 -2.42
C ILE NB 69 41.03 -117.76 -2.73
N GLN NB 70 40.73 -118.23 -3.94
CA GLN NB 70 39.37 -118.39 -4.41
C GLN NB 70 39.19 -119.84 -4.83
N ASN NB 71 38.09 -120.45 -4.40
CA ASN NB 71 37.74 -121.80 -4.84
C ASN NB 71 36.33 -121.86 -5.39
N PRO NB 72 36.12 -122.35 -6.61
CA PRO NB 72 34.78 -122.55 -7.12
C PRO NB 72 34.32 -123.98 -6.93
N THR NB 73 33.01 -124.14 -6.86
CA THR NB 73 32.40 -125.45 -6.86
C THR NB 73 31.83 -125.79 -8.22
N ALA NB 74 31.93 -127.06 -8.59
CA ALA NB 74 31.43 -127.51 -9.88
C ALA NB 74 29.91 -127.48 -9.92
N CYS NB 75 29.25 -128.20 -9.00
CA CYS NB 75 27.81 -128.45 -9.07
C CYS NB 75 27.45 -128.92 -10.47
N THR NB 76 28.12 -129.98 -10.90
CA THR NB 76 27.90 -130.47 -12.25
C THR NB 76 26.53 -131.14 -12.37
N ALA NB 77 25.75 -130.68 -13.33
CA ALA NB 77 24.36 -131.09 -13.46
C ALA NB 77 24.26 -132.41 -14.21
N ASN NB 78 23.09 -133.04 -14.11
CA ASN NB 78 22.85 -134.33 -14.74
C ASN NB 78 22.76 -134.13 -16.25
N GLY NB 79 23.88 -133.68 -16.81
CA GLY NB 79 24.02 -133.49 -18.24
C GLY NB 79 23.66 -132.08 -18.66
N SER NB 80 23.26 -131.95 -19.92
CA SER NB 80 22.61 -130.78 -20.49
C SER NB 80 23.55 -129.60 -20.72
N CYS NB 81 24.68 -129.54 -20.01
CA CYS NB 81 25.90 -128.88 -20.46
C CYS NB 81 26.85 -128.72 -19.27
N ASP NB 82 28.00 -128.10 -19.52
CA ASP NB 82 29.08 -128.02 -18.54
C ASP NB 82 28.58 -127.57 -17.18
N PRO NB 83 29.35 -127.85 -16.13
CA PRO NB 83 28.96 -127.42 -14.78
C PRO NB 83 28.94 -125.91 -14.67
N SER NB 84 28.27 -125.42 -13.62
CA SER NB 84 28.10 -123.99 -13.42
C SER NB 84 28.49 -123.61 -11.99
N VAL NB 85 28.93 -122.37 -11.85
CA VAL NB 85 29.43 -121.89 -10.57
C VAL NB 85 28.27 -121.71 -9.59
N THR NB 86 28.38 -122.35 -8.45
CA THR NB 86 27.37 -122.29 -7.42
C THR NB 86 27.90 -121.85 -6.07
N ARG NB 87 29.11 -122.28 -5.71
CA ARG NB 87 29.75 -121.86 -4.49
C ARG NB 87 31.10 -121.24 -4.80
N GLN NB 88 31.40 -120.17 -4.09
CA GLN NB 88 32.70 -119.51 -4.18
C GLN NB 88 33.19 -119.30 -2.76
N ALA NB 89 34.20 -120.07 -2.36
CA ALA NB 89 34.77 -119.88 -1.03
C ALA NB 89 36.02 -119.01 -1.17
N TYR NB 90 36.08 -117.96 -0.36
CA TYR NB 90 37.12 -116.95 -0.45
C TYR NB 90 37.91 -116.87 0.86
N ALA NB 91 39.20 -116.59 0.72
CA ALA NB 91 40.09 -116.33 1.84
C ALA NB 91 41.01 -115.19 1.47
N ASP NB 92 41.24 -114.26 2.40
CA ASP NB 92 42.11 -113.12 2.15
C ASP NB 92 43.03 -112.93 3.35
N VAL NB 93 44.33 -113.04 3.13
CA VAL NB 93 45.33 -112.74 4.15
C VAL NB 93 46.03 -111.45 3.75
N THR NB 94 46.26 -110.57 4.73
CA THR NB 94 46.81 -109.24 4.46
C THR NB 94 47.84 -108.90 5.52
N PHE NB 95 49.12 -109.08 5.18
CA PHE NB 95 50.24 -108.65 6.01
C PHE NB 95 50.47 -107.16 5.85
N SER NB 96 50.71 -106.48 6.98
CA SER NB 96 51.04 -105.07 6.98
C SER NB 96 52.25 -104.85 7.88
N PHE NB 97 53.24 -104.13 7.36
CA PHE NB 97 54.50 -103.91 8.07
C PHE NB 97 55.00 -102.50 7.82
N THR NB 98 55.86 -102.03 8.71
CA THR NB 98 56.43 -100.70 8.62
C THR NB 98 57.68 -100.73 7.77
N GLN NB 99 58.18 -99.53 7.43
CA GLN NB 99 59.40 -99.44 6.64
C GLN NB 99 60.61 -99.97 7.41
N TYR NB 100 60.66 -99.76 8.72
CA TYR NB 100 61.72 -100.32 9.56
C TYR NB 100 61.42 -101.75 9.98
N SER NB 101 60.49 -102.40 9.30
CA SER NB 101 60.19 -103.80 9.57
C SER NB 101 61.46 -104.64 9.54
N THR NB 102 61.38 -105.82 10.11
CA THR NB 102 62.48 -106.77 10.10
C THR NB 102 61.97 -108.14 9.63
N ASP NB 103 62.76 -108.78 8.79
CA ASP NB 103 62.37 -110.09 8.26
C ASP NB 103 62.06 -111.07 9.39
N GLU NB 104 62.70 -110.89 10.55
CA GLU NB 104 62.41 -111.76 11.68
C GLU NB 104 60.99 -111.54 12.20
N GLU NB 105 60.56 -110.28 12.36
CA GLU NB 105 59.17 -110.04 12.75
C GLU NB 105 58.20 -110.63 11.73
N ARG NB 106 58.49 -110.45 10.43
CA ARG NB 106 57.56 -110.94 9.43
C ARG NB 106 57.47 -112.47 9.44
N ALA NB 107 58.61 -113.15 9.59
CA ALA NB 107 58.60 -114.60 9.71
C ALA NB 107 57.84 -115.05 10.96
N PHE NB 108 58.02 -114.32 12.06
CA PHE NB 108 57.27 -114.58 13.29
C PHE NB 108 55.77 -114.53 13.05
N VAL NB 109 55.29 -113.46 12.42
CA VAL NB 109 53.86 -113.32 12.17
C VAL NB 109 53.37 -114.40 11.20
N ARG NB 110 54.19 -114.72 10.19
CA ARG NB 110 53.83 -115.77 9.24
C ARG NB 110 53.64 -117.11 9.93
N THR NB 111 54.64 -117.54 10.70
CA THR NB 111 54.54 -118.81 11.40
C THR NB 111 53.40 -118.79 12.41
N GLU NB 112 53.19 -117.64 13.07
CA GLU NB 112 52.02 -117.50 13.93
C GLU NB 112 50.74 -117.84 13.19
N LEU NB 113 50.55 -117.24 12.01
CA LEU NB 113 49.32 -117.49 11.26
C LEU NB 113 49.24 -118.95 10.84
N ALA NB 114 50.36 -119.54 10.42
CA ALA NB 114 50.35 -120.95 10.02
C ALA NB 114 49.91 -121.85 11.17
N ALA NB 115 50.53 -121.67 12.33
CA ALA NB 115 50.18 -122.51 13.46
C ALA NB 115 48.77 -122.26 13.94
N LEU NB 116 48.32 -121.01 13.94
CA LEU NB 116 46.93 -120.75 14.31
C LEU NB 116 45.97 -121.44 13.35
N LEU NB 117 46.27 -121.40 12.05
CA LEU NB 117 45.48 -122.15 11.09
C LEU NB 117 45.41 -123.63 11.46
N ALA NB 118 46.50 -124.18 11.96
CA ALA NB 118 46.51 -125.58 12.37
C ALA NB 118 45.87 -125.83 13.73
N SER NB 119 45.71 -124.80 14.55
CA SER NB 119 45.23 -124.99 15.91
C SER NB 119 43.79 -125.51 15.94
N PRO NB 120 43.42 -126.26 16.98
CA PRO NB 120 42.02 -126.70 17.08
C PRO NB 120 41.01 -125.57 17.16
N LEU NB 121 41.32 -124.45 17.81
CA LEU NB 121 40.29 -123.43 17.99
C LEU NB 121 39.80 -122.89 16.66
N LEU NB 122 40.74 -122.50 15.79
CA LEU NB 122 40.33 -122.05 14.46
C LEU NB 122 39.79 -123.20 13.62
N ILE NB 123 40.22 -124.43 13.91
CA ILE NB 123 39.65 -125.58 13.20
C ILE NB 123 38.14 -125.63 13.41
N ASP NB 124 37.70 -125.50 14.67
CA ASP NB 124 36.27 -125.51 14.95
C ASP NB 124 35.59 -124.22 14.52
N ALA NB 125 36.25 -123.08 14.69
CA ALA NB 125 35.64 -121.82 14.28
C ALA NB 125 35.45 -121.76 12.77
N ILE NB 126 36.24 -122.53 12.02
CA ILE NB 126 36.21 -122.54 10.58
C ILE NB 126 35.30 -123.65 10.08
N ASP NB 127 35.71 -124.90 10.28
CA ASP NB 127 34.99 -126.01 9.70
C ASP NB 127 33.56 -126.03 10.21
N GLN NB 128 33.38 -125.99 11.52
CA GLN NB 128 32.04 -126.05 12.06
C GLN NB 128 31.49 -124.67 12.34
N LEU NB 129 32.23 -123.62 12.00
CA LEU NB 129 31.73 -122.26 12.11
C LEU NB 129 31.28 -121.94 13.52
N ASN NB 130 31.93 -122.55 14.50
CA ASN NB 130 31.54 -122.35 15.88
C ASN NB 130 32.08 -121.04 16.38
N PRO NB 131 31.25 -120.11 16.84
CA PRO NB 131 31.80 -118.88 17.41
C PRO NB 131 32.79 -119.19 18.53
N ALA NB 132 33.91 -118.46 18.52
CA ALA NB 132 35.00 -118.71 19.45
C ALA NB 132 34.51 -118.52 20.88
N TYR NB 133 34.51 -119.60 21.65
CA TYR NB 133 33.93 -119.58 22.96
C TYR NB 133 34.12 -120.91 23.66
N ALA OB 2 62.43 -106.59 -21.61
CA ALA OB 2 63.36 -106.66 -20.47
C ALA OB 2 62.73 -107.39 -19.30
N LYS OB 3 62.97 -108.69 -19.22
CA LYS OB 3 62.40 -109.53 -18.17
C LYS OB 3 63.11 -109.29 -16.83
N LEU OB 4 62.34 -108.87 -15.83
CA LEU OB 4 62.90 -108.57 -14.52
C LEU OB 4 63.31 -109.86 -13.82
N GLU OB 5 64.52 -109.87 -13.27
CA GLU OB 5 65.09 -111.07 -12.64
C GLU OB 5 66.09 -110.65 -11.58
N THR OB 6 66.45 -111.59 -10.72
CA THR OB 6 67.49 -111.37 -9.73
C THR OB 6 68.78 -110.90 -10.41
N VAL OB 7 69.20 -109.68 -10.14
CA VAL OB 7 70.38 -109.10 -10.75
C VAL OB 7 71.56 -109.30 -9.81
N THR OB 8 72.58 -110.00 -10.28
CA THR OB 8 73.78 -110.28 -9.48
C THR OB 8 74.97 -109.60 -10.15
N LEU OB 9 75.53 -108.61 -9.47
CA LEU OB 9 76.67 -107.86 -9.97
C LEU OB 9 77.88 -108.15 -9.10
N GLY OB 10 78.97 -108.58 -9.74
CA GLY OB 10 80.23 -108.83 -9.08
C GLY OB 10 81.30 -107.86 -9.54
N ASN OB 11 82.46 -107.93 -8.88
CA ASN OB 11 83.59 -107.03 -9.12
C ASN OB 11 83.16 -105.58 -8.88
N ILE OB 12 82.77 -105.31 -7.64
CA ILE OB 12 82.19 -104.05 -7.21
C ILE OB 12 83.02 -103.44 -6.08
N GLY OB 13 83.04 -102.12 -6.05
CA GLY OB 13 83.63 -101.38 -4.96
C GLY OB 13 84.98 -100.77 -5.34
N LYS OB 14 85.68 -100.31 -4.30
CA LYS OB 14 87.01 -99.74 -4.50
C LYS OB 14 87.98 -100.80 -5.02
N ASP OB 15 87.89 -102.02 -4.51
CA ASP OB 15 88.76 -103.11 -4.90
C ASP OB 15 88.18 -104.01 -5.98
N GLY OB 16 86.88 -103.90 -6.23
CA GLY OB 16 86.22 -104.80 -7.17
C GLY OB 16 86.14 -106.25 -6.74
N LYS OB 17 85.75 -106.51 -5.48
CA LYS OB 17 85.59 -107.87 -4.96
C LYS OB 17 84.25 -108.14 -4.28
N GLN OB 18 83.47 -107.13 -3.89
CA GLN OB 18 82.19 -107.38 -3.25
C GLN OB 18 81.16 -107.83 -4.29
N THR OB 19 79.92 -108.06 -3.85
CA THR OB 19 78.85 -108.44 -4.77
C THR OB 19 77.52 -107.87 -4.29
N LEU OB 20 76.61 -107.67 -5.25
CA LEU OB 20 75.26 -107.16 -4.98
C LEU OB 20 74.23 -108.05 -5.65
N VAL OB 21 73.15 -108.36 -4.92
CA VAL OB 21 72.06 -109.18 -5.41
C VAL OB 21 70.77 -108.37 -5.22
N LEU OB 22 70.31 -107.73 -6.29
CA LEU OB 22 69.06 -106.99 -6.28
C LEU OB 22 67.93 -107.91 -6.72
N ASN OB 23 66.97 -108.05 -5.91
CA ASN OB 23 65.81 -108.85 -6.28
C ASN OB 23 64.74 -107.94 -6.88
N PRO OB 24 64.13 -108.31 -8.02
CA PRO OB 24 63.10 -107.43 -8.60
C PRO OB 24 61.95 -107.14 -7.66
N ARG OB 25 61.43 -105.90 -7.77
CA ARG OB 25 60.35 -105.39 -6.94
C ARG OB 25 59.11 -105.05 -7.76
N GLY OB 26 59.01 -105.56 -8.99
CA GLY OB 26 57.87 -105.27 -9.83
C GLY OB 26 57.96 -103.90 -10.49
N VAL OB 27 56.81 -103.40 -10.89
CA VAL OB 27 56.71 -102.12 -11.58
C VAL OB 27 55.57 -101.31 -10.98
N ASN OB 28 55.80 -100.04 -10.80
CA ASN OB 28 54.75 -99.17 -10.32
C ASN OB 28 53.68 -99.01 -11.40
N PRO OB 29 52.41 -99.26 -11.09
CA PRO OB 29 51.38 -99.10 -12.12
C PRO OB 29 51.22 -97.68 -12.63
N THR OB 30 51.55 -96.68 -11.81
CA THR OB 30 51.35 -95.28 -12.20
C THR OB 30 52.56 -94.76 -12.98
N ASN OB 31 53.72 -94.76 -12.34
CA ASN OB 31 54.92 -94.22 -12.98
C ASN OB 31 55.48 -95.16 -14.04
N GLY OB 32 55.05 -96.42 -14.05
CA GLY OB 32 55.51 -97.34 -15.07
C GLY OB 32 57.01 -97.55 -15.03
N VAL OB 33 57.53 -97.83 -13.84
CA VAL OB 33 58.97 -97.96 -13.62
C VAL OB 33 59.21 -99.23 -12.82
N ALA OB 34 60.17 -100.04 -13.26
CA ALA OB 34 60.53 -101.23 -12.53
C ALA OB 34 61.50 -100.88 -11.40
N SER OB 35 61.46 -101.69 -10.35
CA SER OB 35 62.30 -101.51 -9.17
C SER OB 35 62.91 -102.84 -8.76
N LEU OB 36 64.13 -102.79 -8.26
CA LEU OB 36 64.80 -103.96 -7.69
C LEU OB 36 65.53 -103.52 -6.42
N SER OB 37 65.70 -104.45 -5.50
CA SER OB 37 66.26 -104.13 -4.19
C SER OB 37 67.14 -105.26 -3.70
N GLN OB 38 68.07 -104.93 -2.82
CA GLN OB 38 68.98 -105.91 -2.28
C GLN OB 38 68.38 -106.57 -1.03
N ALA OB 39 68.66 -107.86 -0.86
CA ALA OB 39 68.03 -108.63 0.20
C ALA OB 39 68.59 -108.23 1.56
N GLY OB 40 67.70 -107.81 2.46
CA GLY OB 40 68.13 -107.40 3.78
C GLY OB 40 67.03 -107.64 4.78
N ALA OB 41 67.32 -107.28 6.03
CA ALA OB 41 66.40 -107.46 7.14
C ALA OB 41 65.46 -106.26 7.30
N VAL OB 42 66.00 -105.06 7.27
CA VAL OB 42 65.21 -103.84 7.35
C VAL OB 42 64.92 -103.39 5.92
N PRO OB 43 63.66 -103.29 5.52
CA PRO OB 43 63.37 -102.81 4.16
C PRO OB 43 63.94 -101.43 3.89
N ALA OB 44 64.01 -100.56 4.90
CA ALA OB 44 64.51 -99.21 4.67
C ALA OB 44 66.04 -99.17 4.56
N LEU OB 45 66.73 -100.27 4.88
CA LEU OB 45 68.19 -100.34 4.85
C LEU OB 45 68.71 -101.21 3.71
N GLU OB 46 67.98 -101.31 2.62
CA GLU OB 46 68.40 -102.14 1.50
C GLU OB 46 68.52 -101.28 0.24
N LYS OB 47 69.59 -101.52 -0.52
CA LYS OB 47 69.93 -100.67 -1.67
C LYS OB 47 69.05 -101.00 -2.88
N ARG OB 48 68.48 -99.97 -3.49
CA ARG OB 48 67.46 -100.09 -4.51
C ARG OB 48 67.98 -99.51 -5.83
N VAL OB 49 67.40 -100.01 -6.92
CA VAL OB 49 67.71 -99.58 -8.28
C VAL OB 49 66.42 -99.51 -9.07
N THR OB 50 66.14 -98.39 -9.71
CA THR OB 50 64.96 -98.27 -10.56
C THR OB 50 65.36 -98.20 -12.02
N VAL OB 51 64.47 -98.68 -12.88
CA VAL OB 51 64.65 -98.64 -14.33
C VAL OB 51 63.35 -98.20 -14.99
N SER OB 52 63.41 -97.16 -15.79
CA SER OB 52 62.25 -96.62 -16.49
C SER OB 52 62.54 -96.47 -17.96
N VAL OB 53 61.57 -96.83 -18.79
CA VAL OB 53 61.66 -96.58 -20.23
C VAL OB 53 60.38 -95.90 -20.70
N SER OB 54 60.37 -94.57 -20.64
CA SER OB 54 59.21 -93.85 -21.14
C SER OB 54 59.13 -93.97 -22.65
N GLN OB 55 57.93 -93.97 -23.15
CA GLN OB 55 57.75 -94.05 -24.59
C GLN OB 55 57.55 -92.66 -25.16
N PRO OB 56 57.47 -92.55 -26.48
CA PRO OB 56 57.42 -91.22 -27.11
C PRO OB 56 56.25 -90.36 -26.65
N SER OB 57 56.53 -89.08 -26.48
CA SER OB 57 55.48 -88.10 -26.24
C SER OB 57 54.97 -87.60 -27.59
N ARG OB 58 54.23 -86.49 -27.59
CA ARG OB 58 53.61 -85.97 -28.78
C ARG OB 58 54.51 -84.94 -29.47
N ASN OB 59 54.71 -85.11 -30.77
CA ASN OB 59 55.33 -84.10 -31.63
C ASN OB 59 56.83 -83.91 -31.41
N ARG OB 60 57.39 -84.58 -30.40
CA ARG OB 60 58.86 -84.62 -30.27
C ARG OB 60 59.36 -86.05 -30.23
N LYS OB 61 58.60 -86.94 -29.59
CA LYS OB 61 58.72 -88.39 -29.71
C LYS OB 61 59.92 -88.99 -28.96
N ASN OB 62 61.04 -88.30 -28.82
CA ASN OB 62 61.95 -88.41 -27.67
C ASN OB 62 62.04 -89.72 -26.86
N TYR OB 63 62.59 -90.82 -27.38
CA TYR OB 63 62.89 -91.97 -26.52
C TYR OB 63 63.65 -91.60 -25.26
N LYS OB 64 63.33 -92.32 -24.18
CA LYS OB 64 63.77 -91.99 -22.83
C LYS OB 64 64.10 -93.27 -22.07
N VAL OB 65 65.22 -93.25 -21.34
CA VAL OB 65 65.58 -94.33 -20.42
C VAL OB 65 66.17 -93.70 -19.16
N GLN OB 66 65.81 -94.24 -18.00
CA GLN OB 66 66.23 -93.73 -16.71
C GLN OB 66 66.72 -94.89 -15.85
N VAL OB 67 67.68 -94.60 -14.98
CA VAL OB 67 68.13 -95.58 -13.99
C VAL OB 67 68.51 -94.83 -12.71
N LYS OB 68 67.78 -95.07 -11.64
CA LYS OB 68 68.02 -94.42 -10.36
C LYS OB 68 68.54 -95.47 -9.38
N ILE OB 69 69.74 -95.25 -8.85
CA ILE OB 69 70.37 -96.15 -7.91
C ILE OB 69 70.49 -95.44 -6.57
N GLN OB 70 69.90 -96.01 -5.53
CA GLN OB 70 69.92 -95.41 -4.21
C GLN OB 70 70.61 -96.37 -3.24
N ASN OB 71 71.58 -95.86 -2.50
CA ASN OB 71 72.25 -96.65 -1.46
C ASN OB 71 72.15 -95.96 -0.10
N PRO OB 72 71.39 -96.49 0.85
CA PRO OB 72 71.30 -95.87 2.18
C PRO OB 72 72.34 -96.41 3.15
N THR OB 73 72.39 -95.76 4.31
CA THR OB 73 73.27 -96.21 5.40
C THR OB 73 72.79 -95.54 6.68
N ALA OB 74 72.39 -96.34 7.66
CA ALA OB 74 71.90 -95.84 8.92
C ALA OB 74 73.00 -95.90 9.98
N CYS OB 75 72.68 -95.39 11.18
CA CYS OB 75 73.59 -95.49 12.31
C CYS OB 75 72.73 -95.43 13.57
N THR OB 76 72.47 -96.58 14.17
CA THR OB 76 71.64 -96.66 15.36
C THR OB 76 72.24 -95.80 16.47
N ALA OB 77 71.51 -94.76 16.86
CA ALA OB 77 71.95 -93.88 17.93
C ALA OB 77 71.76 -94.56 19.29
N ASN OB 78 72.47 -94.04 20.28
CA ASN OB 78 72.37 -94.57 21.63
C ASN OB 78 70.97 -94.34 22.18
N GLY OB 79 70.28 -95.42 22.56
CA GLY OB 79 68.98 -95.35 23.17
C GLY OB 79 67.81 -95.56 22.22
N SER OB 80 68.03 -95.53 20.90
CA SER OB 80 66.96 -95.77 19.94
C SER OB 80 67.14 -97.13 19.31
N CYS OB 81 66.06 -97.89 19.22
CA CYS OB 81 66.09 -99.26 18.69
C CYS OB 81 65.61 -99.34 17.25
N ASP OB 82 65.87 -98.31 16.45
CA ASP OB 82 65.59 -98.40 15.03
C ASP OB 82 66.73 -97.75 14.24
N PRO OB 83 67.28 -98.44 13.22
CA PRO OB 83 68.42 -97.87 12.49
C PRO OB 83 68.00 -96.77 11.55
N SER OB 84 67.78 -95.58 12.08
CA SER OB 84 67.35 -94.45 11.25
C SER OB 84 68.37 -94.19 10.16
N VAL OB 85 67.88 -93.98 8.94
CA VAL OB 85 68.77 -93.71 7.82
C VAL OB 85 69.41 -92.34 8.01
N THR OB 86 70.74 -92.33 8.12
CA THR OB 86 71.52 -91.13 8.33
C THR OB 86 72.27 -90.66 7.10
N ARG OB 87 72.43 -91.55 6.11
CA ARG OB 87 73.24 -91.32 4.93
C ARG OB 87 72.54 -91.94 3.73
N GLN OB 88 72.62 -91.26 2.59
CA GLN OB 88 71.99 -91.76 1.38
C GLN OB 88 72.75 -91.26 0.16
N ALA OB 89 73.06 -92.17 -0.75
CA ALA OB 89 73.75 -91.86 -1.99
C ALA OB 89 72.81 -92.10 -3.16
N TYR OB 90 72.75 -91.15 -4.09
CA TYR OB 90 71.90 -91.27 -5.26
C TYR OB 90 72.75 -91.22 -6.52
N ALA OB 91 72.33 -91.99 -7.52
CA ALA OB 91 72.96 -91.98 -8.85
C ALA OB 91 71.85 -92.03 -9.89
N ASP OB 92 71.64 -90.93 -10.61
CA ASP OB 92 70.58 -90.83 -11.62
C ASP OB 92 71.23 -90.78 -13.00
N VAL OB 93 71.13 -91.88 -13.74
CA VAL OB 93 71.63 -91.95 -15.11
C VAL OB 93 70.44 -91.88 -16.06
N THR OB 94 70.65 -91.28 -17.22
CA THR OB 94 69.57 -91.09 -18.18
C THR OB 94 70.11 -91.15 -19.59
N PHE OB 95 69.24 -91.55 -20.52
CA PHE OB 95 69.50 -91.49 -21.95
C PHE OB 95 68.27 -90.96 -22.65
N SER OB 96 68.47 -90.07 -23.61
CA SER OB 96 67.39 -89.59 -24.46
C SER OB 96 67.84 -89.78 -25.90
N PHE OB 97 67.06 -90.57 -26.65
CA PHE OB 97 67.34 -90.85 -28.04
C PHE OB 97 66.24 -90.29 -28.93
N THR OB 98 66.57 -90.16 -30.20
CA THR OB 98 65.66 -89.67 -31.21
C THR OB 98 64.77 -90.80 -31.73
N GLN OB 99 63.70 -90.39 -32.41
CA GLN OB 99 62.81 -91.34 -33.07
C GLN OB 99 63.50 -92.20 -34.10
N TYR OB 100 64.62 -91.76 -34.66
CA TYR OB 100 65.34 -92.55 -35.65
C TYR OB 100 66.63 -93.14 -35.10
N SER OB 101 66.85 -93.05 -33.80
CA SER OB 101 68.05 -93.64 -33.23
C SER OB 101 68.13 -95.12 -33.62
N THR OB 102 69.32 -95.70 -33.46
CA THR OB 102 69.55 -97.10 -33.77
C THR OB 102 70.24 -97.80 -32.62
N ASP OB 103 69.93 -99.09 -32.45
CA ASP OB 103 70.53 -99.85 -31.36
C ASP OB 103 72.04 -99.77 -31.40
N GLU OB 104 72.62 -99.68 -32.60
CA GLU OB 104 74.06 -99.50 -32.72
C GLU OB 104 74.53 -98.34 -31.86
N GLU OB 105 73.91 -97.18 -32.06
CA GLU OB 105 74.40 -95.99 -31.41
C GLU OB 105 73.99 -95.97 -29.95
N ARG OB 106 72.83 -96.55 -29.65
CA ARG OB 106 72.42 -96.64 -28.26
C ARG OB 106 73.41 -97.47 -27.46
N ALA OB 107 73.81 -98.63 -28.01
CA ALA OB 107 74.79 -99.48 -27.34
C ALA OB 107 76.16 -98.82 -27.24
N PHE OB 108 76.58 -98.11 -28.28
CA PHE OB 108 77.81 -97.34 -28.15
C PHE OB 108 77.71 -96.37 -26.99
N VAL OB 109 76.62 -95.62 -26.90
CA VAL OB 109 76.49 -94.62 -25.84
C VAL OB 109 76.57 -95.29 -24.47
N ARG OB 110 75.85 -96.40 -24.32
CA ARG OB 110 75.88 -97.16 -23.08
C ARG OB 110 77.31 -97.59 -22.73
N THR OB 111 78.00 -98.20 -23.69
CA THR OB 111 79.35 -98.70 -23.44
C THR OB 111 80.30 -97.57 -23.13
N GLU OB 112 80.10 -96.41 -23.76
CA GLU OB 112 80.93 -95.26 -23.45
C GLU OB 112 80.75 -94.83 -22.01
N LEU OB 113 79.50 -94.70 -21.57
CA LEU OB 113 79.29 -94.30 -20.18
C LEU OB 113 79.92 -95.32 -19.25
N ALA OB 114 79.79 -96.61 -19.57
CA ALA OB 114 80.34 -97.63 -18.71
C ALA OB 114 81.86 -97.54 -18.62
N ALA OB 115 82.53 -97.52 -19.77
CA ALA OB 115 83.98 -97.54 -19.74
C ALA OB 115 84.52 -96.21 -19.22
N LEU OB 116 83.73 -95.14 -19.29
CA LEU OB 116 84.12 -93.90 -18.67
C LEU OB 116 84.02 -93.99 -17.15
N LEU OB 117 82.94 -94.59 -16.65
CA LEU OB 117 82.84 -94.86 -15.22
C LEU OB 117 83.96 -95.78 -14.76
N ALA OB 118 84.56 -96.53 -15.68
CA ALA OB 118 85.77 -97.29 -15.38
C ALA OB 118 87.05 -96.46 -15.46
N SER OB 119 87.09 -95.43 -16.30
CA SER OB 119 88.33 -94.73 -16.57
C SER OB 119 88.84 -94.00 -15.33
N PRO OB 120 90.13 -93.68 -15.30
CA PRO OB 120 90.69 -93.02 -14.11
C PRO OB 120 90.02 -91.70 -13.83
N LEU OB 121 89.51 -91.05 -14.86
CA LEU OB 121 89.01 -89.69 -14.72
C LEU OB 121 87.85 -89.68 -13.72
N LEU OB 122 86.74 -90.29 -14.11
CA LEU OB 122 85.58 -90.27 -13.23
C LEU OB 122 85.88 -90.97 -11.92
N ILE OB 123 86.84 -91.89 -11.92
CA ILE OB 123 87.27 -92.51 -10.67
C ILE OB 123 87.66 -91.43 -9.68
N ASP OB 124 88.61 -90.58 -10.07
CA ASP OB 124 89.13 -89.57 -9.15
C ASP OB 124 88.19 -88.38 -9.03
N ALA OB 125 87.28 -88.20 -9.98
CA ALA OB 125 86.31 -87.13 -9.85
C ALA OB 125 85.17 -87.50 -8.91
N ILE OB 126 84.85 -88.79 -8.77
CA ILE OB 126 83.74 -89.24 -7.94
C ILE OB 126 84.25 -89.82 -6.63
N ASP OB 127 84.97 -90.94 -6.69
CA ASP OB 127 85.50 -91.54 -5.46
C ASP OB 127 86.26 -90.51 -4.65
N GLN OB 128 87.09 -89.72 -5.31
CA GLN OB 128 87.93 -88.74 -4.67
C GLN OB 128 87.32 -87.35 -4.67
N LEU OB 129 86.26 -87.14 -5.45
CA LEU OB 129 85.57 -85.85 -5.50
C LEU OB 129 86.52 -84.76 -6.02
N ASN OB 130 87.29 -85.10 -7.04
CA ASN OB 130 88.31 -84.20 -7.58
C ASN OB 130 87.78 -83.49 -8.82
N PRO OB 131 87.51 -82.20 -8.77
CA PRO OB 131 87.19 -81.48 -10.00
C PRO OB 131 88.29 -81.66 -11.02
N ALA OB 132 87.91 -81.86 -12.27
CA ALA OB 132 88.88 -82.19 -13.31
C ALA OB 132 89.37 -80.93 -14.02
N TYR OB 133 90.69 -80.79 -14.12
CA TYR OB 133 91.33 -79.72 -14.88
C TYR OB 133 92.71 -80.15 -15.37
N ALA PB 2 118.02 -49.81 23.66
CA ALA PB 2 117.54 -48.72 24.56
C ALA PB 2 116.91 -49.28 25.83
N LYS PB 3 117.66 -50.10 26.54
CA LYS PB 3 117.18 -50.63 27.80
C LYS PB 3 116.97 -49.50 28.80
N LEU PB 4 115.94 -49.65 29.63
CA LEU PB 4 115.56 -48.65 30.61
C LEU PB 4 116.07 -49.08 31.97
N GLU PB 5 116.76 -48.17 32.65
CA GLU PB 5 117.31 -48.46 33.96
C GLU PB 5 117.75 -47.16 34.62
N THR PB 6 118.47 -47.28 35.73
CA THR PB 6 118.87 -46.12 36.50
C THR PB 6 119.92 -45.33 35.73
N VAL PB 7 119.70 -44.03 35.62
CA VAL PB 7 120.58 -43.14 34.87
C VAL PB 7 121.18 -42.16 35.86
N THR PB 8 122.50 -42.03 35.85
CA THR PB 8 123.21 -41.21 36.83
C THR PB 8 123.89 -40.07 36.08
N LEU PB 9 123.32 -38.87 36.25
CA LEU PB 9 123.66 -37.72 35.44
C LEU PB 9 124.60 -36.86 36.29
N GLY PB 10 125.90 -36.97 36.07
CA GLY PB 10 126.86 -36.34 36.95
C GLY PB 10 127.44 -35.06 36.38
N ASN PB 11 128.04 -34.24 37.24
CA ASN PB 11 128.72 -33.04 36.79
C ASN PB 11 127.73 -32.10 36.08
N ILE PB 12 126.73 -31.66 36.83
CA ILE PB 12 125.66 -30.84 36.27
C ILE PB 12 125.40 -29.67 37.20
N GLY PB 13 124.76 -28.65 36.66
CA GLY PB 13 124.57 -27.38 37.36
C GLY PB 13 125.50 -26.32 36.83
N LYS PB 14 125.38 -25.12 37.41
CA LYS PB 14 126.22 -24.02 36.97
C LYS PB 14 127.69 -24.35 37.15
N ASP PB 15 128.04 -24.91 38.31
CA ASP PB 15 129.41 -25.31 38.59
C ASP PB 15 129.69 -26.77 38.25
N GLY PB 16 128.69 -27.51 37.78
CA GLY PB 16 128.91 -28.90 37.44
C GLY PB 16 129.35 -29.71 38.64
N LYS PB 17 128.56 -29.70 39.71
CA LYS PB 17 128.88 -30.46 40.91
C LYS PB 17 127.71 -31.28 41.45
N GLN PB 18 126.48 -30.97 41.07
CA GLN PB 18 125.35 -31.76 41.50
C GLN PB 18 125.23 -33.01 40.63
N THR PB 19 124.47 -33.99 41.12
CA THR PB 19 124.19 -35.20 40.36
C THR PB 19 122.71 -35.52 40.44
N LEU PB 20 122.19 -36.09 39.36
CA LEU PB 20 120.78 -36.45 39.25
C LEU PB 20 120.66 -37.95 39.01
N VAL PB 21 119.88 -38.64 39.82
CA VAL PB 21 119.63 -40.05 39.64
C VAL PB 21 118.19 -40.21 39.20
N LEU PB 22 117.99 -40.83 38.05
CA LEU PB 22 116.66 -40.99 37.47
C LEU PB 22 116.38 -42.48 37.27
N ASN PB 23 115.35 -42.97 37.93
CA ASN PB 23 114.91 -44.33 37.71
C ASN PB 23 113.84 -44.37 36.64
N PRO PB 24 113.70 -45.50 35.96
CA PRO PB 24 112.63 -45.64 34.97
C PRO PB 24 111.28 -45.91 35.63
N ARG PB 25 110.26 -45.84 34.79
CA ARG PB 25 108.89 -46.11 35.23
C ARG PB 25 108.26 -46.90 34.08
N GLY PB 26 106.94 -47.03 34.10
CA GLY PB 26 106.22 -47.67 33.01
C GLY PB 26 106.23 -46.82 31.75
N VAL PB 27 106.20 -47.51 30.61
CA VAL PB 27 106.21 -46.84 29.31
C VAL PB 27 104.78 -46.63 28.85
N ASN PB 28 104.46 -45.39 28.44
CA ASN PB 28 103.12 -45.07 27.96
C ASN PB 28 102.68 -45.98 26.83
N PRO PB 29 101.77 -46.92 27.07
CA PRO PB 29 101.28 -47.74 25.95
C PRO PB 29 100.48 -46.95 24.95
N THR PB 30 99.76 -45.91 25.39
CA THR PB 30 98.90 -45.17 24.47
C THR PB 30 99.68 -44.50 23.36
N ASN PB 31 100.92 -44.10 23.63
CA ASN PB 31 101.75 -43.54 22.56
C ASN PB 31 103.20 -43.99 22.65
N GLY PB 32 103.53 -44.98 23.46
CA GLY PB 32 104.88 -45.49 23.48
C GLY PB 32 105.88 -44.44 23.88
N VAL PB 33 105.85 -44.06 25.15
CA VAL PB 33 106.77 -43.06 25.69
C VAL PB 33 107.35 -43.61 26.99
N ALA PB 34 108.67 -43.76 27.04
CA ALA PB 34 109.33 -44.21 28.25
C ALA PB 34 109.69 -43.02 29.13
N SER PB 35 109.71 -43.25 30.44
CA SER PB 35 109.83 -42.16 31.40
C SER PB 35 110.83 -42.51 32.49
N LEU PB 36 111.63 -41.52 32.87
CA LEU PB 36 112.40 -41.59 34.11
C LEU PB 36 112.01 -40.43 35.00
N SER PB 37 112.24 -40.59 36.29
CA SER PB 37 112.07 -39.50 37.24
C SER PB 37 113.06 -39.68 38.38
N GLN PB 38 113.24 -38.62 39.17
CA GLN PB 38 114.23 -38.69 40.24
C GLN PB 38 114.02 -39.90 41.13
N ALA PB 39 115.06 -40.25 41.90
CA ALA PB 39 115.01 -41.45 42.72
C ALA PB 39 113.80 -41.44 43.64
N GLY PB 40 113.31 -40.26 44.00
CA GLY PB 40 112.11 -40.14 44.81
C GLY PB 40 112.40 -39.49 46.15
N ALA PB 41 111.40 -39.54 47.03
CA ALA PB 41 110.10 -40.17 46.75
C ALA PB 41 109.17 -39.23 46.00
N VAL PB 42 108.82 -38.11 46.66
CA VAL PB 42 107.89 -37.17 46.04
C VAL PB 42 108.45 -36.59 44.75
N PRO PB 43 109.72 -36.24 44.67
CA PRO PB 43 110.24 -35.63 43.42
C PRO PB 43 110.09 -36.53 42.20
N ALA PB 44 109.80 -37.81 42.40
CA ALA PB 44 109.55 -38.70 41.28
C ALA PB 44 108.39 -38.20 40.43
N LEU PB 45 107.29 -37.80 41.08
CA LEU PB 45 106.14 -37.26 40.37
C LEU PB 45 106.31 -35.79 40.06
N GLU PB 46 107.46 -35.20 40.39
CA GLU PB 46 107.72 -33.81 40.08
C GLU PB 46 108.56 -33.69 38.82
N LYS PB 47 109.78 -34.23 38.86
CA LYS PB 47 110.66 -34.18 37.70
C LYS PB 47 110.40 -35.35 36.77
N ARG PB 48 110.42 -35.09 35.47
CA ARG PB 48 110.12 -36.13 34.49
C ARG PB 48 111.04 -35.98 33.29
N VAL PB 49 111.33 -37.12 32.67
CA VAL PB 49 112.09 -37.17 31.43
C VAL PB 49 111.44 -38.21 30.55
N THR PB 50 110.82 -37.78 29.45
CA THR PB 50 110.09 -38.65 28.56
C THR PB 50 110.81 -38.76 27.21
N VAL PB 51 110.86 -39.99 26.69
CA VAL PB 51 111.54 -40.27 25.43
C VAL PB 51 110.64 -41.13 24.58
N SER PB 52 110.52 -40.78 23.30
CA SER PB 52 109.73 -41.56 22.36
C SER PB 52 110.43 -41.57 21.02
N VAL PB 53 110.21 -42.62 20.23
CA VAL PB 53 110.73 -42.71 18.87
C VAL PB 53 109.57 -43.15 17.99
N SER PB 54 109.05 -42.23 17.20
CA SER PB 54 108.05 -42.56 16.20
C SER PB 54 108.75 -43.04 14.94
N GLN PB 55 108.43 -44.26 14.52
CA GLN PB 55 109.01 -44.84 13.32
C GLN PB 55 108.25 -44.36 12.10
N PRO PB 56 108.73 -44.66 10.89
CA PRO PB 56 108.07 -44.15 9.68
C PRO PB 56 106.66 -44.69 9.52
N SER PB 57 105.92 -44.03 8.64
CA SER PB 57 104.59 -44.47 8.25
C SER PB 57 104.12 -43.53 7.15
N ARG PB 58 102.86 -43.71 6.73
CA ARG PB 58 102.29 -42.79 5.75
C ARG PB 58 102.31 -41.37 6.27
N ASN PB 59 102.36 -41.21 7.59
CA ASN PB 59 102.57 -39.90 8.17
C ASN PB 59 104.05 -39.64 8.44
N ARG PB 60 104.80 -40.68 8.83
CA ARG PB 60 106.21 -40.54 9.23
C ARG PB 60 107.17 -41.10 8.18
N LYS PB 61 108.32 -40.43 7.98
CA LYS PB 61 109.10 -40.71 6.78
C LYS PB 61 110.60 -41.03 6.89
N ASN PB 62 111.46 -40.28 7.60
CA ASN PB 62 111.28 -39.33 8.71
C ASN PB 62 110.85 -40.02 10.01
N TYR PB 63 111.78 -40.84 10.50
CA TYR PB 63 111.80 -41.20 11.92
C TYR PB 63 111.85 -39.93 12.74
N LYS PB 64 111.17 -39.92 13.90
CA LYS PB 64 111.16 -38.73 14.75
C LYS PB 64 111.41 -39.14 16.21
N VAL PB 65 112.51 -38.63 16.77
CA VAL PB 65 112.91 -38.95 18.13
C VAL PB 65 112.63 -37.72 19.00
N GLN PB 66 111.80 -37.90 20.01
CA GLN PB 66 111.35 -36.83 20.89
C GLN PB 66 111.89 -37.05 22.29
N VAL PB 67 112.43 -35.99 22.88
CA VAL PB 67 113.05 -36.06 24.19
C VAL PB 67 112.59 -34.83 24.96
N LYS PB 68 111.70 -35.02 25.92
CA LYS PB 68 111.22 -33.94 26.76
C LYS PB 68 111.79 -34.06 28.15
N ILE PB 69 112.19 -32.93 28.72
CA ILE PB 69 112.62 -32.85 30.11
C ILE PB 69 111.75 -31.81 30.79
N GLN PB 70 111.42 -32.06 32.06
CA GLN PB 70 110.46 -31.23 32.76
C GLN PB 70 110.83 -31.18 34.23
N ASN PB 71 111.10 -29.98 34.75
CA ASN PB 71 111.51 -29.76 36.13
C ASN PB 71 110.55 -28.81 36.80
N PRO PB 72 109.72 -29.26 37.74
CA PRO PB 72 108.87 -28.33 38.48
C PRO PB 72 109.55 -27.74 39.71
N THR PB 73 109.69 -26.43 39.78
CA THR PB 73 110.18 -25.79 40.98
C THR PB 73 109.01 -25.48 41.90
N ALA PB 74 109.13 -25.93 43.15
CA ALA PB 74 108.05 -25.80 44.13
C ALA PB 74 108.60 -25.18 45.40
N CYS PB 75 107.69 -24.92 46.34
CA CYS PB 75 108.13 -24.59 47.68
C CYS PB 75 106.95 -24.71 48.63
N THR PB 76 107.22 -24.43 49.90
CA THR PB 76 106.26 -24.59 50.97
C THR PB 76 106.00 -23.23 51.60
N ALA PB 77 104.74 -22.82 51.60
CA ALA PB 77 104.36 -21.59 52.26
C ALA PB 77 104.63 -21.69 53.76
N ASN PB 78 105.00 -20.57 54.36
CA ASN PB 78 105.33 -20.55 55.78
C ASN PB 78 104.06 -20.77 56.59
N GLY PB 79 103.79 -22.02 56.95
CA GLY PB 79 102.56 -22.39 57.63
C GLY PB 79 101.91 -23.58 56.96
N SER PB 80 102.18 -23.76 55.67
CA SER PB 80 101.63 -24.88 54.91
C SER PB 80 102.36 -26.17 55.26
N CYS PB 81 101.93 -27.28 54.66
CA CYS PB 81 102.62 -28.56 54.82
C CYS PB 81 103.08 -29.10 53.46
N ASP PB 82 102.13 -29.20 52.51
CA ASP PB 82 102.40 -29.78 51.20
C ASP PB 82 103.00 -28.72 50.26
N PRO PB 83 104.13 -29.02 49.61
CA PRO PB 83 104.70 -28.05 48.68
C PRO PB 83 103.79 -27.85 47.49
N SER PB 84 103.75 -26.61 47.01
CA SER PB 84 103.04 -26.26 45.79
C SER PB 84 104.06 -25.83 44.74
N VAL PB 85 103.79 -26.19 43.49
CA VAL PB 85 104.68 -25.87 42.38
C VAL PB 85 104.45 -24.41 42.01
N THR PB 86 105.48 -23.59 42.17
CA THR PB 86 105.39 -22.19 41.77
C THR PB 86 105.90 -21.95 40.37
N ARG PB 87 106.62 -22.91 39.80
CA ARG PB 87 107.19 -22.74 38.48
C ARG PB 87 107.42 -24.07 37.80
N GLN PB 88 107.59 -24.00 36.48
CA GLN PB 88 107.76 -25.18 35.64
C GLN PB 88 108.74 -24.86 34.53
N ALA PB 89 109.93 -25.44 34.59
CA ALA PB 89 110.85 -25.36 33.46
C ALA PB 89 110.74 -26.64 32.65
N TYR PB 90 110.96 -26.54 31.34
CA TYR PB 90 110.94 -27.74 30.53
C TYR PB 90 111.47 -27.43 29.14
N ALA PB 91 111.95 -28.48 28.49
CA ALA PB 91 112.53 -28.35 27.16
C ALA PB 91 112.18 -29.57 26.34
N ASP PB 92 112.23 -29.39 25.02
CA ASP PB 92 111.86 -30.43 24.07
C ASP PB 92 112.89 -30.48 22.96
N VAL PB 93 113.44 -31.66 22.73
CA VAL PB 93 114.39 -31.93 21.67
C VAL PB 93 113.72 -32.84 20.67
N THR PB 94 113.89 -32.53 19.38
CA THR PB 94 113.20 -33.25 18.32
C THR PB 94 114.19 -33.51 17.19
N PHE PB 95 114.53 -34.78 16.97
CA PHE PB 95 115.35 -35.19 15.85
C PHE PB 95 114.45 -35.77 14.76
N SER PB 96 114.67 -35.36 13.52
CA SER PB 96 113.98 -35.94 12.37
C SER PB 96 115.02 -36.51 11.41
N PHE PB 97 114.96 -37.82 11.17
CA PHE PB 97 115.93 -38.51 10.34
C PHE PB 97 115.22 -39.22 9.19
N THR PB 98 115.88 -39.29 8.04
CA THR PB 98 115.34 -40.03 6.91
C THR PB 98 115.61 -41.53 7.08
N GLN PB 99 114.83 -42.33 6.37
CA GLN PB 99 115.00 -43.77 6.46
C GLN PB 99 116.39 -44.19 6.00
N TYR PB 100 116.97 -43.44 5.06
CA TYR PB 100 118.31 -43.72 4.60
C TYR PB 100 119.37 -43.13 5.51
N SER PB 101 118.96 -42.47 6.59
CA SER PB 101 119.92 -41.94 7.54
C SER PB 101 120.87 -43.03 7.99
N THR PB 102 122.05 -42.62 8.47
CA THR PB 102 123.06 -43.55 8.92
C THR PB 102 123.39 -43.30 10.37
N ASP PB 103 123.52 -44.39 11.12
CA ASP PB 103 124.00 -44.30 12.49
C ASP PB 103 125.14 -43.32 12.58
N GLU PB 104 126.03 -43.34 11.58
CA GLU PB 104 127.07 -42.33 11.51
C GLU PB 104 126.48 -40.95 11.69
N GLU PB 105 125.53 -40.62 10.84
CA GLU PB 105 125.03 -39.27 10.81
C GLU PB 105 124.34 -38.93 12.13
N ARG PB 106 123.53 -39.87 12.60
CA ARG PB 106 122.76 -39.63 13.81
C ARG PB 106 123.68 -39.38 14.98
N ALA PB 107 124.76 -40.16 15.07
CA ALA PB 107 125.69 -40.02 16.17
C ALA PB 107 126.37 -38.66 16.13
N PHE PB 108 126.84 -38.20 14.96
CA PHE PB 108 127.58 -36.95 15.07
C PHE PB 108 126.57 -35.87 15.43
N VAL PB 109 125.32 -36.01 14.96
CA VAL PB 109 124.30 -35.04 15.30
C VAL PB 109 124.15 -34.95 16.80
N ARG PB 110 124.00 -36.10 17.44
CA ARG PB 110 123.92 -36.15 18.90
C ARG PB 110 125.10 -35.41 19.52
N THR PB 111 126.31 -35.76 19.10
CA THR PB 111 127.50 -35.19 19.71
C THR PB 111 127.59 -33.70 19.46
N GLU PB 112 127.23 -33.25 18.26
CA GLU PB 112 127.26 -31.82 17.98
C GLU PB 112 126.29 -31.07 18.85
N LEU PB 113 125.09 -31.62 19.04
CA LEU PB 113 124.13 -30.96 19.91
C LEU PB 113 124.67 -30.87 21.33
N ALA PB 114 125.27 -31.96 21.81
CA ALA PB 114 125.85 -31.94 23.15
C ALA PB 114 126.96 -30.90 23.26
N ALA PB 115 127.86 -30.87 22.28
CA ALA PB 115 128.96 -29.92 22.33
C ALA PB 115 128.45 -28.48 22.25
N LEU PB 116 127.44 -28.22 21.43
CA LEU PB 116 126.87 -26.89 21.38
C LEU PB 116 126.31 -26.51 22.74
N LEU PB 117 125.56 -27.42 23.35
CA LEU PB 117 125.05 -27.14 24.68
C LEU PB 117 126.19 -26.88 25.65
N ALA PB 118 127.34 -27.50 25.43
CA ALA PB 118 128.50 -27.26 26.27
C ALA PB 118 129.24 -25.97 25.92
N SER PB 119 128.99 -25.40 24.76
CA SER PB 119 129.80 -24.28 24.31
C SER PB 119 129.39 -22.99 25.00
N PRO PB 120 130.30 -22.04 25.13
CA PRO PB 120 129.97 -20.76 25.78
C PRO PB 120 128.76 -20.09 25.17
N LEU PB 121 128.58 -20.24 23.86
CA LEU PB 121 127.48 -19.55 23.19
C LEU PB 121 126.16 -19.91 23.84
N LEU PB 122 125.74 -21.17 23.72
CA LEU PB 122 124.49 -21.57 24.34
C LEU PB 122 124.55 -21.39 25.83
N ILE PB 123 125.73 -21.56 26.41
CA ILE PB 123 125.89 -21.36 27.85
C ILE PB 123 125.26 -20.05 28.26
N ASP PB 124 125.73 -18.94 27.71
CA ASP PB 124 125.17 -17.67 28.13
C ASP PB 124 123.80 -17.43 27.50
N ALA PB 125 123.55 -18.02 26.33
CA ALA PB 125 122.26 -17.81 25.69
C ALA PB 125 121.11 -18.35 26.52
N ILE PB 126 121.34 -19.38 27.32
CA ILE PB 126 120.29 -19.90 28.18
C ILE PB 126 120.51 -19.35 29.58
N ASP PB 127 121.67 -19.67 30.16
CA ASP PB 127 121.95 -19.29 31.53
C ASP PB 127 121.56 -17.86 31.80
N GLN PB 128 121.95 -16.92 30.93
CA GLN PB 128 121.57 -15.54 31.11
C GLN PB 128 120.45 -15.09 30.18
N LEU PB 129 120.01 -15.94 29.26
CA LEU PB 129 119.05 -15.53 28.23
C LEU PB 129 119.53 -14.32 27.47
N ASN PB 130 120.83 -14.26 27.19
CA ASN PB 130 121.32 -13.16 26.37
C ASN PB 130 121.40 -13.60 24.92
N PRO PB 131 120.72 -12.93 24.00
CA PRO PB 131 120.88 -13.28 22.57
C PRO PB 131 122.31 -13.09 22.12
N ALA PB 132 122.62 -13.67 20.97
CA ALA PB 132 123.95 -13.58 20.40
C ALA PB 132 124.14 -12.23 19.74
N TYR PB 133 124.89 -11.35 20.39
CA TYR PB 133 125.20 -10.03 19.85
C TYR PB 133 126.44 -9.47 20.50
N ALA QB 2 108.85 -66.21 26.05
CA ALA QB 2 109.06 -65.80 24.64
C ALA QB 2 110.00 -64.60 24.54
N LYS QB 3 110.85 -64.44 25.55
CA LYS QB 3 111.78 -63.31 25.57
C LYS QB 3 112.46 -63.12 24.23
N LEU QB 4 112.53 -61.86 23.80
CA LEU QB 4 113.25 -61.52 22.60
C LEU QB 4 114.72 -61.87 22.77
N GLU QB 5 115.36 -62.20 21.67
CA GLU QB 5 116.75 -62.64 21.73
C GLU QB 5 117.27 -62.79 20.31
N THR QB 6 118.59 -62.72 20.18
CA THR QB 6 119.22 -62.85 18.88
C THR QB 6 118.78 -64.16 18.24
N VAL QB 7 118.03 -64.06 17.15
CA VAL QB 7 117.57 -65.23 16.44
C VAL QB 7 118.56 -65.52 15.33
N THR QB 8 119.10 -66.72 15.32
CA THR QB 8 120.06 -67.16 14.30
C THR QB 8 119.40 -68.26 13.49
N LEU QB 9 118.94 -67.89 12.29
CA LEU QB 9 118.35 -68.83 11.37
C LEU QB 9 119.46 -69.44 10.53
N GLY QB 10 119.54 -70.76 10.51
CA GLY QB 10 120.68 -71.43 9.94
C GLY QB 10 120.62 -71.51 8.43
N ASN QB 11 120.92 -72.69 7.90
CA ASN QB 11 120.91 -72.90 6.46
C ASN QB 11 119.64 -72.33 5.87
N ILE QB 12 119.79 -71.59 4.78
CA ILE QB 12 118.74 -70.73 4.29
C ILE QB 12 119.02 -70.47 2.83
N GLY QB 13 117.95 -70.38 2.03
CA GLY QB 13 118.06 -70.03 0.63
C GLY QB 13 117.99 -71.26 -0.26
N LYS QB 14 118.44 -71.07 -1.51
CA LYS QB 14 118.30 -72.11 -2.52
C LYS QB 14 119.07 -73.37 -2.14
N ASP QB 15 120.39 -73.25 -2.07
CA ASP QB 15 121.24 -74.38 -1.73
C ASP QB 15 121.25 -74.68 -0.24
N GLY QB 16 120.67 -73.80 0.58
CA GLY QB 16 120.68 -73.99 2.01
C GLY QB 16 122.05 -73.78 2.63
N LYS QB 17 122.65 -72.62 2.39
CA LYS QB 17 123.97 -72.33 2.93
C LYS QB 17 124.10 -70.98 3.62
N GLN QB 18 123.18 -70.06 3.44
CA GLN QB 18 123.31 -68.77 4.10
C GLN QB 18 122.81 -68.87 5.53
N THR QB 19 123.05 -67.81 6.31
CA THR QB 19 122.57 -67.73 7.67
C THR QB 19 122.12 -66.30 7.94
N LEU QB 20 121.12 -66.16 8.80
CA LEU QB 20 120.56 -64.86 9.14
C LEU QB 20 120.65 -64.64 10.65
N VAL QB 21 121.00 -63.43 11.05
CA VAL QB 21 121.18 -63.08 12.45
C VAL QB 21 120.33 -61.83 12.70
N LEU QB 22 119.20 -62.01 13.35
CA LEU QB 22 118.32 -60.89 13.67
C LEU QB 22 118.47 -60.52 15.14
N ASN QB 23 118.85 -59.29 15.38
CA ASN QB 23 118.93 -58.75 16.72
C ASN QB 23 117.55 -58.32 17.19
N PRO QB 24 117.23 -58.53 18.47
CA PRO QB 24 115.99 -57.95 19.01
C PRO QB 24 116.08 -56.43 19.02
N ARG QB 25 115.17 -55.79 18.29
CA ARG QB 25 115.04 -54.34 18.35
C ARG QB 25 114.26 -53.94 19.61
N GLY QB 26 113.00 -54.34 19.66
CA GLY QB 26 112.14 -53.93 20.75
C GLY QB 26 110.75 -54.47 20.53
N VAL QB 27 109.79 -53.87 21.22
CA VAL QB 27 108.39 -54.28 21.09
C VAL QB 27 107.52 -53.04 21.13
N ASN QB 28 106.92 -52.69 20.01
CA ASN QB 28 105.94 -51.63 19.96
C ASN QB 28 104.74 -52.02 20.81
N PRO QB 29 104.51 -51.36 21.92
CA PRO QB 29 103.36 -51.74 22.74
C PRO QB 29 102.07 -51.13 22.24
N THR QB 30 102.16 -50.05 21.46
CA THR QB 30 100.96 -49.41 20.95
C THR QB 30 100.10 -50.42 20.23
N ASN QB 31 100.71 -51.45 19.65
CA ASN QB 31 99.97 -52.52 19.02
C ASN QB 31 100.47 -53.89 19.46
N GLY QB 32 101.37 -53.94 20.45
CA GLY QB 32 101.88 -55.22 20.93
C GLY QB 32 102.51 -56.04 19.83
N VAL QB 33 103.66 -55.60 19.34
CA VAL QB 33 104.33 -56.29 18.24
C VAL QB 33 105.83 -56.23 18.48
N ALA QB 34 106.48 -57.39 18.51
CA ALA QB 34 107.92 -57.48 18.70
C ALA QB 34 108.63 -57.41 17.35
N SER QB 35 109.73 -56.65 17.31
CA SER QB 35 110.46 -56.35 16.09
C SER QB 35 111.86 -56.91 16.14
N LEU QB 36 112.28 -57.55 15.06
CA LEU QB 36 113.62 -58.08 14.86
C LEU QB 36 114.18 -57.50 13.58
N SER QB 37 115.49 -57.27 13.57
CA SER QB 37 116.11 -56.68 12.38
C SER QB 37 117.54 -57.17 12.26
N GLN QB 38 117.97 -57.35 11.01
CA GLN QB 38 119.35 -57.73 10.76
C GLN QB 38 120.29 -56.63 11.23
N ALA QB 39 121.45 -57.03 11.74
CA ALA QB 39 122.42 -56.07 12.22
C ALA QB 39 122.97 -55.26 11.06
N GLY QB 40 122.85 -53.94 11.15
CA GLY QB 40 123.34 -53.05 10.12
C GLY QB 40 123.38 -51.62 10.61
N ALA QB 41 123.28 -50.66 9.70
CA ALA QB 41 123.26 -49.25 10.08
C ALA QB 41 122.09 -48.52 9.45
N VAL QB 42 121.78 -48.86 8.20
CA VAL QB 42 120.79 -48.12 7.43
C VAL QB 42 119.45 -48.81 7.62
N PRO QB 43 118.48 -48.21 8.30
CA PRO QB 43 117.21 -48.91 8.53
C PRO QB 43 116.55 -49.35 7.25
N ALA QB 44 116.68 -48.58 6.19
CA ALA QB 44 115.97 -48.88 4.96
C ALA QB 44 116.47 -50.16 4.28
N LEU QB 45 117.62 -50.68 4.67
CA LEU QB 45 118.19 -51.86 4.02
C LEU QB 45 118.56 -52.90 5.05
N GLU QB 46 117.64 -53.17 5.97
CA GLU QB 46 117.78 -54.25 6.93
C GLU QB 46 116.62 -55.21 6.72
N LYS QB 47 116.88 -56.49 6.90
CA LYS QB 47 115.81 -57.48 6.87
C LYS QB 47 115.06 -57.39 8.18
N ARG QB 48 113.74 -57.22 8.09
CA ARG QB 48 112.92 -56.95 9.26
C ARG QB 48 111.90 -58.06 9.47
N VAL QB 49 111.50 -58.27 10.72
CA VAL QB 49 110.46 -59.24 11.04
C VAL QB 49 109.70 -58.76 12.25
N THR QB 50 108.41 -59.05 12.28
CA THR QB 50 107.55 -58.63 13.38
C THR QB 50 106.63 -59.77 13.75
N VAL QB 51 106.39 -59.94 15.04
CA VAL QB 51 105.44 -60.93 15.52
C VAL QB 51 104.48 -60.26 16.49
N SER QB 52 103.21 -60.57 16.35
CA SER QB 52 102.18 -60.08 17.26
C SER QB 52 101.22 -61.22 17.57
N VAL QB 53 100.64 -61.18 18.76
CA VAL QB 53 99.58 -62.09 19.17
C VAL QB 53 98.44 -61.25 19.73
N SER QB 54 97.29 -61.34 19.09
CA SER QB 54 96.09 -60.62 19.51
C SER QB 54 95.18 -61.58 20.28
N GLN QB 55 94.85 -61.20 21.50
CA GLN QB 55 93.91 -61.95 22.31
C GLN QB 55 92.50 -61.81 21.74
N PRO QB 56 91.59 -62.72 22.10
CA PRO QB 56 90.20 -62.59 21.68
C PRO QB 56 89.54 -61.43 22.41
N SER QB 57 88.92 -60.53 21.65
CA SER QB 57 88.24 -59.36 22.17
C SER QB 57 86.73 -59.54 22.02
N ARG QB 58 85.98 -58.50 22.39
CA ARG QB 58 84.52 -58.58 22.30
C ARG QB 58 84.05 -58.65 20.84
N ASN QB 59 84.76 -58.00 19.93
CA ASN QB 59 84.41 -57.98 18.51
C ASN QB 59 85.21 -58.99 17.71
N ARG QB 60 86.12 -59.74 18.34
CA ARG QB 60 86.90 -60.75 17.64
C ARG QB 60 86.57 -62.12 18.21
N LYS QB 61 86.81 -62.27 19.51
CA LYS QB 61 86.66 -63.54 20.22
C LYS QB 61 87.46 -64.65 19.53
N ASN QB 62 88.70 -64.33 19.18
CA ASN QB 62 89.56 -65.32 18.53
C ASN QB 62 91.02 -65.00 18.79
N TYR QB 63 91.82 -66.05 18.99
CA TYR QB 63 93.27 -65.91 19.06
C TYR QB 63 93.82 -65.62 17.68
N LYS QB 64 94.66 -64.59 17.57
CA LYS QB 64 95.32 -64.27 16.32
C LYS QB 64 96.80 -64.11 16.55
N VAL QB 65 97.62 -64.46 15.56
CA VAL QB 65 99.05 -64.27 15.63
C VAL QB 65 99.57 -63.98 14.24
N GLN QB 66 100.20 -62.82 14.07
CA GLN QB 66 100.73 -62.37 12.80
C GLN QB 66 102.25 -62.42 12.84
N VAL QB 67 102.83 -62.92 11.76
CA VAL QB 67 104.27 -62.93 11.57
C VAL QB 67 104.55 -62.29 10.21
N LYS QB 68 105.27 -61.18 10.21
CA LYS QB 68 105.52 -60.42 9.00
C LYS QB 68 107.03 -60.36 8.75
N ILE QB 69 107.43 -60.53 7.50
CA ILE QB 69 108.82 -60.62 7.11
C ILE QB 69 109.07 -59.66 5.95
N GLN QB 70 110.16 -58.90 6.03
CA GLN QB 70 110.45 -57.78 5.14
C GLN QB 70 111.86 -57.96 4.61
N ASN QB 71 112.01 -58.02 3.30
CA ASN QB 71 113.31 -58.20 2.66
C ASN QB 71 113.54 -57.15 1.57
N PRO QB 72 114.14 -56.01 1.88
CA PRO QB 72 114.54 -55.09 0.81
C PRO QB 72 115.78 -55.56 0.09
N THR QB 73 115.95 -55.04 -1.12
CA THR QB 73 117.13 -55.31 -1.91
C THR QB 73 117.99 -54.05 -2.04
N ALA QB 74 119.31 -54.25 -2.07
CA ALA QB 74 120.25 -53.14 -1.98
C ALA QB 74 120.26 -52.30 -3.24
N CYS QB 75 120.62 -52.90 -4.37
CA CYS QB 75 120.72 -52.19 -5.65
C CYS QB 75 121.61 -50.96 -5.51
N THR QB 76 122.75 -51.13 -4.84
CA THR QB 76 123.67 -50.01 -4.68
C THR QB 76 124.24 -49.60 -6.03
N ALA QB 77 124.29 -48.29 -6.26
CA ALA QB 77 124.78 -47.73 -7.51
C ALA QB 77 126.29 -47.55 -7.44
N ASN QB 78 126.93 -47.59 -8.61
CA ASN QB 78 128.39 -47.49 -8.69
C ASN QB 78 128.79 -46.07 -8.33
N GLY QB 79 128.63 -45.79 -7.03
CA GLY QB 79 129.04 -44.53 -6.44
C GLY QB 79 127.85 -43.59 -6.32
N SER QB 80 128.18 -42.31 -6.31
CA SER QB 80 127.21 -41.23 -6.49
C SER QB 80 126.28 -41.07 -5.30
N CYS QB 81 126.11 -42.09 -4.45
CA CYS QB 81 125.55 -41.91 -3.12
C CYS QB 81 125.35 -43.31 -2.52
N ASP QB 82 124.79 -43.40 -1.32
CA ASP QB 82 124.55 -44.70 -0.69
C ASP QB 82 123.39 -45.43 -1.39
N PRO QB 83 123.27 -46.73 -1.18
CA PRO QB 83 122.29 -47.52 -1.96
C PRO QB 83 120.88 -47.05 -1.73
N SER QB 84 120.00 -47.45 -2.65
CA SER QB 84 118.59 -47.10 -2.61
C SER QB 84 117.74 -48.35 -2.74
N VAL QB 85 116.61 -48.37 -2.05
CA VAL QB 85 115.74 -49.54 -2.09
C VAL QB 85 115.04 -49.59 -3.44
N THR QB 86 115.10 -50.76 -4.07
CA THR QB 86 114.49 -50.99 -5.37
C THR QB 86 113.39 -52.03 -5.35
N ARG QB 87 113.50 -53.05 -4.53
CA ARG QB 87 112.51 -54.11 -4.47
C ARG QB 87 112.39 -54.56 -3.03
N GLN QB 88 111.23 -55.12 -2.70
CA GLN QB 88 110.93 -55.48 -1.33
C GLN QB 88 110.04 -56.70 -1.35
N ALA QB 89 110.52 -57.79 -0.78
CA ALA QB 89 109.74 -59.01 -0.68
C ALA QB 89 109.04 -59.04 0.68
N TYR QB 90 107.79 -59.49 0.68
CA TYR QB 90 106.96 -59.55 1.88
C TYR QB 90 106.56 -60.99 2.14
N ALA QB 91 106.48 -61.34 3.42
CA ALA QB 91 105.80 -62.57 3.82
C ALA QB 91 104.90 -62.26 4.99
N ASP QB 92 103.67 -62.78 4.94
CA ASP QB 92 102.64 -62.46 5.92
C ASP QB 92 101.95 -63.75 6.32
N VAL QB 93 102.21 -64.23 7.53
CA VAL QB 93 101.65 -65.47 8.05
C VAL QB 93 100.68 -65.12 9.17
N THR QB 94 99.53 -65.79 9.16
CA THR QB 94 98.38 -65.35 9.94
C THR QB 94 97.71 -66.56 10.59
N PHE QB 95 98.12 -66.90 11.79
CA PHE QB 95 97.51 -68.00 12.51
C PHE QB 95 96.31 -67.49 13.30
N SER QB 96 95.22 -68.26 13.31
CA SER QB 96 94.03 -67.89 14.06
C SER QB 96 93.35 -69.13 14.60
N PHE QB 97 93.01 -69.09 15.89
CA PHE QB 97 92.45 -70.24 16.58
C PHE QB 97 91.39 -69.75 17.56
N THR QB 98 90.73 -70.69 18.20
CA THR QB 98 89.62 -70.38 19.10
C THR QB 98 90.09 -70.35 20.56
N GLN QB 99 89.20 -69.84 21.42
CA GLN QB 99 89.52 -69.82 22.85
C GLN QB 99 89.85 -71.20 23.37
N TYR QB 100 89.20 -72.22 22.79
CA TYR QB 100 89.21 -73.57 23.33
C TYR QB 100 90.21 -74.46 22.62
N SER QB 101 90.98 -73.93 21.68
CA SER QB 101 91.91 -74.75 20.94
C SER QB 101 93.04 -75.19 21.86
N THR QB 102 93.93 -76.03 21.32
CA THR QB 102 94.94 -76.72 22.10
C THR QB 102 96.33 -76.43 21.55
N ASP QB 103 97.29 -76.35 22.47
CA ASP QB 103 98.69 -76.33 22.09
C ASP QB 103 98.99 -77.46 21.11
N GLU QB 104 98.42 -78.64 21.34
CA GLU QB 104 98.55 -79.72 20.38
C GLU QB 104 98.19 -79.27 18.98
N GLU QB 105 96.93 -78.88 18.80
CA GLU QB 105 96.45 -78.50 17.48
C GLU QB 105 97.39 -77.51 16.85
N ARG QB 106 97.80 -76.51 17.61
CA ARG QB 106 98.39 -75.32 16.99
C ARG QB 106 99.88 -75.49 16.76
N ALA QB 107 100.54 -76.31 17.59
CA ALA QB 107 101.86 -76.81 17.22
C ALA QB 107 101.79 -77.67 15.96
N PHE QB 108 100.74 -78.49 15.86
CA PHE QB 108 100.66 -79.39 14.72
C PHE QB 108 100.51 -78.60 13.44
N VAL QB 109 99.65 -77.58 13.44
CA VAL QB 109 99.42 -76.80 12.24
C VAL QB 109 100.64 -75.96 11.89
N ARG QB 110 101.35 -75.45 12.90
CA ARG QB 110 102.66 -74.88 12.63
C ARG QB 110 103.55 -75.82 11.85
N THR QB 111 103.90 -76.94 12.45
CA THR QB 111 104.83 -77.84 11.80
C THR QB 111 104.28 -78.26 10.43
N GLU QB 112 102.95 -78.26 10.29
CA GLU QB 112 102.36 -78.44 8.97
C GLU QB 112 102.83 -77.35 8.02
N LEU QB 113 102.73 -76.10 8.43
CA LEU QB 113 103.13 -75.00 7.56
C LEU QB 113 104.61 -75.08 7.24
N ALA QB 114 105.43 -75.42 8.23
CA ALA QB 114 106.85 -75.55 7.99
C ALA QB 114 107.13 -76.62 6.94
N ALA QB 115 106.55 -77.80 7.12
CA ALA QB 115 106.75 -78.86 6.16
C ALA QB 115 106.24 -78.46 4.79
N LEU QB 116 105.13 -77.74 4.74
CA LEU QB 116 104.59 -77.29 3.47
C LEU QB 116 105.58 -76.36 2.77
N LEU QB 117 106.13 -75.39 3.49
CA LEU QB 117 107.11 -74.50 2.90
C LEU QB 117 108.36 -75.24 2.46
N ALA QB 118 108.64 -76.38 3.08
CA ALA QB 118 109.74 -77.23 2.63
C ALA QB 118 109.39 -78.05 1.39
N SER QB 119 108.14 -78.44 1.24
CA SER QB 119 107.76 -79.44 0.25
C SER QB 119 107.97 -78.92 -1.17
N PRO QB 120 108.17 -79.84 -2.14
CA PRO QB 120 108.46 -79.40 -3.52
C PRO QB 120 107.36 -78.56 -4.16
N LEU QB 121 106.09 -78.78 -3.83
CA LEU QB 121 105.04 -77.97 -4.42
C LEU QB 121 105.30 -76.49 -4.17
N LEU QB 122 105.24 -76.08 -2.90
CA LEU QB 122 105.47 -74.68 -2.59
C LEU QB 122 106.81 -74.21 -3.13
N ILE QB 123 107.79 -75.13 -3.20
CA ILE QB 123 109.09 -74.76 -3.76
C ILE QB 123 108.92 -74.06 -5.09
N ASP QB 124 108.33 -74.73 -6.06
CA ASP QB 124 108.23 -74.11 -7.38
C ASP QB 124 107.04 -73.18 -7.49
N ALA QB 125 106.10 -73.24 -6.54
CA ALA QB 125 104.98 -72.30 -6.58
C ALA QB 125 105.40 -70.93 -6.11
N ILE QB 126 106.50 -70.83 -5.36
CA ILE QB 126 107.02 -69.56 -4.89
C ILE QB 126 108.24 -69.21 -5.72
N ASP QB 127 109.25 -70.07 -5.66
CA ASP QB 127 110.50 -69.81 -6.35
C ASP QB 127 110.26 -69.54 -7.83
N GLN QB 128 109.71 -70.53 -8.53
CA GLN QB 128 109.50 -70.41 -9.97
C GLN QB 128 108.25 -69.66 -10.36
N LEU QB 129 107.39 -69.32 -9.41
CA LEU QB 129 106.14 -68.61 -9.71
C LEU QB 129 105.22 -69.48 -10.55
N ASN QB 130 105.40 -70.80 -10.47
CA ASN QB 130 104.62 -71.72 -11.29
C ASN QB 130 103.23 -71.91 -10.68
N PRO QB 131 102.16 -71.62 -11.41
CA PRO QB 131 100.82 -71.86 -10.85
C PRO QB 131 100.65 -73.31 -10.47
N ALA QB 132 99.98 -73.54 -9.34
CA ALA QB 132 99.83 -74.90 -8.85
C ALA QB 132 99.05 -75.72 -9.86
N TYR QB 133 99.77 -76.52 -10.64
CA TYR QB 133 99.14 -77.39 -11.61
C TYR QB 133 100.18 -78.27 -12.30
N ALA RB 2 130.16 -9.64 6.28
CA ALA RB 2 129.60 -8.36 5.75
C ALA RB 2 129.48 -7.33 6.85
N LYS RB 3 130.62 -7.01 7.47
CA LYS RB 3 130.63 -6.01 8.52
C LYS RB 3 130.41 -4.62 7.93
N LEU RB 4 129.57 -3.84 8.60
CA LEU RB 4 129.20 -2.51 8.16
C LEU RB 4 130.14 -1.49 8.79
N GLU RB 5 130.62 -0.56 7.98
CA GLU RB 5 131.61 0.40 8.44
C GLU RB 5 131.69 1.53 7.42
N THR RB 6 132.61 2.45 7.61
CA THR RB 6 132.78 3.56 6.70
C THR RB 6 133.50 3.11 5.44
N VAL RB 7 132.86 3.27 4.30
CA VAL RB 7 133.41 2.82 3.04
C VAL RB 7 133.72 4.05 2.19
N THR RB 8 134.95 4.10 1.68
CA THR RB 8 135.51 5.27 1.01
C THR RB 8 135.66 4.93 -0.46
N LEU RB 9 134.77 5.47 -1.26
CA LEU RB 9 134.66 5.08 -2.65
C LEU RB 9 135.37 6.14 -3.47
N GLY RB 10 136.51 5.80 -4.04
CA GLY RB 10 137.35 6.77 -4.71
C GLY RB 10 137.27 6.72 -6.22
N ASN RB 11 137.74 7.78 -6.89
CA ASN RB 11 137.81 7.83 -8.35
C ASN RB 11 136.41 7.69 -8.97
N ILE RB 12 135.61 8.73 -8.75
CA ILE RB 12 134.20 8.71 -9.10
C ILE RB 12 133.90 9.93 -9.95
N GLY RB 13 132.90 9.81 -10.85
CA GLY RB 13 132.49 10.86 -11.76
C GLY RB 13 132.95 10.59 -13.19
N LYS RB 14 132.74 11.57 -14.08
CA LYS RB 14 133.42 11.46 -15.37
C LYS RB 14 134.89 11.18 -15.20
N ASP RB 15 135.60 12.15 -14.64
CA ASP RB 15 137.05 12.08 -14.58
C ASP RB 15 137.54 11.13 -13.51
N GLY RB 16 136.64 10.59 -12.70
CA GLY RB 16 137.06 9.69 -11.65
C GLY RB 16 137.98 10.36 -10.66
N LYS RB 17 137.58 11.54 -10.18
CA LYS RB 17 138.37 12.30 -9.22
C LYS RB 17 137.69 12.51 -7.88
N GLN RB 18 136.37 12.49 -7.81
CA GLN RB 18 135.71 12.72 -6.54
C GLN RB 18 135.73 11.46 -5.69
N THR RB 19 135.41 11.62 -4.41
CA THR RB 19 135.37 10.51 -3.47
C THR RB 19 134.16 10.65 -2.57
N LEU RB 20 133.55 9.51 -2.26
CA LEU RB 20 132.33 9.48 -1.45
C LEU RB 20 132.55 8.60 -0.24
N VAL RB 21 132.29 9.15 0.92
CA VAL RB 21 132.47 8.44 2.18
C VAL RB 21 131.09 8.11 2.72
N LEU RB 22 130.84 6.82 2.90
CA LEU RB 22 129.55 6.31 3.34
C LEU RB 22 129.71 5.73 4.74
N ASN RB 23 129.09 6.33 5.66
CA ASN RB 23 129.07 5.82 7.02
C ASN RB 23 127.81 4.98 7.22
N PRO RB 24 127.90 3.96 8.06
CA PRO RB 24 126.79 3.02 8.17
C PRO RB 24 125.64 3.61 8.97
N ARG RB 25 124.57 2.81 9.05
CA ARG RB 25 123.32 3.25 9.63
C ARG RB 25 122.79 2.13 10.49
N GLY RB 26 121.51 2.18 10.83
CA GLY RB 26 120.83 1.07 11.48
C GLY RB 26 120.25 0.13 10.44
N VAL RB 27 120.24 -1.16 10.75
CA VAL RB 27 119.72 -2.16 9.83
C VAL RB 27 118.22 -2.30 10.07
N ASN RB 28 117.43 -2.08 9.03
CA ASN RB 28 115.98 -2.17 9.14
C ASN RB 28 115.56 -3.52 9.67
N PRO RB 29 114.99 -3.61 10.88
CA PRO RB 29 114.51 -4.90 11.33
C PRO RB 29 113.22 -5.33 10.67
N THR RB 30 112.50 -4.40 10.02
CA THR RB 30 111.28 -4.77 9.32
C THR RB 30 111.54 -5.76 8.19
N ASN RB 31 112.64 -5.58 7.46
CA ASN RB 31 112.98 -6.53 6.42
C ASN RB 31 114.48 -6.81 6.33
N GLY RB 32 115.28 -6.42 7.33
CA GLY RB 32 116.69 -6.74 7.29
C GLY RB 32 117.40 -6.13 6.11
N VAL RB 33 117.55 -4.80 6.13
CA VAL RB 33 118.29 -4.10 5.10
C VAL RB 33 119.25 -3.13 5.80
N ALA RB 34 120.54 -3.25 5.49
CA ALA RB 34 121.51 -2.33 6.04
C ALA RB 34 121.63 -1.11 5.15
N SER RB 35 122.02 0.02 5.75
CA SER RB 35 122.03 1.29 5.04
C SER RB 35 123.33 2.04 5.28
N LEU RB 36 123.73 2.78 4.26
CA LEU RB 36 124.91 3.63 4.24
C LEU RB 36 124.50 5.00 3.76
N SER RB 37 125.09 6.04 4.35
CA SER RB 37 124.75 7.39 3.95
C SER RB 37 126.00 8.26 3.97
N GLN RB 38 125.95 9.36 3.21
CA GLN RB 38 127.10 10.23 3.06
C GLN RB 38 127.61 10.64 4.44
N ALA RB 39 128.87 11.07 4.53
CA ALA RB 39 129.45 11.38 5.83
C ALA RB 39 128.61 12.37 6.63
N GLY RB 40 127.73 13.11 5.97
CA GLY RB 40 126.87 14.06 6.65
C GLY RB 40 127.21 15.49 6.28
N ALA RB 41 126.56 16.42 6.99
CA ALA RB 41 125.59 16.09 8.02
C ALA RB 41 124.20 15.83 7.45
N VAL RB 42 123.56 16.88 6.91
CA VAL RB 42 122.24 16.70 6.31
C VAL RB 42 122.31 15.76 5.14
N PRO RB 43 123.33 15.82 4.27
CA PRO RB 43 123.41 14.80 3.20
C PRO RB 43 123.32 13.38 3.73
N ALA RB 44 123.61 13.15 5.02
CA ALA RB 44 123.40 11.82 5.57
C ALA RB 44 121.94 11.42 5.50
N LEU RB 45 121.05 12.41 5.55
CA LEU RB 45 119.64 12.19 5.28
C LEU RB 45 119.26 12.57 3.84
N GLU RB 46 120.22 12.56 2.91
CA GLU RB 46 119.91 12.69 1.50
C GLU RB 46 120.46 11.53 0.66
N LYS RB 47 121.76 11.32 0.66
CA LYS RB 47 122.36 10.21 -0.09
C LYS RB 47 122.06 8.90 0.61
N ARG RB 48 121.83 7.84 -0.17
CA ARG RB 48 121.48 6.57 0.44
C ARG RB 48 122.01 5.40 -0.37
N VAL RB 49 122.40 4.34 0.34
CA VAL RB 49 122.87 3.10 -0.27
C VAL RB 49 122.43 1.95 0.63
N THR RB 50 121.53 1.11 0.13
CA THR RB 50 120.97 0.03 0.92
C THR RB 50 121.38 -1.31 0.34
N VAL RB 51 121.59 -2.28 1.22
CA VAL RB 51 121.94 -3.64 0.82
C VAL RB 51 121.16 -4.63 1.67
N SER RB 52 120.67 -5.69 1.04
CA SER RB 52 119.98 -6.74 1.77
C SER RB 52 120.17 -8.07 1.07
N VAL RB 53 119.99 -9.15 1.85
CA VAL RB 53 120.29 -10.51 1.40
C VAL RB 53 119.10 -11.37 1.81
N SER RB 54 118.13 -11.51 0.92
CA SER RB 54 116.98 -12.36 1.17
C SER RB 54 117.37 -13.82 0.97
N GLN RB 55 117.15 -14.62 2.02
CA GLN RB 55 117.63 -15.99 2.11
C GLN RB 55 116.49 -16.95 1.79
N PRO RB 56 116.78 -18.27 1.67
CA PRO RB 56 115.74 -19.21 1.21
C PRO RB 56 114.41 -19.09 1.93
N SER RB 57 113.37 -19.59 1.28
CA SER RB 57 112.04 -19.70 1.86
C SER RB 57 111.17 -20.40 0.83
N ARG RB 58 109.87 -20.46 1.11
CA ARG RB 58 108.94 -20.97 0.10
C ARG RB 58 108.88 -20.05 -1.10
N ASN RB 59 108.85 -18.74 -0.85
CA ASN RB 59 108.98 -17.78 -1.94
C ASN RB 59 110.39 -17.79 -2.52
N ARG RB 60 111.41 -17.72 -1.66
CA ARG RB 60 112.83 -17.73 -2.04
C ARG RB 60 113.28 -19.11 -2.47
N LYS RB 61 114.24 -19.22 -3.39
CA LYS RB 61 114.71 -20.54 -3.75
C LYS RB 61 116.21 -20.76 -3.98
N ASN RB 62 116.95 -19.95 -4.74
CA ASN RB 62 116.76 -18.54 -5.14
C ASN RB 62 116.91 -17.53 -3.98
N TYR RB 63 118.13 -17.53 -3.46
CA TYR RB 63 118.80 -16.38 -2.86
C TYR RB 63 118.65 -15.13 -3.71
N LYS RB 64 118.41 -13.99 -3.06
CA LYS RB 64 118.39 -12.72 -3.78
C LYS RB 64 119.08 -11.63 -2.98
N VAL RB 65 120.06 -10.98 -3.58
CA VAL RB 65 120.74 -9.86 -2.95
C VAL RB 65 120.34 -8.60 -3.69
N GLN RB 66 119.83 -7.63 -2.92
CA GLN RB 66 119.37 -6.36 -3.44
C GLN RB 66 120.35 -5.28 -3.03
N VAL RB 67 120.67 -4.40 -3.98
CA VAL RB 67 121.57 -3.28 -3.76
C VAL RB 67 120.93 -2.06 -4.41
N LYS RB 68 120.45 -1.12 -3.60
CA LYS RB 68 119.80 0.08 -4.10
C LYS RB 68 120.66 1.29 -3.79
N ILE RB 69 120.72 2.23 -4.73
CA ILE RB 69 121.46 3.47 -4.57
C ILE RB 69 120.53 4.62 -4.92
N GLN RB 70 120.55 5.67 -4.10
CA GLN RB 70 119.68 6.83 -4.28
C GLN RB 70 120.46 8.10 -4.06
N ASN RB 71 120.48 8.95 -5.08
CA ASN RB 71 121.14 10.27 -5.03
C ASN RB 71 120.08 11.34 -5.24
N PRO RB 72 119.71 12.09 -4.23
CA PRO RB 72 118.77 13.19 -4.43
C PRO RB 72 119.48 14.48 -4.74
N THR RB 73 119.25 15.06 -5.92
CA THR RB 73 119.77 16.37 -6.22
C THR RB 73 118.81 17.44 -5.73
N ALA RB 74 119.32 18.34 -4.91
CA ALA RB 74 118.53 19.40 -4.32
C ALA RB 74 119.26 20.72 -4.50
N CYS RB 75 118.61 21.78 -4.06
CA CYS RB 75 119.18 23.12 -4.19
C CYS RB 75 118.21 24.12 -3.55
N THR RB 76 118.69 25.35 -3.40
CA THR RB 76 117.96 26.38 -2.67
C THR RB 76 117.56 27.49 -3.61
N ALA RB 77 116.26 27.74 -3.71
CA ALA RB 77 115.77 28.85 -4.50
C ALA RB 77 116.26 30.15 -3.89
N ASN RB 78 116.44 31.15 -4.75
CA ASN RB 78 116.99 32.42 -4.29
C ASN RB 78 115.96 33.12 -3.41
N GLY RB 79 116.12 32.98 -2.10
CA GLY RB 79 115.22 33.61 -1.16
C GLY RB 79 114.88 32.70 0.02
N SER RB 80 114.80 31.40 -0.23
CA SER RB 80 114.65 30.44 0.86
C SER RB 80 116.03 30.08 1.38
N CYS RB 81 116.12 29.19 2.37
CA CYS RB 81 117.44 28.66 2.68
C CYS RB 81 117.44 27.15 2.82
N ASP RB 82 116.38 26.56 3.33
CA ASP RB 82 116.34 25.10 3.40
C ASP RB 82 116.33 24.55 1.98
N PRO RB 83 117.33 23.76 1.58
CA PRO RB 83 117.34 23.25 0.21
C PRO RB 83 116.24 22.22 -0.01
N SER RB 84 115.61 22.33 -1.17
CA SER RB 84 114.55 21.42 -1.56
C SER RB 84 115.05 20.48 -2.66
N VAL RB 85 114.58 19.24 -2.63
CA VAL RB 85 114.99 18.24 -3.60
C VAL RB 85 114.26 18.50 -4.91
N THR RB 86 115.02 18.73 -5.97
CA THR RB 86 114.42 19.00 -7.27
C THR RB 86 114.50 17.81 -8.22
N ARG RB 87 115.49 16.93 -8.02
CA ARG RB 87 115.65 15.79 -8.89
C ARG RB 87 116.09 14.62 -8.04
N GLN RB 88 115.88 13.40 -8.54
CA GLN RB 88 116.15 12.23 -7.72
C GLN RB 88 116.53 11.08 -8.63
N ALA RB 89 117.78 10.63 -8.59
CA ALA RB 89 118.21 9.49 -9.38
C ALA RB 89 118.42 8.29 -8.48
N TYR RB 90 118.23 7.10 -9.04
CA TYR RB 90 118.49 5.91 -8.26
C TYR RB 90 118.64 4.72 -9.18
N ALA RB 91 119.28 3.68 -8.67
CA ALA RB 91 119.47 2.46 -9.43
C ALA RB 91 119.47 1.27 -8.47
N ASP RB 92 119.24 0.09 -9.03
CA ASP RB 92 118.99 -1.11 -8.23
C ASP RB 92 119.57 -2.33 -8.93
N VAL RB 93 120.46 -3.02 -8.22
CA VAL RB 93 121.02 -4.29 -8.67
C VAL RB 93 120.34 -5.41 -7.90
N THR RB 94 119.98 -6.48 -8.61
CA THR RB 94 119.35 -7.64 -7.98
C THR RB 94 120.04 -8.90 -8.49
N PHE RB 95 120.84 -9.50 -7.63
CA PHE RB 95 121.47 -10.79 -7.91
C PHE RB 95 120.54 -11.91 -7.47
N SER RB 96 120.29 -12.85 -8.38
CA SER RB 96 119.50 -14.04 -8.08
C SER RB 96 120.41 -15.25 -8.18
N PHE RB 97 120.81 -15.77 -7.04
CA PHE RB 97 121.62 -16.99 -7.00
C PHE RB 97 120.78 -18.11 -6.42
N THR RB 98 121.12 -19.35 -6.76
CA THR RB 98 120.34 -20.45 -6.24
C THR RB 98 121.16 -21.32 -5.29
N GLN RB 99 120.49 -22.36 -4.80
CA GLN RB 99 120.95 -23.08 -3.61
C GLN RB 99 122.32 -23.70 -3.83
N TYR RB 100 122.52 -24.36 -4.96
CA TYR RB 100 123.81 -24.92 -5.32
C TYR RB 100 124.77 -23.88 -5.86
N SER RB 101 124.46 -22.60 -5.72
CA SER RB 101 125.35 -21.59 -6.25
C SER RB 101 126.72 -21.70 -5.60
N THR RB 102 127.71 -21.11 -6.24
CA THR RB 102 129.08 -21.26 -5.80
C THR RB 102 129.75 -19.88 -5.77
N ASP RB 103 130.51 -19.66 -4.71
CA ASP RB 103 131.19 -18.38 -4.56
C ASP RB 103 131.99 -18.06 -5.80
N GLU RB 104 132.60 -19.09 -6.39
CA GLU RB 104 133.25 -18.94 -7.68
C GLU RB 104 132.38 -18.18 -8.67
N GLU RB 105 131.19 -18.71 -8.96
CA GLU RB 105 130.36 -18.07 -9.97
C GLU RB 105 129.88 -16.71 -9.51
N ARG RB 106 129.56 -16.56 -8.23
CA ARG RB 106 129.00 -15.30 -7.77
C ARG RB 106 130.00 -14.16 -7.93
N ALA RB 107 131.27 -14.41 -7.60
CA ALA RB 107 132.24 -13.34 -7.79
C ALA RB 107 132.54 -13.12 -9.26
N PHE RB 108 132.59 -14.21 -10.02
CA PHE RB 108 132.70 -14.06 -11.47
C PHE RB 108 131.66 -13.07 -11.94
N VAL RB 109 130.44 -13.20 -11.45
CA VAL RB 109 129.35 -12.35 -11.90
C VAL RB 109 129.52 -10.92 -11.42
N ARG RB 110 129.85 -10.73 -10.14
CA ARG RB 110 129.92 -9.36 -9.66
C ARG RB 110 130.98 -8.60 -10.41
N THR RB 111 132.15 -9.22 -10.55
CA THR RB 111 133.22 -8.59 -11.29
C THR RB 111 132.81 -8.37 -12.74
N GLU RB 112 132.06 -9.30 -13.32
CA GLU RB 112 131.61 -9.13 -14.68
C GLU RB 112 130.76 -7.88 -14.81
N LEU RB 113 129.77 -7.75 -13.94
CA LEU RB 113 128.92 -6.56 -13.98
C LEU RB 113 129.77 -5.33 -13.77
N ALA RB 114 130.78 -5.43 -12.89
CA ALA RB 114 131.62 -4.28 -12.60
C ALA RB 114 132.34 -3.81 -13.85
N ALA RB 115 132.97 -4.75 -14.55
CA ALA RB 115 133.78 -4.35 -15.69
C ALA RB 115 132.91 -3.97 -16.88
N LEU RB 116 131.69 -4.50 -16.97
CA LEU RB 116 130.76 -3.98 -17.98
C LEU RB 116 130.38 -2.54 -17.65
N LEU RB 117 130.05 -2.29 -16.39
CA LEU RB 117 129.66 -0.96 -15.99
C LEU RB 117 130.80 0.03 -16.22
N ALA RB 118 132.04 -0.45 -16.13
CA ALA RB 118 133.18 0.40 -16.45
C ALA RB 118 133.54 0.41 -17.93
N SER RB 119 132.95 -0.48 -18.74
CA SER RB 119 133.32 -0.58 -20.14
C SER RB 119 132.55 0.44 -20.98
N PRO RB 120 133.11 0.84 -22.14
CA PRO RB 120 132.54 1.99 -22.85
C PRO RB 120 131.07 1.87 -23.14
N LEU RB 121 130.58 0.66 -23.41
CA LEU RB 121 129.21 0.52 -23.86
C LEU RB 121 128.25 1.12 -22.85
N LEU RB 122 128.33 0.66 -21.61
CA LEU RB 122 127.40 1.17 -20.62
C LEU RB 122 127.70 2.62 -20.29
N ILE RB 123 128.98 3.01 -20.36
CA ILE RB 123 129.33 4.41 -20.22
C ILE RB 123 128.45 5.25 -21.13
N ASP RB 124 128.47 4.94 -22.41
CA ASP RB 124 127.66 5.66 -23.37
C ASP RB 124 126.19 5.50 -23.08
N ALA RB 125 125.75 4.28 -22.79
CA ALA RB 125 124.35 4.00 -22.63
C ALA RB 125 123.74 4.70 -21.45
N ILE RB 126 124.56 5.10 -20.48
CA ILE RB 126 124.04 5.68 -19.25
C ILE RB 126 124.29 7.17 -19.26
N ASP RB 127 125.55 7.56 -19.36
CA ASP RB 127 125.90 8.97 -19.25
C ASP RB 127 125.16 9.80 -20.28
N GLN RB 128 125.08 9.29 -21.50
CA GLN RB 128 124.41 9.99 -22.58
C GLN RB 128 123.09 9.35 -22.95
N LEU RB 129 122.69 8.28 -22.28
CA LEU RB 129 121.43 7.61 -22.57
C LEU RB 129 121.35 7.24 -24.05
N ASN RB 130 122.45 6.73 -24.59
CA ASN RB 130 122.49 6.39 -26.00
C ASN RB 130 122.23 4.91 -26.17
N PRO RB 131 121.13 4.50 -26.80
CA PRO RB 131 120.93 3.08 -27.07
C PRO RB 131 122.03 2.56 -27.96
N ALA RB 132 122.31 1.28 -27.82
CA ALA RB 132 123.42 0.67 -28.54
C ALA RB 132 123.00 0.45 -29.99
N TYR RB 133 123.51 1.30 -30.87
CA TYR RB 133 123.46 1.04 -32.30
C TYR RB 133 124.64 1.70 -32.93
N ALA SB 2 126.95 -13.09 24.74
CA ALA SB 2 126.83 -14.15 23.70
C ALA SB 2 127.33 -13.64 22.35
N LYS SB 3 128.28 -12.71 22.38
CA LYS SB 3 128.97 -12.28 21.17
C LYS SB 3 129.25 -13.46 20.25
N LEU SB 4 128.78 -13.35 19.01
CA LEU SB 4 128.98 -14.43 18.06
C LEU SB 4 130.45 -14.57 17.72
N GLU SB 5 130.88 -15.81 17.50
CA GLU SB 5 132.28 -16.09 17.29
C GLU SB 5 132.42 -17.53 16.78
N THR SB 6 133.56 -17.82 16.16
CA THR SB 6 133.77 -19.13 15.58
C THR SB 6 133.76 -20.22 16.65
N VAL SB 7 132.76 -21.07 16.60
CA VAL SB 7 132.62 -22.13 17.58
C VAL SB 7 133.44 -23.33 17.14
N THR SB 8 134.19 -23.90 18.07
CA THR SB 8 135.01 -25.07 17.83
C THR SB 8 134.49 -26.20 18.70
N LEU SB 9 133.61 -27.03 18.13
CA LEU SB 9 133.10 -28.18 18.84
C LEU SB 9 134.12 -29.32 18.70
N GLY SB 10 134.57 -29.84 19.83
CA GLY SB 10 135.67 -30.78 19.87
C GLY SB 10 135.28 -32.19 19.52
N ASN SB 11 135.69 -33.15 20.35
CA ASN SB 11 135.37 -34.55 20.09
C ASN SB 11 133.89 -34.70 19.81
N ILE SB 12 133.58 -35.31 18.67
CA ILE SB 12 132.20 -35.52 18.26
C ILE SB 12 132.19 -36.70 17.31
N GLY SB 13 131.07 -37.39 17.26
CA GLY SB 13 130.95 -38.63 16.55
C GLY SB 13 130.88 -39.80 17.51
N LYS SB 14 131.12 -40.99 16.97
CA LYS SB 14 130.89 -42.20 17.76
C LYS SB 14 132.10 -42.44 18.63
N ASP SB 15 133.22 -42.62 17.97
CA ASP SB 15 134.53 -42.63 18.58
C ASP SB 15 134.92 -41.27 19.14
N GLY SB 16 134.17 -40.22 18.82
CA GLY SB 16 134.45 -38.91 19.35
C GLY SB 16 135.80 -38.43 18.90
N LYS SB 17 136.02 -38.42 17.58
CA LYS SB 17 137.28 -37.94 17.02
C LYS SB 17 137.10 -36.85 15.98
N GLN SB 18 135.87 -36.53 15.59
CA GLN SB 18 135.62 -35.44 14.66
C GLN SB 18 135.61 -34.10 15.41
N THR SB 19 135.79 -33.03 14.64
CA THR SB 19 135.75 -31.68 15.16
C THR SB 19 135.03 -30.80 14.16
N LEU SB 20 134.21 -29.88 14.66
CA LEU SB 20 133.52 -28.91 13.83
C LEU SB 20 133.95 -27.50 14.15
N VAL SB 21 134.05 -26.69 13.12
CA VAL SB 21 134.42 -25.29 13.22
C VAL SB 21 133.36 -24.52 12.47
N LEU SB 22 132.50 -23.84 13.21
CA LEU SB 22 131.38 -23.11 12.63
C LEU SB 22 131.66 -21.63 12.73
N ASN SB 23 131.75 -20.98 11.58
CA ASN SB 23 132.16 -19.58 11.54
C ASN SB 23 130.96 -18.67 11.76
N PRO SB 24 131.18 -17.53 12.41
CA PRO SB 24 130.09 -16.59 12.67
C PRO SB 24 129.43 -16.14 11.37
N ARG SB 25 128.18 -16.52 11.22
CA ARG SB 25 127.41 -16.21 10.01
C ARG SB 25 126.86 -14.79 10.10
N GLY SB 26 125.95 -14.55 11.03
CA GLY SB 26 125.29 -13.27 11.11
C GLY SB 26 124.09 -13.38 12.00
N VAL SB 27 123.22 -12.37 11.93
CA VAL SB 27 122.00 -12.38 12.73
C VAL SB 27 120.86 -11.80 11.91
N ASN SB 28 119.93 -12.65 11.49
CA ASN SB 28 118.76 -12.17 10.80
C ASN SB 28 117.87 -11.40 11.75
N PRO SB 29 117.49 -10.18 11.43
CA PRO SB 29 116.70 -9.38 12.35
C PRO SB 29 115.26 -9.80 12.37
N THR SB 30 114.73 -10.12 11.19
CA THR SB 30 113.31 -10.38 11.06
C THR SB 30 112.80 -11.28 12.16
N ASN SB 31 113.65 -12.15 12.67
CA ASN SB 31 113.28 -13.06 13.75
C ASN SB 31 114.33 -13.08 14.84
N GLY SB 32 115.33 -12.20 14.80
CA GLY SB 32 116.34 -12.18 15.82
C GLY SB 32 116.98 -13.53 15.98
N VAL SB 33 117.62 -14.02 14.92
CA VAL SB 33 118.18 -15.36 14.91
C VAL SB 33 119.64 -15.28 14.49
N ALA SB 34 120.54 -15.71 15.35
CA ALA SB 34 121.95 -15.75 15.01
C ALA SB 34 122.26 -17.09 14.34
N SER SB 35 123.03 -17.04 13.27
CA SER SB 35 123.33 -18.20 12.47
C SER SB 35 124.82 -18.54 12.55
N LEU SB 36 125.10 -19.82 12.39
CA LEU SB 36 126.45 -20.35 12.25
C LEU SB 36 126.46 -21.32 11.10
N SER SB 37 127.58 -21.37 10.39
CA SER SB 37 127.71 -22.30 9.28
C SER SB 37 129.14 -22.83 9.23
N GLN SB 38 129.24 -24.10 8.84
CA GLN SB 38 130.54 -24.70 8.58
C GLN SB 38 131.21 -23.97 7.42
N ALA SB 39 132.53 -23.84 7.52
CA ALA SB 39 133.30 -23.22 6.44
C ALA SB 39 133.10 -24.01 5.16
N GLY SB 40 132.73 -23.31 4.10
CA GLY SB 40 132.52 -23.95 2.81
C GLY SB 40 132.26 -22.91 1.75
N ALA SB 41 131.69 -23.33 0.62
CA ALA SB 41 131.31 -22.38 -0.41
C ALA SB 41 129.87 -22.61 -0.87
N VAL SB 42 129.49 -23.87 -1.01
CA VAL SB 42 128.18 -24.19 -1.55
C VAL SB 42 127.16 -24.10 -0.41
N PRO SB 43 126.18 -23.22 -0.50
CA PRO SB 43 125.23 -23.10 0.62
C PRO SB 43 124.51 -24.38 0.93
N ALA SB 44 124.25 -25.19 -0.09
CA ALA SB 44 123.45 -26.39 0.06
C ALA SB 44 124.15 -27.48 0.86
N LEU SB 45 125.45 -27.35 1.12
CA LEU SB 45 126.24 -28.44 1.68
C LEU SB 45 127.04 -27.93 2.88
N GLU SB 46 126.38 -27.19 3.76
CA GLU SB 46 127.02 -26.67 4.96
C GLU SB 46 126.22 -27.11 6.18
N LYS SB 47 126.94 -27.43 7.25
CA LYS SB 47 126.32 -27.69 8.53
C LYS SB 47 125.86 -26.35 9.11
N ARG SB 48 124.57 -26.21 9.37
CA ARG SB 48 124.02 -24.94 9.81
C ARG SB 48 123.53 -25.05 11.25
N VAL SB 49 123.66 -23.96 11.98
CA VAL SB 49 123.20 -23.87 13.36
C VAL SB 49 122.50 -22.53 13.53
N THR SB 50 121.41 -22.53 14.27
CA THR SB 50 120.60 -21.33 14.43
C THR SB 50 120.17 -21.22 15.89
N VAL SB 51 120.37 -20.05 16.48
CA VAL SB 51 120.03 -19.82 17.87
C VAL SB 51 119.15 -18.59 17.95
N SER SB 52 118.08 -18.69 18.71
CA SER SB 52 117.14 -17.59 18.87
C SER SB 52 116.68 -17.52 20.31
N VAL SB 53 116.56 -16.30 20.82
CA VAL SB 53 116.02 -16.05 22.14
C VAL SB 53 114.86 -15.10 21.96
N SER SB 54 113.65 -15.58 22.24
CA SER SB 54 112.46 -14.77 22.09
C SER SB 54 111.97 -14.34 23.47
N GLN SB 55 111.81 -13.04 23.64
CA GLN SB 55 111.41 -12.43 24.89
C GLN SB 55 109.94 -12.69 25.18
N PRO SB 56 109.54 -12.65 26.45
CA PRO SB 56 108.13 -12.83 26.80
C PRO SB 56 107.29 -11.65 26.34
N SER SB 57 106.45 -11.88 25.34
CA SER SB 57 105.58 -10.83 24.84
C SER SB 57 104.31 -10.77 25.67
N ARG SB 58 103.39 -9.90 25.27
CA ARG SB 58 102.07 -9.88 25.89
C ARG SB 58 101.27 -11.11 25.54
N ASN SB 59 101.75 -11.93 24.60
CA ASN SB 59 101.02 -13.09 24.11
C ASN SB 59 101.60 -14.40 24.63
N ARG SB 60 102.82 -14.38 25.14
CA ARG SB 60 103.49 -15.61 25.59
C ARG SB 60 103.84 -15.55 27.07
N LYS SB 61 104.40 -14.43 27.51
CA LYS SB 61 104.87 -14.29 28.88
C LYS SB 61 105.69 -15.50 29.29
N ASN SB 62 106.62 -15.87 28.42
CA ASN SB 62 107.54 -16.97 28.69
C ASN SB 62 108.78 -16.79 27.82
N TYR SB 63 109.95 -16.72 28.44
CA TYR SB 63 111.17 -16.68 27.65
C TYR SB 63 111.34 -17.98 26.88
N LYS SB 64 111.70 -17.86 25.61
CA LYS SB 64 111.86 -19.01 24.73
C LYS SB 64 113.26 -18.99 24.14
N VAL SB 65 113.89 -20.16 24.03
CA VAL SB 65 115.16 -20.27 23.34
C VAL SB 65 115.07 -21.46 22.41
N GLN SB 66 115.29 -21.22 21.13
CA GLN SB 66 115.25 -22.26 20.10
C GLN SB 66 116.64 -22.43 19.53
N VAL SB 67 117.11 -23.67 19.49
CA VAL SB 67 118.37 -23.99 18.84
C VAL SB 67 118.08 -25.06 17.81
N LYS SB 68 118.54 -24.85 16.58
CA LYS SB 68 118.23 -25.71 15.47
C LYS SB 68 119.50 -26.06 14.72
N ILE SB 69 119.65 -27.35 14.42
CA ILE SB 69 120.84 -27.91 13.77
C ILE SB 69 120.39 -28.59 12.50
N GLN SB 70 121.03 -28.23 11.40
CA GLN SB 70 120.76 -28.82 10.10
C GLN SB 70 122.05 -29.36 9.52
N ASN SB 71 122.07 -30.63 9.18
CA ASN SB 71 123.20 -31.19 8.42
C ASN SB 71 122.70 -31.93 7.20
N PRO SB 72 122.97 -31.43 6.00
CA PRO SB 72 122.70 -32.22 4.80
C PRO SB 72 123.90 -33.07 4.40
N THR SB 73 123.62 -34.04 3.55
CA THR SB 73 124.64 -34.94 3.04
C THR SB 73 125.04 -34.55 1.63
N ALA SB 74 126.34 -34.64 1.35
CA ALA SB 74 126.85 -34.30 0.02
C ALA SB 74 126.29 -35.24 -1.02
N CYS SB 75 126.41 -36.55 -0.80
CA CYS SB 75 125.81 -37.54 -1.67
C CYS SB 75 126.31 -37.31 -3.10
N THR SB 76 127.61 -37.05 -3.21
CA THR SB 76 128.21 -36.55 -4.43
C THR SB 76 128.23 -37.59 -5.53
N ALA SB 77 128.09 -37.13 -6.77
CA ALA SB 77 128.07 -37.96 -7.96
C ALA SB 77 129.49 -38.09 -8.54
N ASN SB 78 129.74 -39.22 -9.21
CA ASN SB 78 131.01 -39.46 -9.88
C ASN SB 78 131.06 -38.62 -11.16
N GLY SB 79 131.29 -37.33 -10.95
CA GLY SB 79 131.26 -36.34 -12.01
C GLY SB 79 129.86 -35.77 -12.17
N SER SB 80 129.56 -35.30 -13.37
CA SER SB 80 128.18 -35.09 -13.76
C SER SB 80 127.50 -33.99 -12.97
N CYS SB 81 128.12 -33.50 -11.89
CA CYS SB 81 128.15 -32.09 -11.50
C CYS SB 81 128.55 -32.03 -10.02
N ASP SB 82 128.66 -30.82 -9.48
CA ASP SB 82 128.78 -30.67 -8.04
C ASP SB 82 127.71 -31.50 -7.32
N PRO SB 83 127.95 -31.86 -6.06
CA PRO SB 83 127.01 -32.75 -5.37
C PRO SB 83 125.61 -32.17 -5.29
N SER SB 84 124.67 -33.02 -4.88
CA SER SB 84 123.28 -32.63 -4.72
C SER SB 84 122.77 -33.08 -3.36
N VAL SB 85 121.90 -32.25 -2.78
CA VAL SB 85 121.38 -32.53 -1.45
C VAL SB 85 120.43 -33.72 -1.53
N THR SB 86 120.64 -34.70 -0.64
CA THR SB 86 119.80 -35.88 -0.65
C THR SB 86 119.23 -36.24 0.71
N ARG SB 87 119.96 -36.01 1.79
CA ARG SB 87 119.50 -36.32 3.12
C ARG SB 87 119.78 -35.12 4.01
N GLN SB 88 118.94 -34.92 5.02
CA GLN SB 88 119.02 -33.73 5.85
C GLN SB 88 118.62 -34.11 7.28
N ALA SB 89 119.58 -34.11 8.18
CA ALA SB 89 119.33 -34.38 9.58
C ALA SB 89 118.94 -33.08 10.27
N TYR SB 90 117.79 -33.13 10.95
CA TYR SB 90 117.20 -32.01 11.67
C TYR SB 90 117.30 -32.27 13.17
N ALA SB 91 117.64 -31.23 13.93
CA ALA SB 91 117.56 -31.30 15.37
C ALA SB 91 117.07 -29.95 15.88
N ASP SB 92 116.19 -29.98 16.88
CA ASP SB 92 115.59 -28.75 17.37
C ASP SB 92 115.34 -28.87 18.86
N VAL SB 93 115.96 -27.99 19.62
CA VAL SB 93 115.80 -27.91 21.06
C VAL SB 93 115.06 -26.64 21.38
N THR SB 94 114.16 -26.72 22.36
CA THR SB 94 113.21 -25.66 22.66
C THR SB 94 113.11 -25.50 24.17
N PHE SB 95 113.89 -24.58 24.70
CA PHE SB 95 113.87 -24.30 26.12
C PHE SB 95 112.85 -23.20 26.43
N SER SB 96 112.07 -23.40 27.48
CA SER SB 96 111.01 -22.48 27.84
C SER SB 96 111.08 -22.20 29.32
N PHE SB 97 110.95 -20.93 29.70
CA PHE SB 97 111.14 -20.57 31.09
C PHE SB 97 110.21 -19.42 31.45
N THR SB 98 109.92 -19.29 32.73
CA THR SB 98 109.06 -18.21 33.16
C THR SB 98 109.86 -16.96 33.52
N GLN SB 99 109.13 -15.87 33.65
CA GLN SB 99 109.74 -14.57 33.93
C GLN SB 99 110.49 -14.59 35.25
N TYR SB 100 110.09 -15.47 36.16
CA TYR SB 100 110.76 -15.67 37.43
C TYR SB 100 111.81 -16.76 37.39
N SER SB 101 112.36 -17.04 36.22
CA SER SB 101 113.37 -18.07 36.05
C SER SB 101 114.57 -17.83 36.96
N THR SB 102 115.34 -18.89 37.19
CA THR SB 102 116.64 -18.78 37.84
C THR SB 102 117.72 -19.36 36.94
N ASP SB 103 118.73 -18.53 36.69
CA ASP SB 103 119.85 -19.00 35.90
C ASP SB 103 120.39 -20.29 36.48
N GLU SB 104 120.35 -20.42 37.80
CA GLU SB 104 120.77 -21.67 38.43
C GLU SB 104 119.98 -22.83 37.86
N GLU SB 105 118.65 -22.81 38.00
CA GLU SB 105 117.89 -24.01 37.71
C GLU SB 105 118.01 -24.37 36.25
N ARG SB 106 118.16 -23.38 35.38
CA ARG SB 106 118.07 -23.75 33.97
C ARG SB 106 119.45 -23.80 33.31
N ALA SB 107 120.50 -23.41 34.05
CA ALA SB 107 121.81 -24.00 33.81
C ALA SB 107 121.79 -25.48 34.16
N PHE SB 108 121.12 -25.83 35.25
CA PHE SB 108 120.92 -27.25 35.54
C PHE SB 108 120.16 -27.93 34.42
N VAL SB 109 119.14 -27.25 33.89
CA VAL SB 109 118.38 -27.82 32.79
C VAL SB 109 119.30 -28.11 31.62
N ARG SB 110 120.13 -27.13 31.24
CA ARG SB 110 121.09 -27.38 30.17
C ARG SB 110 121.92 -28.61 30.47
N THR SB 111 122.52 -28.65 31.65
CA THR SB 111 123.46 -29.71 31.94
C THR SB 111 122.77 -31.07 31.91
N GLU SB 112 121.51 -31.13 32.35
CA GLU SB 112 120.80 -32.41 32.32
C GLU SB 112 120.48 -32.79 30.89
N LEU SB 113 120.11 -31.82 30.04
CA LEU SB 113 119.97 -32.13 28.62
C LEU SB 113 121.25 -32.77 28.08
N ALA SB 114 122.38 -32.12 28.31
CA ALA SB 114 123.63 -32.60 27.71
C ALA SB 114 124.00 -33.97 28.27
N ALA SB 115 123.85 -34.13 29.58
CA ALA SB 115 124.18 -35.41 30.18
C ALA SB 115 123.25 -36.51 29.66
N LEU SB 116 121.97 -36.20 29.42
CA LEU SB 116 121.10 -37.18 28.78
C LEU SB 116 121.59 -37.52 27.38
N LEU SB 117 121.93 -36.49 26.62
CA LEU SB 117 122.34 -36.69 25.24
C LEU SB 117 123.72 -37.32 25.15
N ALA SB 118 124.36 -37.56 26.28
CA ALA SB 118 125.49 -38.49 26.36
C ALA SB 118 125.15 -39.81 27.04
N SER SB 119 123.99 -39.88 27.71
CA SER SB 119 123.61 -41.04 28.49
C SER SB 119 123.36 -42.25 27.61
N PRO SB 120 123.50 -43.46 28.14
CA PRO SB 120 123.41 -44.65 27.28
C PRO SB 120 122.04 -44.90 26.70
N LEU SB 121 120.97 -44.51 27.38
CA LEU SB 121 119.64 -44.70 26.81
C LEU SB 121 119.52 -43.91 25.52
N LEU SB 122 119.82 -42.62 25.57
CA LEU SB 122 119.65 -41.80 24.39
C LEU SB 122 120.59 -42.22 23.28
N ILE SB 123 121.80 -42.69 23.63
CA ILE SB 123 122.74 -43.12 22.60
C ILE SB 123 122.05 -44.08 21.63
N ASP SB 124 121.57 -45.20 22.13
CA ASP SB 124 120.95 -46.16 21.23
C ASP SB 124 119.52 -45.78 20.91
N ALA SB 125 118.94 -44.85 21.66
CA ALA SB 125 117.64 -44.32 21.28
C ALA SB 125 117.72 -43.61 19.94
N ILE SB 126 118.83 -42.92 19.68
CA ILE SB 126 118.97 -42.14 18.46
C ILE SB 126 119.80 -42.92 17.45
N ASP SB 127 121.02 -43.29 17.83
CA ASP SB 127 121.94 -43.95 16.92
C ASP SB 127 121.33 -45.22 16.34
N GLN SB 128 120.90 -46.11 17.22
CA GLN SB 128 120.26 -47.34 16.76
C GLN SB 128 118.77 -47.17 16.57
N LEU SB 129 118.22 -46.03 16.95
CA LEU SB 129 116.82 -45.73 16.74
C LEU SB 129 115.92 -46.72 17.47
N ASN SB 130 116.41 -47.28 18.57
CA ASN SB 130 115.66 -48.27 19.32
C ASN SB 130 114.62 -47.58 20.19
N PRO SB 131 113.35 -47.97 20.13
CA PRO SB 131 112.39 -47.46 21.12
C PRO SB 131 112.84 -47.77 22.53
N ALA SB 132 112.72 -46.77 23.40
CA ALA SB 132 113.13 -46.91 24.79
C ALA SB 132 112.30 -47.99 25.45
N TYR SB 133 112.95 -49.08 25.83
CA TYR SB 133 112.23 -50.29 26.20
C TYR SB 133 113.20 -51.34 26.75
N ALA TB 2 124.06 1.82 14.68
CA ALA TB 2 124.54 1.59 16.07
C ALA TB 2 124.54 0.10 16.39
N LYS TB 3 125.73 -0.50 16.45
CA LYS TB 3 125.82 -1.91 16.78
C LYS TB 3 125.62 -2.10 18.27
N LEU TB 4 124.85 -3.13 18.65
CA LEU TB 4 124.61 -3.39 20.06
C LEU TB 4 125.73 -4.23 20.62
N GLU TB 5 126.30 -3.77 21.73
CA GLU TB 5 127.30 -4.53 22.45
C GLU TB 5 127.21 -4.18 23.93
N THR TB 6 128.00 -4.89 24.72
CA THR TB 6 127.92 -4.73 26.17
C THR TB 6 128.19 -3.29 26.56
N VAL TB 7 127.19 -2.64 27.14
CA VAL TB 7 127.31 -1.24 27.55
C VAL TB 7 127.81 -1.19 28.98
N THR TB 8 128.92 -0.47 29.19
CA THR TB 8 129.56 -0.35 30.48
C THR TB 8 129.39 1.08 30.96
N LEU TB 9 128.59 1.26 31.99
CA LEU TB 9 128.30 2.59 32.52
C LEU TB 9 128.86 2.68 33.93
N GLY TB 10 129.83 3.57 34.12
CA GLY TB 10 130.51 3.71 35.39
C GLY TB 10 130.19 5.02 36.07
N ASN TB 11 130.55 5.07 37.35
CA ASN TB 11 130.45 6.29 38.15
C ASN TB 11 129.01 6.80 38.19
N ILE TB 12 128.14 5.98 38.78
CA ILE TB 12 126.73 6.29 38.91
C ILE TB 12 126.34 6.15 40.38
N GLY TB 13 125.14 6.64 40.71
CA GLY TB 13 124.67 6.71 42.08
C GLY TB 13 124.97 8.08 42.69
N LYS TB 14 124.53 8.26 43.95
CA LYS TB 14 124.95 9.47 44.68
C LYS TB 14 126.43 9.69 44.58
N ASP TB 15 127.20 8.72 45.02
CA ASP TB 15 128.64 8.84 45.13
C ASP TB 15 129.31 8.71 43.78
N GLY TB 16 128.61 8.20 42.78
CA GLY TB 16 129.23 7.93 41.51
C GLY TB 16 130.31 6.87 41.64
N LYS TB 17 130.02 5.79 42.37
CA LYS TB 17 130.93 4.64 42.36
C LYS TB 17 130.31 3.39 41.76
N GLN TB 18 129.01 3.35 41.50
CA GLN TB 18 128.38 2.13 41.08
C GLN TB 18 128.62 1.90 39.60
N THR TB 19 128.46 0.65 39.18
CA THR TB 19 128.75 0.25 37.81
C THR TB 19 127.61 -0.61 37.28
N LEU TB 20 127.33 -0.48 35.99
CA LEU TB 20 126.25 -1.21 35.35
C LEU TB 20 126.74 -1.76 34.03
N VAL TB 21 126.54 -3.03 33.79
CA VAL TB 21 126.92 -3.68 32.55
C VAL TB 21 125.65 -4.25 31.93
N LEU TB 22 125.19 -3.61 30.86
CA LEU TB 22 123.95 -4.00 30.22
C LEU TB 22 124.26 -4.79 28.96
N ASN TB 23 123.58 -5.88 28.78
CA ASN TB 23 123.85 -6.76 27.64
C ASN TB 23 122.80 -6.60 26.56
N PRO TB 24 123.15 -6.85 25.30
CA PRO TB 24 122.17 -6.73 24.22
C PRO TB 24 121.06 -7.75 24.34
N ARG TB 25 119.83 -7.29 24.11
CA ARG TB 25 118.67 -8.16 24.10
C ARG TB 25 118.11 -8.35 22.69
N GLY TB 26 118.85 -7.92 21.68
CA GLY TB 26 118.35 -7.98 20.33
C GLY TB 26 117.41 -6.82 20.01
N VAL TB 27 116.65 -7.00 18.94
CA VAL TB 27 115.71 -5.99 18.45
C VAL TB 27 114.36 -6.64 18.23
N ASN TB 28 113.32 -5.93 18.61
CA ASN TB 28 111.97 -6.39 18.32
C ASN TB 28 111.75 -6.30 16.82
N PRO TB 29 111.41 -7.41 16.15
CA PRO TB 29 111.04 -7.30 14.72
C PRO TB 29 109.79 -6.49 14.51
N THR TB 30 108.98 -6.27 15.53
CA THR TB 30 107.72 -5.58 15.39
C THR TB 30 107.89 -4.07 15.56
N ASN TB 31 108.26 -3.64 16.76
CA ASN TB 31 108.44 -2.21 17.02
C ASN TB 31 109.75 -1.69 16.44
N GLY TB 32 110.70 -2.58 16.14
CA GLY TB 32 112.00 -2.16 15.67
C GLY TB 32 112.77 -1.41 16.73
N VAL TB 33 112.86 -2.00 17.91
CA VAL TB 33 113.41 -1.34 19.08
C VAL TB 33 114.44 -2.25 19.71
N ALA TB 34 115.62 -1.71 20.00
CA ALA TB 34 116.67 -2.50 20.62
C ALA TB 34 116.53 -2.44 22.14
N SER TB 35 117.02 -3.50 22.78
CA SER TB 35 116.89 -3.66 24.23
C SER TB 35 118.19 -4.18 24.81
N LEU TB 36 118.51 -3.71 26.01
CA LEU TB 36 119.56 -4.30 26.83
C LEU TB 36 119.06 -4.50 28.25
N SER TB 37 119.71 -5.44 28.93
CA SER TB 37 119.38 -5.76 30.30
C SER TB 37 120.67 -6.04 31.05
N GLN TB 38 120.69 -5.72 32.35
CA GLN TB 38 121.86 -6.04 33.14
C GLN TB 38 121.88 -7.54 33.38
N ALA TB 39 123.07 -8.08 33.65
CA ALA TB 39 123.19 -9.50 33.92
C ALA TB 39 122.70 -9.79 35.33
N GLY TB 40 121.80 -10.76 35.45
CA GLY TB 40 121.28 -11.11 36.75
C GLY TB 40 120.77 -12.53 36.74
N ALA TB 41 120.29 -12.96 37.91
CA ALA TB 41 119.79 -14.33 38.06
C ALA TB 41 118.36 -14.47 37.58
N VAL TB 42 117.47 -13.60 38.04
CA VAL TB 42 116.05 -13.66 37.68
C VAL TB 42 115.79 -12.58 36.64
N PRO TB 43 115.36 -12.93 35.43
CA PRO TB 43 115.11 -11.90 34.43
C PRO TB 43 114.11 -10.86 34.88
N ALA TB 44 113.26 -11.20 35.83
CA ALA TB 44 112.26 -10.26 36.30
C ALA TB 44 112.87 -9.03 36.95
N LEU TB 45 113.97 -9.19 37.67
CA LEU TB 45 114.59 -8.08 38.38
C LEU TB 45 115.83 -7.58 37.65
N GLU TB 46 115.79 -7.62 36.32
CA GLU TB 46 116.89 -7.12 35.51
C GLU TB 46 116.59 -5.69 35.10
N LYS TB 47 117.54 -4.80 35.32
CA LYS TB 47 117.41 -3.43 34.90
C LYS TB 47 117.45 -3.40 33.38
N ARG TB 48 116.42 -2.83 32.77
CA ARG TB 48 116.28 -2.85 31.32
C ARG TB 48 116.38 -1.44 30.74
N VAL TB 49 116.87 -1.37 29.51
CA VAL TB 49 117.00 -0.12 28.79
C VAL TB 49 116.59 -0.36 27.35
N THR TB 50 115.67 0.45 26.84
CA THR TB 50 115.22 0.33 25.46
C THR TB 50 115.67 1.55 24.67
N VAL TB 51 115.94 1.33 23.38
CA VAL TB 51 116.37 2.39 22.48
C VAL TB 51 115.63 2.23 21.17
N SER TB 52 115.05 3.31 20.68
CA SER TB 52 114.17 3.26 19.52
C SER TB 52 114.52 4.36 18.54
N VAL TB 53 114.57 4.01 17.26
CA VAL TB 53 114.92 4.94 16.21
C VAL TB 53 113.87 4.88 15.10
N SER TB 54 112.83 5.68 15.22
CA SER TB 54 111.79 5.66 14.21
C SER TB 54 112.24 6.43 12.97
N GLN TB 55 111.72 6.03 11.84
CA GLN TB 55 112.05 6.62 10.55
C GLN TB 55 111.03 7.68 10.18
N PRO TB 56 111.33 8.51 9.19
CA PRO TB 56 110.43 9.61 8.87
C PRO TB 56 109.08 9.13 8.39
N SER TB 57 108.03 9.71 8.97
CA SER TB 57 106.66 9.37 8.61
C SER TB 57 106.29 10.03 7.30
N ARG TB 58 105.00 10.06 7.00
CA ARG TB 58 104.54 10.66 5.75
C ARG TB 58 104.20 12.13 5.96
N ASN TB 59 104.64 12.96 5.02
CA ASN TB 59 104.19 14.35 4.88
C ASN TB 59 104.70 15.29 5.97
N ARG TB 60 105.27 14.73 7.03
CA ARG TB 60 105.81 15.56 8.11
C ARG TB 60 107.22 15.11 8.48
N LYS TB 61 107.43 13.80 8.49
CA LYS TB 61 108.71 13.11 8.54
C LYS TB 61 109.43 13.13 9.87
N ASN TB 62 109.22 14.13 10.73
CA ASN TB 62 109.42 13.94 12.17
C ASN TB 62 110.45 12.92 12.65
N TYR TB 63 111.75 13.05 12.38
CA TYR TB 63 112.68 12.07 12.91
C TYR TB 63 112.58 11.99 14.42
N LYS TB 64 112.55 10.76 14.96
CA LYS TB 64 112.23 10.54 16.36
C LYS TB 64 113.11 9.44 16.94
N VAL TB 65 113.47 9.60 18.21
CA VAL TB 65 114.23 8.59 18.94
C VAL TB 65 113.72 8.52 20.37
N GLN TB 66 113.54 7.29 20.86
CA GLN TB 66 113.03 7.06 22.19
C GLN TB 66 114.00 6.19 22.96
N VAL TB 67 114.08 6.41 24.27
CA VAL TB 67 114.84 5.52 25.13
C VAL TB 67 114.07 5.37 26.43
N LYS TB 68 113.71 4.13 26.74
CA LYS TB 68 112.92 3.79 27.92
C LYS TB 68 113.81 2.99 28.85
N ILE TB 69 114.01 3.50 30.06
CA ILE TB 69 114.83 2.82 31.04
C ILE TB 69 113.93 2.41 32.19
N GLN TB 70 113.89 1.11 32.46
CA GLN TB 70 113.07 0.56 33.54
C GLN TB 70 113.99 -0.03 34.59
N ASN TB 71 113.63 0.20 35.83
CA ASN TB 71 114.39 -0.22 37.00
C ASN TB 71 113.45 -0.87 38.00
N PRO TB 72 113.39 -2.18 38.09
CA PRO TB 72 112.47 -2.80 39.04
C PRO TB 72 113.15 -3.05 40.38
N THR TB 73 112.32 -3.40 41.36
CA THR TB 73 112.80 -3.68 42.71
C THR TB 73 111.73 -4.49 43.41
N ALA TB 74 112.11 -5.65 43.94
CA ALA TB 74 111.18 -6.56 44.56
C ALA TB 74 111.45 -6.64 46.06
N CYS TB 75 110.53 -7.30 46.77
CA CYS TB 75 110.70 -7.52 48.20
C CYS TB 75 110.08 -8.89 48.48
N THR TB 76 110.92 -9.90 48.67
CA THR TB 76 110.41 -11.24 48.88
C THR TB 76 109.59 -11.30 50.16
N ALA TB 77 108.29 -11.56 50.00
CA ALA TB 77 107.37 -11.55 51.12
C ALA TB 77 107.57 -12.78 52.00
N ASN TB 78 107.18 -12.65 53.26
CA ASN TB 78 107.26 -13.79 54.17
C ASN TB 78 106.30 -14.88 53.71
N GLY TB 79 106.83 -16.08 53.52
CA GLY TB 79 106.05 -17.18 53.01
C GLY TB 79 105.95 -17.23 51.50
N SER TB 80 106.43 -16.22 50.80
CA SER TB 80 106.42 -16.18 49.36
C SER TB 80 107.78 -16.66 48.83
N CYS TB 81 107.75 -17.48 47.79
CA CYS TB 81 108.95 -18.06 47.22
C CYS TB 81 109.34 -17.39 45.91
N ASP TB 82 108.82 -16.21 45.65
CA ASP TB 82 109.11 -15.47 44.44
C ASP TB 82 109.34 -14.00 44.79
N PRO TB 83 110.53 -13.47 44.54
CA PRO TB 83 110.71 -12.03 44.76
C PRO TB 83 109.91 -11.21 43.76
N SER TB 84 108.61 -11.09 44.01
CA SER TB 84 107.75 -10.30 43.13
C SER TB 84 108.14 -8.83 43.17
N VAL TB 85 108.13 -8.18 42.01
CA VAL TB 85 108.43 -6.76 41.94
C VAL TB 85 107.30 -6.00 42.63
N THR TB 86 107.66 -5.21 43.63
CA THR TB 86 106.73 -4.28 44.23
C THR TB 86 107.06 -2.83 43.93
N ARG TB 87 108.08 -2.57 43.12
CA ARG TB 87 108.57 -1.22 42.92
C ARG TB 87 109.15 -1.13 41.52
N GLN TB 88 108.91 0.00 40.86
CA GLN TB 88 109.34 0.15 39.47
C GLN TB 88 109.58 1.62 39.18
N ALA TB 89 110.73 1.93 38.60
CA ALA TB 89 111.08 3.28 38.18
C ALA TB 89 111.21 3.30 36.67
N TYR TB 90 110.57 4.28 36.03
CA TYR TB 90 110.65 4.43 34.59
C TYR TB 90 111.15 5.82 34.24
N ALA TB 91 112.03 5.88 33.26
CA ALA TB 91 112.51 7.14 32.72
C ALA TB 91 112.46 7.02 31.20
N ASP TB 92 111.64 7.85 30.57
CA ASP TB 92 111.47 7.79 29.12
C ASP TB 92 111.92 9.12 28.53
N VAL TB 93 112.87 9.03 27.63
CA VAL TB 93 113.45 10.18 26.95
C VAL TB 93 113.02 10.14 25.50
N THR TB 94 112.65 11.29 24.95
CA THR TB 94 112.15 11.37 23.59
C THR TB 94 112.78 12.56 22.89
N PHE TB 95 113.55 12.29 21.84
CA PHE TB 95 114.16 13.32 21.00
C PHE TB 95 113.43 13.41 19.68
N SER TB 96 113.11 14.63 19.27
CA SER TB 96 112.46 14.88 18.00
C SER TB 96 113.30 15.86 17.20
N PHE TB 97 113.56 15.49 15.95
CA PHE TB 97 114.40 16.23 15.03
C PHE TB 97 113.64 16.46 13.75
N THR TB 98 113.94 17.56 13.09
CA THR TB 98 113.34 17.79 11.80
C THR TB 98 114.14 17.09 10.71
N GLN TB 99 113.52 16.97 9.55
CA GLN TB 99 114.13 16.29 8.42
C GLN TB 99 115.40 16.98 7.95
N TYR TB 100 115.61 18.23 8.32
CA TYR TB 100 116.78 18.97 7.90
C TYR TB 100 117.72 19.26 9.07
N SER TB 101 117.44 18.70 10.24
CA SER TB 101 118.34 18.85 11.36
C SER TB 101 119.72 18.33 10.99
N THR TB 102 120.73 18.71 11.78
CA THR TB 102 122.09 18.27 11.54
C THR TB 102 122.71 17.79 12.84
N ASP TB 103 123.68 16.89 12.69
CA ASP TB 103 124.27 16.25 13.86
C ASP TB 103 124.85 17.26 14.82
N GLU TB 104 125.26 18.44 14.34
CA GLU TB 104 125.70 19.49 15.25
C GLU TB 104 124.65 19.74 16.33
N GLU TB 105 123.48 20.23 15.94
CA GLU TB 105 122.44 20.45 16.94
C GLU TB 105 122.06 19.16 17.63
N ARG TB 106 122.07 18.04 16.92
CA ARG TB 106 121.68 16.80 17.58
C ARG TB 106 122.57 16.51 18.78
N ALA TB 107 123.88 16.52 18.57
CA ALA TB 107 124.80 16.30 19.69
C ALA TB 107 124.69 17.42 20.71
N PHE TB 108 124.44 18.64 20.25
CA PHE TB 108 124.27 19.74 21.19
C PHE TB 108 123.14 19.42 22.14
N VAL TB 109 122.03 18.97 21.60
CA VAL TB 109 120.89 18.55 22.40
C VAL TB 109 121.29 17.45 23.35
N ARG TB 110 121.99 16.44 22.84
CA ARG TB 110 122.37 15.31 23.67
C ARG TB 110 123.13 15.76 24.90
N THR TB 111 124.28 16.39 24.69
CA THR TB 111 125.10 16.75 25.83
C THR TB 111 124.43 17.82 26.67
N GLU TB 112 123.55 18.62 26.09
CA GLU TB 112 122.78 19.58 26.88
C GLU TB 112 121.93 18.85 27.90
N LEU TB 113 121.20 17.85 27.44
CA LEU TB 113 120.35 17.11 28.34
C LEU TB 113 121.18 16.40 29.39
N ALA TB 114 122.33 15.84 28.99
CA ALA TB 114 123.15 15.13 29.97
C ALA TB 114 123.69 16.07 31.04
N ALA TB 115 124.20 17.22 30.63
CA ALA TB 115 124.76 18.13 31.62
C ALA TB 115 123.67 18.72 32.50
N LEU TB 116 122.46 18.93 31.98
CA LEU TB 116 121.37 19.26 32.89
C LEU TB 116 121.15 18.12 33.87
N LEU TB 117 121.19 16.89 33.38
CA LEU TB 117 120.96 15.74 34.23
C LEU TB 117 122.01 15.63 35.32
N ALA TB 118 123.17 16.27 35.13
CA ALA TB 118 124.19 16.32 36.17
C ALA TB 118 124.18 17.60 36.99
N SER TB 119 123.54 18.67 36.51
CA SER TB 119 123.61 19.97 37.17
C SER TB 119 122.79 19.97 38.45
N PRO TB 120 123.02 20.96 39.31
CA PRO TB 120 122.31 20.96 40.60
C PRO TB 120 120.82 21.00 40.46
N LEU TB 121 120.29 21.62 39.40
CA LEU TB 121 118.86 21.78 39.27
C LEU TB 121 118.14 20.43 39.24
N LEU TB 122 118.37 19.65 38.18
CA LEU TB 122 117.69 18.37 38.11
C LEU TB 122 118.11 17.48 39.26
N ILE TB 123 119.31 17.65 39.80
CA ILE TB 123 119.75 16.84 40.91
C ILE TB 123 118.71 16.84 42.02
N ASP TB 124 118.42 18.02 42.58
CA ASP TB 124 117.43 18.06 43.65
C ASP TB 124 116.01 18.06 43.11
N ALA TB 125 115.84 18.27 41.81
CA ALA TB 125 114.50 18.14 41.23
C ALA TB 125 114.04 16.70 41.21
N ILE TB 126 114.97 15.78 41.03
CA ILE TB 126 114.69 14.36 40.91
C ILE TB 126 114.99 13.64 42.21
N ASP TB 127 116.25 13.67 42.64
CA ASP TB 127 116.68 12.81 43.73
C ASP TB 127 115.88 13.09 44.99
N GLN TB 128 115.67 14.37 45.30
CA GLN TB 128 114.86 14.75 46.44
C GLN TB 128 113.46 15.19 46.04
N LEU TB 129 113.14 15.19 44.75
CA LEU TB 129 111.78 15.41 44.28
C LEU TB 129 111.31 16.81 44.64
N ASN TB 130 112.10 17.80 44.24
CA ASN TB 130 111.90 19.18 44.66
C ASN TB 130 111.35 19.97 43.50
N PRO TB 131 110.14 20.52 43.55
CA PRO TB 131 109.75 21.45 42.48
C PRO TB 131 110.68 22.63 42.45
N ALA TB 132 111.09 23.01 41.25
CA ALA TB 132 112.06 24.08 41.09
C ALA TB 132 111.37 25.42 41.28
N TYR TB 133 111.90 26.23 42.19
CA TYR TB 133 111.39 27.58 42.42
C TYR TB 133 112.50 28.51 42.84
N ALA UB 2 86.64 33.93 91.60
CA ALA UB 2 85.24 33.58 91.98
C ALA UB 2 85.15 32.13 92.43
N LYS UB 3 85.98 31.77 93.40
CA LYS UB 3 85.93 30.40 93.92
C LYS UB 3 84.64 30.17 94.68
N LEU UB 4 84.12 28.97 94.56
CA LEU UB 4 82.85 28.59 95.16
C LEU UB 4 83.12 27.86 96.47
N GLU UB 5 82.50 28.34 97.54
CA GLU UB 5 82.76 27.79 98.86
C GLU UB 5 81.55 28.11 99.74
N THR UB 6 81.64 27.79 101.02
CA THR UB 6 80.56 28.09 101.94
C THR UB 6 80.55 29.57 102.27
N VAL UB 7 79.37 30.17 102.22
CA VAL UB 7 79.18 31.58 102.51
C VAL UB 7 78.31 31.70 103.75
N THR UB 8 78.76 32.47 104.73
CA THR UB 8 78.04 32.65 105.98
C THR UB 8 77.55 34.10 106.02
N LEU UB 9 76.30 34.29 105.64
CA LEU UB 9 75.70 35.62 105.58
C LEU UB 9 75.10 35.90 106.94
N GLY UB 10 75.73 36.81 107.69
CA GLY UB 10 75.29 37.10 109.04
C GLY UB 10 74.49 38.39 109.15
N ASN UB 11 73.80 38.57 110.27
CA ASN UB 11 73.05 39.80 110.54
C ASN UB 11 72.04 40.05 109.44
N ILE UB 12 71.06 39.16 109.38
CA ILE UB 12 70.11 39.07 108.28
C ILE UB 12 68.71 39.29 108.84
N GLY UB 13 67.83 39.81 107.98
CA GLY UB 13 66.42 39.89 108.29
C GLY UB 13 66.02 41.24 108.87
N LYS UB 14 64.79 41.28 109.37
CA LYS UB 14 64.23 42.54 109.86
C LYS UB 14 65.12 43.16 110.92
N ASP UB 15 65.47 42.37 111.93
CA ASP UB 15 66.35 42.83 112.99
C ASP UB 15 67.81 42.63 112.66
N GLY UB 16 68.13 41.94 111.58
CA GLY UB 16 69.50 41.61 111.28
C GLY UB 16 70.10 40.67 112.31
N LYS UB 17 69.40 39.58 112.60
CA LYS UB 17 69.83 38.65 113.63
C LYS UB 17 70.04 37.23 113.16
N GLN UB 18 69.28 36.74 112.18
CA GLN UB 18 69.51 35.37 111.75
C GLN UB 18 70.82 35.27 110.98
N THR UB 19 71.18 34.03 110.62
CA THR UB 19 72.38 33.76 109.86
C THR UB 19 72.08 32.66 108.86
N LEU UB 20 72.64 32.78 107.67
CA LEU UB 20 72.34 31.85 106.58
C LEU UB 20 73.66 31.29 106.07
N VAL UB 21 73.80 29.97 106.14
CA VAL UB 21 74.99 29.28 105.69
C VAL UB 21 74.65 28.61 104.38
N LEU UB 22 75.45 28.88 103.37
CA LEU UB 22 75.16 28.51 102.01
C LEU UB 22 76.32 27.71 101.44
N ASN UB 23 76.06 26.41 101.14
CA ASN UB 23 77.01 25.46 100.57
C ASN UB 23 76.91 25.44 99.05
N PRO UB 24 78.03 25.23 98.38
CA PRO UB 24 78.03 25.29 96.91
C PRO UB 24 77.47 24.01 96.33
N ARG UB 25 77.13 24.09 95.05
CA ARG UB 25 76.62 22.94 94.30
C ARG UB 25 77.36 22.87 92.98
N GLY UB 26 76.83 22.13 92.01
CA GLY UB 26 77.46 22.00 90.71
C GLY UB 26 77.12 23.17 89.82
N VAL UB 27 78.10 23.62 89.03
CA VAL UB 27 77.83 24.67 88.06
C VAL UB 27 77.11 24.06 86.87
N ASN UB 28 75.93 24.58 86.57
CA ASN UB 28 75.15 24.10 85.44
C ASN UB 28 75.96 24.19 84.16
N PRO UB 29 76.46 23.06 83.64
CA PRO UB 29 77.22 23.13 82.38
C PRO UB 29 76.38 23.66 81.23
N THR UB 30 75.08 23.43 81.25
CA THR UB 30 74.23 23.83 80.13
C THR UB 30 74.28 25.33 79.91
N ASN UB 31 74.49 26.13 80.97
CA ASN UB 31 74.54 27.57 80.82
C ASN UB 31 75.62 28.22 81.66
N GLY UB 32 76.45 27.46 82.37
CA GLY UB 32 77.49 28.07 83.18
C GLY UB 32 76.92 28.96 84.27
N VAL UB 33 76.25 28.36 85.25
CA VAL UB 33 75.63 29.10 86.34
C VAL UB 33 75.98 28.39 87.64
N ALA UB 34 76.76 29.06 88.49
CA ALA UB 34 77.09 28.48 89.78
C ALA UB 34 75.88 28.55 90.68
N SER UB 35 75.76 27.56 91.56
CA SER UB 35 74.61 27.42 92.43
C SER UB 35 75.05 27.27 93.87
N LEU UB 36 74.23 27.80 94.76
CA LEU UB 36 74.54 27.85 96.17
C LEU UB 36 73.22 27.66 96.91
N SER UB 37 73.25 26.88 98.01
CA SER UB 37 71.99 26.52 98.64
C SER UB 37 72.17 26.38 100.14
N GLN UB 38 71.05 26.50 100.86
CA GLN UB 38 71.09 26.48 102.32
C GLN UB 38 71.85 25.25 102.79
N ALA UB 39 72.36 25.29 104.02
CA ALA UB 39 73.23 24.22 104.50
C ALA UB 39 72.55 22.87 104.36
N GLY UB 40 71.23 22.83 104.43
CA GLY UB 40 70.49 21.59 104.26
C GLY UB 40 69.74 21.22 105.53
N ALA UB 41 69.19 20.01 105.52
CA ALA UB 41 69.32 19.06 104.42
C ALA UB 41 68.35 19.38 103.29
N VAL UB 42 67.05 19.23 103.58
CA VAL UB 42 66.04 19.51 102.57
C VAL UB 42 66.12 20.96 102.10
N PRO UB 43 66.30 21.95 102.97
CA PRO UB 43 66.39 23.33 102.48
C PRO UB 43 67.44 23.51 101.39
N ALA UB 44 68.37 22.56 101.23
CA ALA UB 44 69.32 22.60 100.12
C ALA UB 44 68.59 22.47 98.78
N LEU UB 45 67.46 21.78 98.77
CA LEU UB 45 66.61 21.70 97.60
C LEU UB 45 65.45 22.70 97.64
N GLU UB 46 65.52 23.70 98.53
CA GLU UB 46 64.53 24.77 98.57
C GLU UB 46 65.14 26.15 98.36
N LYS UB 47 66.06 26.58 99.23
CA LYS UB 47 66.69 27.88 99.08
C LYS UB 47 67.76 27.84 98.02
N ARG UB 48 67.78 28.84 97.14
CA ARG UB 48 68.66 28.81 96.00
C ARG UB 48 69.26 30.17 95.76
N VAL UB 49 70.52 30.18 95.31
CA VAL UB 49 71.24 31.40 94.99
C VAL UB 49 72.11 31.07 93.80
N THR UB 50 71.78 31.62 92.63
CA THR UB 50 72.50 31.32 91.41
C THR UB 50 73.24 32.55 90.91
N VAL UB 51 74.42 32.33 90.36
CA VAL UB 51 75.28 33.41 89.89
C VAL UB 51 75.80 33.04 88.51
N SER UB 52 75.71 33.97 87.56
CA SER UB 52 76.17 33.75 86.20
C SER UB 52 76.88 34.98 85.69
N VAL UB 53 77.90 34.74 84.86
CA VAL UB 53 78.68 35.82 84.27
C VAL UB 53 78.74 35.63 82.78
N SER UB 54 77.78 36.17 82.04
CA SER UB 54 77.77 36.02 80.59
C SER UB 54 78.69 37.07 79.97
N GLN UB 55 79.73 36.59 79.30
CA GLN UB 55 80.79 37.43 78.78
C GLN UB 55 80.37 38.05 77.45
N PRO UB 56 81.11 39.06 76.97
CA PRO UB 56 80.78 39.68 75.68
C PRO UB 56 80.50 38.66 74.60
N SER UB 57 79.76 39.09 73.59
CA SER UB 57 79.39 38.22 72.47
C SER UB 57 78.76 39.09 71.39
N ARG UB 58 78.09 38.48 70.41
CA ARG UB 58 77.27 39.28 69.50
C ARG UB 58 76.04 39.83 70.23
N ASN UB 59 75.31 38.97 70.93
CA ASN UB 59 74.18 39.43 71.71
C ASN UB 59 74.64 40.36 72.84
N ARG UB 60 75.67 39.97 73.57
CA ARG UB 60 76.21 40.74 74.68
C ARG UB 60 77.36 41.61 74.19
N LYS UB 61 77.77 42.59 74.99
CA LYS UB 61 78.85 43.44 74.51
C LYS UB 61 79.93 43.89 75.50
N ASN UB 62 79.64 44.46 76.67
CA ASN UB 62 78.48 44.32 77.59
C ASN UB 62 78.40 42.94 78.26
N TYR UB 63 79.38 42.72 79.13
CA TYR UB 63 79.27 41.69 80.16
C TYR UB 63 77.96 41.85 80.90
N LYS UB 64 77.33 40.73 81.23
CA LYS UB 64 76.11 40.73 82.02
C LYS UB 64 76.25 39.73 83.15
N VAL UB 65 76.25 40.21 84.38
CA VAL UB 65 76.27 39.33 85.54
C VAL UB 65 74.88 39.27 86.12
N GLN UB 66 74.36 38.05 86.23
CA GLN UB 66 73.04 37.80 86.77
C GLN UB 66 73.17 37.11 88.12
N VAL UB 67 72.48 37.64 89.11
CA VAL UB 67 72.48 37.08 90.45
C VAL UB 67 71.04 36.88 90.86
N LYS UB 68 70.62 35.63 91.02
CA LYS UB 68 69.25 35.29 91.32
C LYS UB 68 69.16 34.67 92.71
N ILE UB 69 68.21 35.15 93.50
CA ILE UB 69 67.96 34.65 94.84
C ILE UB 69 66.54 34.11 94.86
N GLN UB 70 66.37 32.92 95.45
CA GLN UB 70 65.10 32.22 95.43
C GLN UB 70 64.84 31.64 96.82
N ASN UB 71 63.71 32.02 97.40
CA ASN UB 71 63.34 31.59 98.75
C ASN UB 71 61.89 31.11 98.75
N PRO UB 72 61.64 29.83 98.63
CA PRO UB 72 60.26 29.34 98.74
C PRO UB 72 59.87 29.01 100.17
N THR UB 73 58.82 29.64 100.67
CA THR UB 73 58.30 29.30 101.98
C THR UB 73 57.26 28.19 101.84
N ALA UB 74 57.41 27.17 102.67
CA ALA UB 74 56.56 26.00 102.64
C ALA UB 74 55.97 25.78 104.03
N CYS UB 75 54.98 24.89 104.08
CA CYS UB 75 54.38 24.53 105.35
C CYS UB 75 53.79 23.14 105.25
N THR UB 76 53.43 22.60 106.41
CA THR UB 76 52.91 21.25 106.54
C THR UB 76 51.43 21.32 106.84
N ALA UB 77 50.62 20.77 105.94
CA ALA UB 77 49.20 20.65 106.20
C ALA UB 77 48.99 19.82 107.46
N ASN UB 78 47.99 20.20 108.25
CA ASN UB 78 47.75 19.48 109.48
C ASN UB 78 47.15 18.12 109.13
N GLY UB 79 48.02 17.14 108.94
CA GLY UB 79 47.59 15.80 108.59
C GLY UB 79 48.52 15.08 107.62
N SER UB 80 49.22 15.83 106.77
CA SER UB 80 50.30 15.22 105.99
C SER UB 80 51.59 15.41 106.75
N CYS UB 81 52.73 15.08 106.15
CA CYS UB 81 53.98 15.48 106.77
C CYS UB 81 54.95 16.12 105.79
N ASP UB 82 55.02 15.63 104.58
CA ASP UB 82 55.94 16.24 103.63
C ASP UB 82 55.50 17.67 103.35
N PRO UB 83 56.28 18.67 103.74
CA PRO UB 83 55.84 20.05 103.56
C PRO UB 83 55.77 20.44 102.10
N SER UB 84 54.80 21.30 101.79
CA SER UB 84 54.58 21.79 100.44
C SER UB 84 54.83 23.29 100.38
N VAL UB 85 55.36 23.75 99.26
CA VAL UB 85 55.66 25.16 99.06
C VAL UB 85 54.36 25.92 98.88
N THR UB 86 54.12 26.90 99.73
CA THR UB 86 52.93 27.72 99.62
C THR UB 86 53.22 29.08 99.01
N ARG UB 87 54.46 29.55 99.08
CA ARG UB 87 54.81 30.83 98.51
C ARG UB 87 56.25 30.79 98.03
N GLN UB 88 56.59 31.72 97.15
CA GLN UB 88 57.96 31.79 96.65
C GLN UB 88 58.33 33.26 96.46
N ALA UB 89 59.25 33.75 97.28
CA ALA UB 89 59.84 35.06 97.03
C ALA UB 89 61.11 34.86 96.23
N TYR UB 90 61.48 35.89 95.48
CA TYR UB 90 62.78 35.83 94.84
C TYR UB 90 63.09 37.18 94.21
N ALA UB 91 64.36 37.35 93.89
CA ALA UB 91 64.85 38.60 93.33
C ALA UB 91 65.94 38.28 92.33
N ASP UB 92 66.18 39.22 91.42
CA ASP UB 92 67.20 39.03 90.39
C ASP UB 92 67.88 40.36 90.12
N VAL UB 93 69.20 40.34 90.11
CA VAL UB 93 70.01 41.50 89.85
C VAL UB 93 70.79 41.27 88.57
N THR UB 94 70.90 42.29 87.74
CA THR UB 94 71.53 42.17 86.43
C THR UB 94 72.47 43.36 86.25
N PHE UB 95 73.76 43.12 86.36
CA PHE UB 95 74.77 44.14 86.11
C PHE UB 95 75.23 44.09 84.66
N SER UB 96 75.13 45.21 83.98
CA SER UB 96 75.55 45.35 82.58
C SER UB 96 76.75 46.27 82.54
N PHE UB 97 77.91 45.71 82.22
CA PHE UB 97 79.15 46.48 82.16
C PHE UB 97 79.70 46.47 80.74
N THR UB 98 80.20 47.62 80.33
CA THR UB 98 80.77 47.70 79.00
C THR UB 98 82.14 47.05 78.97
N GLN UB 99 82.54 46.67 77.76
CA GLN UB 99 83.75 45.89 77.57
C GLN UB 99 84.97 46.66 78.06
N TYR UB 100 84.92 47.98 77.98
CA TYR UB 100 85.95 48.85 78.51
C TYR UB 100 85.76 49.20 79.99
N SER UB 101 84.78 48.61 80.65
CA SER UB 101 84.50 48.98 82.04
C SER UB 101 85.76 48.85 82.89
N THR UB 102 85.72 49.45 84.08
CA THR UB 102 86.82 49.37 85.03
C THR UB 102 86.36 48.67 86.31
N ASP UB 103 87.27 47.91 86.90
CA ASP UB 103 86.96 47.24 88.15
C ASP UB 103 86.57 48.24 89.23
N GLU UB 104 87.20 49.42 89.24
CA GLU UB 104 86.82 50.42 90.21
C GLU UB 104 85.35 50.78 90.05
N GLU UB 105 84.93 51.05 88.82
CA GLU UB 105 83.53 51.38 88.60
C GLU UB 105 82.64 50.22 89.01
N ARG UB 106 83.07 49.00 88.72
CA ARG UB 106 82.26 47.84 89.08
C ARG UB 106 82.05 47.77 90.57
N ALA UB 107 83.12 47.90 91.34
CA ALA UB 107 83.00 47.85 92.79
C ALA UB 107 82.15 49.01 93.30
N PHE UB 108 82.27 50.16 92.65
CA PHE UB 108 81.43 51.29 93.03
C PHE UB 108 79.97 50.96 92.83
N VAL UB 109 79.63 50.35 91.70
CA VAL UB 109 78.26 49.91 91.47
C VAL UB 109 77.81 48.96 92.55
N ARG UB 110 78.68 48.01 92.90
CA ARG UB 110 78.37 47.14 94.03
C ARG UB 110 77.96 47.92 95.24
N THR UB 111 78.92 48.61 95.84
CA THR UB 111 78.66 49.19 97.15
C THR UB 111 77.52 50.17 97.05
N GLU UB 112 77.30 50.74 95.87
CA GLU UB 112 76.18 51.65 95.72
C GLU UB 112 74.87 50.90 95.86
N LEU UB 113 74.73 49.79 95.14
CA LEU UB 113 73.52 48.99 95.28
C LEU UB 113 73.37 48.47 96.69
N ALA UB 114 74.47 48.01 97.28
CA ALA UB 114 74.42 47.46 98.63
C ALA UB 114 73.88 48.49 99.59
N ALA UB 115 74.45 49.68 99.57
CA ALA UB 115 74.06 50.66 100.57
C ALA UB 115 72.69 51.25 100.26
N LEU UB 116 72.27 51.25 98.99
CA LEU UB 116 70.87 51.61 98.73
C LEU UB 116 69.94 50.59 99.33
N LEU UB 117 70.26 49.30 99.20
CA LEU UB 117 69.41 48.30 99.82
C LEU UB 117 69.45 48.43 101.33
N ALA UB 118 70.55 48.93 101.87
CA ALA UB 118 70.60 49.22 103.29
C ALA UB 118 69.89 50.51 103.66
N SER UB 119 69.54 51.34 102.68
CA SER UB 119 68.98 52.66 102.93
C SER UB 119 67.50 52.59 103.34
N PRO UB 120 67.02 53.58 104.09
CA PRO UB 120 65.60 53.58 104.45
C PRO UB 120 64.69 53.47 103.26
N LEU UB 121 65.05 54.13 102.16
CA LEU UB 121 64.20 54.13 100.98
C LEU UB 121 63.79 52.72 100.61
N LEU UB 122 64.78 51.90 100.27
CA LEU UB 122 64.44 50.58 99.77
C LEU UB 122 63.90 49.69 100.87
N ILE UB 123 64.34 49.88 102.12
CA ILE UB 123 63.82 49.01 103.16
C ILE UB 123 62.32 49.20 103.26
N ASP UB 124 61.85 50.45 103.21
CA ASP UB 124 60.42 50.65 103.31
C ASP UB 124 59.73 50.23 102.01
N ALA UB 125 60.38 50.51 100.88
CA ALA UB 125 59.79 50.18 99.59
C ALA UB 125 59.65 48.69 99.37
N ILE UB 126 60.43 47.89 100.08
CA ILE UB 126 60.45 46.45 99.84
C ILE UB 126 59.74 45.78 101.01
N ASP UB 127 60.15 46.09 102.22
CA ASP UB 127 59.58 45.44 103.39
C ASP UB 127 58.10 45.73 103.47
N GLN UB 128 57.72 46.97 103.18
CA GLN UB 128 56.36 47.42 103.34
C GLN UB 128 55.67 47.64 102.00
N LEU UB 129 56.37 47.46 100.89
CA LEU UB 129 55.76 47.69 99.59
C LEU UB 129 55.22 49.10 99.48
N ASN UB 130 55.94 50.06 100.04
CA ASN UB 130 55.48 51.44 100.03
C ASN UB 130 56.20 52.20 98.94
N PRO UB 131 55.54 52.53 97.84
CA PRO UB 131 56.16 53.40 96.85
C PRO UB 131 56.56 54.72 97.49
N ALA UB 132 57.60 55.32 96.96
CA ALA UB 132 58.22 56.48 97.58
C ALA UB 132 57.42 57.72 97.23
N TYR UB 133 56.64 58.21 98.18
CA TYR UB 133 55.78 59.34 97.90
C TYR UB 133 55.48 60.11 99.18
N ALA VB 2 96.43 18.94 84.88
CA ALA VB 2 96.59 20.28 84.24
C ALA VB 2 95.93 21.36 85.08
N LYS VB 3 96.06 21.25 86.39
CA LYS VB 3 95.61 22.29 87.30
C LYS VB 3 95.96 23.66 86.74
N LEU VB 4 94.97 24.54 86.66
CA LEU VB 4 95.28 25.92 86.29
C LEU VB 4 96.02 26.62 87.43
N GLU VB 5 97.04 27.39 87.07
CA GLU VB 5 97.77 28.20 88.03
C GLU VB 5 98.42 29.36 87.30
N THR VB 6 99.04 30.25 88.06
CA THR VB 6 99.74 31.38 87.49
C THR VB 6 100.87 30.89 86.59
N VAL VB 7 100.78 31.12 85.30
CA VAL VB 7 101.80 30.68 84.36
C VAL VB 7 102.78 31.82 84.14
N THR VB 8 104.06 31.50 84.24
CA THR VB 8 105.15 32.47 84.21
C THR VB 8 106.00 32.18 82.98
N LEU VB 9 105.72 32.89 81.90
CA LEU VB 9 106.50 32.75 80.68
C LEU VB 9 107.76 33.59 80.81
N GLY VB 10 108.92 32.95 80.62
CA GLY VB 10 110.19 33.62 80.81
C GLY VB 10 110.56 34.54 79.68
N ASN VB 11 111.84 34.51 79.29
CA ASN VB 11 112.33 35.35 78.20
C ASN VB 11 111.30 35.40 77.08
N ILE VB 12 111.11 36.59 76.51
CA ILE VB 12 110.03 36.80 75.56
C ILE VB 12 110.42 37.98 74.68
N GLY VB 13 110.09 37.89 73.40
CA GLY VB 13 110.26 38.99 72.46
C GLY VB 13 111.46 38.79 71.55
N LYS VB 14 111.81 39.85 70.81
CA LYS VB 14 112.99 39.76 69.96
C LYS VB 14 114.22 39.43 70.77
N ASP VB 15 114.67 40.37 71.60
CA ASP VB 15 115.86 40.16 72.40
C ASP VB 15 115.66 39.14 73.50
N GLY VB 16 114.42 38.72 73.77
CA GLY VB 16 114.16 37.77 74.81
C GLY VB 16 114.52 38.28 76.19
N LYS VB 17 113.86 39.36 76.62
CA LYS VB 17 114.09 39.91 77.94
C LYS VB 17 112.83 40.25 78.71
N GLN VB 18 111.65 40.21 78.11
CA GLN VB 18 110.44 40.47 78.87
C GLN VB 18 109.84 39.17 79.37
N THR VB 19 108.97 39.31 80.36
CA THR VB 19 108.33 38.16 80.99
C THR VB 19 106.84 38.38 81.03
N LEU VB 20 106.10 37.27 81.04
CA LEU VB 20 104.65 37.30 81.13
C LEU VB 20 104.20 36.55 82.37
N VAL VB 21 103.20 37.09 83.04
CA VAL VB 21 102.55 36.42 84.15
C VAL VB 21 101.07 36.38 83.82
N LEU VB 22 100.54 35.19 83.63
CA LEU VB 22 99.11 34.99 83.40
C LEU VB 22 98.49 34.38 84.64
N ASN VB 23 97.58 35.09 85.26
CA ASN VB 23 96.87 34.52 86.39
C ASN VB 23 95.67 33.73 85.91
N PRO VB 24 95.25 32.72 86.65
CA PRO VB 24 94.14 31.87 86.19
C PRO VB 24 92.81 32.57 86.43
N ARG VB 25 91.98 32.60 85.39
CA ARG VB 25 90.67 33.23 85.50
C ARG VB 25 89.60 32.19 85.84
N GLY VB 26 89.40 31.23 84.95
CA GLY VB 26 88.37 30.24 85.17
C GLY VB 26 88.15 29.46 83.90
N VAL VB 27 87.16 28.57 83.94
CA VAL VB 27 86.89 27.67 82.83
C VAL VB 27 85.41 27.70 82.50
N ASN VB 28 85.10 28.10 81.27
CA ASN VB 28 83.77 27.96 80.74
C ASN VB 28 83.39 26.49 80.71
N PRO VB 29 82.27 26.11 81.30
CA PRO VB 29 81.83 24.72 81.23
C PRO VB 29 81.11 24.40 79.94
N THR VB 30 80.47 25.41 79.37
CA THR VB 30 79.61 25.22 78.22
C THR VB 30 80.41 24.64 77.06
N ASN VB 31 81.73 24.78 77.14
CA ASN VB 31 82.58 24.15 76.13
C ASN VB 31 83.89 23.62 76.73
N GLY VB 32 84.00 23.53 78.06
CA GLY VB 32 85.22 23.10 78.69
C GLY VB 32 86.42 23.85 78.18
N VAL VB 33 86.50 25.14 78.47
CA VAL VB 33 87.57 25.99 77.95
C VAL VB 33 88.16 26.78 79.11
N ALA VB 34 89.40 26.51 79.46
CA ALA VB 34 90.06 27.25 80.51
C ALA VB 34 90.72 28.50 79.96
N SER VB 35 90.83 29.51 80.80
CA SER VB 35 91.26 30.84 80.37
C SER VB 35 92.35 31.37 81.28
N LEU VB 36 93.23 32.18 80.71
CA LEU VB 36 94.31 32.80 81.43
C LEU VB 36 94.45 34.23 80.94
N SER VB 37 94.75 35.15 81.85
CA SER VB 37 94.76 36.56 81.50
C SER VB 37 95.84 37.28 82.26
N GLN VB 38 96.40 38.31 81.64
CA GLN VB 38 97.30 39.19 82.36
C GLN VB 38 96.58 39.88 83.49
N ALA VB 39 97.31 40.12 84.56
CA ALA VB 39 96.81 40.96 85.63
C ALA VB 39 96.61 42.38 85.10
N GLY VB 40 95.37 42.83 85.12
CA GLY VB 40 95.04 44.17 84.71
C GLY VB 40 93.73 44.56 85.33
N ALA VB 41 93.05 45.55 84.75
CA ALA VB 41 91.71 45.88 85.23
C ALA VB 41 90.72 45.84 84.08
N VAL VB 42 91.09 46.43 82.96
CA VAL VB 42 90.17 46.56 81.85
C VAL VB 42 90.23 45.29 81.02
N PRO VB 43 89.15 44.51 80.92
CA PRO VB 43 89.23 43.27 80.14
C PRO VB 43 89.68 43.52 78.72
N ALA VB 44 89.34 44.67 78.16
CA ALA VB 44 89.70 45.02 76.80
C ALA VB 44 91.19 45.19 76.59
N LEU VB 45 91.97 45.26 77.66
CA LEU VB 45 93.37 45.63 77.56
C LEU VB 45 94.22 44.61 78.27
N GLU VB 46 93.93 43.33 78.05
CA GLU VB 46 94.58 42.27 78.79
C GLU VB 46 95.00 41.17 77.84
N LYS VB 47 96.27 40.79 77.90
CA LYS VB 47 96.76 39.69 77.07
C LYS VB 47 96.14 38.41 77.59
N ARG VB 48 95.73 37.53 76.69
CA ARG VB 48 94.78 36.50 77.05
C ARG VB 48 94.99 35.21 76.27
N VAL VB 49 94.72 34.10 76.94
CA VAL VB 49 95.02 32.78 76.42
C VAL VB 49 93.87 31.85 76.78
N THR VB 50 93.56 30.95 75.86
CA THR VB 50 92.47 30.00 76.06
C THR VB 50 92.92 28.62 75.63
N VAL VB 51 92.59 27.63 76.45
CA VAL VB 51 92.99 26.26 76.20
C VAL VB 51 91.76 25.38 76.27
N SER VB 52 91.66 24.44 75.35
CA SER VB 52 90.53 23.52 75.31
C SER VB 52 91.00 22.19 74.77
N VAL VB 53 90.43 21.12 75.29
CA VAL VB 53 90.71 19.77 74.84
C VAL VB 53 89.37 19.10 74.64
N SER VB 54 89.03 18.79 73.40
CA SER VB 54 87.75 18.17 73.09
C SER VB 54 87.99 16.70 72.83
N GLN VB 55 87.24 15.86 73.51
CA GLN VB 55 87.37 14.43 73.33
C GLN VB 55 86.67 13.98 72.06
N PRO VB 56 87.10 12.87 71.47
CA PRO VB 56 86.42 12.31 70.30
C PRO VB 56 84.94 12.06 70.59
N SER VB 57 84.10 12.79 69.87
CA SER VB 57 82.69 12.50 69.90
C SER VB 57 82.30 11.73 68.64
N ARG VB 58 81.00 11.58 68.42
CA ARG VB 58 80.45 10.59 67.50
C ARG VB 58 80.54 11.04 66.05
N ASN VB 59 80.95 12.29 65.82
CA ASN VB 59 81.06 12.86 64.49
C ASN VB 59 82.49 13.28 64.19
N ARG VB 60 83.41 13.03 65.10
CA ARG VB 60 84.81 13.37 64.89
C ARG VB 60 85.75 12.20 65.19
N LYS VB 61 85.56 11.52 66.32
CA LYS VB 61 86.39 10.36 66.64
C LYS VB 61 87.87 10.74 66.68
N ASN VB 62 88.14 11.93 67.18
CA ASN VB 62 89.52 12.41 67.17
C ASN VB 62 89.70 13.43 68.28
N TYR VB 63 90.80 13.28 69.02
CA TYR VB 63 91.10 14.21 70.11
C TYR VB 63 91.57 15.55 69.54
N LYS VB 64 90.96 16.63 70.03
CA LYS VB 64 91.26 17.99 69.59
C LYS VB 64 91.89 18.75 70.74
N VAL VB 65 92.85 19.61 70.43
CA VAL VB 65 93.40 20.51 71.44
C VAL VB 65 93.60 21.87 70.81
N GLN VB 66 92.78 22.84 71.22
CA GLN VB 66 92.84 24.20 70.72
C GLN VB 66 93.53 25.08 71.76
N VAL VB 67 94.46 25.90 71.29
CA VAL VB 67 95.08 26.92 72.13
C VAL VB 67 95.03 28.23 71.36
N LYS VB 68 94.37 29.23 71.92
CA LYS VB 68 94.22 30.52 71.28
C LYS VB 68 94.91 31.59 72.13
N ILE VB 69 95.49 32.57 71.47
CA ILE VB 69 96.20 33.65 72.12
C ILE VB 69 95.72 34.96 71.51
N GLN VB 70 95.40 35.93 72.36
CA GLN VB 70 94.98 37.25 71.92
C GLN VB 70 95.82 38.30 72.62
N ASN VB 71 96.34 39.25 71.83
CA ASN VB 71 97.12 40.36 72.36
C ASN VB 71 96.55 41.64 71.78
N PRO VB 72 95.83 42.42 72.57
CA PRO VB 72 95.38 43.73 72.10
C PRO VB 72 96.37 44.82 72.45
N THR VB 73 96.37 45.86 71.63
CA THR VB 73 97.30 46.97 71.81
C THR VB 73 96.60 48.14 72.47
N ALA VB 74 97.38 48.91 73.23
CA ALA VB 74 96.83 49.98 74.05
C ALA VB 74 96.40 51.17 73.21
N CYS VB 75 97.33 51.76 72.47
CA CYS VB 75 97.06 52.99 71.72
C CYS VB 75 96.46 54.05 72.65
N THR VB 76 97.16 54.30 73.76
CA THR VB 76 96.69 55.27 74.74
C THR VB 76 96.74 56.67 74.14
N ALA VB 77 95.61 57.37 74.19
CA ALA VB 77 95.49 58.70 73.64
C ALA VB 77 95.95 59.75 74.66
N ASN VB 78 96.37 60.90 74.15
CA ASN VB 78 96.94 61.96 74.98
C ASN VB 78 95.81 62.58 75.80
N GLY VB 79 95.33 61.80 76.75
CA GLY VB 79 94.27 62.22 77.65
C GLY VB 79 92.91 61.82 77.10
N SER VB 80 91.91 62.59 77.50
CA SER VB 80 90.60 62.60 76.90
C SER VB 80 89.77 61.36 77.20
N CYS VB 81 90.40 60.23 77.55
CA CYS VB 81 89.65 59.10 78.11
C CYS VB 81 90.65 57.95 78.28
N ASP VB 82 90.18 56.80 78.76
CA ASP VB 82 91.06 55.65 78.94
C ASP VB 82 91.45 55.05 77.59
N PRO VB 83 92.46 54.18 77.56
CA PRO VB 83 92.97 53.66 76.28
C PRO VB 83 91.90 52.93 75.49
N SER VB 84 92.19 52.71 74.21
CA SER VB 84 91.24 52.10 73.29
C SER VB 84 91.93 51.04 72.46
N VAL VB 85 91.15 50.05 72.02
CA VAL VB 85 91.70 48.93 71.28
C VAL VB 85 91.70 49.23 69.80
N THR VB 86 92.88 49.16 69.17
CA THR VB 86 93.04 49.36 67.75
C THR VB 86 93.71 48.21 67.05
N ARG VB 87 94.40 47.35 67.78
CA ARG VB 87 95.21 46.29 67.23
C ARG VB 87 94.96 45.02 68.00
N GLN VB 88 94.74 43.91 67.29
CA GLN VB 88 94.50 42.64 67.94
C GLN VB 88 95.29 41.56 67.21
N ALA VB 89 96.32 41.03 67.85
CA ALA VB 89 97.07 39.91 67.32
C ALA VB 89 96.45 38.62 67.84
N TYR VB 90 96.08 37.72 66.93
CA TYR VB 90 95.53 36.42 67.29
C TYR VB 90 96.46 35.32 66.82
N ALA VB 91 96.55 34.28 67.64
CA ALA VB 91 97.27 33.06 67.28
C ALA VB 91 96.40 31.89 67.72
N ASP VB 92 96.47 30.80 66.96
CA ASP VB 92 95.62 29.64 67.22
C ASP VB 92 96.30 28.37 66.76
N VAL VB 93 96.47 27.45 67.70
CA VAL VB 93 97.07 26.15 67.44
C VAL VB 93 95.99 25.09 67.60
N THR VB 94 96.00 24.12 66.68
CA THR VB 94 95.01 23.06 66.65
C THR VB 94 95.73 21.73 66.55
N PHE VB 95 96.02 21.13 67.70
CA PHE VB 95 96.57 19.79 67.73
C PHE VB 95 95.46 18.78 67.47
N SER VB 96 95.75 17.79 66.62
CA SER VB 96 94.78 16.76 66.26
C SER VB 96 95.41 15.38 66.42
N PHE VB 97 94.75 14.51 67.18
CA PHE VB 97 95.30 13.21 67.51
C PHE VB 97 94.23 12.14 67.33
N THR VB 98 94.68 10.94 67.03
CA THR VB 98 93.76 9.83 66.86
C THR VB 98 93.59 9.08 68.18
N GLN VB 99 92.57 8.21 68.20
CA GLN VB 99 92.26 7.46 69.41
C GLN VB 99 93.45 6.65 69.89
N TYR VB 100 94.26 6.15 68.96
CA TYR VB 100 95.37 5.27 69.29
C TYR VB 100 96.70 6.02 69.35
N SER VB 101 96.66 7.34 69.48
CA SER VB 101 97.87 8.11 69.55
C SER VB 101 98.73 7.65 70.73
N THR VB 102 99.98 8.11 70.72
CA THR VB 102 100.93 7.82 71.79
C THR VB 102 101.47 9.12 72.35
N ASP VB 103 101.37 9.29 73.67
CA ASP VB 103 101.96 10.44 74.31
C ASP VB 103 103.36 10.70 73.79
N GLU VB 104 104.10 9.63 73.48
CA GLU VB 104 105.39 9.81 72.82
C GLU VB 104 105.26 10.74 71.63
N GLU VB 105 104.39 10.36 70.68
CA GLU VB 105 104.28 11.14 69.45
C GLU VB 105 103.69 12.50 69.71
N ARG VB 106 102.79 12.60 70.68
CA ARG VB 106 102.17 13.88 71.00
C ARG VB 106 103.23 14.87 71.47
N ALA VB 107 104.02 14.48 72.47
CA ALA VB 107 105.10 15.34 72.95
C ALA VB 107 106.10 15.60 71.83
N PHE VB 108 106.31 14.62 70.96
CA PHE VB 108 107.15 14.84 69.80
C PHE VB 108 106.66 16.03 68.98
N VAL VB 109 105.39 15.99 68.59
CA VAL VB 109 104.84 17.05 67.74
C VAL VB 109 104.90 18.38 68.47
N ARG VB 110 104.45 18.37 69.71
CA ARG VB 110 104.67 19.45 70.66
C ARG VB 110 106.05 20.09 70.52
N THR VB 111 107.09 19.30 70.72
CA THR VB 111 108.43 19.86 70.72
C THR VB 111 108.79 20.36 69.33
N GLU VB 112 108.26 19.70 68.29
CA GLU VB 112 108.47 20.18 66.94
C GLU VB 112 107.95 21.59 66.79
N LEU VB 113 106.74 21.84 67.29
CA LEU VB 113 106.19 23.18 67.23
C LEU VB 113 107.14 24.16 67.87
N ALA VB 114 107.55 23.86 69.09
CA ALA VB 114 108.42 24.80 69.80
C ALA VB 114 109.65 25.11 68.97
N ALA VB 115 110.32 24.06 68.49
CA ALA VB 115 111.53 24.28 67.72
C ALA VB 115 111.27 25.10 66.48
N LEU VB 116 110.16 24.85 65.78
CA LEU VB 116 109.84 25.67 64.62
C LEU VB 116 109.71 27.12 65.02
N LEU VB 117 108.92 27.40 66.05
CA LEU VB 117 108.75 28.77 66.47
C LEU VB 117 110.05 29.41 66.89
N ALA VB 118 111.07 28.61 67.17
CA ALA VB 118 112.40 29.16 67.43
C ALA VB 118 113.28 29.26 66.18
N SER VB 119 113.05 28.44 65.16
CA SER VB 119 114.01 28.27 64.08
C SER VB 119 114.09 29.50 63.19
N PRO VB 120 115.22 29.68 62.50
CA PRO VB 120 115.43 30.91 61.72
C PRO VB 120 114.33 31.15 60.71
N LEU VB 121 113.85 30.10 60.08
CA LEU VB 121 112.82 30.25 59.06
C LEU VB 121 111.63 31.02 59.58
N LEU VB 122 110.92 30.45 60.54
CA LEU VB 122 109.68 31.07 60.95
C LEU VB 122 109.94 32.39 61.64
N ILE VB 123 111.17 32.60 62.14
CA ILE VB 123 111.53 33.90 62.70
C ILE VB 123 111.16 35.01 61.74
N ASP VB 124 111.73 34.97 60.54
CA ASP VB 124 111.47 36.06 59.61
C ASP VB 124 110.20 35.82 58.82
N ALA VB 125 109.69 34.59 58.82
CA ALA VB 125 108.39 34.37 58.22
C ALA VB 125 107.30 35.10 59.00
N ILE VB 126 107.46 35.22 60.31
CA ILE VB 126 106.52 35.94 61.15
C ILE VB 126 106.95 37.39 61.35
N ASP VB 127 108.14 37.58 61.91
CA ASP VB 127 108.56 38.90 62.35
C ASP VB 127 108.59 39.86 61.17
N GLN VB 128 109.29 39.48 60.11
CA GLN VB 128 109.35 40.29 58.91
C GLN VB 128 108.22 39.96 57.95
N LEU VB 129 107.41 38.94 58.23
CA LEU VB 129 106.38 38.48 57.30
C LEU VB 129 106.96 38.24 55.91
N ASN VB 130 108.15 37.64 55.87
CA ASN VB 130 108.78 37.28 54.61
C ASN VB 130 108.23 35.95 54.13
N PRO VB 131 107.64 35.86 52.94
CA PRO VB 131 107.24 34.55 52.44
C PRO VB 131 108.43 33.62 52.34
N ALA VB 132 108.21 32.38 52.77
CA ALA VB 132 109.27 31.38 52.79
C ALA VB 132 109.81 31.19 51.39
N TYR VB 133 111.07 31.55 51.19
CA TYR VB 133 111.75 31.35 49.91
C TYR VB 133 113.12 31.98 49.93
N ALA WB 2 80.69 19.88 93.45
CA ALA WB 2 81.85 18.95 93.51
C ALA WB 2 82.94 19.40 92.55
N LYS WB 3 83.93 20.09 93.09
CA LYS WB 3 85.10 20.45 92.29
C LYS WB 3 85.80 19.20 91.79
N LEU WB 4 86.13 19.18 90.50
CA LEU WB 4 86.85 18.04 89.95
C LEU WB 4 88.33 18.16 90.28
N GLU WB 5 88.94 17.03 90.58
CA GLU WB 5 90.35 16.97 90.92
C GLU WB 5 90.83 15.57 90.61
N THR WB 6 92.14 15.42 90.56
CA THR WB 6 92.66 14.07 90.37
C THR WB 6 92.38 13.24 91.61
N VAL WB 7 91.68 12.13 91.43
CA VAL WB 7 91.25 11.29 92.53
C VAL WB 7 92.22 10.13 92.65
N THR WB 8 92.66 9.85 93.87
CA THR WB 8 93.59 8.78 94.16
C THR WB 8 92.84 7.71 94.94
N LEU WB 9 92.61 6.57 94.30
CA LEU WB 9 91.94 5.45 94.93
C LEU WB 9 92.99 4.43 95.32
N GLY WB 10 93.04 4.09 96.61
CA GLY WB 10 94.03 3.18 97.15
C GLY WB 10 93.41 1.89 97.66
N ASN WB 11 94.30 0.92 97.93
CA ASN WB 11 93.90 -0.38 98.45
C ASN WB 11 92.79 -1.00 97.60
N ILE WB 12 93.14 -1.30 96.36
CA ILE WB 12 92.20 -1.84 95.38
C ILE WB 12 92.75 -3.12 94.81
N GLY WB 13 91.88 -3.89 94.18
CA GLY WB 13 92.23 -5.18 93.60
C GLY WB 13 91.89 -6.31 94.54
N LYS WB 14 92.23 -7.52 94.09
CA LYS WB 14 91.99 -8.69 94.93
C LYS WB 14 92.63 -8.53 96.30
N ASP WB 15 93.91 -8.20 96.32
CA ASP WB 15 94.67 -8.08 97.57
C ASP WB 15 94.61 -6.69 98.14
N GLY WB 16 94.02 -5.72 97.43
CA GLY WB 16 93.93 -4.36 97.92
C GLY WB 16 95.26 -3.65 98.04
N LYS WB 17 96.11 -3.76 97.01
CA LYS WB 17 97.38 -3.05 97.01
C LYS WB 17 97.61 -2.17 95.80
N GLN WB 18 96.81 -2.27 94.74
CA GLN WB 18 96.99 -1.39 93.60
C GLN WB 18 96.44 0.00 93.91
N THR WB 19 96.69 0.94 93.01
CA THR WB 19 96.19 2.30 93.15
C THR WB 19 95.80 2.84 91.79
N LEU WB 20 94.87 3.78 91.80
CA LEU WB 20 94.40 4.42 90.58
C LEU WB 20 94.44 5.93 90.75
N VAL WB 21 95.01 6.62 89.77
CA VAL WB 21 95.06 8.06 89.74
C VAL WB 21 94.22 8.50 88.55
N LEU WB 22 93.01 8.97 88.82
CA LEU WB 22 92.07 9.37 87.77
C LEU WB 22 92.08 10.89 87.64
N ASN WB 23 92.40 11.35 86.51
CA ASN WB 23 92.47 12.79 86.32
C ASN WB 23 91.22 13.29 85.61
N PRO WB 24 90.77 14.51 85.91
CA PRO WB 24 89.53 15.00 85.33
C PRO WB 24 89.60 15.10 83.81
N ARG WB 25 88.50 14.71 83.17
CA ARG WB 25 88.30 14.89 81.74
C ARG WB 25 87.35 16.04 81.45
N GLY WB 26 86.97 16.80 82.46
CA GLY WB 26 86.01 17.87 82.29
C GLY WB 26 84.58 17.35 82.27
N VAL WB 27 83.70 18.19 81.75
CA VAL WB 27 82.26 17.90 81.71
C VAL WB 27 81.76 18.05 80.30
N ASN WB 28 80.98 17.08 79.86
CA ASN WB 28 80.30 17.24 78.59
C ASN WB 28 79.32 18.39 78.68
N PRO WB 29 79.30 19.30 77.71
CA PRO WB 29 78.33 20.41 77.79
C PRO WB 29 76.93 20.00 77.38
N THR WB 30 76.78 19.00 76.52
CA THR WB 30 75.44 18.56 76.13
C THR WB 30 74.86 17.59 77.14
N ASN WB 31 75.60 16.53 77.45
CA ASN WB 31 75.17 15.54 78.41
C ASN WB 31 75.25 16.06 79.84
N GLY WB 32 76.08 17.07 80.08
CA GLY WB 32 76.23 17.58 81.43
C GLY WB 32 76.71 16.49 82.36
N VAL WB 33 77.82 15.87 82.03
CA VAL WB 33 78.36 14.76 82.81
C VAL WB 33 79.87 14.89 82.88
N ALA WB 34 80.41 14.70 84.07
CA ALA WB 34 81.84 14.82 84.28
C ALA WB 34 82.54 13.50 84.03
N SER WB 35 83.81 13.58 83.67
CA SER WB 35 84.58 12.41 83.29
C SER WB 35 86.00 12.51 83.81
N LEU WB 36 86.53 11.38 84.26
CA LEU WB 36 87.91 11.26 84.67
C LEU WB 36 88.53 10.10 83.91
N SER WB 37 89.85 10.09 83.83
CA SER WB 37 90.54 8.97 83.21
C SER WB 37 91.91 8.82 83.85
N GLN WB 38 92.45 7.60 83.80
CA GLN WB 38 93.76 7.38 84.37
C GLN WB 38 94.84 7.78 83.38
N ALA WB 39 95.94 8.31 83.91
CA ALA WB 39 97.06 8.70 83.07
C ALA WB 39 97.62 7.49 82.33
N GLY WB 40 97.88 7.65 81.05
CA GLY WB 40 98.49 6.59 80.27
C GLY WB 40 99.04 7.16 78.99
N ALA WB 41 99.76 6.32 78.25
CA ALA WB 41 100.27 6.72 76.95
C ALA WB 41 99.19 6.57 75.88
N VAL WB 42 98.35 5.55 76.02
CA VAL WB 42 97.34 5.21 75.02
C VAL WB 42 95.99 5.73 75.52
N PRO WB 43 95.42 6.77 74.90
CA PRO WB 43 94.09 7.22 75.32
C PRO WB 43 93.04 6.14 75.20
N ALA WB 44 93.18 5.22 74.24
CA ALA WB 44 92.19 4.16 74.09
C ALA WB 44 92.28 3.12 75.19
N LEU WB 45 93.41 3.02 75.88
CA LEU WB 45 93.62 2.00 76.89
C LEU WB 45 93.39 2.54 78.30
N GLU WB 46 92.71 3.66 78.42
CA GLU WB 46 92.64 4.38 79.67
C GLU WB 46 91.35 4.05 80.41
N LYS WB 47 91.49 3.66 81.67
CA LYS WB 47 90.34 3.43 82.51
C LYS WB 47 89.63 4.75 82.74
N ARG WB 48 88.35 4.80 82.37
CA ARG WB 48 87.55 6.02 82.43
C ARG WB 48 86.50 5.91 83.51
N VAL WB 49 86.01 7.08 83.94
CA VAL WB 49 85.08 7.19 85.05
C VAL WB 49 84.09 8.30 84.77
N THR WB 50 82.81 7.95 84.61
CA THR WB 50 81.77 8.94 84.36
C THR WB 50 80.95 9.19 85.61
N VAL WB 51 80.50 10.44 85.78
CA VAL WB 51 79.56 10.77 86.84
C VAL WB 51 78.59 11.80 86.32
N SER WB 52 77.30 11.59 86.57
CA SER WB 52 76.25 12.48 86.12
C SER WB 52 75.28 12.72 87.27
N VAL WB 53 74.80 13.95 87.37
CA VAL WB 53 73.82 14.30 88.39
C VAL WB 53 72.68 15.05 87.72
N SER WB 54 71.65 14.33 87.29
CA SER WB 54 70.54 14.98 86.61
C SER WB 54 69.75 15.84 87.57
N GLN WB 55 69.26 16.95 87.07
CA GLN WB 55 68.39 17.79 87.85
C GLN WB 55 66.97 17.27 87.79
N PRO WB 56 66.10 17.73 88.69
CA PRO WB 56 64.73 17.21 88.72
C PRO WB 56 63.94 17.69 87.51
N SER WB 57 63.27 16.74 86.85
CA SER WB 57 62.51 17.04 85.64
C SER WB 57 61.17 17.65 85.98
N ARG WB 58 60.26 17.69 85.02
CA ARG WB 58 58.94 18.25 85.24
C ARG WB 58 58.05 17.29 86.01
N ASN WB 59 57.48 17.77 87.11
CA ASN WB 59 56.30 17.16 87.72
C ASN WB 59 56.58 15.84 88.43
N ARG WB 60 57.80 15.31 88.26
CA ARG WB 60 58.21 14.07 88.90
C ARG WB 60 59.48 14.27 89.70
N LYS WB 61 60.42 15.02 89.14
CA LYS WB 61 61.66 15.48 89.74
C LYS WB 61 62.69 14.38 90.00
N ASN WB 62 62.27 13.12 90.19
CA ASN WB 62 63.12 11.95 90.01
C ASN WB 62 64.62 12.19 90.23
N TYR WB 63 65.03 12.72 91.37
CA TYR WB 63 66.44 13.07 91.60
C TYR WB 63 67.31 11.89 91.19
N LYS WB 64 68.22 12.11 90.23
CA LYS WB 64 68.87 10.97 89.60
C LYS WB 64 70.37 11.19 89.52
N VAL WB 65 71.13 10.12 89.75
CA VAL WB 65 72.58 10.13 89.66
C VAL WB 65 73.04 8.88 88.93
N GLN WB 66 74.01 9.04 88.03
CA GLN WB 66 74.59 7.91 87.32
C GLN WB 66 76.10 7.93 87.49
N VAL WB 67 76.70 6.73 87.46
CA VAL WB 67 78.14 6.59 87.56
C VAL WB 67 78.52 5.44 86.65
N LYS WB 68 79.29 5.72 85.61
CA LYS WB 68 79.65 4.71 84.62
C LYS WB 68 81.16 4.53 84.66
N ILE WB 69 81.61 3.39 85.17
CA ILE WB 69 83.01 3.02 85.19
C ILE WB 69 83.28 2.07 84.04
N GLN WB 70 84.37 2.31 83.32
CA GLN WB 70 84.78 1.45 82.22
C GLN WB 70 86.24 1.07 82.40
N ASN WB 71 86.57 -0.14 82.00
CA ASN WB 71 87.95 -0.59 82.08
C ASN WB 71 88.28 -1.46 80.88
N PRO WB 72 89.13 -1.00 79.98
CA PRO WB 72 89.48 -1.80 78.80
C PRO WB 72 90.70 -2.66 79.04
N THR WB 73 90.95 -3.56 78.10
CA THR WB 73 92.14 -4.39 78.10
C THR WB 73 92.37 -4.88 76.68
N ALA WB 74 93.46 -4.44 76.07
CA ALA WB 74 93.79 -4.78 74.71
C ALA WB 74 94.79 -5.94 74.69
N CYS WB 75 95.10 -6.39 73.48
CA CYS WB 75 96.13 -7.43 73.30
C CYS WB 75 96.65 -7.29 71.87
N THR WB 76 97.78 -6.62 71.71
CA THR WB 76 98.30 -6.35 70.38
C THR WB 76 98.58 -7.66 69.66
N ALA WB 77 97.88 -7.87 68.55
CA ALA WB 77 98.04 -9.08 67.77
C ALA WB 77 99.37 -9.10 67.03
N ASN WB 78 99.84 -10.30 66.72
CA ASN WB 78 101.07 -10.41 65.96
C ASN WB 78 100.91 -9.73 64.61
N GLY WB 79 101.83 -8.83 64.30
CA GLY WB 79 101.82 -8.11 63.04
C GLY WB 79 101.00 -6.84 63.04
N SER WB 80 100.27 -6.57 64.11
CA SER WB 80 99.47 -5.35 64.21
C SER WB 80 100.21 -4.34 65.06
N CYS WB 81 100.39 -3.13 64.51
CA CYS WB 81 101.08 -2.05 65.19
C CYS WB 81 100.16 -1.22 66.06
N ASP WB 82 99.04 -1.80 66.51
CA ASP WB 82 98.04 -1.08 67.28
C ASP WB 82 97.46 -1.96 68.38
N PRO WB 83 97.54 -1.58 69.65
CA PRO WB 83 96.95 -2.43 70.70
C PRO WB 83 95.43 -2.31 70.72
N SER WB 84 94.76 -3.02 69.81
CA SER WB 84 93.32 -2.95 69.71
C SER WB 84 92.66 -3.42 70.99
N VAL WB 85 91.69 -2.66 71.47
CA VAL WB 85 90.97 -3.04 72.69
C VAL WB 85 90.14 -4.28 72.39
N THR WB 86 90.49 -5.39 73.03
CA THR WB 86 89.81 -6.65 72.83
C THR WB 86 88.86 -7.00 73.96
N ARG WB 87 88.90 -6.26 75.06
CA ARG WB 87 88.16 -6.64 76.26
C ARG WB 87 87.71 -5.37 76.97
N GLN WB 88 86.50 -5.40 77.52
CA GLN WB 88 85.96 -4.21 78.18
C GLN WB 88 85.09 -4.65 79.34
N ALA WB 89 85.29 -4.02 80.49
CA ALA WB 89 84.44 -4.22 81.65
C ALA WB 89 83.66 -2.94 81.92
N TYR WB 90 82.37 -3.08 82.17
CA TYR WB 90 81.49 -1.95 82.43
C TYR WB 90 80.91 -2.11 83.82
N ALA WB 91 80.64 -0.99 84.49
CA ALA WB 91 79.85 -1.02 85.71
C ALA WB 91 79.11 0.30 85.82
N ASP WB 92 77.80 0.24 85.88
CA ASP WB 92 77.00 1.46 85.96
C ASP WB 92 76.14 1.39 87.21
N VAL WB 93 76.28 2.41 88.04
CA VAL WB 93 75.49 2.57 89.25
C VAL WB 93 74.51 3.71 89.01
N THR WB 94 73.30 3.56 89.51
CA THR WB 94 72.25 4.54 89.30
C THR WB 94 71.50 4.75 90.61
N PHE WB 95 71.58 5.95 91.16
CA PHE WB 95 70.84 6.31 92.35
C PHE WB 95 69.61 7.13 92.00
N SER WB 96 68.50 6.82 92.69
CA SER WB 96 67.23 7.49 92.49
C SER WB 96 66.69 7.95 93.84
N PHE WB 97 66.47 9.26 93.97
CA PHE WB 97 65.96 9.86 95.20
C PHE WB 97 64.72 10.70 94.90
N THR WB 98 63.96 10.93 95.95
CA THR WB 98 62.79 11.80 95.93
C THR WB 98 63.21 13.25 96.10
N GLN WB 99 62.35 14.15 95.62
CA GLN WB 99 62.61 15.55 95.82
C GLN WB 99 62.62 15.92 97.30
N TYR WB 100 62.05 15.09 98.15
CA TYR WB 100 62.14 15.32 99.59
C TYR WB 100 63.11 14.39 100.27
N SER WB 101 63.81 13.54 99.53
CA SER WB 101 64.87 12.75 100.13
C SER WB 101 65.83 13.69 100.85
N THR WB 102 66.59 13.14 101.80
CA THR WB 102 67.51 13.98 102.54
C THR WB 102 68.89 13.36 102.58
N ASP WB 103 69.87 14.24 102.74
CA ASP WB 103 71.25 13.83 102.90
C ASP WB 103 71.36 12.58 103.73
N GLU WB 104 70.58 12.48 104.81
CA GLU WB 104 70.79 11.39 105.75
C GLU WB 104 70.69 10.04 105.06
N GLU WB 105 69.52 9.71 104.53
CA GLU WB 105 69.36 8.41 103.90
C GLU WB 105 70.13 8.34 102.59
N ARG WB 106 70.40 9.47 101.94
CA ARG WB 106 71.21 9.37 100.74
C ARG WB 106 72.62 8.87 101.08
N ALA WB 107 73.23 9.46 102.10
CA ALA WB 107 74.51 8.96 102.60
C ALA WB 107 74.39 7.53 103.10
N PHE WB 108 73.29 7.23 103.77
CA PHE WB 108 73.04 5.88 104.24
C PHE WB 108 73.12 4.89 103.09
N VAL WB 109 72.43 5.19 102.00
CA VAL WB 109 72.39 4.28 100.86
C VAL WB 109 73.77 4.11 100.29
N ARG WB 110 74.51 5.21 100.15
CA ARG WB 110 75.87 5.08 99.66
C ARG WB 110 76.67 4.12 100.50
N THR WB 111 76.68 4.36 101.80
CA THR WB 111 77.49 3.53 102.68
C THR WB 111 77.03 2.09 102.60
N GLU WB 112 75.72 1.86 102.51
CA GLU WB 112 75.21 0.52 102.32
C GLU WB 112 75.83 -0.13 101.09
N LEU WB 113 75.79 0.57 99.97
CA LEU WB 113 76.26 -0.03 98.74
C LEU WB 113 77.74 -0.32 98.79
N ALA WB 114 78.52 0.61 99.33
CA ALA WB 114 79.95 0.38 99.47
C ALA WB 114 80.22 -0.82 100.37
N ALA WB 115 79.49 -0.90 101.48
CA ALA WB 115 79.69 -1.99 102.40
C ALA WB 115 79.35 -3.32 101.76
N LEU WB 116 78.24 -3.40 101.04
CA LEU WB 116 77.92 -4.65 100.37
C LEU WB 116 78.95 -4.98 99.31
N LEU WB 117 79.38 -3.97 98.55
CA LEU WB 117 80.38 -4.19 97.53
C LEU WB 117 81.67 -4.74 98.12
N ALA WB 118 81.94 -4.45 99.39
CA ALA WB 118 83.06 -5.06 100.10
C ALA WB 118 82.69 -6.35 100.80
N SER WB 119 81.41 -6.62 100.97
CA SER WB 119 80.97 -7.76 101.74
C SER WB 119 81.27 -9.07 101.02
N PRO WB 120 81.34 -10.18 101.76
CA PRO WB 120 81.67 -11.46 101.11
C PRO WB 120 80.68 -11.84 100.04
N LEU WB 121 79.43 -11.43 100.15
CA LEU WB 121 78.40 -11.86 99.22
C LEU WB 121 78.70 -11.38 97.82
N LEU WB 122 78.67 -10.07 97.61
CA LEU WB 122 78.97 -9.56 96.27
C LEU WB 122 80.38 -9.97 95.85
N ILE WB 123 81.26 -10.14 96.83
CA ILE WB 123 82.63 -10.54 96.55
C ILE WB 123 82.64 -11.78 95.66
N ASP WB 124 82.15 -12.89 96.18
CA ASP WB 124 82.13 -14.09 95.36
C ASP WB 124 81.02 -14.04 94.32
N ALA WB 125 80.11 -13.07 94.43
CA ALA WB 125 79.07 -12.94 93.42
C ALA WB 125 79.64 -12.48 92.10
N ILE WB 126 80.70 -11.69 92.14
CA ILE WB 126 81.23 -11.05 90.95
C ILE WB 126 82.66 -11.50 90.64
N ASP WB 127 83.51 -11.68 91.66
CA ASP WB 127 84.81 -12.28 91.39
C ASP WB 127 84.65 -13.56 90.60
N GLN WB 128 83.95 -14.52 91.17
CA GLN WB 128 83.79 -15.84 90.58
C GLN WB 128 82.49 -15.98 89.81
N LEU WB 129 81.71 -14.92 89.66
CA LEU WB 129 80.44 -15.01 88.95
C LEU WB 129 79.59 -16.12 89.54
N ASN WB 130 79.45 -16.11 90.86
CA ASN WB 130 78.75 -17.17 91.56
C ASN WB 130 77.34 -16.69 91.87
N PRO WB 131 76.30 -17.28 91.29
CA PRO WB 131 74.95 -16.92 91.70
C PRO WB 131 74.73 -17.16 93.20
N ALA WB 132 74.02 -16.22 93.80
CA ALA WB 132 73.78 -16.26 95.23
C ALA WB 132 72.56 -17.12 95.52
N TYR WB 133 72.78 -18.17 96.29
CA TYR WB 133 71.70 -19.00 96.79
C TYR WB 133 72.09 -19.54 98.16
N ALA XB 2 79.32 -69.70 76.04
CA ALA XB 2 78.88 -70.29 74.74
C ALA XB 2 79.94 -70.10 73.66
N LYS XB 3 81.14 -70.63 73.90
CA LYS XB 3 82.24 -70.47 72.95
C LYS XB 3 81.96 -71.25 71.67
N LEU XB 4 82.35 -70.67 70.54
CA LEU XB 4 82.19 -71.28 69.23
C LEU XB 4 83.47 -72.01 68.84
N GLU XB 5 83.35 -73.30 68.55
CA GLU XB 5 84.50 -74.15 68.29
C GLU XB 5 84.04 -75.36 67.49
N THR XB 6 84.96 -76.29 67.22
CA THR XB 6 84.63 -77.48 66.46
C THR XB 6 83.86 -78.46 67.32
N VAL XB 7 82.78 -78.98 66.76
CA VAL XB 7 81.88 -79.89 67.46
C VAL XB 7 81.94 -81.23 66.75
N THR XB 8 82.25 -82.29 67.50
CA THR XB 8 82.38 -83.65 66.99
C THR XB 8 81.21 -84.46 67.53
N LEU XB 9 80.18 -84.61 66.71
CA LEU XB 9 79.02 -85.40 67.08
C LEU XB 9 79.26 -86.84 66.62
N GLY XB 10 79.51 -87.74 67.57
CA GLY XB 10 79.68 -89.15 67.26
C GLY XB 10 78.46 -89.98 67.58
N ASN XB 11 78.41 -91.21 67.06
CA ASN XB 11 77.25 -92.11 67.22
C ASN XB 11 75.95 -91.45 66.79
N ILE XB 12 75.86 -91.13 65.49
CA ILE XB 12 74.65 -90.58 64.90
C ILE XB 12 74.21 -91.49 63.75
N GLY XB 13 72.95 -91.35 63.38
CA GLY XB 13 72.36 -92.10 62.28
C GLY XB 13 71.33 -93.10 62.77
N LYS XB 14 70.83 -93.90 61.84
CA LYS XB 14 69.85 -94.93 62.21
C LYS XB 14 70.45 -95.89 63.22
N ASP XB 15 71.72 -96.23 63.04
CA ASP XB 15 72.40 -97.18 63.92
C ASP XB 15 73.55 -96.54 64.70
N GLY XB 16 73.64 -95.21 64.71
CA GLY XB 16 74.58 -94.51 65.55
C GLY XB 16 76.03 -94.82 65.25
N LYS XB 17 76.42 -94.68 63.99
CA LYS XB 17 77.79 -94.98 63.57
C LYS XB 17 78.53 -93.78 63.00
N GLN XB 18 77.88 -92.99 62.16
CA GLN XB 18 78.57 -91.89 61.50
C GLN XB 18 78.92 -90.80 62.51
N THR XB 19 79.68 -89.80 62.04
CA THR XB 19 80.08 -88.67 62.86
C THR XB 19 80.04 -87.40 62.02
N LEU XB 20 79.71 -86.30 62.67
CA LEU XB 20 79.60 -84.99 62.03
C LEU XB 20 80.61 -84.06 62.68
N VAL XB 21 81.43 -83.41 61.87
CA VAL XB 21 82.38 -82.42 62.36
C VAL XB 21 81.87 -81.06 61.92
N LEU XB 22 81.45 -80.24 62.88
CA LEU XB 22 80.88 -78.93 62.61
C LEU XB 22 81.86 -77.87 63.08
N ASN XB 23 82.42 -77.12 62.15
CA ASN XB 23 83.28 -76.01 62.51
C ASN XB 23 82.49 -74.70 62.51
N PRO XB 24 82.82 -73.75 63.37
CA PRO XB 24 82.05 -72.52 63.46
C PRO XB 24 82.36 -71.54 62.32
N ARG XB 25 81.50 -70.53 62.22
CA ARG XB 25 81.59 -69.52 61.17
C ARG XB 25 81.35 -68.17 61.83
N GLY XB 26 81.04 -67.15 61.03
CA GLY XB 26 80.75 -65.84 61.54
C GLY XB 26 79.36 -65.77 62.18
N VAL XB 27 79.28 -65.08 63.32
CA VAL XB 27 78.00 -64.85 63.98
C VAL XB 27 77.27 -63.75 63.24
N ASN XB 28 76.05 -64.05 62.80
CA ASN XB 28 75.30 -63.13 61.96
C ASN XB 28 75.00 -61.85 62.72
N PRO XB 29 75.63 -60.72 62.38
CA PRO XB 29 75.39 -59.50 63.16
C PRO XB 29 74.01 -58.89 62.93
N THR XB 30 73.38 -59.17 61.79
CA THR XB 30 72.05 -58.62 61.56
C THR XB 30 71.03 -59.13 62.56
N ASN XB 31 71.25 -60.33 63.11
CA ASN XB 31 70.35 -60.83 64.15
C ASN XB 31 71.08 -61.58 65.26
N GLY XB 32 72.41 -61.54 65.31
CA GLY XB 32 73.14 -62.18 66.38
C GLY XB 32 72.85 -63.67 66.45
N VAL XB 33 73.34 -64.41 65.45
CA VAL XB 33 73.15 -65.85 65.40
C VAL XB 33 74.45 -66.50 64.97
N ALA XB 34 74.93 -67.46 65.78
CA ALA XB 34 76.15 -68.17 65.45
C ALA XB 34 75.85 -69.37 64.57
N SER XB 35 76.85 -69.77 63.78
CA SER XB 35 76.65 -70.79 62.75
C SER XB 35 77.78 -71.81 62.81
N LEU XB 36 77.45 -73.07 62.52
CA LEU XB 36 78.41 -74.13 62.32
C LEU XB 36 78.07 -74.88 61.04
N SER XB 37 79.10 -75.40 60.39
CA SER XB 37 78.94 -76.07 59.10
C SER XB 37 79.90 -77.26 59.01
N GLN XB 38 79.58 -78.19 58.10
CA GLN XB 38 80.37 -79.40 57.91
C GLN XB 38 81.84 -79.08 57.73
N ALA XB 39 82.70 -80.09 57.88
CA ALA XB 39 84.13 -79.88 57.77
C ALA XB 39 84.49 -79.21 56.45
N GLY XB 40 83.74 -79.48 55.40
CA GLY XB 40 83.98 -78.88 54.11
C GLY XB 40 84.44 -79.92 53.10
N ALA XB 41 84.85 -79.42 51.93
CA ALA XB 41 84.84 -78.00 51.59
C ALA XB 41 83.45 -77.53 51.19
N VAL XB 42 82.93 -78.11 50.11
CA VAL XB 42 81.60 -77.73 49.62
C VAL XB 42 80.53 -77.97 50.66
N PRO XB 43 80.50 -79.11 51.37
CA PRO XB 43 79.41 -79.34 52.33
C PRO XB 43 79.29 -78.26 53.39
N ALA XB 44 80.30 -77.38 53.50
CA ALA XB 44 80.21 -76.28 54.44
C ALA XB 44 79.01 -75.39 54.13
N LEU XB 45 78.82 -75.06 52.85
CA LEU XB 45 77.67 -74.26 52.44
C LEU XB 45 76.42 -75.12 52.22
N GLU XB 46 76.49 -76.42 52.49
CA GLU XB 46 75.34 -77.30 52.37
C GLU XB 46 74.68 -77.53 53.73
N LYS XB 47 75.43 -78.15 54.63
CA LYS XB 47 74.95 -78.47 55.96
C LYS XB 47 75.05 -77.23 56.84
N ARG XB 48 74.05 -77.04 57.72
CA ARG XB 48 74.07 -75.85 58.56
C ARG XB 48 73.47 -76.16 59.92
N VAL XB 49 74.02 -75.52 60.94
CA VAL XB 49 73.49 -75.58 62.30
C VAL XB 49 73.61 -74.18 62.89
N THR XB 50 72.48 -73.51 63.08
CA THR XB 50 72.46 -72.14 63.60
C THR XB 50 71.92 -72.12 65.02
N VAL XB 51 72.54 -71.29 65.87
CA VAL XB 51 72.20 -71.19 67.28
C VAL XB 51 72.02 -69.72 67.63
N SER XB 52 70.95 -69.41 68.36
CA SER XB 52 70.73 -68.06 68.83
C SER XB 52 70.03 -68.11 70.18
N VAL XB 53 70.29 -67.10 71.01
CA VAL XB 53 69.61 -66.96 72.30
C VAL XB 53 69.06 -65.56 72.41
N SER XB 54 67.81 -65.37 71.98
CA SER XB 54 67.17 -64.06 72.00
C SER XB 54 66.77 -63.69 73.42
N GLN XB 55 67.37 -62.62 73.95
CA GLN XB 55 67.07 -62.17 75.30
C GLN XB 55 65.71 -61.44 75.28
N PRO XB 56 65.16 -61.13 76.46
CA PRO XB 56 63.82 -60.52 76.50
C PRO XB 56 63.76 -59.19 75.74
N SER XB 57 62.59 -58.91 75.17
CA SER XB 57 62.34 -57.63 74.52
C SER XB 57 60.87 -57.29 74.68
N ARG XB 58 60.46 -56.22 74.00
CA ARG XB 58 59.06 -55.80 74.09
C ARG XB 58 58.11 -56.87 73.56
N ASN XB 59 58.60 -57.81 72.76
CA ASN XB 59 57.79 -58.93 72.29
C ASN XB 59 58.16 -60.25 72.96
N ARG XB 60 59.45 -60.43 73.33
CA ARG XB 60 59.93 -61.57 74.11
C ARG XB 60 59.86 -61.26 75.59
N LYS XB 61 59.92 -62.25 76.48
CA LYS XB 61 59.90 -61.88 77.90
C LYS XB 61 60.73 -62.63 78.96
N ASN XB 62 60.79 -63.98 79.03
CA ASN XB 62 60.64 -65.03 78.00
C ASN XB 62 61.77 -64.94 76.96
N TYR XB 63 62.97 -65.25 77.46
CA TYR XB 63 64.08 -65.68 76.63
C TYR XB 63 63.63 -66.75 75.64
N LYS XB 64 64.21 -66.72 74.44
CA LYS XB 64 63.91 -67.72 73.42
C LYS XB 64 65.23 -68.22 72.82
N VAL XB 65 65.59 -69.47 73.13
CA VAL XB 65 66.78 -70.12 72.60
C VAL XB 65 66.35 -70.95 71.40
N GLN XB 66 66.86 -70.64 70.22
CA GLN XB 66 66.51 -71.34 69.00
C GLN XB 66 67.72 -72.05 68.41
N VAL XB 67 67.52 -73.30 68.01
CA VAL XB 67 68.52 -74.14 67.38
C VAL XB 67 67.91 -74.68 66.09
N LYS XB 68 68.49 -74.33 64.95
CA LYS XB 68 68.03 -74.81 63.66
C LYS XB 68 69.09 -75.71 63.04
N ILE XB 69 68.65 -76.83 62.46
CA ILE XB 69 69.50 -77.77 61.74
C ILE XB 69 68.97 -77.90 60.32
N GLN XB 70 69.88 -77.92 59.34
CA GLN XB 70 69.49 -78.02 57.94
C GLN XB 70 70.46 -78.94 57.21
N ASN XB 71 69.90 -79.94 56.53
CA ASN XB 71 70.65 -80.93 55.75
C ASN XB 71 70.11 -80.95 54.33
N PRO XB 72 70.82 -80.40 53.33
CA PRO XB 72 70.39 -80.59 51.94
C PRO XB 72 71.06 -81.78 51.29
N THR XB 73 70.27 -82.61 50.61
CA THR XB 73 70.77 -83.80 49.93
C THR XB 73 70.75 -83.55 48.43
N ALA XB 74 71.90 -83.72 47.79
CA ALA XB 74 72.08 -83.46 46.37
C ALA XB 74 72.51 -84.74 45.66
N CYS XB 75 72.73 -84.62 44.36
CA CYS XB 75 73.18 -85.74 43.55
C CYS XB 75 73.41 -85.29 42.11
N SER XB 84 73.26 -80.62 42.20
CA SER XB 84 72.12 -79.78 42.57
C SER XB 84 71.37 -80.39 43.75
N VAL XB 85 71.01 -79.54 44.72
CA VAL XB 85 70.29 -80.00 45.90
C VAL XB 85 68.92 -80.50 45.48
N THR XB 86 68.69 -81.81 45.66
CA THR XB 86 67.42 -82.41 45.26
C THR XB 86 66.42 -82.51 46.40
N ARG XB 87 66.89 -82.49 47.66
CA ARG XB 87 66.01 -82.57 48.82
C ARG XB 87 66.61 -81.72 49.93
N GLN XB 88 65.77 -81.38 50.91
CA GLN XB 88 66.23 -80.57 52.03
C GLN XB 88 65.43 -80.97 53.27
N ALA XB 89 66.10 -81.56 54.25
CA ALA XB 89 65.54 -81.81 55.57
C ALA XB 89 65.97 -80.70 56.52
N TYR XB 90 65.13 -80.41 57.50
CA TYR XB 90 65.49 -79.38 58.47
C TYR XB 90 64.63 -79.52 59.71
N ALA XB 91 65.19 -79.07 60.83
CA ALA XB 91 64.53 -79.13 62.13
C ALA XB 91 64.79 -77.84 62.87
N ASP XB 92 63.89 -77.51 63.80
CA ASP XB 92 64.01 -76.29 64.59
C ASP XB 92 63.50 -76.55 66.00
N VAL XB 93 64.30 -76.16 67.00
CA VAL XB 93 63.97 -76.31 68.40
C VAL XB 93 63.94 -74.93 69.05
N THR XB 94 62.88 -74.65 69.81
CA THR XB 94 62.67 -73.33 70.42
C THR XB 94 62.33 -73.53 71.89
N PHE XB 95 63.26 -73.17 72.77
CA PHE XB 95 63.03 -73.20 74.21
C PHE XB 95 62.69 -71.79 74.68
N SER XB 96 61.53 -71.63 75.31
CA SER XB 96 61.10 -70.35 75.85
C SER XB 96 61.20 -70.44 77.37
N PHE XB 97 62.07 -69.61 77.96
CA PHE XB 97 62.32 -69.64 79.39
C PHE XB 97 62.05 -68.27 80.00
N THR XB 98 61.37 -68.28 81.13
CA THR XB 98 61.07 -67.03 81.82
C THR XB 98 62.31 -66.51 82.52
N GLN XB 99 62.23 -65.23 82.94
CA GLN XB 99 63.37 -64.61 83.57
C GLN XB 99 63.71 -65.26 84.92
N TYR XB 100 62.69 -65.69 85.67
CA TYR XB 100 62.93 -66.37 86.93
C TYR XB 100 63.28 -67.84 86.75
N SER XB 101 63.30 -68.33 85.53
CA SER XB 101 63.72 -69.72 85.31
C SER XB 101 65.12 -69.92 85.85
N THR XB 102 65.43 -71.16 86.24
CA THR XB 102 66.72 -71.52 86.80
C THR XB 102 67.45 -72.51 85.90
N ASP XB 103 68.79 -72.49 85.99
CA ASP XB 103 69.56 -73.41 85.17
C ASP XB 103 69.22 -74.86 85.50
N GLU XB 104 68.79 -75.14 86.72
CA GLU XB 104 68.22 -76.45 87.03
C GLU XB 104 67.13 -76.79 86.04
N GLU XB 105 66.16 -75.88 85.91
CA GLU XB 105 65.05 -76.08 84.99
C GLU XB 105 65.56 -76.27 83.58
N ARG XB 106 66.51 -75.43 83.18
CA ARG XB 106 66.95 -75.41 81.79
C ARG XB 106 67.65 -76.73 81.41
N ALA XB 107 68.52 -77.23 82.30
CA ALA XB 107 69.19 -78.51 82.05
C ALA XB 107 68.22 -79.68 82.14
N PHE XB 108 67.26 -79.63 83.08
CA PHE XB 108 66.17 -80.60 83.07
C PHE XB 108 65.52 -80.67 81.69
N VAL XB 109 65.13 -79.51 81.15
CA VAL XB 109 64.42 -79.47 79.87
C VAL XB 109 65.28 -79.99 78.74
N ARG XB 110 66.55 -79.55 78.68
CA ARG XB 110 67.45 -80.04 77.66
C ARG XB 110 67.55 -81.57 77.71
N THR XB 111 67.84 -82.10 78.90
CA THR XB 111 68.05 -83.53 79.05
C THR XB 111 66.80 -84.33 78.77
N GLU XB 112 65.64 -83.81 79.18
CA GLU XB 112 64.39 -84.48 78.85
C GLU XB 112 64.18 -84.55 77.35
N LEU XB 113 64.42 -83.45 76.65
CA LEU XB 113 64.18 -83.46 75.19
C LEU XB 113 65.14 -84.43 74.52
N ALA XB 114 66.40 -84.46 74.96
CA ALA XB 114 67.35 -85.42 74.39
C ALA XB 114 66.91 -86.86 74.66
N ALA XB 115 66.48 -87.15 75.89
CA ALA XB 115 66.06 -88.51 76.21
C ALA XB 115 64.81 -88.91 75.42
N LEU XB 116 63.93 -87.95 75.15
CA LEU XB 116 62.78 -88.23 74.28
C LEU XB 116 63.22 -88.56 72.86
N LEU XB 117 64.10 -87.73 72.27
CA LEU XB 117 64.53 -88.03 70.91
C LEU XB 117 65.25 -89.35 70.82
N ALA XB 118 65.93 -89.78 71.89
CA ALA XB 118 66.55 -91.09 71.89
C ALA XB 118 65.60 -92.22 72.29
N SER XB 119 64.39 -91.90 72.80
CA SER XB 119 63.43 -92.91 73.22
C SER XB 119 62.75 -93.58 72.02
N PRO XB 120 62.25 -94.81 72.19
CA PRO XB 120 61.66 -95.52 71.04
C PRO XB 120 60.54 -94.78 70.36
N LEU XB 121 59.71 -94.07 71.11
CA LEU XB 121 58.54 -93.45 70.51
C LEU XB 121 58.94 -92.48 69.41
N LEU XB 122 59.86 -91.56 69.71
CA LEU XB 122 60.18 -90.52 68.73
C LEU XB 122 61.09 -91.02 67.61
N ILE XB 123 61.91 -92.04 67.87
CA ILE XB 123 62.59 -92.67 66.74
C ILE XB 123 61.56 -93.29 65.81
N ASP XB 124 60.51 -93.90 66.36
CA ASP XB 124 59.46 -94.48 65.54
C ASP XB 124 58.73 -93.41 64.74
N ALA XB 125 58.43 -92.28 65.38
CA ALA XB 125 57.66 -91.22 64.76
C ALA XB 125 58.47 -90.34 63.81
N ILE XB 126 59.80 -90.38 63.88
CA ILE XB 126 60.66 -89.61 62.98
C ILE XB 126 61.15 -90.50 61.85
N ASP XB 127 61.84 -91.58 62.21
CA ASP XB 127 62.50 -92.42 61.21
C ASP XB 127 61.51 -92.95 60.18
N GLN XB 128 60.44 -93.62 60.64
CA GLN XB 128 59.41 -94.14 59.74
C GLN XB 128 58.15 -93.28 59.72
N LEU XB 129 58.08 -92.23 60.55
CA LEU XB 129 57.06 -91.19 60.38
C LEU XB 129 55.67 -91.71 60.75
N ASN XB 130 55.63 -92.57 61.76
CA ASN XB 130 54.40 -93.26 62.15
C ASN XB 130 53.80 -92.62 63.39
N PRO XB 131 52.57 -92.10 63.33
CA PRO XB 131 51.94 -91.57 64.55
C PRO XB 131 51.81 -92.64 65.61
N ALA XB 132 51.81 -92.20 66.86
CA ALA XB 132 51.67 -93.14 67.98
C ALA XB 132 50.23 -93.65 68.00
N TYR XB 133 50.04 -94.84 67.43
CA TYR XB 133 48.74 -95.51 67.35
C TYR XB 133 48.91 -97.02 67.48
N ALA YB 2 90.65 -54.40 74.93
CA ALA YB 2 89.53 -54.41 75.92
C ALA YB 2 88.82 -55.77 75.91
N LYS YB 3 89.58 -56.85 75.71
CA LYS YB 3 88.97 -58.17 75.64
C LYS YB 3 88.26 -58.51 76.95
N LEU YB 4 87.12 -59.17 76.82
CA LEU YB 4 86.34 -59.57 77.99
C LEU YB 4 87.11 -60.56 78.86
N GLU YB 5 86.81 -60.52 80.16
CA GLU YB 5 87.37 -61.47 81.11
C GLU YB 5 86.80 -61.16 82.48
N THR YB 6 87.05 -62.05 83.43
CA THR YB 6 86.48 -61.94 84.76
C THR YB 6 86.90 -60.65 85.45
N VAL YB 7 85.95 -59.78 85.76
CA VAL YB 7 86.25 -58.51 86.41
C VAL YB 7 85.97 -58.66 87.90
N THR YB 8 86.95 -58.34 88.72
CA THR YB 8 86.80 -58.44 90.17
C THR YB 8 87.03 -57.05 90.74
N LEU YB 9 85.92 -56.38 91.07
CA LEU YB 9 85.98 -55.15 91.86
C LEU YB 9 86.25 -55.53 93.31
N GLY YB 10 87.33 -55.04 93.86
CA GLY YB 10 87.62 -55.33 95.24
C GLY YB 10 86.72 -54.48 96.11
N ASN YB 11 87.35 -53.76 97.03
CA ASN YB 11 86.64 -52.96 98.01
C ASN YB 11 85.61 -52.02 97.37
N ILE YB 12 84.33 -52.19 97.74
CA ILE YB 12 83.27 -51.26 97.38
C ILE YB 12 82.17 -51.34 98.42
N GLY YB 13 81.38 -50.29 98.52
CA GLY YB 13 80.26 -50.21 99.44
C GLY YB 13 80.43 -49.08 100.42
N LYS YB 14 79.52 -49.03 101.40
CA LYS YB 14 79.54 -47.97 102.41
C LYS YB 14 80.85 -48.00 103.19
N ASP YB 15 81.03 -49.05 103.99
CA ASP YB 15 82.24 -49.23 104.78
C ASP YB 15 83.41 -49.69 103.92
N GLY YB 16 83.17 -49.98 102.65
CA GLY YB 16 84.23 -50.43 101.79
C GLY YB 16 84.76 -51.77 102.26
N LYS YB 17 83.93 -52.81 102.17
CA LYS YB 17 84.35 -54.14 102.56
C LYS YB 17 84.00 -55.22 101.56
N GLN YB 18 82.99 -55.05 100.74
CA GLN YB 18 82.56 -56.13 99.86
C GLN YB 18 83.37 -56.14 98.57
N THR YB 19 83.25 -57.24 97.84
CA THR YB 19 83.88 -57.41 96.54
C THR YB 19 82.90 -58.07 95.59
N LEU YB 20 83.05 -57.76 94.30
CA LEU YB 20 82.15 -58.21 93.26
C LEU YB 20 82.93 -58.91 92.15
N VAL YB 21 82.40 -60.01 91.66
CA VAL YB 21 83.03 -60.80 90.62
C VAL YB 21 82.02 -60.93 89.48
N LEU YB 22 82.16 -60.09 88.46
CA LEU YB 22 81.35 -60.19 87.25
C LEU YB 22 82.04 -61.12 86.28
N ASN YB 23 81.36 -62.19 85.91
CA ASN YB 23 81.90 -63.19 85.03
C ASN YB 23 81.55 -62.83 83.59
N PRO YB 24 82.32 -63.33 82.62
CA PRO YB 24 82.20 -62.88 81.23
C PRO YB 24 81.08 -63.59 80.49
N ARG YB 25 80.04 -62.84 80.15
CA ARG YB 25 78.93 -63.44 79.39
C ARG YB 25 79.26 -63.49 77.90
N GLY YB 26 79.43 -62.34 77.28
CA GLY YB 26 79.68 -62.31 75.85
C GLY YB 26 79.46 -60.90 75.32
N VAL YB 27 79.18 -60.83 74.03
CA VAL YB 27 78.91 -59.55 73.38
C VAL YB 27 77.72 -59.75 72.46
N ASN YB 28 76.65 -59.06 72.75
CA ASN YB 28 75.57 -59.00 71.78
C ASN YB 28 76.09 -58.29 70.54
N PRO YB 29 76.10 -58.94 69.38
CA PRO YB 29 76.71 -58.32 68.19
C PRO YB 29 75.73 -57.43 67.45
N THR YB 30 74.44 -57.68 67.65
CA THR YB 30 73.42 -56.86 67.01
C THR YB 30 73.58 -55.39 67.36
N ASN YB 31 74.13 -55.10 68.54
CA ASN YB 31 74.36 -53.73 68.96
C ASN YB 31 75.78 -53.50 69.45
N GLY YB 32 76.67 -54.48 69.31
CA GLY YB 32 78.02 -54.31 69.79
C GLY YB 32 78.04 -53.92 71.25
N VAL YB 33 77.55 -54.82 72.11
CA VAL YB 33 77.47 -54.56 73.53
C VAL YB 33 78.08 -55.72 74.30
N ALA YB 34 79.17 -55.48 75.00
CA ALA YB 34 79.78 -56.48 75.85
C ALA YB 34 79.11 -56.47 77.21
N SER YB 35 78.92 -57.65 77.77
CA SER YB 35 78.15 -57.81 78.99
C SER YB 35 78.95 -58.62 80.01
N LEU YB 36 78.66 -58.36 81.28
CA LEU YB 36 79.31 -59.04 82.39
C LEU YB 36 78.28 -59.21 83.50
N SER YB 37 78.33 -60.36 84.17
CA SER YB 37 77.36 -60.68 85.20
C SER YB 37 78.06 -61.29 86.40
N GLN YB 38 77.50 -61.09 87.60
CA GLN YB 38 78.04 -61.80 88.75
C GLN YB 38 77.53 -63.24 88.78
N ALA YB 39 78.32 -64.10 89.41
CA ALA YB 39 78.05 -65.53 89.40
C ALA YB 39 76.76 -65.86 90.13
N GLY YB 40 75.86 -66.53 89.44
CA GLY YB 40 74.61 -66.98 90.03
C GLY YB 40 73.90 -67.95 89.11
N ALA YB 41 72.59 -68.05 89.30
CA ALA YB 41 71.77 -68.92 88.46
C ALA YB 41 70.54 -68.19 87.94
N VAL YB 42 69.97 -67.33 88.77
CA VAL YB 42 68.71 -66.67 88.46
C VAL YB 42 69.00 -65.43 87.63
N PRO YB 43 68.63 -65.40 86.34
CA PRO YB 43 68.95 -64.21 85.54
C PRO YB 43 68.38 -62.94 86.13
N ALA YB 44 67.27 -63.05 86.85
CA ALA YB 44 66.59 -61.91 87.41
C ALA YB 44 67.17 -61.46 88.74
N LEU YB 45 68.20 -62.13 89.26
CA LEU YB 45 68.74 -61.86 90.58
C LEU YB 45 70.25 -61.72 90.52
N GLU YB 46 70.76 -60.93 89.58
CA GLU YB 46 72.21 -60.82 89.44
C GLU YB 46 72.63 -59.43 89.04
N LYS YB 47 73.76 -59.00 89.61
CA LYS YB 47 74.32 -57.69 89.31
C LYS YB 47 75.01 -57.75 87.96
N ARG YB 48 74.62 -56.83 87.08
CA ARG YB 48 74.99 -56.89 85.68
C ARG YB 48 75.62 -55.57 85.25
N VAL YB 49 76.47 -55.65 84.23
CA VAL YB 49 77.17 -54.48 83.70
C VAL YB 49 77.34 -54.63 82.20
N THR YB 50 77.21 -53.49 81.50
CA THR YB 50 77.29 -53.49 80.03
C THR YB 50 78.20 -52.37 79.59
N VAL YB 51 78.96 -52.63 78.53
CA VAL YB 51 79.88 -51.67 77.97
C VAL YB 51 79.71 -51.65 76.46
N SER YB 52 79.65 -50.45 75.89
CA SER YB 52 79.37 -50.30 74.47
C SER YB 52 80.17 -49.12 73.93
N VAL YB 53 80.55 -49.23 72.67
CA VAL YB 53 81.55 -48.36 72.06
C VAL YB 53 81.02 -47.98 70.69
N SER YB 54 80.46 -46.78 70.57
CA SER YB 54 79.84 -46.33 69.33
C SER YB 54 80.78 -45.40 68.59
N GLN YB 55 81.10 -45.75 67.36
CA GLN YB 55 81.99 -44.94 66.56
C GLN YB 55 81.23 -43.81 65.89
N PRO YB 56 81.92 -42.79 65.41
CA PRO YB 56 81.22 -41.63 64.85
C PRO YB 56 80.44 -41.96 63.60
N SER YB 57 79.12 -42.02 63.73
CA SER YB 57 78.27 -42.33 62.59
C SER YB 57 78.21 -41.13 61.65
N ARG YB 58 77.67 -41.35 60.44
CA ARG YB 58 77.56 -40.25 59.50
C ARG YB 58 76.65 -39.16 60.03
N ASN YB 59 75.61 -39.54 60.78
CA ASN YB 59 74.66 -38.60 61.34
C ASN YB 59 75.05 -38.15 62.74
N ARG YB 60 76.18 -38.65 63.26
CA ARG YB 60 76.65 -38.27 64.59
C ARG YB 60 78.03 -37.63 64.55
N LYS YB 61 79.01 -38.34 63.98
CA LYS YB 61 80.38 -37.83 63.89
C LYS YB 61 80.94 -37.55 65.29
N ASN YB 62 80.67 -38.46 66.22
CA ASN YB 62 81.15 -38.30 67.58
C ASN YB 62 81.32 -39.68 68.20
N TYR YB 63 82.48 -39.91 68.81
CA TYR YB 63 82.72 -41.14 69.55
C TYR YB 63 81.97 -41.16 70.87
N LYS YB 64 81.35 -42.29 71.18
CA LYS YB 64 80.54 -42.50 72.37
C LYS YB 64 81.00 -43.76 73.10
N VAL YB 65 81.05 -43.69 74.42
CA VAL YB 65 81.22 -44.87 75.28
C VAL YB 65 80.10 -44.87 76.29
N GLN YB 66 79.34 -45.96 76.32
CA GLN YB 66 78.25 -46.12 77.27
C GLN YB 66 78.58 -47.26 78.21
N VAL YB 67 78.43 -47.03 79.50
CA VAL YB 67 78.66 -48.05 80.51
C VAL YB 67 77.49 -48.03 81.48
N LYS YB 68 76.82 -49.17 81.61
CA LYS YB 68 75.65 -49.28 82.47
C LYS YB 68 75.91 -50.32 83.54
N ILE YB 69 75.27 -50.12 84.69
CA ILE YB 69 75.28 -51.07 85.80
C ILE YB 69 73.87 -51.21 86.36
N GLN YB 70 73.43 -52.46 86.54
CA GLN YB 70 72.13 -52.77 87.12
C GLN YB 70 72.33 -53.66 88.33
N ASN YB 71 71.57 -53.38 89.39
CA ASN YB 71 71.60 -54.20 90.60
C ASN YB 71 70.19 -54.40 91.13
N PRO YB 72 69.66 -55.61 91.08
CA PRO YB 72 68.33 -55.86 91.61
C PRO YB 72 68.35 -56.30 93.06
N THR YB 73 67.24 -56.02 93.73
CA THR YB 73 67.02 -56.44 95.11
C THR YB 73 66.49 -57.87 95.14
N ALA YB 74 66.85 -58.59 96.19
CA ALA YB 74 66.30 -59.92 96.39
C ALA YB 74 64.87 -59.87 96.91
N CYS YB 75 64.67 -59.31 98.10
CA CYS YB 75 63.40 -59.42 98.83
C CYS YB 75 62.86 -60.84 98.75
N THR YB 76 63.70 -61.79 99.16
CA THR YB 76 63.29 -63.18 99.22
C THR YB 76 62.20 -63.37 100.27
N ALA YB 77 61.14 -64.08 99.88
CA ALA YB 77 59.99 -64.28 100.73
C ALA YB 77 60.19 -65.47 101.65
N ASN YB 78 59.43 -65.48 102.74
CA ASN YB 78 59.42 -66.61 103.67
C ASN YB 78 58.73 -67.80 103.02
N GLY YB 79 59.38 -68.30 101.96
CA GLY YB 79 58.93 -69.49 101.25
C GLY YB 79 58.23 -69.11 99.95
N SER YB 80 57.41 -70.04 99.47
CA SER YB 80 56.38 -69.79 98.48
C SER YB 80 56.88 -69.56 97.06
N CYS YB 81 58.16 -69.23 96.88
CA CYS YB 81 58.92 -69.52 95.67
C CYS YB 81 60.27 -68.84 95.79
N ASP YB 82 61.07 -68.92 94.73
CA ASP YB 82 62.29 -68.12 94.64
C ASP YB 82 61.95 -66.64 94.87
N PRO YB 83 62.95 -65.83 95.21
CA PRO YB 83 62.69 -64.42 95.48
C PRO YB 83 62.09 -63.70 94.28
N SER YB 84 61.70 -62.46 94.52
CA SER YB 84 61.04 -61.63 93.52
C SER YB 84 61.75 -60.28 93.43
N VAL YB 85 61.97 -59.84 92.20
CA VAL YB 85 62.60 -58.54 91.98
C VAL YB 85 61.65 -57.46 92.48
N THR YB 86 62.11 -56.67 93.43
CA THR YB 86 61.32 -55.60 94.02
C THR YB 86 61.87 -54.21 93.71
N ARG YB 87 63.18 -54.06 93.66
CA ARG YB 87 63.81 -52.77 93.42
C ARG YB 87 64.99 -52.98 92.48
N GLN YB 88 65.30 -51.96 91.69
CA GLN YB 88 66.33 -52.08 90.66
C GLN YB 88 67.12 -50.79 90.62
N ALA YB 89 68.36 -50.84 91.07
CA ALA YB 89 69.24 -49.69 91.04
C ALA YB 89 69.96 -49.64 89.70
N TYR YB 90 69.86 -48.50 89.03
CA TYR YB 90 70.49 -48.29 87.73
C TYR YB 90 71.57 -47.22 87.83
N ALA YB 91 72.61 -47.39 87.04
CA ALA YB 91 73.63 -46.37 86.86
C ALA YB 91 74.02 -46.38 85.39
N ASP YB 92 74.16 -45.20 84.81
CA ASP YB 92 74.53 -45.10 83.41
C ASP YB 92 75.52 -43.96 83.23
N VAL YB 93 76.55 -44.21 82.43
CA VAL YB 93 77.56 -43.20 82.11
C VAL YB 93 77.74 -43.19 80.61
N THR YB 94 77.78 -42.00 80.02
CA THR YB 94 78.01 -41.86 78.59
C THR YB 94 79.08 -40.79 78.39
N PHE YB 95 80.27 -41.24 78.02
CA PHE YB 95 81.35 -40.35 77.67
C PHE YB 95 81.34 -40.09 76.17
N SER YB 96 81.74 -38.88 75.76
CA SER YB 96 81.63 -38.47 74.37
C SER YB 96 82.82 -37.60 73.98
N PHE YB 97 83.49 -37.98 72.88
CA PHE YB 97 84.47 -37.11 72.22
C PHE YB 97 84.33 -37.00 70.72
N THR YB 98 85.22 -36.17 70.15
CA THR YB 98 85.34 -35.95 68.73
C THR YB 98 86.48 -36.78 68.15
N GLN YB 99 86.56 -36.76 66.82
CA GLN YB 99 87.45 -37.66 66.12
C GLN YB 99 88.92 -37.38 66.44
N TYR YB 100 89.32 -36.12 66.50
CA TYR YB 100 90.67 -35.75 66.90
C TYR YB 100 90.82 -35.70 68.40
N SER YB 101 89.95 -36.40 69.13
CA SER YB 101 90.08 -36.57 70.56
C SER YB 101 91.48 -37.04 70.90
N THR YB 102 91.82 -36.93 72.18
CA THR YB 102 93.14 -37.31 72.64
C THR YB 102 93.06 -38.25 73.82
N ASP YB 103 93.83 -39.33 73.72
CA ASP YB 103 94.04 -40.25 74.82
C ASP YB 103 94.17 -39.54 76.16
N GLU YB 104 95.02 -38.52 76.25
CA GLU YB 104 95.30 -37.96 77.56
C GLU YB 104 94.06 -37.33 78.18
N GLU YB 105 93.35 -36.47 77.43
CA GLU YB 105 92.21 -35.83 78.08
C GLU YB 105 91.04 -36.79 78.21
N ARG YB 106 91.00 -37.84 77.40
CA ARG YB 106 90.06 -38.95 77.65
C ARG YB 106 90.30 -39.58 79.02
N ALA YB 107 91.54 -39.98 79.30
CA ALA YB 107 91.87 -40.53 80.61
C ALA YB 107 91.67 -39.49 81.71
N PHE YB 108 91.90 -38.23 81.38
CA PHE YB 108 91.67 -37.14 82.33
C PHE YB 108 90.21 -37.11 82.77
N VAL YB 109 89.28 -37.12 81.81
CA VAL YB 109 87.86 -37.11 82.17
C VAL YB 109 87.51 -38.37 82.95
N ARG YB 110 88.07 -39.51 82.54
CA ARG YB 110 87.83 -40.75 83.28
C ARG YB 110 88.19 -40.60 84.75
N THR YB 111 89.43 -40.16 85.01
CA THR YB 111 89.88 -40.08 86.39
C THR YB 111 89.13 -38.99 87.14
N GLU YB 112 88.76 -37.90 86.45
CA GLU YB 112 88.02 -36.83 87.08
C GLU YB 112 86.70 -37.36 87.63
N LEU YB 113 85.96 -38.07 86.80
CA LEU YB 113 84.70 -38.63 87.26
C LEU YB 113 84.94 -39.71 88.32
N ALA YB 114 86.02 -40.49 88.18
CA ALA YB 114 86.31 -41.54 89.14
C ALA YB 114 86.52 -40.96 90.54
N ALA YB 115 87.24 -39.85 90.63
CA ALA YB 115 87.49 -39.24 91.92
C ALA YB 115 86.28 -38.42 92.39
N LEU YB 116 85.50 -37.86 91.46
CA LEU YB 116 84.26 -37.22 91.87
C LEU YB 116 83.36 -38.21 92.58
N LEU YB 117 83.26 -39.43 92.04
CA LEU YB 117 82.41 -40.45 92.63
C LEU YB 117 82.81 -40.74 94.07
N ALA YB 118 84.06 -40.49 94.44
CA ALA YB 118 84.54 -40.74 95.79
C ALA YB 118 84.53 -39.51 96.68
N SER YB 119 84.52 -38.32 96.09
CA SER YB 119 84.53 -37.11 96.90
C SER YB 119 83.27 -37.02 97.77
N PRO YB 120 83.36 -36.35 98.93
CA PRO YB 120 82.18 -36.29 99.82
C PRO YB 120 80.95 -35.63 99.23
N LEU YB 121 81.08 -34.76 98.24
CA LEU YB 121 79.90 -34.15 97.66
C LEU YB 121 78.96 -35.20 97.09
N LEU YB 122 79.41 -35.91 96.04
CA LEU YB 122 78.58 -36.98 95.51
C LEU YB 122 78.29 -38.02 96.56
N ILE YB 123 79.17 -38.18 97.55
CA ILE YB 123 78.89 -39.14 98.61
C ILE YB 123 77.50 -38.89 99.17
N ASP YB 124 77.27 -37.74 99.79
CA ASP YB 124 75.94 -37.55 100.36
C ASP YB 124 74.91 -37.16 99.31
N ALA YB 125 75.34 -36.78 98.10
CA ALA YB 125 74.37 -36.49 97.06
C ALA YB 125 73.62 -37.74 96.62
N ILE YB 126 74.30 -38.89 96.53
CA ILE YB 126 73.66 -40.14 96.17
C ILE YB 126 73.28 -40.85 97.45
N ASP YB 127 74.28 -41.04 98.32
CA ASP YB 127 74.11 -41.64 99.62
C ASP YB 127 72.84 -41.16 100.31
N GLN YB 128 72.82 -39.89 100.72
CA GLN YB 128 71.68 -39.41 101.49
C GLN YB 128 70.66 -38.67 100.64
N LEU YB 129 70.83 -38.62 99.33
CA LEU YB 129 69.84 -38.01 98.45
C LEU YB 129 69.75 -36.52 98.68
N ASN YB 130 70.76 -35.93 99.33
CA ASN YB 130 70.69 -34.53 99.74
C ASN YB 130 71.00 -33.62 98.57
N PRO YB 131 70.11 -32.70 98.20
CA PRO YB 131 70.43 -31.80 97.08
C PRO YB 131 71.72 -31.06 97.33
N ALA YB 132 72.51 -30.91 96.28
CA ALA YB 132 73.79 -30.21 96.39
C ALA YB 132 73.53 -28.80 96.90
N TYR YB 133 73.89 -28.54 98.15
CA TYR YB 133 73.50 -27.32 98.82
C TYR YB 133 74.30 -27.10 100.10
N ALA ZB 2 109.19 -52.98 -49.28
CA ALA ZB 2 107.90 -53.74 -49.21
C ALA ZB 2 107.18 -53.73 -50.55
N LYS ZB 3 107.88 -54.11 -51.61
CA LYS ZB 3 107.28 -54.11 -52.94
C LYS ZB 3 106.18 -55.15 -53.04
N LEU ZB 4 105.16 -54.83 -53.82
CA LEU ZB 4 104.03 -55.73 -54.03
C LEU ZB 4 104.17 -56.40 -55.39
N GLU ZB 5 103.94 -57.71 -55.44
CA GLU ZB 5 104.10 -58.48 -56.65
C GLU ZB 5 103.58 -59.90 -56.38
N THR ZB 6 103.72 -60.78 -57.36
CA THR ZB 6 103.17 -62.12 -57.23
C THR ZB 6 103.94 -62.91 -56.20
N VAL ZB 7 103.23 -63.62 -55.33
CA VAL ZB 7 103.83 -64.32 -54.21
C VAL ZB 7 103.39 -65.78 -54.30
N THR ZB 8 104.36 -66.69 -54.19
CA THR ZB 8 104.14 -68.12 -54.37
C THR ZB 8 104.36 -68.83 -53.04
N LEU ZB 9 103.26 -69.16 -52.38
CA LEU ZB 9 103.30 -69.76 -51.07
C LEU ZB 9 103.26 -71.28 -51.29
N GLY ZB 10 104.41 -71.93 -51.13
CA GLY ZB 10 104.50 -73.35 -51.43
C GLY ZB 10 104.48 -74.20 -50.19
N ASN ZB 11 104.23 -75.49 -50.34
CA ASN ZB 11 104.27 -76.43 -49.22
C ASN ZB 11 103.21 -76.05 -48.19
N ILE ZB 12 101.97 -76.04 -48.66
CA ILE ZB 12 100.81 -75.53 -47.92
C ILE ZB 12 99.94 -76.71 -47.52
N GLY ZB 13 99.25 -76.55 -46.40
CA GLY ZB 13 98.28 -77.54 -45.98
C GLY ZB 13 98.83 -78.48 -44.93
N LYS ZB 14 98.32 -79.71 -44.99
CA LYS ZB 14 98.50 -80.66 -43.90
C LYS ZB 14 99.60 -81.62 -44.27
N ASP ZB 15 99.48 -82.19 -45.46
CA ASP ZB 15 100.58 -82.75 -46.21
C ASP ZB 15 101.64 -81.72 -46.54
N GLY ZB 16 101.26 -80.44 -46.60
CA GLY ZB 16 102.18 -79.41 -47.04
C GLY ZB 16 102.62 -79.62 -48.47
N LYS ZB 17 101.67 -79.67 -49.41
CA LYS ZB 17 102.02 -79.89 -50.80
C LYS ZB 17 101.33 -78.96 -51.79
N GLN ZB 18 100.18 -78.39 -51.46
CA GLN ZB 18 99.56 -77.53 -52.45
C GLN ZB 18 100.35 -76.23 -52.55
N THR ZB 19 99.86 -75.32 -53.39
CA THR ZB 19 100.56 -74.06 -53.65
C THR ZB 19 99.54 -72.96 -53.89
N LEU ZB 20 99.85 -71.77 -53.38
CA LEU ZB 20 98.95 -70.62 -53.50
C LEU ZB 20 99.69 -69.46 -54.13
N VAL ZB 21 99.20 -68.98 -55.27
CA VAL ZB 21 99.80 -67.86 -55.98
C VAL ZB 21 98.89 -66.66 -55.79
N LEU ZB 22 99.40 -65.64 -55.12
CA LEU ZB 22 98.65 -64.42 -54.86
C LEU ZB 22 99.22 -63.29 -55.69
N ASN ZB 23 98.37 -62.67 -56.49
CA ASN ZB 23 98.77 -61.45 -57.17
C ASN ZB 23 98.24 -60.22 -56.45
N PRO ZB 24 98.91 -59.10 -56.67
CA PRO ZB 24 98.59 -57.88 -55.92
C PRO ZB 24 97.35 -57.18 -56.45
N ARG ZB 25 96.83 -56.30 -55.62
CA ARG ZB 25 95.72 -55.43 -55.97
C ARG ZB 25 96.19 -54.01 -55.67
N GLY ZB 26 95.28 -53.05 -55.60
CA GLY ZB 26 95.62 -51.67 -55.30
C GLY ZB 26 95.48 -51.38 -53.81
N VAL ZB 27 96.37 -50.54 -53.30
CA VAL ZB 27 96.33 -50.18 -51.89
C VAL ZB 27 95.14 -49.27 -51.64
N ASN ZB 28 94.29 -49.65 -50.72
CA ASN ZB 28 93.13 -48.85 -50.36
C ASN ZB 28 93.58 -47.47 -49.88
N PRO ZB 29 93.38 -46.42 -50.67
CA PRO ZB 29 93.81 -45.10 -50.21
C PRO ZB 29 93.15 -44.71 -48.91
N THR ZB 30 91.92 -45.15 -48.68
CA THR ZB 30 91.20 -44.77 -47.48
C THR ZB 30 91.97 -45.12 -46.23
N ASN ZB 31 92.82 -46.14 -46.29
CA ASN ZB 31 93.46 -46.63 -45.09
C ASN ZB 31 94.92 -47.02 -45.31
N GLY ZB 32 95.46 -46.90 -46.52
CA GLY ZB 32 96.77 -47.41 -46.78
C GLY ZB 32 96.90 -48.87 -46.39
N VAL ZB 33 96.22 -49.75 -47.10
CA VAL ZB 33 96.31 -51.18 -46.84
C VAL ZB 33 96.46 -51.90 -48.17
N ALA ZB 34 97.55 -52.65 -48.33
CA ALA ZB 34 97.75 -53.41 -49.55
C ALA ZB 34 97.02 -54.75 -49.46
N SER ZB 35 96.68 -55.30 -50.62
CA SER ZB 35 95.92 -56.53 -50.68
C SER ZB 35 96.48 -57.46 -51.75
N LEU ZB 36 96.43 -58.75 -51.45
CA LEU ZB 36 96.85 -59.82 -52.34
C LEU ZB 36 95.71 -60.81 -52.44
N SER ZB 37 95.59 -61.46 -53.60
CA SER ZB 37 94.44 -62.33 -53.82
C SER ZB 37 94.85 -63.50 -54.70
N GLN ZB 38 94.08 -64.58 -54.60
CA GLN ZB 38 94.36 -65.79 -55.35
C GLN ZB 38 94.59 -65.47 -56.81
N ALA ZB 39 95.27 -66.37 -57.53
CA ALA ZB 39 95.59 -66.10 -58.92
C ALA ZB 39 94.36 -65.75 -59.73
N GLY ZB 40 93.20 -66.28 -59.34
CA GLY ZB 40 91.94 -65.93 -59.98
C GLY ZB 40 91.30 -67.14 -60.62
N ALA ZB 41 90.21 -66.88 -61.36
CA ALA ZB 41 89.68 -65.53 -61.60
C ALA ZB 41 88.76 -65.06 -60.48
N VAL ZB 42 87.63 -65.75 -60.32
CA VAL ZB 42 86.72 -65.44 -59.22
C VAL ZB 42 87.41 -65.61 -57.87
N PRO ZB 43 88.26 -66.62 -57.63
CA PRO ZB 43 88.91 -66.70 -56.32
C PRO ZB 43 89.75 -65.48 -56.00
N ALA ZB 44 90.16 -64.70 -57.00
CA ALA ZB 44 90.81 -63.43 -56.71
C ALA ZB 44 89.85 -62.48 -55.99
N LEU ZB 45 88.55 -62.60 -56.28
CA LEU ZB 45 87.53 -61.87 -55.53
C LEU ZB 45 86.91 -62.72 -54.43
N GLU ZB 46 87.62 -63.76 -53.95
CA GLU ZB 46 87.22 -64.51 -52.76
C GLU ZB 46 88.32 -64.60 -51.70
N LYS ZB 47 89.52 -65.06 -52.08
CA LYS ZB 47 90.66 -65.13 -51.16
C LYS ZB 47 91.30 -63.76 -51.00
N ARG ZB 48 91.65 -63.42 -49.77
CA ARG ZB 48 92.16 -62.09 -49.48
C ARG ZB 48 93.29 -62.14 -48.47
N VAL ZB 49 94.28 -61.28 -48.69
CA VAL ZB 49 95.48 -61.19 -47.86
C VAL ZB 49 95.83 -59.72 -47.73
N THR ZB 50 95.47 -59.10 -46.61
CA THR ZB 50 95.69 -57.67 -46.43
C THR ZB 50 96.86 -57.41 -45.50
N VAL ZB 51 97.61 -56.36 -45.81
CA VAL ZB 51 98.83 -56.01 -45.08
C VAL ZB 51 98.86 -54.49 -44.89
N SER ZB 52 99.24 -54.06 -43.69
CA SER ZB 52 99.23 -52.66 -43.34
C SER ZB 52 100.35 -52.36 -42.36
N VAL ZB 53 100.95 -51.18 -42.52
CA VAL ZB 53 102.02 -50.73 -41.64
C VAL ZB 53 101.73 -49.34 -41.11
N SER ZB 54 100.99 -49.25 -40.02
CA SER ZB 54 100.62 -47.93 -39.51
C SER ZB 54 101.75 -47.41 -38.64
N GLN ZB 55 102.23 -46.22 -39.00
CA GLN ZB 55 103.47 -45.67 -38.47
C GLN ZB 55 103.19 -44.93 -37.16
N PRO ZB 56 104.24 -44.50 -36.45
CA PRO ZB 56 104.05 -43.87 -35.14
C PRO ZB 56 102.99 -42.78 -35.17
N SER ZB 57 102.09 -42.82 -34.18
CA SER ZB 57 100.96 -41.90 -34.14
C SER ZB 57 100.67 -41.39 -32.74
N ARG ZB 58 99.62 -40.59 -32.63
CA ARG ZB 58 99.08 -40.18 -31.33
C ARG ZB 58 98.76 -41.38 -30.45
N ASN ZB 59 98.29 -42.47 -31.05
CA ASN ZB 59 97.93 -43.67 -30.31
C ASN ZB 59 98.93 -44.78 -30.54
N ARG ZB 60 99.39 -44.92 -31.78
CA ARG ZB 60 100.53 -45.74 -32.12
C ARG ZB 60 101.75 -45.06 -31.51
N LYS ZB 61 102.81 -45.80 -31.20
CA LYS ZB 61 103.99 -45.07 -30.74
C LYS ZB 61 105.29 -45.38 -31.48
N ASN ZB 62 105.81 -46.61 -31.54
CA ASN ZB 62 105.19 -47.94 -31.53
C ASN ZB 62 104.33 -48.20 -32.77
N TYR ZB 63 105.03 -48.39 -33.87
CA TYR ZB 63 104.45 -48.87 -35.12
C TYR ZB 63 103.57 -50.09 -34.86
N LYS ZB 64 102.54 -50.25 -35.70
CA LYS ZB 64 101.71 -51.45 -35.67
C LYS ZB 64 101.65 -52.03 -37.08
N VAL ZB 65 102.03 -53.29 -37.21
CA VAL ZB 65 101.95 -54.00 -38.49
C VAL ZB 65 100.83 -55.02 -38.39
N GLN ZB 66 99.86 -54.89 -39.28
CA GLN ZB 66 98.68 -55.74 -39.30
C GLN ZB 66 98.71 -56.60 -40.56
N VAL ZB 67 98.39 -57.88 -40.42
CA VAL ZB 67 98.24 -58.79 -41.55
C VAL ZB 67 96.99 -59.62 -41.32
N LYS ZB 68 96.00 -59.44 -42.17
CA LYS ZB 68 94.75 -60.20 -42.11
C LYS ZB 68 94.71 -61.18 -43.27
N ILE ZB 69 94.22 -62.38 -43.00
CA ILE ZB 69 94.05 -63.43 -43.99
C ILE ZB 69 92.60 -63.87 -43.97
N GLN ZB 70 91.97 -63.94 -45.13
CA GLN ZB 70 90.56 -64.31 -45.21
C GLN ZB 70 90.37 -65.29 -46.34
N ASN ZB 71 89.88 -66.48 -46.02
CA ASN ZB 71 89.67 -67.55 -46.99
C ASN ZB 71 88.22 -68.00 -46.94
N PRO ZB 72 87.40 -67.66 -47.92
CA PRO ZB 72 86.00 -68.10 -47.94
C PRO ZB 72 85.82 -69.44 -48.62
N THR ZB 73 85.22 -70.41 -47.93
CA THR ZB 73 84.86 -71.66 -48.56
C THR ZB 73 83.43 -71.58 -49.08
N ALA ZB 74 83.25 -71.95 -50.34
CA ALA ZB 74 81.97 -71.85 -51.02
C ALA ZB 74 81.67 -73.15 -51.74
N CYS ZB 75 80.40 -73.31 -52.14
CA CYS ZB 75 79.98 -74.45 -52.96
C CYS ZB 75 78.74 -74.06 -53.72
N THR ZB 76 78.37 -74.89 -54.69
CA THR ZB 76 77.18 -74.65 -55.51
C THR ZB 76 76.17 -75.75 -55.24
N ALA ZB 77 74.96 -75.33 -54.88
CA ALA ZB 77 73.89 -76.31 -54.65
C ALA ZB 77 73.59 -77.04 -55.94
N ASN ZB 78 73.12 -78.28 -55.80
CA ASN ZB 78 72.93 -79.13 -56.96
C ASN ZB 78 71.71 -78.65 -57.75
N GLY ZB 79 71.94 -77.68 -58.63
CA GLY ZB 79 70.87 -77.04 -59.37
C GLY ZB 79 71.12 -75.56 -59.53
N SER ZB 80 71.87 -74.97 -58.60
CA SER ZB 80 72.32 -73.60 -58.69
C SER ZB 80 73.40 -73.46 -59.75
N CYS ZB 81 73.87 -72.25 -60.01
CA CYS ZB 81 75.04 -72.07 -60.86
C CYS ZB 81 76.17 -71.37 -60.12
N ASP ZB 82 75.87 -70.21 -59.56
CA ASP ZB 82 76.92 -69.40 -58.99
C ASP ZB 82 77.22 -69.87 -57.58
N PRO ZB 83 78.46 -70.27 -57.27
CA PRO ZB 83 78.73 -70.84 -55.95
C PRO ZB 83 78.61 -69.81 -54.84
N SER ZB 84 77.90 -70.20 -53.80
CA SER ZB 84 77.64 -69.37 -52.64
C SER ZB 84 78.62 -69.70 -51.54
N VAL ZB 85 79.03 -68.69 -50.79
CA VAL ZB 85 80.00 -68.87 -49.71
C VAL ZB 85 79.27 -69.44 -48.51
N THR ZB 86 79.72 -70.60 -48.04
CA THR ZB 86 79.13 -71.27 -46.90
C THR ZB 86 79.92 -71.09 -45.63
N ARG ZB 87 81.24 -70.94 -45.72
CA ARG ZB 87 82.09 -70.78 -44.56
C ARG ZB 87 83.09 -69.67 -44.82
N GLN ZB 88 83.61 -69.10 -43.74
CA GLN ZB 88 84.56 -67.98 -43.83
C GLN ZB 88 85.62 -68.17 -42.78
N ALA ZB 89 86.82 -68.63 -43.17
CA ALA ZB 89 87.94 -68.68 -42.26
C ALA ZB 89 88.72 -67.37 -42.36
N TYR ZB 90 89.33 -66.96 -41.25
CA TYR ZB 90 90.20 -65.80 -41.33
C TYR ZB 90 90.96 -65.60 -40.04
N ALA ZB 91 92.11 -64.96 -40.16
CA ALA ZB 91 93.05 -64.76 -39.08
C ALA ZB 91 93.61 -63.35 -39.14
N ASP ZB 92 94.07 -62.87 -38.00
CA ASP ZB 92 94.73 -61.57 -37.92
C ASP ZB 92 95.99 -61.67 -37.09
N VAL ZB 93 97.08 -61.14 -37.63
CA VAL ZB 93 98.34 -61.00 -36.92
C VAL ZB 93 98.60 -59.52 -36.71
N THR ZB 94 99.04 -59.15 -35.52
CA THR ZB 94 99.24 -57.75 -35.18
C THR ZB 94 100.52 -57.62 -34.36
N PHE ZB 95 101.57 -57.11 -35.00
CA PHE ZB 95 102.81 -56.79 -34.30
C PHE ZB 95 102.79 -55.33 -33.87
N SER ZB 96 103.34 -55.06 -32.69
CA SER ZB 96 103.56 -53.69 -32.25
C SER ZB 96 105.01 -53.55 -31.83
N PHE ZB 97 105.70 -52.60 -32.44
CA PHE ZB 97 107.13 -52.40 -32.24
C PHE ZB 97 107.38 -50.97 -31.80
N THR ZB 98 107.97 -50.81 -30.63
CA THR ZB 98 108.26 -49.47 -30.13
C THR ZB 98 109.12 -48.71 -31.14
N GLN ZB 99 109.19 -47.39 -30.95
CA GLN ZB 99 109.96 -46.56 -31.86
C GLN ZB 99 111.43 -46.96 -31.84
N TYR ZB 100 111.99 -47.19 -30.66
CA TYR ZB 100 113.36 -47.65 -30.54
C TYR ZB 100 113.50 -49.13 -30.84
N SER ZB 101 112.45 -49.78 -31.36
CA SER ZB 101 112.57 -51.16 -31.79
C SER ZB 101 113.78 -51.32 -32.68
N THR ZB 102 114.27 -52.55 -32.80
CA THR ZB 102 115.36 -52.86 -33.71
C THR ZB 102 114.94 -53.93 -34.72
N ASP ZB 103 115.49 -53.79 -35.92
CA ASP ZB 103 115.22 -54.77 -36.96
C ASP ZB 103 115.52 -56.18 -36.47
N GLU ZB 104 116.59 -56.33 -35.69
CA GLU ZB 104 116.94 -57.65 -35.20
C GLU ZB 104 115.81 -58.25 -34.39
N GLU ZB 105 115.31 -57.51 -33.40
CA GLU ZB 105 114.24 -58.04 -32.57
C GLU ZB 105 112.98 -58.28 -33.40
N ARG ZB 106 112.69 -57.40 -34.34
CA ARG ZB 106 111.53 -57.63 -35.19
C ARG ZB 106 111.68 -58.93 -35.95
N ALA ZB 107 112.86 -59.18 -36.50
CA ALA ZB 107 113.12 -60.41 -37.22
C ALA ZB 107 112.98 -61.63 -36.31
N PHE ZB 108 113.54 -61.53 -35.10
CA PHE ZB 108 113.40 -62.62 -34.15
C PHE ZB 108 111.93 -62.89 -33.87
N VAL ZB 109 111.14 -61.84 -33.68
CA VAL ZB 109 109.74 -62.03 -33.37
C VAL ZB 109 109.03 -62.72 -34.52
N ARG ZB 110 109.26 -62.27 -35.74
CA ARG ZB 110 108.56 -62.87 -36.87
C ARG ZB 110 108.95 -64.33 -37.02
N THR ZB 111 110.24 -64.62 -36.96
CA THR ZB 111 110.67 -66.00 -37.12
C THR ZB 111 110.22 -66.87 -35.97
N GLU ZB 112 110.15 -66.34 -34.76
CA GLU ZB 112 109.58 -67.10 -33.66
C GLU ZB 112 108.12 -67.40 -33.91
N LEU ZB 113 107.38 -66.41 -34.43
CA LEU ZB 113 106.00 -66.67 -34.83
C LEU ZB 113 105.94 -67.81 -35.83
N ALA ZB 114 106.80 -67.78 -36.83
CA ALA ZB 114 106.80 -68.83 -37.85
C ALA ZB 114 107.05 -70.19 -37.22
N ALA ZB 115 108.07 -70.28 -36.37
CA ALA ZB 115 108.41 -71.55 -35.77
C ALA ZB 115 107.31 -72.05 -34.87
N LEU ZB 116 106.71 -71.15 -34.08
CA LEU ZB 116 105.60 -71.56 -33.23
C LEU ZB 116 104.46 -72.08 -34.07
N LEU ZB 117 104.17 -71.41 -35.18
CA LEU ZB 117 103.13 -71.88 -36.07
C LEU ZB 117 103.46 -73.26 -36.61
N ALA ZB 118 104.73 -73.50 -36.93
CA ALA ZB 118 105.13 -74.79 -37.47
C ALA ZB 118 105.28 -75.86 -36.40
N SER ZB 119 105.26 -75.51 -35.13
CA SER ZB 119 105.53 -76.51 -34.11
C SER ZB 119 104.30 -77.39 -33.87
N PRO ZB 120 104.50 -78.59 -33.35
CA PRO ZB 120 103.36 -79.46 -33.03
C PRO ZB 120 102.32 -78.79 -32.16
N LEU ZB 121 102.75 -77.93 -31.24
CA LEU ZB 121 101.82 -77.35 -30.29
C LEU ZB 121 100.70 -76.60 -31.00
N LEU ZB 122 101.05 -75.56 -31.75
CA LEU ZB 122 100.02 -74.75 -32.39
C LEU ZB 122 99.27 -75.55 -33.44
N ILE ZB 123 99.98 -76.33 -34.24
CA ILE ZB 123 99.32 -77.06 -35.30
C ILE ZB 123 98.24 -77.95 -34.73
N ASP ZB 124 98.52 -78.55 -33.56
CA ASP ZB 124 97.59 -79.51 -33.02
C ASP ZB 124 96.51 -78.82 -32.19
N ALA ZB 125 96.82 -77.64 -31.69
CA ALA ZB 125 95.81 -76.87 -31.01
C ALA ZB 125 94.83 -76.24 -31.97
N ILE ZB 126 95.14 -76.22 -33.26
CA ILE ZB 126 94.16 -75.66 -34.18
C ILE ZB 126 93.73 -76.59 -35.32
N ASP ZB 127 94.53 -77.60 -35.71
CA ASP ZB 127 93.95 -78.74 -36.41
C ASP ZB 127 92.72 -79.25 -35.72
N GLN ZB 128 92.90 -79.70 -34.50
CA GLN ZB 128 91.82 -80.36 -33.81
C GLN ZB 128 91.23 -79.48 -32.73
N LEU ZB 129 91.58 -78.20 -32.72
CA LEU ZB 129 90.99 -77.28 -31.76
C LEU ZB 129 91.36 -77.72 -30.35
N ASN ZB 130 92.59 -78.20 -30.19
CA ASN ZB 130 92.96 -78.91 -28.97
C ASN ZB 130 93.65 -77.96 -28.02
N PRO ZB 131 93.00 -77.53 -26.94
CA PRO ZB 131 93.73 -76.74 -25.94
C PRO ZB 131 94.83 -77.58 -25.34
N ALA ZB 132 95.88 -76.92 -24.87
CA ALA ZB 132 97.03 -77.62 -24.33
C ALA ZB 132 96.69 -78.09 -22.92
N TYR ZB 133 96.52 -79.40 -22.77
CA TYR ZB 133 96.34 -80.01 -21.45
C TYR ZB 133 97.01 -81.36 -21.46
N ALA AC 2 108.91 -38.03 -61.04
CA ALA AC 2 109.39 -37.86 -59.63
C ALA AC 2 109.56 -39.22 -58.96
N LYS AC 3 109.84 -40.23 -59.78
CA LYS AC 3 110.00 -41.59 -59.28
C LYS AC 3 110.99 -41.63 -58.12
N LEU AC 4 110.51 -42.09 -56.98
CA LEU AC 4 111.37 -42.15 -55.81
C LEU AC 4 112.54 -43.09 -56.07
N GLU AC 5 113.65 -42.82 -55.38
CA GLU AC 5 114.89 -43.53 -55.66
C GLU AC 5 115.94 -43.02 -54.67
N THR AC 6 117.04 -43.76 -54.60
CA THR AC 6 118.09 -43.44 -53.63
C THR AC 6 118.70 -42.08 -53.93
N VAL AC 7 118.55 -41.14 -53.00
CA VAL AC 7 118.97 -39.77 -53.24
C VAL AC 7 120.29 -39.54 -52.53
N THR AC 8 121.27 -39.02 -53.26
CA THR AC 8 122.63 -38.81 -52.78
C THR AC 8 122.87 -37.32 -52.67
N LEU AC 9 122.82 -36.81 -51.44
CA LEU AC 9 123.00 -35.40 -51.18
C LEU AC 9 124.49 -35.15 -50.98
N GLY AC 10 125.07 -34.31 -51.83
CA GLY AC 10 126.50 -34.10 -51.86
C GLY AC 10 126.99 -33.29 -50.68
N ASN AC 11 128.07 -32.56 -50.87
CA ASN AC 11 128.73 -31.88 -49.75
C ASN AC 11 127.71 -31.18 -48.87
N ILE AC 12 127.92 -31.27 -47.57
CA ILE AC 12 126.93 -30.90 -46.58
C ILE AC 12 127.66 -30.56 -45.30
N GLY AC 13 127.12 -29.59 -44.56
CA GLY AC 13 127.66 -29.18 -43.28
C GLY AC 13 128.36 -27.84 -43.37
N LYS AC 14 128.98 -27.45 -42.25
CA LYS AC 14 129.74 -26.20 -42.24
C LYS AC 14 130.78 -26.19 -43.34
N ASP AC 15 131.75 -27.09 -43.25
CA ASP AC 15 132.80 -27.15 -44.24
C ASP AC 15 132.35 -27.84 -45.51
N GLY AC 16 131.16 -28.44 -45.51
CA GLY AC 16 130.66 -29.11 -46.69
C GLY AC 16 131.53 -30.26 -47.14
N LYS AC 17 131.66 -31.28 -46.28
CA LYS AC 17 132.38 -32.49 -46.69
C LYS AC 17 131.60 -33.77 -46.42
N GLN AC 18 130.54 -33.74 -45.61
CA GLN AC 18 129.74 -34.93 -45.38
C GLN AC 18 128.82 -35.19 -46.57
N THR AC 19 128.22 -36.37 -46.59
CA THR AC 19 127.28 -36.74 -47.64
C THR AC 19 126.14 -37.51 -47.01
N LEU AC 20 124.97 -37.45 -47.64
CA LEU AC 20 123.83 -38.19 -47.15
C LEU AC 20 123.27 -39.09 -48.24
N VAL AC 21 122.75 -40.25 -47.84
CA VAL AC 21 122.06 -41.14 -48.75
C VAL AC 21 120.71 -41.45 -48.12
N LEU AC 22 119.65 -41.10 -48.82
CA LEU AC 22 118.29 -41.39 -48.39
C LEU AC 22 117.71 -42.48 -49.27
N ASN AC 23 117.29 -43.57 -48.66
CA ASN AC 23 116.65 -44.64 -49.40
C ASN AC 23 115.17 -44.35 -49.59
N PRO AC 24 114.57 -44.92 -50.64
CA PRO AC 24 113.12 -44.79 -50.84
C PRO AC 24 112.38 -45.72 -49.89
N ARG AC 25 111.65 -45.13 -48.95
CA ARG AC 25 110.81 -45.89 -48.04
C ARG AC 25 109.50 -46.26 -48.72
N GLY AC 26 108.69 -45.26 -49.04
CA GLY AC 26 107.39 -45.53 -49.62
C GLY AC 26 106.58 -44.26 -49.77
N VAL AC 27 105.27 -44.43 -49.87
CA VAL AC 27 104.34 -43.31 -50.04
C VAL AC 27 103.08 -43.58 -49.24
N ASN AC 28 102.88 -42.83 -48.17
CA ASN AC 28 101.63 -42.91 -47.43
C ASN AC 28 100.49 -42.35 -48.27
N PRO AC 29 99.42 -43.11 -48.48
CA PRO AC 29 98.33 -42.61 -49.31
C PRO AC 29 97.39 -41.74 -48.53
N THR AC 30 97.30 -42.00 -47.23
CA THR AC 30 96.38 -41.27 -46.37
C THR AC 30 96.44 -39.78 -46.64
N ASN AC 31 97.62 -39.28 -47.02
CA ASN AC 31 97.80 -37.89 -47.36
C ASN AC 31 98.64 -37.73 -48.62
N GLY AC 32 98.91 -38.82 -49.32
CA GLY AC 32 99.71 -38.74 -50.53
C GLY AC 32 101.03 -38.07 -50.28
N VAL AC 33 101.91 -38.71 -49.51
CA VAL AC 33 103.21 -38.13 -49.22
C VAL AC 33 104.27 -39.22 -49.31
N ALA AC 34 105.31 -38.96 -50.10
CA ALA AC 34 106.41 -39.89 -50.21
C ALA AC 34 107.44 -39.60 -49.14
N SER AC 35 108.11 -40.65 -48.68
CA SER AC 35 109.03 -40.55 -47.56
C SER AC 35 110.38 -41.14 -47.92
N LEU AC 36 111.42 -40.59 -47.33
CA LEU AC 36 112.79 -41.03 -47.53
C LEU AC 36 113.48 -41.09 -46.17
N SER AC 37 114.36 -42.07 -46.00
CA SER AC 37 114.97 -42.31 -44.71
C SER AC 37 116.44 -42.67 -44.87
N GLN AC 38 117.24 -42.22 -43.91
CA GLN AC 38 118.61 -42.70 -43.84
C GLN AC 38 118.63 -44.21 -43.68
N ALA AC 39 119.66 -44.83 -44.24
CA ALA AC 39 119.88 -46.24 -43.98
C ALA AC 39 120.24 -46.45 -42.52
N GLY AC 40 119.52 -47.32 -41.86
CA GLY AC 40 119.74 -47.59 -40.46
C GLY AC 40 118.85 -48.75 -40.06
N ALA AC 41 118.58 -48.85 -38.76
CA ALA AC 41 117.63 -49.86 -38.30
C ALA AC 41 116.61 -49.27 -37.35
N VAL AC 42 117.05 -48.38 -36.46
CA VAL AC 42 116.20 -47.87 -35.38
C VAL AC 42 115.47 -46.65 -35.91
N PRO AC 43 114.17 -46.75 -36.23
CA PRO AC 43 113.53 -45.61 -36.90
C PRO AC 43 113.68 -44.32 -36.14
N ALA AC 44 113.73 -44.37 -34.81
CA ALA AC 44 113.81 -43.16 -34.02
C ALA AC 44 115.14 -42.44 -34.16
N LEU AC 45 116.13 -43.04 -34.82
CA LEU AC 45 117.47 -42.43 -34.94
C LEU AC 45 117.88 -42.34 -36.39
N GLU AC 46 116.96 -41.92 -37.25
CA GLU AC 46 117.22 -41.80 -38.68
C GLU AC 46 116.75 -40.45 -39.18
N LYS AC 47 117.53 -39.86 -40.07
CA LYS AC 47 117.14 -38.61 -40.70
C LYS AC 47 116.08 -38.91 -41.75
N ARG AC 48 115.00 -38.14 -41.72
CA ARG AC 48 113.83 -38.43 -42.55
C ARG AC 48 113.49 -37.21 -43.40
N VAL AC 49 112.90 -37.50 -44.56
CA VAL AC 49 112.52 -36.50 -45.53
C VAL AC 49 111.13 -36.85 -46.05
N THR AC 50 110.30 -35.84 -46.30
CA THR AC 50 108.97 -36.11 -46.80
C THR AC 50 108.59 -35.07 -47.83
N VAL AC 51 107.98 -35.56 -48.91
CA VAL AC 51 107.55 -34.74 -50.03
C VAL AC 51 106.06 -34.93 -50.24
N SER AC 52 105.32 -33.82 -50.25
CA SER AC 52 103.88 -33.83 -50.38
C SER AC 52 103.48 -32.86 -51.47
N VAL AC 53 102.55 -33.26 -52.33
CA VAL AC 53 102.12 -32.45 -53.46
C VAL AC 53 100.60 -32.44 -53.42
N SER AC 54 100.03 -31.33 -52.94
CA SER AC 54 98.59 -31.21 -52.78
C SER AC 54 98.00 -30.45 -53.96
N GLN AC 55 96.94 -31.00 -54.55
CA GLN AC 55 96.34 -30.45 -55.74
C GLN AC 55 95.20 -29.52 -55.38
N PRO AC 56 94.82 -28.63 -56.29
CA PRO AC 56 93.74 -27.67 -55.98
C PRO AC 56 92.42 -28.38 -55.76
N SER AC 57 91.94 -28.32 -54.53
CA SER AC 57 90.61 -28.82 -54.20
C SER AC 57 89.60 -27.69 -54.30
N ARG AC 58 88.33 -28.05 -54.21
CA ARG AC 58 87.29 -27.03 -54.26
C ARG AC 58 87.38 -26.07 -53.07
N ASN AC 59 88.11 -26.45 -52.02
CA ASN AC 59 88.23 -25.63 -50.82
C ASN AC 59 89.46 -24.72 -50.84
N ARG AC 60 90.44 -25.01 -51.70
CA ARG AC 60 91.69 -24.28 -51.66
C ARG AC 60 92.05 -23.74 -53.05
N LYS AC 61 91.86 -24.56 -54.08
CA LYS AC 61 92.07 -24.12 -55.46
C LYS AC 61 93.47 -23.52 -55.64
N ASN AC 62 94.47 -24.24 -55.18
CA ASN AC 62 95.85 -23.77 -55.27
C ASN AC 62 96.79 -24.94 -55.04
N TYR AC 63 97.79 -25.08 -55.90
CA TYR AC 63 98.74 -26.17 -55.77
C TYR AC 63 99.69 -25.88 -54.62
N LYS AC 64 99.93 -26.87 -53.76
CA LYS AC 64 100.94 -26.73 -52.73
C LYS AC 64 101.95 -27.87 -52.83
N VAL AC 65 103.18 -27.58 -52.43
CA VAL AC 65 104.19 -28.61 -52.26
C VAL AC 65 104.87 -28.38 -50.93
N GLN AC 66 104.79 -29.37 -50.05
CA GLN AC 66 105.40 -29.32 -48.74
C GLN AC 66 106.57 -30.27 -48.70
N VAL AC 67 107.69 -29.80 -48.16
CA VAL AC 67 108.87 -30.63 -47.98
C VAL AC 67 109.29 -30.51 -46.53
N LYS AC 68 109.24 -31.61 -45.80
CA LYS AC 68 109.63 -31.63 -44.39
C LYS AC 68 110.92 -32.41 -44.23
N ILE AC 69 111.78 -31.94 -43.35
CA ILE AC 69 113.05 -32.60 -43.05
C ILE AC 69 113.19 -32.72 -41.55
N GLN AC 70 113.53 -33.92 -41.09
CA GLN AC 70 113.66 -34.21 -39.68
C GLN AC 70 115.04 -34.80 -39.42
N ASN AC 71 115.76 -34.21 -38.47
CA ASN AC 71 117.12 -34.64 -38.14
C ASN AC 71 117.21 -34.94 -36.66
N PRO AC 72 117.31 -36.20 -36.26
CA PRO AC 72 117.32 -36.55 -34.84
C PRO AC 72 118.73 -36.62 -34.28
N THR AC 73 118.82 -36.48 -32.97
CA THR AC 73 120.11 -36.55 -32.31
C THR AC 73 120.29 -37.85 -31.56
N ALA AC 74 121.51 -38.38 -31.63
CA ALA AC 74 121.81 -39.67 -31.01
C ALA AC 74 121.83 -39.57 -29.49
N CYS AC 75 122.77 -38.80 -28.95
CA CYS AC 75 122.83 -38.57 -27.50
C CYS AC 75 122.94 -39.92 -26.80
N THR AC 76 123.83 -40.76 -27.31
CA THR AC 76 123.97 -42.13 -26.84
C THR AC 76 124.67 -42.17 -25.49
N ALA AC 77 124.18 -43.03 -24.60
CA ALA AC 77 124.68 -43.13 -23.24
C ALA AC 77 125.81 -44.13 -23.15
N ASN AC 78 126.61 -44.00 -22.09
CA ASN AC 78 127.69 -44.95 -21.80
C ASN AC 78 127.10 -46.22 -21.19
N GLY AC 79 126.34 -46.94 -22.03
CA GLY AC 79 125.75 -48.21 -21.67
C GLY AC 79 124.25 -48.09 -21.45
N SER AC 80 123.70 -49.11 -20.81
CA SER AC 80 122.39 -49.06 -20.18
C SER AC 80 121.21 -49.06 -21.14
N CYS AC 81 121.43 -48.80 -22.43
CA CYS AC 81 120.49 -49.15 -23.50
C CYS AC 81 121.02 -48.56 -24.80
N ASP AC 82 120.27 -48.76 -25.89
CA ASP AC 82 120.56 -48.08 -27.14
C ASP AC 82 120.37 -46.57 -26.98
N PRO AC 83 120.78 -45.79 -27.98
CA PRO AC 83 120.69 -44.33 -27.84
C PRO AC 83 119.25 -43.86 -27.71
N SER AC 84 119.12 -42.61 -27.30
CA SER AC 84 117.83 -42.00 -27.04
C SER AC 84 117.73 -40.65 -27.71
N VAL AC 85 116.54 -40.37 -28.22
CA VAL AC 85 116.26 -39.07 -28.85
C VAL AC 85 116.27 -37.99 -27.78
N THR AC 86 117.02 -36.92 -28.03
CA THR AC 86 117.02 -35.75 -27.16
C THR AC 86 116.74 -34.46 -27.88
N ARG AC 87 117.11 -34.35 -29.15
CA ARG AC 87 117.01 -33.12 -29.90
C ARG AC 87 116.56 -33.45 -31.31
N GLN AC 88 115.72 -32.59 -31.87
CA GLN AC 88 115.08 -32.85 -33.16
C GLN AC 88 115.09 -31.57 -33.97
N ALA AC 89 115.90 -31.54 -35.03
CA ALA AC 89 115.91 -30.40 -35.93
C ALA AC 89 114.81 -30.58 -36.97
N TYR AC 90 113.88 -29.63 -36.99
CA TYR AC 90 112.80 -29.60 -37.96
C TYR AC 90 113.09 -28.55 -39.03
N ALA AC 91 112.69 -28.86 -40.25
CA ALA AC 91 112.67 -27.89 -41.33
C ALA AC 91 111.46 -28.17 -42.20
N ASP AC 92 110.79 -27.12 -42.67
CA ASP AC 92 109.59 -27.33 -43.48
C ASP AC 92 109.45 -26.20 -44.50
N VAL AC 93 109.48 -26.57 -45.76
CA VAL AC 93 109.27 -25.64 -46.87
C VAL AC 93 107.89 -25.86 -47.43
N THR AC 94 107.28 -24.78 -47.92
CA THR AC 94 105.89 -24.82 -48.39
C THR AC 94 105.76 -23.89 -49.59
N PHE AC 95 105.84 -24.45 -50.78
CA PHE AC 95 105.55 -23.70 -51.99
C PHE AC 95 104.06 -23.64 -52.23
N SER AC 96 103.58 -22.43 -52.55
CA SER AC 96 102.19 -22.20 -52.92
C SER AC 96 102.17 -21.65 -54.33
N PHE AC 97 101.47 -22.33 -55.23
CA PHE AC 97 101.49 -22.05 -56.64
C PHE AC 97 100.03 -21.93 -57.07
N THR AC 98 99.76 -21.04 -58.01
CA THR AC 98 98.37 -20.92 -58.44
C THR AC 98 98.17 -21.57 -59.80
N GLN AC 99 96.91 -21.57 -60.23
CA GLN AC 99 96.47 -22.57 -61.17
C GLN AC 99 97.06 -22.33 -62.54
N TYR AC 100 97.32 -21.08 -62.91
CA TYR AC 100 97.92 -20.73 -64.19
C TYR AC 100 99.43 -20.56 -64.10
N SER AC 101 100.06 -21.19 -63.11
CA SER AC 101 101.48 -20.99 -62.90
C SER AC 101 102.29 -21.51 -64.08
N THR AC 102 103.55 -21.13 -64.11
CA THR AC 102 104.49 -21.53 -65.14
C THR AC 102 105.66 -22.23 -64.49
N ASP AC 103 106.02 -23.38 -65.07
CA ASP AC 103 107.22 -24.07 -64.63
C ASP AC 103 108.40 -23.11 -64.56
N GLU AC 104 108.45 -22.17 -65.50
CA GLU AC 104 109.49 -21.16 -65.48
C GLU AC 104 109.58 -20.52 -64.11
N GLU AC 105 108.50 -19.87 -63.69
CA GLU AC 105 108.55 -19.11 -62.45
C GLU AC 105 108.68 -20.04 -61.24
N ARG AC 106 108.15 -21.26 -61.36
CA ARG AC 106 108.30 -22.22 -60.27
C ARG AC 106 109.78 -22.52 -60.03
N ALA AC 107 110.50 -22.86 -61.10
CA ALA AC 107 111.94 -23.08 -60.99
C ALA AC 107 112.63 -21.83 -60.48
N PHE AC 108 112.15 -20.68 -60.94
CA PHE AC 108 112.70 -19.42 -60.50
C PHE AC 108 112.70 -19.35 -58.98
N VAL AC 109 111.54 -19.61 -58.38
CA VAL AC 109 111.41 -19.56 -56.93
C VAL AC 109 112.26 -20.64 -56.29
N ARG AC 110 112.24 -21.83 -56.87
CA ARG AC 110 113.15 -22.89 -56.44
C ARG AC 110 114.53 -22.36 -56.17
N THR AC 111 115.20 -21.93 -57.24
CA THR AC 111 116.61 -21.63 -57.10
C THR AC 111 116.81 -20.34 -56.34
N GLU AC 112 115.80 -19.47 -56.31
CA GLU AC 112 115.84 -18.35 -55.38
C GLU AC 112 116.05 -18.88 -53.98
N LEU AC 113 115.19 -19.81 -53.57
CA LEU AC 113 115.26 -20.34 -52.23
C LEU AC 113 116.61 -20.99 -51.98
N ALA AC 114 117.08 -21.77 -52.94
CA ALA AC 114 118.36 -22.45 -52.75
C ALA AC 114 119.49 -21.43 -52.56
N ALA AC 115 119.54 -20.43 -53.42
CA ALA AC 115 120.59 -19.44 -53.34
C ALA AC 115 120.51 -18.70 -52.02
N LEU AC 116 119.31 -18.38 -51.56
CA LEU AC 116 119.19 -17.76 -50.25
C LEU AC 116 119.74 -18.67 -49.16
N LEU AC 117 119.40 -19.96 -49.23
CA LEU AC 117 119.93 -20.88 -48.25
C LEU AC 117 121.44 -20.89 -48.24
N ALA AC 118 122.07 -20.57 -49.37
CA ALA AC 118 123.52 -20.52 -49.46
C ALA AC 118 124.14 -19.18 -49.09
N SER AC 119 123.41 -18.07 -49.27
CA SER AC 119 124.02 -16.76 -49.15
C SER AC 119 124.39 -16.46 -47.70
N PRO AC 120 125.32 -15.53 -47.47
CA PRO AC 120 125.79 -15.29 -46.10
C PRO AC 120 124.68 -14.91 -45.13
N LEU AC 121 123.66 -14.19 -45.59
CA LEU AC 121 122.61 -13.76 -44.70
C LEU AC 121 122.06 -14.93 -43.91
N LEU AC 122 121.38 -15.83 -44.60
CA LEU AC 122 120.71 -16.90 -43.90
C LEU AC 122 121.72 -17.81 -43.22
N ILE AC 123 122.95 -17.85 -43.74
CA ILE AC 123 123.99 -18.63 -43.09
C ILE AC 123 124.10 -18.23 -41.64
N ASP AC 124 124.23 -16.93 -41.39
CA ASP AC 124 124.43 -16.46 -40.04
C ASP AC 124 123.12 -16.33 -39.30
N ALA AC 125 122.02 -16.17 -40.02
CA ALA AC 125 120.71 -16.13 -39.38
C ALA AC 125 120.34 -17.48 -38.78
N ILE AC 126 120.76 -18.57 -39.42
CA ILE AC 126 120.42 -19.91 -38.96
C ILE AC 126 121.55 -20.46 -38.11
N ASP AC 127 122.71 -20.63 -38.73
CA ASP AC 127 123.83 -21.26 -38.05
C ASP AC 127 124.11 -20.56 -36.72
N GLN AC 128 124.28 -19.24 -36.78
CA GLN AC 128 124.55 -18.47 -35.59
C GLN AC 128 123.30 -17.97 -34.90
N LEU AC 129 122.13 -18.17 -35.49
CA LEU AC 129 120.88 -17.69 -34.91
C LEU AC 129 120.93 -16.18 -34.68
N ASN AC 130 121.65 -15.50 -35.56
CA ASN AC 130 121.76 -14.05 -35.47
C ASN AC 130 120.51 -13.41 -36.04
N PRO AC 131 119.74 -12.65 -35.27
CA PRO AC 131 118.62 -11.93 -35.87
C PRO AC 131 119.13 -11.03 -36.98
N ALA AC 132 118.39 -11.01 -38.08
CA ALA AC 132 118.84 -10.26 -39.25
C ALA AC 132 118.96 -8.78 -38.90
N TYR AC 133 120.19 -8.29 -38.85
CA TYR AC 133 120.44 -6.88 -38.65
C TYR AC 133 121.90 -6.54 -38.83
N ALA BC 2 97.51 -52.04 -59.71
CA ALA BC 2 97.83 -51.12 -60.84
C ALA BC 2 98.78 -50.03 -60.37
N LYS BC 3 100.06 -50.35 -60.32
CA LYS BC 3 101.04 -49.36 -59.92
C LYS BC 3 101.06 -48.22 -60.93
N LEU BC 4 101.09 -46.99 -60.43
CA LEU BC 4 101.17 -45.84 -61.32
C LEU BC 4 102.60 -45.68 -61.82
N GLU BC 5 102.73 -45.44 -63.12
CA GLU BC 5 103.98 -45.05 -63.73
C GLU BC 5 103.67 -44.18 -64.91
N THR BC 6 104.72 -43.65 -65.53
CA THR BC 6 104.54 -42.81 -66.71
C THR BC 6 103.83 -43.61 -67.79
N VAL BC 7 102.71 -43.09 -68.24
CA VAL BC 7 101.97 -43.68 -69.35
C VAL BC 7 102.45 -43.05 -70.64
N THR BC 8 102.96 -43.88 -71.53
CA THR BC 8 103.44 -43.46 -72.84
C THR BC 8 102.45 -43.96 -73.88
N LEU BC 9 101.67 -43.05 -74.43
CA LEU BC 9 100.61 -43.37 -75.34
C LEU BC 9 101.03 -43.00 -76.75
N GLY BC 10 101.21 -44.00 -77.61
CA GLY BC 10 101.68 -43.79 -78.97
C GLY BC 10 100.62 -44.12 -80.01
N ASN BC 11 100.89 -43.66 -81.23
CA ASN BC 11 99.99 -43.87 -82.37
C ASN BC 11 98.62 -43.25 -82.10
N ILE BC 12 98.63 -41.94 -81.91
CA ILE BC 12 97.48 -41.18 -81.44
C ILE BC 12 97.15 -40.13 -82.48
N GLY BC 13 95.89 -39.72 -82.50
CA GLY BC 13 95.44 -38.61 -83.32
C GLY BC 13 94.75 -39.05 -84.58
N LYS BC 14 94.42 -38.07 -85.42
CA LYS BC 14 93.74 -38.38 -86.67
C LYS BC 14 94.59 -39.28 -87.53
N ASP BC 15 95.86 -38.96 -87.67
CA ASP BC 15 96.80 -39.74 -88.46
C ASP BC 15 97.54 -40.79 -87.63
N GLY BC 16 97.30 -40.84 -86.33
CA GLY BC 16 97.95 -41.83 -85.49
C GLY BC 16 99.44 -41.66 -85.43
N LYS BC 17 99.91 -40.45 -85.15
CA LYS BC 17 101.34 -40.17 -85.14
C LYS BC 17 101.82 -39.36 -83.95
N GLN BC 18 100.94 -38.78 -83.14
CA GLN BC 18 101.40 -38.02 -81.99
C GLN BC 18 101.66 -38.95 -80.82
N THR BC 19 102.05 -38.38 -79.69
CA THR BC 19 102.29 -39.17 -78.50
C THR BC 19 101.94 -38.35 -77.27
N LEU BC 20 101.54 -39.05 -76.21
CA LEU BC 20 101.13 -38.43 -74.97
C LEU BC 20 101.90 -39.06 -73.81
N VAL BC 21 102.49 -38.23 -72.98
CA VAL BC 21 103.27 -38.69 -71.84
C VAL BC 21 102.57 -38.19 -70.59
N LEU BC 22 101.89 -39.10 -69.89
CA LEU BC 22 101.13 -38.74 -68.70
C LEU BC 22 101.87 -39.20 -67.46
N ASN BC 23 102.03 -38.35 -66.58
CA ASN BC 23 102.74 -38.72 -65.36
C ASN BC 23 101.77 -38.77 -64.18
N PRO BC 24 102.04 -39.62 -63.20
CA PRO BC 24 101.08 -39.81 -62.12
C PRO BC 24 100.89 -38.54 -61.31
N ARG BC 25 99.70 -38.39 -60.75
CA ARG BC 25 99.36 -37.31 -59.85
C ARG BC 25 98.95 -37.83 -58.48
N GLY BC 26 99.22 -39.09 -58.18
CA GLY BC 26 98.80 -39.68 -56.92
C GLY BC 26 97.33 -40.09 -56.94
N VAL BC 27 96.78 -40.21 -55.74
CA VAL BC 27 95.38 -40.53 -55.55
C VAL BC 27 94.78 -39.62 -54.48
N ASN BC 28 93.57 -39.17 -54.74
CA ASN BC 28 92.81 -38.49 -53.71
C ASN BC 28 92.62 -39.44 -52.53
N PRO BC 29 93.00 -39.05 -51.31
CA PRO BC 29 92.71 -39.90 -50.17
C PRO BC 29 91.24 -40.02 -49.86
N THR BC 30 90.42 -39.11 -50.36
CA THR BC 30 89.00 -39.12 -50.05
C THR BC 30 88.21 -39.91 -51.08
N ASN BC 31 88.23 -39.45 -52.33
CA ASN BC 31 87.49 -40.11 -53.38
C ASN BC 31 88.22 -41.37 -53.85
N GLY BC 32 89.48 -41.53 -53.48
CA GLY BC 32 90.19 -42.74 -53.80
C GLY BC 32 90.30 -42.95 -55.29
N VAL BC 33 90.72 -41.92 -56.00
CA VAL BC 33 90.83 -41.94 -57.45
C VAL BC 33 92.22 -41.50 -57.85
N ALA BC 34 92.86 -42.26 -58.74
CA ALA BC 34 94.18 -41.93 -59.22
C ALA BC 34 94.10 -40.97 -60.40
N SER BC 35 95.15 -40.16 -60.56
CA SER BC 35 95.17 -39.13 -61.58
C SER BC 35 96.51 -39.11 -62.30
N LEU BC 36 96.46 -38.82 -63.59
CA LEU BC 36 97.63 -38.68 -64.43
C LEU BC 36 97.49 -37.39 -65.23
N SER BC 37 98.63 -36.80 -65.60
CA SER BC 37 98.59 -35.57 -66.37
C SER BC 37 99.76 -35.51 -67.33
N GLN BC 38 99.54 -34.80 -68.43
CA GLN BC 38 100.62 -34.53 -69.37
C GLN BC 38 101.59 -33.52 -68.77
N ALA BC 39 102.86 -33.65 -69.11
CA ALA BC 39 103.86 -32.72 -68.62
C ALA BC 39 103.81 -31.42 -69.43
N GLY BC 40 103.57 -30.31 -68.74
CA GLY BC 40 103.48 -29.03 -69.41
C GLY BC 40 103.90 -27.94 -68.46
N ALA BC 41 103.94 -26.72 -68.98
CA ALA BC 41 104.38 -25.58 -68.19
C ALA BC 41 103.24 -24.99 -67.36
N VAL BC 42 102.08 -24.80 -67.98
CA VAL BC 42 100.92 -24.23 -67.30
C VAL BC 42 100.06 -25.38 -66.82
N PRO BC 43 99.94 -25.62 -65.51
CA PRO BC 43 99.17 -26.76 -65.06
C PRO BC 43 97.68 -26.71 -65.37
N ALA BC 44 97.17 -25.59 -65.88
CA ALA BC 44 95.77 -25.50 -66.25
C ALA BC 44 95.52 -26.11 -67.62
N LEU BC 45 96.56 -26.32 -68.40
CA LEU BC 45 96.42 -26.79 -69.77
C LEU BC 45 97.04 -28.16 -69.96
N GLU BC 46 97.14 -28.95 -68.91
CA GLU BC 46 97.65 -30.31 -69.02
C GLU BC 46 96.49 -31.25 -69.23
N LYS BC 47 96.66 -32.17 -70.16
CA LYS BC 47 95.67 -33.20 -70.41
C LYS BC 47 95.66 -34.16 -69.23
N ARG BC 48 94.52 -34.29 -68.58
CA ARG BC 48 94.40 -35.07 -67.36
C ARG BC 48 93.61 -36.34 -67.62
N VAL BC 49 93.84 -37.32 -66.75
CA VAL BC 49 93.24 -38.63 -66.91
C VAL BC 49 92.99 -39.23 -65.53
N THR BC 50 91.73 -39.51 -65.23
CA THR BC 50 91.35 -40.05 -63.93
C THR BC 50 91.03 -41.54 -64.07
N VAL BC 51 91.26 -42.27 -62.98
CA VAL BC 51 90.96 -43.69 -62.94
C VAL BC 51 90.49 -44.03 -61.54
N SER BC 52 89.33 -44.67 -61.44
CA SER BC 52 88.79 -45.07 -60.15
C SER BC 52 88.30 -46.50 -60.22
N VAL BC 53 88.50 -47.22 -59.13
CA VAL BC 53 88.03 -48.59 -59.02
C VAL BC 53 87.29 -48.73 -57.70
N SER BC 54 86.00 -48.45 -57.69
CA SER BC 54 85.25 -48.53 -56.45
C SER BC 54 85.12 -49.98 -56.00
N GLN BC 55 84.99 -50.18 -54.72
CA GLN BC 55 84.80 -51.52 -54.21
C GLN BC 55 83.32 -51.79 -54.01
N PRO BC 56 82.94 -53.06 -53.81
CA PRO BC 56 81.52 -53.41 -53.82
C PRO BC 56 80.78 -52.76 -52.68
N SER BC 57 79.53 -52.38 -52.96
CA SER BC 57 78.65 -51.81 -51.96
C SER BC 57 77.91 -52.91 -51.22
N ARG BC 58 76.86 -52.55 -50.49
CA ARG BC 58 76.03 -53.48 -49.76
C ARG BC 58 74.88 -53.97 -50.64
N ASN BC 59 74.57 -55.27 -50.52
CA ASN BC 59 73.35 -55.87 -51.04
C ASN BC 59 73.31 -55.97 -52.56
N ARG BC 60 74.26 -55.30 -53.23
CA ARG BC 60 74.36 -55.37 -54.68
C ARG BC 60 75.77 -55.64 -55.15
N LYS BC 61 76.74 -54.99 -54.50
CA LYS BC 61 78.18 -55.19 -54.65
C LYS BC 61 78.75 -54.66 -55.96
N ASN BC 62 77.96 -54.60 -57.04
CA ASN BC 62 78.22 -53.71 -58.18
C ASN BC 62 79.67 -53.28 -58.44
N TYR BC 63 80.63 -54.18 -58.68
CA TYR BC 63 81.98 -53.69 -58.98
C TYR BC 63 81.91 -52.61 -60.05
N LYS BC 64 82.55 -51.49 -59.80
CA LYS BC 64 82.46 -50.32 -60.66
C LYS BC 64 83.84 -49.72 -60.87
N VAL BC 65 84.11 -49.35 -62.12
CA VAL BC 65 85.34 -48.66 -62.50
C VAL BC 65 84.96 -47.50 -63.40
N GLN BC 66 85.70 -46.40 -63.30
CA GLN BC 66 85.49 -45.28 -64.21
C GLN BC 66 86.82 -44.70 -64.65
N VAL BC 67 86.81 -44.09 -65.83
CA VAL BC 67 87.94 -43.35 -66.36
C VAL BC 67 87.44 -42.05 -66.93
N LYS BC 68 88.01 -40.94 -66.46
CA LYS BC 68 87.66 -39.61 -66.95
C LYS BC 68 88.87 -39.04 -67.66
N ILE BC 69 88.68 -38.66 -68.93
CA ILE BC 69 89.71 -38.05 -69.75
C ILE BC 69 89.34 -36.61 -69.99
N GLN BC 70 90.26 -35.71 -69.68
CA GLN BC 70 90.02 -34.27 -69.75
C GLN BC 70 91.03 -33.66 -70.70
N ASN BC 71 90.55 -32.89 -71.67
CA ASN BC 71 91.42 -32.22 -72.63
C ASN BC 71 91.03 -30.77 -72.76
N PRO BC 72 91.74 -29.85 -72.14
CA PRO BC 72 91.43 -28.43 -72.32
C PRO BC 72 92.23 -27.81 -73.46
N THR BC 73 91.83 -26.59 -73.80
CA THR BC 73 92.48 -25.81 -74.85
C THR BC 73 92.16 -24.35 -74.60
N ALA BC 74 93.19 -23.52 -74.45
CA ALA BC 74 93.01 -22.11 -74.17
C ALA BC 74 93.20 -21.29 -75.44
N CYS BC 75 92.90 -20.00 -75.32
CA CYS BC 75 93.09 -19.07 -76.44
C CYS BC 75 93.46 -17.72 -75.82
N THR BC 76 94.75 -17.38 -75.88
CA THR BC 76 95.22 -16.15 -75.27
C THR BC 76 94.50 -14.95 -75.88
N ALA BC 77 93.66 -14.30 -75.09
CA ALA BC 77 92.94 -13.12 -75.55
C ALA BC 77 93.88 -11.93 -75.67
N ASN BC 78 93.52 -11.01 -76.55
CA ASN BC 78 94.31 -9.81 -76.73
C ASN BC 78 94.23 -8.93 -75.49
N GLY BC 79 95.39 -8.59 -74.93
CA GLY BC 79 95.45 -7.83 -73.69
C GLY BC 79 95.40 -8.68 -72.44
N SER BC 80 95.13 -9.98 -72.56
CA SER BC 80 95.09 -10.88 -71.42
C SER BC 80 96.41 -11.62 -71.33
N CYS BC 81 97.06 -11.55 -70.18
CA CYS BC 81 98.35 -12.17 -69.97
C CYS BC 81 98.23 -13.53 -69.30
N ASP BC 82 97.16 -14.25 -69.58
CA ASP BC 82 96.93 -15.57 -69.02
C ASP BC 82 96.11 -16.38 -70.02
N PRO BC 83 96.65 -17.46 -70.57
CA PRO BC 83 95.87 -18.23 -71.55
C PRO BC 83 94.71 -18.99 -70.90
N SER BC 84 93.61 -18.28 -70.67
CA SER BC 84 92.47 -18.89 -69.99
C SER BC 84 91.89 -20.04 -70.80
N VAL BC 85 91.47 -21.09 -70.10
CA VAL BC 85 90.91 -22.26 -70.77
C VAL BC 85 89.57 -21.87 -71.37
N THR BC 86 89.45 -22.03 -72.68
CA THR BC 86 88.26 -21.63 -73.40
C THR BC 86 87.53 -22.78 -74.05
N ARG BC 87 88.12 -23.97 -74.05
CA ARG BC 87 87.50 -25.14 -74.63
C ARG BC 87 87.92 -26.36 -73.83
N GLN BC 88 87.04 -27.34 -73.74
CA GLN BC 88 87.30 -28.50 -72.91
C GLN BC 88 86.50 -29.69 -73.41
N ALA BC 89 87.19 -30.80 -73.65
CA ALA BC 89 86.58 -32.03 -74.11
C ALA BC 89 86.64 -33.06 -73.00
N TYR BC 90 85.54 -33.79 -72.83
CA TYR BC 90 85.40 -34.76 -71.75
C TYR BC 90 85.17 -36.14 -72.34
N ALA BC 91 85.78 -37.15 -71.72
CA ALA BC 91 85.55 -38.54 -72.09
C ALA BC 91 85.30 -39.33 -70.83
N ASP BC 92 84.10 -39.88 -70.69
CA ASP BC 92 83.69 -40.55 -69.46
C ASP BC 92 83.39 -42.00 -69.77
N VAL BC 93 84.15 -42.90 -69.17
CA VAL BC 93 83.95 -44.34 -69.31
C VAL BC 93 83.60 -44.90 -67.93
N THR BC 94 82.61 -45.78 -67.89
CA THR BC 94 82.24 -46.42 -66.64
C THR BC 94 81.86 -47.87 -66.91
N PHE BC 95 82.64 -48.79 -66.35
CA PHE BC 95 82.39 -50.22 -66.40
C PHE BC 95 81.72 -50.67 -65.12
N SER BC 96 80.75 -51.56 -65.25
CA SER BC 96 80.11 -52.20 -64.10
C SER BC 96 80.11 -53.69 -64.33
N PHE BC 97 80.58 -54.44 -63.34
CA PHE BC 97 80.55 -55.88 -63.40
C PHE BC 97 80.00 -56.45 -62.10
N THR BC 98 79.68 -57.74 -62.18
CA THR BC 98 79.12 -58.48 -61.07
C THR BC 98 80.22 -58.92 -60.11
N GLN BC 99 79.82 -59.12 -58.86
CA GLN BC 99 80.73 -59.72 -57.91
C GLN BC 99 81.17 -61.09 -58.37
N TYR BC 100 80.41 -61.73 -59.24
CA TYR BC 100 80.75 -63.03 -59.79
C TYR BC 100 81.44 -62.93 -61.13
N SER BC 101 81.61 -61.73 -61.66
CA SER BC 101 82.18 -61.57 -62.98
C SER BC 101 83.57 -62.18 -63.03
N THR BC 102 84.08 -62.33 -64.24
CA THR BC 102 85.34 -63.02 -64.47
C THR BC 102 86.28 -62.19 -65.32
N ASP BC 103 87.56 -62.29 -64.97
CA ASP BC 103 88.63 -61.78 -65.81
C ASP BC 103 88.31 -61.96 -67.29
N GLU BC 104 87.86 -63.15 -67.67
CA GLU BC 104 87.55 -63.42 -69.07
C GLU BC 104 86.69 -62.30 -69.66
N GLU BC 105 85.49 -62.14 -69.12
CA GLU BC 105 84.55 -61.17 -69.68
C GLU BC 105 85.08 -59.77 -69.51
N ARG BC 106 85.76 -59.48 -68.41
CA ARG BC 106 86.25 -58.12 -68.23
C ARG BC 106 87.21 -57.77 -69.35
N ALA BC 107 88.17 -58.65 -69.63
CA ALA BC 107 89.09 -58.40 -70.72
C ALA BC 107 88.35 -58.33 -72.05
N PHE BC 108 87.37 -59.21 -72.24
CA PHE BC 108 86.62 -59.19 -73.48
C PHE BC 108 85.98 -57.84 -73.71
N VAL BC 109 85.27 -57.33 -72.70
CA VAL BC 109 84.58 -56.06 -72.88
C VAL BC 109 85.59 -54.95 -73.09
N ARG BC 110 86.69 -54.96 -72.35
CA ARG BC 110 87.67 -53.90 -72.51
C ARG BC 110 88.16 -53.85 -73.95
N THR BC 111 88.64 -54.99 -74.44
CA THR BC 111 89.16 -54.99 -75.80
C THR BC 111 88.05 -54.69 -76.79
N GLU BC 112 86.80 -55.00 -76.45
CA GLU BC 112 85.74 -54.80 -77.43
C GLU BC 112 85.44 -53.32 -77.55
N LEU BC 113 85.39 -52.60 -76.43
CA LEU BC 113 85.31 -51.15 -76.50
C LEU BC 113 86.50 -50.59 -77.26
N ALA BC 114 87.68 -51.13 -77.01
CA ALA BC 114 88.85 -50.61 -77.73
C ALA BC 114 88.68 -50.75 -79.23
N ALA BC 115 88.32 -51.94 -79.67
CA ALA BC 115 88.19 -52.18 -81.09
C ALA BC 115 87.06 -51.36 -81.69
N LEU BC 116 85.94 -51.23 -80.98
CA LEU BC 116 84.86 -50.43 -81.54
C LEU BC 116 85.28 -48.98 -81.63
N LEU BC 117 86.00 -48.50 -80.62
CA LEU BC 117 86.55 -47.17 -80.63
C LEU BC 117 87.45 -46.93 -81.82
N ALA BC 118 88.17 -47.96 -82.25
CA ALA BC 118 89.00 -47.86 -83.45
C ALA BC 118 88.23 -48.07 -84.74
N SER BC 119 87.09 -48.73 -84.69
CA SER BC 119 86.40 -49.13 -85.90
C SER BC 119 85.78 -47.93 -86.59
N PRO BC 120 85.43 -48.07 -87.88
CA PRO BC 120 84.91 -46.93 -88.63
C PRO BC 120 83.67 -46.31 -88.01
N LEU BC 121 82.85 -47.09 -87.34
CA LEU BC 121 81.60 -46.56 -86.80
C LEU BC 121 81.84 -45.42 -85.85
N LEU BC 122 82.45 -45.69 -84.70
CA LEU BC 122 82.63 -44.61 -83.76
C LEU BC 122 83.53 -43.53 -84.32
N ILE BC 123 84.41 -43.87 -85.26
CA ILE BC 123 85.24 -42.82 -85.86
C ILE BC 123 84.35 -41.77 -86.49
N ASP BC 124 83.40 -42.20 -87.31
CA ASP BC 124 82.53 -41.24 -87.95
C ASP BC 124 81.50 -40.67 -86.99
N ALA BC 125 81.16 -41.40 -85.93
CA ALA BC 125 80.19 -40.90 -84.96
C ALA BC 125 80.78 -39.87 -84.02
N ILE BC 126 82.09 -39.94 -83.80
CA ILE BC 126 82.79 -39.09 -82.85
C ILE BC 126 83.51 -37.96 -83.58
N ASP BC 127 84.49 -38.32 -84.40
CA ASP BC 127 85.32 -37.30 -85.03
C ASP BC 127 84.48 -36.32 -85.83
N GLN BC 128 83.43 -36.81 -86.48
CA GLN BC 128 82.60 -35.94 -87.30
C GLN BC 128 81.20 -35.76 -86.75
N LEU BC 129 80.91 -36.28 -85.56
CA LEU BC 129 79.59 -36.10 -84.94
C LEU BC 129 78.49 -36.53 -85.90
N ASN BC 130 78.53 -37.80 -86.31
CA ASN BC 130 77.55 -38.31 -87.25
C ASN BC 130 76.61 -39.27 -86.54
N PRO BC 131 75.35 -38.92 -86.34
CA PRO BC 131 74.39 -39.93 -85.88
C PRO BC 131 74.46 -41.16 -86.75
N ALA BC 132 74.60 -42.30 -86.10
CA ALA BC 132 74.69 -43.56 -86.82
C ALA BC 132 73.30 -43.96 -87.27
N TYR BC 133 73.19 -44.30 -88.55
CA TYR BC 133 71.91 -44.70 -89.11
C TYR BC 133 72.08 -45.39 -90.46
N ALA CC 2 49.29 -6.18 -121.95
CA ALA CC 2 48.43 -4.98 -121.79
C ALA CC 2 49.27 -3.79 -121.38
N LYS CC 3 50.22 -3.41 -122.23
CA LYS CC 3 51.02 -2.22 -121.97
C LYS CC 3 50.13 -0.98 -121.91
N LEU CC 4 50.49 -0.06 -121.03
CA LEU CC 4 49.75 1.18 -120.87
C LEU CC 4 50.43 2.26 -121.70
N GLU CC 5 49.64 2.98 -122.49
CA GLU CC 5 50.17 4.02 -123.36
C GLU CC 5 49.02 4.94 -123.77
N THR CC 6 49.28 5.80 -124.74
CA THR CC 6 48.27 6.70 -125.25
C THR CC 6 47.33 5.94 -126.18
N VAL CC 7 46.03 6.15 -126.00
CA VAL CC 7 45.01 5.53 -126.85
C VAL CC 7 44.22 6.63 -127.53
N THR CC 8 44.07 6.52 -128.85
CA THR CC 8 43.44 7.53 -129.67
C THR CC 8 42.13 6.98 -130.20
N LEU CC 9 41.05 7.20 -129.47
CA LEU CC 9 39.74 6.77 -129.92
C LEU CC 9 39.25 7.74 -130.99
N GLY CC 10 39.19 7.28 -132.23
CA GLY CC 10 38.67 8.10 -133.31
C GLY CC 10 37.26 7.70 -133.70
N ASN CC 11 36.57 8.57 -134.42
CA ASN CC 11 35.23 8.26 -134.90
C ASN CC 11 34.27 8.00 -133.74
N ILE CC 12 34.07 9.05 -132.95
CA ILE CC 12 33.30 8.99 -131.71
C ILE CC 12 32.08 9.87 -131.83
N GLY CC 13 31.03 9.53 -131.08
CA GLY CC 13 29.86 10.38 -130.98
C GLY CC 13 28.75 9.98 -131.94
N LYS CC 14 27.76 10.87 -132.06
CA LYS CC 14 26.63 10.57 -132.92
C LYS CC 14 27.03 10.53 -134.37
N ASP CC 15 27.73 11.55 -134.82
CA ASP CC 15 28.24 11.57 -136.18
C ASP CC 15 29.52 10.78 -136.31
N GLY CC 16 30.09 10.32 -135.20
CA GLY CC 16 31.36 9.62 -135.27
C GLY CC 16 32.45 10.50 -135.83
N LYS CC 17 32.56 11.72 -135.30
CA LYS CC 17 33.51 12.70 -135.81
C LYS CC 17 34.55 13.16 -134.80
N GLN CC 18 34.27 13.13 -133.51
CA GLN CC 18 35.23 13.65 -132.56
C GLN CC 18 36.28 12.60 -132.23
N THR CC 19 37.24 12.98 -131.40
CA THR CC 19 38.34 12.10 -131.04
C THR CC 19 38.69 12.29 -129.59
N LEU CC 20 39.17 11.22 -128.97
CA LEU CC 20 39.49 11.22 -127.55
C LEU CC 20 40.87 10.63 -127.36
N VAL CC 21 41.78 11.43 -126.79
CA VAL CC 21 43.16 11.02 -126.57
C VAL CC 21 43.32 10.74 -125.08
N LEU CC 22 43.59 9.50 -124.75
CA LEU CC 22 43.65 9.04 -123.37
C LEU CC 22 45.09 8.70 -123.02
N ASN CC 23 45.64 9.41 -122.12
CA ASN CC 23 46.97 9.11 -121.64
C ASN CC 23 46.89 8.31 -120.35
N PRO CC 24 47.90 7.50 -120.09
CA PRO CC 24 47.88 6.62 -118.92
C PRO CC 24 48.25 7.37 -117.64
N ARG CC 25 47.98 6.70 -116.52
CA ARG CC 25 48.27 7.24 -115.21
C ARG CC 25 48.90 6.14 -114.38
N GLY CC 26 48.93 6.30 -113.07
CA GLY CC 26 49.46 5.28 -112.17
C GLY CC 26 48.39 4.23 -111.88
N VAL CC 27 48.80 2.97 -111.81
CA VAL CC 27 47.85 1.89 -111.57
C VAL CC 27 47.70 1.68 -110.07
N ASN CC 28 46.47 1.76 -109.60
CA ASN CC 28 46.19 1.66 -108.17
C ASN CC 28 46.74 0.38 -107.57
N PRO CC 29 47.79 0.45 -106.75
CA PRO CC 29 48.28 -0.76 -106.10
C PRO CC 29 47.28 -1.36 -105.14
N THR CC 30 46.39 -0.55 -104.56
CA THR CC 30 45.46 -1.09 -103.57
C THR CC 30 44.63 -2.22 -104.15
N ASN CC 31 44.33 -2.16 -105.44
CA ASN CC 31 43.50 -3.19 -106.06
C ASN CC 31 43.99 -3.57 -107.45
N GLY CC 32 45.11 -3.03 -107.92
CA GLY CC 32 45.59 -3.37 -109.23
C GLY CC 32 44.64 -2.95 -110.32
N VAL CC 33 44.53 -1.64 -110.56
CA VAL CC 33 43.66 -1.10 -111.60
C VAL CC 33 44.42 -0.04 -112.37
N ALA CC 34 44.51 -0.19 -113.68
CA ALA CC 34 45.11 0.81 -114.53
C ALA CC 34 44.08 1.87 -114.88
N SER CC 35 44.56 3.08 -115.15
CA SER CC 35 43.67 4.20 -115.40
C SER CC 35 44.20 5.06 -116.53
N LEU CC 36 43.29 5.49 -117.40
CA LEU CC 36 43.56 6.44 -118.46
C LEU CC 36 42.67 7.65 -118.29
N SER CC 37 43.17 8.80 -118.73
CA SER CC 37 42.41 10.03 -118.61
C SER CC 37 42.69 10.90 -119.83
N GLN CC 38 41.78 11.83 -120.10
CA GLN CC 38 41.88 12.67 -121.27
C GLN CC 38 43.23 13.38 -121.33
N ALA CC 39 43.63 13.80 -122.53
CA ALA CC 39 44.88 14.52 -122.72
C ALA CC 39 45.12 15.56 -121.64
N GLY CC 40 44.07 16.18 -121.13
CA GLY CC 40 44.20 17.18 -120.09
C GLY CC 40 43.82 18.56 -120.59
N ALA CC 41 44.13 19.57 -119.78
CA ALA CC 41 44.83 19.41 -118.50
C ALA CC 41 43.88 18.99 -117.38
N VAL CC 42 42.96 19.89 -117.01
CA VAL CC 42 41.98 19.54 -115.99
C VAL CC 42 41.15 18.35 -116.43
N PRO CC 43 40.73 18.23 -117.69
CA PRO CC 43 40.01 17.01 -118.11
C PRO CC 43 40.69 15.72 -117.65
N ALA CC 44 41.98 15.77 -117.34
CA ALA CC 44 42.66 14.59 -116.79
C ALA CC 44 42.12 14.22 -115.41
N LEU CC 45 41.69 15.21 -114.64
CA LEU CC 45 41.08 14.99 -113.34
C LEU CC 45 39.56 14.99 -113.42
N GLU CC 46 38.98 14.77 -114.60
CA GLU CC 46 37.54 14.63 -114.74
C GLU CC 46 37.15 13.37 -115.54
N LYS CC 47 37.76 13.16 -116.70
CA LYS CC 47 37.45 12.00 -117.52
C LYS CC 47 38.30 10.81 -117.10
N ARG CC 48 37.67 9.66 -116.86
CA ARG CC 48 38.42 8.50 -116.42
C ARG CC 48 37.96 7.24 -117.16
N VAL CC 49 38.92 6.33 -117.36
CA VAL CC 49 38.67 5.03 -117.96
C VAL CC 49 39.59 4.04 -117.25
N THR CC 50 39.02 3.16 -116.44
CA THR CC 50 39.80 2.27 -115.60
C THR CC 50 39.62 0.83 -116.03
N VAL CC 51 40.68 0.04 -115.90
CA VAL CC 51 40.68 -1.36 -116.32
C VAL CC 51 41.29 -2.20 -115.20
N SER CC 52 40.64 -3.31 -114.88
CA SER CC 52 41.09 -4.19 -113.81
C SER CC 52 40.96 -5.63 -114.27
N VAL CC 53 42.05 -6.40 -114.19
CA VAL CC 53 42.07 -7.81 -114.53
C VAL CC 53 42.43 -8.59 -113.28
N SER CC 54 41.58 -9.55 -112.93
CA SER CC 54 41.76 -10.34 -111.72
C SER CC 54 41.85 -11.81 -112.11
N GLN CC 55 42.90 -12.46 -111.63
CA GLN CC 55 43.10 -13.90 -111.79
C GLN CC 55 42.37 -14.66 -110.70
N PRO CC 56 42.13 -15.95 -110.88
CA PRO CC 56 41.33 -16.68 -109.90
C PRO CC 56 42.06 -16.71 -108.57
N SER CC 57 41.32 -16.50 -107.48
CA SER CC 57 41.91 -16.75 -106.17
C SER CC 57 41.17 -17.79 -105.35
N ARG CC 58 39.96 -17.43 -104.91
CA ARG CC 58 39.09 -18.35 -104.20
C ARG CC 58 37.70 -18.51 -104.79
N ASN CC 59 36.98 -17.39 -104.91
CA ASN CC 59 35.52 -17.45 -104.97
C ASN CC 59 34.91 -16.59 -106.07
N ARG CC 60 35.37 -16.75 -107.32
CA ARG CC 60 34.35 -16.67 -108.36
C ARG CC 60 34.42 -17.87 -109.33
N LYS CC 61 35.43 -17.98 -110.22
CA LYS CC 61 35.96 -19.29 -110.54
C LYS CC 61 37.45 -19.12 -110.80
N ASN CC 62 37.93 -18.05 -111.47
CA ASN CC 62 37.56 -17.39 -112.77
C ASN CC 62 38.70 -16.47 -113.16
N TYR CC 63 38.63 -15.92 -114.38
CA TYR CC 63 39.26 -14.63 -114.64
C TYR CC 63 38.18 -13.58 -114.83
N LYS CC 64 38.39 -12.39 -114.28
CA LYS CC 64 37.41 -11.32 -114.31
C LYS CC 64 38.07 -10.06 -114.87
N VAL CC 65 37.46 -9.45 -115.88
CA VAL CC 65 37.98 -8.20 -116.44
C VAL CC 65 36.89 -7.16 -116.38
N GLN CC 66 37.15 -6.08 -115.68
CA GLN CC 66 36.18 -5.04 -115.46
C GLN CC 66 36.70 -3.74 -116.03
N VAL CC 67 35.82 -2.98 -116.68
CA VAL CC 67 36.17 -1.76 -117.38
C VAL CC 67 35.16 -0.71 -116.97
N LYS CC 68 35.63 0.34 -116.31
CA LYS CC 68 34.84 1.51 -115.98
C LYS CC 68 35.08 2.63 -116.97
N ILE CC 69 34.00 3.20 -117.48
CA ILE CC 69 34.02 4.46 -118.21
C ILE CC 69 33.30 5.49 -117.35
N GLN CC 70 33.91 6.66 -117.19
CA GLN CC 70 33.31 7.73 -116.40
C GLN CC 70 33.59 9.06 -117.07
N ASN CC 71 32.53 9.77 -117.42
CA ASN CC 71 32.60 11.07 -118.06
C ASN CC 71 31.73 12.06 -117.29
N PRO CC 72 32.30 12.99 -116.53
CA PRO CC 72 31.47 13.98 -115.85
C PRO CC 72 31.34 15.24 -116.67
N THR CC 73 30.11 15.70 -116.87
CA THR CC 73 29.91 16.97 -117.54
C THR CC 73 29.72 18.08 -116.51
N ALA CC 74 30.46 19.16 -116.71
CA ALA CC 74 30.47 20.30 -115.81
C ALA CC 74 30.12 21.54 -116.61
N CYS CC 75 29.99 22.63 -115.87
CA CYS CC 75 29.75 23.93 -116.47
C CYS CC 75 30.19 24.98 -115.47
N THR CC 76 30.31 26.21 -115.95
CA THR CC 76 30.67 27.33 -115.10
C THR CC 76 29.47 28.27 -115.02
N ALA CC 77 28.95 28.46 -113.82
CA ALA CC 77 27.86 29.41 -113.64
C ALA CC 77 28.34 30.80 -114.00
N ASN CC 78 27.43 31.61 -114.54
CA ASN CC 78 27.82 32.90 -115.07
C ASN CC 78 28.20 33.82 -113.93
N GLY CC 79 29.48 33.80 -113.57
CA GLY CC 79 29.98 34.58 -112.46
C GLY CC 79 31.04 33.82 -111.69
N SER CC 80 30.93 32.49 -111.69
CA SER CC 80 31.94 31.65 -111.05
C SER CC 80 33.20 31.62 -111.90
N CYS CC 81 34.23 30.91 -111.45
CA CYS CC 81 35.39 30.65 -112.29
C CYS CC 81 35.63 29.16 -112.46
N ASP CC 82 35.78 28.45 -111.36
CA ASP CC 82 36.05 27.02 -111.43
C ASP CC 82 34.80 26.29 -111.91
N PRO CC 83 34.90 25.44 -112.91
CA PRO CC 83 33.71 24.71 -113.37
C PRO CC 83 33.30 23.62 -112.40
N SER CC 84 32.00 23.49 -112.20
CA SER CC 84 31.44 22.50 -111.29
C SER CC 84 30.77 21.40 -112.09
N VAL CC 85 30.88 20.17 -111.57
CA VAL CC 85 30.34 18.99 -112.25
C VAL CC 85 28.84 18.91 -111.97
N THR CC 86 28.04 19.13 -113.01
CA THR CC 86 26.60 19.09 -112.84
C THR CC 86 25.99 17.77 -113.30
N ARG CC 87 26.82 16.85 -113.78
CA ARG CC 87 26.33 15.70 -114.52
C ARG CC 87 27.42 14.64 -114.47
N GLN CC 88 27.04 13.38 -114.42
CA GLN CC 88 28.05 12.34 -114.47
C GLN CC 88 27.48 11.11 -115.16
N ALA CC 89 27.96 10.81 -116.35
CA ALA CC 89 27.63 9.57 -117.02
C ALA CC 89 28.72 8.56 -116.73
N TYR CC 90 28.35 7.29 -116.64
CA TYR CC 90 29.35 6.25 -116.51
C TYR CC 90 28.73 4.88 -116.71
N ALA CC 91 29.57 3.94 -117.11
CA ALA CC 91 29.15 2.59 -117.41
C ALA CC 91 30.25 1.62 -117.02
N ASP CC 92 29.85 0.37 -116.81
CA ASP CC 92 30.77 -0.67 -116.41
C ASP CC 92 30.51 -1.91 -117.23
N VAL CC 93 31.56 -2.39 -117.87
CA VAL CC 93 31.54 -3.67 -118.55
C VAL CC 93 32.32 -4.64 -117.69
N THR CC 94 31.88 -5.89 -117.65
CA THR CC 94 32.62 -6.89 -116.89
C THR CC 94 32.46 -8.25 -117.56
N PHE CC 95 33.58 -8.81 -117.99
CA PHE CC 95 33.60 -10.13 -118.56
C PHE CC 95 34.13 -11.11 -117.53
N SER CC 96 33.50 -12.28 -117.46
CA SER CC 96 33.96 -13.35 -116.58
C SER CC 96 34.14 -14.58 -117.44
N PHE CC 97 35.29 -15.23 -117.32
CA PHE CC 97 35.58 -16.46 -118.05
C PHE CC 97 36.11 -17.51 -117.09
N THR CC 98 35.93 -18.77 -117.46
CA THR CC 98 36.46 -19.88 -116.71
C THR CC 98 37.96 -20.01 -116.96
N GLN CC 99 38.64 -20.69 -116.04
CA GLN CC 99 40.06 -20.92 -116.25
C GLN CC 99 40.29 -21.65 -117.56
N TYR CC 100 39.33 -22.47 -117.98
CA TYR CC 100 39.43 -23.23 -119.20
C TYR CC 100 38.99 -22.44 -120.41
N SER CC 101 38.57 -21.20 -120.22
CA SER CC 101 38.22 -20.38 -121.35
C SER CC 101 39.36 -20.39 -122.37
N THR CC 102 39.03 -20.01 -123.61
CA THR CC 102 40.03 -19.92 -124.66
C THR CC 102 40.09 -18.51 -125.21
N ASP CC 103 41.31 -18.08 -125.56
CA ASP CC 103 41.47 -16.82 -126.27
C ASP CC 103 40.43 -16.70 -127.37
N GLU CC 104 40.12 -17.83 -128.01
CA GLU CC 104 39.18 -17.83 -129.11
C GLU CC 104 37.84 -17.25 -128.68
N GLU CC 105 37.15 -17.92 -127.78
CA GLU CC 105 35.84 -17.44 -127.41
C GLU CC 105 35.94 -16.09 -126.70
N ARG CC 106 37.05 -15.82 -126.02
CA ARG CC 106 37.15 -14.56 -125.31
C ARG CC 106 37.12 -13.39 -126.28
N ALA CC 107 37.98 -13.41 -127.29
CA ALA CC 107 37.96 -12.31 -128.25
C ALA CC 107 36.65 -12.33 -129.03
N PHE CC 108 36.08 -13.51 -129.24
CA PHE CC 108 34.77 -13.56 -129.88
C PHE CC 108 33.76 -12.75 -129.09
N VAL CC 109 33.72 -12.96 -127.77
CA VAL CC 109 32.80 -12.22 -126.92
C VAL CC 109 33.10 -10.74 -127.01
N ARG CC 110 34.37 -10.39 -127.00
CA ARG CC 110 34.75 -8.98 -127.07
C ARG CC 110 34.14 -8.34 -128.31
N THR CC 111 34.51 -8.83 -129.48
CA THR CC 111 34.01 -8.22 -130.70
C THR CC 111 32.50 -8.31 -130.79
N GLU CC 112 31.89 -9.32 -130.16
CA GLU CC 112 30.43 -9.40 -130.17
C GLU CC 112 29.83 -8.22 -129.43
N LEU CC 113 30.34 -7.94 -128.25
CA LEU CC 113 29.87 -6.77 -127.52
C LEU CC 113 30.10 -5.53 -128.35
N ALA CC 114 31.23 -5.48 -129.05
CA ALA CC 114 31.53 -4.31 -129.87
C ALA CC 114 30.45 -4.10 -130.92
N ALA CC 115 30.17 -5.14 -131.71
CA ALA CC 115 29.19 -5.00 -132.78
C ALA CC 115 27.80 -4.74 -132.22
N LEU CC 116 27.47 -5.31 -131.06
CA LEU CC 116 26.20 -4.99 -130.43
C LEU CC 116 26.10 -3.50 -130.17
N LEU CC 117 27.12 -2.95 -129.49
CA LEU CC 117 27.12 -1.52 -129.27
C LEU CC 117 27.02 -0.76 -130.57
N ALA CC 118 27.56 -1.34 -131.64
CA ALA CC 118 27.47 -0.74 -132.96
C ALA CC 118 26.09 -0.87 -133.58
N SER CC 119 25.28 -1.79 -133.11
CA SER CC 119 24.04 -2.12 -133.79
C SER CC 119 22.97 -1.05 -133.56
N PRO CC 120 22.05 -0.89 -134.51
CA PRO CC 120 20.94 0.03 -134.28
C PRO CC 120 20.25 -0.22 -132.96
N LEU CC 121 20.19 -1.48 -132.53
CA LEU CC 121 19.42 -1.82 -131.34
C LEU CC 121 19.94 -1.05 -130.13
N LEU CC 122 21.18 -1.32 -129.74
CA LEU CC 122 21.68 -0.68 -128.52
C LEU CC 122 21.79 0.82 -128.69
N ILE CC 123 22.07 1.31 -129.90
CA ILE CC 123 22.17 2.76 -130.04
C ILE CC 123 20.83 3.40 -129.80
N ASP CC 124 19.75 2.77 -130.25
CA ASP CC 124 18.44 3.32 -129.95
C ASP CC 124 18.09 3.13 -128.49
N ALA CC 125 18.60 2.06 -127.89
CA ALA CC 125 18.31 1.76 -126.49
C ALA CC 125 19.07 2.66 -125.52
N ILE CC 126 20.21 3.20 -125.93
CA ILE CC 126 21.02 4.05 -125.07
C ILE CC 126 20.78 5.49 -125.46
N ASP CC 127 21.06 5.80 -126.72
CA ASP CC 127 21.04 7.17 -127.19
C ASP CC 127 19.69 7.81 -126.93
N GLN CC 128 18.61 7.08 -127.18
CA GLN CC 128 17.28 7.59 -126.90
C GLN CC 128 16.61 6.90 -125.73
N LEU CC 129 17.31 6.00 -125.06
CA LEU CC 129 16.76 5.33 -123.89
C LEU CC 129 15.48 4.62 -124.28
N ASN CC 130 15.48 4.00 -125.45
CA ASN CC 130 14.28 3.43 -126.02
C ASN CC 130 14.25 1.94 -125.77
N PRO CC 131 13.40 1.45 -124.87
CA PRO CC 131 13.31 -0.01 -124.69
C PRO CC 131 12.81 -0.68 -125.95
N ALA CC 132 13.15 -1.94 -126.08
CA ALA CC 132 13.02 -2.62 -127.37
C ALA CC 132 11.59 -3.13 -127.50
N TYR CC 133 10.78 -2.39 -128.24
CA TYR CC 133 9.41 -2.81 -128.48
C TYR CC 133 8.91 -2.31 -129.81
N ALA DC 2 66.24 -6.10 -113.06
CA ALA DC 2 65.44 -7.36 -113.16
C ALA DC 2 64.28 -7.21 -114.14
N LYS DC 3 64.45 -6.33 -115.12
CA LYS DC 3 63.35 -6.02 -116.02
C LYS DC 3 62.80 -7.30 -116.64
N LEU DC 4 61.48 -7.41 -116.63
CA LEU DC 4 60.79 -8.56 -117.19
C LEU DC 4 61.12 -8.72 -118.67
N GLU DC 5 61.24 -9.97 -119.11
CA GLU DC 5 61.55 -10.25 -120.50
C GLU DC 5 61.46 -11.76 -120.72
N THR DC 6 61.30 -12.16 -121.97
CA THR DC 6 61.15 -13.57 -122.31
C THR DC 6 62.33 -14.39 -121.85
N VAL DC 7 62.10 -15.30 -120.92
CA VAL DC 7 63.14 -16.15 -120.38
C VAL DC 7 63.17 -17.42 -121.22
N THR DC 8 64.33 -17.72 -121.79
CA THR DC 8 64.49 -18.88 -122.66
C THR DC 8 65.39 -19.88 -121.93
N LEU DC 9 64.77 -20.84 -121.28
CA LEU DC 9 65.51 -21.81 -120.49
C LEU DC 9 65.81 -23.02 -121.37
N GLY DC 10 67.08 -23.28 -121.61
CA GLY DC 10 67.47 -24.28 -122.59
C GLY DC 10 67.41 -25.70 -122.07
N ASN DC 11 68.51 -26.40 -122.21
CA ASN DC 11 68.64 -27.79 -121.79
C ASN DC 11 67.82 -28.05 -120.51
N ILE DC 12 66.97 -29.07 -120.55
CA ILE DC 12 65.93 -29.22 -119.54
C ILE DC 12 65.40 -30.66 -119.62
N GLY DC 13 65.19 -31.29 -118.46
CA GLY DC 13 64.55 -32.59 -118.38
C GLY DC 13 65.53 -33.67 -117.95
N LYS DC 14 65.06 -34.92 -118.00
CA LYS DC 14 65.96 -36.02 -117.63
C LYS DC 14 67.18 -36.04 -118.53
N ASP DC 15 66.97 -36.36 -119.80
CA ASP DC 15 68.07 -36.38 -120.75
C ASP DC 15 68.59 -34.99 -121.05
N GLY DC 16 67.88 -33.96 -120.63
CA GLY DC 16 68.33 -32.62 -120.88
C GLY DC 16 68.32 -32.31 -122.36
N LYS DC 17 67.13 -32.27 -122.94
CA LYS DC 17 67.02 -31.98 -124.37
C LYS DC 17 65.95 -30.96 -124.71
N GLN DC 18 65.03 -30.64 -123.81
CA GLN DC 18 63.95 -29.76 -124.19
C GLN DC 18 64.31 -28.32 -123.86
N THR DC 19 63.48 -27.40 -124.34
CA THR DC 19 63.66 -25.99 -124.07
C THR DC 19 62.32 -25.36 -123.81
N LEU DC 20 62.34 -24.30 -123.01
CA LEU DC 20 61.14 -23.69 -122.48
C LEU DC 20 61.21 -22.19 -122.72
N VAL DC 21 60.10 -21.61 -123.12
CA VAL DC 21 60.03 -20.18 -123.44
C VAL DC 21 58.96 -19.58 -122.54
N LEU DC 22 59.38 -18.74 -121.60
CA LEU DC 22 58.46 -18.04 -120.73
C LEU DC 22 58.28 -16.63 -121.25
N ASN DC 23 57.07 -16.31 -121.65
CA ASN DC 23 56.65 -14.99 -122.12
C ASN DC 23 56.49 -14.02 -120.96
N PRO DC 24 56.84 -12.74 -121.18
CA PRO DC 24 56.64 -11.77 -120.10
C PRO DC 24 55.17 -11.46 -119.86
N ARG DC 25 54.74 -11.79 -118.64
CA ARG DC 25 53.33 -11.79 -118.29
C ARG DC 25 52.96 -10.41 -117.74
N GLY DC 26 53.50 -10.06 -116.59
CA GLY DC 26 53.11 -8.83 -115.93
C GLY DC 26 53.51 -8.86 -114.47
N VAL DC 27 52.97 -7.92 -113.69
CA VAL DC 27 53.34 -7.80 -112.30
C VAL DC 27 52.13 -7.39 -111.49
N ASN DC 28 51.61 -8.30 -110.67
CA ASN DC 28 50.53 -7.95 -109.75
C ASN DC 28 51.05 -6.97 -108.70
N PRO DC 29 50.46 -5.78 -108.59
CA PRO DC 29 50.89 -4.84 -107.54
C PRO DC 29 50.45 -5.23 -106.15
N THR DC 30 49.23 -5.76 -106.01
CA THR DC 30 48.69 -6.02 -104.70
C THR DC 30 49.67 -6.73 -103.80
N ASN DC 31 50.58 -7.48 -104.38
CA ASN DC 31 51.60 -8.21 -103.62
C ASN DC 31 52.97 -8.06 -104.25
N GLY DC 32 53.13 -7.18 -105.24
CA GLY DC 32 54.42 -6.99 -105.88
C GLY DC 32 54.99 -8.30 -106.35
N VAL DC 33 54.30 -8.97 -107.26
CA VAL DC 33 54.73 -10.28 -107.74
C VAL DC 33 54.77 -10.24 -109.26
N ALA DC 34 55.95 -10.43 -109.82
CA ALA DC 34 56.08 -10.58 -111.26
C ALA DC 34 55.81 -12.02 -111.65
N SER DC 35 55.22 -12.22 -112.82
CA SER DC 35 54.88 -13.55 -113.27
C SER DC 35 55.31 -13.78 -114.70
N LEU DC 36 55.54 -15.05 -115.02
CA LEU DC 36 55.87 -15.50 -116.37
C LEU DC 36 55.00 -16.69 -116.72
N SER DC 37 54.64 -16.79 -117.99
CA SER DC 37 53.74 -17.83 -118.45
C SER DC 37 54.26 -18.43 -119.74
N GLN DC 38 54.07 -19.74 -119.87
CA GLN DC 38 54.39 -20.40 -121.12
C GLN DC 38 53.44 -19.94 -122.21
N ALA DC 39 53.98 -19.75 -123.41
CA ALA DC 39 53.15 -19.30 -124.52
C ALA DC 39 52.05 -20.31 -124.77
N GLY DC 40 50.82 -19.89 -124.54
CA GLY DC 40 49.67 -20.75 -124.75
C GLY DC 40 48.42 -19.93 -124.96
N ALA DC 41 47.26 -20.56 -124.80
CA ALA DC 41 46.01 -19.82 -124.85
C ALA DC 41 45.14 -20.14 -123.65
N VAL DC 42 45.13 -21.41 -123.25
CA VAL DC 42 44.25 -21.83 -122.18
C VAL DC 42 45.00 -21.66 -120.86
N PRO DC 43 44.64 -20.69 -120.03
CA PRO DC 43 45.46 -20.39 -118.86
C PRO DC 43 45.69 -21.60 -117.97
N ALA DC 44 44.70 -22.47 -117.85
CA ALA DC 44 44.80 -23.61 -116.96
C ALA DC 44 45.78 -24.66 -117.44
N LEU DC 45 46.32 -24.52 -118.65
CA LEU DC 45 47.25 -25.49 -119.21
C LEU DC 45 48.54 -24.82 -119.60
N GLU DC 46 49.08 -24.01 -118.69
CA GLU DC 46 50.24 -23.19 -119.01
C GLU DC 46 51.20 -23.23 -117.83
N LYS DC 47 52.48 -23.42 -118.14
CA LYS DC 47 53.49 -23.48 -117.09
C LYS DC 47 53.74 -22.07 -116.58
N ARG DC 48 53.61 -21.87 -115.28
CA ARG DC 48 53.64 -20.54 -114.70
C ARG DC 48 54.79 -20.40 -113.70
N VAL DC 49 55.35 -19.20 -113.63
CA VAL DC 49 56.47 -18.88 -112.77
C VAL DC 49 56.16 -17.57 -112.07
N THR DC 50 56.62 -17.44 -110.83
CA THR DC 50 56.35 -16.24 -110.05
C THR DC 50 57.62 -15.84 -109.31
N VAL DC 51 57.91 -14.54 -109.34
CA VAL DC 51 59.06 -13.96 -108.65
C VAL DC 51 58.57 -12.83 -107.78
N SER DC 52 58.90 -12.89 -106.49
CA SER DC 52 58.47 -11.87 -105.55
C SER DC 52 59.62 -11.51 -104.63
N VAL DC 53 59.74 -10.23 -104.29
CA VAL DC 53 60.83 -9.72 -103.48
C VAL DC 53 60.20 -8.83 -102.40
N SER DC 54 60.18 -9.32 -101.17
CA SER DC 54 59.60 -8.57 -100.06
C SER DC 54 60.71 -7.84 -99.31
N GLN DC 55 60.57 -6.53 -99.25
CA GLN DC 55 61.47 -5.67 -98.53
C GLN DC 55 61.14 -5.71 -97.04
N PRO DC 56 62.07 -5.28 -96.19
CA PRO DC 56 61.90 -5.50 -94.75
C PRO DC 56 60.77 -4.64 -94.22
N SER DC 57 60.12 -5.11 -93.18
CA SER DC 57 59.05 -4.38 -92.53
C SER DC 57 59.40 -4.15 -91.07
N ARG DC 58 58.58 -3.35 -90.40
CA ARG DC 58 58.80 -3.13 -88.98
C ARG DC 58 58.64 -4.42 -88.18
N ASN DC 59 58.00 -5.42 -88.77
CA ASN DC 59 57.82 -6.72 -88.14
C ASN DC 59 58.60 -7.82 -88.81
N ARG DC 60 59.34 -7.52 -89.88
CA ARG DC 60 60.14 -8.51 -90.59
C ARG DC 60 61.62 -8.23 -90.48
N LYS DC 61 62.04 -7.04 -90.91
CA LYS DC 61 63.44 -6.64 -90.84
C LYS DC 61 64.34 -7.64 -91.53
N ASN DC 62 63.85 -8.25 -92.59
CA ASN DC 62 64.62 -9.26 -93.30
C ASN DC 62 64.07 -9.40 -94.71
N TYR DC 63 64.98 -9.44 -95.67
CA TYR DC 63 64.60 -9.47 -97.07
C TYR DC 63 64.14 -10.87 -97.43
N LYS DC 64 63.04 -10.97 -98.17
CA LYS DC 64 62.53 -12.25 -98.64
C LYS DC 64 62.53 -12.26 -100.16
N VAL DC 65 62.88 -13.39 -100.75
CA VAL DC 65 62.70 -13.58 -102.18
C VAL DC 65 62.06 -14.95 -102.37
N GLN DC 66 60.84 -14.95 -102.92
CA GLN DC 66 60.07 -16.16 -103.10
C GLN DC 66 59.90 -16.41 -104.59
N VAL DC 67 60.23 -17.61 -105.03
CA VAL DC 67 60.13 -18.01 -106.42
C VAL DC 67 59.31 -19.27 -106.49
N LYS DC 68 58.22 -19.23 -107.26
CA LYS DC 68 57.28 -20.33 -107.34
C LYS DC 68 57.16 -20.81 -108.77
N ILE DC 69 57.09 -22.12 -108.93
CA ILE DC 69 56.91 -22.77 -110.22
C ILE DC 69 55.69 -23.67 -110.15
N GLN DC 70 54.80 -23.52 -111.12
CA GLN DC 70 53.60 -24.32 -111.23
C GLN DC 70 53.59 -24.97 -112.61
N ASN DC 71 53.39 -26.28 -112.65
CA ASN DC 71 53.35 -27.02 -113.90
C ASN DC 71 52.15 -27.94 -113.92
N PRO DC 72 51.11 -27.64 -114.69
CA PRO DC 72 49.97 -28.55 -114.78
C PRO DC 72 50.12 -29.52 -115.94
N THR DC 73 49.48 -30.66 -115.81
CA THR DC 73 49.54 -31.69 -116.84
C THR DC 73 48.28 -31.66 -117.70
N ALA DC 74 48.44 -32.13 -118.94
CA ALA DC 74 47.37 -32.04 -119.92
C ALA DC 74 46.26 -33.04 -119.64
N CYS DC 75 46.56 -34.33 -119.71
CA CYS DC 75 45.55 -35.38 -119.63
C CYS DC 75 44.42 -35.11 -120.62
N THR DC 76 44.80 -34.82 -121.86
CA THR DC 76 43.81 -34.60 -122.90
C THR DC 76 42.98 -35.85 -123.11
N ALA DC 77 41.67 -35.69 -123.07
CA ALA DC 77 40.74 -36.79 -123.29
C ALA DC 77 40.50 -36.96 -124.79
N ASN DC 78 40.16 -38.19 -125.17
CA ASN DC 78 39.95 -38.53 -126.58
C ASN DC 78 38.59 -37.98 -127.02
N GLY DC 79 38.54 -36.64 -127.10
CA GLY DC 79 37.39 -35.94 -127.65
C GLY DC 79 36.68 -35.11 -126.57
N SER DC 80 35.51 -34.61 -126.95
CA SER DC 80 34.48 -34.13 -126.04
C SER DC 80 34.80 -32.77 -125.41
N CYS DC 81 36.06 -32.39 -125.36
CA CYS DC 81 36.54 -31.06 -124.94
C CYS DC 81 38.05 -31.01 -124.89
N ASP DC 82 38.57 -29.81 -124.73
CA ASP DC 82 39.98 -29.58 -124.49
C ASP DC 82 40.41 -30.32 -123.23
N PRO DC 83 41.72 -30.44 -123.01
CA PRO DC 83 42.19 -31.23 -121.88
C PRO DC 83 41.72 -30.66 -120.55
N SER DC 84 41.86 -31.48 -119.52
CA SER DC 84 41.49 -31.09 -118.18
C SER DC 84 42.69 -31.27 -117.27
N VAL DC 85 42.79 -30.41 -116.27
CA VAL DC 85 43.94 -30.46 -115.38
C VAL DC 85 43.71 -31.54 -114.34
N THR DC 86 44.69 -32.42 -114.19
CA THR DC 86 44.61 -33.49 -113.21
C THR DC 86 45.82 -33.55 -112.31
N ARG DC 87 46.94 -33.01 -112.74
CA ARG DC 87 48.20 -33.13 -112.04
C ARG DC 87 48.83 -31.75 -112.00
N GLN DC 88 49.38 -31.36 -110.86
CA GLN DC 88 50.01 -30.05 -110.75
C GLN DC 88 51.28 -30.17 -109.92
N ALA DC 89 52.42 -30.03 -110.58
CA ALA DC 89 53.70 -29.98 -109.91
C ALA DC 89 53.92 -28.58 -109.34
N TYR DC 90 54.30 -28.52 -108.08
CA TYR DC 90 54.58 -27.26 -107.41
C TYR DC 90 55.99 -27.23 -106.86
N ALA DC 91 56.61 -26.06 -106.93
CA ALA DC 91 57.91 -25.84 -106.32
C ALA DC 91 57.97 -24.41 -105.81
N ASP DC 92 58.59 -24.23 -104.65
CA ASP DC 92 58.76 -22.88 -104.11
C ASP DC 92 60.09 -22.80 -103.39
N VAL DC 93 60.88 -21.79 -103.73
CA VAL DC 93 62.11 -21.48 -103.03
C VAL DC 93 61.93 -20.15 -102.33
N THR DC 94 62.53 -20.03 -101.16
CA THR DC 94 62.37 -18.84 -100.32
C THR DC 94 63.74 -18.49 -99.75
N PHE DC 95 64.41 -17.56 -100.40
CA PHE DC 95 65.66 -17.02 -99.88
C PHE DC 95 65.34 -15.96 -98.84
N SER DC 96 66.07 -15.98 -97.74
CA SER DC 96 65.93 -14.97 -96.70
C SER DC 96 67.30 -14.39 -96.41
N PHE DC 97 67.38 -13.07 -96.36
CA PHE DC 97 68.65 -12.39 -96.13
C PHE DC 97 68.45 -11.38 -95.01
N THR DC 98 69.54 -11.07 -94.32
CA THR DC 98 69.48 -10.00 -93.35
C THR DC 98 69.76 -8.67 -94.03
N GLN DC 99 69.41 -7.61 -93.33
CA GLN DC 99 69.45 -6.28 -93.91
C GLN DC 99 70.90 -5.83 -94.15
N TYR DC 100 71.85 -6.43 -93.44
CA TYR DC 100 73.26 -6.22 -93.71
C TYR DC 100 73.85 -7.29 -94.63
N SER DC 101 73.02 -8.15 -95.22
CA SER DC 101 73.51 -9.20 -96.09
C SER DC 101 74.35 -8.61 -97.22
N THR DC 102 75.07 -9.46 -97.95
CA THR DC 102 75.92 -8.99 -99.04
C THR DC 102 75.70 -9.80 -100.32
N ASP DC 103 75.77 -9.09 -101.45
CA ASP DC 103 75.71 -9.77 -102.75
C ASP DC 103 76.59 -11.01 -102.76
N GLU DC 104 77.79 -10.93 -102.18
CA GLU DC 104 78.66 -12.08 -102.18
C GLU DC 104 77.93 -13.31 -101.69
N GLU DC 105 77.42 -13.24 -100.47
CA GLU DC 105 76.79 -14.41 -99.87
C GLU DC 105 75.49 -14.73 -100.59
N ARG DC 106 74.84 -13.72 -101.18
CA ARG DC 106 73.59 -13.98 -101.90
C ARG DC 106 73.84 -14.85 -103.12
N ALA DC 107 74.79 -14.43 -103.96
CA ALA DC 107 75.14 -15.25 -105.12
C ALA DC 107 75.71 -16.58 -104.69
N PHE DC 108 76.52 -16.57 -103.64
CA PHE DC 108 76.97 -17.80 -103.02
C PHE DC 108 75.79 -18.75 -102.89
N VAL DC 109 74.82 -18.37 -102.07
CA VAL DC 109 73.67 -19.23 -101.78
C VAL DC 109 72.99 -19.66 -103.07
N ARG DC 110 72.74 -18.71 -103.97
CA ARG DC 110 72.02 -19.05 -105.18
C ARG DC 110 72.72 -20.18 -105.90
N THR DC 111 74.03 -20.05 -106.09
CA THR DC 111 74.71 -21.05 -106.88
C THR DC 111 74.88 -22.36 -106.14
N GLU DC 112 75.01 -22.35 -104.80
CA GLU DC 112 75.03 -23.66 -104.15
C GLU DC 112 73.70 -24.34 -104.37
N LEU DC 113 72.61 -23.59 -104.24
CA LEU DC 113 71.31 -24.21 -104.42
C LEU DC 113 71.23 -24.81 -105.82
N ALA DC 114 71.71 -24.08 -106.82
CA ALA DC 114 71.68 -24.60 -108.18
C ALA DC 114 72.49 -25.90 -108.28
N ALA DC 115 73.69 -25.90 -107.72
CA ALA DC 115 74.50 -27.10 -107.80
C ALA DC 115 73.84 -28.26 -107.08
N LEU DC 116 73.16 -28.00 -105.97
CA LEU DC 116 72.41 -29.06 -105.32
C LEU DC 116 71.34 -29.62 -106.24
N LEU DC 117 70.59 -28.75 -106.91
CA LEU DC 117 69.64 -29.23 -107.90
C LEU DC 117 70.31 -30.02 -108.99
N ALA DC 118 71.61 -29.83 -109.18
CA ALA DC 118 72.36 -30.62 -110.15
C ALA DC 118 72.90 -31.93 -109.61
N SER DC 119 73.22 -32.01 -108.33
CA SER DC 119 73.98 -33.13 -107.82
C SER DC 119 73.17 -34.42 -107.83
N PRO DC 120 73.85 -35.57 -107.89
CA PRO DC 120 73.11 -36.83 -107.90
C PRO DC 120 72.19 -37.00 -106.72
N LEU DC 121 72.56 -36.50 -105.55
CA LEU DC 121 71.74 -36.69 -104.37
C LEU DC 121 70.32 -36.23 -104.63
N LEU DC 122 70.13 -34.95 -104.89
CA LEU DC 122 68.77 -34.47 -105.08
C LEU DC 122 68.15 -35.09 -106.31
N ILE DC 123 68.94 -35.44 -107.32
CA ILE DC 123 68.36 -36.00 -108.53
C ILE DC 123 67.52 -37.22 -108.19
N ASP DC 124 68.10 -38.17 -107.48
CA ASP DC 124 67.34 -39.37 -107.17
C ASP DC 124 66.46 -39.17 -105.94
N ALA DC 125 66.71 -38.13 -105.14
CA ALA DC 125 65.80 -37.85 -104.05
C ALA DC 125 64.49 -37.25 -104.53
N ILE DC 126 64.51 -36.56 -105.67
CA ILE DC 126 63.31 -35.93 -106.21
C ILE DC 126 62.71 -36.79 -107.31
N ASP DC 127 63.47 -37.07 -108.37
CA ASP DC 127 62.89 -37.80 -109.48
C ASP DC 127 62.46 -39.19 -109.05
N GLN DC 128 63.33 -39.88 -108.32
CA GLN DC 128 62.98 -41.20 -107.82
C GLN DC 128 62.27 -41.16 -106.48
N LEU DC 129 62.13 -39.99 -105.87
CA LEU DC 129 61.50 -39.86 -104.58
C LEU DC 129 62.19 -40.74 -103.54
N ASN DC 130 63.48 -40.96 -103.72
CA ASN DC 130 64.23 -41.80 -102.80
C ASN DC 130 64.49 -41.05 -101.51
N PRO DC 131 64.11 -41.59 -100.36
CA PRO DC 131 64.48 -40.92 -99.11
C PRO DC 131 66.00 -40.87 -98.99
N ALA DC 132 66.51 -39.73 -98.57
CA ALA DC 132 67.95 -39.57 -98.51
C ALA DC 132 68.52 -40.61 -97.57
N TYR DC 133 69.16 -41.62 -98.14
CA TYR DC 133 69.88 -42.60 -97.34
C TYR DC 133 70.82 -43.41 -98.20
N ALA EC 2 53.19 6.47 -114.39
CA ALA EC 2 54.67 6.56 -114.40
C ALA EC 2 55.29 5.18 -114.24
N LYS EC 3 55.73 4.59 -115.35
CA LYS EC 3 56.41 3.30 -115.29
C LYS EC 3 57.75 3.45 -114.59
N LEU EC 4 58.02 2.55 -113.65
CA LEU EC 4 59.31 2.53 -112.98
C LEU EC 4 60.36 1.90 -113.86
N GLU EC 5 61.54 2.51 -113.91
CA GLU EC 5 62.68 1.91 -114.58
C GLU EC 5 63.95 2.52 -114.00
N THR EC 6 65.07 1.88 -114.32
CA THR EC 6 66.38 2.40 -114.02
C THR EC 6 66.44 3.91 -114.22
N VAL EC 7 66.68 4.66 -113.15
CA VAL EC 7 66.87 6.10 -113.25
C VAL EC 7 68.36 6.38 -113.29
N THR EC 8 68.79 7.16 -114.27
CA THR EC 8 70.19 7.51 -114.47
C THR EC 8 70.37 8.99 -114.17
N LEU EC 9 70.92 9.29 -113.01
CA LEU EC 9 71.09 10.67 -112.55
C LEU EC 9 72.53 11.07 -112.80
N GLY EC 10 72.73 12.04 -113.68
CA GLY EC 10 74.05 12.49 -114.05
C GLY EC 10 74.31 13.90 -113.55
N ASN EC 11 75.59 14.28 -113.57
CA ASN EC 11 75.99 15.62 -113.20
C ASN EC 11 75.57 15.92 -111.77
N ILE EC 12 76.15 15.16 -110.85
CA ILE EC 12 75.80 15.18 -109.44
C ILE EC 12 77.01 15.62 -108.64
N GLY EC 13 76.75 16.20 -107.47
CA GLY EC 13 77.79 16.57 -106.52
C GLY EC 13 78.29 18.00 -106.70
N LYS EC 14 79.26 18.38 -105.86
CA LYS EC 14 79.86 19.71 -105.98
C LYS EC 14 80.25 20.01 -107.40
N ASP EC 15 81.18 19.26 -107.93
CA ASP EC 15 81.67 19.50 -109.27
C ASP EC 15 80.74 18.92 -110.32
N GLY EC 16 79.64 18.30 -109.91
CA GLY EC 16 78.69 17.79 -110.86
C GLY EC 16 79.30 16.76 -111.79
N LYS EC 17 79.93 15.73 -111.21
CA LYS EC 17 80.59 14.74 -112.03
C LYS EC 17 80.22 13.31 -111.72
N GLN EC 18 79.63 12.99 -110.57
CA GLN EC 18 79.31 11.59 -110.34
C GLN EC 18 77.97 11.25 -110.98
N THR EC 19 77.66 9.96 -110.99
CA THR EC 19 76.43 9.47 -111.58
C THR EC 19 75.84 8.42 -110.66
N LEU EC 20 74.53 8.24 -110.75
CA LEU EC 20 73.83 7.34 -109.85
C LEU EC 20 72.72 6.61 -110.59
N VAL EC 21 72.69 5.30 -110.42
CA VAL EC 21 71.72 4.44 -111.08
C VAL EC 21 70.80 3.90 -109.99
N LEU EC 22 69.57 4.38 -109.97
CA LEU EC 22 68.56 3.90 -109.04
C LEU EC 22 67.73 2.83 -109.72
N ASN EC 23 67.70 1.71 -109.16
CA ASN EC 23 66.91 0.61 -109.71
C ASN EC 23 65.56 0.53 -109.00
N PRO EC 24 64.47 0.33 -109.73
CA PRO EC 24 63.17 0.24 -109.06
C PRO EC 24 63.10 -0.87 -108.03
N ARG EC 25 62.36 -0.58 -106.96
CA ARG EC 25 62.17 -1.50 -105.84
C ARG EC 25 60.70 -1.83 -105.61
N GLY EC 26 59.87 -1.72 -106.65
CA GLY EC 26 58.46 -2.06 -106.52
C GLY EC 26 57.67 -0.96 -105.84
N VAL EC 27 56.44 -1.32 -105.46
CA VAL EC 27 55.51 -0.39 -104.84
C VAL EC 27 54.95 -1.02 -103.57
N ASN EC 28 54.79 -0.20 -102.55
CA ASN EC 28 54.15 -0.69 -101.34
C ASN EC 28 52.72 -1.11 -101.65
N PRO EC 29 52.32 -2.34 -101.36
CA PRO EC 29 50.92 -2.72 -101.57
C PRO EC 29 49.96 -1.97 -100.68
N THR EC 30 50.43 -1.41 -99.56
CA THR EC 30 49.54 -0.74 -98.63
C THR EC 30 49.50 0.77 -98.89
N ASN EC 31 50.63 1.44 -98.70
CA ASN EC 31 50.67 2.88 -98.93
C ASN EC 31 50.62 3.22 -100.41
N GLY EC 32 50.92 2.26 -101.27
CA GLY EC 32 50.99 2.55 -102.68
C GLY EC 32 52.08 3.52 -103.03
N VAL EC 33 53.28 3.29 -102.50
CA VAL EC 33 54.42 4.19 -102.70
C VAL EC 33 55.52 3.39 -103.38
N ALA EC 34 56.06 3.95 -104.45
CA ALA EC 34 57.13 3.29 -105.18
C ALA EC 34 58.48 3.68 -104.58
N SER EC 35 59.45 2.80 -104.75
CA SER EC 35 60.76 2.97 -104.16
C SER EC 35 61.83 2.57 -105.16
N LEU EC 36 62.97 3.25 -105.10
CA LEU EC 36 64.11 2.97 -105.94
C LEU EC 36 65.34 2.92 -105.06
N SER EC 37 66.35 2.16 -105.50
CA SER EC 37 67.56 2.03 -104.72
C SER EC 37 68.76 1.98 -105.64
N GLN EC 38 69.90 2.39 -105.11
CA GLN EC 38 71.17 2.27 -105.82
C GLN EC 38 71.70 0.86 -105.68
N ALA EC 39 72.26 0.35 -106.77
CA ALA EC 39 72.86 -0.97 -106.74
C ALA EC 39 74.09 -0.95 -105.85
N GLY EC 40 74.16 -1.90 -104.92
CA GLY EC 40 75.29 -1.98 -104.02
C GLY EC 40 75.42 -3.38 -103.45
N ALA EC 41 76.47 -3.57 -102.65
CA ALA EC 41 76.73 -4.87 -102.06
C ALA EC 41 75.86 -5.11 -100.84
N VAL EC 42 75.83 -4.16 -99.91
CA VAL EC 42 75.03 -4.28 -98.70
C VAL EC 42 73.80 -3.39 -98.88
N PRO EC 43 72.60 -3.96 -98.97
CA PRO EC 43 71.42 -3.09 -99.13
C PRO EC 43 71.20 -2.14 -97.98
N ALA EC 44 71.86 -2.33 -96.86
CA ALA EC 44 71.75 -1.35 -95.79
C ALA EC 44 72.40 -0.04 -96.16
N LEU EC 45 73.40 -0.08 -97.02
CA LEU EC 45 74.18 1.10 -97.38
C LEU EC 45 73.80 1.63 -98.75
N GLU EC 46 72.56 1.43 -99.16
CA GLU EC 46 72.11 1.76 -100.50
C GLU EC 46 71.30 3.05 -100.46
N LYS EC 47 71.62 3.96 -101.37
CA LYS EC 47 70.85 5.20 -101.46
C LYS EC 47 69.44 4.88 -101.96
N ARG EC 48 68.43 5.24 -101.18
CA ARG EC 48 67.05 4.97 -101.52
C ARG EC 48 66.32 6.27 -101.87
N VAL EC 49 65.27 6.12 -102.66
CA VAL EC 49 64.46 7.26 -103.07
C VAL EC 49 63.02 6.82 -103.24
N THR EC 50 62.10 7.47 -102.52
CA THR EC 50 60.71 7.09 -102.52
C THR EC 50 59.88 8.12 -103.26
N VAL EC 51 58.81 7.64 -103.91
CA VAL EC 51 57.85 8.48 -104.61
C VAL EC 51 56.46 8.01 -104.25
N SER EC 52 55.57 8.94 -103.97
CA SER EC 52 54.17 8.60 -103.74
C SER EC 52 53.28 9.69 -104.29
N VAL EC 53 52.09 9.29 -104.74
CA VAL EC 53 51.15 10.18 -105.38
C VAL EC 53 49.77 9.84 -104.85
N SER EC 54 49.31 10.58 -103.86
CA SER EC 54 48.00 10.31 -103.29
C SER EC 54 46.90 10.71 -104.24
N GLN EC 55 45.76 10.06 -104.09
CA GLN EC 55 44.56 10.39 -104.84
C GLN EC 55 43.69 11.33 -104.01
N PRO EC 56 42.63 11.89 -104.60
CA PRO EC 56 41.88 12.95 -103.91
C PRO EC 56 41.28 12.47 -102.62
N SER EC 57 41.12 13.40 -101.68
CA SER EC 57 40.46 13.15 -100.41
C SER EC 57 38.95 13.37 -100.54
N ARG EC 58 38.26 13.40 -99.40
CA ARG EC 58 36.83 13.66 -99.36
C ARG EC 58 36.58 15.14 -99.11
N ASN EC 59 35.73 15.74 -99.95
CA ASN EC 59 35.18 17.09 -99.76
C ASN EC 59 36.20 18.20 -99.97
N ARG EC 60 37.49 17.87 -100.06
CA ARG EC 60 38.53 18.86 -100.29
C ARG EC 60 39.48 18.43 -101.40
N LYS EC 61 39.77 17.14 -101.48
CA LYS EC 61 40.46 16.44 -102.55
C LYS EC 61 41.96 16.72 -102.63
N ASN EC 62 42.45 17.87 -102.17
CA ASN EC 62 43.82 18.03 -101.68
C ASN EC 62 44.90 17.16 -102.33
N TYR EC 63 45.16 17.22 -103.63
CA TYR EC 63 46.13 16.30 -104.24
C TYR EC 63 47.50 16.47 -103.63
N LYS EC 64 48.17 15.35 -103.35
CA LYS EC 64 49.47 15.37 -102.69
C LYS EC 64 50.46 14.44 -103.39
N VAL EC 65 51.72 14.86 -103.41
CA VAL EC 65 52.82 14.02 -103.88
C VAL EC 65 54.00 14.24 -102.94
N GLN EC 66 54.70 13.16 -102.61
CA GLN EC 66 55.85 13.25 -101.72
C GLN EC 66 57.02 12.48 -102.30
N VAL EC 67 58.22 12.97 -102.03
CA VAL EC 67 59.45 12.35 -102.50
C VAL EC 67 60.42 12.32 -101.32
N LYS EC 68 60.87 11.12 -100.97
CA LYS EC 68 61.79 10.93 -99.86
C LYS EC 68 63.11 10.40 -100.41
N ILE EC 69 64.17 11.16 -100.23
CA ILE EC 69 65.52 10.73 -100.58
C ILE EC 69 66.25 10.43 -99.29
N GLN EC 70 66.82 9.24 -99.19
CA GLN EC 70 67.61 8.85 -98.04
C GLN EC 70 68.99 8.43 -98.51
N ASN EC 71 70.02 8.86 -97.80
CA ASN EC 71 71.40 8.51 -98.12
C ASN EC 71 72.13 8.13 -96.85
N PRO EC 72 72.48 6.86 -96.67
CA PRO EC 72 73.23 6.46 -95.48
C PRO EC 72 74.73 6.49 -95.72
N THR EC 73 75.45 6.38 -94.60
CA THR EC 73 76.91 6.27 -94.62
C THR EC 73 77.32 5.59 -93.33
N ALA EC 74 78.06 4.49 -93.49
CA ALA EC 74 78.52 3.68 -92.36
C ALA EC 74 80.01 3.94 -92.12
N CYS EC 75 80.48 3.45 -90.97
CA CYS EC 75 81.88 3.60 -90.60
C CYS EC 75 82.27 2.32 -89.86
N THR EC 76 82.90 1.40 -90.58
CA THR EC 76 83.24 0.12 -89.97
C THR EC 76 84.17 0.35 -88.77
N ALA EC 77 83.64 0.13 -87.58
CA ALA EC 77 84.43 0.29 -86.38
C ALA EC 77 85.41 -0.87 -86.22
N ASN EC 78 86.47 -0.60 -85.48
CA ASN EC 78 87.51 -1.60 -85.28
C ASN EC 78 86.95 -2.78 -84.50
N GLY EC 79 87.14 -3.99 -85.05
CA GLY EC 79 86.67 -5.21 -84.42
C GLY EC 79 85.24 -5.59 -84.76
N SER EC 80 84.50 -4.72 -85.43
CA SER EC 80 83.14 -5.03 -85.85
C SER EC 80 83.14 -5.42 -87.30
N CYS EC 81 82.60 -6.60 -87.59
CA CYS EC 81 82.56 -7.13 -88.95
C CYS EC 81 81.32 -6.69 -89.70
N ASP EC 82 80.77 -5.53 -89.35
CA ASP EC 82 79.52 -5.10 -89.94
C ASP EC 82 79.53 -3.58 -90.10
N PRO EC 83 79.57 -3.07 -91.32
CA PRO EC 83 79.64 -1.61 -91.49
C PRO EC 83 78.33 -0.95 -91.10
N SER EC 84 78.13 -0.79 -89.80
CA SER EC 84 76.92 -0.19 -89.28
C SER EC 84 76.78 1.24 -89.79
N VAL EC 85 75.58 1.59 -90.26
CA VAL EC 85 75.34 2.94 -90.71
C VAL EC 85 75.36 3.89 -89.52
N THR EC 86 76.29 4.83 -89.52
CA THR EC 86 76.39 5.82 -88.46
C THR EC 86 75.84 7.17 -88.87
N ARG EC 87 75.41 7.35 -90.10
CA ARG EC 87 75.10 8.67 -90.59
C ARG EC 87 74.05 8.54 -91.68
N GLN EC 88 73.09 9.48 -91.70
CA GLN EC 88 71.95 9.38 -92.58
C GLN EC 88 71.47 10.77 -92.94
N ALA EC 89 71.43 11.06 -94.23
CA ALA EC 89 70.89 12.32 -94.74
C ALA EC 89 69.52 12.07 -95.34
N TYR EC 90 68.58 12.95 -95.04
CA TYR EC 90 67.21 12.84 -95.51
C TYR EC 90 66.82 14.09 -96.28
N ALA EC 91 65.94 13.90 -97.25
CA ALA EC 91 65.39 15.01 -98.02
C ALA EC 91 63.94 14.67 -98.34
N ASP EC 92 63.02 15.45 -97.78
CA ASP EC 92 61.59 15.23 -97.97
C ASP EC 92 61.06 16.40 -98.77
N VAL EC 93 60.38 16.11 -99.87
CA VAL EC 93 59.68 17.10 -100.66
C VAL EC 93 58.20 16.73 -100.69
N THR EC 94 57.34 17.74 -100.61
CA THR EC 94 55.89 17.50 -100.65
C THR EC 94 55.25 18.59 -101.49
N PHE EC 95 54.63 18.18 -102.59
CA PHE EC 95 53.82 19.05 -103.43
C PHE EC 95 52.35 18.86 -103.10
N SER EC 96 51.64 19.98 -102.97
CA SER EC 96 50.22 19.98 -102.70
C SER EC 96 49.52 20.84 -103.74
N PHE EC 97 48.57 20.24 -104.45
CA PHE EC 97 47.83 20.91 -105.51
C PHE EC 97 46.34 20.80 -105.22
N THR EC 98 45.57 21.67 -105.84
CA THR EC 98 44.13 21.61 -105.67
C THR EC 98 43.51 20.71 -106.73
N GLN EC 99 42.23 20.41 -106.51
CA GLN EC 99 41.47 19.58 -107.44
C GLN EC 99 41.51 20.14 -108.84
N TYR EC 100 41.56 21.46 -108.98
CA TYR EC 100 41.48 22.12 -110.27
C TYR EC 100 42.84 22.54 -110.78
N SER EC 101 43.91 22.11 -110.13
CA SER EC 101 45.25 22.45 -110.58
C SER EC 101 45.43 22.02 -112.03
N THR EC 102 46.42 22.61 -112.68
CA THR EC 102 46.68 22.34 -114.08
C THR EC 102 48.13 21.95 -114.29
N ASP EC 103 48.33 21.06 -115.26
CA ASP EC 103 49.67 20.61 -115.59
C ASP EC 103 50.61 21.78 -115.78
N GLU EC 104 50.14 22.86 -116.37
CA GLU EC 104 50.97 24.03 -116.54
C GLU EC 104 51.59 24.46 -115.22
N GLU EC 105 50.75 24.82 -114.25
CA GLU EC 105 51.25 25.29 -112.98
C GLU EC 105 52.07 24.22 -112.30
N ARG EC 106 51.68 22.96 -112.45
CA ARG EC 106 52.41 21.91 -111.79
C ARG EC 106 53.85 21.86 -112.28
N ALA EC 107 54.03 21.79 -113.60
CA ALA EC 107 55.37 21.80 -114.15
C ALA EC 107 56.10 23.07 -113.77
N PHE EC 108 55.36 24.17 -113.71
CA PHE EC 108 55.95 25.43 -113.30
C PHE EC 108 56.61 25.29 -111.95
N VAL EC 109 55.86 24.76 -110.98
CA VAL EC 109 56.43 24.61 -109.64
C VAL EC 109 57.57 23.62 -109.65
N ARG EC 110 57.45 22.57 -110.47
CA ARG EC 110 58.53 21.58 -110.53
C ARG EC 110 59.83 22.24 -110.91
N THR EC 111 59.86 22.82 -112.10
CA THR EC 111 61.08 23.44 -112.56
C THR EC 111 61.49 24.56 -111.63
N GLU EC 112 60.53 25.18 -110.94
CA GLU EC 112 60.86 26.25 -110.02
C GLU EC 112 61.69 25.73 -108.88
N LEU EC 113 61.26 24.62 -108.29
CA LEU EC 113 62.02 24.00 -107.24
C LEU EC 113 63.39 23.58 -107.75
N ALA EC 114 63.45 23.03 -108.97
CA ALA EC 114 64.73 22.63 -109.51
C ALA EC 114 65.67 23.82 -109.61
N ALA EC 115 65.18 24.92 -110.16
CA ALA EC 115 66.00 26.11 -110.35
C ALA EC 115 66.46 26.67 -109.02
N LEU EC 116 65.58 26.69 -108.01
CA LEU EC 116 66.03 27.07 -106.69
C LEU EC 116 67.16 26.17 -106.24
N LEU EC 117 66.97 24.86 -106.37
CA LEU EC 117 67.96 23.91 -105.91
C LEU EC 117 69.28 24.11 -106.60
N ALA EC 118 69.29 24.69 -107.79
CA ALA EC 118 70.53 24.98 -108.48
C ALA EC 118 71.07 26.37 -108.20
N SER EC 119 70.24 27.30 -107.75
CA SER EC 119 70.66 28.68 -107.58
C SER EC 119 71.68 28.81 -106.46
N PRO EC 120 72.47 29.88 -106.48
CA PRO EC 120 73.44 30.09 -105.39
C PRO EC 120 72.82 30.12 -104.01
N LEU EC 121 71.58 30.62 -103.89
CA LEU EC 121 71.00 30.70 -102.56
C LEU EC 121 70.97 29.34 -101.90
N LEU EC 122 70.14 28.43 -102.40
CA LEU EC 122 70.04 27.16 -101.71
C LEU EC 122 71.39 26.47 -101.66
N ILE EC 123 72.25 26.76 -102.64
CA ILE EC 123 73.61 26.23 -102.60
C ILE EC 123 74.26 26.58 -101.27
N ASP EC 124 74.39 27.86 -100.98
CA ASP EC 124 74.98 28.22 -99.70
C ASP EC 124 74.11 27.86 -98.53
N ALA EC 125 72.80 27.71 -98.73
CA ALA EC 125 71.89 27.44 -97.64
C ALA EC 125 72.01 26.02 -97.14
N ILE EC 126 72.24 25.08 -98.04
CA ILE EC 126 72.32 23.67 -97.70
C ILE EC 126 73.77 23.20 -97.64
N ASP EC 127 74.56 23.55 -98.65
CA ASP EC 127 75.90 23.01 -98.75
C ASP EC 127 76.74 23.42 -97.54
N GLN EC 128 76.62 24.67 -97.14
CA GLN EC 128 77.35 25.19 -95.99
C GLN EC 128 76.45 25.43 -94.79
N LEU EC 129 75.18 25.03 -94.86
CA LEU EC 129 74.21 25.34 -93.82
C LEU EC 129 74.29 26.82 -93.45
N ASN EC 130 74.01 27.67 -94.41
CA ASN EC 130 74.09 29.10 -94.21
C ASN EC 130 72.72 29.74 -94.16
N PRO EC 131 72.21 30.12 -92.98
CA PRO EC 131 70.92 30.81 -92.96
C PRO EC 131 70.97 32.05 -93.83
N ALA EC 132 69.91 32.26 -94.58
CA ALA EC 132 69.91 33.32 -95.57
C ALA EC 132 69.54 34.64 -94.92
N TYR EC 133 70.36 35.66 -95.15
CA TYR EC 133 70.09 37.02 -94.72
C TYR EC 133 70.93 38.00 -95.50
N ALA FC 2 106.97 51.99 -55.97
CA ALA FC 2 106.94 51.68 -54.50
C ALA FC 2 107.59 50.33 -54.23
N LYS FC 3 108.86 50.18 -54.63
CA LYS FC 3 109.56 48.92 -54.45
C LYS FC 3 110.00 48.74 -53.00
N LEU FC 4 109.88 47.50 -52.52
CA LEU FC 4 110.14 47.17 -51.13
C LEU FC 4 111.59 46.77 -50.96
N GLU FC 5 112.27 47.39 -50.01
CA GLU FC 5 113.62 46.99 -49.64
C GLU FC 5 113.98 47.68 -48.33
N THR FC 6 115.22 47.49 -47.90
CA THR FC 6 115.65 48.00 -46.60
C THR FC 6 115.67 49.52 -46.61
N VAL FC 7 115.07 50.13 -45.60
CA VAL FC 7 115.07 51.57 -45.45
C VAL FC 7 115.93 51.94 -44.25
N THR FC 8 116.85 52.87 -44.47
CA THR FC 8 117.82 53.30 -43.48
C THR FC 8 117.41 54.68 -43.02
N LEU FC 9 116.80 54.75 -41.86
CA LEU FC 9 116.13 55.97 -41.45
C LEU FC 9 117.01 56.62 -40.38
N GLY FC 10 117.72 57.68 -40.74
CA GLY FC 10 118.74 58.25 -39.87
C GLY FC 10 118.33 59.54 -39.19
N ASN FC 11 119.10 59.96 -38.18
CA ASN FC 11 118.84 61.20 -37.47
C ASN FC 11 117.43 61.21 -36.87
N ILE FC 12 117.23 60.34 -35.89
CA ILE FC 12 115.95 60.18 -35.24
C ILE FC 12 116.13 60.28 -33.74
N GLY FC 13 115.02 60.52 -33.03
CA GLY FC 13 115.04 60.71 -31.59
C GLY FC 13 115.05 62.18 -31.23
N LYS FC 14 115.02 62.46 -29.92
CA LYS FC 14 115.12 63.84 -29.48
C LYS FC 14 116.36 64.48 -30.07
N ASP FC 15 117.48 63.80 -29.92
CA ASP FC 15 118.79 64.27 -30.37
C ASP FC 15 118.99 64.08 -31.85
N GLY FC 16 118.19 63.25 -32.51
CA GLY FC 16 118.43 62.96 -33.90
C GLY FC 16 119.77 62.27 -34.07
N LYS FC 17 120.02 61.27 -33.23
CA LYS FC 17 121.26 60.51 -33.28
C LYS FC 17 121.08 59.04 -33.60
N GLN FC 18 119.94 58.43 -33.26
CA GLN FC 18 119.77 57.02 -33.50
C GLN FC 18 119.46 56.75 -34.96
N THR FC 19 119.40 55.47 -35.31
CA THR FC 19 119.12 55.06 -36.68
C THR FC 19 118.24 53.82 -36.64
N LEU FC 20 117.39 53.71 -37.66
CA LEU FC 20 116.41 52.64 -37.77
C LEU FC 20 116.58 51.93 -39.10
N VAL FC 21 116.89 50.64 -39.05
CA VAL FC 21 117.04 49.83 -40.26
C VAL FC 21 115.81 48.94 -40.37
N LEU FC 22 114.98 49.19 -41.39
CA LEU FC 22 113.75 48.45 -41.59
C LEU FC 22 113.90 47.57 -42.81
N ASN FC 23 113.83 46.33 -42.61
CA ASN FC 23 113.86 45.34 -43.66
C ASN FC 23 112.44 44.95 -44.08
N PRO FC 24 112.30 44.41 -45.27
CA PRO FC 24 110.97 44.24 -45.87
C PRO FC 24 110.22 43.03 -45.33
N ARG FC 25 108.92 43.01 -45.61
CA ARG FC 25 108.02 42.01 -45.07
C ARG FC 25 107.43 41.31 -46.28
N GLY FC 26 106.43 40.46 -46.09
CA GLY FC 26 105.52 40.07 -47.16
C GLY FC 26 104.23 40.87 -47.10
N VAL FC 27 103.67 41.18 -48.27
CA VAL FC 27 102.48 42.01 -48.33
C VAL FC 27 101.25 41.15 -48.05
N ASN FC 28 100.43 41.59 -47.11
CA ASN FC 28 99.20 40.89 -46.79
C ASN FC 28 98.26 40.83 -47.98
N PRO FC 29 98.09 39.67 -48.60
CA PRO FC 29 97.17 39.59 -49.75
C PRO FC 29 95.72 39.83 -49.37
N THR FC 30 95.32 39.53 -48.13
CA THR FC 30 93.93 39.71 -47.76
C THR FC 30 93.50 41.16 -47.86
N ASN FC 31 94.43 42.09 -47.71
CA ASN FC 31 94.09 43.50 -47.83
C ASN FC 31 95.17 44.28 -48.55
N GLY FC 32 96.22 43.64 -49.05
CA GLY FC 32 97.23 44.35 -49.80
C GLY FC 32 97.89 45.39 -48.93
N VAL FC 33 98.69 44.94 -47.98
CA VAL FC 33 99.36 45.83 -47.04
C VAL FC 33 100.83 45.44 -46.99
N ALA FC 34 101.70 46.32 -47.47
CA ALA FC 34 103.12 46.09 -47.34
C ALA FC 34 103.56 46.42 -45.93
N SER FC 35 104.63 45.78 -45.48
CA SER FC 35 105.10 45.98 -44.12
C SER FC 35 106.62 45.90 -44.05
N LEU FC 36 107.17 46.59 -43.07
CA LEU FC 36 108.59 46.62 -42.81
C LEU FC 36 108.81 46.51 -41.31
N SER FC 37 109.96 45.95 -40.94
CA SER FC 37 110.21 45.67 -39.53
C SER FC 37 111.67 45.90 -39.22
N GLN FC 38 111.97 46.07 -37.93
CA GLN FC 38 113.34 46.29 -37.49
C GLN FC 38 114.24 45.23 -38.09
N ALA FC 39 115.54 45.53 -38.18
CA ALA FC 39 116.47 44.59 -38.78
C ALA FC 39 116.36 43.21 -38.16
N GLY FC 40 115.88 43.13 -36.93
CA GLY FC 40 115.79 41.88 -36.20
C GLY FC 40 116.76 41.84 -35.03
N ALA FC 41 116.82 40.66 -34.39
CA ALA FC 41 116.05 39.49 -34.82
C ALA FC 41 114.62 39.53 -34.30
N VAL FC 42 114.46 39.40 -32.97
CA VAL FC 42 113.11 39.42 -32.41
C VAL FC 42 112.45 40.77 -32.63
N PRO FC 43 113.13 41.91 -32.46
CA PRO FC 43 112.45 43.19 -32.71
C PRO FC 43 111.74 43.26 -34.06
N ALA FC 44 112.10 42.38 -35.00
CA ALA FC 44 111.36 42.29 -36.25
C ALA FC 44 109.91 41.95 -36.00
N LEU FC 45 109.63 41.12 -34.99
CA LEU FC 45 108.27 40.83 -34.59
C LEU FC 45 107.77 41.77 -33.51
N GLU FC 46 108.42 42.92 -33.33
CA GLU FC 46 107.95 43.94 -32.40
C GLU FC 46 107.66 45.27 -33.09
N LYS FC 47 108.65 45.86 -33.74
CA LYS FC 47 108.45 47.11 -34.45
C LYS FC 47 107.86 46.85 -35.83
N ARG FC 48 106.87 47.64 -36.20
CA ARG FC 48 106.17 47.41 -37.46
C ARG FC 48 105.86 48.73 -38.14
N VAL FC 49 105.92 48.70 -39.46
CA VAL FC 49 105.69 49.87 -40.29
C VAL FC 49 104.91 49.38 -41.50
N THR FC 50 103.64 49.69 -41.57
CA THR FC 50 102.82 49.15 -42.64
C THR FC 50 102.22 50.24 -43.51
N VAL FC 51 102.20 49.97 -44.81
CA VAL FC 51 101.80 50.93 -45.83
C VAL FC 51 100.79 50.25 -46.74
N SER FC 52 99.70 50.95 -47.04
CA SER FC 52 98.73 50.46 -48.00
C SER FC 52 98.23 51.64 -48.81
N VAL FC 53 97.67 51.35 -49.98
CA VAL FC 53 97.07 52.38 -50.83
C VAL FC 53 95.80 51.77 -51.45
N SER FC 54 94.66 52.11 -50.89
CA SER FC 54 93.40 51.65 -51.46
C SER FC 54 92.98 52.59 -52.57
N GLN FC 55 92.67 52.01 -53.71
CA GLN FC 55 92.36 52.76 -54.91
C GLN FC 55 90.87 53.06 -54.94
N PRO FC 56 90.42 53.92 -55.84
CA PRO FC 56 89.01 54.26 -55.90
C PRO FC 56 88.14 53.01 -55.97
N SER FC 57 86.91 53.18 -55.56
CA SER FC 57 85.97 52.06 -55.43
C SER FC 57 84.60 52.67 -55.18
N ARG FC 58 83.64 51.79 -54.91
CA ARG FC 58 82.29 52.27 -54.66
C ARG FC 58 82.23 53.02 -53.34
N ASN FC 59 82.99 52.59 -52.35
CA ASN FC 59 83.10 53.34 -51.12
C ASN FC 59 84.30 54.28 -51.15
N ARG FC 60 85.35 53.92 -51.90
CA ARG FC 60 86.49 54.79 -52.13
C ARG FC 60 86.13 55.78 -53.23
N LYS FC 61 86.81 56.94 -53.32
CA LYS FC 61 86.49 57.78 -54.48
C LYS FC 61 87.61 58.30 -55.37
N ASN FC 62 88.61 59.10 -54.93
CA ASN FC 62 89.25 59.30 -53.63
C ASN FC 62 90.13 58.14 -53.13
N TYR FC 63 91.26 57.97 -53.80
CA TYR FC 63 92.36 57.15 -53.31
C TYR FC 63 92.65 57.47 -51.86
N LYS FC 64 93.14 56.48 -51.12
CA LYS FC 64 93.61 56.69 -49.77
C LYS FC 64 94.93 55.95 -49.57
N VAL FC 65 95.94 56.66 -49.10
CA VAL FC 65 97.21 56.06 -48.73
C VAL FC 65 97.31 56.06 -47.22
N GLN FC 66 97.44 54.88 -46.64
CA GLN FC 66 97.46 54.69 -45.20
C GLN FC 66 98.85 54.23 -44.76
N VAL FC 67 99.34 54.83 -43.68
CA VAL FC 67 100.66 54.53 -43.16
C VAL FC 67 100.53 54.42 -41.65
N LYS FC 68 100.64 53.22 -41.11
CA LYS FC 68 100.56 53.04 -39.68
C LYS FC 68 101.90 52.57 -39.14
N ILE FC 69 102.27 53.13 -38.00
CA ILE FC 69 103.57 52.98 -37.39
C ILE FC 69 103.38 52.48 -35.97
N GLN FC 70 104.05 51.37 -35.62
CA GLN FC 70 103.81 50.72 -34.34
C GLN FC 70 105.13 50.41 -33.68
N ASN FC 71 105.35 50.94 -32.47
CA ASN FC 71 106.55 50.68 -31.66
C ASN FC 71 106.14 50.15 -30.30
N PRO FC 72 106.33 48.88 -30.02
CA PRO FC 72 106.04 48.38 -28.69
C PRO FC 72 107.25 48.41 -27.79
N THR FC 73 107.15 49.00 -26.61
CA THR FC 73 108.21 48.89 -25.62
C THR FC 73 107.89 47.75 -24.65
N ALA FC 74 108.88 46.88 -24.49
CA ALA FC 74 108.80 45.72 -23.64
C ALA FC 74 109.95 45.78 -22.64
N CYS FC 75 109.87 44.89 -21.66
CA CYS FC 75 110.93 44.79 -20.65
C CYS FC 75 110.89 43.40 -20.04
N THR FC 76 111.93 43.09 -19.29
CA THR FC 76 112.12 41.78 -18.67
C THR FC 76 112.07 41.93 -17.16
N ALA FC 77 111.09 41.31 -16.52
CA ALA FC 77 111.03 41.32 -15.07
C ALA FC 77 112.26 40.60 -14.52
N ASN FC 78 112.69 41.05 -13.34
CA ASN FC 78 113.91 40.52 -12.75
C ASN FC 78 113.70 39.09 -12.26
N GLY FC 79 113.94 38.13 -13.12
CA GLY FC 79 113.71 36.74 -12.79
C GLY FC 79 113.18 35.97 -13.98
N SER FC 80 112.48 36.65 -14.87
CA SER FC 80 112.02 36.01 -16.11
C SER FC 80 113.11 36.09 -17.16
N CYS FC 81 112.84 35.56 -18.35
CA CYS FC 81 113.80 35.65 -19.45
C CYS FC 81 113.19 36.36 -20.66
N ASP FC 82 112.06 35.86 -21.12
CA ASP FC 82 111.45 36.41 -22.33
C ASP FC 82 110.84 37.77 -22.02
N PRO FC 83 111.17 38.82 -22.77
CA PRO FC 83 110.61 40.14 -22.48
C PRO FC 83 109.18 40.26 -22.93
N SER FC 84 108.36 40.94 -22.14
CA SER FC 84 106.96 41.16 -22.49
C SER FC 84 106.69 42.65 -22.67
N VAL FC 85 105.72 42.95 -23.52
CA VAL FC 85 105.42 44.33 -23.89
C VAL FC 85 104.64 44.99 -22.77
N THR FC 86 105.23 46.03 -22.18
CA THR FC 86 104.55 46.77 -21.13
C THR FC 86 103.79 47.97 -21.67
N ARG FC 87 104.09 48.37 -22.89
CA ARG FC 87 103.47 49.54 -23.49
C ARG FC 87 103.71 49.49 -24.98
N GLN FC 88 102.93 50.26 -25.72
CA GLN FC 88 103.10 50.27 -27.17
C GLN FC 88 102.48 51.55 -27.72
N ALA FC 89 103.29 52.34 -28.39
CA ALA FC 89 102.83 53.54 -29.04
C ALA FC 89 102.61 53.25 -30.52
N TYR FC 90 101.70 53.98 -31.12
CA TYR FC 90 101.54 53.87 -32.57
C TYR FC 90 100.80 55.06 -33.08
N ALA FC 91 100.95 55.30 -34.39
CA ALA FC 91 100.34 56.44 -35.04
C ALA FC 91 99.90 56.04 -36.44
N ASP FC 92 98.96 56.82 -36.97
CA ASP FC 92 98.37 56.54 -38.28
C ASP FC 92 98.33 57.83 -39.09
N VAL FC 93 98.85 57.78 -40.30
CA VAL FC 93 98.75 58.87 -41.25
C VAL FC 93 97.87 58.43 -42.40
N THR FC 94 96.94 59.30 -42.81
CA THR FC 94 95.97 58.95 -43.84
C THR FC 94 95.92 60.08 -44.86
N PHE FC 95 96.23 59.75 -46.11
CA PHE FC 95 96.21 60.69 -47.23
C PHE FC 95 95.01 60.39 -48.11
N SER FC 96 94.06 61.31 -48.16
CA SER FC 96 92.88 61.16 -49.00
C SER FC 96 93.02 62.09 -50.20
N PHE FC 97 93.17 61.51 -51.39
CA PHE FC 97 93.38 62.26 -52.62
C PHE FC 97 92.29 61.92 -53.62
N THR FC 98 91.93 62.87 -54.45
CA THR FC 98 90.88 62.63 -55.42
C THR FC 98 91.48 62.05 -56.70
N GLN FC 99 90.58 61.54 -57.55
CA GLN FC 99 91.01 60.96 -58.80
C GLN FC 99 91.77 61.99 -59.62
N TYR FC 100 91.26 63.21 -59.65
CA TYR FC 100 91.90 64.25 -60.43
C TYR FC 100 93.12 64.83 -59.75
N SER FC 101 93.46 64.38 -58.55
CA SER FC 101 94.62 64.91 -57.86
C SER FC 101 95.88 64.78 -58.70
N THR FC 102 96.92 65.52 -58.31
CA THR FC 102 98.13 65.63 -59.10
C THR FC 102 99.36 65.44 -58.23
N ASP FC 103 100.37 64.77 -58.80
CA ASP FC 103 101.53 64.39 -58.01
C ASP FC 103 102.18 65.60 -57.36
N GLU FC 104 102.18 66.75 -58.05
CA GLU FC 104 102.76 67.94 -57.44
C GLU FC 104 102.03 68.28 -56.14
N GLU FC 105 100.70 68.27 -56.16
CA GLU FC 105 99.95 68.52 -54.94
C GLU FC 105 100.25 67.44 -53.90
N ARG FC 106 100.34 66.20 -54.35
CA ARG FC 106 100.59 65.10 -53.42
C ARG FC 106 101.91 65.30 -52.70
N ALA FC 107 102.97 65.57 -53.46
CA ALA FC 107 104.26 65.80 -52.84
C ALA FC 107 104.21 67.02 -51.94
N PHE FC 108 103.47 68.04 -52.37
CA PHE FC 108 103.33 69.23 -51.56
C PHE FC 108 102.81 68.88 -50.17
N VAL FC 109 101.71 68.14 -50.11
CA VAL FC 109 101.15 67.79 -48.82
C VAL FC 109 102.11 66.91 -48.04
N ARG FC 110 102.78 65.99 -48.73
CA ARG FC 110 103.71 65.11 -48.03
C ARG FC 110 104.78 65.91 -47.32
N THR FC 111 105.56 66.65 -48.09
CA THR FC 111 106.62 67.46 -47.50
C THR FC 111 106.08 68.41 -46.45
N GLU FC 112 104.84 68.87 -46.62
CA GLU FC 112 104.32 69.84 -45.68
C GLU FC 112 104.04 69.20 -44.33
N LEU FC 113 103.38 68.04 -44.36
CA LEU FC 113 103.24 67.26 -43.14
C LEU FC 113 104.61 67.00 -42.53
N ALA FC 114 105.59 66.68 -43.38
CA ALA FC 114 106.91 66.35 -42.87
C ALA FC 114 107.48 67.50 -42.06
N ALA FC 115 107.51 68.68 -42.66
CA ALA FC 115 108.21 69.76 -41.99
C ALA FC 115 107.36 70.35 -40.88
N LEU FC 116 106.04 70.12 -40.89
CA LEU FC 116 105.27 70.40 -39.70
C LEU FC 116 105.70 69.47 -38.57
N LEU FC 117 105.85 68.19 -38.87
CA LEU FC 117 106.36 67.28 -37.85
C LEU FC 117 107.70 67.76 -37.35
N ALA FC 118 108.48 68.37 -38.23
CA ALA FC 118 109.79 68.91 -37.84
C ALA FC 118 109.68 70.26 -37.15
N SER FC 119 108.51 70.87 -37.12
CA SER FC 119 108.34 72.22 -36.60
C SER FC 119 108.29 72.24 -35.07
N PRO FC 120 108.67 73.36 -34.46
CA PRO FC 120 108.59 73.44 -32.99
C PRO FC 120 107.21 73.09 -32.48
N LEU FC 121 106.18 73.51 -33.21
CA LEU FC 121 104.82 73.33 -32.74
C LEU FC 121 104.52 71.87 -32.43
N LEU FC 122 104.58 71.02 -33.44
CA LEU FC 122 104.16 69.64 -33.23
C LEU FC 122 105.16 68.91 -32.36
N ILE FC 123 106.45 69.23 -32.48
CA ILE FC 123 107.41 68.53 -31.65
C ILE FC 123 107.13 68.80 -30.18
N ASP FC 124 106.67 70.00 -29.85
CA ASP FC 124 106.40 70.26 -28.45
C ASP FC 124 105.02 69.73 -28.06
N ALA FC 125 104.07 69.75 -28.99
CA ALA FC 125 102.76 69.19 -28.72
C ALA FC 125 102.79 67.68 -28.60
N ILE FC 126 103.86 67.06 -29.07
CA ILE FC 126 104.01 65.62 -28.99
C ILE FC 126 104.97 65.32 -27.87
N ASP FC 127 106.23 65.74 -28.01
CA ASP FC 127 107.29 65.50 -27.03
C ASP FC 127 106.81 65.71 -25.60
N GLN FC 128 105.88 66.61 -25.39
CA GLN FC 128 105.43 66.93 -24.06
C GLN FC 128 103.92 66.84 -23.91
N LEU FC 129 103.20 66.47 -24.96
CA LEU FC 129 101.74 66.54 -24.94
C LEU FC 129 101.26 67.96 -24.67
N ASN FC 130 101.95 68.95 -25.22
CA ASN FC 130 101.60 70.31 -24.90
C ASN FC 130 100.54 70.79 -25.87
N PRO FC 131 99.30 70.97 -25.45
CA PRO FC 131 98.34 71.65 -26.33
C PRO FC 131 98.81 73.05 -26.64
N ALA FC 132 98.46 73.51 -27.82
CA ALA FC 132 98.97 74.78 -28.30
C ALA FC 132 98.19 75.90 -27.64
N TYR FC 133 98.84 76.62 -26.72
CA TYR FC 133 98.22 77.78 -26.11
C TYR FC 133 99.27 78.76 -25.61
N ALA GC 2 106.66 36.19 -66.79
CA ALA GC 2 105.76 37.33 -67.12
C ALA GC 2 106.06 38.55 -66.25
N LYS GC 3 107.32 38.67 -65.83
CA LYS GC 3 107.70 39.79 -65.00
C LYS GC 3 107.34 41.11 -65.67
N LEU GC 4 106.77 42.01 -64.88
CA LEU GC 4 106.31 43.28 -65.41
C LEU GC 4 107.48 44.06 -65.99
N GLU GC 5 107.18 44.92 -66.95
CA GLU GC 5 108.18 45.77 -67.54
C GLU GC 5 107.46 46.83 -68.37
N THR GC 6 108.18 47.92 -68.65
CA THR GC 6 107.64 48.97 -69.49
C THR GC 6 107.35 48.44 -70.89
N VAL GC 7 106.07 48.33 -71.22
CA VAL GC 7 105.65 47.78 -72.50
C VAL GC 7 105.64 48.90 -73.53
N THR GC 8 106.25 48.66 -74.68
CA THR GC 8 106.34 49.64 -75.75
C THR GC 8 105.58 49.10 -76.94
N LEU GC 9 104.41 49.67 -77.20
CA LEU GC 9 103.60 49.24 -78.32
C LEU GC 9 103.80 50.21 -79.47
N GLY GC 10 104.19 49.69 -80.63
CA GLY GC 10 104.56 50.52 -81.77
C GLY GC 10 103.37 51.01 -82.56
N ASN GC 11 103.41 50.83 -83.88
CA ASN GC 11 102.41 51.42 -84.74
C ASN GC 11 101.03 51.03 -84.27
N ILE GC 12 100.12 52.02 -84.28
CA ILE GC 12 98.89 51.95 -83.52
C ILE GC 12 97.94 52.99 -84.09
N GLY GC 13 96.66 52.69 -84.02
CA GLY GC 13 95.63 53.62 -84.45
C GLY GC 13 95.24 53.37 -85.89
N LYS GC 14 94.44 54.29 -86.43
CA LYS GC 14 93.97 54.13 -87.80
C LYS GC 14 95.13 54.11 -88.77
N ASP GC 15 95.98 55.13 -88.71
CA ASP GC 15 97.11 55.25 -89.62
C ASP GC 15 98.26 54.33 -89.25
N GLY GC 16 98.30 53.85 -88.02
CA GLY GC 16 99.40 53.04 -87.55
C GLY GC 16 100.71 53.78 -87.48
N LYS GC 17 100.72 54.99 -86.89
CA LYS GC 17 101.99 55.67 -86.61
C LYS GC 17 102.15 56.15 -85.17
N GLN GC 18 101.20 55.92 -84.28
CA GLN GC 18 101.39 56.35 -82.90
C GLN GC 18 102.13 55.28 -82.11
N THR GC 19 102.47 55.60 -80.87
CA THR GC 19 103.20 54.68 -80.01
C THR GC 19 102.74 54.86 -78.58
N LEU GC 20 102.72 53.75 -77.84
CA LEU GC 20 102.25 53.74 -76.46
C LEU GC 20 103.35 53.21 -75.57
N VAL GC 21 103.52 53.83 -74.41
CA VAL GC 21 104.55 53.46 -73.45
C VAL GC 21 103.86 53.24 -72.12
N LEU GC 22 103.71 51.98 -71.72
CA LEU GC 22 103.00 51.60 -70.52
C LEU GC 22 104.00 51.26 -69.43
N ASN GC 23 104.01 52.05 -68.37
CA ASN GC 23 104.87 51.83 -67.22
C ASN GC 23 104.24 50.82 -66.27
N PRO GC 24 105.02 49.86 -65.77
CA PRO GC 24 104.46 48.92 -64.78
C PRO GC 24 104.29 49.58 -63.41
N ARG GC 25 103.05 49.60 -62.94
CA ARG GC 25 102.75 50.24 -61.66
C ARG GC 25 102.93 49.25 -60.51
N GLY GC 26 102.18 48.17 -60.53
CA GLY GC 26 102.25 47.20 -59.46
C GLY GC 26 101.32 46.04 -59.73
N VAL GC 27 100.99 45.30 -58.68
CA VAL GC 27 100.09 44.18 -58.82
C VAL GC 27 99.20 44.11 -57.59
N ASN GC 28 97.93 44.40 -57.77
CA ASN GC 28 97.00 44.32 -56.67
C ASN GC 28 96.81 42.86 -56.29
N PRO GC 29 97.15 42.45 -55.10
CA PRO GC 29 96.98 41.05 -54.71
C PRO GC 29 95.55 40.70 -54.35
N THR GC 30 94.77 41.67 -53.89
CA THR GC 30 93.40 41.39 -53.51
C THR GC 30 92.68 40.58 -54.57
N ASN GC 31 93.10 40.69 -55.81
CA ASN GC 31 92.53 39.89 -56.88
C ASN GC 31 93.61 39.34 -57.80
N GLY GC 32 94.87 39.51 -57.47
CA GLY GC 32 95.93 39.02 -58.32
C GLY GC 32 95.84 39.62 -59.72
N VAL GC 33 95.96 40.93 -59.82
CA VAL GC 33 95.83 41.63 -61.10
C VAL GC 33 96.99 42.60 -61.24
N ALA GC 34 97.78 42.43 -62.28
CA ALA GC 34 98.88 43.34 -62.54
C ALA GC 34 98.39 44.54 -63.33
N SER GC 35 98.95 45.71 -63.04
CA SER GC 35 98.48 46.99 -63.56
C SER GC 35 99.57 47.67 -64.36
N LEU GC 36 99.19 48.21 -65.51
CA LEU GC 36 100.05 49.00 -66.37
C LEU GC 36 99.37 50.32 -66.67
N SER GC 37 100.15 51.38 -66.76
CA SER GC 37 99.58 52.70 -67.01
C SER GC 37 100.54 53.50 -67.86
N GLN GC 38 99.98 54.36 -68.70
CA GLN GC 38 100.81 55.28 -69.45
C GLN GC 38 101.45 56.29 -68.50
N ALA GC 39 102.62 56.78 -68.89
CA ALA GC 39 103.31 57.76 -68.05
C ALA GC 39 102.47 59.03 -67.96
N GLY GC 40 102.26 59.51 -66.75
CA GLY GC 40 101.45 60.69 -66.54
C GLY GC 40 101.55 61.17 -65.12
N ALA GC 41 100.60 62.03 -64.75
CA ALA GC 41 100.52 62.51 -63.38
C ALA GC 41 99.09 62.37 -62.87
N VAL GC 42 98.11 62.67 -63.71
CA VAL GC 42 96.73 62.68 -63.27
C VAL GC 42 96.17 61.28 -63.44
N PRO GC 43 95.87 60.55 -62.37
CA PRO GC 43 95.38 59.17 -62.55
C PRO GC 43 94.14 59.10 -63.41
N ALA GC 44 93.25 60.08 -63.28
CA ALA GC 44 91.98 60.04 -63.97
C ALA GC 44 92.11 60.22 -65.47
N LEU GC 45 93.30 60.57 -65.95
CA LEU GC 45 93.48 60.92 -67.36
C LEU GC 45 94.63 60.15 -67.94
N GLU GC 46 94.65 58.83 -67.74
CA GLU GC 46 95.80 58.08 -68.21
C GLU GC 46 95.29 56.75 -68.73
N LYS GC 47 96.00 56.19 -69.71
CA LYS GC 47 95.58 54.96 -70.34
C LYS GC 47 96.00 53.77 -69.47
N ARG GC 48 95.03 52.94 -69.08
CA ARG GC 48 95.26 51.87 -68.12
C ARG GC 48 95.02 50.50 -68.73
N VAL GC 49 95.73 49.52 -68.20
CA VAL GC 49 95.63 48.14 -68.65
C VAL GC 49 95.83 47.23 -67.45
N THR GC 50 95.09 46.14 -67.40
CA THR GC 50 95.20 45.19 -66.30
C THR GC 50 95.13 43.78 -66.83
N VAL GC 51 95.95 42.92 -66.24
CA VAL GC 51 96.03 41.51 -66.63
C VAL GC 51 95.85 40.65 -65.41
N SER GC 52 95.00 39.64 -65.53
CA SER GC 52 94.69 38.75 -64.42
C SER GC 52 94.68 37.32 -64.92
N VAL GC 53 95.10 36.40 -64.05
CA VAL GC 53 95.24 35.00 -64.37
C VAL GC 53 94.62 34.23 -63.22
N SER GC 54 93.35 33.82 -63.39
CA SER GC 54 92.66 33.09 -62.35
C SER GC 54 92.86 31.59 -62.56
N GLN GC 55 93.47 30.94 -61.57
CA GLN GC 55 93.69 29.51 -61.61
C GLN GC 55 92.40 28.77 -61.28
N PRO GC 56 92.27 27.53 -61.74
CA PRO GC 56 91.08 26.75 -61.41
C PRO GC 56 90.86 26.67 -59.90
N SER GC 57 89.62 26.87 -59.50
CA SER GC 57 89.20 26.72 -58.12
C SER GC 57 88.51 25.38 -57.92
N ARG GC 58 88.15 25.10 -56.68
CA ARG GC 58 87.34 23.93 -56.38
C ARG GC 58 85.95 24.03 -56.98
N ASN GC 59 85.53 25.22 -57.41
CA ASN GC 59 84.22 25.42 -58.03
C ASN GC 59 84.27 25.42 -59.55
N ARG GC 60 85.41 25.77 -60.15
CA ARG GC 60 85.45 26.06 -61.56
C ARG GC 60 86.33 25.09 -62.35
N LYS GC 61 87.52 24.79 -61.88
CA LYS GC 61 88.38 23.84 -62.58
C LYS GC 61 88.61 24.30 -64.01
N ASN GC 62 88.79 25.60 -64.18
CA ASN GC 62 89.06 26.16 -65.50
C ASN GC 62 89.97 27.37 -65.37
N TYR GC 63 91.04 27.40 -66.15
CA TYR GC 63 91.93 28.55 -66.16
C TYR GC 63 91.30 29.71 -66.92
N LYS GC 64 91.40 30.91 -66.36
CA LYS GC 64 90.84 32.11 -66.95
C LYS GC 64 91.91 33.20 -67.05
N VAL GC 65 91.86 33.96 -68.13
CA VAL GC 65 92.77 35.09 -68.33
C VAL GC 65 91.95 36.30 -68.71
N GLN GC 66 92.10 37.37 -67.93
CA GLN GC 66 91.34 38.59 -68.11
C GLN GC 66 92.27 39.72 -68.52
N VAL GC 67 91.91 40.44 -69.57
CA VAL GC 67 92.67 41.59 -70.05
C VAL GC 67 91.71 42.76 -70.16
N LYS GC 68 91.91 43.78 -69.33
CA LYS GC 68 91.09 44.98 -69.33
C LYS GC 68 91.89 46.16 -69.83
N ILE GC 69 91.32 46.92 -70.77
CA ILE GC 69 91.91 48.16 -71.27
C ILE GC 69 90.91 49.27 -71.03
N GLN GC 70 91.40 50.40 -70.52
CA GLN GC 70 90.59 51.60 -70.35
C GLN GC 70 91.35 52.78 -70.92
N ASN GC 71 90.69 53.54 -71.78
CA ASN GC 71 91.29 54.73 -72.39
C ASN GC 71 90.34 55.91 -72.22
N PRO GC 72 90.64 56.84 -71.33
CA PRO GC 72 89.81 58.04 -71.21
C PRO GC 72 90.27 59.14 -72.17
N THR GC 73 89.41 60.14 -72.29
CA THR GC 73 89.75 61.32 -73.09
C THR GC 73 89.95 62.54 -72.18
N ALA GC 74 90.68 63.52 -72.70
CA ALA GC 74 91.00 64.71 -71.93
C ALA GC 74 89.82 65.66 -71.85
N CYS GC 75 89.33 66.11 -73.01
CA CYS GC 75 88.29 67.14 -73.06
C CYS GC 75 88.72 68.34 -72.22
N THR GC 76 89.95 68.79 -72.46
CA THR GC 76 90.47 69.95 -71.75
C THR GC 76 89.71 71.21 -72.11
N ALA GC 77 89.23 71.93 -71.11
CA ALA GC 77 88.47 73.14 -71.30
C ALA GC 77 89.38 74.36 -71.41
N ASN GC 78 88.80 75.45 -71.91
CA ASN GC 78 89.55 76.70 -72.11
C ASN GC 78 89.87 77.31 -70.75
N GLY GC 79 90.68 76.59 -69.98
CA GLY GC 79 91.26 77.10 -68.76
C GLY GC 79 90.51 76.64 -67.53
N SER GC 80 90.65 77.41 -66.47
CA SER GC 80 89.86 77.35 -65.26
C SER GC 80 90.23 76.18 -64.36
N CYS GC 81 90.71 75.09 -64.94
CA CYS GC 81 91.50 74.05 -64.26
C CYS GC 81 91.63 72.88 -65.21
N ASP GC 82 92.35 71.84 -64.78
CA ASP GC 82 92.76 70.79 -65.68
C ASP GC 82 91.56 70.03 -66.23
N PRO GC 83 91.75 69.30 -67.33
CA PRO GC 83 90.64 68.62 -67.99
C PRO GC 83 89.82 67.75 -67.05
N SER GC 84 88.67 67.34 -67.55
CA SER GC 84 87.80 66.38 -66.87
C SER GC 84 87.48 65.25 -67.82
N VAL GC 85 87.30 64.06 -67.26
CA VAL GC 85 86.95 62.92 -68.09
C VAL GC 85 85.51 63.07 -68.57
N THR GC 86 85.29 62.75 -69.83
CA THR GC 86 83.94 62.73 -70.38
C THR GC 86 83.72 61.45 -71.18
N ARG GC 87 84.80 60.75 -71.48
CA ARG GC 87 84.83 59.74 -72.52
C ARG GC 87 85.70 58.60 -72.01
N GLN GC 88 85.20 57.37 -72.06
CA GLN GC 88 86.09 56.26 -71.71
C GLN GC 88 85.79 55.09 -72.63
N ALA GC 89 86.78 54.72 -73.44
CA ALA GC 89 86.69 53.52 -74.25
C ALA GC 89 87.13 52.33 -73.41
N TYR GC 90 86.39 51.24 -73.56
CA TYR GC 90 86.61 50.03 -72.78
C TYR GC 90 86.89 48.86 -73.70
N ALA GC 91 87.80 48.00 -73.27
CA ALA GC 91 88.06 46.76 -73.96
C ALA GC 91 88.27 45.67 -72.93
N ASP GC 92 87.69 44.50 -73.18
CA ASP GC 92 87.75 43.41 -72.21
C ASP GC 92 87.85 42.09 -72.94
N VAL GC 93 88.97 41.41 -72.78
CA VAL GC 93 89.19 40.09 -73.36
C VAL GC 93 89.20 39.08 -72.23
N THR GC 94 88.65 37.91 -72.48
CA THR GC 94 88.54 36.87 -71.46
C THR GC 94 88.78 35.51 -72.12
N PHE GC 95 90.00 35.01 -72.01
CA PHE GC 95 90.29 33.67 -72.48
C PHE GC 95 89.97 32.66 -71.39
N SER GC 96 89.52 31.48 -71.80
CA SER GC 96 89.24 30.41 -70.87
C SER GC 96 89.74 29.10 -71.45
N PHE GC 97 90.23 28.22 -70.59
CA PHE GC 97 90.79 26.95 -71.02
C PHE GC 97 90.66 25.90 -69.93
N THR GC 98 90.80 24.65 -70.33
CA THR GC 98 90.66 23.55 -69.42
C THR GC 98 92.00 23.14 -68.84
N GLN GC 99 91.93 22.33 -67.79
CA GLN GC 99 93.12 21.89 -67.11
C GLN GC 99 94.05 21.15 -68.03
N TYR GC 100 93.50 20.46 -69.03
CA TYR GC 100 94.31 19.77 -70.03
C TYR GC 100 94.56 20.63 -71.25
N SER GC 101 94.47 21.95 -71.12
CA SER GC 101 94.79 22.85 -72.21
C SER GC 101 96.27 22.75 -72.57
N THR GC 102 96.62 23.26 -73.76
CA THR GC 102 98.00 23.27 -74.24
C THR GC 102 98.44 24.66 -74.66
N ASP GC 103 99.69 24.98 -74.32
CA ASP GC 103 100.33 26.12 -74.93
C ASP GC 103 100.01 26.19 -76.41
N GLU GC 104 100.02 25.04 -77.08
CA GLU GC 104 99.74 25.01 -78.51
C GLU GC 104 98.49 25.78 -78.86
N GLU GC 105 97.34 25.26 -78.46
CA GLU GC 105 96.10 25.83 -78.94
C GLU GC 105 95.87 27.18 -78.33
N ARG GC 106 96.48 27.43 -77.18
CA ARG GC 106 96.16 28.69 -76.52
C ARG GC 106 96.94 29.82 -77.18
N ALA GC 107 98.16 29.51 -77.62
CA ALA GC 107 98.85 30.39 -78.56
C ALA GC 107 98.05 30.56 -79.85
N PHE GC 108 97.50 29.46 -80.37
CA PHE GC 108 96.79 29.56 -81.64
C PHE GC 108 95.62 30.52 -81.52
N VAL GC 109 94.81 30.34 -80.48
CA VAL GC 109 93.62 31.18 -80.34
C VAL GC 109 94.04 32.61 -80.08
N ARG GC 110 95.10 32.80 -79.29
CA ARG GC 110 95.68 34.13 -79.18
C ARG GC 110 95.90 34.76 -80.53
N THR GC 111 96.75 34.14 -81.33
CA THR GC 111 97.16 34.74 -82.57
C THR GC 111 95.97 34.91 -83.51
N GLU GC 112 95.01 33.98 -83.46
CA GLU GC 112 93.81 34.15 -84.25
C GLU GC 112 93.07 35.41 -83.86
N LEU GC 113 92.92 35.65 -82.57
CA LEU GC 113 92.25 36.86 -82.14
C LEU GC 113 93.01 38.07 -82.63
N ALA GC 114 94.33 38.02 -82.52
CA ALA GC 114 95.12 39.17 -82.96
C ALA GC 114 94.91 39.43 -84.44
N ALA GC 115 94.96 38.39 -85.25
CA ALA GC 115 94.86 38.62 -86.68
C ALA GC 115 93.43 38.99 -87.08
N LEU GC 116 92.42 38.45 -86.42
CA LEU GC 116 91.06 38.82 -86.76
C LEU GC 116 90.85 40.27 -86.40
N LEU GC 117 91.48 40.70 -85.32
CA LEU GC 117 91.58 42.10 -85.02
C LEU GC 117 92.28 42.88 -86.11
N ALA GC 118 93.24 42.28 -86.79
CA ALA GC 118 93.84 42.96 -87.94
C ALA GC 118 92.93 42.99 -89.14
N SER GC 119 92.02 42.05 -89.24
CA SER GC 119 91.29 41.79 -90.46
C SER GC 119 90.31 42.91 -90.79
N PRO GC 120 89.95 43.05 -92.06
CA PRO GC 120 89.04 44.13 -92.46
C PRO GC 120 87.70 44.05 -91.75
N LEU GC 121 87.24 42.86 -91.40
CA LEU GC 121 85.92 42.73 -90.81
C LEU GC 121 85.83 43.57 -89.55
N LEU GC 122 86.61 43.22 -88.53
CA LEU GC 122 86.48 43.96 -87.29
C LEU GC 122 86.85 45.42 -87.46
N ILE GC 123 87.74 45.75 -88.40
CA ILE GC 123 87.94 47.17 -88.72
C ILE GC 123 86.62 47.87 -88.93
N ASP GC 124 85.82 47.37 -89.88
CA ASP GC 124 84.52 47.99 -90.10
C ASP GC 124 83.66 47.89 -88.86
N ALA GC 125 83.67 46.74 -88.20
CA ALA GC 125 82.74 46.46 -87.13
C ALA GC 125 82.94 47.38 -85.94
N ILE GC 126 84.17 47.80 -85.70
CA ILE GC 126 84.47 48.59 -84.52
C ILE GC 126 84.73 50.04 -84.91
N ASP GC 127 85.62 50.26 -85.87
CA ASP GC 127 85.92 51.62 -86.30
C ASP GC 127 84.63 52.29 -86.76
N GLN GC 128 83.94 51.65 -87.69
CA GLN GC 128 82.76 52.25 -88.29
C GLN GC 128 81.48 51.87 -87.57
N LEU GC 129 81.54 50.98 -86.59
CA LEU GC 129 80.35 50.50 -85.91
C LEU GC 129 79.34 49.94 -86.91
N ASN GC 130 79.82 49.44 -88.04
CA ASN GC 130 78.94 48.84 -89.04
C ASN GC 130 78.55 47.44 -88.59
N PRO GC 131 77.27 47.14 -88.41
CA PRO GC 131 76.90 45.76 -88.09
C PRO GC 131 77.40 44.80 -89.14
N ALA GC 132 77.94 43.68 -88.68
CA ALA GC 132 78.48 42.69 -89.61
C ALA GC 132 77.38 42.26 -90.56
N TYR GC 133 77.55 42.59 -91.83
CA TYR GC 133 76.51 42.42 -92.85
C TYR GC 133 76.92 42.92 -94.22
N ALA HC 2 109.27 38.47 -49.10
CA ALA HC 2 109.82 37.55 -50.12
C ALA HC 2 109.16 37.78 -51.46
N LYS HC 3 109.86 38.47 -52.35
CA LYS HC 3 109.28 38.76 -53.65
C LYS HC 3 109.37 37.55 -54.55
N LEU HC 4 108.33 37.38 -55.37
CA LEU HC 4 108.23 36.19 -56.20
C LEU HC 4 109.00 36.39 -57.50
N GLU HC 5 109.89 35.44 -57.81
CA GLU HC 5 110.60 35.45 -59.07
C GLU HC 5 110.87 34.01 -59.47
N THR HC 6 111.13 33.82 -60.77
CA THR HC 6 111.37 32.46 -61.24
C THR HC 6 112.53 31.86 -60.48
N VAL HC 7 112.31 30.70 -59.90
CA VAL HC 7 113.31 30.05 -59.07
C VAL HC 7 113.94 28.92 -59.87
N THR HC 8 115.25 28.89 -59.90
CA THR HC 8 116.03 27.92 -60.67
C THR HC 8 116.75 27.01 -59.69
N LEU HC 9 116.39 25.75 -59.71
CA LEU HC 9 116.95 24.77 -58.80
C LEU HC 9 117.76 23.78 -59.62
N GLY HC 10 119.07 23.77 -59.40
CA GLY HC 10 119.97 22.88 -60.11
C GLY HC 10 120.49 21.80 -59.18
N ASN HC 11 121.22 20.86 -59.79
CA ASN HC 11 121.82 19.76 -59.06
C ASN HC 11 120.72 18.94 -58.37
N ILE HC 12 119.79 18.48 -59.19
CA ILE HC 12 118.59 17.77 -58.74
C ILE HC 12 118.64 16.36 -59.30
N GLY HC 13 117.93 15.45 -58.63
CA GLY HC 13 117.81 14.07 -59.09
C GLY HC 13 118.73 13.13 -58.33
N LYS HC 14 118.65 11.86 -58.69
CA LYS HC 14 119.54 10.88 -58.05
C LYS HC 14 120.98 11.21 -58.37
N ASP HC 15 121.26 11.58 -59.60
CA ASP HC 15 122.60 11.96 -60.02
C ASP HC 15 122.92 13.41 -59.71
N GLY HC 16 121.92 14.20 -59.33
CA GLY HC 16 122.13 15.62 -59.09
C GLY HC 16 122.54 16.34 -60.35
N LYS HC 17 121.79 16.14 -61.44
CA LYS HC 17 122.15 16.75 -62.70
C LYS HC 17 120.99 17.43 -63.42
N GLN HC 18 119.73 17.16 -63.06
CA GLN HC 18 118.64 17.81 -63.74
C GLN HC 18 118.45 19.23 -63.23
N THR HC 19 117.49 19.94 -63.82
CA THR HC 19 117.24 21.33 -63.48
C THR HC 19 115.73 21.57 -63.46
N LEU HC 20 115.31 22.50 -62.61
CA LEU HC 20 113.91 22.84 -62.48
C LEU HC 20 113.76 24.34 -62.48
N VAL HC 21 112.92 24.86 -63.35
CA VAL HC 21 112.64 26.28 -63.43
C VAL HC 21 111.17 26.46 -63.10
N LEU HC 22 110.88 27.09 -61.96
CA LEU HC 22 109.51 27.27 -61.51
C LEU HC 22 109.14 28.74 -61.60
N ASN HC 23 108.04 29.02 -62.21
CA ASN HC 23 107.60 30.40 -62.38
C ASN HC 23 106.49 30.74 -61.39
N PRO HC 24 106.32 32.02 -61.07
CA PRO HC 24 105.32 32.39 -60.08
C PRO HC 24 103.92 32.21 -60.61
N ARG HC 25 103.02 31.84 -59.71
CA ARG HC 25 101.60 31.70 -60.02
C ARG HC 25 100.75 32.65 -59.19
N GLY HC 26 101.35 33.72 -58.67
CA GLY HC 26 100.61 34.67 -57.88
C GLY HC 26 100.35 34.16 -56.48
N VAL HC 27 99.35 34.75 -55.86
CA VAL HC 27 99.01 34.47 -54.47
C VAL HC 27 97.51 34.34 -54.33
N ASN HC 28 97.09 33.31 -53.61
CA ASN HC 28 95.67 33.10 -53.39
C ASN HC 28 95.09 34.26 -52.60
N PRO HC 29 94.04 34.91 -53.08
CA PRO HC 29 93.43 36.00 -52.30
C PRO HC 29 92.88 35.53 -50.98
N THR HC 30 92.46 34.28 -50.89
CA THR HC 30 91.79 33.78 -49.70
C THR HC 30 92.79 33.13 -48.74
N ASN HC 31 93.39 32.03 -49.17
CA ASN HC 31 94.35 31.32 -48.33
C ASN HC 31 95.63 32.09 -48.15
N GLY HC 32 95.87 33.11 -48.98
CA GLY HC 32 97.08 33.89 -48.85
C GLY HC 32 98.32 33.03 -49.01
N VAL HC 33 98.33 32.21 -50.05
CA VAL HC 33 99.39 31.24 -50.29
C VAL HC 33 99.96 31.48 -51.68
N ALA HC 34 101.28 31.57 -51.77
CA ALA HC 34 101.91 31.76 -53.06
C ALA HC 34 102.22 30.42 -53.70
N SER HC 35 102.16 30.38 -55.03
CA SER HC 35 102.41 29.16 -55.78
C SER HC 35 103.34 29.44 -56.94
N LEU HC 36 104.17 28.45 -57.26
CA LEU HC 36 105.05 28.49 -58.42
C LEU HC 36 104.87 27.18 -59.19
N SER HC 37 105.17 27.24 -60.48
CA SER HC 37 104.97 26.09 -61.34
C SER HC 37 106.07 26.04 -62.39
N GLN HC 38 106.36 24.83 -62.84
CA GLN HC 38 107.36 24.61 -63.88
C GLN HC 38 106.77 24.91 -65.26
N ALA HC 39 107.55 25.55 -66.12
CA ALA HC 39 107.03 25.88 -67.44
C ALA HC 39 106.79 24.62 -68.24
N GLY HC 40 105.56 24.45 -68.74
CA GLY HC 40 105.22 23.26 -69.49
C GLY HC 40 104.09 23.53 -70.45
N ALA HC 41 103.68 22.48 -71.16
CA ALA HC 41 102.63 22.57 -72.15
C ALA HC 41 101.26 22.28 -71.54
N VAL HC 42 101.19 21.27 -70.68
CA VAL HC 42 99.93 20.84 -70.07
C VAL HC 42 99.92 21.35 -68.63
N PRO HC 43 99.07 22.33 -68.30
CA PRO HC 43 99.03 22.79 -66.91
C PRO HC 43 98.75 21.67 -65.95
N ALA HC 44 98.04 20.63 -66.39
CA ALA HC 44 97.79 19.50 -65.52
C ALA HC 44 99.05 18.76 -65.15
N LEU HC 45 100.06 18.76 -66.03
CA LEU HC 45 101.26 17.94 -65.84
C LEU HC 45 102.45 18.80 -65.41
N GLU HC 46 102.18 19.82 -64.62
CA GLU HC 46 103.17 20.82 -64.30
C GLU HC 46 103.53 20.72 -62.82
N LYS HC 47 104.82 20.60 -62.54
CA LYS HC 47 105.28 20.51 -61.17
C LYS HC 47 104.94 21.81 -60.45
N ARG HC 48 104.32 21.70 -59.28
CA ARG HC 48 103.94 22.87 -58.50
C ARG HC 48 104.57 22.85 -57.12
N VAL HC 49 104.78 24.05 -56.59
CA VAL HC 49 105.25 24.24 -55.23
C VAL HC 49 104.45 25.37 -54.61
N THR HC 50 104.01 25.20 -53.37
CA THR HC 50 103.32 26.27 -52.68
C THR HC 50 104.07 26.66 -51.42
N VAL HC 51 103.94 27.94 -51.06
CA VAL HC 51 104.55 28.48 -49.86
C VAL HC 51 103.50 29.32 -49.15
N SER HC 52 103.32 29.07 -47.85
CA SER HC 52 102.42 29.86 -47.04
C SER HC 52 103.08 30.18 -45.72
N VAL HC 53 102.78 31.36 -45.20
CA VAL HC 53 103.24 31.72 -43.87
C VAL HC 53 102.11 32.37 -43.09
N SER HC 54 101.47 31.59 -42.24
CA SER HC 54 100.37 32.12 -41.44
C SER HC 54 100.87 33.24 -40.54
N GLN HC 55 100.03 34.22 -40.36
CA GLN HC 55 100.29 35.26 -39.39
C GLN HC 55 99.83 34.80 -38.01
N PRO HC 56 100.27 35.44 -36.94
CA PRO HC 56 100.07 34.83 -35.63
C PRO HC 56 98.62 34.84 -35.19
N SER HC 57 98.19 33.74 -34.58
CA SER HC 57 96.81 33.59 -34.17
C SER HC 57 96.60 34.20 -32.79
N ARG HC 58 95.46 33.91 -32.17
CA ARG HC 58 95.08 34.50 -30.89
C ARG HC 58 95.61 33.67 -29.72
N ASN HC 59 96.21 34.36 -28.75
CA ASN HC 59 96.57 33.77 -27.45
C ASN HC 59 97.61 32.67 -27.54
N ARG HC 60 98.01 32.30 -28.74
CA ARG HC 60 99.17 31.44 -28.95
C ARG HC 60 100.16 32.07 -29.90
N LYS HC 61 99.63 32.66 -30.96
CA LYS HC 61 100.34 33.36 -32.03
C LYS HC 61 101.13 32.43 -32.95
N ASN HC 62 101.56 31.27 -32.47
CA ASN HC 62 101.90 30.12 -33.33
C ASN HC 62 102.41 30.44 -34.75
N TYR HC 63 103.53 31.14 -34.94
CA TYR HC 63 103.98 31.44 -36.30
C TYR HC 63 104.11 30.14 -37.09
N LYS HC 64 103.39 30.03 -38.21
CA LYS HC 64 103.38 28.79 -38.98
C LYS HC 64 103.75 29.06 -40.43
N VAL HC 65 104.54 28.16 -41.00
CA VAL HC 65 104.92 28.21 -42.41
C VAL HC 65 104.65 26.85 -43.03
N GLN HC 66 104.06 26.87 -44.23
CA GLN HC 66 103.69 25.65 -44.93
C GLN HC 66 104.28 25.66 -46.32
N VAL HC 67 104.77 24.51 -46.77
CA VAL HC 67 105.30 24.36 -48.11
C VAL HC 67 104.82 23.04 -48.67
N LYS HC 68 103.99 23.09 -49.69
CA LYS HC 68 103.39 21.92 -50.33
C LYS HC 68 103.98 21.81 -51.73
N ILE HC 69 104.72 20.74 -51.99
CA ILE HC 69 105.27 20.47 -53.31
C ILE HC 69 104.57 19.26 -53.88
N GLN HC 70 104.08 19.41 -55.10
CA GLN HC 70 103.38 18.35 -55.79
C GLN HC 70 104.08 18.09 -57.12
N ASN HC 71 104.29 16.82 -57.42
CA ASN HC 71 104.79 16.42 -58.73
C ASN HC 71 103.86 15.41 -59.36
N PRO HC 72 103.23 15.71 -60.48
CA PRO HC 72 102.36 14.74 -61.15
C PRO HC 72 103.12 13.97 -62.21
N THR HC 73 102.45 12.93 -62.72
CA THR HC 73 102.98 12.15 -63.82
C THR HC 73 101.83 11.39 -64.45
N ALA HC 74 101.56 11.67 -65.72
CA ALA HC 74 100.53 10.99 -66.48
C ALA HC 74 101.17 9.98 -67.41
N CYS HC 75 100.31 9.23 -68.11
CA CYS HC 75 100.78 8.36 -69.18
C CYS HC 75 99.58 8.07 -70.07
N THR HC 76 99.61 8.61 -71.28
CA THR HC 76 98.47 8.52 -72.19
C THR HC 76 98.09 7.06 -72.40
N ALA HC 77 96.85 6.73 -72.06
CA ALA HC 77 96.33 5.41 -72.36
C ALA HC 77 96.06 5.29 -73.85
N ASN HC 78 96.04 4.05 -74.34
CA ASN HC 78 95.83 3.84 -75.76
C ASN HC 78 94.39 4.16 -76.12
N GLY HC 79 94.22 4.95 -77.18
CA GLY HC 79 92.94 5.52 -77.53
C GLY HC 79 92.61 6.77 -76.76
N SER HC 80 93.37 7.09 -75.73
CA SER HC 80 93.12 8.23 -74.86
C SER HC 80 93.74 9.47 -75.49
N CYS HC 81 92.96 10.53 -75.57
CA CYS HC 81 93.33 11.77 -76.23
C CYS HC 81 93.86 12.80 -75.24
N ASP HC 82 94.08 12.38 -74.00
CA ASP HC 82 94.34 13.28 -72.90
C ASP HC 82 95.30 12.61 -71.92
N PRO HC 83 96.49 13.14 -71.72
CA PRO HC 83 97.43 12.48 -70.82
C PRO HC 83 96.97 12.57 -69.37
N SER HC 84 96.05 11.68 -69.00
CA SER HC 84 95.44 11.73 -67.68
C SER HC 84 96.47 11.48 -66.59
N VAL HC 85 96.37 12.25 -65.51
CA VAL HC 85 97.33 12.18 -64.41
C VAL HC 85 97.04 10.93 -63.59
N THR HC 86 97.99 9.98 -63.61
CA THR HC 86 97.82 8.72 -62.91
C THR HC 86 98.71 8.57 -61.69
N ARG HC 87 99.71 9.45 -61.51
CA ARG HC 87 100.60 9.34 -60.38
C ARG HC 87 100.87 10.73 -59.83
N GLN HC 88 100.94 10.84 -58.51
CA GLN HC 88 101.13 12.14 -57.87
C GLN HC 88 101.95 11.94 -56.62
N ALA HC 89 103.03 12.69 -56.51
CA ALA HC 89 103.86 12.70 -55.32
C ALA HC 89 103.64 14.01 -54.58
N TYR HC 90 103.42 13.92 -53.27
CA TYR HC 90 103.21 15.11 -52.44
C TYR HC 90 104.24 15.13 -51.32
N ALA HC 91 104.73 16.33 -51.01
CA ALA HC 91 105.61 16.52 -49.86
C ALA HC 91 105.22 17.84 -49.21
N ASP HC 92 104.79 17.77 -47.96
CA ASP HC 92 104.38 18.95 -47.22
C ASP HC 92 105.31 19.11 -46.02
N VAL HC 93 105.98 20.25 -45.97
CA VAL HC 93 106.78 20.65 -44.82
C VAL HC 93 106.00 21.71 -44.09
N THR HC 94 106.05 21.69 -42.76
CA THR HC 94 105.46 22.76 -41.98
C THR HC 94 106.39 23.09 -40.82
N PHE HC 95 106.77 24.35 -40.73
CA PHE HC 95 107.57 24.88 -39.65
C PHE HC 95 106.67 25.59 -38.66
N SER HC 96 106.92 25.35 -37.37
CA SER HC 96 106.19 25.99 -36.30
C SER HC 96 107.17 26.73 -35.41
N PHE HC 97 106.96 28.02 -35.24
CA PHE HC 97 107.83 28.90 -34.50
C PHE HC 97 107.02 29.60 -33.41
N THR HC 98 107.71 29.91 -32.32
CA THR HC 98 107.08 30.66 -31.24
C THR HC 98 107.16 32.16 -31.52
N GLN HC 99 106.20 32.88 -30.95
CA GLN HC 99 106.20 34.32 -31.03
C GLN HC 99 107.56 34.91 -30.69
N TYR HC 100 108.32 34.27 -29.82
CA TYR HC 100 109.62 34.75 -29.42
C TYR HC 100 110.74 34.11 -30.22
N SER HC 101 110.39 33.35 -31.25
CA SER HC 101 111.40 32.76 -32.11
C SER HC 101 112.38 33.84 -32.57
N THR HC 102 113.57 33.39 -32.95
CA THR HC 102 114.56 34.28 -33.54
C THR HC 102 115.17 33.64 -34.77
N ASP HC 103 115.58 34.51 -35.68
CA ASP HC 103 116.08 34.05 -36.96
C ASP HC 103 117.16 33.00 -36.76
N GLU HC 104 118.02 33.16 -35.77
CA GLU HC 104 119.10 32.20 -35.57
C GLU HC 104 118.57 30.77 -35.60
N GLU HC 105 117.73 30.41 -34.64
CA GLU HC 105 117.14 29.09 -34.64
C GLU HC 105 116.35 28.84 -35.92
N ARG HC 106 115.63 29.83 -36.43
CA ARG HC 106 114.87 29.57 -37.63
C ARG HC 106 115.76 29.03 -38.75
N ALA HC 107 116.78 29.78 -39.11
CA ALA HC 107 117.70 29.34 -40.16
C ALA HC 107 118.39 28.05 -39.78
N PHE HC 108 118.71 27.89 -38.50
CA PHE HC 108 119.43 26.72 -38.08
C PHE HC 108 118.59 25.47 -38.30
N VAL HC 109 117.29 25.56 -37.98
CA VAL HC 109 116.36 24.49 -38.32
C VAL HC 109 116.30 24.29 -39.81
N ARG HC 110 116.31 25.38 -40.56
CA ARG HC 110 116.24 25.25 -42.02
C ARG HC 110 117.35 24.36 -42.52
N THR HC 111 118.60 24.76 -42.26
CA THR HC 111 119.73 23.99 -42.75
C THR HC 111 119.76 22.61 -42.13
N GLU HC 112 119.30 22.47 -40.88
CA GLU HC 112 119.02 21.14 -40.36
C GLU HC 112 118.27 20.32 -41.37
N LEU HC 113 117.09 20.79 -41.76
CA LEU HC 113 116.23 19.97 -42.59
C LEU HC 113 116.90 19.69 -43.92
N ALA HC 114 117.56 20.70 -44.48
CA ALA HC 114 118.25 20.46 -45.75
C ALA HC 114 119.31 19.39 -45.62
N ALA HC 115 120.18 19.52 -44.62
CA ALA HC 115 121.25 18.57 -44.46
C ALA HC 115 120.69 17.18 -44.22
N LEU HC 116 119.59 17.08 -43.47
CA LEU HC 116 118.96 15.78 -43.32
C LEU HC 116 118.49 15.25 -44.66
N LEU HC 117 117.87 16.10 -45.48
CA LEU HC 117 117.45 15.67 -46.79
C LEU HC 117 118.60 15.14 -47.62
N ALA HC 118 119.81 15.65 -47.38
CA ALA HC 118 120.97 15.19 -48.13
C ALA HC 118 121.67 13.99 -47.50
N SER HC 119 121.46 13.74 -46.22
CA SER HC 119 122.22 12.70 -45.54
C SER HC 119 121.86 11.33 -46.08
N PRO HC 120 122.75 10.35 -45.91
CA PRO HC 120 122.40 8.98 -46.33
C PRO HC 120 121.16 8.45 -45.65
N LEU HC 121 120.88 8.91 -44.44
CA LEU HC 121 119.77 8.37 -43.68
C LEU HC 121 118.47 8.59 -44.43
N LEU HC 122 118.02 9.84 -44.55
CA LEU HC 122 116.76 10.06 -45.23
C LEU HC 122 116.87 9.66 -46.69
N ILE HC 123 118.06 9.75 -47.27
CA ILE HC 123 118.25 9.22 -48.62
C ILE HC 123 117.68 7.83 -48.71
N ASP HC 124 118.16 6.94 -47.85
CA ASP HC 124 117.75 5.55 -47.90
C ASP HC 124 116.33 5.37 -47.40
N ALA HC 125 115.85 6.29 -46.56
CA ALA HC 125 114.50 6.18 -46.04
C ALA HC 125 113.46 6.56 -47.09
N ILE HC 126 113.84 7.42 -48.03
CA ILE HC 126 112.89 7.99 -48.99
C ILE HC 126 113.06 7.36 -50.36
N ASP HC 127 114.27 7.38 -50.91
CA ASP HC 127 114.49 6.82 -52.24
C ASP HC 127 114.13 5.35 -52.26
N GLN HC 128 114.50 4.62 -51.22
CA GLN HC 128 114.28 3.20 -51.15
C GLN HC 128 113.12 2.82 -50.25
N LEU HC 129 112.55 3.76 -49.50
CA LEU HC 129 111.45 3.48 -48.58
C LEU HC 129 111.87 2.45 -47.54
N ASN HC 130 113.08 2.63 -47.01
CA ASN HC 130 113.59 1.74 -45.98
C ASN HC 130 113.27 2.33 -44.61
N PRO HC 131 112.38 1.74 -43.83
CA PRO HC 131 112.24 2.20 -42.44
C PRO HC 131 113.58 2.12 -41.72
N ALA HC 132 113.92 3.21 -41.05
CA ALA HC 132 115.22 3.32 -40.43
C ALA HC 132 115.27 2.48 -39.18
N TYR HC 133 116.33 1.68 -39.04
CA TYR HC 133 116.59 0.98 -37.79
C TYR HC 133 117.98 0.36 -37.84
N ALA IC 2 91.90 88.21 -33.30
CA ALA IC 2 90.77 88.50 -32.38
C ALA IC 2 91.22 88.45 -30.93
N LYS IC 3 92.33 89.13 -30.64
CA LYS IC 3 92.84 89.16 -29.28
C LYS IC 3 91.86 89.88 -28.36
N LEU IC 4 91.67 89.30 -27.17
CA LEU IC 4 90.76 89.83 -26.18
C LEU IC 4 91.51 90.79 -25.27
N GLU IC 5 90.98 91.98 -25.07
CA GLU IC 5 91.71 92.99 -24.32
C GLU IC 5 90.74 94.11 -23.94
N THR IC 6 91.26 95.11 -23.27
CA THR IC 6 90.43 96.20 -22.78
C THR IC 6 89.98 97.06 -23.95
N VAL IC 7 88.69 97.33 -24.00
CA VAL IC 7 88.10 98.16 -25.05
C VAL IC 7 87.58 99.43 -24.40
N THR IC 8 87.99 100.58 -24.92
CA THR IC 8 87.54 101.87 -24.42
C THR IC 8 86.71 102.52 -25.52
N LEU IC 9 85.40 102.35 -25.44
CA LEU IC 9 84.52 102.91 -26.45
C LEU IC 9 84.12 104.30 -26.01
N GLY IC 10 84.56 105.31 -26.76
CA GLY IC 10 84.31 106.69 -26.41
C GLY IC 10 83.24 107.33 -27.25
N ASN IC 11 82.86 108.56 -26.92
CA ASN IC 11 81.83 109.28 -27.67
C ASN IC 11 80.53 108.46 -27.71
N ILE IC 12 79.97 108.29 -26.53
CA ILE IC 12 78.86 107.37 -26.30
C ILE IC 12 77.72 108.15 -25.67
N GLY IC 13 76.53 107.94 -26.20
CA GLY IC 13 75.31 108.43 -25.57
C GLY IC 13 74.50 109.27 -26.52
N LYS IC 14 73.52 109.98 -25.96
CA LYS IC 14 72.76 110.93 -26.77
C LYS IC 14 73.66 112.01 -27.34
N ASP IC 15 74.43 112.66 -26.48
CA ASP IC 15 75.35 113.70 -26.92
C ASP IC 15 76.74 113.15 -27.22
N GLY IC 16 76.98 111.86 -26.99
CA GLY IC 16 78.26 111.26 -27.30
C GLY IC 16 79.40 111.78 -26.44
N LYS IC 17 79.24 111.71 -25.11
CA LYS IC 17 80.25 112.21 -24.20
C LYS IC 17 80.72 111.22 -23.16
N GLN IC 18 79.94 110.18 -22.84
CA GLN IC 18 80.40 109.23 -21.85
C GLN IC 18 81.42 108.29 -22.46
N THR IC 19 81.93 107.36 -21.64
CA THR IC 19 82.88 106.37 -22.09
C THR IC 19 82.58 105.04 -21.43
N LEU IC 20 82.88 103.96 -22.14
CA LEU IC 20 82.65 102.61 -21.65
C LEU IC 20 83.95 101.85 -21.66
N VAL IC 21 84.36 101.34 -20.51
CA VAL IC 21 85.59 100.57 -20.37
C VAL IC 21 85.20 99.12 -20.13
N LEU IC 22 85.52 98.26 -21.10
CA LEU IC 22 85.16 96.86 -21.03
C LEU IC 22 86.43 96.03 -20.94
N ASN IC 23 86.60 95.37 -19.85
CA ASN IC 23 87.70 94.43 -19.77
C ASN IC 23 87.19 93.02 -20.02
N PRO IC 24 88.07 92.12 -20.41
CA PRO IC 24 87.64 90.81 -20.89
C PRO IC 24 87.33 89.87 -19.74
N ARG IC 25 86.82 88.71 -20.12
CA ARG IC 25 86.51 87.64 -19.18
C ARG IC 25 86.96 86.33 -19.80
N GLY IC 26 86.44 85.21 -19.31
CA GLY IC 26 86.77 83.90 -19.84
C GLY IC 26 85.90 83.55 -21.03
N VAL IC 27 86.45 82.75 -21.93
CA VAL IC 27 85.75 82.35 -23.14
C VAL IC 27 84.90 81.12 -22.83
N ASN IC 28 83.60 81.23 -23.08
CA ASN IC 28 82.69 80.14 -22.72
C ASN IC 28 83.07 78.84 -23.40
N PRO IC 29 83.65 77.89 -22.68
CA PRO IC 29 84.08 76.64 -23.34
C PRO IC 29 82.93 75.85 -23.92
N THR IC 30 81.76 75.90 -23.31
CA THR IC 30 80.67 75.05 -23.78
C THR IC 30 80.22 75.42 -25.19
N ASN IC 31 80.35 76.69 -25.58
CA ASN IC 31 79.99 77.06 -26.95
C ASN IC 31 80.96 78.06 -27.55
N GLY IC 32 82.11 78.33 -26.93
CA GLY IC 32 83.07 79.23 -27.53
C GLY IC 32 82.53 80.63 -27.70
N VAL IC 33 82.32 81.35 -26.60
CA VAL IC 33 81.88 82.74 -26.64
C VAL IC 33 82.80 83.55 -25.75
N ALA IC 34 83.37 84.63 -26.30
CA ALA IC 34 84.16 85.54 -25.50
C ALA IC 34 83.26 86.61 -24.89
N SER IC 35 83.67 87.10 -23.72
CA SER IC 35 82.85 88.01 -22.94
C SER IC 35 83.65 89.24 -22.53
N LEU IC 36 82.98 90.38 -22.58
CA LEU IC 36 83.50 91.65 -22.11
C LEU IC 36 82.52 92.23 -21.11
N SER IC 37 83.03 92.92 -20.10
CA SER IC 37 82.14 93.54 -19.13
C SER IC 37 82.77 94.79 -18.56
N GLN IC 38 81.93 95.61 -17.95
CA GLN IC 38 82.33 96.94 -17.52
C GLN IC 38 83.53 96.85 -16.60
N ALA IC 39 84.29 97.93 -16.49
CA ALA IC 39 85.50 97.94 -15.69
C ALA IC 39 85.30 97.29 -14.33
N GLY IC 40 84.09 97.29 -13.81
CA GLY IC 40 83.80 96.80 -12.49
C GLY IC 40 83.51 97.94 -11.53
N ALA IC 41 83.32 97.58 -10.26
CA ALA IC 41 83.43 96.21 -9.80
C ALA IC 41 82.14 95.43 -10.07
N VAL IC 42 81.06 95.80 -9.38
CA VAL IC 42 79.79 95.09 -9.55
C VAL IC 42 79.31 95.19 -10.99
N PRO IC 43 79.38 96.33 -11.65
CA PRO IC 43 78.88 96.39 -13.04
C PRO IC 43 79.53 95.37 -13.96
N ALA IC 44 80.69 94.84 -13.58
CA ALA IC 44 81.30 93.77 -14.36
C ALA IC 44 80.40 92.56 -14.43
N LEU IC 45 79.58 92.32 -13.40
CA LEU IC 45 78.57 91.28 -13.41
C LEU IC 45 77.17 91.81 -13.70
N GLU IC 46 77.07 92.99 -14.32
CA GLU IC 46 75.79 93.47 -14.83
C GLU IC 46 75.82 93.73 -16.33
N LYS IC 47 76.73 94.60 -16.80
CA LYS IC 47 76.82 94.86 -18.23
C LYS IC 47 77.67 93.80 -18.92
N ARG IC 48 77.23 93.37 -20.11
CA ARG IC 48 77.89 92.27 -20.79
C ARG IC 48 77.91 92.48 -22.28
N VAL IC 49 78.95 91.95 -22.91
CA VAL IC 49 79.13 92.02 -24.35
C VAL IC 49 79.74 90.71 -24.80
N THR IC 50 78.96 89.91 -25.51
CA THR IC 50 79.37 88.57 -25.91
C THR IC 50 79.61 88.52 -27.41
N VAL IC 51 80.66 87.81 -27.80
CA VAL IC 51 81.04 87.66 -29.19
C VAL IC 51 81.32 86.20 -29.47
N SER IC 52 80.88 85.72 -30.63
CA SER IC 52 81.09 84.34 -31.02
C SER IC 52 81.22 84.24 -32.53
N VAL IC 53 81.97 83.24 -32.98
CA VAL IC 53 82.25 83.03 -34.40
C VAL IC 53 82.06 81.54 -34.68
N SER IC 54 80.88 81.16 -35.12
CA SER IC 54 80.61 79.77 -35.42
C SER IC 54 81.04 79.45 -36.86
N GLN IC 55 81.93 78.46 -36.98
CA GLN IC 55 82.48 77.98 -38.24
C GLN IC 55 81.50 77.05 -38.96
N PRO IC 56 81.73 76.77 -40.26
CA PRO IC 56 80.80 75.95 -41.04
C PRO IC 56 80.65 74.54 -40.49
N SER IC 57 79.53 73.89 -40.78
CA SER IC 57 79.21 72.56 -40.27
C SER IC 57 77.89 72.11 -40.89
N ARG IC 58 77.36 71.00 -40.35
CA ARG IC 58 76.01 70.54 -40.68
C ARG IC 58 75.02 71.68 -40.86
N ASN IC 59 74.63 72.33 -39.76
CA ASN IC 59 73.62 73.38 -39.84
C ASN IC 59 74.19 74.62 -40.50
N ARG IC 60 75.44 74.93 -40.15
CA ARG IC 60 76.15 76.13 -40.56
C ARG IC 60 76.29 76.02 -42.07
N LYS IC 61 76.72 77.05 -42.79
CA LYS IC 61 77.30 76.72 -44.10
C LYS IC 61 78.53 77.48 -44.60
N ASN IC 62 78.58 78.81 -44.69
CA ASN IC 62 77.83 79.88 -44.02
C ASN IC 62 78.20 80.08 -42.56
N TYR IC 63 79.41 80.60 -42.39
CA TYR IC 63 79.87 81.09 -41.10
C TYR IC 63 78.88 82.06 -40.51
N LYS IC 64 78.80 82.10 -39.17
CA LYS IC 64 78.08 83.19 -38.51
C LYS IC 64 78.89 83.86 -37.42
N VAL IC 65 78.77 85.17 -37.35
CA VAL IC 65 79.36 85.97 -36.28
C VAL IC 65 78.20 86.54 -35.48
N GLN IC 66 78.18 86.22 -34.19
CA GLN IC 66 77.12 86.63 -33.28
C GLN IC 66 77.68 87.61 -32.27
N VAL IC 67 76.97 88.72 -32.06
CA VAL IC 67 77.42 89.78 -31.17
C VAL IC 67 76.22 90.22 -30.35
N LYS IC 68 76.21 89.89 -29.06
CA LYS IC 68 75.09 90.24 -28.21
C LYS IC 68 75.56 91.30 -27.22
N ILE IC 69 74.71 92.28 -26.93
CA ILE IC 69 75.01 93.33 -25.96
C ILE IC 69 73.88 93.38 -24.96
N GLN IC 70 74.22 93.45 -23.67
CA GLN IC 70 73.22 93.39 -22.61
C GLN IC 70 73.55 94.43 -21.54
N ASN IC 71 72.58 95.29 -21.24
CA ASN IC 71 72.71 96.30 -20.20
C ASN IC 71 71.51 96.26 -19.28
N PRO IC 72 71.68 95.78 -18.06
CA PRO IC 72 70.59 95.86 -17.09
C PRO IC 72 70.60 97.14 -16.28
N THR IC 73 69.53 97.91 -16.38
CA THR IC 73 69.34 99.05 -15.48
C THR IC 73 68.79 98.56 -14.15
N ALA IC 74 69.50 98.89 -13.09
CA ALA IC 74 69.14 98.52 -11.74
C ALA IC 74 69.12 99.77 -10.88
N CYS IC 75 68.72 99.59 -9.64
CA CYS IC 75 68.57 100.70 -8.72
C CYS IC 75 68.09 100.18 -7.37
N THR IC 76 68.02 101.10 -6.42
CA THR IC 76 67.94 100.77 -5.00
C THR IC 76 66.68 101.40 -4.40
N ALA IC 77 65.84 100.55 -3.81
CA ALA IC 77 64.66 101.05 -3.12
C ALA IC 77 65.06 101.84 -1.88
N ASN IC 78 64.17 102.74 -1.46
CA ASN IC 78 64.48 103.61 -0.32
C ASN IC 78 64.45 102.82 0.97
N GLY IC 79 65.60 102.26 1.34
CA GLY IC 79 65.72 101.48 2.56
C GLY IC 79 66.58 100.25 2.37
N SER IC 80 66.63 99.75 1.13
CA SER IC 80 67.46 98.59 0.82
C SER IC 80 68.91 99.03 0.63
N CYS IC 81 69.80 98.08 0.38
CA CYS IC 81 71.17 98.40 0.01
C CYS IC 81 71.45 97.82 -1.36
N ASP IC 82 71.21 96.53 -1.46
CA ASP IC 82 71.49 95.78 -2.66
C ASP IC 82 70.70 96.36 -3.81
N PRO IC 83 71.35 96.74 -4.92
CA PRO IC 83 70.58 97.23 -6.06
C PRO IC 83 69.98 96.09 -6.83
N SER IC 84 68.70 96.22 -7.16
CA SER IC 84 67.98 95.23 -7.94
C SER IC 84 67.80 95.72 -9.36
N VAL IC 85 67.88 94.81 -10.31
CA VAL IC 85 67.67 95.15 -11.71
C VAL IC 85 66.19 95.31 -11.97
N THR IC 86 65.79 96.49 -12.41
CA THR IC 86 64.38 96.73 -12.72
C THR IC 86 64.10 96.63 -14.20
N ARG IC 87 65.11 96.80 -15.04
CA ARG IC 87 64.91 96.82 -16.48
C ARG IC 87 66.15 96.25 -17.13
N GLN IC 88 65.99 95.77 -18.36
CA GLN IC 88 67.07 95.04 -19.02
C GLN IC 88 66.97 95.26 -20.51
N ALA IC 89 67.82 96.11 -21.06
CA ALA IC 89 67.86 96.31 -22.49
C ALA IC 89 68.95 95.45 -23.09
N TYR IC 90 68.74 94.99 -24.31
CA TYR IC 90 69.80 94.24 -24.96
C TYR IC 90 69.51 94.12 -26.44
N ALA IC 91 70.59 94.00 -27.21
CA ALA IC 91 70.54 94.02 -28.66
C ALA IC 91 71.43 92.90 -29.18
N ASP IC 92 71.17 92.49 -30.42
CA ASP IC 92 71.76 91.27 -30.93
C ASP IC 92 72.01 91.41 -32.42
N VAL IC 93 73.24 91.19 -32.83
CA VAL IC 93 73.64 91.32 -34.22
C VAL IC 93 74.13 89.98 -34.72
N THR IC 94 73.67 89.59 -35.91
CA THR IC 94 73.95 88.27 -36.46
C THR IC 94 74.38 88.45 -37.91
N PHE IC 95 75.64 88.12 -38.18
CA PHE IC 95 76.20 88.21 -39.51
C PHE IC 95 76.38 86.81 -40.07
N SER IC 96 75.80 86.56 -41.23
CA SER IC 96 75.96 85.28 -41.90
C SER IC 96 76.77 85.54 -43.16
N PHE IC 97 77.92 84.88 -43.26
CA PHE IC 97 78.78 85.01 -44.42
C PHE IC 97 78.95 83.68 -45.13
N THR IC 98 79.09 83.79 -46.44
CA THR IC 98 79.31 82.67 -47.32
C THR IC 98 80.71 82.13 -47.14
N GLN IC 99 80.82 80.82 -47.34
CA GLN IC 99 82.11 80.14 -47.24
C GLN IC 99 83.11 80.76 -48.20
N TYR IC 100 82.64 81.31 -49.32
CA TYR IC 100 83.47 81.99 -50.29
C TYR IC 100 83.49 83.50 -50.09
N SER IC 101 82.82 84.01 -49.06
CA SER IC 101 82.79 85.44 -48.80
C SER IC 101 84.22 85.98 -48.76
N THR IC 102 84.36 87.30 -48.89
CA THR IC 102 85.69 87.89 -48.79
C THR IC 102 85.74 89.04 -47.82
N ASP IC 103 86.94 89.18 -47.26
CA ASP IC 103 87.26 90.24 -46.32
C ASP IC 103 86.62 91.56 -46.68
N GLU IC 104 86.71 91.96 -47.95
CA GLU IC 104 86.29 93.30 -48.26
C GLU IC 104 84.78 93.43 -48.12
N GLU IC 105 84.03 92.43 -48.60
CA GLU IC 105 82.58 92.50 -48.37
C GLU IC 105 82.29 92.54 -46.89
N ARG IC 106 83.02 91.75 -46.11
CA ARG IC 106 82.70 91.69 -44.69
C ARG IC 106 82.92 93.05 -44.04
N ALA IC 107 84.04 93.70 -44.35
CA ALA IC 107 84.29 95.03 -43.82
C ALA IC 107 83.23 96.00 -44.33
N PHE IC 108 82.82 95.84 -45.58
CA PHE IC 108 81.76 96.66 -46.11
C PHE IC 108 80.50 96.53 -45.27
N VAL IC 109 80.11 95.30 -44.97
CA VAL IC 109 78.88 95.07 -44.21
C VAL IC 109 79.00 95.71 -42.84
N ARG IC 110 80.11 95.43 -42.15
CA ARG IC 110 80.44 96.23 -40.98
C ARG IC 110 80.11 97.69 -41.15
N THR IC 111 80.95 98.37 -41.91
CA THR IC 111 80.92 99.81 -41.89
C THR IC 111 79.56 100.31 -42.31
N GLU IC 112 78.85 99.53 -43.11
CA GLU IC 112 77.50 99.91 -43.50
C GLU IC 112 76.58 99.88 -42.30
N LEU IC 113 76.66 98.81 -41.51
CA LEU IC 113 75.84 98.78 -40.31
C LEU IC 113 76.20 99.93 -39.39
N ALA IC 114 77.50 100.23 -39.30
CA ALA IC 114 77.93 101.34 -38.47
C ALA IC 114 77.30 102.64 -38.93
N ALA IC 115 77.41 102.91 -40.22
CA ALA IC 115 76.89 104.15 -40.77
C ALA IC 115 75.37 104.24 -40.60
N LEU IC 116 74.66 103.15 -40.81
CA LEU IC 116 73.22 103.19 -40.56
C LEU IC 116 72.94 103.52 -39.11
N LEU IC 117 73.61 102.82 -38.19
CA LEU IC 117 73.41 103.14 -36.79
C LEU IC 117 73.66 104.61 -36.53
N ALA IC 118 74.60 105.19 -37.26
CA ALA IC 118 74.96 106.58 -37.04
C ALA IC 118 74.06 107.57 -37.77
N SER IC 119 73.28 107.12 -38.73
CA SER IC 119 72.52 108.08 -39.51
C SER IC 119 71.17 108.36 -38.88
N PRO IC 120 70.60 109.55 -39.12
CA PRO IC 120 69.39 109.95 -38.40
C PRO IC 120 68.29 108.93 -38.42
N LEU IC 121 68.15 108.17 -39.51
CA LEU IC 121 67.10 107.17 -39.58
C LEU IC 121 67.05 106.33 -38.31
N LEU IC 122 68.10 105.56 -38.08
CA LEU IC 122 68.08 104.68 -36.92
C LEU IC 122 68.18 105.47 -35.63
N ILE IC 123 68.82 106.64 -35.65
CA ILE IC 123 68.75 107.52 -34.50
C ILE IC 123 67.33 107.61 -34.01
N ASP IC 124 66.42 108.04 -34.88
CA ASP IC 124 65.08 108.31 -34.43
C ASP IC 124 64.31 107.02 -34.23
N ALA IC 125 64.59 106.00 -35.04
CA ALA IC 125 63.87 104.73 -34.93
C ALA IC 125 64.22 103.94 -33.69
N ILE IC 126 65.35 104.21 -33.07
CA ILE IC 126 65.77 103.51 -31.87
C ILE IC 126 65.54 104.42 -30.67
N ASP IC 127 66.14 105.62 -30.73
CA ASP IC 127 66.03 106.57 -29.63
C ASP IC 127 64.58 106.83 -29.28
N GLN IC 128 63.78 107.20 -30.28
CA GLN IC 128 62.38 107.52 -30.05
C GLN IC 128 61.45 106.40 -30.48
N LEU IC 129 61.98 105.32 -31.02
CA LEU IC 129 61.15 104.21 -31.49
C LEU IC 129 60.11 104.69 -32.49
N ASN IC 130 60.48 105.64 -33.33
CA ASN IC 130 59.55 106.14 -34.32
C ASN IC 130 59.73 105.33 -35.59
N PRO IC 131 58.76 104.54 -36.00
CA PRO IC 131 58.89 103.85 -37.29
C PRO IC 131 58.97 104.86 -38.41
N ALA IC 132 59.64 104.47 -39.48
CA ALA IC 132 59.96 105.39 -40.56
C ALA IC 132 58.72 105.64 -41.38
N TYR IC 133 58.13 106.81 -41.21
CA TYR IC 133 56.91 107.15 -41.93
C TYR IC 133 56.77 108.65 -42.05
N ALA JC 2 103.79 75.46 -26.11
CA ALA JC 2 103.28 75.22 -27.48
C ALA JC 2 102.55 76.45 -27.98
N LYS JC 3 103.04 77.62 -27.60
CA LYS JC 3 102.39 78.87 -27.97
C LYS JC 3 102.20 78.96 -29.47
N LEU JC 4 101.00 79.35 -29.89
CA LEU JC 4 100.75 79.54 -31.30
C LEU JC 4 101.63 80.64 -31.84
N GLU JC 5 102.01 80.51 -33.10
CA GLU JC 5 102.82 81.54 -33.75
C GLU JC 5 102.93 81.20 -35.22
N THR JC 6 103.20 82.22 -36.02
CA THR JC 6 103.36 82.06 -37.45
C THR JC 6 104.38 80.98 -37.76
N VAL JC 7 103.95 79.88 -38.35
CA VAL JC 7 104.83 78.78 -38.67
C VAL JC 7 105.39 78.99 -40.07
N THR JC 8 106.71 78.97 -40.18
CA THR JC 8 107.39 79.21 -41.44
C THR JC 8 107.94 77.88 -41.92
N LEU JC 9 107.20 77.24 -42.79
CA LEU JC 9 107.51 75.91 -43.26
C LEU JC 9 108.43 76.03 -44.45
N GLY JC 10 109.61 75.42 -44.37
CA GLY JC 10 110.67 75.69 -45.32
C GLY JC 10 110.55 74.98 -46.67
N ASN JC 11 111.67 74.44 -47.15
CA ASN JC 11 111.68 73.74 -48.43
C ASN JC 11 110.54 72.74 -48.47
N ILE JC 12 109.84 72.67 -49.59
CA ILE JC 12 108.55 71.99 -49.63
C ILE JC 12 108.22 71.65 -51.07
N GLY JC 13 107.85 70.41 -51.31
CA GLY JC 13 107.30 70.00 -52.59
C GLY JC 13 108.19 69.01 -53.30
N LYS JC 14 107.92 68.81 -54.58
CA LYS JC 14 108.69 67.87 -55.37
C LYS JC 14 110.16 68.29 -55.40
N ASP JC 15 110.44 69.42 -56.03
CA ASP JC 15 111.78 69.98 -56.04
C ASP JC 15 112.21 70.47 -54.67
N GLY JC 16 111.27 70.60 -53.73
CA GLY JC 16 111.58 71.10 -52.41
C GLY JC 16 112.06 72.53 -52.42
N LYS JC 17 111.32 73.42 -53.08
CA LYS JC 17 111.71 74.81 -53.21
C LYS JC 17 110.70 75.82 -52.70
N GLN JC 18 109.45 75.45 -52.47
CA GLN JC 18 108.47 76.43 -52.02
C GLN JC 18 108.55 76.59 -50.51
N THR JC 19 107.74 77.49 -49.99
CA THR JC 19 107.64 77.72 -48.55
C THR JC 19 106.21 78.06 -48.20
N LEU JC 20 105.82 77.75 -46.96
CA LEU JC 20 104.46 78.00 -46.49
C LEU JC 20 104.53 78.86 -45.25
N VAL JC 21 103.63 79.83 -45.16
CA VAL JC 21 103.55 80.72 -44.01
C VAL JC 21 102.17 80.53 -43.43
N LEU JC 22 102.07 79.81 -42.32
CA LEU JC 22 100.79 79.54 -41.68
C LEU JC 22 100.62 80.50 -40.52
N ASN JC 23 99.63 81.36 -40.61
CA ASN JC 23 99.42 82.33 -39.56
C ASN JC 23 98.61 81.71 -38.42
N PRO JC 24 98.76 82.23 -37.21
CA PRO JC 24 98.01 81.70 -36.07
C PRO JC 24 96.60 82.27 -36.05
N ARG JC 25 95.62 81.42 -36.28
CA ARG JC 25 94.24 81.90 -36.28
C ARG JC 25 93.69 81.94 -34.86
N GLY JC 26 93.61 80.78 -34.20
CA GLY JC 26 93.06 80.75 -32.86
C GLY JC 26 92.93 79.33 -32.38
N VAL JC 27 92.06 79.14 -31.40
CA VAL JC 27 91.85 77.82 -30.82
C VAL JC 27 90.38 77.63 -30.48
N ASN JC 28 89.73 76.76 -31.21
CA ASN JC 28 88.38 76.35 -30.86
C ASN JC 28 88.35 75.69 -29.50
N PRO JC 29 87.57 76.21 -28.55
CA PRO JC 29 87.48 75.57 -27.23
C PRO JC 29 86.62 74.33 -27.23
N THR JC 30 85.54 74.38 -28.00
CA THR JC 30 84.57 73.29 -28.00
C THR JC 30 85.24 71.94 -28.16
N ASN JC 31 86.44 71.94 -28.73
CA ASN JC 31 87.17 70.72 -29.02
C ASN JC 31 88.63 70.82 -28.64
N GLY JC 32 89.08 71.98 -28.15
CA GLY JC 32 90.48 72.15 -27.85
C GLY JC 32 91.33 71.95 -29.08
N VAL JC 33 91.03 72.69 -30.14
CA VAL JC 33 91.71 72.53 -31.43
C VAL JC 33 92.37 73.85 -31.81
N ALA JC 34 93.68 73.84 -31.95
CA ALA JC 34 94.37 75.01 -32.47
C ALA JC 34 94.39 74.97 -33.99
N SER JC 35 94.16 76.12 -34.62
CA SER JC 35 94.03 76.21 -36.06
C SER JC 35 95.08 77.17 -36.62
N LEU JC 36 95.63 76.79 -37.76
CA LEU JC 36 96.62 77.60 -38.46
C LEU JC 36 96.20 77.69 -39.92
N SER JC 37 96.42 78.84 -40.50
CA SER JC 37 96.01 79.08 -41.88
C SER JC 37 97.09 79.88 -42.59
N GLN JC 38 97.26 79.59 -43.87
CA GLN JC 38 98.07 80.46 -44.70
C GLN JC 38 97.34 81.77 -44.97
N ALA JC 39 98.12 82.82 -45.21
CA ALA JC 39 97.55 84.15 -45.37
C ALA JC 39 96.71 84.23 -46.63
N GLY JC 40 95.48 84.73 -46.48
CA GLY JC 40 94.59 84.85 -47.61
C GLY JC 40 93.42 85.74 -47.29
N ALA JC 41 92.39 85.70 -48.13
CA ALA JC 41 91.16 86.44 -47.87
C ALA JC 41 89.98 85.50 -47.88
N VAL JC 42 89.94 84.62 -48.86
CA VAL JC 42 88.83 83.69 -49.01
C VAL JC 42 89.10 82.49 -48.13
N PRO JC 43 88.34 82.26 -47.06
CA PRO JC 43 88.60 81.07 -46.25
C PRO JC 43 88.52 79.81 -47.07
N ALA JC 44 87.73 79.82 -48.12
CA ALA JC 44 87.49 78.65 -48.96
C ALA JC 44 88.71 78.23 -49.77
N LEU JC 45 89.71 79.09 -49.89
CA LEU JC 45 90.80 78.86 -50.83
C LEU JC 45 92.12 79.03 -50.11
N GLU JC 46 92.24 78.39 -48.96
CA GLU JC 46 93.42 78.64 -48.15
C GLU JC 46 93.82 77.37 -47.40
N LYS JC 47 95.12 77.12 -47.35
CA LYS JC 47 95.68 75.92 -46.77
C LYS JC 47 95.58 75.99 -45.25
N ARG JC 48 95.03 74.95 -44.64
CA ARG JC 48 94.80 74.97 -43.20
C ARG JC 48 95.40 73.74 -42.54
N VAL JC 49 95.74 73.92 -41.27
CA VAL JC 49 96.22 72.86 -40.41
C VAL JC 49 95.54 73.00 -39.07
N THR JC 50 95.35 71.88 -38.38
CA THR JC 50 94.72 71.91 -37.07
C THR JC 50 95.35 70.83 -36.21
N VAL JC 51 95.71 71.21 -34.99
CA VAL JC 51 96.33 70.30 -34.04
C VAL JC 51 95.48 70.24 -32.78
N SER JC 52 95.61 69.13 -32.08
CA SER JC 52 94.91 68.95 -30.81
C SER JC 52 95.57 67.81 -30.04
N VAL JC 53 95.51 67.92 -28.72
CA VAL JC 53 95.97 66.89 -27.83
C VAL JC 53 94.85 66.61 -26.84
N SER JC 54 94.32 65.40 -26.88
CA SER JC 54 93.29 64.99 -25.95
C SER JC 54 93.89 64.23 -24.79
N GLN JC 55 93.56 64.67 -23.58
CA GLN JC 55 93.95 63.97 -22.37
C GLN JC 55 93.16 62.70 -22.20
N PRO JC 56 93.63 61.78 -21.35
CA PRO JC 56 92.87 60.58 -21.08
C PRO JC 56 91.65 60.86 -20.22
N SER JC 57 90.48 60.88 -20.84
CA SER JC 57 89.25 60.94 -20.08
C SER JC 57 89.01 59.59 -19.43
N ARG JC 58 87.95 59.48 -18.62
CA ARG JC 58 87.60 58.18 -18.10
C ARG JC 58 87.30 57.20 -19.21
N ASN JC 59 86.82 57.70 -20.35
CA ASN JC 59 86.44 56.85 -21.47
C ASN JC 59 87.52 56.86 -22.54
N ARG JC 60 88.71 57.35 -22.21
CA ARG JC 60 89.86 57.22 -23.11
C ARG JC 60 91.05 56.52 -22.47
N LYS JC 61 91.48 57.01 -21.31
CA LYS JC 61 92.70 56.53 -20.65
C LYS JC 61 93.82 56.30 -21.67
N ASN JC 62 93.98 57.27 -22.56
CA ASN JC 62 94.98 57.17 -23.63
C ASN JC 62 95.19 58.56 -24.20
N TYR JC 63 96.42 59.06 -24.16
CA TYR JC 63 96.67 60.40 -24.67
C TYR JC 63 96.69 60.38 -26.19
N LYS JC 64 95.98 61.32 -26.80
CA LYS JC 64 95.91 61.42 -28.25
C LYS JC 64 96.51 62.73 -28.74
N VAL JC 65 97.10 62.68 -29.92
CA VAL JC 65 97.56 63.89 -30.60
C VAL JC 65 97.13 63.77 -32.05
N GLN JC 66 96.21 64.63 -32.45
CA GLN JC 66 95.69 64.62 -33.81
C GLN JC 66 96.11 65.89 -34.54
N VAL JC 67 96.50 65.73 -35.79
CA VAL JC 67 96.85 66.86 -36.64
C VAL JC 67 96.31 66.58 -38.03
N LYS JC 68 95.47 67.48 -38.53
CA LYS JC 68 94.92 67.36 -39.87
C LYS JC 68 95.35 68.54 -40.73
N ILE JC 69 95.54 68.27 -42.02
CA ILE JC 69 96.00 69.25 -42.99
C ILE JC 69 95.05 69.19 -44.16
N GLN JC 70 94.54 70.34 -44.60
CA GLN JC 70 93.76 70.36 -45.82
C GLN JC 70 94.39 71.36 -46.77
N ASN JC 71 94.48 70.96 -48.02
CA ASN JC 71 94.99 71.81 -49.11
C ASN JC 71 93.95 71.82 -50.22
N PRO JC 72 93.26 72.93 -50.45
CA PRO JC 72 92.31 73.01 -51.55
C PRO JC 72 92.96 73.57 -52.82
N THR JC 73 92.29 73.38 -53.94
CA THR JC 73 92.75 73.92 -55.21
C THR JC 73 91.88 75.06 -55.69
N ALA JC 74 92.50 76.02 -56.37
CA ALA JC 74 91.81 77.20 -56.86
C ALA JC 74 90.83 76.86 -57.97
N CYS JC 75 91.33 76.35 -59.09
CA CYS JC 75 90.52 76.18 -60.29
C CYS JC 75 89.81 77.49 -60.64
N THR JC 76 90.56 78.59 -60.58
CA THR JC 76 89.98 79.88 -60.90
C THR JC 76 89.59 79.91 -62.37
N ALA JC 77 88.36 80.31 -62.63
CA ALA JC 77 87.79 80.26 -63.97
C ALA JC 77 88.23 81.47 -64.78
N ASN JC 78 88.04 81.38 -66.10
CA ASN JC 78 88.38 82.47 -67.01
C ASN JC 78 87.40 83.62 -66.79
N GLY JC 79 87.51 84.21 -65.61
CA GLY JC 79 86.76 85.39 -65.24
C GLY JC 79 85.44 85.02 -64.61
N SER JC 80 84.48 85.93 -64.77
CA SER JC 80 83.09 85.65 -64.52
C SER JC 80 82.76 85.51 -63.04
N CYS JC 81 83.73 85.23 -62.18
CA CYS JC 81 83.45 85.23 -60.75
C CYS JC 81 84.73 84.79 -60.03
N ASP JC 82 84.71 84.80 -58.70
CA ASP JC 82 85.86 84.37 -57.91
C ASP JC 82 86.09 82.86 -58.05
N PRO JC 83 87.29 82.39 -57.70
CA PRO JC 83 87.58 80.96 -57.84
C PRO JC 83 86.67 80.10 -56.99
N SER JC 84 86.59 78.82 -57.35
CA SER JC 84 85.75 77.86 -56.65
C SER JC 84 86.54 76.60 -56.35
N VAL JC 85 86.22 75.97 -55.22
CA VAL JC 85 86.93 74.78 -54.80
C VAL JC 85 86.55 73.62 -55.68
N THR JC 86 87.53 72.90 -56.15
CA THR JC 86 87.29 71.68 -56.91
C THR JC 86 88.04 70.48 -56.34
N ARG JC 87 89.19 70.72 -55.70
CA ARG JC 87 90.13 69.66 -55.35
C ARG JC 87 90.42 69.83 -53.87
N GLN JC 88 90.60 68.73 -53.15
CA GLN JC 88 90.94 68.87 -51.73
C GLN JC 88 91.78 67.68 -51.27
N ALA JC 89 93.03 67.94 -50.92
CA ALA JC 89 93.87 66.91 -50.34
C ALA JC 89 93.82 67.00 -48.82
N TYR JC 90 93.49 65.89 -48.18
CA TYR JC 90 93.52 65.79 -46.73
C TYR JC 90 94.65 64.89 -46.29
N ALA JC 91 95.28 65.28 -45.18
CA ALA JC 91 96.27 64.47 -44.51
C ALA JC 91 95.91 64.44 -43.04
N ASP JC 92 95.99 63.27 -42.43
CA ASP JC 92 95.40 63.08 -41.12
C ASP JC 92 96.33 62.18 -40.31
N VAL JC 93 96.89 62.72 -39.23
CA VAL JC 93 97.86 62.01 -38.44
C VAL JC 93 97.38 61.93 -37.01
N THR JC 94 97.59 60.77 -36.37
CA THR JC 94 97.05 60.49 -35.05
C THR JC 94 98.08 59.69 -34.25
N PHE JC 95 98.69 60.34 -33.27
CA PHE JC 95 99.58 59.65 -32.34
C PHE JC 95 98.82 59.21 -31.11
N SER JC 96 99.14 58.02 -30.62
CA SER JC 96 98.46 57.42 -29.47
C SER JC 96 99.50 56.97 -28.45
N PHE JC 97 99.36 57.41 -27.21
CA PHE JC 97 100.35 57.16 -26.18
C PHE JC 97 99.65 56.75 -24.88
N THR JC 98 100.36 55.97 -24.08
CA THR JC 98 99.85 55.57 -22.78
C THR JC 98 100.19 56.61 -21.72
N GLN JC 99 99.58 56.45 -20.54
CA GLN JC 99 99.87 57.35 -19.43
C GLN JC 99 101.34 57.29 -19.04
N TYR JC 100 101.92 56.09 -19.07
CA TYR JC 100 103.32 55.88 -18.78
C TYR JC 100 104.19 56.04 -19.99
N SER JC 101 103.71 56.80 -20.99
CA SER JC 101 104.53 57.14 -22.13
C SER JC 101 105.81 57.81 -21.68
N THR JC 102 106.74 57.89 -22.62
CA THR JC 102 108.02 58.55 -22.42
C THR JC 102 108.23 59.54 -23.54
N ASP JC 103 108.55 60.77 -23.15
CA ASP JC 103 109.05 61.71 -24.12
C ASP JC 103 110.07 61.08 -25.04
N GLU JC 104 110.89 60.17 -24.51
CA GLU JC 104 111.90 59.51 -25.32
C GLU JC 104 111.31 58.90 -26.57
N GLU JC 105 110.55 57.81 -26.42
CA GLU JC 105 110.19 57.07 -27.61
C GLU JC 105 109.02 57.72 -28.32
N ARG JC 106 108.35 58.63 -27.66
CA ARG JC 106 107.37 59.42 -28.36
C ARG JC 106 108.05 60.36 -29.37
N ALA JC 107 109.11 61.05 -28.95
CA ALA JC 107 109.87 61.82 -29.92
C ALA JC 107 110.46 60.90 -30.98
N PHE JC 108 110.84 59.70 -30.57
CA PHE JC 108 111.37 58.73 -31.53
C PHE JC 108 110.34 58.44 -32.62
N VAL JC 109 109.09 58.21 -32.22
CA VAL JC 109 108.03 57.97 -33.19
C VAL JC 109 107.89 59.18 -34.09
N ARG JC 110 107.92 60.37 -33.52
CA ARG JC 110 107.76 61.55 -34.35
C ARG JC 110 108.82 61.58 -35.44
N THR JC 111 110.08 61.46 -35.05
CA THR JC 111 111.15 61.57 -36.02
C THR JC 111 111.05 60.46 -37.04
N GLU JC 112 110.72 59.25 -36.59
CA GLU JC 112 110.69 58.13 -37.52
C GLU JC 112 109.58 58.31 -38.54
N LEU JC 113 108.42 58.79 -38.10
CA LEU JC 113 107.37 59.14 -39.05
C LEU JC 113 107.87 60.16 -40.05
N ALA JC 114 108.52 61.22 -39.58
CA ALA JC 114 108.92 62.29 -40.49
C ALA JC 114 109.88 61.75 -41.54
N ALA JC 115 110.88 61.03 -41.10
CA ALA JC 115 111.89 60.64 -42.07
C ALA JC 115 111.40 59.48 -42.93
N LEU JC 116 110.46 58.68 -42.45
CA LEU JC 116 109.81 57.73 -43.35
C LEU JC 116 109.03 58.48 -44.41
N LEU JC 117 108.35 59.55 -44.01
CA LEU JC 117 107.68 60.41 -44.96
C LEU JC 117 108.64 60.98 -45.98
N ALA JC 118 109.91 61.13 -45.63
CA ALA JC 118 110.92 61.53 -46.60
C ALA JC 118 111.49 60.36 -47.40
N SER JC 119 111.33 59.13 -46.93
CA SER JC 119 111.99 57.99 -47.55
C SER JC 119 111.43 57.72 -48.95
N PRO JC 120 112.21 57.06 -49.81
CA PRO JC 120 111.73 56.78 -51.17
C PRO JC 120 110.45 55.98 -51.20
N LEU JC 121 110.26 55.06 -50.27
CA LEU JC 121 109.06 54.24 -50.28
C LEU JC 121 107.81 55.09 -50.32
N LEU JC 122 107.58 55.84 -49.24
CA LEU JC 122 106.37 56.64 -49.20
C LEU JC 122 106.38 57.68 -50.30
N ILE JC 123 107.56 58.08 -50.77
CA ILE JC 123 107.62 59.05 -51.85
C ILE JC 123 106.79 58.59 -53.03
N ASP JC 124 107.12 57.44 -53.60
CA ASP JC 124 106.34 57.01 -54.75
C ASP JC 124 105.02 56.39 -54.33
N ALA JC 125 104.90 55.97 -53.07
CA ALA JC 125 103.61 55.45 -52.62
C ALA JC 125 102.55 56.53 -52.61
N ILE JC 126 102.92 57.76 -52.29
CA ILE JC 126 101.98 58.87 -52.27
C ILE JC 126 101.97 59.53 -53.64
N ASP JC 127 103.16 59.93 -54.11
CA ASP JC 127 103.27 60.77 -55.27
C ASP JC 127 102.74 60.06 -56.50
N GLN JC 128 103.24 58.86 -56.74
CA GLN JC 128 102.83 58.09 -57.89
C GLN JC 128 101.66 57.18 -57.57
N LEU JC 129 101.13 57.21 -56.36
CA LEU JC 129 100.04 56.33 -55.97
C LEU JC 129 100.35 54.88 -56.30
N ASN JC 130 101.63 54.53 -56.30
CA ASN JC 130 102.02 53.17 -56.61
C ASN JC 130 101.94 52.31 -55.36
N PRO JC 131 101.13 51.26 -55.34
CA PRO JC 131 101.10 50.41 -54.16
C PRO JC 131 102.45 49.81 -53.84
N ALA JC 132 102.75 49.77 -52.56
CA ALA JC 132 104.01 49.23 -52.10
C ALA JC 132 104.17 47.80 -52.59
N TYR JC 133 105.15 47.60 -53.47
CA TYR JC 133 105.49 46.28 -53.95
C TYR JC 133 106.67 46.37 -54.91
N ALA KC 2 91.09 85.26 -18.12
CA ALA KC 2 92.55 85.03 -17.93
C ALA KC 2 93.10 84.10 -19.00
N LYS KC 3 94.00 84.63 -19.81
CA LYS KC 3 94.63 83.82 -20.85
C LYS KC 3 95.61 82.84 -20.22
N LEU KC 4 95.42 81.56 -20.49
CA LEU KC 4 96.29 80.54 -19.92
C LEU KC 4 97.68 80.71 -20.52
N GLU KC 5 98.70 80.55 -19.69
CA GLU KC 5 100.06 80.73 -20.14
C GLU KC 5 100.98 79.93 -19.23
N THR KC 6 102.17 79.65 -19.73
CA THR KC 6 103.19 79.00 -18.92
C THR KC 6 103.42 79.81 -17.65
N VAL KC 7 103.10 79.21 -16.52
CA VAL KC 7 103.16 79.91 -15.25
C VAL KC 7 104.40 79.44 -14.50
N THR KC 8 105.21 80.39 -14.06
CA THR KC 8 106.48 80.11 -13.39
C THR KC 8 106.36 80.53 -11.93
N LEU KC 9 106.46 79.57 -11.03
CA LEU KC 9 106.29 79.83 -9.62
C LEU KC 9 107.61 79.55 -8.92
N GLY KC 10 108.23 80.59 -8.38
CA GLY KC 10 109.50 80.50 -7.71
C GLY KC 10 109.37 80.69 -6.22
N ASN KC 11 110.50 80.54 -5.53
CA ASN KC 11 110.53 80.67 -4.09
C ASN KC 11 109.57 79.68 -3.46
N ILE KC 12 109.84 78.40 -3.72
CA ILE KC 12 108.94 77.31 -3.38
C ILE KC 12 109.72 76.29 -2.55
N GLY KC 13 109.00 75.62 -1.65
CA GLY KC 13 109.58 74.61 -0.78
C GLY KC 13 109.78 75.11 0.63
N LYS KC 14 110.29 74.22 1.49
CA LYS KC 14 110.64 74.67 2.84
C LYS KC 14 111.51 75.90 2.80
N ASP KC 15 112.66 75.81 2.15
CA ASP KC 15 113.58 76.92 2.12
C ASP KC 15 113.27 77.89 0.98
N GLY KC 16 112.24 77.60 0.19
CA GLY KC 16 111.80 78.54 -0.83
C GLY KC 16 112.85 78.80 -1.90
N LYS KC 17 113.42 77.73 -2.45
CA LYS KC 17 114.42 77.89 -3.50
C LYS KC 17 114.09 77.14 -4.78
N GLN KC 18 113.14 76.22 -4.78
CA GLN KC 18 112.85 75.48 -6.00
C GLN KC 18 112.02 76.33 -6.94
N THR KC 19 111.72 75.77 -8.12
CA THR KC 19 110.94 76.47 -9.13
C THR KC 19 110.05 75.46 -9.84
N LEU KC 20 108.84 75.89 -10.18
CA LEU KC 20 107.90 75.04 -10.90
C LEU KC 20 107.39 75.78 -12.12
N VAL KC 21 107.52 75.16 -13.28
CA VAL KC 21 107.07 75.74 -14.54
C VAL KC 21 105.91 74.87 -15.00
N LEU KC 22 104.71 75.45 -15.01
CA LEU KC 22 103.50 74.72 -15.34
C LEU KC 22 103.02 75.14 -16.70
N ASN KC 23 102.79 74.18 -17.55
CA ASN KC 23 102.40 74.44 -18.93
C ASN KC 23 100.91 74.22 -19.11
N PRO KC 24 100.27 75.00 -19.98
CA PRO KC 24 98.84 74.84 -20.20
C PRO KC 24 98.47 73.49 -20.78
N ARG KC 25 97.37 72.92 -20.30
CA ARG KC 25 96.80 71.70 -20.86
C ARG KC 25 95.50 71.96 -21.60
N GLY KC 26 95.16 73.21 -21.83
CA GLY KC 26 93.88 73.52 -22.45
C GLY KC 26 92.75 73.50 -21.43
N VAL KC 27 91.54 73.30 -21.94
CA VAL KC 27 90.35 73.28 -21.12
C VAL KC 27 89.48 72.12 -21.57
N ASN KC 28 88.86 71.44 -20.63
CA ASN KC 28 87.96 70.36 -20.99
C ASN KC 28 86.65 70.93 -21.50
N PRO KC 29 86.15 70.49 -22.66
CA PRO KC 29 84.90 71.04 -23.17
C PRO KC 29 83.71 70.76 -22.29
N THR KC 30 83.75 69.68 -21.51
CA THR KC 30 82.60 69.29 -20.71
C THR KC 30 82.51 70.12 -19.43
N ASN KC 31 83.49 69.96 -18.55
CA ASN KC 31 83.48 70.65 -17.27
C ASN KC 31 83.87 72.11 -17.41
N GLY KC 32 84.42 72.51 -18.54
CA GLY KC 32 84.85 73.89 -18.67
C GLY KC 32 85.91 74.21 -17.64
N VAL KC 33 86.91 73.35 -17.55
CA VAL KC 33 87.95 73.45 -16.54
C VAL KC 33 89.30 73.54 -17.23
N ALA KC 34 90.09 74.53 -16.86
CA ALA KC 34 91.45 74.62 -17.39
C ALA KC 34 92.40 73.81 -16.53
N SER KC 35 93.45 73.33 -17.15
CA SER KC 35 94.45 72.54 -16.44
C SER KC 35 95.82 72.87 -17.01
N LEU KC 36 96.83 72.79 -16.15
CA LEU KC 36 98.21 72.98 -16.57
C LEU KC 36 99.08 71.95 -15.86
N SER KC 37 100.24 71.69 -16.44
CA SER KC 37 101.04 70.55 -16.04
C SER KC 37 102.50 70.93 -15.98
N GLN KC 38 103.20 70.30 -15.04
CA GLN KC 38 104.64 70.38 -14.97
C GLN KC 38 105.25 69.70 -16.18
N ALA KC 39 106.31 70.29 -16.73
CA ALA KC 39 106.98 69.69 -17.87
C ALA KC 39 107.79 68.49 -17.41
N GLY KC 40 107.47 67.32 -17.94
CA GLY KC 40 108.16 66.12 -17.53
C GLY KC 40 108.18 65.08 -18.62
N ALA KC 41 108.91 64.00 -18.36
CA ALA KC 41 109.02 62.90 -19.30
C ALA KC 41 107.84 61.95 -19.20
N VAL KC 42 107.45 61.62 -17.98
CA VAL KC 42 106.45 60.59 -17.72
C VAL KC 42 105.11 61.29 -17.52
N PRO KC 43 104.15 61.14 -18.43
CA PRO KC 43 102.87 61.84 -18.27
C PRO KC 43 102.22 61.58 -16.93
N ALA KC 44 102.37 60.38 -16.39
CA ALA KC 44 101.74 60.05 -15.12
C ALA KC 44 102.42 60.71 -13.94
N LEU KC 45 103.58 61.33 -14.15
CA LEU KC 45 104.42 61.78 -13.05
C LEU KC 45 104.53 63.30 -12.96
N GLU KC 46 103.78 64.04 -13.78
CA GLU KC 46 103.87 65.49 -13.76
C GLU KC 46 102.87 66.04 -12.76
N LYS KC 47 103.26 67.10 -12.06
CA LYS KC 47 102.40 67.74 -11.09
C LYS KC 47 101.37 68.59 -11.82
N ARG KC 48 100.10 68.46 -11.46
CA ARG KC 48 99.02 69.07 -12.20
C ARG KC 48 98.35 70.17 -11.38
N VAL KC 49 97.73 71.10 -12.12
CA VAL KC 49 97.02 72.22 -11.51
C VAL KC 49 95.71 72.40 -12.26
N THR KC 50 94.61 72.50 -11.52
CA THR KC 50 93.30 72.65 -12.11
C THR KC 50 92.69 73.98 -11.70
N VAL KC 51 91.93 74.59 -12.60
CA VAL KC 51 91.29 75.87 -12.35
C VAL KC 51 89.90 75.85 -12.97
N SER KC 52 88.89 76.12 -12.17
CA SER KC 52 87.52 76.16 -12.64
C SER KC 52 86.82 77.37 -12.03
N VAL KC 53 85.99 78.03 -12.83
CA VAL KC 53 85.11 79.08 -12.33
C VAL KC 53 83.74 78.83 -12.94
N SER KC 54 82.86 78.21 -12.16
CA SER KC 54 81.51 77.99 -12.64
C SER KC 54 80.75 79.30 -12.70
N GLN KC 55 79.78 79.34 -13.58
CA GLN KC 55 78.90 80.47 -13.75
C GLN KC 55 77.75 80.41 -12.76
N PRO KC 56 76.99 81.48 -12.62
CA PRO KC 56 75.93 81.49 -11.62
C PRO KC 56 74.90 80.42 -11.90
N SER KC 57 74.43 79.76 -10.84
CA SER KC 57 73.35 78.81 -10.97
C SER KC 57 72.01 79.52 -10.94
N ARG KC 58 70.93 78.77 -10.77
CA ARG KC 58 69.58 79.30 -10.81
C ARG KC 58 69.10 79.67 -9.41
N ASN KC 59 68.51 80.87 -9.31
CA ASN KC 59 67.76 81.31 -8.13
C ASN KC 59 68.65 81.59 -6.92
N ARG KC 60 69.90 81.17 -7.00
CA ARG KC 60 70.89 81.45 -5.97
C ARG KC 60 72.13 82.09 -6.58
N LYS KC 61 72.55 81.52 -7.71
CA LYS KC 61 73.50 82.03 -8.68
C LYS KC 61 74.92 82.16 -8.11
N ASN KC 62 75.11 82.21 -6.80
CA ASN KC 62 76.23 81.55 -6.13
C ASN KC 62 77.53 81.35 -6.92
N TYR KC 63 78.24 82.41 -7.31
CA TYR KC 63 79.50 82.21 -8.04
C TYR KC 63 80.45 81.27 -7.29
N LYS KC 64 81.10 80.39 -8.05
CA LYS KC 64 81.99 79.38 -7.50
C LYS KC 64 83.27 79.28 -8.30
N VAL KC 65 84.38 79.03 -7.61
CA VAL KC 65 85.67 78.80 -8.23
C VAL KC 65 86.37 77.65 -7.53
N GLN KC 66 86.99 76.77 -8.31
CA GLN KC 66 87.68 75.61 -7.79
C GLN KC 66 89.11 75.61 -8.29
N VAL KC 67 90.03 75.13 -7.44
CA VAL KC 67 91.43 74.98 -7.79
C VAL KC 67 91.91 73.68 -7.17
N LYS KC 68 92.24 72.71 -8.02
CA LYS KC 68 92.68 71.38 -7.58
C LYS KC 68 94.14 71.24 -7.92
N ILE KC 69 94.97 71.04 -6.90
CA ILE KC 69 96.40 70.85 -7.03
C ILE KC 69 96.68 69.39 -6.77
N GLN KC 70 97.31 68.72 -7.74
CA GLN KC 70 97.67 67.32 -7.61
C GLN KC 70 99.17 67.19 -7.78
N ASN KC 71 99.81 66.50 -6.84
CA ASN KC 71 101.23 66.20 -6.92
C ASN KC 71 101.44 64.70 -6.71
N PRO KC 72 101.88 63.97 -7.71
CA PRO KC 72 102.13 62.55 -7.53
C PRO KC 72 103.59 62.29 -7.19
N THR KC 73 103.86 61.04 -6.83
CA THR KC 73 105.22 60.58 -6.62
C THR KC 73 105.21 59.08 -6.77
N ALA KC 74 106.08 58.57 -7.63
CA ALA KC 74 106.24 57.14 -7.84
C ALA KC 74 107.57 56.69 -7.26
N CYS KC 75 107.78 55.37 -7.25
CA CYS KC 75 109.08 54.83 -6.87
C CYS KC 75 109.16 53.44 -7.46
N THR KC 76 109.95 53.29 -8.53
CA THR KC 76 109.98 52.06 -9.28
C THR KC 76 110.39 50.90 -8.37
N ALA KC 77 109.59 49.85 -8.39
CA ALA KC 77 109.91 48.64 -7.65
C ALA KC 77 110.94 47.82 -8.43
N ASN KC 78 111.61 46.93 -7.71
CA ASN KC 78 112.55 46.04 -8.36
C ASN KC 78 111.81 45.07 -9.29
N GLY KC 79 112.30 44.94 -10.52
CA GLY KC 79 111.69 44.09 -11.51
C GLY KC 79 110.66 44.79 -12.38
N SER KC 80 110.20 45.97 -11.99
CA SER KC 80 109.16 46.70 -12.70
C SER KC 80 109.82 47.79 -13.53
N CYS KC 81 109.50 47.81 -14.83
CA CYS KC 81 109.98 48.84 -15.74
C CYS KC 81 109.00 49.99 -15.91
N ASP KC 82 108.21 50.28 -14.87
CA ASP KC 82 107.17 51.30 -14.92
C ASP KC 82 107.15 52.06 -13.60
N PRO KC 83 107.44 53.35 -13.59
CA PRO KC 83 107.42 54.08 -12.33
C PRO KC 83 106.01 54.33 -11.84
N SER KC 84 105.36 53.30 -11.32
CA SER KC 84 103.97 53.41 -10.91
C SER KC 84 103.84 54.41 -9.75
N VAL KC 85 102.84 55.29 -9.86
CA VAL KC 85 102.60 56.29 -8.84
C VAL KC 85 102.15 55.58 -7.57
N THR KC 86 102.90 55.75 -6.49
CA THR KC 86 102.57 55.15 -5.21
C THR KC 86 102.17 56.18 -4.17
N ARG KC 87 102.09 57.46 -4.54
CA ARG KC 87 101.99 58.54 -3.58
C ARG KC 87 101.25 59.67 -4.25
N GLN KC 88 100.24 60.22 -3.59
CA GLN KC 88 99.54 61.35 -4.19
C GLN KC 88 99.18 62.36 -3.11
N ALA KC 89 99.37 63.64 -3.42
CA ALA KC 89 98.93 64.72 -2.57
C ALA KC 89 97.92 65.57 -3.32
N TYR KC 90 96.81 65.87 -2.65
CA TYR KC 90 95.75 66.68 -3.21
C TYR KC 90 95.58 67.92 -2.37
N ALA KC 91 95.28 69.04 -3.01
CA ALA KC 91 94.93 70.27 -2.31
C ALA KC 91 93.86 70.96 -3.11
N ASP KC 92 92.65 71.07 -2.56
CA ASP KC 92 91.54 71.67 -3.27
C ASP KC 92 91.14 72.94 -2.53
N VAL KC 93 91.12 74.04 -3.26
CA VAL KC 93 90.64 75.32 -2.77
C VAL KC 93 89.35 75.64 -3.50
N THR KC 94 88.36 76.13 -2.78
CA THR KC 94 87.11 76.48 -3.42
C THR KC 94 86.60 77.78 -2.81
N PHE KC 95 86.44 78.78 -3.65
CA PHE KC 95 85.88 80.05 -3.24
C PHE KC 95 84.42 80.13 -3.68
N SER KC 96 83.59 80.68 -2.82
CA SER KC 96 82.18 80.91 -3.14
C SER KC 96 81.87 82.37 -2.87
N PHE KC 97 81.28 83.03 -3.85
CA PHE KC 97 80.98 84.45 -3.80
C PHE KC 97 79.52 84.65 -4.13
N THR KC 98 78.98 85.76 -3.63
CA THR KC 98 77.63 86.15 -3.94
C THR KC 98 77.62 86.97 -5.23
N GLN KC 99 76.51 86.89 -5.95
CA GLN KC 99 76.34 87.61 -7.19
C GLN KC 99 76.70 89.08 -7.08
N TYR KC 100 76.75 89.64 -5.88
CA TYR KC 100 76.97 91.06 -5.69
C TYR KC 100 78.27 91.34 -4.99
N SER KC 101 79.09 90.32 -4.81
CA SER KC 101 80.44 90.52 -4.31
C SER KC 101 81.16 91.56 -5.16
N THR KC 102 82.29 92.02 -4.65
CA THR KC 102 83.07 93.03 -5.34
C THR KC 102 84.53 92.61 -5.43
N ASP KC 103 85.17 93.06 -6.50
CA ASP KC 103 86.59 92.81 -6.70
C ASP KC 103 87.38 93.06 -5.43
N GLU KC 104 87.09 94.17 -4.73
CA GLU KC 104 87.71 94.40 -3.42
C GLU KC 104 87.68 93.14 -2.58
N GLU KC 105 86.50 92.66 -2.26
CA GLU KC 105 86.40 91.62 -1.25
C GLU KC 105 86.97 90.33 -1.78
N ARG KC 106 86.78 90.06 -3.07
CA ARG KC 106 87.34 88.85 -3.64
C ARG KC 106 88.86 88.86 -3.49
N ALA KC 107 89.50 89.95 -3.88
CA ALA KC 107 90.94 90.04 -3.73
C ALA KC 107 91.35 89.95 -2.28
N PHE KC 108 90.58 90.54 -1.38
CA PHE KC 108 90.93 90.48 0.03
C PHE KC 108 90.93 89.03 0.49
N VAL KC 109 89.94 88.27 0.08
CA VAL KC 109 89.93 86.85 0.41
C VAL KC 109 91.18 86.19 -0.13
N ARG KC 110 91.51 86.48 -1.37
CA ARG KC 110 92.64 85.82 -2.00
C ARG KC 110 93.91 86.07 -1.19
N THR KC 111 94.19 87.33 -0.92
CA THR KC 111 95.37 87.68 -0.15
C THR KC 111 95.33 87.06 1.24
N GLU KC 112 94.17 87.07 1.88
CA GLU KC 112 94.07 86.49 3.21
C GLU KC 112 94.49 85.04 3.18
N LEU KC 113 93.96 84.29 2.24
CA LEU KC 113 94.34 82.89 2.15
C LEU KC 113 95.83 82.76 1.90
N ALA KC 114 96.38 83.61 1.04
CA ALA KC 114 97.79 83.48 0.71
C ALA KC 114 98.66 83.71 1.94
N ALA KC 115 98.47 84.83 2.61
CA ALA KC 115 99.30 85.11 3.77
C ALA KC 115 99.02 84.12 4.89
N LEU KC 116 97.84 83.51 4.92
CA LEU KC 116 97.61 82.47 5.90
C LEU KC 116 98.42 81.23 5.57
N LEU KC 117 98.49 80.86 4.29
CA LEU KC 117 99.40 79.82 3.84
C LEU KC 117 100.83 80.13 4.21
N ALA KC 118 101.17 81.40 4.34
CA ALA KC 118 102.53 81.79 4.69
C ALA KC 118 102.80 81.85 6.19
N SER KC 119 101.81 82.15 7.01
CA SER KC 119 102.06 82.40 8.42
C SER KC 119 102.37 81.08 9.15
N PRO KC 120 103.14 81.16 10.23
CA PRO KC 120 103.60 79.92 10.88
C PRO KC 120 102.48 79.01 11.34
N LEU KC 121 101.29 79.54 11.61
CA LEU KC 121 100.22 78.68 12.09
C LEU KC 121 99.98 77.55 11.08
N LEU KC 122 99.52 77.90 9.89
CA LEU KC 122 99.24 76.86 8.93
C LEU KC 122 100.52 76.13 8.54
N ILE KC 123 101.66 76.81 8.63
CA ILE KC 123 102.93 76.13 8.42
C ILE KC 123 102.99 74.87 9.26
N ASP KC 124 102.91 75.02 10.58
CA ASP KC 124 103.01 73.85 11.43
C ASP KC 124 101.80 72.95 11.29
N ALA KC 125 100.64 73.52 10.98
CA ALA KC 125 99.45 72.70 10.83
C ALA KC 125 99.60 71.72 9.67
N ILE KC 126 100.34 72.11 8.63
CA ILE KC 126 100.48 71.31 7.43
C ILE KC 126 101.78 70.54 7.42
N ASP KC 127 102.90 71.26 7.42
CA ASP KC 127 104.18 70.64 7.08
C ASP KC 127 104.52 69.52 8.05
N GLN KC 128 104.13 69.64 9.30
CA GLN KC 128 104.29 68.54 10.24
C GLN KC 128 103.00 68.12 10.92
N LEU KC 129 101.85 68.47 10.36
CA LEU KC 129 100.58 67.84 10.72
C LEU KC 129 100.32 67.94 12.22
N ASN KC 130 100.30 69.16 12.72
CA ASN KC 130 99.99 69.35 14.14
C ASN KC 130 98.66 70.06 14.27
N PRO KC 131 97.65 69.43 14.86
CA PRO KC 131 96.41 70.15 15.13
C PRO KC 131 96.67 71.43 15.89
N ALA KC 132 96.03 72.50 15.45
CA ALA KC 132 96.24 73.80 16.05
C ALA KC 132 95.52 73.86 17.38
N TYR KC 133 96.16 74.49 18.37
CA TYR KC 133 95.58 74.59 19.68
C TYR KC 133 96.28 75.65 20.51
N ALA LC 2 113.23 35.03 54.79
CA ALA LC 2 112.60 33.69 54.93
C ALA LC 2 113.24 32.68 53.97
N LYS LC 3 114.57 32.70 53.91
CA LYS LC 3 115.27 31.76 53.04
C LYS LC 3 115.09 30.34 53.54
N LEU LC 4 114.97 29.41 52.59
CA LEU LC 4 114.71 28.02 52.89
C LEU LC 4 116.03 27.26 52.91
N GLU LC 5 116.18 26.37 53.88
CA GLU LC 5 117.41 25.60 54.01
C GLU LC 5 117.18 24.50 55.03
N THR LC 6 118.23 23.75 55.34
CA THR LC 6 118.14 22.66 56.29
C THR LC 6 117.93 23.20 57.69
N VAL LC 7 116.95 22.65 58.40
CA VAL LC 7 116.59 23.10 59.74
C VAL LC 7 116.83 21.95 60.70
N THR LC 8 117.60 22.21 61.75
CA THR LC 8 117.98 21.17 62.70
C THR LC 8 117.31 21.49 64.03
N LEU LC 9 116.18 20.85 64.26
CA LEU LC 9 115.42 20.98 65.49
C LEU LC 9 116.05 20.05 66.54
N GLY LC 10 116.70 20.63 67.54
CA GLY LC 10 117.34 19.85 68.57
C GLY LC 10 116.56 19.84 69.87
N ASN LC 11 116.90 18.92 70.77
CA ASN LC 11 116.25 18.83 72.07
C ASN LC 11 114.74 18.64 71.88
N ILE LC 12 114.39 17.49 71.32
CA ILE LC 12 113.05 17.20 70.86
C ILE LC 12 112.55 15.98 71.62
N GLY LC 13 111.25 15.94 71.87
CA GLY LC 13 110.60 14.77 72.44
C GLY LC 13 110.28 14.92 73.92
N LYS LC 14 110.11 13.77 74.56
CA LYS LC 14 109.70 13.76 75.96
C LYS LC 14 110.83 14.24 76.84
N ASP LC 15 111.94 13.54 76.78
CA ASP LC 15 113.18 13.94 77.42
C ASP LC 15 113.87 15.07 76.68
N GLY LC 16 113.39 15.44 75.51
CA GLY LC 16 114.06 16.45 74.72
C GLY LC 16 115.43 16.00 74.28
N LYS LC 17 115.51 14.82 73.67
CA LYS LC 17 116.79 14.23 73.32
C LYS LC 17 116.94 13.89 71.84
N GLN LC 18 115.86 13.68 71.10
CA GLN LC 18 116.03 13.31 69.71
C GLN LC 18 116.37 14.55 68.89
N THR LC 19 116.55 14.34 67.59
CA THR LC 19 116.91 15.42 66.69
C THR LC 19 116.14 15.25 65.38
N LEU LC 20 115.71 16.38 64.82
CA LEU LC 20 114.94 16.40 63.58
C LEU LC 20 115.66 17.27 62.57
N VAL LC 21 116.03 16.69 61.44
CA VAL LC 21 116.69 17.41 60.36
C VAL LC 21 115.71 17.49 59.20
N LEU LC 22 115.33 18.71 58.85
CA LEU LC 22 114.32 18.96 57.83
C LEU LC 22 114.97 19.65 56.66
N ASN LC 23 115.00 18.99 55.56
CA ASN LC 23 115.51 19.57 54.34
C ASN LC 23 114.37 20.20 53.54
N PRO LC 24 114.67 21.25 52.80
CA PRO LC 24 113.63 22.01 52.11
C PRO LC 24 113.10 21.24 50.89
N ARG LC 25 112.06 21.81 50.31
CA ARG LC 25 111.44 21.28 49.10
C ARG LC 25 111.16 22.46 48.17
N GLY LC 26 110.29 22.28 47.19
CA GLY LC 26 109.87 23.36 46.31
C GLY LC 26 108.56 23.95 46.79
N VAL LC 27 108.42 25.26 46.62
CA VAL LC 27 107.22 25.96 47.09
C VAL LC 27 106.09 25.69 46.11
N ASN LC 28 104.93 25.30 46.63
CA ASN LC 28 103.77 25.12 45.79
C ASN LC 28 103.42 26.41 45.06
N PRO LC 29 103.59 26.47 43.74
CA PRO LC 29 103.19 27.68 43.02
C PRO LC 29 101.70 27.95 43.11
N THR LC 30 100.90 26.90 43.22
CA THR LC 30 99.45 27.08 43.16
C THR LC 30 98.93 27.91 44.33
N ASN LC 31 99.60 27.88 45.47
CA ASN LC 31 99.16 28.67 46.60
C ASN LC 31 100.32 29.29 47.38
N GLY LC 32 101.55 29.21 46.89
CA GLY LC 32 102.67 29.80 47.59
C GLY LC 32 102.86 29.23 48.98
N VAL LC 33 103.26 27.96 49.06
CA VAL LC 33 103.48 27.29 50.33
C VAL LC 33 104.81 26.56 50.25
N ALA LC 34 105.73 26.90 51.14
CA ALA LC 34 107.00 26.21 51.17
C ALA LC 34 106.89 24.98 52.08
N SER LC 35 107.74 23.99 51.81
CA SER LC 35 107.66 22.70 52.50
C SER LC 35 109.03 22.27 52.97
N LEU LC 36 109.05 21.66 54.14
CA LEU LC 36 110.21 21.01 54.71
C LEU LC 36 109.84 19.57 55.01
N SER LC 37 110.81 18.67 54.88
CA SER LC 37 110.50 17.29 55.22
C SER LC 37 111.78 16.59 55.64
N GLN LC 38 111.60 15.42 56.27
CA GLN LC 38 112.71 14.73 56.90
C GLN LC 38 113.87 14.56 55.94
N ALA LC 39 115.07 14.36 56.47
CA ALA LC 39 116.23 14.25 55.60
C ALA LC 39 116.07 13.13 54.60
N GLY LC 40 115.26 12.13 54.92
CA GLY LC 40 115.00 11.02 54.03
C GLY LC 40 115.47 9.71 54.62
N ALA LC 41 115.37 8.65 53.81
CA ALA LC 41 114.90 8.74 52.43
C ALA LC 41 113.39 8.78 52.34
N VAL LC 42 112.75 7.68 52.71
CA VAL LC 42 111.28 7.62 52.67
C VAL LC 42 110.67 8.68 53.58
N PRO LC 43 111.17 8.88 54.80
CA PRO LC 43 110.53 9.87 55.69
C PRO LC 43 110.35 11.24 55.07
N ALA LC 44 111.13 11.56 54.02
CA ALA LC 44 110.96 12.84 53.34
C ALA LC 44 109.58 12.95 52.68
N LEU LC 45 108.99 11.81 52.31
CA LEU LC 45 107.65 11.77 51.75
C LEU LC 45 106.58 11.37 52.76
N GLU LC 46 106.88 11.40 54.06
CA GLU LC 46 105.87 11.20 55.08
C GLU LC 46 105.79 12.36 56.07
N LYS LC 47 106.91 12.80 56.61
CA LYS LC 47 106.90 13.94 57.53
C LYS LC 47 106.93 15.25 56.76
N ARG LC 48 105.99 16.15 57.08
CA ARG LC 48 105.83 17.39 56.33
C ARG LC 48 105.71 18.57 57.27
N VAL LC 49 106.25 19.70 56.85
CA VAL LC 49 106.16 20.94 57.60
C VAL LC 49 106.01 22.06 56.58
N THR LC 50 104.80 22.59 56.43
CA THR LC 50 104.49 23.58 55.42
C THR LC 50 104.30 24.95 56.05
N VAL LC 51 104.69 25.98 55.31
CA VAL LC 51 104.60 27.36 55.79
C VAL LC 51 104.07 28.22 54.65
N SER LC 52 103.18 29.15 54.99
CA SER LC 52 102.64 30.08 54.01
C SER LC 52 102.41 31.42 54.68
N VAL LC 53 102.45 32.48 53.87
CA VAL LC 53 102.17 33.83 54.34
C VAL LC 53 101.26 34.49 53.29
N SER LC 54 99.97 34.56 53.60
CA SER LC 54 99.02 35.24 52.72
C SER LC 54 98.99 36.71 53.10
N GLN LC 55 99.13 37.57 52.09
CA GLN LC 55 99.18 39.00 52.29
C GLN LC 55 97.79 39.60 52.13
N PRO LC 56 97.59 40.84 52.57
CA PRO LC 56 96.27 41.46 52.42
C PRO LC 56 95.73 41.31 51.02
N SER LC 57 94.42 41.33 50.93
CA SER LC 57 93.66 41.31 49.69
C SER LC 57 92.22 41.61 50.08
N ARG LC 58 91.32 41.50 49.11
CA ARG LC 58 89.91 41.58 49.44
C ARG LC 58 89.55 40.56 50.52
N ASN LC 59 89.98 39.32 50.34
CA ASN LC 59 89.65 38.27 51.29
C ASN LC 59 90.57 38.26 52.50
N ARG LC 60 91.63 39.07 52.50
CA ARG LC 60 92.54 39.17 53.64
C ARG LC 60 92.44 40.58 54.19
N LYS LC 61 92.93 40.84 55.40
CA LYS LC 61 93.03 42.24 55.81
C LYS LC 61 94.36 42.76 56.37
N ASN LC 62 94.94 42.29 57.49
CA ASN LC 62 94.96 40.96 58.13
C ASN LC 62 95.77 39.90 57.36
N TYR LC 63 97.07 40.18 57.31
CA TYR LC 63 98.10 39.17 57.07
C TYR LC 63 97.79 37.87 57.81
N LYS LC 64 97.98 36.75 57.12
CA LYS LC 64 97.79 35.43 57.72
C LYS LC 64 99.04 34.60 57.51
N VAL LC 65 99.63 34.12 58.59
CA VAL LC 65 100.78 33.23 58.53
C VAL LC 65 100.32 31.86 58.98
N GLN LC 66 100.44 30.87 58.10
CA GLN LC 66 100.00 29.52 58.38
C GLN LC 66 101.21 28.60 58.47
N VAL LC 67 101.25 27.77 59.51
CA VAL LC 67 102.30 26.79 59.69
C VAL LC 67 101.63 25.48 60.01
N LYS LC 68 101.71 24.52 59.10
CA LYS LC 68 101.13 23.20 59.29
C LYS LC 68 102.23 22.18 59.45
N ILE LC 69 101.99 21.20 60.31
CA ILE LC 69 102.92 20.10 60.53
C ILE LC 69 102.12 18.83 60.47
N GLN LC 70 102.71 17.79 59.88
CA GLN LC 70 102.05 16.50 59.78
C GLN LC 70 103.09 15.40 59.89
N ASN LC 71 102.90 14.52 60.85
CA ASN LC 71 103.73 13.32 60.97
C ASN LC 71 102.81 12.11 60.94
N PRO LC 72 102.86 11.29 59.93
CA PRO LC 72 102.17 10.01 59.99
C PRO LC 72 103.05 8.89 60.52
N THR LC 73 102.55 8.21 61.54
CA THR LC 73 103.19 6.99 62.03
C THR LC 73 102.78 5.81 61.17
N ALA LC 74 103.78 5.06 60.71
CA ALA LC 74 103.59 3.93 59.82
C ALA LC 74 104.16 2.67 60.45
N CYS LC 75 103.75 1.53 59.92
CA CYS LC 75 104.27 0.25 60.40
C CYS LC 75 104.25 -0.74 59.25
N THR LC 76 105.05 -1.79 59.40
CA THR LC 76 105.13 -2.87 58.44
C THR LC 76 104.52 -4.12 59.05
N ALA LC 77 103.42 -4.58 58.47
CA ALA LC 77 102.75 -5.77 58.98
C ALA LC 77 103.70 -6.97 58.95
N ASN LC 78 103.44 -7.93 59.82
CA ASN LC 78 104.28 -9.12 59.84
C ASN LC 78 104.00 -9.92 58.59
N GLY LC 79 104.82 -9.71 57.56
CA GLY LC 79 104.70 -10.42 56.31
C GLY LC 79 104.88 -9.54 55.08
N SER LC 80 104.49 -8.28 55.18
CA SER LC 80 104.63 -7.36 54.05
C SER LC 80 106.04 -6.77 53.99
N CYS LC 81 106.27 -5.86 53.06
CA CYS LC 81 107.53 -5.13 53.03
C CYS LC 81 107.31 -3.63 53.15
N ASP LC 82 106.46 -3.08 52.30
CA ASP LC 82 106.21 -1.64 52.33
C ASP LC 82 105.48 -1.24 53.60
N PRO LC 83 106.00 -0.29 54.38
CA PRO LC 83 105.21 0.23 55.51
C PRO LC 83 103.99 1.00 55.03
N SER LC 84 102.88 0.80 55.74
CA SER LC 84 101.66 1.56 55.52
C SER LC 84 101.34 2.39 56.76
N VAL LC 85 100.70 3.54 56.54
CA VAL LC 85 100.49 4.53 57.59
C VAL LC 85 99.32 4.07 58.46
N THR LC 86 99.55 3.93 59.75
CA THR LC 86 98.49 3.55 60.67
C THR LC 86 97.90 4.74 61.43
N ARG LC 87 98.68 5.79 61.67
CA ARG LC 87 98.16 6.95 62.35
C ARG LC 87 98.75 8.19 61.72
N GLN LC 88 98.10 9.33 61.94
CA GLN LC 88 98.55 10.58 61.34
C GLN LC 88 98.23 11.73 62.29
N ALA LC 89 99.24 12.24 62.97
CA ALA LC 89 99.05 13.40 63.81
C ALA LC 89 99.44 14.63 63.02
N TYR LC 90 98.78 15.75 63.32
CA TYR LC 90 99.10 16.98 62.61
C TYR LC 90 98.54 18.16 63.36
N ALA LC 91 99.17 19.31 63.14
CA ALA LC 91 98.79 20.53 63.83
C ALA LC 91 98.86 21.69 62.85
N ASP LC 92 98.06 22.70 63.12
CA ASP LC 92 98.14 23.96 62.41
C ASP LC 92 98.21 25.12 63.38
N VAL LC 93 99.10 26.02 63.10
CA VAL LC 93 99.18 27.30 63.78
C VAL LC 93 98.83 28.37 62.76
N THR LC 94 97.98 29.31 63.16
CA THR LC 94 97.51 30.34 62.24
C THR LC 94 97.60 31.68 62.95
N PHE LC 95 98.45 32.54 62.42
CA PHE LC 95 98.71 33.85 62.97
C PHE LC 95 98.00 34.89 62.13
N SER LC 96 97.24 35.76 62.78
CA SER LC 96 96.51 36.82 62.11
C SER LC 96 97.06 38.14 62.61
N PHE LC 97 97.71 38.89 61.74
CA PHE LC 97 98.25 40.18 62.09
C PHE LC 97 97.61 41.25 61.24
N THR LC 98 97.43 42.43 61.81
CA THR LC 98 96.81 43.50 61.05
C THR LC 98 97.87 44.30 60.32
N GLN LC 99 97.39 45.11 59.38
CA GLN LC 99 98.30 45.81 58.49
C GLN LC 99 99.32 46.64 59.27
N TYR LC 100 98.89 47.25 60.37
CA TYR LC 100 99.76 48.16 61.09
C TYR LC 100 100.51 47.49 62.23
N SER LC 101 100.50 46.16 62.30
CA SER LC 101 101.14 45.50 63.43
C SER LC 101 102.63 45.76 63.42
N THR LC 102 103.29 45.44 64.53
CA THR LC 102 104.70 45.73 64.72
C THR LC 102 105.48 44.43 64.76
N ASP LC 103 106.69 44.46 64.20
CA ASP LC 103 107.54 43.28 64.29
C ASP LC 103 107.81 42.92 65.75
N GLU LC 104 107.93 43.92 66.61
CA GLU LC 104 108.09 43.63 68.03
C GLU LC 104 106.89 42.86 68.53
N GLU LC 105 105.70 43.31 68.20
CA GLU LC 105 104.53 42.60 68.69
C GLU LC 105 104.48 41.20 68.12
N ARG LC 106 104.90 41.03 66.87
CA ARG LC 106 104.88 39.71 66.26
C ARG LC 106 105.84 38.77 66.97
N ALA LC 107 107.09 39.21 67.14
CA ALA LC 107 108.05 38.40 67.87
C ALA LC 107 107.50 38.08 69.25
N PHE LC 108 106.80 39.04 69.83
CA PHE LC 108 106.29 38.86 71.18
C PHE LC 108 105.25 37.76 71.19
N VAL LC 109 104.32 37.78 70.24
CA VAL LC 109 103.33 36.72 70.14
C VAL LC 109 103.99 35.37 69.97
N ARG LC 110 104.93 35.27 69.03
CA ARG LC 110 105.51 33.97 68.75
C ARG LC 110 106.25 33.43 69.96
N THR LC 111 107.00 34.28 70.64
CA THR LC 111 107.72 33.83 71.82
C THR LC 111 106.74 33.43 72.91
N GLU LC 112 105.63 34.16 73.02
CA GLU LC 112 104.57 33.73 73.92
C GLU LC 112 104.11 32.34 73.59
N LEU LC 113 103.84 32.07 72.31
CA LEU LC 113 103.39 30.75 71.94
C LEU LC 113 104.45 29.71 72.28
N ALA LC 114 105.71 30.05 72.04
CA ALA LC 114 106.78 29.09 72.29
C ALA LC 114 106.84 28.73 73.76
N ALA LC 115 106.90 29.74 74.62
CA ALA LC 115 106.98 29.45 76.05
C ALA LC 115 105.69 28.79 76.55
N LEU LC 116 104.55 29.13 75.97
CA LEU LC 116 103.31 28.50 76.40
C LEU LC 116 103.33 27.03 76.06
N LEU LC 117 103.74 26.71 74.84
CA LEU LC 117 104.08 25.33 74.56
C LEU LC 117 104.98 24.78 75.65
N ALA LC 118 106.08 25.45 75.92
CA ALA LC 118 107.08 24.95 76.84
C ALA LC 118 106.56 24.70 78.25
N SER LC 119 105.48 25.35 78.64
CA SER LC 119 105.06 25.36 80.04
C SER LC 119 104.40 24.05 80.43
N PRO LC 120 104.41 23.71 81.72
CA PRO LC 120 103.74 22.48 82.17
C PRO LC 120 102.29 22.40 81.76
N LEU LC 121 101.58 23.52 81.73
CA LEU LC 121 100.16 23.50 81.37
C LEU LC 121 99.93 22.76 80.08
N LEU LC 122 100.42 23.34 78.98
CA LEU LC 122 100.04 22.79 77.68
C LEU LC 122 100.68 21.44 77.46
N ILE LC 123 101.87 21.21 78.02
CA ILE LC 123 102.48 19.89 77.85
C ILE LC 123 101.60 18.84 78.50
N ASP LC 124 101.05 19.13 79.68
CA ASP LC 124 100.13 18.18 80.28
C ASP LC 124 98.85 18.08 79.45
N ALA LC 125 98.38 19.21 78.93
CA ALA LC 125 97.14 19.21 78.18
C ALA LC 125 97.25 18.46 76.86
N ILE LC 126 98.46 18.28 76.35
CA ILE LC 126 98.63 17.67 75.04
C ILE LC 126 99.18 16.26 75.18
N ASP LC 127 100.29 16.10 75.89
CA ASP LC 127 100.93 14.79 75.97
C ASP LC 127 99.99 13.78 76.60
N GLN LC 128 99.28 14.18 77.65
CA GLN LC 128 98.31 13.30 78.29
C GLN LC 128 96.88 13.65 77.93
N LEU LC 129 96.64 14.76 77.22
CA LEU LC 129 95.29 15.15 76.84
C LEU LC 129 94.47 15.49 78.07
N ASN LC 130 95.05 16.26 78.99
CA ASN LC 130 94.41 16.55 80.26
C ASN LC 130 93.75 17.90 80.22
N PRO LC 131 92.42 18.00 80.27
CA PRO LC 131 91.79 19.32 80.39
C PRO LC 131 92.25 20.01 81.66
N ALA LC 132 92.33 21.33 81.60
CA ALA LC 132 92.95 22.10 82.66
C ALA LC 132 91.98 22.25 83.82
N TYR LC 133 91.95 21.26 84.72
CA TYR LC 133 91.18 21.29 85.96
C TYR LC 133 92.00 20.74 87.10
N ALA MC 2 118.79 38.65 36.96
CA ALA MC 2 118.23 39.79 37.76
C ALA MC 2 118.01 39.37 39.21
N LYS MC 3 119.06 38.79 39.80
CA LYS MC 3 118.98 38.31 41.18
C LYS MC 3 118.44 39.40 42.09
N LEU MC 4 117.60 39.01 43.05
CA LEU MC 4 117.20 39.95 44.08
C LEU MC 4 118.41 40.43 44.85
N GLU MC 5 118.33 41.66 45.34
CA GLU MC 5 119.45 42.29 46.02
C GLU MC 5 119.00 43.64 46.55
N THR MC 6 119.78 44.16 47.49
CA THR MC 6 119.50 45.46 48.07
C THR MC 6 119.69 46.57 47.04
N VAL MC 7 118.59 47.13 46.56
CA VAL MC 7 118.64 48.13 45.51
C VAL MC 7 118.87 49.49 46.17
N THR MC 8 119.86 50.23 45.69
CA THR MC 8 120.25 51.51 46.28
C THR MC 8 120.04 52.61 45.24
N LEU MC 9 118.94 53.33 45.39
CA LEU MC 9 118.59 54.39 44.47
C LEU MC 9 119.19 55.69 44.98
N GLY MC 10 119.97 56.35 44.14
CA GLY MC 10 120.76 57.48 44.58
C GLY MC 10 119.99 58.77 44.71
N ASN MC 11 120.59 59.86 44.22
CA ASN MC 11 119.94 61.17 44.26
C ASN MC 11 118.49 61.03 43.87
N ILE MC 12 117.61 61.70 44.62
CA ILE MC 12 116.18 61.49 44.47
C ILE MC 12 115.46 62.69 45.09
N GLY MC 13 114.39 63.15 44.42
CA GLY MC 13 113.62 64.30 44.84
C GLY MC 13 113.80 65.44 43.86
N LYS MC 14 113.18 66.59 44.18
CA LYS MC 14 113.35 67.71 43.27
C LYS MC 14 114.81 68.13 43.25
N ASP MC 15 115.32 68.48 44.43
CA ASP MC 15 116.70 68.84 44.60
C ASP MC 15 117.64 67.66 44.40
N GLY MC 16 117.11 66.44 44.33
CA GLY MC 16 117.93 65.29 44.06
C GLY MC 16 119.02 65.15 45.08
N LYS MC 17 118.63 64.92 46.33
CA LYS MC 17 119.60 64.74 47.40
C LYS MC 17 119.28 63.58 48.32
N GLN MC 18 118.07 63.02 48.26
CA GLN MC 18 117.75 61.90 49.12
C GLN MC 18 118.12 60.59 48.42
N THR MC 19 118.05 59.49 49.18
CA THR MC 19 118.39 58.18 48.67
C THR MC 19 117.39 57.18 49.21
N LEU MC 20 117.24 56.08 48.48
CA LEU MC 20 116.35 55.00 48.86
C LEU MC 20 117.12 53.69 48.91
N VAL MC 21 116.78 52.85 49.89
CA VAL MC 21 117.39 51.54 50.06
C VAL MC 21 116.25 50.54 50.18
N LEU MC 22 116.07 49.73 49.15
CA LEU MC 22 115.03 48.73 49.13
C LEU MC 22 115.66 47.35 49.30
N ASN MC 23 115.37 46.70 50.41
CA ASN MC 23 115.93 45.39 50.64
C ASN MC 23 115.13 44.33 49.90
N PRO MC 24 115.75 43.21 49.55
CA PRO MC 24 115.05 42.14 48.82
C PRO MC 24 114.08 41.42 49.73
N ARG MC 25 112.79 41.52 49.39
CA ARG MC 25 111.75 40.91 50.21
C ARG MC 25 111.56 39.43 49.86
N GLY MC 26 111.11 39.17 48.65
CA GLY MC 26 110.77 37.81 48.26
C GLY MC 26 110.14 37.83 46.89
N VAL MC 27 109.47 36.74 46.54
CA VAL MC 27 108.77 36.69 45.26
C VAL MC 27 107.54 35.81 45.39
N ASN MC 28 106.37 36.40 45.22
CA ASN MC 28 105.15 35.63 45.20
C ASN MC 28 105.11 34.77 43.96
N PRO MC 29 104.92 33.47 44.09
CA PRO MC 29 104.84 32.61 42.91
C PRO MC 29 103.51 32.72 42.18
N THR MC 30 102.42 32.87 42.93
CA THR MC 30 101.12 32.74 42.33
C THR MC 30 100.91 33.74 41.19
N ASN MC 31 101.69 34.82 41.17
CA ASN MC 31 101.69 35.71 40.03
C ASN MC 31 103.10 35.95 39.50
N GLY MC 32 104.11 35.28 40.05
CA GLY MC 32 105.47 35.52 39.62
C GLY MC 32 105.84 36.98 39.74
N VAL MC 33 105.85 37.49 40.97
CA VAL MC 33 106.10 38.91 41.20
C VAL MC 33 107.14 39.03 42.29
N ALA MC 34 108.28 39.61 41.96
CA ALA MC 34 109.31 39.87 42.95
C ALA MC 34 109.05 41.21 43.64
N SER MC 35 109.27 41.24 44.95
CA SER MC 35 108.85 42.35 45.79
C SER MC 35 110.06 42.96 46.49
N LEU MC 36 110.03 44.28 46.65
CA LEU MC 36 111.08 45.02 47.31
C LEU MC 36 110.42 46.03 48.24
N SER MC 37 111.06 46.28 49.38
CA SER MC 37 110.49 47.19 50.35
C SER MC 37 111.59 47.97 51.05
N GLN MC 38 111.25 49.18 51.48
CA GLN MC 38 112.16 49.93 52.32
C GLN MC 38 112.32 49.24 53.66
N ALA MC 39 113.47 49.44 54.29
CA ALA MC 39 113.71 48.89 55.61
C ALA MC 39 112.82 49.59 56.63
N GLY MC 40 111.96 48.83 57.27
CA GLY MC 40 111.07 49.37 58.28
C GLY MC 40 110.56 48.28 59.17
N ALA MC 41 109.44 48.54 59.84
CA ALA MC 41 108.84 47.54 60.70
C ALA MC 41 107.35 47.35 60.40
N VAL MC 42 106.63 48.44 60.18
CA VAL MC 42 105.19 48.34 59.97
C VAL MC 42 104.92 48.28 58.48
N PRO MC 43 104.37 47.18 57.96
CA PRO MC 43 104.24 47.06 56.50
C PRO MC 43 103.48 48.21 55.89
N ALA MC 44 102.52 48.77 56.61
CA ALA MC 44 101.70 49.83 56.05
C ALA MC 44 102.49 51.09 55.79
N LEU MC 45 103.68 51.22 56.35
CA LEU MC 45 104.45 52.46 56.30
C LEU MC 45 105.79 52.21 55.63
N GLU MC 46 105.75 51.50 54.50
CA GLU MC 46 106.97 51.16 53.79
C GLU MC 46 106.76 51.38 52.30
N LYS MC 47 107.74 51.99 51.66
CA LYS MC 47 107.70 52.19 50.22
C LYS MC 47 107.98 50.86 49.55
N ARG MC 48 107.08 50.46 48.66
CA ARG MC 48 107.09 49.12 48.09
C ARG MC 48 107.26 49.18 46.58
N VAL MC 49 107.83 48.11 46.04
CA VAL MC 49 108.09 47.99 44.62
C VAL MC 49 107.84 46.55 44.20
N THR MC 50 107.25 46.37 43.02
CA THR MC 50 106.94 45.05 42.52
C THR MC 50 107.30 44.96 41.05
N VAL MC 51 107.99 43.88 40.70
CA VAL MC 51 108.45 43.63 39.34
C VAL MC 51 107.85 42.32 38.88
N SER MC 52 107.24 42.31 37.69
CA SER MC 52 106.64 41.10 37.15
C SER MC 52 106.97 40.98 35.67
N VAL MC 53 107.20 39.74 35.25
CA VAL MC 53 107.63 39.44 33.90
C VAL MC 53 106.67 38.38 33.36
N SER MC 54 105.67 38.81 32.59
CA SER MC 54 104.69 37.92 32.04
C SER MC 54 105.18 37.35 30.71
N GLN MC 55 105.30 36.03 30.67
CA GLN MC 55 105.67 35.26 29.51
C GLN MC 55 104.54 35.19 28.49
N PRO MC 56 104.84 34.77 27.26
CA PRO MC 56 103.83 34.83 26.20
C PRO MC 56 102.78 33.76 26.43
N SER MC 57 101.55 34.18 26.67
CA SER MC 57 100.47 33.24 26.88
C SER MC 57 100.01 32.64 25.56
N ARG MC 58 99.28 31.54 25.67
CA ARG MC 58 98.65 30.98 24.48
C ARG MC 58 97.67 31.94 23.84
N ASN MC 59 97.10 32.84 24.63
CA ASN MC 59 96.07 33.74 24.12
C ASN MC 59 96.59 35.15 23.89
N ARG MC 60 97.82 35.46 24.30
CA ARG MC 60 98.36 36.81 24.19
C ARG MC 60 99.59 36.84 23.30
N LYS MC 61 100.53 35.94 23.48
CA LYS MC 61 101.72 35.88 22.65
C LYS MC 61 102.44 37.22 22.66
N ASN MC 62 102.54 37.81 23.83
CA ASN MC 62 103.26 39.08 23.97
C ASN MC 62 103.96 39.09 25.31
N TYR MC 63 105.19 39.57 25.32
CA TYR MC 63 105.96 39.62 26.54
C TYR MC 63 105.59 40.91 27.26
N LYS MC 64 105.31 40.81 28.56
CA LYS MC 64 104.85 41.97 29.31
C LYS MC 64 105.71 42.15 30.56
N VAL MC 65 105.92 43.40 30.94
CA VAL MC 65 106.73 43.72 32.11
C VAL MC 65 106.00 44.78 32.92
N GLN MC 66 105.60 44.44 34.13
CA GLN MC 66 104.86 45.34 35.00
C GLN MC 66 105.77 45.78 36.13
N VAL MC 67 105.79 47.08 36.38
CA VAL MC 67 106.57 47.65 37.47
C VAL MC 67 105.64 48.56 38.25
N LYS MC 68 105.28 48.13 39.46
CA LYS MC 68 104.38 48.88 40.31
C LYS MC 68 105.16 49.49 41.47
N ILE MC 69 104.94 50.77 41.74
CA ILE MC 69 105.62 51.47 42.81
C ILE MC 69 104.55 52.07 43.71
N GLN MC 70 104.68 51.85 45.01
CA GLN MC 70 103.71 52.33 45.99
C GLN MC 70 104.43 53.11 47.07
N ASN MC 71 103.92 54.30 47.39
CA ASN MC 71 104.50 55.17 48.41
C ASN MC 71 103.41 55.62 49.37
N PRO MC 72 103.38 55.13 50.60
CA PRO MC 72 102.42 55.63 51.57
C PRO MC 72 102.99 56.76 52.40
N THR MC 73 102.10 57.63 52.86
CA THR MC 73 102.48 58.76 53.68
C THR MC 73 102.21 58.47 55.15
N ALA MC 74 103.07 59.00 56.01
CA ALA MC 74 103.00 58.69 57.44
C ALA MC 74 101.79 59.35 58.10
N CYS MC 75 101.75 60.68 58.09
CA CYS MC 75 100.70 61.42 58.80
C CYS MC 75 100.65 61.01 60.26
N THR MC 76 101.83 61.02 60.90
CA THR MC 76 101.91 60.65 62.31
C THR MC 76 101.23 61.70 63.19
N ALA MC 77 100.37 61.24 64.08
CA ALA MC 77 99.57 62.11 64.93
C ALA MC 77 100.31 62.42 66.22
N ASN MC 78 99.85 63.47 66.91
CA ASN MC 78 100.48 63.94 68.15
C ASN MC 78 100.21 62.94 69.26
N GLY MC 79 100.75 61.73 69.05
CA GLY MC 79 100.69 60.66 70.03
C GLY MC 79 99.55 59.70 69.74
N SER MC 80 99.07 59.08 70.79
CA SER MC 80 97.88 58.23 70.84
C SER MC 80 98.05 56.89 70.17
N CYS MC 81 98.92 56.78 69.15
CA CYS MC 81 99.57 55.54 68.74
C CYS MC 81 100.21 55.77 67.38
N ASP MC 82 100.83 54.71 66.84
CA ASP MC 82 101.62 54.81 65.63
C ASP MC 82 100.83 55.48 64.51
N PRO MC 83 101.53 55.93 63.46
CA PRO MC 83 100.86 56.68 62.41
C PRO MC 83 99.86 55.83 61.66
N SER MC 84 99.06 56.48 60.83
CA SER MC 84 98.11 55.82 59.96
C SER MC 84 98.26 56.37 58.56
N VAL MC 85 97.96 55.53 57.57
CA VAL MC 85 98.09 55.94 56.17
C VAL MC 85 96.88 56.76 55.77
N THR MC 86 97.13 57.91 55.17
CA THR MC 86 96.07 58.71 54.58
C THR MC 86 96.35 59.09 53.14
N ARG MC 87 97.57 58.90 52.66
CA ARG MC 87 97.92 59.22 51.29
C ARG MC 87 98.72 58.08 50.69
N GLN MC 88 98.40 57.77 49.44
CA GLN MC 88 99.05 56.70 48.69
C GLN MC 88 99.38 57.20 47.30
N ALA MC 89 100.66 57.27 46.97
CA ALA MC 89 101.08 57.55 45.60
C ALA MC 89 101.37 56.24 44.90
N TYR MC 90 100.76 56.03 43.73
CA TYR MC 90 101.01 54.85 42.92
C TYR MC 90 101.61 55.24 41.58
N ALA MC 91 102.46 54.35 41.08
CA ALA MC 91 103.01 54.45 39.74
C ALA MC 91 103.03 53.06 39.14
N ASP MC 92 102.85 52.98 37.83
CA ASP MC 92 102.70 51.70 37.15
C ASP MC 92 103.22 51.81 35.73
N VAL MC 93 104.33 51.18 35.46
CA VAL MC 93 104.89 51.09 34.12
C VAL MC 93 104.54 49.71 33.57
N THR MC 94 104.23 49.64 32.28
CA THR MC 94 103.92 48.36 31.64
C THR MC 94 104.58 48.37 30.27
N PHE MC 95 105.72 47.69 30.15
CA PHE MC 95 106.32 47.46 28.85
C PHE MC 95 105.68 46.27 28.18
N SER MC 96 105.52 46.37 26.86
CA SER MC 96 105.03 45.27 26.06
C SER MC 96 105.95 45.10 24.85
N PHE MC 97 106.32 43.86 24.58
CA PHE MC 97 107.11 43.54 23.40
C PHE MC 97 106.52 42.31 22.74
N THR MC 98 106.86 42.10 21.49
CA THR MC 98 106.48 40.88 20.81
C THR MC 98 107.63 39.88 20.80
N GLN MC 99 107.32 38.66 20.40
CA GLN MC 99 108.28 37.56 20.54
C GLN MC 99 109.48 37.70 19.62
N TYR MC 100 109.42 38.56 18.60
CA TYR MC 100 110.62 38.91 17.85
C TYR MC 100 111.26 40.20 18.33
N SER MC 101 110.94 40.62 19.55
CA SER MC 101 111.59 41.76 20.18
C SER MC 101 113.11 41.64 20.07
N THR MC 102 113.77 42.79 20.13
CA THR MC 102 115.23 42.86 20.23
C THR MC 102 115.64 43.60 21.49
N ASP MC 103 116.59 43.01 22.21
CA ASP MC 103 117.19 43.70 23.34
C ASP MC 103 117.48 45.15 23.00
N GLU MC 104 117.91 45.40 21.76
CA GLU MC 104 118.23 46.76 21.35
C GLU MC 104 117.06 47.68 21.57
N GLU MC 105 115.93 47.36 20.96
CA GLU MC 105 114.82 48.29 21.01
C GLU MC 105 114.18 48.29 22.39
N ARG MC 106 114.27 47.16 23.11
CA ARG MC 106 113.79 47.17 24.49
C ARG MC 106 114.58 48.19 25.31
N ALA MC 107 115.91 48.10 25.28
CA ALA MC 107 116.73 49.09 25.96
C ALA MC 107 116.43 50.48 25.46
N PHE MC 108 116.20 50.60 24.15
CA PHE MC 108 115.91 51.89 23.56
C PHE MC 108 114.71 52.50 24.24
N VAL MC 109 113.63 51.73 24.34
CA VAL MC 109 112.42 52.23 24.98
C VAL MC 109 112.68 52.52 26.45
N ARG MC 110 113.44 51.65 27.11
CA ARG MC 110 113.73 51.88 28.53
C ARG MC 110 114.37 53.23 28.74
N THR MC 111 115.54 53.44 28.14
CA THR MC 111 116.24 54.68 28.38
C THR MC 111 115.44 55.87 27.85
N GLU MC 112 114.62 55.65 26.83
CA GLU MC 112 113.71 56.67 26.37
C GLU MC 112 112.79 57.13 27.49
N LEU MC 113 112.14 56.17 28.14
CA LEU MC 113 111.23 56.49 29.21
C LEU MC 113 111.97 57.15 30.36
N ALA MC 114 113.18 56.68 30.65
CA ALA MC 114 113.95 57.29 31.73
C ALA MC 114 114.20 58.77 31.45
N ALA MC 115 114.76 59.08 30.28
CA ALA MC 115 115.10 60.46 30.04
C ALA MC 115 113.85 61.31 29.87
N LEU MC 116 112.73 60.74 29.44
CA LEU MC 116 111.49 61.51 29.49
C LEU MC 116 111.11 61.82 30.91
N LEU MC 117 111.23 60.84 31.81
CA LEU MC 117 110.98 61.09 33.21
C LEU MC 117 111.86 62.20 33.75
N ALA MC 118 113.02 62.42 33.13
CA ALA MC 118 113.89 63.52 33.56
C ALA MC 118 113.63 64.84 32.84
N SER MC 119 113.05 64.80 31.64
CA SER MC 119 112.95 65.99 30.82
C SER MC 119 111.98 67.00 31.42
N PRO MC 120 112.14 68.29 31.09
CA PRO MC 120 111.30 69.30 31.74
C PRO MC 120 109.83 69.05 31.58
N LEU MC 121 109.42 68.48 30.45
CA LEU MC 121 107.99 68.22 30.23
C LEU MC 121 107.39 67.46 31.40
N LEU MC 122 107.80 66.20 31.57
CA LEU MC 122 107.21 65.40 32.63
C LEU MC 122 107.40 66.04 33.98
N ILE MC 123 108.48 66.82 34.16
CA ILE MC 123 108.74 67.39 35.47
C ILE MC 123 107.55 68.22 35.92
N ASP MC 124 107.10 69.14 35.07
CA ASP MC 124 106.00 70.00 35.49
C ASP MC 124 104.65 69.40 35.13
N ALA MC 125 104.64 68.34 34.31
CA ALA MC 125 103.40 67.60 34.11
C ALA MC 125 103.05 66.77 35.33
N ILE MC 126 104.05 66.38 36.11
CA ILE MC 126 103.85 65.55 37.29
C ILE MC 126 103.87 66.42 38.52
N ASP MC 127 105.01 67.04 38.78
CA ASP MC 127 105.21 67.81 40.00
C ASP MC 127 104.11 68.85 40.17
N GLN MC 128 103.92 69.67 39.15
CA GLN MC 128 102.91 70.71 39.20
C GLN MC 128 101.56 70.25 38.68
N LEU MC 129 101.45 69.02 38.19
CA LEU MC 129 100.21 68.56 37.61
C LEU MC 129 99.73 69.50 36.52
N ASN MC 130 100.67 70.12 35.81
CA ASN MC 130 100.33 71.07 34.78
C ASN MC 130 100.00 70.32 33.50
N PRO MC 131 98.78 70.45 32.95
CA PRO MC 131 98.48 69.75 31.70
C PRO MC 131 99.42 70.18 30.61
N ALA MC 132 99.85 69.22 29.80
CA ALA MC 132 100.79 69.51 28.75
C ALA MC 132 100.20 70.58 27.85
N TYR MC 133 100.80 71.76 27.86
CA TYR MC 133 100.32 72.90 27.10
C TYR MC 133 101.41 73.94 26.94
N ALA NC 2 114.26 23.33 45.13
CA ALA NC 2 115.35 23.70 44.20
C ALA NC 2 115.25 25.16 43.81
N LYS NC 3 116.20 25.94 44.29
CA LYS NC 3 116.25 27.35 43.93
C LYS NC 3 116.67 27.50 42.47
N LEU NC 4 115.82 28.13 41.67
CA LEU NC 4 116.22 28.46 40.32
C LEU NC 4 117.39 29.43 40.36
N GLU NC 5 118.41 29.14 39.57
CA GLU NC 5 119.55 30.03 39.47
C GLU NC 5 120.17 29.85 38.10
N THR NC 6 120.92 30.86 37.67
CA THR NC 6 121.61 30.78 36.40
C THR NC 6 122.44 29.50 36.36
N VAL NC 7 122.05 28.57 35.49
CA VAL NC 7 122.69 27.27 35.44
C VAL NC 7 123.72 27.29 34.33
N THR NC 8 124.93 26.83 34.66
CA THR NC 8 126.11 26.91 33.79
C THR NC 8 126.43 25.51 33.31
N LEU NC 9 126.30 25.28 32.02
CA LEU NC 9 126.48 23.97 31.41
C LEU NC 9 127.74 24.01 30.57
N GLY NC 10 128.78 23.31 31.03
CA GLY NC 10 130.05 23.28 30.34
C GLY NC 10 130.31 21.93 29.71
N ASN NC 11 131.27 21.92 28.79
CA ASN NC 11 131.65 20.70 28.08
C ASN NC 11 130.47 20.16 27.27
N ILE NC 12 130.00 20.99 26.34
CA ILE NC 12 128.83 20.73 25.54
C ILE NC 12 129.23 20.65 24.07
N GLY NC 13 128.45 19.88 23.30
CA GLY NC 13 128.59 19.84 21.86
C GLY NC 13 129.34 18.62 21.38
N LYS NC 14 129.54 18.57 20.08
CA LYS NC 14 130.25 17.45 19.46
C LYS NC 14 131.60 17.25 20.14
N ASP NC 15 132.39 18.30 20.20
CA ASP NC 15 133.72 18.26 20.77
C ASP NC 15 133.72 18.49 22.27
N GLY NC 16 132.57 18.79 22.87
CA GLY NC 16 132.51 19.08 24.29
C GLY NC 16 133.25 20.33 24.67
N LYS NC 17 132.96 21.44 23.97
CA LYS NC 17 133.67 22.68 24.25
C LYS NC 17 132.79 23.92 24.31
N GLN NC 18 131.58 23.89 23.76
CA GLN NC 18 130.74 25.07 23.89
C GLN NC 18 130.27 25.21 25.34
N THR NC 19 129.48 26.25 25.59
CA THR NC 19 128.97 26.51 26.93
C THR NC 19 127.58 27.12 26.83
N LEU NC 20 126.76 26.84 27.83
CA LEU NC 20 125.37 27.26 27.85
C LEU NC 20 125.05 27.88 29.20
N VAL NC 21 124.58 29.11 29.21
CA VAL NC 21 124.24 29.81 30.44
C VAL NC 21 122.75 30.06 30.43
N LEU NC 22 122.01 29.34 31.25
CA LEU NC 22 120.56 29.37 31.23
C LEU NC 22 120.06 30.18 32.42
N ASN NC 23 119.26 31.18 32.16
CA ASN NC 23 118.78 32.01 33.25
C ASN NC 23 117.38 31.61 33.66
N PRO NC 24 117.00 31.85 34.91
CA PRO NC 24 115.65 31.51 35.36
C PRO NC 24 114.58 32.35 34.67
N ARG NC 25 113.48 31.70 34.32
CA ARG NC 25 112.33 32.36 33.75
C ARG NC 25 111.13 32.29 34.68
N GLY NC 26 111.34 31.93 35.94
CA GLY NC 26 110.24 31.81 36.85
C GLY NC 26 109.44 30.53 36.65
N VAL NC 27 108.27 30.51 37.26
CA VAL NC 27 107.45 29.31 37.33
C VAL NC 27 106.04 29.63 36.87
N ASN NC 28 105.51 28.79 36.03
CA ASN NC 28 104.14 28.97 35.58
C ASN NC 28 103.19 28.86 36.77
N PRO NC 29 102.28 29.82 36.97
CA PRO NC 29 101.33 29.70 38.07
C PRO NC 29 100.32 28.59 37.88
N THR NC 30 99.99 28.25 36.63
CA THR NC 30 98.95 27.27 36.36
C THR NC 30 99.54 25.87 36.33
N ASN NC 31 100.49 25.64 35.41
CA ASN NC 31 101.11 24.33 35.29
C ASN NC 31 102.09 24.05 36.40
N GLY NC 32 102.53 25.07 37.13
CA GLY NC 32 103.49 24.85 38.19
C GLY NC 32 104.76 24.25 37.65
N VAL NC 33 105.27 24.81 36.57
CA VAL NC 33 106.46 24.32 35.90
C VAL NC 33 107.44 25.48 35.73
N ALA NC 34 108.70 25.23 36.06
CA ALA NC 34 109.72 26.26 35.95
C ALA NC 34 110.40 26.17 34.60
N SER NC 35 111.05 27.27 34.20
CA SER NC 35 111.75 27.27 32.93
C SER NC 35 112.95 28.20 32.98
N LEU NC 36 113.89 27.94 32.10
CA LEU NC 36 115.07 28.77 31.91
C LEU NC 36 115.29 28.96 30.42
N SER NC 37 116.09 29.97 30.08
CA SER NC 37 116.37 30.25 28.69
C SER NC 37 117.78 30.79 28.55
N GLN NC 38 118.35 30.56 27.38
CA GLN NC 38 119.66 31.12 27.06
C GLN NC 38 119.55 32.62 26.88
N ALA NC 39 120.60 33.32 27.26
CA ALA NC 39 120.66 34.76 27.03
C ALA NC 39 120.83 35.01 25.53
N GLY NC 40 120.00 35.90 24.99
CA GLY NC 40 120.10 36.25 23.58
C GLY NC 40 119.38 37.53 23.30
N ALA NC 41 119.48 37.97 22.05
CA ALA NC 41 118.87 39.23 21.63
C ALA NC 41 117.39 39.08 21.35
N VAL NC 42 117.03 38.08 20.55
CA VAL NC 42 115.64 37.82 20.17
C VAL NC 42 115.10 36.73 21.09
N PRO NC 43 114.02 36.94 21.81
CA PRO NC 43 113.55 35.92 22.72
C PRO NC 43 112.91 34.69 22.08
N ALA NC 44 112.54 34.74 20.80
CA ALA NC 44 112.04 33.57 20.12
C ALA NC 44 113.17 32.66 19.69
N LEU NC 45 114.40 33.17 19.70
CA LEU NC 45 115.57 32.41 19.27
C LEU NC 45 116.41 31.97 20.45
N GLU NC 46 115.81 31.92 21.64
CA GLU NC 46 116.53 31.50 22.84
C GLU NC 46 116.26 30.03 23.08
N LYS NC 47 117.32 29.30 23.43
CA LYS NC 47 117.17 27.90 23.77
C LYS NC 47 116.53 27.79 25.14
N ARG NC 48 115.41 27.08 25.23
CA ARG NC 48 114.64 27.04 26.45
C ARG NC 48 114.70 25.64 27.06
N VAL NC 49 114.55 25.58 28.37
CA VAL NC 49 114.53 24.32 29.10
C VAL NC 49 113.46 24.42 30.16
N THR NC 50 112.59 23.41 30.22
CA THR NC 50 111.51 23.39 31.19
C THR NC 50 111.70 22.25 32.17
N VAL NC 51 111.18 22.44 33.38
CA VAL NC 51 111.26 21.41 34.41
C VAL NC 51 109.96 21.44 35.21
N SER NC 52 109.62 20.31 35.79
CA SER NC 52 108.37 20.18 36.54
C SER NC 52 108.42 18.90 37.36
N VAL NC 53 107.92 18.99 38.59
CA VAL NC 53 107.73 17.78 39.40
C VAL NC 53 106.30 17.76 39.88
N SER NC 54 105.48 16.95 39.23
CA SER NC 54 104.11 16.80 39.63
C SER NC 54 104.02 16.16 41.00
N GLN NC 55 103.05 16.61 41.75
CA GLN NC 55 102.71 16.09 43.07
C GLN NC 55 101.95 14.78 42.96
N PRO NC 56 101.82 14.06 44.06
CA PRO NC 56 101.20 12.74 44.02
C PRO NC 56 99.76 12.87 43.54
N SER NC 57 99.32 11.97 42.66
CA SER NC 57 97.91 12.02 42.26
C SER NC 57 97.06 11.22 43.24
N ARG NC 58 95.80 11.02 42.90
CA ARG NC 58 94.87 10.29 43.76
C ARG NC 58 94.90 8.81 43.41
N ASN NC 59 94.93 7.96 44.43
CA ASN NC 59 94.70 6.53 44.31
C ASN NC 59 95.88 5.77 43.67
N ARG NC 60 96.81 6.51 43.07
CA ARG NC 60 98.05 5.91 42.55
C ARG NC 60 99.27 6.66 43.04
N LYS NC 61 99.16 7.99 43.09
CA LYS NC 61 100.14 8.96 43.54
C LYS NC 61 101.33 9.10 42.60
N ASN NC 62 101.68 8.04 41.86
CA ASN NC 62 102.45 8.12 40.63
C ASN NC 62 103.41 9.31 40.51
N TYR NC 63 104.40 9.47 41.40
CA TYR NC 63 105.27 10.63 41.35
C TYR NC 63 105.83 10.78 39.94
N LYS NC 64 105.78 12.00 39.41
CA LYS NC 64 106.14 12.27 38.01
C LYS NC 64 106.97 13.53 37.90
N VAL NC 65 108.02 13.45 37.08
CA VAL NC 65 108.87 14.59 36.76
C VAL NC 65 108.99 14.68 35.25
N GLN NC 66 108.96 15.91 34.73
CA GLN NC 66 109.10 16.14 33.30
C GLN NC 66 110.11 17.23 33.04
N VAL NC 67 110.88 17.05 31.97
CA VAL NC 67 111.86 18.02 31.52
C VAL NC 67 111.76 18.11 30.01
N LYS NC 68 111.55 19.32 29.49
CA LYS NC 68 111.53 19.55 28.06
C LYS NC 68 112.61 20.54 27.70
N ILE NC 69 113.48 20.14 26.77
CA ILE NC 69 114.53 20.97 26.22
C ILE NC 69 114.14 21.31 24.81
N GLN NC 70 114.12 22.59 24.48
CA GLN NC 70 113.76 23.05 23.15
C GLN NC 70 114.88 23.92 22.60
N ASN NC 71 115.30 23.63 21.37
CA ASN NC 71 116.36 24.38 20.71
C ASN NC 71 115.87 24.88 19.37
N PRO NC 72 115.67 26.18 19.19
CA PRO NC 72 115.26 26.70 17.90
C PRO NC 72 116.45 27.10 17.04
N THR NC 73 116.18 27.23 15.75
CA THR NC 73 117.17 27.76 14.81
C THR NC 73 116.42 28.40 13.66
N ALA NC 74 116.62 29.70 13.49
CA ALA NC 74 115.96 30.46 12.45
C ALA NC 74 116.92 30.67 11.29
N CYS NC 75 116.39 31.25 10.22
CA CYS NC 75 117.20 31.53 9.04
C CYS NC 75 116.51 32.67 8.28
N THR NC 76 117.01 33.88 8.47
CA THR NC 76 116.35 35.05 7.91
C THR NC 76 116.34 34.96 6.39
N ALA NC 77 115.13 34.88 5.81
CA ALA NC 77 115.00 34.80 4.37
C ALA NC 77 115.27 36.15 3.73
N ASN NC 78 115.54 36.12 2.42
CA ASN NC 78 115.74 37.34 1.67
C ASN NC 78 114.46 38.17 1.65
N GLY NC 79 114.58 39.45 2.02
CA GLY NC 79 113.45 40.35 2.04
C GLY NC 79 112.67 40.35 3.33
N SER NC 80 112.97 39.46 4.27
CA SER NC 80 112.29 39.40 5.55
C SER NC 80 113.19 40.02 6.62
N CYS NC 81 112.62 40.95 7.39
CA CYS NC 81 113.33 41.60 8.48
C CYS NC 81 113.07 40.92 9.82
N ASP NC 82 112.80 39.62 9.81
CA ASP NC 82 112.57 38.86 11.04
C ASP NC 82 113.16 37.46 10.90
N PRO NC 83 114.12 37.09 11.73
CA PRO NC 83 114.65 35.72 11.66
C PRO NC 83 113.65 34.69 12.18
N SER NC 84 112.67 34.34 11.35
CA SER NC 84 111.66 33.37 11.75
C SER NC 84 112.27 32.01 12.01
N VAL NC 85 111.82 31.36 13.07
CA VAL NC 85 112.31 30.02 13.40
C VAL NC 85 111.90 29.06 12.29
N THR NC 86 112.89 28.47 11.64
CA THR NC 86 112.65 27.47 10.60
C THR NC 86 112.97 26.05 11.05
N ARG NC 87 113.50 25.88 12.25
CA ARG NC 87 113.92 24.57 12.72
C ARG NC 87 113.79 24.51 14.23
N GLN NC 88 113.39 23.35 14.75
CA GLN NC 88 113.20 23.19 16.17
C GLN NC 88 113.54 21.77 16.59
N ALA NC 89 114.27 21.63 17.69
CA ALA NC 89 114.62 20.34 18.26
C ALA NC 89 113.98 20.20 19.64
N TYR NC 90 113.36 19.03 19.87
CA TYR NC 90 112.66 18.74 21.11
C TYR NC 90 113.33 17.58 21.82
N ALA NC 91 113.36 17.65 23.15
CA ALA NC 91 113.84 16.53 23.96
C ALA NC 91 113.00 16.49 25.23
N ASP NC 92 112.20 15.43 25.39
CA ASP NC 92 111.36 15.25 26.56
C ASP NC 92 111.83 14.05 27.36
N VAL NC 93 112.18 14.30 28.61
CA VAL NC 93 112.44 13.25 29.59
C VAL NC 93 111.31 13.26 30.60
N THR NC 94 110.87 12.08 30.99
CA THR NC 94 109.85 11.97 32.03
C THR NC 94 110.24 10.82 32.94
N PHE NC 95 110.42 11.12 34.21
CA PHE NC 95 110.72 10.13 35.21
C PHE NC 95 109.45 9.83 36.00
N SER NC 96 109.25 8.55 36.31
CA SER NC 96 108.08 8.10 37.05
C SER NC 96 108.54 7.21 38.18
N PHE NC 97 108.19 7.58 39.41
CA PHE NC 97 108.49 6.77 40.57
C PHE NC 97 107.20 6.52 41.35
N THR NC 98 107.26 5.54 42.23
CA THR NC 98 106.12 5.29 43.11
C THR NC 98 106.29 6.06 44.42
N GLN NC 99 105.18 6.19 45.13
CA GLN NC 99 105.17 6.85 46.43
C GLN NC 99 106.20 6.25 47.38
N TYR NC 100 106.74 5.08 47.04
CA TYR NC 100 107.71 4.36 47.84
C TYR NC 100 109.15 4.55 47.38
N SER NC 101 109.37 5.42 46.41
CA SER NC 101 110.71 5.60 45.88
C SER NC 101 111.64 6.06 46.97
N THR NC 102 112.92 6.00 46.67
CA THR NC 102 113.95 6.44 47.59
C THR NC 102 115.03 7.15 46.79
N ASP NC 103 115.67 8.08 47.48
CA ASP NC 103 116.72 8.85 46.84
C ASP NC 103 117.69 7.92 46.13
N GLU NC 104 118.04 6.79 46.74
CA GLU NC 104 119.09 5.96 46.17
C GLU NC 104 118.76 5.59 44.73
N GLU NC 105 117.57 5.04 44.50
CA GLU NC 105 117.27 4.58 43.15
C GLU NC 105 116.94 5.75 42.25
N ARG NC 106 116.38 6.82 42.81
CA ARG NC 106 116.15 7.99 41.98
C ARG NC 106 117.47 8.48 41.39
N ALA NC 107 118.49 8.64 42.24
CA ALA NC 107 119.80 9.05 41.76
C ALA NC 107 120.41 8.00 40.86
N PHE NC 108 120.18 6.72 41.17
CA PHE NC 108 120.68 5.66 40.30
C PHE NC 108 120.16 5.87 38.89
N VAL NC 109 118.85 6.05 38.76
CA VAL NC 109 118.25 6.23 37.45
C VAL NC 109 118.82 7.48 36.81
N ARG NC 110 118.93 8.55 37.58
CA ARG NC 110 119.44 9.80 37.04
C ARG NC 110 120.82 9.59 36.44
N THR NC 111 121.72 9.02 37.24
CA THR NC 111 123.08 8.79 36.79
C THR NC 111 123.12 7.89 35.58
N GLU NC 112 122.30 6.85 35.54
CA GLU NC 112 122.40 5.92 34.44
C GLU NC 112 121.82 6.52 33.16
N LEU NC 113 120.80 7.37 33.27
CA LEU NC 113 120.46 8.20 32.12
C LEU NC 113 121.66 8.98 31.64
N ALA NC 114 122.36 9.64 32.56
CA ALA NC 114 123.49 10.45 32.12
C ALA NC 114 124.52 9.60 31.41
N ALA NC 115 124.84 8.46 31.98
CA ALA NC 115 125.84 7.58 31.40
C ALA NC 115 125.41 7.09 30.03
N LEU NC 116 124.15 6.71 29.88
CA LEU NC 116 123.69 6.26 28.58
C LEU NC 116 123.76 7.39 27.56
N LEU NC 117 123.37 8.60 27.98
CA LEU NC 117 123.50 9.78 27.13
C LEU NC 117 124.92 9.96 26.64
N ALA NC 118 125.91 9.65 27.46
CA ALA NC 118 127.30 9.78 27.04
C ALA NC 118 127.84 8.55 26.34
N SER NC 119 127.16 7.42 26.45
CA SER NC 119 127.68 6.16 25.93
C SER NC 119 127.76 6.18 24.41
N PRO NC 120 128.61 5.34 23.82
CA PRO NC 120 128.67 5.28 22.36
C PRO NC 120 127.33 4.99 21.73
N LEU NC 121 126.51 4.15 22.38
CA LEU NC 121 125.27 3.69 21.77
C LEU NC 121 124.36 4.86 21.47
N LEU NC 122 123.91 5.55 22.52
CA LEU NC 122 123.02 6.68 22.30
C LEU NC 122 123.67 7.75 21.43
N ILE NC 123 124.99 7.90 21.52
CA ILE NC 123 125.69 8.81 20.61
C ILE NC 123 125.38 8.44 19.18
N ASP NC 124 125.59 7.18 18.83
CA ASP NC 124 125.38 6.75 17.47
C ASP NC 124 123.91 6.76 17.11
N ALA NC 125 123.03 6.61 18.11
CA ALA NC 125 121.61 6.55 17.86
C ALA NC 125 121.01 7.92 17.58
N ILE NC 126 121.52 8.95 18.23
CA ILE NC 126 120.97 10.30 18.12
C ILE NC 126 121.76 11.13 17.12
N ASP NC 127 123.07 11.22 17.29
CA ASP NC 127 123.87 12.15 16.50
C ASP NC 127 123.80 11.82 15.03
N GLN NC 128 123.87 10.54 14.68
CA GLN NC 128 123.77 10.12 13.30
C GLN NC 128 122.45 9.45 12.98
N LEU NC 129 121.52 9.38 13.93
CA LEU NC 129 120.23 8.75 13.67
C LEU NC 129 120.40 7.32 13.21
N ASN NC 130 121.09 6.53 14.02
CA ASN NC 130 121.44 5.17 13.63
C ASN NC 130 120.56 4.21 14.41
N PRO NC 131 119.57 3.57 13.79
CA PRO NC 131 118.81 2.54 14.51
C PRO NC 131 119.75 1.51 15.08
N ALA NC 132 119.55 1.18 16.35
CA ALA NC 132 120.44 0.27 17.03
C ALA NC 132 120.13 -1.16 16.61
N TYR NC 133 121.15 -1.86 16.15
CA TYR NC 133 121.01 -3.27 15.82
C TYR NC 133 122.36 -3.95 15.90
N ALA OC 2 124.51 -11.51 -38.78
CA ALA OC 2 123.46 -11.42 -39.83
C ALA OC 2 123.36 -10.01 -40.41
N LYS OC 3 124.48 -9.50 -40.90
CA LYS OC 3 124.53 -8.17 -41.49
C LYS OC 3 123.63 -8.11 -42.73
N LEU OC 4 122.94 -7.00 -42.90
CA LEU OC 4 122.06 -6.79 -44.05
C LEU OC 4 122.76 -5.92 -45.09
N GLU OC 5 122.84 -6.42 -46.30
CA GLU OC 5 123.43 -5.68 -47.41
C GLU OC 5 122.89 -6.29 -48.69
N THR OC 6 123.49 -5.93 -49.81
CA THR OC 6 123.02 -6.40 -51.10
C THR OC 6 123.43 -7.85 -51.31
N VAL OC 7 122.49 -8.67 -51.77
CA VAL OC 7 122.72 -10.08 -52.01
C VAL OC 7 122.59 -10.34 -53.50
N THR OC 8 123.60 -11.01 -54.06
CA THR OC 8 123.70 -11.25 -55.50
C THR OC 8 123.50 -12.74 -55.74
N LEU OC 9 122.28 -13.10 -56.10
CA LEU OC 9 121.88 -14.49 -56.19
C LEU OC 9 122.05 -14.94 -57.63
N GLY OC 10 123.08 -15.72 -57.89
CA GLY OC 10 123.41 -16.09 -59.26
C GLY OC 10 123.01 -17.51 -59.61
N ASN OC 11 122.99 -17.81 -60.91
CA ASN OC 11 122.63 -19.15 -61.38
C ASN OC 11 121.24 -19.52 -60.89
N ILE OC 12 120.27 -18.75 -61.39
CA ILE OC 12 118.88 -18.82 -60.97
C ILE OC 12 118.05 -19.24 -62.18
N GLY OC 13 116.97 -19.97 -61.93
CA GLY OC 13 115.98 -20.27 -62.93
C GLY OC 13 116.09 -21.69 -63.47
N LYS OC 14 115.25 -21.98 -64.46
CA LYS OC 14 115.22 -23.31 -65.05
C LYS OC 14 116.59 -23.68 -65.60
N ASP OC 15 117.20 -22.77 -66.34
CA ASP OC 15 118.52 -22.98 -66.91
C ASP OC 15 119.65 -22.53 -65.99
N GLY OC 16 119.33 -21.86 -64.89
CA GLY OC 16 120.36 -21.36 -64.01
C GLY OC 16 121.22 -20.29 -64.67
N LYS OC 17 120.56 -19.29 -65.26
CA LYS OC 17 121.25 -18.23 -65.98
C LYS OC 17 120.95 -16.83 -65.48
N GLN OC 18 119.75 -16.55 -64.97
CA GLN OC 18 119.48 -15.20 -64.52
C GLN OC 18 120.26 -14.90 -63.24
N THR OC 19 120.04 -13.71 -62.72
CA THR OC 19 120.65 -13.28 -61.47
C THR OC 19 119.72 -12.29 -60.78
N LEU OC 20 119.70 -12.34 -59.45
CA LEU OC 20 118.77 -11.56 -58.67
C LEU OC 20 119.55 -10.68 -57.70
N VAL OC 21 119.31 -9.38 -57.76
CA VAL OC 21 119.98 -8.43 -56.88
C VAL OC 21 118.98 -7.97 -55.83
N LEU OC 22 119.24 -8.33 -54.58
CA LEU OC 22 118.36 -8.01 -53.46
C LEU OC 22 119.02 -6.98 -52.57
N ASN OC 23 118.47 -5.80 -52.55
CA ASN OC 23 118.95 -4.77 -51.64
C ASN OC 23 118.09 -4.72 -50.38
N PRO OC 24 118.64 -4.22 -49.30
CA PRO OC 24 117.99 -4.35 -47.99
C PRO OC 24 116.87 -3.34 -47.81
N ARG OC 25 116.15 -3.54 -46.71
CA ARG OC 25 114.95 -2.79 -46.40
C ARG OC 25 115.16 -2.29 -44.98
N GLY OC 26 114.09 -1.85 -44.32
CA GLY OC 26 114.09 -1.67 -42.88
C GLY OC 26 113.42 -2.86 -42.20
N VAL OC 27 113.94 -3.25 -41.06
CA VAL OC 27 113.37 -4.39 -40.35
C VAL OC 27 112.10 -3.95 -39.65
N ASN OC 28 111.01 -4.65 -39.90
CA ASN OC 28 109.76 -4.33 -39.27
C ASN OC 28 109.90 -4.38 -37.75
N PRO OC 29 109.79 -3.26 -37.05
CA PRO OC 29 109.98 -3.31 -35.61
C PRO OC 29 108.84 -3.97 -34.89
N THR OC 30 107.64 -3.98 -35.47
CA THR OC 30 106.50 -4.57 -34.78
C THR OC 30 106.65 -6.07 -34.58
N ASN OC 31 107.45 -6.74 -35.42
CA ASN OC 31 107.64 -8.17 -35.26
C ASN OC 31 109.09 -8.61 -35.49
N GLY OC 32 110.01 -7.68 -35.71
CA GLY OC 32 111.41 -8.05 -35.86
C GLY OC 32 111.66 -8.91 -37.07
N VAL OC 33 111.49 -8.34 -38.26
CA VAL OC 33 111.69 -9.08 -39.50
C VAL OC 33 112.48 -8.19 -40.46
N ALA OC 34 113.61 -8.69 -40.94
CA ALA OC 34 114.35 -8.02 -41.99
C ALA OC 34 113.74 -8.38 -43.33
N SER OC 35 113.92 -7.50 -44.31
CA SER OC 35 113.41 -7.76 -45.65
C SER OC 35 114.37 -7.24 -46.70
N LEU OC 36 114.37 -7.94 -47.83
CA LEU OC 36 115.16 -7.60 -48.99
C LEU OC 36 114.21 -7.54 -50.17
N SER OC 37 114.55 -6.70 -51.14
CA SER OC 37 113.70 -6.55 -52.30
C SER OC 37 114.58 -6.38 -53.53
N GLN OC 38 114.01 -6.70 -54.69
CA GLN OC 38 114.75 -6.62 -55.93
C GLN OC 38 115.40 -5.26 -56.04
N ALA OC 39 116.46 -5.16 -56.85
CA ALA OC 39 117.23 -3.92 -56.91
C ALA OC 39 116.35 -2.71 -57.18
N GLY OC 40 115.24 -2.90 -57.88
CA GLY OC 40 114.31 -1.83 -58.17
C GLY OC 40 114.18 -1.60 -59.67
N ALA OC 41 113.46 -0.53 -60.01
CA ALA OC 41 112.89 0.41 -59.04
C ALA OC 41 111.59 -0.11 -58.47
N VAL OC 42 110.56 -0.18 -59.31
CA VAL OC 42 109.26 -0.66 -58.83
C VAL OC 42 109.38 -2.06 -58.27
N PRO OC 43 110.06 -3.01 -58.94
CA PRO OC 43 110.09 -4.38 -58.41
C PRO OC 43 110.55 -4.47 -56.97
N ALA OC 44 111.12 -3.41 -56.41
CA ALA OC 44 111.41 -3.39 -54.98
C ALA OC 44 110.14 -3.50 -54.16
N LEU OC 45 109.00 -3.03 -54.71
CA LEU OC 45 107.71 -3.15 -54.05
C LEU OC 45 106.95 -4.37 -54.53
N GLU OC 46 107.59 -5.24 -55.31
CA GLU OC 46 106.96 -6.46 -55.81
C GLU OC 46 107.65 -7.72 -55.31
N LYS OC 47 108.94 -7.90 -55.58
CA LYS OC 47 109.66 -9.04 -55.05
C LYS OC 47 110.07 -8.79 -53.62
N ARG OC 48 109.82 -9.77 -52.75
CA ARG OC 48 110.15 -9.63 -51.34
C ARG OC 48 110.77 -10.91 -50.81
N VAL OC 49 111.69 -10.74 -49.85
CA VAL OC 49 112.29 -11.86 -49.14
C VAL OC 49 112.46 -11.41 -47.70
N THR OC 50 111.67 -12.00 -46.79
CA THR OC 50 111.70 -11.59 -45.40
C THR OC 50 112.25 -12.70 -44.52
N VAL OC 51 112.95 -12.29 -43.47
CA VAL OC 51 113.69 -13.18 -42.59
C VAL OC 51 113.38 -12.79 -41.16
N SER OC 52 113.23 -13.77 -40.28
CA SER OC 52 112.91 -13.54 -38.89
C SER OC 52 113.54 -14.63 -38.03
N VAL OC 53 113.99 -14.23 -36.84
CA VAL OC 53 114.70 -15.11 -35.91
C VAL OC 53 114.03 -14.96 -34.55
N SER OC 54 113.02 -15.78 -34.31
CA SER OC 54 112.27 -15.72 -33.07
C SER OC 54 113.01 -16.51 -31.99
N GLN OC 55 113.43 -15.80 -30.95
CA GLN OC 55 114.18 -16.37 -29.85
C GLN OC 55 113.24 -16.99 -28.82
N PRO OC 56 113.76 -17.85 -27.94
CA PRO OC 56 112.89 -18.57 -27.00
C PRO OC 56 111.90 -17.65 -26.29
N SER OC 57 110.78 -18.24 -25.89
CA SER OC 57 109.66 -17.50 -25.31
C SER OC 57 108.93 -18.40 -24.33
N ARG OC 58 108.00 -17.81 -23.58
CA ARG OC 58 107.14 -18.58 -22.69
C ARG OC 58 106.51 -19.76 -23.42
N ASN OC 59 106.48 -19.72 -24.75
CA ASN OC 59 106.02 -20.85 -25.55
C ASN OC 59 107.02 -21.30 -26.61
N ARG OC 60 108.08 -20.52 -26.88
CA ARG OC 60 109.17 -21.00 -27.73
C ARG OC 60 110.21 -21.68 -26.85
N LYS OC 61 110.91 -22.67 -27.38
CA LYS OC 61 111.84 -23.42 -26.54
C LYS OC 61 113.30 -23.47 -27.01
N ASN OC 62 113.64 -24.02 -28.19
CA ASN OC 62 112.93 -24.08 -29.49
C ASN OC 62 112.79 -22.72 -30.19
N TYR OC 63 113.96 -22.19 -30.55
CA TYR OC 63 114.10 -21.12 -31.52
C TYR OC 63 113.35 -21.43 -32.81
N LYS OC 64 112.86 -20.37 -33.47
CA LYS OC 64 112.15 -20.50 -34.74
C LYS OC 64 112.72 -19.51 -35.74
N VAL OC 65 113.30 -20.00 -36.83
CA VAL OC 65 113.82 -19.14 -37.87
C VAL OC 65 112.93 -19.29 -39.10
N GLN OC 66 112.31 -18.19 -39.50
CA GLN OC 66 111.39 -18.17 -40.63
C GLN OC 66 111.99 -17.36 -41.75
N VAL OC 67 111.81 -17.84 -42.97
CA VAL OC 67 112.26 -17.14 -44.16
C VAL OC 67 111.18 -17.34 -45.21
N LYS OC 68 110.46 -16.27 -45.53
CA LYS OC 68 109.48 -16.34 -46.60
C LYS OC 68 109.97 -15.53 -47.79
N ILE OC 69 109.48 -15.90 -48.96
CA ILE OC 69 109.91 -15.32 -50.22
C ILE OC 69 108.68 -15.22 -51.10
N GLN OC 70 108.58 -14.11 -51.84
CA GLN OC 70 107.35 -13.81 -52.56
C GLN OC 70 107.67 -13.12 -53.87
N ASN OC 71 107.19 -13.70 -54.97
CA ASN OC 71 107.35 -13.15 -56.31
C ASN OC 71 105.99 -12.95 -56.93
N PRO OC 72 105.51 -11.73 -57.06
CA PRO OC 72 104.29 -11.50 -57.83
C PRO OC 72 104.60 -11.23 -59.29
N THR OC 73 103.99 -12.01 -60.19
CA THR OC 73 104.09 -11.72 -61.60
C THR OC 73 102.92 -10.84 -62.03
N ALA OC 74 103.24 -9.77 -62.72
CA ALA OC 74 102.26 -8.79 -63.14
C ALA OC 74 102.35 -8.63 -64.64
N CYS OC 75 101.38 -7.90 -65.17
CA CYS OC 75 101.35 -7.63 -66.60
C CYS OC 75 100.58 -6.35 -66.82
N THR OC 76 100.77 -5.77 -67.99
CA THR OC 76 100.08 -4.56 -68.41
C THR OC 76 99.11 -4.94 -69.50
N ALA OC 77 97.82 -4.81 -69.22
CA ALA OC 77 96.81 -5.06 -70.23
C ALA OC 77 97.02 -4.09 -71.40
N ASN OC 78 96.67 -4.55 -72.59
CA ASN OC 78 96.98 -3.79 -73.80
C ASN OC 78 96.10 -2.55 -73.87
N GLY OC 79 96.56 -1.46 -73.25
CA GLY OC 79 95.78 -0.26 -73.17
C GLY OC 79 95.95 0.47 -71.85
N SER OC 80 96.26 -0.26 -70.79
CA SER OC 80 96.49 0.37 -69.50
C SER OC 80 97.89 0.96 -69.44
N CYS OC 81 98.26 1.50 -68.29
CA CYS OC 81 99.61 2.02 -68.10
C CYS OC 81 100.35 1.27 -66.99
N ASP OC 82 99.80 1.30 -65.79
CA ASP OC 82 100.45 0.64 -64.68
C ASP OC 82 100.18 -0.86 -64.74
N PRO OC 83 101.18 -1.70 -64.63
CA PRO OC 83 100.92 -3.14 -64.59
C PRO OC 83 100.22 -3.56 -63.32
N SER OC 84 99.34 -4.55 -63.45
CA SER OC 84 98.64 -5.14 -62.33
C SER OC 84 99.16 -6.56 -62.11
N VAL OC 85 99.23 -6.95 -60.84
CA VAL OC 85 99.67 -8.30 -60.49
C VAL OC 85 98.61 -9.29 -60.93
N THR OC 86 98.97 -10.17 -61.85
CA THR OC 86 98.05 -11.21 -62.30
C THR OC 86 98.30 -12.53 -61.62
N ARG OC 87 99.40 -12.63 -60.89
CA ARG OC 87 99.82 -13.88 -60.30
C ARG OC 87 100.77 -13.59 -59.17
N GLN OC 88 100.98 -14.58 -58.31
CA GLN OC 88 102.07 -14.48 -57.35
C GLN OC 88 102.31 -15.85 -56.77
N ALA OC 89 103.57 -16.23 -56.66
CA ALA OC 89 103.96 -17.40 -55.91
C ALA OC 89 104.78 -16.98 -54.71
N TYR OC 90 104.94 -17.91 -53.79
CA TYR OC 90 105.74 -17.61 -52.62
C TYR OC 90 106.01 -18.92 -51.89
N ALA OC 91 107.02 -18.87 -51.04
CA ALA OC 91 107.40 -20.02 -50.24
C ALA OC 91 107.76 -19.55 -48.85
N ASP OC 92 107.67 -20.46 -47.90
CA ASP OC 92 108.01 -20.16 -46.51
C ASP OC 92 108.78 -21.36 -45.96
N VAL OC 93 109.95 -21.11 -45.44
CA VAL OC 93 110.75 -22.11 -44.75
C VAL OC 93 110.76 -21.76 -43.28
N THR OC 94 110.57 -22.77 -42.43
CA THR OC 94 110.51 -22.55 -40.98
C THR OC 94 111.35 -23.63 -40.31
N PHE OC 95 112.50 -23.22 -39.80
CA PHE OC 95 113.36 -24.12 -39.04
C PHE OC 95 113.05 -23.95 -37.56
N SER OC 96 112.93 -25.07 -36.86
CA SER OC 96 112.67 -25.08 -35.43
C SER OC 96 113.84 -25.81 -34.78
N PHE OC 97 114.68 -25.06 -34.08
CA PHE OC 97 115.85 -25.63 -33.43
C PHE OC 97 115.67 -25.61 -31.92
N THR OC 98 116.15 -26.66 -31.28
CA THR OC 98 116.02 -26.72 -29.84
C THR OC 98 117.07 -25.87 -29.15
N GLN OC 99 116.76 -25.55 -27.91
CA GLN OC 99 117.59 -24.64 -27.15
C GLN OC 99 119.02 -25.18 -27.08
N TYR OC 100 119.17 -26.50 -27.04
CA TYR OC 100 120.44 -27.20 -26.99
C TYR OC 100 121.00 -27.52 -28.36
N SER OC 101 120.35 -27.07 -29.43
CA SER OC 101 120.86 -27.34 -30.77
C SER OC 101 122.31 -26.90 -30.87
N THR OC 102 123.00 -27.39 -31.90
CA THR OC 102 124.35 -26.94 -32.18
C THR OC 102 124.42 -26.37 -33.59
N ASP OC 103 125.21 -25.31 -33.71
CA ASP OC 103 125.49 -24.74 -35.02
C ASP OC 103 125.81 -25.81 -36.03
N GLU OC 104 126.48 -26.88 -35.62
CA GLU OC 104 126.84 -27.93 -36.55
C GLU OC 104 125.61 -28.48 -37.24
N GLU OC 105 124.72 -29.11 -36.47
CA GLU OC 105 123.54 -29.70 -37.08
C GLU OC 105 122.68 -28.64 -37.76
N ARG OC 106 122.72 -27.41 -37.25
CA ARG OC 106 121.94 -26.37 -37.91
C ARG OC 106 122.42 -26.16 -39.33
N ALA OC 107 123.72 -25.97 -39.51
CA ALA OC 107 124.25 -25.83 -40.86
C ALA OC 107 124.01 -27.08 -41.67
N PHE OC 108 124.10 -28.24 -41.02
CA PHE OC 108 123.82 -29.49 -41.71
C PHE OC 108 122.43 -29.47 -42.31
N VAL OC 109 121.43 -29.14 -41.51
CA VAL OC 109 120.06 -29.11 -41.98
C VAL OC 109 119.91 -28.07 -43.08
N ARG OC 110 120.57 -26.92 -42.91
CA ARG OC 110 120.48 -25.89 -43.93
C ARG OC 110 120.91 -26.44 -45.28
N THR OC 111 122.16 -26.85 -45.38
CA THR OC 111 122.64 -27.26 -46.68
C THR OC 111 122.00 -28.58 -47.13
N GLU OC 112 121.40 -29.34 -46.21
CA GLU OC 112 120.66 -30.51 -46.65
C GLU OC 112 119.39 -30.09 -47.36
N LEU OC 113 118.66 -29.14 -46.79
CA LEU OC 113 117.55 -28.58 -47.52
C LEU OC 113 118.03 -28.04 -48.85
N ALA OC 114 119.20 -27.41 -48.86
CA ALA OC 114 119.73 -26.86 -50.10
C ALA OC 114 119.88 -27.94 -51.15
N ALA OC 115 120.57 -29.02 -50.81
CA ALA OC 115 120.88 -30.01 -51.83
C ALA OC 115 119.66 -30.83 -52.20
N LEU OC 116 118.71 -31.04 -51.29
CA LEU OC 116 117.44 -31.63 -51.71
C LEU OC 116 116.75 -30.72 -52.70
N LEU OC 117 116.72 -29.43 -52.41
CA LEU OC 117 116.04 -28.51 -53.28
C LEU OC 117 116.66 -28.53 -54.66
N ALA OC 118 117.96 -28.70 -54.73
CA ALA OC 118 118.62 -28.85 -56.03
C ALA OC 118 118.52 -30.26 -56.59
N SER OC 119 118.04 -31.22 -55.80
CA SER OC 119 118.04 -32.62 -56.19
C SER OC 119 116.91 -32.93 -57.18
N PRO OC 120 117.06 -34.00 -57.96
CA PRO OC 120 116.05 -34.28 -59.01
C PRO OC 120 114.65 -34.36 -58.47
N LEU OC 121 114.47 -34.99 -57.31
CA LEU OC 121 113.12 -35.26 -56.81
C LEU OC 121 112.34 -33.96 -56.64
N LEU OC 122 112.90 -33.03 -55.88
CA LEU OC 122 112.15 -31.82 -55.61
C LEU OC 122 112.05 -30.94 -56.84
N ILE OC 123 113.07 -30.95 -57.70
CA ILE OC 123 112.95 -30.11 -58.88
C ILE OC 123 111.77 -30.55 -59.72
N ASP OC 124 111.62 -31.87 -59.89
CA ASP OC 124 110.55 -32.36 -60.72
C ASP OC 124 109.22 -32.24 -60.00
N ALA OC 125 109.25 -32.32 -58.67
CA ALA OC 125 108.05 -32.17 -57.88
C ALA OC 125 107.56 -30.72 -57.79
N ILE OC 126 108.42 -29.76 -58.11
CA ILE OC 126 107.99 -28.37 -58.06
C ILE OC 126 107.71 -27.83 -59.45
N ASP OC 127 108.69 -27.86 -60.35
CA ASP OC 127 108.44 -27.24 -61.65
C ASP OC 127 107.28 -27.91 -62.36
N GLN OC 128 107.23 -29.23 -62.32
CA GLN OC 128 106.17 -29.94 -63.00
C GLN OC 128 105.05 -30.34 -62.07
N LEU OC 129 105.17 -30.09 -60.78
CA LEU OC 129 104.12 -30.43 -59.83
C LEU OC 129 103.84 -31.92 -59.85
N ASN OC 130 104.87 -32.71 -60.12
CA ASN OC 130 104.69 -34.16 -60.26
C ASN OC 130 104.95 -34.83 -58.93
N PRO OC 131 103.94 -35.40 -58.28
CA PRO OC 131 104.21 -36.13 -57.06
C PRO OC 131 105.10 -37.33 -57.33
N ALA OC 132 105.79 -37.76 -56.29
CA ALA OC 132 106.79 -38.81 -56.44
C ALA OC 132 106.11 -40.15 -56.46
N TYR OC 133 105.75 -40.62 -57.64
CA TYR OC 133 105.21 -41.96 -57.77
C TYR OC 133 105.92 -42.65 -58.92
N ALA PC 2 127.17 4.49 -28.83
CA ALA PC 2 127.25 3.14 -28.21
C ALA PC 2 127.25 2.06 -29.27
N LYS PC 3 128.12 2.21 -30.26
CA LYS PC 3 128.26 1.21 -31.31
C LYS PC 3 128.44 -0.16 -30.68
N LEU PC 4 127.62 -1.13 -31.08
CA LEU PC 4 127.84 -2.48 -30.58
C LEU PC 4 129.17 -2.99 -31.12
N GLU PC 5 129.87 -3.77 -30.31
CA GLU PC 5 131.15 -4.30 -30.73
C GLU PC 5 131.65 -5.26 -29.66
N THR PC 6 132.57 -6.13 -30.07
CA THR PC 6 133.17 -7.11 -29.17
C THR PC 6 133.70 -6.43 -27.92
N VAL PC 7 133.13 -6.76 -26.78
CA VAL PC 7 133.52 -6.14 -25.53
C VAL PC 7 134.41 -7.12 -24.77
N THR PC 8 135.58 -6.65 -24.36
CA THR PC 8 136.61 -7.49 -23.77
C THR PC 8 136.76 -7.10 -22.31
N LEU PC 9 136.21 -7.92 -21.45
CA LEU PC 9 136.23 -7.64 -20.02
C LEU PC 9 137.52 -8.22 -19.47
N GLY PC 10 138.33 -7.38 -18.83
CA GLY PC 10 139.65 -7.78 -18.40
C GLY PC 10 139.64 -8.62 -17.14
N ASN PC 11 140.49 -8.27 -16.17
CA ASN PC 11 140.59 -9.06 -14.95
C ASN PC 11 139.24 -9.15 -14.28
N ILE PC 12 138.91 -10.35 -13.80
CA ILE PC 12 137.55 -10.66 -13.37
C ILE PC 12 137.61 -11.91 -12.51
N GLY PC 13 136.83 -11.92 -11.43
CA GLY PC 13 136.78 -13.02 -10.49
C GLY PC 13 137.31 -12.60 -9.13
N LYS PC 14 137.64 -13.61 -8.30
CA LYS PC 14 138.15 -13.35 -6.96
C LYS PC 14 139.60 -12.94 -7.03
N ASP PC 15 140.44 -13.83 -7.53
CA ASP PC 15 141.81 -13.50 -7.84
C ASP PC 15 141.91 -12.46 -8.94
N GLY PC 16 140.83 -12.21 -9.67
CA GLY PC 16 140.87 -11.26 -10.75
C GLY PC 16 141.89 -11.67 -11.79
N LYS PC 17 141.67 -12.82 -12.41
CA LYS PC 17 142.55 -13.31 -13.46
C LYS PC 17 141.84 -13.68 -14.74
N GLN PC 18 140.54 -13.95 -14.70
CA GLN PC 18 139.81 -14.38 -15.87
C GLN PC 18 139.54 -13.18 -16.79
N THR PC 19 139.15 -13.48 -18.01
CA THR PC 19 138.79 -12.46 -18.98
C THR PC 19 137.65 -13.01 -19.83
N LEU PC 20 136.79 -12.11 -20.30
CA LEU PC 20 135.62 -12.52 -21.07
C LEU PC 20 135.55 -11.73 -22.37
N VAL PC 21 135.03 -12.38 -23.40
CA VAL PC 21 134.93 -11.79 -24.72
C VAL PC 21 133.48 -11.93 -25.16
N LEU PC 22 132.73 -10.84 -25.12
CA LEU PC 22 131.33 -10.85 -25.54
C LEU PC 22 131.25 -10.33 -26.96
N ASN PC 23 130.82 -11.17 -27.88
CA ASN PC 23 130.72 -10.75 -29.27
C ASN PC 23 129.39 -10.05 -29.51
N PRO PC 24 129.31 -9.24 -30.57
CA PRO PC 24 128.08 -8.49 -30.84
C PRO PC 24 127.03 -9.38 -31.49
N ARG PC 25 125.93 -9.60 -30.79
CA ARG PC 25 124.88 -10.46 -31.31
C ARG PC 25 123.96 -9.68 -32.25
N GLY PC 26 123.25 -8.70 -31.72
CA GLY PC 26 122.28 -7.98 -32.50
C GLY PC 26 121.43 -7.10 -31.62
N VAL PC 27 120.29 -6.67 -32.15
CA VAL PC 27 119.38 -5.82 -31.40
C VAL PC 27 117.95 -6.23 -31.72
N ASN PC 28 117.26 -6.75 -30.72
CA ASN PC 28 115.84 -7.04 -30.87
C ASN PC 28 115.06 -5.74 -30.93
N PRO PC 29 114.32 -5.48 -32.01
CA PRO PC 29 113.60 -4.21 -32.14
C PRO PC 29 112.33 -4.17 -31.34
N THR PC 30 111.63 -5.30 -31.23
CA THR PC 30 110.36 -5.30 -30.51
C THR PC 30 110.48 -4.71 -29.12
N ASN PC 31 111.71 -4.60 -28.61
CA ASN PC 31 111.98 -4.04 -27.31
C ASN PC 31 113.08 -3.00 -27.34
N GLY PC 32 113.78 -2.84 -28.45
CA GLY PC 32 114.97 -2.03 -28.47
C GLY PC 32 115.96 -2.51 -27.44
N VAL PC 33 116.42 -3.75 -27.59
CA VAL PC 33 117.36 -4.34 -26.63
C VAL PC 33 118.53 -4.91 -27.39
N ALA PC 34 119.73 -4.41 -27.09
CA ALA PC 34 120.92 -4.95 -27.71
C ALA PC 34 121.44 -6.14 -26.91
N SER PC 35 121.93 -7.15 -27.62
CA SER PC 35 122.35 -8.42 -27.03
C SER PC 35 123.83 -8.65 -27.25
N LEU PC 36 124.45 -9.32 -26.29
CA LEU PC 36 125.83 -9.75 -26.40
C LEU PC 36 125.95 -11.15 -25.83
N SER PC 37 126.80 -11.97 -26.46
CA SER PC 37 126.97 -13.36 -26.08
C SER PC 37 128.44 -13.72 -26.10
N GLN PC 38 128.81 -14.67 -25.26
CA GLN PC 38 130.17 -15.18 -25.29
C GLN PC 38 130.34 -16.10 -26.49
N ALA PC 39 131.57 -16.16 -26.98
CA ALA PC 39 131.88 -17.00 -28.13
C ALA PC 39 131.58 -18.45 -27.82
N GLY PC 40 130.72 -19.07 -28.62
CA GLY PC 40 130.37 -20.45 -28.44
C GLY PC 40 129.54 -20.95 -29.61
N ALA PC 41 128.83 -22.06 -29.45
CA ALA PC 41 127.86 -22.46 -30.45
C ALA PC 41 126.52 -22.83 -29.83
N VAL PC 42 126.56 -23.51 -28.69
CA VAL PC 42 125.36 -24.07 -28.09
C VAL PC 42 124.61 -22.99 -27.31
N PRO PC 43 123.50 -22.48 -27.84
CA PRO PC 43 122.89 -21.29 -27.23
C PRO PC 43 122.62 -21.43 -25.76
N ALA PC 44 122.52 -22.65 -25.25
CA ALA PC 44 122.19 -22.88 -23.86
C ALA PC 44 123.35 -22.68 -22.92
N LEU PC 45 124.55 -22.46 -23.45
CA LEU PC 45 125.75 -22.45 -22.62
C LEU PC 45 126.65 -21.29 -23.01
N GLU PC 46 126.08 -20.08 -23.05
CA GLU PC 46 126.85 -18.86 -23.24
C GLU PC 46 126.54 -17.87 -22.14
N LYS PC 47 127.58 -17.20 -21.67
CA LYS PC 47 127.39 -16.05 -20.81
C LYS PC 47 126.86 -14.91 -21.67
N ARG PC 48 125.78 -14.27 -21.25
CA ARG PC 48 125.15 -13.31 -22.13
C ARG PC 48 124.63 -12.11 -21.36
N VAL PC 49 124.45 -11.01 -22.10
CA VAL PC 49 124.13 -9.72 -21.52
C VAL PC 49 123.19 -8.99 -22.46
N THR PC 50 122.32 -8.17 -21.88
CA THR PC 50 121.39 -7.37 -22.66
C THR PC 50 121.35 -5.97 -22.08
N VAL PC 51 121.27 -4.99 -22.97
CA VAL PC 51 121.24 -3.59 -22.58
C VAL PC 51 120.08 -2.92 -23.28
N SER PC 52 119.28 -2.19 -22.51
CA SER PC 52 118.09 -1.55 -23.03
C SER PC 52 117.97 -0.16 -22.42
N VAL PC 53 117.43 0.77 -23.19
CA VAL PC 53 117.25 2.15 -22.76
C VAL PC 53 115.89 2.60 -23.24
N SER PC 54 114.93 2.69 -22.31
CA SER PC 54 113.59 3.10 -22.66
C SER PC 54 113.42 4.59 -22.39
N GLN PC 55 112.93 5.30 -23.38
CA GLN PC 55 112.73 6.73 -23.30
C GLN PC 55 111.47 7.06 -22.55
N PRO PC 56 111.36 8.29 -22.04
CA PRO PC 56 110.15 8.67 -21.29
C PRO PC 56 108.91 8.56 -22.17
N SER PC 57 107.96 7.75 -21.71
CA SER PC 57 106.69 7.58 -22.41
C SER PC 57 105.64 8.52 -21.82
N ARG PC 58 104.44 8.45 -22.38
CA ARG PC 58 103.32 9.21 -21.86
C ARG PC 58 102.89 8.74 -20.48
N ASN PC 59 103.30 7.54 -20.06
CA ASN PC 59 102.86 6.99 -18.79
C ASN PC 59 104.02 6.71 -17.85
N ARG PC 60 105.24 7.13 -18.21
CA ARG PC 60 106.38 6.90 -17.33
C ARG PC 60 107.11 8.21 -17.03
N LYS PC 61 107.30 9.03 -18.05
CA LYS PC 61 108.05 10.28 -17.93
C LYS PC 61 109.34 10.08 -17.12
N ASN PC 62 110.14 9.12 -17.55
CA ASN PC 62 111.44 8.92 -16.93
C ASN PC 62 112.28 8.01 -17.82
N TYR PC 63 113.56 8.32 -17.94
CA TYR PC 63 114.45 7.48 -18.71
C TYR PC 63 114.85 6.26 -17.91
N LYS PC 64 114.75 5.09 -18.53
CA LYS PC 64 115.11 3.83 -17.90
C LYS PC 64 116.28 3.22 -18.64
N VAL PC 65 117.22 2.64 -17.89
CA VAL PC 65 118.37 1.97 -18.47
C VAL PC 65 118.55 0.65 -17.73
N GLN PC 66 118.25 -0.45 -18.42
CA GLN PC 66 118.30 -1.77 -17.84
C GLN PC 66 119.47 -2.55 -18.43
N VAL PC 67 120.26 -3.16 -17.57
CA VAL PC 67 121.32 -4.06 -18.00
C VAL PC 67 121.12 -5.38 -17.27
N LYS PC 68 120.93 -6.43 -18.05
CA LYS PC 68 120.69 -7.77 -17.55
C LYS PC 68 121.89 -8.64 -17.91
N ILE PC 69 122.33 -9.46 -16.98
CA ILE PC 69 123.43 -10.38 -17.20
C ILE PC 69 123.01 -11.76 -16.76
N GLN PC 70 123.33 -12.75 -17.57
CA GLN PC 70 122.99 -14.13 -17.27
C GLN PC 70 124.22 -15.00 -17.47
N ASN PC 71 124.47 -15.86 -16.48
CA ASN PC 71 125.61 -16.78 -16.50
C ASN PC 71 125.14 -18.20 -16.23
N PRO PC 72 125.11 -19.08 -17.22
CA PRO PC 72 124.73 -20.47 -16.96
C PRO PC 72 125.95 -21.35 -16.72
N THR PC 73 125.70 -22.48 -16.10
CA THR PC 73 126.75 -23.43 -15.76
C THR PC 73 126.65 -24.65 -16.65
N ALA PC 74 127.82 -25.13 -17.09
CA ALA PC 74 127.86 -26.24 -18.05
C ALA PC 74 127.29 -27.51 -17.46
N CYS PC 75 127.80 -27.92 -16.31
CA CYS PC 75 127.29 -29.09 -15.62
C CYS PC 75 127.35 -30.31 -16.54
N THR PC 76 128.50 -30.47 -17.21
CA THR PC 76 128.65 -31.52 -18.20
C THR PC 76 128.63 -32.90 -17.55
N ALA PC 77 127.89 -33.82 -18.17
CA ALA PC 77 127.81 -35.19 -17.72
C ALA PC 77 128.97 -35.98 -18.31
N ASN PC 78 129.42 -37.00 -17.58
CA ASN PC 78 130.54 -37.82 -18.03
C ASN PC 78 130.06 -38.68 -19.19
N GLY PC 79 129.90 -38.00 -20.33
CA GLY PC 79 129.59 -38.63 -21.59
C GLY PC 79 128.10 -38.59 -21.88
N SER PC 80 127.68 -39.49 -22.74
CA SER PC 80 126.30 -39.86 -22.90
C SER PC 80 125.49 -38.79 -23.62
N CYS PC 81 125.92 -37.53 -23.60
CA CYS PC 81 125.23 -36.53 -24.40
C CYS PC 81 125.91 -35.19 -24.10
N ASP PC 82 125.44 -34.10 -24.73
CA ASP PC 82 126.05 -32.80 -24.54
C ASP PC 82 125.53 -32.14 -23.26
N PRO PC 83 126.22 -31.12 -22.75
CA PRO PC 83 125.95 -30.65 -21.39
C PRO PC 83 124.54 -30.08 -21.26
N SER PC 84 124.09 -30.01 -20.01
CA SER PC 84 122.76 -29.48 -19.68
C SER PC 84 122.87 -28.41 -18.61
N VAL PC 85 121.95 -27.44 -18.65
CA VAL PC 85 121.98 -26.33 -17.71
C VAL PC 85 121.36 -26.74 -16.39
N THR PC 86 122.01 -26.38 -15.29
CA THR PC 86 121.50 -26.68 -13.96
C THR PC 86 121.51 -25.44 -13.08
N ARG PC 87 122.41 -24.51 -13.40
CA ARG PC 87 122.68 -23.37 -12.55
C ARG PC 87 122.74 -22.12 -13.42
N GLN PC 88 122.09 -21.05 -12.95
CA GLN PC 88 122.09 -19.80 -13.68
C GLN PC 88 122.14 -18.65 -12.69
N ALA PC 89 123.15 -17.81 -12.81
CA ALA PC 89 123.22 -16.57 -12.06
C ALA PC 89 122.63 -15.45 -12.89
N TYR PC 90 121.61 -14.78 -12.35
CA TYR PC 90 121.03 -13.60 -12.98
C TYR PC 90 121.54 -12.35 -12.28
N ALA PC 91 121.59 -11.26 -13.02
CA ALA PC 91 121.94 -9.97 -12.46
C ALA PC 91 121.16 -8.92 -13.24
N ASP PC 92 120.58 -7.96 -12.54
CA ASP PC 92 119.75 -6.95 -13.19
C ASP PC 92 119.99 -5.60 -12.53
N VAL PC 93 120.48 -4.65 -13.31
CA VAL PC 93 120.62 -3.28 -12.86
C VAL PC 93 119.65 -2.42 -13.65
N THR PC 94 119.01 -1.47 -12.98
CA THR PC 94 118.08 -0.56 -13.64
C THR PC 94 118.31 0.84 -13.09
N PHE PC 95 119.01 1.66 -13.87
CA PHE PC 95 119.13 3.07 -13.57
C PHE PC 95 117.88 3.79 -14.05
N SER PC 96 117.42 4.76 -13.26
CA SER PC 96 116.32 5.60 -13.68
C SER PC 96 116.74 7.05 -13.54
N PHE PC 97 116.40 7.86 -14.52
CA PHE PC 97 116.78 9.26 -14.53
C PHE PC 97 115.61 10.12 -14.92
N THR PC 98 115.63 11.34 -14.43
CA THR PC 98 114.60 12.32 -14.74
C THR PC 98 114.92 13.01 -16.06
N GLN PC 99 113.88 13.59 -16.66
CA GLN PC 99 114.07 14.28 -17.93
C GLN PC 99 115.12 15.37 -17.82
N TYR PC 100 115.17 16.05 -16.69
CA TYR PC 100 116.15 17.11 -16.47
C TYR PC 100 117.43 16.58 -15.84
N SER PC 101 117.61 15.27 -15.81
CA SER PC 101 118.83 14.70 -15.26
C SER PC 101 120.06 15.30 -15.95
N THR PC 102 121.21 15.07 -15.34
CA THR PC 102 122.47 15.56 -15.89
C THR PC 102 123.44 14.40 -16.09
N ASP PC 103 124.14 14.45 -17.22
CA ASP PC 103 125.17 13.47 -17.50
C ASP PC 103 126.13 13.34 -16.32
N GLU PC 104 126.48 14.47 -15.70
CA GLU PC 104 127.30 14.40 -14.49
C GLU PC 104 126.74 13.44 -13.49
N GLU PC 105 125.49 13.66 -13.08
CA GLU PC 105 124.95 12.88 -11.99
C GLU PC 105 124.80 11.43 -12.40
N ARG PC 106 124.47 11.19 -13.67
CA ARG PC 106 124.37 9.81 -14.14
C ARG PC 106 125.71 9.10 -14.02
N ALA PC 107 126.77 9.70 -14.56
CA ALA PC 107 128.09 9.08 -14.47
C ALA PC 107 128.49 8.88 -13.03
N PHE PC 108 128.14 9.84 -12.18
CA PHE PC 108 128.41 9.72 -10.76
C PHE PC 108 127.75 8.47 -10.18
N VAL PC 109 126.47 8.28 -10.46
CA VAL PC 109 125.77 7.10 -9.97
C VAL PC 109 126.45 5.84 -10.46
N ARG PC 110 126.79 5.82 -11.74
CA ARG PC 110 127.36 4.61 -12.32
C ARG PC 110 128.70 4.28 -11.66
N THR PC 111 129.57 5.26 -11.56
CA THR PC 111 130.85 5.02 -10.93
C THR PC 111 130.69 4.59 -9.47
N GLU PC 112 129.76 5.21 -8.75
CA GLU PC 112 129.56 4.79 -7.37
C GLU PC 112 129.09 3.35 -7.30
N LEU PC 113 128.20 2.96 -8.21
CA LEU PC 113 127.77 1.57 -8.23
C LEU PC 113 128.94 0.64 -8.49
N ALA PC 114 129.81 1.01 -9.43
CA ALA PC 114 130.96 0.16 -9.70
C ALA PC 114 131.83 0.03 -8.47
N ALA PC 115 132.08 1.15 -7.80
CA ALA PC 115 132.95 1.11 -6.64
C ALA PC 115 132.33 0.29 -5.52
N LEU PC 116 131.01 0.36 -5.35
CA LEU PC 116 130.39 -0.49 -4.33
C LEU PC 116 130.47 -1.95 -4.72
N LEU PC 117 130.34 -2.24 -6.01
CA LEU PC 117 130.57 -3.61 -6.47
C LEU PC 117 131.96 -4.09 -6.12
N ALA PC 118 132.93 -3.18 -6.06
CA ALA PC 118 134.28 -3.55 -5.68
C ALA PC 118 134.53 -3.52 -4.17
N SER PC 119 133.72 -2.80 -3.41
CA SER PC 119 134.00 -2.60 -2.00
C SER PC 119 133.88 -3.92 -1.23
N PRO PC 120 134.59 -4.05 -0.12
CA PRO PC 120 134.46 -5.28 0.66
C PRO PC 120 133.04 -5.53 1.12
N LEU PC 121 132.25 -4.48 1.31
CA LEU PC 121 130.88 -4.66 1.78
C LEU PC 121 130.14 -5.63 0.88
N LEU PC 122 129.89 -5.21 -0.36
CA LEU PC 122 129.15 -6.08 -1.27
C LEU PC 122 129.93 -7.37 -1.52
N ILE PC 123 131.26 -7.30 -1.49
CA ILE PC 123 132.04 -8.49 -1.76
C ILE PC 123 131.64 -9.59 -0.81
N ASP PC 124 131.58 -9.28 0.47
CA ASP PC 124 131.19 -10.29 1.43
C ASP PC 124 129.70 -10.55 1.40
N ALA PC 125 128.93 -9.52 1.08
CA ALA PC 125 127.49 -9.69 1.13
C ALA PC 125 127.02 -10.67 0.07
N ILE PC 126 127.73 -10.77 -1.06
CA ILE PC 126 127.22 -11.66 -2.10
C ILE PC 126 128.20 -12.80 -2.35
N ASP PC 127 129.50 -12.55 -2.26
CA ASP PC 127 130.48 -13.64 -2.26
C ASP PC 127 130.10 -14.72 -1.25
N GLN PC 128 130.15 -14.38 0.04
CA GLN PC 128 129.79 -15.33 1.08
C GLN PC 128 128.33 -15.20 1.47
N LEU PC 129 127.55 -14.42 0.75
CA LEU PC 129 126.12 -14.33 0.99
C LEU PC 129 125.84 -13.88 2.41
N ASN PC 130 126.65 -12.94 2.86
CA ASN PC 130 126.59 -12.47 4.22
C ASN PC 130 125.62 -11.31 4.35
N PRO PC 131 124.51 -11.47 5.06
CA PRO PC 131 123.65 -10.30 5.28
C PRO PC 131 124.46 -9.19 5.94
N ALA PC 132 124.30 -7.98 5.42
CA ALA PC 132 125.10 -6.86 5.87
C ALA PC 132 124.94 -6.70 7.37
N TYR PC 133 126.00 -7.00 8.11
CA TYR PC 133 126.03 -6.80 9.55
C TYR PC 133 127.46 -6.81 10.04
N ALA QC 2 117.57 1.28 -43.97
CA ALA QC 2 118.33 2.44 -43.43
C ALA QC 2 118.84 2.13 -42.02
N LYS QC 3 120.04 1.58 -41.94
CA LYS QC 3 120.66 1.36 -40.64
C LYS QC 3 121.01 2.69 -40.00
N LEU QC 4 120.69 2.83 -38.72
CA LEU QC 4 120.94 4.09 -38.03
C LEU QC 4 122.38 4.15 -37.55
N GLU QC 5 122.98 5.33 -37.69
CA GLU QC 5 124.33 5.57 -37.21
C GLU QC 5 124.45 7.04 -36.83
N THR QC 6 125.62 7.39 -36.31
CA THR QC 6 125.90 8.77 -35.98
C THR QC 6 125.78 9.62 -37.23
N VAL QC 7 124.82 10.52 -37.24
CA VAL QC 7 124.58 11.39 -38.38
C VAL QC 7 125.21 12.74 -38.09
N THR QC 8 126.16 13.14 -38.92
CA THR QC 8 126.90 14.38 -38.73
C THR QC 8 126.62 15.29 -39.91
N LEU QC 9 125.98 16.43 -39.65
CA LEU QC 9 125.70 17.39 -40.70
C LEU QC 9 126.42 18.69 -40.43
N GLY QC 10 127.15 19.16 -41.43
CA GLY QC 10 127.85 20.43 -41.37
C GLY QC 10 127.22 21.45 -42.31
N ASN QC 11 127.85 22.63 -42.35
CA ASN QC 11 127.36 23.75 -43.14
C ASN QC 11 125.94 24.11 -42.73
N ILE QC 12 125.82 24.59 -41.49
CA ILE QC 12 124.54 24.82 -40.85
C ILE QC 12 124.50 26.24 -40.30
N GLY QC 13 123.29 26.79 -40.22
CA GLY QC 13 123.08 28.14 -39.75
C GLY QC 13 123.08 29.14 -40.89
N LYS QC 14 122.89 30.43 -40.56
CA LYS QC 14 123.11 31.45 -41.60
C LYS QC 14 124.44 31.28 -42.26
N ASP QC 15 125.50 31.37 -41.49
CA ASP QC 15 126.84 31.35 -42.04
C ASP QC 15 127.19 29.98 -42.60
N GLY QC 16 126.39 28.97 -42.33
CA GLY QC 16 126.73 27.64 -42.78
C GLY QC 16 128.06 27.20 -42.22
N LYS QC 17 128.21 27.35 -40.90
CA LYS QC 17 129.47 27.01 -40.23
C LYS QC 17 129.30 26.07 -39.06
N GLN QC 18 128.10 25.87 -38.55
CA GLN QC 18 127.93 25.00 -37.41
C GLN QC 18 127.83 23.55 -37.86
N THR QC 19 128.04 22.66 -36.90
CA THR QC 19 127.97 21.23 -37.14
C THR QC 19 127.13 20.60 -36.05
N LEU QC 20 126.52 19.47 -36.38
CA LEU QC 20 125.54 18.85 -35.52
C LEU QC 20 125.68 17.35 -35.63
N VAL QC 21 125.73 16.69 -34.48
CA VAL QC 21 125.99 15.26 -34.41
C VAL QC 21 124.80 14.63 -33.68
N LEU QC 22 124.03 13.87 -34.41
CA LEU QC 22 122.85 13.20 -33.90
C LEU QC 22 123.18 11.73 -33.69
N ASN QC 23 122.95 11.25 -32.50
CA ASN QC 23 123.14 9.83 -32.30
C ASN QC 23 121.80 9.10 -32.30
N PRO QC 24 121.81 7.81 -32.67
CA PRO QC 24 120.56 7.06 -32.74
C PRO QC 24 119.90 6.91 -31.39
N ARG QC 25 118.57 6.97 -31.40
CA ARG QC 25 117.73 6.73 -30.23
C ARG QC 25 116.97 5.42 -30.34
N GLY QC 26 117.33 4.59 -31.30
CA GLY QC 26 116.56 3.37 -31.51
C GLY QC 26 115.24 3.66 -32.19
N VAL QC 27 114.31 2.71 -32.05
CA VAL QC 27 113.00 2.79 -32.67
C VAL QC 27 111.95 2.43 -31.64
N ASN QC 28 110.83 3.13 -31.68
CA ASN QC 28 109.71 2.75 -30.83
C ASN QC 28 109.10 1.45 -31.36
N PRO QC 29 108.93 0.43 -30.52
CA PRO QC 29 108.24 -0.78 -30.99
C PRO QC 29 106.79 -0.56 -31.32
N THR QC 30 106.16 0.50 -30.82
CA THR QC 30 104.74 0.74 -31.09
C THR QC 30 104.56 1.58 -32.34
N ASN QC 31 105.08 2.80 -32.33
CA ASN QC 31 104.93 3.67 -33.47
C ASN QC 31 105.79 3.23 -34.64
N GLY QC 32 106.86 2.49 -34.36
CA GLY QC 32 107.76 2.04 -35.41
C GLY QC 32 108.47 3.20 -36.08
N VAL QC 33 109.07 4.07 -35.29
CA VAL QC 33 109.69 5.29 -35.78
C VAL QC 33 111.06 5.42 -35.14
N ALA QC 34 112.06 5.71 -35.96
CA ALA QC 34 113.40 5.92 -35.44
C ALA QC 34 113.55 7.37 -35.00
N SER QC 35 114.45 7.60 -34.06
CA SER QC 35 114.75 8.96 -33.64
C SER QC 35 116.23 9.10 -33.35
N LEU QC 36 116.71 10.32 -33.45
CA LEU QC 36 118.10 10.63 -33.18
C LEU QC 36 118.17 11.85 -32.29
N SER QC 37 119.25 11.94 -31.52
CA SER QC 37 119.38 12.98 -30.52
C SER QC 37 120.79 13.57 -30.57
N GLN QC 38 120.85 14.87 -30.32
CA GLN QC 38 122.12 15.57 -30.20
C GLN QC 38 122.75 15.26 -28.86
N ALA QC 39 124.06 15.04 -28.86
CA ALA QC 39 124.77 14.77 -27.62
C ALA QC 39 124.73 16.00 -26.73
N GLY QC 40 124.21 15.84 -25.53
CA GLY QC 40 124.14 16.94 -24.60
C GLY QC 40 124.15 16.43 -23.18
N ALA QC 41 124.17 17.37 -22.25
CA ALA QC 41 124.20 16.99 -20.84
C ALA QC 41 122.79 16.79 -20.29
N VAL QC 42 121.85 17.63 -20.73
CA VAL QC 42 120.48 17.55 -20.25
C VAL QC 42 119.63 16.97 -21.38
N PRO QC 43 119.03 15.79 -21.20
CA PRO QC 43 118.25 15.21 -22.30
C PRO QC 43 117.16 16.12 -22.78
N ALA QC 44 116.56 16.92 -21.89
CA ALA QC 44 115.47 17.79 -22.30
C ALA QC 44 115.93 18.86 -23.26
N LEU QC 45 117.22 19.22 -23.24
CA LEU QC 45 117.73 20.29 -24.09
C LEU QC 45 118.47 19.75 -25.30
N GLU QC 46 118.21 18.50 -25.66
CA GLU QC 46 118.86 17.88 -26.80
C GLU QC 46 117.98 18.03 -28.02
N LYS QC 47 118.57 18.42 -29.13
CA LYS QC 47 117.81 18.49 -30.37
C LYS QC 47 117.49 17.08 -30.84
N ARG QC 48 116.24 16.83 -31.13
CA ARG QC 48 115.82 15.52 -31.59
C ARG QC 48 115.31 15.60 -33.01
N VAL QC 49 115.38 14.46 -33.70
CA VAL QC 49 114.86 14.37 -35.05
C VAL QC 49 114.29 12.97 -35.27
N THR QC 50 113.03 12.90 -35.68
CA THR QC 50 112.35 11.64 -35.86
C THR QC 50 112.24 11.33 -37.35
N VAL QC 51 112.13 10.04 -37.65
CA VAL QC 51 111.88 9.60 -39.01
C VAL QC 51 111.00 8.36 -38.95
N SER QC 52 110.00 8.32 -39.83
CA SER QC 52 109.07 7.21 -39.89
C SER QC 52 108.80 6.84 -41.34
N VAL QC 53 108.68 5.55 -41.60
CA VAL QC 53 108.45 5.03 -42.94
C VAL QC 53 107.24 4.11 -42.84
N SER QC 54 106.06 4.66 -43.07
CA SER QC 54 104.85 3.87 -42.92
C SER QC 54 104.74 2.85 -44.05
N GLN QC 55 104.28 1.68 -43.69
CA GLN QC 55 104.09 0.62 -44.64
C GLN QC 55 102.70 0.72 -45.27
N PRO QC 56 102.47 -0.01 -46.36
CA PRO QC 56 101.29 0.27 -47.18
C PRO QC 56 99.99 -0.02 -46.46
N SER QC 57 98.97 0.77 -46.78
CA SER QC 57 97.65 0.68 -46.15
C SER QC 57 96.80 -0.37 -46.88
N ARG QC 58 95.50 -0.39 -46.57
CA ARG QC 58 94.56 -1.26 -47.25
C ARG QC 58 93.83 -0.48 -48.34
N ASN QC 59 93.85 -1.02 -49.56
CA ASN QC 59 92.98 -0.59 -50.65
C ASN QC 59 93.34 0.77 -51.25
N ARG QC 60 94.26 1.49 -50.61
CA ARG QC 60 94.79 2.72 -51.19
C ARG QC 60 96.31 2.71 -51.15
N LYS QC 61 96.86 2.12 -50.09
CA LYS QC 61 98.21 1.59 -50.00
C LYS QC 61 99.25 2.70 -49.81
N ASN QC 62 99.05 3.86 -50.43
CA ASN QC 62 99.56 5.16 -50.00
C ASN QC 62 100.84 5.20 -49.17
N TYR QC 63 102.01 4.87 -49.74
CA TYR QC 63 103.26 4.95 -49.00
C TYR QC 63 103.44 6.34 -48.38
N LYS QC 64 103.83 6.37 -47.11
CA LYS QC 64 103.99 7.63 -46.40
C LYS QC 64 105.28 7.62 -45.58
N VAL QC 65 105.98 8.75 -45.60
CA VAL QC 65 107.23 8.92 -44.87
C VAL QC 65 107.15 10.20 -44.07
N GLN QC 66 107.63 10.17 -42.84
CA GLN QC 66 107.48 11.28 -41.92
C GLN QC 66 108.81 11.65 -41.28
N VAL QC 67 109.02 12.95 -41.10
CA VAL QC 67 110.27 13.47 -40.54
C VAL QC 67 109.95 14.65 -39.64
N LYS QC 68 110.27 14.53 -38.35
CA LYS QC 68 110.02 15.59 -37.38
C LYS QC 68 111.34 16.03 -36.78
N ILE QC 69 111.64 17.32 -36.90
CA ILE QC 69 112.78 17.95 -36.25
C ILE QC 69 112.26 18.80 -35.11
N GLN QC 70 112.78 18.55 -33.91
CA GLN QC 70 112.43 19.31 -32.72
C GLN QC 70 113.67 20.02 -32.22
N ASN QC 71 113.56 21.33 -32.00
CA ASN QC 71 114.63 22.15 -31.47
C ASN QC 71 114.16 22.82 -30.20
N PRO QC 72 114.64 22.41 -29.02
CA PRO QC 72 114.27 23.11 -27.80
C PRO QC 72 115.29 24.17 -27.44
N THR QC 73 114.89 25.04 -26.52
CA THR QC 73 115.79 26.07 -25.99
C THR QC 73 115.20 26.59 -24.70
N ALA QC 74 116.01 26.57 -23.65
CA ALA QC 74 115.59 26.94 -22.32
C ALA QC 74 116.28 28.24 -21.89
N CYS QC 75 115.86 28.76 -20.74
CA CYS QC 75 116.49 29.94 -20.16
C CYS QC 75 116.32 29.85 -18.65
N THR QC 76 117.40 29.53 -17.95
CA THR QC 76 117.34 29.34 -16.51
C THR QC 76 116.89 30.63 -15.83
N ALA QC 77 115.74 30.58 -15.18
CA ALA QC 77 115.23 31.75 -14.49
C ALA QC 77 115.94 31.96 -13.16
N ASN QC 78 115.84 33.18 -12.65
CA ASN QC 78 116.47 33.48 -11.36
C ASN QC 78 115.84 32.65 -10.27
N GLY QC 79 116.68 32.02 -9.45
CA GLY QC 79 116.23 31.10 -8.43
C GLY QC 79 115.83 29.75 -8.96
N SER QC 80 115.75 29.60 -10.28
CA SER QC 80 115.37 28.36 -10.92
C SER QC 80 116.59 27.46 -11.03
N CYS QC 81 116.46 26.25 -10.51
CA CYS QC 81 117.55 25.30 -10.40
C CYS QC 81 117.57 24.34 -11.57
N ASP QC 82 116.76 24.61 -12.59
CA ASP QC 82 116.47 23.66 -13.64
C ASP QC 82 116.25 24.42 -14.95
N PRO QC 83 117.03 24.16 -15.99
CA PRO QC 83 116.84 24.91 -17.23
C PRO QC 83 115.56 24.51 -17.94
N SER QC 84 114.43 25.00 -17.45
CA SER QC 84 113.14 24.69 -18.06
C SER QC 84 113.08 25.19 -19.49
N VAL QC 85 112.63 24.33 -20.41
CA VAL QC 85 112.56 24.72 -21.81
C VAL QC 85 111.44 25.74 -21.97
N THR QC 86 111.77 26.88 -22.54
CA THR QC 86 110.83 27.96 -22.75
C THR QC 86 110.55 28.21 -24.23
N ARG QC 87 111.19 27.47 -25.12
CA ARG QC 87 111.16 27.75 -26.55
C ARG QC 87 111.28 26.43 -27.29
N GLN QC 88 110.40 26.22 -28.27
CA GLN QC 88 110.49 25.01 -29.06
C GLN QC 88 110.14 25.35 -30.50
N ALA QC 89 110.92 24.82 -31.43
CA ALA QC 89 110.64 24.95 -32.86
C ALA QC 89 110.47 23.56 -33.45
N TYR QC 90 109.44 23.39 -34.25
CA TYR QC 90 109.12 22.11 -34.83
C TYR QC 90 109.07 22.24 -36.34
N ALA QC 91 109.57 21.21 -37.02
CA ALA QC 91 109.49 21.14 -38.48
C ALA QC 91 109.09 19.74 -38.86
N ASP QC 92 107.95 19.60 -39.52
CA ASP QC 92 107.43 18.29 -39.93
C ASP QC 92 107.35 18.24 -41.45
N VAL QC 93 108.03 17.25 -42.02
CA VAL QC 93 107.97 16.94 -43.44
C VAL QC 93 107.23 15.63 -43.59
N THR QC 94 106.32 15.58 -44.55
CA THR QC 94 105.61 14.34 -44.84
C THR QC 94 105.62 14.13 -46.34
N PHE QC 95 106.21 13.03 -46.77
CA PHE QC 95 106.16 12.60 -48.16
C PHE QC 95 105.06 11.56 -48.32
N SER QC 96 104.34 11.67 -49.45
CA SER QC 96 103.33 10.71 -49.83
C SER QC 96 103.65 10.23 -51.23
N PHE QC 97 103.84 8.93 -51.39
CA PHE QC 97 104.03 8.32 -52.69
C PHE QC 97 102.96 7.26 -52.92
N THR QC 98 102.76 6.95 -54.19
CA THR QC 98 101.82 5.91 -54.58
C THR QC 98 102.52 4.57 -54.62
N GLN QC 99 101.72 3.52 -54.62
CA GLN QC 99 102.23 2.16 -54.63
C GLN QC 99 103.03 1.83 -55.87
N TYR QC 100 102.93 2.63 -56.93
CA TYR QC 100 103.71 2.40 -58.13
C TYR QC 100 104.81 3.43 -58.30
N SER QC 101 104.99 4.31 -57.33
CA SER QC 101 106.01 5.34 -57.43
C SER QC 101 107.38 4.69 -57.67
N THR QC 102 108.33 5.51 -58.11
CA THR QC 102 109.66 5.01 -58.46
C THR QC 102 110.75 5.81 -57.79
N ASP QC 103 111.87 5.14 -57.56
CA ASP QC 103 113.02 5.80 -56.94
C ASP QC 103 113.38 7.08 -57.68
N GLU QC 104 113.34 7.05 -59.01
CA GLU QC 104 113.58 8.25 -59.79
C GLU QC 104 112.87 9.44 -59.18
N GLU QC 105 111.55 9.39 -59.17
CA GLU QC 105 110.77 10.56 -58.81
C GLU QC 105 110.81 10.81 -57.31
N ARG QC 106 110.94 9.76 -56.51
CA ARG QC 106 111.07 9.99 -55.09
C ARG QC 106 112.31 10.82 -54.78
N ALA QC 107 113.46 10.39 -55.28
CA ALA QC 107 114.67 11.19 -55.09
C ALA QC 107 114.53 12.55 -55.73
N PHE QC 108 113.83 12.62 -56.85
CA PHE QC 108 113.61 13.89 -57.52
C PHE QC 108 112.97 14.88 -56.57
N VAL QC 109 111.85 14.47 -55.96
CA VAL QC 109 111.17 15.34 -55.01
C VAL QC 109 112.06 15.62 -53.81
N ARG QC 110 112.84 14.62 -53.39
CA ARG QC 110 113.72 14.81 -52.25
C ARG QC 110 114.65 15.98 -52.48
N THR QC 111 115.52 15.84 -53.47
CA THR QC 111 116.48 16.90 -53.72
C THR QC 111 115.77 18.18 -54.12
N GLU QC 112 114.55 18.10 -54.63
CA GLU QC 112 113.85 19.32 -55.01
C GLU QC 112 113.46 20.09 -53.76
N LEU QC 113 112.96 19.38 -52.76
CA LEU QC 113 112.63 20.03 -51.50
C LEU QC 113 113.88 20.60 -50.87
N ALA QC 114 114.99 19.88 -50.98
CA ALA QC 114 116.25 20.40 -50.47
C ALA QC 114 116.64 21.68 -51.17
N ALA QC 115 116.52 21.70 -52.49
CA ALA QC 115 116.89 22.88 -53.26
C ALA QC 115 115.97 24.05 -52.95
N LEU QC 116 114.68 23.80 -52.76
CA LEU QC 116 113.80 24.87 -52.29
C LEU QC 116 114.27 25.40 -50.96
N LEU QC 117 114.58 24.51 -50.03
CA LEU QC 117 115.06 24.93 -48.73
C LEU QC 117 116.30 25.80 -48.80
N ALA QC 118 117.19 25.52 -49.74
CA ALA QC 118 118.37 26.37 -49.90
C ALA QC 118 118.11 27.62 -50.71
N SER QC 119 117.04 27.64 -51.53
CA SER QC 119 116.80 28.72 -52.45
C SER QC 119 116.43 30.01 -51.73
N PRO QC 120 116.65 31.15 -52.36
CA PRO QC 120 116.35 32.43 -51.70
C PRO QC 120 114.94 32.51 -51.19
N LEU QC 121 113.99 31.88 -51.85
CA LEU QC 121 112.60 32.03 -51.47
C LEU QC 121 112.36 31.52 -50.06
N LEU QC 122 112.47 30.22 -49.83
CA LEU QC 122 112.17 29.74 -48.50
C LEU QC 122 113.11 30.37 -47.48
N ILE QC 123 114.28 30.81 -47.91
CA ILE QC 123 115.16 31.56 -47.02
C ILE QC 123 114.42 32.75 -46.40
N ASP QC 124 113.96 33.68 -47.23
CA ASP QC 124 113.34 34.85 -46.64
C ASP QC 124 111.91 34.57 -46.19
N ALA QC 125 111.33 33.44 -46.59
CA ALA QC 125 110.03 33.07 -46.07
C ALA QC 125 110.11 32.50 -44.66
N ILE QC 126 111.23 31.85 -44.34
CA ILE QC 126 111.44 31.22 -43.04
C ILE QC 126 112.21 32.13 -42.11
N ASP QC 127 113.46 32.41 -42.46
CA ASP QC 127 114.37 33.07 -41.54
C ASP QC 127 113.79 34.37 -41.05
N GLN QC 128 113.08 35.07 -41.91
CA GLN QC 128 112.48 36.34 -41.57
C GLN QC 128 110.97 36.29 -41.50
N LEU QC 129 110.35 35.16 -41.83
CA LEU QC 129 108.89 35.05 -41.80
C LEU QC 129 108.26 36.07 -42.73
N ASN QC 130 108.76 36.13 -43.95
CA ASN QC 130 108.22 37.07 -44.93
C ASN QC 130 107.27 36.35 -45.86
N PRO QC 131 105.99 36.64 -45.83
CA PRO QC 131 105.08 36.04 -46.82
C PRO QC 131 105.57 36.31 -48.23
N ALA QC 132 105.52 35.27 -49.05
CA ALA QC 132 105.98 35.38 -50.42
C ALA QC 132 104.92 36.02 -51.28
N TYR QC 133 105.30 37.06 -52.01
CA TYR QC 133 104.42 37.67 -52.98
C TYR QC 133 105.20 38.41 -54.04
N ALA RC 2 -105.82 77.02 20.21
CA ALA RC 2 -104.75 76.92 21.24
C ALA RC 2 -103.76 78.08 21.13
N LYS RC 3 -104.29 79.30 21.05
CA LYS RC 3 -103.43 80.47 20.99
C LYS RC 3 -102.64 80.63 22.28
N LEU RC 4 -101.37 80.99 22.15
CA LEU RC 4 -100.49 81.17 23.29
C LEU RC 4 -100.44 82.64 23.65
N GLU RC 5 -100.44 82.93 24.95
CA GLU RC 5 -100.56 84.29 25.43
C GLU RC 5 -100.26 84.29 26.91
N THR RC 6 -100.55 85.42 27.58
CA THR RC 6 -100.26 85.56 28.99
C THR RC 6 -101.26 84.78 29.83
N VAL RC 7 -100.76 83.87 30.66
CA VAL RC 7 -101.59 83.00 31.49
C VAL RC 7 -101.47 83.45 32.94
N THR RC 8 -102.60 83.78 33.56
CA THR RC 8 -102.63 84.29 34.92
C THR RC 8 -103.29 83.25 35.81
N LEU RC 9 -102.48 82.46 36.49
CA LEU RC 9 -102.97 81.39 37.34
C LEU RC 9 -103.00 81.89 38.77
N GLY RC 10 -104.20 82.16 39.28
CA GLY RC 10 -104.34 82.66 40.64
C GLY RC 10 -104.83 81.59 41.58
N ASN RC 11 -104.85 81.89 42.88
CA ASN RC 11 -105.33 80.94 43.87
C ASN RC 11 -104.46 79.70 43.87
N ILE RC 12 -103.18 79.92 44.12
CA ILE RC 12 -102.14 78.93 43.98
C ILE RC 12 -101.47 78.75 45.34
N GLY RC 13 -100.95 77.55 45.59
CA GLY RC 13 -100.17 77.27 46.79
C GLY RC 13 -100.94 76.53 47.85
N LYS RC 14 -100.30 76.37 49.01
CA LYS RC 14 -100.92 75.63 50.09
C LYS RC 14 -102.22 76.29 50.52
N ASP RC 15 -102.19 77.60 50.73
CA ASP RC 15 -103.38 78.36 51.09
C ASP RC 15 -104.10 78.93 49.88
N GLY RC 16 -103.55 78.76 48.68
CA GLY RC 16 -104.18 79.30 47.50
C GLY RC 16 -104.21 80.81 47.50
N LYS RC 17 -103.06 81.45 47.68
CA LYS RC 17 -103.00 82.90 47.71
C LYS RC 17 -102.03 83.53 46.72
N GLN RC 18 -100.97 82.83 46.31
CA GLN RC 18 -100.05 83.45 45.38
C GLN RC 18 -100.65 83.50 43.98
N THR RC 19 -99.87 83.98 43.03
CA THR RC 19 -100.30 84.07 41.64
C THR RC 19 -99.09 83.94 40.72
N LEU RC 20 -99.32 83.32 39.56
CA LEU RC 20 -98.25 83.05 38.61
C LEU RC 20 -98.65 83.60 37.25
N VAL RC 21 -97.81 84.48 36.70
CA VAL RC 21 -98.01 85.04 35.38
C VAL RC 21 -97.01 84.38 34.45
N LEU RC 22 -97.52 83.60 33.50
CA LEU RC 22 -96.70 82.86 32.56
C LEU RC 22 -96.81 83.52 31.19
N ASN RC 23 -95.73 84.06 30.74
CA ASN RC 23 -95.66 84.61 29.42
C ASN RC 23 -95.31 83.53 28.41
N PRO RC 24 -95.73 83.70 27.17
CA PRO RC 24 -95.40 82.72 26.13
C PRO RC 24 -93.96 82.86 25.68
N ARG RC 25 -93.52 81.86 24.93
CA ARG RC 25 -92.21 81.83 24.33
C ARG RC 25 -92.38 81.30 22.92
N GLY RC 26 -91.32 80.81 22.30
CA GLY RC 26 -91.38 80.27 20.95
C GLY RC 26 -91.68 78.79 20.99
N VAL RC 27 -92.33 78.30 19.95
CA VAL RC 27 -92.76 76.91 19.92
C VAL RC 27 -91.66 76.08 19.27
N ASN RC 28 -91.21 75.05 19.97
CA ASN RC 28 -90.10 74.22 19.54
C ASN RC 28 -90.36 73.67 18.15
N PRO RC 29 -89.72 74.21 17.11
CA PRO RC 29 -89.95 73.66 15.77
C PRO RC 29 -89.39 72.26 15.62
N THR RC 30 -88.40 71.89 16.43
CA THR RC 30 -87.81 70.57 16.29
C THR RC 30 -88.81 69.46 16.57
N ASN RC 31 -89.72 69.66 17.51
CA ASN RC 31 -90.77 68.67 17.72
C ASN RC 31 -92.12 69.31 18.03
N GLY RC 32 -92.30 70.60 17.81
CA GLY RC 32 -93.60 71.20 17.99
C GLY RC 32 -94.05 71.22 19.43
N VAL RC 33 -93.41 72.05 20.24
CA VAL RC 33 -93.78 72.18 21.64
C VAL RC 33 -93.81 73.67 21.99
N ALA RC 34 -94.94 74.14 22.48
CA ALA RC 34 -95.04 75.51 22.95
C ALA RC 34 -94.62 75.58 24.41
N SER RC 35 -94.13 76.74 24.82
CA SER RC 35 -93.60 76.90 26.17
C SER RC 35 -93.98 78.25 26.75
N LEU RC 36 -94.23 78.26 28.04
CA LEU RC 36 -94.47 79.46 28.82
C LEU RC 36 -93.51 79.47 29.99
N SER RC 37 -93.19 80.67 30.47
CA SER RC 37 -92.30 80.80 31.61
C SER RC 37 -92.71 82.01 32.43
N GLN RC 38 -92.23 82.04 33.68
CA GLN RC 38 -92.64 83.08 34.61
C GLN RC 38 -92.48 84.47 34.00
N ALA RC 39 -93.19 85.45 34.55
CA ALA RC 39 -93.13 86.81 34.03
C ALA RC 39 -91.69 87.27 33.83
N GLY RC 40 -90.77 86.74 34.61
CA GLY RC 40 -89.37 87.07 34.46
C GLY RC 40 -88.86 87.87 35.64
N ALA RC 41 -87.65 88.40 35.48
CA ALA RC 41 -86.85 88.24 34.26
C ALA RC 41 -86.11 86.92 34.21
N VAL RC 42 -85.17 86.73 35.12
CA VAL RC 42 -84.47 85.45 35.20
C VAL RC 42 -85.46 84.31 35.39
N PRO RC 43 -86.49 84.44 36.21
CA PRO RC 43 -87.47 83.35 36.33
C PRO RC 43 -88.00 82.86 35.00
N ALA RC 44 -88.00 83.70 33.97
CA ALA RC 44 -88.41 83.24 32.65
C ALA RC 44 -87.46 82.17 32.13
N LEU RC 45 -86.20 82.18 32.59
CA LEU RC 45 -85.26 81.10 32.33
C LEU RC 45 -85.07 80.20 33.54
N GLU RC 46 -86.06 80.13 34.44
CA GLU RC 46 -86.09 79.13 35.50
C GLU RC 46 -87.36 78.29 35.46
N LYS RC 47 -88.53 78.93 35.53
CA LYS RC 47 -89.80 78.21 35.51
C LYS RC 47 -90.24 77.91 34.08
N ARG RC 48 -90.75 76.70 33.86
CA ARG RC 48 -91.08 76.25 32.52
C ARG RC 48 -92.40 75.49 32.52
N VAL RC 49 -93.15 75.66 31.44
CA VAL RC 49 -94.43 75.00 31.24
C VAL RC 49 -94.56 74.69 29.76
N THR RC 50 -94.47 73.42 29.41
CA THR RC 50 -94.45 73.01 28.01
C THR RC 50 -95.69 72.21 27.65
N VAL RC 51 -96.18 72.43 26.43
CA VAL RC 51 -97.40 71.82 25.94
C VAL RC 51 -97.15 71.30 24.52
N SER RC 52 -97.64 70.10 24.22
CA SER RC 52 -97.46 69.51 22.91
C SER RC 52 -98.66 68.63 22.56
N VAL RC 53 -98.99 68.59 21.28
CA VAL RC 53 -100.13 67.82 20.79
C VAL RC 53 -99.70 66.93 19.63
N SER RC 54 -99.21 65.75 19.93
CA SER RC 54 -98.81 64.83 18.88
C SER RC 54 -100.05 64.26 18.19
N GLN RC 55 -100.12 64.48 16.88
CA GLN RC 55 -101.21 63.98 16.05
C GLN RC 55 -100.94 62.53 15.64
N PRO RC 56 -101.89 61.88 14.96
CA PRO RC 56 -101.71 60.45 14.65
C PRO RC 56 -100.49 60.25 13.76
N SER RC 57 -99.92 59.06 13.85
CA SER RC 57 -98.86 58.65 12.93
C SER RC 57 -98.60 57.16 13.14
N ARG RC 58 -97.52 56.67 12.54
CA ARG RC 58 -97.25 55.24 12.56
C ARG RC 58 -97.05 54.72 13.97
N ASN RC 59 -96.32 55.46 14.79
CA ASN RC 59 -96.11 55.06 16.17
C ASN RC 59 -97.33 55.36 17.04
N ARG RC 60 -98.10 56.38 16.65
CA ARG RC 60 -99.04 57.05 17.54
C ARG RC 60 -100.43 57.12 16.91
N LYS RC 61 -101.48 56.80 17.68
CA LYS RC 61 -102.70 56.29 17.04
C LYS RC 61 -104.02 57.05 17.25
N ASN RC 62 -104.54 57.29 18.46
CA ASN RC 62 -103.89 57.64 19.74
C ASN RC 62 -103.09 58.94 19.67
N TYR RC 63 -103.87 60.01 19.50
CA TYR RC 63 -103.40 61.36 19.79
C TYR RC 63 -102.78 61.41 21.17
N LYS RC 64 -101.73 62.22 21.32
CA LYS RC 64 -101.07 62.37 22.62
C LYS RC 64 -100.97 63.84 22.98
N VAL RC 65 -101.57 64.22 24.10
CA VAL RC 65 -101.48 65.57 24.62
C VAL RC 65 -100.56 65.54 25.83
N GLN RC 66 -99.42 66.21 25.71
CA GLN RC 66 -98.39 66.19 26.73
C GLN RC 66 -98.26 67.57 27.35
N VAL RC 67 -98.14 67.60 28.68
CA VAL RC 67 -98.06 68.85 29.44
C VAL RC 67 -97.04 68.64 30.54
N LYS RC 68 -95.86 69.26 30.39
CA LYS RC 68 -94.82 69.15 31.39
C LYS RC 68 -94.69 70.47 32.16
N ILE RC 69 -94.48 70.36 33.46
CA ILE RC 69 -94.28 71.52 34.33
C ILE RC 69 -92.96 71.33 35.06
N GLN RC 70 -92.16 72.39 35.09
CA GLN RC 70 -90.83 72.33 35.68
C GLN RC 70 -90.60 73.59 36.50
N ASN RC 71 -90.36 73.43 37.78
CA ASN RC 71 -90.10 74.55 38.68
C ASN RC 71 -88.79 74.27 39.42
N PRO RC 72 -87.72 74.96 39.08
CA PRO RC 72 -86.48 74.79 39.83
C PRO RC 72 -86.35 75.78 40.97
N THR RC 73 -86.14 75.27 42.18
CA THR RC 73 -85.85 76.12 43.32
C THR RC 73 -84.35 76.34 43.43
N ALA RC 74 -83.96 77.59 43.58
CA ALA RC 74 -82.56 77.99 43.63
C ALA RC 74 -82.34 78.86 44.86
N CYS RC 75 -81.08 79.11 45.14
CA CYS RC 75 -80.73 79.97 46.27
C CYS RC 75 -79.33 80.54 46.05
N THR RC 76 -78.95 81.42 46.96
CA THR RC 76 -77.69 82.14 46.89
C THR RC 76 -76.87 81.82 48.13
N ALA RC 77 -75.70 81.22 47.94
CA ALA RC 77 -74.81 80.97 49.06
C ALA RC 77 -74.35 82.29 49.66
N ASN RC 78 -73.93 82.24 50.92
CA ASN RC 78 -73.50 83.44 51.62
C ASN RC 78 -72.16 83.92 51.08
N GLY RC 79 -72.20 84.74 50.03
CA GLY RC 79 -70.99 85.29 49.48
C GLY RC 79 -70.98 85.36 47.97
N SER RC 80 -71.74 84.48 47.31
CA SER RC 80 -71.83 84.53 45.85
C SER RC 80 -72.87 85.56 45.45
N CYS RC 81 -73.10 85.73 44.14
CA CYS RC 81 -74.14 86.62 43.67
C CYS RC 81 -75.14 85.86 42.82
N ASP RC 82 -74.65 85.11 41.87
CA ASP RC 82 -75.52 84.39 40.95
C ASP RC 82 -76.20 83.24 41.70
N PRO RC 83 -77.53 83.16 41.68
CA PRO RC 83 -78.19 82.05 42.37
C PRO RC 83 -78.04 80.75 41.61
N SER RC 84 -77.79 79.68 42.35
CA SER RC 84 -77.63 78.35 41.79
C SER RC 84 -78.85 77.51 42.12
N VAL RC 85 -79.22 76.63 41.21
CA VAL RC 85 -80.41 75.81 41.38
C VAL RC 85 -80.07 74.63 42.28
N THR RC 86 -80.77 74.50 43.39
CA THR RC 86 -80.48 73.45 44.34
C THR RC 86 -81.49 72.31 44.29
N ARG RC 87 -82.73 72.60 43.90
CA ARG RC 87 -83.76 71.58 43.77
C ARG RC 87 -84.54 71.83 42.50
N GLN RC 88 -85.20 70.80 42.00
CA GLN RC 88 -85.96 70.93 40.76
C GLN RC 88 -87.16 70.01 40.86
N ALA RC 89 -88.34 70.59 41.01
CA ALA RC 89 -89.58 69.82 40.98
C ALA RC 89 -90.14 69.86 39.58
N TYR RC 90 -90.80 68.78 39.18
CA TYR RC 90 -91.44 68.79 37.88
C TYR RC 90 -92.35 67.58 37.73
N ALA RC 91 -93.38 67.75 36.91
CA ALA RC 91 -94.39 66.73 36.70
C ALA RC 91 -94.80 66.74 35.24
N ASP RC 92 -95.45 65.64 34.82
CA ASP RC 92 -95.79 65.44 33.43
C ASP RC 92 -97.18 64.81 33.33
N VAL RC 93 -98.01 65.39 32.49
CA VAL RC 93 -99.35 64.92 32.23
C VAL RC 93 -99.39 64.40 30.80
N THR RC 94 -99.97 63.22 30.61
CA THR RC 94 -100.02 62.60 29.28
C THR RC 94 -101.43 62.06 29.06
N PHE RC 95 -102.19 62.71 28.21
CA PHE RC 95 -103.50 62.22 27.80
C PHE RC 95 -103.37 61.47 26.49
N SER RC 96 -103.87 60.25 26.45
CA SER RC 96 -103.89 59.44 25.23
C SER RC 96 -105.34 59.31 24.79
N PHE RC 97 -105.66 59.90 23.63
CA PHE RC 97 -107.02 59.93 23.11
C PHE RC 97 -107.12 59.11 21.83
N THR RC 98 -108.26 58.48 21.64
CA THR RC 98 -108.52 57.76 20.42
C THR RC 98 -108.78 58.71 19.28
N GLN RC 99 -108.44 58.24 18.08
CA GLN RC 99 -108.77 58.99 16.88
C GLN RC 99 -110.27 59.22 16.79
N TYR RC 100 -111.05 58.41 17.50
CA TYR RC 100 -112.49 58.46 17.50
C TYR RC 100 -113.06 59.13 18.74
N SER RC 101 -112.22 59.56 19.66
CA SER RC 101 -112.71 60.15 20.90
C SER RC 101 -113.53 61.40 20.59
N THR RC 102 -114.17 61.95 21.62
CA THR RC 102 -115.05 63.10 21.47
C THR RC 102 -114.67 64.20 22.43
N ASP RC 103 -115.02 65.43 22.05
CA ASP RC 103 -114.86 66.56 22.93
C ASP RC 103 -115.49 66.26 24.27
N GLU RC 104 -116.65 65.60 24.26
CA GLU RC 104 -117.29 65.24 25.50
C GLU RC 104 -116.31 64.59 26.43
N GLU RC 105 -115.83 63.41 26.04
CA GLU RC 105 -115.02 62.63 26.95
C GLU RC 105 -113.71 63.34 27.27
N ARG RC 106 -113.17 64.06 26.31
CA ARG RC 106 -111.86 64.65 26.53
C ARG RC 106 -111.96 65.78 27.56
N ALA RC 107 -112.96 66.65 27.41
CA ALA RC 107 -113.18 67.68 28.42
C ALA RC 107 -113.53 67.04 29.76
N PHE RC 108 -114.23 65.91 29.71
CA PHE RC 108 -114.62 65.23 30.93
C PHE RC 108 -113.40 64.74 31.69
N VAL RC 109 -112.50 64.05 31.00
CA VAL RC 109 -111.27 63.59 31.63
C VAL RC 109 -110.49 64.77 32.14
N ARG RC 110 -110.46 65.86 31.37
CA ARG RC 110 -109.77 67.06 31.84
C ARG RC 110 -110.28 67.47 33.20
N THR RC 111 -111.57 67.79 33.27
CA THR RC 111 -112.10 68.32 34.51
C THR RC 111 -111.99 67.32 35.64
N GLU RC 112 -112.02 66.01 35.34
CA GLU RC 112 -112.00 65.08 36.45
C GLU RC 112 -110.58 64.98 36.99
N LEU RC 113 -109.58 65.06 36.12
CA LEU RC 113 -108.22 65.14 36.64
C LEU RC 113 -108.08 66.39 37.49
N ALA RC 114 -108.70 67.49 37.05
CA ALA RC 114 -108.68 68.70 37.85
C ALA RC 114 -109.27 68.45 39.23
N ALA RC 115 -110.44 67.83 39.27
CA ALA RC 115 -111.11 67.57 40.53
C ALA RC 115 -110.29 66.67 41.43
N LEU RC 116 -109.71 65.60 40.88
CA LEU RC 116 -108.83 64.77 41.70
C LEU RC 116 -107.71 65.59 42.29
N LEU RC 117 -107.08 66.43 41.46
CA LEU RC 117 -105.99 67.22 42.00
C LEU RC 117 -106.49 68.15 43.08
N ALA RC 118 -107.76 68.55 43.00
CA ALA RC 118 -108.33 69.40 44.03
C ALA RC 118 -108.79 68.63 45.26
N SER RC 119 -108.90 67.32 45.18
CA SER RC 119 -109.53 66.59 46.26
C SER RC 119 -108.56 66.33 47.41
N PRO RC 120 -109.09 66.03 48.60
CA PRO RC 120 -108.22 65.71 49.73
C PRO RC 120 -107.24 64.59 49.43
N LEU RC 121 -107.68 63.57 48.71
CA LEU RC 121 -106.83 62.42 48.46
C LEU RC 121 -105.49 62.86 47.87
N LEU RC 122 -105.55 63.61 46.78
CA LEU RC 122 -104.31 63.96 46.10
C LEU RC 122 -103.53 65.03 46.86
N ILE RC 123 -104.21 65.98 47.49
CA ILE RC 123 -103.48 66.98 48.26
C ILE RC 123 -102.59 66.29 49.28
N ASP RC 124 -103.14 65.36 50.04
CA ASP RC 124 -102.32 64.78 51.10
C ASP RC 124 -101.41 63.68 50.56
N ALA RC 125 -101.76 63.10 49.41
CA ALA RC 125 -100.86 62.15 48.78
C ALA RC 125 -99.65 62.83 48.16
N ILE RC 126 -99.77 64.12 47.83
CA ILE RC 126 -98.72 64.82 47.13
C ILE RC 126 -97.92 65.68 48.09
N ASP RC 127 -98.60 66.62 48.73
CA ASP RC 127 -97.88 67.61 49.52
C ASP RC 127 -97.33 67.00 50.79
N GLN RC 128 -97.97 65.94 51.27
CA GLN RC 128 -97.44 65.16 52.37
C GLN RC 128 -96.83 63.83 51.92
N LEU RC 129 -96.94 63.50 50.64
CA LEU RC 129 -96.39 62.25 50.13
C LEU RC 129 -96.94 61.06 50.90
N ASN RC 130 -98.24 61.09 51.20
CA ASN RC 130 -98.85 60.05 52.02
C ASN RC 130 -99.49 59.01 51.13
N PRO RC 131 -98.98 57.78 51.04
CA PRO RC 131 -99.73 56.73 50.37
C PRO RC 131 -101.09 56.57 51.04
N ALA RC 132 -102.07 56.32 50.21
CA ALA RC 132 -103.46 56.25 50.66
C ALA RC 132 -103.65 54.95 51.42
N TYR RC 133 -103.79 55.04 52.74
CA TYR RC 133 -103.84 53.85 53.57
C TYR RC 133 -104.51 54.19 54.88
N ALA SC 2 -100.96 85.62 3.98
CA ALA SC 2 -101.60 84.27 3.90
C ALA SC 2 -102.16 83.87 5.26
N LYS SC 3 -102.70 84.86 5.97
CA LYS SC 3 -103.15 84.65 7.33
C LYS SC 3 -104.17 83.52 7.37
N LEU SC 4 -104.03 82.63 8.34
CA LEU SC 4 -105.07 81.64 8.56
C LEU SC 4 -106.37 82.33 8.94
N GLU SC 5 -107.48 81.76 8.49
CA GLU SC 5 -108.79 82.29 8.83
C GLU SC 5 -109.84 81.32 8.34
N THR SC 6 -111.09 81.58 8.74
CA THR SC 6 -112.20 80.74 8.35
C THR SC 6 -112.42 80.82 6.84
N VAL SC 7 -112.18 79.73 6.13
CA VAL SC 7 -112.41 79.69 4.70
C VAL SC 7 -113.83 79.24 4.45
N THR SC 8 -114.57 80.02 3.65
CA THR SC 8 -115.97 79.74 3.35
C THR SC 8 -116.08 79.37 1.88
N LEU SC 9 -115.93 78.07 1.61
CA LEU SC 9 -116.15 77.53 0.28
C LEU SC 9 -117.63 77.64 -0.07
N GLY SC 10 -117.92 78.35 -1.16
CA GLY SC 10 -119.29 78.57 -1.59
C GLY SC 10 -119.89 77.39 -2.33
N ASN SC 11 -120.55 77.65 -3.45
CA ASN SC 11 -121.26 76.59 -4.17
C ASN SC 11 -120.32 75.45 -4.49
N ILE SC 12 -120.79 74.22 -4.25
CA ILE SC 12 -119.95 73.05 -4.17
C ILE SC 12 -120.80 71.82 -4.48
N GLY SC 13 -120.21 70.83 -5.12
CA GLY SC 13 -120.91 69.61 -5.47
C GLY SC 13 -121.37 69.65 -6.92
N LYS SC 14 -122.03 68.56 -7.34
CA LYS SC 14 -122.43 68.50 -8.74
C LYS SC 14 -123.47 69.57 -9.03
N ASP SC 15 -124.45 69.73 -8.14
CA ASP SC 15 -125.48 70.74 -8.29
C ASP SC 15 -124.95 72.14 -8.06
N GLY SC 16 -123.82 72.27 -7.37
CA GLY SC 16 -123.35 73.57 -6.96
C GLY SC 16 -124.28 74.21 -5.96
N LYS SC 17 -124.58 73.50 -4.87
CA LYS SC 17 -125.51 74.00 -3.87
C LYS SC 17 -125.00 73.95 -2.45
N GLN SC 18 -124.00 73.14 -2.14
CA GLN SC 18 -123.57 73.02 -0.76
C GLN SC 18 -122.53 74.10 -0.46
N THR SC 19 -122.18 74.22 0.82
CA THR SC 19 -121.19 75.18 1.27
C THR SC 19 -120.39 74.56 2.41
N LEU SC 20 -119.11 74.89 2.47
CA LEU SC 20 -118.22 74.30 3.44
C LEU SC 20 -117.52 75.38 4.24
N VAL SC 21 -117.39 75.16 5.54
CA VAL SC 21 -116.80 76.13 6.46
C VAL SC 21 -115.59 75.47 7.10
N LEU SC 22 -114.41 75.91 6.71
CA LEU SC 22 -113.17 75.41 7.27
C LEU SC 22 -112.68 76.38 8.32
N ASN SC 23 -112.47 75.89 9.53
CA ASN SC 23 -111.92 76.74 10.56
C ASN SC 23 -110.42 76.53 10.70
N PRO SC 24 -109.68 77.58 11.04
CA PRO SC 24 -108.22 77.46 11.15
C PRO SC 24 -107.83 76.69 12.39
N ARG SC 25 -107.17 75.55 12.20
CA ARG SC 25 -106.71 74.76 13.34
C ARG SC 25 -105.36 75.25 13.83
N GLY SC 26 -104.34 75.16 13.00
CA GLY SC 26 -103.01 75.57 13.41
C GLY SC 26 -102.01 75.29 12.32
N VAL SC 27 -100.74 75.23 12.72
CA VAL SC 27 -99.66 74.92 11.79
C VAL SC 27 -98.67 73.99 12.46
N ASN SC 28 -98.63 72.75 12.00
CA ASN SC 28 -97.54 71.88 12.37
C ASN SC 28 -96.23 72.51 11.94
N PRO SC 29 -95.31 72.77 12.86
CA PRO SC 29 -94.00 73.30 12.46
C PRO SC 29 -93.04 72.20 12.02
N THR SC 30 -93.24 71.00 12.54
CA THR SC 30 -92.32 69.91 12.24
C THR SC 30 -92.04 69.81 10.76
N ASN SC 31 -93.00 70.17 9.92
CA ASN SC 31 -92.78 70.22 8.49
C ASN SC 31 -93.47 71.41 7.84
N GLY SC 32 -93.87 72.41 8.61
CA GLY SC 32 -94.47 73.60 8.06
C GLY SC 32 -95.72 73.32 7.26
N VAL SC 33 -96.75 72.79 7.90
CA VAL SC 33 -98.05 72.56 7.27
C VAL SC 33 -99.12 73.28 8.07
N ALA SC 34 -99.83 74.19 7.41
CA ALA SC 34 -101.02 74.79 8.00
C ALA SC 34 -102.23 73.93 7.71
N SER SC 35 -103.06 73.73 8.73
CA SER SC 35 -104.15 72.78 8.66
C SER SC 35 -105.49 73.47 8.88
N LEU SC 36 -106.46 73.08 8.07
CA LEU SC 36 -107.84 73.54 8.19
C LEU SC 36 -108.73 72.32 8.38
N SER SC 37 -109.75 72.47 9.21
CA SER SC 37 -110.64 71.37 9.50
C SER SC 37 -112.08 71.86 9.54
N GLN SC 38 -112.98 70.99 9.10
CA GLN SC 38 -114.39 71.33 9.17
C GLN SC 38 -114.86 71.29 10.62
N ALA SC 39 -115.78 72.17 10.95
CA ALA SC 39 -116.28 72.26 12.32
C ALA SC 39 -116.97 70.96 12.70
N GLY SC 40 -116.44 70.27 13.70
CA GLY SC 40 -117.04 69.03 14.16
C GLY SC 40 -116.63 68.73 15.57
N ALA SC 41 -116.66 67.45 15.96
CA ALA SC 41 -116.15 67.06 17.27
C ALA SC 41 -115.18 65.90 17.16
N VAL SC 42 -115.48 64.93 16.32
CA VAL SC 42 -114.72 63.68 16.31
C VAL SC 42 -113.64 63.76 15.24
N PRO SC 43 -112.37 63.88 15.61
CA PRO SC 43 -111.33 64.13 14.60
C PRO SC 43 -111.41 63.18 13.42
N ALA SC 44 -111.95 61.99 13.61
CA ALA SC 44 -112.01 61.03 12.52
C ALA SC 44 -113.10 61.35 11.52
N LEU SC 45 -113.90 62.38 11.76
CA LEU SC 45 -115.10 62.63 10.98
C LEU SC 45 -115.16 64.08 10.53
N GLU SC 46 -114.04 64.60 10.02
CA GLU SC 46 -114.01 65.95 9.51
C GLU SC 46 -113.33 65.99 8.15
N LYS SC 47 -113.77 66.95 7.33
CA LYS SC 47 -113.08 67.27 6.10
C LYS SC 47 -111.85 68.09 6.44
N ARG SC 48 -110.68 67.63 6.02
CA ARG SC 48 -109.43 68.26 6.39
C ARG SC 48 -108.71 68.77 5.15
N VAL SC 49 -107.93 69.82 5.35
CA VAL SC 49 -107.17 70.45 4.28
C VAL SC 49 -105.80 70.83 4.84
N THR SC 50 -104.77 70.62 4.03
CA THR SC 50 -103.41 70.92 4.45
C THR SC 50 -102.74 71.74 3.37
N VAL SC 51 -101.98 72.75 3.78
CA VAL SC 51 -101.28 73.63 2.87
C VAL SC 51 -99.84 73.74 3.33
N SER SC 52 -98.90 73.50 2.42
CA SER SC 52 -97.49 73.56 2.76
C SER SC 52 -96.73 74.26 1.65
N VAL SC 53 -95.70 75.02 2.05
CA VAL SC 53 -94.88 75.83 1.16
C VAL SC 53 -93.44 75.49 1.49
N SER SC 54 -92.84 74.60 0.71
CA SER SC 54 -91.48 74.14 0.98
C SER SC 54 -90.48 74.94 0.16
N GLN SC 55 -89.47 75.43 0.86
CA GLN SC 55 -88.44 76.30 0.31
C GLN SC 55 -87.38 75.51 -0.43
N PRO SC 56 -86.57 76.20 -1.25
CA PRO SC 56 -85.65 75.50 -2.14
C PRO SC 56 -84.45 75.06 -1.34
N SER SC 57 -84.35 73.77 -1.14
CA SER SC 57 -83.24 73.26 -0.37
C SER SC 57 -82.03 73.12 -1.27
N ARG SC 58 -80.89 72.81 -0.66
CA ARG SC 58 -79.71 72.52 -1.45
C ARG SC 58 -79.86 71.26 -2.27
N ASN SC 59 -80.83 70.41 -1.94
CA ASN SC 59 -81.04 69.16 -2.68
C ASN SC 59 -82.25 69.23 -3.59
N ARG SC 60 -82.95 70.36 -3.65
CA ARG SC 60 -84.06 70.48 -4.59
C ARG SC 60 -83.99 71.75 -5.44
N LYS SC 61 -83.61 72.87 -4.83
CA LYS SC 61 -83.60 74.16 -5.51
C LYS SC 61 -84.85 74.35 -6.36
N ASN SC 62 -86.00 74.31 -5.70
CA ASN SC 62 -87.26 74.50 -6.40
C ASN SC 62 -88.35 74.76 -5.37
N TYR SC 63 -89.13 75.82 -5.57
CA TYR SC 63 -90.20 76.10 -4.63
C TYR SC 63 -91.30 75.07 -4.83
N LYS SC 64 -91.79 74.49 -3.72
CA LYS SC 64 -92.81 73.46 -3.76
C LYS SC 64 -94.03 73.91 -2.97
N VAL SC 65 -95.23 73.60 -3.48
CA VAL SC 65 -96.45 73.94 -2.77
C VAL SC 65 -97.39 72.75 -2.81
N GLN SC 66 -97.64 72.16 -1.64
CA GLN SC 66 -98.51 70.99 -1.50
C GLN SC 66 -99.86 71.46 -0.97
N VAL SC 67 -100.93 70.98 -1.58
CA VAL SC 67 -102.27 71.17 -1.04
C VAL SC 67 -102.93 69.80 -1.01
N LYS SC 68 -103.22 69.32 0.19
CA LYS SC 68 -103.86 68.02 0.35
C LYS SC 68 -105.26 68.20 0.89
N ILE SC 69 -106.17 67.36 0.40
CA ILE SC 69 -107.58 67.40 0.75
C ILE SC 69 -108.00 66.00 1.16
N GLN SC 70 -108.65 65.88 2.30
CA GLN SC 70 -109.11 64.60 2.82
C GLN SC 70 -110.58 64.73 3.19
N ASN SC 71 -111.40 63.82 2.67
CA ASN SC 71 -112.82 63.78 3.00
C ASN SC 71 -113.18 62.40 3.51
N PRO SC 72 -113.47 62.24 4.79
CA PRO SC 72 -113.96 60.97 5.29
C PRO SC 72 -115.46 60.85 5.13
N THR SC 73 -115.93 59.62 5.12
CA THR SC 73 -117.35 59.36 5.07
C THR SC 73 -117.81 58.69 6.35
N ALA SC 74 -119.00 59.10 6.80
CA ALA SC 74 -119.49 58.63 8.08
C ALA SC 74 -120.16 57.26 7.94
N CYS SC 75 -121.23 57.21 7.16
CA CYS SC 75 -122.18 56.11 7.13
C CYS SC 75 -122.38 55.52 8.53
N THR SC 76 -122.96 56.35 9.39
CA THR SC 76 -123.39 55.93 10.71
C THR SC 76 -124.12 54.60 10.67
N ALA SC 77 -123.89 53.78 11.69
CA ALA SC 77 -124.64 52.55 11.91
C ALA SC 77 -125.88 52.85 12.72
N ASN SC 78 -126.92 52.05 12.52
CA ASN SC 78 -128.19 52.24 13.21
C ASN SC 78 -128.04 51.82 14.67
N GLY SC 79 -127.17 52.55 15.37
CA GLY SC 79 -127.06 52.48 16.80
C GLY SC 79 -125.69 52.03 17.25
N SER SC 80 -125.62 51.66 18.53
CA SER SC 80 -124.51 50.96 19.16
C SER SC 80 -123.29 51.82 19.44
N CYS SC 81 -123.04 52.86 18.65
CA CYS SC 81 -122.21 54.02 19.01
C CYS SC 81 -121.86 54.81 17.75
N ASP SC 82 -121.12 55.90 17.94
CA ASP SC 82 -120.90 56.89 16.90
C ASP SC 82 -120.37 56.27 15.61
N PRO SC 83 -120.53 56.98 14.49
CA PRO SC 83 -120.14 56.41 13.19
C PRO SC 83 -118.66 56.10 13.12
N SER SC 84 -118.29 55.39 12.07
CA SER SC 84 -116.89 55.11 11.80
C SER SC 84 -116.56 55.36 10.34
N VAL SC 85 -115.27 55.50 10.06
CA VAL SC 85 -114.84 55.86 8.71
C VAL SC 85 -114.70 54.60 7.90
N THR SC 86 -115.27 54.61 6.70
CA THR SC 86 -115.12 53.49 5.79
C THR SC 86 -114.62 53.91 4.44
N ARG SC 87 -114.80 55.17 4.07
CA ARG SC 87 -114.37 55.67 2.77
C ARG SC 87 -113.65 57.00 2.97
N GLN SC 88 -112.56 57.17 2.25
CA GLN SC 88 -111.69 58.33 2.40
C GLN SC 88 -111.29 58.84 1.03
N ALA SC 89 -111.81 59.98 0.62
CA ALA SC 89 -111.40 60.57 -0.64
C ALA SC 89 -110.20 61.47 -0.40
N TYR SC 90 -109.10 61.18 -1.10
CA TYR SC 90 -107.91 62.01 -1.00
C TYR SC 90 -107.71 62.76 -2.31
N ALA SC 91 -107.13 63.95 -2.17
CA ALA SC 91 -106.66 64.71 -3.32
C ALA SC 91 -105.38 65.41 -2.92
N ASP SC 92 -104.47 65.55 -3.88
CA ASP SC 92 -103.18 66.19 -3.61
C ASP SC 92 -102.77 66.97 -4.85
N VAL SC 93 -102.55 68.26 -4.68
CA VAL SC 93 -102.03 69.12 -5.73
C VAL SC 93 -100.61 69.51 -5.38
N THR SC 94 -99.76 69.56 -6.38
CA THR SC 94 -98.31 69.72 -6.21
C THR SC 94 -97.85 70.80 -7.19
N PHE SC 95 -97.83 72.04 -6.76
CA PHE SC 95 -97.28 73.10 -7.59
C PHE SC 95 -95.76 73.12 -7.45
N SER SC 96 -95.09 73.19 -8.59
CA SER SC 96 -93.64 73.23 -8.67
C SER SC 96 -93.22 74.49 -9.42
N PHE SC 97 -92.34 75.29 -8.81
CA PHE SC 97 -91.89 76.52 -9.41
C PHE SC 97 -90.40 76.64 -9.26
N THR SC 98 -89.77 77.36 -10.17
CA THR SC 98 -88.33 77.55 -10.07
C THR SC 98 -88.00 78.91 -9.49
N GLN SC 99 -86.75 79.02 -9.06
CA GLN SC 99 -86.36 80.11 -8.18
C GLN SC 99 -86.52 81.45 -8.87
N TYR SC 100 -86.39 81.49 -10.20
CA TYR SC 100 -86.66 82.70 -10.96
C TYR SC 100 -88.08 82.71 -11.52
N SER SC 101 -88.97 81.92 -10.95
CA SER SC 101 -90.36 81.92 -11.39
C SER SC 101 -90.95 83.32 -11.28
N THR SC 102 -92.14 83.48 -11.85
CA THR SC 102 -92.80 84.77 -11.91
C THR SC 102 -94.25 84.63 -11.47
N ASP SC 103 -94.70 85.53 -10.60
CA ASP SC 103 -96.08 85.45 -10.14
C ASP SC 103 -97.03 85.39 -11.32
N GLU SC 104 -96.71 86.09 -12.40
CA GLU SC 104 -97.45 85.96 -13.63
C GLU SC 104 -97.74 84.50 -13.94
N GLU SC 105 -96.69 83.74 -14.21
CA GLU SC 105 -96.90 82.36 -14.61
C GLU SC 105 -97.54 81.57 -13.48
N ARG SC 106 -97.27 81.95 -12.24
CA ARG SC 106 -97.77 81.16 -11.13
C ARG SC 106 -99.29 81.22 -11.08
N ALA SC 107 -99.86 82.42 -10.94
CA ALA SC 107 -101.31 82.48 -10.89
C ALA SC 107 -101.90 82.04 -12.22
N PHE SC 108 -101.17 82.23 -13.30
CA PHE SC 108 -101.56 81.57 -14.54
C PHE SC 108 -101.87 80.11 -14.26
N VAL SC 109 -100.85 79.35 -13.84
CA VAL SC 109 -101.01 77.91 -13.61
C VAL SC 109 -102.18 77.65 -12.69
N ARG SC 110 -102.29 78.42 -11.62
CA ARG SC 110 -103.37 78.20 -10.68
C ARG SC 110 -104.71 78.24 -11.40
N THR SC 111 -104.92 79.28 -12.19
CA THR SC 111 -106.23 79.42 -12.81
C THR SC 111 -106.46 78.37 -13.88
N GLU SC 112 -105.41 77.94 -14.60
CA GLU SC 112 -105.69 76.86 -15.56
C GLU SC 112 -106.13 75.62 -14.82
N LEU SC 113 -105.45 75.30 -13.72
CA LEU SC 113 -105.85 74.12 -13.01
C LEU SC 113 -107.29 74.25 -12.56
N ALA SC 114 -107.67 75.43 -12.07
CA ALA SC 114 -109.04 75.62 -11.62
C ALA SC 114 -110.02 75.39 -12.76
N ALA SC 115 -109.82 76.07 -13.87
CA ALA SC 115 -110.83 76.02 -14.89
C ALA SC 115 -110.85 74.66 -15.58
N LEU SC 116 -109.70 73.97 -15.67
CA LEU SC 116 -109.74 72.61 -16.14
C LEU SC 116 -110.55 71.75 -15.20
N LEU SC 117 -110.35 71.93 -13.90
CA LEU SC 117 -111.11 71.17 -12.92
C LEU SC 117 -112.58 71.49 -13.01
N ALA SC 118 -112.95 72.59 -13.66
CA ALA SC 118 -114.34 72.90 -13.95
C ALA SC 118 -114.82 72.42 -15.31
N SER SC 119 -113.92 72.20 -16.26
CA SER SC 119 -114.33 71.89 -17.63
C SER SC 119 -115.02 70.53 -17.71
N PRO SC 120 -115.84 70.31 -18.74
CA PRO SC 120 -116.51 69.01 -18.87
C PRO SC 120 -115.56 67.85 -18.89
N LEU SC 121 -114.36 68.02 -19.45
CA LEU SC 121 -113.44 66.91 -19.56
C LEU SC 121 -113.19 66.29 -18.20
N LEU SC 122 -112.55 67.02 -17.30
CA LEU SC 122 -112.24 66.45 -16.01
C LEU SC 122 -113.52 66.11 -15.24
N ILE SC 123 -114.60 66.82 -15.53
CA ILE SC 123 -115.88 66.48 -14.91
C ILE SC 123 -116.17 65.00 -15.09
N ASP SC 124 -116.31 64.56 -16.33
CA ASP SC 124 -116.60 63.15 -16.55
C ASP SC 124 -115.41 62.29 -16.17
N ALA SC 125 -114.20 62.86 -16.22
CA ALA SC 125 -113.02 62.07 -15.90
C ALA SC 125 -113.04 61.59 -14.46
N ILE SC 126 -113.51 62.42 -13.53
CA ILE SC 126 -113.45 62.07 -12.11
C ILE SC 126 -114.84 61.67 -11.62
N ASP SC 127 -115.85 62.48 -11.95
CA ASP SC 127 -117.21 62.13 -11.61
C ASP SC 127 -117.53 60.72 -12.04
N GLN SC 128 -117.57 60.49 -13.36
CA GLN SC 128 -117.96 59.21 -13.89
C GLN SC 128 -116.82 58.22 -13.94
N LEU SC 129 -115.62 58.63 -13.58
CA LEU SC 129 -114.45 57.75 -13.66
C LEU SC 129 -114.22 57.28 -15.08
N ASN SC 130 -114.66 58.05 -16.06
CA ASN SC 130 -114.47 57.67 -17.45
C ASN SC 130 -113.05 58.03 -17.87
N PRO SC 131 -112.23 57.07 -18.28
CA PRO SC 131 -110.93 57.44 -18.84
C PRO SC 131 -111.11 58.35 -20.04
N ALA SC 132 -110.25 59.37 -20.13
CA ALA SC 132 -110.36 60.36 -21.17
C ALA SC 132 -110.28 59.68 -22.53
N TYR SC 133 -111.38 59.67 -23.25
CA TYR SC 133 -111.41 59.19 -24.61
C TYR SC 133 -112.81 59.34 -25.20
N ALA TC 2 -92.80 84.77 19.94
CA ALA TC 2 -92.59 85.73 18.84
C ALA TC 2 -93.38 85.30 17.62
N LYS TC 3 -94.64 85.74 17.57
CA LYS TC 3 -95.51 85.34 16.49
C LYS TC 3 -95.08 86.00 15.18
N LEU TC 4 -94.86 85.19 14.16
CA LEU TC 4 -94.58 85.74 12.84
C LEU TC 4 -95.80 86.46 12.30
N GLU TC 5 -95.58 87.65 11.78
CA GLU TC 5 -96.64 88.46 11.22
C GLU TC 5 -96.00 89.41 10.22
N THR TC 6 -96.83 89.94 9.33
CA THR TC 6 -96.35 90.90 8.34
C THR TC 6 -95.68 92.08 9.03
N VAL TC 7 -94.38 92.19 8.91
CA VAL TC 7 -93.65 93.30 9.51
C VAL TC 7 -93.65 94.45 8.52
N THR TC 8 -94.13 95.60 8.97
CA THR TC 8 -94.17 96.81 8.18
C THR TC 8 -93.13 97.76 8.73
N LEU TC 9 -92.18 98.15 7.90
CA LEU TC 9 -91.02 98.86 8.36
C LEU TC 9 -90.96 100.20 7.63
N GLY TC 10 -91.17 101.29 8.37
CA GLY TC 10 -91.24 102.61 7.79
C GLY TC 10 -89.99 103.44 8.10
N ASN TC 11 -89.88 104.56 7.41
CA ASN TC 11 -88.80 105.50 7.63
C ASN TC 11 -87.45 104.84 7.33
N ILE TC 12 -87.28 104.45 6.08
CA ILE TC 12 -86.16 103.62 5.65
C ILE TC 12 -85.44 104.34 4.50
N GLY TC 13 -84.16 103.99 4.31
CA GLY TC 13 -83.34 104.62 3.26
C GLY TC 13 -82.61 105.84 3.77
N LYS TC 14 -81.75 106.43 2.92
CA LYS TC 14 -80.98 107.56 3.42
C LYS TC 14 -81.89 108.65 3.96
N ASP TC 15 -82.88 109.05 3.17
CA ASP TC 15 -83.77 110.12 3.56
C ASP TC 15 -84.94 109.62 4.39
N GLY TC 16 -85.03 108.31 4.61
CA GLY TC 16 -86.07 107.79 5.47
C GLY TC 16 -87.47 108.04 4.97
N LYS TC 17 -87.77 107.69 3.72
CA LYS TC 17 -89.16 107.72 3.28
C LYS TC 17 -89.66 106.42 2.68
N GLN TC 18 -88.82 105.47 2.33
CA GLN TC 18 -89.32 104.24 1.76
C GLN TC 18 -89.94 103.36 2.84
N THR TC 19 -90.55 102.26 2.42
CA THR TC 19 -91.18 101.33 3.35
C THR TC 19 -90.95 99.90 2.88
N LEU TC 20 -90.96 98.98 3.84
CA LEU TC 20 -90.77 97.56 3.57
C LEU TC 20 -91.94 96.78 4.14
N VAL TC 21 -92.39 95.78 3.41
CA VAL TC 21 -93.43 94.87 3.86
C VAL TC 21 -92.84 93.48 3.81
N LEU TC 22 -92.52 92.92 4.96
CA LEU TC 22 -91.91 91.60 5.06
C LEU TC 22 -92.97 90.59 5.44
N ASN TC 23 -93.22 89.61 4.58
CA ASN TC 23 -94.18 88.60 4.94
C ASN TC 23 -93.48 87.36 5.47
N PRO TC 24 -94.16 86.57 6.28
CA PRO TC 24 -93.53 85.41 6.89
C PRO TC 24 -93.29 84.29 5.88
N ARG TC 25 -92.15 83.61 6.04
CA ARG TC 25 -91.76 82.48 5.22
C ARG TC 25 -91.73 81.18 6.04
N GLY TC 26 -92.30 81.19 7.24
CA GLY TC 26 -92.28 80.00 8.07
C GLY TC 26 -90.97 79.84 8.82
N VAL TC 27 -90.76 78.63 9.32
CA VAL TC 27 -89.58 78.30 10.09
C VAL TC 27 -88.99 77.01 9.54
N ASN TC 28 -87.68 76.96 9.44
CA ASN TC 28 -87.01 75.74 9.05
C ASN TC 28 -87.26 74.68 10.11
N PRO TC 29 -87.75 73.50 9.75
CA PRO TC 29 -87.89 72.44 10.75
C PRO TC 29 -86.56 71.92 11.25
N THR TC 30 -85.51 72.01 10.45
CA THR TC 30 -84.21 71.46 10.83
C THR TC 30 -83.41 72.45 11.66
N ASN TC 31 -83.12 73.60 11.08
CA ASN TC 31 -82.34 74.63 11.75
C ASN TC 31 -83.17 75.48 12.69
N GLY TC 32 -84.48 75.38 12.62
CA GLY TC 32 -85.32 76.11 13.54
C GLY TC 32 -85.11 77.60 13.44
N VAL TC 33 -85.14 78.12 12.23
CA VAL TC 33 -84.90 79.54 11.98
C VAL TC 33 -86.06 80.08 11.17
N ALA TC 34 -86.63 81.17 11.62
CA ALA TC 34 -87.74 81.78 10.89
C ALA TC 34 -87.20 82.76 9.88
N SER TC 35 -88.00 83.00 8.84
CA SER TC 35 -87.58 83.84 7.73
C SER TC 35 -88.76 84.66 7.24
N LEU TC 36 -88.45 85.86 6.76
CA LEU TC 36 -89.44 86.78 6.22
C LEU TC 36 -88.92 87.30 4.90
N SER TC 37 -89.84 87.72 4.04
CA SER TC 37 -89.47 88.14 2.71
C SER TC 37 -90.38 89.25 2.24
N GLN TC 38 -89.86 90.08 1.35
CA GLN TC 38 -90.64 91.14 0.74
C GLN TC 38 -91.49 90.58 -0.38
N ALA TC 39 -92.72 91.06 -0.48
CA ALA TC 39 -93.60 90.63 -1.56
C ALA TC 39 -93.06 91.14 -2.88
N GLY TC 40 -92.92 90.25 -3.85
CA GLY TC 40 -92.37 90.64 -5.13
C GLY TC 40 -92.76 89.67 -6.21
N ALA TC 41 -92.26 89.93 -7.40
CA ALA TC 41 -92.58 89.13 -8.57
C ALA TC 41 -91.76 87.85 -8.63
N VAL TC 42 -90.44 87.97 -8.60
CA VAL TC 42 -89.54 86.83 -8.79
C VAL TC 42 -88.94 86.49 -7.43
N PRO TC 43 -89.30 85.36 -6.82
CA PRO TC 43 -88.72 84.99 -5.52
C PRO TC 43 -87.23 85.22 -5.42
N ALA TC 44 -86.51 85.25 -6.53
CA ALA TC 44 -85.07 85.46 -6.47
C ALA TC 44 -84.70 86.87 -6.04
N LEU TC 45 -85.57 87.84 -6.28
CA LEU TC 45 -85.24 89.23 -6.03
C LEU TC 45 -86.02 89.80 -4.85
N GLU TC 46 -86.34 88.95 -3.88
CA GLU TC 46 -87.07 89.39 -2.70
C GLU TC 46 -86.08 89.63 -1.56
N LYS TC 47 -86.25 90.77 -0.91
CA LYS TC 47 -85.44 91.09 0.25
C LYS TC 47 -85.83 90.14 1.38
N ARG TC 48 -84.89 89.34 1.85
CA ARG TC 48 -85.16 88.37 2.89
C ARG TC 48 -84.50 88.81 4.19
N VAL TC 49 -85.04 88.30 5.29
CA VAL TC 49 -84.49 88.56 6.61
C VAL TC 49 -84.69 87.32 7.46
N THR TC 50 -83.63 86.87 8.12
CA THR TC 50 -83.69 85.66 8.92
C THR TC 50 -83.61 86.01 10.39
N VAL TC 51 -84.24 85.18 11.22
CA VAL TC 51 -84.24 85.36 12.66
C VAL TC 51 -84.14 83.99 13.30
N SER TC 52 -83.20 83.82 14.21
CA SER TC 52 -83.04 82.57 14.94
C SER TC 52 -82.59 82.84 16.36
N VAL TC 53 -83.14 82.07 17.30
CA VAL TC 53 -82.63 82.06 18.65
C VAL TC 53 -82.44 80.62 19.12
N SER TC 54 -81.22 80.12 18.93
CA SER TC 54 -80.93 78.76 19.38
C SER TC 54 -81.05 78.68 20.89
N GLN TC 55 -81.45 77.52 21.37
CA GLN TC 55 -81.58 77.30 22.79
C GLN TC 55 -80.19 77.16 23.42
N PRO TC 56 -80.11 77.32 24.72
CA PRO TC 56 -78.80 77.26 25.38
C PRO TC 56 -78.12 75.92 25.16
N SER TC 57 -76.81 75.98 24.98
CA SER TC 57 -76.01 74.77 24.76
C SER TC 57 -75.73 74.08 26.09
N ARG TC 58 -74.76 73.18 26.11
CA ARG TC 58 -74.46 72.39 27.29
C ARG TC 58 -73.25 72.96 28.04
N ASN TC 59 -73.38 73.04 29.36
CA ASN TC 59 -72.28 73.37 30.27
C ASN TC 59 -71.82 74.82 30.17
N ARG TC 60 -72.34 75.55 29.18
CA ARG TC 60 -72.10 76.99 29.07
C ARG TC 60 -73.40 77.73 28.88
N LYS TC 61 -74.31 77.16 28.10
CA LYS TC 61 -75.68 77.59 27.85
C LYS TC 61 -75.77 78.85 27.01
N ASN TC 62 -74.78 79.73 27.04
CA ASN TC 62 -74.52 80.69 25.97
C ASN TC 62 -75.72 81.11 25.12
N TYR TC 63 -76.78 81.71 25.69
CA TYR TC 63 -77.96 82.03 24.89
C TYR TC 63 -77.55 82.79 23.64
N LYS TC 64 -78.08 82.39 22.49
CA LYS TC 64 -77.63 82.90 21.20
C LYS TC 64 -78.81 83.30 20.33
N VAL TC 65 -78.70 84.43 19.64
CA VAL TC 65 -79.68 84.88 18.68
C VAL TC 65 -78.96 85.37 17.43
N GLN TC 66 -79.54 85.09 16.27
CA GLN TC 66 -78.96 85.48 15.00
C GLN TC 66 -80.03 86.17 14.16
N VAL TC 67 -79.59 87.14 13.36
CA VAL TC 67 -80.47 87.87 12.45
C VAL TC 67 -79.68 88.14 11.18
N LYS TC 68 -80.15 87.61 10.06
CA LYS TC 68 -79.47 87.71 8.78
C LYS TC 68 -80.38 88.44 7.80
N ILE TC 69 -79.99 89.66 7.43
CA ILE TC 69 -80.69 90.45 6.43
C ILE TC 69 -79.95 90.33 5.11
N GLN TC 70 -80.69 90.15 4.04
CA GLN TC 70 -80.14 90.16 2.69
C GLN TC 70 -80.92 91.12 1.81
N ASN TC 71 -80.18 91.78 0.93
CA ASN TC 71 -80.76 92.59 -0.15
C ASN TC 71 -80.12 92.18 -1.46
N PRO TC 72 -80.87 91.54 -2.35
CA PRO TC 72 -80.34 91.26 -3.68
C PRO TC 72 -80.68 92.36 -4.66
N THR TC 73 -79.95 92.36 -5.77
CA THR TC 73 -80.25 93.27 -6.88
C THR TC 73 -79.67 92.67 -8.15
N ALA TC 74 -80.50 92.53 -9.16
CA ALA TC 74 -80.10 91.95 -10.44
C ALA TC 74 -79.99 93.05 -11.47
N CYS TC 75 -79.56 92.66 -12.68
CA CYS TC 75 -79.58 93.57 -13.82
C CYS TC 75 -79.71 92.71 -15.08
N THR TC 76 -80.91 92.69 -15.65
CA THR TC 76 -81.17 91.94 -16.86
C THR TC 76 -80.17 92.32 -17.95
N ALA TC 77 -79.34 91.39 -18.35
CA ALA TC 77 -78.42 91.62 -19.45
C ALA TC 77 -79.18 91.59 -20.77
N ASN TC 78 -78.58 92.15 -21.81
CA ASN TC 78 -79.19 92.12 -23.12
C ASN TC 78 -79.12 90.71 -23.69
N GLY TC 79 -80.25 90.23 -24.18
CA GLY TC 79 -80.36 88.87 -24.68
C GLY TC 79 -80.69 87.84 -23.63
N SER TC 80 -80.61 88.20 -22.35
CA SER TC 80 -80.92 87.30 -21.27
C SER TC 80 -82.34 87.59 -20.78
N CYS TC 81 -83.17 86.55 -20.76
CA CYS TC 81 -84.56 86.69 -20.35
C CYS TC 81 -84.75 86.42 -18.88
N ASP TC 82 -83.72 86.60 -18.06
CA ASP TC 82 -83.76 86.20 -16.68
C ASP TC 82 -82.99 87.20 -15.82
N PRO TC 83 -83.64 87.96 -14.96
CA PRO TC 83 -82.89 88.94 -14.16
C PRO TC 83 -81.99 88.26 -13.14
N SER TC 84 -80.86 87.75 -13.63
CA SER TC 84 -79.92 87.06 -12.76
C SER TC 84 -79.39 87.99 -11.69
N VAL TC 85 -79.29 87.47 -10.46
CA VAL TC 85 -78.82 88.27 -9.33
C VAL TC 85 -77.35 88.58 -9.52
N THR TC 86 -77.00 89.85 -9.45
CA THR TC 86 -75.63 90.29 -9.69
C THR TC 86 -75.01 91.01 -8.50
N ARG TC 87 -75.78 91.35 -7.49
CA ARG TC 87 -75.27 92.11 -6.37
C ARG TC 87 -76.02 91.71 -5.11
N GLN TC 88 -75.29 91.53 -4.01
CA GLN TC 88 -75.90 91.15 -2.76
C GLN TC 88 -75.36 92.00 -1.64
N ALA TC 89 -76.23 92.39 -0.72
CA ALA TC 89 -75.83 93.02 0.52
C ALA TC 89 -76.27 92.15 1.68
N TYR TC 90 -75.40 92.05 2.68
CA TYR TC 90 -75.64 91.18 3.82
C TYR TC 90 -75.49 91.97 5.11
N ALA TC 91 -76.23 91.55 6.12
CA ALA TC 91 -76.09 92.12 7.45
C ALA TC 91 -76.35 90.99 8.44
N ASP TC 92 -75.31 90.56 9.14
CA ASP TC 92 -75.43 89.51 10.14
C ASP TC 92 -75.25 90.14 11.51
N VAL TC 93 -76.28 90.07 12.32
CA VAL TC 93 -76.22 90.47 13.71
C VAL TC 93 -76.32 89.21 14.56
N THR TC 94 -75.51 89.14 15.60
CA THR TC 94 -75.58 87.99 16.52
C THR TC 94 -75.45 88.52 17.94
N PHE TC 95 -76.43 88.17 18.77
CA PHE TC 95 -76.41 88.49 20.18
C PHE TC 95 -76.11 87.25 20.99
N SER TC 96 -75.27 87.41 22.00
CA SER TC 96 -74.90 86.31 22.88
C SER TC 96 -75.05 86.77 24.32
N PHE TC 97 -75.86 86.06 25.08
CA PHE TC 97 -76.17 86.39 26.46
C PHE TC 97 -75.78 85.21 27.35
N THR TC 98 -75.67 85.47 28.64
CA THR TC 98 -75.45 84.38 29.58
C THR TC 98 -76.78 83.82 30.06
N GLN TC 99 -76.69 82.63 30.65
CA GLN TC 99 -77.87 81.97 31.18
C GLN TC 99 -78.56 82.79 32.25
N TYR TC 100 -77.84 83.70 32.90
CA TYR TC 100 -78.40 84.52 33.95
C TYR TC 100 -78.69 85.93 33.49
N SER TC 101 -78.61 86.20 32.18
CA SER TC 101 -78.93 87.51 31.69
C SER TC 101 -80.36 87.88 32.07
N THR TC 102 -80.70 89.15 31.90
CA THR TC 102 -82.05 89.60 32.18
C THR TC 102 -82.50 90.63 31.16
N ASP TC 103 -83.82 90.70 31.00
CA ASP TC 103 -84.39 91.47 29.89
C ASP TC 103 -83.90 92.89 29.94
N GLU TC 104 -83.60 93.39 31.12
CA GLU TC 104 -83.08 94.75 31.23
C GLU TC 104 -81.88 94.92 30.30
N GLU TC 105 -80.79 94.20 30.58
CA GLU TC 105 -79.62 94.32 29.72
C GLU TC 105 -79.93 93.89 28.31
N ARG TC 106 -80.83 92.92 28.14
CA ARG TC 106 -81.12 92.50 26.78
C ARG TC 106 -81.65 93.67 25.96
N ALA TC 107 -82.74 94.28 26.41
CA ALA TC 107 -83.29 95.43 25.71
C ALA TC 107 -82.30 96.56 25.66
N PHE TC 108 -81.54 96.73 26.73
CA PHE TC 108 -80.47 97.70 26.74
C PHE TC 108 -79.63 97.52 25.49
N VAL TC 109 -79.01 96.35 25.37
CA VAL TC 109 -78.15 96.02 24.23
C VAL TC 109 -78.87 96.30 22.92
N ARG TC 110 -80.10 95.82 22.81
CA ARG TC 110 -80.87 96.05 21.61
C ARG TC 110 -80.86 97.52 21.24
N THR TC 111 -81.23 98.35 22.20
CA THR TC 111 -81.39 99.76 21.93
C THR TC 111 -80.08 100.42 21.57
N GLU TC 112 -78.98 100.10 22.25
CA GLU TC 112 -77.75 100.76 21.82
C GLU TC 112 -77.41 100.34 20.41
N LEU TC 113 -77.64 99.07 20.08
CA LEU TC 113 -77.33 98.66 18.71
C LEU TC 113 -78.12 99.50 17.73
N ALA TC 114 -79.42 99.64 17.97
CA ALA TC 114 -80.25 100.40 17.05
C ALA TC 114 -79.77 101.84 16.97
N ALA TC 115 -79.54 102.45 18.11
CA ALA TC 115 -79.27 103.87 18.11
C ALA TC 115 -77.85 104.18 17.61
N LEU TC 116 -76.91 103.26 17.79
CA LEU TC 116 -75.66 103.35 17.04
C LEU TC 116 -75.91 103.30 15.55
N LEU TC 117 -76.74 102.35 15.10
CA LEU TC 117 -77.04 102.29 13.68
C LEU TC 117 -77.60 103.59 13.17
N ALA TC 118 -78.27 104.35 14.02
CA ALA TC 118 -78.75 105.66 13.63
C ALA TC 118 -77.71 106.77 13.78
N SER TC 119 -76.69 106.58 14.61
CA SER TC 119 -75.78 107.66 14.95
C SER TC 119 -74.94 108.08 13.75
N PRO TC 120 -74.40 109.31 13.79
CA PRO TC 120 -73.47 109.73 12.72
C PRO TC 120 -72.27 108.82 12.59
N LEU TC 121 -71.87 108.14 13.66
CA LEU TC 121 -70.67 107.31 13.58
C LEU TC 121 -70.86 106.19 12.58
N LEU TC 122 -71.75 105.26 12.89
CA LEU TC 122 -72.03 104.21 11.93
C LEU TC 122 -72.54 104.78 10.63
N ILE TC 123 -73.17 105.95 10.67
CA ILE TC 123 -73.66 106.57 9.45
C ILE TC 123 -72.56 106.57 8.40
N ASP TC 124 -71.52 107.34 8.66
CA ASP TC 124 -70.45 107.52 7.71
C ASP TC 124 -69.59 106.26 7.64
N ALA TC 125 -69.61 105.44 8.70
CA ALA TC 125 -68.85 104.21 8.68
C ALA TC 125 -69.38 103.21 7.65
N ILE TC 126 -70.68 103.21 7.41
CA ILE TC 126 -71.33 102.21 6.58
C ILE TC 126 -71.77 102.80 5.24
N ASP TC 127 -72.52 103.91 5.27
CA ASP TC 127 -72.97 104.55 4.04
C ASP TC 127 -71.79 104.80 3.11
N GLN TC 128 -70.72 105.36 3.63
CA GLN TC 128 -69.59 105.76 2.81
C GLN TC 128 -68.42 104.79 2.90
N LEU TC 129 -68.60 103.66 3.61
CA LEU TC 129 -67.49 102.77 3.92
C LEU TC 129 -66.28 103.55 4.40
N ASN TC 130 -66.43 104.14 5.55
CA ASN TC 130 -65.42 105.05 6.07
C ASN TC 130 -64.81 104.54 7.36
N PRO TC 131 -63.54 104.16 7.37
CA PRO TC 131 -62.91 103.81 8.64
C PRO TC 131 -63.07 104.94 9.64
N ALA TC 132 -63.44 104.60 10.85
CA ALA TC 132 -63.60 105.60 11.89
C ALA TC 132 -62.23 105.96 12.44
N TYR TC 133 -61.97 107.27 12.55
CA TYR TC 133 -60.74 107.74 13.18
C TYR TC 133 -60.88 109.18 13.65
N ALA UC 2 -25.62 127.47 -25.05
CA ALA UC 2 -24.57 126.91 -25.96
C ALA UC 2 -25.20 126.37 -27.24
N LYS UC 3 -25.80 127.27 -28.02
CA LYS UC 3 -26.49 126.85 -29.24
C LYS UC 3 -25.50 126.45 -30.31
N LEU UC 4 -25.84 125.40 -31.05
CA LEU UC 4 -24.99 124.89 -32.12
C LEU UC 4 -25.24 125.67 -33.39
N GLU UC 5 -24.17 126.13 -34.02
CA GLU UC 5 -24.29 126.99 -35.18
C GLU UC 5 -22.95 127.02 -35.90
N THR UC 6 -22.96 127.49 -37.14
CA THR UC 6 -21.74 127.57 -37.93
C THR UC 6 -20.73 128.49 -37.25
N VAL UC 7 -19.50 128.01 -37.12
CA VAL UC 7 -18.44 128.74 -36.45
C VAL UC 7 -17.42 129.16 -37.49
N THR UC 8 -17.05 130.43 -37.51
CA THR UC 8 -16.11 130.96 -38.47
C THR UC 8 -14.85 131.38 -37.74
N LEU UC 9 -13.90 130.47 -37.65
CA LEU UC 9 -12.64 130.72 -36.98
C LEU UC 9 -11.73 131.47 -37.95
N GLY UC 10 -11.49 132.75 -37.67
CA GLY UC 10 -10.66 133.56 -38.54
C GLY UC 10 -9.29 133.81 -37.94
N ASN UC 11 -8.34 134.24 -38.78
CA ASN UC 11 -7.00 134.57 -38.31
C ASN UC 11 -6.38 133.35 -37.65
N ILE UC 12 -6.12 132.34 -38.47
CA ILE UC 12 -5.74 131.02 -38.03
C ILE UC 12 -4.43 130.64 -38.73
N GLY UC 13 -3.63 129.83 -38.06
CA GLY UC 13 -2.43 129.28 -38.66
C GLY UC 13 -1.19 130.02 -38.23
N LYS UC 14 -0.08 129.67 -38.88
CA LYS UC 14 1.21 130.24 -38.50
C LYS UC 14 1.22 131.74 -38.67
N ASP UC 15 0.79 132.21 -39.84
CA ASP UC 15 0.72 133.64 -40.11
C ASP UC 15 -0.63 134.25 -39.71
N GLY UC 16 -1.58 133.43 -39.26
CA GLY UC 16 -2.88 133.92 -38.89
C GLY UC 16 -3.64 134.49 -40.08
N LYS UC 17 -3.70 133.72 -41.17
CA LYS UC 17 -4.38 134.16 -42.37
C LYS UC 17 -5.47 133.22 -42.85
N GLN UC 18 -5.41 131.94 -42.53
CA GLN UC 18 -6.39 130.99 -43.03
C GLN UC 18 -7.73 131.21 -42.33
N THR UC 19 -8.72 130.40 -42.71
CA THR UC 19 -10.05 130.49 -42.14
C THR UC 19 -10.70 129.12 -42.13
N LEU UC 20 -11.39 128.80 -41.03
CA LEU UC 20 -12.02 127.50 -40.87
C LEU UC 20 -13.51 127.67 -40.55
N VAL UC 21 -14.35 127.09 -41.39
CA VAL UC 21 -15.79 127.13 -41.23
C VAL UC 21 -16.23 125.76 -40.72
N LEU UC 22 -16.83 125.74 -39.54
CA LEU UC 22 -17.22 124.50 -38.90
C LEU UC 22 -18.73 124.50 -38.70
N ASN UC 23 -19.40 123.67 -39.43
CA ASN UC 23 -20.83 123.51 -39.34
C ASN UC 23 -21.17 122.40 -38.35
N PRO UC 24 -22.35 122.48 -37.74
CA PRO UC 24 -22.68 121.59 -36.64
C PRO UC 24 -23.11 120.23 -37.13
N ARG UC 25 -23.24 119.31 -36.17
CA ARG UC 25 -23.64 117.94 -36.47
C ARG UC 25 -24.64 117.47 -35.43
N GLY UC 26 -24.84 116.17 -35.33
CA GLY UC 26 -25.75 115.58 -34.36
C GLY UC 26 -25.07 115.38 -33.01
N VAL UC 27 -25.83 115.60 -31.94
CA VAL UC 27 -25.29 115.44 -30.59
C VAL UC 27 -25.38 113.98 -30.19
N ASN UC 28 -24.23 113.37 -29.95
CA ASN UC 28 -24.20 111.94 -29.65
C ASN UC 28 -25.07 111.64 -28.44
N PRO UC 29 -26.22 110.99 -28.64
CA PRO UC 29 -27.07 110.69 -27.49
C PRO UC 29 -26.42 109.80 -26.47
N THR UC 30 -25.57 108.87 -26.90
CA THR UC 30 -25.01 107.90 -25.96
C THR UC 30 -24.26 108.57 -24.82
N ASN UC 31 -23.70 109.74 -25.05
CA ASN UC 31 -22.98 110.42 -23.99
C ASN UC 31 -23.17 111.94 -24.01
N GLY UC 32 -24.04 112.47 -24.86
CA GLY UC 32 -24.26 113.90 -24.89
C GLY UC 32 -23.03 114.68 -25.29
N VAL UC 33 -22.61 114.56 -26.55
CA VAL UC 33 -21.43 115.23 -27.05
C VAL UC 33 -21.77 115.89 -28.38
N ALA UC 34 -21.59 117.21 -28.44
CA ALA UC 34 -21.86 117.95 -29.67
C ALA UC 34 -20.62 117.94 -30.56
N SER UC 35 -20.85 118.11 -31.85
CA SER UC 35 -19.81 117.92 -32.85
C SER UC 35 -19.87 119.00 -33.92
N LEU UC 36 -18.70 119.49 -34.31
CA LEU UC 36 -18.53 120.48 -35.35
C LEU UC 36 -17.54 119.94 -36.37
N SER UC 37 -17.77 120.25 -37.64
CA SER UC 37 -16.93 119.70 -38.69
C SER UC 37 -16.80 120.69 -39.84
N GLN UC 38 -15.75 120.51 -40.63
CA GLN UC 38 -15.46 121.43 -41.71
C GLN UC 38 -16.69 121.62 -42.58
N ALA UC 39 -16.74 122.73 -43.32
CA ALA UC 39 -17.91 123.02 -44.13
C ALA UC 39 -18.24 121.88 -45.08
N GLY UC 40 -17.24 121.13 -45.51
CA GLY UC 40 -17.44 120.01 -46.42
C GLY UC 40 -16.61 120.16 -47.68
N ALA UC 41 -16.74 119.18 -48.56
CA ALA UC 41 -17.66 118.07 -48.40
C ALA UC 41 -17.11 116.96 -47.51
N VAL UC 42 -16.07 116.28 -47.98
CA VAL UC 42 -15.51 115.16 -47.22
C VAL UC 42 -14.72 115.67 -46.03
N PRO UC 43 -14.09 116.84 -46.05
CA PRO UC 43 -13.42 117.32 -44.83
C PRO UC 43 -14.34 117.39 -43.63
N ALA UC 44 -15.66 117.48 -43.85
CA ALA UC 44 -16.60 117.37 -42.74
C ALA UC 44 -16.54 115.98 -42.10
N LEU UC 45 -16.09 114.98 -42.86
CA LEU UC 45 -15.80 113.67 -42.31
C LEU UC 45 -14.30 113.45 -42.11
N GLU UC 46 -13.51 114.53 -42.01
CA GLU UC 46 -12.11 114.43 -41.61
C GLU UC 46 -11.79 115.29 -40.39
N LYS UC 47 -12.03 116.61 -40.44
CA LYS UC 47 -11.77 117.44 -39.28
C LYS UC 47 -12.97 117.42 -38.34
N ARG UC 48 -12.70 117.36 -37.05
CA ARG UC 48 -13.77 117.28 -36.07
C ARG UC 48 -13.40 118.10 -34.84
N VAL UC 49 -14.44 118.60 -34.17
CA VAL UC 49 -14.29 119.31 -32.92
C VAL UC 49 -15.47 118.92 -32.05
N THR UC 50 -15.20 118.22 -30.96
CA THR UC 50 -16.24 117.70 -30.09
C THR UC 50 -16.24 118.44 -28.77
N VAL UC 51 -17.44 118.64 -28.22
CA VAL UC 51 -17.64 119.42 -27.00
C VAL UC 51 -18.58 118.67 -26.09
N SER UC 52 -18.28 118.66 -24.79
CA SER UC 52 -19.05 117.88 -23.83
C SER UC 52 -19.09 118.61 -22.49
N VAL UC 53 -20.23 118.52 -21.82
CA VAL UC 53 -20.41 119.14 -20.51
C VAL UC 53 -20.95 118.12 -19.52
N SER UC 54 -20.07 117.38 -18.87
CA SER UC 54 -20.53 116.37 -17.93
C SER UC 54 -20.83 117.03 -16.60
N GLN UC 55 -22.07 116.87 -16.15
CA GLN UC 55 -22.54 117.49 -14.94
C GLN UC 55 -22.16 116.64 -13.73
N PRO UC 56 -22.10 117.24 -12.54
CA PRO UC 56 -21.64 116.52 -11.36
C PRO UC 56 -22.42 115.24 -11.14
N SER UC 57 -21.81 114.33 -10.38
CA SER UC 57 -22.47 113.08 -10.00
C SER UC 57 -21.60 112.35 -8.99
N ARG UC 58 -22.01 111.12 -8.67
CA ARG UC 58 -21.16 110.25 -7.88
C ARG UC 58 -19.80 110.08 -8.54
N ASN UC 59 -19.76 110.19 -9.86
CA ASN UC 59 -18.54 109.98 -10.62
C ASN UC 59 -17.69 111.23 -10.67
N ARG UC 60 -18.30 112.36 -11.03
CA ARG UC 60 -17.64 113.65 -11.07
C ARG UC 60 -17.86 114.34 -9.73
N LYS UC 61 -17.44 115.58 -9.54
CA LYS UC 61 -17.91 116.28 -8.35
C LYS UC 61 -18.55 117.66 -8.47
N ASN UC 62 -17.94 118.73 -9.00
CA ASN UC 62 -16.94 118.92 -10.08
C ASN UC 62 -17.35 118.67 -11.52
N TYR UC 63 -18.14 119.60 -12.02
CA TYR UC 63 -18.41 119.71 -13.45
C TYR UC 63 -17.13 119.50 -14.24
N LYS UC 64 -17.26 118.85 -15.39
CA LYS UC 64 -16.12 118.62 -16.27
C LYS UC 64 -16.53 118.96 -17.70
N VAL UC 65 -15.87 119.95 -18.29
CA VAL UC 65 -16.12 120.33 -19.67
C VAL UC 65 -14.94 119.87 -20.51
N GLN UC 66 -15.26 119.12 -21.55
CA GLN UC 66 -14.27 118.48 -22.40
C GLN UC 66 -14.36 119.06 -23.81
N VAL UC 67 -13.21 119.36 -24.40
CA VAL UC 67 -13.14 119.89 -25.76
C VAL UC 67 -12.06 119.14 -26.50
N LYS UC 68 -12.45 118.26 -27.42
CA LYS UC 68 -11.51 117.49 -28.22
C LYS UC 68 -11.43 118.08 -29.62
N ILE UC 69 -10.22 118.21 -30.13
CA ILE UC 69 -9.95 118.80 -31.43
C ILE UC 69 -9.15 117.81 -32.23
N GLN UC 70 -9.56 117.57 -33.48
CA GLN UC 70 -8.99 116.48 -34.27
C GLN UC 70 -8.85 116.91 -35.73
N ASN UC 71 -7.61 116.92 -36.22
CA ASN UC 71 -7.32 117.21 -37.63
C ASN UC 71 -6.51 116.08 -38.22
N PRO UC 72 -7.09 115.25 -39.08
CA PRO UC 72 -6.30 114.26 -39.79
C PRO UC 72 -5.77 114.81 -41.10
N THR UC 73 -4.47 114.73 -41.30
CA THR UC 73 -3.89 115.08 -42.58
C THR UC 73 -3.75 113.84 -43.44
N ALA UC 74 -4.19 113.96 -44.68
CA ALA UC 74 -4.23 112.84 -45.60
C ALA UC 74 -3.56 113.24 -46.90
N CYS UC 75 -3.29 112.23 -47.71
CA CYS UC 75 -2.69 112.45 -49.01
C CYS UC 75 -3.15 111.34 -49.95
N THR UC 76 -2.92 111.58 -51.24
CA THR UC 76 -3.30 110.64 -52.28
C THR UC 76 -2.04 110.17 -52.98
N ALA UC 77 -1.75 108.89 -52.87
CA ALA UC 77 -0.63 108.33 -53.60
C ALA UC 77 -0.83 108.59 -55.09
N ASN UC 78 0.27 108.91 -55.76
CA ASN UC 78 0.17 109.37 -57.13
C ASN UC 78 -0.20 108.18 -58.02
N GLY UC 79 -1.50 107.95 -58.17
CA GLY UC 79 -2.01 106.80 -58.88
C GLY UC 79 -3.30 106.26 -58.30
N SER UC 80 -3.52 106.46 -57.00
CA SER UC 80 -4.80 106.13 -56.40
C SER UC 80 -5.78 107.28 -56.59
N CYS UC 81 -6.99 107.16 -56.07
CA CYS UC 81 -7.94 108.26 -56.16
C CYS UC 81 -8.39 108.73 -54.78
N ASP UC 82 -8.90 107.81 -53.97
CA ASP UC 82 -9.38 108.16 -52.65
C ASP UC 82 -8.22 108.55 -51.73
N PRO UC 83 -8.30 109.68 -51.04
CA PRO UC 83 -7.19 110.08 -50.18
C PRO UC 83 -7.18 109.30 -48.87
N SER UC 84 -6.00 108.87 -48.46
CA SER UC 84 -5.83 108.12 -47.21
C SER UC 84 -5.12 108.98 -46.19
N VAL UC 85 -5.55 108.89 -44.94
CA VAL UC 85 -5.01 109.71 -43.88
C VAL UC 85 -3.67 109.12 -43.45
N THR UC 86 -2.62 109.94 -43.51
CA THR UC 86 -1.29 109.47 -43.13
C THR UC 86 -0.82 110.07 -41.81
N ARG UC 87 -1.48 111.12 -41.35
CA ARG UC 87 -1.14 111.78 -40.11
C ARG UC 87 -2.44 112.18 -39.44
N GLN UC 88 -2.43 112.32 -38.12
CA GLN UC 88 -3.61 112.81 -37.43
C GLN UC 88 -3.15 113.48 -36.15
N ALA UC 89 -3.33 114.79 -36.08
CA ALA UC 89 -3.05 115.54 -34.88
C ALA UC 89 -4.33 115.71 -34.10
N TYR UC 90 -4.21 115.69 -32.78
CA TYR UC 90 -5.37 116.06 -31.98
C TYR UC 90 -4.94 116.44 -30.58
N ALA UC 91 -5.77 117.26 -29.96
CA ALA UC 91 -5.53 117.76 -28.62
C ALA UC 91 -6.86 117.77 -27.87
N ASP UC 92 -6.78 117.91 -26.56
CA ASP UC 92 -7.99 117.90 -25.74
C ASP UC 92 -7.81 118.80 -24.53
N VAL UC 93 -8.79 119.63 -24.30
CA VAL UC 93 -8.84 120.52 -23.15
C VAL UC 93 -9.89 119.98 -22.19
N THR UC 94 -9.56 120.00 -20.90
CA THR UC 94 -10.49 119.51 -19.87
C THR UC 94 -10.50 120.53 -18.73
N PHE UC 95 -11.63 121.21 -18.57
CA PHE UC 95 -11.82 122.13 -17.46
C PHE UC 95 -12.65 121.46 -16.37
N SER UC 96 -12.11 121.42 -15.16
CA SER UC 96 -12.80 120.87 -14.00
C SER UC 96 -13.15 122.03 -13.08
N PHE UC 97 -14.43 122.20 -12.80
CA PHE UC 97 -14.89 123.27 -11.93
C PHE UC 97 -15.74 122.71 -10.80
N THR UC 98 -15.70 123.38 -9.66
CA THR UC 98 -16.51 122.97 -8.53
C THR UC 98 -17.92 123.52 -8.64
N GLN UC 99 -18.84 122.81 -7.99
CA GLN UC 99 -20.23 123.22 -8.00
C GLN UC 99 -20.39 124.66 -7.55
N TYR UC 100 -19.56 125.10 -6.60
CA TYR UC 100 -19.60 126.49 -6.15
C TYR UC 100 -18.82 127.41 -7.05
N SER UC 101 -18.32 126.91 -8.18
CA SER UC 101 -17.56 127.74 -9.08
C SER UC 101 -18.37 128.99 -9.44
N THR UC 102 -17.68 129.98 -9.98
CA THR UC 102 -18.30 131.21 -10.44
C THR UC 102 -18.04 131.38 -11.92
N ASP UC 103 -19.07 131.83 -12.64
CA ASP UC 103 -18.91 132.16 -14.05
C ASP UC 103 -17.79 133.18 -14.26
N GLU UC 104 -17.65 134.14 -13.37
CA GLU UC 104 -16.53 135.07 -13.47
C GLU UC 104 -15.22 134.31 -13.50
N GLU UC 105 -15.03 133.41 -12.53
CA GLU UC 105 -13.79 132.66 -12.46
C GLU UC 105 -13.60 131.78 -13.68
N ARG UC 106 -14.67 131.17 -14.14
CA ARG UC 106 -14.58 130.28 -15.29
C ARG UC 106 -14.16 131.05 -16.53
N ALA UC 107 -14.78 132.21 -16.77
CA ALA UC 107 -14.37 133.05 -17.89
C ALA UC 107 -12.93 133.48 -17.74
N PHE UC 108 -12.54 133.85 -16.52
CA PHE UC 108 -11.14 134.14 -16.27
C PHE UC 108 -10.29 133.01 -16.80
N VAL UC 109 -10.57 131.79 -16.33
CA VAL UC 109 -9.75 130.64 -16.68
C VAL UC 109 -9.66 130.48 -18.18
N ARG UC 110 -10.82 130.52 -18.82
CA ARG UC 110 -10.90 130.36 -20.26
C ARG UC 110 -9.98 131.33 -20.95
N THR UC 111 -10.12 132.60 -20.62
CA THR UC 111 -9.33 133.58 -21.34
C THR UC 111 -7.84 133.38 -21.07
N GLU UC 112 -7.43 133.05 -19.83
CA GLU UC 112 -5.98 133.05 -19.68
C GLU UC 112 -5.41 131.86 -20.41
N LEU UC 113 -6.14 130.76 -20.46
CA LEU UC 113 -5.63 129.67 -21.29
C LEU UC 113 -5.53 130.14 -22.72
N ALA UC 114 -6.53 130.88 -23.19
CA ALA UC 114 -6.45 131.39 -24.55
C ALA UC 114 -5.21 132.23 -24.74
N ALA UC 115 -4.96 133.12 -23.80
CA ALA UC 115 -3.85 134.04 -23.96
C ALA UC 115 -2.53 133.30 -23.85
N LEU UC 116 -2.46 132.28 -23.01
CA LEU UC 116 -1.25 131.47 -22.97
C LEU UC 116 -1.00 130.83 -24.32
N LEU UC 117 -2.05 130.32 -24.95
CA LEU UC 117 -1.88 129.77 -26.29
C LEU UC 117 -1.42 130.84 -27.26
N ALA UC 118 -1.82 132.09 -27.05
CA ALA UC 118 -1.37 133.17 -27.90
C ALA UC 118 0.01 133.70 -27.52
N SER UC 119 0.56 133.28 -26.40
CA SER UC 119 1.81 133.84 -25.89
C SER UC 119 3.02 133.16 -26.52
N PRO UC 120 4.15 133.87 -26.57
CA PRO UC 120 5.35 133.29 -27.19
C PRO UC 120 5.73 131.94 -26.62
N LEU UC 121 5.57 131.74 -25.32
CA LEU UC 121 6.06 130.52 -24.72
C LEU UC 121 5.37 129.31 -25.32
N LEU UC 122 4.04 129.32 -25.32
CA LEU UC 122 3.31 128.16 -25.79
C LEU UC 122 3.47 127.99 -27.29
N ILE UC 123 3.45 129.09 -28.05
CA ILE UC 123 3.67 128.97 -29.49
C ILE UC 123 4.99 128.30 -29.78
N ASP UC 124 6.04 128.65 -29.04
CA ASP UC 124 7.31 127.99 -29.31
C ASP UC 124 7.29 126.54 -28.84
N ALA UC 125 6.65 126.28 -27.70
CA ALA UC 125 6.61 124.94 -27.18
C ALA UC 125 5.77 124.01 -28.03
N ILE UC 126 4.91 124.56 -28.88
CA ILE UC 126 4.03 123.76 -29.71
C ILE UC 126 4.55 123.74 -31.13
N ASP UC 127 4.56 124.92 -31.76
CA ASP UC 127 5.10 125.08 -33.09
C ASP UC 127 6.36 124.23 -33.30
N GLN UC 128 7.40 124.50 -32.53
CA GLN UC 128 8.68 123.83 -32.71
C GLN UC 128 8.91 122.72 -31.70
N LEU UC 129 7.96 122.48 -30.80
CA LEU UC 129 8.08 121.42 -29.81
C LEU UC 129 9.30 121.65 -28.93
N ASN UC 130 9.53 122.91 -28.57
CA ASN UC 130 10.72 123.28 -27.82
C ASN UC 130 10.39 123.34 -26.34
N PRO UC 131 10.99 122.50 -25.50
CA PRO UC 131 10.77 122.66 -24.07
C PRO UC 131 11.21 124.05 -23.63
N ALA UC 132 10.68 124.48 -22.50
CA ALA UC 132 11.01 125.80 -21.99
C ALA UC 132 12.31 125.69 -21.20
N TYR UC 133 13.39 126.22 -21.77
CA TYR UC 133 14.64 126.32 -21.05
C TYR UC 133 15.44 127.50 -21.56
N ALA VC 2 -43.74 121.75 -27.28
CA ALA VC 2 -43.24 122.02 -25.89
C ALA VC 2 -41.86 122.65 -25.93
N LYS VC 3 -41.62 123.47 -26.95
CA LYS VC 3 -40.32 124.09 -27.12
C LYS VC 3 -39.91 124.85 -25.85
N LEU VC 4 -38.66 124.67 -25.46
CA LEU VC 4 -38.14 125.30 -24.26
C LEU VC 4 -38.14 126.81 -24.41
N GLU VC 5 -38.34 127.51 -23.29
CA GLU VC 5 -38.32 128.97 -23.32
C GLU VC 5 -38.30 129.49 -21.90
N THR VC 6 -38.14 130.80 -21.78
CA THR VC 6 -38.08 131.48 -20.49
C THR VC 6 -39.42 131.41 -19.78
N VAL VC 7 -39.52 130.53 -18.80
CA VAL VC 7 -40.78 130.27 -18.12
C VAL VC 7 -40.90 131.26 -16.98
N THR VC 8 -42.00 131.99 -16.96
CA THR VC 8 -42.22 133.06 -15.99
C THR VC 8 -43.41 132.68 -15.12
N LEU VC 9 -43.13 132.43 -13.85
CA LEU VC 9 -44.15 132.02 -12.91
C LEU VC 9 -44.57 133.23 -12.09
N GLY VC 10 -45.87 133.53 -12.08
CA GLY VC 10 -46.37 134.72 -11.41
C GLY VC 10 -46.50 134.54 -9.92
N ASN VC 11 -47.62 134.97 -9.37
CA ASN VC 11 -47.82 134.95 -7.92
C ASN VC 11 -47.35 133.63 -7.34
N ILE VC 12 -46.67 133.71 -6.19
CA ILE VC 12 -45.97 132.57 -5.64
C ILE VC 12 -45.68 132.88 -4.17
N GLY VC 13 -45.77 131.87 -3.31
CA GLY VC 13 -45.50 132.00 -1.90
C GLY VC 13 -46.80 132.03 -1.12
N LYS VC 14 -46.70 132.16 0.21
CA LYS VC 14 -47.94 132.11 0.98
C LYS VC 14 -48.83 133.27 0.60
N ASP VC 15 -48.31 134.49 0.70
CA ASP VC 15 -49.09 135.64 0.30
C ASP VC 15 -49.26 135.75 -1.20
N GLY VC 16 -48.49 134.97 -1.96
CA GLY VC 16 -48.59 134.99 -3.41
C GLY VC 16 -48.27 136.34 -4.02
N LYS VC 17 -47.02 136.79 -3.88
CA LYS VC 17 -46.59 137.99 -4.59
C LYS VC 17 -45.20 137.91 -5.19
N GLN VC 18 -44.43 136.86 -4.98
CA GLN VC 18 -43.16 136.75 -5.66
C GLN VC 18 -43.36 136.14 -7.04
N THR VC 19 -42.31 136.16 -7.84
CA THR VC 19 -42.34 135.59 -9.18
C THR VC 19 -41.00 134.94 -9.47
N LEU VC 20 -41.02 133.97 -10.38
CA LEU VC 20 -39.80 133.25 -10.76
C LEU VC 20 -39.62 133.32 -12.25
N VAL VC 21 -38.38 133.29 -12.69
CA VAL VC 21 -38.05 133.27 -14.11
C VAL VC 21 -36.99 132.20 -14.29
N LEU VC 22 -37.37 131.10 -14.94
CA LEU VC 22 -36.45 130.03 -15.29
C LEU VC 22 -36.08 130.19 -16.75
N ASN VC 23 -34.81 130.44 -17.02
CA ASN VC 23 -34.34 130.45 -18.38
C ASN VC 23 -34.03 129.03 -18.83
N PRO VC 24 -34.16 128.74 -20.12
CA PRO VC 24 -33.92 127.37 -20.59
C PRO VC 24 -32.43 127.10 -20.68
N ARG VC 25 -31.98 126.11 -19.95
CA ARG VC 25 -30.58 125.71 -20.01
C ARG VC 25 -30.34 124.80 -21.21
N GLY VC 26 -30.96 123.64 -21.22
CA GLY VC 26 -30.77 122.72 -22.30
C GLY VC 26 -31.52 121.43 -22.07
N VAL VC 27 -31.06 120.38 -22.73
CA VAL VC 27 -31.68 119.06 -22.61
C VAL VC 27 -30.57 118.02 -22.60
N ASN VC 28 -30.47 117.29 -21.52
CA ASN VC 28 -29.54 116.18 -21.50
C ASN VC 28 -30.11 115.04 -22.34
N PRO VC 29 -29.44 114.63 -23.41
CA PRO VC 29 -29.96 113.51 -24.20
C PRO VC 29 -29.91 112.21 -23.42
N THR VC 30 -28.84 112.06 -22.65
CA THR VC 30 -28.57 110.79 -21.98
C THR VC 30 -29.83 110.19 -21.39
N ASN VC 31 -30.76 111.02 -20.97
CA ASN VC 31 -32.03 110.58 -20.44
C ASN VC 31 -33.19 111.34 -21.06
N GLY VC 32 -32.91 112.19 -22.04
CA GLY VC 32 -33.95 112.99 -22.65
C GLY VC 32 -34.68 113.83 -21.62
N VAL VC 33 -33.96 114.73 -20.97
CA VAL VC 33 -34.53 115.51 -19.88
C VAL VC 33 -34.18 116.97 -20.06
N ALA VC 34 -35.20 117.80 -20.15
CA ALA VC 34 -34.98 119.24 -20.30
C ALA VC 34 -34.81 119.87 -18.92
N SER VC 35 -33.94 120.87 -18.86
CA SER VC 35 -33.58 121.54 -17.62
C SER VC 35 -33.87 123.04 -17.71
N LEU VC 36 -34.35 123.60 -16.61
CA LEU VC 36 -34.56 125.04 -16.51
C LEU VC 36 -33.99 125.50 -15.17
N SER VC 37 -33.42 126.70 -15.16
CA SER VC 37 -32.77 127.21 -13.98
C SER VC 37 -33.06 128.69 -13.84
N GLN VC 38 -33.11 129.17 -12.60
CA GLN VC 38 -33.22 130.60 -12.38
C GLN VC 38 -31.96 131.31 -12.84
N ALA VC 39 -32.08 132.58 -13.13
CA ALA VC 39 -30.91 133.35 -13.54
C ALA VC 39 -29.98 133.53 -12.35
N GLY VC 40 -28.74 133.16 -12.52
CA GLY VC 40 -27.76 133.24 -11.46
C GLY VC 40 -26.37 133.08 -12.01
N ALA VC 41 -25.42 132.81 -11.11
CA ALA VC 41 -24.06 132.52 -11.54
C ALA VC 41 -23.57 131.19 -10.99
N VAL VC 42 -23.80 130.94 -9.71
CA VAL VC 42 -23.19 129.77 -9.07
C VAL VC 42 -24.19 128.62 -9.16
N PRO VC 43 -23.82 127.51 -9.80
CA PRO VC 43 -24.81 126.43 -10.02
C PRO VC 43 -25.44 125.93 -8.75
N ALA VC 44 -24.68 125.81 -7.67
CA ALA VC 44 -25.20 125.20 -6.46
C ALA VC 44 -26.13 126.11 -5.67
N LEU VC 45 -26.47 127.29 -6.19
CA LEU VC 45 -27.38 128.21 -5.51
C LEU VC 45 -28.47 128.63 -6.45
N GLU VC 46 -29.10 127.63 -7.04
CA GLU VC 46 -29.96 127.79 -8.20
C GLU VC 46 -31.27 127.06 -8.02
N LYS VC 47 -32.38 127.75 -8.27
CA LYS VC 47 -33.67 127.08 -8.28
C LYS VC 47 -33.84 126.37 -9.61
N ARG VC 48 -34.01 125.05 -9.55
CA ARG VC 48 -33.87 124.18 -10.71
C ARG VC 48 -35.11 123.36 -10.96
N VAL VC 49 -35.36 123.06 -12.23
CA VAL VC 49 -36.51 122.28 -12.66
C VAL VC 49 -36.10 121.37 -13.79
N THR VC 50 -36.63 120.14 -13.77
CA THR VC 50 -36.36 119.18 -14.82
C THR VC 50 -37.66 118.54 -15.26
N VAL VC 51 -37.80 118.39 -16.57
CA VAL VC 51 -38.98 117.79 -17.17
C VAL VC 51 -38.54 116.63 -18.04
N SER VC 52 -39.27 115.53 -17.97
CA SER VC 52 -38.87 114.32 -18.65
C SER VC 52 -40.12 113.58 -19.09
N VAL VC 53 -40.09 113.00 -20.28
CA VAL VC 53 -41.21 112.22 -20.80
C VAL VC 53 -40.66 110.91 -21.33
N SER VC 54 -40.90 109.83 -20.60
CA SER VC 54 -40.40 108.52 -20.95
C SER VC 54 -41.46 107.77 -21.74
N GLN VC 55 -41.07 107.30 -22.93
CA GLN VC 55 -41.93 106.57 -23.82
C GLN VC 55 -42.08 105.13 -23.35
N PRO VC 56 -43.14 104.45 -23.78
CA PRO VC 56 -43.39 103.09 -23.30
C PRO VC 56 -42.40 102.13 -23.96
N SER VC 57 -41.47 101.63 -23.17
CA SER VC 57 -40.48 100.71 -23.67
C SER VC 57 -41.07 99.31 -23.78
N ARG VC 58 -40.28 98.38 -24.29
CA ARG VC 58 -40.68 96.98 -24.27
C ARG VC 58 -40.82 96.46 -22.85
N ASN VC 59 -40.28 97.19 -21.87
CA ASN VC 59 -40.30 96.76 -20.48
C ASN VC 59 -41.23 97.62 -19.61
N ARG VC 60 -41.88 98.62 -20.19
CA ARG VC 60 -42.80 99.44 -19.39
C ARG VC 60 -44.20 99.44 -19.96
N LYS VC 61 -44.31 99.73 -21.25
CA LYS VC 61 -45.61 99.83 -21.91
C LYS VC 61 -46.50 100.86 -21.22
N ASN VC 62 -45.91 101.98 -20.85
CA ASN VC 62 -46.66 103.04 -20.21
C ASN VC 62 -45.92 104.35 -20.34
N TYR VC 63 -46.65 105.41 -20.72
CA TYR VC 63 -46.05 106.73 -20.76
C TYR VC 63 -45.81 107.21 -19.34
N LYS VC 64 -44.62 107.77 -19.10
CA LYS VC 64 -44.30 108.37 -17.81
C LYS VC 64 -43.89 109.81 -18.04
N VAL VC 65 -44.23 110.69 -17.10
CA VAL VC 65 -43.76 112.06 -17.13
C VAL VC 65 -43.25 112.42 -15.75
N GLN VC 66 -42.00 112.84 -15.68
CA GLN VC 66 -41.33 113.20 -14.44
C GLN VC 66 -41.10 114.70 -14.42
N VAL VC 67 -41.55 115.36 -13.36
CA VAL VC 67 -41.24 116.76 -13.15
C VAL VC 67 -40.58 116.87 -11.79
N LYS VC 68 -39.36 117.37 -11.76
CA LYS VC 68 -38.58 117.46 -10.54
C LYS VC 68 -38.23 118.92 -10.28
N ILE VC 69 -38.53 119.38 -9.06
CA ILE VC 69 -38.30 120.75 -8.65
C ILE VC 69 -37.33 120.72 -7.48
N GLN VC 70 -36.34 121.62 -7.50
CA GLN VC 70 -35.34 121.65 -6.46
C GLN VC 70 -35.05 123.09 -6.09
N ASN VC 71 -35.06 123.38 -4.80
CA ASN VC 71 -34.79 124.72 -4.28
C ASN VC 71 -33.79 124.65 -3.15
N PRO VC 72 -32.54 125.02 -3.36
CA PRO VC 72 -31.60 125.13 -2.26
C PRO VC 72 -31.59 126.51 -1.64
N THR VC 73 -31.07 126.58 -0.43
CA THR VC 73 -31.04 127.81 0.33
C THR VC 73 -29.65 128.42 0.30
N ALA VC 74 -29.62 129.75 0.31
CA ALA VC 74 -28.34 130.46 0.25
C ALA VC 74 -27.55 130.27 1.53
N CYS VC 75 -28.12 130.68 2.66
CA CYS VC 75 -27.49 130.47 3.94
C CYS VC 75 -26.15 131.21 3.99
N THR VC 76 -26.19 132.48 3.58
CA THR VC 76 -24.97 133.28 3.47
C THR VC 76 -24.41 133.64 4.83
N ALA VC 77 -23.09 133.52 4.96
CA ALA VC 77 -22.39 133.82 6.21
C ALA VC 77 -21.82 135.23 6.17
N ASN VC 78 -21.52 135.76 7.36
CA ASN VC 78 -20.98 137.12 7.49
C ASN VC 78 -19.55 137.12 6.96
N GLY VC 79 -19.45 136.93 5.64
CA GLY VC 79 -18.20 137.04 4.92
C GLY VC 79 -17.53 135.69 4.75
N SER VC 80 -16.23 135.73 4.58
CA SER VC 80 -15.31 134.59 4.61
C SER VC 80 -15.39 133.70 3.38
N CYS VC 81 -16.51 133.69 2.67
CA CYS VC 81 -16.59 133.46 1.22
C CYS VC 81 -18.05 133.22 0.85
N ASP VC 82 -18.29 133.00 -0.44
CA ASP VC 82 -19.65 132.95 -0.95
C ASP VC 82 -20.50 131.97 -0.14
N PRO VC 83 -21.82 132.11 -0.23
CA PRO VC 83 -22.71 131.26 0.56
C PRO VC 83 -22.54 129.79 0.24
N SER VC 84 -23.25 128.97 0.98
CA SER VC 84 -23.14 127.53 0.91
C SER VC 84 -24.51 126.89 1.06
N VAL VC 85 -24.67 125.70 0.47
CA VAL VC 85 -25.94 125.00 0.55
C VAL VC 85 -26.01 124.22 1.86
N THR VC 86 -27.12 124.38 2.56
CA THR VC 86 -27.41 123.61 3.76
C THR VC 86 -28.83 123.10 3.83
N ARG VC 87 -29.62 123.34 2.79
CA ARG VC 87 -31.06 123.22 2.78
C ARG VC 87 -31.53 123.01 1.36
N GLN VC 88 -32.16 121.86 1.11
CA GLN VC 88 -32.63 121.51 -0.24
C GLN VC 88 -34.07 121.03 -0.16
N ALA VC 89 -34.99 121.80 -0.72
CA ALA VC 89 -36.36 121.36 -0.87
C ALA VC 89 -36.51 120.62 -2.18
N TYR VC 90 -36.97 119.37 -2.11
CA TYR VC 90 -37.23 118.54 -3.28
C TYR VC 90 -38.72 118.40 -3.52
N ALA VC 91 -39.08 118.24 -4.78
CA ALA VC 91 -40.43 117.85 -5.15
C ALA VC 91 -40.34 117.02 -6.42
N ASP VC 92 -41.13 115.95 -6.48
CA ASP VC 92 -41.09 115.01 -7.61
C ASP VC 92 -42.50 114.58 -7.96
N VAL VC 93 -42.93 114.89 -9.17
CA VAL VC 93 -44.24 114.52 -9.66
C VAL VC 93 -44.07 113.48 -10.75
N THR VC 94 -44.92 112.46 -10.72
CA THR VC 94 -44.77 111.30 -11.60
C THR VC 94 -46.14 111.00 -12.20
N PHE VC 95 -46.41 111.53 -13.39
CA PHE VC 95 -47.62 111.17 -14.10
C PHE VC 95 -47.42 109.87 -14.86
N SER VC 96 -48.44 109.03 -14.84
CA SER VC 96 -48.41 107.73 -15.51
C SER VC 96 -49.67 107.58 -16.35
N PHE VC 97 -49.51 107.22 -17.62
CA PHE VC 97 -50.66 107.02 -18.48
C PHE VC 97 -50.46 105.77 -19.33
N THR VC 98 -51.58 105.23 -19.79
CA THR VC 98 -51.57 104.05 -20.63
C THR VC 98 -51.55 104.41 -22.10
N GLN VC 99 -51.15 103.45 -22.91
CA GLN VC 99 -50.93 103.70 -24.32
C GLN VC 99 -52.19 104.20 -25.00
N TYR VC 100 -53.37 103.81 -24.49
CA TYR VC 100 -54.63 104.28 -25.02
C TYR VC 100 -55.15 105.51 -24.31
N SER VC 101 -54.38 106.08 -23.39
CA SER VC 101 -54.91 107.19 -22.62
C SER VC 101 -55.44 108.26 -23.55
N THR VC 102 -56.18 109.21 -22.98
CA THR VC 102 -56.65 110.35 -23.73
C THR VC 102 -56.19 111.65 -23.09
N ASP VC 103 -55.86 112.59 -23.95
CA ASP VC 103 -55.53 113.94 -23.51
C ASP VC 103 -56.62 114.51 -22.63
N GLU VC 104 -57.88 114.16 -22.88
CA GLU VC 104 -58.93 114.51 -21.93
C GLU VC 104 -58.50 114.18 -20.51
N GLU VC 105 -58.33 112.89 -20.21
CA GLU VC 105 -58.02 112.50 -18.84
C GLU VC 105 -56.68 113.06 -18.41
N ARG VC 106 -55.75 113.22 -19.34
CA ARG VC 106 -54.45 113.73 -18.94
C ARG VC 106 -54.56 115.15 -18.42
N ALA VC 107 -55.18 116.03 -19.20
CA ALA VC 107 -55.43 117.38 -18.70
C ALA VC 107 -56.25 117.33 -17.42
N PHE VC 108 -57.18 116.39 -17.35
CA PHE VC 108 -58.04 116.29 -16.19
C PHE VC 108 -57.23 116.05 -14.93
N VAL VC 109 -56.37 115.03 -14.97
CA VAL VC 109 -55.55 114.73 -13.81
C VAL VC 109 -54.62 115.90 -13.52
N ARG VC 110 -54.05 116.50 -14.56
CA ARG VC 110 -53.13 117.60 -14.34
C ARG VC 110 -53.80 118.70 -13.55
N THR VC 111 -54.95 119.15 -14.04
CA THR VC 111 -55.62 120.23 -13.36
C THR VC 111 -56.11 119.82 -11.97
N GLU VC 112 -56.47 118.55 -11.79
CA GLU VC 112 -56.85 118.13 -10.45
C GLU VC 112 -55.69 118.27 -9.49
N LEU VC 113 -54.52 117.84 -9.91
CA LEU VC 113 -53.37 117.95 -9.02
C LEU VC 113 -53.08 119.41 -8.74
N ALA VC 114 -53.20 120.28 -9.74
CA ALA VC 114 -52.99 121.70 -9.50
C ALA VC 114 -53.98 122.23 -8.47
N ALA VC 115 -55.27 122.00 -8.69
CA ALA VC 115 -56.27 122.53 -7.78
C ALA VC 115 -56.08 121.95 -6.38
N LEU VC 116 -55.63 120.71 -6.29
CA LEU VC 116 -55.46 120.11 -4.98
C LEU VC 116 -54.28 120.75 -4.26
N LEU VC 117 -53.19 121.02 -4.97
CA LEU VC 117 -52.10 121.78 -4.37
C LEU VC 117 -52.54 123.17 -3.94
N ALA VC 118 -53.58 123.70 -4.54
CA ALA VC 118 -54.12 124.97 -4.08
C ALA VC 118 -55.13 124.83 -2.94
N SER VC 119 -55.73 123.66 -2.78
CA SER VC 119 -56.80 123.50 -1.81
C SER VC 119 -56.27 123.63 -0.37
N PRO VC 120 -57.13 124.02 0.57
CA PRO VC 120 -56.66 124.18 1.94
C PRO VC 120 -56.01 122.93 2.50
N LEU VC 121 -56.45 121.76 2.07
CA LEU VC 121 -55.93 120.53 2.64
C LEU VC 121 -54.42 120.46 2.52
N LEU VC 122 -53.92 120.38 1.30
CA LEU VC 122 -52.48 120.25 1.18
C LEU VC 122 -51.76 121.50 1.66
N ILE VC 123 -52.47 122.64 1.73
CA ILE VC 123 -51.87 123.84 2.32
C ILE VC 123 -51.25 123.52 3.67
N ASP VC 124 -52.08 123.14 4.63
CA ASP VC 124 -51.53 122.87 5.95
C ASP VC 124 -50.86 121.51 6.00
N ALA VC 125 -51.15 120.63 5.04
CA ALA VC 125 -50.41 119.38 5.00
C ALA VC 125 -48.94 119.60 4.69
N ILE VC 126 -48.65 120.60 3.87
CA ILE VC 126 -47.28 120.85 3.43
C ILE VC 126 -46.68 121.93 4.31
N ASP VC 127 -47.23 123.13 4.21
CA ASP VC 127 -46.66 124.27 4.91
C ASP VC 127 -46.58 123.99 6.40
N GLN VC 128 -47.74 123.82 7.03
CA GLN VC 128 -47.76 123.47 8.43
C GLN VC 128 -47.22 122.08 8.68
N LEU VC 129 -47.12 121.25 7.64
CA LEU VC 129 -46.61 119.90 7.81
C LEU VC 129 -47.49 119.12 8.78
N ASN VC 130 -48.78 119.45 8.79
CA ASN VC 130 -49.74 118.83 9.69
C ASN VC 130 -50.29 117.57 9.04
N PRO VC 131 -50.19 116.41 9.69
CA PRO VC 131 -50.79 115.21 9.11
C PRO VC 131 -52.27 115.43 8.85
N ALA VC 132 -52.72 115.02 7.67
CA ALA VC 132 -54.12 115.17 7.35
C ALA VC 132 -54.92 114.40 8.39
N TYR VC 133 -55.64 115.15 9.21
CA TYR VC 133 -56.37 114.60 10.33
C TYR VC 133 -57.56 115.50 10.64
N ALA WC 2 -28.73 118.80 -37.12
CA ALA WC 2 -30.17 118.55 -37.40
C ALA WC 2 -30.98 118.68 -36.12
N LYS WC 3 -31.49 119.87 -35.84
CA LYS WC 3 -32.21 120.08 -34.60
C LYS WC 3 -33.70 119.75 -34.78
N LEU WC 4 -34.25 119.04 -33.81
CA LEU WC 4 -35.62 118.57 -33.90
C LEU WC 4 -36.57 119.73 -33.69
N GLU WC 5 -37.61 119.81 -34.52
CA GLU WC 5 -38.54 120.92 -34.47
C GLU WC 5 -39.90 120.45 -34.98
N THR WC 6 -40.91 121.28 -34.77
CA THR WC 6 -42.22 121.02 -35.33
C THR WC 6 -42.11 120.96 -36.84
N VAL WC 7 -42.40 119.80 -37.42
CA VAL WC 7 -42.23 119.64 -38.85
C VAL WC 7 -43.60 119.70 -39.48
N THR WC 8 -43.76 120.51 -40.50
CA THR WC 8 -45.05 120.70 -41.15
C THR WC 8 -44.93 120.26 -42.60
N LEU WC 9 -45.61 119.18 -42.93
CA LEU WC 9 -45.51 118.57 -44.24
C LEU WC 9 -46.80 118.91 -44.96
N GLY WC 10 -46.71 119.73 -46.01
CA GLY WC 10 -47.86 120.20 -46.74
C GLY WC 10 -47.98 119.55 -48.10
N ASN WC 11 -49.16 119.74 -48.71
CA ASN WC 11 -49.42 119.19 -50.03
C ASN WC 11 -49.26 117.67 -50.02
N ILE WC 12 -50.15 117.01 -49.27
CA ILE WC 12 -50.03 115.60 -48.96
C ILE WC 12 -51.31 114.90 -49.42
N GLY WC 13 -51.18 113.61 -49.72
CA GLY WC 13 -52.34 112.77 -49.97
C GLY WC 13 -52.58 112.53 -51.45
N LYS WC 14 -53.69 111.86 -51.73
CA LYS WC 14 -54.03 111.57 -53.12
C LYS WC 14 -54.18 112.85 -53.92
N ASP WC 15 -54.93 113.80 -53.40
CA ASP WC 15 -55.12 115.08 -54.07
C ASP WC 15 -54.08 116.11 -53.66
N GLY WC 16 -53.18 115.77 -52.73
CA GLY WC 16 -52.17 116.70 -52.32
C GLY WC 16 -52.75 117.92 -51.62
N LYS WC 17 -53.60 117.69 -50.63
CA LYS WC 17 -54.26 118.79 -49.95
C LYS WC 17 -54.18 118.76 -48.44
N GLN WC 18 -53.95 117.61 -47.81
CA GLN WC 18 -53.91 117.59 -46.36
C GLN WC 18 -52.57 118.13 -45.86
N THR WC 19 -52.43 118.17 -44.54
CA THR WC 19 -51.21 118.64 -43.92
C THR WC 19 -50.92 117.81 -42.68
N LEU WC 20 -49.64 117.64 -42.37
CA LEU WC 20 -49.21 116.86 -41.23
C LEU WC 20 -48.32 117.72 -40.35
N VAL WC 21 -48.57 117.71 -39.05
CA VAL WC 21 -47.76 118.46 -38.11
C VAL WC 21 -47.19 117.45 -37.12
N LEU WC 22 -45.90 117.18 -37.26
CA LEU WC 22 -45.23 116.18 -36.44
C LEU WC 22 -44.42 116.90 -35.37
N ASN WC 23 -44.66 116.54 -34.16
CA ASN WC 23 -43.90 117.12 -33.07
C ASN WC 23 -42.78 116.19 -32.65
N PRO WC 24 -41.70 116.74 -32.12
CA PRO WC 24 -40.56 115.90 -31.73
C PRO WC 24 -40.83 115.10 -30.47
N ARG WC 25 -40.35 113.86 -30.47
CA ARG WC 25 -40.49 112.97 -29.32
C ARG WC 25 -39.15 112.69 -28.65
N GLY WC 26 -38.13 113.50 -28.93
CA GLY WC 26 -36.85 113.30 -28.31
C GLY WC 26 -36.04 112.19 -28.99
N VAL WC 27 -35.13 111.61 -28.22
CA VAL WC 27 -34.21 110.61 -28.72
C VAL WC 27 -34.07 109.49 -27.71
N ASN WC 28 -33.99 108.28 -28.21
CA ASN WC 28 -33.73 107.13 -27.36
C ASN WC 28 -32.27 107.12 -26.92
N PRO WC 29 -31.97 107.01 -25.62
CA PRO WC 29 -30.58 106.91 -25.21
C PRO WC 29 -29.87 105.69 -25.74
N THR WC 30 -30.57 104.58 -25.94
CA THR WC 30 -29.91 103.35 -26.36
C THR WC 30 -29.73 103.28 -27.86
N ASN WC 31 -30.85 103.31 -28.59
CA ASN WC 31 -30.79 103.21 -30.04
C ASN WC 31 -30.29 104.49 -30.69
N GLY WC 32 -30.36 105.61 -29.97
CA GLY WC 32 -29.90 106.85 -30.54
C GLY WC 32 -30.67 107.19 -31.79
N VAL WC 33 -31.99 107.12 -31.71
CA VAL WC 33 -32.87 107.40 -32.84
C VAL WC 33 -33.93 108.40 -32.41
N ALA WC 34 -34.08 109.46 -33.18
CA ALA WC 34 -35.08 110.46 -32.86
C ALA WC 34 -36.42 110.01 -33.40
N SER WC 35 -37.48 110.53 -32.78
CA SER WC 35 -38.83 110.17 -33.18
C SER WC 35 -39.72 111.40 -33.13
N LEU WC 36 -40.72 111.42 -34.02
CA LEU WC 36 -41.69 112.48 -34.12
C LEU WC 36 -43.06 111.85 -34.19
N SER WC 37 -44.07 112.58 -33.75
CA SER WC 37 -45.43 112.04 -33.79
C SER WC 37 -46.41 113.16 -34.09
N GLN WC 38 -47.55 112.77 -34.66
CA GLN WC 38 -48.60 113.74 -34.90
C GLN WC 38 -49.37 114.00 -33.62
N ALA WC 39 -49.73 115.26 -33.43
CA ALA WC 39 -50.56 115.62 -32.30
C ALA WC 39 -51.89 114.91 -32.41
N GLY WC 40 -52.34 114.30 -31.32
CA GLY WC 40 -53.61 113.60 -31.34
C GLY WC 40 -54.12 113.44 -29.93
N ALA WC 41 -55.29 112.81 -29.83
CA ALA WC 41 -55.90 112.53 -28.53
C ALA WC 41 -55.34 111.25 -27.94
N VAL WC 42 -55.32 110.17 -28.70
CA VAL WC 42 -54.85 108.88 -28.23
C VAL WC 42 -53.47 108.63 -28.84
N PRO WC 43 -52.40 108.66 -28.06
CA PRO WC 43 -51.08 108.47 -28.66
C PRO WC 43 -50.95 107.18 -29.41
N ALA WC 44 -51.75 106.17 -29.09
CA ALA WC 44 -51.68 104.94 -29.85
C ALA WC 44 -52.10 105.13 -31.30
N LEU WC 45 -52.80 106.22 -31.60
CA LEU WC 45 -53.32 106.48 -32.93
C LEU WC 45 -52.59 107.65 -33.59
N GLU WC 46 -51.35 107.89 -33.20
CA GLU WC 46 -50.60 109.03 -33.73
C GLU WC 46 -49.67 108.55 -34.84
N LYS WC 47 -49.63 109.31 -35.92
CA LYS WC 47 -48.71 109.04 -37.00
C LYS WC 47 -47.29 109.22 -36.47
N ARG WC 48 -46.47 108.17 -36.52
CA ARG WC 48 -45.13 108.22 -35.98
C ARG WC 48 -44.10 108.17 -37.10
N VAL WC 49 -42.97 108.83 -36.87
CA VAL WC 49 -41.88 108.87 -37.85
C VAL WC 49 -40.55 108.88 -37.13
N THR WC 50 -39.67 107.95 -37.48
CA THR WC 50 -38.39 107.80 -36.80
C THR WC 50 -37.23 108.09 -37.75
N VAL WC 51 -36.14 108.60 -37.17
CA VAL WC 51 -34.96 108.97 -37.92
C VAL WC 51 -33.74 108.48 -37.16
N SER WC 52 -32.83 107.80 -37.85
CA SER WC 52 -31.60 107.31 -37.25
C SER WC 52 -30.41 107.66 -38.12
N VAL WC 53 -29.32 108.05 -37.47
CA VAL WC 53 -28.08 108.34 -38.16
C VAL WC 53 -26.95 107.55 -37.52
N SER WC 54 -26.74 106.33 -37.98
CA SER WC 54 -25.72 105.50 -37.36
C SER WC 54 -24.34 106.01 -37.68
N GLN WC 55 -23.46 105.93 -36.69
CA GLN WC 55 -22.06 106.23 -36.91
C GLN WC 55 -21.39 105.07 -37.62
N PRO WC 56 -20.26 105.31 -38.27
CA PRO WC 56 -19.61 104.25 -39.03
C PRO WC 56 -19.20 103.08 -38.16
N SER WC 57 -19.31 101.87 -38.71
CA SER WC 57 -18.96 100.65 -37.98
C SER WC 57 -17.46 100.45 -37.98
N ARG WC 58 -17.02 99.25 -37.61
CA ARG WC 58 -15.59 98.96 -37.55
C ARG WC 58 -15.08 98.40 -38.87
N ASN WC 59 -13.98 98.98 -39.36
CA ASN WC 59 -13.18 98.38 -40.42
C ASN WC 59 -13.85 98.40 -41.79
N ARG WC 60 -15.10 98.88 -41.85
CA ARG WC 60 -15.76 99.14 -43.12
C ARG WC 60 -16.47 100.49 -43.10
N LYS WC 61 -17.07 100.83 -41.97
CA LYS WC 61 -17.54 102.16 -41.59
C LYS WC 61 -18.81 102.64 -42.31
N ASN WC 62 -19.07 102.22 -43.55
CA ASN WC 62 -20.43 102.13 -44.07
C ASN WC 62 -21.48 103.08 -43.49
N TYR WC 63 -21.36 104.40 -43.63
CA TYR WC 63 -22.38 105.31 -43.09
C TYR WC 63 -23.77 104.81 -43.40
N LYS WC 64 -24.66 104.84 -42.41
CA LYS WC 64 -26.00 104.30 -42.55
C LYS WC 64 -27.02 105.23 -41.92
N VAL WC 65 -28.18 105.33 -42.56
CA VAL WC 65 -29.28 106.15 -42.06
C VAL WC 65 -30.60 105.43 -42.30
N GLN WC 66 -31.49 105.49 -41.31
CA GLN WC 66 -32.80 104.87 -41.42
C GLN WC 66 -33.90 105.88 -41.16
N VAL WC 67 -35.04 105.64 -41.79
CA VAL WC 67 -36.22 106.49 -41.64
C VAL WC 67 -37.44 105.57 -41.63
N LYS WC 68 -38.11 105.47 -40.50
CA LYS WC 68 -39.25 104.57 -40.35
C LYS WC 68 -40.50 105.40 -40.15
N ILE WC 69 -41.47 105.21 -41.04
CA ILE WC 69 -42.78 105.81 -40.93
C ILE WC 69 -43.74 104.72 -40.52
N GLN WC 70 -44.45 104.91 -39.42
CA GLN WC 70 -45.56 104.06 -39.05
C GLN WC 70 -46.83 104.87 -39.00
N ASN WC 71 -47.82 104.43 -39.74
CA ASN WC 71 -49.13 105.08 -39.80
C ASN WC 71 -50.19 104.12 -39.28
N PRO WC 72 -50.79 104.35 -38.13
CA PRO WC 72 -51.79 103.44 -37.61
C PRO WC 72 -53.20 103.84 -38.03
N THR WC 73 -54.12 102.90 -37.83
CA THR WC 73 -55.54 103.17 -37.98
C THR WC 73 -56.32 102.13 -37.19
N ALA WC 74 -57.25 102.61 -36.37
CA ALA WC 74 -58.04 101.76 -35.52
C ALA WC 74 -59.49 101.77 -36.01
N CYS WC 75 -60.31 100.89 -35.44
CA CYS WC 75 -61.73 100.91 -35.74
C CYS WC 75 -62.45 100.39 -34.49
N THR WC 76 -63.01 101.31 -33.71
CA THR WC 76 -63.65 100.92 -32.46
C THR WC 76 -64.78 99.95 -32.73
N ALA WC 77 -64.65 98.75 -32.19
CA ALA WC 77 -65.66 97.72 -32.39
C ALA WC 77 -66.84 97.95 -31.45
N ASN WC 78 -67.95 97.29 -31.78
CA ASN WC 78 -69.16 97.43 -30.98
C ASN WC 78 -68.93 96.93 -29.57
N GLY WC 79 -69.21 97.78 -28.58
CA GLY WC 79 -69.14 97.40 -27.19
C GLY WC 79 -67.79 97.56 -26.55
N SER WC 80 -66.76 97.89 -27.31
CA SER WC 80 -65.43 98.12 -26.77
C SER WC 80 -65.18 99.62 -26.72
N CYS WC 81 -64.75 100.10 -25.56
CA CYS WC 81 -64.53 101.53 -25.36
C CYS WC 81 -63.10 101.94 -25.64
N ASP WC 82 -62.45 101.25 -26.55
CA ASP WC 82 -61.07 101.54 -26.88
C ASP WC 82 -60.83 101.39 -28.38
N PRO WC 83 -60.50 102.45 -29.08
CA PRO WC 83 -60.23 102.29 -30.52
C PRO WC 83 -58.99 101.44 -30.74
N SER WC 84 -59.16 100.14 -30.58
CA SER WC 84 -58.09 99.19 -30.82
C SER WC 84 -57.51 99.36 -32.21
N VAL WC 85 -56.20 99.49 -32.28
CA VAL WC 85 -55.53 99.64 -33.56
C VAL WC 85 -55.61 98.33 -34.31
N THR WC 86 -56.22 98.36 -35.50
CA THR WC 86 -56.41 97.15 -36.28
C THR WC 86 -55.74 97.21 -37.63
N ARG WC 87 -54.98 98.27 -37.93
CA ARG WC 87 -54.30 98.32 -39.22
C ARG WC 87 -53.09 99.22 -39.10
N GLN WC 88 -52.00 98.83 -39.76
CA GLN WC 88 -50.76 99.58 -39.71
C GLN WC 88 -50.14 99.65 -41.09
N ALA WC 89 -49.57 100.80 -41.42
CA ALA WC 89 -48.77 100.98 -42.63
C ALA WC 89 -47.33 101.29 -42.23
N TYR WC 90 -46.38 100.62 -42.87
CA TYR WC 90 -44.97 100.75 -42.53
C TYR WC 90 -44.19 101.16 -43.77
N ALA WC 91 -43.31 102.15 -43.61
CA ALA WC 91 -42.43 102.57 -44.69
C ALA WC 91 -41.03 102.70 -44.11
N ASP WC 92 -40.11 101.86 -44.56
CA ASP WC 92 -38.75 101.84 -44.05
C ASP WC 92 -37.83 102.27 -45.18
N VAL WC 93 -37.08 103.34 -44.96
CA VAL WC 93 -36.10 103.82 -45.91
C VAL WC 93 -34.72 103.66 -45.29
N THR WC 94 -33.77 103.19 -46.08
CA THR WC 94 -32.42 102.92 -45.58
C THR WC 94 -31.42 103.44 -46.61
N PHE WC 95 -30.63 104.42 -46.21
CA PHE WC 95 -29.56 104.95 -47.02
C PHE WC 95 -28.23 104.44 -46.51
N SER WC 96 -27.35 104.07 -47.44
CA SER WC 96 -26.01 103.61 -47.11
C SER WC 96 -25.00 104.34 -47.98
N PHE WC 97 -24.00 104.93 -47.34
CA PHE WC 97 -22.98 105.70 -48.02
C PHE WC 97 -21.60 105.26 -47.58
N THR WC 98 -20.61 105.57 -48.42
CA THR WC 98 -19.23 105.26 -48.10
C THR WC 98 -18.63 106.33 -47.21
N GLN WC 99 -17.57 105.95 -46.52
CA GLN WC 99 -16.82 106.90 -45.72
C GLN WC 99 -16.28 108.03 -46.57
N TYR WC 100 -16.10 107.81 -47.86
CA TYR WC 100 -15.64 108.85 -48.77
C TYR WC 100 -16.79 109.52 -49.50
N SER WC 101 -18.03 109.21 -49.13
CA SER WC 101 -19.20 109.82 -49.72
C SER WC 101 -19.11 111.34 -49.63
N THR WC 102 -19.93 112.02 -50.42
CA THR WC 102 -19.97 113.47 -50.42
C THR WC 102 -21.40 113.98 -50.47
N ASP WC 103 -21.59 115.20 -49.97
CA ASP WC 103 -22.90 115.81 -50.04
C ASP WC 103 -23.46 115.74 -51.45
N GLU WC 104 -22.60 115.92 -52.45
CA GLU WC 104 -23.01 115.84 -53.84
C GLU WC 104 -23.90 114.62 -54.05
N GLU WC 105 -23.31 113.45 -53.89
CA GLU WC 105 -24.07 112.22 -54.11
C GLU WC 105 -25.20 112.11 -53.11
N ARG WC 106 -24.97 112.46 -51.86
CA ARG WC 106 -25.99 112.21 -50.85
C ARG WC 106 -27.29 112.92 -51.21
N ALA WC 107 -27.22 114.22 -51.46
CA ALA WC 107 -28.46 114.93 -51.75
C ALA WC 107 -28.99 114.57 -53.13
N PHE WC 108 -28.10 114.23 -54.07
CA PHE WC 108 -28.62 113.80 -55.35
C PHE WC 108 -29.47 112.54 -55.17
N VAL WC 109 -29.00 111.62 -54.33
CA VAL WC 109 -29.76 110.42 -54.03
C VAL WC 109 -31.09 110.79 -53.37
N ARG WC 110 -31.05 111.72 -52.41
CA ARG WC 110 -32.29 112.20 -51.83
C ARG WC 110 -33.29 112.49 -52.91
N THR WC 111 -33.01 113.52 -53.68
CA THR WC 111 -34.03 114.06 -54.55
C THR WC 111 -34.36 113.06 -55.64
N GLU WC 112 -33.43 112.16 -55.95
CA GLU WC 112 -33.76 111.05 -56.83
C GLU WC 112 -34.89 110.25 -56.24
N LEU WC 113 -34.75 109.85 -54.99
CA LEU WC 113 -35.78 109.04 -54.37
C LEU WC 113 -37.08 109.81 -54.27
N ALA WC 114 -36.99 111.10 -53.93
CA ALA WC 114 -38.20 111.91 -53.78
C ALA WC 114 -38.92 112.04 -55.11
N ALA WC 115 -38.18 112.36 -56.16
CA ALA WC 115 -38.77 112.47 -57.47
C ALA WC 115 -39.40 111.15 -57.89
N LEU WC 116 -38.76 110.04 -57.61
CA LEU WC 116 -39.39 108.76 -57.94
C LEU WC 116 -40.70 108.61 -57.19
N LEU WC 117 -40.71 108.90 -55.90
CA LEU WC 117 -41.97 108.83 -55.17
C LEU WC 117 -43.01 109.75 -55.75
N ALA WC 118 -42.60 110.79 -56.46
CA ALA WC 118 -43.54 111.64 -57.17
C ALA WC 118 -43.94 111.10 -58.53
N SER WC 119 -43.11 110.26 -59.13
CA SER WC 119 -43.29 109.87 -60.53
C SER WC 119 -44.47 108.94 -60.71
N PRO WC 120 -45.01 108.86 -61.92
CA PRO WC 120 -46.11 107.92 -62.17
C PRO WC 120 -45.74 106.50 -61.86
N LEU WC 121 -44.47 106.13 -62.06
CA LEU WC 121 -44.07 104.75 -61.82
C LEU WC 121 -44.44 104.32 -60.41
N LEU WC 122 -43.78 104.90 -59.41
CA LEU WC 122 -44.03 104.44 -58.06
C LEU WC 122 -45.45 104.79 -57.63
N ILE WC 123 -46.03 105.83 -58.20
CA ILE WC 123 -47.41 106.17 -57.88
C ILE WC 123 -48.31 104.96 -58.07
N ASP WC 124 -48.36 104.45 -59.29
CA ASP WC 124 -49.22 103.30 -59.53
C ASP WC 124 -48.58 102.02 -59.02
N ALA WC 125 -47.31 102.06 -58.65
CA ALA WC 125 -46.69 100.91 -58.00
C ALA WC 125 -47.22 100.70 -56.60
N ILE WC 126 -47.41 101.78 -55.85
CA ILE WC 126 -47.83 101.71 -54.46
C ILE WC 126 -49.33 101.92 -54.34
N ASP WC 127 -49.82 103.07 -54.83
CA ASP WC 127 -51.20 103.44 -54.61
C ASP WC 127 -52.15 102.37 -55.12
N GLN WC 128 -51.92 101.87 -56.33
CA GLN WC 128 -52.74 100.82 -56.91
C GLN WC 128 -52.06 99.46 -56.83
N LEU WC 129 -50.84 99.41 -56.31
CA LEU WC 129 -50.16 98.17 -55.99
C LEU WC 129 -49.95 97.35 -57.26
N ASN WC 130 -49.54 98.03 -58.31
CA ASN WC 130 -49.36 97.38 -59.60
C ASN WC 130 -47.91 97.02 -59.77
N PRO WC 131 -47.52 95.75 -59.75
CA PRO WC 131 -46.13 95.43 -60.09
C PRO WC 131 -45.80 95.94 -61.49
N ALA WC 132 -44.67 96.60 -61.60
CA ALA WC 132 -44.35 97.29 -62.84
C ALA WC 132 -43.92 96.29 -63.89
N TYR WC 133 -44.45 96.45 -65.09
CA TYR WC 133 -44.02 95.64 -66.21
C TYR WC 133 -44.27 96.34 -67.54
N ALA XC 2 -84.83 61.66 -81.50
CA ALA XC 2 -85.20 60.28 -81.06
C ALA XC 2 -86.14 60.32 -79.86
N LYS XC 3 -87.29 60.97 -80.03
CA LYS XC 3 -88.22 61.09 -78.92
C LYS XC 3 -88.83 59.72 -78.58
N LEU XC 4 -89.09 59.53 -77.30
CA LEU XC 4 -89.64 58.28 -76.78
C LEU XC 4 -91.15 58.40 -76.68
N GLU XC 5 -91.86 57.44 -77.26
CA GLU XC 5 -93.31 57.47 -77.22
C GLU XC 5 -93.84 56.10 -77.62
N THR XC 6 -95.17 56.00 -77.71
CA THR XC 6 -95.82 54.75 -78.06
C THR XC 6 -95.53 54.39 -79.51
N VAL XC 7 -95.18 53.14 -79.73
CA VAL XC 7 -94.86 52.62 -81.05
C VAL XC 7 -95.87 51.52 -81.38
N THR XC 8 -96.49 51.63 -82.54
CA THR XC 8 -97.53 50.71 -82.98
C THR XC 8 -97.00 49.92 -84.18
N LEU XC 9 -96.43 48.76 -83.90
CA LEU XC 9 -95.88 47.90 -84.94
C LEU XC 9 -97.01 47.04 -85.49
N GLY XC 10 -97.44 47.33 -86.71
CA GLY XC 10 -98.54 46.61 -87.32
C GLY XC 10 -98.07 45.67 -88.41
N ASN XC 11 -98.96 44.79 -88.88
CA ASN XC 11 -98.61 43.82 -89.92
C ASN XC 11 -97.47 42.94 -89.45
N ILE XC 12 -97.75 42.19 -88.39
CA ILE XC 12 -96.75 41.47 -87.63
C ILE XC 12 -97.18 40.00 -87.57
N GLY XC 13 -96.24 39.13 -87.89
CA GLY XC 13 -96.46 37.71 -87.82
C GLY XC 13 -96.14 37.05 -89.13
N LYS XC 14 -96.60 35.81 -89.27
CA LYS XC 14 -96.33 35.08 -90.52
C LYS XC 14 -97.31 35.54 -91.57
N ASP XC 15 -98.57 35.64 -91.19
CA ASP XC 15 -99.56 36.28 -92.03
C ASP XC 15 -99.52 37.79 -91.89
N GLY XC 16 -98.74 38.32 -90.97
CA GLY XC 16 -98.64 39.75 -90.81
C GLY XC 16 -99.97 40.39 -90.43
N LYS XC 17 -100.59 39.88 -89.37
CA LYS XC 17 -101.90 40.35 -88.94
C LYS XC 17 -101.93 40.88 -87.52
N GLN XC 18 -101.01 40.49 -86.64
CA GLN XC 18 -101.06 40.98 -85.27
C GLN XC 18 -100.40 42.35 -85.17
N THR XC 19 -100.46 42.90 -83.97
CA THR XC 19 -100.02 44.26 -83.71
C THR XC 19 -99.40 44.32 -82.33
N LEU XC 20 -98.35 45.13 -82.20
CA LEU XC 20 -97.64 45.28 -80.94
C LEU XC 20 -97.61 46.75 -80.56
N VAL XC 21 -98.07 47.04 -79.35
CA VAL XC 21 -98.10 48.38 -78.81
C VAL XC 21 -97.01 48.45 -77.75
N LEU XC 22 -95.99 49.25 -78.00
CA LEU XC 22 -94.87 49.40 -77.09
C LEU XC 22 -94.91 50.78 -76.46
N ASN XC 23 -95.04 50.83 -75.18
CA ASN XC 23 -94.99 52.07 -74.43
C ASN XC 23 -93.59 52.33 -73.92
N PRO XC 24 -93.28 53.61 -73.72
CA PRO XC 24 -91.94 54.00 -73.29
C PRO XC 24 -91.70 53.69 -71.83
N ARG XC 25 -90.44 53.73 -71.46
CA ARG XC 25 -90.02 53.51 -70.09
C ARG XC 25 -89.00 54.56 -69.72
N GLY XC 26 -88.23 54.33 -68.66
CA GLY XC 26 -87.14 55.20 -68.28
C GLY XC 26 -85.88 54.80 -69.03
N VAL XC 27 -85.03 55.79 -69.31
CA VAL XC 27 -83.77 55.55 -70.00
C VAL XC 27 -82.69 55.31 -68.95
N ASN XC 28 -82.12 54.12 -68.94
CA ASN XC 28 -81.18 53.71 -67.90
C ASN XC 28 -80.04 54.70 -67.72
N PRO XC 29 -80.00 55.44 -66.61
CA PRO XC 29 -78.87 56.35 -66.40
C PRO XC 29 -77.53 55.67 -66.48
N THR XC 30 -77.40 54.47 -65.91
CA THR XC 30 -76.08 53.90 -65.73
C THR XC 30 -75.40 53.58 -67.05
N ASN XC 31 -76.15 53.43 -68.13
CA ASN XC 31 -75.53 53.20 -69.43
C ASN XC 31 -76.24 53.93 -70.57
N GLY XC 32 -77.24 54.74 -70.30
CA GLY XC 32 -77.89 55.48 -71.36
C GLY XC 32 -78.57 54.58 -72.37
N VAL XC 33 -79.64 53.90 -71.94
CA VAL XC 33 -80.39 53.01 -72.82
C VAL XC 33 -81.86 53.30 -72.60
N ALA XC 34 -82.58 53.60 -73.69
CA ALA XC 34 -84.02 53.77 -73.58
C ALA XC 34 -84.72 52.44 -73.83
N SER XC 35 -85.93 52.29 -73.29
CA SER XC 35 -86.60 51.01 -73.37
C SER XC 35 -88.09 51.17 -73.61
N LEU XC 36 -88.63 50.16 -74.29
CA LEU XC 36 -90.03 50.04 -74.65
C LEU XC 36 -90.53 48.69 -74.15
N SER XC 37 -91.80 48.64 -73.79
CA SER XC 37 -92.36 47.39 -73.32
C SER XC 37 -93.81 47.29 -73.76
N GLN XC 38 -94.32 46.06 -73.78
CA GLN XC 38 -95.66 45.78 -74.26
C GLN XC 38 -96.64 46.71 -73.55
N ALA XC 39 -97.80 46.93 -74.15
CA ALA XC 39 -98.78 47.85 -73.57
C ALA XC 39 -99.04 47.56 -72.09
N GLY XC 40 -98.79 46.35 -71.64
CA GLY XC 40 -99.09 45.94 -70.29
C GLY XC 40 -100.25 44.97 -70.25
N ALA XC 41 -100.61 44.57 -69.03
CA ALA XC 41 -99.97 45.06 -67.82
C ALA XC 41 -98.69 44.28 -67.51
N VAL XC 42 -98.85 43.01 -67.12
CA VAL XC 42 -97.68 42.21 -66.77
C VAL XC 42 -96.74 42.10 -67.95
N PRO XC 43 -97.19 41.90 -69.19
CA PRO XC 43 -96.25 41.82 -70.29
C PRO XC 43 -95.40 43.07 -70.44
N ALA XC 44 -95.79 44.18 -69.80
CA ALA XC 44 -94.90 45.34 -69.70
C ALA XC 44 -93.62 44.98 -68.96
N LEU XC 45 -93.71 44.05 -68.02
CA LEU XC 45 -92.54 43.45 -67.39
C LEU XC 45 -92.20 42.08 -67.98
N GLU XC 46 -92.54 41.83 -69.25
CA GLU XC 46 -92.03 40.66 -69.96
C GLU XC 46 -91.40 41.00 -71.31
N LYS XC 47 -92.13 41.69 -72.20
CA LYS XC 47 -91.57 42.06 -73.49
C LYS XC 47 -90.72 43.32 -73.39
N ARG XC 48 -89.56 43.30 -74.03
CA ARG XC 48 -88.59 44.39 -73.88
C ARG XC 48 -88.00 44.76 -75.23
N VAL XC 49 -87.72 46.06 -75.39
CA VAL XC 49 -87.08 46.58 -76.58
C VAL XC 49 -86.17 47.72 -76.14
N THR XC 50 -84.86 47.53 -76.22
CA THR XC 50 -83.92 48.52 -75.76
C THR XC 50 -83.15 49.14 -76.91
N VAL XC 51 -82.88 50.43 -76.81
CA VAL XC 51 -82.20 51.22 -77.82
C VAL XC 51 -81.05 51.95 -77.16
N SER XC 52 -79.89 51.94 -77.81
CA SER XC 52 -78.68 52.54 -77.26
C SER XC 52 -77.87 53.19 -78.37
N VAL XC 53 -77.30 54.35 -78.07
CA VAL XC 53 -76.56 55.16 -79.03
C VAL XC 53 -75.26 55.55 -78.35
N SER XC 54 -74.22 54.73 -78.55
CA SER XC 54 -72.94 55.01 -77.93
C SER XC 54 -72.09 55.86 -78.87
N GLN XC 55 -71.61 56.98 -78.35
CA GLN XC 55 -70.86 57.94 -79.14
C GLN XC 55 -69.37 57.63 -79.10
N PRO XC 56 -68.59 58.23 -79.99
CA PRO XC 56 -67.16 57.96 -80.02
C PRO XC 56 -66.47 58.33 -78.71
N SER XC 57 -65.37 57.63 -78.45
CA SER XC 57 -64.51 57.95 -77.33
C SER XC 57 -63.22 57.15 -77.44
N ARG XC 58 -62.45 57.13 -76.37
CA ARG XC 58 -61.16 56.45 -76.42
C ARG XC 58 -61.32 54.99 -76.81
N ASN XC 59 -62.47 54.37 -76.53
CA ASN XC 59 -62.69 53.00 -76.91
C ASN XC 59 -63.53 52.86 -78.18
N ARG XC 60 -64.65 53.58 -78.28
CA ARG XC 60 -65.42 53.56 -79.52
C ARG XC 60 -65.10 54.78 -80.38
N LYS XC 61 -65.23 54.63 -81.71
CA LYS XC 61 -64.50 55.52 -82.61
C LYS XC 61 -65.30 56.36 -83.62
N ASN XC 62 -66.12 55.82 -84.53
CA ASN XC 62 -66.94 54.59 -84.52
C ASN XC 62 -68.11 54.61 -83.54
N TYR XC 63 -69.11 55.43 -83.88
CA TYR XC 63 -70.42 55.39 -83.25
C TYR XC 63 -71.03 53.99 -83.33
N LYS XC 64 -71.77 53.62 -82.28
CA LYS XC 64 -72.32 52.28 -82.14
C LYS XC 64 -73.79 52.37 -81.74
N VAL XC 65 -74.68 51.91 -82.59
CA VAL XC 65 -76.11 51.89 -82.28
C VAL XC 65 -76.51 50.44 -82.03
N GLN XC 66 -77.03 50.18 -80.83
CA GLN XC 66 -77.41 48.85 -80.40
C GLN XC 66 -78.92 48.80 -80.19
N VAL XC 67 -79.55 47.74 -80.70
CA VAL XC 67 -80.99 47.57 -80.60
C VAL XC 67 -81.24 46.14 -80.16
N LYS XC 68 -81.77 45.95 -78.96
CA LYS XC 68 -82.04 44.63 -78.42
C LYS XC 68 -83.54 44.42 -78.28
N ILE XC 69 -83.99 43.20 -78.56
CA ILE XC 69 -85.38 42.83 -78.41
C ILE XC 69 -85.43 41.53 -77.63
N GLN XC 70 -86.32 41.47 -76.64
CA GLN XC 70 -86.50 40.29 -75.78
C GLN XC 70 -87.98 39.94 -75.76
N ASN XC 71 -88.29 38.71 -76.13
CA ASN XC 71 -89.65 38.16 -76.02
C ASN XC 71 -89.58 36.90 -75.19
N PRO XC 72 -89.91 36.94 -73.92
CA PRO XC 72 -90.06 35.71 -73.16
C PRO XC 72 -91.46 35.13 -73.26
N THR XC 73 -91.58 33.92 -73.79
CA THR XC 73 -92.86 33.22 -73.79
C THR XC 73 -92.98 32.38 -72.52
N ALA XC 74 -94.15 32.46 -71.89
CA ALA XC 74 -94.40 31.85 -70.60
C ALA XC 74 -95.66 31.01 -70.68
N CYS XC 75 -95.89 30.24 -69.63
CA CYS XC 75 -97.11 29.46 -69.51
C CYS XC 75 -97.42 29.26 -68.04
N THR XC 76 -98.65 28.82 -67.77
CA THR XC 76 -99.08 28.49 -66.43
C THR XC 76 -99.40 27.01 -66.38
N ALA XC 77 -98.66 26.27 -65.55
CA ALA XC 77 -98.97 24.87 -65.34
C ALA XC 77 -100.39 24.76 -64.78
N ASN XC 78 -101.06 23.67 -65.16
CA ASN XC 78 -102.43 23.50 -64.70
C ASN XC 78 -102.44 23.20 -63.21
N GLY XC 79 -102.77 24.22 -62.42
CA GLY XC 79 -102.76 24.13 -60.98
C GLY XC 79 -102.11 25.36 -60.38
N SER XC 80 -101.09 25.89 -61.06
CA SER XC 80 -100.47 27.14 -60.65
C SER XC 80 -101.26 28.32 -61.19
N CYS XC 81 -101.01 29.49 -60.62
CA CYS XC 81 -101.73 30.70 -60.98
C CYS XC 81 -100.81 31.69 -61.67
N ASP XC 82 -99.70 32.05 -61.07
CA ASP XC 82 -98.82 33.01 -61.69
C ASP XC 82 -98.00 32.33 -62.79
N PRO XC 83 -98.06 32.82 -64.03
CA PRO XC 83 -97.32 32.16 -65.11
C PRO XC 83 -95.80 32.32 -64.98
N SER XC 84 -95.10 31.30 -65.43
CA SER XC 84 -93.64 31.28 -65.41
C SER XC 84 -93.09 31.19 -66.82
N VAL XC 85 -91.92 31.78 -67.03
CA VAL XC 85 -91.34 31.90 -68.36
C VAL XC 85 -90.72 30.58 -68.76
N THR XC 86 -91.17 30.04 -69.89
CA THR XC 86 -90.68 28.75 -70.34
C THR XC 86 -89.64 28.86 -71.45
N ARG XC 87 -89.71 29.89 -72.28
CA ARG XC 87 -88.72 30.10 -73.32
C ARG XC 87 -88.46 31.58 -73.44
N GLN XC 88 -87.30 31.93 -74.00
CA GLN XC 88 -86.91 33.33 -74.10
C GLN XC 88 -86.25 33.53 -75.45
N ALA XC 89 -86.98 34.12 -76.40
CA ALA XC 89 -86.42 34.50 -77.68
C ALA XC 89 -85.86 35.91 -77.57
N TYR XC 90 -84.86 36.21 -78.38
CA TYR XC 90 -84.27 37.53 -78.31
C TYR XC 90 -83.25 37.72 -79.41
N ALA XC 91 -83.08 38.97 -79.81
CA ALA XC 91 -82.22 39.32 -80.93
C ALA XC 91 -81.58 40.68 -80.70
N ASP XC 92 -80.43 40.89 -81.35
CA ASP XC 92 -79.62 42.09 -81.14
C ASP XC 92 -79.07 42.57 -82.47
N VAL XC 93 -79.24 43.85 -82.74
CA VAL XC 93 -78.71 44.50 -83.93
C VAL XC 93 -77.66 45.51 -83.49
N THR XC 94 -76.57 45.59 -84.25
CA THR XC 94 -75.44 46.44 -83.88
C THR XC 94 -74.93 47.12 -85.13
N PHE XC 95 -75.25 48.40 -85.29
CA PHE XC 95 -74.70 49.20 -86.37
C PHE XC 95 -73.45 49.92 -85.88
N SER XC 96 -72.38 49.83 -86.64
CA SER XC 96 -71.14 50.53 -86.33
C SER XC 96 -70.88 51.50 -87.48
N PHE XC 97 -71.10 52.79 -87.23
CA PHE XC 97 -70.82 53.82 -88.21
C PHE XC 97 -69.56 54.57 -87.83
N THR XC 98 -68.94 55.17 -88.84
CA THR XC 98 -67.73 55.95 -88.63
C THR XC 98 -68.08 57.41 -88.39
N GLN XC 99 -67.11 58.11 -87.79
CA GLN XC 99 -67.31 59.53 -87.50
C GLN XC 99 -67.72 60.28 -88.75
N TYR XC 100 -67.12 59.94 -89.88
CA TYR XC 100 -67.44 60.54 -91.16
C TYR XC 100 -68.63 59.90 -91.85
N SER XC 101 -69.40 59.09 -91.13
CA SER XC 101 -70.59 58.50 -91.69
C SER XC 101 -71.50 59.59 -92.27
N THR XC 102 -72.44 59.18 -93.10
CA THR XC 102 -73.44 60.07 -93.65
C THR XC 102 -74.82 59.50 -93.42
N ASP XC 103 -75.77 60.38 -93.09
CA ASP XC 103 -77.14 59.93 -92.96
C ASP XC 103 -77.59 59.18 -94.19
N GLU XC 104 -77.11 59.61 -95.36
CA GLU XC 104 -77.36 58.89 -96.59
C GLU XC 104 -77.18 57.39 -96.38
N GLU XC 105 -75.95 57.00 -96.09
CA GLU XC 105 -75.63 55.59 -96.09
C GLU XC 105 -76.16 54.91 -94.84
N ARG XC 106 -76.31 55.66 -93.76
CA ARG XC 106 -76.92 55.05 -92.58
C ARG XC 106 -78.34 54.63 -92.89
N ALA XC 107 -79.15 55.54 -93.43
CA ALA XC 107 -80.51 55.18 -93.81
C ALA XC 107 -80.48 54.05 -94.82
N PHE XC 108 -79.52 54.09 -95.73
CA PHE XC 108 -79.41 53.04 -96.72
C PHE XC 108 -79.24 51.68 -96.07
N VAL XC 109 -78.27 51.55 -95.16
CA VAL XC 109 -78.05 50.27 -94.51
C VAL XC 109 -79.26 49.89 -93.69
N ARG XC 110 -79.91 50.87 -93.08
CA ARG XC 110 -81.05 50.57 -92.23
C ARG XC 110 -82.14 49.89 -93.04
N THR XC 111 -82.66 50.58 -94.05
CA THR XC 111 -83.70 49.93 -94.83
C THR XC 111 -83.15 48.73 -95.58
N GLU XC 112 -81.83 48.63 -95.73
CA GLU XC 112 -81.25 47.46 -96.35
C GLU XC 112 -81.49 46.23 -95.49
N LEU XC 113 -81.10 46.32 -94.22
CA LEU XC 113 -81.41 45.25 -93.29
C LEU XC 113 -82.91 45.01 -93.27
N ALA XC 114 -83.69 46.07 -93.34
CA ALA XC 114 -85.14 45.91 -93.30
C ALA XC 114 -85.61 44.98 -94.41
N ALA XC 115 -85.24 45.31 -95.64
CA ALA XC 115 -85.76 44.52 -96.74
C ALA XC 115 -85.10 43.15 -96.81
N LEU XC 116 -83.90 43.00 -96.25
CA LEU XC 116 -83.35 41.65 -96.11
C LEU XC 116 -84.23 40.81 -95.20
N LEU XC 117 -84.56 41.32 -94.01
CA LEU XC 117 -85.47 40.58 -93.16
C LEU XC 117 -86.78 40.32 -93.86
N ALA XC 118 -87.19 41.23 -94.74
CA ALA XC 118 -88.42 41.01 -95.50
C ALA XC 118 -88.26 40.04 -96.65
N SER XC 119 -87.03 39.71 -97.03
CA SER XC 119 -86.82 38.84 -98.17
C SER XC 119 -87.09 37.38 -97.84
N PRO XC 120 -87.49 36.58 -98.83
CA PRO XC 120 -87.69 35.15 -98.57
C PRO XC 120 -86.49 34.50 -97.94
N LEU XC 121 -85.29 34.92 -98.34
CA LEU XC 121 -84.08 34.28 -97.82
C LEU XC 121 -84.07 34.30 -96.29
N LEU XC 122 -84.07 35.48 -95.71
CA LEU XC 122 -83.92 35.57 -94.26
C LEU XC 122 -85.13 34.95 -93.55
N ILE XC 123 -86.34 35.16 -94.07
CA ILE XC 123 -87.50 34.62 -93.39
C ILE XC 123 -87.45 33.10 -93.39
N ASP XC 124 -86.93 32.51 -94.47
CA ASP XC 124 -86.74 31.07 -94.45
C ASP XC 124 -85.61 30.68 -93.49
N ALA XC 125 -84.59 31.53 -93.40
CA ALA XC 125 -83.46 31.27 -92.54
C ALA XC 125 -83.79 31.41 -91.06
N ILE XC 126 -84.88 32.11 -90.73
CA ILE XC 126 -85.25 32.36 -89.35
C ILE XC 126 -86.44 31.48 -89.00
N ASP XC 127 -87.53 31.62 -89.76
CA ASP XC 127 -88.76 30.91 -89.44
C ASP XC 127 -88.50 29.43 -89.26
N GLN XC 128 -87.87 28.80 -90.25
CA GLN XC 128 -87.55 27.39 -90.16
C GLN XC 128 -86.09 27.11 -89.91
N LEU XC 129 -85.27 28.14 -89.75
CA LEU XC 129 -83.83 27.97 -89.57
C LEU XC 129 -83.25 27.09 -90.68
N ASN XC 130 -83.64 27.38 -91.91
CA ASN XC 130 -83.13 26.64 -93.04
C ASN XC 130 -81.83 27.31 -93.48
N PRO XC 131 -80.68 26.66 -93.37
CA PRO XC 131 -79.46 27.25 -93.91
C PRO XC 131 -79.61 27.43 -95.40
N ALA XC 132 -78.97 28.45 -95.94
CA ALA XC 132 -79.15 28.78 -97.34
C ALA XC 132 -78.32 27.82 -98.18
N TYR XC 133 -78.88 26.65 -98.48
CA TYR XC 133 -78.34 25.69 -99.45
C TYR XC 133 -79.42 25.07 -100.31
N ALA YC 2 -85.18 75.12 -68.28
CA ALA YC 2 -84.02 75.08 -69.22
C ALA YC 2 -84.31 74.10 -70.36
N LYS YC 3 -85.55 74.12 -70.82
CA LYS YC 3 -85.99 73.24 -71.89
C LYS YC 3 -85.06 73.32 -73.09
N LEU YC 4 -84.64 72.16 -73.58
CA LEU YC 4 -83.91 72.12 -74.84
C LEU YC 4 -84.75 72.72 -75.95
N GLU YC 5 -84.08 73.36 -76.90
CA GLU YC 5 -84.79 73.95 -78.03
C GLU YC 5 -83.77 74.44 -79.04
N THR YC 6 -84.29 74.87 -80.19
CA THR YC 6 -83.46 75.40 -81.27
C THR YC 6 -82.85 76.73 -80.89
N VAL YC 7 -81.58 76.74 -80.54
CA VAL YC 7 -80.93 77.94 -80.05
C VAL YC 7 -80.50 78.76 -81.26
N THR YC 8 -80.86 80.03 -81.26
CA THR YC 8 -80.65 80.89 -82.43
C THR YC 8 -79.71 82.01 -82.04
N LEU YC 9 -78.48 81.93 -82.54
CA LEU YC 9 -77.46 82.91 -82.22
C LEU YC 9 -77.39 83.93 -83.34
N GLY YC 10 -77.56 85.20 -83.01
CA GLY YC 10 -77.62 86.24 -84.02
C GLY YC 10 -76.25 86.68 -84.50
N ASN YC 11 -76.05 87.98 -84.62
CA ASN YC 11 -74.79 88.52 -85.13
C ASN YC 11 -73.60 87.84 -84.48
N ILE YC 12 -72.61 87.48 -85.30
CA ILE YC 12 -71.55 86.57 -84.88
C ILE YC 12 -70.39 86.70 -85.87
N GLY YC 13 -69.16 86.68 -85.36
CA GLY YC 13 -67.95 86.84 -86.15
C GLY YC 13 -67.32 88.19 -85.88
N LYS YC 14 -66.25 88.52 -86.62
CA LYS YC 14 -65.68 89.83 -86.38
C LYS YC 14 -66.70 90.92 -86.72
N ASP YC 15 -67.17 90.93 -87.96
CA ASP YC 15 -68.10 91.95 -88.40
C ASP YC 15 -69.47 91.84 -87.76
N GLY YC 16 -69.76 90.74 -87.07
CA GLY YC 16 -71.06 90.56 -86.44
C GLY YC 16 -72.20 90.44 -87.43
N LYS YC 17 -72.08 89.53 -88.40
CA LYS YC 17 -73.09 89.36 -89.42
C LYS YC 17 -73.56 87.93 -89.62
N GLN YC 18 -72.79 86.92 -89.24
CA GLN YC 18 -73.21 85.54 -89.39
C GLN YC 18 -74.23 85.17 -88.33
N THR YC 19 -74.85 84.01 -88.50
CA THR YC 19 -75.84 83.53 -87.56
C THR YC 19 -75.68 82.02 -87.41
N LEU YC 20 -76.03 81.51 -86.23
CA LEU YC 20 -75.88 80.11 -85.94
C LEU YC 20 -77.21 79.56 -85.47
N VAL YC 21 -77.52 78.34 -85.87
CA VAL YC 21 -78.77 77.70 -85.50
C VAL YC 21 -78.42 76.33 -84.98
N LEU YC 22 -78.50 76.15 -83.68
CA LEU YC 22 -78.06 74.94 -83.01
C LEU YC 22 -79.29 74.14 -82.62
N ASN YC 23 -79.47 73.00 -83.25
CA ASN YC 23 -80.67 72.22 -83.01
C ASN YC 23 -80.51 71.36 -81.77
N PRO YC 24 -81.62 71.01 -81.12
CA PRO YC 24 -81.56 70.25 -79.88
C PRO YC 24 -81.30 68.78 -80.16
N ARG YC 25 -80.15 68.29 -79.72
CA ARG YC 25 -79.79 66.90 -79.98
C ARG YC 25 -80.42 65.97 -78.95
N GLY YC 26 -79.99 66.08 -77.71
CA GLY YC 26 -80.39 65.14 -76.69
C GLY YC 26 -79.64 65.39 -75.41
N VAL YC 27 -79.64 64.40 -74.53
CA VAL YC 27 -78.99 64.56 -73.24
C VAL YC 27 -78.37 63.23 -72.82
N ASN YC 28 -77.05 63.17 -72.84
CA ASN YC 28 -76.36 62.02 -72.30
C ASN YC 28 -76.63 61.92 -70.80
N PRO YC 29 -77.18 60.81 -70.33
CA PRO YC 29 -77.40 60.63 -68.89
C PRO YC 29 -76.16 60.20 -68.13
N THR YC 30 -75.28 59.41 -68.75
CA THR YC 30 -74.13 58.89 -68.03
C THR YC 30 -73.36 60.00 -67.35
N ASN YC 31 -73.51 61.22 -67.81
CA ASN YC 31 -72.85 62.39 -67.26
C ASN YC 31 -73.79 63.55 -67.02
N GLY YC 32 -75.04 63.43 -67.41
CA GLY YC 32 -75.95 64.55 -67.38
C GLY YC 32 -75.41 65.73 -68.17
N VAL YC 33 -75.22 65.56 -69.48
CA VAL YC 33 -74.85 66.67 -70.36
C VAL YC 33 -75.86 66.76 -71.50
N ALA YC 34 -76.47 67.92 -71.66
CA ALA YC 34 -77.32 68.16 -72.81
C ALA YC 34 -76.49 68.70 -73.97
N SER YC 35 -76.83 68.27 -75.17
CA SER YC 35 -76.01 68.51 -76.35
C SER YC 35 -76.82 69.23 -77.42
N LEU YC 36 -76.16 70.16 -78.10
CA LEU YC 36 -76.73 70.85 -79.25
C LEU YC 36 -75.72 70.81 -80.38
N SER YC 37 -76.24 70.77 -81.61
CA SER YC 37 -75.37 70.66 -82.78
C SER YC 37 -75.94 71.51 -83.91
N GLN YC 38 -75.04 72.00 -84.76
CA GLN YC 38 -75.47 72.68 -85.96
C GLN YC 38 -76.16 71.69 -86.88
N ALA YC 39 -77.12 72.19 -87.64
CA ALA YC 39 -77.82 71.36 -88.59
C ALA YC 39 -76.84 70.85 -89.65
N GLY YC 40 -76.87 69.54 -89.90
CA GLY YC 40 -76.02 68.96 -90.91
C GLY YC 40 -76.18 67.46 -91.05
N ALA YC 41 -75.19 66.80 -91.63
CA ALA YC 41 -75.26 65.37 -91.84
C ALA YC 41 -74.12 64.62 -91.16
N VAL YC 42 -72.88 64.97 -91.50
CA VAL YC 42 -71.75 64.18 -91.03
C VAL YC 42 -71.38 64.67 -89.63
N PRO YC 43 -71.41 63.81 -88.62
CA PRO YC 43 -71.13 64.28 -87.26
C PRO YC 43 -69.78 64.94 -87.13
N ALA YC 44 -68.81 64.50 -87.90
CA ALA YC 44 -67.46 65.01 -87.76
C ALA YC 44 -67.33 66.45 -88.21
N LEU YC 45 -68.34 67.03 -88.83
CA LEU YC 45 -68.24 68.39 -89.36
C LEU YC 45 -69.41 69.23 -88.92
N GLU YC 46 -69.71 69.20 -87.62
CA GLU YC 46 -70.80 70.02 -87.10
C GLU YC 46 -70.33 70.74 -85.86
N LYS YC 47 -70.73 72.01 -85.74
CA LYS YC 47 -70.35 72.82 -84.60
C LYS YC 47 -71.23 72.43 -83.43
N ARG YC 48 -70.61 72.02 -82.33
CA ARG YC 48 -71.35 71.40 -81.24
C ARG YC 48 -71.17 72.18 -79.96
N VAL YC 49 -72.16 72.06 -79.09
CA VAL YC 49 -72.19 72.71 -77.80
C VAL YC 49 -72.71 71.72 -76.77
N THR YC 50 -72.12 71.75 -75.58
CA THR YC 50 -72.53 70.85 -74.51
C THR YC 50 -72.66 71.65 -73.22
N VAL YC 51 -73.75 71.40 -72.50
CA VAL YC 51 -74.06 72.10 -71.26
C VAL YC 51 -74.31 71.07 -70.17
N SER YC 52 -73.72 71.28 -69.00
CA SER YC 52 -73.88 70.36 -67.89
C SER YC 52 -73.93 71.12 -66.58
N VAL YC 53 -74.65 70.58 -65.61
CA VAL YC 53 -74.72 71.12 -64.27
C VAL YC 53 -74.51 69.96 -63.30
N SER YC 54 -73.37 69.98 -62.62
CA SER YC 54 -73.07 68.95 -61.63
C SER YC 54 -73.44 69.47 -60.24
N GLN YC 55 -74.27 68.70 -59.56
CA GLN YC 55 -74.73 69.01 -58.23
C GLN YC 55 -73.58 68.91 -57.24
N PRO YC 56 -73.72 69.52 -56.07
CA PRO YC 56 -72.69 69.38 -55.03
C PRO YC 56 -72.71 67.97 -54.46
N SER YC 57 -71.58 67.29 -54.56
CA SER YC 57 -71.46 65.92 -54.10
C SER YC 57 -70.90 65.89 -52.68
N ARG YC 58 -70.86 64.69 -52.10
CA ARG YC 58 -70.23 64.52 -50.79
C ARG YC 58 -68.73 64.75 -50.84
N ASN YC 59 -68.15 64.81 -52.03
CA ASN YC 59 -66.71 65.00 -52.21
C ASN YC 59 -66.38 66.32 -52.88
N ARG YC 60 -67.39 67.11 -53.25
CA ARG YC 60 -67.13 68.40 -53.89
C ARG YC 60 -67.76 69.55 -53.10
N LYS YC 61 -69.04 69.41 -52.77
CA LYS YC 61 -69.77 70.45 -52.07
C LYS YC 61 -69.69 71.77 -52.82
N ASN YC 62 -69.95 71.74 -54.12
CA ASN YC 62 -69.94 72.96 -54.90
C ASN YC 62 -70.69 72.74 -56.20
N TYR YC 63 -71.52 73.70 -56.57
CA TYR YC 63 -72.26 73.60 -57.82
C TYR YC 63 -71.32 73.93 -58.98
N LYS YC 64 -71.30 73.06 -59.99
CA LYS YC 64 -70.48 73.27 -61.17
C LYS YC 64 -71.38 73.39 -62.40
N VAL YC 65 -71.03 74.29 -63.31
CA VAL YC 65 -71.75 74.43 -64.56
C VAL YC 65 -70.74 74.53 -65.69
N GLN YC 66 -70.73 73.51 -66.55
CA GLN YC 66 -69.74 73.35 -67.60
C GLN YC 66 -70.39 73.66 -68.94
N VAL YC 67 -69.69 74.41 -69.77
CA VAL YC 67 -70.16 74.75 -71.10
C VAL YC 67 -69.00 74.58 -72.06
N LYS YC 68 -69.09 73.58 -72.92
CA LYS YC 68 -68.05 73.31 -73.90
C LYS YC 68 -68.57 73.64 -75.29
N ILE YC 69 -67.67 74.14 -76.14
CA ILE YC 69 -67.97 74.42 -77.53
C ILE YC 69 -66.87 73.84 -78.39
N GLN YC 70 -67.26 73.08 -79.41
CA GLN YC 70 -66.33 72.49 -80.36
C GLN YC 70 -66.69 72.99 -81.74
N ASN YC 71 -65.68 73.46 -82.47
CA ASN YC 71 -65.89 74.03 -83.79
C ASN YC 71 -64.84 73.47 -84.73
N PRO YC 72 -65.17 72.49 -85.56
CA PRO YC 72 -64.18 71.95 -86.49
C PRO YC 72 -64.25 72.62 -87.84
N THR YC 73 -63.15 72.50 -88.57
CA THR YC 73 -63.02 73.13 -89.88
C THR YC 73 -63.27 72.14 -90.99
N ALA YC 74 -63.97 72.61 -92.03
CA ALA YC 74 -64.33 71.74 -93.15
C ALA YC 74 -63.08 71.23 -93.86
N CYS YC 75 -62.33 72.14 -94.47
CA CYS YC 75 -61.05 71.80 -95.06
C CYS YC 75 -61.25 70.83 -96.23
N THR YC 76 -62.22 71.16 -97.09
CA THR YC 76 -62.62 70.26 -98.16
C THR YC 76 -61.59 70.23 -99.28
N ALA YC 77 -61.35 69.03 -99.82
CA ALA YC 77 -60.41 68.82 -100.91
C ALA YC 77 -61.12 68.85 -102.26
N ASN YC 78 -60.34 69.11 -103.31
CA ASN YC 78 -60.87 69.21 -104.68
C ASN YC 78 -61.24 67.81 -105.18
N GLY YC 79 -62.26 67.25 -104.53
CA GLY YC 79 -62.82 65.98 -104.91
C GLY YC 79 -62.32 64.84 -104.05
N SER YC 80 -62.41 63.64 -104.59
CA SER YC 80 -61.81 62.43 -104.07
C SER YC 80 -62.50 61.88 -102.83
N CYS YC 81 -63.16 62.71 -102.03
CA CYS YC 81 -64.31 62.32 -101.20
C CYS YC 81 -64.60 63.42 -100.19
N ASP YC 82 -65.59 63.20 -99.34
CA ASP YC 82 -66.07 64.20 -98.41
C ASP YC 82 -64.92 64.81 -97.62
N PRO YC 83 -65.13 66.00 -97.06
CA PRO YC 83 -64.03 66.68 -96.36
C PRO YC 83 -63.60 65.91 -95.12
N SER YC 84 -62.47 66.34 -94.57
CA SER YC 84 -61.95 65.77 -93.34
C SER YC 84 -61.59 66.90 -92.39
N VAL YC 85 -61.61 66.60 -91.09
CA VAL YC 85 -61.35 67.63 -90.09
C VAL YC 85 -59.85 67.90 -90.02
N THR YC 86 -59.49 69.17 -90.04
CA THR YC 86 -58.11 69.58 -89.92
C THR YC 86 -57.84 70.42 -88.69
N ARG YC 87 -58.70 71.38 -88.37
CA ARG YC 87 -58.53 72.24 -87.21
C ARG YC 87 -59.79 72.14 -86.35
N GLN YC 88 -59.60 72.28 -85.05
CA GLN YC 88 -60.68 72.09 -84.08
C GLN YC 88 -60.53 73.12 -82.99
N ALA YC 89 -61.36 74.15 -83.02
CA ALA YC 89 -61.35 75.16 -81.98
C ALA YC 89 -62.21 74.70 -80.80
N TYR YC 90 -61.62 74.68 -79.62
CA TYR YC 90 -62.33 74.29 -78.41
C TYR YC 90 -62.41 75.47 -77.47
N ALA YC 91 -63.56 75.59 -76.80
CA ALA YC 91 -63.75 76.58 -75.74
C ALA YC 91 -64.46 75.89 -74.59
N ASP YC 92 -64.08 76.21 -73.36
CA ASP YC 92 -64.67 75.56 -72.20
C ASP YC 92 -64.77 76.57 -71.07
N VAL YC 93 -66.00 76.88 -70.68
CA VAL YC 93 -66.28 77.74 -69.54
C VAL YC 93 -66.72 76.84 -68.39
N THR YC 94 -66.25 77.14 -67.19
CA THR YC 94 -66.57 76.33 -66.02
C THR YC 94 -66.93 77.27 -64.88
N PHE YC 95 -68.21 77.48 -64.69
CA PHE YC 95 -68.71 78.27 -63.57
C PHE YC 95 -68.72 77.42 -62.31
N SER YC 96 -68.33 78.03 -61.20
CA SER YC 96 -68.32 77.37 -59.91
C SER YC 96 -69.04 78.26 -58.90
N PHE YC 97 -69.90 77.66 -58.09
CA PHE YC 97 -70.65 78.42 -57.10
C PHE YC 97 -70.77 77.61 -55.82
N THR YC 98 -70.96 78.32 -54.72
CA THR YC 98 -71.09 77.66 -53.44
C THR YC 98 -72.56 77.41 -53.10
N GLN YC 99 -72.74 76.53 -52.12
CA GLN YC 99 -74.07 76.06 -51.79
C GLN YC 99 -75.00 77.20 -51.42
N TYR YC 100 -74.46 78.25 -50.83
CA TYR YC 100 -75.25 79.44 -50.47
C TYR YC 100 -75.08 80.56 -51.47
N SER YC 101 -74.59 80.27 -52.67
CA SER YC 101 -74.54 81.28 -53.70
C SER YC 101 -75.92 81.89 -53.88
N THR YC 102 -75.99 83.01 -54.59
CA THR YC 102 -77.28 83.58 -54.95
C THR YC 102 -77.33 83.88 -56.44
N ASP YC 103 -78.52 83.71 -56.99
CA ASP YC 103 -78.75 84.05 -58.39
C ASP YC 103 -78.25 85.45 -58.72
N GLU YC 104 -78.27 86.35 -57.74
CA GLU YC 104 -77.66 87.66 -57.95
C GLU YC 104 -76.24 87.53 -58.49
N GLU YC 105 -75.30 87.10 -57.65
CA GLU YC 105 -73.92 87.04 -58.08
C GLU YC 105 -73.76 86.10 -59.26
N ARG YC 106 -74.57 85.04 -59.32
CA ARG YC 106 -74.46 84.17 -60.48
C ARG YC 106 -74.67 84.97 -61.76
N ALA YC 107 -75.82 85.61 -61.87
CA ALA YC 107 -76.07 86.44 -63.04
C ALA YC 107 -74.97 87.46 -63.22
N PHE YC 108 -74.53 88.06 -62.12
CA PHE YC 108 -73.47 89.04 -62.23
C PHE YC 108 -72.32 88.42 -63.00
N VAL YC 109 -71.78 87.32 -62.46
CA VAL YC 109 -70.62 86.67 -63.06
C VAL YC 109 -70.85 86.39 -64.52
N ARG YC 110 -72.01 85.79 -64.83
CA ARG YC 110 -72.37 85.60 -66.21
C ARG YC 110 -72.16 86.86 -67.02
N THR YC 111 -72.79 87.93 -66.59
CA THR YC 111 -72.87 89.12 -67.41
C THR YC 111 -71.50 89.72 -67.64
N GLU YC 112 -70.71 89.90 -66.58
CA GLU YC 112 -69.43 90.52 -66.86
C GLU YC 112 -68.52 89.57 -67.63
N LEU YC 113 -68.69 88.26 -67.49
CA LEU YC 113 -67.93 87.41 -68.38
C LEU YC 113 -68.30 87.69 -69.82
N ALA YC 114 -69.59 87.84 -70.10
CA ALA YC 114 -69.99 88.11 -71.48
C ALA YC 114 -69.40 89.43 -71.96
N ALA YC 115 -69.47 90.45 -71.12
CA ALA YC 115 -69.03 91.76 -71.57
C ALA YC 115 -67.51 91.82 -71.69
N LEU YC 116 -66.77 91.05 -70.89
CA LEU YC 116 -65.35 90.89 -71.17
C LEU YC 116 -65.13 90.22 -72.52
N LEU YC 117 -65.90 89.17 -72.80
CA LEU YC 117 -65.78 88.57 -74.13
C LEU YC 117 -66.03 89.58 -75.22
N ALA YC 118 -66.76 90.64 -74.91
CA ALA YC 118 -66.99 91.71 -75.88
C ALA YC 118 -65.94 92.82 -75.85
N SER YC 119 -65.23 93.01 -74.75
CA SER YC 119 -64.40 94.19 -74.57
C SER YC 119 -63.14 94.13 -75.42
N PRO YC 120 -62.51 95.27 -75.69
CA PRO YC 120 -61.35 95.27 -76.58
C PRO YC 120 -60.22 94.38 -76.08
N LEU YC 121 -60.06 94.28 -74.77
CA LEU YC 121 -58.97 93.46 -74.23
C LEU YC 121 -59.02 92.06 -74.81
N LEU YC 122 -60.05 91.29 -74.45
CA LEU YC 122 -60.07 89.91 -74.89
C LEU YC 122 -60.20 89.83 -76.40
N ILE YC 123 -60.78 90.84 -77.02
CA ILE YC 123 -60.79 90.89 -78.48
C ILE YC 123 -59.38 90.67 -79.00
N ASP YC 124 -58.45 91.47 -78.51
CA ASP YC 124 -57.10 91.40 -79.02
C ASP YC 124 -56.40 90.15 -78.50
N ALA YC 125 -56.79 89.70 -77.31
CA ALA YC 125 -56.14 88.54 -76.71
C ALA YC 125 -56.46 87.26 -77.46
N ILE YC 126 -57.68 87.13 -77.96
CA ILE YC 126 -58.11 85.93 -78.65
C ILE YC 126 -57.83 86.10 -80.12
N ASP YC 127 -58.48 87.11 -80.71
CA ASP YC 127 -58.41 87.34 -82.14
C ASP YC 127 -56.97 87.37 -82.62
N GLN YC 128 -56.20 88.32 -82.13
CA GLN YC 128 -54.82 88.48 -82.58
C GLN YC 128 -53.84 87.68 -81.76
N LEU YC 129 -54.31 86.95 -80.75
CA LEU YC 129 -53.42 86.18 -79.89
C LEU YC 129 -52.36 87.07 -79.26
N ASN YC 130 -52.71 88.34 -79.03
CA ASN YC 130 -51.82 89.29 -78.39
C ASN YC 130 -51.72 88.96 -76.91
N PRO YC 131 -50.54 88.66 -76.37
CA PRO YC 131 -50.43 88.60 -74.92
C PRO YC 131 -50.87 89.91 -74.31
N ALA YC 132 -51.65 89.81 -73.24
CA ALA YC 132 -52.20 91.01 -72.62
C ALA YC 132 -51.06 91.91 -72.20
N TYR YC 133 -50.86 92.98 -72.95
CA TYR YC 133 -49.90 94.02 -72.63
C TYR YC 133 -50.18 95.27 -73.43
N ALA ZC 2 -91.31 58.23 -67.80
CA ALA ZC 2 -91.73 59.56 -67.28
C ALA ZC 2 -90.66 60.59 -67.54
N LYS ZC 3 -90.82 61.37 -68.60
CA LYS ZC 3 -89.87 62.41 -68.88
C LYS ZC 3 -90.00 63.50 -67.82
N LEU ZC 4 -88.87 64.05 -67.38
CA LEU ZC 4 -88.92 65.14 -66.42
C LEU ZC 4 -89.39 66.42 -67.09
N GLU ZC 5 -90.29 67.13 -66.42
CA GLU ZC 5 -90.68 68.46 -66.85
C GLU ZC 5 -91.04 69.28 -65.63
N THR ZC 6 -91.20 70.58 -65.85
CA THR ZC 6 -91.64 71.47 -64.79
C THR ZC 6 -92.91 70.92 -64.17
N VAL ZC 7 -92.85 70.59 -62.88
CA VAL ZC 7 -94.03 70.09 -62.19
C VAL ZC 7 -94.69 71.26 -61.49
N THR ZC 8 -95.97 71.47 -61.78
CA THR ZC 8 -96.76 72.58 -61.24
C THR ZC 8 -97.82 71.98 -60.33
N LEU ZC 9 -97.63 72.15 -59.03
CA LEU ZC 9 -98.44 71.48 -58.05
C LEU ZC 9 -99.26 72.54 -57.32
N GLY ZC 10 -100.57 72.52 -57.51
CA GLY ZC 10 -101.46 73.53 -56.99
C GLY ZC 10 -102.37 73.00 -55.89
N ASN ZC 11 -103.08 73.92 -55.27
CA ASN ZC 11 -104.04 73.59 -54.21
C ASN ZC 11 -103.32 72.89 -53.04
N ILE ZC 12 -102.42 73.65 -52.43
CA ILE ZC 12 -101.43 73.11 -51.52
C ILE ZC 12 -101.54 73.89 -50.20
N GLY ZC 13 -101.15 73.25 -49.11
CA GLY ZC 13 -101.05 73.91 -47.83
C GLY ZC 13 -102.29 73.72 -46.96
N LYS ZC 14 -102.32 74.48 -45.85
CA LYS ZC 14 -103.46 74.42 -44.95
C LYS ZC 14 -104.76 74.70 -45.68
N ASP ZC 15 -104.89 75.90 -46.24
CA ASP ZC 15 -106.10 76.27 -46.95
C ASP ZC 15 -106.13 75.69 -48.35
N GLY ZC 16 -105.06 75.05 -48.80
CA GLY ZC 16 -104.97 74.56 -50.15
C GLY ZC 16 -104.95 75.67 -51.17
N LYS ZC 17 -104.08 76.66 -50.99
CA LYS ZC 17 -104.04 77.78 -51.91
C LYS ZC 17 -102.66 78.12 -52.44
N GLN ZC 18 -101.58 77.65 -51.81
CA GLN ZC 18 -100.27 77.94 -52.35
C GLN ZC 18 -100.04 77.12 -53.63
N THR ZC 19 -98.89 77.36 -54.27
CA THR ZC 19 -98.51 76.61 -55.45
C THR ZC 19 -97.02 76.35 -55.39
N LEU ZC 20 -96.59 75.29 -56.06
CA LEU ZC 20 -95.17 74.94 -56.10
C LEU ZC 20 -94.77 74.59 -57.53
N VAL ZC 21 -93.67 75.15 -57.98
CA VAL ZC 21 -93.17 74.86 -59.32
C VAL ZC 21 -91.77 74.28 -59.13
N LEU ZC 22 -91.62 73.01 -59.49
CA LEU ZC 22 -90.35 72.31 -59.32
C LEU ZC 22 -89.73 72.06 -60.69
N ASN ZC 23 -88.49 72.52 -60.85
CA ASN ZC 23 -87.76 72.33 -62.09
C ASN ZC 23 -87.01 71.00 -62.07
N PRO ZC 24 -86.77 70.42 -63.23
CA PRO ZC 24 -85.91 69.24 -63.29
C PRO ZC 24 -84.50 69.58 -62.87
N ARG ZC 25 -83.85 68.63 -62.20
CA ARG ZC 25 -82.44 68.75 -61.84
C ARG ZC 25 -81.63 67.60 -62.42
N GLY ZC 26 -82.18 66.87 -63.38
CA GLY ZC 26 -81.47 65.77 -63.97
C GLY ZC 26 -81.53 64.50 -63.15
N VAL ZC 27 -80.57 63.61 -63.41
CA VAL ZC 27 -80.50 62.32 -62.77
C VAL ZC 27 -79.07 62.05 -62.31
N ASN ZC 28 -78.93 61.52 -61.12
CA ASN ZC 28 -77.64 61.04 -60.67
C ASN ZC 28 -77.18 59.91 -61.56
N PRO ZC 29 -75.97 59.96 -62.11
CA PRO ZC 29 -75.48 58.83 -62.90
C PRO ZC 29 -75.16 57.61 -62.07
N THR ZC 30 -74.93 57.75 -60.78
CA THR ZC 30 -74.56 56.62 -59.94
C THR ZC 30 -75.78 55.96 -59.31
N ASN ZC 31 -76.54 56.71 -58.52
CA ASN ZC 31 -77.73 56.16 -57.90
C ASN ZC 31 -78.91 56.13 -58.84
N GLY ZC 32 -78.82 56.81 -59.98
CA GLY ZC 32 -79.89 56.75 -60.95
C GLY ZC 32 -81.18 57.26 -60.38
N VAL ZC 33 -81.13 58.42 -59.75
CA VAL ZC 33 -82.28 59.02 -59.10
C VAL ZC 33 -82.48 60.43 -59.65
N ALA ZC 34 -83.68 60.70 -60.14
CA ALA ZC 34 -83.98 62.02 -60.66
C ALA ZC 34 -84.36 62.94 -59.52
N SER ZC 35 -84.20 64.24 -59.75
CA SER ZC 35 -84.41 65.23 -58.70
C SER ZC 35 -85.00 66.51 -59.30
N LEU ZC 36 -85.93 67.11 -58.58
CA LEU ZC 36 -86.52 68.38 -58.98
C LEU ZC 36 -86.38 69.34 -57.81
N SER ZC 37 -86.42 70.64 -58.11
CA SER ZC 37 -86.27 71.64 -57.05
C SER ZC 37 -87.11 72.87 -57.39
N GLN ZC 38 -87.50 73.59 -56.35
CA GLN ZC 38 -88.24 74.82 -56.53
C GLN ZC 38 -87.32 75.94 -56.98
N ALA ZC 39 -87.86 76.81 -57.84
CA ALA ZC 39 -87.10 77.96 -58.28
C ALA ZC 39 -86.90 78.91 -57.10
N GLY ZC 40 -85.67 79.35 -56.90
CA GLY ZC 40 -85.41 80.31 -55.84
C GLY ZC 40 -84.03 80.91 -55.99
N ALA ZC 41 -83.71 81.79 -55.04
CA ALA ZC 41 -82.48 82.57 -55.09
C ALA ZC 41 -81.29 81.80 -54.54
N VAL ZC 42 -81.48 81.12 -53.42
CA VAL ZC 42 -80.40 80.42 -52.75
C VAL ZC 42 -80.63 78.92 -52.92
N PRO ZC 43 -79.72 78.18 -53.56
CA PRO ZC 43 -79.95 76.74 -53.76
C PRO ZC 43 -80.17 76.00 -52.47
N ALA ZC 44 -79.53 76.43 -51.37
CA ALA ZC 44 -79.70 75.72 -50.11
C ALA ZC 44 -81.10 75.87 -49.53
N LEU ZC 45 -81.85 76.88 -49.97
CA LEU ZC 45 -83.18 77.14 -49.46
C LEU ZC 45 -84.27 76.71 -50.43
N GLU ZC 46 -83.97 75.73 -51.28
CA GLU ZC 46 -84.90 75.29 -52.31
C GLU ZC 46 -85.54 73.98 -51.90
N LYS ZC 47 -86.84 73.88 -52.11
CA LYS ZC 47 -87.55 72.65 -51.80
C LYS ZC 47 -87.24 71.61 -52.86
N ARG ZC 48 -86.71 70.47 -52.45
CA ARG ZC 48 -86.27 69.43 -53.37
C ARG ZC 48 -87.18 68.22 -53.25
N VAL ZC 49 -87.30 67.51 -54.36
CA VAL ZC 49 -88.07 66.28 -54.41
C VAL ZC 49 -87.28 65.27 -55.25
N THR ZC 50 -87.09 64.08 -54.70
CA THR ZC 50 -86.33 63.05 -55.37
C THR ZC 50 -87.24 61.92 -55.80
N VAL ZC 51 -86.88 61.27 -56.90
CA VAL ZC 51 -87.69 60.20 -57.48
C VAL ZC 51 -86.76 59.14 -57.99
N SER ZC 52 -86.96 57.91 -57.54
CA SER ZC 52 -86.11 56.80 -57.96
C SER ZC 52 -86.94 55.53 -58.05
N VAL ZC 53 -86.67 54.73 -59.07
CA VAL ZC 53 -87.28 53.41 -59.22
C VAL ZC 53 -86.18 52.45 -59.60
N SER ZC 54 -85.70 51.70 -58.63
CA SER ZC 54 -84.67 50.72 -58.91
C SER ZC 54 -85.25 49.58 -59.73
N GLN ZC 55 -84.39 48.89 -60.42
CA GLN ZC 55 -84.77 47.73 -61.20
C GLN ZC 55 -84.76 46.48 -60.32
N PRO ZC 56 -85.39 45.40 -60.78
CA PRO ZC 56 -85.44 44.19 -59.96
C PRO ZC 56 -84.07 43.66 -59.59
N SER ZC 57 -83.96 43.19 -58.36
CA SER ZC 57 -82.72 42.60 -57.86
C SER ZC 57 -82.67 41.12 -58.24
N ARG ZC 58 -81.76 40.38 -57.63
CA ARG ZC 58 -81.56 38.98 -57.99
C ARG ZC 58 -82.40 38.07 -57.11
N ASN ZC 59 -83.07 37.12 -57.75
CA ASN ZC 59 -83.71 35.98 -57.08
C ASN ZC 59 -84.92 36.38 -56.24
N ARG ZC 60 -85.17 37.69 -56.13
CA ARG ZC 60 -86.37 38.18 -55.46
C ARG ZC 60 -87.09 39.18 -56.34
N LYS ZC 61 -86.35 39.99 -57.06
CA LYS ZC 61 -86.77 40.90 -58.11
C LYS ZC 61 -87.54 42.13 -57.61
N ASN ZC 62 -88.27 42.03 -56.51
CA ASN ZC 62 -88.57 43.18 -55.64
C ASN ZC 62 -88.58 44.56 -56.29
N TYR ZC 63 -89.48 44.88 -57.24
CA TYR ZC 63 -89.50 46.23 -57.78
C TYR ZC 63 -89.65 47.25 -56.66
N LYS ZC 64 -88.84 48.30 -56.71
CA LYS ZC 64 -88.78 49.31 -55.68
C LYS ZC 64 -88.88 50.70 -56.29
N VAL ZC 65 -89.67 51.55 -55.66
CA VAL ZC 65 -89.76 52.96 -56.02
C VAL ZC 65 -89.66 53.78 -54.75
N GLN ZC 66 -88.97 54.91 -54.81
CA GLN ZC 66 -88.85 55.78 -53.66
C GLN ZC 66 -88.97 57.23 -54.06
N VAL ZC 67 -89.56 58.02 -53.17
CA VAL ZC 67 -89.78 59.44 -53.37
C VAL ZC 67 -89.37 60.16 -52.09
N LYS ZC 68 -88.39 61.04 -52.18
CA LYS ZC 68 -87.88 61.76 -51.02
C LYS ZC 68 -88.19 63.24 -51.22
N ILE ZC 69 -89.06 63.77 -50.38
CA ILE ZC 69 -89.35 65.19 -50.32
C ILE ZC 69 -88.52 65.79 -49.21
N GLN ZC 70 -87.75 66.82 -49.53
CA GLN ZC 70 -86.90 67.49 -48.58
C GLN ZC 70 -87.24 68.98 -48.62
N ASN ZC 71 -87.64 69.52 -47.48
CA ASN ZC 71 -88.12 70.89 -47.43
C ASN ZC 71 -87.38 71.64 -46.34
N PRO ZC 72 -86.51 72.58 -46.67
CA PRO ZC 72 -85.73 73.26 -45.66
C PRO ZC 72 -86.34 74.59 -45.26
N THR ZC 73 -85.77 75.17 -44.21
CA THR ZC 73 -86.12 76.51 -43.77
C THR ZC 73 -85.00 77.05 -42.91
N ALA ZC 74 -84.65 78.32 -43.11
CA ALA ZC 74 -83.54 78.93 -42.43
C ALA ZC 74 -84.02 80.11 -41.59
N CYS ZC 75 -83.07 80.74 -40.91
CA CYS ZC 75 -83.33 81.99 -40.19
C CYS ZC 75 -82.00 82.70 -40.01
N THR ZC 76 -81.78 83.76 -40.77
CA THR ZC 76 -80.53 84.50 -40.66
C THR ZC 76 -80.37 85.02 -39.23
N ALA ZC 77 -79.33 84.56 -38.56
CA ALA ZC 77 -79.02 85.08 -37.24
C ALA ZC 77 -78.52 86.52 -37.36
N ASN ZC 78 -78.60 87.24 -36.25
CA ASN ZC 78 -78.09 88.60 -36.25
C ASN ZC 78 -76.58 88.59 -36.40
N GLY ZC 79 -76.08 89.34 -37.38
CA GLY ZC 79 -74.67 89.44 -37.64
C GLY ZC 79 -74.13 88.49 -38.70
N SER ZC 80 -74.88 87.46 -39.06
CA SER ZC 80 -74.46 86.53 -40.09
C SER ZC 80 -75.24 86.79 -41.37
N CYS ZC 81 -74.52 86.97 -42.48
CA CYS ZC 81 -75.16 87.27 -43.74
C CYS ZC 81 -75.35 86.04 -44.61
N ASP ZC 82 -75.54 84.88 -44.02
CA ASP ZC 82 -75.92 83.69 -44.78
C ASP ZC 82 -77.16 83.08 -44.15
N PRO ZC 83 -78.28 83.01 -44.85
CA PRO ZC 83 -79.46 82.39 -44.25
C PRO ZC 83 -79.27 80.89 -44.05
N SER ZC 84 -78.50 80.53 -43.03
CA SER ZC 84 -78.17 79.13 -42.81
C SER ZC 84 -79.40 78.34 -42.38
N VAL ZC 85 -79.57 77.18 -42.98
CA VAL ZC 85 -80.73 76.33 -42.72
C VAL ZC 85 -80.68 75.84 -41.29
N THR ZC 86 -81.77 76.06 -40.57
CA THR ZC 86 -81.90 75.59 -39.20
C THR ZC 86 -83.03 74.60 -39.05
N ARG ZC 87 -83.63 74.20 -40.17
CA ARG ZC 87 -84.97 73.67 -40.18
C ARG ZC 87 -85.07 72.70 -41.33
N GLN ZC 88 -85.39 71.44 -41.06
CA GLN ZC 88 -85.48 70.50 -42.16
C GLN ZC 88 -86.66 69.56 -41.95
N ALA ZC 89 -87.45 69.38 -42.99
CA ALA ZC 89 -88.56 68.44 -43.00
C ALA ZC 89 -88.30 67.39 -44.06
N TYR ZC 90 -88.49 66.12 -43.71
CA TYR ZC 90 -88.23 65.00 -44.59
C TYR ZC 90 -89.48 64.15 -44.71
N ALA ZC 91 -89.76 63.69 -45.94
CA ALA ZC 91 -90.87 62.80 -46.19
C ALA ZC 91 -90.39 61.75 -47.18
N ASP ZC 92 -90.33 60.49 -46.75
CA ASP ZC 92 -89.83 59.42 -47.60
C ASP ZC 92 -90.96 58.44 -47.84
N VAL ZC 93 -91.23 58.17 -49.10
CA VAL ZC 93 -92.16 57.14 -49.50
C VAL ZC 93 -91.39 56.06 -50.23
N THR ZC 94 -91.72 54.80 -49.98
CA THR ZC 94 -91.16 53.73 -50.79
C THR ZC 94 -92.24 52.69 -51.04
N PHE ZC 95 -92.47 52.41 -52.32
CA PHE ZC 95 -93.36 51.35 -52.74
C PHE ZC 95 -92.53 50.14 -53.14
N SER ZC 96 -93.02 48.95 -52.79
CA SER ZC 96 -92.43 47.71 -53.23
C SER ZC 96 -93.51 46.85 -53.87
N PHE ZC 97 -93.25 46.41 -55.10
CA PHE ZC 97 -94.11 45.47 -55.78
C PHE ZC 97 -93.32 44.22 -56.10
N THR ZC 98 -94.05 43.16 -56.43
CA THR ZC 98 -93.42 41.94 -56.88
C THR ZC 98 -93.38 41.89 -58.40
N GLN ZC 99 -92.46 41.09 -58.91
CA GLN ZC 99 -92.22 40.97 -60.34
C GLN ZC 99 -93.51 40.76 -61.13
N TYR ZC 100 -94.57 40.26 -60.50
CA TYR ZC 100 -95.79 39.96 -61.21
C TYR ZC 100 -96.87 40.98 -60.94
N SER ZC 101 -96.54 42.05 -60.23
CA SER ZC 101 -97.52 43.09 -59.96
C SER ZC 101 -98.08 43.64 -61.26
N THR ZC 102 -99.18 44.37 -61.16
CA THR ZC 102 -99.85 44.89 -62.33
C THR ZC 102 -100.22 46.36 -62.13
N ASP ZC 103 -100.30 47.08 -63.24
CA ASP ZC 103 -100.60 48.51 -63.17
C ASP ZC 103 -101.88 48.77 -62.41
N GLU ZC 104 -102.87 47.90 -62.55
CA GLU ZC 104 -104.09 48.03 -61.77
C GLU ZC 104 -103.78 48.25 -60.30
N GLU ZC 105 -103.17 47.26 -59.65
CA GLU ZC 105 -102.94 47.35 -58.22
C GLU ZC 105 -101.97 48.47 -57.91
N ARG ZC 106 -100.99 48.72 -58.78
CA ARG ZC 106 -100.08 49.82 -58.51
C ARG ZC 106 -100.85 51.13 -58.39
N ALA ZC 107 -101.67 51.43 -59.40
CA ALA ZC 107 -102.47 52.65 -59.36
C ALA ZC 107 -103.38 52.65 -58.15
N PHE ZC 108 -103.95 51.50 -57.83
CA PHE ZC 108 -104.77 51.39 -56.65
C PHE ZC 108 -104.02 51.87 -55.42
N VAL ZC 109 -102.82 51.34 -55.22
CA VAL ZC 109 -102.02 51.70 -54.06
C VAL ZC 109 -101.73 53.18 -54.06
N ARG ZC 110 -101.36 53.70 -55.22
CA ARG ZC 110 -100.96 55.09 -55.31
C ARG ZC 110 -102.09 56.00 -54.91
N THR ZC 111 -103.24 55.84 -55.54
CA THR ZC 111 -104.36 56.70 -55.21
C THR ZC 111 -104.82 56.46 -53.79
N GLU ZC 112 -104.62 55.26 -53.27
CA GLU ZC 112 -105.05 54.97 -51.91
C GLU ZC 112 -104.21 55.78 -50.92
N LEU ZC 113 -102.90 55.81 -51.13
CA LEU ZC 113 -102.09 56.67 -50.29
C LEU ZC 113 -102.50 58.13 -50.47
N ALA ZC 114 -102.85 58.52 -51.69
CA ALA ZC 114 -103.31 59.89 -51.90
C ALA ZC 114 -104.52 60.20 -51.04
N ALA ZC 115 -105.50 59.31 -51.07
CA ALA ZC 115 -106.71 59.52 -50.29
C ALA ZC 115 -106.41 59.52 -48.80
N LEU ZC 116 -105.52 58.64 -48.35
CA LEU ZC 116 -105.14 58.69 -46.94
C LEU ZC 116 -104.57 60.06 -46.60
N LEU ZC 117 -103.68 60.57 -47.45
CA LEU ZC 117 -103.09 61.88 -47.22
C LEU ZC 117 -104.12 62.98 -47.16
N ALA ZC 118 -105.23 62.83 -47.88
CA ALA ZC 118 -106.28 63.84 -47.83
C ALA ZC 118 -107.28 63.63 -46.71
N SER ZC 119 -107.41 62.41 -46.19
CA SER ZC 119 -108.44 62.12 -45.22
C SER ZC 119 -108.14 62.77 -43.87
N PRO ZC 120 -109.16 62.97 -43.04
CA PRO ZC 120 -108.91 63.57 -41.73
C PRO ZC 120 -107.91 62.80 -40.89
N LEU ZC 121 -107.84 61.48 -41.04
CA LEU ZC 121 -106.96 60.71 -40.18
C LEU ZC 121 -105.54 61.21 -40.26
N LEU ZC 122 -104.88 61.03 -41.40
CA LEU ZC 122 -103.52 61.52 -41.48
C LEU ZC 122 -103.48 63.02 -41.28
N ILE ZC 123 -104.55 63.74 -41.63
CA ILE ZC 123 -104.57 65.17 -41.39
C ILE ZC 123 -104.29 65.44 -39.91
N ASP ZC 124 -105.03 64.79 -39.03
CA ASP ZC 124 -104.84 65.05 -37.62
C ASP ZC 124 -103.60 64.34 -37.08
N ALA ZC 125 -103.10 63.33 -37.79
CA ALA ZC 125 -101.92 62.59 -37.34
C ALA ZC 125 -100.62 63.30 -37.70
N ILE ZC 126 -100.65 64.09 -38.76
CA ILE ZC 126 -99.49 64.83 -39.24
C ILE ZC 126 -99.57 66.30 -38.85
N ASP ZC 127 -100.64 66.97 -39.24
CA ASP ZC 127 -100.77 68.40 -39.00
C ASP ZC 127 -100.51 68.74 -37.54
N GLN ZC 128 -101.14 68.01 -36.63
CA GLN ZC 128 -100.99 68.26 -35.22
C GLN ZC 128 -100.18 67.21 -34.51
N LEU ZC 129 -99.54 66.30 -35.24
CA LEU ZC 129 -98.80 65.19 -34.66
C LEU ZC 129 -99.60 64.55 -33.54
N ASN ZC 130 -100.71 63.95 -33.92
CA ASN ZC 130 -101.58 63.32 -32.97
C ASN ZC 130 -101.65 61.82 -33.18
N PRO ZC 131 -101.12 61.00 -32.28
CA PRO ZC 131 -101.26 59.56 -32.43
C PRO ZC 131 -102.72 59.17 -32.55
N ALA ZC 132 -103.02 58.33 -33.51
CA ALA ZC 132 -104.41 57.96 -33.74
C ALA ZC 132 -104.86 56.96 -32.69
N TYR ZC 133 -106.08 57.13 -32.22
CA TYR ZC 133 -106.70 56.17 -31.32
C TYR ZC 133 -108.18 56.46 -31.19
N ALA AD 2 -68.88 29.65 -109.52
CA ALA AD 2 -67.96 28.48 -109.61
C ALA AD 2 -68.72 27.18 -109.42
N LYS AD 3 -69.69 26.93 -110.29
CA LYS AD 3 -70.51 25.73 -110.17
C LYS AD 3 -69.67 24.48 -110.41
N LEU AD 4 -69.89 23.47 -109.58
CA LEU AD 4 -69.19 22.19 -109.69
C LEU AD 4 -69.96 21.27 -110.61
N GLU AD 5 -69.27 20.70 -111.59
CA GLU AD 5 -69.90 19.76 -112.50
C GLU AD 5 -68.82 19.11 -113.35
N THR AD 6 -69.24 18.22 -114.24
CA THR AD 6 -68.30 17.44 -115.04
C THR AD 6 -67.61 18.32 -116.05
N VAL AD 7 -66.28 18.21 -116.13
CA VAL AD 7 -65.50 19.02 -117.02
C VAL AD 7 -64.77 18.10 -117.99
N THR AD 8 -64.85 18.42 -119.27
CA THR AD 8 -64.31 17.59 -120.35
C THR AD 8 -63.09 18.30 -120.92
N LEU AD 9 -61.91 17.81 -120.55
CA LEU AD 9 -60.68 18.47 -120.89
C LEU AD 9 -60.17 17.80 -122.16
N GLY AD 10 -60.30 18.48 -123.30
CA GLY AD 10 -59.96 17.86 -124.57
C GLY AD 10 -58.64 18.33 -125.12
N ASN AD 11 -58.14 17.63 -126.13
CA ASN AD 11 -56.90 18.04 -126.79
C ASN AD 11 -55.77 18.11 -125.77
N ILE AD 12 -55.47 16.94 -125.23
CA ILE AD 12 -54.58 16.76 -124.09
C ILE AD 12 -53.44 15.84 -124.51
N GLY AD 13 -52.24 16.16 -124.06
CA GLY AD 13 -51.09 15.28 -124.26
C GLY AD 13 -50.09 15.82 -125.25
N LYS AD 14 -49.08 15.00 -125.54
CA LYS AD 14 -48.05 15.41 -126.49
C LYS AD 14 -48.68 15.94 -127.76
N ASP AD 15 -49.50 15.12 -128.40
CA ASP AD 15 -50.14 15.51 -129.65
C ASP AD 15 -51.47 16.19 -129.41
N GLY AD 16 -51.93 16.25 -128.17
CA GLY AD 16 -53.21 16.87 -127.91
C GLY AD 16 -54.34 16.11 -128.56
N LYS AD 17 -54.43 14.81 -128.27
CA LYS AD 17 -55.47 13.96 -128.83
C LYS AD 17 -56.34 13.25 -127.81
N GLN AD 18 -55.87 13.06 -126.58
CA GLN AD 18 -56.69 12.36 -125.60
C GLN AD 18 -57.72 13.31 -125.01
N THR AD 19 -58.51 12.81 -124.06
CA THR AD 19 -59.49 13.61 -123.35
C THR AD 19 -59.66 13.06 -121.95
N LEU AD 20 -59.93 13.96 -121.02
CA LEU AD 20 -60.08 13.59 -119.62
C LEU AD 20 -61.37 14.15 -119.09
N VAL AD 21 -62.22 13.26 -118.57
CA VAL AD 21 -63.53 13.64 -118.05
C VAL AD 21 -63.43 13.60 -116.54
N LEU AD 22 -63.55 14.76 -115.91
CA LEU AD 22 -63.46 14.87 -114.47
C LEU AD 22 -64.82 15.23 -113.92
N ASN AD 23 -65.34 14.42 -113.16
CA ASN AD 23 -66.58 14.72 -112.49
C ASN AD 23 -66.31 15.19 -111.07
N PRO AD 24 -67.27 15.86 -110.47
CA PRO AD 24 -67.04 16.50 -109.18
C PRO AD 24 -67.08 15.51 -108.02
N ARG AD 25 -66.66 16.00 -106.87
CA ARG AD 25 -66.69 15.25 -105.61
C ARG AD 25 -67.20 16.19 -104.55
N GLY AD 26 -66.95 15.88 -103.29
CA GLY AD 26 -67.42 16.69 -102.17
C GLY AD 26 -66.39 17.75 -101.77
N VAL AD 27 -66.89 18.88 -101.29
CA VAL AD 27 -66.03 19.98 -100.89
C VAL AD 27 -65.52 19.71 -99.49
N ASN AD 28 -64.21 19.64 -99.35
CA ASN AD 28 -63.62 19.47 -98.03
C ASN AD 28 -64.10 20.58 -97.10
N PRO AD 29 -64.96 20.29 -96.12
CA PRO AD 29 -65.37 21.34 -95.20
C PRO AD 29 -64.23 21.77 -94.28
N THR AD 30 -63.26 20.89 -94.04
CA THR AD 30 -62.18 21.24 -93.13
C THR AD 30 -61.42 22.46 -93.59
N ASN AD 31 -61.24 22.64 -94.90
CA ASN AD 31 -60.54 23.81 -95.40
C ASN AD 31 -61.18 24.39 -96.67
N GLY AD 32 -62.40 23.99 -97.03
CA GLY AD 32 -63.06 24.59 -98.17
C GLY AD 32 -62.32 24.33 -99.46
N VAL AD 33 -62.35 23.10 -99.94
CA VAL AD 33 -61.63 22.70 -101.14
C VAL AD 33 -62.53 21.80 -101.96
N ALA AD 34 -62.79 22.17 -103.21
CA ALA AD 34 -63.54 21.30 -104.09
C ALA AD 34 -62.58 20.40 -104.85
N SER AD 35 -63.07 19.25 -105.28
CA SER AD 35 -62.23 18.29 -105.96
C SER AD 35 -62.93 17.69 -107.17
N LEU AD 36 -62.14 17.43 -108.19
CA LEU AD 36 -62.57 16.81 -109.43
C LEU AD 36 -61.72 15.57 -109.66
N SER AD 37 -62.34 14.52 -110.20
CA SER AD 37 -61.62 13.27 -110.39
C SER AD 37 -62.07 12.60 -111.67
N GLN AD 38 -61.19 11.77 -112.20
CA GLN AD 38 -61.46 11.09 -113.46
C GLN AD 38 -62.81 10.41 -113.40
N ALA AD 39 -63.40 10.12 -114.55
CA ALA AD 39 -64.75 9.57 -114.58
C ALA AD 39 -64.84 8.28 -113.77
N GLY AD 40 -63.72 7.59 -113.59
CA GLY AD 40 -63.69 6.40 -112.77
C GLY AD 40 -63.54 5.16 -113.62
N ALA AD 41 -63.75 4.00 -112.99
CA ALA AD 41 -64.18 3.91 -111.59
C ALA AD 41 -63.02 4.12 -110.63
N VAL AD 42 -62.07 3.19 -110.63
CA VAL AD 42 -60.91 3.32 -109.75
C VAL AD 42 -60.21 4.64 -110.02
N PRO AD 43 -59.93 5.02 -111.26
CA PRO AD 43 -59.25 6.31 -111.50
C PRO AD 43 -59.84 7.46 -110.69
N ALA AD 44 -61.09 7.33 -110.25
CA ALA AD 44 -61.66 8.33 -109.35
C ALA AD 44 -60.91 8.40 -108.04
N LEU AD 45 -60.33 7.28 -107.59
CA LEU AD 45 -59.53 7.25 -106.37
C LEU AD 45 -58.05 7.41 -106.66
N GLU AD 46 -57.66 7.78 -107.88
CA GLU AD 46 -56.26 7.99 -108.23
C GLU AD 46 -55.99 9.39 -108.76
N LYS AD 47 -56.70 9.81 -109.80
CA LYS AD 47 -56.51 11.15 -110.36
C LYS AD 47 -57.26 12.18 -109.54
N ARG AD 48 -56.63 13.34 -109.29
CA ARG AD 48 -57.26 14.33 -108.45
C ARG AD 48 -56.94 15.75 -108.92
N VAL AD 49 -57.90 16.64 -108.75
CA VAL AD 49 -57.74 18.06 -109.09
C VAL AD 49 -58.46 18.86 -108.02
N THR AD 50 -57.70 19.50 -107.14
CA THR AD 50 -58.25 20.27 -106.03
C THR AD 50 -58.22 21.76 -106.35
N VAL AD 51 -59.26 22.46 -105.93
CA VAL AD 51 -59.38 23.90 -106.15
C VAL AD 51 -59.85 24.55 -104.86
N SER AD 52 -59.30 25.71 -104.54
CA SER AD 52 -59.67 26.41 -103.32
C SER AD 52 -59.47 27.91 -103.47
N VAL AD 53 -60.29 28.66 -102.73
CA VAL AD 53 -60.33 30.12 -102.83
C VAL AD 53 -60.30 30.72 -101.43
N SER AD 54 -59.12 30.96 -100.90
CA SER AD 54 -59.00 31.54 -99.57
C SER AD 54 -59.28 33.03 -99.62
N GLN AD 55 -60.34 33.43 -98.93
CA GLN AD 55 -60.76 34.82 -98.75
C GLN AD 55 -59.87 35.49 -97.72
N PRO AD 56 -59.90 36.83 -97.64
CA PRO AD 56 -58.93 37.52 -96.78
C PRO AD 56 -59.03 37.07 -95.34
N SER AD 57 -58.04 37.41 -94.52
CA SER AD 57 -58.11 37.20 -93.08
C SER AD 57 -56.94 37.93 -92.44
N ARG AD 58 -56.69 37.66 -91.16
CA ARG AD 58 -55.57 38.27 -90.48
C ARG AD 58 -54.24 37.85 -91.08
N ASN AD 59 -54.10 36.58 -91.44
CA ASN AD 59 -52.82 36.09 -91.93
C ASN AD 59 -52.62 36.43 -93.41
N ARG AD 60 -53.69 36.45 -94.18
CA ARG AD 60 -53.62 36.75 -95.61
C ARG AD 60 -54.27 38.10 -95.87
N LYS AD 61 -54.14 38.64 -97.09
CA LYS AD 61 -54.66 39.99 -97.30
C LYS AD 61 -55.60 40.25 -98.47
N ASN AD 62 -55.19 40.10 -99.76
CA ASN AD 62 -54.32 39.12 -100.44
C ASN AD 62 -54.99 37.76 -100.50
N TYR AD 63 -56.10 37.81 -101.22
CA TYR AD 63 -56.80 36.67 -101.79
C TYR AD 63 -55.84 35.63 -102.32
N LYS AD 64 -56.11 34.34 -102.04
CA LYS AD 64 -55.25 33.27 -102.50
C LYS AD 64 -56.07 32.18 -103.19
N VAL AD 65 -55.81 31.94 -104.47
CA VAL AD 65 -56.48 30.87 -105.21
C VAL AD 65 -55.48 29.77 -105.46
N GLN AD 66 -55.79 28.57 -104.99
CA GLN AD 66 -54.93 27.42 -105.13
C GLN AD 66 -55.57 26.38 -106.04
N VAL AD 67 -54.75 25.78 -106.90
CA VAL AD 67 -55.19 24.76 -107.83
C VAL AD 67 -54.11 23.69 -107.89
N LYS AD 68 -54.38 22.54 -107.28
CA LYS AD 68 -53.43 21.44 -107.28
C LYS AD 68 -53.94 20.33 -108.17
N ILE AD 69 -53.02 19.67 -108.87
CA ILE AD 69 -53.35 18.55 -109.73
C ILE AD 69 -52.40 17.43 -109.41
N GLN AD 70 -52.92 16.20 -109.35
CA GLN AD 70 -52.12 15.03 -109.00
C GLN AD 70 -52.52 13.86 -109.88
N ASN AD 71 -51.53 13.30 -110.56
CA ASN AD 71 -51.70 12.13 -111.42
C ASN AD 71 -50.80 11.02 -110.90
N PRO AD 72 -51.35 10.02 -110.26
CA PRO AD 72 -50.53 8.88 -109.85
C PRO AD 72 -50.42 7.84 -110.94
N THR AD 73 -49.22 7.61 -111.44
CA THR AD 73 -49.02 6.52 -112.39
C THR AD 73 -48.82 5.23 -111.64
N ALA AD 74 -49.60 4.23 -112.00
CA ALA AD 74 -49.58 2.95 -111.30
C ALA AD 74 -49.51 1.84 -112.33
N CYS AD 75 -49.38 0.61 -111.82
CA CYS AD 75 -49.28 -0.53 -112.70
C CYS AD 75 -49.26 -1.81 -111.89
N THR AD 76 -49.42 -2.92 -112.59
CA THR AD 76 -49.66 -4.22 -111.99
C THR AD 76 -48.47 -5.12 -112.22
N ALA AD 77 -47.82 -5.53 -111.13
CA ALA AD 77 -46.73 -6.48 -111.25
C ALA AD 77 -47.23 -7.78 -111.88
N ASN AD 78 -46.31 -8.52 -112.47
CA ASN AD 78 -46.67 -9.79 -113.06
C ASN AD 78 -46.96 -10.79 -111.95
N GLY AD 79 -48.24 -10.96 -111.64
CA GLY AD 79 -48.67 -11.91 -110.63
C GLY AD 79 -49.74 -11.36 -109.72
N SER AD 80 -49.67 -10.06 -109.42
CA SER AD 80 -50.65 -9.45 -108.53
C SER AD 80 -51.84 -8.94 -109.32
N CYS AD 81 -52.89 -8.54 -108.59
CA CYS AD 81 -54.13 -8.10 -109.21
C CYS AD 81 -54.26 -6.58 -109.12
N ASP AD 82 -54.29 -6.04 -107.92
CA ASP AD 82 -54.49 -4.62 -107.79
C ASP AD 82 -53.28 -3.86 -108.33
N PRO AD 83 -53.49 -2.87 -109.17
CA PRO AD 83 -52.36 -2.01 -109.56
C PRO AD 83 -51.86 -1.20 -108.38
N SER AD 84 -50.54 -1.24 -108.19
CA SER AD 84 -49.88 -0.47 -107.15
C SER AD 84 -49.27 0.77 -107.78
N VAL AD 85 -49.18 1.83 -106.99
CA VAL AD 85 -48.83 3.14 -107.50
C VAL AD 85 -47.32 3.27 -107.55
N THR AD 86 -46.77 3.44 -108.74
CA THR AD 86 -45.34 3.42 -108.94
C THR AD 86 -44.72 4.80 -108.97
N ARG AD 87 -45.44 5.82 -109.43
CA ARG AD 87 -44.88 7.15 -109.54
C ARG AD 87 -45.98 8.17 -109.28
N GLN AD 88 -45.57 9.39 -108.94
CA GLN AD 88 -46.51 10.44 -108.57
C GLN AD 88 -46.11 11.71 -109.29
N ALA AD 89 -46.92 12.17 -110.23
CA ALA AD 89 -46.74 13.50 -110.79
C ALA AD 89 -47.73 14.44 -110.13
N TYR AD 90 -47.29 15.68 -109.88
CA TYR AD 90 -48.22 16.64 -109.33
C TYR AD 90 -47.68 18.05 -109.51
N ALA AD 91 -48.60 18.98 -109.63
CA ALA AD 91 -48.28 20.38 -109.85
C ALA AD 91 -49.27 21.24 -109.08
N ASP AD 92 -48.87 22.48 -108.82
CA ASP AD 92 -49.66 23.37 -107.99
C ASP AD 92 -49.54 24.79 -108.49
N VAL AD 93 -50.66 25.47 -108.60
CA VAL AD 93 -50.71 26.86 -109.00
C VAL AD 93 -51.31 27.67 -107.86
N THR AD 94 -50.72 28.83 -107.60
CA THR AD 94 -51.16 29.69 -106.51
C THR AD 94 -51.16 31.13 -107.01
N PHE AD 95 -52.35 31.68 -107.21
CA PHE AD 95 -52.52 33.07 -107.58
C PHE AD 95 -52.76 33.89 -106.33
N SER AD 96 -51.99 34.96 -106.16
CA SER AD 96 -52.15 35.87 -105.04
C SER AD 96 -52.64 37.20 -105.60
N PHE AD 97 -53.86 37.59 -105.25
CA PHE AD 97 -54.43 38.85 -105.70
C PHE AD 97 -54.69 39.77 -104.52
N THR AD 98 -54.65 41.06 -104.76
CA THR AD 98 -54.96 42.02 -103.72
C THR AD 98 -56.45 42.34 -103.69
N GLN AD 99 -56.89 42.86 -102.55
CA GLN AD 99 -58.29 43.19 -102.38
C GLN AD 99 -58.79 44.06 -103.52
N TYR AD 100 -57.99 45.04 -103.92
CA TYR AD 100 -58.37 45.97 -104.97
C TYR AD 100 -58.09 45.41 -106.36
N SER AD 101 -57.75 44.14 -106.47
CA SER AD 101 -57.55 43.54 -107.77
C SER AD 101 -58.78 43.76 -108.64
N THR AD 102 -58.60 43.59 -109.95
CA THR AD 102 -59.69 43.69 -110.91
C THR AD 102 -59.83 42.38 -111.66
N ASP AD 103 -61.07 41.96 -111.90
CA ASP AD 103 -61.30 40.78 -112.70
C ASP AD 103 -60.55 40.88 -114.02
N GLU AD 104 -60.53 42.08 -114.59
CA GLU AD 104 -59.70 42.34 -115.75
C GLU AD 104 -58.31 41.73 -115.56
N GLU AD 105 -57.58 42.25 -114.57
CA GLU AD 105 -56.20 41.82 -114.39
C GLU AD 105 -56.14 40.33 -114.10
N ARG AD 106 -57.07 39.83 -113.31
CA ARG AD 106 -56.97 38.45 -112.89
C ARG AD 106 -57.09 37.51 -114.08
N ALA AD 107 -58.08 37.75 -114.94
CA ALA AD 107 -58.21 36.91 -116.12
C ALA AD 107 -57.02 37.11 -117.04
N PHE AD 108 -56.50 38.34 -117.11
CA PHE AD 108 -55.28 38.56 -117.87
C PHE AD 108 -54.19 37.62 -117.41
N VAL AD 109 -53.96 37.57 -116.10
CA VAL AD 109 -52.97 36.66 -115.55
C VAL AD 109 -53.30 35.23 -115.93
N ARG AD 110 -54.57 34.87 -115.84
CA ARG AD 110 -54.97 33.51 -116.16
C ARG AD 110 -54.53 33.14 -117.56
N THR AD 111 -55.08 33.83 -118.54
CA THR AD 111 -54.76 33.47 -119.91
C THR AD 111 -53.27 33.58 -120.18
N GLU AD 112 -52.57 34.46 -119.45
CA GLU AD 112 -51.14 34.58 -119.69
C GLU AD 112 -50.42 33.33 -119.25
N LEU AD 113 -50.72 32.85 -118.05
CA LEU AD 113 -50.18 31.56 -117.63
C LEU AD 113 -50.55 30.49 -118.64
N ALA AD 114 -51.77 30.52 -119.15
CA ALA AD 114 -52.20 29.48 -120.07
C ALA AD 114 -51.34 29.46 -121.31
N ALA AD 115 -51.21 30.61 -121.95
CA ALA AD 115 -50.50 30.62 -123.22
C ALA AD 115 -49.00 30.46 -123.01
N LEU AD 116 -48.50 30.79 -121.82
CA LEU AD 116 -47.11 30.43 -121.54
C LEU AD 116 -46.95 28.93 -121.46
N LEU AD 117 -47.88 28.25 -120.79
CA LEU AD 117 -47.86 26.79 -120.81
C LEU AD 117 -47.94 26.27 -122.24
N ALA AD 118 -48.63 27.01 -123.10
CA ALA AD 118 -48.74 26.59 -124.49
C ALA AD 118 -47.53 26.95 -125.33
N SER AD 119 -46.71 27.87 -124.90
CA SER AD 119 -45.63 28.39 -125.73
C SER AD 119 -44.44 27.46 -125.76
N PRO AD 120 -43.55 27.61 -126.75
CA PRO AD 120 -42.39 26.70 -126.85
C PRO AD 120 -41.50 26.65 -125.61
N LEU AD 121 -41.26 27.78 -124.96
CA LEU AD 121 -40.32 27.75 -123.85
C LEU AD 121 -40.76 26.76 -122.79
N LEU AD 122 -41.99 26.90 -122.33
CA LEU AD 122 -42.46 26.01 -121.28
C LEU AD 122 -42.58 24.58 -121.78
N ILE AD 123 -42.92 24.37 -123.06
CA ILE AD 123 -42.99 22.99 -123.53
C ILE AD 123 -41.66 22.34 -123.31
N ASP AD 124 -40.60 23.02 -123.71
CA ASP AD 124 -39.30 22.39 -123.66
C ASP AD 124 -38.84 22.23 -122.24
N ALA AD 125 -39.14 23.22 -121.39
CA ALA AD 125 -38.66 23.16 -120.02
C ALA AD 125 -39.46 22.18 -119.18
N ILE AD 126 -40.61 21.74 -119.67
CA ILE AD 126 -41.43 20.78 -118.95
C ILE AD 126 -41.21 19.38 -119.52
N ASP AD 127 -41.64 19.20 -120.75
CA ASP AD 127 -41.66 17.86 -121.34
C ASP AD 127 -40.29 17.22 -121.24
N GLN AD 128 -39.26 17.95 -121.62
CA GLN AD 128 -37.90 17.46 -121.60
C GLN AD 128 -37.10 17.95 -120.41
N LEU AD 129 -37.69 18.76 -119.54
CA LEU AD 129 -36.97 19.33 -118.40
C LEU AD 129 -35.74 20.08 -118.87
N ASN AD 130 -35.90 20.89 -119.90
CA ASN AD 130 -34.78 21.59 -120.49
C ASN AD 130 -34.66 22.97 -119.86
N PRO AD 131 -33.57 23.30 -119.18
CA PRO AD 131 -33.40 24.68 -118.73
C PRO AD 131 -33.29 25.59 -119.94
N ALA AD 132 -33.71 26.82 -119.73
CA ALA AD 132 -33.69 27.80 -120.82
C ALA AD 132 -32.26 28.28 -121.02
N TYR AD 133 -31.59 27.75 -122.03
CA TYR AD 133 -30.36 28.33 -122.55
C TYR AD 133 -30.18 27.93 -123.99
N ALA BD 2 -84.22 27.45 -98.53
CA ALA BD 2 -83.53 28.77 -98.46
C ALA BD 2 -82.46 28.84 -99.54
N LYS BD 3 -82.77 28.27 -100.70
CA LYS BD 3 -81.82 28.24 -101.80
C LYS BD 3 -81.28 29.65 -102.04
N LEU BD 4 -79.96 29.77 -102.06
CA LEU BD 4 -79.35 31.04 -102.42
C LEU BD 4 -79.80 31.43 -103.83
N GLU BD 5 -79.92 32.73 -104.06
CA GLU BD 5 -80.25 33.19 -105.41
C GLU BD 5 -80.11 34.71 -105.45
N THR BD 6 -80.38 35.27 -106.62
CA THR BD 6 -80.26 36.70 -106.86
C THR BD 6 -81.30 37.46 -106.06
N VAL BD 7 -80.91 38.15 -105.02
CA VAL BD 7 -81.87 38.80 -104.15
C VAL BD 7 -82.03 40.24 -104.59
N THR BD 8 -83.26 40.68 -104.72
CA THR BD 8 -83.59 42.01 -105.24
C THR BD 8 -84.29 42.79 -104.15
N LEU BD 9 -83.53 43.68 -103.52
CA LEU BD 9 -84.06 44.52 -102.46
C LEU BD 9 -84.69 45.73 -103.13
N GLY BD 10 -85.97 45.97 -102.86
CA GLY BD 10 -86.68 47.03 -103.54
C GLY BD 10 -86.34 48.40 -102.98
N ASN BD 11 -87.35 49.21 -102.75
CA ASN BD 11 -87.12 50.59 -102.34
C ASN BD 11 -86.25 50.64 -101.10
N ILE BD 12 -85.26 51.53 -101.12
CA ILE BD 12 -84.19 51.55 -100.14
C ILE BD 12 -83.68 52.98 -100.04
N GLY BD 13 -83.21 53.37 -98.86
CA GLY BD 13 -82.72 54.70 -98.60
C GLY BD 13 -83.74 55.52 -97.85
N LYS BD 14 -83.39 56.78 -97.57
CA LYS BD 14 -84.34 57.61 -96.84
C LYS BD 14 -85.58 57.87 -97.67
N ASP BD 15 -85.40 58.23 -98.93
CA ASP BD 15 -86.53 58.47 -99.81
C ASP BD 15 -87.16 57.20 -100.31
N GLY BD 16 -86.52 56.06 -100.07
CA GLY BD 16 -87.04 54.80 -100.55
C GLY BD 16 -87.22 54.80 -102.04
N LYS BD 17 -86.11 54.92 -102.78
CA LYS BD 17 -86.17 54.95 -104.24
C LYS BD 17 -85.13 54.08 -104.91
N GLN BD 18 -84.02 53.76 -104.27
CA GLN BD 18 -83.03 52.90 -104.90
C GLN BD 18 -83.39 51.44 -104.67
N THR BD 19 -82.73 50.57 -105.41
CA THR BD 19 -82.86 49.13 -105.21
C THR BD 19 -81.47 48.51 -105.28
N LEU BD 20 -81.35 47.34 -104.68
CA LEU BD 20 -80.11 46.60 -104.69
C LEU BD 20 -80.33 45.23 -105.31
N VAL BD 21 -79.32 44.77 -106.04
CA VAL BD 21 -79.34 43.43 -106.62
C VAL BD 21 -78.09 42.73 -106.13
N LEU BD 22 -78.26 41.75 -105.27
CA LEU BD 22 -77.15 41.05 -104.65
C LEU BD 22 -77.10 39.63 -105.23
N ASN BD 23 -75.98 39.30 -105.87
CA ASN BD 23 -75.88 38.04 -106.56
C ASN BD 23 -75.43 36.94 -105.61
N PRO BD 24 -75.80 35.70 -105.90
CA PRO BD 24 -75.42 34.58 -105.03
C PRO BD 24 -73.96 34.22 -105.26
N ARG BD 25 -73.15 34.39 -104.21
CA ARG BD 25 -71.71 34.17 -104.30
C ARG BD 25 -71.39 32.70 -104.15
N GLY BD 26 -71.69 32.17 -102.98
CA GLY BD 26 -71.29 30.83 -102.62
C GLY BD 26 -71.49 30.67 -101.13
N VAL BD 27 -70.78 29.70 -100.55
CA VAL BD 27 -70.88 29.51 -99.12
C VAL BD 27 -69.59 28.94 -98.56
N ASN BD 28 -69.00 29.65 -97.61
CA ASN BD 28 -67.88 29.12 -96.87
C ASN BD 28 -68.33 27.93 -96.04
N PRO BD 29 -67.73 26.76 -96.21
CA PRO BD 29 -68.06 25.63 -95.35
C PRO BD 29 -67.39 25.70 -93.98
N THR BD 30 -66.16 26.22 -93.94
CA THR BD 30 -65.42 26.24 -92.68
C THR BD 30 -66.22 26.86 -91.56
N ASN BD 31 -67.23 27.64 -91.90
CA ASN BD 31 -68.09 28.28 -90.91
C ASN BD 31 -69.56 28.21 -91.29
N GLY BD 32 -69.89 27.55 -92.40
CA GLY BD 32 -71.25 27.47 -92.84
C GLY BD 32 -71.87 28.83 -92.99
N VAL BD 33 -71.32 29.66 -93.87
CA VAL BD 33 -71.83 31.02 -94.07
C VAL BD 33 -72.03 31.26 -95.55
N ALA BD 34 -73.28 31.46 -95.96
CA ALA BD 34 -73.57 31.80 -97.34
C ALA BD 34 -73.32 33.28 -97.55
N SER BD 35 -72.78 33.61 -98.72
CA SER BD 35 -72.32 34.96 -99.04
C SER BD 35 -73.05 35.49 -100.25
N LEU BD 36 -73.29 36.80 -100.24
CA LEU BD 36 -73.91 37.48 -101.35
C LEU BD 36 -73.20 38.81 -101.54
N SER BD 37 -72.98 39.18 -102.79
CA SER BD 37 -72.23 40.38 -103.09
C SER BD 37 -72.93 41.15 -104.20
N GLN BD 38 -72.83 42.47 -104.14
CA GLN BD 38 -73.34 43.28 -105.23
C GLN BD 38 -72.51 43.04 -106.47
N ALA BD 39 -73.16 43.20 -107.62
CA ALA BD 39 -72.48 42.96 -108.88
C ALA BD 39 -71.45 44.06 -109.11
N GLY BD 40 -70.21 43.66 -109.29
CA GLY BD 40 -69.14 44.59 -109.57
C GLY BD 40 -67.92 43.82 -110.01
N ALA BD 41 -66.75 44.42 -109.83
CA ALA BD 41 -65.53 43.74 -110.20
C ALA BD 41 -64.51 43.74 -109.08
N VAL BD 42 -64.39 44.86 -108.38
CA VAL BD 42 -63.36 44.98 -107.36
C VAL BD 42 -63.95 44.53 -106.03
N PRO BD 43 -63.47 43.45 -105.43
CA PRO BD 43 -64.11 42.94 -104.22
C PRO BD 43 -64.21 43.99 -103.13
N ALA BD 44 -63.21 44.84 -102.98
CA ALA BD 44 -63.18 45.76 -101.86
C ALA BD 44 -64.19 46.88 -101.99
N LEU BD 45 -64.92 46.95 -103.10
CA LEU BD 45 -65.90 48.01 -103.31
C LEU BD 45 -67.25 47.42 -103.64
N GLU BD 46 -67.65 46.40 -102.91
CA GLU BD 46 -68.92 45.73 -103.17
C GLU BD 46 -69.71 45.56 -101.88
N LYS BD 47 -71.01 45.78 -102.01
CA LYS BD 47 -71.97 45.62 -100.93
C LYS BD 47 -72.04 44.14 -100.58
N ARG BD 48 -71.63 43.76 -99.39
CA ARG BD 48 -71.59 42.35 -99.04
C ARG BD 48 -72.62 42.04 -97.97
N VAL BD 49 -73.14 40.82 -98.02
CA VAL BD 49 -74.05 40.32 -97.00
C VAL BD 49 -73.74 38.86 -96.77
N THR BD 50 -73.91 38.42 -95.53
CA THR BD 50 -73.57 37.06 -95.16
C THR BD 50 -74.62 36.56 -94.19
N VAL BD 51 -74.99 35.30 -94.36
CA VAL BD 51 -76.02 34.66 -93.55
C VAL BD 51 -75.47 33.34 -93.03
N SER BD 52 -75.74 33.07 -91.77
CA SER BD 52 -75.27 31.85 -91.15
C SER BD 52 -76.27 31.36 -90.12
N VAL BD 53 -76.31 30.05 -89.92
CA VAL BD 53 -77.24 29.43 -89.00
C VAL BD 53 -76.46 28.40 -88.20
N SER BD 54 -76.16 28.73 -86.95
CA SER BD 54 -75.39 27.84 -86.09
C SER BD 54 -76.33 26.93 -85.33
N GLN BD 55 -76.11 25.63 -85.50
CA GLN BD 55 -76.82 24.56 -84.83
C GLN BD 55 -76.34 24.42 -83.39
N PRO BD 56 -77.22 24.03 -82.47
CA PRO BD 56 -76.80 23.82 -81.08
C PRO BD 56 -75.65 22.85 -81.01
N SER BD 57 -74.57 23.28 -80.37
CA SER BD 57 -73.47 22.41 -80.01
C SER BD 57 -73.75 21.79 -78.66
N ARG BD 58 -72.88 20.86 -78.28
CA ARG BD 58 -72.92 20.36 -76.92
C ARG BD 58 -72.47 21.40 -75.90
N ASN BD 59 -72.03 22.57 -76.35
CA ASN BD 59 -71.53 23.61 -75.47
C ASN BD 59 -72.47 24.80 -75.36
N ARG BD 60 -73.48 24.89 -76.22
CA ARG BD 60 -74.40 26.02 -76.20
C ARG BD 60 -75.84 25.58 -76.05
N LYS BD 61 -76.26 24.63 -76.88
CA LYS BD 61 -77.64 24.16 -76.89
C LYS BD 61 -78.60 25.33 -77.18
N ASN BD 62 -78.41 25.95 -78.35
CA ASN BD 62 -79.32 27.01 -78.77
C ASN BD 62 -79.08 27.34 -80.24
N TYR BD 63 -80.17 27.46 -81.00
CA TYR BD 63 -80.08 27.93 -82.37
C TYR BD 63 -79.59 29.37 -82.39
N LYS BD 64 -78.64 29.65 -83.28
CA LYS BD 64 -78.26 31.02 -83.57
C LYS BD 64 -78.41 31.29 -85.05
N VAL BD 65 -78.80 32.51 -85.40
CA VAL BD 65 -78.90 32.92 -86.78
C VAL BD 65 -78.25 34.29 -86.87
N GLN BD 66 -77.20 34.38 -87.66
CA GLN BD 66 -76.37 35.58 -87.74
C GLN BD 66 -76.46 36.16 -89.14
N VAL BD 67 -76.69 37.47 -89.22
CA VAL BD 67 -76.82 38.17 -90.48
C VAL BD 67 -75.92 39.38 -90.43
N LYS BD 68 -74.92 39.41 -91.31
CA LYS BD 68 -73.95 40.50 -91.35
C LYS BD 68 -74.05 41.23 -92.67
N ILE BD 69 -73.98 42.56 -92.62
CA ILE BD 69 -74.04 43.41 -93.80
C ILE BD 69 -72.88 44.38 -93.76
N GLN BD 70 -72.17 44.50 -94.87
CA GLN BD 70 -70.98 45.34 -94.96
C GLN BD 70 -71.13 46.26 -96.15
N ASN BD 71 -70.89 47.53 -95.92
CA ASN BD 71 -71.13 48.58 -96.90
C ASN BD 71 -69.94 49.51 -96.99
N PRO BD 72 -69.09 49.40 -97.99
CA PRO BD 72 -67.95 50.31 -98.11
C PRO BD 72 -68.25 51.51 -98.99
N THR BD 73 -67.51 52.58 -98.73
CA THR BD 73 -67.63 53.81 -99.51
C THR BD 73 -66.56 53.87 -100.58
N ALA BD 74 -66.92 54.52 -101.70
CA ALA BD 74 -66.02 54.58 -102.87
C ALA BD 74 -64.86 55.53 -102.64
N CYS BD 75 -65.16 56.82 -102.43
CA CYS BD 75 -64.15 57.85 -102.28
C CYS BD 75 -63.20 57.86 -103.48
N THR BD 76 -63.78 57.83 -104.68
CA THR BD 76 -62.97 57.84 -105.90
C THR BD 76 -62.20 59.15 -106.02
N ALA BD 77 -60.90 59.03 -106.23
CA ALA BD 77 -60.01 60.18 -106.35
C ALA BD 77 -60.02 60.72 -107.78
N ASN BD 78 -59.59 61.97 -107.92
CA ASN BD 78 -59.52 62.62 -109.23
C ASN BD 78 -58.38 61.97 -110.03
N GLY BD 79 -58.59 60.70 -110.36
CA GLY BD 79 -57.70 59.95 -111.21
C GLY BD 79 -56.72 59.12 -110.41
N SER BD 80 -55.57 58.88 -111.01
CA SER BD 80 -54.39 58.33 -110.37
C SER BD 80 -54.51 56.85 -110.04
N CYS BD 81 -55.72 56.36 -109.84
CA CYS BD 81 -56.10 54.96 -110.06
C CYS BD 81 -57.44 54.72 -109.35
N ASP BD 82 -57.92 53.48 -109.42
CA ASP BD 82 -59.23 53.12 -108.92
C ASP BD 82 -59.47 53.70 -107.52
N PRO BD 83 -60.73 53.78 -107.11
CA PRO BD 83 -61.03 54.28 -105.77
C PRO BD 83 -60.44 53.42 -104.67
N SER BD 84 -60.52 53.94 -103.46
CA SER BD 84 -60.01 53.28 -102.27
C SER BD 84 -61.06 53.38 -101.17
N VAL BD 85 -61.14 52.34 -100.34
CA VAL BD 85 -62.16 52.30 -99.32
C VAL BD 85 -61.74 53.17 -98.15
N THR BD 86 -62.66 54.01 -97.69
CA THR BD 86 -62.39 54.94 -96.60
C THR BD 86 -63.33 54.75 -95.42
N ARG BD 87 -64.55 54.28 -95.67
CA ARG BD 87 -65.60 54.27 -94.68
C ARG BD 87 -66.39 52.97 -94.84
N GLN BD 88 -66.76 52.36 -93.71
CA GLN BD 88 -67.24 50.99 -93.74
C GLN BD 88 -68.40 50.90 -92.77
N ALA BD 89 -69.63 50.92 -93.27
CA ALA BD 89 -70.79 50.73 -92.40
C ALA BD 89 -71.01 49.24 -92.19
N TYR BD 90 -71.04 48.82 -90.95
CA TYR BD 90 -71.28 47.43 -90.61
C TYR BD 90 -72.61 47.29 -89.90
N ALA BD 91 -73.26 46.15 -90.10
CA ALA BD 91 -74.50 45.84 -89.43
C ALA BD 91 -74.50 44.36 -89.09
N ASP BD 92 -74.83 44.02 -87.86
CA ASP BD 92 -74.83 42.63 -87.42
C ASP BD 92 -76.11 42.38 -86.63
N VAL BD 93 -76.87 41.40 -87.06
CA VAL BD 93 -78.03 40.93 -86.32
C VAL BD 93 -77.77 39.50 -85.89
N THR BD 94 -78.25 39.15 -84.70
CA THR BD 94 -78.03 37.83 -84.13
C THR BD 94 -79.31 37.40 -83.42
N PHE BD 95 -80.09 36.58 -84.10
CA PHE BD 95 -81.26 35.98 -83.48
C PHE BD 95 -80.87 34.71 -82.77
N SER BD 96 -81.47 34.47 -81.62
CA SER BD 96 -81.22 33.26 -80.85
C SER BD 96 -82.56 32.62 -80.51
N PHE BD 97 -82.60 31.30 -80.53
CA PHE BD 97 -83.81 30.58 -80.18
C PHE BD 97 -83.47 29.30 -79.44
N THR BD 98 -84.44 28.84 -78.66
CA THR BD 98 -84.32 27.63 -77.89
C THR BD 98 -84.74 26.43 -78.72
N GLN BD 99 -84.28 25.26 -78.30
CA GLN BD 99 -84.58 24.06 -79.08
C GLN BD 99 -86.07 23.89 -79.25
N TYR BD 100 -86.85 24.17 -78.21
CA TYR BD 100 -88.30 24.06 -78.28
C TYR BD 100 -88.93 25.32 -78.79
N SER BD 101 -88.15 26.22 -79.37
CA SER BD 101 -88.70 27.43 -79.91
C SER BD 101 -89.70 27.10 -81.01
N THR BD 102 -90.43 28.11 -81.45
CA THR BD 102 -91.53 27.91 -82.38
C THR BD 102 -91.40 28.86 -83.56
N ASP BD 103 -91.58 28.31 -84.76
CA ASP BD 103 -91.69 29.17 -85.94
C ASP BD 103 -92.62 30.33 -85.65
N GLU BD 104 -93.66 30.09 -84.87
CA GLU BD 104 -94.56 31.16 -84.47
C GLU BD 104 -93.78 32.36 -83.97
N GLU BD 105 -93.11 32.18 -82.84
CA GLU BD 105 -92.44 33.28 -82.18
C GLU BD 105 -91.22 33.74 -82.95
N ARG BD 106 -90.61 32.86 -83.74
CA ARG BD 106 -89.46 33.29 -84.52
C ARG BD 106 -89.87 34.30 -85.58
N ALA BD 107 -90.88 33.96 -86.39
CA ALA BD 107 -91.36 34.91 -87.38
C ALA BD 107 -91.86 36.16 -86.70
N PHE BD 108 -92.54 35.99 -85.57
CA PHE BD 108 -92.91 37.14 -84.76
C PHE BD 108 -91.71 38.06 -84.59
N VAL BD 109 -90.70 37.60 -83.85
CA VAL BD 109 -89.51 38.42 -83.61
C VAL BD 109 -89.03 39.08 -84.88
N ARG BD 110 -88.95 38.30 -85.97
CA ARG BD 110 -88.41 38.87 -87.19
C ARG BD 110 -89.22 40.09 -87.59
N THR BD 111 -90.53 39.96 -87.59
CA THR BD 111 -91.33 41.07 -88.06
C THR BD 111 -91.27 42.25 -87.10
N GLU BD 112 -91.19 42.02 -85.79
CA GLU BD 112 -91.08 43.19 -84.92
C GLU BD 112 -89.79 43.91 -85.22
N LEU BD 113 -88.72 43.18 -85.48
CA LEU BD 113 -87.47 43.85 -85.78
C LEU BD 113 -87.62 44.66 -87.06
N ALA BD 114 -88.28 44.09 -88.07
CA ALA BD 114 -88.52 44.86 -89.29
C ALA BD 114 -89.27 46.15 -88.97
N ALA BD 115 -90.33 46.03 -88.20
CA ALA BD 115 -91.16 47.18 -87.91
C ALA BD 115 -90.39 48.23 -87.12
N LEU BD 116 -89.57 47.81 -86.16
CA LEU BD 116 -88.75 48.78 -85.45
C LEU BD 116 -87.83 49.49 -86.42
N LEU BD 117 -87.16 48.73 -87.28
CA LEU BD 117 -86.25 49.39 -88.21
C LEU BD 117 -86.99 50.34 -89.14
N ALA BD 118 -88.30 50.20 -89.27
CA ALA BD 118 -89.09 51.20 -89.99
C ALA BD 118 -89.61 52.32 -89.10
N SER BD 119 -89.77 52.09 -87.81
CA SER BD 119 -90.50 53.00 -86.96
C SER BD 119 -89.72 54.30 -86.72
N PRO BD 120 -90.42 55.39 -86.44
CA PRO BD 120 -89.72 56.69 -86.33
C PRO BD 120 -88.60 56.68 -85.34
N LEU BD 121 -88.73 55.92 -84.26
CA LEU BD 121 -87.68 55.84 -83.25
C LEU BD 121 -86.35 55.50 -83.90
N LEU BD 122 -86.22 54.28 -84.40
CA LEU BD 122 -84.95 53.84 -84.94
C LEU BD 122 -84.50 54.75 -86.06
N ILE BD 123 -85.43 55.36 -86.79
CA ILE BD 123 -85.02 56.22 -87.89
C ILE BD 123 -84.11 57.31 -87.37
N ASP BD 124 -84.54 58.00 -86.33
CA ASP BD 124 -83.74 59.10 -85.80
C ASP BD 124 -82.60 58.57 -84.97
N ALA BD 125 -82.74 57.36 -84.43
CA ALA BD 125 -81.65 56.76 -83.67
C ALA BD 125 -80.46 56.41 -84.57
N ILE BD 126 -80.73 56.10 -85.82
CA ILE BD 126 -79.69 55.65 -86.75
C ILE BD 126 -79.27 56.81 -87.62
N ASP BD 127 -80.19 57.30 -88.44
CA ASP BD 127 -79.86 58.32 -89.41
C ASP BD 127 -79.26 59.53 -88.72
N GLN BD 128 -79.96 60.04 -87.72
CA GLN BD 128 -79.51 61.22 -86.99
C GLN BD 128 -78.52 60.89 -85.89
N LEU BD 129 -78.33 59.61 -85.58
CA LEU BD 129 -77.56 59.18 -84.41
C LEU BD 129 -78.02 59.90 -83.15
N ASN BD 130 -79.31 60.20 -83.06
CA ASN BD 130 -79.83 60.85 -81.87
C ASN BD 130 -79.95 59.83 -80.76
N PRO BD 131 -79.49 60.13 -79.55
CA PRO BD 131 -79.72 59.19 -78.45
C PRO BD 131 -81.20 59.14 -78.12
N ALA BD 132 -81.70 57.92 -77.95
CA ALA BD 132 -83.12 57.75 -77.68
C ALA BD 132 -83.52 58.62 -76.51
N TYR BD 133 -84.33 59.63 -76.78
CA TYR BD 133 -84.72 60.59 -75.76
C TYR BD 133 -85.72 61.58 -76.31
N ALA CD 2 -71.74 15.57 -104.12
CA ALA CD 2 -73.19 15.53 -103.82
C ALA CD 2 -73.68 16.85 -103.22
N LYS CD 3 -74.19 17.72 -104.09
CA LYS CD 3 -74.75 18.97 -103.63
C LYS CD 3 -76.01 18.72 -102.81
N LEU CD 4 -76.07 19.30 -101.62
CA LEU CD 4 -77.28 19.21 -100.81
C LEU CD 4 -78.43 19.90 -101.52
N GLU CD 5 -79.60 19.28 -101.46
CA GLU CD 5 -80.79 19.93 -101.97
C GLU CD 5 -82.00 19.33 -101.29
N THR CD 6 -83.11 20.05 -101.38
CA THR CD 6 -84.38 19.55 -100.88
C THR CD 6 -84.61 18.13 -101.37
N VAL CD 7 -84.60 17.17 -100.45
CA VAL CD 7 -84.77 15.78 -100.83
C VAL CD 7 -86.19 15.37 -100.46
N THR CD 8 -86.93 14.87 -101.44
CA THR CD 8 -88.33 14.53 -101.27
C THR CD 8 -88.49 13.03 -101.51
N LEU CD 9 -88.86 12.31 -100.46
CA LEU CD 9 -89.04 10.88 -100.56
C LEU CD 9 -90.49 10.54 -100.38
N GLY CD 10 -91.07 9.88 -101.39
CA GLY CD 10 -92.43 9.43 -101.34
C GLY CD 10 -92.49 7.91 -101.30
N ASN CD 11 -93.72 7.41 -101.26
CA ASN CD 11 -93.97 5.97 -101.13
C ASN CD 11 -93.31 5.47 -99.84
N ILE CD 12 -93.77 6.04 -98.74
CA ILE CD 12 -93.20 5.83 -97.42
C ILE CD 12 -94.28 5.30 -96.50
N GLY CD 13 -93.86 4.50 -95.53
CA GLY CD 13 -94.75 4.03 -94.48
C GLY CD 13 -95.27 2.62 -94.72
N LYS CD 14 -96.16 2.18 -93.83
CA LYS CD 14 -96.76 0.87 -93.99
C LYS CD 14 -97.38 0.73 -95.36
N ASP CD 15 -98.25 1.67 -95.71
CA ASP CD 15 -98.95 1.61 -96.98
C ASP CD 15 -98.20 2.31 -98.10
N GLY CD 16 -97.04 2.88 -97.81
CA GLY CD 16 -96.29 3.56 -98.85
C GLY CD 16 -97.08 4.70 -99.46
N LYS CD 17 -97.62 5.56 -98.61
CA LYS CD 17 -98.42 6.68 -99.09
C LYS CD 17 -97.98 8.03 -98.56
N GLN CD 18 -97.25 8.09 -97.45
CA GLN CD 18 -96.87 9.37 -96.90
C GLN CD 18 -95.70 9.95 -97.68
N THR CD 19 -95.25 11.14 -97.28
CA THR CD 19 -94.16 11.81 -97.97
C THR CD 19 -93.34 12.63 -96.98
N LEU CD 20 -92.03 12.70 -97.25
CA LEU CD 20 -91.11 13.43 -96.40
C LEU CD 20 -90.27 14.38 -97.24
N VAL CD 21 -90.24 15.64 -96.82
CA VAL CD 21 -89.46 16.67 -97.50
C VAL CD 21 -88.40 17.12 -96.51
N LEU CD 22 -87.13 16.83 -96.82
CA LEU CD 22 -86.02 17.18 -95.95
C LEU CD 22 -85.25 18.33 -96.58
N ASN CD 23 -85.07 19.36 -95.84
CA ASN CD 23 -84.27 20.47 -96.32
C ASN CD 23 -82.87 20.41 -95.76
N PRO CD 24 -81.89 20.97 -96.47
CA PRO CD 24 -80.51 20.87 -96.01
C PRO CD 24 -80.30 21.66 -94.73
N ARG CD 25 -79.38 21.17 -93.90
CA ARG CD 25 -79.00 21.84 -92.67
C ARG CD 25 -77.52 22.22 -92.64
N GLY CD 26 -76.88 22.29 -93.79
CA GLY CD 26 -75.48 22.63 -93.82
C GLY CD 26 -74.60 21.44 -93.50
N VAL CD 27 -73.37 21.74 -93.10
CA VAL CD 27 -72.40 20.70 -92.78
C VAL CD 27 -71.62 21.09 -91.54
N ASN CD 28 -71.36 20.12 -90.69
CA ASN CD 28 -70.51 20.34 -89.53
C ASN CD 28 -69.11 20.72 -89.98
N PRO CD 29 -68.55 21.82 -89.50
CA PRO CD 29 -67.17 22.14 -89.83
C PRO CD 29 -66.17 21.18 -89.23
N THR CD 30 -66.43 20.63 -88.05
CA THR CD 30 -65.45 19.77 -87.39
C THR CD 30 -65.55 18.34 -87.89
N ASN CD 31 -66.68 17.70 -87.68
CA ASN CD 31 -66.82 16.32 -88.14
C ASN CD 31 -67.05 16.24 -89.64
N GLY CD 32 -67.40 17.36 -90.27
CA GLY CD 32 -67.56 17.39 -91.71
C GLY CD 32 -68.65 16.46 -92.19
N VAL CD 33 -69.86 16.60 -91.64
CA VAL CD 33 -70.97 15.72 -91.96
C VAL CD 33 -72.19 16.59 -92.26
N ALA CD 34 -72.89 16.27 -93.33
CA ALA CD 34 -74.06 17.02 -93.70
C ALA CD 34 -75.28 16.49 -92.97
N SER CD 35 -76.27 17.35 -92.81
CA SER CD 35 -77.50 16.96 -92.15
C SER CD 35 -78.70 17.60 -92.84
N LEU CD 36 -79.83 16.91 -92.79
CA LEU CD 36 -81.07 17.35 -93.39
C LEU CD 36 -82.18 17.22 -92.36
N SER CD 37 -83.17 18.09 -92.46
CA SER CD 37 -84.25 18.11 -91.49
C SER CD 37 -85.58 18.27 -92.22
N GLN CD 38 -86.61 17.68 -91.63
CA GLN CD 38 -87.95 17.90 -92.13
C GLN CD 38 -88.39 19.32 -91.82
N ALA CD 39 -89.38 19.80 -92.54
CA ALA CD 39 -89.93 21.11 -92.24
C ALA CD 39 -90.94 21.00 -91.11
N GLY CD 40 -90.77 21.81 -90.07
CA GLY CD 40 -91.73 21.77 -88.98
C GLY CD 40 -91.65 23.02 -88.13
N ALA CD 41 -92.56 23.06 -87.15
CA ALA CD 41 -92.69 24.22 -86.27
C ALA CD 41 -91.75 24.13 -85.08
N VAL CD 42 -91.70 22.96 -84.45
CA VAL CD 42 -90.87 22.75 -83.27
C VAL CD 42 -89.58 22.05 -83.73
N PRO CD 43 -88.46 22.76 -83.79
CA PRO CD 43 -87.24 22.12 -84.30
C PRO CD 43 -86.81 20.91 -83.51
N ALA CD 44 -87.14 20.85 -82.23
CA ALA CD 44 -86.82 19.66 -81.47
C ALA CD 44 -87.59 18.44 -81.96
N LEU CD 45 -88.69 18.66 -82.66
CA LEU CD 45 -89.57 17.58 -83.08
C LEU CD 45 -89.45 17.29 -84.56
N GLU CD 46 -88.26 17.47 -85.13
CA GLU CD 46 -88.08 17.41 -86.56
C GLU CD 46 -87.26 16.18 -86.93
N LYS CD 47 -87.70 15.48 -87.96
CA LYS CD 47 -87.01 14.27 -88.39
C LYS CD 47 -85.72 14.67 -89.10
N ARG CD 48 -84.60 14.18 -88.60
CA ARG CD 48 -83.29 14.54 -89.13
C ARG CD 48 -82.62 13.32 -89.75
N VAL CD 49 -81.71 13.61 -90.67
CA VAL CD 49 -80.92 12.55 -91.30
C VAL CD 49 -79.53 13.08 -91.61
N THR CD 50 -78.51 12.35 -91.17
CA THR CD 50 -77.13 12.76 -91.33
C THR CD 50 -76.43 11.89 -92.37
N VAL CD 51 -75.49 12.50 -93.08
CA VAL CD 51 -74.69 11.80 -94.08
C VAL CD 51 -73.24 12.21 -93.88
N SER CD 52 -72.35 11.24 -93.85
CA SER CD 52 -70.93 11.51 -93.70
C SER CD 52 -70.12 10.52 -94.52
N VAL CD 53 -69.11 11.02 -95.22
CA VAL CD 53 -68.16 10.18 -95.93
C VAL CD 53 -66.77 10.59 -95.45
N SER CD 54 -66.16 9.75 -94.63
CA SER CD 54 -64.81 9.99 -94.18
C SER CD 54 -63.83 9.78 -95.33
N GLN CD 55 -62.78 10.58 -95.31
CA GLN CD 55 -61.74 10.53 -96.31
C GLN CD 55 -60.78 9.38 -96.00
N PRO CD 56 -59.78 9.15 -96.85
CA PRO CD 56 -58.91 7.99 -96.67
C PRO CD 56 -58.25 8.03 -95.31
N SER CD 57 -57.97 6.84 -94.75
CA SER CD 57 -57.18 6.73 -93.54
C SER CD 57 -55.71 6.53 -93.93
N ARG CD 58 -54.86 6.11 -92.99
CA ARG CD 58 -53.45 5.95 -93.27
C ARG CD 58 -53.04 4.47 -93.21
N ASN CD 59 -52.34 4.02 -94.27
CA ASN CD 59 -51.71 2.70 -94.39
C ASN CD 59 -52.70 1.56 -94.59
N ARG CD 60 -53.99 1.82 -94.44
CA ARG CD 60 -55.02 0.91 -94.91
C ARG CD 60 -56.08 1.64 -95.71
N LYS CD 61 -56.34 2.89 -95.34
CA LYS CD 61 -56.98 3.90 -96.16
C LYS CD 61 -58.49 3.68 -96.31
N ASN CD 62 -58.97 2.44 -96.28
CA ASN CD 62 -60.29 2.03 -95.77
C ASN CD 62 -61.46 3.03 -95.81
N TYR CD 63 -61.96 3.44 -96.97
CA TYR CD 63 -63.04 4.41 -97.04
C TYR CD 63 -64.24 4.02 -96.19
N LYS CD 64 -64.89 5.04 -95.60
CA LYS CD 64 -66.02 4.86 -94.73
C LYS CD 64 -67.12 5.85 -95.08
N VAL CD 65 -68.37 5.43 -94.90
CA VAL CD 65 -69.52 6.32 -95.05
C VAL CD 65 -70.57 5.97 -94.02
N GLN CD 66 -71.21 6.99 -93.46
CA GLN CD 66 -72.12 6.83 -92.35
C GLN CD 66 -73.40 7.60 -92.61
N VAL CD 67 -74.52 7.08 -92.09
CA VAL CD 67 -75.83 7.69 -92.26
C VAL CD 67 -76.63 7.49 -90.99
N LYS CD 68 -76.98 8.60 -90.33
CA LYS CD 68 -77.75 8.60 -89.09
C LYS CD 68 -79.14 9.16 -89.38
N ILE CD 69 -80.16 8.31 -89.25
CA ILE CD 69 -81.55 8.73 -89.33
C ILE CD 69 -82.10 8.79 -87.92
N GLN CD 70 -82.71 9.91 -87.57
CA GLN CD 70 -83.32 10.07 -86.26
C GLN CD 70 -84.75 10.58 -86.44
N ASN CD 71 -85.70 9.96 -85.73
CA ASN CD 71 -87.08 10.43 -85.71
C ASN CD 71 -87.58 10.55 -84.28
N PRO CD 72 -87.96 11.74 -83.84
CA PRO CD 72 -88.51 11.90 -82.49
C PRO CD 72 -90.03 11.83 -82.50
N THR CD 73 -90.57 11.77 -81.27
CA THR CD 73 -92.02 11.72 -81.06
C THR CD 73 -92.27 12.14 -79.63
N ALA CD 74 -93.14 13.13 -79.41
CA ALA CD 74 -93.30 13.74 -78.10
C ALA CD 74 -94.71 13.58 -77.58
N CYS CD 75 -94.88 14.09 -76.34
CA CYS CD 75 -96.21 14.17 -75.68
C CYS CD 75 -96.29 15.44 -74.87
N THR CD 76 -97.00 16.43 -75.35
CA THR CD 76 -97.50 17.46 -74.43
C THR CD 76 -98.21 16.78 -73.26
N ALA CD 77 -97.57 16.78 -72.10
CA ALA CD 77 -98.20 16.33 -70.87
C ALA CD 77 -99.10 17.42 -70.31
N ASN CD 78 -100.09 17.02 -69.50
CA ASN CD 78 -101.02 18.02 -68.99
C ASN CD 78 -100.26 19.01 -68.12
N GLY CD 79 -100.55 20.29 -68.30
CA GLY CD 79 -99.88 21.33 -67.55
C GLY CD 79 -98.49 21.63 -68.02
N SER CD 80 -97.96 20.84 -68.96
CA SER CD 80 -96.67 21.09 -69.56
C SER CD 80 -96.89 21.79 -70.90
N CYS CD 81 -96.33 22.99 -71.02
CA CYS CD 81 -96.53 23.82 -72.20
C CYS CD 81 -95.47 23.58 -73.26
N ASP CD 82 -94.89 22.40 -73.28
CA ASP CD 82 -93.74 22.18 -74.14
C ASP CD 82 -93.71 20.72 -74.57
N PRO CD 83 -93.90 20.42 -75.84
CA PRO CD 83 -93.96 19.00 -76.25
C PRO CD 83 -92.61 18.33 -76.11
N SER CD 84 -92.30 17.92 -74.89
CA SER CD 84 -91.05 17.25 -74.62
C SER CD 84 -90.95 15.95 -75.41
N VAL CD 85 -89.77 15.70 -75.96
CA VAL CD 85 -89.54 14.47 -76.70
C VAL CD 85 -89.48 13.31 -75.72
N THR CD 86 -90.32 12.31 -75.92
CA THR CD 86 -90.36 11.14 -75.07
C THR CD 86 -90.03 9.86 -75.80
N ARG CD 87 -89.89 9.91 -77.12
CA ARG CD 87 -89.60 8.72 -77.90
C ARG CD 87 -88.70 9.10 -79.07
N GLN CD 88 -87.73 8.22 -79.36
CA GLN CD 88 -86.80 8.49 -80.44
C GLN CD 88 -86.47 7.17 -81.11
N ALA CD 89 -86.40 7.19 -82.43
CA ALA CD 89 -85.97 6.03 -83.22
C ALA CD 89 -84.70 6.38 -83.98
N TYR CD 90 -83.72 5.48 -83.93
CA TYR CD 90 -82.42 5.70 -84.54
C TYR CD 90 -82.11 4.59 -85.52
N ALA CD 91 -81.50 4.97 -86.65
CA ALA CD 91 -81.06 4.02 -87.67
C ALA CD 91 -79.68 4.45 -88.14
N ASP CD 92 -78.70 3.58 -87.94
CA ASP CD 92 -77.29 3.81 -88.31
C ASP CD 92 -76.95 2.89 -89.47
N VAL CD 93 -76.59 3.47 -90.60
CA VAL CD 93 -76.06 2.73 -91.73
C VAL CD 93 -74.59 3.06 -91.88
N THR CD 94 -73.77 2.04 -92.12
CA THR CD 94 -72.32 2.21 -92.22
C THR CD 94 -71.80 1.36 -93.37
N PHE CD 95 -71.22 2.02 -94.37
CA PHE CD 95 -70.54 1.34 -95.45
C PHE CD 95 -69.04 1.45 -95.25
N SER CD 96 -68.33 0.35 -95.51
CA SER CD 96 -66.88 0.32 -95.48
C SER CD 96 -66.37 -0.26 -96.79
N PHE CD 97 -65.60 0.52 -97.53
CA PHE CD 97 -65.05 0.11 -98.81
C PHE CD 97 -63.54 0.11 -98.73
N THR CD 98 -62.92 -0.72 -99.54
CA THR CD 98 -61.48 -0.70 -99.64
C THR CD 98 -61.03 0.41 -100.57
N GLN CD 99 -59.78 0.83 -100.39
CA GLN CD 99 -59.21 1.88 -101.22
C GLN CD 99 -59.35 1.59 -102.70
N TYR CD 100 -59.50 0.33 -103.07
CA TYR CD 100 -59.50 -0.09 -104.46
C TYR CD 100 -60.89 -0.48 -104.93
N SER CD 101 -61.87 -0.38 -104.03
CA SER CD 101 -63.26 -0.66 -104.37
C SER CD 101 -63.66 0.12 -105.62
N THR CD 102 -64.73 -0.32 -106.24
CA THR CD 102 -65.18 0.26 -107.50
C THR CD 102 -66.66 0.61 -107.44
N ASP CD 103 -67.00 1.64 -108.21
CA ASP CD 103 -68.37 2.10 -108.25
C ASP CD 103 -69.35 0.97 -108.53
N GLU CD 104 -68.98 0.03 -109.39
CA GLU CD 104 -69.87 -1.09 -109.66
C GLU CD 104 -70.33 -1.73 -108.37
N GLU CD 105 -69.39 -2.27 -107.61
CA GLU CD 105 -69.76 -2.98 -106.39
C GLU CD 105 -70.37 -2.04 -105.37
N ARG CD 106 -69.93 -0.78 -105.34
CA ARG CD 106 -70.53 0.14 -104.40
C ARG CD 106 -72.02 0.25 -104.63
N ALA CD 107 -72.41 0.53 -105.87
CA ALA CD 107 -73.83 0.62 -106.19
C ALA CD 107 -74.51 -0.72 -105.97
N PHE CD 108 -73.81 -1.80 -106.28
CA PHE CD 108 -74.35 -3.12 -106.00
C PHE CD 108 -74.81 -3.21 -104.56
N VAL CD 109 -73.89 -2.94 -103.63
CA VAL CD 109 -74.18 -3.04 -102.21
C VAL CD 109 -75.32 -2.12 -101.83
N ARG CD 110 -75.29 -0.88 -102.32
CA ARG CD 110 -76.35 0.06 -102.01
C ARG CD 110 -77.71 -0.52 -102.36
N THR CD 111 -77.84 -0.97 -103.60
CA THR CD 111 -79.14 -1.46 -104.03
C THR CD 111 -79.53 -2.72 -103.28
N GLU CD 112 -78.57 -3.55 -102.87
CA GLU CD 112 -78.98 -4.72 -102.08
C GLU CD 112 -79.50 -4.30 -100.72
N LEU CD 113 -78.86 -3.32 -100.09
CA LEU CD 113 -79.44 -2.82 -98.86
C LEU CD 113 -80.88 -2.38 -99.09
N ALA CD 114 -81.11 -1.58 -100.14
CA ALA CD 114 -82.46 -1.08 -100.37
C ALA CD 114 -83.44 -2.22 -100.59
N ALA CD 115 -83.07 -3.15 -101.45
CA ALA CD 115 -83.96 -4.26 -101.75
C ALA CD 115 -84.26 -5.07 -100.51
N LEU CD 116 -83.24 -5.32 -99.67
CA LEU CD 116 -83.48 -6.06 -98.46
C LEU CD 116 -84.41 -5.29 -97.54
N LEU CD 117 -84.22 -3.97 -97.46
CA LEU CD 117 -85.15 -3.14 -96.72
C LEU CD 117 -86.58 -3.32 -97.20
N ALA CD 118 -86.77 -3.57 -98.49
CA ALA CD 118 -88.11 -3.78 -99.02
C ALA CD 118 -88.59 -5.23 -98.94
N SER CD 119 -87.69 -6.18 -98.77
CA SER CD 119 -88.05 -7.58 -98.82
C SER CD 119 -88.89 -7.98 -97.62
N PRO CD 120 -89.66 -9.06 -97.73
CA PRO CD 120 -90.47 -9.49 -96.59
C PRO CD 120 -89.64 -9.74 -95.35
N LEU CD 121 -88.41 -10.23 -95.51
CA LEU CD 121 -87.68 -10.69 -94.35
C LEU CD 121 -87.47 -9.51 -93.42
N LEU CD 122 -86.76 -8.48 -93.88
CA LEU CD 122 -86.52 -7.33 -93.02
C LEU CD 122 -87.83 -6.68 -92.60
N ILE CD 123 -88.86 -6.75 -93.45
CA ILE CD 123 -90.15 -6.20 -93.07
C ILE CD 123 -90.61 -6.80 -91.76
N ASP CD 124 -90.73 -8.12 -91.73
CA ASP CD 124 -91.19 -8.79 -90.52
C ASP CD 124 -90.17 -8.68 -89.41
N ALA CD 125 -88.90 -8.50 -89.75
CA ALA CD 125 -87.86 -8.41 -88.73
C ALA CD 125 -87.88 -7.08 -88.02
N ILE CD 126 -88.31 -6.03 -88.72
CA ILE CD 126 -88.26 -4.67 -88.21
C ILE CD 126 -89.62 -4.22 -87.73
N ASP CD 127 -90.60 -4.19 -88.62
CA ASP CD 127 -91.89 -3.61 -88.26
C ASP CD 127 -92.49 -4.33 -87.06
N GLN CD 128 -92.47 -5.66 -87.07
CA GLN CD 128 -93.02 -6.41 -85.95
C GLN CD 128 -91.94 -6.97 -85.03
N LEU CD 129 -90.68 -6.60 -85.24
CA LEU CD 129 -89.57 -7.06 -84.40
C LEU CD 129 -89.63 -8.57 -84.25
N ASN CD 130 -89.44 -9.28 -85.34
CA ASN CD 130 -89.59 -10.72 -85.33
C ASN CD 130 -88.25 -11.34 -85.66
N PRO CD 131 -87.50 -11.84 -84.69
CA PRO CD 131 -86.21 -12.43 -85.02
C PRO CD 131 -86.38 -13.49 -86.08
N ALA CD 132 -85.47 -13.48 -87.04
CA ALA CD 132 -85.62 -14.36 -88.20
C ALA CD 132 -85.21 -15.77 -87.84
N TYR CD 133 -86.02 -16.74 -88.25
CA TYR CD 133 -85.72 -18.14 -88.04
C TYR CD 133 -86.44 -18.99 -89.06
N ALA DD 2 -116.53 -40.64 -47.76
CA ALA DD 2 -116.37 -40.75 -46.28
C ALA DD 2 -116.96 -39.52 -45.59
N LYS DD 3 -118.26 -39.32 -45.72
CA LYS DD 3 -118.90 -38.16 -45.12
C LYS DD 3 -118.96 -38.30 -43.60
N LEU DD 4 -118.69 -37.20 -42.90
CA LEU DD 4 -118.77 -37.15 -41.45
C LEU DD 4 -120.18 -36.84 -41.03
N GLU DD 5 -120.75 -37.68 -40.17
CA GLU DD 5 -122.09 -37.46 -39.65
C GLU DD 5 -122.21 -38.16 -38.31
N THR DD 6 -123.41 -38.12 -37.74
CA THR DD 6 -123.70 -38.84 -36.52
C THR DD 6 -123.63 -40.33 -36.77
N VAL DD 7 -122.93 -41.05 -35.92
CA VAL DD 7 -122.78 -42.49 -36.02
C VAL DD 7 -123.43 -43.13 -34.81
N THR DD 8 -124.30 -44.09 -35.06
CA THR DD 8 -125.12 -44.72 -34.02
C THR DD 8 -124.66 -46.17 -33.85
N LEU DD 9 -123.74 -46.39 -32.92
CA LEU DD 9 -123.21 -47.72 -32.67
C LEU DD 9 -124.12 -48.43 -31.69
N GLY DD 10 -124.85 -49.42 -32.17
CA GLY DD 10 -125.77 -50.16 -31.32
C GLY DD 10 -125.27 -51.56 -31.02
N ASN DD 11 -125.94 -52.25 -30.09
CA ASN DD 11 -125.53 -53.59 -29.69
C ASN DD 11 -124.10 -53.56 -29.15
N ILE DD 12 -123.93 -52.84 -28.04
CA ILE DD 12 -122.63 -52.46 -27.53
C ILE DD 12 -122.49 -52.98 -26.11
N GLY DD 13 -121.39 -53.67 -25.85
CA GLY DD 13 -120.97 -54.02 -24.50
C GLY DD 13 -120.88 -55.51 -24.29
N LYS DD 14 -120.80 -55.89 -23.02
CA LYS DD 14 -120.85 -57.31 -22.67
C LYS DD 14 -122.09 -57.97 -23.25
N ASP DD 15 -123.25 -57.40 -22.94
CA ASP DD 15 -124.52 -57.96 -23.36
C ASP DD 15 -124.99 -57.45 -24.70
N GLY DD 16 -124.24 -56.54 -25.32
CA GLY DD 16 -124.69 -55.99 -26.59
C GLY DD 16 -126.00 -55.27 -26.45
N LYS DD 17 -126.10 -54.39 -25.45
CA LYS DD 17 -127.32 -53.64 -25.20
C LYS DD 17 -127.12 -52.14 -25.09
N GLN DD 18 -125.90 -51.66 -24.90
CA GLN DD 18 -125.68 -50.23 -24.81
C GLN DD 18 -125.54 -49.62 -26.21
N THR DD 19 -125.65 -48.30 -26.28
CA THR DD 19 -125.60 -47.58 -27.54
C THR DD 19 -124.76 -46.33 -27.38
N LEU DD 20 -123.97 -46.03 -28.41
CA LEU DD 20 -123.11 -44.85 -28.42
C LEU DD 20 -123.43 -44.01 -29.64
N VAL DD 21 -123.71 -42.74 -29.40
CA VAL DD 21 -123.98 -41.77 -30.46
C VAL DD 21 -122.75 -40.90 -30.56
N LEU DD 22 -122.08 -40.95 -31.70
CA LEU DD 22 -120.85 -40.21 -31.93
C LEU DD 22 -121.12 -39.10 -32.94
N ASN DD 23 -121.04 -37.91 -32.51
CA ASN DD 23 -121.19 -36.77 -33.38
C ASN DD 23 -119.83 -36.33 -33.91
N PRO DD 24 -119.82 -35.67 -35.06
CA PRO DD 24 -118.55 -35.33 -35.70
C PRO DD 24 -117.93 -34.08 -35.12
N ARG DD 25 -116.69 -33.84 -35.52
CA ARG DD 25 -115.89 -32.72 -35.06
C ARG DD 25 -115.13 -32.19 -36.26
N GLY DD 26 -114.11 -31.38 -36.03
CA GLY DD 26 -113.32 -30.78 -37.09
C GLY DD 26 -112.17 -31.67 -37.50
N VAL DD 27 -111.83 -31.64 -38.78
CA VAL DD 27 -110.71 -32.42 -39.30
C VAL DD 27 -109.42 -31.69 -38.95
N ASN DD 28 -108.53 -32.38 -38.25
CA ASN DD 28 -107.29 -31.74 -37.86
C ASN DD 28 -106.49 -31.31 -39.09
N PRO DD 29 -106.41 -30.00 -39.35
CA PRO DD 29 -105.66 -29.56 -40.53
C PRO DD 29 -104.20 -29.94 -40.49
N THR DD 30 -103.58 -29.90 -39.32
CA THR DD 30 -102.15 -30.14 -39.24
C THR DD 30 -101.76 -31.50 -39.79
N ASN DD 31 -102.66 -32.47 -39.72
CA ASN DD 31 -102.34 -33.82 -40.15
C ASN DD 31 -103.51 -34.51 -40.84
N GLY DD 32 -104.63 -33.84 -41.05
CA GLY DD 32 -105.74 -34.43 -41.76
C GLY DD 32 -106.32 -35.63 -41.04
N VAL DD 33 -106.89 -35.41 -39.86
CA VAL DD 33 -107.51 -36.47 -39.07
C VAL DD 33 -108.92 -36.02 -38.70
N ALA DD 34 -109.91 -36.85 -39.00
CA ALA DD 34 -111.28 -36.56 -38.60
C ALA DD 34 -111.54 -37.12 -37.21
N SER DD 35 -112.45 -36.46 -36.48
CA SER DD 35 -112.72 -36.78 -35.09
C SER DD 35 -114.22 -36.92 -34.84
N LEU DD 36 -114.58 -37.92 -34.04
CA LEU DD 36 -115.94 -38.08 -33.55
C LEU DD 36 -115.90 -38.26 -32.04
N SER DD 37 -116.98 -37.83 -31.39
CA SER DD 37 -116.99 -37.84 -29.94
C SER DD 37 -118.41 -38.04 -29.45
N GLN DD 38 -118.52 -38.44 -28.18
CA GLN DD 38 -119.80 -38.77 -27.57
C GLN DD 38 -120.80 -37.66 -27.78
N ALA DD 39 -122.10 -37.98 -27.69
CA ALA DD 39 -123.13 -36.99 -27.96
C ALA DD 39 -122.95 -35.75 -27.12
N GLY DD 40 -122.36 -35.89 -25.94
CA GLY DD 40 -122.07 -34.77 -25.08
C GLY DD 40 -122.85 -34.86 -23.79
N ALA DD 41 -122.74 -33.81 -22.97
CA ALA DD 41 -121.98 -32.61 -23.31
C ALA DD 41 -120.49 -32.79 -23.05
N VAL DD 42 -120.13 -32.92 -21.77
CA VAL DD 42 -118.73 -33.13 -21.43
C VAL DD 42 -118.18 -34.36 -22.13
N PRO DD 43 -118.85 -35.52 -22.10
CA PRO DD 43 -118.29 -36.72 -22.75
C PRO DD 43 -117.75 -36.45 -24.15
N ALA DD 44 -118.21 -35.37 -24.80
CA ALA DD 44 -117.61 -34.96 -26.06
C ALA DD 44 -116.13 -34.65 -25.91
N LEU DD 45 -115.72 -34.16 -24.73
CA LEU DD 45 -114.31 -33.91 -24.43
C LEU DD 45 -113.64 -35.09 -23.76
N GLU DD 46 -114.31 -36.25 -23.67
CA GLU DD 46 -113.74 -37.42 -23.03
C GLU DD 46 -113.56 -38.59 -23.99
N LYS DD 47 -114.63 -39.07 -24.63
CA LYS DD 47 -114.46 -40.17 -25.58
C LYS DD 47 -114.13 -39.65 -26.96
N ARG DD 48 -113.11 -40.24 -27.58
CA ARG DD 48 -112.58 -39.78 -28.85
C ARG DD 48 -112.47 -40.94 -29.81
N VAL DD 49 -112.75 -40.67 -31.08
CA VAL DD 49 -112.60 -41.65 -32.13
C VAL DD 49 -112.08 -40.93 -33.36
N THR DD 50 -110.81 -41.09 -33.67
CA THR DD 50 -110.17 -40.40 -34.77
C THR DD 50 -109.90 -41.36 -35.91
N VAL DD 51 -109.97 -40.83 -37.13
CA VAL DD 51 -109.72 -41.63 -38.33
C VAL DD 51 -108.87 -40.81 -39.28
N SER DD 52 -107.94 -41.49 -39.96
CA SER DD 52 -107.03 -40.83 -40.88
C SER DD 52 -106.64 -41.79 -41.99
N VAL DD 53 -106.35 -41.23 -43.16
CA VAL DD 53 -105.91 -42.01 -44.32
C VAL DD 53 -104.75 -41.25 -44.97
N SER DD 54 -103.54 -41.70 -44.73
CA SER DD 54 -102.37 -41.13 -45.37
C SER DD 54 -102.16 -41.78 -46.73
N GLN DD 55 -102.18 -40.96 -47.76
CA GLN DD 55 -101.92 -41.37 -49.13
C GLN DD 55 -100.43 -41.66 -49.31
N PRO DD 56 -100.01 -42.15 -50.49
CA PRO DD 56 -98.61 -42.52 -50.67
C PRO DD 56 -97.71 -41.29 -50.61
N SER DD 57 -96.41 -41.52 -50.48
CA SER DD 57 -95.42 -40.46 -50.51
C SER DD 57 -94.05 -41.12 -50.61
N ARG DD 58 -93.01 -40.31 -50.46
CA ARG DD 58 -91.65 -40.85 -50.46
C ARG DD 58 -91.45 -41.80 -49.29
N ASN DD 59 -92.16 -41.56 -48.19
CA ASN DD 59 -92.13 -42.48 -47.06
C ASN DD 59 -93.30 -43.45 -47.12
N ARG DD 60 -94.41 -43.03 -47.73
CA ARG DD 60 -95.65 -43.79 -47.79
C ARG DD 60 -95.82 -44.46 -49.15
N LYS DD 61 -96.18 -45.74 -49.18
CA LYS DD 61 -96.05 -46.46 -50.44
C LYS DD 61 -97.33 -47.04 -51.05
N ASN DD 62 -98.11 -47.92 -50.41
CA ASN DD 62 -98.43 -48.19 -48.98
C ASN DD 62 -99.21 -47.02 -48.35
N TYR DD 63 -100.43 -46.86 -48.85
CA TYR DD 63 -101.51 -46.25 -48.12
C TYR DD 63 -101.51 -46.72 -46.67
N LYS DD 64 -101.80 -45.82 -45.74
CA LYS DD 64 -102.00 -46.21 -44.34
C LYS DD 64 -103.29 -45.60 -43.80
N VAL DD 65 -104.19 -46.44 -43.31
CA VAL DD 65 -105.42 -45.98 -42.70
C VAL DD 65 -105.36 -46.29 -41.22
N GLN DD 66 -105.41 -45.25 -40.39
CA GLN DD 66 -105.36 -45.39 -38.94
C GLN DD 66 -106.69 -45.01 -38.33
N VAL DD 67 -107.09 -45.76 -37.30
CA VAL DD 67 -108.28 -45.47 -36.53
C VAL DD 67 -107.91 -45.60 -35.06
N LYS DD 68 -108.01 -44.50 -34.33
CA LYS DD 68 -107.73 -44.48 -32.90
C LYS DD 68 -109.02 -44.33 -32.12
N ILE DD 69 -109.13 -45.09 -31.04
CA ILE DD 69 -110.27 -45.06 -30.14
C ILE DD 69 -109.75 -44.81 -28.74
N GLN DD 70 -110.34 -43.85 -28.04
CA GLN DD 70 -109.89 -43.49 -26.70
C GLN DD 70 -111.11 -43.27 -25.82
N ASN DD 71 -111.24 -44.08 -24.78
CA ASN DD 71 -112.30 -43.92 -23.78
C ASN DD 71 -111.63 -43.69 -22.43
N PRO DD 72 -111.66 -42.50 -21.91
CA PRO DD 72 -111.17 -42.28 -20.55
C PRO DD 72 -112.27 -42.43 -19.51
N THR DD 73 -112.05 -43.30 -18.54
CA THR DD 73 -112.99 -43.43 -17.44
C THR DD 73 -112.59 -42.49 -16.32
N ALA DD 74 -113.56 -41.72 -15.85
CA ALA DD 74 -113.36 -40.74 -14.80
C ALA DD 74 -114.29 -41.05 -13.65
N CYS DD 75 -114.05 -40.37 -12.55
CA CYS DD 75 -114.84 -40.55 -11.35
C CYS DD 75 -114.80 -39.25 -10.55
N THR DD 76 -115.73 -39.13 -9.62
CA THR DD 76 -115.81 -37.94 -8.78
C THR DD 76 -115.42 -38.33 -7.37
N ALA DD 77 -114.41 -37.67 -6.84
CA ALA DD 77 -114.04 -37.85 -5.45
C ALA DD 77 -115.22 -37.46 -4.56
N ASN DD 78 -115.37 -38.18 -3.45
CA ASN DD 78 -116.51 -37.92 -2.59
C ASN DD 78 -116.29 -36.58 -1.92
N GLY DD 79 -116.67 -35.51 -2.61
CA GLY DD 79 -116.58 -34.17 -2.05
C GLY DD 79 -116.17 -33.10 -3.03
N SER DD 80 -115.44 -33.46 -4.08
CA SER DD 80 -115.14 -32.49 -5.12
C SER DD 80 -116.32 -32.41 -6.08
N CYS DD 81 -116.17 -31.66 -7.17
CA CYS DD 81 -117.24 -31.53 -8.14
C CYS DD 81 -116.83 -32.04 -9.51
N ASP DD 82 -115.75 -31.51 -10.04
CA ASP DD 82 -115.30 -31.90 -11.37
C ASP DD 82 -114.90 -33.36 -11.37
N PRO DD 83 -115.42 -34.17 -12.30
CA PRO DD 83 -114.90 -35.53 -12.45
C PRO DD 83 -113.48 -35.50 -12.98
N SER DD 84 -112.65 -36.40 -12.47
CA SER DD 84 -111.26 -36.50 -12.87
C SER DD 84 -111.00 -37.87 -13.49
N VAL DD 85 -110.10 -37.90 -14.47
CA VAL DD 85 -109.82 -39.11 -15.24
C VAL DD 85 -108.97 -40.04 -14.39
N THR DD 86 -109.53 -41.17 -14.00
CA THR DD 86 -108.76 -42.14 -13.23
C THR DD 86 -108.13 -43.20 -14.11
N ARG DD 87 -108.66 -43.37 -15.31
CA ARG DD 87 -108.38 -44.52 -16.14
C ARG DD 87 -108.50 -44.10 -17.59
N GLN DD 88 -107.80 -44.79 -18.47
CA GLN DD 88 -107.90 -44.46 -19.89
C GLN DD 88 -107.55 -45.68 -20.72
N ALA DD 89 -108.54 -46.20 -21.44
CA ALA DD 89 -108.33 -47.31 -22.35
C ALA DD 89 -108.38 -46.79 -23.79
N TYR DD 90 -107.70 -47.48 -24.68
CA TYR DD 90 -107.67 -47.02 -26.06
C TYR DD 90 -107.02 -48.05 -26.96
N ALA DD 91 -107.37 -47.97 -28.23
CA ALA DD 91 -106.94 -48.94 -29.23
C ALA DD 91 -106.59 -48.21 -30.52
N ASP DD 92 -105.77 -48.88 -31.32
CA ASP DD 92 -105.27 -48.34 -32.58
C ASP DD 92 -105.31 -49.42 -33.64
N VAL DD 93 -106.06 -49.18 -34.70
CA VAL DD 93 -106.12 -50.06 -35.85
C VAL DD 93 -105.38 -49.39 -36.99
N THR DD 94 -104.53 -50.15 -37.68
CA THR DD 94 -103.71 -49.59 -38.74
C THR DD 94 -103.70 -50.57 -39.91
N PHE DD 95 -104.37 -50.20 -41.00
CA PHE DD 95 -104.34 -50.98 -42.22
C PHE DD 95 -103.29 -50.42 -43.16
N SER DD 96 -102.43 -51.30 -43.65
CA SER DD 96 -101.41 -50.93 -44.62
C SER DD 96 -101.84 -51.54 -45.95
N PHE DD 97 -102.11 -50.69 -46.92
CA PHE DD 97 -102.70 -51.10 -48.18
C PHE DD 97 -101.80 -50.65 -49.31
N THR DD 98 -101.49 -51.55 -50.21
CA THR DD 98 -100.53 -51.20 -51.22
C THR DD 98 -101.20 -50.61 -52.46
N GLN DD 99 -100.36 -50.13 -53.35
CA GLN DD 99 -100.77 -49.13 -54.34
C GLN DD 99 -101.75 -49.73 -55.34
N TYR DD 100 -101.54 -50.98 -55.72
CA TYR DD 100 -102.47 -51.68 -56.60
C TYR DD 100 -103.51 -52.49 -55.84
N SER DD 101 -103.86 -52.06 -54.63
CA SER DD 101 -104.82 -52.82 -53.85
C SER DD 101 -106.20 -52.70 -54.47
N THR DD 102 -107.08 -53.64 -54.12
CA THR DD 102 -108.43 -53.66 -54.66
C THR DD 102 -109.43 -53.55 -53.52
N ASP DD 103 -110.39 -52.66 -53.73
CA ASP DD 103 -111.55 -52.57 -52.85
C ASP DD 103 -112.06 -53.95 -52.43
N GLU DD 104 -111.99 -54.94 -53.32
CA GLU DD 104 -112.28 -56.31 -52.93
C GLU DD 104 -111.52 -56.70 -51.67
N GLU DD 105 -110.20 -56.75 -51.79
CA GLU DD 105 -109.38 -57.22 -50.68
C GLU DD 105 -109.57 -56.31 -49.48
N ARG DD 106 -109.76 -55.02 -49.73
CA ARG DD 106 -109.90 -54.08 -48.64
C ARG DD 106 -111.12 -54.39 -47.79
N ALA DD 107 -112.28 -54.51 -48.43
CA ALA DD 107 -113.49 -54.85 -47.70
C ALA DD 107 -113.33 -56.21 -47.03
N PHE DD 108 -112.72 -57.15 -47.74
CA PHE DD 108 -112.51 -58.47 -47.17
C PHE DD 108 -111.75 -58.37 -45.86
N VAL DD 109 -110.63 -57.65 -45.86
CA VAL DD 109 -109.84 -57.52 -44.65
C VAL DD 109 -110.65 -56.84 -43.56
N ARG DD 110 -111.37 -55.79 -43.92
CA ARG DD 110 -112.12 -55.06 -42.90
C ARG DD 110 -113.10 -55.98 -42.20
N THR DD 111 -113.94 -56.66 -42.97
CA THR DD 111 -114.91 -57.52 -42.34
C THR DD 111 -114.26 -58.71 -41.66
N GLU DD 112 -113.08 -59.11 -42.12
CA GLU DD 112 -112.38 -60.20 -41.46
C GLU DD 112 -111.99 -59.79 -40.05
N LEU DD 113 -111.39 -58.61 -39.92
CA LEU DD 113 -111.06 -58.12 -38.59
C LEU DD 113 -112.33 -57.97 -37.77
N ALA DD 114 -113.42 -57.53 -38.39
CA ALA DD 114 -114.65 -57.35 -37.64
C ALA DD 114 -115.13 -58.67 -37.04
N ALA DD 115 -115.27 -59.69 -37.88
CA ALA DD 115 -115.75 -60.96 -37.37
C ALA DD 115 -114.74 -61.56 -36.39
N LEU DD 116 -113.46 -61.25 -36.56
CA LEU DD 116 -112.47 -61.79 -35.64
C LEU DD 116 -112.63 -61.17 -34.27
N LEU DD 117 -112.86 -59.86 -34.23
CA LEU DD 117 -113.23 -59.23 -32.97
C LEU DD 117 -114.49 -59.86 -32.41
N ALA DD 118 -115.43 -60.22 -33.28
CA ALA DD 118 -116.66 -60.85 -32.83
C ALA DD 118 -116.45 -62.28 -32.37
N SER DD 119 -115.32 -62.88 -32.67
CA SER DD 119 -115.10 -64.29 -32.39
C SER DD 119 -114.92 -64.55 -30.91
N PRO DD 120 -115.24 -65.76 -30.47
CA PRO DD 120 -114.93 -66.11 -29.07
C PRO DD 120 -113.48 -65.87 -28.71
N LEU DD 121 -112.57 -66.15 -29.63
CA LEU DD 121 -111.16 -66.07 -29.31
C LEU DD 121 -110.79 -64.68 -28.80
N LEU DD 122 -110.98 -63.67 -29.62
CA LEU DD 122 -110.53 -62.34 -29.22
C LEU DD 122 -111.32 -61.81 -28.06
N ILE DD 123 -112.62 -62.10 -27.97
CA ILE DD 123 -113.37 -61.61 -26.82
C ILE DD 123 -112.78 -62.18 -25.54
N ASP DD 124 -112.45 -63.47 -25.55
CA ASP DD 124 -111.81 -64.03 -24.37
C ASP DD 124 -110.44 -63.39 -24.17
N ALA DD 125 -109.76 -63.08 -25.25
CA ALA DD 125 -108.41 -62.56 -25.15
C ALA DD 125 -108.37 -61.12 -24.66
N ILE DD 126 -109.47 -60.40 -24.80
CA ILE DD 126 -109.50 -58.98 -24.47
C ILE DD 126 -110.24 -58.78 -23.17
N ASP DD 127 -111.53 -59.11 -23.17
CA ASP DD 127 -112.35 -58.78 -22.00
C ASP DD 127 -111.82 -59.47 -20.76
N GLN DD 128 -111.46 -60.74 -20.88
CA GLN DD 128 -110.83 -61.46 -19.80
C GLN DD 128 -109.32 -61.47 -19.91
N LEU DD 129 -108.75 -60.93 -20.99
CA LEU DD 129 -107.32 -60.73 -21.07
C LEU DD 129 -106.61 -62.08 -21.01
N ASN DD 130 -107.20 -63.07 -21.66
CA ASN DD 130 -106.72 -64.44 -21.55
C ASN DD 130 -105.90 -64.82 -22.77
N PRO DD 131 -104.61 -65.07 -22.63
CA PRO DD 131 -103.84 -65.55 -23.78
C PRO DD 131 -104.38 -66.87 -24.27
N ALA DD 132 -104.22 -67.12 -25.55
CA ALA DD 132 -104.80 -68.28 -26.20
C ALA DD 132 -103.96 -69.51 -25.87
N TYR DD 133 -104.44 -70.32 -24.94
CA TYR DD 133 -103.74 -71.54 -24.52
C TYR DD 133 -104.71 -72.55 -24.00
N ALA ED 2 -117.47 -23.32 -55.26
CA ALA ED 2 -116.75 -24.41 -55.96
C ALA ED 2 -117.00 -25.75 -55.29
N LYS ED 3 -118.25 -26.01 -54.93
CA LYS ED 3 -118.61 -27.25 -54.25
C LYS ED 3 -118.10 -28.43 -55.05
N LEU ED 4 -117.50 -29.41 -54.38
CA LEU ED 4 -117.13 -30.62 -55.08
C LEU ED 4 -118.37 -31.24 -55.71
N GLU ED 5 -118.20 -31.81 -56.90
CA GLU ED 5 -119.32 -32.46 -57.56
C GLU ED 5 -118.79 -33.31 -58.70
N THR ED 6 -119.55 -34.36 -59.02
CA THR ED 6 -119.23 -35.25 -60.13
C THR ED 6 -119.11 -34.46 -61.43
N VAL ED 7 -117.91 -34.33 -61.94
CA VAL ED 7 -117.69 -33.54 -63.13
C VAL ED 7 -117.75 -34.47 -64.34
N THR ED 8 -118.53 -34.07 -65.33
CA THR ED 8 -118.77 -34.85 -66.53
C THR ED 8 -118.09 -34.13 -67.69
N LEU ED 9 -116.84 -34.46 -67.94
CA LEU ED 9 -116.09 -33.89 -69.03
C LEU ED 9 -116.61 -34.49 -70.32
N GLY ED 10 -117.17 -33.66 -71.19
CA GLY ED 10 -117.86 -34.16 -72.37
C GLY ED 10 -116.90 -34.55 -73.48
N ASN ED 11 -117.21 -34.08 -74.68
CA ASN ED 11 -116.36 -34.30 -75.84
C ASN ED 11 -114.88 -34.25 -75.48
N ILE ED 12 -114.13 -35.28 -75.88
CA ILE ED 12 -112.79 -35.49 -75.37
C ILE ED 12 -112.04 -36.44 -76.32
N GLY ED 13 -110.80 -36.10 -76.62
CA GLY ED 13 -109.92 -36.95 -77.40
C GLY ED 13 -109.60 -36.34 -78.75
N LYS ED 14 -109.02 -37.17 -79.61
CA LYS ED 14 -108.67 -36.69 -80.95
C LYS ED 14 -109.92 -36.43 -81.78
N ASP ED 15 -110.70 -37.47 -82.04
CA ASP ED 15 -111.95 -37.30 -82.75
C ASP ED 15 -112.95 -36.48 -81.95
N GLY ED 16 -112.74 -36.38 -80.64
CA GLY ED 16 -113.72 -35.78 -79.79
C GLY ED 16 -114.97 -36.63 -79.67
N LYS ED 17 -114.85 -37.81 -79.06
CA LYS ED 17 -116.01 -38.68 -78.89
C LYS ED 17 -116.14 -39.28 -77.49
N GLN ED 18 -115.08 -39.35 -76.71
CA GLN ED 18 -115.18 -39.99 -75.41
C GLN ED 18 -115.74 -39.01 -74.38
N THR ED 19 -115.91 -39.50 -73.15
CA THR ED 19 -116.30 -38.67 -72.03
C THR ED 19 -115.65 -39.21 -70.77
N LEU ED 20 -115.55 -38.36 -69.76
CA LEU ED 20 -114.98 -38.78 -68.48
C LEU ED 20 -115.92 -38.34 -67.36
N VAL ED 21 -116.12 -39.23 -66.39
CA VAL ED 21 -116.84 -38.92 -65.17
C VAL ED 21 -115.83 -38.98 -64.04
N LEU ED 22 -115.56 -37.83 -63.42
CA LEU ED 22 -114.72 -37.79 -62.24
C LEU ED 22 -115.59 -37.51 -61.03
N ASN ED 23 -115.72 -38.50 -60.16
CA ASN ED 23 -116.42 -38.29 -58.91
C ASN ED 23 -115.55 -37.49 -57.97
N PRO ED 24 -116.15 -36.80 -57.00
CA PRO ED 24 -115.34 -36.09 -56.00
C PRO ED 24 -114.89 -37.04 -54.90
N ARG ED 25 -113.59 -37.09 -54.67
CA ARG ED 25 -113.04 -37.95 -53.63
C ARG ED 25 -113.02 -37.25 -52.28
N GLY ED 26 -112.31 -36.14 -52.19
CA GLY ED 26 -112.23 -35.42 -50.95
C GLY ED 26 -111.36 -34.20 -51.08
N VAL ED 27 -110.88 -33.70 -49.95
CA VAL ED 27 -109.99 -32.54 -49.95
C VAL ED 27 -108.94 -32.71 -48.85
N ASN ED 28 -107.70 -32.89 -49.25
CA ASN ED 28 -106.63 -32.99 -48.28
C ASN ED 28 -106.37 -31.62 -47.66
N PRO ED 29 -106.41 -31.50 -46.34
CA PRO ED 29 -106.23 -30.19 -45.71
C PRO ED 29 -104.77 -29.78 -45.58
N THR ED 30 -103.86 -30.74 -45.43
CA THR ED 30 -102.48 -30.36 -45.18
C THR ED 30 -101.95 -29.49 -46.29
N ASN ED 31 -102.59 -29.54 -47.45
CA ASN ED 31 -102.22 -28.69 -48.57
C ASN ED 31 -103.42 -27.92 -49.13
N GLY ED 32 -104.60 -28.09 -48.57
CA GLY ED 32 -105.78 -27.48 -49.13
C GLY ED 32 -105.92 -27.83 -50.59
N VAL ED 33 -106.08 -29.12 -50.89
CA VAL ED 33 -106.11 -29.62 -52.26
C VAL ED 33 -107.33 -30.50 -52.43
N ALA ED 34 -108.25 -30.09 -53.28
CA ALA ED 34 -109.41 -30.92 -53.58
C ALA ED 34 -109.07 -31.87 -54.71
N SER ED 35 -109.50 -33.12 -54.58
CA SER ED 35 -109.11 -34.17 -55.50
C SER ED 35 -110.32 -34.80 -56.17
N LEU ED 36 -110.15 -35.20 -57.41
CA LEU ED 36 -111.16 -35.90 -58.19
C LEU ED 36 -110.51 -37.12 -58.83
N SER ED 37 -111.29 -38.19 -58.96
CA SER ED 37 -110.77 -39.43 -59.49
C SER ED 37 -111.83 -40.10 -60.35
N GLN ED 38 -111.37 -40.75 -61.41
CA GLN ED 38 -112.28 -41.51 -62.25
C GLN ED 38 -112.77 -42.73 -61.48
N ALA ED 39 -114.04 -43.06 -61.68
CA ALA ED 39 -114.65 -44.15 -60.92
C ALA ED 39 -114.01 -45.48 -61.28
N GLY ED 40 -113.50 -46.17 -60.28
CA GLY ED 40 -112.91 -47.47 -60.47
C GLY ED 40 -112.69 -48.16 -59.14
N ALA ED 41 -111.70 -49.03 -59.05
CA ALA ED 41 -111.40 -49.67 -57.77
C ALA ED 41 -109.92 -49.55 -57.45
N VAL ED 42 -109.07 -49.74 -58.45
CA VAL ED 42 -107.64 -49.80 -58.22
C VAL ED 42 -107.09 -48.39 -58.25
N PRO ED 43 -106.64 -47.84 -57.13
CA PRO ED 43 -106.15 -46.45 -57.15
C PRO ED 43 -105.04 -46.26 -58.15
N ALA ED 44 -104.27 -47.30 -58.41
CA ALA ED 44 -103.16 -47.23 -59.34
C ALA ED 44 -103.57 -46.91 -60.76
N LEU ED 45 -104.83 -47.14 -61.12
CA LEU ED 45 -105.28 -47.08 -62.50
C LEU ED 45 -106.49 -46.18 -62.62
N GLU ED 46 -106.40 -45.00 -62.02
CA GLU ED 46 -107.46 -44.02 -62.11
C GLU ED 46 -106.91 -42.70 -62.61
N LYS ED 47 -107.67 -42.05 -63.47
CA LYS ED 47 -107.35 -40.71 -63.92
C LYS ED 47 -107.66 -39.75 -62.79
N ARG ED 48 -106.66 -39.01 -62.34
CA ARG ED 48 -106.80 -38.17 -61.17
C ARG ED 48 -106.61 -36.70 -61.55
N VAL ED 49 -107.31 -35.84 -60.81
CA VAL ED 49 -107.24 -34.40 -61.00
C VAL ED 49 -107.17 -33.76 -59.63
N THR ED 50 -106.43 -32.67 -59.52
CA THR ED 50 -106.28 -31.98 -58.25
C THR ED 50 -106.31 -30.48 -58.49
N VAL ED 51 -107.02 -29.77 -57.64
CA VAL ED 51 -107.15 -28.32 -57.71
C VAL ED 51 -106.79 -27.73 -56.37
N SER ED 52 -105.94 -26.71 -56.39
CA SER ED 52 -105.53 -26.06 -55.16
C SER ED 52 -105.52 -24.56 -55.38
N VAL ED 53 -105.93 -23.82 -54.35
CA VAL ED 53 -106.02 -22.37 -54.40
C VAL ED 53 -105.23 -21.85 -53.21
N SER ED 54 -104.02 -21.36 -53.45
CA SER ED 54 -103.17 -20.89 -52.38
C SER ED 54 -103.34 -19.38 -52.23
N GLN ED 55 -103.69 -18.97 -51.03
CA GLN ED 55 -103.83 -17.58 -50.66
C GLN ED 55 -102.47 -16.91 -50.52
N PRO ED 56 -102.44 -15.58 -50.53
CA PRO ED 56 -101.17 -14.87 -50.58
C PRO ED 56 -100.51 -14.98 -49.21
N SER ED 57 -99.29 -15.47 -49.20
CA SER ED 57 -98.56 -15.53 -47.97
C SER ED 57 -97.86 -14.19 -47.72
N ARG ED 58 -97.41 -14.00 -46.49
CA ARG ED 58 -96.61 -12.82 -46.19
C ARG ED 58 -95.35 -12.78 -47.04
N ASN ED 59 -94.91 -13.94 -47.55
CA ASN ED 59 -93.70 -14.01 -48.34
C ASN ED 59 -93.97 -14.18 -49.83
N ARG ED 60 -95.23 -14.22 -50.26
CA ARG ED 60 -95.53 -14.34 -51.69
C ARG ED 60 -96.42 -13.20 -52.18
N LYS ED 61 -97.51 -12.93 -51.46
CA LYS ED 61 -98.45 -11.87 -51.84
C LYS ED 61 -98.88 -12.01 -53.29
N ASN ED 62 -99.36 -13.19 -53.64
CA ASN ED 62 -99.93 -13.40 -54.96
C ASN ED 62 -100.78 -14.64 -54.92
N TYR ED 63 -101.99 -14.55 -55.45
CA TYR ED 63 -102.88 -15.68 -55.33
C TYR ED 63 -102.42 -16.69 -56.35
N LYS ED 64 -102.39 -17.97 -56.00
CA LYS ED 64 -101.96 -19.01 -56.92
C LYS ED 64 -103.05 -20.07 -57.03
N VAL ED 65 -103.15 -20.70 -58.20
CA VAL ED 65 -104.06 -21.81 -58.39
C VAL ED 65 -103.38 -22.87 -59.23
N GLN ED 66 -103.23 -24.05 -58.66
CA GLN ED 66 -102.60 -25.18 -59.31
C GLN ED 66 -103.67 -26.16 -59.76
N VAL ED 67 -103.50 -26.68 -60.98
CA VAL ED 67 -104.40 -27.66 -61.57
C VAL ED 67 -103.54 -28.77 -62.11
N LYS ED 68 -103.55 -29.91 -61.45
CA LYS ED 68 -102.75 -31.06 -61.86
C LYS ED 68 -103.63 -32.17 -62.37
N ILE ED 69 -103.19 -32.83 -63.44
CA ILE ED 69 -103.88 -33.94 -64.06
C ILE ED 69 -102.89 -35.08 -64.21
N GLN ED 70 -103.30 -36.27 -63.80
CA GLN ED 70 -102.47 -37.45 -63.99
C GLN ED 70 -103.31 -38.53 -64.65
N ASN ED 71 -102.79 -39.10 -65.73
CA ASN ED 71 -103.44 -40.19 -66.45
C ASN ED 71 -102.52 -41.40 -66.51
N PRO ED 72 -102.81 -42.48 -65.80
CA PRO ED 72 -102.00 -43.68 -65.92
C PRO ED 72 -102.46 -44.55 -67.07
N THR ED 73 -101.54 -45.38 -67.56
CA THR ED 73 -101.86 -46.32 -68.61
C THR ED 73 -102.03 -47.72 -68.03
N ALA ED 74 -103.10 -48.40 -68.46
CA ALA ED 74 -103.44 -49.70 -67.92
C ALA ED 74 -102.33 -50.71 -68.17
N CYS ED 75 -102.03 -50.99 -69.43
CA CYS ED 75 -100.91 -51.85 -69.78
C CYS ED 75 -101.17 -53.27 -69.28
N THR ED 76 -102.37 -53.77 -69.56
CA THR ED 76 -102.81 -55.05 -69.03
C THR ED 76 -101.98 -56.19 -69.61
N ALA ED 77 -101.60 -57.12 -68.75
CA ALA ED 77 -100.88 -58.32 -69.16
C ALA ED 77 -101.83 -59.49 -69.29
N ASN ED 78 -101.51 -60.41 -70.20
CA ASN ED 78 -102.37 -61.55 -70.50
C ASN ED 78 -102.29 -62.55 -69.35
N GLY ED 79 -102.87 -62.14 -68.23
CA GLY ED 79 -102.97 -62.97 -67.04
C GLY ED 79 -101.99 -62.53 -65.97
N SER ED 80 -101.75 -63.43 -65.02
CA SER ED 80 -100.59 -63.39 -64.15
C SER ED 80 -100.61 -62.26 -63.13
N CYS ED 81 -101.48 -61.27 -63.31
CA CYS ED 81 -102.05 -60.53 -62.19
C CYS ED 81 -102.85 -59.37 -62.78
N ASP ED 82 -103.42 -58.54 -61.92
CA ASP ED 82 -104.00 -57.28 -62.34
C ASP ED 82 -103.01 -56.46 -63.17
N PRO ED 83 -103.49 -55.47 -63.91
CA PRO ED 83 -102.60 -54.65 -64.73
C PRO ED 83 -101.65 -53.82 -63.89
N SER ED 84 -100.61 -53.30 -64.54
CA SER ED 84 -99.58 -52.52 -63.88
C SER ED 84 -99.33 -51.24 -64.66
N VAL ED 85 -98.95 -50.19 -63.94
CA VAL ED 85 -98.73 -48.90 -64.59
C VAL ED 85 -97.36 -48.89 -65.26
N THR ED 86 -97.33 -48.41 -66.49
CA THR ED 86 -96.09 -48.24 -67.25
C THR ED 86 -95.87 -46.82 -67.71
N ARG ED 87 -96.92 -46.14 -68.13
CA ARG ED 87 -96.84 -44.77 -68.61
C ARG ED 87 -97.77 -43.90 -67.78
N GLN ED 88 -97.40 -42.64 -67.61
CA GLN ED 88 -98.21 -41.71 -66.85
C GLN ED 88 -98.06 -40.34 -67.50
N ALA ED 89 -99.17 -39.79 -67.97
CA ALA ED 89 -99.19 -38.46 -68.53
C ALA ED 89 -99.52 -37.45 -67.45
N TYR ED 90 -98.65 -36.46 -67.30
CA TYR ED 90 -98.85 -35.42 -66.32
C TYR ED 90 -99.13 -34.11 -67.01
N ALA ED 91 -100.05 -33.33 -66.46
CA ALA ED 91 -100.27 -31.96 -66.86
C ALA ED 91 -100.33 -31.12 -65.60
N ASP ED 92 -99.70 -29.96 -65.63
CA ASP ED 92 -99.73 -29.07 -64.46
C ASP ED 92 -99.86 -27.65 -64.96
N VAL ED 93 -100.99 -27.05 -64.67
CA VAL ED 93 -101.26 -25.67 -64.99
C VAL ED 93 -101.17 -24.88 -63.71
N THR ED 94 -100.69 -23.65 -63.81
CA THR ED 94 -100.55 -22.81 -62.62
C THR ED 94 -100.90 -21.38 -63.01
N PHE ED 95 -102.01 -20.89 -62.49
CA PHE ED 95 -102.38 -19.50 -62.65
C PHE ED 95 -101.87 -18.68 -61.49
N SER ED 96 -101.36 -17.49 -61.80
CA SER ED 96 -100.86 -16.56 -60.81
C SER ED 96 -101.58 -15.23 -60.99
N PHE ED 97 -101.96 -14.59 -59.89
CA PHE ED 97 -102.69 -13.34 -59.96
C PHE ED 97 -102.30 -12.42 -58.82
N THR ED 98 -102.46 -11.13 -59.06
CA THR ED 98 -102.10 -10.13 -58.08
C THR ED 98 -103.22 -9.89 -57.10
N GLN ED 99 -102.85 -9.28 -55.98
CA GLN ED 99 -103.79 -8.99 -54.92
C GLN ED 99 -104.89 -8.06 -55.43
N TYR ED 100 -104.54 -7.17 -56.36
CA TYR ED 100 -105.51 -6.31 -57.00
C TYR ED 100 -106.02 -6.89 -58.31
N SER ED 101 -105.92 -8.20 -58.49
CA SER ED 101 -106.40 -8.81 -59.72
C SER ED 101 -107.87 -8.46 -59.92
N THR ED 102 -108.38 -8.80 -61.09
CA THR ED 102 -109.78 -8.63 -61.38
C THR ED 102 -110.35 -9.87 -62.04
N ASP ED 103 -111.62 -10.13 -61.71
CA ASP ED 103 -112.37 -11.14 -62.42
C ASP ED 103 -112.21 -10.99 -63.90
N GLU ED 104 -112.23 -9.74 -64.38
CA GLU ED 104 -112.06 -9.45 -65.79
C GLU ED 104 -110.83 -10.15 -66.35
N GLU ED 105 -109.65 -9.71 -65.91
CA GLU ED 105 -108.45 -10.22 -66.54
C GLU ED 105 -108.34 -11.71 -66.34
N ARG ED 106 -108.75 -12.18 -65.17
CA ARG ED 106 -108.49 -13.57 -64.84
C ARG ED 106 -109.36 -14.55 -65.63
N ALA ED 107 -110.64 -14.26 -65.80
CA ALA ED 107 -111.43 -15.13 -66.68
C ALA ED 107 -110.99 -14.96 -68.13
N PHE ED 108 -110.56 -13.76 -68.51
CA PHE ED 108 -109.88 -13.60 -69.78
C PHE ED 108 -108.77 -14.63 -69.95
N VAL ED 109 -107.89 -14.73 -68.95
CA VAL ED 109 -106.80 -15.68 -69.04
C VAL ED 109 -107.34 -17.09 -69.16
N ARG ED 110 -108.35 -17.42 -68.37
CA ARG ED 110 -108.85 -18.78 -68.38
C ARG ED 110 -109.30 -19.16 -69.78
N THR ED 111 -110.17 -18.36 -70.38
CA THR ED 111 -110.66 -18.70 -71.70
C THR ED 111 -109.54 -18.69 -72.72
N GLU ED 112 -108.57 -17.79 -72.57
CA GLU ED 112 -107.49 -17.75 -73.54
C GLU ED 112 -106.71 -19.04 -73.52
N LEU ED 113 -106.35 -19.51 -72.33
CA LEU ED 113 -105.64 -20.76 -72.26
C LEU ED 113 -106.48 -21.88 -72.86
N ALA ED 114 -107.79 -21.85 -72.62
CA ALA ED 114 -108.64 -22.92 -73.15
C ALA ED 114 -108.63 -22.94 -74.68
N ALA ED 115 -108.93 -21.80 -75.29
CA ALA ED 115 -109.03 -21.81 -76.74
C ALA ED 115 -107.67 -21.98 -77.38
N LEU ED 116 -106.61 -21.61 -76.68
CA LEU ED 116 -105.29 -21.87 -77.22
C LEU ED 116 -104.95 -23.34 -77.13
N LEU ED 117 -105.41 -24.00 -76.07
CA LEU ED 117 -105.32 -25.45 -75.98
C LEU ED 117 -106.09 -26.14 -77.08
N ALA ED 118 -107.10 -25.46 -77.62
CA ALA ED 118 -107.85 -25.98 -78.76
C ALA ED 118 -107.23 -25.63 -80.12
N SER ED 119 -106.52 -24.52 -80.21
CA SER ED 119 -106.05 -24.01 -81.49
C SER ED 119 -105.08 -24.98 -82.16
N PRO ED 120 -104.99 -24.93 -83.50
CA PRO ED 120 -104.14 -25.90 -84.20
C PRO ED 120 -102.73 -25.94 -83.68
N LEU ED 121 -102.20 -24.82 -83.20
CA LEU ED 121 -100.80 -24.77 -82.83
C LEU ED 121 -100.47 -25.86 -81.81
N LEU ED 122 -101.04 -25.77 -80.61
CA LEU ED 122 -100.72 -26.80 -79.64
C LEU ED 122 -101.12 -28.18 -80.12
N ILE ED 123 -102.09 -28.29 -81.01
CA ILE ED 123 -102.46 -29.62 -81.50
C ILE ED 123 -101.21 -30.35 -81.95
N ASP ED 124 -100.51 -29.78 -82.92
CA ASP ED 124 -99.27 -30.39 -83.34
C ASP ED 124 -98.21 -30.29 -82.26
N ALA ED 125 -98.27 -29.26 -81.44
CA ALA ED 125 -97.22 -29.07 -80.44
C ALA ED 125 -97.14 -30.27 -79.50
N ILE ED 126 -98.28 -30.81 -79.09
CA ILE ED 126 -98.28 -31.85 -78.08
C ILE ED 126 -98.64 -33.18 -78.70
N ASP ED 127 -99.68 -33.21 -79.53
CA ASP ED 127 -100.13 -34.48 -80.09
C ASP ED 127 -99.01 -35.14 -80.88
N GLN ED 128 -98.42 -34.42 -81.81
CA GLN ED 128 -97.28 -34.92 -82.56
C GLN ED 128 -95.96 -34.49 -81.97
N LEU ED 129 -95.97 -33.71 -80.90
CA LEU ED 129 -94.73 -33.26 -80.27
C LEU ED 129 -93.81 -32.56 -81.27
N ASN ED 130 -94.41 -31.88 -82.24
CA ASN ED 130 -93.62 -31.15 -83.22
C ASN ED 130 -93.23 -29.80 -82.66
N PRO ED 131 -91.94 -29.46 -82.59
CA PRO ED 131 -91.57 -28.15 -82.07
C PRO ED 131 -92.23 -27.04 -82.86
N ALA ED 132 -92.64 -26.00 -82.15
CA ALA ED 132 -93.27 -24.88 -82.81
C ALA ED 132 -92.34 -24.36 -83.89
N TYR ED 133 -92.71 -24.58 -85.14
CA TYR ED 133 -91.93 -24.10 -86.28
C TYR ED 133 -92.73 -24.24 -87.55
N ALA FD 2 -117.52 -28.41 -38.06
CA ALA FD 2 -118.27 -27.36 -38.78
C ALA FD 2 -117.88 -27.37 -40.24
N LYS FD 3 -118.67 -28.07 -41.04
CA LYS FD 3 -118.41 -28.11 -42.48
C LYS FD 3 -118.57 -26.72 -43.09
N LEU FD 4 -117.60 -26.31 -43.88
CA LEU FD 4 -117.66 -25.00 -44.51
C LEU FD 4 -118.61 -25.01 -45.68
N GLU FD 5 -119.46 -24.01 -45.74
CA GLU FD 5 -120.44 -23.87 -46.79
C GLU FD 5 -120.71 -22.39 -46.99
N THR FD 6 -121.28 -22.07 -48.14
CA THR FD 6 -121.65 -20.69 -48.40
C THR FD 6 -122.52 -20.19 -47.25
N VAL FD 7 -122.01 -19.23 -46.49
CA VAL FD 7 -122.74 -18.63 -45.39
C VAL FD 7 -123.61 -17.52 -45.94
N THR FD 8 -124.88 -17.55 -45.57
CA THR FD 8 -125.88 -16.59 -46.05
C THR FD 8 -126.37 -15.78 -44.86
N LEU FD 9 -125.92 -14.53 -44.75
CA LEU FD 9 -126.30 -13.66 -43.66
C LEU FD 9 -127.28 -12.63 -44.19
N GLY FD 10 -128.53 -12.69 -43.71
CA GLY FD 10 -129.53 -11.70 -44.02
C GLY FD 10 -129.83 -10.83 -42.82
N ASN FD 11 -130.66 -9.82 -43.04
CA ASN FD 11 -131.12 -8.95 -41.96
C ASN FD 11 -129.94 -8.15 -41.39
N ILE FD 12 -129.28 -7.41 -42.26
CA ILE FD 12 -127.97 -6.84 -41.96
C ILE FD 12 -128.00 -5.34 -42.21
N GLY FD 13 -127.19 -4.61 -41.46
CA GLY FD 13 -127.04 -3.16 -41.65
C GLY FD 13 -127.86 -2.37 -40.65
N LYS FD 14 -127.82 -1.03 -40.77
CA LYS FD 14 -128.66 -0.23 -39.90
C LYS FD 14 -130.12 -0.62 -40.03
N ASP FD 15 -130.61 -0.65 -41.26
CA ASP FD 15 -131.99 -0.98 -41.55
C ASP FD 15 -132.27 -2.47 -41.48
N GLY FD 16 -131.22 -3.30 -41.43
CA GLY FD 16 -131.42 -4.72 -41.49
C GLY FD 16 -132.04 -5.12 -42.81
N LYS FD 17 -131.42 -4.69 -43.91
CA LYS FD 17 -131.94 -5.00 -45.24
C LYS FD 17 -130.92 -5.58 -46.21
N GLN FD 18 -129.63 -5.37 -46.02
CA GLN FD 18 -128.67 -5.91 -46.97
C GLN FD 18 -128.50 -7.40 -46.75
N THR FD 19 -127.59 -7.99 -47.53
CA THR FD 19 -127.31 -9.41 -47.44
C THR FD 19 -125.84 -9.66 -47.73
N LEU FD 20 -125.31 -10.72 -47.13
CA LEU FD 20 -123.91 -11.09 -47.26
C LEU FD 20 -123.82 -12.55 -47.64
N VAL FD 21 -123.03 -12.85 -48.65
CA VAL FD 21 -122.84 -14.22 -49.13
C VAL FD 21 -121.35 -14.50 -49.06
N LEU FD 22 -120.94 -15.27 -48.06
CA LEU FD 22 -119.53 -15.59 -47.87
C LEU FD 22 -119.26 -16.99 -48.36
N ASN FD 23 -118.32 -17.13 -49.22
CA ASN FD 23 -118.01 -18.47 -49.68
C ASN FD 23 -116.72 -18.97 -49.05
N PRO FD 24 -116.54 -20.28 -48.99
CA PRO FD 24 -115.37 -20.82 -48.30
C PRO FD 24 -114.07 -20.43 -48.96
N ARG FD 25 -113.05 -20.21 -48.12
CA ARG FD 25 -111.68 -20.01 -48.55
C ARG FD 25 -110.76 -21.15 -48.11
N GLY FD 26 -111.32 -22.22 -47.55
CA GLY FD 26 -110.49 -23.29 -47.05
C GLY FD 26 -109.94 -22.99 -45.67
N VAL FD 27 -108.91 -23.75 -45.30
CA VAL FD 27 -108.28 -23.62 -43.99
C VAL FD 27 -106.78 -23.55 -44.17
N ASN FD 28 -106.14 -22.68 -43.43
CA ASN FD 28 -104.70 -22.59 -43.51
C ASN FD 28 -104.07 -23.83 -42.88
N PRO FD 29 -103.13 -24.50 -43.56
CA PRO FD 29 -102.59 -25.74 -43.02
C PRO FD 29 -101.80 -25.56 -41.74
N THR FD 30 -101.19 -24.40 -41.53
CA THR FD 30 -100.33 -24.20 -40.37
C THR FD 30 -101.07 -23.51 -39.23
N ASN FD 31 -101.77 -22.42 -39.52
CA ASN FD 31 -102.55 -21.76 -38.47
C ASN FD 31 -103.75 -22.59 -38.06
N GLY FD 32 -104.26 -23.43 -38.95
CA GLY FD 32 -105.45 -24.20 -38.65
C GLY FD 32 -106.66 -23.32 -38.45
N VAL FD 33 -106.85 -22.35 -39.34
CA VAL FD 33 -107.96 -21.40 -39.27
C VAL FD 33 -108.69 -21.39 -40.61
N ALA FD 34 -110.00 -21.52 -40.55
CA ALA FD 34 -110.80 -21.45 -41.76
C ALA FD 34 -111.13 -20.00 -42.08
N SER FD 35 -111.33 -19.74 -43.36
CA SER FD 35 -111.57 -18.38 -43.82
C SER FD 35 -112.72 -18.37 -44.82
N LEU FD 36 -113.46 -17.27 -44.81
CA LEU FD 36 -114.57 -17.03 -45.68
C LEU FD 36 -114.38 -15.67 -46.30
N SER FD 37 -114.90 -15.47 -47.50
CA SER FD 37 -114.87 -14.14 -48.06
C SER FD 37 -116.08 -13.95 -48.97
N GLN FD 38 -116.51 -12.71 -49.07
CA GLN FD 38 -117.62 -12.39 -49.96
C GLN FD 38 -117.20 -12.62 -51.40
N ALA FD 39 -118.17 -12.76 -52.28
CA ALA FD 39 -117.85 -12.83 -53.70
C ALA FD 39 -117.74 -11.43 -54.28
N GLY FD 40 -116.62 -11.14 -54.93
CA GLY FD 40 -116.47 -9.85 -55.56
C GLY FD 40 -115.47 -9.92 -56.70
N ALA FD 41 -115.24 -8.75 -57.31
CA ALA FD 41 -114.39 -8.67 -58.49
C ALA FD 41 -112.91 -8.57 -58.12
N VAL FD 42 -112.59 -7.75 -57.13
CA VAL FD 42 -111.22 -7.56 -56.71
C VAL FD 42 -111.04 -8.25 -55.36
N PRO FD 43 -110.19 -9.26 -55.25
CA PRO FD 43 -110.03 -9.94 -53.96
C PRO FD 43 -109.58 -9.01 -52.86
N ALA FD 44 -108.95 -7.89 -53.22
CA ALA FD 44 -108.49 -6.94 -52.21
C ALA FD 44 -109.62 -6.26 -51.47
N LEU FD 45 -110.74 -6.01 -52.15
CA LEU FD 45 -111.84 -5.26 -51.57
C LEU FD 45 -112.95 -6.17 -51.10
N GLU FD 46 -112.62 -7.34 -50.60
CA GLU FD 46 -113.62 -8.35 -50.39
C GLU FD 46 -113.73 -8.57 -48.89
N LYS FD 47 -114.94 -8.57 -48.37
CA LYS FD 47 -115.13 -8.67 -46.93
C LYS FD 47 -114.83 -10.09 -46.48
N ARG FD 48 -113.90 -10.22 -45.53
CA ARG FD 48 -113.39 -11.52 -45.11
C ARG FD 48 -113.82 -11.83 -43.69
N VAL FD 49 -113.73 -13.10 -43.34
CA VAL FD 49 -114.19 -13.61 -42.05
C VAL FD 49 -113.36 -14.81 -41.65
N THR FD 50 -112.71 -14.74 -40.50
CA THR FD 50 -111.84 -15.81 -40.04
C THR FD 50 -112.50 -16.55 -38.88
N VAL FD 51 -112.24 -17.85 -38.78
CA VAL FD 51 -112.78 -18.66 -37.69
C VAL FD 51 -111.75 -19.72 -37.33
N SER FD 52 -111.45 -19.85 -36.04
CA SER FD 52 -110.50 -20.85 -35.60
C SER FD 52 -110.84 -21.33 -34.20
N VAL FD 53 -110.67 -22.62 -33.98
CA VAL FD 53 -110.84 -23.19 -32.64
C VAL FD 53 -109.64 -24.06 -32.34
N SER FD 54 -108.65 -23.47 -31.68
CA SER FD 54 -107.46 -24.23 -31.33
C SER FD 54 -107.81 -25.33 -30.34
N GLN FD 55 -107.05 -26.41 -30.39
CA GLN FD 55 -107.27 -27.54 -29.52
C GLN FD 55 -106.71 -27.23 -28.13
N PRO FD 56 -106.95 -28.11 -27.15
CA PRO FD 56 -106.61 -27.78 -25.76
C PRO FD 56 -105.12 -27.56 -25.57
N SER FD 57 -104.78 -26.67 -24.64
CA SER FD 57 -103.44 -26.60 -24.06
C SER FD 57 -103.33 -27.66 -22.98
N ARG FD 58 -102.37 -27.52 -22.08
CA ARG FD 58 -102.29 -28.36 -20.89
C ARG FD 58 -102.38 -27.53 -19.62
N ASN FD 59 -102.96 -28.16 -18.59
CA ASN FD 59 -103.03 -27.62 -17.23
C ASN FD 59 -103.99 -26.44 -17.16
N ARG FD 60 -104.37 -25.91 -18.32
CA ARG FD 60 -105.53 -25.06 -18.42
C ARG FD 60 -106.47 -25.55 -19.52
N LYS FD 61 -105.92 -26.05 -20.61
CA LYS FD 61 -106.65 -26.69 -21.71
C LYS FD 61 -107.50 -25.70 -22.48
N ASN FD 62 -107.81 -24.55 -21.88
CA ASN FD 62 -108.12 -23.32 -22.60
C ASN FD 62 -108.76 -23.53 -23.96
N TYR FD 63 -109.92 -24.16 -24.06
CA TYR FD 63 -110.57 -24.17 -25.36
C TYR FD 63 -110.78 -22.74 -25.82
N LYS FD 64 -110.06 -22.34 -26.85
CA LYS FD 64 -110.09 -20.97 -27.34
C LYS FD 64 -110.61 -20.96 -28.76
N VAL FD 65 -111.53 -20.06 -29.04
CA VAL FD 65 -112.10 -19.88 -30.37
C VAL FD 65 -111.92 -18.43 -30.77
N GLN FD 66 -111.48 -18.22 -32.00
CA GLN FD 66 -111.22 -16.89 -32.52
C GLN FD 66 -112.06 -16.66 -33.75
N VAL FD 67 -112.59 -15.44 -33.86
CA VAL FD 67 -113.33 -15.05 -35.04
C VAL FD 67 -112.90 -13.63 -35.39
N LYS FD 68 -112.23 -13.48 -36.54
CA LYS FD 68 -111.72 -12.19 -36.98
C LYS FD 68 -112.50 -11.77 -38.20
N ILE FD 69 -113.05 -10.57 -38.15
CA ILE FD 69 -113.90 -10.03 -39.19
C ILE FD 69 -113.22 -8.79 -39.73
N GLN FD 70 -112.95 -8.77 -41.02
CA GLN FD 70 -112.23 -7.69 -41.67
C GLN FD 70 -113.09 -7.13 -42.80
N ASN FD 71 -113.38 -5.84 -42.72
CA ASN FD 71 -114.18 -5.14 -43.71
C ASN FD 71 -113.36 -4.05 -44.36
N PRO FD 72 -112.89 -4.22 -45.58
CA PRO FD 72 -112.12 -3.17 -46.23
C PRO FD 72 -113.02 -2.25 -47.05
N THR FD 73 -112.46 -1.12 -47.44
CA THR FD 73 -113.08 -0.24 -48.41
C THR FD 73 -112.00 0.58 -49.08
N ALA FD 74 -112.20 0.90 -50.34
CA ALA FD 74 -111.22 1.65 -51.10
C ALA FD 74 -111.86 2.88 -51.70
N CYS FD 75 -111.02 3.72 -52.31
CA CYS FD 75 -111.50 4.88 -53.05
C CYS FD 75 -110.43 5.19 -54.09
N THR FD 76 -110.69 4.78 -55.32
CA THR FD 76 -109.75 5.07 -56.41
C THR FD 76 -109.45 6.55 -56.44
N ALA FD 77 -108.20 6.90 -56.18
CA ALA FD 77 -107.78 8.29 -56.29
C ALA FD 77 -107.66 8.67 -57.76
N ASN FD 78 -107.77 9.96 -58.02
CA ASN FD 78 -107.76 10.44 -59.39
C ASN FD 78 -106.38 10.25 -60.00
N GLY FD 79 -106.32 9.55 -61.14
CA GLY FD 79 -105.08 9.20 -61.78
C GLY FD 79 -104.57 7.81 -61.45
N SER FD 80 -105.13 7.15 -60.45
CA SER FD 80 -104.71 5.80 -60.09
C SER FD 80 -105.73 4.81 -60.64
N CYS FD 81 -105.24 3.82 -61.37
CA CYS FD 81 -106.07 2.75 -61.93
C CYS FD 81 -106.25 1.61 -60.97
N ASP FD 82 -106.13 1.86 -59.68
CA ASP FD 82 -105.97 0.81 -58.69
C ASP FD 82 -106.77 1.15 -57.44
N PRO FD 83 -107.93 0.55 -57.22
CA PRO FD 83 -108.70 0.87 -56.02
C PRO FD 83 -107.98 0.43 -54.75
N SER FD 84 -106.98 1.20 -54.35
CA SER FD 84 -106.23 0.89 -53.15
C SER FD 84 -107.12 0.98 -51.92
N VAL FD 85 -106.96 0.02 -51.01
CA VAL FD 85 -107.77 -0.01 -49.80
C VAL FD 85 -107.35 1.13 -48.89
N THR FD 86 -108.25 2.07 -48.67
CA THR FD 86 -108.00 3.19 -47.78
C THR FD 86 -108.65 3.00 -46.42
N ARG FD 87 -109.33 1.88 -46.21
CA ARG FD 87 -110.39 1.82 -45.22
C ARG FD 87 -110.42 0.43 -44.63
N GLN FD 88 -110.29 0.31 -43.32
CA GLN FD 88 -110.33 -1.03 -42.73
C GLN FD 88 -111.14 -1.01 -41.44
N ALA FD 89 -111.99 -2.01 -41.27
CA ALA FD 89 -112.68 -2.24 -40.01
C ALA FD 89 -112.35 -3.64 -39.51
N TYR FD 90 -112.00 -3.74 -38.23
CA TYR FD 90 -111.62 -4.99 -37.61
C TYR FD 90 -112.54 -5.31 -36.44
N ALA FD 91 -112.94 -6.57 -36.35
CA ALA FD 91 -113.75 -7.04 -35.24
C ALA FD 91 -113.23 -8.41 -34.86
N ASP FD 92 -112.65 -8.54 -33.67
CA ASP FD 92 -112.10 -9.81 -33.22
C ASP FD 92 -112.83 -10.26 -31.98
N VAL FD 93 -113.33 -11.47 -32.01
CA VAL FD 93 -114.00 -12.09 -30.89
C VAL FD 93 -113.21 -13.31 -30.47
N THR FD 94 -112.95 -13.43 -29.17
CA THR FD 94 -112.23 -14.58 -28.64
C THR FD 94 -113.03 -15.16 -27.50
N PHE FD 95 -113.43 -16.42 -27.64
CA PHE FD 95 -114.15 -17.14 -26.60
C PHE FD 95 -113.17 -18.09 -25.94
N SER FD 96 -113.19 -18.12 -24.61
CA SER FD 96 -112.34 -19.06 -23.88
C SER FD 96 -113.21 -19.84 -22.90
N PHE FD 97 -113.14 -21.16 -22.99
CA PHE FD 97 -113.84 -22.07 -22.14
C PHE FD 97 -112.85 -22.99 -21.45
N THR FD 98 -113.26 -23.54 -20.33
CA THR FD 98 -112.41 -24.48 -19.64
C THR FD 98 -112.60 -25.88 -20.19
N GLN FD 99 -111.69 -26.77 -19.79
CA GLN FD 99 -111.76 -28.16 -20.19
C GLN FD 99 -113.08 -28.79 -19.81
N TYR FD 100 -113.72 -28.34 -18.74
CA TYR FD 100 -114.92 -28.97 -18.25
C TYR FD 100 -116.17 -28.20 -18.61
N SER FD 101 -116.07 -27.24 -19.51
CA SER FD 101 -117.24 -26.49 -19.91
C SER FD 101 -118.28 -27.43 -20.51
N THR FD 102 -119.46 -26.89 -20.77
CA THR FD 102 -120.52 -27.66 -21.39
C THR FD 102 -121.21 -26.85 -22.47
N ASP FD 103 -121.67 -27.57 -23.50
CA ASP FD 103 -122.51 -26.95 -24.50
C ASP FD 103 -123.51 -26.01 -23.86
N GLU FD 104 -124.00 -26.39 -22.67
CA GLU FD 104 -124.97 -25.57 -21.96
C GLU FD 104 -124.52 -24.10 -21.91
N GLU FD 105 -123.44 -23.87 -21.18
CA GLU FD 105 -122.99 -22.50 -20.97
C GLU FD 105 -122.41 -21.92 -22.24
N ARG FD 106 -121.83 -22.77 -23.09
CA ARG FD 106 -121.22 -22.27 -24.30
C ARG FD 106 -122.27 -21.60 -25.18
N ALA FD 107 -123.35 -22.32 -25.48
CA ALA FD 107 -124.44 -21.72 -26.23
C ALA FD 107 -125.00 -20.52 -25.47
N PHE FD 108 -125.07 -20.61 -24.14
CA PHE FD 108 -125.50 -19.44 -23.39
C PHE FD 108 -124.67 -18.24 -23.79
N VAL FD 109 -123.35 -18.39 -23.79
CA VAL FD 109 -122.45 -17.27 -24.00
C VAL FD 109 -122.64 -16.72 -25.40
N ARG FD 110 -122.68 -17.61 -26.38
CA ARG FD 110 -122.87 -17.17 -27.75
C ARG FD 110 -124.14 -16.35 -27.88
N THR FD 111 -125.25 -16.91 -27.41
CA THR FD 111 -126.51 -16.22 -27.54
C THR FD 111 -126.48 -14.89 -26.82
N GLU FD 112 -125.83 -14.84 -25.66
CA GLU FD 112 -125.78 -13.59 -24.93
C GLU FD 112 -125.02 -12.55 -25.72
N LEU FD 113 -123.91 -12.95 -26.33
CA LEU FD 113 -123.18 -12.00 -27.14
C LEU FD 113 -124.04 -11.50 -28.29
N ALA FD 114 -124.75 -12.41 -28.95
CA ALA FD 114 -125.58 -11.98 -30.07
C ALA FD 114 -126.64 -10.98 -29.61
N ALA FD 115 -127.33 -11.33 -28.54
CA ALA FD 115 -128.39 -10.47 -28.04
C ALA FD 115 -127.84 -9.13 -27.61
N LEU FD 116 -126.64 -9.13 -27.01
CA LEU FD 116 -126.05 -7.90 -26.54
C LEU FD 116 -125.64 -7.03 -27.72
N LEU FD 117 -125.15 -7.65 -28.80
CA LEU FD 117 -124.88 -6.91 -30.02
C LEU FD 117 -126.14 -6.35 -30.64
N ALA FD 118 -127.29 -6.95 -30.35
CA ALA FD 118 -128.55 -6.40 -30.82
C ALA FD 118 -129.13 -5.33 -29.91
N SER FD 119 -128.85 -5.38 -28.61
CA SER FD 119 -129.50 -4.52 -27.65
C SER FD 119 -129.08 -3.07 -27.81
N PRO FD 120 -129.90 -2.12 -27.34
CA PRO FD 120 -129.60 -0.71 -27.61
C PRO FD 120 -128.25 -0.26 -27.12
N LEU FD 121 -127.75 -0.84 -26.04
CA LEU FD 121 -126.48 -0.40 -25.50
C LEU FD 121 -125.40 -0.44 -26.56
N LEU FD 122 -125.05 -1.64 -27.02
CA LEU FD 122 -123.96 -1.74 -27.97
C LEU FD 122 -124.30 -1.06 -29.29
N ILE FD 123 -125.58 -1.01 -29.64
CA ILE FD 123 -125.99 -0.19 -30.77
C ILE FD 123 -125.35 1.19 -30.65
N ASP FD 124 -125.72 1.91 -29.60
CA ASP FD 124 -125.25 3.27 -29.44
C ASP FD 124 -123.76 3.34 -29.17
N ALA FD 125 -123.19 2.29 -28.59
CA ALA FD 125 -121.77 2.32 -28.25
C ALA FD 125 -120.90 2.12 -29.47
N ILE FD 126 -121.39 1.41 -30.48
CA ILE FD 126 -120.61 1.09 -31.66
C ILE FD 126 -120.98 2.00 -32.81
N ASP FD 127 -122.23 1.98 -33.24
CA ASP FD 127 -122.60 2.73 -34.44
C ASP FD 127 -122.34 4.22 -34.25
N GLN FD 128 -122.57 4.74 -33.05
CA GLN FD 128 -122.35 6.16 -32.79
C GLN FD 128 -121.10 6.44 -31.98
N LEU FD 129 -120.36 5.42 -31.56
CA LEU FD 129 -119.13 5.63 -30.80
C LEU FD 129 -119.43 6.31 -29.47
N ASN FD 130 -120.45 5.83 -28.79
CA ASN FD 130 -120.88 6.45 -27.54
C ASN FD 130 -120.31 5.70 -26.36
N PRO FD 131 -119.37 6.25 -25.61
CA PRO FD 131 -118.97 5.61 -24.35
C PRO FD 131 -120.18 5.45 -23.44
N ALA FD 132 -120.42 4.23 -23.03
CA ALA FD 132 -121.58 3.95 -22.21
C ALA FD 132 -121.40 4.60 -20.84
N TYR FD 133 -122.47 5.23 -20.36
CA TYR FD 133 -122.45 5.85 -19.04
C TYR FD 133 -123.87 6.08 -18.54
N ALA GD 2 -116.04 60.83 -21.09
CA ALA GD 2 -114.76 61.60 -21.03
C ALA GD 2 -114.27 61.95 -22.43
N LYS GD 3 -115.15 62.54 -23.23
CA LYS GD 3 -114.81 62.85 -24.60
C LYS GD 3 -113.72 63.92 -24.64
N LEU GD 4 -112.86 63.81 -25.64
CA LEU GD 4 -111.74 64.72 -25.81
C LEU GD 4 -111.96 65.59 -27.04
N GLU GD 5 -111.88 66.91 -26.84
CA GLU GD 5 -112.11 67.88 -27.90
C GLU GD 5 -111.43 69.17 -27.49
N THR GD 6 -111.80 70.26 -28.15
CA THR GD 6 -111.23 71.56 -27.84
C THR GD 6 -111.87 72.12 -26.58
N VAL GD 7 -111.04 72.58 -25.65
CA VAL GD 7 -111.51 73.12 -24.38
C VAL GD 7 -111.05 74.57 -24.28
N THR GD 8 -111.96 75.46 -23.93
CA THR GD 8 -111.71 76.90 -23.91
C THR GD 8 -111.72 77.35 -22.45
N LEU GD 9 -110.54 77.60 -21.91
CA LEU GD 9 -110.38 77.96 -20.52
C LEU GD 9 -110.36 79.49 -20.46
N GLY GD 10 -111.45 80.09 -19.97
CA GLY GD 10 -111.58 81.53 -19.98
C GLY GD 10 -111.37 82.17 -18.62
N ASN GD 11 -111.09 83.48 -18.61
CA ASN GD 11 -110.93 84.21 -17.36
C ASN GD 11 -109.78 83.62 -16.54
N ILE GD 12 -108.57 83.81 -17.08
CA ILE GD 12 -107.38 83.12 -16.62
C ILE GD 12 -106.36 84.20 -16.24
N GLY GD 13 -105.44 83.85 -15.34
CA GLY GD 13 -104.36 84.74 -14.94
C GLY GD 13 -104.72 85.56 -13.71
N LYS GD 14 -103.91 86.58 -13.45
CA LYS GD 14 -104.16 87.40 -12.25
C LYS GD 14 -105.48 88.12 -12.34
N ASP GD 15 -105.62 88.96 -13.34
CA ASP GD 15 -106.87 89.66 -13.52
C ASP GD 15 -107.94 88.74 -14.09
N GLY GD 16 -107.58 87.50 -14.41
CA GLY GD 16 -108.57 86.58 -14.96
C GLY GD 16 -109.07 87.07 -16.29
N LYS GD 17 -108.17 87.38 -17.21
CA LYS GD 17 -108.56 87.96 -18.48
C LYS GD 17 -108.11 87.18 -19.71
N GLN GD 18 -107.04 86.40 -19.65
CA GLN GD 18 -106.63 85.73 -20.88
C GLN GD 18 -107.49 84.49 -21.08
N THR GD 19 -107.20 83.79 -22.18
CA THR GD 19 -107.93 82.58 -22.54
C THR GD 19 -106.96 81.57 -23.13
N LEU GD 20 -107.20 80.30 -22.82
CA LEU GD 20 -106.35 79.22 -23.31
C LEU GD 20 -107.21 78.21 -24.03
N VAL GD 21 -106.91 77.99 -25.29
CA VAL GD 21 -107.62 77.02 -26.11
C VAL GD 21 -106.72 75.79 -26.19
N LEU GD 22 -107.22 74.67 -25.69
CA LEU GD 22 -106.46 73.44 -25.64
C LEU GD 22 -107.13 72.41 -26.53
N ASN GD 23 -106.50 72.06 -27.54
CA ASN GD 23 -107.01 71.08 -28.46
C ASN GD 23 -106.44 69.69 -28.14
N PRO GD 24 -107.14 68.65 -28.52
CA PRO GD 24 -106.77 67.30 -28.09
C PRO GD 24 -105.62 66.73 -28.92
N ARG GD 25 -105.10 65.62 -28.41
CA ARG GD 25 -103.99 64.90 -29.01
C ARG GD 25 -104.31 63.43 -28.93
N GLY GD 26 -103.31 62.58 -29.11
CA GLY GD 26 -103.50 61.14 -29.05
C GLY GD 26 -103.22 60.60 -27.65
N VAL GD 27 -104.07 59.69 -27.20
CA VAL GD 27 -103.89 59.14 -25.87
C VAL GD 27 -102.71 58.18 -25.90
N ASN GD 28 -101.76 58.40 -25.00
CA ASN GD 28 -100.59 57.55 -24.93
C ASN GD 28 -101.01 56.11 -24.70
N PRO GD 29 -100.86 55.23 -25.70
CA PRO GD 29 -101.24 53.83 -25.49
C PRO GD 29 -100.34 53.13 -24.49
N THR GD 30 -99.10 53.60 -24.31
CA THR GD 30 -98.21 52.93 -23.40
C THR GD 30 -98.74 52.93 -21.98
N ASN GD 31 -99.48 53.96 -21.60
CA ASN GD 31 -100.03 54.02 -20.25
C ASN GD 31 -101.44 54.58 -20.21
N GLY GD 32 -102.09 54.78 -21.36
CA GLY GD 32 -103.44 55.29 -21.35
C GLY GD 32 -103.56 56.65 -20.71
N VAL GD 33 -103.02 57.67 -21.37
CA VAL GD 33 -103.12 59.04 -20.89
C VAL GD 33 -103.49 59.92 -22.07
N ALA GD 34 -104.54 60.72 -21.91
CA ALA GD 34 -104.94 61.67 -22.94
C ALA GD 34 -104.21 62.99 -22.75
N SER GD 35 -104.03 63.71 -23.86
CA SER GD 35 -103.21 64.91 -23.88
C SER GD 35 -103.94 66.07 -24.55
N LEU GD 36 -103.81 67.24 -23.94
CA LEU GD 36 -104.29 68.50 -24.49
C LEU GD 36 -103.11 69.44 -24.66
N SER GD 37 -103.14 70.23 -25.73
CA SER GD 37 -102.03 71.14 -25.99
C SER GD 37 -102.58 72.42 -26.59
N GLN GD 38 -101.77 73.48 -26.47
CA GLN GD 38 -102.16 74.81 -26.91
C GLN GD 38 -102.62 74.73 -28.36
N ALA GD 39 -103.39 75.71 -28.83
CA ALA GD 39 -103.94 75.61 -30.18
C ALA GD 39 -102.83 75.46 -31.21
N GLY GD 40 -101.63 75.92 -30.89
CA GLY GD 40 -100.50 75.86 -31.80
C GLY GD 40 -99.97 77.25 -32.11
N ALA GD 41 -98.98 77.29 -33.00
CA ALA GD 41 -98.48 76.09 -33.66
C ALA GD 41 -97.48 75.34 -32.78
N VAL GD 42 -96.29 75.93 -32.62
CA VAL GD 42 -95.27 75.28 -31.81
C VAL GD 42 -95.71 75.17 -30.37
N PRO GD 43 -96.30 76.18 -29.75
CA PRO GD 43 -96.71 76.03 -28.35
C PRO GD 43 -97.49 74.76 -28.09
N ALA GD 44 -98.02 74.13 -29.15
CA ALA GD 44 -98.60 72.80 -29.01
C ALA GD 44 -97.58 71.79 -28.51
N LEU GD 45 -96.30 71.98 -28.87
CA LEU GD 45 -95.23 71.14 -28.38
C LEU GD 45 -94.53 71.76 -27.17
N GLU GD 46 -95.14 72.78 -26.57
CA GLU GD 46 -94.63 73.34 -25.33
C GLU GD 46 -95.60 73.16 -24.16
N LYS GD 47 -96.82 73.67 -24.26
CA LYS GD 47 -97.76 73.54 -23.16
C LYS GD 47 -98.50 72.21 -23.24
N ARG GD 48 -98.61 71.52 -22.11
CA ARG GD 48 -99.18 70.19 -22.09
C ARG GD 48 -100.13 70.03 -20.91
N VAL GD 49 -101.17 69.25 -21.10
CA VAL GD 49 -102.15 68.94 -20.05
C VAL GD 49 -102.55 67.49 -20.22
N THR GD 50 -102.06 66.62 -19.34
CA THR GD 50 -102.26 65.19 -19.44
C THR GD 50 -103.26 64.72 -18.38
N VAL GD 51 -104.07 63.74 -18.75
CA VAL GD 51 -105.09 63.19 -17.87
C VAL GD 51 -105.05 61.69 -17.95
N SER GD 52 -105.19 61.02 -16.80
CA SER GD 52 -105.24 59.57 -16.74
C SER GD 52 -106.20 59.13 -15.65
N VAL GD 53 -106.83 57.99 -15.90
CA VAL GD 53 -107.82 57.41 -15.01
C VAL GD 53 -107.48 55.92 -14.90
N SER GD 54 -106.77 55.56 -13.85
CA SER GD 54 -106.36 54.17 -13.63
C SER GD 54 -107.37 53.50 -12.71
N GLN GD 55 -107.95 52.39 -13.19
CA GLN GD 55 -108.95 51.65 -12.47
C GLN GD 55 -108.30 50.69 -11.49
N PRO GD 56 -109.05 50.20 -10.50
CA PRO GD 56 -108.45 49.36 -9.47
C PRO GD 56 -107.66 48.21 -10.07
N SER GD 57 -106.55 47.89 -9.42
CA SER GD 57 -105.74 46.74 -9.79
C SER GD 57 -105.10 46.18 -8.53
N ARG GD 58 -104.13 45.30 -8.71
CA ARG GD 58 -103.39 44.81 -7.55
C ARG GD 58 -102.63 45.93 -6.87
N ASN GD 59 -101.96 46.77 -7.65
CA ASN GD 59 -101.19 47.87 -7.07
C ASN GD 59 -102.09 48.97 -6.56
N ARG GD 60 -103.12 49.33 -7.32
CA ARG GD 60 -103.98 50.46 -6.99
C ARG GD 60 -105.37 49.96 -6.63
N LYS GD 61 -106.08 50.65 -5.74
CA LYS GD 61 -107.09 49.92 -4.99
C LYS GD 61 -108.57 50.27 -5.20
N ASN GD 62 -109.08 51.47 -4.94
CA ASN GD 62 -108.52 52.82 -5.01
C ASN GD 62 -108.17 53.32 -6.40
N TYR GD 63 -109.23 53.55 -7.18
CA TYR GD 63 -109.13 54.32 -8.40
C TYR GD 63 -108.17 55.50 -8.21
N LYS GD 64 -107.34 55.74 -9.23
CA LYS GD 64 -106.39 56.86 -9.21
C LYS GD 64 -106.61 57.71 -10.45
N VAL GD 65 -107.01 58.96 -10.28
CA VAL GD 65 -107.15 59.88 -11.40
C VAL GD 65 -106.08 60.96 -11.24
N GLN GD 66 -105.19 61.05 -12.22
CA GLN GD 66 -104.10 62.01 -12.17
C GLN GD 66 -104.26 63.00 -13.32
N VAL GD 67 -103.93 64.25 -13.03
CA VAL GD 67 -104.01 65.33 -14.01
C VAL GD 67 -102.74 66.16 -13.85
N LYS GD 68 -101.89 66.16 -14.87
CA LYS GD 68 -100.66 66.94 -14.85
C LYS GD 68 -100.79 68.10 -15.82
N ILE GD 69 -100.28 69.25 -15.41
CA ILE GD 69 -100.24 70.44 -16.25
C ILE GD 69 -98.81 70.93 -16.27
N GLN GD 70 -98.33 71.32 -17.46
CA GLN GD 70 -96.95 71.75 -17.63
C GLN GD 70 -96.91 72.93 -18.61
N ASN GD 71 -96.33 74.03 -18.17
CA ASN GD 71 -96.13 75.22 -18.99
C ASN GD 71 -94.66 75.58 -18.99
N PRO GD 72 -93.96 75.44 -20.07
CA PRO GD 72 -92.59 75.96 -20.13
C PRO GD 72 -92.56 77.38 -20.64
N THR GD 73 -91.90 78.27 -19.91
CA THR GD 73 -91.62 79.60 -20.42
C THR GD 73 -90.29 79.59 -21.16
N ALA GD 74 -90.32 80.08 -22.39
CA ALA GD 74 -89.16 80.08 -23.26
C ALA GD 74 -88.89 81.50 -23.72
N CYS GD 75 -87.67 81.69 -24.21
CA CYS GD 75 -87.27 83.00 -24.69
C CYS GD 75 -86.26 82.82 -25.81
N THR GD 76 -86.12 83.87 -26.61
CA THR GD 76 -85.22 83.89 -27.75
C THR GD 76 -84.09 84.84 -27.44
N ALA GD 77 -82.87 84.31 -27.34
CA ALA GD 77 -81.72 85.17 -27.19
C ALA GD 77 -81.67 86.17 -28.34
N ASN GD 78 -81.38 87.41 -28.01
CA ASN GD 78 -81.53 88.47 -28.99
C ASN GD 78 -80.44 88.34 -30.03
N GLY GD 79 -80.69 87.54 -31.05
CA GLY GD 79 -79.69 87.20 -32.04
C GLY GD 79 -79.82 85.76 -32.50
N SER GD 80 -80.37 84.91 -31.65
CA SER GD 80 -80.69 83.55 -32.08
C SER GD 80 -82.05 83.59 -32.75
N CYS GD 81 -82.55 82.43 -33.19
CA CYS GD 81 -83.83 82.39 -33.88
C CYS GD 81 -84.85 81.53 -33.15
N ASP GD 82 -84.47 80.29 -32.87
CA ASP GD 82 -85.40 79.36 -32.24
C ASP GD 82 -85.46 79.62 -30.75
N PRO GD 83 -86.63 79.90 -30.18
CA PRO GD 83 -86.70 80.10 -28.73
C PRO GD 83 -86.36 78.82 -28.00
N SER GD 84 -85.65 78.97 -26.88
CA SER GD 84 -85.34 77.85 -26.01
C SER GD 84 -86.00 78.06 -24.65
N VAL GD 85 -86.36 76.95 -24.00
CA VAL GD 85 -87.07 77.00 -22.73
C VAL GD 85 -86.10 77.39 -21.63
N THR GD 86 -86.40 78.46 -20.91
CA THR GD 86 -85.58 78.83 -19.77
C THR GD 86 -86.21 78.44 -18.46
N ARG GD 87 -87.50 78.15 -18.48
CA ARG GD 87 -88.26 77.89 -17.26
C ARG GD 87 -89.32 76.86 -17.57
N GLN GD 88 -89.73 76.12 -16.55
CA GLN GD 88 -90.84 75.20 -16.72
C GLN GD 88 -91.57 75.08 -15.40
N ALA GD 89 -92.81 75.55 -15.36
CA ALA GD 89 -93.69 75.32 -14.23
C ALA GD 89 -94.54 74.12 -14.53
N TYR GD 90 -94.94 73.40 -13.49
CA TYR GD 90 -95.88 72.32 -13.70
C TYR GD 90 -96.40 71.84 -12.36
N ALA GD 91 -97.61 71.30 -12.39
CA ALA GD 91 -98.26 70.82 -11.19
C ALA GD 91 -99.04 69.56 -11.52
N ASP GD 92 -99.36 68.81 -10.47
CA ASP GD 92 -100.06 67.55 -10.62
C ASP GD 92 -101.13 67.44 -9.55
N VAL GD 93 -102.30 67.00 -9.95
CA VAL GD 93 -103.39 66.67 -9.05
C VAL GD 93 -103.59 65.17 -9.09
N THR GD 94 -103.83 64.58 -7.93
CA THR GD 94 -103.94 63.14 -7.81
C THR GD 94 -105.12 62.82 -6.89
N PHE GD 95 -106.26 62.52 -7.49
CA PHE GD 95 -107.43 62.12 -6.72
C PHE GD 95 -107.42 60.60 -6.57
N SER GD 96 -107.64 60.14 -5.35
CA SER GD 96 -107.68 58.71 -5.06
C SER GD 96 -109.04 58.42 -4.45
N PHE GD 97 -109.80 57.52 -5.08
CA PHE GD 97 -111.13 57.19 -4.62
C PHE GD 97 -111.23 55.72 -4.31
N THR GD 98 -112.02 55.40 -3.31
CA THR GD 98 -112.26 54.00 -2.97
C THR GD 98 -113.24 53.39 -3.94
N GLN GD 99 -113.17 52.06 -4.02
CA GLN GD 99 -113.86 51.37 -5.08
C GLN GD 99 -115.37 51.42 -4.87
N TYR GD 100 -115.80 51.79 -3.66
CA TYR GD 100 -117.21 52.09 -3.39
C TYR GD 100 -117.51 53.57 -3.41
N SER GD 101 -116.58 54.40 -3.85
CA SER GD 101 -116.82 55.83 -3.91
C SER GD 101 -118.11 56.10 -4.67
N THR GD 102 -118.67 57.30 -4.48
CA THR GD 102 -119.86 57.70 -5.22
C THR GD 102 -119.62 59.03 -5.92
N ASP GD 103 -120.23 59.15 -7.10
CA ASP GD 103 -120.18 60.38 -7.87
C ASP GD 103 -120.40 61.59 -6.98
N GLU GD 104 -121.26 61.46 -5.98
CA GLU GD 104 -121.57 62.59 -5.12
C GLU GD 104 -120.31 63.17 -4.53
N GLU GD 105 -119.64 62.39 -3.67
CA GLU GD 105 -118.45 62.91 -3.01
C GLU GD 105 -117.34 63.15 -4.01
N ARG GD 106 -117.35 62.43 -5.14
CA ARG GD 106 -116.35 62.72 -6.15
C ARG GD 106 -116.48 64.16 -6.60
N ALA GD 107 -117.69 64.55 -7.00
CA ALA GD 107 -117.92 65.92 -7.43
C ALA GD 107 -117.65 66.88 -6.29
N PHE GD 108 -117.97 66.45 -5.07
CA PHE GD 108 -117.71 67.30 -3.91
C PHE GD 108 -116.24 67.64 -3.82
N VAL GD 109 -115.39 66.61 -3.85
CA VAL GD 109 -113.95 66.83 -3.87
C VAL GD 109 -113.57 67.75 -5.00
N ARG GD 110 -114.16 67.53 -6.17
CA ARG GD 110 -113.81 68.34 -7.32
C ARG GD 110 -114.01 69.81 -7.02
N THR GD 111 -115.26 70.19 -6.81
CA THR GD 111 -115.56 71.60 -6.66
C THR GD 111 -114.85 72.17 -5.44
N GLU GD 112 -114.56 71.33 -4.44
CA GLU GD 112 -113.93 71.86 -3.25
C GLU GD 112 -112.50 72.24 -3.55
N LEU GD 113 -111.76 71.36 -4.22
CA LEU GD 113 -110.43 71.73 -4.64
C LEU GD 113 -110.49 72.96 -5.53
N ALA GD 114 -111.53 73.05 -6.36
CA ALA GD 114 -111.65 74.19 -7.25
C ALA GD 114 -111.73 75.49 -6.45
N ALA GD 115 -112.67 75.57 -5.53
CA ALA GD 115 -112.86 76.85 -4.86
C ALA GD 115 -111.79 77.10 -3.81
N LEU GD 116 -111.12 76.05 -3.33
CA LEU GD 116 -109.93 76.31 -2.54
C LEU GD 116 -108.87 76.97 -3.38
N LEU GD 117 -108.62 76.44 -4.57
CA LEU GD 117 -107.71 77.11 -5.49
C LEU GD 117 -108.16 78.54 -5.72
N ALA GD 118 -109.46 78.77 -5.75
CA ALA GD 118 -109.97 80.12 -5.98
C ALA GD 118 -109.97 80.97 -4.72
N SER GD 119 -109.70 80.38 -3.56
CA SER GD 119 -109.77 81.11 -2.30
C SER GD 119 -108.55 81.99 -2.09
N PRO GD 120 -108.70 83.07 -1.33
CA PRO GD 120 -107.53 83.92 -1.03
C PRO GD 120 -106.38 83.14 -0.46
N LEU GD 121 -106.66 82.16 0.38
CA LEU GD 121 -105.59 81.39 1.00
C LEU GD 121 -104.64 80.88 -0.06
N LEU GD 122 -105.14 80.08 -0.98
CA LEU GD 122 -104.24 79.37 -1.89
C LEU GD 122 -103.68 80.31 -2.94
N ILE GD 123 -104.45 81.30 -3.39
CA ILE GD 123 -103.87 82.25 -4.33
C ILE GD 123 -102.69 82.96 -3.69
N ASP GD 124 -102.81 83.29 -2.41
CA ASP GD 124 -101.66 83.86 -1.72
C ASP GD 124 -100.53 82.86 -1.64
N ALA GD 125 -100.85 81.61 -1.32
CA ALA GD 125 -99.84 80.58 -1.15
C ALA GD 125 -99.13 80.23 -2.44
N ILE GD 126 -99.71 80.59 -3.58
CA ILE GD 126 -99.22 80.19 -4.88
C ILE GD 126 -98.61 81.36 -5.63
N ASP GD 127 -99.29 82.49 -5.59
CA ASP GD 127 -98.85 83.67 -6.33
C ASP GD 127 -97.57 84.25 -5.75
N GLN GD 128 -97.59 84.53 -4.44
CA GLN GD 128 -96.44 85.05 -3.74
C GLN GD 128 -95.73 83.97 -2.95
N LEU GD 129 -96.26 82.76 -2.93
CA LEU GD 129 -95.65 81.62 -2.27
C LEU GD 129 -95.44 81.94 -0.80
N ASN GD 130 -96.44 82.58 -0.22
CA ASN GD 130 -96.38 83.00 1.16
C ASN GD 130 -97.00 81.90 2.00
N PRO GD 131 -96.23 81.20 2.83
CA PRO GD 131 -96.85 80.22 3.72
C PRO GD 131 -97.92 80.89 4.54
N ALA GD 132 -98.91 80.11 4.92
CA ALA GD 132 -100.08 80.67 5.58
C ALA GD 132 -99.77 80.80 7.06
N TYR GD 133 -99.33 81.98 7.49
CA TYR GD 133 -98.85 82.16 8.85
C TYR GD 133 -99.29 83.51 9.35
N ALA HD 2 -118.02 48.80 -35.44
CA ALA HD 2 -118.31 48.34 -34.06
C ALA HD 2 -118.31 49.52 -33.11
N LYS HD 3 -118.94 50.62 -33.54
CA LYS HD 3 -118.95 51.84 -32.75
C LYS HD 3 -119.48 51.56 -31.36
N LEU HD 4 -118.80 52.07 -30.35
CA LEU HD 4 -119.37 51.99 -29.01
C LEU HD 4 -120.69 52.73 -29.00
N GLU HD 5 -121.63 52.21 -28.23
CA GLU HD 5 -122.95 52.83 -28.14
C GLU HD 5 -123.74 52.11 -27.07
N THR HD 6 -124.76 52.81 -26.55
CA THR HD 6 -125.63 52.24 -25.53
C THR HD 6 -126.30 50.96 -26.02
N VAL HD 7 -125.93 49.84 -25.44
CA VAL HD 7 -126.52 48.56 -25.80
C VAL HD 7 -127.78 48.37 -24.97
N THR HD 8 -128.85 47.97 -25.62
CA THR HD 8 -130.14 47.83 -24.99
C THR HD 8 -130.59 46.39 -25.16
N LEU HD 9 -130.35 45.58 -24.14
CA LEU HD 9 -130.62 44.16 -24.27
C LEU HD 9 -132.00 43.89 -23.69
N GLY HD 10 -132.84 43.19 -24.45
CA GLY HD 10 -134.22 43.04 -24.09
C GLY HD 10 -134.50 41.87 -23.16
N ASN HD 11 -135.48 41.06 -23.51
CA ASN HD 11 -135.94 39.99 -22.62
C ASN HD 11 -134.75 39.22 -22.07
N ILE HD 12 -134.80 38.92 -20.78
CA ILE HD 12 -133.62 38.48 -20.05
C ILE HD 12 -134.07 37.90 -18.71
N GLY HD 13 -133.45 36.79 -18.30
CA GLY HD 13 -133.75 36.13 -17.04
C GLY HD 13 -134.53 34.85 -17.26
N LYS HD 14 -135.00 34.25 -16.16
CA LYS HD 14 -135.85 33.07 -16.31
C LYS HD 14 -137.06 33.38 -17.17
N ASP HD 15 -137.94 34.22 -16.67
CA ASP HD 15 -139.15 34.53 -17.40
C ASP HD 15 -138.90 35.40 -18.62
N GLY HD 16 -137.69 35.93 -18.75
CA GLY HD 16 -137.35 36.74 -19.90
C GLY HD 16 -138.17 38.01 -19.96
N LYS HD 17 -138.11 38.82 -18.92
CA LYS HD 17 -138.82 40.10 -18.92
C LYS HD 17 -137.99 41.29 -18.49
N GLN HD 18 -136.81 41.11 -17.92
CA GLN HD 18 -135.99 42.26 -17.57
C GLN HD 18 -135.30 42.80 -18.83
N THR HD 19 -134.68 43.95 -18.68
CA THR HD 19 -133.93 44.56 -19.76
C THR HD 19 -132.74 45.30 -19.17
N LEU HD 20 -131.63 45.27 -19.89
CA LEU HD 20 -130.39 45.86 -19.41
C LEU HD 20 -129.92 46.94 -20.36
N VAL HD 21 -129.46 48.04 -19.78
CA VAL HD 21 -129.05 49.21 -20.54
C VAL HD 21 -127.58 49.44 -20.19
N LEU HD 22 -126.70 49.06 -21.11
CA LEU HD 22 -125.27 49.13 -20.88
C LEU HD 22 -124.73 50.34 -21.63
N ASN HD 23 -124.31 51.36 -20.91
CA ASN HD 23 -123.88 52.58 -21.58
C ASN HD 23 -122.39 52.51 -21.85
N PRO HD 24 -121.93 53.06 -22.96
CA PRO HD 24 -120.53 52.90 -23.36
C PRO HD 24 -119.62 53.78 -22.51
N ARG HD 25 -118.74 53.15 -21.75
CA ARG HD 25 -117.82 53.90 -20.91
C ARG HD 25 -116.62 54.39 -21.72
N GLY HD 26 -115.86 53.47 -22.29
CA GLY HD 26 -114.71 53.89 -23.07
C GLY HD 26 -113.91 52.70 -23.57
N VAL HD 27 -112.64 52.98 -23.88
CA VAL HD 27 -111.73 51.98 -24.42
C VAL HD 27 -110.41 52.10 -23.70
N ASN HD 28 -110.07 51.11 -22.91
CA ASN HD 28 -108.72 51.05 -22.38
C ASN HD 28 -107.76 50.78 -23.53
N PRO HD 29 -106.82 51.68 -23.82
CA PRO HD 29 -105.86 51.42 -24.89
C PRO HD 29 -104.80 50.40 -24.52
N THR HD 30 -104.30 50.48 -23.29
CA THR HD 30 -103.18 49.65 -22.89
C THR HD 30 -103.42 48.18 -23.20
N ASN HD 31 -104.68 47.78 -23.34
CA ASN HD 31 -105.02 46.42 -23.70
C ASN HD 31 -105.95 46.37 -24.89
N GLY HD 32 -106.33 47.49 -25.46
CA GLY HD 32 -107.30 47.49 -26.55
C GLY HD 32 -108.57 46.79 -26.11
N VAL HD 33 -109.24 47.31 -25.10
CA VAL HD 33 -110.41 46.65 -24.53
C VAL HD 33 -111.53 47.66 -24.37
N ALA HD 34 -112.65 47.41 -25.01
CA ALA HD 34 -113.81 48.26 -24.86
C ALA HD 34 -114.61 47.85 -23.64
N SER HD 35 -115.12 48.83 -22.90
CA SER HD 35 -115.80 48.61 -21.64
C SER HD 35 -117.21 49.18 -21.69
N LEU HD 36 -118.16 48.42 -21.15
CA LEU HD 36 -119.55 48.81 -21.07
C LEU HD 36 -120.04 48.59 -19.65
N SER HD 37 -120.85 49.50 -19.15
CA SER HD 37 -121.36 49.36 -17.80
C SER HD 37 -122.82 49.80 -17.75
N GLN HD 38 -123.57 49.18 -16.85
CA GLN HD 38 -124.92 49.64 -16.61
C GLN HD 38 -124.87 51.00 -15.91
N ALA HD 39 -125.91 51.79 -16.11
CA ALA HD 39 -125.93 53.14 -15.55
C ALA HD 39 -126.15 53.09 -14.05
N GLY HD 40 -125.25 53.73 -13.32
CA GLY HD 40 -125.37 53.83 -11.88
C GLY HD 40 -124.45 54.90 -11.33
N ALA HD 41 -123.94 54.72 -10.13
CA ALA HD 41 -122.93 55.63 -9.62
C ALA HD 41 -121.76 54.87 -9.00
N VAL HD 42 -122.07 53.81 -8.27
CA VAL HD 42 -121.05 53.12 -7.48
C VAL HD 42 -120.38 52.09 -8.39
N PRO HD 43 -119.10 52.22 -8.69
CA PRO HD 43 -118.48 51.26 -9.62
C PRO HD 43 -118.60 49.82 -9.15
N ALA HD 44 -118.49 49.60 -7.84
CA ALA HD 44 -118.53 48.25 -7.29
C ALA HD 44 -119.88 47.59 -7.42
N LEU HD 45 -120.90 48.33 -7.79
CA LEU HD 45 -122.26 47.84 -7.74
C LEU HD 45 -122.89 47.97 -9.11
N GLU HD 46 -122.15 47.53 -10.12
CA GLU HD 46 -122.57 47.80 -11.48
C GLU HD 46 -122.28 46.57 -12.34
N LYS HD 47 -123.17 46.30 -13.29
CA LYS HD 47 -122.94 45.21 -14.23
C LYS HD 47 -122.01 45.69 -15.34
N ARG HD 48 -120.96 44.93 -15.60
CA ARG HD 48 -119.93 45.35 -16.54
C ARG HD 48 -119.70 44.30 -17.61
N VAL HD 49 -119.34 44.78 -18.80
CA VAL HD 49 -119.06 43.95 -19.96
C VAL HD 49 -117.80 44.46 -20.63
N THR HD 50 -116.93 43.55 -21.05
CA THR HD 50 -115.68 43.93 -21.68
C THR HD 50 -115.48 43.10 -22.93
N VAL HD 51 -115.06 43.77 -24.01
CA VAL HD 51 -114.86 43.14 -25.30
C VAL HD 51 -113.45 43.46 -25.78
N SER HD 52 -112.72 42.42 -26.18
CA SER HD 52 -111.35 42.59 -26.64
C SER HD 52 -111.12 41.77 -27.90
N VAL HD 53 -110.33 42.32 -28.81
CA VAL HD 53 -110.08 41.75 -30.12
C VAL HD 53 -108.57 41.71 -30.31
N SER HD 54 -107.95 40.59 -29.96
CA SER HD 54 -106.50 40.46 -30.03
C SER HD 54 -106.10 39.96 -31.41
N GLN HD 55 -105.32 40.76 -32.11
CA GLN HD 55 -104.81 40.39 -33.40
C GLN HD 55 -103.72 39.32 -33.24
N PRO HD 56 -103.38 38.63 -34.31
CA PRO HD 56 -102.47 37.49 -34.21
C PRO HD 56 -101.06 37.94 -33.95
N SER HD 57 -100.56 37.65 -32.78
CA SER HD 57 -99.23 38.08 -32.40
C SER HD 57 -98.19 37.13 -32.98
N ARG HD 58 -96.92 37.49 -32.79
CA ARG HD 58 -95.83 36.57 -33.07
C ARG HD 58 -95.93 35.28 -32.29
N ASN HD 59 -96.67 35.27 -31.20
CA ASN HD 59 -96.59 34.15 -30.28
C ASN HD 59 -97.89 33.37 -30.17
N ARG HD 60 -98.94 33.78 -30.89
CA ARG HD 60 -100.16 32.97 -30.97
C ARG HD 60 -100.59 32.75 -32.41
N LYS HD 61 -100.45 33.77 -33.27
CA LYS HD 61 -100.82 33.65 -34.67
C LYS HD 61 -102.24 33.13 -34.83
N ASN HD 62 -103.17 33.73 -34.08
CA ASN HD 62 -104.57 33.38 -34.18
C ASN HD 62 -105.38 34.57 -33.70
N TYR HD 63 -106.50 34.85 -34.36
CA TYR HD 63 -107.29 35.97 -33.92
C TYR HD 63 -108.07 35.52 -32.69
N LYS HD 64 -108.02 36.31 -31.61
CA LYS HD 64 -108.75 35.99 -30.40
C LYS HD 64 -109.80 37.06 -30.12
N VAL HD 65 -110.95 36.65 -29.62
CA VAL HD 65 -111.98 37.57 -29.21
C VAL HD 65 -112.44 37.16 -27.82
N GLN HD 66 -112.20 38.02 -26.83
CA GLN HD 66 -112.58 37.76 -25.45
C GLN HD 66 -113.77 38.62 -25.07
N VAL HD 67 -114.73 38.02 -24.39
CA VAL HD 67 -115.91 38.70 -23.91
C VAL HD 67 -116.09 38.32 -22.45
N LYS HD 68 -115.93 39.27 -21.55
CA LYS HD 68 -116.10 39.03 -20.12
C LYS HD 68 -117.32 39.78 -19.60
N ILE HD 69 -118.14 39.05 -18.85
CA ILE HD 69 -119.36 39.57 -18.24
C ILE HD 69 -119.21 39.44 -16.75
N GLN HD 70 -119.37 40.54 -16.03
CA GLN HD 70 -119.27 40.54 -14.58
C GLN HD 70 -120.51 41.18 -13.98
N ASN HD 71 -121.15 40.44 -13.08
CA ASN HD 71 -122.39 40.89 -12.45
C ASN HD 71 -122.25 40.83 -10.94
N PRO HD 72 -122.23 41.97 -10.26
CA PRO HD 72 -122.13 41.97 -8.80
C PRO HD 72 -123.51 41.98 -8.16
N THR HD 73 -123.53 41.59 -6.89
CA THR HD 73 -124.77 41.62 -6.12
C THR HD 73 -124.69 42.68 -5.03
N ALA HD 74 -125.86 43.26 -4.71
CA ALA HD 74 -125.91 44.39 -3.80
C ALA HD 74 -125.75 43.95 -2.35
N CYS HD 75 -126.66 43.11 -1.85
CA CYS HD 75 -126.83 42.92 -0.41
C CYS HD 75 -126.80 44.25 0.34
N THR HD 76 -127.74 45.12 0.02
CA THR HD 76 -127.89 46.31 0.83
C THR HD 76 -128.23 45.90 2.26
N ALA HD 77 -127.52 46.46 3.21
CA ALA HD 77 -127.74 46.17 4.62
C ALA HD 77 -128.72 47.18 5.21
N ASN HD 78 -129.36 46.79 6.31
CA ASN HD 78 -130.39 47.59 6.94
C ASN HD 78 -129.75 48.80 7.61
N GLY HD 79 -129.24 49.70 6.77
CA GLY HD 79 -128.44 50.82 7.21
C GLY HD 79 -126.95 50.46 7.18
N SER HD 80 -126.21 51.05 8.10
CA SER HD 80 -124.86 50.64 8.46
C SER HD 80 -123.82 50.92 7.38
N CYS HD 81 -124.21 51.11 6.13
CA CYS HD 81 -123.46 51.88 5.13
C CYS HD 81 -124.17 51.68 3.79
N ASP HD 82 -123.60 52.23 2.72
CA ASP HD 82 -124.00 51.81 1.38
C ASP HD 82 -123.93 50.30 1.27
N PRO HD 83 -124.57 49.73 0.24
CA PRO HD 83 -124.50 48.28 0.07
C PRO HD 83 -123.06 47.82 -0.12
N SER HD 84 -122.84 46.55 0.17
CA SER HD 84 -121.52 45.94 0.09
C SER HD 84 -121.53 44.80 -0.92
N VAL HD 85 -120.45 44.70 -1.67
CA VAL HD 85 -120.31 43.65 -2.66
C VAL HD 85 -120.04 42.33 -1.95
N THR HD 86 -120.83 41.32 -2.26
CA THR HD 86 -120.64 40.00 -1.67
C THR HD 86 -120.63 38.88 -2.69
N ARG HD 87 -121.07 39.15 -3.92
CA ARG HD 87 -121.37 38.10 -4.86
C ARG HD 87 -120.99 38.56 -6.26
N GLN HD 88 -120.30 37.69 -7.00
CA GLN HD 88 -119.79 38.06 -8.32
C GLN HD 88 -120.04 36.94 -9.31
N ALA HD 89 -121.07 37.08 -10.13
CA ALA HD 89 -121.25 36.15 -11.24
C ALA HD 89 -120.31 36.51 -12.37
N TYR HD 90 -119.60 35.52 -12.89
CA TYR HD 90 -118.65 35.70 -13.98
C TYR HD 90 -118.99 34.83 -15.18
N ALA HD 91 -118.77 35.39 -16.36
CA ALA HD 91 -118.82 34.64 -17.60
C ALA HD 91 -117.70 35.11 -18.50
N ASP HD 92 -117.04 34.18 -19.17
CA ASP HD 92 -115.91 34.52 -20.02
C ASP HD 92 -115.96 33.65 -21.27
N VAL HD 93 -116.23 34.27 -22.40
CA VAL HD 93 -116.24 33.61 -23.70
C VAL HD 93 -114.98 34.00 -24.44
N THR HD 94 -114.46 33.06 -25.23
CA THR HD 94 -113.20 33.27 -25.94
C THR HD 94 -113.27 32.55 -27.27
N PHE HD 95 -113.55 33.30 -28.33
CA PHE HD 95 -113.51 32.75 -29.67
C PHE HD 95 -112.10 32.82 -30.22
N SER HD 96 -111.69 31.78 -30.95
CA SER HD 96 -110.40 31.74 -31.60
C SER HD 96 -110.57 31.35 -33.05
N PHE HD 97 -109.95 32.11 -33.95
CA PHE HD 97 -110.07 31.84 -35.38
C PHE HD 97 -108.69 31.87 -36.02
N THR HD 98 -108.57 31.15 -37.12
CA THR HD 98 -107.34 31.18 -37.88
C THR HD 98 -107.28 32.37 -38.82
N GLN HD 99 -106.09 32.63 -39.32
CA GLN HD 99 -105.87 33.78 -40.19
C GLN HD 99 -106.68 33.66 -41.48
N TYR HD 100 -106.87 32.44 -41.98
CA TYR HD 100 -107.68 32.19 -43.16
C TYR HD 100 -109.13 31.94 -42.83
N SER HD 101 -109.55 32.25 -41.60
CA SER HD 101 -110.91 31.99 -41.19
C SER HD 101 -111.87 32.71 -42.12
N THR HD 102 -113.15 32.37 -41.99
CA THR HD 102 -114.19 32.97 -42.81
C THR HD 102 -115.23 33.60 -41.91
N ASP HD 103 -115.69 34.78 -42.32
CA ASP HD 103 -116.83 35.37 -41.65
C ASP HD 103 -118.00 34.40 -41.59
N GLU HD 104 -118.19 33.61 -42.63
CA GLU HD 104 -119.16 32.52 -42.59
C GLU HD 104 -119.00 31.70 -41.32
N GLU HD 105 -117.84 31.10 -41.15
CA GLU HD 105 -117.64 30.21 -40.03
C GLU HD 105 -117.79 30.96 -38.73
N ARG HD 106 -117.34 32.22 -38.69
CA ARG HD 106 -117.41 32.96 -37.45
C ARG HD 106 -118.86 33.21 -37.04
N ALA HD 107 -119.68 33.67 -37.98
CA ALA HD 107 -121.10 33.85 -37.65
C ALA HD 107 -121.72 32.52 -37.25
N PHE HD 108 -121.36 31.45 -37.96
CA PHE HD 108 -121.85 30.14 -37.62
C PHE HD 108 -121.58 29.83 -36.16
N VAL HD 109 -120.32 29.98 -35.75
CA VAL HD 109 -119.95 29.69 -34.38
C VAL HD 109 -120.73 30.56 -33.43
N ARG HD 110 -120.87 31.83 -33.77
CA ARG HD 110 -121.55 32.75 -32.87
C ARG HD 110 -122.97 32.29 -32.61
N THR HD 111 -123.75 32.16 -33.67
CA THR HD 111 -125.14 31.75 -33.49
C THR HD 111 -125.21 30.38 -32.84
N GLU HD 112 -124.20 29.55 -33.06
CA GLU HD 112 -124.22 28.24 -32.42
C GLU HD 112 -124.13 28.40 -30.91
N LEU HD 113 -123.24 29.25 -30.45
CA LEU HD 113 -123.16 29.51 -29.02
C LEU HD 113 -124.47 30.07 -28.52
N ALA HD 114 -125.06 30.99 -29.27
CA ALA HD 114 -126.33 31.57 -28.83
C ALA HD 114 -127.38 30.48 -28.63
N ALA HD 115 -127.53 29.62 -29.62
CA ALA HD 115 -128.52 28.57 -29.52
C ALA HD 115 -128.22 27.62 -28.37
N LEU HD 116 -126.95 27.26 -28.18
CA LEU HD 116 -126.62 26.48 -27.00
C LEU HD 116 -127.08 27.17 -25.74
N LEU HD 117 -126.73 28.45 -25.58
CA LEU HD 117 -127.10 29.15 -24.37
C LEU HD 117 -128.58 29.19 -24.15
N ALA HD 118 -129.38 29.08 -25.22
CA ALA HD 118 -130.83 29.01 -25.06
C ALA HD 118 -131.37 27.58 -24.95
N SER HD 119 -130.58 26.58 -25.33
CA SER HD 119 -131.09 25.22 -25.47
C SER HD 119 -131.38 24.59 -24.11
N PRO HD 120 -132.23 23.58 -24.08
CA PRO HD 120 -132.59 22.95 -22.79
C PRO HD 120 -131.39 22.52 -21.99
N LEU HD 121 -130.36 21.99 -22.64
CA LEU HD 121 -129.24 21.42 -21.92
C LEU HD 121 -128.62 22.47 -21.00
N LEU HD 122 -128.13 23.56 -21.60
CA LEU HD 122 -127.50 24.58 -20.77
C LEU HD 122 -128.48 25.16 -19.76
N ILE HD 123 -129.79 25.10 -20.04
CA ILE HD 123 -130.75 25.53 -19.03
C ILE HD 123 -130.39 24.91 -17.70
N ASP HD 124 -130.43 23.59 -17.65
CA ASP HD 124 -130.24 22.87 -16.41
C ASP HD 124 -128.79 22.90 -15.99
N ALA HD 125 -127.88 22.85 -16.96
CA ALA HD 125 -126.46 22.84 -16.63
C ALA HD 125 -126.05 24.10 -15.89
N ILE HD 126 -126.71 25.22 -16.19
CA ILE HD 126 -126.28 26.52 -15.68
C ILE HD 126 -127.17 26.95 -14.52
N ASP HD 127 -128.47 27.03 -14.74
CA ASP HD 127 -129.34 27.54 -13.70
C ASP HD 127 -129.38 26.56 -12.53
N GLN HD 128 -129.61 25.29 -12.83
CA GLN HD 128 -129.68 24.30 -11.77
C GLN HD 128 -128.34 23.70 -11.43
N LEU HD 129 -127.28 24.05 -12.17
CA LEU HD 129 -125.96 23.50 -11.94
C LEU HD 129 -125.97 21.99 -12.02
N ASN HD 130 -126.85 21.43 -12.83
CA ASN HD 130 -126.97 19.99 -12.92
C ASN HD 130 -125.95 19.46 -13.92
N PRO HD 131 -125.08 18.54 -13.53
CA PRO HD 131 -124.11 18.00 -14.49
C PRO HD 131 -124.82 17.37 -15.67
N ALA HD 132 -124.31 17.64 -16.86
CA ALA HD 132 -124.89 17.10 -18.08
C ALA HD 132 -124.96 15.59 -17.99
N TYR HD 133 -126.17 15.07 -17.89
CA TYR HD 133 -126.37 13.62 -17.82
C TYR HD 133 -127.86 13.31 -17.63
N ALA ID 2 -106.52 62.23 -33.07
CA ALA ID 2 -107.08 61.60 -34.29
C ALA ID 2 -107.85 60.36 -33.91
N LYS ID 3 -109.15 60.52 -33.65
CA LYS ID 3 -109.97 59.38 -33.29
C LYS ID 3 -110.15 58.45 -34.47
N LEU ID 4 -109.81 57.19 -34.27
CA LEU ID 4 -110.00 56.19 -35.31
C LEU ID 4 -111.47 56.12 -35.65
N GLU ID 5 -111.76 56.09 -36.95
CA GLU ID 5 -113.12 55.98 -37.42
C GLU ID 5 -113.09 55.30 -38.77
N THR ID 6 -114.22 54.75 -39.16
CA THR ID 6 -114.31 54.12 -40.47
C THR ID 6 -113.95 55.15 -41.53
N VAL ID 7 -112.81 54.97 -42.18
CA VAL ID 7 -112.34 55.91 -43.18
C VAL ID 7 -112.83 55.46 -44.54
N THR ID 8 -113.48 56.36 -45.25
CA THR ID 8 -114.02 56.06 -46.57
C THR ID 8 -113.23 56.87 -47.59
N LEU ID 9 -112.54 56.18 -48.46
CA LEU ID 9 -111.73 56.80 -49.50
C LEU ID 9 -112.34 56.50 -50.85
N GLY ID 10 -112.77 57.53 -51.54
CA GLY ID 10 -113.34 57.40 -52.87
C GLY ID 10 -112.41 58.01 -53.91
N ASN ID 11 -112.83 57.89 -55.16
CA ASN ID 11 -112.07 58.45 -56.28
C ASN ID 11 -110.69 57.80 -56.33
N ILE ID 12 -110.71 56.49 -56.53
CA ILE ID 12 -109.54 55.65 -56.34
C ILE ID 12 -109.36 54.79 -57.59
N GLY ID 13 -108.12 54.34 -57.81
CA GLY ID 13 -107.80 53.47 -58.94
C GLY ID 13 -107.42 54.27 -60.16
N LYS ID 14 -107.09 53.55 -61.25
CA LYS ID 14 -106.76 54.25 -62.48
C LYS ID 14 -107.87 55.21 -62.87
N ASP ID 15 -109.09 54.71 -62.92
CA ASP ID 15 -110.22 55.52 -63.33
C ASP ID 15 -110.67 56.46 -62.23
N GLY ID 16 -110.24 56.22 -61.00
CA GLY ID 16 -110.73 56.99 -59.87
C GLY ID 16 -112.21 56.77 -59.63
N LYS ID 17 -112.66 55.52 -59.64
CA LYS ID 17 -114.05 55.24 -59.32
C LYS ID 17 -114.26 54.26 -58.18
N GLN ID 18 -113.28 53.45 -57.79
CA GLN ID 18 -113.57 52.48 -56.75
C GLN ID 18 -113.63 53.18 -55.40
N THR ID 19 -113.92 52.40 -54.37
CA THR ID 19 -114.15 52.93 -53.03
C THR ID 19 -113.58 51.98 -52.00
N LEU ID 20 -113.05 52.55 -50.92
CA LEU ID 20 -112.41 51.77 -49.87
C LEU ID 20 -113.00 52.17 -48.53
N VAL ID 21 -113.44 51.17 -47.76
CA VAL ID 21 -113.99 51.38 -46.43
C VAL ID 21 -113.05 50.68 -45.47
N LEU ID 22 -112.31 51.45 -44.70
CA LEU ID 22 -111.32 50.92 -43.79
C LEU ID 22 -111.84 51.03 -42.36
N ASN ID 23 -111.90 49.91 -41.67
CA ASN ID 23 -112.41 49.90 -40.30
C ASN ID 23 -111.25 49.92 -39.31
N PRO ID 24 -111.46 50.48 -38.13
CA PRO ID 24 -110.39 50.53 -37.14
C PRO ID 24 -110.07 49.14 -36.59
N ARG ID 25 -108.78 48.83 -36.55
CA ARG ID 25 -108.26 47.62 -35.94
C ARG ID 25 -107.67 47.88 -34.57
N GLY ID 26 -107.85 49.08 -34.04
CA GLY ID 26 -107.27 49.41 -32.75
C GLY ID 26 -105.81 49.82 -32.85
N VAL ID 27 -105.15 49.75 -31.70
CA VAL ID 27 -103.79 50.25 -31.57
C VAL ID 27 -102.95 49.20 -30.86
N ASN ID 28 -101.75 48.99 -31.35
CA ASN ID 28 -100.84 48.11 -30.65
C ASN ID 28 -100.55 48.69 -29.28
N PRO ID 29 -100.74 47.93 -28.21
CA PRO ID 29 -100.39 48.45 -26.89
C PRO ID 29 -98.91 48.72 -26.75
N THR ID 30 -98.06 48.04 -27.52
CA THR ID 30 -96.62 48.16 -27.32
C THR ID 30 -96.05 49.25 -28.22
N ASN ID 31 -96.15 49.06 -29.55
CA ASN ID 31 -95.63 50.06 -30.46
C ASN ID 31 -96.47 51.31 -30.44
N GLY ID 32 -97.71 51.22 -29.98
CA GLY ID 32 -98.57 52.38 -30.00
C GLY ID 32 -98.86 52.81 -31.42
N VAL ID 33 -99.27 51.87 -32.25
CA VAL ID 33 -99.52 52.09 -33.66
C VAL ID 33 -100.94 51.67 -33.97
N ALA ID 34 -101.71 52.55 -34.59
CA ALA ID 34 -103.08 52.22 -34.93
C ALA ID 34 -103.11 51.53 -36.28
N SER ID 35 -104.16 50.74 -36.48
CA SER ID 35 -104.32 49.98 -37.71
C SER ID 35 -105.77 49.99 -38.15
N LEU ID 36 -105.97 49.98 -39.45
CA LEU ID 36 -107.29 49.93 -40.07
C LEU ID 36 -107.27 48.86 -41.14
N SER ID 37 -108.45 48.31 -41.44
CA SER ID 37 -108.53 47.20 -42.36
C SER ID 37 -109.82 47.27 -43.15
N GLN ID 38 -109.76 46.80 -44.39
CA GLN ID 38 -110.95 46.71 -45.22
C GLN ID 38 -111.85 45.60 -44.71
N ALA ID 39 -113.16 45.86 -44.78
CA ALA ID 39 -114.12 44.83 -44.43
C ALA ID 39 -114.11 43.74 -45.51
N GLY ID 40 -114.02 42.49 -45.08
CA GLY ID 40 -113.97 41.39 -46.02
C GLY ID 40 -114.28 40.08 -45.33
N ALA ID 41 -114.20 39.00 -46.10
CA ALA ID 41 -114.54 37.68 -45.61
C ALA ID 41 -113.36 37.00 -44.94
N VAL ID 42 -112.21 37.01 -45.58
CA VAL ID 42 -111.01 36.34 -45.07
C VAL ID 42 -110.08 37.42 -44.52
N PRO ID 43 -109.74 37.39 -43.23
CA PRO ID 43 -108.88 38.44 -42.69
C PRO ID 43 -107.55 38.53 -43.39
N ALA ID 44 -107.05 37.41 -43.94
CA ALA ID 44 -105.77 37.41 -44.61
C ALA ID 44 -105.79 38.20 -45.90
N LEU ID 45 -106.97 38.47 -46.45
CA LEU ID 45 -107.10 39.10 -47.75
C LEU ID 45 -107.61 40.53 -47.66
N GLU ID 46 -107.46 41.13 -46.49
CA GLU ID 46 -108.02 42.43 -46.19
C GLU ID 46 -106.91 43.47 -46.28
N LYS ID 47 -107.14 44.51 -47.07
CA LYS ID 47 -106.14 45.56 -47.19
C LYS ID 47 -106.02 46.30 -45.87
N ARG ID 48 -104.79 46.43 -45.39
CA ARG ID 48 -104.52 47.05 -44.11
C ARG ID 48 -103.78 48.36 -44.30
N VAL ID 49 -103.87 49.19 -43.27
CA VAL ID 49 -103.23 50.49 -43.25
C VAL ID 49 -102.84 50.80 -41.82
N THR ID 50 -101.58 51.12 -41.57
CA THR ID 50 -101.13 51.42 -40.22
C THR ID 50 -100.68 52.87 -40.12
N VAL ID 51 -100.84 53.42 -38.92
CA VAL ID 51 -100.51 54.80 -38.61
C VAL ID 51 -99.70 54.82 -37.33
N SER ID 52 -98.55 55.49 -37.35
CA SER ID 52 -97.67 55.58 -36.20
C SER ID 52 -97.26 57.03 -35.98
N VAL ID 53 -97.32 57.47 -34.74
CA VAL ID 53 -96.87 58.82 -34.37
C VAL ID 53 -95.90 58.73 -33.22
N SER ID 54 -94.62 58.54 -33.52
CA SER ID 54 -93.64 58.39 -32.46
C SER ID 54 -93.51 59.69 -31.69
N GLN ID 55 -93.27 59.55 -30.39
CA GLN ID 55 -93.04 60.69 -29.52
C GLN ID 55 -91.56 61.10 -29.56
N PRO ID 56 -91.22 62.27 -29.03
CA PRO ID 56 -89.85 62.76 -29.13
C PRO ID 56 -88.87 61.78 -28.51
N SER ID 57 -87.70 61.63 -29.15
CA SER ID 57 -86.64 60.79 -28.61
C SER ID 57 -85.82 61.56 -27.59
N ARG ID 58 -84.70 60.98 -27.14
CA ARG ID 58 -83.82 61.66 -26.20
C ARG ID 58 -82.88 62.64 -26.92
N ASN ID 59 -82.84 63.89 -26.43
CA ASN ID 59 -81.80 64.87 -26.75
C ASN ID 59 -81.85 65.39 -28.18
N ARG ID 60 -82.71 64.79 -29.01
CA ARG ID 60 -82.91 65.25 -30.39
C ARG ID 60 -84.38 65.44 -30.71
N LYS ID 61 -85.23 64.58 -30.16
CA LYS ID 61 -86.68 64.68 -30.13
C LYS ID 61 -87.36 64.45 -31.47
N ASN ID 62 -86.69 64.70 -32.59
CA ASN ID 62 -86.93 63.99 -33.85
C ASN ID 62 -88.34 63.43 -34.08
N TYR ID 63 -89.39 64.26 -34.12
CA TYR ID 63 -90.74 63.76 -34.42
C TYR ID 63 -90.76 62.86 -35.65
N LYS ID 64 -91.38 61.70 -35.52
CA LYS ID 64 -91.55 60.75 -36.62
C LYS ID 64 -92.99 60.26 -36.73
N VAL ID 65 -93.46 60.14 -37.98
CA VAL ID 65 -94.77 59.58 -38.30
C VAL ID 65 -94.58 58.54 -39.39
N GLN ID 66 -95.20 57.38 -39.23
CA GLN ID 66 -95.10 56.29 -40.18
C GLN ID 66 -96.48 55.85 -40.63
N VAL ID 67 -96.63 55.61 -41.93
CA VAL ID 67 -97.86 55.09 -42.50
C VAL ID 67 -97.50 53.90 -43.38
N LYS ID 68 -98.05 52.73 -43.06
CA LYS ID 68 -97.75 51.49 -43.74
C LYS ID 68 -99.02 51.00 -44.42
N ILE ID 69 -99.03 50.96 -45.75
CA ILE ID 69 -100.15 50.47 -46.52
C ILE ID 69 -99.78 49.15 -47.15
N GLN ID 70 -100.55 48.12 -46.84
CA GLN ID 70 -100.33 46.79 -47.37
C GLN ID 70 -101.55 46.37 -48.18
N ASN ID 71 -101.31 45.86 -49.37
CA ASN ID 71 -102.40 45.41 -50.24
C ASN ID 71 -102.12 43.99 -50.70
N PRO ID 72 -102.81 42.99 -50.18
CA PRO ID 72 -102.57 41.61 -50.59
C PRO ID 72 -103.43 41.18 -51.77
N THR ID 73 -103.07 40.04 -52.34
CA THR ID 73 -103.84 39.42 -53.42
C THR ID 73 -103.45 37.96 -53.49
N ALA ID 74 -104.44 37.07 -53.39
CA ALA ID 74 -104.21 35.64 -53.43
C ALA ID 74 -104.75 35.08 -54.74
N CYS ID 75 -104.54 33.77 -54.92
CA CYS ID 75 -105.09 33.06 -56.08
C CYS ID 75 -105.22 31.59 -55.70
N THR ID 76 -106.45 31.16 -55.44
CA THR ID 76 -106.71 29.76 -55.09
C THR ID 76 -106.11 28.84 -56.13
N ALA ID 77 -105.11 28.06 -55.73
CA ALA ID 77 -104.57 27.02 -56.58
C ALA ID 77 -105.55 25.86 -56.69
N ASN ID 78 -105.45 25.12 -57.78
CA ASN ID 78 -106.31 23.96 -57.96
C ASN ID 78 -106.00 22.95 -56.87
N GLY ID 79 -107.06 22.41 -56.27
CA GLY ID 79 -106.92 21.47 -55.18
C GLY ID 79 -106.75 22.10 -53.83
N SER ID 80 -106.49 23.40 -53.77
CA SER ID 80 -106.27 24.10 -52.52
C SER ID 80 -107.57 24.76 -52.09
N CYS ID 81 -108.00 24.48 -50.87
CA CYS ID 81 -109.21 25.06 -50.31
C CYS ID 81 -108.94 26.33 -49.50
N ASP ID 82 -107.89 27.05 -49.85
CA ASP ID 82 -107.46 28.21 -49.09
C ASP ID 82 -106.85 29.24 -50.02
N PRO ID 83 -107.48 30.39 -50.22
CA PRO ID 83 -106.87 31.39 -51.11
C PRO ID 83 -105.61 32.00 -50.51
N SER ID 84 -104.49 31.29 -50.64
CA SER ID 84 -103.24 31.75 -50.06
C SER ID 84 -102.73 33.00 -50.76
N VAL ID 85 -102.29 33.97 -49.97
CA VAL ID 85 -101.73 35.20 -50.52
C VAL ID 85 -100.52 34.86 -51.38
N THR ID 86 -100.61 35.19 -52.67
CA THR ID 86 -99.50 34.98 -53.59
C THR ID 86 -98.85 36.27 -54.05
N ARG ID 87 -99.33 37.42 -53.60
CA ARG ID 87 -98.82 38.69 -54.10
C ARG ID 87 -99.16 39.76 -53.07
N GLN ID 88 -98.24 40.70 -52.88
CA GLN ID 88 -98.45 41.72 -51.87
C GLN ID 88 -97.73 43.00 -52.27
N ALA ID 89 -98.37 44.13 -51.97
CA ALA ID 89 -97.81 45.44 -52.26
C ALA ID 89 -97.63 46.22 -50.96
N TYR ID 90 -96.45 46.82 -50.79
CA TYR ID 90 -96.14 47.64 -49.63
C TYR ID 90 -95.92 49.08 -50.03
N ALA ID 91 -96.42 49.99 -49.21
CA ALA ID 91 -96.15 51.42 -49.36
C ALA ID 91 -95.84 51.96 -47.98
N ASP ID 92 -94.60 52.41 -47.77
CA ASP ID 92 -94.18 52.97 -46.50
C ASP ID 92 -94.00 54.47 -46.68
N VAL ID 93 -94.58 55.23 -45.79
CA VAL ID 93 -94.45 56.68 -45.78
C VAL ID 93 -93.87 57.06 -44.44
N THR ID 94 -92.80 57.85 -44.47
CA THR ID 94 -92.10 58.23 -43.25
C THR ID 94 -91.90 59.74 -43.28
N PHE ID 95 -92.52 60.42 -42.33
CA PHE ID 95 -92.38 61.86 -42.20
C PHE ID 95 -91.59 62.18 -40.96
N SER ID 96 -90.56 63.00 -41.10
CA SER ID 96 -89.67 63.35 -40.00
C SER ID 96 -89.66 64.86 -39.85
N PHE ID 97 -90.05 65.33 -38.67
CA PHE ID 97 -90.12 66.74 -38.34
C PHE ID 97 -89.26 66.98 -37.12
N THR ID 98 -88.84 68.21 -36.90
CA THR ID 98 -88.03 68.42 -35.71
C THR ID 98 -88.76 69.27 -34.68
N GLN ID 99 -88.12 69.35 -33.52
CA GLN ID 99 -88.80 69.70 -32.28
C GLN ID 99 -89.60 70.97 -32.39
N TYR ID 100 -89.23 71.87 -33.29
CA TYR ID 100 -89.85 73.18 -33.35
C TYR ID 100 -90.77 73.28 -34.54
N SER ID 101 -91.07 72.15 -35.16
CA SER ID 101 -91.76 72.12 -36.43
C SER ID 101 -93.09 72.86 -36.29
N THR ID 102 -93.67 73.26 -37.41
CA THR ID 102 -94.88 74.06 -37.37
C THR ID 102 -95.94 73.48 -38.29
N ASP ID 103 -97.18 73.51 -37.82
CA ASP ID 103 -98.29 72.90 -38.55
C ASP ID 103 -98.35 73.40 -39.98
N GLU ID 104 -97.99 74.67 -40.21
CA GLU ID 104 -97.97 75.18 -41.58
C GLU ID 104 -97.07 74.33 -42.45
N GLU ID 105 -95.81 74.20 -42.03
CA GLU ID 105 -94.85 73.40 -42.78
C GLU ID 105 -95.32 71.96 -42.91
N ARG ID 106 -95.85 71.40 -41.83
CA ARG ID 106 -96.22 70.00 -41.86
C ARG ID 106 -97.32 69.76 -42.90
N ALA ID 107 -98.41 70.53 -42.82
CA ALA ID 107 -99.47 70.40 -43.79
C ALA ID 107 -98.97 70.69 -45.19
N PHE ID 108 -98.04 71.63 -45.32
CA PHE ID 108 -97.45 71.89 -46.62
C PHE ID 108 -96.81 70.63 -47.18
N VAL ID 109 -96.01 69.97 -46.37
CA VAL ID 109 -95.39 68.73 -46.80
C VAL ID 109 -96.45 67.73 -47.19
N ARG ID 110 -97.47 67.59 -46.35
CA ARG ID 110 -98.52 66.64 -46.64
C ARG ID 110 -99.08 66.87 -48.02
N THR ID 111 -99.69 68.02 -48.23
CA THR ID 111 -100.34 68.26 -49.50
C THR ID 111 -99.34 68.18 -50.64
N GLU ID 112 -98.08 68.54 -50.38
CA GLU ID 112 -97.09 68.45 -51.44
C GLU ID 112 -96.98 67.02 -51.91
N LEU ID 113 -96.80 66.10 -50.97
CA LEU ID 113 -96.57 64.72 -51.37
C LEU ID 113 -97.84 64.15 -52.00
N ALA ID 114 -99.00 64.56 -51.50
CA ALA ID 114 -100.23 64.05 -52.08
C ALA ID 114 -100.41 64.50 -53.52
N ALA ID 115 -100.31 65.80 -53.76
CA ALA ID 115 -100.47 66.26 -55.12
C ALA ID 115 -99.34 65.72 -55.99
N LEU ID 116 -98.19 65.41 -55.41
CA LEU ID 116 -97.15 64.81 -56.20
C LEU ID 116 -97.55 63.40 -56.62
N LEU ID 117 -98.15 62.65 -55.71
CA LEU ID 117 -98.71 61.34 -56.04
C LEU ID 117 -99.80 61.44 -57.08
N ALA ID 118 -100.44 62.60 -57.20
CA ALA ID 118 -101.41 62.81 -58.26
C ALA ID 118 -100.79 63.25 -59.57
N SER ID 119 -99.62 63.90 -59.52
CA SER ID 119 -99.05 64.51 -60.70
C SER ID 119 -98.52 63.47 -61.67
N PRO ID 120 -98.51 63.78 -62.97
CA PRO ID 120 -98.15 62.77 -63.97
C PRO ID 120 -96.80 62.13 -63.73
N LEU ID 121 -95.86 62.86 -63.13
CA LEU ID 121 -94.55 62.31 -62.93
C LEU ID 121 -94.66 60.99 -62.17
N LEU ID 122 -95.11 61.05 -60.92
CA LEU ID 122 -95.21 59.82 -60.16
C LEU ID 122 -96.20 58.87 -60.80
N ILE ID 123 -97.20 59.41 -61.51
CA ILE ID 123 -98.13 58.54 -62.21
C ILE ID 123 -97.35 57.53 -63.02
N ASP ID 124 -96.51 58.01 -63.93
CA ASP ID 124 -95.73 57.10 -64.76
C ASP ID 124 -94.67 56.37 -63.97
N ALA ID 125 -94.12 57.00 -62.93
CA ALA ID 125 -93.04 56.36 -62.21
C ALA ID 125 -93.52 55.14 -61.44
N ILE ID 126 -94.78 55.14 -61.04
CA ILE ID 126 -95.36 54.07 -60.24
C ILE ID 126 -96.19 53.14 -61.11
N ASP ID 127 -97.19 53.69 -61.79
CA ASP ID 127 -98.14 52.86 -62.54
C ASP ID 127 -97.42 52.00 -63.57
N GLN ID 128 -96.56 52.60 -64.38
CA GLN ID 128 -95.85 51.85 -65.40
C GLN ID 128 -94.41 51.55 -65.02
N LEU ID 129 -93.98 51.88 -63.81
CA LEU ID 129 -92.61 51.63 -63.39
C LEU ID 129 -91.63 52.30 -64.34
N ASN ID 130 -91.78 53.61 -64.49
CA ASN ID 130 -90.96 54.35 -65.44
C ASN ID 130 -89.87 55.08 -64.68
N PRO ID 131 -88.61 54.68 -64.77
CA PRO ID 131 -87.56 55.53 -64.23
C PRO ID 131 -87.64 56.92 -64.82
N ALA ID 132 -87.67 57.90 -63.94
CA ALA ID 132 -87.78 59.28 -64.37
C ALA ID 132 -86.46 59.74 -64.99
N TYR ID 133 -86.55 60.29 -66.18
CA TYR ID 133 -85.42 60.91 -66.86
C TYR ID 133 -85.89 61.87 -67.91
N ALA JD 2 -17.55 81.87 -102.93
CA ALA JD 2 -17.14 82.48 -101.63
C ALA JD 2 -15.64 82.67 -101.57
N LYS JD 3 -15.09 83.38 -102.56
CA LYS JD 3 -13.65 83.62 -102.59
C LYS JD 3 -13.22 84.51 -101.44
N LEU JD 4 -12.14 84.12 -100.78
CA LEU JD 4 -11.61 84.88 -99.65
C LEU JD 4 -10.59 85.90 -100.15
N GLU JD 5 -10.72 87.12 -99.68
CA GLU JD 5 -9.86 88.20 -100.11
C GLU JD 5 -10.07 89.40 -99.18
N THR JD 6 -9.43 90.51 -99.49
CA THR JD 6 -9.47 91.68 -98.63
C THR JD 6 -10.85 92.31 -98.66
N VAL JD 7 -11.44 92.51 -97.49
CA VAL JD 7 -12.77 93.07 -97.38
C VAL JD 7 -12.65 94.46 -96.76
N THR JD 8 -13.46 95.39 -97.25
CA THR JD 8 -13.36 96.80 -96.91
C THR JD 8 -14.68 97.25 -96.28
N LEU JD 9 -14.74 97.19 -94.95
CA LEU JD 9 -15.95 97.47 -94.21
C LEU JD 9 -15.96 98.95 -93.89
N GLY JD 10 -16.73 99.73 -94.64
CA GLY JD 10 -16.79 101.16 -94.40
C GLY JD 10 -18.04 101.57 -93.66
N ASN JD 11 -18.12 102.82 -93.23
CA ASN JD 11 -19.32 103.33 -92.59
C ASN JD 11 -19.63 102.52 -91.32
N ILE JD 12 -18.69 102.60 -90.39
CA ILE JD 12 -18.68 101.76 -89.21
C ILE JD 12 -18.65 102.66 -87.97
N GLY JD 13 -19.25 102.17 -86.89
CA GLY JD 13 -19.22 102.87 -85.62
C GLY JD 13 -20.50 103.62 -85.33
N LYS JD 14 -20.48 104.40 -84.24
CA LYS JD 14 -21.66 105.17 -83.89
C LYS JD 14 -22.06 106.10 -85.01
N ASP JD 15 -21.12 106.91 -85.47
CA ASP JD 15 -21.39 107.88 -86.51
C ASP JD 15 -21.15 107.32 -87.90
N GLY JD 16 -20.72 106.07 -88.01
CA GLY JD 16 -20.51 105.47 -89.31
C GLY JD 16 -19.44 106.19 -90.10
N LYS JD 17 -18.24 106.24 -89.55
CA LYS JD 17 -17.15 106.98 -90.16
C LYS JD 17 -15.84 106.20 -90.24
N GLN JD 18 -15.57 105.28 -89.31
CA GLN JD 18 -14.34 104.51 -89.38
C GLN JD 18 -14.40 103.50 -90.52
N THR JD 19 -13.32 102.75 -90.70
CA THR JD 19 -13.25 101.73 -91.73
C THR JD 19 -12.33 100.61 -91.27
N LEU JD 20 -12.71 99.37 -91.59
CA LEU JD 20 -11.97 98.18 -91.20
C LEU JD 20 -11.60 97.38 -92.43
N VAL JD 21 -10.33 97.07 -92.58
CA VAL JD 21 -9.85 96.28 -93.70
C VAL JD 21 -9.47 94.92 -93.15
N LEU JD 22 -10.11 93.88 -93.67
CA LEU JD 22 -9.94 92.51 -93.20
C LEU JD 22 -9.23 91.71 -94.26
N ASN JD 23 -8.04 91.31 -93.97
CA ASN JD 23 -7.21 90.46 -94.79
C ASN JD 23 -7.51 89.01 -94.50
N PRO JD 24 -7.47 88.11 -95.47
CA PRO JD 24 -7.84 86.72 -95.22
C PRO JD 24 -6.68 85.97 -94.57
N ARG JD 25 -7.03 84.76 -94.13
CA ARG JD 25 -6.10 83.87 -93.49
C ARG JD 25 -6.38 82.48 -94.04
N GLY JD 26 -5.93 81.44 -93.36
CA GLY JD 26 -6.08 80.07 -93.82
C GLY JD 26 -7.33 79.45 -93.22
N VAL JD 27 -8.00 78.60 -93.99
CA VAL JD 27 -9.17 77.90 -93.49
C VAL JD 27 -8.70 76.77 -92.59
N ASN JD 28 -9.26 76.70 -91.39
CA ASN JD 28 -8.82 75.65 -90.49
C ASN JD 28 -9.13 74.29 -91.09
N PRO JD 29 -8.13 73.46 -91.34
CA PRO JD 29 -8.42 72.12 -91.87
C PRO JD 29 -9.31 71.30 -90.97
N THR JD 30 -9.14 71.39 -89.66
CA THR JD 30 -9.84 70.48 -88.76
C THR JD 30 -11.34 70.63 -88.84
N ASN JD 31 -11.83 71.82 -89.17
CA ASN JD 31 -13.27 72.03 -89.15
C ASN JD 31 -13.74 72.88 -90.32
N GLY JD 32 -12.87 73.25 -91.25
CA GLY JD 32 -13.29 74.03 -92.39
C GLY JD 32 -13.89 75.36 -92.00
N VAL JD 33 -13.06 76.26 -91.47
CA VAL JD 33 -13.52 77.58 -91.06
C VAL JD 33 -12.56 78.61 -91.63
N ALA JD 34 -13.06 79.49 -92.48
CA ALA JD 34 -12.26 80.57 -93.01
C ALA JD 34 -12.20 81.72 -92.01
N SER JD 35 -11.13 82.49 -92.09
CA SER JD 35 -10.89 83.55 -91.12
C SER JD 35 -10.32 84.78 -91.81
N LEU JD 36 -10.71 85.95 -91.32
CA LEU JD 36 -10.10 87.21 -91.71
C LEU JD 36 -9.73 87.98 -90.45
N SER JD 37 -8.74 88.86 -90.60
CA SER JD 37 -8.22 89.61 -89.47
C SER JD 37 -7.85 91.01 -89.92
N GLN JD 38 -7.66 91.88 -88.94
CA GLN JD 38 -7.39 93.28 -89.21
C GLN JD 38 -6.21 93.37 -90.18
N ALA JD 39 -6.07 94.50 -90.87
CA ALA JD 39 -4.99 94.65 -91.83
C ALA JD 39 -3.62 94.37 -91.21
N GLY JD 40 -3.52 94.37 -89.89
CA GLY JD 40 -2.28 94.15 -89.22
C GLY JD 40 -1.72 95.43 -88.62
N ALA JD 41 -0.53 95.31 -88.02
CA ALA JD 41 0.20 94.04 -87.98
C ALA JD 41 -0.30 93.14 -86.85
N VAL JD 42 -0.02 93.52 -85.61
CA VAL JD 42 -0.46 92.71 -84.48
C VAL JD 42 -1.97 92.62 -84.45
N PRO JD 43 -2.73 93.69 -84.70
CA PRO JD 43 -4.19 93.55 -84.67
C PRO JD 43 -4.69 92.39 -85.52
N ALA JD 44 -3.88 91.89 -86.45
CA ALA JD 44 -4.21 90.66 -87.15
C ALA JD 44 -4.30 89.48 -86.19
N LEU JD 45 -3.58 89.54 -85.07
CA LEU JD 45 -3.70 88.54 -84.02
C LEU JD 45 -4.58 89.01 -82.87
N GLU JD 46 -5.41 90.03 -83.09
CA GLU JD 46 -6.43 90.42 -82.11
C GLU JD 46 -7.85 90.38 -82.67
N LYS JD 47 -8.12 91.12 -83.75
CA LYS JD 47 -9.46 91.12 -84.33
C LYS JD 47 -9.64 89.94 -85.25
N ARG JD 48 -10.81 89.29 -85.19
CA ARG JD 48 -11.01 88.09 -85.99
C ARG JD 48 -12.46 88.01 -86.46
N VAL JD 49 -12.64 87.45 -87.66
CA VAL JD 49 -13.97 87.15 -88.18
C VAL JD 49 -13.90 85.79 -88.85
N THR JD 50 -14.73 84.86 -88.39
CA THR JD 50 -14.73 83.48 -88.84
C THR JD 50 -16.02 83.17 -89.58
N VAL JD 51 -15.91 82.40 -90.65
CA VAL JD 51 -17.05 81.97 -91.44
C VAL JD 51 -16.94 80.46 -91.66
N SER JD 52 -18.06 79.76 -91.53
CA SER JD 52 -18.08 78.33 -91.77
C SER JD 52 -19.40 77.94 -92.39
N VAL JD 53 -19.35 76.93 -93.26
CA VAL JD 53 -20.51 76.48 -94.03
C VAL JD 53 -20.59 74.97 -93.86
N SER JD 54 -21.31 74.53 -92.83
CA SER JD 54 -21.42 73.11 -92.55
C SER JD 54 -22.61 72.55 -93.34
N GLN JD 55 -22.33 71.58 -94.20
CA GLN JD 55 -23.34 71.02 -95.08
C GLN JD 55 -24.00 69.81 -94.40
N PRO JD 56 -25.15 69.35 -94.93
CA PRO JD 56 -25.93 68.33 -94.23
C PRO JD 56 -25.12 67.08 -93.96
N SER JD 57 -25.62 66.30 -93.02
CA SER JD 57 -25.02 65.02 -92.64
C SER JD 57 -26.01 64.31 -91.73
N ARG JD 58 -25.57 63.21 -91.15
CA ARG JD 58 -26.42 62.46 -90.22
C ARG JD 58 -26.88 63.34 -89.07
N ASN JD 59 -26.12 64.37 -88.73
CA ASN JD 59 -26.61 65.35 -87.77
C ASN JD 59 -27.25 66.56 -88.45
N ARG JD 60 -26.82 66.87 -89.68
CA ARG JD 60 -27.15 68.13 -90.34
C ARG JD 60 -28.14 67.95 -91.49
N LYS JD 61 -29.11 68.85 -91.60
CA LYS JD 61 -30.37 68.49 -92.26
C LYS JD 61 -31.00 69.43 -93.28
N ASN JD 62 -31.10 70.76 -93.09
CA ASN JD 62 -30.42 71.67 -92.15
C ASN JD 62 -28.93 71.91 -92.39
N TYR JD 63 -28.64 72.60 -93.50
CA TYR JD 63 -27.40 73.35 -93.67
C TYR JD 63 -27.25 74.41 -92.57
N LYS JD 64 -26.01 74.61 -92.09
CA LYS JD 64 -25.73 75.65 -91.11
C LYS JD 64 -24.63 76.56 -91.64
N VAL JD 65 -24.82 77.86 -91.49
CA VAL JD 65 -23.77 78.83 -91.79
C VAL JD 65 -23.51 79.65 -90.54
N GLN JD 66 -22.29 79.58 -90.05
CA GLN JD 66 -21.84 80.29 -88.86
C GLN JD 66 -20.96 81.45 -89.25
N VAL JD 67 -21.17 82.58 -88.58
CA VAL JD 67 -20.30 83.74 -88.73
C VAL JD 67 -20.05 84.33 -87.37
N LYS JD 68 -18.80 84.25 -86.91
CA LYS JD 68 -18.41 84.77 -85.61
C LYS JD 68 -17.55 86.01 -85.81
N ILE JD 69 -17.70 86.98 -84.93
CA ILE JD 69 -16.84 88.16 -84.92
C ILE JD 69 -16.32 88.37 -83.52
N GLN JD 70 -15.03 88.64 -83.40
CA GLN JD 70 -14.38 88.88 -82.11
C GLN JD 70 -13.56 90.15 -82.20
N ASN JD 71 -13.83 91.07 -81.28
CA ASN JD 71 -13.02 92.27 -81.08
C ASN JD 71 -12.47 92.27 -79.65
N PRO JD 72 -11.21 92.00 -79.46
CA PRO JD 72 -10.63 92.17 -78.14
C PRO JD 72 -10.05 93.55 -77.94
N THR JD 73 -10.60 94.33 -77.02
CA THR JD 73 -9.98 95.59 -76.64
C THR JD 73 -8.91 95.36 -75.57
N ALA JD 74 -7.76 95.95 -75.81
CA ALA JD 74 -6.59 95.81 -74.98
C ALA JD 74 -6.07 97.19 -74.62
N CYS JD 75 -5.16 97.22 -73.65
CA CYS JD 75 -4.61 98.48 -73.20
C CYS JD 75 -3.20 98.25 -72.66
N THR JD 76 -2.50 99.36 -72.50
CA THR JD 76 -1.09 99.38 -72.11
C THR JD 76 -0.98 99.98 -70.72
N ALA JD 77 -0.55 99.18 -69.76
CA ALA JD 77 -0.31 99.69 -68.42
C ALA JD 77 0.75 100.77 -68.45
N ASN JD 78 0.60 101.75 -67.59
CA ASN JD 78 1.56 102.86 -67.55
C ASN JD 78 2.88 102.35 -67.00
N GLY JD 79 3.74 101.85 -67.88
CA GLY JD 79 5.00 101.30 -67.46
C GLY JD 79 5.38 100.05 -68.24
N SER JD 80 4.37 99.33 -68.73
CA SER JD 80 4.60 98.15 -69.54
C SER JD 80 4.90 98.52 -70.99
N CYS JD 81 5.14 97.51 -71.83
CA CYS JD 81 5.28 97.69 -73.28
C CYS JD 81 4.18 96.94 -74.01
N ASP JD 82 4.07 95.67 -73.67
CA ASP JD 82 3.16 94.76 -74.36
C ASP JD 82 1.72 95.09 -73.98
N PRO JD 83 0.83 95.36 -74.94
CA PRO JD 83 -0.57 95.60 -74.58
C PRO JD 83 -1.25 94.30 -74.21
N SER JD 84 -2.04 94.35 -73.14
CA SER JD 84 -2.77 93.18 -72.68
C SER JD 84 -4.26 93.37 -72.89
N VAL JD 85 -4.94 92.28 -73.24
CA VAL JD 85 -6.34 92.33 -73.60
C VAL JD 85 -7.18 92.45 -72.34
N THR JD 86 -7.84 93.58 -72.17
CA THR JD 86 -8.64 93.79 -70.99
C THR JD 86 -10.10 93.43 -71.18
N ARG JD 87 -10.49 93.06 -72.39
CA ARG JD 87 -11.86 93.24 -72.81
C ARG JD 87 -12.06 92.46 -74.09
N GLN JD 88 -13.17 91.74 -74.19
CA GLN JD 88 -13.39 90.93 -75.40
C GLN JD 88 -14.88 90.92 -75.70
N ALA JD 89 -15.27 91.66 -76.72
CA ALA JD 89 -16.64 91.59 -77.21
C ALA JD 89 -16.67 90.65 -78.41
N TYR JD 90 -17.79 89.94 -78.55
CA TYR JD 90 -17.91 89.10 -79.74
C TYR JD 90 -19.36 88.69 -79.91
N ALA JD 91 -19.68 88.34 -81.15
CA ALA JD 91 -21.04 87.99 -81.51
C ALA JD 91 -21.00 86.86 -82.52
N ASP JD 92 -22.13 86.18 -82.64
CA ASP JD 92 -22.19 84.94 -83.41
C ASP JD 92 -23.53 84.88 -84.12
N VAL JD 93 -23.50 84.63 -85.41
CA VAL JD 93 -24.70 84.51 -86.21
C VAL JD 93 -24.78 83.10 -86.75
N THR JD 94 -25.98 82.52 -86.68
CA THR JD 94 -26.22 81.11 -87.03
C THR JD 94 -27.42 81.04 -87.97
N PHE JD 95 -27.18 80.72 -89.24
CA PHE JD 95 -28.24 80.49 -90.21
C PHE JD 95 -28.48 79.00 -90.36
N SER JD 96 -29.74 78.59 -90.23
CA SER JD 96 -30.14 77.21 -90.43
C SER JD 96 -31.12 77.15 -91.59
N PHE JD 97 -30.69 76.59 -92.70
CA PHE JD 97 -31.52 76.47 -93.89
C PHE JD 97 -31.84 75.01 -94.17
N THR JD 98 -32.97 74.79 -94.84
CA THR JD 98 -33.38 73.46 -95.26
C THR JD 98 -32.76 73.10 -96.59
N GLN JD 99 -32.54 71.80 -96.79
CA GLN JD 99 -31.96 71.36 -98.05
C GLN JD 99 -32.79 71.87 -99.22
N TYR JD 100 -34.10 71.95 -99.03
CA TYR JD 100 -34.98 72.52 -100.04
C TYR JD 100 -35.02 74.03 -99.97
N SER JD 101 -34.17 74.64 -99.18
CA SER JD 101 -34.10 76.09 -99.14
C SER JD 101 -33.80 76.60 -100.55
N THR JD 102 -33.96 77.90 -100.74
CA THR JD 102 -33.69 78.51 -102.03
C THR JD 102 -33.04 79.88 -101.84
N ASP JD 103 -32.26 80.27 -102.84
CA ASP JD 103 -31.41 81.43 -102.70
C ASP JD 103 -32.22 82.69 -102.43
N GLU JD 104 -33.43 82.80 -102.99
CA GLU JD 104 -34.22 84.00 -102.72
C GLU JD 104 -34.53 84.12 -101.25
N GLU JD 105 -34.98 83.04 -100.62
CA GLU JD 105 -35.22 83.12 -99.19
C GLU JD 105 -33.92 83.37 -98.44
N ARG JD 106 -32.84 82.72 -98.86
CA ARG JD 106 -31.61 82.90 -98.11
C ARG JD 106 -31.17 84.36 -98.12
N ALA JD 107 -31.09 84.95 -99.31
CA ALA JD 107 -30.72 86.36 -99.40
C ALA JD 107 -31.75 87.21 -98.67
N PHE JD 108 -33.02 86.84 -98.78
CA PHE JD 108 -34.08 87.54 -98.09
C PHE JD 108 -33.75 87.64 -96.61
N VAL JD 109 -33.51 86.50 -95.98
CA VAL JD 109 -33.13 86.43 -94.58
C VAL JD 109 -31.93 87.32 -94.31
N ARG JD 110 -30.90 87.18 -95.13
CA ARG JD 110 -29.70 87.95 -94.90
C ARG JD 110 -30.02 89.42 -94.78
N THR JD 111 -30.72 89.95 -95.77
CA THR JD 111 -30.96 91.37 -95.77
C THR JD 111 -31.91 91.78 -94.66
N GLU JD 112 -32.85 90.92 -94.27
CA GLU JD 112 -33.71 91.36 -93.17
C GLU JD 112 -32.90 91.49 -91.91
N LEU JD 113 -32.02 90.54 -91.65
CA LEU JD 113 -31.22 90.68 -90.44
C LEU JD 113 -30.35 91.92 -90.56
N ALA JD 114 -29.87 92.21 -91.77
CA ALA JD 114 -29.05 93.40 -91.97
C ALA JD 114 -29.82 94.66 -91.62
N ALA JD 115 -31.01 94.82 -92.18
CA ALA JD 115 -31.70 96.06 -91.97
C ALA JD 115 -32.31 96.14 -90.57
N LEU JD 116 -32.55 95.00 -89.91
CA LEU JD 116 -32.86 95.07 -88.49
C LEU JD 116 -31.66 95.59 -87.71
N LEU JD 117 -30.48 95.05 -87.98
CA LEU JD 117 -29.29 95.60 -87.34
C LEU JD 117 -29.18 97.09 -87.57
N ALA JD 118 -29.56 97.54 -88.76
CA ALA JD 118 -29.54 98.97 -89.05
C ALA JD 118 -30.72 99.71 -88.46
N SER JD 119 -31.71 99.00 -87.94
CA SER JD 119 -32.94 99.63 -87.50
C SER JD 119 -32.79 100.23 -86.10
N PRO JD 120 -33.55 101.29 -85.80
CA PRO JD 120 -33.43 101.91 -84.47
C PRO JD 120 -33.58 100.93 -83.33
N LEU JD 121 -34.46 99.96 -83.47
CA LEU JD 121 -34.72 99.02 -82.38
C LEU JD 121 -33.41 98.38 -81.91
N LEU JD 122 -32.76 97.63 -82.79
CA LEU JD 122 -31.59 96.89 -82.33
C LEU JD 122 -30.45 97.81 -81.96
N ILE JD 123 -30.29 98.94 -82.65
CA ILE JD 123 -29.20 99.83 -82.27
C ILE JD 123 -29.41 100.32 -80.85
N ASP JD 124 -30.65 100.61 -80.48
CA ASP JD 124 -30.92 100.93 -79.08
C ASP JD 124 -30.62 99.74 -78.19
N ALA JD 125 -31.06 98.55 -78.60
CA ALA JD 125 -30.96 97.38 -77.75
C ALA JD 125 -29.54 96.88 -77.61
N ILE JD 126 -28.60 97.39 -78.41
CA ILE JD 126 -27.26 96.86 -78.40
C ILE JD 126 -26.27 97.95 -77.99
N ASP JD 127 -26.44 99.15 -78.54
CA ASP JD 127 -25.54 100.24 -78.17
C ASP JD 127 -25.66 100.53 -76.67
N GLN JD 128 -26.88 100.55 -76.17
CA GLN JD 128 -27.13 100.88 -74.77
C GLN JD 128 -27.63 99.69 -73.98
N LEU JD 129 -27.82 98.55 -74.64
CA LEU JD 129 -28.42 97.37 -74.04
C LEU JD 129 -29.70 97.73 -73.29
N ASN JD 130 -30.69 98.21 -74.04
CA ASN JD 130 -31.95 98.60 -73.45
C ASN JD 130 -33.04 97.71 -74.03
N PRO JD 131 -33.75 96.91 -73.23
CA PRO JD 131 -34.73 96.02 -73.81
C PRO JD 131 -35.85 96.82 -74.43
N ALA JD 132 -36.67 96.14 -75.20
CA ALA JD 132 -37.76 96.82 -75.89
C ALA JD 132 -38.90 97.03 -74.90
N TYR JD 133 -39.06 98.28 -74.47
CA TYR JD 133 -40.23 98.67 -73.67
C TYR JD 133 -40.52 100.15 -73.86
N ALA KD 2 -4.75 70.70 -111.57
CA ALA KD 2 -6.18 70.30 -111.48
C ALA KD 2 -7.04 71.44 -110.93
N LYS KD 3 -6.65 72.67 -111.24
CA LYS KD 3 -7.37 73.83 -110.77
C LYS KD 3 -8.86 73.72 -111.11
N LEU KD 4 -9.71 74.03 -110.12
CA LEU KD 4 -11.14 73.99 -110.34
C LEU KD 4 -11.53 74.96 -111.45
N GLU KD 5 -12.64 74.65 -112.11
CA GLU KD 5 -13.17 75.53 -113.14
C GLU KD 5 -14.47 74.94 -113.64
N THR KD 6 -15.17 75.72 -114.46
CA THR KD 6 -16.45 75.28 -115.01
C THR KD 6 -16.26 74.18 -116.03
N VAL KD 7 -16.66 72.96 -115.70
CA VAL KD 7 -16.47 71.85 -116.62
C VAL KD 7 -17.72 71.74 -117.50
N THR KD 8 -17.51 71.68 -118.81
CA THR KD 8 -18.59 71.62 -119.77
C THR KD 8 -18.55 70.25 -120.43
N LEU KD 9 -19.44 69.38 -120.01
CA LEU KD 9 -19.48 68.02 -120.51
C LEU KD 9 -20.39 68.01 -121.73
N GLY KD 10 -19.87 67.54 -122.86
CA GLY KD 10 -20.56 67.70 -124.13
C GLY KD 10 -21.68 66.70 -124.36
N ASN KD 11 -21.68 66.06 -125.52
CA ASN KD 11 -22.73 65.09 -125.84
C ASN KD 11 -22.88 64.10 -124.70
N ILE KD 12 -24.13 63.72 -124.43
CA ILE KD 12 -24.46 63.02 -123.19
C ILE KD 12 -25.82 62.37 -123.36
N GLY KD 13 -25.99 61.21 -122.76
CA GLY KD 13 -27.28 60.55 -122.69
C GLY KD 13 -27.41 59.44 -123.73
N LYS KD 14 -28.64 58.96 -123.88
CA LYS KD 14 -28.90 57.85 -124.80
C LYS KD 14 -28.49 58.23 -126.22
N ASP KD 15 -29.13 59.26 -126.77
CA ASP KD 15 -28.82 59.72 -128.11
C ASP KD 15 -27.60 60.62 -128.17
N GLY KD 16 -27.01 60.96 -127.02
CA GLY KD 16 -25.84 61.80 -127.02
C GLY KD 16 -26.12 63.16 -127.62
N LYS KD 17 -27.02 63.91 -126.99
CA LYS KD 17 -27.38 65.23 -127.47
C LYS KD 17 -27.42 66.30 -126.41
N GLN KD 18 -27.41 65.97 -125.13
CA GLN KD 18 -27.49 67.01 -124.11
C GLN KD 18 -26.10 67.36 -123.62
N THR KD 19 -26.03 68.42 -122.82
CA THR KD 19 -24.76 68.89 -122.28
C THR KD 19 -24.94 69.31 -120.84
N LEU KD 20 -23.86 69.23 -120.07
CA LEU KD 20 -23.89 69.57 -118.65
C LEU KD 20 -22.84 70.62 -118.34
N VAL KD 21 -23.18 71.54 -117.45
CA VAL KD 21 -22.32 72.64 -117.05
C VAL KD 21 -22.16 72.57 -115.54
N LEU KD 22 -21.01 72.10 -115.07
CA LEU KD 22 -20.71 72.03 -113.65
C LEU KD 22 -19.89 73.25 -113.26
N ASN KD 23 -20.46 74.07 -112.39
CA ASN KD 23 -19.73 75.18 -111.85
C ASN KD 23 -18.83 74.72 -110.71
N PRO KD 24 -17.77 75.46 -110.42
CA PRO KD 24 -16.88 75.11 -109.31
C PRO KD 24 -17.44 75.65 -108.01
N ARG KD 25 -17.79 74.74 -107.10
CA ARG KD 25 -18.28 75.17 -105.79
C ARG KD 25 -17.12 75.48 -104.85
N GLY KD 26 -16.36 74.47 -104.50
CA GLY KD 26 -15.31 74.65 -103.51
C GLY KD 26 -14.65 73.34 -103.18
N VAL KD 27 -13.98 73.30 -102.03
CA VAL KD 27 -13.28 72.09 -101.62
C VAL KD 27 -13.41 71.95 -100.12
N ASN KD 28 -14.15 70.95 -99.68
CA ASN KD 28 -14.24 70.67 -98.26
C ASN KD 28 -12.90 70.13 -97.78
N PRO KD 29 -12.30 70.73 -96.78
CA PRO KD 29 -10.93 70.37 -96.40
C PRO KD 29 -10.89 69.21 -95.45
N THR KD 30 -11.95 69.04 -94.67
CA THR KD 30 -11.93 68.02 -93.64
C THR KD 30 -11.71 66.64 -94.22
N ASN KD 31 -11.98 66.46 -95.51
CA ASN KD 31 -11.66 65.21 -96.20
C ASN KD 31 -11.00 65.46 -97.55
N GLY KD 32 -10.62 66.70 -97.84
CA GLY KD 32 -9.98 67.01 -99.10
C GLY KD 32 -10.81 66.56 -100.28
N VAL KD 33 -11.98 67.17 -100.46
CA VAL KD 33 -12.90 66.78 -101.52
C VAL KD 33 -13.34 68.02 -102.27
N ALA KD 34 -13.01 68.09 -103.56
CA ALA KD 34 -13.49 69.18 -104.38
C ALA KD 34 -14.88 68.84 -104.92
N SER KD 35 -15.76 69.84 -104.91
CA SER KD 35 -17.15 69.66 -105.27
C SER KD 35 -17.50 70.52 -106.48
N LEU KD 36 -18.31 69.95 -107.36
CA LEU KD 36 -18.80 70.64 -108.53
C LEU KD 36 -20.30 70.45 -108.58
N SER KD 37 -21.00 71.49 -109.00
CA SER KD 37 -22.46 71.44 -109.01
C SER KD 37 -22.98 72.05 -110.29
N GLN KD 38 -24.07 71.49 -110.79
CA GLN KD 38 -24.76 72.13 -111.89
C GLN KD 38 -25.41 73.41 -111.39
N ALA KD 39 -25.57 74.37 -112.29
CA ALA KD 39 -26.05 75.68 -111.88
C ALA KD 39 -27.53 75.63 -111.55
N GLY KD 40 -27.89 76.16 -110.39
CA GLY KD 40 -29.29 76.31 -110.02
C GLY KD 40 -29.43 77.04 -108.71
N ALA KD 41 -30.49 76.76 -107.96
CA ALA KD 41 -30.69 77.45 -106.69
C ALA KD 41 -30.96 76.47 -105.56
N VAL KD 42 -31.73 75.42 -105.82
CA VAL KD 42 -32.13 74.51 -104.76
C VAL KD 42 -31.08 73.42 -104.66
N PRO KD 43 -30.30 73.36 -103.58
CA PRO KD 43 -29.21 72.37 -103.55
C PRO KD 43 -29.69 70.95 -103.70
N ALA KD 44 -30.83 70.61 -103.12
CA ALA KD 44 -31.30 69.24 -103.20
C ALA KD 44 -31.79 68.85 -104.58
N LEU KD 45 -31.74 69.76 -105.54
CA LEU KD 45 -32.20 69.51 -106.89
C LEU KD 45 -31.09 69.83 -107.88
N GLU KD 46 -29.88 69.34 -107.60
CA GLU KD 46 -28.72 69.68 -108.38
C GLU KD 46 -27.87 68.44 -108.65
N LYS KD 47 -27.27 68.41 -109.84
CA LYS KD 47 -26.33 67.36 -110.18
C LYS KD 47 -24.99 67.68 -109.56
N ARG KD 48 -24.48 66.78 -108.72
CA ARG KD 48 -23.27 67.07 -107.96
C ARG KD 48 -22.20 66.05 -108.29
N VAL KD 49 -20.95 66.51 -108.26
CA VAL KD 49 -19.78 65.70 -108.56
C VAL KD 49 -18.71 65.99 -107.52
N THR KD 50 -18.05 64.95 -107.04
CA THR KD 50 -17.02 65.13 -106.02
C THR KD 50 -15.79 64.34 -106.42
N VAL KD 51 -14.63 64.97 -106.25
CA VAL KD 51 -13.35 64.36 -106.58
C VAL KD 51 -12.45 64.47 -105.36
N SER KD 52 -11.74 63.38 -105.06
CA SER KD 52 -10.86 63.37 -103.91
C SER KD 52 -9.64 62.53 -104.21
N VAL KD 53 -8.52 62.93 -103.64
CA VAL KD 53 -7.22 62.34 -103.90
C VAL KD 53 -6.59 62.04 -102.55
N SER KD 54 -6.62 60.79 -102.13
CA SER KD 54 -6.09 60.41 -100.82
C SER KD 54 -4.69 59.84 -100.99
N GLN KD 55 -3.71 60.48 -100.37
CA GLN KD 55 -2.34 60.05 -100.47
C GLN KD 55 -2.08 58.88 -99.54
N PRO KD 56 -1.04 58.08 -99.82
CA PRO KD 56 -0.71 56.95 -98.95
C PRO KD 56 -0.45 57.41 -97.54
N SER KD 57 -1.20 56.86 -96.59
CA SER KD 57 -0.97 57.08 -95.18
C SER KD 57 -0.14 55.92 -94.63
N ARG KD 58 0.21 56.03 -93.34
CA ARG KD 58 0.99 54.99 -92.69
C ARG KD 58 0.23 53.67 -92.55
N ASN KD 59 -1.08 53.67 -92.76
CA ASN KD 59 -1.87 52.45 -92.63
C ASN KD 59 -2.51 52.02 -93.94
N ARG KD 60 -2.24 52.72 -95.05
CA ARG KD 60 -2.76 52.30 -96.35
C ARG KD 60 -1.65 52.07 -97.35
N LYS KD 61 -0.72 53.02 -97.47
CA LYS KD 61 0.39 52.89 -98.41
C LYS KD 61 -0.16 52.68 -99.83
N ASN KD 62 -1.15 53.48 -100.19
CA ASN KD 62 -1.71 53.37 -101.53
C ASN KD 62 -2.41 54.66 -101.92
N TYR KD 63 -2.12 55.13 -103.13
CA TYR KD 63 -2.83 56.28 -103.67
C TYR KD 63 -4.25 55.90 -104.06
N LYS KD 64 -5.20 56.72 -103.65
CA LYS KD 64 -6.60 56.47 -103.93
C LYS KD 64 -7.20 57.70 -104.60
N VAL KD 65 -8.08 57.49 -105.57
CA VAL KD 65 -8.82 58.58 -106.19
C VAL KD 65 -10.28 58.18 -106.22
N GLN KD 66 -11.11 58.97 -105.57
CA GLN KD 66 -12.54 58.73 -105.53
C GLN KD 66 -13.25 59.81 -106.33
N VAL KD 67 -14.18 59.38 -107.18
CA VAL KD 67 -15.02 60.27 -107.96
C VAL KD 67 -16.45 59.81 -107.77
N LYS KD 68 -17.25 60.62 -107.12
CA LYS KD 68 -18.65 60.30 -106.88
C LYS KD 68 -19.53 61.24 -107.68
N ILE KD 69 -20.62 60.69 -108.21
CA ILE KD 69 -21.57 61.42 -109.03
C ILE KD 69 -22.96 61.15 -108.49
N GLN KD 70 -23.71 62.21 -108.26
CA GLN KD 70 -25.03 62.10 -107.65
C GLN KD 70 -26.00 62.94 -108.46
N ASN KD 71 -27.04 62.31 -108.99
CA ASN KD 71 -28.01 62.99 -109.83
C ASN KD 71 -29.40 62.82 -109.22
N PRO KD 72 -30.01 63.88 -108.74
CA PRO KD 72 -31.37 63.77 -108.21
C PRO KD 72 -32.44 64.05 -109.26
N THR KD 73 -33.63 63.54 -108.97
CA THR KD 73 -34.75 63.66 -109.89
C THR KD 73 -35.72 64.74 -109.42
N ALA KD 74 -36.22 65.51 -110.37
CA ALA KD 74 -37.12 66.62 -110.06
C ALA KD 74 -38.47 66.11 -109.55
N CYS KD 75 -39.21 65.41 -110.40
CA CYS KD 75 -40.45 64.77 -109.98
C CYS KD 75 -41.38 65.81 -109.35
N THR KD 76 -41.45 66.98 -109.98
CA THR KD 76 -42.18 68.09 -109.40
C THR KD 76 -43.68 67.87 -109.47
N ALA KD 77 -44.38 68.41 -108.48
CA ALA KD 77 -45.80 68.19 -108.31
C ALA KD 77 -46.62 69.24 -109.03
N ASN KD 78 -47.88 68.91 -109.25
CA ASN KD 78 -48.79 69.73 -110.04
C ASN KD 78 -49.17 70.95 -109.22
N GLY KD 79 -48.16 71.78 -109.01
CA GLY KD 79 -48.30 72.99 -108.22
C GLY KD 79 -48.09 72.71 -106.74
N SER KD 80 -48.77 73.49 -105.94
CA SER KD 80 -48.94 73.23 -104.52
C SER KD 80 -47.66 73.43 -103.72
N CYS KD 81 -46.48 73.34 -104.35
CA CYS KD 81 -45.25 73.78 -103.70
C CYS KD 81 -44.07 73.37 -104.60
N ASP KD 82 -42.84 73.66 -104.17
CA ASP KD 82 -41.64 73.39 -104.98
C ASP KD 82 -41.36 71.89 -105.09
N PRO KD 83 -40.53 71.49 -106.06
CA PRO KD 83 -40.30 70.06 -106.31
C PRO KD 83 -39.67 69.33 -105.13
N SER KD 84 -39.66 68.01 -105.23
CA SER KD 84 -39.18 67.13 -104.17
C SER KD 84 -38.28 66.04 -104.74
N VAL KD 85 -37.27 65.66 -103.96
CA VAL KD 85 -36.37 64.58 -104.32
C VAL KD 85 -37.12 63.26 -104.20
N THR KD 86 -37.07 62.46 -105.25
CA THR KD 86 -37.72 61.16 -105.24
C THR KD 86 -36.86 60.02 -105.77
N ARG KD 87 -35.96 60.28 -106.71
CA ARG KD 87 -35.02 59.29 -107.20
C ARG KD 87 -33.62 59.89 -107.21
N GLN KD 88 -32.64 59.05 -106.93
CA GLN KD 88 -31.26 59.51 -106.73
C GLN KD 88 -30.31 58.52 -107.37
N ALA KD 89 -29.75 58.87 -108.52
CA ALA KD 89 -28.77 58.02 -109.17
C ALA KD 89 -27.40 58.29 -108.58
N TYR KD 90 -26.77 57.26 -108.05
CA TYR KD 90 -25.44 57.33 -107.48
C TYR KD 90 -24.46 56.57 -108.35
N ALA KD 91 -23.24 57.09 -108.46
CA ALA KD 91 -22.15 56.37 -109.10
C ALA KD 91 -20.87 56.67 -108.36
N ASP KD 92 -20.05 55.65 -108.17
CA ASP KD 92 -18.78 55.76 -107.45
C ASP KD 92 -17.70 55.12 -108.28
N VAL KD 93 -16.62 55.83 -108.49
CA VAL KD 93 -15.42 55.25 -109.09
C VAL KD 93 -14.26 55.45 -108.12
N THR KD 94 -13.44 54.43 -107.99
CA THR KD 94 -12.30 54.48 -107.07
C THR KD 94 -11.12 53.83 -107.77
N PHE KD 95 -10.17 54.65 -108.20
CA PHE KD 95 -8.93 54.13 -108.74
C PHE KD 95 -7.91 53.99 -107.63
N SER KD 96 -7.17 52.89 -107.65
CA SER KD 96 -6.15 52.62 -106.64
C SER KD 96 -4.83 52.37 -107.33
N PHE KD 97 -3.77 52.97 -106.82
CA PHE KD 97 -2.44 52.78 -107.38
C PHE KD 97 -1.44 52.66 -106.25
N THR KD 98 -0.29 52.09 -106.56
CA THR KD 98 0.77 51.98 -105.58
C THR KD 98 1.76 53.14 -105.76
N GLN KD 99 2.59 53.32 -104.74
CA GLN KD 99 3.55 54.43 -104.77
C GLN KD 99 4.43 54.39 -106.01
N TYR KD 100 4.80 53.20 -106.47
CA TYR KD 100 5.66 53.06 -107.63
C TYR KD 100 4.87 52.97 -108.91
N SER KD 101 3.58 53.28 -108.85
CA SER KD 101 2.76 53.31 -110.04
C SER KD 101 3.34 54.29 -111.05
N THR KD 102 2.80 54.26 -112.26
CA THR KD 102 3.26 55.11 -113.34
C THR KD 102 2.08 55.82 -113.99
N ASP KD 103 2.29 57.07 -114.38
CA ASP KD 103 1.28 57.76 -115.15
C ASP KD 103 0.89 56.93 -116.37
N GLU KD 104 1.86 56.21 -116.94
CA GLU KD 104 1.54 55.19 -117.93
C GLU KD 104 0.31 54.40 -117.53
N GLU KD 105 0.46 53.62 -116.47
CA GLU KD 105 -0.60 52.70 -116.09
C GLU KD 105 -1.86 53.47 -115.78
N ARG KD 106 -1.71 54.60 -115.09
CA ARG KD 106 -2.90 55.28 -114.62
C ARG KD 106 -3.72 55.80 -115.79
N ALA KD 107 -3.06 56.47 -116.74
CA ALA KD 107 -3.77 56.93 -117.92
C ALA KD 107 -4.38 55.76 -118.65
N PHE KD 108 -3.62 54.67 -118.77
CA PHE KD 108 -4.14 53.50 -119.46
C PHE KD 108 -5.43 53.02 -118.83
N VAL KD 109 -5.41 52.83 -117.51
CA VAL KD 109 -6.59 52.31 -116.82
C VAL KD 109 -7.74 53.28 -116.99
N ARG KD 110 -7.47 54.57 -116.86
CA ARG KD 110 -8.54 55.54 -116.97
C ARG KD 110 -9.21 55.44 -118.32
N THR KD 111 -8.42 55.51 -119.39
CA THR KD 111 -9.03 55.51 -120.71
C THR KD 111 -9.71 54.18 -120.97
N GLU KD 112 -9.21 53.10 -120.40
CA GLU KD 112 -9.84 51.82 -120.67
C GLU KD 112 -11.19 51.75 -119.98
N LEU KD 113 -11.27 52.34 -118.79
CA LEU KD 113 -12.56 52.45 -118.12
C LEU KD 113 -13.51 53.28 -118.95
N ALA KD 114 -13.01 54.37 -119.54
CA ALA KD 114 -13.86 55.19 -120.40
C ALA KD 114 -14.38 54.38 -121.58
N ALA KD 115 -13.50 53.60 -122.18
CA ALA KD 115 -13.90 52.78 -123.30
C ALA KD 115 -14.94 51.75 -122.90
N LEU KD 116 -14.79 51.14 -121.73
CA LEU KD 116 -15.83 50.23 -121.28
C LEU KD 116 -17.15 50.95 -121.11
N LEU KD 117 -17.11 52.14 -120.52
CA LEU KD 117 -18.33 52.93 -120.38
C LEU KD 117 -18.99 53.22 -121.71
N ALA KD 118 -18.21 53.25 -122.78
CA ALA KD 118 -18.79 53.45 -124.11
C ALA KD 118 -19.15 52.16 -124.83
N SER KD 119 -18.59 51.03 -124.42
CA SER KD 119 -18.72 49.80 -125.16
C SER KD 119 -20.13 49.23 -125.09
N PRO KD 120 -20.51 48.38 -126.05
CA PRO KD 120 -21.88 47.84 -126.05
C PRO KD 120 -22.21 47.09 -124.77
N LEU KD 121 -21.24 46.39 -124.20
CA LEU KD 121 -21.51 45.60 -123.01
C LEU KD 121 -22.11 46.46 -121.91
N LEU KD 122 -21.33 47.43 -121.42
CA LEU KD 122 -21.79 48.23 -120.29
C LEU KD 122 -23.09 48.95 -120.61
N ILE KD 123 -23.29 49.36 -121.87
CA ILE KD 123 -24.50 50.11 -122.19
C ILE KD 123 -25.73 49.30 -121.82
N ASP KD 124 -25.79 48.05 -122.27
CA ASP KD 124 -26.97 47.26 -121.98
C ASP KD 124 -26.95 46.73 -120.57
N ALA KD 125 -25.76 46.51 -120.01
CA ALA KD 125 -25.70 46.07 -118.63
C ALA KD 125 -26.24 47.12 -117.68
N ILE KD 126 -26.16 48.38 -118.07
CA ILE KD 126 -26.54 49.46 -117.17
C ILE KD 126 -27.91 49.99 -117.55
N ASP KD 127 -28.01 50.57 -118.73
CA ASP KD 127 -29.24 51.23 -119.12
C ASP KD 127 -30.40 50.25 -119.13
N GLN KD 128 -30.20 49.08 -119.72
CA GLN KD 128 -31.23 48.05 -119.69
C GLN KD 128 -31.15 47.18 -118.46
N LEU KD 129 -30.10 47.31 -117.65
CA LEU KD 129 -29.94 46.51 -116.45
C LEU KD 129 -29.90 45.03 -116.76
N ASN KD 130 -29.44 44.68 -117.95
CA ASN KD 130 -29.42 43.29 -118.37
C ASN KD 130 -28.20 42.60 -117.81
N PRO KD 131 -28.34 41.53 -117.03
CA PRO KD 131 -27.16 40.85 -116.52
C PRO KD 131 -26.25 40.42 -117.65
N ALA KD 132 -24.95 40.63 -117.46
CA ALA KD 132 -24.00 40.29 -118.50
C ALA KD 132 -24.13 38.81 -118.82
N TYR KD 133 -24.68 38.52 -119.98
CA TYR KD 133 -24.76 37.15 -120.45
C TYR KD 133 -25.15 37.07 -121.91
N ALA LD 2 -3.28 82.18 -97.69
CA ALA LD 2 -2.30 81.37 -98.47
C ALA LD 2 -3.03 80.35 -99.33
N LYS LD 3 -3.56 80.81 -100.46
CA LYS LD 3 -4.14 79.90 -101.43
C LYS LD 3 -3.05 79.05 -102.06
N LEU LD 4 -3.26 77.74 -102.07
CA LEU LD 4 -2.37 76.86 -102.81
C LEU LD 4 -2.49 77.15 -104.29
N GLU LD 5 -1.36 77.16 -104.98
CA GLU LD 5 -1.37 77.19 -106.42
C GLU LD 5 -0.03 76.70 -106.93
N THR LD 6 -0.02 76.28 -108.19
CA THR LD 6 1.21 75.84 -108.82
C THR LD 6 2.32 76.86 -108.57
N VAL LD 7 3.32 76.46 -107.80
CA VAL LD 7 4.40 77.36 -107.43
C VAL LD 7 5.57 77.09 -108.36
N THR LD 8 6.08 78.15 -108.99
CA THR LD 8 7.10 78.03 -110.01
C THR LD 8 8.36 78.74 -109.54
N LEU LD 9 9.44 78.00 -109.40
CA LEU LD 9 10.66 78.52 -108.83
C LEU LD 9 11.77 78.37 -109.86
N GLY LD 10 12.32 79.51 -110.29
CA GLY LD 10 13.38 79.54 -111.27
C GLY LD 10 14.69 79.99 -110.63
N ASN LD 11 15.74 79.96 -111.44
CA ASN LD 11 17.08 80.31 -110.98
C ASN LD 11 17.47 79.45 -109.79
N ILE LD 12 17.60 78.16 -110.07
CA ILE LD 12 17.76 77.12 -109.08
C ILE LD 12 18.96 76.26 -109.48
N GLY LD 13 19.58 75.64 -108.47
CA GLY LD 13 20.69 74.74 -108.70
C GLY LD 13 22.03 75.44 -108.57
N LYS LD 14 23.09 74.67 -108.86
CA LYS LD 14 24.43 75.21 -108.70
C LYS LD 14 24.64 76.43 -109.58
N ASP LD 15 24.23 76.36 -110.84
CA ASP LD 15 24.36 77.46 -111.77
C ASP LD 15 23.16 78.38 -111.77
N GLY LD 16 22.11 78.04 -111.04
CA GLY LD 16 20.91 78.84 -111.05
C GLY LD 16 20.24 78.86 -112.41
N LYS LD 17 20.01 77.68 -112.98
CA LYS LD 17 19.37 77.59 -114.28
C LYS LD 17 18.21 76.61 -114.36
N GLN LD 18 18.10 75.65 -113.45
CA GLN LD 18 16.99 74.72 -113.50
C GLN LD 18 15.70 75.43 -113.09
N THR LD 19 14.60 74.68 -113.08
CA THR LD 19 13.31 75.22 -112.69
C THR LD 19 12.47 74.11 -112.08
N LEU LD 20 11.66 74.48 -111.09
CA LEU LD 20 10.80 73.53 -110.40
C LEU LD 20 9.38 74.05 -110.43
N VAL LD 21 8.44 73.19 -110.77
CA VAL LD 21 7.03 73.54 -110.73
C VAL LD 21 6.36 72.54 -109.81
N LEU LD 22 5.88 73.03 -108.68
CA LEU LD 22 5.30 72.18 -107.65
C LEU LD 22 3.79 72.36 -107.67
N ASN LD 23 3.08 71.28 -107.83
CA ASN LD 23 1.63 71.34 -107.82
C ASN LD 23 1.10 71.15 -106.41
N PRO LD 24 -0.07 71.70 -106.12
CA PRO LD 24 -0.67 71.50 -104.80
C PRO LD 24 -1.11 70.06 -104.60
N ARG LD 25 -1.02 69.61 -103.36
CA ARG LD 25 -1.46 68.27 -102.99
C ARG LD 25 -2.51 68.30 -101.90
N GLY LD 26 -3.18 69.43 -101.73
CA GLY LD 26 -4.18 69.54 -100.71
C GLY LD 26 -3.56 69.72 -99.33
N VAL LD 27 -4.39 69.49 -98.33
CA VAL LD 27 -4.01 69.68 -96.93
C VAL LD 27 -4.46 68.47 -96.14
N ASN LD 28 -3.57 67.95 -95.31
CA ASN LD 28 -3.94 66.84 -94.47
C ASN LD 28 -5.00 67.28 -93.46
N PRO LD 29 -6.09 66.54 -93.31
CA PRO LD 29 -7.12 66.96 -92.36
C PRO LD 29 -6.70 66.75 -90.91
N THR LD 30 -5.70 65.91 -90.66
CA THR LD 30 -5.30 65.59 -89.29
C THR LD 30 -4.20 66.50 -88.81
N ASN LD 31 -3.04 66.45 -89.47
CA ASN LD 31 -1.95 67.34 -89.12
C ASN LD 31 -2.18 68.75 -89.63
N GLY LD 32 -3.09 68.93 -90.58
CA GLY LD 32 -3.36 70.26 -91.09
C GLY LD 32 -2.14 70.88 -91.70
N VAL LD 33 -1.46 70.14 -92.57
CA VAL LD 33 -0.26 70.61 -93.23
C VAL LD 33 -0.45 70.50 -94.73
N ALA LD 34 -0.18 71.58 -95.45
CA ALA LD 34 -0.31 71.59 -96.89
C ALA LD 34 0.91 70.93 -97.53
N SER LD 35 0.69 70.35 -98.71
CA SER LD 35 1.72 69.61 -99.40
C SER LD 35 1.74 69.99 -100.88
N LEU LD 36 2.95 70.13 -101.43
CA LEU LD 36 3.14 70.39 -102.84
C LEU LD 36 4.15 69.39 -103.37
N SER LD 37 4.04 69.06 -104.65
CA SER LD 37 4.98 68.11 -105.21
C SER LD 37 5.21 68.42 -106.68
N GLN LD 38 6.36 67.94 -107.16
CA GLN LD 38 6.75 68.19 -108.54
C GLN LD 38 6.08 67.18 -109.46
N ALA LD 39 5.69 67.66 -110.65
CA ALA LD 39 5.01 66.79 -111.60
C ALA LD 39 5.97 65.76 -112.15
N GLY LD 40 5.67 64.48 -111.93
CA GLY LD 40 6.55 63.42 -112.38
C GLY LD 40 5.76 62.22 -112.82
N ALA LD 41 6.50 61.17 -113.17
CA ALA LD 41 5.90 59.93 -113.66
C ALA LD 41 5.56 58.97 -112.53
N VAL LD 42 6.54 58.68 -111.67
CA VAL LD 42 6.34 57.76 -110.55
C VAL LD 42 6.24 58.61 -109.28
N PRO LD 43 5.10 58.68 -108.62
CA PRO LD 43 4.97 59.57 -107.46
C PRO LD 43 6.03 59.34 -106.41
N ALA LD 44 6.66 58.16 -106.40
CA ALA LD 44 7.69 57.87 -105.41
C ALA LD 44 8.90 58.78 -105.57
N LEU LD 45 9.15 59.31 -106.76
CA LEU LD 45 10.36 60.06 -107.05
C LEU LD 45 10.07 61.53 -107.32
N GLU LD 46 9.03 62.08 -106.70
CA GLU LD 46 8.68 63.47 -106.90
C GLU LD 46 9.17 64.30 -105.73
N LYS LD 47 9.72 65.47 -106.04
CA LYS LD 47 10.17 66.39 -105.02
C LYS LD 47 8.97 66.95 -104.28
N ARG LD 48 8.95 66.78 -102.97
CA ARG LD 48 7.83 67.20 -102.15
C ARG LD 48 8.25 68.32 -101.21
N VAL LD 49 7.27 69.16 -100.89
CA VAL LD 49 7.49 70.28 -99.98
C VAL LD 49 6.24 70.44 -99.12
N THR LD 50 6.41 70.39 -97.81
CA THR LD 50 5.32 70.55 -96.88
C THR LD 50 5.39 71.92 -96.23
N VAL LD 51 4.23 72.44 -95.84
CA VAL LD 51 4.13 73.73 -95.20
C VAL LD 51 3.06 73.64 -94.12
N SER LD 52 3.42 74.01 -92.89
CA SER LD 52 2.49 73.91 -91.78
C SER LD 52 2.47 75.21 -91.00
N VAL LD 53 1.27 75.58 -90.54
CA VAL LD 53 1.06 76.82 -89.78
C VAL LD 53 0.24 76.44 -88.55
N SER LD 54 0.92 76.11 -87.46
CA SER LD 54 0.21 75.72 -86.26
C SER LD 54 -0.40 76.94 -85.58
N GLN LD 55 -1.48 76.71 -84.87
CA GLN LD 55 -2.17 77.77 -84.15
C GLN LD 55 -1.63 77.89 -82.74
N PRO LD 56 -1.94 79.00 -82.06
CA PRO LD 56 -1.38 79.21 -80.72
C PRO LD 56 -1.77 78.11 -79.76
N SER LD 57 -0.79 77.62 -79.00
CA SER LD 57 -1.02 76.61 -77.98
C SER LD 57 -1.53 77.27 -76.71
N ARG LD 58 -1.50 76.55 -75.59
CA ARG LD 58 -2.13 77.04 -74.37
C ARG LD 58 -1.11 77.75 -73.47
N ASN LD 59 -1.47 78.97 -73.06
CA ASN LD 59 -0.76 79.73 -72.01
C ASN LD 59 0.62 80.23 -72.45
N ARG LD 60 1.07 79.78 -73.62
CA ARG LD 60 2.37 80.20 -74.14
C ARG LD 60 2.22 80.75 -75.56
N LYS LD 61 1.33 80.14 -76.34
CA LYS LD 61 0.81 80.57 -77.62
C LYS LD 61 1.78 80.49 -78.79
N ASN LD 62 3.08 80.68 -78.59
CA ASN LD 62 4.10 80.15 -79.50
C ASN LD 62 3.69 79.91 -80.94
N TYR LD 63 3.33 80.93 -81.72
CA TYR LD 63 3.00 80.68 -83.11
C TYR LD 63 4.16 79.94 -83.77
N LYS LD 64 3.84 78.89 -84.52
CA LYS LD 64 4.85 78.00 -85.07
C LYS LD 64 4.56 77.71 -86.54
N VAL LD 65 5.60 77.66 -87.36
CA VAL LD 65 5.47 77.36 -88.77
C VAL LD 65 6.56 76.37 -89.17
N GLN LD 66 6.20 75.39 -89.99
CA GLN LD 66 7.11 74.32 -90.41
C GLN LD 66 7.16 74.24 -91.92
N VAL LD 67 8.34 73.91 -92.46
CA VAL LD 67 8.52 73.73 -93.89
C VAL LD 67 9.49 72.59 -94.10
N LYS LD 68 9.02 71.49 -94.69
CA LYS LD 68 9.83 70.30 -94.93
C LYS LD 68 9.93 70.08 -96.44
N ILE LD 69 11.14 70.24 -96.97
CA ILE LD 69 11.44 69.92 -98.36
C ILE LD 69 12.09 68.56 -98.41
N GLN LD 70 11.49 67.67 -99.19
CA GLN LD 70 11.97 66.30 -99.32
C GLN LD 70 12.31 66.07 -100.78
N ASN LD 71 13.55 65.68 -101.07
CA ASN LD 71 13.96 65.39 -102.43
C ASN LD 71 14.61 64.02 -102.44
N PRO LD 72 13.92 63.01 -102.96
CA PRO LD 72 14.54 61.69 -103.07
C PRO LD 72 15.18 61.47 -104.42
N THR LD 73 15.89 60.35 -104.53
CA THR LD 73 16.55 59.99 -105.77
C THR LD 73 16.79 58.48 -105.78
N ALA LD 74 16.46 57.85 -106.89
CA ALA LD 74 16.53 56.41 -107.02
C ALA LD 74 17.56 56.02 -108.08
N CYS LD 75 17.81 54.71 -108.16
CA CYS LD 75 18.75 54.17 -109.14
C CYS LD 75 18.34 52.73 -109.42
N THR LD 76 17.73 52.51 -110.57
CA THR LD 76 17.27 51.18 -110.92
C THR LD 76 18.44 50.20 -110.92
N ALA LD 77 18.41 49.25 -110.00
CA ALA LD 77 19.40 48.19 -109.95
C ALA LD 77 19.14 47.18 -111.04
N ASN LD 78 20.21 46.59 -111.55
CA ASN LD 78 20.06 45.64 -112.65
C ASN LD 78 19.19 44.48 -112.22
N GLY LD 79 18.21 44.13 -113.06
CA GLY LD 79 17.25 43.11 -112.74
C GLY LD 79 16.04 43.59 -111.98
N SER LD 80 16.03 44.85 -111.55
CA SER LD 80 14.90 45.42 -110.82
C SER LD 80 14.08 46.26 -111.77
N CYS LD 81 12.78 45.97 -111.82
CA CYS LD 81 11.84 46.71 -112.67
C CYS LD 81 11.22 47.89 -111.95
N ASP LD 82 11.90 48.44 -110.96
CA ASP LD 82 11.30 49.51 -110.18
C ASP LD 82 12.38 50.46 -109.68
N PRO LD 83 12.31 51.73 -110.01
CA PRO LD 83 13.35 52.66 -109.55
C PRO LD 83 13.25 52.91 -108.05
N SER LD 84 13.78 51.98 -107.26
CA SER LD 84 13.72 52.09 -105.81
C SER LD 84 14.55 53.26 -105.32
N VAL LD 85 13.97 54.05 -104.41
CA VAL LD 85 14.62 55.24 -103.91
C VAL LD 85 15.78 54.84 -103.01
N THR LD 86 17.00 55.21 -103.41
CA THR LD 86 18.19 54.88 -102.65
C THR LD 86 18.89 56.08 -102.05
N ARG LD 87 18.28 57.27 -102.11
CA ARG LD 87 18.93 58.50 -101.71
C ARG LD 87 17.84 59.45 -101.26
N GLN LD 88 18.05 60.13 -100.14
CA GLN LD 88 17.04 61.08 -99.69
C GLN LD 88 17.69 62.32 -99.10
N ALA LD 89 17.22 63.49 -99.49
CA ALA LD 89 17.65 64.75 -98.92
C ALA LD 89 16.48 65.43 -98.24
N TYR LD 90 16.67 65.83 -96.99
CA TYR LD 90 15.62 66.51 -96.24
C TYR LD 90 16.10 67.88 -95.81
N ALA LD 91 15.17 68.83 -95.80
CA ALA LD 91 15.45 70.18 -95.32
C ALA LD 91 14.25 70.59 -94.48
N ASP LD 92 14.45 70.81 -93.19
CA ASP LD 92 13.38 71.22 -92.30
C ASP LD 92 13.70 72.59 -91.74
N VAL LD 93 12.81 73.54 -91.99
CA VAL LD 93 12.89 74.87 -91.42
C VAL LD 93 11.70 75.03 -90.48
N THR LD 94 11.94 75.65 -89.32
CA THR LD 94 10.86 75.91 -88.39
C THR LD 94 11.03 77.31 -87.82
N PHE LD 95 10.00 78.12 -88.00
CA PHE LD 95 9.93 79.45 -87.42
C PHE LD 95 9.09 79.39 -86.16
N SER LD 96 9.54 80.10 -85.14
CA SER LD 96 8.77 80.30 -83.92
C SER LD 96 8.66 81.79 -83.66
N PHE LD 97 7.43 82.28 -83.58
CA PHE LD 97 7.13 83.66 -83.29
C PHE LD 97 6.32 83.72 -82.00
N THR LD 98 6.43 84.83 -81.29
CA THR LD 98 5.63 85.00 -80.10
C THR LD 98 4.28 85.62 -80.45
N GLN LD 99 3.33 85.49 -79.53
CA GLN LD 99 1.99 85.96 -79.77
C GLN LD 99 1.95 87.43 -80.15
N TYR LD 100 2.99 88.19 -79.82
CA TYR LD 100 3.03 89.61 -80.11
C TYR LD 100 3.95 89.96 -81.26
N SER LD 101 4.47 88.95 -81.96
CA SER LD 101 5.29 89.21 -83.13
C SER LD 101 4.56 90.14 -84.08
N THR LD 102 5.31 90.73 -85.00
CA THR LD 102 4.74 91.60 -86.01
C THR LD 102 5.27 91.22 -87.38
N ASP LD 103 4.46 91.50 -88.38
CA ASP LD 103 4.85 91.21 -89.76
C ASP LD 103 6.23 91.77 -90.07
N GLU LD 104 6.57 92.94 -89.52
CA GLU LD 104 7.89 93.49 -89.76
C GLU LD 104 8.96 92.48 -89.41
N GLU LD 105 9.02 92.08 -88.14
CA GLU LD 105 10.07 91.16 -87.73
C GLU LD 105 9.95 89.84 -88.47
N ARG LD 106 8.73 89.36 -88.68
CA ARG LD 106 8.58 88.09 -89.37
C ARG LD 106 9.22 88.15 -90.75
N ALA LD 107 8.82 89.13 -91.57
CA ALA LD 107 9.39 89.22 -92.91
C ALA LD 107 10.88 89.47 -92.85
N PHE LD 108 11.33 90.20 -91.83
CA PHE LD 108 12.74 90.42 -91.67
C PHE LD 108 13.49 89.10 -91.54
N VAL LD 109 13.02 88.26 -90.63
CA VAL LD 109 13.61 86.94 -90.46
C VAL LD 109 13.54 86.16 -91.76
N ARG LD 110 12.39 86.26 -92.44
CA ARG LD 110 12.20 85.54 -93.68
C ARG LD 110 13.34 85.84 -94.64
N THR LD 111 13.45 87.11 -95.02
CA THR LD 111 14.44 87.48 -96.02
C THR LD 111 15.85 87.27 -95.48
N GLU LD 112 16.04 87.32 -94.16
CA GLU LD 112 17.38 87.12 -93.63
C GLU LD 112 17.81 85.69 -93.85
N LEU LD 113 16.93 84.75 -93.54
CA LEU LD 113 17.21 83.36 -93.83
C LEU LD 113 17.45 83.17 -95.32
N ALA LD 114 16.64 83.82 -96.15
CA ALA LD 114 16.77 83.63 -97.58
C ALA LD 114 18.15 84.04 -98.06
N ALA LD 115 18.52 85.25 -97.74
CA ALA LD 115 19.78 85.74 -98.27
C ALA LD 115 20.97 85.09 -97.56
N LEU LD 116 20.78 84.57 -96.34
CA LEU LD 116 21.79 83.68 -95.78
C LEU LD 116 21.99 82.46 -96.66
N LEU LD 117 20.89 81.81 -97.03
CA LEU LD 117 20.99 80.66 -97.92
C LEU LD 117 21.65 81.03 -99.23
N ALA LD 118 21.60 82.30 -99.62
CA ALA LD 118 22.28 82.73 -100.82
C ALA LD 118 23.72 83.16 -100.59
N SER LD 119 24.10 83.44 -99.35
CA SER LD 119 25.41 84.01 -99.08
C SER LD 119 26.52 82.98 -99.29
N PRO LD 120 27.75 83.45 -99.49
CA PRO LD 120 28.87 82.51 -99.63
C PRO LD 120 29.02 81.59 -98.43
N LEU LD 121 28.70 82.06 -97.25
CA LEU LD 121 28.97 81.28 -96.05
C LEU LD 121 28.21 79.97 -96.10
N LEU LD 122 26.89 80.02 -96.04
CA LEU LD 122 26.13 78.77 -96.05
C LEU LD 122 26.35 78.02 -97.35
N ILE LD 123 26.71 78.73 -98.43
CA ILE LD 123 27.02 78.08 -99.69
C ILE LD 123 28.09 77.02 -99.47
N ASP LD 124 29.27 77.45 -99.06
CA ASP LD 124 30.31 76.47 -98.78
C ASP LD 124 29.94 75.57 -97.63
N ALA LD 125 29.10 76.05 -96.72
CA ALA LD 125 28.75 75.26 -95.56
C ALA LD 125 27.98 74.00 -95.94
N ILE LD 126 27.08 74.10 -96.89
CA ILE LD 126 26.17 73.01 -97.23
C ILE LD 126 26.58 72.34 -98.53
N ASP LD 127 26.89 73.12 -99.56
CA ASP LD 127 27.21 72.53 -100.85
C ASP LD 127 28.43 71.63 -100.73
N GLN LD 128 29.45 72.06 -100.01
CA GLN LD 128 30.66 71.28 -99.84
C GLN LD 128 30.79 70.67 -98.47
N LEU LD 129 29.78 70.75 -97.63
CA LEU LD 129 29.87 70.21 -96.27
C LEU LD 129 31.15 70.70 -95.61
N ASN LD 130 31.30 72.00 -95.56
CA ASN LD 130 32.49 72.62 -95.01
C ASN LD 130 32.16 73.29 -93.69
N PRO LD 131 32.51 72.69 -92.55
CA PRO LD 131 32.27 73.38 -91.29
C PRO LD 131 32.91 74.75 -91.30
N ALA LD 132 32.17 75.73 -90.82
CA ALA LD 132 32.64 77.11 -90.89
C ALA LD 132 33.59 77.38 -89.73
N TYR LD 133 34.75 77.93 -90.04
CA TYR LD 133 35.67 78.43 -89.01
C TYR LD 133 36.61 79.48 -89.56
N ALA MD 2 81.07 46.52 -92.92
CA ALA MD 2 81.39 45.23 -92.26
C ALA MD 2 80.92 44.06 -93.09
N LYS MD 3 81.26 44.08 -94.38
CA LYS MD 3 80.82 43.01 -95.26
C LYS MD 3 81.43 41.70 -94.81
N LEU MD 4 80.65 40.62 -94.93
CA LEU MD 4 81.09 39.30 -94.54
C LEU MD 4 81.56 38.54 -95.77
N GLU MD 5 82.68 37.84 -95.64
CA GLU MD 5 83.27 37.12 -96.76
C GLU MD 5 84.37 36.22 -96.20
N THR MD 6 85.13 35.61 -97.10
CA THR MD 6 86.21 34.72 -96.68
C THR MD 6 87.34 35.57 -96.10
N VAL MD 7 87.88 35.13 -94.97
CA VAL MD 7 88.93 35.86 -94.29
C VAL MD 7 90.12 34.93 -94.12
N THR MD 8 91.31 35.41 -94.49
CA THR MD 8 92.53 34.62 -94.56
C THR MD 8 93.47 35.09 -93.45
N LEU MD 9 93.49 34.35 -92.35
CA LEU MD 9 94.24 34.76 -91.17
C LEU MD 9 95.57 34.04 -91.21
N GLY MD 10 96.64 34.77 -91.47
CA GLY MD 10 97.94 34.15 -91.67
C GLY MD 10 98.89 34.32 -90.50
N ASN MD 11 99.94 33.52 -90.47
CA ASN MD 11 100.99 33.65 -89.46
C ASN MD 11 100.41 33.45 -88.07
N ILE MD 12 100.00 32.21 -87.82
CA ILE MD 12 99.29 31.80 -86.62
C ILE MD 12 100.08 30.69 -85.93
N GLY MD 13 99.84 30.53 -84.63
CA GLY MD 13 100.53 29.52 -83.83
C GLY MD 13 101.67 30.13 -83.04
N LYS MD 14 102.46 29.28 -82.37
CA LYS MD 14 103.60 29.83 -81.64
C LYS MD 14 104.50 30.51 -82.63
N ASP MD 15 104.81 29.80 -83.71
CA ASP MD 15 105.72 30.22 -84.75
C ASP MD 15 105.09 31.18 -85.73
N GLY MD 16 103.77 31.30 -85.71
CA GLY MD 16 103.13 32.11 -86.70
C GLY MD 16 103.34 31.51 -88.08
N LYS MD 17 103.03 30.22 -88.23
CA LYS MD 17 103.14 29.55 -89.52
C LYS MD 17 101.82 29.02 -90.06
N GLN MD 18 100.83 28.72 -89.22
CA GLN MD 18 99.57 28.23 -89.74
C GLN MD 18 98.77 29.35 -90.38
N THR MD 19 97.72 28.96 -91.10
CA THR MD 19 96.78 29.89 -91.68
C THR MD 19 95.39 29.30 -91.56
N LEU MD 20 94.43 30.15 -91.21
CA LEU MD 20 93.04 29.73 -91.07
C LEU MD 20 92.18 30.52 -92.02
N VAL MD 21 91.38 29.81 -92.80
CA VAL MD 21 90.48 30.41 -93.76
C VAL MD 21 89.08 30.29 -93.17
N LEU MD 22 88.47 31.43 -92.91
CA LEU MD 22 87.18 31.50 -92.24
C LEU MD 22 86.16 31.99 -93.25
N ASN MD 23 85.25 31.11 -93.61
CA ASN MD 23 84.19 31.46 -94.54
C ASN MD 23 82.97 31.97 -93.78
N PRO MD 24 82.15 32.76 -94.45
CA PRO MD 24 81.02 33.41 -93.80
C PRO MD 24 79.84 32.48 -93.65
N ARG MD 25 78.98 32.85 -92.70
CA ARG MD 25 77.78 32.09 -92.39
C ARG MD 25 76.61 33.05 -92.37
N GLY MD 26 75.47 32.62 -91.84
CA GLY MD 26 74.27 33.45 -91.80
C GLY MD 26 74.16 34.20 -90.49
N VAL MD 27 73.57 35.40 -90.56
CA VAL MD 27 73.51 36.29 -89.41
C VAL MD 27 72.29 35.91 -88.57
N ASN MD 28 72.52 35.58 -87.29
CA ASN MD 28 71.45 35.21 -86.41
C ASN MD 28 70.39 36.29 -86.34
N PRO MD 29 69.22 36.08 -86.94
CA PRO MD 29 68.18 37.10 -86.82
C PRO MD 29 67.74 37.34 -85.39
N THR MD 30 67.74 36.31 -84.54
CA THR MD 30 67.19 36.50 -83.21
C THR MD 30 68.00 37.50 -82.40
N ASN MD 31 69.26 37.70 -82.72
CA ASN MD 31 70.08 38.64 -81.97
C ASN MD 31 71.01 39.46 -82.85
N GLY MD 32 70.96 39.31 -84.16
CA GLY MD 32 71.85 40.06 -85.03
C GLY MD 32 73.30 39.77 -84.73
N VAL MD 33 73.75 38.54 -85.00
CA VAL MD 33 75.13 38.15 -84.81
C VAL MD 33 75.60 37.43 -86.05
N ALA MD 34 76.63 37.96 -86.71
CA ALA MD 34 77.20 37.30 -87.86
C ALA MD 34 78.24 36.29 -87.41
N SER MD 35 78.53 35.33 -88.28
CA SER MD 35 79.38 34.21 -87.89
C SER MD 35 80.27 33.79 -89.04
N LEU MD 36 81.45 33.30 -88.69
CA LEU MD 36 82.39 32.70 -89.62
C LEU MD 36 82.90 31.39 -89.03
N SER MD 37 83.36 30.50 -89.91
CA SER MD 37 83.95 29.27 -89.41
C SER MD 37 84.86 28.67 -90.48
N GLN MD 38 85.59 27.64 -90.06
CA GLN MD 38 86.66 27.08 -90.88
C GLN MD 38 86.13 26.80 -92.26
N ALA MD 39 87.02 26.69 -93.24
CA ALA MD 39 86.56 26.44 -94.61
C ALA MD 39 85.76 25.16 -94.71
N GLY MD 40 85.92 24.26 -93.74
CA GLY MD 40 85.18 23.02 -93.72
C GLY MD 40 86.10 21.82 -93.90
N ALA MD 41 85.49 20.65 -94.05
CA ALA MD 41 84.04 20.52 -94.09
C ALA MD 41 83.42 20.52 -92.71
N VAL MD 42 83.66 19.45 -91.96
CA VAL MD 42 83.08 19.34 -90.62
C VAL MD 42 83.64 20.42 -89.71
N PRO MD 43 84.91 20.81 -89.79
CA PRO MD 43 85.40 21.89 -88.92
C PRO MD 43 84.59 23.16 -89.04
N ALA MD 44 83.81 23.32 -90.11
CA ALA MD 44 82.90 24.45 -90.20
C ALA MD 44 81.90 24.43 -89.06
N LEU MD 45 81.39 23.25 -88.71
CA LEU MD 45 80.53 23.08 -87.56
C LEU MD 45 81.30 22.74 -86.29
N GLU MD 46 82.59 23.06 -86.23
CA GLU MD 46 83.37 22.95 -85.00
C GLU MD 46 83.98 24.28 -84.57
N LYS MD 47 84.77 24.92 -85.43
CA LYS MD 47 85.33 26.23 -85.13
C LYS MD 47 84.31 27.31 -85.45
N ARG MD 48 84.30 28.38 -84.66
CA ARG MD 48 83.30 29.42 -84.83
C ARG MD 48 83.85 30.77 -84.42
N VAL MD 49 83.34 31.80 -85.07
CA VAL MD 49 83.81 33.18 -84.87
C VAL MD 49 82.58 34.06 -84.99
N THR MD 50 82.09 34.57 -83.86
CA THR MD 50 80.88 35.37 -83.85
C THR MD 50 81.21 36.83 -83.65
N VAL MD 51 80.49 37.69 -84.39
CA VAL MD 51 80.67 39.13 -84.38
C VAL MD 51 79.31 39.78 -84.22
N SER MD 52 79.21 40.73 -83.29
CA SER MD 52 77.95 41.40 -83.03
C SER MD 52 78.22 42.86 -82.70
N VAL MD 53 77.26 43.71 -83.08
CA VAL MD 53 77.36 45.15 -82.86
C VAL MD 53 76.03 45.60 -82.28
N SER MD 54 75.96 45.70 -80.96
CA SER MD 54 74.75 46.13 -80.28
C SER MD 54 74.73 47.66 -80.23
N GLN MD 55 73.64 48.24 -80.71
CA GLN MD 55 73.47 49.68 -80.80
C GLN MD 55 72.84 50.23 -79.53
N PRO MD 56 72.81 51.55 -79.38
CA PRO MD 56 72.17 52.15 -78.20
C PRO MD 56 70.77 51.61 -78.00
N SER MD 57 70.29 51.72 -76.78
CA SER MD 57 68.96 51.27 -76.41
C SER MD 57 68.72 51.74 -74.98
N ARG MD 58 67.59 51.34 -74.41
CA ARG MD 58 67.34 51.67 -73.01
C ARG MD 58 68.38 51.00 -72.13
N ASN MD 59 68.74 49.76 -72.44
CA ASN MD 59 69.73 49.04 -71.65
C ASN MD 59 71.15 49.49 -71.96
N ARG MD 60 71.43 49.87 -73.21
CA ARG MD 60 72.78 50.27 -73.60
C ARG MD 60 72.88 51.78 -73.68
N LYS MD 61 74.10 52.32 -73.72
CA LYS MD 61 74.27 53.77 -73.79
C LYS MD 61 75.12 54.40 -74.90
N ASN MD 62 76.41 54.12 -75.12
CA ASN MD 62 77.20 52.88 -74.96
C ASN MD 62 76.86 51.75 -75.96
N TYR MD 63 77.26 51.99 -77.20
CA TYR MD 63 77.42 50.92 -78.19
C TYR MD 63 78.35 49.83 -77.65
N LYS MD 64 78.04 48.57 -77.99
CA LYS MD 64 78.93 47.46 -77.68
C LYS MD 64 79.28 46.73 -78.95
N VAL MD 65 80.52 46.31 -79.07
CA VAL MD 65 80.90 45.35 -80.09
C VAL MD 65 81.44 44.12 -79.40
N GLN MD 66 80.79 43.00 -79.64
CA GLN MD 66 81.17 41.72 -79.06
C GLN MD 66 81.76 40.85 -80.15
N VAL MD 67 82.85 40.16 -79.83
CA VAL MD 67 83.45 39.21 -80.75
C VAL MD 67 83.89 38.01 -79.94
N LYS MD 68 83.31 36.86 -80.22
CA LYS MD 68 83.61 35.63 -79.50
C LYS MD 68 84.29 34.66 -80.45
N ILE MD 69 85.25 33.92 -79.92
CA ILE MD 69 86.05 32.98 -80.69
C ILE MD 69 85.98 31.63 -80.01
N GLN MD 70 85.70 30.58 -80.79
CA GLN MD 70 85.51 29.24 -80.23
C GLN MD 70 86.24 28.21 -81.07
N ASN MD 71 87.12 27.45 -80.43
CA ASN MD 71 87.84 26.36 -81.09
C ASN MD 71 87.72 25.11 -80.23
N PRO MD 72 86.92 24.12 -80.64
CA PRO MD 72 86.88 22.87 -79.89
C PRO MD 72 87.86 21.86 -80.45
N THR MD 73 88.71 21.31 -79.59
CA THR MD 73 89.58 20.22 -80.00
C THR MD 73 88.85 18.90 -79.81
N ALA MD 74 88.78 18.13 -80.88
CA ALA MD 74 88.15 16.82 -80.87
C ALA MD 74 89.19 15.79 -81.27
N CYS MD 75 88.78 14.53 -81.21
CA CYS MD 75 89.69 13.44 -81.55
C CYS MD 75 88.94 12.13 -81.48
N THR MD 76 89.57 11.09 -82.02
CA THR MD 76 88.91 9.82 -82.31
C THR MD 76 89.52 8.73 -81.44
N ALA MD 77 88.69 8.12 -80.60
CA ALA MD 77 89.17 6.99 -79.81
C ALA MD 77 89.56 5.86 -80.74
N ASN MD 78 90.51 5.05 -80.29
CA ASN MD 78 91.03 3.99 -81.13
C ASN MD 78 90.02 2.87 -81.26
N GLY MD 79 89.12 3.00 -82.23
CA GLY MD 79 88.04 2.05 -82.43
C GLY MD 79 86.74 2.69 -82.87
N SER MD 80 86.53 3.95 -82.52
CA SER MD 80 85.36 4.68 -82.99
C SER MD 80 85.62 5.24 -84.38
N CYS MD 81 84.66 5.96 -84.95
CA CYS MD 81 84.88 6.64 -86.22
C CYS MD 81 84.66 8.13 -86.07
N ASP MD 82 83.51 8.50 -85.55
CA ASP MD 82 83.17 9.91 -85.46
C ASP MD 82 84.01 10.57 -84.38
N PRO MD 83 84.75 11.63 -84.69
CA PRO MD 83 85.52 12.30 -83.64
C PRO MD 83 84.62 12.94 -82.59
N SER MD 84 85.05 12.85 -81.35
CA SER MD 84 84.33 13.41 -80.23
C SER MD 84 85.08 14.61 -79.68
N VAL MD 85 84.33 15.63 -79.30
CA VAL MD 85 84.89 16.88 -78.81
C VAL MD 85 85.39 16.67 -77.39
N THR MD 86 86.70 16.69 -77.21
CA THR MD 86 87.24 16.40 -75.90
C THR MD 86 87.63 17.67 -75.15
N ARG MD 87 87.64 18.80 -75.84
CA ARG MD 87 88.28 20.00 -75.34
C ARG MD 87 87.63 21.20 -76.01
N GLN MD 88 87.56 22.31 -75.29
CA GLN MD 88 86.91 23.48 -75.86
C GLN MD 88 87.60 24.73 -75.34
N ALA MD 89 88.32 25.43 -76.22
CA ALA MD 89 88.89 26.72 -75.89
C ALA MD 89 88.04 27.81 -76.50
N TYR MD 90 87.93 28.93 -75.80
CA TYR MD 90 87.24 30.06 -76.41
C TYR MD 90 87.44 31.31 -75.58
N ALA MD 91 87.24 32.44 -76.24
CA ALA MD 91 87.54 33.74 -75.68
C ALA MD 91 86.51 34.75 -76.15
N ASP MD 92 86.41 35.85 -75.41
CA ASP MD 92 85.39 36.86 -75.64
C ASP MD 92 86.01 38.24 -75.52
N VAL MD 93 85.75 39.09 -76.51
CA VAL MD 93 86.18 40.48 -76.49
C VAL MD 93 84.96 41.36 -76.56
N THR MD 94 84.93 42.40 -75.73
CA THR MD 94 83.75 43.26 -75.62
C THR MD 94 84.21 44.71 -75.52
N PHE MD 95 84.01 45.46 -76.60
CA PHE MD 95 84.32 46.88 -76.63
C PHE MD 95 83.07 47.66 -76.27
N SER MD 96 83.21 48.64 -75.40
CA SER MD 96 82.09 49.52 -75.04
C SER MD 96 82.48 50.94 -75.39
N PHE MD 97 81.88 51.47 -76.45
CA PHE MD 97 82.11 52.83 -76.87
C PHE MD 97 80.92 53.70 -76.52
N THR MD 98 81.19 54.98 -76.29
CA THR MD 98 80.14 55.91 -75.96
C THR MD 98 79.61 56.56 -77.22
N GLN MD 99 78.44 57.17 -77.05
CA GLN MD 99 77.74 57.73 -78.19
C GLN MD 99 78.62 58.77 -78.88
N TYR MD 100 79.29 59.59 -78.10
CA TYR MD 100 80.11 60.63 -78.70
C TYR MD 100 81.46 60.09 -79.15
N SER MD 101 81.70 58.79 -79.04
CA SER MD 101 82.99 58.22 -79.39
C SER MD 101 83.39 58.65 -80.81
N THR MD 102 84.68 58.49 -81.12
CA THR MD 102 85.21 58.85 -82.43
C THR MD 102 85.96 57.69 -83.05
N ASP MD 103 85.84 57.56 -84.38
CA ASP MD 103 86.58 56.52 -85.09
C ASP MD 103 88.03 56.52 -84.68
N GLU MD 104 88.60 57.70 -84.46
CA GLU MD 104 90.00 57.78 -84.07
C GLU MD 104 90.29 56.91 -82.85
N GLU MD 105 89.69 57.26 -81.72
CA GLU MD 105 89.95 56.53 -80.50
C GLU MD 105 89.49 55.08 -80.60
N ARG MD 106 88.46 54.83 -81.41
CA ARG MD 106 88.04 53.47 -81.63
C ARG MD 106 89.20 52.66 -82.20
N ALA MD 107 89.77 53.14 -83.31
CA ALA MD 107 90.91 52.47 -83.93
C ALA MD 107 92.08 52.42 -82.97
N PHE MD 108 92.17 53.38 -82.07
CA PHE MD 108 93.27 53.37 -81.13
C PHE MD 108 93.17 52.19 -80.18
N VAL MD 109 92.03 52.06 -79.49
CA VAL MD 109 91.83 50.93 -78.60
C VAL MD 109 91.96 49.64 -79.38
N ARG MD 110 91.55 49.72 -80.63
CA ARG MD 110 91.50 48.60 -81.53
C ARG MD 110 92.90 48.01 -81.69
N THR MD 111 93.78 48.80 -82.28
CA THR MD 111 95.11 48.32 -82.56
C THR MD 111 95.95 48.18 -81.29
N GLU MD 112 95.61 48.88 -80.20
CA GLU MD 112 96.44 48.70 -79.02
C GLU MD 112 96.12 47.37 -78.37
N LEU MD 113 94.87 46.94 -78.41
CA LEU MD 113 94.57 45.58 -77.99
C LEU MD 113 95.35 44.60 -78.85
N ALA MD 114 95.39 44.85 -80.17
CA ALA MD 114 96.19 44.00 -81.03
C ALA MD 114 97.63 43.93 -80.55
N ALA MD 115 98.23 45.09 -80.30
CA ALA MD 115 99.63 45.16 -79.94
C ALA MD 115 99.88 44.49 -78.59
N LEU MD 116 98.97 44.63 -77.64
CA LEU MD 116 99.12 43.92 -76.38
C LEU MD 116 99.14 42.42 -76.62
N LEU MD 117 98.15 41.93 -77.38
CA LEU MD 117 98.13 40.49 -77.64
C LEU MD 117 99.42 40.02 -78.28
N ALA MD 118 100.06 40.87 -79.07
CA ALA MD 118 101.36 40.48 -79.61
C ALA MD 118 102.50 40.73 -78.64
N SER MD 119 102.26 41.41 -77.53
CA SER MD 119 103.34 41.74 -76.60
C SER MD 119 103.82 40.53 -75.82
N PRO MD 120 105.09 40.52 -75.42
CA PRO MD 120 105.60 39.40 -74.60
C PRO MD 120 104.75 39.15 -73.38
N LEU MD 121 104.24 40.21 -72.79
CA LEU MD 121 103.53 40.10 -71.52
C LEU MD 121 102.35 39.15 -71.67
N LEU MD 122 101.38 39.51 -72.50
CA LEU MD 122 100.21 38.65 -72.64
C LEU MD 122 100.56 37.31 -73.26
N ILE MD 123 101.56 37.27 -74.14
CA ILE MD 123 101.88 35.98 -74.76
C ILE MD 123 102.30 35.01 -73.68
N ASP MD 124 103.09 35.47 -72.70
CA ASP MD 124 103.51 34.59 -71.64
C ASP MD 124 102.37 34.31 -70.68
N ALA MD 125 101.54 35.31 -70.41
CA ALA MD 125 100.40 35.11 -69.53
C ALA MD 125 99.38 34.15 -70.11
N ILE MD 126 99.35 34.00 -71.43
CA ILE MD 126 98.39 33.15 -72.11
C ILE MD 126 98.96 31.78 -72.38
N ASP MD 127 99.99 31.71 -73.21
CA ASP MD 127 100.59 30.41 -73.48
C ASP MD 127 100.92 29.68 -72.21
N GLN MD 128 101.88 30.18 -71.46
CA GLN MD 128 102.33 29.51 -70.27
C GLN MD 128 101.43 29.78 -69.08
N LEU MD 129 100.40 30.61 -69.26
CA LEU MD 129 99.40 30.80 -68.22
C LEU MD 129 100.06 31.32 -66.95
N ASN MD 130 101.05 32.19 -67.15
CA ASN MD 130 101.88 32.73 -66.07
C ASN MD 130 101.37 34.10 -65.68
N PRO MD 131 100.95 34.32 -64.44
CA PRO MD 131 100.67 35.69 -64.00
C PRO MD 131 101.93 36.53 -64.01
N ALA MD 132 101.74 37.83 -64.17
CA ALA MD 132 102.86 38.75 -64.33
C ALA MD 132 103.53 38.99 -62.97
N TYR MD 133 104.73 38.44 -62.79
CA TYR MD 133 105.51 38.67 -61.58
C TYR MD 133 106.98 38.42 -61.83
N ALA ND 2 65.72 46.62 -104.18
CA ALA ND 2 65.85 47.65 -103.11
C ALA ND 2 67.26 47.61 -102.50
N LYS ND 3 68.25 47.39 -103.36
CA LYS ND 3 69.64 47.33 -102.90
C LYS ND 3 69.98 48.59 -102.12
N LEU ND 4 70.56 48.43 -100.94
CA LEU ND 4 71.13 49.58 -100.27
C LEU ND 4 72.25 50.15 -101.12
N GLU ND 5 72.38 51.47 -101.08
CA GLU ND 5 73.40 52.12 -101.89
C GLU ND 5 73.52 53.57 -101.45
N THR ND 6 74.57 54.22 -101.93
CA THR ND 6 74.80 55.62 -101.62
C THR ND 6 73.67 56.48 -102.18
N VAL ND 7 72.82 56.96 -101.32
CA VAL ND 7 71.66 57.72 -101.72
C VAL ND 7 72.05 59.19 -101.79
N THR ND 8 71.69 59.84 -102.89
CA THR ND 8 72.19 61.18 -103.23
C THR ND 8 71.02 62.13 -103.37
N LEU ND 9 70.78 62.91 -102.32
CA LEU ND 9 69.66 63.82 -102.29
C LEU ND 9 70.10 65.17 -102.81
N GLY ND 10 69.38 65.69 -103.81
CA GLY ND 10 69.77 66.91 -104.49
C GLY ND 10 69.40 68.15 -103.72
N ASN ND 11 68.77 69.12 -104.38
CA ASN ND 11 68.45 70.38 -103.74
C ASN ND 11 67.57 70.16 -102.51
N ILE ND 12 67.94 70.80 -101.41
CA ILE ND 12 67.26 70.68 -100.12
C ILE ND 12 67.49 71.98 -99.35
N GLY ND 13 66.51 72.36 -98.54
CA GLY ND 13 66.53 73.61 -97.80
C GLY ND 13 65.48 74.56 -98.31
N LYS ND 14 65.40 75.77 -97.72
CA LYS ND 14 64.45 76.72 -98.28
C LYS ND 14 64.72 76.91 -99.76
N ASP ND 15 65.89 77.45 -100.07
CA ASP ND 15 66.25 77.80 -101.43
C ASP ND 15 66.64 76.59 -102.26
N GLY ND 16 66.75 75.42 -101.65
CA GLY ND 16 67.11 74.23 -102.40
C GLY ND 16 68.50 74.31 -102.99
N LYS ND 17 69.51 74.48 -102.13
CA LYS ND 17 70.90 74.50 -102.57
C LYS ND 17 71.77 73.43 -101.94
N GLN ND 18 71.32 72.74 -100.90
CA GLN ND 18 72.18 71.78 -100.24
C GLN ND 18 71.90 70.38 -100.77
N THR ND 19 72.88 69.50 -100.58
CA THR ND 19 72.76 68.12 -101.02
C THR ND 19 73.25 67.21 -99.92
N LEU ND 20 72.69 66.02 -99.86
CA LEU ND 20 73.04 65.06 -98.83
C LEU ND 20 73.47 63.75 -99.45
N VAL ND 21 74.44 63.11 -98.82
CA VAL ND 21 74.97 61.85 -99.29
C VAL ND 21 74.87 60.87 -98.14
N LEU ND 22 73.95 59.93 -98.25
CA LEU ND 22 73.74 58.92 -97.23
C LEU ND 22 74.44 57.65 -97.68
N ASN ND 23 75.36 57.16 -96.85
CA ASN ND 23 76.02 55.93 -97.19
C ASN ND 23 75.30 54.73 -96.57
N PRO ND 24 75.47 53.55 -97.15
CA PRO ND 24 74.81 52.35 -96.63
C PRO ND 24 75.54 51.84 -95.39
N ARG ND 25 74.87 51.90 -94.25
CA ARG ND 25 75.45 51.33 -93.05
C ARG ND 25 75.18 49.82 -93.01
N GLY ND 26 73.92 49.44 -92.95
CA GLY ND 26 73.59 48.03 -92.86
C GLY ND 26 72.13 47.82 -92.61
N VAL ND 27 71.82 46.66 -92.03
CA VAL ND 27 70.43 46.29 -91.79
C VAL ND 27 70.34 45.53 -90.47
N ASN ND 28 69.66 46.11 -89.51
CA ASN ND 28 69.32 45.38 -88.29
C ASN ND 28 68.37 44.24 -88.60
N PRO ND 29 68.71 43.00 -88.24
CA PRO ND 29 67.78 41.88 -88.44
C PRO ND 29 66.69 41.82 -87.41
N THR ND 30 67.00 42.18 -86.18
CA THR ND 30 66.05 41.94 -85.10
C THR ND 30 64.72 42.60 -85.38
N ASN ND 31 64.71 43.62 -86.23
CA ASN ND 31 63.48 44.23 -86.69
C ASN ND 31 63.46 44.48 -88.19
N GLY ND 32 64.39 43.90 -88.94
CA GLY ND 32 64.38 44.03 -90.38
C GLY ND 32 64.32 45.48 -90.79
N VAL ND 33 65.39 46.22 -90.53
CA VAL ND 33 65.39 47.66 -90.74
C VAL ND 33 66.73 48.08 -91.34
N ALA ND 34 66.68 48.67 -92.54
CA ALA ND 34 67.88 49.17 -93.18
C ALA ND 34 68.18 50.58 -92.70
N SER ND 35 69.47 50.90 -92.57
CA SER ND 35 69.91 52.16 -92.01
C SER ND 35 70.82 52.89 -92.99
N LEU ND 36 70.65 54.21 -93.07
CA LEU ND 36 71.52 55.08 -93.84
C LEU ND 36 72.00 56.22 -92.94
N SER ND 37 73.26 56.59 -93.08
CA SER ND 37 73.83 57.62 -92.23
C SER ND 37 74.70 58.53 -93.07
N GLN ND 38 74.68 59.81 -92.73
CA GLN ND 38 75.55 60.75 -93.41
C GLN ND 38 76.98 60.49 -93.00
N ALA ND 39 77.89 60.70 -93.94
CA ALA ND 39 79.30 60.36 -93.72
C ALA ND 39 79.89 61.22 -92.60
N GLY ND 40 80.52 60.56 -91.66
CA GLY ND 40 81.14 61.24 -90.53
C GLY ND 40 81.94 60.25 -89.71
N ALA ND 41 82.17 60.61 -88.45
CA ALA ND 41 82.86 59.72 -87.52
C ALA ND 41 82.09 59.58 -86.23
N VAL ND 42 81.48 60.66 -85.77
CA VAL ND 42 80.79 60.69 -84.48
C VAL ND 42 79.34 60.30 -84.71
N PRO ND 43 78.91 59.09 -84.37
CA PRO ND 43 77.53 58.71 -84.69
C PRO ND 43 76.51 59.64 -84.08
N ALA ND 44 76.85 60.28 -82.97
CA ALA ND 44 75.93 61.17 -82.29
C ALA ND 44 75.62 62.42 -83.10
N LEU ND 45 76.35 62.67 -84.18
CA LEU ND 45 76.25 63.92 -84.91
C LEU ND 45 76.13 63.66 -86.39
N GLU ND 46 75.29 62.70 -86.76
CA GLU ND 46 75.09 62.39 -88.17
C GLU ND 46 73.62 62.20 -88.43
N LYS ND 47 73.17 62.73 -89.57
CA LYS ND 47 71.78 62.57 -89.98
C LYS ND 47 71.55 61.12 -90.36
N ARG ND 48 70.49 60.54 -89.83
CA ARG ND 48 70.25 59.12 -90.00
C ARG ND 48 68.87 58.89 -90.59
N VAL ND 49 68.75 57.79 -91.32
CA VAL ND 49 67.52 57.40 -91.98
C VAL ND 49 67.30 55.91 -91.74
N THR ND 50 66.05 55.51 -91.53
CA THR ND 50 65.70 54.14 -91.24
C THR ND 50 64.52 53.75 -92.11
N VAL ND 51 64.65 52.61 -92.79
CA VAL ND 51 63.64 52.12 -93.73
C VAL ND 51 63.24 50.72 -93.30
N SER ND 52 61.93 50.47 -93.23
CA SER ND 52 61.41 49.21 -92.74
C SER ND 52 60.19 48.81 -93.55
N VAL ND 53 60.08 47.51 -93.84
CA VAL ND 53 58.95 46.96 -94.57
C VAL ND 53 58.45 45.74 -93.81
N SER ND 54 57.30 45.89 -93.15
CA SER ND 54 56.73 44.82 -92.35
C SER ND 54 55.67 44.10 -93.17
N GLN ND 55 55.82 42.79 -93.30
CA GLN ND 55 54.85 41.94 -93.97
C GLN ND 55 53.63 41.72 -93.10
N PRO ND 56 52.54 41.27 -93.69
CA PRO ND 56 51.36 40.94 -92.88
C PRO ND 56 51.58 39.72 -92.02
N SER ND 57 51.66 39.94 -90.71
CA SER ND 57 51.70 38.84 -89.76
C SER ND 57 50.30 38.25 -89.57
N ARG ND 58 50.26 37.12 -88.88
CA ARG ND 58 48.99 36.47 -88.59
C ARG ND 58 48.10 37.33 -87.71
N ASN ND 59 48.67 38.31 -87.02
CA ASN ND 59 47.89 39.27 -86.26
C ASN ND 59 47.76 40.60 -86.99
N ARG ND 60 48.18 40.66 -88.25
CA ARG ND 60 48.28 41.95 -88.91
C ARG ND 60 47.47 42.06 -90.18
N LYS ND 61 47.72 41.16 -91.13
CA LYS ND 61 47.02 41.16 -92.41
C LYS ND 61 47.10 42.52 -93.10
N ASN ND 62 48.24 43.19 -92.97
CA ASN ND 62 48.42 44.49 -93.60
C ASN ND 62 49.91 44.75 -93.80
N TYR ND 63 50.27 45.14 -95.02
CA TYR ND 63 51.64 45.54 -95.29
C TYR ND 63 51.90 46.94 -94.75
N LYS ND 64 53.08 47.14 -94.17
CA LYS ND 64 53.44 48.42 -93.59
C LYS ND 64 54.83 48.83 -94.07
N VAL ND 65 55.01 50.12 -94.30
CA VAL ND 65 56.29 50.67 -94.68
C VAL ND 65 56.56 51.86 -93.78
N GLN ND 66 57.61 51.78 -92.99
CA GLN ND 66 57.98 52.84 -92.06
C GLN ND 66 59.28 53.47 -92.53
N VAL ND 67 59.35 54.79 -92.43
CA VAL ND 67 60.56 55.53 -92.77
C VAL ND 67 60.74 56.61 -91.72
N LYS ND 68 61.83 56.55 -90.96
CA LYS ND 68 62.11 57.55 -89.95
C LYS ND 68 63.41 58.28 -90.29
N ILE ND 69 63.42 59.58 -89.98
CA ILE ND 69 64.58 60.43 -90.23
C ILE ND 69 64.92 61.17 -88.95
N GLN ND 70 66.19 61.14 -88.59
CA GLN ND 70 66.69 61.81 -87.41
C GLN ND 70 67.76 62.81 -87.84
N ASN ND 71 67.65 64.04 -87.36
CA ASN ND 71 68.61 65.10 -87.66
C ASN ND 71 69.09 65.76 -86.39
N PRO ND 72 70.33 65.51 -85.96
CA PRO ND 72 70.83 66.18 -84.76
C PRO ND 72 71.49 67.50 -85.12
N THR ND 73 71.58 68.38 -84.12
CA THR ND 73 72.32 69.61 -84.29
C THR ND 73 73.61 69.58 -83.49
N ALA ND 74 74.65 70.20 -84.05
CA ALA ND 74 75.98 70.14 -83.45
C ALA ND 74 76.07 71.02 -82.21
N CYS ND 75 75.76 72.30 -82.35
CA CYS ND 75 75.96 73.29 -81.29
C CYS ND 75 77.35 73.13 -80.68
N THR ND 76 78.37 73.16 -81.53
CA THR ND 76 79.73 73.03 -81.05
C THR ND 76 80.08 74.16 -80.09
N ALA ND 77 80.71 73.81 -78.99
CA ALA ND 77 81.12 74.76 -77.97
C ALA ND 77 82.50 75.31 -78.29
N ASN ND 78 82.77 76.52 -77.83
CA ASN ND 78 84.03 77.20 -78.10
C ASN ND 78 85.14 76.56 -77.27
N GLY ND 79 85.43 75.31 -77.63
CA GLY ND 79 86.54 74.58 -77.07
C GLY ND 79 86.08 73.45 -76.16
N SER ND 80 87.01 72.95 -75.37
CA SER ND 80 86.77 72.07 -74.25
C SER ND 80 86.39 70.64 -74.61
N CYS ND 81 85.83 70.39 -75.79
CA CYS ND 81 85.88 69.10 -76.48
C CYS ND 81 84.80 69.05 -77.55
N ASP ND 82 84.73 67.93 -78.25
CA ASP ND 82 83.92 67.79 -79.44
C ASP ND 82 82.44 68.10 -79.15
N PRO ND 83 81.67 68.43 -80.18
CA PRO ND 83 80.34 69.00 -79.95
C PRO ND 83 79.43 68.09 -79.18
N SER ND 84 78.31 68.66 -78.76
CA SER ND 84 77.27 67.97 -78.02
C SER ND 84 75.93 68.19 -78.72
N VAL ND 85 75.15 67.12 -78.83
CA VAL ND 85 73.83 67.25 -79.45
C VAL ND 85 72.88 67.84 -78.42
N THR ND 86 72.25 68.93 -78.79
CA THR ND 86 71.22 69.54 -77.95
C THR ND 86 69.86 69.51 -78.60
N ARG ND 87 69.75 68.90 -79.78
CA ARG ND 87 68.65 69.16 -80.68
C ARG ND 87 68.47 67.98 -81.62
N GLN ND 88 67.25 67.49 -81.76
CA GLN ND 88 66.99 66.38 -82.66
C GLN ND 88 65.66 66.63 -83.36
N ALA ND 89 65.71 66.88 -84.66
CA ALA ND 89 64.51 66.92 -85.48
C ALA ND 89 64.14 65.51 -85.88
N TYR ND 90 62.90 65.13 -85.61
CA TYR ND 90 62.39 63.80 -85.91
C TYR ND 90 61.33 63.88 -87.00
N ALA ND 91 61.37 62.92 -87.91
CA ALA ND 91 60.33 62.76 -88.91
C ALA ND 91 60.02 61.28 -89.03
N ASP ND 92 58.75 60.95 -89.20
CA ASP ND 92 58.34 59.55 -89.25
C ASP ND 92 57.15 59.41 -90.18
N VAL ND 93 57.32 58.65 -91.23
CA VAL ND 93 56.24 58.34 -92.16
C VAL ND 93 55.91 56.87 -92.03
N THR ND 94 54.63 56.54 -92.14
CA THR ND 94 54.15 55.18 -91.97
C THR ND 94 53.03 54.95 -92.98
N PHE ND 95 53.36 54.33 -94.11
CA PHE ND 95 52.36 53.95 -95.09
C PHE ND 95 51.83 52.58 -94.76
N SER ND 96 50.52 52.41 -94.91
CA SER ND 96 49.87 51.12 -94.67
C SER ND 96 49.09 50.74 -95.92
N PHE ND 97 49.16 49.46 -96.26
CA PHE ND 97 48.47 48.96 -97.44
C PHE ND 97 47.85 47.60 -97.17
N THR ND 98 46.84 47.28 -97.96
CA THR ND 98 46.13 46.02 -97.90
C THR ND 98 46.86 44.96 -98.71
N GLN ND 99 46.67 43.70 -98.32
CA GLN ND 99 47.28 42.61 -99.08
C GLN ND 99 46.77 42.58 -100.50
N TYR ND 100 45.60 43.16 -100.76
CA TYR ND 100 45.05 43.30 -102.09
C TYR ND 100 45.29 44.69 -102.67
N SER ND 101 46.20 45.44 -102.07
CA SER ND 101 46.53 46.76 -102.55
C SER ND 101 47.21 46.65 -103.91
N THR ND 102 47.37 47.79 -104.58
CA THR ND 102 47.91 47.85 -105.92
C THR ND 102 49.14 48.75 -105.94
N ASP ND 103 50.13 48.35 -106.74
CA ASP ND 103 51.26 49.24 -106.98
C ASP ND 103 50.79 50.61 -107.41
N GLU ND 104 49.72 50.67 -108.19
CA GLU ND 104 49.21 51.96 -108.65
C GLU ND 104 48.80 52.82 -107.47
N GLU ND 105 48.00 52.24 -106.58
CA GLU ND 105 47.54 53.00 -105.44
C GLU ND 105 48.69 53.42 -104.56
N ARG ND 106 49.61 52.51 -104.27
CA ARG ND 106 50.80 52.96 -103.58
C ARG ND 106 51.40 54.16 -104.29
N ALA ND 107 51.75 54.00 -105.58
CA ALA ND 107 52.57 55.02 -106.21
C ALA ND 107 51.86 56.35 -106.16
N PHE ND 108 50.54 56.32 -106.27
CA PHE ND 108 49.78 57.54 -106.22
C PHE ND 108 49.89 58.18 -104.85
N VAL ND 109 49.69 57.40 -103.78
CA VAL ND 109 49.79 57.99 -102.45
C VAL ND 109 51.18 58.53 -102.23
N ARG ND 110 52.19 57.82 -102.72
CA ARG ND 110 53.56 58.25 -102.50
C ARG ND 110 53.77 59.62 -103.10
N THR ND 111 53.61 59.70 -104.42
CA THR ND 111 53.85 60.97 -105.08
C THR ND 111 52.95 62.05 -104.51
N GLU ND 112 51.80 61.69 -103.97
CA GLU ND 112 50.89 62.73 -103.53
C GLU ND 112 51.38 63.29 -102.21
N LEU ND 113 51.93 62.42 -101.37
CA LEU ND 113 52.62 62.87 -100.18
C LEU ND 113 53.79 63.77 -100.53
N ALA ND 114 54.56 63.40 -101.56
CA ALA ND 114 55.67 64.25 -101.96
C ALA ND 114 55.18 65.63 -102.39
N ALA ND 115 54.12 65.64 -103.19
CA ALA ND 115 53.59 66.90 -103.66
C ALA ND 115 53.08 67.75 -102.51
N LEU ND 116 52.43 67.14 -101.52
CA LEU ND 116 52.09 67.91 -100.32
C LEU ND 116 53.32 68.49 -99.68
N LEU ND 117 54.36 67.66 -99.49
CA LEU ND 117 55.55 68.16 -98.85
C LEU ND 117 56.11 69.36 -99.57
N ALA ND 118 55.89 69.46 -100.88
CA ALA ND 118 56.31 70.62 -101.63
C ALA ND 118 55.29 71.77 -101.64
N SER ND 119 54.01 71.47 -101.45
CA SER ND 119 52.98 72.46 -101.66
C SER ND 119 53.03 73.55 -100.59
N PRO ND 120 52.57 74.76 -100.93
CA PRO ND 120 52.69 75.87 -99.97
C PRO ND 120 52.09 75.57 -98.63
N LEU ND 121 50.99 74.82 -98.59
CA LEU ND 121 50.33 74.54 -97.33
C LEU ND 121 51.32 74.02 -96.30
N LEU ND 122 51.89 72.85 -96.55
CA LEU ND 122 52.82 72.32 -95.58
C LEU ND 122 54.02 73.23 -95.43
N ILE ND 123 54.35 74.03 -96.45
CA ILE ND 123 55.45 74.97 -96.28
C ILE ND 123 55.25 75.76 -95.01
N ASP ND 124 54.15 76.49 -94.93
CA ASP ND 124 53.91 77.29 -93.73
C ASP ND 124 53.63 76.42 -92.53
N ALA ND 125 52.96 75.30 -92.74
CA ALA ND 125 52.61 74.45 -91.61
C ALA ND 125 53.86 73.92 -90.90
N ILE ND 126 54.95 73.78 -91.64
CA ILE ND 126 56.16 73.17 -91.11
C ILE ND 126 57.16 74.25 -90.75
N ASP ND 127 57.57 75.01 -91.75
CA ASP ND 127 58.62 75.99 -91.57
C ASP ND 127 58.22 77.01 -90.51
N GLN ND 128 57.06 77.61 -90.69
CA GLN ND 128 56.55 78.62 -89.78
C GLN ND 128 55.84 78.02 -88.58
N LEU ND 129 55.53 76.74 -88.60
CA LEU ND 129 54.68 76.13 -87.58
C LEU ND 129 53.35 76.86 -87.45
N ASN ND 130 52.87 77.45 -88.54
CA ASN ND 130 51.58 78.12 -88.49
C ASN ND 130 50.46 77.10 -88.57
N PRO ND 131 49.53 77.07 -87.62
CA PRO ND 131 48.41 76.15 -87.74
C PRO ND 131 47.70 76.39 -89.06
N ALA ND 132 47.38 75.29 -89.74
CA ALA ND 132 46.64 75.40 -90.99
C ALA ND 132 45.35 76.16 -90.74
N TYR ND 133 45.26 77.37 -91.30
CA TYR ND 133 44.10 78.22 -91.07
C TYR ND 133 44.32 79.55 -91.76
N ALA OD 2 74.59 32.96 -96.75
CA ALA OD 2 73.68 33.05 -97.92
C ALA OD 2 73.08 34.45 -98.02
N LYS OD 3 73.83 35.39 -98.57
CA LYS OD 3 73.32 36.75 -98.71
C LYS OD 3 72.10 36.77 -99.63
N LEU OD 4 71.07 37.49 -99.22
CA LEU OD 4 69.87 37.59 -100.03
C LEU OD 4 70.10 38.53 -101.19
N GLU OD 5 69.68 38.09 -102.38
CA GLU OD 5 69.87 38.86 -103.59
C GLU OD 5 68.78 38.49 -104.58
N THR OD 6 68.55 39.38 -105.53
CA THR OD 6 67.58 39.13 -106.58
C THR OD 6 67.90 37.80 -107.27
N VAL OD 7 66.99 36.84 -107.13
CA VAL OD 7 67.19 35.51 -107.70
C VAL OD 7 66.56 35.48 -109.08
N THR OD 8 67.35 35.14 -110.07
CA THR OD 8 66.88 35.04 -111.44
C THR OD 8 66.93 33.57 -111.83
N LEU OD 9 65.81 33.02 -112.19
CA LEU OD 9 65.75 31.62 -112.59
C LEU OD 9 65.10 31.51 -113.96
N GLY OD 10 65.84 31.00 -114.92
CA GLY OD 10 65.39 30.85 -116.28
C GLY OD 10 65.19 29.38 -116.64
N ASN OD 11 64.69 29.18 -117.85
CA ASN OD 11 64.41 27.84 -118.35
C ASN OD 11 63.45 27.12 -117.41
N ILE OD 12 62.26 27.69 -117.30
CA ILE OD 12 61.24 27.27 -116.35
C ILE OD 12 60.00 26.90 -117.14
N GLY OD 13 59.17 26.02 -116.57
CA GLY OD 13 57.89 25.66 -117.15
C GLY OD 13 57.95 24.38 -117.97
N LYS OD 14 56.81 24.05 -118.58
CA LYS OD 14 56.74 22.84 -119.40
C LYS OD 14 57.84 22.82 -120.43
N ASP OD 15 57.94 23.90 -121.21
CA ASP OD 15 58.92 24.00 -122.26
C ASP OD 15 60.23 24.61 -121.78
N GLY OD 16 60.31 25.02 -120.53
CA GLY OD 16 61.52 25.62 -120.02
C GLY OD 16 61.88 26.90 -120.73
N LYS OD 17 60.92 27.82 -120.85
CA LYS OD 17 61.14 29.10 -121.51
C LYS OD 17 60.81 30.31 -120.65
N GLN OD 18 59.96 30.20 -119.65
CA GLN OD 18 59.60 31.34 -118.84
C GLN OD 18 60.75 31.68 -117.90
N THR OD 19 60.63 32.81 -117.20
CA THR OD 19 61.65 33.23 -116.24
C THR OD 19 60.98 33.77 -114.98
N LEU OD 20 61.71 33.69 -113.86
CA LEU OD 20 61.22 34.23 -112.60
C LEU OD 20 62.28 35.10 -111.95
N VAL OD 21 61.86 36.26 -111.49
CA VAL OD 21 62.71 37.19 -110.76
C VAL OD 21 62.12 37.34 -109.36
N LEU OD 22 62.84 36.82 -108.37
CA LEU OD 22 62.41 36.83 -106.98
C LEU OD 22 63.21 37.88 -106.22
N ASN OD 23 62.52 38.81 -105.62
CA ASN OD 23 63.24 39.79 -104.82
C ASN OD 23 63.23 39.39 -103.36
N PRO OD 24 64.22 39.83 -102.59
CA PRO OD 24 64.25 39.49 -101.17
C PRO OD 24 63.12 40.15 -100.42
N ARG OD 25 62.61 39.47 -99.40
CA ARG OD 25 61.60 40.02 -98.51
C ARG OD 25 62.11 40.08 -97.07
N GLY OD 26 63.41 40.04 -96.87
CA GLY OD 26 63.96 40.09 -95.54
C GLY OD 26 63.79 38.77 -94.81
N VAL OD 27 63.89 38.85 -93.49
CA VAL OD 27 63.82 37.69 -92.63
C VAL OD 27 62.90 38.00 -91.47
N ASN OD 28 62.07 37.05 -91.10
CA ASN OD 28 61.27 37.23 -89.91
C ASN OD 28 62.16 37.22 -88.68
N PRO OD 29 62.04 38.19 -87.78
CA PRO OD 29 62.85 38.15 -86.57
C PRO OD 29 62.47 37.03 -85.63
N THR OD 30 61.21 36.60 -85.65
CA THR OD 30 60.75 35.56 -84.74
C THR OD 30 61.10 34.18 -85.29
N ASN OD 31 60.59 33.86 -86.46
CA ASN OD 31 60.77 32.52 -87.01
C ASN OD 31 62.13 32.38 -87.69
N GLY OD 32 62.80 33.49 -87.97
CA GLY OD 32 64.16 33.44 -88.49
C GLY OD 32 64.26 32.77 -89.84
N VAL OD 33 63.43 33.19 -90.78
CA VAL OD 33 63.38 32.58 -92.11
C VAL OD 33 63.33 33.68 -93.15
N ALA OD 34 64.13 33.54 -94.20
CA ALA OD 34 64.16 34.51 -95.26
C ALA OD 34 63.06 34.22 -96.28
N SER OD 35 62.59 35.27 -96.93
CA SER OD 35 61.48 35.18 -97.86
C SER OD 35 61.78 35.99 -99.10
N LEU OD 36 61.36 35.47 -100.25
CA LEU OD 36 61.50 36.14 -101.52
C LEU OD 36 60.16 36.13 -102.25
N SER OD 37 59.96 37.13 -103.10
CA SER OD 37 58.71 37.25 -103.82
C SER OD 37 59.00 37.69 -105.24
N GLN OD 38 58.14 37.26 -106.16
CA GLN OD 38 58.17 37.79 -107.51
C GLN OD 38 57.60 39.20 -107.51
N ALA OD 39 58.20 40.07 -108.31
CA ALA OD 39 57.65 41.40 -108.47
C ALA OD 39 56.27 41.30 -109.11
N GLY OD 40 55.32 42.05 -108.57
CA GLY OD 40 53.97 41.97 -109.10
C GLY OD 40 53.17 43.18 -108.70
N ALA OD 41 51.95 43.24 -109.25
CA ALA OD 41 51.01 44.30 -108.96
C ALA OD 41 50.38 44.15 -107.59
N VAL OD 42 49.66 43.06 -107.39
CA VAL OD 42 48.86 42.86 -106.18
C VAL OD 42 49.64 41.93 -105.26
N PRO OD 43 50.10 42.40 -104.10
CA PRO OD 43 50.94 41.56 -103.24
C PRO OD 43 50.34 40.22 -102.92
N ALA OD 44 49.02 40.07 -102.97
CA ALA OD 44 48.43 38.76 -102.73
C ALA OD 44 48.73 37.77 -103.83
N LEU OD 45 49.14 38.24 -105.01
CA LEU OD 45 49.27 37.36 -106.18
C LEU OD 45 50.70 37.18 -106.64
N GLU OD 46 51.68 37.30 -105.74
CA GLU OD 46 53.08 37.11 -106.10
C GLU OD 46 53.58 35.77 -105.63
N LYS OD 47 54.35 35.11 -106.48
CA LYS OD 47 54.93 33.83 -106.17
C LYS OD 47 55.96 34.02 -105.06
N ARG OD 48 55.80 33.28 -103.98
CA ARG OD 48 56.65 33.45 -102.81
C ARG OD 48 57.51 32.21 -102.58
N VAL OD 49 58.64 32.42 -101.94
CA VAL OD 49 59.59 31.34 -101.67
C VAL OD 49 60.26 31.57 -100.34
N THR OD 50 60.21 30.57 -99.48
CA THR OD 50 60.78 30.67 -98.15
C THR OD 50 62.03 29.81 -98.03
N VAL OD 51 62.97 30.26 -97.21
CA VAL OD 51 64.19 29.52 -96.93
C VAL OD 51 64.49 29.64 -95.44
N SER OD 52 64.86 28.54 -94.82
CA SER OD 52 65.23 28.56 -93.42
C SER OD 52 66.19 27.42 -93.12
N VAL OD 53 67.13 27.66 -92.22
CA VAL OD 53 68.05 26.63 -91.74
C VAL OD 53 68.13 26.81 -90.23
N SER OD 54 67.42 25.97 -89.50
CA SER OD 54 67.45 26.05 -88.06
C SER OD 54 68.80 25.59 -87.53
N GLN OD 55 69.12 26.01 -86.34
CA GLN OD 55 70.35 25.61 -85.69
C GLN OD 55 70.11 24.36 -84.86
N PRO OD 56 71.19 23.69 -84.42
CA PRO OD 56 71.01 22.38 -83.79
C PRO OD 56 70.13 22.45 -82.56
N SER OD 57 69.35 21.40 -82.36
CA SER OD 57 68.52 21.27 -81.17
C SER OD 57 69.41 20.77 -80.03
N ARG OD 58 68.81 20.29 -78.94
CA ARG OD 58 69.57 19.83 -77.79
C ARG OD 58 69.75 18.32 -77.82
N ASN OD 59 71.01 17.87 -77.67
CA ASN OD 59 71.34 16.47 -77.42
C ASN OD 59 71.13 15.56 -78.63
N ARG OD 60 70.48 16.07 -79.67
CA ARG OD 60 70.36 15.34 -80.92
C ARG OD 60 70.86 16.19 -82.08
N LYS OD 61 70.61 17.49 -82.00
CA LYS OD 61 71.33 18.53 -82.71
C LYS OD 61 71.02 18.58 -84.21
N ASN OD 62 70.67 17.47 -84.84
CA ASN OD 62 69.75 17.42 -85.98
C ASN OD 62 69.65 18.64 -86.90
N TYR OD 63 70.70 19.07 -87.63
CA TYR OD 63 70.51 20.22 -88.52
C TYR OD 63 69.36 19.99 -89.47
N LYS OD 64 68.56 21.04 -89.67
CA LYS OD 64 67.42 20.99 -90.57
C LYS OD 64 67.37 22.22 -91.45
N VAL OD 65 66.85 22.05 -92.65
CA VAL OD 65 66.67 23.12 -93.61
C VAL OD 65 65.31 22.95 -94.27
N GLN OD 66 64.63 24.08 -94.51
CA GLN OD 66 63.28 24.07 -95.02
C GLN OD 66 63.17 25.04 -96.18
N VAL OD 67 62.36 24.69 -97.18
CA VAL OD 67 62.15 25.51 -98.36
C VAL OD 67 60.70 25.39 -98.78
N LYS OD 68 59.93 26.47 -98.61
CA LYS OD 68 58.51 26.50 -98.95
C LYS OD 68 58.32 27.39 -100.16
N ILE OD 69 57.91 26.79 -101.28
CA ILE OD 69 57.50 27.53 -102.47
C ILE OD 69 55.99 27.58 -102.49
N GLN OD 70 55.45 28.78 -102.62
CA GLN OD 70 54.01 28.98 -102.68
C GLN OD 70 53.69 29.75 -103.95
N ASN OD 71 52.73 29.26 -104.71
CA ASN OD 71 52.38 29.85 -106.00
C ASN OD 71 50.87 30.07 -106.08
N PRO OD 72 50.41 31.30 -106.12
CA PRO OD 72 48.97 31.56 -106.15
C PRO OD 72 48.45 31.78 -107.57
N THR OD 73 47.13 31.72 -107.69
CA THR OD 73 46.46 32.10 -108.92
C THR OD 73 45.01 32.38 -108.60
N ALA OD 74 44.59 33.62 -108.86
CA ALA OD 74 43.25 34.08 -108.61
C ALA OD 74 42.43 34.02 -109.89
N CYS OD 75 41.17 34.44 -109.78
CA CYS OD 75 40.30 34.52 -110.95
C CYS OD 75 39.23 35.56 -110.63
N THR OD 76 39.39 36.76 -111.15
CA THR OD 76 38.46 37.84 -110.84
C THR OD 76 37.05 37.45 -111.24
N ALA OD 77 36.19 37.28 -110.23
CA ALA OD 77 34.80 36.91 -110.48
C ALA OD 77 33.99 38.13 -110.94
N ASN OD 78 32.92 37.86 -111.68
CA ASN OD 78 32.11 38.93 -112.24
C ASN OD 78 31.42 39.71 -111.13
N GLY OD 79 31.57 41.03 -111.15
CA GLY OD 79 31.01 41.89 -110.15
C GLY OD 79 31.93 42.17 -108.97
N SER OD 80 33.02 41.45 -108.84
CA SER OD 80 33.97 41.66 -107.76
C SER OD 80 35.20 42.37 -108.31
N CYS OD 81 35.60 43.46 -107.66
CA CYS OD 81 36.77 44.23 -108.06
C CYS OD 81 38.03 43.76 -107.35
N ASP OD 82 38.09 42.48 -107.05
CA ASP OD 82 39.08 41.91 -106.16
C ASP OD 82 39.55 40.58 -106.73
N PRO OD 83 40.68 40.52 -107.38
CA PRO OD 83 41.16 39.21 -107.85
C PRO OD 83 41.52 38.30 -106.68
N SER OD 84 40.49 37.72 -106.08
CA SER OD 84 40.68 36.84 -104.93
C SER OD 84 41.40 35.56 -105.34
N VAL OD 85 42.38 35.15 -104.53
CA VAL OD 85 43.12 33.93 -104.80
C VAL OD 85 42.19 32.74 -104.62
N THR OD 86 42.01 31.96 -105.69
CA THR OD 86 41.19 30.77 -105.64
C THR OD 86 41.99 29.49 -105.86
N ARG OD 87 43.27 29.58 -106.15
CA ARG OD 87 44.09 28.40 -106.40
C ARG OD 87 45.48 28.64 -105.85
N GLN OD 88 46.05 27.60 -105.25
CA GLN OD 88 47.32 27.77 -104.54
C GLN OD 88 48.09 26.46 -104.62
N ALA OD 89 49.35 26.56 -105.02
CA ALA OD 89 50.24 25.42 -105.08
C ALA OD 89 51.31 25.55 -104.01
N TYR OD 90 51.52 24.50 -103.24
CA TYR OD 90 52.53 24.48 -102.19
C TYR OD 90 53.55 23.39 -102.46
N ALA OD 91 54.81 23.70 -102.18
CA ALA OD 91 55.89 22.74 -102.33
C ALA OD 91 56.84 22.92 -101.15
N ASP OD 92 56.86 21.94 -100.25
CA ASP OD 92 57.73 21.98 -99.08
C ASP OD 92 58.85 20.98 -99.30
N VAL OD 93 60.07 21.45 -99.22
CA VAL OD 93 61.24 20.59 -99.21
C VAL OD 93 61.91 20.72 -97.85
N THR OD 94 62.44 19.61 -97.35
CA THR OD 94 63.09 19.62 -96.05
C THR OD 94 64.28 18.69 -96.07
N PHE OD 95 65.42 19.19 -95.63
CA PHE OD 95 66.63 18.41 -95.48
C PHE OD 95 66.97 18.29 -94.00
N SER OD 96 67.42 17.10 -93.60
CA SER OD 96 67.89 16.88 -92.25
C SER OD 96 69.24 16.18 -92.30
N PHE OD 97 70.23 16.77 -91.64
CA PHE OD 97 71.59 16.26 -91.62
C PHE OD 97 72.02 16.08 -90.17
N THR OD 98 73.02 15.23 -89.99
CA THR OD 98 73.65 15.06 -88.69
C THR OD 98 74.65 16.18 -88.44
N GLN OD 99 74.90 16.43 -87.15
CA GLN OD 99 75.94 17.38 -86.79
C GLN OD 99 77.26 17.05 -87.44
N TYR OD 100 77.45 15.84 -87.92
CA TYR OD 100 78.74 15.43 -88.44
C TYR OD 100 78.67 15.24 -89.94
N SER OD 101 77.52 15.54 -90.53
CA SER OD 101 77.40 15.54 -91.98
C SER OD 101 78.50 16.41 -92.58
N THR OD 102 78.72 16.23 -93.87
CA THR OD 102 79.76 16.96 -94.57
C THR OD 102 79.18 17.60 -95.82
N ASP OD 103 79.75 18.74 -96.19
CA ASP OD 103 79.25 19.43 -97.37
C ASP OD 103 79.21 18.50 -98.56
N GLU OD 104 80.17 17.56 -98.64
CA GLU OD 104 80.15 16.60 -99.73
C GLU OD 104 78.78 15.99 -99.88
N GLU OD 105 78.33 15.23 -98.89
CA GLU OD 105 77.07 14.53 -99.03
C GLU OD 105 75.91 15.52 -99.07
N ARG OD 106 76.08 16.69 -98.44
CA ARG OD 106 74.99 17.66 -98.51
C ARG OD 106 74.66 18.02 -99.95
N ALA OD 107 75.64 18.55 -100.67
CA ALA OD 107 75.32 18.91 -102.05
C ALA OD 107 75.08 17.68 -102.89
N PHE OD 108 75.68 16.55 -102.53
CA PHE OD 108 75.27 15.30 -103.15
C PHE OD 108 73.76 15.21 -103.16
N VAL OD 109 73.15 15.33 -101.98
CA VAL OD 109 71.70 15.24 -101.86
C VAL OD 109 71.03 16.35 -102.64
N ARG OD 110 71.57 17.56 -102.57
CA ARG OD 110 70.93 18.66 -103.28
C ARG OD 110 70.79 18.33 -104.76
N THR OD 111 71.89 17.97 -105.39
CA THR OD 111 71.84 17.67 -106.81
C THR OD 111 71.07 16.37 -107.06
N GLU OD 112 71.01 15.47 -106.09
CA GLU OD 112 70.10 14.33 -106.22
C GLU OD 112 68.68 14.80 -106.47
N LEU OD 113 68.17 15.61 -105.55
CA LEU OD 113 66.82 16.11 -105.68
C LEU OD 113 66.67 16.85 -106.99
N ALA OD 114 67.69 17.63 -107.36
CA ALA OD 114 67.61 18.37 -108.61
C ALA OD 114 67.41 17.43 -109.79
N ALA OD 115 68.27 16.43 -109.91
CA ALA OD 115 68.20 15.54 -111.05
C ALA OD 115 66.90 14.74 -111.04
N LEU OD 116 66.40 14.38 -109.87
CA LEU OD 116 65.12 13.70 -109.84
C LEU OD 116 64.01 14.61 -110.35
N LEU OD 117 64.00 15.85 -109.88
CA LEU OD 117 63.01 16.80 -110.37
C LEU OD 117 63.11 17.01 -111.86
N ALA OD 118 64.28 16.75 -112.44
CA ALA OD 118 64.45 16.87 -113.89
C ALA OD 118 64.13 15.60 -114.66
N SER OD 119 64.27 14.43 -114.04
CA SER OD 119 64.14 13.18 -114.77
C SER OD 119 62.67 12.87 -115.05
N PRO OD 120 62.41 12.03 -116.05
CA PRO OD 120 61.02 11.77 -116.43
C PRO OD 120 60.18 11.23 -115.29
N LEU OD 121 60.79 10.52 -114.34
CA LEU OD 121 60.01 9.92 -113.27
C LEU OD 121 59.16 10.96 -112.56
N LEU OD 122 59.81 11.92 -111.91
CA LEU OD 122 59.02 12.90 -111.20
C LEU OD 122 58.23 13.78 -112.16
N ILE OD 123 58.68 13.89 -113.40
CA ILE OD 123 57.91 14.67 -114.37
C ILE OD 123 56.50 14.11 -114.50
N ASP OD 124 56.38 12.88 -114.99
CA ASP OD 124 55.05 12.32 -115.14
C ASP OD 124 54.39 12.07 -113.80
N ALA OD 125 55.17 12.03 -112.72
CA ALA OD 125 54.58 11.87 -111.40
C ALA OD 125 53.88 13.13 -110.91
N ILE OD 126 54.40 14.30 -111.27
CA ILE OD 126 53.95 15.57 -110.73
C ILE OD 126 53.09 16.34 -111.74
N ASP OD 127 53.59 16.54 -112.96
CA ASP OD 127 52.83 17.30 -113.94
C ASP OD 127 51.57 16.55 -114.34
N GLN OD 128 51.66 15.22 -114.44
CA GLN OD 128 50.54 14.40 -114.86
C GLN OD 128 49.93 13.60 -113.71
N LEU OD 129 50.51 13.65 -112.52
CA LEU OD 129 49.87 13.05 -111.35
C LEU OD 129 49.70 11.56 -111.55
N ASN OD 130 50.74 10.92 -112.03
CA ASN OD 130 50.66 9.51 -112.36
C ASN OD 130 51.40 8.72 -111.28
N PRO OD 131 50.70 8.03 -110.39
CA PRO OD 131 51.42 7.23 -109.40
C PRO OD 131 52.41 6.30 -110.08
N ALA OD 132 53.57 6.18 -109.46
CA ALA OD 132 54.66 5.41 -110.04
C ALA OD 132 54.44 3.91 -109.80
N TYR OD 133 54.51 3.13 -110.86
CA TYR OD 133 54.50 1.67 -110.75
C TYR OD 133 55.01 1.03 -112.03
N ALA PD 2 6.09 -16.65 -130.95
CA ALA PD 2 4.81 -16.81 -130.20
C ALA PD 2 3.98 -15.53 -130.28
N LYS PD 3 3.73 -15.06 -131.51
CA LYS PD 3 3.02 -13.81 -131.68
C LYS PD 3 1.54 -13.98 -131.42
N LEU PD 4 0.92 -12.93 -130.90
CA LEU PD 4 -0.48 -12.96 -130.51
C LEU PD 4 -1.35 -12.43 -131.63
N GLU PD 5 -2.30 -13.25 -132.06
CA GLU PD 5 -3.23 -12.87 -133.13
C GLU PD 5 -4.56 -13.56 -132.84
N THR PD 6 -5.52 -13.31 -133.70
CA THR PD 6 -6.79 -14.00 -133.61
C THR PD 6 -6.59 -15.45 -134.02
N VAL PD 7 -7.09 -16.37 -133.22
CA VAL PD 7 -7.02 -17.79 -133.49
C VAL PD 7 -8.42 -18.27 -133.85
N THR PD 8 -8.53 -18.91 -135.01
CA THR PD 8 -9.81 -19.36 -135.56
C THR PD 8 -9.84 -20.88 -135.38
N LEU PD 9 -10.54 -21.33 -134.35
CA LEU PD 9 -10.39 -22.68 -133.88
C LEU PD 9 -11.60 -23.46 -134.38
N GLY PD 10 -11.42 -24.26 -135.42
CA GLY PD 10 -12.55 -24.89 -136.09
C GLY PD 10 -12.71 -26.36 -135.79
N ASN PD 11 -13.82 -26.95 -136.25
CA ASN PD 11 -14.07 -28.37 -136.07
C ASN PD 11 -14.12 -28.72 -134.58
N ILE PD 12 -15.13 -28.17 -133.92
CA ILE PD 12 -15.22 -28.16 -132.47
C ILE PD 12 -16.56 -28.73 -132.03
N GLY PD 13 -16.52 -29.58 -131.02
CA GLY PD 13 -17.69 -30.03 -130.30
C GLY PD 13 -17.83 -31.53 -130.38
N LYS PD 14 -18.94 -32.02 -129.83
CA LYS PD 14 -19.26 -33.43 -129.99
C LYS PD 14 -19.21 -33.81 -131.46
N ASP PD 15 -19.84 -33.01 -132.28
CA ASP PD 15 -20.01 -33.28 -133.69
C ASP PD 15 -18.88 -32.67 -134.51
N GLY PD 16 -18.10 -31.76 -133.92
CA GLY PD 16 -17.00 -31.10 -134.60
C GLY PD 16 -17.41 -30.18 -135.73
N LYS PD 17 -18.42 -29.35 -135.50
CA LYS PD 17 -18.78 -28.30 -136.45
C LYS PD 17 -18.77 -26.88 -135.90
N GLN PD 18 -18.76 -26.68 -134.59
CA GLN PD 18 -18.66 -25.30 -134.12
C GLN PD 18 -17.25 -24.76 -134.36
N THR PD 19 -17.12 -23.45 -134.15
CA THR PD 19 -15.85 -22.75 -134.32
C THR PD 19 -15.78 -21.60 -133.33
N LEU PD 20 -14.59 -21.36 -132.82
CA LEU PD 20 -14.36 -20.34 -131.80
C LEU PD 20 -13.32 -19.35 -132.30
N VAL PD 21 -13.65 -18.07 -132.23
CA VAL PD 21 -12.76 -17.01 -132.65
C VAL PD 21 -12.21 -16.36 -131.39
N LEU PD 22 -10.91 -16.49 -131.17
CA LEU PD 22 -10.27 -15.97 -129.97
C LEU PD 22 -9.39 -14.79 -130.35
N ASN PD 23 -9.72 -13.65 -129.86
CA ASN PD 23 -8.97 -12.42 -130.00
C ASN PD 23 -7.97 -12.29 -128.86
N PRO PD 24 -6.77 -11.80 -129.14
CA PRO PD 24 -5.78 -11.62 -128.07
C PRO PD 24 -6.16 -10.52 -127.10
N ARG PD 25 -5.36 -10.44 -126.04
CA ARG PD 25 -5.58 -9.53 -124.93
C ARG PD 25 -4.23 -8.93 -124.56
N GLY PD 26 -4.11 -8.38 -123.36
CA GLY PD 26 -2.84 -7.87 -122.85
C GLY PD 26 -2.19 -8.88 -121.93
N VAL PD 27 -0.90 -9.10 -122.11
CA VAL PD 27 -0.19 -10.10 -121.33
C VAL PD 27 0.05 -9.55 -119.92
N ASN PD 28 -0.34 -10.32 -118.91
CA ASN PD 28 -0.22 -9.86 -117.54
C ASN PD 28 1.23 -9.58 -117.19
N PRO PD 29 1.59 -8.32 -116.98
CA PRO PD 29 2.98 -8.04 -116.58
C PRO PD 29 3.34 -8.65 -115.25
N THR PD 30 2.37 -8.87 -114.36
CA THR PD 30 2.71 -9.34 -113.04
C THR PD 30 3.35 -10.71 -113.06
N ASN PD 31 2.98 -11.56 -114.02
CA ASN PD 31 3.55 -12.89 -114.11
C ASN PD 31 3.83 -13.34 -115.53
N GLY PD 32 3.71 -12.46 -116.51
CA GLY PD 32 4.00 -12.85 -117.88
C GLY PD 32 3.04 -13.91 -118.35
N VAL PD 33 1.78 -13.55 -118.58
CA VAL PD 33 0.77 -14.48 -119.03
C VAL PD 33 -0.05 -13.83 -120.13
N ALA PD 34 0.01 -14.38 -121.33
CA ALA PD 34 -0.78 -13.89 -122.45
C ALA PD 34 -2.16 -14.51 -122.41
N SER PD 35 -3.13 -13.80 -122.97
CA SER PD 35 -4.52 -14.19 -122.83
C SER PD 35 -5.28 -14.04 -124.14
N LEU PD 36 -6.21 -14.97 -124.34
CA LEU PD 36 -7.10 -15.02 -125.49
C LEU PD 36 -8.53 -15.06 -124.98
N SER PD 37 -9.44 -14.42 -125.70
CA SER PD 37 -10.83 -14.39 -125.27
C SER PD 37 -11.75 -14.42 -126.48
N GLN PD 38 -12.99 -14.84 -126.24
CA GLN PD 38 -13.99 -14.95 -127.29
C GLN PD 38 -14.03 -13.66 -128.08
N ALA PD 39 -14.53 -13.73 -129.32
CA ALA PD 39 -14.59 -12.54 -130.16
C ALA PD 39 -15.35 -11.40 -129.48
N GLY PD 40 -16.13 -11.70 -128.46
CA GLY PD 40 -16.94 -10.71 -127.80
C GLY PD 40 -18.40 -10.85 -128.20
N ALA PD 41 -19.22 -9.94 -127.68
CA ALA PD 41 -18.76 -8.84 -126.84
C ALA PD 41 -18.54 -9.26 -125.39
N VAL PD 42 -19.64 -9.55 -124.69
CA VAL PD 42 -19.52 -9.97 -123.29
C VAL PD 42 -18.71 -11.25 -123.17
N PRO PD 43 -18.83 -12.23 -124.06
CA PRO PD 43 -18.06 -13.47 -123.88
C PRO PD 43 -16.56 -13.22 -123.83
N ALA PD 44 -16.09 -12.09 -124.36
CA ALA PD 44 -14.66 -11.78 -124.20
C ALA PD 44 -14.29 -11.64 -122.73
N LEU PD 45 -15.26 -11.27 -121.89
CA LEU PD 45 -15.08 -11.29 -120.45
C LEU PD 45 -15.76 -12.49 -119.80
N GLU PD 46 -15.96 -13.59 -120.55
CA GLU PD 46 -16.36 -14.86 -119.97
C GLU PD 46 -15.41 -16.00 -120.37
N LYS PD 47 -15.21 -16.23 -121.66
CA LYS PD 47 -14.29 -17.25 -122.15
C LYS PD 47 -12.86 -16.75 -122.08
N ARG PD 48 -11.94 -17.61 -121.66
CA ARG PD 48 -10.55 -17.17 -121.51
C ARG PD 48 -9.59 -18.33 -121.76
N VAL PD 49 -8.41 -17.98 -122.27
CA VAL PD 49 -7.36 -18.96 -122.56
C VAL PD 49 -6.04 -18.30 -122.21
N THR PD 50 -5.37 -18.80 -121.19
CA THR PD 50 -4.11 -18.22 -120.73
C THR PD 50 -2.95 -19.08 -121.19
N VAL PD 51 -1.84 -18.44 -121.53
CA VAL PD 51 -0.63 -19.14 -121.95
C VAL PD 51 0.57 -18.44 -121.34
N SER PD 52 1.51 -19.22 -120.82
CA SER PD 52 2.73 -18.66 -120.24
C SER PD 52 3.86 -19.66 -120.37
N VAL PD 53 5.09 -19.14 -120.34
CA VAL PD 53 6.29 -19.97 -120.41
C VAL PD 53 7.28 -19.42 -119.38
N SER PD 54 7.34 -20.06 -118.23
CA SER PD 54 8.33 -19.72 -117.24
C SER PD 54 9.68 -20.28 -117.66
N GLN PD 55 10.67 -19.41 -117.73
CA GLN PD 55 12.05 -19.76 -118.06
C GLN PD 55 12.73 -20.39 -116.85
N PRO PD 56 13.89 -21.02 -117.06
CA PRO PD 56 14.67 -21.55 -115.94
C PRO PD 56 14.93 -20.50 -114.86
N SER PD 57 15.22 -20.94 -113.65
CA SER PD 57 15.33 -20.06 -112.51
C SER PD 57 15.85 -20.87 -111.33
N ARG PD 58 15.89 -20.25 -110.16
CA ARG PD 58 16.32 -20.96 -108.96
C ARG PD 58 15.37 -22.11 -108.64
N ASN PD 59 14.06 -21.85 -108.78
CA ASN PD 59 13.06 -22.90 -108.61
C ASN PD 59 12.84 -23.68 -109.89
N ARG PD 60 12.80 -22.98 -111.02
CA ARG PD 60 12.79 -23.60 -112.35
C ARG PD 60 14.10 -24.28 -112.69
N LYS PD 61 14.10 -25.21 -113.65
CA LYS PD 61 15.33 -25.84 -114.06
C LYS PD 61 15.58 -26.19 -115.54
N ASN PD 62 14.68 -26.86 -116.30
CA ASN PD 62 13.21 -27.03 -116.23
C ASN PD 62 12.34 -25.82 -116.58
N TYR PD 63 12.37 -25.50 -117.88
CA TYR PD 63 11.31 -24.69 -118.50
C TYR PD 63 9.94 -25.26 -118.17
N LYS PD 64 8.94 -24.37 -118.04
CA LYS PD 64 7.56 -24.79 -117.79
C LYS PD 64 6.63 -24.00 -118.69
N VAL PD 65 5.84 -24.69 -119.49
CA VAL PD 65 4.84 -24.05 -120.33
C VAL PD 65 3.47 -24.42 -119.80
N GLN PD 66 2.69 -23.39 -119.45
CA GLN PD 66 1.37 -23.57 -118.86
C GLN PD 66 0.32 -23.00 -119.80
N VAL PD 67 -0.79 -23.72 -119.93
CA VAL PD 67 -1.90 -23.31 -120.78
C VAL PD 67 -3.20 -23.63 -120.05
N LYS PD 68 -3.96 -22.60 -119.71
CA LYS PD 68 -5.22 -22.77 -119.01
C LYS PD 68 -6.37 -22.42 -119.94
N ILE PD 69 -7.46 -23.14 -119.80
CA ILE PD 69 -8.70 -22.82 -120.50
C ILE PD 69 -9.81 -22.66 -119.48
N GLN PD 70 -10.55 -21.56 -119.62
CA GLN PD 70 -11.70 -21.22 -118.78
C GLN PD 70 -12.89 -21.07 -119.70
N ASN PD 71 -13.94 -21.85 -119.48
CA ASN PD 71 -15.22 -21.64 -120.16
C ASN PD 71 -16.33 -21.58 -119.13
N PRO PD 72 -16.82 -20.40 -118.79
CA PRO PD 72 -17.93 -20.31 -117.85
C PRO PD 72 -19.27 -20.33 -118.57
N THR PD 73 -20.10 -21.31 -118.29
CA THR PD 73 -21.44 -21.30 -118.85
C THR PD 73 -22.38 -20.60 -117.90
N ALA PD 74 -23.11 -19.64 -118.44
CA ALA PD 74 -24.01 -18.79 -117.69
C ALA PD 74 -25.39 -18.87 -118.34
N CYS PD 75 -26.31 -18.14 -117.76
CA CYS PD 75 -27.67 -18.10 -118.31
C CYS PD 75 -28.50 -17.10 -117.54
N THR PD 76 -29.75 -16.99 -117.96
CA THR PD 76 -30.63 -15.89 -117.57
C THR PD 76 -31.88 -16.46 -116.92
N ALA PD 77 -32.06 -16.19 -115.63
CA ALA PD 77 -33.27 -16.63 -114.95
C ALA PD 77 -34.48 -15.92 -115.54
N ASN PD 78 -35.63 -16.58 -115.46
CA ASN PD 78 -36.84 -16.04 -116.07
C ASN PD 78 -37.32 -14.82 -115.27
N GLY PD 79 -36.95 -13.64 -115.76
CA GLY PD 79 -37.25 -12.39 -115.08
C GLY PD 79 -36.01 -11.54 -114.97
N SER PD 80 -34.87 -12.20 -114.91
CA SER PD 80 -33.57 -11.54 -114.82
C SER PD 80 -33.20 -10.90 -116.15
N CYS PD 81 -32.14 -10.09 -116.14
CA CYS PD 81 -31.65 -9.47 -117.36
C CYS PD 81 -30.19 -9.82 -117.62
N ASP PD 82 -29.35 -9.56 -116.64
CA ASP PD 82 -27.92 -9.88 -116.75
C ASP PD 82 -27.69 -11.37 -116.54
N PRO PD 83 -26.99 -12.04 -117.46
CA PRO PD 83 -26.73 -13.47 -117.27
C PRO PD 83 -25.73 -13.73 -116.16
N SER PD 84 -26.01 -14.74 -115.34
CA SER PD 84 -25.14 -15.14 -114.26
C SER PD 84 -24.53 -16.50 -114.57
N VAL PD 85 -23.28 -16.68 -114.16
CA VAL PD 85 -22.56 -17.92 -114.44
C VAL PD 85 -23.04 -19.02 -113.51
N THR PD 86 -23.55 -20.10 -114.09
CA THR PD 86 -24.02 -21.22 -113.28
C THR PD 86 -23.00 -22.33 -113.19
N ARG PD 87 -22.19 -22.52 -114.22
CA ARG PD 87 -21.20 -23.58 -114.21
C ARG PD 87 -19.91 -23.04 -114.80
N GLN PD 88 -18.82 -23.71 -114.49
CA GLN PD 88 -17.50 -23.23 -114.89
C GLN PD 88 -16.62 -24.41 -115.21
N ALA PD 89 -16.34 -24.65 -116.47
CA ALA PD 89 -15.40 -25.69 -116.84
C ALA PD 89 -14.03 -25.06 -117.04
N TYR PD 90 -12.99 -25.82 -116.73
CA TYR PD 90 -11.67 -25.35 -117.11
C TYR PD 90 -10.67 -26.48 -117.04
N ALA PD 91 -9.59 -26.31 -117.80
CA ALA PD 91 -8.57 -27.33 -117.95
C ALA PD 91 -7.19 -26.70 -117.88
N ASP PD 92 -6.22 -27.51 -117.49
CA ASP PD 92 -4.87 -27.06 -117.17
C ASP PD 92 -3.87 -27.98 -117.87
N VAL PD 93 -3.03 -27.43 -118.73
CA VAL PD 93 -1.97 -28.15 -119.42
C VAL PD 93 -0.63 -27.60 -118.95
N THR PD 94 0.28 -28.50 -118.56
CA THR PD 94 1.57 -28.08 -118.01
C THR PD 94 2.65 -28.99 -118.56
N PHE PD 95 3.48 -28.47 -119.45
CA PHE PD 95 4.64 -29.18 -119.94
C PHE PD 95 5.87 -28.74 -119.15
N SER PD 96 6.66 -29.70 -118.70
CA SER PD 96 7.94 -29.42 -118.06
C SER PD 96 9.03 -29.97 -118.96
N PHE PD 97 9.85 -29.08 -119.50
CA PHE PD 97 10.94 -29.45 -120.39
C PHE PD 97 12.28 -29.15 -119.73
N THR PD 98 13.24 -30.01 -120.02
CA THR PD 98 14.55 -29.86 -119.42
C THR PD 98 15.39 -28.90 -120.25
N GLN PD 99 16.42 -28.37 -119.58
CA GLN PD 99 17.25 -27.36 -120.21
C GLN PD 99 17.82 -27.88 -121.52
N TYR PD 100 18.20 -29.15 -121.55
CA TYR PD 100 18.76 -29.76 -122.76
C TYR PD 100 17.70 -30.35 -123.66
N SER PD 101 16.43 -30.14 -123.34
CA SER PD 101 15.37 -30.64 -124.20
C SER PD 101 15.58 -30.13 -125.62
N THR PD 102 14.93 -30.79 -126.58
CA THR PD 102 15.09 -30.47 -127.98
C THR PD 102 13.74 -30.23 -128.63
N ASP PD 103 13.73 -29.34 -129.62
CA ASP PD 103 12.49 -29.03 -130.30
C ASP PD 103 11.77 -30.28 -130.78
N GLU PD 104 12.50 -31.23 -131.36
CA GLU PD 104 11.85 -32.37 -131.96
C GLU PD 104 10.99 -33.08 -130.92
N GLU PD 105 11.60 -33.43 -129.79
CA GLU PD 105 10.86 -34.10 -128.74
C GLU PD 105 9.78 -33.20 -128.17
N ARG PD 106 9.98 -31.89 -128.17
CA ARG PD 106 8.92 -31.02 -127.68
C ARG PD 106 7.66 -31.16 -128.53
N ALA PD 107 7.80 -30.99 -129.84
CA ALA PD 107 6.61 -31.10 -130.69
C ALA PD 107 6.06 -32.51 -130.65
N PHE PD 108 6.96 -33.49 -130.54
CA PHE PD 108 6.51 -34.85 -130.40
C PHE PD 108 5.54 -34.97 -129.24
N VAL PD 109 5.93 -34.46 -128.07
CA VAL PD 109 5.03 -34.46 -126.91
C VAL PD 109 3.74 -33.74 -127.24
N ARG PD 110 3.86 -32.59 -127.87
CA ARG PD 110 2.68 -31.77 -128.13
C ARG PD 110 1.66 -32.55 -128.94
N THR PD 111 2.04 -32.94 -130.14
CA THR PD 111 1.09 -33.62 -131.01
C THR PD 111 0.72 -35.00 -130.48
N GLU PD 112 1.53 -35.56 -129.58
CA GLU PD 112 1.11 -36.79 -128.92
C GLU PD 112 -0.07 -36.54 -128.00
N LEU PD 113 0.01 -35.46 -127.21
CA LEU PD 113 -1.12 -35.09 -126.38
C LEU PD 113 -2.32 -34.78 -127.25
N ALA PD 114 -2.08 -34.17 -128.40
CA ALA PD 114 -3.17 -33.89 -129.33
C ALA PD 114 -3.84 -35.17 -129.79
N ALA PD 115 -3.04 -36.14 -130.21
CA ALA PD 115 -3.59 -37.38 -130.71
C ALA PD 115 -4.34 -38.14 -129.62
N LEU PD 116 -3.80 -38.15 -128.40
CA LEU PD 116 -4.53 -38.79 -127.31
C LEU PD 116 -5.84 -38.08 -127.05
N LEU PD 117 -5.82 -36.75 -127.05
CA LEU PD 117 -7.06 -35.99 -126.96
C LEU PD 117 -8.07 -36.44 -128.00
N ALA PD 118 -7.61 -36.67 -129.22
CA ALA PD 118 -8.50 -37.07 -130.29
C ALA PD 118 -8.84 -38.55 -130.27
N SER PD 119 -8.17 -39.34 -129.45
CA SER PD 119 -8.35 -40.77 -129.48
C SER PD 119 -9.61 -41.21 -128.73
N PRO PD 120 -10.20 -42.35 -129.10
CA PRO PD 120 -11.44 -42.77 -128.44
C PRO PD 120 -11.31 -42.88 -126.94
N LEU PD 121 -10.15 -43.31 -126.46
CA LEU PD 121 -9.98 -43.51 -125.03
C LEU PD 121 -10.28 -42.22 -124.27
N LEU PD 122 -9.59 -41.15 -124.65
CA LEU PD 122 -9.74 -39.91 -123.90
C LEU PD 122 -11.09 -39.27 -124.14
N ILE PD 123 -11.62 -39.38 -125.36
CA ILE PD 123 -12.95 -38.82 -125.62
C ILE PD 123 -13.96 -39.48 -124.70
N ASP PD 124 -13.89 -40.81 -124.57
CA ASP PD 124 -14.82 -41.50 -123.70
C ASP PD 124 -14.58 -41.13 -122.24
N ALA PD 125 -13.32 -41.03 -121.85
CA ALA PD 125 -13.02 -40.71 -120.47
C ALA PD 125 -13.33 -39.28 -120.10
N ILE PD 126 -13.56 -38.41 -121.08
CA ILE PD 126 -13.77 -37.00 -120.79
C ILE PD 126 -15.25 -36.65 -120.94
N ASP PD 127 -15.84 -36.93 -122.10
CA ASP PD 127 -17.22 -36.53 -122.28
C ASP PD 127 -18.14 -37.27 -121.32
N GLN PD 128 -17.90 -38.56 -121.15
CA GLN PD 128 -18.75 -39.39 -120.30
C GLN PD 128 -18.13 -39.64 -118.94
N LEU PD 129 -16.93 -39.13 -118.70
CA LEU PD 129 -16.17 -39.39 -117.47
C LEU PD 129 -16.07 -40.89 -117.21
N ASN PD 130 -15.82 -41.66 -118.25
CA ASN PD 130 -15.74 -43.09 -118.09
C ASN PD 130 -14.31 -43.48 -117.77
N PRO PD 131 -14.01 -43.97 -116.58
CA PRO PD 131 -12.67 -44.52 -116.34
C PRO PD 131 -12.43 -45.70 -117.28
N ALA PD 132 -11.17 -45.98 -117.52
CA ALA PD 132 -10.82 -46.99 -118.50
C ALA PD 132 -10.90 -48.37 -117.85
N TYR PD 133 -12.08 -49.00 -117.96
CA TYR PD 133 -12.25 -50.46 -117.86
C TYR PD 133 -13.13 -50.94 -119.01
N ALA QD 2 13.18 1.05 -131.06
CA ALA QD 2 14.05 -0.08 -130.61
C ALA QD 2 13.41 -1.43 -130.93
N LYS QD 3 12.58 -1.43 -131.98
CA LYS QD 3 11.83 -2.61 -132.35
C LYS QD 3 12.74 -3.83 -132.51
N LEU QD 4 12.32 -4.94 -131.93
CA LEU QD 4 13.09 -6.17 -132.04
C LEU QD 4 13.14 -6.66 -133.48
N GLU QD 5 14.24 -7.33 -133.83
CA GLU QD 5 14.42 -7.86 -135.17
C GLU QD 5 15.70 -8.67 -135.19
N THR QD 6 15.95 -9.30 -136.34
CA THR QD 6 17.12 -10.14 -136.54
C THR QD 6 18.41 -9.33 -136.51
N VAL QD 7 19.19 -9.48 -135.45
CA VAL QD 7 20.46 -8.78 -135.32
C VAL QD 7 21.52 -9.54 -136.08
N THR QD 8 22.23 -8.85 -136.97
CA THR QD 8 23.27 -9.44 -137.82
C THR QD 8 24.60 -8.76 -137.47
N LEU QD 9 25.35 -9.39 -136.59
CA LEU QD 9 26.69 -8.92 -136.26
C LEU QD 9 27.66 -9.42 -137.32
N GLY QD 10 28.41 -8.49 -137.90
CA GLY QD 10 29.34 -8.83 -138.96
C GLY QD 10 30.62 -9.43 -138.42
N ASN QD 11 31.76 -9.00 -138.94
CA ASN QD 11 33.02 -9.65 -138.61
C ASN QD 11 33.24 -9.66 -137.12
N ILE QD 12 33.77 -10.77 -136.63
CA ILE QD 12 33.79 -11.13 -135.23
C ILE QD 12 34.99 -12.01 -134.97
N GLY QD 13 35.61 -11.85 -133.81
CA GLY QD 13 36.72 -12.68 -133.39
C GLY QD 13 38.05 -11.99 -133.65
N LYS QD 14 39.09 -12.81 -133.75
CA LYS QD 14 40.44 -12.27 -133.83
C LYS QD 14 40.75 -11.83 -135.24
N ASP QD 15 40.69 -12.77 -136.17
CA ASP QD 15 40.77 -12.42 -137.57
C ASP QD 15 39.57 -11.61 -138.02
N GLY QD 16 38.50 -11.56 -137.22
CA GLY QD 16 37.32 -10.84 -137.61
C GLY QD 16 36.73 -11.40 -138.89
N LYS QD 17 36.25 -12.64 -138.84
CA LYS QD 17 35.73 -13.31 -140.02
C LYS QD 17 34.40 -14.02 -139.82
N GLN QD 18 34.01 -14.38 -138.61
CA GLN QD 18 32.72 -15.03 -138.43
C GLN QD 18 31.64 -13.99 -138.30
N THR QD 19 30.39 -14.46 -138.31
CA THR QD 19 29.23 -13.58 -138.23
C THR QD 19 28.19 -14.23 -137.34
N LEU QD 20 27.33 -13.39 -136.77
CA LEU QD 20 26.34 -13.85 -135.81
C LEU QD 20 24.97 -13.35 -136.23
N VAL QD 21 23.98 -14.20 -136.07
CA VAL QD 21 22.61 -13.89 -136.45
C VAL QD 21 21.74 -14.27 -135.26
N LEU QD 22 21.31 -13.27 -134.50
CA LEU QD 22 20.42 -13.47 -133.37
C LEU QD 22 19.00 -13.17 -133.81
N ASN QD 23 18.12 -14.14 -133.64
CA ASN QD 23 16.72 -13.91 -133.94
C ASN QD 23 16.02 -13.30 -132.74
N PRO QD 24 14.94 -12.57 -132.98
CA PRO QD 24 14.21 -11.93 -131.87
C PRO QD 24 13.33 -12.95 -131.17
N ARG QD 25 13.59 -13.17 -129.89
CA ARG QD 25 12.79 -14.15 -129.15
C ARG QD 25 11.56 -13.52 -128.53
N GLY QD 26 11.75 -12.56 -127.64
CA GLY QD 26 10.61 -11.94 -127.00
C GLY QD 26 11.03 -10.95 -125.95
N VAL QD 27 10.12 -10.71 -125.02
CA VAL QD 27 10.29 -9.68 -124.00
C VAL QD 27 9.71 -10.20 -122.69
N ASN QD 28 10.56 -10.47 -121.72
CA ASN QD 28 10.05 -10.78 -120.40
C ASN QD 28 9.48 -9.51 -119.80
N PRO QD 29 8.20 -9.49 -119.43
CA PRO QD 29 7.64 -8.31 -118.78
C PRO QD 29 7.93 -8.25 -117.29
N THR QD 30 8.07 -9.42 -116.65
CA THR QD 30 8.32 -9.43 -115.20
C THR QD 30 9.46 -8.52 -114.84
N ASN QD 31 10.36 -8.28 -115.78
CA ASN QD 31 11.53 -7.45 -115.57
C ASN QD 31 11.82 -6.56 -116.76
N GLY QD 32 10.94 -6.52 -117.75
CA GLY QD 32 11.05 -5.62 -118.87
C GLY QD 32 12.39 -5.76 -119.57
N VAL QD 33 12.66 -6.94 -120.10
CA VAL QD 33 13.93 -7.17 -120.78
C VAL QD 33 13.71 -8.01 -122.02
N ALA QD 34 14.19 -7.50 -123.15
CA ALA QD 34 14.07 -8.21 -124.41
C ALA QD 34 15.22 -9.19 -124.56
N SER QD 35 14.94 -10.31 -125.17
CA SER QD 35 15.90 -11.39 -125.35
C SER QD 35 16.07 -11.70 -126.83
N LEU QD 36 17.32 -11.91 -127.22
CA LEU QD 36 17.66 -12.39 -128.54
C LEU QD 36 18.52 -13.63 -128.39
N SER QD 37 18.39 -14.55 -129.33
CA SER QD 37 19.14 -15.80 -129.25
C SER QD 37 19.58 -16.20 -130.65
N GLN QD 38 20.72 -16.87 -130.71
CA GLN QD 38 21.14 -17.41 -131.99
C GLN QD 38 20.28 -18.60 -132.35
N ALA QD 39 20.03 -18.77 -133.65
CA ALA QD 39 19.14 -19.80 -134.11
C ALA QD 39 19.70 -21.18 -133.77
N GLY QD 40 18.89 -21.98 -133.10
CA GLY QD 40 19.29 -23.33 -132.75
C GLY QD 40 18.06 -24.12 -132.36
N ALA QD 41 18.28 -25.19 -131.62
CA ALA QD 41 17.16 -25.96 -131.08
C ALA QD 41 17.28 -26.13 -129.58
N VAL QD 42 18.47 -26.46 -129.09
CA VAL QD 42 18.65 -26.82 -127.69
C VAL QD 42 18.97 -25.56 -126.90
N PRO QD 43 18.06 -25.07 -126.05
CA PRO QD 43 18.27 -23.76 -125.45
C PRO QD 43 19.54 -23.66 -124.63
N ALA QD 44 20.07 -24.78 -124.17
CA ALA QD 44 21.29 -24.76 -123.39
C ALA QD 44 22.51 -24.43 -124.24
N LEU QD 45 22.39 -24.40 -125.55
CA LEU QD 45 23.54 -24.27 -126.44
C LEU QD 45 23.30 -23.20 -127.49
N GLU QD 46 22.87 -22.02 -127.06
CA GLU QD 46 22.79 -20.88 -127.97
C GLU QD 46 23.39 -19.66 -127.31
N LYS QD 47 23.90 -18.77 -128.14
CA LYS QD 47 24.37 -17.47 -127.69
C LYS QD 47 23.16 -16.58 -127.43
N ARG QD 48 23.07 -16.05 -126.22
CA ARG QD 48 21.91 -15.28 -125.80
C ARG QD 48 22.32 -13.86 -125.46
N VAL QD 49 21.39 -12.94 -125.67
CA VAL QD 49 21.62 -11.52 -125.45
C VAL QD 49 20.38 -10.94 -124.79
N THR QD 50 20.56 -10.06 -123.82
CA THR QD 50 19.44 -9.44 -123.13
C THR QD 50 19.65 -7.95 -123.04
N VAL QD 51 18.60 -7.18 -123.34
CA VAL QD 51 18.63 -5.73 -123.33
C VAL QD 51 17.55 -5.23 -122.38
N SER QD 52 17.95 -4.33 -121.47
CA SER QD 52 17.09 -3.88 -120.38
C SER QD 52 17.18 -2.37 -120.27
N VAL QD 53 16.05 -1.71 -120.06
CA VAL QD 53 15.97 -0.25 -119.95
C VAL QD 53 15.15 0.09 -118.71
N SER QD 54 15.84 0.38 -117.60
CA SER QD 54 15.17 0.62 -116.34
C SER QD 54 14.92 2.10 -116.15
N GLN QD 55 13.66 2.43 -115.89
CA GLN QD 55 13.18 3.79 -115.74
C GLN QD 55 13.45 4.34 -114.35
N PRO QD 56 13.36 5.66 -114.19
CA PRO QD 56 13.80 6.30 -112.95
C PRO QD 56 12.80 6.00 -111.84
N SER QD 57 13.21 5.17 -110.90
CA SER QD 57 12.33 4.85 -109.80
C SER QD 57 12.25 6.02 -108.84
N ARG QD 58 11.29 5.96 -107.92
CA ARG QD 58 11.28 6.91 -106.82
C ARG QD 58 12.42 6.64 -105.85
N ASN QD 59 13.13 5.52 -106.01
CA ASN QD 59 14.22 5.14 -105.13
C ASN QD 59 15.60 5.44 -105.71
N ARG QD 60 15.73 5.56 -107.03
CA ARG QD 60 17.03 5.64 -107.67
C ARG QD 60 17.25 6.96 -108.40
N LYS QD 61 16.29 7.40 -109.23
CA LYS QD 61 16.38 8.67 -109.95
C LYS QD 61 17.54 8.65 -110.94
N ASN QD 62 17.61 7.57 -111.71
CA ASN QD 62 18.68 7.44 -112.68
C ASN QD 62 18.30 6.37 -113.69
N TYR QD 63 18.48 6.67 -114.96
CA TYR QD 63 18.06 5.74 -115.98
C TYR QD 63 19.16 4.71 -116.10
N LYS QD 64 18.79 3.44 -116.22
CA LYS QD 64 19.78 2.39 -116.36
C LYS QD 64 19.54 1.63 -117.65
N VAL QD 65 20.60 1.18 -118.28
CA VAL QD 65 20.48 0.29 -119.43
C VAL QD 65 21.48 -0.84 -119.24
N GLN QD 66 20.98 -2.05 -119.18
CA GLN QD 66 21.79 -3.23 -118.94
C GLN QD 66 21.81 -4.08 -120.20
N VAL QD 67 22.99 -4.60 -120.53
CA VAL QD 67 23.17 -5.43 -121.71
C VAL QD 67 23.97 -6.65 -121.30
N LYS QD 68 23.36 -7.83 -121.37
CA LYS QD 68 24.02 -9.05 -120.97
C LYS QD 68 24.24 -9.95 -122.17
N ILE QD 69 25.38 -10.64 -122.17
CA ILE QD 69 25.78 -11.55 -123.24
C ILE QD 69 26.19 -12.88 -122.62
N GLN QD 70 25.61 -13.96 -123.14
CA GLN QD 70 25.79 -15.31 -122.64
C GLN QD 70 26.29 -16.18 -123.77
N ASN QD 71 27.49 -16.72 -123.64
CA ASN QD 71 28.07 -17.60 -124.66
C ASN QD 71 28.39 -18.96 -124.06
N PRO QD 72 27.62 -19.99 -124.36
CA PRO QD 72 27.95 -21.32 -123.89
C PRO QD 72 28.81 -22.08 -124.89
N THR QD 73 29.54 -23.05 -124.37
CA THR QD 73 30.38 -23.89 -125.22
C THR QD 73 29.80 -25.29 -125.33
N ALA QD 74 29.97 -25.89 -126.51
CA ALA QD 74 29.29 -27.14 -126.85
C ALA QD 74 29.84 -28.32 -126.05
N CYS QD 75 31.10 -28.63 -126.24
CA CYS QD 75 31.77 -29.72 -125.55
C CYS QD 75 31.17 -31.06 -125.99
N THR QD 76 30.89 -31.15 -127.30
CA THR QD 76 30.27 -32.35 -127.85
C THR QD 76 31.11 -33.57 -127.59
N ALA QD 77 30.52 -34.56 -126.92
CA ALA QD 77 31.20 -35.81 -126.63
C ALA QD 77 31.00 -36.80 -127.77
N ASN QD 78 31.97 -37.70 -127.93
CA ASN QD 78 31.96 -38.66 -129.04
C ASN QD 78 30.86 -39.71 -128.81
N GLY QD 79 29.62 -39.23 -128.85
CA GLY QD 79 28.46 -40.08 -128.88
C GLY QD 79 27.69 -39.96 -127.59
N SER QD 80 26.81 -40.92 -127.36
CA SER QD 80 26.05 -41.17 -126.14
C SER QD 80 24.94 -40.19 -125.91
N CYS QD 81 25.05 -38.98 -126.43
CA CYS QD 81 23.91 -38.11 -126.74
C CYS QD 81 24.40 -36.69 -126.89
N ASP QD 82 23.49 -35.76 -127.16
CA ASP QD 82 23.85 -34.39 -127.47
C ASP QD 82 24.83 -33.81 -126.47
N PRO QD 83 25.54 -32.76 -126.86
CA PRO QD 83 26.53 -32.16 -125.94
C PRO QD 83 25.93 -31.60 -124.67
N SER QD 84 26.81 -31.14 -123.81
CA SER QD 84 26.43 -30.54 -122.58
C SER QD 84 27.25 -29.29 -122.33
N VAL QD 85 26.66 -28.31 -121.62
CA VAL QD 85 27.38 -27.07 -121.34
C VAL QD 85 28.53 -27.36 -120.40
N THR QD 86 29.68 -26.79 -120.70
CA THR QD 86 30.83 -26.93 -119.83
C THR QD 86 31.46 -25.60 -119.45
N ARG QD 87 31.40 -24.62 -120.35
CA ARG QD 87 31.97 -23.32 -120.10
C ARG QD 87 30.99 -22.26 -120.61
N GLN QD 88 30.98 -21.12 -119.94
CA GLN QD 88 29.92 -20.13 -120.12
C GLN QD 88 30.54 -18.75 -119.95
N ALA QD 89 30.74 -18.04 -121.04
CA ALA QD 89 31.27 -16.68 -121.00
C ALA QD 89 30.15 -15.70 -120.70
N TYR QD 90 30.34 -14.88 -119.68
CA TYR QD 90 29.41 -13.85 -119.27
C TYR QD 90 29.98 -12.50 -119.63
N ALA QD 91 29.14 -11.61 -120.13
CA ALA QD 91 29.48 -10.21 -120.27
C ALA QD 91 28.29 -9.36 -119.85
N ASP QD 92 28.55 -8.26 -119.15
CA ASP QD 92 27.45 -7.41 -118.68
C ASP QD 92 27.91 -5.95 -118.71
N VAL QD 93 27.18 -5.15 -119.45
CA VAL QD 93 27.39 -3.71 -119.51
C VAL QD 93 26.26 -3.01 -118.80
N THR QD 94 26.57 -1.90 -118.13
CA THR QD 94 25.59 -1.18 -117.33
C THR QD 94 25.81 0.31 -117.52
N PHE QD 95 25.02 0.92 -118.41
CA PHE QD 95 25.01 2.37 -118.55
C PHE QD 95 24.10 2.97 -117.48
N SER QD 96 24.64 3.95 -116.74
CA SER QD 96 23.90 4.61 -115.67
C SER QD 96 23.94 6.12 -115.91
N PHE QD 97 22.77 6.73 -116.06
CA PHE QD 97 22.65 7.95 -116.83
C PHE QD 97 21.67 8.84 -116.07
N THR QD 98 21.86 10.14 -116.13
CA THR QD 98 21.04 10.96 -115.25
C THR QD 98 19.80 11.48 -115.97
N GLN QD 99 18.83 11.90 -115.16
CA GLN QD 99 17.51 12.21 -115.68
C GLN QD 99 17.55 13.40 -116.61
N TYR QD 100 18.50 14.32 -116.38
CA TYR QD 100 18.75 15.41 -117.30
C TYR QD 100 19.75 15.04 -118.38
N SER QD 101 20.24 13.80 -118.40
CA SER QD 101 21.26 13.43 -119.36
C SER QD 101 20.84 13.82 -120.77
N THR QD 102 21.78 13.77 -121.71
CA THR QD 102 21.49 14.16 -123.07
C THR QD 102 22.01 13.15 -124.09
N ASP QD 103 21.29 13.08 -125.20
CA ASP QD 103 21.61 12.12 -126.24
C ASP QD 103 23.06 12.24 -126.65
N GLU QD 104 23.54 13.47 -126.83
CA GLU QD 104 24.92 13.69 -127.27
C GLU QD 104 25.91 13.00 -126.33
N GLU QD 105 25.91 13.36 -125.06
CA GLU QD 105 26.91 12.79 -124.16
C GLU QD 105 26.74 11.28 -124.08
N ARG QD 106 25.51 10.82 -124.25
CA ARG QD 106 25.22 9.43 -123.96
C ARG QD 106 25.63 8.48 -125.10
N ALA QD 107 25.35 8.83 -126.35
CA ALA QD 107 25.94 8.02 -127.41
C ALA QD 107 27.43 8.29 -127.54
N PHE QD 108 27.91 9.42 -127.03
CA PHE QD 108 29.35 9.59 -126.94
C PHE QD 108 29.95 8.53 -126.03
N VAL QD 109 29.32 8.32 -124.88
CA VAL QD 109 29.74 7.24 -124.00
C VAL QD 109 29.72 5.92 -124.76
N ARG QD 110 28.64 5.67 -125.48
CA ARG QD 110 28.49 4.40 -126.18
C ARG QD 110 29.65 4.19 -127.15
N THR QD 111 29.90 5.18 -127.99
CA THR QD 111 30.95 5.05 -128.98
C THR QD 111 32.30 4.88 -128.32
N GLU QD 112 32.52 5.55 -127.19
CA GLU QD 112 33.82 5.44 -126.54
C GLU QD 112 34.01 4.05 -126.00
N LEU QD 113 32.95 3.47 -125.44
CA LEU QD 113 33.00 2.07 -125.06
C LEU QD 113 33.38 1.20 -126.23
N ALA QD 114 32.76 1.44 -127.39
CA ALA QD 114 33.09 0.66 -128.57
C ALA QD 114 34.57 0.77 -128.90
N ALA QD 115 35.06 1.99 -128.96
CA ALA QD 115 36.45 2.21 -129.35
C ALA QD 115 37.40 1.57 -128.38
N LEU QD 116 37.13 1.66 -127.08
CA LEU QD 116 37.98 0.97 -126.13
C LEU QD 116 37.95 -0.53 -126.37
N LEU QD 117 36.76 -1.08 -126.59
CA LEU QD 117 36.66 -2.49 -126.87
C LEU QD 117 37.48 -2.89 -128.08
N ALA QD 118 37.72 -1.96 -128.99
CA ALA QD 118 38.57 -2.22 -130.14
C ALA QD 118 40.05 -1.95 -129.89
N SER QD 119 40.39 -1.09 -128.94
CA SER QD 119 41.76 -0.63 -128.82
C SER QD 119 42.69 -1.77 -128.38
N PRO QD 120 43.99 -1.67 -128.68
CA PRO QD 120 44.91 -2.74 -128.28
C PRO QD 120 44.90 -3.02 -126.79
N LEU QD 121 44.75 -1.98 -125.97
CA LEU QD 121 44.76 -2.16 -124.53
C LEU QD 121 43.80 -3.27 -124.11
N LEU QD 122 42.50 -3.03 -124.27
CA LEU QD 122 41.55 -4.03 -123.82
C LEU QD 122 41.67 -5.30 -124.63
N ILE QD 123 42.09 -5.22 -125.88
CA ILE QD 123 42.28 -6.43 -126.67
C ILE QD 123 43.15 -7.41 -125.89
N ASP QD 124 44.31 -6.94 -125.44
CA ASP QD 124 45.23 -7.85 -124.78
C ASP QD 124 44.78 -8.12 -123.34
N ALA QD 125 44.16 -7.16 -122.69
CA ALA QD 125 43.67 -7.41 -121.34
C ALA QD 125 42.61 -8.50 -121.33
N ILE QD 126 41.84 -8.62 -122.40
CA ILE QD 126 40.77 -9.59 -122.48
C ILE QD 126 41.30 -10.87 -123.07
N ASP QD 127 41.66 -10.82 -124.35
CA ASP QD 127 42.08 -12.03 -125.04
C ASP QD 127 43.27 -12.66 -124.35
N GLN QD 128 44.30 -11.87 -124.10
CA GLN QD 128 45.50 -12.39 -123.48
C GLN QD 128 45.41 -12.40 -121.97
N LEU QD 129 44.38 -11.78 -121.40
CA LEU QD 129 44.14 -11.85 -119.96
C LEU QD 129 45.30 -11.18 -119.24
N ASN QD 130 45.85 -10.15 -119.89
CA ASN QD 130 46.97 -9.38 -119.40
C ASN QD 130 46.50 -8.38 -118.35
N PRO QD 131 47.04 -8.38 -117.14
CA PRO QD 131 46.83 -7.22 -116.29
C PRO QD 131 47.39 -5.99 -116.98
N ALA QD 132 46.64 -4.90 -116.92
CA ALA QD 132 47.06 -3.68 -117.59
C ALA QD 132 48.36 -3.19 -116.96
N TYR QD 133 49.46 -3.32 -117.69
CA TYR QD 133 50.79 -2.91 -117.23
C TYR QD 133 51.88 -3.11 -118.27
N ALA RD 2 -3.30 -5.14 -126.92
CA ALA RD 2 -2.79 -3.81 -127.30
C ALA RD 2 -1.26 -3.80 -127.32
N LYS RD 3 -0.67 -4.30 -128.40
CA LYS RD 3 0.78 -4.30 -128.51
C LYS RD 3 1.30 -2.89 -128.68
N LEU RD 4 2.27 -2.51 -127.84
CA LEU RD 4 2.81 -1.16 -127.91
C LEU RD 4 3.56 -0.98 -129.21
N GLU RD 5 3.39 0.17 -129.83
CA GLU RD 5 4.10 0.51 -131.04
C GLU RD 5 4.22 2.02 -131.12
N THR RD 6 5.20 2.49 -131.89
CA THR RD 6 5.38 3.92 -132.07
C THR RD 6 4.09 4.56 -132.53
N VAL RD 7 3.52 5.40 -131.68
CA VAL RD 7 2.25 6.05 -131.98
C VAL RD 7 2.52 7.39 -132.63
N THR RD 8 1.88 7.63 -133.76
CA THR RD 8 2.04 8.85 -134.53
C THR RD 8 0.73 9.61 -134.45
N LEU RD 9 0.81 10.85 -134.01
CA LEU RD 9 -0.36 11.67 -133.73
C LEU RD 9 -0.26 12.92 -134.57
N GLY RD 10 -1.15 13.04 -135.56
CA GLY RD 10 -1.14 14.15 -136.48
C GLY RD 10 -2.35 15.05 -136.27
N ASN RD 11 -2.31 16.20 -136.93
CA ASN RD 11 -3.39 17.18 -136.85
C ASN RD 11 -3.59 17.62 -135.39
N ILE RD 12 -2.56 18.26 -134.85
CA ILE RD 12 -2.47 18.59 -133.44
C ILE RD 12 -2.16 20.08 -133.32
N GLY RD 13 -2.55 20.66 -132.19
CA GLY RD 13 -2.29 22.07 -131.92
C GLY RD 13 -3.53 22.93 -132.12
N LYS RD 14 -3.36 24.26 -132.00
CA LYS RD 14 -4.52 25.10 -132.29
C LYS RD 14 -5.00 24.80 -133.69
N ASP RD 15 -4.09 24.88 -134.63
CA ASP RD 15 -4.35 24.77 -136.05
C ASP RD 15 -4.43 23.34 -136.51
N GLY RD 16 -4.05 22.40 -135.65
CA GLY RD 16 -4.00 21.02 -136.08
C GLY RD 16 -2.95 20.81 -137.15
N LYS RD 17 -1.71 21.17 -136.86
CA LYS RD 17 -0.65 21.04 -137.86
C LYS RD 17 0.62 20.38 -137.35
N GLN RD 18 0.86 20.31 -136.05
CA GLN RD 18 2.06 19.67 -135.57
C GLN RD 18 1.87 18.15 -135.57
N THR RD 19 2.91 17.44 -135.16
CA THR RD 19 2.85 15.99 -135.05
C THR RD 19 3.64 15.56 -133.84
N LEU RD 20 3.27 14.40 -133.28
CA LEU RD 20 4.02 13.85 -132.17
C LEU RD 20 4.19 12.35 -132.36
N VAL RD 21 5.38 11.86 -132.08
CA VAL RD 21 5.71 10.46 -132.23
C VAL RD 21 6.16 9.96 -130.87
N LEU RD 22 5.31 9.17 -130.22
CA LEU RD 22 5.63 8.58 -128.93
C LEU RD 22 6.19 7.19 -129.13
N ASN RD 23 7.32 6.92 -128.54
CA ASN RD 23 7.91 5.61 -128.62
C ASN RD 23 7.62 4.80 -127.35
N PRO RD 24 7.59 3.49 -127.46
CA PRO RD 24 7.28 2.66 -126.29
C PRO RD 24 8.32 2.81 -125.20
N ARG RD 25 7.86 2.79 -123.94
CA ARG RD 25 8.72 2.80 -122.77
C ARG RD 25 8.64 1.49 -121.98
N GLY RD 26 8.02 0.47 -122.54
CA GLY RD 26 7.85 -0.76 -121.79
C GLY RD 26 6.69 -0.64 -120.81
N VAL RD 27 6.69 -1.56 -119.85
CA VAL RD 27 5.61 -1.65 -118.88
C VAL RD 27 6.20 -1.85 -117.49
N ASN RD 28 5.66 -1.13 -116.52
CA ASN RD 28 6.11 -1.30 -115.15
C ASN RD 28 5.74 -2.69 -114.65
N PRO RD 29 6.69 -3.47 -114.14
CA PRO RD 29 6.33 -4.77 -113.57
C PRO RD 29 5.43 -4.67 -112.38
N THR RD 30 5.56 -3.62 -111.56
CA THR RD 30 4.78 -3.50 -110.35
C THR RD 30 3.36 -3.06 -110.65
N ASN RD 31 3.23 -1.89 -111.25
CA ASN RD 31 1.94 -1.28 -111.49
C ASN RD 31 1.25 -1.81 -112.73
N GLY RD 32 1.97 -2.52 -113.58
CA GLY RD 32 1.38 -3.05 -114.80
C GLY RD 32 0.84 -1.94 -115.65
N VAL RD 33 1.66 -0.94 -115.94
CA VAL RD 33 1.23 0.24 -116.68
C VAL RD 33 2.21 0.50 -117.79
N ALA RD 34 1.70 0.70 -119.01
CA ALA RD 34 2.55 0.97 -120.15
C ALA RD 34 2.75 2.47 -120.30
N SER RD 35 3.88 2.84 -120.88
CA SER RD 35 4.21 4.25 -121.06
C SER RD 35 4.90 4.46 -122.39
N LEU RD 36 4.71 5.64 -122.96
CA LEU RD 36 5.38 6.04 -124.18
C LEU RD 36 5.90 7.46 -124.01
N SER RD 37 6.92 7.81 -124.79
CA SER RD 37 7.54 9.12 -124.65
C SER RD 37 7.95 9.65 -126.00
N GLN RD 38 7.99 10.97 -126.09
CA GLN RD 38 8.46 11.63 -127.30
C GLN RD 38 9.96 11.46 -127.43
N ALA RD 39 10.41 11.32 -128.67
CA ALA RD 39 11.83 11.32 -128.94
C ALA RD 39 12.38 12.72 -128.65
N GLY RD 40 13.40 12.77 -127.79
CA GLY RD 40 13.95 14.06 -127.42
C GLY RD 40 15.38 13.93 -126.95
N ALA RD 41 16.01 15.08 -126.75
CA ALA RD 41 17.38 15.13 -126.30
C ALA RD 41 17.48 14.88 -124.80
N VAL RD 42 16.67 15.58 -124.02
CA VAL RD 42 16.71 15.48 -122.57
C VAL RD 42 15.51 14.65 -122.13
N PRO RD 43 15.70 13.52 -121.45
CA PRO RD 43 14.55 12.74 -120.99
C PRO RD 43 13.62 13.54 -120.14
N ALA RD 44 14.13 14.53 -119.41
CA ALA RD 44 13.28 15.32 -118.55
C ALA RD 44 12.25 16.12 -119.32
N LEU RD 45 12.58 16.57 -120.53
CA LEU RD 45 11.70 17.43 -121.30
C LEU RD 45 10.92 16.64 -122.33
N GLU RD 46 10.64 15.38 -122.04
CA GLU RD 46 9.99 14.49 -122.99
C GLU RD 46 8.51 14.39 -122.65
N LYS RD 47 7.67 14.52 -123.66
CA LYS RD 47 6.24 14.40 -123.46
C LYS RD 47 5.89 12.93 -123.27
N ARG RD 48 5.25 12.62 -122.15
CA ARG RD 48 5.02 11.24 -121.75
C ARG RD 48 3.52 10.95 -121.70
N VAL RD 49 3.20 9.68 -121.97
CA VAL RD 49 1.82 9.23 -121.96
C VAL RD 49 1.76 7.85 -121.30
N THR RD 50 0.87 7.68 -120.34
CA THR RD 50 0.74 6.42 -119.64
C THR RD 50 -0.63 5.81 -119.91
N VAL RD 51 -0.69 4.49 -119.84
CA VAL RD 51 -1.90 3.72 -120.11
C VAL RD 51 -1.93 2.56 -119.15
N SER RD 52 -3.04 2.43 -118.42
CA SER RD 52 -3.22 1.31 -117.50
C SER RD 52 -4.61 0.71 -117.71
N VAL RD 53 -4.67 -0.62 -117.64
CA VAL RD 53 -5.92 -1.35 -117.82
C VAL RD 53 -6.04 -2.28 -116.62
N SER RD 54 -6.75 -1.82 -115.59
CA SER RD 54 -6.87 -2.59 -114.37
C SER RD 54 -7.80 -3.78 -114.55
N GLN RD 55 -7.42 -4.87 -113.93
CA GLN RD 55 -8.24 -6.07 -113.88
C GLN RD 55 -9.33 -5.92 -112.81
N PRO RD 56 -10.36 -6.75 -112.85
CA PRO RD 56 -11.44 -6.61 -111.87
C PRO RD 56 -10.96 -6.79 -110.44
N SER RD 57 -11.56 -6.03 -109.54
CA SER RD 57 -11.34 -6.20 -108.11
C SER RD 57 -12.24 -7.31 -107.58
N ARG RD 58 -12.37 -7.39 -106.26
CA ARG RD 58 -13.19 -8.42 -105.64
C ARG RD 58 -14.60 -7.92 -105.37
N ASN RD 59 -15.59 -8.72 -105.77
CA ASN RD 59 -17.01 -8.53 -105.42
C ASN RD 59 -17.65 -7.29 -106.01
N ARG RD 60 -16.87 -6.44 -106.69
CA ARG RD 60 -17.44 -5.34 -107.46
C ARG RD 60 -16.92 -5.36 -108.89
N LYS RD 61 -15.67 -5.76 -109.07
CA LYS RD 61 -15.07 -6.18 -110.33
C LYS RD 61 -14.83 -5.02 -111.29
N ASN RD 62 -15.59 -3.94 -111.19
CA ASN RD 62 -15.12 -2.59 -111.50
C ASN RD 62 -14.01 -2.44 -112.56
N TYR RD 63 -14.20 -2.84 -113.83
CA TYR RD 63 -13.22 -2.51 -114.87
C TYR RD 63 -12.86 -1.03 -114.82
N LYS RD 64 -11.56 -0.76 -114.78
CA LYS RD 64 -11.04 0.59 -114.76
C LYS RD 64 -9.87 0.71 -115.71
N VAL RD 65 -9.84 1.82 -116.47
CA VAL RD 65 -8.75 2.13 -117.38
C VAL RD 65 -8.33 3.56 -117.15
N GLN RD 66 -7.03 3.81 -117.22
CA GLN RD 66 -6.44 5.09 -116.89
C GLN RD 66 -5.49 5.54 -117.99
N VAL RD 67 -5.54 6.83 -118.31
CA VAL RD 67 -4.61 7.43 -119.27
C VAL RD 67 -4.11 8.74 -118.69
N LYS RD 68 -2.80 8.88 -118.56
CA LYS RD 68 -2.18 10.09 -118.03
C LYS RD 68 -1.23 10.63 -119.08
N ILE RD 69 -1.50 11.84 -119.57
CA ILE RD 69 -0.61 12.54 -120.47
C ILE RD 69 0.11 13.63 -119.70
N GLN RD 70 1.43 13.64 -119.78
CA GLN RD 70 2.27 14.60 -119.10
C GLN RD 70 3.04 15.40 -120.14
N ASN RD 71 2.92 16.72 -120.09
CA ASN RD 71 3.67 17.59 -120.99
C ASN RD 71 4.50 18.57 -120.17
N PRO RD 72 5.82 18.44 -120.15
CA PRO RD 72 6.65 19.39 -119.43
C PRO RD 72 7.10 20.54 -120.31
N THR RD 73 7.64 21.55 -119.67
CA THR RD 73 8.29 22.65 -120.38
C THR RD 73 9.26 23.32 -119.43
N ALA RD 74 10.51 23.43 -119.86
CA ALA RD 74 11.57 24.02 -119.07
C ALA RD 74 11.94 25.39 -119.63
N CYS RD 75 12.82 26.08 -118.91
CA CYS RD 75 13.19 27.44 -119.28
C CYS RD 75 14.58 27.68 -118.70
N THR RD 76 15.61 27.53 -119.54
CA THR RD 76 16.97 27.59 -119.06
C THR RD 76 17.25 28.96 -118.44
N ALA RD 77 17.46 28.98 -117.12
CA ALA RD 77 17.73 30.22 -116.40
C ALA RD 77 19.14 30.71 -116.67
N ASN RD 78 19.33 32.01 -116.47
CA ASN RD 78 20.62 32.62 -116.75
C ASN RD 78 21.68 32.05 -115.82
N GLY RD 79 22.77 31.52 -116.40
CA GLY RD 79 23.84 30.94 -115.62
C GLY RD 79 23.67 29.48 -115.28
N SER RD 80 22.51 28.89 -115.61
CA SER RD 80 22.24 27.50 -115.32
C SER RD 80 22.51 26.68 -116.57
N CYS RD 81 23.29 25.62 -116.42
CA CYS RD 81 23.56 24.69 -117.52
C CYS RD 81 22.63 23.48 -117.50
N ASP RD 82 21.41 23.64 -117.01
CA ASP RD 82 20.45 22.56 -116.99
C ASP RD 82 19.04 23.12 -117.19
N PRO RD 83 18.43 22.91 -118.36
CA PRO RD 83 17.06 23.42 -118.55
C PRO RD 83 16.06 22.72 -117.65
N SER RD 84 16.05 23.11 -116.39
CA SER RD 84 15.11 22.57 -115.43
C SER RD 84 13.68 22.87 -115.84
N VAL RD 85 12.80 21.87 -115.72
CA VAL RD 85 11.40 22.06 -116.05
C VAL RD 85 10.75 22.91 -114.98
N THR RD 86 10.24 24.06 -115.38
CA THR RD 86 9.48 24.93 -114.49
C THR RD 86 8.00 24.89 -114.79
N ARG RD 87 7.57 24.01 -115.67
CA ARG RD 87 6.23 24.04 -116.23
C ARG RD 87 5.79 22.60 -116.46
N GLN RD 88 4.57 22.26 -116.02
CA GLN RD 88 4.08 20.92 -116.29
C GLN RD 88 2.57 20.95 -116.47
N ALA RD 89 2.08 20.18 -117.43
CA ALA RD 89 0.68 20.02 -117.70
C ALA RD 89 0.29 18.56 -117.59
N TYR RD 90 -0.83 18.29 -116.93
CA TYR RD 90 -1.33 16.95 -116.71
C TYR RD 90 -2.72 16.80 -117.31
N ALA RD 91 -2.95 15.65 -117.93
CA ALA RD 91 -4.28 15.29 -118.43
C ALA RD 91 -4.55 13.87 -117.96
N ASP RD 92 -5.55 13.71 -117.09
CA ASP RD 92 -5.82 12.42 -116.47
C ASP RD 92 -7.24 11.99 -116.83
N VAL RD 93 -7.36 10.83 -117.46
CA VAL RD 93 -8.63 10.31 -117.93
C VAL RD 93 -8.85 8.95 -117.30
N THR RD 94 -10.04 8.75 -116.74
CA THR RD 94 -10.38 7.50 -116.06
C THR RD 94 -11.71 6.99 -116.60
N PHE RD 95 -11.68 5.81 -117.19
CA PHE RD 95 -12.90 5.16 -117.66
C PHE RD 95 -13.23 4.01 -116.72
N SER RD 96 -14.51 3.88 -116.40
CA SER RD 96 -15.00 2.85 -115.49
C SER RD 96 -16.15 2.14 -116.16
N PHE RD 97 -16.07 0.81 -116.21
CA PHE RD 97 -17.13 -0.02 -116.75
C PHE RD 97 -17.41 -1.17 -115.79
N THR RD 98 -18.58 -1.76 -115.97
CA THR RD 98 -18.97 -2.90 -115.18
C THR RD 98 -18.51 -4.19 -115.84
N GLN RD 99 -18.53 -5.26 -115.06
CA GLN RD 99 -18.13 -6.57 -115.56
C GLN RD 99 -18.97 -7.02 -116.73
N TYR RD 100 -20.15 -6.46 -116.91
CA TYR RD 100 -21.04 -6.85 -117.99
C TYR RD 100 -21.06 -5.85 -119.13
N SER RD 101 -20.25 -4.81 -119.04
CA SER RD 101 -20.16 -3.84 -120.12
C SER RD 101 -19.88 -4.54 -121.44
N THR RD 102 -20.12 -3.83 -122.52
CA THR RD 102 -19.88 -4.37 -123.84
C THR RD 102 -19.11 -3.38 -124.70
N ASP RD 103 -18.32 -3.93 -125.61
CA ASP RD 103 -17.50 -3.08 -126.47
C ASP RD 103 -18.34 -2.05 -127.20
N GLU RD 104 -19.59 -2.36 -127.48
CA GLU RD 104 -20.51 -1.36 -128.02
C GLU RD 104 -20.43 -0.07 -127.23
N GLU RD 105 -20.86 -0.12 -125.96
CA GLU RD 105 -20.88 1.09 -125.16
C GLU RD 105 -19.49 1.60 -124.89
N ARG RD 106 -18.51 0.71 -124.78
CA ARG RD 106 -17.16 1.19 -124.52
C ARG RD 106 -16.70 2.11 -125.64
N ALA RD 107 -16.82 1.66 -126.89
CA ALA RD 107 -16.45 2.50 -128.01
C ALA RD 107 -17.32 3.74 -128.07
N PHE RD 108 -18.61 3.58 -127.76
CA PHE RD 108 -19.49 4.74 -127.74
C PHE RD 108 -18.91 5.82 -126.85
N VAL RD 109 -18.58 5.46 -125.61
CA VAL RD 109 -18.03 6.43 -124.67
C VAL RD 109 -16.72 6.98 -125.21
N ARG RD 110 -15.89 6.09 -125.76
CA ARG RD 110 -14.61 6.54 -126.26
C ARG RD 110 -14.78 7.67 -127.24
N THR RD 111 -15.43 7.39 -128.37
CA THR RD 111 -15.51 8.40 -129.39
C THR RD 111 -16.38 9.57 -128.96
N GLU RD 112 -17.25 9.38 -127.97
CA GLU RD 112 -18.06 10.48 -127.50
C GLU RD 112 -17.20 11.47 -126.74
N LEU RD 113 -16.32 10.98 -125.88
CA LEU RD 113 -15.35 11.85 -125.26
C LEU RD 113 -14.48 12.51 -126.32
N ALA RD 114 -14.13 11.76 -127.36
CA ALA RD 114 -13.31 12.34 -128.41
C ALA RD 114 -14.00 13.53 -129.06
N ALA RD 115 -15.24 13.34 -129.47
CA ALA RD 115 -15.96 14.41 -130.14
C ALA RD 115 -16.15 15.59 -129.21
N LEU RD 116 -16.38 15.35 -127.93
CA LEU RD 116 -16.46 16.47 -127.00
C LEU RD 116 -15.14 17.23 -126.98
N LEU RD 117 -14.03 16.50 -126.91
CA LEU RD 117 -12.73 17.15 -126.96
C LEU RD 117 -12.56 17.96 -128.21
N ALA RD 118 -13.26 17.61 -129.29
CA ALA RD 118 -13.21 18.38 -130.52
C ALA RD 118 -14.21 19.54 -130.56
N SER RD 119 -15.30 19.46 -129.82
CA SER RD 119 -16.39 20.43 -129.96
C SER RD 119 -16.00 21.80 -129.43
N PRO RD 120 -16.70 22.85 -129.87
CA PRO RD 120 -16.40 24.19 -129.36
C PRO RD 120 -16.51 24.30 -127.85
N LEU RD 121 -17.42 23.55 -127.22
CA LEU RD 121 -17.61 23.69 -125.78
C LEU RD 121 -16.30 23.48 -125.04
N LEU RD 122 -15.78 22.26 -125.07
CA LEU RD 122 -14.54 22.03 -124.37
C LEU RD 122 -13.42 22.87 -124.95
N ILE RD 123 -13.51 23.21 -126.23
CA ILE RD 123 -12.46 24.02 -126.84
C ILE RD 123 -12.20 25.26 -126.01
N ASP RD 124 -13.22 26.09 -125.85
CA ASP RD 124 -13.00 27.31 -125.09
C ASP RD 124 -13.02 27.07 -123.59
N ALA RD 125 -13.56 25.94 -123.14
CA ALA RD 125 -13.45 25.61 -121.73
C ALA RD 125 -12.00 25.39 -121.32
N ILE RD 126 -11.22 24.77 -122.18
CA ILE RD 126 -9.87 24.32 -121.85
C ILE RD 126 -8.82 25.29 -122.41
N ASP RD 127 -8.91 25.60 -123.70
CA ASP RD 127 -7.91 26.46 -124.33
C ASP RD 127 -7.89 27.82 -123.67
N GLN RD 128 -9.07 28.41 -123.46
CA GLN RD 128 -9.16 29.71 -122.83
C GLN RD 128 -9.52 29.62 -121.36
N LEU RD 129 -9.68 28.41 -120.82
CA LEU RD 129 -9.95 28.25 -119.40
C LEU RD 129 -11.21 29.02 -119.05
N ASN RD 130 -12.29 28.72 -119.75
CA ASN RD 130 -13.48 29.53 -119.65
C ASN RD 130 -14.63 28.74 -119.03
N PRO RD 131 -15.10 29.11 -117.84
CA PRO RD 131 -16.22 28.39 -117.23
C PRO RD 131 -17.42 28.34 -118.15
N ALA RD 132 -18.04 27.17 -118.21
CA ALA RD 132 -19.18 26.97 -119.09
C ALA RD 132 -20.40 27.64 -118.50
N TYR RD 133 -21.06 28.47 -119.31
CA TYR RD 133 -22.31 29.11 -118.91
C TYR RD 133 -23.07 29.66 -120.10
N ALA SD 2 -1.11 -59.49 -117.77
CA ALA SD 2 -1.31 -60.30 -116.53
C ALA SD 2 -2.79 -60.47 -116.23
N LYS SD 3 -3.54 -60.99 -117.20
CA LYS SD 3 -4.97 -61.20 -117.00
C LYS SD 3 -5.24 -62.31 -116.00
N LEU SD 4 -6.33 -62.17 -115.26
CA LEU SD 4 -6.72 -63.13 -114.23
C LEU SD 4 -7.76 -64.10 -114.79
N GLU SD 5 -7.51 -65.39 -114.63
CA GLU SD 5 -8.42 -66.40 -115.13
C GLU SD 5 -8.07 -67.73 -114.46
N THR SD 6 -8.79 -68.77 -114.85
CA THR SD 6 -8.61 -70.08 -114.25
C THR SD 6 -7.20 -70.58 -114.56
N VAL SD 7 -6.54 -71.13 -113.55
CA VAL SD 7 -5.16 -71.56 -113.68
C VAL SD 7 -5.08 -73.02 -113.24
N THR SD 8 -4.50 -73.85 -114.09
CA THR SD 8 -4.54 -75.30 -113.90
C THR SD 8 -3.13 -75.81 -113.70
N LEU SD 9 -2.79 -76.08 -112.45
CA LEU SD 9 -1.44 -76.48 -112.08
C LEU SD 9 -1.42 -78.01 -112.03
N GLY SD 10 -0.77 -78.63 -113.00
CA GLY SD 10 -0.74 -80.07 -113.06
C GLY SD 10 0.58 -80.63 -112.59
N ASN SD 11 0.62 -81.94 -112.32
CA ASN SD 11 1.85 -82.62 -111.93
C ASN SD 11 2.39 -82.02 -110.63
N ILE SD 12 1.64 -82.26 -109.56
CA ILE SD 12 1.88 -81.69 -108.25
C ILE SD 12 2.09 -82.83 -107.25
N GLY SD 13 2.78 -82.53 -106.15
CA GLY SD 13 3.04 -83.49 -105.08
C GLY SD 13 4.40 -84.13 -105.24
N LYS SD 14 4.76 -85.01 -104.28
CA LYS SD 14 6.04 -85.69 -104.45
C LYS SD 14 6.05 -86.38 -105.79
N ASP SD 15 4.99 -87.11 -106.06
CA ASP SD 15 4.80 -87.90 -107.25
C ASP SD 15 4.46 -87.07 -108.47
N GLY SD 16 3.93 -85.87 -108.27
CA GLY SD 16 3.51 -85.06 -109.38
C GLY SD 16 2.33 -85.64 -110.13
N LYS SD 17 1.28 -86.04 -109.42
CA LYS SD 17 0.07 -86.54 -110.07
C LYS SD 17 -1.20 -85.76 -109.76
N GLN SD 18 -1.26 -85.03 -108.65
CA GLN SD 18 -2.46 -84.26 -108.35
C GLN SD 18 -2.51 -82.99 -109.20
N THR SD 19 -3.63 -82.28 -109.10
CA THR SD 19 -3.84 -81.06 -109.87
C THR SD 19 -4.55 -80.03 -109.01
N LEU SD 20 -4.25 -78.76 -109.26
CA LEU SD 20 -4.86 -77.64 -108.56
C LEU SD 20 -5.55 -76.75 -109.58
N VAL SD 21 -6.83 -76.50 -109.37
CA VAL SD 21 -7.59 -75.58 -110.21
C VAL SD 21 -7.82 -74.32 -109.40
N LEU SD 22 -7.15 -73.23 -109.79
CA LEU SD 22 -7.22 -71.97 -109.06
C LEU SD 22 -8.07 -70.99 -109.85
N ASN SD 23 -9.16 -70.60 -109.28
CA ASN SD 23 -10.06 -69.62 -109.88
C ASN SD 23 -9.74 -68.23 -109.35
N PRO SD 24 -10.11 -67.20 -110.10
CA PRO SD 24 -9.70 -65.85 -109.74
C PRO SD 24 -10.64 -65.22 -108.73
N ARG SD 25 -10.19 -64.11 -108.18
CA ARG SD 25 -10.89 -63.36 -107.17
C ARG SD 25 -10.81 -61.91 -107.65
N GLY SD 26 -11.04 -60.94 -106.78
CA GLY SD 26 -10.83 -59.54 -107.14
C GLY SD 26 -9.57 -58.98 -106.51
N VAL SD 27 -9.00 -57.98 -107.17
CA VAL SD 27 -7.76 -57.38 -106.71
C VAL SD 27 -8.05 -56.49 -105.52
N ASN SD 28 -7.35 -56.71 -104.43
CA ASN SD 28 -7.52 -55.89 -103.25
C ASN SD 28 -7.21 -54.44 -103.56
N PRO SD 29 -8.22 -53.58 -103.66
CA PRO SD 29 -7.95 -52.18 -104.03
C PRO SD 29 -7.05 -51.49 -103.04
N THR SD 30 -7.14 -51.82 -101.76
CA THR SD 30 -6.36 -51.10 -100.78
C THR SD 30 -4.87 -51.22 -101.03
N ASN SD 31 -4.42 -52.31 -101.64
CA ASN SD 31 -3.00 -52.50 -101.88
C ASN SD 31 -2.70 -53.09 -103.25
N GLY SD 32 -3.68 -53.25 -104.12
CA GLY SD 32 -3.41 -53.77 -105.44
C GLY SD 32 -2.84 -55.17 -105.40
N VAL SD 33 -3.64 -56.13 -104.97
CA VAL SD 33 -3.22 -57.52 -104.84
C VAL SD 33 -4.27 -58.40 -105.49
N ALA SD 34 -3.89 -59.10 -106.55
CA ALA SD 34 -4.79 -60.08 -107.13
C ALA SD 34 -4.69 -61.37 -106.35
N SER SD 35 -5.76 -62.17 -106.40
CA SER SD 35 -5.77 -63.42 -105.65
C SER SD 35 -6.50 -64.50 -106.41
N LEU SD 36 -6.04 -65.74 -106.21
CA LEU SD 36 -6.70 -66.93 -106.72
C LEU SD 36 -6.92 -67.89 -105.57
N SER SD 37 -7.95 -68.72 -105.72
CA SER SD 37 -8.34 -69.64 -104.67
C SER SD 37 -8.83 -70.93 -105.30
N GLN SD 38 -8.84 -71.99 -104.49
CA GLN SD 38 -9.13 -73.33 -104.96
C GLN SD 38 -10.43 -73.36 -105.72
N ALA SD 39 -10.67 -74.45 -106.47
CA ALA SD 39 -11.88 -74.55 -107.27
C ALA SD 39 -13.12 -74.29 -106.44
N GLY SD 40 -13.10 -74.66 -105.18
CA GLY SD 40 -14.20 -74.44 -104.29
C GLY SD 40 -14.85 -75.76 -103.89
N ALA SD 41 -15.96 -75.64 -103.15
CA ALA SD 41 -16.51 -74.34 -102.74
C ALA SD 41 -15.78 -73.80 -101.51
N VAL SD 42 -15.92 -74.49 -100.39
CA VAL SD 42 -15.26 -74.04 -99.16
C VAL SD 42 -13.76 -73.91 -99.39
N PRO SD 43 -13.08 -74.84 -100.05
CA PRO SD 43 -11.65 -74.68 -100.31
C PRO SD 43 -11.30 -73.32 -100.89
N ALA SD 44 -12.25 -72.64 -101.53
CA ALA SD 44 -11.97 -71.31 -102.07
C ALA SD 44 -11.69 -70.30 -100.97
N LEU SD 45 -12.27 -70.49 -99.79
CA LEU SD 45 -11.97 -69.64 -98.64
C LEU SD 45 -10.93 -70.25 -97.71
N GLU SD 46 -10.17 -71.25 -98.18
CA GLU SD 46 -9.05 -71.81 -97.44
C GLU SD 46 -7.74 -71.67 -98.20
N LYS SD 47 -7.68 -72.21 -99.42
CA LYS SD 47 -6.47 -72.17 -100.22
C LYS SD 47 -6.35 -70.83 -100.93
N ARG SD 48 -5.15 -70.26 -100.96
CA ARG SD 48 -5.00 -68.91 -101.49
C ARG SD 48 -3.64 -68.72 -102.13
N VAL SD 49 -3.61 -67.88 -103.17
CA VAL SD 49 -2.36 -67.47 -103.82
C VAL SD 49 -2.54 -66.03 -104.26
N THR SD 50 -1.73 -65.14 -103.71
CA THR SD 50 -1.82 -63.72 -104.00
C THR SD 50 -0.61 -63.25 -104.82
N VAL SD 51 -0.87 -62.29 -105.69
CA VAL SD 51 0.13 -61.73 -106.60
C VAL SD 51 0.07 -60.22 -106.50
N SER SD 52 1.23 -59.57 -106.52
CA SER SD 52 1.30 -58.13 -106.43
C SER SD 52 2.54 -57.64 -107.15
N VAL SD 53 2.46 -56.44 -107.71
CA VAL SD 53 3.61 -55.80 -108.36
C VAL SD 53 3.56 -54.31 -108.00
N SER SD 54 4.45 -53.90 -107.11
CA SER SD 54 4.54 -52.49 -106.75
C SER SD 54 5.58 -51.84 -107.64
N GLN SD 55 5.22 -50.68 -108.19
CA GLN SD 55 6.03 -49.92 -109.12
C GLN SD 55 6.96 -48.97 -108.36
N PRO SD 56 7.94 -48.41 -109.05
CA PRO SD 56 8.87 -47.49 -108.38
C PRO SD 56 8.13 -46.38 -107.65
N SER SD 57 8.82 -45.75 -106.74
CA SER SD 57 8.23 -44.69 -105.91
C SER SD 57 9.37 -43.98 -105.20
N ARG SD 58 9.04 -43.07 -104.29
CA ARG SD 58 10.06 -42.48 -103.46
C ARG SD 58 10.71 -43.54 -102.59
N ASN SD 59 9.93 -44.53 -102.15
CA ASN SD 59 10.47 -45.58 -101.30
C ASN SD 59 10.99 -46.75 -102.11
N ARG SD 60 10.29 -47.12 -103.19
CA ARG SD 60 10.75 -48.15 -104.11
C ARG SD 60 11.72 -47.54 -105.12
N LYS SD 61 12.54 -48.35 -105.81
CA LYS SD 61 13.27 -47.77 -106.94
C LYS SD 61 13.21 -48.50 -108.29
N ASN SD 62 13.57 -49.80 -108.44
CA ASN SD 62 13.25 -51.05 -107.70
C ASN SD 62 11.77 -51.40 -107.57
N TYR SD 63 11.26 -51.89 -108.72
CA TYR SD 63 10.02 -52.65 -108.76
C TYR SD 63 10.09 -53.86 -107.83
N LYS SD 64 8.98 -54.18 -107.17
CA LYS SD 64 8.89 -55.37 -106.32
C LYS SD 64 7.72 -56.22 -106.77
N VAL SD 65 7.96 -57.51 -106.96
CA VAL SD 65 6.91 -58.45 -107.33
C VAL SD 65 6.78 -59.44 -106.18
N GLN SD 66 5.60 -59.48 -105.58
CA GLN SD 66 5.29 -60.35 -104.47
C GLN SD 66 4.41 -61.49 -104.96
N VAL SD 67 4.72 -62.71 -104.53
CA VAL SD 67 3.87 -63.86 -104.79
C VAL SD 67 3.80 -64.69 -103.52
N LYS SD 68 2.62 -64.77 -102.92
CA LYS SD 68 2.42 -65.50 -101.69
C LYS SD 68 1.49 -66.68 -101.94
N ILE SD 69 1.78 -67.81 -101.30
CA ILE SD 69 0.98 -69.02 -101.40
C ILE SD 69 0.65 -69.48 -100.00
N GLN SD 70 -0.57 -69.98 -99.82
CA GLN SD 70 -1.10 -70.24 -98.48
C GLN SD 70 -2.02 -71.46 -98.54
N ASN SD 71 -1.64 -72.53 -97.86
CA ASN SD 71 -2.42 -73.76 -97.80
C ASN SD 71 -2.70 -74.12 -96.36
N PRO SD 72 -3.90 -73.91 -95.87
CA PRO SD 72 -4.23 -74.42 -94.54
C PRO SD 72 -4.77 -75.83 -94.61
N THR SD 73 -4.20 -76.72 -93.80
CA THR SD 73 -4.76 -78.05 -93.64
C THR SD 73 -5.67 -78.05 -92.42
N ALA SD 74 -6.88 -78.54 -92.61
CA ALA SD 74 -7.89 -78.57 -91.56
C ALA SD 74 -8.32 -80.01 -91.35
N CYS SD 75 -9.09 -80.21 -90.30
CA CYS SD 75 -9.56 -81.54 -89.95
C CYS SD 75 -10.91 -81.42 -89.27
N THR SD 76 -11.62 -82.54 -89.24
CA THR SD 76 -12.93 -82.66 -88.66
C THR SD 76 -12.84 -83.60 -87.47
N ALA SD 77 -12.95 -83.05 -86.26
CA ALA SD 77 -12.81 -83.86 -85.06
C ALA SD 77 -13.97 -84.83 -84.95
N ASN SD 78 -13.79 -85.85 -84.12
CA ASN SD 78 -14.79 -86.90 -83.95
C ASN SD 78 -16.01 -86.36 -83.23
N GLY SD 79 -16.98 -85.88 -83.98
CA GLY SD 79 -18.22 -85.38 -83.40
C GLY SD 79 -18.61 -84.05 -84.00
N SER SD 80 -17.61 -83.25 -84.39
CA SER SD 80 -17.87 -81.95 -84.98
C SER SD 80 -18.38 -82.11 -86.39
N CYS SD 81 -18.78 -81.01 -87.02
CA CYS SD 81 -19.12 -81.02 -88.44
C CYS SD 81 -18.26 -79.99 -89.16
N ASP SD 82 -18.19 -78.81 -88.60
CA ASP SD 82 -17.43 -77.71 -89.19
C ASP SD 82 -15.94 -78.02 -89.12
N PRO SD 83 -15.23 -78.08 -90.25
CA PRO SD 83 -13.80 -78.39 -90.19
C PRO SD 83 -12.98 -77.22 -89.66
N SER SD 84 -12.00 -77.53 -88.82
CA SER SD 84 -11.15 -76.50 -88.22
C SER SD 84 -9.73 -76.61 -88.73
N VAL SD 85 -9.13 -75.45 -89.00
CA VAL SD 85 -7.77 -75.36 -89.49
C VAL SD 85 -6.81 -75.78 -88.39
N THR SD 86 -6.14 -76.91 -88.56
CA THR SD 86 -5.20 -77.39 -87.57
C THR SD 86 -3.78 -77.01 -87.91
N ARG SD 87 -3.55 -76.64 -89.16
CA ARG SD 87 -2.23 -76.45 -89.72
C ARG SD 87 -2.33 -75.43 -90.83
N GLN SD 88 -1.25 -74.72 -91.11
CA GLN SD 88 -1.28 -73.81 -92.24
C GLN SD 88 0.15 -73.55 -92.67
N ALA SD 89 0.49 -74.01 -93.86
CA ALA SD 89 1.78 -73.73 -94.47
C ALA SD 89 1.62 -72.56 -95.43
N TYR SD 90 2.68 -71.79 -95.59
CA TYR SD 90 2.65 -70.75 -96.60
C TYR SD 90 4.06 -70.32 -96.95
N ALA SD 91 4.16 -69.75 -98.14
CA ALA SD 91 5.41 -69.44 -98.78
C ALA SD 91 5.30 -68.06 -99.40
N ASP SD 92 6.43 -67.40 -99.55
CA ASP SD 92 6.43 -66.07 -100.13
C ASP SD 92 7.72 -65.83 -100.91
N VAL SD 93 7.55 -65.39 -102.15
CA VAL SD 93 8.64 -65.05 -103.04
C VAL SD 93 8.55 -63.57 -103.34
N THR SD 94 9.69 -62.89 -103.32
CA THR SD 94 9.74 -61.45 -103.51
C THR SD 94 10.89 -61.13 -104.45
N PHE SD 95 10.55 -60.72 -105.65
CA PHE SD 95 11.50 -60.38 -106.68
C PHE SD 95 11.66 -58.87 -106.75
N SER SD 96 12.90 -58.41 -106.68
CA SER SD 96 13.18 -56.98 -106.70
C SER SD 96 14.01 -56.69 -107.93
N PHE SD 97 13.41 -56.01 -108.90
CA PHE SD 97 14.09 -55.67 -110.13
C PHE SD 97 14.36 -54.18 -110.17
N THR SD 98 15.45 -53.82 -110.83
CA THR SD 98 15.81 -52.43 -110.96
C THR SD 98 15.10 -51.79 -112.14
N GLN SD 99 15.07 -50.46 -112.09
CA GLN SD 99 14.34 -49.65 -113.05
C GLN SD 99 14.85 -49.91 -114.47
N TYR SD 100 16.12 -50.25 -114.59
CA TYR SD 100 16.74 -50.55 -115.88
C TYR SD 100 16.78 -52.04 -116.17
N SER SD 101 16.05 -52.83 -115.39
CA SER SD 101 16.05 -54.27 -115.57
C SER SD 101 15.60 -54.63 -116.98
N THR SD 102 15.84 -55.89 -117.36
CA THR SD 102 15.52 -56.38 -118.69
C THR SD 102 14.59 -57.57 -118.60
N ASP SD 103 13.65 -57.65 -119.53
CA ASP SD 103 12.81 -58.83 -119.65
C ASP SD 103 13.65 -60.09 -119.68
N GLU SD 104 14.75 -60.03 -120.43
CA GLU SD 104 15.66 -61.16 -120.52
C GLU SD 104 15.99 -61.67 -119.13
N GLU SD 105 16.61 -60.82 -118.33
CA GLU SD 105 17.10 -61.24 -117.03
C GLU SD 105 15.94 -61.62 -116.12
N ARG SD 106 14.82 -60.90 -116.23
CA ARG SD 106 13.69 -61.23 -115.37
C ARG SD 106 13.25 -62.66 -115.61
N ALA SD 107 13.01 -63.01 -116.87
CA ALA SD 107 12.59 -64.38 -117.18
C ALA SD 107 13.67 -65.37 -116.80
N PHE SD 108 14.93 -64.98 -117.00
CA PHE SD 108 16.03 -65.85 -116.61
C PHE SD 108 15.96 -66.19 -115.13
N VAL SD 109 15.81 -65.17 -114.29
CA VAL SD 109 15.67 -65.39 -112.86
C VAL SD 109 14.46 -66.23 -112.57
N ARG SD 110 13.38 -65.97 -113.29
CA ARG SD 110 12.15 -66.72 -113.12
C ARG SD 110 12.42 -68.21 -113.25
N THR SD 111 12.81 -68.63 -114.45
CA THR SD 111 12.95 -70.07 -114.66
C THR SD 111 14.15 -70.62 -113.89
N GLU SD 112 15.06 -69.77 -113.44
CA GLU SD 112 16.15 -70.29 -112.62
C GLU SD 112 15.62 -70.69 -111.26
N LEU SD 113 14.83 -69.81 -110.64
CA LEU SD 113 14.17 -70.21 -109.41
C LEU SD 113 13.35 -71.47 -109.64
N ALA SD 114 12.67 -71.54 -110.79
CA ALA SD 114 11.82 -72.69 -111.04
C ALA SD 114 12.62 -73.97 -111.05
N ALA SD 115 13.67 -74.01 -111.85
CA ALA SD 115 14.43 -75.24 -111.96
C ALA SD 115 15.19 -75.55 -110.67
N LEU SD 116 15.55 -74.53 -109.90
CA LEU SD 116 16.11 -74.82 -108.59
C LEU SD 116 15.08 -75.52 -107.72
N LEU SD 117 13.86 -75.00 -107.69
CA LEU SD 117 12.79 -75.67 -106.97
C LEU SD 117 12.67 -77.11 -107.44
N ALA SD 118 12.89 -77.34 -108.73
CA ALA SD 118 12.82 -78.68 -109.27
C ALA SD 118 14.06 -79.51 -108.98
N SER SD 119 15.13 -78.89 -108.54
CA SER SD 119 16.37 -79.60 -108.35
C SER SD 119 16.32 -80.45 -107.08
N PRO SD 120 17.07 -81.54 -107.04
CA PRO SD 120 17.12 -82.34 -105.81
C PRO SD 120 17.56 -81.53 -104.61
N LEU SD 121 18.45 -80.58 -104.82
CA LEU SD 121 18.92 -79.76 -103.70
C LEU SD 121 17.74 -79.31 -102.85
N LEU SD 122 16.89 -78.48 -103.42
CA LEU SD 122 15.73 -78.03 -102.67
C LEU SD 122 14.81 -79.21 -102.37
N ILE SD 123 14.90 -80.28 -103.17
CA ILE SD 123 13.97 -81.38 -102.98
C ILE SD 123 14.09 -81.87 -101.56
N ASP SD 124 15.31 -82.15 -101.14
CA ASP SD 124 15.54 -82.66 -99.80
C ASP SD 124 15.60 -81.52 -98.80
N ALA SD 125 16.01 -80.33 -99.25
CA ALA SD 125 16.08 -79.22 -98.32
C ALA SD 125 14.71 -78.88 -97.74
N ILE SD 126 13.64 -79.18 -98.44
CA ILE SD 126 12.32 -78.85 -97.93
C ILE SD 126 11.50 -80.09 -97.61
N ASP SD 127 11.36 -81.01 -98.57
CA ASP SD 127 10.48 -82.14 -98.32
C ASP SD 127 10.87 -82.86 -97.05
N GLN SD 128 12.14 -83.21 -96.93
CA GLN SD 128 12.67 -83.74 -95.70
C GLN SD 128 13.25 -82.66 -94.82
N LEU SD 129 13.24 -81.41 -95.26
CA LEU SD 129 13.70 -80.32 -94.43
C LEU SD 129 15.16 -80.53 -94.07
N ASN SD 130 15.95 -80.86 -95.07
CA ASN SD 130 17.31 -81.31 -94.87
C ASN SD 130 18.30 -80.20 -95.15
N PRO SD 131 19.00 -79.67 -94.15
CA PRO SD 131 20.06 -78.71 -94.46
C PRO SD 131 21.10 -79.34 -95.36
N ALA SD 132 21.63 -78.53 -96.27
CA ALA SD 132 22.57 -79.04 -97.25
C ALA SD 132 23.88 -79.32 -96.55
N TYR SD 133 24.22 -80.60 -96.44
CA TYR SD 133 25.52 -80.98 -95.91
C TYR SD 133 25.93 -82.30 -96.51
N ALA TD 2 -14.88 -47.08 -122.13
CA ALA TD 2 -13.46 -46.64 -122.24
C ALA TD 2 -12.51 -47.81 -122.00
N LYS TD 3 -12.92 -48.98 -122.47
CA LYS TD 3 -12.15 -50.19 -122.26
C LYS TD 3 -10.73 -50.04 -122.82
N LEU TD 4 -9.76 -50.51 -122.06
CA LEU TD 4 -8.36 -50.42 -122.48
C LEU TD 4 -8.16 -51.13 -123.82
N GLU TD 5 -7.21 -50.62 -124.59
CA GLU TD 5 -6.85 -51.27 -125.85
C GLU TD 5 -5.65 -50.54 -126.42
N THR TD 6 -5.01 -51.18 -127.39
CA THR TD 6 -3.82 -50.61 -128.01
C THR TD 6 -4.17 -49.30 -128.70
N VAL TD 7 -3.63 -48.20 -128.19
CA VAL TD 7 -3.83 -46.90 -128.79
C VAL TD 7 -2.80 -46.72 -129.89
N THR TD 8 -3.28 -46.37 -131.07
CA THR TD 8 -2.44 -46.17 -132.24
C THR TD 8 -2.54 -44.71 -132.64
N LEU TD 9 -1.53 -43.95 -132.30
CA LEU TD 9 -1.52 -42.52 -132.58
C LEU TD 9 -0.75 -42.30 -133.88
N GLY TD 10 -1.37 -41.61 -134.83
CA GLY TD 10 -0.80 -41.50 -136.15
C GLY TD 10 0.26 -40.43 -136.29
N ASN TD 11 0.12 -39.60 -137.31
CA ASN TD 11 1.11 -38.57 -137.61
C ASN TD 11 1.42 -37.75 -136.37
N ILE TD 12 2.71 -37.50 -136.14
CA ILE TD 12 3.21 -37.00 -134.86
C ILE TD 12 4.58 -36.36 -135.09
N GLY TD 13 4.86 -35.27 -134.38
CA GLY TD 13 6.14 -34.56 -134.46
C GLY TD 13 6.02 -33.28 -135.26
N LYS TD 14 7.19 -32.65 -135.52
CA LYS TD 14 7.22 -31.59 -136.53
C LYS TD 14 6.54 -32.01 -137.82
N ASP TD 15 7.15 -32.89 -138.58
CA ASP TD 15 6.63 -33.14 -139.91
C ASP TD 15 5.28 -33.84 -139.86
N GLY TD 16 4.90 -34.36 -138.70
CA GLY TD 16 3.70 -35.16 -138.63
C GLY TD 16 3.81 -36.39 -139.49
N LYS TD 17 4.83 -37.21 -139.24
CA LYS TD 17 4.97 -38.45 -139.98
C LYS TD 17 5.22 -39.67 -139.11
N GLN TD 18 5.60 -39.51 -137.86
CA GLN TD 18 5.86 -40.66 -137.02
C GLN TD 18 4.55 -41.19 -136.43
N THR TD 19 4.61 -42.38 -135.86
CA THR TD 19 3.45 -43.02 -135.27
C THR TD 19 3.84 -43.72 -133.98
N LEU TD 20 2.91 -43.79 -133.04
CA LEU TD 20 3.14 -44.40 -131.75
C LEU TD 20 2.10 -45.47 -131.49
N VAL TD 21 2.50 -46.51 -130.77
CA VAL TD 21 1.61 -47.60 -130.42
C VAL TD 21 1.80 -47.87 -128.94
N LEU TD 22 0.80 -47.52 -128.15
CA LEU TD 22 0.80 -47.73 -126.72
C LEU TD 22 -0.05 -48.95 -126.43
N ASN TD 23 0.54 -49.94 -125.79
CA ASN TD 23 -0.24 -51.10 -125.42
C ASN TD 23 -0.76 -50.96 -124.01
N PRO TD 24 -1.86 -51.65 -123.69
CA PRO TD 24 -2.49 -51.49 -122.38
C PRO TD 24 -1.74 -52.29 -121.33
N ARG TD 25 -1.20 -51.60 -120.34
CA ARG TD 25 -0.46 -52.28 -119.28
C ARG TD 25 -1.43 -52.78 -118.22
N GLY TD 26 -2.16 -51.87 -117.59
CA GLY TD 26 -3.10 -52.26 -116.57
C GLY TD 26 -3.75 -51.07 -115.93
N VAL TD 27 -4.25 -51.27 -114.72
CA VAL TD 27 -4.91 -50.21 -113.96
C VAL TD 27 -4.58 -50.36 -112.49
N ASN TD 28 -3.82 -49.42 -111.96
CA ASN TD 28 -3.53 -49.39 -110.54
C ASN TD 28 -4.80 -49.02 -109.78
N PRO TD 29 -5.27 -49.84 -108.87
CA PRO TD 29 -6.48 -49.51 -108.14
C PRO TD 29 -6.26 -48.51 -107.03
N THR TD 30 -5.12 -48.59 -106.35
CA THR TD 30 -4.91 -47.72 -105.19
C THR TD 30 -5.18 -46.27 -105.51
N ASN TD 31 -5.14 -45.91 -106.80
CA ASN TD 31 -5.45 -44.56 -107.21
C ASN TD 31 -6.36 -44.52 -108.44
N GLY TD 32 -6.86 -45.66 -108.90
CA GLY TD 32 -7.74 -45.69 -110.05
C GLY TD 32 -7.09 -45.04 -111.25
N VAL TD 33 -6.00 -45.65 -111.73
CA VAL TD 33 -5.18 -45.06 -112.78
C VAL TD 33 -4.90 -46.11 -113.85
N ALA TD 34 -5.44 -45.91 -115.05
CA ALA TD 34 -5.12 -46.78 -116.16
C ALA TD 34 -3.83 -46.30 -116.81
N SER TD 35 -2.99 -47.26 -117.20
CA SER TD 35 -1.67 -46.97 -117.72
C SER TD 35 -1.44 -47.65 -119.06
N LEU TD 36 -0.76 -46.94 -119.96
CA LEU TD 36 -0.40 -47.45 -121.27
C LEU TD 36 1.08 -47.15 -121.50
N SER TD 37 1.77 -48.06 -122.18
CA SER TD 37 3.20 -47.92 -122.38
C SER TD 37 3.59 -48.35 -123.78
N GLN TD 38 4.64 -47.73 -124.29
CA GLN TD 38 5.19 -48.11 -125.58
C GLN TD 38 5.78 -49.51 -125.48
N ALA TD 39 5.66 -50.26 -126.57
CA ALA TD 39 6.23 -51.60 -126.60
C ALA TD 39 7.73 -51.53 -126.40
N GLY TD 40 8.23 -52.21 -125.37
CA GLY TD 40 9.65 -52.24 -125.11
C GLY TD 40 10.04 -53.38 -124.19
N ALA TD 41 11.22 -53.28 -123.58
CA ALA TD 41 11.67 -54.29 -122.63
C ALA TD 41 12.13 -53.66 -121.32
N VAL TD 42 12.77 -52.49 -121.42
CA VAL TD 42 13.30 -51.83 -120.24
C VAL TD 42 12.32 -50.74 -119.83
N PRO TD 43 11.63 -50.86 -118.69
CA PRO TD 43 10.63 -49.85 -118.34
C PRO TD 43 11.21 -48.46 -118.32
N ALA TD 44 12.49 -48.35 -118.00
CA ALA TD 44 13.15 -47.06 -117.91
C ALA TD 44 13.10 -46.28 -119.20
N LEU TD 45 12.90 -46.95 -120.33
CA LEU TD 45 13.08 -46.35 -121.62
C LEU TD 45 11.82 -46.52 -122.44
N GLU TD 46 10.69 -46.20 -121.84
CA GLU TD 46 9.39 -46.44 -122.46
C GLU TD 46 8.52 -45.20 -122.32
N LYS TD 47 7.80 -44.87 -123.39
CA LYS TD 47 6.89 -43.73 -123.35
C LYS TD 47 5.62 -44.14 -122.63
N ARG TD 48 5.28 -43.42 -121.57
CA ARG TD 48 4.21 -43.82 -120.68
C ARG TD 48 3.07 -42.82 -120.71
N VAL TD 49 1.86 -43.32 -120.53
CA VAL TD 49 0.64 -42.53 -120.50
C VAL TD 49 -0.23 -43.02 -119.36
N THR TD 50 -0.84 -42.09 -118.64
CA THR TD 50 -1.68 -42.43 -117.49
C THR TD 50 -2.95 -41.62 -117.57
N VAL TD 51 -4.10 -42.27 -117.37
CA VAL TD 51 -5.38 -41.60 -117.36
C VAL TD 51 -6.12 -41.98 -116.09
N SER TD 52 -6.76 -41.00 -115.48
CA SER TD 52 -7.50 -41.21 -114.25
C SER TD 52 -8.69 -40.27 -114.21
N VAL TD 53 -9.77 -40.72 -113.59
CA VAL TD 53 -10.98 -39.93 -113.47
C VAL TD 53 -11.43 -40.00 -112.03
N SER TD 54 -11.24 -38.92 -111.29
CA SER TD 54 -11.62 -38.85 -109.89
C SER TD 54 -13.05 -38.38 -109.78
N GLN TD 55 -13.86 -39.18 -109.11
CA GLN TD 55 -15.24 -38.86 -108.79
C GLN TD 55 -15.30 -37.81 -107.70
N PRO TD 56 -16.45 -37.15 -107.52
CA PRO TD 56 -16.59 -36.14 -106.47
C PRO TD 56 -16.51 -36.75 -105.10
N SER TD 57 -15.61 -36.23 -104.28
CA SER TD 57 -15.44 -36.72 -102.92
C SER TD 57 -16.57 -36.18 -102.06
N ARG TD 58 -16.48 -36.43 -100.76
CA ARG TD 58 -17.48 -35.97 -99.81
C ARG TD 58 -17.21 -34.54 -99.34
N ASN TD 59 -16.24 -33.87 -99.96
CA ASN TD 59 -15.89 -32.52 -99.56
C ASN TD 59 -15.59 -31.59 -100.72
N ARG TD 60 -15.75 -32.04 -101.98
CA ARG TD 60 -15.42 -31.19 -103.12
C ARG TD 60 -16.54 -31.10 -104.15
N LYS TD 61 -17.20 -32.23 -104.44
CA LYS TD 61 -18.21 -32.26 -105.50
C LYS TD 61 -17.62 -31.73 -106.81
N ASN TD 62 -16.62 -32.47 -107.30
CA ASN TD 62 -15.90 -32.03 -108.48
C ASN TD 62 -15.39 -33.23 -109.25
N TYR TD 63 -15.75 -33.29 -110.53
CA TYR TD 63 -15.24 -34.29 -111.45
C TYR TD 63 -13.87 -33.88 -111.93
N LYS TD 64 -12.90 -34.78 -111.83
CA LYS TD 64 -11.55 -34.49 -112.29
C LYS TD 64 -11.09 -35.56 -113.28
N VAL TD 65 -10.39 -35.12 -114.31
CA VAL TD 65 -9.84 -36.02 -115.31
C VAL TD 65 -8.38 -35.63 -115.51
N GLN TD 66 -7.48 -36.50 -115.10
CA GLN TD 66 -6.04 -36.25 -115.19
C GLN TD 66 -5.44 -37.15 -116.25
N VAL TD 67 -4.60 -36.59 -117.10
CA VAL TD 67 -3.87 -37.34 -118.11
C VAL TD 67 -2.41 -36.92 -118.06
N LYS TD 68 -1.53 -37.88 -117.78
CA LYS TD 68 -0.10 -37.63 -117.71
C LYS TD 68 0.60 -38.35 -118.86
N ILE TD 69 1.60 -37.68 -119.44
CA ILE TD 69 2.44 -38.25 -120.49
C ILE TD 69 3.89 -38.07 -120.08
N GLN TD 70 4.62 -39.18 -120.02
CA GLN TD 70 6.05 -39.15 -119.77
C GLN TD 70 6.77 -39.66 -121.00
N ASN TD 71 7.78 -38.93 -121.43
CA ASN TD 71 8.56 -39.29 -122.61
C ASN TD 71 10.04 -39.21 -122.26
N PRO TD 72 10.73 -40.33 -122.11
CA PRO TD 72 12.14 -40.29 -121.72
C PRO TD 72 13.07 -40.35 -122.92
N THR TD 73 14.31 -39.95 -122.70
CA THR TD 73 15.32 -39.94 -123.74
C THR TD 73 16.37 -41.02 -123.49
N ALA TD 74 16.83 -41.63 -124.59
CA ALA TD 74 17.70 -42.79 -124.50
C ALA TD 74 19.10 -42.40 -124.07
N CYS TD 75 19.79 -41.62 -124.88
CA CYS TD 75 21.22 -41.36 -124.70
C CYS TD 75 22.00 -42.66 -124.57
N THR TD 76 21.83 -43.57 -125.53
CA THR TD 76 22.67 -44.76 -125.51
C THR TD 76 24.14 -44.38 -125.68
N ALA TD 77 24.96 -44.87 -124.76
CA ALA TD 77 26.39 -44.60 -124.80
C ALA TD 77 27.08 -45.63 -125.67
N ASN TD 78 28.27 -45.27 -126.16
CA ASN TD 78 29.03 -46.10 -127.08
C ASN TD 78 29.59 -47.29 -126.31
N GLY TD 79 28.67 -48.17 -125.90
CA GLY TD 79 29.02 -49.46 -125.34
C GLY TD 79 28.80 -49.49 -123.84
N SER TD 80 29.41 -50.48 -123.20
CA SER TD 80 29.62 -50.56 -121.78
C SER TD 80 28.35 -50.90 -120.98
N CYS TD 81 27.16 -50.59 -121.50
CA CYS TD 81 25.91 -51.29 -121.18
C CYS TD 81 24.73 -50.45 -121.65
N ASP TD 82 23.53 -50.96 -121.41
CA ASP TD 82 22.30 -50.37 -121.91
C ASP TD 82 22.25 -48.86 -121.63
N PRO TD 83 21.43 -48.13 -122.39
CA PRO TD 83 21.34 -46.69 -122.22
C PRO TD 83 20.82 -46.30 -120.85
N SER TD 84 20.98 -45.02 -120.53
CA SER TD 84 20.47 -44.45 -119.30
C SER TD 84 19.71 -43.18 -119.64
N VAL TD 85 18.74 -42.84 -118.80
CA VAL TD 85 17.84 -41.74 -119.13
C VAL TD 85 18.47 -40.43 -118.66
N THR TD 86 18.44 -39.45 -119.54
CA THR TD 86 18.99 -38.12 -119.27
C THR TD 86 17.93 -37.03 -119.28
N ARG TD 87 17.00 -37.09 -120.22
CA ARG TD 87 15.97 -36.07 -120.37
C ARG TD 87 14.60 -36.71 -120.25
N GLN TD 88 13.68 -36.00 -119.61
CA GLN TD 88 12.36 -36.54 -119.30
C GLN TD 88 11.33 -35.46 -119.54
N ALA TD 89 10.61 -35.55 -120.64
CA ALA TD 89 9.55 -34.59 -120.94
C ALA TD 89 8.26 -35.03 -120.29
N TYR TD 90 7.67 -34.16 -119.48
CA TYR TD 90 6.42 -34.46 -118.80
C TYR TD 90 5.33 -33.52 -119.29
N ALA TD 91 4.13 -34.06 -119.44
CA ALA TD 91 2.95 -33.27 -119.76
C ALA TD 91 1.81 -33.74 -118.87
N ASP TD 92 1.04 -32.79 -118.35
CA ASP TD 92 -0.02 -33.12 -117.41
C ASP TD 92 -1.23 -32.24 -117.71
N VAL TD 93 -2.34 -32.88 -118.06
CA VAL TD 93 -3.58 -32.19 -118.31
C VAL TD 93 -4.58 -32.57 -117.23
N THR TD 94 -5.38 -31.60 -116.80
CA THR TD 94 -6.36 -31.81 -115.74
C THR TD 94 -7.63 -31.06 -116.11
N PHE TD 95 -8.62 -31.80 -116.61
CA PHE TD 95 -9.93 -31.22 -116.83
C PHE TD 95 -10.76 -31.28 -115.56
N SER TD 96 -11.47 -30.20 -115.29
CA SER TD 96 -12.29 -30.06 -114.10
C SER TD 96 -13.71 -29.75 -114.51
N PHE TD 97 -14.67 -30.48 -113.94
CA PHE TD 97 -16.07 -30.26 -114.28
C PHE TD 97 -16.90 -30.28 -113.01
N THR TD 98 -18.03 -29.59 -113.10
CA THR TD 98 -18.99 -29.59 -112.02
C THR TD 98 -19.88 -30.82 -112.11
N GLN TD 99 -20.49 -31.15 -110.97
CA GLN TD 99 -21.31 -32.34 -110.89
C GLN TD 99 -22.53 -32.22 -111.79
N TYR TD 100 -22.86 -31.01 -112.24
CA TYR TD 100 -23.99 -30.82 -113.12
C TYR TD 100 -23.54 -30.50 -114.54
N SER TD 101 -22.29 -30.79 -114.86
CA SER TD 101 -21.74 -30.50 -116.16
C SER TD 101 -22.51 -31.26 -117.24
N THR TD 102 -22.21 -30.97 -118.50
CA THR TD 102 -22.80 -31.67 -119.62
C THR TD 102 -21.72 -32.22 -120.55
N ASP TD 103 -21.98 -33.41 -121.09
CA ASP TD 103 -21.05 -34.00 -122.03
C ASP TD 103 -20.78 -33.06 -123.19
N GLU TD 104 -21.77 -32.26 -123.58
CA GLU TD 104 -21.55 -31.31 -124.65
C GLU TD 104 -20.41 -30.37 -124.31
N GLU TD 105 -20.46 -29.77 -123.13
CA GLU TD 105 -19.45 -28.77 -122.77
C GLU TD 105 -18.11 -29.46 -122.59
N ARG TD 106 -18.11 -30.65 -122.02
CA ARG TD 106 -16.85 -31.36 -121.85
C ARG TD 106 -16.21 -31.63 -123.20
N ALA TD 107 -16.99 -32.11 -124.16
CA ALA TD 107 -16.44 -32.31 -125.50
C ALA TD 107 -15.95 -30.99 -126.07
N PHE TD 108 -16.69 -29.92 -125.83
CA PHE TD 108 -16.32 -28.61 -126.32
C PHE TD 108 -14.92 -28.24 -125.85
N VAL TD 109 -14.70 -28.33 -124.54
CA VAL TD 109 -13.40 -27.99 -123.99
C VAL TD 109 -12.34 -28.94 -124.52
N ARG TD 110 -12.68 -30.22 -124.63
CA ARG TD 110 -11.74 -31.19 -125.17
C ARG TD 110 -11.20 -30.74 -126.50
N THR TD 111 -12.09 -30.60 -127.47
CA THR TD 111 -11.65 -30.27 -128.81
C THR TD 111 -10.96 -28.92 -128.83
N GLU TD 112 -11.42 -27.98 -128.02
CA GLU TD 112 -10.79 -26.68 -128.01
C GLU TD 112 -9.33 -26.82 -127.60
N LEU TD 113 -9.07 -27.57 -126.54
CA LEU TD 113 -7.68 -27.78 -126.12
C LEU TD 113 -6.90 -28.46 -127.22
N ALA TD 114 -7.49 -29.46 -127.88
CA ALA TD 114 -6.79 -30.14 -128.95
C ALA TD 114 -6.36 -29.18 -130.03
N ALA TD 115 -7.30 -28.39 -130.52
CA ALA TD 115 -6.96 -27.57 -131.66
C ALA TD 115 -6.10 -26.38 -131.23
N LEU TD 116 -6.14 -26.01 -129.95
CA LEU TD 116 -5.12 -25.09 -129.47
C LEU TD 116 -3.74 -25.71 -129.53
N LEU TD 117 -3.62 -26.98 -129.14
CA LEU TD 117 -2.34 -27.65 -129.25
C LEU TD 117 -1.88 -27.73 -130.69
N ALA TD 118 -2.82 -27.66 -131.63
CA ALA TD 118 -2.46 -27.59 -133.05
C ALA TD 118 -2.19 -26.18 -133.56
N SER TD 119 -2.73 -25.15 -132.90
CA SER TD 119 -2.66 -23.80 -133.42
C SER TD 119 -1.22 -23.28 -133.43
N PRO TD 120 -0.93 -22.33 -134.32
CA PRO TD 120 0.44 -21.80 -134.38
C PRO TD 120 0.92 -21.25 -133.06
N LEU TD 121 0.04 -20.60 -132.29
CA LEU TD 121 0.46 -19.94 -131.07
C LEU TD 121 1.17 -20.94 -130.15
N LEU TD 122 0.45 -21.95 -129.70
CA LEU TD 122 1.07 -22.92 -128.83
C LEU TD 122 2.25 -23.59 -129.50
N ILE TD 123 2.24 -23.68 -130.83
CA ILE TD 123 3.37 -24.32 -131.51
C ILE TD 123 4.66 -23.59 -131.21
N ASP TD 124 4.66 -22.28 -131.40
CA ASP TD 124 5.84 -21.51 -131.03
C ASP TD 124 6.08 -21.56 -129.53
N ALA TD 125 5.00 -21.54 -128.75
CA ALA TD 125 5.16 -21.50 -127.31
C ALA TD 125 5.88 -22.73 -126.80
N ILE TD 126 5.64 -23.89 -127.41
CA ILE TD 126 6.20 -25.15 -126.96
C ILE TD 126 7.48 -25.44 -127.72
N ASP TD 127 7.34 -25.61 -129.03
CA ASP TD 127 8.48 -25.85 -129.90
C ASP TD 127 9.65 -24.93 -129.57
N GLN TD 128 9.45 -23.64 -129.80
CA GLN TD 128 10.53 -22.67 -129.63
C GLN TD 128 10.63 -22.12 -128.22
N LEU TD 129 9.73 -22.48 -127.33
CA LEU TD 129 9.72 -21.93 -125.99
C LEU TD 129 9.66 -20.41 -126.01
N ASN TD 130 9.08 -19.86 -127.07
CA ASN TD 130 8.98 -18.42 -127.20
C ASN TD 130 7.85 -17.92 -126.31
N PRO TD 131 8.11 -16.98 -125.39
CA PRO TD 131 7.01 -16.43 -124.61
C PRO TD 131 5.96 -15.83 -125.51
N ALA TD 132 4.70 -16.02 -125.11
CA ALA TD 132 3.60 -15.50 -125.90
C ALA TD 132 3.69 -13.98 -125.95
N TYR TD 133 4.16 -13.45 -127.08
CA TYR TD 133 4.18 -12.02 -127.32
C TYR TD 133 4.72 -11.77 -128.72
N ALA UD 2 -14.33 -60.69 -110.23
CA ALA UD 2 -15.44 -60.02 -110.93
C ALA UD 2 -14.93 -58.80 -111.70
N LYS UD 3 -14.41 -59.05 -112.90
CA LYS UD 3 -13.96 -57.97 -113.77
C LYS UD 3 -15.13 -57.06 -114.15
N LEU UD 4 -14.99 -55.78 -113.85
CA LEU UD 4 -16.01 -54.83 -114.29
C LEU UD 4 -16.04 -54.75 -115.80
N GLU UD 5 -17.23 -54.59 -116.33
CA GLU UD 5 -17.43 -54.41 -117.76
C GLU UD 5 -18.81 -53.82 -117.97
N THR UD 6 -19.02 -53.23 -119.14
CA THR UD 6 -20.31 -52.66 -119.44
C THR UD 6 -21.41 -53.68 -119.26
N VAL UD 7 -22.29 -53.44 -118.29
CA VAL UD 7 -23.32 -54.41 -117.97
C VAL UD 7 -24.61 -53.93 -118.62
N THR UD 8 -25.26 -54.81 -119.36
CA THR UD 8 -26.46 -54.47 -120.11
C THR UD 8 -27.59 -55.31 -119.56
N LEU UD 9 -28.61 -54.63 -119.05
CA LEU UD 9 -29.68 -55.28 -118.34
C LEU UD 9 -30.92 -55.17 -119.23
N GLY UD 10 -31.47 -56.30 -119.64
CA GLY UD 10 -32.58 -56.33 -120.57
C GLY UD 10 -33.89 -56.71 -119.89
N ASN UD 11 -34.98 -56.46 -120.61
CA ASN UD 11 -36.33 -56.79 -120.16
C ASN UD 11 -36.56 -56.22 -118.76
N ILE UD 12 -36.65 -54.89 -118.72
CA ILE UD 12 -36.69 -54.13 -117.49
C ILE UD 12 -37.98 -53.34 -117.46
N GLY UD 13 -38.44 -53.03 -116.25
CA GLY UD 13 -39.54 -52.10 -116.06
C GLY UD 13 -40.88 -52.79 -115.99
N LYS UD 14 -41.93 -51.96 -115.99
CA LYS UD 14 -43.27 -52.49 -115.83
C LYS UD 14 -43.60 -53.53 -116.89
N ASP UD 15 -43.43 -53.16 -118.15
CA ASP UD 15 -43.71 -54.06 -119.26
C ASP UD 15 -42.55 -55.01 -119.54
N GLY UD 16 -41.41 -54.80 -118.90
CA GLY UD 16 -40.23 -55.58 -119.24
C GLY UD 16 -39.77 -55.30 -120.66
N LYS UD 17 -39.63 -54.02 -121.00
CA LYS UD 17 -39.23 -53.64 -122.35
C LYS UD 17 -38.04 -52.70 -122.41
N GLN UD 18 -37.72 -51.95 -121.36
CA GLN UD 18 -36.59 -51.05 -121.46
C GLN UD 18 -35.29 -51.81 -121.27
N THR UD 19 -34.18 -51.10 -121.37
CA THR UD 19 -32.87 -51.68 -121.13
C THR UD 19 -31.98 -50.66 -120.44
N LEU UD 20 -30.99 -51.18 -119.73
CA LEU UD 20 -30.06 -50.37 -118.96
C LEU UD 20 -28.65 -50.67 -119.42
N VAL UD 21 -27.87 -49.62 -119.63
CA VAL UD 21 -26.49 -49.75 -120.06
C VAL UD 21 -25.64 -49.07 -119.00
N LEU UD 22 -24.92 -49.86 -118.20
CA LEU UD 22 -24.11 -49.34 -117.11
C LEU UD 22 -22.64 -49.48 -117.47
N ASN UD 23 -21.91 -48.41 -117.33
CA ASN UD 23 -20.48 -48.49 -117.59
C ASN UD 23 -19.69 -48.35 -116.28
N PRO UD 24 -18.50 -48.93 -116.23
CA PRO UD 24 -17.75 -48.97 -114.98
C PRO UD 24 -17.28 -47.59 -114.54
N ARG UD 25 -17.26 -47.37 -113.23
CA ARG UD 25 -16.73 -46.15 -112.64
C ARG UD 25 -15.45 -46.40 -111.87
N GLY UD 26 -14.84 -47.57 -112.03
CA GLY UD 26 -13.68 -47.89 -111.23
C GLY UD 26 -14.06 -48.41 -109.86
N VAL UD 27 -13.16 -48.21 -108.91
CA VAL UD 27 -13.35 -48.68 -107.54
C VAL UD 27 -12.78 -47.64 -106.59
N ASN UD 28 -13.49 -47.40 -105.51
CA ASN UD 28 -13.00 -46.49 -104.49
C ASN UD 28 -11.75 -47.06 -103.83
N PRO UD 29 -10.65 -46.33 -103.79
CA PRO UD 29 -9.46 -46.86 -103.10
C PRO UD 29 -9.66 -47.07 -101.62
N THR UD 30 -10.50 -46.25 -100.97
CA THR UD 30 -10.65 -46.36 -99.52
C THR UD 30 -11.74 -47.36 -99.15
N ASN UD 31 -12.97 -47.13 -99.61
CA ASN UD 31 -14.05 -48.05 -99.29
C ASN UD 31 -13.89 -49.39 -99.98
N GLY UD 32 -13.13 -49.45 -101.07
CA GLY UD 32 -13.00 -50.69 -101.81
C GLY UD 32 -14.33 -51.15 -102.37
N VAL UD 33 -15.04 -50.25 -103.04
CA VAL UD 33 -16.34 -50.53 -103.62
C VAL UD 33 -16.32 -50.12 -105.08
N ALA UD 34 -16.75 -51.00 -105.96
CA ALA UD 34 -16.87 -50.67 -107.37
C ALA UD 34 -18.23 -50.04 -107.63
N SER UD 35 -18.31 -49.27 -108.70
CA SER UD 35 -19.53 -48.57 -109.06
C SER UD 35 -19.70 -48.60 -110.57
N LEU UD 36 -20.95 -48.55 -111.00
CA LEU UD 36 -21.31 -48.47 -112.40
C LEU UD 36 -22.36 -47.39 -112.58
N SER UD 37 -22.36 -46.77 -113.76
CA SER UD 37 -23.31 -45.70 -114.03
C SER UD 37 -23.88 -45.84 -115.43
N GLN UD 38 -25.09 -45.34 -115.57
CA GLN UD 38 -25.74 -45.24 -116.87
C GLN UD 38 -25.12 -44.10 -117.67
N ALA UD 39 -24.90 -44.35 -118.95
CA ALA UD 39 -24.36 -43.30 -119.80
C ALA UD 39 -25.39 -42.21 -119.99
N GLY UD 40 -24.98 -40.97 -119.77
CA GLY UD 40 -25.90 -39.85 -119.87
C GLY UD 40 -25.13 -38.59 -120.17
N ALA UD 41 -25.86 -37.48 -120.17
CA ALA UD 41 -25.25 -36.19 -120.46
C ALA UD 41 -24.87 -35.45 -119.18
N VAL UD 42 -25.77 -35.45 -118.20
CA VAL UD 42 -25.55 -34.72 -116.96
C VAL UD 42 -25.29 -35.75 -115.86
N PRO UD 43 -24.04 -36.01 -115.48
CA PRO UD 43 -23.76 -37.11 -114.55
C PRO UD 43 -24.56 -37.04 -113.27
N ALA UD 44 -25.14 -35.89 -112.96
CA ALA UD 44 -26.03 -35.80 -111.81
C ALA UD 44 -27.30 -36.60 -112.00
N LEU UD 45 -27.66 -36.95 -113.23
CA LEU UD 45 -28.96 -37.52 -113.54
C LEU UD 45 -28.87 -38.95 -114.07
N GLU UD 46 -27.81 -39.67 -113.73
CA GLU UD 46 -27.62 -41.01 -114.27
C GLU UD 46 -27.72 -42.03 -113.16
N LYS UD 47 -28.27 -43.19 -113.50
CA LYS UD 47 -28.51 -44.24 -112.52
C LYS UD 47 -27.19 -44.90 -112.16
N ARG UD 48 -26.89 -44.96 -110.87
CA ARG UD 48 -25.69 -45.60 -110.39
C ARG UD 48 -26.04 -46.87 -109.63
N VAL UD 49 -25.08 -47.79 -109.62
CA VAL UD 49 -25.18 -49.00 -108.83
C VAL UD 49 -23.82 -49.27 -108.20
N THR UD 50 -23.81 -49.59 -106.92
CA THR UD 50 -22.58 -49.88 -106.20
C THR UD 50 -22.50 -51.36 -105.87
N VAL UD 51 -21.28 -51.85 -105.71
CA VAL UD 51 -21.00 -53.25 -105.46
C VAL UD 51 -19.79 -53.34 -104.56
N SER UD 52 -19.92 -53.97 -103.41
CA SER UD 52 -18.78 -54.22 -102.55
C SER UD 52 -18.95 -55.56 -101.85
N VAL UD 53 -17.83 -56.16 -101.49
CA VAL UD 53 -17.82 -57.42 -100.75
C VAL UD 53 -16.69 -57.33 -99.73
N SER UD 54 -17.06 -57.14 -98.47
CA SER UD 54 -16.09 -57.02 -97.39
C SER UD 54 -15.34 -58.33 -97.20
N GLN UD 55 -14.15 -58.21 -96.70
CA GLN UD 55 -13.32 -59.35 -96.38
C GLN UD 55 -13.50 -59.72 -94.92
N PRO UD 56 -13.00 -60.89 -94.48
CA PRO UD 56 -13.34 -61.37 -93.14
C PRO UD 56 -12.95 -60.38 -92.06
N SER UD 57 -13.86 -60.18 -91.10
CA SER UD 57 -13.58 -59.30 -89.97
C SER UD 57 -12.81 -60.09 -88.91
N ARG UD 58 -12.71 -59.53 -87.70
CA ARG UD 58 -11.98 -60.18 -86.61
C ARG UD 58 -12.90 -61.04 -85.76
N ASN UD 59 -12.52 -62.31 -85.61
CA ASN UD 59 -13.11 -63.22 -84.63
C ASN UD 59 -14.53 -63.67 -84.95
N ARG UD 60 -15.15 -63.05 -85.96
CA ARG UD 60 -16.46 -63.47 -86.43
C ARG UD 60 -16.46 -63.70 -87.93
N LYS UD 61 -15.69 -62.90 -88.65
CA LYS UD 61 -15.32 -63.06 -90.05
C LYS UD 61 -16.45 -62.80 -91.05
N ASN UD 62 -17.71 -63.01 -90.67
CA ASN UD 62 -18.85 -62.31 -91.25
C ASN UD 62 -18.71 -61.82 -92.70
N TYR UD 63 -18.50 -62.67 -93.71
CA TYR UD 63 -18.43 -62.12 -95.06
C TYR UD 63 -19.67 -61.30 -95.38
N LYS UD 64 -19.45 -60.11 -95.92
CA LYS UD 64 -20.51 -59.17 -96.24
C LYS UD 64 -20.38 -58.70 -97.67
N VAL UD 65 -21.52 -58.48 -98.31
CA VAL UD 65 -21.59 -57.99 -99.69
C VAL UD 65 -22.69 -56.97 -99.78
N GLN UD 66 -22.41 -55.84 -100.43
CA GLN UD 66 -23.32 -54.72 -100.48
C GLN UD 66 -23.62 -54.37 -101.93
N VAL UD 67 -24.88 -54.06 -102.20
CA VAL UD 67 -25.28 -53.59 -103.52
C VAL UD 67 -26.25 -52.43 -103.32
N LYS UD 68 -25.85 -51.24 -103.74
CA LYS UD 68 -26.67 -50.05 -103.59
C LYS UD 68 -27.00 -49.53 -104.98
N ILE UD 69 -28.29 -49.46 -105.30
CA ILE UD 69 -28.77 -48.90 -106.55
C ILE UD 69 -29.40 -47.56 -106.25
N GLN UD 70 -28.89 -46.53 -106.90
CA GLN UD 70 -29.41 -45.17 -106.80
C GLN UD 70 -30.02 -44.78 -108.13
N ASN UD 71 -31.26 -44.31 -108.11
CA ASN UD 71 -31.95 -43.86 -109.31
C ASN UD 71 -32.46 -42.45 -109.11
N PRO UD 72 -31.89 -41.44 -109.76
CA PRO UD 72 -32.36 -40.07 -109.58
C PRO UD 72 -33.38 -39.68 -110.63
N THR UD 73 -34.07 -38.58 -110.35
CA THR UD 73 -35.02 -37.99 -111.29
C THR UD 73 -35.14 -36.52 -110.96
N ALA UD 74 -34.80 -35.69 -111.94
CA ALA UD 74 -34.83 -34.24 -111.81
C ALA UD 74 -36.00 -33.70 -112.63
N CYS UD 75 -36.25 -32.40 -112.46
CA CYS UD 75 -37.25 -31.72 -113.27
C CYS UD 75 -37.00 -30.22 -113.15
N THR UD 76 -36.60 -29.62 -114.26
CA THR UD 76 -36.18 -28.22 -114.26
C THR UD 76 -37.36 -27.29 -114.03
N ALA UD 77 -37.29 -26.49 -112.98
CA ALA UD 77 -38.29 -25.47 -112.73
C ALA UD 77 -38.11 -24.31 -113.69
N ASN UD 78 -39.14 -23.46 -113.79
CA ASN UD 78 -39.05 -22.34 -114.71
C ASN UD 78 -38.02 -21.35 -114.20
N GLY UD 79 -37.31 -20.71 -115.12
CA GLY UD 79 -36.20 -19.85 -114.77
C GLY UD 79 -35.00 -20.59 -114.22
N SER UD 80 -35.13 -21.89 -113.99
CA SER UD 80 -34.05 -22.70 -113.44
C SER UD 80 -33.20 -23.22 -114.59
N CYS UD 81 -31.91 -22.96 -114.51
CA CYS UD 81 -30.97 -23.21 -115.58
C CYS UD 81 -30.36 -24.59 -115.47
N ASP UD 82 -30.84 -25.38 -114.52
CA ASP UD 82 -30.17 -26.61 -114.18
C ASP UD 82 -31.19 -27.64 -113.72
N PRO UD 83 -31.27 -28.78 -114.38
CA PRO UD 83 -32.22 -29.81 -113.92
C PRO UD 83 -31.83 -30.42 -112.59
N SER UD 84 -32.08 -29.71 -111.49
CA SER UD 84 -31.72 -30.21 -110.18
C SER UD 84 -32.53 -31.46 -109.85
N VAL UD 85 -31.89 -32.40 -109.15
CA VAL UD 85 -32.54 -33.66 -108.83
C VAL UD 85 -33.54 -33.43 -107.70
N THR UD 86 -34.81 -33.70 -107.97
CA THR UD 86 -35.87 -33.54 -106.98
C THR UD 86 -36.39 -34.86 -106.43
N ARG UD 87 -35.95 -35.99 -106.96
CA ARG UD 87 -36.40 -37.28 -106.48
C ARG UD 87 -35.28 -38.28 -106.59
N GLN UD 88 -35.20 -39.20 -105.62
CA GLN UD 88 -34.18 -40.23 -105.66
C GLN UD 88 -34.72 -41.49 -105.02
N ALA UD 89 -34.44 -42.63 -105.66
CA ALA UD 89 -34.84 -43.93 -105.16
C ALA UD 89 -33.61 -44.75 -104.81
N TYR UD 90 -33.64 -45.36 -103.63
CA TYR UD 90 -32.53 -46.14 -103.12
C TYR UD 90 -32.94 -47.59 -102.94
N ALA UD 91 -32.03 -48.50 -103.29
CA ALA UD 91 -32.24 -49.91 -103.04
C ALA UD 91 -30.94 -50.48 -102.50
N ASP UD 92 -30.94 -50.91 -101.25
CA ASP UD 92 -29.74 -51.48 -100.63
C ASP UD 92 -29.98 -52.95 -100.31
N VAL UD 93 -29.16 -53.80 -100.88
CA VAL UD 93 -29.15 -55.22 -100.64
C VAL UD 93 -27.88 -55.56 -99.90
N THR UD 94 -28.01 -56.35 -98.84
CA THR UD 94 -26.83 -56.75 -98.08
C THR UD 94 -26.90 -58.26 -97.85
N PHE UD 95 -25.82 -58.94 -98.22
CA PHE UD 95 -25.71 -60.37 -98.05
C PHE UD 95 -24.63 -60.68 -97.04
N SER UD 96 -24.98 -61.52 -96.06
CA SER UD 96 -24.05 -61.91 -95.02
C SER UD 96 -23.94 -63.42 -95.03
N PHE UD 97 -22.70 -63.89 -95.09
CA PHE UD 97 -22.40 -65.31 -95.14
C PHE UD 97 -21.41 -65.64 -94.03
N THR UD 98 -21.46 -66.88 -93.60
CA THR UD 98 -20.52 -67.37 -92.62
C THR UD 98 -19.23 -67.74 -93.33
N GLN UD 99 -18.15 -67.74 -92.56
CA GLN UD 99 -16.83 -68.01 -93.12
C GLN UD 99 -16.72 -69.41 -93.67
N TYR UD 100 -17.67 -70.30 -93.35
CA TYR UD 100 -17.73 -71.60 -93.99
C TYR UD 100 -18.82 -71.68 -95.03
N SER UD 101 -19.39 -70.55 -95.43
CA SER UD 101 -20.44 -70.57 -96.43
C SER UD 101 -19.99 -71.34 -97.66
N THR UD 102 -20.97 -71.78 -98.45
CA THR UD 102 -20.70 -72.55 -99.64
C THR UD 102 -21.41 -71.92 -100.83
N ASP UD 103 -20.74 -71.98 -101.98
CA ASP UD 103 -21.33 -71.39 -103.18
C ASP UD 103 -22.72 -71.93 -103.45
N GLU UD 104 -22.99 -73.20 -103.10
CA GLU UD 104 -24.33 -73.72 -103.28
C GLU UD 104 -25.36 -72.79 -102.68
N GLU UD 105 -25.31 -72.65 -101.36
CA GLU UD 105 -26.28 -71.86 -100.64
C GLU UD 105 -26.20 -70.39 -101.03
N ARG UD 106 -25.00 -69.90 -101.30
CA ARG UD 106 -24.88 -68.52 -101.76
C ARG UD 106 -25.73 -68.31 -103.01
N ALA UD 107 -25.52 -69.17 -104.01
CA ALA UD 107 -26.25 -69.04 -105.26
C ALA UD 107 -27.74 -69.22 -105.02
N PHE UD 108 -28.11 -70.13 -104.12
CA PHE UD 108 -29.51 -70.35 -103.89
C PHE UD 108 -30.14 -69.09 -103.32
N VAL UD 109 -29.42 -68.44 -102.41
CA VAL UD 109 -29.88 -67.17 -101.86
C VAL UD 109 -30.08 -66.16 -102.97
N ARG UD 110 -29.08 -66.03 -103.83
CA ARG UD 110 -29.19 -65.07 -104.92
C ARG UD 110 -30.44 -65.33 -105.75
N THR UD 111 -30.60 -66.54 -106.22
CA THR UD 111 -31.70 -66.79 -107.13
C THR UD 111 -33.03 -66.69 -106.41
N GLU UD 112 -33.09 -67.00 -105.13
CA GLU UD 112 -34.37 -66.88 -104.44
C GLU UD 112 -34.74 -65.42 -104.29
N LEU UD 113 -33.75 -64.57 -103.99
CA LEU UD 113 -34.05 -63.14 -103.97
C LEU UD 113 -34.54 -62.67 -105.33
N ALA UD 114 -33.89 -63.15 -106.39
CA ALA UD 114 -34.29 -62.72 -107.73
C ALA UD 114 -35.72 -63.11 -108.03
N ALA UD 115 -36.06 -64.37 -107.80
CA ALA UD 115 -37.39 -64.81 -108.15
C ALA UD 115 -38.43 -64.24 -107.19
N LEU UD 116 -38.04 -63.91 -105.96
CA LEU UD 116 -38.96 -63.16 -105.11
C LEU UD 116 -39.25 -61.80 -105.70
N LEU UD 117 -38.21 -61.11 -106.14
CA LEU UD 117 -38.38 -59.86 -106.85
C LEU UD 117 -39.29 -60.01 -108.04
N ALA UD 118 -39.29 -61.19 -108.66
CA ALA UD 118 -40.19 -61.48 -109.76
C ALA UD 118 -41.62 -61.81 -109.32
N SER UD 119 -41.80 -62.40 -108.14
CA SER UD 119 -43.07 -62.97 -107.78
C SER UD 119 -44.12 -61.89 -107.62
N PRO UD 120 -45.40 -62.25 -107.73
CA PRO UD 120 -46.46 -61.26 -107.50
C PRO UD 120 -46.38 -60.62 -106.14
N LEU UD 121 -45.87 -61.32 -105.14
CA LEU UD 121 -45.86 -60.78 -103.80
C LEU UD 121 -45.08 -59.48 -103.78
N LEU UD 122 -43.78 -59.55 -104.00
CA LEU UD 122 -43.00 -58.31 -104.02
C LEU UD 122 -43.53 -57.37 -105.08
N ILE UD 123 -44.07 -57.89 -106.18
CA ILE UD 123 -44.65 -57.03 -107.18
C ILE UD 123 -45.59 -56.03 -106.52
N ASP UD 124 -46.63 -56.55 -105.88
CA ASP UD 124 -47.60 -55.66 -105.27
C ASP UD 124 -47.03 -54.95 -104.05
N ALA UD 125 -46.02 -55.54 -103.41
CA ALA UD 125 -45.48 -54.95 -102.19
C ALA UD 125 -44.63 -53.73 -102.47
N ILE UD 126 -44.02 -53.68 -103.65
CA ILE UD 126 -43.08 -52.61 -104.00
C ILE UD 126 -43.69 -51.68 -105.03
N ASP UD 127 -44.18 -52.23 -106.14
CA ASP UD 127 -44.70 -51.39 -107.21
C ASP UD 127 -45.89 -50.59 -106.73
N GLN UD 128 -46.76 -51.22 -105.94
CA GLN UD 128 -47.94 -50.57 -105.42
C GLN UD 128 -47.79 -50.17 -103.95
N LEU UD 129 -46.67 -50.52 -103.32
CA LEU UD 129 -46.45 -50.25 -101.90
C LEU UD 129 -47.65 -50.69 -101.09
N ASN UD 130 -48.01 -51.94 -101.25
CA ASN UD 130 -49.11 -52.49 -100.50
C ASN UD 130 -48.56 -53.45 -99.48
N PRO UD 131 -48.73 -53.19 -98.19
CA PRO UD 131 -48.32 -54.15 -97.20
C PRO UD 131 -48.99 -55.50 -97.41
N ALA UD 132 -48.18 -56.55 -97.27
CA ALA UD 132 -48.65 -57.89 -97.53
C ALA UD 132 -49.39 -58.40 -96.31
N TYR UD 133 -50.59 -58.93 -96.53
CA TYR UD 133 -51.33 -59.64 -95.49
C TYR UD 133 -52.44 -60.47 -96.10
N ALA VD 2 -96.21 -28.22 -86.57
CA ALA VD 2 -96.45 -27.09 -85.63
C ALA VD 2 -95.99 -25.76 -86.24
N LYS VD 3 -96.65 -25.32 -87.31
CA LYS VD 3 -96.25 -24.08 -87.97
C LYS VD 3 -96.88 -22.87 -87.27
N LEU VD 4 -96.16 -21.75 -87.35
CA LEU VD 4 -96.56 -20.52 -86.68
C LEU VD 4 -97.29 -19.61 -87.65
N GLU VD 5 -98.46 -19.14 -87.26
CA GLU VD 5 -99.24 -18.22 -88.07
C GLU VD 5 -100.08 -17.37 -87.13
N THR VD 6 -101.00 -16.59 -87.71
CA THR VD 6 -101.97 -15.85 -86.92
C THR VD 6 -102.97 -16.83 -86.33
N VAL VD 7 -103.24 -16.68 -85.05
CA VAL VD 7 -104.18 -17.54 -84.34
C VAL VD 7 -105.31 -16.66 -83.83
N THR VD 8 -106.54 -17.06 -84.12
CA THR VD 8 -107.73 -16.26 -83.85
C THR VD 8 -108.51 -16.94 -82.73
N LEU VD 9 -108.30 -16.46 -81.51
CA LEU VD 9 -108.94 -17.03 -80.35
C LEU VD 9 -110.27 -16.32 -80.16
N GLY VD 10 -111.36 -16.97 -80.52
CA GLY VD 10 -112.67 -16.36 -80.41
C GLY VD 10 -113.42 -16.84 -79.18
N ASN VD 11 -114.50 -16.16 -78.82
CA ASN VD 11 -115.32 -16.59 -77.69
C ASN VD 11 -114.48 -16.60 -76.41
N ILE VD 12 -114.05 -15.41 -76.01
CA ILE VD 12 -113.13 -15.23 -74.89
C ILE VD 12 -113.81 -14.45 -73.78
N GLY VD 13 -113.35 -14.68 -72.55
CA GLY VD 13 -113.79 -13.91 -71.40
C GLY VD 13 -114.95 -14.56 -70.67
N LYS VD 14 -115.64 -13.74 -69.88
CA LYS VD 14 -116.76 -14.23 -69.07
C LYS VD 14 -117.98 -14.47 -69.92
N ASP VD 15 -118.39 -13.46 -70.64
CA ASP VD 15 -119.42 -13.62 -71.65
C ASP VD 15 -118.97 -14.49 -72.79
N GLY VD 16 -117.66 -14.68 -72.95
CA GLY VD 16 -117.17 -15.38 -74.12
C GLY VD 16 -117.48 -14.58 -75.37
N LYS VD 17 -117.11 -13.30 -75.37
CA LYS VD 17 -117.49 -12.40 -76.46
C LYS VD 17 -116.31 -11.77 -77.18
N GLN VD 18 -115.23 -11.41 -76.50
CA GLN VD 18 -114.13 -10.77 -77.19
C GLN VD 18 -113.36 -11.77 -78.05
N THR VD 19 -112.35 -11.26 -78.75
CA THR VD 19 -111.51 -12.07 -79.61
C THR VD 19 -110.08 -11.56 -79.53
N LEU VD 20 -109.12 -12.47 -79.54
CA LEU VD 20 -107.72 -12.11 -79.53
C LEU VD 20 -107.04 -12.69 -80.77
N VAL VD 21 -106.36 -11.83 -81.52
CA VAL VD 21 -105.63 -12.24 -82.69
C VAL VD 21 -104.16 -12.16 -82.35
N LEU VD 22 -103.48 -13.31 -82.38
CA LEU VD 22 -102.07 -13.39 -82.05
C LEU VD 22 -101.27 -13.67 -83.31
N ASN VD 23 -100.42 -12.79 -83.66
CA ASN VD 23 -99.53 -13.08 -84.76
C ASN VD 23 -98.19 -13.57 -84.23
N PRO VD 24 -97.45 -14.31 -85.04
CA PRO VD 24 -96.23 -14.97 -84.55
C PRO VD 24 -95.05 -14.02 -84.49
N ARG VD 25 -93.98 -14.54 -83.90
CA ARG VD 25 -92.75 -13.80 -83.65
C ARG VD 25 -91.58 -14.67 -84.07
N GLY VD 26 -90.38 -14.31 -83.64
CA GLY VD 26 -89.20 -15.13 -83.85
C GLY VD 26 -89.03 -16.12 -82.71
N VAL VD 27 -88.56 -17.32 -83.04
CA VAL VD 27 -88.36 -18.33 -82.02
C VAL VD 27 -87.02 -18.07 -81.34
N ASN VD 28 -87.02 -18.08 -80.03
CA ASN VD 28 -85.80 -17.90 -79.26
C ASN VD 28 -84.75 -18.97 -79.57
N PRO VD 29 -83.70 -18.62 -80.30
CA PRO VD 29 -82.66 -19.63 -80.59
C PRO VD 29 -81.94 -20.13 -79.36
N THR VD 30 -81.77 -19.28 -78.34
CA THR VD 30 -81.05 -19.71 -77.15
C THR VD 30 -81.72 -20.90 -76.48
N ASN VD 31 -83.02 -21.05 -76.66
CA ASN VD 31 -83.76 -22.08 -75.95
C ASN VD 31 -84.86 -22.74 -76.76
N GLY VD 32 -85.07 -22.36 -78.01
CA GLY VD 32 -86.14 -22.94 -78.79
C GLY VD 32 -87.49 -22.72 -78.15
N VAL VD 33 -87.95 -21.46 -78.12
CA VAL VD 33 -89.31 -21.12 -77.73
C VAL VD 33 -89.93 -20.25 -78.81
N ALA VD 34 -91.07 -20.68 -79.33
CA ALA VD 34 -91.83 -19.84 -80.23
C ALA VD 34 -92.70 -18.89 -79.42
N SER VD 35 -93.03 -17.75 -80.04
CA SER VD 35 -93.80 -16.72 -79.37
C SER VD 35 -94.87 -16.14 -80.28
N LEU VD 36 -96.03 -15.88 -79.70
CA LEU VD 36 -97.13 -15.18 -80.35
C LEU VD 36 -97.50 -13.97 -79.51
N SER VD 37 -97.96 -12.92 -80.17
CA SER VD 37 -98.30 -11.71 -79.43
C SER VD 37 -99.44 -11.00 -80.13
N GLN VD 38 -100.11 -10.13 -79.38
CA GLN VD 38 -101.29 -9.44 -79.88
C GLN VD 38 -101.00 -8.78 -81.21
N ALA VD 39 -102.05 -8.54 -82.00
CA ALA VD 39 -101.84 -8.01 -83.35
C ALA VD 39 -101.07 -6.71 -83.33
N GLY VD 40 -101.11 -5.97 -82.23
CA GLY VD 40 -100.35 -4.76 -82.08
C GLY VD 40 -101.26 -3.55 -81.94
N ALA VD 41 -100.62 -2.37 -81.93
CA ALA VD 41 -99.19 -2.23 -82.19
C ALA VD 41 -98.33 -2.53 -80.98
N VAL VD 42 -98.36 -1.66 -79.98
CA VAL VD 42 -97.54 -1.87 -78.79
C VAL VD 42 -97.98 -3.11 -78.04
N PRO VD 43 -99.28 -3.39 -77.88
CA PRO VD 43 -99.66 -4.63 -77.20
C PRO VD 43 -98.93 -5.86 -77.72
N ALA VD 44 -98.31 -5.79 -78.90
CA ALA VD 44 -97.45 -6.88 -79.36
C ALA VD 44 -96.24 -7.07 -78.45
N LEU VD 45 -95.78 -6.01 -77.81
CA LEU VD 45 -94.72 -6.12 -76.82
C LEU VD 45 -95.25 -6.22 -75.40
N GLU VD 46 -96.54 -6.50 -75.24
CA GLU VD 46 -97.15 -6.63 -73.92
C GLU VD 46 -97.82 -7.99 -73.72
N LYS VD 47 -98.74 -8.37 -74.60
CA LYS VD 47 -99.27 -9.73 -74.58
C LYS VD 47 -98.21 -10.71 -75.05
N ARG VD 48 -98.09 -11.85 -74.38
CA ARG VD 48 -97.13 -12.85 -74.80
C ARG VD 48 -97.70 -14.24 -74.64
N VAL VD 49 -97.38 -15.12 -75.59
CA VAL VD 49 -97.83 -16.50 -75.57
C VAL VD 49 -96.68 -17.35 -76.10
N THR VD 50 -96.01 -18.08 -75.23
CA THR VD 50 -94.82 -18.81 -75.60
C THR VD 50 -95.09 -20.31 -75.58
N VAL VD 51 -94.48 -21.02 -76.52
CA VAL VD 51 -94.66 -22.46 -76.68
C VAL VD 51 -93.29 -23.09 -76.88
N SER VD 52 -93.11 -24.29 -76.32
CA SER VD 52 -91.86 -25.00 -76.49
C SER VD 52 -92.05 -26.48 -76.25
N VAL VD 53 -91.21 -27.29 -76.89
CA VAL VD 53 -91.21 -28.72 -76.64
C VAL VD 53 -89.79 -29.22 -76.48
N SER VD 54 -89.34 -29.28 -75.23
CA SER VD 54 -88.03 -29.83 -74.95
C SER VD 54 -88.06 -31.34 -75.17
N GLN VD 55 -87.24 -31.81 -76.09
CA GLN VD 55 -87.11 -33.22 -76.39
C GLN VD 55 -86.40 -33.92 -75.26
N PRO VD 56 -86.42 -35.25 -75.23
CA PRO VD 56 -85.81 -35.98 -74.11
C PRO VD 56 -84.34 -35.65 -73.98
N SER VD 57 -83.85 -35.66 -72.75
CA SER VD 57 -82.46 -35.34 -72.46
C SER VD 57 -82.03 -36.13 -71.23
N ARG VD 58 -80.80 -35.87 -70.79
CA ARG VD 58 -80.34 -36.46 -69.53
C ARG VD 58 -81.19 -36.01 -68.36
N ASN VD 59 -81.57 -34.74 -68.33
CA ASN VD 59 -82.43 -34.26 -67.24
C ASN VD 59 -83.89 -34.56 -67.52
N ARG VD 60 -84.32 -34.45 -68.77
CA ARG VD 60 -85.68 -34.77 -69.18
C ARG VD 60 -85.75 -36.28 -69.41
N LYS VD 61 -86.91 -36.87 -69.69
CA LYS VD 61 -86.80 -38.27 -70.08
C LYS VD 61 -87.69 -38.84 -71.19
N ASN VD 62 -89.02 -38.65 -71.26
CA ASN VD 62 -89.94 -37.62 -70.73
C ASN VD 62 -89.86 -36.25 -71.41
N TYR VD 63 -90.36 -36.22 -72.65
CA TYR VD 63 -90.66 -34.98 -73.33
C TYR VD 63 -91.35 -33.99 -72.40
N LYS VD 64 -91.01 -32.71 -72.53
CA LYS VD 64 -91.65 -31.66 -71.73
C LYS VD 64 -92.13 -30.55 -72.66
N VAL VD 65 -93.43 -30.39 -72.79
CA VAL VD 65 -94.00 -29.34 -73.61
C VAL VD 65 -94.52 -28.25 -72.69
N GLN VD 66 -93.98 -27.05 -72.83
CA GLN VD 66 -94.35 -25.91 -72.01
C GLN VD 66 -95.14 -24.90 -72.81
N VAL VD 67 -96.12 -24.29 -72.15
CA VAL VD 67 -97.00 -23.29 -72.74
C VAL VD 67 -97.18 -22.21 -71.70
N LYS VD 68 -96.56 -21.05 -71.91
CA LYS VD 68 -96.71 -19.92 -71.01
C LYS VD 68 -97.58 -18.87 -71.66
N ILE VD 69 -98.40 -18.21 -70.84
CA ILE VD 69 -99.21 -17.09 -71.28
C ILE VD 69 -99.00 -15.95 -70.31
N GLN VD 70 -98.86 -14.73 -70.82
CA GLN VD 70 -98.56 -13.57 -70.01
C GLN VD 70 -99.38 -12.38 -70.50
N ASN VD 71 -100.16 -11.81 -69.61
CA ASN VD 71 -100.98 -10.63 -69.87
C ASN VD 71 -100.65 -9.54 -68.88
N PRO VD 72 -99.89 -8.54 -69.25
CA PRO VD 72 -99.71 -7.39 -68.35
C PRO VD 72 -100.76 -6.32 -68.58
N THR VD 73 -101.52 -6.01 -67.54
CA THR VD 73 -102.45 -4.90 -67.62
C THR VD 73 -101.75 -3.63 -67.16
N ALA VD 74 -101.93 -2.57 -67.94
CA ALA VD 74 -101.29 -1.30 -67.69
C ALA VD 74 -102.35 -0.22 -67.67
N CYS VD 75 -101.92 0.98 -67.30
CA CYS VD 75 -102.84 2.10 -67.27
C CYS VD 75 -102.05 3.39 -67.44
N THR VD 76 -102.78 4.46 -67.74
CA THR VD 76 -102.21 5.77 -68.02
C THR VD 76 -102.52 6.68 -66.85
N ALA VD 77 -101.51 7.02 -66.07
CA ALA VD 77 -101.69 7.99 -65.02
C ALA VD 77 -102.20 9.28 -65.64
N ASN VD 78 -103.17 9.91 -64.98
CA ASN VD 78 -103.89 10.99 -65.62
C ASN VD 78 -102.96 12.20 -65.75
N GLY VD 79 -102.18 12.23 -66.83
CA GLY VD 79 -101.20 13.28 -67.07
C GLY VD 79 -99.95 12.84 -67.79
N SER VD 80 -99.66 11.54 -67.78
CA SER VD 80 -98.60 10.97 -68.63
C SER VD 80 -99.15 10.58 -70.00
N CYS VD 81 -98.32 10.08 -70.93
CA CYS VD 81 -98.85 9.37 -72.11
C CYS VD 81 -98.59 7.89 -71.98
N ASP VD 82 -97.34 7.54 -71.84
CA ASP VD 82 -96.97 6.16 -72.02
C ASP VD 82 -97.56 5.34 -70.88
N PRO VD 83 -98.42 4.37 -71.18
CA PRO VD 83 -99.03 3.59 -70.10
C PRO VD 83 -97.97 2.75 -69.40
N SER VD 84 -98.14 2.59 -68.10
CA SER VD 84 -97.23 1.78 -67.31
C SER VD 84 -97.95 0.54 -66.81
N VAL VD 85 -97.19 -0.55 -66.69
CA VAL VD 85 -97.75 -1.84 -66.30
C VAL VD 85 -98.05 -1.82 -64.81
N THR VD 86 -99.32 -1.94 -64.44
CA THR VD 86 -99.67 -1.95 -63.04
C THR VD 86 -99.97 -3.35 -62.52
N ARG VD 87 -100.34 -4.26 -63.41
CA ARG VD 87 -100.69 -5.61 -63.03
C ARG VD 87 -100.10 -6.56 -64.07
N GLN VD 88 -99.85 -7.80 -63.64
CA GLN VD 88 -99.22 -8.77 -64.51
C GLN VD 88 -99.78 -10.14 -64.20
N ALA VD 89 -100.75 -10.60 -64.98
CA ALA VD 89 -101.26 -11.94 -64.83
C ALA VD 89 -100.51 -12.87 -65.76
N TYR VD 90 -100.33 -14.11 -65.34
CA TYR VD 90 -99.74 -15.07 -66.25
C TYR VD 90 -99.93 -16.48 -65.72
N ALA VD 91 -99.88 -17.43 -66.65
CA ALA VD 91 -100.13 -18.82 -66.35
C ALA VD 91 -99.18 -19.68 -67.17
N ASP VD 92 -99.03 -20.93 -66.75
CA ASP VD 92 -98.06 -21.82 -67.36
C ASP VD 92 -98.50 -23.27 -67.23
N VAL VD 93 -98.53 -23.95 -68.36
CA VAL VD 93 -98.89 -25.35 -68.46
C VAL VD 93 -97.65 -26.12 -68.85
N THR VD 94 -97.45 -27.29 -68.21
CA THR VD 94 -96.33 -28.17 -68.56
C THR VD 94 -96.85 -29.59 -68.70
N PHE VD 95 -96.74 -30.13 -69.90
CA PHE VD 95 -97.07 -31.51 -70.18
C PHE VD 95 -95.81 -32.33 -70.16
N SER VD 96 -95.77 -33.37 -69.34
CA SER VD 96 -94.65 -34.29 -69.34
C SER VD 96 -95.15 -35.63 -69.87
N PHE VD 97 -94.63 -36.01 -71.04
CA PHE VD 97 -95.03 -37.24 -71.70
C PHE VD 97 -93.85 -38.21 -71.73
N THR VD 98 -94.14 -39.49 -71.55
CA THR VD 98 -93.08 -40.46 -71.62
C THR VD 98 -92.74 -40.78 -73.06
N GLN VD 99 -91.53 -41.26 -73.24
CA GLN VD 99 -90.99 -41.46 -74.57
C GLN VD 99 -91.79 -42.51 -75.32
N TYR VD 100 -92.57 -43.31 -74.59
CA TYR VD 100 -93.45 -44.33 -75.15
C TYR VD 100 -94.90 -43.89 -75.23
N SER VD 101 -95.18 -42.62 -74.95
CA SER VD 101 -96.55 -42.14 -75.01
C SER VD 101 -97.10 -42.36 -76.41
N THR VD 102 -98.38 -42.11 -76.58
CA THR VD 102 -98.97 -42.13 -77.91
C THR VD 102 -99.90 -40.94 -78.12
N ASP VD 103 -100.04 -40.58 -79.39
CA ASP VD 103 -100.78 -39.40 -79.77
C ASP VD 103 -102.18 -39.43 -79.19
N GLU VD 104 -102.81 -40.59 -79.15
CA GLU VD 104 -104.18 -40.65 -78.66
C GLU VD 104 -104.25 -40.14 -77.24
N GLU VD 105 -103.39 -40.65 -76.37
CA GLU VD 105 -103.41 -40.23 -74.99
C GLU VD 105 -103.01 -38.78 -74.84
N ARG VD 106 -102.09 -38.32 -75.68
CA ARG VD 106 -101.74 -36.92 -75.63
C ARG VD 106 -102.94 -36.05 -75.96
N ALA VD 107 -103.69 -36.43 -76.99
CA ALA VD 107 -104.92 -35.72 -77.32
C ALA VD 107 -105.90 -35.80 -76.16
N PHE VD 108 -105.96 -36.96 -75.53
CA PHE VD 108 -106.87 -37.14 -74.42
C PHE VD 108 -106.56 -36.15 -73.31
N VAL VD 109 -105.29 -36.04 -72.95
CA VAL VD 109 -104.91 -35.12 -71.89
C VAL VD 109 -105.22 -33.69 -72.28
N ARG VD 110 -104.87 -33.30 -73.50
CA ARG VD 110 -105.15 -31.92 -73.88
C ARG VD 110 -106.63 -31.62 -73.72
N THR VD 111 -107.47 -32.41 -74.35
CA THR VD 111 -108.88 -32.10 -74.35
C THR VD 111 -109.43 -32.18 -72.94
N GLU VD 112 -108.85 -33.04 -72.11
CA GLU VD 112 -109.30 -33.14 -70.73
C GLU VD 112 -109.04 -31.86 -69.99
N LEU VD 113 -107.82 -31.37 -70.09
CA LEU VD 113 -107.49 -30.09 -69.49
C LEU VD 113 -108.43 -29.01 -70.01
N ALA VD 114 -108.71 -29.05 -71.31
CA ALA VD 114 -109.55 -28.02 -71.91
C ALA VD 114 -110.93 -28.01 -71.29
N ALA VD 115 -111.58 -29.17 -71.26
CA ALA VD 115 -112.93 -29.19 -70.73
C ALA VD 115 -112.92 -28.97 -69.22
N LEU VD 116 -111.82 -29.23 -68.53
CA LEU VD 116 -111.74 -28.83 -67.13
C LEU VD 116 -111.77 -27.32 -67.01
N LEU VD 117 -110.91 -26.63 -67.75
CA LEU VD 117 -111.00 -25.17 -67.75
C LEU VD 117 -112.38 -24.72 -68.12
N ALA VD 118 -113.07 -25.47 -68.96
CA ALA VD 118 -114.43 -25.12 -69.32
C ALA VD 118 -115.42 -25.44 -68.22
N SER VD 119 -115.07 -26.31 -67.30
CA SER VD 119 -116.03 -26.87 -66.36
C SER VD 119 -116.34 -25.90 -65.22
N PRO VD 120 -117.53 -26.02 -64.62
CA PRO VD 120 -117.89 -25.10 -63.54
C PRO VD 120 -116.85 -25.04 -62.45
N LEU VD 121 -116.26 -26.17 -62.12
CA LEU VD 121 -115.31 -26.22 -61.03
C LEU VD 121 -114.20 -25.19 -61.24
N LEU VD 122 -113.47 -25.34 -62.34
CA LEU VD 122 -112.30 -24.49 -62.56
C LEU VD 122 -112.70 -23.03 -62.73
N ILE VD 123 -113.80 -22.77 -63.42
CA ILE VD 123 -114.22 -21.38 -63.63
C ILE VD 123 -114.50 -20.73 -62.30
N ASP VD 124 -115.15 -21.45 -61.38
CA ASP VD 124 -115.35 -20.82 -60.08
C ASP VD 124 -114.04 -20.70 -59.33
N ALA VD 125 -113.19 -21.71 -59.43
CA ALA VD 125 -111.97 -21.73 -58.64
C ALA VD 125 -110.99 -20.66 -59.08
N ILE VD 126 -111.11 -20.22 -60.32
CA ILE VD 126 -110.20 -19.24 -60.84
C ILE VD 126 -110.93 -17.93 -60.79
N ASP VD 127 -112.04 -17.86 -61.52
CA ASP VD 127 -112.78 -16.61 -61.71
C ASP VD 127 -113.20 -15.96 -60.39
N GLN VD 128 -113.41 -16.76 -59.36
CA GLN VD 128 -113.67 -16.25 -58.02
C GLN VD 128 -112.55 -16.55 -57.06
N LEU VD 129 -111.52 -17.25 -57.52
CA LEU VD 129 -110.42 -17.70 -56.68
C LEU VD 129 -110.98 -18.40 -55.45
N ASN VD 130 -111.96 -19.25 -55.68
CA ASN VD 130 -112.69 -19.91 -54.63
C ASN VD 130 -112.26 -21.36 -54.54
N PRO VD 131 -111.58 -21.78 -53.47
CA PRO VD 131 -111.24 -23.21 -53.35
C PRO VD 131 -112.50 -24.05 -53.32
N ALA VD 132 -112.33 -25.32 -53.67
CA ALA VD 132 -113.48 -26.20 -53.85
C ALA VD 132 -113.88 -26.77 -52.50
N TYR VD 133 -114.88 -26.17 -51.89
CA TYR VD 133 -115.47 -26.73 -50.67
C TYR VD 133 -116.95 -26.48 -50.70
N ALA WD 2 -82.76 -25.94 -99.50
CA ALA WD 2 -82.88 -27.28 -98.85
C ALA WD 2 -84.15 -27.35 -98.01
N LYS WD 3 -85.24 -26.81 -98.56
CA LYS WD 3 -86.52 -26.81 -97.87
C LYS WD 3 -86.83 -28.19 -97.29
N LEU WD 4 -87.28 -28.22 -96.05
CA LEU WD 4 -87.81 -29.45 -95.50
C LEU WD 4 -88.99 -29.92 -96.33
N GLU WD 5 -89.07 -31.23 -96.53
CA GLU WD 5 -90.12 -31.81 -97.35
C GLU WD 5 -90.21 -33.29 -97.04
N THR WD 6 -91.32 -33.89 -97.43
CA THR WD 6 -91.51 -35.33 -97.25
C THR WD 6 -90.58 -36.10 -98.19
N VAL WD 7 -89.56 -36.73 -97.63
CA VAL WD 7 -88.58 -37.45 -98.43
C VAL WD 7 -89.11 -38.85 -98.68
N THR WD 8 -89.09 -39.27 -99.95
CA THR WD 8 -89.58 -40.58 -100.35
C THR WD 8 -88.40 -41.42 -100.81
N LEU WD 9 -87.92 -42.27 -99.90
CA LEU WD 9 -86.80 -43.16 -100.16
C LEU WD 9 -87.32 -44.38 -100.91
N GLY WD 10 -86.77 -44.62 -102.10
CA GLY WD 10 -87.30 -45.67 -102.96
C GLY WD 10 -86.84 -47.06 -102.56
N ASN WD 11 -86.44 -47.85 -103.55
CA ASN WD 11 -86.01 -49.21 -103.30
C ASN WD 11 -84.97 -49.27 -102.19
N ILE WD 12 -85.17 -50.20 -101.26
CA ILE WD 12 -84.44 -50.22 -100.00
C ILE WD 12 -84.44 -51.65 -99.49
N GLY WD 13 -83.34 -52.07 -98.87
CA GLY WD 13 -83.25 -53.37 -98.24
C GLY WD 13 -82.35 -54.29 -99.03
N LYS WD 14 -82.31 -55.57 -98.63
CA LYS WD 14 -81.54 -56.54 -99.41
C LYS WD 14 -81.98 -56.54 -100.86
N ASP WD 15 -83.23 -56.94 -101.10
CA ASP WD 15 -83.77 -57.00 -102.44
C ASP WD 15 -83.99 -55.62 -103.05
N GLY WD 16 -83.91 -54.56 -102.24
CA GLY WD 16 -84.23 -53.24 -102.73
C GLY WD 16 -85.64 -53.18 -103.26
N LYS WD 17 -86.62 -53.45 -102.40
CA LYS WD 17 -88.04 -53.43 -102.76
C LYS WD 17 -88.92 -52.60 -101.84
N GLN WD 18 -88.46 -52.26 -100.64
CA GLN WD 18 -89.27 -51.46 -99.73
C GLN WD 18 -89.03 -49.98 -100.00
N THR WD 19 -89.90 -49.14 -99.45
CA THR WD 19 -89.74 -47.71 -99.50
C THR WD 19 -90.02 -47.10 -98.13
N LEU WD 20 -89.46 -45.92 -97.92
CA LEU WD 20 -89.62 -45.20 -96.66
C LEU WD 20 -90.13 -43.80 -96.97
N VAL WD 21 -90.91 -43.24 -96.06
CA VAL WD 21 -91.49 -41.92 -96.24
C VAL WD 21 -91.27 -41.14 -94.96
N LEU WD 22 -90.34 -40.19 -94.99
CA LEU WD 22 -90.05 -39.36 -93.83
C LEU WD 22 -90.74 -38.02 -93.99
N ASN WD 23 -91.63 -37.70 -93.06
CA ASN WD 23 -92.27 -36.41 -93.08
C ASN WD 23 -91.39 -35.35 -92.45
N PRO WD 24 -91.61 -34.08 -92.77
CA PRO WD 24 -90.82 -32.98 -92.19
C PRO WD 24 -91.27 -32.67 -90.78
N ARG WD 25 -90.43 -32.98 -89.79
CA ARG WD 25 -90.80 -32.71 -88.41
C ARG WD 25 -90.54 -31.26 -88.05
N GLY WD 26 -89.27 -30.85 -88.07
CA GLY WD 26 -88.95 -29.51 -87.65
C GLY WD 26 -87.45 -29.32 -87.64
N VAL WD 27 -87.02 -28.31 -86.89
CA VAL WD 27 -85.61 -27.97 -86.81
C VAL WD 27 -85.29 -27.39 -85.44
N ASN WD 28 -84.50 -28.10 -84.67
CA ASN WD 28 -83.98 -27.58 -83.43
C ASN WD 28 -83.08 -26.40 -83.72
N PRO WD 29 -83.32 -25.23 -83.14
CA PRO WD 29 -82.41 -24.11 -83.30
C PRO WD 29 -81.19 -24.22 -82.41
N THR WD 30 -81.36 -24.78 -81.20
CA THR WD 30 -80.27 -24.79 -80.25
C THR WD 30 -78.99 -25.35 -80.86
N ASN WD 31 -79.12 -26.12 -81.94
CA ASN WD 31 -77.95 -26.67 -82.60
C ASN WD 31 -78.11 -26.67 -84.11
N GLY WD 32 -79.16 -26.07 -84.64
CA GLY WD 32 -79.36 -26.03 -86.08
C GLY WD 32 -79.46 -27.41 -86.69
N VAL WD 33 -80.40 -28.22 -86.20
CA VAL WD 33 -80.56 -29.60 -86.67
C VAL WD 33 -81.96 -29.76 -87.22
N ALA WD 34 -82.06 -30.08 -88.52
CA ALA WD 34 -83.34 -30.41 -89.12
C ALA WD 34 -83.59 -31.91 -88.94
N SER WD 35 -84.81 -32.26 -88.55
CA SER WD 35 -85.15 -33.63 -88.21
C SER WD 35 -86.30 -34.13 -89.08
N LEU WD 36 -86.23 -35.40 -89.44
CA LEU WD 36 -87.25 -36.06 -90.21
C LEU WD 36 -87.59 -37.38 -89.52
N SER WD 37 -88.86 -37.75 -89.57
CA SER WD 37 -89.32 -38.93 -88.85
C SER WD 37 -90.26 -39.72 -89.72
N GLN WD 38 -90.22 -41.04 -89.57
CA GLN WD 38 -91.14 -41.88 -90.30
C GLN WD 38 -92.54 -41.73 -89.69
N ALA WD 39 -93.55 -41.80 -90.54
CA ALA WD 39 -94.91 -41.53 -90.10
C ALA WD 39 -95.35 -42.57 -89.08
N GLY WD 40 -95.91 -42.09 -87.96
CA GLY WD 40 -96.37 -42.98 -86.92
C GLY WD 40 -96.94 -42.21 -85.75
N ALA WD 41 -96.98 -42.84 -84.57
CA ALA WD 41 -97.44 -42.14 -83.38
C ALA WD 41 -96.46 -42.29 -82.23
N VAL WD 42 -95.88 -43.48 -82.08
CA VAL WD 42 -95.00 -43.77 -80.96
C VAL WD 42 -93.62 -43.17 -81.25
N PRO WD 43 -93.24 -42.07 -80.61
CA PRO WD 43 -91.94 -41.49 -80.94
C PRO WD 43 -90.82 -42.48 -80.77
N ALA WD 44 -90.97 -43.42 -79.86
CA ALA WD 44 -89.90 -44.35 -79.55
C ALA WD 44 -89.71 -45.43 -80.59
N LEU WD 45 -90.61 -45.58 -81.53
CA LEU WD 45 -90.52 -46.65 -82.52
C LEU WD 45 -90.66 -46.07 -83.91
N GLU WD 46 -89.87 -45.04 -84.18
CA GLU WD 46 -89.92 -44.39 -85.48
C GLU WD 46 -88.51 -44.22 -86.01
N LYS WD 47 -88.38 -44.32 -87.33
CA LYS WD 47 -87.11 -44.14 -87.99
C LYS WD 47 -86.82 -42.65 -88.04
N ARG WD 48 -85.67 -42.23 -87.53
CA ARG WD 48 -85.38 -40.82 -87.41
C ARG WD 48 -84.12 -40.48 -88.19
N VAL WD 49 -84.11 -39.27 -88.75
CA VAL WD 49 -82.99 -38.79 -89.54
C VAL WD 49 -82.77 -37.33 -89.18
N THR WD 50 -81.51 -36.91 -89.17
CA THR WD 50 -81.18 -35.56 -88.78
C THR WD 50 -80.03 -35.06 -89.64
N VAL WD 51 -80.14 -33.80 -90.05
CA VAL WD 51 -79.14 -33.15 -90.88
C VAL WD 51 -78.77 -31.81 -90.28
N SER WD 52 -77.49 -31.52 -90.23
CA SER WD 52 -77.02 -30.24 -89.75
C SER WD 52 -75.81 -29.80 -90.55
N VAL WD 53 -75.64 -28.49 -90.65
CA VAL WD 53 -74.53 -27.91 -91.39
C VAL WD 53 -73.90 -26.87 -90.47
N SER WD 54 -72.77 -27.22 -89.88
CA SER WD 54 -72.06 -26.32 -88.98
C SER WD 54 -71.11 -25.46 -89.78
N GLN WD 55 -71.27 -24.15 -89.65
CA GLN WD 55 -70.49 -23.12 -90.31
C GLN WD 55 -69.13 -23.00 -89.64
N PRO WD 56 -68.20 -22.24 -90.21
CA PRO WD 56 -66.84 -22.25 -89.68
C PRO WD 56 -66.82 -21.44 -88.41
N SER WD 57 -65.68 -21.30 -87.76
CA SER WD 57 -65.55 -20.44 -86.59
C SER WD 57 -64.18 -19.80 -86.62
N ARG WD 58 -63.90 -18.95 -85.64
CA ARG WD 58 -62.51 -18.59 -85.38
C ARG WD 58 -61.74 -19.74 -84.79
N ASN WD 59 -62.36 -20.91 -84.67
CA ASN WD 59 -61.76 -22.05 -84.01
C ASN WD 59 -61.75 -23.30 -84.85
N ARG WD 60 -62.73 -23.47 -85.75
CA ARG WD 60 -62.77 -24.63 -86.61
C ARG WD 60 -62.36 -24.28 -88.05
N LYS WD 61 -62.84 -23.16 -88.56
CA LYS WD 61 -62.46 -22.74 -89.91
C LYS WD 61 -62.68 -23.88 -90.89
N ASN WD 62 -63.79 -24.59 -90.72
CA ASN WD 62 -64.02 -25.80 -91.49
C ASN WD 62 -65.53 -26.08 -91.48
N TYR WD 63 -66.11 -26.26 -92.65
CA TYR WD 63 -67.54 -26.52 -92.73
C TYR WD 63 -67.80 -28.00 -92.51
N LYS WD 64 -68.77 -28.30 -91.65
CA LYS WD 64 -69.11 -29.68 -91.34
C LYS WD 64 -70.55 -29.94 -91.71
N VAL WD 65 -70.83 -31.16 -92.16
CA VAL WD 65 -72.17 -31.60 -92.49
C VAL WD 65 -72.39 -32.92 -91.79
N GLN WD 66 -73.34 -32.95 -90.86
CA GLN WD 66 -73.64 -34.11 -90.06
C GLN WD 66 -74.97 -34.70 -90.51
N VAL WD 67 -74.99 -36.01 -90.73
CA VAL WD 67 -76.19 -36.74 -91.07
C VAL WD 67 -76.25 -37.96 -90.15
N LYS WD 68 -77.28 -38.00 -89.31
CA LYS WD 68 -77.43 -39.07 -88.33
C LYS WD 68 -78.76 -39.79 -88.58
N ILE WD 69 -78.71 -41.11 -88.52
CA ILE WD 69 -79.89 -41.94 -88.79
C ILE WD 69 -80.04 -42.93 -87.65
N GLN WD 70 -81.27 -43.10 -87.19
CA GLN WD 70 -81.59 -43.98 -86.07
C GLN WD 70 -82.73 -44.90 -86.50
N ASN WD 71 -82.52 -46.20 -86.31
CA ASN WD 71 -83.48 -47.24 -86.68
C ASN WD 71 -83.77 -48.09 -85.46
N PRO WD 72 -84.92 -47.92 -84.82
CA PRO WD 72 -85.28 -48.78 -83.69
C PRO WD 72 -85.98 -50.05 -84.14
N THR WD 73 -85.94 -51.04 -83.26
CA THR WD 73 -86.59 -52.32 -83.51
C THR WD 73 -87.84 -52.47 -82.66
N ALA WD 74 -88.91 -53.00 -83.26
CA ALA WD 74 -90.18 -53.10 -82.57
C ALA WD 74 -90.12 -54.08 -81.41
N CYS WD 75 -89.85 -55.36 -81.69
CA CYS WD 75 -89.89 -56.38 -80.66
C CYS WD 75 -91.21 -56.35 -79.88
N THR WD 76 -92.31 -56.32 -80.62
CA THR WD 76 -93.62 -56.28 -79.99
C THR WD 76 -93.91 -57.60 -79.30
N ALA WD 77 -94.38 -57.51 -78.05
CA ALA WD 77 -94.62 -58.67 -77.22
C ALA WD 77 -96.05 -59.17 -77.38
N ASN WD 78 -96.24 -60.45 -77.04
CA ASN WD 78 -97.52 -61.13 -77.23
C ASN WD 78 -98.53 -60.59 -76.22
N GLY WD 79 -99.04 -59.40 -76.55
CA GLY WD 79 -99.93 -58.67 -75.67
C GLY WD 79 -99.14 -57.82 -74.68
N SER WD 80 -99.74 -57.59 -73.52
CA SER WD 80 -98.97 -57.24 -72.35
C SER WD 80 -98.27 -55.89 -72.47
N CYS WD 81 -98.28 -55.25 -73.64
CA CYS WD 81 -98.43 -53.81 -73.79
C CYS WD 81 -97.95 -53.43 -75.18
N ASP WD 82 -98.02 -52.14 -75.50
CA ASP WD 82 -97.34 -51.61 -76.66
C ASP WD 82 -95.89 -52.10 -76.72
N PRO WD 83 -95.30 -52.14 -77.90
CA PRO WD 83 -93.95 -52.70 -78.03
C PRO WD 83 -92.93 -51.92 -77.20
N SER WD 84 -91.75 -52.51 -77.08
CA SER WD 84 -90.63 -51.90 -76.35
C SER WD 84 -89.38 -51.93 -77.21
N VAL WD 85 -88.63 -50.84 -77.20
CA VAL WD 85 -87.44 -50.76 -78.03
C VAL WD 85 -86.33 -51.60 -77.40
N THR WD 86 -85.67 -52.39 -78.22
CA THR WD 86 -84.65 -53.30 -77.75
C THR WD 86 -83.37 -53.27 -78.56
N ARG WD 87 -83.44 -52.80 -79.80
CA ARG WD 87 -82.27 -52.73 -80.67
C ARG WD 87 -82.33 -51.44 -81.46
N GLN WD 88 -81.16 -50.80 -81.57
CA GLN WD 88 -81.05 -49.49 -82.21
C GLN WD 88 -79.87 -49.53 -83.16
N ALA WD 89 -80.15 -49.39 -84.45
CA ALA WD 89 -79.08 -49.22 -85.42
C ALA WD 89 -78.83 -47.73 -85.62
N TYR WD 90 -77.58 -47.31 -85.40
CA TYR WD 90 -77.18 -45.92 -85.59
C TYR WD 90 -76.25 -45.83 -86.79
N ALA WD 91 -76.43 -44.76 -87.56
CA ALA WD 91 -75.50 -44.44 -88.64
C ALA WD 91 -75.18 -42.96 -88.56
N ASP WD 92 -73.92 -42.62 -88.76
CA ASP WD 92 -73.52 -41.21 -88.68
C ASP WD 92 -72.48 -40.89 -89.73
N VAL WD 93 -72.73 -39.81 -90.45
CA VAL WD 93 -71.87 -39.33 -91.53
C VAL WD 93 -71.48 -37.91 -91.21
N THR WD 94 -70.19 -37.60 -91.38
CA THR WD 94 -69.68 -36.26 -91.07
C THR WD 94 -68.77 -35.85 -92.21
N PHE WD 95 -69.31 -35.09 -93.14
CA PHE WD 95 -68.53 -34.51 -94.21
C PHE WD 95 -67.83 -33.25 -93.71
N SER WD 96 -66.59 -33.06 -94.16
CA SER WD 96 -65.80 -31.91 -93.76
C SER WD 96 -65.18 -31.28 -95.01
N PHE WD 97 -65.30 -29.97 -95.13
CA PHE WD 97 -64.66 -29.23 -96.21
C PHE WD 97 -64.08 -27.95 -95.64
N THR WD 98 -63.23 -27.29 -96.41
CA THR WD 98 -62.75 -25.98 -95.96
C THR WD 98 -63.31 -24.87 -96.84
N GLN WD 99 -63.02 -23.64 -96.40
CA GLN WD 99 -63.69 -22.48 -96.95
C GLN WD 99 -63.54 -22.40 -98.45
N TYR WD 100 -62.40 -22.82 -98.98
CA TYR WD 100 -62.16 -22.80 -100.41
C TYR WD 100 -62.64 -24.06 -101.11
N SER WD 101 -63.53 -24.81 -100.46
CA SER WD 101 -64.16 -25.94 -101.11
C SER WD 101 -64.84 -25.51 -102.39
N THR WD 102 -65.05 -26.49 -103.25
CA THR WD 102 -65.80 -26.29 -104.47
C THR WD 102 -66.96 -27.26 -104.52
N ASP WD 103 -68.10 -26.73 -104.95
CA ASP WD 103 -69.25 -27.56 -105.21
C ASP WD 103 -68.85 -28.87 -105.85
N GLU WD 104 -67.92 -28.85 -106.80
CA GLU WD 104 -67.66 -30.06 -107.56
C GLU WD 104 -66.99 -31.11 -106.69
N GLU WD 105 -65.97 -30.72 -105.92
CA GLU WD 105 -65.36 -31.68 -105.01
C GLU WD 105 -66.39 -32.22 -104.05
N ARG WD 106 -67.25 -31.34 -103.53
CA ARG WD 106 -68.22 -31.79 -102.55
C ARG WD 106 -69.15 -32.83 -103.15
N ALA WD 107 -69.70 -32.54 -104.33
CA ALA WD 107 -70.59 -33.49 -104.97
C ALA WD 107 -69.85 -34.78 -105.28
N PHE WD 108 -68.59 -34.65 -105.70
CA PHE WD 108 -67.81 -35.83 -106.03
C PHE WD 108 -67.67 -36.73 -104.82
N VAL WD 109 -67.31 -36.16 -103.67
CA VAL WD 109 -67.20 -36.95 -102.47
C VAL WD 109 -68.54 -37.55 -102.11
N ARG WD 110 -69.60 -36.77 -102.26
CA ARG WD 110 -70.94 -37.26 -101.96
C ARG WD 110 -71.21 -38.55 -102.73
N THR WD 111 -71.22 -38.46 -104.05
CA THR WD 111 -71.57 -39.62 -104.85
C THR WD 111 -70.56 -40.74 -104.67
N GLU WD 112 -69.31 -40.39 -104.37
CA GLU WD 112 -68.32 -41.41 -104.13
C GLU WD 112 -68.72 -42.25 -102.94
N LEU WD 113 -69.08 -41.59 -101.85
CA LEU WD 113 -69.56 -42.32 -100.69
C LEU WD 113 -70.80 -43.12 -101.03
N ALA WD 114 -71.71 -42.53 -101.79
CA ALA WD 114 -72.96 -43.23 -102.10
C ALA WD 114 -72.67 -44.55 -102.81
N ALA WD 115 -71.91 -44.50 -103.88
CA ALA WD 115 -71.78 -45.71 -104.65
C ALA WD 115 -70.75 -46.64 -104.02
N LEU WD 116 -69.91 -46.15 -103.09
CA LEU WD 116 -69.25 -47.09 -102.20
C LEU WD 116 -70.27 -47.85 -101.37
N LEU WD 117 -71.22 -47.15 -100.76
CA LEU WD 117 -72.22 -47.85 -99.98
C LEU WD 117 -72.91 -48.88 -100.82
N ALA WD 118 -72.97 -48.68 -102.13
CA ALA WD 118 -73.52 -49.68 -103.04
C ALA WD 118 -72.54 -50.78 -103.42
N SER WD 119 -71.23 -50.52 -103.36
CA SER WD 119 -70.27 -51.45 -103.90
C SER WD 119 -70.21 -52.75 -103.07
N PRO WD 120 -69.86 -53.87 -103.71
CA PRO WD 120 -69.90 -55.14 -102.99
C PRO WD 120 -69.04 -55.16 -101.76
N LEU WD 121 -67.91 -54.45 -101.77
CA LEU WD 121 -67.06 -54.42 -100.60
C LEU WD 121 -67.87 -54.07 -99.35
N LEU WD 122 -68.46 -52.88 -99.33
CA LEU WD 122 -69.20 -52.49 -98.15
C LEU WD 122 -70.43 -53.36 -97.96
N ILE WD 123 -70.97 -53.93 -99.03
CA ILE WD 123 -72.04 -54.91 -98.87
C ILE WD 123 -71.65 -55.93 -97.81
N ASP WD 124 -70.58 -56.66 -98.07
CA ASP WD 124 -70.15 -57.67 -97.11
C ASP WD 124 -69.72 -57.05 -95.81
N ALA WD 125 -69.02 -55.92 -95.87
CA ALA WD 125 -68.48 -55.34 -94.65
C ALA WD 125 -69.58 -54.95 -93.69
N ILE WD 126 -70.75 -54.63 -94.19
CA ILE WD 126 -71.84 -54.14 -93.36
C ILE WD 126 -72.81 -55.29 -93.08
N ASP WD 127 -73.42 -55.80 -94.14
CA ASP WD 127 -74.45 -56.80 -93.97
C ASP WD 127 -73.93 -58.00 -93.19
N GLN WD 128 -72.81 -58.57 -93.64
CA GLN WD 128 -72.27 -59.75 -92.99
C GLN WD 128 -71.24 -59.42 -91.92
N LEU WD 129 -70.93 -58.14 -91.73
CA LEU WD 129 -69.92 -57.73 -90.76
C LEU WD 129 -68.62 -58.47 -90.97
N ASN WD 130 -68.32 -58.84 -92.20
CA ASN WD 130 -67.07 -59.51 -92.50
C ASN WD 130 -65.95 -58.48 -92.59
N PRO WD 131 -64.91 -58.59 -91.78
CA PRO WD 131 -63.81 -57.63 -91.90
C PRO WD 131 -63.26 -57.62 -93.30
N ALA WD 132 -62.93 -56.45 -93.78
CA ALA WD 132 -62.48 -56.33 -95.15
C ALA WD 132 -61.18 -57.11 -95.30
N TYR WD 133 -61.26 -58.24 -95.97
CA TYR WD 133 -60.09 -59.02 -96.36
C TYR WD 133 -60.42 -59.88 -97.56
N ALA XD 2 -90.60 -14.06 -88.65
CA ALA XD 2 -89.84 -13.93 -89.93
C ALA XD 2 -89.15 -15.23 -90.26
N LYS XD 3 -89.88 -16.15 -90.89
CA LYS XD 3 -89.27 -17.42 -91.22
C LYS XD 3 -88.29 -17.24 -92.38
N LEU XD 4 -87.09 -17.80 -92.22
CA LEU XD 4 -86.11 -17.72 -93.29
C LEU XD 4 -86.62 -18.49 -94.50
N GLU XD 5 -86.37 -17.92 -95.68
CA GLU XD 5 -86.72 -18.59 -96.91
C GLU XD 5 -85.97 -17.90 -98.03
N THR XD 6 -85.84 -18.61 -99.15
CA THR XD 6 -84.99 -18.15 -100.23
C THR XD 6 -85.39 -16.73 -100.62
N VAL XD 7 -84.48 -15.80 -100.45
CA VAL XD 7 -84.77 -14.39 -100.62
C VAL XD 7 -84.24 -13.97 -101.99
N THR XD 8 -85.09 -13.38 -102.81
CA THR XD 8 -84.73 -13.02 -104.18
C THR XD 8 -84.93 -11.53 -104.36
N LEU XD 9 -83.86 -10.83 -104.73
CA LEU XD 9 -83.92 -9.40 -104.91
C LEU XD 9 -83.61 -9.10 -106.37
N GLY XD 10 -84.55 -8.43 -107.05
CA GLY XD 10 -84.40 -8.01 -108.41
C GLY XD 10 -84.30 -6.49 -108.51
N ASN XD 11 -83.98 -6.03 -109.71
CA ASN XD 11 -83.78 -4.60 -109.95
C ASN XD 11 -82.64 -4.06 -109.08
N ILE XD 12 -81.46 -4.61 -109.32
CA ILE XD 12 -80.32 -4.40 -108.46
C ILE XD 12 -79.15 -3.95 -109.32
N GLY XD 13 -78.28 -3.13 -108.75
CA GLY XD 13 -77.05 -2.74 -109.40
C GLY XD 13 -77.12 -1.37 -110.02
N LYS XD 14 -76.05 -1.02 -110.74
CA LYS XD 14 -75.99 0.29 -111.38
C LYS XD 14 -77.22 0.54 -112.22
N ASP XD 15 -77.52 -0.38 -113.12
CA ASP XD 15 -78.64 -0.24 -114.02
C ASP XD 15 -79.91 -0.82 -113.44
N GLY XD 16 -79.85 -1.43 -112.27
CA GLY XD 16 -81.03 -2.08 -111.71
C GLY XD 16 -81.47 -3.25 -112.57
N LYS XD 17 -80.53 -4.13 -112.91
CA LYS XD 17 -80.84 -5.24 -113.81
C LYS XD 17 -80.35 -6.59 -113.30
N GLN XD 18 -79.45 -6.65 -112.33
CA GLN XD 18 -79.02 -7.94 -111.85
C GLN XD 18 -80.05 -8.50 -110.87
N THR XD 19 -79.76 -9.68 -110.34
CA THR XD 19 -80.62 -10.28 -109.32
C THR XD 19 -79.78 -11.08 -108.36
N LEU XD 20 -80.27 -11.21 -107.14
CA LEU XD 20 -79.57 -11.92 -106.09
C LEU XD 20 -80.49 -12.94 -105.46
N VAL XD 21 -79.99 -14.16 -105.31
CA VAL XD 21 -80.72 -15.25 -104.67
C VAL XD 21 -79.92 -15.65 -103.45
N LEU XD 22 -80.48 -15.41 -102.28
CA LEU XD 22 -79.80 -15.68 -101.01
C LEU XD 22 -80.51 -16.84 -100.33
N ASN XD 23 -79.77 -17.84 -100.02
CA ASN XD 23 -80.39 -18.97 -99.35
C ASN XD 23 -80.19 -18.89 -97.85
N PRO XD 24 -81.12 -19.44 -97.09
CA PRO XD 24 -80.96 -19.43 -95.62
C PRO XD 24 -79.73 -20.20 -95.21
N ARG XD 25 -79.08 -19.71 -94.16
CA ARG XD 25 -77.92 -20.37 -93.57
C ARG XD 25 -78.14 -20.68 -92.09
N GLY XD 26 -79.39 -20.81 -91.67
CA GLY XD 26 -79.67 -21.13 -90.29
C GLY XD 26 -79.45 -19.95 -89.37
N VAL XD 27 -79.33 -20.26 -88.09
CA VAL XD 27 -79.23 -19.24 -87.04
C VAL XD 27 -78.11 -19.61 -86.09
N ASN XD 28 -77.33 -18.62 -85.72
CA ASN XD 28 -76.30 -18.84 -84.72
C ASN XD 28 -76.94 -19.23 -83.39
N PRO XD 29 -76.59 -20.37 -82.81
CA PRO XD 29 -77.15 -20.72 -81.51
C PRO XD 29 -76.73 -19.77 -80.41
N THR XD 30 -75.53 -19.21 -80.48
CA THR XD 30 -75.01 -18.39 -79.41
C THR XD 30 -75.49 -16.95 -79.54
N ASN XD 31 -75.14 -16.30 -80.64
CA ASN XD 31 -75.49 -14.89 -80.81
C ASN XD 31 -76.89 -14.72 -81.36
N GLY XD 32 -77.56 -15.79 -81.73
CA GLY XD 32 -78.94 -15.69 -82.14
C GLY XD 32 -79.12 -14.76 -83.32
N VAL XD 33 -78.35 -15.01 -84.37
CA VAL XD 33 -78.38 -14.18 -85.57
C VAL XD 33 -78.55 -15.09 -86.79
N ALA XD 34 -79.53 -14.77 -87.62
CA ALA XD 34 -79.75 -15.52 -88.84
C ALA XD 34 -78.82 -15.01 -89.94
N SER XD 35 -78.50 -15.88 -90.88
CA SER XD 35 -77.59 -15.54 -91.97
C SER XD 35 -78.09 -16.13 -93.28
N LEU XD 36 -77.84 -15.38 -94.35
CA LEU XD 36 -78.26 -15.72 -95.71
C LEU XD 36 -77.03 -15.69 -96.59
N SER XD 37 -77.02 -16.53 -97.62
CA SER XD 37 -75.86 -16.62 -98.48
C SER XD 37 -76.29 -16.78 -99.92
N GLN XD 38 -75.50 -16.21 -100.82
CA GLN XD 38 -75.72 -16.40 -102.24
C GLN XD 38 -75.21 -17.76 -102.67
N ALA XD 39 -75.95 -18.40 -103.56
CA ALA XD 39 -75.52 -19.69 -104.07
C ALA XD 39 -74.28 -19.51 -104.92
N GLY XD 40 -73.28 -20.34 -104.67
CA GLY XD 40 -72.04 -20.23 -105.41
C GLY XD 40 -71.23 -21.52 -105.29
N ALA XD 41 -70.07 -21.50 -105.92
CA ALA XD 41 -69.20 -22.66 -105.95
C ALA XD 41 -68.27 -22.70 -104.75
N VAL XD 42 -67.56 -21.60 -104.51
CA VAL XD 42 -66.54 -21.55 -103.46
C VAL XD 42 -67.14 -20.79 -102.27
N PRO XD 43 -67.33 -21.43 -101.12
CA PRO XD 43 -68.05 -20.77 -100.03
C PRO XD 43 -67.48 -19.44 -99.62
N ALA XD 44 -66.16 -19.25 -99.71
CA ALA XD 44 -65.58 -18.00 -99.24
C ALA XD 44 -65.87 -16.84 -100.17
N LEU XD 45 -66.45 -17.09 -101.33
CA LEU XD 45 -66.74 -16.05 -102.32
C LEU XD 45 -68.23 -15.74 -102.37
N GLU XD 46 -68.98 -16.14 -101.36
CA GLU XD 46 -70.42 -15.99 -101.36
C GLU XD 46 -70.79 -14.68 -100.71
N LYS XD 47 -71.74 -13.98 -101.31
CA LYS XD 47 -72.22 -12.74 -100.74
C LYS XD 47 -73.24 -13.06 -99.65
N ARG XD 48 -72.98 -12.59 -98.45
CA ARG XD 48 -73.71 -13.01 -97.27
C ARG XD 48 -74.49 -11.85 -96.68
N VAL XD 49 -75.46 -12.17 -95.84
CA VAL XD 49 -76.28 -11.16 -95.21
C VAL XD 49 -76.72 -11.63 -93.84
N THR XD 50 -76.40 -10.86 -92.80
CA THR XD 50 -76.77 -11.19 -91.43
C THR XD 50 -78.00 -10.40 -91.02
N VAL XD 51 -78.76 -10.98 -90.09
CA VAL XD 51 -79.95 -10.35 -89.55
C VAL XD 51 -80.09 -10.78 -88.11
N SER XD 52 -80.13 -9.82 -87.19
CA SER XD 52 -80.30 -10.13 -85.79
C SER XD 52 -81.33 -9.21 -85.16
N VAL XD 53 -82.11 -9.77 -84.26
CA VAL XD 53 -83.16 -9.04 -83.55
C VAL XD 53 -82.99 -9.34 -82.07
N SER XD 54 -82.17 -8.55 -81.40
CA SER XD 54 -81.95 -8.80 -79.98
C SER XD 54 -83.17 -8.40 -79.18
N GLN XD 55 -83.31 -9.01 -78.03
CA GLN XD 55 -84.46 -8.78 -77.16
C GLN XD 55 -84.14 -7.67 -76.16
N PRO XD 56 -85.14 -7.15 -75.46
CA PRO XD 56 -84.91 -5.96 -74.62
C PRO XD 56 -83.94 -6.22 -73.49
N SER XD 57 -83.18 -5.18 -73.13
CA SER XD 57 -82.20 -5.27 -72.05
C SER XD 57 -82.85 -4.97 -70.70
N ARG XD 58 -82.04 -4.76 -69.66
CA ARG XD 58 -82.55 -4.53 -68.31
C ARG XD 58 -82.77 -3.05 -68.05
N ASN XD 59 -83.97 -2.70 -67.58
CA ASN XD 59 -84.29 -1.38 -67.05
C ASN XD 59 -84.38 -0.30 -68.11
N ARG XD 60 -83.96 -0.62 -69.33
CA ARG XD 60 -84.10 0.31 -70.45
C ARG XD 60 -84.81 -0.36 -71.62
N LYS XD 61 -84.46 -1.60 -71.91
CA LYS XD 61 -85.15 -2.55 -72.78
C LYS XD 61 -85.08 -2.23 -74.27
N ASN XD 62 -85.04 -0.97 -74.69
CA ASN XD 62 -84.35 -0.52 -75.89
C ASN XD 62 -84.16 -1.53 -77.04
N TYR XD 63 -85.22 -2.01 -77.69
CA TYR XD 63 -85.08 -3.02 -78.75
C TYR XD 63 -84.01 -2.63 -79.77
N LYS XD 64 -83.27 -3.63 -80.23
CA LYS XD 64 -82.14 -3.46 -81.14
C LYS XD 64 -82.23 -4.44 -82.31
N VAL XD 65 -81.85 -3.98 -83.49
CA VAL XD 65 -81.82 -4.81 -84.69
C VAL XD 65 -80.58 -4.51 -85.49
N GLN XD 66 -79.93 -5.54 -86.03
CA GLN XD 66 -78.73 -5.38 -86.83
C GLN XD 66 -78.92 -6.04 -88.18
N VAL XD 67 -78.29 -5.47 -89.20
CA VAL XD 67 -78.27 -6.02 -90.55
C VAL XD 67 -76.88 -5.85 -91.11
N LYS XD 68 -76.19 -6.96 -91.35
CA LYS XD 68 -74.80 -6.93 -91.83
C LYS XD 68 -74.77 -7.60 -93.20
N ILE XD 69 -74.44 -6.83 -94.22
CA ILE XD 69 -74.25 -7.35 -95.57
C ILE XD 69 -72.78 -7.33 -95.89
N GLN XD 70 -72.29 -8.45 -96.40
CA GLN XD 70 -70.88 -8.66 -96.73
C GLN XD 70 -70.78 -9.08 -98.18
N ASN XD 71 -69.96 -8.39 -98.95
CA ASN XD 71 -69.70 -8.73 -100.34
C ASN XD 71 -68.20 -8.89 -100.56
N PRO XD 72 -67.70 -10.10 -100.72
CA PRO XD 72 -66.28 -10.25 -101.03
C PRO XD 72 -66.04 -10.26 -102.53
N THR XD 73 -64.77 -10.16 -102.88
CA THR XD 73 -64.35 -10.36 -104.26
C THR XD 73 -62.88 -10.73 -104.26
N ALA XD 74 -62.58 -11.85 -104.90
CA ALA XD 74 -61.23 -12.40 -104.95
C ALA XD 74 -60.65 -12.20 -106.33
N CYS XD 75 -59.41 -12.65 -106.49
CA CYS XD 75 -58.80 -12.72 -107.82
C CYS XD 75 -57.63 -13.68 -107.73
N THR XD 76 -57.75 -14.82 -108.40
CA THR XD 76 -56.69 -15.82 -108.37
C THR XD 76 -55.40 -15.22 -108.91
N ALA XD 77 -54.36 -15.28 -108.10
CA ALA XD 77 -53.06 -14.79 -108.49
C ALA XD 77 -52.35 -15.78 -109.40
N ASN XD 78 -51.41 -15.25 -110.17
CA ASN XD 78 -50.60 -16.08 -111.06
C ASN XD 78 -49.90 -17.17 -110.26
N GLY XD 79 -50.13 -18.42 -110.64
CA GLY XD 79 -49.55 -19.55 -109.94
C GLY XD 79 -50.32 -19.99 -108.72
N SER XD 80 -51.37 -19.27 -108.35
CA SER XD 80 -52.19 -19.60 -107.19
C SER XD 80 -53.39 -20.41 -107.63
N CYS XD 81 -53.60 -21.57 -107.01
CA CYS XD 81 -54.73 -22.44 -107.34
C CYS XD 81 -55.91 -22.19 -106.41
N ASP XD 82 -56.10 -20.98 -105.96
CA ASP XD 82 -57.12 -20.67 -104.98
C ASP XD 82 -57.51 -19.18 -105.00
N PRO XD 83 -58.72 -18.84 -105.45
CA PRO XD 83 -59.08 -17.41 -105.54
C PRO XD 83 -59.24 -16.76 -104.19
N SER XD 84 -58.11 -16.38 -103.60
CA SER XD 84 -58.11 -15.74 -102.29
C SER XD 84 -58.84 -14.40 -102.35
N VAL XD 85 -59.67 -14.13 -101.34
CA VAL XD 85 -60.43 -12.88 -101.31
C VAL XD 85 -59.49 -11.72 -101.06
N THR XD 86 -59.54 -10.72 -101.93
CA THR XD 86 -58.70 -9.54 -101.80
C THR XD 86 -59.51 -8.25 -101.63
N ARG XD 87 -60.84 -8.35 -101.60
CA ARG XD 87 -61.71 -7.18 -101.58
C ARG XD 87 -62.90 -7.50 -100.69
N GLN XD 88 -63.22 -6.59 -99.78
CA GLN XD 88 -64.33 -6.85 -98.87
C GLN XD 88 -65.18 -5.59 -98.76
N ALA XD 89 -66.49 -5.74 -98.93
CA ALA XD 89 -67.43 -4.63 -98.78
C ALA XD 89 -68.38 -4.94 -97.64
N TYR XD 90 -68.54 -3.98 -96.73
CA TYR XD 90 -69.35 -4.16 -95.54
C TYR XD 90 -70.44 -3.10 -95.49
N ALA XD 91 -71.63 -3.52 -95.06
CA ALA XD 91 -72.73 -2.59 -94.84
C ALA XD 91 -73.42 -2.99 -93.55
N ASP XD 92 -73.35 -2.13 -92.54
CA ASP XD 92 -73.89 -2.42 -91.22
C ASP XD 92 -75.00 -1.43 -90.91
N VAL XD 93 -76.21 -1.92 -90.76
CA VAL XD 93 -77.34 -1.09 -90.37
C VAL XD 93 -77.77 -1.48 -88.97
N THR XD 94 -78.02 -0.48 -88.14
CA THR XD 94 -78.44 -0.70 -86.75
C THR XD 94 -79.70 0.11 -86.51
N PHE XD 95 -80.77 -0.58 -86.11
CA PHE XD 95 -82.02 0.05 -85.73
C PHE XD 95 -82.21 -0.05 -84.23
N SER XD 96 -82.57 1.07 -83.61
CA SER XD 96 -82.78 1.14 -82.17
C SER XD 96 -84.15 1.73 -81.92
N PHE XD 97 -85.00 0.99 -81.21
CA PHE XD 97 -86.36 1.41 -80.93
C PHE XD 97 -86.59 1.39 -79.42
N THR XD 98 -87.50 2.25 -78.98
CA THR XD 98 -87.91 2.22 -77.59
C THR XD 98 -88.91 1.10 -77.37
N GLN XD 99 -88.96 0.63 -76.12
CA GLN XD 99 -89.85 -0.48 -75.81
C GLN XD 99 -91.31 -0.09 -75.99
N TYR XD 100 -91.61 1.18 -76.19
CA TYR XD 100 -92.97 1.61 -76.49
C TYR XD 100 -93.14 2.03 -77.93
N SER XD 101 -92.09 1.92 -78.73
CA SER XD 101 -92.20 2.24 -80.14
C SER XD 101 -93.36 1.47 -80.76
N THR XD 102 -93.79 1.91 -81.93
CA THR XD 102 -94.91 1.30 -82.61
C THR XD 102 -94.52 0.89 -84.02
N ASP XD 103 -95.19 -0.16 -84.49
CA ASP XD 103 -94.94 -0.64 -85.85
C ASP XD 103 -95.06 0.48 -86.86
N GLU XD 104 -95.98 1.43 -86.63
CA GLU XD 104 -96.12 2.55 -87.55
C GLU XD 104 -94.80 3.30 -87.71
N GLU XD 105 -94.21 3.72 -86.60
CA GLU XD 105 -92.94 4.43 -86.66
C GLU XD 105 -91.85 3.53 -87.23
N ARG XD 106 -91.83 2.27 -86.82
CA ARG XD 106 -90.79 1.39 -87.30
C ARG XD 106 -90.83 1.31 -88.81
N ALA XD 107 -92.00 1.08 -89.38
CA ALA XD 107 -92.14 0.99 -90.83
C ALA XD 107 -91.80 2.31 -91.49
N PHE XD 108 -92.22 3.43 -90.90
CA PHE XD 108 -91.85 4.72 -91.46
C PHE XD 108 -90.34 4.82 -91.56
N VAL XD 109 -89.64 4.46 -90.49
CA VAL XD 109 -88.19 4.51 -90.49
C VAL XD 109 -87.62 3.62 -91.58
N ARG XD 110 -88.11 2.38 -91.65
CA ARG XD 110 -87.57 1.45 -92.63
C ARG XD 110 -87.71 2.02 -94.03
N THR XD 111 -88.92 2.41 -94.39
CA THR XD 111 -89.14 2.87 -95.75
C THR XD 111 -88.37 4.15 -96.02
N GLU XD 112 -88.14 4.98 -95.01
CA GLU XD 112 -87.43 6.22 -95.27
C GLU XD 112 -85.97 5.93 -95.52
N LEU XD 113 -85.39 5.02 -94.75
CA LEU XD 113 -84.05 4.56 -95.06
C LEU XD 113 -83.98 4.07 -96.50
N ALA XD 114 -84.99 3.29 -96.91
CA ALA XD 114 -84.96 2.76 -98.27
C ALA XD 114 -84.97 3.90 -99.28
N ALA XD 115 -85.88 4.83 -99.10
CA ALA XD 115 -85.98 5.92 -100.05
C ALA XD 115 -84.72 6.77 -100.05
N LEU XD 116 -84.09 6.98 -98.89
CA LEU XD 116 -82.80 7.65 -98.89
C LEU XD 116 -81.79 6.86 -99.70
N LEU XD 117 -81.77 5.54 -99.53
CA LEU XD 117 -80.82 4.75 -100.30
C LEU XD 117 -81.06 4.87 -101.79
N ALA XD 118 -82.29 5.16 -102.20
CA ALA XD 118 -82.58 5.31 -103.62
C ALA XD 118 -82.41 6.73 -104.14
N SER XD 119 -82.47 7.74 -103.28
CA SER XD 119 -82.49 9.12 -103.74
C SER XD 119 -81.09 9.56 -104.19
N PRO XD 120 -81.02 10.67 -104.94
CA PRO XD 120 -79.73 11.08 -105.51
C PRO XD 120 -78.68 11.33 -104.47
N LEU XD 121 -79.05 11.78 -103.28
CA LEU XD 121 -78.04 12.13 -102.30
C LEU XD 121 -77.16 10.93 -102.00
N LEU XD 122 -77.71 9.89 -101.39
CA LEU XD 122 -76.86 8.76 -101.05
C LEU XD 122 -76.27 8.13 -102.30
N ILE XD 123 -76.96 8.26 -103.43
CA ILE XD 123 -76.38 7.75 -104.67
C ILE XD 123 -74.99 8.32 -104.86
N ASP XD 124 -74.88 9.63 -104.99
CA ASP XD 124 -73.57 10.23 -105.18
C ASP XD 124 -72.71 10.07 -103.95
N ALA XD 125 -73.30 9.88 -102.78
CA ALA XD 125 -72.51 9.77 -101.56
C ALA XD 125 -71.76 8.44 -101.50
N ILE XD 126 -72.37 7.39 -102.01
CA ILE XD 126 -71.83 6.04 -101.92
C ILE XD 126 -71.19 5.63 -103.24
N ASP XD 127 -71.98 5.62 -104.31
CA ASP XD 127 -71.47 5.21 -105.61
C ASP XD 127 -70.18 5.94 -105.96
N GLN XD 128 -70.17 7.25 -105.80
CA GLN XD 128 -69.04 8.06 -106.18
C GLN XD 128 -68.26 8.62 -105.00
N LEU XD 129 -68.69 8.33 -103.78
CA LEU XD 129 -67.95 8.76 -102.59
C LEU XD 129 -67.80 10.27 -102.57
N ASN XD 130 -68.91 10.97 -102.74
CA ASN XD 130 -68.89 12.42 -102.81
C ASN XD 130 -69.38 12.98 -101.50
N PRO XD 131 -68.51 13.54 -100.66
CA PRO XD 131 -68.99 14.23 -99.48
C PRO XD 131 -70.14 15.17 -99.80
N ALA XD 132 -71.23 15.00 -99.09
CA ALA XD 132 -72.38 15.85 -99.30
C ALA XD 132 -72.06 17.25 -98.80
N TYR XD 133 -72.29 18.24 -99.66
CA TYR XD 133 -72.22 19.63 -99.26
C TYR XD 133 -72.80 20.49 -100.37
N ALA YD 2 -27.34 41.86 -122.94
CA ALA YD 2 -26.01 42.02 -122.27
C ALA YD 2 -25.05 40.95 -122.77
N LYS YD 3 -25.05 40.73 -124.09
CA LYS YD 3 -24.29 39.62 -124.65
C LYS YD 3 -22.80 39.83 -124.43
N LEU YD 4 -22.09 38.74 -124.17
CA LEU YD 4 -20.66 38.77 -123.94
C LEU YD 4 -19.93 38.30 -125.20
N GLU YD 5 -18.94 39.06 -125.63
CA GLU YD 5 -18.17 38.72 -126.82
C GLU YD 5 -16.84 39.47 -126.77
N THR YD 6 -16.17 39.56 -127.91
CA THR YD 6 -14.94 40.30 -128.02
C THR YD 6 -15.22 41.80 -127.94
N VAL YD 7 -14.41 42.50 -127.16
CA VAL YD 7 -14.53 43.95 -127.05
C VAL YD 7 -13.22 44.58 -127.52
N THR YD 8 -13.33 45.53 -128.43
CA THR YD 8 -12.18 46.23 -129.00
C THR YD 8 -12.17 47.66 -128.47
N LEU YD 9 -11.34 47.88 -127.48
CA LEU YD 9 -11.24 49.17 -126.82
C LEU YD 9 -10.12 49.94 -127.51
N GLY YD 10 -10.50 50.96 -128.31
CA GLY YD 10 -9.52 51.70 -129.08
C GLY YD 10 -9.18 53.05 -128.49
N ASN YD 11 -8.06 53.63 -128.93
CA ASN YD 11 -7.65 54.96 -128.49
C ASN YD 11 -7.49 55.02 -126.98
N ILE YD 12 -6.47 54.30 -126.51
CA ILE YD 12 -6.15 54.14 -125.10
C ILE YD 12 -4.78 54.76 -124.83
N GLY YD 13 -4.53 55.12 -123.57
CA GLY YD 13 -3.25 55.66 -123.12
C GLY YD 13 -3.29 57.17 -123.07
N LYS YD 14 -2.15 57.80 -122.70
CA LYS YD 14 -2.16 59.26 -122.79
C LYS YD 14 -2.43 59.66 -124.22
N ASP YD 15 -1.72 59.05 -125.15
CA ASP YD 15 -1.83 59.37 -126.56
C ASP YD 15 -3.11 58.87 -127.16
N GLY YD 16 -3.80 57.94 -126.51
CA GLY YD 16 -4.97 57.34 -127.11
C GLY YD 16 -4.60 56.64 -128.39
N LYS YD 17 -3.56 55.81 -128.34
CA LYS YD 17 -3.06 55.14 -129.54
C LYS YD 17 -3.11 53.63 -129.47
N GLN YD 18 -3.05 53.03 -128.29
CA GLN YD 18 -3.06 51.58 -128.21
C GLN YD 18 -4.48 51.05 -128.25
N THR YD 19 -4.61 49.74 -128.19
CA THR YD 19 -5.91 49.10 -128.26
C THR YD 19 -5.88 47.82 -127.46
N LEU YD 20 -7.03 47.47 -126.89
CA LEU YD 20 -7.15 46.31 -126.03
C LEU YD 20 -8.29 45.44 -126.53
N VAL YD 21 -7.99 44.16 -126.77
CA VAL YD 21 -9.00 43.20 -127.17
C VAL YD 21 -9.27 42.31 -125.97
N LEU YD 22 -10.51 42.35 -125.51
CA LEU YD 22 -10.93 41.60 -124.34
C LEU YD 22 -11.89 40.51 -124.78
N ASN YD 23 -11.48 39.34 -124.64
CA ASN YD 23 -12.28 38.17 -124.94
C ASN YD 23 -13.09 37.76 -123.72
N PRO YD 24 -14.24 37.16 -123.94
CA PRO YD 24 -15.11 36.77 -122.83
C PRO YD 24 -14.55 35.56 -122.09
N ARG YD 25 -15.15 35.34 -120.92
CA ARG YD 25 -14.79 34.25 -120.05
C ARG YD 25 -16.10 33.69 -119.51
N GLY YD 26 -16.05 32.90 -118.44
CA GLY YD 26 -17.23 32.26 -117.89
C GLY YD 26 -17.81 33.07 -116.75
N VAL YD 27 -19.13 33.06 -116.65
CA VAL YD 27 -19.83 33.85 -115.64
C VAL YD 27 -19.75 33.12 -114.31
N ASN YD 28 -19.13 33.76 -113.32
CA ASN YD 28 -19.01 33.14 -112.01
C ASN YD 28 -20.38 32.78 -111.49
N PRO YD 29 -20.77 31.51 -111.48
CA PRO YD 29 -22.10 31.15 -110.97
C PRO YD 29 -22.28 31.47 -109.50
N THR YD 30 -21.21 31.38 -108.71
CA THR YD 30 -21.34 31.58 -107.27
C THR YD 30 -21.90 32.94 -106.93
N ASN YD 31 -21.60 33.96 -107.73
CA ASN YD 31 -22.13 35.29 -107.47
C ASN YD 31 -22.54 36.02 -108.73
N GLY YD 32 -22.58 35.35 -109.87
CA GLY YD 32 -23.10 35.98 -111.07
C GLY YD 32 -22.28 37.17 -111.52
N VAL YD 33 -21.07 36.92 -112.02
CA VAL YD 33 -20.23 38.00 -112.54
C VAL YD 33 -19.61 37.53 -113.84
N ALA YD 34 -19.75 38.33 -114.89
CA ALA YD 34 -19.13 38.06 -116.17
C ALA YD 34 -17.73 38.63 -116.20
N SER YD 35 -16.85 37.97 -116.96
CA SER YD 35 -15.43 38.27 -116.95
C SER YD 35 -14.90 38.43 -118.37
N LEU YD 36 -14.02 39.41 -118.54
CA LEU YD 36 -13.34 39.70 -119.80
C LEU YD 36 -11.85 39.78 -119.53
N SER YD 37 -11.05 39.30 -120.48
CA SER YD 37 -9.60 39.29 -120.28
C SER YD 37 -8.89 39.48 -121.61
N GLN YD 38 -7.63 39.92 -121.53
CA GLN YD 38 -6.90 40.26 -122.74
C GLN YD 38 -6.93 39.10 -123.72
N ALA YD 39 -6.65 39.40 -124.99
CA ALA YD 39 -6.58 38.35 -126.00
C ALA YD 39 -5.76 37.17 -125.54
N GLY YD 40 -4.75 37.40 -124.72
CA GLY YD 40 -3.91 36.35 -124.22
C GLY YD 40 -2.51 36.43 -124.79
N ALA YD 41 -1.73 35.36 -124.57
CA ALA YD 41 -2.19 34.14 -123.91
C ALA YD 41 -2.18 34.28 -122.39
N VAL YD 42 -0.98 34.38 -121.81
CA VAL YD 42 -0.89 34.58 -120.36
C VAL YD 42 -1.61 35.85 -119.94
N PRO YD 43 -1.50 36.97 -120.67
CA PRO YD 43 -2.23 38.17 -120.24
C PRO YD 43 -3.71 37.95 -120.04
N ALA YD 44 -4.29 36.92 -120.67
CA ALA YD 44 -5.69 36.59 -120.41
C ALA YD 44 -5.88 36.13 -118.96
N LEU YD 45 -4.83 35.59 -118.35
CA LEU YD 45 -4.83 35.30 -116.93
C LEU YD 45 -4.06 36.34 -116.12
N GLU YD 46 -3.90 37.55 -116.64
CA GLU YD 46 -3.42 38.69 -115.85
C GLU YD 46 -4.38 39.87 -115.85
N LYS YD 47 -4.74 40.39 -117.02
CA LYS YD 47 -5.66 41.51 -117.11
C LYS YD 47 -7.10 41.05 -117.06
N ARG YD 48 -7.95 41.82 -116.39
CA ARG YD 48 -9.29 41.36 -116.09
C ARG YD 48 -10.27 42.53 -116.02
N VAL YD 49 -11.50 42.26 -116.45
CA VAL YD 49 -12.57 43.25 -116.44
C VAL YD 49 -13.84 42.51 -116.08
N THR YD 50 -14.33 42.74 -114.86
CA THR YD 50 -15.48 42.00 -114.36
C THR YD 50 -16.69 42.90 -114.30
N VAL YD 51 -17.84 42.34 -114.63
CA VAL YD 51 -19.10 43.08 -114.65
C VAL YD 51 -20.14 42.27 -113.90
N SER YD 52 -20.99 42.95 -113.16
CA SER YD 52 -22.05 42.28 -112.43
C SER YD 52 -23.26 43.20 -112.32
N VAL YD 53 -24.44 42.59 -112.39
CA VAL YD 53 -25.71 43.27 -112.22
C VAL YD 53 -26.42 42.62 -111.05
N SER YD 54 -27.17 43.40 -110.30
CA SER YD 54 -27.77 42.91 -109.07
C SER YD 54 -29.13 43.56 -108.89
N GLN YD 55 -30.16 42.72 -108.84
CA GLN YD 55 -31.53 43.17 -108.72
C GLN YD 55 -31.88 43.43 -107.28
N PRO YD 56 -32.96 44.17 -107.02
CA PRO YD 56 -33.37 44.40 -105.64
C PRO YD 56 -33.56 43.11 -104.88
N SER YD 57 -33.57 43.23 -103.55
CA SER YD 57 -33.80 42.11 -102.65
C SER YD 57 -34.06 42.67 -101.26
N ARG YD 58 -34.19 41.77 -100.29
CA ARG YD 58 -34.42 42.20 -98.93
C ARG YD 58 -33.32 43.13 -98.44
N ASN YD 59 -32.13 43.04 -99.01
CA ASN YD 59 -31.03 43.90 -98.63
C ASN YD 59 -30.48 44.74 -99.78
N ARG YD 60 -31.24 44.86 -100.88
CA ARG YD 60 -30.98 45.88 -101.90
C ARG YD 60 -32.25 46.71 -102.00
N LYS YD 61 -32.33 47.65 -102.93
CA LYS YD 61 -33.67 48.13 -103.26
C LYS YD 61 -34.02 48.54 -104.68
N ASN YD 62 -33.30 49.44 -105.37
CA ASN YD 62 -31.86 49.80 -105.39
C ASN YD 62 -31.02 48.74 -106.07
N TYR YD 63 -31.26 48.66 -107.39
CA TYR YD 63 -30.40 47.97 -108.34
C TYR YD 63 -28.96 48.45 -108.22
N LYS YD 64 -28.03 47.51 -108.31
CA LYS YD 64 -26.60 47.83 -108.27
C LYS YD 64 -25.89 47.18 -109.45
N VAL YD 65 -25.07 47.96 -110.14
CA VAL YD 65 -24.22 47.44 -111.20
C VAL YD 65 -22.78 47.75 -110.84
N GLN YD 66 -21.95 46.72 -110.84
CA GLN YD 66 -20.56 46.84 -110.49
C GLN YD 66 -19.69 46.50 -111.69
N VAL YD 67 -18.64 47.30 -111.90
CA VAL YD 67 -17.69 47.10 -112.98
C VAL YD 67 -16.30 47.27 -112.39
N LYS YD 68 -15.57 46.18 -112.22
CA LYS YD 68 -14.23 46.21 -111.69
C LYS YD 68 -13.25 46.03 -112.84
N ILE YD 69 -12.12 46.72 -112.74
CA ILE YD 69 -11.10 46.71 -113.77
C ILE YD 69 -9.77 46.47 -113.08
N GLN YD 70 -9.01 45.49 -113.57
CA GLN YD 70 -7.79 45.06 -112.89
C GLN YD 70 -6.69 44.88 -113.92
N ASN YD 71 -5.56 45.55 -113.70
CA ASN YD 71 -4.40 45.47 -114.58
C ASN YD 71 -3.15 45.25 -113.75
N PRO YD 72 -2.54 44.08 -113.79
CA PRO YD 72 -1.32 43.86 -113.02
C PRO YD 72 -0.08 44.11 -113.85
N THR YD 73 0.83 44.95 -113.37
CA THR YD 73 2.11 45.12 -114.05
C THR YD 73 3.09 44.11 -113.50
N ALA YD 74 3.71 43.36 -114.39
CA ALA YD 74 4.69 42.34 -114.02
C ALA YD 74 5.98 42.62 -114.76
N CYS YD 75 7.03 41.94 -114.30
CA CYS YD 75 8.35 42.10 -114.90
C CYS YD 75 9.13 40.81 -114.71
N THR YD 76 10.15 40.63 -115.53
CA THR YD 76 11.00 39.45 -115.49
C THR YD 76 12.34 39.84 -114.90
N ALA YD 77 12.63 39.34 -113.70
CA ALA YD 77 13.92 39.55 -113.11
C ALA YD 77 15.00 39.03 -114.04
N ASN YD 78 16.06 39.80 -114.21
CA ASN YD 78 17.11 39.37 -115.10
C ASN YD 78 17.77 38.16 -114.48
N GLY YD 79 17.42 36.98 -115.00
CA GLY YD 79 17.89 35.72 -114.45
C GLY YD 79 16.79 34.68 -114.39
N SER YD 80 15.56 35.12 -114.10
CA SER YD 80 14.41 34.22 -114.15
C SER YD 80 13.82 34.26 -115.55
N CYS YD 81 12.72 33.55 -115.79
CA CYS YD 81 11.99 33.80 -117.03
C CYS YD 81 10.49 33.93 -116.78
N ASP YD 82 9.95 33.25 -115.78
CA ASP YD 82 8.56 33.48 -115.41
C ASP YD 82 8.41 34.90 -114.88
N PRO YD 83 7.61 35.76 -115.51
CA PRO YD 83 7.43 37.11 -114.98
C PRO YD 83 6.63 37.10 -113.70
N SER YD 84 7.02 37.99 -112.77
CA SER YD 84 6.32 38.13 -111.51
C SER YD 84 5.57 39.45 -111.47
N VAL YD 85 4.41 39.43 -110.82
CA VAL YD 85 3.57 40.61 -110.71
C VAL YD 85 4.20 41.56 -109.69
N THR YD 86 4.74 42.67 -110.16
CA THR YD 86 5.40 43.61 -109.27
C THR YD 86 4.46 44.68 -108.76
N ARG YD 87 3.48 45.08 -109.55
CA ARG YD 87 2.50 46.07 -109.13
C ARG YD 87 1.15 45.62 -109.67
N GLN YD 88 0.09 46.22 -109.17
CA GLN YD 88 -1.22 45.92 -109.73
C GLN YD 88 -2.15 47.09 -109.45
N ALA YD 89 -2.69 47.68 -110.51
CA ALA YD 89 -3.65 48.75 -110.38
C ALA YD 89 -5.04 48.19 -110.61
N TYR YD 90 -6.03 48.78 -109.95
CA TYR YD 90 -7.40 48.41 -110.27
C TYR YD 90 -8.35 49.48 -109.78
N ALA YD 91 -9.53 49.49 -110.39
CA ALA YD 91 -10.54 50.48 -110.09
C ALA YD 91 -11.91 49.81 -110.10
N ASP YD 92 -12.86 50.46 -109.46
CA ASP YD 92 -14.21 49.91 -109.32
C ASP YD 92 -15.23 50.99 -109.57
N VAL YD 93 -16.22 50.67 -110.38
CA VAL YD 93 -17.35 51.53 -110.64
C VAL YD 93 -18.61 50.86 -110.10
N THR YD 94 -19.45 51.63 -109.43
CA THR YD 94 -20.63 51.08 -108.76
C THR YD 94 -21.79 52.04 -108.98
N PHE YD 95 -22.70 51.67 -109.86
CA PHE YD 95 -23.91 52.44 -110.08
C PHE YD 95 -25.02 51.92 -109.21
N SER YD 96 -25.74 52.83 -108.57
CA SER YD 96 -26.87 52.48 -107.71
C SER YD 96 -28.09 53.22 -108.25
N PHE YD 97 -29.02 52.49 -108.83
CA PHE YD 97 -30.27 53.07 -109.32
C PHE YD 97 -31.42 52.56 -108.48
N THR YD 98 -32.52 53.28 -108.53
CA THR YD 98 -33.73 52.86 -107.82
C THR YD 98 -34.65 52.11 -108.77
N GLN YD 99 -35.58 51.37 -108.18
CA GLN YD 99 -36.49 50.56 -108.97
C GLN YD 99 -37.24 51.43 -109.98
N TYR YD 100 -37.66 52.61 -109.57
CA TYR YD 100 -38.35 53.52 -110.47
C TYR YD 100 -37.40 54.25 -111.38
N SER YD 101 -36.13 53.90 -111.37
CA SER YD 101 -35.16 54.54 -112.23
C SER YD 101 -35.62 54.43 -113.68
N THR YD 102 -35.00 55.22 -114.55
CA THR YD 102 -35.38 55.25 -115.95
C THR YD 102 -34.16 55.05 -116.84
N ASP YD 103 -34.39 54.38 -117.97
CA ASP YD 103 -33.29 54.09 -118.88
C ASP YD 103 -32.54 55.35 -119.26
N GLU YD 104 -33.27 56.42 -119.56
CA GLU YD 104 -32.61 57.63 -120.03
C GLU YD 104 -31.71 58.19 -118.94
N GLU YD 105 -32.15 58.15 -117.68
CA GLU YD 105 -31.29 58.67 -116.64
C GLU YD 105 -30.11 57.75 -116.38
N ARG YD 106 -30.30 56.43 -116.50
CA ARG YD 106 -29.12 55.57 -116.44
C ARG YD 106 -28.10 55.99 -117.49
N ALA YD 107 -28.55 56.10 -118.74
CA ALA YD 107 -27.64 56.46 -119.81
C ALA YD 107 -27.00 57.82 -119.54
N PHE YD 108 -27.78 58.73 -118.98
CA PHE YD 108 -27.29 60.05 -118.64
C PHE YD 108 -26.12 59.96 -117.67
N VAL YD 109 -26.31 59.21 -116.59
CA VAL YD 109 -25.25 59.01 -115.61
C VAL YD 109 -24.04 58.37 -116.26
N ARG YD 110 -24.27 57.32 -117.03
CA ARG YD 110 -23.15 56.61 -117.65
C ARG YD 110 -22.32 57.56 -118.49
N THR YD 111 -22.97 58.22 -119.43
CA THR YD 111 -22.24 59.08 -120.34
C THR YD 111 -21.58 60.22 -119.59
N GLU YD 112 -22.17 60.69 -118.51
CA GLU YD 112 -21.58 61.83 -117.83
C GLU YD 112 -20.34 61.40 -117.09
N LEU YD 113 -20.39 60.23 -116.45
CA LEU YD 113 -19.18 59.67 -115.92
C LEU YD 113 -18.13 59.55 -117.01
N ALA YD 114 -18.54 59.12 -118.19
CA ALA YD 114 -17.59 58.94 -119.28
C ALA YD 114 -16.89 60.25 -119.61
N ALA YD 115 -17.68 61.30 -119.82
CA ALA YD 115 -17.07 62.55 -120.24
C ALA YD 115 -16.29 63.20 -119.10
N LEU YD 116 -16.62 62.91 -117.85
CA LEU YD 116 -15.78 63.39 -116.76
C LEU YD 116 -14.43 62.69 -116.79
N LEU YD 117 -14.43 61.37 -116.95
CA LEU YD 117 -13.14 60.71 -117.13
C LEU YD 117 -12.38 61.28 -118.30
N ALA YD 118 -13.10 61.73 -119.33
CA ALA YD 118 -12.42 62.32 -120.47
C ALA YD 118 -12.04 63.78 -120.26
N SER YD 119 -12.53 64.41 -119.20
CA SER YD 119 -12.31 65.83 -119.02
C SER YD 119 -10.94 66.13 -118.41
N PRO YD 120 -10.39 67.31 -118.66
CA PRO YD 120 -9.07 67.63 -118.11
C PRO YD 120 -8.99 67.41 -116.62
N LEU YD 121 -10.07 67.69 -115.91
CA LEU YD 121 -10.04 67.58 -114.45
C LEU YD 121 -9.59 66.20 -114.03
N LEU YD 122 -10.33 65.17 -114.43
CA LEU YD 122 -10.03 63.84 -113.93
C LEU YD 122 -8.72 63.31 -114.50
N ILE YD 123 -8.37 63.68 -115.73
CA ILE YD 123 -7.09 63.23 -116.27
C ILE YD 123 -5.96 63.75 -115.40
N ASP YD 124 -6.04 65.01 -114.98
CA ASP YD 124 -5.02 65.51 -114.07
C ASP YD 124 -5.11 64.79 -112.73
N ALA YD 125 -6.32 64.59 -112.24
CA ALA YD 125 -6.51 64.01 -110.91
C ALA YD 125 -6.03 62.57 -110.83
N ILE YD 126 -5.96 61.89 -111.96
CA ILE YD 126 -5.54 60.50 -111.98
C ILE YD 126 -4.09 60.40 -112.40
N ASP YD 127 -3.80 60.86 -113.61
CA ASP YD 127 -2.49 60.61 -114.19
C ASP YD 127 -1.39 61.19 -113.33
N GLN YD 128 -1.56 62.41 -112.86
CA GLN YD 128 -0.60 63.02 -111.94
C GLN YD 128 -1.04 62.92 -110.49
N LEU YD 129 -2.23 62.39 -110.21
CA LEU YD 129 -2.74 62.31 -108.84
C LEU YD 129 -2.72 63.68 -108.18
N ASN YD 130 -3.05 64.70 -108.95
CA ASN YD 130 -3.07 66.05 -108.40
C ASN YD 130 -4.46 66.36 -107.88
N PRO YD 131 -4.63 66.68 -106.61
CA PRO YD 131 -5.94 67.12 -106.16
C PRO YD 131 -6.29 68.42 -106.86
N ALA YD 132 -7.57 68.72 -106.88
CA ALA YD 132 -8.05 69.85 -107.66
C ALA YD 132 -7.93 71.12 -106.83
N TYR YD 133 -6.85 71.86 -107.04
CA TYR YD 133 -6.72 73.17 -106.41
C TYR YD 133 -6.06 74.13 -107.37
N ALA ZD 2 -34.44 24.80 -125.28
CA ALA ZD 2 -35.26 25.86 -124.61
C ALA ZD 2 -34.60 27.22 -124.78
N LYS ZD 3 -34.07 27.46 -125.97
CA LYS ZD 3 -33.41 28.73 -126.28
C LYS ZD 3 -34.25 29.89 -125.78
N LEU ZD 4 -33.61 30.81 -125.07
CA LEU ZD 4 -34.27 32.06 -124.74
C LEU ZD 4 -34.66 32.76 -126.03
N GLU ZD 5 -35.82 33.39 -126.02
CA GLU ZD 5 -36.30 34.02 -127.24
C GLU ZD 5 -37.52 34.87 -126.90
N THR ZD 6 -37.74 35.91 -127.69
CA THR ZD 6 -38.90 36.76 -127.49
C THR ZD 6 -40.18 35.98 -127.67
N VAL ZD 7 -40.90 35.72 -126.60
CA VAL ZD 7 -42.12 34.94 -126.70
C VAL ZD 7 -43.28 35.89 -126.95
N THR ZD 8 -44.16 35.49 -127.86
CA THR ZD 8 -45.33 36.28 -128.25
C THR ZD 8 -46.56 35.49 -127.82
N LEU ZD 9 -47.24 36.01 -126.81
CA LEU ZD 9 -48.44 35.38 -126.30
C LEU ZD 9 -49.63 36.03 -126.99
N GLY ZD 10 -50.45 35.23 -127.67
CA GLY ZD 10 -51.47 35.77 -128.54
C GLY ZD 10 -52.69 36.25 -127.80
N ASN ZD 11 -53.88 35.85 -128.27
CA ASN ZD 11 -55.13 36.25 -127.63
C ASN ZD 11 -55.03 36.03 -126.12
N ILE ZD 12 -55.49 37.01 -125.36
CA ILE ZD 12 -55.22 37.06 -123.93
C ILE ZD 12 -56.28 37.90 -123.26
N GLY ZD 13 -56.69 37.49 -122.07
CA GLY ZD 13 -57.58 38.27 -121.23
C GLY ZD 13 -59.00 37.76 -121.28
N LYS ZD 14 -59.94 38.68 -120.98
CA LYS ZD 14 -61.34 38.29 -120.88
C LYS ZD 14 -61.90 37.97 -122.25
N ASP ZD 15 -61.94 38.99 -123.11
CA ASP ZD 15 -62.34 38.87 -124.50
C ASP ZD 15 -61.36 38.05 -125.33
N GLY ZD 16 -60.14 37.84 -124.83
CA GLY ZD 16 -59.13 37.16 -125.59
C GLY ZD 16 -58.73 37.91 -126.84
N LYS ZD 17 -58.29 39.16 -126.68
CA LYS ZD 17 -57.97 39.98 -127.83
C LYS ZD 17 -56.64 40.70 -127.75
N GLN ZD 18 -55.99 40.76 -126.60
CA GLN ZD 18 -54.72 41.44 -126.53
C GLN ZD 18 -53.58 40.44 -126.67
N THR ZD 19 -52.36 40.95 -126.77
CA THR ZD 19 -51.19 40.11 -126.91
C THR ZD 19 -50.03 40.71 -126.13
N LEU ZD 20 -49.09 39.85 -125.74
CA LEU ZD 20 -47.95 40.27 -124.94
C LEU ZD 20 -46.67 39.81 -125.62
N VAL ZD 21 -45.63 40.63 -125.50
CA VAL ZD 21 -44.33 40.34 -126.06
C VAL ZD 21 -43.34 40.39 -124.91
N LEU ZD 22 -42.75 39.25 -124.58
CA LEU ZD 22 -41.75 39.17 -123.54
C LEU ZD 22 -40.40 38.95 -124.20
N ASN ZD 23 -39.53 39.94 -124.15
CA ASN ZD 23 -38.19 39.73 -124.69
C ASN ZD 23 -37.32 39.03 -123.66
N PRO ZD 24 -36.26 38.36 -124.10
CA PRO ZD 24 -35.44 37.55 -123.19
C PRO ZD 24 -34.41 38.41 -122.50
N ARG ZD 25 -34.48 38.48 -121.18
CA ARG ZD 25 -33.55 39.32 -120.45
C ARG ZD 25 -32.23 38.57 -120.26
N GLY ZD 26 -32.27 37.47 -119.55
CA GLY ZD 26 -31.05 36.73 -119.25
C GLY ZD 26 -31.38 35.58 -118.34
N VAL ZD 27 -30.37 35.03 -117.69
CA VAL ZD 27 -30.59 33.93 -116.77
C VAL ZD 27 -29.71 34.14 -115.56
N ASN ZD 28 -30.33 34.40 -114.42
CA ASN ZD 28 -29.58 34.44 -113.18
C ASN ZD 28 -28.90 33.10 -112.98
N PRO ZD 29 -27.61 33.07 -112.82
CA PRO ZD 29 -26.92 31.80 -112.63
C PRO ZD 29 -27.02 31.28 -111.21
N THR ZD 30 -27.03 32.20 -110.24
CA THR ZD 30 -26.97 31.79 -108.85
C THR ZD 30 -28.10 30.86 -108.50
N ASN ZD 31 -29.19 30.92 -109.25
CA ASN ZD 31 -30.34 30.08 -109.02
C ASN ZD 31 -30.80 29.36 -110.28
N GLY ZD 32 -30.09 29.54 -111.39
CA GLY ZD 32 -30.50 28.92 -112.62
C GLY ZD 32 -31.92 29.30 -113.00
N VAL ZD 33 -32.15 30.58 -113.25
CA VAL ZD 33 -33.50 31.09 -113.46
C VAL ZD 33 -33.50 32.05 -114.63
N ALA ZD 34 -34.20 31.69 -115.70
CA ALA ZD 34 -34.30 32.54 -116.87
C ALA ZD 34 -35.44 33.52 -116.71
N SER ZD 35 -35.20 34.77 -117.07
CA SER ZD 35 -36.15 35.85 -116.87
C SER ZD 35 -36.55 36.49 -118.19
N LEU ZD 36 -37.85 36.73 -118.34
CA LEU ZD 36 -38.40 37.44 -119.48
C LEU ZD 36 -39.17 38.64 -118.96
N SER ZD 37 -39.15 39.73 -119.74
CA SER ZD 37 -39.80 40.96 -119.34
C SER ZD 37 -40.44 41.58 -120.57
N GLN ZD 38 -41.66 42.11 -120.40
CA GLN ZD 38 -42.23 42.95 -121.45
C GLN ZD 38 -41.37 44.17 -121.68
N ALA ZD 39 -41.31 44.61 -122.93
CA ALA ZD 39 -40.49 45.76 -123.27
C ALA ZD 39 -41.00 47.00 -122.56
N GLY ZD 40 -40.09 47.74 -121.97
CA GLY ZD 40 -40.43 48.94 -121.24
C GLY ZD 40 -39.16 49.67 -120.89
N ALA ZD 41 -39.25 50.56 -119.90
CA ALA ZD 41 -38.08 51.27 -119.45
C ALA ZD 41 -37.94 51.17 -117.94
N VAL ZD 42 -39.06 51.25 -117.22
CA VAL ZD 42 -39.02 51.27 -115.77
C VAL ZD 42 -39.15 49.84 -115.25
N PRO ZD 43 -38.13 49.28 -114.60
CA PRO ZD 43 -38.25 47.89 -114.15
C PRO ZD 43 -39.46 47.66 -113.29
N ALA ZD 44 -39.81 48.61 -112.43
CA ALA ZD 44 -40.91 48.41 -111.51
C ALA ZD 44 -42.27 48.44 -112.20
N LEU ZD 45 -42.33 48.80 -113.47
CA LEU ZD 45 -43.58 48.95 -114.19
C LEU ZD 45 -43.62 47.99 -115.36
N GLU ZD 46 -43.27 46.73 -115.12
CA GLU ZD 46 -43.06 45.83 -116.22
C GLU ZD 46 -43.52 44.42 -115.84
N LYS ZD 47 -44.09 43.71 -116.80
CA LYS ZD 47 -44.59 42.36 -116.57
C LYS ZD 47 -43.45 41.36 -116.72
N ARG ZD 48 -43.22 40.57 -115.68
CA ARG ZD 48 -42.05 39.69 -115.64
C ARG ZD 48 -42.48 38.24 -115.52
N VAL ZD 49 -41.62 37.37 -116.04
CA VAL ZD 49 -41.83 35.93 -115.97
C VAL ZD 49 -40.49 35.27 -115.71
N THR ZD 50 -40.51 34.16 -114.99
CA THR ZD 50 -39.28 33.46 -114.65
C THR ZD 50 -39.50 31.97 -114.71
N VAL ZD 51 -38.56 31.28 -115.34
CA VAL ZD 51 -38.59 29.84 -115.53
C VAL ZD 51 -37.39 29.25 -114.81
N SER ZD 52 -37.61 28.16 -114.10
CA SER ZD 52 -36.55 27.52 -113.34
C SER ZD 52 -36.75 26.02 -113.37
N VAL ZD 53 -35.65 25.29 -113.50
CA VAL ZD 53 -35.69 23.84 -113.59
C VAL ZD 53 -34.61 23.30 -112.65
N SER ZD 54 -35.02 22.84 -111.48
CA SER ZD 54 -34.07 22.37 -110.49
C SER ZD 54 -33.97 20.86 -110.57
N GLN ZD 55 -32.74 20.36 -110.54
CA GLN ZD 55 -32.43 18.96 -110.74
C GLN ZD 55 -32.55 18.21 -109.42
N PRO ZD 56 -32.72 16.91 -109.49
CA PRO ZD 56 -32.75 16.12 -108.26
C PRO ZD 56 -31.47 16.28 -107.46
N SER ZD 57 -31.55 16.89 -106.29
CA SER ZD 57 -30.39 17.08 -105.44
C SER ZD 57 -30.17 15.83 -104.60
N ARG ZD 58 -29.19 15.92 -103.70
CA ARG ZD 58 -28.94 14.84 -102.77
C ARG ZD 58 -29.95 14.83 -101.62
N ASN ZD 59 -30.83 15.82 -101.53
CA ASN ZD 59 -31.76 15.90 -100.42
C ASN ZD 59 -33.21 16.09 -100.86
N ARG ZD 60 -33.47 16.10 -102.16
CA ARG ZD 60 -34.85 16.05 -102.64
C ARG ZD 60 -35.02 14.95 -103.69
N LYS ZD 61 -33.99 14.76 -104.52
CA LYS ZD 61 -34.04 13.81 -105.61
C LYS ZD 61 -35.41 13.81 -106.28
N ASN ZD 62 -35.75 14.94 -106.87
CA ASN ZD 62 -36.94 15.05 -107.69
C ASN ZD 62 -36.80 16.29 -108.56
N TYR ZD 63 -37.19 16.19 -109.82
CA TYR ZD 63 -37.14 17.34 -110.70
C TYR ZD 63 -38.25 18.32 -110.33
N LYS ZD 64 -37.90 19.59 -110.23
CA LYS ZD 64 -38.89 20.64 -110.02
C LYS ZD 64 -38.82 21.61 -111.19
N VAL ZD 65 -39.98 22.10 -111.60
CA VAL ZD 65 -40.08 23.14 -112.62
C VAL ZD 65 -40.96 24.23 -112.05
N GLN ZD 66 -40.38 25.39 -111.81
CA GLN ZD 66 -41.08 26.51 -111.22
C GLN ZD 66 -41.22 27.61 -112.26
N VAL ZD 67 -42.46 28.08 -112.44
CA VAL ZD 67 -42.75 29.17 -113.36
C VAL ZD 67 -43.47 30.24 -112.55
N LYS ZD 68 -42.87 31.42 -112.49
CA LYS ZD 68 -43.41 32.50 -111.68
C LYS ZD 68 -43.72 33.69 -112.58
N ILE ZD 69 -44.86 34.33 -112.34
CA ILE ZD 69 -45.34 35.43 -113.17
C ILE ZD 69 -45.72 36.59 -112.27
N GLN ZD 70 -45.20 37.78 -112.58
CA GLN ZD 70 -45.52 39.00 -111.86
C GLN ZD 70 -46.09 40.02 -112.81
N ASN ZD 71 -47.19 40.66 -112.39
CA ASN ZD 71 -47.82 41.72 -113.17
C ASN ZD 71 -48.14 42.90 -112.26
N PRO ZD 72 -47.41 44.00 -112.35
CA PRO ZD 72 -47.75 45.16 -111.53
C PRO ZD 72 -48.67 46.11 -112.28
N THR ZD 73 -49.31 46.97 -111.51
CA THR ZD 73 -50.26 47.92 -112.06
C THR ZD 73 -49.67 49.32 -112.04
N ALA ZD 74 -50.02 50.10 -113.06
CA ALA ZD 74 -49.43 51.43 -113.23
C ALA ZD 74 -49.92 52.38 -112.15
N CYS ZD 75 -51.23 52.56 -112.06
CA CYS ZD 75 -51.83 53.53 -111.15
C CYS ZD 75 -51.21 54.91 -111.38
N THR ZD 76 -51.22 55.33 -112.64
CA THR ZD 76 -50.59 56.58 -113.03
C THR ZD 76 -51.31 57.78 -112.43
N ALA ZD 77 -50.57 58.62 -111.73
CA ALA ZD 77 -51.10 59.84 -111.15
C ALA ZD 77 -51.10 60.96 -112.17
N ASN ZD 78 -52.07 61.87 -112.02
CA ASN ZD 78 -52.26 62.96 -112.97
C ASN ZD 78 -51.13 63.99 -112.80
N GLY ZD 79 -49.99 63.64 -113.38
CA GLY ZD 79 -48.78 64.42 -113.23
C GLY ZD 79 -48.03 63.99 -111.98
N SER ZD 80 -47.31 64.92 -111.41
CA SER ZD 80 -46.93 64.82 -110.01
C SER ZD 80 -45.93 63.71 -109.75
N CYS ZD 81 -45.70 62.79 -110.70
CA CYS ZD 81 -44.40 62.19 -110.92
C CYS ZD 81 -44.64 61.03 -111.89
N ASP ZD 82 -43.60 60.22 -112.17
CA ASP ZD 82 -43.83 58.98 -112.91
C ASP ZD 82 -44.71 58.03 -112.10
N PRO ZD 83 -45.41 57.12 -112.77
CA PRO ZD 83 -46.34 56.24 -112.05
C PRO ZD 83 -45.61 55.37 -111.03
N SER ZD 84 -46.39 54.79 -110.13
CA SER ZD 84 -45.83 53.91 -109.10
C SER ZD 84 -46.69 52.67 -108.94
N VAL ZD 85 -46.11 51.62 -108.39
CA VAL ZD 85 -46.81 50.35 -108.30
C VAL ZD 85 -47.69 50.34 -107.06
N THR ZD 86 -48.91 49.85 -107.22
CA THR ZD 86 -49.83 49.68 -106.10
C THR ZD 86 -50.44 48.29 -106.04
N ARG ZD 87 -50.64 47.63 -107.18
CA ARG ZD 87 -51.22 46.32 -107.24
C ARG ZD 87 -50.26 45.39 -107.96
N GLN ZD 88 -50.17 44.16 -107.47
CA GLN ZD 88 -49.12 43.24 -107.88
C GLN ZD 88 -49.70 41.84 -107.96
N ALA ZD 89 -50.07 41.38 -109.14
CA ALA ZD 89 -50.59 40.04 -109.31
C ALA ZD 89 -49.45 39.05 -109.40
N TYR ZD 90 -49.52 38.00 -108.58
CA TYR ZD 90 -48.51 36.96 -108.53
C TYR ZD 90 -49.10 35.62 -108.91
N ALA ZD 91 -48.32 34.83 -109.66
CA ALA ZD 91 -48.71 33.48 -109.99
C ALA ZD 91 -47.48 32.58 -109.90
N ASP ZD 92 -47.65 31.41 -109.27
CA ASP ZD 92 -46.57 30.43 -109.15
C ASP ZD 92 -47.12 29.07 -109.55
N VAL ZD 93 -46.43 28.42 -110.46
CA VAL ZD 93 -46.69 27.02 -110.75
C VAL ZD 93 -45.43 26.25 -110.44
N THR ZD 94 -45.60 25.04 -109.88
CA THR ZD 94 -44.49 24.21 -109.47
C THR ZD 94 -44.81 22.76 -109.80
N PHE ZD 95 -44.33 22.30 -110.96
CA PHE ZD 95 -44.43 20.91 -111.31
C PHE ZD 95 -43.32 20.13 -110.64
N SER ZD 96 -43.64 18.91 -110.21
CA SER ZD 96 -42.64 18.01 -109.65
C SER ZD 96 -42.75 16.66 -110.33
N PHE ZD 97 -41.60 16.10 -110.68
CA PHE ZD 97 -41.53 14.83 -111.38
C PHE ZD 97 -40.46 13.96 -110.73
N THR ZD 98 -40.65 12.66 -110.80
CA THR ZD 98 -39.65 11.76 -110.26
C THR ZD 98 -38.59 11.42 -111.29
N GLN ZD 99 -37.54 10.75 -110.82
CA GLN ZD 99 -36.43 10.39 -111.68
C GLN ZD 99 -36.91 9.59 -112.87
N TYR ZD 100 -37.80 8.63 -112.65
CA TYR ZD 100 -38.32 7.80 -113.72
C TYR ZD 100 -39.56 8.37 -114.34
N SER ZD 101 -39.82 9.66 -114.13
CA SER ZD 101 -40.91 10.30 -114.81
C SER ZD 101 -40.73 10.12 -116.31
N THR ZD 102 -41.77 10.45 -117.07
CA THR ZD 102 -41.69 10.33 -118.51
C THR ZD 102 -42.35 11.52 -119.17
N ASP ZD 103 -41.73 11.97 -120.27
CA ASP ZD 103 -42.24 13.13 -120.96
C ASP ZD 103 -43.69 12.95 -121.35
N GLU ZD 104 -44.11 11.71 -121.61
CA GLU ZD 104 -45.53 11.44 -121.78
C GLU ZD 104 -46.33 12.07 -120.67
N GLU ZD 105 -46.12 11.61 -119.45
CA GLU ZD 105 -46.95 12.07 -118.34
C GLU ZD 105 -46.71 13.55 -118.08
N ARG ZD 106 -45.50 14.02 -118.34
CA ARG ZD 106 -45.23 15.44 -118.15
C ARG ZD 106 -46.12 16.27 -119.06
N ALA ZD 107 -46.19 15.89 -120.34
CA ALA ZD 107 -47.06 16.60 -121.27
C ALA ZD 107 -48.51 16.46 -120.86
N PHE ZD 108 -48.88 15.26 -120.41
CA PHE ZD 108 -50.23 15.04 -119.94
C PHE ZD 108 -50.57 16.07 -118.87
N VAL ZD 109 -49.70 16.21 -117.88
CA VAL ZD 109 -49.97 17.06 -116.73
C VAL ZD 109 -50.02 18.51 -117.15
N ARG ZD 110 -49.06 18.93 -117.96
CA ARG ZD 110 -49.06 20.30 -118.40
C ARG ZD 110 -50.37 20.64 -119.10
N THR ZD 111 -50.77 19.80 -120.04
CA THR ZD 111 -51.91 20.15 -120.85
C THR ZD 111 -53.17 20.11 -120.02
N GLU ZD 112 -53.20 19.21 -119.04
CA GLU ZD 112 -54.30 19.20 -118.11
C GLU ZD 112 -54.42 20.54 -117.42
N LEU ZD 113 -53.29 21.04 -116.92
CA LEU ZD 113 -53.33 22.33 -116.24
C LEU ZD 113 -53.80 23.41 -117.21
N ALA ZD 114 -53.34 23.36 -118.44
CA ALA ZD 114 -53.72 24.40 -119.39
C ALA ZD 114 -55.22 24.40 -119.59
N ALA ZD 115 -55.78 23.24 -119.87
CA ALA ZD 115 -57.21 23.21 -120.15
C ALA ZD 115 -58.02 23.49 -118.89
N LEU ZD 116 -57.48 23.19 -117.72
CA LEU ZD 116 -58.18 23.61 -116.51
C LEU ZD 116 -58.20 25.13 -116.41
N LEU ZD 117 -57.08 25.78 -116.69
CA LEU ZD 117 -57.07 27.22 -116.73
C LEU ZD 117 -58.03 27.77 -117.76
N ALA ZD 118 -58.36 26.98 -118.77
CA ALA ZD 118 -59.36 27.37 -119.75
C ALA ZD 118 -60.79 27.07 -119.34
N SER ZD 119 -61.00 26.08 -118.48
CA SER ZD 119 -62.34 25.58 -118.21
C SER ZD 119 -63.16 26.62 -117.45
N PRO ZD 120 -64.49 26.53 -117.56
CA PRO ZD 120 -65.34 27.50 -116.86
C PRO ZD 120 -65.10 27.49 -115.36
N LEU ZD 121 -64.77 26.33 -114.79
CA LEU ZD 121 -64.58 26.24 -113.35
C LEU ZD 121 -63.56 27.25 -112.88
N LEU ZD 122 -62.30 27.07 -113.26
CA LEU ZD 122 -61.28 28.00 -112.81
C LEU ZD 122 -61.58 29.42 -113.25
N ILE ZD 123 -62.27 29.58 -114.38
CA ILE ZD 123 -62.57 30.92 -114.86
C ILE ZD 123 -63.33 31.70 -113.81
N ASP ZD 124 -64.41 31.13 -113.30
CA ASP ZD 124 -65.16 31.84 -112.28
C ASP ZD 124 -64.44 31.80 -110.94
N ALA ZD 125 -63.60 30.78 -110.73
CA ALA ZD 125 -62.88 30.68 -109.47
C ALA ZD 125 -61.84 31.78 -109.33
N ILE ZD 126 -61.29 32.26 -110.44
CA ILE ZD 126 -60.16 33.17 -110.39
C ILE ZD 126 -60.61 34.56 -110.81
N ASP ZD 127 -61.48 34.64 -111.82
CA ASP ZD 127 -61.93 35.93 -112.32
C ASP ZD 127 -62.93 36.53 -111.36
N GLN ZD 128 -64.03 35.81 -111.12
CA GLN ZD 128 -65.04 36.24 -110.18
C GLN ZD 128 -64.74 35.82 -108.76
N LEU ZD 129 -63.80 34.92 -108.56
CA LEU ZD 129 -63.26 34.61 -107.24
C LEU ZD 129 -64.28 33.89 -106.38
N ASN ZD 130 -65.18 33.19 -107.04
CA ASN ZD 130 -66.20 32.43 -106.34
C ASN ZD 130 -65.56 31.15 -105.82
N PRO ZD 131 -65.61 30.87 -104.54
CA PRO ZD 131 -65.16 29.56 -104.08
C PRO ZD 131 -65.91 28.48 -104.82
N ALA ZD 132 -65.20 27.43 -105.20
CA ALA ZD 132 -65.78 26.38 -106.03
C ALA ZD 132 -66.95 25.76 -105.31
N TYR ZD 133 -68.16 26.08 -105.75
CA TYR ZD 133 -69.37 25.42 -105.30
C TYR ZD 133 -70.53 25.74 -106.24
N ALA AE 2 -17.51 29.91 -122.09
CA ALA AE 2 -18.23 28.95 -122.96
C ALA AE 2 -19.73 29.00 -122.72
N LYS AE 3 -20.45 29.70 -123.59
CA LYS AE 3 -21.90 29.69 -123.53
C LYS AE 3 -22.43 28.32 -123.92
N LEU AE 4 -23.22 27.71 -123.04
CA LEU AE 4 -23.77 26.39 -123.33
C LEU AE 4 -24.74 26.48 -124.49
N GLU AE 5 -24.68 25.49 -125.36
CA GLU AE 5 -25.62 25.38 -126.46
C GLU AE 5 -25.78 23.91 -126.82
N THR AE 6 -26.73 23.65 -127.72
CA THR AE 6 -26.94 22.31 -128.24
C THR AE 6 -25.65 21.79 -128.83
N VAL AE 7 -25.06 20.77 -128.20
CA VAL AE 7 -23.82 20.19 -128.69
C VAL AE 7 -24.17 19.01 -129.58
N THR AE 8 -23.78 19.09 -130.84
CA THR AE 8 -24.07 18.08 -131.85
C THR AE 8 -22.77 17.32 -132.10
N LEU AE 9 -22.73 16.05 -131.77
CA LEU AE 9 -21.52 15.26 -131.91
C LEU AE 9 -21.82 14.07 -132.79
N GLY AE 10 -21.27 14.08 -134.01
CA GLY AE 10 -21.49 13.02 -134.97
C GLY AE 10 -20.22 12.20 -135.17
N ASN AE 11 -20.35 11.20 -136.04
CA ASN AE 11 -19.23 10.31 -136.35
C ASN AE 11 -18.75 9.61 -135.08
N ILE AE 12 -19.66 8.84 -134.49
CA ILE AE 12 -19.50 8.31 -133.15
C ILE AE 12 -19.74 6.81 -133.20
N GLY AE 13 -19.14 6.09 -132.25
CA GLY AE 13 -19.33 4.65 -132.13
C GLY AE 13 -18.23 3.88 -132.83
N LYS AE 14 -18.39 2.55 -132.83
CA LYS AE 14 -17.38 1.71 -133.48
C LYS AE 14 -17.19 2.14 -134.92
N ASP AE 15 -18.29 2.20 -135.67
CA ASP AE 15 -18.25 2.51 -137.09
C ASP AE 15 -18.35 4.00 -137.34
N GLY AE 16 -18.49 4.81 -136.30
CA GLY AE 16 -18.57 6.24 -136.47
C GLY AE 16 -19.78 6.66 -137.30
N LYS AE 17 -20.96 6.19 -136.91
CA LYS AE 17 -22.17 6.53 -137.65
C LYS AE 17 -23.28 7.11 -136.80
N GLN AE 18 -23.29 6.89 -135.49
CA GLN AE 18 -24.37 7.42 -134.68
C GLN AE 18 -24.12 8.91 -134.44
N THR AE 19 -25.10 9.58 -133.83
CA THR AE 19 -24.95 10.99 -133.49
C THR AE 19 -25.61 11.26 -132.15
N LEU AE 20 -25.11 12.28 -131.45
CA LEU AE 20 -25.57 12.61 -130.10
C LEU AE 20 -25.86 14.08 -130.03
N VAL AE 21 -26.99 14.44 -129.45
CA VAL AE 21 -27.38 15.83 -129.30
C VAL AE 21 -27.54 16.07 -127.81
N LEU AE 22 -26.65 16.87 -127.24
CA LEU AE 22 -26.64 17.17 -125.83
C LEU AE 22 -27.25 18.53 -125.60
N ASN AE 23 -28.20 18.59 -124.72
CA ASN AE 23 -28.84 19.86 -124.41
C ASN AE 23 -28.31 20.41 -123.09
N PRO AE 24 -28.33 21.73 -122.92
CA PRO AE 24 -27.87 22.32 -121.67
C PRO AE 24 -28.73 21.92 -120.48
N ARG AE 25 -28.07 21.74 -119.33
CA ARG AE 25 -28.72 21.48 -118.05
C ARG AE 25 -28.59 22.66 -117.09
N GLY AE 26 -28.13 23.81 -117.58
CA GLY AE 26 -27.83 24.90 -116.68
C GLY AE 26 -26.51 24.68 -115.95
N VAL AE 27 -26.37 25.35 -114.83
CA VAL AE 27 -25.13 25.30 -114.06
C VAL AE 27 -25.46 25.12 -112.58
N ASN AE 28 -24.75 24.22 -111.92
CA ASN AE 28 -24.94 24.02 -110.49
C ASN AE 28 -24.49 25.25 -109.73
N PRO AE 29 -25.34 25.84 -108.90
CA PRO AE 29 -24.91 27.01 -108.13
C PRO AE 29 -23.82 26.69 -107.13
N THR AE 30 -23.83 25.51 -106.52
CA THR AE 30 -22.88 25.22 -105.47
C THR AE 30 -21.52 24.84 -106.05
N ASN AE 31 -21.48 23.75 -106.81
CA ASN AE 31 -20.21 23.27 -107.35
C ASN AE 31 -19.76 24.07 -108.55
N GLY AE 32 -20.63 24.90 -109.12
CA GLY AE 32 -20.25 25.71 -110.26
C GLY AE 32 -19.82 24.86 -111.43
N VAL AE 33 -20.62 23.86 -111.78
CA VAL AE 33 -20.30 22.93 -112.84
C VAL AE 33 -21.49 22.85 -113.78
N ALA AE 34 -21.23 22.97 -115.08
CA ALA AE 34 -22.29 22.85 -116.06
C ALA AE 34 -22.49 21.40 -116.44
N SER AE 35 -23.69 21.09 -116.93
CA SER AE 35 -24.00 19.75 -117.38
C SER AE 35 -24.88 19.82 -118.61
N LEU AE 36 -24.80 18.79 -119.43
CA LEU AE 36 -25.68 18.61 -120.56
C LEU AE 36 -26.19 17.17 -120.56
N SER AE 37 -27.35 16.99 -121.17
CA SER AE 37 -27.99 15.69 -121.19
C SER AE 37 -28.56 15.44 -122.58
N GLN AE 38 -28.57 14.17 -122.96
CA GLN AE 38 -29.18 13.79 -124.22
C GLN AE 38 -30.70 13.76 -124.08
N ALA AE 39 -31.38 14.26 -125.09
CA ALA AE 39 -32.84 14.34 -125.02
C ALA AE 39 -33.44 12.95 -125.06
N GLY AE 40 -34.29 12.65 -124.07
CA GLY AE 40 -34.90 11.34 -124.00
C GLY AE 40 -36.24 11.42 -123.32
N ALA AE 41 -36.84 10.25 -123.13
CA ALA AE 41 -38.14 10.15 -122.49
C ALA AE 41 -38.01 10.05 -120.98
N VAL AE 42 -37.06 9.25 -120.51
CA VAL AE 42 -36.86 9.02 -119.08
C VAL AE 42 -35.61 9.77 -118.64
N PRO AE 43 -35.71 10.75 -117.74
CA PRO AE 43 -34.50 11.47 -117.32
C PRO AE 43 -33.42 10.56 -116.80
N ALA AE 44 -33.78 9.49 -116.08
CA ALA AE 44 -32.76 8.62 -115.53
C ALA AE 44 -32.04 7.81 -116.61
N LEU AE 45 -32.59 7.76 -117.81
CA LEU AE 45 -31.98 7.04 -118.93
C LEU AE 45 -31.27 7.96 -119.89
N GLU AE 46 -30.86 9.13 -119.43
CA GLU AE 46 -30.30 10.15 -120.30
C GLU AE 46 -28.79 10.15 -120.14
N LYS AE 47 -28.09 10.14 -121.26
CA LYS AE 47 -26.63 10.25 -121.22
C LYS AE 47 -26.25 11.65 -120.78
N ARG AE 48 -25.41 11.75 -119.76
CA ARG AE 48 -25.07 13.02 -119.14
C ARG AE 48 -23.59 13.32 -119.31
N VAL AE 49 -23.29 14.61 -119.39
CA VAL AE 49 -21.93 15.09 -119.57
C VAL AE 49 -21.70 16.30 -118.69
N THR AE 50 -20.64 16.29 -117.91
CA THR AE 50 -20.36 17.37 -116.96
C THR AE 50 -19.09 18.11 -117.35
N VAL AE 51 -19.03 19.39 -117.01
CA VAL AE 51 -17.89 20.24 -117.29
C VAL AE 51 -17.71 21.22 -116.15
N SER AE 52 -16.53 21.23 -115.55
CA SER AE 52 -16.22 22.14 -114.46
C SER AE 52 -14.91 22.86 -114.76
N VAL AE 53 -14.90 24.18 -114.50
CA VAL AE 53 -13.71 24.98 -114.71
C VAL AE 53 -13.32 25.60 -113.38
N SER AE 54 -12.51 24.90 -112.60
CA SER AE 54 -12.19 25.37 -111.27
C SER AE 54 -11.29 26.59 -111.34
N GLN AE 55 -11.66 27.59 -110.58
CA GLN AE 55 -10.86 28.80 -110.49
C GLN AE 55 -9.59 28.52 -109.69
N PRO AE 56 -8.63 29.43 -109.74
CA PRO AE 56 -7.33 29.19 -109.10
C PRO AE 56 -7.47 29.00 -107.60
N SER AE 57 -6.70 28.07 -107.04
CA SER AE 57 -6.65 27.92 -105.60
C SER AE 57 -5.59 28.84 -105.01
N ARG AE 58 -5.24 28.65 -103.74
CA ARG AE 58 -4.30 29.53 -103.04
C ARG AE 58 -2.91 28.91 -102.98
N ASN AE 59 -1.89 29.75 -103.23
CA ASN AE 59 -0.48 29.41 -103.02
C ASN AE 59 0.03 28.33 -103.97
N ARG AE 60 -0.87 27.75 -104.74
CA ARG AE 60 -0.53 26.79 -105.78
C ARG AE 60 -1.21 27.17 -107.08
N LYS AE 61 -2.45 27.64 -106.99
CA LYS AE 61 -3.22 28.29 -108.03
C LYS AE 61 -3.70 27.31 -109.10
N ASN AE 62 -2.95 26.25 -109.37
CA ASN AE 62 -3.45 24.99 -109.92
C ASN AE 62 -4.69 25.08 -110.82
N TYR AE 63 -4.65 25.74 -111.98
CA TYR AE 63 -5.86 25.77 -112.81
C TYR AE 63 -6.30 24.35 -113.07
N LYS AE 64 -7.58 24.07 -112.88
CA LYS AE 64 -8.09 22.71 -112.97
C LYS AE 64 -9.38 22.68 -113.78
N VAL AE 65 -9.51 21.66 -114.62
CA VAL AE 65 -10.70 21.48 -115.46
C VAL AE 65 -11.11 20.02 -115.39
N GLN AE 66 -12.41 19.80 -115.24
CA GLN AE 66 -12.92 18.45 -115.06
C GLN AE 66 -14.04 18.19 -116.04
N VAL AE 67 -14.09 16.96 -116.56
CA VAL AE 67 -15.11 16.55 -117.51
C VAL AE 67 -15.60 15.17 -117.12
N LYS AE 68 -16.87 15.07 -116.74
CA LYS AE 68 -17.46 13.81 -116.32
C LYS AE 68 -18.54 13.41 -117.33
N ILE AE 69 -18.34 12.29 -117.98
CA ILE AE 69 -19.29 11.74 -118.93
C ILE AE 69 -19.88 10.48 -118.30
N GLN AE 70 -21.20 10.40 -118.24
CA GLN AE 70 -21.87 9.20 -117.75
C GLN AE 70 -22.83 8.69 -118.82
N ASN AE 71 -22.84 7.38 -119.00
CA ASN AE 71 -23.77 6.71 -119.90
C ASN AE 71 -24.50 5.62 -119.14
N PRO AE 72 -25.82 5.72 -118.97
CA PRO AE 72 -26.56 4.65 -118.31
C PRO AE 72 -27.13 3.65 -119.30
N THR AE 73 -27.59 2.53 -118.76
CA THR AE 73 -28.20 1.47 -119.56
C THR AE 73 -29.09 0.65 -118.66
N ALA AE 74 -30.39 0.72 -118.88
CA ALA AE 74 -31.35 -0.05 -118.11
C ALA AE 74 -31.83 -1.23 -118.92
N CYS AE 75 -32.62 -2.08 -118.29
CA CYS AE 75 -33.31 -3.15 -119.00
C CYS AE 75 -34.46 -3.62 -118.12
N THR AE 76 -35.68 -3.32 -118.55
CA THR AE 76 -36.85 -3.53 -117.72
C THR AE 76 -37.02 -5.00 -117.41
N ALA AE 77 -37.17 -5.32 -116.12
CA ALA AE 77 -37.35 -6.69 -115.69
C ALA AE 77 -38.80 -7.14 -115.87
N ASN AE 78 -38.97 -8.46 -115.90
CA ASN AE 78 -40.30 -9.03 -116.04
C ASN AE 78 -41.14 -8.68 -114.83
N GLY AE 79 -42.30 -8.07 -115.06
CA GLY AE 79 -43.12 -7.56 -113.98
C GLY AE 79 -42.65 -6.21 -113.47
N SER AE 80 -41.49 -5.75 -113.93
CA SER AE 80 -40.96 -4.45 -113.56
C SER AE 80 -41.53 -3.39 -114.47
N CYS AE 81 -42.18 -2.41 -113.87
CA CYS AE 81 -42.90 -1.34 -114.54
C CYS AE 81 -42.04 -0.11 -114.74
N ASP AE 82 -40.73 -0.25 -114.56
CA ASP AE 82 -39.83 0.89 -114.57
C ASP AE 82 -38.47 0.43 -115.07
N PRO AE 83 -37.93 1.02 -116.12
CA PRO AE 83 -36.63 0.58 -116.60
C PRO AE 83 -35.51 1.02 -115.68
N SER AE 84 -35.32 0.27 -114.61
CA SER AE 84 -34.27 0.59 -113.65
C SER AE 84 -32.89 0.46 -114.31
N VAL AE 85 -32.03 1.44 -114.08
CA VAL AE 85 -30.70 1.41 -114.67
C VAL AE 85 -29.91 0.28 -114.03
N THR AE 86 -29.34 -0.59 -114.86
CA THR AE 86 -28.54 -1.71 -114.39
C THR AE 86 -27.08 -1.61 -114.76
N ARG AE 87 -26.71 -0.71 -115.66
CA ARG AE 87 -25.32 -0.56 -116.08
C ARG AE 87 -25.02 0.92 -116.20
N GLN AE 88 -23.78 1.28 -115.85
CA GLN AE 88 -23.34 2.66 -115.86
C GLN AE 88 -21.90 2.69 -116.30
N ALA AE 89 -21.58 3.57 -117.24
CA ALA AE 89 -20.20 3.80 -117.64
C ALA AE 89 -19.83 5.25 -117.35
N TYR AE 90 -18.69 5.45 -116.70
CA TYR AE 90 -18.21 6.79 -116.40
C TYR AE 90 -16.87 7.02 -117.08
N ALA AE 91 -16.64 8.26 -117.46
CA ALA AE 91 -15.35 8.71 -117.99
C ALA AE 91 -15.06 10.05 -117.33
N ASP AE 92 -13.97 10.13 -116.58
CA ASP AE 92 -13.56 11.38 -115.93
C ASP AE 92 -12.22 11.83 -116.48
N VAL AE 93 -12.23 12.99 -117.10
CA VAL AE 93 -11.05 13.65 -117.61
C VAL AE 93 -10.70 14.78 -116.65
N THR AE 94 -9.43 14.89 -116.31
CA THR AE 94 -8.96 15.93 -115.40
C THR AE 94 -7.74 16.59 -116.04
N PHE AE 95 -7.87 17.85 -116.39
CA PHE AE 95 -6.75 18.66 -116.87
C PHE AE 95 -6.25 19.57 -115.77
N SER AE 96 -4.94 19.63 -115.63
CA SER AE 96 -4.30 20.53 -114.67
C SER AE 96 -3.28 21.38 -115.40
N PHE AE 97 -3.40 22.69 -115.25
CA PHE AE 97 -2.42 23.63 -115.78
C PHE AE 97 -1.89 24.47 -114.63
N THR AE 98 -0.72 25.06 -114.84
CA THR AE 98 -0.19 26.03 -113.89
C THR AE 98 -0.73 27.41 -114.21
N GLN AE 99 -0.56 28.31 -113.25
CA GLN AE 99 -1.03 29.68 -113.45
C GLN AE 99 -0.37 30.32 -114.65
N TYR AE 100 0.77 29.81 -115.09
CA TYR AE 100 1.48 30.40 -116.21
C TYR AE 100 1.23 29.67 -117.51
N SER AE 101 0.31 28.72 -117.53
CA SER AE 101 -0.01 28.00 -118.74
C SER AE 101 -0.28 28.96 -119.90
N THR AE 102 -0.18 28.44 -121.12
CA THR AE 102 -0.55 29.19 -122.30
C THR AE 102 -1.51 28.40 -123.15
N ASP AE 103 -2.39 29.11 -123.85
CA ASP AE 103 -3.36 28.45 -124.71
C ASP AE 103 -2.65 27.50 -125.67
N GLU AE 104 -1.42 27.84 -126.06
CA GLU AE 104 -0.66 26.92 -126.88
C GLU AE 104 -0.63 25.54 -126.26
N GLU AE 105 -0.06 25.44 -125.07
CA GLU AE 105 0.07 24.12 -124.47
C GLU AE 105 -1.29 23.54 -124.17
N ARG AE 106 -2.22 24.38 -123.72
CA ARG AE 106 -3.52 23.85 -123.35
C ARG AE 106 -4.14 23.13 -124.54
N ALA AE 107 -4.21 23.81 -125.68
CA ALA AE 107 -4.74 23.18 -126.88
C ALA AE 107 -3.90 22.00 -127.33
N PHE AE 108 -2.58 22.10 -127.16
CA PHE AE 108 -1.73 20.99 -127.52
C PHE AE 108 -2.15 19.74 -126.78
N VAL AE 109 -2.31 19.86 -125.47
CA VAL AE 109 -2.75 18.75 -124.66
C VAL AE 109 -4.12 18.28 -125.12
N ARG AE 110 -5.01 19.23 -125.37
CA ARG AE 110 -6.34 18.85 -125.83
C ARG AE 110 -6.25 17.89 -127.00
N THR AE 111 -5.71 18.38 -128.10
CA THR AE 111 -5.73 17.57 -129.30
C THR AE 111 -4.87 16.33 -129.13
N GLU AE 112 -3.89 16.37 -128.21
CA GLU AE 112 -3.12 15.16 -127.97
C GLU AE 112 -4.00 14.09 -127.37
N LEU AE 113 -4.78 14.46 -126.35
CA LEU AE 113 -5.68 13.49 -125.77
C LEU AE 113 -6.66 12.99 -126.82
N ALA AE 114 -7.14 13.89 -127.68
CA ALA AE 114 -8.09 13.47 -128.72
C ALA AE 114 -7.46 12.45 -129.65
N ALA AE 115 -6.28 12.76 -130.18
CA ALA AE 115 -5.65 11.85 -131.13
C ALA AE 115 -5.29 10.53 -130.46
N LEU AE 116 -4.83 10.56 -129.21
CA LEU AE 116 -4.64 9.29 -128.52
C LEU AE 116 -5.95 8.53 -128.48
N LEU AE 117 -7.02 9.22 -128.16
CA LEU AE 117 -8.31 8.58 -128.00
C LEU AE 117 -8.81 8.02 -129.30
N ALA AE 118 -8.22 8.46 -130.42
CA ALA AE 118 -8.54 7.92 -131.74
C ALA AE 118 -7.55 6.87 -132.23
N SER AE 119 -6.34 6.84 -131.69
CA SER AE 119 -5.33 5.94 -132.21
C SER AE 119 -5.69 4.50 -131.88
N PRO AE 120 -5.12 3.55 -132.62
CA PRO AE 120 -5.40 2.14 -132.31
C PRO AE 120 -5.07 1.77 -130.87
N LEU AE 121 -4.08 2.40 -130.26
CA LEU AE 121 -3.68 2.01 -128.92
C LEU AE 121 -4.84 2.05 -127.95
N LEU AE 122 -5.32 3.25 -127.64
CA LEU AE 122 -6.42 3.33 -126.68
C LEU AE 122 -7.64 2.61 -127.20
N ILE AE 123 -7.83 2.55 -128.52
CA ILE AE 123 -8.92 1.76 -129.06
C ILE AE 123 -8.87 0.35 -128.51
N ASP AE 124 -7.74 -0.32 -128.69
CA ASP AE 124 -7.64 -1.68 -128.23
C ASP AE 124 -7.64 -1.77 -126.71
N ALA AE 125 -7.14 -0.73 -126.03
CA ALA AE 125 -7.06 -0.79 -124.58
C ALA AE 125 -8.42 -0.55 -123.92
N ILE AE 126 -9.33 0.08 -124.63
CA ILE AE 126 -10.65 0.42 -124.10
C ILE AE 126 -11.71 -0.51 -124.66
N ASP AE 127 -11.96 -0.44 -125.96
CA ASP AE 127 -13.03 -1.23 -126.54
C ASP AE 127 -12.84 -2.69 -126.21
N GLN AE 128 -11.61 -3.17 -126.26
CA GLN AE 128 -11.30 -4.55 -125.99
C GLN AE 128 -10.79 -4.79 -124.58
N LEU AE 129 -10.52 -3.72 -123.82
CA LEU AE 129 -9.90 -3.86 -122.51
C LEU AE 129 -8.63 -4.69 -122.58
N ASN AE 130 -7.77 -4.33 -123.52
CA ASN AE 130 -6.51 -5.06 -123.69
C ASN AE 130 -5.40 -4.32 -122.95
N PRO AE 131 -4.83 -4.90 -121.90
CA PRO AE 131 -3.65 -4.29 -121.30
C PRO AE 131 -2.60 -4.01 -122.36
N ALA AE 132 -2.05 -2.80 -122.34
CA ALA AE 132 -1.09 -2.40 -123.34
C ALA AE 132 0.28 -2.99 -122.98
N TYR AE 133 0.91 -3.62 -123.97
CA TYR AE 133 2.24 -4.21 -123.79
C TYR AE 133 2.76 -4.78 -125.09
N ALA BE 2 68.92 -42.60 -103.22
CA ALA BE 2 69.41 -41.33 -102.60
C ALA BE 2 70.56 -41.62 -101.64
N LYS BE 3 71.61 -42.25 -102.15
CA LYS BE 3 72.79 -42.55 -101.34
C LYS BE 3 73.49 -41.27 -100.90
N LEU BE 4 74.02 -41.30 -99.68
CA LEU BE 4 74.65 -40.15 -99.07
C LEU BE 4 76.16 -40.30 -99.10
N GLU BE 5 76.84 -39.27 -99.60
CA GLU BE 5 78.28 -39.32 -99.75
C GLU BE 5 78.80 -37.90 -99.88
N THR BE 6 80.09 -37.77 -100.17
CA THR BE 6 80.70 -36.46 -100.37
C THR BE 6 80.19 -35.86 -101.67
N VAL BE 7 79.76 -34.60 -101.62
CA VAL BE 7 79.28 -33.89 -102.79
C VAL BE 7 80.20 -32.72 -103.05
N THR BE 8 80.61 -32.56 -104.30
CA THR BE 8 81.55 -31.53 -104.74
C THR BE 8 80.81 -30.54 -105.63
N LEU BE 9 80.28 -29.50 -105.02
CA LEU BE 9 79.58 -28.45 -105.73
C LEU BE 9 80.62 -27.48 -106.27
N GLY BE 10 80.85 -27.52 -107.58
CA GLY BE 10 81.87 -26.69 -108.17
C GLY BE 10 81.31 -25.46 -108.84
N ASN BE 11 82.18 -24.49 -109.14
CA ASN BE 11 81.82 -23.35 -109.96
C ASN BE 11 80.71 -22.54 -109.29
N ILE BE 12 81.08 -21.94 -108.16
CA ILE BE 12 80.15 -21.38 -107.19
C ILE BE 12 80.52 -19.91 -107.00
N GLY BE 13 79.55 -19.09 -106.61
CA GLY BE 13 79.77 -17.68 -106.33
C GLY BE 13 79.35 -16.78 -107.47
N LYS BE 14 79.60 -15.47 -107.32
CA LYS BE 14 79.25 -14.57 -108.42
C LYS BE 14 79.89 -15.07 -109.69
N ASP BE 15 81.20 -15.31 -109.62
CA ASP BE 15 82.02 -15.64 -110.74
C ASP BE 15 82.17 -17.13 -110.93
N GLY BE 16 81.59 -17.93 -110.04
CA GLY BE 16 81.59 -19.36 -110.24
C GLY BE 16 82.98 -19.95 -110.29
N LYS BE 17 83.83 -19.64 -109.31
CA LYS BE 17 85.12 -20.31 -109.21
C LYS BE 17 85.38 -21.04 -107.89
N GLN BE 18 84.66 -20.74 -106.83
CA GLN BE 18 84.97 -21.43 -105.59
C GLN BE 18 84.40 -22.84 -105.63
N THR BE 19 84.70 -23.61 -104.57
CA THR BE 19 84.28 -25.00 -104.47
C THR BE 19 83.65 -25.24 -103.11
N LEU BE 20 82.67 -26.13 -103.07
CA LEU BE 20 82.03 -26.53 -101.81
C LEU BE 20 82.08 -28.06 -101.71
N VAL BE 21 82.65 -28.55 -100.63
CA VAL BE 21 82.75 -29.98 -100.38
C VAL BE 21 81.89 -30.29 -99.17
N LEU BE 22 80.83 -31.04 -99.40
CA LEU BE 22 79.85 -31.33 -98.37
C LEU BE 22 79.88 -32.81 -98.05
N ASN BE 23 80.29 -33.13 -96.89
CA ASN BE 23 80.27 -34.52 -96.47
C ASN BE 23 78.99 -34.82 -95.71
N PRO BE 24 78.58 -36.07 -95.70
CA PRO BE 24 77.28 -36.42 -95.11
C PRO BE 24 77.33 -36.46 -93.60
N ARG BE 25 76.16 -36.71 -93.02
CA ARG BE 25 75.96 -36.68 -91.59
C ARG BE 25 75.12 -37.88 -91.18
N GLY BE 26 74.52 -37.81 -90.00
CA GLY BE 26 73.53 -38.80 -89.57
C GLY BE 26 72.12 -38.28 -89.83
N VAL BE 27 71.24 -39.19 -90.25
CA VAL BE 27 69.89 -38.80 -90.65
C VAL BE 27 69.03 -38.65 -89.41
N ASN BE 28 68.45 -37.48 -89.24
CA ASN BE 28 67.58 -37.24 -88.10
C ASN BE 28 66.46 -38.27 -88.02
N PRO BE 29 66.57 -39.25 -87.13
CA PRO BE 29 65.53 -40.27 -87.08
C PRO BE 29 64.20 -39.71 -86.64
N THR BE 30 64.21 -38.66 -85.82
CA THR BE 30 62.96 -38.13 -85.31
C THR BE 30 62.08 -37.59 -86.43
N ASN BE 31 62.67 -37.24 -87.57
CA ASN BE 31 61.85 -36.75 -88.68
C ASN BE 31 62.32 -37.28 -90.02
N GLY BE 32 63.33 -38.15 -90.07
CA GLY BE 32 63.80 -38.65 -91.33
C GLY BE 32 64.29 -37.52 -92.22
N VAL BE 33 65.40 -36.89 -91.84
CA VAL BE 33 66.02 -35.85 -92.66
C VAL BE 33 67.52 -36.11 -92.67
N ALA BE 34 68.09 -36.24 -93.87
CA ALA BE 34 69.52 -36.40 -93.99
C ALA BE 34 70.17 -35.03 -94.06
N SER BE 35 71.43 -34.96 -93.64
CA SER BE 35 72.11 -33.67 -93.60
C SER BE 35 73.53 -33.78 -94.12
N LEU BE 36 73.99 -32.70 -94.74
CA LEU BE 36 75.33 -32.54 -95.25
C LEU BE 36 75.93 -31.27 -94.68
N SER BE 37 77.24 -31.27 -94.49
CA SER BE 37 77.90 -30.10 -93.93
C SER BE 37 79.28 -29.95 -94.55
N GLN BE 38 79.81 -28.73 -94.45
CA GLN BE 38 81.10 -28.43 -95.06
C GLN BE 38 82.13 -29.44 -94.62
N ALA BE 39 83.21 -29.57 -95.39
CA ALA BE 39 84.21 -30.60 -95.08
C ALA BE 39 84.72 -30.46 -93.66
N GLY BE 40 84.69 -29.25 -93.11
CA GLY BE 40 85.04 -29.02 -91.73
C GLY BE 40 86.31 -28.19 -91.62
N ALA BE 41 86.84 -28.12 -90.39
CA ALA BE 41 86.30 -28.85 -89.24
C ALA BE 41 85.12 -28.12 -88.62
N VAL BE 42 85.39 -26.95 -88.04
CA VAL BE 42 84.33 -26.17 -87.42
C VAL BE 42 83.26 -25.86 -88.44
N PRO BE 43 83.57 -25.49 -89.68
CA PRO BE 43 82.50 -25.27 -90.67
C PRO BE 43 81.48 -26.40 -90.70
N ALA BE 44 81.87 -27.61 -90.28
CA ALA BE 44 80.93 -28.72 -90.18
C ALA BE 44 79.84 -28.44 -89.15
N LEU BE 45 80.14 -27.62 -88.13
CA LEU BE 45 79.15 -27.18 -87.18
C LEU BE 45 78.65 -25.77 -87.48
N GLU BE 46 78.82 -25.30 -88.72
CA GLU BE 46 78.25 -24.02 -89.14
C GLU BE 46 77.37 -24.14 -90.39
N LYS BE 47 77.91 -24.65 -91.49
CA LYS BE 47 77.13 -24.75 -92.72
C LYS BE 47 76.30 -26.02 -92.72
N ARG BE 48 75.06 -25.92 -93.22
CA ARG BE 48 74.16 -27.07 -93.19
C ARG BE 48 73.37 -27.14 -94.48
N VAL BE 49 73.09 -28.36 -94.91
CA VAL BE 49 72.25 -28.62 -96.07
C VAL BE 49 71.43 -29.87 -95.79
N THR BE 50 70.15 -29.70 -95.53
CA THR BE 50 69.27 -30.78 -95.11
C THR BE 50 68.32 -31.15 -96.24
N VAL BE 51 67.99 -32.43 -96.32
CA VAL BE 51 67.10 -32.95 -97.36
C VAL BE 51 66.15 -33.95 -96.72
N SER BE 52 64.88 -33.88 -97.10
CA SER BE 52 63.84 -34.74 -96.55
C SER BE 52 62.83 -35.10 -97.63
N VAL BE 53 62.22 -36.26 -97.49
CA VAL BE 53 61.27 -36.79 -98.47
C VAL BE 53 60.08 -37.36 -97.69
N SER BE 54 59.02 -36.59 -97.58
CA SER BE 54 57.83 -37.03 -96.86
C SER BE 54 56.91 -37.77 -97.83
N GLN BE 55 56.55 -38.99 -97.44
CA GLN BE 55 55.70 -39.90 -98.21
C GLN BE 55 54.24 -39.60 -97.97
N PRO BE 56 53.34 -40.24 -98.72
CA PRO BE 56 51.91 -40.00 -98.52
C PRO BE 56 51.45 -40.49 -97.16
N SER BE 57 50.38 -39.89 -96.67
CA SER BE 57 49.86 -40.16 -95.34
C SER BE 57 48.62 -39.29 -95.16
N ARG BE 58 47.98 -39.41 -94.00
CA ARG BE 58 46.77 -38.63 -93.73
C ARG BE 58 47.06 -37.14 -93.81
N ASN BE 59 48.18 -36.71 -93.22
CA ASN BE 59 48.63 -35.33 -93.29
C ASN BE 59 49.33 -35.02 -94.61
N ARG BE 60 49.16 -35.89 -95.61
CA ARG BE 60 49.96 -35.90 -96.82
C ARG BE 60 49.06 -36.24 -98.00
N LYS BE 61 49.47 -35.95 -99.24
CA LYS BE 61 48.75 -36.59 -100.34
C LYS BE 61 49.53 -37.26 -101.49
N ASN BE 62 50.29 -36.58 -102.36
CA ASN BE 62 51.13 -35.37 -102.25
C ASN BE 62 52.43 -35.59 -101.48
N TYR BE 63 53.30 -36.36 -102.10
CA TYR BE 63 54.71 -36.42 -101.75
C TYR BE 63 55.27 -35.01 -101.60
N LYS BE 64 56.15 -34.80 -100.62
CA LYS BE 64 56.87 -33.53 -100.51
C LYS BE 64 58.37 -33.78 -100.42
N VAL BE 65 59.14 -33.04 -101.20
CA VAL BE 65 60.59 -33.08 -101.12
C VAL BE 65 61.06 -31.71 -100.63
N GLN BE 66 61.69 -31.70 -99.45
CA GLN BE 66 62.17 -30.46 -98.84
C GLN BE 66 63.68 -30.44 -98.85
N VAL BE 67 64.25 -29.30 -99.22
CA VAL BE 67 65.69 -29.09 -99.24
C VAL BE 67 65.96 -27.73 -98.61
N LYS BE 68 66.58 -27.72 -97.44
CA LYS BE 68 66.91 -26.49 -96.75
C LYS BE 68 68.41 -26.30 -96.77
N ILE BE 69 68.84 -25.06 -96.95
CA ILE BE 69 70.25 -24.71 -96.96
C ILE BE 69 70.45 -23.54 -96.01
N GLN BE 70 71.49 -23.63 -95.19
CA GLN BE 70 71.76 -22.62 -94.17
C GLN BE 70 73.25 -22.33 -94.17
N ASN BE 71 73.62 -21.07 -94.40
CA ASN BE 71 75.00 -20.62 -94.31
C ASN BE 71 75.10 -19.51 -93.28
N PRO BE 72 75.66 -19.76 -92.13
CA PRO BE 72 75.88 -18.68 -91.17
C PRO BE 72 77.23 -18.02 -91.33
N THR BE 73 77.25 -16.73 -91.61
CA THR BE 73 78.48 -15.97 -91.64
C THR BE 73 78.83 -15.48 -90.23
N ALA BE 74 80.04 -15.78 -89.81
CA ALA BE 74 80.54 -15.42 -88.50
C ALA BE 74 81.81 -14.60 -88.66
N CYS BE 75 82.22 -13.97 -87.57
CA CYS BE 75 83.42 -13.18 -87.57
C CYS BE 75 84.02 -13.22 -86.17
N THR BE 76 85.25 -12.78 -86.07
CA THR BE 76 86.01 -12.81 -84.83
C THR BE 76 86.25 -11.40 -84.37
N ALA BE 77 85.66 -11.03 -83.25
CA ALA BE 77 85.91 -9.72 -82.69
C ALA BE 77 87.41 -9.55 -82.46
N ASN BE 78 87.92 -8.38 -82.83
CA ASN BE 78 89.36 -8.20 -82.81
C ASN BE 78 89.80 -8.14 -81.35
N GLY BE 79 90.10 -9.30 -80.79
CA GLY BE 79 90.42 -9.44 -79.38
C GLY BE 79 89.88 -10.73 -78.79
N SER BE 80 88.78 -11.23 -79.36
CA SER BE 80 88.24 -12.51 -78.95
C SER BE 80 89.01 -13.63 -79.63
N CYS BE 81 88.62 -14.88 -79.42
CA CYS BE 81 89.23 -15.97 -80.18
C CYS BE 81 88.18 -16.75 -80.95
N ASP BE 82 87.12 -17.18 -80.28
CA ASP BE 82 86.10 -17.96 -80.96
C ASP BE 82 85.29 -17.09 -81.91
N PRO BE 83 85.09 -17.51 -83.15
CA PRO BE 83 84.20 -16.76 -84.04
C PRO BE 83 82.75 -16.86 -83.58
N SER BE 84 82.04 -15.76 -83.73
CA SER BE 84 80.61 -15.70 -83.42
C SER BE 84 79.85 -15.39 -84.69
N VAL BE 85 78.70 -16.04 -84.84
CA VAL BE 85 77.87 -15.84 -86.02
C VAL BE 85 77.21 -14.47 -85.93
N THR BE 86 77.51 -13.62 -86.90
CA THR BE 86 76.90 -12.29 -86.93
C THR BE 86 75.74 -12.23 -87.91
N ARG BE 87 75.61 -13.25 -88.76
CA ARG BE 87 74.75 -13.19 -89.91
C ARG BE 87 74.42 -14.61 -90.32
N GLN BE 88 73.30 -14.78 -90.99
CA GLN BE 88 72.92 -16.14 -91.38
C GLN BE 88 71.90 -16.07 -92.50
N ALA BE 89 72.29 -16.57 -93.66
CA ALA BE 89 71.39 -16.66 -94.81
C ALA BE 89 70.91 -18.08 -94.96
N TYR BE 90 69.70 -18.24 -95.47
CA TYR BE 90 69.24 -19.61 -95.73
C TYR BE 90 68.04 -19.58 -96.65
N ALA BE 91 67.86 -20.71 -97.33
CA ALA BE 91 66.80 -20.86 -98.32
C ALA BE 91 66.19 -22.23 -98.17
N ASP BE 92 64.94 -22.37 -98.63
CA ASP BE 92 64.23 -23.63 -98.54
C ASP BE 92 63.46 -23.87 -99.82
N VAL BE 93 63.61 -25.06 -100.37
CA VAL BE 93 62.88 -25.51 -101.55
C VAL BE 93 61.94 -26.62 -101.12
N THR BE 94 60.73 -26.61 -101.65
CA THR BE 94 59.75 -27.63 -101.31
C THR BE 94 58.96 -27.97 -102.57
N PHE BE 95 59.22 -29.15 -103.12
CA PHE BE 95 58.45 -29.65 -104.25
C PHE BE 95 57.30 -30.49 -103.75
N SER BE 96 56.10 -30.22 -104.27
CA SER BE 96 54.91 -31.00 -103.98
C SER BE 96 54.55 -31.78 -105.24
N PHE BE 97 54.71 -33.11 -105.17
CA PHE BE 97 54.35 -33.97 -106.27
C PHE BE 97 53.16 -34.83 -105.91
N THR BE 98 52.33 -35.08 -106.91
CA THR BE 98 51.11 -35.83 -106.67
C THR BE 98 51.37 -37.33 -106.77
N GLN BE 99 50.41 -38.07 -106.22
CA GLN BE 99 50.52 -39.52 -106.11
C GLN BE 99 50.79 -40.16 -107.45
N TYR BE 100 50.21 -39.62 -108.52
CA TYR BE 100 50.40 -40.11 -109.87
C TYR BE 100 51.56 -39.46 -110.59
N SER BE 101 52.29 -38.55 -109.95
CA SER BE 101 53.35 -37.82 -110.64
C SER BE 101 54.25 -38.76 -111.42
N THR BE 102 54.94 -38.22 -112.41
CA THR BE 102 55.86 -38.97 -113.24
C THR BE 102 57.28 -38.48 -113.02
N ASP BE 103 58.23 -39.43 -113.00
CA ASP BE 103 59.63 -39.06 -112.86
C ASP BE 103 60.05 -38.06 -113.91
N GLU BE 104 59.49 -38.17 -115.11
CA GLU BE 104 59.82 -37.22 -116.16
C GLU BE 104 59.41 -35.80 -115.79
N GLU BE 105 58.18 -35.60 -115.31
CA GLU BE 105 57.83 -34.25 -114.88
C GLU BE 105 58.66 -33.82 -113.68
N ARG BE 106 58.96 -34.77 -112.79
CA ARG BE 106 59.78 -34.41 -111.64
C ARG BE 106 61.11 -33.82 -112.10
N ALA BE 107 61.81 -34.54 -112.98
CA ALA BE 107 63.06 -34.04 -113.49
C ALA BE 107 62.86 -32.73 -114.23
N PHE BE 108 61.75 -32.61 -114.95
CA PHE BE 108 61.49 -31.41 -115.71
C PHE BE 108 61.42 -30.21 -114.78
N VAL BE 109 60.67 -30.32 -113.70
CA VAL BE 109 60.56 -29.20 -112.77
C VAL BE 109 61.90 -28.93 -112.10
N ARG BE 110 62.63 -29.99 -111.77
CA ARG BE 110 63.94 -29.79 -111.15
C ARG BE 110 64.84 -28.95 -112.05
N THR BE 111 65.01 -29.39 -113.29
CA THR BE 111 65.84 -28.64 -114.22
C THR BE 111 65.24 -27.28 -114.50
N GLU BE 112 63.92 -27.18 -114.53
CA GLU BE 112 63.27 -25.88 -114.59
C GLU BE 112 63.89 -24.95 -113.59
N LEU BE 113 63.83 -25.34 -112.33
CA LEU BE 113 64.16 -24.40 -111.28
C LEU BE 113 65.65 -24.15 -111.27
N ALA BE 114 66.45 -25.15 -111.66
CA ALA BE 114 67.88 -24.93 -111.73
C ALA BE 114 68.22 -23.89 -112.80
N ALA BE 115 67.73 -24.10 -114.01
CA ALA BE 115 68.06 -23.17 -115.07
C ALA BE 115 67.49 -21.80 -114.78
N LEU BE 116 66.35 -21.74 -114.11
CA LEU BE 116 65.79 -20.43 -113.78
C LEU BE 116 66.66 -19.74 -112.73
N LEU BE 117 67.20 -20.52 -111.80
CA LEU BE 117 68.17 -19.98 -110.86
C LEU BE 117 69.37 -19.42 -111.60
N ALA BE 118 69.79 -20.08 -112.66
CA ALA BE 118 70.95 -19.62 -113.41
C ALA BE 118 70.62 -18.49 -114.36
N SER BE 119 69.35 -18.22 -114.61
CA SER BE 119 68.99 -17.20 -115.58
C SER BE 119 69.20 -15.80 -115.03
N PRO BE 120 69.39 -14.82 -115.91
CA PRO BE 120 69.63 -13.45 -115.43
C PRO BE 120 68.59 -12.96 -114.44
N LEU BE 121 67.33 -13.33 -114.66
CA LEU BE 121 66.27 -12.72 -113.86
C LEU BE 121 66.50 -12.97 -112.38
N LEU BE 122 66.65 -14.23 -111.98
CA LEU BE 122 66.81 -14.49 -110.56
C LEU BE 122 68.15 -14.01 -110.05
N ILE BE 123 69.22 -14.07 -110.85
CA ILE BE 123 70.47 -13.56 -110.32
C ILE BE 123 70.33 -12.08 -110.00
N ASP BE 124 69.65 -11.33 -110.84
CA ASP BE 124 69.44 -9.93 -110.51
C ASP BE 124 68.55 -9.79 -109.29
N ALA BE 125 67.48 -10.58 -109.23
CA ALA BE 125 66.51 -10.40 -108.17
C ALA BE 125 67.01 -10.93 -106.83
N ILE BE 126 68.10 -11.69 -106.83
CA ILE BE 126 68.62 -12.27 -105.61
C ILE BE 126 69.88 -11.51 -105.22
N ASP BE 127 70.84 -11.50 -106.12
CA ASP BE 127 72.14 -10.93 -105.81
C ASP BE 127 72.03 -9.49 -105.35
N GLN BE 128 71.19 -8.71 -106.00
CA GLN BE 128 70.96 -7.33 -105.60
C GLN BE 128 69.54 -7.09 -105.10
N LEU BE 129 68.73 -8.13 -104.97
CA LEU BE 129 67.36 -8.00 -104.50
C LEU BE 129 66.60 -6.97 -105.30
N ASN BE 130 66.74 -7.03 -106.62
CA ASN BE 130 66.11 -6.04 -107.46
C ASN BE 130 64.80 -6.59 -108.00
N PRO BE 131 63.66 -6.04 -107.61
CA PRO BE 131 62.39 -6.55 -108.14
C PRO BE 131 62.33 -6.40 -109.65
N ALA BE 132 61.60 -7.30 -110.28
CA ALA BE 132 61.54 -7.34 -111.74
C ALA BE 132 60.62 -6.24 -112.22
N TYR BE 133 61.20 -5.17 -112.75
CA TYR BE 133 60.42 -4.08 -113.31
C TYR BE 133 61.23 -3.34 -114.36
N ALA CE 2 71.05 -58.52 -93.14
CA ALA CE 2 69.73 -58.19 -93.73
C ALA CE 2 69.84 -56.97 -94.65
N LYS CE 3 71.05 -56.71 -95.14
CA LYS CE 3 71.27 -55.54 -95.97
C LYS CE 3 70.36 -55.57 -97.19
N LEU CE 4 69.76 -54.42 -97.50
CA LEU CE 4 68.86 -54.30 -98.63
C LEU CE 4 69.60 -54.66 -99.91
N GLU CE 5 68.83 -55.13 -100.89
CA GLU CE 5 69.40 -55.48 -102.18
C GLU CE 5 68.24 -55.84 -103.10
N THR CE 6 68.50 -55.76 -104.40
CA THR CE 6 67.48 -56.07 -105.39
C THR CE 6 67.04 -57.52 -105.26
N VAL CE 7 65.80 -57.72 -104.84
CA VAL CE 7 65.29 -59.06 -104.60
C VAL CE 7 64.63 -59.56 -105.87
N THR CE 8 65.01 -60.76 -106.29
CA THR CE 8 64.50 -61.38 -107.51
C THR CE 8 63.64 -62.57 -107.11
N LEU CE 9 62.33 -62.41 -107.27
CA LEU CE 9 61.38 -63.44 -106.93
C LEU CE 9 61.05 -64.18 -108.22
N GLY CE 10 61.31 -65.49 -108.25
CA GLY CE 10 61.19 -66.26 -109.47
C GLY CE 10 59.76 -66.67 -109.79
N ASN CE 11 59.57 -67.97 -110.07
CA ASN CE 11 58.25 -68.48 -110.39
C ASN CE 11 57.22 -67.90 -109.45
N ILE CE 12 56.12 -67.40 -110.01
CA ILE CE 12 55.18 -66.61 -109.22
C ILE CE 12 53.85 -66.61 -109.96
N GLY CE 13 52.77 -66.87 -109.24
CA GLY CE 13 51.42 -66.76 -109.79
C GLY CE 13 50.72 -68.10 -109.81
N LYS CE 14 49.66 -68.17 -110.62
CA LYS CE 14 48.91 -69.41 -110.71
C LYS CE 14 49.75 -70.50 -111.35
N ASP CE 15 50.16 -70.30 -112.60
CA ASP CE 15 50.96 -71.30 -113.28
C ASP CE 15 52.41 -71.28 -112.84
N GLY CE 16 52.79 -70.31 -112.02
CA GLY CE 16 54.15 -70.23 -111.54
C GLY CE 16 55.13 -69.95 -112.66
N LYS CE 17 54.88 -68.87 -113.41
CA LYS CE 17 55.75 -68.53 -114.53
C LYS CE 17 56.22 -67.08 -114.53
N GLN CE 18 55.63 -66.20 -113.72
CA GLN CE 18 56.06 -64.81 -113.71
C GLN CE 18 57.22 -64.61 -112.75
N THR CE 19 57.81 -63.42 -112.80
CA THR CE 19 58.91 -63.05 -111.92
C THR CE 19 58.77 -61.58 -111.54
N LEU CE 20 59.35 -61.23 -110.40
CA LEU CE 20 59.38 -59.85 -109.94
C LEU CE 20 60.79 -59.45 -109.52
N VAL CE 21 61.12 -58.19 -109.73
CA VAL CE 21 62.39 -57.61 -109.32
C VAL CE 21 62.08 -56.39 -108.46
N LEU CE 22 62.24 -56.53 -107.14
CA LEU CE 22 62.00 -55.45 -106.21
C LEU CE 22 63.31 -54.73 -105.95
N ASN CE 23 63.38 -53.46 -106.28
CA ASN CE 23 64.59 -52.70 -106.09
C ASN CE 23 64.64 -52.14 -104.67
N PRO CE 24 65.85 -51.85 -104.18
CA PRO CE 24 66.00 -51.30 -102.83
C PRO CE 24 65.63 -49.83 -102.80
N ARG CE 25 64.55 -49.50 -102.11
CA ARG CE 25 64.05 -48.14 -102.09
C ARG CE 25 64.78 -47.33 -101.04
N GLY CE 26 64.63 -47.73 -99.79
CA GLY CE 26 65.19 -47.01 -98.68
C GLY CE 26 64.69 -47.56 -97.37
N VAL CE 27 64.86 -46.80 -96.29
CA VAL CE 27 64.39 -47.22 -94.99
C VAL CE 27 63.89 -46.01 -94.21
N ASN CE 28 62.58 -45.96 -94.00
CA ASN CE 28 62.01 -44.93 -93.14
C ASN CE 28 62.57 -45.10 -91.74
N PRO CE 29 63.24 -44.09 -91.20
CA PRO CE 29 63.68 -44.18 -89.80
C PRO CE 29 62.56 -43.91 -88.82
N THR CE 30 61.57 -43.11 -89.20
CA THR CE 30 60.56 -42.71 -88.25
C THR CE 30 59.88 -43.92 -87.64
N ASN CE 31 59.88 -45.04 -88.35
CA ASN CE 31 59.27 -46.27 -87.86
C ASN CE 31 60.19 -47.46 -88.06
N GLY CE 32 61.41 -47.26 -88.52
CA GLY CE 32 62.30 -48.37 -88.78
C GLY CE 32 61.67 -49.35 -89.73
N VAL CE 33 61.41 -48.92 -90.95
CA VAL CE 33 60.73 -49.75 -91.94
C VAL CE 33 61.51 -49.69 -93.25
N ALA CE 34 62.08 -50.82 -93.65
CA ALA CE 34 62.73 -50.90 -94.94
C ALA CE 34 61.70 -51.14 -96.01
N SER CE 35 61.85 -50.45 -97.14
CA SER CE 35 60.87 -50.49 -98.22
C SER CE 35 61.55 -50.92 -99.51
N LEU CE 36 60.83 -51.70 -100.30
CA LEU CE 36 61.29 -52.20 -101.58
C LEU CE 36 60.19 -52.00 -102.59
N SER CE 37 60.57 -51.60 -103.80
CA SER CE 37 59.59 -51.31 -104.84
C SER CE 37 60.02 -51.99 -106.13
N GLN CE 38 59.04 -52.49 -106.86
CA GLN CE 38 59.31 -52.92 -108.21
C GLN CE 38 59.76 -51.72 -109.03
N ALA CE 39 60.55 -51.99 -110.06
CA ALA CE 39 61.02 -50.92 -110.92
C ALA CE 39 59.85 -50.30 -111.66
N GLY CE 40 59.75 -48.98 -111.59
CA GLY CE 40 58.69 -48.26 -112.26
C GLY CE 40 58.96 -46.77 -112.28
N ALA CE 41 57.94 -45.98 -112.61
CA ALA CE 41 58.09 -44.53 -112.61
C ALA CE 41 57.04 -43.88 -111.74
N VAL CE 42 55.80 -44.34 -111.87
CA VAL CE 42 54.70 -43.74 -111.14
C VAL CE 42 54.55 -44.50 -109.84
N PRO CE 43 54.84 -43.88 -108.70
CA PRO CE 43 54.73 -44.63 -107.45
C PRO CE 43 53.35 -45.20 -107.26
N ALA CE 44 52.37 -44.58 -107.87
CA ALA CE 44 50.99 -45.00 -107.78
C ALA CE 44 50.76 -46.43 -108.25
N LEU CE 45 51.56 -46.92 -109.17
CA LEU CE 45 51.27 -48.14 -109.88
C LEU CE 45 52.43 -49.09 -109.79
N GLU CE 46 52.94 -49.34 -108.60
CA GLU CE 46 54.15 -50.12 -108.56
C GLU CE 46 54.05 -51.02 -107.34
N LYS CE 47 54.66 -52.20 -107.39
CA LYS CE 47 54.52 -53.19 -106.33
C LYS CE 47 55.39 -52.79 -105.14
N ARG CE 48 54.82 -52.75 -103.93
CA ARG CE 48 55.60 -52.37 -102.75
C ARG CE 48 55.68 -53.49 -101.72
N VAL CE 49 56.79 -53.51 -101.01
CA VAL CE 49 57.03 -54.43 -99.90
C VAL CE 49 57.66 -53.65 -98.77
N THR CE 50 57.26 -53.96 -97.54
CA THR CE 50 57.83 -53.29 -96.38
C THR CE 50 58.15 -54.33 -95.32
N VAL CE 51 59.30 -54.16 -94.67
CA VAL CE 51 59.74 -55.06 -93.61
C VAL CE 51 60.21 -54.22 -92.44
N SER CE 52 59.74 -54.57 -91.25
CA SER CE 52 60.06 -53.84 -90.04
C SER CE 52 60.33 -54.81 -88.90
N VAL CE 53 61.27 -54.43 -88.04
CA VAL CE 53 61.74 -55.27 -86.94
C VAL CE 53 61.63 -54.45 -85.66
N SER CE 54 60.62 -54.74 -84.85
CA SER CE 54 60.41 -54.00 -83.61
C SER CE 54 60.99 -54.79 -82.44
N GLN CE 55 61.89 -54.14 -81.69
CA GLN CE 55 62.50 -54.76 -80.53
C GLN CE 55 61.60 -54.63 -79.31
N PRO CE 56 61.73 -55.54 -78.35
CA PRO CE 56 60.95 -55.41 -77.12
C PRO CE 56 61.19 -54.06 -76.47
N SER CE 57 60.13 -53.28 -76.36
CA SER CE 57 60.11 -52.02 -75.64
C SER CE 57 59.81 -52.24 -74.16
N ARG CE 58 59.88 -51.15 -73.40
CA ARG CE 58 59.57 -51.19 -71.97
C ARG CE 58 58.13 -51.63 -71.73
N ASN CE 59 57.23 -51.35 -72.67
CA ASN CE 59 55.83 -51.71 -72.54
C ASN CE 59 55.43 -52.81 -73.51
N ARG CE 60 56.42 -53.48 -74.10
CA ARG CE 60 56.17 -54.47 -75.14
C ARG CE 60 56.71 -55.86 -74.76
N LYS CE 61 58.00 -55.93 -74.44
CA LYS CE 61 58.69 -57.17 -74.05
C LYS CE 61 58.41 -58.31 -75.03
N ASN CE 62 58.47 -58.00 -76.33
CA ASN CE 62 58.38 -59.01 -77.37
C ASN CE 62 59.02 -58.54 -78.66
N TYR CE 63 59.68 -59.45 -79.37
CA TYR CE 63 60.20 -59.12 -80.69
C TYR CE 63 59.10 -59.28 -81.72
N LYS CE 64 59.03 -58.35 -82.66
CA LYS CE 64 58.05 -58.40 -83.73
C LYS CE 64 58.74 -58.20 -85.08
N VAL CE 65 58.20 -58.86 -86.09
CA VAL CE 65 58.59 -58.61 -87.47
C VAL CE 65 57.32 -58.47 -88.29
N GLN CE 66 57.14 -57.31 -88.91
CA GLN CE 66 56.01 -57.03 -89.76
C GLN CE 66 56.48 -57.01 -91.20
N VAL CE 67 55.72 -57.65 -92.08
CA VAL CE 67 55.98 -57.61 -93.51
C VAL CE 67 54.66 -57.32 -94.21
N LYS CE 68 54.62 -56.22 -94.94
CA LYS CE 68 53.43 -55.81 -95.67
C LYS CE 68 53.72 -55.83 -97.16
N ILE CE 69 52.76 -56.28 -97.93
CA ILE CE 69 52.84 -56.25 -99.39
C ILE CE 69 51.65 -55.49 -99.92
N GLN CE 70 51.92 -54.53 -100.78
CA GLN CE 70 50.88 -53.78 -101.48
C GLN CE 70 51.04 -54.04 -102.97
N ASN CE 71 49.94 -54.36 -103.62
CA ASN CE 71 49.92 -54.62 -105.06
C ASN CE 71 48.79 -53.84 -105.72
N PRO CE 72 49.10 -52.79 -106.47
CA PRO CE 72 48.04 -52.02 -107.11
C PRO CE 72 47.69 -52.54 -108.49
N THR CE 73 46.49 -52.20 -108.93
CA THR CE 73 46.04 -52.55 -110.26
C THR CE 73 46.05 -51.34 -111.18
N ALA CE 74 46.45 -51.57 -112.42
CA ALA CE 74 46.59 -50.48 -113.37
C ALA CE 74 45.24 -49.92 -113.77
N CYS CE 75 44.37 -50.76 -114.32
CA CYS CE 75 43.10 -50.30 -114.88
C CYS CE 75 43.32 -49.18 -115.88
N THR CE 76 44.26 -49.41 -116.80
CA THR CE 76 44.61 -48.40 -117.78
C THR CE 76 43.41 -48.06 -118.66
N ALA CE 77 43.07 -46.78 -118.73
CA ALA CE 77 41.95 -46.33 -119.54
C ALA CE 77 42.39 -46.15 -120.98
N ASN CE 78 41.42 -46.28 -121.89
CA ASN CE 78 41.68 -46.14 -123.33
C ASN CE 78 41.91 -44.66 -123.64
N GLY CE 79 43.00 -44.14 -123.08
CA GLY CE 79 43.50 -42.82 -123.39
C GLY CE 79 43.25 -41.85 -122.25
N SER CE 80 43.32 -40.57 -122.60
CA SER CE 80 42.91 -39.44 -121.79
C SER CE 80 43.86 -39.13 -120.64
N CYS CE 81 44.58 -40.13 -120.13
CA CYS CE 81 45.83 -39.95 -119.38
C CYS CE 81 46.18 -41.27 -118.71
N ASP CE 82 47.31 -41.29 -118.00
CA ASP CE 82 47.83 -42.52 -117.44
C ASP CE 82 46.79 -43.22 -116.55
N PRO CE 83 47.03 -44.48 -116.23
CA PRO CE 83 46.03 -45.27 -115.51
C PRO CE 83 45.75 -44.73 -114.12
N SER CE 84 44.67 -45.23 -113.54
CA SER CE 84 44.26 -44.87 -112.19
C SER CE 84 44.19 -46.12 -111.34
N VAL CE 85 44.58 -45.96 -110.08
CA VAL CE 85 44.51 -47.07 -109.13
C VAL CE 85 43.05 -47.42 -108.88
N THR CE 86 42.72 -48.70 -109.01
CA THR CE 86 41.35 -49.17 -108.87
C THR CE 86 41.20 -50.32 -107.88
N ARG CE 87 42.20 -51.19 -107.78
CA ARG CE 87 42.19 -52.28 -106.84
C ARG CE 87 43.55 -52.35 -106.15
N GLN CE 88 43.56 -52.72 -104.88
CA GLN CE 88 44.79 -52.76 -104.11
C GLN CE 88 44.78 -54.04 -103.28
N ALA CE 89 45.62 -54.99 -103.62
CA ALA CE 89 45.78 -56.19 -102.82
C ALA CE 89 46.72 -55.90 -101.67
N TYR CE 90 46.24 -56.11 -100.45
CA TYR CE 90 47.06 -55.98 -99.26
C TYR CE 90 47.35 -57.35 -98.67
N ALA CE 91 48.57 -57.50 -98.17
CA ALA CE 91 48.94 -58.67 -97.40
C ALA CE 91 49.76 -58.23 -96.20
N ASP CE 92 49.50 -58.82 -95.04
CA ASP CE 92 50.14 -58.40 -93.80
C ASP CE 92 50.52 -59.64 -93.00
N VAL CE 93 51.80 -59.80 -92.76
CA VAL CE 93 52.33 -60.87 -91.91
C VAL CE 93 52.96 -60.23 -90.68
N THR CE 94 52.77 -60.86 -89.53
CA THR CE 94 53.33 -60.35 -88.28
C THR CE 94 53.80 -61.54 -87.45
N PHE CE 95 55.11 -61.75 -87.43
CA PHE CE 95 55.69 -62.77 -86.57
C PHE CE 95 56.01 -62.15 -85.22
N SER CE 96 55.71 -62.88 -84.15
CA SER CE 96 55.98 -62.43 -82.80
C SER CE 96 56.78 -63.49 -82.08
N PHE CE 97 57.79 -63.07 -81.33
CA PHE CE 97 58.61 -63.99 -80.57
C PHE CE 97 58.92 -63.41 -79.21
N THR CE 98 59.21 -64.29 -78.27
CA THR CE 98 59.59 -63.88 -76.93
C THR CE 98 61.08 -63.58 -76.87
N GLN CE 99 61.48 -62.98 -75.77
CA GLN CE 99 62.87 -62.56 -75.62
C GLN CE 99 63.80 -63.77 -75.63
N TYR CE 100 63.37 -64.88 -75.05
CA TYR CE 100 64.15 -66.10 -75.03
C TYR CE 100 63.87 -66.97 -76.24
N SER CE 101 63.26 -66.41 -77.27
CA SER CE 101 62.98 -67.15 -78.48
C SER CE 101 64.26 -67.80 -79.00
N THR CE 102 64.11 -68.74 -79.92
CA THR CE 102 65.25 -69.38 -80.54
C THR CE 102 65.10 -69.34 -82.04
N ASP CE 103 66.20 -69.07 -82.73
CA ASP CE 103 66.15 -69.06 -84.18
C ASP CE 103 65.57 -70.37 -84.70
N GLU CE 104 65.88 -71.48 -84.02
CA GLU CE 104 65.28 -72.76 -84.38
C GLU CE 104 63.77 -72.62 -84.57
N GLU CE 105 63.05 -72.27 -83.51
CA GLU CE 105 61.62 -72.12 -83.64
C GLU CE 105 61.29 -71.06 -84.66
N ARG CE 106 62.13 -70.04 -84.77
CA ARG CE 106 61.78 -68.94 -85.66
C ARG CE 106 61.66 -69.43 -87.09
N ALA CE 107 62.73 -69.95 -87.68
CA ALA CE 107 62.60 -70.42 -89.05
C ALA CE 107 61.62 -71.58 -89.11
N PHE CE 108 61.44 -72.31 -88.02
CA PHE CE 108 60.41 -73.33 -88.05
C PHE CE 108 59.08 -72.71 -88.41
N VAL CE 109 58.73 -71.64 -87.70
CA VAL CE 109 57.51 -70.91 -88.02
C VAL CE 109 57.58 -70.40 -89.44
N ARG CE 110 58.74 -69.92 -89.85
CA ARG CE 110 58.87 -69.33 -91.18
C ARG CE 110 58.47 -70.33 -92.24
N THR CE 111 59.23 -71.41 -92.34
CA THR CE 111 58.96 -72.41 -93.35
C THR CE 111 57.57 -73.00 -93.18
N GLU CE 112 57.08 -73.08 -91.94
CA GLU CE 112 55.73 -73.56 -91.74
C GLU CE 112 54.74 -72.69 -92.50
N LEU CE 113 54.84 -71.38 -92.30
CA LEU CE 113 53.99 -70.46 -93.06
C LEU CE 113 54.22 -70.65 -94.56
N ALA CE 114 55.46 -70.81 -94.96
CA ALA CE 114 55.73 -70.89 -96.40
C ALA CE 114 55.00 -72.07 -97.03
N ALA CE 115 55.23 -73.26 -96.50
CA ALA CE 115 54.61 -74.43 -97.10
C ALA CE 115 53.11 -74.42 -96.87
N LEU CE 116 52.64 -73.72 -95.84
CA LEU CE 116 51.20 -73.59 -95.68
C LEU CE 116 50.62 -72.74 -96.80
N LEU CE 117 51.31 -71.65 -97.16
CA LEU CE 117 50.93 -70.89 -98.34
C LEU CE 117 50.97 -71.74 -99.58
N ALA CE 118 51.80 -72.77 -99.60
CA ALA CE 118 51.90 -73.65 -100.77
C ALA CE 118 50.83 -74.73 -100.82
N SER CE 119 50.32 -75.18 -99.68
CA SER CE 119 49.44 -76.33 -99.64
C SER CE 119 48.10 -76.03 -100.31
N PRO CE 120 47.38 -77.07 -100.75
CA PRO CE 120 46.09 -76.82 -101.42
C PRO CE 120 45.09 -76.05 -100.58
N LEU CE 121 45.16 -76.15 -99.26
CA LEU CE 121 44.16 -75.49 -98.43
C LEU CE 121 44.13 -74.00 -98.71
N LEU CE 122 45.18 -73.29 -98.30
CA LEU CE 122 45.20 -71.86 -98.61
C LEU CE 122 45.06 -71.61 -100.08
N ILE CE 123 45.52 -72.53 -100.93
CA ILE CE 123 45.38 -72.31 -102.37
C ILE CE 123 43.96 -71.88 -102.68
N ASP CE 124 43.00 -72.73 -102.36
CA ASP CE 124 41.64 -72.42 -102.75
C ASP CE 124 40.94 -71.53 -101.74
N ALA CE 125 41.48 -71.45 -100.52
CA ALA CE 125 40.89 -70.53 -99.56
C ALA CE 125 41.19 -69.09 -99.94
N ILE CE 126 42.25 -68.85 -100.69
CA ILE CE 126 42.67 -67.50 -101.04
C ILE CE 126 42.28 -67.22 -102.49
N ASP CE 127 42.72 -68.06 -103.41
CA ASP CE 127 42.43 -67.81 -104.82
C ASP CE 127 40.94 -67.85 -105.07
N GLN CE 128 40.28 -68.91 -104.63
CA GLN CE 128 38.85 -69.04 -104.85
C GLN CE 128 38.03 -68.48 -103.71
N LEU CE 129 38.66 -67.98 -102.66
CA LEU CE 129 37.93 -67.43 -101.51
C LEU CE 129 36.95 -68.45 -100.95
N ASN CE 130 37.34 -69.71 -100.96
CA ASN CE 130 36.48 -70.77 -100.45
C ASN CE 130 36.64 -70.85 -98.95
N PRO CE 131 35.58 -70.67 -98.16
CA PRO CE 131 35.71 -70.91 -96.73
C PRO CE 131 36.23 -72.31 -96.48
N ALA CE 132 37.28 -72.40 -95.67
CA ALA CE 132 37.86 -73.70 -95.37
C ALA CE 132 36.74 -74.60 -94.88
N TYR CE 133 36.44 -75.64 -95.63
CA TYR CE 133 35.20 -76.37 -95.43
C TYR CE 133 35.12 -77.61 -96.29
N ALA DE 2 77.21 -41.76 -90.09
CA ALA DE 2 77.77 -43.11 -89.82
C ALA DE 2 76.78 -44.19 -90.18
N LYS DE 3 76.76 -44.58 -91.45
CA LYS DE 3 75.83 -45.62 -91.88
C LYS DE 3 76.16 -46.93 -91.19
N LEU DE 4 75.14 -47.63 -90.76
CA LEU DE 4 75.35 -48.87 -90.02
C LEU DE 4 75.59 -50.03 -90.96
N GLU DE 5 76.61 -50.82 -90.63
CA GLU DE 5 76.89 -52.04 -91.36
C GLU DE 5 77.43 -53.06 -90.38
N THR DE 6 77.54 -54.28 -90.85
CA THR DE 6 78.14 -55.33 -90.05
C THR DE 6 79.49 -54.88 -89.54
N VAL DE 7 79.66 -54.92 -88.23
CA VAL DE 7 80.90 -54.47 -87.61
C VAL DE 7 81.73 -55.68 -87.25
N THR DE 8 82.98 -55.70 -87.70
CA THR DE 8 83.88 -56.82 -87.46
C THR DE 8 85.01 -56.35 -86.57
N LEU DE 9 85.00 -56.79 -85.31
CA LEU DE 9 86.04 -56.43 -84.36
C LEU DE 9 86.86 -57.68 -84.06
N GLY DE 10 88.14 -57.63 -84.41
CA GLY DE 10 89.05 -58.73 -84.18
C GLY DE 10 90.09 -58.35 -83.14
N ASN DE 11 90.89 -59.35 -82.77
CA ASN DE 11 91.98 -59.14 -81.83
C ASN DE 11 91.42 -58.70 -80.48
N ILE DE 12 90.63 -59.59 -79.89
CA ILE DE 12 89.81 -59.33 -78.72
C ILE DE 12 90.13 -60.36 -77.65
N GLY DE 13 89.87 -60.00 -76.39
CA GLY DE 13 90.12 -60.89 -75.25
C GLY DE 13 91.52 -60.73 -74.72
N LYS DE 14 91.85 -61.46 -73.64
CA LYS DE 14 93.22 -61.35 -73.14
C LYS DE 14 94.21 -61.64 -74.24
N ASP DE 15 94.06 -62.79 -74.88
CA ASP DE 15 94.97 -63.21 -75.92
C ASP DE 15 94.83 -62.38 -77.17
N GLY DE 16 93.76 -61.60 -77.28
CA GLY DE 16 93.53 -60.87 -78.50
C GLY DE 16 93.43 -61.83 -79.66
N LYS DE 17 92.56 -62.82 -79.55
CA LYS DE 17 92.37 -63.75 -80.65
C LYS DE 17 90.93 -64.06 -80.99
N GLN DE 18 89.96 -63.68 -80.19
CA GLN DE 18 88.59 -63.93 -80.56
C GLN DE 18 88.12 -62.87 -81.57
N THR DE 19 86.91 -63.03 -82.05
CA THR DE 19 86.36 -62.10 -83.02
C THR DE 19 84.87 -61.93 -82.78
N LEU DE 20 84.36 -60.76 -83.16
CA LEU DE 20 82.98 -60.38 -82.89
C LEU DE 20 82.38 -59.68 -84.09
N VAL DE 21 81.21 -60.11 -84.52
CA VAL DE 21 80.49 -59.46 -85.60
C VAL DE 21 79.18 -58.96 -85.05
N LEU DE 22 78.99 -57.65 -85.11
CA LEU DE 22 77.77 -56.99 -84.65
C LEU DE 22 76.91 -56.70 -85.86
N ASN DE 23 75.68 -57.15 -85.83
CA ASN DE 23 74.79 -56.79 -86.91
C ASN DE 23 74.00 -55.54 -86.57
N PRO DE 24 73.61 -54.78 -87.57
CA PRO DE 24 72.77 -53.60 -87.34
C PRO DE 24 71.42 -53.98 -86.78
N ARG DE 25 70.93 -53.17 -85.85
CA ARG DE 25 69.61 -53.36 -85.26
C ARG DE 25 68.73 -52.14 -85.44
N GLY DE 26 69.06 -51.29 -86.41
CA GLY DE 26 68.26 -50.12 -86.65
C GLY DE 26 68.51 -49.04 -85.61
N VAL DE 27 67.53 -48.15 -85.49
CA VAL DE 27 67.64 -47.00 -84.63
C VAL DE 27 66.30 -46.76 -83.96
N ASN DE 28 66.33 -46.45 -82.68
CA ASN DE 28 65.11 -46.10 -81.98
C ASN DE 28 64.58 -44.78 -82.52
N PRO DE 29 63.34 -44.71 -82.98
CA PRO DE 29 62.81 -43.42 -83.43
C PRO DE 29 62.58 -42.45 -82.29
N THR DE 30 62.53 -42.93 -81.05
CA THR DE 30 62.29 -42.06 -79.91
C THR DE 30 63.61 -41.56 -79.33
N ASN DE 31 64.44 -42.48 -78.85
CA ASN DE 31 65.74 -42.11 -78.30
C ASN DE 31 66.68 -41.60 -79.36
N GLY DE 32 66.46 -41.95 -80.61
CA GLY DE 32 67.37 -41.58 -81.67
C GLY DE 32 68.73 -42.22 -81.48
N VAL DE 33 68.73 -43.51 -81.19
CA VAL DE 33 69.94 -44.24 -80.86
C VAL DE 33 70.02 -45.47 -81.74
N ALA DE 34 71.17 -45.69 -82.36
CA ALA DE 34 71.37 -46.90 -83.12
C ALA DE 34 71.93 -47.99 -82.22
N SER DE 35 71.64 -49.24 -82.58
CA SER DE 35 72.04 -50.37 -81.77
C SER DE 35 72.54 -51.51 -82.66
N LEU DE 36 73.40 -52.34 -82.10
CA LEU DE 36 74.15 -53.34 -82.82
C LEU DE 36 74.21 -54.60 -81.97
N SER DE 37 74.15 -55.77 -82.60
CA SER DE 37 74.06 -56.99 -81.83
C SER DE 37 74.85 -58.10 -82.50
N GLN DE 38 75.40 -58.98 -81.67
CA GLN DE 38 76.08 -60.16 -82.19
C GLN DE 38 75.04 -61.19 -82.60
N ALA DE 39 75.32 -61.88 -83.70
CA ALA DE 39 74.38 -62.87 -84.20
C ALA DE 39 74.42 -64.11 -83.34
N GLY DE 40 73.26 -64.51 -82.83
CA GLY DE 40 73.21 -65.68 -81.97
C GLY DE 40 71.84 -66.31 -82.00
N ALA DE 41 71.71 -67.39 -81.25
CA ALA DE 41 70.46 -68.13 -81.19
C ALA DE 41 69.42 -67.39 -80.36
N VAL DE 42 69.72 -67.15 -79.09
CA VAL DE 42 68.72 -66.67 -78.15
C VAL DE 42 68.83 -65.15 -78.09
N PRO DE 43 67.81 -64.40 -78.49
CA PRO DE 43 67.96 -62.93 -78.57
C PRO DE 43 68.35 -62.31 -77.26
N ALA DE 44 68.09 -62.94 -76.13
CA ALA DE 44 68.51 -62.38 -74.86
C ALA DE 44 69.99 -62.59 -74.60
N LEU DE 45 70.65 -63.46 -75.37
CA LEU DE 45 72.01 -63.88 -75.09
C LEU DE 45 73.01 -63.35 -76.11
N GLU DE 46 72.65 -62.28 -76.82
CA GLU DE 46 73.57 -61.67 -77.78
C GLU DE 46 74.16 -60.40 -77.20
N LYS DE 47 75.46 -60.25 -77.41
CA LYS DE 47 76.16 -59.05 -76.98
C LYS DE 47 75.63 -57.84 -77.74
N ARG DE 48 75.31 -56.79 -77.02
CA ARG DE 48 74.71 -55.60 -77.59
C ARG DE 48 75.66 -54.42 -77.43
N VAL DE 49 75.54 -53.47 -78.36
CA VAL DE 49 76.32 -52.24 -78.32
C VAL DE 49 75.49 -51.10 -78.87
N THR DE 50 75.50 -49.99 -78.15
CA THR DE 50 74.62 -48.87 -78.45
C THR DE 50 75.45 -47.64 -78.85
N VAL DE 51 74.87 -46.81 -79.71
CA VAL DE 51 75.54 -45.61 -80.21
C VAL DE 51 74.51 -44.49 -80.32
N SER DE 52 74.74 -43.38 -79.63
CA SER DE 52 73.89 -42.20 -79.76
C SER DE 52 74.77 -40.96 -79.84
N VAL DE 53 74.34 -39.99 -80.63
CA VAL DE 53 74.99 -38.69 -80.73
C VAL DE 53 73.90 -37.63 -80.78
N SER DE 54 73.58 -37.05 -79.64
CA SER DE 54 72.51 -36.07 -79.60
C SER DE 54 72.95 -34.77 -80.24
N GLN DE 55 71.97 -33.98 -80.63
CA GLN DE 55 72.14 -32.68 -81.23
C GLN DE 55 72.31 -31.61 -80.15
N PRO DE 56 72.73 -30.41 -80.54
CA PRO DE 56 72.97 -29.36 -79.55
C PRO DE 56 71.72 -29.05 -78.75
N SER DE 57 71.91 -28.80 -77.45
CA SER DE 57 70.82 -28.35 -76.59
C SER DE 57 70.70 -26.83 -76.67
N ARG DE 58 69.98 -26.23 -75.73
CA ARG DE 58 69.70 -24.80 -75.78
C ARG DE 58 70.69 -24.03 -74.91
N ASN DE 59 71.25 -22.97 -75.46
CA ASN DE 59 72.00 -21.97 -74.71
C ASN DE 59 73.35 -22.48 -74.26
N ARG DE 60 73.56 -23.80 -74.33
CA ARG DE 60 74.84 -24.41 -74.00
C ARG DE 60 75.35 -25.25 -75.16
N LYS DE 61 74.43 -25.97 -75.80
CA LYS DE 61 74.61 -26.75 -77.01
C LYS DE 61 75.49 -27.99 -76.82
N ASN DE 62 76.49 -27.95 -75.94
CA ASN DE 62 77.07 -29.15 -75.33
C ASN DE 62 76.96 -30.44 -76.15
N TYR DE 63 77.59 -30.54 -77.32
CA TYR DE 63 77.48 -31.76 -78.12
C TYR DE 63 77.81 -32.98 -77.29
N LYS DE 64 77.00 -34.04 -77.43
CA LYS DE 64 77.14 -35.23 -76.59
C LYS DE 64 77.09 -36.49 -77.43
N VAL DE 65 77.87 -37.49 -77.02
CA VAL DE 65 77.93 -38.79 -77.68
C VAL DE 65 77.98 -39.87 -76.61
N GLN DE 66 77.30 -40.97 -76.87
CA GLN DE 66 77.09 -42.02 -75.89
C GLN DE 66 77.24 -43.39 -76.53
N VAL DE 67 77.92 -44.30 -75.83
CA VAL DE 67 78.16 -45.64 -76.34
C VAL DE 67 78.02 -46.64 -75.20
N LYS DE 68 77.02 -47.51 -75.27
CA LYS DE 68 76.75 -48.50 -74.24
C LYS DE 68 77.02 -49.88 -74.81
N ILE DE 69 77.91 -50.62 -74.17
CA ILE DE 69 78.22 -52.00 -74.51
C ILE DE 69 77.61 -52.89 -73.45
N GLN DE 70 76.80 -53.85 -73.87
CA GLN DE 70 76.17 -54.83 -73.01
C GLN DE 70 76.74 -56.19 -73.35
N ASN DE 71 77.20 -56.92 -72.34
CA ASN DE 71 77.60 -58.31 -72.54
C ASN DE 71 76.86 -59.18 -71.56
N PRO DE 72 75.94 -60.02 -72.01
CA PRO DE 72 75.21 -60.89 -71.09
C PRO DE 72 75.86 -62.27 -70.97
N THR DE 73 75.40 -63.02 -69.98
CA THR DE 73 75.88 -64.38 -69.77
C THR DE 73 74.89 -65.12 -68.89
N ALA DE 74 74.41 -66.27 -69.36
CA ALA DE 74 73.43 -67.06 -68.67
C ALA DE 74 74.04 -68.39 -68.21
N CYS DE 75 73.25 -69.14 -67.44
CA CYS DE 75 73.69 -70.43 -66.92
C CYS DE 75 72.43 -71.24 -66.62
N THR DE 76 72.05 -72.10 -67.54
CA THR DE 76 70.78 -72.81 -67.41
C THR DE 76 70.79 -73.67 -66.16
N ALA DE 77 69.86 -73.40 -65.25
CA ALA DE 77 69.74 -74.12 -64.00
C ALA DE 77 69.10 -75.48 -64.23
N ASN DE 78 69.39 -76.40 -63.31
CA ASN DE 78 68.85 -77.76 -63.44
C ASN DE 78 67.33 -77.71 -63.39
N GLY DE 79 66.69 -78.34 -64.37
CA GLY DE 79 65.26 -78.38 -64.47
C GLY DE 79 64.64 -77.23 -65.23
N SER DE 80 65.41 -76.21 -65.59
CA SER DE 80 64.91 -75.05 -66.31
C SER DE 80 65.28 -75.16 -67.78
N CYS DE 81 64.29 -74.94 -68.65
CA CYS DE 81 64.48 -75.05 -70.10
C CYS DE 81 64.73 -73.69 -70.75
N ASP DE 82 65.29 -72.74 -70.01
CA ASP DE 82 65.55 -71.41 -70.56
C ASP DE 82 66.83 -70.85 -69.95
N PRO DE 83 67.83 -70.52 -70.76
CA PRO DE 83 69.08 -70.04 -70.18
C PRO DE 83 68.93 -68.63 -69.64
N SER DE 84 68.33 -68.51 -68.45
CA SER DE 84 68.17 -67.21 -67.84
C SER DE 84 69.52 -66.54 -67.65
N VAL DE 85 69.63 -65.29 -68.09
CA VAL DE 85 70.90 -64.58 -67.95
C VAL DE 85 71.14 -64.30 -66.48
N THR DE 86 72.26 -64.82 -65.97
CA THR DE 86 72.62 -64.66 -64.57
C THR DE 86 73.70 -63.61 -64.34
N ARG DE 87 74.28 -63.07 -65.40
CA ARG DE 87 75.37 -62.13 -65.27
C ARG DE 87 75.30 -61.17 -66.44
N GLN DE 88 75.73 -59.93 -66.20
CA GLN DE 88 75.71 -58.92 -67.25
C GLN DE 88 76.78 -57.89 -66.96
N ALA DE 89 77.49 -57.49 -68.01
CA ALA DE 89 78.54 -56.47 -67.91
C ALA DE 89 78.14 -55.26 -68.73
N TYR DE 90 78.28 -54.09 -68.13
CA TYR DE 90 77.94 -52.82 -68.77
C TYR DE 90 79.20 -51.98 -68.92
N ALA DE 91 79.33 -51.35 -70.07
CA ALA DE 91 80.42 -50.40 -70.29
C ALA DE 91 79.85 -49.21 -71.04
N ASP DE 92 79.71 -48.07 -70.37
CA ASP DE 92 79.14 -46.89 -70.99
C ASP DE 92 80.21 -45.80 -71.08
N VAL DE 93 80.42 -45.31 -72.29
CA VAL DE 93 81.34 -44.23 -72.57
C VAL DE 93 80.53 -43.02 -72.96
N THR DE 94 80.97 -41.85 -72.51
CA THR DE 94 80.28 -40.60 -72.83
C THR DE 94 81.32 -39.55 -73.22
N PHE DE 95 81.18 -39.03 -74.42
CA PHE DE 95 81.98 -37.92 -74.91
C PHE DE 95 81.15 -36.65 -74.84
N SER DE 96 81.77 -35.56 -74.40
CA SER DE 96 81.12 -34.25 -74.43
C SER DE 96 82.07 -33.25 -75.06
N PHE DE 97 81.60 -32.57 -76.10
CA PHE DE 97 82.37 -31.60 -76.85
C PHE DE 97 81.63 -30.28 -76.86
N THR DE 98 82.38 -29.20 -77.06
CA THR DE 98 81.75 -27.89 -77.19
C THR DE 98 81.28 -27.67 -78.61
N GLN DE 99 80.32 -26.76 -78.76
CA GLN DE 99 79.79 -26.43 -80.06
C GLN DE 99 80.87 -25.95 -81.01
N TYR DE 100 82.05 -25.61 -80.52
CA TYR DE 100 83.12 -25.07 -81.33
C TYR DE 100 84.32 -25.99 -81.38
N SER DE 101 84.17 -27.21 -80.88
CA SER DE 101 85.26 -28.17 -80.91
C SER DE 101 85.57 -28.56 -82.34
N THR DE 102 86.71 -29.21 -82.53
CA THR DE 102 87.18 -29.52 -83.87
C THR DE 102 87.51 -31.00 -84.01
N ASP DE 103 87.44 -31.46 -85.25
CA ASP DE 103 87.66 -32.86 -85.57
C ASP DE 103 88.98 -33.35 -85.02
N GLU DE 104 90.04 -32.56 -85.12
CA GLU DE 104 91.34 -33.05 -84.67
C GLU DE 104 91.31 -33.39 -83.20
N GLU DE 105 90.85 -32.46 -82.37
CA GLU DE 105 90.83 -32.74 -80.95
C GLU DE 105 89.83 -33.84 -80.63
N ARG DE 106 88.75 -33.95 -81.41
CA ARG DE 106 87.84 -35.06 -81.20
C ARG DE 106 88.54 -36.39 -81.39
N ALA DE 107 89.20 -36.57 -82.54
CA ALA DE 107 89.92 -37.81 -82.81
C ALA DE 107 91.02 -38.02 -81.79
N PHE DE 108 91.65 -36.92 -81.38
CA PHE DE 108 92.70 -36.98 -80.38
C PHE DE 108 92.16 -37.63 -79.10
N VAL DE 109 91.03 -37.12 -78.62
CA VAL DE 109 90.35 -37.73 -77.49
C VAL DE 109 90.09 -39.20 -77.77
N ARG DE 110 89.56 -39.48 -78.96
CA ARG DE 110 89.13 -40.84 -79.27
C ARG DE 110 90.28 -41.81 -79.11
N THR DE 111 91.34 -41.60 -79.88
CA THR DE 111 92.45 -42.54 -79.86
C THR DE 111 93.15 -42.52 -78.51
N GLU DE 112 93.09 -41.41 -77.78
CA GLU DE 112 93.64 -41.45 -76.43
C GLU DE 112 92.88 -42.42 -75.57
N LEU DE 113 91.56 -42.37 -75.62
CA LEU DE 113 90.79 -43.29 -74.81
C LEU DE 113 91.10 -44.72 -75.23
N ALA DE 114 91.22 -44.94 -76.53
CA ALA DE 114 91.54 -46.28 -77.02
C ALA DE 114 92.88 -46.75 -76.49
N ALA DE 115 93.89 -45.91 -76.58
CA ALA DE 115 95.22 -46.36 -76.19
C ALA DE 115 95.33 -46.51 -74.68
N LEU DE 116 94.57 -45.73 -73.93
CA LEU DE 116 94.51 -45.97 -72.50
C LEU DE 116 93.89 -47.32 -72.22
N LEU DE 117 92.81 -47.64 -72.95
CA LEU DE 117 92.23 -48.98 -72.83
C LEU DE 117 93.23 -50.06 -73.17
N ALA DE 118 94.21 -49.77 -74.03
CA ALA DE 118 95.25 -50.72 -74.35
C ALA DE 118 96.39 -50.74 -73.33
N SER DE 119 96.62 -49.63 -72.63
CA SER DE 119 97.80 -49.51 -71.79
C SER DE 119 97.74 -50.45 -70.59
N PRO DE 120 98.91 -50.79 -70.03
CA PRO DE 120 98.91 -51.63 -68.83
C PRO DE 120 98.08 -51.07 -67.71
N LEU DE 121 97.95 -49.75 -67.63
CA LEU DE 121 97.19 -49.13 -66.56
C LEU DE 121 95.78 -49.69 -66.49
N LEU DE 122 94.97 -49.37 -67.49
CA LEU DE 122 93.60 -49.85 -67.49
C LEU DE 122 93.55 -51.36 -67.52
N ILE DE 123 94.56 -52.00 -68.11
CA ILE DE 123 94.61 -53.46 -68.11
C ILE DE 123 94.46 -53.98 -66.69
N ASP DE 124 95.38 -53.60 -65.81
CA ASP DE 124 95.36 -54.15 -64.47
C ASP DE 124 94.25 -53.55 -63.62
N ALA DE 125 93.79 -52.34 -63.95
CA ALA DE 125 92.70 -51.76 -63.19
C ALA DE 125 91.37 -52.42 -63.54
N ILE DE 126 91.25 -52.98 -64.74
CA ILE DE 126 89.99 -53.54 -65.25
C ILE DE 126 89.99 -55.05 -65.14
N ASP DE 127 90.89 -55.72 -65.87
CA ASP DE 127 90.93 -57.17 -65.88
C ASP DE 127 90.96 -57.73 -64.46
N GLN DE 128 91.76 -57.14 -63.60
CA GLN DE 128 91.93 -57.64 -62.24
C GLN DE 128 91.26 -56.76 -61.20
N LEU DE 129 90.62 -55.67 -61.61
CA LEU DE 129 90.02 -54.72 -60.68
C LEU DE 129 91.04 -54.29 -59.61
N ASN DE 130 92.14 -53.74 -60.08
CA ASN DE 130 93.17 -53.22 -59.18
C ASN DE 130 93.07 -51.70 -59.14
N PRO DE 131 92.60 -51.10 -58.05
CA PRO DE 131 92.64 -49.63 -57.99
C PRO DE 131 94.09 -49.16 -58.10
N ALA DE 132 94.29 -48.07 -58.82
CA ALA DE 132 95.63 -47.66 -59.18
C ALA DE 132 96.25 -46.82 -58.08
N TYR DE 133 97.48 -47.19 -57.69
CA TYR DE 133 98.35 -46.41 -56.78
C TYR DE 133 99.80 -46.76 -57.00
N ALA EE 2 104.98 -76.55 -10.75
CA ALA EE 2 104.14 -76.70 -9.54
C ALA EE 2 103.15 -77.86 -9.70
N LYS EE 3 103.69 -79.06 -9.92
CA LYS EE 3 102.86 -80.24 -10.11
C LYS EE 3 102.12 -80.61 -8.83
N LEU EE 4 100.88 -81.05 -9.01
CA LEU EE 4 100.05 -81.54 -7.92
C LEU EE 4 100.16 -83.05 -7.82
N GLU EE 5 100.31 -83.56 -6.60
CA GLU EE 5 100.51 -84.98 -6.34
C GLU EE 5 100.52 -85.18 -4.83
N THR EE 6 100.78 -86.40 -4.38
CA THR EE 6 100.67 -86.72 -2.96
C THR EE 6 101.85 -86.14 -2.19
N VAL EE 7 101.53 -85.45 -1.10
CA VAL EE 7 102.52 -84.75 -0.29
C VAL EE 7 102.59 -85.45 1.07
N THR EE 8 103.80 -85.79 1.50
CA THR EE 8 104.03 -86.52 2.74
C THR EE 8 104.87 -85.65 3.68
N LEU EE 9 104.19 -84.93 4.57
CA LEU EE 9 104.86 -84.11 5.57
C LEU EE 9 105.10 -84.95 6.81
N GLY EE 10 106.37 -85.20 7.12
CA GLY EE 10 106.73 -85.96 8.31
C GLY EE 10 107.31 -85.10 9.41
N ASN EE 11 107.47 -85.67 10.60
CA ASN EE 11 108.03 -84.94 11.74
C ASN EE 11 107.16 -83.73 12.07
N ILE EE 12 105.95 -84.02 12.52
CA ILE EE 12 104.88 -83.05 12.70
C ILE EE 12 104.38 -83.17 14.14
N GLY EE 13 103.90 -82.05 14.70
CA GLY EE 13 103.37 -82.00 16.07
C GLY EE 13 104.39 -81.46 17.06
N LYS EE 14 104.03 -81.51 18.36
CA LYS EE 14 104.98 -81.03 19.36
C LYS EE 14 106.29 -81.78 19.24
N ASP EE 15 106.21 -83.11 19.27
CA ASP EE 15 107.37 -83.97 19.27
C ASP EE 15 107.89 -84.20 17.86
N GLY EE 16 107.15 -83.81 16.84
CA GLY EE 16 107.57 -84.03 15.48
C GLY EE 16 107.72 -85.50 15.14
N LYS EE 17 106.69 -86.29 15.44
CA LYS EE 17 106.72 -87.72 15.13
C LYS EE 17 105.59 -88.20 14.23
N GLN EE 18 104.47 -87.49 14.16
CA GLN EE 18 103.40 -87.95 13.29
C GLN EE 18 103.70 -87.59 11.85
N THR EE 19 102.79 -87.95 10.95
CA THR EE 19 102.96 -87.68 9.53
C THR EE 19 101.58 -87.42 8.91
N LEU EE 20 101.58 -86.62 7.85
CA LEU EE 20 100.34 -86.19 7.21
C LEU EE 20 100.53 -86.40 5.72
N VAL EE 21 99.60 -87.10 5.09
CA VAL EE 21 99.66 -87.35 3.65
C VAL EE 21 98.44 -86.70 3.00
N LEU EE 22 98.69 -85.66 2.21
CA LEU EE 22 97.65 -84.92 1.53
C LEU EE 22 97.63 -85.33 0.06
N ASN EE 23 96.56 -85.73 -0.38
CA ASN EE 23 96.40 -85.97 -1.81
C ASN EE 23 95.96 -84.69 -2.50
N PRO EE 24 96.19 -84.59 -3.81
CA PRO EE 24 95.70 -83.45 -4.58
C PRO EE 24 94.22 -83.57 -4.91
N ARG EE 25 93.66 -82.45 -5.36
CA ARG EE 25 92.26 -82.38 -5.74
C ARG EE 25 92.14 -81.59 -7.04
N GLY EE 26 90.95 -81.08 -7.34
CA GLY EE 26 90.71 -80.29 -8.55
C GLY EE 26 91.03 -78.82 -8.34
N VAL EE 27 91.61 -78.20 -9.36
CA VAL EE 27 92.03 -76.81 -9.26
C VAL EE 27 90.81 -75.93 -9.50
N ASN EE 28 90.44 -75.17 -8.47
CA ASN EE 28 89.26 -74.31 -8.53
C ASN EE 28 89.35 -73.38 -9.72
N PRO EE 29 88.57 -73.62 -10.78
CA PRO EE 29 88.70 -72.78 -11.97
C PRO EE 29 88.13 -71.37 -11.79
N THR EE 30 87.20 -71.16 -10.86
CA THR EE 30 86.68 -69.81 -10.67
C THR EE 30 87.77 -68.84 -10.25
N ASN EE 31 88.83 -69.33 -9.60
CA ASN EE 31 89.94 -68.45 -9.23
C ASN EE 31 91.30 -69.11 -9.42
N GLY EE 32 91.36 -70.32 -9.95
CA GLY EE 32 92.65 -70.98 -10.15
C GLY EE 32 93.36 -71.21 -8.83
N VAL EE 33 92.84 -72.12 -8.02
CA VAL EE 33 93.43 -72.46 -6.72
C VAL EE 33 93.54 -73.97 -6.64
N ALA EE 34 94.76 -74.48 -6.49
CA ALA EE 34 94.93 -75.91 -6.29
C ALA EE 34 94.76 -76.23 -4.81
N SER EE 35 94.45 -77.48 -4.51
CA SER EE 35 94.16 -77.84 -3.13
C SER EE 35 94.59 -79.27 -2.84
N LEU EE 36 94.98 -79.49 -1.59
CA LEU EE 36 95.34 -80.79 -1.07
C LEU EE 36 94.55 -81.05 0.21
N SER EE 37 94.29 -82.33 0.46
CA SER EE 37 93.47 -82.69 1.61
C SER EE 37 93.93 -84.03 2.17
N GLN EE 38 93.58 -84.28 3.42
CA GLN EE 38 93.95 -85.50 4.12
C GLN EE 38 93.72 -86.73 3.25
N ALA EE 39 94.46 -87.80 3.50
CA ALA EE 39 94.38 -88.98 2.64
C ALA EE 39 92.96 -89.53 2.54
N GLY EE 40 92.13 -89.25 3.54
CA GLY EE 40 90.73 -89.64 3.50
C GLY EE 40 90.35 -90.57 4.65
N ALA EE 41 89.10 -91.01 4.62
CA ALA EE 41 88.13 -90.65 3.59
C ALA EE 41 87.49 -89.30 3.87
N VAL EE 42 86.74 -89.24 4.96
CA VAL EE 42 86.03 -87.99 5.30
C VAL EE 42 87.00 -86.88 5.63
N PRO EE 43 88.06 -87.08 6.41
CA PRO EE 43 89.02 -85.99 6.64
C PRO EE 43 89.48 -85.31 5.38
N ALA EE 44 89.33 -85.95 4.21
CA ALA EE 44 89.62 -85.30 2.95
C ALA EE 44 88.80 -84.04 2.78
N LEU EE 45 87.58 -84.02 3.29
CA LEU EE 45 86.75 -82.82 3.27
C LEU EE 45 86.82 -82.06 4.58
N GLU EE 46 87.72 -82.45 5.48
CA GLU EE 46 87.92 -81.75 6.76
C GLU EE 46 89.17 -80.87 6.73
N LYS EE 47 90.34 -81.47 6.55
CA LYS EE 47 91.59 -80.72 6.57
C LYS EE 47 92.01 -80.33 5.16
N ARG EE 48 92.33 -79.04 4.98
CA ARG EE 48 92.54 -78.50 3.65
C ARG EE 48 93.84 -77.69 3.62
N VAL EE 49 94.50 -77.70 2.46
CA VAL EE 49 95.69 -76.89 2.21
C VAL EE 49 95.62 -76.38 0.78
N THR EE 50 95.38 -75.08 0.63
CA THR EE 50 95.15 -74.47 -0.68
C THR EE 50 96.35 -73.63 -1.10
N VAL EE 51 96.64 -73.67 -2.40
CA VAL EE 51 97.78 -73.02 -3.04
C VAL EE 51 97.26 -72.13 -4.17
N SER EE 52 97.66 -70.86 -4.18
CA SER EE 52 97.23 -69.90 -5.18
C SER EE 52 98.41 -69.07 -5.66
N VAL EE 53 98.42 -68.75 -6.94
CA VAL EE 53 99.49 -67.97 -7.57
C VAL EE 53 98.84 -66.89 -8.43
N SER EE 54 98.74 -65.67 -7.90
CA SER EE 54 98.08 -64.58 -8.60
C SER EE 54 99.09 -63.83 -9.42
N GLN EE 55 98.84 -63.75 -10.73
CA GLN EE 55 99.74 -63.12 -11.67
C GLN EE 55 99.49 -61.62 -11.72
N PRO EE 56 100.41 -60.85 -12.29
CA PRO EE 56 100.23 -59.40 -12.35
C PRO EE 56 98.96 -59.05 -13.11
N SER EE 57 98.48 -57.84 -12.85
CA SER EE 57 97.37 -57.26 -13.60
C SER EE 57 97.23 -55.81 -13.19
N ARG EE 58 96.17 -55.17 -13.66
CA ARG EE 58 95.90 -53.79 -13.31
C ARG EE 58 95.89 -53.61 -11.80
N ASN EE 59 95.10 -54.45 -11.13
CA ASN EE 59 95.03 -54.51 -9.68
C ASN EE 59 96.33 -55.00 -9.04
N ARG EE 60 97.00 -55.98 -9.66
CA ARG EE 60 98.25 -56.53 -9.12
C ARG EE 60 99.45 -55.79 -9.67
N LYS EE 61 100.65 -56.13 -9.22
CA LYS EE 61 101.81 -55.57 -9.91
C LYS EE 61 102.93 -56.54 -10.30
N ASN EE 62 103.71 -57.14 -9.38
CA ASN EE 62 103.45 -57.62 -8.00
C ASN EE 62 102.62 -58.88 -7.96
N TYR EE 63 103.28 -59.96 -8.38
CA TYR EE 63 102.78 -61.31 -8.17
C TYR EE 63 102.45 -61.55 -6.70
N LYS EE 64 101.49 -62.44 -6.48
CA LYS EE 64 101.22 -62.95 -5.14
C LYS EE 64 101.24 -64.46 -5.13
N VAL EE 65 101.48 -65.02 -3.95
CA VAL EE 65 101.35 -66.44 -3.70
C VAL EE 65 100.66 -66.61 -2.35
N GLN EE 66 99.52 -67.30 -2.35
CA GLN EE 66 98.74 -67.51 -1.13
C GLN EE 66 98.73 -68.99 -0.78
N VAL EE 67 98.96 -69.28 0.51
CA VAL EE 67 98.90 -70.65 1.00
C VAL EE 67 98.03 -70.65 2.27
N LYS EE 68 96.91 -71.35 2.22
CA LYS EE 68 95.91 -71.31 3.28
C LYS EE 68 95.70 -72.72 3.80
N ILE EE 69 95.96 -72.93 5.09
CA ILE EE 69 95.78 -74.23 5.73
C ILE EE 69 94.64 -74.15 6.74
N GLN EE 70 93.75 -75.14 6.68
CA GLN EE 70 92.60 -75.22 7.56
C GLN EE 70 92.57 -76.62 8.15
N ASN EE 71 92.37 -76.72 9.46
CA ASN EE 71 92.23 -78.01 10.12
C ASN EE 71 91.06 -77.92 11.09
N PRO EE 72 89.93 -78.54 10.77
CA PRO EE 72 88.79 -78.51 11.69
C PRO EE 72 88.78 -79.66 12.68
N THR EE 73 88.87 -79.33 13.97
CA THR EE 73 88.76 -80.34 15.00
C THR EE 73 87.29 -80.64 15.27
N ALA EE 74 86.92 -81.92 15.15
CA ALA EE 74 85.56 -82.36 15.33
C ALA EE 74 85.50 -83.47 16.38
N CYS EE 75 84.30 -83.67 16.94
CA CYS EE 75 84.10 -84.69 17.95
C CYS EE 75 82.71 -85.26 17.80
N THR EE 76 82.48 -86.40 18.46
CA THR EE 76 81.23 -87.15 18.37
C THR EE 76 80.53 -87.08 19.72
N ALA EE 77 79.36 -86.46 19.76
CA ALA EE 77 78.60 -86.40 21.00
C ALA EE 77 78.29 -87.81 21.47
N ASN EE 78 78.29 -87.99 22.79
CA ASN EE 78 78.09 -89.33 23.33
C ASN EE 78 76.64 -89.74 23.14
N GLY EE 79 76.35 -90.33 21.98
CA GLY EE 79 75.00 -90.69 21.60
C GLY EE 79 74.74 -90.46 20.13
N SER EE 80 75.48 -89.54 19.52
CA SER EE 80 75.36 -89.26 18.09
C SER EE 80 76.24 -90.21 17.28
N CYS EE 81 76.26 -90.03 15.95
CA CYS EE 81 77.11 -90.84 15.09
C CYS EE 81 78.09 -89.98 14.29
N ASP EE 82 77.56 -89.01 13.55
CA ASP EE 82 78.39 -88.19 12.68
C ASP EE 82 79.14 -87.15 13.49
N PRO EE 83 80.48 -87.07 13.37
CA PRO EE 83 81.22 -86.08 14.17
C PRO EE 83 80.99 -84.65 13.68
N SER EE 84 80.69 -83.77 14.63
CA SER EE 84 80.46 -82.36 14.33
C SER EE 84 81.71 -81.57 14.69
N VAL EE 85 82.00 -80.53 13.91
CA VAL EE 85 83.22 -79.77 14.11
C VAL EE 85 83.03 -78.83 15.30
N THR EE 86 83.85 -79.03 16.34
CA THR EE 86 83.82 -78.22 17.55
C THR EE 86 84.74 -77.00 17.48
N ARG EE 87 85.91 -77.14 16.86
CA ARG EE 87 86.84 -76.03 16.72
C ARG EE 87 87.40 -76.07 15.30
N GLN EE 88 88.03 -74.98 14.90
CA GLN EE 88 88.70 -74.96 13.61
C GLN EE 88 89.91 -74.05 13.69
N ALA EE 89 91.05 -74.59 13.30
CA ALA EE 89 92.31 -73.87 13.23
C ALA EE 89 92.60 -73.48 11.78
N TYR EE 90 93.22 -72.32 11.60
CA TYR EE 90 93.57 -71.96 10.24
C TYR EE 90 94.69 -70.93 10.24
N ALA EE 91 95.47 -70.97 9.17
CA ALA EE 91 96.59 -70.08 8.95
C ALA EE 91 96.65 -69.69 7.48
N ASP EE 92 97.16 -68.49 7.21
CA ASP EE 92 97.33 -68.06 5.83
C ASP EE 92 98.66 -67.34 5.68
N VAL EE 93 99.45 -67.76 4.69
CA VAL EE 93 100.71 -67.13 4.30
C VAL EE 93 100.51 -66.43 2.97
N THR EE 94 100.95 -65.19 2.88
CA THR EE 94 100.80 -64.40 1.65
C THR EE 94 102.16 -63.80 1.30
N PHE EE 95 102.74 -64.30 0.21
CA PHE EE 95 103.99 -63.78 -0.32
C PHE EE 95 103.68 -62.80 -1.44
N SER EE 96 104.30 -61.64 -1.39
CA SER EE 96 104.16 -60.67 -2.47
C SER EE 96 105.54 -60.40 -3.05
N PHE EE 97 105.66 -60.61 -4.36
CA PHE EE 97 106.91 -60.44 -5.08
C PHE EE 97 106.73 -59.43 -6.20
N THR EE 98 107.79 -58.67 -6.45
CA THR EE 98 107.74 -57.71 -7.53
C THR EE 98 108.08 -58.38 -8.83
N GLN EE 99 107.76 -57.69 -9.91
CA GLN EE 99 107.85 -58.27 -11.23
C GLN EE 99 109.31 -58.54 -11.60
N TYR EE 100 110.23 -57.80 -10.99
CA TYR EE 100 111.66 -58.04 -11.16
C TYR EE 100 112.25 -58.91 -10.06
N SER EE 101 111.44 -59.38 -9.12
CA SER EE 101 111.95 -60.28 -8.09
C SER EE 101 112.68 -61.45 -8.76
N THR EE 102 113.57 -62.08 -8.01
CA THR EE 102 114.31 -63.22 -8.53
C THR EE 102 114.25 -64.41 -7.59
N ASP EE 103 114.41 -65.59 -8.20
CA ASP EE 103 114.24 -66.86 -7.50
C ASP EE 103 115.10 -66.94 -6.25
N GLU EE 104 116.33 -66.43 -6.31
CA GLU EE 104 117.20 -66.52 -5.16
C GLU EE 104 116.53 -65.87 -3.95
N GLU EE 105 116.02 -64.67 -4.16
CA GLU EE 105 115.42 -63.91 -3.07
C GLU EE 105 114.10 -64.54 -2.64
N ARG EE 106 113.33 -65.05 -3.59
CA ARG EE 106 112.12 -65.76 -3.24
C ARG EE 106 112.44 -66.94 -2.31
N ALA EE 107 113.42 -67.75 -2.69
CA ALA EE 107 113.79 -68.91 -1.88
C ALA EE 107 114.36 -68.47 -0.54
N PHE EE 108 115.18 -67.44 -0.56
CA PHE EE 108 115.66 -66.82 0.66
C PHE EE 108 114.50 -66.56 1.60
N VAL EE 109 113.46 -65.90 1.10
CA VAL EE 109 112.31 -65.53 1.92
C VAL EE 109 111.62 -66.78 2.44
N ARG EE 110 111.38 -67.76 1.57
CA ARG EE 110 110.58 -68.89 2.00
C ARG EE 110 111.32 -69.68 3.09
N THR EE 111 112.57 -70.00 2.86
CA THR EE 111 113.28 -70.76 3.86
C THR EE 111 113.49 -69.94 5.13
N GLU EE 112 113.50 -68.61 5.01
CA GLU EE 112 113.57 -67.81 6.21
C GLU EE 112 112.29 -67.94 7.02
N LEU EE 113 111.15 -67.90 6.34
CA LEU EE 113 109.91 -68.24 7.01
C LEU EE 113 110.01 -69.59 7.69
N ALA EE 114 110.60 -70.56 6.99
CA ALA EE 114 110.68 -71.92 7.52
C ALA EE 114 111.46 -71.94 8.83
N ALA EE 115 112.65 -71.35 8.82
CA ALA EE 115 113.47 -71.37 10.02
C ALA EE 115 112.84 -70.53 11.12
N LEU EE 116 112.18 -69.43 10.78
CA LEU EE 116 111.50 -68.65 11.81
C LEU EE 116 110.44 -69.49 12.49
N LEU EE 117 109.59 -70.15 11.70
CA LEU EE 117 108.60 -71.05 12.26
C LEU EE 117 109.26 -72.14 13.09
N ALA EE 118 110.47 -72.56 12.71
CA ALA EE 118 111.19 -73.58 13.46
C ALA EE 118 111.88 -73.02 14.70
N SER EE 119 111.99 -71.71 14.83
CA SER EE 119 112.78 -71.10 15.89
C SER EE 119 112.01 -71.06 17.21
N PRO EE 120 112.74 -71.01 18.33
CA PRO EE 120 112.06 -70.91 19.63
C PRO EE 120 111.02 -69.81 19.68
N LEU EE 121 111.30 -68.67 19.01
CA LEU EE 121 110.43 -67.52 19.13
C LEU EE 121 109.00 -67.88 18.79
N LEU EE 122 108.73 -68.16 17.51
CA LEU EE 122 107.36 -68.40 17.10
C LEU EE 122 106.79 -69.61 17.79
N ILE EE 123 107.62 -70.62 18.05
CA ILE EE 123 107.07 -71.83 18.63
C ILE EE 123 106.49 -71.52 20.00
N ASP EE 124 107.18 -70.70 20.78
CA ASP EE 124 106.62 -70.27 22.05
C ASP EE 124 105.44 -69.32 21.83
N ALA EE 125 105.56 -68.43 20.85
CA ALA EE 125 104.58 -67.37 20.70
C ALA EE 125 103.19 -67.87 20.38
N ILE EE 126 103.06 -69.01 19.71
CA ILE EE 126 101.71 -69.51 19.47
C ILE EE 126 101.48 -70.99 19.80
N ASP EE 127 102.42 -71.70 20.43
CA ASP EE 127 102.00 -72.92 21.11
C ASP EE 127 101.45 -72.57 22.46
N GLN EE 128 101.88 -71.45 22.99
CA GLN EE 128 101.47 -70.97 24.29
C GLN EE 128 100.77 -69.63 24.22
N LEU EE 129 100.72 -69.01 23.04
CA LEU EE 129 100.14 -67.68 22.89
C LEU EE 129 100.87 -66.68 23.78
N ASN EE 130 102.16 -66.56 23.53
CA ASN EE 130 103.06 -65.80 24.40
C ASN EE 130 103.79 -64.75 23.57
N PRO EE 131 103.19 -63.58 23.37
CA PRO EE 131 103.95 -62.44 22.83
C PRO EE 131 105.31 -62.34 23.49
N ALA EE 132 106.33 -62.00 22.72
CA ALA EE 132 107.69 -62.00 23.23
C ALA EE 132 107.84 -60.93 24.30
N TYR EE 133 107.94 -61.34 25.56
CA TYR EE 133 108.05 -60.42 26.67
C TYR EE 133 108.76 -61.07 27.84
N ALA FE 2 97.54 -81.80 -27.31
CA ALA FE 2 98.15 -80.43 -27.21
C ALA FE 2 98.91 -80.27 -25.92
N LYS FE 3 99.30 -81.41 -25.33
CA LYS FE 3 99.94 -81.40 -24.02
C LYS FE 3 101.13 -80.47 -23.99
N LEU FE 4 101.21 -79.68 -22.92
CA LEU FE 4 102.33 -78.77 -22.72
C LEU FE 4 103.63 -79.56 -22.70
N GLU FE 5 104.70 -78.91 -23.14
CA GLU FE 5 106.00 -79.57 -23.22
C GLU FE 5 107.01 -78.57 -23.77
N THR FE 6 108.29 -78.88 -23.57
CA THR FE 6 109.36 -77.96 -23.92
C THR FE 6 109.39 -77.68 -25.41
N VAL FE 7 109.09 -76.45 -25.80
CA VAL FE 7 109.08 -76.05 -27.20
C VAL FE 7 110.49 -75.65 -27.58
N THR FE 8 111.00 -76.22 -28.65
CA THR FE 8 112.36 -75.94 -29.12
C THR FE 8 112.25 -75.43 -30.56
N LEU FE 9 112.26 -74.12 -30.70
CA LEU FE 9 112.18 -73.51 -32.03
C LEU FE 9 113.59 -73.37 -32.60
N GLY FE 10 113.74 -73.78 -33.86
CA GLY FE 10 115.05 -73.90 -34.47
C GLY FE 10 115.59 -72.59 -35.00
N ASN FE 11 116.02 -72.55 -36.25
CA ASN FE 11 116.58 -71.33 -36.82
C ASN FE 11 115.56 -70.21 -36.78
N ILE FE 12 115.98 -69.08 -36.23
CA ILE FE 12 115.11 -67.94 -35.95
C ILE FE 12 115.98 -66.70 -36.01
N GLY FE 13 115.40 -65.60 -36.47
CA GLY FE 13 116.11 -64.33 -36.57
C GLY FE 13 116.43 -64.00 -38.01
N LYS FE 14 117.09 -62.84 -38.19
CA LYS FE 14 117.44 -62.41 -39.54
C LYS FE 14 118.24 -63.48 -40.26
N ASP FE 15 119.44 -63.76 -39.75
CA ASP FE 15 120.28 -64.80 -40.30
C ASP FE 15 119.73 -66.20 -40.08
N GLY FE 16 118.72 -66.34 -39.24
CA GLY FE 16 118.18 -67.65 -38.92
C GLY FE 16 119.25 -68.56 -38.36
N LYS FE 17 119.77 -68.22 -37.19
CA LYS FE 17 120.87 -68.99 -36.64
C LYS FE 17 120.73 -69.35 -35.18
N GLN FE 18 119.95 -68.63 -34.38
CA GLN FE 18 119.81 -69.02 -32.99
C GLN FE 18 118.46 -69.67 -32.77
N THR FE 19 118.28 -70.23 -31.58
CA THR FE 19 117.15 -71.09 -31.28
C THR FE 19 116.55 -70.68 -29.94
N LEU FE 20 115.32 -71.09 -29.71
CA LEU FE 20 114.58 -70.73 -28.52
C LEU FE 20 114.07 -71.97 -27.81
N VAL FE 21 114.10 -71.93 -26.49
CA VAL FE 21 113.65 -73.04 -25.66
C VAL FE 21 112.65 -72.48 -24.66
N LEU FE 22 111.37 -72.77 -24.89
CA LEU FE 22 110.30 -72.34 -24.01
C LEU FE 22 109.95 -73.52 -23.11
N ASN FE 23 110.04 -73.30 -21.81
CA ASN FE 23 109.65 -74.35 -20.88
C ASN FE 23 108.17 -74.20 -20.53
N PRO FE 24 107.48 -75.32 -20.31
CA PRO FE 24 106.06 -75.24 -19.96
C PRO FE 24 105.89 -74.78 -18.52
N ARG FE 25 105.10 -73.74 -18.32
CA ARG FE 25 104.88 -73.20 -16.98
C ARG FE 25 103.56 -73.73 -16.41
N GLY FE 26 102.46 -73.55 -17.13
CA GLY FE 26 101.19 -74.02 -16.64
C GLY FE 26 100.05 -73.60 -17.52
N VAL FE 27 98.85 -73.61 -16.93
CA VAL FE 27 97.63 -73.31 -17.66
C VAL FE 27 96.69 -72.53 -16.75
N ASN FE 28 96.58 -71.24 -17.00
CA ASN FE 28 95.57 -70.41 -16.36
C ASN FE 28 94.18 -70.99 -16.57
N PRO FE 29 93.54 -71.54 -15.54
CA PRO FE 29 92.14 -71.97 -15.70
C PRO FE 29 91.19 -70.80 -15.86
N THR FE 30 91.42 -69.73 -15.10
CA THR FE 30 90.51 -68.60 -15.07
C THR FE 30 90.09 -68.19 -16.47
N ASN FE 31 90.93 -68.49 -17.45
CA ASN FE 31 90.63 -68.16 -18.83
C ASN FE 31 91.09 -69.26 -19.79
N GLY FE 32 91.51 -70.41 -19.27
CA GLY FE 32 91.90 -71.50 -20.12
C GLY FE 32 92.99 -71.08 -21.09
N VAL FE 33 94.18 -70.79 -20.57
CA VAL FE 33 95.29 -70.33 -21.39
C VAL FE 33 96.56 -71.02 -20.94
N ALA FE 34 97.18 -71.76 -21.86
CA ALA FE 34 98.47 -72.40 -21.59
C ALA FE 34 99.58 -71.41 -21.84
N SER FE 35 100.62 -71.46 -21.00
CA SER FE 35 101.71 -70.49 -21.09
C SER FE 35 103.05 -71.19 -21.16
N LEU FE 36 103.98 -70.56 -21.87
CA LEU FE 36 105.37 -70.99 -21.92
C LEU FE 36 106.27 -69.78 -21.76
N SER FE 37 107.44 -70.00 -21.19
CA SER FE 37 108.39 -68.92 -20.97
C SER FE 37 109.81 -69.42 -21.15
N GLN FE 38 110.68 -68.51 -21.57
CA GLN FE 38 112.09 -68.83 -21.69
C GLN FE 38 112.71 -69.07 -20.31
N ALA FE 39 113.66 -70.00 -20.27
CA ALA FE 39 114.36 -70.29 -19.03
C ALA FE 39 115.08 -69.05 -18.53
N GLY FE 40 114.85 -68.71 -17.26
CA GLY FE 40 115.49 -67.56 -16.65
C GLY FE 40 115.25 -67.53 -15.16
N ALA FE 41 115.33 -66.35 -14.55
CA ALA FE 41 115.02 -66.21 -13.14
C ALA FE 41 114.04 -65.07 -12.89
N VAL FE 42 114.19 -63.98 -13.64
CA VAL FE 42 113.43 -62.78 -13.36
C VAL FE 42 112.28 -62.70 -14.35
N PRO FE 43 111.03 -62.85 -13.92
CA PRO FE 43 109.93 -62.94 -14.89
C PRO FE 43 109.89 -61.75 -15.81
N ALA FE 44 110.36 -60.59 -15.35
CA ALA FE 44 110.37 -59.40 -16.16
C ALA FE 44 111.29 -59.48 -17.36
N LEU FE 45 112.17 -60.48 -17.40
CA LEU FE 45 113.20 -60.60 -18.42
C LEU FE 45 113.07 -61.94 -19.10
N GLU FE 46 111.85 -62.28 -19.50
CA GLU FE 46 111.59 -63.60 -20.05
C GLU FE 46 110.75 -63.47 -21.31
N LYS FE 47 111.09 -64.24 -22.32
CA LYS FE 47 110.31 -64.31 -23.55
C LYS FE 47 109.12 -65.23 -23.31
N ARG FE 48 107.91 -64.71 -23.50
CA ARG FE 48 106.68 -65.42 -23.12
C ARG FE 48 105.86 -65.76 -24.36
N VAL FE 49 105.10 -66.85 -24.25
CA VAL FE 49 104.12 -67.24 -25.26
C VAL FE 49 102.88 -67.77 -24.57
N THR FE 50 101.72 -67.44 -25.12
CA THR FE 50 100.45 -67.88 -24.55
C THR FE 50 99.55 -68.38 -25.67
N VAL FE 51 98.98 -69.57 -25.46
CA VAL FE 51 98.07 -70.21 -26.40
C VAL FE 51 96.72 -70.40 -25.71
N SER FE 52 95.66 -70.31 -26.51
CA SER FE 52 94.32 -70.42 -25.95
C SER FE 52 93.33 -70.76 -27.06
N VAL FE 53 92.33 -71.57 -26.72
CA VAL FE 53 91.30 -71.99 -27.65
C VAL FE 53 89.95 -71.79 -26.99
N SER FE 54 89.19 -70.81 -27.47
CA SER FE 54 87.86 -70.52 -26.96
C SER FE 54 86.81 -71.26 -27.78
N GLN FE 55 85.94 -71.99 -27.08
CA GLN FE 55 84.88 -72.78 -27.67
C GLN FE 55 83.69 -71.89 -27.99
N PRO FE 56 82.81 -72.32 -28.90
CA PRO FE 56 81.68 -71.47 -29.30
C PRO FE 56 80.78 -71.18 -28.11
N SER FE 57 80.49 -69.90 -27.91
CA SER FE 57 79.67 -69.44 -26.80
C SER FE 57 78.25 -69.21 -27.26
N ARG FE 58 77.33 -69.11 -26.30
CA ARG FE 58 75.95 -68.76 -26.61
C ARG FE 58 75.85 -67.37 -27.20
N ASN FE 59 76.90 -66.56 -27.07
CA ASN FE 59 76.89 -65.19 -27.56
C ASN FE 59 77.92 -64.97 -28.67
N ARG FE 60 78.72 -65.98 -28.98
CA ARG FE 60 79.66 -65.87 -30.09
C ARG FE 60 79.46 -66.97 -31.11
N LYS FE 61 79.37 -68.22 -30.66
CA LYS FE 61 79.12 -69.34 -31.55
C LYS FE 61 80.17 -69.39 -32.66
N ASN FE 62 81.44 -69.50 -32.27
CA ASN FE 62 82.51 -69.58 -33.25
C ASN FE 62 83.79 -69.95 -32.53
N TYR FE 63 84.55 -70.88 -33.11
CA TYR FE 63 85.79 -71.32 -32.48
C TYR FE 63 86.88 -70.29 -32.68
N LYS FE 64 87.57 -69.93 -31.59
CA LYS FE 64 88.65 -68.95 -31.65
C LYS FE 64 89.93 -69.59 -31.13
N VAL FE 65 91.06 -69.24 -31.74
CA VAL FE 65 92.35 -69.65 -31.24
C VAL FE 65 93.27 -68.45 -31.20
N GLN FE 66 93.63 -68.02 -30.00
CA GLN FE 66 94.50 -66.87 -29.79
C GLN FE 66 95.88 -67.38 -29.41
N VAL FE 67 96.89 -66.70 -29.93
CA VAL FE 67 98.28 -67.01 -29.63
C VAL FE 67 99.03 -65.69 -29.59
N LYS FE 68 99.54 -65.32 -28.41
CA LYS FE 68 100.33 -64.12 -28.32
C LYS FE 68 101.73 -64.38 -27.80
N ILE FE 69 102.67 -63.61 -28.34
CA ILE FE 69 104.09 -63.72 -28.07
C ILE FE 69 104.59 -62.39 -27.54
N GLN FE 70 105.47 -62.44 -26.54
CA GLN FE 70 105.91 -61.25 -25.85
C GLN FE 70 107.43 -61.33 -25.69
N ASN FE 71 108.13 -60.31 -26.17
CA ASN FE 71 109.60 -60.30 -26.23
C ASN FE 71 110.18 -59.06 -25.55
N PRO FE 72 110.77 -59.19 -24.38
CA PRO FE 72 111.34 -58.02 -23.71
C PRO FE 72 112.81 -57.84 -24.07
N THR FE 73 113.31 -56.62 -23.86
CA THR FE 73 114.74 -56.40 -23.94
C THR FE 73 115.30 -56.06 -22.56
N ALA FE 74 116.56 -56.41 -22.36
CA ALA FE 74 117.20 -56.18 -21.07
C ALA FE 74 117.59 -54.72 -20.88
N CYS FE 75 118.31 -54.15 -21.85
CA CYS FE 75 119.03 -52.90 -21.64
C CYS FE 75 119.69 -52.89 -20.27
N THR FE 76 120.61 -53.81 -20.09
CA THR FE 76 121.37 -53.91 -18.85
C THR FE 76 122.10 -52.62 -18.56
N ALA FE 77 121.97 -52.13 -17.33
CA ALA FE 77 122.69 -50.96 -16.87
C ALA FE 77 124.09 -51.35 -16.42
N ASN FE 78 125.03 -50.43 -16.60
CA ASN FE 78 126.42 -50.68 -16.20
C ASN FE 78 126.50 -50.61 -14.67
N GLY FE 79 125.82 -51.58 -14.05
CA GLY FE 79 125.89 -51.79 -12.61
C GLY FE 79 124.63 -51.31 -11.93
N SER FE 80 124.76 -51.12 -10.63
CA SER FE 80 123.81 -50.44 -9.76
C SER FE 80 122.56 -51.26 -9.47
N CYS FE 81 122.18 -52.17 -10.35
CA CYS FE 81 121.37 -53.36 -10.03
C CYS FE 81 120.83 -53.97 -11.33
N ASP FE 82 120.07 -55.06 -11.17
CA ASP FE 82 119.59 -55.87 -12.28
C ASP FE 82 119.01 -55.02 -13.40
N PRO FE 83 118.91 -55.59 -14.61
CA PRO FE 83 118.36 -54.83 -15.74
C PRO FE 83 116.90 -54.51 -15.54
N SER FE 84 116.44 -53.50 -16.28
CA SER FE 84 115.04 -53.08 -16.26
C SER FE 84 114.50 -53.15 -17.68
N VAL FE 85 113.20 -53.36 -17.80
CA VAL FE 85 112.59 -53.48 -19.12
C VAL FE 85 112.42 -52.10 -19.72
N THR FE 86 112.79 -51.97 -20.97
CA THR FE 86 112.69 -50.74 -21.74
C THR FE 86 111.92 -50.94 -23.03
N ARG FE 87 111.82 -52.17 -23.47
CA ARG FE 87 111.54 -52.57 -24.84
C ARG FE 87 110.65 -53.79 -24.80
N GLN FE 88 109.52 -53.75 -25.49
CA GLN FE 88 108.66 -54.93 -25.45
C GLN FE 88 108.00 -55.11 -26.80
N ALA FE 89 108.34 -56.19 -27.49
CA ALA FE 89 107.72 -56.53 -28.77
C ALA FE 89 106.54 -57.47 -28.55
N TYR FE 90 105.47 -57.22 -29.28
CA TYR FE 90 104.22 -57.93 -29.14
C TYR FE 90 103.85 -58.60 -30.46
N ALA FE 91 103.27 -59.78 -30.36
CA ALA FE 91 102.69 -60.45 -31.51
C ALA FE 91 101.37 -61.07 -31.08
N ASP FE 92 100.35 -60.94 -31.92
CA ASP FE 92 98.98 -61.28 -31.55
C ASP FE 92 98.31 -61.94 -32.75
N VAL FE 93 98.17 -63.26 -32.71
CA VAL FE 93 97.53 -64.00 -33.79
C VAL FE 93 96.21 -64.57 -33.30
N THR FE 94 95.19 -64.49 -34.14
CA THR FE 94 93.81 -64.77 -33.73
C THR FE 94 93.10 -65.48 -34.88
N PHE FE 95 92.98 -66.80 -34.80
CA PHE FE 95 92.25 -67.55 -35.81
C PHE FE 95 90.79 -67.70 -35.40
N SER FE 96 89.91 -67.49 -36.37
CA SER FE 96 88.47 -67.64 -36.17
C SER FE 96 87.94 -68.65 -37.16
N PHE FE 97 87.09 -69.55 -36.70
CA PHE FE 97 86.52 -70.56 -37.56
C PHE FE 97 85.09 -70.86 -37.12
N THR FE 98 84.32 -71.41 -38.03
CA THR FE 98 82.93 -71.75 -37.77
C THR FE 98 82.82 -73.15 -37.16
N GLN FE 99 81.73 -73.40 -36.42
CA GLN FE 99 81.56 -74.71 -35.82
C GLN FE 99 81.78 -75.81 -36.83
N TYR FE 100 81.47 -75.50 -38.09
CA TYR FE 100 81.40 -76.50 -39.12
C TYR FE 100 82.65 -76.54 -39.96
N SER FE 101 83.64 -75.72 -39.62
CA SER FE 101 84.87 -75.68 -40.39
C SER FE 101 85.57 -77.03 -40.31
N THR FE 102 86.67 -77.14 -41.03
CA THR FE 102 87.36 -78.41 -41.14
C THR FE 102 88.84 -78.24 -40.87
N ASP FE 103 89.41 -79.25 -40.23
CA ASP FE 103 90.86 -79.37 -40.16
C ASP FE 103 91.49 -78.96 -41.47
N GLU FE 104 90.89 -79.39 -42.57
CA GLU FE 104 91.43 -79.08 -43.88
C GLU FE 104 91.72 -77.59 -44.01
N GLU FE 105 90.69 -76.78 -44.00
CA GLU FE 105 90.95 -75.38 -44.28
C GLU FE 105 91.74 -74.74 -43.14
N ARG FE 106 91.62 -75.26 -41.93
CA ARG FE 106 92.30 -74.62 -40.82
C ARG FE 106 93.82 -74.80 -40.91
N ALA FE 107 94.28 -76.02 -41.17
CA ALA FE 107 95.71 -76.19 -41.39
C ALA FE 107 96.16 -75.47 -42.66
N PHE FE 108 95.27 -75.37 -43.66
CA PHE FE 108 95.63 -74.59 -44.84
C PHE FE 108 95.94 -73.16 -44.45
N VAL FE 109 95.09 -72.55 -43.64
CA VAL FE 109 95.26 -71.15 -43.27
C VAL FE 109 96.53 -70.97 -42.47
N ARG FE 110 96.76 -71.87 -41.51
CA ARG FE 110 98.02 -71.91 -40.78
C ARG FE 110 99.21 -71.82 -41.69
N THR FE 111 99.37 -72.81 -42.55
CA THR FE 111 100.56 -72.83 -43.38
C THR FE 111 100.62 -71.59 -44.24
N GLU FE 112 99.46 -71.09 -44.66
CA GLU FE 112 99.47 -69.87 -45.46
C GLU FE 112 100.07 -68.73 -44.66
N LEU FE 113 99.63 -68.59 -43.41
CA LEU FE 113 100.12 -67.52 -42.58
C LEU FE 113 101.61 -67.66 -42.33
N ALA FE 114 102.06 -68.88 -42.08
CA ALA FE 114 103.48 -69.11 -41.82
C ALA FE 114 104.31 -68.73 -43.04
N ALA FE 115 103.86 -69.17 -44.20
CA ALA FE 115 104.64 -68.91 -45.40
C ALA FE 115 104.56 -67.44 -45.79
N LEU FE 116 103.50 -66.74 -45.42
CA LEU FE 116 103.50 -65.30 -45.56
C LEU FE 116 104.52 -64.66 -44.63
N LEU FE 117 104.58 -65.11 -43.38
CA LEU FE 117 105.60 -64.61 -42.49
C LEU FE 117 106.99 -64.86 -43.03
N ALA FE 118 107.16 -65.90 -43.84
CA ALA FE 118 108.44 -66.17 -44.45
C ALA FE 118 108.68 -65.40 -45.74
N SER FE 119 107.64 -65.02 -46.46
CA SER FE 119 107.82 -64.49 -47.80
C SER FE 119 108.42 -63.08 -47.75
N PRO FE 120 109.01 -62.62 -48.86
CA PRO FE 120 109.70 -61.32 -48.83
C PRO FE 120 108.81 -60.16 -48.43
N LEU FE 121 107.53 -60.20 -48.81
CA LEU FE 121 106.64 -59.09 -48.51
C LEU FE 121 106.63 -58.78 -47.03
N LEU FE 122 106.13 -59.73 -46.23
CA LEU FE 122 106.05 -59.48 -44.81
C LEU FE 122 107.41 -59.22 -44.21
N ILE FE 123 108.47 -59.78 -44.80
CA ILE FE 123 109.81 -59.53 -44.28
C ILE FE 123 110.10 -58.04 -44.25
N ASP FE 124 109.88 -57.36 -45.37
CA ASP FE 124 110.14 -55.93 -45.40
C ASP FE 124 109.07 -55.16 -44.66
N ALA FE 125 107.86 -55.69 -44.62
CA ALA FE 125 106.77 -55.02 -43.92
C ALA FE 125 107.05 -54.95 -42.42
N ILE FE 126 107.73 -55.94 -41.88
CA ILE FE 126 107.93 -56.02 -40.45
C ILE FE 126 109.33 -55.51 -40.12
N ASP FE 127 110.34 -56.16 -40.70
CA ASP FE 127 111.74 -55.81 -40.43
C ASP FE 127 112.00 -54.33 -40.68
N GLN FE 128 111.87 -53.93 -41.94
CA GLN FE 128 112.12 -52.55 -42.32
C GLN FE 128 110.95 -51.64 -42.01
N LEU FE 129 109.81 -52.17 -41.60
CA LEU FE 129 108.61 -51.37 -41.43
C LEU FE 129 108.32 -50.57 -42.69
N ASN FE 130 108.58 -51.17 -43.84
CA ASN FE 130 108.30 -50.54 -45.11
C ASN FE 130 106.84 -50.70 -45.45
N PRO FE 131 106.10 -49.63 -45.71
CA PRO FE 131 104.68 -49.80 -46.05
C PRO FE 131 104.55 -50.66 -47.29
N ALA FE 132 103.56 -51.55 -47.27
CA ALA FE 132 103.33 -52.41 -48.41
C ALA FE 132 103.07 -51.53 -49.63
N TYR FE 133 104.04 -51.48 -50.54
CA TYR FE 133 104.03 -50.52 -51.63
C TYR FE 133 105.16 -50.72 -52.62
N ALA GE 2 91.60 -84.50 -10.48
CA ALA GE 2 91.47 -85.30 -11.73
C ALA GE 2 92.07 -84.58 -12.92
N LYS GE 3 93.38 -84.70 -13.10
CA LYS GE 3 94.02 -83.99 -14.19
C LYS GE 3 93.53 -84.50 -15.53
N LEU GE 4 93.34 -83.57 -16.46
CA LEU GE 4 92.82 -83.91 -17.79
C LEU GE 4 93.93 -84.55 -18.61
N GLU GE 5 93.60 -85.65 -19.29
CA GLU GE 5 94.56 -86.33 -20.14
C GLU GE 5 93.80 -86.99 -21.28
N THR GE 6 94.56 -87.45 -22.27
CA THR GE 6 93.97 -88.17 -23.40
C THR GE 6 93.27 -89.42 -22.93
N VAL GE 7 91.95 -89.47 -23.12
CA VAL GE 7 91.16 -90.61 -22.65
C VAL GE 7 90.98 -91.57 -23.82
N THR GE 8 91.51 -92.77 -23.68
CA THR GE 8 91.41 -93.80 -24.72
C THR GE 8 90.57 -94.94 -24.15
N LEU GE 9 89.38 -95.12 -24.69
CA LEU GE 9 88.40 -96.02 -24.09
C LEU GE 9 88.11 -97.10 -25.13
N GLY GE 10 88.31 -98.36 -24.75
CA GLY GE 10 88.24 -99.47 -25.66
C GLY GE 10 87.19 -100.50 -25.28
N ASN GE 11 86.98 -101.45 -26.18
CA ASN GE 11 86.00 -102.52 -26.00
C ASN GE 11 84.61 -101.93 -25.80
N ILE GE 12 84.14 -101.27 -26.86
CA ILE GE 12 82.99 -100.39 -26.82
C ILE GE 12 81.97 -100.92 -27.81
N GLY GE 13 80.70 -100.59 -27.56
CA GLY GE 13 79.65 -100.74 -28.56
C GLY GE 13 78.88 -102.04 -28.43
N LYS GE 14 78.14 -102.33 -29.50
CA LYS GE 14 77.36 -103.56 -29.57
C LYS GE 14 78.24 -104.78 -29.36
N ASP GE 15 79.31 -104.88 -30.14
CA ASP GE 15 80.21 -106.02 -30.12
C ASP GE 15 81.44 -105.78 -29.24
N GLY GE 16 81.59 -104.59 -28.67
CA GLY GE 16 82.69 -104.32 -27.76
C GLY GE 16 84.06 -104.41 -28.40
N LYS GE 17 84.23 -103.79 -29.56
CA LYS GE 17 85.51 -103.84 -30.25
C LYS GE 17 86.01 -102.49 -30.72
N GLN GE 18 85.21 -101.43 -30.66
CA GLN GE 18 85.68 -100.17 -31.19
C GLN GE 18 86.43 -99.40 -30.10
N THR GE 19 87.01 -98.28 -30.49
CA THR GE 19 87.85 -97.47 -29.60
C THR GE 19 87.58 -95.99 -29.83
N LEU GE 20 87.59 -95.22 -28.74
CA LEU GE 20 87.29 -93.80 -28.83
C LEU GE 20 88.32 -93.03 -28.03
N VAL GE 21 88.90 -92.01 -28.64
CA VAL GE 21 89.97 -91.21 -28.04
C VAL GE 21 89.43 -89.79 -27.87
N LEU GE 22 89.07 -89.45 -26.65
CA LEU GE 22 88.61 -88.11 -26.30
C LEU GE 22 89.81 -87.27 -25.87
N ASN GE 23 89.95 -86.14 -26.44
CA ASN GE 23 91.04 -85.25 -26.07
C ASN GE 23 90.53 -84.13 -25.18
N PRO GE 24 91.43 -83.52 -24.42
CA PRO GE 24 91.01 -82.47 -23.48
C PRO GE 24 90.54 -81.22 -24.19
N ARG GE 25 89.57 -80.54 -23.57
CA ARG GE 25 89.10 -79.25 -24.06
C ARG GE 25 89.10 -78.19 -22.97
N GLY GE 26 89.84 -78.42 -21.89
CA GLY GE 26 89.91 -77.44 -20.84
C GLY GE 26 88.64 -77.40 -20.02
N VAL GE 27 88.50 -76.32 -19.26
CA VAL GE 27 87.38 -76.13 -18.36
C VAL GE 27 86.75 -74.78 -18.65
N ASN GE 28 85.44 -74.75 -18.68
CA ASN GE 28 84.75 -73.47 -18.68
C ASN GE 28 85.09 -72.73 -17.40
N PRO GE 29 85.51 -71.47 -17.48
CA PRO GE 29 85.84 -70.74 -16.25
C PRO GE 29 84.62 -70.22 -15.51
N THR GE 30 83.45 -70.22 -16.15
CA THR GE 30 82.23 -69.71 -15.53
C THR GE 30 81.59 -70.75 -14.62
N ASN GE 31 81.22 -71.90 -15.17
CA ASN GE 31 80.65 -72.97 -14.36
C ASN GE 31 81.67 -74.00 -13.94
N GLY GE 32 82.91 -73.88 -14.42
CA GLY GE 32 83.96 -74.79 -14.01
C GLY GE 32 83.62 -76.23 -14.30
N VAL GE 33 83.56 -76.59 -15.57
CA VAL GE 33 83.24 -77.95 -15.99
C VAL GE 33 84.23 -78.35 -17.06
N ALA GE 34 84.83 -79.53 -16.91
CA ALA GE 34 85.80 -79.99 -17.87
C ALA GE 34 85.11 -80.67 -19.04
N SER GE 35 85.71 -80.57 -20.23
CA SER GE 35 85.15 -81.15 -21.44
C SER GE 35 86.23 -81.90 -22.21
N LEU GE 36 85.83 -82.99 -22.84
CA LEU GE 36 86.68 -83.74 -23.76
C LEU GE 36 85.92 -84.08 -25.02
N SER GE 37 86.68 -84.26 -26.10
CA SER GE 37 86.09 -84.46 -27.41
C SER GE 37 86.90 -85.49 -28.18
N GLN GE 38 86.19 -86.24 -29.02
CA GLN GE 38 86.81 -87.15 -29.97
C GLN GE 38 87.58 -86.37 -31.02
N ALA GE 39 88.68 -86.96 -31.49
CA ALA GE 39 89.48 -86.33 -32.52
C ALA GE 39 88.87 -86.59 -33.89
N GLY GE 40 88.75 -85.53 -34.69
CA GLY GE 40 88.22 -85.67 -36.02
C GLY GE 40 88.27 -84.36 -36.78
N ALA GE 41 87.60 -84.34 -37.93
CA ALA GE 41 87.68 -83.22 -38.86
C ALA GE 41 86.67 -82.12 -38.55
N VAL GE 42 85.42 -82.49 -38.31
CA VAL GE 42 84.34 -81.53 -38.19
C VAL GE 42 84.05 -81.34 -36.70
N PRO GE 43 84.34 -80.18 -36.12
CA PRO GE 43 84.06 -79.99 -34.70
C PRO GE 43 82.61 -80.24 -34.34
N ALA GE 44 81.68 -79.97 -35.25
CA ALA GE 44 80.29 -80.23 -34.98
C ALA GE 44 79.95 -81.70 -34.96
N LEU GE 45 80.87 -82.57 -35.40
CA LEU GE 45 80.60 -84.00 -35.52
C LEU GE 45 81.49 -84.86 -34.64
N GLU GE 46 81.87 -84.37 -33.46
CA GLU GE 46 82.74 -85.12 -32.58
C GLU GE 46 82.07 -85.42 -31.25
N LYS GE 47 82.19 -86.67 -30.83
CA LYS GE 47 81.57 -87.14 -29.61
C LYS GE 47 82.19 -86.43 -28.41
N ARG GE 48 81.35 -85.84 -27.58
CA ARG GE 48 81.78 -84.99 -26.49
C ARG GE 48 81.39 -85.60 -25.15
N VAL GE 49 82.15 -85.23 -24.13
CA VAL GE 49 81.90 -85.64 -22.75
C VAL GE 49 82.21 -84.48 -21.83
N THR GE 50 81.45 -84.39 -20.75
CA THR GE 50 81.65 -83.36 -19.74
C THR GE 50 81.83 -84.01 -18.37
N VAL GE 51 82.54 -83.31 -17.50
CA VAL GE 51 82.70 -83.74 -16.12
C VAL GE 51 82.58 -82.52 -15.22
N SER GE 52 81.74 -82.61 -14.19
CA SER GE 52 81.53 -81.53 -13.25
C SER GE 52 81.60 -82.06 -11.84
N VAL GE 53 82.24 -81.30 -10.95
CA VAL GE 53 82.26 -81.66 -9.55
C VAL GE 53 81.91 -80.44 -8.70
N SER GE 54 80.62 -80.23 -8.47
CA SER GE 54 80.19 -79.07 -7.73
C SER GE 54 80.63 -79.17 -6.28
N GLN GE 55 81.03 -78.04 -5.73
CA GLN GE 55 81.43 -78.00 -4.33
C GLN GE 55 80.19 -77.85 -3.46
N PRO GE 56 80.28 -78.22 -2.19
CA PRO GE 56 79.08 -78.22 -1.34
C PRO GE 56 78.40 -76.86 -1.26
N SER GE 57 77.07 -76.89 -1.28
CA SER GE 57 76.27 -75.68 -1.25
C SER GE 57 76.16 -75.17 0.18
N ARG GE 58 75.23 -74.25 0.42
CA ARG GE 58 75.01 -73.71 1.74
C ARG GE 58 73.78 -74.33 2.37
N ASN GE 59 73.81 -74.46 3.70
CA ASN GE 59 72.68 -74.88 4.53
C ASN GE 59 72.35 -76.36 4.35
N ARG GE 60 72.90 -77.00 3.32
CA ARG GE 60 72.79 -78.44 3.17
C ARG GE 60 74.11 -79.06 2.73
N LYS GE 61 74.92 -78.31 2.01
CA LYS GE 61 76.21 -78.70 1.45
C LYS GE 61 76.10 -79.66 0.28
N ASN GE 62 74.98 -80.34 0.07
CA ASN GE 62 74.64 -80.82 -1.26
C ASN GE 62 75.81 -81.25 -2.15
N TYR GE 63 76.68 -82.18 -1.73
CA TYR GE 63 77.82 -82.50 -2.60
C TYR GE 63 77.33 -83.18 -3.88
N LYS GE 64 77.95 -82.84 -5.02
CA LYS GE 64 77.34 -83.13 -6.31
C LYS GE 64 78.38 -83.37 -7.40
N VAL GE 65 78.03 -84.22 -8.38
CA VAL GE 65 78.88 -84.51 -9.53
C VAL GE 65 77.99 -84.81 -10.74
N GLN GE 66 78.43 -84.38 -11.92
CA GLN GE 66 77.68 -84.56 -13.16
C GLN GE 66 78.59 -85.07 -14.27
N VAL GE 67 78.02 -85.86 -15.18
CA VAL GE 67 78.72 -86.35 -16.35
C VAL GE 67 77.72 -86.42 -17.49
N LYS GE 68 77.92 -85.62 -18.53
CA LYS GE 68 77.06 -85.61 -19.70
C LYS GE 68 77.88 -85.98 -20.93
N ILE GE 69 77.43 -87.00 -21.65
CA ILE GE 69 78.13 -87.54 -22.81
C ILE GE 69 77.24 -87.36 -24.03
N GLN GE 70 77.84 -86.96 -25.14
CA GLN GE 70 77.13 -86.57 -26.34
C GLN GE 70 77.69 -87.31 -27.54
N ASN GE 71 76.82 -87.71 -28.46
CA ASN GE 71 77.23 -88.42 -29.66
C ASN GE 71 76.39 -87.95 -30.83
N PRO GE 72 76.95 -87.14 -31.73
CA PRO GE 72 76.19 -86.62 -32.86
C PRO GE 72 76.37 -87.48 -34.10
N THR GE 73 75.32 -87.53 -34.91
CA THR GE 73 75.38 -88.18 -36.21
C THR GE 73 74.65 -87.30 -37.21
N ALA GE 74 75.36 -86.93 -38.28
CA ALA GE 74 74.83 -86.09 -39.33
C ALA GE 74 74.53 -86.94 -40.56
N CYS GE 75 74.04 -86.28 -41.60
CA CYS GE 75 73.76 -86.95 -42.87
C CYS GE 75 73.74 -85.89 -43.96
N THR GE 76 74.70 -85.96 -44.87
CA THR GE 76 74.79 -84.97 -45.94
C THR GE 76 73.56 -85.03 -46.83
N ALA GE 77 72.74 -83.99 -46.77
CA ALA GE 77 71.62 -83.86 -47.69
C ALA GE 77 72.13 -83.48 -49.08
N ASN GE 78 71.39 -83.91 -50.10
CA ASN GE 78 71.81 -83.62 -51.46
C ASN GE 78 71.66 -82.13 -51.75
N GLY GE 79 72.70 -81.56 -52.36
CA GLY GE 79 72.76 -80.13 -52.60
C GLY GE 79 73.33 -79.33 -51.46
N SER GE 80 73.52 -79.96 -50.30
CA SER GE 80 74.09 -79.31 -49.14
C SER GE 80 75.53 -79.76 -48.96
N CYS GE 81 76.45 -78.80 -48.98
CA CYS GE 81 77.85 -79.10 -48.75
C CYS GE 81 78.24 -78.97 -47.28
N ASP GE 82 77.30 -79.25 -46.37
CA ASP GE 82 77.55 -79.22 -44.94
C ASP GE 82 76.74 -80.36 -44.32
N PRO GE 83 77.36 -81.49 -43.92
CA PRO GE 83 76.55 -82.53 -43.27
C PRO GE 83 76.02 -82.13 -41.90
N SER GE 84 74.92 -81.41 -41.91
CA SER GE 84 74.34 -80.89 -40.68
C SER GE 84 73.97 -82.03 -39.75
N VAL GE 85 74.16 -81.79 -38.46
CA VAL GE 85 73.85 -82.81 -37.46
C VAL GE 85 72.34 -83.05 -37.46
N THR GE 86 71.96 -84.27 -37.80
CA THR GE 86 70.57 -84.67 -37.93
C THR GE 86 70.07 -85.46 -36.73
N ARG GE 87 70.99 -85.95 -35.91
CA ARG GE 87 70.65 -86.85 -34.82
C ARG GE 87 71.67 -86.64 -33.72
N GLN GE 88 71.23 -86.76 -32.47
CA GLN GE 88 72.17 -86.74 -31.35
C GLN GE 88 71.68 -87.66 -30.26
N ALA GE 89 72.64 -88.33 -29.62
CA ALA GE 89 72.40 -89.16 -28.46
C ALA GE 89 72.99 -88.47 -27.25
N TYR GE 90 72.26 -88.46 -26.15
CA TYR GE 90 72.71 -87.85 -24.92
C TYR GE 90 72.66 -88.86 -23.79
N ALA GE 91 73.59 -88.72 -22.84
CA ALA GE 91 73.64 -89.56 -21.66
C ALA GE 91 74.00 -88.70 -20.47
N ASP GE 92 73.07 -88.52 -19.54
CA ASP GE 92 73.30 -87.75 -18.32
C ASP GE 92 73.47 -88.68 -17.14
N VAL GE 93 74.41 -88.34 -16.26
CA VAL GE 93 74.66 -89.06 -15.02
C VAL GE 93 74.85 -88.02 -13.93
N THR GE 94 74.18 -88.22 -12.79
CA THR GE 94 74.16 -87.22 -11.72
C THR GE 94 74.30 -87.94 -10.39
N PHE GE 95 75.43 -87.74 -9.71
CA PHE GE 95 75.65 -88.32 -8.40
C PHE GE 95 75.51 -87.23 -7.34
N SER GE 96 74.76 -87.54 -6.28
CA SER GE 96 74.53 -86.63 -5.17
C SER GE 96 74.98 -87.31 -3.88
N PHE GE 97 75.92 -86.68 -3.17
CA PHE GE 97 76.50 -87.23 -1.97
C PHE GE 97 76.36 -86.24 -0.82
N THR GE 98 76.41 -86.80 0.39
CA THR GE 98 76.37 -86.05 1.62
C THR GE 98 77.76 -85.54 1.98
N GLN GE 99 77.79 -84.53 2.86
CA GLN GE 99 79.06 -83.97 3.29
C GLN GE 99 79.91 -84.95 4.09
N TYR GE 100 79.34 -86.05 4.58
CA TYR GE 100 80.10 -87.05 5.33
C TYR GE 100 80.16 -88.39 4.62
N SER GE 101 79.82 -88.44 3.34
CA SER GE 101 79.98 -89.68 2.60
C SER GE 101 81.43 -90.14 2.68
N THR GE 102 81.67 -91.36 2.23
CA THR GE 102 83.01 -91.93 2.22
C THR GE 102 83.37 -92.41 0.82
N ASP GE 103 84.67 -92.42 0.56
CA ASP GE 103 85.14 -92.83 -0.76
C ASP GE 103 84.77 -94.27 -1.05
N GLU GE 104 84.70 -95.12 -0.03
CA GLU GE 104 84.34 -96.50 -0.29
C GLU GE 104 82.90 -96.61 -0.78
N GLU GE 105 81.97 -95.90 -0.14
CA GLU GE 105 80.60 -95.88 -0.62
C GLU GE 105 80.51 -95.28 -2.02
N ARG GE 106 81.29 -94.24 -2.30
CA ARG GE 106 81.22 -93.60 -3.62
C ARG GE 106 81.75 -94.52 -4.72
N ALA GE 107 82.88 -95.20 -4.47
CA ALA GE 107 83.37 -96.19 -5.42
C ALA GE 107 82.40 -97.34 -5.57
N PHE GE 108 81.76 -97.75 -4.48
CA PHE GE 108 80.73 -98.78 -4.56
C PHE GE 108 79.60 -98.34 -5.48
N VAL GE 109 79.12 -97.11 -5.31
CA VAL GE 109 78.01 -96.63 -6.15
C VAL GE 109 78.45 -96.57 -7.61
N ARG GE 110 79.66 -96.07 -7.87
CA ARG GE 110 80.13 -95.97 -9.24
C ARG GE 110 80.21 -97.34 -9.89
N THR GE 111 80.86 -98.28 -9.23
CA THR GE 111 81.03 -99.59 -9.83
C THR GE 111 79.70 -100.33 -9.92
N GLU GE 112 78.75 -100.02 -9.03
CA GLU GE 112 77.40 -100.56 -9.16
C GLU GE 112 76.75 -100.06 -10.43
N LEU GE 113 76.90 -98.77 -10.72
CA LEU GE 113 76.36 -98.23 -11.96
C LEU GE 113 77.04 -98.86 -13.17
N ALA GE 114 78.36 -99.06 -13.08
CA ALA GE 114 79.09 -99.70 -14.18
C ALA GE 114 78.58 -101.11 -14.43
N ALA GE 115 78.42 -101.89 -13.37
CA ALA GE 115 77.94 -103.26 -13.53
C ALA GE 115 76.51 -103.29 -14.03
N LEU GE 116 75.65 -102.39 -13.55
CA LEU GE 116 74.29 -102.33 -14.08
C LEU GE 116 74.31 -102.01 -15.57
N LEU GE 117 75.19 -101.10 -15.98
CA LEU GE 117 75.38 -100.78 -17.39
C LEU GE 117 75.83 -101.98 -18.19
N ALA GE 118 76.64 -102.85 -17.60
CA ALA GE 118 77.04 -104.09 -18.24
C ALA GE 118 75.98 -105.17 -18.22
N SER GE 119 75.01 -105.07 -17.31
CA SER GE 119 74.05 -106.15 -17.07
C SER GE 119 73.02 -106.27 -18.20
N PRO GE 120 72.51 -107.49 -18.44
CA PRO GE 120 71.53 -107.65 -19.51
C PRO GE 120 70.27 -106.82 -19.32
N LEU GE 121 69.91 -106.46 -18.09
CA LEU GE 121 68.70 -105.68 -17.86
C LEU GE 121 68.80 -104.34 -18.60
N LEU GE 122 69.74 -103.49 -18.21
CA LEU GE 122 69.87 -102.22 -18.90
C LEU GE 122 70.30 -102.41 -20.34
N ILE GE 123 71.01 -103.50 -20.66
CA ILE GE 123 71.30 -103.80 -22.07
C ILE GE 123 70.03 -103.74 -22.89
N ASP GE 124 69.04 -104.55 -22.55
CA ASP GE 124 67.84 -104.59 -23.37
C ASP GE 124 66.88 -103.45 -23.07
N ALA GE 125 67.07 -102.73 -21.95
CA ALA GE 125 66.23 -101.57 -21.69
C ALA GE 125 66.68 -100.34 -22.45
N ILE GE 126 67.97 -100.27 -22.81
CA ILE GE 126 68.52 -99.16 -23.60
C ILE GE 126 68.73 -99.57 -25.05
N ASP GE 127 69.60 -100.55 -25.29
CA ASP GE 127 69.91 -100.94 -26.66
C ASP GE 127 68.64 -101.22 -27.45
N GLN GE 128 67.69 -101.90 -26.84
CA GLN GE 128 66.49 -102.34 -27.54
C GLN GE 128 65.24 -101.60 -27.10
N LEU GE 129 65.35 -100.71 -26.12
CA LEU GE 129 64.25 -99.84 -25.74
C LEU GE 129 63.11 -100.65 -25.12
N ASN GE 130 63.47 -101.60 -24.26
CA ASN GE 130 62.50 -102.53 -23.72
C ASN GE 130 62.13 -102.14 -22.31
N PRO GE 131 60.92 -101.68 -22.05
CA PRO GE 131 60.50 -101.40 -20.68
C PRO GE 131 60.66 -102.63 -19.79
N ALA GE 132 61.10 -102.40 -18.56
CA ALA GE 132 61.44 -103.49 -17.65
C ALA GE 132 60.20 -103.98 -16.91
N TYR GE 133 59.98 -105.30 -16.96
CA TYR GE 133 58.91 -105.96 -16.21
C TYR GE 133 59.10 -107.47 -16.25
N ALA HE 2 18.03 -119.02 -52.01
CA ALA HE 2 16.91 -118.26 -52.63
C ALA HE 2 17.39 -117.47 -53.83
N LYS HE 3 17.93 -118.18 -54.82
CA LYS HE 3 18.43 -117.54 -56.01
C LYS HE 3 17.28 -116.93 -56.80
N LEU HE 4 17.57 -115.82 -57.47
CA LEU HE 4 16.58 -115.07 -58.22
C LEU HE 4 16.64 -115.49 -59.69
N GLU HE 5 15.53 -115.99 -60.20
CA GLU HE 5 15.43 -116.39 -61.61
C GLU HE 5 13.99 -116.21 -62.03
N THR HE 6 13.72 -116.49 -63.29
CA THR HE 6 12.35 -116.41 -63.79
C THR HE 6 11.55 -117.58 -63.25
N VAL HE 7 10.34 -117.30 -62.77
CA VAL HE 7 9.46 -118.28 -62.19
C VAL HE 7 8.20 -118.36 -63.03
N THR HE 8 7.83 -119.56 -63.42
CA THR HE 8 6.67 -119.81 -64.29
C THR HE 8 5.58 -120.41 -63.43
N LEU HE 9 4.55 -119.63 -63.19
CA LEU HE 9 3.54 -119.96 -62.22
C LEU HE 9 2.33 -120.46 -63.00
N GLY HE 10 2.11 -121.76 -62.99
CA GLY HE 10 1.08 -122.36 -63.84
C GLY HE 10 -0.16 -122.73 -63.07
N ASN HE 11 -1.25 -122.97 -63.80
CA ASN HE 11 -2.51 -123.40 -63.20
C ASN HE 11 -3.02 -122.34 -62.22
N ILE HE 12 -3.41 -121.22 -62.79
CA ILE HE 12 -3.70 -119.98 -62.08
C ILE HE 12 -5.05 -119.44 -62.57
N GLY HE 13 -5.81 -118.85 -61.63
CA GLY HE 13 -7.15 -118.32 -61.91
C GLY HE 13 -8.26 -119.21 -61.37
N LYS HE 14 -9.51 -118.87 -61.73
CA LYS HE 14 -10.60 -119.81 -61.44
C LYS HE 14 -10.26 -121.20 -61.92
N ASP HE 15 -10.17 -121.36 -63.23
CA ASP HE 15 -10.02 -122.65 -63.87
C ASP HE 15 -8.62 -123.20 -63.72
N GLY HE 16 -7.68 -122.40 -63.24
CA GLY HE 16 -6.31 -122.85 -63.16
C GLY HE 16 -5.79 -123.20 -64.54
N LYS HE 17 -6.04 -122.32 -65.51
CA LYS HE 17 -5.58 -122.52 -66.88
C LYS HE 17 -4.59 -121.48 -67.36
N GLN HE 18 -4.59 -120.28 -66.79
CA GLN HE 18 -3.67 -119.25 -67.20
C GLN HE 18 -2.28 -119.56 -66.67
N THR HE 19 -1.30 -118.73 -67.01
CA THR HE 19 0.05 -118.86 -66.47
C THR HE 19 0.72 -117.49 -66.42
N LEU HE 20 1.60 -117.32 -65.44
CA LEU HE 20 2.31 -116.06 -65.24
C LEU HE 20 3.80 -116.30 -65.16
N VAL HE 21 4.56 -115.60 -66.00
CA VAL HE 21 6.01 -115.70 -66.00
C VAL HE 21 6.55 -114.43 -65.36
N LEU HE 22 7.31 -114.58 -64.28
CA LEU HE 22 7.84 -113.46 -63.54
C LEU HE 22 9.35 -113.48 -63.59
N ASN HE 23 9.91 -112.44 -64.11
CA ASN HE 23 11.33 -112.20 -64.30
C ASN HE 23 11.89 -111.39 -63.14
N PRO HE 24 13.12 -111.67 -62.72
CA PRO HE 24 13.72 -110.93 -61.61
C PRO HE 24 13.99 -109.47 -61.95
N ARG HE 25 14.20 -108.71 -60.88
CA ARG HE 25 14.56 -107.31 -60.95
C ARG HE 25 15.66 -107.05 -59.94
N GLY HE 26 15.90 -105.79 -59.60
CA GLY HE 26 17.00 -105.41 -58.72
C GLY HE 26 16.59 -105.45 -57.25
N VAL HE 27 17.54 -105.84 -56.40
CA VAL HE 27 17.28 -105.96 -54.97
C VAL HE 27 17.40 -104.59 -54.34
N ASN HE 28 16.33 -104.11 -53.73
CA ASN HE 28 16.35 -102.77 -53.16
C ASN HE 28 17.42 -102.69 -52.07
N PRO HE 29 18.53 -102.00 -52.32
CA PRO HE 29 19.55 -101.90 -51.26
C PRO HE 29 19.06 -101.19 -50.03
N THR HE 30 18.19 -100.18 -50.19
CA THR HE 30 17.79 -99.37 -49.06
C THR HE 30 17.06 -100.17 -47.99
N ASN HE 31 16.43 -101.27 -48.36
CA ASN HE 31 15.85 -102.13 -47.34
C ASN HE 31 15.97 -103.61 -47.67
N GLY HE 32 16.72 -103.99 -48.70
CA GLY HE 32 16.92 -105.39 -48.99
C GLY HE 32 15.63 -106.09 -49.40
N VAL HE 33 15.13 -105.75 -50.58
CA VAL HE 33 13.88 -106.30 -51.09
C VAL HE 33 14.13 -106.78 -52.51
N ALA HE 34 13.94 -108.07 -52.76
CA ALA HE 34 14.00 -108.57 -54.11
C ALA HE 34 12.63 -108.46 -54.77
N SER HE 35 12.64 -108.29 -56.09
CA SER HE 35 11.42 -107.99 -56.83
C SER HE 35 11.31 -108.88 -58.06
N LEU HE 36 10.10 -109.30 -58.35
CA LEU HE 36 9.74 -110.03 -59.55
C LEU HE 36 8.66 -109.25 -60.27
N SER HE 37 8.69 -109.33 -61.60
CA SER HE 37 7.70 -108.59 -62.38
C SER HE 37 7.31 -109.40 -63.61
N GLN HE 38 6.14 -109.06 -64.15
CA GLN HE 38 5.62 -109.73 -65.34
C GLN HE 38 6.70 -109.79 -66.42
N ALA HE 39 6.60 -110.76 -67.31
CA ALA HE 39 7.63 -110.91 -68.33
C ALA HE 39 7.81 -109.62 -69.12
N GLY HE 40 6.76 -108.83 -69.24
CA GLY HE 40 6.84 -107.54 -69.89
C GLY HE 40 5.95 -107.47 -71.12
N ALA HE 41 6.05 -106.35 -71.83
CA ALA HE 41 7.03 -105.30 -71.53
C ALA HE 41 6.57 -104.37 -70.42
N VAL HE 42 5.51 -103.60 -70.67
CA VAL HE 42 5.03 -102.66 -69.66
C VAL HE 42 4.56 -103.40 -68.42
N PRO HE 43 3.75 -104.45 -68.51
CA PRO HE 43 3.27 -105.11 -67.28
C PRO HE 43 4.37 -105.48 -66.30
N ALA HE 44 5.64 -105.46 -66.71
CA ALA HE 44 6.72 -105.57 -65.74
C ALA HE 44 6.80 -104.33 -64.85
N LEU HE 45 6.25 -103.20 -65.32
CA LEU HE 45 6.12 -102.01 -64.50
C LEU HE 45 4.73 -101.86 -63.90
N GLU HE 46 3.92 -102.93 -63.91
CA GLU HE 46 2.60 -102.92 -63.30
C GLU HE 46 2.42 -104.06 -62.30
N LYS HE 47 2.66 -105.31 -62.71
CA LYS HE 47 2.59 -106.43 -61.78
C LYS HE 47 3.89 -106.53 -60.98
N ARG HE 48 3.76 -106.76 -59.67
CA ARG HE 48 4.93 -106.77 -58.80
C ARG HE 48 4.79 -107.85 -57.73
N VAL HE 49 5.92 -108.46 -57.40
CA VAL HE 49 5.99 -109.46 -56.35
C VAL HE 49 7.28 -109.21 -55.57
N THR HE 50 7.16 -108.68 -54.36
CA THR HE 50 8.30 -108.31 -53.54
C THR HE 50 8.50 -109.31 -52.42
N VAL HE 51 9.75 -109.61 -52.11
CA VAL HE 51 10.08 -110.55 -51.05
C VAL HE 51 11.27 -110.02 -50.28
N SER HE 52 11.20 -110.10 -48.95
CA SER HE 52 12.32 -109.67 -48.12
C SER HE 52 12.37 -110.46 -46.84
N VAL HE 53 13.56 -110.47 -46.23
CA VAL HE 53 13.81 -111.18 -44.99
C VAL HE 53 14.60 -110.26 -44.08
N SER HE 54 14.08 -110.00 -42.89
CA SER HE 54 14.71 -109.09 -41.95
C SER HE 54 15.18 -109.85 -40.71
N GLN HE 55 16.39 -109.51 -40.27
CA GLN HE 55 17.20 -110.15 -39.24
C GLN HE 55 16.90 -109.49 -37.90
N PRO HE 56 17.34 -110.07 -36.78
CA PRO HE 56 17.20 -109.38 -35.47
C PRO HE 56 18.37 -108.47 -35.12
N SER HE 57 18.13 -107.31 -34.51
CA SER HE 57 19.14 -106.70 -33.63
C SER HE 57 18.57 -106.19 -32.32
N ARG HE 58 17.39 -105.54 -32.33
CA ARG HE 58 16.89 -104.93 -31.10
C ARG HE 58 15.37 -105.06 -30.83
N ASN HE 59 14.50 -105.25 -31.84
CA ASN HE 59 13.10 -105.50 -31.46
C ASN HE 59 12.18 -106.36 -32.33
N ARG HE 60 12.63 -106.97 -33.44
CA ARG HE 60 11.59 -107.46 -34.35
C ARG HE 60 10.81 -108.62 -33.74
N LYS HE 61 11.30 -109.86 -33.77
CA LYS HE 61 11.73 -110.60 -32.59
C LYS HE 61 12.72 -111.75 -32.86
N ASN HE 62 12.40 -112.79 -33.68
CA ASN HE 62 11.52 -112.92 -34.89
C ASN HE 62 12.06 -112.40 -36.21
N TYR HE 63 12.96 -113.19 -36.80
CA TYR HE 63 13.22 -113.08 -38.23
C TYR HE 63 11.88 -112.98 -38.96
N LYS HE 64 11.71 -111.95 -39.76
CA LYS HE 64 10.43 -111.75 -40.44
C LYS HE 64 10.62 -111.87 -41.94
N VAL HE 65 9.82 -112.71 -42.58
CA VAL HE 65 9.84 -112.84 -44.03
C VAL HE 65 8.54 -112.28 -44.55
N GLN HE 66 8.64 -111.26 -45.41
CA GLN HE 66 7.48 -110.59 -45.97
C GLN HE 66 7.41 -110.91 -47.45
N VAL HE 67 6.19 -111.16 -47.91
CA VAL HE 67 5.90 -111.46 -49.31
C VAL HE 67 4.72 -110.60 -49.72
N LYS HE 68 4.96 -109.61 -50.55
CA LYS HE 68 3.90 -108.73 -51.01
C LYS HE 68 3.67 -108.96 -52.49
N ILE HE 69 2.41 -108.89 -52.90
CA ILE HE 69 2.06 -108.96 -54.31
C ILE HE 69 1.11 -107.83 -54.65
N GLN HE 70 1.31 -107.24 -55.82
CA GLN HE 70 0.47 -106.17 -56.30
C GLN HE 70 0.14 -106.43 -57.75
N ASN HE 71 -1.16 -106.50 -58.04
CA ASN HE 71 -1.65 -106.55 -59.42
C ASN HE 71 -2.55 -105.35 -59.64
N PRO HE 72 -2.12 -104.36 -60.37
CA PRO HE 72 -3.03 -103.28 -60.74
C PRO HE 72 -3.67 -103.56 -62.09
N THR HE 73 -4.99 -103.51 -62.15
CA THR HE 73 -5.68 -103.62 -63.43
C THR HE 73 -5.94 -102.23 -63.98
N ALA HE 74 -5.67 -102.08 -65.27
CA ALA HE 74 -5.78 -100.81 -65.96
C ALA HE 74 -6.70 -100.97 -67.16
N CYS HE 75 -7.05 -99.84 -67.75
CA CYS HE 75 -7.90 -99.83 -68.93
C CYS HE 75 -7.56 -98.63 -69.78
N THR HE 76 -7.97 -98.71 -71.04
CA THR HE 76 -7.72 -97.69 -72.04
C THR HE 76 -9.03 -97.00 -72.35
N ALA HE 77 -9.14 -95.73 -71.97
CA ALA HE 77 -10.36 -94.98 -72.25
C ALA HE 77 -10.63 -94.98 -73.74
N ASN HE 78 -11.91 -94.94 -74.10
CA ASN HE 78 -12.25 -94.97 -75.50
C ASN HE 78 -11.81 -93.65 -76.13
N GLY HE 79 -10.57 -93.61 -76.57
CA GLY HE 79 -10.05 -92.42 -77.23
C GLY HE 79 -8.60 -92.12 -76.89
N SER HE 80 -8.14 -92.56 -75.72
CA SER HE 80 -6.76 -92.30 -75.32
C SER HE 80 -5.81 -93.29 -75.99
N CYS HE 81 -4.55 -93.28 -75.57
CA CYS HE 81 -3.60 -94.34 -75.92
C CYS HE 81 -3.09 -95.02 -74.65
N ASP HE 82 -2.69 -94.19 -73.71
CA ASP HE 82 -2.00 -94.67 -72.53
C ASP HE 82 -2.98 -95.35 -71.58
N PRO HE 83 -2.76 -96.62 -71.22
CA PRO HE 83 -3.68 -97.28 -70.28
C PRO HE 83 -3.48 -96.76 -68.87
N SER HE 84 -4.59 -96.42 -68.23
CA SER HE 84 -4.57 -95.88 -66.87
C SER HE 84 -5.04 -96.93 -65.88
N VAL HE 85 -4.37 -96.99 -64.75
CA VAL HE 85 -4.64 -97.99 -63.72
C VAL HE 85 -5.95 -97.62 -63.03
N THR HE 86 -6.95 -98.47 -63.15
CA THR HE 86 -8.25 -98.16 -62.59
C THR HE 86 -8.51 -98.91 -61.28
N ARG HE 87 -7.80 -100.00 -61.05
CA ARG HE 87 -8.04 -100.88 -59.92
C ARG HE 87 -6.70 -101.42 -59.44
N GLN HE 88 -6.59 -101.72 -58.16
CA GLN HE 88 -5.34 -102.27 -57.64
C GLN HE 88 -5.66 -103.27 -56.56
N ALA HE 89 -5.34 -104.53 -56.79
CA ALA HE 89 -5.41 -105.55 -55.75
C ALA HE 89 -4.01 -105.81 -55.24
N TYR HE 90 -3.90 -106.11 -53.96
CA TYR HE 90 -2.61 -106.52 -53.46
C TYR HE 90 -2.77 -107.22 -52.13
N ALA HE 91 -1.80 -108.06 -51.83
CA ALA HE 91 -1.83 -108.95 -50.69
C ALA HE 91 -0.45 -108.99 -50.06
N ASP HE 92 -0.42 -109.40 -48.79
CA ASP HE 92 0.81 -109.36 -48.01
C ASP HE 92 0.82 -110.50 -47.01
N VAL HE 93 1.91 -111.26 -47.04
CA VAL HE 93 2.13 -112.37 -46.13
C VAL HE 93 3.33 -112.03 -45.26
N THR HE 94 3.26 -112.39 -43.99
CA THR HE 94 4.35 -112.12 -43.05
C THR HE 94 4.52 -113.33 -42.15
N PHE HE 95 5.58 -114.11 -42.40
CA PHE HE 95 5.98 -115.16 -41.47
C PHE HE 95 6.92 -114.59 -40.43
N SER HE 96 6.60 -114.87 -39.18
CA SER HE 96 7.46 -114.52 -38.05
C SER HE 96 8.03 -115.81 -37.49
N PHE HE 97 9.35 -115.97 -37.61
CA PHE HE 97 10.04 -117.15 -37.12
C PHE HE 97 11.00 -116.75 -36.02
N THR HE 98 10.86 -117.39 -34.86
CA THR HE 98 11.82 -117.19 -33.81
C THR HE 98 13.19 -117.71 -34.23
N GLN HE 99 14.19 -117.36 -33.45
CA GLN HE 99 15.56 -117.75 -33.76
C GLN HE 99 15.73 -119.26 -33.66
N TYR HE 100 14.92 -119.91 -32.83
CA TYR HE 100 15.02 -121.36 -32.64
C TYR HE 100 14.03 -122.14 -33.50
N SER HE 101 13.36 -121.49 -34.43
CA SER HE 101 12.48 -122.22 -35.32
C SER HE 101 13.26 -123.30 -36.05
N THR HE 102 12.53 -124.26 -36.62
CA THR HE 102 13.15 -125.37 -37.33
C THR HE 102 12.66 -125.39 -38.77
N ASP HE 103 13.58 -125.72 -39.67
CA ASP HE 103 13.22 -125.82 -41.08
C ASP HE 103 11.98 -126.67 -41.28
N GLU HE 104 11.89 -127.79 -40.56
CA GLU HE 104 10.75 -128.66 -40.68
C GLU HE 104 9.45 -127.89 -40.45
N GLU HE 105 9.38 -127.19 -39.33
CA GLU HE 105 8.13 -126.52 -38.97
C GLU HE 105 7.91 -125.30 -39.86
N ARG HE 106 8.98 -124.68 -40.34
CA ARG HE 106 8.83 -123.60 -41.31
C ARG HE 106 8.14 -124.11 -42.57
N ALA HE 107 8.66 -125.20 -43.13
CA ALA HE 107 8.02 -125.77 -44.32
C ALA HE 107 6.61 -126.24 -43.98
N PHE HE 108 6.42 -126.72 -42.77
CA PHE HE 108 5.11 -127.17 -42.35
C PHE HE 108 4.09 -126.04 -42.45
N VAL HE 109 4.38 -124.90 -41.84
CA VAL HE 109 3.47 -123.77 -41.94
C VAL HE 109 3.35 -123.32 -43.38
N ARG HE 110 4.45 -123.43 -44.13
CA ARG HE 110 4.43 -123.02 -45.52
C ARG HE 110 3.36 -123.77 -46.29
N THR HE 111 3.53 -125.07 -46.42
CA THR HE 111 2.55 -125.86 -47.15
C THR HE 111 1.18 -125.75 -46.49
N GLU HE 112 1.14 -125.49 -45.19
CA GLU HE 112 -0.15 -125.39 -44.52
C GLU HE 112 -0.94 -124.22 -45.07
N LEU HE 113 -0.29 -123.07 -45.14
CA LEU HE 113 -0.96 -121.90 -45.68
C LEU HE 113 -1.28 -122.13 -47.16
N ALA HE 114 -0.37 -122.80 -47.88
CA ALA HE 114 -0.68 -123.13 -49.26
C ALA HE 114 -1.99 -123.90 -49.36
N ALA HE 115 -2.11 -124.98 -48.58
CA ALA HE 115 -3.29 -125.82 -48.65
C ALA HE 115 -4.52 -125.06 -48.19
N LEU HE 116 -4.37 -124.19 -47.21
CA LEU HE 116 -5.50 -123.37 -46.80
C LEU HE 116 -5.97 -122.50 -47.96
N LEU HE 117 -5.02 -121.88 -48.65
CA LEU HE 117 -5.38 -121.09 -49.81
C LEU HE 117 -6.09 -121.94 -50.85
N ALA HE 118 -5.65 -123.18 -51.01
CA ALA HE 118 -6.25 -124.05 -52.00
C ALA HE 118 -7.60 -124.62 -51.58
N SER HE 119 -7.92 -124.64 -50.30
CA SER HE 119 -9.12 -125.34 -49.88
C SER HE 119 -10.37 -124.46 -50.02
N PRO HE 120 -11.53 -125.08 -50.23
CA PRO HE 120 -12.71 -124.30 -50.64
C PRO HE 120 -13.08 -123.18 -49.69
N LEU HE 121 -12.75 -123.29 -48.41
CA LEU HE 121 -13.16 -122.23 -47.49
C LEU HE 121 -12.51 -120.90 -47.87
N LEU HE 122 -11.18 -120.90 -48.06
CA LEU HE 122 -10.55 -119.66 -48.50
C LEU HE 122 -10.98 -119.30 -49.92
N ILE HE 123 -11.19 -120.31 -50.78
CA ILE HE 123 -11.75 -120.06 -52.10
C ILE HE 123 -12.96 -119.16 -51.99
N ASP HE 124 -13.94 -119.59 -51.20
CA ASP HE 124 -15.18 -118.85 -51.08
C ASP HE 124 -14.95 -117.52 -50.39
N ALA HE 125 -14.09 -117.51 -49.39
CA ALA HE 125 -13.84 -116.31 -48.61
C ALA HE 125 -13.18 -115.22 -49.42
N ILE HE 126 -12.44 -115.57 -50.46
CA ILE HE 126 -11.73 -114.55 -51.21
C ILE HE 126 -12.49 -114.25 -52.48
N ASP HE 127 -12.71 -115.29 -53.27
CA ASP HE 127 -13.30 -115.08 -54.58
C ASP HE 127 -14.60 -114.30 -54.45
N GLN HE 128 -15.51 -114.79 -53.61
CA GLN HE 128 -16.81 -114.17 -53.47
C GLN HE 128 -16.94 -113.33 -52.22
N LEU HE 129 -15.89 -113.27 -51.39
CA LEU HE 129 -15.90 -112.42 -50.19
C LEU HE 129 -16.97 -112.88 -49.22
N ASN HE 130 -17.26 -114.18 -49.22
CA ASN HE 130 -18.24 -114.73 -48.31
C ASN HE 130 -17.57 -115.06 -47.00
N PRO HE 131 -17.93 -114.42 -45.89
CA PRO HE 131 -17.36 -114.85 -44.61
C PRO HE 131 -17.92 -116.21 -44.24
N ALA HE 132 -17.18 -116.89 -43.38
CA ALA HE 132 -17.42 -118.31 -43.14
C ALA HE 132 -18.64 -118.48 -42.26
N TYR HE 133 -19.82 -118.60 -42.89
CA TYR HE 133 -21.11 -118.50 -42.21
C TYR HE 133 -22.11 -119.48 -42.79
N ALA IE 2 35.62 -112.59 -55.97
CA ALA IE 2 35.26 -112.94 -54.57
C ALA IE 2 33.89 -113.62 -54.51
N LYS IE 3 33.55 -114.35 -55.58
CA LYS IE 3 32.27 -115.03 -55.66
C LYS IE 3 32.05 -115.92 -54.45
N LEU IE 4 30.84 -115.84 -53.90
CA LEU IE 4 30.49 -116.68 -52.78
C LEU IE 4 30.51 -118.14 -53.21
N GLU IE 5 30.82 -119.02 -52.26
CA GLU IE 5 30.91 -120.44 -52.55
C GLU IE 5 31.21 -121.20 -51.26
N THR IE 6 30.96 -122.50 -51.28
CA THR IE 6 31.24 -123.37 -50.14
C THR IE 6 32.66 -123.23 -49.66
N VAL IE 7 32.85 -122.74 -48.44
CA VAL IE 7 34.17 -122.59 -47.86
C VAL IE 7 34.50 -123.86 -47.09
N THR IE 8 35.65 -124.47 -47.42
CA THR IE 8 36.07 -125.76 -46.87
C THR IE 8 37.31 -125.55 -46.01
N LEU IE 9 37.10 -125.30 -44.73
CA LEU IE 9 38.24 -125.13 -43.83
C LEU IE 9 38.75 -126.50 -43.43
N GLY IE 10 40.05 -126.73 -43.62
CA GLY IE 10 40.65 -128.03 -43.40
C GLY IE 10 40.88 -128.34 -41.93
N ASN IE 11 42.08 -128.83 -41.61
CA ASN IE 11 42.40 -129.15 -40.22
C ASN IE 11 42.19 -127.94 -39.33
N ILE IE 12 41.47 -128.13 -38.23
CA ILE IE 12 41.10 -127.05 -37.35
C ILE IE 12 40.98 -127.62 -35.94
N GLY IE 13 41.34 -126.82 -34.95
CA GLY IE 13 41.32 -127.23 -33.56
C GLY IE 13 42.72 -127.22 -32.96
N LYS IE 14 42.90 -128.06 -31.95
CA LYS IE 14 44.16 -128.11 -31.24
C LYS IE 14 45.06 -129.13 -31.90
N ASP IE 15 44.61 -130.37 -31.89
CA ASP IE 15 45.24 -131.44 -32.63
C ASP IE 15 45.19 -131.19 -34.12
N GLY IE 16 44.36 -130.26 -34.57
CA GLY IE 16 44.21 -130.01 -35.99
C GLY IE 16 43.71 -131.23 -36.72
N LYS IE 17 42.47 -131.63 -36.41
CA LYS IE 17 41.86 -132.77 -37.09
C LYS IE 17 40.44 -132.50 -37.55
N GLN IE 18 39.81 -131.41 -37.12
CA GLN IE 18 38.43 -131.11 -37.48
C GLN IE 18 38.39 -130.27 -38.75
N THR IE 19 37.28 -130.38 -39.47
CA THR IE 19 37.08 -129.62 -40.69
C THR IE 19 35.70 -129.01 -40.67
N LEU IE 20 35.56 -127.87 -41.33
CA LEU IE 20 34.33 -127.09 -41.31
C LEU IE 20 33.92 -126.73 -42.73
N VAL IE 21 32.62 -126.69 -42.96
CA VAL IE 21 32.07 -126.43 -44.28
C VAL IE 21 31.01 -125.35 -44.12
N LEU IE 22 31.32 -124.15 -44.61
CA LEU IE 22 30.40 -123.02 -44.56
C LEU IE 22 29.75 -122.86 -45.92
N ASN IE 23 28.43 -123.00 -45.97
CA ASN IE 23 27.72 -122.80 -47.23
C ASN IE 23 27.56 -121.32 -47.53
N PRO IE 24 27.39 -120.98 -48.80
CA PRO IE 24 27.16 -119.57 -49.18
C PRO IE 24 25.73 -119.18 -48.88
N ARG IE 25 25.56 -118.31 -47.89
CA ARG IE 25 24.23 -117.93 -47.45
C ARG IE 25 23.64 -116.83 -48.33
N GLY IE 26 24.26 -115.67 -48.32
CA GLY IE 26 23.73 -114.54 -49.06
C GLY IE 26 24.57 -113.33 -48.81
N VAL IE 27 24.06 -112.17 -49.20
CA VAL IE 27 24.78 -110.92 -48.99
C VAL IE 27 23.75 -109.86 -48.63
N ASN IE 28 23.84 -109.33 -47.40
CA ASN IE 28 22.99 -108.23 -46.97
C ASN IE 28 23.35 -106.96 -47.71
N PRO IE 29 22.41 -106.36 -48.45
CA PRO IE 29 22.70 -105.08 -49.12
C PRO IE 29 22.89 -103.93 -48.15
N THR IE 30 22.03 -103.87 -47.13
CA THR IE 30 21.92 -102.64 -46.35
C THR IE 30 23.26 -102.23 -45.77
N ASN IE 31 24.16 -103.17 -45.61
CA ASN IE 31 25.50 -102.86 -45.14
C ASN IE 31 26.57 -103.53 -46.00
N GLY IE 32 26.20 -104.14 -47.11
CA GLY IE 32 27.17 -104.81 -47.95
C GLY IE 32 27.97 -105.83 -47.19
N VAL IE 33 27.33 -106.92 -46.76
CA VAL IE 33 27.96 -107.91 -45.91
C VAL IE 33 27.60 -109.31 -46.40
N ALA IE 34 28.60 -110.05 -46.89
CA ALA IE 34 28.38 -111.42 -47.30
C ALA IE 34 28.46 -112.35 -46.10
N SER IE 35 27.57 -113.34 -46.05
CA SER IE 35 27.46 -114.22 -44.91
C SER IE 35 27.52 -115.67 -45.35
N LEU IE 36 28.22 -116.48 -44.56
CA LEU IE 36 28.30 -117.91 -44.74
C LEU IE 36 27.93 -118.58 -43.44
N SER IE 37 27.35 -119.78 -43.53
CA SER IE 37 26.86 -120.47 -42.35
C SER IE 37 27.10 -121.96 -42.50
N GLN IE 38 27.31 -122.62 -41.37
CA GLN IE 38 27.46 -124.07 -41.41
C GLN IE 38 26.14 -124.70 -41.81
N ALA IE 39 26.22 -125.92 -42.34
CA ALA IE 39 25.01 -126.64 -42.70
C ALA IE 39 24.26 -127.06 -41.44
N GLY IE 40 23.00 -126.61 -41.33
CA GLY IE 40 22.17 -126.97 -40.20
C GLY IE 40 20.72 -126.60 -40.46
N ALA IE 41 19.89 -126.58 -39.41
CA ALA IE 41 18.48 -126.28 -39.59
C ALA IE 41 18.04 -125.10 -38.73
N VAL IE 42 18.47 -125.06 -37.48
CA VAL IE 42 18.07 -123.98 -36.58
C VAL IE 42 19.15 -122.90 -36.62
N PRO IE 43 18.84 -121.69 -37.06
CA PRO IE 43 19.91 -120.70 -37.24
C PRO IE 43 20.67 -120.44 -35.97
N ALA IE 44 20.01 -120.48 -34.83
CA ALA IE 44 20.66 -120.14 -33.58
C ALA IE 44 21.72 -121.13 -33.17
N LEU IE 45 21.92 -122.20 -33.92
CA LEU IE 45 22.94 -123.19 -33.61
C LEU IE 45 23.76 -123.51 -34.84
N GLU IE 46 24.19 -122.47 -35.54
CA GLU IE 46 25.08 -122.63 -36.68
C GLU IE 46 26.28 -121.71 -36.51
N LYS IE 47 27.44 -122.18 -36.97
CA LYS IE 47 28.62 -121.33 -37.04
C LYS IE 47 28.40 -120.32 -38.15
N ARG IE 48 28.55 -119.04 -37.84
CA ARG IE 48 28.30 -117.98 -38.80
C ARG IE 48 29.57 -117.18 -39.05
N VAL IE 49 29.75 -116.76 -40.29
CA VAL IE 49 30.88 -115.93 -40.69
C VAL IE 49 30.37 -114.80 -41.57
N THR IE 50 30.89 -113.61 -41.35
CA THR IE 50 30.47 -112.44 -42.11
C THR IE 50 31.71 -111.70 -42.59
N VAL IE 51 31.70 -111.31 -43.85
CA VAL IE 51 32.80 -110.56 -44.45
C VAL IE 51 32.22 -109.36 -45.18
N SER IE 52 32.78 -108.18 -44.93
CA SER IE 52 32.35 -107.00 -45.62
C SER IE 52 33.53 -106.07 -45.87
N VAL IE 53 33.44 -105.30 -46.94
CA VAL IE 53 34.52 -104.44 -47.41
C VAL IE 53 33.93 -103.05 -47.60
N SER IE 54 34.27 -102.13 -46.71
CA SER IE 54 33.74 -100.79 -46.76
C SER IE 54 34.68 -99.90 -47.55
N GLN IE 55 34.13 -99.25 -48.57
CA GLN IE 55 34.84 -98.35 -49.44
C GLN IE 55 35.15 -97.04 -48.71
N PRO IE 56 36.25 -96.37 -49.06
CA PRO IE 56 36.52 -95.04 -48.48
C PRO IE 56 35.38 -94.07 -48.77
N SER IE 57 34.73 -93.63 -47.71
CA SER IE 57 33.63 -92.69 -47.79
C SER IE 57 34.13 -91.27 -47.51
N ARG IE 58 33.24 -90.29 -47.67
CA ARG IE 58 33.63 -88.90 -47.46
C ARG IE 58 34.20 -88.65 -46.07
N ASN IE 59 33.59 -89.20 -45.03
CA ASN IE 59 33.99 -88.92 -43.67
C ASN IE 59 35.08 -89.86 -43.18
N ARG IE 60 35.54 -90.77 -44.03
CA ARG IE 60 36.52 -91.75 -43.59
C ARG IE 60 37.77 -91.76 -44.47
N LYS IE 61 37.58 -91.83 -45.78
CA LYS IE 61 38.71 -91.91 -46.71
C LYS IE 61 39.67 -93.03 -46.31
N ASN IE 62 39.14 -94.25 -46.24
CA ASN IE 62 39.98 -95.39 -45.91
C ASN IE 62 39.23 -96.67 -46.21
N TYR IE 63 39.91 -97.64 -46.82
CA TYR IE 63 39.32 -98.95 -47.06
C TYR IE 63 39.30 -99.74 -45.76
N LYS IE 64 38.14 -100.32 -45.44
CA LYS IE 64 38.06 -101.28 -44.35
C LYS IE 64 37.67 -102.64 -44.87
N VAL IE 65 38.18 -103.67 -44.21
CA VAL IE 65 37.77 -105.04 -44.46
C VAL IE 65 37.54 -105.68 -43.10
N GLN IE 66 36.29 -105.95 -42.77
CA GLN IE 66 35.95 -106.51 -41.48
C GLN IE 66 35.39 -107.91 -41.65
N VAL IE 67 35.82 -108.79 -40.75
CA VAL IE 67 35.53 -110.22 -40.78
C VAL IE 67 35.09 -110.61 -39.39
N LYS IE 68 33.86 -111.10 -39.25
CA LYS IE 68 33.30 -111.49 -37.97
C LYS IE 68 33.00 -112.98 -37.98
N ILE IE 69 33.22 -113.63 -36.84
CA ILE IE 69 33.01 -115.06 -36.69
C ILE IE 69 32.23 -115.29 -35.41
N GLN IE 70 31.19 -116.12 -35.49
CA GLN IE 70 30.34 -116.43 -34.36
C GLN IE 70 30.19 -117.93 -34.25
N ASN IE 71 30.47 -118.47 -33.07
CA ASN IE 71 30.32 -119.90 -32.82
C ASN IE 71 29.51 -120.10 -31.54
N PRO IE 72 28.25 -120.50 -31.65
CA PRO IE 72 27.47 -120.79 -30.45
C PRO IE 72 27.61 -122.23 -29.99
N THR IE 73 27.22 -122.44 -28.74
CA THR IE 73 27.26 -123.73 -28.10
C THR IE 73 25.86 -124.32 -27.97
N ALA IE 74 25.78 -125.65 -28.13
CA ALA IE 74 24.49 -126.32 -28.13
C ALA IE 74 23.91 -126.41 -26.72
N CYS IE 75 24.67 -126.97 -25.80
CA CYS IE 75 24.20 -127.26 -24.43
C CYS IE 75 22.87 -128.02 -24.50
N THR IE 76 22.87 -129.09 -25.30
CA THR IE 76 21.69 -129.93 -25.46
C THR IE 76 21.27 -130.52 -24.12
N ALA IE 77 19.99 -130.36 -23.79
CA ALA IE 77 19.43 -130.87 -22.54
C ALA IE 77 18.88 -132.27 -22.71
N ASN IE 78 18.82 -133.01 -21.61
CA ASN IE 78 18.41 -134.41 -21.61
C ASN IE 78 16.89 -134.48 -21.84
N GLY IE 79 16.50 -134.21 -23.08
CA GLY IE 79 15.12 -134.14 -23.47
C GLY IE 79 14.60 -132.72 -23.37
N SER IE 80 13.29 -132.60 -23.30
CA SER IE 80 12.68 -131.42 -22.69
C SER IE 80 12.87 -130.15 -23.49
N CYS IE 81 13.69 -130.16 -24.55
CA CYS IE 81 13.40 -129.60 -25.87
C CYS IE 81 14.70 -129.51 -26.66
N ASP IE 82 14.61 -129.02 -27.90
CA ASP IE 82 15.81 -128.78 -28.69
C ASP IE 82 16.79 -127.94 -27.89
N PRO IE 83 18.07 -127.99 -28.24
CA PRO IE 83 19.09 -127.36 -27.41
C PRO IE 83 18.85 -125.86 -27.28
N SER IE 84 19.63 -125.24 -26.40
CA SER IE 84 19.56 -123.80 -26.18
C SER IE 84 20.95 -123.21 -26.18
N VAL IE 85 21.03 -121.95 -26.61
CA VAL IE 85 22.31 -121.28 -26.70
C VAL IE 85 22.70 -120.77 -25.32
N THR IE 86 23.79 -121.29 -24.79
CA THR IE 86 24.34 -120.85 -23.52
C THR IE 86 25.61 -120.04 -23.67
N ARG IE 87 26.33 -120.24 -24.76
CA ARG IE 87 27.67 -119.72 -24.94
C ARG IE 87 27.85 -119.28 -26.38
N GLN IE 88 28.53 -118.17 -26.58
CA GLN IE 88 28.77 -117.65 -27.92
C GLN IE 88 30.15 -117.05 -28.01
N ALA IE 89 31.01 -117.66 -28.83
CA ALA IE 89 32.36 -117.18 -29.06
C ALA IE 89 32.37 -116.21 -30.23
N TYR IE 90 32.89 -115.01 -29.98
CA TYR IE 90 33.02 -113.97 -30.99
C TYR IE 90 34.48 -113.83 -31.42
N ALA IE 91 34.67 -113.57 -32.70
CA ALA IE 91 35.95 -113.15 -33.24
C ALA IE 91 35.71 -112.03 -34.23
N ASP IE 92 36.56 -111.00 -34.19
CA ASP IE 92 36.38 -109.84 -35.05
C ASP IE 92 37.74 -109.33 -35.50
N VAL IE 93 37.94 -109.25 -36.80
CA VAL IE 93 39.14 -108.68 -37.39
C VAL IE 93 38.76 -107.53 -38.30
N THR IE 94 39.58 -106.48 -38.30
CA THR IE 94 39.29 -105.27 -39.08
C THR IE 94 40.58 -104.74 -39.68
N PHE IE 95 40.79 -105.02 -40.96
CA PHE IE 95 41.91 -104.45 -41.69
C PHE IE 95 41.59 -103.04 -42.15
N SER IE 96 42.53 -102.14 -41.92
CA SER IE 96 42.38 -100.73 -42.25
C SER IE 96 43.49 -100.32 -43.20
N PHE IE 97 43.10 -99.88 -44.39
CA PHE IE 97 44.02 -99.69 -45.51
C PHE IE 97 43.81 -98.31 -46.12
N THR IE 98 44.88 -97.77 -46.67
CA THR IE 98 44.87 -96.45 -47.25
C THR IE 98 44.56 -96.51 -48.73
N GLN IE 99 44.21 -95.36 -49.30
CA GLN IE 99 43.81 -95.33 -50.70
C GLN IE 99 44.97 -95.65 -51.61
N TYR IE 100 46.19 -95.33 -51.20
CA TYR IE 100 47.37 -95.65 -51.97
C TYR IE 100 48.05 -96.90 -51.47
N SER IE 101 47.40 -97.63 -50.56
CA SER IE 101 47.93 -98.88 -50.09
C SER IE 101 48.16 -99.79 -51.30
N THR IE 102 48.88 -100.88 -51.09
CA THR IE 102 49.21 -101.76 -52.21
C THR IE 102 49.00 -103.22 -51.83
N ASP IE 103 48.53 -103.99 -52.80
CA ASP IE 103 48.22 -105.41 -52.59
C ASP IE 103 49.36 -106.14 -51.93
N GLU IE 104 50.58 -105.77 -52.28
CA GLU IE 104 51.76 -106.40 -51.67
C GLU IE 104 51.63 -106.38 -50.16
N GLU IE 105 51.60 -105.19 -49.58
CA GLU IE 105 51.57 -105.11 -48.13
C GLU IE 105 50.23 -105.57 -47.58
N ARG IE 106 49.18 -105.50 -48.39
CA ARG IE 106 47.92 -106.03 -47.92
C ARG IE 106 48.06 -107.52 -47.62
N ALA IE 107 48.59 -108.28 -48.59
CA ALA IE 107 48.84 -109.70 -48.37
C ALA IE 107 49.86 -109.92 -47.27
N PHE IE 108 50.88 -109.07 -47.23
CA PHE IE 108 51.90 -109.15 -46.19
C PHE IE 108 51.26 -109.10 -44.80
N VAL IE 109 50.43 -108.09 -44.56
CA VAL IE 109 49.74 -107.96 -43.30
C VAL IE 109 48.88 -109.19 -43.04
N ARG IE 110 48.14 -109.61 -44.07
CA ARG IE 110 47.26 -110.76 -43.91
C ARG IE 110 48.02 -111.98 -43.42
N THR IE 111 49.00 -112.43 -44.20
CA THR IE 111 49.73 -113.62 -43.82
C THR IE 111 50.41 -113.45 -42.47
N GLU IE 112 50.82 -112.22 -42.16
CA GLU IE 112 51.45 -112.00 -40.88
C GLU IE 112 50.48 -112.31 -39.77
N LEU IE 113 49.25 -111.81 -39.92
CA LEU IE 113 48.22 -112.11 -38.92
C LEU IE 113 47.94 -113.59 -38.84
N ALA IE 114 47.88 -114.26 -40.00
CA ALA IE 114 47.61 -115.69 -39.99
C ALA IE 114 48.65 -116.46 -39.20
N ALA IE 115 49.92 -116.23 -39.51
CA ALA IE 115 50.91 -117.08 -38.89
C ALA IE 115 51.20 -116.63 -37.46
N LEU IE 116 50.84 -115.40 -37.09
CA LEU IE 116 50.78 -115.12 -35.65
C LEU IE 116 49.64 -115.90 -35.00
N LEU IE 117 48.51 -116.01 -35.66
CA LEU IE 117 47.45 -116.87 -35.14
C LEU IE 117 47.95 -118.29 -34.97
N ALA IE 118 48.97 -118.66 -35.73
CA ALA IE 118 49.64 -119.96 -35.58
C ALA IE 118 50.73 -119.98 -34.51
N SER IE 119 51.31 -118.84 -34.18
CA SER IE 119 52.48 -118.79 -33.31
C SER IE 119 52.18 -119.34 -31.92
N PRO IE 120 53.20 -119.83 -31.23
CA PRO IE 120 53.00 -120.25 -29.83
C PRO IE 120 52.48 -119.15 -28.93
N LEU IE 121 52.83 -117.89 -29.19
CA LEU IE 121 52.38 -116.81 -28.33
C LEU IE 121 50.86 -116.76 -28.28
N LEU IE 122 50.23 -116.45 -29.41
CA LEU IE 122 48.79 -116.35 -29.39
C LEU IE 122 48.17 -117.68 -29.01
N ILE IE 123 48.87 -118.78 -29.26
CA ILE IE 123 48.35 -120.09 -28.88
C ILE IE 123 47.91 -120.09 -27.43
N ASP IE 124 48.85 -119.89 -26.51
CA ASP IE 124 48.47 -119.95 -25.10
C ASP IE 124 47.81 -118.66 -24.65
N ALA IE 125 48.00 -117.57 -25.38
CA ALA IE 125 47.32 -116.34 -25.01
C ALA IE 125 45.82 -116.42 -25.28
N ILE IE 126 45.41 -117.31 -26.17
CA ILE IE 126 44.01 -117.43 -26.59
C ILE IE 126 43.43 -118.72 -26.01
N ASP IE 127 44.21 -119.79 -26.02
CA ASP IE 127 43.77 -121.07 -25.50
C ASP IE 127 43.75 -121.05 -23.98
N GLN IE 128 44.91 -120.88 -23.38
CA GLN IE 128 45.02 -120.83 -21.93
C GLN IE 128 44.77 -119.44 -21.38
N LEU IE 129 44.63 -118.44 -22.24
CA LEU IE 129 44.36 -117.09 -21.83
C LEU IE 129 45.39 -116.60 -20.84
N ASN IE 130 46.63 -116.99 -21.07
CA ASN IE 130 47.74 -116.51 -20.27
C ASN IE 130 48.07 -115.09 -20.70
N PRO IE 131 48.10 -114.11 -19.80
CA PRO IE 131 48.58 -112.78 -20.20
C PRO IE 131 49.96 -112.88 -20.78
N ALA IE 132 50.14 -112.24 -21.94
CA ALA IE 132 51.43 -112.25 -22.60
C ALA IE 132 52.49 -111.71 -21.66
N TYR IE 133 53.41 -112.57 -21.23
CA TYR IE 133 54.41 -112.19 -20.24
C TYR IE 133 55.20 -113.42 -19.80
N ALA JE 2 19.82 -107.60 -62.38
CA ALA JE 2 21.19 -107.59 -62.92
C ALA JE 2 22.17 -108.09 -61.87
N LYS JE 3 22.37 -109.40 -61.84
CA LYS JE 3 23.39 -109.97 -60.98
C LYS JE 3 24.74 -109.30 -61.26
N LEU JE 4 25.40 -108.86 -60.20
CA LEU JE 4 26.75 -108.33 -60.34
C LEU JE 4 27.73 -109.47 -60.55
N GLU JE 5 28.62 -109.30 -61.52
CA GLU JE 5 29.58 -110.34 -61.84
C GLU JE 5 30.78 -109.70 -62.53
N THR JE 6 31.82 -110.50 -62.75
CA THR JE 6 33.01 -109.99 -63.40
C THR JE 6 32.72 -109.58 -64.83
N VAL JE 7 32.75 -108.28 -65.09
CA VAL JE 7 32.57 -107.76 -66.44
C VAL JE 7 33.85 -107.97 -67.22
N THR JE 8 33.76 -108.73 -68.29
CA THR JE 8 34.89 -109.01 -69.17
C THR JE 8 34.62 -108.28 -70.46
N LEU JE 9 35.49 -107.33 -70.79
CA LEU JE 9 35.20 -106.34 -71.81
C LEU JE 9 36.32 -106.40 -72.83
N GLY JE 10 36.04 -106.97 -74.00
CA GLY JE 10 37.05 -107.19 -75.01
C GLY JE 10 36.91 -106.26 -76.20
N ASN JE 11 37.93 -106.27 -77.05
CA ASN JE 11 37.95 -105.46 -78.27
C ASN JE 11 37.84 -103.97 -77.92
N ILE JE 12 38.84 -103.50 -77.17
CA ILE JE 12 38.85 -102.17 -76.60
C ILE JE 12 40.04 -101.42 -77.18
N GLY JE 13 39.94 -100.09 -77.19
CA GLY JE 13 41.04 -99.23 -77.58
C GLY JE 13 40.99 -98.86 -79.05
N LYS JE 14 42.04 -98.15 -79.48
CA LYS JE 14 42.06 -97.67 -80.88
C LYS JE 14 42.06 -98.84 -81.83
N ASP JE 15 42.99 -99.76 -81.61
CA ASP JE 15 43.06 -100.97 -82.41
C ASP JE 15 42.03 -102.00 -81.99
N GLY JE 16 41.32 -101.77 -80.89
CA GLY JE 16 40.36 -102.75 -80.41
C GLY JE 16 41.05 -104.05 -79.99
N LYS JE 17 42.08 -103.93 -79.15
CA LYS JE 17 42.88 -105.10 -78.79
C LYS JE 17 43.06 -105.31 -77.30
N GLN JE 18 42.89 -104.31 -76.44
CA GLN JE 18 43.08 -104.57 -75.03
C GLN JE 18 41.81 -105.21 -74.46
N THR JE 19 41.86 -105.53 -73.17
CA THR JE 19 40.74 -106.13 -72.47
C THR JE 19 40.66 -105.56 -71.07
N LEU JE 20 39.44 -105.47 -70.54
CA LEU JE 20 39.23 -104.92 -69.21
C LEU JE 20 38.43 -105.92 -68.39
N VAL JE 21 38.91 -106.23 -67.21
CA VAL JE 21 38.22 -107.11 -66.29
C VAL JE 21 37.82 -106.27 -65.10
N LEU JE 22 36.52 -106.10 -64.90
CA LEU JE 22 36.00 -105.26 -63.84
C LEU JE 22 35.31 -106.15 -62.81
N ASN JE 23 35.75 -106.05 -61.57
CA ASN JE 23 35.13 -106.90 -60.57
C ASN JE 23 34.16 -106.10 -59.72
N PRO JE 24 33.10 -106.72 -59.23
CA PRO JE 24 32.08 -105.97 -58.48
C PRO JE 24 32.64 -105.39 -57.19
N ARG JE 25 32.15 -104.20 -56.84
CA ARG JE 25 32.47 -103.57 -55.57
C ARG JE 25 31.23 -103.36 -54.71
N GLY JE 26 30.18 -104.15 -54.94
CA GLY JE 26 28.97 -104.03 -54.15
C GLY JE 26 28.12 -102.85 -54.58
N VAL JE 27 27.25 -102.43 -53.66
CA VAL JE 27 26.32 -101.34 -53.91
C VAL JE 27 26.30 -100.43 -52.69
N ASN JE 28 26.25 -99.14 -52.94
CA ASN JE 28 26.15 -98.18 -51.86
C ASN JE 28 24.80 -98.34 -51.15
N PRO JE 29 24.78 -98.48 -49.82
CA PRO JE 29 23.51 -98.57 -49.12
C PRO JE 29 22.72 -97.30 -49.19
N THR JE 30 23.39 -96.16 -49.36
CA THR JE 30 22.72 -94.87 -49.34
C THR JE 30 22.19 -94.52 -50.72
N ASN JE 31 23.09 -94.37 -51.69
CA ASN JE 31 22.67 -93.93 -53.01
C ASN JE 31 22.21 -95.10 -53.88
N GLY JE 32 22.34 -96.33 -53.40
CA GLY JE 32 21.80 -97.44 -54.17
C GLY JE 32 22.43 -97.54 -55.54
N VAL JE 33 23.75 -97.51 -55.58
CA VAL JE 33 24.51 -97.49 -56.83
C VAL JE 33 25.56 -98.60 -56.78
N ALA JE 34 25.55 -99.46 -57.79
CA ALA JE 34 26.55 -100.51 -57.88
C ALA JE 34 27.82 -99.97 -58.52
N SER JE 35 28.95 -100.56 -58.16
CA SER JE 35 30.22 -100.14 -58.72
C SER JE 35 31.13 -101.35 -58.93
N LEU JE 36 31.85 -101.32 -60.05
CA LEU JE 36 32.86 -102.31 -60.37
C LEU JE 36 34.19 -101.61 -60.54
N SER JE 37 35.26 -102.37 -60.33
CA SER JE 37 36.60 -101.80 -60.44
C SER JE 37 37.50 -102.78 -61.16
N GLN JE 38 38.52 -102.22 -61.81
CA GLN JE 38 39.53 -103.03 -62.47
C GLN JE 38 40.52 -103.57 -61.44
N ALA JE 39 40.93 -104.82 -61.62
CA ALA JE 39 41.85 -105.44 -60.68
C ALA JE 39 43.24 -104.87 -60.83
N GLY JE 40 43.76 -104.28 -59.75
CA GLY JE 40 45.06 -103.63 -59.78
C GLY JE 40 45.73 -103.68 -58.43
N ALA JE 41 46.91 -103.05 -58.36
CA ALA JE 41 47.72 -103.06 -57.16
C ALA JE 41 47.38 -101.90 -56.22
N VAL JE 42 47.25 -100.70 -56.76
CA VAL JE 42 47.03 -99.50 -55.97
C VAL JE 42 45.57 -99.08 -56.15
N PRO JE 43 44.69 -99.32 -55.18
CA PRO JE 43 43.27 -98.99 -55.36
C PRO JE 43 43.00 -97.62 -55.93
N ALA JE 44 43.87 -96.65 -55.65
CA ALA JE 44 43.66 -95.32 -56.20
C ALA JE 44 43.74 -95.29 -57.72
N LEU JE 45 44.35 -96.31 -58.32
CA LEU JE 45 44.66 -96.28 -59.75
C LEU JE 45 43.87 -97.34 -60.53
N GLU JE 46 42.71 -97.74 -60.03
CA GLU JE 46 41.89 -98.73 -60.71
C GLU JE 46 40.79 -98.03 -61.48
N LYS JE 47 40.53 -98.51 -62.69
CA LYS JE 47 39.48 -97.94 -63.51
C LYS JE 47 38.13 -98.37 -62.95
N ARG JE 48 37.27 -97.41 -62.66
CA ARG JE 48 36.02 -97.68 -61.96
C ARG JE 48 34.83 -97.43 -62.87
N VAL JE 49 33.74 -98.13 -62.58
CA VAL JE 49 32.54 -98.01 -63.38
C VAL JE 49 31.33 -98.12 -62.47
N THR JE 50 30.45 -97.13 -62.53
CA THR JE 50 29.28 -97.06 -61.65
C THR JE 50 28.01 -97.26 -62.47
N VAL JE 51 27.01 -97.85 -61.84
CA VAL JE 51 25.71 -98.09 -62.48
C VAL JE 51 24.62 -97.88 -61.45
N SER JE 52 23.61 -97.11 -61.82
CA SER JE 52 22.47 -96.88 -60.94
C SER JE 52 21.21 -96.79 -61.78
N VAL JE 53 20.10 -97.26 -61.23
CA VAL JE 53 18.80 -97.13 -61.86
C VAL JE 53 17.82 -96.74 -60.76
N SER JE 54 17.33 -95.51 -60.83
CA SER JE 54 16.41 -95.03 -59.82
C SER JE 54 15.00 -95.53 -60.10
N GLN JE 55 14.21 -95.62 -59.04
CA GLN JE 55 12.83 -96.06 -59.12
C GLN JE 55 11.92 -94.87 -59.41
N PRO JE 56 10.65 -95.11 -59.71
CA PRO JE 56 9.79 -94.01 -60.16
C PRO JE 56 9.72 -92.89 -59.14
N SER JE 57 9.72 -91.66 -59.63
CA SER JE 57 9.52 -90.49 -58.78
C SER JE 57 8.04 -90.21 -58.57
N ARG JE 58 7.71 -89.01 -58.08
CA ARG JE 58 6.33 -88.57 -57.97
C ARG JE 58 5.97 -87.52 -59.02
N ASN JE 59 4.72 -87.61 -59.50
CA ASN JE 59 4.09 -86.65 -60.41
C ASN JE 59 4.66 -86.70 -61.82
N ARG JE 60 5.78 -87.38 -62.00
CA ARG JE 60 6.36 -87.61 -63.32
C ARG JE 60 6.78 -89.06 -63.50
N LYS JE 61 7.35 -89.64 -62.45
CA LYS JE 61 7.82 -91.01 -62.30
C LYS JE 61 9.04 -91.35 -63.16
N ASN JE 62 9.16 -90.81 -64.38
CA ASN JE 62 10.43 -90.66 -65.10
C ASN JE 62 11.58 -91.61 -64.74
N TYR JE 63 11.47 -92.91 -65.03
CA TYR JE 63 12.54 -93.85 -64.69
C TYR JE 63 13.87 -93.31 -65.20
N LYS JE 64 14.92 -93.47 -64.40
CA LYS JE 64 16.22 -92.84 -64.63
C LYS JE 64 17.34 -93.85 -64.40
N VAL JE 65 18.36 -93.80 -65.25
CA VAL JE 65 19.50 -94.70 -65.17
C VAL JE 65 20.78 -93.94 -65.40
N GLN JE 66 21.80 -94.25 -64.60
CA GLN JE 66 23.07 -93.53 -64.62
C GLN JE 66 24.21 -94.51 -64.78
N VAL JE 67 25.19 -94.13 -65.60
CA VAL JE 67 26.44 -94.89 -65.71
C VAL JE 67 27.60 -93.91 -65.62
N LYS JE 68 28.46 -94.12 -64.62
CA LYS JE 68 29.64 -93.28 -64.40
C LYS JE 68 30.87 -94.13 -64.63
N ILE JE 69 31.69 -93.73 -65.60
CA ILE JE 69 32.92 -94.44 -65.94
C ILE JE 69 34.09 -93.53 -65.60
N GLN JE 70 35.00 -94.05 -64.79
CA GLN JE 70 36.09 -93.26 -64.22
C GLN JE 70 37.40 -93.92 -64.61
N ASN JE 71 38.26 -93.19 -65.30
CA ASN JE 71 39.55 -93.75 -65.71
C ASN JE 71 40.67 -92.88 -65.18
N PRO JE 72 41.43 -93.33 -64.19
CA PRO JE 72 42.53 -92.51 -63.68
C PRO JE 72 43.84 -92.73 -64.43
N THR JE 73 44.80 -91.86 -64.14
CA THR JE 73 46.14 -91.97 -64.70
C THR JE 73 47.09 -91.18 -63.83
N ALA JE 74 48.01 -91.87 -63.17
CA ALA JE 74 48.93 -91.26 -62.22
C ALA JE 74 50.30 -91.12 -62.83
N CYS JE 75 51.20 -90.47 -62.09
CA CYS JE 75 52.52 -90.17 -62.59
C CYS JE 75 53.44 -89.93 -61.40
N THR JE 76 54.21 -90.95 -61.02
CA THR JE 76 55.08 -90.84 -59.85
C THR JE 76 56.14 -89.78 -60.09
N ALA JE 77 56.08 -88.70 -59.32
CA ALA JE 77 57.03 -87.61 -59.47
C ALA JE 77 58.35 -87.95 -58.79
N ASN JE 78 59.39 -87.22 -59.19
CA ASN JE 78 60.72 -87.41 -58.63
C ASN JE 78 60.70 -87.19 -57.12
N GLY JE 79 61.27 -88.12 -56.37
CA GLY JE 79 61.31 -88.02 -54.93
C GLY JE 79 60.02 -88.38 -54.25
N SER JE 80 58.97 -88.67 -55.02
CA SER JE 80 57.67 -89.04 -54.46
C SER JE 80 57.50 -90.55 -54.57
N CYS JE 81 57.22 -91.19 -53.43
CA CYS JE 81 57.03 -92.64 -53.39
C CYS JE 81 55.56 -93.02 -53.44
N ASP JE 82 54.74 -92.20 -54.09
CA ASP JE 82 53.31 -92.45 -54.26
C ASP JE 82 52.88 -92.01 -55.66
N PRO JE 83 52.44 -92.92 -56.52
CA PRO JE 83 51.95 -92.48 -57.84
C PRO JE 83 50.66 -91.70 -57.74
N SER JE 84 50.78 -90.42 -57.39
CA SER JE 84 49.63 -89.54 -57.29
C SER JE 84 48.89 -89.47 -58.61
N VAL JE 85 47.56 -89.62 -58.57
CA VAL JE 85 46.77 -89.51 -59.78
C VAL JE 85 46.87 -88.08 -60.29
N THR JE 86 47.37 -87.94 -61.52
CA THR JE 86 47.55 -86.64 -62.12
C THR JE 86 46.52 -86.32 -63.18
N ARG JE 87 45.73 -87.31 -63.61
CA ARG JE 87 44.75 -87.05 -64.65
C ARG JE 87 43.62 -88.05 -64.50
N GLN JE 88 42.43 -87.64 -64.91
CA GLN JE 88 41.25 -88.49 -64.81
C GLN JE 88 40.32 -88.19 -65.96
N ALA JE 89 39.72 -89.23 -66.52
CA ALA JE 89 38.70 -89.10 -67.55
C ALA JE 89 37.36 -89.57 -67.00
N TYR JE 90 36.33 -88.78 -67.23
CA TYR JE 90 34.99 -89.08 -66.76
C TYR JE 90 34.08 -89.31 -67.95
N ALA JE 91 33.16 -90.25 -67.82
CA ALA JE 91 32.13 -90.46 -68.84
C ALA JE 91 30.83 -90.74 -68.12
N ASP JE 92 29.84 -89.85 -68.29
CA ASP JE 92 28.57 -89.99 -67.60
C ASP JE 92 27.47 -90.17 -68.64
N VAL JE 93 26.73 -91.26 -68.52
CA VAL JE 93 25.61 -91.56 -69.39
C VAL JE 93 24.33 -91.50 -68.56
N THR JE 94 23.29 -90.90 -69.12
CA THR JE 94 22.06 -90.63 -68.40
C THR JE 94 20.90 -91.07 -69.28
N PHE JE 95 20.27 -92.19 -68.97
CA PHE JE 95 19.08 -92.63 -69.68
C PHE JE 95 17.84 -92.21 -68.91
N SER JE 96 16.86 -91.70 -69.64
CA SER JE 96 15.60 -91.25 -69.06
C SER JE 96 14.45 -91.85 -69.85
N PHE JE 97 13.54 -92.52 -69.16
CA PHE JE 97 12.37 -93.14 -69.75
C PHE JE 97 11.12 -92.70 -68.99
N THR JE 98 9.98 -92.79 -69.64
CA THR JE 98 8.74 -92.48 -68.96
C THR JE 98 8.12 -93.76 -68.42
N GLN JE 99 7.20 -93.58 -67.47
CA GLN JE 99 6.60 -94.70 -66.77
C GLN JE 99 5.99 -95.71 -67.73
N TYR JE 100 5.80 -95.36 -68.99
CA TYR JE 100 5.18 -96.24 -69.96
C TYR JE 100 6.17 -96.78 -70.98
N SER JE 101 7.46 -96.70 -70.69
CA SER JE 101 8.48 -97.21 -71.59
C SER JE 101 8.21 -98.66 -71.93
N THR JE 102 8.83 -99.10 -73.02
CA THR JE 102 8.85 -100.50 -73.38
C THR JE 102 10.28 -100.93 -73.63
N ASP JE 103 10.55 -102.20 -73.32
CA ASP JE 103 11.91 -102.67 -73.46
C ASP JE 103 12.37 -102.53 -74.91
N GLU JE 104 11.45 -102.57 -75.86
CA GLU JE 104 11.84 -102.38 -77.25
C GLU JE 104 12.48 -101.02 -77.45
N GLU JE 105 11.81 -99.95 -77.03
CA GLU JE 105 12.39 -98.62 -77.15
C GLU JE 105 13.68 -98.53 -76.36
N ARG JE 106 13.68 -99.07 -75.14
CA ARG JE 106 14.86 -98.97 -74.31
C ARG JE 106 16.07 -99.58 -75.00
N ALA JE 107 15.92 -100.81 -75.47
CA ALA JE 107 17.01 -101.48 -76.17
C ALA JE 107 17.38 -100.73 -77.43
N PHE JE 108 16.39 -100.21 -78.13
CA PHE JE 108 16.71 -99.45 -79.33
C PHE JE 108 17.64 -98.30 -79.00
N VAL JE 109 17.31 -97.53 -77.98
CA VAL JE 109 18.15 -96.39 -77.64
C VAL JE 109 19.52 -96.87 -77.18
N ARG JE 110 19.55 -97.97 -76.42
CA ARG JE 110 20.84 -98.50 -75.98
C ARG JE 110 21.74 -98.76 -77.16
N THR JE 111 21.31 -99.66 -78.03
CA THR JE 111 22.17 -100.02 -79.15
C THR JE 111 22.40 -98.83 -80.06
N GLU JE 112 21.47 -97.87 -80.09
CA GLU JE 112 21.69 -96.67 -80.87
C GLU JE 112 22.91 -95.93 -80.38
N LEU JE 113 22.95 -95.70 -79.06
CA LEU JE 113 24.09 -95.01 -78.50
C LEU JE 113 25.35 -95.82 -78.72
N ALA JE 114 25.24 -97.15 -78.64
CA ALA JE 114 26.42 -97.99 -78.85
C ALA JE 114 26.97 -97.80 -80.25
N ALA JE 115 26.12 -97.91 -81.25
CA ALA JE 115 26.60 -97.81 -82.61
C ALA JE 115 27.03 -96.39 -82.94
N LEU JE 116 26.48 -95.40 -82.23
CA LEU JE 116 27.01 -94.05 -82.40
C LEU JE 116 28.41 -93.96 -81.82
N LEU JE 117 28.63 -94.54 -80.64
CA LEU JE 117 29.98 -94.60 -80.10
C LEU JE 117 30.93 -95.29 -81.05
N ALA JE 118 30.42 -96.18 -81.90
CA ALA JE 118 31.24 -96.88 -82.87
C ALA JE 118 31.42 -96.13 -84.18
N SER JE 119 30.48 -95.29 -84.58
CA SER JE 119 30.51 -94.70 -85.91
C SER JE 119 31.64 -93.69 -86.02
N PRO JE 120 32.05 -93.37 -87.26
CA PRO JE 120 33.15 -92.41 -87.42
C PRO JE 120 32.86 -91.06 -86.82
N LEU JE 121 31.61 -90.64 -86.74
CA LEU JE 121 31.31 -89.31 -86.23
C LEU JE 121 31.85 -89.14 -84.83
N LEU JE 122 31.30 -89.85 -83.86
CA LEU JE 122 31.75 -89.64 -82.48
C LEU JE 122 33.21 -90.03 -82.31
N ILE JE 123 33.70 -90.97 -83.12
CA ILE JE 123 35.12 -91.30 -83.08
C ILE JE 123 35.96 -90.04 -83.28
N ASP JE 124 35.77 -89.38 -84.41
CA ASP JE 124 36.49 -88.13 -84.61
C ASP JE 124 36.11 -87.10 -83.55
N ALA JE 125 34.89 -87.17 -83.04
CA ALA JE 125 34.42 -86.19 -82.09
C ALA JE 125 35.22 -86.22 -80.81
N ILE JE 126 35.55 -87.39 -80.31
CA ILE JE 126 36.06 -87.57 -78.97
C ILE JE 126 37.51 -88.04 -78.97
N ASP JE 127 37.85 -88.97 -79.87
CA ASP JE 127 39.26 -89.36 -80.00
C ASP JE 127 40.12 -88.15 -80.34
N GLN JE 128 39.67 -87.35 -81.30
CA GLN JE 128 40.44 -86.19 -81.77
C GLN JE 128 39.92 -84.86 -81.28
N LEU JE 129 38.85 -84.84 -80.47
CA LEU JE 129 38.29 -83.58 -79.99
C LEU JE 129 38.01 -82.63 -81.16
N ASN JE 130 37.35 -83.14 -82.18
CA ASN JE 130 37.07 -82.30 -83.33
C ASN JE 130 35.59 -81.99 -83.38
N PRO JE 131 35.18 -80.76 -83.12
CA PRO JE 131 33.75 -80.43 -83.19
C PRO JE 131 33.19 -80.83 -84.54
N ALA JE 132 32.00 -81.42 -84.51
CA ALA JE 132 31.41 -81.93 -85.72
C ALA JE 132 30.75 -80.80 -86.49
N TYR JE 133 31.02 -80.75 -87.78
CA TYR JE 133 30.37 -79.81 -88.69
C TYR JE 133 30.89 -79.98 -90.10
N ALA KE 2 -20.51 -125.98 -29.44
CA ALA KE 2 -21.63 -125.60 -28.54
C ALA KE 2 -22.77 -125.06 -29.39
N LYS KE 3 -23.40 -125.97 -30.13
CA LYS KE 3 -24.50 -125.58 -30.99
C LYS KE 3 -25.64 -125.03 -30.15
N LEU KE 4 -26.42 -124.12 -30.75
CA LEU KE 4 -27.53 -123.48 -30.07
C LEU KE 4 -28.82 -124.14 -30.52
N GLU KE 5 -29.61 -124.62 -29.57
CA GLU KE 5 -30.87 -125.28 -29.90
C GLU KE 5 -31.77 -125.28 -28.67
N THR KE 6 -32.91 -125.95 -28.80
CA THR KE 6 -33.84 -126.07 -27.69
C THR KE 6 -33.25 -126.99 -26.64
N VAL KE 7 -33.34 -126.57 -25.39
CA VAL KE 7 -32.80 -127.34 -24.26
C VAL KE 7 -33.95 -127.67 -23.33
N THR KE 8 -34.08 -128.95 -23.01
CA THR KE 8 -35.21 -129.48 -22.24
C THR KE 8 -34.69 -129.83 -20.85
N LEU KE 9 -35.01 -128.99 -19.88
CA LEU KE 9 -34.48 -129.12 -18.54
C LEU KE 9 -35.53 -129.82 -17.70
N GLY KE 10 -35.36 -131.12 -17.46
CA GLY KE 10 -36.38 -131.89 -16.76
C GLY KE 10 -36.00 -132.20 -15.32
N ASN KE 11 -36.98 -132.62 -14.52
CA ASN KE 11 -36.75 -132.96 -13.12
C ASN KE 11 -36.16 -131.76 -12.37
N ILE KE 12 -36.94 -130.69 -12.29
CA ILE KE 12 -36.50 -129.45 -11.68
C ILE KE 12 -37.56 -128.99 -10.69
N GLY KE 13 -37.13 -128.14 -9.76
CA GLY KE 13 -37.99 -127.68 -8.67
C GLY KE 13 -37.73 -128.45 -7.40
N LYS KE 14 -38.47 -128.06 -6.36
CA LYS KE 14 -38.29 -128.73 -5.08
C LYS KE 14 -38.48 -130.23 -5.21
N ASP KE 15 -39.53 -130.63 -5.90
CA ASP KE 15 -39.79 -132.04 -6.09
C ASP KE 15 -39.19 -132.59 -7.38
N GLY KE 16 -38.55 -131.75 -8.19
CA GLY KE 16 -37.97 -132.23 -9.41
C GLY KE 16 -39.00 -132.86 -10.32
N LYS KE 17 -40.14 -132.19 -10.50
CA LYS KE 17 -41.15 -132.64 -11.45
C LYS KE 17 -41.45 -131.65 -12.56
N GLN KE 18 -41.15 -130.36 -12.40
CA GLN KE 18 -41.37 -129.40 -13.45
C GLN KE 18 -40.36 -129.61 -14.58
N THR KE 19 -40.60 -128.92 -15.69
CA THR KE 19 -39.67 -128.94 -16.81
C THR KE 19 -39.68 -127.58 -17.49
N LEU KE 20 -38.53 -127.21 -18.04
CA LEU KE 20 -38.37 -125.95 -18.74
C LEU KE 20 -37.83 -126.18 -20.15
N VAL KE 21 -38.53 -125.67 -21.14
CA VAL KE 21 -38.08 -125.70 -22.52
C VAL KE 21 -37.50 -124.32 -22.82
N LEU KE 22 -36.23 -124.28 -23.15
CA LEU KE 22 -35.57 -123.02 -23.49
C LEU KE 22 -35.18 -123.05 -24.96
N ASN KE 23 -35.77 -122.19 -25.73
CA ASN KE 23 -35.34 -122.04 -27.10
C ASN KE 23 -34.24 -120.99 -27.18
N PRO KE 24 -33.34 -121.11 -28.15
CA PRO KE 24 -32.24 -120.15 -28.25
C PRO KE 24 -32.70 -118.81 -28.80
N ARG KE 25 -31.77 -117.88 -28.82
CA ARG KE 25 -32.02 -116.49 -29.17
C ARG KE 25 -30.91 -116.03 -30.08
N GLY KE 26 -30.75 -114.72 -30.23
CA GLY KE 26 -29.63 -114.14 -30.96
C GLY KE 26 -28.45 -113.96 -30.03
N VAL KE 27 -27.25 -114.16 -30.59
CA VAL KE 27 -26.03 -114.03 -29.80
C VAL KE 27 -25.56 -112.59 -29.91
N ASN KE 28 -25.43 -111.93 -28.77
CA ASN KE 28 -25.19 -110.49 -28.80
C ASN KE 28 -23.83 -110.19 -29.41
N PRO KE 29 -23.79 -109.54 -30.57
CA PRO KE 29 -22.49 -109.25 -31.18
C PRO KE 29 -21.65 -108.26 -30.38
N THR KE 30 -22.26 -107.41 -29.56
CA THR KE 30 -21.48 -106.41 -28.83
C THR KE 30 -20.46 -107.05 -27.91
N ASN KE 31 -20.77 -108.21 -27.33
CA ASN KE 31 -19.80 -108.89 -26.48
C ASN KE 31 -19.83 -110.40 -26.67
N GLY KE 32 -20.50 -110.93 -27.68
CA GLY KE 32 -20.52 -112.35 -27.88
C GLY KE 32 -21.20 -113.07 -26.74
N VAL KE 33 -22.51 -112.91 -26.62
CA VAL KE 33 -23.29 -113.53 -25.55
C VAL KE 33 -24.46 -114.27 -26.17
N ALA KE 34 -24.49 -115.58 -26.01
CA ALA KE 34 -25.64 -116.36 -26.44
C ALA KE 34 -26.70 -116.35 -25.37
N SER KE 35 -27.95 -116.56 -25.79
CA SER KE 35 -29.07 -116.46 -24.88
C SER KE 35 -30.12 -117.52 -25.16
N LEU KE 36 -30.75 -117.98 -24.09
CA LEU KE 36 -31.82 -118.94 -24.12
C LEU KE 36 -32.99 -118.35 -23.36
N SER KE 37 -34.21 -118.66 -23.80
CA SER KE 37 -35.38 -118.10 -23.14
C SER KE 37 -36.52 -119.10 -23.16
N GLN KE 38 -37.45 -118.91 -22.23
CA GLN KE 38 -38.59 -119.80 -22.09
C GLN KE 38 -39.27 -120.02 -23.44
N ALA KE 39 -40.03 -121.10 -23.55
CA ALA KE 39 -40.63 -121.45 -24.83
C ALA KE 39 -41.46 -120.30 -25.40
N GLY KE 40 -42.02 -119.47 -24.56
CA GLY KE 40 -42.86 -118.37 -24.97
C GLY KE 40 -44.29 -118.55 -24.48
N ALA KE 41 -45.13 -117.57 -24.81
CA ALA KE 41 -44.75 -116.44 -25.66
C ALA KE 41 -44.02 -115.34 -24.88
N VAL KE 42 -44.74 -114.65 -23.99
CA VAL KE 42 -44.12 -113.57 -23.22
C VAL KE 42 -42.99 -114.09 -22.36
N PRO KE 43 -43.12 -115.21 -21.65
CA PRO KE 43 -42.01 -115.63 -20.78
C PRO KE 43 -40.69 -115.72 -21.50
N ALA KE 44 -40.70 -115.70 -22.83
CA ALA KE 44 -39.46 -115.57 -23.59
C ALA KE 44 -38.75 -114.25 -23.26
N LEU KE 45 -39.49 -113.18 -23.00
CA LEU KE 45 -38.91 -111.89 -22.62
C LEU KE 45 -38.87 -111.70 -21.11
N GLU KE 46 -39.06 -112.77 -20.33
CA GLU KE 46 -38.92 -112.72 -18.89
C GLU KE 46 -37.80 -113.63 -18.40
N LYS KE 47 -37.86 -114.92 -18.74
CA LYS KE 47 -36.85 -115.87 -18.30
C LYS KE 47 -35.65 -115.83 -19.24
N ARG KE 48 -34.45 -115.76 -18.66
CA ARG KE 48 -33.25 -115.59 -19.46
C ARG KE 48 -32.13 -116.48 -18.99
N VAL KE 49 -31.35 -116.98 -19.93
CA VAL KE 49 -30.16 -117.78 -19.63
C VAL KE 49 -29.07 -117.34 -20.60
N THR KE 50 -28.07 -116.64 -20.08
CA THR KE 50 -27.01 -116.09 -20.91
C THR KE 50 -25.74 -116.91 -20.74
N VAL KE 51 -24.99 -117.06 -21.83
CA VAL KE 51 -23.77 -117.86 -21.86
C VAL KE 51 -22.71 -117.09 -22.65
N SER KE 52 -21.48 -117.10 -22.15
CA SER KE 52 -20.37 -116.49 -22.85
C SER KE 52 -19.10 -117.23 -22.47
N VAL KE 53 -18.19 -117.39 -23.43
CA VAL KE 53 -16.88 -117.95 -23.11
C VAL KE 53 -15.78 -117.07 -23.67
N SER KE 54 -15.37 -116.10 -22.88
CA SER KE 54 -14.29 -115.22 -23.31
C SER KE 54 -13.00 -116.01 -23.38
N GLN KE 55 -12.38 -115.98 -24.56
CA GLN KE 55 -11.14 -116.70 -24.80
C GLN KE 55 -9.98 -115.88 -24.25
N PRO KE 56 -8.75 -116.40 -24.32
CA PRO KE 56 -7.64 -115.70 -23.67
C PRO KE 56 -7.38 -114.37 -24.32
N SER KE 57 -8.21 -113.38 -23.99
CA SER KE 57 -7.96 -112.01 -24.39
C SER KE 57 -6.84 -111.47 -23.51
N ARG KE 58 -6.65 -110.15 -23.49
CA ARG KE 58 -5.56 -109.60 -22.71
C ARG KE 58 -5.91 -109.51 -21.23
N ASN KE 59 -7.06 -108.94 -20.87
CA ASN KE 59 -7.51 -109.04 -19.49
C ASN KE 59 -7.68 -110.50 -19.10
N ARG KE 60 -8.13 -111.32 -20.04
CA ARG KE 60 -8.30 -112.76 -19.87
C ARG KE 60 -6.96 -113.45 -20.07
N LYS KE 61 -6.75 -114.64 -19.49
CA LYS KE 61 -5.42 -115.22 -19.61
C LYS KE 61 -5.29 -116.63 -20.20
N ASN KE 62 -5.90 -117.70 -19.67
CA ASN KE 62 -7.07 -117.83 -18.75
C ASN KE 62 -8.46 -117.48 -19.29
N TYR KE 63 -8.99 -118.44 -20.07
CA TYR KE 63 -10.38 -118.44 -20.48
C TYR KE 63 -11.33 -118.21 -19.30
N LYS KE 64 -12.38 -117.40 -19.54
CA LYS KE 64 -13.48 -117.20 -18.59
C LYS KE 64 -14.77 -117.67 -19.22
N VAL KE 65 -15.48 -118.57 -18.55
CA VAL KE 65 -16.81 -118.97 -19.00
C VAL KE 65 -17.83 -118.42 -18.01
N GLN KE 66 -18.66 -117.50 -18.47
CA GLN KE 66 -19.73 -116.94 -17.66
C GLN KE 66 -21.05 -117.54 -18.10
N VAL KE 67 -21.90 -117.85 -17.14
CA VAL KE 67 -23.28 -118.23 -17.45
C VAL KE 67 -24.19 -117.67 -16.39
N LYS KE 68 -25.20 -116.91 -16.81
CA LYS KE 68 -26.14 -116.23 -15.93
C LYS KE 68 -27.55 -116.76 -16.14
N ILE KE 69 -28.29 -116.87 -15.04
CA ILE KE 69 -29.69 -117.25 -15.04
C ILE KE 69 -30.47 -116.08 -14.43
N GLN KE 70 -31.54 -115.67 -15.11
CA GLN KE 70 -32.42 -114.62 -14.61
C GLN KE 70 -33.86 -115.13 -14.63
N ASN KE 71 -34.52 -115.02 -13.49
CA ASN KE 71 -35.91 -115.46 -13.34
C ASN KE 71 -36.68 -114.35 -12.64
N PRO KE 72 -37.32 -113.47 -13.36
CA PRO KE 72 -38.20 -112.49 -12.71
C PRO KE 72 -39.61 -112.99 -12.48
N THR KE 73 -39.99 -113.06 -11.21
CA THR KE 73 -41.34 -113.41 -10.80
C THR KE 73 -42.25 -112.21 -10.98
N ALA KE 74 -43.42 -112.43 -11.55
CA ALA KE 74 -44.37 -111.37 -11.82
C ALA KE 74 -45.76 -111.76 -11.35
N CYS KE 75 -46.63 -110.77 -11.25
CA CYS KE 75 -48.02 -111.02 -10.94
C CYS KE 75 -48.87 -109.87 -11.50
N THR KE 76 -50.17 -110.12 -11.59
CA THR KE 76 -51.13 -109.16 -12.08
C THR KE 76 -51.97 -108.69 -10.91
N ALA KE 77 -51.93 -107.39 -10.62
CA ALA KE 77 -52.75 -106.85 -9.56
C ALA KE 77 -54.22 -107.05 -9.89
N ASN KE 78 -55.05 -107.16 -8.86
CA ASN KE 78 -56.45 -107.46 -9.09
C ASN KE 78 -57.15 -106.26 -9.70
N GLY KE 79 -57.24 -106.25 -11.03
CA GLY KE 79 -57.89 -105.17 -11.74
C GLY KE 79 -57.11 -104.74 -12.97
N SER KE 80 -55.80 -104.97 -12.94
CA SER KE 80 -54.93 -104.58 -14.04
C SER KE 80 -54.93 -105.62 -15.15
N CYS KE 81 -54.09 -105.41 -16.15
CA CYS KE 81 -54.09 -106.24 -17.35
C CYS KE 81 -52.76 -106.96 -17.56
N ASP KE 82 -51.69 -106.19 -17.69
CA ASP KE 82 -50.39 -106.80 -17.97
C ASP KE 82 -49.71 -107.17 -16.66
N PRO KE 83 -49.02 -108.30 -16.58
CA PRO KE 83 -48.34 -108.65 -15.33
C PRO KE 83 -47.09 -107.81 -15.14
N SER KE 84 -46.92 -107.34 -13.91
CA SER KE 84 -45.74 -106.56 -13.53
C SER KE 84 -44.79 -107.44 -12.75
N VAL KE 85 -43.50 -107.21 -12.94
CA VAL KE 85 -42.47 -107.98 -12.25
C VAL KE 85 -42.39 -107.50 -10.81
N THR KE 86 -42.67 -108.39 -9.87
CA THR KE 86 -42.59 -108.06 -8.47
C THR KE 86 -41.31 -108.53 -7.81
N ARG KE 87 -40.65 -109.54 -8.38
CA ARG KE 87 -39.45 -110.10 -7.78
C ARG KE 87 -38.52 -110.55 -8.88
N GLN KE 88 -37.24 -110.69 -8.51
CA GLN KE 88 -36.20 -110.86 -9.53
C GLN KE 88 -35.09 -111.70 -8.92
N ALA KE 89 -35.07 -113.00 -9.21
CA ALA KE 89 -33.98 -113.84 -8.75
C ALA KE 89 -32.97 -113.99 -9.87
N TYR KE 90 -31.69 -114.07 -9.50
CA TYR KE 90 -30.68 -114.24 -10.52
C TYR KE 90 -29.42 -114.84 -9.92
N ALA KE 91 -28.75 -115.65 -10.75
CA ALA KE 91 -27.53 -116.32 -10.33
C ALA KE 91 -26.54 -116.29 -11.48
N ASP KE 92 -25.26 -116.34 -11.13
CA ASP KE 92 -24.20 -116.27 -12.12
C ASP KE 92 -23.05 -117.15 -11.68
N VAL KE 93 -22.52 -117.94 -12.59
CA VAL KE 93 -21.30 -118.68 -12.32
C VAL KE 93 -20.25 -118.27 -13.32
N THR KE 94 -19.00 -118.28 -12.86
CA THR KE 94 -17.86 -117.85 -13.64
C THR KE 94 -16.74 -118.85 -13.43
N PHE KE 95 -16.46 -119.62 -14.48
CA PHE KE 95 -15.42 -120.61 -14.46
C PHE KE 95 -14.17 -120.00 -15.04
N SER KE 96 -13.02 -120.26 -14.41
CA SER KE 96 -11.76 -119.68 -14.83
C SER KE 96 -10.76 -120.81 -15.07
N PHE KE 97 -10.33 -120.96 -16.31
CA PHE KE 97 -9.36 -121.98 -16.68
C PHE KE 97 -8.15 -121.33 -17.32
N THR KE 98 -6.97 -121.75 -16.91
CA THR KE 98 -5.80 -121.16 -17.53
C THR KE 98 -5.37 -121.96 -18.75
N GLN KE 99 -4.34 -121.43 -19.41
CA GLN KE 99 -4.05 -121.79 -20.80
C GLN KE 99 -3.88 -123.29 -20.98
N TYR KE 100 -3.11 -123.92 -20.10
CA TYR KE 100 -2.75 -125.32 -20.26
C TYR KE 100 -3.82 -126.25 -19.71
N SER KE 101 -5.05 -125.79 -19.61
CA SER KE 101 -6.09 -126.60 -19.00
C SER KE 101 -6.27 -127.87 -19.80
N THR KE 102 -6.98 -128.81 -19.21
CA THR KE 102 -7.33 -130.03 -19.89
C THR KE 102 -8.84 -130.24 -19.78
N ASP KE 103 -9.40 -130.67 -20.90
CA ASP KE 103 -10.82 -130.99 -20.94
C ASP KE 103 -11.16 -131.88 -19.75
N GLU KE 104 -10.20 -132.68 -19.30
CA GLU KE 104 -10.38 -133.53 -18.13
C GLU KE 104 -10.85 -132.70 -16.94
N GLU KE 105 -9.99 -131.85 -16.41
CA GLU KE 105 -10.35 -131.18 -15.16
C GLU KE 105 -11.45 -130.18 -15.42
N ARG KE 106 -11.61 -129.74 -16.66
CA ARG KE 106 -12.75 -128.87 -16.94
C ARG KE 106 -14.05 -129.61 -16.67
N ALA KE 107 -14.19 -130.81 -17.25
CA ALA KE 107 -15.37 -131.62 -16.96
C ALA KE 107 -15.44 -131.95 -15.48
N PHE KE 108 -14.28 -132.18 -14.86
CA PHE KE 108 -14.23 -132.43 -13.42
C PHE KE 108 -14.91 -131.31 -12.65
N VAL KE 109 -14.50 -130.08 -12.92
CA VAL KE 109 -15.03 -128.93 -12.19
C VAL KE 109 -16.50 -128.78 -12.45
N ARG KE 110 -16.90 -128.90 -13.70
CA ARG KE 110 -18.30 -128.76 -14.02
C ARG KE 110 -19.15 -129.78 -13.26
N THR KE 111 -18.80 -131.05 -13.41
CA THR KE 111 -19.60 -132.10 -12.80
C THR KE 111 -19.60 -132.01 -11.28
N GLU KE 112 -18.50 -131.58 -10.68
CA GLU KE 112 -18.48 -131.53 -9.24
C GLU KE 112 -19.28 -130.33 -8.74
N LEU KE 113 -19.26 -129.23 -9.49
CA LEU KE 113 -20.16 -128.14 -9.14
C LEU KE 113 -21.60 -128.63 -9.19
N ALA KE 114 -21.91 -129.45 -10.18
CA ALA KE 114 -23.28 -129.95 -10.29
C ALA KE 114 -23.63 -130.82 -9.10
N ALA KE 115 -22.76 -131.74 -8.75
CA ALA KE 115 -23.01 -132.60 -7.60
C ALA KE 115 -23.10 -131.79 -6.32
N LEU KE 116 -22.29 -130.75 -6.16
CA LEU KE 116 -22.42 -129.87 -5.01
C LEU KE 116 -23.80 -129.25 -4.97
N LEU KE 117 -24.22 -128.69 -6.09
CA LEU KE 117 -25.53 -128.07 -6.15
C LEU KE 117 -26.62 -129.06 -5.83
N ALA KE 118 -26.39 -130.34 -6.14
CA ALA KE 118 -27.38 -131.38 -5.87
C ALA KE 118 -27.29 -131.91 -4.45
N SER KE 119 -26.19 -131.67 -3.75
CA SER KE 119 -25.94 -132.27 -2.46
C SER KE 119 -26.62 -131.49 -1.34
N PRO KE 120 -27.04 -132.16 -0.26
CA PRO KE 120 -27.94 -131.51 0.70
C PRO KE 120 -27.37 -130.22 1.23
N LEU KE 121 -26.05 -130.10 1.26
CA LEU KE 121 -25.42 -128.89 1.77
C LEU KE 121 -25.94 -127.66 1.05
N LEU KE 122 -25.62 -127.53 -0.23
CA LEU KE 122 -26.10 -126.38 -0.96
C LEU KE 122 -27.61 -126.36 -1.04
N ILE KE 123 -28.22 -127.54 -1.07
CA ILE KE 123 -29.68 -127.62 -1.12
C ILE KE 123 -30.29 -126.76 -0.02
N ASP KE 124 -29.98 -127.07 1.23
CA ASP KE 124 -30.60 -126.29 2.30
C ASP KE 124 -29.92 -124.94 2.45
N ALA KE 125 -28.69 -124.81 1.94
CA ALA KE 125 -28.04 -123.51 1.95
C ALA KE 125 -28.79 -122.51 1.10
N ILE KE 126 -29.51 -122.98 0.09
CA ILE KE 126 -30.20 -122.08 -0.82
C ILE KE 126 -31.69 -122.07 -0.54
N ASP KE 127 -32.33 -123.24 -0.61
CA ASP KE 127 -33.78 -123.29 -0.43
C ASP KE 127 -34.19 -122.56 0.84
N GLN KE 128 -33.50 -122.83 1.94
CA GLN KE 128 -33.77 -122.18 3.22
C GLN KE 128 -32.81 -121.04 3.50
N LEU KE 129 -31.83 -120.78 2.64
CA LEU KE 129 -30.81 -119.78 2.92
C LEU KE 129 -30.15 -120.07 4.26
N ASN KE 130 -29.90 -121.35 4.53
CA ASN KE 130 -29.37 -121.75 5.82
C ASN KE 130 -27.85 -121.71 5.80
N PRO KE 131 -27.20 -120.91 6.63
CA PRO KE 131 -25.76 -121.05 6.81
C PRO KE 131 -25.43 -122.45 7.32
N ALA KE 132 -24.25 -122.93 6.94
CA ALA KE 132 -23.88 -124.32 7.18
C ALA KE 132 -23.22 -124.45 8.54
N TYR KE 133 -24.03 -124.55 9.58
CA TYR KE 133 -23.54 -124.37 10.94
C TYR KE 133 -24.15 -125.40 11.89
N ALA LE 2 -19.71 -120.43 -47.53
CA ALA LE 2 -18.43 -120.53 -46.77
C ALA LE 2 -18.67 -121.20 -45.42
N LYS LE 3 -19.70 -122.03 -45.35
CA LYS LE 3 -20.05 -122.72 -44.12
C LYS LE 3 -18.81 -123.36 -43.50
N LEU LE 4 -18.61 -123.13 -42.21
CA LEU LE 4 -17.51 -123.80 -41.53
C LEU LE 4 -17.65 -125.31 -41.64
N GLU LE 5 -16.52 -125.99 -41.54
CA GLU LE 5 -16.50 -127.44 -41.67
C GLU LE 5 -15.08 -127.92 -41.40
N THR LE 6 -14.96 -129.19 -41.07
CA THR LE 6 -13.65 -129.76 -40.76
C THR LE 6 -12.77 -129.76 -42.00
N VAL LE 7 -11.77 -128.90 -42.02
CA VAL LE 7 -10.89 -128.76 -43.17
C VAL LE 7 -9.85 -129.86 -43.09
N THR LE 8 -9.60 -130.51 -44.22
CA THR LE 8 -8.63 -131.60 -44.30
C THR LE 8 -7.52 -131.21 -45.26
N LEU LE 9 -6.42 -130.70 -44.72
CA LEU LE 9 -5.27 -130.35 -45.54
C LEU LE 9 -4.44 -131.60 -45.78
N GLY LE 10 -4.20 -131.90 -47.05
CA GLY LE 10 -3.51 -133.12 -47.43
C GLY LE 10 -2.01 -133.02 -47.26
N ASN LE 11 -1.28 -133.47 -48.28
CA ASN LE 11 0.17 -133.52 -48.20
C ASN LE 11 0.72 -132.20 -47.68
N ILE LE 12 1.56 -132.27 -46.67
CA ILE LE 12 2.00 -131.10 -45.93
C ILE LE 12 3.44 -131.32 -45.47
N GLY LE 13 4.21 -130.25 -45.48
CA GLY LE 13 5.56 -130.27 -44.95
C GLY LE 13 6.60 -130.33 -46.04
N LYS LE 14 7.85 -130.52 -45.63
CA LYS LE 14 8.95 -130.54 -46.59
C LYS LE 14 8.78 -131.69 -47.56
N ASP LE 15 8.50 -132.88 -47.03
CA ASP LE 15 8.34 -134.06 -47.86
C ASP LE 15 6.93 -134.17 -48.44
N GLY LE 16 6.01 -133.34 -47.99
CA GLY LE 16 4.64 -133.41 -48.45
C GLY LE 16 3.98 -134.72 -48.11
N LYS LE 17 4.08 -135.14 -46.84
CA LYS LE 17 3.52 -136.43 -46.44
C LYS LE 17 2.58 -136.37 -45.26
N GLN LE 18 2.62 -135.32 -44.44
CA GLN LE 18 1.71 -135.25 -43.31
C GLN LE 18 0.40 -134.61 -43.74
N THR LE 19 -0.59 -134.70 -42.85
CA THR LE 19 -1.91 -134.16 -43.12
C THR LE 19 -2.44 -133.53 -41.85
N LEU LE 20 -3.26 -132.50 -42.00
CA LEU LE 20 -3.83 -131.78 -40.88
C LEU LE 20 -5.35 -131.79 -40.96
N VAL LE 21 -5.98 -131.96 -39.81
CA VAL LE 21 -7.42 -132.03 -39.71
C VAL LE 21 -7.84 -130.94 -38.75
N LEU LE 22 -8.40 -129.86 -39.27
CA LEU LE 22 -8.78 -128.71 -38.46
C LEU LE 22 -10.29 -128.71 -38.33
N ASN LE 23 -10.77 -128.99 -37.12
CA ASN LE 23 -12.20 -128.97 -36.91
C ASN LE 23 -12.70 -127.55 -36.72
N PRO LE 24 -13.96 -127.29 -37.04
CA PRO LE 24 -14.48 -125.92 -36.92
C PRO LE 24 -14.89 -125.63 -35.49
N ARG LE 25 -14.24 -124.62 -34.89
CA ARG LE 25 -14.55 -124.27 -33.51
C ARG LE 25 -15.78 -123.37 -33.44
N GLY LE 26 -15.69 -122.19 -34.02
CA GLY LE 26 -16.81 -121.27 -33.95
C GLY LE 26 -16.48 -120.00 -34.70
N VAL LE 27 -17.31 -118.97 -34.48
CA VAL LE 27 -17.10 -117.68 -35.13
C VAL LE 27 -17.25 -116.59 -34.08
N ASN LE 28 -16.13 -116.02 -33.66
CA ASN LE 28 -16.16 -114.88 -32.77
C ASN LE 28 -16.95 -113.76 -33.45
N PRO LE 29 -18.03 -113.32 -32.86
CA PRO LE 29 -18.84 -112.29 -33.52
C PRO LE 29 -18.27 -110.90 -33.35
N THR LE 30 -17.45 -110.71 -32.31
CA THR LE 30 -16.91 -109.39 -32.06
C THR LE 30 -16.14 -108.86 -33.26
N ASN LE 31 -15.59 -109.75 -34.07
CA ASN LE 31 -14.89 -109.36 -35.29
C ASN LE 31 -15.34 -110.14 -36.50
N GLY LE 32 -16.40 -110.93 -36.40
CA GLY LE 32 -16.74 -111.82 -37.49
C GLY LE 32 -15.50 -112.58 -37.91
N VAL LE 33 -15.00 -113.43 -37.02
CA VAL LE 33 -13.76 -114.16 -37.27
C VAL LE 33 -14.02 -115.63 -36.99
N ALA LE 34 -13.92 -116.46 -38.01
CA ALA LE 34 -14.14 -117.89 -37.84
C ALA LE 34 -12.82 -118.56 -37.47
N SER LE 35 -12.88 -119.44 -36.49
CA SER LE 35 -11.71 -120.08 -35.91
C SER LE 35 -11.76 -121.59 -36.14
N LEU LE 36 -10.64 -122.12 -36.62
CA LEU LE 36 -10.42 -123.56 -36.75
C LEU LE 36 -9.25 -123.95 -35.86
N SER LE 37 -9.34 -125.15 -35.29
CA SER LE 37 -8.29 -125.61 -34.39
C SER LE 37 -8.05 -127.09 -34.62
N GLN LE 38 -6.81 -127.52 -34.41
CA GLN LE 38 -6.51 -128.94 -34.50
C GLN LE 38 -7.19 -129.66 -33.35
N ALA LE 39 -7.56 -130.91 -33.60
CA ALA LE 39 -8.18 -131.72 -32.58
C ALA LE 39 -7.19 -131.98 -31.45
N GLY LE 40 -7.54 -131.53 -30.26
CA GLY LE 40 -6.71 -131.77 -29.09
C GLY LE 40 -7.53 -131.48 -27.86
N ALA LE 41 -6.84 -131.22 -26.75
CA ALA LE 41 -7.55 -130.89 -25.52
C ALA LE 41 -7.01 -129.63 -24.87
N VAL LE 42 -5.69 -129.45 -24.90
CA VAL LE 42 -5.09 -128.27 -24.28
C VAL LE 42 -5.11 -127.16 -25.32
N PRO LE 43 -5.83 -126.07 -25.09
CA PRO LE 43 -5.85 -125.01 -26.10
C PRO LE 43 -4.46 -124.50 -26.41
N ALA LE 44 -3.57 -124.52 -25.42
CA ALA LE 44 -2.27 -123.90 -25.56
C ALA LE 44 -1.40 -124.58 -26.62
N LEU LE 45 -1.71 -125.81 -27.02
CA LEU LE 45 -0.86 -126.54 -27.97
C LEU LE 45 -1.70 -127.09 -29.11
N GLU LE 46 -2.48 -126.21 -29.73
CA GLU LE 46 -3.30 -126.60 -30.86
C GLU LE 46 -2.93 -125.73 -32.03
N LYS LE 47 -2.88 -126.30 -33.23
CA LYS LE 47 -2.67 -125.50 -34.44
C LYS LE 47 -3.93 -124.70 -34.71
N ARG LE 48 -3.81 -123.38 -34.77
CA ARG LE 48 -4.95 -122.50 -34.83
C ARG LE 48 -4.94 -121.74 -36.15
N VAL LE 49 -6.13 -121.49 -36.69
CA VAL LE 49 -6.27 -120.70 -37.90
C VAL LE 49 -7.53 -119.87 -37.80
N THR LE 50 -7.46 -118.65 -38.31
CA THR LE 50 -8.59 -117.72 -38.21
C THR LE 50 -8.78 -117.01 -39.52
N VAL LE 51 -10.03 -116.89 -39.94
CA VAL LE 51 -10.38 -116.25 -41.20
C VAL LE 51 -11.35 -115.12 -40.91
N SER LE 52 -11.13 -113.97 -41.51
CA SER LE 52 -11.97 -112.80 -41.31
C SER LE 52 -12.21 -112.10 -42.63
N VAL LE 53 -13.41 -111.53 -42.78
CA VAL LE 53 -13.84 -110.86 -43.99
C VAL LE 53 -14.43 -109.52 -43.58
N SER LE 54 -13.64 -108.46 -43.69
CA SER LE 54 -14.06 -107.13 -43.30
C SER LE 54 -14.68 -106.40 -44.48
N GLN LE 55 -15.93 -105.98 -44.31
CA GLN LE 55 -16.68 -105.18 -45.25
C GLN LE 55 -16.12 -103.76 -45.33
N PRO LE 56 -16.21 -103.11 -46.49
CA PRO LE 56 -15.75 -101.73 -46.58
C PRO LE 56 -16.48 -100.85 -45.57
N SER LE 57 -15.73 -99.99 -44.91
CA SER LE 57 -16.24 -99.09 -43.91
C SER LE 57 -16.63 -97.77 -44.56
N ARG LE 58 -17.27 -96.91 -43.77
CA ARG LE 58 -17.38 -95.52 -44.18
C ARG LE 58 -16.04 -94.82 -44.12
N ASN LE 59 -15.02 -95.48 -43.57
CA ASN LE 59 -13.72 -94.87 -43.36
C ASN LE 59 -12.63 -95.44 -44.26
N ARG LE 60 -12.83 -96.59 -44.89
CA ARG LE 60 -11.79 -97.15 -45.75
C ARG LE 60 -12.26 -97.56 -47.14
N LYS LE 61 -13.48 -98.09 -47.24
CA LYS LE 61 -14.06 -98.39 -48.55
C LYS LE 61 -13.18 -99.39 -49.30
N ASN LE 62 -12.89 -100.51 -48.63
CA ASN LE 62 -12.15 -101.58 -49.28
C ASN LE 62 -12.42 -102.88 -48.58
N TYR LE 63 -12.68 -103.92 -49.36
CA TYR LE 63 -12.87 -105.25 -48.82
C TYR LE 63 -11.54 -105.78 -48.33
N LYS LE 64 -11.52 -106.41 -47.16
CA LYS LE 64 -10.31 -107.01 -46.62
C LYS LE 64 -10.58 -108.44 -46.19
N VAL LE 65 -9.60 -109.31 -46.40
CA VAL LE 65 -9.70 -110.67 -45.91
C VAL LE 65 -8.40 -111.02 -45.22
N GLN LE 66 -8.49 -111.33 -43.93
CA GLN LE 66 -7.33 -111.65 -43.11
C GLN LE 66 -7.34 -113.12 -42.77
N VAL LE 67 -6.15 -113.74 -42.84
CA VAL LE 67 -5.98 -115.15 -42.61
C VAL LE 67 -4.78 -115.33 -41.71
N LYS LE 68 -5.02 -115.79 -40.48
CA LYS LE 68 -3.96 -115.96 -39.50
C LYS LE 68 -3.75 -117.44 -39.23
N ILE LE 69 -2.49 -117.84 -39.14
CA ILE LE 69 -2.09 -119.21 -38.83
C ILE LE 69 -1.12 -119.15 -37.66
N GLN LE 70 -1.40 -119.91 -36.62
CA GLN LE 70 -0.52 -120.02 -35.47
C GLN LE 70 -0.21 -121.48 -35.21
N ASN LE 71 1.08 -121.79 -35.06
CA ASN LE 71 1.53 -123.13 -34.75
C ASN LE 71 2.48 -123.09 -33.56
N PRO LE 72 2.10 -123.58 -32.41
CA PRO LE 72 3.02 -123.65 -31.28
C PRO LE 72 3.75 -124.98 -31.26
N THR LE 73 4.84 -125.00 -30.50
CA THR LE 73 5.63 -126.22 -30.34
C THR LE 73 5.34 -126.88 -29.00
N ALA LE 74 5.28 -128.22 -29.04
CA ALA LE 74 4.94 -128.98 -27.84
C ALA LE 74 6.04 -128.89 -26.80
N CYS LE 75 7.27 -129.22 -27.20
CA CYS LE 75 8.41 -128.97 -26.35
C CYS LE 75 8.20 -129.65 -24.99
N THR LE 76 7.74 -130.90 -25.04
CA THR LE 76 7.39 -131.65 -23.83
C THR LE 76 8.63 -131.98 -23.01
N ALA LE 77 8.48 -131.85 -21.70
CA ALA LE 77 9.54 -132.14 -20.75
C ALA LE 77 9.44 -133.56 -20.23
N ASN LE 78 10.57 -134.09 -19.76
CA ASN LE 78 10.67 -135.46 -19.29
C ASN LE 78 9.98 -135.58 -17.93
N GLY LE 79 8.65 -135.46 -17.97
CA GLY LE 79 7.81 -135.66 -16.81
C GLY LE 79 7.39 -134.34 -16.20
N SER LE 80 6.97 -134.42 -14.95
CA SER LE 80 6.80 -133.27 -14.07
C SER LE 80 5.60 -132.41 -14.38
N CYS LE 81 5.11 -132.41 -15.61
CA CYS LE 81 3.71 -132.13 -15.95
C CYS LE 81 3.63 -131.85 -17.46
N ASP LE 82 2.41 -131.56 -17.92
CA ASP LE 82 2.10 -131.39 -19.33
C ASP LE 82 3.12 -130.48 -20.03
N PRO LE 83 3.20 -130.57 -21.36
CA PRO LE 83 4.18 -129.77 -22.09
C PRO LE 83 3.95 -128.29 -21.88
N SER LE 84 4.86 -127.49 -22.41
CA SER LE 84 4.82 -126.05 -22.26
C SER LE 84 5.14 -125.39 -23.58
N VAL LE 85 4.55 -124.22 -23.81
CA VAL LE 85 4.72 -123.52 -25.07
C VAL LE 85 6.11 -122.89 -25.12
N THR LE 86 6.84 -123.18 -26.20
CA THR LE 86 8.20 -122.69 -26.38
C THR LE 86 8.40 -121.84 -27.62
N ARG LE 87 7.95 -122.30 -28.78
CA ARG LE 87 8.09 -121.56 -30.02
C ARG LE 87 6.74 -121.44 -30.70
N GLN LE 88 6.56 -120.36 -31.46
CA GLN LE 88 5.26 -120.00 -32.01
C GLN LE 88 5.48 -119.45 -33.40
N ALA LE 89 5.12 -120.21 -34.43
CA ALA LE 89 5.17 -119.72 -35.80
C ALA LE 89 3.88 -119.00 -36.13
N TYR LE 90 3.99 -117.75 -36.56
CA TYR LE 90 2.83 -116.97 -36.97
C TYR LE 90 2.93 -116.64 -38.45
N ALA LE 91 1.80 -116.79 -39.14
CA ALA LE 91 1.69 -116.38 -40.53
C ALA LE 91 0.41 -115.59 -40.68
N ASP LE 92 0.48 -114.49 -41.41
CA ASP LE 92 -0.66 -113.61 -41.54
C ASP LE 92 -0.72 -113.10 -42.98
N VAL LE 93 -1.83 -113.39 -43.66
CA VAL LE 93 -2.05 -112.91 -45.02
C VAL LE 93 -3.24 -111.98 -45.00
N THR LE 94 -3.16 -110.92 -45.79
CA THR LE 94 -4.22 -109.91 -45.81
C THR LE 94 -4.46 -109.52 -47.26
N PHE LE 95 -5.54 -110.03 -47.83
CA PHE LE 95 -5.91 -109.66 -49.18
C PHE LE 95 -6.74 -108.39 -49.09
N SER LE 96 -6.54 -107.49 -50.05
CA SER LE 96 -7.29 -106.24 -50.11
C SER LE 96 -7.85 -106.08 -51.50
N PHE LE 97 -9.12 -105.67 -51.59
CA PHE LE 97 -9.78 -105.50 -52.88
C PHE LE 97 -10.65 -104.26 -52.87
N THR LE 98 -10.88 -103.75 -54.08
CA THR LE 98 -11.67 -102.56 -54.31
C THR LE 98 -13.16 -102.88 -54.35
N GLN LE 99 -13.96 -101.83 -54.17
CA GLN LE 99 -15.41 -102.00 -54.22
C GLN LE 99 -15.83 -102.57 -55.55
N TYR LE 100 -15.10 -102.23 -56.62
CA TYR LE 100 -15.37 -102.75 -57.95
C TYR LE 100 -14.54 -103.98 -58.28
N SER LE 101 -13.93 -104.61 -57.28
CA SER LE 101 -13.12 -105.80 -57.51
C SER LE 101 -13.88 -106.82 -58.36
N THR LE 102 -13.11 -107.69 -59.00
CA THR LE 102 -13.63 -108.76 -59.82
C THR LE 102 -13.28 -110.12 -59.22
N ASP LE 103 -14.29 -110.97 -59.12
CA ASP LE 103 -14.06 -112.31 -58.62
C ASP LE 103 -12.96 -112.98 -59.43
N GLU LE 104 -12.91 -112.70 -60.73
CA GLU LE 104 -11.78 -113.12 -61.55
C GLU LE 104 -10.46 -112.80 -60.89
N GLU LE 105 -10.17 -111.52 -60.71
CA GLU LE 105 -8.84 -111.17 -60.25
C GLU LE 105 -8.58 -111.66 -58.85
N ARG LE 106 -9.61 -111.66 -58.00
CA ARG LE 106 -9.41 -112.18 -56.67
C ARG LE 106 -8.92 -113.63 -56.75
N ALA LE 107 -9.57 -114.43 -57.58
CA ALA LE 107 -9.09 -115.79 -57.80
C ALA LE 107 -7.65 -115.78 -58.32
N PHE LE 108 -7.38 -114.88 -59.26
CA PHE LE 108 -6.05 -114.82 -59.86
C PHE LE 108 -4.99 -114.59 -58.78
N VAL LE 109 -5.19 -113.56 -57.97
CA VAL LE 109 -4.20 -113.22 -56.96
C VAL LE 109 -4.04 -114.36 -55.99
N ARG LE 110 -5.15 -114.98 -55.57
CA ARG LE 110 -5.00 -116.00 -54.56
C ARG LE 110 -4.23 -117.19 -55.10
N THR LE 111 -4.63 -117.71 -56.24
CA THR LE 111 -3.94 -118.88 -56.76
C THR LE 111 -2.50 -118.53 -57.10
N GLU LE 112 -2.24 -117.28 -57.48
CA GLU LE 112 -0.86 -116.90 -57.72
C GLU LE 112 -0.07 -116.94 -56.42
N LEU LE 113 -0.64 -116.45 -55.33
CA LEU LE 113 0.07 -116.51 -54.06
C LEU LE 113 0.34 -117.95 -53.68
N ALA LE 114 -0.62 -118.84 -53.95
CA ALA LE 114 -0.37 -120.25 -53.69
C ALA LE 114 0.81 -120.74 -54.50
N ALA LE 115 0.83 -120.41 -55.78
CA ALA LE 115 1.89 -120.92 -56.64
C ALA LE 115 3.25 -120.35 -56.25
N LEU LE 116 3.31 -119.07 -55.88
CA LEU LE 116 4.57 -118.55 -55.37
C LEU LE 116 4.96 -119.28 -54.10
N LEU LE 117 4.02 -119.49 -53.19
CA LEU LE 117 4.36 -120.16 -51.96
C LEU LE 117 4.96 -121.52 -52.25
N ALA LE 118 4.60 -122.12 -53.38
CA ALA LE 118 5.18 -123.40 -53.75
C ALA LE 118 6.46 -123.30 -54.58
N SER LE 119 6.71 -122.16 -55.21
CA SER LE 119 7.82 -122.06 -56.14
C SER LE 119 9.15 -122.15 -55.40
N PRO LE 120 10.23 -122.44 -56.12
CA PRO LE 120 11.53 -122.57 -55.45
C PRO LE 120 11.90 -121.33 -54.66
N LEU LE 121 11.59 -120.15 -55.19
CA LEU LE 121 12.05 -118.92 -54.57
C LEU LE 121 11.66 -118.89 -53.09
N LEU LE 122 10.37 -118.91 -52.82
CA LEU LE 122 9.94 -118.85 -51.44
C LEU LE 122 10.40 -120.06 -50.66
N ILE LE 123 10.58 -121.21 -51.33
CA ILE LE 123 11.00 -122.39 -50.58
C ILE LE 123 12.28 -122.10 -49.82
N ASP LE 124 13.28 -121.59 -50.53
CA ASP LE 124 14.53 -121.28 -49.87
C ASP LE 124 14.41 -120.04 -49.01
N ALA LE 125 13.61 -119.07 -49.44
CA ALA LE 125 13.46 -117.85 -48.66
C ALA LE 125 12.87 -118.15 -47.29
N ILE LE 126 12.12 -119.23 -47.16
CA ILE LE 126 11.37 -119.51 -45.95
C ILE LE 126 12.05 -120.63 -45.19
N ASP LE 127 12.06 -121.81 -45.80
CA ASP LE 127 12.64 -122.97 -45.14
C ASP LE 127 14.04 -122.66 -44.66
N GLN LE 128 14.88 -122.16 -45.56
CA GLN LE 128 16.26 -121.87 -45.21
C GLN LE 128 16.45 -120.45 -44.72
N LEU LE 129 15.42 -119.60 -44.76
CA LEU LE 129 15.56 -118.20 -44.40
C LEU LE 129 16.71 -117.54 -45.15
N ASN LE 130 16.93 -117.94 -46.39
CA ASN LE 130 17.94 -117.30 -47.21
C ASN LE 130 17.38 -116.03 -47.83
N PRO LE 131 17.99 -114.87 -47.62
CA PRO LE 131 17.49 -113.67 -48.30
C PRO LE 131 17.49 -113.87 -49.79
N ALA LE 132 16.39 -113.47 -50.44
CA ALA LE 132 16.29 -113.68 -51.87
C ALA LE 132 17.41 -112.95 -52.58
N TYR LE 133 18.38 -113.71 -53.08
CA TYR LE 133 19.50 -113.11 -53.77
C TYR LE 133 20.33 -114.16 -54.48
N ALA ME 2 -31.87 -116.67 -34.92
CA ALA ME 2 -31.90 -116.91 -36.40
C ALA ME 2 -30.49 -117.06 -36.93
N LYS ME 3 -30.03 -118.30 -37.00
CA LYS ME 3 -28.72 -118.57 -37.56
C LYS ME 3 -28.69 -118.23 -39.05
N LEU ME 4 -27.74 -117.38 -39.44
CA LEU ME 4 -27.64 -117.01 -40.85
C LEU ME 4 -27.23 -118.20 -41.67
N GLU ME 5 -27.85 -118.34 -42.83
CA GLU ME 5 -27.44 -119.34 -43.79
C GLU ME 5 -27.96 -118.92 -45.16
N THR ME 6 -27.51 -119.62 -46.19
CA THR ME 6 -27.91 -119.31 -47.55
C THR ME 6 -29.42 -119.24 -47.67
N VAL ME 7 -29.94 -118.06 -47.97
CA VAL ME 7 -31.37 -117.85 -48.16
C VAL ME 7 -31.70 -118.01 -49.63
N THR ME 8 -32.57 -118.94 -49.94
CA THR ME 8 -32.99 -119.21 -51.31
C THR ME 8 -34.44 -118.74 -51.44
N LEU ME 9 -34.64 -117.65 -52.15
CA LEU ME 9 -35.95 -117.06 -52.32
C LEU ME 9 -36.42 -117.40 -53.73
N GLY ME 10 -37.49 -118.19 -53.82
CA GLY ME 10 -38.01 -118.65 -55.08
C GLY ME 10 -39.33 -117.99 -55.41
N ASN ME 11 -39.75 -118.18 -56.66
CA ASN ME 11 -41.02 -117.64 -57.13
C ASN ME 11 -41.03 -116.12 -56.98
N ILE ME 12 -40.12 -115.49 -57.72
CA ILE ME 12 -39.78 -114.09 -57.57
C ILE ME 12 -39.90 -113.41 -58.93
N GLY ME 13 -40.51 -112.23 -58.91
CA GLY ME 13 -40.51 -111.34 -60.05
C GLY ME 13 -41.92 -111.05 -60.53
N LYS ME 14 -41.98 -110.33 -61.65
CA LYS ME 14 -43.27 -110.07 -62.27
C LYS ME 14 -44.03 -111.38 -62.47
N ASP ME 15 -43.37 -112.36 -63.05
CA ASP ME 15 -43.97 -113.66 -63.33
C ASP ME 15 -43.83 -114.62 -62.16
N GLY ME 16 -43.05 -114.27 -61.14
CA GLY ME 16 -42.79 -115.21 -60.07
C GLY ME 16 -42.03 -116.44 -60.55
N LYS ME 17 -40.97 -116.22 -61.31
CA LYS ME 17 -40.16 -117.32 -61.81
C LYS ME 17 -38.68 -117.17 -61.50
N GLN ME 18 -38.20 -116.00 -61.10
CA GLN ME 18 -36.79 -115.82 -60.82
C GLN ME 18 -36.44 -116.36 -59.44
N THR ME 19 -35.15 -116.45 -59.18
CA THR ME 19 -34.66 -116.99 -57.92
C THR ME 19 -33.51 -116.13 -57.41
N LEU ME 20 -33.39 -116.04 -56.10
CA LEU ME 20 -32.34 -115.26 -55.47
C LEU ME 20 -31.65 -116.10 -54.41
N VAL ME 21 -30.33 -116.13 -54.45
CA VAL ME 21 -29.53 -116.87 -53.49
C VAL ME 21 -28.69 -115.84 -52.75
N LEU ME 22 -29.02 -115.58 -51.49
CA LEU ME 22 -28.32 -114.61 -50.69
C LEU ME 22 -27.44 -115.33 -49.67
N ASN ME 23 -26.21 -114.98 -49.64
CA ASN ME 23 -25.29 -115.61 -48.71
C ASN ME 23 -25.03 -114.69 -47.52
N PRO ME 24 -24.73 -115.28 -46.37
CA PRO ME 24 -24.44 -114.46 -45.19
C PRO ME 24 -23.21 -113.58 -45.38
N ARG ME 25 -23.28 -112.37 -44.83
CA ARG ME 25 -22.15 -111.45 -44.77
C ARG ME 25 -21.72 -111.15 -43.34
N GLY ME 26 -22.24 -111.89 -42.38
CA GLY ME 26 -21.93 -111.64 -40.99
C GLY ME 26 -22.77 -110.54 -40.38
N VAL ME 27 -22.30 -110.06 -39.24
CA VAL ME 27 -22.96 -109.02 -38.48
C VAL ME 27 -21.94 -107.95 -38.18
N ASN ME 28 -22.34 -106.70 -38.34
CA ASN ME 28 -21.45 -105.62 -37.94
C ASN ME 28 -21.22 -105.67 -36.43
N PRO ME 29 -19.98 -105.54 -35.96
CA PRO ME 29 -19.75 -105.62 -34.52
C PRO ME 29 -20.25 -104.42 -33.78
N THR ME 30 -20.31 -103.26 -34.43
CA THR ME 30 -20.62 -102.03 -33.74
C THR ME 30 -22.13 -101.80 -33.63
N ASN ME 31 -22.85 -102.02 -34.71
CA ASN ME 31 -24.29 -101.84 -34.69
C ASN ME 31 -25.06 -103.12 -34.52
N GLY ME 32 -24.40 -104.27 -34.64
CA GLY ME 32 -25.06 -105.53 -34.45
C GLY ME 32 -26.16 -105.75 -35.47
N VAL ME 33 -25.78 -105.79 -36.74
CA VAL ME 33 -26.73 -105.92 -37.83
C VAL ME 33 -26.22 -106.96 -38.81
N ALA ME 34 -27.07 -107.93 -39.13
CA ALA ME 34 -26.69 -108.98 -40.06
C ALA ME 34 -26.96 -108.54 -41.49
N SER ME 35 -26.16 -109.06 -42.40
CA SER ME 35 -26.26 -108.72 -43.81
C SER ME 35 -26.07 -109.96 -44.67
N LEU ME 36 -26.82 -110.02 -45.77
CA LEU ME 36 -26.68 -111.06 -46.76
C LEU ME 36 -26.50 -110.40 -48.12
N SER ME 37 -25.83 -111.12 -49.02
CA SER ME 37 -25.56 -110.60 -50.35
C SER ME 37 -25.75 -111.70 -51.38
N GLN ME 38 -26.17 -111.29 -52.57
CA GLN ME 38 -26.22 -112.22 -53.68
C GLN ME 38 -24.83 -112.55 -54.16
N ALA ME 39 -24.64 -113.78 -54.61
CA ALA ME 39 -23.37 -114.18 -55.20
C ALA ME 39 -23.20 -113.49 -56.54
N GLY ME 40 -22.11 -112.77 -56.70
CA GLY ME 40 -21.86 -112.03 -57.92
C GLY ME 40 -20.38 -111.85 -58.14
N ALA ME 41 -20.05 -111.19 -59.25
CA ALA ME 41 -18.67 -110.98 -59.63
C ALA ME 41 -18.11 -109.71 -59.04
N VAL ME 42 -18.80 -108.58 -59.22
CA VAL ME 42 -18.34 -107.29 -58.73
C VAL ME 42 -19.13 -106.98 -57.46
N PRO ME 43 -18.48 -106.78 -56.32
CA PRO ME 43 -19.24 -106.60 -55.07
C PRO ME 43 -20.21 -105.45 -55.13
N ALA ME 44 -19.95 -104.43 -55.95
CA ALA ME 44 -20.81 -103.27 -56.00
C ALA ME 44 -22.21 -103.60 -56.52
N LEU ME 45 -22.34 -104.66 -57.31
CA LEU ME 45 -23.61 -104.96 -57.97
C LEU ME 45 -24.35 -106.10 -57.31
N GLU ME 46 -23.98 -106.48 -56.09
CA GLU ME 46 -24.65 -107.57 -55.40
C GLU ME 46 -25.85 -107.02 -54.66
N LYS ME 47 -26.99 -107.65 -54.87
CA LYS ME 47 -28.19 -107.26 -54.16
C LYS ME 47 -28.03 -107.65 -52.70
N ARG ME 48 -28.22 -106.69 -51.81
CA ARG ME 48 -27.97 -106.87 -50.40
C ARG ME 48 -29.26 -106.79 -49.60
N VAL ME 49 -29.28 -107.47 -48.47
CA VAL ME 49 -30.41 -107.38 -47.56
C VAL ME 49 -29.89 -107.34 -46.13
N THR ME 50 -30.44 -106.43 -45.34
CA THR ME 50 -29.98 -106.18 -43.99
C THR ME 50 -31.07 -106.51 -42.99
N VAL ME 51 -30.68 -106.95 -41.80
CA VAL ME 51 -31.63 -107.22 -40.73
C VAL ME 51 -31.00 -106.82 -39.42
N SER ME 52 -31.70 -105.98 -38.65
CA SER ME 52 -31.27 -105.60 -37.33
C SER ME 52 -32.41 -105.81 -36.35
N VAL ME 53 -32.06 -106.19 -35.13
CA VAL ME 53 -33.04 -106.35 -34.07
C VAL ME 53 -32.52 -105.73 -32.78
N SER ME 54 -32.85 -104.47 -32.57
CA SER ME 54 -32.37 -103.78 -31.38
C SER ME 54 -33.06 -104.35 -30.14
N GLN ME 55 -32.32 -104.34 -29.05
CA GLN ME 55 -32.85 -104.78 -27.77
C GLN ME 55 -33.59 -103.65 -27.08
N PRO ME 56 -34.36 -103.98 -26.06
CA PRO ME 56 -35.17 -102.98 -25.39
C PRO ME 56 -34.39 -101.75 -24.96
N SER ME 57 -34.97 -100.59 -25.19
CA SER ME 57 -34.40 -99.34 -24.74
C SER ME 57 -34.74 -99.10 -23.28
N ARG ME 58 -34.54 -97.87 -22.80
CA ARG ME 58 -34.75 -97.53 -21.39
C ARG ME 58 -36.09 -96.84 -21.20
N ASN ME 59 -36.84 -97.28 -20.18
CA ASN ME 59 -38.08 -96.66 -19.73
C ASN ME 59 -39.25 -96.88 -20.70
N ARG ME 60 -38.96 -97.32 -21.91
CA ARG ME 60 -40.00 -97.56 -22.90
C ARG ME 60 -39.84 -98.93 -23.53
N LYS ME 61 -38.59 -99.33 -23.76
CA LYS ME 61 -38.15 -100.65 -24.18
C LYS ME 61 -38.51 -101.01 -25.62
N ASN ME 62 -39.61 -100.50 -26.18
CA ASN ME 62 -39.78 -100.40 -27.63
C ASN ME 62 -39.06 -101.43 -28.49
N TYR ME 63 -39.34 -102.73 -28.35
CA TYR ME 63 -38.71 -103.73 -29.22
C TYR ME 63 -38.79 -103.30 -30.67
N LYS ME 64 -37.67 -103.41 -31.38
CA LYS ME 64 -37.55 -102.86 -32.72
C LYS ME 64 -36.76 -103.80 -33.62
N VAL ME 65 -37.19 -103.87 -34.88
CA VAL ME 65 -36.53 -104.69 -35.89
C VAL ME 65 -36.54 -103.95 -37.21
N GLN ME 66 -35.43 -104.05 -37.94
CA GLN ME 66 -35.24 -103.32 -39.20
C GLN ME 66 -34.81 -104.27 -40.28
N VAL ME 67 -35.28 -104.02 -41.51
CA VAL ME 67 -34.99 -104.87 -42.65
C VAL ME 67 -34.79 -103.97 -43.87
N LYS ME 68 -33.57 -103.92 -44.38
CA LYS ME 68 -33.23 -103.07 -45.52
C LYS ME 68 -32.81 -103.92 -46.70
N ILE ME 69 -33.53 -103.78 -47.80
CA ILE ME 69 -33.21 -104.41 -49.07
C ILE ME 69 -32.65 -103.33 -49.97
N GLN ME 70 -31.48 -103.58 -50.54
CA GLN ME 70 -30.89 -102.70 -51.54
C GLN ME 70 -30.63 -103.47 -52.81
N ASN ME 71 -31.12 -102.94 -53.92
CA ASN ME 71 -30.90 -103.54 -55.22
C ASN ME 71 -30.22 -102.51 -56.12
N PRO ME 72 -28.94 -102.61 -56.37
CA PRO ME 72 -28.31 -101.71 -57.33
C PRO ME 72 -28.42 -102.22 -58.76
N THR ME 73 -28.10 -101.34 -59.70
CA THR ME 73 -28.09 -101.67 -61.11
C THR ME 73 -27.23 -100.64 -61.81
N ALA ME 74 -26.16 -101.10 -62.44
CA ALA ME 74 -25.20 -100.24 -63.09
C ALA ME 74 -25.43 -100.29 -64.60
N CYS ME 75 -24.57 -99.56 -65.32
CA CYS ME 75 -24.64 -99.55 -66.77
C CYS ME 75 -23.29 -99.07 -67.29
N THR ME 76 -22.52 -99.97 -67.87
CA THR ME 76 -21.19 -99.63 -68.36
C THR ME 76 -21.27 -98.51 -69.38
N ALA ME 77 -20.71 -97.37 -69.06
CA ALA ME 77 -20.68 -96.25 -69.97
C ALA ME 77 -19.65 -96.48 -71.07
N ASN ME 78 -19.85 -95.77 -72.18
CA ASN ME 78 -18.91 -95.83 -73.29
C ASN ME 78 -17.55 -95.30 -72.86
N GLY ME 79 -16.51 -96.12 -73.00
CA GLY ME 79 -15.17 -95.75 -72.60
C GLY ME 79 -14.92 -95.89 -71.11
N SER ME 80 -15.91 -96.31 -70.35
CA SER ME 80 -15.77 -96.52 -68.92
C SER ME 80 -15.56 -98.01 -68.68
N CYS ME 81 -14.45 -98.33 -68.03
CA CYS ME 81 -14.06 -99.72 -67.77
C CYS ME 81 -14.52 -100.19 -66.39
N ASP ME 82 -15.61 -99.64 -65.88
CA ASP ME 82 -16.14 -100.02 -64.58
C ASP ME 82 -17.63 -99.76 -64.55
N PRO ME 83 -18.46 -100.79 -64.45
CA PRO ME 83 -19.91 -100.54 -64.49
C PRO ME 83 -20.39 -99.81 -63.25
N SER ME 84 -20.22 -98.49 -63.26
CA SER ME 84 -20.62 -97.68 -62.12
C SER ME 84 -22.11 -97.83 -61.85
N VAL ME 85 -22.45 -97.91 -60.57
CA VAL ME 85 -23.84 -98.07 -60.17
C VAL ME 85 -24.61 -96.80 -60.50
N THR ME 86 -25.58 -96.92 -61.39
CA THR ME 86 -26.35 -95.77 -61.83
C THR ME 86 -27.78 -95.78 -61.30
N ARG ME 87 -28.20 -96.83 -60.61
CA ARG ME 87 -29.54 -96.88 -60.06
C ARG ME 87 -29.53 -97.78 -58.84
N GLN ME 88 -30.35 -97.45 -57.85
CA GLN ME 88 -30.47 -98.30 -56.67
C GLN ME 88 -31.88 -98.17 -56.12
N ALA ME 89 -32.47 -99.31 -55.80
CA ALA ME 89 -33.78 -99.38 -55.18
C ALA ME 89 -33.60 -99.72 -53.71
N TYR ME 90 -34.39 -99.08 -52.87
CA TYR ME 90 -34.27 -99.18 -51.43
C TYR ME 90 -35.62 -99.54 -50.83
N ALA ME 91 -35.62 -100.53 -49.93
CA ALA ME 91 -36.85 -100.96 -49.28
C ALA ME 91 -36.52 -101.16 -47.80
N ASP ME 92 -37.08 -100.32 -46.95
CA ASP ME 92 -36.86 -100.39 -45.51
C ASP ME 92 -38.16 -100.77 -44.82
N VAL ME 93 -38.12 -101.84 -44.05
CA VAL ME 93 -39.25 -102.32 -43.28
C VAL ME 93 -38.88 -102.20 -41.81
N THR ME 94 -39.85 -101.83 -40.99
CA THR ME 94 -39.59 -101.53 -39.59
C THR ME 94 -40.71 -102.09 -38.73
N PHE ME 95 -40.40 -103.14 -37.98
CA PHE ME 95 -41.33 -103.71 -37.00
C PHE ME 95 -41.12 -103.06 -35.65
N SER ME 96 -42.23 -102.68 -35.02
CA SER ME 96 -42.20 -102.08 -33.69
C SER ME 96 -43.14 -102.85 -32.78
N PHE ME 97 -42.61 -103.35 -31.69
CA PHE ME 97 -43.30 -104.19 -30.74
C PHE ME 97 -43.08 -103.61 -29.36
N THR ME 98 -43.99 -103.89 -28.42
CA THR ME 98 -43.71 -103.45 -27.07
C THR ME 98 -43.47 -104.65 -26.16
N GLN ME 99 -43.03 -104.34 -24.94
CA GLN ME 99 -42.33 -105.29 -24.09
C GLN ME 99 -43.15 -106.52 -23.77
N TYR ME 100 -44.47 -106.48 -23.94
CA TYR ME 100 -45.32 -107.60 -23.57
C TYR ME 100 -45.71 -108.42 -24.79
N SER ME 101 -44.92 -108.31 -25.87
CA SER ME 101 -45.35 -108.78 -27.17
C SER ME 101 -45.68 -110.26 -27.08
N THR ME 102 -46.39 -110.77 -28.07
CA THR ME 102 -46.58 -112.20 -28.14
C THR ME 102 -46.33 -112.69 -29.56
N ASP ME 103 -45.67 -113.84 -29.62
CA ASP ME 103 -45.48 -114.51 -30.91
C ASP ME 103 -46.72 -114.39 -31.76
N GLU ME 104 -47.90 -114.52 -31.13
CA GLU ME 104 -49.15 -114.49 -31.88
C GLU ME 104 -49.24 -113.23 -32.71
N GLU ME 105 -49.28 -112.08 -32.06
CA GLU ME 105 -49.44 -110.83 -32.77
C GLU ME 105 -48.28 -110.59 -33.71
N ARG ME 106 -47.06 -110.91 -33.30
CA ARG ME 106 -45.93 -110.63 -34.15
C ARG ME 106 -46.04 -111.38 -35.47
N ALA ME 107 -46.29 -112.68 -35.40
CA ALA ME 107 -46.49 -113.44 -36.62
C ALA ME 107 -47.68 -112.94 -37.39
N PHE ME 108 -48.73 -112.51 -36.68
CA PHE ME 108 -49.91 -111.97 -37.36
C PHE ME 108 -49.52 -110.81 -38.25
N VAL ME 109 -48.77 -109.87 -37.68
CA VAL ME 109 -48.32 -108.72 -38.46
C VAL ME 109 -47.45 -109.18 -39.61
N ARG ME 110 -46.54 -110.10 -39.34
CA ARG ME 110 -45.65 -110.54 -40.41
C ARG ME 110 -46.44 -111.07 -41.59
N THR ME 111 -47.34 -112.01 -41.34
CA THR ME 111 -48.11 -112.58 -42.43
C THR ME 111 -48.95 -111.52 -43.11
N GLU ME 112 -49.56 -110.63 -42.34
CA GLU ME 112 -50.40 -109.63 -42.98
C GLU ME 112 -49.58 -108.76 -43.91
N LEU ME 113 -48.40 -108.33 -43.47
CA LEU ME 113 -47.57 -107.53 -44.34
C LEU ME 113 -47.20 -108.31 -45.59
N ALA ME 114 -46.82 -109.57 -45.42
CA ALA ME 114 -46.41 -110.36 -46.58
C ALA ME 114 -47.52 -110.40 -47.60
N ALA ME 115 -48.73 -110.66 -47.15
CA ALA ME 115 -49.75 -110.94 -48.13
C ALA ME 115 -50.44 -109.65 -48.59
N LEU ME 116 -50.27 -108.55 -47.85
CA LEU ME 116 -50.49 -107.26 -48.46
C LEU ME 116 -49.54 -107.05 -49.63
N LEU ME 117 -48.26 -107.34 -49.41
CA LEU ME 117 -47.29 -107.24 -50.49
C LEU ME 117 -47.68 -108.09 -51.68
N ALA ME 118 -48.40 -109.18 -51.44
CA ALA ME 118 -48.89 -110.01 -52.53
C ALA ME 118 -50.21 -109.53 -53.12
N SER ME 119 -51.01 -108.75 -52.39
CA SER ME 119 -52.35 -108.42 -52.82
C SER ME 119 -52.34 -107.41 -53.98
N PRO ME 120 -53.41 -107.39 -54.78
CA PRO ME 120 -53.48 -106.44 -55.90
C PRO ME 120 -53.29 -105.01 -55.49
N LEU ME 121 -53.72 -104.61 -54.29
CA LEU ME 121 -53.57 -103.22 -53.90
C LEU ME 121 -52.12 -102.82 -54.02
N LEU ME 122 -51.27 -103.45 -53.23
CA LEU ME 122 -49.86 -103.11 -53.27
C LEU ME 122 -49.27 -103.39 -54.63
N ILE ME 123 -49.77 -104.43 -55.33
CA ILE ME 123 -49.32 -104.68 -56.69
C ILE ME 123 -49.38 -103.39 -57.48
N ASP ME 124 -50.57 -102.83 -57.59
CA ASP ME 124 -50.77 -101.62 -58.36
C ASP ME 124 -50.09 -100.41 -57.74
N ALA ME 125 -49.88 -100.44 -56.42
CA ALA ME 125 -49.27 -99.30 -55.76
C ALA ME 125 -47.81 -99.15 -56.09
N ILE ME 126 -47.06 -100.25 -56.06
CA ILE ME 126 -45.62 -100.25 -56.27
C ILE ME 126 -45.29 -100.52 -57.71
N ASP ME 127 -45.79 -101.62 -58.26
CA ASP ME 127 -45.36 -102.12 -59.55
C ASP ME 127 -45.58 -101.09 -60.65
N GLN ME 128 -46.50 -100.16 -60.45
CA GLN ME 128 -46.75 -99.11 -61.42
C GLN ME 128 -46.89 -97.72 -60.79
N LEU ME 129 -46.45 -97.52 -59.55
CA LEU ME 129 -46.51 -96.20 -58.89
C LEU ME 129 -47.90 -95.59 -59.02
N ASN ME 130 -48.88 -96.23 -58.42
CA ASN ME 130 -50.26 -95.82 -58.59
C ASN ME 130 -50.87 -95.46 -57.25
N PRO ME 131 -51.09 -94.19 -56.95
CA PRO ME 131 -51.74 -93.84 -55.69
C PRO ME 131 -53.06 -94.57 -55.53
N ALA ME 132 -53.27 -95.09 -54.33
CA ALA ME 132 -54.51 -95.80 -54.03
C ALA ME 132 -55.64 -94.79 -53.94
N TYR ME 133 -56.72 -95.05 -54.66
CA TYR ME 133 -57.92 -94.23 -54.59
C TYR ME 133 -59.16 -95.03 -54.97
N ALA NE 2 -66.09 -60.10 -97.63
CA ALA NE 2 -65.58 -58.75 -97.98
C ALA NE 2 -64.16 -58.83 -98.56
N LYS NE 3 -64.02 -59.54 -99.66
CA LYS NE 3 -62.72 -59.63 -100.32
C LYS NE 3 -62.35 -58.28 -100.91
N LEU NE 4 -61.05 -58.00 -100.94
CA LEU NE 4 -60.51 -56.76 -101.50
C LEU NE 4 -60.15 -56.95 -102.96
N GLU NE 5 -60.62 -56.04 -103.80
CA GLU NE 5 -60.28 -56.07 -105.21
C GLU NE 5 -60.48 -54.67 -105.76
N THR NE 6 -60.46 -54.56 -107.08
CA THR NE 6 -60.67 -53.28 -107.73
C THR NE 6 -62.14 -52.93 -107.73
N VAL NE 7 -62.46 -51.72 -107.31
CA VAL NE 7 -63.81 -51.20 -107.32
C VAL NE 7 -63.89 -50.17 -108.43
N THR NE 8 -64.82 -50.37 -109.35
CA THR NE 8 -65.00 -49.47 -110.50
C THR NE 8 -66.24 -48.65 -110.22
N LEU NE 9 -66.04 -47.49 -109.64
CA LEU NE 9 -67.12 -46.73 -109.03
C LEU NE 9 -67.54 -45.67 -110.05
N GLY NE 10 -68.71 -45.87 -110.68
CA GLY NE 10 -69.11 -45.06 -111.81
C GLY NE 10 -70.26 -44.11 -111.54
N ASN NE 11 -70.52 -43.21 -112.48
CA ASN NE 11 -71.57 -42.21 -112.33
C ASN NE 11 -71.34 -41.37 -111.08
N ILE NE 12 -70.26 -40.61 -111.14
CA ILE NE 12 -69.79 -39.79 -110.03
C ILE NE 12 -69.78 -38.34 -110.46
N GLY NE 13 -69.90 -37.44 -109.48
CA GLY NE 13 -69.79 -36.01 -109.68
C GLY NE 13 -71.14 -35.33 -109.73
N LYS NE 14 -71.11 -34.01 -109.94
CA LYS NE 14 -72.36 -33.29 -110.08
C LYS NE 14 -73.25 -33.95 -111.10
N ASP NE 15 -72.72 -34.20 -112.28
CA ASP NE 15 -73.49 -34.76 -113.37
C ASP NE 15 -73.38 -36.27 -113.44
N GLY NE 16 -72.66 -36.90 -112.53
CA GLY NE 16 -72.61 -38.33 -112.49
C GLY NE 16 -72.04 -38.91 -113.77
N LYS NE 17 -70.90 -38.38 -114.21
CA LYS NE 17 -70.32 -38.78 -115.46
C LYS NE 17 -68.90 -39.30 -115.35
N GLN NE 18 -68.18 -38.99 -114.27
CA GLN NE 18 -66.82 -39.47 -114.12
C GLN NE 18 -66.82 -40.85 -113.49
N THR NE 19 -65.62 -41.43 -113.37
CA THR NE 19 -65.45 -42.78 -112.88
C THR NE 19 -64.17 -42.85 -112.08
N LEU NE 20 -64.21 -43.55 -110.95
CA LEU NE 20 -63.03 -43.74 -110.11
C LEU NE 20 -62.74 -45.22 -109.93
N VAL NE 21 -61.51 -45.61 -110.22
CA VAL NE 21 -61.06 -46.98 -110.06
C VAL NE 21 -60.23 -47.03 -108.79
N LEU NE 22 -60.64 -47.84 -107.84
CA LEU NE 22 -59.97 -47.98 -106.56
C LEU NE 22 -59.36 -49.37 -106.48
N ASN NE 23 -58.07 -49.43 -106.50
CA ASN NE 23 -57.43 -50.72 -106.29
C ASN NE 23 -57.00 -50.86 -104.84
N PRO NE 24 -56.89 -52.10 -104.37
CA PRO NE 24 -56.69 -52.35 -102.95
C PRO NE 24 -55.26 -52.13 -102.52
N ARG NE 25 -55.08 -52.15 -101.20
CA ARG NE 25 -53.77 -52.06 -100.58
C ARG NE 25 -53.81 -53.10 -99.48
N GLY NE 26 -52.94 -53.01 -98.48
CA GLY NE 26 -52.93 -53.96 -97.37
C GLY NE 26 -53.70 -53.42 -96.17
N VAL NE 27 -54.16 -54.35 -95.33
CA VAL NE 27 -54.85 -53.97 -94.11
C VAL NE 27 -53.81 -53.61 -93.06
N ASN NE 28 -53.97 -52.45 -92.47
CA ASN NE 28 -53.15 -52.05 -91.34
C ASN NE 28 -53.22 -53.11 -90.27
N PRO NE 29 -52.15 -53.87 -90.07
CA PRO NE 29 -52.15 -54.82 -88.95
C PRO NE 29 -52.32 -54.15 -87.61
N THR NE 30 -51.86 -52.90 -87.47
CA THR NE 30 -51.92 -52.26 -86.16
C THR NE 30 -53.35 -52.08 -85.68
N ASN NE 31 -54.29 -51.92 -86.60
CA ASN NE 31 -55.68 -51.74 -86.19
C ASN NE 31 -56.66 -52.46 -87.10
N GLY NE 32 -56.20 -53.21 -88.08
CA GLY NE 32 -57.11 -53.91 -88.97
C GLY NE 32 -57.95 -52.95 -89.77
N VAL NE 33 -57.33 -52.21 -90.69
CA VAL NE 33 -58.03 -51.28 -91.55
C VAL NE 33 -57.64 -51.58 -92.99
N ALA NE 34 -58.61 -52.01 -93.79
CA ALA NE 34 -58.35 -52.19 -95.21
C ALA NE 34 -58.38 -50.84 -95.91
N SER NE 35 -57.68 -50.76 -97.03
CA SER NE 35 -57.49 -49.49 -97.71
C SER NE 35 -57.58 -49.64 -99.23
N LEU NE 36 -58.17 -48.63 -99.86
CA LEU NE 36 -58.33 -48.54 -101.30
C LEU NE 36 -57.79 -47.20 -101.76
N SER NE 37 -57.20 -47.19 -102.95
CA SER NE 37 -56.66 -45.94 -103.46
C SER NE 37 -56.81 -45.89 -104.97
N GLN NE 38 -56.73 -44.67 -105.51
CA GLN NE 38 -56.90 -44.45 -106.93
C GLN NE 38 -55.98 -45.39 -107.69
N ALA NE 39 -56.29 -45.65 -108.96
CA ALA NE 39 -55.49 -46.58 -109.73
C ALA NE 39 -54.03 -46.18 -109.77
N GLY NE 40 -53.73 -44.91 -109.58
CA GLY NE 40 -52.38 -44.41 -109.62
C GLY NE 40 -52.18 -43.39 -110.72
N ALA NE 41 -50.93 -43.00 -110.92
CA ALA NE 41 -49.80 -43.50 -110.14
C ALA NE 41 -49.69 -42.79 -108.80
N VAL NE 42 -49.31 -41.52 -108.82
CA VAL NE 42 -49.22 -40.76 -107.57
C VAL NE 42 -50.58 -40.69 -106.90
N PRO NE 43 -51.69 -40.43 -107.61
CA PRO NE 43 -53.00 -40.39 -106.94
C PRO NE 43 -53.23 -41.55 -105.99
N ALA NE 44 -52.55 -42.68 -106.16
CA ALA NE 44 -52.69 -43.77 -105.21
C ALA NE 44 -52.24 -43.35 -103.82
N LEU NE 45 -51.29 -42.42 -103.74
CA LEU NE 45 -50.87 -41.85 -102.47
C LEU NE 45 -51.57 -40.54 -102.17
N GLU NE 46 -52.68 -40.25 -102.84
CA GLU NE 46 -53.48 -39.08 -102.50
C GLU NE 46 -54.92 -39.45 -102.17
N LYS NE 47 -55.61 -40.13 -103.07
CA LYS NE 47 -56.98 -40.60 -102.81
C LYS NE 47 -56.95 -41.79 -101.88
N ARG NE 48 -57.86 -41.80 -100.90
CA ARG NE 48 -57.88 -42.89 -99.93
C ARG NE 48 -59.31 -43.23 -99.53
N VAL NE 49 -59.56 -44.52 -99.33
CA VAL NE 49 -60.83 -44.99 -98.82
C VAL NE 49 -60.54 -46.17 -97.90
N THR NE 50 -60.74 -45.97 -96.61
CA THR NE 50 -60.39 -46.96 -95.61
C THR NE 50 -61.66 -47.52 -94.99
N VAL NE 51 -61.63 -48.82 -94.71
CA VAL NE 51 -62.76 -49.53 -94.14
C VAL NE 51 -62.28 -50.34 -92.95
N SER NE 52 -63.09 -50.37 -91.91
CA SER NE 52 -62.74 -51.07 -90.68
C SER NE 52 -64.01 -51.60 -90.04
N VAL NE 53 -63.95 -52.80 -89.48
CA VAL NE 53 -65.06 -53.36 -88.71
C VAL NE 53 -64.49 -53.79 -87.36
N SER NE 54 -64.97 -53.18 -86.30
CA SER NE 54 -64.54 -53.48 -84.94
C SER NE 54 -65.55 -54.44 -84.33
N GLN NE 55 -65.08 -55.63 -83.96
CA GLN NE 55 -65.92 -56.62 -83.32
C GLN NE 55 -66.13 -56.26 -81.86
N PRO NE 56 -67.13 -56.85 -81.22
CA PRO NE 56 -67.40 -56.53 -79.81
C PRO NE 56 -66.17 -56.70 -78.93
N SER NE 57 -66.14 -56.00 -77.82
CA SER NE 57 -65.06 -56.10 -76.85
C SER NE 57 -65.52 -55.38 -75.59
N ARG NE 58 -64.60 -55.22 -74.63
CA ARG NE 58 -64.96 -54.57 -73.39
C ARG NE 58 -65.40 -53.13 -73.61
N ASN NE 59 -64.99 -52.53 -74.71
CA ASN NE 59 -65.35 -51.15 -75.02
C ASN NE 59 -66.38 -51.05 -76.14
N ARG NE 60 -66.35 -51.96 -77.12
CA ARG NE 60 -67.42 -52.12 -78.09
C ARG NE 60 -68.52 -52.96 -77.46
N LYS NE 61 -69.67 -53.13 -78.12
CA LYS NE 61 -70.57 -54.19 -77.64
C LYS NE 61 -71.35 -55.04 -78.64
N ASN NE 62 -72.14 -54.51 -79.60
CA ASN NE 62 -72.11 -53.21 -80.28
C ASN NE 62 -70.89 -53.14 -81.20
N TYR NE 63 -70.99 -54.00 -82.21
CA TYR NE 63 -70.15 -53.94 -83.39
C TYR NE 63 -70.09 -52.52 -83.92
N LYS NE 64 -68.96 -52.17 -84.51
CA LYS NE 64 -68.81 -50.91 -85.21
C LYS NE 64 -68.25 -51.14 -86.60
N VAL NE 65 -68.57 -50.24 -87.51
CA VAL NE 65 -67.98 -50.26 -88.83
C VAL NE 65 -67.77 -48.84 -89.30
N GLN NE 66 -66.52 -48.49 -89.54
CA GLN NE 66 -66.14 -47.15 -89.93
C GLN NE 66 -65.65 -47.16 -91.36
N VAL NE 67 -65.98 -46.11 -92.09
CA VAL NE 67 -65.56 -45.96 -93.47
C VAL NE 67 -65.10 -44.52 -93.62
N LYS NE 68 -63.81 -44.32 -93.81
CA LYS NE 68 -63.22 -42.99 -93.93
C LYS NE 68 -62.78 -42.77 -95.36
N ILE NE 69 -63.38 -41.80 -96.02
CA ILE NE 69 -63.04 -41.43 -97.37
C ILE NE 69 -62.31 -40.09 -97.33
N GLN NE 70 -61.21 -39.98 -98.07
CA GLN NE 70 -60.42 -38.75 -98.08
C GLN NE 70 -59.92 -38.47 -99.49
N ASN NE 71 -60.09 -37.24 -99.93
CA ASN NE 71 -59.58 -36.77 -101.22
C ASN NE 71 -58.81 -35.47 -101.01
N PRO NE 72 -57.53 -35.45 -101.23
CA PRO NE 72 -56.80 -34.18 -101.21
C PRO NE 72 -56.72 -33.57 -102.59
N THR NE 73 -57.13 -32.32 -102.72
CA THR NE 73 -56.90 -31.59 -103.97
C THR NE 73 -55.56 -30.88 -103.89
N ALA NE 74 -54.76 -31.05 -104.93
CA ALA NE 74 -53.43 -30.48 -104.98
C ALA NE 74 -53.30 -29.64 -106.23
N CYS NE 75 -52.19 -28.91 -106.32
CA CYS NE 75 -51.94 -28.08 -107.49
C CYS NE 75 -50.45 -27.84 -107.59
N THR NE 76 -50.04 -27.34 -108.75
CA THR NE 76 -48.65 -27.05 -109.04
C THR NE 76 -48.48 -25.55 -109.24
N ALA NE 77 -47.73 -24.91 -108.36
CA ALA NE 77 -47.48 -23.48 -108.53
C ALA NE 77 -46.75 -23.24 -109.84
N ASN NE 78 -46.91 -22.03 -110.38
CA ASN NE 78 -46.32 -21.72 -111.67
C ASN NE 78 -44.82 -21.60 -111.53
N GLY NE 79 -44.13 -22.74 -111.65
CA GLY NE 79 -42.70 -22.77 -111.55
C GLY NE 79 -42.21 -23.98 -110.79
N SER NE 80 -42.99 -24.45 -109.82
CA SER NE 80 -42.62 -25.67 -109.11
C SER NE 80 -42.87 -26.87 -110.02
N CYS NE 81 -42.59 -28.05 -109.51
CA CYS NE 81 -42.72 -29.28 -110.27
C CYS NE 81 -43.64 -30.25 -109.56
N ASP NE 82 -43.32 -30.53 -108.32
CA ASP NE 82 -44.04 -31.53 -107.55
C ASP NE 82 -45.34 -30.91 -107.04
N PRO NE 83 -46.49 -31.49 -107.33
CA PRO NE 83 -47.76 -30.88 -106.89
C PRO NE 83 -47.92 -30.96 -105.39
N SER NE 84 -48.28 -29.83 -104.79
CA SER NE 84 -48.49 -29.77 -103.35
C SER NE 84 -49.97 -29.74 -103.04
N VAL NE 85 -50.35 -30.41 -101.96
CA VAL NE 85 -51.74 -30.54 -101.57
C VAL NE 85 -52.20 -29.22 -100.98
N THR NE 86 -53.14 -28.57 -101.63
CA THR NE 86 -53.59 -27.26 -101.17
C THR NE 86 -54.91 -27.32 -100.45
N ARG NE 87 -55.64 -28.42 -100.58
CA ARG NE 87 -56.94 -28.52 -99.96
C ARG NE 87 -57.22 -29.99 -99.70
N GLN NE 88 -58.13 -30.26 -98.79
CA GLN NE 88 -58.30 -31.64 -98.32
C GLN NE 88 -59.72 -31.81 -97.80
N ALA NE 89 -60.50 -32.64 -98.48
CA ALA NE 89 -61.84 -32.97 -98.01
C ALA NE 89 -61.87 -34.42 -97.56
N TYR NE 90 -62.74 -34.71 -96.60
CA TYR NE 90 -62.91 -36.10 -96.22
C TYR NE 90 -64.13 -36.26 -95.36
N ALA NE 91 -64.71 -37.45 -95.41
CA ALA NE 91 -65.91 -37.80 -94.67
C ALA NE 91 -65.70 -39.15 -94.00
N ASP NE 92 -66.51 -39.41 -92.98
CA ASP NE 92 -66.36 -40.60 -92.16
C ASP NE 92 -67.76 -41.08 -91.77
N VAL NE 93 -68.13 -42.21 -92.27
CA VAL NE 93 -69.41 -42.82 -91.91
C VAL NE 93 -69.15 -43.83 -90.81
N THR NE 94 -70.04 -43.87 -89.83
CA THR NE 94 -69.88 -44.74 -88.67
C THR NE 94 -71.20 -45.46 -88.43
N PHE NE 95 -71.13 -46.79 -88.44
CA PHE NE 95 -72.27 -47.64 -88.11
C PHE NE 95 -72.02 -48.32 -86.78
N SER NE 96 -73.01 -48.25 -85.89
CA SER NE 96 -72.93 -48.93 -84.61
C SER NE 96 -74.12 -49.89 -84.56
N PHE NE 97 -73.81 -51.18 -84.49
CA PHE NE 97 -74.78 -52.23 -84.71
C PHE NE 97 -74.79 -53.13 -83.48
N THR NE 98 -75.97 -53.55 -83.05
CA THR NE 98 -76.04 -54.30 -81.82
C THR NE 98 -75.78 -55.78 -82.08
N GLN NE 99 -75.27 -56.43 -81.04
CA GLN NE 99 -74.78 -57.78 -81.18
C GLN NE 99 -75.88 -58.72 -81.64
N TYR NE 100 -77.14 -58.33 -81.43
CA TYR NE 100 -78.27 -59.08 -81.95
C TYR NE 100 -78.78 -58.54 -83.27
N SER NE 101 -78.08 -57.60 -83.86
CA SER NE 101 -78.55 -57.01 -85.10
C SER NE 101 -78.85 -58.09 -86.12
N THR NE 102 -79.64 -57.75 -87.14
CA THR NE 102 -79.93 -58.65 -88.23
C THR NE 102 -79.47 -58.06 -89.55
N ASP NE 103 -78.90 -58.90 -90.40
CA ASP NE 103 -78.46 -58.43 -91.71
C ASP NE 103 -79.58 -57.73 -92.43
N GLU NE 104 -80.82 -58.17 -92.21
CA GLU NE 104 -81.96 -57.48 -92.79
C GLU NE 104 -81.89 -56.00 -92.51
N GLU NE 105 -81.99 -55.62 -91.24
CA GLU NE 105 -82.02 -54.20 -90.92
C GLU NE 105 -80.68 -53.56 -91.22
N ARG NE 106 -79.60 -54.33 -91.20
CA ARG NE 106 -78.31 -53.76 -91.55
C ARG NE 106 -78.33 -53.24 -92.99
N ALA NE 107 -78.75 -54.09 -93.92
CA ALA NE 107 -78.87 -53.68 -95.30
C ALA NE 107 -79.89 -52.56 -95.42
N PHE NE 108 -80.96 -52.62 -94.64
CA PHE NE 108 -81.93 -51.53 -94.68
C PHE NE 108 -81.27 -50.21 -94.35
N VAL NE 109 -80.47 -50.19 -93.29
CA VAL NE 109 -79.79 -48.96 -92.88
C VAL NE 109 -78.86 -48.48 -93.96
N ARG NE 110 -78.08 -49.40 -94.52
CA ARG NE 110 -77.14 -49.01 -95.53
C ARG NE 110 -77.83 -48.37 -96.72
N THR NE 111 -78.81 -49.06 -97.29
CA THR NE 111 -79.48 -48.50 -98.45
C THR NE 111 -80.22 -47.23 -98.09
N GLU NE 112 -80.69 -47.11 -96.85
CA GLU NE 112 -81.29 -45.87 -96.40
C GLU NE 112 -80.31 -44.73 -96.56
N LEU NE 113 -79.12 -44.91 -96.01
CA LEU NE 113 -78.11 -43.87 -96.12
C LEU NE 113 -77.82 -43.57 -97.56
N ALA NE 114 -77.75 -44.60 -98.40
CA ALA NE 114 -77.42 -44.38 -99.79
C ALA NE 114 -78.44 -43.48 -100.46
N ALA NE 115 -79.71 -43.82 -100.33
CA ALA NE 115 -80.69 -43.05 -101.07
C ALA NE 115 -80.93 -41.68 -100.42
N LEU NE 116 -80.61 -41.52 -99.13
CA LEU NE 116 -80.59 -40.18 -98.58
C LEU NE 116 -79.50 -39.36 -99.22
N LEU NE 117 -78.31 -39.93 -99.34
CA LEU NE 117 -77.22 -39.22 -100.01
C LEU NE 117 -77.62 -38.85 -101.43
N ALA NE 118 -78.41 -39.70 -102.08
CA ALA NE 118 -78.87 -39.40 -103.43
C ALA NE 118 -80.06 -38.47 -103.48
N SER NE 119 -80.70 -38.20 -102.36
CA SER NE 119 -81.93 -37.42 -102.38
C SER NE 119 -81.65 -35.92 -102.41
N PRO NE 120 -82.60 -35.12 -102.88
CA PRO NE 120 -82.36 -33.68 -103.02
C PRO NE 120 -81.88 -33.05 -101.73
N LEU NE 121 -82.38 -33.53 -100.60
CA LEU NE 121 -82.05 -32.94 -99.32
C LEU NE 121 -80.54 -32.86 -99.13
N LEU NE 122 -79.88 -34.01 -99.03
CA LEU NE 122 -78.47 -33.98 -98.68
C LEU NE 122 -77.63 -33.40 -99.80
N ILE NE 123 -78.01 -33.63 -101.07
CA ILE NE 123 -77.24 -33.05 -102.15
C ILE NE 123 -77.23 -31.54 -102.02
N ASP NE 124 -78.38 -30.94 -101.72
CA ASP NE 124 -78.42 -29.50 -101.58
C ASP NE 124 -77.66 -29.06 -100.34
N ALA NE 125 -77.75 -29.83 -99.27
CA ALA NE 125 -77.15 -29.44 -98.01
C ALA NE 125 -75.64 -29.65 -97.99
N ILE NE 126 -75.10 -30.42 -98.93
CA ILE NE 126 -73.68 -30.76 -98.92
C ILE NE 126 -72.98 -30.06 -100.09
N ASP NE 127 -73.61 -30.09 -101.25
CA ASP NE 127 -73.01 -29.51 -102.44
C ASP NE 127 -72.98 -28.00 -102.33
N GLN NE 128 -74.03 -27.43 -101.76
CA GLN NE 128 -74.14 -26.00 -101.57
C GLN NE 128 -74.01 -25.60 -100.12
N LEU NE 129 -73.92 -26.56 -99.21
CA LEU NE 129 -73.85 -26.29 -97.78
C LEU NE 129 -75.00 -25.42 -97.35
N ASN NE 130 -76.19 -25.73 -97.84
CA ASN NE 130 -77.36 -24.99 -97.44
C ASN NE 130 -78.06 -25.74 -96.32
N PRO NE 131 -78.19 -25.18 -95.13
CA PRO NE 131 -79.00 -25.83 -94.10
C PRO NE 131 -80.43 -25.97 -94.60
N ALA NE 132 -81.13 -26.92 -94.02
CA ALA NE 132 -82.48 -27.22 -94.45
C ALA NE 132 -83.42 -26.16 -93.87
N TYR NE 133 -83.93 -25.29 -94.75
CA TYR NE 133 -84.85 -24.25 -94.34
C TYR NE 133 -85.58 -23.66 -95.52
N ALA OE 2 -53.00 -73.81 -95.35
CA ALA OE 2 -54.17 -73.72 -94.42
C ALA OE 2 -55.17 -72.69 -94.92
N LYS OE 3 -55.37 -72.67 -96.24
CA LYS OE 3 -56.30 -71.75 -96.87
C LYS OE 3 -57.62 -71.76 -96.11
N LEU OE 4 -58.17 -70.59 -95.84
CA LEU OE 4 -59.53 -70.57 -95.34
C LEU OE 4 -60.48 -71.11 -96.39
N GLU OE 5 -61.53 -71.79 -95.93
CA GLU OE 5 -62.50 -72.39 -96.84
C GLU OE 5 -63.61 -72.99 -95.99
N THR OE 6 -64.75 -73.23 -96.65
CA THR OE 6 -65.90 -73.78 -95.94
C THR OE 6 -65.60 -75.18 -95.42
N VAL OE 7 -65.50 -75.33 -94.11
CA VAL OE 7 -65.18 -76.61 -93.53
C VAL OE 7 -66.47 -77.32 -93.19
N THR OE 8 -66.57 -78.59 -93.62
CA THR OE 8 -67.77 -79.39 -93.50
C THR OE 8 -67.49 -80.47 -92.47
N LEU OE 9 -67.90 -80.19 -91.24
CA LEU OE 9 -67.65 -81.11 -90.14
C LEU OE 9 -68.75 -82.16 -90.16
N GLY OE 10 -68.37 -83.41 -90.32
CA GLY OE 10 -69.32 -84.46 -90.59
C GLY OE 10 -70.05 -84.95 -89.36
N ASN OE 11 -70.21 -86.27 -89.25
CA ASN OE 11 -70.92 -86.86 -88.14
C ASN OE 11 -70.56 -86.16 -86.84
N ILE OE 12 -71.59 -85.85 -86.04
CA ILE OE 12 -71.47 -84.94 -84.90
C ILE OE 12 -72.67 -85.18 -83.98
N GLY OE 13 -72.43 -85.18 -82.67
CA GLY OE 13 -73.49 -85.33 -81.68
C GLY OE 13 -73.40 -86.64 -80.93
N LYS OE 14 -74.42 -86.90 -80.09
CA LYS OE 14 -74.42 -88.15 -79.34
C LYS OE 14 -74.40 -89.35 -80.27
N ASP OE 15 -75.47 -89.54 -81.01
CA ASP OE 15 -75.56 -90.66 -81.94
C ASP OE 15 -74.78 -90.39 -83.21
N GLY OE 16 -74.23 -89.21 -83.36
CA GLY OE 16 -73.36 -88.93 -84.47
C GLY OE 16 -74.08 -88.96 -85.81
N LYS OE 17 -75.03 -88.04 -86.00
CA LYS OE 17 -75.74 -87.94 -87.27
C LYS OE 17 -75.86 -86.52 -87.79
N GLN OE 18 -75.57 -85.50 -87.00
CA GLN OE 18 -75.69 -84.13 -87.48
C GLN OE 18 -74.45 -83.75 -88.28
N THR OE 19 -74.51 -82.58 -88.91
CA THR OE 19 -73.39 -82.06 -89.67
C THR OE 19 -73.36 -80.54 -89.52
N LEU OE 20 -72.18 -79.96 -89.60
CA LEU OE 20 -72.03 -78.51 -89.50
C LEU OE 20 -71.21 -78.00 -90.67
N VAL OE 21 -71.51 -76.78 -91.07
CA VAL OE 21 -70.84 -76.12 -92.20
C VAL OE 21 -70.39 -74.76 -91.70
N LEU OE 22 -69.10 -74.61 -91.47
CA LEU OE 22 -68.54 -73.32 -91.07
C LEU OE 22 -67.97 -72.64 -92.30
N ASN OE 23 -68.49 -71.47 -92.63
CA ASN OE 23 -67.95 -70.72 -93.73
C ASN OE 23 -66.85 -69.80 -93.23
N PRO OE 24 -65.89 -69.45 -94.10
CA PRO OE 24 -64.79 -68.59 -93.66
C PRO OE 24 -65.19 -67.14 -93.64
N ARG OE 25 -65.11 -66.51 -92.46
CA ARG OE 25 -65.41 -65.09 -92.35
C ARG OE 25 -64.18 -64.27 -92.72
N GLY OE 26 -63.09 -64.43 -91.99
CA GLY OE 26 -61.90 -63.68 -92.27
C GLY OE 26 -60.82 -63.96 -91.25
N VAL OE 27 -59.92 -63.01 -91.11
CA VAL OE 27 -58.82 -63.14 -90.18
C VAL OE 27 -58.51 -61.78 -89.58
N ASN OE 28 -58.72 -61.64 -88.29
CA ASN OE 28 -58.30 -60.42 -87.61
C ASN OE 28 -56.79 -60.39 -87.50
N PRO OE 29 -56.13 -59.36 -88.00
CA PRO OE 29 -54.68 -59.32 -87.93
C PRO OE 29 -54.17 -58.77 -86.61
N THR OE 30 -55.03 -58.06 -85.87
CA THR OE 30 -54.59 -57.52 -84.59
C THR OE 30 -54.05 -58.61 -83.70
N ASN OE 31 -54.53 -59.83 -83.86
CA ASN OE 31 -54.03 -60.96 -83.09
C ASN OE 31 -53.71 -62.14 -84.00
N GLY OE 32 -53.84 -61.98 -85.32
CA GLY OE 32 -53.59 -63.08 -86.23
C GLY OE 32 -54.47 -64.26 -85.90
N VAL OE 33 -55.78 -64.07 -86.03
CA VAL OE 33 -56.75 -65.11 -85.70
C VAL OE 33 -57.72 -65.25 -86.84
N ALA OE 34 -57.77 -66.44 -87.44
CA ALA OE 34 -58.75 -66.72 -88.47
C ALA OE 34 -60.03 -67.23 -87.83
N SER OE 35 -61.16 -66.75 -88.35
CA SER OE 35 -62.46 -66.98 -87.77
C SER OE 35 -63.35 -67.76 -88.73
N LEU OE 36 -64.04 -68.75 -88.19
CA LEU OE 36 -65.05 -69.49 -88.90
C LEU OE 36 -66.37 -69.34 -88.17
N SER OE 37 -67.45 -69.27 -88.94
CA SER OE 37 -68.76 -69.13 -88.34
C SER OE 37 -69.76 -69.98 -89.11
N GLN OE 38 -70.70 -70.56 -88.38
CA GLN OE 38 -71.82 -71.23 -89.02
C GLN OE 38 -72.61 -70.21 -89.85
N ALA OE 39 -73.32 -70.71 -90.84
CA ALA OE 39 -74.09 -69.82 -91.70
C ALA OE 39 -75.34 -69.35 -90.99
N GLY OE 40 -75.50 -68.04 -90.86
CA GLY OE 40 -76.71 -67.49 -90.28
C GLY OE 40 -76.81 -65.99 -90.50
N ALA OE 41 -77.55 -65.31 -89.63
CA ALA OE 41 -77.72 -63.87 -89.77
C ALA OE 41 -77.37 -63.14 -88.48
N VAL OE 42 -77.81 -63.67 -87.36
CA VAL OE 42 -77.62 -62.97 -86.09
C VAL OE 42 -76.26 -63.37 -85.54
N PRO OE 43 -75.30 -62.46 -85.45
CA PRO OE 43 -73.98 -62.85 -84.95
C PRO OE 43 -74.05 -63.49 -83.59
N ALA OE 44 -75.04 -63.13 -82.79
CA ALA OE 44 -75.15 -63.66 -81.44
C ALA OE 44 -75.66 -65.09 -81.39
N LEU OE 45 -76.21 -65.61 -82.48
CA LEU OE 45 -76.78 -66.94 -82.50
C LEU OE 45 -76.03 -67.79 -83.49
N GLU OE 46 -74.71 -67.72 -83.43
CA GLU OE 46 -73.87 -68.35 -84.41
C GLU OE 46 -72.78 -69.17 -83.73
N LYS OE 47 -72.42 -70.27 -84.36
CA LYS OE 47 -71.43 -71.16 -83.81
C LYS OE 47 -70.07 -70.78 -84.38
N ARG OE 48 -69.14 -70.44 -83.49
CA ARG OE 48 -67.91 -69.78 -83.91
C ARG OE 48 -66.70 -70.64 -83.60
N VAL OE 49 -65.67 -70.46 -84.42
CA VAL OE 49 -64.40 -71.17 -84.29
C VAL OE 49 -63.28 -70.19 -84.58
N THR OE 50 -62.21 -70.27 -83.79
CA THR OE 50 -61.09 -69.36 -83.96
C THR OE 50 -59.80 -70.15 -83.93
N VAL OE 51 -58.91 -69.86 -84.86
CA VAL OE 51 -57.61 -70.50 -84.95
C VAL OE 51 -56.54 -69.43 -84.97
N SER OE 52 -55.54 -69.58 -84.09
CA SER OE 52 -54.40 -68.67 -84.05
C SER OE 52 -53.11 -69.47 -83.91
N VAL OE 53 -52.05 -68.95 -84.51
CA VAL OE 53 -50.76 -69.61 -84.60
C VAL OE 53 -49.72 -68.61 -84.12
N SER OE 54 -49.38 -68.66 -82.83
CA SER OE 54 -48.44 -67.72 -82.24
C SER OE 54 -47.01 -68.22 -82.46
N GLN OE 55 -46.23 -67.44 -83.18
CA GLN OE 55 -44.83 -67.75 -83.42
C GLN OE 55 -44.00 -67.51 -82.17
N PRO OE 56 -42.81 -68.10 -82.10
CA PRO OE 56 -41.95 -67.93 -80.92
C PRO OE 56 -41.41 -66.52 -80.85
N SER OE 57 -41.76 -65.81 -79.79
CA SER OE 57 -41.33 -64.43 -79.60
C SER OE 57 -40.09 -64.38 -78.72
N ARG OE 58 -39.59 -63.16 -78.51
CA ARG OE 58 -38.41 -62.94 -77.69
C ARG OE 58 -38.67 -63.17 -76.21
N ASN OE 59 -39.91 -63.37 -75.81
CA ASN OE 59 -40.27 -63.56 -74.41
C ASN OE 59 -40.84 -64.95 -74.13
N ARG OE 60 -41.09 -65.75 -75.17
CA ARG OE 60 -41.63 -67.09 -74.95
C ARG OE 60 -40.74 -68.16 -75.58
N LYS OE 61 -40.33 -67.96 -76.83
CA LYS OE 61 -39.54 -68.93 -77.57
C LYS OE 61 -40.23 -70.29 -77.60
N ASN OE 62 -41.42 -70.32 -78.20
CA ASN OE 62 -42.18 -71.55 -78.27
C ASN OE 62 -43.38 -71.32 -79.19
N TYR OE 63 -43.57 -72.23 -80.12
CA TYR OE 63 -44.73 -72.13 -80.99
C TYR OE 63 -45.99 -72.53 -80.25
N LYS OE 64 -47.03 -71.72 -80.36
CA LYS OE 64 -48.30 -71.98 -79.72
C LYS OE 64 -49.39 -71.98 -80.78
N VAL OE 65 -50.41 -72.79 -80.57
CA VAL OE 65 -51.55 -72.81 -81.47
C VAL OE 65 -52.81 -72.90 -80.62
N GLN OE 66 -53.65 -71.88 -80.73
CA GLN OE 66 -54.87 -71.79 -79.95
C GLN OE 66 -56.07 -72.04 -80.86
N VAL OE 67 -56.98 -72.89 -80.40
CA VAL OE 67 -58.21 -73.15 -81.12
C VAL OE 67 -59.35 -72.99 -80.13
N LYS OE 68 -60.24 -72.04 -80.39
CA LYS OE 68 -61.39 -71.80 -79.54
C LYS OE 68 -62.66 -72.14 -80.29
N ILE OE 69 -63.62 -72.73 -79.57
CA ILE OE 69 -64.91 -73.09 -80.13
C ILE OE 69 -65.99 -72.54 -79.21
N GLN OE 70 -66.97 -71.85 -79.80
CA GLN OE 70 -68.03 -71.21 -79.06
C GLN OE 70 -69.36 -71.69 -79.61
N ASN OE 71 -70.20 -72.22 -78.73
CA ASN OE 71 -71.52 -72.71 -79.13
C ASN OE 71 -72.59 -72.02 -78.32
N PRO OE 72 -73.34 -71.08 -78.89
CA PRO OE 72 -74.40 -70.41 -78.14
C PRO OE 72 -75.73 -71.13 -78.28
N THR OE 73 -76.63 -70.83 -77.34
CA THR OE 73 -77.94 -71.45 -77.32
C THR OE 73 -79.02 -70.46 -77.71
N ALA OE 74 -79.96 -70.92 -78.54
CA ALA OE 74 -81.01 -70.05 -79.07
C ALA OE 74 -81.98 -69.63 -77.97
N CYS OE 75 -82.62 -70.61 -77.33
CA CYS OE 75 -83.44 -70.34 -76.16
C CYS OE 75 -84.49 -69.30 -76.51
N THR OE 76 -85.16 -69.53 -77.64
CA THR OE 76 -86.10 -68.56 -78.21
C THR OE 76 -87.39 -68.52 -77.41
N ALA OE 77 -87.90 -67.32 -77.22
CA ALA OE 77 -89.14 -67.09 -76.49
C ALA OE 77 -90.33 -67.19 -77.43
N ASN OE 78 -91.50 -67.45 -76.85
CA ASN OE 78 -92.74 -67.62 -77.60
C ASN OE 78 -93.25 -66.26 -78.05
N GLY OE 79 -92.44 -65.62 -78.91
CA GLY OE 79 -92.78 -64.36 -79.52
C GLY OE 79 -91.92 -63.23 -78.97
N SER OE 80 -92.45 -62.02 -79.10
CA SER OE 80 -91.93 -60.78 -78.54
C SER OE 80 -90.65 -60.29 -79.20
N CYS OE 81 -89.79 -61.20 -79.68
CA CYS OE 81 -88.79 -60.92 -80.72
C CYS OE 81 -87.80 -62.08 -80.77
N ASP OE 82 -86.77 -61.91 -81.59
CA ASP OE 82 -85.80 -62.95 -81.86
C ASP OE 82 -85.24 -63.55 -80.58
N PRO OE 83 -84.57 -64.69 -80.68
CA PRO OE 83 -84.07 -65.35 -79.48
C PRO OE 83 -82.98 -64.54 -78.80
N SER OE 84 -82.75 -64.87 -77.55
CA SER OE 84 -81.72 -64.23 -76.76
C SER OE 84 -80.76 -65.30 -76.25
N VAL OE 85 -79.49 -64.92 -76.14
CA VAL OE 85 -78.46 -65.85 -75.74
C VAL OE 85 -78.53 -66.06 -74.24
N THR OE 86 -78.98 -67.23 -73.82
CA THR OE 86 -78.95 -67.61 -72.44
C THR OE 86 -77.76 -68.47 -72.10
N ARG OE 87 -77.00 -68.90 -73.10
CA ARG OE 87 -76.04 -69.96 -72.91
C ARG OE 87 -74.93 -69.95 -73.94
N GLN OE 88 -73.75 -70.38 -73.50
CA GLN OE 88 -72.67 -70.60 -74.43
C GLN OE 88 -71.69 -71.60 -73.85
N ALA OE 89 -71.37 -72.62 -74.62
CA ALA OE 89 -70.31 -73.56 -74.28
C ALA OE 89 -69.02 -73.11 -74.91
N TYR OE 90 -67.96 -73.08 -74.11
CA TYR OE 90 -66.63 -72.68 -74.55
C TYR OE 90 -65.73 -73.90 -74.56
N ALA OE 91 -64.90 -74.00 -75.59
CA ALA OE 91 -63.88 -75.04 -75.67
C ALA OE 91 -62.58 -74.40 -76.15
N ASP OE 92 -61.46 -74.85 -75.59
CA ASP OE 92 -60.18 -74.18 -75.79
C ASP OE 92 -59.07 -75.21 -75.84
N VAL OE 93 -58.43 -75.32 -77.00
CA VAL OE 93 -57.27 -76.17 -77.20
C VAL OE 93 -56.03 -75.31 -77.28
N THR OE 94 -54.98 -75.71 -76.56
CA THR OE 94 -53.74 -74.95 -76.47
C THR OE 94 -52.59 -75.90 -76.81
N PHE OE 95 -52.16 -75.89 -78.06
CA PHE OE 95 -51.03 -76.70 -78.48
C PHE OE 95 -49.72 -75.96 -78.27
N SER OE 96 -48.73 -76.66 -77.72
CA SER OE 96 -47.44 -76.07 -77.39
C SER OE 96 -46.33 -76.91 -77.98
N PHE OE 97 -45.42 -76.28 -78.72
CA PHE OE 97 -44.27 -76.97 -79.27
C PHE OE 97 -43.04 -76.09 -79.15
N THR OE 98 -41.88 -76.74 -79.17
CA THR OE 98 -40.61 -76.03 -79.13
C THR OE 98 -40.11 -75.75 -80.54
N GLN OE 99 -39.09 -74.92 -80.62
CA GLN OE 99 -38.53 -74.56 -81.92
C GLN OE 99 -38.06 -75.78 -82.68
N TYR OE 100 -37.48 -76.75 -82.00
CA TYR OE 100 -36.91 -77.92 -82.64
C TYR OE 100 -37.89 -79.08 -82.71
N SER OE 101 -39.16 -78.83 -82.44
CA SER OE 101 -40.15 -79.90 -82.49
C SER OE 101 -40.19 -80.48 -83.90
N THR OE 102 -40.96 -81.54 -84.06
CA THR OE 102 -41.09 -82.21 -85.34
C THR OE 102 -42.56 -82.38 -85.68
N ASP OE 103 -42.89 -82.15 -86.95
CA ASP OE 103 -44.26 -82.36 -87.39
C ASP OE 103 -44.70 -83.77 -87.05
N GLU OE 104 -43.78 -84.72 -87.06
CA GLU OE 104 -44.09 -86.06 -86.59
C GLU OE 104 -44.78 -86.00 -85.24
N GLU OE 105 -44.07 -85.49 -84.24
CA GLU OE 105 -44.63 -85.47 -82.89
C GLU OE 105 -45.87 -84.60 -82.83
N ARG OE 106 -45.90 -83.54 -83.62
CA ARG OE 106 -47.06 -82.67 -83.60
C ARG OE 106 -48.31 -83.43 -84.03
N ALA OE 107 -48.25 -84.08 -85.18
CA ALA OE 107 -49.40 -84.85 -85.63
C ALA OE 107 -49.71 -85.98 -84.65
N PHE OE 108 -48.66 -86.58 -84.10
CA PHE OE 108 -48.85 -87.63 -83.11
C PHE OE 108 -49.72 -87.13 -81.97
N VAL OE 109 -49.35 -85.98 -81.40
CA VAL OE 109 -50.10 -85.42 -80.29
C VAL OE 109 -51.51 -85.07 -80.73
N ARG OE 110 -51.64 -84.49 -81.91
CA ARG OE 110 -52.95 -84.12 -82.44
C ARG OE 110 -53.86 -85.32 -82.45
N THR OE 111 -53.41 -86.41 -83.04
CA THR OE 111 -54.26 -87.57 -83.15
C THR OE 111 -54.53 -88.20 -81.79
N GLU OE 112 -53.58 -88.14 -80.86
CA GLU OE 112 -53.89 -88.65 -79.53
C GLU OE 112 -55.01 -87.84 -78.90
N LEU OE 113 -54.94 -86.53 -79.02
CA LEU OE 113 -56.00 -85.73 -78.45
C LEU OE 113 -57.34 -86.10 -79.08
N ALA OE 114 -57.35 -86.30 -80.40
CA ALA OE 114 -58.60 -86.64 -81.06
C ALA OE 114 -59.15 -87.97 -80.55
N ALA OE 115 -58.30 -88.97 -80.47
CA ALA OE 115 -58.79 -90.28 -80.10
C ALA OE 115 -59.16 -90.35 -78.63
N LEU OE 116 -58.48 -89.58 -77.76
CA LEU OE 116 -58.96 -89.46 -76.40
C LEU OE 116 -60.32 -88.79 -76.37
N LEU OE 117 -60.51 -87.74 -77.17
CA LEU OE 117 -61.78 -87.06 -77.24
C LEU OE 117 -62.88 -87.99 -77.73
N ALA OE 118 -62.53 -89.09 -78.38
CA ALA OE 118 -63.50 -90.11 -78.76
C ALA OE 118 -63.62 -91.26 -77.76
N SER OE 119 -62.61 -91.50 -76.95
CA SER OE 119 -62.54 -92.72 -76.15
C SER OE 119 -63.56 -92.71 -75.01
N PRO OE 120 -63.81 -93.87 -74.41
CA PRO OE 120 -64.85 -93.94 -73.37
C PRO OE 120 -64.62 -92.99 -72.22
N LEU OE 121 -63.36 -92.76 -71.85
CA LEU OE 121 -63.07 -91.97 -70.67
C LEU OE 121 -63.67 -90.57 -70.78
N LEU OE 122 -63.14 -89.77 -71.71
CA LEU OE 122 -63.64 -88.41 -71.83
C LEU OE 122 -65.12 -88.40 -72.16
N ILE OE 123 -65.59 -89.47 -72.80
CA ILE OE 123 -67.00 -89.57 -73.12
C ILE OE 123 -67.84 -89.28 -71.88
N ASP OE 124 -67.67 -90.10 -70.85
CA ASP OE 124 -68.40 -89.86 -69.61
C ASP OE 124 -67.88 -88.65 -68.89
N ALA OE 125 -66.63 -88.28 -69.16
CA ALA OE 125 -66.03 -87.17 -68.42
C ALA OE 125 -66.79 -85.88 -68.66
N ILE OE 126 -67.18 -85.63 -69.91
CA ILE OE 126 -67.84 -84.36 -70.17
C ILE OE 126 -69.30 -84.53 -70.54
N ASP OE 127 -69.65 -85.63 -71.20
CA ASP OE 127 -71.05 -85.87 -71.51
C ASP OE 127 -71.89 -85.91 -70.25
N GLN OE 128 -71.41 -86.63 -69.25
CA GLN OE 128 -72.15 -86.77 -68.01
C GLN OE 128 -71.51 -86.04 -66.84
N LEU OE 129 -70.47 -85.25 -67.08
CA LEU OE 129 -69.76 -84.56 -66.01
C LEU OE 129 -69.30 -85.51 -64.92
N ASN OE 130 -69.10 -86.78 -65.25
CA ASN OE 130 -68.61 -87.73 -64.25
C ASN OE 130 -67.15 -87.44 -63.97
N PRO OE 131 -66.77 -87.08 -62.74
CA PRO OE 131 -65.35 -86.93 -62.45
C PRO OE 131 -64.61 -88.24 -62.70
N ALA OE 132 -63.44 -88.12 -63.29
CA ALA OE 132 -62.65 -89.30 -63.64
C ALA OE 132 -62.47 -90.16 -62.41
N TYR OE 133 -63.04 -91.36 -62.43
CA TYR OE 133 -62.89 -92.29 -61.33
C TYR OE 133 -63.59 -93.60 -61.64
N ALA PE 2 -51.64 -56.72 -101.32
CA ALA PE 2 -50.78 -57.90 -101.55
C ALA PE 2 -51.15 -59.03 -100.61
N LYS PE 3 -52.19 -59.78 -100.97
CA LYS PE 3 -52.59 -60.89 -100.11
C LYS PE 3 -51.52 -61.96 -100.09
N LEU PE 4 -51.38 -62.62 -98.95
CA LEU PE 4 -50.40 -63.68 -98.81
C LEU PE 4 -50.96 -64.99 -99.32
N GLU PE 5 -50.18 -65.66 -100.15
CA GLU PE 5 -50.52 -66.98 -100.63
C GLU PE 5 -49.22 -67.77 -100.76
N THR PE 6 -49.37 -69.08 -100.83
CA THR PE 6 -48.21 -69.92 -101.08
C THR PE 6 -47.50 -69.40 -102.32
N VAL PE 7 -46.23 -69.09 -102.18
CA VAL PE 7 -45.48 -68.54 -103.30
C VAL PE 7 -44.47 -69.59 -103.77
N THR PE 8 -44.44 -69.81 -105.09
CA THR PE 8 -43.66 -70.86 -105.72
C THR PE 8 -42.53 -70.22 -106.50
N LEU PE 9 -41.30 -70.43 -106.05
CA LEU PE 9 -40.11 -69.88 -106.66
C LEU PE 9 -39.50 -70.99 -107.50
N GLY PE 10 -39.47 -70.82 -108.81
CA GLY PE 10 -38.90 -71.80 -109.70
C GLY PE 10 -37.59 -71.30 -110.29
N ASN PE 11 -36.83 -72.23 -110.86
CA ASN PE 11 -35.58 -71.92 -111.52
C ASN PE 11 -34.61 -71.26 -110.52
N ILE PE 12 -34.21 -72.05 -109.54
CA ILE PE 12 -33.40 -71.62 -108.41
C ILE PE 12 -32.12 -72.43 -108.38
N GLY PE 13 -31.06 -71.86 -107.79
CA GLY PE 13 -29.79 -72.54 -107.62
C GLY PE 13 -28.80 -72.14 -108.71
N LYS PE 14 -27.60 -72.75 -108.70
CA LYS PE 14 -26.72 -72.51 -109.83
C LYS PE 14 -27.38 -72.95 -111.11
N ASP PE 15 -27.88 -74.18 -111.13
CA ASP PE 15 -28.44 -74.76 -112.33
C ASP PE 15 -29.79 -74.20 -112.68
N GLY PE 16 -30.44 -73.50 -111.77
CA GLY PE 16 -31.81 -73.10 -111.99
C GLY PE 16 -32.71 -74.31 -112.12
N LYS PE 17 -32.60 -75.25 -111.19
CA LYS PE 17 -33.39 -76.47 -111.25
C LYS PE 17 -34.26 -76.73 -110.03
N GLN PE 18 -33.92 -76.21 -108.86
CA GLN PE 18 -34.72 -76.52 -107.70
C GLN PE 18 -35.92 -75.58 -107.62
N THR PE 19 -36.73 -75.78 -106.59
CA THR PE 19 -37.91 -74.94 -106.38
C THR PE 19 -38.15 -74.78 -104.89
N LEU PE 20 -38.73 -73.64 -104.54
CA LEU PE 20 -39.04 -73.33 -103.15
C LEU PE 20 -40.51 -72.96 -103.06
N VAL PE 21 -41.20 -73.53 -102.09
CA VAL PE 21 -42.60 -73.21 -101.88
C VAL PE 21 -42.71 -72.66 -100.47
N LEU PE 22 -43.07 -71.39 -100.36
CA LEU PE 22 -43.16 -70.71 -99.07
C LEU PE 22 -44.62 -70.53 -98.71
N ASN PE 23 -44.99 -71.00 -97.53
CA ASN PE 23 -46.32 -70.78 -97.01
C ASN PE 23 -46.35 -69.53 -96.15
N PRO PE 24 -47.49 -68.85 -96.09
CA PRO PE 24 -47.59 -67.67 -95.23
C PRO PE 24 -47.53 -68.06 -93.76
N ARG PE 25 -47.02 -67.13 -92.96
CA ARG PE 25 -46.98 -67.28 -91.51
C ARG PE 25 -47.69 -66.12 -90.81
N GLY PE 26 -48.60 -65.44 -91.51
CA GLY PE 26 -49.29 -64.32 -90.92
C GLY PE 26 -48.44 -63.06 -90.95
N VAL PE 27 -48.83 -62.10 -90.10
CA VAL PE 27 -48.16 -60.82 -89.99
C VAL PE 27 -48.00 -60.49 -88.51
N ASN PE 28 -46.87 -59.93 -88.16
CA ASN PE 28 -46.67 -59.50 -86.79
C ASN PE 28 -47.62 -58.36 -86.46
N PRO PE 29 -48.44 -58.48 -85.41
CA PRO PE 29 -49.31 -57.36 -85.05
C PRO PE 29 -48.55 -56.11 -84.66
N THR PE 30 -47.35 -56.23 -84.11
CA THR PE 30 -46.63 -55.05 -83.65
C THR PE 30 -45.74 -54.47 -84.73
N ASN PE 31 -44.79 -55.27 -85.21
CA ASN PE 31 -43.89 -54.79 -86.25
C ASN PE 31 -44.59 -54.63 -87.59
N GLY PE 32 -45.74 -55.25 -87.76
CA GLY PE 32 -46.49 -55.15 -89.00
C GLY PE 32 -45.72 -55.69 -90.19
N VAL PE 33 -45.19 -56.90 -90.05
CA VAL PE 33 -44.35 -57.52 -91.06
C VAL PE 33 -44.91 -58.90 -91.37
N ALA PE 34 -45.09 -59.19 -92.65
CA ALA PE 34 -45.54 -60.51 -93.05
C ALA PE 34 -44.36 -61.44 -93.23
N SER PE 35 -44.59 -62.72 -92.98
CA SER PE 35 -43.52 -63.70 -92.98
C SER PE 35 -43.96 -64.98 -93.66
N LEU PE 36 -43.03 -65.62 -94.33
CA LEU PE 36 -43.26 -66.78 -95.16
C LEU PE 36 -42.21 -67.83 -94.81
N SER PE 37 -42.57 -69.10 -94.93
CA SER PE 37 -41.59 -70.14 -94.62
C SER PE 37 -41.79 -71.32 -95.57
N GLN PE 38 -40.72 -72.05 -95.77
CA GLN PE 38 -40.82 -73.32 -96.49
C GLN PE 38 -41.40 -74.39 -95.60
N ALA PE 39 -42.22 -75.24 -96.18
CA ALA PE 39 -42.73 -76.38 -95.45
C ALA PE 39 -41.59 -77.34 -95.12
N GLY PE 40 -41.55 -77.81 -93.88
CA GLY PE 40 -40.56 -78.79 -93.50
C GLY PE 40 -40.97 -79.42 -92.19
N ALA PE 41 -40.13 -80.33 -91.72
CA ALA PE 41 -40.40 -81.06 -90.49
C ALA PE 41 -40.04 -80.26 -89.26
N VAL PE 42 -38.87 -79.61 -89.28
CA VAL PE 42 -38.36 -78.88 -88.12
C VAL PE 42 -38.52 -77.39 -88.40
N PRO PE 43 -39.37 -76.67 -87.66
CA PRO PE 43 -39.50 -75.23 -87.91
C PRO PE 43 -38.18 -74.49 -87.85
N ALA PE 44 -37.27 -74.90 -86.97
CA ALA PE 44 -36.00 -74.20 -86.85
C ALA PE 44 -35.20 -74.23 -88.14
N LEU PE 45 -35.40 -75.23 -88.97
CA LEU PE 45 -34.61 -75.39 -90.19
C LEU PE 45 -35.44 -75.12 -91.44
N GLU PE 46 -36.45 -74.27 -91.30
CA GLU PE 46 -37.26 -73.86 -92.44
C GLU PE 46 -36.72 -72.55 -92.97
N LYS PE 47 -36.68 -72.43 -94.28
CA LYS PE 47 -36.19 -71.20 -94.89
C LYS PE 47 -37.28 -70.14 -94.81
N ARG PE 48 -36.93 -68.98 -94.27
CA ARG PE 48 -37.90 -67.93 -94.00
C ARG PE 48 -37.66 -66.73 -94.89
N VAL PE 49 -38.73 -65.98 -95.11
CA VAL PE 49 -38.69 -64.75 -95.91
C VAL PE 49 -39.58 -63.72 -95.26
N THR PE 50 -39.05 -62.53 -95.02
CA THR PE 50 -39.81 -61.47 -94.40
C THR PE 50 -40.14 -60.40 -95.43
N VAL PE 51 -41.24 -59.69 -95.20
CA VAL PE 51 -41.66 -58.61 -96.08
C VAL PE 51 -42.36 -57.56 -95.23
N SER PE 52 -41.92 -56.31 -95.34
CA SER PE 52 -42.49 -55.21 -94.59
C SER PE 52 -42.50 -53.96 -95.44
N VAL PE 53 -43.55 -53.14 -95.30
CA VAL PE 53 -43.62 -51.86 -95.99
C VAL PE 53 -44.09 -50.83 -94.97
N SER PE 54 -43.19 -49.95 -94.56
CA SER PE 54 -43.54 -48.92 -93.60
C SER PE 54 -44.47 -47.90 -94.23
N GLN PE 55 -45.20 -47.24 -93.40
CA GLN PE 55 -46.08 -46.15 -93.79
C GLN PE 55 -45.36 -44.82 -93.65
N PRO PE 56 -45.95 -43.74 -94.16
CA PRO PE 56 -45.26 -42.45 -94.16
C PRO PE 56 -44.94 -42.00 -92.75
N SER PE 57 -43.79 -41.36 -92.59
CA SER PE 57 -43.41 -40.72 -91.34
C SER PE 57 -43.87 -39.25 -91.36
N ARG PE 58 -43.42 -38.46 -90.39
CA ARG PE 58 -43.78 -37.05 -90.30
C ARG PE 58 -42.75 -36.17 -90.99
N ASN PE 59 -43.22 -35.26 -91.85
CA ASN PE 59 -42.42 -34.19 -92.44
C ASN PE 59 -41.41 -34.68 -93.48
N ARG PE 60 -41.24 -36.00 -93.59
CA ARG PE 60 -40.30 -36.55 -94.55
C ARG PE 60 -40.93 -37.67 -95.38
N LYS PE 61 -41.71 -38.52 -94.72
CA LYS PE 61 -42.60 -39.53 -95.27
C LYS PE 61 -41.91 -40.74 -95.90
N ASN PE 62 -40.74 -40.60 -96.52
CA ASN PE 62 -39.82 -41.71 -96.77
C ASN PE 62 -40.42 -43.11 -96.93
N TYR PE 63 -41.23 -43.41 -97.94
CA TYR PE 63 -41.79 -44.75 -98.03
C TYR PE 63 -40.65 -45.76 -98.00
N LYS PE 64 -40.80 -46.78 -97.17
CA LYS PE 64 -39.75 -47.76 -96.95
C LYS PE 64 -40.31 -49.17 -97.06
N VAL PE 65 -39.54 -50.05 -97.69
CA VAL PE 65 -39.90 -51.44 -97.84
C VAL PE 65 -38.69 -52.29 -97.52
N GLN PE 66 -38.90 -53.37 -96.78
CA GLN PE 66 -37.80 -54.24 -96.36
C GLN PE 66 -38.17 -55.69 -96.62
N VAL PE 67 -37.15 -56.48 -96.97
CA VAL PE 67 -37.33 -57.89 -97.29
C VAL PE 67 -36.13 -58.63 -96.75
N LYS PE 68 -36.34 -59.49 -95.75
CA LYS PE 68 -35.29 -60.25 -95.10
C LYS PE 68 -35.46 -61.72 -95.48
N ILE PE 69 -34.41 -62.31 -96.01
CA ILE PE 69 -34.40 -63.70 -96.42
C ILE PE 69 -33.46 -64.45 -95.50
N GLN PE 70 -33.96 -65.51 -94.90
CA GLN PE 70 -33.23 -66.29 -93.91
C GLN PE 70 -33.03 -67.68 -94.45
N ASN PE 71 -31.78 -68.14 -94.48
CA ASN PE 71 -31.48 -69.52 -94.87
C ASN PE 71 -30.72 -70.23 -93.76
N PRO PE 72 -31.30 -71.22 -93.10
CA PRO PE 72 -30.55 -71.97 -92.09
C PRO PE 72 -29.90 -73.21 -92.68
N THR PE 73 -28.94 -73.75 -91.93
CA THR PE 73 -28.37 -75.06 -92.25
C THR PE 73 -27.70 -75.62 -91.00
N ALA PE 74 -28.14 -76.81 -90.60
CA ALA PE 74 -27.67 -77.46 -89.38
C ALA PE 74 -26.80 -78.66 -89.72
N CYS PE 75 -26.16 -79.22 -88.69
CA CYS PE 75 -25.36 -80.42 -88.86
C CYS PE 75 -25.44 -81.17 -87.53
N THR PE 76 -26.32 -82.16 -87.46
CA THR PE 76 -26.47 -82.93 -86.24
C THR PE 76 -25.12 -83.56 -85.89
N ALA PE 77 -24.53 -83.11 -84.78
CA ALA PE 77 -23.27 -83.66 -84.34
C ALA PE 77 -23.47 -85.02 -83.67
N ASN PE 78 -22.37 -85.77 -83.59
CA ASN PE 78 -22.44 -87.09 -82.99
C ASN PE 78 -22.96 -87.01 -81.57
N GLY PE 79 -23.95 -87.82 -81.25
CA GLY PE 79 -24.49 -87.89 -79.91
C GLY PE 79 -25.52 -86.85 -79.58
N SER PE 80 -25.76 -85.90 -80.46
CA SER PE 80 -26.78 -84.88 -80.25
C SER PE 80 -28.05 -85.27 -80.98
N CYS PE 81 -29.15 -85.34 -80.24
CA CYS PE 81 -30.44 -85.71 -80.79
C CYS PE 81 -31.19 -84.52 -81.38
N ASP PE 82 -30.49 -83.44 -81.68
CA ASP PE 82 -31.12 -82.25 -82.24
C ASP PE 82 -30.30 -81.69 -83.39
N PRO PE 83 -30.90 -81.45 -84.56
CA PRO PE 83 -30.13 -80.81 -85.64
C PRO PE 83 -29.86 -79.35 -85.36
N SER PE 84 -28.84 -79.09 -84.55
CA SER PE 84 -28.53 -77.74 -84.13
C SER PE 84 -28.19 -76.86 -85.33
N VAL PE 85 -28.82 -75.69 -85.40
CA VAL PE 85 -28.51 -74.73 -86.44
C VAL PE 85 -27.07 -74.27 -86.30
N THR PE 86 -26.25 -74.60 -87.30
CA THR PE 86 -24.84 -74.24 -87.27
C THR PE 86 -24.46 -73.25 -88.35
N ARG PE 87 -25.42 -72.76 -89.11
CA ARG PE 87 -25.12 -72.04 -90.33
C ARG PE 87 -26.28 -71.12 -90.68
N GLN PE 88 -25.96 -69.87 -90.98
CA GLN PE 88 -26.99 -68.88 -91.30
C GLN PE 88 -26.57 -68.04 -92.48
N ALA PE 89 -27.48 -67.87 -93.44
CA ALA PE 89 -27.31 -66.90 -94.50
C ALA PE 89 -28.41 -65.85 -94.42
N TYR PE 90 -28.00 -64.60 -94.51
CA TYR PE 90 -28.86 -63.44 -94.38
C TYR PE 90 -28.90 -62.71 -95.71
N ALA PE 91 -30.07 -62.19 -96.06
CA ALA PE 91 -30.16 -61.30 -97.22
C ALA PE 91 -31.23 -60.26 -96.95
N ASP PE 92 -30.82 -59.02 -96.72
CA ASP PE 92 -31.75 -57.93 -96.42
C ASP PE 92 -31.71 -56.92 -97.56
N VAL PE 93 -32.86 -56.74 -98.19
CA VAL PE 93 -33.06 -55.72 -99.21
C VAL PE 93 -33.95 -54.64 -98.63
N THR PE 94 -33.60 -53.39 -98.90
CA THR PE 94 -34.42 -52.28 -98.45
C THR PE 94 -34.54 -51.29 -99.59
N PHE PE 95 -35.78 -50.99 -99.95
CA PHE PE 95 -36.07 -49.95 -100.92
C PHE PE 95 -36.65 -48.75 -100.21
N SER PE 96 -36.28 -47.57 -100.67
CA SER PE 96 -36.81 -46.33 -100.13
C SER PE 96 -37.20 -45.45 -101.31
N PHE PE 97 -38.41 -44.90 -101.27
CA PHE PE 97 -38.87 -43.98 -102.29
C PHE PE 97 -39.48 -42.76 -101.64
N THR PE 98 -39.63 -41.71 -102.43
CA THR PE 98 -40.24 -40.50 -101.92
C THR PE 98 -41.76 -40.61 -101.95
N GLN PE 99 -42.38 -39.70 -101.21
CA GLN PE 99 -43.82 -39.58 -101.17
C GLN PE 99 -44.41 -39.12 -102.50
N TYR PE 100 -43.59 -38.68 -103.45
CA TYR PE 100 -44.05 -38.41 -104.80
C TYR PE 100 -43.64 -39.48 -105.80
N SER PE 101 -42.99 -40.54 -105.35
CA SER PE 101 -42.49 -41.55 -106.27
C SER PE 101 -43.64 -42.16 -107.05
N THR PE 102 -43.31 -42.80 -108.16
CA THR PE 102 -44.31 -43.35 -109.05
C THR PE 102 -44.08 -44.83 -109.30
N ASP PE 103 -45.18 -45.53 -109.53
CA ASP PE 103 -45.10 -46.94 -109.87
C ASP PE 103 -44.07 -47.19 -110.95
N GLU PE 104 -43.96 -46.29 -111.92
CA GLU PE 104 -43.02 -46.51 -113.01
C GLU PE 104 -41.61 -46.67 -112.48
N GLU PE 105 -41.09 -45.62 -111.86
CA GLU PE 105 -39.74 -45.68 -111.31
C GLU PE 105 -39.59 -46.86 -110.37
N ARG PE 106 -40.60 -47.13 -109.56
CA ARG PE 106 -40.44 -48.16 -108.56
C ARG PE 106 -40.27 -49.52 -109.22
N ALA PE 107 -41.18 -49.86 -110.14
CA ALA PE 107 -41.04 -51.12 -110.85
C ALA PE 107 -39.71 -51.16 -111.60
N PHE PE 108 -39.28 -50.02 -112.12
CA PHE PE 108 -38.01 -49.99 -112.82
C PHE PE 108 -36.89 -50.40 -111.88
N VAL PE 109 -36.88 -49.84 -110.68
CA VAL PE 109 -35.85 -50.19 -109.71
C VAL PE 109 -35.93 -51.66 -109.37
N ARG PE 110 -37.14 -52.16 -109.19
CA ARG PE 110 -37.30 -53.57 -108.88
C ARG PE 110 -36.64 -54.43 -109.94
N THR PE 111 -37.12 -54.31 -111.17
CA THR PE 111 -36.58 -55.12 -112.23
C THR PE 111 -35.09 -54.91 -112.38
N GLU PE 112 -34.61 -53.70 -112.08
CA GLU PE 112 -33.19 -53.43 -112.19
C GLU PE 112 -32.41 -54.29 -111.22
N LEU PE 113 -32.85 -54.30 -109.96
CA LEU PE 113 -32.18 -55.12 -108.98
C LEU PE 113 -32.23 -56.59 -109.37
N ALA PE 114 -33.39 -57.03 -109.86
CA ALA PE 114 -33.51 -58.44 -110.22
C ALA PE 114 -32.53 -58.82 -111.31
N ALA PE 115 -32.49 -58.03 -112.37
CA ALA PE 115 -31.63 -58.38 -113.47
C ALA PE 115 -30.16 -58.21 -113.10
N LEU PE 116 -29.84 -57.31 -112.16
CA LEU PE 116 -28.49 -57.30 -111.65
C LEU PE 116 -28.17 -58.59 -110.92
N LEU PE 117 -29.08 -59.06 -110.09
CA LEU PE 117 -28.86 -60.34 -109.44
C LEU PE 117 -28.75 -61.46 -110.45
N ALA PE 118 -29.26 -61.24 -111.66
CA ALA PE 118 -29.10 -62.19 -112.75
C ALA PE 118 -27.78 -62.04 -113.51
N SER PE 119 -27.23 -60.84 -113.57
CA SER PE 119 -26.10 -60.56 -114.45
C SER PE 119 -24.83 -61.22 -113.94
N PRO PE 120 -23.84 -61.38 -114.81
CA PRO PE 120 -22.58 -62.02 -114.39
C PRO PE 120 -21.90 -61.30 -113.25
N LEU PE 121 -22.01 -59.99 -113.18
CA LEU PE 121 -21.27 -59.23 -112.18
C LEU PE 121 -21.63 -59.71 -110.78
N LEU PE 122 -22.87 -59.48 -110.36
CA LEU PE 122 -23.23 -59.90 -109.02
C LEU PE 122 -23.12 -61.40 -108.86
N ILE PE 123 -23.25 -62.14 -109.97
CA ILE PE 123 -23.07 -63.59 -109.91
C ILE PE 123 -21.71 -63.91 -109.30
N ASP PE 124 -20.65 -63.47 -109.95
CA ASP PE 124 -19.34 -63.77 -109.41
C ASP PE 124 -19.08 -63.00 -108.12
N ALA PE 125 -19.84 -61.92 -107.88
CA ALA PE 125 -19.70 -61.18 -106.65
C ALA PE 125 -20.16 -61.97 -105.44
N ILE PE 126 -21.26 -62.69 -105.59
CA ILE PE 126 -21.87 -63.41 -104.49
C ILE PE 126 -21.42 -64.87 -104.48
N ASP PE 127 -21.61 -65.58 -105.59
CA ASP PE 127 -21.34 -67.01 -105.61
C ASP PE 127 -19.91 -67.28 -105.20
N GLN PE 128 -18.97 -66.50 -105.73
CA GLN PE 128 -17.56 -66.68 -105.45
C GLN PE 128 -17.01 -65.66 -104.45
N LEU PE 129 -17.85 -64.82 -103.87
CA LEU PE 129 -17.40 -63.71 -103.01
C LEU PE 129 -16.20 -63.02 -103.65
N ASN PE 130 -16.39 -62.56 -104.86
CA ASN PE 130 -15.29 -61.98 -105.60
C ASN PE 130 -15.52 -60.48 -105.72
N PRO PE 131 -14.77 -59.64 -105.02
CA PRO PE 131 -14.94 -58.21 -105.20
C PRO PE 131 -14.75 -57.73 -106.64
N ALA PE 132 -15.66 -56.90 -107.09
CA ALA PE 132 -15.64 -56.47 -108.47
C ALA PE 132 -14.53 -55.46 -108.68
N TYR PE 133 -13.74 -55.67 -109.73
CA TYR PE 133 -12.65 -54.77 -110.04
C TYR PE 133 -12.19 -55.00 -111.48
N ALA QE 2 37.71 -75.70 -100.69
CA ALA QE 2 38.66 -75.66 -99.55
C ALA QE 2 38.42 -76.81 -98.60
N LYS QE 3 38.63 -78.04 -99.08
CA LYS QE 3 38.44 -79.22 -98.25
C LYS QE 3 39.45 -79.27 -97.11
N LEU QE 4 38.96 -79.67 -95.94
CA LEU QE 4 39.80 -79.88 -94.78
C LEU QE 4 40.28 -81.32 -94.77
N GLU QE 5 41.56 -81.52 -94.53
CA GLU QE 5 42.17 -82.85 -94.58
C GLU QE 5 43.56 -82.77 -93.97
N THR QE 6 44.30 -83.86 -94.05
CA THR QE 6 45.64 -83.88 -93.48
C THR QE 6 46.64 -83.27 -94.43
N VAL QE 7 47.31 -82.21 -93.98
CA VAL QE 7 48.27 -81.49 -94.81
C VAL QE 7 49.67 -81.85 -94.35
N THR QE 8 50.54 -82.15 -95.30
CA THR QE 8 51.89 -82.64 -95.05
C THR QE 8 52.87 -81.55 -95.46
N LEU QE 9 53.39 -80.83 -94.48
CA LEU QE 9 54.28 -79.71 -94.73
C LEU QE 9 55.70 -80.25 -94.70
N GLY QE 10 56.33 -80.38 -95.86
CA GLY QE 10 57.67 -80.95 -95.91
C GLY QE 10 58.75 -79.89 -96.08
N ASN QE 11 60.00 -80.28 -95.87
CA ASN QE 11 61.14 -79.39 -96.08
C ASN QE 11 61.00 -78.14 -95.22
N ILE QE 12 61.06 -78.34 -93.90
CA ILE QE 12 60.74 -77.30 -92.95
C ILE QE 12 61.90 -77.17 -91.97
N GLY QE 13 62.12 -75.94 -91.51
CA GLY QE 13 63.18 -75.64 -90.57
C GLY QE 13 64.36 -74.96 -91.24
N LYS QE 14 65.40 -74.73 -90.44
CA LYS QE 14 66.63 -74.16 -90.96
C LYS QE 14 67.17 -74.99 -92.10
N ASP QE 15 67.33 -76.27 -91.86
CA ASP QE 15 67.88 -77.18 -92.84
C ASP QE 15 66.82 -77.67 -93.80
N GLY QE 16 65.55 -77.43 -93.50
CA GLY QE 16 64.47 -77.89 -94.35
C GLY QE 16 64.39 -79.40 -94.47
N LYS QE 17 64.51 -80.11 -93.34
CA LYS QE 17 64.28 -81.55 -93.33
C LYS QE 17 63.24 -82.02 -92.34
N GLN QE 18 62.77 -81.19 -91.43
CA GLN QE 18 61.64 -81.61 -90.62
C GLN QE 18 60.38 -81.65 -91.46
N THR QE 19 59.35 -82.31 -90.95
CA THR QE 19 58.07 -82.39 -91.62
C THR QE 19 56.95 -82.31 -90.59
N LEU QE 20 55.82 -81.77 -91.01
CA LEU QE 20 54.70 -81.50 -90.11
C LEU QE 20 53.44 -82.10 -90.70
N VAL QE 21 52.70 -82.84 -89.90
CA VAL QE 21 51.43 -83.42 -90.32
C VAL QE 21 50.34 -82.71 -89.55
N LEU QE 22 49.49 -82.00 -90.27
CA LEU QE 22 48.40 -81.22 -89.71
C LEU QE 22 47.08 -81.88 -90.04
N ASN QE 23 46.46 -82.43 -89.07
CA ASN QE 23 45.15 -83.01 -89.30
C ASN QE 23 44.06 -82.02 -88.90
N PRO QE 24 42.90 -82.13 -89.53
CA PRO QE 24 41.86 -81.11 -89.35
C PRO QE 24 41.12 -81.29 -88.03
N ARG QE 25 40.31 -80.28 -87.73
CA ARG QE 25 39.50 -80.24 -86.52
C ARG QE 25 38.11 -79.75 -86.89
N GLY QE 26 37.34 -79.32 -85.90
CA GLY QE 26 36.00 -78.81 -86.14
C GLY QE 26 36.02 -77.32 -86.44
N VAL QE 27 35.08 -76.88 -87.27
CA VAL QE 27 35.01 -75.49 -87.68
C VAL QE 27 34.23 -74.70 -86.63
N ASN QE 28 34.85 -73.68 -86.08
CA ASN QE 28 34.20 -72.84 -85.10
C ASN QE 28 32.90 -72.28 -85.66
N PRO QE 29 31.75 -72.73 -85.18
CA PRO QE 29 30.49 -72.16 -85.67
C PRO QE 29 30.26 -70.72 -85.26
N THR QE 30 31.06 -70.20 -84.34
CA THR QE 30 30.84 -68.86 -83.82
C THR QE 30 31.43 -67.76 -84.69
N ASN QE 31 32.44 -68.05 -85.51
CA ASN QE 31 32.86 -67.08 -86.52
C ASN QE 31 33.20 -67.74 -87.84
N GLY QE 32 33.31 -69.07 -87.86
CA GLY QE 32 33.61 -69.75 -89.10
C GLY QE 32 35.09 -69.84 -89.40
N VAL QE 33 35.85 -70.53 -88.56
CA VAL QE 33 37.28 -70.67 -88.72
C VAL QE 33 37.65 -72.14 -88.66
N ALA QE 34 38.30 -72.64 -89.70
CA ALA QE 34 38.78 -74.01 -89.67
C ALA QE 34 40.12 -74.06 -88.96
N SER QE 35 40.43 -75.22 -88.38
CA SER QE 35 41.66 -75.38 -87.63
C SER QE 35 42.32 -76.72 -87.94
N LEU QE 36 43.65 -76.70 -87.92
CA LEU QE 36 44.50 -77.85 -88.15
C LEU QE 36 45.46 -77.96 -86.97
N SER QE 37 45.83 -79.18 -86.62
CA SER QE 37 46.69 -79.38 -85.45
C SER QE 37 47.63 -80.54 -85.72
N GLN QE 38 48.70 -80.58 -84.93
CA GLN QE 38 49.73 -81.61 -85.09
C GLN QE 38 49.10 -82.98 -85.13
N ALA QE 39 49.83 -83.97 -85.66
CA ALA QE 39 49.29 -85.32 -85.75
C ALA QE 39 48.83 -85.83 -84.40
N GLY QE 40 49.44 -85.36 -83.33
CA GLY QE 40 49.04 -85.72 -81.98
C GLY QE 40 50.18 -86.41 -81.25
N ALA QE 41 49.85 -86.91 -80.06
CA ALA QE 41 48.52 -86.79 -79.49
C ALA QE 41 48.34 -85.46 -78.77
N VAL QE 42 49.04 -85.29 -77.65
CA VAL QE 42 48.94 -84.04 -76.90
C VAL QE 42 49.32 -82.88 -77.79
N PRO QE 43 50.38 -82.94 -78.59
CA PRO QE 43 50.65 -81.84 -79.52
C PRO QE 43 49.42 -81.37 -80.28
N ALA QE 44 48.40 -82.23 -80.38
CA ALA QE 44 47.11 -81.79 -80.91
C ALA QE 44 46.53 -80.67 -80.08
N LEU QE 45 46.79 -80.68 -78.76
CA LEU QE 45 46.39 -79.59 -77.89
C LEU QE 45 47.53 -78.62 -77.60
N GLU QE 46 48.55 -78.58 -78.47
CA GLU QE 46 49.59 -77.57 -78.40
C GLU QE 46 49.70 -76.74 -79.68
N LYS QE 47 49.98 -77.40 -80.80
CA LYS QE 47 50.27 -76.69 -82.04
C LYS QE 47 49.00 -76.54 -82.86
N ARG QE 48 48.82 -75.37 -83.49
CA ARG QE 48 47.58 -75.14 -84.21
C ARG QE 48 47.77 -74.17 -85.37
N VAL QE 49 46.82 -74.22 -86.30
CA VAL QE 49 46.79 -73.35 -87.47
C VAL QE 49 45.33 -73.09 -87.83
N THR QE 50 44.92 -71.84 -87.76
CA THR QE 50 43.56 -71.43 -88.09
C THR QE 50 43.53 -70.74 -89.43
N VAL QE 51 42.46 -70.99 -90.18
CA VAL QE 51 42.23 -70.34 -91.46
C VAL QE 51 40.77 -69.90 -91.53
N SER QE 52 40.55 -68.67 -91.98
CA SER QE 52 39.21 -68.11 -92.08
C SER QE 52 39.16 -67.16 -93.25
N VAL QE 53 37.97 -67.00 -93.81
CA VAL QE 53 37.73 -66.06 -94.90
C VAL QE 53 36.40 -65.35 -94.61
N SER QE 54 36.48 -64.15 -94.06
CA SER QE 54 35.31 -63.33 -93.86
C SER QE 54 34.88 -62.73 -95.18
N GLN QE 55 33.63 -62.97 -95.54
CA GLN QE 55 33.01 -62.43 -96.72
C GLN QE 55 32.65 -60.97 -96.48
N PRO QE 56 32.32 -60.24 -97.53
CA PRO QE 56 32.08 -58.80 -97.37
C PRO QE 56 30.84 -58.54 -96.54
N SER QE 57 30.77 -57.38 -95.92
CA SER QE 57 29.65 -56.98 -95.08
C SER QE 57 29.69 -55.47 -94.95
N ARG QE 58 28.86 -54.93 -94.05
CA ARG QE 58 28.94 -53.50 -93.79
C ARG QE 58 30.31 -53.14 -93.19
N ASN QE 59 30.79 -53.97 -92.27
CA ASN QE 59 32.13 -53.72 -91.72
C ASN QE 59 33.24 -54.13 -92.68
N ARG QE 60 33.13 -55.31 -93.30
CA ARG QE 60 34.12 -55.75 -94.27
C ARG QE 60 33.84 -55.08 -95.61
N LYS QE 61 34.70 -55.25 -96.61
CA LYS QE 61 34.32 -54.68 -97.90
C LYS QE 61 34.71 -55.40 -99.21
N ASN QE 62 35.96 -55.80 -99.48
CA ASN QE 62 37.09 -56.20 -98.63
C ASN QE 62 36.89 -57.53 -97.92
N TYR QE 63 36.85 -58.57 -98.77
CA TYR QE 63 37.16 -59.93 -98.36
C TYR QE 63 38.38 -59.96 -97.46
N LYS QE 64 38.28 -60.67 -96.33
CA LYS QE 64 39.38 -60.76 -95.39
C LYS QE 64 39.78 -62.22 -95.26
N VAL QE 65 41.03 -62.53 -95.59
CA VAL QE 65 41.57 -63.88 -95.46
C VAL QE 65 42.57 -63.87 -94.31
N GLN QE 66 42.24 -64.56 -93.23
CA GLN QE 66 43.07 -64.58 -92.03
C GLN QE 66 43.64 -65.98 -91.84
N VAL QE 67 44.95 -66.04 -91.56
CA VAL QE 67 45.65 -67.29 -91.36
C VAL QE 67 46.55 -67.13 -90.15
N LYS QE 68 46.24 -67.81 -89.07
CA LYS QE 68 47.04 -67.75 -87.85
C LYS QE 68 47.75 -69.08 -87.64
N ILE QE 69 48.96 -69.03 -87.09
CA ILE QE 69 49.73 -70.22 -86.78
C ILE QE 69 50.32 -70.05 -85.39
N GLN QE 70 50.26 -71.11 -84.58
CA GLN QE 70 50.61 -71.03 -83.17
C GLN QE 70 51.43 -72.25 -82.79
N ASN QE 71 52.62 -71.99 -82.26
CA ASN QE 71 53.57 -73.02 -81.84
C ASN QE 71 53.98 -72.75 -80.41
N PRO QE 72 53.48 -73.48 -79.45
CA PRO QE 72 54.00 -73.37 -78.09
C PRO QE 72 55.16 -74.31 -77.86
N THR QE 73 56.30 -73.83 -77.40
CA THR QE 73 57.31 -74.74 -76.90
C THR QE 73 57.11 -74.94 -75.41
N ALA QE 74 57.12 -76.20 -74.99
CA ALA QE 74 56.93 -76.58 -73.60
C ALA QE 74 58.11 -77.40 -73.15
N CYS QE 75 58.18 -77.62 -71.84
CA CYS QE 75 59.24 -78.46 -71.29
C CYS QE 75 58.75 -79.07 -69.99
N THR QE 76 59.50 -80.07 -69.53
CA THR QE 76 59.21 -80.79 -68.31
C THR QE 76 60.26 -80.43 -67.28
N ALA QE 77 59.86 -79.68 -66.25
CA ALA QE 77 60.76 -79.39 -65.15
C ALA QE 77 61.22 -80.69 -64.51
N ASN QE 78 62.48 -80.73 -64.10
CA ASN QE 78 63.00 -81.98 -63.58
C ASN QE 78 62.33 -82.26 -62.25
N GLY QE 79 61.37 -83.17 -62.27
CA GLY QE 79 60.62 -83.55 -61.10
C GLY QE 79 59.14 -83.66 -61.40
N SER QE 80 58.66 -82.80 -62.31
CA SER QE 80 57.28 -82.88 -62.78
C SER QE 80 57.16 -83.93 -63.87
N CYS QE 81 55.96 -84.12 -64.42
CA CYS QE 81 55.88 -84.86 -65.68
C CYS QE 81 54.97 -84.19 -66.71
N ASP QE 82 53.88 -83.59 -66.26
CA ASP QE 82 53.04 -82.85 -67.19
C ASP QE 82 53.87 -81.72 -67.79
N PRO QE 83 53.95 -81.61 -69.12
CA PRO QE 83 54.76 -80.53 -69.71
C PRO QE 83 54.06 -79.20 -69.62
N SER QE 84 54.81 -78.18 -69.23
CA SER QE 84 54.28 -76.83 -69.15
C SER QE 84 54.84 -75.99 -70.29
N VAL QE 85 53.98 -75.18 -70.88
CA VAL QE 85 54.37 -74.38 -72.04
C VAL QE 85 55.22 -73.21 -71.57
N THR QE 86 56.48 -73.22 -71.95
CA THR QE 86 57.43 -72.19 -71.53
C THR QE 86 57.45 -71.00 -72.45
N ARG QE 87 57.14 -71.20 -73.73
CA ARG QE 87 57.17 -70.10 -74.69
C ARG QE 87 56.09 -70.32 -75.73
N GLN QE 88 55.78 -69.25 -76.45
CA GLN QE 88 54.71 -69.25 -77.45
C GLN QE 88 55.12 -68.38 -78.61
N ALA QE 89 55.39 -68.97 -79.75
CA ALA QE 89 55.53 -68.20 -80.97
C ALA QE 89 54.25 -68.31 -81.78
N TYR QE 90 53.98 -67.28 -82.57
CA TYR QE 90 52.87 -67.39 -83.50
C TYR QE 90 52.89 -66.22 -84.48
N ALA QE 91 52.26 -66.46 -85.62
CA ALA QE 91 52.27 -65.50 -86.71
C ALA QE 91 50.88 -65.41 -87.32
N ASP QE 92 50.62 -64.26 -87.94
CA ASP QE 92 49.30 -63.90 -88.43
C ASP QE 92 49.45 -63.27 -89.80
N VAL QE 93 48.81 -63.86 -90.80
CA VAL QE 93 48.76 -63.29 -92.13
C VAL QE 93 47.34 -62.86 -92.42
N THR QE 94 47.20 -61.69 -93.05
CA THR QE 94 45.88 -61.15 -93.36
C THR QE 94 45.93 -60.58 -94.77
N PHE QE 95 45.23 -61.22 -95.68
CA PHE QE 95 45.08 -60.71 -97.03
C PHE QE 95 43.74 -60.00 -97.15
N SER QE 96 43.76 -58.79 -97.70
CA SER QE 96 42.56 -58.00 -97.88
C SER QE 96 42.35 -57.84 -99.38
N PHE QE 97 41.29 -58.44 -99.90
CA PHE QE 97 40.98 -58.37 -101.32
C PHE QE 97 39.69 -57.61 -101.54
N THR QE 98 39.62 -56.91 -102.67
CA THR QE 98 38.43 -56.16 -103.03
C THR QE 98 37.43 -57.04 -103.75
N GLN QE 99 36.17 -56.59 -103.72
CA GLN QE 99 35.10 -57.33 -104.37
C GLN QE 99 35.46 -57.66 -105.80
N TYR QE 100 36.18 -56.76 -106.45
CA TYR QE 100 36.45 -56.85 -107.87
C TYR QE 100 37.72 -57.62 -108.12
N SER QE 101 38.35 -58.11 -107.06
CA SER QE 101 39.61 -58.81 -107.18
C SER QE 101 39.48 -59.94 -108.20
N THR QE 102 40.62 -60.46 -108.65
CA THR QE 102 40.65 -61.57 -109.58
C THR QE 102 41.54 -62.68 -109.03
N ASP QE 103 41.14 -63.92 -109.31
CA ASP QE 103 41.91 -65.05 -108.85
C ASP QE 103 43.37 -64.94 -109.26
N GLU QE 104 43.62 -64.46 -110.48
CA GLU QE 104 44.98 -64.29 -110.94
C GLU QE 104 45.80 -63.49 -109.94
N GLU QE 105 45.39 -62.26 -109.70
CA GLU QE 105 46.14 -61.37 -108.83
C GLU QE 105 46.14 -61.88 -107.40
N ARG QE 106 45.08 -62.58 -107.00
CA ARG QE 106 45.07 -63.19 -105.68
C ARG QE 106 46.23 -64.19 -105.54
N ALA QE 107 46.30 -65.14 -106.47
CA ALA QE 107 47.36 -66.13 -106.40
C ALA QE 107 48.73 -65.48 -106.55
N PHE QE 108 48.79 -64.43 -107.38
CA PHE QE 108 50.03 -63.69 -107.52
C PHE QE 108 50.51 -63.19 -106.18
N VAL QE 109 49.63 -62.53 -105.42
CA VAL QE 109 50.02 -62.06 -104.10
C VAL QE 109 50.44 -63.22 -103.23
N ARG QE 110 49.70 -64.33 -103.32
CA ARG QE 110 50.02 -65.47 -102.49
C ARG QE 110 51.44 -65.93 -102.71
N THR QE 111 51.77 -66.24 -103.95
CA THR QE 111 53.12 -66.73 -104.23
C THR QE 111 54.14 -65.65 -103.94
N GLU QE 112 53.75 -64.39 -104.07
CA GLU QE 112 54.67 -63.30 -103.74
C GLU QE 112 55.09 -63.42 -102.29
N LEU QE 113 54.12 -63.52 -101.41
CA LEU QE 113 54.44 -63.65 -100.00
C LEU QE 113 55.27 -64.89 -99.77
N ALA QE 114 54.93 -65.98 -100.45
CA ALA QE 114 55.66 -67.23 -100.24
C ALA QE 114 57.13 -67.05 -100.58
N ALA QE 115 57.41 -66.51 -101.76
CA ALA QE 115 58.79 -66.46 -102.19
C ALA QE 115 59.56 -65.39 -101.44
N LEU QE 116 58.90 -64.30 -101.04
CA LEU QE 116 59.56 -63.37 -100.11
C LEU QE 116 59.94 -64.09 -98.84
N LEU QE 117 59.01 -64.84 -98.27
CA LEU QE 117 59.29 -65.61 -97.08
C LEU QE 117 60.47 -66.53 -97.31
N ALA QE 118 60.63 -66.99 -98.54
CA ALA QE 118 61.77 -67.82 -98.92
C ALA QE 118 63.04 -67.02 -99.19
N SER QE 119 62.93 -65.70 -99.32
CA SER QE 119 64.07 -64.86 -99.67
C SER QE 119 65.08 -64.77 -98.55
N PRO QE 120 66.36 -64.53 -98.87
CA PRO QE 120 67.34 -64.27 -97.80
C PRO QE 120 66.91 -63.14 -96.91
N LEU QE 121 66.30 -62.12 -97.50
CA LEU QE 121 65.86 -60.96 -96.75
C LEU QE 121 65.08 -61.37 -95.51
N LEU QE 122 63.93 -62.00 -95.72
CA LEU QE 122 63.05 -62.25 -94.60
C LEU QE 122 63.58 -63.37 -93.71
N ILE QE 123 64.30 -64.34 -94.26
CA ILE QE 123 64.85 -65.38 -93.39
C ILE QE 123 65.81 -64.75 -92.39
N ASP QE 124 66.64 -63.82 -92.87
CA ASP QE 124 67.56 -63.16 -91.95
C ASP QE 124 66.81 -62.22 -91.01
N ALA QE 125 65.76 -61.58 -91.52
CA ALA QE 125 64.99 -60.66 -90.70
C ALA QE 125 64.16 -61.36 -89.63
N ILE QE 126 63.90 -62.65 -89.80
CA ILE QE 126 63.12 -63.39 -88.82
C ILE QE 126 64.05 -64.20 -87.92
N ASP QE 127 64.77 -65.15 -88.52
CA ASP QE 127 65.49 -66.12 -87.71
C ASP QE 127 66.51 -65.45 -86.81
N GLN QE 128 67.23 -64.47 -87.35
CA GLN QE 128 68.14 -63.69 -86.55
C GLN QE 128 67.56 -62.33 -86.18
N LEU QE 129 66.34 -62.02 -86.61
CA LEU QE 129 65.72 -60.75 -86.26
C LEU QE 129 66.63 -59.60 -86.63
N ASN QE 130 67.27 -59.69 -87.79
CA ASN QE 130 68.15 -58.63 -88.25
C ASN QE 130 67.32 -57.63 -89.04
N PRO QE 131 67.22 -56.38 -88.61
CA PRO QE 131 66.57 -55.40 -89.47
C PRO QE 131 67.44 -55.12 -90.67
N ALA QE 132 66.80 -54.60 -91.73
CA ALA QE 132 67.47 -54.50 -93.02
C ALA QE 132 68.35 -53.26 -93.05
N TYR QE 133 69.65 -53.47 -92.84
CA TYR QE 133 70.63 -52.39 -92.93
C TYR QE 133 72.01 -52.94 -93.27
N ALA RE 2 20.85 -83.85 -98.65
CA ALA RE 2 20.98 -82.51 -99.29
C ALA RE 2 22.45 -82.18 -99.56
N LYS RE 3 23.22 -83.23 -99.80
CA LYS RE 3 24.63 -83.08 -100.14
C LYS RE 3 24.82 -81.97 -101.15
N LEU RE 4 25.65 -80.99 -100.81
CA LEU RE 4 26.00 -79.98 -101.79
C LEU RE 4 26.77 -80.62 -102.94
N GLU RE 5 26.42 -80.24 -104.15
CA GLU RE 5 27.05 -80.78 -105.35
C GLU RE 5 26.85 -79.78 -106.49
N THR RE 6 27.65 -79.92 -107.53
CA THR RE 6 27.50 -79.06 -108.69
C THR RE 6 26.12 -79.28 -109.27
N VAL RE 7 25.30 -78.23 -109.31
CA VAL RE 7 23.92 -78.38 -109.73
C VAL RE 7 23.75 -77.76 -111.10
N THR RE 8 23.06 -78.47 -111.98
CA THR RE 8 22.98 -78.16 -113.39
C THR RE 8 21.53 -77.85 -113.73
N LEU RE 9 21.24 -76.56 -113.87
CA LEU RE 9 19.89 -76.12 -114.17
C LEU RE 9 19.72 -76.14 -115.68
N GLY RE 10 18.70 -76.83 -116.17
CA GLY RE 10 18.55 -77.08 -117.58
C GLY RE 10 18.05 -75.88 -118.36
N ASN RE 11 17.10 -76.09 -119.25
CA ASN RE 11 16.59 -75.00 -120.08
C ASN RE 11 16.12 -73.86 -119.19
N ILE RE 12 16.42 -72.63 -119.60
CA ILE RE 12 16.29 -71.45 -118.76
C ILE RE 12 16.14 -70.23 -119.66
N GLY RE 13 15.43 -69.22 -119.19
CA GLY RE 13 15.24 -67.97 -119.90
C GLY RE 13 13.92 -67.94 -120.63
N LYS RE 14 13.76 -66.95 -121.52
CA LYS RE 14 12.49 -66.87 -122.25
C LYS RE 14 12.24 -68.15 -123.02
N ASP RE 15 13.14 -68.49 -123.94
CA ASP RE 15 12.91 -69.61 -124.83
C ASP RE 15 13.20 -70.93 -124.16
N GLY RE 16 13.73 -70.90 -122.95
CA GLY RE 16 14.19 -72.11 -122.32
C GLY RE 16 15.26 -72.75 -123.16
N LYS RE 17 16.40 -72.06 -123.30
CA LYS RE 17 17.53 -72.62 -124.03
C LYS RE 17 18.86 -72.55 -123.31
N GLN RE 18 19.05 -71.68 -122.34
CA GLN RE 18 20.34 -71.63 -121.67
C GLN RE 18 20.37 -72.63 -120.53
N THR RE 19 21.57 -72.80 -119.98
CA THR RE 19 21.76 -73.69 -118.84
C THR RE 19 22.70 -73.04 -117.85
N LEU RE 20 22.55 -73.42 -116.59
CA LEU RE 20 23.35 -72.87 -115.51
C LEU RE 20 24.09 -73.98 -114.80
N VAL RE 21 25.30 -73.68 -114.38
CA VAL RE 21 26.16 -74.65 -113.70
C VAL RE 21 26.63 -73.97 -112.42
N LEU RE 22 26.04 -74.33 -111.29
CA LEU RE 22 26.41 -73.75 -110.01
C LEU RE 22 27.36 -74.69 -109.31
N ASN RE 23 28.56 -74.20 -109.02
CA ASN RE 23 29.55 -75.00 -108.33
C ASN RE 23 29.33 -74.93 -106.84
N PRO RE 24 29.71 -75.98 -106.11
CA PRO RE 24 29.53 -75.99 -104.65
C PRO RE 24 30.61 -75.15 -103.98
N ARG RE 25 30.19 -74.05 -103.36
CA ARG RE 25 31.14 -73.16 -102.69
C ARG RE 25 31.46 -73.67 -101.28
N GLY RE 26 30.47 -73.68 -100.41
CA GLY RE 26 30.70 -74.03 -99.03
C GLY RE 26 29.46 -73.79 -98.22
N VAL RE 27 29.64 -73.70 -96.91
CA VAL RE 27 28.51 -73.49 -96.00
C VAL RE 27 28.97 -72.58 -94.87
N ASN RE 28 28.49 -71.36 -94.86
CA ASN RE 28 28.75 -70.46 -93.75
C ASN RE 28 28.16 -71.07 -92.49
N PRO RE 29 28.97 -71.32 -91.46
CA PRO RE 29 28.44 -71.97 -90.25
C PRO RE 29 27.79 -71.00 -89.30
N THR RE 30 28.15 -69.73 -89.40
CA THR RE 30 27.61 -68.73 -88.51
C THR RE 30 26.09 -68.70 -88.64
N ASN RE 31 25.60 -69.18 -89.78
CA ASN RE 31 24.16 -69.16 -90.02
C ASN RE 31 23.67 -70.44 -90.68
N GLY RE 32 24.50 -71.46 -90.82
CA GLY RE 32 24.06 -72.70 -91.44
C GLY RE 32 23.53 -72.44 -92.83
N VAL RE 33 24.28 -71.68 -93.63
CA VAL RE 33 23.82 -71.24 -94.94
C VAL RE 33 24.76 -71.80 -95.99
N ALA RE 34 24.25 -72.73 -96.80
CA ALA RE 34 25.05 -73.28 -97.88
C ALA RE 34 24.97 -72.37 -99.10
N SER RE 35 26.08 -72.29 -99.83
CA SER RE 35 26.21 -71.36 -100.94
C SER RE 35 26.71 -72.09 -102.18
N LEU RE 36 26.18 -71.69 -103.32
CA LEU RE 36 26.66 -72.15 -104.61
C LEU RE 36 26.82 -70.92 -105.50
N SER RE 37 27.75 -71.02 -106.44
CA SER RE 37 27.96 -69.93 -107.38
C SER RE 37 28.27 -70.52 -108.74
N GLN RE 38 27.98 -69.76 -109.78
CA GLN RE 38 28.38 -70.20 -111.11
C GLN RE 38 29.90 -70.09 -111.24
N ALA RE 39 30.45 -70.82 -112.21
CA ALA RE 39 31.89 -70.80 -112.43
C ALA RE 39 32.33 -69.41 -112.91
N GLY RE 40 33.31 -68.83 -112.22
CA GLY RE 40 33.85 -67.55 -112.62
C GLY RE 40 35.17 -67.29 -111.92
N ALA RE 41 35.62 -66.04 -111.94
CA ALA RE 41 36.80 -65.66 -111.17
C ALA RE 41 36.53 -64.43 -110.31
N VAL RE 42 35.76 -63.49 -110.85
CA VAL RE 42 35.48 -62.22 -110.19
C VAL RE 42 34.20 -62.35 -109.39
N PRO RE 43 34.25 -62.61 -108.09
CA PRO RE 43 33.02 -62.91 -107.36
C PRO RE 43 31.99 -61.81 -107.48
N ALA RE 44 32.41 -60.57 -107.66
CA ALA RE 44 31.45 -59.49 -107.84
C ALA RE 44 30.70 -59.60 -109.16
N LEU RE 45 31.03 -60.57 -110.00
CA LEU RE 45 30.42 -60.72 -111.32
C LEU RE 45 29.91 -62.12 -111.50
N GLU RE 46 29.18 -62.63 -110.52
CA GLU RE 46 28.92 -64.05 -110.55
C GLU RE 46 27.52 -64.31 -110.01
N LYS RE 47 26.84 -65.30 -110.59
CA LYS RE 47 25.49 -65.66 -110.18
C LYS RE 47 25.54 -66.56 -108.95
N ARG RE 48 24.89 -66.15 -107.87
CA ARG RE 48 25.02 -66.84 -106.60
C ARG RE 48 23.67 -67.31 -106.08
N VAL RE 49 23.73 -68.35 -105.26
CA VAL RE 49 22.55 -69.02 -104.72
C VAL RE 49 22.83 -69.45 -103.30
N THR RE 50 21.88 -69.26 -102.42
CA THR RE 50 22.06 -69.56 -101.02
C THR RE 50 20.84 -70.28 -100.49
N VAL RE 51 21.08 -71.27 -99.63
CA VAL RE 51 20.03 -72.09 -99.07
C VAL RE 51 20.24 -72.18 -97.56
N SER RE 52 19.19 -71.94 -96.80
CA SER RE 52 19.24 -71.96 -95.35
C SER RE 52 18.02 -72.68 -94.80
N VAL RE 53 18.22 -73.46 -93.76
CA VAL RE 53 17.18 -74.25 -93.13
C VAL RE 53 17.25 -74.01 -91.63
N SER RE 54 16.29 -73.25 -91.10
CA SER RE 54 16.29 -72.87 -89.70
C SER RE 54 15.27 -73.70 -88.94
N GLN RE 55 15.72 -74.30 -87.84
CA GLN RE 55 14.87 -75.14 -87.01
C GLN RE 55 14.12 -74.29 -86.00
N PRO RE 56 13.05 -74.80 -85.44
CA PRO RE 56 12.31 -74.03 -84.43
C PRO RE 56 13.11 -73.81 -83.17
N SER RE 57 13.43 -72.55 -82.90
CA SER RE 57 14.03 -72.18 -81.63
C SER RE 57 12.94 -72.08 -80.57
N ARG RE 58 13.35 -71.76 -79.34
CA ARG RE 58 12.38 -71.47 -78.31
C ARG RE 58 11.54 -70.26 -78.67
N ASN RE 59 12.02 -69.44 -79.60
CA ASN RE 59 11.40 -68.19 -79.99
C ASN RE 59 10.59 -68.30 -81.27
N ARG RE 60 10.86 -69.31 -82.11
CA ARG RE 60 10.22 -69.44 -83.40
C ARG RE 60 9.17 -70.54 -83.41
N LYS RE 61 9.56 -71.74 -83.00
CA LYS RE 61 8.65 -72.89 -82.99
C LYS RE 61 8.08 -73.14 -84.39
N ASN RE 62 8.88 -72.87 -85.41
CA ASN RE 62 8.43 -73.08 -86.78
C ASN RE 62 9.63 -73.25 -87.69
N TYR RE 63 9.61 -74.29 -88.50
CA TYR RE 63 10.72 -74.50 -89.43
C TYR RE 63 10.64 -73.47 -90.55
N LYS RE 64 11.78 -72.93 -90.94
CA LYS RE 64 11.85 -71.98 -92.05
C LYS RE 64 12.92 -72.42 -93.04
N VAL RE 65 12.69 -72.12 -94.32
CA VAL RE 65 13.60 -72.45 -95.40
C VAL RE 65 13.71 -71.23 -96.30
N GLN RE 66 14.89 -70.64 -96.34
CA GLN RE 66 15.14 -69.45 -97.14
C GLN RE 66 16.03 -69.81 -98.32
N VAL RE 67 15.66 -69.32 -99.50
CA VAL RE 67 16.43 -69.53 -100.71
C VAL RE 67 16.60 -68.18 -101.38
N LYS RE 68 17.84 -67.76 -101.56
CA LYS RE 68 18.14 -66.47 -102.17
C LYS RE 68 18.92 -66.68 -103.46
N ILE RE 69 18.59 -65.91 -104.48
CA ILE RE 69 19.24 -65.96 -105.77
C ILE RE 69 19.64 -64.55 -106.14
N GLN RE 70 20.90 -64.37 -106.51
CA GLN RE 70 21.44 -63.08 -106.89
C GLN RE 70 22.09 -63.19 -108.26
N ASN RE 71 21.63 -62.35 -109.19
CA ASN RE 71 22.22 -62.28 -110.53
C ASN RE 71 22.73 -60.87 -110.78
N PRO RE 72 24.04 -60.69 -110.93
CA PRO RE 72 24.56 -59.37 -111.29
C PRO RE 72 24.64 -59.21 -112.80
N THR RE 73 24.61 -57.96 -113.23
CA THR RE 73 24.81 -57.65 -114.63
C THR RE 73 26.25 -57.25 -114.90
N ALA RE 74 26.75 -57.65 -116.06
CA ALA RE 74 28.15 -57.38 -116.40
C ALA RE 74 28.39 -55.90 -116.64
N CYS RE 75 27.74 -55.33 -117.65
CA CYS RE 75 27.97 -53.94 -118.05
C CYS RE 75 29.45 -53.70 -118.29
N THR RE 76 30.05 -54.57 -119.08
CA THR RE 76 31.48 -54.48 -119.38
C THR RE 76 31.76 -53.26 -120.24
N ALA RE 77 32.68 -52.42 -119.79
CA ALA RE 77 32.97 -51.17 -120.45
C ALA RE 77 33.96 -51.38 -121.59
N ASN RE 78 34.00 -50.39 -122.49
CA ASN RE 78 34.87 -50.45 -123.68
C ASN RE 78 36.32 -50.25 -123.23
N GLY RE 79 36.80 -51.22 -122.45
CA GLY RE 79 38.17 -51.26 -121.99
C GLY RE 79 38.31 -50.66 -120.60
N SER RE 80 39.51 -50.16 -120.33
CA SER RE 80 39.87 -49.37 -119.16
C SER RE 80 39.92 -50.17 -117.87
N CYS RE 81 39.17 -51.27 -117.78
CA CYS RE 81 39.47 -52.41 -116.91
C CYS RE 81 38.21 -53.27 -116.80
N ASP RE 82 38.31 -54.34 -116.02
CA ASP RE 82 37.24 -55.33 -115.90
C ASP RE 82 35.88 -54.69 -115.71
N PRO RE 83 34.81 -55.45 -115.99
CA PRO RE 83 33.46 -54.88 -115.90
C PRO RE 83 33.12 -54.41 -114.50
N SER RE 84 31.96 -53.76 -114.40
CA SER RE 84 31.49 -53.19 -113.15
C SER RE 84 30.03 -53.57 -112.94
N VAL RE 85 29.67 -53.74 -111.67
CA VAL RE 85 28.31 -54.17 -111.34
C VAL RE 85 27.38 -52.98 -111.44
N THR RE 86 26.33 -53.13 -112.24
CA THR RE 86 25.36 -52.06 -112.44
C THR RE 86 23.95 -52.45 -112.03
N ARG RE 87 23.52 -53.65 -112.34
CA ARG RE 87 22.18 -54.10 -111.96
C ARG RE 87 22.31 -55.38 -111.15
N GLN RE 88 21.37 -55.57 -110.23
CA GLN RE 88 21.35 -56.77 -109.39
C GLN RE 88 19.92 -57.27 -109.30
N ALA RE 89 19.65 -58.41 -109.92
CA ALA RE 89 18.36 -59.06 -109.78
C ALA RE 89 18.38 -59.96 -108.56
N TYR RE 90 17.41 -59.78 -107.67
CA TYR RE 90 17.31 -60.56 -106.45
C TYR RE 90 16.02 -61.36 -106.45
N ALA RE 91 16.12 -62.59 -105.97
CA ALA RE 91 14.96 -63.45 -105.75
C ALA RE 91 15.09 -64.07 -104.38
N ASP RE 92 14.02 -64.07 -103.61
CA ASP RE 92 14.07 -64.54 -102.24
C ASP RE 92 12.79 -65.29 -101.90
N VAL RE 93 12.95 -66.51 -101.49
CA VAL RE 93 11.86 -67.42 -101.23
C VAL RE 93 11.95 -67.87 -99.79
N THR RE 94 10.82 -67.88 -99.09
CA THR RE 94 10.81 -68.19 -97.66
C THR RE 94 9.62 -69.10 -97.38
N PHE RE 95 9.89 -70.39 -97.27
CA PHE RE 95 8.90 -71.36 -96.88
C PHE RE 95 8.89 -71.54 -95.38
N SER RE 96 7.71 -71.74 -94.82
CA SER RE 96 7.55 -71.89 -93.39
C SER RE 96 6.59 -73.03 -93.12
N PHE RE 97 6.96 -73.92 -92.22
CA PHE RE 97 6.09 -75.00 -91.83
C PHE RE 97 6.06 -75.13 -90.32
N THR RE 98 5.02 -75.77 -89.84
CA THR RE 98 4.88 -75.97 -88.41
C THR RE 98 5.47 -77.31 -88.00
N GLN RE 99 5.62 -77.47 -86.69
CA GLN RE 99 6.38 -78.58 -86.14
C GLN RE 99 5.71 -79.91 -86.48
N TYR RE 100 4.40 -79.90 -86.66
CA TYR RE 100 3.66 -81.07 -87.12
C TYR RE 100 3.62 -81.16 -88.64
N SER RE 101 4.52 -80.47 -89.33
CA SER RE 101 4.50 -80.46 -90.78
C SER RE 101 4.49 -81.88 -91.34
N THR RE 102 4.18 -81.99 -92.62
CA THR RE 102 4.26 -83.24 -93.35
C THR RE 102 4.97 -83.04 -94.69
N ASP RE 103 5.90 -83.95 -94.98
CA ASP RE 103 6.58 -83.92 -96.27
C ASP RE 103 5.57 -83.87 -97.40
N GLU RE 104 4.43 -84.55 -97.20
CA GLU RE 104 3.33 -84.44 -98.13
C GLU RE 104 3.10 -83.00 -98.55
N GLU RE 105 2.62 -82.21 -97.62
CA GLU RE 105 2.19 -80.88 -97.99
C GLU RE 105 3.38 -80.00 -98.32
N ARG RE 106 4.56 -80.32 -97.78
CA ARG RE 106 5.74 -79.54 -98.16
C ARG RE 106 6.01 -79.69 -99.65
N ALA RE 107 6.09 -80.93 -100.12
CA ALA RE 107 6.28 -81.15 -101.55
C ALA RE 107 5.14 -80.53 -102.34
N PHE RE 108 3.92 -80.66 -101.84
CA PHE RE 108 2.78 -80.07 -102.54
C PHE RE 108 2.99 -78.58 -102.74
N VAL RE 109 3.30 -77.86 -101.66
CA VAL RE 109 3.36 -76.41 -101.75
C VAL RE 109 4.48 -75.99 -102.69
N ARG RE 110 5.63 -76.63 -102.59
CA ARG RE 110 6.72 -76.19 -103.46
C ARG RE 110 6.42 -76.47 -104.92
N THR RE 111 5.89 -77.65 -105.23
CA THR RE 111 5.60 -77.91 -106.63
C THR RE 111 4.54 -76.94 -107.12
N GLU RE 112 3.64 -76.53 -106.22
CA GLU RE 112 2.68 -75.51 -106.56
C GLU RE 112 3.37 -74.22 -106.93
N LEU RE 113 4.32 -73.79 -106.11
CA LEU RE 113 5.05 -72.56 -106.42
C LEU RE 113 5.74 -72.67 -107.77
N ALA RE 114 6.37 -73.81 -108.04
CA ALA RE 114 7.14 -73.91 -109.26
C ALA RE 114 6.24 -73.85 -110.48
N ALA RE 115 5.15 -74.61 -110.47
CA ALA RE 115 4.28 -74.56 -111.62
C ALA RE 115 3.61 -73.20 -111.72
N LEU RE 116 3.37 -72.51 -110.61
CA LEU RE 116 2.88 -71.14 -110.73
C LEU RE 116 3.92 -70.27 -111.40
N LEU RE 117 5.17 -70.43 -111.00
CA LEU RE 117 6.27 -69.67 -111.58
C LEU RE 117 6.42 -69.95 -113.05
N ALA RE 118 5.90 -71.08 -113.52
CA ALA RE 118 5.84 -71.36 -114.95
C ALA RE 118 4.54 -70.91 -115.60
N SER RE 119 3.50 -70.70 -114.82
CA SER RE 119 2.18 -70.43 -115.37
C SER RE 119 2.14 -69.07 -116.04
N PRO RE 120 1.19 -68.88 -116.96
CA PRO RE 120 1.14 -67.61 -117.70
C PRO RE 120 1.02 -66.39 -116.80
N LEU RE 121 0.28 -66.49 -115.70
CA LEU RE 121 0.10 -65.34 -114.81
C LEU RE 121 1.44 -64.76 -114.41
N LEU RE 122 2.22 -65.53 -113.66
CA LEU RE 122 3.47 -65.00 -113.16
C LEU RE 122 4.38 -64.57 -114.29
N ILE RE 123 4.33 -65.29 -115.41
CA ILE RE 123 5.14 -64.92 -116.56
C ILE RE 123 4.90 -63.46 -116.92
N ASP RE 124 3.66 -63.12 -117.23
CA ASP RE 124 3.39 -61.74 -117.60
C ASP RE 124 3.64 -60.80 -116.42
N ALA RE 125 3.34 -61.25 -115.21
CA ALA RE 125 3.41 -60.37 -114.05
C ALA RE 125 4.85 -59.96 -113.75
N ILE RE 126 5.80 -60.78 -114.16
CA ILE RE 126 7.19 -60.48 -113.85
C ILE RE 126 7.99 -60.14 -115.09
N ASP RE 127 7.95 -60.99 -116.10
CA ASP RE 127 8.55 -60.65 -117.38
C ASP RE 127 8.23 -59.22 -117.76
N GLN RE 128 6.96 -58.93 -118.00
CA GLN RE 128 6.56 -57.60 -118.41
C GLN RE 128 6.19 -56.70 -117.24
N LEU RE 129 6.26 -57.19 -116.00
CA LEU RE 129 5.90 -56.38 -114.84
C LEU RE 129 4.50 -55.82 -114.97
N ASN RE 130 3.58 -56.56 -115.57
CA ASN RE 130 2.20 -56.11 -115.67
C ASN RE 130 1.46 -56.42 -114.39
N PRO RE 131 0.78 -55.46 -113.76
CA PRO RE 131 0.00 -55.79 -112.58
C PRO RE 131 -1.02 -56.85 -112.90
N ALA RE 132 -1.19 -57.78 -111.98
CA ALA RE 132 -2.16 -58.84 -112.19
C ALA RE 132 -3.52 -58.20 -112.38
N TYR RE 133 -4.03 -58.27 -113.60
CA TYR RE 133 -5.29 -57.66 -113.96
C TYR RE 133 -5.65 -57.89 -115.41
N ALA SE 2 35.35 -83.28 -87.51
CA ALA SE 2 34.29 -84.31 -87.67
C ALA SE 2 33.22 -83.85 -88.65
N LYS SE 3 33.49 -84.04 -89.94
CA LYS SE 3 32.52 -83.69 -90.96
C LYS SE 3 31.24 -84.49 -90.78
N LEU SE 4 30.10 -83.82 -90.84
CA LEU SE 4 28.83 -84.51 -90.63
C LEU SE 4 28.32 -85.03 -91.96
N GLU SE 5 27.93 -86.30 -91.97
CA GLU SE 5 27.33 -86.91 -93.15
C GLU SE 5 26.27 -87.88 -92.69
N THR SE 6 25.53 -88.41 -93.66
CA THR SE 6 24.49 -89.37 -93.34
C THR SE 6 25.10 -90.54 -92.60
N VAL SE 7 24.69 -90.75 -91.36
CA VAL SE 7 25.27 -91.82 -90.54
C VAL SE 7 24.30 -92.99 -90.53
N THR SE 8 24.79 -94.15 -90.90
CA THR SE 8 23.97 -95.34 -91.03
C THR SE 8 24.31 -96.27 -89.88
N LEU SE 9 23.33 -96.58 -89.06
CA LEU SE 9 23.54 -97.32 -87.82
C LEU SE 9 22.85 -98.66 -87.96
N GLY SE 10 23.65 -99.73 -88.05
CA GLY SE 10 23.14 -101.06 -88.24
C GLY SE 10 23.29 -101.92 -86.98
N ASN SE 11 22.61 -103.06 -87.00
CA ASN SE 11 22.63 -103.98 -85.87
C ASN SE 11 22.09 -103.29 -84.61
N ILE SE 12 20.83 -102.86 -84.72
CA ILE SE 12 20.18 -102.03 -83.72
C ILE SE 12 18.93 -102.73 -83.22
N GLY SE 13 18.61 -102.49 -81.94
CA GLY SE 13 17.38 -102.99 -81.34
C GLY SE 13 17.61 -104.20 -80.47
N LYS SE 14 16.49 -104.74 -79.97
CA LYS SE 14 16.57 -105.92 -79.12
C LYS SE 14 17.25 -107.07 -79.84
N ASP SE 15 16.89 -107.29 -81.10
CA ASP SE 15 17.41 -108.40 -81.87
C ASP SE 15 18.61 -108.03 -82.73
N GLY SE 16 18.93 -106.74 -82.84
CA GLY SE 16 20.05 -106.34 -83.67
C GLY SE 16 19.84 -106.60 -85.14
N LYS SE 17 18.67 -106.24 -85.68
CA LYS SE 17 18.47 -106.26 -87.13
C LYS SE 17 17.96 -104.96 -87.73
N GLN SE 18 17.46 -104.02 -86.94
CA GLN SE 18 16.96 -102.79 -87.53
C GLN SE 18 18.14 -101.90 -87.96
N THR SE 19 17.81 -100.79 -88.62
CA THR SE 19 18.82 -99.83 -89.02
C THR SE 19 18.23 -98.43 -88.97
N LEU SE 20 19.08 -97.45 -88.71
CA LEU SE 20 18.65 -96.07 -88.59
C LEU SE 20 19.56 -95.17 -89.39
N VAL SE 21 18.97 -94.27 -90.16
CA VAL SE 21 19.72 -93.38 -91.03
C VAL SE 21 19.55 -91.97 -90.47
N LEU SE 22 20.65 -91.41 -89.98
CA LEU SE 22 20.65 -90.10 -89.35
C LEU SE 22 21.12 -89.08 -90.37
N ASN SE 23 20.39 -88.09 -90.52
CA ASN SE 23 20.54 -87.07 -91.54
C ASN SE 23 21.08 -85.78 -90.92
N PRO SE 24 22.12 -85.18 -91.48
CA PRO SE 24 22.65 -83.96 -90.86
C PRO SE 24 21.62 -82.85 -90.80
N ARG SE 25 21.63 -82.12 -89.69
CA ARG SE 25 20.78 -80.95 -89.49
C ARG SE 25 21.59 -79.65 -89.35
N GLY SE 26 22.87 -79.69 -89.67
CA GLY SE 26 23.71 -78.52 -89.46
C GLY SE 26 24.15 -78.37 -88.02
N VAL SE 27 24.55 -77.15 -87.67
CA VAL SE 27 25.05 -76.85 -86.33
C VAL SE 27 24.45 -75.53 -85.87
N ASN SE 28 24.05 -75.49 -84.61
CA ASN SE 28 23.54 -74.25 -84.07
C ASN SE 28 24.67 -73.24 -83.95
N PRO SE 29 24.54 -72.04 -84.49
CA PRO SE 29 25.62 -71.05 -84.35
C PRO SE 29 25.77 -70.51 -82.93
N THR SE 30 24.75 -70.62 -82.10
CA THR SE 30 24.83 -70.12 -80.74
C THR SE 30 25.43 -71.15 -79.80
N ASN SE 31 24.76 -72.29 -79.65
CA ASN SE 31 25.22 -73.36 -78.79
C ASN SE 31 26.46 -74.03 -79.35
N GLY SE 32 26.70 -73.94 -80.65
CA GLY SE 32 27.83 -74.62 -81.26
C GLY SE 32 27.70 -76.12 -81.16
N VAL SE 33 26.54 -76.64 -81.58
CA VAL SE 33 26.22 -78.05 -81.42
C VAL SE 33 25.62 -78.57 -82.72
N ALA SE 34 26.16 -79.67 -83.23
CA ALA SE 34 25.63 -80.27 -84.43
C ALA SE 34 24.51 -81.22 -84.08
N SER SE 35 23.61 -81.43 -85.04
CA SER SE 35 22.43 -82.25 -84.84
C SER SE 35 22.14 -83.07 -86.08
N LEU SE 36 21.65 -84.28 -85.88
CA LEU SE 36 21.24 -85.14 -86.98
C LEU SE 36 19.87 -85.73 -86.65
N SER SE 37 19.14 -86.09 -87.70
CA SER SE 37 17.78 -86.54 -87.53
C SER SE 37 17.48 -87.69 -88.48
N GLN SE 38 16.57 -88.55 -88.04
CA GLN SE 38 16.06 -89.62 -88.89
C GLN SE 38 15.14 -89.03 -89.95
N ALA SE 39 15.24 -89.57 -91.15
CA ALA SE 39 14.40 -89.08 -92.24
C ALA SE 39 12.99 -89.61 -92.09
N GLY SE 40 12.01 -88.70 -92.07
CA GLY SE 40 10.64 -89.12 -91.89
C GLY SE 40 9.71 -88.06 -92.45
N ALA SE 41 8.42 -88.33 -92.32
CA ALA SE 41 7.40 -87.41 -92.80
C ALA SE 41 7.14 -86.29 -91.80
N VAL SE 42 7.09 -86.62 -90.53
CA VAL SE 42 6.73 -85.68 -89.48
C VAL SE 42 8.00 -85.30 -88.74
N PRO SE 43 8.51 -84.08 -88.88
CA PRO SE 43 9.69 -83.68 -88.10
C PRO SE 43 9.49 -83.87 -86.61
N ALA SE 44 8.26 -83.76 -86.13
CA ALA SE 44 7.99 -83.95 -84.72
C ALA SE 44 8.33 -85.35 -84.25
N LEU SE 45 8.31 -86.34 -85.15
CA LEU SE 45 8.45 -87.73 -84.78
C LEU SE 45 9.76 -88.32 -85.27
N GLU SE 46 10.79 -87.50 -85.40
CA GLU SE 46 12.06 -87.95 -85.95
C GLU SE 46 13.05 -88.16 -84.82
N LYS SE 47 13.74 -89.30 -84.83
CA LYS SE 47 14.80 -89.55 -83.87
C LYS SE 47 15.93 -88.56 -84.11
N ARG SE 48 16.27 -87.79 -83.10
CA ARG SE 48 17.32 -86.80 -83.22
C ARG SE 48 18.51 -87.15 -82.33
N VAL SE 49 19.69 -86.74 -82.77
CA VAL SE 49 20.91 -86.92 -81.99
C VAL SE 49 21.67 -85.61 -82.01
N THR SE 50 22.24 -85.24 -80.89
CA THR SE 50 23.03 -84.03 -80.78
C THR SE 50 24.47 -84.36 -80.40
N VAL SE 51 25.39 -83.56 -80.93
CA VAL SE 51 26.82 -83.73 -80.69
C VAL SE 51 27.40 -82.34 -80.41
N SER SE 52 28.07 -82.20 -79.27
CA SER SE 52 28.71 -80.95 -78.93
C SER SE 52 30.14 -81.21 -78.46
N VAL SE 53 31.05 -80.36 -78.90
CA VAL SE 53 32.47 -80.45 -78.55
C VAL SE 53 32.87 -79.07 -78.01
N SER SE 54 32.68 -78.86 -76.72
CA SER SE 54 32.98 -77.55 -76.17
C SER SE 54 34.49 -77.37 -76.07
N GLN SE 55 34.90 -76.12 -76.12
CA GLN SE 55 36.30 -75.73 -76.13
C GLN SE 55 36.79 -75.54 -74.69
N PRO SE 56 38.10 -75.44 -74.48
CA PRO SE 56 38.60 -75.29 -73.11
C PRO SE 56 38.04 -74.05 -72.43
N SER SE 57 37.66 -74.20 -71.17
CA SER SE 57 37.22 -73.08 -70.35
C SER SE 57 38.44 -72.35 -69.79
N ARG SE 58 38.22 -71.43 -68.86
CA ARG SE 58 39.30 -70.62 -68.31
C ARG SE 58 39.78 -71.21 -66.99
N ASN SE 59 41.11 -71.34 -66.87
CA ASN SE 59 41.77 -71.66 -65.61
C ASN SE 59 41.56 -73.10 -65.17
N ARG SE 60 40.68 -73.82 -65.86
CA ARG SE 60 40.53 -75.25 -65.67
C ARG SE 60 40.57 -75.99 -66.99
N LYS SE 61 40.00 -75.39 -68.02
CA LYS SE 61 40.06 -75.81 -69.41
C LYS SE 61 39.29 -77.09 -69.72
N ASN SE 62 39.17 -78.02 -68.77
CA ASN SE 62 38.08 -79.00 -68.76
C ASN SE 62 37.48 -79.36 -70.13
N TYR SE 63 38.22 -79.93 -71.08
CA TYR SE 63 37.61 -80.29 -72.35
C TYR SE 63 36.41 -81.20 -72.12
N LYS SE 64 35.30 -80.92 -72.79
CA LYS SE 64 34.06 -81.65 -72.55
C LYS SE 64 33.34 -81.91 -73.87
N VAL SE 65 32.74 -83.08 -73.96
CA VAL SE 65 31.96 -83.48 -75.12
C VAL SE 65 30.61 -83.98 -74.65
N GLN SE 66 29.58 -83.65 -75.39
CA GLN SE 66 28.21 -83.93 -75.01
C GLN SE 66 27.47 -84.55 -76.18
N VAL SE 67 26.67 -85.57 -75.90
CA VAL SE 67 25.84 -86.19 -76.93
C VAL SE 67 24.51 -86.61 -76.30
N LYS SE 68 23.42 -85.98 -76.74
CA LYS SE 68 22.09 -86.33 -76.27
C LYS SE 68 21.30 -86.90 -77.44
N ILE SE 69 20.75 -88.08 -77.24
CA ILE SE 69 19.89 -88.73 -78.21
C ILE SE 69 18.46 -88.62 -77.72
N GLN SE 70 17.57 -88.18 -78.59
CA GLN SE 70 16.14 -88.05 -78.33
C GLN SE 70 15.40 -89.04 -79.22
N ASN SE 71 14.48 -89.78 -78.62
CA ASN SE 71 13.67 -90.73 -79.38
C ASN SE 71 12.21 -90.51 -79.03
N PRO SE 72 11.40 -89.94 -79.92
CA PRO SE 72 10.01 -89.67 -79.59
C PRO SE 72 9.08 -90.80 -80.00
N THR SE 73 7.87 -90.75 -79.47
CA THR SE 73 6.83 -91.71 -79.82
C THR SE 73 5.48 -91.06 -79.55
N ALA SE 74 4.61 -91.06 -80.55
CA ALA SE 74 3.30 -90.45 -80.45
C ALA SE 74 2.21 -91.51 -80.47
N CYS SE 75 0.99 -91.08 -80.15
CA CYS SE 75 -0.21 -91.91 -80.31
C CYS SE 75 -1.30 -91.01 -80.87
N THR SE 76 -1.69 -91.26 -82.11
CA THR SE 76 -2.80 -90.51 -82.67
C THR SE 76 -4.07 -90.82 -81.87
N ALA SE 77 -4.57 -89.81 -81.15
CA ALA SE 77 -5.77 -89.96 -80.35
C ALA SE 77 -7.03 -89.98 -81.21
N ASN SE 78 -8.12 -90.45 -80.62
CA ASN SE 78 -9.40 -90.52 -81.32
C ASN SE 78 -9.95 -89.12 -81.55
N GLY SE 79 -10.18 -88.79 -82.83
CA GLY SE 79 -10.71 -87.50 -83.20
C GLY SE 79 -9.68 -86.43 -83.47
N SER SE 80 -8.41 -86.71 -83.21
CA SER SE 80 -7.33 -85.76 -83.45
C SER SE 80 -6.56 -86.20 -84.67
N CYS SE 81 -6.38 -85.27 -85.62
CA CYS SE 81 -5.55 -85.55 -86.79
C CYS SE 81 -4.13 -85.08 -86.59
N ASP SE 82 -3.63 -85.17 -85.37
CA ASP SE 82 -2.36 -84.58 -85.01
C ASP SE 82 -1.54 -85.60 -84.22
N PRO SE 83 -0.56 -86.24 -84.84
CA PRO SE 83 0.20 -87.25 -84.09
C PRO SE 83 1.04 -86.61 -83.01
N SER SE 84 0.39 -86.17 -81.93
CA SER SE 84 1.10 -85.53 -80.85
C SER SE 84 2.00 -86.51 -80.12
N VAL SE 85 3.22 -86.07 -79.80
CA VAL SE 85 4.17 -86.93 -79.10
C VAL SE 85 3.71 -87.10 -77.67
N THR SE 86 3.35 -88.32 -77.32
CA THR SE 86 2.95 -88.66 -75.96
C THR SE 86 4.09 -89.23 -75.14
N ARG SE 87 5.26 -89.40 -75.72
CA ARG SE 87 6.28 -90.23 -75.10
C ARG SE 87 7.63 -89.81 -75.66
N GLN SE 88 8.63 -89.77 -74.79
CA GLN SE 88 9.97 -89.43 -75.25
C GLN SE 88 11.03 -90.12 -74.38
N ALA SE 89 12.06 -90.63 -75.03
CA ALA SE 89 13.21 -91.21 -74.37
C ALA SE 89 14.43 -90.35 -74.64
N TYR SE 90 15.26 -90.16 -73.62
CA TYR SE 90 16.45 -89.34 -73.75
C TYR SE 90 17.63 -90.08 -73.17
N ALA SE 91 18.79 -89.96 -73.83
CA ALA SE 91 20.03 -90.49 -73.30
C ALA SE 91 21.11 -89.44 -73.52
N ASP SE 92 21.74 -88.99 -72.44
CA ASP SE 92 22.79 -87.98 -72.52
C ASP SE 92 24.09 -88.56 -72.01
N VAL SE 93 25.11 -88.48 -72.84
CA VAL SE 93 26.46 -88.90 -72.52
C VAL SE 93 27.34 -87.67 -72.44
N THR SE 94 28.22 -87.65 -71.44
CA THR SE 94 29.10 -86.52 -71.21
C THR SE 94 30.51 -87.03 -70.95
N PHE SE 95 31.42 -86.76 -71.86
CA PHE SE 95 32.84 -87.02 -71.69
C PHE SE 95 33.51 -85.78 -71.13
N SER SE 96 34.41 -85.97 -70.18
CA SER SE 96 35.23 -84.90 -69.66
C SER SE 96 36.68 -85.35 -69.67
N PHE SE 97 37.52 -84.61 -70.40
CA PHE SE 97 38.96 -84.84 -70.47
C PHE SE 97 39.70 -83.63 -69.95
N THR SE 98 40.89 -83.89 -69.44
CA THR SE 98 41.81 -82.82 -69.07
C THR SE 98 42.51 -82.32 -70.33
N GLN SE 99 43.11 -81.14 -70.21
CA GLN SE 99 43.76 -80.54 -71.35
C GLN SE 99 45.07 -81.21 -71.70
N TYR SE 100 45.42 -82.31 -71.04
CA TYR SE 100 46.62 -83.05 -71.36
C TYR SE 100 46.32 -84.50 -71.69
N SER SE 101 45.05 -84.87 -71.72
CA SER SE 101 44.66 -86.20 -72.13
C SER SE 101 45.22 -86.50 -73.52
N THR SE 102 45.28 -87.80 -73.84
CA THR SE 102 45.69 -88.23 -75.17
C THR SE 102 44.64 -89.14 -75.78
N ASP SE 103 44.60 -89.10 -77.11
CA ASP SE 103 43.68 -89.95 -77.85
C ASP SE 103 43.64 -91.35 -77.25
N GLU SE 104 44.78 -91.83 -76.76
CA GLU SE 104 44.82 -93.16 -76.18
C GLU SE 104 43.72 -93.34 -75.14
N GLU SE 105 43.81 -92.60 -74.04
CA GLU SE 105 42.76 -92.74 -73.03
C GLU SE 105 41.41 -92.38 -73.63
N ARG SE 106 41.39 -91.45 -74.57
CA ARG SE 106 40.10 -91.01 -75.08
C ARG SE 106 39.34 -92.18 -75.68
N ALA SE 107 39.82 -92.72 -76.77
CA ALA SE 107 39.09 -93.84 -77.37
C ALA SE 107 39.08 -95.04 -76.43
N PHE SE 108 40.00 -95.09 -75.47
CA PHE SE 108 39.91 -96.16 -74.49
C PHE SE 108 38.58 -96.06 -73.75
N VAL SE 109 38.27 -94.89 -73.22
CA VAL SE 109 36.99 -94.72 -72.54
C VAL SE 109 35.87 -94.90 -73.54
N ARG SE 110 36.11 -94.52 -74.78
CA ARG SE 110 35.07 -94.62 -75.78
C ARG SE 110 34.60 -96.06 -75.89
N THR SE 111 35.50 -96.92 -76.34
CA THR SE 111 35.14 -98.32 -76.50
C THR SE 111 34.78 -98.93 -75.15
N GLU SE 112 35.29 -98.38 -74.04
CA GLU SE 112 34.83 -98.84 -72.73
C GLU SE 112 33.33 -98.69 -72.61
N LEU SE 113 32.83 -97.49 -72.86
CA LEU SE 113 31.40 -97.25 -72.80
C LEU SE 113 30.68 -98.12 -73.80
N ALA SE 114 31.24 -98.26 -75.00
CA ALA SE 114 30.56 -99.03 -76.03
C ALA SE 114 30.31 -100.46 -75.58
N ALA SE 115 31.37 -101.15 -75.16
CA ALA SE 115 31.19 -102.55 -74.87
C ALA SE 115 30.55 -102.75 -73.49
N LEU SE 116 30.55 -101.73 -72.64
CA LEU SE 116 29.65 -101.78 -71.49
C LEU SE 116 28.20 -101.75 -71.93
N LEU SE 117 27.87 -100.87 -72.87
CA LEU SE 117 26.53 -100.81 -73.41
C LEU SE 117 26.13 -102.10 -74.08
N ALA SE 118 27.09 -102.88 -74.54
CA ALA SE 118 26.82 -104.21 -75.05
C ALA SE 118 26.78 -105.28 -73.97
N SER SE 119 27.45 -105.07 -72.84
CA SER SE 119 27.63 -106.11 -71.84
C SER SE 119 26.30 -106.54 -71.24
N PRO SE 120 26.24 -107.75 -70.69
CA PRO SE 120 25.01 -108.18 -70.05
C PRO SE 120 24.57 -107.23 -68.98
N LEU SE 121 25.52 -106.56 -68.34
CA LEU SE 121 25.22 -105.72 -67.20
C LEU SE 121 24.22 -104.64 -67.58
N LEU SE 122 24.65 -103.71 -68.43
CA LEU SE 122 23.76 -102.60 -68.77
C LEU SE 122 22.53 -103.10 -69.49
N ILE SE 123 22.65 -104.23 -70.19
CA ILE SE 123 21.48 -104.79 -70.87
C ILE SE 123 20.33 -104.93 -69.91
N ASP SE 124 20.49 -105.81 -68.91
CA ASP SE 124 19.40 -105.97 -67.97
C ASP SE 124 19.23 -104.71 -67.12
N ALA SE 125 20.26 -103.86 -67.07
CA ALA SE 125 20.18 -102.63 -66.29
C ALA SE 125 19.11 -101.70 -66.82
N ILE SE 126 19.10 -101.43 -68.12
CA ILE SE 126 18.21 -100.44 -68.71
C ILE SE 126 17.10 -101.09 -69.50
N ASP SE 127 17.41 -102.13 -70.26
CA ASP SE 127 16.40 -102.78 -71.07
C ASP SE 127 15.26 -103.29 -70.20
N GLN SE 128 15.57 -103.86 -69.04
CA GLN SE 128 14.56 -104.27 -68.07
C GLN SE 128 14.50 -103.36 -66.87
N LEU SE 129 15.25 -102.26 -66.87
CA LEU SE 129 15.30 -101.31 -65.75
C LEU SE 129 15.57 -102.07 -64.46
N ASN SE 130 16.66 -102.82 -64.45
CA ASN SE 130 16.87 -103.78 -63.39
C ASN SE 130 18.06 -103.35 -62.55
N PRO SE 131 17.85 -102.80 -61.36
CA PRO SE 131 18.99 -102.35 -60.55
C PRO SE 131 20.01 -103.45 -60.38
N ALA SE 132 21.26 -103.09 -60.59
CA ALA SE 132 22.32 -104.08 -60.51
C ALA SE 132 22.66 -104.35 -59.05
N TYR SE 133 22.77 -105.62 -58.70
CA TYR SE 133 23.33 -106.01 -57.42
C TYR SE 133 23.68 -107.48 -57.41
N ALA TE 2 34.56 -124.42 19.27
CA ALA TE 2 35.63 -123.40 19.35
C ALA TE 2 35.87 -123.05 20.81
N LYS TE 3 36.14 -124.07 21.60
CA LYS TE 3 36.46 -123.88 23.01
C LYS TE 3 37.63 -122.93 23.16
N LEU TE 4 37.49 -122.02 24.13
CA LEU TE 4 38.55 -121.08 24.47
C LEU TE 4 39.44 -121.72 25.52
N GLU TE 5 40.75 -121.67 25.32
CA GLU TE 5 41.70 -122.45 26.08
C GLU TE 5 43.10 -122.05 25.63
N THR TE 6 44.12 -122.46 26.39
CA THR TE 6 45.47 -121.97 26.14
C THR TE 6 46.09 -122.70 24.95
N VAL TE 7 46.68 -121.93 24.04
CA VAL TE 7 47.20 -122.43 22.77
C VAL TE 7 48.71 -122.36 22.79
N THR TE 8 49.35 -123.46 22.40
CA THR TE 8 50.81 -123.57 22.37
C THR TE 8 51.24 -123.71 20.91
N LEU TE 9 51.57 -122.59 20.28
CA LEU TE 9 52.03 -122.58 18.90
C LEU TE 9 53.53 -122.83 18.89
N GLY TE 10 53.95 -123.97 18.34
CA GLY TE 10 55.36 -124.30 18.33
C GLY TE 10 56.02 -124.13 16.98
N ASN TE 11 57.35 -124.24 16.95
CA ASN TE 11 58.14 -124.21 15.72
C ASN TE 11 57.73 -123.03 14.82
N ILE TE 12 57.96 -121.83 15.35
CA ILE TE 12 57.58 -120.59 14.66
C ILE TE 12 58.78 -119.68 14.55
N GLY TE 13 58.67 -118.70 13.66
CA GLY TE 13 59.75 -117.80 13.34
C GLY TE 13 60.44 -118.18 12.05
N LYS TE 14 61.63 -117.59 11.86
CA LYS TE 14 62.37 -117.81 10.62
C LYS TE 14 62.78 -119.28 10.48
N ASP TE 15 63.31 -119.88 11.53
CA ASP TE 15 63.73 -121.29 11.44
C ASP TE 15 62.88 -122.21 12.30
N GLY TE 16 61.72 -121.76 12.78
CA GLY TE 16 60.77 -122.63 13.43
C GLY TE 16 61.24 -123.25 14.73
N LYS TE 17 61.76 -122.43 15.65
CA LYS TE 17 62.17 -122.90 16.96
C LYS TE 17 61.53 -122.16 18.13
N GLN TE 18 60.94 -120.98 17.93
CA GLN TE 18 60.26 -120.30 19.03
C GLN TE 18 58.95 -121.02 19.36
N THR TE 19 58.31 -120.57 20.44
CA THR TE 19 56.98 -121.04 20.79
C THR TE 19 56.21 -119.90 21.44
N LEU TE 20 54.89 -119.90 21.24
CA LEU TE 20 54.01 -118.87 21.77
C LEU TE 20 52.91 -119.54 22.57
N VAL TE 21 52.71 -119.08 23.80
CA VAL TE 21 51.59 -119.52 24.63
C VAL TE 21 50.59 -118.37 24.64
N LEU TE 22 49.39 -118.63 24.14
CA LEU TE 22 48.31 -117.66 24.16
C LEU TE 22 47.25 -118.11 25.14
N ASN TE 23 47.01 -117.34 26.08
CA ASN TE 23 45.94 -117.40 27.06
C ASN TE 23 44.70 -116.72 26.51
N PRO TE 24 43.51 -117.18 26.85
CA PRO TE 24 42.31 -116.50 26.40
C PRO TE 24 42.04 -115.26 27.23
N ARG TE 25 41.04 -114.51 26.77
CA ARG TE 25 40.51 -113.34 27.47
C ARG TE 25 38.99 -113.45 27.38
N GLY TE 26 38.27 -112.36 27.60
CA GLY TE 26 36.82 -112.37 27.46
C GLY TE 26 36.40 -112.06 26.03
N VAL TE 27 35.41 -112.80 25.54
CA VAL TE 27 34.83 -112.50 24.23
C VAL TE 27 34.13 -111.15 24.32
N ASN TE 28 34.53 -110.21 23.46
CA ASN TE 28 34.00 -108.85 23.51
C ASN TE 28 32.50 -108.87 23.22
N PRO TE 29 31.65 -108.62 24.21
CA PRO TE 29 30.20 -108.68 23.96
C PRO TE 29 29.70 -107.66 22.95
N THR TE 30 30.40 -106.53 22.79
CA THR TE 30 29.95 -105.53 21.83
C THR TE 30 29.94 -106.05 20.40
N ASN TE 31 30.81 -107.02 20.07
CA ASN TE 31 30.82 -107.58 18.72
C ASN TE 31 31.05 -109.08 18.67
N GLY TE 32 31.09 -109.78 19.80
CA GLY TE 32 31.28 -111.22 19.77
C GLY TE 32 32.58 -111.64 19.11
N VAL TE 33 33.70 -111.33 19.74
CA VAL TE 33 35.02 -111.74 19.27
C VAL TE 33 35.82 -112.23 20.48
N ALA TE 34 36.35 -113.43 20.39
CA ALA TE 34 37.22 -113.95 21.43
C ALA TE 34 38.63 -113.46 21.20
N SER TE 35 39.41 -113.39 22.29
CA SER TE 35 40.73 -112.79 22.25
C SER TE 35 41.74 -113.70 22.92
N LEU TE 36 42.97 -113.69 22.38
CA LEU TE 36 44.08 -114.45 22.91
C LEU TE 36 45.29 -113.53 23.08
N SER TE 37 46.09 -113.80 24.11
CA SER TE 37 47.21 -112.93 24.47
C SER TE 37 48.38 -113.78 24.95
N GLN TE 38 49.59 -113.29 24.73
CA GLN TE 38 50.76 -114.03 25.19
C GLN TE 38 50.65 -114.32 26.68
N ALA TE 39 51.46 -115.25 27.18
CA ALA TE 39 51.29 -115.73 28.55
C ALA TE 39 51.33 -114.60 29.56
N GLY TE 40 52.06 -113.54 29.26
CA GLY TE 40 52.15 -112.38 30.13
C GLY TE 40 53.57 -112.16 30.60
N ALA TE 41 53.71 -111.25 31.57
CA ALA TE 41 52.61 -110.49 32.14
C ALA TE 41 52.25 -109.31 31.24
N VAL TE 42 53.23 -108.42 31.07
CA VAL TE 42 52.99 -107.22 30.27
C VAL TE 42 52.60 -107.59 28.84
N PRO TE 43 53.27 -108.50 28.15
CA PRO TE 43 52.87 -108.82 26.78
C PRO TE 43 51.43 -109.27 26.62
N ALA TE 44 50.71 -109.58 27.71
CA ALA TE 44 49.30 -109.92 27.61
C ALA TE 44 48.46 -108.78 27.05
N LEU TE 45 48.91 -107.54 27.20
CA LEU TE 45 48.28 -106.39 26.56
C LEU TE 45 49.08 -105.91 25.36
N GLU TE 46 50.17 -106.59 25.01
CA GLU TE 46 50.96 -106.29 23.81
C GLU TE 46 50.52 -107.15 22.63
N LYS TE 47 50.75 -108.46 22.72
CA LYS TE 47 50.42 -109.36 21.62
C LYS TE 47 48.94 -109.71 21.69
N ARG TE 48 48.32 -109.85 20.52
CA ARG TE 48 46.89 -110.11 20.48
C ARG TE 48 46.55 -110.97 19.27
N VAL TE 49 45.60 -111.89 19.46
CA VAL TE 49 45.08 -112.72 18.38
C VAL TE 49 43.58 -112.85 18.61
N THR TE 50 42.79 -112.16 17.80
CA THR TE 50 41.34 -112.16 17.98
C THR TE 50 40.69 -112.99 16.89
N VAL TE 51 39.55 -113.60 17.22
CA VAL TE 51 38.81 -114.44 16.29
C VAL TE 51 37.33 -114.15 16.45
N SER TE 52 36.62 -114.09 15.33
CA SER TE 52 35.17 -113.99 15.41
C SER TE 52 34.54 -114.63 14.18
N VAL TE 53 33.24 -114.91 14.29
CA VAL TE 53 32.48 -115.54 13.22
C VAL TE 53 31.12 -114.90 13.09
N SER TE 54 30.97 -114.02 12.11
CA SER TE 54 29.69 -113.36 11.85
C SER TE 54 28.82 -114.32 11.05
N GLN TE 55 27.65 -114.61 11.60
CA GLN TE 55 26.66 -115.49 11.01
C GLN TE 55 25.82 -114.72 9.99
N PRO TE 56 25.14 -115.42 9.09
CA PRO TE 56 24.28 -114.72 8.12
C PRO TE 56 23.17 -113.94 8.79
N SER TE 57 22.87 -112.81 8.21
CA SER TE 57 21.77 -111.92 8.58
C SER TE 57 21.70 -110.88 7.48
N ARG TE 58 20.93 -109.82 7.70
CA ARG TE 58 20.75 -108.83 6.65
C ARG TE 58 22.07 -108.21 6.21
N ASN TE 59 23.10 -108.25 7.06
CA ASN TE 59 24.42 -107.72 6.76
C ASN TE 59 25.33 -108.72 6.08
N ARG TE 60 25.18 -110.01 6.35
CA ARG TE 60 26.04 -111.04 5.77
C ARG TE 60 25.19 -111.97 4.92
N LYS TE 61 25.75 -113.08 4.41
CA LYS TE 61 24.91 -114.04 3.71
C LYS TE 61 25.10 -115.56 3.91
N ASN TE 62 26.28 -116.17 3.72
CA ASN TE 62 27.69 -115.73 3.81
C ASN TE 62 28.21 -115.50 5.22
N TYR TE 63 28.39 -116.62 5.92
CA TYR TE 63 29.33 -116.69 7.03
C TYR TE 63 30.62 -115.95 6.71
N LYS TE 64 31.14 -115.25 7.72
CA LYS TE 64 32.44 -114.60 7.63
C LYS TE 64 33.25 -114.96 8.88
N VAL TE 65 34.35 -115.63 8.69
CA VAL TE 65 35.32 -115.90 9.75
C VAL TE 65 36.44 -114.88 9.65
N GLN TE 66 36.80 -114.27 10.78
CA GLN TE 66 37.90 -113.31 10.80
C GLN TE 66 38.89 -113.69 11.89
N VAL TE 67 40.18 -113.61 11.52
CA VAL TE 67 41.31 -114.05 12.33
C VAL TE 67 42.35 -112.94 12.25
N LYS TE 68 42.53 -112.19 13.33
CA LYS TE 68 43.42 -111.03 13.34
C LYS TE 68 44.58 -111.27 14.29
N ILE TE 69 45.78 -110.99 13.80
CA ILE TE 69 47.03 -111.10 14.55
C ILE TE 69 47.64 -109.72 14.67
N GLN TE 70 48.10 -109.36 15.87
CA GLN TE 70 48.75 -108.08 16.10
C GLN TE 70 49.93 -108.29 17.04
N ASN TE 71 51.10 -107.82 16.64
CA ASN TE 71 52.33 -107.97 17.40
C ASN TE 71 53.04 -106.63 17.50
N PRO TE 72 53.02 -105.95 18.66
CA PRO TE 72 53.76 -104.69 18.79
C PRO TE 72 55.19 -104.86 19.28
N THR TE 73 56.17 -104.44 18.49
CA THR TE 73 57.55 -104.41 18.92
C THR TE 73 57.81 -103.10 19.66
N ALA TE 74 58.26 -103.21 20.92
CA ALA TE 74 58.53 -102.05 21.74
C ALA TE 74 60.00 -102.07 22.14
N CYS TE 75 60.42 -100.99 22.78
CA CYS TE 75 61.80 -100.87 23.24
C CYS TE 75 61.83 -99.91 24.41
N THR TE 76 62.92 -99.95 25.14
CA THR TE 76 63.14 -99.07 26.30
C THR TE 76 64.35 -98.19 26.01
N ALA TE 77 64.11 -96.88 25.97
CA ALA TE 77 65.20 -95.95 25.73
C ALA TE 77 66.22 -95.99 26.87
N ASN TE 78 67.48 -95.70 26.55
CA ASN TE 78 68.54 -95.79 27.54
C ASN TE 78 68.39 -94.68 28.56
N GLY TE 79 67.72 -94.98 29.67
CA GLY TE 79 67.47 -94.00 30.71
C GLY TE 79 66.04 -94.04 31.21
N SER TE 80 65.12 -94.52 30.38
CA SER TE 80 63.72 -94.62 30.75
C SER TE 80 63.46 -95.87 31.59
N CYS TE 81 62.20 -96.11 31.95
CA CYS TE 81 61.83 -97.30 32.72
C CYS TE 81 60.86 -98.17 31.94
N ASP TE 82 59.74 -97.58 31.50
CA ASP TE 82 58.69 -98.36 30.86
C ASP TE 82 58.95 -98.46 29.35
N PRO TE 83 58.57 -99.58 28.73
CA PRO TE 83 58.82 -99.73 27.29
C PRO TE 83 57.75 -99.05 26.45
N SER TE 84 58.18 -98.40 25.37
CA SER TE 84 57.29 -97.75 24.43
C SER TE 84 57.30 -98.51 23.11
N VAL TE 85 56.13 -98.60 22.48
CA VAL TE 85 55.99 -99.36 21.24
C VAL TE 85 56.58 -98.57 20.08
N THR TE 86 57.57 -99.15 19.40
CA THR TE 86 58.23 -98.52 18.27
C THR TE 86 57.73 -99.02 16.92
N ARG TE 87 57.29 -100.27 16.83
CA ARG TE 87 56.74 -100.82 15.61
C ARG TE 87 55.51 -101.65 15.96
N GLN TE 88 54.67 -101.90 14.96
CA GLN TE 88 53.47 -102.71 15.16
C GLN TE 88 53.19 -103.46 13.86
N ALA TE 89 53.34 -104.77 13.88
CA ALA TE 89 52.98 -105.59 12.73
C ALA TE 89 51.63 -106.23 12.98
N TYR TE 90 50.94 -106.58 11.90
CA TYR TE 90 49.67 -107.27 12.07
C TYR TE 90 49.30 -107.95 10.76
N ALA TE 91 48.47 -108.99 10.89
CA ALA TE 91 47.90 -109.70 9.75
C ALA TE 91 46.42 -109.91 10.02
N ASP TE 92 45.65 -110.06 8.95
CA ASP TE 92 44.22 -110.30 9.10
C ASP TE 92 43.78 -111.26 8.00
N VAL TE 93 43.08 -112.32 8.38
CA VAL TE 93 42.57 -113.31 7.45
C VAL TE 93 41.04 -113.31 7.56
N THR TE 94 40.38 -113.27 6.41
CA THR TE 94 38.93 -113.21 6.31
C THR TE 94 38.48 -114.33 5.37
N PHE TE 95 37.85 -115.35 5.91
CA PHE TE 95 37.22 -116.37 5.10
C PHE TE 95 35.74 -116.04 4.94
N SER TE 96 35.25 -116.12 3.71
CA SER TE 96 33.84 -115.90 3.42
C SER TE 96 33.28 -117.18 2.82
N PHE TE 97 32.31 -117.77 3.50
CA PHE TE 97 31.66 -118.98 3.00
C PHE TE 97 30.16 -118.74 2.93
N THR TE 98 29.54 -119.37 1.95
CA THR TE 98 28.11 -119.22 1.76
C THR TE 98 27.34 -120.24 2.61
N GLN TE 99 26.12 -119.85 2.95
CA GLN TE 99 25.33 -120.62 3.91
C GLN TE 99 25.22 -122.09 3.51
N TYR TE 100 25.13 -122.36 2.21
CA TYR TE 100 25.01 -123.75 1.77
C TYR TE 100 26.38 -124.43 1.68
N SER TE 101 27.41 -123.85 2.30
CA SER TE 101 28.77 -124.32 2.10
C SER TE 101 29.05 -125.57 2.93
N THR TE 102 30.19 -126.21 2.65
CA THR TE 102 30.51 -127.53 3.18
C THR TE 102 31.69 -127.49 4.13
N ASP TE 103 31.58 -128.29 5.20
CA ASP TE 103 32.70 -128.49 6.12
C ASP TE 103 33.96 -128.89 5.38
N GLU TE 104 33.85 -129.84 4.45
CA GLU TE 104 35.04 -130.36 3.78
C GLU TE 104 35.72 -129.24 3.01
N GLU TE 105 34.95 -128.45 2.27
CA GLU TE 105 35.53 -127.34 1.54
C GLU TE 105 36.15 -126.33 2.49
N ARG TE 106 35.47 -126.03 3.60
CA ARG TE 106 36.01 -125.07 4.55
C ARG TE 106 37.38 -125.52 5.06
N ALA TE 107 37.46 -126.77 5.51
CA ALA TE 107 38.73 -127.30 5.99
C ALA TE 107 39.75 -127.33 4.87
N PHE TE 108 39.29 -127.62 3.66
CA PHE TE 108 40.20 -127.71 2.54
C PHE TE 108 40.88 -126.37 2.29
N VAL TE 109 40.09 -125.30 2.22
CA VAL TE 109 40.65 -123.96 2.02
C VAL TE 109 41.52 -123.56 3.20
N ARG TE 110 41.08 -123.88 4.42
CA ARG TE 110 41.92 -123.67 5.59
C ARG TE 110 43.30 -124.24 5.34
N THR TE 111 43.34 -125.46 4.80
CA THR TE 111 44.59 -126.16 4.61
C THR TE 111 45.38 -125.63 3.41
N GLU TE 112 44.71 -125.22 2.33
CA GLU TE 112 45.46 -124.50 1.29
C GLU TE 112 46.13 -123.27 1.84
N LEU TE 113 45.38 -122.41 2.54
CA LEU TE 113 45.98 -121.18 3.02
C LEU TE 113 47.18 -121.49 3.89
N ALA TE 114 47.03 -122.44 4.82
CA ALA TE 114 48.14 -122.78 5.70
C ALA TE 114 49.35 -123.26 4.91
N ALA TE 115 49.14 -124.21 4.01
CA ALA TE 115 50.29 -124.82 3.37
C ALA TE 115 50.89 -123.88 2.34
N LEU TE 116 50.11 -122.92 1.84
CA LEU TE 116 50.68 -121.89 0.98
C LEU TE 116 51.57 -120.95 1.78
N LEU TE 117 51.08 -120.47 2.92
CA LEU TE 117 51.95 -119.68 3.78
C LEU TE 117 53.20 -120.46 4.13
N ALA TE 118 53.10 -121.79 4.17
CA ALA TE 118 54.26 -122.63 4.34
C ALA TE 118 55.10 -122.75 3.09
N SER TE 119 54.53 -122.50 1.92
CA SER TE 119 55.24 -122.74 0.68
C SER TE 119 56.29 -121.65 0.41
N PRO TE 120 57.36 -121.96 -0.34
CA PRO TE 120 58.47 -121.00 -0.45
C PRO TE 120 58.05 -119.65 -0.97
N LEU TE 121 57.00 -119.63 -1.79
CA LEU TE 121 56.60 -118.40 -2.43
C LEU TE 121 56.18 -117.35 -1.41
N LEU TE 122 55.27 -117.72 -0.51
CA LEU TE 122 54.72 -116.74 0.41
C LEU TE 122 55.75 -116.33 1.46
N ILE TE 123 56.61 -117.25 1.91
CA ILE TE 123 57.69 -116.87 2.81
C ILE TE 123 58.64 -115.90 2.11
N ASP TE 124 58.94 -116.14 0.85
CA ASP TE 124 59.76 -115.21 0.10
C ASP TE 124 59.11 -113.84 0.04
N ALA TE 125 57.79 -113.80 -0.18
CA ALA TE 125 57.08 -112.55 -0.37
C ALA TE 125 56.69 -111.87 0.93
N ILE TE 126 56.86 -112.52 2.07
CA ILE TE 126 56.50 -111.92 3.36
C ILE TE 126 57.78 -111.56 4.11
N ASP TE 127 58.59 -112.58 4.41
CA ASP TE 127 59.83 -112.35 5.17
C ASP TE 127 60.71 -111.33 4.48
N GLN TE 128 60.80 -111.41 3.15
CA GLN TE 128 61.68 -110.57 2.36
C GLN TE 128 60.96 -109.46 1.59
N LEU TE 129 59.63 -109.41 1.64
CA LEU TE 129 58.88 -108.45 0.83
C LEU TE 129 59.33 -108.52 -0.62
N ASN TE 130 59.52 -109.74 -1.14
CA ASN TE 130 59.96 -109.94 -2.51
C ASN TE 130 58.75 -110.25 -3.39
N PRO TE 131 58.26 -109.30 -4.18
CA PRO TE 131 57.16 -109.64 -5.09
C PRO TE 131 57.62 -110.73 -6.05
N ALA TE 132 56.67 -111.55 -6.46
CA ALA TE 132 56.98 -112.74 -7.25
C ALA TE 132 57.32 -112.30 -8.67
N TYR TE 133 58.59 -112.44 -9.01
CA TYR TE 133 59.04 -112.09 -10.35
C TYR TE 133 60.18 -113.00 -10.76
N ALA UE 2 21.65 -123.38 33.58
CA ALA UE 2 21.26 -124.01 32.28
C ALA UE 2 22.44 -124.11 31.32
N LYS UE 3 23.60 -124.59 31.79
CA LYS UE 3 24.77 -124.67 30.93
C LYS UE 3 24.48 -125.54 29.72
N LEU UE 4 25.12 -125.17 28.62
CA LEU UE 4 24.91 -125.86 27.36
C LEU UE 4 25.46 -127.27 27.39
N GLU UE 5 24.77 -128.15 26.66
CA GLU UE 5 25.02 -129.59 26.71
C GLU UE 5 24.08 -130.26 25.73
N THR UE 6 24.50 -131.43 25.22
CA THR UE 6 23.81 -132.10 24.12
C THR UE 6 22.36 -132.38 24.46
N VAL UE 7 21.44 -131.70 23.77
CA VAL UE 7 20.02 -131.86 24.01
C VAL UE 7 19.52 -133.06 23.23
N THR UE 8 18.90 -134.01 23.92
CA THR UE 8 18.48 -135.25 23.30
C THR UE 8 16.99 -135.42 23.52
N LEU UE 9 16.20 -135.02 22.53
CA LEU UE 9 14.75 -135.04 22.65
C LEU UE 9 14.23 -136.31 21.99
N GLY UE 10 13.49 -137.09 22.76
CA GLY UE 10 13.10 -138.42 22.36
C GLY UE 10 11.88 -138.46 21.47
N ASN UE 11 10.90 -139.29 21.86
CA ASN UE 11 9.75 -139.53 21.00
C ASN UE 11 9.23 -138.21 20.45
N ILE UE 12 9.16 -138.15 19.12
CA ILE UE 12 9.02 -136.89 18.41
C ILE UE 12 8.33 -137.20 17.09
N GLY UE 13 7.17 -136.58 16.87
CA GLY UE 13 6.51 -136.62 15.57
C GLY UE 13 5.06 -137.01 15.70
N LYS UE 14 4.47 -137.39 14.56
CA LYS UE 14 3.09 -137.84 14.55
C LYS UE 14 2.94 -139.12 15.35
N ASP UE 15 3.65 -140.17 14.93
CA ASP UE 15 3.63 -141.45 15.63
C ASP UE 15 4.37 -141.41 16.96
N GLY UE 16 5.14 -140.37 17.23
CA GLY UE 16 5.96 -140.33 18.42
C GLY UE 16 7.03 -141.39 18.38
N LYS UE 17 7.82 -141.41 17.31
CA LYS UE 17 8.84 -142.43 17.14
C LYS UE 17 10.22 -141.88 16.84
N GLN UE 18 10.36 -140.64 16.38
CA GLN UE 18 11.66 -140.12 15.99
C GLN UE 18 12.40 -139.58 17.21
N THR UE 19 13.67 -139.24 17.00
CA THR UE 19 14.50 -138.66 18.06
C THR UE 19 15.47 -137.67 17.43
N LEU UE 20 15.72 -136.56 18.14
CA LEU UE 20 16.68 -135.56 17.68
C LEU UE 20 17.70 -135.23 18.75
N VAL UE 21 18.91 -134.91 18.29
CA VAL UE 21 20.03 -134.59 19.16
C VAL UE 21 20.63 -133.29 18.63
N LEU UE 22 20.56 -132.24 19.44
CA LEU UE 22 21.16 -130.96 19.12
C LEU UE 22 22.44 -130.79 19.94
N ASN UE 23 23.54 -130.56 19.25
CA ASN UE 23 24.81 -130.38 19.92
C ASN UE 23 25.00 -128.92 20.33
N PRO UE 24 25.93 -128.66 21.26
CA PRO UE 24 26.12 -127.29 21.75
C PRO UE 24 26.82 -126.45 20.71
N ARG UE 25 26.18 -125.35 20.32
CA ARG UE 25 26.75 -124.52 19.27
C ARG UE 25 27.61 -123.43 19.89
N GLY UE 26 26.97 -122.55 20.67
CA GLY UE 26 27.66 -121.42 21.25
C GLY UE 26 26.67 -120.45 21.85
N VAL UE 27 27.15 -119.25 22.18
CA VAL UE 27 26.29 -118.19 22.70
C VAL UE 27 26.67 -116.88 22.02
N ASN UE 28 25.75 -116.31 21.28
CA ASN UE 28 25.96 -114.97 20.77
C ASN UE 28 25.84 -113.98 21.92
N PRO UE 29 26.83 -113.12 22.14
CA PRO UE 29 26.71 -112.14 23.23
C PRO UE 29 25.93 -110.90 22.81
N THR UE 30 26.00 -110.56 21.52
CA THR UE 30 25.34 -109.35 21.03
C THR UE 30 23.88 -109.30 21.43
N ASN UE 31 23.29 -110.45 21.78
CA ASN UE 31 21.93 -110.49 22.28
C ASN UE 31 21.80 -111.43 23.46
N GLY UE 32 22.88 -112.05 23.92
CA GLY UE 32 22.80 -113.02 24.99
C GLY UE 32 21.86 -114.15 24.65
N VAL UE 33 22.16 -114.90 23.60
CA VAL UE 33 21.30 -116.01 23.18
C VAL UE 33 22.16 -117.24 22.95
N ALA UE 34 21.79 -118.35 23.56
CA ALA UE 34 22.48 -119.60 23.33
C ALA UE 34 21.85 -120.33 22.15
N SER UE 35 22.69 -120.97 21.35
CA SER UE 35 22.28 -121.60 20.10
C SER UE 35 22.59 -123.09 20.14
N LEU UE 36 21.71 -123.88 19.54
CA LEU UE 36 21.87 -125.32 19.42
C LEU UE 36 21.53 -125.73 18.00
N SER UE 37 22.21 -126.76 17.52
CA SER UE 37 22.10 -127.13 16.12
C SER UE 37 22.15 -128.64 15.97
N GLN UE 38 21.37 -129.14 15.01
CA GLN UE 38 21.42 -130.54 14.67
C GLN UE 38 22.80 -130.89 14.13
N ALA UE 39 23.31 -132.03 14.55
CA ALA UE 39 24.60 -132.48 14.03
C ALA UE 39 24.52 -132.57 12.52
N GLY UE 40 25.41 -131.86 11.84
CA GLY UE 40 25.43 -131.85 10.39
C GLY UE 40 26.69 -131.19 9.89
N ALA UE 41 26.67 -130.81 8.62
CA ALA UE 41 27.82 -130.14 8.02
C ALA UE 41 27.42 -128.86 7.30
N VAL UE 42 26.30 -128.89 6.59
CA VAL UE 42 25.92 -127.74 5.79
C VAL UE 42 25.02 -126.84 6.64
N PRO UE 43 25.42 -125.61 6.92
CA PRO UE 43 24.64 -124.77 7.84
C PRO UE 43 23.19 -124.63 7.43
N ALA UE 44 22.91 -124.51 6.13
CA ALA UE 44 21.56 -124.26 5.66
C ALA UE 44 20.65 -125.47 5.80
N LEU UE 45 21.18 -126.61 6.22
CA LEU UE 45 20.42 -127.85 6.29
C LEU UE 45 20.40 -128.40 7.71
N GLU UE 46 20.26 -127.50 8.69
CA GLU UE 46 20.35 -127.92 10.07
C GLU UE 46 19.20 -127.36 10.89
N LYS UE 47 18.60 -128.24 11.67
CA LYS UE 47 17.55 -127.86 12.60
C LYS UE 47 18.17 -127.03 13.71
N ARG UE 48 17.73 -125.79 13.84
CA ARG UE 48 18.36 -124.84 14.75
C ARG UE 48 17.41 -124.44 15.86
N VAL UE 49 17.99 -124.09 17.00
CA VAL UE 49 17.26 -123.75 18.20
C VAL UE 49 17.99 -122.61 18.88
N THR UE 50 17.25 -121.65 19.42
CA THR UE 50 17.90 -120.58 20.15
C THR UE 50 17.09 -120.24 21.38
N VAL UE 51 17.79 -120.06 22.50
CA VAL UE 51 17.20 -119.77 23.79
C VAL UE 51 17.79 -118.46 24.29
N SER UE 52 16.93 -117.52 24.64
CA SER UE 52 17.37 -116.21 25.09
C SER UE 52 16.58 -115.84 26.33
N VAL UE 53 17.23 -115.19 27.27
CA VAL UE 53 16.61 -114.76 28.51
C VAL UE 53 17.07 -113.34 28.80
N SER UE 54 16.15 -112.39 28.68
CA SER UE 54 16.48 -110.99 28.80
C SER UE 54 15.92 -110.42 30.08
N GLN UE 55 16.77 -109.70 30.78
CA GLN UE 55 16.52 -109.02 32.04
C GLN UE 55 15.67 -107.78 31.87
N PRO UE 56 15.10 -107.30 32.97
CA PRO UE 56 14.12 -106.22 32.92
C PRO UE 56 14.85 -104.90 32.77
N SER UE 57 14.50 -104.16 31.73
CA SER UE 57 15.09 -102.86 31.47
C SER UE 57 14.21 -101.80 32.09
N ARG UE 58 14.57 -100.54 31.86
CA ARG UE 58 13.81 -99.44 32.41
C ARG UE 58 12.47 -99.26 31.71
N ASN UE 59 12.41 -99.50 30.40
CA ASN UE 59 11.14 -99.45 29.68
C ASN UE 59 10.41 -100.80 29.67
N ARG UE 60 10.94 -101.81 30.36
CA ARG UE 60 10.28 -103.10 30.43
C ARG UE 60 9.89 -103.46 31.85
N LYS UE 61 10.87 -103.49 32.74
CA LYS UE 61 10.66 -103.98 34.10
C LYS UE 61 10.00 -105.34 34.09
N ASN UE 62 10.51 -106.24 33.24
CA ASN UE 62 9.84 -107.50 32.97
C ASN UE 62 10.83 -108.51 32.41
N TYR UE 63 10.88 -109.69 33.02
CA TYR UE 63 11.72 -110.75 32.48
C TYR UE 63 11.07 -111.34 31.24
N LYS UE 64 11.90 -111.67 30.24
CA LYS UE 64 11.40 -112.30 29.03
C LYS UE 64 12.31 -113.45 28.63
N VAL UE 65 11.70 -114.48 28.06
CA VAL UE 65 12.41 -115.68 27.64
C VAL UE 65 11.89 -116.06 26.26
N GLN UE 66 12.75 -115.97 25.25
CA GLN UE 66 12.38 -116.32 23.88
C GLN UE 66 13.01 -117.67 23.53
N VAL UE 67 12.25 -118.48 22.81
CA VAL UE 67 12.75 -119.71 22.22
C VAL UE 67 12.37 -119.71 20.75
N LYS UE 68 13.38 -119.73 19.88
CA LYS UE 68 13.20 -119.87 18.44
C LYS UE 68 13.49 -121.31 18.09
N ILE UE 69 12.72 -121.88 17.17
CA ILE UE 69 13.15 -123.11 16.51
C ILE UE 69 12.93 -122.97 15.02
N GLN UE 70 13.92 -123.42 14.25
CA GLN UE 70 13.96 -123.31 12.80
C GLN UE 70 14.19 -124.69 12.23
N ASN UE 71 13.31 -125.11 11.32
CA ASN UE 71 13.45 -126.39 10.63
C ASN UE 71 13.43 -126.16 9.13
N PRO UE 72 14.56 -126.30 8.44
CA PRO UE 72 14.54 -126.24 6.98
C PRO UE 72 14.40 -127.62 6.36
N THR UE 73 13.83 -127.65 5.17
CA THR UE 73 13.75 -128.90 4.42
C THR UE 73 14.85 -128.98 3.39
N ALA UE 74 15.16 -130.20 2.99
CA ALA UE 74 16.22 -130.43 2.02
C ALA UE 74 15.69 -130.28 0.60
N CYS UE 75 14.60 -130.97 0.28
CA CYS UE 75 14.18 -131.16 -1.12
C CYS UE 75 15.41 -131.44 -1.99
N THR UE 76 16.09 -132.53 -1.66
CA THR UE 76 17.23 -132.99 -2.44
C THR UE 76 16.82 -133.17 -3.89
N ALA UE 77 17.61 -132.57 -4.79
CA ALA UE 77 17.43 -132.77 -6.22
C ALA UE 77 18.21 -133.98 -6.67
N ASN UE 78 17.67 -134.67 -7.69
CA ASN UE 78 18.32 -135.87 -8.23
C ASN UE 78 19.54 -135.45 -9.04
N GLY UE 79 20.50 -134.87 -8.32
CA GLY UE 79 21.82 -134.62 -8.84
C GLY UE 79 22.16 -133.14 -8.85
N SER UE 80 23.23 -132.83 -9.56
CA SER UE 80 23.72 -131.51 -9.87
C SER UE 80 24.37 -130.78 -8.70
N CYS UE 81 23.97 -131.06 -7.47
CA CYS UE 81 24.70 -130.66 -6.26
C CYS UE 81 23.77 -130.75 -5.05
N ASP UE 82 24.29 -130.46 -3.87
CA ASP UE 82 23.57 -130.67 -2.63
C ASP UE 82 22.23 -129.95 -2.64
N PRO UE 83 21.27 -130.44 -1.85
CA PRO UE 83 19.96 -129.82 -1.79
C PRO UE 83 20.01 -128.33 -1.55
N SER UE 84 18.84 -127.71 -1.68
CA SER UE 84 18.68 -126.33 -1.27
C SER UE 84 17.42 -126.18 -0.44
N VAL UE 85 17.33 -125.04 0.25
CA VAL UE 85 16.18 -124.77 1.09
C VAL UE 85 15.02 -124.28 0.24
N THR UE 86 13.88 -124.93 0.40
CA THR UE 86 12.62 -124.41 -0.10
C THR UE 86 11.57 -124.27 0.99
N ARG UE 87 11.81 -124.88 2.15
CA ARG UE 87 10.87 -124.83 3.25
C ARG UE 87 11.57 -124.44 4.53
N GLN UE 88 10.90 -123.63 5.34
CA GLN UE 88 11.45 -123.22 6.62
C GLN UE 88 10.32 -123.06 7.62
N ALA UE 89 10.17 -124.02 8.53
CA ALA UE 89 9.19 -123.95 9.60
C ALA UE 89 9.78 -123.20 10.78
N TYR UE 90 9.06 -122.19 11.26
CA TYR UE 90 9.52 -121.37 12.37
C TYR UE 90 8.57 -121.50 13.55
N ALA UE 91 9.16 -121.56 14.73
CA ALA UE 91 8.41 -121.64 15.98
C ALA UE 91 8.93 -120.58 16.92
N ASP UE 92 8.02 -119.90 17.61
CA ASP UE 92 8.31 -118.70 18.38
C ASP UE 92 7.58 -118.76 19.71
N VAL UE 93 8.31 -119.07 20.77
CA VAL UE 93 7.76 -119.10 22.12
C VAL UE 93 8.30 -117.90 22.86
N THR UE 94 7.45 -117.21 23.62
CA THR UE 94 7.87 -116.03 24.37
C THR UE 94 7.17 -115.99 25.72
N PHE UE 95 7.92 -116.38 26.76
CA PHE UE 95 7.46 -116.24 28.13
C PHE UE 95 7.80 -114.85 28.64
N SER UE 96 6.94 -114.33 29.52
CA SER UE 96 7.19 -113.03 30.13
C SER UE 96 6.71 -113.07 31.58
N PHE UE 97 7.55 -112.55 32.48
CA PHE UE 97 7.40 -112.73 33.91
C PHE UE 97 7.57 -111.40 34.63
N THR UE 98 6.72 -111.16 35.62
CA THR UE 98 6.90 -110.00 36.47
C THR UE 98 8.17 -110.17 37.30
N GLN UE 99 8.76 -109.03 37.69
CA GLN UE 99 9.98 -109.07 38.48
C GLN UE 99 9.74 -109.79 39.80
N TYR UE 100 8.51 -109.72 40.32
CA TYR UE 100 8.14 -110.42 41.53
C TYR UE 100 7.53 -111.78 41.25
N SER UE 101 7.67 -112.28 40.02
CA SER UE 101 7.10 -113.56 39.67
C SER UE 101 7.59 -114.62 40.64
N THR UE 102 6.98 -115.80 40.55
CA THR UE 102 7.37 -116.93 41.36
C THR UE 102 7.65 -118.12 40.47
N ASP UE 103 8.80 -118.76 40.71
CA ASP UE 103 9.10 -120.01 40.00
C ASP UE 103 7.88 -120.91 39.95
N GLU UE 104 7.12 -120.96 41.05
CA GLU UE 104 5.87 -121.68 41.04
C GLU UE 104 5.05 -121.34 39.81
N GLU UE 105 4.67 -120.08 39.67
CA GLU UE 105 3.88 -119.70 38.51
C GLU UE 105 4.61 -120.01 37.21
N ARG UE 106 5.94 -119.86 37.22
CA ARG UE 106 6.71 -119.99 35.99
C ARG UE 106 6.58 -121.41 35.42
N ALA UE 107 6.99 -122.41 36.18
CA ALA UE 107 6.92 -123.77 35.65
C ALA UE 107 5.47 -124.25 35.58
N PHE UE 108 4.58 -123.67 36.37
CA PHE UE 108 3.17 -123.90 36.16
C PHE UE 108 2.77 -123.60 34.72
N VAL UE 109 3.01 -122.37 34.28
CA VAL UE 109 2.62 -121.99 32.93
C VAL UE 109 3.44 -122.75 31.90
N ARG UE 110 4.68 -123.08 32.25
CA ARG UE 110 5.50 -123.87 31.34
C ARG UE 110 4.84 -125.21 31.03
N THR UE 111 4.52 -125.97 32.08
CA THR UE 111 3.89 -127.26 31.86
C THR UE 111 2.50 -127.09 31.26
N GLU UE 112 1.85 -125.97 31.53
CA GLU UE 112 0.56 -125.71 30.91
C GLU UE 112 0.71 -125.66 29.40
N LEU UE 113 1.71 -124.92 28.93
CA LEU UE 113 1.96 -124.85 27.50
C LEU UE 113 2.32 -126.23 26.96
N ALA UE 114 3.10 -126.99 27.72
CA ALA UE 114 3.46 -128.34 27.27
C ALA UE 114 2.22 -129.19 27.02
N ALA UE 115 1.35 -129.28 28.01
CA ALA UE 115 0.16 -130.10 27.85
C ALA UE 115 -0.75 -129.54 26.76
N LEU UE 116 -0.76 -128.22 26.56
CA LEU UE 116 -1.48 -127.68 25.41
C LEU UE 116 -0.90 -128.22 24.12
N LEU UE 117 0.43 -128.20 24.02
CA LEU UE 117 1.09 -128.75 22.84
C LEU UE 117 0.65 -130.17 22.59
N ALA UE 118 0.37 -130.92 23.65
CA ALA UE 118 -0.01 -132.32 23.48
C ALA UE 118 -1.50 -132.55 23.30
N SER UE 119 -2.36 -131.63 23.74
CA SER UE 119 -3.79 -131.89 23.72
C SER UE 119 -4.29 -131.95 22.28
N PRO UE 120 -5.30 -132.80 22.00
CA PRO UE 120 -5.77 -132.91 20.63
C PRO UE 120 -6.26 -131.60 20.05
N LEU UE 121 -6.70 -130.68 20.91
CA LEU UE 121 -7.12 -129.36 20.42
C LEU UE 121 -6.05 -128.74 19.53
N LEU UE 122 -4.90 -128.44 20.13
CA LEU UE 122 -3.87 -127.79 19.33
C LEU UE 122 -3.36 -128.73 18.25
N ILE UE 123 -3.37 -130.04 18.53
CA ILE UE 123 -2.93 -131.00 17.53
C ILE UE 123 -3.68 -130.78 16.22
N ASP UE 124 -4.98 -130.96 16.23
CA ASP UE 124 -5.67 -130.71 14.97
C ASP UE 124 -5.54 -129.26 14.53
N ALA UE 125 -5.55 -128.32 15.47
CA ALA UE 125 -5.56 -126.92 15.09
C ALA UE 125 -4.31 -126.55 14.29
N ILE UE 126 -3.22 -127.29 14.43
CA ILE UE 126 -2.02 -126.93 13.71
C ILE UE 126 -1.55 -127.96 12.69
N ASP UE 127 -1.79 -129.25 12.91
CA ASP UE 127 -1.37 -130.21 11.89
C ASP UE 127 -2.33 -130.16 10.71
N GLN UE 128 -3.61 -130.37 10.98
CA GLN UE 128 -4.60 -130.20 9.93
C GLN UE 128 -4.88 -128.73 9.64
N LEU UE 129 -4.29 -127.82 10.41
CA LEU UE 129 -4.51 -126.38 10.20
C LEU UE 129 -5.96 -126.01 10.39
N ASN UE 130 -6.69 -126.79 11.16
CA ASN UE 130 -8.12 -126.57 11.28
C ASN UE 130 -8.37 -125.44 12.27
N PRO UE 131 -9.03 -124.36 11.88
CA PRO UE 131 -9.32 -123.30 12.85
C PRO UE 131 -10.15 -123.84 14.00
N ALA UE 132 -9.83 -123.37 15.20
CA ALA UE 132 -10.53 -123.82 16.40
C ALA UE 132 -12.03 -123.55 16.26
N TYR UE 133 -12.82 -124.60 16.18
CA TYR UE 133 -14.26 -124.48 16.07
C TYR UE 133 -14.93 -125.85 16.17
N ALA VE 2 37.42 -114.81 31.58
CA ALA VE 2 36.90 -115.66 32.70
C ALA VE 2 35.59 -116.32 32.30
N LYS VE 3 35.61 -117.65 32.23
CA LYS VE 3 34.41 -118.41 31.95
C LYS VE 3 33.35 -118.18 33.03
N LEU VE 4 32.12 -117.91 32.60
CA LEU VE 4 31.02 -117.81 33.56
C LEU VE 4 30.55 -119.20 33.96
N GLU VE 5 30.63 -119.50 35.26
CA GLU VE 5 30.16 -120.77 35.83
C GLU VE 5 29.35 -120.46 37.07
N THR VE 6 28.64 -121.47 37.57
CA THR VE 6 27.95 -121.30 38.84
C THR VE 6 28.98 -121.12 39.95
N VAL VE 7 28.83 -120.04 40.71
CA VAL VE 7 29.76 -119.66 41.77
C VAL VE 7 29.30 -120.28 43.08
N THR VE 8 30.21 -121.00 43.74
CA THR VE 8 29.95 -121.63 45.04
C THR VE 8 30.88 -121.00 46.06
N LEU VE 9 30.36 -120.13 46.92
CA LEU VE 9 31.13 -119.51 47.99
C LEU VE 9 30.71 -120.12 49.32
N GLY VE 10 31.66 -120.73 50.01
CA GLY VE 10 31.39 -121.34 51.30
C GLY VE 10 32.10 -120.62 52.42
N ASN VE 11 31.74 -120.96 53.66
CA ASN VE 11 32.33 -120.37 54.85
C ASN VE 11 32.24 -118.84 54.80
N ILE VE 12 31.01 -118.35 54.86
CA ILE VE 12 30.77 -116.91 54.89
C ILE VE 12 29.77 -116.62 56.00
N GLY VE 13 29.64 -115.33 56.31
CA GLY VE 13 28.71 -114.84 57.30
C GLY VE 13 29.43 -114.40 58.56
N LYS VE 14 28.62 -114.14 59.59
CA LYS VE 14 29.17 -113.82 60.90
C LYS VE 14 29.97 -114.99 61.46
N ASP VE 15 29.44 -116.19 61.34
CA ASP VE 15 30.09 -117.40 61.85
C ASP VE 15 30.80 -118.22 60.76
N GLY VE 16 30.72 -117.79 59.49
CA GLY VE 16 31.41 -118.49 58.43
C GLY VE 16 30.94 -119.91 58.26
N LYS VE 17 29.63 -120.12 58.10
CA LYS VE 17 29.07 -121.45 58.03
C LYS VE 17 28.03 -121.66 56.94
N GLN VE 18 27.48 -120.60 56.35
CA GLN VE 18 26.48 -120.78 55.31
C GLN VE 18 27.14 -120.67 53.93
N THR VE 19 26.36 -121.00 52.90
CA THR VE 19 26.89 -121.10 51.54
C THR VE 19 26.02 -120.35 50.56
N LEU VE 20 26.64 -119.92 49.47
CA LEU VE 20 25.98 -119.16 48.42
C LEU VE 20 26.29 -119.80 47.08
N VAL VE 21 25.25 -120.07 46.30
CA VAL VE 21 25.41 -120.59 44.95
C VAL VE 21 24.75 -119.61 44.01
N LEU VE 22 25.54 -119.09 43.07
CA LEU VE 22 25.12 -118.02 42.18
C LEU VE 22 25.20 -118.50 40.75
N ASN VE 23 24.15 -118.33 40.02
CA ASN VE 23 24.22 -118.75 38.63
C ASN VE 23 24.43 -117.55 37.72
N PRO VE 24 25.29 -117.66 36.71
CA PRO VE 24 25.48 -116.53 35.78
C PRO VE 24 24.19 -116.08 35.11
N ARG VE 25 24.06 -114.75 34.99
CA ARG VE 25 22.91 -114.08 34.38
C ARG VE 25 23.23 -113.61 32.96
N GLY VE 26 24.13 -114.32 32.27
CA GLY VE 26 24.57 -113.85 30.97
C GLY VE 26 25.35 -112.55 31.11
N VAL VE 27 25.26 -111.73 30.07
CA VAL VE 27 25.94 -110.44 30.08
C VAL VE 27 25.16 -109.46 29.22
N ASN VE 28 25.18 -108.19 29.64
CA ASN VE 28 24.61 -107.11 28.84
C ASN VE 28 25.39 -106.96 27.53
N PRO VE 29 24.70 -106.81 26.38
CA PRO VE 29 25.43 -106.60 25.12
C PRO VE 29 25.87 -105.16 24.92
N THR VE 30 25.17 -104.22 25.57
CA THR VE 30 25.52 -102.81 25.46
C THR VE 30 26.75 -102.50 26.31
N ASN VE 31 26.66 -102.76 27.61
CA ASN VE 31 27.76 -102.52 28.53
C ASN VE 31 28.86 -103.57 28.46
N GLY VE 32 28.51 -104.83 28.18
CA GLY VE 32 29.46 -105.91 28.26
C GLY VE 32 29.91 -106.15 29.69
N VAL VE 33 29.00 -106.60 30.55
CA VAL VE 33 29.29 -106.78 31.96
C VAL VE 33 28.42 -107.91 32.49
N ALA VE 34 28.96 -108.67 33.43
CA ALA VE 34 28.36 -109.93 33.85
C ALA VE 34 27.72 -109.82 35.22
N SER VE 35 26.79 -110.73 35.49
CA SER VE 35 26.16 -110.79 36.80
C SER VE 35 25.64 -112.20 37.04
N LEU VE 36 25.59 -112.58 38.31
CA LEU VE 36 25.08 -113.87 38.78
C LEU VE 36 24.02 -113.61 39.82
N SER VE 37 23.12 -114.58 40.01
CA SER VE 37 22.10 -114.49 41.06
C SER VE 37 21.96 -115.84 41.74
N GLN VE 38 21.62 -115.82 43.03
CA GLN VE 38 21.38 -117.07 43.74
C GLN VE 38 20.00 -117.61 43.43
N ALA VE 39 19.88 -118.93 43.44
CA ALA VE 39 18.62 -119.58 43.13
C ALA VE 39 17.56 -119.23 44.17
N GLY VE 40 16.49 -118.58 43.72
CA GLY VE 40 15.41 -118.18 44.60
C GLY VE 40 14.08 -118.23 43.89
N ALA VE 41 13.01 -118.08 44.67
CA ALA VE 41 11.66 -118.18 44.15
C ALA VE 41 11.23 -116.92 43.45
N VAL VE 42 11.33 -115.78 44.14
CA VAL VE 42 10.95 -114.49 43.58
C VAL VE 42 12.22 -113.78 43.13
N PRO VE 43 12.39 -113.50 41.83
CA PRO VE 43 13.69 -112.99 41.36
C PRO VE 43 14.10 -111.70 42.01
N ALA VE 44 13.15 -110.91 42.49
CA ALA VE 44 13.50 -109.65 43.13
C ALA VE 44 14.24 -109.84 44.44
N LEU VE 45 14.21 -111.05 45.01
CA LEU VE 45 14.75 -111.31 46.33
C LEU VE 45 16.01 -112.18 46.26
N GLU VE 46 16.61 -112.28 45.09
CA GLU VE 46 17.79 -113.12 44.91
C GLU VE 46 19.03 -112.29 45.19
N LYS VE 47 20.01 -112.90 45.85
CA LYS VE 47 21.30 -112.26 46.06
C LYS VE 47 22.06 -112.21 44.75
N ARG VE 48 22.38 -111.00 44.28
CA ARG VE 48 22.98 -110.79 42.97
C ARG VE 48 24.42 -110.32 43.15
N VAL VE 49 25.35 -111.04 42.55
CA VAL VE 49 26.74 -110.61 42.44
C VAL VE 49 26.91 -110.00 41.06
N THR VE 50 27.71 -108.95 40.95
CA THR VE 50 27.73 -108.14 39.73
C THR VE 50 29.17 -107.74 39.43
N VAL VE 51 29.68 -108.12 38.26
CA VAL VE 51 31.06 -107.88 37.88
C VAL VE 51 31.10 -107.20 36.51
N SER VE 52 32.19 -106.50 36.25
CA SER VE 52 32.38 -105.77 35.01
C SER VE 52 33.86 -105.62 34.72
N VAL VE 53 34.20 -105.56 33.43
CA VAL VE 53 35.57 -105.42 32.96
C VAL VE 53 35.60 -104.40 31.84
N SER VE 54 36.44 -103.38 31.98
CA SER VE 54 36.56 -102.34 30.97
C SER VE 54 37.89 -102.46 30.24
N GLN VE 55 37.91 -101.96 29.01
CA GLN VE 55 39.05 -102.05 28.12
C GLN VE 55 39.82 -100.75 28.08
N PRO VE 56 40.99 -100.75 27.45
CA PRO VE 56 41.76 -99.51 27.32
C PRO VE 56 40.99 -98.39 26.65
N SER VE 57 41.02 -97.22 27.28
CA SER VE 57 40.42 -96.00 26.76
C SER VE 57 41.40 -95.30 25.82
N ARG VE 58 41.12 -94.06 25.43
CA ARG VE 58 41.99 -93.33 24.51
C ARG VE 58 42.96 -92.44 25.27
N ASN VE 59 44.24 -92.57 24.92
CA ASN VE 59 45.32 -91.72 25.43
C ASN VE 59 45.68 -92.00 26.88
N ARG VE 60 44.83 -92.72 27.60
CA ARG VE 60 45.06 -92.99 29.03
C ARG VE 60 45.04 -94.48 29.30
N LYS VE 61 44.09 -95.17 28.68
CA LYS VE 61 43.95 -96.62 28.60
C LYS VE 61 43.48 -97.29 29.91
N ASN VE 62 43.83 -96.76 31.07
CA ASN VE 62 43.10 -97.01 32.32
C ASN VE 62 42.42 -98.38 32.50
N TYR VE 63 43.14 -99.50 32.61
CA TYR VE 63 42.54 -100.78 32.95
C TYR VE 63 41.61 -100.61 34.14
N LYS VE 64 40.36 -101.05 34.01
CA LYS VE 64 39.36 -100.91 35.06
C LYS VE 64 38.57 -102.20 35.22
N VAL VE 65 38.25 -102.55 36.47
CA VAL VE 65 37.46 -103.72 36.81
C VAL VE 65 36.52 -103.35 37.96
N GLN VE 66 35.31 -103.90 37.94
CA GLN VE 66 34.24 -103.49 38.85
C GLN VE 66 33.55 -104.71 39.43
N VAL VE 67 33.23 -104.66 40.73
CA VAL VE 67 32.60 -105.77 41.45
C VAL VE 67 31.62 -105.19 42.46
N LYS VE 68 30.33 -105.45 42.30
CA LYS VE 68 29.35 -104.99 43.26
C LYS VE 68 28.37 -106.09 43.65
N ILE VE 69 27.92 -105.99 44.90
CA ILE VE 69 27.03 -106.95 45.55
C ILE VE 69 25.76 -106.22 45.94
N GLN VE 70 24.61 -106.84 45.67
CA GLN VE 70 23.31 -106.29 46.03
C GLN VE 70 22.54 -107.37 46.76
N ASN VE 71 22.45 -107.27 48.08
CA ASN VE 71 21.70 -108.22 48.88
C ASN VE 71 20.35 -107.62 49.23
N PRO VE 72 19.27 -108.11 48.68
CA PRO VE 72 17.96 -107.55 49.02
C PRO VE 72 17.30 -108.32 50.14
N THR VE 73 16.58 -107.65 51.02
CA THR VE 73 15.77 -108.30 52.03
C THR VE 73 14.42 -107.60 52.11
N ALA VE 74 13.36 -108.37 52.04
CA ALA VE 74 11.99 -107.88 51.99
C ALA VE 74 11.28 -108.21 53.30
N CYS VE 75 10.09 -107.65 53.45
CA CYS VE 75 9.24 -107.96 54.60
C CYS VE 75 7.80 -107.76 54.15
N THR VE 76 7.13 -108.86 53.83
CA THR VE 76 5.75 -108.79 53.39
C THR VE 76 4.89 -108.22 54.51
N ALA VE 77 4.29 -107.07 54.26
CA ALA VE 77 3.45 -106.42 55.25
C ALA VE 77 2.08 -107.07 55.30
N ASN VE 78 1.38 -106.84 56.42
CA ASN VE 78 0.04 -107.39 56.57
C ASN VE 78 -0.87 -106.89 55.47
N GLY VE 79 -1.52 -107.82 54.78
CA GLY VE 79 -2.48 -107.49 53.73
C GLY VE 79 -1.90 -107.43 52.34
N SER VE 80 -0.58 -107.38 52.19
CA SER VE 80 0.06 -107.37 50.89
C SER VE 80 0.52 -108.78 50.56
N CYS VE 81 0.16 -109.26 49.37
CA CYS VE 81 0.54 -110.59 48.90
C CYS VE 81 1.80 -110.56 48.05
N ASP VE 82 2.71 -109.62 48.31
CA ASP VE 82 3.92 -109.53 47.51
C ASP VE 82 5.08 -109.02 48.36
N PRO VE 83 6.20 -109.74 48.41
CA PRO VE 83 7.27 -109.36 49.33
C PRO VE 83 8.03 -108.15 48.85
N SER VE 84 7.42 -106.97 48.96
CA SER VE 84 8.10 -105.75 48.55
C SER VE 84 9.44 -105.66 49.27
N VAL VE 85 10.52 -105.50 48.52
CA VAL VE 85 11.82 -105.49 49.16
C VAL VE 85 11.98 -104.16 49.87
N THR VE 86 12.11 -104.22 51.19
CA THR VE 86 12.19 -103.04 52.04
C THR VE 86 13.61 -102.67 52.42
N ARG VE 87 14.60 -103.44 51.97
CA ARG VE 87 15.93 -103.38 52.56
C ARG VE 87 16.94 -103.76 51.48
N GLN VE 88 17.95 -102.93 51.29
CA GLN VE 88 18.95 -103.19 50.25
C GLN VE 88 20.34 -102.98 50.84
N ALA VE 89 21.17 -104.01 50.78
CA ALA VE 89 22.57 -103.91 51.16
C ALA VE 89 23.42 -103.81 49.89
N TYR VE 90 24.22 -102.76 49.79
CA TYR VE 90 25.04 -102.51 48.62
C TYR VE 90 26.51 -102.60 48.99
N ALA VE 91 27.30 -103.23 48.14
CA ALA VE 91 28.74 -103.25 48.27
C ALA VE 91 29.37 -102.97 46.90
N ASP VE 92 30.44 -102.19 46.90
CA ASP VE 92 31.12 -101.78 45.66
C ASP VE 92 32.62 -101.97 45.81
N VAL VE 93 33.27 -102.31 44.69
CA VAL VE 93 34.71 -102.50 44.61
C VAL VE 93 35.14 -102.13 43.19
N THR VE 94 36.24 -101.37 43.07
CA THR VE 94 36.74 -100.90 41.79
C THR VE 94 38.25 -101.03 41.75
N PHE VE 95 38.74 -102.04 41.02
CA PHE VE 95 40.16 -102.20 40.77
C PHE VE 95 40.57 -101.41 39.53
N SER VE 96 41.77 -100.84 39.56
CA SER VE 96 42.31 -100.13 38.42
C SER VE 96 43.79 -100.43 38.28
N PHE VE 97 44.26 -100.49 37.03
CA PHE VE 97 45.66 -100.75 36.73
C PHE VE 97 46.06 -100.04 35.45
N THR VE 98 47.36 -99.91 35.27
CA THR VE 98 47.90 -99.17 34.14
C THR VE 98 48.05 -100.08 32.92
N GLN VE 99 48.29 -99.44 31.77
CA GLN VE 99 48.58 -100.14 30.51
C GLN VE 99 49.87 -100.93 30.55
N TYR VE 100 50.57 -100.94 31.68
CA TYR VE 100 51.82 -101.66 31.86
C TYR VE 100 51.93 -102.29 33.23
N SER VE 101 50.81 -102.43 33.94
CA SER VE 101 50.77 -103.17 35.18
C SER VE 101 51.13 -104.63 34.93
N THR VE 102 51.28 -105.39 36.03
CA THR VE 102 51.68 -106.79 35.96
C THR VE 102 50.75 -107.62 36.83
N ASP VE 103 50.59 -108.89 36.47
CA ASP VE 103 49.68 -109.77 37.20
C ASP VE 103 50.12 -109.92 38.65
N GLU VE 104 51.42 -109.90 38.91
CA GLU VE 104 51.90 -109.91 40.29
C GLU VE 104 51.27 -108.78 41.08
N GLU VE 105 51.34 -107.55 40.55
CA GLU VE 105 50.78 -106.39 41.24
C GLU VE 105 49.27 -106.49 41.38
N ARG VE 106 48.58 -106.88 40.30
CA ARG VE 106 47.13 -106.97 40.39
C ARG VE 106 46.70 -107.96 41.47
N ALA VE 107 47.28 -109.18 41.42
CA ALA VE 107 46.95 -110.18 42.42
C ALA VE 107 47.33 -109.70 43.80
N PHE VE 108 48.41 -108.92 43.92
CA PHE VE 108 48.73 -108.34 45.21
C PHE VE 108 47.60 -107.46 45.69
N VAL VE 109 47.04 -106.65 44.80
CA VAL VE 109 45.94 -105.77 45.18
C VAL VE 109 44.75 -106.60 45.64
N ARG VE 110 44.40 -107.63 44.87
CA ARG VE 110 43.27 -108.48 45.19
C ARG VE 110 43.43 -109.10 46.58
N THR VE 111 44.59 -109.71 46.83
CA THR VE 111 44.81 -110.39 48.11
C THR VE 111 44.90 -109.41 49.27
N GLU VE 112 45.49 -108.24 49.05
CA GLU VE 112 45.53 -107.25 50.12
C GLU VE 112 44.12 -106.87 50.52
N LEU VE 113 43.26 -106.64 49.52
CA LEU VE 113 41.88 -106.30 49.82
C LEU VE 113 41.18 -107.45 50.55
N ALA VE 114 41.42 -108.70 50.11
CA ALA VE 114 40.77 -109.84 50.76
C ALA VE 114 41.21 -109.99 52.22
N ALA VE 115 42.52 -109.94 52.47
CA ALA VE 115 43.01 -110.10 53.83
C ALA VE 115 42.60 -108.93 54.71
N LEU VE 116 42.51 -107.72 54.14
CA LEU VE 116 41.98 -106.59 54.89
C LEU VE 116 40.52 -106.84 55.28
N LEU VE 117 39.72 -107.35 54.34
CA LEU VE 117 38.33 -107.66 54.64
C LEU VE 117 38.20 -108.81 55.63
N ALA VE 118 39.24 -109.62 55.78
CA ALA VE 118 39.29 -110.65 56.81
C ALA VE 118 39.75 -110.16 58.17
N SER VE 119 40.62 -109.15 58.21
CA SER VE 119 41.21 -108.72 59.47
C SER VE 119 40.18 -108.00 60.35
N PRO VE 120 40.30 -108.10 61.68
CA PRO VE 120 39.31 -107.45 62.56
C PRO VE 120 39.13 -105.95 62.36
N LEU VE 121 40.03 -105.24 61.69
CA LEU VE 121 39.80 -103.81 61.46
C LEU VE 121 38.53 -103.61 60.64
N LEU VE 122 38.54 -104.03 59.37
CA LEU VE 122 37.35 -103.87 58.56
C LEU VE 122 36.19 -104.69 59.12
N ILE VE 123 36.48 -105.78 59.84
CA ILE VE 123 35.41 -106.56 60.47
C ILE VE 123 34.59 -105.66 61.40
N ASP VE 124 35.27 -104.97 62.30
CA ASP VE 124 34.54 -104.16 63.25
C ASP VE 124 34.09 -102.84 62.66
N ALA VE 125 34.72 -102.42 61.55
CA ALA VE 125 34.33 -101.16 60.91
C ALA VE 125 33.13 -101.31 59.99
N ILE VE 126 32.81 -102.54 59.57
CA ILE VE 126 31.60 -102.82 58.81
C ILE VE 126 30.57 -103.52 59.69
N ASP VE 127 30.96 -104.61 60.37
CA ASP VE 127 30.04 -105.41 61.16
C ASP VE 127 29.23 -104.56 62.13
N GLN VE 128 29.90 -103.70 62.89
CA GLN VE 128 29.21 -102.89 63.88
C GLN VE 128 29.26 -101.41 63.59
N LEU VE 129 29.73 -101.00 62.40
CA LEU VE 129 29.77 -99.59 62.03
C LEU VE 129 30.64 -98.78 62.99
N ASN VE 130 31.85 -99.29 63.25
CA ASN VE 130 32.80 -98.64 64.14
C ASN VE 130 33.77 -97.78 63.35
N PRO VE 131 33.71 -96.46 63.44
CA PRO VE 131 34.79 -95.65 62.84
C PRO VE 131 36.14 -96.03 63.43
N ALA VE 132 37.14 -96.08 62.56
CA ALA VE 132 38.47 -96.55 62.93
C ALA VE 132 39.30 -95.40 63.49
N TYR VE 133 39.87 -95.60 64.68
CA TYR VE 133 40.72 -94.60 65.31
C TYR VE 133 41.53 -95.18 66.45
N ALA WE 2 13.39 -71.63 107.95
CA ALA WE 2 12.39 -70.53 108.12
C ALA WE 2 10.97 -71.03 107.84
N LYS WE 3 10.55 -72.01 108.65
CA LYS WE 3 9.19 -72.54 108.58
C LYS WE 3 8.18 -71.47 108.93
N LEU WE 4 7.07 -71.43 108.18
CA LEU WE 4 6.02 -70.45 108.40
C LEU WE 4 4.93 -71.07 109.26
N GLU WE 5 4.54 -70.35 110.31
CA GLU WE 5 3.47 -70.78 111.20
C GLU WE 5 2.93 -69.54 111.90
N THR WE 6 2.09 -69.74 112.92
CA THR WE 6 1.53 -68.61 113.65
C THR WE 6 2.51 -68.13 114.71
N VAL WE 7 2.72 -66.82 114.74
CA VAL WE 7 3.65 -66.17 115.65
C VAL WE 7 2.84 -65.32 116.62
N THR WE 8 3.17 -65.44 117.90
CA THR WE 8 2.47 -64.75 118.98
C THR WE 8 3.43 -63.74 119.61
N LEU WE 9 3.40 -62.50 119.12
CA LEU WE 9 4.18 -61.43 119.73
C LEU WE 9 3.45 -60.93 120.96
N GLY WE 10 4.01 -61.17 122.13
CA GLY WE 10 3.42 -60.69 123.36
C GLY WE 10 4.14 -59.47 123.92
N ASN WE 11 3.52 -58.80 124.89
CA ASN WE 11 4.11 -57.64 125.55
C ASN WE 11 4.43 -56.55 124.53
N ILE WE 12 3.37 -56.00 123.96
CA ILE WE 12 3.42 -55.13 122.80
C ILE WE 12 2.87 -53.77 123.20
N GLY WE 13 3.40 -52.73 122.57
CA GLY WE 13 2.80 -51.40 122.61
C GLY WE 13 3.51 -50.50 123.61
N LYS WE 14 2.84 -49.39 123.91
CA LYS WE 14 3.39 -48.43 124.87
C LYS WE 14 3.83 -49.13 126.15
N ASP WE 15 2.90 -49.80 126.82
CA ASP WE 15 3.18 -50.45 128.09
C ASP WE 15 3.51 -51.93 127.93
N GLY WE 16 3.59 -52.44 126.71
CA GLY WE 16 3.95 -53.83 126.50
C GLY WE 16 2.96 -54.79 127.13
N LYS WE 17 1.67 -54.59 126.89
CA LYS WE 17 0.64 -55.46 127.46
C LYS WE 17 -0.15 -56.26 126.44
N GLN WE 18 -0.45 -55.71 125.28
CA GLN WE 18 -1.31 -56.43 124.36
C GLN WE 18 -0.52 -57.49 123.61
N THR WE 19 -1.19 -58.18 122.70
CA THR WE 19 -0.58 -59.29 121.99
C THR WE 19 -1.09 -59.33 120.56
N LEU WE 20 -0.22 -59.79 119.66
CA LEU WE 20 -0.52 -59.83 118.24
C LEU WE 20 -0.25 -61.24 117.75
N VAL WE 21 -1.26 -61.87 117.16
CA VAL WE 21 -1.13 -63.22 116.65
C VAL WE 21 -1.23 -63.14 115.14
N LEU WE 22 -0.13 -63.51 114.48
CA LEU WE 22 -0.05 -63.48 113.02
C LEU WE 22 -0.06 -64.91 112.51
N ASN WE 23 -0.96 -65.20 111.67
CA ASN WE 23 -1.01 -66.47 110.98
C ASN WE 23 -0.49 -66.32 109.57
N PRO WE 24 0.03 -67.39 108.99
CA PRO WE 24 0.75 -67.29 107.73
C PRO WE 24 -0.18 -67.14 106.54
N ARG WE 25 0.45 -66.91 105.39
CA ARG WE 25 -0.28 -66.61 104.16
C ARG WE 25 0.39 -67.38 103.03
N GLY WE 26 0.13 -66.99 101.79
CA GLY WE 26 0.79 -67.58 100.65
C GLY WE 26 2.09 -66.86 100.32
N VAL WE 27 3.15 -67.63 100.16
CA VAL WE 27 4.44 -67.06 99.81
C VAL WE 27 4.42 -66.65 98.35
N ASN WE 28 4.51 -65.34 98.11
CA ASN WE 28 4.40 -64.80 96.77
C ASN WE 28 5.37 -65.48 95.82
N PRO WE 29 4.88 -66.36 94.95
CA PRO WE 29 5.78 -66.99 93.98
C PRO WE 29 6.41 -65.99 93.02
N THR WE 30 5.71 -64.91 92.69
CA THR WE 30 6.24 -63.96 91.72
C THR WE 30 7.52 -63.30 92.21
N ASN WE 31 7.73 -63.23 93.52
CA ASN WE 31 8.99 -62.73 94.05
C ASN WE 31 9.48 -63.52 95.25
N GLY WE 32 8.82 -64.60 95.64
CA GLY WE 32 9.27 -65.37 96.77
C GLY WE 32 9.33 -64.51 98.02
N VAL WE 33 8.17 -64.12 98.52
CA VAL WE 33 8.07 -63.29 99.72
C VAL WE 33 6.98 -63.88 100.59
N ALA WE 34 7.35 -64.40 101.75
CA ALA WE 34 6.35 -64.92 102.66
C ALA WE 34 5.68 -63.78 103.41
N SER WE 35 4.49 -64.05 103.94
CA SER WE 35 3.75 -63.02 104.64
C SER WE 35 2.90 -63.61 105.76
N LEU WE 36 2.70 -62.80 106.79
CA LEU WE 36 1.89 -63.11 107.96
C LEU WE 36 0.89 -61.99 108.16
N SER WE 37 -0.28 -62.35 108.69
CA SER WE 37 -1.33 -61.35 108.91
C SER WE 37 -2.02 -61.64 110.24
N GLN WE 38 -2.61 -60.61 110.82
CA GLN WE 38 -3.29 -60.75 112.09
C GLN WE 38 -4.26 -61.92 112.04
N ALA WE 39 -4.66 -62.42 113.22
CA ALA WE 39 -5.48 -63.62 113.28
C ALA WE 39 -6.73 -63.51 112.40
N GLY WE 40 -7.31 -62.33 112.30
CA GLY WE 40 -8.46 -62.10 111.45
C GLY WE 40 -9.62 -61.49 112.22
N ALA WE 41 -10.76 -61.37 111.54
CA ALA WE 41 -10.93 -61.78 110.13
C ALA WE 41 -10.50 -60.71 109.12
N VAL WE 42 -11.21 -59.58 109.15
CA VAL WE 42 -10.87 -58.47 108.25
C VAL WE 42 -9.45 -58.02 108.49
N PRO WE 43 -8.95 -57.93 109.72
CA PRO WE 43 -7.56 -57.51 109.93
C PRO WE 43 -6.55 -58.39 109.20
N ALA WE 44 -6.93 -59.59 108.78
CA ALA WE 44 -6.02 -60.42 107.98
C ALA WE 44 -5.74 -59.77 106.64
N LEU WE 45 -6.70 -59.00 106.12
CA LEU WE 45 -6.49 -58.17 104.94
C LEU WE 45 -6.18 -56.72 105.29
N GLU WE 46 -5.77 -56.45 106.53
CA GLU WE 46 -5.31 -55.11 106.90
C GLU WE 46 -3.85 -55.11 107.35
N LYS WE 47 -3.55 -55.87 108.40
CA LYS WE 47 -2.20 -55.90 108.96
C LYS WE 47 -1.34 -56.90 108.21
N ARG WE 48 -0.11 -56.51 107.92
CA ARG WE 48 0.75 -57.36 107.10
C ARG WE 48 2.17 -57.33 107.62
N VAL WE 49 2.86 -58.47 107.47
CA VAL WE 49 4.27 -58.59 107.82
C VAL WE 49 4.90 -59.52 106.78
N THR WE 50 5.71 -58.97 105.88
CA THR WE 50 6.28 -59.80 104.83
C THR WE 50 7.79 -59.89 105.00
N VAL WE 51 8.31 -61.07 104.70
CA VAL WE 51 9.72 -61.41 104.88
C VAL WE 51 10.23 -62.04 103.59
N SER WE 52 11.42 -61.64 103.16
CA SER WE 52 12.06 -62.25 102.01
C SER WE 52 13.56 -62.33 102.21
N VAL WE 53 14.17 -63.29 101.53
CA VAL WE 53 15.60 -63.55 101.62
C VAL WE 53 16.12 -63.64 100.20
N SER WE 54 16.59 -62.52 99.67
CA SER WE 54 17.18 -62.47 98.34
C SER WE 54 18.59 -63.05 98.40
N GLN WE 55 18.83 -64.10 97.62
CA GLN WE 55 20.13 -64.70 97.53
C GLN WE 55 21.02 -63.86 96.63
N PRO WE 56 22.33 -64.02 96.70
CA PRO WE 56 23.20 -63.24 95.82
C PRO WE 56 22.98 -63.57 94.34
N SER WE 57 23.16 -62.56 93.50
CA SER WE 57 23.01 -62.66 92.06
C SER WE 57 23.87 -61.59 91.42
N ARG WE 58 23.65 -61.35 90.13
CA ARG WE 58 24.42 -60.29 89.45
C ARG WE 58 24.17 -58.95 90.11
N ASN WE 59 22.95 -58.71 90.58
CA ASN WE 59 22.67 -57.51 91.34
C ASN WE 59 23.06 -57.65 92.80
N ARG WE 60 22.83 -58.84 93.38
CA ARG WE 60 22.92 -59.07 94.83
C ARG WE 60 24.12 -59.93 95.21
N LYS WE 61 24.77 -59.62 96.33
CA LYS WE 61 26.13 -60.10 96.53
C LYS WE 61 26.45 -61.00 97.73
N ASN WE 62 26.27 -60.60 99.01
CA ASN WE 62 25.27 -59.72 99.63
C ASN WE 62 23.84 -60.22 99.53
N TYR WE 63 23.60 -61.31 100.26
CA TYR WE 63 22.26 -61.67 100.69
C TYR WE 63 21.53 -60.45 101.23
N LYS WE 64 20.23 -60.37 100.95
CA LYS WE 64 19.38 -59.30 101.45
C LYS WE 64 18.19 -59.91 102.17
N VAL WE 65 18.09 -59.69 103.47
CA VAL WE 65 16.95 -60.12 104.25
C VAL WE 65 16.09 -58.90 104.51
N GLN WE 66 14.91 -58.84 103.89
CA GLN WE 66 14.01 -57.71 104.07
C GLN WE 66 12.80 -58.13 104.87
N VAL WE 67 12.44 -57.28 105.82
CA VAL WE 67 11.32 -57.49 106.73
C VAL WE 67 10.52 -56.20 106.73
N LYS WE 68 9.33 -56.22 106.14
CA LYS WE 68 8.52 -55.01 105.99
C LYS WE 68 7.19 -55.25 106.68
N ILE WE 69 6.89 -54.42 107.68
CA ILE WE 69 5.60 -54.46 108.35
C ILE WE 69 4.75 -53.27 107.93
N GLN WE 70 3.43 -53.51 107.90
CA GLN WE 70 2.45 -52.56 107.42
C GLN WE 70 1.25 -52.63 108.36
N ASN WE 71 0.95 -51.51 109.02
CA ASN WE 71 -0.18 -51.40 109.95
C ASN WE 71 -1.11 -50.30 109.50
N PRO WE 72 -2.21 -50.60 108.84
CA PRO WE 72 -3.19 -49.56 108.51
C PRO WE 72 -4.21 -49.40 109.61
N THR WE 73 -4.39 -48.21 110.16
CA THR WE 73 -5.48 -48.01 111.09
C THR WE 73 -6.63 -47.32 110.37
N ALA WE 74 -7.83 -47.80 110.64
CA ALA WE 74 -9.03 -47.40 109.94
C ALA WE 74 -10.07 -46.95 110.94
N CYS WE 75 -11.18 -46.44 110.41
CA CYS WE 75 -12.29 -46.01 111.24
C CYS WE 75 -13.56 -46.11 110.42
N THR WE 76 -14.69 -46.13 111.13
CA THR WE 76 -16.00 -46.12 110.49
C THR WE 76 -16.66 -44.79 110.77
N ALA WE 77 -16.93 -44.03 109.70
CA ALA WE 77 -17.61 -42.75 109.84
C ALA WE 77 -18.97 -42.95 110.46
N ASN WE 78 -19.41 -41.96 111.22
CA ASN WE 78 -20.61 -42.13 112.02
C ASN WE 78 -21.82 -42.19 111.10
N GLY WE 79 -22.03 -43.35 110.48
CA GLY WE 79 -23.13 -43.58 109.58
C GLY WE 79 -22.81 -44.51 108.44
N SER WE 80 -21.52 -44.69 108.15
CA SER WE 80 -21.12 -45.72 107.20
C SER WE 80 -21.18 -47.09 107.86
N CYS WE 81 -20.78 -48.13 107.15
CA CYS WE 81 -20.67 -49.44 107.77
C CYS WE 81 -19.25 -49.97 107.64
N ASP WE 82 -18.76 -50.02 106.43
CA ASP WE 82 -17.45 -50.60 106.20
C ASP WE 82 -16.36 -49.63 106.63
N PRO WE 83 -15.43 -50.02 107.49
CA PRO WE 83 -14.38 -49.09 107.91
C PRO WE 83 -13.44 -48.75 106.77
N SER WE 84 -13.06 -47.48 106.73
CA SER WE 84 -12.14 -46.93 105.75
C SER WE 84 -10.82 -46.62 106.44
N VAL WE 85 -9.71 -46.91 105.77
CA VAL WE 85 -8.39 -46.73 106.35
C VAL WE 85 -8.05 -45.25 106.38
N THR WE 86 -7.80 -44.72 107.56
CA THR WE 86 -7.50 -43.31 107.74
C THR WE 86 -6.01 -43.03 107.81
N ARG WE 87 -5.24 -43.98 108.32
CA ARG WE 87 -3.80 -43.80 108.45
C ARG WE 87 -3.11 -45.11 108.16
N GLN WE 88 -1.83 -45.02 107.83
CA GLN WE 88 -1.09 -46.24 107.53
C GLN WE 88 0.36 -46.02 107.94
N ALA WE 89 0.79 -46.74 108.98
CA ALA WE 89 2.19 -46.75 109.39
C ALA WE 89 2.86 -47.99 108.81
N TYR WE 90 4.17 -47.89 108.60
CA TYR WE 90 4.86 -49.08 108.17
C TYR WE 90 6.34 -48.88 108.33
N ALA WE 91 7.04 -50.00 108.52
CA ALA WE 91 8.48 -49.99 108.75
C ALA WE 91 9.11 -51.05 107.87
N ASP WE 92 10.36 -50.83 107.49
CA ASP WE 92 11.07 -51.77 106.65
C ASP WE 92 12.50 -51.89 107.18
N VAL WE 93 12.97 -53.11 107.33
CA VAL WE 93 14.34 -53.39 107.74
C VAL WE 93 14.97 -54.25 106.66
N THR WE 94 16.24 -53.98 106.37
CA THR WE 94 16.95 -54.70 105.33
C THR WE 94 18.37 -54.99 105.80
N PHE WE 95 18.66 -56.26 106.06
CA PHE WE 95 20.01 -56.67 106.44
C PHE WE 95 20.73 -57.18 105.20
N SER WE 96 21.85 -56.55 104.88
CA SER WE 96 22.69 -56.93 103.75
C SER WE 96 23.90 -57.66 104.32
N PHE WE 97 24.04 -58.94 104.01
CA PHE WE 97 25.16 -59.71 104.52
C PHE WE 97 25.97 -60.30 103.38
N THR WE 98 27.28 -60.29 103.57
CA THR WE 98 28.23 -60.78 102.59
C THR WE 98 28.11 -62.29 102.43
N GLN WE 99 28.46 -62.76 101.24
CA GLN WE 99 28.46 -64.19 100.97
C GLN WE 99 29.25 -64.93 102.03
N TYR WE 100 30.36 -64.36 102.47
CA TYR WE 100 31.23 -64.94 103.46
C TYR WE 100 30.75 -64.71 104.88
N SER WE 101 29.71 -63.92 105.06
CA SER WE 101 29.32 -63.55 106.41
C SER WE 101 29.10 -64.79 107.27
N THR WE 102 29.00 -64.57 108.58
CA THR WE 102 28.87 -65.65 109.55
C THR WE 102 27.52 -65.57 110.24
N ASP WE 103 26.98 -66.75 110.60
CA ASP WE 103 25.82 -66.79 111.45
C ASP WE 103 26.04 -66.02 112.74
N GLU WE 104 27.23 -66.12 113.31
CA GLU WE 104 27.50 -65.44 114.56
C GLU WE 104 27.24 -63.96 114.42
N GLU WE 105 27.87 -63.33 113.43
CA GLU WE 105 27.71 -61.90 113.27
C GLU WE 105 26.28 -61.54 112.89
N ARG WE 106 25.63 -62.37 112.08
CA ARG WE 106 24.26 -62.03 111.67
C ARG WE 106 23.31 -62.09 112.85
N ALA WE 107 23.43 -63.11 113.70
CA ALA WE 107 22.66 -63.13 114.94
C ALA WE 107 23.03 -61.94 115.81
N PHE WE 108 24.30 -61.60 115.85
CA PHE WE 108 24.75 -60.49 116.66
C PHE WE 108 24.07 -59.20 116.22
N VAL WE 109 24.02 -58.96 114.90
CA VAL WE 109 23.42 -57.74 114.39
C VAL WE 109 21.92 -57.75 114.63
N ARG WE 110 21.28 -58.90 114.43
CA ARG WE 110 19.85 -59.00 114.72
C ARG WE 110 19.58 -58.54 116.14
N THR WE 111 20.27 -59.16 117.08
CA THR WE 111 20.05 -58.85 118.48
C THR WE 111 20.46 -57.42 118.84
N GLU WE 112 21.51 -56.90 118.20
CA GLU WE 112 21.87 -55.50 118.37
C GLU WE 112 20.70 -54.59 118.00
N LEU WE 113 20.14 -54.77 116.80
CA LEU WE 113 18.99 -53.96 116.40
C LEU WE 113 17.85 -54.14 117.38
N ALA WE 114 17.59 -55.38 117.77
CA ALA WE 114 16.47 -55.63 118.66
C ALA WE 114 16.59 -54.79 119.92
N ALA WE 115 17.72 -54.88 120.59
CA ALA WE 115 17.78 -54.22 121.89
C ALA WE 115 18.07 -52.73 121.74
N LEU WE 116 18.48 -52.27 120.56
CA LEU WE 116 18.53 -50.83 120.34
C LEU WE 116 17.13 -50.27 120.19
N LEU WE 117 16.27 -50.95 119.43
CA LEU WE 117 14.85 -50.57 119.45
C LEU WE 117 14.29 -50.65 120.85
N ALA WE 118 14.78 -51.59 121.64
CA ALA WE 118 14.43 -51.67 123.05
C ALA WE 118 14.98 -50.51 123.85
N SER WE 119 16.01 -49.85 123.38
CA SER WE 119 16.68 -48.85 124.20
C SER WE 119 15.87 -47.56 124.31
N PRO WE 120 16.08 -46.79 125.37
CA PRO WE 120 15.38 -45.51 125.50
C PRO WE 120 15.57 -44.58 124.30
N LEU WE 121 16.76 -44.55 123.71
CA LEU WE 121 17.00 -43.66 122.59
C LEU WE 121 15.97 -43.86 121.50
N LEU WE 122 15.95 -45.05 120.90
CA LEU WE 122 15.06 -45.27 119.77
C LEU WE 122 13.60 -45.16 120.17
N ILE WE 123 13.24 -45.59 121.38
CA ILE WE 123 11.84 -45.49 121.77
C ILE WE 123 11.43 -44.03 121.81
N ASP WE 124 12.31 -43.16 122.30
CA ASP WE 124 11.96 -41.75 122.36
C ASP WE 124 11.96 -41.14 120.97
N ALA WE 125 12.85 -41.61 120.11
CA ALA WE 125 12.94 -41.09 118.75
C ALA WE 125 11.79 -41.55 117.87
N ILE WE 126 11.16 -42.66 118.21
CA ILE WE 126 10.03 -43.20 117.45
C ILE WE 126 8.76 -42.73 118.11
N ASP WE 127 8.54 -43.16 119.34
CA ASP WE 127 7.32 -42.84 120.05
C ASP WE 127 7.04 -41.35 120.02
N GLN WE 128 8.08 -40.54 120.15
CA GLN WE 128 7.91 -39.12 120.35
C GLN WE 128 8.47 -38.28 119.22
N LEU WE 129 9.14 -38.89 118.24
CA LEU WE 129 9.78 -38.13 117.17
C LEU WE 129 10.82 -37.18 117.74
N ASN WE 130 11.50 -37.62 118.79
CA ASN WE 130 12.50 -36.78 119.44
C ASN WE 130 13.83 -36.98 118.77
N PRO WE 131 14.31 -36.05 117.94
CA PRO WE 131 15.67 -36.20 117.44
C PRO WE 131 16.64 -36.09 118.59
N ALA WE 132 17.76 -36.79 118.46
CA ALA WE 132 18.71 -36.88 119.56
C ALA WE 132 19.50 -35.59 119.64
N TYR WE 133 19.18 -34.78 120.65
CA TYR WE 133 19.95 -33.58 120.92
C TYR WE 133 19.92 -33.32 122.42
N ALA XE 2 8.18 -86.26 96.75
CA ALA XE 2 9.61 -85.92 96.94
C ALA XE 2 9.80 -84.85 98.02
N LYS XE 3 9.06 -84.98 99.12
CA LYS XE 3 9.20 -84.05 100.24
C LYS XE 3 10.65 -83.87 100.63
N LEU XE 4 11.02 -82.63 100.96
CA LEU XE 4 12.36 -82.34 101.45
C LEU XE 4 12.64 -83.07 102.75
N GLU XE 5 13.88 -83.51 102.90
CA GLU XE 5 14.32 -84.27 104.07
C GLU XE 5 15.84 -84.30 104.09
N THR XE 6 16.40 -84.69 105.23
CA THR XE 6 17.85 -84.75 105.42
C THR XE 6 18.46 -85.87 104.58
N VAL XE 7 19.24 -85.51 103.57
CA VAL XE 7 19.85 -86.50 102.69
C VAL XE 7 21.14 -86.98 103.32
N THR XE 8 21.26 -88.29 103.49
CA THR XE 8 22.47 -88.91 104.04
C THR XE 8 23.01 -89.86 102.98
N LEU XE 9 23.90 -89.36 102.13
CA LEU XE 9 24.56 -90.23 101.18
C LEU XE 9 25.75 -90.88 101.85
N GLY XE 10 25.84 -92.20 101.76
CA GLY XE 10 26.83 -92.95 102.50
C GLY XE 10 28.20 -92.87 101.88
N ASN XE 11 28.86 -94.03 101.77
CA ASN XE 11 30.23 -94.06 101.29
C ASN XE 11 30.35 -93.39 99.93
N ILE XE 12 31.36 -92.54 99.77
CA ILE XE 12 31.39 -91.61 98.65
C ILE XE 12 32.80 -91.06 98.52
N GLY XE 13 33.27 -90.93 97.29
CA GLY XE 13 34.62 -90.49 96.99
C GLY XE 13 35.45 -91.58 96.35
N LYS XE 14 36.75 -91.34 96.29
CA LYS XE 14 37.66 -92.33 95.73
C LYS XE 14 37.62 -93.62 96.54
N ASP XE 15 38.03 -93.54 97.80
CA ASP XE 15 38.02 -94.68 98.71
C ASP XE 15 36.64 -95.27 98.88
N GLY XE 16 35.59 -94.50 98.66
CA GLY XE 16 34.26 -94.94 99.04
C GLY XE 16 34.15 -95.08 100.54
N LYS XE 17 34.50 -94.04 101.28
CA LYS XE 17 34.36 -94.07 102.73
C LYS XE 17 33.80 -92.80 103.33
N GLN XE 18 33.72 -91.71 102.60
CA GLN XE 18 33.16 -90.48 103.14
C GLN XE 18 31.64 -90.56 103.13
N THR XE 19 31.02 -89.74 103.97
CA THR XE 19 29.56 -89.65 104.07
C THR XE 19 29.16 -88.19 104.09
N LEU XE 20 28.03 -87.88 103.44
CA LEU XE 20 27.58 -86.49 103.31
C LEU XE 20 26.15 -86.35 103.84
N VAL XE 21 25.90 -85.23 104.50
CA VAL XE 21 24.64 -84.97 105.19
C VAL XE 21 24.14 -83.60 104.74
N LEU XE 22 23.26 -83.58 103.76
CA LEU XE 22 22.67 -82.34 103.27
C LEU XE 22 21.39 -82.05 104.04
N ASN XE 23 21.32 -80.86 104.62
CA ASN XE 23 20.13 -80.45 105.34
C ASN XE 23 19.15 -79.76 104.41
N PRO XE 24 17.85 -79.81 104.75
CA PRO XE 24 16.81 -79.28 103.87
C PRO XE 24 16.76 -77.76 103.99
N ARG XE 25 17.05 -77.07 102.89
CA ARG XE 25 17.07 -75.61 103.00
C ARG XE 25 15.70 -75.01 102.70
N GLY XE 26 15.22 -75.17 101.47
CA GLY XE 26 13.98 -74.57 101.08
C GLY XE 26 13.73 -74.75 99.60
N VAL XE 27 12.84 -73.92 99.06
CA VAL XE 27 12.48 -73.99 97.65
C VAL XE 27 12.32 -72.57 97.13
N ASN XE 28 13.20 -72.16 96.24
CA ASN XE 28 13.06 -70.86 95.62
C ASN XE 28 11.89 -70.92 94.64
N PRO XE 29 10.84 -70.15 94.84
CA PRO XE 29 9.67 -70.27 93.98
C PRO XE 29 9.85 -69.58 92.64
N THR XE 30 10.64 -68.53 92.59
CA THR XE 30 10.78 -67.78 91.35
C THR XE 30 11.24 -68.68 90.21
N ASN XE 31 11.88 -69.80 90.53
CA ASN XE 31 12.16 -70.84 89.55
C ASN XE 31 11.65 -72.19 90.00
N GLY XE 32 11.08 -72.30 91.19
CA GLY XE 32 10.64 -73.57 91.69
C GLY XE 32 11.79 -74.55 91.75
N VAL XE 33 12.76 -74.27 92.62
CA VAL XE 33 13.95 -75.12 92.76
C VAL XE 33 14.09 -75.50 94.22
N ALA XE 34 14.19 -76.81 94.49
CA ALA XE 34 14.45 -77.27 95.84
C ALA XE 34 15.95 -77.27 96.10
N SER XE 35 16.32 -76.82 97.30
CA SER XE 35 17.71 -76.55 97.65
C SER XE 35 18.15 -77.39 98.85
N LEU XE 36 19.37 -77.91 98.75
CA LEU XE 36 20.04 -78.63 99.82
C LEU XE 36 21.44 -78.05 99.98
N SER XE 37 21.91 -77.99 101.22
CA SER XE 37 23.26 -77.52 101.48
C SER XE 37 23.83 -78.26 102.68
N GLN XE 38 25.14 -78.42 102.68
CA GLN XE 38 25.81 -79.09 103.79
C GLN XE 38 25.64 -78.29 105.07
N ALA XE 39 25.60 -79.00 106.18
CA ALA XE 39 25.53 -78.34 107.48
C ALA XE 39 26.76 -77.46 107.67
N GLY XE 40 26.53 -76.19 107.97
CA GLY XE 40 27.62 -75.24 108.15
C GLY XE 40 27.17 -73.90 108.67
N ALA XE 41 28.01 -72.87 108.51
CA ALA XE 41 27.62 -71.52 108.89
C ALA XE 41 27.86 -70.52 107.75
N VAL XE 42 28.99 -70.66 107.07
CA VAL XE 42 29.36 -69.72 106.04
C VAL XE 42 28.85 -70.25 104.71
N PRO XE 43 27.82 -69.63 104.13
CA PRO XE 43 27.24 -70.20 102.89
C PRO XE 43 28.25 -70.32 101.78
N ALA XE 44 29.31 -69.51 101.80
CA ALA XE 44 30.35 -69.59 100.78
C ALA XE 44 31.16 -70.87 100.88
N LEU XE 45 31.01 -71.63 101.96
CA LEU XE 45 31.88 -72.77 102.27
C LEU XE 45 31.05 -74.02 102.52
N GLU XE 46 30.03 -74.24 101.70
CA GLU XE 46 29.12 -75.37 101.91
C GLU XE 46 28.79 -76.05 100.58
N LYS XE 47 28.55 -77.34 100.66
CA LYS XE 47 28.28 -78.16 99.48
C LYS XE 47 26.82 -78.00 99.10
N ARG XE 48 26.57 -77.54 97.88
CA ARG XE 48 25.24 -77.11 97.49
C ARG XE 48 24.66 -78.04 96.44
N VAL XE 49 23.34 -78.17 96.48
CA VAL XE 49 22.60 -79.10 95.65
C VAL XE 49 21.29 -78.45 95.31
N THR XE 50 20.89 -78.50 94.04
CA THR XE 50 19.57 -78.01 93.70
C THR XE 50 18.94 -78.92 92.68
N VAL XE 51 17.63 -79.12 92.84
CA VAL XE 51 16.85 -80.00 91.98
C VAL XE 51 15.59 -79.25 91.56
N SER XE 52 15.33 -79.23 90.27
CA SER XE 52 14.15 -78.56 89.77
C SER XE 52 13.50 -79.41 88.69
N VAL XE 53 12.21 -79.18 88.49
CA VAL XE 53 11.37 -80.01 87.64
C VAL XE 53 10.43 -79.07 86.90
N SER XE 54 10.75 -78.77 85.65
CA SER XE 54 10.00 -77.81 84.86
C SER XE 54 9.00 -78.55 83.99
N GLN XE 55 7.76 -78.06 83.99
CA GLN XE 55 6.67 -78.65 83.26
C GLN XE 55 6.66 -78.13 81.83
N PRO XE 56 6.08 -78.86 80.90
CA PRO XE 56 6.00 -78.36 79.53
C PRO XE 56 5.23 -77.04 79.48
N SER XE 57 5.66 -76.15 78.61
CA SER XE 57 5.03 -74.85 78.41
C SER XE 57 4.41 -74.82 77.01
N ARG XE 58 3.86 -73.66 76.64
CA ARG XE 58 3.32 -73.52 75.30
C ARG XE 58 4.38 -73.68 74.23
N ASN XE 59 5.64 -73.37 74.54
CA ASN XE 59 6.73 -73.45 73.56
C ASN XE 59 7.71 -74.57 73.85
N ARG XE 60 7.45 -75.43 74.84
CA ARG XE 60 8.38 -76.50 75.15
C ARG XE 60 7.77 -77.87 74.91
N LYS XE 61 6.67 -78.19 75.61
CA LYS XE 61 6.02 -79.49 75.48
C LYS XE 61 7.00 -80.62 75.77
N ASN XE 62 7.69 -80.50 76.90
CA ASN XE 62 8.72 -81.45 77.31
C ASN XE 62 9.06 -81.23 78.77
N TYR XE 63 9.00 -82.30 79.57
CA TYR XE 63 9.36 -82.20 80.98
C TYR XE 63 10.88 -82.18 81.13
N LYS XE 64 11.37 -81.28 81.99
CA LYS XE 64 12.78 -81.20 82.31
C LYS XE 64 12.96 -81.45 83.80
N VAL XE 65 14.04 -82.11 84.18
CA VAL XE 65 14.44 -82.21 85.57
C VAL XE 65 15.94 -81.98 85.63
N GLN XE 66 16.34 -80.87 86.23
CA GLN XE 66 17.76 -80.54 86.38
C GLN XE 66 18.17 -80.80 87.81
N VAL XE 67 19.38 -81.32 87.98
CA VAL XE 67 20.03 -81.39 89.29
C VAL XE 67 21.45 -80.89 89.12
N LYS XE 68 21.80 -79.85 89.86
CA LYS XE 68 23.16 -79.33 89.86
C LYS XE 68 23.78 -79.50 91.24
N ILE XE 69 25.07 -79.81 91.21
CA ILE XE 69 25.91 -80.03 92.38
C ILE XE 69 27.04 -79.04 92.36
N GLN XE 70 27.25 -78.35 93.48
CA GLN XE 70 28.30 -77.36 93.60
C GLN XE 70 29.18 -77.69 94.80
N ASN XE 71 30.48 -77.71 94.57
CA ASN XE 71 31.47 -78.07 95.58
C ASN XE 71 32.52 -76.97 95.69
N PRO XE 72 32.43 -76.09 96.69
CA PRO XE 72 33.47 -75.07 96.85
C PRO XE 72 34.58 -75.53 97.79
N THR XE 73 35.80 -75.15 97.43
CA THR XE 73 36.97 -75.56 98.19
C THR XE 73 37.32 -74.50 99.24
N ALA XE 74 37.74 -74.98 100.41
CA ALA XE 74 38.04 -74.08 101.51
C ALA XE 74 39.28 -73.23 101.24
N CYS XE 75 40.44 -73.87 101.01
CA CYS XE 75 41.75 -73.18 101.00
C CYS XE 75 41.88 -72.21 102.18
N THR XE 76 41.65 -72.72 103.39
CA THR XE 76 41.87 -71.90 104.58
C THR XE 76 43.29 -71.36 104.63
N ALA XE 77 43.42 -70.07 104.92
CA ALA XE 77 44.72 -69.42 105.02
C ALA XE 77 45.29 -69.59 106.42
N ASN XE 78 46.63 -69.50 106.51
CA ASN XE 78 47.33 -69.64 107.78
C ASN XE 78 47.14 -68.36 108.60
N GLY XE 79 45.87 -68.14 108.99
CA GLY XE 79 45.49 -66.99 109.78
C GLY XE 79 44.78 -65.94 108.92
N SER XE 80 44.62 -64.76 109.50
CA SER XE 80 44.38 -63.53 108.75
C SER XE 80 42.99 -63.38 108.16
N CYS XE 81 42.19 -64.44 108.11
CA CYS XE 81 40.73 -64.33 108.19
C CYS XE 81 40.19 -65.74 107.94
N ASP XE 82 38.87 -65.89 107.92
CA ASP XE 82 38.32 -67.21 107.64
C ASP XE 82 38.43 -67.55 106.15
N PRO XE 83 38.30 -68.83 105.81
CA PRO XE 83 38.69 -69.29 104.47
C PRO XE 83 37.96 -68.57 103.37
N SER XE 84 38.47 -68.77 102.15
CA SER XE 84 37.86 -68.20 100.96
C SER XE 84 37.84 -69.22 99.84
N VAL XE 85 36.84 -69.10 98.96
CA VAL XE 85 36.72 -70.04 97.86
C VAL XE 85 37.81 -69.79 96.85
N THR XE 86 38.53 -70.85 96.50
CA THR XE 86 39.50 -70.81 95.43
C THR XE 86 39.19 -71.76 94.29
N ARG XE 87 38.61 -72.91 94.58
CA ARG XE 87 38.16 -73.84 93.55
C ARG XE 87 36.68 -74.12 93.73
N GLN XE 88 36.04 -74.51 92.64
CA GLN XE 88 34.61 -74.80 92.67
C GLN XE 88 34.30 -75.83 91.60
N ALA XE 89 33.83 -76.99 92.04
CA ALA XE 89 33.46 -78.08 91.14
C ALA XE 89 31.97 -77.98 90.84
N TYR XE 90 31.62 -78.13 89.57
CA TYR XE 90 30.25 -78.00 89.11
C TYR XE 90 29.83 -79.28 88.41
N ALA XE 91 28.60 -79.70 88.67
CA ALA XE 91 28.00 -80.85 88.00
C ALA XE 91 26.56 -80.51 87.62
N ASP XE 92 26.18 -80.89 86.39
CA ASP XE 92 24.89 -80.47 85.82
C ASP XE 92 24.26 -81.66 85.13
N VAL XE 93 23.13 -82.16 85.68
CA VAL XE 93 22.39 -83.29 85.11
C VAL XE 93 21.03 -82.79 84.64
N THR XE 94 20.62 -83.22 83.45
CA THR XE 94 19.44 -82.68 82.77
C THR XE 94 18.64 -83.83 82.18
N PHE XE 95 17.66 -84.33 82.94
CA PHE XE 95 16.72 -85.32 82.43
C PHE XE 95 15.68 -84.67 81.54
N SER XE 96 15.41 -85.30 80.40
CA SER XE 96 14.44 -84.78 79.43
C SER XE 96 13.44 -85.88 79.12
N PHE XE 97 12.14 -85.56 79.25
CA PHE XE 97 11.07 -86.53 79.07
C PHE XE 97 10.00 -85.95 78.16
N THR XE 98 9.35 -86.83 77.41
CA THR XE 98 8.17 -86.45 76.66
C THR XE 98 6.94 -86.56 77.55
N GLN XE 99 5.86 -85.91 77.12
CA GLN XE 99 4.62 -85.93 77.89
C GLN XE 99 4.12 -87.36 78.07
N TYR XE 100 4.23 -88.17 77.03
CA TYR XE 100 3.80 -89.56 77.06
C TYR XE 100 4.88 -90.47 77.60
N SER XE 101 5.88 -89.89 78.26
CA SER XE 101 6.93 -90.66 78.89
C SER XE 101 6.32 -91.68 79.84
N THR XE 102 7.15 -92.62 80.29
CA THR XE 102 6.73 -93.63 81.24
C THR XE 102 7.76 -93.75 82.36
N ASP XE 103 7.25 -94.00 83.57
CA ASP XE 103 8.13 -94.09 84.73
C ASP XE 103 9.13 -95.23 84.58
N GLU XE 104 8.75 -96.31 83.89
CA GLU XE 104 9.73 -97.34 83.60
C GLU XE 104 10.91 -96.77 82.82
N GLU XE 105 10.61 -96.09 81.71
CA GLU XE 105 11.69 -95.48 80.93
C GLU XE 105 12.54 -94.58 81.81
N ARG XE 106 11.89 -93.74 82.62
CA ARG XE 106 12.63 -92.78 83.44
C ARG XE 106 13.54 -93.48 84.43
N ALA XE 107 13.03 -94.51 85.11
CA ALA XE 107 13.85 -95.23 86.08
C ALA XE 107 15.02 -95.91 85.40
N PHE XE 108 14.77 -96.52 84.24
CA PHE XE 108 15.86 -97.19 83.54
C PHE XE 108 16.93 -96.19 83.12
N VAL XE 109 16.51 -95.03 82.63
CA VAL XE 109 17.49 -94.00 82.26
C VAL XE 109 18.28 -93.56 83.49
N ARG XE 110 17.58 -93.38 84.62
CA ARG XE 110 18.26 -92.94 85.83
C ARG XE 110 19.29 -93.97 86.30
N THR XE 111 18.88 -95.24 86.34
CA THR XE 111 19.80 -96.28 86.77
C THR XE 111 20.95 -96.43 85.79
N GLU XE 112 20.66 -96.29 84.49
CA GLU XE 112 21.72 -96.31 83.49
C GLU XE 112 22.74 -95.22 83.78
N LEU XE 113 22.25 -94.02 84.12
CA LEU XE 113 23.15 -92.94 84.48
C LEU XE 113 23.99 -93.29 85.71
N ALA XE 114 23.34 -93.83 86.74
CA ALA XE 114 24.08 -94.15 87.96
C ALA XE 114 25.16 -95.19 87.71
N ALA XE 115 24.82 -96.22 86.93
CA ALA XE 115 25.79 -97.26 86.64
C ALA XE 115 26.91 -96.73 85.76
N LEU XE 116 26.60 -95.91 84.74
CA LEU XE 116 27.66 -95.29 83.98
C LEU XE 116 28.58 -94.50 84.90
N LEU XE 117 27.99 -93.81 85.88
CA LEU XE 117 28.78 -93.06 86.83
C LEU XE 117 29.73 -93.95 87.61
N ALA XE 118 29.28 -95.15 87.98
CA ALA XE 118 30.14 -96.10 88.69
C ALA XE 118 31.11 -96.83 87.78
N SER XE 119 30.91 -96.79 86.46
CA SER XE 119 31.74 -97.58 85.56
C SER XE 119 33.18 -97.12 85.61
N PRO XE 120 34.13 -98.04 85.44
CA PRO XE 120 35.52 -97.61 85.32
C PRO XE 120 35.78 -96.67 84.15
N LEU XE 121 34.94 -96.70 83.11
CA LEU XE 121 35.18 -95.82 81.98
C LEU XE 121 35.09 -94.36 82.39
N LEU XE 122 33.92 -93.94 82.89
CA LEU XE 122 33.78 -92.58 83.37
C LEU XE 122 34.66 -92.33 84.60
N ILE XE 123 35.01 -93.38 85.35
CA ILE XE 123 35.86 -93.19 86.51
C ILE XE 123 37.14 -92.48 86.11
N ASP XE 124 37.80 -92.96 85.05
CA ASP XE 124 39.06 -92.33 84.63
C ASP XE 124 38.82 -91.17 83.66
N ALA XE 125 37.69 -91.16 82.95
CA ALA XE 125 37.41 -90.00 82.11
C ALA XE 125 37.18 -88.74 82.95
N ILE XE 126 36.74 -88.90 84.20
CA ILE XE 126 36.55 -87.77 85.11
C ILE XE 126 37.71 -87.66 86.09
N ASP XE 127 37.86 -88.68 86.94
CA ASP XE 127 38.81 -88.60 88.04
C ASP XE 127 40.21 -88.32 87.51
N GLN XE 128 40.61 -89.08 86.50
CA GLN XE 128 41.90 -88.86 85.87
C GLN XE 128 41.79 -88.00 84.63
N LEU XE 129 40.58 -87.58 84.26
CA LEU XE 129 40.37 -86.67 83.14
C LEU XE 129 40.98 -87.23 81.87
N ASN XE 130 40.94 -88.55 81.74
CA ASN XE 130 41.54 -89.24 80.61
C ASN XE 130 40.60 -89.22 79.42
N PRO XE 131 41.02 -88.73 78.25
CA PRO XE 131 40.11 -88.72 77.10
C PRO XE 131 39.61 -90.13 76.83
N ALA XE 132 38.32 -90.22 76.50
CA ALA XE 132 37.76 -91.53 76.18
C ALA XE 132 38.52 -92.10 74.98
N TYR XE 133 39.44 -93.01 75.26
CA TYR XE 133 40.35 -93.53 74.25
C TYR XE 133 40.99 -94.83 74.71
N ALA YE 2 -1.20 -71.69 102.53
CA ALA YE 2 -1.50 -73.14 102.41
C ALA YE 2 -0.29 -73.90 101.89
N LYS YE 3 0.37 -74.64 102.78
CA LYS YE 3 1.52 -75.43 102.37
C LYS YE 3 1.08 -76.62 101.53
N LEU YE 4 1.77 -76.81 100.40
CA LEU YE 4 1.41 -77.86 99.46
C LEU YE 4 1.85 -79.22 99.98
N GLU YE 5 0.95 -80.21 99.87
CA GLU YE 5 1.16 -81.51 100.47
C GLU YE 5 0.56 -82.56 99.54
N THR YE 6 0.88 -83.82 99.83
CA THR YE 6 0.15 -84.89 99.15
C THR YE 6 -1.27 -84.89 99.69
N VAL YE 7 -2.24 -84.69 98.82
CA VAL YE 7 -3.63 -84.58 99.23
C VAL YE 7 -4.31 -85.92 98.95
N THR YE 8 -4.88 -86.49 99.99
CA THR YE 8 -5.54 -87.79 99.93
C THR YE 8 -7.02 -87.57 100.19
N LEU YE 9 -7.85 -87.85 99.20
CA LEU YE 9 -9.29 -87.78 99.40
C LEU YE 9 -9.91 -89.13 99.07
N GLY YE 10 -10.65 -89.66 100.04
CA GLY YE 10 -11.40 -90.88 99.88
C GLY YE 10 -12.89 -90.58 99.83
N ASN YE 11 -13.67 -91.65 99.74
CA ASN YE 11 -15.11 -91.55 99.60
C ASN YE 11 -15.48 -90.88 98.28
N ILE YE 12 -15.09 -91.54 97.18
CA ILE YE 12 -15.16 -90.96 95.85
C ILE YE 12 -15.85 -91.93 94.90
N GLY YE 13 -16.59 -91.38 93.93
CA GLY YE 13 -17.31 -92.15 92.92
C GLY YE 13 -18.82 -92.18 93.18
N LYS YE 14 -19.55 -92.98 92.37
CA LYS YE 14 -20.94 -93.25 92.76
C LYS YE 14 -21.00 -93.68 94.20
N ASP YE 15 -20.40 -94.81 94.51
CA ASP YE 15 -20.54 -95.42 95.82
C ASP YE 15 -19.58 -94.83 96.83
N GLY YE 16 -18.75 -93.89 96.43
CA GLY YE 16 -17.86 -93.25 97.37
C GLY YE 16 -16.89 -94.22 98.00
N LYS YE 17 -16.23 -95.04 97.19
CA LYS YE 17 -15.32 -96.07 97.70
C LYS YE 17 -13.91 -95.98 97.16
N GLN YE 18 -13.65 -95.24 96.10
CA GLN YE 18 -12.29 -95.15 95.61
C GLN YE 18 -11.55 -94.03 96.34
N THR YE 19 -10.28 -93.84 96.00
CA THR YE 19 -9.48 -92.82 96.65
C THR YE 19 -8.54 -92.19 95.64
N LEU YE 20 -8.15 -90.95 95.92
CA LEU YE 20 -7.25 -90.18 95.08
C LEU YE 20 -6.12 -89.66 95.95
N VAL YE 21 -4.91 -89.70 95.42
CA VAL YE 21 -3.74 -89.17 96.12
C VAL YE 21 -3.00 -88.28 95.12
N LEU YE 22 -3.25 -86.99 95.20
CA LEU YE 22 -2.58 -85.99 94.38
C LEU YE 22 -1.27 -85.61 95.06
N ASN YE 23 -0.26 -85.45 94.29
CA ASN YE 23 0.95 -84.93 94.89
C ASN YE 23 1.29 -83.56 94.33
N PRO YE 24 1.92 -82.71 95.14
CA PRO YE 24 2.19 -81.33 94.71
C PRO YE 24 3.11 -81.28 93.51
N ARG YE 25 2.78 -80.35 92.60
CA ARG YE 25 3.56 -80.12 91.40
C ARG YE 25 4.19 -78.73 91.38
N GLY YE 26 4.37 -78.14 92.56
CA GLY YE 26 4.97 -76.83 92.65
C GLY YE 26 4.01 -75.72 92.30
N VAL YE 27 4.58 -74.57 91.96
CA VAL YE 27 3.81 -73.36 91.70
C VAL YE 27 4.36 -72.69 90.45
N ASN YE 28 3.46 -72.19 89.62
CA ASN YE 28 3.89 -71.41 88.47
C ASN YE 28 4.64 -70.18 88.96
N PRO YE 29 5.90 -69.98 88.56
CA PRO YE 29 6.57 -68.73 88.95
C PRO YE 29 5.93 -67.48 88.39
N THR YE 30 5.17 -67.59 87.30
CA THR YE 30 4.54 -66.42 86.70
C THR YE 30 3.07 -66.30 87.10
N ASN YE 31 2.26 -67.29 86.72
CA ASN YE 31 0.86 -67.25 87.09
C ASN YE 31 0.67 -67.37 88.60
N GLY YE 32 1.67 -67.88 89.31
CA GLY YE 32 1.57 -68.04 90.74
C GLY YE 32 0.51 -69.02 91.17
N VAL YE 33 0.39 -70.14 90.48
CA VAL YE 33 -0.66 -71.11 90.73
C VAL YE 33 -0.01 -72.42 91.11
N ALA YE 34 -0.50 -73.03 92.19
CA ALA YE 34 0.00 -74.34 92.59
C ALA YE 34 -0.82 -75.44 91.93
N SER YE 35 -0.18 -76.59 91.73
CA SER YE 35 -0.82 -77.69 91.02
C SER YE 35 -0.47 -79.00 91.69
N LEU YE 36 -1.38 -79.95 91.60
CA LEU YE 36 -1.21 -81.28 92.15
C LEU YE 36 -1.65 -82.31 91.11
N SER YE 37 -1.06 -83.51 91.21
CA SER YE 37 -1.32 -84.52 90.20
C SER YE 37 -1.34 -85.90 90.85
N GLN YE 38 -2.15 -86.79 90.29
CA GLN YE 38 -2.18 -88.16 90.76
C GLN YE 38 -0.95 -88.91 90.30
N ALA YE 39 -0.44 -89.79 91.16
CA ALA YE 39 0.71 -90.60 90.80
C ALA YE 39 0.33 -91.59 89.71
N GLY YE 40 1.12 -91.63 88.64
CA GLY YE 40 0.83 -92.51 87.53
C GLY YE 40 2.07 -92.73 86.70
N ALA YE 41 1.96 -93.61 85.72
CA ALA YE 41 3.10 -93.98 84.90
C ALA YE 41 3.28 -93.02 83.73
N VAL YE 42 2.20 -92.70 83.04
CA VAL YE 42 2.26 -91.84 81.86
C VAL YE 42 1.80 -90.44 82.30
N PRO YE 43 2.69 -89.46 82.37
CA PRO YE 43 2.29 -88.15 82.94
C PRO YE 43 1.11 -87.53 82.23
N ALA YE 44 0.90 -87.86 80.95
CA ALA YE 44 -0.23 -87.29 80.23
C ALA YE 44 -1.57 -87.77 80.77
N LEU YE 45 -1.60 -88.89 81.49
CA LEU YE 45 -2.85 -89.52 81.89
C LEU YE 45 -3.05 -89.48 83.41
N GLU YE 46 -2.51 -88.47 84.07
CA GLU YE 46 -2.71 -88.32 85.51
C GLU YE 46 -3.76 -87.26 85.75
N LYS YE 47 -4.55 -87.44 86.79
CA LYS YE 47 -5.57 -86.46 87.15
C LYS YE 47 -4.91 -85.26 87.80
N ARG YE 48 -5.17 -84.08 87.25
CA ARG YE 48 -4.54 -82.86 87.71
C ARG YE 48 -5.57 -81.94 88.34
N VAL YE 49 -5.10 -81.19 89.34
CA VAL YE 49 -5.92 -80.19 90.01
C VAL YE 49 -5.09 -78.93 90.22
N THR YE 50 -5.71 -77.78 90.03
CA THR YE 50 -5.02 -76.51 90.11
C THR YE 50 -5.68 -75.62 91.16
N VAL YE 51 -4.86 -74.78 91.79
CA VAL YE 51 -5.29 -73.89 92.86
C VAL YE 51 -4.52 -72.58 92.73
N SER YE 52 -5.23 -71.48 92.54
CA SER YE 52 -4.61 -70.17 92.57
C SER YE 52 -5.43 -69.21 93.41
N VAL YE 53 -4.75 -68.22 93.97
CA VAL YE 53 -5.39 -67.20 94.80
C VAL YE 53 -4.86 -65.84 94.40
N SER YE 54 -5.64 -65.10 93.62
CA SER YE 54 -5.22 -63.78 93.19
C SER YE 54 -5.15 -62.84 94.37
N GLN YE 55 -4.30 -61.83 94.24
CA GLN YE 55 -4.20 -60.78 95.24
C GLN YE 55 -5.01 -59.57 94.80
N PRO YE 56 -5.35 -58.68 95.72
CA PRO YE 56 -6.25 -57.58 95.39
C PRO YE 56 -5.73 -56.74 94.23
N SER YE 57 -6.65 -56.34 93.35
CA SER YE 57 -6.34 -55.51 92.20
C SER YE 57 -6.47 -54.03 92.57
N ARG YE 58 -6.55 -53.17 91.57
CA ARG YE 58 -6.57 -51.73 91.82
C ARG YE 58 -7.98 -51.20 92.02
N ASN YE 59 -8.19 -50.54 93.15
CA ASN YE 59 -9.35 -49.70 93.39
C ASN YE 59 -10.63 -50.49 93.64
N ARG YE 60 -10.61 -51.80 93.34
CA ARG YE 60 -11.75 -52.65 93.64
C ARG YE 60 -11.37 -53.90 94.43
N LYS YE 61 -10.18 -54.45 94.19
CA LYS YE 61 -9.48 -55.37 95.09
C LYS YE 61 -10.08 -56.78 95.17
N ASN YE 62 -11.31 -56.98 94.70
CA ASN YE 62 -11.70 -58.19 94.00
C ASN YE 62 -10.94 -59.45 94.38
N TYR YE 63 -11.00 -59.91 95.63
CA TYR YE 63 -10.33 -61.15 95.98
C TYR YE 63 -10.90 -62.27 95.13
N LYS YE 64 -10.02 -63.02 94.46
CA LYS YE 64 -10.43 -64.10 93.58
C LYS YE 64 -9.68 -65.38 93.91
N VAL YE 65 -10.32 -66.50 93.65
CA VAL YE 65 -9.73 -67.81 93.86
C VAL YE 65 -10.26 -68.75 92.77
N GLN YE 66 -9.40 -69.61 92.26
CA GLN YE 66 -9.78 -70.52 91.19
C GLN YE 66 -9.36 -71.93 91.54
N VAL YE 67 -10.10 -72.89 91.00
CA VAL YE 67 -9.86 -74.30 91.24
C VAL YE 67 -10.17 -75.03 89.94
N LYS YE 68 -9.14 -75.53 89.28
CA LYS YE 68 -9.29 -76.21 87.99
C LYS YE 68 -8.96 -77.68 88.22
N ILE YE 69 -9.92 -78.55 87.93
CA ILE YE 69 -9.74 -79.99 88.06
C ILE YE 69 -9.83 -80.59 86.67
N GLN YE 70 -8.80 -81.35 86.29
CA GLN YE 70 -8.68 -81.93 84.97
C GLN YE 70 -8.58 -83.44 85.11
N ASN YE 71 -9.43 -84.15 84.38
CA ASN YE 71 -9.42 -85.62 84.42
C ASN YE 71 -9.35 -86.18 83.02
N PRO YE 72 -8.22 -86.74 82.59
CA PRO YE 72 -8.12 -87.30 81.25
C PRO YE 72 -8.47 -88.78 81.22
N THR YE 73 -8.57 -89.29 80.00
CA THR YE 73 -8.69 -90.73 79.82
C THR YE 73 -8.39 -91.06 78.36
N ALA YE 74 -7.49 -92.00 78.15
CA ALA YE 74 -7.01 -92.35 76.82
C ALA YE 74 -7.60 -93.68 76.38
N CYS YE 75 -7.26 -94.09 75.17
CA CYS YE 75 -7.75 -95.35 74.62
C CYS YE 75 -6.77 -95.78 73.53
N THR YE 76 -5.89 -96.71 73.86
CA THR YE 76 -4.88 -97.18 72.93
C THR YE 76 -5.52 -97.80 71.70
N ALA YE 77 -5.35 -97.15 70.55
CA ALA YE 77 -5.88 -97.68 69.30
C ALA YE 77 -5.06 -98.88 68.84
N ASN YE 78 -5.70 -99.71 68.02
CA ASN YE 78 -5.00 -100.86 67.46
C ASN YE 78 -3.89 -100.38 66.54
N GLY YE 79 -2.67 -100.84 66.82
CA GLY YE 79 -1.50 -100.44 66.07
C GLY YE 79 -0.80 -99.21 66.59
N SER YE 80 -1.39 -98.51 67.57
CA SER YE 80 -0.77 -97.35 68.18
C SER YE 80 -0.12 -97.76 69.49
N CYS YE 81 1.18 -97.49 69.61
CA CYS YE 81 1.93 -97.77 70.83
C CYS YE 81 1.92 -96.61 71.81
N ASP YE 82 0.87 -95.79 71.78
CA ASP YE 82 0.82 -94.54 72.53
C ASP YE 82 -0.59 -94.31 73.08
N PRO YE 83 -0.76 -94.25 74.40
CA PRO YE 83 -2.12 -94.08 74.95
C PRO YE 83 -2.65 -92.67 74.76
N SER YE 84 -3.07 -92.34 73.54
CA SER YE 84 -3.51 -90.99 73.22
C SER YE 84 -4.70 -90.59 74.08
N VAL YE 85 -4.61 -89.41 74.68
CA VAL YE 85 -5.72 -88.89 75.48
C VAL YE 85 -6.89 -88.57 74.56
N THR YE 86 -7.89 -89.43 74.55
CA THR YE 86 -9.07 -89.22 73.73
C THR YE 86 -10.21 -88.56 74.48
N ARG YE 87 -10.05 -88.32 75.78
CA ARG YE 87 -11.16 -87.84 76.59
C ARG YE 87 -10.63 -86.93 77.67
N GLN YE 88 -11.41 -85.91 78.03
CA GLN YE 88 -10.97 -85.04 79.09
C GLN YE 88 -12.14 -84.30 79.70
N ALA YE 89 -12.21 -84.29 81.02
CA ALA YE 89 -13.28 -83.63 81.76
C ALA YE 89 -12.70 -82.46 82.56
N TYR YE 90 -13.35 -81.31 82.46
CA TYR YE 90 -12.97 -80.10 83.16
C TYR YE 90 -13.98 -79.76 84.24
N ALA YE 91 -13.46 -79.24 85.36
CA ALA YE 91 -14.29 -78.69 86.42
C ALA YE 91 -13.61 -77.43 86.94
N ASP YE 92 -14.19 -76.27 86.65
CA ASP YE 92 -13.62 -74.99 87.06
C ASP YE 92 -14.55 -74.33 88.08
N VAL YE 93 -14.00 -74.06 89.26
CA VAL YE 93 -14.71 -73.31 90.30
C VAL YE 93 -14.02 -71.97 90.47
N THR YE 94 -14.83 -70.93 90.61
CA THR YE 94 -14.31 -69.57 90.74
C THR YE 94 -15.01 -68.91 91.92
N PHE YE 95 -14.23 -68.60 92.97
CA PHE YE 95 -14.70 -67.85 94.12
C PHE YE 95 -14.31 -66.39 93.98
N SER YE 96 -15.26 -65.50 94.25
CA SER YE 96 -15.00 -64.07 94.24
C SER YE 96 -15.56 -63.46 95.52
N PHE YE 97 -14.73 -62.69 96.21
CA PHE YE 97 -15.12 -62.00 97.43
C PHE YE 97 -14.63 -60.56 97.38
N THR YE 98 -15.22 -59.75 98.23
CA THR YE 98 -14.87 -58.34 98.34
C THR YE 98 -13.64 -58.18 99.21
N GLN YE 99 -13.07 -56.97 99.16
CA GLN YE 99 -11.90 -56.65 99.95
C GLN YE 99 -12.20 -56.62 101.44
N TYR YE 100 -13.47 -56.55 101.83
CA TYR YE 100 -13.83 -56.60 103.24
C TYR YE 100 -14.56 -57.88 103.60
N SER YE 101 -14.62 -58.84 102.69
CA SER YE 101 -15.23 -60.12 103.00
C SER YE 101 -14.56 -60.69 104.25
N THR YE 102 -15.23 -61.65 104.88
CA THR YE 102 -14.75 -62.23 106.12
C THR YE 102 -14.67 -63.75 106.02
N ASP YE 103 -13.81 -64.31 106.86
CA ASP YE 103 -13.57 -65.74 106.86
C ASP YE 103 -14.86 -66.51 107.07
N GLU YE 104 -15.79 -65.94 107.85
CA GLU YE 104 -17.02 -66.65 108.17
C GLU YE 104 -17.83 -66.88 106.90
N GLU YE 105 -18.14 -65.79 106.20
CA GLU YE 105 -18.90 -65.90 104.97
C GLU YE 105 -18.17 -66.72 103.93
N ARG YE 106 -16.85 -66.56 103.84
CA ARG YE 106 -16.10 -67.37 102.88
C ARG YE 106 -16.27 -68.85 103.18
N ALA YE 107 -16.17 -69.23 104.46
CA ALA YE 107 -16.38 -70.61 104.85
C ALA YE 107 -17.79 -71.06 104.55
N PHE YE 108 -18.79 -70.21 104.84
CA PHE YE 108 -20.14 -70.56 104.44
C PHE YE 108 -20.20 -70.88 102.96
N VAL YE 109 -19.62 -70.01 102.14
CA VAL YE 109 -19.69 -70.23 100.70
C VAL YE 109 -19.06 -71.56 100.35
N ARG YE 110 -17.89 -71.82 100.94
CA ARG YE 110 -17.20 -73.07 100.73
C ARG YE 110 -18.11 -74.25 101.06
N THR YE 111 -18.68 -74.22 102.25
CA THR YE 111 -19.50 -75.33 102.68
C THR YE 111 -20.77 -75.45 101.84
N GLU YE 112 -21.33 -74.32 101.39
CA GLU YE 112 -22.53 -74.38 100.56
C GLU YE 112 -22.22 -75.12 99.29
N LEU YE 113 -21.15 -74.73 98.62
CA LEU YE 113 -20.79 -75.43 97.39
C LEU YE 113 -20.62 -76.91 97.69
N ALA YE 114 -19.98 -77.22 98.82
CA ALA YE 114 -19.78 -78.63 99.16
C ALA YE 114 -21.11 -79.35 99.27
N ALA YE 115 -22.02 -78.81 100.06
CA ALA YE 115 -23.28 -79.50 100.31
C ALA YE 115 -24.11 -79.60 99.05
N LEU YE 116 -24.07 -78.57 98.20
CA LEU YE 116 -24.81 -78.65 96.96
C LEU YE 116 -24.24 -79.74 96.07
N LEU YE 117 -22.91 -79.81 95.98
CA LEU YE 117 -22.28 -80.87 95.21
C LEU YE 117 -22.61 -82.23 95.77
N ALA YE 118 -22.98 -82.32 97.05
CA ALA YE 118 -23.43 -83.56 97.65
C ALA YE 118 -24.92 -83.81 97.48
N SER YE 119 -25.72 -82.78 97.30
CA SER YE 119 -27.16 -82.93 97.35
C SER YE 119 -27.68 -83.70 96.16
N PRO YE 120 -28.91 -84.18 96.23
CA PRO YE 120 -29.49 -84.89 95.10
C PRO YE 120 -29.57 -84.05 93.84
N LEU YE 121 -29.80 -82.75 93.96
CA LEU YE 121 -30.03 -81.92 92.79
C LEU YE 121 -28.86 -81.94 91.85
N LEU YE 122 -27.75 -81.38 92.31
CA LEU YE 122 -26.56 -81.36 91.46
C LEU YE 122 -26.19 -82.77 91.08
N ILE YE 123 -26.41 -83.74 91.97
CA ILE YE 123 -26.15 -85.13 91.64
C ILE YE 123 -26.80 -85.48 90.30
N ASP YE 124 -28.12 -85.36 90.21
CA ASP YE 124 -28.76 -85.80 88.99
C ASP YE 124 -28.55 -84.83 87.83
N ALA YE 125 -28.27 -83.57 88.12
CA ALA YE 125 -28.02 -82.63 87.03
C ALA YE 125 -26.66 -82.83 86.42
N ILE YE 126 -25.72 -83.40 87.18
CA ILE YE 126 -24.33 -83.50 86.78
C ILE YE 126 -23.98 -84.92 86.37
N ASP YE 127 -24.52 -85.91 87.07
CA ASP YE 127 -24.25 -87.29 86.71
C ASP YE 127 -25.06 -87.69 85.49
N GLN YE 128 -26.32 -87.28 85.43
CA GLN YE 128 -27.21 -87.72 84.37
C GLN YE 128 -27.51 -86.65 83.32
N LEU YE 129 -26.81 -85.52 83.33
CA LEU YE 129 -27.18 -84.41 82.46
C LEU YE 129 -28.67 -84.13 82.56
N ASN YE 130 -29.18 -84.00 83.76
CA ASN YE 130 -30.62 -83.80 83.86
C ASN YE 130 -30.90 -82.35 84.18
N PRO YE 131 -31.39 -81.56 83.21
CA PRO YE 131 -31.75 -80.17 83.52
C PRO YE 131 -32.74 -80.11 84.67
N ALA YE 132 -32.54 -79.15 85.54
CA ALA YE 132 -33.36 -79.03 86.73
C ALA YE 132 -34.63 -78.26 86.39
N TYR YE 133 -35.77 -78.83 86.77
CA TYR YE 133 -37.08 -78.18 86.65
C TYR YE 133 -38.07 -78.70 87.66
N ALA ZE 2 -65.33 -104.07 46.09
CA ALA ZE 2 -65.23 -103.74 44.64
C ALA ZE 2 -64.12 -104.53 43.98
N LYS ZE 3 -64.11 -105.84 44.19
CA LYS ZE 3 -63.10 -106.66 43.56
C LYS ZE 3 -63.29 -106.67 42.05
N LEU ZE 4 -62.18 -106.78 41.34
CA LEU ZE 4 -62.15 -106.79 39.89
C LEU ZE 4 -62.08 -108.22 39.37
N GLU ZE 5 -62.92 -108.56 38.42
CA GLU ZE 5 -62.95 -109.91 37.89
C GLU ZE 5 -63.77 -109.91 36.61
N THR ZE 6 -64.07 -111.11 36.11
CA THR ZE 6 -64.84 -111.25 34.89
C THR ZE 6 -66.29 -110.91 35.15
N VAL ZE 7 -66.86 -110.04 34.33
CA VAL ZE 7 -68.23 -109.58 34.47
C VAL ZE 7 -68.99 -110.09 33.25
N THR ZE 8 -70.08 -110.81 33.51
CA THR ZE 8 -70.85 -111.47 32.46
C THR ZE 8 -72.19 -110.73 32.34
N LEU ZE 9 -72.33 -109.98 31.26
CA LEU ZE 9 -73.44 -109.05 31.11
C LEU ZE 9 -74.42 -109.67 30.13
N GLY ZE 10 -75.52 -110.21 30.65
CA GLY ZE 10 -76.42 -110.96 29.80
C GLY ZE 10 -77.66 -110.17 29.46
N ASN ZE 11 -78.41 -110.65 28.48
CA ASN ZE 11 -79.71 -110.08 28.18
C ASN ZE 11 -79.55 -108.63 27.71
N ILE ZE 12 -78.81 -108.48 26.62
CA ILE ZE 12 -78.35 -107.18 26.16
C ILE ZE 12 -78.68 -107.03 24.67
N GLY ZE 13 -78.89 -105.78 24.27
CA GLY ZE 13 -79.24 -105.46 22.91
C GLY ZE 13 -80.72 -105.13 22.79
N LYS ZE 14 -81.14 -104.97 21.53
CA LYS ZE 14 -82.52 -104.59 21.28
C LYS ZE 14 -83.46 -105.69 21.76
N ASP ZE 15 -83.17 -106.92 21.37
CA ASP ZE 15 -83.92 -108.07 21.83
C ASP ZE 15 -83.45 -108.60 23.16
N GLY ZE 16 -82.36 -108.05 23.69
CA GLY ZE 16 -81.83 -108.58 24.93
C GLY ZE 16 -81.44 -110.03 24.78
N LYS ZE 17 -80.71 -110.34 23.72
CA LYS ZE 17 -80.24 -111.69 23.48
C LYS ZE 17 -78.73 -111.84 23.56
N GLN ZE 18 -77.98 -110.77 23.34
CA GLN ZE 18 -76.54 -110.85 23.27
C GLN ZE 18 -75.94 -110.80 24.68
N THR ZE 19 -74.68 -111.22 24.78
CA THR ZE 19 -73.98 -111.29 26.05
C THR ZE 19 -72.59 -110.69 25.88
N LEU ZE 20 -72.09 -110.07 26.95
CA LEU ZE 20 -70.81 -109.38 26.94
C LEU ZE 20 -69.96 -109.88 28.09
N VAL ZE 21 -68.81 -110.46 27.77
CA VAL ZE 21 -67.87 -110.96 28.76
C VAL ZE 21 -66.76 -109.95 28.87
N LEU ZE 22 -66.63 -109.32 30.03
CA LEU ZE 22 -65.67 -108.26 30.24
C LEU ZE 22 -64.66 -108.68 31.29
N ASN ZE 23 -63.42 -108.86 30.88
CA ASN ZE 23 -62.40 -109.26 31.82
C ASN ZE 23 -61.61 -108.03 32.29
N PRO ZE 24 -60.98 -108.14 33.45
CA PRO ZE 24 -60.47 -106.95 34.13
C PRO ZE 24 -59.15 -106.47 33.54
N ARG ZE 25 -58.73 -105.31 34.02
CA ARG ZE 25 -57.61 -104.56 33.52
C ARG ZE 25 -56.71 -104.31 34.72
N GLY ZE 26 -55.68 -103.48 34.56
CA GLY ZE 26 -54.94 -102.92 35.67
C GLY ZE 26 -55.45 -101.53 35.99
N VAL ZE 27 -55.41 -101.16 37.26
CA VAL ZE 27 -55.92 -99.87 37.70
C VAL ZE 27 -54.91 -98.79 37.31
N ASN ZE 28 -55.39 -97.76 36.64
CA ASN ZE 28 -54.51 -96.66 36.27
C ASN ZE 28 -53.94 -96.03 37.53
N PRO ZE 29 -52.62 -95.97 37.68
CA PRO ZE 29 -52.06 -95.39 38.91
C PRO ZE 29 -52.12 -93.88 38.93
N THR ZE 30 -52.04 -93.24 37.78
CA THR ZE 30 -52.05 -91.78 37.75
C THR ZE 30 -53.31 -91.21 38.34
N ASN ZE 31 -54.43 -91.92 38.27
CA ASN ZE 31 -55.68 -91.38 38.78
C ASN ZE 31 -56.56 -92.41 39.47
N GLY ZE 32 -56.12 -93.65 39.61
CA GLY ZE 32 -56.96 -94.65 40.23
C GLY ZE 32 -58.23 -94.91 39.46
N VAL ZE 33 -58.11 -95.52 38.28
CA VAL ZE 33 -59.26 -95.92 37.49
C VAL ZE 33 -59.08 -97.38 37.09
N ALA ZE 34 -59.99 -98.23 37.51
CA ALA ZE 34 -59.96 -99.61 37.07
C ALA ZE 34 -60.69 -99.71 35.73
N SER ZE 35 -60.47 -100.81 35.03
CA SER ZE 35 -61.03 -100.94 33.71
C SER ZE 35 -61.35 -102.38 33.38
N LEU ZE 36 -62.27 -102.55 32.44
CA LEU ZE 36 -62.70 -103.83 31.92
C LEU ZE 36 -62.68 -103.73 30.42
N SER ZE 37 -62.44 -104.87 29.76
CA SER ZE 37 -62.51 -104.86 28.31
C SER ZE 37 -62.93 -106.24 27.83
N GLN ZE 38 -63.37 -106.27 26.56
CA GLN ZE 38 -64.00 -107.47 26.02
C GLN ZE 38 -63.09 -108.66 26.27
N ALA ZE 39 -63.66 -109.87 26.29
CA ALA ZE 39 -62.87 -111.06 26.56
C ALA ZE 39 -61.61 -111.13 25.71
N GLY ZE 40 -61.61 -110.47 24.55
CA GLY ZE 40 -60.49 -110.48 23.65
C GLY ZE 40 -60.81 -111.21 22.35
N ALA ZE 41 -59.79 -111.38 21.52
CA ALA ZE 41 -58.43 -110.90 21.84
C ALA ZE 41 -58.30 -109.41 21.56
N VAL ZE 42 -58.38 -109.03 20.29
CA VAL ZE 42 -58.27 -107.60 19.96
C VAL ZE 42 -59.39 -106.83 20.58
N PRO ZE 43 -60.66 -107.25 20.53
CA PRO ZE 43 -61.73 -106.45 21.13
C PRO ZE 43 -61.43 -106.00 22.55
N ALA ZE 44 -60.49 -106.64 23.25
CA ALA ZE 44 -60.06 -106.13 24.53
C ALA ZE 44 -59.38 -104.78 24.39
N LEU ZE 45 -58.77 -104.50 23.23
CA LEU ZE 45 -58.19 -103.20 22.94
C LEU ZE 45 -59.14 -102.29 22.18
N GLU ZE 46 -60.41 -102.65 22.06
CA GLU ZE 46 -61.40 -101.75 21.46
C GLU ZE 46 -62.49 -101.39 22.44
N LYS ZE 47 -63.20 -102.38 22.99
CA LYS ZE 47 -64.26 -102.09 23.95
C LYS ZE 47 -63.66 -101.85 25.33
N ARG ZE 48 -64.18 -100.83 26.02
CA ARG ZE 48 -63.61 -100.39 27.29
C ARG ZE 48 -64.69 -99.97 28.26
N VAL ZE 49 -64.43 -100.20 29.54
CA VAL ZE 49 -65.33 -99.82 30.62
C VAL ZE 49 -64.47 -99.38 31.79
N THR ZE 50 -64.46 -98.09 32.08
CA THR ZE 50 -63.62 -97.53 33.13
C THR ZE 50 -64.46 -97.10 34.32
N VAL ZE 51 -63.96 -97.39 35.52
CA VAL ZE 51 -64.64 -97.07 36.76
C VAL ZE 51 -63.66 -96.37 37.69
N SER ZE 52 -64.11 -95.28 38.30
CA SER ZE 52 -63.29 -94.51 39.22
C SER ZE 52 -64.11 -94.07 40.41
N VAL ZE 53 -63.50 -94.13 41.60
CA VAL ZE 53 -64.09 -93.62 42.83
C VAL ZE 53 -63.18 -92.50 43.30
N SER ZE 54 -63.75 -91.31 43.46
CA SER ZE 54 -62.99 -90.15 43.91
C SER ZE 54 -63.47 -89.78 45.30
N GLN ZE 55 -62.57 -89.87 46.27
CA GLN ZE 55 -62.87 -89.52 47.65
C GLN ZE 55 -62.93 -88.02 47.81
N PRO ZE 56 -63.57 -87.52 48.87
CA PRO ZE 56 -63.61 -86.08 49.09
C PRO ZE 56 -62.20 -85.51 49.19
N SER ZE 57 -62.08 -84.26 48.80
CA SER ZE 57 -60.78 -83.61 48.69
C SER ZE 57 -60.98 -82.11 48.87
N ARG ZE 58 -59.96 -81.34 48.48
CA ARG ZE 58 -60.12 -79.89 48.46
C ARG ZE 58 -61.09 -79.48 47.36
N ASN ZE 59 -61.10 -80.18 46.23
CA ASN ZE 59 -62.08 -79.97 45.18
C ASN ZE 59 -63.34 -80.79 45.41
N ARG ZE 60 -63.20 -82.05 45.84
CA ARG ZE 60 -64.33 -82.95 46.05
C ARG ZE 60 -64.80 -82.91 47.49
N LYS ZE 61 -66.10 -83.12 47.70
CA LYS ZE 61 -66.68 -82.86 49.02
C LYS ZE 61 -67.42 -84.00 49.73
N ASN ZE 62 -68.49 -84.60 49.20
CA ASN ZE 62 -68.88 -84.89 47.81
C ASN ZE 62 -67.96 -85.91 47.12
N TYR ZE 63 -68.12 -87.15 47.57
CA TYR ZE 63 -67.64 -88.30 46.84
C TYR ZE 63 -68.18 -88.30 45.42
N LYS ZE 64 -67.37 -88.81 44.49
CA LYS ZE 64 -67.77 -88.93 43.10
C LYS ZE 64 -67.51 -90.34 42.60
N VAL ZE 65 -68.35 -90.80 41.68
CA VAL ZE 65 -68.17 -92.08 41.02
C VAL ZE 65 -68.31 -91.84 39.53
N GLN ZE 66 -67.27 -92.18 38.77
CA GLN ZE 66 -67.26 -92.06 37.33
C GLN ZE 66 -67.31 -93.44 36.69
N VAL ZE 67 -68.15 -93.57 35.67
CA VAL ZE 67 -68.22 -94.79 34.89
C VAL ZE 67 -68.27 -94.37 33.43
N LYS ZE 68 -67.22 -94.69 32.69
CA LYS ZE 68 -67.16 -94.37 31.27
C LYS ZE 68 -67.19 -95.65 30.46
N ILE ZE 69 -68.22 -95.78 29.64
CA ILE ZE 69 -68.38 -96.91 28.74
C ILE ZE 69 -68.01 -96.43 27.34
N GLN ZE 70 -67.22 -97.24 26.63
CA GLN ZE 70 -66.70 -96.85 25.32
C GLN ZE 70 -66.72 -98.07 24.40
N ASN ZE 71 -67.39 -97.94 23.26
CA ASN ZE 71 -67.50 -99.01 22.28
C ASN ZE 71 -67.17 -98.44 20.91
N PRO ZE 72 -66.01 -98.71 20.36
CA PRO ZE 72 -65.73 -98.29 18.99
C PRO ZE 72 -66.11 -99.35 17.96
N THR ZE 73 -66.97 -98.99 17.01
CA THR ZE 73 -67.29 -99.88 15.91
C THR ZE 73 -66.26 -99.71 14.80
N ALA ZE 74 -65.74 -100.83 14.31
CA ALA ZE 74 -64.71 -100.83 13.28
C ALA ZE 74 -65.12 -101.74 12.14
N CYS ZE 75 -64.40 -101.60 11.03
CA CYS ZE 75 -64.66 -102.41 9.85
C CYS ZE 75 -63.37 -102.51 9.06
N THR ZE 76 -63.34 -103.48 8.15
CA THR ZE 76 -62.19 -103.71 7.28
C THR ZE 76 -62.58 -103.42 5.84
N ALA ZE 77 -61.86 -102.49 5.23
CA ALA ZE 77 -62.10 -102.17 3.83
C ALA ZE 77 -61.87 -103.41 2.97
N ASN ZE 78 -62.65 -103.53 1.91
CA ASN ZE 78 -62.57 -104.73 1.10
C ASN ZE 78 -61.26 -104.69 0.31
N GLY ZE 79 -60.20 -105.19 0.94
CA GLY ZE 79 -58.88 -105.12 0.35
C GLY ZE 79 -57.77 -104.93 1.37
N SER ZE 80 -58.08 -104.32 2.51
CA SER ZE 80 -57.07 -104.18 3.56
C SER ZE 80 -57.15 -105.36 4.52
N CYS ZE 81 -56.42 -105.28 5.64
CA CYS ZE 81 -56.41 -106.35 6.61
C CYS ZE 81 -56.97 -105.92 7.96
N ASP ZE 82 -56.30 -104.93 8.55
CA ASP ZE 82 -56.55 -104.58 9.92
C ASP ZE 82 -57.80 -103.72 10.01
N PRO ZE 83 -58.78 -104.05 10.85
CA PRO ZE 83 -59.96 -103.21 10.96
C PRO ZE 83 -59.58 -101.83 11.47
N SER ZE 84 -60.20 -100.82 10.85
CA SER ZE 84 -60.09 -99.45 11.32
C SER ZE 84 -61.42 -99.03 11.92
N VAL ZE 85 -61.36 -98.23 12.98
CA VAL ZE 85 -62.57 -97.80 13.66
C VAL ZE 85 -63.23 -96.71 12.84
N THR ZE 86 -64.51 -96.90 12.52
CA THR ZE 86 -65.27 -95.90 11.81
C THR ZE 86 -66.27 -95.17 12.68
N ARG ZE 87 -66.69 -95.77 13.79
CA ARG ZE 87 -67.60 -95.12 14.71
C ARG ZE 87 -67.08 -95.32 16.12
N GLN ZE 88 -67.49 -94.43 17.02
CA GLN ZE 88 -67.06 -94.52 18.42
C GLN ZE 88 -68.21 -94.04 19.28
N ALA ZE 89 -68.96 -94.95 19.88
CA ALA ZE 89 -69.99 -94.59 20.82
C ALA ZE 89 -69.41 -94.61 22.23
N TYR ZE 90 -69.90 -93.71 23.07
CA TYR ZE 90 -69.50 -93.80 24.47
C TYR ZE 90 -70.38 -92.90 25.32
N ALA ZE 91 -70.51 -93.29 26.58
CA ALA ZE 91 -71.35 -92.61 27.54
C ALA ZE 91 -70.66 -92.58 28.89
N ASP ZE 92 -71.10 -91.65 29.74
CA ASP ZE 92 -70.45 -91.44 31.04
C ASP ZE 92 -71.51 -91.19 32.09
N VAL ZE 93 -71.48 -91.97 33.14
CA VAL ZE 93 -72.30 -91.78 34.31
C VAL ZE 93 -71.44 -91.16 35.39
N THR ZE 94 -71.96 -90.14 36.04
CA THR ZE 94 -71.25 -89.50 37.16
C THR ZE 94 -72.23 -89.35 38.32
N PHE ZE 95 -71.95 -90.08 39.39
CA PHE ZE 95 -72.72 -89.98 40.62
C PHE ZE 95 -71.98 -89.09 41.61
N SER ZE 96 -72.72 -88.19 42.26
CA SER ZE 96 -72.15 -87.31 43.27
C SER ZE 96 -72.93 -87.52 44.55
N PHE ZE 97 -72.25 -88.01 45.58
CA PHE ZE 97 -72.86 -88.20 46.88
C PHE ZE 97 -72.18 -87.32 47.89
N THR ZE 98 -72.93 -86.97 48.93
CA THR ZE 98 -72.41 -86.12 49.98
C THR ZE 98 -71.73 -86.95 51.06
N GLN ZE 99 -70.92 -86.26 51.85
CA GLN ZE 99 -70.16 -86.89 52.92
C GLN ZE 99 -71.09 -87.66 53.86
N TYR ZE 100 -72.31 -87.17 54.04
CA TYR ZE 100 -73.30 -87.79 54.90
C TYR ZE 100 -74.22 -88.76 54.18
N SER ZE 101 -73.93 -89.10 52.93
CA SER ZE 101 -74.80 -89.98 52.19
C SER ZE 101 -75.03 -91.29 52.92
N THR ZE 102 -76.10 -91.98 52.54
CA THR ZE 102 -76.47 -93.27 53.11
C THR ZE 102 -76.56 -94.30 52.00
N ASP ZE 103 -75.95 -95.46 52.24
CA ASP ZE 103 -75.91 -96.48 51.19
C ASP ZE 103 -77.32 -96.79 50.70
N GLU ZE 104 -78.32 -96.64 51.56
CA GLU ZE 104 -79.68 -96.83 51.11
C GLU ZE 104 -80.01 -95.87 49.97
N GLU ZE 105 -79.75 -94.58 50.19
CA GLU ZE 105 -80.02 -93.61 49.14
C GLU ZE 105 -79.17 -93.88 47.91
N ARG ZE 106 -77.90 -94.23 48.14
CA ARG ZE 106 -77.00 -94.57 47.05
C ARG ZE 106 -77.57 -95.69 46.18
N ALA ZE 107 -77.96 -96.80 46.80
CA ALA ZE 107 -78.54 -97.90 46.04
C ALA ZE 107 -79.83 -97.47 45.37
N PHE ZE 108 -80.63 -96.65 46.06
CA PHE ZE 108 -81.88 -96.25 45.47
C PHE ZE 108 -81.64 -95.50 44.18
N VAL ZE 109 -80.70 -94.55 44.22
CA VAL ZE 109 -80.35 -93.76 43.04
C VAL ZE 109 -79.86 -94.68 41.94
N ARG ZE 110 -79.02 -95.64 42.31
CA ARG ZE 110 -78.47 -96.58 41.36
C ARG ZE 110 -79.58 -97.32 40.62
N THR ZE 111 -80.35 -98.11 41.37
CA THR ZE 111 -81.41 -98.87 40.76
C THR ZE 111 -82.40 -97.96 40.05
N GLU ZE 112 -82.49 -96.71 40.50
CA GLU ZE 112 -83.40 -95.77 39.86
C GLU ZE 112 -82.91 -95.43 38.47
N LEU ZE 113 -81.63 -95.11 38.34
CA LEU ZE 113 -81.07 -94.93 37.01
C LEU ZE 113 -81.28 -96.18 36.17
N ALA ZE 114 -81.13 -97.35 36.78
CA ALA ZE 114 -81.23 -98.59 36.00
C ALA ZE 114 -82.62 -98.75 35.42
N ALA ZE 115 -83.64 -98.63 36.26
CA ALA ZE 115 -84.99 -98.87 35.77
C ALA ZE 115 -85.46 -97.73 34.89
N LEU ZE 116 -84.90 -96.52 35.07
CA LEU ZE 116 -85.09 -95.49 34.06
C LEU ZE 116 -84.54 -95.95 32.72
N LEU ZE 117 -83.30 -96.42 32.71
CA LEU ZE 117 -82.71 -96.91 31.48
C LEU ZE 117 -83.57 -97.98 30.85
N ALA ZE 118 -84.19 -98.82 31.66
CA ALA ZE 118 -85.07 -99.86 31.15
C ALA ZE 118 -86.45 -99.34 30.77
N SER ZE 119 -86.79 -98.12 31.14
CA SER ZE 119 -88.09 -97.56 30.87
C SER ZE 119 -88.31 -97.29 29.38
N PRO ZE 120 -89.56 -97.31 28.93
CA PRO ZE 120 -89.84 -96.94 27.54
C PRO ZE 120 -89.27 -95.59 27.18
N LEU ZE 121 -89.34 -94.63 28.09
CA LEU ZE 121 -88.87 -93.30 27.78
C LEU ZE 121 -87.42 -93.29 27.33
N LEU ZE 122 -86.54 -93.85 28.14
CA LEU ZE 122 -85.13 -93.78 27.83
C LEU ZE 122 -84.81 -94.56 26.58
N ILE ZE 123 -85.38 -95.76 26.43
CA ILE ZE 123 -85.07 -96.56 25.27
C ILE ZE 123 -85.50 -95.81 24.02
N ASP ZE 124 -86.64 -95.14 24.06
CA ASP ZE 124 -87.10 -94.39 22.90
C ASP ZE 124 -86.20 -93.20 22.64
N ALA ZE 125 -85.82 -92.47 23.69
CA ALA ZE 125 -85.04 -91.27 23.52
C ALA ZE 125 -83.60 -91.56 23.17
N ILE ZE 126 -83.17 -92.80 23.32
CA ILE ZE 126 -81.79 -93.18 23.03
C ILE ZE 126 -81.74 -93.93 21.71
N ASP ZE 127 -82.39 -95.07 21.66
CA ASP ZE 127 -82.28 -95.96 20.51
C ASP ZE 127 -82.69 -95.23 19.24
N GLN ZE 128 -83.75 -94.44 19.32
CA GLN ZE 128 -84.21 -93.65 18.19
C GLN ZE 128 -83.87 -92.17 18.33
N LEU ZE 129 -83.25 -91.76 19.42
CA LEU ZE 129 -82.90 -90.36 19.65
C LEU ZE 129 -84.12 -89.47 19.49
N ASN ZE 130 -85.23 -89.88 20.08
CA ASN ZE 130 -86.47 -89.13 19.92
C ASN ZE 130 -86.73 -88.32 21.17
N PRO ZE 131 -86.70 -86.99 21.11
CA PRO ZE 131 -87.02 -86.20 22.30
C PRO ZE 131 -88.45 -86.45 22.75
N ALA ZE 132 -88.67 -86.29 24.05
CA ALA ZE 132 -89.97 -86.63 24.63
C ALA ZE 132 -90.95 -85.53 24.29
N TYR ZE 133 -91.84 -85.82 23.35
CA TYR ZE 133 -92.88 -84.89 22.95
C TYR ZE 133 -94.02 -85.67 22.36
N ALA AF 2 -48.41 -108.40 53.80
CA ALA AF 2 -49.27 -107.38 54.47
C ALA AF 2 -50.66 -107.40 53.87
N LYS AF 3 -51.16 -108.60 53.62
CA LYS AF 3 -52.43 -108.77 52.95
C LYS AF 3 -53.51 -107.99 53.70
N LEU AF 4 -54.31 -107.21 52.97
CA LEU AF 4 -55.43 -106.55 53.62
C LEU AF 4 -56.39 -107.61 54.16
N GLU AF 5 -57.02 -107.30 55.28
CA GLU AF 5 -57.86 -108.27 55.94
C GLU AF 5 -58.64 -107.59 57.05
N THR AF 6 -59.71 -108.25 57.49
CA THR AF 6 -60.53 -107.73 58.57
C THR AF 6 -59.74 -107.70 59.87
N VAL AF 7 -59.37 -106.52 60.34
CA VAL AF 7 -58.54 -106.42 61.52
C VAL AF 7 -59.44 -106.35 62.75
N THR AF 8 -59.17 -107.22 63.72
CA THR AF 8 -59.98 -107.33 64.94
C THR AF 8 -59.12 -106.83 66.11
N LEU AF 9 -59.39 -105.60 66.52
CA LEU AF 9 -58.68 -105.00 67.64
C LEU AF 9 -59.37 -105.40 68.93
N GLY AF 10 -58.63 -105.96 69.87
CA GLY AF 10 -59.20 -106.51 71.08
C GLY AF 10 -59.59 -105.46 72.11
N ASN AF 11 -59.21 -105.68 73.37
CA ASN AF 11 -59.55 -104.74 74.42
C ASN AF 11 -59.06 -103.34 74.08
N ILE AF 12 -59.89 -102.35 74.36
CA ILE AF 12 -59.69 -100.98 73.91
C ILE AF 12 -60.42 -100.04 74.87
N GLY AF 13 -59.76 -98.96 75.28
CA GLY AF 13 -60.29 -97.97 76.22
C GLY AF 13 -59.56 -98.08 77.54
N LYS AF 14 -59.89 -97.19 78.49
CA LYS AF 14 -59.25 -97.36 79.79
C LYS AF 14 -59.59 -98.72 80.36
N ASP AF 15 -60.88 -98.99 80.46
CA ASP AF 15 -61.37 -100.22 81.01
C ASP AF 15 -60.91 -101.43 80.22
N GLY AF 16 -60.53 -101.24 78.96
CA GLY AF 16 -60.05 -102.34 78.17
C GLY AF 16 -61.06 -103.45 78.01
N LYS AF 17 -62.30 -103.12 77.67
CA LYS AF 17 -63.27 -104.13 77.28
C LYS AF 17 -63.97 -103.90 75.95
N GLN AF 18 -63.79 -102.77 75.28
CA GLN AF 18 -64.40 -102.61 73.97
C GLN AF 18 -63.51 -103.25 72.90
N THR AF 19 -64.07 -103.41 71.72
CA THR AF 19 -63.36 -104.03 70.62
C THR AF 19 -63.70 -103.30 69.33
N LEU AF 20 -62.80 -103.38 68.36
CA LEU AF 20 -62.98 -102.73 67.08
C LEU AF 20 -62.76 -103.75 65.96
N VAL AF 21 -63.44 -103.54 64.85
CA VAL AF 21 -63.36 -104.46 63.72
C VAL AF 21 -63.36 -103.62 62.46
N LEU AF 22 -62.20 -103.51 61.83
CA LEU AF 22 -62.02 -102.70 60.64
C LEU AF 22 -62.02 -103.59 59.42
N ASN AF 23 -62.99 -103.36 58.53
CA ASN AF 23 -63.07 -104.09 57.29
C ASN AF 23 -62.15 -103.46 56.26
N PRO AF 24 -61.50 -104.28 55.42
CA PRO AF 24 -60.60 -103.71 54.41
C PRO AF 24 -61.38 -103.03 53.31
N ARG AF 25 -61.16 -101.72 53.16
CA ARG AF 25 -61.81 -100.96 52.11
C ARG AF 25 -61.09 -101.14 50.78
N GLY AF 26 -59.87 -100.66 50.69
CA GLY AF 26 -59.15 -100.70 49.45
C GLY AF 26 -57.79 -100.07 49.59
N VAL AF 27 -57.20 -99.70 48.46
CA VAL AF 27 -55.85 -99.16 48.43
C VAL AF 27 -55.81 -98.06 47.38
N ASN AF 28 -55.81 -96.81 47.81
CA ASN AF 28 -55.68 -95.70 46.88
C ASN AF 28 -54.29 -95.74 46.23
N PRO AF 29 -54.20 -95.78 44.92
CA PRO AF 29 -52.88 -95.88 44.29
C PRO AF 29 -52.22 -94.53 44.10
N THR AF 30 -53.02 -93.46 44.08
CA THR AF 30 -52.44 -92.14 43.85
C THR AF 30 -51.38 -91.82 44.88
N ASN AF 31 -51.47 -92.43 46.05
CA ASN AF 31 -50.46 -92.27 47.09
C ASN AF 31 -50.05 -93.61 47.68
N GLY AF 32 -50.51 -94.73 47.11
CA GLY AF 32 -50.18 -96.03 47.66
C GLY AF 32 -50.52 -96.11 49.13
N VAL AF 33 -51.80 -96.03 49.45
CA VAL AF 33 -52.25 -95.98 50.84
C VAL AF 33 -53.40 -96.95 51.01
N ALA AF 34 -53.23 -97.92 51.91
CA ALA AF 34 -54.30 -98.84 52.23
C ALA AF 34 -55.22 -98.22 53.27
N SER AF 35 -56.51 -98.46 53.12
CA SER AF 35 -57.52 -97.88 53.99
C SER AF 35 -58.34 -98.97 54.66
N LEU AF 36 -58.61 -98.76 55.94
CA LEU AF 36 -59.48 -99.61 56.74
C LEU AF 36 -60.55 -98.74 57.37
N SER AF 37 -61.76 -99.29 57.50
CA SER AF 37 -62.84 -98.55 58.10
C SER AF 37 -63.74 -99.46 58.91
N GLN AF 38 -64.33 -98.89 59.95
CA GLN AF 38 -65.31 -99.64 60.72
C GLN AF 38 -66.53 -99.92 59.86
N ALA AF 39 -67.22 -101.01 60.17
CA ALA AF 39 -68.41 -101.36 59.42
C ALA AF 39 -69.51 -100.34 59.69
N GLY AF 40 -70.08 -99.79 58.63
CA GLY AF 40 -71.13 -98.81 58.78
C GLY AF 40 -71.85 -98.51 57.48
N ALA AF 41 -72.58 -97.39 57.44
CA ALA AF 41 -73.28 -96.98 56.23
C ALA AF 41 -72.86 -95.58 55.81
N VAL AF 42 -72.77 -94.66 56.76
CA VAL AF 42 -72.40 -93.29 56.46
C VAL AF 42 -70.89 -93.16 56.57
N PRO AF 43 -70.18 -92.87 55.49
CA PRO AF 43 -68.73 -92.69 55.63
C PRO AF 43 -68.39 -91.62 56.62
N ALA AF 44 -69.26 -90.64 56.78
CA ALA AF 44 -69.00 -89.50 57.64
C ALA AF 44 -68.75 -89.88 59.09
N LEU AF 45 -69.24 -91.01 59.54
CA LEU AF 45 -69.19 -91.36 60.94
C LEU AF 45 -68.64 -92.76 61.12
N GLU AF 46 -67.50 -93.01 60.49
CA GLU AF 46 -66.84 -94.31 60.58
C GLU AF 46 -65.39 -94.11 60.97
N LYS AF 47 -64.90 -95.00 61.84
CA LYS AF 47 -63.51 -94.93 62.28
C LYS AF 47 -62.63 -95.34 61.11
N ARG AF 48 -61.62 -94.53 60.81
CA ARG AF 48 -60.81 -94.69 59.62
C ARG AF 48 -59.35 -94.89 59.99
N VAL AF 49 -58.66 -95.72 59.21
CA VAL AF 49 -57.25 -95.98 59.39
C VAL AF 49 -56.57 -96.06 58.04
N THR AF 50 -55.37 -95.52 57.95
CA THR AF 50 -54.62 -95.46 56.70
C THR AF 50 -53.19 -95.90 56.96
N VAL AF 51 -52.68 -96.79 56.12
CA VAL AF 51 -51.32 -97.30 56.22
C VAL AF 51 -50.61 -97.02 54.92
N SER AF 52 -49.40 -96.46 55.01
CA SER AF 52 -48.65 -96.08 53.83
C SER AF 52 -47.18 -96.43 54.01
N VAL AF 53 -46.59 -96.97 52.94
CA VAL AF 53 -45.19 -97.37 52.91
C VAL AF 53 -44.55 -96.65 51.73
N SER AF 54 -43.81 -95.59 52.00
CA SER AF 54 -43.11 -94.85 50.96
C SER AF 54 -41.68 -95.35 50.83
N GLN AF 55 -41.33 -95.81 49.64
CA GLN AF 55 -40.01 -96.29 49.32
C GLN AF 55 -39.05 -95.11 49.21
N PRO AF 56 -37.74 -95.36 49.29
CA PRO AF 56 -36.79 -94.25 49.25
C PRO AF 56 -36.73 -93.69 47.83
N SER AF 57 -36.98 -92.40 47.71
CA SER AF 57 -36.94 -91.72 46.43
C SER AF 57 -35.53 -91.23 46.15
N ARG AF 58 -35.32 -90.73 44.94
CA ARG AF 58 -34.05 -90.11 44.62
C ARG AF 58 -33.88 -88.77 45.33
N ASN AF 59 -34.93 -88.27 45.99
CA ASN AF 59 -34.87 -87.02 46.73
C ASN AF 59 -35.05 -87.21 48.23
N ARG AF 60 -35.28 -88.44 48.68
CA ARG AF 60 -35.46 -88.70 50.11
C ARG AF 60 -34.42 -89.68 50.64
N LYS AF 61 -34.26 -90.81 49.95
CA LYS AF 61 -33.35 -91.86 50.38
C LYS AF 61 -33.63 -92.27 51.82
N ASN AF 62 -34.89 -92.64 52.06
CA ASN AF 62 -35.32 -93.01 53.40
C ASN AF 62 -36.64 -93.75 53.32
N TYR AF 63 -36.71 -94.90 53.97
CA TYR AF 63 -37.95 -95.65 54.07
C TYR AF 63 -38.88 -94.93 55.03
N LYS AF 64 -40.11 -94.66 54.59
CA LYS AF 64 -41.09 -93.95 55.41
C LYS AF 64 -42.33 -94.81 55.57
N VAL AF 65 -42.90 -94.82 56.76
CA VAL AF 65 -44.15 -95.50 57.00
C VAL AF 65 -45.05 -94.57 57.78
N GLN AF 66 -46.21 -94.26 57.23
CA GLN AF 66 -47.19 -93.44 57.93
C GLN AF 66 -48.39 -94.29 58.32
N VAL AF 67 -48.86 -94.08 59.55
CA VAL AF 67 -50.08 -94.70 60.05
C VAL AF 67 -50.96 -93.56 60.55
N LYS AF 68 -52.10 -93.37 59.92
CA LYS AF 68 -53.03 -92.32 60.31
C LYS AF 68 -54.31 -92.93 60.83
N ILE AF 69 -54.84 -92.35 61.90
CA ILE AF 69 -56.04 -92.83 62.58
C ILE AF 69 -56.99 -91.65 62.73
N GLN AF 70 -58.23 -91.83 62.32
CA GLN AF 70 -59.26 -90.80 62.42
C GLN AF 70 -60.47 -91.36 63.12
N ASN AF 71 -60.97 -90.62 64.11
CA ASN AF 71 -62.10 -91.03 64.94
C ASN AF 71 -63.07 -89.88 65.06
N PRO AF 72 -64.20 -89.89 64.35
CA PRO AF 72 -65.18 -88.84 64.53
C PRO AF 72 -66.23 -89.21 65.57
N THR AF 73 -66.87 -88.18 66.11
CA THR AF 73 -67.88 -88.36 67.13
C THR AF 73 -69.28 -88.18 66.55
N ALA AF 74 -70.24 -88.91 67.13
CA ALA AF 74 -71.59 -88.95 66.59
C ALA AF 74 -72.29 -87.61 66.72
N CYS AF 75 -72.50 -87.15 67.95
CA CYS AF 75 -73.31 -85.96 68.21
C CYS AF 75 -74.69 -86.10 67.57
N THR AF 76 -75.33 -87.24 67.83
CA THR AF 76 -76.66 -87.50 67.30
C THR AF 76 -77.68 -86.59 67.95
N ALA AF 77 -78.47 -85.89 67.13
CA ALA AF 77 -79.49 -84.97 67.59
C ALA AF 77 -80.79 -85.71 67.82
N ASN AF 78 -81.60 -85.18 68.75
CA ASN AF 78 -82.86 -85.81 69.11
C ASN AF 78 -83.84 -85.62 67.94
N GLY AF 79 -83.54 -86.36 66.87
CA GLY AF 79 -84.36 -86.38 65.68
C GLY AF 79 -83.87 -85.40 64.64
N SER AF 80 -84.79 -84.95 63.83
CA SER AF 80 -84.61 -83.84 62.89
C SER AF 80 -83.71 -84.18 61.71
N CYS AF 81 -82.81 -85.15 61.84
CA CYS AF 81 -82.07 -85.68 60.68
C CYS AF 81 -80.97 -86.59 61.25
N ASP AF 82 -80.19 -87.25 60.38
CA ASP AF 82 -79.13 -88.13 60.85
C ASP AF 82 -78.02 -87.35 61.54
N PRO AF 83 -77.14 -88.04 62.29
CA PRO AF 83 -76.14 -87.33 63.09
C PRO AF 83 -75.16 -86.53 62.24
N SER AF 84 -74.47 -85.60 62.90
CA SER AF 84 -73.47 -84.76 62.27
C SER AF 84 -72.17 -84.81 63.06
N VAL AF 85 -71.05 -84.74 62.35
CA VAL AF 85 -69.75 -84.85 62.97
C VAL AF 85 -69.42 -83.57 63.71
N THR AF 86 -68.96 -83.69 64.94
CA THR AF 86 -68.63 -82.55 65.79
C THR AF 86 -67.19 -82.55 66.28
N ARG AF 87 -66.66 -83.69 66.69
CA ARG AF 87 -65.28 -83.81 67.13
C ARG AF 87 -64.57 -84.89 66.32
N GLN AF 88 -63.27 -84.73 66.16
CA GLN AF 88 -62.49 -85.59 65.28
C GLN AF 88 -61.11 -85.76 65.90
N ALA AF 89 -60.85 -86.94 66.46
CA ALA AF 89 -59.55 -87.26 67.01
C ALA AF 89 -58.65 -87.80 65.91
N TYR AF 90 -57.46 -87.22 65.78
CA TYR AF 90 -56.49 -87.62 64.78
C TYR AF 90 -55.24 -88.14 65.48
N ALA AF 91 -54.67 -89.20 64.90
CA ALA AF 91 -53.42 -89.75 65.39
C ALA AF 91 -52.52 -90.09 64.21
N ASP AF 92 -51.23 -89.77 64.34
CA ASP AF 92 -50.29 -89.88 63.22
C ASP AF 92 -48.96 -90.44 63.70
N VAL AF 93 -48.66 -91.68 63.33
CA VAL AF 93 -47.36 -92.27 63.58
C VAL AF 93 -46.58 -92.26 62.28
N THR AF 94 -45.27 -92.08 62.38
CA THR AF 94 -44.43 -91.92 61.21
C THR AF 94 -43.06 -92.54 61.49
N PHE AF 95 -42.90 -93.79 61.10
CA PHE AF 95 -41.63 -94.47 61.25
C PHE AF 95 -40.70 -94.09 60.11
N SER AF 96 -39.43 -93.89 60.43
CA SER AF 96 -38.42 -93.51 59.45
C SER AF 96 -37.22 -94.42 59.62
N PHE AF 97 -36.71 -94.95 58.51
CA PHE AF 97 -35.59 -95.87 58.54
C PHE AF 97 -34.67 -95.60 57.36
N THR AF 98 -33.43 -96.05 57.47
CA THR AF 98 -32.48 -95.89 56.39
C THR AF 98 -32.36 -97.17 55.57
N GLN AF 99 -31.79 -97.02 54.37
CA GLN AF 99 -31.78 -98.11 53.42
C GLN AF 99 -31.09 -99.34 53.99
N TYR AF 100 -30.17 -99.14 54.92
CA TYR AF 100 -29.45 -100.24 55.54
C TYR AF 100 -30.09 -100.67 56.85
N SER AF 101 -31.41 -100.50 56.99
CA SER AF 101 -32.04 -100.81 58.24
C SER AF 101 -32.15 -102.31 58.46
N THR AF 102 -32.46 -102.67 59.70
CA THR AF 102 -32.62 -104.05 60.11
C THR AF 102 -34.05 -104.24 60.59
N ASP AF 103 -34.67 -105.34 60.17
CA ASP AF 103 -35.96 -105.70 60.73
C ASP AF 103 -35.83 -105.80 62.24
N GLU AF 104 -34.66 -106.21 62.72
CA GLU AF 104 -34.39 -106.16 64.15
C GLU AF 104 -34.80 -104.82 64.72
N GLU AF 105 -34.11 -103.75 64.29
CA GLU AF 105 -34.34 -102.44 64.85
C GLU AF 105 -35.77 -101.97 64.62
N ARG AF 106 -36.31 -102.22 63.44
CA ARG AF 106 -37.66 -101.73 63.18
C ARG AF 106 -38.65 -102.36 64.14
N ALA AF 107 -38.55 -103.68 64.34
CA ALA AF 107 -39.40 -104.35 65.32
C ALA AF 107 -39.15 -103.80 66.70
N PHE AF 108 -37.89 -103.54 67.03
CA PHE AF 108 -37.55 -103.02 68.34
C PHE AF 108 -38.24 -101.69 68.59
N VAL AF 109 -38.13 -100.79 67.62
CA VAL AF 109 -38.73 -99.47 67.77
C VAL AF 109 -40.24 -99.57 67.83
N ARG AF 110 -40.82 -100.42 66.97
CA ARG AF 110 -42.26 -100.61 66.99
C ARG AF 110 -42.75 -101.06 68.36
N THR AF 111 -42.11 -102.10 68.90
CA THR AF 111 -42.53 -102.61 70.20
C THR AF 111 -42.32 -101.55 71.28
N GLU AF 112 -41.21 -100.82 71.19
CA GLU AF 112 -40.98 -99.75 72.14
C GLU AF 112 -42.13 -98.77 72.12
N LEU AF 113 -42.55 -98.35 70.93
CA LEU AF 113 -43.63 -97.38 70.84
C LEU AF 113 -44.91 -97.94 71.42
N ALA AF 114 -45.21 -99.20 71.14
CA ALA AF 114 -46.42 -99.79 71.67
C ALA AF 114 -46.40 -99.80 73.18
N ALA AF 115 -45.33 -100.30 73.77
CA ALA AF 115 -45.28 -100.39 75.21
C ALA AF 115 -45.22 -99.01 75.85
N LEU AF 116 -44.66 -98.03 75.14
CA LEU AF 116 -44.69 -96.66 75.66
C LEU AF 116 -46.11 -96.13 75.69
N LEU AF 117 -46.86 -96.34 74.62
CA LEU AF 117 -48.25 -95.93 74.63
C LEU AF 117 -49.03 -96.65 75.71
N ALA AF 118 -48.57 -97.81 76.15
CA ALA AF 118 -49.17 -98.49 77.29
C ALA AF 118 -48.70 -97.97 78.64
N SER AF 119 -47.51 -97.41 78.71
CA SER AF 119 -46.91 -97.05 79.98
C SER AF 119 -47.66 -95.92 80.67
N PRO AF 120 -47.53 -95.80 82.00
CA PRO AF 120 -48.30 -94.78 82.72
C PRO AF 120 -48.07 -93.37 82.23
N LEU AF 121 -46.85 -93.06 81.80
CA LEU AF 121 -46.53 -91.70 81.39
C LEU AF 121 -47.49 -91.23 80.31
N LEU AF 122 -47.44 -91.87 79.15
CA LEU AF 122 -48.30 -91.44 78.06
C LEU AF 122 -49.76 -91.57 78.43
N ILE AF 123 -50.09 -92.46 79.35
CA ILE AF 123 -51.49 -92.60 79.73
C ILE AF 123 -52.05 -91.28 80.24
N ASP AF 124 -51.46 -90.73 81.30
CA ASP AF 124 -51.98 -89.46 81.79
C ASP AF 124 -51.60 -88.31 80.86
N ALA AF 125 -50.52 -88.47 80.10
CA ALA AF 125 -50.15 -87.44 79.14
C ALA AF 125 -51.23 -87.27 78.10
N ILE AF 126 -51.91 -88.35 77.72
CA ILE AF 126 -52.88 -88.30 76.63
C ILE AF 126 -54.27 -88.16 77.22
N ASP AF 127 -54.67 -89.13 78.04
CA ASP AF 127 -56.02 -89.13 78.58
C ASP AF 127 -56.30 -87.85 79.34
N GLN AF 128 -55.47 -87.55 80.32
CA GLN AF 128 -55.69 -86.38 81.15
C GLN AF 128 -55.06 -85.12 80.57
N LEU AF 129 -54.33 -85.24 79.46
CA LEU AF 129 -53.67 -84.10 78.83
C LEU AF 129 -52.72 -83.41 79.80
N ASN AF 130 -52.19 -84.14 80.77
CA ASN AF 130 -51.31 -83.54 81.75
C ASN AF 130 -49.91 -83.41 81.16
N PRO AF 131 -49.33 -82.21 81.11
CA PRO AF 131 -47.96 -82.09 80.60
C PRO AF 131 -47.00 -82.94 81.40
N ALA AF 132 -46.09 -83.61 80.69
CA ALA AF 132 -45.13 -84.48 81.33
C ALA AF 132 -44.33 -83.70 82.34
N TYR AF 133 -44.50 -84.04 83.62
CA TYR AF 133 -43.85 -83.31 84.68
C TYR AF 133 -44.09 -83.99 86.03
N ALA BF 2 -53.81 -107.54 36.60
CA ALA BF 2 -52.78 -108.36 37.30
C ALA BF 2 -52.69 -107.94 38.75
N LYS BF 3 -53.53 -108.54 39.60
CA LYS BF 3 -53.46 -108.22 41.01
C LYS BF 3 -52.09 -108.59 41.55
N LEU BF 4 -51.48 -107.67 42.28
CA LEU BF 4 -50.18 -107.91 42.89
C LEU BF 4 -50.33 -108.86 44.08
N GLU BF 5 -49.48 -109.87 44.12
CA GLU BF 5 -49.59 -110.89 45.14
C GLU BF 5 -48.20 -111.49 45.34
N THR BF 6 -48.02 -112.16 46.47
CA THR BF 6 -46.73 -112.75 46.78
C THR BF 6 -46.39 -113.81 45.73
N VAL BF 7 -45.32 -113.58 44.99
CA VAL BF 7 -44.90 -114.47 43.92
C VAL BF 7 -43.98 -115.53 44.49
N THR BF 8 -44.36 -116.79 44.35
CA THR BF 8 -43.57 -117.91 44.82
C THR BF 8 -42.96 -118.58 43.59
N LEU BF 9 -41.64 -118.68 43.57
CA LEU BF 9 -40.89 -118.90 42.35
C LEU BF 9 -39.95 -120.07 42.60
N GLY BF 10 -40.34 -121.26 42.12
CA GLY BF 10 -39.67 -122.49 42.48
C GLY BF 10 -38.81 -123.04 41.35
N ASN BF 11 -37.99 -124.03 41.72
CA ASN BF 11 -37.09 -124.68 40.78
C ASN BF 11 -36.27 -123.64 40.02
N ILE BF 12 -35.45 -122.92 40.78
CA ILE BF 12 -34.57 -121.90 40.24
C ILE BF 12 -33.15 -122.19 40.71
N GLY BF 13 -32.20 -121.59 40.01
CA GLY BF 13 -30.78 -121.78 40.30
C GLY BF 13 -30.13 -122.71 39.30
N LYS BF 14 -28.83 -122.94 39.54
CA LYS BF 14 -28.08 -123.81 38.64
C LYS BF 14 -28.65 -125.22 38.64
N ASP BF 15 -29.02 -125.71 39.81
CA ASP BF 15 -29.56 -127.05 39.97
C ASP BF 15 -31.09 -127.06 39.98
N GLY BF 16 -31.74 -125.92 39.98
CA GLY BF 16 -33.18 -125.88 40.04
C GLY BF 16 -33.70 -126.42 41.36
N LYS BF 17 -33.08 -126.02 42.46
CA LYS BF 17 -33.58 -126.39 43.78
C LYS BF 17 -34.03 -125.18 44.59
N GLN BF 18 -33.48 -124.01 44.35
CA GLN BF 18 -33.75 -122.85 45.17
C GLN BF 18 -35.18 -122.36 44.96
N THR BF 19 -35.65 -121.57 45.92
CA THR BF 19 -36.98 -120.97 45.85
C THR BF 19 -36.88 -119.49 46.19
N LEU BF 20 -37.76 -118.69 45.60
CA LEU BF 20 -37.75 -117.25 45.79
C LEU BF 20 -39.16 -116.77 46.10
N VAL BF 21 -39.30 -116.00 47.16
CA VAL BF 21 -40.60 -115.49 47.59
C VAL BF 21 -40.54 -113.99 47.50
N LEU BF 22 -41.29 -113.41 46.58
CA LEU BF 22 -41.25 -111.98 46.31
C LEU BF 22 -42.55 -111.34 46.81
N ASN BF 23 -42.41 -110.31 47.63
CA ASN BF 23 -43.56 -109.62 48.19
C ASN BF 23 -43.85 -108.35 47.40
N PRO BF 24 -45.11 -107.99 47.25
CA PRO BF 24 -45.43 -106.76 46.51
C PRO BF 24 -44.91 -105.56 47.26
N ARG BF 25 -44.51 -104.54 46.50
CA ARG BF 25 -44.02 -103.29 47.05
C ARG BF 25 -44.84 -102.09 46.59
N GLY BF 26 -46.07 -102.31 46.15
CA GLY BF 26 -46.90 -101.22 45.67
C GLY BF 26 -46.54 -100.85 44.25
N VAL BF 27 -47.11 -99.74 43.80
CA VAL BF 27 -46.86 -99.20 42.47
C VAL BF 27 -46.45 -97.76 42.62
N ASN BF 28 -45.46 -97.35 41.83
CA ASN BF 28 -45.01 -95.97 41.91
C ASN BF 28 -46.09 -95.04 41.38
N PRO BF 29 -46.45 -93.98 42.13
CA PRO BF 29 -47.49 -93.08 41.64
C PRO BF 29 -47.13 -92.39 40.34
N THR BF 30 -45.85 -92.10 40.12
CA THR BF 30 -45.42 -91.33 38.97
C THR BF 30 -45.09 -92.23 37.78
N ASN BF 31 -44.21 -93.21 38.01
CA ASN BF 31 -43.80 -94.11 36.95
C ASN BF 31 -44.90 -95.08 36.58
N GLY BF 32 -45.82 -95.35 37.48
CA GLY BF 32 -46.86 -96.33 37.23
C GLY BF 32 -46.26 -97.70 37.02
N VAL BF 33 -45.34 -98.08 37.89
CA VAL BF 33 -44.60 -99.32 37.78
C VAL BF 33 -44.68 -100.08 39.09
N ALA BF 34 -45.00 -101.35 39.01
CA ALA BF 34 -45.13 -102.17 40.21
C ALA BF 34 -43.78 -102.79 40.55
N SER BF 35 -43.58 -103.03 41.83
CA SER BF 35 -42.32 -103.55 42.34
C SER BF 35 -42.58 -104.67 43.33
N LEU BF 36 -41.75 -105.70 43.26
CA LEU BF 36 -41.79 -106.82 44.17
C LEU BF 36 -40.41 -106.99 44.78
N SER BF 37 -40.37 -107.52 45.99
CA SER BF 37 -39.10 -107.70 46.67
C SER BF 37 -39.17 -108.94 47.54
N GLN BF 38 -38.10 -109.71 47.54
CA GLN BF 38 -38.03 -110.84 48.46
C GLN BF 38 -37.98 -110.33 49.90
N ALA BF 39 -38.35 -111.19 50.83
CA ALA BF 39 -38.32 -110.81 52.24
C ALA BF 39 -36.91 -110.98 52.79
N GLY BF 40 -36.40 -109.95 53.44
CA GLY BF 40 -35.07 -110.03 54.01
C GLY BF 40 -34.96 -109.11 55.20
N ALA BF 41 -33.78 -109.16 55.84
CA ALA BF 41 -33.50 -108.34 57.00
C ALA BF 41 -33.10 -106.94 56.60
N VAL BF 42 -32.02 -106.81 55.82
CA VAL BF 42 -31.59 -105.51 55.32
C VAL BF 42 -32.24 -105.31 53.96
N PRO BF 43 -33.12 -104.32 53.80
CA PRO BF 43 -33.78 -104.13 52.52
C PRO BF 43 -32.88 -103.58 51.44
N ALA BF 44 -31.66 -103.18 51.79
CA ALA BF 44 -30.66 -102.87 50.77
C ALA BF 44 -30.19 -104.11 50.05
N LEU BF 45 -30.21 -105.27 50.70
CA LEU BF 45 -29.70 -106.51 50.15
C LEU BF 45 -30.83 -107.40 49.65
N GLU BF 46 -31.88 -106.80 49.12
CA GLU BF 46 -33.08 -107.51 48.77
C GLU BF 46 -33.20 -107.63 47.27
N LYS BF 47 -33.61 -108.79 46.78
CA LYS BF 47 -33.80 -109.00 45.36
C LYS BF 47 -35.12 -108.38 44.92
N ARG BF 48 -35.05 -107.39 44.03
CA ARG BF 48 -36.21 -106.70 43.51
C ARG BF 48 -36.55 -107.11 42.09
N VAL BF 49 -37.83 -106.92 41.76
CA VAL BF 49 -38.33 -107.16 40.43
C VAL BF 49 -39.27 -106.01 40.09
N THR BF 50 -39.08 -105.40 38.93
CA THR BF 50 -39.92 -104.29 38.49
C THR BF 50 -40.72 -104.68 37.26
N VAL BF 51 -41.94 -104.16 37.16
CA VAL BF 51 -42.80 -104.45 36.02
C VAL BF 51 -43.54 -103.18 35.65
N SER BF 52 -43.65 -102.91 34.36
CA SER BF 52 -44.40 -101.77 33.85
C SER BF 52 -45.04 -102.11 32.52
N VAL BF 53 -46.29 -101.70 32.34
CA VAL BF 53 -46.97 -101.77 31.05
C VAL BF 53 -47.45 -100.36 30.74
N SER BF 54 -46.73 -99.69 29.84
CA SER BF 54 -47.15 -98.36 29.42
C SER BF 54 -48.42 -98.44 28.59
N GLN BF 55 -49.16 -97.36 28.59
CA GLN BF 55 -50.34 -97.21 27.77
C GLN BF 55 -49.95 -96.80 26.37
N PRO BF 56 -50.86 -96.92 25.42
CA PRO BF 56 -50.50 -96.61 24.03
C PRO BF 56 -50.07 -95.15 23.90
N SER BF 57 -49.08 -94.92 23.04
CA SER BF 57 -48.62 -93.57 22.73
C SER BF 57 -49.56 -92.92 21.73
N ARG BF 58 -49.13 -91.83 21.10
CA ARG BF 58 -49.96 -91.13 20.12
C ARG BF 58 -49.50 -91.48 18.70
N ASN BF 59 -50.48 -91.71 17.82
CA ASN BF 59 -50.26 -91.86 16.39
C ASN BF 59 -49.61 -93.19 16.01
N ARG BF 60 -49.13 -93.93 17.00
CA ARG BF 60 -48.54 -95.25 16.78
C ARG BF 60 -49.10 -96.27 17.74
N LYS BF 61 -49.33 -95.83 18.97
CA LYS BF 61 -49.95 -96.54 20.08
C LYS BF 61 -49.05 -97.63 20.66
N ASN BF 62 -48.22 -98.29 19.86
CA ASN BF 62 -47.03 -99.03 20.32
C ASN BF 62 -47.05 -99.61 21.74
N TYR BF 63 -47.95 -100.53 22.11
CA TYR BF 63 -47.92 -101.08 23.46
C TYR BF 63 -46.52 -101.50 23.87
N LYS BF 64 -46.11 -101.11 25.08
CA LYS BF 64 -44.81 -101.46 25.63
C LYS BF 64 -44.97 -102.11 27.00
N VAL BF 65 -44.05 -103.01 27.32
CA VAL BF 65 -44.00 -103.63 28.65
C VAL BF 65 -42.54 -103.82 29.04
N GLN BF 66 -42.25 -103.63 30.32
CA GLN BF 66 -40.89 -103.62 30.82
C GLN BF 66 -40.82 -104.41 32.11
N VAL BF 67 -39.75 -105.18 32.26
CA VAL BF 67 -39.51 -105.95 33.48
C VAL BF 67 -38.06 -105.82 33.86
N LYS BF 68 -37.79 -105.20 34.99
CA LYS BF 68 -36.43 -104.99 35.47
C LYS BF 68 -36.23 -105.79 36.74
N ILE BF 69 -35.31 -106.75 36.69
CA ILE BF 69 -34.95 -107.55 37.85
C ILE BF 69 -33.55 -107.16 38.27
N GLN BF 70 -33.38 -106.95 39.56
CA GLN BF 70 -32.14 -106.47 40.15
C GLN BF 70 -31.81 -107.37 41.33
N ASN BF 71 -30.61 -107.94 41.32
CA ASN BF 71 -30.13 -108.77 42.41
C ASN BF 71 -28.82 -108.20 42.91
N PRO BF 72 -28.78 -107.60 44.09
CA PRO BF 72 -27.49 -107.16 44.64
C PRO BF 72 -26.83 -108.25 45.47
N THR BF 73 -25.60 -107.96 45.86
CA THR BF 73 -24.80 -108.86 46.68
C THR BF 73 -23.72 -108.04 47.35
N ALA BF 74 -23.61 -108.16 48.68
CA ALA BF 74 -22.67 -107.38 49.46
C ALA BF 74 -21.60 -108.27 50.06
N CYS BF 75 -20.62 -107.63 50.70
CA CYS BF 75 -19.53 -108.35 51.35
C CYS BF 75 -19.06 -107.46 52.49
N THR BF 76 -19.52 -107.75 53.71
CA THR BF 76 -19.15 -106.93 54.85
C THR BF 76 -17.64 -106.92 55.00
N ALA BF 77 -17.04 -105.76 54.75
CA ALA BF 77 -15.60 -105.64 54.87
C ALA BF 77 -15.19 -105.61 56.34
N ASN BF 78 -13.90 -105.74 56.56
CA ASN BF 78 -13.34 -105.62 57.90
C ASN BF 78 -13.62 -104.24 58.48
N GLY BF 79 -14.25 -104.22 59.65
CA GLY BF 79 -14.39 -102.99 60.41
C GLY BF 79 -15.60 -102.15 60.08
N SER BF 80 -16.35 -102.48 59.03
CA SER BF 80 -17.57 -101.78 58.69
C SER BF 80 -18.76 -102.60 59.15
N CYS BF 81 -19.67 -101.97 59.91
CA CYS BF 81 -20.88 -102.63 60.35
C CYS BF 81 -22.05 -102.38 59.41
N ASP BF 82 -21.77 -102.23 58.12
CA ASP BF 82 -22.80 -102.09 57.11
C ASP BF 82 -22.43 -102.96 55.92
N PRO BF 83 -23.17 -104.02 55.62
CA PRO BF 83 -22.83 -104.83 54.44
C PRO BF 83 -23.14 -104.11 53.14
N SER BF 84 -22.24 -103.22 52.73
CA SER BF 84 -22.44 -102.45 51.51
C SER BF 84 -22.48 -103.37 50.31
N VAL BF 85 -23.40 -103.11 49.39
CA VAL BF 85 -23.47 -103.89 48.16
C VAL BF 85 -22.26 -103.58 47.32
N THR BF 86 -21.53 -104.62 46.93
CA THR BF 86 -20.42 -104.47 46.00
C THR BF 86 -20.63 -105.20 44.69
N ARG BF 87 -21.80 -105.78 44.47
CA ARG BF 87 -22.08 -106.49 43.23
C ARG BF 87 -23.56 -106.37 42.90
N GLN BF 88 -23.86 -106.26 41.62
CA GLN BF 88 -25.22 -105.96 41.19
C GLN BF 88 -25.47 -106.62 39.85
N ALA BF 89 -26.50 -107.46 39.77
CA ALA BF 89 -26.92 -108.06 38.52
C ALA BF 89 -28.23 -107.41 38.10
N TYR BF 90 -28.29 -107.01 36.83
CA TYR BF 90 -29.47 -106.37 36.27
C TYR BF 90 -29.89 -107.12 35.02
N ALA BF 91 -31.20 -107.32 34.89
CA ALA BF 91 -31.74 -107.87 33.65
C ALA BF 91 -33.02 -107.13 33.35
N ASP BF 92 -33.07 -106.49 32.19
CA ASP BF 92 -34.23 -105.74 31.76
C ASP BF 92 -34.78 -106.36 30.48
N VAL BF 93 -36.04 -106.72 30.53
CA VAL BF 93 -36.74 -107.27 29.39
C VAL BF 93 -37.74 -106.23 28.92
N THR BF 94 -37.91 -106.12 27.61
CA THR BF 94 -38.79 -105.11 27.05
C THR BF 94 -39.52 -105.73 25.87
N PHE BF 95 -40.84 -105.78 25.98
CA PHE BF 95 -41.69 -106.29 24.91
C PHE BF 95 -42.41 -105.14 24.27
N SER BF 96 -42.54 -105.19 22.94
CA SER BF 96 -43.32 -104.18 22.22
C SER BF 96 -44.28 -104.88 21.28
N PHE BF 97 -45.54 -104.51 21.36
CA PHE BF 97 -46.57 -104.98 20.45
C PHE BF 97 -47.22 -103.77 19.80
N THR BF 98 -47.90 -104.01 18.69
CA THR BF 98 -48.70 -102.95 18.08
C THR BF 98 -50.10 -102.96 18.67
N GLN BF 99 -50.83 -101.89 18.40
CA GLN BF 99 -52.20 -101.81 18.89
C GLN BF 99 -53.05 -102.93 18.33
N TYR BF 100 -52.59 -103.59 17.26
CA TYR BF 100 -53.31 -104.68 16.65
C TYR BF 100 -52.88 -106.05 17.18
N SER BF 101 -52.03 -106.08 18.19
CA SER BF 101 -51.55 -107.33 18.75
C SER BF 101 -52.69 -108.22 19.20
N THR BF 102 -52.39 -109.50 19.40
CA THR BF 102 -53.38 -110.44 19.90
C THR BF 102 -52.80 -111.32 20.99
N ASP BF 103 -53.70 -111.75 21.87
CA ASP BF 103 -53.38 -112.74 22.90
C ASP BF 103 -52.45 -113.82 22.37
N GLU BF 104 -52.84 -114.45 21.25
CA GLU BF 104 -52.10 -115.59 20.74
C GLU BF 104 -50.63 -115.26 20.59
N GLU BF 105 -50.31 -114.26 19.76
CA GLU BF 105 -48.93 -113.97 19.45
C GLU BF 105 -48.19 -113.42 20.65
N ARG BF 106 -48.85 -112.64 21.49
CA ARG BF 106 -48.14 -112.09 22.62
C ARG BF 106 -47.64 -113.19 23.54
N ALA BF 107 -48.53 -114.08 23.96
CA ALA BF 107 -48.04 -115.13 24.86
C ALA BF 107 -47.20 -116.14 24.11
N PHE BF 108 -47.33 -116.22 22.79
CA PHE BF 108 -46.36 -116.95 22.00
C PHE BF 108 -44.96 -116.40 22.24
N VAL BF 109 -44.83 -115.08 22.11
CA VAL BF 109 -43.54 -114.43 22.35
C VAL BF 109 -43.06 -114.73 23.76
N ARG BF 110 -43.95 -114.61 24.73
CA ARG BF 110 -43.53 -114.83 26.10
C ARG BF 110 -43.01 -116.24 26.29
N THR BF 111 -43.79 -117.24 25.90
CA THR BF 111 -43.38 -118.62 26.13
C THR BF 111 -42.13 -118.96 25.35
N GLU BF 112 -41.94 -118.37 24.17
CA GLU BF 112 -40.72 -118.67 23.44
C GLU BF 112 -39.51 -118.02 24.10
N LEU BF 113 -39.70 -116.82 24.67
CA LEU BF 113 -38.62 -116.26 25.48
C LEU BF 113 -38.28 -117.19 26.64
N ALA BF 114 -39.29 -117.66 27.35
CA ALA BF 114 -38.99 -118.57 28.46
C ALA BF 114 -38.29 -119.81 27.95
N ALA BF 115 -38.71 -120.30 26.79
CA ALA BF 115 -38.09 -121.45 26.20
C ALA BF 115 -36.61 -121.21 25.93
N LEU BF 116 -36.27 -120.10 25.31
CA LEU BF 116 -34.85 -119.79 25.12
C LEU BF 116 -34.15 -119.64 26.45
N LEU BF 117 -34.84 -119.08 27.43
CA LEU BF 117 -34.28 -118.95 28.76
C LEU BF 117 -33.96 -120.31 29.36
N ALA BF 118 -34.61 -121.36 28.91
CA ALA BF 118 -34.30 -122.70 29.38
C ALA BF 118 -33.37 -123.48 28.46
N SER BF 119 -33.23 -123.08 27.20
CA SER BF 119 -32.47 -123.85 26.23
C SER BF 119 -30.98 -123.83 26.56
N PRO BF 120 -30.23 -124.87 26.17
CA PRO BF 120 -28.80 -124.85 26.43
C PRO BF 120 -28.10 -123.68 25.79
N LEU BF 121 -28.62 -123.14 24.70
CA LEU BF 121 -27.94 -122.04 24.05
C LEU BF 121 -27.72 -120.89 25.02
N LEU BF 122 -28.80 -120.23 25.42
CA LEU BF 122 -28.62 -119.08 26.28
C LEU BF 122 -28.13 -119.49 27.66
N ILE BF 123 -28.35 -120.74 28.06
CA ILE BF 123 -27.74 -121.22 29.28
C ILE BF 123 -26.24 -121.04 29.19
N ASP BF 124 -25.65 -121.53 28.10
CA ASP BF 124 -24.22 -121.32 27.89
C ASP BF 124 -23.91 -119.86 27.65
N ALA BF 125 -24.86 -119.10 27.12
CA ALA BF 125 -24.60 -117.71 26.77
C ALA BF 125 -24.45 -116.83 27.99
N ILE BF 126 -25.26 -117.06 29.01
CA ILE BF 126 -25.27 -116.24 30.22
C ILE BF 126 -24.46 -116.89 31.32
N ASP BF 127 -24.74 -118.16 31.62
CA ASP BF 127 -24.19 -118.78 32.81
C ASP BF 127 -22.67 -118.87 32.74
N GLN BF 128 -22.13 -119.14 31.55
CA GLN BF 128 -20.69 -119.20 31.36
C GLN BF 128 -20.17 -118.11 30.44
N LEU BF 129 -21.03 -117.25 29.91
CA LEU BF 129 -20.61 -116.05 29.18
C LEU BF 129 -19.93 -116.44 27.87
N ASN BF 130 -20.57 -117.30 27.11
CA ASN BF 130 -19.97 -117.84 25.91
C ASN BF 130 -20.57 -117.16 24.68
N PRO BF 131 -19.82 -116.38 23.92
CA PRO BF 131 -20.35 -115.90 22.64
C PRO BF 131 -20.80 -117.08 21.79
N ALA BF 132 -22.07 -117.07 21.43
CA ALA BF 132 -22.63 -118.15 20.63
C ALA BF 132 -22.00 -118.14 19.25
N TYR BF 133 -21.54 -119.31 18.81
CA TYR BF 133 -20.90 -119.42 17.50
C TYR BF 133 -21.05 -120.80 16.91
N ALA CF 2 -100.51 -78.14 33.20
CA ALA CF 2 -100.96 -76.85 32.60
C ALA CF 2 -101.10 -76.97 31.09
N LYS CF 3 -101.96 -77.87 30.65
CA LYS CF 3 -102.16 -78.05 29.21
C LYS CF 3 -102.76 -76.77 28.62
N LEU CF 4 -102.42 -76.52 27.36
CA LEU CF 4 -102.93 -75.36 26.63
C LEU CF 4 -104.12 -75.79 25.82
N GLU CF 5 -105.21 -75.04 25.93
CA GLU CF 5 -106.45 -75.42 25.29
C GLU CF 5 -107.33 -74.19 25.12
N THR CF 6 -108.52 -74.40 24.59
CA THR CF 6 -109.49 -73.33 24.45
C THR CF 6 -110.04 -72.97 25.82
N VAL CF 7 -110.01 -71.68 26.16
CA VAL CF 7 -110.38 -71.21 27.47
C VAL CF 7 -111.57 -70.28 27.30
N THR CF 8 -112.64 -70.57 28.02
CA THR CF 8 -113.90 -69.85 27.85
C THR CF 8 -114.16 -69.06 29.13
N LEU CF 9 -113.99 -67.75 29.03
CA LEU CF 9 -114.07 -66.88 30.19
C LEU CF 9 -115.43 -66.22 30.17
N GLY CF 10 -116.31 -66.64 31.08
CA GLY CF 10 -117.67 -66.16 31.09
C GLY CF 10 -117.93 -65.12 32.17
N ASN CF 11 -119.02 -64.37 32.03
CA ASN CF 11 -119.42 -63.39 33.03
C ASN CF 11 -118.34 -62.31 33.20
N ILE CF 12 -118.19 -61.52 32.14
CA ILE CF 12 -117.13 -60.55 31.97
C ILE CF 12 -117.76 -59.18 31.71
N GLY CF 13 -117.07 -58.11 32.12
CA GLY CF 13 -117.57 -56.75 32.00
C GLY CF 13 -118.14 -56.24 33.31
N LYS CF 14 -118.74 -55.04 33.29
CA LYS CF 14 -119.48 -54.62 34.49
C LYS CF 14 -120.54 -55.63 34.83
N ASP CF 15 -121.51 -55.78 33.95
CA ASP CF 15 -122.63 -56.65 34.18
C ASP CF 15 -122.21 -58.09 34.27
N GLY CF 16 -120.99 -58.42 33.84
CA GLY CF 16 -120.58 -59.80 33.80
C GLY CF 16 -121.46 -60.59 32.86
N LYS CF 17 -121.61 -60.10 31.62
CA LYS CF 17 -122.45 -60.78 30.63
C LYS CF 17 -121.73 -61.15 29.34
N GLN CF 18 -120.61 -60.53 29.01
CA GLN CF 18 -119.93 -60.94 27.79
C GLN CF 18 -119.15 -62.22 28.05
N THR CF 19 -118.55 -62.76 26.99
CA THR CF 19 -117.76 -63.97 27.09
C THR CF 19 -116.57 -63.85 26.15
N LEU CF 20 -115.46 -64.45 26.54
CA LEU CF 20 -114.24 -64.41 25.75
C LEU CF 20 -113.73 -65.83 25.53
N VAL CF 21 -113.54 -66.20 24.27
CA VAL CF 21 -113.00 -67.49 23.91
C VAL CF 21 -111.55 -67.28 23.48
N LEU CF 22 -110.63 -67.89 24.19
CA LEU CF 22 -109.21 -67.74 23.90
C LEU CF 22 -108.65 -69.10 23.48
N ASN CF 23 -108.26 -69.19 22.29
CA ASN CF 23 -107.62 -70.42 21.85
C ASN CF 23 -106.11 -70.33 22.04
N PRO CF 24 -105.46 -71.46 22.15
CA PRO CF 24 -104.03 -71.47 22.44
C PRO CF 24 -103.20 -71.09 21.22
N ARG CF 25 -101.92 -70.91 21.49
CA ARG CF 25 -100.99 -70.27 20.59
C ARG CF 25 -99.72 -71.11 20.66
N GLY CF 26 -98.61 -70.66 20.11
CA GLY CF 26 -97.33 -71.35 20.22
C GLY CF 26 -96.51 -70.82 21.39
N VAL CF 27 -95.77 -71.72 22.03
CA VAL CF 27 -94.96 -71.36 23.18
C VAL CF 27 -93.63 -70.81 22.70
N ASN CF 28 -93.38 -69.55 22.98
CA ASN CF 28 -92.13 -68.90 22.60
C ASN CF 28 -90.93 -69.71 23.07
N PRO CF 29 -90.17 -70.31 22.16
CA PRO CF 29 -89.00 -71.06 22.60
C PRO CF 29 -87.91 -70.17 23.17
N THR CF 30 -87.86 -68.91 22.74
CA THR CF 30 -86.80 -68.02 23.22
C THR CF 30 -86.88 -67.82 24.72
N ASN CF 31 -88.07 -67.92 25.30
CA ASN CF 31 -88.20 -67.67 26.73
C ASN CF 31 -89.17 -68.62 27.41
N GLY CF 32 -89.78 -69.55 26.70
CA GLY CF 32 -90.77 -70.41 27.33
C GLY CF 32 -91.95 -69.63 27.86
N VAL CF 33 -92.78 -69.10 26.97
CA VAL CF 33 -94.01 -68.41 27.35
C VAL CF 33 -95.14 -68.94 26.49
N ALA CF 34 -96.17 -69.46 27.12
CA ALA CF 34 -97.35 -69.88 26.36
C ALA CF 34 -98.26 -68.69 26.12
N SER CF 35 -99.11 -68.79 25.10
CA SER CF 35 -99.92 -67.67 24.68
C SER CF 35 -101.33 -68.11 24.31
N LEU CF 36 -102.28 -67.22 24.54
CA LEU CF 36 -103.68 -67.42 24.23
C LEU CF 36 -104.19 -66.17 23.55
N SER CF 37 -105.16 -66.33 22.66
CA SER CF 37 -105.67 -65.16 21.96
C SER CF 37 -107.11 -65.40 21.52
N GLN CF 38 -107.78 -64.30 21.21
CA GLN CF 38 -109.20 -64.31 20.88
C GLN CF 38 -109.47 -65.38 19.84
N ALA CF 39 -110.70 -65.89 19.80
CA ALA CF 39 -111.02 -66.96 18.87
C ALA CF 39 -110.65 -66.57 17.44
N GLY CF 40 -110.53 -65.29 17.17
CA GLY CF 40 -110.14 -64.80 15.87
C GLY CF 40 -111.28 -64.04 15.20
N ALA CF 41 -111.06 -63.71 13.93
CA ALA CF 41 -109.82 -64.03 13.21
C ALA CF 41 -108.73 -63.02 13.51
N VAL CF 42 -108.93 -61.78 13.04
CA VAL CF 42 -107.94 -60.74 13.27
C VAL CF 42 -107.75 -60.52 14.75
N PRO CF 43 -108.79 -60.48 15.58
CA PRO CF 43 -108.56 -60.29 17.02
C PRO CF 43 -107.59 -61.31 17.62
N ALA CF 44 -107.37 -62.44 16.94
CA ALA CF 44 -106.39 -63.41 17.42
C ALA CF 44 -104.99 -62.81 17.42
N LEU CF 45 -104.69 -61.94 16.46
CA LEU CF 45 -103.43 -61.21 16.43
C LEU CF 45 -103.55 -59.82 17.03
N GLU CF 46 -104.56 -59.56 17.86
CA GLU CF 46 -104.63 -58.32 18.63
C GLU CF 46 -104.74 -58.57 20.14
N LYS CF 47 -105.72 -59.35 20.58
CA LYS CF 47 -105.85 -59.66 22.00
C LYS CF 47 -104.91 -60.79 22.37
N ARG CF 48 -104.17 -60.61 23.47
CA ARG CF 48 -103.12 -61.56 23.83
C ARG CF 48 -103.14 -61.82 25.32
N VAL CF 49 -102.76 -63.05 25.70
CA VAL CF 49 -102.58 -63.40 27.09
C VAL CF 49 -101.43 -64.38 27.16
N THR CF 50 -100.31 -63.96 27.76
CA THR CF 50 -99.14 -64.80 27.86
C THR CF 50 -98.90 -65.23 29.30
N VAL CF 51 -98.34 -66.42 29.47
CA VAL CF 51 -98.05 -66.95 30.78
C VAL CF 51 -96.68 -67.60 30.75
N SER CF 52 -95.93 -67.43 31.83
CA SER CF 52 -94.60 -68.00 31.96
C SER CF 52 -94.37 -68.43 33.40
N VAL CF 53 -93.53 -69.44 33.59
CA VAL CF 53 -93.10 -69.86 34.92
C VAL CF 53 -91.60 -70.11 34.84
N SER CF 54 -90.83 -69.13 35.28
CA SER CF 54 -89.39 -69.31 35.38
C SER CF 54 -89.06 -70.13 36.62
N GLN CF 55 -88.35 -71.24 36.40
CA GLN CF 55 -87.84 -72.08 37.46
C GLN CF 55 -86.64 -71.41 38.12
N PRO CF 56 -86.15 -71.95 39.24
CA PRO CF 56 -85.07 -71.27 39.95
C PRO CF 56 -83.80 -71.29 39.12
N SER CF 57 -82.96 -70.31 39.35
CA SER CF 57 -81.70 -70.16 38.61
C SER CF 57 -80.74 -69.39 39.52
N ARG CF 58 -79.63 -68.92 38.93
CA ARG CF 58 -78.73 -68.07 39.69
C ARG CF 58 -79.36 -66.70 39.96
N ASN CF 59 -80.15 -66.19 39.02
CA ASN CF 59 -80.88 -64.95 39.23
C ASN CF 59 -82.23 -65.20 39.89
N ARG CF 60 -82.94 -66.24 39.45
CA ARG CF 60 -84.17 -66.68 40.09
C ARG CF 60 -83.83 -67.40 41.39
N LYS CF 61 -84.78 -67.49 42.33
CA LYS CF 61 -84.51 -68.30 43.52
C LYS CF 61 -85.51 -69.37 43.97
N ASN CF 62 -86.76 -69.06 44.36
CA ASN CF 62 -87.74 -68.06 43.91
C ASN CF 62 -88.29 -68.29 42.50
N TYR CF 63 -89.08 -69.36 42.41
CA TYR CF 63 -90.03 -69.56 41.33
C TYR CF 63 -90.75 -68.27 41.00
N LYS CF 64 -90.92 -68.00 39.71
CA LYS CF 64 -91.56 -66.77 39.28
C LYS CF 64 -92.61 -67.07 38.23
N VAL CF 65 -93.85 -66.71 38.49
CA VAL CF 65 -94.94 -66.93 37.56
C VAL CF 65 -95.44 -65.59 37.07
N GLN CF 66 -95.31 -65.35 35.78
CA GLN CF 66 -95.73 -64.11 35.15
C GLN CF 66 -96.97 -64.35 34.29
N VAL CF 67 -97.92 -63.44 34.39
CA VAL CF 67 -99.16 -63.51 33.64
C VAL CF 67 -99.38 -62.12 33.05
N LYS CF 68 -99.36 -62.03 31.72
CA LYS CF 68 -99.52 -60.77 31.01
C LYS CF 68 -100.80 -60.81 30.20
N ILE CF 69 -101.58 -59.73 30.29
CA ILE CF 69 -102.86 -59.62 29.61
C ILE CF 69 -102.83 -58.34 28.78
N GLN CF 70 -103.30 -58.43 27.53
CA GLN CF 70 -103.11 -57.36 26.56
C GLN CF 70 -104.35 -57.22 25.70
N ASN CF 71 -104.94 -56.03 25.71
CA ASN CF 71 -106.13 -55.73 24.91
C ASN CF 71 -105.94 -54.42 24.17
N PRO CF 72 -105.75 -54.43 22.87
CA PRO CF 72 -105.71 -53.17 22.14
C PRO CF 72 -107.07 -52.78 21.61
N THR CF 73 -107.53 -51.58 21.96
CA THR CF 73 -108.71 -51.01 21.34
C THR CF 73 -108.34 -50.29 20.06
N ALA CF 74 -109.04 -50.65 18.98
CA ALA CF 74 -108.80 -50.11 17.66
C ALA CF 74 -110.11 -49.57 17.10
N CYS CF 75 -110.00 -48.86 16.00
CA CYS CF 75 -111.18 -48.31 15.34
C CYS CF 75 -110.85 -48.08 13.87
N THR CF 76 -111.91 -47.87 13.09
CA THR CF 76 -111.81 -47.65 11.66
C THR CF 76 -112.20 -46.21 11.37
N ALA CF 77 -111.24 -45.43 10.89
CA ALA CF 77 -111.55 -44.07 10.47
C ALA CF 77 -112.61 -44.09 9.38
N ASN CF 78 -113.43 -43.05 9.37
CA ASN CF 78 -114.51 -43.01 8.39
C ASN CF 78 -113.92 -42.75 7.02
N GLY CF 79 -113.58 -43.83 6.32
CA GLY CF 79 -112.98 -43.73 5.00
C GLY CF 79 -111.91 -44.79 4.78
N SER CF 80 -111.27 -45.24 5.84
CA SER CF 80 -110.27 -46.31 5.73
C SER CF 80 -110.96 -47.65 5.63
N CYS CF 81 -110.17 -48.73 5.55
CA CYS CF 81 -110.71 -50.08 5.67
C CYS CF 81 -110.08 -50.79 6.86
N ASP CF 82 -108.76 -50.80 6.89
CA ASP CF 82 -108.05 -51.55 7.91
C ASP CF 82 -108.18 -50.86 9.26
N PRO CF 83 -108.57 -51.57 10.31
CA PRO CF 83 -108.66 -50.94 11.63
C PRO CF 83 -107.29 -50.66 12.22
N SER CF 84 -107.16 -49.49 12.86
CA SER CF 84 -105.92 -49.09 13.50
C SER CF 84 -106.11 -49.03 15.01
N VAL CF 85 -105.10 -49.50 15.73
CA VAL CF 85 -105.15 -49.56 17.19
C VAL CF 85 -104.90 -48.16 17.73
N THR CF 86 -105.91 -47.58 18.38
CA THR CF 86 -105.75 -46.25 18.96
C THR CF 86 -105.40 -46.29 20.44
N ARG CF 87 -105.44 -47.46 21.06
CA ARG CF 87 -105.48 -47.59 22.50
C ARG CF 87 -104.99 -48.97 22.89
N GLN CF 88 -104.31 -49.06 24.03
CA GLN CF 88 -103.74 -50.35 24.43
C GLN CF 88 -103.79 -50.43 25.94
N ALA CF 89 -104.60 -51.36 26.46
CA ALA CF 89 -104.58 -51.65 27.89
C ALA CF 89 -103.87 -52.96 28.13
N TYR CF 90 -103.22 -53.07 29.27
CA TYR CF 90 -102.59 -54.33 29.61
C TYR CF 90 -102.30 -54.37 31.10
N ALA CF 91 -102.26 -55.59 31.62
CA ALA CF 91 -102.01 -55.80 33.03
C ALA CF 91 -100.99 -56.91 33.20
N ASP CF 92 -100.37 -56.91 34.37
CA ASP CF 92 -99.16 -57.68 34.62
C ASP CF 92 -99.21 -58.24 36.03
N VAL CF 93 -99.30 -59.55 36.15
CA VAL CF 93 -99.32 -60.23 37.43
C VAL CF 93 -98.03 -61.02 37.57
N THR CF 94 -97.41 -60.95 38.75
CA THR CF 94 -96.11 -61.57 38.95
C THR CF 94 -96.09 -62.19 40.35
N PHE CF 95 -96.29 -63.50 40.41
CA PHE CF 95 -96.23 -64.25 41.65
C PHE CF 95 -94.82 -64.74 41.91
N SER CF 96 -94.29 -64.41 43.08
CA SER CF 96 -92.97 -64.85 43.51
C SER CF 96 -93.16 -65.88 44.61
N PHE CF 97 -92.80 -67.12 44.32
CA PHE CF 97 -92.95 -68.20 45.28
C PHE CF 97 -91.58 -68.72 45.66
N THR CF 98 -91.42 -69.05 46.91
CA THR CF 98 -90.14 -69.54 47.36
C THR CF 98 -90.05 -71.04 47.14
N GLN CF 99 -88.84 -71.50 47.00
CA GLN CF 99 -88.63 -72.84 46.49
C GLN CF 99 -89.12 -73.85 47.52
N TYR CF 100 -89.32 -73.40 48.74
CA TYR CF 100 -89.97 -74.19 49.75
C TYR CF 100 -91.47 -74.04 49.76
N SER CF 101 -92.01 -73.20 48.89
CA SER CF 101 -93.42 -72.88 48.92
C SER CF 101 -94.26 -74.14 48.91
N THR CF 102 -95.54 -74.00 49.26
CA THR CF 102 -96.48 -75.10 49.31
C THR CF 102 -97.70 -74.82 48.44
N ASP CF 103 -98.12 -75.85 47.73
CA ASP CF 103 -99.25 -75.68 46.82
C ASP CF 103 -100.46 -75.08 47.52
N GLU CF 104 -100.72 -75.44 48.77
CA GLU CF 104 -101.89 -74.87 49.44
C GLU CF 104 -101.77 -73.37 49.55
N GLU CF 105 -100.62 -72.88 50.00
CA GLU CF 105 -100.48 -71.44 50.15
C GLU CF 105 -100.49 -70.76 48.79
N ARG CF 106 -99.97 -71.45 47.77
CA ARG CF 106 -100.01 -70.86 46.43
C ARG CF 106 -101.45 -70.66 45.98
N ALA CF 107 -102.28 -71.70 46.13
CA ALA CF 107 -103.68 -71.55 45.77
C ALA CF 107 -104.35 -70.49 46.64
N PHE CF 108 -103.95 -70.42 47.89
CA PHE CF 108 -104.45 -69.39 48.79
C PHE CF 108 -104.21 -68.01 48.20
N VAL CF 109 -102.95 -67.75 47.83
CA VAL CF 109 -102.61 -66.48 47.22
C VAL CF 109 -103.48 -66.25 45.99
N ARG CF 110 -103.59 -67.27 45.14
CA ARG CF 110 -104.34 -67.08 43.90
C ARG CF 110 -105.75 -66.65 44.19
N THR CF 111 -106.49 -67.47 44.93
CA THR CF 111 -107.88 -67.17 45.13
C THR CF 111 -108.06 -65.87 45.89
N GLU CF 112 -107.11 -65.48 46.73
CA GLU CF 112 -107.32 -64.25 47.48
C GLU CF 112 -107.13 -63.06 46.58
N LEU CF 113 -106.13 -63.11 45.69
CA LEU CF 113 -106.05 -62.07 44.68
C LEU CF 113 -107.32 -62.05 43.85
N ALA CF 114 -107.84 -63.24 43.53
CA ALA CF 114 -109.04 -63.31 42.71
C ALA CF 114 -110.19 -62.59 43.38
N ALA CF 115 -110.48 -62.92 44.62
CA ALA CF 115 -111.68 -62.37 45.25
C ALA CF 115 -111.43 -60.95 45.72
N LEU CF 116 -110.18 -60.56 45.94
CA LEU CF 116 -109.90 -59.15 46.15
C LEU CF 116 -110.21 -58.37 44.88
N LEU CF 117 -109.82 -58.92 43.74
CA LEU CF 117 -110.20 -58.32 42.47
C LEU CF 117 -111.71 -58.29 42.31
N ALA CF 118 -112.39 -59.30 42.85
CA ALA CF 118 -113.84 -59.35 42.96
C ALA CF 118 -114.39 -58.24 43.86
N SER CF 119 -113.59 -57.75 44.79
CA SER CF 119 -114.06 -56.88 45.87
C SER CF 119 -114.50 -55.51 45.36
N PRO CF 120 -115.37 -54.83 46.11
CA PRO CF 120 -115.71 -53.45 45.73
C PRO CF 120 -114.51 -52.57 45.63
N LEU CF 121 -113.52 -52.79 46.50
CA LEU CF 121 -112.38 -51.89 46.58
C LEU CF 121 -111.70 -51.76 45.23
N LEU CF 122 -111.30 -52.88 44.65
CA LEU CF 122 -110.51 -52.77 43.43
C LEU CF 122 -111.38 -52.42 42.23
N ILE CF 123 -112.64 -52.85 42.18
CA ILE CF 123 -113.48 -52.37 41.08
C ILE CF 123 -113.54 -50.87 41.12
N ASP CF 124 -113.69 -50.30 42.31
CA ASP CF 124 -113.67 -48.87 42.44
C ASP CF 124 -112.34 -48.32 41.96
N ALA CF 125 -111.24 -48.97 42.37
CA ALA CF 125 -109.91 -48.46 42.11
C ALA CF 125 -109.49 -48.62 40.66
N ILE CF 126 -110.17 -49.45 39.89
CA ILE CF 126 -109.79 -49.73 38.52
C ILE CF 126 -110.79 -49.12 37.56
N ASP CF 127 -112.04 -49.55 37.68
CA ASP CF 127 -113.07 -49.08 36.77
C ASP CF 127 -113.11 -47.56 36.71
N GLN CF 128 -113.09 -46.91 37.88
CA GLN CF 128 -113.15 -45.45 37.97
C GLN CF 128 -111.83 -44.84 38.39
N LEU CF 129 -110.85 -45.67 38.72
CA LEU CF 129 -109.54 -45.19 39.12
C LEU CF 129 -109.65 -44.24 40.30
N ASN CF 130 -110.54 -44.58 41.22
CA ASN CF 130 -110.68 -43.82 42.45
C ASN CF 130 -109.67 -44.32 43.44
N PRO CF 131 -108.69 -43.54 43.85
CA PRO CF 131 -107.80 -43.98 44.93
C PRO CF 131 -108.63 -44.26 46.17
N ALA CF 132 -108.15 -45.20 46.97
CA ALA CF 132 -108.93 -45.64 48.13
C ALA CF 132 -108.78 -44.62 49.24
N TYR CF 133 -109.60 -43.58 49.22
CA TYR CF 133 -109.51 -42.54 50.22
C TYR CF 133 -110.90 -42.07 50.61
N ALA DF 2 -91.99 -90.84 21.99
CA ALA DF 2 -91.43 -90.62 23.34
C ALA DF 2 -92.33 -89.72 24.17
N LYS DF 3 -93.64 -89.90 23.98
CA LYS DF 3 -94.61 -89.07 24.68
C LYS DF 3 -94.38 -89.13 26.18
N LEU DF 4 -94.42 -87.98 26.83
CA LEU DF 4 -94.36 -87.93 28.28
C LEU DF 4 -95.53 -88.68 28.88
N GLU DF 5 -95.26 -89.36 29.99
CA GLU DF 5 -96.30 -90.15 30.65
C GLU DF 5 -95.79 -90.54 32.02
N THR DF 6 -96.72 -90.96 32.88
CA THR DF 6 -96.39 -91.34 34.24
C THR DF 6 -95.45 -92.55 34.25
N VAL DF 7 -94.20 -92.35 34.65
CA VAL DF 7 -93.24 -93.44 34.68
C VAL DF 7 -93.42 -94.20 35.98
N THR DF 8 -93.63 -95.51 35.86
CA THR DF 8 -93.88 -96.40 36.98
C THR DF 8 -92.65 -97.29 37.14
N LEU DF 9 -91.71 -96.80 37.93
CA LEU DF 9 -90.43 -97.45 38.13
C LEU DF 9 -90.60 -98.54 39.18
N GLY DF 10 -90.38 -99.80 38.80
CA GLY DF 10 -90.72 -100.92 39.65
C GLY DF 10 -89.73 -101.16 40.78
N ASN DF 11 -89.34 -102.42 40.97
CA ASN DF 11 -88.48 -102.78 42.09
C ASN DF 11 -87.21 -101.95 42.08
N ILE DF 12 -86.82 -101.47 43.26
CA ILE DF 12 -85.88 -100.37 43.40
C ILE DF 12 -85.27 -100.43 44.79
N GLY DF 13 -83.99 -100.11 44.87
CA GLY DF 13 -83.27 -100.03 46.14
C GLY DF 13 -82.40 -101.24 46.36
N LYS DF 14 -81.80 -101.30 47.56
CA LYS DF 14 -80.99 -102.44 47.92
C LYS DF 14 -81.79 -103.73 47.86
N ASP DF 15 -82.76 -103.87 48.74
CA ASP DF 15 -83.63 -105.03 48.74
C ASP DF 15 -84.54 -105.08 47.53
N GLY DF 16 -84.61 -103.98 46.75
CA GLY DF 16 -85.42 -103.95 45.56
C GLY DF 16 -86.87 -104.22 45.85
N LYS DF 17 -87.49 -103.38 46.67
CA LYS DF 17 -88.87 -103.66 47.07
C LYS DF 17 -89.79 -102.46 46.96
N GLN DF 18 -89.30 -101.24 46.85
CA GLN DF 18 -90.19 -100.11 46.74
C GLN DF 18 -90.27 -99.66 45.28
N THR DF 19 -90.97 -98.56 45.06
CA THR DF 19 -91.38 -98.21 43.71
C THR DF 19 -91.49 -96.70 43.60
N LEU DF 20 -91.24 -96.19 42.40
CA LEU DF 20 -91.30 -94.77 42.13
C LEU DF 20 -92.38 -94.49 41.09
N VAL DF 21 -93.07 -93.40 41.27
CA VAL DF 21 -94.10 -92.97 40.33
C VAL DF 21 -93.81 -91.52 40.03
N LEU DF 22 -93.26 -91.24 38.85
CA LEU DF 22 -92.91 -89.89 38.46
C LEU DF 22 -93.89 -89.41 37.41
N ASN DF 23 -94.69 -88.43 37.77
CA ASN DF 23 -95.65 -87.91 36.82
C ASN DF 23 -94.93 -87.03 35.80
N PRO DF 24 -95.52 -86.83 34.64
CA PRO DF 24 -94.92 -85.95 33.62
C PRO DF 24 -95.25 -84.49 33.91
N ARG DF 25 -94.21 -83.71 34.18
CA ARG DF 25 -94.41 -82.29 34.49
C ARG DF 25 -94.55 -81.47 33.21
N GLY DF 26 -93.50 -81.41 32.42
CA GLY DF 26 -93.53 -80.59 31.23
C GLY DF 26 -92.20 -80.67 30.51
N VAL DF 27 -91.93 -79.68 29.67
CA VAL DF 27 -90.65 -79.65 28.97
C VAL DF 27 -90.23 -78.20 28.80
N ASN DF 28 -89.12 -77.85 29.42
CA ASN DF 28 -88.48 -76.57 29.16
C ASN DF 28 -88.18 -76.45 27.68
N PRO DF 29 -88.71 -75.48 26.99
CA PRO DF 29 -88.39 -75.33 25.57
C PRO DF 29 -87.07 -74.62 25.34
N THR DF 30 -86.70 -73.71 26.24
CA THR DF 30 -85.47 -72.96 26.05
C THR DF 30 -84.28 -73.88 25.87
N ASN DF 31 -84.41 -75.14 26.24
CA ASN DF 31 -83.34 -76.09 26.06
C ASN DF 31 -83.85 -77.47 25.63
N GLY DF 32 -85.14 -77.61 25.36
CA GLY DF 32 -85.67 -78.88 24.94
C GLY DF 32 -85.41 -79.98 25.95
N VAL DF 33 -85.86 -79.77 27.18
CA VAL DF 33 -85.57 -80.69 28.27
C VAL DF 33 -86.89 -81.07 28.93
N ALA DF 34 -87.24 -82.35 28.85
CA ALA DF 34 -88.46 -82.83 29.49
C ALA DF 34 -88.17 -83.20 30.93
N SER DF 35 -89.17 -83.00 31.78
CA SER DF 35 -89.01 -83.14 33.22
C SER DF 35 -90.11 -84.04 33.78
N LEU DF 36 -89.73 -84.84 34.77
CA LEU DF 36 -90.69 -85.55 35.59
C LEU DF 36 -90.33 -85.40 37.06
N SER DF 37 -91.36 -85.40 37.90
CA SER DF 37 -91.19 -85.20 39.32
C SER DF 37 -92.02 -86.22 40.07
N GLN DF 38 -91.56 -86.56 41.26
CA GLN DF 38 -92.33 -87.44 42.12
C GLN DF 38 -93.50 -86.67 42.72
N ALA DF 39 -94.60 -87.39 42.95
CA ALA DF 39 -95.84 -86.76 43.37
C ALA DF 39 -95.69 -86.12 44.74
N GLY DF 40 -95.92 -84.82 44.81
CA GLY DF 40 -95.87 -84.13 46.08
C GLY DF 40 -96.46 -82.74 46.03
N ALA DF 41 -96.03 -81.87 46.93
CA ALA DF 41 -96.41 -80.47 46.89
C ALA DF 41 -95.18 -79.57 46.99
N VAL DF 42 -94.21 -79.96 47.81
CA VAL DF 42 -93.03 -79.14 48.03
C VAL DF 42 -92.05 -79.41 46.90
N PRO DF 43 -91.80 -78.46 46.01
CA PRO DF 43 -90.85 -78.74 44.94
C PRO DF 43 -89.48 -79.10 45.47
N ALA DF 44 -89.12 -78.56 46.62
CA ALA DF 44 -87.81 -78.81 47.21
C ALA DF 44 -87.65 -80.24 47.69
N LEU DF 45 -88.73 -80.97 47.87
CA LEU DF 45 -88.67 -82.31 48.44
C LEU DF 45 -89.32 -83.30 47.50
N GLU DF 46 -89.01 -83.16 46.21
CA GLU DF 46 -89.51 -84.11 45.24
C GLU DF 46 -88.36 -84.58 44.37
N LYS DF 47 -88.34 -85.87 44.15
CA LYS DF 47 -87.30 -86.50 43.36
C LYS DF 47 -87.56 -86.25 41.89
N ARG DF 48 -86.55 -85.75 41.19
CA ARG DF 48 -86.73 -85.15 39.89
C ARG DF 48 -85.88 -85.87 38.86
N VAL DF 49 -86.35 -85.86 37.62
CA VAL DF 49 -85.61 -86.46 36.51
C VAL DF 49 -85.77 -85.55 35.29
N THR DF 50 -84.69 -85.39 34.54
CA THR DF 50 -84.70 -84.52 33.37
C THR DF 50 -84.04 -85.24 32.21
N VAL DF 51 -84.75 -85.41 31.12
CA VAL DF 51 -84.20 -86.01 29.92
C VAL DF 51 -84.08 -84.94 28.87
N SER DF 52 -83.11 -85.11 27.97
CA SER DF 52 -82.93 -84.14 26.90
C SER DF 52 -82.05 -84.75 25.83
N VAL DF 53 -82.15 -84.19 24.63
CA VAL DF 53 -81.46 -84.70 23.47
C VAL DF 53 -81.08 -83.53 22.60
N SER DF 54 -79.79 -83.37 22.34
CA SER DF 54 -79.29 -82.34 21.45
C SER DF 54 -78.90 -82.96 20.13
N GLN DF 55 -79.42 -82.41 19.05
CA GLN DF 55 -79.07 -82.87 17.72
C GLN DF 55 -77.77 -82.23 17.28
N PRO DF 56 -77.07 -82.86 16.34
CA PRO DF 56 -75.77 -82.33 15.91
C PRO DF 56 -75.91 -80.92 15.37
N SER DF 57 -75.22 -79.98 16.01
CA SER DF 57 -75.21 -78.61 15.55
C SER DF 57 -74.07 -78.42 14.55
N ARG DF 58 -73.96 -77.20 14.02
CA ARG DF 58 -72.88 -76.88 13.10
C ARG DF 58 -71.53 -76.87 13.80
N ASN DF 59 -71.51 -76.93 15.13
CA ASN DF 59 -70.29 -76.82 15.90
C ASN DF 59 -69.94 -78.09 16.65
N ARG DF 60 -70.85 -79.07 16.68
CA ARG DF 60 -70.60 -80.30 17.42
C ARG DF 60 -70.65 -81.52 16.50
N LYS DF 61 -71.69 -81.59 15.67
CA LYS DF 61 -71.83 -82.71 14.74
C LYS DF 61 -71.81 -84.03 15.52
N ASN DF 62 -72.62 -84.06 16.57
CA ASN DF 62 -72.76 -85.28 17.35
C ASN DF 62 -74.05 -85.26 18.17
N TYR DF 63 -74.82 -86.34 18.10
CA TYR DF 63 -76.02 -86.45 18.91
C TYR DF 63 -75.62 -86.67 20.36
N LYS DF 64 -76.31 -85.96 21.26
CA LYS DF 64 -76.07 -86.09 22.69
C LYS DF 64 -77.39 -86.39 23.39
N VAL DF 65 -77.33 -87.31 24.35
CA VAL DF 65 -78.48 -87.73 25.11
C VAL DF 65 -78.12 -87.53 26.57
N GLN DF 66 -78.80 -86.61 27.23
CA GLN DF 66 -78.48 -86.26 28.60
C GLN DF 66 -79.65 -86.62 29.52
N VAL DF 67 -79.32 -87.16 30.70
CA VAL DF 67 -80.31 -87.61 31.65
C VAL DF 67 -79.81 -87.28 33.04
N LYS DF 68 -80.52 -86.40 33.74
CA LYS DF 68 -80.23 -86.03 35.11
C LYS DF 68 -81.25 -86.66 36.04
N ILE DF 69 -80.79 -87.08 37.20
CA ILE DF 69 -81.70 -87.45 38.28
C ILE DF 69 -81.23 -86.79 39.56
N GLN DF 70 -82.18 -86.25 40.30
CA GLN DF 70 -81.92 -85.48 41.50
C GLN DF 70 -82.72 -86.05 42.65
N ASN DF 71 -82.03 -86.26 43.76
CA ASN DF 71 -82.59 -86.86 44.97
C ASN DF 71 -82.30 -85.99 46.18
N PRO DF 72 -83.21 -85.13 46.59
CA PRO DF 72 -83.02 -84.44 47.85
C PRO DF 72 -83.50 -85.27 49.02
N THR DF 73 -82.95 -84.96 50.20
CA THR DF 73 -83.29 -85.68 51.41
C THR DF 73 -84.22 -84.85 52.30
N ALA DF 74 -85.15 -85.55 52.96
CA ALA DF 74 -86.17 -84.89 53.77
C ALA DF 74 -85.56 -84.18 54.97
N CYS DF 75 -84.91 -84.93 55.86
CA CYS DF 75 -84.18 -84.36 56.98
C CYS DF 75 -85.15 -83.54 57.85
N THR DF 76 -86.31 -84.16 58.13
CA THR DF 76 -87.44 -83.47 58.73
C THR DF 76 -87.20 -83.16 60.20
N ALA DF 77 -87.45 -81.91 60.58
CA ALA DF 77 -87.30 -81.43 61.95
C ALA DF 77 -88.56 -81.74 62.76
N ASN DF 78 -88.35 -82.06 64.04
CA ASN DF 78 -89.46 -82.42 64.92
C ASN DF 78 -90.16 -81.14 65.35
N GLY DF 79 -90.90 -80.56 64.40
CA GLY DF 79 -91.71 -79.39 64.62
C GLY DF 79 -91.09 -78.17 63.97
N SER DF 80 -91.64 -77.01 64.31
CA SER DF 80 -91.04 -75.71 64.07
C SER DF 80 -91.01 -75.28 62.62
N CYS DF 81 -91.16 -76.19 61.66
CA CYS DF 81 -91.47 -75.79 60.28
C CYS DF 81 -91.43 -77.10 59.44
N ASP DF 82 -91.83 -77.01 58.17
CA ASP DF 82 -91.67 -78.16 57.30
C ASP DF 82 -90.18 -78.43 57.07
N PRO DF 83 -89.85 -79.64 56.61
CA PRO DF 83 -88.43 -79.99 56.45
C PRO DF 83 -87.72 -79.10 55.46
N SER DF 84 -86.39 -79.24 55.44
CA SER DF 84 -85.53 -78.51 54.54
C SER DF 84 -84.51 -79.47 53.96
N VAL DF 85 -83.97 -79.10 52.80
CA VAL DF 85 -83.07 -80.00 52.10
C VAL DF 85 -81.72 -80.02 52.79
N THR DF 86 -81.18 -81.22 52.99
CA THR DF 86 -79.89 -81.41 53.63
C THR DF 86 -78.88 -82.11 52.75
N ARG DF 87 -79.29 -83.15 52.05
CA ARG DF 87 -78.39 -83.92 51.19
C ARG DF 87 -79.01 -84.03 49.81
N GLN DF 88 -78.13 -84.05 48.81
CA GLN DF 88 -78.52 -84.00 47.40
C GLN DF 88 -77.72 -85.08 46.68
N ALA DF 89 -78.38 -86.15 46.26
CA ALA DF 89 -77.74 -87.12 45.39
C ALA DF 89 -77.99 -86.72 43.94
N TYR DF 90 -76.90 -86.47 43.21
CA TYR DF 90 -76.98 -86.13 41.79
C TYR DF 90 -76.49 -87.31 40.98
N ALA DF 91 -77.13 -87.52 39.84
CA ALA DF 91 -76.58 -88.44 38.87
C ALA DF 91 -76.87 -87.93 37.47
N ASP DF 92 -75.94 -88.18 36.55
CA ASP DF 92 -75.99 -87.62 35.21
C ASP DF 92 -75.40 -88.61 34.22
N VAL DF 93 -76.16 -88.90 33.19
CA VAL DF 93 -75.77 -89.81 32.14
C VAL DF 93 -75.71 -89.02 30.84
N THR DF 94 -74.66 -89.25 30.06
CA THR DF 94 -74.42 -88.48 28.85
C THR DF 94 -73.98 -89.43 27.74
N PHE DF 95 -74.95 -89.99 27.03
CA PHE DF 95 -74.59 -90.77 25.86
C PHE DF 95 -74.23 -89.82 24.72
N SER DF 96 -73.23 -90.22 23.94
CA SER DF 96 -72.86 -89.50 22.73
C SER DF 96 -72.81 -90.48 21.57
N PHE DF 97 -73.34 -90.07 20.44
CA PHE DF 97 -73.26 -90.87 19.22
C PHE DF 97 -72.98 -89.94 18.07
N THR DF 98 -72.44 -90.49 17.00
CA THR DF 98 -72.23 -89.65 15.83
C THR DF 98 -73.20 -90.04 14.72
N GLN DF 99 -73.15 -89.24 13.65
CA GLN DF 99 -74.34 -88.97 12.87
C GLN DF 99 -74.71 -90.17 12.01
N TYR DF 100 -73.81 -91.13 11.84
CA TYR DF 100 -74.11 -92.40 11.20
C TYR DF 100 -74.36 -93.51 12.21
N SER DF 101 -74.79 -93.17 13.43
CA SER DF 101 -75.06 -94.16 14.46
C SER DF 101 -76.12 -95.14 14.01
N THR DF 102 -76.28 -96.19 14.81
CA THR DF 102 -77.26 -97.21 14.59
C THR DF 102 -78.05 -97.47 15.86
N ASP DF 103 -79.36 -97.61 15.72
CA ASP DF 103 -80.16 -98.07 16.84
C ASP DF 103 -79.55 -99.34 17.42
N GLU DF 104 -79.03 -100.18 16.53
CA GLU DF 104 -78.23 -101.34 16.92
C GLU DF 104 -77.31 -100.99 18.08
N GLU DF 105 -76.34 -100.11 17.82
CA GLU DF 105 -75.28 -99.86 18.78
C GLU DF 105 -75.80 -99.05 19.95
N ARG DF 106 -76.73 -98.13 19.70
CA ARG DF 106 -77.24 -97.33 20.79
C ARG DF 106 -77.92 -98.21 21.83
N ALA DF 107 -78.81 -99.09 21.38
CA ALA DF 107 -79.44 -100.02 22.31
C ALA DF 107 -78.41 -100.92 22.95
N PHE DF 108 -77.39 -101.33 22.18
CA PHE DF 108 -76.33 -102.11 22.77
C PHE DF 108 -75.74 -101.40 23.99
N VAL DF 109 -75.37 -100.14 23.81
CA VAL DF 109 -74.70 -99.42 24.88
C VAL DF 109 -75.65 -99.17 26.04
N ARG DF 110 -76.91 -98.90 25.72
CA ARG DF 110 -77.89 -98.68 26.77
C ARG DF 110 -78.04 -99.90 27.65
N THR DF 111 -78.29 -101.05 27.03
CA THR DF 111 -78.43 -102.29 27.78
C THR DF 111 -77.14 -102.61 28.54
N GLU DF 112 -76.00 -102.34 27.93
CA GLU DF 112 -74.75 -102.59 28.61
C GLU DF 112 -74.63 -101.73 29.85
N LEU DF 113 -75.02 -100.47 29.76
CA LEU DF 113 -74.95 -99.61 30.93
C LEU DF 113 -75.85 -100.15 32.03
N ALA DF 114 -77.07 -100.56 31.68
CA ALA DF 114 -77.96 -101.09 32.70
C ALA DF 114 -77.35 -102.33 33.35
N ALA DF 115 -76.78 -103.20 32.54
CA ALA DF 115 -76.16 -104.40 33.08
C ALA DF 115 -75.02 -104.07 34.03
N LEU DF 116 -74.11 -103.18 33.62
CA LEU DF 116 -73.08 -102.75 34.55
C LEU DF 116 -73.71 -102.25 35.83
N LEU DF 117 -74.74 -101.43 35.70
CA LEU DF 117 -75.28 -100.72 36.83
C LEU DF 117 -75.86 -101.68 37.85
N ALA DF 118 -76.31 -102.85 37.40
CA ALA DF 118 -76.72 -103.89 38.33
C ALA DF 118 -75.63 -104.90 38.68
N SER DF 119 -74.52 -104.91 37.94
CA SER DF 119 -73.48 -105.90 38.16
C SER DF 119 -72.80 -105.67 39.51
N PRO DF 120 -72.22 -106.72 40.09
CA PRO DF 120 -71.71 -106.60 41.46
C PRO DF 120 -70.62 -105.56 41.62
N LEU DF 121 -69.83 -105.32 40.58
CA LEU DF 121 -68.76 -104.34 40.71
C LEU DF 121 -69.30 -102.99 41.13
N LEU DF 122 -70.11 -102.38 40.27
CA LEU DF 122 -70.59 -101.05 40.62
C LEU DF 122 -71.45 -101.09 41.87
N ILE DF 123 -72.00 -102.26 42.24
CA ILE DF 123 -72.77 -102.31 43.48
C ILE DF 123 -71.97 -101.68 44.60
N ASP DF 124 -70.85 -102.30 44.95
CA ASP DF 124 -70.06 -101.79 46.05
C ASP DF 124 -69.18 -100.65 45.61
N ALA DF 125 -69.04 -100.43 44.30
CA ALA DF 125 -68.31 -99.27 43.87
C ALA DF 125 -69.04 -98.00 44.25
N ILE DF 126 -70.37 -98.01 44.20
CA ILE DF 126 -71.13 -96.83 44.56
C ILE DF 126 -71.64 -96.92 45.99
N ASP DF 127 -72.51 -97.88 46.30
CA ASP DF 127 -73.09 -97.83 47.65
C ASP DF 127 -72.05 -98.08 48.71
N GLN DF 128 -71.11 -98.98 48.48
CA GLN DF 128 -70.05 -99.09 49.45
C GLN DF 128 -68.99 -98.02 49.27
N LEU DF 129 -69.04 -97.27 48.16
CA LEU DF 129 -67.99 -96.32 47.80
C LEU DF 129 -66.62 -96.98 47.82
N ASN DF 130 -66.59 -98.27 47.54
CA ASN DF 130 -65.35 -99.01 47.58
C ASN DF 130 -64.60 -98.81 46.28
N PRO DF 131 -63.33 -98.39 46.30
CA PRO DF 131 -62.61 -98.20 45.04
C PRO DF 131 -62.53 -99.49 44.25
N ALA DF 132 -62.72 -99.38 42.95
CA ALA DF 132 -62.63 -100.54 42.07
C ALA DF 132 -61.28 -101.18 42.30
N TYR DF 133 -61.28 -102.34 42.95
CA TYR DF 133 -60.05 -102.98 43.34
C TYR DF 133 -60.38 -104.35 43.95
N ALA EF 2 -99.92 -75.33 18.18
CA ALA EF 2 -99.63 -76.57 17.42
C ALA EF 2 -98.70 -77.45 18.25
N LYS EF 3 -99.30 -78.30 19.08
CA LYS EF 3 -98.51 -79.25 19.84
C LYS EF 3 -97.89 -80.28 18.90
N LEU EF 4 -96.59 -80.51 19.08
CA LEU EF 4 -95.88 -81.44 18.24
C LEU EF 4 -96.30 -82.86 18.57
N GLU EF 5 -96.58 -83.66 17.55
CA GLU EF 5 -96.99 -85.03 17.75
C GLU EF 5 -96.61 -85.86 16.54
N THR EF 6 -96.53 -87.17 16.75
CA THR EF 6 -96.26 -88.08 15.65
C THR EF 6 -97.24 -87.80 14.52
N VAL EF 7 -96.73 -87.43 13.36
CA VAL EF 7 -97.57 -87.09 12.23
C VAL EF 7 -97.55 -88.27 11.26
N THR EF 8 -98.73 -88.73 10.87
CA THR EF 8 -98.88 -89.90 10.02
C THR EF 8 -99.43 -89.43 8.68
N LEU EF 9 -98.60 -89.52 7.65
CA LEU EF 9 -98.97 -89.12 6.31
C LEU EF 9 -99.22 -90.38 5.51
N GLY EF 10 -100.48 -90.59 5.12
CA GLY EF 10 -100.88 -91.72 4.31
C GLY EF 10 -101.20 -91.31 2.89
N ASN EF 11 -101.30 -92.31 2.02
CA ASN EF 11 -101.63 -92.08 0.61
C ASN EF 11 -100.57 -91.19 -0.04
N ILE EF 12 -99.35 -91.71 -0.10
CA ILE EF 12 -98.21 -90.98 -0.64
C ILE EF 12 -97.50 -91.86 -1.66
N GLY EF 13 -96.68 -91.21 -2.49
CA GLY EF 13 -95.98 -91.87 -3.58
C GLY EF 13 -96.68 -91.66 -4.92
N LYS EF 14 -96.08 -92.21 -5.98
CA LYS EF 14 -96.77 -92.15 -7.26
C LYS EF 14 -98.17 -92.74 -7.16
N ASP EF 15 -98.27 -93.93 -6.60
CA ASP EF 15 -99.53 -94.62 -6.47
C ASP EF 15 -100.37 -94.11 -5.31
N GLY EF 16 -99.78 -93.36 -4.39
CA GLY EF 16 -100.46 -93.00 -3.17
C GLY EF 16 -100.75 -94.20 -2.29
N LYS EF 17 -99.73 -95.02 -2.03
CA LYS EF 17 -99.91 -96.19 -1.17
C LYS EF 17 -98.93 -96.28 -0.02
N GLN EF 18 -97.78 -95.63 -0.07
CA GLN EF 18 -96.87 -95.70 1.06
C GLN EF 18 -97.38 -94.83 2.20
N THR EF 19 -96.65 -94.89 3.31
CA THR EF 19 -97.00 -94.12 4.49
C THR EF 19 -95.72 -93.68 5.18
N LEU EF 20 -95.81 -92.55 5.88
CA LEU EF 20 -94.66 -92.01 6.59
C LEU EF 20 -95.09 -91.51 7.95
N VAL EF 21 -94.38 -91.94 8.99
CA VAL EF 21 -94.64 -91.48 10.34
C VAL EF 21 -93.42 -90.68 10.76
N LEU EF 22 -93.63 -89.42 11.09
CA LEU EF 22 -92.57 -88.56 11.56
C LEU EF 22 -92.75 -88.31 13.04
N ASN EF 23 -91.71 -88.49 13.79
CA ASN EF 23 -91.74 -88.16 15.20
C ASN EF 23 -91.17 -86.77 15.43
N PRO EF 24 -91.59 -86.09 16.49
CA PRO EF 24 -91.08 -84.75 16.75
C PRO EF 24 -89.65 -84.80 17.25
N ARG EF 25 -88.83 -83.86 16.77
CA ARG EF 25 -87.45 -83.72 17.19
C ARG EF 25 -87.23 -82.51 18.09
N GLY EF 26 -88.29 -81.99 18.69
CA GLY EF 26 -88.14 -80.85 19.58
C GLY EF 26 -88.14 -79.54 18.82
N VAL EF 27 -87.72 -78.49 19.53
CA VAL EF 27 -87.74 -77.14 19.02
C VAL EF 27 -86.35 -76.54 19.13
N ASN EF 28 -85.89 -75.90 18.08
CA ASN EF 28 -84.62 -75.21 18.14
C ASN EF 28 -84.72 -74.07 19.15
N PRO EF 29 -83.83 -74.00 20.13
CA PRO EF 29 -83.90 -72.89 21.09
C PRO EF 29 -83.50 -71.57 20.49
N THR EF 30 -82.63 -71.57 19.48
CA THR EF 30 -82.15 -70.34 18.86
C THR EF 30 -83.06 -69.93 17.71
N ASN EF 31 -83.15 -70.78 16.69
CA ASN EF 31 -83.98 -70.49 15.54
C ASN EF 31 -85.45 -70.51 15.87
N GLY EF 32 -85.85 -71.22 16.91
CA GLY EF 32 -87.26 -71.33 17.22
C GLY EF 32 -88.00 -72.06 16.12
N VAL EF 33 -87.51 -73.24 15.74
CA VAL EF 33 -88.08 -74.01 14.64
C VAL EF 33 -88.25 -75.44 15.11
N ALA EF 34 -89.43 -75.99 14.87
CA ALA EF 34 -89.67 -77.37 15.24
C ALA EF 34 -89.25 -78.30 14.10
N SER EF 35 -88.82 -79.49 14.47
CA SER EF 35 -88.31 -80.46 13.52
C SER EF 35 -88.94 -81.82 13.79
N LEU EF 36 -89.30 -82.49 12.70
CA LEU EF 36 -89.86 -83.82 12.76
C LEU EF 36 -88.96 -84.75 11.95
N SER EF 37 -88.95 -86.03 12.30
CA SER EF 37 -88.06 -86.94 11.61
C SER EF 37 -88.68 -88.32 11.52
N GLN EF 38 -88.30 -89.03 10.47
CA GLN EF 38 -88.75 -90.39 10.24
C GLN EF 38 -88.02 -91.37 11.15
N ALA EF 39 -88.76 -92.31 11.69
CA ALA EF 39 -88.16 -93.31 12.56
C ALA EF 39 -87.30 -94.25 11.73
N GLY EF 40 -86.00 -94.22 11.98
CA GLY EF 40 -85.08 -95.08 11.25
C GLY EF 40 -83.94 -95.54 12.14
N ALA EF 41 -83.09 -96.38 11.57
CA ALA EF 41 -81.94 -96.88 12.29
C ALA EF 41 -80.79 -95.89 12.23
N VAL EF 42 -80.53 -95.33 11.05
CA VAL EF 42 -79.40 -94.42 10.83
C VAL EF 42 -79.94 -93.01 10.92
N PRO EF 43 -79.42 -92.16 11.81
CA PRO EF 43 -79.90 -90.78 11.88
C PRO EF 43 -79.68 -90.04 10.59
N ALA EF 44 -78.62 -90.38 9.85
CA ALA EF 44 -78.32 -89.64 8.63
C ALA EF 44 -79.28 -89.96 7.51
N LEU EF 45 -80.00 -91.07 7.62
CA LEU EF 45 -80.81 -91.57 6.52
C LEU EF 45 -82.29 -91.36 6.79
N GLU EF 46 -82.61 -90.42 7.67
CA GLU EF 46 -83.97 -90.23 8.14
C GLU EF 46 -84.56 -88.98 7.53
N LYS EF 47 -85.77 -89.13 6.98
CA LYS EF 47 -86.42 -88.04 6.27
C LYS EF 47 -86.89 -87.02 7.29
N ARG EF 48 -86.46 -85.77 7.12
CA ARG EF 48 -86.68 -84.74 8.11
C ARG EF 48 -87.54 -83.62 7.55
N VAL EF 49 -88.27 -82.96 8.44
CA VAL EF 49 -89.19 -81.91 8.04
C VAL EF 49 -89.10 -80.77 9.04
N THR EF 50 -88.89 -79.56 8.55
CA THR EF 50 -88.75 -78.37 9.36
C THR EF 50 -90.02 -77.53 9.28
N VAL EF 51 -90.34 -76.86 10.39
CA VAL EF 51 -91.48 -75.96 10.42
C VAL EF 51 -91.13 -74.80 11.33
N SER EF 52 -91.30 -73.59 10.84
CA SER EF 52 -91.04 -72.40 11.64
C SER EF 52 -92.05 -71.32 11.32
N VAL EF 53 -92.47 -70.59 12.34
CA VAL EF 53 -93.29 -69.40 12.15
C VAL EF 53 -92.71 -68.28 12.99
N SER EF 54 -91.89 -67.44 12.37
CA SER EF 54 -91.35 -66.31 13.10
C SER EF 54 -92.43 -65.28 13.38
N GLN EF 55 -92.20 -64.50 14.40
CA GLN EF 55 -93.07 -63.45 14.86
C GLN EF 55 -92.89 -62.19 14.01
N PRO EF 56 -93.82 -61.25 14.11
CA PRO EF 56 -93.70 -60.03 13.32
C PRO EF 56 -92.43 -59.27 13.67
N SER EF 57 -91.73 -58.82 12.64
CA SER EF 57 -90.53 -58.02 12.84
C SER EF 57 -90.96 -56.60 13.17
N ARG EF 58 -90.00 -55.67 13.13
CA ARG EF 58 -90.23 -54.29 13.50
C ARG EF 58 -90.62 -53.46 12.28
N ASN EF 59 -91.68 -52.66 12.44
CA ASN EF 59 -92.08 -51.65 11.47
C ASN EF 59 -92.75 -52.23 10.22
N ARG EF 60 -92.65 -53.55 10.03
CA ARG EF 60 -93.18 -54.17 8.83
C ARG EF 60 -94.04 -55.39 9.17
N LYS EF 61 -93.60 -56.17 10.14
CA LYS EF 61 -94.33 -57.24 10.80
C LYS EF 61 -94.58 -58.48 9.97
N ASN EF 62 -94.71 -58.39 8.65
CA ASN EF 62 -94.44 -59.50 7.72
C ASN EF 62 -94.55 -60.91 8.31
N TYR EF 63 -95.69 -61.33 8.83
CA TYR EF 63 -95.75 -62.63 9.49
C TYR EF 63 -95.27 -63.71 8.52
N LYS EF 64 -94.35 -64.56 9.00
CA LYS EF 64 -93.60 -65.47 8.16
C LYS EF 64 -93.71 -66.90 8.67
N VAL EF 65 -93.87 -67.85 7.76
CA VAL EF 65 -93.89 -69.26 8.10
C VAL EF 65 -93.03 -70.03 7.11
N GLN EF 66 -92.20 -70.92 7.62
CA GLN EF 66 -91.29 -71.69 6.79
C GLN EF 66 -91.51 -73.17 7.02
N VAL EF 67 -91.46 -73.94 5.94
CA VAL EF 67 -91.49 -75.40 6.02
C VAL EF 67 -90.40 -75.94 5.11
N LYS EF 68 -89.42 -76.60 5.68
CA LYS EF 68 -88.31 -77.16 4.91
C LYS EF 68 -88.36 -78.67 5.05
N ILE EF 69 -88.57 -79.35 3.93
CA ILE EF 69 -88.64 -80.80 3.88
C ILE EF 69 -87.38 -81.32 3.21
N GLN EF 70 -86.72 -82.25 3.87
CA GLN EF 70 -85.45 -82.81 3.43
C GLN EF 70 -85.59 -84.31 3.35
N ASN EF 71 -85.15 -84.88 2.23
CA ASN EF 71 -85.19 -86.34 2.03
C ASN EF 71 -83.84 -86.81 1.51
N PRO EF 72 -83.07 -87.57 2.29
CA PRO EF 72 -81.79 -88.07 1.81
C PRO EF 72 -81.92 -89.44 1.16
N THR EF 73 -80.83 -89.86 0.53
CA THR EF 73 -80.75 -91.11 -0.20
C THR EF 73 -79.29 -91.50 -0.28
N ALA EF 74 -78.92 -92.61 0.34
CA ALA EF 74 -77.54 -93.06 0.39
C ALA EF 74 -77.36 -94.29 -0.48
N CYS EF 75 -76.10 -94.65 -0.70
CA CYS EF 75 -75.78 -95.87 -1.44
C CYS EF 75 -74.40 -96.32 -0.96
N THR EF 76 -74.38 -97.33 -0.09
CA THR EF 76 -73.13 -97.83 0.46
C THR EF 76 -72.21 -98.31 -0.66
N ALA EF 77 -71.06 -97.66 -0.80
CA ALA EF 77 -70.07 -98.07 -1.77
C ALA EF 77 -69.42 -99.37 -1.34
N ASN EF 78 -68.92 -100.12 -2.32
CA ASN EF 78 -68.21 -101.35 -2.02
C ASN EF 78 -67.00 -101.04 -1.17
N GLY EF 79 -66.85 -101.76 -0.06
CA GLY EF 79 -65.74 -101.57 0.83
C GLY EF 79 -65.92 -100.50 1.87
N SER EF 80 -67.00 -99.72 1.81
CA SER EF 80 -67.30 -98.71 2.81
C SER EF 80 -68.38 -99.25 3.74
N CYS EF 81 -68.08 -99.24 5.04
CA CYS EF 81 -68.99 -99.75 6.05
C CYS EF 81 -69.93 -98.67 6.58
N ASP EF 82 -70.24 -97.68 5.78
CA ASP EF 82 -71.01 -96.53 6.22
C ASP EF 82 -71.85 -95.98 5.07
N PRO EF 83 -73.16 -96.06 5.15
CA PRO EF 83 -73.99 -95.65 4.02
C PRO EF 83 -74.02 -94.14 3.84
N SER EF 84 -72.96 -93.60 3.24
CA SER EF 84 -72.88 -92.15 3.06
C SER EF 84 -74.01 -91.66 2.17
N VAL EF 85 -74.58 -90.51 2.54
CA VAL EF 85 -75.65 -89.92 1.76
C VAL EF 85 -75.07 -89.34 0.48
N THR EF 86 -75.46 -89.90 -0.66
CA THR EF 86 -75.01 -89.41 -1.93
C THR EF 86 -76.06 -88.61 -2.67
N ARG EF 87 -77.23 -88.40 -2.07
CA ARG EF 87 -78.31 -87.77 -2.80
C ARG EF 87 -79.26 -87.13 -1.81
N GLN EF 88 -79.76 -85.94 -2.16
CA GLN EF 88 -80.63 -85.20 -1.25
C GLN EF 88 -81.67 -84.44 -2.05
N ALA EF 89 -82.89 -84.44 -1.57
CA ALA EF 89 -83.98 -83.67 -2.15
C ALA EF 89 -84.46 -82.66 -1.13
N TYR EF 90 -84.66 -81.42 -1.58
CA TYR EF 90 -85.08 -80.34 -0.72
C TYR EF 90 -86.35 -79.71 -1.28
N ALA EF 91 -87.25 -79.32 -0.38
CA ALA EF 91 -88.44 -78.58 -0.77
C ALA EF 91 -88.74 -77.57 0.33
N ASP EF 92 -88.82 -76.30 -0.04
CA ASP EF 92 -88.99 -75.21 0.90
C ASP EF 92 -90.25 -74.44 0.56
N VAL EF 93 -91.17 -74.39 1.50
CA VAL EF 93 -92.39 -73.62 1.36
C VAL EF 93 -92.29 -72.42 2.29
N THR EF 94 -92.65 -71.24 1.77
CA THR EF 94 -92.59 -70.00 2.54
C THR EF 94 -93.93 -69.30 2.38
N PHE EF 95 -94.62 -69.11 3.50
CA PHE EF 95 -95.85 -68.33 3.53
C PHE EF 95 -95.58 -66.99 4.19
N SER EF 96 -96.14 -65.95 3.60
CA SER EF 96 -96.02 -64.60 4.13
C SER EF 96 -97.40 -63.99 4.18
N PHE EF 97 -97.78 -63.46 5.34
CA PHE EF 97 -99.06 -62.78 5.50
C PHE EF 97 -98.83 -61.46 6.20
N THR EF 98 -99.78 -60.56 6.03
CA THR EF 98 -99.69 -59.28 6.70
C THR EF 98 -100.33 -59.38 8.08
N GLN EF 99 -100.07 -58.36 8.89
CA GLN EF 99 -100.60 -58.34 10.23
C GLN EF 99 -102.10 -58.33 10.26
N TYR EF 100 -102.75 -57.98 9.17
CA TYR EF 100 -104.20 -57.94 9.13
C TYR EF 100 -104.79 -59.10 8.34
N SER EF 101 -103.96 -60.03 7.90
CA SER EF 101 -104.45 -61.19 7.20
C SER EF 101 -105.42 -61.97 8.07
N THR EF 102 -106.19 -62.84 7.45
CA THR EF 102 -107.26 -63.54 8.12
C THR EF 102 -107.17 -65.04 7.90
N ASP EF 103 -107.58 -65.77 8.94
CA ASP EF 103 -107.58 -67.22 8.92
C ASP EF 103 -108.25 -67.75 7.68
N GLU EF 104 -109.36 -67.13 7.26
CA GLU EF 104 -110.06 -67.61 6.08
C GLU EF 104 -109.16 -67.52 4.85
N GLU EF 105 -108.57 -66.35 4.63
CA GLU EF 105 -107.82 -66.12 3.41
C GLU EF 105 -106.61 -67.05 3.35
N ARG EF 106 -105.92 -67.19 4.47
CA ARG EF 106 -104.70 -67.96 4.47
C ARG EF 106 -104.94 -69.47 4.66
N ALA EF 107 -106.10 -69.87 5.19
CA ALA EF 107 -106.53 -71.24 5.00
C ALA EF 107 -106.80 -71.54 3.53
N PHE EF 108 -107.41 -70.58 2.82
CA PHE EF 108 -107.62 -70.76 1.39
C PHE EF 108 -106.28 -70.92 0.69
N VAL EF 109 -105.31 -70.11 1.08
CA VAL EF 109 -103.96 -70.25 0.52
C VAL EF 109 -103.45 -71.67 0.75
N ARG EF 110 -103.60 -72.16 1.97
CA ARG EF 110 -103.11 -73.49 2.28
C ARG EF 110 -103.72 -74.52 1.35
N THR EF 111 -105.05 -74.57 1.31
CA THR EF 111 -105.69 -75.64 0.57
C THR EF 111 -105.43 -75.50 -0.91
N GLU EF 112 -105.33 -74.28 -1.43
CA GLU EF 112 -105.07 -74.14 -2.85
C GLU EF 112 -103.66 -74.60 -3.19
N LEU EF 113 -102.72 -74.36 -2.28
CA LEU EF 113 -101.39 -74.89 -2.52
C LEU EF 113 -101.42 -76.41 -2.59
N ALA EF 114 -102.11 -77.04 -1.63
CA ALA EF 114 -102.19 -78.49 -1.65
C ALA EF 114 -102.85 -78.98 -2.93
N ALA EF 115 -103.93 -78.31 -3.34
CA ALA EF 115 -104.63 -78.72 -4.53
C ALA EF 115 -103.73 -78.59 -5.75
N LEU EF 116 -102.89 -77.56 -5.82
CA LEU EF 116 -101.97 -77.47 -6.95
C LEU EF 116 -100.96 -78.61 -6.91
N LEU EF 117 -100.46 -78.94 -5.72
CA LEU EF 117 -99.58 -80.11 -5.64
C LEU EF 117 -100.25 -81.38 -6.12
N ALA EF 118 -101.57 -81.47 -6.04
CA ALA EF 118 -102.26 -82.66 -6.54
C ALA EF 118 -102.67 -82.57 -7.99
N SER EF 119 -102.83 -81.37 -8.53
CA SER EF 119 -103.39 -81.21 -9.87
C SER EF 119 -102.34 -81.51 -10.93
N PRO EF 120 -102.78 -81.90 -12.13
CA PRO EF 120 -101.84 -82.46 -13.11
C PRO EF 120 -100.69 -81.54 -13.44
N LEU EF 121 -100.88 -80.23 -13.30
CA LEU EF 121 -99.81 -79.31 -13.64
C LEU EF 121 -98.54 -79.62 -12.88
N LEU EF 122 -98.55 -79.39 -11.57
CA LEU EF 122 -97.34 -79.65 -10.80
C LEU EF 122 -96.96 -81.11 -10.87
N ILE EF 123 -97.92 -81.99 -11.12
CA ILE EF 123 -97.62 -83.41 -11.20
C ILE EF 123 -96.50 -83.63 -12.20
N ASP EF 124 -96.77 -83.29 -13.46
CA ASP EF 124 -95.79 -83.45 -14.51
C ASP EF 124 -94.69 -82.40 -14.43
N ALA EF 125 -94.94 -81.30 -13.72
CA ALA EF 125 -93.92 -80.30 -13.52
C ALA EF 125 -92.78 -80.81 -12.65
N ILE EF 126 -93.10 -81.67 -11.68
CA ILE EF 126 -92.14 -82.14 -10.70
C ILE EF 126 -91.67 -83.55 -11.03
N ASP EF 127 -92.58 -84.52 -11.04
CA ASP EF 127 -92.12 -85.91 -11.15
C ASP EF 127 -91.35 -86.14 -12.42
N GLN EF 128 -91.78 -85.55 -13.52
CA GLN EF 128 -91.06 -85.69 -14.76
C GLN EF 128 -90.40 -84.39 -15.20
N LEU EF 129 -90.38 -83.37 -14.33
CA LEU EF 129 -89.55 -82.19 -14.53
C LEU EF 129 -89.83 -81.54 -15.87
N ASN EF 130 -91.08 -81.16 -16.07
CA ASN EF 130 -91.49 -80.58 -17.33
C ASN EF 130 -91.81 -79.11 -17.16
N PRO EF 131 -91.11 -78.21 -17.83
CA PRO EF 131 -91.57 -76.83 -17.83
C PRO EF 131 -92.95 -76.68 -18.42
N ALA EF 132 -93.78 -75.93 -17.74
CA ALA EF 132 -95.14 -75.76 -18.18
C ALA EF 132 -95.16 -74.82 -19.38
N TYR EF 133 -95.95 -75.18 -20.37
CA TYR EF 133 -96.21 -74.31 -21.51
C TYR EF 133 -97.44 -74.78 -22.26
N ALA FF 2 -67.32 -92.28 -65.45
CA ALA FF 2 -65.95 -92.09 -65.98
C ALA FF 2 -64.97 -93.06 -65.32
N LYS FF 3 -65.25 -94.35 -65.45
CA LYS FF 3 -64.37 -95.33 -64.84
C LYS FF 3 -63.00 -95.29 -65.50
N LEU FF 4 -61.97 -95.56 -64.71
CA LEU FF 4 -60.59 -95.51 -65.18
C LEU FF 4 -60.15 -96.91 -65.60
N GLU FF 5 -59.68 -97.02 -66.83
CA GLU FF 5 -59.36 -98.31 -67.40
C GLU FF 5 -58.30 -98.09 -68.48
N THR FF 6 -57.74 -99.18 -68.99
CA THR FF 6 -56.75 -99.08 -70.04
C THR FF 6 -57.42 -98.59 -71.31
N VAL FF 7 -56.81 -97.62 -71.96
CA VAL FF 7 -57.37 -96.98 -73.15
C VAL FF 7 -56.40 -97.22 -74.30
N THR FF 8 -56.90 -97.78 -75.39
CA THR FF 8 -56.08 -98.16 -76.54
C THR FF 8 -56.37 -97.19 -77.67
N LEU FF 9 -55.45 -96.27 -77.88
CA LEU FF 9 -55.60 -95.19 -78.84
C LEU FF 9 -55.07 -95.72 -80.16
N GLY FF 10 -55.95 -95.95 -81.13
CA GLY FF 10 -55.57 -96.52 -82.40
C GLY FF 10 -55.60 -95.54 -83.55
N ASN FF 11 -54.83 -95.83 -84.60
CA ASN FF 11 -54.77 -94.98 -85.77
C ASN FF 11 -54.29 -93.59 -85.40
N ILE FF 12 -53.03 -93.54 -84.99
CA ILE FF 12 -52.38 -92.37 -84.44
C ILE FF 12 -51.22 -92.01 -85.37
N GLY FF 13 -50.86 -90.73 -85.39
CA GLY FF 13 -49.70 -90.25 -86.14
C GLY FF 13 -50.09 -89.73 -87.52
N LYS FF 14 -49.07 -89.31 -88.28
CA LYS FF 14 -49.34 -88.79 -89.62
C LYS FF 14 -50.17 -89.77 -90.41
N ASP FF 15 -49.71 -91.01 -90.48
CA ASP FF 15 -50.34 -92.02 -91.30
C ASP FF 15 -51.53 -92.66 -90.63
N GLY FF 16 -51.72 -92.42 -89.33
CA GLY FF 16 -52.75 -93.13 -88.58
C GLY FF 16 -52.48 -94.62 -88.52
N LYS FF 17 -51.24 -94.99 -88.21
CA LYS FF 17 -50.86 -96.40 -88.09
C LYS FF 17 -50.36 -96.81 -86.72
N GLN FF 18 -49.93 -95.90 -85.86
CA GLN FF 18 -49.39 -96.34 -84.60
C GLN FF 18 -50.50 -96.49 -83.57
N THR FF 19 -50.14 -96.96 -82.39
CA THR FF 19 -51.12 -97.23 -81.34
C THR FF 19 -50.48 -97.01 -79.98
N LEU FF 20 -51.25 -96.45 -79.05
CA LEU FF 20 -50.75 -96.20 -77.70
C LEU FF 20 -51.70 -96.79 -76.67
N VAL FF 21 -51.13 -97.57 -75.75
CA VAL FF 21 -51.87 -98.18 -74.67
C VAL FF 21 -51.60 -97.35 -73.43
N LEU FF 22 -52.65 -96.80 -72.84
CA LEU FF 22 -52.52 -95.93 -71.68
C LEU FF 22 -53.23 -96.60 -70.51
N ASN FF 23 -52.49 -96.98 -69.56
CA ASN FF 23 -53.07 -97.56 -68.36
C ASN FF 23 -53.25 -96.48 -67.30
N PRO FF 24 -54.14 -96.71 -66.34
CA PRO FF 24 -54.49 -95.65 -65.39
C PRO FF 24 -53.47 -95.56 -64.26
N ARG FF 25 -53.69 -94.55 -63.43
CA ARG FF 25 -52.81 -94.21 -62.33
C ARG FF 25 -53.68 -93.94 -61.11
N GLY FF 26 -53.13 -93.27 -60.10
CA GLY FF 26 -53.89 -92.82 -58.96
C GLY FF 26 -54.28 -91.35 -59.12
N VAL FF 27 -55.52 -91.04 -58.81
CA VAL FF 27 -56.00 -89.67 -58.97
C VAL FF 27 -55.40 -88.82 -57.85
N ASN FF 28 -54.88 -87.66 -58.21
CA ASN FF 28 -54.35 -86.70 -57.26
C ASN FF 28 -55.39 -86.37 -56.20
N PRO FF 29 -55.23 -86.85 -54.98
CA PRO FF 29 -56.19 -86.46 -53.93
C PRO FF 29 -56.18 -84.96 -53.68
N THR FF 30 -55.03 -84.31 -53.75
CA THR FF 30 -54.98 -82.90 -53.43
C THR FF 30 -55.77 -82.06 -54.40
N ASN FF 31 -56.06 -82.57 -55.58
CA ASN FF 31 -56.76 -81.80 -56.58
C ASN FF 31 -57.82 -82.58 -57.34
N GLY FF 32 -57.92 -83.89 -57.15
CA GLY FF 32 -58.86 -84.67 -57.93
C GLY FF 32 -58.55 -84.60 -59.40
N VAL FF 33 -57.42 -85.19 -59.81
CA VAL FF 33 -57.02 -85.26 -61.20
C VAL FF 33 -56.63 -86.70 -61.51
N ALA FF 34 -57.34 -87.32 -62.43
CA ALA FF 34 -57.01 -88.68 -62.84
C ALA FF 34 -55.90 -88.67 -63.87
N SER FF 35 -55.13 -89.75 -63.88
CA SER FF 35 -53.91 -89.81 -64.68
C SER FF 35 -53.83 -91.11 -65.47
N LEU FF 36 -53.35 -90.99 -66.70
CA LEU FF 36 -53.12 -92.10 -67.60
C LEU FF 36 -51.69 -92.01 -68.11
N SER FF 37 -51.08 -93.15 -68.37
CA SER FF 37 -49.70 -93.13 -68.84
C SER FF 37 -49.39 -94.36 -69.66
N GLN FF 38 -48.29 -94.31 -70.40
CA GLN FF 38 -47.90 -95.35 -71.32
C GLN FF 38 -47.94 -96.70 -70.63
N ALA FF 39 -48.04 -97.78 -71.42
CA ALA FF 39 -48.12 -99.11 -70.83
C ALA FF 39 -46.93 -99.39 -69.93
N GLY FF 40 -45.81 -98.73 -70.15
CA GLY FF 40 -44.60 -98.97 -69.41
C GLY FF 40 -43.48 -99.44 -70.33
N ALA FF 41 -42.31 -99.67 -69.72
CA ALA FF 41 -42.12 -99.51 -68.27
C ALA FF 41 -41.88 -98.05 -67.90
N VAL FF 42 -40.74 -97.52 -68.33
CA VAL FF 42 -40.40 -96.14 -67.97
C VAL FF 42 -41.23 -95.14 -68.74
N PRO FF 43 -41.73 -95.43 -69.94
CA PRO FF 43 -42.61 -94.45 -70.60
C PRO FF 43 -43.85 -94.12 -69.77
N ALA FF 44 -44.23 -94.98 -68.84
CA ALA FF 44 -45.31 -94.64 -67.92
C ALA FF 44 -44.94 -93.46 -67.03
N LEU FF 45 -43.64 -93.25 -66.79
CA LEU FF 45 -43.17 -92.07 -66.09
C LEU FF 45 -42.67 -90.99 -67.04
N GLU FF 46 -43.07 -91.04 -68.31
CA GLU FF 46 -42.80 -89.95 -69.24
C GLU FF 46 -44.07 -89.43 -69.92
N LYS FF 47 -44.83 -90.28 -70.58
CA LYS FF 47 -46.05 -89.84 -71.26
C LYS FF 47 -47.19 -89.77 -70.26
N ARG FF 48 -47.90 -88.65 -70.25
CA ARG FF 48 -48.99 -88.45 -69.30
C ARG FF 48 -50.21 -87.87 -69.97
N VAL FF 49 -51.37 -88.25 -69.45
CA VAL FF 49 -52.66 -87.73 -69.90
C VAL FF 49 -53.51 -87.56 -68.66
N THR FF 50 -53.78 -86.33 -68.29
CA THR FF 50 -54.48 -86.01 -67.06
C THR FF 50 -55.86 -85.47 -67.37
N VAL FF 51 -56.83 -85.80 -66.51
CA VAL FF 51 -58.21 -85.41 -66.69
C VAL FF 51 -58.75 -84.90 -65.37
N SER FF 52 -59.58 -83.86 -65.42
CA SER FF 52 -60.16 -83.33 -64.21
C SER FF 52 -61.50 -82.67 -64.51
N VAL FF 53 -62.41 -82.76 -63.55
CA VAL FF 53 -63.76 -82.23 -63.66
C VAL FF 53 -64.09 -81.39 -62.44
N SER FF 54 -63.81 -80.10 -62.51
CA SER FF 54 -64.11 -79.22 -61.39
C SER FF 54 -65.57 -78.80 -61.44
N GLN FF 55 -66.28 -79.07 -60.34
CA GLN FF 55 -67.69 -78.75 -60.19
C GLN FF 55 -67.86 -77.27 -59.87
N PRO FF 56 -69.07 -76.74 -59.98
CA PRO FF 56 -69.28 -75.32 -59.67
C PRO FF 56 -68.87 -75.00 -58.25
N SER FF 57 -68.50 -73.75 -58.04
CA SER FF 57 -68.14 -73.24 -56.71
C SER FF 57 -68.33 -71.73 -56.73
N ARG FF 58 -67.80 -71.05 -55.72
CA ARG FF 58 -67.90 -69.60 -55.70
C ARG FF 58 -67.07 -68.95 -56.80
N ASN FF 59 -66.00 -69.60 -57.25
CA ASN FF 59 -65.25 -69.09 -58.40
C ASN FF 59 -65.59 -69.85 -59.67
N ARG FF 60 -66.07 -71.09 -59.56
CA ARG FF 60 -66.48 -71.88 -60.72
C ARG FF 60 -67.99 -71.82 -60.86
N LYS FF 61 -68.52 -71.75 -62.09
CA LYS FF 61 -69.94 -71.41 -62.20
C LYS FF 61 -70.90 -72.46 -62.76
N ASN FF 62 -70.81 -72.96 -64.01
CA ASN FF 62 -69.65 -73.18 -64.89
C ASN FF 62 -68.67 -74.24 -64.42
N TYR FF 63 -69.15 -75.49 -64.47
CA TYR FF 63 -68.27 -76.64 -64.50
C TYR FF 63 -67.13 -76.41 -65.48
N LYS FF 64 -65.95 -76.90 -65.12
CA LYS FF 64 -64.80 -76.86 -66.01
C LYS FF 64 -64.19 -78.25 -66.08
N VAL FF 65 -64.06 -78.79 -67.28
CA VAL FF 65 -63.37 -80.05 -67.48
C VAL FF 65 -62.09 -79.78 -68.25
N GLN FF 66 -60.99 -80.17 -67.65
CA GLN FF 66 -59.66 -79.95 -68.18
C GLN FF 66 -59.05 -81.29 -68.55
N VAL FF 67 -58.44 -81.35 -69.73
CA VAL FF 67 -57.68 -82.52 -70.16
C VAL FF 67 -56.33 -82.02 -70.63
N LYS FF 68 -55.28 -82.46 -69.96
CA LYS FF 68 -53.92 -82.10 -70.34
C LYS FF 68 -53.21 -83.33 -70.87
N ILE FF 69 -52.43 -83.13 -71.93
CA ILE FF 69 -51.66 -84.20 -72.53
C ILE FF 69 -50.21 -83.73 -72.59
N GLN FF 70 -49.30 -84.59 -72.15
CA GLN FF 70 -47.89 -84.24 -72.08
C GLN FF 70 -47.09 -85.39 -72.64
N ASN FF 71 -46.33 -85.13 -73.70
CA ASN FF 71 -45.51 -86.15 -74.35
C ASN FF 71 -44.07 -85.66 -74.41
N PRO FF 72 -43.16 -86.27 -73.67
CA PRO FF 72 -41.76 -85.83 -73.69
C PRO FF 72 -40.93 -86.59 -74.70
N THR FF 73 -40.24 -85.88 -75.58
CA THR FF 73 -39.25 -86.51 -76.46
C THR FF 73 -37.89 -86.49 -75.79
N ALA FF 74 -37.27 -87.66 -75.71
CA ALA FF 74 -36.00 -87.83 -75.03
C ALA FF 74 -35.03 -88.56 -75.93
N CYS FF 75 -33.78 -88.56 -75.50
CA CYS FF 75 -32.71 -89.20 -76.28
C CYS FF 75 -31.60 -89.62 -75.34
N THR FF 76 -30.75 -90.51 -75.85
CA THR FF 76 -29.58 -90.98 -75.14
C THR FF 76 -28.35 -90.49 -75.88
N ALA FF 77 -27.56 -89.65 -75.23
CA ALA FF 77 -26.32 -89.20 -75.83
C ALA FF 77 -25.40 -90.38 -76.10
N ASN FF 78 -24.59 -90.27 -77.13
CA ASN FF 78 -23.69 -91.36 -77.45
C ASN FF 78 -22.63 -91.48 -76.35
N GLY FF 79 -22.88 -92.37 -75.40
CA GLY FF 79 -21.92 -92.64 -74.35
C GLY FF 79 -22.55 -92.83 -72.99
N SER FF 80 -23.68 -92.17 -72.74
CA SER FF 80 -24.34 -92.31 -71.45
C SER FF 80 -25.32 -93.46 -71.48
N CYS FF 81 -26.14 -93.57 -70.43
CA CYS FF 81 -27.06 -94.69 -70.28
C CYS FF 81 -28.51 -94.23 -70.29
N ASP FF 82 -28.82 -93.39 -69.33
CA ASP FF 82 -30.18 -93.02 -69.06
C ASP FF 82 -30.62 -91.96 -70.06
N PRO FF 83 -31.72 -92.15 -70.78
CA PRO FF 83 -32.17 -91.12 -71.71
C PRO FF 83 -32.67 -89.91 -70.96
N SER FF 84 -32.26 -88.74 -71.43
CA SER FF 84 -32.72 -87.48 -70.87
C SER FF 84 -33.71 -86.84 -71.84
N VAL FF 85 -34.67 -86.13 -71.28
CA VAL FF 85 -35.72 -85.51 -72.07
C VAL FF 85 -35.16 -84.23 -72.69
N THR FF 86 -35.16 -84.15 -74.02
CA THR FF 86 -34.64 -82.98 -74.67
C THR FF 86 -35.73 -82.02 -75.13
N ARG FF 87 -36.96 -82.50 -75.25
CA ARG FF 87 -38.08 -81.61 -75.57
C ARG FF 87 -39.32 -82.20 -74.93
N GLN FF 88 -40.36 -81.38 -74.84
CA GLN FF 88 -41.64 -81.88 -74.34
C GLN FF 88 -42.76 -81.11 -75.01
N ALA FF 89 -43.55 -81.80 -75.80
CA ALA FF 89 -44.76 -81.22 -76.34
C ALA FF 89 -45.89 -81.44 -75.36
N TYR FF 90 -46.84 -80.53 -75.37
CA TYR FF 90 -47.98 -80.73 -74.49
C TYR FF 90 -49.07 -79.73 -74.82
N ALA FF 91 -50.31 -80.14 -74.50
CA ALA FF 91 -51.48 -79.38 -74.87
C ALA FF 91 -52.54 -79.55 -73.79
N ASP FF 92 -53.49 -78.63 -73.79
CA ASP FF 92 -54.61 -78.69 -72.86
C ASP FF 92 -55.88 -78.30 -73.58
N VAL FF 93 -56.94 -79.02 -73.26
CA VAL FF 93 -58.29 -78.66 -73.65
C VAL FF 93 -59.06 -78.32 -72.38
N THR FF 94 -59.84 -77.24 -72.44
CA THR FF 94 -60.57 -76.78 -71.28
C THR FF 94 -61.99 -76.47 -71.71
N PHE FF 95 -62.94 -77.23 -71.21
CA PHE FF 95 -64.34 -77.06 -71.55
C PHE FF 95 -65.06 -76.42 -70.38
N SER FF 96 -65.76 -75.32 -70.63
CA SER FF 96 -66.51 -74.63 -69.60
C SER FF 96 -67.98 -74.74 -69.93
N PHE FF 97 -68.72 -75.44 -69.08
CA PHE FF 97 -70.15 -75.65 -69.28
C PHE FF 97 -70.93 -75.07 -68.11
N THR FF 98 -72.04 -74.42 -68.42
CA THR FF 98 -72.86 -73.85 -67.36
C THR FF 98 -73.80 -74.90 -66.78
N GLN FF 99 -74.36 -74.56 -65.62
CA GLN FF 99 -75.03 -75.56 -64.80
C GLN FF 99 -76.23 -76.14 -65.52
N TYR FF 100 -76.88 -75.37 -66.39
CA TYR FF 100 -78.05 -75.85 -67.09
C TYR FF 100 -77.74 -76.77 -68.25
N SER FF 101 -76.52 -77.27 -68.33
CA SER FF 101 -76.01 -77.72 -69.62
C SER FF 101 -76.69 -79.02 -70.01
N THR FF 102 -76.78 -79.26 -71.31
CA THR FF 102 -77.37 -80.47 -71.84
C THR FF 102 -76.27 -81.41 -72.27
N ASP FF 103 -76.37 -82.66 -71.83
CA ASP FF 103 -75.51 -83.70 -72.37
C ASP FF 103 -75.42 -83.59 -73.88
N GLU FF 104 -76.55 -83.30 -74.54
CA GLU FF 104 -76.54 -83.19 -75.99
C GLU FF 104 -75.56 -82.12 -76.43
N GLU FF 105 -75.68 -80.92 -75.86
CA GLU FF 105 -74.82 -79.83 -76.29
C GLU FF 105 -73.36 -80.17 -76.01
N ARG FF 106 -73.09 -80.75 -74.86
CA ARG FF 106 -71.72 -81.11 -74.52
C ARG FF 106 -71.16 -82.12 -75.49
N ALA FF 107 -71.93 -83.15 -75.82
CA ALA FF 107 -71.47 -84.12 -76.80
C ALA FF 107 -71.22 -83.45 -78.15
N PHE FF 108 -72.10 -82.51 -78.50
CA PHE FF 108 -71.94 -81.85 -79.78
C PHE FF 108 -70.61 -81.11 -79.81
N VAL FF 109 -70.34 -80.34 -78.76
CA VAL FF 109 -69.05 -79.67 -78.66
C VAL FF 109 -67.93 -80.69 -78.74
N ARG FF 110 -68.10 -81.84 -78.08
CA ARG FF 110 -67.08 -82.87 -78.12
C ARG FF 110 -66.68 -83.17 -79.53
N THR FF 111 -67.61 -83.76 -80.27
CA THR FF 111 -67.24 -84.27 -81.57
C THR FF 111 -67.04 -83.12 -82.56
N GLU FF 112 -67.53 -81.93 -82.25
CA GLU FF 112 -67.16 -80.79 -83.05
C GLU FF 112 -65.68 -80.56 -83.00
N LEU FF 113 -65.14 -80.46 -81.78
CA LEU FF 113 -63.70 -80.30 -81.66
C LEU FF 113 -62.98 -81.48 -82.27
N ALA FF 114 -63.53 -82.68 -82.12
CA ALA FF 114 -62.86 -83.86 -82.65
C ALA FF 114 -62.73 -83.78 -84.16
N ALA FF 115 -63.86 -83.54 -84.84
CA ALA FF 115 -63.81 -83.46 -86.29
C ALA FF 115 -62.99 -82.28 -86.74
N LEU FF 116 -62.93 -81.21 -85.94
CA LEU FF 116 -62.05 -80.11 -86.32
C LEU FF 116 -60.60 -80.55 -86.30
N LEU FF 117 -60.17 -81.19 -85.20
CA LEU FF 117 -58.81 -81.71 -85.17
C LEU FF 117 -58.56 -82.61 -86.36
N ALA FF 118 -59.56 -83.40 -86.75
CA ALA FF 118 -59.42 -84.25 -87.91
C ALA FF 118 -59.45 -83.48 -89.22
N SER FF 119 -59.87 -82.22 -89.19
CA SER FF 119 -60.08 -81.47 -90.41
C SER FF 119 -58.75 -81.02 -91.01
N PRO FF 120 -58.70 -80.83 -92.34
CA PRO FF 120 -57.47 -80.35 -92.95
C PRO FF 120 -56.93 -79.10 -92.31
N LEU FF 121 -57.83 -78.20 -91.90
CA LEU FF 121 -57.41 -76.93 -91.34
C LEU FF 121 -56.42 -77.13 -90.21
N LEU FF 122 -56.85 -77.77 -89.13
CA LEU FF 122 -55.99 -77.86 -87.96
C LEU FF 122 -54.81 -78.78 -88.19
N ILE FF 123 -54.96 -79.83 -89.00
CA ILE FF 123 -53.79 -80.68 -89.24
C ILE FF 123 -52.70 -79.87 -89.91
N ASP FF 124 -53.06 -79.03 -90.87
CA ASP FF 124 -52.03 -78.20 -91.48
C ASP FF 124 -51.54 -77.16 -90.50
N ALA FF 125 -52.45 -76.59 -89.72
CA ALA FF 125 -52.09 -75.52 -88.79
C ALA FF 125 -51.25 -76.01 -87.63
N ILE FF 126 -51.21 -77.32 -87.40
CA ILE FF 126 -50.52 -77.88 -86.25
C ILE FF 126 -49.28 -78.62 -86.73
N ASP FF 127 -49.49 -79.60 -87.58
CA ASP FF 127 -48.39 -80.40 -88.10
C ASP FF 127 -47.31 -79.51 -88.68
N GLN FF 128 -47.69 -78.54 -89.50
CA GLN FF 128 -46.73 -77.66 -90.14
C GLN FF 128 -46.75 -76.25 -89.58
N LEU FF 129 -47.55 -75.99 -88.53
CA LEU FF 129 -47.60 -74.68 -87.89
C LEU FF 129 -47.86 -73.58 -88.91
N ASN FF 130 -48.77 -73.83 -89.83
CA ASN FF 130 -49.03 -72.85 -90.87
C ASN FF 130 -50.30 -72.10 -90.54
N PRO FF 131 -50.26 -70.82 -90.21
CA PRO FF 131 -51.49 -70.07 -90.00
C PRO FF 131 -52.37 -70.15 -91.23
N ALA FF 132 -53.64 -69.89 -91.02
CA ALA FF 132 -54.62 -70.03 -92.09
C ALA FF 132 -54.66 -68.74 -92.88
N TYR FF 133 -54.08 -68.77 -94.08
CA TYR FF 133 -54.18 -67.63 -94.98
C TYR FF 133 -54.07 -68.11 -96.40
N ALA GF 2 -69.25 -100.42 -48.40
CA ALA GF 2 -70.31 -99.49 -48.87
C ALA GF 2 -70.06 -99.09 -50.32
N LYS GF 3 -69.85 -100.08 -51.17
CA LYS GF 3 -69.56 -99.80 -52.57
C LYS GF 3 -70.66 -98.93 -53.16
N LEU GF 4 -70.25 -97.97 -54.00
CA LEU GF 4 -71.23 -97.15 -54.69
C LEU GF 4 -72.06 -98.02 -55.63
N GLU GF 5 -73.33 -97.68 -55.77
CA GLU GF 5 -74.24 -98.54 -56.50
C GLU GF 5 -75.58 -97.85 -56.71
N THR GF 6 -76.36 -98.41 -57.62
CA THR GF 6 -77.66 -97.86 -57.98
C THR GF 6 -78.61 -97.91 -56.79
N VAL GF 7 -78.86 -96.77 -56.18
CA VAL GF 7 -79.66 -96.70 -54.97
C VAL GF 7 -81.13 -96.55 -55.35
N THR GF 8 -81.97 -97.43 -54.83
CA THR GF 8 -83.37 -97.49 -55.26
C THR GF 8 -84.26 -97.35 -54.02
N LEU GF 9 -84.77 -96.15 -53.84
CA LEU GF 9 -85.60 -95.82 -52.69
C LEU GF 9 -87.06 -96.11 -53.05
N GLY GF 10 -87.71 -96.92 -52.24
CA GLY GF 10 -89.05 -97.38 -52.56
C GLY GF 10 -90.13 -96.35 -52.28
N ASN GF 11 -91.23 -96.81 -51.67
CA ASN GF 11 -92.33 -95.94 -51.33
C ASN GF 11 -91.82 -94.62 -50.76
N ILE GF 12 -92.36 -93.52 -51.26
CA ILE GF 12 -91.83 -92.20 -50.96
C ILE GF 12 -92.93 -91.19 -51.14
N GLY GF 13 -93.00 -90.21 -50.24
CA GLY GF 13 -93.90 -89.08 -50.37
C GLY GF 13 -95.01 -89.14 -49.34
N LYS GF 14 -95.98 -88.24 -49.49
CA LYS GF 14 -97.12 -88.24 -48.58
C LYS GF 14 -97.82 -89.58 -48.61
N ASP GF 15 -98.38 -89.94 -49.75
CA ASP GF 15 -99.07 -91.22 -49.87
C ASP GF 15 -98.13 -92.40 -49.96
N GLY GF 16 -96.82 -92.16 -50.05
CA GLY GF 16 -95.86 -93.24 -50.10
C GLY GF 16 -96.02 -94.13 -51.31
N LYS GF 17 -96.08 -93.52 -52.48
CA LYS GF 17 -96.28 -94.27 -53.72
C LYS GF 17 -95.23 -94.01 -54.78
N GLN GF 18 -94.40 -92.99 -54.65
CA GLN GF 18 -93.37 -92.75 -55.65
C GLN GF 18 -92.08 -93.47 -55.23
N THR GF 19 -91.14 -93.56 -56.17
CA THR GF 19 -89.86 -94.16 -55.92
C THR GF 19 -88.77 -93.31 -56.55
N LEU GF 20 -87.55 -93.49 -56.08
CA LEU GF 20 -86.41 -92.72 -56.52
C LEU GF 20 -85.30 -93.68 -56.93
N VAL GF 21 -84.65 -93.42 -58.05
CA VAL GF 21 -83.51 -94.20 -58.47
C VAL GF 21 -82.36 -93.22 -58.66
N LEU GF 22 -81.29 -93.44 -57.93
CA LEU GF 22 -80.12 -92.58 -57.98
C LEU GF 22 -78.93 -93.41 -58.42
N ASN GF 23 -78.34 -93.06 -59.56
CA ASN GF 23 -77.15 -93.78 -59.98
C ASN GF 23 -75.92 -93.23 -59.27
N PRO GF 24 -74.86 -94.02 -59.16
CA PRO GF 24 -73.65 -93.53 -58.49
C PRO GF 24 -72.85 -92.67 -59.44
N ARG GF 25 -72.63 -91.41 -59.05
CA ARG GF 25 -71.86 -90.50 -59.90
C ARG GF 25 -70.36 -90.73 -59.71
N GLY GF 26 -69.88 -90.47 -58.51
CA GLY GF 26 -68.46 -90.58 -58.27
C GLY GF 26 -68.11 -90.22 -56.85
N VAL GF 27 -66.85 -89.85 -56.65
CA VAL GF 27 -66.34 -89.60 -55.32
C VAL GF 27 -65.34 -88.46 -55.38
N ASN GF 28 -65.75 -87.29 -54.90
CA ASN GF 28 -64.81 -86.18 -54.79
C ASN GF 28 -63.72 -86.55 -53.80
N PRO GF 29 -62.46 -86.54 -54.20
CA PRO GF 29 -61.38 -86.80 -53.25
C PRO GF 29 -61.11 -85.62 -52.35
N THR GF 30 -61.17 -84.42 -52.91
CA THR GF 30 -60.76 -83.22 -52.18
C THR GF 30 -61.35 -83.19 -50.79
N ASN GF 31 -62.51 -83.79 -50.62
CA ASN GF 31 -63.17 -83.86 -49.32
C ASN GF 31 -63.71 -85.25 -49.03
N GLY GF 32 -63.38 -86.23 -49.86
CA GLY GF 32 -63.81 -87.59 -49.63
C GLY GF 32 -65.31 -87.70 -49.50
N VAL GF 33 -66.03 -87.30 -50.54
CA VAL GF 33 -67.48 -87.27 -50.50
C VAL GF 33 -68.03 -88.03 -51.70
N ALA GF 34 -68.80 -89.07 -51.43
CA ALA GF 34 -69.44 -89.82 -52.50
C ALA GF 34 -70.72 -89.11 -52.91
N SER GF 35 -70.92 -89.01 -54.22
CA SER GF 35 -72.03 -88.29 -54.80
C SER GF 35 -72.99 -89.27 -55.46
N LEU GF 36 -74.26 -88.92 -55.44
CA LEU GF 36 -75.30 -89.77 -55.97
C LEU GF 36 -76.37 -88.85 -56.57
N SER GF 37 -76.87 -89.19 -57.74
CA SER GF 37 -77.69 -88.25 -58.49
C SER GF 37 -78.79 -88.97 -59.24
N GLN GF 38 -79.93 -88.32 -59.33
CA GLN GF 38 -81.04 -88.86 -60.08
C GLN GF 38 -80.70 -88.87 -61.57
N ALA GF 39 -81.18 -89.89 -62.25
CA ALA GF 39 -80.91 -90.02 -63.68
C ALA GF 39 -81.54 -88.88 -64.44
N GLY GF 40 -80.70 -88.05 -65.06
CA GLY GF 40 -81.18 -86.93 -65.82
C GLY GF 40 -80.16 -86.46 -66.83
N ALA GF 41 -80.29 -85.22 -67.29
CA ALA GF 41 -79.28 -84.64 -68.17
C ALA GF 41 -78.84 -83.28 -67.67
N VAL GF 42 -79.80 -82.48 -67.19
CA VAL GF 42 -79.52 -81.11 -66.79
C VAL GF 42 -78.97 -81.13 -65.38
N PRO GF 43 -77.69 -80.80 -65.16
CA PRO GF 43 -77.15 -80.89 -63.80
C PRO GF 43 -77.93 -80.07 -62.80
N ALA GF 44 -78.56 -78.99 -63.23
CA ALA GF 44 -79.25 -78.12 -62.30
C ALA GF 44 -80.65 -78.60 -61.94
N LEU GF 45 -81.11 -79.70 -62.52
CA LEU GF 45 -82.45 -80.21 -62.26
C LEU GF 45 -82.40 -81.69 -61.91
N GLU GF 46 -81.54 -82.02 -60.95
CA GLU GF 46 -81.33 -83.39 -60.52
C GLU GF 46 -81.38 -83.47 -59.00
N LYS GF 47 -81.97 -84.55 -58.50
CA LYS GF 47 -81.96 -84.81 -57.06
C LYS GF 47 -80.57 -85.31 -56.67
N ARG GF 48 -79.92 -84.60 -55.77
CA ARG GF 48 -78.54 -84.89 -55.42
C ARG GF 48 -78.43 -85.36 -53.97
N VAL GF 49 -77.51 -86.27 -53.74
CA VAL GF 49 -77.21 -86.79 -52.42
C VAL GF 49 -75.71 -86.89 -52.27
N THR GF 50 -75.22 -86.51 -51.10
CA THR GF 50 -73.79 -86.56 -50.82
C THR GF 50 -73.60 -87.23 -49.47
N VAL GF 51 -72.64 -88.15 -49.40
CA VAL GF 51 -72.33 -88.82 -48.14
C VAL GF 51 -70.84 -88.75 -47.91
N SER GF 52 -70.46 -88.36 -46.70
CA SER GF 52 -69.06 -88.18 -46.34
C SER GF 52 -68.82 -88.74 -44.96
N VAL GF 53 -67.64 -89.31 -44.77
CA VAL GF 53 -67.25 -89.89 -43.50
C VAL GF 53 -65.89 -89.30 -43.14
N SER GF 54 -65.89 -88.41 -42.15
CA SER GF 54 -64.68 -87.71 -41.75
C SER GF 54 -64.07 -88.41 -40.54
N GLN GF 55 -62.84 -88.85 -40.69
CA GLN GF 55 -62.13 -89.56 -39.65
C GLN GF 55 -61.68 -88.59 -38.56
N PRO GF 56 -61.33 -89.12 -37.38
CA PRO GF 56 -60.89 -88.24 -36.29
C PRO GF 56 -59.50 -87.69 -36.58
N SER GF 57 -59.44 -86.40 -36.88
CA SER GF 57 -58.18 -85.70 -37.06
C SER GF 57 -57.62 -85.28 -35.71
N ARG GF 58 -56.42 -84.74 -35.74
CA ARG GF 58 -55.74 -84.32 -34.52
C ARG GF 58 -56.43 -83.15 -33.85
N ASN GF 59 -57.39 -82.51 -34.51
CA ASN GF 59 -58.06 -81.33 -33.96
C ASN GF 59 -59.50 -81.62 -33.57
N ARG GF 60 -60.02 -82.83 -33.84
CA ARG GF 60 -61.40 -83.14 -33.51
C ARG GF 60 -61.52 -84.36 -32.60
N LYS GF 61 -60.84 -85.45 -32.96
CA LYS GF 61 -60.96 -86.71 -32.24
C LYS GF 61 -62.43 -87.12 -32.13
N ASN GF 62 -63.06 -87.25 -33.28
CA ASN GF 62 -64.42 -87.76 -33.33
C ASN GF 62 -64.76 -88.09 -34.78
N TYR GF 63 -65.28 -89.29 -35.00
CA TYR GF 63 -65.73 -89.65 -36.32
C TYR GF 63 -67.02 -88.89 -36.63
N LYS GF 64 -67.10 -88.33 -37.83
CA LYS GF 64 -68.27 -87.56 -38.24
C LYS GF 64 -68.82 -88.14 -39.54
N VAL GF 65 -70.12 -88.06 -39.71
CA VAL GF 65 -70.76 -88.62 -40.88
C VAL GF 65 -71.79 -87.62 -41.37
N GLN GF 66 -71.53 -87.03 -42.53
CA GLN GF 66 -72.40 -86.04 -43.13
C GLN GF 66 -73.20 -86.67 -44.25
N VAL GF 67 -74.48 -86.33 -44.33
CA VAL GF 67 -75.33 -86.73 -45.42
C VAL GF 67 -76.15 -85.52 -45.83
N LYS GF 68 -75.89 -85.01 -47.03
CA LYS GF 68 -76.61 -83.86 -47.56
C LYS GF 68 -77.55 -84.33 -48.66
N ILE GF 69 -78.72 -83.71 -48.71
CA ILE GF 69 -79.72 -84.00 -49.72
C ILE GF 69 -80.16 -82.69 -50.32
N GLN GF 70 -80.17 -82.61 -51.65
CA GLN GF 70 -80.60 -81.43 -52.38
C GLN GF 70 -81.68 -81.82 -53.37
N ASN GF 71 -82.78 -81.08 -53.36
CA ASN GF 71 -83.90 -81.33 -54.26
C ASN GF 71 -84.28 -80.03 -54.96
N PRO GF 72 -84.02 -79.89 -56.26
CA PRO GF 72 -84.41 -78.67 -56.96
C PRO GF 72 -85.78 -78.80 -57.61
N THR GF 73 -86.40 -77.66 -57.84
CA THR GF 73 -87.71 -77.60 -58.46
C THR GF 73 -87.62 -77.18 -59.92
N ALA GF 74 -88.45 -77.81 -60.74
CA ALA GF 74 -88.40 -77.58 -62.18
C ALA GF 74 -88.85 -76.16 -62.52
N CYS GF 75 -90.10 -75.83 -62.22
CA CYS GF 75 -90.66 -74.53 -62.59
C CYS GF 75 -90.57 -74.31 -64.09
N THR GF 76 -90.98 -75.31 -64.86
CA THR GF 76 -90.91 -75.22 -66.31
C THR GF 76 -91.75 -74.06 -66.83
N ALA GF 77 -91.17 -73.26 -67.71
CA ALA GF 77 -91.86 -72.16 -68.37
C ALA GF 77 -92.57 -72.68 -69.62
N ASN GF 78 -93.68 -72.01 -69.96
CA ASN GF 78 -94.50 -72.42 -71.11
C ASN GF 78 -93.74 -72.08 -72.39
N GLY GF 79 -92.67 -72.85 -72.62
CA GLY GF 79 -91.82 -72.68 -73.78
C GLY GF 79 -90.62 -71.82 -73.43
N SER GF 80 -90.04 -71.22 -74.45
CA SER GF 80 -89.23 -70.03 -74.26
C SER GF 80 -87.92 -70.30 -73.54
N CYS GF 81 -87.72 -71.49 -72.96
CA CYS GF 81 -86.40 -72.11 -72.87
C CYS GF 81 -86.57 -73.29 -71.90
N ASP GF 82 -85.53 -74.09 -71.68
CA ASP GF 82 -85.68 -75.18 -70.72
C ASP GF 82 -85.86 -74.63 -69.30
N PRO GF 83 -86.40 -75.43 -68.39
CA PRO GF 83 -86.80 -74.90 -67.09
C PRO GF 83 -85.63 -74.30 -66.32
N SER GF 84 -85.98 -73.57 -65.27
CA SER GF 84 -85.02 -72.84 -64.45
C SER GF 84 -85.24 -73.18 -62.98
N VAL GF 85 -84.13 -73.22 -62.24
CA VAL GF 85 -84.21 -73.59 -60.83
C VAL GF 85 -84.87 -72.46 -60.06
N THR GF 86 -85.90 -72.80 -59.30
CA THR GF 86 -86.68 -71.83 -58.55
C THR GF 86 -86.65 -72.07 -57.05
N ARG GF 87 -86.84 -73.30 -56.61
CA ARG GF 87 -86.85 -73.65 -55.20
C ARG GF 87 -85.90 -74.81 -54.98
N GLN GF 88 -85.27 -74.84 -53.81
CA GLN GF 88 -84.23 -75.84 -53.54
C GLN GF 88 -84.37 -76.30 -52.10
N ALA GF 89 -84.88 -77.51 -51.90
CA ALA GF 89 -85.02 -78.08 -50.57
C ALA GF 89 -83.71 -78.72 -50.17
N TYR GF 90 -83.22 -78.33 -48.99
CA TYR GF 90 -81.98 -78.86 -48.45
C TYR GF 90 -82.25 -79.68 -47.20
N ALA GF 91 -81.46 -80.72 -47.01
CA ALA GF 91 -81.48 -81.46 -45.75
C ALA GF 91 -80.05 -81.85 -45.44
N ASP GF 92 -79.71 -81.81 -44.15
CA ASP GF 92 -78.34 -82.11 -43.71
C ASP GF 92 -78.38 -82.91 -42.43
N VAL GF 93 -77.84 -84.12 -42.48
CA VAL GF 93 -77.73 -85.01 -41.34
C VAL GF 93 -76.27 -85.10 -40.94
N THR GF 94 -76.00 -84.98 -39.65
CA THR GF 94 -74.63 -84.93 -39.15
C THR GF 94 -74.56 -85.85 -37.93
N PHE GF 95 -74.12 -87.08 -38.16
CA PHE GF 95 -73.88 -88.00 -37.06
C PHE GF 95 -72.48 -87.76 -36.51
N SER GF 96 -72.35 -87.83 -35.19
CA SER GF 96 -71.07 -87.67 -34.54
C SER GF 96 -70.87 -88.80 -33.54
N PHE GF 97 -69.71 -89.44 -33.62
CA PHE GF 97 -69.36 -90.59 -32.81
C PHE GF 97 -67.98 -90.34 -32.26
N THR GF 98 -67.67 -90.94 -31.13
CA THR GF 98 -66.30 -90.84 -30.67
C THR GF 98 -65.63 -92.21 -30.67
N GLN GF 99 -64.30 -92.18 -30.47
CA GLN GF 99 -63.44 -93.26 -30.92
C GLN GF 99 -63.88 -94.61 -30.39
N TYR GF 100 -64.47 -94.64 -29.20
CA TYR GF 100 -64.84 -95.89 -28.55
C TYR GF 100 -66.28 -96.27 -28.82
N SER GF 101 -66.84 -95.80 -29.93
CA SER GF 101 -68.22 -96.12 -30.27
C SER GF 101 -68.38 -97.61 -30.47
N THR GF 102 -69.64 -98.01 -30.53
CA THR GF 102 -70.04 -99.36 -30.88
C THR GF 102 -70.99 -99.32 -32.07
N ASP GF 103 -70.74 -100.18 -33.05
CA ASP GF 103 -71.74 -100.39 -34.09
C ASP GF 103 -73.11 -100.48 -33.45
N GLU GF 104 -73.16 -101.06 -32.26
CA GLU GF 104 -74.41 -101.25 -31.53
C GLU GF 104 -75.17 -99.93 -31.44
N GLU GF 105 -74.59 -99.01 -30.68
CA GLU GF 105 -75.24 -97.73 -30.43
C GLU GF 105 -75.38 -96.93 -31.71
N ARG GF 106 -74.46 -97.10 -32.65
CA ARG GF 106 -74.54 -96.31 -33.86
C ARG GF 106 -75.79 -96.67 -34.64
N ALA GF 107 -75.99 -97.96 -34.90
CA ALA GF 107 -77.21 -98.38 -35.56
C ALA GF 107 -78.42 -97.99 -34.72
N PHE GF 108 -78.29 -98.07 -33.40
CA PHE GF 108 -79.37 -97.61 -32.53
C PHE GF 108 -79.77 -96.18 -32.87
N VAL GF 109 -78.78 -95.29 -32.91
CA VAL GF 109 -79.05 -93.89 -33.16
C VAL GF 109 -79.71 -93.72 -34.51
N ARG GF 110 -79.18 -94.38 -35.52
CA ARG GF 110 -79.71 -94.20 -36.85
C ARG GF 110 -81.15 -94.68 -36.96
N THR GF 111 -81.41 -95.91 -36.52
CA THR GF 111 -82.78 -96.41 -36.61
C THR GF 111 -83.71 -95.52 -35.80
N GLU GF 112 -83.20 -94.97 -34.71
CA GLU GF 112 -83.96 -93.98 -33.97
C GLU GF 112 -84.32 -92.80 -34.85
N LEU GF 113 -83.34 -92.27 -35.56
CA LEU GF 113 -83.60 -91.12 -36.42
C LEU GF 113 -84.65 -91.45 -37.46
N ALA GF 114 -84.55 -92.63 -38.05
CA ALA GF 114 -85.52 -93.03 -39.06
C ALA GF 114 -86.92 -93.10 -38.48
N ALA GF 115 -87.05 -93.72 -37.32
CA ALA GF 115 -88.35 -93.79 -36.68
C ALA GF 115 -88.89 -92.41 -36.40
N LEU GF 116 -88.04 -91.48 -35.96
CA LEU GF 116 -88.53 -90.13 -35.76
C LEU GF 116 -89.04 -89.54 -37.05
N LEU GF 117 -88.27 -89.67 -38.12
CA LEU GF 117 -88.70 -89.10 -39.38
C LEU GF 117 -90.01 -89.69 -39.84
N ALA GF 118 -90.37 -90.88 -39.37
CA ALA GF 118 -91.67 -91.47 -39.66
C ALA GF 118 -92.76 -91.11 -38.66
N SER GF 119 -92.39 -90.75 -37.44
CA SER GF 119 -93.38 -90.54 -36.38
C SER GF 119 -94.25 -89.33 -36.66
N PRO GF 120 -95.49 -89.32 -36.14
CA PRO GF 120 -96.40 -88.23 -36.49
C PRO GF 120 -95.87 -86.87 -36.12
N LEU GF 121 -95.15 -86.77 -35.00
CA LEU GF 121 -94.65 -85.48 -34.56
C LEU GF 121 -93.89 -84.80 -35.69
N LEU GF 122 -92.78 -85.40 -36.11
CA LEU GF 122 -91.99 -84.78 -37.16
C LEU GF 122 -92.80 -84.63 -38.43
N ILE GF 123 -93.78 -85.50 -38.65
CA ILE GF 123 -94.57 -85.38 -39.88
C ILE GF 123 -95.20 -84.01 -39.97
N ASP GF 124 -95.89 -83.60 -38.92
CA ASP GF 124 -96.53 -82.29 -38.93
C ASP GF 124 -95.52 -81.18 -38.72
N ALA GF 125 -94.43 -81.47 -38.00
CA ALA GF 125 -93.40 -80.45 -37.80
C ALA GF 125 -92.74 -80.06 -39.10
N ILE GF 126 -92.62 -81.00 -40.03
CA ILE GF 126 -91.88 -80.78 -41.26
C ILE GF 126 -92.85 -80.42 -42.36
N ASP GF 127 -93.75 -81.33 -42.66
CA ASP GF 127 -94.63 -81.14 -43.82
C ASP GF 127 -95.57 -79.96 -43.58
N GLN GF 128 -96.30 -80.00 -42.47
CA GLN GF 128 -97.16 -78.89 -42.11
C GLN GF 128 -96.38 -77.72 -41.55
N LEU GF 129 -95.15 -77.94 -41.10
CA LEU GF 129 -94.29 -76.87 -40.62
C LEU GF 129 -94.87 -76.22 -39.37
N ASN GF 130 -95.66 -76.97 -38.62
CA ASN GF 130 -96.24 -76.46 -37.38
C ASN GF 130 -95.27 -76.67 -36.24
N PRO GF 131 -94.94 -75.65 -35.46
CA PRO GF 131 -93.98 -75.84 -34.38
C PRO GF 131 -94.45 -76.88 -33.40
N ALA GF 132 -93.50 -77.68 -32.93
CA ALA GF 132 -93.81 -78.68 -31.93
C ALA GF 132 -94.53 -78.03 -30.76
N TYR GF 133 -95.78 -78.38 -30.56
CA TYR GF 133 -96.55 -77.91 -29.44
C TYR GF 133 -97.90 -78.59 -29.42
N ALA HF 2 -54.67 -97.85 -58.67
CA ALA HF 2 -54.98 -98.78 -57.56
C ALA HF 2 -56.29 -98.40 -56.88
N LYS HF 3 -57.40 -98.74 -57.51
CA LYS HF 3 -58.69 -98.52 -56.89
C LYS HF 3 -58.78 -99.24 -55.55
N LEU HF 4 -59.20 -98.51 -54.52
CA LEU HF 4 -59.47 -99.15 -53.23
C LEU HF 4 -60.62 -100.12 -53.36
N GLU HF 5 -60.43 -101.31 -52.79
CA GLU HF 5 -61.46 -102.32 -52.74
C GLU HF 5 -61.23 -103.16 -51.50
N THR HF 6 -62.28 -103.88 -51.11
CA THR HF 6 -62.18 -104.75 -49.94
C THR HF 6 -60.99 -105.69 -50.11
N VAL HF 7 -59.98 -105.54 -49.27
CA VAL HF 7 -58.82 -106.42 -49.30
C VAL HF 7 -59.16 -107.66 -48.48
N THR HF 8 -59.13 -108.81 -49.13
CA THR HF 8 -59.44 -110.08 -48.48
C THR HF 8 -58.15 -110.87 -48.38
N LEU HF 9 -57.64 -111.02 -47.16
CA LEU HF 9 -56.34 -111.60 -46.95
C LEU HF 9 -56.46 -112.91 -46.19
N GLY HF 10 -55.97 -113.99 -46.79
CA GLY HF 10 -56.05 -115.31 -46.20
C GLY HF 10 -54.67 -115.88 -45.88
N ASN HF 11 -54.69 -116.93 -45.07
CA ASN HF 11 -53.50 -117.71 -44.77
C ASN HF 11 -52.46 -116.89 -44.01
N ILE HF 12 -52.84 -116.48 -42.80
CA ILE HF 12 -52.01 -115.66 -41.94
C ILE HF 12 -51.97 -116.27 -40.54
N GLY HF 13 -50.98 -115.83 -39.75
CA GLY HF 13 -50.73 -116.37 -38.41
C GLY HF 13 -49.59 -117.38 -38.43
N LYS HF 14 -49.29 -117.97 -37.26
CA LYS HF 14 -48.35 -119.10 -37.29
C LYS HF 14 -48.73 -120.09 -38.35
N ASP HF 15 -49.92 -120.65 -38.20
CA ASP HF 15 -50.40 -121.75 -39.02
C ASP HF 15 -50.99 -121.29 -40.34
N GLY HF 16 -51.11 -120.00 -40.57
CA GLY HF 16 -51.64 -119.53 -41.82
C GLY HF 16 -53.07 -119.99 -42.06
N LYS HF 17 -53.94 -119.77 -41.08
CA LYS HF 17 -55.35 -120.13 -41.24
C LYS HF 17 -56.31 -118.99 -40.99
N GLN HF 18 -55.88 -117.90 -40.35
CA GLN HF 18 -56.75 -116.79 -40.07
C GLN HF 18 -56.97 -115.97 -41.34
N THR HF 19 -57.93 -115.05 -41.27
CA THR HF 19 -58.29 -114.23 -42.41
C THR HF 19 -58.61 -112.83 -41.94
N LEU HF 20 -58.39 -111.87 -42.82
CA LEU HF 20 -58.57 -110.46 -42.51
C LEU HF 20 -59.28 -109.78 -43.65
N VAL HF 21 -60.35 -109.07 -43.34
CA VAL HF 21 -61.11 -108.33 -44.34
C VAL HF 21 -60.91 -106.86 -44.02
N LEU HF 22 -60.13 -106.17 -44.85
CA LEU HF 22 -59.84 -104.76 -44.66
C LEU HF 22 -60.70 -103.95 -45.62
N ASN HF 23 -61.26 -103.03 -45.15
CA ASN HF 23 -62.34 -102.34 -45.81
C ASN HF 23 -61.95 -100.88 -45.99
N PRO HF 24 -61.98 -100.33 -47.20
CA PRO HF 24 -61.31 -99.06 -47.43
C PRO HF 24 -61.88 -97.91 -46.61
N ARG HF 25 -60.97 -97.01 -46.23
CA ARG HF 25 -61.29 -95.84 -45.43
C ARG HF 25 -61.15 -94.54 -46.23
N GLY HF 26 -61.10 -94.63 -47.54
CA GLY HF 26 -60.95 -93.43 -48.33
C GLY HF 26 -59.50 -92.94 -48.35
N VAL HF 27 -59.36 -91.65 -48.58
CA VAL HF 27 -58.06 -91.04 -48.81
C VAL HF 27 -57.97 -89.73 -48.04
N ASN HF 28 -56.85 -89.50 -47.39
CA ASN HF 28 -56.63 -88.24 -46.71
C ASN HF 28 -56.50 -87.12 -47.74
N PRO HF 29 -57.24 -86.02 -47.59
CA PRO HF 29 -57.14 -84.95 -48.59
C PRO HF 29 -55.83 -84.21 -48.52
N THR HF 30 -55.20 -84.13 -47.36
CA THR HF 30 -53.96 -83.36 -47.21
C THR HF 30 -52.74 -84.24 -47.40
N ASN HF 31 -52.58 -85.26 -46.56
CA ASN HF 31 -51.48 -86.18 -46.71
C ASN HF 31 -51.58 -86.98 -48.00
N GLY HF 32 -52.78 -87.14 -48.54
CA GLY HF 32 -52.93 -87.88 -49.77
C GLY HF 32 -52.54 -89.33 -49.62
N VAL HF 33 -53.09 -89.99 -48.61
CA VAL HF 33 -52.73 -91.38 -48.30
C VAL HF 33 -54.02 -92.14 -48.05
N ALA HF 34 -54.12 -93.34 -48.62
CA ALA HF 34 -55.32 -94.13 -48.44
C ALA HF 34 -55.20 -94.99 -47.19
N SER HF 35 -56.35 -95.34 -46.63
CA SER HF 35 -56.42 -96.06 -45.38
C SER HF 35 -57.41 -97.21 -45.50
N LEU HF 36 -57.05 -98.34 -44.90
CA LEU HF 36 -57.87 -99.55 -44.90
C LEU HF 36 -58.04 -100.00 -43.47
N SER HF 37 -59.21 -100.54 -43.15
CA SER HF 37 -59.47 -100.93 -41.77
C SER HF 37 -60.26 -102.22 -41.73
N GLN HF 38 -60.01 -102.98 -40.66
CA GLN HF 38 -60.77 -104.20 -40.42
C GLN HF 38 -62.14 -103.87 -39.85
N ALA HF 39 -63.15 -104.60 -40.30
CA ALA HF 39 -64.51 -104.33 -39.83
C ALA HF 39 -64.68 -104.85 -38.42
N GLY HF 40 -65.10 -103.96 -37.51
CA GLY HF 40 -65.27 -104.34 -36.13
C GLY HF 40 -66.35 -103.49 -35.49
N ALA HF 41 -66.56 -103.74 -34.21
CA ALA HF 41 -67.57 -103.01 -33.44
C ALA HF 41 -67.01 -101.71 -32.87
N VAL HF 42 -65.75 -101.74 -32.42
CA VAL HF 42 -65.10 -100.56 -31.85
C VAL HF 42 -64.07 -100.07 -32.86
N PRO HF 43 -64.17 -98.85 -33.36
CA PRO HF 43 -63.16 -98.36 -34.30
C PRO HF 43 -61.77 -98.33 -33.71
N ALA HF 44 -61.65 -98.07 -32.41
CA ALA HF 44 -60.34 -98.02 -31.78
C ALA HF 44 -59.63 -99.36 -31.86
N LEU HF 45 -60.37 -100.45 -31.98
CA LEU HF 45 -59.83 -101.80 -31.88
C LEU HF 45 -59.80 -102.52 -33.23
N GLU HF 46 -59.78 -101.79 -34.33
CA GLU HF 46 -59.69 -102.42 -35.64
C GLU HF 46 -58.30 -102.24 -36.20
N LYS HF 47 -57.81 -103.25 -36.89
CA LYS HF 47 -56.49 -103.20 -37.48
C LYS HF 47 -56.54 -102.30 -38.70
N ARG HF 48 -55.67 -101.30 -38.73
CA ARG HF 48 -55.60 -100.34 -39.82
C ARG HF 48 -54.36 -100.60 -40.65
N VAL HF 49 -54.38 -100.12 -41.88
CA VAL HF 49 -53.18 -100.15 -42.70
C VAL HF 49 -53.23 -99.01 -43.71
N THR HF 50 -52.15 -98.27 -43.79
CA THR HF 50 -52.07 -97.10 -44.66
C THR HF 50 -51.24 -97.41 -45.88
N VAL HF 51 -51.56 -96.71 -46.97
CA VAL HF 51 -50.75 -96.80 -48.19
C VAL HF 51 -50.56 -95.39 -48.73
N SER HF 52 -49.31 -95.05 -49.05
CA SER HF 52 -48.98 -93.74 -49.56
C SER HF 52 -47.97 -93.87 -50.68
N VAL HF 53 -48.19 -93.16 -51.78
CA VAL HF 53 -47.22 -93.08 -52.87
C VAL HF 53 -47.09 -91.59 -53.21
N SER HF 54 -45.98 -90.99 -52.82
CA SER HF 54 -45.76 -89.59 -53.12
C SER HF 54 -45.18 -89.42 -54.51
N GLN HF 55 -45.41 -88.27 -55.07
CA GLN HF 55 -44.96 -87.86 -56.39
C GLN HF 55 -43.51 -87.38 -56.34
N PRO HF 56 -42.91 -87.14 -57.50
CA PRO HF 56 -41.50 -86.73 -57.52
C PRO HF 56 -41.27 -85.44 -56.75
N SER HF 57 -40.14 -85.39 -56.05
CA SER HF 57 -39.69 -84.17 -55.38
C SER HF 57 -38.99 -83.28 -56.41
N ARG HF 58 -38.28 -82.25 -55.93
CA ARG HF 58 -37.56 -81.35 -56.81
C ARG HF 58 -36.09 -81.76 -56.92
N ASN HF 59 -35.61 -81.90 -58.17
CA ASN HF 59 -34.19 -82.04 -58.50
C ASN HF 59 -33.60 -83.38 -58.12
N ARG HF 60 -34.33 -84.18 -57.33
CA ARG HF 60 -33.91 -85.55 -57.03
C ARG HF 60 -35.03 -86.52 -57.34
N LYS HF 61 -36.27 -86.09 -57.10
CA LYS HF 61 -37.50 -86.69 -57.59
C LYS HF 61 -37.80 -88.03 -56.93
N ASN HF 62 -36.79 -88.74 -56.43
CA ASN HF 62 -36.93 -89.63 -55.29
C ASN HF 62 -38.30 -90.30 -55.13
N TYR HF 63 -38.75 -91.12 -56.09
CA TYR HF 63 -40.08 -91.72 -55.97
C TYR HF 63 -40.16 -92.50 -54.67
N LYS HF 64 -41.23 -92.29 -53.91
CA LYS HF 64 -41.34 -92.93 -52.61
C LYS HF 64 -42.75 -93.45 -52.37
N VAL HF 65 -42.83 -94.52 -51.59
CA VAL HF 65 -44.09 -95.17 -51.28
C VAL HF 65 -44.02 -95.68 -49.85
N GLN HF 66 -45.10 -95.50 -49.09
CA GLN HF 66 -45.10 -95.85 -47.69
C GLN HF 66 -46.28 -96.74 -47.37
N VAL HF 67 -46.04 -97.70 -46.47
CA VAL HF 67 -47.04 -98.67 -46.06
C VAL HF 67 -46.93 -98.76 -44.55
N LYS HF 68 -47.97 -98.34 -43.84
CA LYS HF 68 -47.99 -98.36 -42.39
C LYS HF 68 -49.13 -99.27 -41.95
N ILE HF 69 -48.78 -100.35 -41.26
CA ILE HF 69 -49.76 -101.30 -40.74
C ILE HF 69 -49.75 -101.17 -39.22
N GLN HF 70 -50.93 -101.04 -38.64
CA GLN HF 70 -51.08 -100.86 -37.21
C GLN HF 70 -52.06 -101.90 -36.68
N ASN HF 71 -51.66 -102.55 -35.59
CA ASN HF 71 -52.44 -103.63 -34.99
C ASN HF 71 -52.60 -103.32 -33.51
N PRO HF 72 -53.73 -102.76 -33.10
CA PRO HF 72 -53.95 -102.49 -31.68
C PRO HF 72 -54.53 -103.69 -30.96
N THR HF 73 -54.50 -103.62 -29.64
CA THR HF 73 -54.97 -104.69 -28.78
C THR HF 73 -55.27 -104.10 -27.42
N ALA HF 74 -56.51 -104.25 -26.98
CA ALA HF 74 -56.98 -103.69 -25.72
C ALA HF 74 -57.22 -104.80 -24.71
N CYS HF 75 -57.56 -104.40 -23.49
CA CYS HF 75 -57.90 -105.36 -22.44
C CYS HF 75 -58.68 -104.62 -21.37
N THR HF 76 -59.99 -104.86 -21.33
CA THR HF 76 -60.86 -104.14 -20.41
C THR HF 76 -60.42 -104.37 -18.97
N ALA HF 77 -60.03 -103.28 -18.30
CA ALA HF 77 -59.70 -103.35 -16.90
C ALA HF 77 -60.95 -103.58 -16.07
N ASN HF 78 -60.73 -104.06 -14.84
CA ASN HF 78 -61.85 -104.27 -13.93
C ASN HF 78 -62.48 -102.93 -13.55
N GLY HF 79 -63.78 -102.81 -13.78
CA GLY HF 79 -64.52 -101.61 -13.43
C GLY HF 79 -64.59 -100.55 -14.51
N SER HF 80 -63.86 -100.72 -15.61
CA SER HF 80 -63.84 -99.75 -16.69
C SER HF 80 -64.68 -100.29 -17.84
N CYS HF 81 -65.57 -99.45 -18.37
CA CYS HF 81 -66.52 -99.84 -19.39
C CYS HF 81 -66.01 -99.60 -20.79
N ASP HF 82 -64.70 -99.50 -20.95
CA ASP HF 82 -64.10 -99.03 -22.18
C ASP HF 82 -62.88 -99.87 -22.49
N PRO HF 83 -62.91 -100.70 -23.52
CA PRO HF 83 -61.73 -101.54 -23.78
C PRO HF 83 -60.56 -100.70 -24.24
N SER HF 84 -59.92 -100.03 -23.29
CA SER HF 84 -58.83 -99.13 -23.60
C SER HF 84 -57.70 -99.88 -24.29
N VAL HF 85 -57.21 -99.31 -25.39
CA VAL HF 85 -56.12 -99.94 -26.12
C VAL HF 85 -54.88 -99.85 -25.25
N THR HF 86 -54.49 -100.96 -24.66
CA THR HF 86 -53.28 -101.01 -23.88
C THR HF 86 -52.09 -101.42 -24.73
N ARG HF 87 -52.26 -101.55 -26.03
CA ARG HF 87 -51.31 -102.31 -26.79
C ARG HF 87 -51.36 -102.04 -28.28
N GLN HF 88 -50.19 -102.03 -28.91
CA GLN HF 88 -50.12 -101.66 -30.32
C GLN HF 88 -48.84 -102.20 -30.94
N ALA HF 89 -48.95 -102.68 -32.18
CA ALA HF 89 -47.80 -103.00 -33.00
C ALA HF 89 -47.85 -102.16 -34.26
N TYR HF 90 -46.70 -101.62 -34.67
CA TYR HF 90 -46.59 -100.92 -35.94
C TYR HF 90 -45.55 -101.61 -36.80
N ALA HF 91 -45.86 -101.73 -38.09
CA ALA HF 91 -44.88 -102.16 -39.07
C ALA HF 91 -44.93 -101.16 -40.21
N ASP HF 92 -43.79 -100.59 -40.56
CA ASP HF 92 -43.70 -99.61 -41.61
C ASP HF 92 -42.71 -100.07 -42.66
N VAL HF 93 -43.18 -100.16 -43.89
CA VAL HF 93 -42.34 -100.41 -45.04
C VAL HF 93 -42.29 -99.13 -45.86
N THR HF 94 -41.11 -98.80 -46.37
CA THR HF 94 -40.98 -97.65 -47.25
C THR HF 94 -40.14 -98.07 -48.45
N PHE HF 95 -40.64 -97.78 -49.64
CA PHE HF 95 -39.97 -98.11 -50.88
C PHE HF 95 -39.51 -96.82 -51.52
N SER HF 96 -38.26 -96.81 -51.97
CA SER HF 96 -37.69 -95.64 -52.62
C SER HF 96 -37.05 -96.06 -53.92
N PHE HF 97 -37.51 -95.45 -55.02
CA PHE HF 97 -37.04 -95.77 -56.35
C PHE HF 97 -36.59 -94.50 -57.07
N THR HF 98 -35.81 -94.70 -58.11
CA THR HF 98 -35.32 -93.63 -58.95
C THR HF 98 -36.39 -93.23 -59.95
N GLN HF 99 -36.24 -92.02 -60.48
CA GLN HF 99 -37.14 -91.55 -61.51
C GLN HF 99 -37.07 -92.44 -62.74
N TYR HF 100 -36.02 -93.22 -62.89
CA TYR HF 100 -35.84 -94.07 -64.06
C TYR HF 100 -35.99 -95.54 -63.72
N SER HF 101 -36.47 -95.85 -62.53
CA SER HF 101 -36.69 -97.24 -62.15
C SER HF 101 -37.65 -97.90 -63.14
N THR HF 102 -37.75 -99.21 -63.04
CA THR HF 102 -38.59 -99.96 -63.94
C THR HF 102 -39.45 -100.96 -63.16
N ASP HF 103 -40.68 -101.08 -63.64
CA ASP HF 103 -41.60 -102.06 -63.09
C ASP HF 103 -40.91 -103.38 -62.84
N GLU HF 104 -40.04 -103.81 -63.75
CA GLU HF 104 -39.37 -105.09 -63.57
C GLU HF 104 -38.62 -105.11 -62.24
N GLU HF 105 -37.66 -104.20 -62.09
CA GLU HF 105 -36.80 -104.25 -60.92
C GLU HF 105 -37.60 -104.08 -59.64
N ARG HF 106 -38.62 -103.25 -59.66
CA ARG HF 106 -39.27 -102.94 -58.40
C ARG HF 106 -40.47 -103.84 -58.09
N ALA HF 107 -40.96 -104.56 -59.09
CA ALA HF 107 -41.69 -105.78 -58.79
C ALA HF 107 -40.75 -106.81 -58.17
N PHE HF 108 -39.52 -106.90 -58.65
CA PHE HF 108 -38.54 -107.78 -58.00
C PHE HF 108 -38.36 -107.39 -56.55
N VAL HF 109 -38.24 -106.08 -56.29
CA VAL HF 109 -38.07 -105.63 -54.91
C VAL HF 109 -39.19 -106.17 -54.05
N ARG HF 110 -40.44 -105.92 -54.46
CA ARG HF 110 -41.55 -106.30 -53.60
C ARG HF 110 -41.57 -107.81 -53.38
N THR HF 111 -41.42 -108.58 -54.46
CA THR HF 111 -41.49 -110.02 -54.30
C THR HF 111 -40.40 -110.52 -53.39
N GLU HF 112 -39.20 -109.95 -53.51
CA GLU HF 112 -38.10 -110.41 -52.67
C GLU HF 112 -38.36 -110.09 -51.21
N LEU HF 113 -38.91 -108.91 -50.95
CA LEU HF 113 -39.28 -108.62 -49.57
C LEU HF 113 -40.30 -109.62 -49.07
N ALA HF 114 -41.29 -109.95 -49.90
CA ALA HF 114 -42.29 -110.92 -49.47
C ALA HF 114 -41.64 -112.24 -49.14
N ALA HF 115 -40.74 -112.68 -50.00
CA ALA HF 115 -40.07 -113.95 -49.78
C ALA HF 115 -39.25 -113.92 -48.50
N LEU HF 116 -38.59 -112.80 -48.21
CA LEU HF 116 -37.91 -112.70 -46.92
C LEU HF 116 -38.90 -112.81 -45.78
N LEU HF 117 -40.02 -112.11 -45.88
CA LEU HF 117 -40.97 -112.11 -44.78
C LEU HF 117 -41.59 -113.48 -44.56
N ALA HF 118 -41.53 -114.36 -45.56
CA ALA HF 118 -41.92 -115.75 -45.36
C ALA HF 118 -40.76 -116.67 -45.04
N SER HF 119 -39.52 -116.22 -45.27
CA SER HF 119 -38.36 -117.08 -45.10
C SER HF 119 -38.14 -117.42 -43.65
N PRO HF 120 -37.38 -118.48 -43.37
CA PRO HF 120 -37.03 -118.79 -41.99
C PRO HF 120 -36.32 -117.65 -41.30
N LEU HF 121 -35.51 -116.88 -42.01
CA LEU HF 121 -34.72 -115.85 -41.36
C LEU HF 121 -35.61 -114.87 -40.63
N LEU HF 122 -36.41 -114.10 -41.37
CA LEU HF 122 -37.25 -113.12 -40.72
C LEU HF 122 -38.26 -113.78 -39.80
N ILE HF 123 -38.69 -114.99 -40.13
CA ILE HF 123 -39.58 -115.74 -39.25
C ILE HF 123 -39.01 -115.72 -37.85
N ASP HF 124 -37.82 -116.29 -37.68
CA ASP HF 124 -37.27 -116.42 -36.35
C ASP HF 124 -36.80 -115.06 -35.83
N ALA HF 125 -36.48 -114.13 -36.72
CA ALA HF 125 -36.00 -112.82 -36.28
C ALA HF 125 -37.09 -112.00 -35.63
N ILE HF 126 -38.33 -112.15 -36.07
CA ILE HF 126 -39.44 -111.31 -35.64
C ILE HF 126 -40.39 -112.05 -34.71
N ASP HF 127 -40.82 -113.25 -35.10
CA ASP HF 127 -41.72 -114.01 -34.24
C ASP HF 127 -41.12 -114.14 -32.85
N GLN HF 128 -39.86 -114.54 -32.77
CA GLN HF 128 -39.22 -114.72 -31.48
C GLN HF 128 -38.25 -113.60 -31.14
N LEU HF 129 -38.20 -112.55 -31.94
CA LEU HF 129 -37.31 -111.43 -31.69
C LEU HF 129 -35.89 -111.93 -31.44
N ASN HF 130 -35.42 -112.75 -32.35
CA ASN HF 130 -34.11 -113.38 -32.18
C ASN HF 130 -33.11 -112.71 -33.10
N PRO HF 131 -32.08 -112.05 -32.57
CA PRO HF 131 -31.06 -111.50 -33.46
C PRO HF 131 -30.40 -112.56 -34.30
N ALA HF 132 -30.23 -112.26 -35.58
CA ALA HF 132 -29.66 -113.22 -36.49
C ALA HF 132 -28.15 -113.15 -36.43
N TYR HF 133 -27.51 -114.31 -36.32
CA TYR HF 133 -26.08 -114.40 -36.41
C TYR HF 133 -25.71 -115.75 -37.00
N ALA IF 2 -10.50 -129.27 14.78
CA ALA IF 2 -10.20 -128.59 16.06
C ALA IF 2 -11.47 -128.26 16.83
N LYS IF 3 -12.29 -129.27 17.08
CA LYS IF 3 -13.48 -129.06 17.88
C LYS IF 3 -13.10 -128.57 19.28
N LEU IF 4 -13.88 -127.66 19.81
CA LEU IF 4 -13.64 -127.09 21.13
C LEU IF 4 -14.43 -127.84 22.18
N GLU IF 5 -13.77 -128.16 23.28
CA GLU IF 5 -14.32 -129.02 24.32
C GLU IF 5 -13.53 -128.77 25.59
N THR IF 6 -13.94 -129.40 26.68
CA THR IF 6 -13.20 -129.27 27.92
C THR IF 6 -11.91 -130.07 27.80
N VAL IF 7 -10.80 -129.42 28.14
CA VAL IF 7 -9.49 -130.05 28.07
C VAL IF 7 -8.95 -130.17 29.50
N THR IF 8 -8.42 -131.34 29.82
CA THR IF 8 -7.94 -131.63 31.16
C THR IF 8 -6.42 -131.79 31.09
N LEU IF 9 -5.71 -130.72 31.41
CA LEU IF 9 -4.26 -130.73 31.42
C LEU IF 9 -3.79 -131.27 32.75
N GLY IF 10 -3.32 -132.52 32.76
CA GLY IF 10 -2.84 -133.14 33.97
C GLY IF 10 -1.33 -133.16 34.04
N ASN IF 11 -0.77 -133.49 35.20
CA ASN IF 11 0.67 -133.56 35.37
C ASN IF 11 1.30 -132.19 35.09
N ILE IF 12 0.95 -131.23 35.95
CA ILE IF 12 1.24 -129.83 35.74
C ILE IF 12 1.95 -129.28 36.96
N GLY IF 13 2.88 -128.36 36.73
CA GLY IF 13 3.57 -127.66 37.80
C GLY IF 13 4.96 -128.22 38.06
N LYS IF 14 5.55 -127.77 39.16
CA LYS IF 14 6.92 -128.18 39.50
C LYS IF 14 7.01 -129.67 39.60
N ASP IF 15 6.18 -130.26 40.45
CA ASP IF 15 6.17 -131.69 40.63
C ASP IF 15 5.24 -132.40 39.66
N GLY IF 16 4.50 -131.65 38.84
CA GLY IF 16 3.61 -132.27 37.89
C GLY IF 16 2.52 -133.06 38.55
N LYS IF 17 1.81 -132.44 39.49
CA LYS IF 17 0.77 -133.13 40.25
C LYS IF 17 -0.61 -132.53 40.10
N GLN IF 18 -0.76 -131.22 40.03
CA GLN IF 18 -2.10 -130.67 39.93
C GLN IF 18 -2.56 -130.69 38.47
N THR IF 19 -3.72 -130.09 38.21
CA THR IF 19 -4.37 -130.24 36.91
C THR IF 19 -5.25 -129.03 36.65
N LEU IF 20 -5.36 -128.69 35.36
CA LEU IF 20 -6.12 -127.54 34.90
C LEU IF 20 -7.22 -128.00 33.96
N VAL IF 21 -8.45 -127.64 34.27
CA VAL IF 21 -9.60 -127.98 33.46
C VAL IF 21 -10.03 -126.72 32.75
N LEU IF 22 -9.99 -126.75 31.42
CA LEU IF 22 -10.33 -125.59 30.61
C LEU IF 22 -11.59 -125.89 29.79
N ASN IF 23 -12.63 -125.20 30.08
CA ASN IF 23 -13.85 -125.27 29.30
C ASN IF 23 -13.85 -124.19 28.23
N PRO IF 24 -14.50 -124.44 27.11
CA PRO IF 24 -14.39 -123.52 25.98
C PRO IF 24 -15.23 -122.27 26.20
N ARG IF 25 -15.09 -121.36 25.24
CA ARG IF 25 -15.72 -120.06 25.26
C ARG IF 25 -16.36 -119.89 23.88
N GLY IF 26 -16.82 -118.70 23.55
CA GLY IF 26 -17.21 -118.36 22.19
C GLY IF 26 -16.01 -117.96 21.37
N VAL IF 27 -16.06 -118.22 20.08
CA VAL IF 27 -14.97 -117.88 19.17
C VAL IF 27 -15.09 -116.41 18.80
N ASN IF 28 -14.03 -115.64 19.07
CA ASN IF 28 -14.03 -114.21 18.78
C ASN IF 28 -14.35 -113.96 17.32
N PRO IF 29 -15.55 -113.45 17.00
CA PRO IF 29 -15.86 -113.21 15.59
C PRO IF 29 -14.94 -112.19 14.95
N THR IF 30 -14.48 -111.20 15.72
CA THR IF 30 -13.71 -110.12 15.15
C THR IF 30 -12.47 -110.61 14.43
N ASN IF 31 -11.81 -111.63 14.95
CA ASN IF 31 -10.61 -112.14 14.28
C ASN IF 31 -10.52 -113.65 14.30
N GLY IF 32 -11.59 -114.37 14.62
CA GLY IF 32 -11.54 -115.82 14.64
C GLY IF 32 -10.52 -116.37 15.62
N VAL IF 33 -10.77 -116.19 16.91
CA VAL IF 33 -9.89 -116.69 17.95
C VAL IF 33 -10.73 -117.45 18.96
N ALA IF 34 -10.41 -118.71 19.18
CA ALA IF 34 -11.11 -119.52 20.16
C ALA IF 34 -10.46 -119.35 21.52
N SER IF 35 -11.26 -119.56 22.57
CA SER IF 35 -10.79 -119.31 23.93
C SER IF 35 -11.22 -120.44 24.84
N LEU IF 36 -10.34 -120.75 25.78
CA LEU IF 36 -10.57 -121.69 26.86
C LEU IF 36 -10.31 -120.98 28.17
N SER IF 37 -11.05 -121.37 29.20
CA SER IF 37 -10.90 -120.72 30.49
C SER IF 37 -11.13 -121.73 31.60
N GLN IF 38 -10.61 -121.42 32.78
CA GLN IF 38 -10.71 -122.34 33.91
C GLN IF 38 -12.14 -122.77 34.12
N ALA IF 39 -12.34 -123.89 34.81
CA ALA IF 39 -13.68 -124.42 35.01
C ALA IF 39 -14.60 -123.37 35.63
N GLY IF 40 -14.04 -122.46 36.41
CA GLY IF 40 -14.79 -121.39 37.01
C GLY IF 40 -14.94 -121.60 38.51
N ALA IF 41 -15.81 -120.78 39.11
CA ALA IF 41 -16.59 -119.79 38.39
C ALA IF 41 -15.76 -118.54 38.06
N VAL IF 42 -15.30 -117.85 39.11
CA VAL IF 42 -14.52 -116.63 38.89
C VAL IF 42 -13.30 -116.89 38.04
N PRO IF 43 -12.52 -117.94 38.26
CA PRO IF 43 -11.36 -118.19 37.41
C PRO IF 43 -11.69 -118.20 35.93
N ALA IF 44 -12.96 -118.40 35.57
CA ALA IF 44 -13.37 -118.39 34.16
C ALA IF 44 -13.07 -117.06 33.49
N LEU IF 45 -13.09 -115.97 34.25
CA LEU IF 45 -12.71 -114.66 33.74
C LEU IF 45 -11.26 -114.30 34.03
N GLU IF 46 -10.52 -115.18 34.70
CA GLU IF 46 -9.12 -114.93 35.03
C GLU IF 46 -8.16 -115.66 34.10
N LYS IF 47 -8.23 -116.98 34.07
CA LYS IF 47 -7.29 -117.75 33.25
C LYS IF 47 -7.79 -117.81 31.81
N ARG IF 48 -6.86 -117.61 30.88
CA ARG IF 48 -7.22 -117.56 29.46
C ARG IF 48 -6.26 -118.40 28.64
N VAL IF 49 -6.79 -119.08 27.63
CA VAL IF 49 -5.98 -119.82 26.68
C VAL IF 49 -6.61 -119.58 25.32
N THR IF 50 -5.98 -118.76 24.50
CA THR IF 50 -6.54 -118.37 23.21
C THR IF 50 -5.77 -119.04 22.09
N VAL IF 51 -6.45 -119.36 21.01
CA VAL IF 51 -5.80 -119.99 19.86
C VAL IF 51 -6.42 -119.43 18.59
N SER IF 52 -5.57 -119.21 17.59
CA SER IF 52 -6.00 -118.64 16.32
C SER IF 52 -5.20 -119.26 15.19
N VAL IF 53 -5.86 -119.49 14.05
CA VAL IF 53 -5.21 -120.07 12.90
C VAL IF 53 -5.44 -119.17 11.70
N SER IF 54 -4.57 -118.19 11.52
CA SER IF 54 -4.69 -117.27 10.41
C SER IF 54 -4.20 -117.94 9.13
N GLN IF 55 -5.09 -118.07 8.17
CA GLN IF 55 -4.78 -118.69 6.89
C GLN IF 55 -4.03 -117.68 6.03
N PRO IF 56 -3.49 -118.10 4.88
CA PRO IF 56 -2.74 -117.15 4.05
C PRO IF 56 -3.55 -115.95 3.64
N SER IF 57 -2.88 -114.94 3.10
CA SER IF 57 -3.54 -113.70 2.69
C SER IF 57 -2.54 -112.86 1.91
N ARG IF 58 -2.95 -111.63 1.59
CA ARG IF 58 -2.05 -110.69 0.96
C ARG IF 58 -0.83 -110.40 1.82
N ASN IF 59 -1.00 -110.44 3.14
CA ASN IF 59 0.14 -110.33 4.05
C ASN IF 59 0.56 -111.69 4.60
N ARG IF 60 -0.38 -112.64 4.68
CA ARG IF 60 -0.11 -113.97 5.22
C ARG IF 60 0.13 -114.97 4.10
N LYS IF 61 1.10 -115.87 4.28
CA LYS IF 61 1.63 -116.62 3.13
C LYS IF 61 1.86 -118.12 3.25
N ASN IF 62 2.49 -118.68 4.29
CA ASN IF 62 2.69 -118.22 5.68
C ASN IF 62 1.41 -118.16 6.50
N TYR IF 63 0.84 -119.36 6.64
CA TYR IF 63 0.00 -119.74 7.77
C TYR IF 63 0.59 -119.25 9.08
N LYS IF 64 -0.24 -118.63 9.92
CA LYS IF 64 0.15 -118.19 11.25
C LYS IF 64 -0.71 -118.91 12.28
N VAL IF 65 -0.08 -119.67 13.17
CA VAL IF 65 -0.80 -120.36 14.23
C VAL IF 65 -0.35 -119.76 15.55
N GLN IF 66 -1.27 -119.04 16.21
CA GLN IF 66 -0.97 -118.35 17.45
C GLN IF 66 -1.67 -119.04 18.62
N VAL IF 67 -0.94 -119.18 19.71
CA VAL IF 67 -1.42 -119.82 20.92
C VAL IF 67 -0.96 -118.95 22.08
N LYS IF 68 -1.90 -118.36 22.79
CA LYS IF 68 -1.59 -117.45 23.89
C LYS IF 68 -2.13 -118.01 25.20
N ILE IF 69 -1.33 -117.87 26.26
CA ILE IF 69 -1.67 -118.37 27.58
C ILE IF 69 -1.52 -117.24 28.58
N GLN IF 70 -2.52 -117.07 29.45
CA GLN IF 70 -2.56 -115.98 30.42
C GLN IF 70 -3.04 -116.50 31.77
N ASN IF 71 -2.22 -116.30 32.80
CA ASN IF 71 -2.56 -116.64 34.18
C ASN IF 71 -2.41 -115.40 35.05
N PRO IF 72 -3.51 -114.77 35.47
CA PRO IF 72 -3.39 -113.67 36.42
C PRO IF 72 -3.40 -114.14 37.86
N THR IF 73 -2.31 -113.92 38.58
CA THR IF 73 -2.30 -114.18 40.02
C THR IF 73 -2.84 -112.97 40.75
N ALA IF 74 -3.74 -113.20 41.69
CA ALA IF 74 -4.43 -112.14 42.41
C ALA IF 74 -4.40 -112.43 43.90
N CYS IF 75 -4.90 -111.47 44.67
CA CYS IF 75 -5.14 -111.68 46.09
C CYS IF 75 -6.14 -110.65 46.58
N THR IF 76 -6.65 -110.86 47.79
CA THR IF 76 -7.53 -109.91 48.43
C THR IF 76 -6.82 -109.36 49.66
N ALA IF 77 -6.69 -108.03 49.71
CA ALA IF 77 -6.02 -107.40 50.84
C ALA IF 77 -6.77 -107.70 52.13
N ASN IF 78 -6.08 -107.54 53.25
CA ASN IF 78 -6.68 -107.85 54.53
C ASN IF 78 -7.70 -106.78 54.88
N GLY IF 79 -8.94 -106.97 54.46
CA GLY IF 79 -10.00 -106.02 54.73
C GLY IF 79 -10.98 -105.86 53.58
N SER IF 80 -10.51 -106.07 52.35
CA SER IF 80 -11.40 -106.06 51.19
C SER IF 80 -12.07 -107.42 51.05
N CYS IF 81 -12.91 -107.57 50.03
CA CYS IF 81 -13.49 -108.87 49.74
C CYS IF 81 -13.15 -109.29 48.32
N ASP IF 82 -13.33 -108.39 47.38
CA ASP IF 82 -13.03 -108.71 46.00
C ASP IF 82 -11.53 -108.90 45.83
N PRO IF 83 -11.08 -109.99 45.21
CA PRO IF 83 -9.65 -110.14 44.91
C PRO IF 83 -9.25 -109.36 43.67
N SER IF 84 -8.14 -108.65 43.78
CA SER IF 84 -7.59 -107.88 42.68
C SER IF 84 -6.32 -108.55 42.17
N VAL IF 85 -6.07 -108.42 40.87
CA VAL IF 85 -4.96 -109.08 40.22
C VAL IF 85 -3.67 -108.35 40.57
N THR IF 86 -2.73 -109.07 41.15
CA THR IF 86 -1.47 -108.52 41.63
C THR IF 86 -0.32 -108.78 40.67
N ARG IF 87 -0.37 -109.88 39.92
CA ARG IF 87 0.68 -110.21 38.96
C ARG IF 87 0.03 -110.96 37.81
N GLN IF 88 0.77 -111.09 36.71
CA GLN IF 88 0.25 -111.70 35.51
C GLN IF 88 1.38 -112.40 34.78
N ALA IF 89 1.30 -113.72 34.68
CA ALA IF 89 2.24 -114.48 33.86
C ALA IF 89 1.56 -114.86 32.56
N TYR IF 90 2.34 -114.97 31.49
CA TYR IF 90 1.74 -115.24 30.19
C TYR IF 90 2.79 -115.54 29.13
N ALA IF 91 2.37 -116.26 28.09
CA ALA IF 91 3.27 -116.64 27.01
C ALA IF 91 2.51 -116.72 25.70
N ASP IF 92 3.26 -116.65 24.60
CA ASP IF 92 2.68 -116.85 23.28
C ASP IF 92 3.60 -117.73 22.44
N VAL IF 93 2.98 -118.60 21.66
CA VAL IF 93 3.63 -119.42 20.67
C VAL IF 93 3.07 -119.02 19.32
N THR IF 94 3.94 -118.83 18.34
CA THR IF 94 3.49 -118.46 17.00
C THR IF 94 4.28 -119.30 16.00
N PHE IF 95 3.57 -120.15 15.28
CA PHE IF 95 4.20 -120.98 14.26
C PHE IF 95 3.85 -120.44 12.88
N SER IF 96 4.87 -120.30 12.05
CA SER IF 96 4.74 -119.78 10.70
C SER IF 96 5.05 -120.93 9.75
N PHE IF 97 4.06 -121.35 9.00
CA PHE IF 97 4.20 -122.48 8.09
C PHE IF 97 3.85 -122.05 6.68
N THR IF 98 4.58 -122.56 5.71
CA THR IF 98 4.31 -122.14 4.34
C THR IF 98 3.39 -123.12 3.62
N GLN IF 99 2.94 -122.69 2.45
CA GLN IF 99 1.78 -123.29 1.80
C GLN IF 99 1.97 -124.77 1.56
N TYR IF 100 3.15 -125.16 1.08
CA TYR IF 100 3.41 -126.54 0.73
C TYR IF 100 3.71 -127.41 1.94
N SER IF 101 3.49 -126.92 3.16
CA SER IF 101 3.97 -127.62 4.33
C SER IF 101 3.25 -128.94 4.54
N THR IF 102 3.86 -129.76 5.38
CA THR IF 102 3.48 -131.15 5.56
C THR IF 102 2.99 -131.37 6.97
N ASP IF 103 1.93 -132.16 7.09
CA ASP IF 103 1.47 -132.61 8.39
C ASP IF 103 2.63 -133.19 9.21
N GLU IF 104 3.49 -133.99 8.58
CA GLU IF 104 4.61 -134.59 9.29
C GLU IF 104 5.52 -133.53 9.88
N GLU IF 105 5.98 -132.60 9.04
CA GLU IF 105 6.92 -131.59 9.51
C GLU IF 105 6.30 -130.77 10.62
N ARG IF 106 5.02 -130.47 10.49
CA ARG IF 106 4.37 -129.60 11.45
C ARG IF 106 4.16 -130.31 12.78
N ALA IF 107 3.72 -131.56 12.74
CA ALA IF 107 3.63 -132.34 13.97
C ALA IF 107 5.00 -132.50 14.60
N PHE IF 108 6.03 -132.68 13.76
CA PHE IF 108 7.38 -132.77 14.27
C PHE IF 108 7.77 -131.50 15.00
N VAL IF 109 7.48 -130.34 14.43
CA VAL IF 109 7.91 -129.11 15.09
C VAL IF 109 7.19 -128.95 16.40
N ARG IF 110 5.90 -129.30 16.46
CA ARG IF 110 5.23 -129.27 17.75
C ARG IF 110 5.97 -130.10 18.76
N THR IF 111 6.06 -131.40 18.50
CA THR IF 111 6.65 -132.27 19.49
C THR IF 111 8.07 -131.84 19.82
N GLU IF 112 8.74 -131.20 18.87
CA GLU IF 112 10.04 -130.63 19.16
C GLU IF 112 9.92 -129.59 20.25
N LEU IF 113 8.99 -128.66 20.08
CA LEU IF 113 8.78 -127.63 21.09
C LEU IF 113 8.46 -128.28 22.42
N ALA IF 114 7.56 -129.25 22.43
CA ALA IF 114 7.13 -129.84 23.68
C ALA IF 114 8.28 -130.51 24.38
N ALA IF 115 9.07 -131.28 23.63
CA ALA IF 115 10.19 -131.99 24.22
C ALA IF 115 11.24 -131.03 24.74
N LEU IF 116 11.52 -129.96 24.02
CA LEU IF 116 12.49 -128.98 24.51
C LEU IF 116 11.95 -128.29 25.75
N LEU IF 117 10.66 -127.98 25.74
CA LEU IF 117 10.03 -127.33 26.87
C LEU IF 117 10.08 -128.21 28.10
N ALA IF 118 10.06 -129.54 27.90
CA ALA IF 118 10.26 -130.48 28.99
C ALA IF 118 11.73 -130.76 29.26
N SER IF 119 12.63 -130.31 28.39
CA SER IF 119 14.05 -130.51 28.56
C SER IF 119 14.60 -129.71 29.73
N PRO IF 120 15.62 -130.22 30.43
CA PRO IF 120 16.14 -129.49 31.59
C PRO IF 120 16.52 -128.07 31.25
N LEU IF 121 16.97 -127.85 30.01
CA LEU IF 121 17.41 -126.53 29.60
C LEU IF 121 16.33 -125.49 29.84
N LEU IF 122 15.17 -125.68 29.22
CA LEU IF 122 14.14 -124.67 29.30
C LEU IF 122 13.52 -124.61 30.69
N ILE IF 123 13.44 -125.74 31.40
CA ILE IF 123 12.97 -125.68 32.79
C ILE IF 123 13.87 -124.74 33.57
N ASP IF 124 15.17 -124.93 33.42
CA ASP IF 124 16.14 -124.07 34.06
C ASP IF 124 15.91 -122.62 33.66
N ALA IF 125 15.81 -122.39 32.36
CA ALA IF 125 15.76 -121.04 31.82
C ALA IF 125 14.48 -120.31 32.12
N ILE IF 126 13.40 -121.03 32.44
CA ILE IF 126 12.11 -120.41 32.65
C ILE IF 126 11.84 -120.33 34.14
N ASP IF 127 11.77 -121.49 34.79
CA ASP IF 127 11.42 -121.48 36.20
C ASP IF 127 12.43 -120.70 37.02
N GLN IF 128 13.71 -120.88 36.73
CA GLN IF 128 14.77 -120.18 37.44
C GLN IF 128 15.22 -118.92 36.73
N LEU IF 129 14.69 -118.64 35.55
CA LEU IF 129 15.14 -117.49 34.78
C LEU IF 129 16.65 -117.55 34.56
N ASN IF 130 17.19 -118.76 34.46
CA ASN IF 130 18.63 -118.92 34.47
C ASN IF 130 19.18 -118.98 33.06
N PRO IF 131 20.08 -118.07 32.67
CA PRO IF 131 20.64 -118.10 31.32
C PRO IF 131 21.42 -119.38 31.05
N ALA IF 132 21.44 -119.76 29.78
CA ALA IF 132 22.17 -120.94 29.35
C ALA IF 132 23.64 -120.60 29.26
N TYR IF 133 24.39 -120.90 30.32
CA TYR IF 133 25.82 -120.73 30.26
C TYR IF 133 26.47 -121.85 31.04
N ALA JF 2 -28.11 -127.42 7.81
CA ALA JF 2 -26.94 -127.24 6.91
C ALA JF 2 -25.65 -127.55 7.65
N LYS JF 3 -25.77 -128.36 8.69
CA LYS JF 3 -24.60 -128.71 9.49
C LYS JF 3 -23.52 -129.31 8.61
N LEU JF 4 -22.29 -128.89 8.87
CA LEU JF 4 -21.16 -129.37 8.07
C LEU JF 4 -20.96 -130.86 8.27
N GLU JF 5 -20.53 -131.55 7.21
CA GLU JF 5 -20.21 -132.96 7.31
C GLU JF 5 -19.51 -133.39 6.02
N THR JF 6 -18.89 -134.56 6.10
CA THR JF 6 -18.18 -135.11 4.96
C THR JF 6 -19.12 -135.27 3.77
N VAL JF 7 -18.85 -134.56 2.70
CA VAL JF 7 -19.69 -134.60 1.52
C VAL JF 7 -19.07 -135.55 0.53
N THR JF 8 -19.90 -136.45 -0.01
CA THR JF 8 -19.46 -137.55 -0.86
C THR JF 8 -20.08 -137.38 -2.23
N LEU JF 9 -19.32 -136.78 -3.13
CA LEU JF 9 -19.82 -136.36 -4.43
C LEU JF 9 -19.61 -137.54 -5.38
N GLY JF 10 -20.68 -138.00 -6.02
CA GLY JF 10 -20.66 -139.27 -6.74
C GLY JF 10 -20.05 -139.21 -8.12
N ASN JF 11 -20.70 -139.88 -9.08
CA ASN JF 11 -20.17 -139.93 -10.44
C ASN JF 11 -19.75 -138.55 -10.88
N ILE JF 12 -18.54 -138.47 -11.43
CA ILE JF 12 -17.88 -137.19 -11.64
C ILE JF 12 -16.81 -137.38 -12.70
N GLY JF 13 -16.71 -136.43 -13.63
CA GLY JF 13 -15.75 -136.48 -14.72
C GLY JF 13 -16.45 -136.56 -16.06
N LYS JF 14 -15.64 -136.63 -17.12
CA LYS JF 14 -16.23 -136.81 -18.45
C LYS JF 14 -17.09 -138.06 -18.48
N ASP JF 15 -16.47 -139.20 -18.27
CA ASP JF 15 -17.15 -140.49 -18.21
C ASP JF 15 -18.05 -140.61 -16.99
N GLY JF 16 -17.88 -139.75 -15.99
CA GLY JF 16 -18.67 -139.82 -14.79
C GLY JF 16 -18.42 -141.09 -14.00
N LYS JF 17 -17.15 -141.36 -13.69
CA LYS JF 17 -16.79 -142.57 -12.95
C LYS JF 17 -16.01 -142.36 -11.68
N GLN JF 18 -15.42 -141.20 -11.43
CA GLN JF 18 -14.70 -141.06 -10.17
C GLN JF 18 -15.60 -140.43 -9.11
N THR JF 19 -15.03 -140.25 -7.93
CA THR JF 19 -15.77 -139.83 -6.76
C THR JF 19 -14.90 -138.92 -5.91
N LEU JF 20 -15.54 -138.05 -5.15
CA LEU JF 20 -14.84 -137.07 -4.35
C LEU JF 20 -15.39 -137.09 -2.93
N VAL JF 21 -14.52 -136.91 -1.95
CA VAL JF 21 -14.93 -136.84 -0.54
C VAL JF 21 -14.27 -135.62 0.06
N LEU JF 22 -15.07 -134.63 0.41
CA LEU JF 22 -14.57 -133.44 1.10
C LEU JF 22 -14.92 -133.53 2.58
N ASN JF 23 -13.90 -133.52 3.41
CA ASN JF 23 -14.06 -133.49 4.86
C ASN JF 23 -14.46 -132.10 5.32
N PRO JF 24 -15.13 -132.00 6.47
CA PRO JF 24 -15.46 -130.69 7.03
C PRO JF 24 -14.25 -130.11 7.75
N ARG JF 25 -13.74 -128.98 7.24
CA ARG JF 25 -12.64 -128.29 7.92
C ARG JF 25 -13.18 -127.41 9.04
N GLY JF 26 -13.95 -126.40 8.69
CA GLY JF 26 -14.44 -125.48 9.68
C GLY JF 26 -15.22 -124.36 9.03
N VAL JF 27 -15.30 -123.24 9.73
CA VAL JF 27 -15.95 -122.05 9.18
C VAL JF 27 -15.24 -120.84 9.74
N ASN JF 28 -14.63 -120.05 8.86
CA ASN JF 28 -14.05 -118.80 9.30
C ASN JF 28 -15.16 -117.85 9.73
N PRO JF 29 -15.10 -117.30 10.93
CA PRO JF 29 -16.12 -116.34 11.37
C PRO JF 29 -15.99 -114.99 10.71
N THR JF 30 -14.75 -114.62 10.40
CA THR JF 30 -14.48 -113.29 9.92
C THR JF 30 -15.28 -112.95 8.67
N ASN JF 31 -15.67 -113.99 7.92
CA ASN JF 31 -16.51 -113.83 6.75
C ASN JF 31 -17.74 -114.73 6.78
N GLY JF 32 -17.90 -115.53 7.83
CA GLY JF 32 -19.00 -116.48 7.87
C GLY JF 32 -18.92 -117.39 6.68
N VAL JF 33 -17.77 -118.03 6.49
CA VAL JF 33 -17.54 -118.87 5.32
C VAL JF 33 -17.15 -120.27 5.77
N ALA JF 34 -17.97 -121.25 5.44
CA ALA JF 34 -17.67 -122.63 5.76
C ALA JF 34 -16.83 -123.25 4.65
N SER JF 35 -15.85 -124.06 5.05
CA SER JF 35 -14.84 -124.59 4.16
C SER JF 35 -14.89 -126.12 4.14
N LEU JF 36 -14.71 -126.66 2.96
CA LEU JF 36 -14.54 -128.09 2.75
C LEU JF 36 -13.25 -128.32 1.98
N SER JF 37 -12.58 -129.42 2.27
CA SER JF 37 -11.33 -129.70 1.59
C SER JF 37 -11.17 -131.20 1.40
N GLN JF 38 -10.52 -131.56 0.31
CA GLN JF 38 -10.16 -132.95 0.08
C GLN JF 38 -9.30 -133.46 1.22
N ALA JF 39 -9.49 -134.73 1.57
CA ALA JF 39 -8.63 -135.35 2.56
C ALA JF 39 -7.21 -135.45 1.99
N GLY JF 40 -6.28 -134.71 2.60
CA GLY JF 40 -4.91 -134.74 2.15
C GLY JF 40 -3.95 -134.27 3.21
N ALA JF 41 -2.74 -133.86 2.80
CA ALA JF 41 -1.73 -133.41 3.75
C ALA JF 41 -1.19 -132.02 3.41
N VAL JF 42 -0.86 -131.80 2.15
CA VAL JF 42 -0.30 -130.52 1.73
C VAL JF 42 -1.45 -129.59 1.38
N PRO JF 43 -1.66 -128.50 2.13
CA PRO JF 43 -2.82 -127.67 1.85
C PRO JF 43 -2.84 -127.14 0.42
N ALA JF 44 -1.67 -126.85 -0.14
CA ALA JF 44 -1.63 -126.29 -1.48
C ALA JF 44 -2.01 -127.28 -2.55
N LEU JF 45 -2.26 -128.54 -2.19
CA LEU JF 45 -2.57 -129.59 -3.14
C LEU JF 45 -3.87 -130.28 -2.75
N GLU JF 46 -4.87 -129.47 -2.46
CA GLU JF 46 -6.15 -129.98 -1.99
C GLU JF 46 -7.26 -129.20 -2.66
N LYS JF 47 -8.26 -129.91 -3.16
CA LYS JF 47 -9.41 -129.25 -3.76
C LYS JF 47 -10.28 -128.70 -2.65
N ARG JF 48 -10.62 -127.42 -2.75
CA ARG JF 48 -11.26 -126.71 -1.66
C ARG JF 48 -12.58 -126.10 -2.13
N VAL JF 49 -13.50 -125.96 -1.18
CA VAL JF 49 -14.81 -125.42 -1.44
C VAL JF 49 -15.15 -124.45 -0.32
N THR JF 50 -15.79 -123.35 -0.67
CA THR JF 50 -16.21 -122.33 0.28
C THR JF 50 -17.67 -121.99 0.02
N VAL JF 51 -18.45 -121.97 1.09
CA VAL JF 51 -19.86 -121.62 1.03
C VAL JF 51 -20.11 -120.51 2.03
N SER JF 52 -20.75 -119.44 1.56
CA SER JF 52 -21.06 -118.30 2.40
C SER JF 52 -22.47 -117.84 2.10
N VAL JF 53 -23.19 -117.48 3.15
CA VAL JF 53 -24.55 -116.98 3.04
C VAL JF 53 -24.55 -115.61 3.69
N SER JF 54 -24.76 -114.57 2.90
CA SER JF 54 -24.73 -113.20 3.38
C SER JF 54 -26.16 -112.70 3.52
N GLN JF 55 -26.52 -112.30 4.73
CA GLN JF 55 -27.85 -111.81 5.00
C GLN JF 55 -28.02 -110.39 4.49
N PRO JF 56 -29.24 -109.97 4.18
CA PRO JF 56 -29.47 -108.61 3.69
C PRO JF 56 -29.06 -107.60 4.74
N SER JF 57 -28.10 -106.76 4.38
CA SER JF 57 -27.62 -105.71 5.25
C SER JF 57 -28.32 -104.40 4.91
N ARG JF 58 -27.89 -103.32 5.57
CA ARG JF 58 -28.48 -102.01 5.36
C ARG JF 58 -28.06 -101.37 4.05
N ASN JF 59 -27.11 -101.96 3.33
CA ASN JF 59 -26.66 -101.41 2.06
C ASN JF 59 -26.84 -102.38 0.89
N ARG JF 60 -27.46 -103.52 1.10
CA ARG JF 60 -27.66 -104.47 0.00
C ARG JF 60 -29.11 -104.91 -0.07
N LYS JF 61 -29.74 -105.10 1.08
CA LYS JF 61 -31.13 -105.56 1.15
C LYS JF 61 -31.38 -106.69 0.15
N ASN JF 62 -30.51 -107.70 0.22
CA ASN JF 62 -30.66 -108.89 -0.60
C ASN JF 62 -29.82 -110.02 -0.03
N TYR JF 63 -30.41 -111.19 0.10
CA TYR JF 63 -29.67 -112.37 0.50
C TYR JF 63 -28.76 -112.81 -0.64
N LYS JF 64 -27.48 -113.02 -0.33
CA LYS JF 64 -26.50 -113.57 -1.26
C LYS JF 64 -26.09 -114.96 -0.79
N VAL JF 65 -25.82 -115.85 -1.75
CA VAL JF 65 -25.21 -117.13 -1.45
C VAL JF 65 -24.06 -117.30 -2.42
N GLN JF 66 -22.84 -117.30 -1.90
CA GLN JF 66 -21.63 -117.42 -2.68
C GLN JF 66 -21.05 -118.82 -2.46
N VAL JF 67 -20.85 -119.55 -3.54
CA VAL JF 67 -20.20 -120.85 -3.44
C VAL JF 67 -19.06 -120.83 -4.43
N LYS JF 68 -17.84 -120.97 -3.93
CA LYS JF 68 -16.65 -120.99 -4.77
C LYS JF 68 -15.92 -122.30 -4.56
N ILE JF 69 -15.29 -122.79 -5.61
CA ILE JF 69 -14.49 -123.99 -5.53
C ILE JF 69 -13.21 -123.80 -6.31
N GLN JF 70 -12.12 -124.29 -5.73
CA GLN JF 70 -10.80 -124.17 -6.29
C GLN JF 70 -10.20 -125.57 -6.40
N ASN JF 71 -9.57 -125.85 -7.53
CA ASN JF 71 -8.97 -127.15 -7.80
C ASN JF 71 -7.58 -126.92 -8.37
N PRO JF 72 -6.52 -127.10 -7.59
CA PRO JF 72 -5.18 -126.97 -8.15
C PRO JF 72 -4.64 -128.29 -8.69
N THR JF 73 -3.62 -128.17 -9.52
CA THR JF 73 -3.00 -129.30 -10.20
C THR JF 73 -1.65 -129.62 -9.57
N ALA JF 74 -1.36 -130.92 -9.50
CA ALA JF 74 -0.16 -131.39 -8.81
C ALA JF 74 1.11 -130.99 -9.57
N CYS JF 75 1.19 -131.39 -10.84
CA CYS JF 75 2.39 -131.19 -11.63
C CYS JF 75 3.60 -131.75 -10.89
N THR JF 76 3.49 -133.02 -10.51
CA THR JF 76 4.52 -133.68 -9.70
C THR JF 76 5.80 -133.86 -10.51
N ALA JF 77 6.88 -133.27 -10.02
CA ALA JF 77 8.17 -133.32 -10.70
C ALA JF 77 8.90 -134.62 -10.39
N ASN JF 78 9.78 -135.01 -11.30
CA ASN JF 78 10.55 -136.25 -11.18
C ASN JF 78 11.59 -136.09 -10.08
N GLY JF 79 11.08 -135.99 -8.84
CA GLY JF 79 11.91 -135.93 -7.66
C GLY JF 79 12.11 -134.50 -7.18
N SER JF 80 13.19 -134.29 -6.45
CA SER JF 80 13.76 -132.98 -6.15
C SER JF 80 12.94 -132.18 -5.15
N CYS JF 81 11.66 -132.51 -4.97
CA CYS JF 81 10.84 -131.89 -3.94
C CYS JF 81 9.43 -132.46 -4.11
N ASP JF 82 8.53 -132.11 -3.20
CA ASP JF 82 7.15 -132.45 -3.39
C ASP JF 82 6.59 -131.65 -4.56
N PRO JF 83 5.48 -132.08 -5.14
CA PRO JF 83 4.90 -131.34 -6.27
C PRO JF 83 4.61 -129.90 -5.90
N SER JF 84 4.41 -129.09 -6.94
CA SER JF 84 4.16 -127.67 -6.77
C SER JF 84 3.00 -127.24 -7.65
N VAL JF 85 2.31 -126.19 -7.21
CA VAL JF 85 1.11 -125.74 -7.89
C VAL JF 85 1.49 -125.05 -9.19
N THR JF 86 0.85 -125.44 -10.26
CA THR JF 86 1.05 -124.82 -11.57
C THR JF 86 -0.23 -124.42 -12.26
N ARG JF 87 -1.34 -125.07 -11.95
CA ARG JF 87 -2.61 -124.87 -12.62
C ARG JF 87 -3.72 -124.82 -11.60
N GLN JF 88 -4.72 -123.98 -11.86
CA GLN JF 88 -5.69 -123.65 -10.81
C GLN JF 88 -7.05 -123.43 -11.46
N ALA JF 89 -7.91 -124.43 -11.43
CA ALA JF 89 -9.27 -124.27 -11.92
C ALA JF 89 -10.13 -123.63 -10.85
N TYR JF 90 -10.96 -122.66 -11.25
CA TYR JF 90 -11.82 -121.95 -10.33
C TYR JF 90 -13.25 -121.99 -10.81
N ALA JF 91 -14.17 -121.90 -9.86
CA ALA JF 91 -15.57 -121.70 -10.19
C ALA JF 91 -16.22 -120.95 -9.04
N ASP JF 92 -17.19 -120.10 -9.35
CA ASP JF 92 -17.89 -119.37 -8.30
C ASP JF 92 -19.31 -119.07 -8.78
N VAL JF 93 -20.28 -119.62 -8.09
CA VAL JF 93 -21.68 -119.31 -8.29
C VAL JF 93 -22.07 -118.27 -7.25
N THR JF 94 -22.98 -117.38 -7.62
CA THR JF 94 -23.47 -116.36 -6.70
C THR JF 94 -24.98 -116.24 -6.92
N PHE JF 95 -25.73 -116.94 -6.08
CA PHE JF 95 -27.18 -116.84 -6.10
C PHE JF 95 -27.60 -115.59 -5.33
N SER JF 96 -28.62 -114.91 -5.84
CA SER JF 96 -29.12 -113.69 -5.22
C SER JF 96 -30.64 -113.75 -5.15
N PHE JF 97 -31.17 -113.53 -3.94
CA PHE JF 97 -32.60 -113.48 -3.74
C PHE JF 97 -32.89 -112.28 -2.86
N THR JF 98 -34.13 -111.82 -2.87
CA THR JF 98 -34.45 -110.73 -1.95
C THR JF 98 -35.54 -111.13 -0.96
N GLN JF 99 -35.94 -110.16 -0.15
CA GLN JF 99 -36.60 -110.45 1.12
C GLN JF 99 -37.78 -111.38 0.95
N TYR JF 100 -38.56 -111.21 -0.11
CA TYR JF 100 -39.81 -111.92 -0.26
C TYR JF 100 -39.66 -113.13 -1.17
N SER JF 101 -38.46 -113.69 -1.27
CA SER JF 101 -38.25 -114.84 -2.12
C SER JF 101 -39.04 -116.03 -1.59
N THR JF 102 -39.18 -117.04 -2.44
CA THR JF 102 -39.84 -118.27 -2.09
C THR JF 102 -38.85 -119.41 -2.20
N ASP JF 103 -38.84 -120.26 -1.18
CA ASP JF 103 -38.01 -121.45 -1.25
C ASP JF 103 -38.27 -122.21 -2.54
N GLU JF 104 -39.52 -122.24 -2.99
CA GLU JF 104 -39.81 -122.91 -4.25
C GLU JF 104 -39.04 -122.26 -5.38
N GLU JF 105 -39.04 -120.94 -5.45
CA GLU JF 105 -38.32 -120.27 -6.52
C GLU JF 105 -36.82 -120.52 -6.39
N ARG JF 106 -36.32 -120.54 -5.17
CA ARG JF 106 -34.90 -120.80 -4.96
C ARG JF 106 -34.53 -122.18 -5.47
N ALA JF 107 -35.35 -123.17 -5.15
CA ALA JF 107 -35.11 -124.52 -5.66
C ALA JF 107 -35.17 -124.55 -7.17
N PHE JF 108 -36.13 -123.82 -7.73
CA PHE JF 108 -36.23 -123.71 -9.18
C PHE JF 108 -34.92 -123.25 -9.76
N VAL JF 109 -34.38 -122.15 -9.22
CA VAL JF 109 -33.11 -121.63 -9.71
C VAL JF 109 -32.02 -122.68 -9.58
N ARG JF 110 -31.97 -123.34 -8.42
CA ARG JF 110 -30.92 -124.32 -8.19
C ARG JF 110 -30.98 -125.41 -9.25
N THR JF 111 -32.14 -126.04 -9.40
CA THR JF 111 -32.24 -127.16 -10.34
C THR JF 111 -32.02 -126.68 -11.77
N GLU JF 112 -32.49 -125.47 -12.09
CA GLU JF 112 -32.18 -124.88 -13.38
C GLU JF 112 -30.69 -124.86 -13.62
N LEU JF 113 -29.94 -124.33 -12.67
CA LEU JF 113 -28.51 -124.26 -12.84
C LEU JF 113 -27.93 -125.65 -13.01
N ALA JF 114 -28.37 -126.59 -12.19
CA ALA JF 114 -27.81 -127.94 -12.22
C ALA JF 114 -28.02 -128.58 -13.58
N ALA JF 115 -29.26 -128.52 -14.08
CA ALA JF 115 -29.56 -129.20 -15.33
C ALA JF 115 -28.94 -128.47 -16.51
N LEU JF 116 -28.86 -127.15 -16.48
CA LEU JF 116 -28.10 -126.46 -17.51
C LEU JF 116 -26.65 -126.93 -17.50
N LEU JF 117 -26.08 -127.02 -16.31
CA LEU JF 117 -24.69 -127.40 -16.20
C LEU JF 117 -24.45 -128.81 -16.70
N ALA JF 118 -25.47 -129.67 -16.67
CA ALA JF 118 -25.38 -130.97 -17.32
C ALA JF 118 -25.81 -130.96 -18.79
N SER JF 119 -26.40 -129.87 -19.26
CA SER JF 119 -26.93 -129.81 -20.62
C SER JF 119 -25.82 -129.92 -21.66
N PRO JF 120 -26.18 -130.33 -22.89
CA PRO JF 120 -25.16 -130.37 -23.95
C PRO JF 120 -24.53 -129.02 -24.20
N LEU JF 121 -25.29 -127.94 -24.08
CA LEU JF 121 -24.72 -126.62 -24.33
C LEU JF 121 -23.50 -126.39 -23.47
N LEU JF 122 -23.70 -126.32 -22.15
CA LEU JF 122 -22.59 -125.99 -21.28
C LEU JF 122 -21.51 -127.06 -21.36
N ILE JF 123 -21.89 -128.29 -21.69
CA ILE JF 123 -20.89 -129.34 -21.84
C ILE JF 123 -19.79 -128.86 -22.77
N ASP JF 124 -20.16 -128.52 -24.00
CA ASP JF 124 -19.15 -128.11 -24.96
C ASP JF 124 -18.65 -126.71 -24.67
N ALA JF 125 -19.50 -125.87 -24.06
CA ALA JF 125 -19.09 -124.50 -23.79
C ALA JF 125 -17.92 -124.46 -22.81
N ILE JF 126 -17.93 -125.30 -21.79
CA ILE JF 126 -16.86 -125.32 -20.81
C ILE JF 126 -15.78 -126.29 -21.28
N ASP JF 127 -16.15 -127.56 -21.41
CA ASP JF 127 -15.15 -128.59 -21.66
C ASP JF 127 -14.41 -128.31 -22.95
N GLN JF 128 -15.13 -128.00 -24.03
CA GLN JF 128 -14.49 -127.67 -25.29
C GLN JF 128 -14.09 -126.21 -25.39
N LEU JF 129 -14.60 -125.36 -24.52
CA LEU JF 129 -14.26 -123.94 -24.54
C LEU JF 129 -14.62 -123.29 -25.87
N ASN JF 130 -15.65 -123.79 -26.52
CA ASN JF 130 -16.04 -123.23 -27.80
C ASN JF 130 -17.18 -122.25 -27.59
N PRO JF 131 -17.17 -121.09 -28.23
CA PRO JF 131 -18.24 -120.11 -28.01
C PRO JF 131 -19.60 -120.69 -28.34
N ALA JF 132 -20.58 -120.35 -27.50
CA ALA JF 132 -21.97 -120.71 -27.75
C ALA JF 132 -22.35 -120.14 -29.10
N TYR JF 133 -22.60 -121.02 -30.07
CA TYR JF 133 -22.67 -120.58 -31.44
C TYR JF 133 -23.06 -121.73 -32.34
N ALA KF 2 -20.58 -121.45 23.18
CA ALA KF 2 -21.87 -122.14 22.89
C ALA KF 2 -22.03 -122.33 21.40
N LYS KF 3 -22.00 -123.58 20.97
CA LYS KF 3 -22.11 -123.87 19.55
C LYS KF 3 -23.54 -123.68 19.07
N LEU KF 4 -23.70 -122.91 18.00
CA LEU KF 4 -25.00 -122.78 17.37
C LEU KF 4 -25.48 -124.13 16.86
N GLU KF 5 -26.74 -124.43 17.12
CA GLU KF 5 -27.36 -125.63 16.58
C GLU KF 5 -28.86 -125.39 16.51
N THR KF 6 -29.52 -126.18 15.69
CA THR KF 6 -30.97 -126.08 15.58
C THR KF 6 -31.59 -126.26 16.95
N VAL KF 7 -32.22 -125.20 17.44
CA VAL KF 7 -32.72 -125.19 18.80
C VAL KF 7 -34.23 -125.41 18.74
N THR KF 8 -34.71 -126.41 19.46
CA THR KF 8 -36.08 -126.90 19.35
C THR KF 8 -36.80 -126.62 20.66
N LEU KF 9 -37.69 -125.65 20.65
CA LEU KF 9 -38.34 -125.22 21.88
C LEU KF 9 -39.79 -125.66 21.83
N GLY KF 10 -40.18 -126.52 22.77
CA GLY KF 10 -41.51 -127.07 22.80
C GLY KF 10 -42.30 -126.53 23.99
N ASN KF 11 -43.57 -126.93 24.04
CA ASN KF 11 -44.46 -126.54 25.13
C ASN KF 11 -44.64 -125.03 25.12
N ILE KF 12 -45.14 -124.54 23.99
CA ILE KF 12 -45.13 -123.12 23.69
C ILE KF 12 -46.57 -122.68 23.45
N GLY KF 13 -46.83 -121.40 23.68
CA GLY KF 13 -48.13 -120.81 23.42
C GLY KF 13 -49.06 -120.89 24.61
N LYS KF 14 -50.32 -120.50 24.36
CA LYS KF 14 -51.29 -120.43 25.45
C LYS KF 14 -51.46 -121.78 26.12
N ASP KF 15 -51.73 -122.81 25.34
CA ASP KF 15 -51.90 -124.14 25.87
C ASP KF 15 -50.58 -124.88 25.97
N GLY KF 16 -49.48 -124.25 25.59
CA GLY KF 16 -48.18 -124.90 25.69
C GLY KF 16 -48.12 -126.16 24.86
N LYS KF 17 -48.53 -126.08 23.59
CA LYS KF 17 -48.57 -127.26 22.73
C LYS KF 17 -47.83 -127.11 21.42
N GLN KF 18 -47.50 -125.90 20.98
CA GLN KF 18 -46.80 -125.74 19.73
C GLN KF 18 -45.29 -125.91 19.97
N THR KF 19 -44.53 -125.86 18.88
CA THR KF 19 -43.08 -125.96 18.99
C THR KF 19 -42.44 -125.11 17.91
N LEU KF 20 -41.24 -124.63 18.21
CA LEU KF 20 -40.51 -123.76 17.30
C LEU KF 20 -39.12 -124.34 17.10
N VAL KF 21 -38.72 -124.50 15.86
CA VAL KF 21 -37.41 -125.04 15.52
C VAL KF 21 -36.64 -123.93 14.84
N LEU KF 22 -35.63 -123.41 15.54
CA LEU KF 22 -34.87 -122.26 15.09
C LEU KF 22 -33.54 -122.74 14.52
N ASN KF 23 -33.25 -122.33 13.40
CA ASN KF 23 -32.09 -122.70 12.61
C ASN KF 23 -31.03 -121.62 12.69
N PRO KF 24 -29.77 -121.95 12.97
CA PRO KF 24 -28.76 -120.90 13.10
C PRO KF 24 -28.59 -120.09 11.81
N ARG KF 25 -28.42 -118.77 11.98
CA ARG KF 25 -28.18 -117.84 10.89
C ARG KF 25 -26.73 -117.38 10.84
N GLY KF 26 -25.85 -118.02 11.59
CA GLY KF 26 -24.48 -117.56 11.64
C GLY KF 26 -24.32 -116.37 12.57
N VAL KF 27 -23.15 -115.74 12.47
CA VAL KF 27 -22.77 -114.66 13.36
C VAL KF 27 -22.36 -113.46 12.53
N ASN KF 28 -22.82 -112.29 12.91
CA ASN KF 28 -22.37 -111.06 12.30
C ASN KF 28 -20.89 -110.85 12.58
N PRO KF 29 -20.05 -110.70 11.56
CA PRO KF 29 -18.63 -110.40 11.84
C PRO KF 29 -18.41 -109.02 12.42
N THR KF 30 -19.35 -108.10 12.25
CA THR KF 30 -19.16 -106.75 12.77
C THR KF 30 -19.70 -106.62 14.19
N ASN KF 31 -20.99 -106.89 14.37
CA ASN KF 31 -21.60 -106.77 15.69
C ASN KF 31 -21.26 -107.96 16.58
N GLY KF 32 -20.77 -109.05 16.01
CA GLY KF 32 -20.44 -110.22 16.80
C GLY KF 32 -21.65 -110.80 17.49
N VAL KF 33 -22.72 -111.01 16.73
CA VAL KF 33 -24.00 -111.40 17.29
C VAL KF 33 -24.51 -112.59 16.49
N ALA KF 34 -24.91 -113.65 17.19
CA ALA KF 34 -25.45 -114.81 16.52
C ALA KF 34 -26.95 -114.65 16.30
N SER KF 35 -27.48 -115.37 15.33
CA SER KF 35 -28.85 -115.23 14.93
C SER KF 35 -29.39 -116.55 14.41
N LEU KF 36 -30.66 -116.83 14.74
CA LEU KF 36 -31.35 -118.03 14.29
C LEU KF 36 -32.74 -117.62 13.82
N SER KF 37 -33.33 -118.45 12.96
CA SER KF 37 -34.65 -118.15 12.44
C SER KF 37 -35.41 -119.44 12.19
N GLN KF 38 -36.72 -119.33 12.21
CA GLN KF 38 -37.55 -120.49 11.99
C GLN KF 38 -37.51 -120.84 10.51
N ALA KF 39 -37.62 -122.13 10.20
CA ALA KF 39 -37.58 -122.55 8.81
C ALA KF 39 -38.90 -122.22 8.13
N GLY KF 40 -38.84 -121.41 7.08
CA GLY KF 40 -40.04 -121.02 6.38
C GLY KF 40 -39.75 -120.81 4.91
N ALA KF 41 -40.81 -120.54 4.16
CA ALA KF 41 -40.65 -120.35 2.73
C ALA KF 41 -40.18 -118.93 2.40
N VAL KF 42 -40.79 -117.93 3.01
CA VAL KF 42 -40.53 -116.53 2.66
C VAL KF 42 -39.61 -115.96 3.73
N PRO KF 43 -38.39 -115.54 3.40
CA PRO KF 43 -37.44 -115.10 4.43
C PRO KF 43 -37.96 -113.99 5.28
N ALA KF 44 -38.87 -113.17 4.76
CA ALA KF 44 -39.34 -112.02 5.51
C ALA KF 44 -40.29 -112.41 6.64
N LEU KF 45 -40.83 -113.62 6.63
CA LEU KF 45 -41.86 -114.01 7.59
C LEU KF 45 -41.42 -115.17 8.47
N GLU KF 46 -40.12 -115.28 8.74
CA GLU KF 46 -39.62 -116.28 9.69
C GLU KF 46 -39.31 -115.60 11.02
N LYS KF 47 -39.66 -116.27 12.10
CA LYS KF 47 -39.41 -115.75 13.43
C LYS KF 47 -37.91 -115.82 13.72
N ARG KF 48 -37.32 -114.70 14.08
CA ARG KF 48 -35.89 -114.59 14.28
C ARG KF 48 -35.57 -114.35 15.75
N VAL KF 49 -34.38 -114.80 16.13
CA VAL KF 49 -33.85 -114.57 17.47
C VAL KF 49 -32.39 -114.19 17.33
N THR KF 50 -31.96 -113.18 18.07
CA THR KF 50 -30.57 -112.80 18.12
C THR KF 50 -30.05 -112.98 19.53
N VAL KF 51 -28.77 -113.33 19.63
CA VAL KF 51 -28.08 -113.43 20.92
C VAL KF 51 -26.72 -112.77 20.78
N SER KF 52 -26.35 -111.97 21.77
CA SER KF 52 -25.06 -111.31 21.79
C SER KF 52 -24.53 -111.31 23.20
N VAL KF 53 -23.23 -111.55 23.33
CA VAL KF 53 -22.51 -111.34 24.59
C VAL KF 53 -21.37 -110.39 24.27
N SER KF 54 -21.51 -109.14 24.69
CA SER KF 54 -20.43 -108.19 24.52
C SER KF 54 -19.26 -108.58 25.40
N GLN KF 55 -18.11 -108.27 24.92
CA GLN KF 55 -16.86 -108.44 25.62
C GLN KF 55 -16.75 -107.29 26.62
N PRO KF 56 -15.99 -107.46 27.69
CA PRO KF 56 -15.91 -106.40 28.70
C PRO KF 56 -15.22 -105.14 28.16
N SER KF 57 -15.75 -103.98 28.57
CA SER KF 57 -15.26 -102.70 28.09
C SER KF 57 -14.12 -102.18 28.96
N ARG KF 58 -13.75 -100.91 28.79
CA ARG KF 58 -12.64 -100.32 29.53
C ARG KF 58 -13.07 -99.77 30.88
N ASN KF 59 -12.34 -100.14 31.92
CA ASN KF 59 -12.33 -99.42 33.20
C ASN KF 59 -13.64 -99.57 33.97
N ARG KF 60 -14.67 -100.08 33.32
CA ARG KF 60 -15.90 -100.47 34.00
C ARG KF 60 -16.24 -101.90 33.68
N LYS KF 61 -16.09 -102.25 32.42
CA LYS KF 61 -15.84 -103.58 31.92
C LYS KF 61 -17.12 -104.43 32.00
N ASN KF 62 -18.04 -104.13 32.91
CA ASN KF 62 -19.47 -104.25 32.69
C ASN KF 62 -19.92 -105.32 31.70
N TYR KF 63 -19.80 -106.58 32.08
CA TYR KF 63 -20.19 -107.71 31.23
C TYR KF 63 -21.63 -107.53 30.75
N LYS KF 64 -21.86 -107.68 29.44
CA LYS KF 64 -23.18 -107.46 28.87
C LYS KF 64 -23.63 -108.62 28.00
N VAL KF 65 -24.94 -108.84 27.96
CA VAL KF 65 -25.51 -109.86 27.09
C VAL KF 65 -26.89 -109.41 26.63
N GLN KF 66 -27.21 -109.69 25.38
CA GLN KF 66 -28.47 -109.26 24.80
C GLN KF 66 -29.15 -110.40 24.07
N VAL KF 67 -30.48 -110.33 24.04
CA VAL KF 67 -31.31 -111.34 23.40
C VAL KF 67 -32.49 -110.62 22.77
N LYS KF 68 -32.54 -110.61 21.44
CA LYS KF 68 -33.56 -109.90 20.70
C LYS KF 68 -34.38 -110.93 19.93
N ILE KF 69 -35.70 -110.90 20.15
CA ILE KF 69 -36.60 -111.84 19.51
C ILE KF 69 -37.59 -111.04 18.69
N GLN KF 70 -37.68 -111.34 17.39
CA GLN KF 70 -38.65 -110.72 16.52
C GLN KF 70 -39.60 -111.78 16.00
N ASN KF 71 -40.89 -111.46 16.02
CA ASN KF 71 -41.90 -112.29 15.40
C ASN KF 71 -42.69 -111.43 14.44
N PRO KF 72 -42.58 -111.63 13.14
CA PRO KF 72 -43.39 -110.86 12.19
C PRO KF 72 -44.69 -111.57 11.85
N THR KF 73 -45.57 -110.82 11.21
CA THR KF 73 -46.85 -111.36 10.81
C THR KF 73 -47.39 -110.49 9.68
N ALA KF 74 -47.60 -111.10 8.52
CA ALA KF 74 -48.03 -110.39 7.33
C ALA KF 74 -49.51 -110.67 7.08
N CYS KF 75 -50.04 -110.02 6.05
CA CYS KF 75 -51.41 -110.26 5.64
C CYS KF 75 -51.52 -109.83 4.17
N THR KF 76 -51.52 -110.81 3.27
CA THR KF 76 -51.56 -110.49 1.86
C THR KF 76 -52.85 -109.75 1.54
N ALA KF 77 -52.72 -108.47 1.22
CA ALA KF 77 -53.87 -107.68 0.80
C ALA KF 77 -54.36 -108.17 -0.55
N ASN KF 78 -55.63 -107.87 -0.84
CA ASN KF 78 -56.21 -108.31 -2.11
C ASN KF 78 -55.58 -107.54 -3.26
N GLY KF 79 -55.17 -108.28 -4.29
CA GLY KF 79 -54.54 -107.69 -5.45
C GLY KF 79 -53.02 -107.67 -5.40
N SER KF 80 -52.42 -107.90 -4.24
CA SER KF 80 -50.97 -107.92 -4.12
C SER KF 80 -50.49 -109.35 -3.95
N CYS KF 81 -49.47 -109.71 -4.72
CA CYS KF 81 -48.85 -111.03 -4.64
C CYS KF 81 -47.71 -111.06 -3.66
N ASP KF 82 -47.78 -110.25 -2.61
CA ASP KF 82 -46.64 -109.97 -1.75
C ASP KF 82 -47.08 -109.97 -0.29
N PRO KF 83 -46.91 -111.06 0.44
CA PRO KF 83 -47.38 -111.07 1.82
C PRO KF 83 -46.63 -110.09 2.70
N SER KF 84 -46.92 -108.80 2.51
CA SER KF 84 -46.21 -107.74 3.23
C SER KF 84 -46.37 -107.90 4.75
N VAL KF 85 -45.26 -107.80 5.47
CA VAL KF 85 -45.33 -107.81 6.93
C VAL KF 85 -46.10 -106.60 7.39
N THR KF 86 -47.27 -106.83 7.98
CA THR KF 86 -48.10 -105.76 8.49
C THR KF 86 -48.02 -105.60 10.00
N ARG KF 87 -47.29 -106.47 10.69
CA ARG KF 87 -47.32 -106.47 12.14
C ARG KF 87 -46.05 -107.14 12.67
N GLN KF 88 -45.54 -106.61 13.79
CA GLN KF 88 -44.23 -107.00 14.28
C GLN KF 88 -44.24 -107.01 15.80
N ALA KF 89 -43.63 -108.04 16.39
CA ALA KF 89 -43.46 -108.12 17.83
C ALA KF 89 -41.99 -108.22 18.17
N TYR KF 90 -41.56 -107.41 19.15
CA TYR KF 90 -40.18 -107.35 19.59
C TYR KF 90 -40.07 -107.64 21.08
N ALA KF 91 -39.07 -108.44 21.44
CA ALA KF 91 -38.77 -108.73 22.84
C ALA KF 91 -37.27 -108.62 23.03
N ASP KF 92 -36.83 -107.67 23.86
CA ASP KF 92 -35.42 -107.48 24.13
C ASP KF 92 -35.12 -107.73 25.59
N VAL KF 93 -34.25 -108.70 25.86
CA VAL KF 93 -33.70 -108.96 27.18
C VAL KF 93 -32.26 -108.48 27.16
N THR KF 94 -31.84 -107.81 28.22
CA THR KF 94 -30.45 -107.42 28.36
C THR KF 94 -30.00 -107.74 29.78
N PHE KF 95 -29.03 -108.64 29.89
CA PHE KF 95 -28.42 -109.04 31.14
C PHE KF 95 -27.14 -108.26 31.35
N SER KF 96 -26.97 -107.74 32.56
CA SER KF 96 -25.82 -106.90 32.89
C SER KF 96 -25.17 -107.42 34.16
N PHE KF 97 -23.91 -107.83 34.04
CA PHE KF 97 -23.17 -108.47 35.11
C PHE KF 97 -21.87 -107.74 35.34
N THR KF 98 -21.31 -107.90 36.53
CA THR KF 98 -20.04 -107.26 36.83
C THR KF 98 -18.87 -108.18 36.54
N GLN KF 99 -17.69 -107.59 36.59
CA GLN KF 99 -16.44 -108.28 36.39
C GLN KF 99 -16.24 -109.44 37.35
N TYR KF 100 -16.88 -109.42 38.52
CA TYR KF 100 -16.64 -110.46 39.51
C TYR KF 100 -17.85 -111.34 39.74
N SER KF 101 -18.90 -111.21 38.91
CA SER KF 101 -20.04 -112.08 39.05
C SER KF 101 -19.60 -113.54 38.88
N THR KF 102 -20.47 -114.45 39.29
CA THR KF 102 -20.16 -115.86 39.21
C THR KF 102 -21.35 -116.65 38.69
N ASP KF 103 -21.02 -117.78 38.05
CA ASP KF 103 -22.02 -118.60 37.39
C ASP KF 103 -23.23 -118.81 38.27
N GLU KF 104 -23.00 -118.86 39.59
CA GLU KF 104 -24.11 -119.06 40.50
C GLU KF 104 -25.18 -118.00 40.29
N GLU KF 105 -24.86 -116.74 40.56
CA GLU KF 105 -25.85 -115.69 40.41
C GLU KF 105 -26.27 -115.56 38.97
N ARG KF 106 -25.37 -115.83 38.04
CA ARG KF 106 -25.75 -115.82 36.64
C ARG KF 106 -26.96 -116.74 36.39
N ALA KF 107 -26.80 -118.03 36.63
CA ALA KF 107 -27.90 -118.97 36.46
C ALA KF 107 -29.07 -118.62 37.38
N PHE KF 108 -28.77 -117.99 38.50
CA PHE KF 108 -29.81 -117.63 39.45
C PHE KF 108 -30.77 -116.63 38.82
N VAL KF 109 -30.21 -115.55 38.27
CA VAL KF 109 -31.01 -114.56 37.57
C VAL KF 109 -31.68 -115.20 36.36
N ARG KF 110 -30.93 -116.04 35.67
CA ARG KF 110 -31.45 -116.81 34.55
C ARG KF 110 -32.80 -117.43 34.91
N THR KF 111 -32.79 -118.30 35.91
CA THR KF 111 -34.01 -118.96 36.32
C THR KF 111 -35.04 -117.98 36.82
N GLU KF 112 -34.60 -116.92 37.50
CA GLU KF 112 -35.54 -115.89 37.94
C GLU KF 112 -36.38 -115.40 36.78
N LEU KF 113 -35.73 -114.97 35.72
CA LEU KF 113 -36.47 -114.50 34.56
C LEU KF 113 -37.40 -115.59 34.05
N ALA KF 114 -36.87 -116.80 33.88
CA ALA KF 114 -37.69 -117.84 33.26
C ALA KF 114 -38.97 -118.06 34.04
N ALA KF 115 -38.85 -118.30 35.34
CA ALA KF 115 -40.02 -118.66 36.09
C ALA KF 115 -40.88 -117.44 36.39
N LEU KF 116 -40.31 -116.23 36.32
CA LEU KF 116 -41.16 -115.05 36.34
C LEU KF 116 -42.05 -114.98 35.11
N LEU KF 117 -41.47 -115.17 33.94
CA LEU KF 117 -42.28 -115.15 32.74
C LEU KF 117 -43.30 -116.28 32.75
N ALA KF 118 -43.04 -117.34 33.52
CA ALA KF 118 -44.05 -118.38 33.75
C ALA KF 118 -45.10 -118.00 34.79
N SER KF 119 -44.77 -117.13 35.75
CA SER KF 119 -45.65 -116.87 36.88
C SER KF 119 -46.90 -116.12 36.45
N PRO KF 120 -47.96 -116.21 37.25
CA PRO KF 120 -49.22 -115.56 36.86
C PRO KF 120 -49.08 -114.08 36.65
N LEU KF 121 -48.16 -113.44 37.34
CA LEU KF 121 -47.99 -112.00 37.21
C LEU KF 121 -47.76 -111.64 35.76
N LEU KF 122 -46.63 -112.09 35.21
CA LEU KF 122 -46.33 -111.75 33.83
C LEU KF 122 -47.36 -112.32 32.88
N ILE KF 123 -48.02 -113.42 33.25
CA ILE KF 123 -49.11 -113.93 32.43
C ILE KF 123 -50.05 -112.79 32.07
N ASP KF 124 -50.68 -112.22 33.10
CA ASP KF 124 -51.68 -111.19 32.88
C ASP KF 124 -51.05 -109.86 32.49
N ALA KF 125 -49.79 -109.65 32.85
CA ALA KF 125 -49.13 -108.40 32.49
C ALA KF 125 -48.83 -108.33 31.01
N ILE KF 126 -48.62 -109.49 30.38
CA ILE KF 126 -48.16 -109.56 29.00
C ILE KF 126 -49.27 -110.04 28.09
N ASP KF 127 -49.71 -111.27 28.26
CA ASP KF 127 -50.66 -111.81 27.30
C ASP KF 127 -51.95 -110.98 27.30
N GLN KF 128 -52.39 -110.56 28.49
CA GLN KF 128 -53.51 -109.65 28.60
C GLN KF 128 -53.10 -108.18 28.59
N LEU KF 129 -51.81 -107.87 28.71
CA LEU KF 129 -51.32 -106.49 28.75
C LEU KF 129 -52.00 -105.72 29.86
N ASN KF 130 -51.85 -106.20 31.08
CA ASN KF 130 -52.58 -105.63 32.19
C ASN KF 130 -51.64 -105.03 33.21
N PRO KF 131 -51.73 -103.74 33.53
CA PRO KF 131 -50.82 -103.16 34.52
C PRO KF 131 -50.87 -103.93 35.82
N ALA KF 132 -49.69 -104.12 36.39
CA ALA KF 132 -49.59 -104.79 37.68
C ALA KF 132 -50.00 -103.84 38.79
N TYR KF 133 -50.89 -104.29 39.65
CA TYR KF 133 -51.27 -103.55 40.83
C TYR KF 133 -51.87 -104.47 41.87
N ALA LF 2 -73.99 -50.36 95.88
CA ALA LF 2 -72.53 -50.14 96.05
C ALA LF 2 -72.25 -48.84 96.80
N LYS LF 3 -72.91 -48.65 97.94
CA LYS LF 3 -72.76 -47.43 98.71
C LYS LF 3 -71.35 -47.30 99.27
N LEU LF 4 -70.92 -46.05 99.44
CA LEU LF 4 -69.60 -45.73 99.95
C LEU LF 4 -69.71 -45.33 101.42
N GLU LF 5 -68.93 -45.99 102.26
CA GLU LF 5 -68.87 -45.65 103.68
C GLU LF 5 -67.55 -46.18 104.22
N THR LF 6 -67.39 -46.12 105.53
CA THR LF 6 -66.16 -46.57 106.16
C THR LF 6 -66.12 -48.08 106.19
N VAL LF 7 -64.98 -48.65 105.81
CA VAL LF 7 -64.79 -50.10 105.78
C VAL LF 7 -63.74 -50.46 106.81
N THR LF 8 -64.01 -51.50 107.58
CA THR LF 8 -63.17 -51.93 108.68
C THR LF 8 -62.64 -53.32 108.37
N LEU LF 9 -61.44 -53.38 107.78
CA LEU LF 9 -60.81 -54.63 107.44
C LEU LF 9 -60.12 -55.17 108.68
N GLY LF 10 -60.60 -56.29 109.20
CA GLY LF 10 -60.03 -56.85 110.41
C GLY LF 10 -59.18 -58.08 110.17
N ASN LF 11 -58.35 -58.43 111.14
CA ASN LF 11 -57.55 -59.65 111.09
C ASN LF 11 -56.67 -59.66 109.84
N ILE LF 12 -55.69 -58.77 109.86
CA ILE LF 12 -54.89 -58.43 108.70
C ILE LF 12 -53.42 -58.73 109.01
N GLY LF 13 -52.63 -58.93 107.95
CA GLY LF 13 -51.19 -59.10 108.08
C GLY LF 13 -50.78 -60.56 108.16
N LYS LF 14 -49.49 -60.77 108.41
CA LYS LF 14 -49.00 -62.14 108.57
C LYS LF 14 -49.80 -62.85 109.64
N ASP LF 15 -49.90 -62.25 110.80
CA ASP LF 15 -50.56 -62.83 111.96
C ASP LF 15 -52.07 -62.66 111.91
N GLY LF 16 -52.57 -61.79 111.05
CA GLY LF 16 -53.99 -61.50 111.02
C GLY LF 16 -54.49 -60.84 112.29
N LYS LF 17 -53.76 -59.84 112.78
CA LYS LF 17 -54.16 -59.11 113.99
C LYS LF 17 -54.38 -57.61 113.80
N GLN LF 18 -53.76 -56.97 112.84
CA GLN LF 18 -53.98 -55.54 112.74
C GLN LF 18 -55.33 -55.26 112.09
N THR LF 19 -55.70 -54.00 112.03
CA THR LF 19 -56.97 -53.58 111.46
C THR LF 19 -56.76 -52.33 110.62
N LEU LF 20 -57.58 -52.18 109.59
CA LEU LF 20 -57.42 -51.11 108.63
C LEU LF 20 -58.77 -50.42 108.47
N VAL LF 21 -58.80 -49.11 108.67
CA VAL LF 21 -60.03 -48.35 108.61
C VAL LF 21 -59.92 -47.42 107.40
N LEU LF 22 -60.75 -47.69 106.38
CA LEU LF 22 -60.70 -46.93 105.14
C LEU LF 22 -61.96 -46.09 105.02
N ASN LF 23 -61.79 -44.83 104.91
CA ASN LF 23 -62.88 -43.90 104.71
C ASN LF 23 -63.02 -43.54 103.24
N PRO LF 24 -64.20 -43.05 102.87
CA PRO LF 24 -64.50 -42.78 101.47
C PRO LF 24 -63.92 -41.46 101.01
N ARG LF 25 -63.91 -41.29 99.69
CA ARG LF 25 -63.39 -40.10 99.05
C ARG LF 25 -64.39 -39.72 97.97
N GLY LF 26 -63.98 -38.88 97.02
CA GLY LF 26 -64.83 -38.48 95.90
C GLY LF 26 -64.65 -39.40 94.72
N VAL LF 27 -65.73 -39.63 93.99
CA VAL LF 27 -65.67 -40.50 92.81
C VAL LF 27 -65.14 -39.70 91.64
N ASN LF 28 -64.05 -40.17 91.04
CA ASN LF 28 -63.44 -39.50 89.90
C ASN LF 28 -64.44 -39.32 88.78
N PRO LF 29 -64.92 -38.10 88.54
CA PRO LF 29 -65.82 -37.90 87.41
C PRO LF 29 -65.19 -38.26 86.09
N THR LF 30 -63.88 -38.12 85.97
CA THR LF 30 -63.23 -38.34 84.68
C THR LF 30 -63.38 -39.77 84.20
N ASN LF 31 -63.42 -40.74 85.12
CA ASN LF 31 -63.57 -42.12 84.72
C ASN LF 31 -64.52 -42.89 85.62
N GLY LF 32 -65.18 -42.25 86.57
CA GLY LF 32 -66.09 -42.96 87.44
C GLY LF 32 -65.38 -44.02 88.24
N VAL LF 33 -64.56 -43.59 89.20
CA VAL LF 33 -63.85 -44.52 90.08
C VAL LF 33 -64.01 -44.02 91.50
N ALA LF 34 -64.53 -44.87 92.38
CA ALA LF 34 -64.62 -44.54 93.79
C ALA LF 34 -63.29 -44.84 94.46
N SER LF 35 -63.01 -44.10 95.53
CA SER LF 35 -61.72 -44.18 96.20
C SER LF 35 -61.92 -44.24 97.70
N LEU LF 36 -61.12 -45.07 98.37
CA LEU LF 36 -61.07 -45.11 99.82
C LEU LF 36 -59.62 -45.00 100.26
N SER LF 37 -59.43 -44.47 101.46
CA SER LF 37 -58.08 -44.27 101.96
C SER LF 37 -58.07 -44.39 103.47
N GLN LF 38 -56.87 -44.58 104.02
CA GLN LF 38 -56.74 -44.89 105.44
C GLN LF 38 -57.45 -43.82 106.26
N ALA LF 39 -57.70 -44.13 107.54
CA ALA LF 39 -58.41 -43.19 108.40
C ALA LF 39 -57.76 -41.81 108.38
N GLY LF 40 -56.46 -41.75 108.18
CA GLY LF 40 -55.76 -40.48 108.07
C GLY LF 40 -54.82 -40.26 109.25
N ALA LF 41 -54.27 -39.06 109.30
CA ALA LF 41 -54.58 -37.98 108.37
C ALA LF 41 -53.81 -38.11 107.06
N VAL LF 42 -52.49 -37.95 107.15
CA VAL LF 42 -51.66 -38.06 105.95
C VAL LF 42 -51.78 -39.43 105.32
N PRO LF 43 -51.85 -40.53 106.06
CA PRO LF 43 -52.03 -41.83 105.40
C PRO LF 43 -53.20 -41.87 104.45
N ALA LF 44 -54.18 -40.98 104.61
CA ALA LF 44 -55.26 -40.89 103.62
C ALA LF 44 -54.71 -40.50 102.26
N LEU LF 45 -53.69 -39.64 102.24
CA LEU LF 45 -52.98 -39.29 101.02
C LEU LF 45 -51.73 -40.14 100.83
N GLU LF 46 -51.70 -41.34 101.41
CA GLU LF 46 -50.68 -42.34 101.12
C GLU LF 46 -51.29 -43.64 100.62
N LYS LF 47 -52.21 -44.22 101.38
CA LYS LF 47 -52.80 -45.50 101.05
C LYS LF 47 -54.12 -45.33 100.31
N ARG LF 48 -54.30 -46.09 99.23
CA ARG LF 48 -55.45 -45.90 98.37
C ARG LF 48 -56.04 -47.26 97.97
N VAL LF 49 -57.35 -47.26 97.80
CA VAL LF 49 -58.08 -48.41 97.27
C VAL LF 49 -59.12 -47.88 96.30
N THR LF 50 -58.94 -48.16 95.02
CA THR LF 50 -59.83 -47.65 93.98
C THR LF 50 -60.71 -48.77 93.46
N VAL LF 51 -61.96 -48.42 93.16
CA VAL LF 51 -62.97 -49.37 92.69
C VAL LF 51 -63.67 -48.78 91.50
N SER LF 52 -63.82 -49.58 90.43
CA SER LF 52 -64.42 -49.11 89.20
C SER LF 52 -65.27 -50.20 88.59
N VAL LF 53 -66.37 -49.79 87.96
CA VAL LF 53 -67.25 -50.73 87.28
C VAL LF 53 -67.49 -50.26 85.86
N SER LF 54 -66.60 -50.64 84.96
CA SER LF 54 -66.74 -50.28 83.56
C SER LF 54 -67.93 -51.01 82.96
N GLN LF 55 -68.94 -50.25 82.58
CA GLN LF 55 -70.15 -50.78 81.97
C GLN LF 55 -69.87 -51.21 80.54
N PRO LF 56 -70.76 -51.99 79.94
CA PRO LF 56 -70.56 -52.41 78.55
C PRO LF 56 -70.34 -51.23 77.64
N SER LF 57 -69.35 -51.38 76.77
CA SER LF 57 -69.10 -50.44 75.69
C SER LF 57 -68.70 -51.24 74.48
N ARG LF 58 -68.47 -50.57 73.36
CA ARG LF 58 -68.09 -51.30 72.17
C ARG LF 58 -66.65 -51.79 72.23
N ASN LF 59 -65.91 -51.41 73.27
CA ASN LF 59 -64.61 -52.00 73.58
C ASN LF 59 -64.69 -52.98 74.74
N ARG LF 60 -65.51 -52.70 75.76
CA ARG LF 60 -65.87 -53.71 76.74
C ARG LF 60 -67.05 -54.48 76.16
N LYS LF 61 -67.61 -55.48 76.85
CA LYS LF 61 -68.86 -55.97 76.27
C LYS LF 61 -70.01 -56.45 77.15
N ASN LF 62 -69.84 -57.29 78.19
CA ASN LF 62 -68.67 -57.66 78.99
C ASN LF 62 -68.19 -56.54 79.92
N TYR LF 63 -69.00 -56.36 80.97
CA TYR LF 63 -68.63 -55.52 82.11
C TYR LF 63 -67.23 -55.87 82.60
N LYS LF 64 -66.54 -54.85 83.12
CA LYS LF 64 -65.20 -55.01 83.69
C LYS LF 64 -65.19 -54.36 85.07
N VAL LF 65 -65.03 -55.17 86.12
CA VAL LF 65 -64.93 -54.65 87.47
C VAL LF 65 -63.47 -54.67 87.88
N GLN LF 66 -62.93 -53.48 88.18
CA GLN LF 66 -61.53 -53.37 88.53
C GLN LF 66 -61.40 -52.85 89.95
N VAL LF 67 -60.44 -53.40 90.69
CA VAL LF 67 -60.12 -52.94 92.03
C VAL LF 67 -58.61 -52.85 92.15
N LYS LF 68 -58.10 -51.64 92.37
CA LYS LF 68 -56.69 -51.41 92.63
C LYS LF 68 -56.50 -51.15 94.12
N ILE LF 69 -55.36 -51.59 94.65
CA ILE LF 69 -54.90 -51.08 95.93
C ILE LF 69 -53.44 -50.70 95.82
N GLN LF 70 -53.09 -49.63 96.54
CA GLN LF 70 -51.75 -49.09 96.56
C GLN LF 70 -51.39 -48.80 98.01
N ASN LF 71 -50.31 -49.41 98.49
CA ASN LF 71 -49.75 -49.16 99.82
C ASN LF 71 -48.35 -48.61 99.66
N PRO LF 72 -48.11 -47.33 99.89
CA PRO LF 72 -46.74 -46.84 99.85
C PRO LF 72 -46.05 -46.93 101.19
N THR LF 73 -44.93 -47.62 101.25
CA THR LF 73 -44.09 -47.61 102.44
C THR LF 73 -43.12 -46.45 102.38
N ALA LF 74 -43.12 -45.64 103.43
CA ALA LF 74 -42.28 -44.46 103.51
C ALA LF 74 -41.51 -44.50 104.81
N CYS LF 75 -40.57 -43.58 104.92
CA CYS LF 75 -39.78 -43.43 106.13
C CYS LF 75 -39.15 -42.06 106.14
N THR LF 76 -38.60 -41.70 107.30
CA THR LF 76 -38.03 -40.39 107.52
C THR LF 76 -36.52 -40.53 107.64
N ALA LF 77 -35.79 -39.89 106.72
CA ALA LF 77 -34.35 -39.85 106.84
C ALA LF 77 -33.97 -39.18 108.16
N ASN LF 78 -33.00 -39.76 108.84
CA ASN LF 78 -32.69 -39.32 110.19
C ASN LF 78 -32.02 -37.96 110.12
N GLY LF 79 -32.82 -36.91 110.27
CA GLY LF 79 -32.37 -35.54 110.09
C GLY LF 79 -33.43 -34.73 109.38
N SER LF 80 -34.25 -35.44 108.60
CA SER LF 80 -35.35 -34.83 107.86
C SER LF 80 -36.58 -34.69 108.76
N CYS LF 81 -37.65 -34.12 108.22
CA CYS LF 81 -38.93 -34.09 108.93
C CYS LF 81 -40.01 -34.81 108.15
N ASP LF 82 -40.22 -34.39 106.92
CA ASP LF 82 -41.29 -34.99 106.14
C ASP LF 82 -40.87 -36.36 105.63
N PRO LF 83 -41.60 -37.42 105.96
CA PRO LF 83 -41.23 -38.74 105.45
C PRO LF 83 -41.46 -38.85 103.95
N SER LF 84 -40.59 -39.60 103.30
CA SER LF 84 -40.67 -39.82 101.87
C SER LF 84 -40.89 -41.29 101.57
N VAL LF 85 -41.54 -41.57 100.45
CA VAL LF 85 -41.90 -42.93 100.07
C VAL LF 85 -40.69 -43.62 99.50
N THR LF 86 -40.26 -44.71 100.14
CA THR LF 86 -39.12 -45.48 99.69
C THR LF 86 -39.51 -46.75 98.95
N ARG LF 87 -40.72 -47.25 99.16
CA ARG LF 87 -41.21 -48.42 98.46
C ARG LF 87 -42.70 -48.24 98.23
N GLN LF 88 -43.24 -48.97 97.27
CA GLN LF 88 -44.69 -48.97 97.07
C GLN LF 88 -45.13 -50.32 96.56
N ALA LF 89 -46.00 -50.97 97.30
CA ALA LF 89 -46.64 -52.20 96.85
C ALA LF 89 -48.00 -51.86 96.28
N TYR LF 90 -48.46 -52.68 95.36
CA TYR LF 90 -49.79 -52.45 94.82
C TYR LF 90 -50.26 -53.68 94.06
N ALA LF 91 -51.57 -53.87 94.05
CA ALA LF 91 -52.19 -55.01 93.39
C ALA LF 91 -53.41 -54.54 92.63
N ASP LF 92 -53.78 -55.30 91.60
CA ASP LF 92 -54.89 -54.96 90.73
C ASP LF 92 -55.66 -56.21 90.39
N VAL LF 93 -56.97 -56.19 90.65
CA VAL LF 93 -57.87 -57.28 90.36
C VAL LF 93 -58.83 -56.82 89.27
N THR LF 94 -59.12 -57.72 88.33
CA THR LF 94 -59.92 -57.38 87.17
C THR LF 94 -60.85 -58.54 86.86
N PHE LF 95 -62.16 -58.31 87.00
CA PHE LF 95 -63.16 -59.29 86.66
C PHE LF 95 -63.80 -58.91 85.34
N SER LF 96 -63.88 -59.87 84.43
CA SER LF 96 -64.53 -59.67 83.14
C SER LF 96 -65.78 -60.54 83.11
N PHE LF 97 -66.95 -59.91 83.11
CA PHE LF 97 -68.23 -60.61 83.20
C PHE LF 97 -69.06 -60.29 81.97
N THR LF 98 -69.54 -61.31 81.29
CA THR LF 98 -70.37 -61.07 80.12
C THR LF 98 -71.78 -60.67 80.54
N GLN LF 99 -72.50 -60.07 79.59
CA GLN LF 99 -73.78 -59.46 79.91
C GLN LF 99 -74.75 -60.46 80.51
N TYR LF 100 -74.77 -61.68 79.98
CA TYR LF 100 -75.65 -62.71 80.51
C TYR LF 100 -75.14 -63.31 81.81
N SER LF 101 -74.22 -62.63 82.47
CA SER LF 101 -73.70 -63.10 83.73
C SER LF 101 -74.81 -63.27 84.75
N THR LF 102 -74.56 -64.17 85.69
CA THR LF 102 -75.48 -64.42 86.79
C THR LF 102 -74.80 -64.04 88.09
N ASP LF 103 -75.57 -63.36 88.94
CA ASP LF 103 -75.04 -62.99 90.25
C ASP LF 103 -74.47 -64.20 90.98
N GLU LF 104 -75.08 -65.38 90.82
CA GLU LF 104 -74.53 -66.58 91.46
C GLU LF 104 -73.09 -66.79 91.08
N GLU LF 105 -72.84 -66.91 89.78
CA GLU LF 105 -71.49 -67.21 89.32
C GLU LF 105 -70.54 -66.07 89.64
N ARG LF 106 -71.05 -64.84 89.65
CA ARG LF 106 -70.20 -63.72 90.05
C ARG LF 106 -69.74 -63.89 91.49
N ALA LF 107 -70.68 -64.15 92.40
CA ALA LF 107 -70.31 -64.35 93.80
C ALA LF 107 -69.42 -65.56 93.96
N PHE LF 108 -69.69 -66.61 93.19
CA PHE LF 108 -68.86 -67.80 93.23
C PHE LF 108 -67.42 -67.46 92.92
N VAL LF 109 -67.18 -66.77 91.81
CA VAL LF 109 -65.82 -66.40 91.44
C VAL LF 109 -65.22 -65.48 92.49
N ARG LF 110 -66.04 -64.58 93.03
CA ARG LF 110 -65.56 -63.68 94.07
C ARG LF 110 -64.98 -64.45 95.25
N THR LF 111 -65.83 -65.21 95.94
CA THR LF 111 -65.35 -65.95 97.09
C THR LF 111 -64.28 -66.95 96.70
N GLU LF 112 -64.25 -67.38 95.44
CA GLU LF 112 -63.22 -68.33 95.03
C GLU LF 112 -61.86 -67.66 95.03
N LEU LF 113 -61.77 -66.48 94.43
CA LEU LF 113 -60.58 -65.67 94.58
C LEU LF 113 -60.24 -65.51 96.05
N ALA LF 114 -61.26 -65.26 96.88
CA ALA LF 114 -61.00 -65.04 98.29
C ALA LF 114 -60.27 -66.21 98.90
N ALA LF 115 -60.82 -67.39 98.74
CA ALA LF 115 -60.28 -68.53 99.44
C ALA LF 115 -58.98 -68.99 98.81
N LEU LF 116 -58.79 -68.76 97.51
CA LEU LF 116 -57.46 -68.95 96.95
C LEU LF 116 -56.46 -68.07 97.67
N LEU LF 117 -56.77 -66.79 97.79
CA LEU LF 117 -55.87 -65.88 98.46
C LEU LF 117 -55.59 -66.33 99.88
N ALA LF 118 -56.60 -66.89 100.54
CA ALA LF 118 -56.43 -67.41 101.88
C ALA LF 118 -55.71 -68.75 101.92
N SER LF 119 -55.55 -69.41 100.81
CA SER LF 119 -55.00 -70.75 100.82
C SER LF 119 -53.49 -70.73 101.00
N PRO LF 120 -52.91 -71.82 101.49
CA PRO LF 120 -51.44 -71.89 101.62
C PRO LF 120 -50.73 -71.55 100.33
N LEU LF 121 -51.26 -72.03 99.20
CA LEU LF 121 -50.57 -71.83 97.93
C LEU LF 121 -50.24 -70.36 97.72
N LEU LF 122 -51.27 -69.52 97.64
CA LEU LF 122 -51.04 -68.12 97.32
C LEU LF 122 -50.25 -67.42 98.41
N ILE LF 123 -50.50 -67.77 99.67
CA ILE LF 123 -49.83 -67.05 100.74
C ILE LF 123 -48.33 -67.27 100.66
N ASP LF 124 -47.88 -68.50 100.43
CA ASP LF 124 -46.45 -68.69 100.25
C ASP LF 124 -46.01 -68.28 98.85
N ALA LF 125 -46.93 -68.19 97.92
CA ALA LF 125 -46.61 -67.73 96.58
C ALA LF 125 -46.14 -66.28 96.58
N ILE LF 126 -46.70 -65.44 97.45
CA ILE LF 126 -46.30 -64.04 97.36
C ILE LF 126 -45.74 -63.49 98.67
N ASP LF 127 -45.96 -64.18 99.80
CA ASP LF 127 -45.18 -63.86 100.99
C ASP LF 127 -43.71 -64.03 100.73
N GLN LF 128 -43.33 -65.24 100.39
CA GLN LF 128 -41.95 -65.58 100.13
C GLN LF 128 -41.63 -65.52 98.66
N LEU LF 129 -42.60 -65.18 97.82
CA LEU LF 129 -42.40 -65.13 96.39
C LEU LF 129 -41.89 -66.47 95.88
N ASN LF 130 -42.41 -67.55 96.45
CA ASN LF 130 -41.99 -68.88 96.04
C ASN LF 130 -42.90 -69.38 94.94
N PRO LF 131 -42.41 -69.58 93.73
CA PRO LF 131 -43.25 -70.18 92.70
C PRO LF 131 -43.59 -71.61 93.08
N ALA LF 132 -44.71 -72.08 92.56
CA ALA LF 132 -45.22 -73.38 92.95
C ALA LF 132 -44.39 -74.45 92.26
N TYR LF 133 -43.52 -75.10 93.02
CA TYR LF 133 -42.74 -76.21 92.50
C TYR LF 133 -42.51 -77.22 93.62
N ALA MF 2 -84.58 -34.79 94.08
CA ALA MF 2 -84.67 -35.85 93.04
C ALA MF 2 -83.94 -37.11 93.49
N LYS MF 3 -83.98 -37.37 94.80
CA LYS MF 3 -83.26 -38.52 95.35
C LYS MF 3 -83.62 -39.78 94.60
N LEU MF 4 -82.62 -40.59 94.28
CA LEU MF 4 -82.93 -41.90 93.75
C LEU MF 4 -83.66 -42.73 94.78
N GLU MF 5 -84.50 -43.63 94.29
CA GLU MF 5 -85.34 -44.43 95.18
C GLU MF 5 -86.00 -45.50 94.34
N THR MF 6 -86.71 -46.40 95.02
CA THR MF 6 -87.43 -47.47 94.35
C THR MF 6 -88.71 -46.94 93.72
N VAL MF 7 -88.70 -46.75 92.40
CA VAL MF 7 -89.87 -46.26 91.70
C VAL MF 7 -90.86 -47.40 91.55
N THR MF 8 -92.09 -47.17 91.98
CA THR MF 8 -93.13 -48.18 91.92
C THR MF 8 -94.22 -47.66 90.99
N LEU MF 9 -94.16 -48.10 89.75
CA LEU MF 9 -95.10 -47.67 88.74
C LEU MF 9 -96.34 -48.55 88.81
N GLY MF 10 -97.51 -47.91 88.90
CA GLY MF 10 -98.74 -48.61 89.12
C GLY MF 10 -99.27 -49.27 87.86
N ASN MF 11 -100.58 -49.15 87.61
CA ASN MF 11 -101.20 -49.89 86.52
C ASN MF 11 -100.46 -49.67 85.22
N ILE MF 12 -100.25 -50.75 84.49
CA ILE MF 12 -99.38 -50.77 83.32
C ILE MF 12 -99.94 -51.78 82.34
N GLY MF 13 -100.03 -51.39 81.08
CA GLY MF 13 -100.36 -52.32 80.01
C GLY MF 13 -101.70 -52.00 79.40
N LYS MF 14 -102.20 -52.97 78.63
CA LYS MF 14 -103.47 -52.81 77.92
C LYS MF 14 -104.60 -52.73 78.91
N ASP MF 15 -104.78 -53.81 79.66
CA ASP MF 15 -105.68 -53.85 80.79
C ASP MF 15 -105.33 -52.83 81.86
N GLY MF 16 -104.08 -52.35 81.89
CA GLY MF 16 -103.65 -51.54 82.99
C GLY MF 16 -103.80 -52.30 84.30
N LYS MF 17 -103.04 -53.38 84.44
CA LYS MF 17 -103.14 -54.22 85.63
C LYS MF 17 -101.79 -54.64 86.21
N GLN MF 18 -100.69 -54.49 85.49
CA GLN MF 18 -99.40 -54.87 86.05
C GLN MF 18 -98.73 -53.66 86.68
N THR MF 19 -97.64 -53.92 87.40
CA THR MF 19 -96.90 -52.87 88.06
C THR MF 19 -95.41 -53.16 87.97
N LEU MF 20 -94.62 -52.10 88.01
CA LEU MF 20 -93.18 -52.19 87.87
C LEU MF 20 -92.50 -51.66 89.12
N VAL MF 21 -91.41 -52.30 89.50
CA VAL MF 21 -90.63 -51.88 90.66
C VAL MF 21 -89.18 -51.77 90.21
N LEU MF 22 -88.71 -50.54 90.05
CA LEU MF 22 -87.33 -50.29 89.66
C LEU MF 22 -86.55 -49.86 90.89
N ASN MF 23 -85.55 -50.63 91.24
CA ASN MF 23 -84.65 -50.17 92.29
C ASN MF 23 -83.67 -49.17 91.71
N PRO MF 24 -83.12 -48.29 92.55
CA PRO MF 24 -82.14 -47.31 92.06
C PRO MF 24 -80.75 -47.93 92.01
N ARG MF 25 -80.18 -47.97 90.81
CA ARG MF 25 -78.86 -48.58 90.66
C ARG MF 25 -77.77 -47.62 91.08
N GLY MF 26 -77.64 -46.52 90.37
CA GLY MF 26 -76.57 -45.59 90.66
C GLY MF 26 -76.54 -44.47 89.64
N VAL MF 27 -75.38 -43.83 89.53
CA VAL MF 27 -75.21 -42.70 88.63
C VAL MF 27 -73.88 -42.81 87.91
N ASN MF 28 -73.91 -42.93 86.61
CA ASN MF 28 -72.72 -42.76 85.83
C ASN MF 28 -72.31 -41.29 85.86
N PRO MF 29 -71.16 -40.94 86.42
CA PRO MF 29 -70.73 -39.54 86.38
C PRO MF 29 -70.19 -39.15 85.03
N THR MF 30 -69.55 -40.09 84.33
CA THR MF 30 -68.95 -39.77 83.04
C THR MF 30 -69.89 -38.96 82.17
N ASN MF 31 -71.18 -39.10 82.41
CA ASN MF 31 -72.17 -38.29 81.72
C ASN MF 31 -73.27 -37.83 82.66
N GLY MF 32 -73.14 -38.06 83.96
CA GLY MF 32 -74.16 -37.64 84.90
C GLY MF 32 -75.52 -38.18 84.55
N VAL MF 33 -75.68 -39.50 84.62
CA VAL MF 33 -76.93 -40.15 84.26
C VAL MF 33 -77.30 -41.13 85.35
N ALA MF 34 -78.49 -40.98 85.92
CA ALA MF 34 -78.95 -41.89 86.95
C ALA MF 34 -79.72 -43.05 86.32
N SER MF 35 -79.48 -44.24 86.84
CA SER MF 35 -79.98 -45.47 86.24
C SER MF 35 -80.85 -46.23 87.23
N LEU MF 36 -81.96 -46.76 86.73
CA LEU MF 36 -82.84 -47.64 87.47
C LEU MF 36 -83.03 -48.92 86.68
N SER MF 37 -83.23 -50.03 87.39
CA SER MF 37 -83.41 -51.31 86.73
C SER MF 37 -84.40 -52.14 87.51
N GLN MF 38 -85.12 -52.99 86.80
CA GLN MF 38 -86.05 -53.88 87.48
C GLN MF 38 -85.26 -54.96 88.20
N ALA MF 39 -85.75 -55.37 89.36
CA ALA MF 39 -84.99 -56.30 90.20
C ALA MF 39 -84.84 -57.64 89.50
N GLY MF 40 -83.60 -58.10 89.39
CA GLY MF 40 -83.31 -59.36 88.74
C GLY MF 40 -81.92 -59.87 89.07
N ALA MF 41 -81.37 -60.70 88.20
CA ALA MF 41 -80.03 -61.25 88.42
C ALA MF 41 -79.15 -61.06 87.20
N VAL MF 42 -79.72 -61.22 86.02
CA VAL MF 42 -78.93 -61.24 84.79
C VAL MF 42 -79.08 -59.91 84.06
N PRO MF 43 -78.03 -59.11 83.94
CA PRO MF 43 -78.18 -57.75 83.41
C PRO MF 43 -78.88 -57.69 82.08
N ALA MF 44 -78.74 -58.70 81.25
CA ALA MF 44 -79.31 -58.65 79.91
C ALA MF 44 -80.82 -58.78 79.91
N LEU MF 45 -81.44 -59.11 81.04
CA LEU MF 45 -82.88 -59.38 81.08
C LEU MF 45 -83.56 -58.53 82.15
N GLU MF 46 -83.24 -57.24 82.20
CA GLU MF 46 -83.96 -56.34 83.07
C GLU MF 46 -84.45 -55.16 82.27
N LYS MF 47 -85.59 -54.61 82.67
CA LYS MF 47 -86.07 -53.36 82.12
C LYS MF 47 -85.31 -52.22 82.77
N ARG MF 48 -84.73 -51.36 81.96
CA ARG MF 48 -83.82 -50.33 82.42
C ARG MF 48 -84.34 -48.95 82.06
N VAL MF 49 -84.03 -47.99 82.91
CA VAL MF 49 -84.44 -46.61 82.75
C VAL MF 49 -83.25 -45.71 83.08
N THR MF 50 -83.04 -44.69 82.26
CA THR MF 50 -81.94 -43.75 82.49
C THR MF 50 -82.47 -42.33 82.38
N VAL MF 51 -82.08 -41.50 83.34
CA VAL MF 51 -82.49 -40.11 83.40
C VAL MF 51 -81.24 -39.25 83.44
N SER MF 52 -81.21 -38.23 82.60
CA SER MF 52 -80.07 -37.33 82.53
C SER MF 52 -80.56 -35.91 82.43
N VAL MF 53 -79.82 -35.00 83.03
CA VAL MF 53 -80.12 -33.57 82.98
C VAL MF 53 -78.81 -32.86 82.68
N SER MF 54 -78.71 -32.31 81.48
CA SER MF 54 -77.51 -31.59 81.07
C SER MF 54 -77.80 -30.09 81.05
N GLN MF 55 -76.89 -29.34 81.67
CA GLN MF 55 -77.04 -27.92 81.87
C GLN MF 55 -76.57 -27.18 80.63
N PRO MF 56 -76.98 -25.91 80.48
CA PRO MF 56 -76.58 -25.15 79.28
C PRO MF 56 -75.07 -25.03 79.22
N SER MF 57 -74.50 -25.46 78.11
CA SER MF 57 -73.08 -25.35 77.85
C SER MF 57 -72.80 -24.06 77.09
N ARG MF 58 -71.51 -23.74 76.97
CA ARG MF 58 -71.10 -22.63 76.11
C ARG MF 58 -71.35 -22.93 74.64
N ASN MF 59 -71.72 -24.16 74.31
CA ASN MF 59 -71.99 -24.56 72.94
C ASN MF 59 -73.45 -24.95 72.74
N ARG MF 60 -74.25 -25.01 73.82
CA ARG MF 60 -75.65 -25.39 73.72
C ARG MF 60 -76.57 -24.33 74.29
N LYS MF 61 -76.21 -23.79 75.46
CA LYS MF 61 -76.99 -22.74 76.11
C LYS MF 61 -78.47 -23.10 76.18
N ASN MF 62 -78.75 -24.36 76.55
CA ASN MF 62 -80.12 -24.80 76.72
C ASN MF 62 -80.14 -25.98 77.67
N TYR MF 63 -81.09 -25.97 78.60
CA TYR MF 63 -81.24 -27.10 79.52
C TYR MF 63 -81.89 -28.26 78.80
N LYS MF 64 -81.37 -29.46 78.99
CA LYS MF 64 -81.93 -30.62 78.34
C LYS MF 64 -82.08 -31.76 79.35
N VAL MF 65 -83.11 -32.57 79.18
CA VAL MF 65 -83.35 -33.72 80.02
C VAL MF 65 -83.67 -34.90 79.11
N GLN MF 66 -82.88 -35.95 79.23
CA GLN MF 66 -83.08 -37.18 78.45
C GLN MF 66 -83.66 -38.26 79.36
N VAL MF 67 -84.60 -39.02 78.83
CA VAL MF 67 -85.23 -40.12 79.53
C VAL MF 67 -85.25 -41.29 78.57
N LYS MF 68 -84.43 -42.30 78.82
CA LYS MF 68 -84.34 -43.46 77.95
C LYS MF 68 -84.87 -44.69 78.68
N ILE MF 69 -85.58 -45.53 77.95
CA ILE MF 69 -86.23 -46.73 78.49
C ILE MF 69 -85.90 -47.89 77.59
N GLN MF 70 -85.50 -49.01 78.19
CA GLN MF 70 -85.04 -50.19 77.46
C GLN MF 70 -85.74 -51.42 78.03
N ASN MF 71 -86.46 -52.14 77.18
CA ASN MF 71 -87.19 -53.34 77.61
C ASN MF 71 -86.74 -54.53 76.77
N PRO MF 72 -85.99 -55.46 77.34
CA PRO MF 72 -85.64 -56.69 76.62
C PRO MF 72 -86.66 -57.79 76.82
N THR MF 73 -86.76 -58.67 75.84
CA THR MF 73 -87.60 -59.84 75.96
C THR MF 73 -86.76 -61.06 76.28
N ALA MF 74 -87.38 -62.00 77.00
CA ALA MF 74 -86.68 -63.19 77.45
C ALA MF 74 -86.44 -64.18 76.32
N CYS MF 75 -87.48 -64.49 75.56
CA CYS MF 75 -87.42 -65.56 74.55
C CYS MF 75 -86.78 -66.81 75.16
N THR MF 76 -87.38 -67.30 76.24
CA THR MF 76 -86.85 -68.45 76.95
C THR MF 76 -86.85 -69.68 76.05
N ALA MF 77 -85.72 -70.36 75.99
CA ALA MF 77 -85.56 -71.59 75.21
C ALA MF 77 -85.88 -72.80 76.07
N ASN MF 78 -86.39 -73.85 75.41
CA ASN MF 78 -86.76 -75.09 76.10
C ASN MF 78 -85.50 -75.88 76.43
N GLY MF 79 -84.66 -75.27 77.27
CA GLY MF 79 -83.48 -75.91 77.80
C GLY MF 79 -82.21 -75.24 77.32
N SER MF 80 -81.09 -75.88 77.59
CA SER MF 80 -79.77 -75.62 77.05
C SER MF 80 -79.11 -74.36 77.61
N CYS MF 81 -79.89 -73.41 78.12
CA CYS MF 81 -79.50 -72.54 79.23
C CYS MF 81 -80.39 -71.30 79.27
N ASP MF 82 -80.11 -70.39 80.21
CA ASP MF 82 -80.91 -69.21 80.43
C ASP MF 82 -81.25 -68.51 79.11
N PRO MF 83 -82.29 -67.66 79.12
CA PRO MF 83 -82.75 -67.06 77.87
C PRO MF 83 -81.73 -66.10 77.29
N SER MF 84 -82.02 -65.64 76.08
CA SER MF 84 -81.23 -64.61 75.43
C SER MF 84 -82.15 -63.54 74.87
N VAL MF 85 -81.63 -62.33 74.79
CA VAL MF 85 -82.42 -61.24 74.26
C VAL MF 85 -82.62 -61.45 72.77
N THR MF 86 -83.84 -61.24 72.31
CA THR MF 86 -84.17 -61.28 70.91
C THR MF 86 -84.96 -60.06 70.46
N ARG MF 87 -85.44 -59.27 71.40
CA ARG MF 87 -86.40 -58.22 71.17
C ARG MF 87 -86.09 -57.11 72.15
N GLN MF 88 -85.94 -55.89 71.67
CA GLN MF 88 -85.59 -54.78 72.55
C GLN MF 88 -86.40 -53.56 72.17
N ALA MF 89 -87.28 -53.13 73.07
CA ALA MF 89 -88.05 -51.92 72.87
C ALA MF 89 -87.30 -50.73 73.46
N TYR MF 90 -87.02 -49.75 72.61
CA TYR MF 90 -86.36 -48.51 73.01
C TYR MF 90 -87.36 -47.37 73.01
N ALA MF 91 -87.25 -46.50 74.01
CA ALA MF 91 -87.99 -45.25 74.04
C ALA MF 91 -87.07 -44.15 74.53
N ASP MF 92 -87.20 -42.96 73.95
CA ASP MF 92 -86.35 -41.83 74.34
C ASP MF 92 -87.13 -40.53 74.28
N VAL MF 93 -87.22 -39.87 75.41
CA VAL MF 93 -87.82 -38.55 75.53
C VAL MF 93 -86.69 -37.55 75.74
N THR MF 94 -86.82 -36.38 75.13
CA THR MF 94 -85.81 -35.35 75.23
C THR MF 94 -86.52 -34.01 75.44
N PHE MF 95 -86.60 -33.58 76.69
CA PHE MF 95 -87.08 -32.26 77.00
C PHE MF 95 -85.96 -31.25 76.78
N SER MF 96 -86.31 -30.09 76.22
CA SER MF 96 -85.36 -29.00 76.06
C SER MF 96 -86.03 -27.70 76.44
N PHE MF 97 -85.28 -26.83 77.12
CA PHE MF 97 -85.81 -25.57 77.61
C PHE MF 97 -84.71 -24.52 77.57
N THR MF 98 -85.13 -23.26 77.59
CA THR MF 98 -84.20 -22.15 77.63
C THR MF 98 -83.88 -21.76 79.07
N GLN MF 99 -82.80 -21.00 79.23
CA GLN MF 99 -82.38 -20.58 80.55
C GLN MF 99 -83.50 -19.86 81.27
N TYR MF 100 -84.25 -19.03 80.56
CA TYR MF 100 -85.33 -18.30 81.16
C TYR MF 100 -86.62 -19.09 81.12
N SER MF 101 -86.53 -20.39 80.89
CA SER MF 101 -87.69 -21.24 80.92
C SER MF 101 -88.38 -21.11 82.28
N THR MF 102 -89.60 -21.64 82.34
CA THR MF 102 -90.45 -21.52 83.52
C THR MF 102 -90.86 -22.89 84.01
N ASP MF 103 -90.74 -23.10 85.32
CA ASP MF 103 -91.28 -24.33 85.90
C ASP MF 103 -92.71 -24.54 85.46
N GLU MF 104 -93.49 -23.46 85.42
CA GLU MF 104 -94.85 -23.55 84.91
C GLU MF 104 -94.87 -24.33 83.61
N GLU MF 105 -94.18 -23.79 82.60
CA GLU MF 105 -94.26 -24.35 81.27
C GLU MF 105 -93.67 -25.75 81.23
N ARG MF 106 -92.62 -25.99 82.01
CA ARG MF 106 -92.04 -27.31 82.04
C ARG MF 106 -93.05 -28.33 82.51
N ALA MF 107 -93.70 -28.04 83.64
CA ALA MF 107 -94.73 -28.95 84.12
C ALA MF 107 -95.85 -29.08 83.10
N PHE MF 108 -96.20 -27.96 82.47
CA PHE MF 108 -97.23 -27.97 81.45
C PHE MF 108 -96.93 -28.99 80.36
N VAL MF 109 -95.74 -28.91 79.78
CA VAL MF 109 -95.39 -29.82 78.71
C VAL MF 109 -95.31 -31.23 79.23
N ARG MF 110 -94.85 -31.40 80.46
CA ARG MF 110 -94.70 -32.74 81.01
C ARG MF 110 -96.06 -33.43 81.08
N THR MF 111 -97.02 -32.79 81.73
CA THR MF 111 -98.35 -33.37 81.82
C THR MF 111 -98.98 -33.48 80.44
N GLU MF 112 -98.64 -32.55 79.55
CA GLU MF 112 -99.14 -32.64 78.19
C GLU MF 112 -98.74 -33.96 77.55
N LEU MF 113 -97.44 -34.24 77.56
CA LEU MF 113 -96.94 -35.48 77.00
C LEU MF 113 -97.60 -36.66 77.70
N ALA MF 114 -97.76 -36.58 79.00
CA ALA MF 114 -98.32 -37.72 79.72
C ALA MF 114 -99.71 -38.06 79.20
N ALA MF 115 -100.60 -37.08 79.22
CA ALA MF 115 -101.96 -37.44 78.84
C ALA MF 115 -102.07 -37.61 77.33
N LEU MF 116 -101.09 -37.13 76.56
CA LEU MF 116 -101.11 -37.44 75.14
C LEU MF 116 -100.72 -38.89 74.91
N LEU MF 117 -99.77 -39.39 75.68
CA LEU MF 117 -99.48 -40.82 75.68
C LEU MF 117 -100.64 -41.65 76.19
N ALA MF 118 -101.55 -41.05 76.95
CA ALA MF 118 -102.78 -41.73 77.34
C ALA MF 118 -103.90 -41.62 76.31
N SER MF 119 -103.88 -40.58 75.48
CA SER MF 119 -105.02 -40.29 74.61
C SER MF 119 -105.16 -41.32 73.50
N PRO MF 120 -106.36 -41.43 72.91
CA PRO MF 120 -106.60 -42.50 71.94
C PRO MF 120 -105.64 -42.46 70.77
N LEU MF 121 -105.24 -41.27 70.31
CA LEU MF 121 -104.44 -41.17 69.11
C LEU MF 121 -103.19 -42.02 69.24
N LEU MF 122 -102.30 -41.64 70.15
CA LEU MF 122 -101.04 -42.35 70.25
C LEU MF 122 -101.26 -43.80 70.63
N ILE MF 123 -102.35 -44.10 71.34
CA ILE MF 123 -102.59 -45.49 71.70
C ILE MF 123 -102.60 -46.36 70.46
N ASP MF 124 -103.35 -45.94 69.45
CA ASP MF 124 -103.42 -46.74 68.24
C ASP MF 124 -102.21 -46.51 67.36
N ALA MF 125 -101.59 -45.33 67.46
CA ALA MF 125 -100.40 -45.06 66.67
C ALA MF 125 -99.22 -45.88 67.13
N ILE MF 126 -99.22 -46.34 68.38
CA ILE MF 126 -98.11 -47.07 68.94
C ILE MF 126 -98.48 -48.54 69.04
N ASP MF 127 -99.51 -48.84 69.83
CA ASP MF 127 -100.10 -50.17 69.82
C ASP MF 127 -100.23 -50.74 68.42
N GLN MF 128 -101.17 -50.21 67.65
CA GLN MF 128 -101.44 -50.76 66.34
C GLN MF 128 -100.40 -50.35 65.32
N LEU MF 129 -99.50 -49.44 65.68
CA LEU MF 129 -98.59 -48.83 64.72
C LEU MF 129 -99.37 -48.21 63.56
N ASN MF 130 -100.60 -47.82 63.83
CA ASN MF 130 -101.44 -47.23 62.80
C ASN MF 130 -100.91 -45.84 62.46
N PRO MF 131 -100.55 -45.57 61.21
CA PRO MF 131 -100.19 -44.20 60.86
C PRO MF 131 -101.31 -43.25 61.21
N ALA MF 132 -100.94 -42.13 61.81
CA ALA MF 132 -101.95 -41.17 62.20
C ALA MF 132 -102.77 -40.80 60.98
N TYR MF 133 -104.00 -41.30 60.94
CA TYR MF 133 -104.96 -40.95 59.90
C TYR MF 133 -106.35 -41.49 60.21
N ALA NF 2 -67.73 -37.15 99.76
CA ALA NF 2 -68.61 -35.98 100.00
C ALA NF 2 -69.85 -36.10 99.13
N LYS NF 3 -70.75 -37.00 99.51
CA LYS NF 3 -71.96 -37.21 98.75
C LYS NF 3 -72.73 -35.90 98.63
N LEU NF 4 -73.13 -35.55 97.41
CA LEU NF 4 -74.00 -34.40 97.24
C LEU NF 4 -75.36 -34.69 97.82
N GLU NF 5 -75.96 -33.70 98.46
CA GLU NF 5 -77.30 -33.82 98.98
C GLU NF 5 -77.88 -32.43 99.17
N THR NF 6 -79.19 -32.36 99.25
CA THR NF 6 -79.86 -31.09 99.48
C THR NF 6 -79.30 -30.42 100.73
N VAL NF 7 -78.67 -29.27 100.54
CA VAL NF 7 -78.00 -28.58 101.63
C VAL NF 7 -78.91 -27.44 102.08
N THR NF 8 -79.14 -27.36 103.38
CA THR NF 8 -79.99 -26.35 103.97
C THR NF 8 -79.14 -25.43 104.83
N LEU NF 9 -79.24 -24.14 104.59
CA LEU NF 9 -78.38 -23.15 105.18
C LEU NF 9 -79.26 -22.21 105.99
N GLY NF 10 -79.12 -22.22 107.31
CA GLY NF 10 -79.96 -21.45 108.19
C GLY NF 10 -79.21 -20.30 108.86
N ASN NF 11 -79.99 -19.37 109.41
CA ASN NF 11 -79.44 -18.19 110.10
C ASN NF 11 -78.57 -17.37 109.15
N ILE NF 12 -79.24 -16.79 108.16
CA ILE NF 12 -78.60 -16.13 107.04
C ILE NF 12 -79.14 -14.70 106.94
N GLY NF 13 -78.35 -13.80 106.35
CA GLY NF 13 -78.73 -12.40 106.20
C GLY NF 13 -78.05 -11.51 107.23
N LYS NF 14 -78.38 -10.22 107.20
CA LYS NF 14 -77.89 -9.38 108.29
C LYS NF 14 -78.28 -9.98 109.61
N ASP NF 15 -79.56 -10.24 109.75
CA ASP NF 15 -80.15 -10.65 111.00
C ASP NF 15 -80.10 -12.15 111.19
N GLY NF 16 -79.59 -12.90 110.21
CA GLY NF 16 -79.49 -14.32 110.35
C GLY NF 16 -80.85 -14.97 110.55
N LYS NF 17 -81.78 -14.73 109.61
CA LYS NF 17 -83.11 -15.30 109.74
C LYS NF 17 -83.64 -16.00 108.50
N GLN NF 18 -83.06 -15.81 107.33
CA GLN NF 18 -83.58 -16.47 106.15
C GLN NF 18 -82.98 -17.87 106.03
N THR NF 19 -83.37 -18.58 104.98
CA THR NF 19 -82.92 -19.95 104.77
C THR NF 19 -82.64 -20.17 103.29
N LEU NF 20 -81.68 -21.03 103.00
CA LEU NF 20 -81.30 -21.36 101.64
C LEU NF 20 -81.38 -22.86 101.47
N VAL NF 21 -82.04 -23.32 100.41
CA VAL NF 21 -82.19 -24.74 100.14
C VAL NF 21 -81.57 -24.99 98.77
N LEU NF 22 -80.39 -25.59 98.76
CA LEU NF 22 -79.63 -25.79 97.54
C LEU NF 22 -79.72 -27.26 97.16
N ASN NF 23 -80.16 -27.52 95.99
CA ASN NF 23 -80.24 -28.89 95.55
C ASN NF 23 -79.08 -29.23 94.62
N PRO NF 24 -78.62 -30.48 94.64
CA PRO NF 24 -77.46 -30.83 93.83
C PRO NF 24 -77.77 -30.73 92.35
N ARG NF 25 -76.79 -30.22 91.61
CA ARG NF 25 -76.87 -30.14 90.16
C ARG NF 25 -75.87 -31.08 89.50
N GLY NF 26 -75.42 -32.08 90.22
CA GLY NF 26 -74.50 -33.05 89.67
C GLY NF 26 -73.09 -32.50 89.55
N VAL NF 27 -72.30 -33.22 88.75
CA VAL NF 27 -70.89 -32.90 88.55
C VAL NF 27 -70.63 -32.76 87.07
N ASN NF 28 -69.93 -31.71 86.70
CA ASN NF 28 -69.56 -31.53 85.31
C ASN NF 28 -68.61 -32.64 84.89
N PRO NF 29 -68.89 -33.35 83.81
CA PRO NF 29 -67.94 -34.38 83.35
C PRO NF 29 -66.60 -33.84 82.91
N THR NF 30 -66.54 -32.62 82.37
CA THR NF 30 -65.28 -32.11 81.84
C THR NF 30 -64.49 -31.32 82.88
N ASN NF 31 -65.16 -30.55 83.72
CA ASN NF 31 -64.48 -29.77 84.74
C ASN NF 31 -64.35 -30.51 86.06
N GLY NF 32 -65.10 -31.58 86.25
CA GLY NF 32 -65.04 -32.33 87.48
C GLY NF 32 -65.38 -31.47 88.69
N VAL NF 33 -66.48 -30.73 88.60
CA VAL NF 33 -66.89 -29.81 89.65
C VAL NF 33 -68.36 -30.05 89.93
N ALA NF 34 -68.71 -30.15 91.22
CA ALA NF 34 -70.09 -30.31 91.61
C ALA NF 34 -70.77 -28.95 91.74
N SER NF 35 -72.08 -28.94 91.51
CA SER NF 35 -72.83 -27.71 91.49
C SER NF 35 -74.14 -27.88 92.22
N LEU NF 36 -74.54 -26.85 92.96
CA LEU NF 36 -75.82 -26.81 93.67
C LEU NF 36 -76.54 -25.54 93.27
N SER NF 37 -77.87 -25.58 93.30
CA SER NF 37 -78.64 -24.40 92.95
C SER NF 37 -79.89 -24.34 93.81
N GLN NF 38 -80.38 -23.13 94.01
CA GLN NF 38 -81.59 -22.92 94.77
C GLN NF 38 -82.81 -23.31 93.95
N ALA NF 39 -83.79 -23.93 94.60
CA ALA NF 39 -85.03 -24.23 93.93
C ALA NF 39 -85.75 -22.94 93.58
N GLY NF 40 -86.15 -22.81 92.32
CA GLY NF 40 -86.84 -21.62 91.88
C GLY NF 40 -87.62 -21.91 90.63
N ALA NF 41 -88.27 -20.88 90.10
CA ALA NF 41 -89.08 -21.03 88.90
C ALA NF 41 -88.26 -20.87 87.63
N VAL NF 42 -87.40 -19.85 87.59
CA VAL NF 42 -86.57 -19.57 86.42
C VAL NF 42 -85.14 -19.94 86.78
N PRO NF 43 -84.59 -21.03 86.26
CA PRO NF 43 -83.20 -21.37 86.58
C PRO NF 43 -82.22 -20.23 86.36
N ALA NF 44 -82.52 -19.30 85.48
CA ALA NF 44 -81.61 -18.18 85.31
C ALA NF 44 -81.48 -17.35 86.58
N LEU NF 45 -82.48 -17.37 87.44
CA LEU NF 45 -82.49 -16.54 88.64
C LEU NF 45 -82.28 -17.36 89.90
N GLU NF 46 -81.49 -18.41 89.78
CA GLU NF 46 -81.24 -19.31 90.89
C GLU NF 46 -79.86 -19.03 91.47
N LYS NF 47 -79.78 -18.97 92.79
CA LYS NF 47 -78.49 -18.83 93.45
C LYS NF 47 -77.74 -20.15 93.36
N ARG NF 48 -76.53 -20.11 92.82
CA ARG NF 48 -75.75 -21.30 92.56
C ARG NF 48 -74.51 -21.31 93.44
N VAL NF 49 -73.94 -22.51 93.62
CA VAL NF 49 -72.73 -22.69 94.41
C VAL NF 49 -71.97 -23.87 93.86
N THR NF 50 -70.70 -23.67 93.53
CA THR NF 50 -69.88 -24.72 92.93
C THR NF 50 -68.79 -25.15 93.90
N VAL NF 51 -68.40 -26.42 93.79
CA VAL NF 51 -67.37 -27.00 94.64
C VAL NF 51 -66.46 -27.85 93.75
N SER NF 52 -65.15 -27.65 93.88
CA SER NF 52 -64.19 -28.39 93.08
C SER NF 52 -63.02 -28.83 93.96
N VAL NF 53 -62.54 -30.05 93.71
CA VAL NF 53 -61.47 -30.63 94.50
C VAL NF 53 -60.55 -31.43 93.59
N SER NF 54 -59.39 -30.87 93.28
CA SER NF 54 -58.49 -31.53 92.35
C SER NF 54 -57.49 -32.43 93.08
N GLN NF 55 -56.82 -33.26 92.30
CA GLN NF 55 -55.80 -34.18 92.76
C GLN NF 55 -54.42 -33.71 92.33
N PRO NF 56 -53.37 -34.14 93.00
CA PRO NF 56 -52.00 -33.82 92.59
C PRO NF 56 -51.50 -34.72 91.45
N SER NF 57 -50.50 -34.22 90.72
CA SER NF 57 -49.79 -35.07 89.76
C SER NF 57 -48.29 -35.22 90.04
N ARG NF 58 -47.54 -34.11 90.04
CA ARG NF 58 -46.10 -34.20 89.99
C ARG NF 58 -45.43 -32.88 90.39
N ASN NF 59 -44.33 -33.02 91.12
CA ASN NF 59 -43.27 -32.02 91.27
C ASN NF 59 -43.61 -30.81 92.14
N ARG NF 60 -44.89 -30.58 92.44
CA ARG NF 60 -45.26 -29.81 93.63
C ARG NF 60 -46.45 -30.42 94.35
N LYS NF 61 -47.37 -31.00 93.60
CA LYS NF 61 -48.42 -31.88 94.06
C LYS NF 61 -49.55 -31.12 94.77
N ASN NF 62 -49.25 -30.06 95.51
CA ASN NF 62 -50.12 -28.89 95.70
C ASN NF 62 -51.64 -29.07 95.66
N TYR NF 63 -52.27 -29.75 96.62
CA TYR NF 63 -53.73 -29.92 96.64
C TYR NF 63 -54.43 -28.55 96.62
N LYS NF 64 -55.51 -28.44 95.83
CA LYS NF 64 -56.35 -27.25 95.84
C LYS NF 64 -57.84 -27.61 95.86
N VAL NF 65 -58.63 -26.67 96.38
CA VAL NF 65 -60.08 -26.77 96.42
C VAL NF 65 -60.67 -25.41 96.13
N GLN NF 66 -61.80 -25.39 95.41
CA GLN NF 66 -62.42 -24.15 94.98
C GLN NF 66 -63.90 -24.16 95.33
N VAL NF 67 -64.42 -22.97 95.65
CA VAL NF 67 -65.82 -22.79 96.02
C VAL NF 67 -66.31 -21.50 95.37
N LYS NF 68 -67.21 -21.61 94.41
CA LYS NF 68 -67.70 -20.47 93.65
C LYS NF 68 -69.16 -20.28 93.99
N ILE NF 69 -69.52 -19.09 94.47
CA ILE NF 69 -70.89 -18.74 94.79
C ILE NF 69 -71.35 -17.64 93.86
N GLN NF 70 -72.49 -17.85 93.21
CA GLN NF 70 -73.12 -16.86 92.36
C GLN NF 70 -74.50 -16.55 92.92
N ASN NF 71 -74.79 -15.27 93.07
CA ASN NF 71 -76.13 -14.82 93.44
C ASN NF 71 -76.60 -13.83 92.40
N PRO NF 72 -77.52 -14.20 91.53
CA PRO NF 72 -78.03 -13.23 90.55
C PRO NF 72 -79.23 -12.47 91.10
N THR NF 73 -79.63 -11.45 90.35
CA THR NF 73 -80.82 -10.68 90.69
C THR NF 73 -81.24 -9.88 89.47
N ALA NF 74 -82.49 -10.05 89.07
CA ALA NF 74 -83.02 -9.45 87.86
C ALA NF 74 -83.97 -8.30 88.21
N CYS NF 75 -84.43 -7.62 87.18
CA CYS NF 75 -85.46 -6.60 87.34
C CYS NF 75 -86.17 -6.46 85.99
N THR NF 76 -87.36 -7.03 85.88
CA THR NF 76 -88.09 -7.01 84.63
C THR NF 76 -88.45 -5.58 84.24
N ALA NF 77 -87.94 -5.13 83.10
CA ALA NF 77 -88.26 -3.79 82.63
C ALA NF 77 -89.68 -3.75 82.10
N ASN NF 78 -90.19 -2.54 81.92
CA ASN NF 78 -91.52 -2.38 81.34
C ASN NF 78 -91.52 -2.85 79.89
N GLY NF 79 -92.50 -3.66 79.54
CA GLY NF 79 -92.63 -4.19 78.20
C GLY NF 79 -91.83 -5.44 77.94
N SER NF 80 -90.93 -5.82 78.83
CA SER NF 80 -90.15 -7.04 78.69
C SER NF 80 -90.82 -8.14 79.48
N CYS NF 81 -91.08 -9.27 78.83
CA CYS NF 81 -91.68 -10.43 79.46
C CYS NF 81 -90.64 -11.41 79.98
N ASP NF 82 -89.47 -10.90 80.36
CA ASP NF 82 -88.35 -11.73 80.75
C ASP NF 82 -87.55 -11.07 81.86
N PRO NF 83 -87.59 -11.58 83.07
CA PRO NF 83 -86.76 -10.98 84.12
C PRO NF 83 -85.28 -11.18 83.85
N SER NF 84 -84.75 -10.39 82.91
CA SER NF 84 -83.33 -10.50 82.57
C SER NF 84 -82.47 -10.15 83.77
N VAL NF 85 -81.40 -10.91 83.96
CA VAL NF 85 -80.55 -10.75 85.13
C VAL NF 85 -79.75 -9.46 85.00
N THR NF 86 -79.97 -8.53 85.92
CA THR NF 86 -79.35 -7.22 85.88
C THR NF 86 -78.20 -7.06 86.85
N ARG NF 87 -78.00 -8.00 87.76
CA ARG NF 87 -76.98 -7.84 88.77
C ARG NF 87 -76.51 -9.21 89.23
N GLN NF 88 -75.22 -9.31 89.56
CA GLN NF 88 -74.65 -10.59 89.94
C GLN NF 88 -73.63 -10.36 91.03
N ALA NF 89 -73.65 -11.20 92.05
CA ALA NF 89 -72.63 -11.21 93.09
C ALA NF 89 -71.84 -12.50 92.97
N TYR NF 90 -70.52 -12.38 93.03
CA TYR NF 90 -69.63 -13.53 92.91
C TYR NF 90 -68.76 -13.61 94.14
N ALA NF 91 -68.54 -14.83 94.62
CA ALA NF 91 -67.67 -15.06 95.77
C ALA NF 91 -66.85 -16.31 95.49
N ASP NF 92 -65.54 -16.15 95.41
CA ASP NF 92 -64.65 -17.23 95.01
C ASP NF 92 -63.66 -17.50 96.13
N VAL NF 93 -63.73 -18.70 96.70
CA VAL NF 93 -62.83 -19.12 97.75
C VAL NF 93 -61.91 -20.20 97.21
N THR NF 94 -60.64 -20.11 97.53
CA THR NF 94 -59.65 -21.04 97.03
C THR NF 94 -58.76 -21.47 98.18
N PHE NF 95 -58.79 -22.75 98.51
CA PHE NF 95 -57.94 -23.34 99.54
C PHE NF 95 -56.81 -24.10 98.89
N SER NF 96 -55.60 -23.91 99.42
CA SER NF 96 -54.42 -24.58 98.91
C SER NF 96 -53.67 -25.23 100.06
N PHE NF 97 -53.41 -26.53 99.96
CA PHE NF 97 -52.67 -27.27 100.97
C PHE NF 97 -51.55 -28.04 100.30
N THR NF 98 -50.52 -28.32 101.09
CA THR NF 98 -49.41 -29.13 100.61
C THR NF 98 -49.79 -30.60 100.67
N GLN NF 99 -49.13 -31.40 99.85
CA GLN NF 99 -49.50 -32.79 99.76
C GLN NF 99 -49.26 -33.52 101.08
N TYR NF 100 -48.48 -32.96 102.00
CA TYR NF 100 -48.36 -33.57 103.32
C TYR NF 100 -49.21 -32.83 104.34
N SER NF 101 -50.09 -31.95 103.89
CA SER NF 101 -50.97 -31.25 104.79
C SER NF 101 -51.74 -32.26 105.64
N THR NF 102 -52.37 -31.77 106.70
CA THR NF 102 -53.10 -32.63 107.63
C THR NF 102 -54.52 -32.14 107.82
N ASP NF 103 -55.39 -33.10 108.14
CA ASP NF 103 -56.77 -32.80 108.44
C ASP NF 103 -56.89 -31.70 109.48
N GLU NF 104 -56.08 -31.77 110.53
CA GLU NF 104 -56.17 -30.77 111.59
C GLU NF 104 -55.97 -29.38 111.01
N GLU NF 105 -54.88 -29.19 110.29
CA GLU NF 105 -54.59 -27.89 109.71
C GLU NF 105 -55.71 -27.45 108.77
N ARG NF 106 -56.19 -28.37 107.94
CA ARG NF 106 -57.22 -27.99 106.99
C ARG NF 106 -58.47 -27.53 107.70
N ALA NF 107 -58.94 -28.32 108.66
CA ALA NF 107 -60.12 -27.92 109.43
C ALA NF 107 -59.87 -26.59 110.14
N PHE NF 108 -58.65 -26.39 110.62
CA PHE NF 108 -58.33 -25.16 111.30
C PHE NF 108 -58.53 -23.97 110.39
N VAL NF 109 -57.92 -24.02 109.20
CA VAL NF 109 -58.05 -22.89 108.30
C VAL NF 109 -59.50 -22.72 107.89
N ARG NF 110 -60.21 -23.84 107.73
CA ARG NF 110 -61.62 -23.77 107.40
C ARG NF 110 -62.36 -22.92 108.42
N THR NF 111 -62.33 -23.37 109.67
CA THR NF 111 -63.08 -22.66 110.70
C THR NF 111 -62.56 -21.25 110.87
N GLU NF 112 -61.27 -21.02 110.63
CA GLU NF 112 -60.74 -19.67 110.80
C GLU NF 112 -61.35 -18.74 109.79
N LEU NF 113 -61.42 -19.18 108.53
CA LEU NF 113 -62.10 -18.37 107.54
C LEU NF 113 -63.54 -18.15 107.94
N ALA NF 114 -64.20 -19.20 108.45
CA ALA NF 114 -65.58 -19.03 108.84
C ALA NF 114 -65.73 -17.94 109.89
N ALA NF 115 -64.96 -18.04 110.95
CA ALA NF 115 -65.10 -17.09 112.04
C ALA NF 115 -64.69 -15.70 111.60
N LEU NF 116 -63.77 -15.59 110.66
CA LEU NF 116 -63.46 -14.26 110.15
C LEU NF 116 -64.66 -13.68 109.42
N LEU NF 117 -65.29 -14.48 108.56
CA LEU NF 117 -66.51 -14.00 107.92
C LEU NF 117 -67.57 -13.61 108.95
N ALA NF 118 -67.51 -14.18 110.15
CA ALA NF 118 -68.43 -13.80 111.21
C ALA NF 118 -68.03 -12.57 111.99
N SER NF 119 -66.73 -12.29 112.10
CA SER NF 119 -66.25 -11.26 113.01
C SER NF 119 -66.53 -9.87 112.49
N PRO NF 120 -66.49 -8.85 113.34
CA PRO NF 120 -66.84 -7.50 112.89
C PRO NF 120 -66.03 -7.00 111.72
N LEU NF 121 -64.75 -7.34 111.62
CA LEU NF 121 -63.94 -6.75 110.56
C LEU NF 121 -64.51 -7.05 109.19
N LEU NF 122 -64.58 -8.33 108.80
CA LEU NF 122 -65.08 -8.61 107.47
C LEU NF 122 -66.52 -8.16 107.33
N ILE NF 123 -67.28 -8.13 108.42
CA ILE NF 123 -68.62 -7.54 108.35
C ILE NF 123 -68.54 -6.14 107.77
N ASP NF 124 -67.82 -5.26 108.44
CA ASP NF 124 -67.72 -3.89 107.97
C ASP NF 124 -67.07 -3.80 106.59
N ALA NF 125 -66.13 -4.70 106.30
CA ALA NF 125 -65.38 -4.62 105.05
C ALA NF 125 -66.20 -5.08 103.87
N ILE NF 126 -67.19 -5.92 104.10
CA ILE NF 126 -68.00 -6.50 103.04
C ILE NF 126 -69.36 -5.85 102.98
N ASP NF 127 -70.15 -5.98 104.05
CA ASP NF 127 -71.50 -5.45 104.05
C ASP NF 127 -71.52 -4.00 103.61
N GLN NF 128 -70.53 -3.23 104.04
CA GLN NF 128 -70.52 -1.80 103.83
C GLN NF 128 -69.39 -1.33 102.95
N LEU NF 129 -68.52 -2.23 102.48
CA LEU NF 129 -67.40 -1.86 101.63
C LEU NF 129 -66.48 -0.87 102.35
N ASN NF 130 -66.10 -1.23 103.57
CA ASN NF 130 -65.28 -0.35 104.39
C ASN NF 130 -63.84 -0.85 104.38
N PRO NF 131 -62.93 -0.23 103.65
CA PRO NF 131 -61.54 -0.66 103.71
C PRO NF 131 -61.09 -0.69 105.17
N ALA NF 132 -60.34 -1.72 105.51
CA ALA NF 132 -59.88 -1.89 106.86
C ALA NF 132 -58.67 -1.00 107.10
N TYR NF 133 -58.74 -0.16 108.12
CA TYR NF 133 -57.59 0.62 108.52
C TYR NF 133 -57.77 1.09 109.95
N ALA OF 2 -67.58 54.35 99.27
CA ALA OF 2 -67.29 55.13 98.04
C ALA OF 2 -68.50 55.14 97.10
N LYS OF 3 -69.64 55.55 97.63
CA LYS OF 3 -70.86 55.58 96.84
C LYS OF 3 -70.78 56.64 95.75
N LEU OF 4 -71.22 56.27 94.55
CA LEU OF 4 -71.27 57.19 93.42
C LEU OF 4 -72.59 57.93 93.43
N GLU OF 5 -72.52 59.25 93.37
CA GLU OF 5 -73.71 60.09 93.45
C GLU OF 5 -73.46 61.37 92.67
N THR OF 6 -74.46 62.24 92.66
CA THR OF 6 -74.31 63.56 92.06
C THR OF 6 -73.46 64.42 92.97
N VAL OF 7 -72.41 65.01 92.43
CA VAL OF 7 -71.46 65.77 93.23
C VAL OF 7 -71.46 67.20 92.72
N THR OF 8 -71.62 68.15 93.64
CA THR OF 8 -71.74 69.56 93.29
C THR OF 8 -70.51 70.30 93.82
N LEU OF 9 -69.67 70.72 92.89
CA LEU OF 9 -68.39 71.32 93.21
C LEU OF 9 -68.57 72.84 93.11
N GLY OF 10 -68.64 73.51 94.25
CA GLY OF 10 -68.89 74.94 94.25
C GLY OF 10 -67.65 75.78 94.45
N ASN OF 11 -67.73 77.06 94.09
CA ASN OF 11 -66.63 77.99 94.29
C ASN OF 11 -65.38 77.57 93.50
N ILE OF 12 -65.52 77.66 92.17
CA ILE OF 12 -64.56 77.14 91.21
C ILE OF 12 -64.09 78.34 90.37
N GLY OF 13 -62.97 78.18 89.64
CA GLY OF 13 -62.39 79.23 88.81
C GLY OF 13 -61.49 80.14 89.63
N LYS OF 14 -60.89 81.16 88.98
CA LYS OF 14 -60.06 82.03 89.81
C LYS OF 14 -60.89 82.67 90.89
N ASP OF 15 -62.00 83.27 90.49
CA ASP OF 15 -62.87 83.97 91.42
C ASP OF 15 -63.60 83.03 92.35
N GLY OF 16 -63.56 81.72 92.07
CA GLY OF 16 -64.24 80.78 92.93
C GLY OF 16 -65.73 81.05 92.99
N LYS OF 17 -66.34 81.23 91.82
CA LYS OF 17 -67.76 81.58 91.73
C LYS OF 17 -68.58 80.59 90.93
N GLN OF 18 -68.02 79.96 89.91
CA GLN OF 18 -68.77 78.99 89.12
C GLN OF 18 -68.94 77.71 89.93
N THR OF 19 -69.82 76.83 89.42
CA THR OF 19 -70.09 75.56 90.07
C THR OF 19 -70.27 74.49 89.00
N LEU OF 20 -69.91 73.27 89.35
CA LEU OF 20 -69.96 72.14 88.43
C LEU OF 20 -70.74 71.01 89.06
N VAL OF 21 -71.70 70.46 88.32
CA VAL OF 21 -72.49 69.34 88.80
C VAL OF 21 -72.11 68.13 87.97
N LEU OF 22 -71.60 67.09 88.66
CA LEU OF 22 -71.11 65.89 88.01
C LEU OF 22 -72.02 64.74 88.40
N ASN OF 23 -72.66 64.18 87.41
CA ASN OF 23 -73.49 63.00 87.59
C ASN OF 23 -72.67 61.74 87.36
N PRO OF 24 -73.06 60.66 88.02
CA PRO OF 24 -72.28 59.42 87.92
C PRO OF 24 -72.53 58.71 86.60
N ARG OF 25 -71.69 57.71 86.34
CA ARG OF 25 -71.64 57.04 85.06
C ARG OF 25 -71.70 55.54 85.32
N GLY OF 26 -71.35 54.74 84.34
CA GLY OF 26 -71.17 53.31 84.53
C GLY OF 26 -69.70 52.98 84.77
N VAL OF 27 -69.46 52.10 85.74
CA VAL OF 27 -68.09 51.76 86.11
C VAL OF 27 -67.50 50.82 85.07
N ASN OF 28 -66.42 51.25 84.43
CA ASN OF 28 -65.76 50.44 83.42
C ASN OF 28 -65.50 49.04 83.96
N PRO OF 29 -66.20 48.03 83.48
CA PRO OF 29 -65.89 46.67 83.92
C PRO OF 29 -64.49 46.23 83.52
N THR OF 30 -63.98 46.70 82.38
CA THR OF 30 -62.68 46.22 81.92
C THR OF 30 -61.57 46.57 82.91
N ASN OF 31 -61.67 47.72 83.58
CA ASN OF 31 -60.66 48.11 84.54
C ASN OF 31 -61.27 48.72 85.79
N GLY OF 32 -62.55 48.48 86.06
CA GLY OF 32 -63.16 48.99 87.28
C GLY OF 32 -62.84 50.45 87.54
N VAL OF 33 -63.25 51.32 86.63
CA VAL OF 33 -63.04 52.76 86.79
C VAL OF 33 -64.41 53.42 86.88
N ALA OF 34 -64.64 54.12 87.99
CA ALA OF 34 -65.86 54.91 88.10
C ALA OF 34 -65.65 56.22 87.37
N SER OF 35 -66.74 56.74 86.82
CA SER OF 35 -66.67 57.92 85.97
C SER OF 35 -67.78 58.91 86.34
N LEU OF 36 -67.45 60.19 86.22
CA LEU OF 36 -68.34 61.28 86.55
C LEU OF 36 -68.30 62.26 85.40
N SER OF 37 -69.45 62.85 85.05
CA SER OF 37 -69.48 63.74 83.90
C SER OF 37 -70.41 64.90 84.17
N GLN OF 38 -70.20 65.98 83.42
CA GLN OF 38 -71.00 67.19 83.60
C GLN OF 38 -72.48 66.84 83.58
N ALA OF 39 -73.31 67.71 84.16
CA ALA OF 39 -74.73 67.41 84.27
C ALA OF 39 -75.34 67.09 82.91
N GLY OF 40 -74.77 67.63 81.84
CA GLY OF 40 -75.20 67.31 80.50
C GLY OF 40 -75.80 68.52 79.80
N ALA OF 41 -76.36 68.27 78.63
CA ALA OF 41 -76.45 66.93 78.06
C ALA OF 41 -75.17 66.50 77.36
N VAL OF 42 -74.83 67.17 76.26
CA VAL OF 42 -73.60 66.83 75.55
C VAL OF 42 -72.40 66.99 76.46
N PRO OF 43 -72.34 67.99 77.34
CA PRO OF 43 -71.20 68.07 78.28
C PRO OF 43 -70.91 66.76 78.97
N ALA OF 44 -71.89 65.85 79.08
CA ALA OF 44 -71.64 64.54 79.67
C ALA OF 44 -70.65 63.74 78.83
N LEU OF 45 -70.62 63.97 77.52
CA LEU OF 45 -69.62 63.38 76.65
C LEU OF 45 -68.46 64.34 76.37
N GLU OF 46 -68.31 65.39 77.17
CA GLU OF 46 -67.14 66.26 77.08
C GLU OF 46 -66.32 66.31 78.37
N LYS OF 47 -66.92 66.74 79.48
CA LYS OF 47 -66.23 66.78 80.75
C LYS OF 47 -66.23 65.40 81.39
N ARG OF 48 -65.12 65.02 82.01
CA ARG OF 48 -65.06 63.69 82.60
C ARG OF 48 -64.09 63.67 83.78
N VAL OF 49 -64.40 62.82 84.75
CA VAL OF 49 -63.60 62.65 85.96
C VAL OF 49 -63.61 61.18 86.32
N THR OF 50 -62.48 60.52 86.18
CA THR OF 50 -62.35 59.09 86.41
C THR OF 50 -61.66 58.84 87.74
N VAL OF 51 -62.06 57.79 88.42
CA VAL OF 51 -61.46 57.39 89.68
C VAL OF 51 -61.33 55.88 89.72
N SER OF 52 -60.25 55.40 90.31
CA SER OF 52 -60.06 53.97 90.51
C SER OF 52 -59.12 53.75 91.68
N VAL OF 53 -59.23 52.57 92.30
CA VAL OF 53 -58.40 52.20 93.44
C VAL OF 53 -57.93 50.77 93.21
N SER OF 54 -56.74 50.63 92.65
CA SER OF 54 -56.17 49.30 92.44
C SER OF 54 -55.65 48.78 93.77
N GLN OF 55 -56.19 47.65 94.19
CA GLN OF 55 -55.82 47.02 95.45
C GLN OF 55 -54.49 46.29 95.28
N PRO OF 56 -53.83 45.96 96.39
CA PRO OF 56 -52.51 45.33 96.29
C PRO OF 56 -52.57 44.06 95.46
N SER OF 57 -51.52 43.82 94.69
CA SER OF 57 -51.44 42.62 93.88
C SER OF 57 -49.97 42.25 93.75
N ARG OF 58 -49.68 41.40 92.78
CA ARG OF 58 -48.34 40.87 92.59
C ARG OF 58 -47.49 41.77 91.72
N ASN OF 59 -48.06 42.84 91.18
CA ASN OF 59 -47.30 43.91 90.53
C ASN OF 59 -47.38 45.22 91.30
N ARG OF 60 -48.51 45.48 91.97
CA ARG OF 60 -48.63 46.65 92.83
C ARG OF 60 -48.68 46.18 94.28
N LYS OF 61 -48.28 47.04 95.21
CA LYS OF 61 -47.81 46.51 96.49
C LYS OF 61 -48.56 46.86 97.77
N ASN OF 62 -48.69 48.13 98.23
CA ASN OF 62 -48.82 49.42 97.54
C ASN OF 62 -50.14 49.62 96.79
N TYR OF 63 -51.20 49.79 97.58
CA TYR OF 63 -52.46 50.34 97.07
C TYR OF 63 -52.19 51.55 96.20
N LYS OF 64 -53.00 51.70 95.15
CA LYS OF 64 -52.81 52.81 94.21
C LYS OF 64 -54.15 53.42 93.85
N VAL OF 65 -54.37 54.67 94.23
CA VAL OF 65 -55.61 55.37 93.91
C VAL OF 65 -55.32 56.41 92.85
N GLN OF 66 -56.02 56.30 91.73
CA GLN OF 66 -55.83 57.17 90.58
C GLN OF 66 -57.08 58.01 90.39
N VAL OF 67 -56.87 59.30 90.14
CA VAL OF 67 -57.95 60.23 89.86
C VAL OF 67 -57.55 61.08 88.67
N LYS OF 68 -58.21 60.88 87.54
CA LYS OF 68 -57.95 61.63 86.32
C LYS OF 68 -59.10 62.58 86.06
N ILE OF 69 -58.79 63.73 85.49
CA ILE OF 69 -59.79 64.73 85.15
C ILE OF 69 -59.49 65.24 83.76
N GLN OF 70 -60.53 65.33 82.94
CA GLN OF 70 -60.41 65.73 81.53
C GLN OF 70 -61.44 66.81 81.24
N ASN OF 71 -60.98 67.95 80.77
CA ASN OF 71 -61.86 69.03 80.34
C ASN OF 71 -61.48 69.44 78.94
N PRO OF 72 -62.24 69.04 77.93
CA PRO OF 72 -61.97 69.53 76.58
C PRO OF 72 -62.74 70.79 76.27
N THR OF 73 -62.05 71.81 75.80
CA THR OF 73 -62.74 73.02 75.37
C THR OF 73 -62.91 73.00 73.87
N ALA OF 74 -64.12 73.33 73.44
CA ALA OF 74 -64.50 73.25 72.04
C ALA OF 74 -65.12 74.57 71.63
N CYS OF 75 -65.28 74.72 70.32
CA CYS OF 75 -65.92 75.92 69.80
C CYS OF 75 -66.62 75.58 68.49
N THR OF 76 -67.44 76.52 68.05
CA THR OF 76 -68.24 76.35 66.85
C THR OF 76 -67.65 77.21 65.75
N ALA OF 77 -67.23 76.58 64.65
CA ALA OF 77 -66.85 77.34 63.48
C ALA OF 77 -68.00 78.22 63.04
N ASN OF 78 -67.70 79.48 62.76
CA ASN OF 78 -68.77 80.39 62.41
C ASN OF 78 -69.28 80.00 61.04
N GLY OF 79 -70.23 79.06 61.01
CA GLY OF 79 -70.72 78.48 59.78
C GLY OF 79 -71.04 77.01 59.92
N SER OF 80 -70.36 76.34 60.86
CA SER OF 80 -70.70 74.96 61.19
C SER OF 80 -71.79 74.94 62.25
N CYS OF 81 -72.19 73.75 62.68
CA CYS OF 81 -73.13 73.64 63.79
C CYS OF 81 -72.53 72.78 64.89
N ASP OF 82 -72.01 71.64 64.49
CA ASP OF 82 -71.38 70.72 65.42
C ASP OF 82 -70.17 71.39 66.07
N PRO OF 83 -70.14 71.55 67.39
CA PRO OF 83 -68.95 72.12 68.02
C PRO OF 83 -67.80 71.12 68.05
N SER OF 84 -66.60 71.60 67.75
CA SER OF 84 -65.44 70.74 67.66
C SER OF 84 -64.45 71.04 68.78
N VAL OF 85 -63.78 69.99 69.26
CA VAL OF 85 -62.86 70.07 70.38
C VAL OF 85 -61.57 70.70 69.91
N THR OF 86 -61.32 71.94 70.34
CA THR OF 86 -60.12 72.64 69.90
C THR OF 86 -58.99 72.58 70.91
N ARG OF 87 -59.28 72.17 72.13
CA ARG OF 87 -58.31 72.18 73.22
C ARG OF 87 -58.69 71.07 74.17
N GLN OF 88 -57.73 70.59 74.94
CA GLN OF 88 -58.03 69.49 75.86
C GLN OF 88 -57.06 69.54 77.02
N ALA OF 89 -57.52 70.00 78.18
CA ALA OF 89 -56.70 70.04 79.38
C ALA OF 89 -57.05 68.85 80.25
N TYR OF 90 -56.08 68.44 81.09
CA TYR OF 90 -56.32 67.28 81.91
C TYR OF 90 -55.27 67.20 83.00
N ALA OF 91 -55.65 66.57 84.11
CA ALA OF 91 -54.77 66.37 85.24
C ALA OF 91 -54.96 64.98 85.78
N ASP OF 92 -53.97 64.49 86.51
CA ASP OF 92 -54.01 63.12 87.03
C ASP OF 92 -53.26 63.05 88.34
N VAL OF 93 -53.94 62.60 89.38
CA VAL OF 93 -53.36 62.44 90.71
C VAL OF 93 -53.23 60.96 91.00
N THR OF 94 -52.09 60.58 91.59
CA THR OF 94 -51.80 59.18 91.85
C THR OF 94 -51.30 59.05 93.29
N PHE OF 95 -52.15 58.56 94.18
CA PHE OF 95 -51.74 58.24 95.54
C PHE OF 95 -51.22 56.82 95.58
N SER OF 96 -50.04 56.64 96.17
CA SER OF 96 -49.45 55.33 96.37
C SER OF 96 -49.30 55.12 97.87
N PHE OF 97 -50.14 54.26 98.43
CA PHE OF 97 -50.11 54.00 99.86
C PHE OF 97 -49.64 52.59 100.13
N THR OF 98 -48.99 52.42 101.26
CA THR OF 98 -48.46 51.13 101.63
C THR OF 98 -49.54 50.28 102.30
N GLN OF 99 -49.34 48.97 102.18
CA GLN OF 99 -50.28 47.99 102.68
C GLN OF 99 -50.54 48.19 104.17
N TYR OF 100 -49.56 48.76 104.86
CA TYR OF 100 -49.68 49.13 106.26
C TYR OF 100 -50.08 50.57 106.49
N SER OF 101 -50.47 51.29 105.44
CA SER OF 101 -50.85 52.67 105.61
C SER OF 101 -51.94 52.79 106.65
N THR OF 102 -52.23 54.02 107.04
CA THR OF 102 -53.30 54.30 107.99
C THR OF 102 -54.24 55.34 107.44
N ASP OF 103 -55.51 55.22 107.78
CA ASP OF 103 -56.48 56.23 107.40
C ASP OF 103 -55.98 57.61 107.80
N GLU OF 104 -55.44 57.73 109.01
CA GLU OF 104 -54.88 59.00 109.45
C GLU OF 104 -53.98 59.58 108.37
N GLU OF 105 -52.94 58.86 108.01
CA GLU OF 105 -51.97 59.40 107.09
C GLU OF 105 -52.58 59.67 105.74
N ARG OF 106 -53.47 58.78 105.29
CA ARG OF 106 -54.05 58.98 103.97
C ARG OF 106 -54.83 60.29 103.92
N ALA OF 107 -55.70 60.51 104.91
CA ALA OF 107 -56.44 61.76 104.94
C ALA OF 107 -55.49 62.93 105.05
N PHE OF 108 -54.45 62.79 105.86
CA PHE OF 108 -53.47 63.84 105.99
C PHE OF 108 -52.92 64.22 104.63
N VAL OF 109 -52.50 63.22 103.86
CA VAL OF 109 -51.97 63.46 102.53
C VAL OF 109 -53.01 64.16 101.68
N ARG OF 110 -54.25 63.69 101.75
CA ARG OF 110 -55.28 64.25 100.90
C ARG OF 110 -55.44 65.74 101.17
N THR OF 111 -55.66 66.08 102.43
CA THR OF 111 -55.89 67.48 102.74
C THR OF 111 -54.65 68.30 102.48
N GLU OF 112 -53.46 67.70 102.58
CA GLU OF 112 -52.26 68.47 102.31
C GLU OF 112 -52.16 68.80 100.84
N LEU OF 113 -52.47 67.82 99.98
CA LEU OF 113 -52.60 68.10 98.57
C LEU OF 113 -53.59 69.22 98.33
N ALA OF 114 -54.74 69.16 99.00
CA ALA OF 114 -55.76 70.18 98.82
C ALA OF 114 -55.21 71.56 99.17
N ALA OF 115 -54.62 71.67 100.36
CA ALA OF 115 -54.18 72.96 100.84
C ALA OF 115 -53.05 73.51 99.99
N LEU OF 116 -52.10 72.68 99.58
CA LEU OF 116 -51.09 73.16 98.65
C LEU OF 116 -51.74 73.63 97.37
N LEU OF 117 -52.70 72.85 96.88
CA LEU OF 117 -53.34 73.19 95.63
C LEU OF 117 -53.99 74.56 95.74
N ALA OF 118 -54.47 74.89 96.94
CA ALA OF 118 -55.10 76.19 97.20
C ALA OF 118 -54.12 77.27 97.62
N SER OF 119 -52.87 76.93 97.85
CA SER OF 119 -51.91 77.91 98.33
C SER OF 119 -51.35 78.77 97.18
N PRO OF 120 -50.86 79.96 97.49
CA PRO OF 120 -50.37 80.84 96.42
C PRO OF 120 -49.34 80.19 95.53
N LEU OF 121 -48.46 79.37 96.10
CA LEU OF 121 -47.39 78.79 95.30
C LEU OF 121 -47.98 78.04 94.12
N LEU OF 122 -48.89 77.12 94.38
CA LEU OF 122 -49.48 76.34 93.31
C LEU OF 122 -50.31 77.22 92.38
N ILE OF 123 -51.03 78.20 92.92
CA ILE OF 123 -51.91 78.98 92.06
C ILE OF 123 -51.07 79.67 91.01
N ASP OF 124 -49.97 80.27 91.43
CA ASP OF 124 -49.14 80.98 90.47
C ASP OF 124 -48.41 79.99 89.58
N ALA OF 125 -48.07 78.82 90.11
CA ALA OF 125 -47.38 77.82 89.33
C ALA OF 125 -48.26 77.24 88.24
N ILE OF 126 -49.57 77.29 88.41
CA ILE OF 126 -50.48 76.65 87.47
C ILE OF 126 -51.17 77.67 86.58
N ASP OF 127 -51.87 78.62 87.19
CA ASP OF 127 -52.69 79.53 86.41
C ASP OF 127 -51.83 80.36 85.48
N GLN OF 128 -50.68 80.80 85.98
CA GLN OF 128 -49.76 81.60 85.22
C GLN OF 128 -48.58 80.79 84.72
N LEU OF 129 -48.46 79.54 85.15
CA LEU OF 129 -47.45 78.65 84.60
C LEU OF 129 -46.06 79.13 84.99
N ASN OF 130 -45.98 79.79 86.14
CA ASN OF 130 -44.76 80.42 86.59
C ASN OF 130 -43.98 79.47 87.47
N PRO OF 131 -42.79 79.05 87.10
CA PRO OF 131 -42.03 78.20 88.00
C PRO OF 131 -41.61 78.96 89.23
N ALA OF 132 -41.33 78.22 90.28
CA ALA OF 132 -41.08 78.83 91.58
C ALA OF 132 -39.66 79.37 91.59
N TYR OF 133 -39.54 80.69 91.51
CA TYR OF 133 -38.24 81.31 91.67
C TYR OF 133 -38.44 82.72 92.20
N ALA PF 2 -79.13 39.46 96.97
CA ALA PF 2 -77.96 39.33 97.89
C ALA PF 2 -77.26 40.67 98.04
N LYS PF 3 -78.04 41.74 98.21
CA LYS PF 3 -77.48 43.07 98.32
C LYS PF 3 -76.50 43.14 99.49
N LEU PF 4 -75.36 43.77 99.23
CA LEU PF 4 -74.34 43.88 100.26
C LEU PF 4 -74.90 44.58 101.49
N GLU PF 5 -74.38 44.21 102.65
CA GLU PF 5 -74.87 44.76 103.91
C GLU PF 5 -73.94 44.32 105.02
N THR PF 6 -73.97 45.06 106.13
CA THR PF 6 -73.20 44.74 107.32
C THR PF 6 -73.58 43.37 107.87
N VAL PF 7 -72.71 42.38 107.70
CA VAL PF 7 -73.00 41.05 108.18
C VAL PF 7 -72.53 40.94 109.62
N THR PF 8 -73.42 40.52 110.50
CA THR PF 8 -73.09 40.38 111.92
C THR PF 8 -73.15 38.90 112.28
N LEU PF 9 -71.98 38.28 112.35
CA LEU PF 9 -71.90 36.88 112.76
C LEU PF 9 -71.87 36.81 114.27
N GLY PF 10 -72.77 36.02 114.84
CA GLY PF 10 -72.91 35.96 116.28
C GLY PF 10 -71.89 35.04 116.93
N ASN PF 11 -72.37 34.13 117.76
CA ASN PF 11 -71.50 33.23 118.49
C ASN PF 11 -70.42 32.68 117.59
N ILE PF 12 -69.16 32.84 118.00
CA ILE PF 12 -68.03 32.57 117.13
C ILE PF 12 -66.85 32.21 118.03
N GLY PF 13 -66.24 31.06 117.78
CA GLY PF 13 -65.00 30.64 118.43
C GLY PF 13 -65.19 29.30 119.09
N LYS PF 14 -64.18 28.89 119.88
CA LYS PF 14 -64.35 27.65 120.64
C LYS PF 14 -65.55 27.76 121.56
N ASP PF 15 -65.48 28.65 122.53
CA ASP PF 15 -66.53 28.84 123.50
C ASP PF 15 -67.81 29.32 122.87
N GLY PF 16 -67.74 29.91 121.67
CA GLY PF 16 -68.90 30.47 121.03
C GLY PF 16 -69.48 31.69 121.74
N LYS PF 17 -68.63 32.67 122.08
CA LYS PF 17 -69.13 33.94 122.60
C LYS PF 17 -68.59 35.20 121.93
N GLN PF 18 -67.74 35.12 120.93
CA GLN PF 18 -67.37 36.34 120.21
C GLN PF 18 -68.39 36.62 119.10
N THR PF 19 -68.33 37.85 118.57
CA THR PF 19 -69.16 38.22 117.43
C THR PF 19 -68.35 39.13 116.52
N LEU PF 20 -68.61 39.03 115.22
CA LEU PF 20 -67.89 39.81 114.23
C LEU PF 20 -68.87 40.65 113.43
N VAL PF 21 -68.42 41.83 113.04
CA VAL PF 21 -69.20 42.76 112.22
C VAL PF 21 -68.37 43.07 110.99
N LEU PF 22 -68.83 42.61 109.84
CA LEU PF 22 -68.15 42.82 108.58
C LEU PF 22 -68.92 43.86 107.77
N ASN PF 23 -68.26 44.97 107.48
CA ASN PF 23 -68.93 46.06 106.81
C ASN PF 23 -68.89 45.90 105.30
N PRO PF 24 -69.82 46.52 104.59
CA PRO PF 24 -69.87 46.42 103.13
C PRO PF 24 -68.78 47.25 102.50
N ARG PF 25 -67.81 46.56 101.89
CA ARG PF 25 -66.68 47.25 101.29
C ARG PF 25 -67.02 47.70 99.87
N GLY PF 26 -67.37 46.75 99.02
CA GLY PF 26 -67.70 47.06 97.65
C GLY PF 26 -67.72 45.79 96.82
N VAL PF 27 -67.59 45.95 95.51
CA VAL PF 27 -67.57 44.81 94.61
C VAL PF 27 -66.58 45.06 93.49
N ASN PF 28 -65.50 44.31 93.46
CA ASN PF 28 -64.62 44.33 92.31
C ASN PF 28 -65.37 43.90 91.07
N PRO PF 29 -65.44 44.74 90.05
CA PRO PF 29 -66.10 44.33 88.80
C PRO PF 29 -65.28 43.39 87.97
N THR PF 30 -64.01 43.72 87.81
CA THR PF 30 -63.18 42.99 86.86
C THR PF 30 -63.24 41.50 87.07
N ASN PF 31 -63.64 41.06 88.25
CA ASN PF 31 -63.78 39.66 88.57
C ASN PF 31 -65.09 39.33 89.26
N GLY PF 32 -66.00 40.29 89.38
CA GLY PF 32 -67.29 40.05 90.00
C GLY PF 32 -67.16 39.46 91.38
N VAL PF 33 -66.61 40.22 92.32
CA VAL PF 33 -66.32 39.71 93.65
C VAL PF 33 -66.72 40.75 94.69
N ALA PF 34 -67.72 40.43 95.49
CA ALA PF 34 -68.11 41.31 96.58
C ALA PF 34 -67.18 41.07 97.76
N SER PF 35 -66.75 42.15 98.39
CA SER PF 35 -65.79 42.07 99.48
C SER PF 35 -66.37 42.66 100.75
N LEU PF 36 -66.01 42.05 101.87
CA LEU PF 36 -66.40 42.53 103.18
C LEU PF 36 -65.17 42.55 104.06
N SER PF 37 -65.06 43.58 104.88
CA SER PF 37 -63.88 43.76 105.72
C SER PF 37 -64.32 44.16 107.12
N GLN PF 38 -63.63 43.60 108.11
CA GLN PF 38 -63.88 44.02 109.47
C GLN PF 38 -63.54 45.50 109.63
N ALA PF 39 -64.33 46.19 110.44
CA ALA PF 39 -64.14 47.62 110.60
C ALA PF 39 -62.82 47.90 111.29
N GLY PF 40 -61.95 48.64 110.61
CA GLY PF 40 -60.67 49.01 111.17
C GLY PF 40 -60.09 50.18 110.42
N ALA PF 41 -58.76 50.30 110.41
CA ALA PF 41 -58.13 51.35 109.62
C ALA PF 41 -57.03 50.79 108.74
N VAL PF 42 -56.27 49.83 109.25
CA VAL PF 42 -55.12 49.33 108.52
C VAL PF 42 -55.55 48.08 107.75
N PRO PF 43 -55.71 48.15 106.44
CA PRO PF 43 -56.22 46.98 105.71
C PRO PF 43 -55.40 45.75 105.97
N ALA PF 44 -54.15 45.93 106.36
CA ALA PF 44 -53.26 44.81 106.65
C ALA PF 44 -53.74 43.97 107.81
N LEU PF 45 -54.56 44.51 108.69
CA LEU PF 45 -54.96 43.85 109.93
C LEU PF 45 -56.48 43.80 110.01
N GLU PF 46 -57.11 43.33 108.95
CA GLU PF 46 -58.56 43.27 108.89
C GLU PF 46 -58.99 41.90 108.41
N LYS PF 47 -60.06 41.38 109.01
CA LYS PF 47 -60.64 40.12 108.57
C LYS PF 47 -61.39 40.36 107.27
N ARG PF 48 -61.03 39.60 106.23
CA ARG PF 48 -61.59 39.82 104.90
C ARG PF 48 -62.42 38.61 104.46
N VAL PF 49 -63.49 38.92 103.74
CA VAL PF 49 -64.43 37.94 103.23
C VAL PF 49 -64.71 38.29 101.78
N THR PF 50 -64.77 37.28 100.92
CA THR PF 50 -64.98 37.51 99.50
C THR PF 50 -65.97 36.51 98.95
N VAL PF 51 -66.97 37.01 98.22
CA VAL PF 51 -68.04 36.22 97.62
C VAL PF 51 -68.01 36.40 96.12
N SER PF 52 -67.98 35.30 95.38
CA SER PF 52 -67.89 35.34 93.93
C SER PF 52 -68.88 34.35 93.34
N VAL PF 53 -69.49 34.73 92.23
CA VAL PF 53 -70.53 33.93 91.58
C VAL PF 53 -70.24 33.95 90.08
N SER PF 54 -69.61 32.90 89.58
CA SER PF 54 -69.27 32.84 88.17
C SER PF 54 -70.29 32.02 87.41
N GLN PF 55 -70.82 32.62 86.35
CA GLN PF 55 -71.80 32.03 85.46
C GLN PF 55 -71.15 31.04 84.53
N PRO PF 56 -71.93 30.12 83.96
CA PRO PF 56 -71.35 29.08 83.09
C PRO PF 56 -70.79 29.70 81.83
N SER PF 57 -69.51 29.50 81.59
CA SER PF 57 -68.85 29.97 80.39
C SER PF 57 -69.03 28.96 79.28
N ARG PF 58 -68.71 29.38 78.05
CA ARG PF 58 -68.70 28.42 76.95
C ARG PF 58 -67.61 27.39 77.14
N ASN PF 59 -66.67 27.64 78.04
CA ASN PF 59 -65.62 26.69 78.37
C ASN PF 59 -65.88 25.95 79.66
N ARG PF 60 -66.92 26.32 80.40
CA ARG PF 60 -67.20 25.70 81.69
C ARG PF 60 -68.53 24.98 81.71
N LYS PF 61 -69.61 25.72 81.46
CA LYS PF 61 -70.97 25.18 81.57
C LYS PF 61 -71.24 24.67 82.99
N ASN PF 62 -70.87 25.49 83.96
CA ASN PF 62 -71.09 25.14 85.37
C ASN PF 62 -71.17 26.38 86.22
N TYR PF 63 -72.23 26.55 87.00
CA TYR PF 63 -72.26 27.65 87.94
C TYR PF 63 -71.28 27.36 89.06
N LYS PF 64 -70.49 28.35 89.45
CA LYS PF 64 -69.61 28.17 90.60
C LYS PF 64 -69.75 29.38 91.54
N VAL PF 65 -69.56 29.12 92.82
CA VAL PF 65 -69.57 30.17 93.82
C VAL PF 65 -68.38 29.99 94.74
N GLN PF 66 -67.55 31.01 94.82
CA GLN PF 66 -66.32 30.99 95.60
C GLN PF 66 -66.52 31.83 96.85
N VAL PF 67 -66.12 31.30 98.00
CA VAL PF 67 -66.18 32.00 99.27
C VAL PF 67 -64.81 31.91 99.92
N LYS PF 68 -64.13 33.05 100.03
CA LYS PF 68 -62.79 33.10 100.59
C LYS PF 68 -62.82 33.90 101.89
N ILE PF 69 -62.10 33.40 102.89
CA ILE PF 69 -61.98 34.07 104.18
C ILE PF 69 -60.51 34.17 104.52
N GLN PF 70 -60.06 35.37 104.85
CA GLN PF 70 -58.68 35.63 105.20
C GLN PF 70 -58.65 36.30 106.57
N ASN PF 71 -57.91 35.70 107.50
CA ASN PF 71 -57.82 36.21 108.86
C ASN PF 71 -56.37 36.50 109.21
N PRO PF 72 -56.00 37.76 109.40
CA PRO PF 72 -54.62 38.08 109.78
C PRO PF 72 -54.43 38.19 111.28
N THR PF 73 -53.22 37.88 111.72
CA THR PF 73 -52.87 38.04 113.11
C THR PF 73 -52.12 39.36 113.31
N ALA PF 74 -52.53 40.10 114.35
CA ALA PF 74 -51.96 41.43 114.56
C ALA PF 74 -50.48 41.36 114.92
N CYS PF 75 -50.17 40.66 115.99
CA CYS PF 75 -48.79 40.42 116.39
C CYS PF 75 -48.13 41.70 116.87
N THR PF 76 -48.87 42.45 117.69
CA THR PF 76 -48.41 43.75 118.15
C THR PF 76 -47.07 43.64 118.86
N ALA PF 77 -46.10 44.43 118.39
CA ALA PF 77 -44.78 44.47 118.99
C ALA PF 77 -44.76 45.50 120.10
N ASN PF 78 -43.84 45.31 121.06
CA ASN PF 78 -43.78 46.17 122.24
C ASN PF 78 -43.23 47.53 121.83
N GLY PF 79 -44.03 48.21 121.00
CA GLY PF 79 -43.78 49.59 120.63
C GLY PF 79 -43.21 49.70 119.23
N SER PF 80 -42.54 50.81 118.99
CA SER PF 80 -41.66 51.04 117.87
C SER PF 80 -42.39 51.24 116.55
N CYS PF 81 -43.58 50.68 116.40
CA CYS PF 81 -44.61 51.14 115.47
C CYS PF 81 -45.70 50.08 115.38
N ASP PF 82 -46.69 50.32 114.52
CA ASP PF 82 -47.88 49.49 114.45
C ASP PF 82 -47.53 48.02 114.25
N PRO PF 83 -48.48 47.13 114.49
CA PRO PF 83 -48.20 45.69 114.38
C PRO PF 83 -47.88 45.28 112.95
N SER PF 84 -47.41 44.04 112.82
CA SER PF 84 -47.05 43.46 111.54
C SER PF 84 -47.74 42.11 111.38
N VAL PF 85 -48.03 41.75 110.13
CA VAL PF 85 -48.69 40.49 109.86
C VAL PF 85 -47.70 39.36 110.05
N THR PF 86 -48.03 38.45 110.93
CA THR PF 86 -47.20 37.27 111.17
C THR PF 86 -47.85 35.99 110.72
N ARG PF 87 -49.18 35.93 110.71
CA ARG PF 87 -49.90 34.69 110.50
C ARG PF 87 -51.17 34.98 109.72
N GLN PF 88 -51.49 34.12 108.77
CA GLN PF 88 -52.63 34.32 107.89
C GLN PF 88 -53.41 33.02 107.78
N ALA PF 89 -54.63 33.01 108.30
CA ALA PF 89 -55.51 31.86 108.15
C ALA PF 89 -56.34 32.05 106.89
N TYR PF 90 -56.25 31.08 105.99
CA TYR PF 90 -57.02 31.09 104.75
C TYR PF 90 -58.05 29.98 104.76
N ALA PF 91 -59.25 30.30 104.33
CA ALA PF 91 -60.31 29.32 104.13
C ALA PF 91 -60.95 29.57 102.79
N ASP PF 92 -61.25 28.51 102.06
CA ASP PF 92 -61.79 28.67 100.72
C ASP PF 92 -62.79 27.57 100.45
N VAL PF 93 -64.00 27.98 100.09
CA VAL PF 93 -65.08 27.09 99.73
C VAL PF 93 -65.43 27.33 98.28
N THR PF 94 -65.71 26.25 97.56
CA THR PF 94 -66.06 26.34 96.14
C THR PF 94 -67.29 25.47 95.90
N PHE PF 95 -68.44 26.12 95.79
CA PHE PF 95 -69.67 25.45 95.44
C PHE PF 95 -69.74 25.29 93.92
N SER PF 96 -70.19 24.12 93.48
CA SER PF 96 -70.25 23.78 92.06
C SER PF 96 -71.63 23.22 91.74
N PHE PF 97 -72.23 23.69 90.65
CA PHE PF 97 -73.56 23.25 90.30
C PHE PF 97 -73.69 23.22 88.78
N THR PF 98 -74.61 22.39 88.31
CA THR PF 98 -74.90 22.29 86.90
C THR PF 98 -76.04 23.22 86.50
N GLN PF 99 -76.14 23.47 85.21
CA GLN PF 99 -77.15 24.37 84.69
C GLN PF 99 -78.53 23.94 85.12
N TYR PF 100 -78.75 22.65 85.30
CA TYR PF 100 -80.07 22.13 85.65
C TYR PF 100 -80.19 21.91 87.15
N SER PF 101 -79.27 22.47 87.93
CA SER PF 101 -79.31 22.37 89.37
C SER PF 101 -80.66 22.87 89.89
N THR PF 102 -80.97 22.52 91.14
CA THR PF 102 -82.17 23.03 91.78
C THR PF 102 -81.81 23.68 93.10
N ASP PF 103 -82.45 24.81 93.36
CA ASP PF 103 -82.34 25.48 94.64
C ASP PF 103 -82.41 24.48 95.78
N GLU PF 104 -83.23 23.44 95.62
CA GLU PF 104 -83.37 22.45 96.69
C GLU PF 104 -82.02 21.87 97.05
N GLU PF 105 -81.40 21.16 96.12
CA GLU PF 105 -80.13 20.52 96.44
C GLU PF 105 -79.09 21.57 96.80
N ARG PF 106 -79.19 22.76 96.21
CA ARG PF 106 -78.22 23.78 96.55
C ARG PF 106 -78.28 24.07 98.05
N ALA PF 107 -79.46 24.40 98.56
CA ALA PF 107 -79.60 24.64 99.98
C ALA PF 107 -79.21 23.40 100.76
N PHE PF 108 -79.47 22.24 100.19
CA PHE PF 108 -79.14 21.00 100.87
C PHE PF 108 -77.65 20.95 101.15
N VAL PF 109 -76.84 21.20 100.12
CA VAL PF 109 -75.40 21.15 100.30
C VAL PF 109 -74.96 22.28 101.23
N ARG PF 110 -75.53 23.45 101.06
CA ARG PF 110 -75.34 24.52 102.03
C ARG PF 110 -75.39 23.97 103.45
N THR PF 111 -76.53 23.45 103.84
CA THR PF 111 -76.74 23.12 105.24
C THR PF 111 -75.93 21.92 105.64
N GLU PF 112 -75.72 20.97 104.73
CA GLU PF 112 -74.89 19.84 105.07
C GLU PF 112 -73.48 20.31 105.39
N LEU PF 113 -72.94 21.22 104.59
CA LEU PF 113 -71.63 21.76 104.90
C LEU PF 113 -71.64 22.44 106.24
N ALA PF 114 -72.70 23.21 106.52
CA ALA PF 114 -72.78 23.88 107.82
C ALA PF 114 -72.68 22.89 108.95
N ALA PF 115 -73.52 21.87 108.91
CA ALA PF 115 -73.59 20.94 110.02
C ALA PF 115 -72.32 20.12 110.14
N LEU PF 116 -71.71 19.74 109.03
CA LEU PF 116 -70.42 19.08 109.15
C LEU PF 116 -69.41 19.99 109.80
N LEU PF 117 -69.36 21.25 109.38
CA LEU PF 117 -68.43 22.18 109.98
C LEU PF 117 -68.69 22.34 111.46
N ALA PF 118 -69.91 22.07 111.92
CA ALA PF 118 -70.20 22.06 113.35
C ALA PF 118 -69.99 20.72 114.02
N SER PF 119 -69.90 19.62 113.26
CA SER PF 119 -69.91 18.29 113.84
C SER PF 119 -68.61 18.01 114.58
N PRO PF 120 -68.63 17.05 115.51
CA PRO PF 120 -67.42 16.79 116.29
C PRO PF 120 -66.24 16.42 115.43
N LEU PF 121 -66.50 15.76 114.29
CA LEU PF 121 -65.40 15.27 113.48
C LEU PF 121 -64.54 16.43 113.00
N LEU PF 122 -65.10 17.32 112.20
CA LEU PF 122 -64.29 18.39 111.64
C LEU PF 122 -63.78 19.31 112.74
N ILE PF 123 -64.46 19.37 113.88
CA ILE PF 123 -63.95 20.19 114.98
C ILE PF 123 -62.56 19.73 115.36
N ASP PF 124 -62.39 18.43 115.57
CA ASP PF 124 -61.08 17.92 115.95
C ASP PF 124 -60.14 17.90 114.75
N ALA PF 125 -60.69 17.76 113.56
CA ALA PF 125 -59.85 17.78 112.37
C ALA PF 125 -59.19 19.14 112.16
N ILE PF 126 -59.92 20.21 112.44
CA ILE PF 126 -59.45 21.57 112.20
C ILE PF 126 -58.76 22.10 113.44
N ASP PF 127 -59.53 22.24 114.51
CA ASP PF 127 -58.98 22.78 115.75
C ASP PF 127 -57.75 22.00 116.19
N GLN PF 128 -57.89 20.68 116.27
CA GLN PF 128 -56.84 19.89 116.86
C GLN PF 128 -55.89 19.32 115.82
N LEU PF 129 -56.13 19.55 114.55
CA LEU PF 129 -55.22 19.11 113.50
C LEU PF 129 -55.14 17.59 113.46
N ASN PF 130 -56.12 16.92 114.06
CA ASN PF 130 -56.08 15.48 114.18
C ASN PF 130 -56.47 14.84 112.86
N PRO PF 131 -55.60 14.03 112.26
CA PRO PF 131 -56.02 13.33 111.03
C PRO PF 131 -57.22 12.47 111.32
N ALA PF 132 -58.16 12.47 110.38
CA ALA PF 132 -59.39 11.72 110.60
C ALA PF 132 -59.07 10.26 110.80
N TYR PF 133 -59.24 9.78 112.02
CA TYR PF 133 -59.16 8.37 112.32
C TYR PF 133 -59.63 8.10 113.73
N ALA QF 2 -75.59 53.53 86.02
CA ALA QF 2 -76.80 52.75 86.40
C ALA QF 2 -76.44 51.60 87.31
N LYS QF 3 -76.59 51.80 88.60
CA LYS QF 3 -76.40 50.72 89.55
C LYS QF 3 -77.45 49.63 89.32
N LEU QF 4 -77.03 48.37 89.39
CA LEU QF 4 -77.95 47.26 89.26
C LEU QF 4 -78.74 47.06 90.55
N GLU QF 5 -80.03 46.79 90.41
CA GLU QF 5 -80.86 46.47 91.55
C GLU QF 5 -81.96 45.52 91.12
N THR QF 6 -82.73 45.06 92.09
CA THR QF 6 -83.92 44.27 91.81
C THR QF 6 -84.87 45.09 90.95
N VAL QF 7 -85.07 44.69 89.70
CA VAL QF 7 -86.02 45.36 88.84
C VAL QF 7 -87.38 44.72 89.04
N THR QF 8 -88.34 45.53 89.48
CA THR QF 8 -89.70 45.08 89.75
C THR QF 8 -90.56 45.64 88.63
N LEU QF 9 -91.18 44.75 87.87
CA LEU QF 9 -91.81 45.16 86.64
C LEU QF 9 -93.20 44.58 86.56
N GLY QF 10 -94.22 45.44 86.67
CA GLY QF 10 -95.60 45.03 86.74
C GLY QF 10 -96.39 45.43 85.51
N ASN QF 11 -97.65 45.02 85.51
CA ASN QF 11 -98.56 45.31 84.40
C ASN QF 11 -98.03 44.70 83.12
N ILE QF 12 -97.93 43.37 83.13
CA ILE QF 12 -97.23 42.60 82.12
C ILE QF 12 -98.14 41.48 81.63
N GLY QF 13 -97.97 41.10 80.36
CA GLY QF 13 -98.77 40.06 79.74
C GLY QF 13 -99.89 40.62 78.87
N LYS QF 14 -100.73 39.72 78.36
CA LYS QF 14 -101.89 40.18 77.60
C LYS QF 14 -102.76 41.12 78.44
N ASP QF 15 -103.30 40.60 79.53
CA ASP QF 15 -104.17 41.37 80.39
C ASP QF 15 -103.42 42.37 81.25
N GLY QF 16 -102.09 42.33 81.24
CA GLY QF 16 -101.30 43.22 82.06
C GLY QF 16 -101.54 42.99 83.54
N LYS QF 17 -101.35 41.75 84.00
CA LYS QF 17 -101.68 41.42 85.37
C LYS QF 17 -100.57 40.74 86.15
N GLN QF 18 -99.61 40.10 85.51
CA GLN QF 18 -98.57 39.44 86.29
C GLN QF 18 -97.37 40.37 86.46
N THR QF 19 -96.31 39.85 87.06
CA THR QF 19 -95.17 40.69 87.42
C THR QF 19 -93.88 39.90 87.30
N LEU QF 20 -92.78 40.63 87.14
CA LEU QF 20 -91.46 40.04 86.97
C LEU QF 20 -90.48 40.72 87.92
N VAL QF 21 -89.77 39.93 88.70
CA VAL QF 21 -88.75 40.43 89.61
C VAL QF 21 -87.42 39.90 89.10
N LEU QF 22 -86.58 40.80 88.60
CA LEU QF 22 -85.28 40.45 88.04
C LEU QF 22 -84.19 40.83 89.03
N ASN QF 23 -83.38 39.87 89.38
CA ASN QF 23 -82.26 40.18 90.25
C ASN QF 23 -80.97 40.25 89.45
N PRO QF 24 -80.00 41.04 89.90
CA PRO QF 24 -78.78 41.23 89.12
C PRO QF 24 -77.89 40.00 89.13
N ARG QF 25 -77.33 39.69 87.97
CA ARG QF 25 -76.38 38.61 87.80
C ARG QF 25 -74.95 39.14 87.69
N GLY QF 26 -74.74 40.42 87.96
CA GLY QF 26 -73.42 40.99 87.82
C GLY QF 26 -73.14 41.51 86.43
N VAL QF 27 -71.86 41.69 86.14
CA VAL QF 27 -71.39 42.27 84.90
C VAL QF 27 -70.27 41.42 84.34
N ASN QF 28 -70.36 41.09 83.06
CA ASN QF 28 -69.34 40.26 82.45
C ASN QF 28 -68.02 41.01 82.37
N PRO QF 29 -66.94 40.48 82.93
CA PRO QF 29 -65.66 41.20 82.85
C PRO QF 29 -65.14 41.37 81.44
N THR QF 30 -65.42 40.45 80.53
CA THR QF 30 -64.90 40.57 79.18
C THR QF 30 -65.83 41.39 78.29
N ASN QF 31 -67.06 40.93 78.13
CA ASN QF 31 -67.98 41.63 77.23
C ASN QF 31 -68.43 42.96 77.80
N GLY QF 32 -68.32 43.15 79.11
CA GLY QF 32 -68.76 44.38 79.74
C GLY QF 32 -70.26 44.58 79.65
N VAL QF 33 -71.03 43.56 80.02
CA VAL QF 33 -72.48 43.59 79.88
C VAL QF 33 -73.09 43.13 81.20
N ALA QF 34 -74.08 43.86 81.68
CA ALA QF 34 -74.77 43.49 82.90
C ALA QF 34 -75.91 42.53 82.58
N SER QF 35 -76.21 41.67 83.54
CA SER QF 35 -77.21 40.64 83.36
C SER QF 35 -78.07 40.52 84.60
N LEU QF 36 -79.36 40.24 84.40
CA LEU QF 36 -80.29 40.01 85.48
C LEU QF 36 -81.15 38.80 85.15
N SER QF 37 -81.67 38.18 86.19
CA SER QF 37 -82.38 36.92 86.05
C SER QF 37 -83.57 36.91 86.98
N GLN QF 38 -84.64 36.27 86.53
CA GLN QF 38 -85.79 36.08 87.39
C GLN QF 38 -85.50 34.99 88.40
N ALA QF 39 -85.99 35.18 89.62
CA ALA QF 39 -85.72 34.21 90.68
C ALA QF 39 -86.46 32.91 90.40
N GLY QF 40 -85.72 31.80 90.36
CA GLY QF 40 -86.31 30.52 90.05
C GLY QF 40 -85.57 29.39 90.72
N ALA QF 41 -86.06 28.18 90.51
CA ALA QF 41 -85.49 26.99 91.13
C ALA QF 41 -84.35 26.41 90.31
N VAL QF 42 -84.56 26.25 89.00
CA VAL QF 42 -83.54 25.70 88.11
C VAL QF 42 -83.05 26.82 87.20
N PRO QF 43 -81.79 27.25 87.33
CA PRO QF 43 -81.36 28.46 86.61
C PRO QF 43 -81.53 28.34 85.12
N ALA QF 44 -81.66 27.11 84.60
CA ALA QF 44 -81.89 26.94 83.19
C ALA QF 44 -83.21 27.50 82.73
N LEU QF 45 -84.15 27.70 83.64
CA LEU QF 45 -85.51 28.08 83.28
C LEU QF 45 -85.86 29.47 83.76
N GLU QF 46 -84.88 30.34 83.93
CA GLU QF 46 -85.14 31.68 84.42
C GLU QF 46 -85.09 32.67 83.27
N LYS QF 47 -86.02 33.60 83.28
CA LYS QF 47 -86.04 34.65 82.28
C LYS QF 47 -84.85 35.56 82.51
N ARG QF 48 -84.07 35.80 81.45
CA ARG QF 48 -82.83 36.54 81.56
C ARG QF 48 -82.91 37.83 80.77
N VAL QF 49 -82.15 38.81 81.23
CA VAL QF 49 -82.17 40.16 80.66
C VAL QF 49 -80.78 40.76 80.68
N THR QF 50 -80.22 41.06 79.52
CA THR QF 50 -78.91 41.67 79.44
C THR QF 50 -79.01 43.12 79.01
N VAL QF 51 -78.05 43.92 79.46
CA VAL QF 51 -77.93 45.31 79.06
C VAL QF 51 -76.46 45.58 78.81
N SER QF 52 -76.16 46.22 77.69
CA SER QF 52 -74.78 46.57 77.35
C SER QF 52 -74.76 47.92 76.66
N VAL QF 53 -73.80 48.75 77.05
CA VAL QF 53 -73.56 50.04 76.40
C VAL QF 53 -72.06 50.14 76.16
N SER QF 54 -71.62 49.76 74.97
CA SER QF 54 -70.22 49.92 74.63
C SER QF 54 -69.89 51.39 74.50
N GLN QF 55 -68.65 51.72 74.84
CA GLN QF 55 -68.15 53.08 74.71
C GLN QF 55 -67.86 53.38 73.25
N PRO QF 56 -67.64 54.65 72.91
CA PRO QF 56 -67.41 55.00 71.51
C PRO QF 56 -66.18 54.31 70.95
N SER QF 57 -66.29 53.87 69.69
CA SER QF 57 -65.19 53.20 69.01
C SER QF 57 -64.30 54.24 68.33
N ARG QF 58 -63.42 53.80 67.43
CA ARG QF 58 -62.45 54.68 66.79
C ARG QF 58 -62.97 55.27 65.50
N ASN QF 59 -62.75 56.58 65.33
CA ASN QF 59 -62.93 57.29 64.06
C ASN QF 59 -64.39 57.42 63.65
N ARG QF 60 -65.28 56.73 64.36
CA ARG QF 60 -66.72 56.84 64.13
C ARG QF 60 -67.48 57.08 65.42
N LYS QF 61 -67.02 56.45 66.50
CA LYS QF 61 -67.42 56.67 67.88
C LYS QF 61 -68.83 56.20 68.20
N ASN QF 62 -69.74 56.13 67.23
CA ASN QF 62 -70.85 55.19 67.26
C ASN QF 62 -71.34 54.74 68.64
N TYR QF 63 -71.84 55.63 69.51
CA TYR QF 63 -72.31 55.20 70.82
C TYR QF 63 -73.34 54.09 70.61
N LYS QF 64 -73.20 52.99 71.34
CA LYS QF 64 -74.07 51.83 71.11
C LYS QF 64 -74.57 51.26 72.43
N VAL QF 65 -75.84 50.86 72.44
CA VAL QF 65 -76.46 50.21 73.59
C VAL QF 65 -77.21 48.98 73.11
N GLN QF 66 -77.16 47.91 73.90
CA GLN QF 66 -77.69 46.62 73.50
C GLN QF 66 -78.49 46.02 74.66
N VAL QF 67 -79.58 45.33 74.34
CA VAL QF 67 -80.41 44.67 75.34
C VAL QF 67 -80.97 43.39 74.73
N LYS QF 68 -80.61 42.25 75.32
CA LYS QF 68 -81.08 40.94 74.91
C LYS QF 68 -82.05 40.46 75.99
N ILE QF 69 -83.28 40.17 75.59
CA ILE QF 69 -84.28 39.59 76.48
C ILE QF 69 -84.52 38.18 76.04
N GLN QF 70 -84.31 37.22 76.94
CA GLN QF 70 -84.40 35.81 76.62
C GLN QF 70 -85.43 35.17 77.54
N ASN QF 71 -86.39 34.48 76.93
CA ASN QF 71 -87.50 33.90 77.67
C ASN QF 71 -87.56 32.40 77.38
N PRO QF 72 -87.20 31.54 78.33
CA PRO QF 72 -87.18 30.10 78.07
C PRO QF 72 -88.47 29.41 78.51
N THR QF 73 -88.63 28.19 78.04
CA THR QF 73 -89.76 27.37 78.46
C THR QF 73 -89.47 25.92 78.14
N ALA QF 74 -89.65 25.04 79.15
CA ALA QF 74 -89.38 23.62 79.03
C ALA QF 74 -90.68 22.83 79.12
N CYS QF 75 -90.57 21.52 78.90
CA CYS QF 75 -91.72 20.62 79.04
C CYS QF 75 -91.17 19.23 79.36
N THR QF 76 -91.29 18.83 80.62
CA THR QF 76 -90.73 17.57 81.08
C THR QF 76 -91.28 16.41 80.27
N ALA QF 77 -90.39 15.74 79.54
CA ALA QF 77 -90.79 14.57 78.78
C ALA QF 77 -91.01 13.38 79.70
N ASN QF 78 -91.81 12.43 79.22
CA ASN QF 78 -92.03 11.20 79.96
C ASN QF 78 -90.74 10.40 80.06
N GLY QF 79 -90.41 9.98 81.28
CA GLY QF 79 -89.18 9.27 81.55
C GLY QF 79 -87.98 10.14 81.76
N SER QF 80 -88.11 11.45 81.54
CA SER QF 80 -87.01 12.40 81.65
C SER QF 80 -87.14 13.15 82.97
N CYS QF 81 -86.08 13.10 83.78
CA CYS QF 81 -86.07 13.76 85.09
C CYS QF 81 -85.45 15.14 85.02
N ASP QF 82 -85.42 15.74 83.85
CA ASP QF 82 -84.85 17.06 83.67
C ASP QF 82 -85.74 17.90 82.76
N PRO QF 83 -86.29 19.01 83.23
CA PRO QF 83 -87.14 19.82 82.36
C PRO QF 83 -86.33 20.52 81.29
N SER QF 84 -85.91 19.77 80.28
CA SER QF 84 -85.08 20.33 79.23
C SER QF 84 -85.80 21.46 78.53
N VAL QF 85 -85.06 22.52 78.22
CA VAL QF 85 -85.66 23.70 77.61
C VAL QF 85 -85.98 23.42 76.15
N THR QF 86 -87.25 23.50 75.79
CA THR QF 86 -87.69 23.19 74.45
C THR QF 86 -88.11 24.42 73.66
N ARG QF 87 -88.08 25.60 74.28
CA ARG QF 87 -88.66 26.79 73.68
C ARG QF 87 -87.85 27.99 74.13
N GLN QF 88 -87.50 28.84 73.17
CA GLN QF 88 -86.77 30.06 73.49
C GLN QF 88 -87.36 31.21 72.70
N ALA QF 89 -87.60 32.33 73.39
CA ALA QF 89 -88.00 33.56 72.74
C ALA QF 89 -86.93 34.62 72.96
N TYR QF 90 -86.49 35.24 71.88
CA TYR QF 90 -85.42 36.22 71.90
C TYR QF 90 -85.95 37.56 71.46
N ALA QF 91 -85.53 38.61 72.15
CA ALA QF 91 -85.89 39.97 71.79
C ALA QF 91 -84.65 40.83 71.95
N ASP QF 92 -84.09 41.28 70.84
CA ASP QF 92 -82.87 42.08 70.87
C ASP QF 92 -83.19 43.50 70.43
N VAL QF 93 -82.83 44.45 71.26
CA VAL QF 93 -82.94 45.86 70.94
C VAL QF 93 -81.54 46.44 70.92
N THR QF 94 -81.30 47.32 69.96
CA THR QF 94 -80.00 47.97 69.83
C THR QF 94 -80.21 49.42 69.45
N PHE QF 95 -79.71 50.32 70.29
CA PHE QF 95 -79.73 51.74 70.01
C PHE QF 95 -78.37 52.21 69.56
N SER QF 96 -78.35 53.04 68.52
CA SER QF 96 -77.12 53.67 68.02
C SER QF 96 -77.30 55.17 68.04
N PHE QF 97 -76.35 55.86 68.64
CA PHE QF 97 -76.36 57.31 68.76
C PHE QF 97 -75.03 57.88 68.29
N THR QF 98 -75.08 59.13 67.85
CA THR QF 98 -73.87 59.82 67.45
C THR QF 98 -73.17 60.37 68.68
N GLN QF 99 -71.91 60.70 68.49
CA GLN QF 99 -71.12 61.23 69.59
C GLN QF 99 -71.58 62.62 70.00
N TYR QF 100 -72.45 63.25 69.20
CA TYR QF 100 -73.04 64.51 69.61
C TYR QF 100 -74.48 64.37 70.04
N SER QF 101 -74.98 63.15 70.10
CA SER QF 101 -76.36 62.96 70.49
C SER QF 101 -76.61 63.65 71.82
N THR QF 102 -77.88 63.86 72.15
CA THR QF 102 -78.21 64.45 73.44
C THR QF 102 -79.36 63.72 74.11
N ASP QF 103 -79.38 63.87 75.43
CA ASP QF 103 -80.36 63.18 76.26
C ASP QF 103 -81.78 63.42 75.78
N GLU QF 104 -82.05 64.63 75.29
CA GLU QF 104 -83.38 64.92 74.77
C GLU QF 104 -83.84 63.82 73.82
N GLU QF 105 -83.19 63.71 72.67
CA GLU QF 105 -83.68 62.77 71.67
C GLU QF 105 -83.40 61.33 72.09
N ARG QF 106 -82.41 61.10 72.95
CA ARG QF 106 -82.22 59.73 73.42
C ARG QF 106 -83.46 59.27 74.17
N ALA QF 107 -83.90 60.03 75.16
CA ALA QF 107 -85.14 59.70 75.85
C ALA QF 107 -86.31 59.70 74.89
N PHE QF 108 -86.25 60.60 73.89
CA PHE QF 108 -87.32 60.69 72.92
C PHE QF 108 -87.50 59.38 72.19
N VAL QF 109 -86.41 58.81 71.70
CA VAL QF 109 -86.47 57.53 71.01
C VAL QF 109 -86.82 56.42 71.99
N ARG QF 110 -86.36 56.54 73.23
CA ARG QF 110 -86.71 55.53 74.21
C ARG QF 110 -88.23 55.41 74.35
N THR QF 111 -88.87 56.53 74.58
CA THR QF 111 -90.32 56.49 74.74
C THR QF 111 -91.02 56.26 73.41
N GLU QF 112 -90.42 56.69 72.29
CA GLU QF 112 -90.85 56.18 70.99
C GLU QF 112 -91.08 54.70 71.07
N LEU QF 113 -89.99 53.98 71.28
CA LEU QF 113 -90.06 52.54 71.32
C LEU QF 113 -91.13 52.07 72.27
N ALA QF 114 -91.16 52.66 73.47
CA ALA QF 114 -92.15 52.21 74.46
C ALA QF 114 -93.56 52.32 73.91
N ALA QF 115 -93.92 53.49 73.42
CA ALA QF 115 -95.25 53.70 72.91
C ALA QF 115 -95.53 52.80 71.72
N LEU QF 116 -94.52 52.49 70.92
CA LEU QF 116 -94.75 51.54 69.83
C LEU QF 116 -95.10 50.17 70.37
N LEU QF 117 -94.31 49.64 71.29
CA LEU QF 117 -94.72 48.36 71.86
C LEU QF 117 -96.09 48.43 72.50
N ALA QF 118 -96.54 49.61 72.92
CA ALA QF 118 -97.85 49.73 73.52
C ALA QF 118 -98.98 49.85 72.53
N SER QF 119 -98.73 50.41 71.35
CA SER QF 119 -99.81 50.70 70.43
C SER QF 119 -100.34 49.43 69.79
N PRO QF 120 -101.57 49.47 69.27
CA PRO QF 120 -102.13 48.26 68.64
C PRO QF 120 -101.31 47.70 67.49
N LEU QF 121 -100.53 48.52 66.81
CA LEU QF 121 -99.84 48.05 65.63
C LEU QF 121 -98.88 46.93 65.97
N LEU QF 122 -97.81 47.24 66.72
CA LEU QF 122 -96.90 46.17 67.09
C LEU QF 122 -97.61 45.09 67.86
N ILE QF 123 -98.70 45.43 68.56
CA ILE QF 123 -99.45 44.39 69.26
C ILE QF 123 -99.91 43.33 68.27
N ASP QF 124 -100.56 43.77 67.20
CA ASP QF 124 -101.02 42.82 66.19
C ASP QF 124 -99.86 42.20 65.44
N ALA QF 125 -98.74 42.92 65.34
CA ALA QF 125 -97.59 42.42 64.60
C ALA QF 125 -96.84 41.34 65.37
N ILE QF 126 -96.90 41.37 66.70
CA ILE QF 126 -96.11 40.49 67.55
C ILE QF 126 -96.99 39.41 68.16
N ASP QF 127 -98.00 39.80 68.93
CA ASP QF 127 -98.82 38.83 69.60
C ASP QF 127 -99.45 37.86 68.61
N GLN QF 128 -99.91 38.39 67.48
CA GLN QF 128 -100.53 37.58 66.46
C GLN QF 128 -99.58 37.24 65.31
N LEU QF 129 -98.37 37.80 65.32
CA LEU QF 129 -97.47 37.65 64.17
C LEU QF 129 -98.20 38.00 62.89
N ASN QF 130 -98.72 39.22 62.83
CA ASN QF 130 -99.46 39.64 61.67
C ASN QF 130 -98.69 40.73 60.91
N PRO QF 131 -98.22 40.46 59.70
CA PRO QF 131 -97.56 41.51 58.92
C PRO QF 131 -98.48 42.70 58.74
N ALA QF 132 -97.92 43.89 58.91
CA ALA QF 132 -98.70 45.11 58.83
C ALA QF 132 -98.86 45.51 57.37
N TYR QF 133 -100.08 45.88 56.99
CA TYR QF 133 -100.34 46.39 55.66
C TYR QF 133 -101.77 46.86 55.53
N ALA RF 2 -129.03 7.71 27.89
CA ALA RF 2 -128.46 6.63 27.04
C ALA RF 2 -128.21 5.37 27.86
N LYS RF 3 -129.18 5.02 28.70
CA LYS RF 3 -129.05 3.85 29.55
C LYS RF 3 -128.99 2.59 28.70
N LEU RF 4 -128.22 1.62 29.17
CA LEU RF 4 -127.93 0.41 28.40
C LEU RF 4 -128.77 -0.73 28.94
N GLU RF 5 -129.48 -1.42 28.05
CA GLU RF 5 -130.36 -2.50 28.44
C GLU RF 5 -130.66 -3.35 27.21
N THR RF 6 -131.43 -4.41 27.39
CA THR RF 6 -131.73 -5.33 26.32
C THR RF 6 -132.55 -4.62 25.25
N VAL RF 7 -132.18 -4.82 23.98
CA VAL RF 7 -132.86 -4.20 22.87
C VAL RF 7 -133.44 -5.29 21.98
N THR RF 8 -134.70 -5.13 21.61
CA THR RF 8 -135.44 -6.09 20.82
C THR RF 8 -135.74 -5.44 19.47
N LEU RF 9 -134.98 -5.84 18.46
CA LEU RF 9 -135.09 -5.28 17.13
C LEU RF 9 -135.97 -6.21 16.32
N GLY RF 10 -137.20 -5.79 16.03
CA GLY RF 10 -138.11 -6.60 15.26
C GLY RF 10 -138.24 -6.11 13.83
N ASN RF 11 -138.89 -6.89 12.97
CA ASN RF 11 -139.12 -6.48 11.60
C ASN RF 11 -137.78 -6.32 10.87
N ILE RF 12 -137.03 -7.41 10.82
CA ILE RF 12 -135.64 -7.38 10.38
C ILE RF 12 -135.49 -8.36 9.23
N GLY RF 13 -134.57 -8.06 8.33
CA GLY RF 13 -134.23 -8.97 7.24
C GLY RF 13 -134.96 -8.61 5.96
N LYS RF 14 -134.77 -9.47 4.95
CA LYS RF 14 -135.32 -9.18 3.63
C LYS RF 14 -136.83 -9.02 3.70
N ASP RF 15 -137.51 -9.99 4.31
CA ASP RF 15 -138.96 -9.92 4.41
C ASP RF 15 -139.41 -9.15 5.65
N GLY RF 16 -138.47 -8.81 6.52
CA GLY RF 16 -138.80 -8.14 7.77
C GLY RF 16 -139.55 -9.01 8.75
N LYS RF 17 -139.10 -10.25 8.95
CA LYS RF 17 -139.73 -11.16 9.88
C LYS RF 17 -138.83 -11.64 11.00
N GLN RF 18 -137.52 -11.64 10.83
CA GLN RF 18 -136.68 -12.11 11.92
C GLN RF 18 -136.72 -11.10 13.06
N THR RF 19 -136.07 -11.46 14.16
CA THR RF 19 -135.93 -10.57 15.31
C THR RF 19 -134.58 -10.82 15.96
N LEU RF 20 -134.01 -9.75 16.51
CA LEU RF 20 -132.71 -9.82 17.14
C LEU RF 20 -132.76 -9.19 18.52
N VAL RF 21 -132.29 -9.91 19.52
CA VAL RF 21 -132.25 -9.43 20.89
C VAL RF 21 -130.79 -9.23 21.26
N LEU RF 22 -130.43 -8.01 21.60
CA LEU RF 22 -129.07 -7.67 21.97
C LEU RF 22 -129.02 -7.27 23.44
N ASN RF 23 -128.27 -7.99 24.18
CA ASN RF 23 -127.99 -7.74 25.58
C ASN RF 23 -126.77 -6.83 25.71
N PRO RF 24 -126.72 -6.06 26.78
CA PRO RF 24 -125.62 -5.12 26.97
C PRO RF 24 -124.36 -5.83 27.44
N ARG RF 25 -123.26 -5.09 27.38
CA ARG RF 25 -122.00 -5.57 27.91
C ARG RF 25 -121.33 -4.45 28.69
N GLY RF 26 -120.03 -4.56 28.91
CA GLY RF 26 -119.28 -3.54 29.62
C GLY RF 26 -118.91 -2.38 28.70
N VAL RF 27 -118.78 -1.20 29.31
CA VAL RF 27 -118.32 -0.03 28.57
C VAL RF 27 -116.80 -0.06 28.52
N ASN RF 28 -116.24 -0.11 27.32
CA ASN RF 28 -114.79 -0.15 27.20
C ASN RF 28 -114.18 1.05 27.90
N PRO RF 29 -113.54 0.86 29.05
CA PRO RF 29 -112.97 2.01 29.76
C PRO RF 29 -111.91 2.75 28.97
N THR RF 30 -111.10 2.04 28.17
CA THR RF 30 -109.99 2.71 27.51
C THR RF 30 -110.44 3.71 26.47
N ASN RF 31 -111.67 3.59 25.98
CA ASN RF 31 -112.15 4.50 24.96
C ASN RF 31 -113.57 4.97 25.18
N GLY RF 32 -114.26 4.47 26.20
CA GLY RF 32 -115.65 4.84 26.41
C GLY RF 32 -116.54 4.42 25.25
N VAL RF 33 -116.69 3.11 25.05
CA VAL RF 33 -117.57 2.58 24.02
C VAL RF 33 -118.45 1.52 24.64
N ALA RF 34 -119.77 1.69 24.52
CA ALA RF 34 -120.70 0.68 24.97
C ALA RF 34 -120.89 -0.37 23.88
N SER RF 35 -121.18 -1.60 24.30
CA SER RF 35 -121.29 -2.70 23.37
C SER RF 35 -122.52 -3.55 23.69
N LEU RF 36 -123.15 -4.02 22.63
CA LEU RF 36 -124.30 -4.90 22.72
C LEU RF 36 -123.99 -6.13 21.88
N SER RF 37 -124.60 -7.26 22.24
CA SER RF 37 -124.33 -8.48 21.49
C SER RF 37 -125.54 -9.40 21.58
N GLN RF 38 -125.59 -10.36 20.66
CA GLN RF 38 -126.72 -11.27 20.56
C GLN RF 38 -127.03 -11.90 21.91
N ALA RF 39 -128.25 -12.39 22.10
CA ALA RF 39 -128.64 -12.94 23.38
C ALA RF 39 -127.68 -14.03 23.84
N GLY RF 40 -127.06 -14.73 22.91
CA GLY RF 40 -126.09 -15.76 23.24
C GLY RF 40 -126.58 -17.13 22.81
N ALA RF 41 -125.81 -18.16 23.21
CA ALA RF 41 -124.66 -17.98 24.09
C ALA RF 41 -123.42 -17.50 23.34
N VAL RF 42 -122.85 -18.36 22.50
CA VAL RF 42 -121.67 -17.95 21.74
C VAL RF 42 -122.00 -16.78 20.84
N PRO RF 43 -123.15 -16.71 20.16
CA PRO RF 43 -123.47 -15.52 19.37
C PRO RF 43 -123.19 -14.22 20.10
N ALA RF 44 -123.20 -14.24 21.44
CA ALA RF 44 -122.78 -13.06 22.19
C ALA RF 44 -121.35 -12.67 21.87
N LEU RF 45 -120.49 -13.66 21.61
CA LEU RF 45 -119.11 -13.40 21.21
C LEU RF 45 -118.90 -13.50 19.71
N GLU RF 46 -119.95 -13.34 18.91
CA GLU RF 46 -119.81 -13.14 17.46
C GLU RF 46 -120.49 -11.87 16.97
N LYS RF 47 -121.77 -11.68 17.27
CA LYS RF 47 -122.47 -10.48 16.84
C LYS RF 47 -122.15 -9.31 17.77
N ARG RF 48 -121.93 -8.13 17.21
CA ARG RF 48 -121.54 -6.98 18.01
C ARG RF 48 -122.16 -5.69 17.48
N VAL RF 49 -122.44 -4.78 18.41
CA VAL RF 49 -122.96 -3.46 18.09
C VAL RF 49 -122.37 -2.48 19.08
N THR RF 50 -121.48 -1.61 18.62
CA THR RF 50 -120.78 -0.68 19.50
C THR RF 50 -121.28 0.73 19.27
N VAL RF 51 -121.33 1.51 20.34
CA VAL RF 51 -121.79 2.89 20.31
C VAL RF 51 -120.84 3.75 21.12
N SER RF 52 -120.55 4.94 20.62
CA SER RF 52 -119.69 5.88 21.33
C SER RF 52 -120.07 7.30 20.99
N VAL RF 53 -119.84 8.19 21.96
CA VAL RF 53 -120.10 9.61 21.79
C VAL RF 53 -118.92 10.43 22.27
N SER RF 54 -117.98 10.72 21.38
CA SER RF 54 -116.84 11.54 21.76
C SER RF 54 -117.26 13.00 21.85
N GLN RF 55 -117.06 13.57 23.02
CA GLN RF 55 -117.41 14.95 23.32
C GLN RF 55 -116.42 15.88 22.64
N PRO RF 56 -116.55 17.20 22.81
CA PRO RF 56 -115.59 18.11 22.21
C PRO RF 56 -114.21 17.79 22.72
N SER RF 57 -113.22 17.97 21.87
CA SER RF 57 -111.86 17.85 22.32
C SER RF 57 -111.03 18.85 21.52
N ARG RF 58 -109.72 18.62 21.51
CA ARG RF 58 -108.82 19.51 20.81
C ARG RF 58 -108.84 19.19 19.33
N ASN RF 59 -108.76 17.90 19.00
CA ASN RF 59 -109.01 17.42 17.64
C ASN RF 59 -110.50 17.44 17.32
N ARG RF 60 -111.35 17.05 18.28
CA ARG RF 60 -112.80 17.16 18.15
C ARG RF 60 -113.29 18.59 18.28
N LYS RF 61 -114.37 18.93 17.56
CA LYS RF 61 -114.84 20.32 17.59
C LYS RF 61 -116.28 20.56 18.05
N ASN RF 62 -117.36 20.11 17.36
CA ASN RF 62 -117.58 18.95 16.48
C ASN RF 62 -117.64 17.60 17.19
N TYR RF 63 -118.69 17.47 18.00
CA TYR RF 63 -119.08 16.20 18.60
C TYR RF 63 -119.04 15.08 17.56
N LYS RF 64 -118.66 13.87 17.99
CA LYS RF 64 -118.65 12.72 17.08
C LYS RF 64 -119.41 11.55 17.69
N VAL RF 65 -120.47 11.11 17.04
CA VAL RF 65 -121.22 9.94 17.48
C VAL RF 65 -120.95 8.81 16.51
N GLN RF 66 -120.37 7.73 17.02
CA GLN RF 66 -120.03 6.56 16.22
C GLN RF 66 -120.93 5.40 16.59
N VAL RF 67 -121.36 4.67 15.57
CA VAL RF 67 -122.15 3.46 15.75
C VAL RF 67 -121.59 2.43 14.78
N LYS RF 68 -120.95 1.39 15.31
CA LYS RF 68 -120.42 0.32 14.48
C LYS RF 68 -121.25 -0.92 14.67
N ILE RF 69 -121.46 -1.66 13.59
CA ILE RF 69 -122.24 -2.88 13.60
C ILE RF 69 -121.40 -3.95 12.94
N GLN RF 70 -121.39 -5.14 13.53
CA GLN RF 70 -120.45 -6.18 13.15
C GLN RF 70 -121.15 -7.53 13.22
N ASN RF 71 -121.34 -8.17 12.07
CA ASN RF 71 -121.96 -9.48 12.01
C ASN RF 71 -121.05 -10.45 11.28
N PRO RF 72 -120.42 -11.37 11.95
CA PRO RF 72 -119.66 -12.40 11.26
C PRO RF 72 -120.47 -13.66 11.02
N THR RF 73 -120.48 -14.13 9.78
CA THR RF 73 -121.07 -15.43 9.47
C THR RF 73 -120.01 -16.50 9.57
N ALA RF 74 -120.36 -17.59 10.26
CA ALA RF 74 -119.48 -18.73 10.42
C ALA RF 74 -120.20 -19.98 9.98
N CYS RF 75 -119.43 -21.05 9.89
CA CYS RF 75 -119.95 -22.36 9.51
C CYS RF 75 -119.05 -23.41 10.11
N THR RF 76 -119.56 -24.63 10.17
CA THR RF 76 -118.82 -25.78 10.67
C THR RF 76 -118.53 -26.69 9.50
N ALA RF 77 -117.25 -26.95 9.25
CA ALA RF 77 -116.87 -27.84 8.17
C ALA RF 77 -117.40 -29.24 8.44
N ASN RF 78 -117.66 -29.98 7.37
CA ASN RF 78 -118.22 -31.31 7.51
C ASN RF 78 -117.16 -32.24 8.07
N GLY RF 79 -117.11 -32.33 9.40
CA GLY RF 79 -116.14 -33.15 10.10
C GLY RF 79 -115.58 -32.42 11.30
N SER RF 80 -115.51 -31.10 11.20
CA SER RF 80 -115.10 -30.27 12.33
C SER RF 80 -116.30 -30.10 13.24
N CYS RF 81 -116.14 -29.45 14.40
CA CYS RF 81 -117.35 -29.13 15.15
C CYS RF 81 -117.38 -27.69 15.65
N ASP RF 82 -116.26 -27.14 16.08
CA ASP RF 82 -116.25 -25.74 16.46
C ASP RF 82 -116.40 -24.85 15.22
N PRO RF 83 -117.39 -23.95 15.18
CA PRO RF 83 -117.62 -23.17 13.97
C PRO RF 83 -116.54 -22.12 13.78
N SER RF 84 -116.17 -21.90 12.53
CA SER RF 84 -115.21 -20.85 12.20
C SER RF 84 -115.86 -19.82 11.30
N VAL RF 85 -115.42 -18.58 11.46
CA VAL RF 85 -115.98 -17.46 10.72
C VAL RF 85 -115.47 -17.52 9.29
N THR RF 86 -116.38 -17.57 8.33
CA THR RF 86 -115.99 -17.54 6.94
C THR RF 86 -116.24 -16.20 6.29
N ARG RF 87 -117.17 -15.40 6.80
CA ARG RF 87 -117.41 -14.08 6.27
C ARG RF 87 -117.66 -13.12 7.42
N GLN RF 88 -117.47 -11.82 7.14
CA GLN RF 88 -117.64 -10.80 8.17
C GLN RF 88 -118.16 -9.54 7.50
N ALA RF 89 -119.43 -9.21 7.72
CA ALA RF 89 -119.96 -7.95 7.25
C ALA RF 89 -119.96 -6.95 8.39
N TYR RF 90 -119.71 -5.68 8.07
CA TYR RF 90 -119.82 -4.67 9.11
C TYR RF 90 -120.00 -3.31 8.49
N ALA RF 91 -120.55 -2.41 9.30
CA ALA RF 91 -120.90 -1.07 8.85
C ALA RF 91 -120.61 -0.09 9.96
N ASP RF 92 -120.45 1.18 9.57
CA ASP RF 92 -120.23 2.26 10.52
C ASP RF 92 -121.03 3.48 10.13
N VAL RF 93 -121.67 4.09 11.12
CA VAL RF 93 -122.29 5.40 10.99
C VAL RF 93 -121.53 6.36 11.87
N THR RF 94 -121.24 7.55 11.35
CA THR RF 94 -120.55 8.59 12.09
C THR RF 94 -121.32 9.89 11.88
N PHE RF 95 -122.01 10.34 12.91
CA PHE RF 95 -122.62 11.66 12.91
C PHE RF 95 -121.62 12.66 13.46
N SER RF 96 -121.42 13.76 12.74
CA SER RF 96 -120.59 14.85 13.20
C SER RF 96 -121.49 16.04 13.46
N PHE RF 97 -121.59 16.45 14.72
CA PHE RF 97 -122.48 17.52 15.13
C PHE RF 97 -121.69 18.72 15.61
N THR RF 98 -122.22 19.90 15.33
CA THR RF 98 -121.59 21.11 15.81
C THR RF 98 -122.04 21.41 17.23
N GLN RF 99 -121.15 22.07 17.97
CA GLN RF 99 -121.40 22.32 19.38
C GLN RF 99 -122.68 23.10 19.57
N TYR RF 100 -123.04 23.90 18.57
CA TYR RF 100 -124.28 24.66 18.56
C TYR RF 100 -125.42 23.93 17.88
N SER RF 101 -125.23 22.65 17.55
CA SER RF 101 -126.31 21.89 16.97
C SER RF 101 -127.52 21.91 17.89
N THR RF 102 -128.66 21.51 17.34
CA THR RF 102 -129.91 21.45 18.09
C THR RF 102 -130.46 20.03 18.08
N ASP RF 103 -131.07 19.65 19.20
CA ASP RF 103 -131.82 18.40 19.23
C ASP RF 103 -132.69 18.25 18.01
N GLU RF 104 -133.37 19.34 17.62
CA GLU RF 104 -134.18 19.33 16.41
C GLU RF 104 -133.41 18.72 15.26
N GLU RF 105 -132.30 19.34 14.89
CA GLU RF 105 -131.57 18.93 13.72
C GLU RF 105 -131.04 17.52 13.89
N ARG RF 106 -130.57 17.18 15.08
CA ARG RF 106 -130.00 15.86 15.28
C ARG RF 106 -131.05 14.77 15.06
N ALA RF 107 -132.21 14.92 15.68
CA ALA RF 107 -133.28 13.94 15.47
C ALA RF 107 -133.68 13.93 14.00
N PHE RF 108 -133.74 15.10 13.38
CA PHE RF 108 -134.08 15.18 11.98
C PHE RF 108 -133.15 14.32 11.15
N VAL RF 109 -131.85 14.51 11.32
CA VAL RF 109 -130.89 13.79 10.50
C VAL RF 109 -130.96 12.30 10.82
N ARG RF 110 -131.18 11.95 12.08
CA ARG RF 110 -131.27 10.53 12.41
C ARG RF 110 -132.41 9.87 11.67
N THR RF 111 -133.60 10.40 11.83
CA THR RF 111 -134.74 9.80 11.16
C THR RF 111 -134.57 9.84 9.65
N GLU RF 112 -133.87 10.86 9.14
CA GLU RF 112 -133.69 10.94 7.71
C GLU RF 112 -132.82 9.80 7.23
N LEU RF 113 -131.72 9.55 7.93
CA LEU RF 113 -130.90 8.39 7.59
C LEU RF 113 -131.73 7.13 7.67
N ALA RF 114 -132.56 7.01 8.71
CA ALA RF 114 -133.36 5.80 8.85
C ALA RF 114 -134.27 5.61 7.66
N ALA RF 115 -135.00 6.65 7.29
CA ALA RF 115 -135.96 6.49 6.21
C ALA RF 115 -135.26 6.28 4.88
N LEU RF 116 -134.12 6.93 4.65
CA LEU RF 116 -133.35 6.66 3.44
C LEU RF 116 -132.95 5.20 3.41
N LEU RF 117 -132.40 4.72 4.52
CA LEU RF 117 -131.98 3.33 4.59
C LEU RF 117 -133.18 2.43 4.30
N ALA RF 118 -134.39 2.87 4.65
CA ALA RF 118 -135.61 2.13 4.31
C ALA RF 118 -136.08 2.37 2.88
N SER RF 119 -135.54 3.33 2.19
CA SER RF 119 -136.01 3.72 0.88
C SER RF 119 -135.67 2.67 -0.17
N PRO RF 120 -136.44 2.61 -1.26
CA PRO RF 120 -136.06 1.70 -2.37
C PRO RF 120 -134.63 1.90 -2.83
N LEU RF 121 -134.18 3.15 -2.81
CA LEU RF 121 -132.85 3.46 -3.31
C LEU RF 121 -131.80 2.61 -2.61
N LEU RF 122 -131.64 2.79 -1.31
CA LEU RF 122 -130.54 2.11 -0.64
C LEU RF 122 -130.80 0.62 -0.47
N ILE RF 123 -132.07 0.20 -0.35
CA ILE RF 123 -132.33 -1.24 -0.34
C ILE RF 123 -131.73 -1.87 -1.59
N ASP RF 124 -131.95 -1.27 -2.76
CA ASP RF 124 -131.40 -1.87 -3.96
C ASP RF 124 -129.90 -1.63 -4.05
N ALA RF 125 -129.43 -0.50 -3.55
CA ALA RF 125 -128.01 -0.19 -3.62
C ALA RF 125 -127.17 -1.05 -2.70
N ILE RF 126 -127.78 -1.62 -1.68
CA ILE RF 126 -127.07 -2.36 -0.65
C ILE RF 126 -127.24 -3.83 -0.93
N ASP RF 127 -128.49 -4.27 -0.89
CA ASP RF 127 -128.75 -5.69 -0.80
C ASP RF 127 -128.47 -6.38 -2.12
N GLN RF 128 -128.73 -5.70 -3.22
CA GLN RF 128 -128.25 -6.14 -4.51
C GLN RF 128 -126.99 -5.42 -4.96
N LEU RF 129 -126.52 -4.44 -4.19
CA LEU RF 129 -125.25 -3.81 -4.48
C LEU RF 129 -125.28 -3.17 -5.86
N ASN RF 130 -126.38 -2.48 -6.16
CA ASN RF 130 -126.65 -1.95 -7.48
C ASN RF 130 -126.43 -0.46 -7.48
N PRO RF 131 -125.39 0.06 -8.13
CA PRO RF 131 -125.23 1.51 -8.18
C PRO RF 131 -126.45 2.15 -8.81
N ALA RF 132 -126.67 3.42 -8.47
CA ALA RF 132 -127.91 4.07 -8.86
C ALA RF 132 -127.76 4.66 -10.24
N TYR RF 133 -128.24 3.96 -11.26
CA TYR RF 133 -128.40 4.54 -12.58
C TYR RF 133 -129.67 4.02 -13.23
N ALA SF 2 -123.34 7.29 45.96
CA ALA SF 2 -123.19 8.59 45.26
C ALA SF 2 -123.80 8.49 43.86
N LYS SF 3 -124.81 7.63 43.72
CA LYS SF 3 -125.41 7.40 42.42
C LYS SF 3 -125.99 8.69 41.85
N LEU SF 4 -125.76 8.90 40.56
CA LEU SF 4 -126.23 10.11 39.91
C LEU SF 4 -127.73 10.24 40.03
N GLU SF 5 -128.22 11.47 39.90
CA GLU SF 5 -129.62 11.76 40.16
C GLU SF 5 -129.87 13.24 39.95
N THR SF 6 -131.15 13.58 39.77
CA THR SF 6 -131.56 14.96 39.59
C THR SF 6 -131.13 15.81 40.78
N VAL SF 7 -130.22 16.76 40.56
CA VAL SF 7 -129.78 17.62 41.63
C VAL SF 7 -130.57 18.91 41.56
N THR SF 8 -131.22 19.27 42.67
CA THR SF 8 -132.05 20.46 42.76
C THR SF 8 -131.39 21.42 43.73
N LEU SF 9 -130.80 22.47 43.19
CA LEU SF 9 -130.10 23.46 43.97
C LEU SF 9 -131.07 24.58 44.29
N GLY SF 10 -131.26 24.87 45.57
CA GLY SF 10 -132.34 25.73 46.01
C GLY SF 10 -132.07 27.20 45.76
N ASN SF 11 -132.36 28.05 46.74
CA ASN SF 11 -132.19 29.48 46.56
C ASN SF 11 -130.74 29.78 46.18
N ILE SF 12 -130.56 30.69 45.24
CA ILE SF 12 -129.32 30.80 44.49
C ILE SF 12 -129.23 32.22 43.95
N GLY SF 13 -128.07 32.83 44.10
CA GLY SF 13 -127.79 34.13 43.52
C GLY SF 13 -127.57 35.17 44.59
N LYS SF 14 -127.58 36.44 44.18
CA LYS SF 14 -127.44 37.51 45.15
C LYS SF 14 -128.62 37.53 46.12
N ASP SF 15 -129.81 37.77 45.61
CA ASP SF 15 -130.97 37.73 46.49
C ASP SF 15 -131.32 36.34 46.96
N GLY SF 16 -130.67 35.31 46.40
CA GLY SF 16 -131.00 33.95 46.79
C GLY SF 16 -132.45 33.64 46.53
N LYS SF 17 -132.84 33.66 45.26
CA LYS SF 17 -134.22 33.35 44.90
C LYS SF 17 -134.36 32.40 43.73
N GLN SF 18 -133.33 32.15 42.96
CA GLN SF 18 -133.47 31.26 41.82
C GLN SF 18 -133.13 29.84 42.25
N THR SF 19 -133.32 28.91 41.31
CA THR SF 19 -133.11 27.51 41.59
C THR SF 19 -132.64 26.82 40.33
N LEU SF 20 -131.76 25.85 40.50
CA LEU SF 20 -131.18 25.13 39.38
C LEU SF 20 -131.58 23.68 39.47
N VAL SF 21 -131.75 23.04 38.33
CA VAL SF 21 -132.08 21.62 38.26
C VAL SF 21 -131.15 20.98 37.25
N LEU SF 22 -130.20 20.20 37.73
CA LEU SF 22 -129.22 19.55 36.90
C LEU SF 22 -129.60 18.09 36.72
N ASN SF 23 -129.72 17.69 35.47
CA ASN SF 23 -130.10 16.33 35.13
C ASN SF 23 -128.85 15.43 35.11
N PRO SF 24 -128.97 14.20 35.62
CA PRO SF 24 -127.84 13.28 35.51
C PRO SF 24 -127.47 13.00 34.05
N ARG SF 25 -126.27 13.45 33.69
CA ARG SF 25 -125.83 13.57 32.31
C ARG SF 25 -125.25 12.23 31.86
N GLY SF 26 -124.16 11.81 32.48
CA GLY SF 26 -123.48 10.60 32.12
C GLY SF 26 -122.21 10.47 32.95
N VAL SF 27 -121.35 9.54 32.59
CA VAL SF 27 -120.07 9.39 33.26
C VAL SF 27 -119.03 8.97 32.24
N ASN SF 28 -118.15 9.87 31.87
CA ASN SF 28 -117.05 9.50 30.99
C ASN SF 28 -116.11 8.58 31.75
N PRO SF 29 -115.81 7.40 31.25
CA PRO SF 29 -114.90 6.51 31.96
C PRO SF 29 -113.44 6.74 31.61
N THR SF 30 -113.16 7.43 30.51
CA THR SF 30 -111.77 7.65 30.15
C THR SF 30 -111.02 8.35 31.27
N ASN SF 31 -111.74 9.09 32.10
CA ASN SF 31 -111.14 9.78 33.22
C ASN SF 31 -111.99 9.67 34.48
N GLY SF 32 -112.99 8.81 34.48
CA GLY SF 32 -113.83 8.65 35.65
C GLY SF 32 -114.44 9.96 36.10
N VAL SF 33 -115.24 10.58 35.25
CA VAL SF 33 -115.85 11.88 35.56
C VAL SF 33 -117.35 11.77 35.35
N ALA SF 34 -118.11 11.98 36.41
CA ALA SF 34 -119.55 12.08 36.29
C ALA SF 34 -119.94 13.50 35.97
N SER SF 35 -120.93 13.64 35.09
CA SER SF 35 -121.32 14.94 34.57
C SER SF 35 -122.78 15.21 34.86
N LEU SF 36 -123.11 16.49 34.99
CA LEU SF 36 -124.46 16.98 35.16
C LEU SF 36 -124.63 18.18 34.25
N SER SF 37 -125.84 18.35 33.72
CA SER SF 37 -126.13 19.48 32.87
C SER SF 37 -127.52 20.01 33.19
N GLN SF 38 -127.69 21.32 33.02
CA GLN SF 38 -129.04 21.87 33.09
C GLN SF 38 -129.87 21.32 31.93
N ALA SF 39 -131.17 21.24 32.15
CA ALA SF 39 -132.07 20.80 31.10
C ALA SF 39 -132.12 21.84 30.00
N GLY SF 40 -131.86 21.42 28.77
CA GLY SF 40 -131.87 22.32 27.63
C GLY SF 40 -131.77 21.58 26.32
N ALA SF 41 -131.37 22.27 25.25
CA ALA SF 41 -131.19 21.60 23.97
C ALA SF 41 -129.81 21.82 23.40
N VAL SF 42 -129.33 23.05 23.45
CA VAL SF 42 -128.07 23.40 22.80
C VAL SF 42 -126.95 23.14 23.80
N PRO SF 43 -126.11 22.15 23.58
CA PRO SF 43 -125.09 21.86 24.60
C PRO SF 43 -124.19 23.04 24.87
N ALA SF 44 -124.09 23.97 23.93
CA ALA SF 44 -123.26 25.15 24.10
C ALA SF 44 -123.83 26.17 25.07
N LEU SF 45 -125.11 26.07 25.40
CA LEU SF 45 -125.77 27.06 26.23
C LEU SF 45 -126.35 26.40 27.46
N GLU SF 46 -125.57 25.57 28.13
CA GLU SF 46 -126.10 24.83 29.24
C GLU SF 46 -125.07 24.78 30.36
N LYS SF 47 -125.54 25.00 31.58
CA LYS SF 47 -124.67 25.03 32.75
C LYS SF 47 -124.28 23.61 33.11
N ARG SF 48 -122.98 23.36 33.21
CA ARG SF 48 -122.43 22.03 33.33
C ARG SF 48 -121.67 21.89 34.64
N VAL SF 49 -121.65 20.68 35.16
CA VAL SF 49 -120.91 20.37 36.38
C VAL SF 49 -120.26 19.01 36.21
N THR SF 50 -119.07 18.84 36.79
CA THR SF 50 -118.35 17.58 36.67
C THR SF 50 -117.69 17.24 38.00
N VAL SF 51 -117.79 15.97 38.38
CA VAL SF 51 -117.24 15.46 39.62
C VAL SF 51 -116.32 14.30 39.29
N SER SF 52 -115.13 14.31 39.88
CA SER SF 52 -114.16 13.25 39.67
C SER SF 52 -113.52 12.85 40.99
N VAL SF 53 -113.27 11.55 41.13
CA VAL SF 53 -112.75 10.94 42.34
C VAL SF 53 -111.51 10.16 41.96
N SER SF 54 -110.35 10.80 42.08
CA SER SF 54 -109.09 10.17 41.71
C SER SF 54 -108.49 9.45 42.91
N GLN SF 55 -108.36 8.14 42.79
CA GLN SF 55 -107.79 7.34 43.86
C GLN SF 55 -106.27 7.47 43.86
N PRO SF 56 -105.62 7.19 44.99
CA PRO SF 56 -104.18 7.40 45.10
C PRO SF 56 -103.42 6.46 44.19
N SER SF 57 -102.60 7.05 43.32
CA SER SF 57 -101.85 6.33 42.30
C SER SF 57 -100.51 5.88 42.85
N ARG SF 58 -99.78 5.13 42.03
CA ARG SF 58 -98.40 4.78 42.32
C ARG SF 58 -97.49 5.98 42.33
N ASN SF 59 -97.94 7.12 41.81
CA ASN SF 59 -97.09 8.29 41.67
C ASN SF 59 -97.64 9.52 42.37
N ARG SF 60 -98.79 9.39 43.05
CA ARG SF 60 -99.36 10.48 43.82
C ARG SF 60 -99.53 10.12 45.29
N LYS SF 61 -100.12 8.97 45.55
CA LYS SF 61 -100.38 8.53 46.92
C LYS SF 61 -101.22 9.58 47.66
N ASN SF 62 -102.34 9.94 47.04
CA ASN SF 62 -103.23 10.92 47.65
C ASN SF 62 -104.59 10.85 46.99
N TYR SF 63 -105.64 10.87 47.80
CA TYR SF 63 -106.98 10.91 47.24
C TYR SF 63 -107.32 12.32 46.83
N LYS SF 64 -107.84 12.48 45.60
CA LYS SF 64 -108.21 13.79 45.09
C LYS SF 64 -109.66 13.77 44.66
N VAL SF 65 -110.34 14.89 44.85
CA VAL SF 65 -111.70 15.05 44.38
C VAL SF 65 -111.79 16.38 43.67
N GLN SF 66 -112.14 16.35 42.40
CA GLN SF 66 -112.20 17.55 41.58
C GLN SF 66 -113.64 17.85 41.23
N VAL SF 67 -114.03 19.11 41.37
CA VAL SF 67 -115.36 19.56 41.05
C VAL SF 67 -115.23 20.78 40.15
N LYS SF 68 -115.63 20.65 38.91
CA LYS SF 68 -115.59 21.74 37.95
C LYS SF 68 -117.01 22.18 37.65
N ILE SF 69 -117.20 23.49 37.50
CA ILE SF 69 -118.50 24.06 37.20
C ILE SF 69 -118.31 25.08 36.09
N GLN SF 70 -119.15 24.99 35.07
CA GLN SF 70 -119.03 25.82 33.88
C GLN SF 70 -120.38 26.47 33.63
N ASN SF 71 -120.37 27.79 33.48
CA ASN SF 71 -121.60 28.53 33.21
C ASN SF 71 -121.39 29.45 32.03
N PRO SF 72 -121.98 29.17 30.87
CA PRO SF 72 -121.85 30.06 29.73
C PRO SF 72 -123.01 31.04 29.66
N THR SF 73 -122.78 32.12 28.92
CA THR SF 73 -123.75 33.19 28.84
C THR SF 73 -124.47 33.19 27.50
N ALA SF 74 -125.73 33.61 27.54
CA ALA SF 74 -126.59 33.58 26.36
C ALA SF 74 -126.11 34.56 25.30
N CYS SF 75 -126.16 35.85 25.62
CA CYS SF 75 -125.63 36.86 24.71
C CYS SF 75 -126.36 36.74 23.35
N THR SF 76 -127.68 36.61 23.43
CA THR SF 76 -128.49 36.31 22.25
C THR SF 76 -128.77 37.55 21.41
N ALA SF 77 -128.64 37.38 20.09
CA ALA SF 77 -128.78 38.46 19.12
C ALA SF 77 -130.22 38.64 18.70
N ASN SF 78 -130.52 39.84 18.20
CA ASN SF 78 -131.87 40.19 17.75
C ASN SF 78 -132.13 39.51 16.41
N GLY SF 79 -132.15 38.18 16.45
CA GLY SF 79 -132.52 37.37 15.30
C GLY SF 79 -131.32 36.68 14.68
N SER SF 80 -131.47 36.31 13.42
CA SER SF 80 -130.44 35.83 12.51
C SER SF 80 -129.96 34.42 12.83
N CYS SF 81 -130.01 34.01 14.09
CA CYS SF 81 -130.05 32.60 14.51
C CYS SF 81 -129.74 32.54 16.01
N ASP SF 82 -129.74 31.33 16.55
CA ASP SF 82 -129.62 31.11 17.98
C ASP SF 82 -128.46 31.90 18.57
N PRO SF 83 -128.43 32.05 19.89
CA PRO SF 83 -127.36 32.82 20.53
C PRO SF 83 -126.01 32.13 20.34
N SER SF 84 -124.97 32.85 20.72
CA SER SF 84 -123.62 32.34 20.71
C SER SF 84 -122.97 32.62 22.06
N VAL SF 85 -122.03 31.77 22.44
CA VAL SF 85 -121.40 31.90 23.75
C VAL SF 85 -120.40 33.05 23.70
N THR SF 86 -120.48 33.92 24.70
CA THR SF 86 -119.57 35.06 24.80
C THR SF 86 -118.78 35.09 26.09
N ARG SF 87 -119.36 34.64 27.19
CA ARG SF 87 -118.68 34.61 28.47
C ARG SF 87 -118.91 33.25 29.12
N GLN SF 88 -117.91 32.79 29.86
CA GLN SF 88 -117.93 31.44 30.42
C GLN SF 88 -117.25 31.49 31.77
N ALA SF 89 -118.03 31.45 32.83
CA ALA SF 89 -117.49 31.44 34.18
C ALA SF 89 -117.12 30.01 34.55
N TYR SF 90 -115.86 29.82 34.96
CA TYR SF 90 -115.40 28.53 35.42
C TYR SF 90 -115.14 28.60 36.91
N ALA SF 91 -115.45 27.52 37.61
CA ALA SF 91 -115.01 27.36 38.98
C ALA SF 91 -114.48 25.95 39.16
N ASP SF 92 -113.44 25.83 39.97
CA ASP SF 92 -112.63 24.62 40.04
C ASP SF 92 -112.25 24.40 41.49
N VAL SF 93 -112.74 23.32 42.08
CA VAL SF 93 -112.41 22.97 43.46
C VAL SF 93 -111.68 21.64 43.45
N THR SF 94 -110.69 21.52 44.32
CA THR SF 94 -109.83 20.33 44.35
C THR SF 94 -109.54 19.99 45.81
N PHE SF 95 -110.31 19.07 46.35
CA PHE SF 95 -110.02 18.53 47.68
C PHE SF 95 -108.90 17.51 47.56
N SER SF 96 -107.98 17.54 48.52
CA SER SF 96 -106.87 16.60 48.54
C SER SF 96 -106.71 16.06 49.96
N PHE SF 97 -106.61 14.74 50.07
CA PHE SF 97 -106.57 14.06 51.35
C PHE SF 97 -105.54 12.93 51.22
N THR SF 98 -105.04 12.43 52.34
CA THR SF 98 -104.15 11.29 52.24
C THR SF 98 -104.76 10.04 52.89
N GLN SF 99 -104.07 8.91 52.70
CA GLN SF 99 -104.71 7.62 52.87
C GLN SF 99 -105.38 7.49 54.21
N TYR SF 100 -104.73 7.93 55.27
CA TYR SF 100 -105.26 7.73 56.60
C TYR SF 100 -106.18 8.86 57.03
N SER SF 101 -106.82 9.51 56.08
CA SER SF 101 -107.72 10.59 56.42
C SER SF 101 -108.93 10.06 57.16
N THR SF 102 -109.70 10.96 57.73
CA THR SF 102 -110.93 10.61 58.41
C THR SF 102 -112.08 11.35 57.77
N ASP SF 103 -113.15 10.61 57.51
CA ASP SF 103 -114.39 11.24 57.09
C ASP SF 103 -114.66 12.49 57.91
N GLU SF 104 -114.35 12.44 59.20
CA GLU SF 104 -114.61 13.59 60.04
C GLU SF 104 -113.90 14.82 59.49
N GLU SF 105 -112.59 14.72 59.30
CA GLU SF 105 -111.84 15.86 58.80
C GLU SF 105 -112.34 16.25 57.42
N ARG SF 106 -112.71 15.26 56.61
CA ARG SF 106 -113.09 15.57 55.24
C ARG SF 106 -114.37 16.40 55.24
N ALA SF 107 -115.37 15.95 55.99
CA ALA SF 107 -116.62 16.70 56.09
C ALA SF 107 -116.38 18.07 56.71
N PHE SF 108 -115.56 18.13 57.77
CA PHE SF 108 -115.12 19.42 58.26
C PHE SF 108 -114.73 20.31 57.10
N VAL SF 109 -113.68 19.90 56.38
CA VAL SF 109 -113.16 20.70 55.28
C VAL SF 109 -114.29 21.18 54.41
N ARG SF 110 -115.14 20.25 53.99
CA ARG SF 110 -116.22 20.60 53.09
C ARG SF 110 -117.06 21.73 53.68
N THR SF 111 -117.44 21.58 54.94
CA THR SF 111 -118.36 22.53 55.51
C THR SF 111 -117.73 23.90 55.66
N GLU SF 112 -116.45 23.98 56.05
CA GLU SF 112 -115.93 25.33 56.22
C GLU SF 112 -115.74 25.96 54.86
N LEU SF 113 -115.46 25.15 53.83
CA LEU SF 113 -115.48 25.71 52.50
C LEU SF 113 -116.83 26.34 52.21
N ALA SF 114 -117.91 25.62 52.52
CA ALA SF 114 -119.24 26.17 52.27
C ALA SF 114 -119.44 27.47 53.02
N ALA SF 115 -119.08 27.49 54.30
CA ALA SF 115 -119.28 28.68 55.09
C ALA SF 115 -118.48 29.84 54.54
N LEU SF 116 -117.26 29.59 54.08
CA LEU SF 116 -116.50 30.69 53.49
C LEU SF 116 -117.17 31.20 52.23
N LEU SF 117 -117.66 30.30 51.38
CA LEU SF 117 -118.46 30.77 50.25
C LEU SF 117 -119.62 31.62 50.69
N ALA SF 118 -120.13 31.42 51.91
CA ALA SF 118 -121.23 32.23 52.41
C ALA SF 118 -120.78 33.51 53.11
N SER SF 119 -119.55 33.55 53.61
CA SER SF 119 -119.11 34.64 54.48
C SER SF 119 -119.03 35.96 53.74
N PRO SF 120 -119.13 37.08 54.46
CA PRO SF 120 -119.00 38.39 53.79
C PRO SF 120 -117.70 38.51 53.03
N LEU SF 121 -116.63 37.89 53.51
CA LEU SF 121 -115.34 38.03 52.86
C LEU SF 121 -115.41 37.62 51.41
N LEU SF 122 -115.62 36.34 51.14
CA LEU SF 122 -115.63 35.89 49.76
C LEU SF 122 -116.74 36.56 48.98
N ILE SF 123 -117.85 36.88 49.65
CA ILE SF 123 -118.96 37.54 48.96
C ILE SF 123 -118.44 38.73 48.17
N ASP SF 124 -117.87 39.70 48.85
CA ASP SF 124 -117.43 40.89 48.14
C ASP SF 124 -116.09 40.66 47.49
N ALA SF 125 -115.41 39.56 47.82
CA ALA SF 125 -114.14 39.26 47.17
C ALA SF 125 -114.35 38.80 45.73
N ILE SF 126 -115.46 38.11 45.45
CA ILE SF 126 -115.71 37.68 44.08
C ILE SF 126 -116.78 38.55 43.44
N ASP SF 127 -117.89 38.81 44.16
CA ASP SF 127 -118.95 39.61 43.58
C ASP SF 127 -118.41 40.92 43.05
N GLN SF 128 -117.85 41.72 43.94
CA GLN SF 128 -117.22 42.96 43.51
C GLN SF 128 -115.77 42.79 43.11
N LEU SF 129 -115.25 41.56 43.17
CA LEU SF 129 -113.85 41.32 42.84
C LEU SF 129 -112.92 42.16 43.70
N ASN SF 130 -113.31 42.36 44.95
CA ASN SF 130 -112.55 43.22 45.85
C ASN SF 130 -111.34 42.46 46.36
N PRO SF 131 -110.12 42.90 46.09
CA PRO SF 131 -108.98 42.26 46.75
C PRO SF 131 -109.14 42.33 48.25
N ALA SF 132 -108.88 41.19 48.90
CA ALA SF 132 -109.03 41.11 50.34
C ALA SF 132 -108.16 42.16 51.00
N TYR SF 133 -108.79 43.17 51.58
CA TYR SF 133 -108.08 44.19 52.32
C TYR SF 133 -109.06 45.20 52.91
N ALA TF 2 -122.30 -5.04 33.04
CA ALA TF 2 -122.34 -5.09 34.52
C ALA TF 2 -122.26 -3.69 35.11
N LYS TF 3 -123.43 -3.09 35.33
CA LYS TF 3 -123.47 -1.79 35.99
C LYS TF 3 -122.98 -1.89 37.42
N LEU TF 4 -122.13 -0.96 37.82
CA LEU TF 4 -121.70 -0.88 39.21
C LEU TF 4 -122.80 -0.28 40.06
N GLU TF 5 -123.07 -0.92 41.20
CA GLU TF 5 -123.98 -0.37 42.19
C GLU TF 5 -123.55 -0.92 43.54
N THR TF 6 -124.10 -0.31 44.59
CA THR TF 6 -123.80 -0.78 45.93
C THR TF 6 -124.16 -2.24 46.05
N VAL TF 7 -123.19 -3.07 46.41
CA VAL TF 7 -123.42 -4.49 46.53
C VAL TF 7 -123.60 -4.81 48.01
N THR TF 8 -124.63 -5.57 48.32
CA THR TF 8 -124.98 -5.94 49.69
C THR TF 8 -124.72 -7.43 49.87
N LEU TF 9 -123.78 -7.74 50.75
CA LEU TF 9 -123.29 -9.09 50.91
C LEU TF 9 -123.80 -9.57 52.26
N GLY TF 10 -124.77 -10.50 52.26
CA GLY TF 10 -125.40 -10.96 53.47
C GLY TF 10 -125.02 -12.40 53.81
N ASN TF 11 -125.24 -12.75 55.08
CA ASN TF 11 -124.93 -14.07 55.59
C ASN TF 11 -123.45 -14.39 55.39
N ILE TF 12 -122.63 -13.61 56.08
CA ILE TF 12 -121.17 -13.68 55.97
C ILE TF 12 -120.58 -14.05 57.31
N GLY TF 13 -119.41 -14.69 57.26
CA GLY TF 13 -118.65 -14.97 58.46
C GLY TF 13 -118.86 -16.37 58.99
N LYS TF 14 -118.15 -16.67 60.07
CA LYS TF 14 -118.31 -17.97 60.72
C LYS TF 14 -119.76 -18.34 60.84
N ASP TF 15 -120.50 -17.53 61.56
CA ASP TF 15 -121.90 -17.74 61.84
C ASP TF 15 -122.78 -17.46 60.64
N GLY TF 16 -122.27 -16.76 59.63
CA GLY TF 16 -123.14 -16.29 58.58
C GLY TF 16 -124.14 -15.28 59.10
N LYS TF 17 -123.65 -14.27 59.81
CA LYS TF 17 -124.53 -13.26 60.37
C LYS TF 17 -124.11 -11.84 60.08
N GLN TF 18 -122.87 -11.59 59.66
CA GLN TF 18 -122.45 -10.23 59.36
C GLN TF 18 -122.93 -9.80 57.98
N THR TF 19 -122.63 -8.56 57.63
CA THR TF 19 -123.07 -7.98 56.37
C THR TF 19 -122.03 -6.99 55.90
N LEU TF 20 -121.84 -6.92 54.58
CA LEU TF 20 -120.87 -6.02 53.97
C LEU TF 20 -121.55 -5.20 52.89
N VAL TF 21 -121.32 -3.90 52.91
CA VAL TF 21 -121.91 -3.01 51.91
C VAL TF 21 -120.75 -2.37 51.16
N LEU TF 22 -120.59 -2.77 49.90
CA LEU TF 22 -119.49 -2.30 49.08
C LEU TF 22 -119.99 -1.22 48.14
N ASN TF 23 -119.36 -0.02 48.20
CA ASN TF 23 -119.70 1.06 47.29
C ASN TF 23 -118.81 1.02 46.05
N PRO TF 24 -119.34 1.44 44.92
CA PRO TF 24 -118.51 1.51 43.71
C PRO TF 24 -117.40 2.54 43.85
N ARG TF 25 -116.25 2.21 43.27
CA ARG TF 25 -115.09 3.09 43.27
C ARG TF 25 -114.61 3.38 41.85
N GLY TF 26 -115.43 3.10 40.86
CA GLY TF 26 -115.09 3.41 39.48
C GLY TF 26 -114.26 2.35 38.79
N VAL TF 27 -113.71 2.77 37.66
CA VAL TF 27 -112.95 1.90 36.78
C VAL TF 27 -111.63 2.58 36.47
N ASN TF 28 -110.55 1.86 36.65
CA ASN TF 28 -109.26 2.40 36.24
C ASN TF 28 -109.27 2.64 34.75
N PRO TF 29 -108.97 3.85 34.29
CA PRO TF 29 -108.91 4.07 32.83
C PRO TF 29 -107.76 3.34 32.18
N THR TF 30 -106.73 2.97 32.93
CA THR TF 30 -105.55 2.34 32.35
C THR TF 30 -105.71 0.84 32.25
N ASN TF 31 -105.87 0.17 33.40
CA ASN TF 31 -105.99 -1.28 33.39
C ASN TF 31 -107.41 -1.75 33.19
N GLY TF 32 -108.38 -0.83 33.24
CA GLY TF 32 -109.75 -1.21 32.98
C GLY TF 32 -110.26 -2.19 34.00
N VAL TF 33 -110.10 -1.86 35.29
CA VAL TF 33 -110.51 -2.71 36.39
C VAL TF 33 -111.46 -1.92 37.27
N ALA TF 34 -112.64 -2.48 37.52
CA ALA TF 34 -113.58 -1.82 38.43
C ALA TF 34 -113.26 -2.23 39.85
N SER TF 35 -113.61 -1.37 40.80
CA SER TF 35 -113.34 -1.66 42.20
C SER TF 35 -114.43 -1.08 43.09
N LEU TF 36 -114.66 -1.75 44.21
CA LEU TF 36 -115.62 -1.34 45.21
C LEU TF 36 -114.95 -1.34 46.57
N SER TF 37 -115.50 -0.54 47.48
CA SER TF 37 -114.98 -0.43 48.83
C SER TF 37 -116.12 -0.43 49.83
N GLN TF 38 -115.82 -0.90 51.02
CA GLN TF 38 -116.75 -0.80 52.13
C GLN TF 38 -116.74 0.60 52.71
N ALA TF 39 -117.90 1.08 53.11
CA ALA TF 39 -118.00 2.40 53.69
C ALA TF 39 -117.32 2.42 55.05
N GLY TF 40 -116.27 3.22 55.18
CA GLY TF 40 -115.56 3.30 56.44
C GLY TF 40 -115.11 4.72 56.72
N ALA TF 41 -114.48 4.89 57.87
CA ALA TF 41 -113.99 6.19 58.28
C ALA TF 41 -112.64 6.50 57.64
N VAL TF 42 -111.72 5.54 57.70
CA VAL TF 42 -110.38 5.72 57.15
C VAL TF 42 -110.30 4.94 55.84
N PRO TF 43 -110.02 5.59 54.71
CA PRO TF 43 -109.97 4.85 53.44
C PRO TF 43 -108.96 3.74 53.45
N ALA TF 44 -107.89 3.84 54.23
CA ALA TF 44 -106.87 2.80 54.24
C ALA TF 44 -107.33 1.54 54.95
N LEU TF 45 -108.42 1.58 55.70
CA LEU TF 45 -108.88 0.45 56.50
C LEU TF 45 -110.20 -0.10 55.99
N GLU TF 46 -110.45 0.00 54.70
CA GLU TF 46 -111.73 -0.39 54.14
C GLU TF 46 -111.54 -1.59 53.23
N LYS TF 47 -112.44 -2.55 53.36
CA LYS TF 47 -112.36 -3.77 52.56
C LYS TF 47 -112.62 -3.43 51.11
N ARG TF 48 -111.76 -3.89 50.21
CA ARG TF 48 -111.85 -3.56 48.80
C ARG TF 48 -111.93 -4.81 47.93
N VAL TF 49 -112.63 -4.66 46.81
CA VAL TF 49 -112.83 -5.75 45.87
C VAL TF 49 -112.65 -5.23 44.46
N THR TF 50 -111.83 -5.90 43.67
CA THR TF 50 -111.63 -5.51 42.27
C THR TF 50 -112.14 -6.61 41.36
N VAL TF 51 -112.67 -6.18 40.21
CA VAL TF 51 -113.14 -7.09 39.17
C VAL TF 51 -112.62 -6.59 37.84
N SER TF 52 -112.03 -7.48 37.07
CA SER TF 52 -111.54 -7.18 35.73
C SER TF 52 -111.99 -8.28 34.79
N VAL TF 53 -112.34 -7.90 33.56
CA VAL TF 53 -112.60 -8.88 32.50
C VAL TF 53 -111.74 -8.43 31.32
N SER TF 54 -110.70 -9.20 31.05
CA SER TF 54 -109.83 -8.90 29.93
C SER TF 54 -110.58 -9.12 28.63
N GLN TF 55 -110.12 -8.46 27.59
CA GLN TF 55 -110.63 -8.70 26.27
C GLN TF 55 -109.73 -9.66 25.52
N PRO TF 56 -110.24 -10.34 24.49
CA PRO TF 56 -109.48 -11.42 23.88
C PRO TF 56 -108.15 -10.92 23.32
N SER TF 57 -107.10 -11.72 23.52
CA SER TF 57 -105.75 -11.35 23.10
C SER TF 57 -105.46 -11.82 21.69
N ARG TF 58 -104.19 -11.76 21.29
CA ARG TF 58 -103.80 -12.10 19.92
C ARG TF 58 -103.58 -13.60 19.78
N ASN TF 59 -104.31 -14.22 18.84
CA ASN TF 59 -104.02 -15.56 18.32
C ASN TF 59 -104.17 -16.66 19.36
N ARG TF 60 -104.44 -16.27 20.62
CA ARG TF 60 -104.82 -17.22 21.66
C ARG TF 60 -106.17 -16.85 22.24
N LYS TF 61 -106.44 -15.56 22.34
CA LYS TF 61 -107.77 -14.98 22.48
C LYS TF 61 -108.36 -15.15 23.88
N ASN TF 62 -107.96 -16.20 24.62
CA ASN TF 62 -107.90 -16.18 26.08
C ASN TF 62 -108.85 -15.25 26.84
N TYR TF 63 -110.18 -15.43 26.80
CA TYR TF 63 -111.01 -14.59 27.65
C TYR TF 63 -110.59 -14.77 29.10
N LYS TF 64 -110.37 -13.67 29.80
CA LYS TF 64 -109.77 -13.69 31.13
C LYS TF 64 -110.55 -12.79 32.06
N VAL TF 65 -110.82 -13.27 33.28
CA VAL TF 65 -111.48 -12.48 34.31
C VAL TF 65 -110.72 -12.62 35.62
N GLN TF 66 -110.56 -11.49 36.32
CA GLN TF 66 -109.91 -11.46 37.61
C GLN TF 66 -110.84 -10.86 38.65
N VAL TF 67 -110.72 -11.35 39.89
CA VAL TF 67 -111.41 -10.76 41.03
C VAL TF 67 -110.42 -10.74 42.19
N LYS TF 68 -110.01 -9.54 42.59
CA LYS TF 68 -109.04 -9.37 43.66
C LYS TF 68 -109.76 -8.73 44.84
N ILE TF 69 -109.85 -9.45 45.95
CA ILE TF 69 -110.41 -8.90 47.18
C ILE TF 69 -109.30 -8.69 48.18
N GLN TF 70 -109.33 -7.52 48.82
CA GLN TF 70 -108.35 -7.10 49.78
C GLN TF 70 -109.05 -6.77 51.08
N ASN TF 71 -108.63 -7.41 52.17
CA ASN TF 71 -109.20 -7.09 53.48
C ASN TF 71 -108.10 -6.72 54.46
N PRO TF 72 -107.99 -5.46 54.86
CA PRO TF 72 -106.94 -5.07 55.80
C PRO TF 72 -107.40 -5.12 57.24
N THR TF 73 -106.43 -4.89 58.12
CA THR TF 73 -106.66 -4.93 59.56
C THR TF 73 -105.52 -4.19 60.23
N ALA TF 74 -105.81 -3.02 60.78
CA ALA TF 74 -104.81 -2.19 61.41
C ALA TF 74 -104.85 -2.40 62.92
N CYS TF 75 -103.87 -1.81 63.60
CA CYS TF 75 -103.75 -2.02 65.04
C CYS TF 75 -103.03 -0.81 65.63
N THR TF 76 -103.80 0.14 66.14
CA THR TF 76 -103.23 1.37 66.66
C THR TF 76 -102.20 1.06 67.75
N ALA TF 77 -100.94 1.40 67.47
CA ALA TF 77 -99.88 1.21 68.43
C ALA TF 77 -99.86 2.36 69.45
N ASN TF 78 -99.33 2.06 70.63
CA ASN TF 78 -99.27 3.06 71.68
C ASN TF 78 -98.46 4.26 71.21
N GLY TF 79 -99.04 5.45 71.39
CA GLY TF 79 -98.37 6.67 71.02
C GLY TF 79 -98.43 7.01 69.55
N SER TF 80 -99.04 6.16 68.73
CA SER TF 80 -99.21 6.43 67.31
C SER TF 80 -100.64 6.86 67.05
N CYS TF 81 -100.81 8.01 66.39
CA CYS TF 81 -102.12 8.57 66.12
C CYS TF 81 -102.66 8.15 64.77
N ASP TF 82 -102.20 7.02 64.26
CA ASP TF 82 -102.56 6.56 62.93
C ASP TF 82 -102.74 5.06 62.95
N PRO TF 83 -103.94 4.55 62.73
CA PRO TF 83 -104.12 3.11 62.72
C PRO TF 83 -103.43 2.46 61.53
N SER TF 84 -102.11 2.32 61.62
CA SER TF 84 -101.35 1.71 60.53
C SER TF 84 -101.84 0.30 60.26
N VAL TF 85 -101.99 -0.03 58.98
CA VAL TF 85 -102.42 -1.37 58.62
C VAL TF 85 -101.30 -2.35 58.95
N THR TF 86 -101.58 -3.26 59.87
CA THR TF 86 -100.62 -4.26 60.30
C THR TF 86 -100.86 -5.63 59.70
N ARG TF 87 -101.98 -5.84 59.03
CA ARG TF 87 -102.33 -7.15 58.51
C ARG TF 87 -103.19 -6.99 57.27
N GLN TF 88 -103.00 -7.86 56.30
CA GLN TF 88 -103.81 -7.83 55.10
C GLN TF 88 -104.05 -9.24 54.60
N ALA TF 89 -105.28 -9.50 54.19
CA ALA TF 89 -105.66 -10.76 53.57
C ALA TF 89 -105.94 -10.53 52.10
N TYR TF 90 -105.39 -11.42 51.26
CA TYR TF 90 -105.51 -11.34 49.82
C TYR TF 90 -106.35 -12.51 49.34
N ALA TF 91 -107.21 -12.27 48.36
CA ALA TF 91 -107.89 -13.38 47.70
C ALA TF 91 -108.06 -13.03 46.23
N ASP TF 92 -107.38 -13.77 45.35
CA ASP TF 92 -107.41 -13.50 43.92
C ASP TF 92 -108.01 -14.71 43.20
N VAL TF 93 -109.09 -14.48 42.50
CA VAL TF 93 -109.73 -15.47 41.66
C VAL TF 93 -109.44 -15.12 40.22
N THR TF 94 -109.18 -16.12 39.39
CA THR TF 94 -108.95 -15.86 37.97
C THR TF 94 -109.61 -16.97 37.17
N PHE TF 95 -110.56 -16.58 36.33
CA PHE TF 95 -111.24 -17.49 35.43
C PHE TF 95 -110.70 -17.31 34.02
N SER TF 96 -110.42 -18.44 33.36
CA SER TF 96 -109.93 -18.42 31.98
C SER TF 96 -110.90 -19.21 31.12
N PHE TF 97 -111.37 -18.58 30.05
CA PHE TF 97 -112.36 -19.11 29.15
C PHE TF 97 -111.80 -19.10 27.73
N THR TF 98 -112.27 -20.04 26.93
CA THR TF 98 -111.97 -20.03 25.52
C THR TF 98 -112.94 -19.14 24.78
N GLN TF 99 -112.50 -18.67 23.62
CA GLN TF 99 -113.32 -17.82 22.79
C GLN TF 99 -114.63 -18.48 22.39
N TYR TF 100 -114.69 -19.80 22.43
CA TYR TF 100 -115.89 -20.53 22.08
C TYR TF 100 -116.68 -20.94 23.30
N SER TF 101 -116.23 -20.54 24.49
CA SER TF 101 -116.92 -20.86 25.72
C SER TF 101 -118.38 -20.46 25.63
N THR TF 102 -119.20 -21.01 26.53
CA THR TF 102 -120.62 -20.72 26.56
C THR TF 102 -121.05 -20.37 27.98
N ASP TF 103 -122.10 -19.54 28.05
CA ASP TF 103 -122.64 -19.15 29.35
C ASP TF 103 -122.91 -20.38 30.21
N GLU TF 104 -123.42 -21.44 29.57
CA GLU TF 104 -123.66 -22.69 30.28
C GLU TF 104 -122.45 -23.08 31.13
N GLU TF 105 -121.34 -23.40 30.48
CA GLU TF 105 -120.15 -23.82 31.20
C GLU TF 105 -119.68 -22.72 32.15
N ARG TF 106 -119.73 -21.48 31.70
CA ARG TF 106 -119.14 -20.41 32.49
C ARG TF 106 -119.79 -20.35 33.86
N ALA TF 107 -121.09 -20.12 33.91
CA ALA TF 107 -121.70 -20.00 35.23
C ALA TF 107 -121.78 -21.34 35.94
N PHE TF 108 -121.68 -22.46 35.19
CA PHE TF 108 -121.52 -23.73 35.87
C PHE TF 108 -120.26 -23.69 36.73
N VAL TF 109 -119.15 -23.28 36.13
CA VAL TF 109 -117.91 -23.15 36.87
C VAL TF 109 -118.09 -22.18 38.02
N ARG TF 110 -118.80 -21.09 37.77
CA ARG TF 110 -118.96 -20.08 38.80
C ARG TF 110 -119.60 -20.69 40.04
N THR TF 111 -120.77 -21.28 39.87
CA THR TF 111 -121.45 -21.81 41.03
C THR TF 111 -120.72 -23.01 41.60
N GLU TF 112 -119.89 -23.69 40.78
CA GLU TF 112 -119.05 -24.73 41.32
C GLU TF 112 -118.07 -24.16 42.33
N LEU TF 113 -117.44 -23.05 41.97
CA LEU TF 113 -116.55 -22.38 42.90
C LEU TF 113 -117.29 -22.00 44.16
N ALA TF 114 -118.50 -21.45 44.00
CA ALA TF 114 -119.27 -21.05 45.18
C ALA TF 114 -119.54 -22.25 46.09
N ALA TF 115 -119.99 -23.35 45.51
CA ALA TF 115 -120.29 -24.53 46.31
C ALA TF 115 -119.05 -25.08 46.98
N LEU TF 116 -117.90 -25.07 46.29
CA LEU TF 116 -116.68 -25.52 46.94
C LEU TF 116 -116.34 -24.64 48.12
N LEU TF 117 -116.43 -23.32 47.94
CA LEU TF 117 -116.14 -22.44 49.04
C LEU TF 117 -117.10 -22.65 50.20
N ALA TF 118 -118.27 -23.20 49.94
CA ALA TF 118 -119.22 -23.51 51.00
C ALA TF 118 -119.01 -24.88 51.63
N SER TF 119 -118.48 -25.85 50.90
CA SER TF 119 -118.44 -27.22 51.38
C SER TF 119 -117.45 -27.37 52.53
N PRO TF 120 -117.54 -28.46 53.29
CA PRO TF 120 -116.61 -28.66 54.39
C PRO TF 120 -115.17 -28.64 53.94
N LEU TF 121 -114.87 -29.15 52.75
CA LEU TF 121 -113.48 -29.32 52.37
C LEU TF 121 -112.73 -28.00 52.44
N LEU TF 122 -113.09 -27.04 51.58
CA LEU TF 122 -112.39 -25.77 51.65
C LEU TF 122 -112.63 -25.09 52.99
N ILE TF 123 -113.75 -25.39 53.63
CA ILE TF 123 -114.00 -24.82 54.95
C ILE TF 123 -112.81 -25.10 55.86
N ASP TF 124 -112.48 -26.38 56.04
CA ASP TF 124 -111.34 -26.73 56.87
C ASP TF 124 -110.03 -26.35 56.23
N ALA TF 125 -109.96 -26.33 54.90
CA ALA TF 125 -108.70 -26.02 54.24
C ALA TF 125 -108.29 -24.58 54.47
N ILE TF 126 -109.24 -23.67 54.50
CA ILE TF 126 -108.99 -22.24 54.68
C ILE TF 126 -109.15 -21.84 56.13
N ASP TF 127 -110.34 -22.00 56.67
CA ASP TF 127 -110.65 -21.46 57.99
C ASP TF 127 -109.60 -21.88 58.99
N GLN TF 128 -109.27 -23.16 59.00
CA GLN TF 128 -108.29 -23.70 59.90
C GLN TF 128 -106.99 -24.08 59.20
N LEU TF 129 -106.82 -23.70 57.94
CA LEU TF 129 -105.56 -23.90 57.23
C LEU TF 129 -105.13 -25.36 57.31
N ASN TF 130 -105.93 -26.23 56.71
CA ASN TF 130 -105.71 -27.65 56.87
C ASN TF 130 -105.39 -28.28 55.52
N PRO TF 131 -104.16 -28.72 55.29
CA PRO TF 131 -103.90 -29.47 54.06
C PRO TF 131 -104.87 -30.64 53.95
N ALA TF 132 -105.49 -30.74 52.78
CA ALA TF 132 -106.43 -31.81 52.55
C ALA TF 132 -105.68 -33.12 52.39
N TYR TF 133 -106.21 -34.17 52.98
CA TYR TF 133 -105.72 -35.52 52.72
C TYR TF 133 -106.70 -36.57 53.18
N ALA UF 2 -130.41 18.02 -16.30
CA ALA UF 2 -129.37 18.18 -17.35
C ALA UF 2 -129.33 16.94 -18.25
N LYS UF 3 -130.50 16.47 -18.65
CA LYS UF 3 -130.58 15.29 -19.51
C LYS UF 3 -129.93 15.59 -20.87
N LEU UF 4 -129.26 14.60 -21.42
CA LEU UF 4 -128.60 14.72 -22.70
C LEU UF 4 -129.48 14.10 -23.77
N GLU UF 5 -129.65 14.83 -24.87
CA GLU UF 5 -130.69 14.51 -25.83
C GLU UF 5 -130.26 15.12 -27.16
N THR UF 6 -130.92 14.72 -28.24
CA THR UF 6 -130.73 15.39 -29.51
C THR UF 6 -131.13 16.84 -29.37
N VAL UF 7 -130.22 17.75 -29.72
CA VAL UF 7 -130.43 19.18 -29.58
C VAL UF 7 -130.52 19.77 -30.98
N THR UF 8 -131.53 20.58 -31.21
CA THR UF 8 -131.89 21.01 -32.56
C THR UF 8 -131.77 22.53 -32.62
N LEU UF 9 -130.66 22.98 -33.18
CA LEU UF 9 -130.26 24.38 -33.11
C LEU UF 9 -130.63 25.03 -34.44
N GLY UF 10 -131.69 25.83 -34.44
CA GLY UF 10 -132.16 26.43 -35.68
C GLY UF 10 -131.85 27.91 -35.75
N ASN UF 11 -132.08 28.51 -36.92
CA ASN UF 11 -131.84 29.94 -37.10
C ASN UF 11 -130.37 30.27 -36.82
N ILE UF 12 -129.49 29.70 -37.64
CA ILE UF 12 -128.07 29.66 -37.36
C ILE UF 12 -127.36 30.25 -38.58
N GLY UF 13 -126.23 30.94 -38.35
CA GLY UF 13 -125.40 31.47 -39.42
C GLY UF 13 -125.64 32.95 -39.63
N LYS UF 14 -124.98 33.52 -40.64
CA LYS UF 14 -125.20 34.95 -40.90
C LYS UF 14 -126.67 35.23 -41.11
N ASP UF 15 -127.29 34.51 -42.02
CA ASP UF 15 -128.68 34.73 -42.35
C ASP UF 15 -129.62 34.16 -41.30
N GLY UF 16 -129.14 33.28 -40.43
CA GLY UF 16 -130.00 32.56 -39.53
C GLY UF 16 -130.93 31.63 -40.27
N LYS UF 17 -130.38 30.87 -41.21
CA LYS UF 17 -131.17 29.92 -41.98
C LYS UF 17 -130.77 28.47 -41.76
N GLN UF 18 -129.51 28.18 -41.51
CA GLN UF 18 -129.07 26.80 -41.40
C GLN UF 18 -129.54 26.19 -40.08
N THR UF 19 -129.32 24.89 -39.91
CA THR UF 19 -129.72 24.19 -38.70
C THR UF 19 -128.72 23.09 -38.38
N LEU UF 20 -128.56 22.83 -37.08
CA LEU UF 20 -127.61 21.85 -36.59
C LEU UF 20 -128.31 20.87 -35.67
N VAL UF 21 -128.13 19.58 -35.91
CA VAL UF 21 -128.66 18.56 -35.01
C VAL UF 21 -127.48 17.92 -34.31
N LEU UF 22 -127.46 18.03 -32.99
CA LEU UF 22 -126.40 17.50 -32.15
C LEU UF 22 -126.94 16.32 -31.35
N ASN UF 23 -126.52 15.18 -31.70
CA ASN UF 23 -126.89 14.04 -30.89
C ASN UF 23 -125.81 13.79 -29.84
N PRO UF 24 -126.18 13.13 -28.75
CA PRO UF 24 -125.27 13.03 -27.61
C PRO UF 24 -124.24 11.93 -27.80
N ARG UF 25 -123.32 11.87 -26.84
CA ARG UF 25 -122.30 10.83 -26.81
C ARG UF 25 -122.14 10.34 -25.39
N GLY UF 26 -121.01 9.73 -25.09
CA GLY UF 26 -120.67 9.31 -23.73
C GLY UF 26 -120.09 10.46 -22.95
N VAL UF 27 -120.28 10.42 -21.63
CA VAL UF 27 -119.70 11.43 -20.74
C VAL UF 27 -118.32 10.97 -20.31
N ASN UF 28 -117.33 11.81 -20.56
CA ASN UF 28 -115.95 11.49 -20.22
C ASN UF 28 -115.83 11.10 -18.75
N PRO UF 29 -115.67 9.81 -18.45
CA PRO UF 29 -115.53 9.43 -17.04
C PRO UF 29 -114.31 10.04 -16.40
N THR UF 30 -113.23 10.19 -17.15
CA THR UF 30 -111.99 10.67 -16.58
C THR UF 30 -112.13 12.04 -15.96
N ASN UF 31 -113.03 12.86 -16.47
CA ASN UF 31 -113.23 14.16 -15.84
C ASN UF 31 -114.67 14.63 -15.89
N GLY UF 32 -115.61 13.79 -16.31
CA GLY UF 32 -117.00 14.18 -16.34
C GLY UF 32 -117.32 15.31 -17.28
N VAL UF 33 -117.27 15.04 -18.59
CA VAL UF 33 -117.74 15.98 -19.61
C VAL UF 33 -118.73 15.24 -20.50
N ALA UF 34 -119.91 15.83 -20.68
CA ALA UF 34 -120.82 15.34 -21.70
C ALA UF 34 -120.46 15.98 -23.03
N SER UF 35 -120.75 15.27 -24.12
CA SER UF 35 -120.38 15.76 -25.44
C SER UF 35 -121.51 15.55 -26.42
N LEU UF 36 -121.58 16.46 -27.38
CA LEU UF 36 -122.59 16.46 -28.41
C LEU UF 36 -121.87 16.60 -29.75
N SER UF 37 -122.42 15.98 -30.78
CA SER UF 37 -121.79 16.06 -32.08
C SER UF 37 -122.84 15.97 -33.17
N GLN UF 38 -122.46 16.41 -34.37
CA GLN UF 38 -123.41 16.50 -35.47
C GLN UF 38 -124.13 15.19 -35.67
N ALA UF 39 -125.25 15.22 -36.40
CA ALA UF 39 -126.00 14.00 -36.63
C ALA UF 39 -125.14 12.90 -37.20
N GLY UF 40 -124.17 13.26 -38.04
CA GLY UF 40 -123.27 12.29 -38.64
C GLY UF 40 -123.31 12.37 -40.16
N ALA UF 41 -122.63 11.41 -40.80
CA ALA UF 41 -121.93 10.33 -40.11
C ALA UF 41 -120.57 10.77 -39.58
N VAL UF 42 -119.64 11.03 -40.50
CA VAL UF 42 -118.31 11.49 -40.08
C VAL UF 42 -118.39 12.81 -39.33
N PRO UF 43 -119.22 13.78 -39.71
CA PRO UF 43 -119.25 15.03 -38.93
C PRO UF 43 -119.42 14.82 -37.45
N ALA UF 44 -119.94 13.66 -37.03
CA ALA UF 44 -120.00 13.34 -35.61
C ALA UF 44 -118.61 13.17 -35.01
N LEU UF 45 -117.63 12.83 -35.85
CA LEU UF 45 -116.23 12.81 -35.43
C LEU UF 45 -115.46 14.04 -35.90
N GLU UF 46 -116.15 15.15 -36.21
CA GLU UF 46 -115.48 16.42 -36.45
C GLU UF 46 -116.03 17.56 -35.62
N LYS UF 47 -117.33 17.86 -35.70
CA LYS UF 47 -117.89 18.95 -34.89
C LYS UF 47 -118.18 18.46 -33.48
N ARG UF 48 -117.89 19.30 -32.49
CA ARG UF 48 -117.99 18.88 -31.11
C ARG UF 48 -118.51 20.00 -30.23
N VAL UF 49 -119.24 19.63 -29.19
CA VAL UF 49 -119.75 20.58 -28.21
C VAL UF 49 -119.69 19.89 -26.85
N THR UF 50 -118.74 20.28 -26.02
CA THR UF 50 -118.54 19.66 -24.72
C THR UF 50 -119.08 20.54 -23.62
N VAL UF 51 -119.62 19.90 -22.59
CA VAL UF 51 -120.23 20.61 -21.46
C VAL UF 51 -119.79 19.92 -20.18
N SER UF 52 -119.42 20.73 -19.19
CA SER UF 52 -119.05 20.21 -17.89
C SER UF 52 -119.45 21.21 -16.82
N VAL UF 53 -119.76 20.70 -15.62
CA VAL UF 53 -120.01 21.60 -14.52
C VAL UF 53 -119.30 21.07 -13.28
N SER UF 54 -118.09 21.53 -13.05
CA SER UF 54 -117.32 21.03 -11.92
C SER UF 54 -117.80 21.69 -10.64
N GLN UF 55 -117.99 20.85 -9.63
CA GLN UF 55 -118.54 21.23 -8.34
C GLN UF 55 -117.46 21.77 -7.42
N PRO UF 56 -117.86 22.40 -6.31
CA PRO UF 56 -116.86 22.88 -5.35
C PRO UF 56 -115.87 21.80 -4.99
N SER UF 57 -114.68 22.22 -4.61
CA SER UF 57 -113.60 21.33 -4.22
C SER UF 57 -112.51 22.18 -3.58
N ARG UF 58 -111.34 21.58 -3.37
CA ARG UF 58 -110.20 22.35 -2.89
C ARG UF 58 -109.80 23.42 -3.91
N ASN UF 59 -109.75 23.06 -5.20
CA ASN UF 59 -109.39 24.02 -6.23
C ASN UF 59 -110.57 24.92 -6.60
N ARG UF 60 -111.78 24.41 -6.50
CA ARG UF 60 -112.98 25.11 -6.94
C ARG UF 60 -113.70 25.62 -5.69
N LYS UF 61 -114.49 26.70 -5.77
CA LYS UF 61 -115.12 27.19 -4.53
C LYS UF 61 -116.64 27.21 -4.45
N ASN UF 62 -117.42 27.95 -5.28
CA ASN UF 62 -117.23 28.42 -6.66
C ASN UF 62 -117.24 27.33 -7.74
N TYR UF 63 -118.45 26.83 -7.99
CA TYR UF 63 -118.71 25.99 -9.15
C TYR UF 63 -118.20 26.63 -10.42
N LYS UF 64 -117.78 25.81 -11.39
CA LYS UF 64 -117.40 26.33 -12.71
C LYS UF 64 -118.08 25.51 -13.80
N VAL UF 65 -118.75 26.21 -14.71
CA VAL UF 65 -119.43 25.59 -15.85
C VAL UF 65 -118.62 25.87 -17.10
N GLN UF 66 -118.11 24.80 -17.71
CA GLN UF 66 -117.36 24.82 -18.96
C GLN UF 66 -118.27 24.47 -20.13
N VAL UF 67 -118.19 25.26 -21.19
CA VAL UF 67 -118.89 25.00 -22.43
C VAL UF 67 -117.91 25.23 -23.56
N LYS UF 68 -117.41 24.16 -24.16
CA LYS UF 68 -116.45 24.25 -25.25
C LYS UF 68 -117.12 23.86 -26.56
N ILE UF 69 -116.73 24.53 -27.63
CA ILE UF 69 -117.32 24.32 -28.93
C ILE UF 69 -116.23 24.29 -29.98
N GLN UF 70 -116.25 23.26 -30.83
CA GLN UF 70 -115.20 23.05 -31.82
C GLN UF 70 -115.82 22.77 -33.18
N ASN UF 71 -115.47 23.60 -34.15
CA ASN UF 71 -115.88 23.45 -35.55
C ASN UF 71 -114.63 23.32 -36.41
N PRO UF 72 -114.21 22.13 -36.80
CA PRO UF 72 -113.11 22.05 -37.76
C PRO UF 72 -113.61 22.01 -39.19
N THR UF 73 -113.15 22.94 -40.01
CA THR UF 73 -113.47 22.94 -41.43
C THR UF 73 -112.39 22.19 -42.20
N ALA UF 74 -112.82 21.27 -43.04
CA ALA UF 74 -111.91 20.43 -43.79
C ALA UF 74 -112.24 20.57 -45.27
N CYS UF 75 -111.39 19.97 -46.09
CA CYS UF 75 -111.62 19.99 -47.53
C CYS UF 75 -110.96 18.78 -48.15
N THR UF 76 -111.33 18.54 -49.41
CA THR UF 76 -110.86 17.41 -50.19
C THR UF 76 -109.89 17.92 -51.23
N ALA UF 77 -108.61 17.60 -51.05
CA ALA UF 77 -107.64 17.94 -52.07
C ALA UF 77 -108.06 17.32 -53.39
N ASN UF 78 -107.90 18.08 -54.47
CA ASN UF 78 -108.36 17.59 -55.75
C ASN UF 78 -107.46 16.43 -56.15
N GLY UF 79 -107.92 15.21 -55.85
CA GLY UF 79 -107.17 14.02 -56.16
C GLY UF 79 -107.23 12.99 -55.05
N SER UF 80 -107.34 13.46 -53.80
CA SER UF 80 -107.42 12.57 -52.65
C SER UF 80 -108.87 12.15 -52.42
N CYS UF 81 -109.12 11.35 -51.39
CA CYS UF 81 -110.47 10.90 -51.11
C CYS UF 81 -110.98 11.40 -49.77
N ASP UF 82 -110.29 11.07 -48.69
CA ASP UF 82 -110.76 11.48 -47.39
C ASP UF 82 -110.45 12.95 -47.17
N PRO UF 83 -111.43 13.78 -46.86
CA PRO UF 83 -111.13 15.19 -46.56
C PRO UF 83 -110.27 15.31 -45.32
N SER UF 84 -109.43 16.34 -45.31
CA SER UF 84 -108.56 16.62 -44.18
C SER UF 84 -108.83 18.01 -43.64
N VAL UF 85 -108.52 18.19 -42.35
CA VAL UF 85 -108.86 19.41 -41.63
C VAL UF 85 -107.90 20.51 -42.03
N THR UF 86 -108.43 21.60 -42.61
CA THR UF 86 -107.59 22.71 -42.99
C THR UF 86 -107.69 23.89 -42.04
N ARG UF 87 -108.80 24.02 -41.33
CA ARG UF 87 -108.94 25.06 -40.32
C ARG UF 87 -109.71 24.45 -39.16
N GLN UF 88 -109.58 25.06 -37.99
CA GLN UF 88 -110.40 24.67 -36.85
C GLN UF 88 -110.67 25.89 -36.01
N ALA UF 89 -111.94 26.30 -35.95
CA ALA UF 89 -112.35 27.36 -35.05
C ALA UF 89 -112.89 26.74 -33.78
N TYR UF 90 -112.69 27.42 -32.66
CA TYR UF 90 -113.37 26.94 -31.47
C TYR UF 90 -113.43 28.04 -30.44
N ALA UF 91 -114.38 27.89 -29.53
CA ALA UF 91 -114.64 28.89 -28.52
C ALA UF 91 -114.95 28.20 -27.20
N ASP UF 92 -114.80 28.96 -26.12
CA ASP UF 92 -114.94 28.42 -24.78
C ASP UF 92 -115.63 29.45 -23.90
N VAL UF 93 -116.72 29.05 -23.29
CA VAL UF 93 -117.42 29.85 -22.31
C VAL UF 93 -117.19 29.23 -20.95
N THR UF 94 -116.91 30.07 -19.96
CA THR UF 94 -116.59 29.62 -18.62
C THR UF 94 -117.37 30.48 -17.65
N PHE UF 95 -118.37 29.91 -17.02
CA PHE UF 95 -119.10 30.59 -15.96
C PHE UF 95 -118.52 30.18 -14.61
N SER UF 96 -118.30 31.16 -13.75
CA SER UF 96 -117.82 30.91 -12.40
C SER UF 96 -118.91 31.40 -11.44
N PHE UF 97 -119.60 30.48 -10.79
CA PHE UF 97 -120.68 30.82 -9.90
C PHE UF 97 -120.30 30.51 -8.46
N THR UF 98 -120.79 31.36 -7.57
CA THR UF 98 -120.48 31.29 -6.15
C THR UF 98 -121.34 30.26 -5.44
N GLN UF 99 -120.87 29.88 -4.26
CA GLN UF 99 -121.50 28.83 -3.48
C GLN UF 99 -122.93 29.20 -3.13
N TYR UF 100 -123.15 30.45 -2.71
CA TYR UF 100 -124.48 30.94 -2.39
C TYR UF 100 -125.22 31.46 -3.59
N SER UF 101 -124.74 31.19 -4.79
CA SER UF 101 -125.32 31.80 -5.98
C SER UF 101 -126.81 31.52 -5.99
N THR UF 102 -127.56 32.28 -6.79
CA THR UF 102 -128.97 31.97 -6.97
C THR UF 102 -129.26 31.71 -8.43
N ASP UF 103 -130.12 30.72 -8.65
CA ASP UF 103 -130.64 30.46 -9.96
C ASP UF 103 -130.96 31.76 -10.69
N GLU UF 104 -131.52 32.73 -9.98
CA GLU UF 104 -131.95 33.95 -10.64
C GLU UF 104 -130.78 34.63 -11.34
N GLU UF 105 -129.73 34.96 -10.59
CA GLU UF 105 -128.59 35.59 -11.23
C GLU UF 105 -128.02 34.70 -12.31
N ARG UF 106 -127.99 33.39 -12.07
CA ARG UF 106 -127.37 32.53 -13.07
C ARG UF 106 -128.13 32.62 -14.39
N ALA UF 107 -129.44 32.48 -14.35
CA ALA UF 107 -130.23 32.64 -15.57
C ALA UF 107 -130.01 34.01 -16.17
N PHE UF 108 -129.94 35.04 -15.33
CA PHE UF 108 -129.81 36.38 -15.85
C PHE UF 108 -128.50 36.55 -16.60
N VAL UF 109 -127.39 36.14 -16.00
CA VAL UF 109 -126.11 36.28 -16.68
C VAL UF 109 -126.13 35.47 -17.96
N ARG UF 110 -126.76 34.30 -17.91
CA ARG UF 110 -126.87 33.51 -19.11
C ARG UF 110 -127.53 34.28 -20.24
N THR UF 111 -128.78 34.65 -20.05
CA THR UF 111 -129.46 35.34 -21.13
C THR UF 111 -128.74 36.64 -21.48
N GLU UF 112 -127.99 37.21 -20.54
CA GLU UF 112 -127.21 38.38 -20.88
C GLU UF 112 -126.17 38.04 -21.93
N LEU UF 113 -125.42 36.96 -21.70
CA LEU UF 113 -124.45 36.52 -22.67
C LEU UF 113 -125.13 36.25 -23.99
N ALA UF 114 -126.27 35.60 -23.95
CA ALA UF 114 -126.99 35.27 -25.17
C ALA UF 114 -127.31 36.53 -25.96
N ALA UF 115 -127.94 37.49 -25.30
CA ALA UF 115 -128.41 38.65 -26.03
C ALA UF 115 -127.24 39.50 -26.48
N LEU UF 116 -126.15 39.53 -25.71
CA LEU UF 116 -124.96 40.20 -26.21
C LEU UF 116 -124.46 39.54 -27.48
N LEU UF 117 -124.36 38.21 -27.47
CA LEU UF 117 -123.97 37.52 -28.69
C LEU UF 117 -124.92 37.86 -29.82
N ALA UF 118 -126.16 38.17 -29.49
CA ALA UF 118 -127.14 38.57 -30.49
C ALA UF 118 -127.04 40.04 -30.88
N SER UF 119 -126.31 40.85 -30.12
CA SER UF 119 -126.32 42.28 -30.36
C SER UF 119 -125.32 42.69 -31.44
N PRO UF 120 -125.55 43.81 -32.10
CA PRO UF 120 -124.64 44.22 -33.18
C PRO UF 120 -123.20 44.34 -32.74
N LEU UF 121 -122.97 44.79 -31.51
CA LEU UF 121 -121.60 44.98 -31.09
C LEU UF 121 -120.80 43.71 -31.31
N LEU UF 122 -121.29 42.59 -30.79
CA LEU UF 122 -120.51 41.37 -30.89
C LEU UF 122 -120.61 40.74 -32.27
N ILE UF 123 -121.72 40.92 -32.98
CA ILE UF 123 -121.76 40.40 -34.35
C ILE UF 123 -120.62 40.99 -35.15
N ASP UF 124 -120.45 42.30 -35.07
CA ASP UF 124 -119.37 42.92 -35.84
C ASP UF 124 -118.02 42.58 -35.22
N ALA UF 125 -117.96 42.46 -33.91
CA ALA UF 125 -116.71 42.13 -33.23
C ALA UF 125 -116.22 40.74 -33.54
N ILE UF 126 -117.11 39.85 -33.97
CA ILE UF 126 -116.74 38.45 -34.18
C ILE UF 126 -116.68 38.14 -35.67
N ASP UF 127 -117.79 38.30 -36.38
CA ASP UF 127 -117.79 37.90 -37.78
C ASP UF 127 -116.89 38.80 -38.61
N GLN UF 128 -117.03 40.11 -38.44
CA GLN UF 128 -116.13 41.05 -39.07
C GLN UF 128 -114.88 41.27 -38.26
N LEU UF 129 -114.86 40.85 -37.01
CA LEU UF 129 -113.61 40.78 -36.29
C LEU UF 129 -113.02 42.17 -36.14
N ASN UF 130 -113.90 43.13 -35.86
CA ASN UF 130 -113.54 44.53 -35.76
C ASN UF 130 -113.66 44.96 -34.32
N PRO UF 131 -112.61 45.47 -33.70
CA PRO UF 131 -112.76 45.97 -32.34
C PRO UF 131 -113.66 47.18 -32.29
N ALA UF 132 -114.23 47.42 -31.12
CA ALA UF 132 -115.29 48.40 -31.02
C ALA UF 132 -114.68 49.79 -30.92
N TYR UF 133 -114.65 50.50 -32.05
CA TYR UF 133 -114.00 51.80 -32.18
C TYR UF 133 -114.76 52.65 -33.16
N ALA VF 2 -131.79 0.43 -9.47
CA ALA VF 2 -131.49 1.54 -8.54
C ALA VF 2 -131.68 2.88 -9.24
N LYS VF 3 -132.73 2.93 -10.05
CA LYS VF 3 -132.99 4.11 -10.86
C LYS VF 3 -133.12 5.34 -9.98
N LEU VF 4 -132.42 6.42 -10.34
CA LEU VF 4 -132.58 7.67 -9.61
C LEU VF 4 -133.98 8.21 -9.84
N GLU VF 5 -134.60 8.68 -8.76
CA GLU VF 5 -135.94 9.22 -8.85
C GLU VF 5 -136.19 10.10 -7.64
N THR VF 6 -137.32 10.80 -7.68
CA THR VF 6 -137.80 11.60 -6.56
C THR VF 6 -137.99 10.74 -5.33
N VAL VF 7 -137.18 10.92 -4.30
CA VAL VF 7 -137.30 10.14 -3.09
C VAL VF 7 -138.10 10.96 -2.09
N THR VF 8 -139.19 10.40 -1.59
CA THR VF 8 -140.09 11.09 -0.67
C THR VF 8 -140.01 10.37 0.68
N LEU VF 9 -139.31 10.98 1.61
CA LEU VF 9 -139.08 10.42 2.92
C LEU VF 9 -140.20 10.91 3.82
N GLY VF 10 -140.94 10.00 4.44
CA GLY VF 10 -142.15 10.35 5.14
C GLY VF 10 -141.94 10.96 6.51
N ASN VF 11 -142.65 10.44 7.51
CA ASN VF 11 -142.54 10.94 8.87
C ASN VF 11 -141.08 11.06 9.28
N ILE VF 12 -140.74 12.16 9.96
CA ILE VF 12 -139.36 12.53 10.20
C ILE VF 12 -139.31 13.56 11.34
N GLY VF 13 -138.31 13.44 12.20
CA GLY VF 13 -138.14 14.29 13.37
C GLY VF 13 -138.42 13.53 14.65
N LYS VF 14 -138.37 14.23 15.80
CA LYS VF 14 -138.83 13.54 17.01
C LYS VF 14 -140.29 13.16 16.86
N ASP VF 15 -141.15 14.16 16.71
CA ASP VF 15 -142.57 13.91 16.59
C ASP VF 15 -142.90 13.05 15.38
N GLY VF 16 -141.98 12.93 14.43
CA GLY VF 16 -142.25 12.18 13.22
C GLY VF 16 -143.40 12.80 12.46
N LYS VF 17 -143.23 14.05 12.04
CA LYS VF 17 -144.27 14.75 11.31
C LYS VF 17 -143.80 15.47 10.05
N GLN VF 18 -142.52 15.73 9.89
CA GLN VF 18 -142.07 16.44 8.70
C GLN VF 18 -141.81 15.44 7.57
N THR VF 19 -141.58 15.98 6.37
CA THR VF 19 -141.38 15.18 5.18
C THR VF 19 -140.23 15.77 4.38
N LEU VF 20 -139.49 14.90 3.71
CA LEU VF 20 -138.40 15.32 2.83
C LEU VF 20 -138.68 14.86 1.41
N VAL VF 21 -138.36 15.71 0.44
CA VAL VF 21 -138.48 15.36 -0.96
C VAL VF 21 -137.16 15.70 -1.62
N LEU VF 22 -136.37 14.69 -1.93
CA LEU VF 22 -135.10 14.87 -2.60
C LEU VF 22 -135.27 14.56 -4.07
N ASN VF 23 -134.99 15.55 -4.91
CA ASN VF 23 -135.02 15.33 -6.33
C ASN VF 23 -133.69 14.73 -6.79
N PRO VF 24 -133.69 14.00 -7.89
CA PRO VF 24 -132.45 13.39 -8.38
C PRO VF 24 -131.64 14.40 -9.17
N ARG VF 25 -130.43 14.68 -8.71
CA ARG VF 25 -129.56 15.62 -9.39
C ARG VF 25 -128.85 14.95 -10.56
N GLY VF 26 -127.98 14.00 -10.24
CA GLY VF 26 -127.15 13.40 -11.26
C GLY VF 26 -126.20 12.43 -10.63
N VAL VF 27 -125.13 12.10 -11.35
CA VAL VF 27 -124.14 11.18 -10.83
C VAL VF 27 -122.77 11.61 -11.29
N ASN VF 28 -121.95 12.04 -10.35
CA ASN VF 28 -120.57 12.38 -10.70
C ASN VF 28 -119.83 11.10 -11.09
N PRO VF 29 -119.23 11.06 -12.25
CA PRO VF 29 -118.56 9.84 -12.70
C PRO VF 29 -117.17 9.70 -12.11
N THR VF 30 -116.51 10.82 -11.86
CA THR VF 30 -115.12 10.75 -11.41
C THR VF 30 -114.98 9.84 -10.22
N ASN VF 31 -116.04 9.69 -9.44
CA ASN VF 31 -116.04 8.77 -8.32
C ASN VF 31 -117.29 7.90 -8.31
N GLY VF 32 -118.12 7.98 -9.34
CA GLY VF 32 -119.31 7.17 -9.41
C GLY VF 32 -120.18 7.38 -8.18
N VAL VF 33 -120.73 8.57 -8.03
CA VAL VF 33 -121.51 8.92 -6.86
C VAL VF 33 -122.79 9.61 -7.30
N ALA VF 34 -123.92 9.04 -6.94
CA ALA VF 34 -125.21 9.63 -7.28
C ALA VF 34 -125.64 10.62 -6.20
N SER VF 35 -126.19 11.74 -6.63
CA SER VF 35 -126.49 12.87 -5.77
C SER VF 35 -127.98 13.16 -5.78
N LEU VF 36 -128.53 13.40 -4.60
CA LEU VF 36 -129.88 13.91 -4.45
C LEU VF 36 -129.84 15.18 -3.62
N SER VF 37 -130.75 16.09 -3.93
CA SER VF 37 -130.79 17.37 -3.25
C SER VF 37 -132.22 17.77 -3.00
N GLN VF 38 -132.46 18.41 -1.86
CA GLN VF 38 -133.78 18.97 -1.62
C GLN VF 38 -134.03 20.12 -2.58
N ALA VF 39 -135.28 20.26 -2.99
CA ALA VF 39 -135.63 21.26 -3.99
C ALA VF 39 -135.44 22.66 -3.43
N GLY VF 40 -134.63 23.46 -4.10
CA GLY VF 40 -134.44 24.84 -3.73
C GLY VF 40 -133.78 25.64 -4.85
N ALA VF 41 -133.05 26.69 -4.49
CA ALA VF 41 -132.38 27.50 -5.49
C ALA VF 41 -130.91 27.70 -5.15
N VAL VF 42 -130.61 27.90 -3.88
CA VAL VF 42 -129.24 28.19 -3.46
C VAL VF 42 -128.59 26.89 -3.02
N PRO VF 43 -127.63 26.36 -3.75
CA PRO VF 43 -127.05 25.07 -3.37
C PRO VF 43 -126.50 25.07 -1.96
N ALA VF 44 -126.07 26.23 -1.47
CA ALA VF 44 -125.58 26.38 -0.12
C ALA VF 44 -126.58 25.97 0.94
N LEU VF 45 -127.87 26.03 0.64
CA LEU VF 45 -128.93 25.87 1.62
C LEU VF 45 -129.83 24.73 1.24
N GLU VF 46 -129.26 23.59 0.88
CA GLU VF 46 -130.04 22.44 0.49
C GLU VF 46 -129.54 21.21 1.22
N LYS VF 47 -130.47 20.34 1.58
CA LYS VF 47 -130.12 19.09 2.23
C LYS VF 47 -129.72 18.10 1.15
N ARG VF 48 -128.54 17.51 1.31
CA ARG VF 48 -127.90 16.76 0.25
C ARG VF 48 -127.65 15.33 0.67
N VAL VF 49 -127.72 14.42 -0.30
CA VAL VF 49 -127.46 13.00 -0.06
C VAL VF 49 -126.61 12.47 -1.19
N THR VF 50 -125.62 11.64 -0.86
CA THR VF 50 -124.76 11.02 -1.85
C THR VF 50 -124.70 9.54 -1.58
N VAL VF 51 -124.75 8.75 -2.65
CA VAL VF 51 -124.66 7.30 -2.54
C VAL VF 51 -123.62 6.81 -3.52
N SER VF 52 -122.76 5.91 -3.06
CA SER VF 52 -121.66 5.41 -3.86
C SER VF 52 -121.50 3.91 -3.65
N VAL VF 53 -121.10 3.23 -4.70
CA VAL VF 53 -121.03 1.77 -4.75
C VAL VF 53 -119.69 1.43 -5.37
N SER VF 54 -118.70 1.12 -4.55
CA SER VF 54 -117.37 0.83 -5.03
C SER VF 54 -117.17 -0.68 -5.12
N GLN VF 55 -116.79 -1.16 -6.30
CA GLN VF 55 -116.54 -2.57 -6.53
C GLN VF 55 -115.19 -2.98 -5.98
N PRO VF 56 -115.00 -4.26 -5.71
CA PRO VF 56 -113.71 -4.72 -5.18
C PRO VF 56 -112.61 -4.47 -6.21
N SER VF 57 -111.62 -3.71 -5.80
CA SER VF 57 -110.48 -3.44 -6.66
C SER VF 57 -109.40 -4.47 -6.42
N ARG VF 58 -108.31 -4.35 -7.18
CA ARG VF 58 -107.16 -5.21 -6.99
C ARG VF 58 -106.47 -4.95 -5.66
N ASN VF 59 -106.76 -3.82 -5.01
CA ASN VF 59 -106.11 -3.45 -3.77
C ASN VF 59 -107.05 -3.47 -2.58
N ARG VF 60 -108.31 -3.83 -2.77
CA ARG VF 60 -109.25 -3.84 -1.66
C ARG VF 60 -110.00 -5.17 -1.53
N LYS VF 61 -110.40 -5.75 -2.67
CA LYS VF 61 -111.15 -6.99 -2.71
C LYS VF 61 -112.27 -7.01 -1.67
N ASN VF 62 -113.16 -6.02 -1.76
CA ASN VF 62 -114.29 -5.96 -0.87
C ASN VF 62 -115.24 -4.87 -1.33
N TYR VF 63 -116.51 -5.21 -1.46
CA TYR VF 63 -117.49 -4.24 -1.94
C TYR VF 63 -117.74 -3.21 -0.86
N LYS VF 64 -117.84 -1.95 -1.25
CA LYS VF 64 -118.08 -0.86 -0.33
C LYS VF 64 -119.30 -0.07 -0.77
N VAL VF 65 -120.10 0.37 0.19
CA VAL VF 65 -121.28 1.19 -0.10
C VAL VF 65 -121.28 2.34 0.88
N GLN VF 66 -121.16 3.55 0.36
CA GLN VF 66 -121.06 4.73 1.18
C GLN VF 66 -122.29 5.60 0.99
N VAL VF 67 -122.82 6.11 2.09
CA VAL VF 67 -124.03 6.93 2.08
C VAL VF 67 -123.74 8.15 2.93
N LYS VF 68 -123.66 9.31 2.30
CA LYS VF 68 -123.36 10.55 3.00
C LYS VF 68 -124.58 11.45 3.00
N ILE VF 69 -124.79 12.12 4.13
CA ILE VF 69 -125.95 12.97 4.35
C ILE VF 69 -125.48 14.29 4.91
N GLN VF 70 -125.90 15.38 4.28
CA GLN VF 70 -125.47 16.72 4.65
C GLN VF 70 -126.70 17.58 4.89
N ASN VF 71 -126.75 18.21 6.05
CA ASN VF 71 -127.84 19.15 6.39
C ASN VF 71 -127.23 20.45 6.89
N PRO VF 72 -127.21 21.49 6.08
CA PRO VF 72 -126.79 22.80 6.57
C PRO VF 72 -127.97 23.62 7.07
N THR VF 73 -127.65 24.59 7.92
CA THR VF 73 -128.67 25.41 8.56
C THR VF 73 -128.71 26.80 7.96
N ALA VF 74 -129.90 27.40 7.97
CA ALA VF 74 -130.11 28.68 7.29
C ALA VF 74 -129.46 29.83 8.05
N CYS VF 75 -129.89 30.07 9.29
CA CYS VF 75 -129.41 31.23 10.06
C CYS VF 75 -129.62 32.52 9.27
N THR VF 76 -130.81 32.66 8.68
CA THR VF 76 -131.12 33.86 7.93
C THR VF 76 -131.12 35.08 8.83
N ALA VF 77 -130.45 36.13 8.38
CA ALA VF 77 -130.32 37.36 9.15
C ALA VF 77 -131.45 38.33 8.79
N ASN VF 78 -131.58 39.36 9.61
CA ASN VF 78 -132.66 40.34 9.47
C ASN VF 78 -132.30 41.35 8.38
N GLY VF 79 -132.12 40.82 7.17
CA GLY VF 79 -131.77 41.62 6.01
C GLY VF 79 -130.33 41.36 5.57
N SER VF 80 -129.80 42.28 4.77
CA SER VF 80 -128.36 42.41 4.49
C SER VF 80 -127.79 41.30 3.60
N CYS VF 81 -128.52 40.22 3.40
CA CYS VF 81 -128.22 39.22 2.36
C CYS VF 81 -129.22 38.08 2.49
N ASP VF 82 -129.15 37.13 1.57
CA ASP VF 82 -129.68 35.82 1.81
C ASP VF 82 -129.01 35.23 3.05
N PRO VF 83 -129.53 34.12 3.56
CA PRO VF 83 -128.90 33.49 4.72
C PRO VF 83 -127.51 32.99 4.38
N SER VF 84 -126.78 32.60 5.42
CA SER VF 84 -125.46 32.00 5.26
C SER VF 84 -125.37 30.76 6.11
N VAL VF 85 -124.53 29.82 5.69
CA VAL VF 85 -124.43 28.55 6.39
C VAL VF 85 -123.67 28.75 7.70
N THR VF 86 -124.23 28.23 8.77
CA THR VF 86 -123.63 28.36 10.08
C THR VF 86 -123.36 27.04 10.77
N ARG VF 87 -124.25 26.07 10.60
CA ARG VF 87 -124.10 24.74 11.18
C ARG VF 87 -124.34 23.71 10.08
N GLN VF 88 -123.62 22.59 10.17
CA GLN VF 88 -123.65 21.59 9.10
C GLN VF 88 -123.57 20.22 9.75
N ALA VF 89 -124.68 19.50 9.78
CA ALA VF 89 -124.68 18.15 10.30
C ALA VF 89 -124.32 17.19 9.19
N TYR VF 90 -123.27 16.42 9.40
CA TYR VF 90 -122.86 15.39 8.48
C TYR VF 90 -123.12 14.03 9.09
N ALA VF 91 -123.53 13.09 8.26
CA ALA VF 91 -123.61 11.70 8.65
C ALA VF 91 -123.07 10.88 7.50
N ASP VF 92 -122.36 9.81 7.82
CA ASP VF 92 -121.79 8.97 6.78
C ASP VF 92 -121.88 7.51 7.23
N VAL VF 93 -122.44 6.70 6.36
CA VAL VF 93 -122.63 5.28 6.61
C VAL VF 93 -121.76 4.52 5.63
N THR VF 94 -121.11 3.47 6.12
CA THR VF 94 -120.10 2.75 5.34
C THR VF 94 -120.34 1.25 5.49
N PHE VF 95 -121.07 0.65 4.54
CA PHE VF 95 -121.25 -0.78 4.52
C PHE VF 95 -120.10 -1.43 3.78
N SER VF 96 -119.53 -2.47 4.39
CA SER VF 96 -118.36 -3.15 3.84
C SER VF 96 -118.67 -4.64 3.77
N PHE VF 97 -118.42 -5.24 2.62
CA PHE VF 97 -119.05 -6.50 2.24
C PHE VF 97 -118.01 -7.33 1.52
N THR VF 98 -118.12 -8.64 1.58
CA THR VF 98 -117.17 -9.48 0.89
C THR VF 98 -117.77 -10.07 -0.38
N GLN VF 99 -116.89 -10.58 -1.24
CA GLN VF 99 -117.32 -11.04 -2.56
C GLN VF 99 -118.36 -12.13 -2.45
N TYR VF 100 -118.26 -12.99 -1.45
CA TYR VF 100 -119.19 -14.09 -1.27
C TYR VF 100 -120.29 -13.76 -0.27
N SER VF 101 -120.48 -12.48 0.03
CA SER VF 101 -121.59 -12.09 0.87
C SER VF 101 -122.88 -12.62 0.29
N THR VF 102 -123.94 -12.55 1.09
CA THR VF 102 -125.26 -13.00 0.67
C THR VF 102 -126.23 -11.84 0.70
N ASP VF 103 -127.06 -11.77 -0.33
CA ASP VF 103 -128.07 -10.72 -0.39
C ASP VF 103 -128.86 -10.65 0.90
N GLU VF 104 -129.21 -11.81 1.46
CA GLU VF 104 -130.00 -11.82 2.68
C GLU VF 104 -129.24 -11.20 3.83
N GLU VF 105 -127.94 -11.50 3.96
CA GLU VF 105 -127.17 -10.90 5.04
C GLU VF 105 -127.05 -9.41 4.85
N ARG VF 106 -126.85 -8.98 3.62
CA ARG VF 106 -126.79 -7.56 3.36
C ARG VF 106 -128.09 -6.91 3.85
N ALA VF 107 -129.21 -7.54 3.51
CA ALA VF 107 -130.52 -7.06 3.94
C ALA VF 107 -130.65 -7.04 5.45
N PHE VF 108 -130.14 -8.07 6.12
CA PHE VF 108 -130.21 -8.09 7.57
C PHE VF 108 -129.44 -6.93 8.16
N VAL VF 109 -128.20 -6.72 7.71
CA VAL VF 109 -127.41 -5.61 8.20
C VAL VF 109 -128.15 -4.30 7.98
N ARG VF 110 -128.67 -4.14 6.77
CA ARG VF 110 -129.52 -3.02 6.42
C ARG VF 110 -130.59 -2.76 7.48
N THR VF 111 -131.50 -3.70 7.61
CA THR VF 111 -132.61 -3.49 8.52
C THR VF 111 -132.11 -3.32 9.94
N GLU VF 112 -130.98 -3.94 10.26
CA GLU VF 112 -130.50 -3.88 11.62
C GLU VF 112 -130.07 -2.48 11.97
N LEU VF 113 -129.35 -1.85 11.05
CA LEU VF 113 -128.99 -0.46 11.25
C LEU VF 113 -130.23 0.40 11.35
N ALA VF 114 -131.24 0.12 10.52
CA ALA VF 114 -132.47 0.90 10.63
C ALA VF 114 -133.06 0.80 12.02
N ALA VF 115 -133.18 -0.43 12.52
CA ALA VF 115 -133.78 -0.65 13.83
C ALA VF 115 -132.96 0.00 14.93
N LEU VF 116 -131.63 -0.05 14.83
CA LEU VF 116 -130.83 0.65 15.81
C LEU VF 116 -131.13 2.13 15.78
N LEU VF 117 -131.17 2.72 14.60
CA LEU VF 117 -131.49 4.13 14.49
C LEU VF 117 -132.81 4.46 15.15
N ALA VF 118 -133.75 3.53 15.15
CA ALA VF 118 -135.04 3.75 15.81
C ALA VF 118 -135.03 3.45 17.30
N SER VF 119 -134.08 2.65 17.77
CA SER VF 119 -134.13 2.17 19.14
C SER VF 119 -133.99 3.32 20.13
N PRO VF 120 -134.49 3.15 21.35
CA PRO VF 120 -134.30 4.20 22.37
C PRO VF 120 -132.83 4.49 22.62
N LEU VF 121 -131.97 3.48 22.50
CA LEU VF 121 -130.56 3.69 22.82
C LEU VF 121 -129.95 4.79 21.97
N LEU VF 122 -129.81 4.54 20.67
CA LEU VF 122 -129.24 5.58 19.84
C LEU VF 122 -130.09 6.83 19.86
N ILE VF 123 -131.38 6.70 20.13
CA ILE VF 123 -132.21 7.88 20.22
C ILE VF 123 -131.60 8.84 21.24
N ASP VF 124 -131.35 8.34 22.44
CA ASP VF 124 -130.75 9.16 23.48
C ASP VF 124 -129.29 9.46 23.17
N ALA VF 125 -128.64 8.57 22.42
CA ALA VF 125 -127.21 8.75 22.16
C ALA VF 125 -126.96 9.91 21.21
N ILE VF 126 -127.89 10.17 20.32
CA ILE VF 126 -127.74 11.25 19.36
C ILE VF 126 -128.53 12.45 19.82
N ASP VF 127 -129.85 12.31 19.94
CA ASP VF 127 -130.68 13.45 20.31
C ASP VF 127 -130.07 14.22 21.47
N GLN VF 128 -130.02 13.58 22.63
CA GLN VF 128 -129.49 14.24 23.81
C GLN VF 128 -128.00 14.05 23.95
N LEU VF 129 -127.38 13.30 23.05
CA LEU VF 129 -125.93 13.15 23.02
C LEU VF 129 -125.44 12.52 24.32
N ASN VF 130 -126.25 11.69 24.93
CA ASN VF 130 -125.89 11.03 26.18
C ASN VF 130 -124.94 9.88 25.89
N PRO VF 131 -123.74 9.87 26.45
CA PRO VF 131 -122.86 8.73 26.22
C PRO VF 131 -123.53 7.46 26.70
N ALA VF 132 -123.39 6.40 25.92
CA ALA VF 132 -124.01 5.14 26.28
C ALA VF 132 -123.56 4.77 27.68
N TYR VF 133 -124.50 4.77 28.62
CA TYR VF 133 -124.23 4.32 29.97
C TYR VF 133 -125.48 4.38 30.83
N ALA WF 2 -124.77 6.57 -24.97
CA ALA WF 2 -125.36 5.29 -24.50
C ALA WF 2 -125.58 5.33 -23.00
N LYS WF 3 -126.81 5.62 -22.60
CA LYS WF 3 -127.10 5.71 -21.17
C LYS WF 3 -127.31 4.33 -20.59
N LEU WF 4 -126.60 4.05 -19.50
CA LEU WF 4 -126.71 2.76 -18.86
C LEU WF 4 -128.14 2.56 -18.37
N GLU WF 5 -128.68 1.37 -18.64
CA GLU WF 5 -130.00 1.03 -18.16
C GLU WF 5 -130.10 -0.48 -18.05
N THR WF 6 -131.14 -0.95 -17.38
CA THR WF 6 -131.33 -2.38 -17.19
C THR WF 6 -131.52 -3.05 -18.53
N VAL WF 7 -130.53 -3.85 -18.93
CA VAL WF 7 -130.53 -4.49 -20.23
C VAL WF 7 -131.11 -5.89 -20.08
N THR WF 8 -132.21 -6.16 -20.77
CA THR WF 8 -132.86 -7.47 -20.68
C THR WF 8 -132.86 -8.11 -22.07
N LEU WF 9 -132.21 -9.25 -22.18
CA LEU WF 9 -132.11 -9.96 -23.44
C LEU WF 9 -132.87 -11.26 -23.32
N GLY WF 10 -133.80 -11.47 -24.26
CA GLY WF 10 -134.59 -12.67 -24.33
C GLY WF 10 -134.18 -13.53 -25.50
N ASN WF 11 -134.83 -14.69 -25.61
CA ASN WF 11 -134.56 -15.63 -26.68
C ASN WF 11 -133.09 -16.05 -26.63
N ILE WF 12 -132.72 -16.66 -25.50
CA ILE WF 12 -131.34 -16.94 -25.17
C ILE WF 12 -131.20 -18.44 -24.89
N GLY WF 13 -130.00 -18.95 -25.12
CA GLY WF 13 -129.73 -20.34 -24.90
C GLY WF 13 -129.88 -21.17 -26.16
N LYS WF 14 -129.90 -22.48 -25.97
CA LYS WF 14 -129.84 -23.39 -27.11
C LYS WF 14 -131.18 -23.42 -27.80
N ASP WF 15 -132.23 -23.52 -27.01
CA ASP WF 15 -133.60 -23.41 -27.47
C ASP WF 15 -134.02 -21.96 -27.61
N GLY WF 16 -133.24 -21.03 -27.08
CA GLY WF 16 -133.61 -19.63 -27.12
C GLY WF 16 -134.85 -19.30 -26.32
N LYS WF 17 -134.92 -19.74 -25.05
CA LYS WF 17 -136.04 -19.34 -24.22
C LYS WF 17 -135.67 -18.70 -22.90
N GLN WF 18 -134.42 -18.77 -22.45
CA GLN WF 18 -134.11 -18.13 -21.18
C GLN WF 18 -133.99 -16.62 -21.36
N THR WF 19 -133.85 -15.92 -20.23
CA THR WF 19 -133.78 -14.48 -20.23
C THR WF 19 -132.66 -14.03 -19.31
N LEU WF 20 -132.05 -12.90 -19.66
CA LEU WF 20 -131.01 -12.30 -18.85
C LEU WF 20 -131.37 -10.85 -18.57
N VAL WF 21 -131.19 -10.42 -17.33
CA VAL WF 21 -131.43 -9.03 -16.95
C VAL WF 21 -130.19 -8.54 -16.24
N LEU WF 22 -129.46 -7.64 -16.88
CA LEU WF 22 -128.22 -7.09 -16.35
C LEU WF 22 -128.48 -5.67 -15.87
N ASN WF 23 -128.07 -5.39 -14.69
CA ASN WF 23 -128.21 -4.05 -14.15
C ASN WF 23 -126.89 -3.30 -14.26
N PRO WF 24 -126.94 -1.97 -14.31
CA PRO WF 24 -125.71 -1.19 -14.41
C PRO WF 24 -124.83 -1.30 -13.18
N ARG WF 25 -123.51 -1.35 -13.41
CA ARG WF 25 -122.51 -1.30 -12.35
C ARG WF 25 -121.78 0.03 -12.32
N GLY WF 26 -122.28 1.04 -13.02
CA GLY WF 26 -121.56 2.28 -13.11
C GLY WF 26 -120.39 2.19 -14.08
N VAL WF 27 -119.45 3.12 -13.89
CA VAL WF 27 -118.34 3.30 -14.80
C VAL WF 27 -117.04 3.39 -14.02
N ASN WF 28 -116.04 2.64 -14.44
CA ASN WF 28 -114.75 2.72 -13.79
C ASN WF 28 -114.16 4.10 -14.00
N PRO WF 29 -113.73 4.78 -12.94
CA PRO WF 29 -113.17 6.12 -13.12
C PRO WF 29 -111.82 6.12 -13.79
N THR WF 30 -111.07 5.04 -13.72
CA THR WF 30 -109.74 5.00 -14.32
C THR WF 30 -109.78 4.38 -15.70
N ASN WF 31 -110.24 3.14 -15.80
CA ASN WF 31 -110.34 2.48 -17.10
C ASN WF 31 -111.38 3.13 -17.98
N GLY WF 32 -112.35 3.84 -17.41
CA GLY WF 32 -113.41 4.40 -18.21
C GLY WF 32 -114.19 3.32 -18.92
N VAL WF 33 -114.59 2.29 -18.17
CA VAL WF 33 -115.32 1.16 -18.71
C VAL WF 33 -116.58 0.95 -17.88
N ALA WF 34 -117.71 0.83 -18.55
CA ALA WF 34 -118.95 0.57 -17.83
C ALA WF 34 -119.14 -0.94 -17.67
N SER WF 35 -119.87 -1.31 -16.62
CA SER WF 35 -120.12 -2.72 -16.34
C SER WF 35 -121.58 -2.93 -15.99
N LEU WF 36 -122.10 -4.08 -16.40
CA LEU WF 36 -123.45 -4.49 -16.06
C LEU WF 36 -123.40 -5.91 -15.52
N SER WF 37 -124.38 -6.26 -14.70
CA SER WF 37 -124.30 -7.54 -14.01
C SER WF 37 -125.69 -8.13 -13.81
N GLN WF 38 -125.72 -9.45 -13.78
CA GLN WF 38 -126.92 -10.18 -13.43
C GLN WF 38 -127.34 -9.85 -12.01
N ALA WF 39 -128.64 -9.89 -11.76
CA ALA WF 39 -129.12 -9.79 -10.39
C ALA WF 39 -129.08 -11.17 -9.75
N GLY WF 40 -128.40 -11.27 -8.62
CA GLY WF 40 -128.35 -12.54 -7.92
C GLY WF 40 -128.02 -12.30 -6.46
N ALA WF 41 -127.88 -13.41 -5.74
CA ALA WF 41 -127.61 -13.34 -4.31
C ALA WF 41 -126.12 -13.16 -4.05
N VAL WF 42 -125.30 -13.97 -4.68
CA VAL WF 42 -123.86 -13.99 -4.43
C VAL WF 42 -123.21 -13.11 -5.50
N PRO WF 43 -122.59 -11.99 -5.14
CA PRO WF 43 -121.94 -11.16 -6.15
C PRO WF 43 -120.91 -11.90 -6.97
N ALA WF 44 -120.16 -12.81 -6.36
CA ALA WF 44 -119.12 -13.51 -7.09
C ALA WF 44 -119.69 -14.45 -8.14
N LEU WF 45 -120.95 -14.82 -8.02
CA LEU WF 45 -121.59 -15.71 -8.98
C LEU WF 45 -122.50 -14.95 -9.93
N GLU WF 46 -122.24 -13.66 -10.06
CA GLU WF 46 -123.01 -12.81 -10.96
C GLU WF 46 -122.36 -12.85 -12.33
N LYS WF 47 -123.18 -12.86 -13.37
CA LYS WF 47 -122.66 -12.85 -14.72
C LYS WF 47 -122.51 -11.40 -15.17
N ARG WF 48 -121.30 -11.03 -15.56
CA ARG WF 48 -120.94 -9.65 -15.82
C ARG WF 48 -120.73 -9.43 -17.31
N VAL WF 49 -120.84 -8.16 -17.70
CA VAL WF 49 -120.63 -7.75 -19.08
C VAL WF 49 -120.03 -6.35 -19.05
N THR WF 50 -118.89 -6.17 -19.69
CA THR WF 50 -118.20 -4.89 -19.66
C THR WF 50 -118.18 -4.26 -21.04
N VAL WF 51 -118.21 -2.93 -21.05
CA VAL WF 51 -118.26 -2.15 -22.29
C VAL WF 51 -117.24 -1.03 -22.17
N SER WF 52 -116.36 -0.92 -23.16
CA SER WF 52 -115.34 0.11 -23.20
C SER WF 52 -115.30 0.77 -24.56
N VAL WF 53 -115.26 2.10 -24.57
CA VAL WF 53 -115.23 2.87 -25.81
C VAL WF 53 -114.13 3.92 -25.66
N SER WF 54 -112.93 3.60 -26.11
CA SER WF 54 -111.82 4.51 -25.94
C SER WF 54 -111.86 5.62 -26.99
N GLN WF 55 -111.28 6.73 -26.63
CA GLN WF 55 -111.11 7.91 -27.45
C GLN WF 55 -109.86 7.78 -28.30
N PRO WF 56 -109.63 8.70 -29.24
CA PRO WF 56 -108.54 8.51 -30.20
C PRO WF 56 -107.18 8.56 -29.54
N SER WF 57 -106.22 7.89 -30.17
CA SER WF 57 -104.83 7.99 -29.76
C SER WF 57 -104.16 9.10 -30.58
N ARG WF 58 -102.83 9.17 -30.55
CA ARG WF 58 -102.07 10.22 -31.21
C ARG WF 58 -101.55 9.78 -32.57
N ASN WF 59 -101.84 10.59 -33.60
CA ASN WF 59 -101.25 10.45 -34.93
C ASN WF 59 -101.65 9.17 -35.66
N ARG WF 60 -102.36 8.29 -34.97
CA ARG WF 60 -102.91 7.08 -35.57
C ARG WF 60 -104.40 6.97 -35.31
N LYS WF 61 -104.83 7.34 -34.11
CA LYS WF 61 -106.18 7.73 -33.77
C LYS WF 61 -107.16 6.56 -33.66
N ASN WF 62 -106.93 5.44 -34.34
CA ASN WF 62 -107.36 4.12 -33.87
C ASN WF 62 -108.58 4.04 -32.96
N TYR WF 63 -109.78 4.42 -33.39
CA TYR WF 63 -110.94 4.29 -32.52
C TYR WF 63 -111.13 2.81 -32.17
N LYS WF 64 -111.35 2.52 -30.88
CA LYS WF 64 -111.50 1.13 -30.46
C LYS WF 64 -112.66 0.97 -29.49
N VAL WF 65 -113.21 -0.23 -29.44
CA VAL WF 65 -114.29 -0.56 -28.52
C VAL WF 65 -114.14 -2.01 -28.08
N GLN WF 66 -114.32 -2.25 -26.78
CA GLN WF 66 -114.15 -3.56 -26.21
C GLN WF 66 -115.41 -3.99 -25.49
N VAL WF 67 -115.74 -5.28 -25.60
CA VAL WF 67 -116.88 -5.87 -24.92
C VAL WF 67 -116.40 -7.14 -24.25
N LYS WF 68 -116.50 -7.21 -22.93
CA LYS WF 68 -116.02 -8.37 -22.18
C LYS WF 68 -117.21 -9.01 -21.47
N ILE WF 69 -117.41 -10.30 -21.73
CA ILE WF 69 -118.50 -11.07 -21.15
C ILE WF 69 -117.89 -12.18 -20.33
N GLN WF 70 -118.22 -12.19 -19.03
CA GLN WF 70 -117.72 -13.17 -18.09
C GLN WF 70 -118.89 -13.96 -17.55
N ASN WF 71 -118.75 -15.27 -17.54
CA ASN WF 71 -119.80 -16.17 -17.05
C ASN WF 71 -119.20 -17.16 -16.07
N PRO WF 72 -119.38 -16.97 -14.77
CA PRO WF 72 -118.83 -17.94 -13.82
C PRO WF 72 -119.84 -19.01 -13.47
N THR WF 73 -119.33 -20.05 -12.80
CA THR WF 73 -120.15 -21.19 -12.42
C THR WF 73 -119.42 -21.95 -11.31
N ALA WF 74 -120.06 -22.03 -10.14
CA ALA WF 74 -119.43 -22.65 -8.99
C ALA WF 74 -120.06 -24.00 -8.71
N CYS WF 75 -119.52 -24.66 -7.68
CA CYS WF 75 -120.02 -25.97 -7.26
C CYS WF 75 -119.62 -26.17 -5.80
N THR WF 76 -120.57 -25.97 -4.90
CA THR WF 76 -120.30 -26.06 -3.48
C THR WF 76 -119.75 -27.44 -3.13
N ALA WF 77 -118.51 -27.49 -2.70
CA ALA WF 77 -117.91 -28.74 -2.25
C ALA WF 77 -118.49 -29.14 -0.91
N ASN WF 78 -118.41 -30.44 -0.60
CA ASN WF 78 -118.91 -30.91 0.69
C ASN WF 78 -118.06 -30.35 1.81
N GLY WF 79 -118.72 -29.91 2.88
CA GLY WF 79 -118.04 -29.31 4.01
C GLY WF 79 -117.67 -27.87 3.82
N SER WF 80 -117.83 -27.32 2.62
CA SER WF 80 -117.52 -25.94 2.32
C SER WF 80 -118.80 -25.13 2.33
N CYS WF 81 -118.83 -24.08 3.16
CA CYS WF 81 -119.99 -23.21 3.28
C CYS WF 81 -119.92 -22.03 2.31
N ASP WF 82 -119.24 -22.20 1.20
CA ASP WF 82 -119.00 -21.10 0.27
C ASP WF 82 -118.98 -21.61 -1.17
N PRO WF 83 -119.91 -21.21 -2.01
CA PRO WF 83 -119.88 -21.67 -3.40
C PRO WF 83 -118.72 -21.08 -4.19
N SER WF 84 -117.54 -21.67 -4.03
CA SER WF 84 -116.36 -21.16 -4.71
C SER WF 84 -116.47 -21.31 -6.21
N VAL WF 85 -116.08 -20.26 -6.92
CA VAL WF 85 -116.17 -20.26 -8.37
C VAL WF 85 -115.19 -21.28 -8.93
N THR WF 86 -115.71 -22.25 -9.67
CA THR WF 86 -114.91 -23.35 -10.19
C THR WF 86 -114.83 -23.38 -11.70
N ARG WF 87 -115.55 -22.51 -12.40
CA ARG WF 87 -115.59 -22.56 -13.84
C ARG WF 87 -115.90 -21.18 -14.37
N GLN WF 88 -115.25 -20.82 -15.48
CA GLN WF 88 -115.27 -19.45 -15.96
C GLN WF 88 -115.27 -19.45 -17.47
N ALA WF 89 -116.20 -18.73 -18.08
CA ALA WF 89 -116.23 -18.55 -19.52
C ALA WF 89 -116.00 -17.08 -19.84
N TYR WF 90 -115.16 -16.83 -20.84
CA TYR WF 90 -114.76 -15.49 -21.22
C TYR WF 90 -115.03 -15.27 -22.70
N ALA WF 91 -115.57 -14.11 -23.01
CA ALA WF 91 -115.85 -13.74 -24.40
C ALA WF 91 -115.47 -12.28 -24.57
N ASP WF 92 -114.44 -12.01 -25.35
CA ASP WF 92 -114.00 -10.64 -25.60
C ASP WF 92 -114.23 -10.32 -27.07
N VAL WF 93 -114.89 -9.22 -27.31
CA VAL WF 93 -115.06 -8.68 -28.66
C VAL WF 93 -114.30 -7.37 -28.71
N THR WF 94 -113.60 -7.15 -29.81
CA THR WF 94 -112.80 -5.94 -29.97
C THR WF 94 -113.04 -5.40 -31.37
N PHE WF 95 -113.71 -4.27 -31.45
CA PHE WF 95 -113.91 -3.57 -32.71
C PHE WF 95 -112.90 -2.44 -32.83
N SER WF 96 -112.31 -2.30 -34.01
CA SER WF 96 -111.35 -1.24 -34.28
C SER WF 96 -111.77 -0.53 -35.56
N PHE WF 97 -111.87 0.79 -35.49
CA PHE WF 97 -112.34 1.62 -36.58
C PHE WF 97 -111.30 2.70 -36.85
N THR WF 98 -111.28 3.16 -38.10
CA THR WF 98 -110.47 4.31 -38.46
C THR WF 98 -111.17 5.58 -38.02
N GLN WF 99 -110.40 6.65 -37.92
CA GLN WF 99 -110.98 7.91 -37.48
C GLN WF 99 -111.98 8.46 -38.48
N TYR WF 100 -112.04 7.92 -39.69
CA TYR WF 100 -112.99 8.40 -40.68
C TYR WF 100 -114.15 7.45 -40.87
N SER WF 101 -114.24 6.40 -40.04
CA SER WF 101 -115.27 5.41 -40.27
C SER WF 101 -116.63 6.09 -40.32
N THR WF 102 -117.62 5.37 -40.83
CA THR WF 102 -118.96 5.89 -40.86
C THR WF 102 -119.91 4.91 -40.19
N ASP WF 103 -120.97 5.47 -39.60
CA ASP WF 103 -121.97 4.63 -38.96
C ASP WF 103 -122.44 3.54 -39.90
N GLU WF 104 -122.54 3.84 -41.19
CA GLU WF 104 -122.87 2.83 -42.19
C GLU WF 104 -122.03 1.57 -41.95
N GLU WF 105 -120.73 1.70 -42.12
CA GLU WF 105 -119.87 0.52 -42.04
C GLU WF 105 -119.86 -0.04 -40.62
N ARG WF 106 -119.91 0.83 -39.61
CA ARG WF 106 -119.87 0.33 -38.25
C ARG WF 106 -121.05 -0.59 -37.98
N ALA WF 107 -122.26 -0.11 -38.25
CA ALA WF 107 -123.45 -0.94 -38.06
C ALA WF 107 -123.38 -2.18 -38.93
N PHE WF 108 -122.87 -2.04 -40.16
CA PHE WF 108 -122.72 -3.20 -41.02
C PHE WF 108 -121.89 -4.27 -40.32
N VAL WF 109 -120.75 -3.87 -39.75
CA VAL WF 109 -119.89 -4.81 -39.05
C VAL WF 109 -120.63 -5.41 -37.87
N ARG WF 110 -121.36 -4.56 -37.15
CA ARG WF 110 -122.09 -5.04 -35.98
C ARG WF 110 -123.02 -6.17 -36.35
N THR WF 111 -123.97 -5.89 -37.23
CA THR WF 111 -124.95 -6.89 -37.59
C THR WF 111 -124.27 -8.07 -38.27
N GLU WF 112 -123.13 -7.84 -38.94
CA GLU WF 112 -122.39 -8.94 -39.52
C GLU WF 112 -121.99 -9.93 -38.46
N LEU WF 113 -121.39 -9.43 -37.40
CA LEU WF 113 -120.96 -10.31 -36.33
C LEU WF 113 -122.17 -10.97 -35.69
N ALA WF 114 -123.26 -10.23 -35.58
CA ALA WF 114 -124.47 -10.81 -35.02
C ALA WF 114 -124.94 -12.00 -35.83
N ALA WF 115 -125.07 -11.82 -37.14
CA ALA WF 115 -125.56 -12.89 -37.98
C ALA WF 115 -124.59 -14.07 -37.97
N LEU WF 116 -123.28 -13.81 -37.92
CA LEU WF 116 -122.37 -14.94 -37.80
C LEU WF 116 -122.61 -15.70 -36.52
N LEU WF 117 -122.80 -14.97 -35.42
CA LEU WF 117 -123.13 -15.60 -34.16
C LEU WF 117 -124.40 -16.45 -34.27
N ALA WF 118 -125.31 -16.10 -35.15
CA ALA WF 118 -126.52 -16.88 -35.35
C ALA WF 118 -126.36 -18.01 -36.34
N SER WF 119 -125.42 -17.90 -37.28
CA SER WF 119 -125.35 -18.84 -38.39
C SER WF 119 -124.82 -20.19 -37.94
N PRO WF 120 -125.15 -21.25 -38.69
CA PRO WF 120 -124.71 -22.59 -38.28
C PRO WF 120 -123.22 -22.67 -38.06
N LEU WF 121 -122.43 -21.90 -38.80
CA LEU WF 121 -120.98 -21.97 -38.69
C LEU WF 121 -120.53 -21.78 -37.26
N LEU WF 122 -120.74 -20.59 -36.71
CA LEU WF 122 -120.31 -20.35 -35.35
C LEU WF 122 -121.03 -21.27 -34.39
N ILE WF 123 -122.27 -21.64 -34.69
CA ILE WF 123 -123.01 -22.54 -33.80
C ILE WF 123 -122.17 -23.75 -33.47
N ASP WF 124 -121.89 -24.58 -34.47
CA ASP WF 124 -121.12 -25.78 -34.18
C ASP WF 124 -119.65 -25.45 -33.95
N ALA WF 125 -119.21 -24.24 -34.32
CA ALA WF 125 -117.86 -23.83 -34.01
C ALA WF 125 -117.65 -23.73 -32.51
N ILE WF 126 -118.64 -23.21 -31.81
CA ILE WF 126 -118.54 -22.89 -30.39
C ILE WF 126 -119.25 -23.91 -29.54
N ASP WF 127 -120.53 -24.13 -29.78
CA ASP WF 127 -121.30 -25.05 -28.96
C ASP WF 127 -120.64 -26.41 -28.94
N GLN WF 128 -120.36 -26.95 -30.11
CA GLN WF 128 -119.75 -28.25 -30.22
C GLN WF 128 -118.24 -28.20 -30.35
N LEU WF 129 -117.63 -27.01 -30.31
CA LEU WF 129 -116.18 -26.90 -30.19
C LEU WF 129 -115.52 -27.54 -31.40
N ASN WF 130 -116.06 -27.26 -32.56
CA ASN WF 130 -115.72 -28.04 -33.73
C ASN WF 130 -114.95 -27.21 -34.75
N PRO WF 131 -113.69 -27.52 -35.02
CA PRO WF 131 -112.95 -26.76 -36.03
C PRO WF 131 -113.67 -26.75 -37.36
N ALA WF 132 -113.72 -25.57 -37.96
CA ALA WF 132 -114.34 -25.42 -39.26
C ALA WF 132 -113.45 -26.01 -40.33
N TYR WF 133 -114.03 -26.83 -41.20
CA TYR WF 133 -113.34 -27.34 -42.37
C TYR WF 133 -114.28 -28.03 -43.35
N ALA XF 2 -98.82 -80.29 -34.77
CA ALA XF 2 -97.54 -80.78 -34.18
C ALA XF 2 -97.72 -81.04 -32.68
N LYS XF 3 -98.76 -81.77 -32.31
CA LYS XF 3 -99.03 -82.01 -30.90
C LYS XF 3 -97.97 -82.95 -30.34
N LEU XF 4 -97.60 -82.72 -29.08
CA LEU XF 4 -96.53 -83.46 -28.43
C LEU XF 4 -97.12 -84.45 -27.44
N GLU XF 5 -96.69 -85.71 -27.54
CA GLU XF 5 -97.19 -86.78 -26.69
C GLU XF 5 -96.13 -87.87 -26.64
N THR XF 6 -96.53 -89.05 -26.16
CA THR XF 6 -95.63 -90.19 -26.13
C THR XF 6 -95.41 -90.72 -27.54
N VAL XF 7 -94.16 -91.01 -27.86
CA VAL XF 7 -93.78 -91.59 -29.14
C VAL XF 7 -93.18 -92.95 -28.88
N THR XF 8 -93.74 -93.98 -29.52
CA THR XF 8 -93.29 -95.36 -29.36
C THR XF 8 -92.63 -95.79 -30.67
N LEU XF 9 -91.32 -95.79 -30.67
CA LEU XF 9 -90.55 -96.07 -31.87
C LEU XF 9 -90.11 -97.53 -31.80
N GLY XF 10 -90.68 -98.36 -32.67
CA GLY XF 10 -90.42 -99.78 -32.63
C GLY XF 10 -89.50 -100.24 -33.74
N ASN XF 11 -89.03 -101.47 -33.65
CA ASN XF 11 -88.11 -102.04 -34.64
C ASN XF 11 -86.87 -101.16 -34.74
N ILE XF 12 -86.16 -101.08 -33.63
CA ILE XF 12 -85.00 -100.21 -33.47
C ILE XF 12 -83.77 -101.09 -33.36
N GLY XF 13 -82.65 -100.56 -33.82
CA GLY XF 13 -81.37 -101.19 -33.59
C GLY XF 13 -80.90 -102.03 -34.76
N LYS XF 14 -79.86 -102.82 -34.48
CA LYS XF 14 -79.22 -103.62 -35.50
C LYS XF 14 -80.18 -104.66 -36.04
N ASP XF 15 -80.78 -105.41 -35.14
CA ASP XF 15 -81.80 -106.39 -35.47
C ASP XF 15 -83.17 -105.77 -35.68
N GLY XF 16 -83.35 -104.53 -35.27
CA GLY XF 16 -84.66 -103.92 -35.31
C GLY XF 16 -85.63 -104.62 -34.38
N LYS XF 17 -85.18 -104.88 -33.15
CA LYS XF 17 -86.01 -105.58 -32.17
C LYS XF 17 -86.37 -104.76 -30.95
N GLN XF 18 -85.57 -103.79 -30.55
CA GLN XF 18 -85.89 -103.04 -29.33
C GLN XF 18 -86.91 -101.95 -29.65
N THR XF 19 -87.27 -101.22 -28.61
CA THR XF 19 -88.27 -100.17 -28.70
C THR XF 19 -87.86 -99.01 -27.82
N LEU XF 20 -88.23 -97.80 -28.24
CA LEU XF 20 -87.94 -96.60 -27.47
C LEU XF 20 -89.24 -95.84 -27.22
N VAL XF 21 -89.48 -95.52 -25.97
CA VAL XF 21 -90.68 -94.80 -25.57
C VAL XF 21 -90.24 -93.44 -25.07
N LEU XF 22 -90.58 -92.39 -25.82
CA LEU XF 22 -90.21 -91.03 -25.47
C LEU XF 22 -91.44 -90.27 -25.02
N ASN XF 23 -91.43 -89.84 -23.85
CA ASN XF 23 -92.47 -88.98 -23.35
C ASN XF 23 -92.06 -87.53 -23.52
N PRO XF 24 -93.03 -86.64 -23.63
CA PRO XF 24 -92.73 -85.24 -23.93
C PRO XF 24 -92.27 -84.48 -22.69
N ARG XF 25 -91.83 -83.25 -22.96
CA ARG XF 25 -91.33 -82.33 -21.97
C ARG XF 25 -91.97 -80.99 -22.29
N GLY XF 26 -91.41 -79.89 -21.81
CA GLY XF 26 -91.88 -78.57 -22.19
C GLY XF 26 -90.95 -77.95 -23.22
N VAL XF 27 -91.52 -77.03 -23.98
CA VAL XF 27 -90.75 -76.32 -25.01
C VAL XF 27 -89.90 -75.25 -24.33
N ASN XF 28 -88.63 -75.25 -24.64
CA ASN XF 28 -87.75 -74.19 -24.17
C ASN XF 28 -88.29 -72.85 -24.61
N PRO XF 29 -88.76 -72.00 -23.70
CA PRO XF 29 -89.29 -70.70 -24.13
C PRO XF 29 -88.22 -69.82 -24.76
N THR XF 30 -86.98 -69.94 -24.31
CA THR XF 30 -85.94 -69.04 -24.77
C THR XF 30 -85.71 -69.16 -26.27
N ASN XF 31 -85.95 -70.33 -26.86
CA ASN XF 31 -85.74 -70.48 -28.30
C ASN XF 31 -86.81 -71.33 -28.97
N GLY XF 32 -87.86 -71.72 -28.28
CA GLY XF 32 -88.93 -72.46 -28.92
C GLY XF 32 -88.48 -73.83 -29.40
N VAL XF 33 -88.19 -74.73 -28.45
CA VAL XF 33 -87.69 -76.05 -28.77
C VAL XF 33 -88.43 -77.07 -27.92
N ALA XF 34 -89.15 -77.97 -28.55
CA ALA XF 34 -89.81 -79.05 -27.83
C ALA XF 34 -88.81 -80.18 -27.57
N SER XF 35 -89.07 -80.95 -26.52
CA SER XF 35 -88.12 -81.96 -26.07
C SER XF 35 -88.83 -83.27 -25.71
N LEU XF 36 -88.15 -84.36 -25.99
CA LEU XF 36 -88.65 -85.70 -25.72
C LEU XF 36 -87.55 -86.48 -25.02
N SER XF 37 -87.95 -87.34 -24.08
CA SER XF 37 -86.98 -88.08 -23.29
C SER XF 37 -87.50 -89.47 -23.00
N GLN XF 38 -86.59 -90.40 -22.73
CA GLN XF 38 -86.99 -91.78 -22.48
C GLN XF 38 -88.08 -91.83 -21.42
N ALA XF 39 -88.81 -92.94 -21.38
CA ALA XF 39 -89.86 -93.10 -20.39
C ALA XF 39 -89.36 -92.79 -18.99
N GLY XF 40 -88.06 -92.91 -18.76
CA GLY XF 40 -87.47 -92.61 -17.48
C GLY XF 40 -87.10 -93.88 -16.74
N ALA XF 41 -86.78 -93.71 -15.46
CA ALA XF 41 -86.80 -92.42 -14.77
C ALA XF 41 -85.56 -91.60 -15.08
N VAL XF 42 -84.41 -92.07 -14.61
CA VAL XF 42 -83.15 -91.36 -14.89
C VAL XF 42 -82.92 -91.25 -16.38
N PRO XF 43 -83.21 -92.26 -17.20
CA PRO XF 43 -83.05 -92.08 -18.65
C PRO XF 43 -83.76 -90.85 -19.21
N ALA XF 44 -84.75 -90.31 -18.50
CA ALA XF 44 -85.40 -89.07 -18.94
C ALA XF 44 -84.43 -87.90 -18.92
N LEU XF 45 -83.49 -87.88 -17.97
CA LEU XF 45 -82.45 -86.87 -17.90
C LEU XF 45 -81.15 -87.31 -18.57
N GLU XF 46 -81.19 -88.33 -19.43
CA GLU XF 46 -80.05 -88.74 -20.23
C GLU XF 46 -80.35 -88.71 -21.72
N LYS XF 47 -81.40 -89.39 -22.15
CA LYS XF 47 -81.76 -89.45 -23.55
C LYS XF 47 -82.60 -88.25 -23.95
N ARG XF 48 -82.23 -87.59 -25.04
CA ARG XF 48 -82.91 -86.37 -25.44
C ARG XF 48 -83.16 -86.37 -26.94
N VAL XF 49 -84.32 -85.83 -27.33
CA VAL XF 49 -84.59 -85.54 -28.73
C VAL XF 49 -85.32 -84.20 -28.77
N THR XF 50 -84.68 -83.20 -29.36
CA THR XF 50 -85.24 -81.86 -29.44
C THR XF 50 -85.70 -81.58 -30.87
N VAL XF 51 -86.75 -80.78 -30.98
CA VAL XF 51 -87.31 -80.40 -32.27
C VAL XF 51 -87.58 -78.91 -32.25
N SER XF 52 -87.29 -78.24 -33.37
CA SER XF 52 -87.44 -76.81 -33.47
C SER XF 52 -87.82 -76.43 -34.89
N VAL XF 53 -88.62 -75.38 -35.04
CA VAL XF 53 -88.94 -74.88 -36.36
C VAL XF 53 -88.83 -73.35 -36.37
N SER XF 54 -87.71 -72.85 -36.84
CA SER XF 54 -87.53 -71.42 -37.01
C SER XF 54 -88.31 -70.95 -38.23
N GLN XF 55 -89.31 -70.12 -37.98
CA GLN XF 55 -90.08 -69.42 -39.00
C GLN XF 55 -89.17 -68.45 -39.77
N PRO XF 56 -89.67 -67.82 -40.82
CA PRO XF 56 -88.80 -66.96 -41.63
C PRO XF 56 -88.39 -65.76 -40.81
N SER XF 57 -87.47 -64.98 -41.37
CA SER XF 57 -87.04 -63.75 -40.72
C SER XF 57 -86.21 -62.95 -41.72
N ARG XF 58 -85.63 -61.85 -41.24
CA ARG XF 58 -84.74 -61.08 -42.10
C ARG XF 58 -83.47 -61.85 -42.40
N ASN XF 59 -82.99 -62.66 -41.45
CA ASN XF 59 -81.87 -63.53 -41.73
C ASN XF 59 -82.33 -64.92 -42.12
N ARG XF 60 -83.48 -65.37 -41.60
CA ARG XF 60 -84.08 -66.65 -41.99
C ARG XF 60 -84.90 -66.48 -43.26
N LYS XF 61 -84.81 -67.42 -44.19
CA LYS XF 61 -85.33 -67.13 -45.54
C LYS XF 61 -86.51 -67.93 -46.07
N ASN XF 62 -86.48 -69.26 -46.26
CA ASN XF 62 -85.73 -70.34 -45.59
C ASN XF 62 -86.18 -70.60 -44.15
N TYR XF 63 -87.42 -71.07 -44.03
CA TYR XF 63 -87.82 -71.91 -42.91
C TYR XF 63 -86.72 -72.89 -42.56
N LYS XF 64 -86.46 -73.06 -41.27
CA LYS XF 64 -85.39 -73.95 -40.82
C LYS XF 64 -85.92 -74.87 -39.74
N VAL XF 65 -86.07 -76.15 -40.05
CA VAL XF 65 -86.57 -77.12 -39.08
C VAL XF 65 -85.45 -78.05 -38.70
N GLN XF 66 -85.14 -78.09 -37.41
CA GLN XF 66 -84.03 -78.86 -36.91
C GLN XF 66 -84.53 -79.91 -35.93
N VAL XF 67 -83.93 -81.10 -36.00
CA VAL XF 67 -84.16 -82.15 -35.02
C VAL XF 67 -82.81 -82.63 -34.52
N LYS XF 68 -82.58 -82.52 -33.23
CA LYS XF 68 -81.38 -83.03 -32.58
C LYS XF 68 -81.75 -84.28 -31.80
N ILE XF 69 -80.85 -85.26 -31.77
CA ILE XF 69 -80.91 -86.33 -30.79
C ILE XF 69 -79.59 -86.43 -30.07
N GLN XF 70 -79.66 -86.74 -28.78
CA GLN XF 70 -78.51 -86.92 -27.92
C GLN XF 70 -78.72 -88.20 -27.12
N ASN XF 71 -77.72 -89.07 -27.13
CA ASN XF 71 -77.78 -90.36 -26.44
C ASN XF 71 -76.49 -90.57 -25.69
N PRO XF 72 -76.44 -90.32 -24.40
CA PRO XF 72 -75.21 -90.60 -23.65
C PRO XF 72 -75.16 -92.01 -23.10
N THR XF 73 -74.11 -92.74 -23.46
CA THR XF 73 -73.86 -94.05 -22.87
C THR XF 73 -73.05 -93.89 -21.61
N ALA XF 74 -73.54 -94.47 -20.52
CA ALA XF 74 -72.91 -94.32 -19.23
C ALA XF 74 -72.72 -95.70 -18.62
N CYS XF 75 -72.04 -95.73 -17.47
CA CYS XF 75 -72.04 -96.95 -16.68
C CYS XF 75 -71.52 -96.64 -15.28
N THR XF 76 -71.42 -97.69 -14.49
CA THR XF 76 -71.09 -97.60 -13.08
C THR XF 76 -69.75 -98.25 -12.85
N ALA XF 77 -68.82 -97.49 -12.26
CA ALA XF 77 -67.52 -98.06 -11.90
C ALA XF 77 -67.72 -99.15 -10.85
N ASN XF 78 -66.81 -100.12 -10.84
CA ASN XF 78 -66.93 -101.21 -9.89
C ASN XF 78 -66.59 -100.71 -8.50
N GLY XF 79 -67.61 -100.24 -7.78
CA GLY XF 79 -67.41 -99.72 -6.44
C GLY XF 79 -68.23 -98.49 -6.16
N SER XF 80 -68.55 -97.72 -7.21
CA SER XF 80 -69.36 -96.51 -7.04
C SER XF 80 -70.84 -96.87 -7.14
N CYS XF 81 -71.69 -95.85 -7.13
CA CYS XF 81 -73.13 -96.08 -7.24
C CYS XF 81 -73.74 -95.36 -8.44
N ASP XF 82 -73.51 -94.06 -8.52
CA ASP XF 82 -74.15 -93.26 -9.55
C ASP XF 82 -73.51 -93.53 -10.90
N PRO XF 83 -74.28 -93.79 -11.95
CA PRO XF 83 -73.69 -94.00 -13.27
C PRO XF 83 -73.15 -92.70 -13.82
N SER XF 84 -71.95 -92.77 -14.39
CA SER XF 84 -71.34 -91.61 -15.03
C SER XF 84 -71.23 -91.86 -16.52
N VAL XF 85 -71.33 -90.78 -17.28
CA VAL XF 85 -71.40 -90.85 -18.73
C VAL XF 85 -69.99 -91.05 -19.28
N THR XF 86 -69.79 -92.13 -20.04
CA THR XF 86 -68.49 -92.38 -20.64
C THR XF 86 -68.46 -92.08 -22.13
N ARG XF 87 -69.60 -92.06 -22.79
CA ARG XF 87 -69.68 -91.73 -24.19
C ARG XF 87 -70.95 -90.93 -24.43
N GLN XF 88 -70.98 -90.20 -25.54
CA GLN XF 88 -72.19 -89.45 -25.86
C GLN XF 88 -72.29 -89.30 -27.37
N ALA XF 89 -73.21 -90.04 -27.97
CA ALA XF 89 -73.47 -89.94 -29.40
C ALA XF 89 -74.58 -88.92 -29.63
N TYR XF 90 -74.57 -88.30 -30.80
CA TYR XF 90 -75.63 -87.35 -31.08
C TYR XF 90 -75.67 -87.05 -32.57
N ALA XF 91 -76.86 -86.73 -33.03
CA ALA XF 91 -77.10 -86.46 -34.44
C ALA XF 91 -77.93 -85.19 -34.57
N ASP XF 92 -77.74 -84.50 -35.67
CA ASP XF 92 -78.45 -83.25 -35.94
C ASP XF 92 -78.87 -83.24 -37.39
N VAL XF 93 -80.15 -83.08 -37.63
CA VAL XF 93 -80.66 -82.96 -38.97
C VAL XF 93 -81.34 -81.61 -39.12
N THR XF 94 -81.14 -80.99 -40.27
CA THR XF 94 -81.57 -79.62 -40.49
C THR XF 94 -82.16 -79.52 -41.89
N PHE XF 95 -83.45 -79.22 -41.95
CA PHE XF 95 -84.16 -79.04 -43.20
C PHE XF 95 -84.35 -77.56 -43.45
N SER XF 96 -84.00 -77.11 -44.64
CA SER XF 96 -84.13 -75.73 -45.03
C SER XF 96 -85.11 -75.68 -46.21
N PHE XF 97 -86.23 -75.00 -46.00
CA PHE XF 97 -87.26 -74.91 -47.02
C PHE XF 97 -87.53 -73.46 -47.37
N THR XF 98 -87.86 -73.22 -48.63
CA THR XF 98 -88.22 -71.89 -49.08
C THR XF 98 -89.67 -71.58 -48.77
N GLN XF 99 -89.96 -70.28 -48.64
CA GLN XF 99 -91.30 -69.86 -48.26
C GLN XF 99 -92.33 -70.40 -49.23
N TYR XF 100 -91.95 -70.57 -50.50
CA TYR XF 100 -92.82 -71.12 -51.51
C TYR XF 100 -92.73 -72.63 -51.59
N SER XF 101 -92.07 -73.25 -50.62
CA SER XF 101 -91.98 -74.70 -50.60
C SER XF 101 -93.38 -75.32 -50.58
N THR XF 102 -93.46 -76.58 -50.96
CA THR XF 102 -94.71 -77.31 -50.98
C THR XF 102 -94.64 -78.42 -49.95
N ASP XF 103 -95.74 -78.63 -49.24
CA ASP XF 103 -95.81 -79.76 -48.32
C ASP XF 103 -95.51 -81.07 -49.04
N GLU XF 104 -95.90 -81.19 -50.31
CA GLU XF 104 -95.61 -82.39 -51.06
C GLU XF 104 -94.11 -82.61 -51.13
N GLU XF 105 -93.38 -81.59 -51.56
CA GLU XF 105 -91.93 -81.72 -51.66
C GLU XF 105 -91.31 -81.95 -50.30
N ARG XF 106 -91.83 -81.30 -49.27
CA ARG XF 106 -91.28 -81.49 -47.94
C ARG XF 106 -91.40 -82.95 -47.52
N ALA XF 107 -92.60 -83.53 -47.71
CA ALA XF 107 -92.79 -84.93 -47.34
C ALA XF 107 -91.92 -85.83 -48.19
N PHE XF 108 -91.83 -85.52 -49.48
CA PHE XF 108 -90.91 -86.25 -50.36
C PHE XF 108 -89.52 -86.28 -49.77
N VAL XF 109 -89.01 -85.12 -49.37
CA VAL XF 109 -87.67 -85.03 -48.82
C VAL XF 109 -87.58 -85.84 -47.54
N ARG XF 110 -88.57 -85.71 -46.68
CA ARG XF 110 -88.53 -86.42 -45.41
C ARG XF 110 -88.38 -87.90 -45.66
N THR XF 111 -89.35 -88.49 -46.35
CA THR XF 111 -89.30 -89.91 -46.61
C THR XF 111 -88.03 -90.28 -47.36
N GLU XF 112 -87.50 -89.37 -48.18
CA GLU XF 112 -86.29 -89.69 -48.90
C GLU XF 112 -85.16 -89.87 -47.93
N LEU XF 113 -84.99 -88.93 -47.01
CA LEU XF 113 -83.96 -89.08 -46.00
C LEU XF 113 -84.19 -90.35 -45.22
N ALA XF 114 -85.45 -90.66 -44.91
CA ALA XF 114 -85.72 -91.83 -44.09
C ALA XF 114 -85.26 -93.10 -44.78
N ALA XF 115 -85.70 -93.30 -46.01
CA ALA XF 115 -85.34 -94.54 -46.68
C ALA XF 115 -83.86 -94.57 -47.05
N LEU XF 116 -83.25 -93.40 -47.27
CA LEU XF 116 -81.79 -93.38 -47.35
C LEU XF 116 -81.16 -93.97 -46.10
N LEU XF 117 -81.59 -93.49 -44.95
CA LEU XF 117 -81.02 -94.00 -43.72
C LEU XF 117 -81.32 -95.48 -43.56
N ALA XF 118 -82.40 -95.95 -44.18
CA ALA XF 118 -82.68 -97.38 -44.19
C ALA XF 118 -81.85 -98.14 -45.22
N SER XF 119 -81.23 -97.45 -46.17
CA SER XF 119 -80.57 -98.10 -47.28
C SER XF 119 -79.23 -98.72 -46.89
N PRO XF 120 -78.74 -99.69 -47.67
CA PRO XF 120 -77.42 -100.27 -47.38
C PRO XF 120 -76.31 -99.26 -47.34
N LEU XF 121 -76.39 -98.23 -48.18
CA LEU XF 121 -75.32 -97.25 -48.19
C LEU XF 121 -75.10 -96.69 -46.80
N LEU XF 122 -76.13 -96.13 -46.22
CA LEU XF 122 -75.95 -95.50 -44.92
C LEU XF 122 -75.82 -96.53 -43.80
N ILE XF 123 -76.58 -97.64 -43.86
CA ILE XF 123 -76.35 -98.69 -42.87
C ILE XF 123 -74.85 -98.93 -42.74
N ASP XF 124 -74.17 -99.15 -43.86
CA ASP XF 124 -72.76 -99.45 -43.79
C ASP XF 124 -71.96 -98.21 -43.42
N ALA XF 125 -72.36 -97.05 -43.94
CA ALA XF 125 -71.57 -95.84 -43.77
C ALA XF 125 -71.54 -95.36 -42.33
N ILE XF 126 -72.53 -95.74 -41.53
CA ILE XF 126 -72.58 -95.23 -40.17
C ILE XF 126 -72.31 -96.36 -39.19
N ASP XF 127 -72.96 -97.51 -39.38
CA ASP XF 127 -72.69 -98.59 -38.44
C ASP XF 127 -71.21 -98.89 -38.41
N GLN XF 128 -70.62 -99.14 -39.57
CA GLN XF 128 -69.24 -99.54 -39.65
C GLN XF 128 -68.31 -98.37 -39.91
N LEU XF 129 -68.84 -97.16 -40.03
CA LEU XF 129 -68.03 -96.00 -40.38
C LEU XF 129 -67.26 -96.27 -41.67
N ASN XF 130 -67.93 -96.87 -42.62
CA ASN XF 130 -67.29 -97.24 -43.87
C ASN XF 130 -67.54 -96.22 -44.95
N PRO XF 131 -66.52 -95.53 -45.44
CA PRO XF 131 -66.71 -94.64 -46.58
C PRO XF 131 -67.20 -95.43 -47.78
N ALA XF 132 -67.95 -94.76 -48.64
CA ALA XF 132 -68.50 -95.43 -49.81
C ALA XF 132 -67.40 -95.58 -50.85
N TYR XF 133 -66.73 -96.72 -50.86
CA TYR XF 133 -65.68 -96.99 -51.84
C TYR XF 133 -65.48 -98.50 -51.96
N ALA YF 2 -109.33 -69.15 -23.77
CA ALA YF 2 -109.10 -68.88 -25.22
C ALA YF 2 -108.33 -70.01 -25.90
N LYS YF 3 -108.68 -71.26 -25.57
CA LYS YF 3 -108.05 -72.39 -26.22
C LYS YF 3 -108.08 -72.22 -27.73
N LEU YF 4 -106.97 -72.53 -28.39
CA LEU YF 4 -106.93 -72.47 -29.83
C LEU YF 4 -107.91 -73.46 -30.42
N GLU YF 5 -108.43 -73.13 -31.60
CA GLU YF 5 -109.46 -73.94 -32.23
C GLU YF 5 -109.74 -73.39 -33.62
N THR YF 6 -110.38 -74.22 -34.44
CA THR YF 6 -110.71 -73.84 -35.80
C THR YF 6 -111.73 -72.70 -35.80
N VAL YF 7 -111.30 -71.50 -36.18
CA VAL YF 7 -112.17 -70.34 -36.16
C VAL YF 7 -112.86 -70.22 -37.50
N THR YF 8 -114.18 -70.12 -37.47
CA THR YF 8 -114.98 -70.05 -38.69
C THR YF 8 -115.61 -68.66 -38.73
N LEU YF 9 -115.05 -67.82 -39.59
CA LEU YF 9 -115.51 -66.45 -39.71
C LEU YF 9 -116.61 -66.42 -40.75
N GLY YF 10 -117.78 -65.91 -40.37
CA GLY YF 10 -118.96 -66.04 -41.20
C GLY YF 10 -118.97 -65.05 -42.36
N ASN YF 11 -120.12 -64.43 -42.61
CA ASN YF 11 -120.25 -63.56 -43.77
C ASN YF 11 -119.12 -62.54 -43.80
N ILE YF 12 -118.56 -62.32 -44.97
CA ILE YF 12 -117.30 -61.59 -45.10
C ILE YF 12 -117.22 -61.02 -46.51
N GLY YF 13 -116.67 -59.82 -46.63
CA GLY YF 13 -116.49 -59.15 -47.91
C GLY YF 13 -117.50 -58.05 -48.10
N LYS YF 14 -117.50 -57.47 -49.31
CA LYS YF 14 -118.46 -56.42 -49.60
C LYS YF 14 -119.89 -56.92 -49.42
N ASP YF 15 -120.28 -57.89 -50.24
CA ASP YF 15 -121.63 -58.43 -50.20
C ASP YF 15 -121.89 -59.24 -48.95
N GLY YF 16 -120.87 -59.53 -48.15
CA GLY YF 16 -121.06 -60.36 -46.98
C GLY YF 16 -121.54 -61.74 -47.35
N LYS YF 17 -120.74 -62.45 -48.13
CA LYS YF 17 -121.12 -63.79 -48.57
C LYS YF 17 -120.04 -64.83 -48.39
N GLN YF 18 -118.77 -64.47 -48.38
CA GLN YF 18 -117.73 -65.47 -48.27
C GLN YF 18 -117.59 -65.92 -46.84
N THR YF 19 -116.73 -66.91 -46.63
CA THR YF 19 -116.51 -67.48 -45.32
C THR YF 19 -115.04 -67.84 -45.17
N LEU YF 20 -114.53 -67.79 -43.96
CA LEU YF 20 -113.12 -68.05 -43.68
C LEU YF 20 -112.98 -69.16 -42.66
N VAL YF 21 -111.99 -70.02 -42.84
CA VAL YF 21 -111.76 -71.15 -41.95
C VAL YF 21 -110.29 -71.12 -41.57
N LEU YF 22 -109.99 -70.67 -40.37
CA LEU YF 22 -108.62 -70.57 -39.88
C LEU YF 22 -108.35 -71.74 -38.97
N ASN YF 23 -107.39 -72.58 -39.34
CA ASN YF 23 -107.00 -73.68 -38.48
C ASN YF 23 -105.97 -73.22 -37.46
N PRO YF 24 -105.97 -73.82 -36.27
CA PRO YF 24 -104.98 -73.45 -35.26
C PRO YF 24 -103.63 -74.06 -35.60
N ARG YF 25 -102.63 -73.19 -35.80
CA ARG YF 25 -101.28 -73.66 -36.06
C ARG YF 25 -100.54 -74.00 -34.77
N GLY YF 26 -100.31 -73.00 -33.94
CA GLY YF 26 -99.54 -73.21 -32.73
C GLY YF 26 -99.35 -71.91 -32.00
N VAL YF 27 -98.33 -71.87 -31.14
CA VAL YF 27 -98.03 -70.68 -30.37
C VAL YF 27 -96.53 -70.51 -30.27
N ASN YF 28 -95.99 -69.50 -30.92
CA ASN YF 28 -94.60 -69.17 -30.75
C ASN YF 28 -94.35 -68.71 -29.32
N PRO YF 29 -93.49 -69.37 -28.57
CA PRO YF 29 -93.27 -68.99 -27.18
C PRO YF 29 -92.26 -67.87 -27.03
N THR YF 30 -91.40 -67.69 -28.03
CA THR YF 30 -90.41 -66.63 -27.93
C THR YF 30 -91.07 -65.27 -27.74
N ASN YF 31 -92.33 -65.16 -28.17
CA ASN YF 31 -93.07 -63.92 -28.05
C ASN YF 31 -94.43 -64.14 -27.43
N GLY YF 32 -94.78 -65.38 -27.09
CA GLY YF 32 -96.10 -65.67 -26.59
C GLY YF 32 -97.17 -65.23 -27.57
N VAL YF 33 -97.16 -65.82 -28.77
CA VAL YF 33 -98.09 -65.39 -29.82
C VAL YF 33 -98.72 -66.62 -30.45
N ALA YF 34 -100.03 -66.69 -30.40
CA ALA YF 34 -100.76 -67.79 -31.03
C ALA YF 34 -101.07 -67.44 -32.48
N SER YF 35 -101.01 -68.45 -33.34
CA SER YF 35 -101.10 -68.26 -34.78
C SER YF 35 -102.22 -69.11 -35.37
N LEU YF 36 -102.99 -68.51 -36.26
CA LEU YF 36 -103.98 -69.22 -37.06
C LEU YF 36 -103.66 -68.97 -38.52
N SER YF 37 -103.91 -69.97 -39.34
CA SER YF 37 -103.60 -69.89 -40.76
C SER YF 37 -104.72 -70.50 -41.57
N GLN YF 38 -104.95 -69.93 -42.74
CA GLN YF 38 -105.90 -70.51 -43.66
C GLN YF 38 -105.41 -71.87 -44.12
N ALA YF 39 -106.35 -72.79 -44.29
CA ALA YF 39 -106.01 -74.14 -44.70
C ALA YF 39 -105.38 -74.12 -46.08
N GLY YF 40 -104.11 -74.50 -46.16
CA GLY YF 40 -103.42 -74.53 -47.44
C GLY YF 40 -102.21 -75.44 -47.45
N ALA YF 41 -101.31 -75.21 -48.39
CA ALA YF 41 -100.06 -75.96 -48.46
C ALA YF 41 -98.85 -75.04 -48.58
N VAL YF 42 -98.99 -73.98 -49.37
CA VAL YF 42 -97.87 -73.10 -49.65
C VAL YF 42 -97.85 -72.00 -48.60
N PRO YF 43 -96.89 -71.98 -47.69
CA PRO YF 43 -96.96 -71.02 -46.58
C PRO YF 43 -97.10 -69.59 -47.04
N ALA YF 44 -96.44 -69.21 -48.12
CA ALA YF 44 -96.47 -67.83 -48.57
C ALA YF 44 -97.79 -67.45 -49.23
N LEU YF 45 -98.74 -68.38 -49.32
CA LEU YF 45 -100.03 -68.14 -49.94
C LEU YF 45 -101.15 -68.48 -48.99
N GLU YF 46 -101.00 -68.04 -47.74
CA GLU YF 46 -101.93 -68.40 -46.68
C GLU YF 46 -102.30 -67.15 -45.91
N LYS YF 47 -103.57 -67.06 -45.54
CA LYS YF 47 -104.08 -65.90 -44.84
C LYS YF 47 -103.86 -66.12 -43.35
N ARG YF 48 -103.11 -65.23 -42.71
CA ARG YF 48 -102.57 -65.49 -41.39
C ARG YF 48 -103.11 -64.51 -40.36
N VAL YF 49 -103.19 -64.98 -39.12
CA VAL YF 49 -103.59 -64.14 -38.00
C VAL YF 49 -102.74 -64.52 -36.80
N THR YF 50 -102.38 -63.52 -36.00
CA THR YF 50 -101.60 -63.75 -34.77
C THR YF 50 -102.19 -62.93 -33.65
N VAL YF 51 -102.25 -63.53 -32.47
CA VAL YF 51 -102.79 -62.90 -31.27
C VAL YF 51 -101.74 -63.00 -30.17
N SER YF 52 -101.46 -61.89 -29.51
CA SER YF 52 -100.51 -61.85 -28.40
C SER YF 52 -101.07 -61.01 -27.27
N VAL YF 53 -100.80 -61.45 -26.05
CA VAL YF 53 -101.28 -60.80 -24.84
C VAL YF 53 -100.08 -60.53 -23.97
N SER YF 54 -99.60 -59.29 -23.95
CA SER YF 54 -98.44 -58.90 -23.17
C SER YF 54 -98.89 -58.38 -21.82
N GLN YF 55 -98.42 -59.03 -20.76
CA GLN YF 55 -98.71 -58.63 -19.40
C GLN YF 55 -97.91 -57.38 -19.04
N PRO YF 56 -98.33 -56.65 -18.00
CA PRO YF 56 -97.62 -55.42 -17.63
C PRO YF 56 -96.24 -55.72 -17.06
N SER YF 57 -95.22 -55.26 -17.77
CA SER YF 57 -93.86 -55.46 -17.37
C SER YF 57 -93.47 -54.49 -16.28
N ARG YF 58 -92.26 -54.67 -15.74
CA ARG YF 58 -91.64 -53.71 -14.85
C ARG YF 58 -91.37 -52.37 -15.52
N ASN YF 59 -91.41 -52.32 -16.84
CA ASN YF 59 -91.11 -51.13 -17.61
C ASN YF 59 -92.31 -50.61 -18.39
N ARG YF 60 -93.44 -51.32 -18.38
CA ARG YF 60 -94.62 -50.90 -19.12
C ARG YF 60 -95.84 -50.69 -18.24
N LYS YF 61 -96.07 -51.57 -17.27
CA LYS YF 61 -97.22 -51.45 -16.38
C LYS YF 61 -98.50 -51.21 -17.18
N ASN YF 62 -98.68 -51.99 -18.24
CA ASN YF 62 -99.89 -51.90 -19.03
C ASN YF 62 -100.15 -53.23 -19.72
N TYR YF 63 -101.39 -53.69 -19.67
CA TYR YF 63 -101.76 -54.86 -20.43
C TYR YF 63 -101.94 -54.47 -21.88
N LYS YF 64 -101.34 -55.26 -22.78
CA LYS YF 64 -101.36 -54.98 -24.21
C LYS YF 64 -101.89 -56.20 -24.93
N VAL YF 65 -102.69 -55.99 -25.96
CA VAL YF 65 -103.22 -57.07 -26.76
C VAL YF 65 -103.03 -56.71 -28.21
N GLN YF 66 -102.17 -57.45 -28.89
CA GLN YF 66 -101.83 -57.20 -30.28
C GLN YF 66 -102.46 -58.28 -31.14
N VAL YF 67 -103.12 -57.87 -32.21
CA VAL YF 67 -103.69 -58.81 -33.15
C VAL YF 67 -103.28 -58.37 -34.55
N LYS YF 68 -102.52 -59.21 -35.23
CA LYS YF 68 -102.05 -58.94 -36.58
C LYS YF 68 -102.75 -59.86 -37.56
N ILE YF 69 -103.10 -59.31 -38.71
CA ILE YF 69 -103.81 -60.05 -39.75
C ILE YF 69 -103.13 -59.75 -41.07
N GLN YF 70 -102.76 -60.81 -41.80
CA GLN YF 70 -102.01 -60.70 -43.04
C GLN YF 70 -102.74 -61.46 -44.13
N ASN YF 71 -102.93 -60.82 -45.27
CA ASN YF 71 -103.55 -61.43 -46.43
C ASN YF 71 -102.70 -61.18 -47.66
N PRO YF 72 -102.01 -62.19 -48.18
CA PRO YF 72 -101.29 -62.01 -49.43
C PRO YF 72 -102.17 -62.34 -50.63
N THR YF 73 -101.71 -61.91 -51.79
CA THR YF 73 -102.41 -62.12 -53.04
C THR YF 73 -101.72 -63.19 -53.87
N ALA YF 74 -102.52 -63.99 -54.56
CA ALA YF 74 -101.98 -65.09 -55.35
C ALA YF 74 -101.29 -64.59 -56.61
N CYS YF 75 -101.99 -63.79 -57.40
CA CYS YF 75 -101.50 -63.37 -58.72
C CYS YF 75 -100.84 -64.55 -59.43
N THR YF 76 -101.62 -65.62 -59.60
CA THR YF 76 -101.13 -66.80 -60.27
C THR YF 76 -100.81 -66.50 -61.74
N ALA YF 77 -99.65 -66.96 -62.19
CA ALA YF 77 -99.21 -66.76 -63.56
C ALA YF 77 -99.68 -67.90 -64.46
N ASN YF 78 -99.82 -67.59 -65.75
CA ASN YF 78 -100.28 -68.57 -66.73
C ASN YF 78 -99.16 -69.58 -66.96
N GLY YF 79 -98.91 -70.38 -65.93
CA GLY YF 79 -97.93 -71.45 -65.96
C GLY YF 79 -96.62 -71.01 -65.34
N SER YF 80 -95.55 -71.67 -65.76
CA SER YF 80 -94.17 -71.28 -65.51
C SER YF 80 -93.75 -71.49 -64.06
N CYS YF 81 -94.68 -71.49 -63.11
CA CYS YF 81 -94.65 -72.31 -61.91
C CYS YF 81 -95.65 -71.72 -60.90
N ASP YF 82 -95.69 -72.32 -59.72
CA ASP YF 82 -96.69 -71.96 -58.72
C ASP YF 82 -96.75 -70.44 -58.52
N PRO YF 83 -97.85 -69.95 -57.96
CA PRO YF 83 -98.05 -68.50 -57.89
C PRO YF 83 -96.96 -67.82 -57.08
N SER YF 84 -96.95 -66.50 -57.18
CA SER YF 84 -96.00 -65.66 -56.47
C SER YF 84 -96.73 -64.61 -55.66
N VAL YF 85 -96.04 -64.09 -54.67
CA VAL YF 85 -96.65 -63.15 -53.74
C VAL YF 85 -96.34 -61.73 -54.18
N THR YF 86 -97.38 -60.95 -54.46
CA THR YF 86 -97.23 -59.61 -55.02
C THR YF 86 -97.88 -58.52 -54.22
N ARG YF 87 -98.97 -58.80 -53.51
CA ARG YF 87 -99.66 -57.78 -52.74
C ARG YF 87 -99.95 -58.36 -51.36
N GLN YF 88 -99.95 -57.50 -50.34
CA GLN YF 88 -99.89 -57.97 -48.96
C GLN YF 88 -100.66 -56.98 -48.09
N ALA YF 89 -101.91 -57.28 -47.78
CA ALA YF 89 -102.67 -56.43 -46.88
C ALA YF 89 -102.34 -56.80 -45.44
N TYR YF 90 -101.86 -55.82 -44.68
CA TYR YF 90 -101.64 -56.00 -43.25
C TYR YF 90 -102.67 -55.21 -42.48
N ALA YF 91 -102.97 -55.68 -41.28
CA ALA YF 91 -103.69 -54.85 -40.34
C ALA YF 91 -103.26 -55.26 -38.94
N ASP YF 92 -103.27 -54.27 -38.05
CA ASP YF 92 -102.74 -54.43 -36.69
C ASP YF 92 -103.67 -53.71 -35.73
N VAL YF 93 -104.18 -54.44 -34.77
CA VAL YF 93 -105.01 -53.87 -33.72
C VAL YF 93 -104.24 -53.96 -32.43
N THR YF 94 -104.26 -52.89 -31.65
CA THR YF 94 -103.44 -52.77 -30.45
C THR YF 94 -104.30 -52.25 -29.30
N PHE YF 95 -104.91 -53.15 -28.56
CA PHE YF 95 -105.65 -52.75 -27.37
C PHE YF 95 -104.69 -52.49 -26.22
N SER YF 96 -104.95 -51.41 -25.50
CA SER YF 96 -104.14 -51.01 -24.36
C SER YF 96 -105.05 -50.85 -23.16
N PHE YF 97 -104.68 -51.44 -22.03
CA PHE YF 97 -105.48 -51.33 -20.83
C PHE YF 97 -104.58 -51.17 -19.61
N THR YF 98 -105.12 -50.53 -18.60
CA THR YF 98 -104.41 -50.33 -17.36
C THR YF 98 -104.64 -51.51 -16.43
N GLN YF 99 -103.78 -51.61 -15.43
CA GLN YF 99 -103.75 -52.82 -14.62
C GLN YF 99 -104.99 -52.88 -13.73
N TYR YF 100 -105.71 -51.77 -13.60
CA TYR YF 100 -107.00 -51.71 -12.94
C TYR YF 100 -108.15 -51.82 -13.92
N SER YF 101 -107.90 -52.34 -15.11
CA SER YF 101 -108.91 -52.44 -16.14
C SER YF 101 -110.18 -53.11 -15.60
N THR YF 102 -111.30 -52.88 -16.28
CA THR YF 102 -112.51 -53.65 -16.05
C THR YF 102 -112.87 -54.39 -17.33
N ASP YF 103 -113.16 -55.68 -17.20
CA ASP YF 103 -113.64 -56.44 -18.33
C ASP YF 103 -114.83 -55.77 -19.00
N GLU YF 104 -115.71 -55.13 -18.22
CA GLU YF 104 -116.79 -54.37 -18.82
C GLU YF 104 -116.24 -53.34 -19.80
N GLU YF 105 -115.30 -52.53 -19.33
CA GLU YF 105 -114.76 -51.48 -20.19
C GLU YF 105 -114.09 -52.09 -21.41
N ARG YF 106 -113.35 -53.18 -21.21
CA ARG YF 106 -112.65 -53.77 -22.34
C ARG YF 106 -113.64 -54.25 -23.39
N ALA YF 107 -114.70 -54.93 -22.95
CA ALA YF 107 -115.70 -55.42 -23.90
C ALA YF 107 -116.37 -54.26 -24.62
N PHE YF 108 -116.67 -53.20 -23.88
CA PHE YF 108 -117.21 -51.99 -24.50
C PHE YF 108 -116.29 -51.50 -25.60
N VAL YF 109 -115.00 -51.44 -25.31
CA VAL YF 109 -114.03 -51.03 -26.31
C VAL YF 109 -114.11 -51.92 -27.53
N ARG YF 110 -114.10 -53.22 -27.30
CA ARG YF 110 -114.04 -54.17 -28.39
C ARG YF 110 -115.25 -54.02 -29.30
N THR YF 111 -116.44 -54.05 -28.71
CA THR YF 111 -117.64 -53.93 -29.52
C THR YF 111 -117.71 -52.57 -30.20
N GLU YF 112 -117.24 -51.52 -29.52
CA GLU YF 112 -117.21 -50.22 -30.15
C GLU YF 112 -116.41 -50.27 -31.43
N LEU YF 113 -115.21 -50.84 -31.36
CA LEU YF 113 -114.36 -50.89 -32.53
C LEU YF 113 -115.00 -51.74 -33.61
N ALA YF 114 -115.64 -52.84 -33.22
CA ALA YF 114 -116.28 -53.69 -34.22
C ALA YF 114 -117.38 -52.94 -34.97
N ALA YF 115 -118.31 -52.35 -34.23
CA ALA YF 115 -119.37 -51.62 -34.90
C ALA YF 115 -118.79 -50.45 -35.69
N LEU YF 116 -117.68 -49.90 -35.25
CA LEU YF 116 -117.07 -48.84 -36.02
C LEU YF 116 -116.61 -49.38 -37.36
N LEU YF 117 -115.96 -50.55 -37.35
CA LEU YF 117 -115.55 -51.17 -38.61
C LEU YF 117 -116.75 -51.45 -39.49
N ALA YF 118 -117.92 -51.63 -38.90
CA ALA YF 118 -119.12 -51.84 -39.71
C ALA YF 118 -119.77 -50.55 -40.18
N SER YF 119 -119.52 -49.43 -39.51
CA SER YF 119 -120.25 -48.20 -39.79
C SER YF 119 -119.94 -47.67 -41.20
N PRO YF 120 -120.84 -46.86 -41.76
CA PRO YF 120 -120.57 -46.31 -43.10
C PRO YF 120 -119.27 -45.55 -43.17
N LEU YF 121 -118.91 -44.83 -42.11
CA LEU YF 121 -117.71 -44.03 -42.16
C LEU YF 121 -116.51 -44.86 -42.58
N LEU YF 122 -116.09 -45.79 -41.73
CA LEU YF 122 -114.88 -46.51 -42.06
C LEU YF 122 -115.04 -47.32 -43.33
N ILE YF 123 -116.27 -47.69 -43.68
CA ILE YF 123 -116.45 -48.41 -44.94
C ILE YF 123 -115.84 -47.61 -46.08
N ASP YF 124 -116.26 -46.36 -46.22
CA ASP YF 124 -115.69 -45.53 -47.26
C ASP YF 124 -114.23 -45.19 -46.96
N ALA YF 125 -113.88 -45.06 -45.69
CA ALA YF 125 -112.52 -44.70 -45.35
C ALA YF 125 -111.54 -45.76 -45.81
N ILE YF 126 -111.94 -47.02 -45.76
CA ILE YF 126 -111.04 -48.12 -46.05
C ILE YF 126 -111.20 -48.54 -47.50
N ASP YF 127 -112.39 -49.02 -47.86
CA ASP YF 127 -112.54 -49.64 -49.16
C ASP YF 127 -112.39 -48.61 -50.28
N GLN YF 128 -113.06 -47.47 -50.13
CA GLN YF 128 -112.94 -46.41 -51.11
C GLN YF 128 -111.76 -45.49 -50.85
N LEU YF 129 -111.09 -45.65 -49.71
CA LEU YF 129 -109.92 -44.85 -49.39
C LEU YF 129 -110.25 -43.36 -49.41
N ASN YF 130 -111.47 -43.04 -49.06
CA ASN YF 130 -111.88 -41.66 -48.98
C ASN YF 130 -111.40 -41.09 -47.66
N PRO YF 131 -110.55 -40.06 -47.65
CA PRO YF 131 -110.25 -39.43 -46.38
C PRO YF 131 -111.53 -38.92 -45.74
N ALA YF 132 -111.69 -39.20 -44.45
CA ALA YF 132 -112.90 -38.79 -43.76
C ALA YF 132 -113.10 -37.30 -43.99
N TYR YF 133 -114.19 -36.94 -44.65
CA TYR YF 133 -114.42 -35.56 -45.06
C TYR YF 133 -115.82 -35.37 -45.63
N ALA ZF 2 -95.69 -80.43 -19.53
CA ALA ZF 2 -96.90 -79.96 -18.80
C ALA ZF 2 -97.60 -78.87 -19.59
N LYS ZF 3 -98.58 -79.28 -20.41
CA LYS ZF 3 -99.30 -78.29 -21.18
C LYS ZF 3 -100.16 -77.43 -20.26
N LEU ZF 4 -100.30 -76.16 -20.61
CA LEU ZF 4 -101.12 -75.25 -19.83
C LEU ZF 4 -102.58 -75.39 -20.23
N GLU ZF 5 -103.46 -75.48 -19.25
CA GLU ZF 5 -104.90 -75.49 -19.52
C GLU ZF 5 -105.65 -75.03 -18.29
N THR ZF 6 -106.94 -74.83 -18.47
CA THR ZF 6 -107.80 -74.42 -17.36
C THR ZF 6 -107.59 -75.36 -16.18
N VAL ZF 7 -107.13 -74.81 -15.08
CA VAL ZF 7 -106.84 -75.60 -13.89
C VAL ZF 7 -107.96 -75.38 -12.89
N THR ZF 8 -108.66 -76.46 -12.53
CA THR ZF 8 -109.85 -76.39 -11.70
C THR ZF 8 -109.55 -77.11 -10.39
N LEU ZF 9 -109.47 -76.36 -9.30
CA LEU ZF 9 -109.18 -76.93 -8.00
C LEU ZF 9 -110.39 -76.76 -7.09
N GLY ZF 10 -110.94 -77.87 -6.63
CA GLY ZF 10 -112.08 -77.89 -5.76
C GLY ZF 10 -111.70 -78.38 -4.37
N ASN ZF 11 -112.71 -78.48 -3.52
CA ASN ZF 11 -112.50 -78.86 -2.13
C ASN ZF 11 -111.42 -77.98 -1.52
N ILE ZF 12 -111.76 -76.69 -1.41
CA ILE ZF 12 -110.81 -75.66 -1.07
C ILE ZF 12 -111.38 -74.84 0.09
N GLY ZF 13 -110.48 -74.28 0.89
CA GLY ZF 13 -110.87 -73.36 1.95
C GLY ZF 13 -110.94 -74.04 3.31
N LYS ZF 14 -111.39 -73.25 4.28
CA LYS ZF 14 -111.50 -73.74 5.65
C LYS ZF 14 -112.36 -75.00 5.71
N ASP ZF 15 -113.55 -74.94 5.14
CA ASP ZF 15 -114.46 -76.07 5.13
C ASP ZF 15 -114.34 -76.89 3.86
N GLY ZF 16 -113.45 -76.53 2.94
CA GLY ZF 16 -113.26 -77.31 1.74
C GLY ZF 16 -114.46 -77.31 0.84
N LYS ZF 17 -114.97 -76.13 0.51
CA LYS ZF 17 -116.16 -76.03 -0.33
C LYS ZF 17 -116.01 -75.12 -1.53
N GLN ZF 18 -115.04 -74.21 -1.56
CA GLN ZF 18 -114.98 -73.28 -2.68
C GLN ZF 18 -114.28 -73.94 -3.87
N THR ZF 19 -114.19 -73.21 -4.97
CA THR ZF 19 -113.52 -73.70 -6.15
C THR ZF 19 -112.73 -72.57 -6.79
N LEU ZF 20 -111.65 -72.94 -7.46
CA LEU ZF 20 -110.78 -71.97 -8.11
C LEU ZF 20 -110.50 -72.43 -9.54
N VAL ZF 21 -110.72 -71.54 -10.50
CA VAL ZF 21 -110.54 -71.83 -11.92
C VAL ZF 21 -109.47 -70.87 -12.43
N LEU ZF 22 -108.27 -71.41 -12.67
CA LEU ZF 22 -107.13 -70.62 -13.12
C LEU ZF 22 -106.97 -70.78 -14.62
N ASN ZF 23 -106.97 -69.69 -15.30
CA ASN ZF 23 -106.70 -69.72 -16.72
C ASN ZF 23 -105.21 -69.49 -16.99
N PRO ZF 24 -104.72 -69.94 -18.13
CA PRO ZF 24 -103.31 -69.75 -18.44
C PRO ZF 24 -102.99 -68.31 -18.77
N ARG ZF 25 -101.83 -67.85 -18.30
CA ARG ZF 25 -101.29 -66.53 -18.64
C ARG ZF 25 -100.10 -66.64 -19.59
N GLY ZF 26 -99.90 -67.81 -20.18
CA GLY ZF 26 -98.76 -67.99 -21.05
C GLY ZF 26 -97.47 -68.16 -20.27
N VAL ZF 27 -96.36 -67.98 -20.98
CA VAL ZF 27 -95.04 -68.23 -20.44
C VAL ZF 27 -94.18 -67.00 -20.65
N ASN ZF 28 -93.46 -66.61 -19.62
CA ASN ZF 28 -92.58 -65.45 -19.74
C ASN ZF 28 -91.44 -65.77 -20.69
N PRO ZF 29 -91.23 -64.96 -21.73
CA PRO ZF 29 -90.11 -65.24 -22.64
C PRO ZF 29 -88.75 -65.13 -21.97
N THR ZF 30 -88.59 -64.22 -21.02
CA THR ZF 30 -87.30 -63.99 -20.42
C THR ZF 30 -86.97 -65.02 -19.34
N ASN ZF 31 -87.78 -65.05 -18.29
CA ASN ZF 31 -87.52 -65.95 -17.19
C ASN ZF 31 -87.98 -67.37 -17.47
N GLY ZF 32 -88.78 -67.58 -18.51
CA GLY ZF 32 -89.24 -68.92 -18.81
C GLY ZF 32 -90.13 -69.50 -17.72
N VAL ZF 33 -91.16 -68.73 -17.33
CA VAL ZF 33 -92.02 -69.10 -16.22
C VAL ZF 33 -93.47 -69.02 -16.69
N ALA ZF 34 -94.23 -70.07 -16.42
CA ALA ZF 34 -95.65 -70.07 -16.74
C ALA ZF 34 -96.44 -69.47 -15.59
N SER ZF 35 -97.62 -68.95 -15.91
CA SER ZF 35 -98.44 -68.29 -14.90
C SER ZF 35 -99.90 -68.46 -15.26
N LEU ZF 36 -100.74 -68.56 -14.23
CA LEU ZF 36 -102.18 -68.67 -14.41
C LEU ZF 36 -102.87 -67.70 -13.47
N SER ZF 37 -104.06 -67.28 -13.86
CA SER ZF 37 -104.78 -66.26 -13.12
C SER ZF 37 -106.25 -66.66 -13.01
N GLN ZF 38 -106.87 -66.26 -11.91
CA GLN ZF 38 -108.29 -66.47 -11.74
C GLN ZF 38 -109.06 -65.51 -12.63
N ALA ZF 39 -110.12 -66.02 -13.25
CA ALA ZF 39 -110.97 -65.18 -14.07
C ALA ZF 39 -111.67 -64.16 -13.20
N GLY ZF 40 -111.41 -62.89 -13.45
CA GLY ZF 40 -112.02 -61.83 -12.66
C GLY ZF 40 -112.20 -60.60 -13.52
N ALA ZF 41 -112.95 -59.64 -12.98
CA ALA ZF 41 -113.22 -58.41 -13.69
C ALA ZF 41 -112.01 -57.49 -13.69
N VAL ZF 42 -111.38 -57.33 -12.53
CA VAL ZF 42 -110.22 -56.46 -12.37
C VAL ZF 42 -108.97 -57.34 -12.44
N PRO ZF 43 -108.10 -57.16 -13.42
CA PRO ZF 43 -106.88 -57.98 -13.46
C PRO ZF 43 -105.98 -57.76 -12.26
N ALA ZF 44 -106.16 -56.66 -11.54
CA ALA ZF 44 -105.37 -56.45 -10.33
C ALA ZF 44 -105.87 -57.27 -9.17
N LEU ZF 45 -107.11 -57.73 -9.20
CA LEU ZF 45 -107.69 -58.48 -8.11
C LEU ZF 45 -107.72 -59.97 -8.43
N GLU ZF 46 -106.78 -60.42 -9.24
CA GLU ZF 46 -106.80 -61.76 -9.79
C GLU ZF 46 -105.88 -62.65 -8.99
N LYS ZF 47 -106.34 -63.86 -8.71
CA LYS ZF 47 -105.57 -64.80 -7.92
C LYS ZF 47 -104.53 -65.42 -8.85
N ARG ZF 48 -103.25 -65.09 -8.67
CA ARG ZF 48 -102.21 -65.54 -9.58
C ARG ZF 48 -101.40 -66.68 -8.98
N VAL ZF 49 -100.95 -67.57 -9.86
CA VAL ZF 49 -100.02 -68.62 -9.50
C VAL ZF 49 -98.98 -68.80 -10.59
N THR ZF 50 -97.71 -68.84 -10.20
CA THR ZF 50 -96.62 -68.98 -11.14
C THR ZF 50 -95.91 -70.31 -10.92
N VAL ZF 51 -95.33 -70.85 -12.00
CA VAL ZF 51 -94.60 -72.10 -11.96
C VAL ZF 51 -93.37 -71.97 -12.86
N SER ZF 52 -92.22 -72.33 -12.33
CA SER ZF 52 -90.98 -72.35 -13.08
C SER ZF 52 -90.24 -73.64 -12.82
N VAL ZF 53 -89.57 -74.18 -13.84
CA VAL ZF 53 -88.66 -75.30 -13.67
C VAL ZF 53 -87.38 -74.92 -14.40
N SER ZF 54 -86.39 -74.47 -13.63
CA SER ZF 54 -85.10 -74.17 -14.20
C SER ZF 54 -84.45 -75.41 -14.77
N GLN ZF 55 -83.80 -75.22 -15.89
CA GLN ZF 55 -82.90 -76.22 -16.44
C GLN ZF 55 -81.64 -76.30 -15.59
N PRO ZF 56 -80.84 -77.34 -15.75
CA PRO ZF 56 -79.75 -77.55 -14.82
C PRO ZF 56 -78.58 -76.60 -15.03
N SER ZF 57 -78.00 -76.13 -13.94
CA SER ZF 57 -76.96 -75.11 -14.06
C SER ZF 57 -75.65 -75.81 -14.43
N ARG ZF 58 -74.54 -75.10 -14.30
CA ARG ZF 58 -73.25 -75.59 -14.74
C ARG ZF 58 -72.48 -76.26 -13.60
N ASN ZF 59 -72.02 -77.50 -13.84
CA ASN ZF 59 -71.09 -78.22 -12.98
C ASN ZF 59 -71.70 -78.66 -11.66
N ARG ZF 60 -72.88 -78.16 -11.34
CA ARG ZF 60 -73.62 -78.54 -10.14
C ARG ZF 60 -75.03 -78.97 -10.49
N LYS ZF 61 -75.60 -78.33 -11.50
CA LYS ZF 61 -76.67 -78.87 -12.33
C LYS ZF 61 -78.03 -78.86 -11.64
N ASN ZF 62 -78.09 -79.01 -10.32
CA ASN ZF 62 -79.17 -78.48 -9.48
C ASN ZF 62 -80.55 -78.31 -10.09
N TYR ZF 63 -81.25 -79.37 -10.50
CA TYR ZF 63 -82.60 -79.17 -11.03
C TYR ZF 63 -83.45 -78.45 -9.99
N LYS ZF 64 -84.10 -77.37 -10.41
CA LYS ZF 64 -84.88 -76.53 -9.49
C LYS ZF 64 -86.26 -76.31 -10.07
N VAL ZF 65 -87.25 -76.25 -9.19
CA VAL ZF 65 -88.61 -75.93 -9.56
C VAL ZF 65 -89.18 -74.97 -8.53
N GLN ZF 66 -89.97 -74.01 -9.00
CA GLN ZF 66 -90.52 -72.98 -8.16
C GLN ZF 66 -91.99 -72.81 -8.45
N VAL ZF 67 -92.73 -72.51 -7.38
CA VAL ZF 67 -94.17 -72.35 -7.44
C VAL ZF 67 -94.51 -71.13 -6.60
N LYS ZF 68 -95.05 -70.10 -7.24
CA LYS ZF 68 -95.38 -68.85 -6.58
C LYS ZF 68 -96.88 -68.66 -6.65
N ILE ZF 69 -97.50 -68.47 -5.50
CA ILE ZF 69 -98.95 -68.31 -5.41
C ILE ZF 69 -99.23 -67.00 -4.70
N GLN ZF 70 -99.92 -66.09 -5.39
CA GLN ZF 70 -100.16 -64.75 -4.88
C GLN ZF 70 -101.65 -64.49 -4.78
N ASN ZF 71 -102.06 -63.88 -3.68
CA ASN ZF 71 -103.44 -63.85 -3.23
C ASN ZF 71 -103.76 -62.42 -2.86
N PRO ZF 72 -104.32 -61.61 -3.73
CA PRO ZF 72 -104.61 -60.22 -3.40
C PRO ZF 72 -105.97 -60.05 -2.73
N THR ZF 73 -106.12 -58.91 -2.06
CA THR ZF 73 -107.39 -58.54 -1.45
C THR ZF 73 -107.41 -57.03 -1.24
N ALA ZF 74 -108.43 -56.37 -1.77
CA ALA ZF 74 -108.49 -54.92 -1.77
C ALA ZF 74 -109.63 -54.42 -0.87
N CYS ZF 75 -109.60 -53.12 -0.59
CA CYS ZF 75 -110.70 -52.46 0.12
C CYS ZF 75 -111.00 -51.15 -0.62
N THR ZF 76 -112.12 -51.10 -1.31
CA THR ZF 76 -112.57 -49.85 -1.89
C THR ZF 76 -112.72 -48.80 -0.79
N ALA ZF 77 -111.84 -47.81 -0.80
CA ALA ZF 77 -111.93 -46.71 0.16
C ALA ZF 77 -113.04 -45.75 -0.22
N ASN ZF 78 -113.62 -45.11 0.79
CA ASN ZF 78 -114.65 -44.12 0.52
C ASN ZF 78 -114.06 -42.97 -0.28
N GLY ZF 79 -114.71 -42.63 -1.39
CA GLY ZF 79 -114.24 -41.59 -2.28
C GLY ZF 79 -113.32 -42.05 -3.38
N SER ZF 80 -112.78 -43.26 -3.28
CA SER ZF 80 -111.89 -43.81 -4.29
C SER ZF 80 -112.69 -44.68 -5.26
N CYS ZF 81 -112.55 -44.39 -6.55
CA CYS ZF 81 -113.23 -45.15 -7.59
C CYS ZF 81 -112.44 -46.36 -8.04
N ASP ZF 82 -111.44 -46.78 -7.26
CA ASP ZF 82 -110.61 -47.90 -7.66
C ASP ZF 82 -110.32 -48.79 -6.45
N PRO ZF 83 -110.63 -50.07 -6.53
CA PRO ZF 83 -110.27 -50.96 -5.41
C PRO ZF 83 -108.79 -51.28 -5.39
N SER ZF 84 -107.98 -50.38 -4.83
CA SER ZF 84 -106.56 -50.67 -4.70
C SER ZF 84 -106.34 -51.83 -3.75
N VAL ZF 85 -105.42 -52.71 -4.11
CA VAL ZF 85 -105.15 -53.88 -3.29
C VAL ZF 85 -104.39 -53.43 -2.05
N THR ZF 86 -104.96 -53.68 -0.88
CA THR ZF 86 -104.34 -53.32 0.38
C THR ZF 86 -103.77 -54.51 1.12
N ARG ZF 87 -103.93 -55.73 0.61
CA ARG ZF 87 -103.47 -56.90 1.34
C ARG ZF 87 -103.07 -57.98 0.35
N GLN ZF 88 -102.02 -58.72 0.68
CA GLN ZF 88 -101.47 -59.68 -0.25
C GLN ZF 88 -100.94 -60.85 0.55
N ALA ZF 89 -101.26 -62.07 0.14
CA ALA ZF 89 -100.67 -63.26 0.73
C ALA ZF 89 -99.82 -63.96 -0.32
N TYR ZF 90 -98.60 -64.34 0.06
CA TYR ZF 90 -97.63 -64.91 -0.86
C TYR ZF 90 -97.19 -66.28 -0.37
N ALA ZF 91 -97.06 -67.21 -1.31
CA ALA ZF 91 -96.64 -68.56 -1.00
C ALA ZF 91 -95.54 -68.95 -1.99
N ASP ZF 92 -94.34 -69.19 -1.47
CA ASP ZF 92 -93.18 -69.61 -2.24
C ASP ZF 92 -92.91 -71.06 -1.93
N VAL ZF 93 -92.82 -71.88 -2.97
CA VAL ZF 93 -92.48 -73.28 -2.82
C VAL ZF 93 -91.39 -73.60 -3.82
N THR ZF 94 -90.25 -74.09 -3.32
CA THR ZF 94 -89.15 -74.43 -4.22
C THR ZF 94 -88.66 -75.84 -3.92
N PHE ZF 95 -88.62 -76.66 -4.96
CA PHE ZF 95 -88.11 -78.02 -4.88
C PHE ZF 95 -86.75 -78.04 -5.54
N SER ZF 96 -85.81 -78.77 -4.94
CA SER ZF 96 -84.47 -78.90 -5.48
C SER ZF 96 -84.11 -80.37 -5.54
N PHE ZF 97 -83.84 -80.87 -6.74
CA PHE ZF 97 -83.37 -82.23 -6.95
C PHE ZF 97 -82.01 -82.17 -7.62
N THR ZF 98 -81.25 -83.25 -7.49
CA THR ZF 98 -79.97 -83.28 -8.18
C THR ZF 98 -80.11 -84.00 -9.52
N GLN ZF 99 -78.99 -84.07 -10.21
CA GLN ZF 99 -79.00 -84.55 -11.58
C GLN ZF 99 -79.44 -86.00 -11.71
N TYR ZF 100 -79.47 -86.74 -10.60
CA TYR ZF 100 -79.80 -88.15 -10.64
C TYR ZF 100 -81.09 -88.46 -9.90
N SER ZF 101 -81.94 -87.46 -9.71
CA SER ZF 101 -83.25 -87.68 -9.14
C SER ZF 101 -83.97 -88.79 -9.88
N THR ZF 102 -84.96 -89.35 -9.20
CA THR ZF 102 -85.86 -90.30 -9.82
C THR ZF 102 -87.30 -89.87 -9.57
N ASP ZF 103 -88.12 -90.06 -10.59
CA ASP ZF 103 -89.55 -89.86 -10.44
C ASP ZF 103 -90.05 -90.37 -9.10
N GLU ZF 104 -89.54 -91.51 -8.64
CA GLU ZF 104 -89.95 -92.05 -7.36
C GLU ZF 104 -89.88 -90.99 -6.27
N GLU ZF 105 -88.68 -90.52 -5.98
CA GLU ZF 105 -88.52 -89.61 -4.86
C GLU ZF 105 -89.15 -88.27 -5.16
N ARG ZF 106 -89.17 -87.86 -6.42
CA ARG ZF 106 -89.82 -86.61 -6.75
C ARG ZF 106 -91.28 -86.63 -6.35
N ALA ZF 107 -92.01 -87.66 -6.80
CA ALA ZF 107 -93.40 -87.81 -6.40
C ALA ZF 107 -93.53 -87.99 -4.91
N PHE ZF 108 -92.57 -88.68 -4.30
CA PHE ZF 108 -92.60 -88.85 -2.86
C PHE ZF 108 -92.60 -87.50 -2.16
N VAL ZF 109 -91.69 -86.63 -2.58
CA VAL ZF 109 -91.59 -85.30 -1.98
C VAL ZF 109 -92.89 -84.55 -2.20
N ARG ZF 110 -93.40 -84.58 -3.42
CA ARG ZF 110 -94.65 -83.89 -3.71
C ARG ZF 110 -95.75 -84.35 -2.78
N THR ZF 111 -95.96 -85.66 -2.69
CA THR ZF 111 -97.04 -86.21 -1.89
C THR ZF 111 -96.83 -85.90 -0.42
N GLU ZF 112 -95.60 -86.02 0.06
CA GLU ZF 112 -95.34 -85.73 1.45
C GLU ZF 112 -95.70 -84.29 1.77
N LEU ZF 113 -95.32 -83.37 0.88
CA LEU ZF 113 -95.60 -81.97 1.16
C LEU ZF 113 -97.10 -81.71 1.15
N ALA ZF 114 -97.82 -82.33 0.22
CA ALA ZF 114 -99.26 -82.14 0.19
C ALA ZF 114 -99.91 -82.66 1.46
N ALA ZF 115 -99.56 -83.88 1.86
CA ALA ZF 115 -100.15 -84.44 3.07
C ALA ZF 115 -99.75 -83.63 4.30
N LEU ZF 116 -98.54 -83.08 4.32
CA LEU ZF 116 -98.17 -82.20 5.40
C LEU ZF 116 -99.08 -80.98 5.44
N LEU ZF 117 -99.30 -80.36 4.27
CA LEU ZF 117 -100.15 -79.18 4.22
C LEU ZF 117 -101.59 -79.50 4.60
N ALA ZF 118 -101.99 -80.77 4.53
CA ALA ZF 118 -103.30 -81.17 5.02
C ALA ZF 118 -103.30 -81.63 6.47
N SER ZF 119 -102.16 -82.04 7.01
CA SER ZF 119 -102.10 -82.64 8.33
C SER ZF 119 -102.35 -81.59 9.41
N PRO ZF 120 -102.75 -82.03 10.60
CA PRO ZF 120 -103.14 -81.07 11.63
C PRO ZF 120 -102.04 -80.10 11.99
N LEU ZF 121 -100.79 -80.52 11.90
CA LEU ZF 121 -99.70 -79.64 12.30
C LEU ZF 121 -99.77 -78.34 11.52
N LEU ZF 122 -99.58 -78.42 10.21
CA LEU ZF 122 -99.55 -77.20 9.41
C LEU ZF 122 -100.87 -76.46 9.49
N ILE ZF 123 -101.98 -77.19 9.68
CA ILE ZF 123 -103.25 -76.51 9.87
C ILE ZF 123 -103.11 -75.40 10.89
N ASP ZF 124 -102.73 -75.76 12.11
CA ASP ZF 124 -102.64 -74.76 13.15
C ASP ZF 124 -101.42 -73.88 13.00
N ALA ZF 125 -100.34 -74.38 12.42
CA ALA ZF 125 -99.17 -73.54 12.25
C ALA ZF 125 -99.41 -72.42 11.25
N ILE ZF 126 -100.34 -72.62 10.31
CA ILE ZF 126 -100.55 -71.72 9.19
C ILE ZF 126 -101.84 -70.94 9.36
N ASP ZF 127 -102.96 -71.64 9.41
CA ASP ZF 127 -104.28 -71.01 9.48
C ASP ZF 127 -104.47 -70.26 10.79
N GLN ZF 128 -103.79 -70.70 11.86
CA GLN ZF 128 -103.83 -70.03 13.15
C GLN ZF 128 -102.55 -69.26 13.51
N LEU ZF 129 -101.53 -69.30 12.68
CA LEU ZF 129 -100.24 -68.68 13.00
C LEU ZF 129 -99.71 -69.20 14.34
N ASN ZF 130 -99.73 -70.51 14.52
CA ASN ZF 130 -99.38 -71.04 15.83
C ASN ZF 130 -98.04 -71.77 15.80
N PRO ZF 131 -96.99 -71.26 16.46
CA PRO ZF 131 -95.69 -71.93 16.43
C PRO ZF 131 -95.77 -73.37 16.89
N ALA ZF 132 -95.09 -74.24 16.15
CA ALA ZF 132 -95.10 -75.65 16.45
C ALA ZF 132 -94.32 -75.90 17.74
N TYR ZF 133 -94.93 -76.65 18.65
CA TYR ZF 133 -94.32 -76.94 19.93
C TYR ZF 133 -95.12 -77.94 20.74
#